data_2N2K
#
_entry.id   2N2K
#
_cell.length_a   1.000
_cell.length_b   1.000
_cell.length_c   1.000
_cell.angle_alpha   90.00
_cell.angle_beta   90.00
_cell.angle_gamma   90.00
#
_symmetry.space_group_name_H-M   'P 1'
#
loop_
_entity.id
_entity.type
_entity.pdbx_description
1 polymer ubiquitin
2 polymer ubiquitin
3 non-polymer 'S-[(1-oxyl-2,2,5,5-tetramethyl-2,5-dihydro-1H-pyrrol-3-yl)methyl] methanesulfonothioate'
#
loop_
_entity_poly.entity_id
_entity_poly.type
_entity_poly.pdbx_seq_one_letter_code
_entity_poly.pdbx_strand_id
1 'polypeptide(L)' MQIFVKTLTGKTITLEVEPSDTIECVKAKIQDKEGIPPDQQRLIFAGCQLEDGRTLSDYNIQKESTLHLVLRLRGG A
2 'polypeptide(L)' MQIFVKTLTGKTITLEVEPSDTIENVKAKIQDKEGIPPDQQRLIFAGKQLEDGRTLSDYNIQKESTLHLVL B
#
# COMPACT_ATOMS: atom_id res chain seq x y z
N MET A 1 6.38 18.40 -20.67
CA MET A 1 5.74 19.56 -20.05
C MET A 1 6.28 19.67 -18.60
N GLN A 2 6.34 20.88 -18.14
CA GLN A 2 6.81 21.11 -16.74
C GLN A 2 5.61 21.10 -15.81
N ILE A 3 5.80 20.45 -14.66
CA ILE A 3 4.77 20.47 -13.61
C ILE A 3 5.53 20.83 -12.30
N PHE A 4 4.75 21.23 -11.33
CA PHE A 4 5.40 21.59 -10.01
C PHE A 4 4.91 20.64 -8.96
N VAL A 5 5.74 20.16 -8.03
CA VAL A 5 5.27 19.32 -6.95
C VAL A 5 5.58 20.10 -5.65
N LYS A 6 4.57 20.50 -4.95
CA LYS A 6 4.78 21.30 -3.70
C LYS A 6 4.77 20.35 -2.53
N THR A 7 5.82 20.41 -1.68
CA THR A 7 5.88 19.52 -0.51
C THR A 7 5.42 20.27 0.74
N LEU A 8 5.24 19.58 1.84
CA LEU A 8 4.74 20.24 3.07
C LEU A 8 5.81 21.08 3.74
N THR A 9 7.06 21.03 3.24
CA THR A 9 8.08 21.90 3.94
C THR A 9 8.35 23.16 3.18
N GLY A 10 7.52 23.50 2.24
CA GLY A 10 7.67 24.69 1.43
C GLY A 10 8.68 24.63 0.33
N LYS A 11 9.10 23.43 0.00
CA LYS A 11 10.01 23.21 -1.12
C LYS A 11 9.11 22.84 -2.31
N THR A 12 9.42 23.38 -3.48
CA THR A 12 8.62 22.98 -4.66
C THR A 12 9.61 22.35 -5.64
N ILE A 13 9.25 21.19 -6.17
CA ILE A 13 10.23 20.60 -7.13
C ILE A 13 9.65 20.67 -8.52
N THR A 14 10.47 20.94 -9.51
CA THR A 14 9.89 20.97 -10.89
C THR A 14 10.25 19.66 -11.57
N LEU A 15 9.33 19.09 -12.33
CA LEU A 15 9.58 17.83 -13.01
C LEU A 15 9.25 18.02 -14.49
N GLU A 16 9.89 17.22 -15.31
CA GLU A 16 9.51 17.26 -16.76
C GLU A 16 8.85 15.92 -17.00
N VAL A 17 7.60 16.03 -17.42
CA VAL A 17 6.77 14.86 -17.67
C VAL A 17 5.93 15.04 -18.95
N GLU A 18 5.32 13.93 -19.31
CA GLU A 18 4.37 13.84 -20.41
C GLU A 18 3.06 13.38 -19.82
N PRO A 19 1.95 13.87 -20.34
CA PRO A 19 0.61 13.47 -19.90
C PRO A 19 0.43 11.98 -19.97
N SER A 20 1.19 11.31 -20.81
CA SER A 20 1.03 9.85 -20.98
C SER A 20 1.72 9.11 -19.87
N ASP A 21 2.49 9.83 -19.05
CA ASP A 21 3.19 9.10 -17.96
C ASP A 21 2.21 8.63 -16.92
N THR A 22 2.51 7.52 -16.30
CA THR A 22 1.71 6.99 -15.21
C THR A 22 2.16 7.68 -13.91
N ILE A 23 1.25 7.61 -12.94
CA ILE A 23 1.52 8.13 -11.60
C ILE A 23 2.72 7.40 -10.98
N GLU A 24 2.80 6.12 -11.24
CA GLU A 24 3.98 5.32 -10.73
C GLU A 24 5.27 5.90 -11.23
N CYS A 25 5.30 6.34 -12.52
CA CYS A 25 6.50 6.91 -13.13
C CYS A 25 6.85 8.24 -12.50
N VAL A 26 5.82 9.05 -12.28
CA VAL A 26 6.04 10.34 -11.65
C VAL A 26 6.71 10.15 -10.29
N LYS A 27 6.18 9.20 -9.52
CA LYS A 27 6.74 8.92 -8.19
C LYS A 27 8.19 8.48 -8.29
N ALA A 28 8.54 7.70 -9.30
CA ALA A 28 9.92 7.29 -9.53
C ALA A 28 10.80 8.47 -9.89
N LYS A 29 10.31 9.43 -10.66
CA LYS A 29 11.09 10.64 -10.97
C LYS A 29 11.35 11.47 -9.69
N ILE A 30 10.35 11.49 -8.81
CA ILE A 30 10.50 12.25 -7.55
C ILE A 30 11.53 11.50 -6.70
N GLN A 31 11.49 10.19 -6.69
CA GLN A 31 12.50 9.45 -5.86
C GLN A 31 13.90 9.76 -6.40
N ASP A 32 14.01 9.63 -7.70
CA ASP A 32 15.30 9.91 -8.37
C ASP A 32 15.83 11.29 -8.03
N LYS A 33 14.94 12.30 -7.98
CA LYS A 33 15.50 13.66 -7.74
C LYS A 33 15.53 14.13 -6.33
N GLU A 34 14.74 13.67 -5.41
CA GLU A 34 14.73 14.09 -4.02
C GLU A 34 14.92 12.96 -3.04
N GLY A 35 14.94 11.73 -3.52
CA GLY A 35 15.18 10.58 -2.69
C GLY A 35 14.07 10.02 -1.89
N ILE A 36 12.84 10.55 -2.06
CA ILE A 36 11.72 10.01 -1.29
C ILE A 36 11.20 8.72 -1.91
N PRO A 37 11.15 7.65 -1.13
CA PRO A 37 10.64 6.34 -1.58
C PRO A 37 9.21 6.46 -2.09
N PRO A 38 8.88 5.84 -3.19
CA PRO A 38 7.51 5.95 -3.73
C PRO A 38 6.45 5.52 -2.76
N ASP A 39 6.74 4.57 -1.90
CA ASP A 39 5.72 4.05 -0.95
C ASP A 39 5.34 5.08 0.11
N GLN A 40 6.16 6.11 0.23
CA GLN A 40 5.83 7.18 1.22
C GLN A 40 5.08 8.36 0.58
N GLN A 41 5.02 8.40 -0.74
CA GLN A 41 4.40 9.48 -1.46
C GLN A 41 2.90 9.36 -1.66
N ARG A 42 2.21 10.46 -1.32
CA ARG A 42 0.75 10.57 -1.60
C ARG A 42 0.62 11.80 -2.48
N LEU A 43 0.18 11.67 -3.73
CA LEU A 43 0.09 12.84 -4.63
C LEU A 43 -1.35 13.30 -4.76
N ILE A 44 -1.57 14.59 -4.57
CA ILE A 44 -2.91 15.19 -4.61
C ILE A 44 -3.02 16.28 -5.66
N PHE A 45 -4.11 16.19 -6.46
CA PHE A 45 -4.39 17.20 -7.50
C PHE A 45 -5.92 17.33 -7.53
N ALA A 46 -6.32 18.58 -7.46
CA ALA A 46 -7.74 18.98 -7.52
C ALA A 46 -8.59 18.14 -6.58
N GLY A 47 -8.08 17.99 -5.40
CA GLY A 47 -8.62 17.24 -4.29
C GLY A 47 -8.80 15.76 -4.47
N CYS A 48 -8.13 15.15 -5.41
CA CYS A 48 -8.12 13.71 -5.63
C CYS A 48 -6.78 13.12 -5.25
N GLN A 49 -6.74 11.97 -4.70
CA GLN A 49 -5.43 11.30 -4.47
C GLN A 49 -5.16 10.55 -5.77
N LEU A 50 -3.98 10.72 -6.33
CA LEU A 50 -3.65 10.11 -7.64
C LEU A 50 -3.29 8.65 -7.46
N GLU A 51 -3.77 7.80 -8.37
CA GLU A 51 -3.53 6.34 -8.25
C GLU A 51 -2.42 5.92 -9.18
N ASP A 52 -1.53 5.06 -8.79
CA ASP A 52 -0.35 4.62 -9.54
C ASP A 52 -0.48 4.20 -10.99
N GLY A 53 -1.50 3.45 -11.32
CA GLY A 53 -1.74 2.91 -12.67
C GLY A 53 -2.40 3.82 -13.65
N ARG A 54 -2.89 4.98 -13.21
CA ARG A 54 -3.49 5.96 -14.13
C ARG A 54 -2.37 6.83 -14.68
N THR A 55 -2.66 7.57 -15.72
CA THR A 55 -1.72 8.53 -16.36
C THR A 55 -2.16 9.94 -15.93
N LEU A 56 -1.27 10.90 -16.12
CA LEU A 56 -1.55 12.31 -15.83
C LEU A 56 -2.72 12.75 -16.70
N SER A 57 -2.80 12.25 -17.95
CA SER A 57 -3.93 12.69 -18.80
C SER A 57 -5.26 12.26 -18.24
N ASP A 58 -5.29 11.15 -17.53
CA ASP A 58 -6.56 10.64 -16.93
C ASP A 58 -7.20 11.71 -16.05
N TYR A 59 -6.37 12.41 -15.33
CA TYR A 59 -6.76 13.49 -14.42
C TYR A 59 -6.79 14.84 -15.09
N ASN A 60 -6.55 14.98 -16.38
CA ASN A 60 -6.58 16.32 -16.99
C ASN A 60 -5.58 17.25 -16.32
N ILE A 61 -4.36 16.77 -16.10
CA ILE A 61 -3.28 17.62 -15.54
C ILE A 61 -2.59 18.28 -16.73
N GLN A 62 -2.64 19.57 -16.85
CA GLN A 62 -2.07 20.32 -18.00
C GLN A 62 -0.74 20.97 -17.58
N LYS A 63 0.04 21.51 -18.58
CA LYS A 63 1.33 22.10 -18.24
C LYS A 63 1.17 23.16 -17.17
N GLU A 64 2.22 23.18 -16.36
CA GLU A 64 2.37 24.09 -15.26
C GLU A 64 1.44 23.96 -14.10
N SER A 65 0.81 22.79 -14.03
CA SER A 65 -0.07 22.42 -12.91
C SER A 65 0.84 22.18 -11.68
N THR A 66 0.25 22.25 -10.50
CA THR A 66 0.96 21.97 -9.25
C THR A 66 0.29 20.77 -8.56
N LEU A 67 1.06 19.74 -8.22
CA LEU A 67 0.49 18.62 -7.46
C LEU A 67 0.98 18.81 -6.00
N HIS A 68 0.26 18.31 -5.06
CA HIS A 68 0.72 18.43 -3.66
C HIS A 68 1.24 17.05 -3.26
N LEU A 69 2.38 17.02 -2.60
CA LEU A 69 2.96 15.77 -2.10
C LEU A 69 2.83 15.67 -0.60
N VAL A 70 2.10 14.73 -0.09
CA VAL A 70 2.03 14.52 1.38
C VAL A 70 2.81 13.21 1.60
N LEU A 71 3.60 13.15 2.65
CA LEU A 71 4.36 11.93 2.95
C LEU A 71 3.61 11.09 3.95
N ARG A 72 3.55 9.80 3.74
N ARG A 72 3.47 9.80 3.72
N ARG A 72 3.52 9.80 3.72
N ARG A 72 3.57 9.79 3.74
CA ARG A 72 2.83 8.92 4.68
CA ARG A 72 2.69 8.95 4.65
CA ARG A 72 2.78 8.91 4.64
CA ARG A 72 2.87 8.88 4.67
C ARG A 72 3.61 9.00 5.98
C ARG A 72 3.34 7.57 4.59
C ARG A 72 3.83 8.38 5.62
C ARG A 72 3.97 8.12 5.40
N LEU A 73 3.03 8.77 7.12
N LEU A 73 2.75 6.54 5.10
N LEU A 73 3.54 8.20 6.87
N LEU A 73 4.06 8.16 6.69
CA LEU A 73 3.80 8.85 8.39
CA LEU A 73 3.40 5.22 5.03
CA LEU A 73 4.57 7.69 7.81
CA LEU A 73 5.14 7.43 7.39
C LEU A 73 5.10 8.08 8.25
C LEU A 73 2.38 4.13 5.36
C LEU A 73 3.90 7.01 8.99
C LEU A 73 4.98 5.93 7.16
N ARG A 74 6.10 8.59 8.94
N ARG A 74 1.62 3.78 4.34
N ARG A 74 4.21 5.73 9.12
N ARG A 74 3.72 5.52 7.21
CA ARG A 74 7.45 8.00 8.93
CA ARG A 74 0.56 2.76 4.45
CA ARG A 74 3.66 4.89 10.19
CA ARG A 74 3.36 4.10 7.03
C ARG A 74 7.36 6.56 9.42
C ARG A 74 0.53 1.94 3.16
C ARG A 74 4.68 3.83 10.57
C ARG A 74 4.15 3.26 8.01
N GLY A 75 8.09 5.70 8.71
N GLY A 75 -0.24 0.86 3.21
N GLY A 75 5.13 3.11 9.55
N GLY A 75 3.91 1.95 7.96
CA GLY A 75 8.13 4.27 9.01
CA GLY A 75 -0.41 -0.06 2.10
CA GLY A 75 6.11 2.03 9.70
CA GLY A 75 4.55 0.98 8.82
C GLY A 75 6.96 3.47 8.47
C GLY A 75 -1.72 -0.83 2.10
C GLY A 75 5.53 0.69 10.11
C GLY A 75 3.99 -0.42 8.73
N GLY A 76 6.92 2.22 8.90
N GLY A 76 -1.88 -1.58 1.02
N GLY A 76 4.21 0.68 10.21
N GLY A 76 4.53 -1.27 9.60
CA GLY A 76 5.89 1.24 8.54
CA GLY A 76 -3.05 -2.44 0.77
CA GLY A 76 3.40 -0.49 10.57
CA GLY A 76 4.15 -2.68 9.73
C GLY A 76 6.25 -0.10 9.20
C GLY A 76 -2.54 -3.81 0.30
C GLY A 76 3.89 -1.68 9.73
C GLY A 76 4.05 -3.02 11.23
N MET B 1 10.85 -8.29 6.93
N MET B 1 -8.08 -13.03 -2.36
N MET B 1 -2.92 -8.13 8.66
N MET B 1 -3.19 -2.63 18.90
CA MET B 1 10.70 -6.83 6.85
CA MET B 1 -8.04 -11.58 -2.14
CA MET B 1 -2.15 -7.06 8.00
CA MET B 1 -1.97 -2.17 18.21
C MET B 1 11.17 -6.39 5.44
C MET B 1 -9.51 -11.10 -2.03
C MET B 1 -2.98 -6.58 6.79
C MET B 1 -1.45 -0.93 18.99
N GLN B 2 10.57 -5.34 4.98
N GLN B 2 -9.70 -10.07 -1.26
N GLN B 2 -2.82 -5.33 6.48
N GLN B 2 -0.16 -0.80 18.95
CA GLN B 2 10.97 -4.79 3.65
CA GLN B 2 -11.07 -9.51 -1.12
CA GLN B 2 -3.55 -4.77 5.30
CA GLN B 2 0.46 0.39 19.63
C GLN B 2 12.07 -3.76 3.85
C GLN B 2 -11.27 -8.42 -2.17
C GLN B 2 -2.67 -4.91 4.07
C GLN B 2 0.56 1.54 18.64
N ILE B 3 13.07 -3.82 2.97
N ILE B 3 -12.46 -8.43 -2.76
N ILE B 3 -3.31 -5.29 2.97
N ILE B 3 0.24 2.73 19.11
CA ILE B 3 14.12 -2.79 2.94
CA ILE B 3 -12.84 -7.35 -3.70
CA ILE B 3 -2.61 -5.33 1.67
CA ILE B 3 0.44 3.95 18.30
C ILE B 3 14.25 -2.35 1.46
C ILE B 3 -14.25 -6.88 -3.24
C ILE B 3 -3.55 -4.59 0.67
C ILE B 3 1.19 4.95 19.23
N PHE B 4 14.87 -1.21 1.31
N PHE B 4 -14.60 -5.72 -3.72
N PHE B 4 -2.95 -4.22 -0.43
N PHE B 4 1.76 5.95 18.59
CA PHE B 4 15.06 -0.70 -0.11
CA PHE B 4 -15.96 -5.19 -3.35
CA PHE B 4 -3.78 -3.50 -1.48
CA PHE B 4 2.49 6.98 19.40
C PHE B 4 16.53 -0.66 -0.42
C PHE B 4 -16.80 -5.08 -4.59
C PHE B 4 -3.85 -4.35 -2.72
C PHE B 4 1.80 8.30 19.25
N VAL B 5 16.98 -1.03 -1.62
N VAL B 5 -18.09 -5.41 -4.59
N VAL B 5 -4.98 -4.44 -3.41
N VAL B 5 1.66 9.12 20.29
CA VAL B 5 18.39 -0.92 -1.98
CA VAL B 5 -18.94 -5.23 -5.74
CA VAL B 5 -5.05 -5.19 -4.66
CA VAL B 5 1.07 10.44 20.15
C VAL B 5 18.43 0.07 -3.17
C VAL B 5 -20.03 -4.23 -5.30
C VAL B 5 -5.44 -4.14 -5.73
C VAL B 5 2.18 11.43 20.57
N LYS B 6 19.02 1.19 -2.98
N LYS B 6 -20.04 -3.08 -5.88
N LYS B 6 -4.57 -3.89 -6.65
N LYS B 6 2.64 12.22 19.66
CA LYS B 6 19.08 2.22 -4.08
CA LYS B 6 -21.05 -2.03 -5.48
CA LYS B 6 -4.85 -2.86 -7.70
CA LYS B 6 3.76 13.18 19.98
C LYS B 6 20.38 2.06 -4.81
C LYS B 6 -22.22 -2.13 -6.42
C LYS B 6 -5.41 -3.57 -8.91
C LYS B 6 3.14 14.51 20.31
N THR B 7 20.31 1.92 -6.15
N THR B 7 -23.45 -2.25 -5.87
N THR B 7 -6.57 -3.12 -9.42
N THR B 7 3.52 15.08 21.48
CA THR B 7 21.55 1.77 -6.93
CA THR B 7 -24.64 -2.35 -6.73
CA THR B 7 -7.16 -3.77 -10.60
CA THR B 7 2.95 16.37 21.88
C THR B 7 21.94 3.11 -7.55
C THR B 7 -25.32 -0.97 -6.81
C THR B 7 -6.84 -2.94 -11.84
C THR B 7 3.96 17.49 21.54
N LEU B 8 23.12 3.21 -8.13
N LEU B 8 -26.29 -0.82 -7.69
N LEU B 8 -7.12 -3.46 -13.02
N LEU B 8 3.55 18.74 21.66
CA LEU B 8 23.59 4.49 -8.70
CA LEU B 8 -26.96 0.49 -7.85
CA LEU B 8 -6.80 -2.74 -14.27
CA LEU B 8 4.45 19.85 21.31
C LEU B 8 22.88 4.83 -9.99
C LEU B 8 -27.89 0.82 -6.70
C LEU B 8 -7.72 -1.56 -14.52
C LEU B 8 5.53 20.08 22.34
N THR B 9 22.05 3.93 -10.52
N THR B 9 -28.10 -0.13 -5.77
N THR B 9 -8.77 -1.40 -13.69
N THR B 9 5.48 19.36 23.47
CA THR B 9 21.37 4.31 -11.80
CA THR B 9 -29.02 0.25 -4.65
CA THR B 9 -9.65 -0.22 -13.98
CA THR B 9 6.58 19.60 24.47
C THR B 9 19.96 4.75 -11.57
C THR B 9 -28.27 0.61 -3.41
C THR B 9 -9.37 0.93 -13.05
C THR B 9 7.62 18.53 24.42
N GLY B 10 19.59 5.01 -10.36
N GLY B 10 -27.00 0.84 -3.51
N GLY B 10 -8.27 0.90 -12.36
N GLY B 10 7.64 17.73 23.40
CA GLY B 10 18.25 5.44 -10.00
CA GLY B 10 -26.16 1.21 -2.39
CA GLY B 10 -7.88 1.94 -11.44
CA GLY B 10 8.59 16.66 23.22
C GLY B 10 17.20 4.36 -9.95
C GLY B 10 -25.75 0.08 -1.48
C GLY B 10 -8.58 1.93 -10.11
C GLY B 10 8.35 15.42 24.02
N LYS B 11 17.64 3.13 -9.90
N LYS B 11 -25.90 -1.13 -1.95
N LYS B 11 -9.20 0.84 -9.79
N LYS B 11 7.16 15.29 24.54
CA LYS B 11 16.74 1.99 -9.75
CA LYS B 11 -25.45 -2.31 -1.22
CA LYS B 11 -9.83 0.65 -8.48
CA LYS B 11 6.74 14.09 25.25
C LYS B 11 16.76 1.67 -8.23
C LYS B 11 -24.07 -2.64 -1.81
C LYS B 11 -8.79 -0.12 -7.64
C LYS B 11 6.00 13.23 24.21
N THR B 12 15.59 1.38 -7.69
N THR B 12 -23.13 -2.99 -0.95
N THR B 12 -8.64 0.27 -6.39
N THR B 12 6.26 11.93 24.23
CA THR B 12 15.58 0.99 -6.27
CA THR B 12 -21.82 -3.40 -1.48
CA THR B 12 -7.72 -0.50 -5.53
CA THR B 12 5.50 11.07 23.30
C THR B 12 14.99 -0.43 -6.22
C THR B 12 -21.61 -4.85 -1.00
C THR B 12 -8.57 -1.03 -4.37
C THR B 12 4.74 10.07 24.18
N ILE B 13 15.67 -1.32 -5.50
N ILE B 13 -21.21 -5.71 -1.94
N ILE B 13 -8.43 -2.33 -4.08
N ILE B 13 3.45 9.92 23.90
CA ILE B 13 15.09 -2.69 -5.47
CA ILE B 13 -20.99 -7.11 -1.45
CA ILE B 13 -9.25 -2.82 -2.94
CA ILE B 13 2.72 8.94 24.76
C ILE B 13 14.53 -2.96 -4.09
C ILE B 13 -19.52 -7.42 -1.47
C ILE B 13 -8.36 -3.12 -1.78
C ILE B 13 2.39 7.72 23.94
N THR B 14 13.41 -3.63 -4.00
N THR B 14 -19.04 -8.14 -0.48
N THR B 14 -8.79 -2.83 -0.57
N THR B 14 2.48 6.54 24.52
CA THR B 14 12.90 -3.92 -2.63
CA THR B 14 -17.59 -8.47 -0.53
CA THR B 14 -7.91 -3.18 0.58
CA THR B 14 2.09 5.35 23.70
C THR B 14 13.23 -5.34 -2.29
C THR B 14 -17.43 -9.89 -1.03
C THR B 14 -8.42 -4.45 1.20
C THR B 14 0.71 4.92 24.11
N LEU B 15 13.65 -5.63 -1.06
N LEU B 15 -16.45 -10.16 -1.87
N LEU B 15 -7.55 -5.36 1.60
N LEU B 15 -0.14 4.53 23.17
CA LEU B 15 14.00 -6.97 -0.65
CA LEU B 15 -16.25 -11.48 -2.42
CA LEU B 15 -7.96 -6.61 2.20
CA LEU B 15 -1.49 4.12 23.46
C LEU B 15 13.20 -7.32 0.61
C LEU B 15 -14.79 -11.89 -2.14
C LEU B 15 -7.23 -6.76 3.55
C LEU B 15 -1.71 2.73 22.85
N GLU B 16 12.99 -8.61 0.80
N GLU B 16 -14.58 -13.18 -2.08
N GLU B 16 -7.83 -7.51 4.43
N GLU B 16 -2.64 2.01 23.45
CA GLU B 16 12.34 -9.01 2.08
CA GLU B 16 -13.16 -13.63 -1.96
CA GLU B 16 -7.11 -7.80 5.71
CA GLU B 16 -2.99 0.69 22.81
C GLU B 16 13.43 -9.74 2.82
C GLU B 16 -12.89 -14.32 -3.28
C GLU B 16 -6.81 -9.28 5.62
C GLU B 16 -4.41 0.92 22.32
N VAL B 17 13.71 -9.19 3.99
N VAL B 17 -11.88 -13.78 -3.95
N VAL B 17 -5.51 -9.55 5.68
N VAL B 17 -4.53 0.75 21.00
CA VAL B 17 14.76 -9.71 4.86
CA VAL B 17 -11.49 -14.25 -5.27
CA VAL B 17 -4.99 -10.90 5.57
CA VAL B 17 -5.80 0.96 20.31
C VAL B 17 14.32 -9.71 6.33
C VAL B 17 -9.95 -14.29 -5.41
C VAL B 17 -3.85 -11.15 6.56
C VAL B 17 -6.03 -0.13 19.25
N GLU B 18 15.17 -10.35 7.11
N GLU B 18 -9.57 -14.90 -6.51
N GLU B 18 -3.50 -12.42 6.62
N GLU B 18 -7.25 -0.07 18.75
CA GLU B 18 15.06 -10.41 8.57
CA GLU B 18 -8.17 -14.97 -6.95
CA GLU B 18 -2.37 -12.91 7.40
CA GLU B 18 -7.70 -0.92 17.64
C GLU B 18 16.33 -9.78 9.12
C GLU B 18 -8.12 -14.30 -8.31
C GLU B 18 -1.42 -13.57 6.41
C GLU B 18 -8.12 0.04 16.53
N PRO B 19 16.21 -9.08 10.23
N PRO B 19 -7.02 -13.62 -8.59
N PRO B 19 -0.13 -13.45 6.65
N PRO B 19 -7.88 -0.35 15.28
CA PRO B 19 17.36 -8.46 10.90
CA PRO B 19 -6.81 -12.96 -9.87
CA PRO B 19 0.89 -14.07 5.80
CA PRO B 19 -8.28 0.45 14.13
C PRO B 19 18.44 -9.48 11.20
C PRO B 19 -6.96 -13.92 -11.03
C PRO B 19 0.67 -15.56 5.66
C PRO B 19 -9.75 0.77 14.15
N SER B 20 18.06 -10.74 11.32
N SER B 20 -6.75 -15.20 -10.78
N SER B 20 -0.01 -16.16 6.62
N SER B 20 -10.54 -0.05 14.82
CA SER B 20 19.04 -11.77 11.68
CA SER B 20 -6.81 -16.19 -11.85
CA SER B 20 -0.21 -17.62 6.59
CA SER B 20 -12.00 0.17 14.84
C SER B 20 19.85 -12.20 10.46
C SER B 20 -8.25 -16.56 -12.17
C SER B 20 -1.34 -17.98 5.66
C SER B 20 -12.37 1.25 15.83
N ASP B 21 19.46 -11.71 9.28
N ASP B 21 -9.17 -16.08 -11.34
N ASP B 21 -2.07 -16.97 5.17
N ASP B 21 -11.39 1.70 16.62
CA ASP B 21 20.22 -12.12 8.08
CA ASP B 21 -10.60 -16.45 -11.63
CA ASP B 21 -3.19 -17.32 4.26
CA ASP B 21 -11.75 2.75 17.61
C ASP B 21 21.58 -11.47 8.09
C ASP B 21 -11.07 -15.73 -12.87
C ASP B 21 -2.66 -17.81 2.94
C ASP B 21 -12.03 4.05 16.90
N THR B 22 22.56 -12.17 7.53
N THR B 22 -11.97 -16.38 -13.59
N THR B 22 -3.41 -18.72 2.32
N THR B 22 -12.93 4.84 17.47
CA THR B 22 23.89 -11.64 7.38
CA THR B 22 -12.59 -15.79 -14.76
CA THR B 22 -3.08 -19.22 1.01
CA THR B 22 -13.23 6.17 16.96
C THR B 22 23.94 -10.79 6.10
C THR B 22 -13.78 -14.91 -14.28
C THR B 22 -3.62 -18.23 -0.04
C THR B 22 -12.18 7.14 17.53
N ILE B 23 24.96 -9.94 6.06
N ILE B 23 -14.16 -14.02 -15.18
N ILE B 23 -3.04 -18.35 -1.24
N ILE B 23 -12.10 8.28 16.82
CA ILE B 23 25.22 -9.11 4.89
CA ILE B 23 -15.32 -13.17 -14.95
CA ILE B 23 -3.48 -17.57 -2.38
CA ILE B 23 -11.23 9.37 17.26
C ILE B 23 25.51 -10.00 3.68
C ILE B 23 -16.58 -14.03 -14.80
C ILE B 23 -4.94 -17.88 -2.71
C ILE B 23 -11.66 9.88 18.63
N GLU B 24 26.21 -11.08 3.90
N GLU B 24 -16.67 -15.08 -15.57
N GLU B 24 -5.32 -19.13 -2.55
N GLU B 24 -12.96 9.91 18.86
CA GLU B 24 26.48 -12.04 2.79
CA GLU B 24 -17.83 -16.02 -15.45
CA GLU B 24 -6.75 -19.52 -2.79
CA GLU B 24 -13.48 10.33 20.20
C GLU B 24 25.19 -12.54 2.17
C GLU B 24 -17.94 -16.56 -14.05
C GLU B 24 -7.66 -18.75 -1.88
C GLU B 24 -12.93 9.45 21.30
N ASN B 25 24.19 -12.80 3.00
N ASN B 25 -16.80 -16.88 -13.45
N ASN B 25 -7.26 -18.55 -0.65
N ASN B 25 -12.84 8.16 21.02
CA ASN B 25 22.87 -13.29 2.58
CA ASN B 25 -16.71 -17.43 -12.09
CA ASN B 25 -8.02 -17.83 0.38
CA ASN B 25 -12.34 7.16 21.96
C ASN B 25 22.13 -12.24 1.75
C ASN B 25 -17.18 -16.41 -11.05
C ASN B 25 -8.17 -16.35 0.02
C ASN B 25 -10.85 7.37 22.26
N VAL B 26 22.20 -11.02 2.24
N VAL B 26 -16.72 -15.19 -11.24
N VAL B 26 -7.06 -15.78 -0.42
N VAL B 26 -10.12 7.62 21.20
CA VAL B 26 21.56 -9.90 1.54
CA VAL B 26 -17.10 -14.10 -10.35
CA VAL B 26 -7.06 -14.38 -0.84
CA VAL B 26 -8.68 7.88 21.33
C VAL B 26 22.14 -9.80 0.13
C VAL B 26 -18.62 -13.95 -10.36
C VAL B 26 -8.07 -14.18 -1.96
C VAL B 26 -8.47 9.07 22.25
N LYS B 27 23.46 -9.86 0.05
N LYS B 27 -19.19 -13.95 -11.55
N LYS B 27 -8.03 -15.09 -2.93
N LYS B 27 -9.24 10.13 22.01
CA LYS B 27 24.13 -9.77 -1.26
CA LYS B 27 -20.64 -13.81 -11.69
CA LYS B 27 -8.95 -15.00 -4.08
CA LYS B 27 -9.12 11.34 22.84
C LYS B 27 23.70 -10.89 -2.18
C LYS B 27 -21.37 -14.94 -10.99
C LYS B 27 -10.40 -15.09 -3.60
C LYS B 27 -9.43 11.04 24.29
N ALA B 28 23.50 -12.09 -1.65
N ALA B 28 -20.83 -16.15 -11.04
N ALA B 28 -10.68 -15.91 -2.61
N ALA B 28 -10.40 10.19 24.55
CA ALA B 28 23.02 -13.23 -2.43
CA ALA B 28 -21.42 -17.30 -10.34
CA ALA B 28 -12.02 -16.03 -2.05
CA ALA B 28 -10.73 9.78 25.93
C ALA B 28 21.59 -12.99 -2.91
C ALA B 28 -21.33 -17.12 -8.84
C ALA B 28 -12.43 -14.75 -1.34
C ALA B 28 -9.60 8.99 26.55
N LYS B 29 20.73 -12.39 -2.11
N LYS B 29 -20.24 -16.57 -8.32
N LYS B 29 -11.53 -14.07 -0.65
N LYS B 29 -8.92 8.14 25.80
CA LYS B 29 19.36 -12.05 -2.55
CA LYS B 29 -20.13 -16.29 -6.88
CA LYS B 29 -11.84 -12.78 -0.01
CA LYS B 29 -7.75 7.39 26.32
C LYS B 29 19.39 -11.02 -3.69
C LYS B 29 -21.18 -15.26 -6.43
C LYS B 29 -12.17 -11.72 -1.08
C LYS B 29 -6.61 8.36 26.69
N ILE B 30 20.33 -10.08 -3.60
N ILE B 30 -21.42 -14.28 -7.30
N ILE B 30 -11.45 -11.79 -2.20
N ILE B 30 -6.45 9.40 25.87
CA ILE B 30 20.44 -9.06 -4.65
CA ILE B 30 -22.41 -13.23 -6.97
CA ILE B 30 -11.69 -10.81 -3.28
CA ILE B 30 -5.39 10.39 26.14
C ILE B 30 20.95 -9.77 -5.92
C ILE B 30 -23.79 -13.90 -7.00
C ILE B 30 -13.07 -11.14 -3.88
C ILE B 30 -5.81 11.16 27.40
N GLN B 31 21.87 -10.69 -5.78
N GLN B 31 -24.03 -14.78 -7.95
N GLN B 31 -13.39 -12.40 -4.03
N GLN B 31 -7.07 11.48 27.55
CA GLN B 31 22.36 -11.38 -7.01
CA GLN B 31 -25.37 -15.43 -7.96
CA GLN B 31 -14.74 -12.73 -4.60
CA GLN B 31 -7.47 12.23 28.78
C GLN B 31 21.19 -12.13 -7.66
C GLN B 31 -25.56 -16.25 -6.67
C GLN B 31 -15.83 -12.18 -3.66
C GLN B 31 -7.18 11.36 30.01
N ASP B 32 20.51 -12.87 -6.82
N ASP B 32 -24.55 -17.01 -6.38
N ASP B 32 -15.64 -12.50 -2.41
N ASP B 32 -7.62 10.12 29.90
CA ASP B 32 19.33 -13.65 -7.27
CA ASP B 32 -24.56 -17.84 -5.15
CA ASP B 32 -16.59 -12.04 -1.36
CA ASP B 32 -7.40 9.15 31.00
C ASP B 32 18.33 -12.78 -8.01
C ASP B 32 -24.85 -17.01 -3.92
C ASP B 32 -16.79 -10.54 -1.41
C ASP B 32 -5.95 9.05 31.38
N LYS B 33 18.08 -11.56 -7.50
N LYS B 33 -24.24 -15.81 -3.83
N LYS B 33 -15.70 -9.78 -1.60
N LYS B 33 -5.04 9.04 30.38
CA LYS B 33 17.03 -10.76 -8.19
CA LYS B 33 -24.46 -15.05 -2.56
CA LYS B 33 -15.91 -8.31 -1.54
CA LYS B 33 -3.61 8.85 30.77
C LYS B 33 17.47 -9.81 -9.23
C LYS B 33 -25.57 -14.07 -2.55
C LYS B 33 -16.16 -7.61 -2.83
C LYS B 33 -2.80 10.07 30.99
N GLU B 34 18.68 -9.31 -9.27
N GLU B 34 -26.05 -13.51 -3.63
N GLU B 34 -15.77 -8.08 -3.99
N GLU B 34 -3.08 11.22 30.45
CA GLU B 34 19.16 -8.39 -10.27
CA GLU B 34 -27.14 -12.55 -3.67
CA GLU B 34 -16.00 -7.45 -5.27
CA GLU B 34 -2.33 12.44 30.63
C GLU B 34 20.39 -8.86 -11.00
C GLU B 34 -28.28 -12.97 -4.56
C GLU B 34 -16.72 -8.31 -6.27
C GLU B 34 -3.15 13.60 31.15
N GLY B 35 20.97 -9.98 -10.58
N GLY B 35 -28.13 -14.06 -5.29
N GLY B 35 -16.96 -9.57 -5.92
N GLY B 35 -4.45 13.42 31.26
CA GLY B 35 22.10 -10.57 -11.23
CA GLY B 35 -29.17 -14.60 -6.12
CA GLY B 35 -17.71 -10.47 -6.76
CA GLY B 35 -5.32 14.42 31.80
C GLY B 35 23.45 -10.03 -10.96
C GLY B 35 -29.40 -14.00 -7.45
C GLY B 35 -17.03 -11.14 -7.88
C GLY B 35 -5.77 15.54 30.95
N ILE B 36 23.56 -9.09 -10.01
N ILE B 36 -28.55 -13.06 -7.88
N ILE B 36 -15.70 -10.94 -8.01
N ILE B 36 -5.42 15.51 29.64
CA ILE B 36 24.90 -8.54 -9.71
CA ILE B 36 -28.75 -12.45 -9.20
CA ILE B 36 -14.99 -11.60 -9.13
CA ILE B 36 -5.85 16.61 28.76
C ILE B 36 25.67 -9.47 -8.80
C ILE B 36 -28.22 -13.35 -10.30
C ILE B 36 -14.72 -13.07 -8.81
C ILE B 36 -7.30 16.43 28.33
N PRO B 37 26.87 -9.87 -9.23
N PRO B 37 -29.06 -13.69 -11.27
N PRO B 37 -15.16 -13.96 -9.68
N PRO B 37 -8.13 17.42 28.58
CA PRO B 37 27.75 -10.74 -8.44
CA PRO B 37 -28.68 -14.53 -12.41
CA PRO B 37 -14.93 -15.42 -9.52
CA PRO B 37 -9.55 17.40 28.19
C PRO B 37 28.05 -10.13 -7.08
C PRO B 37 -27.51 -13.92 -13.16
C PRO B 37 -13.45 -15.72 -9.43
C PRO B 37 -9.69 17.19 26.69
N PRO B 38 28.03 -10.89 -6.02
N PRO B 38 -26.54 -14.70 -13.57
N PRO B 38 -13.04 -16.58 -8.53
N PRO B 38 -10.61 16.36 26.25
CA PRO B 38 28.30 -10.34 -4.68
CA PRO B 38 -25.38 -14.15 -14.29
CA PRO B 38 -11.60 -16.90 -8.40
CA PRO B 38 -10.77 16.10 24.81
C PRO B 38 29.63 -9.66 -4.57
C PRO B 38 -25.76 -13.41 -15.54
C PRO B 38 -10.98 -17.40 -9.67
C PRO B 38 -11.04 17.35 24.02
N ASP B 39 30.62 -10.12 -5.29
N ASP B 39 -26.81 -13.81 -16.22
N ASP B 39 -11.72 -18.10 -10.49
N ASP B 39 -11.71 18.32 24.59
CA ASP B 39 31.98 -9.54 -5.20
CA ASP B 39 -27.21 -13.16 -17.49
CA ASP B 39 -11.16 -18.68 -11.74
CA ASP B 39 -12.07 19.56 23.85
C ASP B 39 32.04 -8.12 -5.75
C ASP B 39 -27.71 -11.74 -17.28
C ASP B 39 -10.78 -17.60 -12.76
C ASP B 39 -10.84 20.40 23.52
N GLN B 40 31.03 -7.74 -6.51
N GLN B 40 -28.02 -11.40 -16.05
N GLN B 40 -11.28 -16.40 -12.55
N GLN B 40 -9.73 20.12 24.18
CA GLN B 40 31.00 -6.36 -7.06
CA GLN B 40 -28.49 -10.01 -15.76
CA GLN B 40 -10.93 -15.29 -13.47
CA GLN B 40 -8.49 20.88 23.89
C GLN B 40 30.17 -5.40 -6.18
C GLN B 40 -27.33 -9.11 -15.29
C GLN B 40 -9.76 -14.44 -12.96
C GLN B 40 -7.58 20.15 22.88
N GLN B 41 29.45 -5.92 -5.22
N GLN B 41 -26.19 -9.67 -15.00
N GLN B 41 -9.36 -14.64 -11.72
N GLN B 41 -7.88 18.90 22.58
CA GLN B 41 28.59 -5.14 -4.35
CA GLN B 41 -25.05 -8.94 -14.49
CA GLN B 41 -8.30 -13.88 -11.09
CA GLN B 41 -7.09 18.09 21.68
C GLN B 41 29.27 -4.51 -3.15
C GLN B 41 -24.17 -8.30 -15.54
C GLN B 41 -6.89 -14.38 -11.35
C GLN B 41 -7.39 18.26 20.21
N ARG B 42 29.03 -3.22 -3.00
N ARG B 42 -23.90 -7.01 -15.33
N ARG B 42 -6.04 -13.45 -11.76
N ARG B 42 -6.32 18.46 19.44
CA ARG B 42 29.48 -2.48 -1.77
CA ARG B 42 -22.91 -6.27 -16.17
CA ARG B 42 -4.58 -13.73 -11.89
CA ARG B 42 -6.42 18.48 17.96
C ARG B 42 28.21 -1.91 -1.17
C ARG B 42 -21.86 -5.77 -15.19
C ARG B 42 -3.91 -12.73 -10.98
C ARG B 42 -5.47 17.39 17.50
N LEU B 43 27.81 -2.33 0.02
N LEU B 43 -20.62 -6.22 -15.28
N LEU B 43 -3.22 -13.17 -9.92
N LEU B 43 -5.94 16.32 16.86
CA LEU B 43 26.54 -1.83 0.62
CA LEU B 43 -19.58 -5.80 -14.31
CA LEU B 43 -2.59 -12.22 -8.97
CA LEU B 43 -5.05 15.21 16.45
C LEU B 43 26.84 -0.80 1.70
C LEU B 43 -18.66 -4.76 -14.95
C LEU B 43 -1.09 -12.15 -9.22
C LEU B 43 -4.79 15.29 14.94
N ILE B 44 26.16 0.34 1.61
N ILE B 44 -18.46 -3.65 -14.24
N ILE B 44 -0.58 -10.93 -9.33
N ILE B 44 -3.52 15.21 14.58
CA ILE B 44 26.35 1.45 2.53
CA ILE B 44 -17.65 -2.54 -14.72
CA ILE B 44 0.83 -10.69 -9.62
CA ILE B 44 -3.08 15.33 13.20
C ILE B 44 25.07 1.83 3.25
C ILE B 44 -16.50 -2.22 -13.78
C ILE B 44 1.50 -9.83 -8.54
C ILE B 44 -2.30 14.10 12.74
N PHE B 45 25.20 1.98 4.60
N PHE B 45 -15.28 -2.08 -14.40
N PHE B 45 2.68 -10.33 -8.09
N PHE B 45 -2.69 13.58 11.55
CA PHE B 45 24.06 2.40 5.44
CA PHE B 45 -14.08 -1.73 -13.64
CA PHE B 45 3.48 -9.60 -7.08
CA PHE B 45 -2.01 12.43 10.95
C PHE B 45 24.68 3.29 6.53
C PHE B 45 -13.26 -0.82 -14.58
C PHE B 45 4.95 -9.85 -7.48
C PHE B 45 -2.04 12.68 9.42
N ALA B 46 24.05 4.44 6.66
N ALA B 46 -12.89 0.29 -14.01
N ALA B 46 5.64 -8.73 -7.54
N ALA B 46 -0.85 12.55 8.88
CA ALA B 46 24.40 5.44 7.67
CA ALA B 46 -12.04 1.31 -14.66
CA ALA B 46 7.09 -8.69 -7.84
CA ALA B 46 -0.62 12.69 7.43
C ALA B 46 25.90 5.70 7.68
C ALA B 46 -12.58 1.63 -16.05
C ALA B 46 7.41 -9.55 -9.06
C ALA B 46 -1.27 13.95 6.89
N GLY B 47 26.43 5.85 6.51
N GLY B 47 -13.86 1.81 -16.10
N GLY B 47 6.60 -9.37 -10.07
N GLY B 47 -1.07 15.01 7.62
CA GLY B 47 27.80 6.09 6.18
CA GLY B 47 -14.68 2.12 -17.24
CA GLY B 47 6.62 -10.02 -11.34
CA GLY B 47 -1.55 16.35 7.40
C GLY B 47 28.80 5.04 6.57
C GLY B 47 -14.72 1.11 -18.36
C GLY B 47 6.44 -11.51 -11.37
C GLY B 47 -3.04 16.56 7.40
N LYS B 48 28.37 3.82 6.78
N LYS B 48 -14.40 -0.12 -18.08
N LYS B 48 5.85 -12.07 -10.34
N LYS B 48 -3.80 15.67 8.00
CA LYS B 48 29.26 2.71 7.10
CA LYS B 48 -14.45 -1.20 -19.08
CA LYS B 48 5.57 -13.52 -10.29
CA LYS B 48 -5.25 15.79 8.09
C LYS B 48 29.20 1.70 5.93
C LYS B 48 -15.54 -2.19 -18.62
C LYS B 48 4.04 -13.69 -10.27
C LYS B 48 -5.60 15.95 9.59
N GLN B 49 30.30 1.10 5.59
N GLN B 49 -16.29 -2.74 -19.54
N GLN B 49 3.54 -14.69 -10.93
N GLN B 49 -6.57 16.77 9.91
CA GLN B 49 30.28 0.04 4.56
CA GLN B 49 -17.27 -3.80 -19.17
CA GLN B 49 2.07 -14.98 -10.85
CA GLN B 49 -7.03 16.87 11.32
C GLN B 49 29.93 -1.23 5.34
C GLN B 49 -16.45 -5.09 -19.19
C GLN B 49 1.94 -15.84 -9.60
C GLN B 49 -8.05 15.75 11.45
N LEU B 50 28.96 -1.99 4.88
N LEU B 50 -16.52 -5.88 -18.15
N LEU B 50 1.04 -15.51 -8.71
N LEU B 50 -7.92 14.94 12.48
CA LEU B 50 28.49 -3.18 5.61
CA LEU B 50 -15.71 -7.11 -18.02
CA LEU B 50 0.88 -16.22 -7.43
CA LEU B 50 -8.80 13.76 12.66
C LEU B 50 29.43 -4.35 5.37
C LEU B 50 -16.31 -8.22 -18.85
C LEU B 50 0.11 -17.52 -7.64
C LEU B 50 -10.14 14.19 13.24
N GLU B 51 29.73 -5.12 6.41
N GLU B 51 -15.48 -8.99 -19.55
N GLU B 51 0.54 -18.60 -7.00
N GLU B 51 -11.24 13.63 12.73
CA GLU B 51 30.67 -6.25 6.26
CA GLU B 51 -15.99 -10.07 -20.42
CA GLU B 51 -0.12 -19.90 -7.19
CA GLU B 51 -12.57 14.03 13.21
C GLU B 51 29.92 -7.54 6.18
C GLU B 51 -15.84 -11.39 -19.74
C GLU B 51 -1.03 -20.20 -6.02
C GLU B 51 -13.10 13.00 14.17
N ASP B 52 30.32 -8.47 5.34
N ASP B 52 -16.79 -12.29 -19.83
N ASP B 52 -2.19 -20.75 -6.23
N ASP B 52 -13.76 13.39 15.24
CA ASP B 52 29.65 -9.73 5.08
CA ASP B 52 -16.82 -13.59 -19.16
CA ASP B 52 -3.21 -21.01 -5.23
CA ASP B 52 -14.26 12.54 16.30
C ASP B 52 29.19 -10.62 6.22
C ASP B 52 -15.61 -14.51 -19.20
C ASP B 52 -2.85 -21.70 -3.91
C ASP B 52 -15.05 11.28 15.98
N GLY B 53 30.01 -10.78 7.24
N GLY B 53 -14.97 -14.63 -20.34
N GLY B 53 -2.02 -22.72 -3.97
N GLY B 53 -15.95 11.35 15.03
CA GLY B 53 29.73 -11.64 8.40
CA GLY B 53 -13.82 -15.53 -20.54
CA GLY B 53 -1.63 -23.53 -2.80
CA GLY B 53 -16.84 10.24 14.63
C GLY B 53 28.87 -11.06 9.47
C GLY B 53 -12.49 -15.01 -20.13
C GLY B 53 -0.51 -22.97 -1.97
C GLY B 53 -16.27 9.25 13.69
N ARG B 54 28.56 -9.78 9.42
N ARG B 54 -12.38 -13.73 -19.77
N ARG B 54 0.15 -21.91 -2.41
N ARG B 54 -15.09 9.49 13.12
CA ARG B 54 27.65 -9.15 10.40
CA ARG B 54 -11.12 -13.15 -19.26
CA ARG B 54 1.21 -21.25 -1.61
CA ARG B 54 -14.42 8.52 12.22
C ARG B 54 26.22 -9.36 9.92
C ARG B 54 -11.04 -13.43 -17.76
C ARG B 54 0.55 -20.25 -0.68
C ARG B 54 -13.63 7.56 13.10
N THR B 55 25.27 -9.14 10.80
N THR B 55 -9.86 -13.26 -17.21
N THR B 55 1.28 -19.79 0.30
N THR B 55 -13.20 6.46 12.52
CA THR B 55 23.83 -9.23 10.49
CA THR B 55 -9.61 -13.41 -15.76
CA THR B 55 0.82 -18.77 1.27
CA THR B 55 -12.36 5.44 13.19
C THR B 55 23.30 -7.78 10.38
C THR B 55 -9.48 -11.99 -15.17
C THR B 55 1.51 -17.44 0.88
C THR B 55 -10.94 5.62 12.64
N LEU B 56 22.11 -7.65 9.81
N LEU B 56 -9.57 -11.91 -13.85
N LEU B 56 1.00 -16.35 1.41
N LEU B 56 -9.98 5.02 13.33
CA LEU B 56 21.44 -6.35 9.68
CA LEU B 56 -9.40 -10.64 -13.13
CA LEU B 56 1.57 -15.02 1.19
CA LEU B 56 -8.57 5.03 12.91
C LEU B 56 21.20 -5.80 11.08
C LEU B 56 -7.99 -10.12 -13.41
C LEU B 56 3.00 -15.02 1.73
C LEU B 56 -8.48 4.35 11.55
N SER B 57 20.89 -6.68 12.05
N SER B 57 -7.01 -11.02 -13.50
N SER B 57 3.24 -15.72 2.85
N SER B 57 -9.28 3.29 11.33
CA SER B 57 20.63 -6.15 13.41
CA SER B 57 -5.64 -10.51 -13.76
CA SER B 57 4.62 -15.72 3.39
CA SER B 57 -9.17 2.62 10.01
C SER B 57 21.87 -5.50 14.00
C SER B 57 -5.52 -9.81 -15.10
C SER B 57 5.61 -16.35 2.43
C SER B 57 -9.58 3.53 8.87
N ASP B 58 23.04 -5.97 13.62
N ASP B 58 -6.33 -10.23 -16.06
N ASP B 58 5.15 -17.30 1.64
N ASP B 58 -10.46 4.47 9.13
CA ASP B 58 24.31 -5.41 14.13
CA ASP B 58 -6.30 -9.62 -17.42
CA ASP B 58 6.03 -17.99 0.66
CA ASP B 58 -10.93 5.41 8.09
C ASP B 58 24.38 -3.90 13.88
C ASP B 58 -6.53 -8.10 -17.32
C ASP B 58 6.70 -16.97 -0.27
C ASP B 58 -9.73 6.15 7.47
N TYR B 59 23.91 -3.51 12.73
N TYR B 59 -7.41 -7.72 -16.44
N TYR B 59 5.95 -15.98 -0.65
N TYR B 59 -8.80 6.50 8.30
CA TYR B 59 23.86 -2.12 12.29
CA TYR B 59 -7.76 -6.33 -16.19
CA TYR B 59 6.39 -14.90 -1.52
CA TYR B 59 -7.57 7.19 7.93
C TYR B 59 22.57 -1.43 12.65
C TYR B 59 -6.93 -5.71 -15.08
C TYR B 59 6.94 -13.72 -0.75
C TYR B 59 -6.44 6.25 7.59
N ASN B 60 21.65 -2.02 13.38
N ASN B 60 -5.93 -6.35 -14.53
N ASN B 60 7.09 -13.74 0.56
N ASN B 60 -6.61 4.94 7.57
CA ASN B 60 20.40 -1.31 13.71
CA ASN B 60 -5.13 -5.70 -13.47
CA ASN B 60 7.63 -12.56 1.26
CA ASN B 60 -5.47 4.06 7.24
C ASN B 60 19.67 -0.87 12.45
C ASN B 60 -6.02 -5.28 -12.29
C ASN B 60 6.79 -11.33 1.00
C ASN B 60 -4.32 4.28 8.21
N ILE B 61 19.55 -1.76 11.48
N ILE B 61 -6.90 -6.16 -11.87
N ILE B 61 5.48 -11.46 1.09
N ILE B 61 -4.61 4.34 9.49
CA ILE B 61 18.77 -1.47 10.25
CA ILE B 61 -7.75 -5.88 -10.67
CA ILE B 61 4.57 -10.30 0.94
CA ILE B 61 -3.54 4.45 10.52
C ILE B 61 17.34 -1.88 10.54
C ILE B 61 -6.96 -6.37 -9.46
C ILE B 61 4.40 -9.71 2.34
C ILE B 61 -3.15 3.02 10.89
N GLN B 62 16.40 -0.97 10.54
N GLN B 62 -6.58 -5.51 -8.57
N GLN B 62 4.83 -8.50 2.56
N GLN B 62 -1.94 2.62 10.64
CA GLN B 62 14.98 -1.25 10.88
CA GLN B 62 -5.75 -5.86 -7.39
CA GLN B 62 4.79 -7.84 3.91
CA GLN B 62 -1.46 1.23 10.88
C GLN B 62 14.14 -1.29 9.60
C GLN B 62 -6.63 -5.92 -6.13
C GLN B 62 3.64 -6.83 3.95
C GLN B 62 -0.60 1.20 12.15
N LYS B 63 12.89 -1.73 9.68
N LYS B 63 -6.09 -6.42 -5.02
N LYS B 63 3.32 -6.30 5.12
N LYS B 63 -0.26 0.01 12.64
CA LYS B 63 12.03 -1.89 8.54
CA LYS B 63 -6.85 -6.59 -3.81
CA LYS B 63 2.20 -5.40 5.30
CA LYS B 63 0.49 -0.14 13.86
C LYS B 63 11.96 -0.54 7.79
C LYS B 63 -7.48 -5.27 -3.41
C LYS B 63 2.36 -4.23 4.33
C LYS B 63 1.78 0.67 13.77
N GLU B 64 11.92 -0.71 6.46
N GLU B 64 -8.70 -5.41 -2.88
N GLU B 64 1.19 -3.80 3.83
N GLU B 64 2.12 1.24 14.94
CA GLU B 64 11.84 0.36 5.50
CA GLU B 64 -9.54 -4.34 -2.40
CA GLU B 64 1.01 -2.71 2.92
CA GLU B 64 3.28 2.04 15.16
C GLU B 64 13.02 1.27 5.36
C GLU B 64 -10.07 -3.36 -3.41
C GLU B 64 1.58 -2.87 1.53
C GLU B 64 3.36 3.37 14.46
N SER B 65 14.15 0.80 5.85
N SER B 65 -10.06 -3.79 -4.67
N SER B 65 1.81 -4.11 1.16
N SER B 65 2.21 3.85 14.04
CA SER B 65 15.45 1.48 5.72
CA SER B 65 -10.63 -3.05 -5.79
CA SER B 65 2.25 -4.50 -0.19
CA SER B 65 2.05 5.17 13.44
C SER B 65 15.87 1.39 4.24
C SER B 65 -12.17 -3.10 -5.64
C SER B 65 1.04 -4.30 -1.13
C SER B 65 2.22 6.21 14.57
N THR B 66 16.75 2.26 3.82
N THR B 66 -12.86 -2.18 -6.26
N THR B 66 1.30 -4.18 -2.40
N THR B 66 2.52 7.44 14.21
CA THR B 66 17.31 2.25 2.47
CA THR B 66 -14.33 -2.17 -6.28
CA THR B 66 0.25 -4.07 -3.43
CA THR B 66 2.63 8.55 15.17
C THR B 66 18.83 2.05 2.56
C THR B 66 -14.80 -2.29 -7.73
C THR B 66 0.39 -5.25 -4.39
C THR B 66 1.60 9.61 14.81
N LEU B 67 19.37 1.05 1.86
N LEU B 67 -15.68 -3.27 -8.01
N LEU B 67 -0.70 -5.99 -4.60
N LEU B 67 0.76 10.02 15.76
CA LEU B 67 20.82 0.87 1.83
CA LEU B 67 -16.26 -3.38 -9.35
CA LEU B 67 -0.68 -7.08 -5.59
CA LEU B 67 -0.18 11.12 15.51
C LEU B 67 21.27 1.40 0.45
C LEU B 67 -17.70 -2.80 -9.24
C LEU B 67 -1.43 -6.53 -6.83
C LEU B 67 0.43 12.35 16.21
N HIS B 68 22.48 1.83 0.34
N HIS B 68 -18.24 -2.31 -10.30
N HIS B 68 -1.15 -7.03 -7.97
N HIS B 68 0.10 13.51 15.76
CA HIS B 68 22.97 2.30 -0.98
CA HIS B 68 -19.63 -1.81 -10.24
CA HIS B 68 -1.88 -6.56 -9.18
CA HIS B 68 0.62 14.72 16.44
C HIS B 68 23.88 1.21 -1.51
C HIS B 68 -20.48 -2.85 -10.94
C HIS B 68 -2.84 -7.69 -9.54
C HIS B 68 -0.56 15.31 17.22
N LEU B 69 23.74 0.88 -2.78
N LEU B 69 -21.62 -3.17 -10.35
N LEU B 69 -4.08 -7.34 -9.85
N LEU B 69 -0.31 15.70 18.45
CA LEU B 69 24.60 -0.10 -3.42
CA LEU B 69 -22.57 -4.11 -10.94
CA LEU B 69 -5.07 -8.32 -10.28
CA LEU B 69 -1.33 16.35 19.27
C LEU B 69 25.57 0.54 -4.37
C LEU B 69 -23.79 -3.40 -11.46
C LEU B 69 -5.35 -8.19 -11.76
C LEU B 69 -1.07 17.81 19.44
N VAL B 70 26.83 0.49 -4.14
N VAL B 70 -24.04 -3.41 -12.72
N VAL B 70 -5.06 -9.18 -12.54
N VAL B 70 -1.91 18.66 18.94
CA VAL B 70 27.84 1.03 -5.10
CA VAL B 70 -25.29 -2.81 -13.27
CA VAL B 70 -5.42 -9.14 -13.99
CA VAL B 70 -1.74 20.13 19.17
C VAL B 70 28.48 -0.23 -5.70
C VAL B 70 -26.13 -4.03 -13.69
C VAL B 70 -6.57 -10.17 -14.10
C VAL B 70 -2.87 20.48 20.16
N LEU B 71 28.75 -0.22 -6.99
N LEU B 71 -27.41 -4.00 -13.46
N LEU B 71 -7.58 -9.86 -14.88
N LEU B 71 -2.59 21.32 21.12
CA LEU B 71 29.39 -1.38 -7.64
CA LEU B 71 -28.29 -5.12 -13.87
CA LEU B 71 -8.70 -10.81 -15.08
CA LEU B 71 -3.62 21.74 22.10
C LEU B 71 30.88 -1.14 -7.74
C LEU B 71 -28.92 -4.81 -15.20
C LEU B 71 -8.48 -11.62 -16.33
C LEU B 71 -4.25 23.03 21.67
N MET A 1 6.38 18.40 -20.67
CA MET A 1 5.74 19.56 -20.05
C MET A 1 6.28 19.67 -18.60
N GLN A 2 6.34 20.88 -18.14
CA GLN A 2 6.81 21.11 -16.74
C GLN A 2 5.61 21.10 -15.81
N ILE A 3 5.80 20.45 -14.66
CA ILE A 3 4.77 20.47 -13.61
C ILE A 3 5.53 20.83 -12.30
N PHE A 4 4.75 21.23 -11.33
CA PHE A 4 5.40 21.59 -10.01
C PHE A 4 4.91 20.64 -8.96
N VAL A 5 5.74 20.16 -8.03
CA VAL A 5 5.27 19.32 -6.95
C VAL A 5 5.58 20.10 -5.65
N LYS A 6 4.57 20.50 -4.95
CA LYS A 6 4.78 21.30 -3.70
C LYS A 6 4.77 20.35 -2.53
N THR A 7 5.82 20.41 -1.68
CA THR A 7 5.88 19.52 -0.51
C THR A 7 5.42 20.27 0.74
N LEU A 8 5.24 19.58 1.84
CA LEU A 8 4.74 20.24 3.07
C LEU A 8 5.81 21.08 3.74
N THR A 9 7.06 21.03 3.24
CA THR A 9 8.08 21.90 3.94
C THR A 9 8.35 23.16 3.18
N GLY A 10 7.52 23.50 2.24
CA GLY A 10 7.67 24.69 1.43
C GLY A 10 8.68 24.63 0.33
N LYS A 11 9.10 23.43 0.00
CA LYS A 11 10.01 23.21 -1.12
C LYS A 11 9.11 22.84 -2.31
N THR A 12 9.42 23.38 -3.48
CA THR A 12 8.62 22.98 -4.66
C THR A 12 9.61 22.35 -5.64
N ILE A 13 9.25 21.19 -6.17
CA ILE A 13 10.23 20.60 -7.13
C ILE A 13 9.65 20.67 -8.52
N THR A 14 10.47 20.94 -9.51
CA THR A 14 9.89 20.97 -10.89
C THR A 14 10.25 19.66 -11.57
N LEU A 15 9.33 19.09 -12.33
CA LEU A 15 9.58 17.83 -13.01
C LEU A 15 9.25 18.02 -14.49
N GLU A 16 9.89 17.22 -15.31
CA GLU A 16 9.51 17.26 -16.76
C GLU A 16 8.85 15.92 -17.00
N VAL A 17 7.60 16.03 -17.42
CA VAL A 17 6.77 14.86 -17.67
C VAL A 17 5.93 15.04 -18.95
N GLU A 18 5.32 13.93 -19.31
CA GLU A 18 4.37 13.84 -20.41
C GLU A 18 3.06 13.38 -19.82
N PRO A 19 1.95 13.87 -20.34
CA PRO A 19 0.61 13.47 -19.90
C PRO A 19 0.43 11.98 -19.97
N SER A 20 1.19 11.31 -20.81
CA SER A 20 1.03 9.85 -20.98
C SER A 20 1.72 9.11 -19.87
N ASP A 21 2.49 9.83 -19.05
CA ASP A 21 3.19 9.10 -17.96
C ASP A 21 2.21 8.63 -16.92
N THR A 22 2.51 7.52 -16.30
CA THR A 22 1.71 6.99 -15.21
C THR A 22 2.16 7.68 -13.91
N ILE A 23 1.25 7.61 -12.94
CA ILE A 23 1.52 8.13 -11.60
C ILE A 23 2.72 7.40 -10.98
N GLU A 24 2.80 6.12 -11.24
CA GLU A 24 3.98 5.32 -10.73
C GLU A 24 5.27 5.90 -11.23
N CYS A 25 5.30 6.34 -12.52
CA CYS A 25 6.50 6.91 -13.13
C CYS A 25 6.85 8.24 -12.50
N VAL A 26 5.82 9.05 -12.28
CA VAL A 26 6.04 10.34 -11.65
C VAL A 26 6.71 10.15 -10.29
N LYS A 27 6.18 9.20 -9.52
CA LYS A 27 6.74 8.92 -8.19
C LYS A 27 8.19 8.48 -8.29
N ALA A 28 8.54 7.70 -9.30
CA ALA A 28 9.92 7.29 -9.53
C ALA A 28 10.80 8.47 -9.89
N LYS A 29 10.31 9.43 -10.66
CA LYS A 29 11.09 10.64 -10.97
C LYS A 29 11.35 11.47 -9.69
N ILE A 30 10.35 11.49 -8.81
CA ILE A 30 10.50 12.25 -7.55
C ILE A 30 11.53 11.50 -6.70
N GLN A 31 11.49 10.19 -6.69
CA GLN A 31 12.50 9.45 -5.86
C GLN A 31 13.90 9.76 -6.40
N ASP A 32 14.01 9.63 -7.70
CA ASP A 32 15.30 9.91 -8.37
C ASP A 32 15.83 11.29 -8.03
N LYS A 33 14.94 12.30 -7.98
CA LYS A 33 15.50 13.66 -7.74
C LYS A 33 15.53 14.13 -6.33
N GLU A 34 14.74 13.67 -5.41
CA GLU A 34 14.73 14.09 -4.02
C GLU A 34 14.92 12.96 -3.04
N GLY A 35 14.94 11.73 -3.52
CA GLY A 35 15.18 10.58 -2.69
C GLY A 35 14.07 10.02 -1.89
N ILE A 36 12.84 10.55 -2.06
CA ILE A 36 11.72 10.01 -1.29
C ILE A 36 11.20 8.72 -1.91
N PRO A 37 11.15 7.65 -1.13
CA PRO A 37 10.64 6.34 -1.58
C PRO A 37 9.21 6.46 -2.09
N PRO A 38 8.88 5.84 -3.19
CA PRO A 38 7.51 5.95 -3.73
C PRO A 38 6.45 5.52 -2.76
N ASP A 39 6.74 4.57 -1.90
CA ASP A 39 5.72 4.05 -0.95
C ASP A 39 5.34 5.08 0.11
N GLN A 40 6.16 6.11 0.23
CA GLN A 40 5.83 7.18 1.22
C GLN A 40 5.08 8.36 0.58
N GLN A 41 5.02 8.40 -0.74
CA GLN A 41 4.40 9.48 -1.46
C GLN A 41 2.90 9.36 -1.66
N ARG A 42 2.21 10.46 -1.32
CA ARG A 42 0.75 10.57 -1.60
C ARG A 42 0.62 11.80 -2.48
N LEU A 43 0.18 11.67 -3.73
CA LEU A 43 0.09 12.84 -4.63
C LEU A 43 -1.35 13.30 -4.76
N ILE A 44 -1.57 14.59 -4.57
CA ILE A 44 -2.91 15.19 -4.61
C ILE A 44 -3.02 16.28 -5.66
N PHE A 45 -4.11 16.19 -6.46
CA PHE A 45 -4.39 17.20 -7.50
C PHE A 45 -5.92 17.33 -7.53
N ALA A 46 -6.32 18.58 -7.46
CA ALA A 46 -7.74 18.98 -7.52
C ALA A 46 -8.59 18.14 -6.58
N GLY A 47 -8.08 17.99 -5.40
CA GLY A 47 -8.62 17.24 -4.29
C GLY A 47 -8.80 15.76 -4.47
N CYS A 48 -8.13 15.15 -5.41
CA CYS A 48 -8.12 13.71 -5.63
C CYS A 48 -6.78 13.12 -5.25
N GLN A 49 -6.74 11.97 -4.70
CA GLN A 49 -5.43 11.30 -4.47
C GLN A 49 -5.16 10.55 -5.77
N LEU A 50 -3.98 10.72 -6.33
CA LEU A 50 -3.65 10.11 -7.64
C LEU A 50 -3.29 8.65 -7.46
N GLU A 51 -3.77 7.80 -8.37
CA GLU A 51 -3.53 6.34 -8.25
C GLU A 51 -2.42 5.92 -9.18
N ASP A 52 -1.53 5.06 -8.79
CA ASP A 52 -0.35 4.62 -9.54
C ASP A 52 -0.48 4.20 -10.99
N GLY A 53 -1.50 3.45 -11.32
CA GLY A 53 -1.74 2.91 -12.67
C GLY A 53 -2.40 3.82 -13.65
N ARG A 54 -2.89 4.98 -13.21
CA ARG A 54 -3.49 5.96 -14.13
C ARG A 54 -2.37 6.83 -14.68
N THR A 55 -2.66 7.57 -15.72
CA THR A 55 -1.72 8.53 -16.36
C THR A 55 -2.16 9.94 -15.93
N LEU A 56 -1.27 10.90 -16.12
CA LEU A 56 -1.55 12.31 -15.83
C LEU A 56 -2.72 12.75 -16.70
N SER A 57 -2.80 12.25 -17.95
CA SER A 57 -3.93 12.69 -18.80
C SER A 57 -5.26 12.26 -18.24
N ASP A 58 -5.29 11.15 -17.53
CA ASP A 58 -6.56 10.64 -16.93
C ASP A 58 -7.20 11.71 -16.05
N TYR A 59 -6.37 12.41 -15.33
CA TYR A 59 -6.76 13.49 -14.42
C TYR A 59 -6.79 14.84 -15.09
N ASN A 60 -6.55 14.98 -16.38
CA ASN A 60 -6.58 16.32 -16.99
C ASN A 60 -5.58 17.25 -16.32
N ILE A 61 -4.36 16.77 -16.10
CA ILE A 61 -3.28 17.62 -15.54
C ILE A 61 -2.59 18.28 -16.73
N GLN A 62 -2.64 19.57 -16.85
CA GLN A 62 -2.07 20.32 -18.00
C GLN A 62 -0.74 20.97 -17.58
N LYS A 63 0.04 21.51 -18.58
CA LYS A 63 1.33 22.10 -18.24
C LYS A 63 1.17 23.16 -17.17
N GLU A 64 2.22 23.18 -16.36
CA GLU A 64 2.37 24.09 -15.26
C GLU A 64 1.44 23.96 -14.10
N SER A 65 0.81 22.79 -14.03
CA SER A 65 -0.07 22.42 -12.91
C SER A 65 0.84 22.18 -11.68
N THR A 66 0.25 22.25 -10.50
CA THR A 66 0.96 21.97 -9.25
C THR A 66 0.29 20.77 -8.56
N LEU A 67 1.06 19.74 -8.22
CA LEU A 67 0.49 18.62 -7.46
C LEU A 67 0.98 18.81 -6.00
N HIS A 68 0.26 18.31 -5.06
CA HIS A 68 0.72 18.43 -3.66
C HIS A 68 1.24 17.05 -3.26
N LEU A 69 2.38 17.02 -2.60
CA LEU A 69 2.96 15.77 -2.10
C LEU A 69 2.83 15.67 -0.60
N VAL A 70 2.10 14.73 -0.09
CA VAL A 70 2.03 14.52 1.38
C VAL A 70 2.81 13.21 1.60
N LEU A 71 3.60 13.15 2.65
CA LEU A 71 4.36 11.93 2.95
C LEU A 71 3.61 11.09 3.95
N ARG A 72 3.55 9.80 3.73
N ARG A 72 3.45 9.79 3.73
N ARG A 72 3.54 9.79 3.73
N ARG A 72 3.54 9.79 3.74
CA ARG A 72 2.83 8.90 4.66
CA ARG A 72 2.68 8.97 4.68
CA ARG A 72 2.82 8.91 4.66
CA ARG A 72 2.84 8.89 4.67
C ARG A 72 3.86 8.50 5.71
C ARG A 72 2.51 7.61 4.01
C ARG A 72 3.87 8.41 5.65
C ARG A 72 3.88 7.89 5.14
N LEU A 73 3.48 8.12 6.89
N LEU A 73 1.71 6.72 4.50
N LEU A 73 4.85 9.17 6.00
N LEU A 73 4.19 7.80 6.39
CA LEU A 73 4.49 7.73 7.90
CA LEU A 73 1.55 5.41 3.83
CA LEU A 73 5.87 8.68 6.97
CA LEU A 73 5.21 6.81 6.84
C LEU A 73 5.43 6.68 7.32
C LEU A 73 0.29 4.72 4.34
C LEU A 73 5.26 8.58 8.35
C LEU A 73 4.71 5.40 6.56
N ARG A 74 6.25 6.14 8.21
N ARG A 74 -0.46 4.21 3.38
N ARG A 74 5.52 7.44 8.98
N ARG A 74 3.42 5.23 6.81
CA ARG A 74 7.24 5.11 7.86
CA ARG A 74 -1.72 3.50 3.67
CA ARG A 74 5.02 7.14 10.32
CA ARG A 74 2.75 3.94 6.63
C ARG A 74 6.50 3.89 7.34
C ARG A 74 -2.10 2.66 2.45
C ARG A 74 3.65 6.47 10.20
C ARG A 74 2.83 3.15 7.93
N GLY A 75 5.39 3.59 7.99
N GLY A 75 -2.82 1.58 2.74
N GLY A 75 3.12 6.08 11.35
N GLY A 75 3.48 3.77 8.91
CA GLY A 75 4.55 2.45 7.66
CA GLY A 75 -3.27 0.63 1.73
CA GLY A 75 1.82 5.42 11.45
CA GLY A 75 3.68 3.19 10.23
C GLY A 75 4.91 1.15 8.37
C GLY A 75 -3.46 -0.79 2.22
C GLY A 75 1.88 3.91 11.55
C GLY A 75 4.30 1.80 10.23
N GLY A 76 4.11 0.15 8.09
N GLY A 76 -4.23 -1.53 1.44
N GLY A 76 3.10 3.44 11.72
N GLY A 76 3.65 0.94 10.99
CA GLY A 76 4.25 -1.22 8.62
CA GLY A 76 -4.56 -2.94 1.67
CA GLY A 76 3.43 2.01 11.88
CA GLY A 76 4.02 -0.48 11.15
C GLY A 76 5.01 -2.07 7.59
C GLY A 76 -6.03 -3.03 2.09
C GLY A 76 3.97 1.50 10.54
C GLY A 76 2.76 -1.28 11.47
N MET B 1 9.21 -9.61 6.05
N MET B 1 -12.21 -12.89 0.15
N MET B 1 -1.61 -6.51 9.36
N MET B 1 -2.99 -0.77 19.63
CA MET B 1 9.31 -8.15 6.27
CA MET B 1 -12.35 -11.43 0.28
CA MET B 1 -0.92 -5.46 8.58
CA MET B 1 -1.80 -0.34 18.85
C MET B 1 9.95 -7.54 4.99
C MET B 1 -13.68 -11.04 -0.43
C MET B 1 -1.81 -5.14 7.36
C MET B 1 -1.33 1.00 19.47
N GLN B 2 9.57 -6.33 4.73
N GLN B 2 -14.27 -10.00 0.09
N GLN B 2 -1.72 -3.92 6.94
N GLN B 2 -0.05 1.20 19.38
CA GLN B 2 10.16 -5.63 3.54
CA GLN B 2 -15.53 -9.52 -0.54
CA GLN B 2 -2.51 -3.51 5.73
CA GLN B 2 0.52 2.48 19.91
C GLN B 2 11.40 -4.86 3.98
C GLN B 2 -15.19 -8.47 -1.59
C GLN B 2 -1.66 -3.73 4.49
C GLN B 2 0.54 3.52 18.79
N ILE B 3 12.43 -4.93 3.16
N ILE B 3 -15.88 -8.56 -2.72
N ILE B 3 -2.30 -4.24 3.45
N ILE B 3 0.18 4.74 19.15
CA ILE B 3 13.64 -4.12 3.38
CA ILE B 3 -15.77 -7.54 -3.77
CA ILE B 3 -1.64 -4.37 2.14
CA ILE B 3 0.29 5.87 18.22
C ILE B 3 13.95 -3.44 2.02
C ILE B 3 -17.23 -7.15 -4.15
C ILE B 3 -2.63 -3.78 1.10
C ILE B 3 1.01 7.00 19.00
N PHE B 4 14.77 -2.42 2.12
N PHE B 4 -17.31 -6.01 -4.80
N PHE B 4 -2.08 -3.48 -0.05
N PHE B 4 1.50 7.94 18.23
CA PHE B 4 15.14 -1.69 0.85
CA PHE B 4 -18.69 -5.56 -5.22
CA PHE B 4 -2.98 -2.91 -1.12
CA PHE B 4 2.22 9.09 18.92
C PHE B 4 16.61 -1.86 0.61
C PHE B 4 -18.76 -5.53 -6.72
C PHE B 4 -3.03 -3.88 -2.28
C PHE B 4 1.45 10.36 18.65
N VAL B 5 17.09 -2.06 -0.62
N VAL B 5 -19.85 -5.94 -7.36
N VAL B 5 -4.16 -4.11 -2.92
N VAL B 5 1.29 11.27 19.60
CA VAL B 5 18.51 -2.14 -0.89
CA VAL B 5 -19.98 -5.84 -8.81
CA VAL B 5 -4.23 -4.96 -4.09
CA VAL B 5 0.64 12.53 19.35
C VAL B 5 18.81 -0.97 -1.85
C VAL B 5 -21.18 -4.89 -9.05
C VAL B 5 -4.71 -4.05 -5.25
C VAL B 5 1.71 13.62 19.62
N LYS B 6 19.56 -0.02 -1.42
N LYS B 6 -20.93 -3.77 -9.61
N LYS B 6 -3.87 -3.83 -6.21
N LYS B 6 2.10 14.33 18.62
CA LYS B 6 19.87 1.17 -2.29
CA LYS B 6 -22.03 -2.77 -9.85
CA LYS B 6 -4.24 -2.93 -7.35
CA LYS B 6 3.17 15.37 18.79
C LYS B 6 21.17 0.92 -2.98
C LYS B 6 -22.53 -2.96 -11.26
C LYS B 6 -4.78 -3.78 -8.47
C LYS B 6 2.49 16.69 19.01
N THR B 7 21.20 1.06 -4.33
N THR B 7 -23.87 -3.14 -11.42
N THR B 7 -5.99 -3.45 -8.98
N THR B 7 2.87 17.41 20.09
CA THR B 7 22.44 0.84 -5.07
CA THR B 7 -24.42 -3.33 -12.76
CA THR B 7 -6.56 -4.24 -10.08
CA THR B 7 2.25 18.72 20.37
C THR B 7 23.10 2.18 -5.39
C THR B 7 -25.01 -2.01 -13.27
C THR B 7 -6.32 -3.52 -11.41
C THR B 7 3.18 19.83 19.89
N LEU B 8 24.32 2.17 -5.89
N LEU B 8 -25.39 -1.93 -14.53
N LEU B 8 -6.60 -4.16 -12.52
N LEU B 8 2.72 21.06 19.88
CA LEU B 8 25.03 3.43 -6.17
CA LEU B 8 -25.92 -0.67 -15.09
CA LEU B 8 -6.35 -3.54 -13.84
CA LEU B 8 3.56 22.18 19.39
C LEU B 8 24.49 4.15 -7.40
C LEU B 8 -27.32 -0.36 -14.60
C LEU B 8 -7.35 -2.44 -14.18
C LEU B 8 4.66 22.56 20.36
N THR B 9 23.56 3.51 -8.14
N THR B 9 -27.95 -1.30 -13.87
N THR B 9 -8.39 -2.26 -13.34
N THR B 9 4.67 21.96 21.56
CA THR B 9 23.06 4.26 -9.33
CA THR B 9 -29.34 -0.94 -13.41
CA THR B 9 -9.34 -1.16 -13.71
CA THR B 9 5.78 22.36 22.48
C THR B 9 21.72 4.88 -9.09
C THR B 9 -29.37 -0.50 -11.98
C THR B 9 -9.11 0.07 -12.90
C THR B 9 6.88 21.36 22.51
N GLY B 10 21.30 4.97 -7.85
N GLY B 10 -28.24 -0.20 -11.42
N GLY B 10 -7.99 0.18 -12.24
N GLY B 10 6.91 20.44 21.58
CA GLY B 10 20.04 5.56 -7.46
CA GLY B 10 -28.11 0.25 -10.05
CA GLY B 10 -7.64 1.32 -11.43
CA GLY B 10 7.91 19.41 21.49
C GLY B 10 18.83 4.70 -7.67
C GLY B 10 -28.20 -0.82 -9.00
C GLY B 10 -8.30 1.40 -10.08
C GLY B 10 7.75 18.25 22.42
N LYS B 11 19.05 3.41 -7.86
N LYS B 11 -28.05 -2.05 -9.41
N LYS B 11 -8.85 0.29 -9.64
N LYS B 11 6.59 18.12 22.99
CA LYS B 11 17.96 2.44 -7.97
CA LYS B 11 -28.00 -3.18 -8.49
CA LYS B 11 -9.43 0.20 -8.31
CA LYS B 11 6.26 16.98 23.84
C LYS B 11 17.80 1.85 -6.56
C LYS B 11 -26.49 -3.46 -8.26
C LYS B 11 -8.33 -0.43 -7.42
C LYS B 11 5.53 15.98 22.92
N THR B 12 16.57 1.67 -6.13
N THR B 12 -26.14 -3.72 -7.01
N THR B 12 -8.18 0.09 -6.22
N THR B 12 5.85 14.71 23.07
CA THR B 12 16.39 1.02 -4.82
CA THR B 12 -24.73 -4.08 -6.76
CA THR B 12 -7.19 -0.54 -5.32
CA THR B 12 5.11 13.72 22.26
C THR B 12 15.58 -0.25 -5.08
C THR B 12 -24.73 -5.49 -6.17
C THR B 12 -7.98 -1.01 -4.09
C THR B 12 4.42 12.78 23.26
N ILE B 13 16.04 -1.37 -4.52
N ILE B 13 -23.89 -6.35 -6.72
N ILE B 13 -7.76 -2.26 -3.70
N ILE B 13 3.13 12.54 23.04
CA ILE B 13 15.23 -2.59 -4.79
CA ILE B 13 -23.91 -7.72 -6.11
CA ILE B 13 -8.52 -2.69 -2.50
CA ILE B 13 2.49 11.62 24.03
C ILE B 13 14.54 -3.01 -3.52
C ILE B 13 -22.63 -7.93 -5.34
C ILE B 13 -7.58 -2.83 -1.33
C ILE B 13 2.19 10.30 23.35
N THR B 14 13.32 -3.48 -3.61
N THR B 14 -22.70 -8.60 -4.22
N THR B 14 -8.01 -2.46 -0.14
N THR B 14 2.36 9.21 24.05
CA THR B 14 12.67 -3.93 -2.35
CA THR B 14 -21.43 -8.84 -3.48
CA THR B 14 -7.07 -2.64 1.01
CA THR B 14 2.01 7.91 23.38
C THR B 14 12.73 -5.43 -2.29
C THR B 14 -20.99 -10.27 -3.75
C THR B 14 -7.49 -3.88 1.77
C THR B 14 0.67 7.47 23.88
N LEU B 15 12.99 -6.01 -1.13
N LEU B 15 -19.70 -10.50 -3.95
N LEU B 15 -6.55 -4.69 2.23
N LEU B 15 -0.18 6.94 23.01
CA LEU B 15 13.10 -7.44 -0.98
CA LEU B 15 -19.20 -11.83 -4.23
CA LEU B 15 -6.87 -5.90 2.94
CA LEU B 15 -1.50 6.49 23.39
C LEU B 15 12.16 -7.89 0.15
C LEU B 15 -18.08 -12.14 -3.22
C LEU B 15 -6.10 -5.88 4.28
C LEU B 15 -1.68 5.04 22.94
N GLU B 16 11.73 -9.12 0.06
N GLU B 16 -17.88 -13.41 -2.98
N GLU B 16 -6.65 -6.58 5.24
N GLU B 16 -2.54 4.33 23.64
CA GLU B 16 10.91 -9.64 1.21
CA GLU B 16 -16.72 -13.78 -2.11
CA GLU B 16 -5.87 -6.70 6.52
CA GLU B 16 -2.85 2.95 23.14
C GLU B 16 11.81 -10.68 1.84
C GLU B 16 -15.78 -14.48 -3.06
C GLU B 16 -5.49 -8.16 6.56
C GLU B 16 -4.28 3.04 22.68
N VAL B 17 12.08 -10.43 3.11
N VAL B 17 -14.59 -13.90 -3.14
N VAL B 17 -4.17 -8.35 6.61
N VAL B 17 -4.43 2.74 21.41
CA VAL B 17 12.97 -11.28 3.90
CA VAL B 17 -13.55 -14.39 -4.03
CA VAL B 17 -3.58 -9.68 6.60
CA VAL B 17 -5.72 2.81 20.74
C VAL B 17 12.43 -11.48 5.32
C VAL B 17 -12.17 -14.34 -3.36
C VAL B 17 -2.40 -9.77 7.59
C VAL B 17 -5.94 1.61 19.80
N GLU B 18 13.10 -12.40 5.98
N GLU B 18 -11.25 -14.95 -4.06
N GLU B 18 -1.97 -11.00 7.74
N GLU B 18 -7.16 1.54 19.34
CA GLU B 18 12.86 -12.71 7.39
CA GLU B 18 -9.82 -14.96 -3.70
CA GLU B 18 -0.80 -11.35 8.53
CA GLU B 18 -7.60 0.57 18.34
C GLU B 18 14.18 -12.45 8.11
C GLU B 18 -9.09 -14.33 -4.87
C GLU B 18 0.17 -12.04 7.58
C GLU B 18 -8.12 1.37 17.16
N PRO B 19 14.10 -11.96 9.33
N PRO B 19 -8.04 -13.58 -4.58
N PRO B 19 1.45 -11.83 7.78
N PRO B 19 -7.89 0.87 15.96
CA PRO B 19 15.28 -11.70 10.15
CA PRO B 19 -7.21 -12.95 -5.61
CA PRO B 19 2.49 -12.47 6.96
CA PRO B 19 -8.36 1.52 14.73
C PRO B 19 16.15 -12.92 10.30
C PRO B 19 -6.70 -13.95 -6.62
C PRO B 19 2.36 -13.98 6.97
C PRO B 19 -9.85 1.77 14.76
N SER B 20 15.57 -14.09 10.15
N SER B 20 -6.61 -15.21 -6.21
N SER B 20 1.74 -14.52 8.00
N SER B 20 -10.57 0.99 15.55
CA SER B 20 16.33 -15.33 10.32
CA SER B 20 -6.06 -16.23 -7.11
CA SER B 20 1.62 -15.98 8.11
CA SER B 20 -12.03 1.14 15.60
C SER B 20 17.14 -15.65 9.09
C SER B 20 -7.11 -16.70 -8.10
C SER B 20 0.49 -16.49 7.24
C SER B 20 -12.44 2.30 16.48
N ASP B 21 16.92 -14.89 8.02
N ASP B 21 -8.35 -16.25 -7.91
N ASP B 21 -0.30 -15.57 6.69
N ASP B 21 -11.46 2.89 17.17
CA ASP B 21 17.70 -15.19 6.78
CA ASP B 21 -9.40 -16.71 -8.87
CA ASP B 21 -1.43 -16.07 5.85
CA ASP B 21 -11.85 4.01 18.06
C ASP B 21 19.14 -14.81 6.98
C ASP B 21 -9.18 -16.06 -10.21
C ASP B 21 -0.90 -16.66 4.56
C ASP B 21 -12.20 5.22 17.23
N THR B 22 20.03 -15.56 6.33
N THR B 22 -9.54 -16.78 -11.26
N THR B 22 -1.60 -17.65 4.05
N THR B 22 -13.12 6.02 17.74
CA THR B 22 21.44 -15.26 6.35
CA THR B 22 -9.48 -16.26 -12.61
CA THR B 22 -1.28 -18.27 2.79
CA THR B 22 -13.52 7.26 17.11
C THR B 22 21.72 -14.20 5.26
C THR B 22 -10.78 -15.45 -12.88
C THR B 22 -1.90 -17.41 1.66
C THR B 22 -12.51 8.35 17.53
N ILE B 23 22.88 -13.54 5.44
N ILE B 23 -10.67 -14.60 -13.89
N ILE B 23 -1.35 -17.61 0.47
N ILE B 23 -12.50 9.40 16.71
CA ILE B 23 23.35 -12.58 4.47
CA ILE B 23 -11.81 -13.81 -14.34
CA ILE B 23 -1.87 -16.96 -0.73
CA ILE B 23 -11.68 10.58 17.00
C ILE B 23 23.57 -13.24 3.11
C ILE B 23 -12.93 -14.73 -14.83
C ILE B 23 -3.31 -17.39 -0.98
C ILE B 23 -12.10 11.21 18.33
N GLU B 24 24.06 -14.46 3.14
N GLU B 24 -12.56 -15.82 -15.47
N GLU B 24 -3.61 -18.64 -0.71
N GLU B 24 -13.38 11.20 18.60
CA GLU B 24 24.26 -15.23 1.87
CA GLU B 24 -13.58 -16.82 -15.92
CA GLU B 24 -5.01 -19.14 -0.86
CA GLU B 24 -13.89 11.73 19.90
C GLU B 24 22.95 -15.35 1.11
C GLU B 24 -14.39 -17.32 -14.75
C GLU B 24 -5.96 -18.33 0.00
C GLU B 24 -13.26 11.00 21.06
N ASN B 25 21.87 -15.59 1.83
N ASN B 25 -13.72 -17.56 -13.62
N ASN B 25 -5.53 -18.00 1.20
N ASN B 25 -13.11 9.69 20.92
CA ASN B 25 20.53 -15.75 1.27
CA ASN B 25 -14.34 -18.06 -12.39
CA ASN B 25 -6.31 -17.22 2.17
CA ASN B 25 -12.53 8.82 21.95
C ASN B 25 20.03 -14.45 0.63
C ASN B 25 -15.32 -17.04 -11.80
C ASN B 25 -6.56 -15.79 1.68
C ASN B 25 -11.05 9.13 22.17
N VAL B 26 20.25 -13.36 1.37
N VAL B 26 -14.86 -15.80 -11.79
N VAL B 26 -5.49 -15.21 1.16
N VAL B 26 -10.36 9.31 21.06
CA VAL B 26 19.87 -12.04 0.88
CA VAL B 26 -15.69 -14.71 -11.28
CA VAL B 26 -5.58 -13.86 0.62
CA VAL B 26 -8.94 9.65 21.11
C VAL B 26 20.56 -11.78 -0.46
C VAL B 26 -16.99 -14.65 -12.09
C VAL B 26 -6.63 -13.83 -0.49
C VAL B 26 -8.76 10.95 21.90
N LYS B 27 21.86 -12.06 -0.50
N LYS B 27 -16.85 -14.72 -13.41
N LYS B 27 -6.56 -14.81 -1.37
N LYS B 27 -9.58 11.93 21.58
CA LYS B 27 22.64 -11.84 -1.73
CA LYS B 27 -18.03 -14.67 -14.29
CA LYS B 27 -7.52 -14.89 -2.49
CA LYS B 27 -9.51 13.23 22.26
C LYS B 27 22.08 -12.69 -2.87
C LYS B 27 -18.97 -15.83 -14.00
C LYS B 27 -8.94 -15.02 -1.97
C LYS B 27 -9.77 13.07 23.75
N ALA B 28 21.65 -13.90 -2.60
N ALA B 28 -18.44 -17.00 -13.71
N ALA B 28 -9.15 -15.76 -0.91
N ALA B 28 -10.67 12.21 24.13
CA ALA B 28 21.04 -14.76 -3.61
CA ALA B 28 -19.26 -18.16 -13.35
CA ALA B 28 -10.48 -15.89 -0.29
CA ALA B 28 -10.95 11.94 25.55
C ALA B 28 19.72 -14.19 -4.10
C ALA B 28 -19.98 -17.94 -12.03
C ALA B 28 -10.94 -14.58 0.31
C ALA B 28 -9.76 11.27 26.22
N LYS B 29 18.91 -13.60 -3.22
N LYS B 29 -19.34 -17.31 -11.05
N LYS B 29 -10.06 -13.80 0.91
N LYS B 29 -9.06 10.37 25.55
CA LYS B 29 17.65 -12.96 -3.64
CA LYS B 29 -20.01 -16.99 -9.77
CA LYS B 29 -10.43 -12.47 1.42
CA LYS B 29 -7.84 9.76 26.10
C LYS B 29 17.93 -11.74 -4.55
C LYS B 29 -21.17 -16.00 -10.00
C LYS B 29 -10.85 -11.52 0.27
C LYS B 29 -6.74 10.81 26.32
N ILE B 30 19.01 -11.03 -4.24
N ILE B 30 -20.96 -15.06 -10.92
N ILE B 30 -10.16 -11.66 -0.86
N ILE B 30 -6.67 11.76 25.39
CA ILE B 30 19.37 -9.85 -5.06
CA ILE B 30 -22.01 -14.06 -11.20
CA ILE B 30 -10.48 -10.80 -2.01
CA ILE B 30 -5.64 12.82 25.52
C ILE B 30 19.84 -10.38 -6.42
C ILE B 30 -23.15 -14.81 -11.92
C ILE B 30 -11.85 -11.27 -2.53
C ILE B 30 -6.07 13.70 26.70
N GLN B 31 20.60 -11.46 -6.43
N GLN B 31 -22.83 -15.73 -12.80
N GLN B 31 -12.10 -12.55 -2.55
N GLN B 31 -7.33 13.97 26.85
CA GLN B 31 21.05 -11.99 -7.76
CA GLN B 31 -23.94 -16.47 -13.49
CA GLN B 31 -13.44 -13.01 -3.05
CA GLN B 31 -7.74 14.83 28.02
C GLN B 31 19.82 -12.38 -8.59
C GLN B 31 -24.75 -17.25 -12.43
C GLN B 31 -14.53 -12.44 -2.14
C GLN B 31 -7.36 14.11 29.33
N ASP B 32 18.96 -13.13 -7.94
N ASP B 32 -24.01 -17.95 -11.60
N ASP B 32 -14.30 -12.63 -0.86
N ASP B 32 -7.75 12.86 29.36
CA ASP B 32 17.71 -13.58 -8.59
CA ASP B 32 -24.63 -18.74 -10.52
CA ASP B 32 -15.26 -12.13 0.15
CA ASP B 32 -7.45 12.01 30.55
C ASP B 32 16.93 -12.43 -9.17
C ASP B 32 -25.55 -17.90 -9.66
C ASP B 32 -15.54 -10.65 -0.03
C ASP B 32 -5.98 12.03 30.88
N LYS B 33 16.85 -11.30 -8.44
N LYS B 33 -25.13 -16.66 -9.34
N LYS B 33 -14.51 -9.85 -0.32
N LYS B 33 -5.10 11.95 29.86
CA LYS B 33 16.00 -10.22 -8.99
CA LYS B 33 -26.00 -15.88 -8.41
CA LYS B 33 -14.79 -8.39 -0.40
CA LYS B 33 -3.66 11.87 30.22
C LYS B 33 16.67 -9.18 -9.81
C LYS B 33 -26.99 -14.97 -9.04
C LYS B 33 -15.13 -7.84 -1.74
C LYS B 33 -2.91 13.16 30.29
N GLU B 34 17.94 -8.89 -9.71
N GLU B 34 -26.86 -14.47 -10.24
N GLU B 34 -14.73 -8.40 -2.85
N GLU B 34 -3.26 14.21 29.62
CA GLU B 34 18.65 -7.90 -10.48
CA GLU B 34 -27.79 -13.58 -10.88
CA GLU B 34 -15.03 -7.90 -4.17
CA GLU B 34 -2.57 15.48 29.66
C GLU B 34 19.83 -8.44 -11.24
C GLU B 34 -28.29 -14.09 -12.21
C GLU B 34 -15.73 -8.90 -5.06
C GLU B 34 -3.43 16.65 30.08
N GLY B 35 20.17 -9.70 -11.03
N GLY B 35 -27.74 -15.19 -12.70
N GLY B 35 -15.88 -10.13 -4.60
N GLY B 35 -4.72 16.42 30.25
CA GLY B 35 21.24 -10.36 -11.73
CA GLY B 35 -28.17 -15.80 -13.92
CA GLY B 35 -16.60 -11.14 -5.32
CA GLY B 35 -5.63 17.44 30.72
C GLY B 35 22.64 -10.13 -11.30
C GLY B 35 -27.69 -15.25 -15.21
C GLY B 35 -15.90 -11.87 -6.40
C GLY B 35 -6.15 18.43 29.76
N ILE B 36 22.84 -9.41 -10.19
N ILE B 36 -26.78 -14.28 -15.17
N ILE B 36 -14.59 -11.62 -6.59
N ILE B 36 -5.83 18.27 28.47
CA ILE B 36 24.21 -9.18 -9.72
CA ILE B 36 -26.28 -13.72 -16.45
CA ILE B 36 -13.88 -12.34 -7.66
CA ILE B 36 -6.35 19.25 27.49
C ILE B 36 24.76 -10.39 -8.99
C ILE B 36 -25.22 -14.63 -17.05
C ILE B 36 -13.50 -13.74 -7.22
C ILE B 36 -7.79 18.95 27.13
N PRO B 37 25.90 -10.91 -9.44
N PRO B 37 -25.42 -15.05 -18.30
N PRO B 37 -13.90 -14.74 -7.98
N PRO B 37 -8.67 19.93 27.29
CA PRO B 37 26.57 -12.06 -8.80
CA PRO B 37 -24.47 -15.89 -19.03
CA PRO B 37 -13.59 -16.16 -7.70
CA PRO B 37 -10.10 19.81 26.96
C PRO B 37 26.86 -11.78 -7.35
C PRO B 37 -23.10 -15.23 -19.11
C PRO B 37 -12.09 -16.37 -7.62
C PRO B 37 -10.28 19.42 25.49
N PRO B 38 26.63 -12.72 -6.46
N PRO B 38 -22.04 -15.97 -18.90
N PRO B 38 -11.61 -17.12 -6.66
N PRO B 38 -11.16 18.50 25.19
CA PRO B 38 26.88 -12.48 -5.03
CA PRO B 38 -20.69 -15.37 -18.95
CA PRO B 38 -10.15 -17.34 -6.53
CA PRO B 38 -11.35 18.09 23.79
C PRO B 38 28.29 -12.08 -4.73
C PRO B 38 -20.39 -14.69 -20.26
C PRO B 38 -9.53 -17.92 -7.77
C PRO B 38 -11.70 19.23 22.87
N ASP B 39 29.25 -12.57 -5.49
N ASP B 39 -20.92 -15.17 -21.35
N ASP B 39 -10.25 -18.73 -8.51
N ASP B 39 -12.41 20.22 23.36
CA ASP B 39 30.68 -12.26 -5.23
CA ASP B 39 -20.62 -14.59 -22.68
CA ASP B 39 -9.68 -19.39 -9.72
CA ASP B 39 -12.84 21.36 22.50
C ASP B 39 31.02 -10.80 -5.48
C ASP B 39 -21.21 -13.19 -22.84
C ASP B 39 -9.40 -18.39 -10.84
C ASP B 39 -11.68 22.22 22.04
N GLN B 40 30.13 -10.10 -6.18
N GLN B 40 -22.13 -12.83 -21.96
N GLN B 40 -9.95 -17.20 -10.73
N GLN B 40 -10.54 22.06 22.69
CA GLN B 40 30.38 -8.67 -6.45
CA GLN B 40 -22.72 -11.47 -22.04
CA GLN B 40 -9.71 -16.17 -11.77
CA GLN B 40 -9.34 22.85 22.29
C GLN B 40 29.67 -7.76 -5.43
C GLN B 40 -22.02 -10.48 -21.09
C GLN B 40 -8.57 -15.21 -11.36
C GLN B 40 -8.43 22.05 21.33
N GLN B 41 28.79 -8.32 -4.62
N GLN B 41 -21.18 -10.96 -20.21
N GLN B 41 -8.13 -15.27 -10.12
N GLN B 41 -8.68 20.77 21.16
CA GLN B 41 28.02 -7.58 -3.65
CA GLN B 41 -20.50 -10.16 -19.23
CA GLN B 41 -7.10 -14.40 -9.60
CA GLN B 41 -7.87 19.91 20.34
C GLN B 41 28.70 -7.33 -2.33
C GLN B 41 -19.22 -9.49 -19.71
C GLN B 41 -5.67 -14.84 -9.85
C GLN B 41 -8.22 19.90 18.87
N ARG B 42 28.67 -6.06 -1.92
N ARG B 42 -19.15 -8.19 -19.46
N ARG B 42 -4.89 -13.90 -10.37
N ARG B 42 -7.18 20.08 18.05
CA ARG B 42 29.14 -5.66 -0.55
CA ARG B 42 -17.89 -7.41 -19.70
CA ARG B 42 -3.42 -14.10 -10.52
CA ARG B 42 -7.32 19.93 16.57
C ARG B 42 27.94 -5.00 0.09
C ARG B 42 -17.52 -6.83 -18.35
C ARG B 42 -2.78 -12.98 -9.72
C ARG B 42 -6.33 18.84 16.19
N LEU B 43 27.39 -5.56 1.16
N LEU B 43 -16.40 -7.20 -17.76
N LEU B 43 -2.04 -13.29 -8.65
N LEU B 43 -6.77 17.70 15.69
CA LEU B 43 26.18 -4.97 1.80
CA LEU B 43 -16.04 -6.69 -16.41
CA LEU B 43 -1.45 -12.21 -7.82
CA LEU B 43 -5.84 16.58 15.36
C LEU B 43 26.58 -4.23 3.07
C LEU B 43 -14.96 -5.62 -16.53
C LEU B 43 0.04 -12.09 -8.11
C LEU B 43 -5.62 16.52 13.86
N ILE B 44 26.10 -3.00 3.19
N ILE B 44 -15.19 -4.48 -15.89
N ILE B 44 0.47 -10.86 -8.36
N ILE B 44 -4.35 16.47 13.46
CA ILE B 44 26.41 -2.12 4.32
CA ILE B 44 -14.29 -3.33 -15.94
CA ILE B 44 1.86 -10.55 -8.70
CA ILE B 44 -3.96 16.45 12.06
C ILE B 44 25.15 -1.66 5.05
C ILE B 44 -13.81 -2.92 -14.56
C ILE B 44 2.49 -9.57 -7.73
C ILE B 44 -3.13 15.22 11.71
N PHE B 45 25.21 -1.80 6.40
N PHE B 45 -12.46 -2.73 -14.46
N PHE B 45 3.72 -9.96 -7.27
N PHE B 45 -3.54 14.55 10.60
CA PHE B 45 24.10 -1.36 7.26
CA PHE B 45 -11.84 -2.28 -13.21
CA PHE B 45 4.50 -9.09 -6.36
CA PHE B 45 -2.81 13.37 10.09
C PHE B 45 24.77 -0.81 8.54
C PHE B 45 -10.68 -1.35 -13.64
C PHE B 45 5.96 -9.29 -6.77
C PHE B 45 -2.90 13.47 8.55
N ALA B 46 24.33 0.38 8.86
N ALA B 46 -10.70 -0.21 -13.01
N ALA B 46 6.58 -8.15 -6.95
N ALA B 46 -1.72 13.34 7.99
CA ALA B 46 24.77 1.10 10.08
CA ALA B 46 -9.68 0.83 -13.19
CA ALA B 46 8.02 -8.05 -7.30
CA ALA B 46 -1.53 13.34 6.53
C ALA B 46 26.29 1.07 10.20
C ALA B 46 -9.43 1.08 -14.67
C ALA B 46 8.37 -9.00 -8.44
C ALA B 46 -2.27 14.49 5.88
N GLY B 47 26.92 1.34 9.10
N GLY B 47 -10.50 1.20 -15.39
N GLY B 47 7.53 -8.96 -9.44
N GLY B 47 -2.10 15.64 6.49
CA GLY B 47 28.34 1.40 8.87
CA GLY B 47 -10.61 1.42 -16.80
CA GLY B 47 7.55 -9.72 -10.64
CA GLY B 47 -2.66 16.91 6.14
C GLY B 47 29.12 0.13 9.09
C GLY B 47 -10.03 0.37 -17.72
C GLY B 47 7.45 -11.23 -10.53
C GLY B 47 -4.16 17.05 6.17
N LYS B 48 28.47 -1.00 9.03
N LYS B 48 -9.85 -0.83 -17.25
N LYS B 48 6.94 -11.72 -9.45
N LYS B 48 -4.84 16.20 6.88
CA LYS B 48 29.14 -2.30 9.16
CA LYS B 48 -9.34 -1.94 -18.07
CA LYS B 48 6.74 -13.16 -9.25
CA LYS B 48 -6.30 16.27 7.01
C LYS B 48 29.00 -3.04 7.82
C LYS B 48 -10.47 -2.97 -18.19
C LYS B 48 5.23 -13.42 -9.17
C LYS B 48 -6.61 16.57 8.49
N GLN B 49 30.00 -3.76 7.41
N GLN B 49 -10.61 -3.59 -19.32
N GLN B 49 4.76 -14.52 -9.71
N GLN B 49 -7.60 17.36 8.76
CA GLN B 49 29.88 -4.59 6.17
CA GLN B 49 -11.61 -4.70 -19.46
CA GLN B 49 3.32 -14.87 -9.56
CA GLN B 49 -8.03 17.59 10.17
C GLN B 49 29.27 -5.89 6.67
C GLN B 49 -10.85 -5.93 -18.98
C GLN B 49 3.27 -15.62 -8.23
C GLN B 49 -8.99 16.44 10.46
N LEU B 50 28.22 -6.37 6.04
N LEU B 50 -11.43 -6.70 -18.10
N LEU B 50 2.37 -15.26 -7.36
N LEU B 50 -8.80 15.74 11.54
CA LEU B 50 27.50 -7.57 6.49
CA LEU B 50 -10.75 -7.87 -17.50
CA LEU B 50 2.29 -15.85 -6.01
CA LEU B 50 -9.61 14.56 11.88
C LEU B 50 28.25 -8.81 6.06
C LEU B 50 -10.80 -9.04 -18.46
C LEU B 50 1.60 -17.20 -6.07
C LEU B 50 -10.95 14.99 12.46
N GLU B 51 28.34 -9.81 6.94
N GLU B 51 -9.70 -9.78 -18.57
N GLU B 51 2.11 -18.19 -5.35
N GLU B 51 -12.03 14.31 12.05
CA GLU B 51 29.10 -11.04 6.60
CA GLU B 51 -9.65 -10.91 -19.52
CA GLU B 51 1.52 -19.55 -5.40
CA GLU B 51 -13.37 14.70 12.52
C GLU B 51 28.14 -12.14 6.23
C GLU B 51 -9.81 -12.21 -18.79
C GLU B 51 0.66 -19.78 -4.19
C GLU B 51 -13.82 13.76 13.61
N ASP B 52 28.44 -12.95 5.23
N ASP B 52 -10.55 -13.16 -19.31
N ASP B 52 -0.48 -20.42 -4.31
N ASP B 52 -14.47 14.23 14.65
CA ASP B 52 27.58 -14.00 4.70
CA ASP B 52 -10.87 -14.44 -18.68
CA ASP B 52 -1.46 -20.65 -3.25
CA ASP B 52 -14.89 13.47 15.82
C ASP B 52 26.91 -15.00 5.62
C ASP B 52 -9.79 -15.29 -18.03
C ASP B 52 -1.02 -21.18 -1.89
C ASP B 52 -15.62 12.15 15.66
N GLY B 53 27.60 -15.47 6.62
N GLY B 53 -8.65 -15.41 -18.67
N GLY B 53 -0.14 -22.15 -1.87
N GLY B 53 -16.55 12.07 14.73
CA GLY B 53 27.10 -16.49 7.57
CA GLY B 53 -7.52 -16.24 -18.20
CA GLY B 53 0.33 -22.82 -0.65
CA GLY B 53 -17.40 10.88 14.50
C GLY B 53 26.27 -15.98 8.70
C GLY B 53 -6.62 -15.62 -17.18
C GLY B 53 1.44 -22.12 0.09
C GLY B 53 -16.80 9.82 13.64
N ARG B 54 26.18 -14.68 8.89
N ARG B 54 -6.77 -14.33 -16.89
N ARG B 54 2.03 -21.07 -0.47
N ARG B 54 -15.66 10.07 13.00
CA ARG B 54 25.33 -14.09 9.95
CA ARG B 54 -5.97 -13.67 -15.83
CA ARG B 54 3.06 -20.29 0.24
CA ARG B 54 -14.97 9.04 12.19
C ARG B 54 23.92 -13.95 9.38
C ARG B 54 -6.68 -13.90 -14.50
C ARG B 54 2.36 -19.24 1.09
C ARG B 54 -14.09 8.22 13.14
N THR B 55 22.96 -13.74 10.24
N THR B 55 -5.98 -13.64 -13.43
N THR B 55 3.09 -18.65 2.00
N THR B 55 -13.63 7.08 12.66
CA THR B 55 21.54 -13.50 9.87
CA THR B 55 -6.52 -13.74 -12.05
CA THR B 55 2.59 -17.56 2.89
CA THR B 55 -12.73 6.18 13.41
C THR B 55 21.27 -11.99 10.02
C THR B 55 -6.77 -12.30 -11.56
C THR B 55 3.19 -16.24 2.35
C THR B 55 -11.32 6.36 12.79
N LEU B 56 20.17 -11.54 9.45
N LEU B 56 -7.53 -12.18 -10.48
N LEU B 56 2.63 -15.14 2.80
N LEU B 56 -10.31 5.89 13.51
CA LEU B 56 19.74 -10.14 9.55
CA LEU B 56 -7.81 -10.88 -9.85
CA LEU B 56 3.12 -13.80 2.43
CA LEU B 56 -8.92 5.94 13.04
C LEU B 56 19.49 -9.84 11.03
C LEU B 56 -6.48 -10.28 -9.39
C LEU B 56 4.55 -13.66 2.93
C LEU B 56 -8.83 5.11 11.76
N SER B 57 18.96 -10.82 11.79
N SER B 57 -5.55 -11.13 -8.91
N SER B 57 4.85 -14.25 4.10
N SER B 57 -9.58 4.00 11.68
CA SER B 57 18.71 -10.52 13.22
CA SER B 57 -4.27 -10.56 -8.45
CA SER B 57 6.25 -14.11 4.60
CA SER B 57 -9.48 3.19 10.44
C SER B 57 19.98 -10.22 13.98
C SER B 57 -3.50 -9.89 -9.56
C SER B 57 7.25 -14.78 3.68
C SER B 57 -9.97 3.95 9.23
N ASP B 58 21.08 -10.82 13.55
N ASP B 58 -3.66 -10.38 -10.78
N ASP B 58 6.83 -15.82 2.99
N ASP B 58 -10.89 4.87 9.41
CA ASP B 58 22.39 -10.60 14.22
CA ASP B 58 -2.97 -9.80 -11.95
CA ASP B 58 7.74 -16.54 2.05
CA ASP B 58 -11.43 5.68 8.29
C ASP B 58 22.73 -9.11 14.28
C ASP B 58 -3.26 -8.30 -12.08
C ASP B 58 8.32 -15.58 1.02
C ASP B 58 -10.30 6.40 7.56
N TYR B 59 22.41 -8.43 13.20
N TYR B 59 -4.48 -7.95 -11.81
N TYR B 59 7.49 -14.68 0.57
N TYR B 59 -9.36 6.87 8.31
CA TYR B 59 22.64 -6.99 13.05
CA TYR B 59 -4.97 -6.58 -11.85
CA TYR B 59 7.84 -13.65 -0.41
CA TYR B 59 -8.18 7.59 7.82
C TYR B 59 21.45 -6.16 13.50
C TYR B 59 -4.85 -5.87 -10.51
C TYR B 59 8.35 -12.37 0.23
C TYR B 59 -7.00 6.67 7.56
N ASN B 60 20.39 -6.72 14.05
N ASN B 60 -4.26 -6.44 -9.48
N ASN B 60 8.53 -12.27 1.52
N ASN B 60 -7.11 5.36 7.68
CA ASN B 60 19.26 -5.86 14.47
CA ASN B 60 -4.17 -5.71 -8.19
CA ASN B 60 9.02 -11.01 2.10
CA ASN B 60 -5.94 4.51 7.41
C ASN B 60 18.70 -5.07 13.29
C ASN B 60 -5.55 -5.31 -7.69
C ASN B 60 8.10 -9.85 1.75
C ASN B 60 -4.76 4.88 8.30
N ILE B 61 18.51 -5.72 12.17
N ILE B 61 -6.49 -6.23 -7.73
N ILE B 61 6.80 -10.05 1.89
N ILE B 61 -5.03 5.07 9.58
CA ILE B 61 17.89 -5.06 10.98
CA ILE B 61 -7.85 -5.97 -7.16
CA ILE B 61 5.82 -8.95 1.66
CA ILE B 61 -3.94 5.34 10.56
C ILE B 61 16.39 -5.26 11.13
C ILE B 61 -7.78 -6.38 -5.70
C ILE B 61 5.65 -8.25 3.01
C ILE B 61 -3.46 3.97 11.07
N GLN B 62 15.62 -4.22 11.27
N GLN B 62 -7.96 -5.47 -4.79
N GLN B 62 6.00 -7.00 3.10
N GLN B 62 -2.24 3.62 10.82
CA GLN B 62 14.15 -4.30 11.50
CA GLN B 62 -7.85 -5.73 -3.32
CA GLN B 62 5.96 -6.22 4.38
CA GLN B 62 -1.68 2.28 11.19
C GLN B 62 13.42 -3.95 10.20
C GLN B 62 -9.26 -5.82 -2.71
C GLN B 62 4.75 -5.29 4.35
C GLN B 62 -0.78 2.43 12.42
N LYS B 63 12.11 -4.17 10.15
N LYS B 63 -9.36 -6.25 -1.46
N LYS B 63 4.43 -4.67 5.49
N LYS B 63 -0.37 1.31 13.02
CA LYS B 63 11.32 -3.93 8.95
CA LYS B 63 -10.63 -6.44 -0.80
CA LYS B 63 3.26 -3.82 5.61
CA LYS B 63 0.42 1.33 14.24
C LYS B 63 11.54 -2.50 8.49
C LYS B 63 -11.43 -5.13 -0.86
C LYS B 63 3.33 -2.73 4.54
C LYS B 63 1.66 2.18 14.01
N GLU B 64 11.57 -2.39 7.16
N GLU B 64 -12.74 -5.33 -1.04
N GLU B 64 2.13 -2.43 4.05
N GLU B 64 2.00 2.89 15.10
CA GLU B 64 11.73 -1.16 6.42
CA GLU B 64 -13.74 -4.29 -1.12
CA GLU B 64 1.86 -1.44 3.04
CA GLU B 64 3.14 3.77 15.20
C GLU B 64 13.06 -0.46 6.52
C GLU B 64 -13.70 -3.39 -2.32
C GLU B 64 2.39 -1.70 1.65
C GLU B 64 3.13 5.03 14.36
N SER B 65 14.05 -1.21 6.95
N SER B 65 -13.02 -3.86 -3.35
N SER B 65 2.69 -2.95 1.40
N SER B 65 1.94 5.39 13.93
CA SER B 65 15.44 -0.76 7.01
CA SER B 65 -12.96 -3.17 -4.65
CA SER B 65 3.12 -3.44 0.08
CA SER B 65 1.68 6.64 13.20
C SER B 65 15.96 -0.64 5.56
C SER B 65 -14.34 -3.31 -5.32
C SER B 65 1.88 -3.39 -0.86
C SER B 65 1.83 7.80 14.20
N THR B 66 17.01 0.12 5.36
N THR B 66 -14.63 -2.46 -6.27
N THR B 66 2.11 -3.38 -2.14
N THR B 66 2.06 8.99 13.70
CA THR B 66 17.65 0.26 4.05
CA THR B 66 -15.88 -2.53 -7.04
CA THR B 66 1.03 -3.43 -3.13
CA THR B 66 2.15 10.20 14.54
C THR B 66 19.10 -0.22 4.17
C THR B 66 -15.53 -2.72 -8.51
C THR B 66 1.21 -4.69 -3.99
C THR B 66 1.05 11.17 14.10
N LEU B 67 19.52 -1.15 3.31
N LEU B 67 -16.10 -3.75 -9.15
N LEU B 67 0.16 -5.51 -4.09
N LEU B 67 0.22 11.64 15.03
CA LEU B 67 20.92 -1.57 3.29
CA LEU B 67 -15.88 -3.93 -10.60
CA LEU B 67 0.23 -6.68 -4.99
CA LEU B 67 -0.78 12.65 14.70
C LEU B 67 21.56 -0.87 2.07
C LEU B 67 -17.18 -3.44 -11.27
C LEU B 67 -0.58 -6.30 -6.24
C LEU B 67 -0.23 13.98 15.24
N HIS B 68 22.83 -0.66 2.10
N HIS B 68 -17.10 -3.02 -12.49
N HIS B 68 -0.30 -6.88 -7.35
N HIS B 68 -0.62 15.07 14.68
CA HIS B 68 23.48 -0.03 0.92
CA HIS B 68 -18.34 -2.59 -13.19
CA HIS B 68 -1.09 -6.57 -8.56
CA HIS B 68 -0.14 16.38 15.22
C HIS B 68 24.24 -1.15 0.22
C HIS B 68 -18.68 -3.71 -14.17
C HIS B 68 -2.00 -7.79 -8.80
C HIS B 68 -1.33 16.98 15.97
N LEU B 69 24.14 -1.21 -1.10
N LEU B 69 -19.94 -4.09 -14.23
N LEU B 69 -3.26 -7.54 -9.09
N LEU B 69 -1.07 17.52 17.14
CA LEU B 69 24.87 -2.18 -1.90
CA LEU B 69 -20.41 -5.08 -15.19
CA LEU B 69 -4.20 -8.60 -9.41
CA LEU B 69 -2.10 18.19 17.93
C LEU B 69 26.00 -1.55 -2.65
C LEU B 69 -21.19 -4.47 -16.30
C LEU B 69 -4.52 -8.64 -10.88
C LEU B 69 -1.90 19.68 17.92
N VAL B 70 27.22 -1.87 -2.38
N VAL B 70 -20.75 -4.52 -17.51
N VAL B 70 -4.19 -9.67 -11.58
N VAL B 70 -2.80 20.44 17.38
CA VAL B 70 28.37 -1.35 -3.17
CA VAL B 70 -21.56 -4.02 -18.66
CA VAL B 70 -4.58 -9.80 -13.01
CA VAL B 70 -2.71 21.93 17.44
C VAL B 70 28.83 -2.56 -3.99
C VAL B 70 -22.00 -5.30 -19.38
C VAL B 70 -5.67 -10.89 -12.99
C VAL B 70 -3.82 22.32 18.43
N LEU B 71 29.18 -2.36 -5.24
N LEU B 71 -23.23 -5.33 -19.85
N LEU B 71 -6.71 -10.72 -13.77
N LEU B 71 -3.56 23.28 19.29
CA LEU B 71 29.68 -3.47 -6.08
CA LEU B 71 -23.72 -6.51 -20.59
CA LEU B 71 -7.78 -11.74 -13.84
CA LEU B 71 -4.58 23.74 20.25
C LEU B 71 31.18 -3.49 -6.07
C LEU B 71 -23.58 -6.29 -22.08
C LEU B 71 -7.54 -12.65 -15.01
C LEU B 71 -5.28 24.95 19.70
N MET A 1 6.38 18.40 -20.67
CA MET A 1 5.74 19.56 -20.05
C MET A 1 6.28 19.67 -18.60
N GLN A 2 6.34 20.88 -18.14
CA GLN A 2 6.81 21.11 -16.74
C GLN A 2 5.61 21.10 -15.81
N ILE A 3 5.80 20.45 -14.66
CA ILE A 3 4.77 20.47 -13.61
C ILE A 3 5.53 20.83 -12.30
N PHE A 4 4.75 21.23 -11.33
CA PHE A 4 5.40 21.59 -10.01
C PHE A 4 4.91 20.64 -8.96
N VAL A 5 5.74 20.16 -8.03
CA VAL A 5 5.27 19.32 -6.95
C VAL A 5 5.58 20.10 -5.65
N LYS A 6 4.57 20.50 -4.95
CA LYS A 6 4.78 21.30 -3.70
C LYS A 6 4.77 20.35 -2.53
N THR A 7 5.82 20.41 -1.68
CA THR A 7 5.88 19.52 -0.51
C THR A 7 5.42 20.27 0.74
N LEU A 8 5.24 19.58 1.84
CA LEU A 8 4.74 20.24 3.07
C LEU A 8 5.81 21.08 3.74
N THR A 9 7.06 21.03 3.24
CA THR A 9 8.08 21.90 3.94
C THR A 9 8.35 23.16 3.18
N GLY A 10 7.52 23.50 2.24
CA GLY A 10 7.67 24.69 1.43
C GLY A 10 8.68 24.63 0.33
N LYS A 11 9.10 23.43 0.00
CA LYS A 11 10.01 23.21 -1.12
C LYS A 11 9.11 22.84 -2.31
N THR A 12 9.42 23.38 -3.48
CA THR A 12 8.62 22.98 -4.66
C THR A 12 9.61 22.35 -5.64
N ILE A 13 9.25 21.19 -6.17
CA ILE A 13 10.23 20.60 -7.13
C ILE A 13 9.65 20.67 -8.52
N THR A 14 10.47 20.94 -9.51
CA THR A 14 9.89 20.97 -10.89
C THR A 14 10.25 19.66 -11.57
N LEU A 15 9.33 19.09 -12.33
CA LEU A 15 9.58 17.83 -13.01
C LEU A 15 9.25 18.02 -14.49
N GLU A 16 9.89 17.22 -15.31
CA GLU A 16 9.51 17.26 -16.76
C GLU A 16 8.85 15.92 -17.00
N VAL A 17 7.60 16.03 -17.42
CA VAL A 17 6.77 14.86 -17.67
C VAL A 17 5.93 15.04 -18.95
N GLU A 18 5.32 13.93 -19.31
CA GLU A 18 4.37 13.84 -20.41
C GLU A 18 3.06 13.38 -19.82
N PRO A 19 1.95 13.87 -20.34
CA PRO A 19 0.61 13.47 -19.90
C PRO A 19 0.43 11.98 -19.97
N SER A 20 1.19 11.31 -20.81
CA SER A 20 1.03 9.85 -20.98
C SER A 20 1.72 9.11 -19.87
N ASP A 21 2.49 9.83 -19.05
CA ASP A 21 3.19 9.10 -17.96
C ASP A 21 2.21 8.63 -16.92
N THR A 22 2.51 7.52 -16.30
CA THR A 22 1.71 6.99 -15.21
C THR A 22 2.16 7.68 -13.91
N ILE A 23 1.25 7.61 -12.94
CA ILE A 23 1.52 8.13 -11.60
C ILE A 23 2.72 7.40 -10.98
N GLU A 24 2.80 6.12 -11.24
CA GLU A 24 3.98 5.32 -10.73
C GLU A 24 5.27 5.90 -11.23
N CYS A 25 5.30 6.34 -12.52
CA CYS A 25 6.50 6.91 -13.13
C CYS A 25 6.85 8.24 -12.50
N VAL A 26 5.82 9.05 -12.28
CA VAL A 26 6.04 10.34 -11.65
C VAL A 26 6.71 10.15 -10.29
N LYS A 27 6.18 9.20 -9.52
CA LYS A 27 6.74 8.92 -8.19
C LYS A 27 8.19 8.48 -8.29
N ALA A 28 8.54 7.70 -9.30
CA ALA A 28 9.92 7.29 -9.53
C ALA A 28 10.80 8.47 -9.89
N LYS A 29 10.31 9.43 -10.66
CA LYS A 29 11.09 10.64 -10.97
C LYS A 29 11.35 11.47 -9.69
N ILE A 30 10.35 11.49 -8.81
CA ILE A 30 10.50 12.25 -7.55
C ILE A 30 11.53 11.50 -6.70
N GLN A 31 11.49 10.19 -6.69
CA GLN A 31 12.50 9.45 -5.86
C GLN A 31 13.90 9.76 -6.40
N ASP A 32 14.01 9.63 -7.70
CA ASP A 32 15.30 9.91 -8.37
C ASP A 32 15.83 11.29 -8.03
N LYS A 33 14.94 12.30 -7.98
CA LYS A 33 15.50 13.66 -7.74
C LYS A 33 15.53 14.13 -6.33
N GLU A 34 14.74 13.67 -5.41
CA GLU A 34 14.73 14.09 -4.02
C GLU A 34 14.92 12.96 -3.04
N GLY A 35 14.94 11.73 -3.52
CA GLY A 35 15.18 10.58 -2.69
C GLY A 35 14.07 10.02 -1.89
N ILE A 36 12.84 10.55 -2.06
CA ILE A 36 11.72 10.01 -1.29
C ILE A 36 11.20 8.72 -1.91
N PRO A 37 11.15 7.65 -1.13
CA PRO A 37 10.64 6.34 -1.58
C PRO A 37 9.21 6.46 -2.09
N PRO A 38 8.88 5.84 -3.19
CA PRO A 38 7.51 5.95 -3.73
C PRO A 38 6.45 5.52 -2.76
N ASP A 39 6.74 4.57 -1.90
CA ASP A 39 5.72 4.05 -0.95
C ASP A 39 5.34 5.08 0.11
N GLN A 40 6.16 6.11 0.23
CA GLN A 40 5.83 7.18 1.22
C GLN A 40 5.08 8.36 0.58
N GLN A 41 5.02 8.40 -0.74
CA GLN A 41 4.40 9.48 -1.46
C GLN A 41 2.90 9.36 -1.66
N ARG A 42 2.21 10.46 -1.32
CA ARG A 42 0.75 10.57 -1.60
C ARG A 42 0.62 11.80 -2.48
N LEU A 43 0.18 11.67 -3.73
CA LEU A 43 0.09 12.84 -4.63
C LEU A 43 -1.35 13.30 -4.76
N ILE A 44 -1.57 14.59 -4.57
CA ILE A 44 -2.91 15.19 -4.61
C ILE A 44 -3.02 16.28 -5.66
N PHE A 45 -4.11 16.19 -6.46
CA PHE A 45 -4.39 17.20 -7.50
C PHE A 45 -5.92 17.33 -7.53
N ALA A 46 -6.32 18.58 -7.46
CA ALA A 46 -7.74 18.98 -7.52
C ALA A 46 -8.59 18.14 -6.58
N GLY A 47 -8.08 17.99 -5.40
CA GLY A 47 -8.62 17.24 -4.29
C GLY A 47 -8.80 15.76 -4.47
N CYS A 48 -8.13 15.15 -5.41
CA CYS A 48 -8.12 13.71 -5.63
C CYS A 48 -6.78 13.12 -5.25
N GLN A 49 -6.74 11.97 -4.70
CA GLN A 49 -5.43 11.30 -4.47
C GLN A 49 -5.16 10.55 -5.77
N LEU A 50 -3.98 10.72 -6.33
CA LEU A 50 -3.65 10.11 -7.64
C LEU A 50 -3.29 8.65 -7.46
N GLU A 51 -3.77 7.80 -8.37
CA GLU A 51 -3.53 6.34 -8.25
C GLU A 51 -2.42 5.92 -9.18
N ASP A 52 -1.53 5.06 -8.79
CA ASP A 52 -0.35 4.62 -9.54
C ASP A 52 -0.48 4.20 -10.99
N GLY A 53 -1.50 3.45 -11.32
CA GLY A 53 -1.74 2.91 -12.67
C GLY A 53 -2.40 3.82 -13.65
N ARG A 54 -2.89 4.98 -13.21
CA ARG A 54 -3.49 5.96 -14.13
C ARG A 54 -2.37 6.83 -14.68
N THR A 55 -2.66 7.57 -15.72
CA THR A 55 -1.72 8.53 -16.36
C THR A 55 -2.16 9.94 -15.93
N LEU A 56 -1.27 10.90 -16.12
CA LEU A 56 -1.55 12.31 -15.83
C LEU A 56 -2.72 12.75 -16.70
N SER A 57 -2.80 12.25 -17.95
CA SER A 57 -3.93 12.69 -18.80
C SER A 57 -5.26 12.26 -18.24
N ASP A 58 -5.29 11.15 -17.53
CA ASP A 58 -6.56 10.64 -16.93
C ASP A 58 -7.20 11.71 -16.05
N TYR A 59 -6.37 12.41 -15.33
CA TYR A 59 -6.76 13.49 -14.42
C TYR A 59 -6.79 14.84 -15.09
N ASN A 60 -6.55 14.98 -16.38
CA ASN A 60 -6.58 16.32 -16.99
C ASN A 60 -5.58 17.25 -16.32
N ILE A 61 -4.36 16.77 -16.10
CA ILE A 61 -3.28 17.62 -15.54
C ILE A 61 -2.59 18.28 -16.73
N GLN A 62 -2.64 19.57 -16.85
CA GLN A 62 -2.07 20.32 -18.00
C GLN A 62 -0.74 20.97 -17.58
N LYS A 63 0.04 21.51 -18.58
CA LYS A 63 1.33 22.10 -18.24
C LYS A 63 1.17 23.16 -17.17
N GLU A 64 2.22 23.18 -16.36
CA GLU A 64 2.37 24.09 -15.26
C GLU A 64 1.44 23.96 -14.10
N SER A 65 0.81 22.79 -14.03
CA SER A 65 -0.07 22.42 -12.91
C SER A 65 0.84 22.18 -11.68
N THR A 66 0.25 22.25 -10.50
CA THR A 66 0.96 21.97 -9.25
C THR A 66 0.29 20.77 -8.56
N LEU A 67 1.06 19.74 -8.22
CA LEU A 67 0.49 18.62 -7.46
C LEU A 67 0.98 18.81 -6.00
N HIS A 68 0.26 18.31 -5.06
CA HIS A 68 0.72 18.43 -3.66
C HIS A 68 1.24 17.05 -3.26
N LEU A 69 2.38 17.02 -2.60
CA LEU A 69 2.96 15.77 -2.10
C LEU A 69 2.83 15.67 -0.60
N VAL A 70 2.10 14.73 -0.09
CA VAL A 70 2.03 14.52 1.38
C VAL A 70 2.81 13.21 1.60
N LEU A 71 3.60 13.15 2.65
CA LEU A 71 4.36 11.93 2.95
C LEU A 71 3.61 11.09 3.95
N ARG A 72 3.54 9.80 3.74
N ARG A 72 3.48 9.78 3.70
N ARG A 72 3.55 9.80 3.74
N ARG A 72 3.55 9.80 3.74
CA ARG A 72 2.82 8.92 4.67
CA ARG A 72 2.74 8.85 4.58
CA ARG A 72 2.82 8.92 4.68
CA ARG A 72 2.84 8.91 4.68
C ARG A 72 3.82 8.58 5.78
C ARG A 72 2.24 7.73 3.67
C ARG A 72 3.66 8.93 5.96
C ARG A 72 3.86 8.56 5.76
N LEU A 73 3.80 9.24 6.90
N LEU A 73 1.03 7.72 3.23
N LEU A 73 4.78 9.55 6.02
N LEU A 73 3.48 8.34 6.98
CA LEU A 73 4.78 8.91 7.96
CA LEU A 73 0.56 6.61 2.37
CA LEU A 73 5.58 9.54 7.27
CA LEU A 73 4.48 8.01 8.02
C LEU A 73 4.54 7.49 8.46
C LEU A 73 0.53 5.31 3.17
C LEU A 73 5.90 8.11 7.67
C LEU A 73 5.03 6.60 7.79
N ARG A 74 3.25 7.18 8.58
N ARG A 74 -0.67 4.76 3.25
N ARG A 74 6.95 8.00 8.46
N ARG A 74 6.30 6.47 8.12
CA ARG A 74 2.81 5.87 9.07
CA ARG A 74 -0.91 3.51 3.99
CA ARG A 74 7.43 6.69 8.95
CA ARG A 74 7.02 5.19 7.95
C ARG A 74 2.77 4.89 7.90
C ARG A 74 -2.32 3.02 3.69
C ARG A 74 6.54 6.25 10.11
C ARG A 74 6.43 4.17 8.92
N GLY A 75 3.94 4.69 7.32
N GLY A 75 -2.44 1.72 3.52
N GLY A 75 6.05 5.02 9.99
N GLY A 75 6.07 3.02 8.36
CA GLY A 75 4.12 3.79 6.18
CA GLY A 75 -3.71 1.06 3.22
CA GLY A 75 5.16 4.41 10.98
CA GLY A 75 5.48 1.92 9.11
C GLY A 75 4.44 2.35 6.52
C GLY A 75 -3.62 -0.46 3.05
C GLY A 75 5.08 2.90 10.93
C GLY A 75 6.47 0.89 9.62
N GLY A 76 4.49 2.12 7.83
N GLY A 76 -4.78 -1.02 2.76
N GLY A 76 6.26 2.30 10.89
N GLY A 76 5.90 -0.21 10.07
CA GLY A 76 4.77 0.81 8.43
CA GLY A 76 -4.97 -2.46 2.54
CA GLY A 76 6.47 0.86 10.86
CA GLY A 76 6.63 -1.38 10.61
C GLY A 76 6.27 0.71 8.70
C GLY A 76 -6.35 -2.86 3.09
C GLY A 76 6.87 0.46 9.42
C GLY A 76 6.66 -1.25 12.15
N MET B 1 9.73 -6.79 7.22
N MET B 1 -12.36 -12.86 0.70
N MET B 1 -1.25 -6.17 9.53
N MET B 1 -1.49 -1.03 19.51
CA MET B 1 9.99 -5.35 7.19
CA MET B 1 -12.48 -11.39 0.84
CA MET B 1 -0.59 -5.12 8.72
CA MET B 1 -0.34 -0.38 18.86
C MET B 1 10.55 -5.03 5.78
C MET B 1 -13.80 -10.99 0.12
C MET B 1 -1.51 -4.84 7.51
C MET B 1 -0.10 0.96 19.61
N GLN B 2 10.26 -3.83 5.35
N GLN B 2 -14.37 -9.95 0.63
N GLN B 2 -1.45 -3.62 7.06
N GLN B 2 1.14 1.35 19.63
CA GLN B 2 10.78 -3.39 4.02
CA GLN B 2 -15.64 -9.44 0.01
CA GLN B 2 -2.26 -3.24 5.86
CA GLN B 2 1.48 2.65 20.28
C GLN B 2 12.12 -2.71 4.23
C GLN B 2 -15.28 -8.40 -1.06
C GLN B 2 -1.43 -3.46 4.61
C GLN B 2 1.43 3.76 19.24
N ILE B 3 13.05 -3.02 3.33
N ILE B 3 -15.98 -8.49 -2.19
N ILE B 3 -2.08 -4.02 3.59
N ILE B 3 0.87 4.89 19.64
CA ILE B 3 14.35 -2.33 3.32
CA ILE B 3 -15.84 -7.46 -3.24
CA ILE B 3 -1.43 -4.16 2.27
CA ILE B 3 0.88 6.09 18.79
C ILE B 3 14.58 -1.90 1.83
C ILE B 3 -17.29 -7.05 -3.61
C ILE B 3 -2.45 -3.60 1.24
C ILE B 3 1.36 7.25 19.70
N PHE B 4 15.50 -0.97 1.69
N PHE B 4 -17.36 -5.93 -4.28
N PHE B 4 -1.93 -3.32 0.07
N PHE B 4 1.77 8.30 19.03
CA PHE B 4 15.80 -0.50 0.29
CA PHE B 4 -18.73 -5.45 -4.70
CA PHE B 4 -2.84 -2.78 -0.99
CA PHE B 4 2.24 9.49 19.84
C PHE B 4 17.22 -0.87 -0.05
C PHE B 4 -18.80 -5.42 -6.19
C PHE B 4 -2.90 -3.76 -2.13
C PHE B 4 1.33 10.65 19.59
N VAL B 5 17.54 -1.32 -1.27
N VAL B 5 -19.89 -5.82 -6.84
N VAL B 5 -4.04 -4.03 -2.76
N VAL B 5 0.96 11.47 20.58
CA VAL B 5 18.92 -1.59 -1.65
CA VAL B 5 -20.02 -5.72 -8.29
CA VAL B 5 -4.11 -4.90 -3.91
CA VAL B 5 0.15 12.64 20.34
C VAL B 5 19.22 -0.62 -2.81
C VAL B 5 -21.21 -4.76 -8.53
C VAL B 5 -4.61 -4.02 -5.08
C VAL B 5 1.02 13.84 20.77
N LYS B 6 20.10 0.29 -2.61
N LYS B 6 -20.94 -3.64 -9.10
N LYS B 6 -3.81 -3.81 -6.05
N LYS B 6 1.38 14.66 19.85
CA LYS B 6 20.43 1.30 -3.68
CA LYS B 6 -22.02 -2.62 -9.34
CA LYS B 6 -4.21 -2.93 -7.20
CA LYS B 6 2.28 15.83 20.18
C LYS B 6 21.63 0.80 -4.44
C LYS B 6 -22.52 -2.81 -10.75
C LYS B 6 -4.75 -3.81 -8.30
C LYS B 6 1.40 17.03 20.42
N THR B 7 21.52 0.72 -5.79
N THR B 7 -23.86 -2.97 -10.91
N THR B 7 -5.96 -3.50 -8.79
N THR B 7 1.58 17.71 21.57
CA THR B 7 22.65 0.24 -6.59
CA THR B 7 -24.42 -3.15 -12.25
CA THR B 7 -6.55 -4.33 -9.87
CA THR B 7 0.76 18.89 21.87
C THR B 7 23.40 1.45 -7.18
C THR B 7 -24.99 -1.82 -12.75
C THR B 7 -6.33 -3.62 -11.21
C THR B 7 1.55 20.16 21.54
N LEU B 8 24.54 1.23 -7.79
N LEU B 8 -25.36 -1.75 -14.01
N LEU B 8 -6.62 -4.29 -12.31
N LEU B 8 0.92 21.32 21.57
CA LEU B 8 25.35 2.34 -8.34
CA LEU B 8 -25.87 -0.48 -14.59
CA LEU B 8 -6.41 -3.69 -13.65
CA LEU B 8 1.61 22.58 21.22
C LEU B 8 24.75 2.90 -9.61
C LEU B 8 -27.27 -0.15 -14.11
C LEU B 8 -7.42 -2.62 -13.98
C LEU B 8 2.57 23.04 22.29
N THR B 9 23.69 2.27 -10.15
N THR B 9 -27.92 -1.07 -13.37
N THR B 9 -8.45 -2.44 -13.14
N THR B 9 2.58 22.36 23.45
CA THR B 9 23.13 2.87 -11.40
CA THR B 9 -29.30 -0.70 -12.91
CA THR B 9 -9.42 -1.37 -13.50
CA THR B 9 3.55 22.85 24.49
C THR B 9 21.90 3.67 -11.14
C THR B 9 -29.32 -0.26 -11.48
C THR B 9 -9.20 -0.11 -12.73
C THR B 9 4.78 22.00 24.56
N GLY B 10 21.63 4.00 -9.92
N GLY B 10 -28.19 0.03 -10.92
N GLY B 10 -8.08 0.02 -12.08
N GLY B 10 5.01 21.18 23.58
CA GLY B 10 20.47 4.77 -9.52
CA GLY B 10 -28.06 0.47 -9.55
CA GLY B 10 -7.73 1.18 -11.29
CA GLY B 10 6.15 20.31 23.50
C GLY B 10 19.17 4.02 -9.47
C GLY B 10 -28.16 -0.58 -8.50
C GLY B 10 -8.37 1.28 -9.95
C GLY B 10 6.10 19.07 24.35
N LYS B 11 19.24 2.72 -9.46
N LYS B 11 -28.03 -1.82 -8.91
N LYS B 11 -8.90 0.18 -9.47
N LYS B 11 4.93 18.73 24.80
CA LYS B 11 18.07 1.87 -9.31
CA LYS B 11 -28.00 -2.95 -7.99
CA LYS B 11 -9.46 0.09 -8.12
CA LYS B 11 4.69 17.50 25.56
C LYS B 11 18.01 1.52 -7.81
C LYS B 11 -26.50 -3.24 -7.75
C LYS B 11 -8.34 -0.50 -7.26
C LYS B 11 4.20 16.47 24.52
N THR B 12 16.81 1.55 -7.25
N THR B 12 -26.15 -3.51 -6.50
N THR B 12 -8.17 0.04 -6.06
N THR B 12 4.70 15.26 24.61
CA THR B 12 16.71 1.14 -5.84
CA THR B 12 -24.74 -3.88 -6.25
CA THR B 12 -7.16 -0.56 -5.16
CA THR B 12 4.17 14.22 23.69
C THR B 12 15.76 -0.06 -5.82
C THR B 12 -24.78 -5.29 -5.65
C THR B 12 -7.92 -1.01 -3.92
C THR B 12 3.56 13.13 24.57
N ILE B 13 16.16 -1.13 -5.13
N ILE B 13 -23.93 -6.17 -6.20
N ILE B 13 -7.66 -2.25 -3.50
N ILE B 13 2.34 12.73 24.23
CA ILE B 13 15.22 -2.27 -5.11
CA ILE B 13 -23.98 -7.54 -5.60
CA ILE B 13 -8.41 -2.67 -2.28
CA ILE B 13 1.76 11.66 25.10
C ILE B 13 14.63 -2.41 -3.74
C ILE B 13 -22.70 -7.77 -4.82
C ILE B 13 -7.45 -2.78 -1.13
C ILE B 13 1.71 10.37 24.33
N THR B 14 13.36 -2.76 -3.64
N THR B 14 -22.79 -8.43 -3.69
N THR B 14 -7.86 -2.38 0.06
N THR B 14 1.99 9.26 24.97
CA THR B 14 12.80 -2.93 -2.27
CA THR B 14 -21.52 -8.70 -2.95
CA THR B 14 -6.90 -2.54 1.19
CA THR B 14 1.89 7.98 24.19
C THR B 14 12.74 -4.40 -1.97
C THR B 14 -21.11 -10.12 -3.21
C THR B 14 -7.30 -3.76 1.98
C THR B 14 0.59 7.32 24.54
N LEU B 15 13.06 -4.81 -0.75
N LEU B 15 -19.82 -10.38 -3.41
N LEU B 15 -6.33 -4.55 2.44
N LEU B 15 -0.11 6.73 23.58
CA LEU B 15 13.04 -6.21 -0.38
CA LEU B 15 -19.33 -11.71 -3.68
CA LEU B 15 -6.62 -5.75 3.19
CA LEU B 15 -1.38 6.08 23.82
C LEU B 15 12.18 -6.36 0.88
C LEU B 15 -18.22 -12.04 -2.67
C LEU B 15 -5.84 -5.69 4.51
C LEU B 15 -1.29 4.65 23.27
N GLU B 16 11.63 -7.53 1.04
N GLU B 16 -18.04 -13.31 -2.43
N GLU B 16 -6.36 -6.39 5.49
N GLU B 16 -2.10 3.79 23.84
CA GLU B 16 10.89 -7.78 2.33
CA GLU B 16 -16.88 -13.68 -1.56
CA GLU B 16 -5.56 -6.47 6.76
CA GLU B 16 -2.16 2.41 23.24
C GLU B 16 11.75 -8.80 3.04
C GLU B 16 -15.95 -14.41 -2.51
C GLU B 16 -5.15 -7.93 6.82
C GLU B 16 -3.56 2.33 22.67
N VAL B 17 12.19 -8.39 4.22
N VAL B 17 -14.76 -13.84 -2.59
N VAL B 17 -3.82 -8.09 6.85
N VAL B 17 -3.56 2.09 21.36
CA VAL B 17 13.06 -9.19 5.06
CA VAL B 17 -13.72 -14.35 -3.47
CA VAL B 17 -3.21 -9.41 6.86
CA VAL B 17 -4.80 2.03 20.60
C VAL B 17 12.65 -9.11 6.54
C VAL B 17 -12.34 -14.31 -2.80
C VAL B 17 -2.02 -9.46 7.83
C VAL B 17 -4.76 0.89 19.57
N GLU B 18 13.30 -9.98 7.28
N GLU B 18 -11.43 -14.94 -3.50
N GLU B 18 -1.57 -10.68 8.01
N GLU B 18 -5.93 0.69 19.01
CA GLU B 18 13.19 -10.04 8.75
CA GLU B 18 -10.01 -14.98 -3.14
CA GLU B 18 -0.37 -11.00 8.78
CA GLU B 18 -6.15 -0.27 17.92
C GLU B 18 14.59 -9.81 9.29
C GLU B 18 -9.25 -14.35 -4.31
C GLU B 18 0.58 -11.69 7.82
C GLU B 18 -6.67 0.54 16.75
N PRO B 19 14.69 -9.13 10.42
N PRO B 19 -8.19 -13.62 -4.01
N PRO B 19 1.87 -11.45 7.99
N PRO B 19 -6.28 0.16 15.54
CA PRO B 19 15.97 -8.88 11.08
CA PRO B 19 -7.36 -13.01 -5.04
CA PRO B 19 2.90 -12.10 7.17
CA PRO B 19 -6.76 0.82 14.32
C PRO B 19 16.72 -10.16 11.34
C PRO B 19 -6.85 -14.01 -6.05
C PRO B 19 2.80 -13.60 7.21
C PRO B 19 -8.26 0.85 14.24
N SER B 20 16.02 -11.27 11.44
N SER B 20 -6.77 -15.27 -5.64
N SER B 20 2.21 -14.13 8.26
N SER B 20 -8.92 -0.07 14.91
CA SER B 20 16.67 -12.55 11.75
CA SER B 20 -6.25 -16.31 -6.54
CA SER B 20 2.12 -15.60 8.40
CA SER B 20 -10.39 -0.14 14.84
C SER B 20 17.32 -13.14 10.52
C SER B 20 -7.30 -16.75 -7.54
C SER B 20 0.98 -16.15 7.57
C SER B 20 -11.02 0.89 15.75
N ASP B 21 17.06 -12.53 9.35
N ASP B 21 -8.54 -16.30 -7.34
N ASP B 21 0.16 -15.25 6.99
N ASP B 21 -10.20 1.55 16.58
CA ASP B 21 17.68 -13.11 8.13
CA ASP B 21 -9.58 -16.74 -8.30
CA ASP B 21 -0.97 -15.78 6.19
CA ASP B 21 -10.81 2.55 17.49
C ASP B 21 19.16 -12.87 8.13
C ASP B 21 -9.36 -16.10 -9.64
C ASP B 21 -0.45 -16.39 4.91
C ASP B 21 -11.28 3.75 16.71
N THR B 22 19.89 -13.80 7.55
N THR B 22 -9.74 -16.81 -10.69
N THR B 22 -1.14 -17.40 4.43
N THR B 22 -12.34 4.38 17.18
CA THR B 22 21.32 -13.65 7.38
CA THR B 22 -9.67 -16.29 -12.05
CA THR B 22 -0.83 -18.03 3.16
CA THR B 22 -12.85 5.59 16.59
C THR B 22 21.59 -12.81 6.11
C THR B 22 -10.94 -15.46 -12.30
C THR B 22 -1.48 -17.20 2.03
C THR B 22 -12.06 6.78 17.17
N ILE B 23 22.81 -12.28 6.08
N ILE B 23 -10.82 -14.62 -13.33
N ILE B 23 -0.94 -17.42 0.84
N ILE B 23 -12.14 7.88 16.42
CA ILE B 23 23.27 -11.53 4.92
CA ILE B 23 -11.95 -13.82 -13.78
CA ILE B 23 -1.49 -16.80 -0.36
CA ILE B 23 -11.53 9.13 16.85
C ILE B 23 23.29 -12.42 3.68
C ILE B 23 -13.09 -14.73 -14.27
C ILE B 23 -2.94 -17.25 -0.58
C ILE B 23 -12.13 9.60 18.16
N GLU B 24 23.66 -13.67 3.87
N GLU B 24 -12.73 -15.82 -14.90
N GLU B 24 -3.21 -18.51 -0.29
N GLU B 24 -13.42 9.40 18.33
CA GLU B 24 23.65 -14.64 2.73
CA GLU B 24 -13.77 -16.80 -15.36
CA GLU B 24 -4.61 -19.03 -0.41
CA GLU B 24 -14.10 9.75 19.61
C GLU B 24 22.27 -14.74 2.12
C GLU B 24 -14.58 -17.30 -14.18
C GLU B 24 -5.55 -18.22 0.45
C GLU B 24 -13.46 9.04 20.78
N ASN B 25 21.25 -14.74 2.97
N ASN B 25 -13.92 -17.54 -13.07
N ASN B 25 -5.11 -17.86 1.65
N ASN B 25 -13.11 7.77 20.57
CA ASN B 25 19.84 -14.83 2.56
CA ASN B 25 -14.54 -18.03 -11.83
CA ASN B 25 -5.89 -17.08 2.61
CA ASN B 25 -12.49 6.92 21.59
C ASN B 25 19.40 -13.59 1.76
C ASN B 25 -15.51 -17.00 -11.24
C ASN B 25 -6.17 -15.66 2.10
C ASN B 25 -11.09 7.43 21.96
N VAL B 26 19.81 -12.45 2.28
N VAL B 26 -15.04 -15.75 -11.23
N VAL B 26 -5.12 -15.07 1.55
N VAL B 26 -10.35 7.78 20.92
CA VAL B 26 19.50 -11.19 1.62
CA VAL B 26 -15.85 -14.66 -10.73
CA VAL B 26 -5.24 -13.73 0.99
CA VAL B 26 -9.00 8.31 21.12
C VAL B 26 20.07 -11.21 0.20
C VAL B 26 -17.15 -14.59 -11.54
C VAL B 26 -6.30 -13.73 -0.10
C VAL B 26 -9.07 9.56 21.99
N LYS B 27 21.33 -11.64 0.09
N LYS B 27 -17.01 -14.66 -12.86
N LYS B 27 -6.24 -14.73 -0.98
N LYS B 27 -10.01 10.43 21.66
CA LYS B 27 21.99 -11.70 -1.21
CA LYS B 27 -18.18 -14.59 -13.74
CA LYS B 27 -7.21 -14.85 -2.07
CA LYS B 27 -10.17 11.68 22.42
C LYS B 27 21.24 -12.64 -2.16
C LYS B 27 -19.14 -15.74 -13.45
C LYS B 27 -8.62 -14.99 -1.54
C LYS B 27 -10.51 11.38 23.87
N ALA B 28 20.73 -13.74 -1.65
N ALA B 28 -18.62 -16.92 -13.16
N ALA B 28 -8.80 -15.72 -0.45
N ALA B 28 -11.32 10.37 24.12
CA ALA B 28 19.93 -14.67 -2.45
CA ALA B 28 -19.47 -18.06 -12.80
CA ALA B 28 -10.11 -15.86 0.19
CA ALA B 28 -11.66 9.96 25.50
C ALA B 28 18.63 -14.05 -2.90
C ALA B 28 -20.18 -17.83 -11.47
C ALA B 28 -10.59 -14.55 0.76
C ALA B 28 -10.44 9.42 26.22
N LYS B 29 17.97 -13.25 -2.07
N LYS B 29 -19.54 -17.20 -10.50
N LYS B 29 -9.71 -13.73 1.34
N LYS B 29 -9.56 8.68 25.55
CA LYS B 29 16.76 -12.53 -2.47
CA LYS B 29 -20.21 -16.87 -9.23
CA LYS B 29 -10.10 -12.40 1.85
CA LYS B 29 -8.31 8.20 26.18
C LYS B 29 17.05 -11.53 -3.60
C LYS B 29 -21.35 -15.86 -9.45
C LYS B 29 -10.55 -11.49 0.68
C LYS B 29 -7.40 9.38 26.55
N ILE B 30 18.22 -10.89 -3.50
N ILE B 30 -21.12 -14.93 -10.38
N ILE B 30 -9.87 -11.63 -0.46
N ILE B 30 -7.39 10.40 25.69
CA ILE B 30 18.59 -9.90 -4.53
CA ILE B 30 -22.16 -13.93 -10.67
CA ILE B 30 -10.23 -10.80 -1.62
CA ILE B 30 -6.55 11.59 25.97
C ILE B 30 18.88 -10.69 -5.82
C ILE B 30 -23.31 -14.66 -11.38
C ILE B 30 -11.59 -11.30 -2.12
C ILE B 30 -7.18 12.32 27.16
N GLN B 31 19.51 -11.83 -5.73
N GLN B 31 -23.00 -15.58 -12.26
N GLN B 31 -11.83 -12.59 -2.11
N GLN B 31 -8.49 12.40 27.23
CA GLN B 31 19.78 -12.60 -6.98
CA GLN B 31 -24.13 -16.31 -12.94
CA GLN B 31 -13.16 -13.08 -2.58
CA GLN B 31 -9.10 13.09 28.40
C GLN B 31 18.43 -12.99 -7.62
C GLN B 31 -24.94 -17.08 -11.88
C GLN B 31 -14.25 -12.51 -1.65
C GLN B 31 -8.73 12.34 29.68
N ASP B 32 17.57 -13.52 -6.79
N ASP B 32 -24.22 -17.77 -11.06
N ASP B 32 -13.99 -12.67 -0.38
N ASP B 32 -8.92 11.04 29.62
CA ASP B 32 16.24 -13.93 -7.24
CA ASP B 32 -24.85 -18.55 -9.97
CA ASP B 32 -14.94 -12.17 0.64
CA ASP B 32 -8.59 10.17 30.76
C ASP B 32 15.51 -12.80 -7.94
C ASP B 32 -25.76 -17.70 -9.13
C ASP B 32 -15.26 -10.70 0.45
C ASP B 32 -7.16 10.36 31.22
N LYS B 33 15.61 -11.58 -7.40
N LYS B 33 -25.31 -16.47 -8.80
N LYS B 33 -14.24 -9.89 0.12
N LYS B 33 -6.21 10.50 30.28
CA LYS B 33 14.82 -10.49 -8.04
CA LYS B 33 -26.18 -15.68 -7.89
CA LYS B 33 -14.56 -8.43 0.02
CA LYS B 33 -4.81 10.59 30.75
C LYS B 33 15.49 -9.68 -9.08
C LYS B 33 -27.17 -14.75 -8.51
C LYS B 33 -14.91 -7.91 -1.32
C LYS B 33 -4.26 11.95 30.96
N GLU B 34 16.79 -9.54 -9.13
N GLU B 34 -27.01 -14.26 -9.70
N GLU B 34 -14.53 -8.48 -2.43
N GLU B 34 -4.71 13.01 30.35
CA GLU B 34 17.50 -8.76 -10.12
CA GLU B 34 -27.93 -13.36 -10.36
CA GLU B 34 -14.86 -8.02 -3.76
CA GLU B 34 -4.22 14.35 30.51
C GLU B 34 18.54 -9.53 -10.88
C GLU B 34 -28.43 -13.86 -11.69
C GLU B 34 -15.55 -9.04 -4.62
C GLU B 34 -5.26 15.35 30.93
N GLY B 35 18.78 -10.78 -10.48
N GLY B 35 -27.90 -14.96 -12.17
N GLY B 35 -15.68 -10.26 -4.14
N GLY B 35 -6.52 14.94 30.97
CA GLY B 35 19.70 -11.64 -11.17
CA GLY B 35 -28.34 -15.58 -13.40
CA GLY B 35 -16.39 -11.31 -4.82
CA GLY B 35 -7.61 15.77 31.42
C GLY B 35 21.15 -11.51 -10.90
C GLY B 35 -27.85 -15.05 -14.68
C GLY B 35 -15.69 -12.04 -5.91
C GLY B 35 -8.20 16.74 30.48
N ILE B 36 21.54 -10.65 -9.95
N ILE B 36 -26.92 -14.07 -14.65
N ILE B 36 -14.40 -11.77 -6.11
N ILE B 36 -7.76 16.73 29.21
CA ILE B 36 22.97 -10.51 -9.65
CA ILE B 36 -26.41 -13.53 -15.91
CA ILE B 36 -13.68 -12.50 -7.19
CA ILE B 36 -8.34 17.69 28.25
C ILE B 36 23.47 -11.64 -8.78
C ILE B 36 -25.37 -14.46 -16.52
C ILE B 36 -13.28 -13.89 -6.72
C ILE B 36 -9.69 17.22 27.76
N PRO B 37 24.50 -12.34 -9.23
N PRO B 37 -25.58 -14.86 -17.77
N PRO B 37 -13.68 -14.91 -7.46
N PRO B 37 -10.72 18.05 27.90
CA PRO B 37 25.12 -13.45 -8.47
CA PRO B 37 -24.63 -15.73 -18.50
CA PRO B 37 -13.33 -16.31 -7.16
CA PRO B 37 -12.08 17.75 27.43
C PRO B 37 25.58 -12.98 -7.12
C PRO B 37 -23.26 -15.09 -18.57
C PRO B 37 -11.84 -16.50 -7.10
C PRO B 37 -12.09 17.45 25.95
N PRO B 38 25.36 -13.74 -6.07
N PRO B 38 -22.21 -15.84 -18.36
N PRO B 38 -11.32 -17.22 -6.14
N PRO B 38 -12.80 16.44 25.51
CA PRO B 38 25.78 -13.31 -4.73
CA PRO B 38 -20.85 -15.26 -18.40
CA PRO B 38 -9.86 -17.41 -6.03
CA PRO B 38 -12.82 16.11 24.07
C PRO B 38 27.26 -13.03 -4.63
C PRO B 38 -20.53 -14.58 -19.71
C PRO B 38 -9.25 -18.01 -7.27
C PRO B 38 -13.27 17.25 23.20
N ASP B 39 28.07 -13.73 -5.38
N ASP B 39 -21.07 -15.07 -20.81
N ASP B 39 -9.97 -18.85 -7.97
N ASP B 39 -14.15 18.10 23.69
CA ASP B 39 29.55 -13.55 -5.29
CA ASP B 39 -20.76 -14.49 -22.14
CA ASP B 39 -9.40 -19.52 -9.18
CA ASP B 39 -14.68 19.21 22.87
C ASP B 39 29.99 -12.18 -5.82
C ASP B 39 -21.32 -13.09 -22.30
C ASP B 39 -9.15 -18.54 -10.32
C ASP B 39 -13.62 20.26 22.56
N GLN B 40 29.12 -11.52 -6.55
N GLN B 40 -22.25 -12.71 -21.43
N GLN B 40 -9.73 -17.35 -10.23
N GLN B 40 -12.52 20.22 23.29
CA GLN B 40 29.47 -10.18 -7.07
CA GLN B 40 -22.82 -11.34 -21.51
CA GLN B 40 -9.51 -16.34 -11.28
CA GLN B 40 -11.43 21.19 23.04
C GLN B 40 28.95 -9.05 -6.16
C GLN B 40 -22.11 -10.36 -20.56
C GLN B 40 -8.39 -15.36 -10.91
C GLN B 40 -10.34 20.61 22.12
N GLN B 41 28.11 -9.37 -5.19
N GLN B 41 -21.27 -10.85 -19.67
N GLN B 41 -7.93 -15.39 -9.68
N GLN B 41 -10.38 19.33 21.86
CA GLN B 41 27.52 -8.41 -4.29
CA GLN B 41 -20.58 -10.05 -18.70
CA GLN B 41 -6.91 -14.48 -9.20
CA GLN B 41 -9.40 18.64 21.05
C GLN B 41 28.36 -8.03 -3.09
C GLN B 41 -19.30 -9.41 -19.18
C GLN B 41 -5.48 -14.90 -9.47
C GLN B 41 -9.62 18.69 19.56
N ARG B 42 28.50 -6.71 -2.90
N ARG B 42 -19.20 -8.10 -18.92
N ARG B 42 -4.72 -13.95 -10.02
N ARG B 42 -8.57 19.07 18.84
CA ARG B 42 29.14 -6.16 -1.67
CA ARG B 42 -17.93 -7.35 -19.17
CA ARG B 42 -3.25 -14.14 -10.18
CA ARG B 42 -8.57 19.01 17.36
C ARG B 42 28.08 -5.29 -1.03
C ARG B 42 -17.56 -6.76 -17.83
C ARG B 42 -2.62 -13.00 -9.41
C ARG B 42 -7.41 18.11 17.00
N LEU B 43 27.59 -5.61 0.17
N LEU B 43 -16.44 -7.15 -17.22
N LEU B 43 -1.86 -13.27 -8.36
N LEU B 43 -7.64 16.94 16.39
CA LEU B 43 26.51 -4.80 0.79
CA LEU B 43 -16.07 -6.64 -15.88
CA LEU B 43 -1.27 -12.18 -7.54
CA LEU B 43 -6.53 16.01 16.08
C LEU B 43 27.10 -3.91 1.89
C LEU B 43 -14.99 -5.59 -16.00
C LEU B 43 0.22 -12.03 -7.86
C LEU B 43 -6.19 16.08 14.60
N ILE B 44 26.77 -2.63 1.83
N ILE B 44 -15.20 -4.45 -15.36
N ILE B 44 0.63 -10.79 -8.14
N ILE B 44 -4.90 16.24 14.31
CA ILE B 44 27.28 -1.64 2.77
CA ILE B 44 -14.29 -3.31 -15.41
CA ILE B 44 2.00 -10.48 -8.51
CA ILE B 44 -4.40 16.38 12.94
C ILE B 44 26.15 -0.93 3.52
C ILE B 44 -13.80 -2.90 -14.02
C ILE B 44 2.63 -9.48 -7.57
C ILE B 44 -3.38 15.30 12.60
N PHE B 45 26.33 -0.86 4.87
N PHE B 45 -12.45 -2.74 -13.93
N PHE B 45 3.87 -9.82 -7.12
N PHE B 45 -3.60 14.67 11.41
CA PHE B 45 25.38 -0.17 5.74
CA PHE B 45 -11.82 -2.29 -12.68
CA PHE B 45 4.64 -8.93 -6.24
CA PHE B 45 -2.67 13.65 10.90
C PHE B 45 26.23 0.49 6.84
C PHE B 45 -10.65 -1.38 -13.10
C PHE B 45 6.12 -9.11 -6.66
C PHE B 45 -2.66 13.85 9.37
N ALA B 46 25.93 1.76 7.00
N ALA B 46 -10.66 -0.23 -12.48
N ALA B 46 6.71 -7.96 -6.88
N ALA B 46 -1.43 13.92 8.89
CA ALA B 46 26.56 2.61 8.03
CA ALA B 46 -9.62 0.79 -12.66
CA ALA B 46 8.14 -7.85 -7.25
CA ALA B 46 -1.13 14.04 7.46
C ALA B 46 28.07 2.43 8.03
C ALA B 46 -9.36 1.04 -14.14
C ALA B 46 8.48 -8.82 -8.38
C ALA B 46 -1.99 15.14 6.83
N GLY B 47 28.61 2.46 6.85
N GLY B 47 -10.43 1.16 -14.86
N GLY B 47 7.63 -8.81 -9.37
N GLY B 47 -2.03 16.24 7.51
CA GLY B 47 29.99 2.32 6.49
CA GLY B 47 -10.53 1.39 -16.27
CA GLY B 47 7.64 -9.60 -10.56
CA GLY B 47 -2.74 17.44 7.20
C GLY B 47 30.67 1.02 6.84
C GLY B 47 -9.96 0.34 -17.19
C GLY B 47 7.58 -11.09 -10.42
C GLY B 47 -4.24 17.37 7.11
N LYS B 48 29.91 -0.03 7.03
N LYS B 48 -9.81 -0.87 -16.71
N LYS B 48 7.08 -11.57 -9.31
N LYS B 48 -4.84 16.38 7.70
CA LYS B 48 30.48 -1.36 7.32
CA LYS B 48 -9.31 -1.99 -17.53
CA LYS B 48 6.92 -13.02 -9.08
CA LYS B 48 -6.31 16.23 7.71
C LYS B 48 30.12 -2.27 6.14
C LYS B 48 -10.45 -3.01 -17.65
C LYS B 48 5.41 -13.30 -8.97
C LYS B 48 -6.76 16.38 9.17
N GLN B 49 31.00 -3.15 5.76
N GLN B 49 -10.60 -3.63 -18.79
N GLN B 49 4.95 -14.40 -9.50
N GLN B 49 -7.89 17.00 9.40
CA GLN B 49 30.68 -4.14 4.69
CA GLN B 49 -11.61 -4.72 -18.92
CA GLN B 49 3.52 -14.78 -9.32
CA GLN B 49 -8.45 17.07 10.78
C GLN B 49 30.00 -5.28 5.46
C GLN B 49 -10.87 -5.97 -18.44
C GLN B 49 3.51 -15.52 -7.98
C GLN B 49 -9.24 15.77 10.92
N LEU B 50 28.85 -5.72 5.01
N LEU B 50 -11.47 -6.72 -17.55
N LEU B 50 2.60 -15.15 -7.09
N LEU B 50 -9.03 15.03 11.98
CA LEU B 50 28.07 -6.76 5.71
CA LEU B 50 -10.81 -7.90 -16.95
CA LEU B 50 2.56 -15.72 -5.73
CA LEU B 50 -9.68 13.72 12.17
C LEU B 50 28.65 -8.13 5.43
C LEU B 50 -10.87 -9.08 -17.90
C LEU B 50 1.88 -17.08 -5.76
C LEU B 50 -11.11 13.91 12.65
N GLU B 51 28.73 -8.98 6.45
N GLU B 51 -9.77 -9.82 -18.02
N GLU B 51 2.43 -18.04 -5.02
N GLU B 51 -12.05 13.13 12.12
CA GLU B 51 29.33 -10.33 6.27
CA GLU B 51 -9.74 -10.97 -18.97
CA GLU B 51 1.85 -19.41 -5.04
CA GLU B 51 -13.46 13.29 12.50
C GLU B 51 28.24 -11.36 6.16
C GLU B 51 -9.93 -12.25 -18.23
C GLU B 51 1.03 -19.64 -3.81
C GLU B 51 -13.85 12.21 13.49
N ASP B 52 28.36 -12.34 5.29
N ASP B 52 -10.67 -13.20 -18.76
N ASP B 52 -0.11 -20.30 -3.90
N ASP B 52 -14.64 12.52 14.49
CA ASP B 52 27.36 -13.36 5.02
CA ASP B 52 -11.02 -14.47 -18.12
CA ASP B 52 -1.07 -20.52 -2.82
CA ASP B 52 -15.03 11.61 15.57
C ASP B 52 26.69 -14.12 6.15
C ASP B 52 -9.95 -15.34 -17.48
C ASP B 52 -0.60 -21.03 -1.46
C ASP B 52 -15.54 10.22 15.26
N GLY B 53 27.44 -14.51 7.15
N GLY B 53 -8.81 -15.47 -18.10
N GLY B 53 0.30 -21.97 -1.44
N GLY B 53 -16.39 10.09 14.27
CA GLY B 53 26.95 -15.31 8.30
CA GLY B 53 -7.70 -16.32 -17.63
CA GLY B 53 0.81 -22.61 -0.21
CA GLY B 53 -17.02 8.81 13.88
C GLY B 53 26.29 -14.53 9.39
C GLY B 53 -6.80 -15.71 -16.61
C GLY B 53 1.90 -21.88 0.49
C GLY B 53 -16.21 7.90 13.01
N ARG B 54 26.34 -13.21 9.37
N ARG B 54 -6.92 -14.42 -16.31
N ARG B 54 2.47 -20.84 -0.09
N ARG B 54 -15.07 8.36 12.50
CA ARG B 54 25.66 -12.38 10.38
CA ARG B 54 -6.12 -13.77 -15.27
CA ARG B 54 3.51 -20.02 0.58
CA ARG B 54 -14.18 7.50 11.70
C ARG B 54 24.22 -12.18 9.92
C ARG B 54 -6.83 -13.98 -13.93
C ARG B 54 2.79 -18.98 1.43
C ARG B 54 -13.27 6.74 12.65
N THR B 55 23.38 -11.71 10.82
N THR B 55 -6.13 -13.73 -12.85
N THR B 55 3.53 -18.35 2.32
N THR B 55 -12.62 5.72 12.16
CA THR B 55 21.96 -11.40 10.54
CA THR B 55 -6.66 -13.82 -11.48
CA THR B 55 3.03 -17.26 3.19
CA THR B 55 -11.64 4.91 12.92
C THR B 55 21.85 -9.86 10.47
C THR B 55 -6.89 -12.37 -10.99
C THR B 55 3.60 -15.94 2.62
C THR B 55 -10.24 5.33 12.44
N LEU B 56 20.75 -9.39 9.92
N LEU B 56 -7.65 -12.24 -9.93
N LEU B 56 3.02 -14.84 3.05
N LEU B 56 -9.23 4.96 13.21
CA LEU B 56 20.47 -7.95 9.83
CA LEU B 56 -7.91 -10.93 -9.30
CA LEU B 56 3.49 -13.50 2.66
CA LEU B 56 -7.83 5.22 12.86
C LEU B 56 20.41 -7.39 11.25
C LEU B 56 -6.58 -10.36 -8.83
C LEU B 56 4.93 -13.33 3.14
C LEU B 56 -7.51 4.52 11.55
N SER B 57 19.86 -8.18 12.21
N SER B 57 -5.66 -11.22 -8.34
N SER B 57 5.26 -13.90 4.31
N SER B 57 -8.10 3.32 11.34
CA SER B 57 19.78 -7.63 13.59
CA SER B 57 -4.37 -10.66 -7.88
CA SER B 57 6.66 -13.72 4.78
CA SER B 57 -7.79 2.63 10.06
C SER B 57 21.16 -7.36 14.17
C SER B 57 -3.60 -10.00 -9.00
C SER B 57 7.65 -14.39 3.85
C SER B 57 -8.28 3.40 8.86
N ASP B 58 22.14 -8.14 13.76
N ASP B 58 -3.77 -10.49 -10.21
N ASP B 58 7.24 -15.45 3.19
N ASP B 58 -9.35 4.15 9.02
CA ASP B 58 23.53 -7.96 14.26
CA ASP B 58 -3.05 -9.93 -11.39
CA ASP B 58 8.14 -16.17 2.26
CA ASP B 58 -9.91 4.96 7.91
C ASP B 58 24.01 -6.53 14.03
C ASP B 58 -3.33 -8.43 -11.51
C ASP B 58 8.70 -15.23 1.19
C ASP B 58 -8.84 5.88 7.31
N TYR B 59 23.66 -5.99 12.91
N TYR B 59 -4.55 -8.06 -11.24
N TYR B 59 7.85 -14.35 0.74
N TYR B 59 -8.04 6.44 8.18
CA TYR B 59 23.99 -4.63 12.50
CA TYR B 59 -5.01 -6.68 -11.29
CA TYR B 59 8.17 -13.33 -0.26
CA TYR B 59 -6.95 7.34 7.84
C TYR B 59 22.95 -3.61 12.89
C TYR B 59 -4.89 -5.97 -9.96
C TYR B 59 8.65 -12.03 0.34
C TYR B 59 -5.63 6.62 7.62
N ASN B 60 21.90 -3.95 13.62
N ASN B 60 -4.31 -6.55 -8.93
N ASN B 60 8.85 -11.90 1.63
N ASN B 60 -5.56 5.30 7.65
CA ASN B 60 20.91 -2.93 13.99
CA ASN B 60 -4.21 -5.82 -7.64
CA ASN B 60 9.33 -10.62 2.19
CA ASN B 60 -4.25 4.65 7.43
C ASN B 60 20.31 -2.27 12.75
C ASN B 60 -5.58 -5.39 -7.13
C ASN B 60 8.39 -9.48 1.82
C ASN B 60 -3.22 5.11 8.44
N ILE B 61 19.95 -3.06 11.77
N ILE B 61 -6.53 -6.30 -7.18
N ILE B 61 7.10 -9.71 1.99
N ILE B 61 -3.60 5.17 9.70
CA ILE B 61 19.27 -2.53 10.55
CA ILE B 61 -7.90 -6.02 -6.62
CA ILE B 61 6.08 -8.63 1.76
CA ILE B 61 -2.64 5.52 10.78
C ILE B 61 17.77 -2.54 10.86
C ILE B 61 -7.84 -6.43 -5.14
C ILE B 61 5.93 -7.90 3.09
C ILE B 61 -2.01 4.20 11.24
N GLN B 62 17.13 -1.41 10.90
N GLN B 62 -8.00 -5.52 -4.24
N GLN B 62 6.27 -6.64 3.16
N GLN B 62 -0.73 4.04 11.07
CA GLN B 62 15.69 -1.29 11.26
CA GLN B 62 -7.90 -5.77 -2.77
CA GLN B 62 6.24 -5.84 4.41
CA GLN B 62 -0.01 2.78 11.41
C GLN B 62 14.86 -1.06 9.99
C GLN B 62 -9.31 -5.83 -2.16
C GLN B 62 5.01 -4.93 4.41
C GLN B 62 0.76 2.96 12.73
N LYS B 63 13.54 -1.15 10.09
N LYS B 63 -9.42 -6.27 -0.92
N LYS B 63 4.69 -4.30 5.53
N LYS B 63 1.28 1.87 13.29
CA LYS B 63 12.67 -1.01 8.95
CA LYS B 63 -10.70 -6.43 -0.26
CA LYS B 63 3.52 -3.46 5.66
CA LYS B 63 1.97 1.92 14.57
C LYS B 63 12.96 0.30 8.24
C LYS B 63 -11.47 -5.11 -0.32
C LYS B 63 3.55 -2.39 4.57
C LYS B 63 3.08 2.95 14.50
N GLU B 64 12.85 0.19 6.90
N GLU B 64 -12.79 -5.29 -0.50
N GLU B 64 2.33 -2.13 4.08
N GLU B 64 3.24 3.62 15.66
CA GLU B 64 13.06 1.27 5.96
CA GLU B 64 -13.77 -4.25 -0.59
CA GLU B 64 2.04 -1.15 3.06
CA GLU B 64 4.22 4.64 15.90
C GLU B 64 14.45 1.82 5.84
C GLU B 64 -13.72 -3.35 -1.78
C GLU B 64 2.55 -1.42 1.67
C GLU B 64 4.09 5.93 15.15
N SER B 65 15.41 1.04 6.29
N SER B 65 -13.04 -3.82 -2.82
N SER B 65 2.87 -2.69 1.43
N SER B 65 2.89 6.16 14.63
CA SER B 65 16.84 1.35 6.16
CA SER B 65 -12.96 -3.14 -4.12
CA SER B 65 3.28 -3.19 0.12
CA SER B 65 2.51 7.41 13.96
C SER B 65 17.21 1.18 4.66
C SER B 65 -14.35 -3.26 -4.79
C SER B 65 2.03 -3.18 -0.79
C SER B 65 2.42 8.51 15.05
N THR B 66 18.29 1.78 4.25
N THR B 66 -14.63 -2.41 -5.74
N THR B 66 2.23 -3.19 -2.08
N THR B 66 2.51 9.75 14.64
CA THR B 66 18.81 1.64 2.89
CA THR B 66 -15.87 -2.47 -6.51
CA THR B 66 1.14 -3.27 -3.06
CA THR B 66 2.35 10.89 15.54
C THR B 66 20.21 1.03 2.95
C THR B 66 -15.52 -2.66 -7.98
C THR B 66 1.32 -4.54 -3.89
C THR B 66 1.16 11.73 15.08
N LEU B 67 20.45 -0.07 2.22
N LEU B 67 -16.10 -3.68 -8.63
N LEU B 67 0.30 -5.38 -3.98
N LEU B 67 0.20 12.00 15.97
CA LEU B 67 21.79 -0.64 2.16
CA LEU B 67 -15.89 -3.88 -10.06
CA LEU B 67 0.37 -6.56 -4.84
CA LEU B 67 -0.91 12.89 15.61
C LEU B 67 22.36 -0.22 0.78
C LEU B 67 -17.18 -3.37 -10.75
C LEU B 67 -0.48 -6.22 -6.09
C LEU B 67 -0.60 14.24 16.28
N HIS B 68 23.65 -0.14 0.66
N HIS B 68 -17.09 -2.96 -11.96
N HIS B 68 -0.20 -6.82 -7.19
N HIS B 68 -1.10 15.31 15.76
CA HIS B 68 24.23 0.22 -0.66
CA HIS B 68 -18.32 -2.51 -12.66
CA HIS B 68 -1.01 -6.54 -8.40
CA HIS B 68 -0.87 16.62 16.41
C HIS B 68 24.79 -1.08 -1.23
C HIS B 68 -18.68 -3.62 -13.65
C HIS B 68 -1.90 -7.78 -8.59
C HIS B 68 -2.19 16.99 17.09
N LEU B 69 24.55 -1.32 -2.50
N LEU B 69 -19.95 -3.98 -13.72
N LEU B 69 -3.17 -7.55 -8.87
N LEU B 69 -2.10 17.48 18.32
CA LEU B 69 25.10 -2.49 -3.19
CA LEU B 69 -20.42 -4.98 -14.67
CA LEU B 69 -4.11 -8.64 -9.16
CA LEU B 69 -3.27 17.95 19.04
C LEU B 69 26.20 -2.10 -4.14
C LEU B 69 -21.21 -4.35 -15.77
C LEU B 69 -4.45 -8.71 -10.62
C LEU B 69 -3.29 19.44 19.14
N VAL B 70 27.40 -2.52 -3.92
N VAL B 70 -20.76 -4.42 -16.99
N VAL B 70 -4.11 -9.75 -11.30
N VAL B 70 -4.25 20.10 18.58
CA VAL B 70 28.50 -2.25 -4.89
CA VAL B 70 -21.55 -3.90 -18.14
CA VAL B 70 -4.52 -9.90 -12.72
CA VAL B 70 -4.37 21.57 18.74
C VAL B 70 28.76 -3.62 -5.52
C VAL B 70 -22.01 -5.17 -18.87
C VAL B 70 -5.58 -11.02 -12.67
C VAL B 70 -5.60 21.74 19.64
N LEU B 71 29.01 -3.66 -6.82
N LEU B 71 -23.24 -5.19 -19.33
N LEU B 71 -6.64 -10.87 -13.44
N LEU B 71 -5.55 22.66 20.58
CA LEU B 71 29.30 -4.93 -7.50
CA LEU B 71 -23.74 -6.37 -20.07
CA LEU B 71 -7.70 -11.91 -13.48
CA LEU B 71 -6.70 22.90 21.47
C LEU B 71 30.79 -5.12 -7.62
C LEU B 71 -23.60 -6.15 -21.56
C LEU B 71 -7.46 -12.85 -14.63
C LEU B 71 -7.53 24.04 20.94
N MET A 1 6.38 18.40 -20.67
CA MET A 1 5.74 19.56 -20.05
C MET A 1 6.28 19.67 -18.60
N GLN A 2 6.34 20.88 -18.14
CA GLN A 2 6.81 21.11 -16.74
C GLN A 2 5.61 21.10 -15.81
N ILE A 3 5.80 20.45 -14.66
CA ILE A 3 4.77 20.47 -13.61
C ILE A 3 5.53 20.83 -12.30
N PHE A 4 4.75 21.23 -11.33
CA PHE A 4 5.40 21.59 -10.01
C PHE A 4 4.91 20.64 -8.96
N VAL A 5 5.74 20.16 -8.03
CA VAL A 5 5.27 19.32 -6.95
C VAL A 5 5.58 20.10 -5.65
N LYS A 6 4.57 20.50 -4.95
CA LYS A 6 4.78 21.30 -3.70
C LYS A 6 4.77 20.35 -2.53
N THR A 7 5.82 20.41 -1.68
CA THR A 7 5.88 19.52 -0.51
C THR A 7 5.42 20.27 0.74
N LEU A 8 5.24 19.58 1.84
CA LEU A 8 4.74 20.24 3.07
C LEU A 8 5.81 21.08 3.74
N THR A 9 7.06 21.03 3.24
CA THR A 9 8.08 21.90 3.94
C THR A 9 8.35 23.16 3.18
N GLY A 10 7.52 23.50 2.24
CA GLY A 10 7.67 24.69 1.43
C GLY A 10 8.68 24.63 0.33
N LYS A 11 9.10 23.43 0.00
CA LYS A 11 10.01 23.21 -1.12
C LYS A 11 9.11 22.84 -2.31
N THR A 12 9.42 23.38 -3.48
CA THR A 12 8.62 22.98 -4.66
C THR A 12 9.61 22.35 -5.64
N ILE A 13 9.25 21.19 -6.17
CA ILE A 13 10.23 20.60 -7.13
C ILE A 13 9.65 20.67 -8.52
N THR A 14 10.47 20.94 -9.51
CA THR A 14 9.89 20.97 -10.89
C THR A 14 10.25 19.66 -11.57
N LEU A 15 9.33 19.09 -12.33
CA LEU A 15 9.58 17.83 -13.01
C LEU A 15 9.25 18.02 -14.49
N GLU A 16 9.89 17.22 -15.31
CA GLU A 16 9.51 17.26 -16.76
C GLU A 16 8.85 15.92 -17.00
N VAL A 17 7.60 16.03 -17.42
CA VAL A 17 6.77 14.86 -17.67
C VAL A 17 5.93 15.04 -18.95
N GLU A 18 5.32 13.93 -19.31
CA GLU A 18 4.37 13.84 -20.41
C GLU A 18 3.06 13.38 -19.82
N PRO A 19 1.95 13.87 -20.34
CA PRO A 19 0.61 13.47 -19.90
C PRO A 19 0.43 11.98 -19.97
N SER A 20 1.19 11.31 -20.81
CA SER A 20 1.03 9.85 -20.98
C SER A 20 1.72 9.11 -19.87
N ASP A 21 2.49 9.83 -19.05
CA ASP A 21 3.19 9.10 -17.96
C ASP A 21 2.21 8.63 -16.92
N THR A 22 2.51 7.52 -16.30
CA THR A 22 1.71 6.99 -15.21
C THR A 22 2.16 7.68 -13.91
N ILE A 23 1.25 7.61 -12.94
CA ILE A 23 1.52 8.13 -11.60
C ILE A 23 2.72 7.40 -10.98
N GLU A 24 2.80 6.12 -11.24
CA GLU A 24 3.98 5.32 -10.73
C GLU A 24 5.27 5.90 -11.23
N CYS A 25 5.30 6.34 -12.52
CA CYS A 25 6.50 6.91 -13.13
C CYS A 25 6.85 8.24 -12.50
N VAL A 26 5.82 9.05 -12.28
CA VAL A 26 6.04 10.34 -11.65
C VAL A 26 6.71 10.15 -10.29
N LYS A 27 6.18 9.20 -9.52
CA LYS A 27 6.74 8.92 -8.19
C LYS A 27 8.19 8.48 -8.29
N ALA A 28 8.54 7.70 -9.30
CA ALA A 28 9.92 7.29 -9.53
C ALA A 28 10.80 8.47 -9.89
N LYS A 29 10.31 9.43 -10.66
CA LYS A 29 11.09 10.64 -10.97
C LYS A 29 11.35 11.47 -9.69
N ILE A 30 10.35 11.49 -8.81
CA ILE A 30 10.50 12.25 -7.55
C ILE A 30 11.53 11.50 -6.70
N GLN A 31 11.49 10.19 -6.69
CA GLN A 31 12.50 9.45 -5.86
C GLN A 31 13.90 9.76 -6.40
N ASP A 32 14.01 9.63 -7.70
CA ASP A 32 15.30 9.91 -8.37
C ASP A 32 15.83 11.29 -8.03
N LYS A 33 14.94 12.30 -7.98
CA LYS A 33 15.50 13.66 -7.74
C LYS A 33 15.53 14.13 -6.33
N GLU A 34 14.74 13.67 -5.41
CA GLU A 34 14.73 14.09 -4.02
C GLU A 34 14.92 12.96 -3.04
N GLY A 35 14.94 11.73 -3.52
CA GLY A 35 15.18 10.58 -2.69
C GLY A 35 14.07 10.02 -1.89
N ILE A 36 12.84 10.55 -2.06
CA ILE A 36 11.72 10.01 -1.29
C ILE A 36 11.20 8.72 -1.91
N PRO A 37 11.15 7.65 -1.13
CA PRO A 37 10.64 6.34 -1.58
C PRO A 37 9.21 6.46 -2.09
N PRO A 38 8.88 5.84 -3.19
CA PRO A 38 7.51 5.95 -3.73
C PRO A 38 6.45 5.52 -2.76
N ASP A 39 6.74 4.57 -1.90
CA ASP A 39 5.72 4.05 -0.95
C ASP A 39 5.34 5.08 0.11
N GLN A 40 6.16 6.11 0.23
CA GLN A 40 5.83 7.18 1.22
C GLN A 40 5.08 8.36 0.58
N GLN A 41 5.02 8.40 -0.74
CA GLN A 41 4.40 9.48 -1.46
C GLN A 41 2.90 9.36 -1.66
N ARG A 42 2.21 10.46 -1.32
CA ARG A 42 0.75 10.57 -1.60
C ARG A 42 0.62 11.80 -2.48
N LEU A 43 0.18 11.67 -3.73
CA LEU A 43 0.09 12.84 -4.63
C LEU A 43 -1.35 13.30 -4.76
N ILE A 44 -1.57 14.59 -4.57
CA ILE A 44 -2.91 15.19 -4.61
C ILE A 44 -3.02 16.28 -5.66
N PHE A 45 -4.11 16.19 -6.46
CA PHE A 45 -4.39 17.20 -7.50
C PHE A 45 -5.92 17.33 -7.53
N ALA A 46 -6.32 18.58 -7.46
CA ALA A 46 -7.74 18.98 -7.52
C ALA A 46 -8.59 18.14 -6.58
N GLY A 47 -8.08 17.99 -5.40
CA GLY A 47 -8.62 17.24 -4.29
C GLY A 47 -8.80 15.76 -4.47
N CYS A 48 -8.13 15.15 -5.41
CA CYS A 48 -8.12 13.71 -5.63
C CYS A 48 -6.78 13.12 -5.25
N GLN A 49 -6.74 11.97 -4.70
CA GLN A 49 -5.43 11.30 -4.47
C GLN A 49 -5.16 10.55 -5.77
N LEU A 50 -3.98 10.72 -6.33
CA LEU A 50 -3.65 10.11 -7.64
C LEU A 50 -3.29 8.65 -7.46
N GLU A 51 -3.77 7.80 -8.37
CA GLU A 51 -3.53 6.34 -8.25
C GLU A 51 -2.42 5.92 -9.18
N ASP A 52 -1.53 5.06 -8.79
CA ASP A 52 -0.35 4.62 -9.54
C ASP A 52 -0.48 4.20 -10.99
N GLY A 53 -1.50 3.45 -11.32
CA GLY A 53 -1.74 2.91 -12.67
C GLY A 53 -2.40 3.82 -13.65
N ARG A 54 -2.89 4.98 -13.21
CA ARG A 54 -3.49 5.96 -14.13
C ARG A 54 -2.37 6.83 -14.68
N THR A 55 -2.66 7.57 -15.72
CA THR A 55 -1.72 8.53 -16.36
C THR A 55 -2.16 9.94 -15.93
N LEU A 56 -1.27 10.90 -16.12
CA LEU A 56 -1.55 12.31 -15.83
C LEU A 56 -2.72 12.75 -16.70
N SER A 57 -2.80 12.25 -17.95
CA SER A 57 -3.93 12.69 -18.80
C SER A 57 -5.26 12.26 -18.24
N ASP A 58 -5.29 11.15 -17.53
CA ASP A 58 -6.56 10.64 -16.93
C ASP A 58 -7.20 11.71 -16.05
N TYR A 59 -6.37 12.41 -15.33
CA TYR A 59 -6.76 13.49 -14.42
C TYR A 59 -6.79 14.84 -15.09
N ASN A 60 -6.55 14.98 -16.38
CA ASN A 60 -6.58 16.32 -16.99
C ASN A 60 -5.58 17.25 -16.32
N ILE A 61 -4.36 16.77 -16.10
CA ILE A 61 -3.28 17.62 -15.54
C ILE A 61 -2.59 18.28 -16.73
N GLN A 62 -2.64 19.57 -16.85
CA GLN A 62 -2.07 20.32 -18.00
C GLN A 62 -0.74 20.97 -17.58
N LYS A 63 0.04 21.51 -18.58
CA LYS A 63 1.33 22.10 -18.24
C LYS A 63 1.17 23.16 -17.17
N GLU A 64 2.22 23.18 -16.36
CA GLU A 64 2.37 24.09 -15.26
C GLU A 64 1.44 23.96 -14.10
N SER A 65 0.81 22.79 -14.03
CA SER A 65 -0.07 22.42 -12.91
C SER A 65 0.84 22.18 -11.68
N THR A 66 0.25 22.25 -10.50
CA THR A 66 0.96 21.97 -9.25
C THR A 66 0.29 20.77 -8.56
N LEU A 67 1.06 19.74 -8.22
CA LEU A 67 0.49 18.62 -7.46
C LEU A 67 0.98 18.81 -6.00
N HIS A 68 0.26 18.31 -5.06
CA HIS A 68 0.72 18.43 -3.66
C HIS A 68 1.24 17.05 -3.26
N LEU A 69 2.38 17.02 -2.60
CA LEU A 69 2.96 15.77 -2.10
C LEU A 69 2.83 15.67 -0.60
N VAL A 70 2.10 14.73 -0.09
CA VAL A 70 2.03 14.52 1.38
C VAL A 70 2.81 13.21 1.60
N LEU A 71 3.60 13.15 2.65
CA LEU A 71 4.36 11.93 2.95
C LEU A 71 3.61 11.09 3.95
N ARG A 72 3.54 9.79 3.73
N ARG A 72 3.48 9.80 3.71
N ARG A 72 3.58 9.78 3.70
N ARG A 72 3.55 9.80 3.73
CA ARG A 72 2.82 8.90 4.67
CA ARG A 72 2.72 8.94 4.64
CA ARG A 72 2.91 8.77 4.55
CA ARG A 72 2.83 8.89 4.65
C ARG A 72 3.76 8.71 5.85
C ARG A 72 2.88 7.51 4.09
C ARG A 72 1.67 9.48 5.11
C ARG A 72 3.92 8.28 5.53
N LEU A 73 3.31 8.61 7.06
N LEU A 73 1.85 6.82 3.75
N LEU A 73 1.19 9.15 6.27
N LEU A 73 3.74 8.17 6.81
CA LEU A 73 4.25 8.41 8.19
CA LEU A 73 2.03 5.44 3.23
CA LEU A 73 -0.01 9.83 6.79
CA LEU A 73 4.81 7.59 7.66
C LEU A 73 3.59 7.53 9.25
C LEU A 73 0.89 5.10 2.27
C LEU A 73 -0.20 9.49 8.26
C LEU A 73 4.84 6.08 7.47
N ARG A 74 4.33 6.48 9.59
N ARG A 74 0.57 3.82 2.26
N ARG A 74 -0.30 8.19 8.49
N ARG A 74 5.85 5.48 8.09
CA ARG A 74 3.87 5.49 10.59
CA ARG A 74 -0.50 3.28 1.40
CA ARG A 74 -0.50 7.64 9.84
CA ARG A 74 6.08 4.03 8.01
C ARG A 74 5.09 4.84 11.23
C ARG A 74 -0.98 1.96 1.98
C ARG A 74 -0.01 6.21 9.87
C ARG A 74 6.69 3.56 9.33
N GLY A 75 4.83 4.13 12.32
N GLY A 75 -2.20 1.60 1.58
N GLY A 75 0.78 5.91 10.90
N GLY A 75 6.58 2.25 9.56
CA GLY A 75 5.86 3.43 13.08
CA GLY A 75 -2.86 0.38 2.03
CA GLY A 75 1.38 4.60 11.12
CA GLY A 75 7.07 1.60 10.76
C GLY A 75 5.41 2.13 13.70
C GLY A 75 -3.98 -0.11 1.14
C GLY A 75 2.31 4.13 10.01
C GLY A 75 7.45 0.14 10.59
N GLY A 76 6.41 1.32 14.03
N GLY A 76 -4.46 -1.29 1.49
N GLY A 76 2.23 2.84 9.76
N GLY A 76 7.95 -0.41 11.68
CA GLY A 76 6.25 0.01 14.66
CA GLY A 76 -5.56 -1.99 0.80
CA GLY A 76 3.00 2.14 8.73
CA GLY A 76 8.39 -1.80 11.79
C GLY A 76 6.21 -1.06 13.56
C GLY A 76 -6.23 -2.94 1.80
C GLY A 76 3.63 0.89 9.37
C GLY A 76 7.18 -2.65 12.21
N MET B 1 9.08 -6.59 7.64
N MET B 1 -11.10 -13.33 -0.66
N MET B 1 -1.90 -7.62 8.91
N MET B 1 -1.08 -1.24 19.06
CA MET B 1 9.13 -5.11 7.54
CA MET B 1 -11.17 -11.87 -0.46
CA MET B 1 -1.22 -6.52 8.21
CA MET B 1 0.06 -0.70 18.29
C MET B 1 9.72 -4.78 6.15
C MET B 1 -12.57 -11.43 -0.94
C MET B 1 -2.10 -6.14 6.99
C MET B 1 0.49 0.62 18.99
N GLN B 2 9.30 -3.66 5.66
N GLN B 2 -13.05 -10.40 -0.31
N GLN B 2 -2.03 -4.89 6.64
N GLN B 2 1.75 0.88 18.88
CA GLN B 2 9.83 -3.20 4.33
CA GLN B 2 -14.39 -9.84 -0.72
CA GLN B 2 -2.80 -4.42 5.45
CA GLN B 2 2.28 2.15 19.48
C GLN B 2 11.06 -2.33 4.56
C GLN B 2 -14.17 -8.78 -1.78
C GLN B 2 -1.93 -4.55 4.21
C GLN B 2 2.21 3.26 18.44
N ILE B 3 12.06 -2.54 3.73
N ILE B 3 -15.05 -8.81 -2.78
N ILE B 3 -2.55 -5.02 3.14
N ILE B 3 1.80 4.43 18.89
CA ILE B 3 13.26 -1.68 3.75
CA ILE B 3 -15.05 -7.75 -3.80
CA ILE B 3 -1.87 -5.05 1.83
CA ILE B 3 1.83 5.63 18.03
C ILE B 3 13.52 -1.28 2.26
C ILE B 3 -16.54 -7.30 -3.93
C ILE B 3 -2.86 -4.41 0.82
C ILE B 3 2.51 6.75 18.88
N PHE B 4 14.31 -0.24 2.12
N PHE B 4 -16.69 -6.15 -4.53
N PHE B 4 -2.30 -4.04 -0.31
N PHE B 4 2.93 7.76 18.17
CA PHE B 4 14.62 0.20 0.71
CA PHE B 4 -18.10 -5.64 -4.72
CA PHE B 4 -3.19 -3.42 -1.36
CA PHE B 4 3.61 8.89 18.91
C PHE B 4 16.09 0.03 0.47
C PHE B 4 -18.39 -5.55 -6.19
C PHE B 4 -3.22 -4.32 -2.57
C PHE B 4 2.77 10.14 18.75
N VAL B 5 16.53 -0.42 -0.70
N VAL B 5 -19.58 -5.90 -6.67
N VAL B 5 -4.34 -4.52 -3.24
N VAL B 5 2.60 10.98 19.76
CA VAL B 5 17.95 -0.51 -1.01
CA VAL B 5 -19.92 -5.75 -8.07
CA VAL B 5 -4.37 -5.31 -4.46
CA VAL B 5 1.88 12.21 19.62
C VAL B 5 18.19 0.44 -2.20
C VAL B 5 -21.12 -4.77 -8.10
C VAL B 5 -4.84 -4.33 -5.57
C VAL B 5 2.91 13.34 19.93
N LYS B 6 18.93 1.47 -2.00
N LYS B 6 -20.92 -3.62 -8.65
N LYS B 6 -4.01 -4.05 -6.50
N LYS B 6 3.23 14.13 18.98
CA LYS B 6 19.18 2.46 -3.10
CA LYS B 6 -22.02 -2.59 -8.68
CA LYS B 6 -4.38 -3.07 -7.59
CA LYS B 6 4.25 15.21 19.19
C LYS B 6 20.47 2.10 -3.78
C LYS B 6 -22.74 -2.72 -10.00
C LYS B 6 -4.88 -3.86 -8.76
C LYS B 6 3.52 16.48 19.52
N THR B 7 20.44 1.97 -5.12
N THR B 7 -24.08 -2.86 -9.97
N THR B 7 -6.08 -3.52 -9.28
N THR B 7 3.89 17.14 20.64
CA THR B 7 21.68 1.61 -5.85
CA THR B 7 -24.84 -2.97 -11.22
CA THR B 7 -6.64 -4.24 -10.43
CA THR B 7 3.21 18.39 21.02
C THR B 7 22.28 2.88 -6.45
C THR B 7 -25.46 -1.62 -11.57
C THR B 7 -6.39 -3.44 -11.70
C THR B 7 4.08 19.58 20.59
N LEU B 8 23.48 2.79 -6.98
N LEU B 8 -26.03 -1.49 -12.76
N LEU B 8 -6.65 -4.02 -12.85
N LEU B 8 3.56 20.78 20.69
CA LEU B 8 24.15 3.98 -7.55
CA LEU B 8 -26.60 -0.19 -13.18
CA LEU B 8 -6.39 -3.33 -14.14
CA LEU B 8 4.32 21.98 20.25
C LEU B 8 23.56 4.42 -8.87
C LEU B 8 -27.90 0.13 -12.49
C LEU B 8 -7.40 -2.22 -14.41
C LEU B 8 5.43 22.34 21.21
N THR B 9 22.63 3.63 -9.43
N THR B 9 -28.43 -0.82 -11.70
N THR B 9 -8.45 -2.11 -13.58
N THR B 9 5.51 21.67 22.37
CA THR B 9 22.07 4.09 -10.74
CA THR B 9 -29.72 -0.44 -11.02
CA THR B 9 -9.41 -1.01 -13.90
CA THR B 9 6.63 22.06 23.29
C THR B 9 20.72 4.73 -10.58
C THR B 9 -29.52 -0.06 -9.58
C THR B 9 -9.21 0.19 -13.02
C THR B 9 7.77 21.11 23.22
N GLY B 10 20.35 5.06 -9.38
N GLY B 10 -28.32 0.19 -9.19
N GLY B 10 -8.10 0.26 -12.33
N GLY B 10 7.81 20.27 22.23
CA GLY B 10 19.07 5.68 -9.08
CA GLY B 10 -27.96 0.58 -7.84
CA GLY B 10 -7.77 1.36 -11.45
CA GLY B 10 8.87 19.30 22.02
C GLY B 10 17.88 4.78 -9.06
C GLY B 10 -27.93 -0.53 -6.83
C GLY B 10 -8.45 1.35 -10.11
C GLY B 10 8.79 18.07 22.89
N LYS B 11 18.12 3.49 -8.99
N LYS B 11 -27.87 -1.75 -7.30
N LYS B 11 -8.99 0.22 -9.75
N LYS B 11 7.65 17.84 23.48
CA LYS B 11 17.07 2.49 -8.86
CA LYS B 11 -27.71 -2.91 -6.44
CA LYS B 11 -9.60 0.03 -8.43
CA LYS B 11 7.41 16.63 24.25
C LYS B 11 16.98 2.20 -7.35
C LYS B 11 -26.21 -3.23 -6.44
C LYS B 11 -8.49 -0.63 -7.57
C LYS B 11 6.69 15.66 23.29
N THR B 12 15.75 2.08 -6.85
N THR B 12 -25.68 -3.56 -5.28
N THR B 12 -8.37 -0.19 -6.33
N THR B 12 7.08 14.39 23.33
CA THR B 12 15.63 1.71 -5.42
CA THR B 12 -24.25 -3.95 -5.26
CA THR B 12 -7.39 -0.86 -5.46
CA THR B 12 6.37 13.42 22.48
C THR B 12 14.85 0.41 -5.39
C THR B 12 -24.21 -5.38 -4.72
C THR B 12 -8.17 -1.40 -4.27
C THR B 12 5.77 12.39 23.43
N ILE B 13 15.36 -0.56 -4.64
N ILE B 13 -23.48 -6.25 -5.43
N ILE B 13 -7.94 -2.68 -3.95
N ILE B 13 4.48 12.10 23.24
CA ILE B 13 14.57 -1.84 -4.62
CA ILE B 13 -23.45 -7.64 -4.88
CA ILE B 13 -8.72 -3.19 -2.78
CA ILE B 13 3.92 11.08 24.17
C ILE B 13 13.93 -2.00 -3.27
C ILE B 13 -22.09 -7.91 -4.31
C ILE B 13 -7.79 -3.39 -1.62
C ILE B 13 3.66 9.81 23.41
N THR B 14 12.72 -2.50 -3.21
N THR B 14 -22.01 -8.63 -3.22
N THR B 14 -8.24 -3.09 -0.42
N THR B 14 3.91 8.67 24.02
CA THR B 14 12.12 -2.69 -1.86
CA THR B 14 -20.64 -8.92 -2.70
CA THR B 14 -7.31 -3.33 0.73
CA THR B 14 3.60 7.41 23.27
C THR B 14 12.23 -4.15 -1.50
C THR B 14 -20.29 -10.34 -3.07
C THR B 14 -7.73 -4.61 1.40
C THR B 14 2.30 6.86 23.78
N LEU B 15 12.55 -4.48 -0.25
N LEU B 15 -19.05 -10.61 -3.47
N LEU B 15 -6.78 -5.43 1.83
N LEU B 15 1.45 6.35 22.90
CA LEU B 15 12.69 -5.84 0.18
CA LEU B 15 -18.63 -11.93 -3.88
CA LEU B 15 -7.09 -6.69 2.47
CA LEU B 15 0.16 5.81 23.29
C LEU B 15 11.79 -6.06 1.40
C LEU B 15 -17.39 -12.31 -3.06
C LEU B 15 -6.34 -6.74 3.82
C LEU B 15 0.05 4.39 22.74
N GLU B 16 11.39 -7.30 1.59
N GLU B 16 -17.19 -13.59 -2.90
N GLU B 16 -6.89 -7.51 4.73
N GLU B 16 -0.76 3.59 23.41
CA GLU B 16 10.63 -7.58 2.85
CA GLU B 16 -15.93 -14.02 -2.23
CA GLU B 16 -6.12 -7.70 6.00
CA GLU B 16 -1.01 2.23 22.84
C GLU B 16 11.57 -8.45 3.65
C GLU B 16 -15.16 -14.71 -3.34
C GLU B 16 -5.72 -9.16 5.96
C GLU B 16 -2.46 2.29 22.42
N VAL B 17 11.88 -7.94 4.83
N VAL B 17 -13.99 -14.15 -3.58
N VAL B 17 -4.41 -9.32 6.02
N VAL B 17 -2.63 2.05 21.12
CA VAL B 17 12.81 -8.59 5.75
CA VAL B 17 -13.10 -14.63 -4.64
CA VAL B 17 -3.79 -10.64 5.94
CA VAL B 17 -3.95 2.11 20.50
C VAL B 17 12.31 -8.51 7.20
C VAL B 17 -11.64 -14.64 -4.18
C VAL B 17 -2.63 -10.78 6.93
C VAL B 17 -4.13 0.96 19.48
N GLU B 18 13.03 -9.25 8.01
N GLU B 18 -10.86 -15.25 -5.04
N GLU B 18 -2.18 -12.01 7.03
N GLU B 18 -5.37 0.86 19.06
CA GLU B 18 12.85 -9.26 9.46
CA GLU B 18 -9.40 -15.31 -4.90
CA GLU B 18 -1.01 -12.39 7.81
CA GLU B 18 -5.80 -0.06 18.00
C GLU B 18 14.17 -8.83 10.06
C GLU B 18 -8.82 -14.63 -6.15
C GLU B 18 -0.03 -13.02 6.83
C GLU B 18 -6.36 0.80 16.89
N PRO B 19 14.12 -8.10 11.16
N PRO B 19 -7.71 -13.94 -5.99
N PRO B 19 1.26 -12.79 7.05
N PRO B 19 -6.16 0.39 15.65
CA PRO B 19 15.32 -7.65 11.87
CA PRO B 19 -7.04 -13.28 -7.12
CA PRO B 19 2.31 -13.37 6.21
CA PRO B 19 -6.70 1.09 14.49
C PRO B 19 16.22 -8.80 12.23
C PRO B 19 -6.72 -14.26 -8.22
C PRO B 19 2.20 -14.87 6.13
C PRO B 19 -8.19 1.27 14.58
N SER B 20 15.66 -9.99 12.34
N SER B 20 -6.59 -15.53 -7.88
N SER B 20 1.59 -15.49 7.12
N SER B 20 -8.86 0.41 15.33
CA SER B 20 16.47 -11.15 12.75
CA SER B 20 -6.22 -16.54 -8.89
CA SER B 20 1.47 -16.95 7.14
CA SER B 20 -10.32 0.47 15.43
C SER B 20 17.25 -11.70 11.57
C SER B 20 -7.43 -16.93 -9.73
C SER B 20 0.37 -17.44 6.24
C SER B 20 -10.76 1.54 16.40
N ASP B 21 16.98 -11.18 10.38
N ASP B 21 -8.61 -16.46 -9.33
N ASP B 21 -0.43 -16.50 5.71
N ASP B 21 -9.79 2.12 17.11
CA ASP B 21 17.72 -11.72 9.21
CA ASP B 21 -9.80 -16.86 -10.14
CA ASP B 21 -1.54 -16.94 4.84
CA ASP B 21 -10.20 3.17 18.08
C ASP B 21 19.17 -11.28 9.27
C ASP B 21 -9.78 -16.16 -11.47
C ASP B 21 -0.98 -17.45 3.53
C ASP B 21 -10.65 4.42 17.35
N THR B 22 20.05 -12.11 8.77
N THR B 22 -10.31 -16.83 -12.47
N THR B 22 -1.67 -18.42 2.94
N THR B 22 -11.59 5.13 17.94
CA THR B 22 21.46 -11.79 8.66
CA THR B 22 -10.45 -16.25 -13.79
CA THR B 22 -1.32 -18.95 1.65
CA THR B 22 -12.05 6.38 17.40
C THR B 22 21.68 -10.97 7.37
C THR B 22 -11.74 -15.40 -13.82
C THR B 22 -1.94 -18.04 0.57
C THR B 22 -11.09 7.49 17.88
N ILE B 23 22.81 -10.28 7.38
N ILE B 23 -11.75 -14.52 -14.82
N ILE B 23 -1.36 -18.16 -0.62
N ILE B 23 -11.16 8.60 17.13
CA ILE B 23 23.24 -9.51 6.21
CA ILE B 23 -12.94 -13.69 -15.07
CA ILE B 23 -1.88 -17.45 -1.78
CA ILE B 23 -10.39 9.80 17.48
C ILE B 23 23.45 -10.44 5.01
C ILE B 23 -14.14 -14.56 -15.41
C ILE B 23 -3.32 -17.88 -2.08
C ILE B 23 -10.80 10.31 18.86
N GLU B 24 23.97 -11.62 5.27
N GLU B 24 -13.90 -15.64 -16.14
N GLU B 24 -3.60 -19.15 -1.89
N GLU B 24 -12.08 10.22 19.16
CA GLU B 24 24.14 -12.64 4.18
CA GLU B 24 -15.01 -16.59 -16.45
CA GLU B 24 -5.00 -19.65 -2.09
CA GLU B 24 -12.57 10.64 20.51
C GLU B 24 22.82 -12.93 3.52
C GLU B 24 -15.65 -17.12 -15.20
C GLU B 24 -5.97 -18.91 -1.20
C GLU B 24 -11.87 9.86 21.60
N ASN B 25 21.77 -13.04 4.30
N ASN B 25 -14.83 -17.42 -14.20
N ASN B 25 -5.55 -18.65 0.03
N ASN B 25 -11.67 8.57 21.37
CA ASN B 25 20.41 -13.34 3.84
CA ASN B 25 -15.26 -17.95 -12.90
CA ASN B 25 -6.36 -17.94 1.04
CA ASN B 25 -11.00 7.66 22.32
C ASN B 25 19.85 -12.21 2.96
C ASN B 25 -16.11 -16.93 -12.14
C ASN B 25 -6.62 -16.49 0.62
C ASN B 25 -9.53 8.04 22.53
N VAL B 26 20.08 -10.99 3.45
N VAL B 26 -15.62 -15.70 -12.15
N VAL B 26 -5.56 -15.86 0.15
N VAL B 26 -8.88 8.32 21.40
CA VAL B 26 19.64 -9.82 2.71
CA VAL B 26 -16.33 -14.61 -11.49
CA VAL B 26 -5.66 -14.48 -0.30
CA VAL B 26 -7.48 8.73 21.44
C VAL B 26 20.29 -9.81 1.33
C VAL B 26 -17.73 -14.49 -12.08
C VAL B 26 -6.69 -14.40 -1.43
C VAL B 26 -7.35 9.97 22.31
N LYS B 27 21.59 -10.07 1.30
N LYS B 27 -17.80 -14.52 -13.41
N LYS B 27 -6.61 -15.33 -2.37
N LYS B 27 -8.23 10.94 22.08
CA LYS B 27 22.32 -10.10 0.03
CA LYS B 27 -19.09 -14.40 -14.10
CA LYS B 27 -7.54 -15.35 -3.50
CA LYS B 27 -8.20 12.19 22.85
C LYS B 27 21.76 -11.16 -0.90
C LYS B 27 -20.01 -15.54 -13.70
C LYS B 27 -8.97 -15.53 -3.01
C LYS B 27 -8.39 11.92 24.33
N ALA B 28 21.37 -12.30 -0.37
N ALA B 28 -19.48 -16.74 -13.55
N ALA B 28 -9.18 -16.34 -1.99
N ALA B 28 -9.25 10.99 24.68
CA ALA B 28 20.76 -13.37 -1.17
CA ALA B 28 -20.27 -17.89 -13.10
CA ALA B 28 -10.51 -16.53 -1.40
CA ALA B 28 -9.47 10.60 26.08
C ALA B 28 19.40 -12.93 -1.71
C ALA B 28 -20.77 -17.71 -11.68
C ALA B 28 -11.00 -15.26 -0.75
C ALA B 28 -8.22 9.95 26.67
N LYS B 29 18.61 -12.20 -0.95
N LYS B 29 -19.98 -17.14 -10.79
N LYS B 29 -10.14 -14.50 -0.08
N LYS B 29 -7.50 9.14 25.91
CA LYS B 29 17.32 -11.68 -1.44
CA LYS B 29 -20.43 -16.85 -9.41
CA LYS B 29 -10.53 -13.20 0.51
CA LYS B 29 -6.24 8.55 26.39
C LYS B 29 17.54 -10.68 -2.59
C LYS B 29 -21.58 -15.82 -9.42
C LYS B 29 -10.96 -12.21 -0.58
C LYS B 29 -5.18 9.64 26.66
N ILE B 30 18.61 -9.89 -2.47
N ILE B 30 -21.48 -14.85 -10.34
N ILE B 30 -10.24 -12.26 -1.71
N ILE B 30 -5.18 10.66 25.79
CA ILE B 30 18.90 -8.90 -3.52
CA ILE B 30 -22.54 -13.82 -10.42
CA ILE B 30 -10.57 -11.34 -2.82
CA ILE B 30 -4.22 11.75 25.96
C ILE B 30 19.36 -9.69 -4.76
C ILE B 30 -23.78 -14.52 -10.97
C ILE B 30 -11.92 -11.79 -3.38
C ILE B 30 -4.64 12.53 27.21
N GLN B 31 20.13 -10.74 -4.58
N GLN B 31 -23.64 -15.40 -11.93
N GLN B 31 -12.16 -13.08 -3.49
N GLN B 31 -5.92 12.73 27.43
CA GLN B 31 20.56 -11.51 -5.78
CA GLN B 31 -24.86 -16.09 -12.45
CA GLN B 31 -13.48 -13.52 -4.04
CA GLN B 31 -6.33 13.48 28.66
C GLN B 31 19.32 -12.10 -6.47
C GLN B 31 -25.53 -16.89 -11.33
C GLN B 31 -14.60 -13.03 -3.10
C GLN B 31 -5.88 12.69 29.90
N ASP B 32 18.51 -12.71 -5.66
N ASP B 32 -24.69 -17.64 -10.65
N ASP B 32 -14.37 -13.28 -1.83
N ASP B 32 -6.20 11.42 29.86
CA ASP B 32 17.25 -13.31 -6.16
CA ASP B 32 -25.16 -18.46 -9.51
CA ASP B 32 -15.34 -12.86 -0.80
CA ASP B 32 -5.82 10.50 30.97
C ASP B 32 16.42 -12.32 -6.95
C ASP B 32 -25.91 -17.62 -8.49
C ASP B 32 -15.65 -11.39 -0.89
C ASP B 32 -4.34 10.58 31.27
N LYS B 33 16.33 -11.07 -6.46
N LYS B 33 -25.41 -16.41 -8.19
N LYS B 33 -14.62 -10.55 -1.13
N LYS B 33 -3.50 10.63 30.22
CA LYS B 33 15.43 -10.14 -7.19
CA LYS B 33 -26.11 -15.65 -7.12
CA LYS B 33 -14.94 -9.09 -1.11
CA LYS B 33 -2.05 10.59 30.54
C LYS B 33 16.05 -9.28 -8.22
C LYS B 33 -27.16 -14.68 -7.56
C LYS B 33 -15.26 -8.46 -2.42
C LYS B 33 -1.35 11.90 30.67
N GLU B 34 17.32 -8.96 -8.22
N GLU B 34 -27.19 -14.14 -8.73
N GLU B 34 -14.84 -8.94 -3.57
N GLU B 34 -1.78 12.99 30.10
CA GLU B 34 17.97 -8.13 -9.21
CA GLU B 34 -28.19 -13.21 -9.21
CA GLU B 34 -15.12 -8.38 -4.86
CA GLU B 34 -1.15 14.29 30.20
C GLU B 34 19.15 -8.80 -9.88
C GLU B 34 -28.89 -13.65 -10.46
C GLU B 34 -15.80 -9.32 -5.82
C GLU B 34 -2.05 15.37 30.73
N GLY B 35 19.54 -9.97 -9.42
N GLY B 35 -28.46 -14.74 -11.07
N GLY B 35 -15.94 -10.59 -5.44
N GLY B 35 -3.32 15.07 30.92
CA GLY B 35 20.59 -10.73 -10.02
CA GLY B 35 -29.09 -15.30 -12.22
CA GLY B 35 -16.63 -11.56 -6.23
CA GLY B 35 -4.27 16.00 31.48
C GLY B 35 22.00 -10.39 -9.69
C GLY B 35 -28.80 -14.71 -13.55
C GLY B 35 -15.91 -12.22 -7.34
C GLY B 35 -4.87 17.03 30.60
N ILE B 36 22.21 -9.45 -8.75
N ILE B 36 -27.86 -13.76 -13.62
N ILE B 36 -14.60 -11.94 -7.49
N ILE B 36 -4.58 16.98 29.29
CA ILE B 36 23.59 -9.10 -8.40
CA ILE B 36 -27.54 -13.16 -14.93
CA ILE B 36 -13.86 -12.58 -8.60
CA ILE B 36 -5.18 17.99 28.40
C ILE B 36 24.20 -10.13 -7.45
C ILE B 36 -26.61 -14.07 -15.73
C ILE B 36 -13.47 -14.00 -8.22
C ILE B 36 -6.61 17.65 28.06
N PRO B 37 25.33 -10.70 -7.81
N PRO B 37 -27.02 -14.43 -16.94
N PRO B 37 -13.86 -14.96 -9.06
N PRO B 37 -7.54 18.57 28.31
CA PRO B 37 26.05 -11.68 -6.99
CA PRO B 37 -26.22 -15.28 -17.85
CA PRO B 37 -13.52 -16.39 -8.86
CA PRO B 37 -8.97 18.39 28.00
C PRO B 37 26.38 -11.09 -5.62
C PRO B 37 -24.85 -14.65 -18.11
C PRO B 37 -12.02 -16.58 -8.77
C PRO B 37 -9.17 18.10 26.53
N PRO B 38 26.19 -11.84 -4.55
N PRO B 38 -23.79 -15.42 -18.08
N PRO B 38 -11.54 -17.38 -7.85
N PRO B 38 -10.01 17.16 26.18
CA PRO B 38 26.48 -11.31 -3.21
CA PRO B 38 -22.46 -14.85 -18.31
CA PRO B 38 -10.09 -17.59 -7.72
CA PRO B 38 -10.23 16.84 24.76
C PRO B 38 27.90 -10.83 -3.05
C PRO B 38 -22.33 -14.12 -19.63
C PRO B 38 -9.43 -18.09 -8.99
C PRO B 38 -10.67 18.01 23.93
N ASP B 39 28.84 -11.44 -3.73
N ASP B 39 -23.04 -14.56 -20.64
N ASP B 39 -10.14 -18.86 -9.77
N ASP B 39 -11.40 18.93 24.51
CA ASP B 39 30.27 -11.05 -3.59
CA ASP B 39 -22.93 -13.92 -21.98
CA ASP B 39 -9.54 -19.44 -11.01
CA ASP B 39 -11.92 20.10 23.75
C ASP B 39 30.56 -9.67 -4.15
C ASP B 39 -23.49 -12.51 -22.00
C ASP B 39 -9.25 -18.38 -12.06
C ASP B 39 -10.81 21.05 23.32
N GLN B 40 29.64 -9.15 -4.95
N GLN B 40 -24.25 -12.16 -20.98
N GLN B 40 -9.84 -17.20 -11.90
N GLN B 40 -9.64 20.91 23.93
CA GLN B 40 29.84 -7.79 -5.51
CA GLN B 40 -24.81 -10.79 -20.93
CA GLN B 40 -9.59 -16.11 -12.87
CA GLN B 40 -8.51 21.78 23.54
C GLN B 40 29.12 -6.71 -4.67
C GLN B 40 -23.95 -9.85 -20.05
C GLN B 40 -8.47 -15.15 -12.39
C GLN B 40 -7.59 21.10 22.51
N GLN B 41 28.29 -7.11 -3.73
N GLN B 41 -23.00 -10.39 -19.33
N GLN B 41 -8.04 -15.29 -11.15
N GLN B 41 -7.77 19.82 22.26
CA GLN B 41 27.53 -6.20 -2.92
CA GLN B 41 -22.15 -9.64 -18.45
CA GLN B 41 -7.03 -14.43 -10.56
CA GLN B 41 -6.95 19.06 21.35
C GLN B 41 28.24 -5.67 -1.69
C GLN B 41 -20.94 -8.98 -19.09
C GLN B 41 -5.60 -14.83 -10.82
C GLN B 41 -7.34 19.13 19.90
N ARG B 42 28.18 -4.34 -1.56
N ARG B 42 -20.79 -7.70 -18.80
N ARG B 42 -4.82 -13.85 -11.28
N ARG B 42 -6.34 19.42 19.07
CA ARG B 42 28.68 -3.66 -0.32
CA ARG B 42 -19.56 -6.95 -19.21
CA ARG B 42 -3.35 -14.03 -11.41
CA ARG B 42 -6.52 19.36 17.58
C ARG B 42 27.49 -2.91 0.22
C ARG B 42 -18.98 -6.41 -17.91
C ARG B 42 -2.74 -12.96 -10.54
C ARG B 42 -5.49 18.36 17.11
N LEU B 43 26.98 -3.25 1.41
N LEU B 43 -17.79 -6.84 -17.51
N LEU B 43 -2.01 -13.31 -9.48
N LEU B 43 -5.89 17.23 16.54
CA LEU B 43 25.78 -2.57 1.94
CA LEU B 43 -17.21 -6.39 -16.21
CA LEU B 43 -1.44 -12.28 -8.57
CA LEU B 43 -4.91 16.19 16.11
C LEU B 43 26.18 -1.57 3.02
C LEU B 43 -16.13 -5.34 -16.47
C LEU B 43 0.04 -12.11 -8.84
C LEU B 43 -4.73 16.24 14.60
N ILE B 44 25.67 -0.35 2.90
N ILE B 44 -16.23 -4.23 -15.75
N ILE B 44 0.47 -10.86 -9.00
N ILE B 44 -3.48 16.28 14.17
CA ILE B 44 26.00 0.74 3.81
CA ILE B 44 -15.32 -3.10 -15.90
CA ILE B 44 1.85 -10.53 -9.31
CA ILE B 44 -3.13 16.38 12.75
C ILE B 44 24.75 1.31 4.48
C ILE B 44 -14.62 -2.76 -14.59
C ILE B 44 2.46 -9.60 -8.27
C ILE B 44 -2.25 15.22 12.29
N PHE B 45 24.84 1.46 5.82
N PHE B 45 -13.27 -2.60 -14.69
N PHE B 45 3.69 -9.98 -7.82
N PHE B 45 -2.66 14.62 11.15
CA PHE B 45 23.75 2.06 6.62
CA PHE B 45 -12.44 -2.22 -13.54
CA PHE B 45 4.44 -9.17 -6.85
CA PHE B 45 -1.89 13.52 10.55
C PHE B 45 24.44 2.86 7.73
C PHE B 45 -11.34 -1.31 -14.10
C PHE B 45 5.92 -9.32 -7.25
C PHE B 45 -2.03 13.71 9.03
N ALA B 46 23.98 4.08 7.81
N ALA B 46 -11.23 -0.19 -13.44
N ALA B 46 6.52 -8.16 -7.36
N ALA B 46 -0.87 13.67 8.41
CA ALA B 46 24.43 5.05 8.83
CA ALA B 46 -10.22 0.84 -13.74
CA ALA B 46 7.96 -8.03 -7.67
CA ALA B 46 -0.72 13.78 6.94
C ALA B 46 25.95 5.08 8.91
C ALA B 46 -10.18 1.14 -15.23
C ALA B 46 8.33 -8.89 -8.87
C ALA B 46 -1.54 14.95 6.41
N GLY B 47 26.54 5.14 7.75
N GLY B 47 -11.35 1.31 -15.77
N GLY B 47 7.50 -8.81 -9.87
N GLY B 47 -1.41 16.05 7.08
CA GLY B 47 27.95 5.17 7.49
CA GLY B 47 -11.66 1.60 -17.14
CA GLY B 47 7.56 -9.50 -11.12
CA GLY B 47 -2.04 17.31 6.84
C GLY B 47 28.77 3.99 7.92
C GLY B 47 -11.26 0.57 -18.17
C GLY B 47 7.48 -11.01 -11.10
C GLY B 47 -3.54 17.37 6.93
N LYS B 48 28.16 2.85 8.12
N LYS B 48 -11.06 -0.65 -17.77
N LYS B 48 6.96 -11.58 -10.06
N LYS B 48 -4.16 16.44 7.59
CA LYS B 48 28.87 1.63 8.50
CA LYS B 48 -10.71 -1.74 -18.70
CA LYS B 48 6.78 -13.03 -9.94
CA LYS B 48 -5.61 16.42 7.77
C LYS B 48 28.70 0.63 7.33
C LYS B 48 -11.87 -2.74 -18.68
C LYS B 48 5.27 -13.31 -9.89
C LYS B 48 -5.89 16.60 9.27
N GLN B 49 29.72 -0.14 7.05
N GLN B 49 -12.20 -3.32 -19.82
N GLN B 49 4.83 -14.37 -10.51
N GLN B 49 -6.92 17.33 9.62
CA GLN B 49 29.58 -1.21 6.02
CA GLN B 49 -13.23 -4.39 -19.84
CA GLN B 49 3.39 -14.76 -10.40
CA GLN B 49 -7.31 17.44 11.05
C GLN B 49 29.02 -2.39 6.79
C GLN B 49 -12.45 -5.66 -19.52
C GLN B 49 3.33 -15.59 -9.13
C GLN B 49 -8.20 16.22 11.28
N LEU B 50 27.98 -3.01 6.31
N LEU B 50 -12.91 -6.45 -18.58
N LEU B 50 2.41 -15.29 -8.24
N LEU B 50 -7.94 15.47 12.32
CA LEU B 50 27.31 -4.11 7.02
CA LEU B 50 -12.19 -7.65 -18.13
CA LEU B 50 2.32 -15.97 -6.93
CA LEU B 50 -8.68 14.21 12.59
C LEU B 50 28.08 -5.40 6.83
C LEU B 50 -12.42 -8.79 -19.11
C LEU B 50 1.65 -17.32 -7.10
C LEU B 50 -10.02 14.54 13.23
N GLU B 51 28.22 -6.19 7.89
N GLU B 51 -11.37 -9.55 -19.43
N GLU B 51 2.17 -18.35 -6.42
N GLU B 51 -11.08 13.84 12.82
CA GLU B 51 28.99 -7.45 7.79
CA GLU B 51 -11.50 -10.64 -20.41
CA GLU B 51 1.59 -19.70 -6.56
CA GLU B 51 -12.42 14.12 13.35
C GLU B 51 28.06 -8.63 7.68
C GLU B 51 -11.58 -11.97 -19.70
C GLU B 51 0.72 -20.02 -5.37
C GLU B 51 -12.79 13.09 14.38
N ASP B 52 28.35 -9.61 6.87
N ASP B 52 -12.41 -12.88 -20.14
N ASP B 52 -0.40 -20.66 -5.55
N ASP B 52 -13.43 13.45 15.47
CA ASP B 52 27.52 -10.77 6.58
CA ASP B 52 -12.69 -14.17 -19.52
CA ASP B 52 -1.39 -20.97 -4.52
CA ASP B 52 -13.78 12.59 16.59
C ASP B 52 26.90 -11.57 7.72
C ASP B 52 -11.54 -15.07 -19.08
C ASP B 52 -0.96 -21.58 -3.19
C ASP B 52 -14.45 11.25 16.36
N GLY B 53 27.63 -11.82 8.77
N GLY B 53 -10.51 -15.18 -19.88
N GLY B 53 -0.07 -22.53 -3.22
N GLY B 53 -15.40 11.19 15.46
CA GLY B 53 27.19 -12.63 9.93
CA GLY B 53 -9.35 -16.07 -19.62
CA GLY B 53 0.41 -23.26 -2.03
CA GLY B 53 -16.20 9.98 15.16
C GLY B 53 26.38 -11.91 10.95
C GLY B 53 -8.29 -15.51 -18.73
C GLY B 53 1.48 -22.60 -1.24
C GLY B 53 -15.57 9.01 14.21
N ARG B 54 26.26 -10.59 10.88
N ARG B 54 -8.36 -14.24 -18.37
N ARG B 54 2.07 -21.51 -1.72
N ARG B 54 -14.45 9.36 13.57
CA ARG B 54 25.40 -9.82 11.82
CA ARG B 54 -7.40 -13.63 -17.43
CA ARG B 54 3.08 -20.75 -0.96
CA ARG B 54 -13.75 8.42 12.67
C ARG B 54 23.98 -9.84 11.28
C ARG B 54 -7.89 -13.89 -16.01
C ARG B 54 2.35 -19.78 -0.05
C ARG B 54 -12.80 7.58 13.53
N THR B 55 23.04 -9.46 12.11
N THR B 55 -7.03 -13.69 -15.05
N THR B 55 3.06 -19.23 0.91
N THR B 55 -12.31 6.51 12.97
CA THR B 55 21.61 -9.35 11.74
CA THR B 55 -7.35 -13.84 -13.60
CA THR B 55 2.54 -18.21 1.84
CA THR B 55 -11.33 5.61 13.61
C THR B 55 21.31 -7.85 11.60
C THR B 55 -7.48 -12.41 -13.03
C THR B 55 3.13 -16.85 1.40
C THR B 55 -9.95 5.91 12.98
N LEU B 56 20.18 -7.55 10.98
N LEU B 56 -8.06 -12.31 -11.86
N LEU B 56 2.54 -15.79 1.90
N LEU B 56 -8.91 5.44 13.64
CA LEU B 56 19.71 -6.16 10.81
CA LEU B 56 -8.20 -11.03 -11.14
CA LEU B 56 3.02 -14.41 1.62
CA LEU B 56 -7.53 5.58 13.13
C LEU B 56 19.49 -5.57 12.20
C LEU B 56 -6.81 -10.49 -10.86
C LEU B 56 4.44 -14.29 2.15
C LEU B 56 -7.43 4.85 11.80
N SER B 57 19.02 -6.38 13.16
N SER B 57 -5.84 -11.38 -10.57
N SER B 57 4.74 -14.95 3.29
N SER B 57 -8.15 3.72 11.66
CA SER B 57 18.79 -5.79 14.50
CA SER B 57 -4.49 -10.85 -10.28
CA SER B 57 6.12 -14.82 3.81
CA SER B 57 -8.05 3.00 10.36
C SER B 57 20.08 -5.32 15.14
C SER B 57 -3.87 -10.16 -11.48
C SER B 57 7.15 -15.41 2.87
C SER B 57 -8.59 3.82 9.21
N ASP B 58 21.18 -5.97 14.81
N ASP B 58 -4.24 -10.60 -12.68
N ASP B 58 6.75 -16.42 2.11
N ASP B 58 -9.56 4.67 9.50
CA ASP B 58 22.51 -5.59 15.39
CA ASP B 58 -3.71 -10.00 -13.92
CA ASP B 58 7.67 -17.07 1.15
CA ASP B 58 -10.17 5.52 8.44
C ASP B 58 22.79 -4.11 15.11
C ASP B 58 -3.98 -8.49 -13.94
C ASP B 58 8.26 -16.04 0.17
C ASP B 58 -9.10 6.35 7.73
N TYR B 59 22.44 -3.67 13.94
N TYR B 59 -5.14 -8.12 -13.47
N TYR B 59 7.42 -15.13 -0.23
N TYR B 59 -8.16 6.82 8.50
CA TYR B 59 22.61 -2.30 13.48
CA TYR B 59 -5.58 -6.73 -13.39
CA TYR B 59 7.78 -14.04 -1.14
CA TYR B 59 -7.04 7.63 8.03
C TYR B 59 21.42 -1.42 13.79
C TYR B 59 -5.24 -6.08 -12.07
C TYR B 59 8.25 -12.79 -0.43
C TYR B 59 -5.83 6.79 7.67
N ASN B 60 20.39 -1.86 14.48
N ASN B 60 -4.52 -6.70 -11.16
N ASN B 60 8.41 -12.77 0.89
N ASN B 60 -5.86 5.48 7.69
CA ASN B 60 19.25 -0.97 14.75
CA ASN B 60 -4.21 -6.02 -9.88
CA ASN B 60 8.88 -11.53 1.54
CA ASN B 60 -4.66 4.70 7.34
C ASN B 60 18.64 -0.45 13.47
C ASN B 60 -5.48 -5.61 -9.15
C ASN B 60 7.95 -10.36 1.25
C ASN B 60 -3.48 5.07 8.22
N ILE B 61 18.43 -1.32 12.50
N ILE B 61 -6.45 -6.50 -9.08
N ILE B 61 6.65 -10.59 1.35
N ILE B 61 -3.71 5.16 9.51
CA ILE B 61 17.75 -0.93 11.22
CA ILE B 61 -7.70 -6.24 -8.31
CA ILE B 61 5.65 -9.50 1.18
CA ILE B 61 -2.61 5.42 10.49
C ILE B 61 16.26 -1.14 11.47
C ILE B 61 -7.42 -6.70 -6.88
C ILE B 61 5.46 -8.88 2.56
C ILE B 61 -2.05 4.05 10.87
N GLN B 62 15.48 -0.10 11.42
N GLN B 62 -7.43 -5.82 -5.92
N GLN B 62 5.80 -7.63 2.73
N GLN B 62 -0.82 3.76 10.56
CA GLN B 62 14.01 -0.16 11.70
CA GLN B 62 -7.11 -6.15 -4.50
CA GLN B 62 5.72 -6.94 4.06
CA GLN B 62 -0.18 2.44 10.83
C GLN B 62 13.24 -0.10 10.38
C GLN B 62 -8.41 -6.22 -3.69
C GLN B 62 4.50 -6.02 4.07
C GLN B 62 0.74 2.55 12.05
N LYS B 63 11.93 -0.36 10.42
N LYS B 63 -8.33 -6.71 -2.45
N LYS B 63 4.15 -5.48 5.24
N LYS B 63 1.23 1.42 12.56
CA LYS B 63 11.10 -0.39 9.23
CA LYS B 63 -9.50 -6.88 -1.61
CA LYS B 63 2.98 -4.64 5.40
CA LYS B 63 2.05 1.40 13.75
C LYS B 63 11.27 0.92 8.48
C LYS B 63 -10.25 -5.55 -1.50
C LYS B 63 3.04 -3.49 4.40
C LYS B 63 3.25 2.32 13.54
N GLU B 64 11.25 0.75 7.15
N GLU B 64 -11.58 -5.72 -1.49
N GLU B 64 1.83 -3.18 3.90
N GLU B 64 3.59 2.98 14.67
CA GLU B 64 11.36 1.80 6.17
CA GLU B 64 -12.55 -4.66 -1.38
CA GLU B 64 1.58 -2.13 2.94
CA GLU B 64 4.68 3.91 14.80
C GLU B 64 12.67 2.55 6.08
C GLU B 64 -12.67 -3.70 -2.54
C GLU B 64 2.13 -2.30 1.56
C GLU B 64 4.58 5.21 14.06
N SER B 65 13.70 1.91 6.61
N SER B 65 -12.16 -4.15 -3.68
N SER B 65 2.45 -3.54 1.23
N SER B 65 3.36 5.54 13.68
CA SER B 65 15.09 2.40 6.54
CA SER B 65 -12.27 -3.42 -4.95
CA SER B 65 2.90 -3.93 -0.11
CA SER B 65 3.03 6.82 13.05
C SER B 65 15.56 2.23 5.07
C SER B 65 -13.75 -3.49 -5.39
C SER B 65 1.67 -3.84 -1.05
C SER B 65 3.15 7.92 14.12
N THR B 66 16.57 2.95 4.70
N THR B 66 -14.16 -2.60 -6.26
N THR B 66 1.92 -3.76 -2.33
N THR B 66 3.31 9.15 13.71
CA THR B 66 17.17 2.84 3.36
CA THR B 66 -15.51 -2.61 -6.83
CA THR B 66 0.85 -3.76 -3.34
CA THR B 66 3.35 10.30 14.61
C THR B 66 18.64 2.42 3.52
C THR B 66 -15.39 -2.75 -8.35
C THR B 66 1.06 -4.95 -4.26
C THR B 66 2.19 11.23 14.28
N LEU B 67 19.05 1.34 2.85
N LEU B 67 -16.07 -3.75 -8.93
N LEU B 67 0.03 -5.80 -4.44
N LEU B 67 1.37 11.59 15.27
CA LEU B 67 20.47 0.95 2.89
CA LEU B 67 -16.09 -3.86 -10.39
CA LEU B 67 0.12 -6.90 -5.40
CA LEU B 67 0.32 12.58 15.03
C LEU B 67 21.05 1.40 1.52
C LEU B 67 -17.46 -3.33 -10.85
C LEU B 67 -0.69 -6.46 -6.63
C LEU B 67 0.82 13.89 15.66
N HIS B 68 22.31 1.64 1.46
N HIS B 68 -17.56 -2.86 -12.04
N HIS B 68 -0.38 -6.97 -7.77
N HIS B 68 0.35 15.00 15.19
CA HIS B 68 22.91 2.03 0.16
CA HIS B 68 -18.87 -2.37 -12.53
CA HIS B 68 -1.15 -6.60 -8.97
CA HIS B 68 0.78 16.29 15.79
C HIS B 68 23.68 0.80 -0.33
C HIS B 68 -19.39 -3.44 -13.50
C HIS B 68 -2.03 -7.81 -9.29
C HIS B 68 -0.40 16.77 16.61
N LEU B 69 23.54 0.47 -1.60
N LEU B 69 -20.66 -3.79 -13.38
N LEU B 69 -3.30 -7.56 -9.59
N LEU B 69 -0.14 17.25 17.82
CA LEU B 69 24.27 -0.63 -2.20
CA LEU B 69 -21.30 -4.73 -14.28
CA LEU B 69 -4.22 -8.62 -9.98
CA LEU B 69 -1.17 17.81 18.68
C LEU B 69 25.36 -0.13 -3.11
C LEU B 69 -22.23 -4.05 -15.24
C LEU B 69 -4.52 -8.57 -11.45
C LEU B 69 -1.05 19.30 18.77
N VAL B 70 26.60 -0.39 -2.81
N VAL B 70 -21.97 -4.07 -16.51
N VAL B 70 -4.17 -9.55 -12.21
N VAL B 70 -2.00 20.05 18.30
CA VAL B 70 27.70 0.00 -3.74
CA VAL B 70 -22.92 -3.50 -17.49
CA VAL B 70 -4.54 -9.60 -13.65
CA VAL B 70 -1.98 21.53 18.47
C VAL B 70 28.19 -1.35 -4.30
C VAL B 70 -23.50 -4.74 -18.19
C VAL B 70 -5.61 -10.70 -13.72
C VAL B 70 -3.07 21.80 19.51
N LEU B 71 28.49 -1.40 -5.58
N LEU B 71 -24.79 -4.73 -18.47
N LEU B 71 -6.65 -10.50 -14.49
N LEU B 71 -2.84 22.71 20.42
CA LEU B 71 29.00 -2.65 -6.19
CA LEU B 71 -25.43 -5.87 -19.16
CA LEU B 71 -7.70 -11.53 -14.64
CA LEU B 71 -3.85 23.05 21.45
C LEU B 71 30.50 -2.63 -6.23
C LEU B 71 -25.50 -5.58 -20.64
C LEU B 71 -7.43 -12.37 -15.87
C LEU B 71 -4.63 24.26 21.00
N MET A 1 6.38 18.40 -20.67
CA MET A 1 5.74 19.56 -20.05
C MET A 1 6.28 19.67 -18.60
N GLN A 2 6.34 20.88 -18.14
CA GLN A 2 6.81 21.11 -16.74
C GLN A 2 5.61 21.10 -15.81
N ILE A 3 5.80 20.45 -14.66
CA ILE A 3 4.77 20.47 -13.61
C ILE A 3 5.53 20.83 -12.30
N PHE A 4 4.75 21.23 -11.33
CA PHE A 4 5.40 21.59 -10.01
C PHE A 4 4.91 20.64 -8.96
N VAL A 5 5.74 20.16 -8.03
CA VAL A 5 5.27 19.32 -6.95
C VAL A 5 5.58 20.10 -5.65
N LYS A 6 4.57 20.50 -4.95
CA LYS A 6 4.78 21.30 -3.70
C LYS A 6 4.77 20.35 -2.53
N THR A 7 5.82 20.41 -1.68
CA THR A 7 5.88 19.52 -0.51
C THR A 7 5.42 20.27 0.74
N LEU A 8 5.24 19.58 1.84
CA LEU A 8 4.74 20.24 3.07
C LEU A 8 5.81 21.08 3.74
N THR A 9 7.06 21.03 3.24
CA THR A 9 8.08 21.90 3.94
C THR A 9 8.35 23.16 3.18
N GLY A 10 7.52 23.50 2.24
CA GLY A 10 7.67 24.69 1.43
C GLY A 10 8.68 24.63 0.33
N LYS A 11 9.10 23.43 0.00
CA LYS A 11 10.01 23.21 -1.12
C LYS A 11 9.11 22.84 -2.31
N THR A 12 9.42 23.38 -3.48
CA THR A 12 8.62 22.98 -4.66
C THR A 12 9.61 22.35 -5.64
N ILE A 13 9.25 21.19 -6.17
CA ILE A 13 10.23 20.60 -7.13
C ILE A 13 9.65 20.67 -8.52
N THR A 14 10.47 20.94 -9.51
CA THR A 14 9.89 20.97 -10.89
C THR A 14 10.25 19.66 -11.57
N LEU A 15 9.33 19.09 -12.33
CA LEU A 15 9.58 17.83 -13.01
C LEU A 15 9.25 18.02 -14.49
N GLU A 16 9.89 17.22 -15.31
CA GLU A 16 9.51 17.26 -16.76
C GLU A 16 8.85 15.92 -17.00
N VAL A 17 7.60 16.03 -17.42
CA VAL A 17 6.77 14.86 -17.67
C VAL A 17 5.93 15.04 -18.95
N GLU A 18 5.32 13.93 -19.31
CA GLU A 18 4.37 13.84 -20.41
C GLU A 18 3.06 13.38 -19.82
N PRO A 19 1.95 13.87 -20.34
CA PRO A 19 0.61 13.47 -19.90
C PRO A 19 0.43 11.98 -19.97
N SER A 20 1.19 11.31 -20.81
CA SER A 20 1.03 9.85 -20.98
C SER A 20 1.72 9.11 -19.87
N ASP A 21 2.49 9.83 -19.05
CA ASP A 21 3.19 9.10 -17.96
C ASP A 21 2.21 8.63 -16.92
N THR A 22 2.51 7.52 -16.30
CA THR A 22 1.71 6.99 -15.21
C THR A 22 2.16 7.68 -13.91
N ILE A 23 1.25 7.61 -12.94
CA ILE A 23 1.52 8.13 -11.60
C ILE A 23 2.72 7.40 -10.98
N GLU A 24 2.80 6.12 -11.24
CA GLU A 24 3.98 5.32 -10.73
C GLU A 24 5.27 5.90 -11.23
N CYS A 25 5.30 6.34 -12.52
CA CYS A 25 6.50 6.91 -13.13
C CYS A 25 6.85 8.24 -12.50
N VAL A 26 5.82 9.05 -12.28
CA VAL A 26 6.04 10.34 -11.65
C VAL A 26 6.71 10.15 -10.29
N LYS A 27 6.18 9.20 -9.52
CA LYS A 27 6.74 8.92 -8.19
C LYS A 27 8.19 8.48 -8.29
N ALA A 28 8.54 7.70 -9.30
CA ALA A 28 9.92 7.29 -9.53
C ALA A 28 10.80 8.47 -9.89
N LYS A 29 10.31 9.43 -10.66
CA LYS A 29 11.09 10.64 -10.97
C LYS A 29 11.35 11.47 -9.69
N ILE A 30 10.35 11.49 -8.81
CA ILE A 30 10.50 12.25 -7.55
C ILE A 30 11.53 11.50 -6.70
N GLN A 31 11.49 10.19 -6.69
CA GLN A 31 12.50 9.45 -5.86
C GLN A 31 13.90 9.76 -6.40
N ASP A 32 14.01 9.63 -7.70
CA ASP A 32 15.30 9.91 -8.37
C ASP A 32 15.83 11.29 -8.03
N LYS A 33 14.94 12.30 -7.98
CA LYS A 33 15.50 13.66 -7.74
C LYS A 33 15.53 14.13 -6.33
N GLU A 34 14.74 13.67 -5.41
CA GLU A 34 14.73 14.09 -4.02
C GLU A 34 14.92 12.96 -3.04
N GLY A 35 14.94 11.73 -3.52
CA GLY A 35 15.18 10.58 -2.69
C GLY A 35 14.07 10.02 -1.89
N ILE A 36 12.84 10.55 -2.06
CA ILE A 36 11.72 10.01 -1.29
C ILE A 36 11.20 8.72 -1.91
N PRO A 37 11.15 7.65 -1.13
CA PRO A 37 10.64 6.34 -1.58
C PRO A 37 9.21 6.46 -2.09
N PRO A 38 8.88 5.84 -3.19
CA PRO A 38 7.51 5.95 -3.73
C PRO A 38 6.45 5.52 -2.76
N ASP A 39 6.74 4.57 -1.90
CA ASP A 39 5.72 4.05 -0.95
C ASP A 39 5.34 5.08 0.11
N GLN A 40 6.16 6.11 0.23
CA GLN A 40 5.83 7.18 1.22
C GLN A 40 5.08 8.36 0.58
N GLN A 41 5.02 8.40 -0.74
CA GLN A 41 4.40 9.48 -1.46
C GLN A 41 2.90 9.36 -1.66
N ARG A 42 2.21 10.46 -1.32
CA ARG A 42 0.75 10.57 -1.60
C ARG A 42 0.62 11.80 -2.48
N LEU A 43 0.18 11.67 -3.73
CA LEU A 43 0.09 12.84 -4.63
C LEU A 43 -1.35 13.30 -4.76
N ILE A 44 -1.57 14.59 -4.57
CA ILE A 44 -2.91 15.19 -4.61
C ILE A 44 -3.02 16.28 -5.66
N PHE A 45 -4.11 16.19 -6.46
CA PHE A 45 -4.39 17.20 -7.50
C PHE A 45 -5.92 17.33 -7.53
N ALA A 46 -6.32 18.58 -7.46
CA ALA A 46 -7.74 18.98 -7.52
C ALA A 46 -8.59 18.14 -6.58
N GLY A 47 -8.08 17.99 -5.40
CA GLY A 47 -8.62 17.24 -4.29
C GLY A 47 -8.80 15.76 -4.47
N CYS A 48 -8.13 15.15 -5.41
CA CYS A 48 -8.12 13.71 -5.63
C CYS A 48 -6.78 13.12 -5.25
N GLN A 49 -6.74 11.97 -4.70
CA GLN A 49 -5.43 11.30 -4.47
C GLN A 49 -5.16 10.55 -5.77
N LEU A 50 -3.98 10.72 -6.33
CA LEU A 50 -3.65 10.11 -7.64
C LEU A 50 -3.29 8.65 -7.46
N GLU A 51 -3.77 7.80 -8.37
CA GLU A 51 -3.53 6.34 -8.25
C GLU A 51 -2.42 5.92 -9.18
N ASP A 52 -1.53 5.06 -8.79
CA ASP A 52 -0.35 4.62 -9.54
C ASP A 52 -0.48 4.20 -10.99
N GLY A 53 -1.50 3.45 -11.32
CA GLY A 53 -1.74 2.91 -12.67
C GLY A 53 -2.40 3.82 -13.65
N ARG A 54 -2.89 4.98 -13.21
CA ARG A 54 -3.49 5.96 -14.13
C ARG A 54 -2.37 6.83 -14.68
N THR A 55 -2.66 7.57 -15.72
CA THR A 55 -1.72 8.53 -16.36
C THR A 55 -2.16 9.94 -15.93
N LEU A 56 -1.27 10.90 -16.12
CA LEU A 56 -1.55 12.31 -15.83
C LEU A 56 -2.72 12.75 -16.70
N SER A 57 -2.80 12.25 -17.95
CA SER A 57 -3.93 12.69 -18.80
C SER A 57 -5.26 12.26 -18.24
N ASP A 58 -5.29 11.15 -17.53
CA ASP A 58 -6.56 10.64 -16.93
C ASP A 58 -7.20 11.71 -16.05
N TYR A 59 -6.37 12.41 -15.33
CA TYR A 59 -6.76 13.49 -14.42
C TYR A 59 -6.79 14.84 -15.09
N ASN A 60 -6.55 14.98 -16.38
CA ASN A 60 -6.58 16.32 -16.99
C ASN A 60 -5.58 17.25 -16.32
N ILE A 61 -4.36 16.77 -16.10
CA ILE A 61 -3.28 17.62 -15.54
C ILE A 61 -2.59 18.28 -16.73
N GLN A 62 -2.64 19.57 -16.85
CA GLN A 62 -2.07 20.32 -18.00
C GLN A 62 -0.74 20.97 -17.58
N LYS A 63 0.04 21.51 -18.58
CA LYS A 63 1.33 22.10 -18.24
C LYS A 63 1.17 23.16 -17.17
N GLU A 64 2.22 23.18 -16.36
CA GLU A 64 2.37 24.09 -15.26
C GLU A 64 1.44 23.96 -14.10
N SER A 65 0.81 22.79 -14.03
CA SER A 65 -0.07 22.42 -12.91
C SER A 65 0.84 22.18 -11.68
N THR A 66 0.25 22.25 -10.50
CA THR A 66 0.96 21.97 -9.25
C THR A 66 0.29 20.77 -8.56
N LEU A 67 1.06 19.74 -8.22
CA LEU A 67 0.49 18.62 -7.46
C LEU A 67 0.98 18.81 -6.00
N HIS A 68 0.26 18.31 -5.06
CA HIS A 68 0.72 18.43 -3.66
C HIS A 68 1.24 17.05 -3.26
N LEU A 69 2.38 17.02 -2.60
CA LEU A 69 2.96 15.77 -2.10
C LEU A 69 2.83 15.67 -0.60
N VAL A 70 2.10 14.73 -0.09
CA VAL A 70 2.03 14.52 1.38
C VAL A 70 2.81 13.21 1.60
N LEU A 71 3.60 13.15 2.65
CA LEU A 71 4.36 11.93 2.95
C LEU A 71 3.61 11.09 3.95
N ARG A 72 3.53 9.81 3.72
N ARG A 72 3.57 9.76 3.71
N ARG A 72 3.55 9.80 3.74
N ARG A 72 3.54 9.79 3.73
CA ARG A 72 2.79 8.92 4.64
CA ARG A 72 2.92 8.77 4.60
CA ARG A 72 2.83 8.90 4.67
CA ARG A 72 2.82 8.91 4.65
C ARG A 72 3.69 8.77 5.87
C ARG A 72 2.28 7.75 3.65
C ARG A 72 3.89 8.39 5.64
C ARG A 72 3.87 8.41 5.65
N LEU A 73 3.20 8.91 7.06
N LEU A 73 1.34 6.97 4.06
N LEU A 73 4.90 9.14 5.98
N LEU A 73 5.00 7.94 5.24
CA LEU A 73 4.08 8.79 8.24
CA LEU A 73 0.73 5.99 3.13
CA LEU A 73 5.92 8.62 6.91
CA LEU A 73 6.00 7.45 6.22
C LEU A 73 3.32 8.12 9.39
C LEU A 73 -0.63 5.57 3.64
C LEU A 73 5.29 8.32 8.26
C LEU A 73 5.41 6.33 7.06
N ARG A 74 3.54 6.82 9.50
N ARG A 74 -1.37 4.94 2.74
N ARG A 74 4.44 9.24 8.67
N ARG A 74 5.94 5.14 6.82
CA ARG A 74 2.89 6.00 10.53
CA ARG A 74 -2.74 4.47 3.04
CA ARG A 74 3.72 9.14 9.96
CA ARG A 74 5.49 3.93 7.52
C ARG A 74 3.91 5.01 11.10
C ARG A 74 -3.03 3.23 2.18
C ARG A 74 2.72 8.00 9.88
C ARG A 74 5.75 4.09 9.02
N GLY A 75 3.60 4.51 12.29
N GLY A 75 -4.09 2.54 2.55
N GLY A 75 2.47 7.40 11.04
N GLY A 75 6.93 4.63 9.31
CA GLY A 75 4.44 3.56 13.00
CA GLY A 75 -4.52 1.32 1.88
CA GLY A 75 1.55 6.28 11.19
CA GLY A 75 7.37 4.86 10.68
C GLY A 75 4.67 2.24 12.29
C GLY A 75 -6.00 0.98 2.04
C GLY A 75 2.20 4.91 11.11
C GLY A 75 7.91 3.63 11.40
N GLY A 76 5.86 1.72 12.51
N GLY A 76 -6.36 -0.14 1.46
N GLY A 76 1.48 3.95 11.67
N GLY A 76 7.85 2.54 10.68
CA GLY A 76 6.34 0.45 11.96
CA GLY A 76 -7.72 -0.71 1.48
CA GLY A 76 1.86 2.54 11.72
CA GLY A 76 8.31 1.21 11.13
C GLY A 76 7.84 0.59 11.66
C GLY A 76 -7.61 -2.20 1.79
C GLY A 76 1.75 1.95 10.31
C GLY A 76 7.08 0.29 11.27
N MET B 1 10.04 -5.03 8.79
N MET B 1 -12.78 -13.02 0.06
N MET B 1 -0.85 -5.38 9.75
N MET B 1 -0.48 -1.11 18.54
CA MET B 1 10.48 -3.65 8.51
CA MET B 1 -12.89 -11.56 0.19
CA MET B 1 -0.21 -4.36 8.89
CA MET B 1 0.60 -0.38 17.85
C MET B 1 10.86 -3.59 7.01
C MET B 1 -14.18 -11.13 -0.52
C MET B 1 -1.15 -4.14 7.69
C MET B 1 0.85 0.92 18.64
N GLN B 2 10.67 -2.44 6.44
N GLN B 2 -14.75 -10.08 -0.02
N GLN B 2 -1.10 -2.94 7.20
N GLN B 2 2.08 1.35 18.61
CA GLN B 2 11.04 -2.26 5.01
CA GLN B 2 -16.00 -9.56 -0.65
CA GLN B 2 -1.95 -2.61 6.00
CA GLN B 2 2.42 2.63 19.31
C GLN B 2 12.47 -1.76 4.93
C GLN B 2 -15.62 -8.52 -1.70
C GLN B 2 -1.14 -2.87 4.74
C GLN B 2 2.27 3.78 18.33
N ILE B 3 13.21 -2.31 3.98
N ILE B 3 -16.30 -8.58 -2.83
N ILE B 3 -1.79 -3.46 3.76
N ILE B 3 1.70 4.87 18.84
CA ILE B 3 14.57 -1.82 3.69
CA ILE B 3 -16.13 -7.56 -3.88
CA ILE B 3 -1.18 -3.64 2.43
CA ILE B 3 1.62 6.11 18.05
C ILE B 3 14.64 -1.62 2.15
C ILE B 3 -17.58 -7.13 -4.28
C ILE B 3 -2.23 -3.13 1.40
C ILE B 3 2.13 7.24 18.98
N PHE B 4 15.63 -0.87 1.75
N PHE B 4 -17.62 -5.99 -4.92
N PHE B 4 -1.72 -2.89 0.21
N PHE B 4 2.47 8.35 18.35
CA PHE B 4 15.78 -0.64 0.27
CA PHE B 4 -18.99 -5.49 -5.35
CA PHE B 4 -2.67 -2.40 -0.86
CA PHE B 4 2.97 9.50 19.18
C PHE B 4 17.07 -1.24 -0.19
C PHE B 4 -19.03 -5.45 -6.86
C PHE B 4 -2.74 -3.43 -1.95
C PHE B 4 1.99 10.64 19.06
N VAL B 5 17.15 -1.88 -1.36
N VAL B 5 -20.13 -5.82 -7.51
N VAL B 5 -3.90 -3.71 -2.55
N VAL B 5 1.68 11.39 20.11
CA VAL B 5 18.40 -2.40 -1.87
CA VAL B 5 -20.23 -5.72 -8.96
CA VAL B 5 -3.98 -4.63 -3.66
CA VAL B 5 0.82 12.55 20.00
C VAL B 5 18.65 -1.64 -3.20
C VAL B 5 -21.40 -4.74 -9.22
C VAL B 5 -4.51 -3.79 -4.85
C VAL B 5 1.69 13.76 20.44
N LYS B 6 19.66 -0.85 -3.25
N LYS B 6 -21.11 -3.61 -9.77
N LYS B 6 -3.72 -3.62 -5.85
N LYS B 6 1.96 14.64 19.54
CA LYS B 6 19.94 -0.06 -4.49
CA LYS B 6 -22.18 -2.59 -10.02
CA LYS B 6 -4.15 -2.78 -7.03
CA LYS B 6 2.84 15.81 19.86
C LYS B 6 20.94 -0.81 -5.31
C LYS B 6 -22.67 -2.76 -11.43
C LYS B 6 -4.70 -3.71 -8.08
C LYS B 6 1.94 16.97 20.23
N THR B 7 20.63 -1.04 -6.61
N THR B 7 -24.01 -2.90 -11.62
N THR B 7 -5.94 -3.43 -8.56
N THR B 7 2.19 17.60 21.40
CA THR B 7 21.56 -1.78 -7.48
CA THR B 7 -24.56 -3.06 -12.97
CA THR B 7 -6.53 -4.28 -9.59
CA THR B 7 1.35 18.73 21.82
C THR B 7 22.35 -0.79 -8.33
C THR B 7 -25.09 -1.72 -13.47
C THR B 7 -6.35 -3.63 -10.96
C THR B 7 2.09 20.04 21.50
N LEU B 8 23.36 -1.25 -9.04
N LEU B 8 -25.46 -1.63 -14.73
N LEU B 8 -6.66 -4.34 -12.03
N LEU B 8 1.42 21.16 21.64
CA LEU B 8 24.21 -0.35 -9.85
CA LEU B 8 -25.94 -0.36 -15.29
CA LEU B 8 -6.47 -3.79 -13.39
CA LEU B 8 2.05 22.47 21.32
C LEU B 8 23.51 0.14 -11.10
C LEU B 8 -27.34 -0.01 -14.83
C LEU B 8 -7.49 -2.74 -13.75
C LEU B 8 3.07 22.89 22.35
N THR B 9 22.31 -0.40 -11.39
N THR B 9 -28.01 -0.92 -14.10
N THR B 9 -8.51 -2.53 -12.88
N THR B 9 3.18 22.16 23.47
CA THR B 9 21.65 0.12 -12.65
CA THR B 9 -29.39 -0.54 -13.67
CA THR B 9 -9.50 -1.48 -13.28
CA THR B 9 4.21 22.63 24.46
C THR B 9 20.58 1.12 -12.34
C THR B 9 -29.42 -0.11 -12.24
C THR B 9 -9.27 -0.18 -12.55
C THR B 9 5.46 21.82 24.40
N GLY B 10 20.54 1.64 -11.15
N GLY B 10 -28.29 0.17 -11.65
N GLY B 10 -8.13 -0.03 -11.93
N GLY B 10 5.65 21.06 23.35
CA GLY B 10 19.57 2.61 -10.72
CA GLY B 10 -28.17 0.60 -10.28
CA GLY B 10 -7.78 1.17 -11.19
CA GLY B 10 6.81 20.23 23.16
C GLY B 10 18.20 2.08 -10.40
C GLY B 10 -28.31 -0.47 -9.24
C GLY B 10 -8.39 1.30 -9.84
C GLY B 10 6.85 18.94 23.94
N LYS B 11 18.10 0.79 -10.21
N LYS B 11 -28.17 -1.70 -9.66
N LYS B 11 -8.90 0.22 -9.31
N LYS B 11 5.72 18.55 24.46
CA LYS B 11 16.87 0.15 -9.79
CA LYS B 11 -28.18 -2.84 -8.75
CA LYS B 11 -9.43 0.18 -7.96
CA LYS B 11 5.58 17.28 25.16
C LYS B 11 16.99 0.00 -8.25
C LYS B 11 -26.69 -3.15 -8.48
C LYS B 11 -8.29 -0.37 -7.08
C LYS B 11 5.04 16.28 24.10
N THR B 12 15.90 0.28 -7.56
N THR B 12 -26.35 -3.44 -7.23
N THR B 12 -8.11 0.22 -5.92
N THR B 12 5.57 15.08 24.09
CA THR B 12 15.95 0.07 -6.09
CA THR B 12 -24.95 -3.83 -6.97
CA THR B 12 -7.08 -0.35 -5.02
CA THR B 12 5.02 14.08 23.15
C THR B 12 14.88 -0.96 -5.77
C THR B 12 -25.01 -5.24 -6.39
C THR B 12 -7.81 -0.75 -3.74
C THR B 12 4.50 12.93 24.01
N ILE B 13 15.24 -1.97 -5.00
N ILE B 13 -24.18 -6.13 -6.93
N ILE B 13 -7.54 -1.99 -3.29
N ILE B 13 3.27 12.51 23.74
CA ILE B 13 14.17 -2.97 -4.69
CA ILE B 13 -24.24 -7.50 -6.33
CA ILE B 13 -8.26 -2.36 -2.03
CA ILE B 13 2.79 11.37 24.58
C ILE B 13 13.78 -2.84 -3.24
C ILE B 13 -22.99 -7.75 -5.55
C ILE B 13 -7.27 -2.42 -0.90
C ILE B 13 2.72 10.12 23.74
N THR B 14 12.51 -2.97 -2.93
N THR B 14 -23.09 -8.43 -4.42
N THR B 14 -7.66 -1.98 0.28
N THR B 14 3.07 8.98 24.30
CA THR B 14 12.15 -2.88 -1.49
CA THR B 14 -21.83 -8.71 -3.67
CA THR B 14 -6.69 -2.09 1.40
CA THR B 14 2.96 7.75 23.46
C THR B 14 11.94 -4.28 -0.97
C THR B 14 -21.43 -10.14 -3.94
C THR B 14 -7.06 -3.29 2.24
C THR B 14 1.70 7.03 23.87
N LEU B 15 12.39 -4.58 0.24
N LEU B 15 -20.15 -10.40 -4.12
N LEU B 15 -6.08 -4.06 2.71
N LEU B 15 0.95 6.47 22.91
CA LEU B 15 12.24 -5.91 0.81
CA LEU B 15 -19.68 -11.75 -4.40
CA LEU B 15 -6.35 -5.23 3.51
CA LEU B 15 -0.27 5.77 23.21
C LEU B 15 11.56 -5.77 2.19
C LEU B 15 -18.59 -12.10 -3.38
C LEU B 15 -5.54 -5.12 4.81
C LEU B 15 -0.19 4.38 22.58
N GLU B 16 10.90 -6.82 2.59
N GLU B 16 -18.43 -13.38 -3.14
N GLU B 16 -6.03 -5.78 5.83
N GLU B 16 -0.92 3.46 23.16
CA GLU B 16 10.34 -6.78 3.97
CA GLU B 16 -17.28 -13.77 -2.27
CA GLU B 16 -5.20 -5.81 7.08
CA GLU B 16 -0.99 2.12 22.49
C GLU B 16 11.15 -7.83 4.72
C GLU B 16 -16.35 -14.50 -3.21
C GLU B 16 -4.78 -7.27 7.19
C GLU B 16 -2.43 2.02 22.01
N VAL B 17 11.81 -7.33 5.76
N VAL B 17 -15.15 -13.95 -3.27
N VAL B 17 -3.47 -7.42 7.20
N VAL B 17 -2.51 1.85 20.70
CA VAL B 17 12.69 -8.15 6.58
CA VAL B 17 -14.10 -14.47 -4.15
CA VAL B 17 -2.84 -8.74 7.24
CA VAL B 17 -3.80 1.79 20.01
C VAL B 17 12.52 -7.82 8.07
C VAL B 17 -12.74 -14.46 -3.45
C VAL B 17 -1.63 -8.75 8.19
C VAL B 17 -3.79 0.70 18.93
N GLU B 18 13.15 -8.67 8.84
N GLU B 18 -11.83 -15.09 -4.15
N GLU B 18 -1.18 -9.96 8.40
N GLU B 18 -4.99 0.49 18.44
CA GLU B 18 13.25 -8.54 10.29
CA GLU B 18 -10.41 -15.14 -3.77
CA GLU B 18 0.04 -10.25 9.17
CA GLU B 18 -5.26 -0.41 17.31
C GLU B 18 14.74 -8.44 10.61
C GLU B 18 -9.64 -14.51 -4.92
C GLU B 18 0.98 -10.97 8.21
C GLU B 18 -5.89 0.44 16.22
N PRO B 19 15.09 -7.65 11.61
N PRO B 19 -8.57 -13.81 -4.61
N PRO B 19 2.27 -10.72 8.35
N PRO B 19 -5.58 0.14 14.98
CA PRO B 19 16.48 -7.50 12.05
CA PRO B 19 -7.71 -13.19 -5.63
CA PRO B 19 3.29 -11.39 7.53
CA PRO B 19 -6.15 0.84 13.83
C PRO B 19 17.09 -8.84 12.40
C PRO B 19 -7.21 -14.20 -6.64
C PRO B 19 3.19 -12.88 7.63
C PRO B 19 -7.66 0.84 13.85
N SER B 20 16.27 -9.81 12.75
N SER B 20 -7.16 -15.47 -6.24
N SER B 20 2.62 -13.39 8.71
N SER B 20 -8.24 -0.15 14.52
CA SER B 20 16.79 -11.13 13.16
CA SER B 20 -6.63 -16.51 -7.14
CA SER B 20 2.54 -14.83 8.91
CA SER B 20 -9.70 -0.26 14.55
C SER B 20 17.16 -11.95 11.95
C SER B 20 -7.68 -16.93 -8.15
C SER B 20 1.39 -15.42 8.11
C SER B 20 -10.30 0.71 15.55
N ASP B 21 16.81 -11.47 10.76
N ASP B 21 -8.91 -16.45 -7.96
N ASP B 21 0.56 -14.55 7.53
N ASP B 21 -9.45 1.35 16.35
CA ASP B 21 17.16 -12.29 9.56
CA ASP B 21 -9.95 -16.88 -8.94
CA ASP B 21 -0.58 -15.12 6.76
CA ASP B 21 -10.02 2.28 17.36
C ASP B 21 18.65 -12.27 9.33
C ASP B 21 -9.70 -16.22 -10.27
C ASP B 21 -0.08 -15.76 5.49
C ASP B 21 -10.58 3.50 16.67
N THR B 22 19.16 -13.36 8.80
N THR B 22 -10.07 -16.93 -11.33
N THR B 22 -0.79 -16.80 5.06
N THR B 22 -11.62 4.06 17.26
CA THR B 22 20.57 -13.45 8.43
CA THR B 22 -9.98 -16.41 -12.68
CA THR B 22 -0.49 -17.48 3.82
CA THR B 22 -12.21 5.29 16.77
C THR B 22 20.74 -12.83 7.02
C THR B 22 -11.24 -15.56 -12.95
C THR B 22 -1.18 -16.70 2.68
C THR B 22 -11.41 6.48 17.36
N ILE B 23 21.99 -12.48 6.76
N ILE B 23 -11.09 -14.70 -13.97
N ILE B 23 -0.65 -16.95 1.48
N ILE B 23 -11.57 7.60 16.67
CA ILE B 23 22.38 -11.96 5.45
CA ILE B 23 -12.21 -13.89 -14.43
CA ILE B 23 -1.23 -16.38 0.27
CA ILE B 23 -10.97 8.85 17.13
C ILE B 23 22.09 -13.00 4.37
C ILE B 23 -13.35 -14.77 -14.93
C ILE B 23 -2.67 -16.85 0.09
C ILE B 23 -11.50 9.23 18.51
N GLU B 24 22.32 -14.25 4.69
N GLU B 24 -13.00 -15.87 -15.57
N GLU B 24 -2.93 -18.09 0.44
N GLU B 24 -12.76 8.98 18.73
CA GLU B 24 22.02 -15.35 3.71
CA GLU B 24 -14.05 -16.83 -16.04
CA GLU B 24 -4.33 -18.62 0.37
CA GLU B 24 -13.36 9.25 20.09
C GLU B 24 20.56 -15.32 3.30
C GLU B 24 -14.88 -17.32 -14.88
C GLU B 24 -5.26 -17.78 1.21
C GLU B 24 -12.61 8.49 21.16
N ASN B 25 19.69 -15.06 4.27
N ASN B 25 -14.24 -17.58 -13.76
N ASN B 25 -4.80 -17.38 2.38
N ASN B 25 -12.25 7.26 20.87
CA ASN B 25 18.23 -15.00 4.07
CA ASN B 25 -14.89 -18.07 -12.53
CA ASN B 25 -5.57 -16.56 3.33
CA ASN B 25 -11.53 6.37 21.80
C ASN B 25 17.85 -13.82 3.16
C ASN B 25 -15.84 -17.03 -11.95
C ASN B 25 -5.86 -15.18 2.78
C ASN B 25 -10.12 6.90 22.10
N VAL B 26 18.47 -12.69 3.45
N VAL B 26 -15.36 -15.80 -11.93
N VAL B 26 -4.83 -14.59 2.19
N VAL B 26 -9.47 7.32 21.03
CA VAL B 26 18.23 -11.49 2.65
CA VAL B 26 -16.16 -14.69 -11.43
CA VAL B 26 -4.96 -13.28 1.58
CA VAL B 26 -8.13 7.89 21.16
C VAL B 26 18.57 -11.78 1.20
C VAL B 26 -17.44 -14.59 -12.25
C VAL B 26 -6.05 -13.33 0.50
C VAL B 26 -8.18 9.08 22.10
N LYS B 27 19.73 -12.39 0.98
N LYS B 27 -17.29 -14.66 -13.57
N LYS B 27 -6.00 -14.37 -0.32
N LYS B 27 -9.16 9.95 21.89
CA LYS B 27 20.17 -12.72 -0.38
CA LYS B 27 -18.45 -14.57 -14.47
CA LYS B 27 -6.99 -14.52 -1.40
CA LYS B 27 -9.31 11.15 22.73
C LYS B 27 19.18 -13.64 -1.06
C LYS B 27 -19.43 -15.71 -14.20
C LYS B 27 -8.39 -14.65 -0.82
C LYS B 27 -9.53 10.77 24.18
N ALA B 28 18.62 -14.59 -0.33
N ALA B 28 -18.94 -16.89 -13.91
N ALA B 28 -8.54 -15.34 0.29
N ALA B 28 -10.29 9.71 24.42
CA ALA B 28 17.60 -15.48 -0.88
CA ALA B 28 -19.80 -18.03 -13.56
CA ALA B 28 -9.84 -15.46 0.96
CA ALA B 28 -10.51 9.22 25.79
C ALA B 28 16.33 -14.74 -1.25
C ALA B 28 -20.52 -17.80 -12.25
C ALA B 28 -10.31 -14.12 1.49
C ALA B 28 -9.23 8.69 26.40
N LYS B 29 15.92 -13.75 -0.46
N LYS B 29 -19.88 -17.19 -11.27
N LYS B 29 -9.43 -13.29 2.02
N LYS B 29 -8.38 8.01 25.63
CA LYS B 29 14.75 -12.92 -0.80
CA LYS B 29 -20.56 -16.85 -9.99
CA LYS B 29 -9.81 -11.94 2.48
CA LYS B 29 -7.08 7.54 26.14
C LYS B 29 15.00 -12.12 -2.10
C LYS B 29 -21.69 -15.83 -10.22
C LYS B 29 -10.30 -11.07 1.30
C LYS B 29 -6.18 8.73 26.53
N ILE B 30 16.24 -11.66 -2.24
N ILE B 30 -21.44 -14.89 -11.14
N ILE B 30 -9.64 -11.25 0.15
N ILE B 30 -6.26 9.80 25.72
CA ILE B 30 16.58 -10.87 -3.44
CA ILE B 30 -22.45 -13.88 -11.43
CA ILE B 30 -10.02 -10.47 -1.03
CA ILE B 30 -5.44 10.99 26.01
C ILE B 30 16.57 -11.85 -4.63
C ILE B 30 -23.60 -14.58 -12.16
C ILE B 30 -11.39 -10.99 -1.49
C ILE B 30 -6.01 11.63 27.28
N GLN B 31 17.06 -13.05 -4.46
N GLN B 31 -23.31 -15.51 -13.05
N GLN B 31 -11.62 -12.28 -1.43
N GLN B 31 -7.30 11.66 27.43
CA GLN B 31 17.03 -14.01 -5.60
CA GLN B 31 -24.42 -16.22 -13.75
CA GLN B 31 -12.97 -12.79 -1.86
CA GLN B 31 -7.86 12.28 28.68
C GLN B 31 15.56 -14.27 -6.00
C GLN B 31 -25.27 -16.97 -12.71
C GLN B 31 -14.04 -12.20 -0.93
C GLN B 31 -7.37 11.47 29.90
N ASP B 32 14.79 -14.56 -4.99
N ASP B 32 -24.56 -17.70 -11.88
N ASP B 32 -13.75 -12.31 0.35
N ASP B 32 -7.53 10.18 29.77
CA ASP B 32 13.35 -14.82 -5.20
CA ASP B 32 -25.22 -18.47 -10.81
CA ASP B 32 -14.68 -11.77 1.37
CA ASP B 32 -7.09 9.25 30.84
C ASP B 32 12.67 -13.69 -5.96
C ASP B 32 -26.12 -17.61 -9.96
C ASP B 32 -15.01 -10.32 1.12
C ASP B 32 -5.64 9.47 31.22
N LYS B 33 13.02 -12.43 -5.63
N LYS B 33 -25.67 -16.39 -9.62
N LYS B 33 -14.00 -9.51 0.74
N LYS B 33 -4.77 9.68 30.21
CA LYS B 33 12.28 -11.34 -6.31
CA LYS B 33 -26.53 -15.59 -8.71
CA LYS B 33 -14.33 -8.06 0.60
CA LYS B 33 -3.34 9.80 30.60
C LYS B 33 12.89 -10.77 -7.54
C LYS B 33 -27.49 -14.64 -9.34
C LYS B 33 -14.72 -7.59 -0.75
C LYS B 33 -2.82 11.17 30.84
N GLU B 34 14.17 -10.82 -7.78
N GLU B 34 -27.32 -14.14 -10.53
N GLU B 34 -14.36 -8.20 -1.85
N GLU B 34 -3.34 12.24 30.31
CA GLU B 34 14.82 -10.30 -8.95
CA GLU B 34 -28.23 -13.23 -11.19
CA GLU B 34 -14.70 -7.78 -3.19
CA GLU B 34 -2.87 13.59 30.52
C GLU B 34 15.63 -11.31 -9.72
C GLU B 34 -28.71 -13.71 -12.53
C GLU B 34 -15.41 -8.83 -3.99
C GLU B 34 -3.92 14.52 31.06
N GLY B 35 15.77 -12.51 -9.19
N GLY B 35 -28.19 -14.83 -13.02
N GLY B 35 -15.52 -10.04 -3.47
N GLY B 35 -5.16 14.07 31.17
CA GLY B 35 16.46 -13.59 -9.85
CA GLY B 35 -28.63 -15.42 -14.25
CA GLY B 35 -16.24 -11.12 -4.10
CA GLY B 35 -6.23 14.84 31.74
C GLY B 35 17.93 -13.64 -9.79
C GLY B 35 -28.11 -14.88 -15.52
C GLY B 35 -15.56 -11.89 -5.16
C GLY B 35 -6.91 15.85 30.89
N ILE B 36 18.56 -12.72 -9.03
N ILE B 36 -27.17 -13.93 -15.46
N ILE B 36 -14.26 -11.62 -5.42
N ILE B 36 -6.57 15.92 29.60
CA ILE B 36 20.03 -12.76 -8.95
CA ILE B 36 -26.64 -13.38 -16.72
CA ILE B 36 -13.57 -12.39 -6.46
CA ILE B 36 -7.24 16.90 28.74
C ILE B 36 20.51 -13.84 -8.00
C ILE B 36 -25.60 -14.31 -17.33
C ILE B 36 -13.16 -13.75 -5.97
C ILE B 36 -8.61 16.41 28.31
N PRO B 37 21.36 -14.73 -8.47
N PRO B 37 -25.79 -14.72 -18.58
N PRO B 37 -13.56 -14.80 -6.66
N PRO B 37 -9.64 17.20 28.57
CA PRO B 37 21.93 -15.82 -7.65
CA PRO B 37 -24.86 -15.58 -19.31
CA PRO B 37 -13.21 -16.19 -6.31
CA PRO B 37 -11.03 16.88 28.18
C PRO B 37 22.66 -15.25 -6.44
C PRO B 37 -23.48 -14.97 -19.36
C PRO B 37 -11.70 -16.37 -6.27
C PRO B 37 -11.13 16.66 26.68
N PRO B 38 22.49 -15.83 -5.28
N PRO B 38 -22.43 -15.73 -19.14
N PRO B 38 -11.17 -17.06 -5.29
N PRO B 38 -11.84 15.66 26.24
CA PRO B 38 23.16 -15.30 -4.08
CA PRO B 38 -21.07 -15.17 -19.16
CA PRO B 38 -9.71 -17.24 -5.22
CA PRO B 38 -11.95 15.40 24.80
C PRO B 38 24.66 -15.24 -4.22
C PRO B 38 -20.73 -14.49 -20.46
C PRO B 38 -9.11 -17.87 -6.44
C PRO B 38 -12.49 16.57 24.01
N ASP B 39 25.26 -16.14 -4.96
N ASP B 39 -21.26 -14.96 -21.56
N ASP B 39 -9.84 -18.74 -7.10
N ASP B 39 -13.35 17.35 24.61
CA ASP B 39 26.74 -16.17 -5.09
CA ASP B 39 -20.93 -14.37 -22.89
CA ASP B 39 -9.31 -19.45 -8.29
CA ASP B 39 -13.98 18.49 23.88
C ASP B 39 27.27 -14.96 -5.87
C ASP B 39 -21.47 -12.96 -23.05
C ASP B 39 -9.08 -18.52 -9.47
C ASP B 39 -12.98 19.59 23.57
N GLN B 40 26.39 -14.27 -6.55
N GLN B 40 -22.40 -12.58 -22.18
N GLN B 40 -9.67 -17.34 -9.40
N GLN B 40 -11.82 19.55 24.22
CA GLN B 40 26.82 -13.07 -7.31
CA GLN B 40 -22.95 -11.20 -22.27
CA GLN B 40 -9.46 -16.36 -10.50
CA GLN B 40 -10.79 20.57 23.95
C GLN B 40 26.60 -11.77 -6.51
C GLN B 40 -22.24 -10.24 -21.30
C GLN B 40 -8.34 -15.36 -10.19
C GLN B 40 -9.75 20.07 22.93
N GLN B 41 25.89 -11.84 -5.41
N GLN B 41 -21.42 -10.75 -20.41
N GLN B 41 -7.85 -15.34 -8.98
N GLN B 41 -9.76 18.81 22.59
CA GLN B 41 25.56 -10.70 -4.59
CA GLN B 41 -20.72 -9.96 -19.42
CA GLN B 41 -6.83 -14.41 -8.54
CA GLN B 41 -8.82 18.20 21.68
C GLN B 41 26.61 -10.29 -3.58
C GLN B 41 -19.43 -9.34 -19.87
C GLN B 41 -5.40 -14.84 -8.82
C GLN B 41 -9.16 18.31 20.21
N ARG B 42 26.94 -9.01 -3.61
N ARG B 42 -19.32 -8.03 -19.61
N ARG B 42 -4.66 -13.92 -9.42
N ARG B 42 -8.16 18.77 19.45
CA ARG B 42 27.83 -8.41 -2.56
CA ARG B 42 -18.03 -7.29 -19.84
CA ARG B 42 -3.19 -14.09 -9.61
CA ARG B 42 -8.26 18.78 17.97
C ARG B 42 27.01 -7.31 -1.93
C ARG B 42 -17.67 -6.72 -18.48
C ARG B 42 -2.55 -12.93 -8.89
C ARG B 42 -7.10 17.94 17.48
N LEU B 43 26.66 -7.40 -0.65
N LEU B 43 -16.57 -7.14 -17.87
N LEU B 43 -1.77 -13.14 -7.83
N LEU B 43 -7.34 16.80 16.83
CA LEU B 43 25.81 -6.37 -0.01
CA LEU B 43 -16.21 -6.64 -16.52
CA LEU B 43 -1.17 -12.02 -7.07
CA LEU B 43 -6.23 15.92 16.40
C LEU B 43 26.66 -5.45 0.86
C LEU B 43 -15.10 -5.60 -16.62
C LEU B 43 0.30 -11.88 -7.43
C LEU B 43 -6.00 16.08 14.90
N ILE B 44 26.49 -4.14 0.67
N ILE B 44 -15.31 -4.46 -15.97
N ILE B 44 0.70 -10.66 -7.76
N ILE B 44 -4.74 16.29 14.53
CA ILE B 44 27.26 -3.13 1.37
CA ILE B 44 -14.38 -3.34 -16.01
CA ILE B 44 2.07 -10.35 -8.18
CA ILE B 44 -4.35 16.52 13.14
C ILE B 44 26.36 -2.17 2.16
C ILE B 44 -13.91 -2.94 -14.61
C ILE B 44 2.71 -9.30 -7.28
C ILE B 44 -3.31 15.50 12.67
N PHE B 45 26.75 -1.96 3.44
N PHE B 45 -12.56 -2.79 -14.49
N PHE B 45 3.97 -9.63 -6.84
N PHE B 45 -3.60 14.93 11.47
CA PHE B 45 26.02 -1.02 4.31
CA PHE B 45 -11.94 -2.37 -13.23
CA PHE B 45 4.75 -8.70 -6.02
CA PHE B 45 -2.69 13.96 10.85
C PHE B 45 27.10 -0.37 5.19
C PHE B 45 -10.75 -1.48 -13.64
C PHE B 45 6.22 -8.90 -6.46
C PHE B 45 -2.77 14.24 9.33
N ALA B 46 27.01 0.94 5.21
N ALA B 46 -10.75 -0.33 -13.01
N ALA B 46 6.80 -7.75 -6.74
N ALA B 46 -1.60 14.38 8.77
CA ALA B 46 27.88 1.80 6.01
CA ALA B 46 -9.69 0.69 -13.17
CA ALA B 46 8.21 -7.65 -7.14
CA ALA B 46 -1.40 14.58 7.32
C ALA B 46 29.35 1.41 5.83
C ALA B 46 -9.40 0.94 -14.64
C ALA B 46 8.54 -8.64 -8.24
C ALA B 46 -2.33 15.68 6.82
N GLY B 47 29.70 1.21 4.60
N GLY B 47 -10.47 1.08 -15.37
N GLY B 47 7.67 -8.68 -9.20
N GLY B 47 -2.36 16.75 7.56
CA GLY B 47 30.98 0.82 4.10
CA GLY B 47 -10.56 1.32 -16.78
CA GLY B 47 7.67 -9.51 -10.38
CA GLY B 47 -3.12 17.94 7.37
C GLY B 47 31.53 -0.50 4.53
C GLY B 47 -9.99 0.26 -17.70
C GLY B 47 7.61 -11.01 -10.17
C GLY B 47 -4.62 17.82 7.37
N LYS B 48 30.69 -1.41 4.97
N LYS B 48 -9.86 -0.95 -17.24
N LYS B 48 7.14 -11.45 -9.03
N LYS B 48 -5.16 16.78 7.96
CA LYS B 48 31.11 -2.75 5.38
CA LYS B 48 -9.37 -2.06 -18.06
CA LYS B 48 6.98 -12.89 -8.75
CA LYS B 48 -6.60 16.59 8.06
C LYS B 48 30.46 -3.75 4.40
C LYS B 48 -10.52 -3.07 -18.20
C LYS B 48 5.48 -13.17 -8.60
C LYS B 48 -6.96 16.64 9.56
N GLN B 49 31.16 -4.79 4.04
N GLN B 49 -10.67 -3.68 -19.34
N GLN B 49 5.02 -14.29 -9.07
N GLN B 49 -8.09 17.21 9.89
CA GLN B 49 30.55 -5.85 3.19
CA GLN B 49 -11.69 -4.75 -19.49
CA GLN B 49 3.59 -14.67 -8.84
CA GLN B 49 -8.55 17.20 11.30
C GLN B 49 29.85 -6.76 4.19
C GLN B 49 -10.97 -6.01 -19.01
C GLN B 49 3.61 -15.35 -7.48
C GLN B 49 -9.30 15.87 11.43
N LEU B 50 28.60 -7.09 3.96
N LEU B 50 -11.58 -6.77 -18.14
N LEU B 50 2.72 -14.96 -6.59
N LEU B 50 -8.99 15.09 12.43
CA LEU B 50 27.81 -7.89 4.90
CA LEU B 50 -10.94 -7.95 -17.54
CA LEU B 50 2.71 -15.48 -5.22
CA LEU B 50 -9.58 13.74 12.59
C LEU B 50 28.16 -9.36 4.75
C LEU B 50 -11.02 -9.13 -18.51
C LEU B 50 2.04 -16.84 -5.19
C LEU B 50 -10.98 13.87 13.18
N GLU B 51 28.29 -10.09 5.87
N GLU B 51 -9.92 -9.89 -18.61
N GLU B 51 2.60 -17.78 -4.42
N GLU B 51 -11.94 13.08 12.67
CA GLU B 51 28.66 -11.51 5.80
CA GLU B 51 -9.90 -11.02 -19.57
CA GLU B 51 2.04 -19.15 -4.38
CA GLU B 51 -13.32 13.17 13.15
C GLU B 51 27.46 -12.37 5.99
C GLU B 51 -10.11 -12.32 -18.84
C GLU B 51 1.23 -19.34 -3.12
C GLU B 51 -13.61 12.04 14.10
N ASP B 52 27.31 -13.46 5.27
N ASP B 52 -10.87 -13.25 -19.37
N ASP B 52 0.10 -20.00 -3.17
N ASP B 52 -14.33 12.26 15.17
CA ASP B 52 26.16 -14.35 5.27
CA ASP B 52 -11.24 -14.51 -18.76
CA ASP B 52 -0.83 -20.19 -2.06
CA ASP B 52 -14.62 11.29 16.23
C ASP B 52 25.57 -14.86 6.58
C ASP B 52 -10.19 -15.40 -18.11
C ASP B 52 -0.34 -20.63 -0.70
C ASP B 52 -15.12 9.90 15.89
N GLY B 53 26.40 -15.23 7.53
N GLY B 53 -9.04 -15.54 -18.72
N GLY B 53 0.56 -21.59 -0.66
N GLY B 53 -16.02 9.79 14.94
CA GLY B 53 25.99 -15.78 8.83
CA GLY B 53 -7.94 -16.41 -18.25
CA GLY B 53 1.10 -22.18 0.59
CA GLY B 53 -16.65 8.51 14.53
C GLY B 53 25.61 -14.80 9.88
C GLY B 53 -7.04 -15.83 -17.20
C GLY B 53 2.20 -21.42 1.25
C GLY B 53 -15.87 7.68 13.56
N ARG B 54 25.83 -13.50 9.66
N ARG B 54 -7.16 -14.53 -16.91
N ARG B 54 2.75 -20.39 0.61
N ARG B 54 -14.79 8.20 12.99
CA ARG B 54 25.42 -12.46 10.62
CA ARG B 54 -6.36 -13.90 -15.84
CA ARG B 54 3.80 -19.55 1.24
CA ARG B 54 -13.93 7.41 12.09
C ARG B 54 23.97 -12.11 10.33
C ARG B 54 -7.08 -14.11 -14.52
C ARG B 54 3.11 -18.47 2.05
C ARG B 54 -12.93 6.63 12.93
N THR B 55 23.34 -11.42 11.25
N THR B 55 -6.39 -13.88 -13.43
N THR B 55 3.85 -17.81 2.90
N THR B 55 -12.29 5.66 12.33
CA THR B 55 21.94 -10.93 11.11
CA THR B 55 -6.95 -13.98 -12.06
CA THR B 55 3.36 -16.69 3.74
CA THR B 55 -11.23 4.84 12.99
C THR B 55 22.03 -9.42 10.84
C THR B 55 -7.16 -12.53 -11.57
C THR B 55 3.91 -15.40 3.11
C THR B 55 -9.88 5.33 12.43
N LEU B 56 20.93 -8.86 10.38
N LEU B 56 -7.93 -12.39 -10.50
N LEU B 56 3.34 -14.28 3.52
N LEU B 56 -8.82 4.96 13.12
CA LEU B 56 20.82 -7.41 10.11
CA LEU B 56 -8.19 -11.09 -9.87
CA LEU B 56 3.79 -12.95 3.06
CA LEU B 56 -7.44 5.28 12.69
C LEU B 56 21.04 -6.67 11.42
C LEU B 56 -6.85 -10.53 -9.39
C LEU B 56 5.24 -12.76 3.51
C LEU B 56 -7.21 4.66 11.32
N SER B 57 20.55 -7.25 12.55
N SER B 57 -5.95 -11.41 -8.90
N SER B 57 5.59 -13.27 4.70
N SER B 57 -7.77 3.46 11.08
CA SER B 57 20.76 -6.52 13.83
CA SER B 57 -4.66 -10.87 -8.41
CA SER B 57 7.00 -13.08 5.12
CA SER B 57 -7.53 2.84 9.76
C SER B 57 22.22 -6.40 14.18
C SER B 57 -3.86 -10.22 -9.52
C SER B 57 7.98 -13.77 4.21
C SER B 57 -8.12 3.66 8.62
N ASP B 58 23.03 -7.35 13.76
N ASP B 58 -4.03 -10.70 -10.73
N ASP B 58 7.56 -14.87 3.60
N ASP B 58 -9.20 4.36 8.91
CA ASP B 58 24.49 -7.32 14.06
CA ASP B 58 -3.29 -10.13 -11.90
CA ASP B 58 8.44 -15.62 2.67
CA ASP B 58 -9.86 5.22 7.88
C ASP B 58 25.11 -6.01 13.56
C ASP B 58 -3.54 -8.62 -12.02
C ASP B 58 8.97 -14.71 1.56
C ASP B 58 -8.86 6.20 7.27
N TYR B 59 24.66 -5.58 12.42
N TYR B 59 -4.76 -8.25 -11.77
N TYR B 59 8.11 -13.85 1.09
N TYR B 59 -8.02 6.73 8.11
CA TYR B 59 25.10 -4.35 11.77
CA TYR B 59 -5.21 -6.86 -11.79
CA TYR B 59 8.41 -12.87 0.05
CA TYR B 59 -6.98 7.69 7.74
C TYR B 59 24.26 -3.14 12.16
C TYR B 59 -5.09 -6.16 -10.46
C TYR B 59 8.90 -11.55 0.59
C TYR B 59 -5.66 7.02 7.39
N ASN B 60 23.31 -3.23 13.06
N ASN B 60 -4.53 -6.75 -9.42
N ASN B 60 9.13 -11.37 1.88
N ASN B 60 -5.55 5.72 7.34
CA ASN B 60 22.52 -2.03 13.40
CA ASN B 60 -4.43 -6.03 -8.14
CA ASN B 60 9.61 -10.07 2.36
CA ASN B 60 -4.25 5.11 7.00
C ASN B 60 21.84 -1.45 12.16
C ASN B 60 -5.81 -5.60 -7.65
C ASN B 60 8.65 -8.94 1.99
C ASN B 60 -3.15 5.55 7.96
N ILE B 61 21.23 -2.30 11.37
N ILE B 61 -6.77 -6.49 -7.70
N ILE B 61 7.36 -9.16 2.18
N ILE B 61 -3.45 5.53 9.25
CA ILE B 61 20.44 -1.83 10.18
CA ILE B 61 -8.13 -6.20 -7.16
CA ILE B 61 6.34 -8.10 1.94
CA ILE B 61 -2.43 5.86 10.28
C ILE B 61 19.02 -1.58 10.68
C ILE B 61 -8.10 -6.61 -5.69
C ILE B 61 6.21 -7.33 3.24
C ILE B 61 -1.73 4.54 10.62
N GLN B 62 18.56 -0.37 10.64
N GLN B 62 -8.26 -5.70 -4.78
N GLN B 62 6.55 -6.07 3.25
N GLN B 62 -0.46 4.42 10.36
CA GLN B 62 17.21 0.01 11.16
CA GLN B 62 -8.18 -5.97 -3.31
CA GLN B 62 6.53 -5.22 4.49
CA GLN B 62 0.31 3.17 10.58
C GLN B 62 16.24 0.18 9.99
C GLN B 62 -9.60 -6.02 -2.72
C GLN B 62 5.30 -4.31 4.46
C GLN B 62 1.16 3.31 11.85
N LYS B 63 14.94 0.32 10.27
N LYS B 63 -9.73 -6.46 -1.47
N LYS B 63 5.00 -3.65 5.57
N LYS B 63 1.76 2.21 12.32
CA LYS B 63 13.93 0.42 9.25
CA LYS B 63 -11.02 -6.61 -0.83
CA LYS B 63 3.83 -2.81 5.68
CA LYS B 63 2.53 2.21 13.54
C LYS B 63 14.28 1.59 8.32
C LYS B 63 -11.77 -5.28 -0.90
C LYS B 63 3.83 -1.78 4.56
C LYS B 63 3.62 3.28 13.45
N GLU B 64 13.97 1.33 7.04
N GLU B 64 -13.09 -5.45 -1.10
N GLU B 64 2.61 -1.53 4.09
N GLU B 64 3.83 3.89 14.63
CA GLU B 64 14.17 2.23 5.94
CA GLU B 64 -14.05 -4.39 -1.19
CA GLU B 64 2.29 -0.61 3.03
CA GLU B 64 4.79 4.94 14.86
C GLU B 64 15.58 2.56 5.54
C GLU B 64 -13.98 -3.47 -2.37
C GLU B 64 2.77 -0.92 1.65
C GLU B 64 4.57 6.26 14.19
N SER B 65 16.49 1.70 5.98
N SER B 65 -13.29 -3.95 -3.41
N SER B 65 3.09 -2.19 1.45
N SER B 65 3.34 6.47 13.78
CA SER B 65 17.91 1.76 5.61
CA SER B 65 -13.20 -3.27 -4.69
CA SER B 65 3.48 -2.74 0.15
CA SER B 65 2.88 7.74 13.20
C SER B 65 18.03 1.36 4.13
C SER B 65 -14.58 -3.37 -5.38
C SER B 65 2.21 -2.77 -0.73
C SER B 65 2.84 8.78 14.35
N THR B 66 19.11 1.74 3.50
N THR B 66 -14.83 -2.50 -6.33
N THR B 66 2.39 -2.82 -2.03
N THR B 66 2.85 10.04 14.01
CA THR B 66 19.39 1.35 2.12
CA THR B 66 -16.07 -2.53 -7.12
CA THR B 66 1.28 -2.95 -2.98
CA THR B 66 2.73 11.13 14.98
C THR B 66 20.70 0.55 2.08
C THR B 66 -15.69 -2.73 -8.58
C THR B 66 1.45 -4.24 -3.77
C THR B 66 1.48 11.95 14.63
N LEU B 67 20.67 -0.65 1.49
N LEU B 67 -16.29 -3.74 -9.24
N LEU B 67 0.42 -5.10 -3.80
N LEU B 67 0.58 12.14 15.61
CA LEU B 67 21.92 -1.42 1.34
CA LEU B 67 -16.06 -3.92 -10.68
CA LEU B 67 0.49 -6.30 -4.63
CA LEU B 67 -0.58 13.01 15.38
C LEU B 67 22.32 -1.26 -0.14
C LEU B 67 -17.33 -3.39 -11.38
C LEU B 67 -0.38 -6.01 -5.86
C LEU B 67 -0.26 14.34 16.09
N HIS B 68 23.56 -1.39 -0.44
N HIS B 68 -17.23 -2.96 -12.59
N HIS B 68 -0.11 -6.65 -6.95
N HIS B 68 -0.83 15.41 15.67
CA HIS B 68 23.99 -1.29 -1.86
CA HIS B 68 -18.44 -2.50 -13.30
CA HIS B 68 -0.95 -6.43 -8.15
CA HIS B 68 -0.58 16.70 16.37
C HIS B 68 24.29 -2.72 -2.30
C HIS B 68 -18.80 -3.59 -14.29
C HIS B 68 -1.84 -7.67 -8.28
C HIS B 68 -1.85 16.99 17.15
N LEU B 69 23.83 -3.08 -3.49
N LEU B 69 -20.08 -3.94 -14.38
N LEU B 69 -3.12 -7.46 -8.54
N LEU B 69 -1.70 17.41 18.40
CA LEU B 69 24.12 -4.39 -4.06
CA LEU B 69 -20.55 -4.93 -15.34
CA LEU B 69 -4.05 -8.56 -8.77
CA LEU B 69 -2.83 17.80 19.23
C LEU B 69 25.10 -4.31 -5.19
C LEU B 69 -21.31 -4.27 -16.46
C LEU B 69 -4.42 -8.68 -10.21
C LEU B 69 -2.90 19.29 19.41
N VAL B 70 26.26 -4.86 -5.08
N VAL B 70 -20.85 -4.34 -17.67
N VAL B 70 -4.10 -9.75 -10.87
N VAL B 70 -3.90 19.95 18.95
CA VAL B 70 27.23 -4.88 -6.20
CA VAL B 70 -21.62 -3.80 -18.82
CA VAL B 70 -4.54 -9.96 -12.28
CA VAL B 70 -4.06 21.41 19.20
C VAL B 70 27.22 -6.35 -6.67
C VAL B 70 -22.09 -5.07 -19.56
C VAL B 70 -5.59 -11.07 -12.17
C VAL B 70 -5.22 21.48 20.20
N LEU B 71 27.25 -6.58 -7.96
N LEU B 71 -23.31 -5.06 -20.05
N LEU B 71 -6.66 -10.97 -12.91
N LEU B 71 -5.14 22.35 21.17
CA LEU B 71 27.28 -7.96 -8.48
CA LEU B 71 -23.83 -6.23 -20.81
CA LEU B 71 -7.71 -12.01 -12.89
CA LEU B 71 -6.23 22.51 22.16
C LEU B 71 28.69 -8.37 -8.77
C LEU B 71 -23.67 -6.00 -22.28
C LEU B 71 -7.50 -12.98 -14.02
C LEU B 71 -7.12 23.64 21.75
N MET A 1 6.38 18.40 -20.67
CA MET A 1 5.74 19.56 -20.05
C MET A 1 6.28 19.67 -18.60
N GLN A 2 6.34 20.88 -18.14
CA GLN A 2 6.81 21.11 -16.74
C GLN A 2 5.61 21.10 -15.81
N ILE A 3 5.80 20.45 -14.66
CA ILE A 3 4.77 20.47 -13.61
C ILE A 3 5.53 20.83 -12.30
N PHE A 4 4.75 21.23 -11.33
CA PHE A 4 5.40 21.59 -10.01
C PHE A 4 4.91 20.64 -8.96
N VAL A 5 5.74 20.16 -8.03
CA VAL A 5 5.27 19.32 -6.95
C VAL A 5 5.58 20.10 -5.65
N LYS A 6 4.57 20.50 -4.95
CA LYS A 6 4.78 21.30 -3.70
C LYS A 6 4.77 20.35 -2.53
N THR A 7 5.82 20.41 -1.68
CA THR A 7 5.88 19.52 -0.51
C THR A 7 5.42 20.27 0.74
N LEU A 8 5.24 19.58 1.84
CA LEU A 8 4.74 20.24 3.07
C LEU A 8 5.81 21.08 3.74
N THR A 9 7.06 21.03 3.24
CA THR A 9 8.08 21.90 3.94
C THR A 9 8.35 23.16 3.18
N GLY A 10 7.52 23.50 2.24
CA GLY A 10 7.67 24.69 1.43
C GLY A 10 8.68 24.63 0.33
N LYS A 11 9.10 23.43 0.00
CA LYS A 11 10.01 23.21 -1.12
C LYS A 11 9.11 22.84 -2.31
N THR A 12 9.42 23.38 -3.48
CA THR A 12 8.62 22.98 -4.66
C THR A 12 9.61 22.35 -5.64
N ILE A 13 9.25 21.19 -6.17
CA ILE A 13 10.23 20.60 -7.13
C ILE A 13 9.65 20.67 -8.52
N THR A 14 10.47 20.94 -9.51
CA THR A 14 9.89 20.97 -10.89
C THR A 14 10.25 19.66 -11.57
N LEU A 15 9.33 19.09 -12.33
CA LEU A 15 9.58 17.83 -13.01
C LEU A 15 9.25 18.02 -14.49
N GLU A 16 9.89 17.22 -15.31
CA GLU A 16 9.51 17.26 -16.76
C GLU A 16 8.85 15.92 -17.00
N VAL A 17 7.60 16.03 -17.42
CA VAL A 17 6.77 14.86 -17.67
C VAL A 17 5.93 15.04 -18.95
N GLU A 18 5.32 13.93 -19.31
CA GLU A 18 4.37 13.84 -20.41
C GLU A 18 3.06 13.38 -19.82
N PRO A 19 1.95 13.87 -20.34
CA PRO A 19 0.61 13.47 -19.90
C PRO A 19 0.43 11.98 -19.97
N SER A 20 1.19 11.31 -20.81
CA SER A 20 1.03 9.85 -20.98
C SER A 20 1.72 9.11 -19.87
N ASP A 21 2.49 9.83 -19.05
CA ASP A 21 3.19 9.10 -17.96
C ASP A 21 2.21 8.63 -16.92
N THR A 22 2.51 7.52 -16.30
CA THR A 22 1.71 6.99 -15.21
C THR A 22 2.16 7.68 -13.91
N ILE A 23 1.25 7.61 -12.94
CA ILE A 23 1.52 8.13 -11.60
C ILE A 23 2.72 7.40 -10.98
N GLU A 24 2.80 6.12 -11.24
CA GLU A 24 3.98 5.32 -10.73
C GLU A 24 5.27 5.90 -11.23
N CYS A 25 5.30 6.34 -12.52
CA CYS A 25 6.50 6.91 -13.13
C CYS A 25 6.85 8.24 -12.50
N VAL A 26 5.82 9.05 -12.28
CA VAL A 26 6.04 10.34 -11.65
C VAL A 26 6.71 10.15 -10.29
N LYS A 27 6.18 9.20 -9.52
CA LYS A 27 6.74 8.92 -8.19
C LYS A 27 8.19 8.48 -8.29
N ALA A 28 8.54 7.70 -9.30
CA ALA A 28 9.92 7.29 -9.53
C ALA A 28 10.80 8.47 -9.89
N LYS A 29 10.31 9.43 -10.66
CA LYS A 29 11.09 10.64 -10.97
C LYS A 29 11.35 11.47 -9.69
N ILE A 30 10.35 11.49 -8.81
CA ILE A 30 10.50 12.25 -7.55
C ILE A 30 11.53 11.50 -6.70
N GLN A 31 11.49 10.19 -6.69
CA GLN A 31 12.50 9.45 -5.86
C GLN A 31 13.90 9.76 -6.40
N ASP A 32 14.01 9.63 -7.70
CA ASP A 32 15.30 9.91 -8.37
C ASP A 32 15.83 11.29 -8.03
N LYS A 33 14.94 12.30 -7.98
CA LYS A 33 15.50 13.66 -7.74
C LYS A 33 15.53 14.13 -6.33
N GLU A 34 14.74 13.67 -5.41
CA GLU A 34 14.73 14.09 -4.02
C GLU A 34 14.92 12.96 -3.04
N GLY A 35 14.94 11.73 -3.52
CA GLY A 35 15.18 10.58 -2.69
C GLY A 35 14.07 10.02 -1.89
N ILE A 36 12.84 10.55 -2.06
CA ILE A 36 11.72 10.01 -1.29
C ILE A 36 11.20 8.72 -1.91
N PRO A 37 11.15 7.65 -1.13
CA PRO A 37 10.64 6.34 -1.58
C PRO A 37 9.21 6.46 -2.09
N PRO A 38 8.88 5.84 -3.19
CA PRO A 38 7.51 5.95 -3.73
C PRO A 38 6.45 5.52 -2.76
N ASP A 39 6.74 4.57 -1.90
CA ASP A 39 5.72 4.05 -0.95
C ASP A 39 5.34 5.08 0.11
N GLN A 40 6.16 6.11 0.23
CA GLN A 40 5.83 7.18 1.22
C GLN A 40 5.08 8.36 0.58
N GLN A 41 5.02 8.40 -0.74
CA GLN A 41 4.40 9.48 -1.46
C GLN A 41 2.90 9.36 -1.66
N ARG A 42 2.21 10.46 -1.32
CA ARG A 42 0.75 10.57 -1.60
C ARG A 42 0.62 11.80 -2.48
N LEU A 43 0.18 11.67 -3.73
CA LEU A 43 0.09 12.84 -4.63
C LEU A 43 -1.35 13.30 -4.76
N ILE A 44 -1.57 14.59 -4.57
CA ILE A 44 -2.91 15.19 -4.61
C ILE A 44 -3.02 16.28 -5.66
N PHE A 45 -4.11 16.19 -6.46
CA PHE A 45 -4.39 17.20 -7.50
C PHE A 45 -5.92 17.33 -7.53
N ALA A 46 -6.32 18.58 -7.46
CA ALA A 46 -7.74 18.98 -7.52
C ALA A 46 -8.59 18.14 -6.58
N GLY A 47 -8.08 17.99 -5.40
CA GLY A 47 -8.62 17.24 -4.29
C GLY A 47 -8.80 15.76 -4.47
N CYS A 48 -8.13 15.15 -5.41
CA CYS A 48 -8.12 13.71 -5.63
C CYS A 48 -6.78 13.12 -5.25
N GLN A 49 -6.74 11.97 -4.70
CA GLN A 49 -5.43 11.30 -4.47
C GLN A 49 -5.16 10.55 -5.77
N LEU A 50 -3.98 10.72 -6.33
CA LEU A 50 -3.65 10.11 -7.64
C LEU A 50 -3.29 8.65 -7.46
N GLU A 51 -3.77 7.80 -8.37
CA GLU A 51 -3.53 6.34 -8.25
C GLU A 51 -2.42 5.92 -9.18
N ASP A 52 -1.53 5.06 -8.79
CA ASP A 52 -0.35 4.62 -9.54
C ASP A 52 -0.48 4.20 -10.99
N GLY A 53 -1.50 3.45 -11.32
CA GLY A 53 -1.74 2.91 -12.67
C GLY A 53 -2.40 3.82 -13.65
N ARG A 54 -2.89 4.98 -13.21
CA ARG A 54 -3.49 5.96 -14.13
C ARG A 54 -2.37 6.83 -14.68
N THR A 55 -2.66 7.57 -15.72
CA THR A 55 -1.72 8.53 -16.36
C THR A 55 -2.16 9.94 -15.93
N LEU A 56 -1.27 10.90 -16.12
CA LEU A 56 -1.55 12.31 -15.83
C LEU A 56 -2.72 12.75 -16.70
N SER A 57 -2.80 12.25 -17.95
CA SER A 57 -3.93 12.69 -18.80
C SER A 57 -5.26 12.26 -18.24
N ASP A 58 -5.29 11.15 -17.53
CA ASP A 58 -6.56 10.64 -16.93
C ASP A 58 -7.20 11.71 -16.05
N TYR A 59 -6.37 12.41 -15.33
CA TYR A 59 -6.76 13.49 -14.42
C TYR A 59 -6.79 14.84 -15.09
N ASN A 60 -6.55 14.98 -16.38
CA ASN A 60 -6.58 16.32 -16.99
C ASN A 60 -5.58 17.25 -16.32
N ILE A 61 -4.36 16.77 -16.10
CA ILE A 61 -3.28 17.62 -15.54
C ILE A 61 -2.59 18.28 -16.73
N GLN A 62 -2.64 19.57 -16.85
CA GLN A 62 -2.07 20.32 -18.00
C GLN A 62 -0.74 20.97 -17.58
N LYS A 63 0.04 21.51 -18.58
CA LYS A 63 1.33 22.10 -18.24
C LYS A 63 1.17 23.16 -17.17
N GLU A 64 2.22 23.18 -16.36
CA GLU A 64 2.37 24.09 -15.26
C GLU A 64 1.44 23.96 -14.10
N SER A 65 0.81 22.79 -14.03
CA SER A 65 -0.07 22.42 -12.91
C SER A 65 0.84 22.18 -11.68
N THR A 66 0.25 22.25 -10.50
CA THR A 66 0.96 21.97 -9.25
C THR A 66 0.29 20.77 -8.56
N LEU A 67 1.06 19.74 -8.22
CA LEU A 67 0.49 18.62 -7.46
C LEU A 67 0.98 18.81 -6.00
N HIS A 68 0.26 18.31 -5.06
CA HIS A 68 0.72 18.43 -3.66
C HIS A 68 1.24 17.05 -3.26
N LEU A 69 2.38 17.02 -2.60
CA LEU A 69 2.96 15.77 -2.10
C LEU A 69 2.83 15.67 -0.60
N VAL A 70 2.10 14.73 -0.09
CA VAL A 70 2.03 14.52 1.38
C VAL A 70 2.81 13.21 1.60
N LEU A 71 3.60 13.15 2.65
CA LEU A 71 4.36 11.93 2.95
C LEU A 71 3.61 11.09 3.95
N ARG A 72 3.54 9.80 3.74
N ARG A 72 3.51 9.80 3.70
N ARG A 72 3.54 9.79 3.73
N ARG A 72 3.54 9.81 3.70
CA ARG A 72 2.80 8.91 4.66
CA ARG A 72 2.76 8.89 4.60
CA ARG A 72 2.82 8.91 4.66
CA ARG A 72 2.82 8.88 4.58
C ARG A 72 3.38 9.20 6.04
C ARG A 72 2.56 7.60 3.80
C ARG A 72 3.91 8.20 5.48
C ARG A 72 3.77 8.58 5.74
N LEU A 73 2.67 9.77 6.95
N LEU A 73 2.07 6.55 4.37
N LEU A 73 3.64 7.74 6.66
N LEU A 73 3.31 8.22 6.90
CA LEU A 73 3.24 10.04 8.29
CA LEU A 73 1.90 5.30 3.58
CA LEU A 73 4.71 7.07 7.45
CA LEU A 73 4.26 7.93 8.00
C LEU A 73 4.56 10.80 8.14
C LEU A 73 0.65 4.55 4.07
C LEU A 73 4.10 6.24 8.56
C LEU A 73 4.96 6.61 7.75
N ARG A 74 5.05 11.25 9.28
N ARG A 74 0.30 3.55 3.29
N ARG A 74 3.01 6.79 9.09
N ARG A 74 6.12 6.48 8.40
CA ARG A 74 6.31 12.00 9.35
CA ARG A 74 -0.88 2.71 3.58
CA ARG A 74 2.27 6.15 10.19
CA ARG A 74 6.96 5.28 8.28
C ARG A 74 7.45 11.10 8.89
C ARG A 74 -0.68 1.34 2.95
C ARG A 74 1.61 4.88 9.67
C ARG A 74 6.18 4.07 8.80
N GLY A 75 7.35 9.84 9.28
N GLY A 75 -1.47 0.39 3.42
N GLY A 75 0.89 4.22 10.57
N GLY A 75 5.46 4.32 9.88
CA GLY A 75 8.34 8.81 8.96
CA GLY A 75 -1.43 -1.00 2.96
CA GLY A 75 0.19 2.97 10.28
CA GLY A 75 4.66 3.30 10.55
C GLY A 75 7.93 7.40 9.30
C GLY A 75 -2.52 -1.37 1.97
C GLY A 75 0.96 1.71 10.58
C GLY A 75 5.44 2.24 11.28
N GLY A 76 8.75 6.47 8.82
N GLY A 76 -2.77 -2.67 1.94
N GLY A 76 2.11 1.93 11.21
N GLY A 76 4.77 1.13 11.50
CA GLY A 76 8.59 5.03 9.02
CA GLY A 76 -3.79 -3.30 1.09
CA GLY A 76 3.04 0.87 11.63
CA GLY A 76 5.30 -0.07 12.18
C GLY A 76 9.92 4.46 9.54
C GLY A 76 -4.44 -4.45 1.88
C GLY A 76 3.73 0.32 10.38
C GLY A 76 4.13 -0.85 12.79
N MET B 1 11.45 -5.17 7.33
N MET B 1 -10.44 -13.41 -1.17
N MET B 1 -1.87 -7.83 8.73
N MET B 1 -3.82 -0.86 20.34
CA MET B 1 11.85 -3.75 7.23
CA MET B 1 -10.38 -11.95 -0.95
CA MET B 1 -1.18 -6.72 8.04
CA MET B 1 -2.58 -0.47 19.64
C MET B 1 12.40 -3.55 5.80
C MET B 1 -11.81 -11.41 -1.21
C MET B 1 -2.05 -6.33 6.83
C MET B 1 -2.08 0.83 20.32
N GLN B 2 12.23 -2.35 5.32
N GLN B 2 -12.10 -10.35 -0.51
N GLN B 2 -1.96 -5.08 6.50
N GLN B 2 -0.79 0.98 20.29
CA GLN B 2 12.74 -2.02 3.96
CA GLN B 2 -13.44 -9.70 -0.70
CA GLN B 2 -2.74 -4.58 5.31
CA GLN B 2 -0.19 2.21 20.88
C GLN B 2 14.16 -1.48 4.09
C GLN B 2 -13.32 -8.63 -1.79
C GLN B 2 -1.86 -4.70 4.07
C GLN B 2 -0.06 3.27 19.80
N ILE B 3 15.02 -1.92 3.18
N ILE B 3 -14.33 -8.59 -2.64
N ILE B 3 -2.48 -5.15 2.98
N ILE B 3 -0.38 4.49 20.17
CA ILE B 3 16.38 -1.35 3.11
CA ILE B 3 -14.41 -7.51 -3.64
CA ILE B 3 -1.79 -5.18 1.68
CA ILE B 3 -0.18 5.64 19.27
C ILE B 3 16.61 -1.01 1.60
C ILE B 3 -15.87 -6.97 -3.55
C ILE B 3 -2.78 -4.52 0.67
C ILE B 3 0.55 6.72 20.12
N PHE B 4 17.61 -0.20 1.40
N PHE B 4 -16.03 -5.79 -4.11
N PHE B 4 -2.21 -4.14 -0.45
N PHE B 4 1.13 7.65 19.40
CA PHE B 4 17.92 0.18 -0.04
CA PHE B 4 -17.41 -5.18 -4.08
CA PHE B 4 -3.09 -3.50 -1.49
CA PHE B 4 1.85 8.76 20.14
C PHE B 4 19.28 -0.34 -0.40
C PHE B 4 -17.92 -5.05 -5.49
C PHE B 4 -3.11 -4.38 -2.71
C PHE B 4 1.15 10.06 19.87
N VAL B 5 19.52 -0.87 -1.60
N VAL B 5 -19.18 -5.31 -5.79
N VAL B 5 -4.23 -4.57 -3.40
N VAL B 5 0.99 10.97 20.83
CA VAL B 5 20.84 -1.30 -2.01
CA VAL B 5 -19.72 -5.12 -7.11
CA VAL B 5 -4.27 -5.34 -4.62
CA VAL B 5 0.41 12.26 20.58
C VAL B 5 21.21 -0.41 -3.22
C VAL B 5 -20.84 -4.05 -6.96
C VAL B 5 -4.74 -4.36 -5.72
C VAL B 5 1.51 13.30 20.92
N LYS B 6 22.18 0.41 -3.08
N LYS B 6 -20.65 -2.91 -7.53
N LYS B 6 -3.89 -4.06 -6.64
N LYS B 6 1.98 14.00 19.97
CA LYS B 6 22.57 1.33 -4.21
CA LYS B 6 -21.66 -1.81 -7.39
CA LYS B 6 -4.25 -3.08 -7.73
CA LYS B 6 3.10 14.99 20.22
C LYS B 6 23.69 0.68 -4.97
C LYS B 6 -22.57 -1.87 -8.58
C LYS B 6 -4.75 -3.86 -8.91
C LYS B 6 2.47 16.34 20.44
N THR B 7 23.53 0.57 -6.31
N THR B 7 -23.90 -1.90 -8.34
N THR B 7 -5.95 -3.49 -9.42
N THR B 7 2.81 17.01 21.55
CA THR B 7 24.58 -0.06 -7.13
CA THR B 7 -24.86 -1.95 -9.46
CA THR B 7 -6.51 -4.20 -10.58
CA THR B 7 2.24 18.34 21.83
C THR B 7 25.42 1.03 -7.79
C THR B 7 -25.42 -0.56 -9.71
C THR B 7 -6.24 -3.39 -11.85
C THR B 7 3.25 19.42 21.42
N LEU B 8 26.53 0.67 -8.41
N LEU B 8 -26.14 -0.37 -10.79
N LEU B 8 -6.51 -3.95 -13.01
N LEU B 8 2.84 20.67 21.42
CA LEU B 8 27.42 1.67 -9.03
CA LEU B 8 -26.68 0.97 -11.13
CA LEU B 8 -6.24 -3.24 -14.28
CA LEU B 8 3.75 21.76 21.00
C LEU B 8 26.84 2.25 -10.31
C LEU B 8 -27.83 1.38 -10.23
C LEU B 8 -7.24 -2.13 -14.55
C LEU B 8 4.82 22.07 22.03
N THR B 9 25.71 1.71 -10.79
N THR B 9 -28.31 0.46 -9.37
N THR B 9 -8.30 -2.01 -13.72
N THR B 9 4.73 21.45 23.22
CA THR B 9 25.18 2.31 -12.05
CA THR B 9 -29.45 0.91 -8.51
CA THR B 9 -9.24 -0.90 -14.03
CA THR B 9 5.81 21.78 24.21
C THR B 9 24.04 3.25 -11.79
C THR B 9 -29.00 1.25 -7.12
C THR B 9 -9.04 0.28 -13.14
C THR B 9 6.86 20.71 24.28
N GLY B 10 23.84 3.64 -10.58
N GLY B 10 -27.73 1.42 -6.92
N GLY B 10 -7.93 0.35 -12.45
N GLY B 10 6.90 19.83 23.32
CA GLY B 10 22.79 4.55 -10.18
CA GLY B 10 -27.16 1.76 -5.63
CA GLY B 10 -7.60 1.42 -11.55
CA GLY B 10 7.86 18.75 23.26
C GLY B 10 21.41 3.94 -10.06
C GLY B 10 -27.05 0.65 -4.65
C GLY B 10 -8.28 1.40 -10.21
C GLY B 10 7.60 17.58 24.16
N LYS B 11 21.36 2.65 -10.01
N LYS B 11 -27.15 -0.57 -5.12
N LYS B 11 -8.84 0.27 -9.86
N LYS B 11 6.39 17.49 24.66
CA LYS B 11 20.11 1.92 -9.78
CA LYS B 11 -26.95 -1.76 -4.30
CA LYS B 11 -9.44 0.08 -8.55
CA LYS B 11 5.96 16.35 25.46
C LYS B 11 20.05 1.65 -8.27
C LYS B 11 -25.49 -2.18 -4.54
C LYS B 11 -8.35 -0.60 -7.69
C LYS B 11 5.25 15.40 24.48
N THR B 12 18.89 1.82 -7.67
N THR B 12 -24.81 -2.57 -3.47
N THR B 12 -8.22 -0.17 -6.45
N THR B 12 5.49 14.11 24.61
CA THR B 12 18.78 1.47 -6.24
CA THR B 12 -23.43 -3.05 -3.67
CA THR B 12 -7.24 -0.86 -5.59
CA THR B 12 4.76 13.17 23.75
C THR B 12 17.71 0.39 -6.14
C THR B 12 -23.41 -4.49 -3.14
C THR B 12 -8.05 -1.41 -4.40
C THR B 12 3.98 12.25 24.69
N ILE B 13 18.04 -0.69 -5.43
N ILE B 13 -22.86 -5.40 -3.96
N ILE B 13 -7.82 -2.69 -4.10
N ILE B 13 2.70 12.07 24.40
CA ILE B 13 16.98 -1.73 -5.33
CA ILE B 13 -22.85 -6.79 -3.43
CA ILE B 13 -8.61 -3.21 -2.94
CA ILE B 13 1.96 11.16 25.32
C ILE B 13 16.42 -1.76 -3.93
C ILE B 13 -21.43 -7.18 -3.08
C ILE B 13 -7.69 -3.43 -1.77
C ILE B 13 1.63 9.88 24.60
N THR B 14 15.13 -1.95 -3.79
N THR B 14 -21.24 -7.90 -2.00
N THR B 14 -8.13 -3.14 -0.57
N THR B 14 1.72 8.76 25.28
CA THR B 14 14.61 -2.01 -2.40
CA THR B 14 -19.83 -8.30 -1.70
CA THR B 14 -7.22 -3.40 0.58
CA THR B 14 1.35 7.50 24.56
C THR B 14 14.40 -3.45 -2.04
C THR B 14 -19.65 -9.74 -2.13
C THR B 14 -7.65 -4.68 1.24
C THR B 14 -0.04 7.10 24.98
N LEU B 15 14.72 -3.86 -0.81
N LEU B 15 -18.52 -10.08 -2.72
N LEU B 15 -6.71 -5.52 1.66
N LEU B 15 -0.86 6.63 24.05
CA LEU B 15 14.56 -5.23 -0.38
CA LEU B 15 -18.26 -11.43 -3.19
CA LEU B 15 -7.02 -6.79 2.29
CA LEU B 15 -2.22 6.24 24.35
C LEU B 15 13.73 -5.24 0.91
C LEU B 15 -16.94 -11.91 -2.57
C LEU B 15 -6.29 -6.85 3.63
C LEU B 15 -2.43 4.81 23.85
N GLU B 16 13.07 -6.34 1.14
N GLU B 16 -16.82 -13.20 -2.44
N GLU B 16 -6.84 -7.63 4.53
N GLU B 16 -3.36 4.13 24.49
CA GLU B 16 12.36 -6.45 2.46
CA GLU B 16 -15.49 -13.73 -1.98
CA GLU B 16 -6.09 -7.83 5.82
CA GLU B 16 -3.70 2.77 23.95
C GLU B 16 13.13 -7.54 3.19
C GLU B 16 -14.96 -14.46 -3.19
C GLU B 16 -5.70 -9.29 5.75
C GLU B 16 -5.10 2.94 23.41
N VAL B 17 13.63 -7.12 4.33
N VAL B 17 -13.79 -13.98 -3.62
N VAL B 17 -4.38 -9.48 5.80
N VAL B 17 -5.20 2.67 22.12
CA VAL B 17 14.45 -7.98 5.18
CA VAL B 17 -13.12 -14.50 -4.79
CA VAL B 17 -3.78 -10.81 5.72
CA VAL B 17 -6.46 2.81 21.39
C VAL B 17 14.10 -7.80 6.66
C VAL B 17 -11.60 -14.63 -4.56
C VAL B 17 -2.62 -10.95 6.72
C VAL B 17 -6.66 1.64 20.41
N GLU B 18 14.67 -8.70 7.42
N GLU B 18 -11.01 -15.28 -5.53
N GLU B 18 -2.19 -12.19 6.79
N GLU B 18 -7.87 1.65 19.88
CA GLU B 18 14.60 -8.69 8.89
CA GLU B 18 -9.55 -15.44 -5.63
CA GLU B 18 -1.02 -12.59 7.58
CA GLU B 18 -8.29 0.71 18.83
C GLU B 18 16.03 -8.58 9.39
C GLU B 18 -9.13 -14.80 -6.94
C GLU B 18 -0.04 -13.21 6.60
C GLU B 18 -8.69 1.57 17.64
N PRO B 19 16.24 -7.88 10.48
N PRO B 19 -7.97 -14.18 -6.95
N PRO B 19 1.24 -13.01 6.83
N PRO B 19 -8.43 1.08 16.44
CA PRO B 19 17.56 -7.74 11.09
CA PRO B 19 -7.42 -13.56 -8.16
CA PRO B 19 2.30 -13.59 5.99
CA PRO B 19 -8.80 1.77 15.21
C PRO B 19 18.19 -9.07 11.39
C PRO B 19 -7.34 -14.54 -9.31
C PRO B 19 2.17 -15.08 5.89
C PRO B 19 -10.28 2.09 15.17
N SER B 20 17.37 -10.10 11.56
N SER B 20 -7.27 -15.82 -9.00
N SER B 20 1.54 -15.71 6.87
N SER B 20 -11.08 1.33 15.90
CA SER B 20 17.91 -11.43 11.90
CA SER B 20 -7.13 -16.84 -10.05
CA SER B 20 1.42 -17.17 6.87
CA SER B 20 -12.54 1.55 15.87
C SER B 20 18.44 -12.13 10.68
C SER B 20 -8.47 -17.13 -10.70
C SER B 20 0.31 -17.63 5.96
C SER B 20 -12.93 2.70 16.75
N ASP B 21 18.22 -11.55 9.50
N ASP B 21 -9.54 -16.59 -10.13
N ASP B 21 -0.46 -16.68 5.44
N ASP B 21 -11.97 3.23 17.52
CA ASP B 21 18.72 -12.24 8.28
CA ASP B 21 -10.87 -16.88 -10.73
CA ASP B 21 -1.58 -17.11 4.55
CA ASP B 21 -12.35 4.36 18.42
C ASP B 21 20.22 -12.14 8.23
C ASP B 21 -10.99 -16.17 -12.06
C ASP B 21 -1.03 -17.61 3.24
C ASP B 21 -12.61 5.59 17.60
N THR B 22 20.84 -13.16 7.67
N THR B 22 -11.74 -16.79 -12.97
N THR B 22 -1.72 -18.57 2.65
N THR B 22 -13.52 6.42 18.07
CA THR B 22 22.27 -13.19 7.46
CA THR B 22 -12.03 -16.19 -14.26
CA THR B 22 -1.37 -19.08 1.35
CA THR B 22 -13.81 7.69 17.45
C THR B 22 22.58 -12.43 6.15
C THR B 22 -13.24 -15.25 -14.08
C THR B 22 -1.98 -18.15 0.28
C THR B 22 -12.79 8.73 17.95
N ILE B 23 23.86 -12.02 6.06
N ILE B 23 -13.34 -14.34 -15.06
N ILE B 23 -1.40 -18.27 -0.92
N ILE B 23 -12.69 9.80 17.16
CA ILE B 23 24.35 -11.37 4.86
CA ILE B 23 -14.48 -13.43 -15.13
CA ILE B 23 -1.90 -17.54 -2.07
CA ILE B 23 -11.83 10.92 17.52
C ILE B 23 24.24 -12.31 3.66
C ILE B 23 -15.78 -14.22 -15.28
C ILE B 23 -3.35 -17.96 -2.38
C ILE B 23 -12.30 11.55 18.84
N GLU B 24 24.48 -13.58 3.88
N GLU B 24 -15.74 -15.29 -16.03
N GLU B 24 -3.63 -19.22 -2.21
N GLU B 24 -13.59 11.60 19.03
CA GLU B 24 24.33 -14.59 2.79
CA GLU B 24 -16.95 -16.16 -16.19
CA GLU B 24 -5.04 -19.71 -2.41
CA GLU B 24 -14.15 12.12 20.32
C GLU B 24 22.93 -14.57 2.23
C GLU B 24 -17.43 -16.67 -14.84
C GLU B 24 -6.00 -18.98 -1.52
C GLU B 24 -13.62 11.34 21.49
N ASN B 25 21.95 -14.43 3.09
N ASN B 25 -16.48 -17.03 -13.98
N ASN B 25 -5.59 -18.73 -0.29
N ASN B 25 -13.52 10.03 21.34
CA ASN B 25 20.52 -14.38 2.74
CA ASN B 25 -16.75 -17.55 -12.63
CA ASN B 25 -6.40 -18.03 0.73
CA ASN B 25 -13.03 9.11 22.37
C ASN B 25 20.19 -13.16 1.90
C ASN B 25 -17.40 -16.48 -11.74
C ASN B 25 -6.64 -16.57 0.33
C ASN B 25 -11.56 9.35 22.68
N VAL B 26 20.73 -12.03 2.36
N VAL B 26 -16.83 -15.29 -11.83
N VAL B 26 -5.57 -15.94 -0.13
N VAL B 26 -10.80 9.51 21.62
CA VAL B 26 20.54 -10.77 1.64
CA VAL B 26 -17.35 -14.17 -11.07
CA VAL B 26 -5.65 -14.56 -0.58
CA VAL B 26 -9.37 9.79 21.75
C VAL B 26 21.05 -10.90 0.22
C VAL B 26 -18.81 -13.94 -11.43
C VAL B 26 -6.69 -14.44 -1.69
C VAL B 26 -9.18 11.05 22.58
N LYS B 27 22.25 -11.47 0.09
N LYS B 27 -19.08 -13.93 -12.74
N LYS B 27 -6.60 -15.37 -2.65
N LYS B 27 -9.94 12.08 22.23
CA LYS B 27 22.86 -11.65 -1.24
CA LYS B 27 -20.46 -13.72 -13.22
CA LYS B 27 -7.54 -15.37 -3.79
CA LYS B 27 -9.84 13.36 22.95
C LYS B 27 22.00 -12.54 -2.11
C LYS B 27 -21.38 -14.81 -12.70
C LYS B 27 -8.97 -15.54 -3.30
C LYS B 27 -10.19 13.19 24.42
N ALA B 28 21.39 -13.56 -1.54
N ALA B 28 -20.92 -16.03 -12.62
N ALA B 28 -9.19 -16.36 -2.29
N ALA B 28 -11.16 12.35 24.73
CA ALA B 28 20.47 -14.44 -2.29
CA ALA B 28 -21.72 -17.14 -12.06
CA ALA B 28 -10.52 -16.55 -1.71
CA ALA B 28 -11.52 12.07 26.13
C ALA B 28 19.23 -13.69 -2.73
C ALA B 28 -21.98 -16.94 -10.59
C ALA B 28 -11.00 -15.27 -1.04
C ALA B 28 -10.40 11.33 26.84
N LYS B 29 18.69 -12.80 -1.91
N LYS B 29 -21.02 -16.43 -9.83
N LYS B 29 -10.14 -14.53 -0.36
N LYS B 29 -9.70 10.41 26.18
CA LYS B 29 17.52 -11.98 -2.30
CA LYS B 29 -21.24 -16.13 -8.40
CA LYS B 29 -10.53 -13.24 0.24
CA LYS B 29 -8.54 9.73 26.80
C LYS B 29 17.89 -11.05 -3.48
C LYS B 29 -22.30 -15.02 -8.22
C LYS B 29 -10.94 -12.23 -0.84
C LYS B 29 -7.41 10.73 27.10
N ILE B 30 19.13 -10.53 -3.44
N ILE B 30 -22.27 -14.05 -9.13
N ILE B 30 -10.21 -12.27 -1.97
N ILE B 30 -7.24 11.70 26.19
CA ILE B 30 19.57 -9.64 -4.52
CA ILE B 30 -23.25 -12.96 -9.06
CA ILE B 30 -10.53 -11.34 -3.07
CA ILE B 30 -6.19 12.71 26.39
C ILE B 30 19.73 -10.50 -5.79
C ILE B 30 -24.62 -13.55 -9.42
C ILE B 30 -11.88 -11.78 -3.65
C ILE B 30 -6.63 13.58 27.58
N GLN B 31 20.24 -11.70 -5.66
N GLN B 31 -24.68 -14.43 -10.38
N GLN B 31 -12.13 -13.06 -3.76
N GLN B 31 -7.89 13.90 27.68
CA GLN B 31 20.38 -12.55 -6.88
CA GLN B 31 -26.02 -15.02 -10.71
CA GLN B 31 -13.45 -13.48 -4.32
CA GLN B 31 -8.32 14.75 28.83
C GLN B 31 18.98 -12.81 -7.47
C GLN B 31 -26.55 -15.78 -9.50
C GLN B 31 -14.57 -12.99 -3.38
C GLN B 31 -8.05 13.98 30.14
N ASP B 32 18.11 -13.22 -6.59
N ASP B 32 -25.68 -16.60 -8.96
N ASP B 32 -14.36 -13.26 -2.11
N ASP B 32 -8.49 12.75 30.13
CA ASP B 32 16.71 -13.50 -7.00
CA ASP B 32 -26.03 -17.40 -7.77
CA ASP B 32 -15.33 -12.85 -1.08
CA ASP B 32 -8.29 11.87 31.30
C ASP B 32 16.09 -12.34 -7.72
C ASP B 32 -26.55 -16.53 -6.64
C ASP B 32 -15.62 -11.36 -1.16
C ASP B 32 -6.84 11.81 31.72
N LYS B 33 16.33 -11.10 -7.23
N LYS B 33 -25.93 -15.36 -6.42
N LYS B 33 -14.59 -10.53 -1.39
N LYS B 33 -5.92 11.72 30.74
CA LYS B 33 15.63 -9.97 -7.90
CA LYS B 33 -26.40 -14.55 -5.26
CA LYS B 33 -14.89 -9.08 -1.36
CA LYS B 33 -4.51 11.56 31.18
C LYS B 33 16.36 -9.28 -9.00
C LYS B 33 -27.42 -13.52 -5.51
C LYS B 33 -15.19 -8.43 -2.66
C LYS B 33 -3.69 12.81 31.31
N GLU B 34 17.66 -9.26 -9.09
N GLU B 34 -27.60 -12.96 -6.68
N GLU B 34 -14.79 -8.90 -3.80
N GLU B 34 -3.96 13.90 30.67
CA GLU B 34 18.42 -8.61 -10.13
CA GLU B 34 -28.58 -11.95 -6.98
CA GLU B 34 -15.06 -8.31 -5.10
CA GLU B 34 -3.22 15.14 30.77
C GLU B 34 19.35 -9.52 -10.88
C GLU B 34 -29.50 -12.32 -8.12
C GLU B 34 -15.73 -9.25 -6.07
C GLU B 34 -4.05 16.33 31.17
N GLY B 35 19.48 -10.76 -10.44
N GLY B 35 -29.24 -13.44 -8.79
N GLY B 35 -15.88 -10.51 -5.70
N GLY B 35 -5.36 16.16 31.26
CA GLY B 35 20.28 -11.75 -11.11
CA GLY B 35 -30.09 -13.94 -9.84
CA GLY B 35 -16.58 -11.48 -6.49
CA GLY B 35 -6.24 17.20 31.71
C GLY B 35 21.74 -11.75 -10.89
C GLY B 35 -29.95 -13.36 -11.20
C GLY B 35 -15.86 -12.12 -7.61
C GLY B 35 -6.68 18.24 30.75
N ILE B 36 22.24 -10.90 -9.98
N ILE B 36 -28.97 -12.46 -11.41
N ILE B 36 -14.55 -11.86 -7.76
N ILE B 36 -6.30 18.10 29.46
CA ILE B 36 23.69 -10.90 -9.74
CA ILE B 36 -28.82 -11.88 -12.75
CA ILE B 36 -13.82 -12.49 -8.87
CA ILE B 36 -6.71 19.12 28.48
C ILE B 36 24.10 -12.04 -8.83
C ILE B 36 -28.10 -12.84 -13.67
C ILE B 36 -13.44 -13.92 -8.52
C ILE B 36 -8.14 18.90 28.04
N PRO B 37 25.03 -12.87 -9.28
N PRO B 37 -28.70 -13.16 -14.81
N PRO B 37 -13.83 -14.87 -9.36
N PRO B 37 -8.98 19.91 28.18
CA PRO B 37 25.56 -14.00 -8.49
CA PRO B 37 -28.11 -14.04 -15.84
CA PRO B 37 -13.51 -16.30 -9.18
CA PRO B 37 -10.39 19.85 27.76
C PRO B 37 26.12 -13.53 -7.17
C PRO B 37 -26.77 -13.50 -16.29
C PRO B 37 -12.01 -16.50 -9.08
C PRO B 37 -10.51 19.51 26.28
N PRO B 38 25.84 -14.22 -6.08
N PRO B 38 -25.77 -14.35 -16.44
N PRO B 38 -11.54 -17.31 -8.18
N PRO B 38 -11.41 18.65 25.90
CA PRO B 38 26.35 -13.78 -4.77
CA PRO B 38 -24.45 -13.87 -16.87
CA PRO B 38 -10.09 -17.54 -8.04
CA PRO B 38 -11.55 18.28 24.49
C PRO B 38 27.85 -13.65 -4.72
C PRO B 38 -24.47 -13.14 -18.19
C PRO B 38 -9.43 -18.03 -9.30
C PRO B 38 -11.80 19.44 23.58
N ASP B 39 28.56 -14.47 -5.47
N ASP B 39 -25.36 -13.50 -19.08
N ASP B 39 -10.14 -18.79 -10.10
N ASP B 39 -12.48 20.45 24.05
CA ASP B 39 30.05 -14.44 -5.43
CA ASP B 39 -25.40 -12.86 -20.42
CA ASP B 39 -9.55 -19.36 -11.35
CA ASP B 39 -12.82 21.63 23.20
C ASP B 39 30.62 -13.15 -6.03
C ASP B 39 -25.86 -11.41 -20.35
C ASP B 39 -9.24 -18.28 -12.39
C ASP B 39 -11.59 22.45 22.83
N GLN B 40 29.80 -12.42 -6.76
N GLN B 40 -26.43 -11.02 -19.23
N GLN B 40 -9.82 -17.11 -12.20
N GLN B 40 -10.49 22.22 23.53
CA GLN B 40 30.27 -11.14 -7.35
CA GLN B 40 -26.88 -9.62 -19.07
CA GLN B 40 -9.55 -16.00 -13.16
CA GLN B 40 -9.25 22.96 23.21
C GLN B 40 29.90 -9.94 -6.46
C GLN B 40 -25.82 -8.76 -18.35
C GLN B 40 -8.43 -15.08 -12.67
C GLN B 40 -8.32 22.15 22.28
N GLN B 41 29.06 -10.13 -5.47
N GLN B 41 -24.81 -9.38 -17.78
N GLN B 41 -8.01 -15.22 -11.43
N GLN B 41 -8.61 20.88 22.08
CA GLN B 41 28.60 -9.07 -4.60
CA GLN B 41 -23.79 -8.69 -17.03
CA GLN B 41 -7.01 -14.38 -10.83
CA GLN B 41 -7.80 20.00 21.27
C GLN B 41 29.51 -8.74 -3.43
C GLN B 41 -22.65 -8.12 -17.84
C GLN B 41 -5.57 -14.78 -11.09
C GLN B 41 -8.07 20.03 19.79
N ARG B 42 29.79 -7.44 -3.31
N ARG B 42 -22.36 -6.84 -17.58
N ARG B 42 -4.78 -13.81 -11.53
N ARG B 42 -6.98 20.19 19.03
CA ARG B 42 30.53 -6.92 -2.11
CA ARG B 42 -21.16 -6.18 -18.17
CA ARG B 42 -3.30 -14.00 -11.67
CA ARG B 42 -7.05 20.07 17.54
C ARG B 42 29.59 -5.90 -1.49
C ARG B 42 -20.34 -5.71 -16.99
C ARG B 42 -2.69 -12.94 -10.78
C ARG B 42 -6.09 18.95 17.20
N LEU B 43 29.11 -6.13 -0.27
N LEU B 43 -19.14 -6.22 -16.77
N LEU B 43 -1.97 -13.31 -9.73
N LEU B 43 -6.55 17.84 16.64
CA LEU B 43 28.15 -5.18 0.36
CA LEU B 43 -18.34 -5.84 -15.58
CA LEU B 43 -1.40 -12.30 -8.80
CA LEU B 43 -5.64 16.70 16.34
C LEU B 43 28.86 -4.32 1.40
C LEU B 43 -17.24 -4.86 -15.99
C LEU B 43 0.10 -12.14 -9.06
C LEU B 43 -5.35 16.65 14.86
N ILE B 44 28.65 -3.01 1.30
N ILE B 44 -17.15 -3.75 -15.26
N ILE B 44 0.53 -10.89 -9.20
N ILE B 44 -4.06 16.55 14.52
CA ILE B 44 29.29 -2.04 2.18
CA ILE B 44 -16.19 -2.69 -15.55
CA ILE B 44 1.92 -10.57 -9.51
CA ILE B 44 -3.60 16.54 13.14
C ILE B 44 28.27 -1.20 2.93
C ILE B 44 -15.27 -2.42 -14.36
C ILE B 44 2.54 -9.65 -8.46
C ILE B 44 -2.81 15.28 12.82
N PHE B 45 28.50 -1.09 4.27
N PHE B 45 -13.95 -2.36 -14.67
N PHE B 45 3.75 -10.05 -8.01
N PHE B 45 -3.18 14.66 11.66
CA PHE B 45 27.64 -0.26 5.13
CA PHE B 45 -12.93 -2.05 -13.65
CA PHE B 45 4.51 -9.26 -7.02
CA PHE B 45 -2.48 13.46 11.17
C PHE B 45 28.58 0.34 6.19
C PHE B 45 -11.87 -1.21 -14.38
C PHE B 45 5.99 -9.42 -7.43
C PHE B 45 -2.48 13.59 9.63
N ALA B 46 28.44 1.63 6.29
N ALA B 46 -11.58 -0.11 -13.73
N ALA B 46 6.60 -8.26 -7.51
N ALA B 46 -1.28 13.42 9.12
CA ALA B 46 29.18 2.46 7.28
CA ALA B 46 -10.55 0.84 -14.19
CA ALA B 46 8.04 -8.14 -7.83
CA ALA B 46 -1.01 13.43 7.68
C ALA B 46 30.66 2.12 7.24
C ALA B 46 -10.72 1.16 -15.66
C ALA B 46 8.41 -9.00 -9.03
C ALA B 46 -1.66 14.65 7.01
N GLY B 47 31.17 2.05 6.04
N GLY B 47 -11.94 1.42 -16.02
N GLY B 47 7.59 -8.91 -10.03
N GLY B 47 -1.48 15.76 7.65
CA GLY B 47 32.52 1.75 5.66
CA GLY B 47 -12.45 1.74 -17.32
CA GLY B 47 7.64 -9.58 -11.30
CA GLY B 47 -1.95 17.06 7.31
C GLY B 47 33.07 0.40 6.04
C GLY B 47 -12.28 0.71 -18.41
C GLY B 47 7.55 -11.08 -11.28
C GLY B 47 -3.44 17.28 7.26
N LYS B 48 32.21 -0.55 6.29
N LYS B 48 -12.10 -0.54 -18.06
N LYS B 48 7.01 -11.66 -10.24
N LYS B 48 -4.20 16.44 7.92
CA LYS B 48 32.64 -1.92 6.63
CA LYS B 48 -11.97 -1.62 -19.02
CA LYS B 48 6.83 -13.11 -10.15
CA LYS B 48 -5.66 16.57 7.97
C LYS B 48 32.16 -2.84 5.48
C LYS B 48 -13.20 -2.55 -18.84
C LYS B 48 5.32 -13.38 -10.12
C LYS B 48 -6.04 16.86 9.44
N GLN B 49 32.93 -3.82 5.13
N GLN B 49 -13.73 -3.07 -19.89
N GLN B 49 4.86 -14.43 -10.74
N GLN B 49 -7.02 17.69 9.67
CA GLN B 49 32.46 -4.81 4.11
CA GLN B 49 -14.83 -4.07 -19.76
CA GLN B 49 3.42 -14.80 -10.64
CA GLN B 49 -7.50 17.91 11.06
C GLN B 49 31.70 -5.84 4.94
C GLN B 49 -14.10 -5.41 -19.57
C GLN B 49 3.36 -15.64 -9.37
C GLN B 49 -8.53 16.79 11.27
N LEU B 50 30.50 -6.18 4.54
N LEU B 50 -14.48 -6.17 -18.58
N LEU B 50 2.44 -15.34 -8.49
N LEU B 50 -8.43 16.07 12.36
CA LEU B 50 29.64 -7.10 5.31
CA LEU B 50 -13.78 -7.43 -18.26
CA LEU B 50 2.34 -16.04 -7.19
CA LEU B 50 -9.31 14.92 12.61
C LEU B 50 30.06 -8.54 5.07
C LEU B 50 -14.23 -8.53 -19.19
C LEU B 50 1.65 -17.38 -7.37
C LEU B 50 -10.66 15.39 13.12
N GLU B 51 30.10 -9.35 6.12
N GLU B 51 -13.30 -9.36 -19.66
N GLU B 51 2.15 -18.42 -6.70
N GLU B 51 -11.74 14.78 12.65
CA GLU B 51 30.54 -10.76 5.98
CA GLU B 51 -13.66 -10.43 -20.62
CA GLU B 51 1.57 -19.77 -6.86
CA GLU B 51 -13.09 15.22 13.06
C GLU B 51 29.35 -11.67 5.95
C GLU B 51 -13.74 -11.75 -19.91
C GLU B 51 0.69 -20.09 -5.68
C GLU B 51 -13.64 14.28 14.09
N ASP B 52 29.34 -12.69 5.12
N ASP B 52 -14.69 -12.59 -20.21
N ASP B 52 -0.43 -20.72 -5.86
N ASP B 52 -14.32 14.75 15.11
CA ASP B 52 28.23 -13.62 4.92
CA ASP B 52 -14.95 -13.88 -19.56
CA ASP B 52 -1.43 -21.03 -4.85
CA ASP B 52 -14.84 13.99 16.23
C ASP B 52 27.52 -14.25 6.10
C ASP B 52 -13.83 -14.86 -19.30
C ASP B 52 -1.02 -21.66 -3.52
C ASP B 52 -15.63 12.70 16.00
N GLY B 53 28.25 -14.69 7.09
N GLY B 53 -12.94 -15.04 -20.25
N GLY B 53 -0.12 -22.63 -3.56
N GLY B 53 -16.51 12.69 15.03
CA GLY B 53 27.72 -15.38 8.28
CA GLY B 53 -11.83 -16.00 -20.18
CA GLY B 53 0.34 -23.37 -2.37
CA GLY B 53 -17.39 11.56 14.71
C GLY B 53 27.18 -14.50 9.36
C GLY B 53 -10.60 -15.54 -19.46
C GLY B 53 1.41 -22.73 -1.57
C GLY B 53 -16.78 10.48 13.86
N ARG B 54 27.37 -13.19 9.29
N ARG B 54 -10.51 -14.26 -19.09
N ARG B 54 2.01 -21.64 -2.04
N ARG B 54 -15.60 10.68 13.30
CA ARG B 54 26.81 -12.26 10.28
CA ARG B 54 -9.37 -13.75 -18.31
CA ARG B 54 3.03 -20.90 -1.26
CA ARG B 54 -14.92 9.64 12.51
C ARG B 54 25.39 -11.92 9.86
C ARG B 54 -9.67 -13.98 -16.83
C ARG B 54 2.30 -19.92 -0.34
C ARG B 54 -14.13 8.76 13.47
N THR B 55 24.63 -11.34 10.75
N THR B 55 -8.66 -13.86 -16.00
N THR B 55 3.01 -19.39 0.62
N THR B 55 -13.70 7.62 13.00
CA THR B 55 23.24 -10.89 10.50
CA THR B 55 -8.76 -14.01 -14.53
CA THR B 55 2.50 -18.38 1.56
CA THR B 55 -12.87 6.66 13.77
C THR B 55 23.29 -9.35 10.37
C THR B 55 -8.70 -12.57 -13.95
C THR B 55 3.11 -17.02 1.14
C THR B 55 -11.43 6.79 13.24
N LEU B 56 22.23 -8.79 9.83
N LEU B 56 -9.09 -12.46 -12.69
N LEU B 56 2.52 -15.95 1.64
N LEU B 56 -10.50 6.27 13.99
CA LEU B 56 22.09 -7.33 9.69
CA LEU B 56 -9.03 -11.18 -11.97
CA LEU B 56 3.00 -14.59 1.39
CA LEU B 56 -9.07 6.24 13.61
C LEU B 56 22.13 -6.71 11.09
C LEU B 56 -7.57 -10.74 -11.90
C LEU B 56 4.43 -14.47 1.92
C LEU B 56 -8.95 5.45 12.31
N SER B 57 21.54 -7.39 12.08
N SER B 57 -6.64 -11.70 -11.76
N SER B 57 4.72 -15.15 3.05
N SER B 57 -9.75 4.38 12.17
CA SER B 57 21.56 -6.79 13.44
CA SER B 57 -5.22 -11.27 -11.68
CA SER B 57 6.11 -15.04 3.58
CA SER B 57 -9.62 3.59 10.91
C SER B 57 22.98 -6.65 13.97
C SER B 57 -4.75 -10.61 -12.96
C SER B 57 7.13 -15.63 2.63
C SER B 57 -9.99 4.40 9.69
N ASP B 58 23.86 -7.54 13.57
N ASP B 58 -5.32 -11.01 -14.08
N ASP B 58 6.73 -16.63 1.86
N ASP B 58 -10.89 5.35 9.85
CA ASP B 58 25.28 -7.49 14.03
CA ASP B 58 -4.95 -10.42 -15.40
CA ASP B 58 7.65 -17.28 0.89
CA ASP B 58 -11.33 6.21 8.71
C ASP B 58 25.89 -6.12 13.73
C ASP B 58 -5.10 -8.90 -15.37
C ASP B 58 8.24 -16.23 -0.06
C ASP B 58 -10.12 6.89 8.07
N TYR B 59 25.56 -5.60 12.58
N TYR B 59 -6.15 -8.45 -14.73
N TYR B 59 7.42 -15.31 -0.45
N TYR B 59 -9.21 7.31 8.89
CA TYR B 59 26.02 -4.30 12.11
CA TYR B 59 -6.47 -7.03 -14.57
CA TYR B 59 7.79 -14.21 -1.36
CA TYR B 59 -7.97 7.97 8.48
C TYR B 59 25.10 -3.16 12.49
C TYR B 59 -5.89 -6.43 -13.32
C TYR B 59 8.27 -12.99 -0.62
C TYR B 59 -6.83 7.01 8.26
N ASN B 60 24.05 -3.37 13.26
N ASN B 60 -5.09 -7.12 -12.54
N ASN B 60 8.42 -12.98 0.68
N ASN B 60 -7.01 5.71 8.33
CA ASN B 60 23.19 -2.22 13.61
CA ASN B 60 -4.54 -6.48 -11.32
CA ASN B 60 8.90 -11.75 1.36
CA ASN B 60 -5.85 4.80 8.10
C ASN B 60 22.61 -1.55 12.37
C ASN B 60 -5.64 -5.99 -10.40
C ASN B 60 7.98 -10.57 1.07
C ASN B 60 -4.71 5.10 9.08
N ILE B 61 22.14 -2.35 11.43
N ILE B 61 -6.64 -6.82 -10.19
N ILE B 61 6.68 -10.80 1.18
N ILE B 61 -5.04 5.28 10.34
CA ILE B 61 21.48 -1.79 10.21
CA ILE B 61 -7.74 -6.47 -9.23
CA ILE B 61 5.69 -9.69 1.01
CA ILE B 61 -3.99 5.48 11.39
C ILE B 61 20.00 -1.63 10.56
C ILE B 61 -7.29 -6.98 -7.86
C ILE B 61 5.49 -9.08 2.40
C ILE B 61 -3.60 4.08 11.87
N GLN B 62 19.48 -0.44 10.58
N GLN B 62 -7.09 -6.11 -6.91
N GLN B 62 5.85 -7.84 2.59
N GLN B 62 -2.39 3.67 11.69
CA GLN B 62 18.07 -0.16 10.96
CA GLN B 62 -6.58 -6.47 -5.55
CA GLN B 62 5.77 -7.16 3.91
CA GLN B 62 -1.92 2.30 12.06
C GLN B 62 17.23 0.11 9.71
C GLN B 62 -7.74 -6.47 -4.55
C GLN B 62 4.56 -6.22 3.93
C GLN B 62 -1.08 2.39 13.34
N LYS B 63 15.91 0.17 9.85
N LYS B 63 -7.51 -6.97 -3.34
N LYS B 63 4.21 -5.70 5.11
N LYS B 63 -0.76 1.24 13.94
CA LYS B 63 15.02 0.34 8.73
CA LYS B 63 -8.54 -7.07 -2.34
CA LYS B 63 3.04 -4.85 5.27
CA LYS B 63 -0.03 1.20 15.19
C LYS B 63 15.42 1.59 7.95
C LYS B 63 -9.17 -5.70 -2.11
C LYS B 63 3.12 -3.69 4.28
C LYS B 63 1.26 2.00 15.05
N GLU B 64 15.27 1.45 6.62
N GLU B 64 -10.48 -5.77 -1.89
N GLU B 64 1.93 -3.37 3.78
N GLU B 64 1.57 2.66 16.18
CA GLU B 64 15.56 2.45 5.64
CA GLU B 64 -11.35 -4.65 -1.64
CA GLU B 64 1.67 -2.31 2.84
CA GLU B 64 2.74 3.49 16.36
C GLU B 64 16.99 2.85 5.45
C GLU B 64 -11.58 -3.67 -2.76
C GLU B 64 2.23 -2.46 1.45
C GLU B 64 2.83 4.75 15.55
N SER B 65 17.88 1.99 5.90
N SER B 65 -11.29 -4.13 -3.96
N SER B 65 2.55 -3.70 1.11
N SER B 65 1.68 5.18 15.07
CA SER B 65 19.33 2.14 5.72
CA SER B 65 -11.54 -3.38 -5.19
CA SER B 65 3.00 -4.09 -0.23
CA SER B 65 1.53 6.46 14.35
C SER B 65 19.63 1.87 4.23
C SER B 65 -13.07 -3.35 -5.42
C SER B 65 1.77 -3.98 -1.18
C SER B 65 1.68 7.60 15.39
N THR B 66 20.75 2.34 3.76
N THR B 66 -13.54 -2.41 -6.20
N THR B 66 2.02 -3.87 -2.45
N THR B 66 1.98 8.78 14.93
CA THR B 66 21.21 2.10 2.39
CA THR B 66 -14.95 -2.31 -6.56
CA THR B 66 0.95 -3.86 -3.47
CA THR B 66 2.08 9.97 15.80
C THR B 66 22.54 1.34 2.44
C THR B 66 -15.08 -2.45 -8.07
C THR B 66 1.15 -5.05 -4.40
C THR B 66 1.05 10.99 15.32
N LEU B 67 22.64 0.20 1.75
N LEU B 67 -15.92 -3.37 -8.55
N LEU B 67 0.12 -5.87 -4.58
N LEU B 67 0.19 11.48 16.23
CA LEU B 67 23.92 -0.51 1.67
CA LEU B 67 -16.17 -3.49 -9.99
CA LEU B 67 0.21 -6.97 -5.56
CA LEU B 67 -0.74 12.55 15.86
C LEU B 67 24.48 -0.20 0.27
C LEU B 67 -17.55 -2.84 -10.24
C LEU B 67 -0.59 -6.51 -6.79
C LEU B 67 -0.16 13.83 16.46
N HIS B 68 25.75 -0.26 0.11
N HIS B 68 -17.79 -2.35 -11.40
N HIS B 68 -0.28 -7.01 -7.94
N HIS B 68 -0.48 14.95 15.91
CA HIS B 68 26.33 -0.02 -1.24
CA HIS B 68 -19.13 -1.77 -11.67
CA HIS B 68 -1.05 -6.62 -9.14
CA HIS B 68 0.03 16.22 16.50
C HIS B 68 26.75 -1.39 -1.77
C HIS B 68 -19.86 -2.78 -12.55
C HIS B 68 -1.95 -7.82 -9.47
C HIS B 68 -1.17 16.86 17.20
N LEU B 69 26.44 -1.66 -3.02
N LEU B 69 -21.12 -3.03 -12.24
N LEU B 69 -3.20 -7.55 -9.78
N LEU B 69 -0.95 17.36 18.40
CA LEU B 69 26.84 -2.90 -3.68
CA LEU B 69 -21.95 -3.92 -13.04
CA LEU B 69 -4.14 -8.59 -10.18
CA LEU B 69 -1.99 18.07 19.14
C LEU B 69 27.95 -2.67 -4.67
C LEU B 69 -22.96 -3.16 -13.84
C LEU B 69 -4.44 -8.53 -11.64
C LEU B 69 -1.73 19.55 19.19
N VAL B 70 29.11 -3.21 -4.47
N VAL B 70 -22.91 -3.18 -15.13
N VAL B 70 -4.08 -9.51 -12.42
N VAL B 70 -2.56 20.36 18.61
CA VAL B 70 30.20 -3.09 -5.48
CA VAL B 70 -23.96 -2.53 -15.96
CA VAL B 70 -4.45 -9.54 -13.86
CA VAL B 70 -2.39 21.84 18.72
C VAL B 70 30.30 -4.51 -6.06
C VAL B 70 -24.73 -3.71 -16.56
C VAL B 70 -5.53 -10.63 -13.94
C VAL B 70 -3.54 22.26 19.65
N LEU B 71 30.49 -4.62 -7.35
N LEU B 71 -26.04 -3.61 -16.64
N LEU B 71 -6.56 -10.41 -14.72
N LEU B 71 -3.29 23.18 20.54
CA LEU B 71 30.63 -5.94 -8.00
CA LEU B 71 -26.86 -4.69 -17.24
CA LEU B 71 -7.62 -11.43 -14.89
CA LEU B 71 -4.35 23.67 21.46
C LEU B 71 32.09 -6.29 -8.15
C LEU B 71 -27.14 -4.38 -18.68
C LEU B 71 -7.36 -12.25 -16.11
C LEU B 71 -4.96 24.93 20.91
N MET A 1 6.38 18.40 -20.67
CA MET A 1 5.74 19.56 -20.05
C MET A 1 6.28 19.67 -18.60
N GLN A 2 6.34 20.88 -18.14
CA GLN A 2 6.81 21.11 -16.74
C GLN A 2 5.61 21.10 -15.81
N ILE A 3 5.80 20.45 -14.66
CA ILE A 3 4.77 20.47 -13.61
C ILE A 3 5.53 20.83 -12.30
N PHE A 4 4.75 21.23 -11.33
CA PHE A 4 5.40 21.59 -10.01
C PHE A 4 4.91 20.64 -8.96
N VAL A 5 5.74 20.16 -8.03
CA VAL A 5 5.27 19.32 -6.95
C VAL A 5 5.58 20.10 -5.65
N LYS A 6 4.57 20.50 -4.95
CA LYS A 6 4.78 21.30 -3.70
C LYS A 6 4.77 20.35 -2.53
N THR A 7 5.82 20.41 -1.68
CA THR A 7 5.88 19.52 -0.51
C THR A 7 5.42 20.27 0.74
N LEU A 8 5.24 19.58 1.84
CA LEU A 8 4.74 20.24 3.07
C LEU A 8 5.81 21.08 3.74
N THR A 9 7.06 21.03 3.24
CA THR A 9 8.08 21.90 3.94
C THR A 9 8.35 23.16 3.18
N GLY A 10 7.52 23.50 2.24
CA GLY A 10 7.67 24.69 1.43
C GLY A 10 8.68 24.63 0.33
N LYS A 11 9.10 23.43 0.00
CA LYS A 11 10.01 23.21 -1.12
C LYS A 11 9.11 22.84 -2.31
N THR A 12 9.42 23.38 -3.48
CA THR A 12 8.62 22.98 -4.66
C THR A 12 9.61 22.35 -5.64
N ILE A 13 9.25 21.19 -6.17
CA ILE A 13 10.23 20.60 -7.13
C ILE A 13 9.65 20.67 -8.52
N THR A 14 10.47 20.94 -9.51
CA THR A 14 9.89 20.97 -10.89
C THR A 14 10.25 19.66 -11.57
N LEU A 15 9.33 19.09 -12.33
CA LEU A 15 9.58 17.83 -13.01
C LEU A 15 9.25 18.02 -14.49
N GLU A 16 9.89 17.22 -15.31
CA GLU A 16 9.51 17.26 -16.76
C GLU A 16 8.85 15.92 -17.00
N VAL A 17 7.60 16.03 -17.42
CA VAL A 17 6.77 14.86 -17.67
C VAL A 17 5.93 15.04 -18.95
N GLU A 18 5.32 13.93 -19.31
CA GLU A 18 4.37 13.84 -20.41
C GLU A 18 3.06 13.38 -19.82
N PRO A 19 1.95 13.87 -20.34
CA PRO A 19 0.61 13.47 -19.90
C PRO A 19 0.43 11.98 -19.97
N SER A 20 1.19 11.31 -20.81
CA SER A 20 1.03 9.85 -20.98
C SER A 20 1.72 9.11 -19.87
N ASP A 21 2.49 9.83 -19.05
CA ASP A 21 3.19 9.10 -17.96
C ASP A 21 2.21 8.63 -16.92
N THR A 22 2.51 7.52 -16.30
CA THR A 22 1.71 6.99 -15.21
C THR A 22 2.16 7.68 -13.91
N ILE A 23 1.25 7.61 -12.94
CA ILE A 23 1.52 8.13 -11.60
C ILE A 23 2.72 7.40 -10.98
N GLU A 24 2.80 6.12 -11.24
CA GLU A 24 3.98 5.32 -10.73
C GLU A 24 5.27 5.90 -11.23
N CYS A 25 5.30 6.34 -12.52
CA CYS A 25 6.50 6.91 -13.13
C CYS A 25 6.85 8.24 -12.50
N VAL A 26 5.82 9.05 -12.28
CA VAL A 26 6.04 10.34 -11.65
C VAL A 26 6.71 10.15 -10.29
N LYS A 27 6.18 9.20 -9.52
CA LYS A 27 6.74 8.92 -8.19
C LYS A 27 8.19 8.48 -8.29
N ALA A 28 8.54 7.70 -9.30
CA ALA A 28 9.92 7.29 -9.53
C ALA A 28 10.80 8.47 -9.89
N LYS A 29 10.31 9.43 -10.66
CA LYS A 29 11.09 10.64 -10.97
C LYS A 29 11.35 11.47 -9.69
N ILE A 30 10.35 11.49 -8.81
CA ILE A 30 10.50 12.25 -7.55
C ILE A 30 11.53 11.50 -6.70
N GLN A 31 11.49 10.19 -6.69
CA GLN A 31 12.50 9.45 -5.86
C GLN A 31 13.90 9.76 -6.40
N ASP A 32 14.01 9.63 -7.70
CA ASP A 32 15.30 9.91 -8.37
C ASP A 32 15.83 11.29 -8.03
N LYS A 33 14.94 12.30 -7.98
CA LYS A 33 15.50 13.66 -7.74
C LYS A 33 15.53 14.13 -6.33
N GLU A 34 14.74 13.67 -5.41
CA GLU A 34 14.73 14.09 -4.02
C GLU A 34 14.92 12.96 -3.04
N GLY A 35 14.94 11.73 -3.52
CA GLY A 35 15.18 10.58 -2.69
C GLY A 35 14.07 10.02 -1.89
N ILE A 36 12.84 10.55 -2.06
CA ILE A 36 11.72 10.01 -1.29
C ILE A 36 11.20 8.72 -1.91
N PRO A 37 11.15 7.65 -1.13
CA PRO A 37 10.64 6.34 -1.58
C PRO A 37 9.21 6.46 -2.09
N PRO A 38 8.88 5.84 -3.19
CA PRO A 38 7.51 5.95 -3.73
C PRO A 38 6.45 5.52 -2.76
N ASP A 39 6.74 4.57 -1.90
CA ASP A 39 5.72 4.05 -0.95
C ASP A 39 5.34 5.08 0.11
N GLN A 40 6.16 6.11 0.23
CA GLN A 40 5.83 7.18 1.22
C GLN A 40 5.08 8.36 0.58
N GLN A 41 5.02 8.40 -0.74
CA GLN A 41 4.40 9.48 -1.46
C GLN A 41 2.90 9.36 -1.66
N ARG A 42 2.21 10.46 -1.32
CA ARG A 42 0.75 10.57 -1.60
C ARG A 42 0.62 11.80 -2.48
N LEU A 43 0.18 11.67 -3.73
CA LEU A 43 0.09 12.84 -4.63
C LEU A 43 -1.35 13.30 -4.76
N ILE A 44 -1.57 14.59 -4.57
CA ILE A 44 -2.91 15.19 -4.61
C ILE A 44 -3.02 16.28 -5.66
N PHE A 45 -4.11 16.19 -6.46
CA PHE A 45 -4.39 17.20 -7.50
C PHE A 45 -5.92 17.33 -7.53
N ALA A 46 -6.32 18.58 -7.46
CA ALA A 46 -7.74 18.98 -7.52
C ALA A 46 -8.59 18.14 -6.58
N GLY A 47 -8.08 17.99 -5.40
CA GLY A 47 -8.62 17.24 -4.29
C GLY A 47 -8.80 15.76 -4.47
N CYS A 48 -8.13 15.15 -5.41
CA CYS A 48 -8.12 13.71 -5.63
C CYS A 48 -6.78 13.12 -5.25
N GLN A 49 -6.74 11.97 -4.70
CA GLN A 49 -5.43 11.30 -4.47
C GLN A 49 -5.16 10.55 -5.77
N LEU A 50 -3.98 10.72 -6.33
CA LEU A 50 -3.65 10.11 -7.64
C LEU A 50 -3.29 8.65 -7.46
N GLU A 51 -3.77 7.80 -8.37
CA GLU A 51 -3.53 6.34 -8.25
C GLU A 51 -2.42 5.92 -9.18
N ASP A 52 -1.53 5.06 -8.79
CA ASP A 52 -0.35 4.62 -9.54
C ASP A 52 -0.48 4.20 -10.99
N GLY A 53 -1.50 3.45 -11.32
CA GLY A 53 -1.74 2.91 -12.67
C GLY A 53 -2.40 3.82 -13.65
N ARG A 54 -2.89 4.98 -13.21
CA ARG A 54 -3.49 5.96 -14.13
C ARG A 54 -2.37 6.83 -14.68
N THR A 55 -2.66 7.57 -15.72
CA THR A 55 -1.72 8.53 -16.36
C THR A 55 -2.16 9.94 -15.93
N LEU A 56 -1.27 10.90 -16.12
CA LEU A 56 -1.55 12.31 -15.83
C LEU A 56 -2.72 12.75 -16.70
N SER A 57 -2.80 12.25 -17.95
CA SER A 57 -3.93 12.69 -18.80
C SER A 57 -5.26 12.26 -18.24
N ASP A 58 -5.29 11.15 -17.53
CA ASP A 58 -6.56 10.64 -16.93
C ASP A 58 -7.20 11.71 -16.05
N TYR A 59 -6.37 12.41 -15.33
CA TYR A 59 -6.76 13.49 -14.42
C TYR A 59 -6.79 14.84 -15.09
N ASN A 60 -6.55 14.98 -16.38
CA ASN A 60 -6.58 16.32 -16.99
C ASN A 60 -5.58 17.25 -16.32
N ILE A 61 -4.36 16.77 -16.10
CA ILE A 61 -3.28 17.62 -15.54
C ILE A 61 -2.59 18.28 -16.73
N GLN A 62 -2.64 19.57 -16.85
CA GLN A 62 -2.07 20.32 -18.00
C GLN A 62 -0.74 20.97 -17.58
N LYS A 63 0.04 21.51 -18.58
CA LYS A 63 1.33 22.10 -18.24
C LYS A 63 1.17 23.16 -17.17
N GLU A 64 2.22 23.18 -16.36
CA GLU A 64 2.37 24.09 -15.26
C GLU A 64 1.44 23.96 -14.10
N SER A 65 0.81 22.79 -14.03
CA SER A 65 -0.07 22.42 -12.91
C SER A 65 0.84 22.18 -11.68
N THR A 66 0.25 22.25 -10.50
CA THR A 66 0.96 21.97 -9.25
C THR A 66 0.29 20.77 -8.56
N LEU A 67 1.06 19.74 -8.22
CA LEU A 67 0.49 18.62 -7.46
C LEU A 67 0.98 18.81 -6.00
N HIS A 68 0.26 18.31 -5.06
CA HIS A 68 0.72 18.43 -3.66
C HIS A 68 1.24 17.05 -3.26
N LEU A 69 2.38 17.02 -2.60
CA LEU A 69 2.96 15.77 -2.10
C LEU A 69 2.83 15.67 -0.60
N VAL A 70 2.10 14.73 -0.09
CA VAL A 70 2.03 14.52 1.38
C VAL A 70 2.81 13.21 1.60
N LEU A 71 3.60 13.15 2.65
CA LEU A 71 4.36 11.93 2.95
C LEU A 71 3.61 11.09 3.95
N ARG A 72 3.57 9.79 3.75
N ARG A 72 3.51 9.80 3.70
N ARG A 72 3.55 9.79 3.77
N ARG A 72 3.54 9.80 3.74
CA ARG A 72 2.86 8.89 4.68
CA ARG A 72 2.75 8.90 4.60
CA ARG A 72 2.81 8.94 4.74
CA ARG A 72 2.82 8.92 4.67
C ARG A 72 3.88 7.84 5.09
C ARG A 72 2.54 7.62 3.80
C ARG A 72 3.41 9.28 6.11
C ARG A 72 3.86 8.47 5.70
N LEU A 73 3.88 7.34 6.28
N LEU A 73 2.06 6.56 4.36
N LEU A 73 4.62 9.72 6.20
N LEU A 73 3.97 7.23 6.04
CA LEU A 73 4.89 6.31 6.66
CA LEU A 73 1.87 5.31 3.58
CA LEU A 73 5.19 10.02 7.53
CA LEU A 73 4.97 6.82 7.04
C LEU A 73 4.45 5.59 7.92
C LEU A 73 0.41 4.90 3.62
C LEU A 73 5.50 8.73 8.28
C LEU A 73 5.17 5.31 6.98
N ARG A 74 5.24 4.59 8.28
N ARG A 74 0.11 3.90 2.80
N ARG A 74 4.44 8.17 8.83
N ARG A 74 6.44 4.94 7.11
CA ARG A 74 4.98 3.76 9.46
CA ARG A 74 -1.26 3.37 2.69
CA ARG A 74 4.51 6.92 9.60
CA ARG A 74 6.84 3.52 7.07
C ARG A 74 3.71 2.95 9.22
C ARG A 74 -1.18 1.91 2.26
C ARG A 74 3.14 6.25 9.61
C ARG A 74 6.38 2.83 8.35
N GLY A 75 3.12 3.16 8.05
N GLY A 75 -2.20 1.15 2.65
N GLY A 75 3.14 4.98 9.98
N GLY A 75 5.20 2.23 8.26
CA GLY A 75 1.89 2.50 7.63
CA GLY A 75 -2.31 -0.27 2.36
CA GLY A 75 1.95 4.15 10.05
CA GLY A 75 4.57 1.54 9.38
C GLY A 75 1.97 0.99 7.56
C GLY A 75 -3.71 -0.84 2.42
C GLY A 75 2.19 2.66 10.08
C GLY A 75 5.34 0.35 9.91
N GLY A 76 3.11 0.54 7.05
N GLY A 76 -3.81 -2.08 1.99
N GLY A 76 2.71 2.24 11.23
N GLY A 76 5.89 -0.39 8.96
CA GLY A 76 3.44 -0.88 6.88
CA GLY A 76 -5.05 -2.87 1.97
CA GLY A 76 3.03 0.83 11.53
CA GLY A 76 6.70 -1.60 9.21
C GLY A 76 4.01 -1.41 8.21
C GLY A 76 -4.68 -4.34 1.71
C GLY A 76 3.68 0.21 10.29
C GLY A 76 5.95 -2.50 10.20
N MET B 1 9.75 -8.84 5.93
N MET B 1 -10.50 -13.24 -1.44
N MET B 1 -2.17 -7.76 8.88
N MET B 1 -2.20 -3.04 19.02
CA MET B 1 9.63 -7.38 5.98
CA MET B 1 -10.42 -11.78 -1.22
CA MET B 1 -1.44 -6.68 8.18
CA MET B 1 -1.00 -2.54 18.33
C MET B 1 10.25 -6.82 4.68
C MET B 1 -11.86 -11.23 -1.38
C MET B 1 -2.32 -6.25 6.98
C MET B 1 -0.54 -1.26 19.07
N GLN B 2 9.73 -5.71 4.26
N GLN B 2 -12.10 -10.18 -0.66
N GLN B 2 -2.18 -5.00 6.64
N GLN B 2 0.74 -1.05 19.04
CA GLN B 2 10.27 -5.05 3.04
CA GLN B 2 -13.44 -9.52 -0.75
CA GLN B 2 -2.95 -4.49 5.47
CA GLN B 2 1.29 0.18 19.68
C GLN B 2 11.35 -4.07 3.45
C GLN B 2 -13.39 -8.45 -1.83
C GLN B 2 -2.11 -4.64 4.22
C GLN B 2 1.35 1.30 18.65
N ILE B 3 12.43 -4.07 2.68
N ILE B 3 -14.46 -8.39 -2.62
N ILE B 3 -2.76 -5.06 3.14
N ILE B 3 0.97 2.49 19.09
CA ILE B 3 13.50 -3.05 2.88
CA ILE B 3 -14.61 -7.31 -3.61
CA ILE B 3 -2.09 -5.12 1.82
CA ILE B 3 1.12 3.69 18.23
C ILE B 3 13.79 -2.48 1.47
C ILE B 3 -16.06 -6.76 -3.42
C ILE B 3 -3.07 -4.42 0.83
C ILE B 3 1.80 4.76 19.13
N PHE B 4 14.45 -1.33 1.49
N PHE B 4 -16.24 -5.58 -3.96
N PHE B 4 -2.51 -4.07 -0.30
N PHE B 4 2.33 5.76 18.45
CA PHE B 4 14.79 -0.71 0.17
CA PHE B 4 -17.62 -4.97 -3.83
CA PHE B 4 -3.37 -3.39 -1.32
CA PHE B 4 3.01 6.86 19.24
C PHE B 4 16.29 -0.67 0.02
C PHE B 4 -18.22 -4.83 -5.20
C PHE B 4 -3.46 -4.27 -2.55
C PHE B 4 2.25 8.13 19.05
N VAL B 5 16.86 -0.92 -1.15
N VAL B 5 -19.51 -5.08 -5.40
N VAL B 5 -4.60 -4.41 -3.21
N VAL B 5 2.06 8.98 20.05
CA VAL B 5 18.29 -0.81 -1.34
CA VAL B 5 -20.14 -4.88 -6.69
CA VAL B 5 -4.69 -5.18 -4.44
CA VAL B 5 1.41 10.26 19.87
C VAL B 5 18.49 0.28 -2.42
C VAL B 5 -21.23 -3.81 -6.46
C VAL B 5 -5.12 -4.17 -5.53
C VAL B 5 2.47 11.32 20.26
N LYS B 6 19.06 1.38 -2.06
N LYS B 6 -21.07 -2.67 -7.03
N LYS B 6 -4.29 -3.93 -6.46
N LYS B 6 2.89 12.09 19.33
CA LYS B 6 19.25 2.51 -3.04
CA LYS B 6 -22.07 -1.56 -6.82
CA LYS B 6 -4.63 -2.92 -7.54
CA LYS B 6 3.95 13.12 19.63
C LYS B 6 20.62 2.39 -3.63
C LYS B 6 -23.06 -1.61 -7.95
C LYS B 6 -5.18 -3.68 -8.71
C LYS B 6 3.27 14.43 19.91
N THR B 7 20.71 2.39 -4.99
N THR B 7 -24.37 -1.64 -7.62
N THR B 7 -6.37 -3.27 -9.20
N THR B 7 3.60 15.06 21.07
CA THR B 7 22.02 2.28 -5.64
CA THR B 7 -25.40 -1.69 -8.66
CA THR B 7 -6.98 -3.96 -10.36
CA THR B 7 2.97 16.34 21.41
C THR B 7 22.49 3.67 -6.07
C THR B 7 -25.97 -0.28 -8.87
C THR B 7 -6.70 -3.15 -11.63
C THR B 7 3.92 17.48 21.05
N LEU B 8 23.72 3.79 -6.51
N LEU B 8 -26.77 -0.08 -9.90
N LEU B 8 -7.01 -3.70 -12.79
N LEU B 8 3.46 18.72 21.12
CA LEU B 8 24.27 5.12 -6.90
CA LEU B 8 -27.32 1.26 -10.19
CA LEU B 8 -6.73 -3.01 -14.06
CA LEU B 8 4.31 19.87 20.73
C LEU B 8 23.71 5.60 -8.22
C LEU B 8 -28.41 1.66 -9.22
C LEU B 8 -7.68 -1.85 -14.31
C LEU B 8 5.37 20.17 21.77
N THR B 9 22.93 4.76 -8.93
N THR B 9 -28.83 0.75 -8.33
N THR B 9 -8.71 -1.70 -13.47
N THR B 9 5.34 19.49 22.93
CA THR B 9 22.40 5.29 -10.23
CA THR B 9 -29.91 1.20 -7.38
CA THR B 9 -9.63 -0.54 -13.76
CA THR B 9 6.41 19.82 23.92
C THR B 9 20.98 5.72 -10.12
C THR B 9 -29.36 1.54 -6.04
C THR B 9 -9.35 0.63 -12.87
C THR B 9 7.51 18.80 23.92
N GLY B 10 20.48 5.87 -8.92
N GLY B 10 -28.07 1.70 -5.92
N GLY B 10 -8.24 0.65 -12.20
N GLY B 10 7.58 17.97 22.93
CA GLY B 10 19.11 6.29 -8.67
CA GLY B 10 -27.42 2.03 -4.68
CA GLY B 10 -7.85 1.72 -11.31
CA GLY B 10 8.58 16.95 22.79
C GLY B 10 18.06 5.24 -8.84
C GLY B 10 -27.23 0.91 -3.70
C GLY B 10 -8.51 1.72 -9.97
C GLY B 10 8.39 15.72 23.63
N LYS B 11 18.47 4.00 -8.87
N LYS B 11 -27.38 -0.30 -4.18
N LYS B 11 -9.11 0.62 -9.60
N LYS B 11 7.20 15.55 24.14
CA LYS B 11 17.56 2.87 -8.92
CA LYS B 11 -27.14 -1.49 -3.37
CA LYS B 11 -9.69 0.45 -8.28
CA LYS B 11 6.83 14.36 24.90
C LYS B 11 17.39 2.41 -7.45
C LYS B 11 -25.69 -1.92 -3.71
C LYS B 11 -8.62 -0.29 -7.44
C LYS B 11 6.14 13.42 23.87
N THR B 12 16.17 2.09 -7.06
N THR B 12 -24.94 -2.31 -2.69
N THR B 12 -8.45 0.15 -6.20
N THR B 12 6.47 12.14 23.94
CA THR B 12 16.00 1.56 -5.70
CA THR B 12 -23.58 -2.81 -3.00
CA THR B 12 -7.49 -0.58 -5.35
CA THR B 12 5.76 11.21 23.04
C THR B 12 15.40 0.16 -5.87
C THR B 12 -23.53 -4.25 -2.48
C THR B 12 -8.29 -1.10 -4.16
C THR B 12 5.04 10.21 23.93
N ILE B 13 16.00 -0.81 -5.16
N ILE B 13 -23.05 -5.16 -3.32
N ILE B 13 -8.11 -2.39 -3.86
N ILE B 13 3.76 9.98 23.66
CA ILE B 13 15.39 -2.17 -5.32
CA ILE B 13 -23.01 -6.55 -2.80
CA ILE B 13 -8.90 -2.87 -2.68
CA ILE B 13 3.08 8.99 24.54
C ILE B 13 14.69 -2.55 -4.06
C ILE B 13 -21.58 -6.94 -2.56
C ILE B 13 -7.97 -3.13 -1.53
C ILE B 13 2.81 7.73 23.76
N THR B 14 13.54 -3.21 -4.15
N THR B 14 -21.30 -7.67 -1.50
N THR B 14 -8.38 -2.82 -0.32
N THR B 14 2.95 6.58 24.38
CA THR B 14 12.88 -3.62 -2.88
CA THR B 14 -19.89 -8.09 -1.29
CA THR B 14 -7.46 -3.12 0.81
CA THR B 14 2.63 5.35 23.60
C THR B 14 13.17 -5.08 -2.64
C THR B 14 -19.74 -9.52 -1.75
C THR B 14 -7.94 -4.39 1.48
C THR B 14 1.27 4.87 24.02
N LEU B 15 13.44 -5.48 -1.42
N LEU B 15 -18.66 -9.87 -2.41
N LEU B 15 -7.02 -5.26 1.89
N LEU B 15 0.46 4.41 23.07
CA LEU B 15 13.74 -6.87 -1.11
CA LEU B 15 -18.44 -11.22 -2.89
CA LEU B 15 -7.39 -6.51 2.52
CA LEU B 15 -0.88 3.94 23.38
C LEU B 15 12.80 -7.32 0.01
C LEU B 15 -17.08 -11.70 -2.38
C LEU B 15 -6.62 -6.61 3.86
C LEU B 15 -1.03 2.51 22.81
N GLU B 16 12.56 -8.61 0.05
N GLU B 16 -16.96 -13.00 -2.26
N GLU B 16 -7.20 -7.36 4.76
N GLU B 16 -1.92 1.77 23.41
CA GLU B 16 11.76 -9.13 1.21
CA GLU B 16 -15.60 -13.54 -1.89
CA GLU B 16 -6.43 -7.59 6.03
CA GLU B 16 -2.20 0.43 22.81
C GLU B 16 12.75 -9.95 2.00
C GLU B 16 -15.16 -14.26 -3.15
C GLU B 16 -6.09 -9.07 5.97
C GLU B 16 -3.62 0.56 22.30
N VAL B 17 12.91 -9.51 3.25
N VAL B 17 -14.03 -13.78 -3.64
N VAL B 17 -4.78 -9.30 6.00
N VAL B 17 -3.72 0.34 20.99
CA VAL B 17 13.85 -10.13 4.17
CA VAL B 17 -13.44 -14.31 -4.86
CA VAL B 17 -4.25 -10.65 5.91
CA VAL B 17 -4.99 0.46 20.29
C VAL B 17 13.25 -10.27 5.57
C VAL B 17 -11.91 -14.45 -4.74
C VAL B 17 -3.07 -10.85 6.89
C VAL B 17 -5.16 -0.66 19.26
N GLU B 18 14.00 -11.00 6.37
N GLU B 18 -11.39 -15.10 -5.75
N GLU B 18 -2.69 -12.10 6.96
N GLU B 18 -6.37 -0.70 18.75
CA GLU B 18 13.73 -11.20 7.80
CA GLU B 18 -9.94 -15.26 -5.95
CA GLU B 18 -1.53 -12.56 7.72
CA GLU B 18 -6.77 -1.59 17.66
C GLU B 18 14.94 -10.65 8.55
C GLU B 18 -9.62 -14.63 -7.29
C GLU B 18 -0.59 -13.22 6.73
C GLU B 18 -7.23 -0.70 16.52
N PRO B 19 14.71 -10.05 9.70
N PRO B 19 -8.45 -14.01 -7.38
N PRO B 19 0.71 -13.06 6.93
N PRO B 19 -6.96 -1.12 15.30
CA PRO B 19 15.78 -9.54 10.54
CA PRO B 19 -7.99 -13.39 -8.63
CA PRO B 19 1.71 -13.68 6.07
CA PRO B 19 -7.38 -0.38 14.10
C PRO B 19 16.81 -10.59 10.87
C PRO B 19 -7.99 -14.36 -9.77
C PRO B 19 1.53 -15.17 5.97
C PRO B 19 -8.87 -0.13 14.09
N SER B 20 16.41 -11.85 10.82
N SER B 20 -7.90 -15.65 -9.48
N SER B 20 0.89 -15.77 6.97
N SER B 20 -9.62 -0.96 14.79
CA SER B 20 17.33 -12.94 11.17
CA SER B 20 -7.84 -16.66 -10.55
CA SER B 20 0.72 -17.23 6.98
CA SER B 20 -11.09 -0.82 14.80
C SER B 20 18.27 -13.25 10.02
C SER B 20 -9.23 -16.94 -11.10
C SER B 20 -0.43 -17.63 6.08
C SER B 20 -11.53 0.28 15.74
N ASP B 21 18.01 -12.65 8.85
N ASP B 21 -10.26 -16.40 -10.44
N ASP B 21 -1.18 -16.65 5.58
N ASP B 21 -10.58 0.81 16.52
CA ASP B 21 18.90 -12.96 7.71
CA ASP B 21 -11.63 -16.69 -10.96
CA ASP B 21 -2.32 -17.05 4.71
CA ASP B 21 -11.00 1.87 17.48
C ASP B 21 20.26 -12.35 7.93
C ASP B 21 -11.84 -15.97 -12.27
C ASP B 21 -1.81 -17.56 3.39
C ASP B 21 -11.33 3.13 16.72
N THR B 22 21.28 -13.00 7.42
N THR B 22 -12.64 -16.58 -13.13
N THR B 22 -2.55 -18.49 2.81
N THR B 22 -12.27 3.90 17.25
CA THR B 22 22.63 -12.50 7.47
CA THR B 22 -13.01 -15.98 -14.39
CA THR B 22 -2.24 -19.03 1.51
CA THR B 22 -12.63 5.18 16.69
C THR B 22 22.83 -11.52 6.28
C THR B 22 -14.21 -15.03 -14.13
C THR B 22 -2.84 -18.07 0.44
C THR B 22 -11.64 6.24 17.24
N ILE B 23 23.85 -10.69 6.45
N ILE B 23 -14.38 -14.12 -15.10
N ILE B 23 -2.28 -18.22 -0.76
N ILE B 23 -11.61 7.35 16.50
CA ILE B 23 24.25 -9.77 5.39
CA ILE B 23 -15.51 -13.20 -15.07
CA ILE B 23 -2.77 -17.47 -1.92
CA ILE B 23 -10.80 8.50 16.90
C ILE B 23 24.66 -10.53 4.14
C ILE B 23 -16.83 -13.98 -15.14
C ILE B 23 -4.23 -17.82 -2.20
C ILE B 23 -11.28 9.03 18.26
N GLU B 24 25.31 -11.65 4.33
N GLU B 24 -16.85 -15.05 -15.89
N GLU B 24 -4.57 -19.07 -2.01
N GLU B 24 -12.57 9.00 18.47
CA GLU B 24 25.71 -12.50 3.16
CA GLU B 24 -18.07 -15.92 -15.96
CA GLU B 24 -5.99 -19.51 -2.20
CA GLU B 24 -13.13 9.44 19.80
C GLU B 24 24.49 -12.90 2.36
C GLU B 24 -18.45 -16.42 -14.60
C GLU B 24 -6.91 -18.72 -1.29
C GLU B 24 -12.54 8.62 20.92
N ASN B 25 23.41 -13.23 3.05
N ASN B 25 -17.45 -16.79 -13.81
N ASN B 25 -6.48 -18.50 -0.06
N ASN B 25 -12.39 7.32 20.69
CA ASN B 25 22.14 -13.65 2.45
CA ASN B 25 -17.63 -17.31 -12.45
CA ASN B 25 -7.23 -17.76 0.96
CA ASN B 25 -11.85 6.38 21.67
C ASN B 25 21.50 -12.51 1.64
C ASN B 25 -18.20 -16.25 -11.51
C ASN B 25 -7.43 -16.30 0.57
C ASN B 25 -10.38 6.67 21.98
N VAL B 26 21.51 -11.34 2.25
N VAL B 26 -17.64 -15.06 -11.63
N VAL B 26 -6.34 -15.72 0.09
N VAL B 26 -9.64 6.93 20.92
CA VAL B 26 20.97 -10.15 1.60
CA VAL B 26 -18.09 -13.93 -10.83
CA VAL B 26 -6.38 -14.33 -0.36
CA VAL B 26 -8.23 7.26 21.04
C VAL B 26 21.71 -9.92 0.28
C VAL B 26 -19.58 -13.70 -11.09
C VAL B 26 -7.42 -14.18 -1.46
C VAL B 26 -8.07 8.49 21.93
N LYS B 27 23.03 -10.01 0.34
N LYS B 27 -19.94 -13.69 -12.37
N LYS B 27 -7.39 -15.11 -2.41
N LYS B 27 -8.90 9.50 21.65
CA LYS B 27 23.84 -9.80 -0.87
CA LYS B 27 -21.34 -13.46 -12.76
CA LYS B 27 -8.34 -15.07 -3.53
CA LYS B 27 -8.84 10.75 22.43
C LYS B 27 23.50 -10.83 -1.94
C LYS B 27 -22.24 -14.55 -12.17
C LYS B 27 -9.77 -15.18 -3.02
C LYS B 27 -9.16 10.49 23.89
N ALA B 28 23.23 -12.07 -1.55
N ALA B 28 -21.78 -15.78 -12.13
N ALA B 28 -10.01 -16.00 -2.01
N ALA B 28 -10.09 9.59 24.18
CA ALA B 28 22.83 -13.10 -2.50
CA ALA B 28 -22.54 -16.88 -11.52
CA ALA B 28 -11.34 -16.12 -1.41
CA ALA B 28 -10.41 9.21 25.55
C ALA B 28 21.47 -12.80 -3.10
C ALA B 28 -22.70 -16.68 -10.03
C ALA B 28 -11.76 -14.83 -0.72
C ALA B 28 -9.24 8.50 26.22
N LYS B 29 20.53 -12.26 -2.33
N LYS B 29 -21.68 -16.18 -9.34
N LYS B 29 -10.85 -14.12 -0.07
N LYS B 29 -8.51 7.66 25.50
CA LYS B 29 19.22 -11.85 -2.89
CA LYS B 29 -21.80 -15.88 -7.89
CA LYS B 29 -11.18 -12.82 0.54
CA LYS B 29 -7.32 6.99 26.06
C LYS B 29 19.38 -10.73 -3.92
C LYS B 29 -22.84 -14.77 -7.65
C LYS B 29 -11.56 -11.79 -0.53
C LYS B 29 -6.23 8.03 26.40
N ILE B 30 20.33 -9.81 -3.64
N ILE B 30 -22.87 -13.80 -8.56
N ILE B 30 -10.86 -11.86 -1.68
N ILE B 30 -6.13 9.05 25.55
CA ILE B 30 20.56 -8.70 -4.56
CA ILE B 30 -23.83 -12.69 -8.41
CA ILE B 30 -11.16 -10.93 -2.77
CA ILE B 30 -5.11 10.09 25.80
C ILE B 30 21.20 -9.28 -5.82
C ILE B 30 -25.23 -13.28 -8.68
C ILE B 30 -12.53 -11.30 -3.32
C ILE B 30 -5.58 10.89 27.02
N GLN B 31 22.09 -10.23 -5.68
N GLN B 31 -25.37 -14.16 -9.63
N GLN B 31 -12.83 -12.57 -3.44
N GLN B 31 -6.86 11.15 27.15
CA GLN B 31 22.70 -10.82 -6.91
CA GLN B 31 -26.71 -14.74 -9.88
CA GLN B 31 -14.18 -12.95 -3.97
CA GLN B 31 -7.30 11.91 28.35
C GLN B 31 21.61 -11.48 -7.76
C GLN B 31 -27.18 -15.51 -8.62
C GLN B 31 -15.26 -12.40 -3.01
C GLN B 31 -6.99 11.10 29.61
N ASP B 32 20.82 -12.28 -7.07
N ASP B 32 -26.27 -16.33 -8.15
N ASP B 32 -15.05 -12.69 -1.76
N ASP B 32 -7.36 9.85 29.54
CA ASP B 32 19.69 -12.99 -7.73
CA ASP B 32 -26.54 -17.12 -6.93
CA ASP B 32 -15.98 -12.22 -0.70
CA ASP B 32 -7.11 8.91 30.67
C ASP B 32 18.80 -12.03 -8.48
C ASP B 32 -26.98 -16.25 -5.78
C ASP B 32 -16.22 -10.73 -0.77
C ASP B 32 -5.65 8.90 31.07
N LYS B 33 18.50 -10.86 -7.89
N LYS B 33 -26.33 -15.09 -5.59
N LYS B 33 -15.15 -9.94 -1.02
N LYS B 33 -4.73 8.91 30.08
CA LYS B 33 17.54 -9.98 -8.59
CA LYS B 33 -26.71 -14.30 -4.39
CA LYS B 33 -15.38 -8.48 -0.99
CA LYS B 33 -3.31 8.79 30.50
C LYS B 33 18.11 -8.95 -9.49
C LYS B 33 -27.75 -13.25 -4.58
C LYS B 33 -15.69 -7.82 -2.29
C LYS B 33 -2.56 10.07 30.68
N GLU B 34 19.31 -8.46 -9.35
N GLU B 34 -28.00 -12.69 -5.73
N GLU B 34 -15.31 -8.31 -3.43
N GLU B 34 -2.89 11.18 30.09
CA GLU B 34 19.91 -7.46 -10.20
CA GLU B 34 -29.01 -11.67 -5.96
CA GLU B 34 -15.59 -7.71 -4.72
CA GLU B 34 -2.20 12.44 30.24
C GLU B 34 21.21 -7.89 -10.83
C GLU B 34 -30.00 -12.03 -7.03
C GLU B 34 -16.32 -8.61 -5.68
C GLU B 34 -3.08 13.58 30.71
N GLY B 35 21.72 -9.04 -10.45
N GLY B 35 -29.80 -13.14 -7.72
N GLY B 35 -16.52 -9.87 -5.30
N GLY B 35 -4.37 13.34 30.82
CA GLY B 35 22.91 -9.60 -11.04
CA GLY B 35 -30.71 -13.64 -8.71
CA GLY B 35 -17.26 -10.82 -6.10
CA GLY B 35 -5.30 14.30 31.32
C GLY B 35 24.23 -9.12 -10.56
C GLY B 35 -30.67 -13.05 -10.06
C GLY B 35 -16.59 -11.49 -7.23
C GLY B 35 -5.79 15.37 30.42
N ILE B 36 24.25 -8.27 -9.52
N ILE B 36 -29.70 -12.17 -10.34
N ILE B 36 -15.28 -11.27 -7.40
N ILE B 36 -5.42 15.32 29.13
CA ILE B 36 25.54 -7.78 -9.03
CA ILE B 36 -29.64 -11.58 -11.69
CA ILE B 36 -14.59 -11.94 -8.51
CA ILE B 36 -5.90 16.37 28.20
C ILE B 36 26.22 -8.81 -8.13
C ILE B 36 -28.99 -12.54 -12.67
C ILE B 36 -14.26 -13.38 -8.17
C ILE B 36 -7.33 16.09 27.77
N PRO B 37 27.44 -9.18 -8.47
N PRO B 37 -29.68 -12.84 -13.77
N PRO B 37 -14.71 -14.31 -9.01
N PRO B 37 -8.22 17.06 27.97
CA PRO B 37 28.23 -10.15 -7.67
CA PRO B 37 -29.16 -13.73 -14.82
CA PRO B 37 -14.44 -15.75 -8.82
CA PRO B 37 -9.63 16.96 27.57
C PRO B 37 28.37 -9.69 -6.24
C PRO B 37 -27.86 -13.21 -15.37
C PRO B 37 -12.94 -16.02 -8.76
C PRO B 37 -9.74 16.68 26.08
N PRO B 38 28.22 -10.55 -5.27
N PRO B 38 -26.87 -14.05 -15.59
N PRO B 38 -12.49 -16.85 -7.85
N PRO B 38 -10.61 15.80 25.67
CA PRO B 38 28.35 -10.14 -3.87
CA PRO B 38 -25.58 -13.58 -16.12
CA PRO B 38 -11.05 -17.14 -7.74
CA PRO B 38 -10.74 15.49 24.24
C PRO B 38 29.67 -9.48 -3.54
C PRO B 38 -25.70 -12.85 -17.43
C PRO B 38 -10.44 -17.65 -9.02
C PRO B 38 -11.08 16.69 23.39
N ASP B 39 30.73 -9.90 -4.20
N ASP B 39 -26.64 -13.20 -18.26
N ASP B 39 -11.19 -18.38 -9.81
N ASP B 39 -11.80 17.64 23.93
CA ASP B 39 32.08 -9.35 -3.89
CA ASP B 39 -26.79 -12.56 -19.59
CA ASP B 39 -10.64 -18.98 -11.06
CA ASP B 39 -12.21 18.84 23.14
C ASP B 39 32.22 -7.89 -4.30
C ASP B 39 -27.22 -11.10 -19.48
C ASP B 39 -10.31 -17.91 -12.10
C ASP B 39 -11.02 19.73 22.79
N GLN B 40 31.29 -7.42 -5.12
N GLN B 40 -27.71 -10.71 -18.32
N GLN B 40 -10.83 -16.71 -11.91
N GLN B 40 -9.90 19.52 23.47
CA GLN B 40 31.34 -5.99 -5.53
CA GLN B 40 -28.14 -9.31 -18.14
CA GLN B 40 -10.54 -15.62 -12.87
CA GLN B 40 -8.70 20.33 23.17
C GLN B 40 30.43 -5.10 -4.65
C GLN B 40 -27.03 -8.45 -17.48
C GLN B 40 -9.38 -14.74 -12.40
C GLN B 40 -7.75 19.62 22.20
N GLN B 41 29.60 -5.70 -3.84
N GLN B 41 -25.98 -9.07 -17.00
N GLN B 41 -8.93 -14.90 -11.17
N GLN B 41 -7.98 18.35 21.92
CA GLN B 41 28.66 -4.99 -3.00
CA GLN B 41 -24.90 -8.40 -16.32
CA GLN B 41 -7.88 -14.11 -10.59
CA GLN B 41 -7.14 17.55 21.07
C GLN B 41 29.21 -4.49 -1.67
C GLN B 41 -23.82 -7.83 -17.20
C GLN B 41 -6.48 -14.57 -10.87
C GLN B 41 -7.43 17.65 19.59
N ARG B 42 28.97 -3.21 -1.42
N ARG B 42 -23.51 -6.56 -16.96
N ARG B 42 -5.65 -13.63 -11.33
N ARG B 42 -6.36 17.89 18.83
CA ARG B 42 29.28 -2.61 -0.08
CA ARG B 42 -22.35 -5.90 -17.63
CA ARG B 42 -4.18 -13.88 -11.49
CA ARG B 42 -6.44 17.85 17.34
C ARG B 42 27.96 -2.08 0.42
C ARG B 42 -21.45 -5.45 -16.50
C ARG B 42 -3.52 -12.85 -10.61
C ARG B 42 -5.44 16.79 16.93
N LEU B 43 27.43 -2.60 1.52
N LEU B 43 -20.24 -5.97 -16.37
N LEU B 43 -2.79 -13.24 -9.56
N LEU B 43 -5.86 15.67 16.32
CA LEU B 43 26.11 -2.13 2.03
CA LEU B 43 -19.36 -5.58 -15.24
CA LEU B 43 -2.17 -12.25 -8.65
CA LEU B 43 -4.91 14.61 15.95
C LEU B 43 26.30 -1.22 3.23
C LEU B 43 -18.29 -4.61 -15.72
C LEU B 43 -0.67 -12.15 -8.93
C LEU B 43 -4.63 14.64 14.45
N ILE B 44 25.64 -0.06 3.17
N ILE B 44 -18.13 -3.50 -15.00
N ILE B 44 -0.19 -10.92 -9.09
N ILE B 44 -3.35 14.62 14.10
CA ILE B 44 25.75 0.96 4.21
CA ILE B 44 -17.18 -2.45 -15.35
CA ILE B 44 1.21 -10.65 -9.42
CA ILE B 44 -2.91 14.70 12.72
C ILE B 44 24.39 1.29 4.83
C ILE B 44 -16.18 -2.19 -14.23
C ILE B 44 1.88 -9.77 -8.37
C ILE B 44 -2.06 13.50 12.32
N PHE B 45 24.37 1.31 6.18
N PHE B 45 -14.89 -2.14 -14.63
N PHE B 45 3.08 -10.22 -7.95
N PHE B 45 -2.42 12.92 11.14
CA PHE B 45 23.16 1.67 6.94
CA PHE B 45 -13.80 -1.84 -13.68
CA PHE B 45 3.89 -9.45 -6.98
CA PHE B 45 -1.68 11.78 10.57
C PHE B 45 23.66 2.44 8.18
C PHE B 45 -12.79 -1.00 -14.48
C PHE B 45 5.35 -9.68 -7.40
C PHE B 45 -1.70 11.99 9.05
N ALA B 46 23.03 3.58 8.34
N ALA B 46 -12.44 0.10 -13.86
N ALA B 46 6.02 -8.55 -7.50
N ALA B 46 -0.51 11.90 8.51
CA ALA B 46 23.28 4.47 9.48
CA ALA B 46 -11.44 1.05 -14.37
CA ALA B 46 7.44 -8.48 -7.84
CA ALA B 46 -0.26 12.00 7.07
C ALA B 46 24.76 4.69 9.68
C ALA B 46 -11.72 1.37 -15.83
C ALA B 46 7.76 -9.35 -9.04
C ALA B 46 -0.98 13.21 6.48
N GLY B 47 25.42 4.95 8.59
N GLY B 47 -12.96 1.64 -16.11
N GLY B 47 6.93 -9.22 -10.04
N GLY B 47 -0.83 14.30 7.17
CA GLY B 47 26.83 5.19 8.44
CA GLY B 47 -13.55 1.97 -17.37
CA GLY B 47 6.93 -9.90 -11.29
CA GLY B 47 -1.37 15.60 6.90
C GLY B 47 27.77 4.09 8.83
C GLY B 47 -13.46 0.95 -18.46
C GLY B 47 6.78 -11.40 -11.28
C GLY B 47 -2.87 15.74 6.88
N LYS B 48 27.31 2.87 8.87
N LYS B 48 -13.27 -0.31 -18.12
N LYS B 48 6.23 -11.95 -10.24
N LYS B 48 -3.58 14.83 7.50
CA LYS B 48 28.15 1.70 9.18
CA LYS B 48 -13.23 -1.40 -19.11
CA LYS B 48 6.00 -13.40 -10.14
CA LYS B 48 -5.05 14.89 7.59
C LYS B 48 28.20 0.82 7.92
C LYS B 48 -14.43 -2.30 -18.83
C LYS B 48 4.47 -13.60 -10.07
C LYS B 48 -5.42 15.09 9.07
N GLN B 49 29.33 0.23 7.63
N GLN B 49 -15.04 -2.84 -19.86
N GLN B 49 3.97 -14.63 -10.70
N GLN B 49 -6.42 15.86 9.35
CA GLN B 49 29.41 -0.74 6.50
CA GLN B 49 -16.13 -3.82 -19.65
CA GLN B 49 2.52 -14.94 -10.57
CA GLN B 49 -6.90 16.00 10.75
C GLN B 49 28.96 -2.06 7.12
C GLN B 49 -15.41 -5.16 -19.52
C GLN B 49 2.44 -15.79 -9.30
C GLN B 49 -7.87 14.82 10.92
N LEU B 50 28.04 -2.75 6.49
N LEU B 50 -15.71 -5.92 -18.50
N LEU B 50 1.54 -15.46 -8.40
N LEU B 50 -7.72 14.04 11.97
CA LEU B 50 27.48 -4.00 7.04
CA LEU B 50 -15.00 -7.19 -18.23
CA LEU B 50 1.44 -16.14 -7.10
CA LEU B 50 -8.53 12.84 12.18
C LEU B 50 28.43 -5.15 6.79
C LEU B 50 -15.53 -8.28 -19.13
C LEU B 50 0.70 -17.46 -7.26
C LEU B 50 -9.89 13.23 12.73
N GLU B 51 28.60 -6.02 7.78
N GLU B 51 -14.63 -9.11 -19.67
N GLU B 51 1.17 -18.51 -6.60
N GLU B 51 -10.96 12.58 12.24
CA GLU B 51 29.55 -7.15 7.63
CA GLU B 51 -15.07 -10.18 -20.60
CA GLU B 51 0.53 -19.84 -6.75
CA GLU B 51 -12.33 12.94 12.69
C GLU B 51 28.80 -8.42 7.33
C GLU B 51 -15.10 -11.50 -19.89
C GLU B 51 -0.34 -20.13 -5.56
C GLU B 51 -12.82 11.92 13.68
N ASP B 52 29.28 -9.27 6.45
N ASP B 52 -16.08 -12.35 -20.14
N ASP B 52 -1.50 -20.70 -5.72
N ASP B 52 -13.50 12.32 14.73
CA ASP B 52 28.63 -10.50 5.99
CA ASP B 52 -16.30 -13.63 -19.46
CA ASP B 52 -2.49 -20.98 -4.69
CA ASP B 52 -13.96 11.47 15.82
C ASP B 52 28.03 -11.48 7.00
C ASP B 52 -15.17 -14.61 -19.29
C ASP B 52 -2.08 -21.62 -3.37
C ASP B 52 -14.69 10.17 15.53
N GLY B 53 28.73 -11.74 8.08
N GLY B 53 -14.35 -14.80 -20.30
N GLY B 53 -1.23 -22.62 -3.41
N GLY B 53 -15.59 10.17 14.57
CA GLY B 53 28.32 -12.71 9.11
CA GLY B 53 -13.23 -15.76 -20.31
CA GLY B 53 -0.78 -23.38 -2.25
CA GLY B 53 -16.41 9.00 14.21
C GLY B 53 27.35 -12.22 10.13
C GLY B 53 -11.96 -15.31 -19.67
C GLY B 53 0.33 -22.78 -1.45
C GLY B 53 -15.79 8.00 13.29
N ARG B 54 27.06 -10.93 10.17
N ARG B 54 -11.84 -14.04 -19.31
N ARG B 54 0.97 -21.72 -1.93
N ARG B 54 -14.62 8.29 12.73
CA ARG B 54 26.05 -10.38 11.10
CA ARG B 54 -10.64 -13.53 -18.60
CA ARG B 54 2.03 -21.02 -1.18
CA ARG B 54 -13.90 7.33 11.88
C ARG B 54 24.69 -10.52 10.45
C ARG B 54 -10.84 -13.78 -17.12
C ARG B 54 1.36 -20.01 -0.25
C ARG B 54 -13.06 6.42 12.79
N THR B 55 23.64 -10.36 11.24
N THR B 55 -9.78 -13.66 -16.36
N THR B 55 2.11 -19.51 0.70
N THR B 55 -12.58 5.34 12.25
CA THR B 55 22.24 -10.39 10.77
CA THR B 55 -9.77 -13.80 -14.88
CA THR B 55 1.65 -18.48 1.65
CA THR B 55 -11.70 4.38 12.96
C THR B 55 21.74 -8.92 10.75
C THR B 55 -9.66 -12.38 -14.30
C THR B 55 2.30 -17.14 1.21
C THR B 55 -10.27 4.60 12.41
N LEU B 56 20.64 -8.71 10.07
N LEU B 56 -9.97 -12.26 -13.02
N LEU B 56 1.77 -16.05 1.74
N LEU B 56 -9.30 4.09 13.13
CA LEU B 56 19.99 -7.39 9.99
CA LEU B 56 -9.84 -10.99 -12.30
CA LEU B 56 2.31 -14.71 1.47
CA LEU B 56 -7.88 4.15 12.73
C LEU B 56 19.61 -6.98 11.40
C LEU B 56 -8.38 -10.55 -12.34
C LEU B 56 3.75 -14.66 1.97
C LEU B 56 -7.74 3.43 11.39
N SER B 57 19.18 -7.94 12.24
N SER B 57 -7.44 -11.52 -12.26
N SER B 57 4.03 -15.35 3.10
N SER B 57 -8.50 2.33 11.21
CA SER B 57 18.78 -7.53 13.61
CA SER B 57 -6.03 -11.10 -12.28
CA SER B 57 5.43 -15.29 3.60
CA SER B 57 -8.34 1.61 9.91
C SER B 57 19.95 -6.97 14.40
C SER B 57 -5.65 -10.44 -13.59
C SER B 57 6.41 -15.92 2.64
C SER B 57 -8.77 2.46 8.73
N ASP B 58 21.15 -7.43 14.10
N ASP B 58 -6.30 -10.83 -14.67
N ASP B 58 5.95 -16.90 1.88
N ASP B 58 -9.72 3.36 8.95
CA ASP B 58 22.36 -6.95 14.81
CA ASP B 58 -6.01 -10.23 -16.00
CA ASP B 58 6.83 -17.59 0.89
CA ASP B 58 -10.21 4.25 7.87
C ASP B 58 22.48 -5.42 14.70
C ASP B 58 -6.15 -8.71 -15.96
C ASP B 58 7.45 -16.58 -0.08
C ASP B 58 -9.04 5.03 7.24
N TYR B 59 22.14 -4.92 13.56
N TYR B 59 -7.15 -8.27 -15.25
N TYR B 59 6.66 -15.61 -0.46
N TYR B 59 -8.13 5.44 8.07
CA TYR B 59 22.15 -3.49 13.24
CA TYR B 59 -7.45 -6.85 -15.07
CA TYR B 59 7.05 -14.54 -1.36
CA TYR B 59 -6.95 6.18 7.68
C TYR B 59 20.83 -2.81 13.54
C TYR B 59 -6.78 -6.25 -13.85
C TYR B 59 7.60 -13.33 -0.63
C TYR B 59 -5.75 5.29 7.40
N ASN B 60 19.83 -3.46 14.10
N ASN B 60 -5.93 -6.94 -13.13
N ASN B 60 7.77 -13.33 0.67
N ASN B 60 -5.87 3.98 7.41
CA ASN B 60 18.57 -2.75 14.36
CA ASN B 60 -5.29 -6.32 -11.95
CA ASN B 60 8.30 -12.12 1.33
CA ASN B 60 -4.69 3.14 7.12
C ASN B 60 17.97 -2.17 13.08
C ASN B 60 -6.32 -5.83 -10.96
C ASN B 60 7.43 -10.90 1.06
C ASN B 60 -3.54 3.45 8.09
N ILE B 61 17.96 -2.96 12.02
N ILE B 61 -7.32 -6.64 -10.67
N ILE B 61 6.13 -11.08 1.19
N ILE B 61 -3.86 3.54 9.37
CA ILE B 61 17.34 -2.53 10.73
CA ILE B 61 -8.34 -6.29 -9.65
CA ILE B 61 5.18 -9.92 1.04
CA ILE B 61 -2.81 3.73 10.41
C ILE B 61 15.86 -2.95 10.83
C ILE B 61 -7.80 -6.80 -8.31
C ILE B 61 5.03 -9.31 2.43
C ILE B 61 -2.35 2.34 10.82
N GLN B 62 14.95 -2.02 10.83
N GLN B 62 -7.52 -5.94 -7.38
N GLN B 62 5.45 -8.09 2.60
N GLN B 62 -1.11 1.99 10.60
CA GLN B 62 13.49 -2.31 10.98
CA GLN B 62 -6.92 -6.32 -6.06
CA GLN B 62 5.42 -7.40 3.93
CA GLN B 62 -0.57 0.64 10.89
C GLN B 62 12.80 -2.20 9.61
C GLN B 62 -8.00 -6.30 -4.98
C GLN B 62 4.25 -6.42 3.98
C GLN B 62 0.27 0.69 12.17
N LYS B 63 11.55 -2.63 9.52
N LYS B 63 -7.70 -6.81 -3.80
N LYS B 63 3.95 -5.88 5.16
N LYS B 63 0.66 -0.46 12.70
CA LYS B 63 10.82 -2.64 8.27
CA LYS B 63 -8.66 -6.92 -2.71
CA LYS B 63 2.81 -4.99 5.33
CA LYS B 63 1.40 -0.54 13.94
C LYS B 63 10.85 -1.24 7.65
C LYS B 63 -9.27 -5.54 -2.44
C LYS B 63 2.91 -3.83 4.34
C LYS B 63 2.66 0.33 13.82
N GLU B 64 10.95 -1.27 6.32
N GLU B 64 -10.56 -5.61 -2.14
N GLU B 64 1.72 -3.46 3.86
N GLU B 64 2.96 0.95 14.98
CA GLU B 64 10.98 -0.12 5.46
CA GLU B 64 -11.40 -4.48 -1.82
CA GLU B 64 1.50 -2.39 2.92
CA GLU B 64 4.09 1.82 15.18
C GLU B 64 12.18 0.79 5.55
C GLU B 64 -11.70 -3.49 -2.91
C GLU B 64 2.02 -2.57 1.53
C GLU B 64 4.11 3.13 14.44
N SER B 65 13.25 0.24 6.11
N SER B 65 -11.50 -3.95 -4.13
N SER B 65 2.29 -3.81 1.18
N SER B 65 2.93 3.53 13.99
CA SER B 65 14.55 0.90 6.19
CA SER B 65 -11.82 -3.19 -5.35
CA SER B 65 2.70 -4.22 -0.17
CA SER B 65 2.70 4.83 13.34
C SER B 65 15.14 0.95 4.76
C SER B 65 -13.37 -3.15 -5.46
C SER B 65 1.46 -4.07 -1.09
C SER B 65 2.82 5.91 14.44
N THR B 66 16.07 1.84 4.53
N THR B 66 -13.89 -2.21 -6.21
N THR B 66 1.69 -3.98 -2.37
N THR B 66 3.06 7.14 14.04
CA THR B 66 16.77 1.93 3.25
CA THR B 66 -15.33 -2.11 -6.47
CA THR B 66 0.61 -3.91 -3.36
CA THR B 66 3.11 8.28 14.96
C THR B 66 18.27 1.70 3.49
C THR B 66 -15.56 -2.24 -7.97
C THR B 66 0.75 -5.11 -4.30
C THR B 66 2.03 9.28 14.55
N LEU B 67 18.87 0.76 2.75
N LEU B 67 -16.43 -3.16 -8.39
N LEU B 67 -0.32 -5.89 -4.47
N LEU B 67 1.16 9.68 15.49
CA LEU B 67 20.32 0.55 2.86
CA LEU B 67 -16.79 -3.25 -9.81
CA LEU B 67 -0.29 -6.99 -5.45
CA LEU B 67 0.17 10.72 15.19
C LEU B 67 20.93 1.21 1.60
C LEU B 67 -18.17 -2.60 -9.95
C LEU B 67 -1.09 -6.49 -6.66
C LEU B 67 0.71 12.00 15.85
N HIS B 68 22.14 1.62 1.66
N HIS B 68 -18.50 -2.11 -11.09
N HIS B 68 -0.82 -7.01 -7.81
N HIS B 68 0.33 13.13 15.37
CA HIS B 68 22.77 2.21 0.46
CA HIS B 68 -19.84 -1.51 -11.28
CA HIS B 68 -1.59 -6.59 -9.01
CA HIS B 68 0.79 14.39 16.01
C HIS B 68 23.74 1.15 -0.07
C HIS B 68 -20.64 -2.52 -12.10
C HIS B 68 -2.54 -7.75 -9.31
C HIS B 68 -0.43 14.95 16.76
N LEU B 69 23.73 0.94 -1.38
N LEU B 69 -21.88 -2.77 -11.71
N LEU B 69 -3.79 -7.43 -9.60
N LEU B 69 -0.22 15.39 17.97
CA LEU B 69 24.65 0.01 -2.02
CA LEU B 69 -22.77 -3.66 -12.44
CA LEU B 69 -4.78 -8.44 -9.99
CA LEU B 69 -1.28 16.01 18.77
C LEU B 69 25.72 0.73 -2.79
C LEU B 69 -23.83 -2.89 -13.17
C LEU B 69 -5.10 -8.36 -11.46
C LEU B 69 -1.08 17.49 18.88
N VAL B 70 26.95 0.63 -2.42
N VAL B 70 -23.86 -2.91 -14.46
N VAL B 70 -4.80 -9.36 -12.22
N VAL B 70 -1.95 18.29 18.36
CA VAL B 70 28.06 1.23 -3.22
CA VAL B 70 -24.97 -2.25 -15.21
CA VAL B 70 -5.19 -9.36 -13.66
CA VAL B 70 -1.87 19.76 18.53
C VAL B 70 28.75 0.02 -3.86
C VAL B 70 -25.78 -3.42 -15.76
C VAL B 70 -6.31 -10.42 -13.73
C VAL B 70 -3.02 20.09 19.50
N LEU B 71 29.15 0.15 -5.10
N LEU B 71 -27.10 -3.31 -15.75
N LEU B 71 -7.34 -10.16 -14.49
N LEU B 71 -2.80 20.98 20.44
CA LEU B 71 29.86 -0.95 -5.79
CA LEU B 71 -27.96 -4.39 -16.29
CA LEU B 71 -8.45 -11.13 -14.64
CA LEU B 71 -3.86 21.38 21.39
C LEU B 71 31.35 -0.74 -5.70
C LEU B 71 -28.34 -4.07 -17.71
C LEU B 71 -8.25 -11.96 -15.87
C LEU B 71 -4.53 22.62 20.91
N MET A 1 6.38 18.40 -20.67
CA MET A 1 5.74 19.56 -20.05
C MET A 1 6.28 19.67 -18.60
N GLN A 2 6.34 20.88 -18.14
CA GLN A 2 6.81 21.11 -16.74
C GLN A 2 5.61 21.10 -15.81
N ILE A 3 5.80 20.45 -14.66
CA ILE A 3 4.77 20.47 -13.61
C ILE A 3 5.53 20.83 -12.30
N PHE A 4 4.75 21.23 -11.33
CA PHE A 4 5.40 21.59 -10.01
C PHE A 4 4.91 20.64 -8.96
N VAL A 5 5.74 20.16 -8.03
CA VAL A 5 5.27 19.32 -6.95
C VAL A 5 5.58 20.10 -5.65
N LYS A 6 4.57 20.50 -4.95
CA LYS A 6 4.78 21.30 -3.70
C LYS A 6 4.77 20.35 -2.53
N THR A 7 5.82 20.41 -1.68
CA THR A 7 5.88 19.52 -0.51
C THR A 7 5.42 20.27 0.74
N LEU A 8 5.24 19.58 1.84
CA LEU A 8 4.74 20.24 3.07
C LEU A 8 5.81 21.08 3.74
N THR A 9 7.06 21.03 3.24
CA THR A 9 8.08 21.90 3.94
C THR A 9 8.35 23.16 3.18
N GLY A 10 7.52 23.50 2.24
CA GLY A 10 7.67 24.69 1.43
C GLY A 10 8.68 24.63 0.33
N LYS A 11 9.10 23.43 0.00
CA LYS A 11 10.01 23.21 -1.12
C LYS A 11 9.11 22.84 -2.31
N THR A 12 9.42 23.38 -3.48
CA THR A 12 8.62 22.98 -4.66
C THR A 12 9.61 22.35 -5.64
N ILE A 13 9.25 21.19 -6.17
CA ILE A 13 10.23 20.60 -7.13
C ILE A 13 9.65 20.67 -8.52
N THR A 14 10.47 20.94 -9.51
CA THR A 14 9.89 20.97 -10.89
C THR A 14 10.25 19.66 -11.57
N LEU A 15 9.33 19.09 -12.33
CA LEU A 15 9.58 17.83 -13.01
C LEU A 15 9.25 18.02 -14.49
N GLU A 16 9.89 17.22 -15.31
CA GLU A 16 9.51 17.26 -16.76
C GLU A 16 8.85 15.92 -17.00
N VAL A 17 7.60 16.03 -17.42
CA VAL A 17 6.77 14.86 -17.67
C VAL A 17 5.93 15.04 -18.95
N GLU A 18 5.32 13.93 -19.31
CA GLU A 18 4.37 13.84 -20.41
C GLU A 18 3.06 13.38 -19.82
N PRO A 19 1.95 13.87 -20.34
CA PRO A 19 0.61 13.47 -19.90
C PRO A 19 0.43 11.98 -19.97
N SER A 20 1.19 11.31 -20.81
CA SER A 20 1.03 9.85 -20.98
C SER A 20 1.72 9.11 -19.87
N ASP A 21 2.49 9.83 -19.05
CA ASP A 21 3.19 9.10 -17.96
C ASP A 21 2.21 8.63 -16.92
N THR A 22 2.51 7.52 -16.30
CA THR A 22 1.71 6.99 -15.21
C THR A 22 2.16 7.68 -13.91
N ILE A 23 1.25 7.61 -12.94
CA ILE A 23 1.52 8.13 -11.60
C ILE A 23 2.72 7.40 -10.98
N GLU A 24 2.80 6.12 -11.24
CA GLU A 24 3.98 5.32 -10.73
C GLU A 24 5.27 5.90 -11.23
N CYS A 25 5.30 6.34 -12.52
CA CYS A 25 6.50 6.91 -13.13
C CYS A 25 6.85 8.24 -12.50
N VAL A 26 5.82 9.05 -12.28
CA VAL A 26 6.04 10.34 -11.65
C VAL A 26 6.71 10.15 -10.29
N LYS A 27 6.18 9.20 -9.52
CA LYS A 27 6.74 8.92 -8.19
C LYS A 27 8.19 8.48 -8.29
N ALA A 28 8.54 7.70 -9.30
CA ALA A 28 9.92 7.29 -9.53
C ALA A 28 10.80 8.47 -9.89
N LYS A 29 10.31 9.43 -10.66
CA LYS A 29 11.09 10.64 -10.97
C LYS A 29 11.35 11.47 -9.69
N ILE A 30 10.35 11.49 -8.81
CA ILE A 30 10.50 12.25 -7.55
C ILE A 30 11.53 11.50 -6.70
N GLN A 31 11.49 10.19 -6.69
CA GLN A 31 12.50 9.45 -5.86
C GLN A 31 13.90 9.76 -6.40
N ASP A 32 14.01 9.63 -7.70
CA ASP A 32 15.30 9.91 -8.37
C ASP A 32 15.83 11.29 -8.03
N LYS A 33 14.94 12.30 -7.98
CA LYS A 33 15.50 13.66 -7.74
C LYS A 33 15.53 14.13 -6.33
N GLU A 34 14.74 13.67 -5.41
CA GLU A 34 14.73 14.09 -4.02
C GLU A 34 14.92 12.96 -3.04
N GLY A 35 14.94 11.73 -3.52
CA GLY A 35 15.18 10.58 -2.69
C GLY A 35 14.07 10.02 -1.89
N ILE A 36 12.84 10.55 -2.06
CA ILE A 36 11.72 10.01 -1.29
C ILE A 36 11.20 8.72 -1.91
N PRO A 37 11.15 7.65 -1.13
CA PRO A 37 10.64 6.34 -1.58
C PRO A 37 9.21 6.46 -2.09
N PRO A 38 8.88 5.84 -3.19
CA PRO A 38 7.51 5.95 -3.73
C PRO A 38 6.45 5.52 -2.76
N ASP A 39 6.74 4.57 -1.90
CA ASP A 39 5.72 4.05 -0.95
C ASP A 39 5.34 5.08 0.11
N GLN A 40 6.16 6.11 0.23
CA GLN A 40 5.83 7.18 1.22
C GLN A 40 5.08 8.36 0.58
N GLN A 41 5.02 8.40 -0.74
CA GLN A 41 4.40 9.48 -1.46
C GLN A 41 2.90 9.36 -1.66
N ARG A 42 2.21 10.46 -1.32
CA ARG A 42 0.75 10.57 -1.60
C ARG A 42 0.62 11.80 -2.48
N LEU A 43 0.18 11.67 -3.73
CA LEU A 43 0.09 12.84 -4.63
C LEU A 43 -1.35 13.30 -4.76
N ILE A 44 -1.57 14.59 -4.57
CA ILE A 44 -2.91 15.19 -4.61
C ILE A 44 -3.02 16.28 -5.66
N PHE A 45 -4.11 16.19 -6.46
CA PHE A 45 -4.39 17.20 -7.50
C PHE A 45 -5.92 17.33 -7.53
N ALA A 46 -6.32 18.58 -7.46
CA ALA A 46 -7.74 18.98 -7.52
C ALA A 46 -8.59 18.14 -6.58
N GLY A 47 -8.08 17.99 -5.40
CA GLY A 47 -8.62 17.24 -4.29
C GLY A 47 -8.80 15.76 -4.47
N CYS A 48 -8.13 15.15 -5.41
CA CYS A 48 -8.12 13.71 -5.63
C CYS A 48 -6.78 13.12 -5.25
N GLN A 49 -6.74 11.97 -4.70
CA GLN A 49 -5.43 11.30 -4.47
C GLN A 49 -5.16 10.55 -5.77
N LEU A 50 -3.98 10.72 -6.33
CA LEU A 50 -3.65 10.11 -7.64
C LEU A 50 -3.29 8.65 -7.46
N GLU A 51 -3.77 7.80 -8.37
CA GLU A 51 -3.53 6.34 -8.25
C GLU A 51 -2.42 5.92 -9.18
N ASP A 52 -1.53 5.06 -8.79
CA ASP A 52 -0.35 4.62 -9.54
C ASP A 52 -0.48 4.20 -10.99
N GLY A 53 -1.50 3.45 -11.32
CA GLY A 53 -1.74 2.91 -12.67
C GLY A 53 -2.40 3.82 -13.65
N ARG A 54 -2.89 4.98 -13.21
CA ARG A 54 -3.49 5.96 -14.13
C ARG A 54 -2.37 6.83 -14.68
N THR A 55 -2.66 7.57 -15.72
CA THR A 55 -1.72 8.53 -16.36
C THR A 55 -2.16 9.94 -15.93
N LEU A 56 -1.27 10.90 -16.12
CA LEU A 56 -1.55 12.31 -15.83
C LEU A 56 -2.72 12.75 -16.70
N SER A 57 -2.80 12.25 -17.95
CA SER A 57 -3.93 12.69 -18.80
C SER A 57 -5.26 12.26 -18.24
N ASP A 58 -5.29 11.15 -17.53
CA ASP A 58 -6.56 10.64 -16.93
C ASP A 58 -7.20 11.71 -16.05
N TYR A 59 -6.37 12.41 -15.33
CA TYR A 59 -6.76 13.49 -14.42
C TYR A 59 -6.79 14.84 -15.09
N ASN A 60 -6.55 14.98 -16.38
CA ASN A 60 -6.58 16.32 -16.99
C ASN A 60 -5.58 17.25 -16.32
N ILE A 61 -4.36 16.77 -16.10
CA ILE A 61 -3.28 17.62 -15.54
C ILE A 61 -2.59 18.28 -16.73
N GLN A 62 -2.64 19.57 -16.85
CA GLN A 62 -2.07 20.32 -18.00
C GLN A 62 -0.74 20.97 -17.58
N LYS A 63 0.04 21.51 -18.58
CA LYS A 63 1.33 22.10 -18.24
C LYS A 63 1.17 23.16 -17.17
N GLU A 64 2.22 23.18 -16.36
CA GLU A 64 2.37 24.09 -15.26
C GLU A 64 1.44 23.96 -14.10
N SER A 65 0.81 22.79 -14.03
CA SER A 65 -0.07 22.42 -12.91
C SER A 65 0.84 22.18 -11.68
N THR A 66 0.25 22.25 -10.50
CA THR A 66 0.96 21.97 -9.25
C THR A 66 0.29 20.77 -8.56
N LEU A 67 1.06 19.74 -8.22
CA LEU A 67 0.49 18.62 -7.46
C LEU A 67 0.98 18.81 -6.00
N HIS A 68 0.26 18.31 -5.06
CA HIS A 68 0.72 18.43 -3.66
C HIS A 68 1.24 17.05 -3.26
N LEU A 69 2.38 17.02 -2.60
CA LEU A 69 2.96 15.77 -2.10
C LEU A 69 2.83 15.67 -0.60
N VAL A 70 2.10 14.73 -0.09
CA VAL A 70 2.03 14.52 1.38
C VAL A 70 2.81 13.21 1.60
N LEU A 71 3.60 13.15 2.65
CA LEU A 71 4.36 11.93 2.95
C LEU A 71 3.61 11.09 3.95
N ARG A 72 3.54 9.79 3.73
N ARG A 72 3.48 9.79 3.73
N ARG A 72 3.58 9.79 3.75
N ARG A 72 3.55 9.80 3.73
CA ARG A 72 2.83 8.89 4.65
CA ARG A 72 2.74 8.93 4.67
CA ARG A 72 2.88 8.88 4.69
CA ARG A 72 2.84 8.89 4.66
C ARG A 72 3.88 7.89 5.14
C ARG A 72 2.49 7.62 3.91
C ARG A 72 4.00 8.22 5.50
C ARG A 72 3.93 8.19 5.46
N LEU A 73 4.04 7.66 6.40
N LEU A 73 1.68 6.73 4.36
N LEU A 73 4.72 8.91 6.33
N LEU A 73 3.64 7.52 6.53
CA LEU A 73 5.06 6.69 6.86
CA LEU A 73 1.46 5.47 3.62
CA LEU A 73 5.79 8.25 7.11
CA LEU A 73 4.71 6.85 7.30
C LEU A 73 4.63 6.07 8.18
C LEU A 73 0.08 4.92 3.92
C LEU A 73 5.20 7.48 8.27
C LEU A 73 4.14 5.66 8.05
N ARG A 74 3.54 5.33 8.08
N ARG A 74 -0.58 4.49 2.85
N ARG A 74 5.65 6.24 8.38
N ARG A 74 5.06 4.84 8.55
CA ARG A 74 2.94 4.66 9.25
CA ARG A 74 -1.94 3.93 2.93
CA ARG A 74 5.19 5.32 9.44
CA ARG A 74 4.71 3.62 9.29
C ARG A 74 2.71 3.19 8.90
C ARG A 74 -1.97 2.59 2.22
C ARG A 74 6.36 4.44 9.87
C ARG A 74 5.86 3.29 10.25
N GLY A 75 2.90 2.34 9.91
N GLY A 75 -2.86 1.73 2.68
N GLY A 75 6.52 4.34 11.18
N GLY A 75 5.53 2.46 11.23
CA GLY A 75 2.74 0.90 9.78
CA GLY A 75 -3.05 0.39 2.15
CA GLY A 75 7.58 3.56 11.79
CA GLY A 75 6.46 2.03 12.26
C GLY A 75 3.36 0.08 10.89
C GLY A 75 -4.37 0.15 1.45
C GLY A 75 7.55 2.08 11.49
C GLY A 75 6.64 0.52 12.38
N GLY A 76 3.31 -1.22 10.69
N GLY A 76 -4.93 -1.00 1.76
N GLY A 76 6.36 1.53 11.60
N GLY A 76 7.07 0.14 13.56
CA GLY A 76 3.86 -2.23 11.61
CA GLY A 76 -6.23 -1.47 1.23
CA GLY A 76 6.05 0.12 11.36
CA GLY A 76 7.30 -1.26 13.95
C GLY A 76 5.39 -2.13 11.60
C GLY A 76 -6.55 -2.82 1.89
C GLY A 76 4.57 0.02 10.95
C GLY A 76 5.96 -2.02 13.90
N MET B 1 9.47 -8.23 6.91
N MET B 1 -12.44 -13.11 0.01
N MET B 1 -0.69 -5.47 9.71
N MET B 1 -2.47 -1.29 20.34
CA MET B 1 9.56 -6.76 6.97
CA MET B 1 -12.55 -11.65 0.16
CA MET B 1 -0.07 -4.45 8.85
CA MET B 1 -1.26 -0.82 19.65
C MET B 1 10.09 -6.30 5.59
C MET B 1 -13.87 -11.23 -0.55
C MET B 1 -1.01 -4.23 7.65
C MET B 1 -0.93 0.57 20.24
N GLN B 2 9.67 -5.12 5.22
N GLN B 2 -14.44 -10.19 -0.03
N GLN B 2 -0.98 -3.02 7.16
N GLN B 2 0.34 0.86 20.24
CA GLN B 2 10.15 -4.55 3.92
CA GLN B 2 -15.71 -9.67 -0.65
CA GLN B 2 -1.83 -2.70 5.97
CA GLN B 2 0.78 2.20 20.75
C GLN B 2 11.40 -3.73 4.18
C GLN B 2 -15.35 -8.62 -1.69
C GLN B 2 -1.02 -2.95 4.70
C GLN B 2 0.84 3.18 19.57
N ILE B 3 12.37 -3.88 3.28
N ILE B 3 -16.04 -8.69 -2.82
N ILE B 3 -1.68 -3.54 3.72
N ILE B 3 0.36 4.38 19.84
CA ILE B 3 13.58 -3.04 3.33
CA ILE B 3 -15.90 -7.66 -3.86
CA ILE B 3 -1.07 -3.72 2.39
CA ILE B 3 0.47 5.47 18.85
C ILE B 3 13.77 -2.50 1.88
C ILE B 3 -17.36 -7.23 -4.23
C ILE B 3 -2.13 -3.21 1.37
C ILE B 3 1.06 6.69 19.63
N PHE B 4 14.57 -1.47 1.80
N PHE B 4 -17.42 -6.09 -4.88
N PHE B 4 -1.63 -2.96 0.18
N PHE B 4 1.55 7.63 18.86
CA PHE B 4 14.83 -0.90 0.43
CA PHE B 4 -18.80 -5.61 -5.29
CA PHE B 4 -2.60 -2.47 -0.88
CA PHE B 4 2.12 8.86 19.53
C PHE B 4 16.28 -1.07 0.09
C PHE B 4 -18.86 -5.57 -6.79
C PHE B 4 -2.66 -3.50 -1.98
C PHE B 4 1.31 10.05 19.13
N VAL B 5 16.67 -1.41 -1.14
N VAL B 5 -19.95 -5.95 -7.44
N VAL B 5 -3.82 -3.79 -2.56
N VAL B 5 1.00 11.00 20.02
CA VAL B 5 18.07 -1.49 -1.51
CA VAL B 5 -20.08 -5.84 -8.88
CA VAL B 5 -3.90 -4.70 -3.69
CA VAL B 5 0.30 12.20 19.64
C VAL B 5 18.26 -0.44 -2.62
C VAL B 5 -21.26 -4.87 -9.13
C VAL B 5 -4.45 -3.87 -4.87
C VAL B 5 1.27 13.37 19.94
N LYS B 6 19.04 0.57 -2.35
N LYS B 6 -20.99 -3.74 -9.67
N LYS B 6 -3.66 -3.68 -5.88
N LYS B 6 1.70 14.04 18.93
CA LYS B 6 19.25 1.66 -3.37
CA LYS B 6 -22.07 -2.72 -9.89
CA LYS B 6 -4.11 -2.85 -7.04
CA LYS B 6 2.68 15.17 19.14
C LYS B 6 20.51 1.34 -4.13
C LYS B 6 -22.58 -2.89 -11.31
C LYS B 6 -4.66 -3.77 -8.09
C LYS B 6 1.90 16.46 19.22
N THR B 7 20.42 1.33 -5.48
N THR B 7 -23.92 -3.04 -11.48
N THR B 7 -5.89 -3.50 -8.57
N THR B 7 2.13 17.25 20.30
CA THR B 7 21.61 1.03 -6.29
CA THR B 7 -24.48 -3.21 -12.83
CA THR B 7 -6.49 -4.36 -9.60
CA THR B 7 1.41 18.52 20.44
C THR B 7 22.22 2.34 -6.80
C THR B 7 -25.04 -1.87 -13.31
C THR B 7 -6.33 -3.70 -10.97
C THR B 7 2.31 19.67 19.99
N LEU B 8 23.39 2.30 -7.40
N LEU B 8 -25.41 -1.78 -14.57
N LEU B 8 -6.63 -4.41 -12.04
N LEU B 8 1.77 20.87 19.87
CA LEU B 8 24.06 3.52 -7.87
CA LEU B 8 -25.92 -0.51 -15.12
CA LEU B 8 -6.46 -3.86 -13.40
CA LEU B 8 2.57 22.01 19.39
C LEU B 8 23.41 4.09 -9.12
C LEU B 8 -27.32 -0.17 -14.63
C LEU B 8 -7.50 -2.81 -13.75
C LEU B 8 3.56 22.52 20.42
N THR B 9 22.44 3.37 -9.71
N THR B 9 -27.97 -1.11 -13.91
N THR B 9 -8.51 -2.62 -12.87
N THR B 9 3.51 21.98 21.65
CA THR B 9 21.83 3.97 -10.94
CA THR B 9 -29.34 -0.74 -13.45
CA THR B 9 -9.51 -1.57 -13.26
CA THR B 9 4.52 22.51 22.64
C THR B 9 20.50 4.60 -10.66
C THR B 9 -29.37 -0.31 -12.02
C THR B 9 -9.29 -0.28 -12.53
C THR B 9 5.67 21.58 22.82
N GLY B 10 20.19 4.82 -9.42
N GLY B 10 -28.23 -0.03 -11.45
N GLY B 10 -8.15 -0.12 -11.92
N GLY B 10 5.83 20.63 21.94
CA GLY B 10 18.95 5.43 -9.00
CA GLY B 10 -28.11 0.39 -10.08
CA GLY B 10 -7.80 1.08 -11.18
CA GLY B 10 6.90 19.66 21.99
C GLY B 10 17.74 4.54 -9.02
C GLY B 10 -28.21 -0.68 -9.03
C GLY B 10 -8.40 1.21 -9.81
C GLY B 10 6.74 18.54 22.97
N LYS B 11 17.96 3.26 -9.08
N LYS B 11 -28.08 -1.92 -9.46
N LYS B 11 -8.90 0.12 -9.29
N LYS B 11 5.54 18.36 23.45
CA LYS B 11 16.89 2.26 -8.99
CA LYS B 11 -28.05 -3.06 -8.56
CA LYS B 11 -9.43 0.07 -7.94
CA LYS B 11 5.20 17.24 24.33
C LYS B 11 16.85 1.82 -7.51
C LYS B 11 -26.55 -3.36 -8.32
C LYS B 11 -8.27 -0.48 -7.07
C LYS B 11 4.63 16.14 23.40
N THR B 12 15.67 1.68 -6.97
N THR B 12 -26.20 -3.64 -7.07
N THR B 12 -8.09 0.11 -5.90
N THR B 12 5.02 14.91 23.65
CA THR B 12 15.60 1.19 -5.58
CA THR B 12 -24.80 -4.02 -6.83
CA THR B 12 -7.05 -0.44 -5.02
CA THR B 12 4.41 13.83 22.84
C THR B 12 14.79 -0.12 -5.64
C THR B 12 -24.83 -5.43 -6.26
C THR B 12 -7.77 -0.87 -3.73
C THR B 12 3.71 12.90 23.83
N ILE B 13 15.32 -1.16 -5.00
N ILE B 13 -23.99 -6.31 -6.81
N ILE B 13 -7.49 -2.09 -3.28
N ILE B 13 2.46 12.56 23.52
CA ILE B 13 14.51 -2.41 -5.07
CA ILE B 13 -24.03 -7.68 -6.22
CA ILE B 13 -8.19 -2.49 -2.03
CA ILE B 13 1.79 11.64 24.50
C ILE B 13 13.93 -2.70 -3.72
C ILE B 13 -22.77 -7.93 -5.45
C ILE B 13 -7.20 -2.54 -0.90
C ILE B 13 1.64 10.29 23.87
N THR B 14 12.71 -3.18 -3.65
N THR B 14 -22.86 -8.60 -4.33
N THR B 14 -7.59 -2.11 0.29
N THR B 14 1.81 9.23 24.64
CA THR B 14 12.17 -3.50 -2.30
CA THR B 14 -21.58 -8.88 -3.60
CA THR B 14 -6.60 -2.20 1.40
CA THR B 14 1.63 7.89 24.01
C THR B 14 12.26 -4.99 -2.08
C THR B 14 -21.17 -10.30 -3.88
C THR B 14 -6.95 -3.41 2.24
C THR B 14 0.27 7.38 24.43
N LEU B 15 12.63 -5.42 -0.89
N LEU B 15 -19.89 -10.56 -4.07
N LEU B 15 -5.97 -4.17 2.70
N LEU B 15 -0.47 6.75 23.52
CA LEU B 15 12.77 -6.83 -0.59
CA LEU B 15 -19.40 -11.88 -4.36
CA LEU B 15 -6.21 -5.35 3.49
CA LEU B 15 -1.79 6.23 23.82
C LEU B 15 11.92 -7.16 0.65
C LEU B 15 -18.29 -12.23 -3.37
C LEU B 15 -5.40 -5.24 4.79
C LEU B 15 -1.83 4.75 23.43
N GLU B 16 11.51 -8.39 0.74
N GLU B 16 -18.11 -13.50 -3.14
N GLU B 16 -5.89 -5.91 5.81
N GLU B 16 -2.70 4.03 24.09
CA GLU B 16 10.79 -8.79 2.00
CA GLU B 16 -16.96 -13.90 -2.27
CA GLU B 16 -5.05 -5.95 7.06
CA GLU B 16 -2.87 2.60 23.66
C GLU B 16 11.76 -9.74 2.66
C GLU B 16 -16.02 -14.60 -3.23
C GLU B 16 -4.62 -7.38 7.15
C GLU B 16 -4.27 2.57 23.07
N VAL B 17 12.13 -9.34 3.88
N VAL B 17 -14.83 -14.04 -3.29
N VAL B 17 -3.30 -7.53 7.15
N VAL B 17 -4.29 2.19 21.81
CA VAL B 17 13.08 -10.09 4.67
CA VAL B 17 -13.79 -14.53 -4.19
CA VAL B 17 -2.67 -8.84 7.20
CA VAL B 17 -5.52 2.14 21.04
C VAL B 17 12.65 -10.14 6.15
C VAL B 17 -12.42 -14.52 -3.51
C VAL B 17 -1.45 -8.84 8.13
C VAL B 17 -5.57 0.88 20.15
N GLU B 18 13.39 -10.97 6.86
N GLU B 18 -11.50 -15.14 -4.22
N GLU B 18 -0.98 -10.05 8.34
N GLU B 18 -6.75 0.71 19.59
CA GLU B 18 13.28 -11.13 8.31
CA GLU B 18 -10.08 -15.17 -3.86
CA GLU B 18 0.24 -10.33 9.09
CA GLU B 18 -7.05 -0.34 18.61
C GLU B 18 14.64 -10.77 8.88
C GLU B 18 -9.33 -14.54 -5.02
C GLU B 18 1.18 -11.04 8.14
C GLU B 18 -7.49 0.37 17.35
N PRO B 19 14.64 -10.14 10.05
N PRO B 19 -8.27 -13.81 -4.72
N PRO B 19 2.47 -10.77 8.26
N PRO B 19 -7.14 -0.17 16.20
CA PRO B 19 15.88 -9.79 10.75
CA PRO B 19 -7.43 -13.18 -5.74
CA PRO B 19 3.50 -11.43 7.45
CA PRO B 19 -7.54 0.38 14.90
C PRO B 19 16.77 -10.97 10.96
C PRO B 19 -6.93 -14.18 -6.75
C PRO B 19 3.42 -12.93 7.53
C PRO B 19 -9.04 0.53 14.80
N SER B 20 16.20 -12.17 10.98
N SER B 20 -6.85 -15.44 -6.37
N SER B 20 2.86 -13.44 8.61
N SER B 20 -9.78 -0.26 15.57
CA SER B 20 17.00 -13.37 11.23
CA SER B 20 -6.32 -16.47 -7.28
CA SER B 20 2.79 -14.90 8.81
CA SER B 20 -11.24 -0.22 15.49
C SER B 20 17.72 -13.81 9.98
C SER B 20 -7.38 -16.90 -8.27
C SER B 20 1.64 -15.49 8.02
C SER B 20 -11.79 0.96 16.27
N ASP B 21 17.41 -13.17 8.85
N ASP B 21 -8.62 -16.43 -8.08
N ASP B 21 0.80 -14.62 7.44
N ASP B 21 -10.93 1.64 17.01
CA ASP B 21 18.09 -13.62 7.60
CA ASP B 21 -9.67 -16.86 -9.05
CA ASP B 21 -0.35 -15.19 6.67
CA ASP B 21 -11.46 2.79 17.81
C ASP B 21 19.54 -13.20 7.63
C ASP B 21 -9.43 -16.20 -10.39
C ASP B 21 0.15 -15.83 5.40
C ASP B 21 -11.81 3.92 16.88
N THR B 22 20.39 -14.00 7.01
N THR B 22 -9.81 -16.91 -11.44
N THR B 22 -0.55 -16.88 4.98
N THR B 22 -12.82 4.68 17.26
CA THR B 22 21.79 -13.69 6.89
CA THR B 22 -9.74 -16.37 -12.79
CA THR B 22 -0.25 -17.54 3.73
CA THR B 22 -13.24 5.86 16.53
C THR B 22 21.97 -12.75 5.66
C THR B 22 -11.01 -15.54 -13.03
C THR B 22 -0.95 -16.76 2.59
C THR B 22 -12.34 7.04 16.98
N ILE B 23 23.12 -12.07 5.69
N ILE B 23 -10.88 -14.67 -14.05
N ILE B 23 -0.43 -17.01 1.39
N ILE B 23 -12.34 8.05 16.10
CA ILE B 23 23.50 -11.21 4.57
CA ILE B 23 -12.02 -13.87 -14.49
CA ILE B 23 -1.02 -16.43 0.18
CA ILE B 23 -11.61 9.29 16.40
C ILE B 23 23.64 -12.03 3.29
C ILE B 23 -13.15 -14.77 -14.98
C ILE B 23 -2.46 -16.92 0.01
C ILE B 23 -12.19 9.95 17.65
N GLU B 24 24.14 -13.23 3.42
N GLU B 24 -12.79 -15.85 -15.64
N GLU B 24 -2.70 -18.17 0.36
N GLU B 24 -13.49 9.87 17.81
CA GLU B 24 24.26 -14.13 2.22
CA GLU B 24 -13.83 -16.83 -16.11
CA GLU B 24 -4.10 -18.71 0.30
CA GLU B 24 -14.15 10.43 19.04
C GLU B 24 22.90 -14.35 1.59
C GLU B 24 -14.65 -17.34 -14.94
C GLU B 24 -5.03 -17.89 1.15
C GLU B 24 -13.57 9.81 20.29
N ASN B 25 21.88 -14.52 2.41
N ASN B 25 -13.99 -17.59 -13.82
N ASN B 25 -4.57 -17.48 2.32
N ASN B 25 -13.32 8.50 20.23
CA ASN B 25 20.50 -14.75 1.98
CA ASN B 25 -14.62 -18.10 -12.60
CA ASN B 25 -5.34 -16.68 3.28
CA ASN B 25 -12.78 7.72 21.34
C ASN B 25 19.93 -13.54 1.24
C ASN B 25 -15.58 -17.08 -11.99
C ASN B 25 -5.65 -15.29 2.73
C ASN B 25 -11.35 8.15 21.67
N VAL B 26 20.19 -12.38 1.83
N VAL B 26 -15.11 -15.84 -11.97
N VAL B 26 -4.63 -14.70 2.13
N VAL B 26 -10.57 8.31 20.62
CA VAL B 26 19.74 -11.13 1.24
CA VAL B 26 -15.92 -14.74 -11.46
CA VAL B 26 -4.77 -13.38 1.52
CA VAL B 26 -9.20 8.75 20.76
C VAL B 26 20.33 -11.00 -0.17
C VAL B 26 -17.21 -14.66 -12.26
C VAL B 26 -5.87 -13.43 0.46
C VAL B 26 -9.16 10.09 21.49
N LYS B 27 21.62 -11.28 -0.29
N LYS B 27 -17.08 -14.72 -13.58
N LYS B 27 -5.81 -14.47 -0.38
N LYS B 27 -10.02 11.01 21.05
CA LYS B 27 22.30 -11.19 -1.59
CA LYS B 27 -18.25 -14.63 -14.47
CA LYS B 27 -6.80 -14.63 -1.45
CA LYS B 27 -10.08 12.34 21.66
C LYS B 27 21.68 -12.15 -2.59
C LYS B 27 -19.21 -15.78 -14.19
C LYS B 27 -8.20 -14.78 -0.86
C LYS B 27 -10.46 12.24 23.14
N ALA B 28 21.29 -13.34 -2.15
N ALA B 28 -18.70 -16.96 -13.91
N ALA B 28 -8.34 -15.46 0.25
N ALA B 28 -11.34 11.33 23.49
CA ALA B 28 20.62 -14.31 -3.02
CA ALA B 28 -19.54 -18.12 -13.57
CA ALA B 28 -9.64 -15.61 0.92
CA ALA B 28 -11.72 11.11 24.89
C ALA B 28 19.26 -13.80 -3.44
C ALA B 28 -20.26 -17.90 -12.24
C ALA B 28 -10.12 -14.28 1.47
C ALA B 28 -10.55 10.56 25.69
N LYS B 29 18.51 -13.15 -2.58
N LYS B 29 -19.62 -17.29 -11.26
N LYS B 29 -9.24 -13.43 1.99
N LYS B 29 -9.73 9.69 25.12
CA LYS B 29 17.21 -12.55 -2.97
CA LYS B 29 -20.28 -16.97 -9.98
CA LYS B 29 -9.62 -12.09 2.46
CA LYS B 29 -8.53 9.18 25.81
C LYS B 29 17.40 -11.45 -4.03
C LYS B 29 -21.42 -15.96 -10.19
C LYS B 29 -10.12 -11.22 1.29
C LYS B 29 -7.53 10.32 26.07
N ILE B 30 18.49 -10.69 -3.88
N ILE B 30 -21.20 -15.01 -11.11
N ILE B 30 -9.47 -11.39 0.13
N ILE B 30 -7.43 11.23 25.10
CA ILE B 30 18.75 -9.62 -4.86
CA ILE B 30 -22.23 -14.00 -11.39
CA ILE B 30 -9.87 -10.61 -1.05
CA ILE B 30 -6.50 12.35 25.24
C ILE B 30 19.14 -10.28 -6.17
C ILE B 30 -23.37 -14.73 -12.10
C ILE B 30 -11.24 -11.14 -1.49
C ILE B 30 -7.07 13.27 26.34
N GLN B 31 19.90 -11.35 -6.13
N GLN B 31 -23.07 -15.64 -13.00
N GLN B 31 -11.46 -12.44 -1.44
N GLN B 31 -8.36 13.46 26.38
CA GLN B 31 20.26 -12.02 -7.42
CA GLN B 31 -24.19 -16.36 -13.69
CA GLN B 31 -12.80 -12.96 -1.86
CA GLN B 31 -8.93 14.33 27.45
C GLN B 31 18.98 -12.53 -8.10
C GLN B 31 -25.01 -17.13 -12.64
C GLN B 31 -13.88 -12.38 -0.93
C GLN B 31 -8.62 13.70 28.82
N ASP B 32 18.19 -13.20 -7.31
N ASP B 32 -24.29 -17.84 -11.83
N ASP B 32 -13.58 -12.49 0.35
N ASP B 32 -8.92 12.44 28.90
CA ASP B 32 16.90 -13.73 -7.81
CA ASP B 32 -24.92 -18.64 -10.75
CA ASP B 32 -14.50 -11.97 1.38
CA ASP B 32 -8.67 11.67 30.15
C ASP B 32 16.06 -12.66 -8.46
C ASP B 32 -25.84 -17.79 -9.89
C ASP B 32 -14.85 -10.51 1.14
C ASP B 32 -7.23 11.81 30.61
N LYS B 33 16.01 -11.46 -7.84
N LYS B 33 -25.39 -16.56 -9.55
N LYS B 33 -13.86 -9.69 0.75
N LYS B 33 -6.28 11.75 29.66
CA LYS B 33 15.10 -10.45 -8.44
CA LYS B 33 -26.26 -15.78 -8.62
CA LYS B 33 -14.19 -8.25 0.62
CA LYS B 33 -4.86 11.78 30.15
C LYS B 33 15.68 -9.51 -9.43
C LYS B 33 -27.23 -14.85 -9.23
C LYS B 33 -14.59 -7.78 -0.73
C LYS B 33 -4.21 13.10 30.20
N GLU B 34 16.95 -9.20 -9.46
N GLU B 34 -27.08 -14.34 -10.42
N GLU B 34 -14.23 -8.38 -1.83
N GLU B 34 -4.58 14.12 29.46
CA GLU B 34 17.58 -8.29 -10.39
CA GLU B 34 -28.01 -13.43 -11.07
CA GLU B 34 -14.59 -7.96 -3.16
CA GLU B 34 -3.96 15.43 29.48
C GLU B 34 18.72 -8.90 -11.17
C GLU B 34 -28.51 -13.91 -12.41
C GLU B 34 -15.30 -9.02 -3.97
C GLU B 34 -4.93 16.55 29.76
N GLY B 35 19.10 -10.13 -10.84
N GLY B 35 -27.97 -15.01 -12.90
N GLY B 35 -15.39 -10.23 -3.44
N GLY B 35 -6.22 16.25 29.83
CA GLY B 35 20.12 -10.85 -11.56
CA GLY B 35 -28.41 -15.61 -14.13
CA GLY B 35 -16.09 -11.31 -4.08
CA GLY B 35 -7.22 17.21 30.17
C GLY B 35 21.54 -10.55 -11.26
C GLY B 35 -27.91 -15.06 -15.42
C GLY B 35 -15.42 -12.07 -5.15
C GLY B 35 -7.73 18.12 29.12
N ILE B 36 21.81 -9.71 -10.25
N ILE B 36 -26.99 -14.10 -15.36
N ILE B 36 -14.14 -11.79 -5.41
N ILE B 36 -7.29 17.93 27.87
CA ILE B 36 23.22 -9.42 -9.93
CA ILE B 36 -26.48 -13.54 -16.63
CA ILE B 36 -13.44 -12.54 -6.47
CA ILE B 36 -7.78 18.82 26.79
C ILE B 36 23.83 -10.54 -9.11
C ILE B 36 -25.43 -14.44 -17.24
C ILE B 36 -13.00 -13.91 -5.97
C ILE B 36 -9.17 18.40 26.33
N PRO B 37 24.95 -11.09 -9.59
N PRO B 37 -25.64 -14.85 -18.50
N PRO B 37 -13.41 -14.97 -6.66
N PRO B 37 -10.12 19.33 26.37
CA PRO B 37 25.68 -12.15 -8.88
CA PRO B 37 -24.70 -15.70 -19.24
CA PRO B 37 -13.03 -16.35 -6.33
CA PRO B 37 -11.50 19.08 25.93
C PRO B 37 26.07 -11.71 -7.48
C PRO B 37 -23.33 -15.06 -19.30
C PRO B 37 -11.53 -16.50 -6.30
C PRO B 37 -11.52 18.61 24.48
N PRO B 38 25.93 -12.55 -6.49
N PRO B 38 -22.27 -15.82 -19.10
N PRO B 38 -10.98 -17.20 -5.33
N PRO B 38 -12.32 17.63 24.14
CA PRO B 38 26.29 -12.15 -5.12
CA PRO B 38 -20.92 -15.23 -19.13
CA PRO B 38 -9.52 -17.37 -5.25
CA PRO B 38 -12.36 17.13 22.76
C PRO B 38 27.73 -11.71 -4.98
C PRO B 38 -20.60 -14.54 -20.43
C PRO B 38 -8.93 -17.99 -6.48
C PRO B 38 -12.71 18.20 21.76
N ASP B 39 28.62 -12.26 -5.76
N ASP B 39 -21.14 -15.01 -21.53
N ASP B 39 -9.64 -18.86 -7.15
N ASP B 39 -13.51 19.16 22.13
CA ASP B 39 30.06 -11.91 -5.64
CA ASP B 39 -20.83 -14.41 -22.86
CA ASP B 39 -9.10 -19.56 -8.34
CA ASP B 39 -13.95 20.22 21.17
C ASP B 39 30.35 -10.49 -6.08
C ASP B 39 -21.38 -13.00 -23.00
C ASP B 39 -8.90 -18.62 -9.52
C ASP B 39 -12.80 21.13 20.77
N GLN B 40 29.40 -9.88 -6.78
N GLN B 40 -22.31 -12.64 -22.12
N GLN B 40 -9.50 -17.44 -9.44
N GLN B 40 -11.72 21.09 21.52
CA GLN B 40 29.61 -8.48 -7.22
CA GLN B 40 -22.88 -11.27 -22.19
CA GLN B 40 -9.32 -16.46 -10.54
CA GLN B 40 -10.55 21.93 21.18
C GLN B 40 28.95 -7.47 -6.26
C GLN B 40 -22.16 -10.30 -21.22
C GLN B 40 -8.20 -15.45 -10.24
C GLN B 40 -9.51 21.16 20.34
N GLN B 41 28.16 -7.94 -5.32
N GLN B 41 -21.33 -10.81 -20.35
N GLN B 41 -7.70 -15.43 -9.02
N GLN B 41 -9.65 19.85 20.22
CA GLN B 41 27.44 -7.10 -4.39
CA GLN B 41 -20.63 -10.02 -19.36
CA GLN B 41 -6.69 -14.50 -8.58
CA GLN B 41 -8.72 19.01 19.52
C GLN B 41 28.22 -6.69 -3.16
C GLN B 41 -19.35 -9.37 -19.83
C GLN B 41 -5.26 -14.91 -8.87
C GLN B 41 -8.94 18.91 18.03
N ARG B 42 28.20 -5.39 -2.90
N ARG B 42 -19.26 -8.07 -19.56
N ARG B 42 -4.53 -13.97 -9.47
N ARG B 42 -7.85 19.12 17.29
CA ARG B 42 28.76 -4.85 -1.62
CA ARG B 42 -17.98 -7.32 -19.79
CA ARG B 42 -3.05 -14.15 -9.68
CA ARG B 42 -7.85 18.88 15.81
C ARG B 42 27.60 -4.12 -0.96
C ARG B 42 -17.62 -6.75 -18.44
C ARG B 42 -2.42 -12.97 -8.96
C ARG B 42 -6.76 17.85 15.58
N LEU B 43 27.14 -4.56 0.21
N LEU B 43 -16.49 -7.16 -17.84
N LEU B 43 -1.64 -13.19 -7.91
N LEU B 43 -7.09 16.65 15.11
CA LEU B 43 25.98 -3.93 0.86
CA LEU B 43 -16.14 -6.66 -16.48
CA LEU B 43 -1.04 -12.06 -7.15
CA LEU B 43 -6.06 15.60 14.92
C LEU B 43 26.45 -3.05 2.01
C LEU B 43 -15.03 -5.60 -16.60
C LEU B 43 0.43 -11.89 -7.51
C LEU B 43 -5.70 15.46 13.44
N ILE B 44 25.95 -1.81 2.03
N ILE B 44 -15.25 -4.47 -15.94
N ILE B 44 0.81 -10.68 -7.83
N ILE B 44 -4.41 15.48 13.16
CA ILE B 44 26.34 -0.82 3.03
CA ILE B 44 -14.34 -3.34 -15.98
CA ILE B 44 2.17 -10.34 -8.25
CA ILE B 44 -3.90 15.43 11.80
C ILE B 44 25.14 -0.29 3.80
C ILE B 44 -13.85 -2.95 -14.59
C ILE B 44 2.81 -9.30 -7.35
C ILE B 44 -2.97 14.23 11.59
N PHE B 45 25.29 -0.27 5.16
N PHE B 45 -12.50 -2.79 -14.49
N PHE B 45 4.07 -9.61 -6.94
N PHE B 45 -3.23 13.50 10.47
CA PHE B 45 24.24 0.25 6.04
CA PHE B 45 -11.87 -2.36 -13.22
CA PHE B 45 4.85 -8.69 -6.10
CA PHE B 45 -2.39 12.35 10.10
C PHE B 45 25.00 0.95 7.20
C PHE B 45 -10.70 -1.44 -13.64
C PHE B 45 6.32 -8.87 -6.57
C PHE B 45 -2.35 12.35 8.56
N ALA B 46 24.57 2.16 7.42
N ALA B 46 -10.71 -0.31 -13.00
N ALA B 46 6.89 -7.71 -6.83
N ALA B 46 -1.13 12.27 8.10
CA ALA B 46 25.08 3.02 8.50
CA ALA B 46 -9.66 0.73 -13.17
CA ALA B 46 8.30 -7.60 -7.24
CA ALA B 46 -0.81 12.22 6.66
C ALA B 46 26.60 3.02 8.52
C ALA B 46 -9.40 0.99 -14.64
C ALA B 46 8.63 -8.59 -8.35
C ALA B 46 -1.56 13.29 5.89
N GLY B 47 27.15 3.18 7.35
N GLY B 47 -10.48 1.12 -15.36
N GLY B 47 7.75 -8.63 -9.30
N GLY B 47 -1.52 14.47 6.44
CA GLY B 47 28.54 3.22 7.01
CA GLY B 47 -10.57 1.37 -16.78
CA GLY B 47 7.75 -9.46 -10.49
CA GLY B 47 -2.12 15.69 5.99
C GLY B 47 29.36 1.99 7.29
C GLY B 47 -10.00 0.33 -17.70
C GLY B 47 7.71 -10.95 -10.28
C GLY B 47 -3.63 15.72 5.88
N LYS B 48 28.73 0.85 7.42
N LYS B 48 -9.86 -0.89 -17.24
N LYS B 48 7.25 -11.40 -9.14
N LYS B 48 -4.32 14.85 6.58
CA LYS B 48 29.44 -0.42 7.64
CA LYS B 48 -9.36 -1.99 -18.07
CA LYS B 48 7.11 -12.84 -8.87
CA LYS B 48 -5.78 14.83 6.59
C LYS B 48 29.20 -1.30 6.40
C LYS B 48 -10.50 -3.01 -18.21
C LYS B 48 5.61 -13.13 -8.71
C LYS B 48 -6.23 15.18 8.02
N GLN B 49 30.20 -2.05 5.99
N GLN B 49 -10.65 -3.62 -19.35
N GLN B 49 5.16 -14.26 -9.19
N GLN B 49 -7.31 15.92 8.15
CA GLN B 49 29.98 -3.01 4.87
CA GLN B 49 -11.67 -4.70 -19.51
CA GLN B 49 3.74 -14.66 -8.95
CA GLN B 49 -7.86 16.19 9.51
C GLN B 49 29.43 -4.26 5.56
C GLN B 49 -10.92 -5.95 -19.04
C GLN B 49 3.77 -15.34 -7.59
C GLN B 49 -8.76 14.99 9.78
N LEU B 50 28.36 -4.81 5.06
N LEU B 50 -11.52 -6.73 -18.17
N LEU B 50 2.89 -14.96 -6.70
N LEU B 50 -8.62 14.37 10.93
CA LEU B 50 27.69 -5.96 5.70
CA LEU B 50 -10.86 -7.91 -17.58
CA LEU B 50 2.88 -15.49 -5.32
CA LEU B 50 -9.37 13.14 11.25
C LEU B 50 28.43 -7.25 5.35
C LEU B 50 -10.93 -9.07 -18.54
C LEU B 50 2.23 -16.85 -5.29
C LEU B 50 -10.79 13.50 11.70
N GLU B 51 28.61 -8.13 6.32
N GLU B 51 -9.83 -9.82 -18.67
N GLU B 51 2.80 -17.80 -4.53
N GLU B 51 -11.78 12.74 11.24
CA GLU B 51 29.36 -9.39 6.08
CA GLU B 51 -9.80 -10.95 -19.64
CA GLU B 51 2.25 -19.16 -4.49
CA GLU B 51 -13.19 13.06 11.58
C GLU B 51 28.40 -10.53 5.90
C GLU B 51 -9.98 -12.25 -18.92
C GLU B 51 1.45 -19.36 -3.23
C GLU B 51 -13.67 12.14 12.67
N ASP B 52 28.64 -11.44 4.98
N ASP B 52 -10.74 -13.19 -19.45
N ASP B 52 0.33 -20.03 -3.27
N ASP B 52 -14.42 12.62 13.63
CA ASP B 52 27.77 -12.56 4.63
CA ASP B 52 -11.08 -14.46 -18.83
CA ASP B 52 -0.59 -20.23 -2.16
CA ASP B 52 -14.90 11.88 14.80
C ASP B 52 27.18 -13.45 5.71
C ASP B 52 -10.02 -15.34 -18.20
C ASP B 52 -0.09 -20.69 -0.80
C ASP B 52 -15.53 10.51 14.65
N GLY B 53 27.96 -13.81 6.69
N GLY B 53 -8.88 -15.47 -18.83
N GLY B 53 0.83 -21.63 -0.78
N GLY B 53 -16.37 10.33 13.66
CA GLY B 53 27.56 -14.72 7.79
CA GLY B 53 -7.76 -16.32 -18.37
CA GLY B 53 1.37 -22.21 0.47
CA GLY B 53 -17.10 9.08 13.41
C GLY B 53 26.80 -14.09 8.92
C GLY B 53 -6.86 -15.72 -17.34
C GLY B 53 2.47 -21.45 1.13
C GLY B 53 -16.38 8.02 12.66
N ARG B 54 26.70 -12.77 8.98
N ARG B 54 -6.98 -14.44 -17.03
N ARG B 54 3.00 -20.41 0.49
N ARG B 54 -15.20 8.31 12.12
CA ARG B 54 25.91 -12.09 10.02
CA ARG B 54 -6.18 -13.81 -15.96
CA ARG B 54 4.04 -19.56 1.11
CA ARG B 54 -14.37 7.29 11.44
C ARG B 54 24.47 -12.02 9.55
C ARG B 54 -6.89 -14.03 -14.64
C ARG B 54 3.34 -18.50 1.94
C ARG B 54 -13.54 6.58 12.48
N THR B 55 23.57 -11.72 10.46
N THR B 55 -6.19 -13.81 -13.55
N THR B 55 4.09 -17.83 2.79
N THR B 55 -12.97 5.45 12.12
CA THR B 55 22.13 -11.55 10.16
CA THR B 55 -6.73 -13.91 -12.19
CA THR B 55 3.60 -16.72 3.63
CA THR B 55 -12.07 4.66 12.97
C THR B 55 21.85 -10.03 10.18
C THR B 55 -6.95 -12.46 -11.68
C THR B 55 4.13 -15.41 3.01
C THR B 55 -10.62 4.91 12.48
N LEU B 56 20.70 -9.66 9.64
N LEU B 56 -7.72 -12.35 -10.61
N LEU B 56 3.56 -14.30 3.42
N LEU B 56 -9.66 4.55 13.30
CA LEU B 56 20.25 -8.26 9.63
CA LEU B 56 -7.98 -11.06 -9.97
CA LEU B 56 3.99 -12.97 2.97
CA LEU B 56 -8.24 4.65 12.94
C LEU B 56 20.10 -7.79 11.08
C LEU B 56 -6.65 -10.48 -9.48
C LEU B 56 5.43 -12.76 3.39
C LEU B 56 -7.98 3.78 11.73
N SER B 57 19.65 -8.69 11.97
N SER B 57 -5.73 -11.35 -9.02
N SER B 57 5.80 -13.29 4.58
N SER B 57 -8.66 2.62 11.64
CA SER B 57 19.50 -8.23 13.38
CA SER B 57 -4.44 -10.80 -8.53
CA SER B 57 7.21 -13.08 5.01
CA SER B 57 -8.40 1.76 10.45
C SER B 57 20.82 -7.84 14.00
C SER B 57 -3.66 -10.13 -9.65
C SER B 57 8.20 -13.76 4.08
C SER B 57 -8.81 2.42 9.16
N ASP B 58 21.89 -8.47 13.56
N ASP B 58 -3.83 -10.61 -10.88
N ASP B 58 7.78 -14.85 3.47
N ASP B 58 -9.82 3.28 9.22
CA ASP B 58 23.26 -8.16 14.09
CA ASP B 58 -3.12 -10.02 -12.04
CA ASP B 58 8.66 -15.60 2.53
CA ASP B 58 -10.31 3.99 8.02
C ASP B 58 23.56 -6.67 13.96
C ASP B 58 -3.39 -8.52 -12.15
C ASP B 58 9.17 -14.67 1.42
C ASP B 58 -9.17 4.75 7.34
N TYR B 59 23.16 -6.13 12.85
N TYR B 59 -4.61 -8.16 -11.87
N TYR B 59 8.30 -13.82 0.96
N TYR B 59 -8.33 5.33 8.15
CA TYR B 59 23.34 -4.71 12.51
CA TYR B 59 -5.08 -6.77 -11.89
CA TYR B 59 8.59 -12.83 -0.08
CA TYR B 59 -7.16 6.09 7.72
C TYR B 59 22.18 -3.84 12.96
C TYR B 59 -4.95 -6.08 -10.55
C TYR B 59 9.08 -11.51 0.47
C TYR B 59 -5.91 5.24 7.60
N ASN B 60 21.17 -4.34 13.65
N ASN B 60 -4.37 -6.67 -9.53
N ASN B 60 9.30 -11.34 1.75
N ASN B 60 -5.94 3.94 7.79
CA ASN B 60 20.06 -3.47 14.06
CA ASN B 60 -4.27 -5.96 -8.24
CA ASN B 60 9.77 -10.03 2.25
CA ASN B 60 -4.70 3.16 7.66
C ASN B 60 19.40 -2.81 12.85
C ASN B 60 -5.64 -5.54 -7.72
C ASN B 60 8.80 -8.92 1.88
C ASN B 60 -3.63 3.65 8.63
N ILE B 61 19.13 -3.58 11.82
N ILE B 61 -6.60 -6.45 -7.78
N ILE B 61 7.52 -9.15 2.08
N ILE B 61 -4.02 3.89 9.87
CA ILE B 61 18.41 -3.07 10.62
CA ILE B 61 -7.96 -6.18 -7.22
CA ILE B 61 6.49 -8.10 1.84
CA ILE B 61 -3.03 4.29 10.92
C ILE B 61 16.93 -3.27 10.90
C ILE B 61 -7.89 -6.60 -5.75
C ILE B 61 6.36 -7.33 3.14
C ILE B 61 -2.51 2.99 11.53
N GLN B 62 16.16 -2.22 11.00
N GLN B 62 -8.06 -5.70 -4.83
N GLN B 62 6.69 -6.07 3.16
N GLN B 62 -1.25 2.69 11.40
CA GLN B 62 14.70 -2.30 11.34
CA GLN B 62 -7.96 -5.98 -3.36
CA GLN B 62 6.67 -5.23 4.40
CA GLN B 62 -0.64 1.42 11.89
C GLN B 62 13.88 -2.10 10.07
C GLN B 62 -9.37 -6.04 -2.77
C GLN B 62 5.43 -4.33 4.38
C GLN B 62 0.13 1.69 13.19
N LYS B 63 12.57 -2.34 10.15
N LYS B 63 -9.48 -6.50 -1.51
N LYS B 63 5.13 -3.67 5.50
N LYS B 63 0.56 0.65 13.88
CA LYS B 63 11.69 -2.25 9.00
CA LYS B 63 -10.76 -6.66 -0.86
CA LYS B 63 3.95 -2.84 5.62
CA LYS B 63 1.24 0.77 15.16
C LYS B 63 11.83 -0.86 8.36
C LYS B 63 -11.53 -5.35 -0.91
C LYS B 63 3.93 -1.81 4.50
C LYS B 63 2.44 1.70 14.98
N GLU B 64 11.76 -0.91 7.02
N GLU B 64 -12.85 -5.53 -1.10
N GLU B 64 2.69 -1.57 4.03
N GLU B 64 2.64 2.48 16.06
CA GLU B 64 11.85 0.23 6.15
CA GLU B 64 -13.83 -4.48 -1.18
CA GLU B 64 2.37 -0.64 2.99
CA GLU B 64 3.71 3.44 16.20
C GLU B 64 13.16 0.96 6.07
C GLU B 64 -13.78 -3.55 -2.36
C GLU B 64 2.85 -0.95 1.60
C GLU B 64 3.69 4.64 15.29
N SER B 65 14.21 0.26 6.50
N SER B 65 -13.10 -4.02 -3.39
N SER B 65 3.18 -2.21 1.39
N SER B 65 2.51 4.91 14.75
CA SER B 65 15.59 0.74 6.40
CA SER B 65 -13.02 -3.32 -4.68
CA SER B 65 3.56 -2.75 0.09
CA SER B 65 2.25 6.10 13.93
C SER B 65 15.99 0.70 4.91
C SER B 65 -14.41 -3.44 -5.35
C SER B 65 2.28 -2.79 -0.79
C SER B 65 2.24 7.32 14.88
N THR B 66 17.00 1.44 4.55
N THR B 66 -14.69 -2.57 -6.28
N THR B 66 2.46 -2.85 -2.09
N THR B 66 2.43 8.48 14.34
CA THR B 66 17.54 1.44 3.19
CA THR B 66 -15.93 -2.61 -7.07
CA THR B 66 1.35 -2.97 -3.03
CA THR B 66 2.36 9.74 15.10
C THR B 66 19.01 0.99 3.24
C THR B 66 -15.57 -2.80 -8.55
C THR B 66 1.53 -4.26 -3.83
C THR B 66 1.25 10.61 14.53
N LEU B 67 19.38 -0.03 2.45
N LEU B 67 -16.15 -3.80 -9.19
N LEU B 67 0.51 -5.12 -3.85
N LEU B 67 0.31 11.06 15.37
CA LEU B 67 20.78 -0.43 2.38
CA LEU B 67 -15.94 -3.97 -10.64
CA LEU B 67 0.57 -6.34 -4.68
CA LEU B 67 -0.72 11.99 14.90
C LEU B 67 21.32 0.13 1.04
C LEU B 67 -17.24 -3.46 -11.31
C LEU B 67 -0.30 -6.05 -5.91
C LEU B 67 -0.30 13.39 15.41
N HIS B 68 22.57 0.36 0.95
N HIS B 68 -17.15 -3.03 -12.53
N HIS B 68 -0.04 -6.68 -7.01
N HIS B 68 -0.71 14.41 14.76
CA HIS B 68 23.12 0.86 -0.34
CA HIS B 68 -18.38 -2.56 -13.22
CA HIS B 68 -0.89 -6.46 -8.19
CA HIS B 68 -0.37 15.77 15.25
C HIS B 68 23.85 -0.33 -0.97
C HIS B 68 -18.73 -3.66 -14.22
C HIS B 68 -1.76 -7.71 -8.33
C HIS B 68 -1.65 16.33 15.86
N LEU B 69 23.64 -0.53 -2.26
N LEU B 69 -20.00 -4.02 -14.29
N LEU B 69 -3.05 -7.51 -8.58
N LEU B 69 -1.53 16.94 17.03
CA LEU B 69 24.34 -1.58 -3.00
CA LEU B 69 -20.48 -5.00 -15.25
CA LEU B 69 -3.97 -8.62 -8.81
CA LEU B 69 -2.67 17.58 17.70
C LEU B 69 25.38 -1.02 -3.91
C LEU B 69 -21.26 -4.35 -16.37
C LEU B 69 -4.34 -8.74 -10.25
C LEU B 69 -2.57 19.07 17.62
N VAL B 70 26.63 -1.30 -3.70
N VAL B 70 -20.80 -4.40 -17.58
N VAL B 70 -4.02 -9.80 -10.91
N VAL B 70 -3.45 19.74 16.97
CA VAL B 70 27.70 -0.86 -4.63
CA VAL B 70 -21.60 -3.87 -18.72
CA VAL B 70 -4.45 -10.01 -12.32
CA VAL B 70 -3.47 21.24 16.96
C VAL B 70 28.12 -2.15 -5.34
C VAL B 70 -22.05 -5.14 -19.45
C VAL B 70 -5.50 -11.13 -12.20
C VAL B 70 -4.68 21.60 17.82
N LEU B 71 28.38 -2.09 -6.63
N LEU B 71 -23.28 -5.15 -19.93
N LEU B 71 -6.58 -11.03 -12.95
N LEU B 71 -4.56 22.62 18.65
CA LEU B 71 28.83 -3.28 -7.38
CA LEU B 71 -23.80 -6.31 -20.69
CA LEU B 71 -7.63 -12.09 -12.91
CA LEU B 71 -5.69 23.05 19.49
C LEU B 71 30.33 -3.28 -7.49
C LEU B 71 -23.65 -6.07 -22.17
C LEU B 71 -7.40 -13.04 -14.05
C LEU B 71 -6.41 24.19 18.82
N MET A 1 6.38 18.40 -20.67
CA MET A 1 5.74 19.56 -20.05
C MET A 1 6.28 19.67 -18.60
N GLN A 2 6.34 20.88 -18.14
CA GLN A 2 6.81 21.11 -16.74
C GLN A 2 5.61 21.10 -15.81
N ILE A 3 5.80 20.45 -14.66
CA ILE A 3 4.77 20.47 -13.61
C ILE A 3 5.53 20.83 -12.30
N PHE A 4 4.75 21.23 -11.33
CA PHE A 4 5.40 21.59 -10.01
C PHE A 4 4.91 20.64 -8.96
N VAL A 5 5.74 20.16 -8.03
CA VAL A 5 5.27 19.32 -6.95
C VAL A 5 5.58 20.10 -5.65
N LYS A 6 4.57 20.50 -4.95
CA LYS A 6 4.78 21.30 -3.70
C LYS A 6 4.77 20.35 -2.53
N THR A 7 5.82 20.41 -1.68
CA THR A 7 5.88 19.52 -0.51
C THR A 7 5.42 20.27 0.74
N LEU A 8 5.24 19.58 1.84
CA LEU A 8 4.74 20.24 3.07
C LEU A 8 5.81 21.08 3.74
N THR A 9 7.06 21.03 3.24
CA THR A 9 8.08 21.90 3.94
C THR A 9 8.35 23.16 3.18
N GLY A 10 7.52 23.50 2.24
CA GLY A 10 7.67 24.69 1.43
C GLY A 10 8.68 24.63 0.33
N LYS A 11 9.10 23.43 0.00
CA LYS A 11 10.01 23.21 -1.12
C LYS A 11 9.11 22.84 -2.31
N THR A 12 9.42 23.38 -3.48
CA THR A 12 8.62 22.98 -4.66
C THR A 12 9.61 22.35 -5.64
N ILE A 13 9.25 21.19 -6.17
CA ILE A 13 10.23 20.60 -7.13
C ILE A 13 9.65 20.67 -8.52
N THR A 14 10.47 20.94 -9.51
CA THR A 14 9.89 20.97 -10.89
C THR A 14 10.25 19.66 -11.57
N LEU A 15 9.33 19.09 -12.33
CA LEU A 15 9.58 17.83 -13.01
C LEU A 15 9.25 18.02 -14.49
N GLU A 16 9.89 17.22 -15.31
CA GLU A 16 9.51 17.26 -16.76
C GLU A 16 8.85 15.92 -17.00
N VAL A 17 7.60 16.03 -17.42
CA VAL A 17 6.77 14.86 -17.67
C VAL A 17 5.93 15.04 -18.95
N GLU A 18 5.32 13.93 -19.31
CA GLU A 18 4.37 13.84 -20.41
C GLU A 18 3.06 13.38 -19.82
N PRO A 19 1.95 13.87 -20.34
CA PRO A 19 0.61 13.47 -19.90
C PRO A 19 0.43 11.98 -19.97
N SER A 20 1.19 11.31 -20.81
CA SER A 20 1.03 9.85 -20.98
C SER A 20 1.72 9.11 -19.87
N ASP A 21 2.49 9.83 -19.05
CA ASP A 21 3.19 9.10 -17.96
C ASP A 21 2.21 8.63 -16.92
N THR A 22 2.51 7.52 -16.30
CA THR A 22 1.71 6.99 -15.21
C THR A 22 2.16 7.68 -13.91
N ILE A 23 1.25 7.61 -12.94
CA ILE A 23 1.52 8.13 -11.60
C ILE A 23 2.72 7.40 -10.98
N GLU A 24 2.80 6.12 -11.24
CA GLU A 24 3.98 5.32 -10.73
C GLU A 24 5.27 5.90 -11.23
N CYS A 25 5.30 6.34 -12.52
CA CYS A 25 6.50 6.91 -13.13
C CYS A 25 6.85 8.24 -12.50
N VAL A 26 5.82 9.05 -12.28
CA VAL A 26 6.04 10.34 -11.65
C VAL A 26 6.71 10.15 -10.29
N LYS A 27 6.18 9.20 -9.52
CA LYS A 27 6.74 8.92 -8.19
C LYS A 27 8.19 8.48 -8.29
N ALA A 28 8.54 7.70 -9.30
CA ALA A 28 9.92 7.29 -9.53
C ALA A 28 10.80 8.47 -9.89
N LYS A 29 10.31 9.43 -10.66
CA LYS A 29 11.09 10.64 -10.97
C LYS A 29 11.35 11.47 -9.69
N ILE A 30 10.35 11.49 -8.81
CA ILE A 30 10.50 12.25 -7.55
C ILE A 30 11.53 11.50 -6.70
N GLN A 31 11.49 10.19 -6.69
CA GLN A 31 12.50 9.45 -5.86
C GLN A 31 13.90 9.76 -6.40
N ASP A 32 14.01 9.63 -7.70
CA ASP A 32 15.30 9.91 -8.37
C ASP A 32 15.83 11.29 -8.03
N LYS A 33 14.94 12.30 -7.98
CA LYS A 33 15.50 13.66 -7.74
C LYS A 33 15.53 14.13 -6.33
N GLU A 34 14.74 13.67 -5.41
CA GLU A 34 14.73 14.09 -4.02
C GLU A 34 14.92 12.96 -3.04
N GLY A 35 14.94 11.73 -3.52
CA GLY A 35 15.18 10.58 -2.69
C GLY A 35 14.07 10.02 -1.89
N ILE A 36 12.84 10.55 -2.06
CA ILE A 36 11.72 10.01 -1.29
C ILE A 36 11.20 8.72 -1.91
N PRO A 37 11.15 7.65 -1.13
CA PRO A 37 10.64 6.34 -1.58
C PRO A 37 9.21 6.46 -2.09
N PRO A 38 8.88 5.84 -3.19
CA PRO A 38 7.51 5.95 -3.73
C PRO A 38 6.45 5.52 -2.76
N ASP A 39 6.74 4.57 -1.90
CA ASP A 39 5.72 4.05 -0.95
C ASP A 39 5.34 5.08 0.11
N GLN A 40 6.16 6.11 0.23
CA GLN A 40 5.83 7.18 1.22
C GLN A 40 5.08 8.36 0.58
N GLN A 41 5.02 8.40 -0.74
CA GLN A 41 4.40 9.48 -1.46
C GLN A 41 2.90 9.36 -1.66
N ARG A 42 2.21 10.46 -1.32
CA ARG A 42 0.75 10.57 -1.60
C ARG A 42 0.62 11.80 -2.48
N LEU A 43 0.18 11.67 -3.73
CA LEU A 43 0.09 12.84 -4.63
C LEU A 43 -1.35 13.30 -4.76
N ILE A 44 -1.57 14.59 -4.57
CA ILE A 44 -2.91 15.19 -4.61
C ILE A 44 -3.02 16.28 -5.66
N PHE A 45 -4.11 16.19 -6.46
CA PHE A 45 -4.39 17.20 -7.50
C PHE A 45 -5.92 17.33 -7.53
N ALA A 46 -6.32 18.58 -7.46
CA ALA A 46 -7.74 18.98 -7.52
C ALA A 46 -8.59 18.14 -6.58
N GLY A 47 -8.08 17.99 -5.40
CA GLY A 47 -8.62 17.24 -4.29
C GLY A 47 -8.80 15.76 -4.47
N CYS A 48 -8.13 15.15 -5.41
CA CYS A 48 -8.12 13.71 -5.63
C CYS A 48 -6.78 13.12 -5.25
N GLN A 49 -6.74 11.97 -4.70
CA GLN A 49 -5.43 11.30 -4.47
C GLN A 49 -5.16 10.55 -5.77
N LEU A 50 -3.98 10.72 -6.33
CA LEU A 50 -3.65 10.11 -7.64
C LEU A 50 -3.29 8.65 -7.46
N GLU A 51 -3.77 7.80 -8.37
CA GLU A 51 -3.53 6.34 -8.25
C GLU A 51 -2.42 5.92 -9.18
N ASP A 52 -1.53 5.06 -8.79
CA ASP A 52 -0.35 4.62 -9.54
C ASP A 52 -0.48 4.20 -10.99
N GLY A 53 -1.50 3.45 -11.32
CA GLY A 53 -1.74 2.91 -12.67
C GLY A 53 -2.40 3.82 -13.65
N ARG A 54 -2.89 4.98 -13.21
CA ARG A 54 -3.49 5.96 -14.13
C ARG A 54 -2.37 6.83 -14.68
N THR A 55 -2.66 7.57 -15.72
CA THR A 55 -1.72 8.53 -16.36
C THR A 55 -2.16 9.94 -15.93
N LEU A 56 -1.27 10.90 -16.12
CA LEU A 56 -1.55 12.31 -15.83
C LEU A 56 -2.72 12.75 -16.70
N SER A 57 -2.80 12.25 -17.95
CA SER A 57 -3.93 12.69 -18.80
C SER A 57 -5.26 12.26 -18.24
N ASP A 58 -5.29 11.15 -17.53
CA ASP A 58 -6.56 10.64 -16.93
C ASP A 58 -7.20 11.71 -16.05
N TYR A 59 -6.37 12.41 -15.33
CA TYR A 59 -6.76 13.49 -14.42
C TYR A 59 -6.79 14.84 -15.09
N ASN A 60 -6.55 14.98 -16.38
CA ASN A 60 -6.58 16.32 -16.99
C ASN A 60 -5.58 17.25 -16.32
N ILE A 61 -4.36 16.77 -16.10
CA ILE A 61 -3.28 17.62 -15.54
C ILE A 61 -2.59 18.28 -16.73
N GLN A 62 -2.64 19.57 -16.85
CA GLN A 62 -2.07 20.32 -18.00
C GLN A 62 -0.74 20.97 -17.58
N LYS A 63 0.04 21.51 -18.58
CA LYS A 63 1.33 22.10 -18.24
C LYS A 63 1.17 23.16 -17.17
N GLU A 64 2.22 23.18 -16.36
CA GLU A 64 2.37 24.09 -15.26
C GLU A 64 1.44 23.96 -14.10
N SER A 65 0.81 22.79 -14.03
CA SER A 65 -0.07 22.42 -12.91
C SER A 65 0.84 22.18 -11.68
N THR A 66 0.25 22.25 -10.50
CA THR A 66 0.96 21.97 -9.25
C THR A 66 0.29 20.77 -8.56
N LEU A 67 1.06 19.74 -8.22
CA LEU A 67 0.49 18.62 -7.46
C LEU A 67 0.98 18.81 -6.00
N HIS A 68 0.26 18.31 -5.06
CA HIS A 68 0.72 18.43 -3.66
C HIS A 68 1.24 17.05 -3.26
N LEU A 69 2.38 17.02 -2.60
CA LEU A 69 2.96 15.77 -2.10
C LEU A 69 2.83 15.67 -0.60
N VAL A 70 2.10 14.73 -0.09
CA VAL A 70 2.03 14.52 1.38
C VAL A 70 2.81 13.21 1.60
N LEU A 71 3.60 13.15 2.65
CA LEU A 71 4.36 11.93 2.95
C LEU A 71 3.61 11.09 3.95
N ARG A 72 3.53 9.79 3.73
N ARG A 72 3.49 9.80 3.73
N ARG A 72 3.55 9.80 3.73
N ARG A 72 3.55 9.80 3.76
CA ARG A 72 2.80 8.91 4.66
CA ARG A 72 2.73 8.96 4.69
CA ARG A 72 2.84 8.91 4.67
CA ARG A 72 2.84 8.92 4.72
C ARG A 72 3.87 8.28 5.55
C ARG A 72 2.92 7.53 4.21
C ARG A 72 3.83 8.60 5.79
C ARG A 72 3.74 8.86 5.95
N LEU A 73 4.29 8.87 6.61
N LEU A 73 1.89 6.76 4.01
N LEU A 73 5.03 8.20 5.51
N LEU A 73 4.78 9.62 6.05
CA LEU A 73 5.33 8.24 7.45
CA LEU A 73 2.09 5.35 3.56
CA LEU A 73 5.98 7.90 6.60
CA LEU A 73 5.64 9.55 7.25
C LEU A 73 4.78 6.96 8.08
C LEU A 73 0.81 4.83 2.94
C LEU A 73 5.42 6.79 7.49
C LEU A 73 6.19 8.14 7.40
N ARG A 74 3.52 7.06 8.47
N ARG A 74 1.00 4.03 1.91
N ARG A 74 4.94 5.76 6.80
N ARG A 74 7.10 7.81 6.50
CA ARG A 74 2.81 5.94 9.11
CA ARG A 74 -0.12 3.41 1.17
CA ARG A 74 4.35 4.59 7.47
CA ARG A 74 7.75 6.50 6.46
C ARG A 74 2.35 4.97 8.03
C ARG A 74 -0.26 1.95 1.61
C ARG A 74 3.19 5.05 8.34
C ARG A 74 6.69 5.42 6.70
N GLY A 75 2.06 3.74 8.46
N GLY A 75 -1.48 1.46 1.47
N GLY A 75 3.28 4.71 9.62
N GLY A 75 7.03 4.50 7.60
CA GLY A 75 1.62 2.68 7.59
CA GLY A 75 -1.83 0.10 1.84
CA GLY A 75 2.28 5.04 10.61
CA GLY A 75 6.16 3.39 7.97
C GLY A 75 2.02 1.28 8.03
C GLY A 75 -3.12 -0.43 1.22
C GLY A 75 1.08 4.10 10.66
C GLY A 75 6.89 2.12 8.35
N GLY A 76 2.69 1.25 9.16
N GLY A 76 -3.32 -1.71 1.43
N GLY A 76 1.17 3.10 9.82
N GLY A 76 7.10 2.00 9.65
CA GLY A 76 3.18 0.03 9.82
CA GLY A 76 -4.49 -2.47 0.96
CA GLY A 76 0.17 2.03 9.67
CA GLY A 76 7.77 0.86 10.30
C GLY A 76 4.73 0.08 9.83
C GLY A 76 -4.01 -3.79 0.34
C GLY A 76 0.84 0.68 10.01
C GLY A 76 6.69 -0.08 10.86
N MET B 1 8.42 -5.83 8.00
N MET B 1 -9.38 -14.22 -2.33
N MET B 1 -1.68 -7.07 9.14
N MET B 1 -0.13 -0.88 18.82
CA MET B 1 8.68 -4.39 7.79
CA MET B 1 -9.28 -12.77 -2.08
CA MET B 1 -1.03 -5.96 8.40
CA MET B 1 0.93 -0.20 18.06
C MET B 1 9.30 -4.26 6.38
C MET B 1 -10.73 -12.21 -2.14
C MET B 1 -1.90 -5.67 7.15
C MET B 1 1.19 1.15 18.75
N GLN B 2 9.02 -3.13 5.78
N GLN B 2 -10.93 -11.17 -1.37
N GLN B 2 -1.87 -4.43 6.77
N GLN B 2 2.42 1.58 18.64
CA GLN B 2 9.61 -2.87 4.43
CA GLN B 2 -12.27 -10.51 -1.37
CA GLN B 2 -2.64 -4.04 5.55
CA GLN B 2 2.78 2.89 19.24
C GLN B 2 10.94 -2.15 4.59
C GLN B 2 -12.29 -9.41 -2.43
C GLN B 2 -1.75 -4.17 4.32
C GLN B 2 2.59 3.98 18.19
N ILE B 3 11.91 -2.56 3.79
N ILE B 3 -13.39 -9.34 -3.15
N ILE B 3 -2.32 -4.70 3.26
N ILE B 3 2.03 5.10 18.65
CA ILE B 3 13.21 -1.86 3.74
CA ILE B 3 -13.60 -8.23 -4.11
CA ILE B 3 -1.61 -4.76 1.96
CA ILE B 3 1.91 6.29 17.78
C ILE B 3 13.50 -1.63 2.22
C ILE B 3 -15.03 -7.68 -3.81
C ILE B 3 -2.62 -4.20 0.91
C ILE B 3 2.46 7.48 18.63
N PHE B 4 14.42 -0.72 2.00
N PHE B 4 -15.25 -6.49 -4.31
N PHE B 4 -2.05 -3.85 -0.22
N PHE B 4 2.76 8.54 17.91
CA PHE B 4 14.78 -0.44 0.56
CA PHE B 4 -16.60 -5.88 -4.08
CA PHE B 4 -2.95 -3.31 -1.31
CA PHE B 4 3.28 9.75 18.65
C PHE B 4 16.22 -0.83 0.34
C PHE B 4 -17.29 -5.71 -5.42
C PHE B 4 -2.91 -4.24 -2.48
C PHE B 4 2.30 10.88 18.48
N VAL B 5 16.60 -1.42 -0.78
N VAL B 5 -18.59 -5.96 -5.55
N VAL B 5 -4.01 -4.52 -3.17
N VAL B 5 2.02 11.69 19.49
CA VAL B 5 17.98 -1.73 -1.07
CA VAL B 5 -19.29 -5.72 -6.79
CA VAL B 5 -3.99 -5.35 -4.35
CA VAL B 5 1.15 12.85 19.34
C VAL B 5 18.34 -0.92 -2.34
C VAL B 5 -20.37 -4.66 -6.46
C VAL B 5 -4.48 -4.44 -5.51
C VAL B 5 2.04 14.08 19.65
N LYS B 6 19.20 0.01 -2.22
N LYS B 6 -20.24 -3.50 -7.02
N LYS B 6 -3.64 -4.15 -6.44
N LYS B 6 2.27 14.90 18.69
CA LYS B 6 19.58 0.87 -3.39
CA LYS B 6 -21.22 -2.40 -6.72
CA LYS B 6 -4.03 -3.24 -7.57
CA LYS B 6 3.15 16.10 18.91
C LYS B 6 20.81 0.29 -4.03
C LYS B 6 -22.28 -2.42 -7.78
C LYS B 6 -4.48 -4.09 -8.72
C LYS B 6 2.27 17.27 19.24
N THR B 7 20.76 0.03 -5.36
N THR B 7 -23.57 -2.46 -7.38
N THR B 7 -5.68 -3.81 -9.26
N THR B 7 2.55 17.97 20.35
CA THR B 7 21.93 -0.54 -6.04
CA THR B 7 -24.66 -2.48 -8.37
CA THR B 7 -6.19 -4.61 -10.39
CA THR B 7 1.72 19.13 20.73
C THR B 7 22.70 0.59 -6.75
C THR B 7 -25.23 -1.06 -8.51
C THR B 7 -5.95 -3.84 -11.69
C THR B 7 2.44 20.41 20.30
N LEU B 8 23.88 0.30 -7.26
N LEU B 8 -26.09 -0.84 -9.47
N LEU B 8 -6.15 -4.47 -12.83
N LEU B 8 1.77 21.55 20.38
CA LEU B 8 24.69 1.34 -7.92
CA LEU B 8 -26.66 0.50 -9.70
CA LEU B 8 -5.90 -3.82 -14.13
CA LEU B 8 2.39 22.83 19.95
C LEU B 8 24.15 1.73 -9.29
C LEU B 8 -27.69 0.89 -8.65
C LEU B 8 -6.94 -2.77 -14.47
C LEU B 8 3.44 23.32 20.91
N THR B 9 23.12 1.01 -9.78
N THR B 9 -28.06 -0.05 -7.77
N THR B 9 -8.02 -2.66 -13.66
N THR B 9 3.59 22.67 22.07
CA THR B 9 22.62 1.44 -11.13
CA THR B 9 -29.07 0.38 -6.75
CA THR B 9 -9.02 -1.62 -14.04
CA THR B 9 4.64 23.20 23.00
C THR B 9 21.37 2.25 -11.03
C THR B 9 -28.45 0.68 -5.43
C THR B 9 -8.88 -0.38 -13.19
C THR B 9 5.90 22.40 22.94
N GLY B 10 21.04 2.74 -9.88
N GLY B 10 -27.16 0.84 -5.38
N GLY B 10 -7.79 -0.24 -12.50
N GLY B 10 6.05 21.57 21.95
CA GLY B 10 19.87 3.54 -9.64
CA GLY B 10 -26.42 1.13 -4.17
CA GLY B 10 -7.53 0.90 -11.65
CA GLY B 10 7.21 20.72 21.77
C GLY B 10 18.57 2.79 -9.55
C GLY B 10 -26.20 -0.01 -3.24
C GLY B 10 -8.23 0.92 -10.33
C GLY B 10 7.29 19.50 22.63
N LYS B 11 18.64 1.50 -9.37
N LYS B 11 -26.37 -1.21 -3.73
N LYS B 11 -8.73 -0.22 -9.92
N LYS B 11 6.18 19.14 23.21
CA LYS B 11 17.47 0.67 -9.15
CA LYS B 11 -26.08 -2.42 -2.98
CA LYS B 11 -9.35 -0.38 -8.61
CA LYS B 11 6.07 17.91 23.99
C LYS B 11 17.34 0.52 -7.62
C LYS B 11 -24.66 -2.85 -3.41
C LYS B 11 -8.25 -0.97 -7.71
C LYS B 11 5.48 16.85 23.02
N THR B 12 16.12 0.61 -7.13
N THR B 12 -23.85 -3.25 -2.45
N THR B 12 -8.15 -0.48 -6.49
N THR B 12 6.03 15.65 23.08
CA THR B 12 15.95 0.38 -5.67
CA THR B 12 -22.51 -3.74 -2.84
CA THR B 12 -7.16 -1.07 -5.57
CA THR B 12 5.45 14.59 22.23
C THR B 12 15.01 -0.81 -5.54
C THR B 12 -22.44 -5.19 -2.37
C THR B 12 -7.95 -1.60 -4.38
C THR B 12 4.96 13.50 23.18
N ILE B 13 15.39 -1.77 -4.69
N ILE B 13 -21.99 -6.08 -3.27
N ILE B 13 -7.67 -2.85 -4.00
N ILE B 13 3.73 13.04 22.98
CA ILE B 13 14.46 -2.92 -4.57
CA ILE B 13 -21.93 -7.49 -2.78
CA ILE B 13 -8.45 -3.35 -2.84
CA ILE B 13 3.28 11.97 23.91
C ILE B 13 13.80 -2.88 -3.22
C ILE B 13 -20.48 -7.89 -2.63
C ILE B 13 -7.53 -3.47 -1.65
C ILE B 13 3.19 10.68 23.15
N THR B 14 12.53 -3.21 -3.13
N THR B 14 -20.16 -8.65 -1.61
N THR B 14 -8.02 -3.14 -0.47
N THR B 14 3.57 9.58 23.77
CA THR B 14 11.91 -3.21 -1.77
CA THR B 14 -18.74 -9.07 -1.50
CA THR B 14 -7.10 -3.31 0.71
CA THR B 14 3.43 8.29 23.03
C THR B 14 11.83 -4.64 -1.28
C THR B 14 -18.62 -10.49 -2.00
C THR B 14 -7.48 -4.57 1.43
C THR B 14 2.18 7.59 23.53
N LEU B 15 12.11 -4.87 -0.01
N LEU B 15 -17.57 -10.82 -2.73
N LEU B 15 -6.51 -5.34 1.90
N LEU B 15 1.42 6.97 22.64
CA LEU B 15 12.08 -6.21 0.54
CA LEU B 15 -17.38 -12.15 -3.27
CA LEU B 15 -6.78 -6.59 2.58
CA LEU B 15 0.21 6.28 23.03
C LEU B 15 11.17 -6.21 1.78
C LEU B 15 -16.00 -12.65 -2.85
C LEU B 15 -6.06 -6.56 3.93
C LEU B 15 0.27 4.86 22.48
N GLU B 16 10.62 -7.35 2.07
N GLU B 16 -15.87 -13.95 -2.76
N GLU B 16 -6.58 -7.31 4.87
N GLU B 16 -0.44 3.97 23.14
CA GLU B 16 9.83 -7.43 3.35
CA GLU B 16 -14.50 -14.49 -2.50
CA GLU B 16 -5.84 -7.42 6.16
CA GLU B 16 -0.52 2.59 22.57
C GLU B 16 10.66 -8.34 4.22
C GLU B 16 -14.13 -15.19 -3.79
C GLU B 16 -5.38 -8.86 6.18
C GLU B 16 -1.96 2.46 22.14
N VAL B 17 11.03 -7.77 5.36
N VAL B 17 -13.03 -14.70 -4.34
N VAL B 17 -4.06 -8.98 6.27
N VAL B 17 -2.11 2.21 20.85
CA VAL B 17 11.87 -8.45 6.33
CA VAL B 17 -12.51 -15.20 -5.61
CA VAL B 17 -3.40 -10.27 6.25
CA VAL B 17 -3.41 2.10 20.22
C VAL B 17 11.39 -8.17 7.76
C VAL B 17 -10.98 -15.33 -5.58
C VAL B 17 -2.24 -10.31 7.27
C VAL B 17 -3.44 0.94 19.21
N GLU B 18 12.01 -8.93 8.65
N GLU B 18 -10.52 -15.96 -6.64
N GLU B 18 -1.76 -11.52 7.42
N GLU B 18 -4.66 0.69 18.78
CA GLU B 18 11.84 -8.81 10.09
CA GLU B 18 -9.09 -16.12 -6.92
CA GLU B 18 -0.57 -11.84 8.23
CA GLU B 18 -4.96 -0.28 17.73
C GLU B 18 13.20 -8.49 10.67
C GLU B 18 -8.84 -15.44 -8.26
C GLU B 18 0.44 -12.45 7.30
C GLU B 18 -5.62 0.49 16.60
N PRO B 19 13.25 -7.66 11.69
N PRO B 19 -7.68 -14.82 -8.40
N PRO B 19 1.72 -12.17 7.53
N PRO B 19 -5.35 0.11 15.36
CA PRO B 19 14.49 -7.31 12.37
CA PRO B 19 -7.29 -14.18 -9.65
CA PRO B 19 2.80 -12.73 6.73
CA PRO B 19 -5.97 0.74 14.19
C PRO B 19 15.25 -8.53 12.83
C PRO B 19 -7.36 -15.11 -10.83
C PRO B 19 2.75 -14.24 6.70
C PRO B 19 -7.47 0.72 14.27
N SER B 20 14.54 -9.63 13.05
N SER B 20 -7.26 -16.41 -10.57
N SER B 20 2.14 -14.84 7.71
N SER B 20 -8.03 -0.21 15.02
CA SER B 20 15.19 -10.85 13.55
CA SER B 20 -7.27 -17.40 -11.66
CA SER B 20 2.10 -16.32 7.78
CA SER B 20 -9.50 -0.32 15.11
C SER B 20 15.89 -11.59 12.44
C SER B 20 -8.68 -17.66 -12.14
C SER B 20 1.03 -16.86 6.87
C SER B 20 -10.06 0.70 16.07
N ASP B 21 15.68 -11.15 11.20
N ASP B 21 -9.67 -17.13 -11.42
N ASP B 21 0.20 -15.98 6.30
N ASP B 21 -9.19 1.40 16.79
CA ASP B 21 16.35 -11.88 10.09
CA ASP B 21 -11.06 -17.41 -11.85
CA ASP B 21 -0.87 -16.51 5.42
CA ASP B 21 -9.72 2.39 17.75
C ASP B 21 17.84 -11.61 10.13
C ASP B 21 -11.35 -16.65 -13.13
C ASP B 21 -0.26 -17.04 4.15
C ASP B 21 -10.31 3.57 17.01
N THR B 22 18.61 -12.61 9.70
N THR B 22 -12.20 -17.25 -13.97
N THR B 22 -0.90 -18.06 3.60
N THR B 22 -11.34 4.16 17.59
CA THR B 22 20.03 -12.47 9.58
CA THR B 22 -12.65 -16.60 -15.18
CA THR B 22 -0.50 -18.62 2.32
CA THR B 22 -11.95 5.35 17.05
C THR B 22 20.36 -11.81 8.23
C THR B 22 -13.82 -15.67 -14.83
C THR B 22 -1.15 -17.77 1.20
C THR B 22 -11.13 6.57 17.52
N ILE B 23 21.58 -11.26 8.18
N ILE B 23 -14.05 -14.73 -15.75
N ILE B 23 -0.54 -17.93 0.02
N ILE B 23 -11.33 7.66 16.77
CA ILE B 23 22.09 -10.67 6.95
CA ILE B 23 -15.17 -13.82 -15.65
CA ILE B 23 -1.07 -17.28 -1.18
CA ILE B 23 -10.71 8.94 17.12
C ILE B 23 22.16 -11.72 5.85
C ILE B 23 -16.49 -14.59 -15.65
C ILE B 23 -2.48 -17.78 -1.48
C ILE B 23 -11.20 9.40 18.49
N GLU B 24 22.53 -12.92 6.22
N GLU B 24 -16.56 -15.64 -16.44
N GLU B 24 -2.71 -19.04 -1.25
N GLU B 24 -12.45 9.15 18.79
CA GLU B 24 22.58 -14.04 5.22
CA GLU B 24 -17.78 -16.50 -16.46
CA GLU B 24 -4.09 -19.62 -1.45
CA GLU B 24 -13.00 9.52 20.13
C GLU B 24 21.23 -14.23 4.57
C GLU B 24 -18.09 -17.04 -15.08
C GLU B 24 -5.10 -18.88 -0.61
C GLU B 24 -12.22 8.83 21.23
N ASN B 25 20.17 -14.13 5.36
N ASN B 25 -17.04 -17.44 -14.36
N ASN B 25 -4.72 -18.55 0.62
N ASN B 25 -11.86 7.58 21.00
CA ASN B 25 18.78 -14.29 4.90
CA ASN B 25 -17.14 -18.00 -13.01
CA ASN B 25 -5.57 -17.84 1.58
CA ASN B 25 -11.10 6.76 21.96
C ASN B 25 18.37 -13.18 3.93
C ASN B 25 -17.66 -16.96 -12.01
C ASN B 25 -5.89 -16.42 1.11
C ASN B 25 -9.70 7.31 22.17
N VAL B 26 18.76 -11.97 4.31
N VAL B 26 -17.10 -15.77 -12.13
N VAL B 26 -4.83 -15.76 0.63
N VAL B 26 -9.07 7.68 21.06
CA VAL B 26 18.47 -10.81 3.47
CA VAL B 26 -17.50 -14.66 -11.28
CA VAL B 26 -4.98 -14.41 0.12
CA VAL B 26 -7.73 8.25 21.11
C VAL B 26 19.10 -11.01 2.10
C VAL B 26 -19.00 -14.41 -11.44
C VAL B 26 -6.00 -14.42 -1.01
C VAL B 26 -7.75 9.50 21.97
N LYS B 27 20.36 -11.44 2.10
N LYS B 27 -19.44 -14.37 -12.71
N LYS B 27 -5.85 -15.37 -1.93
N LYS B 27 -8.75 10.36 21.73
CA LYS B 27 21.08 -11.67 0.84
CA LYS B 27 -20.86 -14.14 -13.00
CA LYS B 27 -6.77 -15.47 -3.07
CA LYS B 27 -8.87 11.60 22.50
C LYS B 27 20.39 -12.73 0.00
C LYS B 27 -21.73 -15.24 -12.39
C LYS B 27 -8.20 -15.69 -2.60
C LYS B 27 -9.04 11.31 23.98
N ALA B 28 19.86 -13.76 0.63
N ALA B 28 -21.26 -16.47 -12.41
N ALA B 28 -8.39 -16.47 -1.55
N ALA B 28 -9.78 10.28 24.32
CA ALA B 28 19.11 -14.80 -0.08
CA ALA B 28 -21.99 -17.58 -11.80
CA ALA B 28 -9.72 -16.69 -0.98
CA ALA B 28 -9.96 9.88 25.72
C ALA B 28 17.82 -14.25 -0.66
C ALA B 28 -22.05 -17.43 -10.28
C ALA B 28 -10.29 -15.42 -0.37
C ALA B 28 -8.65 9.39 26.32
N LYS B 29 17.13 -13.35 0.03
N LYS B 29 -21.01 -16.94 -9.64
N LYS B 29 -9.46 -14.60 0.27
N LYS B 29 -7.84 8.67 25.58
CA LYS B 29 15.92 -12.72 -0.52
CA LYS B 29 -21.04 -16.68 -8.19
CA LYS B 29 -9.92 -13.30 0.81
CA LYS B 29 -6.51 8.24 26.07
C LYS B 29 16.26 -11.87 -1.76
C LYS B 29 -22.05 -15.58 -7.85
C LYS B 29 -10.36 -12.37 -0.33
C LYS B 29 -5.60 9.45 26.33
N ILE B 30 17.42 -11.20 -1.69
N ILE B 30 -22.14 -14.58 -8.73
N ILE B 30 -9.63 -12.43 -1.44
N ILE B 30 -5.71 10.46 25.47
CA ILE B 30 17.84 -10.36 -2.83
CA ILE B 30 -23.09 -13.48 -8.50
CA ILE B 30 -9.97 -11.57 -2.59
CA ILE B 30 -4.89 11.67 25.64
C ILE B 30 18.18 -11.30 -3.99
C ILE B 30 -24.50 -14.06 -8.69
C ILE B 30 -11.29 -12.10 -3.16
C ILE B 30 -5.41 12.39 26.89
N GLN B 31 18.81 -12.42 -3.72
N GLN B 31 -24.69 -14.91 -9.67
N GLN B 31 -11.47 -13.39 -3.22
N GLN B 31 -6.71 12.43 27.09
CA GLN B 31 19.14 -13.36 -4.84
CA GLN B 31 -26.06 -15.49 -9.85
CA GLN B 31 -12.76 -13.91 -3.78
CA GLN B 31 -7.22 13.12 28.30
C GLN B 31 17.84 -13.84 -5.48
C GLN B 31 -26.45 -16.29 -8.58
C GLN B 31 -13.92 -13.42 -2.88
C GLN B 31 -6.69 12.40 29.55
N ASP B 32 16.95 -14.26 -4.63
N ASP B 32 -25.52 -17.12 -8.19
N ASP B 32 -13.71 -13.63 -1.60
N ASP B 32 -6.85 11.10 29.52
CA ASP B 32 15.62 -14.75 -5.08
CA ASP B 32 -25.72 -17.96 -6.98
CA ASP B 32 -14.71 -13.21 -0.59
CA ASP B 32 -6.37 10.25 30.64
C ASP B 32 14.92 -13.72 -5.95
C ASP B 32 -26.09 -17.12 -5.78
C ASP B 32 -15.09 -11.74 -0.75
C ASP B 32 -4.90 10.50 30.95
N LYS B 33 14.99 -12.44 -5.58
N LYS B 33 -25.42 -15.95 -5.60
N LYS B 33 -14.09 -10.88 -1.00
N LYS B 33 -4.07 10.64 29.90
CA LYS B 33 14.23 -11.46 -6.39
CA LYS B 33 -25.74 -15.19 -4.37
CA LYS B 33 -14.46 -9.44 -1.05
CA LYS B 33 -2.62 10.79 30.23
C LYS B 33 14.94 -10.78 -7.50
C LYS B 33 -26.78 -14.15 -4.46
C LYS B 33 -14.78 -8.87 -2.39
C LYS B 33 -2.10 12.17 30.37
N GLU B 34 16.24 -10.63 -7.51
N GLU B 34 -27.10 -13.55 -5.58
N GLU B 34 -14.32 -9.38 -3.51
N GLU B 34 -2.65 13.20 29.79
CA GLU B 34 16.99 -9.98 -8.57
CA GLU B 34 -28.11 -12.53 -5.73
CA GLU B 34 -14.60 -8.87 -4.83
CA GLU B 34 -2.18 14.56 29.89
C GLU B 34 18.07 -10.84 -9.17
C GLU B 34 -29.17 -12.86 -6.74
C GLU B 34 -15.22 -9.88 -5.75
C GLU B 34 -3.22 15.54 30.40
N GLY B 35 18.30 -12.01 -8.60
N GLY B 35 -29.01 -13.95 -7.47
N GLY B 35 -15.32 -11.13 -5.32
N GLY B 35 -4.45 15.08 30.58
CA GLY B 35 19.26 -12.96 -9.13
CA GLY B 35 -29.98 -14.42 -8.42
CA GLY B 35 -15.95 -12.17 -6.09
CA GLY B 35 -5.50 15.89 31.13
C GLY B 35 20.69 -12.77 -8.81
C GLY B 35 -30.02 -13.80 -9.76
C GLY B 35 -15.19 -12.83 -7.17
C GLY B 35 -6.22 16.83 30.25
N ILE B 36 21.03 -11.79 -7.96
N ILE B 36 -29.07 -12.91 -10.07
N ILE B 36 -13.89 -12.50 -7.31
N ILE B 36 -5.91 16.81 28.94
CA ILE B 36 22.44 -11.59 -7.63
CA ILE B 36 -29.08 -12.28 -11.40
CA ILE B 36 -13.10 -13.15 -8.37
CA ILE B 36 -6.62 17.75 28.04
C ILE B 36 22.91 -12.59 -6.59
C ILE B 36 -28.49 -13.21 -12.44
C ILE B 36 -12.67 -14.54 -7.95
C ILE B 36 -8.00 17.23 27.69
N PRO B 37 23.96 -13.34 -6.89
N PRO B 37 -29.24 -13.50 -13.50
N PRO B 37 -13.00 -15.55 -8.75
N PRO B 37 -9.03 18.03 27.94
CA PRO B 37 24.55 -14.33 -5.97
CA PRO B 37 -28.79 -14.35 -14.61
CA PRO B 37 -12.60 -16.95 -8.49
CA PRO B 37 -10.42 17.68 27.62
C PRO B 37 24.95 -13.67 -4.67
C PRO B 37 -27.52 -13.81 -15.23
C PRO B 37 -11.09 -17.08 -8.37
C PRO B 37 -10.57 17.36 26.14
N PRO B 38 24.68 -14.29 -3.55
N PRO B 38 -26.55 -14.64 -15.53
N PRO B 38 -10.60 -17.83 -7.41
N PRO B 38 -11.30 16.33 25.78
CA PRO B 38 25.04 -13.69 -2.25
CA PRO B 38 -25.29 -14.17 -16.11
CA PRO B 38 -9.14 -17.97 -7.25
CA PRO B 38 -11.46 15.97 24.37
C PRO B 38 26.51 -13.38 -2.12
C PRO B 38 -25.48 -13.39 -17.39
C PRO B 38 -8.44 -18.48 -8.48
C PRO B 38 -12.03 17.08 23.53
N ASP B 39 27.36 -14.16 -2.74
N ASP B 39 -26.47 -13.73 -18.17
N ASP B 39 -9.11 -19.32 -9.25
N ASP B 39 -12.88 17.91 24.11
CA ASP B 39 28.83 -13.95 -2.61
CA ASP B 39 -26.68 -13.05 -19.48
CA ASP B 39 -8.46 -19.92 -10.45
CA ASP B 39 -13.53 19.00 23.33
C ASP B 39 29.29 -12.67 -3.29
C ASP B 39 -27.11 -11.60 -19.31
C ASP B 39 -8.20 -18.88 -11.55
C ASP B 39 -12.54 20.08 22.90
N GLN B 40 28.44 -12.11 -4.14
N GLN B 40 -27.54 -11.24 -18.11
N GLN B 40 -8.83 -17.72 -11.42
N GLN B 40 -11.37 20.07 23.52
CA GLN B 40 28.81 -10.85 -4.82
CA GLN B 40 -27.95 -9.84 -17.87
CA GLN B 40 -8.61 -16.66 -12.43
CA GLN B 40 -10.35 21.08 23.14
C GLN B 40 28.25 -9.61 -4.08
C GLN B 40 -26.81 -9.00 -17.25
C GLN B 40 -7.54 -15.65 -11.97
C GLN B 40 -9.34 20.52 22.12
N GLN B 41 27.38 -9.82 -3.12
N GLN B 41 -25.73 -9.64 -16.84
N GLN B 41 -7.14 -15.71 -10.72
N GLN B 41 -9.37 19.22 21.87
CA GLN B 41 26.74 -8.75 -2.40
CA GLN B 41 -24.61 -8.98 -16.21
CA GLN B 41 -6.17 -14.80 -10.15
CA GLN B 41 -8.45 18.57 20.98
C GLN B 41 27.52 -8.20 -1.21
C GLN B 41 -23.58 -8.39 -17.15
C GLN B 41 -4.72 -15.15 -10.37
C GLN B 41 -8.83 18.58 19.51
N ARG B 42 27.64 -6.88 -1.20
N ARG B 42 -23.25 -7.12 -16.89
N ARG B 42 -3.97 -14.15 -10.85
N ARG B 42 -7.87 18.99 18.69
CA ARG B 42 28.22 -6.16 -0.02
CA ARG B 42 -22.13 -6.45 -17.60
CA ARG B 42 -2.48 -14.28 -10.96
CA ARG B 42 -8.03 18.90 17.20
C ARG B 42 27.13 -5.22 0.44
C ARG B 42 -21.18 -6.02 -16.51
C ARG B 42 -1.93 -13.15 -10.11
C ARG B 42 -6.88 18.03 16.75
N LEU B 43 26.59 -5.38 1.65
N LEU B 43 -19.96 -6.55 -16.47
N LEU B 43 -1.22 -13.44 -9.03
N LEU B 43 -7.13 16.86 16.17
CA LEU B 43 25.49 -4.51 2.11
CA LEU B 43 -19.01 -6.19 -15.38
CA LEU B 43 -0.71 -12.35 -8.15
CA LEU B 43 -6.04 15.94 15.77
C LEU B 43 26.02 -3.48 3.11
C LEU B 43 -17.97 -5.21 -15.90
C LEU B 43 0.78 -12.13 -8.39
C LEU B 43 -5.86 16.00 14.25
N ILE B 44 25.68 -2.22 2.88
N ILE B 44 -17.77 -4.12 -15.16
N ILE B 44 1.15 -10.87 -8.60
N ILE B 44 -4.61 16.20 13.83
CA ILE B 44 26.14 -1.10 3.69
CA ILE B 44 -16.85 -3.06 -15.53
CA ILE B 44 2.53 -10.49 -8.89
CA ILE B 44 -4.27 16.34 12.41
C ILE B 44 24.98 -0.32 4.29
C ILE B 44 -15.79 -2.83 -14.47
C ILE B 44 3.08 -9.50 -7.88
C ILE B 44 -3.25 15.29 11.98
N PHE B 45 25.10 -0.07 5.62
N PHE B 45 -14.51 -2.76 -14.95
N PHE B 45 4.32 -9.82 -7.40
N PHE B 45 -3.57 14.64 10.82
CA PHE B 45 24.09 0.72 6.34
CA PHE B 45 -13.37 -2.49 -14.05
CA PHE B 45 5.01 -8.94 -6.44
CA PHE B 45 -2.68 13.64 10.22
C PHE B 45 24.88 1.53 7.39
C PHE B 45 -12.40 -1.64 -14.89
C PHE B 45 6.50 -9.04 -6.82
C PHE B 45 -2.83 13.81 8.71
N ALA B 46 24.58 2.81 7.37
N ALA B 46 -12.03 -0.55 -14.25
N ALA B 46 7.06 -7.87 -6.96
N ALA B 46 -1.66 13.91 8.10
CA ALA B 46 25.16 3.79 8.31
CA ALA B 46 -11.05 0.41 -14.80
CA ALA B 46 8.50 -7.68 -7.25
CA ALA B 46 -1.52 14.03 6.63
C ALA B 46 26.67 3.64 8.39
C ALA B 46 -11.40 0.78 -16.24
C ALA B 46 8.93 -8.58 -8.41
C ALA B 46 -2.47 15.09 6.08
N GLY B 47 27.26 3.51 7.24
N GLY B 47 -12.66 1.05 -16.42
N GLY B 47 8.11 -8.58 -9.42
N GLY B 47 -2.48 16.20 6.76
CA GLY B 47 28.66 3.34 6.98
CA GLY B 47 -13.32 1.41 -17.64
CA GLY B 47 8.22 -9.30 -10.66
CA GLY B 47 -3.25 17.37 6.52
C GLY B 47 29.33 2.11 7.51
C GLY B 47 -13.30 0.41 -18.78
C GLY B 47 8.20 -10.81 -10.57
C GLY B 47 -4.75 17.25 6.58
N LYS B 48 28.57 1.08 7.81
N LYS B 48 -13.09 -0.84 -18.48
N LYS B 48 7.68 -11.36 -9.51
N LYS B 48 -5.25 16.25 7.25
CA LYS B 48 29.12 -0.19 8.30
CA LYS B 48 -13.11 -1.91 -19.49
CA LYS B 48 7.57 -12.82 -9.34
CA LYS B 48 -6.70 16.06 7.41
C LYS B 48 28.83 -1.26 7.23
C LYS B 48 -14.30 -2.83 -19.17
C LYS B 48 6.06 -13.15 -9.32
C LYS B 48 -7.01 16.21 8.92
N GLN B 49 29.73 -2.16 7.02
N GLN B 49 -14.96 -3.32 -20.17
N GLN B 49 5.67 -14.26 -9.90
N GLN B 49 -8.12 16.81 9.25
CA GLN B 49 29.45 -3.30 6.08
CA GLN B 49 -16.05 -4.32 -19.92
CA GLN B 49 4.25 -14.69 -9.80
CA GLN B 49 -8.53 16.88 10.68
C GLN B 49 28.75 -4.33 6.96
C GLN B 49 -15.31 -5.66 -19.87
C GLN B 49 4.21 -15.48 -8.50
C GLN B 49 -9.27 15.56 10.92
N LEU B 50 27.63 -4.85 6.52
N LEU B 50 -15.55 -6.45 -18.86
N LEU B 50 3.26 -15.18 -7.63
N LEU B 50 -8.93 14.85 11.95
CA LEU B 50 26.82 -5.78 7.32
CA LEU B 50 -14.84 -7.72 -18.66
CA LEU B 50 3.17 -15.82 -6.31
CA LEU B 50 -9.51 13.52 12.23
C LEU B 50 27.42 -7.18 7.25
C LEU B 50 -15.42 -8.80 -19.57
C LEU B 50 2.55 -17.20 -6.43
C LEU B 50 -10.89 13.67 12.86
N GLU B 51 27.46 -7.88 8.37
N GLU B 51 -14.55 -9.61 -20.17
N GLU B 51 3.11 -18.18 -5.71
N GLU B 51 -11.85 12.85 12.43
CA GLU B 51 28.07 -9.23 8.40
CA GLU B 51 -15.05 -10.65 -21.11
CA GLU B 51 2.59 -19.56 -5.80
CA GLU B 51 -13.23 12.97 12.95
C GLU B 51 27.00 -10.28 8.38
C GLU B 51 -15.04 -11.99 -20.44
C GLU B 51 1.71 -19.88 -4.62
C GLU B 51 -13.47 11.90 13.99
N ASP B 52 27.15 -11.36 7.65
N ASP B 52 -16.03 -12.82 -20.64
N ASP B 52 0.61 -20.57 -4.79
N ASP B 52 -14.15 12.19 15.06
CA ASP B 52 26.18 -12.43 7.47
CA ASP B 52 -16.21 -14.12 -20.00
CA ASP B 52 -0.38 -20.86 -3.77
CA ASP B 52 -14.40 11.29 16.20
C ASP B 52 25.45 -13.03 8.66
C ASP B 52 -15.07 -15.11 -19.91
C ASP B 52 0.04 -21.41 -2.41
C ASP B 52 -14.91 9.88 15.95
N GLY B 53 26.16 -13.28 9.74
N GLY B 53 -14.31 -15.27 -20.97
N GLY B 53 0.98 -22.34 -2.39
N GLY B 53 -15.85 9.71 15.05
CA GLY B 53 25.61 -13.93 10.96
CA GLY B 53 -13.21 -16.24 -21.07
CA GLY B 53 1.46 -23.00 -1.16
CA GLY B 53 -16.48 8.40 14.75
C GLY B 53 24.91 -13.02 11.92
C GLY B 53 -11.90 -15.80 -20.49
C GLY B 53 2.49 -22.26 -0.37
C GLY B 53 -15.73 7.52 13.82
N ARG B 54 24.96 -11.71 11.72
N ARG B 54 -11.75 -14.53 -20.11
N ARG B 54 3.04 -21.17 -0.89
N ARG B 54 -14.66 7.99 13.18
CA ARG B 54 24.22 -10.76 12.59
CA ARG B 54 -10.52 -14.05 -19.45
CA ARG B 54 4.01 -20.34 -0.14
CA ARG B 54 -13.83 7.15 12.30
C ARG B 54 22.81 -10.64 12.03
C ARG B 54 -10.62 -14.34 -17.97
C ARG B 54 3.23 -19.36 0.72
C ARG B 54 -12.81 6.44 13.16
N THR B 55 21.92 -10.08 12.82
N THR B 55 -9.52 -14.24 -17.28
N THR B 55 3.89 -18.75 1.66
N THR B 55 -12.18 5.43 12.60
CA THR B 55 20.52 -9.81 12.44
CA THR B 55 -9.45 -14.42 -15.81
CA THR B 55 3.31 -17.72 2.56
CA THR B 55 -11.11 4.65 13.27
C THR B 55 20.41 -8.29 12.16
C THR B 55 -9.28 -13.01 -15.19
C THR B 55 3.85 -16.35 2.07
C THR B 55 -9.77 5.11 12.64
N LEU B 56 19.33 -7.92 11.51
N LEU B 56 -9.52 -12.93 -13.90
N LEU B 56 3.21 -15.30 2.52
N LEU B 56 -8.69 4.78 13.31
CA LEU B 56 19.05 -6.50 11.21
CA LEU B 56 -9.35 -11.67 -13.14
CA LEU B 56 3.64 -13.92 2.19
CA LEU B 56 -7.33 5.09 12.81
C LEU B 56 18.91 -5.76 12.55
C LEU B 56 -7.89 -11.24 -13.26
C LEU B 56 5.05 -13.72 2.74
C LEU B 56 -7.14 4.37 11.47
N SER B 57 18.33 -6.42 13.57
N SER B 57 -6.95 -12.21 -13.26
N SER B 57 5.35 -14.32 3.92
N SER B 57 -7.70 3.15 11.35
CA SER B 57 18.19 -5.69 14.85
CA SER B 57 -5.53 -11.79 -13.35
CA SER B 57 6.73 -14.11 4.45
CA SER B 57 -7.49 2.45 10.05
C SER B 57 19.53 -5.34 15.46
C SER B 57 -5.23 -11.10 -14.66
C SER B 57 7.78 -14.70 3.55
C SER B 57 -8.14 3.19 8.89
N ASP B 58 20.55 -6.15 15.20
N ASP B 58 -5.95 -11.45 -15.71
N ASP B 58 7.45 -15.75 2.82
N ASP B 58 -9.20 3.91 9.16
CA ASP B 58 21.90 -5.89 15.74
CA ASP B 58 -5.73 -10.83 -17.04
CA ASP B 58 8.41 -16.40 1.90
CA ASP B 58 -9.91 4.69 8.10
C ASP B 58 22.38 -4.49 15.35
C ASP B 58 -5.87 -9.30 -16.96
C ASP B 58 8.97 -15.38 0.90
C ASP B 58 -8.94 5.64 7.39
N TYR B 59 22.08 -4.12 14.14
N TYR B 59 -6.82 -8.88 -16.18
N TYR B 59 8.12 -14.52 0.45
N TYR B 59 -8.07 6.22 8.17
CA TYR B 59 22.42 -2.82 13.57
CA TYR B 59 -7.12 -7.47 -15.94
CA TYR B 59 8.43 -13.45 -0.49
CA TYR B 59 -7.04 7.15 7.70
C TYR B 59 21.36 -1.77 13.79
C TYR B 59 -6.37 -6.90 -14.75
C TYR B 59 8.84 -12.17 0.18
C TYR B 59 -5.74 6.47 7.35
N ASN B 60 20.28 -2.02 14.50
N ASN B 60 -5.48 -7.62 -14.09
N ASN B 60 8.98 -12.08 1.49
N ASN B 60 -5.61 5.16 7.38
CA ASN B 60 19.27 -0.97 14.69
CA ASN B 60 -4.77 -7.02 -12.95
CA ASN B 60 9.38 -10.80 2.10
CA ASN B 60 -4.32 4.54 7.04
C ASN B 60 18.73 -0.48 13.35
C ASN B 60 -5.75 -6.55 -11.88
C ASN B 60 8.41 -9.69 1.75
C ASN B 60 -3.20 5.05 7.93
N ILE B 61 18.41 -1.40 12.46
N ILE B 61 -6.72 -7.37 -11.56
N ILE B 61 7.12 -9.97 1.85
N ILE B 61 -3.46 5.11 9.22
CA ILE B 61 17.78 -1.05 11.16
CA ILE B 61 -7.69 -7.05 -10.46
CA ILE B 61 6.08 -8.93 1.61
CA ILE B 61 -2.40 5.52 10.20
C ILE B 61 16.28 -1.04 11.40
C ILE B 61 -7.07 -7.60 -9.18
C ILE B 61 5.84 -8.25 2.96
C ILE B 61 -1.69 4.22 10.60
N GLN B 62 15.63 0.09 11.26
N GLN B 62 -6.73 -6.76 -8.24
N GLN B 62 6.12 -6.99 3.10
N GLN B 62 -0.43 4.09 10.30
CA GLN B 62 14.17 0.23 11.54
CA GLN B 62 -6.06 -7.18 -6.97
CA GLN B 62 6.00 -6.25 4.39
CA GLN B 62 0.37 2.86 10.57
C GLN B 62 13.40 0.29 10.21
C GLN B 62 -7.08 -7.19 -5.83
C GLN B 62 4.74 -5.37 4.35
C GLN B 62 1.25 3.08 11.80
N LYS B 63 12.08 0.20 10.26
N LYS B 63 -6.71 -7.73 -4.67
N LYS B 63 4.35 -4.81 5.50
N LYS B 63 1.87 2.02 12.32
CA LYS B 63 11.25 0.17 9.08
CA LYS B 63 -7.61 -7.86 -3.55
CA LYS B 63 3.14 -4.03 5.59
CA LYS B 63 2.69 2.11 13.51
C LYS B 63 11.57 1.38 8.21
C LYS B 63 -8.19 -6.49 -3.21
C LYS B 63 3.18 -2.91 4.55
C LYS B 63 3.76 3.17 13.32
N GLU B 64 11.53 1.10 6.90
N GLU B 64 -9.47 -6.56 -2.81
N GLU B 64 1.97 -2.66 4.02
N GLU B 64 4.01 3.85 14.44
CA GLU B 64 11.78 2.04 5.83
CA GLU B 64 -10.28 -5.45 -2.43
CA GLU B 64 1.69 -1.66 3.03
CA GLU B 64 4.98 4.91 14.58
C GLU B 64 13.16 2.59 5.69
C GLU B 64 -10.64 -4.43 -3.47
C GLU B 64 2.26 -1.85 1.66
C GLU B 64 4.73 6.18 13.83
N SER B 65 14.11 1.88 6.29
N SER B 65 -10.51 -4.86 -4.72
N SER B 65 2.65 -3.10 1.38
N SER B 65 3.47 6.37 13.45
CA SER B 65 15.54 2.18 6.18
CA SER B 65 -10.92 -4.07 -5.88
CA SER B 65 3.14 -3.52 0.07
CA SER B 65 3.00 7.60 12.80
C SER B 65 15.98 1.82 4.74
C SER B 65 -12.46 -4.03 -5.91
C SER B 65 1.93 -3.52 -0.89
C SER B 65 2.98 8.71 13.87
N THR B 66 17.08 2.38 4.30
N THR B 66 -13.02 -3.07 -6.60
N THR B 66 2.19 -3.47 -2.17
N THR B 66 2.99 9.94 13.44
CA THR B 66 17.66 2.06 2.99
CA THR B 66 -14.47 -2.96 -6.77
CA THR B 66 1.14 -3.56 -3.20
CA THR B 66 2.89 11.10 14.36
C THR B 66 19.06 1.47 3.20
C THR B 66 -14.79 -3.04 -8.27
C THR B 66 1.42 -4.77 -4.08
C THR B 66 1.63 11.88 14.00
N LEU B 67 19.33 0.30 2.64
N LEU B 67 -15.69 -3.95 -8.65
N LEU B 67 0.42 -5.66 -4.24
N LEU B 67 0.77 12.15 14.99
CA LEU B 67 20.68 -0.27 2.71
CA LEU B 67 -16.12 -4.02 -10.06
CA LEU B 67 0.58 -6.80 -5.15
CA LEU B 67 -0.41 12.99 14.74
C LEU B 67 21.31 -0.02 1.32
C LEU B 67 -17.51 -3.35 -10.09
C LEU B 67 -0.21 -6.43 -6.41
C LEU B 67 -0.07 14.37 15.36
N HIS B 68 22.59 0.06 1.23
N HIS B 68 -17.91 -2.83 -11.20
N HIS B 68 0.14 -6.97 -7.52
N HIS B 68 -0.66 15.41 14.88
CA HIS B 68 23.23 0.25 -0.08
CA HIS B 68 -19.25 -2.23 -11.29
CA HIS B 68 -0.64 -6.68 -8.76
CA HIS B 68 -0.39 16.73 15.48
C HIS B 68 23.84 -1.12 -0.45
C HIS B 68 -20.10 -3.22 -12.09
C HIS B 68 -1.46 -7.93 -9.04
C HIS B 68 -1.64 17.08 16.29
N LEU B 69 23.65 -1.53 -1.70
N LEU B 69 -21.31 -3.48 -11.64
N LEU B 69 -2.73 -7.75 -9.37
N LEU B 69 -1.44 17.58 17.50
CA LEU B 69 24.24 -2.77 -2.19
CA LEU B 69 -22.25 -4.34 -12.35
CA LEU B 69 -3.61 -8.86 -9.74
CA LEU B 69 -2.55 18.02 18.34
C LEU B 69 25.37 -2.49 -3.13
C LEU B 69 -23.36 -3.56 -12.98
C LEU B 69 -3.88 -8.87 -11.22
C LEU B 69 -2.60 19.52 18.44
N VAL B 70 26.57 -2.87 -2.81
N VAL B 70 -23.46 -3.54 -14.27
N VAL B 70 -3.48 -9.87 -11.93
N VAL B 70 -3.64 20.13 17.96
CA VAL B 70 27.72 -2.72 -3.76
CA VAL B 70 -24.61 -2.86 -14.95
CA VAL B 70 -3.81 -9.98 -13.38
CA VAL B 70 -3.79 21.61 18.12
C VAL B 70 28.02 -4.16 -4.19
C VAL B 70 -25.46 -4.02 -15.48
C VAL B 70 -4.83 -11.13 -13.42
C VAL B 70 -4.93 21.74 19.14
N LEU B 71 28.31 -4.36 -5.46
N LEU B 71 -26.76 -3.91 -15.38
N LEU B 71 -5.87 -11.00 -14.22
N LEU B 71 -4.81 22.68 20.06
CA LEU B 71 28.64 -5.71 -5.95
CA LEU B 71 -27.66 -4.97 -15.89
CA LEU B 71 -6.87 -12.08 -14.35
CA LEU B 71 -5.86 22.91 21.07
C LEU B 71 30.14 -5.90 -5.98
C LEU B 71 -28.12 -4.61 -17.29
C LEU B 71 -6.55 -12.95 -15.53
C LEU B 71 -6.78 24.01 20.62
N MET A 1 6.38 18.40 -20.67
CA MET A 1 5.74 19.56 -20.05
C MET A 1 6.28 19.67 -18.60
N GLN A 2 6.34 20.88 -18.14
CA GLN A 2 6.81 21.11 -16.74
C GLN A 2 5.61 21.10 -15.81
N ILE A 3 5.80 20.45 -14.66
CA ILE A 3 4.77 20.47 -13.61
C ILE A 3 5.53 20.83 -12.30
N PHE A 4 4.75 21.23 -11.33
CA PHE A 4 5.40 21.59 -10.01
C PHE A 4 4.91 20.64 -8.96
N VAL A 5 5.74 20.16 -8.03
CA VAL A 5 5.27 19.32 -6.95
C VAL A 5 5.58 20.10 -5.65
N LYS A 6 4.57 20.50 -4.95
CA LYS A 6 4.78 21.30 -3.70
C LYS A 6 4.77 20.35 -2.53
N THR A 7 5.82 20.41 -1.68
CA THR A 7 5.88 19.52 -0.51
C THR A 7 5.42 20.27 0.74
N LEU A 8 5.24 19.58 1.84
CA LEU A 8 4.74 20.24 3.07
C LEU A 8 5.81 21.08 3.74
N THR A 9 7.06 21.03 3.24
CA THR A 9 8.08 21.90 3.94
C THR A 9 8.35 23.16 3.18
N GLY A 10 7.52 23.50 2.24
CA GLY A 10 7.67 24.69 1.43
C GLY A 10 8.68 24.63 0.33
N LYS A 11 9.10 23.43 0.00
CA LYS A 11 10.01 23.21 -1.12
C LYS A 11 9.11 22.84 -2.31
N THR A 12 9.42 23.38 -3.48
CA THR A 12 8.62 22.98 -4.66
C THR A 12 9.61 22.35 -5.64
N ILE A 13 9.25 21.19 -6.17
CA ILE A 13 10.23 20.60 -7.13
C ILE A 13 9.65 20.67 -8.52
N THR A 14 10.47 20.94 -9.51
CA THR A 14 9.89 20.97 -10.89
C THR A 14 10.25 19.66 -11.57
N LEU A 15 9.33 19.09 -12.33
CA LEU A 15 9.58 17.83 -13.01
C LEU A 15 9.25 18.02 -14.49
N GLU A 16 9.89 17.22 -15.31
CA GLU A 16 9.51 17.26 -16.76
C GLU A 16 8.85 15.92 -17.00
N VAL A 17 7.60 16.03 -17.42
CA VAL A 17 6.77 14.86 -17.67
C VAL A 17 5.93 15.04 -18.95
N GLU A 18 5.32 13.93 -19.31
CA GLU A 18 4.37 13.84 -20.41
C GLU A 18 3.06 13.38 -19.82
N PRO A 19 1.95 13.87 -20.34
CA PRO A 19 0.61 13.47 -19.90
C PRO A 19 0.43 11.98 -19.97
N SER A 20 1.19 11.31 -20.81
CA SER A 20 1.03 9.85 -20.98
C SER A 20 1.72 9.11 -19.87
N ASP A 21 2.49 9.83 -19.05
CA ASP A 21 3.19 9.10 -17.96
C ASP A 21 2.21 8.63 -16.92
N THR A 22 2.51 7.52 -16.30
CA THR A 22 1.71 6.99 -15.21
C THR A 22 2.16 7.68 -13.91
N ILE A 23 1.25 7.61 -12.94
CA ILE A 23 1.52 8.13 -11.60
C ILE A 23 2.72 7.40 -10.98
N GLU A 24 2.80 6.12 -11.24
CA GLU A 24 3.98 5.32 -10.73
C GLU A 24 5.27 5.90 -11.23
N CYS A 25 5.30 6.34 -12.52
CA CYS A 25 6.50 6.91 -13.13
C CYS A 25 6.85 8.24 -12.50
N VAL A 26 5.82 9.05 -12.28
CA VAL A 26 6.04 10.34 -11.65
C VAL A 26 6.71 10.15 -10.29
N LYS A 27 6.18 9.20 -9.52
CA LYS A 27 6.74 8.92 -8.19
C LYS A 27 8.19 8.48 -8.29
N ALA A 28 8.54 7.70 -9.30
CA ALA A 28 9.92 7.29 -9.53
C ALA A 28 10.80 8.47 -9.89
N LYS A 29 10.31 9.43 -10.66
CA LYS A 29 11.09 10.64 -10.97
C LYS A 29 11.35 11.47 -9.69
N ILE A 30 10.35 11.49 -8.81
CA ILE A 30 10.50 12.25 -7.55
C ILE A 30 11.53 11.50 -6.70
N GLN A 31 11.49 10.19 -6.69
CA GLN A 31 12.50 9.45 -5.86
C GLN A 31 13.90 9.76 -6.40
N ASP A 32 14.01 9.63 -7.70
CA ASP A 32 15.30 9.91 -8.37
C ASP A 32 15.83 11.29 -8.03
N LYS A 33 14.94 12.30 -7.98
CA LYS A 33 15.50 13.66 -7.74
C LYS A 33 15.53 14.13 -6.33
N GLU A 34 14.74 13.67 -5.41
CA GLU A 34 14.73 14.09 -4.02
C GLU A 34 14.92 12.96 -3.04
N GLY A 35 14.94 11.73 -3.52
CA GLY A 35 15.18 10.58 -2.69
C GLY A 35 14.07 10.02 -1.89
N ILE A 36 12.84 10.55 -2.06
CA ILE A 36 11.72 10.01 -1.29
C ILE A 36 11.20 8.72 -1.91
N PRO A 37 11.15 7.65 -1.13
CA PRO A 37 10.64 6.34 -1.58
C PRO A 37 9.21 6.46 -2.09
N PRO A 38 8.88 5.84 -3.19
CA PRO A 38 7.51 5.95 -3.73
C PRO A 38 6.45 5.52 -2.76
N ASP A 39 6.74 4.57 -1.90
CA ASP A 39 5.72 4.05 -0.95
C ASP A 39 5.34 5.08 0.11
N GLN A 40 6.16 6.11 0.23
CA GLN A 40 5.83 7.18 1.22
C GLN A 40 5.08 8.36 0.58
N GLN A 41 5.02 8.40 -0.74
CA GLN A 41 4.40 9.48 -1.46
C GLN A 41 2.90 9.36 -1.66
N ARG A 42 2.21 10.46 -1.32
CA ARG A 42 0.75 10.57 -1.60
C ARG A 42 0.62 11.80 -2.48
N LEU A 43 0.18 11.67 -3.73
CA LEU A 43 0.09 12.84 -4.63
C LEU A 43 -1.35 13.30 -4.76
N ILE A 44 -1.57 14.59 -4.57
CA ILE A 44 -2.91 15.19 -4.61
C ILE A 44 -3.02 16.28 -5.66
N PHE A 45 -4.11 16.19 -6.46
CA PHE A 45 -4.39 17.20 -7.50
C PHE A 45 -5.92 17.33 -7.53
N ALA A 46 -6.32 18.58 -7.46
CA ALA A 46 -7.74 18.98 -7.52
C ALA A 46 -8.59 18.14 -6.58
N GLY A 47 -8.08 17.99 -5.40
CA GLY A 47 -8.62 17.24 -4.29
C GLY A 47 -8.80 15.76 -4.47
N CYS A 48 -8.13 15.15 -5.41
CA CYS A 48 -8.12 13.71 -5.63
C CYS A 48 -6.78 13.12 -5.25
N GLN A 49 -6.74 11.97 -4.70
CA GLN A 49 -5.43 11.30 -4.47
C GLN A 49 -5.16 10.55 -5.77
N LEU A 50 -3.98 10.72 -6.33
CA LEU A 50 -3.65 10.11 -7.64
C LEU A 50 -3.29 8.65 -7.46
N GLU A 51 -3.77 7.80 -8.37
CA GLU A 51 -3.53 6.34 -8.25
C GLU A 51 -2.42 5.92 -9.18
N ASP A 52 -1.53 5.06 -8.79
CA ASP A 52 -0.35 4.62 -9.54
C ASP A 52 -0.48 4.20 -10.99
N GLY A 53 -1.50 3.45 -11.32
CA GLY A 53 -1.74 2.91 -12.67
C GLY A 53 -2.40 3.82 -13.65
N ARG A 54 -2.89 4.98 -13.21
CA ARG A 54 -3.49 5.96 -14.13
C ARG A 54 -2.37 6.83 -14.68
N THR A 55 -2.66 7.57 -15.72
CA THR A 55 -1.72 8.53 -16.36
C THR A 55 -2.16 9.94 -15.93
N LEU A 56 -1.27 10.90 -16.12
CA LEU A 56 -1.55 12.31 -15.83
C LEU A 56 -2.72 12.75 -16.70
N SER A 57 -2.80 12.25 -17.95
CA SER A 57 -3.93 12.69 -18.80
C SER A 57 -5.26 12.26 -18.24
N ASP A 58 -5.29 11.15 -17.53
CA ASP A 58 -6.56 10.64 -16.93
C ASP A 58 -7.20 11.71 -16.05
N TYR A 59 -6.37 12.41 -15.33
CA TYR A 59 -6.76 13.49 -14.42
C TYR A 59 -6.79 14.84 -15.09
N ASN A 60 -6.55 14.98 -16.38
CA ASN A 60 -6.58 16.32 -16.99
C ASN A 60 -5.58 17.25 -16.32
N ILE A 61 -4.36 16.77 -16.10
CA ILE A 61 -3.28 17.62 -15.54
C ILE A 61 -2.59 18.28 -16.73
N GLN A 62 -2.64 19.57 -16.85
CA GLN A 62 -2.07 20.32 -18.00
C GLN A 62 -0.74 20.97 -17.58
N LYS A 63 0.04 21.51 -18.58
CA LYS A 63 1.33 22.10 -18.24
C LYS A 63 1.17 23.16 -17.17
N GLU A 64 2.22 23.18 -16.36
CA GLU A 64 2.37 24.09 -15.26
C GLU A 64 1.44 23.96 -14.10
N SER A 65 0.81 22.79 -14.03
CA SER A 65 -0.07 22.42 -12.91
C SER A 65 0.84 22.18 -11.68
N THR A 66 0.25 22.25 -10.50
CA THR A 66 0.96 21.97 -9.25
C THR A 66 0.29 20.77 -8.56
N LEU A 67 1.06 19.74 -8.22
CA LEU A 67 0.49 18.62 -7.46
C LEU A 67 0.98 18.81 -6.00
N HIS A 68 0.26 18.31 -5.06
CA HIS A 68 0.72 18.43 -3.66
C HIS A 68 1.24 17.05 -3.26
N LEU A 69 2.38 17.02 -2.60
CA LEU A 69 2.96 15.77 -2.10
C LEU A 69 2.83 15.67 -0.60
N VAL A 70 2.10 14.73 -0.09
CA VAL A 70 2.03 14.52 1.38
C VAL A 70 2.81 13.21 1.60
N LEU A 71 3.60 13.15 2.65
CA LEU A 71 4.36 11.93 2.95
C LEU A 71 3.61 11.09 3.95
N ARG A 72 3.53 9.81 3.74
N ARG A 72 3.53 9.77 3.69
N ARG A 72 3.51 9.79 3.77
N ARG A 72 3.56 9.80 3.74
CA ARG A 72 2.80 8.94 4.69
CA ARG A 72 2.84 8.76 4.52
CA ARG A 72 2.75 8.99 4.74
CA ARG A 72 2.84 8.91 4.69
C ARG A 72 3.56 9.04 6.01
C ARG A 72 1.96 7.98 3.55
C ARG A 72 3.36 7.58 4.66
C ARG A 72 3.82 8.67 5.83
N LEU A 73 4.85 9.05 6.03
N LEU A 73 1.56 6.78 3.85
N LEU A 73 2.75 6.56 5.17
N LEU A 73 4.06 7.47 6.26
CA LEU A 73 5.58 9.15 7.32
CA LEU A 73 0.69 6.03 2.91
CA LEU A 73 3.36 5.22 5.09
CA LEU A 73 5.01 7.25 7.38
C LEU A 73 5.21 7.98 8.21
C LEU A 73 0.02 4.87 3.63
C LEU A 73 4.79 5.26 5.56
C LEU A 73 5.43 5.79 7.42
N ARG A 74 4.05 8.13 8.84
N ARG A 74 -1.23 4.66 3.26
N ARG A 74 5.03 6.22 6.46
N ARG A 74 6.74 5.62 7.42
CA ARG A 74 3.52 7.11 9.77
CA ARG A 74 -2.06 3.59 3.84
CA ARG A 74 6.37 6.43 7.03
CA ARG A 74 7.35 4.27 7.45
C ARG A 74 3.02 5.92 8.96
C ARG A 74 -2.85 2.91 2.73
C ARG A 74 6.78 5.17 7.79
C ARG A 74 7.76 3.95 8.89
N GLY A 75 3.42 4.74 9.39
N GLY A 75 -3.24 1.67 3.00
N GLY A 75 5.84 4.66 8.56
N GLY A 75 7.36 2.76 9.32
CA GLY A 75 3.06 3.49 8.77
CA GLY A 75 -3.99 0.85 2.06
CA GLY A 75 6.04 3.46 9.37
CA GLY A 75 7.64 2.27 10.66
C GLY A 75 3.55 2.24 9.47
C GLY A 75 -4.25 -0.58 2.53
C GLY A 75 4.78 2.90 10.00
C GLY A 75 7.88 0.77 10.76
N GLY A 76 3.14 1.11 8.93
N GLY A 76 -5.02 -1.27 1.71
N GLY A 76 4.98 1.79 10.69
N GLY A 76 8.53 0.41 11.84
CA GLY A 76 3.49 -0.23 9.41
CA GLY A 76 -5.41 -2.67 1.92
CA GLY A 76 3.93 1.05 11.41
CA GLY A 76 8.87 -0.98 12.19
C GLY A 76 5.01 -0.40 9.33
C GLY A 76 -6.89 -2.70 2.32
C GLY A 76 3.76 -0.32 10.75
C GLY A 76 7.59 -1.82 12.13
N MET B 1 8.76 -6.60 7.38
N MET B 1 -12.60 -12.72 0.15
N MET B 1 -1.63 -7.00 9.21
N MET B 1 -0.64 -1.40 19.36
CA MET B 1 8.98 -5.14 7.30
CA MET B 1 -12.71 -11.26 0.28
CA MET B 1 -0.95 -5.94 8.45
CA MET B 1 0.48 -0.81 18.61
C MET B 1 9.59 -4.84 5.92
C MET B 1 -14.01 -10.84 -0.43
C MET B 1 -1.83 -5.59 7.24
C MET B 1 0.82 0.54 19.30
N GLN B 2 9.29 -3.68 5.43
N GLN B 2 -14.58 -9.79 0.08
N GLN B 2 -1.75 -4.35 6.85
N GLN B 2 2.08 0.87 19.20
CA GLN B 2 9.86 -3.27 4.12
CA GLN B 2 -15.85 -9.27 -0.55
CA GLN B 2 -2.55 -3.91 5.66
CA GLN B 2 2.52 2.17 19.79
C GLN B 2 11.18 -2.54 4.35
C GLN B 2 -15.47 -8.23 -1.60
C GLN B 2 -1.69 -4.10 4.41
C GLN B 2 2.43 3.26 18.73
N ILE B 3 12.15 -2.85 3.51
N ILE B 3 -16.17 -8.31 -2.73
N ILE B 3 -2.33 -4.60 3.36
N ILE B 3 1.94 4.42 19.16
CA ILE B 3 13.43 -2.12 3.52
CA ILE B 3 -16.03 -7.28 -3.77
CA ILE B 3 -1.67 -4.68 2.04
CA ILE B 3 1.93 5.60 18.27
C ILE B 3 13.72 -1.73 2.05
C ILE B 3 -17.47 -6.87 -4.15
C ILE B 3 -2.68 -4.06 1.02
C ILE B 3 2.54 6.76 19.12
N PHE B 4 14.62 -0.79 1.91
N PHE B 4 -17.53 -5.73 -4.81
N PHE B 4 -2.13 -3.74 -0.12
N PHE B 4 2.92 7.79 18.40
CA PHE B 4 14.97 -0.35 0.51
CA PHE B 4 -18.90 -5.24 -5.23
CA PHE B 4 -3.03 -3.15 -1.19
CA PHE B 4 3.53 8.96 19.13
C PHE B 4 16.41 -0.68 0.24
C PHE B 4 -18.96 -5.21 -6.73
C PHE B 4 -3.09 -4.08 -2.36
C PHE B 4 2.63 10.16 18.93
N VAL B 5 16.80 -1.16 -0.93
N VAL B 5 -20.06 -5.59 -7.38
N VAL B 5 -4.22 -4.29 -3.01
N VAL B 5 2.39 11.01 19.93
CA VAL B 5 18.19 -1.41 -1.24
CA VAL B 5 -20.18 -5.49 -8.82
CA VAL B 5 -4.29 -5.11 -4.20
CA VAL B 5 1.61 12.20 19.75
C VAL B 5 18.52 -0.48 -2.44
C VAL B 5 -21.36 -4.52 -9.07
C VAL B 5 -4.77 -4.17 -5.33
C VAL B 5 2.57 13.38 20.07
N LYS B 6 19.37 0.47 -2.22
N LYS B 6 -21.08 -3.39 -9.63
N LYS B 6 -3.94 -3.94 -6.28
N LYS B 6 2.88 14.17 19.10
CA LYS B 6 19.71 1.45 -3.31
CA LYS B 6 -22.17 -2.38 -9.87
CA LYS B 6 -4.31 -3.00 -7.41
CA LYS B 6 3.84 15.30 19.33
C LYS B 6 20.96 0.95 -4.00
C LYS B 6 -22.67 -2.55 -11.27
C LYS B 6 -4.85 -3.82 -8.54
C LYS B 6 3.03 16.55 19.61
N THR B 7 20.91 0.83 -5.35
N THR B 7 -24.00 -2.70 -11.45
N THR B 7 -6.06 -3.48 -9.04
N THR B 7 3.35 17.23 20.73
CA THR B 7 22.10 0.36 -6.08
CA THR B 7 -24.56 -2.87 -12.79
CA THR B 7 -6.64 -4.24 -10.16
CA THR B 7 2.61 18.46 21.07
C THR B 7 22.83 1.56 -6.68
C THR B 7 -25.11 -1.54 -13.29
C THR B 7 -6.39 -3.48 -11.46
C THR B 7 3.41 19.69 20.64
N LEU B 8 24.02 1.35 -7.22
N LEU B 8 -25.49 -1.45 -14.55
N LEU B 8 -6.68 -4.10 -12.60
N LEU B 8 2.84 20.86 20.71
CA LEU B 8 24.81 2.47 -7.78
CA LEU B 8 -25.99 -0.19 -15.11
CA LEU B 8 -6.44 -3.45 -13.90
CA LEU B 8 3.53 22.08 20.27
C LEU B 8 24.25 2.98 -9.09
C LEU B 8 -27.39 0.16 -14.64
C LEU B 8 -7.43 -2.34 -14.20
C LEU B 8 4.61 22.53 21.25
N THR B 9 23.24 2.31 -9.66
N THR B 9 -28.04 -0.76 -13.90
N THR B 9 -8.46 -2.18 -13.36
N THR B 9 4.69 21.87 22.42
CA THR B 9 22.72 2.86 -10.96
CA THR B 9 -29.41 -0.37 -13.45
CA THR B 9 -9.41 -1.06 -13.70
CA THR B 9 5.77 22.33 23.35
C THR B 9 21.45 3.63 -10.78
C THR B 9 -29.44 0.07 -12.01
C THR B 9 -9.18 0.15 -12.86
C THR B 9 6.97 21.43 23.33
N GLY B 10 21.12 3.98 -9.57
N GLY B 10 -28.31 0.34 -11.45
N GLY B 10 -8.06 0.24 -12.20
N GLY B 10 7.07 20.59 22.35
CA GLY B 10 19.93 4.73 -9.24
CA GLY B 10 -28.17 0.78 -10.08
CA GLY B 10 -7.70 1.36 -11.36
CA GLY B 10 8.17 19.67 22.20
C GLY B 10 18.65 3.95 -9.24
C GLY B 10 -28.29 -0.29 -9.04
C GLY B 10 -8.35 1.40 -10.01
C GLY B 10 8.14 18.46 23.08
N LYS B 11 18.75 2.65 -9.18
N LYS B 11 -28.16 -1.52 -9.44
N LYS B 11 -8.91 0.30 -9.59
N LYS B 11 7.00 18.18 23.64
CA LYS B 11 17.60 1.78 -9.05
CA LYS B 11 -28.14 -2.66 -8.53
CA LYS B 11 -9.49 0.16 -8.27
CA LYS B 11 6.79 16.97 24.43
C LYS B 11 17.48 1.47 -7.55
C LYS B 11 -26.64 -2.96 -8.28
C LYS B 11 -8.39 -0.49 -7.40
C LYS B 11 6.16 15.94 23.46
N THR B 12 16.26 1.48 -7.04
N THR B 12 -26.30 -3.24 -7.04
N THR B 12 -8.23 0.01 -6.19
N THR B 12 6.61 14.70 23.55
CA THR B 12 16.10 1.11 -5.62
CA THR B 12 -24.89 -3.61 -6.78
CA THR B 12 -7.24 -0.65 -5.30
CA THR B 12 5.97 13.68 22.69
C THR B 12 15.18 -0.11 -5.60
C THR B 12 -24.94 -5.03 -6.19
C THR B 12 -8.02 -1.15 -4.08
C THR B 12 5.40 12.64 23.64
N ILE B 13 15.59 -1.13 -4.87
N ILE B 13 -24.10 -5.92 -6.74
N ILE B 13 -7.81 -2.40 -3.72
N ILE B 13 4.14 12.27 23.43
CA ILE B 13 14.68 -2.31 -4.85
CA ILE B 13 -24.16 -7.28 -6.14
CA ILE B 13 -8.57 -2.87 -2.52
CA ILE B 13 3.60 11.24 24.36
C ILE B 13 14.02 -2.42 -3.50
C ILE B 13 -22.90 -7.52 -5.36
C ILE B 13 -7.63 -3.04 -1.37
C ILE B 13 3.42 9.95 23.62
N THR B 14 12.76 -2.79 -3.44
N THR B 14 -22.98 -8.19 -4.23
N THR B 14 -8.04 -2.69 -0.17
N THR B 14 3.71 8.83 24.26
CA THR B 14 12.16 -2.93 -2.09
CA THR B 14 -21.71 -8.46 -3.50
CA THR B 14 -7.11 -2.91 0.97
CA THR B 14 3.49 7.55 23.53
C THR B 14 12.10 -4.40 -1.74
C THR B 14 -21.31 -9.89 -3.77
C THR B 14 -7.53 -4.15 1.70
C THR B 14 2.20 6.94 24.01
N LEU B 15 12.39 -4.77 -0.51
N LEU B 15 -20.03 -10.16 -3.96
N LEU B 15 -6.60 -4.98 2.14
N LEU B 15 1.40 6.38 23.12
CA LEU B 15 12.40 -6.15 -0.08
CA LEU B 15 -19.55 -11.50 -4.24
CA LEU B 15 -6.91 -6.21 2.83
CA LEU B 15 0.14 5.78 23.49
C LEU B 15 11.49 -6.29 1.14
C LEU B 15 -18.45 -11.84 -3.23
C LEU B 15 -6.15 -6.22 4.16
C LEU B 15 0.11 4.34 22.96
N GLU B 16 10.95 -7.47 1.32
N GLU B 16 -18.28 -13.12 -2.99
N GLU B 16 -6.69 -6.95 5.10
N GLU B 16 -0.68 3.52 23.62
CA GLU B 16 10.17 -7.69 2.58
CA GLU B 16 -17.12 -13.50 -2.12
CA GLU B 16 -5.91 -7.10 6.37
CA GLU B 16 -0.84 2.14 23.07
C GLU B 16 11.02 -8.67 3.36
C GLU B 16 -16.20 -14.23 -3.07
C GLU B 16 -5.52 -8.57 6.38
C GLU B 16 -2.29 2.12 22.61
N VAL B 17 11.39 -8.20 4.54
N VAL B 17 -15.00 -13.67 -3.15
N VAL B 17 -4.21 -8.76 6.42
N VAL B 17 -2.42 1.86 21.32
CA VAL B 17 12.24 -8.96 5.44
CA VAL B 17 -13.96 -14.18 -4.03
CA VAL B 17 -3.62 -10.09 6.38
CA VAL B 17 -3.72 1.82 20.67
C VAL B 17 11.77 -8.84 6.90
C VAL B 17 -12.59 -14.17 -3.35
C VAL B 17 -2.45 -10.20 7.36
C VAL B 17 -3.82 0.66 19.67
N GLU B 18 12.40 -9.67 7.69
N GLU B 18 -11.68 -14.80 -4.06
N GLU B 18 -2.03 -11.45 7.48
N GLU B 18 -5.04 0.50 19.22
CA GLU B 18 12.23 -9.69 9.15
CA GLU B 18 -10.26 -14.85 -3.69
CA GLU B 18 -0.85 -11.82 8.26
CA GLU B 18 -5.39 -0.47 18.17
C GLU B 18 13.60 -9.40 9.75
C GLU B 18 -9.50 -14.22 -4.87
C GLU B 18 0.11 -12.49 7.29
C GLU B 18 -5.98 0.34 17.03
N PRO B 19 13.63 -8.69 10.86
N PRO B 19 -8.44 -13.51 -4.56
N PRO B 19 1.40 -12.29 7.49
N PRO B 19 -5.72 -0.07 15.80
CA PRO B 19 14.87 -8.38 11.56
CA PRO B 19 -7.59 -12.89 -5.59
CA PRO B 19 2.43 -12.92 6.65
CA PRO B 19 -6.27 0.58 14.61
C PRO B 19 15.65 -9.62 11.90
C PRO B 19 -7.10 -13.90 -6.60
C PRO B 19 2.30 -14.42 6.62
C PRO B 19 -7.78 0.67 14.67
N SER B 20 14.97 -10.75 12.00
N SER B 20 -7.03 -15.16 -6.20
N SER B 20 1.68 -14.98 7.64
N SER B 20 -8.41 -0.21 15.42
CA SER B 20 15.64 -12.00 12.39
CA SER B 20 -6.51 -16.20 -7.09
CA SER B 20 1.56 -16.45 7.72
CA SER B 20 -9.88 -0.22 15.48
C SER B 20 16.35 -12.61 11.21
C SER B 20 -7.57 -16.63 -8.09
C SER B 20 0.41 -16.94 6.84
C SER B 20 -10.39 0.85 16.42
N ASP B 21 16.14 -12.05 10.01
N ASP B 21 -8.80 -16.17 -7.91
N ASP B 21 -0.37 -16.01 6.31
N ASP B 21 -9.47 1.50 17.15
CA ASP B 21 16.81 -12.66 8.84
CA ASP B 21 -9.85 -16.60 -8.87
CA ASP B 21 -1.50 -16.48 5.46
CA ASP B 21 -9.95 2.54 18.10
C ASP B 21 18.30 -12.37 8.90
C ASP B 21 -9.62 -15.95 -10.21
C ASP B 21 -0.98 -17.04 4.16
C ASP B 21 -10.45 3.74 17.32
N THR B 22 19.08 -13.29 8.37
N THR B 22 -9.99 -16.66 -11.25
N THR B 22 -1.68 -18.01 3.64
N THR B 22 -11.44 4.42 17.88
CA THR B 22 20.51 -13.12 8.26
CA THR B 22 -9.92 -16.14 -12.60
CA THR B 22 -1.37 -18.59 2.35
CA THR B 22 -11.95 5.64 17.31
C THR B 22 20.81 -12.32 6.99
C THR B 22 -11.19 -15.30 -12.87
C THR B 22 -1.99 -17.71 1.25
C THR B 22 -11.05 6.81 17.79
N ILE B 23 22.02 -11.74 6.99
N ILE B 23 -11.06 -14.45 -13.89
N ILE B 23 -1.44 -17.89 0.05
N ILE B 23 -11.16 7.90 17.02
CA ILE B 23 22.51 -11.02 5.83
CA ILE B 23 -12.19 -13.64 -14.34
CA ILE B 23 -1.97 -17.20 -1.13
CA ILE B 23 -10.47 9.13 17.37
C ILE B 23 22.61 -11.95 4.62
C ILE B 23 -13.33 -14.54 -14.83
C ILE B 23 -3.41 -17.62 -1.38
C ILE B 23 -10.94 9.64 18.73
N GLU B 24 23.00 -13.18 4.86
N GLU B 24 -12.98 -15.64 -15.46
N GLU B 24 -3.71 -18.87 -1.15
N GLU B 24 -12.21 9.49 19.00
CA GLU B 24 23.07 -14.19 3.75
CA GLU B 24 -14.02 -16.62 -15.92
CA GLU B 24 -5.11 -19.36 -1.30
CA GLU B 24 -12.75 9.91 20.33
C GLU B 24 21.72 -14.34 3.10
C GLU B 24 -14.84 -17.09 -14.76
C GLU B 24 -6.06 -18.57 -0.42
C GLU B 24 -12.04 9.18 21.45
N ASN B 25 20.66 -14.35 3.89
N ASN B 25 -14.19 -17.35 -13.63
N ASN B 25 -5.63 -18.27 0.79
N ASN B 25 -11.77 7.91 21.25
CA ASN B 25 19.27 -14.48 3.42
CA ASN B 25 -14.82 -17.83 -12.39
CA ASN B 25 -6.40 -17.52 1.78
CA ASN B 25 -11.08 7.04 22.22
C ASN B 25 18.84 -13.29 2.57
C ASN B 25 -15.77 -16.79 -11.81
C ASN B 25 -6.64 -16.08 1.32
C ASN B 25 -9.64 7.50 22.46
N VAL B 26 19.20 -12.11 3.07
N VAL B 26 -15.29 -15.56 -11.80
N VAL B 26 -5.58 -15.48 0.81
N VAL B 26 -8.98 7.80 21.35
CA VAL B 26 18.88 -10.88 2.35
CA VAL B 26 -16.09 -14.45 -11.29
CA VAL B 26 -5.66 -14.12 0.30
CA VAL B 26 -7.60 8.28 21.42
C VAL B 26 19.51 -10.93 0.97
C VAL B 26 -17.39 -14.37 -12.11
C VAL B 26 -6.71 -14.05 -0.80
C VAL B 26 -7.55 9.54 22.26
N LYS B 27 20.79 -11.33 0.92
N LYS B 27 -17.24 -14.44 -13.42
N LYS B 27 -6.65 -15.02 -1.71
N LYS B 27 -8.47 10.46 22.00
CA LYS B 27 21.51 -11.41 -0.36
CA LYS B 27 -18.42 -14.36 -14.31
CA LYS B 27 -7.61 -15.06 -2.83
CA LYS B 27 -8.53 11.72 22.75
C LYS B 27 20.83 -12.40 -1.29
C LYS B 27 -19.39 -15.50 -14.02
C LYS B 27 -9.04 -15.20 -2.31
C LYS B 27 -8.74 11.46 24.23
N ALA B 28 20.32 -13.50 -0.77
N ALA B 28 -18.88 -16.68 -13.73
N ALA B 28 -9.24 -15.97 -1.26
N ALA B 28 -9.56 10.49 24.57
CA ALA B 28 19.59 -14.49 -1.58
CA ALA B 28 -19.73 -17.83 -13.37
CA ALA B 28 -10.56 -16.11 -0.65
CA ALA B 28 -9.79 10.12 25.97
C ALA B 28 18.29 -13.90 -2.10
C ALA B 28 -20.45 -17.59 -12.06
C ALA B 28 -11.03 -14.81 -0.02
C ALA B 28 -8.54 9.54 26.60
N LYS B 29 17.58 -13.11 -1.33
N LYS B 29 -19.81 -16.97 -11.07
N LYS B 29 -10.14 -14.05 0.60
N LYS B 29 -7.75 8.76 25.87
CA LYS B 29 16.36 -12.43 -1.82
CA LYS B 29 -20.47 -16.63 -9.80
CA LYS B 29 -10.51 -12.73 1.16
CA LYS B 29 -6.46 8.24 26.40
C LYS B 29 16.68 -11.46 -2.95
C LYS B 29 -21.60 -15.62 -10.02
C LYS B 29 -10.93 -11.76 0.03
C LYS B 29 -5.48 9.39 26.66
N ILE B 30 17.83 -10.78 -2.83
N ILE B 30 -21.37 -14.68 -10.95
N ILE B 30 -10.23 -11.86 -1.10
N ILE B 30 -5.51 10.40 25.78
CA ILE B 30 18.22 -9.82 -3.87
CA ILE B 30 -22.39 -13.67 -11.24
CA ILE B 30 -10.56 -10.98 -2.24
CA ILE B 30 -4.60 11.54 25.96
C ILE B 30 18.57 -10.64 -5.11
C ILE B 30 -23.54 -14.39 -11.95
C ILE B 30 -11.93 -11.43 -2.77
C ILE B 30 -5.09 12.32 27.19
N GLN B 31 19.24 -11.76 -4.96
N GLN B 31 -23.25 -15.32 -12.83
N GLN B 31 -12.18 -12.72 -2.82
N GLN B 31 -6.39 12.44 27.36
CA GLN B 31 19.58 -12.57 -6.17
CA GLN B 31 -24.38 -16.03 -13.51
CA GLN B 31 -13.52 -13.15 -3.33
CA GLN B 31 -6.87 13.19 28.57
C GLN B 31 18.28 -13.01 -6.86
C GLN B 31 -25.21 -16.79 -12.46
C GLN B 31 -14.62 -12.60 -2.40
C GLN B 31 -6.40 12.44 29.83
N ASP B 32 17.40 -13.54 -6.04
N ASP B 32 -24.48 -17.50 -11.64
N ASP B 32 -14.38 -12.83 -1.12
N ASP B 32 -6.66 11.16 29.81
CA ASP B 32 16.08 -14.00 -6.54
CA ASP B 32 -25.12 -18.29 -10.56
CA ASP B 32 -15.33 -12.35 -0.09
CA ASP B 32 -6.26 10.30 30.94
C ASP B 32 15.36 -12.91 -7.32
C ASP B 32 -26.02 -17.41 -9.70
C ASP B 32 -15.61 -10.86 -0.23
C ASP B 32 -4.80 10.45 31.28
N LYS B 33 15.41 -11.66 -6.80
N LYS B 33 -25.57 -16.19 -9.37
N LYS B 33 -14.57 -10.06 -0.51
N LYS B 33 -3.93 10.51 30.25
CA LYS B 33 14.61 -10.63 -7.52
CA LYS B 33 -26.43 -15.39 -8.45
CA LYS B 33 -14.86 -8.60 -0.55
CA LYS B 33 -2.49 10.56 30.60
C LYS B 33 15.32 -9.83 -8.56
C LYS B 33 -27.41 -14.45 -9.08
C LYS B 33 -15.18 -8.01 -1.87
C LYS B 33 -1.85 11.90 30.72
N GLU B 34 16.61 -9.65 -8.56
N GLU B 34 -27.25 -13.96 -10.27
N GLU B 34 -14.80 -8.53 -3.00
N GLU B 34 -2.33 12.96 30.13
CA GLU B 34 17.35 -8.89 -9.54
CA GLU B 34 -28.16 -13.05 -10.93
CA GLU B 34 -15.10 -8.01 -4.32
CA GLU B 34 -1.77 14.30 30.22
C GLU B 34 18.45 -9.66 -10.23
C GLU B 34 -28.67 -13.54 -12.26
C GLU B 34 -15.80 -8.98 -5.22
C GLU B 34 -2.74 15.33 30.70
N GLY B 35 18.70 -10.87 -9.78
N GLY B 35 -28.14 -14.66 -12.75
N GLY B 35 -15.96 -10.22 -4.79
N GLY B 35 -4.00 14.98 30.86
CA GLY B 35 19.67 -11.74 -10.40
CA GLY B 35 -28.59 -15.26 -13.97
CA GLY B 35 -16.68 -11.22 -5.54
CA GLY B 35 -5.00 15.86 31.39
C GLY B 35 21.10 -11.56 -10.07
C GLY B 35 -28.09 -14.73 -15.25
C GLY B 35 -15.99 -11.92 -6.64
C GLY B 35 -5.63 16.84 30.49
N ILE B 36 21.42 -10.66 -9.13
N ILE B 36 -27.15 -13.77 -15.21
N ILE B 36 -14.68 -11.67 -6.82
N ILE B 36 -5.31 16.80 29.18
CA ILE B 36 22.83 -10.47 -8.77
CA ILE B 36 -26.64 -13.22 -16.48
CA ILE B 36 -13.97 -12.36 -7.91
CA ILE B 36 -5.93 17.76 28.26
C ILE B 36 23.32 -11.56 -7.85
C ILE B 36 -25.60 -14.16 -17.09
C ILE B 36 -13.60 -13.78 -7.51
C ILE B 36 -7.34 17.33 27.89
N PRO B 37 24.39 -12.24 -8.23
N PRO B 37 -25.81 -14.56 -18.33
N PRO B 37 -14.01 -14.76 -8.29
N PRO B 37 -8.31 18.21 28.12
CA PRO B 37 25.00 -13.31 -7.41
CA PRO B 37 -24.87 -15.43 -19.07
CA PRO B 37 -13.70 -16.19 -8.05
CA PRO B 37 -9.73 17.95 27.77
C PRO B 37 25.40 -12.78 -6.05
C PRO B 37 -23.49 -14.80 -19.14
C PRO B 37 -12.20 -16.40 -7.97
C PRO B 37 -9.88 17.63 26.30
N PRO B 38 25.15 -13.52 -4.99
N PRO B 38 -22.44 -15.56 -18.93
N PRO B 38 -11.71 -17.18 -7.04
N PRO B 38 -10.67 16.64 25.95
CA PRO B 38 25.50 -13.04 -3.64
CA PRO B 38 -21.09 -14.99 -18.97
CA PRO B 38 -10.27 -17.40 -6.93
CA PRO B 38 -10.83 16.28 24.53
C PRO B 38 26.96 -12.71 -3.49
C PRO B 38 -20.77 -14.32 -20.27
C PRO B 38 -9.65 -17.96 -8.18
C PRO B 38 -11.31 17.43 23.67
N ASP B 39 27.82 -13.41 -4.17
N ASP B 39 -21.31 -14.80 -21.37
N ASP B 39 -10.38 -18.75 -8.93
N ASP B 39 -12.11 18.31 24.22
CA ASP B 39 29.28 -13.18 -4.02
CA ASP B 39 -20.99 -14.21 -22.70
CA ASP B 39 -9.81 -19.38 -10.16
CA ASP B 39 -12.66 19.44 23.42
C ASP B 39 29.72 -11.83 -4.58
C ASP B 39 -21.54 -12.80 -22.86
C ASP B 39 -9.53 -18.36 -11.25
C ASP B 39 -11.59 20.44 23.00
N GLN B 40 28.86 -11.21 -5.37
N GLN B 40 -22.46 -12.42 -21.99
N GLN B 40 -10.08 -17.17 -11.11
N GLN B 40 -10.43 20.37 23.63
CA GLN B 40 29.20 -9.88 -5.91
CA GLN B 40 -23.02 -11.05 -22.07
CA GLN B 40 -9.83 -16.12 -12.12
CA GLN B 40 -9.33 21.28 23.26
C GLN B 40 28.61 -8.74 -5.06
C GLN B 40 -22.31 -10.08 -21.12
C GLN B 40 -8.69 -15.18 -11.69
C GLN B 40 -8.36 20.64 22.27
N GLN B 41 27.74 -9.04 -4.12
N GLN B 41 -21.47 -10.59 -20.24
N GLN B 41 -8.24 -15.26 -10.47
N GLN B 41 -8.46 19.35 22.04
CA GLN B 41 27.08 -8.08 -3.29
CA GLN B 41 -20.77 -9.79 -19.25
CA GLN B 41 -7.21 -14.40 -9.93
CA GLN B 41 -7.59 18.62 21.16
C GLN B 41 27.86 -7.63 -2.06
C GLN B 41 -19.48 -9.15 -19.72
C GLN B 41 -5.80 -14.84 -10.20
C GLN B 41 -7.95 18.65 19.69
N ARG B 42 27.95 -6.31 -1.91
N ARG B 42 -19.38 -7.85 -19.47
N ARG B 42 -5.00 -13.89 -10.69
N ARG B 42 -6.95 18.97 18.88
CA ARG B 42 28.53 -5.70 -0.67
CA ARG B 42 -18.10 -7.10 -19.71
CA ARG B 42 -3.53 -14.09 -10.85
CA ARG B 42 -7.08 18.88 17.40
C ARG B 42 27.42 -4.83 -0.11
C ARG B 42 -17.73 -6.53 -18.36
C ARG B 42 -2.89 -13.01 -10.02
C ARG B 42 -5.99 17.92 16.96
N LEU B 43 26.88 -5.13 1.07
N LEU B 43 -16.61 -6.92 -17.77
N LEU B 43 -2.15 -13.33 -8.96
N LEU B 43 -6.32 16.76 16.40
CA LEU B 43 25.76 -4.33 1.62
CA LEU B 43 -16.24 -6.42 -16.42
CA LEU B 43 -1.56 -12.29 -8.10
CA LEU B 43 -5.28 15.77 16.02
C LEU B 43 26.28 -3.40 2.71
C LEU B 43 -15.14 -5.37 -16.54
C LEU B 43 -0.06 -12.15 -8.40
C LEU B 43 -5.07 15.80 14.51
N ILE B 44 25.91 -2.13 2.60
N ILE B 44 -15.35 -4.24 -15.89
N ILE B 44 0.38 -10.92 -8.61
N ILE B 44 -3.81 15.90 14.10
CA ILE B 44 26.35 -1.09 3.53
CA ILE B 44 -14.42 -3.12 -15.94
CA ILE B 44 1.76 -10.61 -8.96
CA ILE B 44 -3.43 16.00 12.69
C ILE B 44 25.18 -0.40 4.21
C ILE B 44 -13.93 -2.72 -14.55
C ILE B 44 2.40 -9.66 -7.96
C ILE B 44 -2.48 14.87 12.28
N PHE B 45 25.29 -0.28 5.56
N PHE B 45 -12.59 -2.55 -14.46
N PHE B 45 3.63 -10.05 -7.52
N PHE B 45 -2.83 14.24 11.14
CA PHE B 45 24.27 0.42 6.36
CA PHE B 45 -11.95 -2.11 -13.20
CA PHE B 45 4.41 -9.22 -6.59
CA PHE B 45 -2.00 13.16 10.56
C PHE B 45 25.05 1.13 7.49
C PHE B 45 -10.77 -1.23 -13.62
C PHE B 45 5.88 -9.41 -7.01
C PHE B 45 -2.11 13.33 9.04
N ALA B 46 24.74 2.40 7.59
N ALA B 46 -10.77 -0.07 -12.99
N ALA B 46 6.51 -8.27 -7.16
N ALA B 46 -0.93 13.34 8.46
CA ALA B 46 25.29 3.30 8.61
CA ALA B 46 -9.73 0.95 -13.17
CA ALA B 46 7.93 -8.17 -7.52
CA ALA B 46 -0.76 13.43 7.00
C ALA B 46 26.80 3.17 8.69
C ALA B 46 -9.46 1.19 -14.65
C ALA B 46 8.27 -9.08 -8.68
C ALA B 46 -1.62 14.55 6.42
N GLY B 47 27.39 3.17 7.52
N GLY B 47 -10.53 1.33 -15.37
N GLY B 47 7.43 -9.03 -9.67
N GLY B 47 -1.56 15.66 7.07
CA GLY B 47 28.79 3.05 7.24
CA GLY B 47 -10.63 1.56 -16.78
CA GLY B 47 7.45 -9.75 -10.90
CA GLY B 47 -2.24 16.89 6.81
C GLY B 47 29.48 1.78 7.66
C GLY B 47 -10.07 0.50 -17.70
C GLY B 47 7.35 -11.26 -10.82
C GLY B 47 -3.75 16.87 6.84
N LYS B 48 28.76 0.72 7.84
N LYS B 48 -9.92 -0.70 -17.23
N LYS B 48 6.83 -11.78 -9.74
N LYS B 48 -4.33 15.91 7.51
CA LYS B 48 29.33 -0.58 8.21
CA LYS B 48 -9.43 -1.82 -18.05
CA LYS B 48 6.64 -13.23 -9.58
CA LYS B 48 -5.80 15.83 7.66
C LYS B 48 29.06 -1.54 7.04
C LYS B 48 -10.59 -2.83 -18.17
C LYS B 48 5.11 -13.48 -9.50
C LYS B 48 -6.12 16.03 9.15
N GLN B 49 29.98 -2.40 6.72
N GLN B 49 -10.74 -3.46 -19.31
N GLN B 49 4.64 -14.55 -10.07
N GLN B 49 -7.19 16.70 9.46
CA GLN B 49 29.72 -3.44 5.68
CA GLN B 49 -11.76 -4.53 -19.46
CA GLN B 49 3.21 -14.91 -9.93
CA GLN B 49 -7.62 16.82 10.88
C GLN B 49 29.04 -4.57 6.45
C GLN B 49 -11.03 -5.79 -18.97
C GLN B 49 3.16 -15.70 -8.61
C GLN B 49 -8.45 15.56 11.11
N LEU B 50 27.92 -5.06 5.97
N LEU B 50 -11.63 -6.54 -18.09
N LEU B 50 2.25 -15.35 -7.73
N LEU B 50 -8.18 14.84 12.17
CA LEU B 50 27.14 -6.09 6.67
CA LEU B 50 -10.98 -7.73 -17.49
CA LEU B 50 2.18 -15.98 -6.40
CA LEU B 50 -8.85 13.56 12.45
C LEU B 50 27.77 -7.45 6.46
C LEU B 50 -11.06 -8.90 -18.45
C LEU B 50 1.48 -17.32 -6.49
C LEU B 50 -10.23 13.81 13.05
N GLU B 51 27.83 -8.28 7.51
N GLU B 51 -9.96 -9.66 -18.56
N GLU B 51 2.00 -18.33 -5.79
N GLU B 51 -11.24 13.06 12.62
CA GLU B 51 28.47 -9.60 7.40
CA GLU B 51 -9.94 -10.79 -19.51
CA GLU B 51 1.39 -19.68 -5.87
CA GLU B 51 -12.61 13.28 13.12
C GLU B 51 27.41 -10.67 7.27
C GLU B 51 -10.14 -12.08 -18.78
C GLU B 51 0.54 -19.95 -4.66
C GLU B 51 -12.96 12.25 14.16
N ASP B 52 27.59 -11.67 6.44
N ASP B 52 -10.89 -13.02 -19.31
N ASP B 52 -0.60 -20.58 -4.80
N ASP B 52 -13.63 12.59 15.22
CA ASP B 52 26.63 -12.73 6.16
CA ASP B 52 -11.25 -14.30 -18.68
CA ASP B 52 -1.58 -20.82 -3.74
CA ASP B 52 -13.97 11.73 16.35
C ASP B 52 25.94 -13.47 7.28
C ASP B 52 -10.19 -15.17 -18.03
C ASP B 52 -1.14 -21.39 -2.40
C ASP B 52 -14.56 10.35 16.13
N GLY B 53 26.65 -13.81 8.33
N GLY B 53 -9.05 -15.31 -18.65
N GLY B 53 -0.26 -22.36 -2.41
N GLY B 53 -15.49 10.23 15.21
CA GLY B 53 26.13 -14.58 9.48
CA GLY B 53 -7.94 -16.17 -18.19
CA GLY B 53 0.23 -23.06 -1.20
CA GLY B 53 -16.21 8.98 14.91
C GLY B 53 25.40 -13.80 10.52
C GLY B 53 -7.04 -15.56 -17.16
C GLY B 53 1.32 -22.39 -0.45
C GLY B 53 -15.52 8.03 14.00
N ARG B 54 25.42 -12.47 10.46
N ARG B 54 -7.15 -14.28 -16.87
N ARG B 54 1.92 -21.33 -0.98
N ARG B 54 -14.41 8.42 13.37
CA ARG B 54 24.67 -11.63 11.41
CA ARG B 54 -6.34 -13.63 -15.81
CA ARG B 54 2.95 -20.56 -0.26
CA ARG B 54 -13.63 7.50 12.51
C ARG B 54 23.25 -11.47 10.89
C ARG B 54 -7.05 -13.85 -14.49
C ARG B 54 2.27 -19.54 0.62
C ARG B 54 -12.67 6.73 13.39
N THR B 55 22.35 -11.02 11.72
N THR B 55 -6.35 -13.61 -13.40
N THR B 55 2.99 -18.97 1.55
N THR B 55 -12.10 5.68 12.87
CA THR B 55 20.94 -10.74 11.37
CA THR B 55 -6.90 -13.70 -12.03
CA THR B 55 2.51 -17.91 2.45
CA THR B 55 -11.10 4.83 13.55
C THR B 55 20.80 -9.22 11.25
C THR B 55 -7.11 -12.24 -11.54
C THR B 55 3.11 -16.57 1.94
C THR B 55 -9.72 5.19 12.95
N LEU B 56 19.72 -8.79 10.64
N LEU B 56 -7.88 -12.11 -10.47
N LEU B 56 2.55 -15.48 2.42
N LEU B 56 -8.67 4.79 13.63
CA LEU B 56 19.40 -7.36 10.49
CA LEU B 56 -8.13 -10.81 -9.84
CA LEU B 56 3.04 -14.14 2.09
CA LEU B 56 -7.29 5.00 13.16
C LEU B 56 19.25 -6.76 11.89
C LEU B 56 -6.79 -10.24 -9.37
C LEU B 56 4.48 -14.02 2.59
C LEU B 56 -7.13 4.25 11.84
N SER B 57 18.69 -7.53 12.84
N SER B 57 -5.88 -11.11 -8.89
N SER B 57 4.78 -14.64 3.74
N SER B 57 -7.77 3.08 11.70
CA SER B 57 18.54 -6.94 14.20
CA SER B 57 -4.59 -10.56 -8.42
CA SER B 57 6.18 -14.51 4.23
CA SER B 57 -7.61 2.35 10.42
C SER B 57 19.87 -6.62 14.83
C SER B 57 -3.80 -9.92 -9.54
C SER B 57 7.17 -15.15 3.30
C SER B 57 -8.16 3.12 9.25
N ASP B 58 20.91 -7.38 14.49
N ASP B 58 -3.97 -10.40 -10.75
N ASP B 58 6.75 -16.19 2.59
N ASP B 58 -9.19 3.92 9.49
CA ASP B 58 22.26 -7.15 15.05
CA ASP B 58 -3.25 -9.84 -11.93
CA ASP B 58 7.65 -16.89 1.63
CA ASP B 58 -9.81 4.73 8.41
C ASP B 58 22.71 -5.71 14.80
C ASP B 58 -3.51 -8.33 -12.05
C ASP B 58 8.23 -15.90 0.61
C ASP B 58 -8.77 5.60 7.71
N TYR B 59 22.39 -5.23 13.63
N TYR B 59 -4.73 -7.95 -11.77
N TYR B 59 7.41 -14.98 0.19
N TYR B 59 -7.87 6.13 8.50
CA TYR B 59 22.72 -3.86 13.19
CA TYR B 59 -5.19 -6.57 -11.81
CA TYR B 59 7.76 -13.94 -0.76
CA TYR B 59 -6.77 6.98 8.04
C TYR B 59 21.62 -2.87 13.52
C TYR B 59 -5.05 -5.87 -10.48
C TYR B 59 8.27 -12.68 -0.10
C TYR B 59 -5.52 6.20 7.72
N ASN B 60 20.55 -3.21 14.20
N ASN B 60 -4.49 -6.45 -9.45
N ASN B 60 8.45 -12.61 1.20
N ASN B 60 -5.49 4.88 7.77
CA ASN B 60 19.52 -2.20 14.50
CA ASN B 60 -4.38 -5.73 -8.17
CA ASN B 60 8.95 -11.36 1.81
CA ASN B 60 -4.24 4.16 7.44
C ASN B 60 18.97 -1.60 13.22
C ASN B 60 -5.75 -5.29 -7.65
C ASN B 60 8.03 -10.19 1.49
C ASN B 60 -3.10 4.61 8.36
N ILE B 61 18.66 -2.44 12.24
N ILE B 61 -6.71 -6.18 -7.70
N ILE B 61 6.73 -10.39 1.62
N ILE B 61 -3.37 4.71 9.64
CA ILE B 61 18.02 -1.96 10.98
CA ILE B 61 -8.06 -5.90 -7.15
CA ILE B 61 5.75 -9.29 1.43
CA ILE B 61 -2.30 5.04 10.63
C ILE B 61 16.52 -2.00 11.22
C ILE B 61 -8.01 -6.32 -5.68
C ILE B 61 5.59 -8.61 2.79
C ILE B 61 -1.69 3.70 11.06
N GLN B 62 15.84 -0.89 11.20
N GLN B 62 -8.17 -5.39 -4.77
N GLN B 62 5.96 -7.37 2.92
N GLN B 62 -0.43 3.48 10.78
CA GLN B 62 14.38 -0.80 11.49
CA GLN B 62 -8.07 -5.67 -3.30
CA GLN B 62 5.91 -6.62 4.20
CA GLN B 62 0.26 2.20 11.09
C GLN B 62 13.61 -0.63 10.18
C GLN B 62 -9.48 -5.71 -2.69
C GLN B 62 4.71 -5.68 4.22
C GLN B 62 1.15 2.38 12.32
N LYS B 63 12.29 -0.75 10.22
N LYS B 63 -9.60 -6.15 -1.45
N LYS B 63 4.39 -5.09 5.37
N LYS B 63 1.68 1.28 12.86
CA LYS B 63 11.45 -0.68 9.04
CA LYS B 63 -10.88 -6.30 -0.79
CA LYS B 63 3.24 -4.24 5.51
CA LYS B 63 2.47 1.32 14.07
C LYS B 63 11.75 0.63 8.29
C LYS B 63 -11.64 -4.97 -0.85
C LYS B 63 3.30 -3.12 4.47
C LYS B 63 3.63 2.29 13.88
N GLU B 64 11.71 0.48 6.97
N GLU B 64 -12.96 -5.15 -1.03
N GLU B 64 2.09 -2.80 3.98
N GLU B 64 3.90 2.98 15.00
CA GLU B 64 11.93 1.52 6.01
CA GLU B 64 -13.93 -4.10 -1.12
CA GLU B 64 1.84 -1.79 3.00
CA GLU B 64 4.94 3.97 15.14
C GLU B 64 13.31 2.11 5.91
C GLU B 64 -13.87 -3.19 -2.31
C GLU B 64 2.36 -2.01 1.60
C GLU B 64 4.80 5.24 14.37
N SER B 65 14.27 1.37 6.43
N SER B 65 -13.20 -3.66 -3.35
N SER B 65 2.65 -3.27 1.32
N SER B 65 3.57 5.51 13.97
CA SER B 65 15.70 1.70 6.36
CA SER B 65 -13.11 -2.99 -4.65
CA SER B 65 3.08 -3.71 -0.01
CA SER B 65 3.19 6.77 13.30
C SER B 65 16.13 1.50 4.89
C SER B 65 -14.51 -3.10 -5.32
C SER B 65 1.83 -3.65 -0.93
C SER B 65 3.23 7.89 14.36
N THR B 66 17.22 2.12 4.50
N THR B 66 -14.77 -2.24 -6.26
N THR B 66 2.06 -3.61 -2.22
N THR B 66 3.33 9.11 13.93
CA THR B 66 17.80 1.94 3.16
CA THR B 66 -16.02 -2.28 -7.03
CA THR B 66 0.98 -3.62 -3.22
CA THR B 66 3.31 10.28 14.82
C THR B 66 19.22 1.38 3.32
C THR B 66 -15.66 -2.48 -8.51
C THR B 66 1.15 -4.86 -4.10
C THR B 66 2.11 11.16 14.43
N LEU B 67 19.50 0.27 2.63
N LEU B 67 -16.24 -3.49 -9.15
N LEU B 67 0.10 -5.68 -4.23
N LEU B 67 1.24 11.49 15.40
CA LEU B 67 20.87 -0.27 2.64
CA LEU B 67 -16.04 -3.67 -10.60
CA LEU B 67 0.16 -6.82 -5.15
CA LEU B 67 0.14 12.41 15.12
C LEU B 67 21.50 0.13 1.28
C LEU B 67 -17.32 -3.16 -11.27
C LEU B 67 -0.66 -6.41 -6.39
C LEU B 67 0.56 13.77 15.73
N HIS B 68 22.77 0.24 1.21
N HIS B 68 -17.23 -2.74 -12.49
N HIS B 68 -0.37 -6.97 -7.50
N HIS B 68 0.06 14.84 15.23
CA HIS B 68 23.40 0.57 -0.09
CA HIS B 68 -18.46 -2.28 -13.20
CA HIS B 68 -1.17 -6.63 -8.71
CA HIS B 68 0.40 16.15 15.83
C HIS B 68 24.04 -0.73 -0.59
C HIS B 68 -18.82 -3.39 -14.18
C HIS B 68 -2.08 -7.83 -8.97
C HIS B 68 -0.82 16.60 16.61
N LEU B 69 23.85 -1.03 -1.86
N LEU B 69 -20.09 -3.73 -14.24
N LEU B 69 -3.34 -7.57 -9.26
N LEU B 69 -0.61 17.09 17.82
CA LEU B 69 24.46 -2.20 -2.48
CA LEU B 69 -20.58 -4.73 -15.21
CA LEU B 69 -4.29 -8.62 -9.60
CA LEU B 69 -1.69 17.62 18.64
C LEU B 69 25.59 -1.80 -3.39
C LEU B 69 -21.35 -4.09 -16.31
C LEU B 69 -4.62 -8.62 -11.06
C LEU B 69 -1.65 19.13 18.71
N VAL B 70 26.80 -2.18 -3.11
N VAL B 70 -20.90 -4.15 -17.52
N VAL B 70 -4.29 -9.64 -11.79
N VAL B 70 -2.62 19.81 18.21
CA VAL B 70 27.93 -1.92 -4.04
CA VAL B 70 -21.70 -3.62 -18.68
CA VAL B 70 -4.69 -9.73 -13.23
CA VAL B 70 -2.68 21.29 18.35
C VAL B 70 28.26 -3.30 -4.62
C VAL B 70 -22.16 -4.89 -19.40
C VAL B 70 -5.78 -10.82 -13.23
C VAL B 70 -3.81 21.52 19.36
N LEU B 71 28.56 -3.37 -5.90
N LEU B 71 -23.39 -4.90 -19.88
N LEU B 71 -6.82 -10.62 -14.00
N LEU B 71 -3.65 22.46 20.26
CA LEU B 71 28.91 -4.66 -6.53
CA LEU B 71 -23.91 -6.07 -20.62
CA LEU B 71 -7.90 -11.64 -14.10
CA LEU B 71 -4.70 22.76 21.25
C LEU B 71 30.41 -4.80 -6.57
C LEU B 71 -23.75 -5.84 -22.10
C LEU B 71 -7.67 -12.52 -15.29
C LEU B 71 -5.53 23.93 20.77
N MET A 1 6.38 18.40 -20.67
CA MET A 1 5.74 19.56 -20.05
C MET A 1 6.28 19.67 -18.60
N GLN A 2 6.34 20.88 -18.14
CA GLN A 2 6.81 21.11 -16.74
C GLN A 2 5.61 21.10 -15.81
N ILE A 3 5.80 20.45 -14.66
CA ILE A 3 4.77 20.47 -13.61
C ILE A 3 5.53 20.83 -12.30
N PHE A 4 4.75 21.23 -11.33
CA PHE A 4 5.40 21.59 -10.01
C PHE A 4 4.91 20.64 -8.96
N VAL A 5 5.74 20.16 -8.03
CA VAL A 5 5.27 19.32 -6.95
C VAL A 5 5.58 20.10 -5.65
N LYS A 6 4.57 20.50 -4.95
CA LYS A 6 4.78 21.30 -3.70
C LYS A 6 4.77 20.35 -2.53
N THR A 7 5.82 20.41 -1.68
CA THR A 7 5.88 19.52 -0.51
C THR A 7 5.42 20.27 0.74
N LEU A 8 5.24 19.58 1.84
CA LEU A 8 4.74 20.24 3.07
C LEU A 8 5.81 21.08 3.74
N THR A 9 7.06 21.03 3.24
CA THR A 9 8.08 21.90 3.94
C THR A 9 8.35 23.16 3.18
N GLY A 10 7.52 23.50 2.24
CA GLY A 10 7.67 24.69 1.43
C GLY A 10 8.68 24.63 0.33
N LYS A 11 9.10 23.43 0.00
CA LYS A 11 10.01 23.21 -1.12
C LYS A 11 9.11 22.84 -2.31
N THR A 12 9.42 23.38 -3.48
CA THR A 12 8.62 22.98 -4.66
C THR A 12 9.61 22.35 -5.64
N ILE A 13 9.25 21.19 -6.17
CA ILE A 13 10.23 20.60 -7.13
C ILE A 13 9.65 20.67 -8.52
N THR A 14 10.47 20.94 -9.51
CA THR A 14 9.89 20.97 -10.89
C THR A 14 10.25 19.66 -11.57
N LEU A 15 9.33 19.09 -12.33
CA LEU A 15 9.58 17.83 -13.01
C LEU A 15 9.25 18.02 -14.49
N GLU A 16 9.89 17.22 -15.31
CA GLU A 16 9.51 17.26 -16.76
C GLU A 16 8.85 15.92 -17.00
N VAL A 17 7.60 16.03 -17.42
CA VAL A 17 6.77 14.86 -17.67
C VAL A 17 5.93 15.04 -18.95
N GLU A 18 5.32 13.93 -19.31
CA GLU A 18 4.37 13.84 -20.41
C GLU A 18 3.06 13.38 -19.82
N PRO A 19 1.95 13.87 -20.34
CA PRO A 19 0.61 13.47 -19.90
C PRO A 19 0.43 11.98 -19.97
N SER A 20 1.19 11.31 -20.81
CA SER A 20 1.03 9.85 -20.98
C SER A 20 1.72 9.11 -19.87
N ASP A 21 2.49 9.83 -19.05
CA ASP A 21 3.19 9.10 -17.96
C ASP A 21 2.21 8.63 -16.92
N THR A 22 2.51 7.52 -16.30
CA THR A 22 1.71 6.99 -15.21
C THR A 22 2.16 7.68 -13.91
N ILE A 23 1.25 7.61 -12.94
CA ILE A 23 1.52 8.13 -11.60
C ILE A 23 2.72 7.40 -10.98
N GLU A 24 2.80 6.12 -11.24
CA GLU A 24 3.98 5.32 -10.73
C GLU A 24 5.27 5.90 -11.23
N CYS A 25 5.30 6.34 -12.52
CA CYS A 25 6.50 6.91 -13.13
C CYS A 25 6.85 8.24 -12.50
N VAL A 26 5.82 9.05 -12.28
CA VAL A 26 6.04 10.34 -11.65
C VAL A 26 6.71 10.15 -10.29
N LYS A 27 6.18 9.20 -9.52
CA LYS A 27 6.74 8.92 -8.19
C LYS A 27 8.19 8.48 -8.29
N ALA A 28 8.54 7.70 -9.30
CA ALA A 28 9.92 7.29 -9.53
C ALA A 28 10.80 8.47 -9.89
N LYS A 29 10.31 9.43 -10.66
CA LYS A 29 11.09 10.64 -10.97
C LYS A 29 11.35 11.47 -9.69
N ILE A 30 10.35 11.49 -8.81
CA ILE A 30 10.50 12.25 -7.55
C ILE A 30 11.53 11.50 -6.70
N GLN A 31 11.49 10.19 -6.69
CA GLN A 31 12.50 9.45 -5.86
C GLN A 31 13.90 9.76 -6.40
N ASP A 32 14.01 9.63 -7.70
CA ASP A 32 15.30 9.91 -8.37
C ASP A 32 15.83 11.29 -8.03
N LYS A 33 14.94 12.30 -7.98
CA LYS A 33 15.50 13.66 -7.74
C LYS A 33 15.53 14.13 -6.33
N GLU A 34 14.74 13.67 -5.41
CA GLU A 34 14.73 14.09 -4.02
C GLU A 34 14.92 12.96 -3.04
N GLY A 35 14.94 11.73 -3.52
CA GLY A 35 15.18 10.58 -2.69
C GLY A 35 14.07 10.02 -1.89
N ILE A 36 12.84 10.55 -2.06
CA ILE A 36 11.72 10.01 -1.29
C ILE A 36 11.20 8.72 -1.91
N PRO A 37 11.15 7.65 -1.13
CA PRO A 37 10.64 6.34 -1.58
C PRO A 37 9.21 6.46 -2.09
N PRO A 38 8.88 5.84 -3.19
CA PRO A 38 7.51 5.95 -3.73
C PRO A 38 6.45 5.52 -2.76
N ASP A 39 6.74 4.57 -1.90
CA ASP A 39 5.72 4.05 -0.95
C ASP A 39 5.34 5.08 0.11
N GLN A 40 6.16 6.11 0.23
CA GLN A 40 5.83 7.18 1.22
C GLN A 40 5.08 8.36 0.58
N GLN A 41 5.02 8.40 -0.74
CA GLN A 41 4.40 9.48 -1.46
C GLN A 41 2.90 9.36 -1.66
N ARG A 42 2.21 10.46 -1.32
CA ARG A 42 0.75 10.57 -1.60
C ARG A 42 0.62 11.80 -2.48
N LEU A 43 0.18 11.67 -3.73
CA LEU A 43 0.09 12.84 -4.63
C LEU A 43 -1.35 13.30 -4.76
N ILE A 44 -1.57 14.59 -4.57
CA ILE A 44 -2.91 15.19 -4.61
C ILE A 44 -3.02 16.28 -5.66
N PHE A 45 -4.11 16.19 -6.46
CA PHE A 45 -4.39 17.20 -7.50
C PHE A 45 -5.92 17.33 -7.53
N ALA A 46 -6.32 18.58 -7.46
CA ALA A 46 -7.74 18.98 -7.52
C ALA A 46 -8.59 18.14 -6.58
N GLY A 47 -8.08 17.99 -5.40
CA GLY A 47 -8.62 17.24 -4.29
C GLY A 47 -8.80 15.76 -4.47
N CYS A 48 -8.13 15.15 -5.41
CA CYS A 48 -8.12 13.71 -5.63
C CYS A 48 -6.78 13.12 -5.25
N GLN A 49 -6.74 11.97 -4.70
CA GLN A 49 -5.43 11.30 -4.47
C GLN A 49 -5.16 10.55 -5.77
N LEU A 50 -3.98 10.72 -6.33
CA LEU A 50 -3.65 10.11 -7.64
C LEU A 50 -3.29 8.65 -7.46
N GLU A 51 -3.77 7.80 -8.37
CA GLU A 51 -3.53 6.34 -8.25
C GLU A 51 -2.42 5.92 -9.18
N ASP A 52 -1.53 5.06 -8.79
CA ASP A 52 -0.35 4.62 -9.54
C ASP A 52 -0.48 4.20 -10.99
N GLY A 53 -1.50 3.45 -11.32
CA GLY A 53 -1.74 2.91 -12.67
C GLY A 53 -2.40 3.82 -13.65
N ARG A 54 -2.89 4.98 -13.21
CA ARG A 54 -3.49 5.96 -14.13
C ARG A 54 -2.37 6.83 -14.68
N THR A 55 -2.66 7.57 -15.72
CA THR A 55 -1.72 8.53 -16.36
C THR A 55 -2.16 9.94 -15.93
N LEU A 56 -1.27 10.90 -16.12
CA LEU A 56 -1.55 12.31 -15.83
C LEU A 56 -2.72 12.75 -16.70
N SER A 57 -2.80 12.25 -17.95
CA SER A 57 -3.93 12.69 -18.80
C SER A 57 -5.26 12.26 -18.24
N ASP A 58 -5.29 11.15 -17.53
CA ASP A 58 -6.56 10.64 -16.93
C ASP A 58 -7.20 11.71 -16.05
N TYR A 59 -6.37 12.41 -15.33
CA TYR A 59 -6.76 13.49 -14.42
C TYR A 59 -6.79 14.84 -15.09
N ASN A 60 -6.55 14.98 -16.38
CA ASN A 60 -6.58 16.32 -16.99
C ASN A 60 -5.58 17.25 -16.32
N ILE A 61 -4.36 16.77 -16.10
CA ILE A 61 -3.28 17.62 -15.54
C ILE A 61 -2.59 18.28 -16.73
N GLN A 62 -2.64 19.57 -16.85
CA GLN A 62 -2.07 20.32 -18.00
C GLN A 62 -0.74 20.97 -17.58
N LYS A 63 0.04 21.51 -18.58
CA LYS A 63 1.33 22.10 -18.24
C LYS A 63 1.17 23.16 -17.17
N GLU A 64 2.22 23.18 -16.36
CA GLU A 64 2.37 24.09 -15.26
C GLU A 64 1.44 23.96 -14.10
N SER A 65 0.81 22.79 -14.03
CA SER A 65 -0.07 22.42 -12.91
C SER A 65 0.84 22.18 -11.68
N THR A 66 0.25 22.25 -10.50
CA THR A 66 0.96 21.97 -9.25
C THR A 66 0.29 20.77 -8.56
N LEU A 67 1.06 19.74 -8.22
CA LEU A 67 0.49 18.62 -7.46
C LEU A 67 0.98 18.81 -6.00
N HIS A 68 0.26 18.31 -5.06
CA HIS A 68 0.72 18.43 -3.66
C HIS A 68 1.24 17.05 -3.26
N LEU A 69 2.38 17.02 -2.60
CA LEU A 69 2.96 15.77 -2.10
C LEU A 69 2.83 15.67 -0.60
N VAL A 70 2.10 14.73 -0.09
CA VAL A 70 2.03 14.52 1.38
C VAL A 70 2.81 13.21 1.60
N LEU A 71 3.60 13.15 2.65
CA LEU A 71 4.36 11.93 2.95
C LEU A 71 3.61 11.09 3.95
N ARG A 72 3.52 9.80 3.72
N ARG A 72 3.49 9.80 3.69
N ARG A 72 3.57 9.80 3.76
N ARG A 72 3.56 9.80 3.74
CA ARG A 72 2.78 8.90 4.63
CA ARG A 72 2.74 8.88 4.58
CA ARG A 72 2.87 8.91 4.71
CA ARG A 72 2.85 8.91 4.69
C ARG A 72 3.85 8.11 5.38
C ARG A 72 2.53 7.61 3.77
C ARG A 72 3.83 8.73 5.88
C ARG A 72 3.88 8.55 5.76
N LEU A 73 3.94 8.17 6.67
N LEU A 73 2.38 6.47 4.36
N LEU A 73 4.35 7.58 6.13
N LEU A 73 3.60 8.72 7.01
CA LEU A 73 4.98 7.39 7.38
CA LEU A 73 2.16 5.24 3.55
CA LEU A 73 5.28 7.42 7.28
CA LEU A 73 4.61 8.37 8.04
C LEU A 73 4.41 6.04 7.80
C LEU A 73 0.70 5.13 3.14
C LEU A 73 4.51 7.46 8.59
C LEU A 73 4.79 6.87 8.12
N ARG A 74 3.24 6.11 8.41
N ARG A 74 0.30 3.89 2.93
N ARG A 74 3.47 6.63 8.62
N ARG A 74 6.05 6.48 7.99
CA ARG A 74 2.54 4.92 8.91
CA ARG A 74 -1.08 3.57 2.51
CA ARG A 74 2.59 6.50 9.79
CA ARG A 74 6.44 5.05 8.02
C ARG A 74 3.57 3.90 9.39
C ARG A 74 -1.37 2.12 2.85
C ARG A 74 3.40 5.99 10.97
C ARG A 74 6.28 4.53 9.44
N GLY A 75 3.13 2.65 9.46
N GLY A 75 -2.65 1.84 3.08
N GLY A 75 4.30 5.07 10.66
N GLY A 75 5.69 3.35 9.53
CA GLY A 75 3.95 1.54 9.90
CA GLY A 75 -3.13 0.51 3.42
CA GLY A 75 5.17 4.43 11.65
CA GLY A 75 5.44 2.68 10.80
C GLY A 75 4.29 1.54 11.37
C GLY A 75 -4.63 0.34 3.33
C GLY A 75 4.66 3.12 12.20
C GLY A 75 5.61 1.17 10.78
N GLY A 76 5.22 0.66 11.70
N GLY A 76 -5.03 -0.91 3.48
N GLY A 76 3.43 2.82 11.83
N GLY A 76 5.86 0.65 11.97
CA GLY A 76 5.75 0.47 13.06
CA GLY A 76 -6.44 -1.36 3.44
CA GLY A 76 2.70 1.61 12.21
CA GLY A 76 6.05 -0.78 12.23
C GLY A 76 7.23 0.87 13.06
C GLY A 76 -6.61 -2.36 2.29
C GLY A 76 2.74 0.63 11.03
C GLY A 76 4.72 -1.51 12.01
N MET B 1 9.08 -7.92 7.48
N MET B 1 -12.08 -12.65 0.84
N MET B 1 -0.73 -5.04 9.85
N MET B 1 -1.90 -1.57 19.27
CA MET B 1 9.24 -6.45 7.48
CA MET B 1 -12.23 -11.18 0.94
CA MET B 1 -0.10 -4.04 8.97
CA MET B 1 -0.73 -0.97 18.62
C MET B 1 9.79 -6.06 6.08
C MET B 1 -13.55 -10.82 0.20
C MET B 1 -1.04 -3.83 7.77
C MET B 1 -0.42 0.35 19.36
N GLN B 2 9.43 -4.87 5.68
N GLN B 2 -14.15 -9.77 0.68
N GLN B 2 -1.00 -2.64 7.25
N GLN B 2 0.85 0.68 19.37
CA GLN B 2 9.93 -4.37 4.37
CA GLN B 2 -15.42 -9.30 0.04
CA GLN B 2 -1.85 -2.34 6.06
CA GLN B 2 1.26 1.95 20.03
C GLN B 2 11.22 -3.60 4.60
C GLN B 2 -15.06 -8.29 -1.05
C GLN B 2 -1.04 -2.62 4.80
C GLN B 2 1.24 3.07 18.99
N ILE B 3 12.17 -3.83 3.70
N ILE B 3 -15.75 -8.42 -2.17
N ILE B 3 -1.71 -3.23 3.83
N ILE B 3 0.74 4.22 19.41
CA ILE B 3 13.43 -3.04 3.72
CA ILE B 3 -15.63 -7.42 -3.25
CA ILE B 3 -1.10 -3.43 2.50
CA ILE B 3 0.80 5.42 18.57
C ILE B 3 13.63 -2.57 2.25
C ILE B 3 -17.09 -7.05 -3.65
C ILE B 3 -2.16 -2.94 1.47
C ILE B 3 1.36 6.55 19.48
N PHE B 4 14.50 -1.58 2.14
N PHE B 4 -17.18 -5.94 -4.34
N PHE B 4 -1.65 -2.72 0.28
N PHE B 4 1.80 7.59 18.82
CA PHE B 4 14.77 -1.06 0.75
CA PHE B 4 -18.56 -5.50 -4.78
CA PHE B 4 -2.60 -2.25 -0.81
CA PHE B 4 2.36 8.74 19.62
C PHE B 4 16.21 -1.32 0.41
C PHE B 4 -18.61 -5.51 -6.29
C PHE B 4 -2.68 -3.30 -1.88
C PHE B 4 1.50 9.95 19.40
N VAL B 5 16.57 -1.71 -0.80
N VAL B 5 -19.69 -5.94 -6.92
N VAL B 5 -3.84 -3.60 -2.46
N VAL B 5 1.20 10.78 20.41
CA VAL B 5 17.96 -1.89 -1.18
CA VAL B 5 -19.81 -5.89 -8.37
CA VAL B 5 -3.92 -4.54 -3.56
CA VAL B 5 0.44 12.00 20.19
C VAL B 5 18.21 -0.86 -2.32
C VAL B 5 -21.02 -4.95 -8.65
C VAL B 5 -4.47 -3.73 -4.76
C VAL B 5 1.38 13.15 20.61
N LYS B 6 19.03 0.09 -2.09
N LYS B 6 -20.77 -3.84 -9.24
N LYS B 6 -3.67 -3.56 -5.76
N LYS B 6 1.77 13.96 19.69
CA LYS B 6 19.29 1.15 -3.13
CA LYS B 6 -21.87 -2.86 -9.52
CA LYS B 6 -4.12 -2.75 -6.95
CA LYS B 6 2.71 15.08 20.01
C LYS B 6 20.53 0.74 -3.89
C LYS B 6 -22.37 -3.09 -10.92
C LYS B 6 -4.67 -3.70 -7.98
C LYS B 6 1.91 16.32 20.28
N THR B 7 20.43 0.70 -5.24
N THR B 7 -23.69 -3.28 -11.09
N THR B 7 -5.91 -3.43 -8.47
N THR B 7 2.15 16.98 21.44
CA THR B 7 21.60 0.32 -6.05
CA THR B 7 -24.24 -3.51 -12.43
CA THR B 7 -6.51 -4.30 -9.49
CA THR B 7 1.39 18.20 21.76
C THR B 7 22.27 1.58 -6.61
C THR B 7 -24.82 -2.20 -12.97
C THR B 7 -6.33 -3.68 -10.87
C THR B 7 2.24 19.42 21.43
N LEU B 8 23.43 1.45 -7.20
N LEU B 8 -25.20 -2.17 -14.23
N LEU B 8 -6.65 -4.40 -11.92
N LEU B 8 1.66 20.61 21.47
CA LEU B 8 24.16 2.63 -7.72
CA LEU B 8 -25.73 -0.93 -14.84
CA LEU B 8 -6.46 -3.88 -13.29
CA LEU B 8 2.41 21.84 21.12
C LEU B 8 23.54 3.20 -8.98
C LEU B 8 -27.13 -0.61 -14.38
C LEU B 8 -7.50 -2.83 -13.66
C LEU B 8 3.41 22.24 22.18
N THR B 9 22.53 2.50 -9.54
N THR B 9 -27.77 -1.52 -13.62
N THR B 9 -8.51 -2.62 -12.79
N THR B 9 3.41 21.55 23.33
CA THR B 9 21.94 3.10 -10.79
CA THR B 9 -29.16 -1.17 -13.18
CA THR B 9 -9.51 -1.57 -13.20
CA THR B 9 4.42 21.98 24.37
C THR B 9 20.65 3.81 -10.52
C THR B 9 -29.20 -0.69 -11.76
C THR B 9 -9.27 -0.28 -12.50
C THR B 9 5.61 21.07 24.40
N GLY B 10 20.36 4.09 -9.28
N GLY B 10 -28.08 -0.36 -11.20
N GLY B 10 -8.14 -0.10 -11.89
N GLY B 10 5.78 20.26 23.41
CA GLY B 10 19.15 4.77 -8.87
CA GLY B 10 -27.96 0.12 -9.84
CA GLY B 10 -7.78 1.11 -11.18
CA GLY B 10 6.87 19.32 23.30
C GLY B 10 17.90 3.94 -8.86
C GLY B 10 -28.06 -0.92 -8.77
C GLY B 10 -8.38 1.27 -9.82
C GLY B 10 6.78 18.08 24.14
N LYS B 11 18.06 2.65 -8.88
N LYS B 11 -27.89 -2.16 -9.14
N LYS B 11 -8.89 0.20 -9.27
N LYS B 11 5.59 17.80 24.62
CA LYS B 11 16.94 1.71 -8.76
CA LYS B 11 -27.84 -3.27 -8.19
CA LYS B 11 -9.42 0.18 -7.92
CA LYS B 11 5.32 16.57 25.36
C LYS B 11 16.88 1.32 -7.27
C LYS B 11 -26.34 -3.52 -7.93
C LYS B 11 -8.26 -0.35 -7.03
C LYS B 11 4.75 15.59 24.33
N THR B 12 15.69 1.26 -6.72
N THR B 12 -25.99 -3.75 -6.68
N THR B 12 -8.08 0.25 -5.88
N THR B 12 5.18 14.34 24.40
CA THR B 12 15.60 0.80 -5.32
CA THR B 12 -24.59 -4.08 -6.41
CA THR B 12 -7.04 -0.29 -4.98
CA THR B 12 4.60 13.35 23.48
C THR B 12 14.73 -0.45 -5.33
C THR B 12 -24.59 -5.48 -5.78
C THR B 12 -7.77 -0.67 -3.69
C THR B 12 3.95 12.28 24.36
N ILE B 13 15.20 -1.51 -4.67
N ILE B 13 -23.73 -6.36 -6.29
N ILE B 13 -7.50 -1.90 -3.21
N ILE B 13 2.69 11.94 24.04
CA ILE B 13 14.34 -2.72 -4.70
CA ILE B 13 -23.75 -7.71 -5.65
CA ILE B 13 -8.21 -2.25 -1.95
CA ILE B 13 2.08 10.89 24.91
C ILE B 13 13.75 -2.93 -3.33
C ILE B 13 -22.48 -7.90 -4.86
C ILE B 13 -7.22 -2.29 -0.82
C ILE B 13 1.96 9.61 24.13
N THR B 14 12.51 -3.35 -3.25
N THR B 14 -22.56 -8.54 -3.71
N THR B 14 -7.60 -1.84 0.35
N THR B 14 2.18 8.47 24.75
CA THR B 14 11.95 -3.59 -1.88
CA THR B 14 -21.29 -8.75 -2.96
CA THR B 14 -6.62 -1.91 1.48
CA THR B 14 2.01 7.22 23.97
C THR B 14 11.97 -5.08 -1.63
C THR B 14 -20.84 -10.17 -3.19
C THR B 14 -6.98 -3.10 2.33
C THR B 14 0.68 6.61 24.35
N LEU B 15 12.32 -5.50 -0.42
N LEU B 15 -19.56 -10.41 -3.37
N LEU B 15 -6.00 -3.85 2.81
N LEU B 15 -0.05 6.08 23.38
CA LEU B 15 12.39 -6.91 -0.09
CA LEU B 15 -19.04 -11.74 -3.61
CA LEU B 15 -6.26 -5.02 3.63
CA LEU B 15 -1.35 5.49 23.64
C LEU B 15 11.53 -7.14 1.16
C LEU B 15 -17.93 -12.02 -2.59
C LEU B 15 -5.44 -4.88 4.92
C LEU B 15 -1.36 4.06 23.08
N GLU B 16 11.06 -8.36 1.30
N GLU B 16 -17.73 -13.28 -2.31
N GLU B 16 -5.93 -5.52 5.97
N GLU B 16 -2.19 3.23 23.66
CA GLU B 16 10.34 -8.68 2.57
CA GLU B 16 -16.57 -13.62 -1.42
CA GLU B 16 -5.09 -5.54 7.21
CA GLU B 16 -2.33 1.87 23.05
C GLU B 16 11.26 -9.67 3.25
C GLU B 16 -15.62 -14.34 -2.35
C GLU B 16 -4.68 -6.98 7.34
C GLU B 16 -3.74 1.87 22.51
N VAL B 17 11.65 -9.25 4.45
N VAL B 17 -14.44 -13.75 -2.44
N VAL B 17 -3.35 -7.13 7.34
N VAL B 17 -3.78 1.64 21.20
CA VAL B 17 12.57 -10.03 5.27
CA VAL B 17 -13.38 -14.27 -3.30
CA VAL B 17 -2.73 -8.44 7.42
CA VAL B 17 -5.03 1.64 20.46
C VAL B 17 12.15 -10.02 6.75
C VAL B 17 -12.01 -14.19 -2.61
C VAL B 17 -1.52 -8.43 8.35
C VAL B 17 -5.07 0.51 19.42
N GLU B 18 12.85 -10.86 7.47
N GLU B 18 -11.07 -14.82 -3.30
N GLU B 18 -1.05 -9.64 8.58
N GLU B 18 -6.26 0.37 18.88
CA GLU B 18 12.73 -10.97 8.93
CA GLU B 18 -9.66 -14.82 -2.93
CA GLU B 18 0.17 -9.91 9.35
CA GLU B 18 -6.55 -0.56 17.78
C GLU B 18 14.11 -10.67 9.49
C GLU B 18 -8.92 -14.20 -4.11
C GLU B 18 1.11 -10.65 8.40
C GLU B 18 -7.05 0.29 16.63
N PRO B 19 14.15 -10.01 10.64
N PRO B 19 -7.87 -13.45 -3.83
N PRO B 19 2.40 -10.39 8.53
N PRO B 19 -6.71 -0.10 15.41
CA PRO B 19 15.41 -9.69 11.31
CA PRO B 19 -7.04 -12.84 -4.87
CA PRO B 19 3.41 -11.07 7.72
CA PRO B 19 -7.17 0.59 14.20
C PRO B 19 16.25 -10.92 11.56
C PRO B 19 -6.51 -13.87 -5.84
C PRO B 19 3.32 -12.57 7.84
C PRO B 19 -8.67 0.70 14.16
N SER B 20 15.62 -12.08 11.61
N SER B 20 -6.41 -15.11 -5.40
N SER B 20 2.77 -13.05 8.94
N SER B 20 -9.37 -0.19 14.83
CA SER B 20 16.35 -13.33 11.89
CA SER B 20 -5.86 -16.17 -6.27
CA SER B 20 2.68 -14.50 9.16
CA SER B 20 -10.83 -0.19 14.79
C SER B 20 17.04 -13.84 10.66
C SER B 20 -6.89 -16.65 -7.27
C SER B 20 1.53 -15.10 8.38
C SER B 20 -11.39 0.86 15.72
N ASP B 21 16.75 -13.22 9.50
N ASP B 21 -8.14 -16.21 -7.09
N ASP B 21 0.70 -14.25 7.78
N ASP B 21 -10.53 1.47 16.54
CA ASP B 21 17.40 -13.73 8.27
CA ASP B 21 -9.18 -16.70 -8.04
CA ASP B 21 -0.45 -14.82 7.03
CA ASP B 21 -11.07 2.50 17.47
C ASP B 21 18.87 -13.39 8.29
C ASP B 21 -8.95 -16.09 -9.40
C ASP B 21 0.04 -15.49 5.78
C ASP B 21 -11.49 3.73 16.71
N THR B 22 19.68 -14.25 7.68
N THR B 22 -9.31 -16.84 -10.44
N THR B 22 -0.66 -16.54 5.37
N THR B 22 -12.51 4.39 17.20
CA THR B 22 21.09 -14.01 7.54
CA THR B 22 -9.24 -16.36 -11.80
CA THR B 22 -0.36 -17.23 4.13
CA THR B 22 -12.97 5.64 16.63
C THR B 22 21.31 -13.12 6.29
C THR B 22 -10.54 -15.56 -12.09
C THR B 22 -1.06 -16.47 2.98
C THR B 22 -12.10 6.78 17.21
N ILE B 23 22.49 -12.50 6.29
N ILE B 23 -10.41 -14.74 -13.13
N ILE B 23 -0.54 -16.75 1.78
N ILE B 23 -12.15 7.90 16.47
CA ILE B 23 22.91 -11.69 5.15
CA ILE B 23 -11.57 -13.97 -13.61
CA ILE B 23 -1.13 -16.21 0.56
CA ILE B 23 -11.47 9.10 16.89
C ILE B 23 23.00 -12.55 3.88
C ILE B 23 -12.67 -14.91 -14.08
C ILE B 23 -2.57 -16.68 0.41
C ILE B 23 -12.03 9.59 18.23
N GLU B 24 23.44 -13.78 4.04
N GLU B 24 -12.29 -16.01 -14.69
N GLU B 24 -2.82 -17.91 0.78
N GLU B 24 -13.32 9.45 18.41
CA GLU B 24 23.50 -14.72 2.87
CA GLU B 24 -13.30 -17.03 -15.12
CA GLU B 24 -4.21 -18.46 0.73
CA GLU B 24 -13.96 9.83 19.72
C GLU B 24 22.13 -14.89 2.26
C GLU B 24 -14.12 -17.50 -13.94
C GLU B 24 -5.15 -17.61 1.56
C GLU B 24 -13.33 9.07 20.85
N ASN B 25 21.11 -14.97 3.09
N ASN B 25 -13.46 -17.71 -12.81
N ASN B 25 -4.68 -17.18 2.72
N ASN B 25 -13.05 7.80 20.63
CA ASN B 25 19.71 -15.15 2.68
CA ASN B 25 -14.09 -18.17 -11.56
CA ASN B 25 -5.44 -16.35 3.66
CA ASN B 25 -12.45 6.90 21.64
C ASN B 25 19.21 -13.92 1.91
C ASN B 25 -15.07 -17.15 -11.00
C ASN B 25 -5.75 -14.97 3.08
C ASN B 25 -11.02 7.33 21.98
N VAL B 26 19.53 -12.77 2.45
N VAL B 26 -14.63 -15.90 -11.02
N VAL B 26 -4.71 -14.40 2.46
N VAL B 26 -10.28 7.66 20.93
CA VAL B 26 19.15 -11.51 1.82
CA VAL B 26 -15.46 -14.81 -10.56
CA VAL B 26 -4.86 -13.09 1.83
CA VAL B 26 -8.90 8.12 21.10
C VAL B 26 19.73 -11.45 0.41
C VAL B 26 -16.75 -14.77 -11.37
C VAL B 26 -5.95 -13.17 0.77
C VAL B 26 -8.90 9.37 21.99
N LYS B 27 21.00 -11.80 0.30
N LYS B 27 -16.60 -14.88 -12.69
N LYS B 27 -5.90 -14.21 -0.04
N LYS B 27 -9.80 10.29 21.68
CA LYS B 27 21.67 -11.78 -1.00
CA LYS B 27 -17.77 -14.86 -13.58
CA LYS B 27 -6.89 -14.39 -1.11
CA LYS B 27 -9.88 11.54 22.46
C LYS B 27 20.99 -12.74 -1.97
C LYS B 27 -18.72 -16.02 -13.28
C LYS B 27 -8.30 -14.51 -0.52
C LYS B 27 -10.21 11.24 23.92
N ALA B 28 20.55 -13.89 -1.49
N ALA B 28 -18.18 -17.17 -12.94
N ALA B 28 -8.43 -15.18 0.60
N ALA B 28 -11.06 10.27 24.18
CA ALA B 28 19.83 -14.85 -2.34
CA ALA B 28 -19.00 -18.33 -12.55
CA ALA B 28 -9.73 -15.30 1.28
CA ALA B 28 -11.38 9.86 25.55
C ALA B 28 18.49 -14.29 -2.77
C ALA B 28 -19.72 -18.08 -11.25
C ALA B 28 -10.21 -13.96 1.80
C ALA B 28 -10.18 9.26 26.24
N LYS B 29 17.79 -13.56 -1.92
N LYS B 29 -19.11 -17.41 -10.29
N LYS B 29 -9.32 -13.12 2.31
N LYS B 29 -9.36 8.48 25.55
CA LYS B 29 16.51 -12.92 -2.32
CA LYS B 29 -19.78 -17.06 -9.02
CA LYS B 29 -9.71 -11.75 2.74
CA LYS B 29 -8.12 7.93 26.14
C LYS B 29 16.75 -11.87 -3.42
C LYS B 29 -20.95 -16.08 -9.29
C LYS B 29 -10.20 -10.91 1.55
C LYS B 29 -7.15 9.07 26.52
N ILE B 30 17.88 -11.15 -3.30
N ILE B 30 -20.73 -15.17 -10.23
N ILE B 30 -9.55 -11.10 0.40
N ILE B 30 -7.10 10.09 25.67
CA ILE B 30 18.20 -10.12 -4.30
CA ILE B 30 -21.79 -14.19 -10.55
CA ILE B 30 -9.94 -10.35 -0.80
CA ILE B 30 -6.21 11.23 25.94
C ILE B 30 18.54 -10.85 -5.60
C ILE B 30 -22.90 -14.97 -11.25
C ILE B 30 -11.31 -10.88 -1.23
C ILE B 30 -6.77 11.97 27.15
N GLN B 31 19.24 -11.95 -5.53
N GLN B 31 -22.59 -15.90 -12.10
N GLN B 31 -11.54 -12.17 -1.15
N GLN B 31 -8.07 12.12 27.24
CA GLN B 31 19.56 -12.68 -6.80
CA GLN B 31 -23.68 -16.67 -12.77
CA GLN B 31 -12.88 -12.69 -1.57
CA GLN B 31 -8.62 12.84 28.42
C GLN B 31 18.25 -13.13 -7.46
C GLN B 31 -24.50 -17.42 -11.71
C GLN B 31 -13.95 -12.09 -0.64
C GLN B 31 -8.27 12.05 29.70
N ASP B 32 17.42 -13.73 -6.65
N ASP B 32 -23.76 -18.09 -10.86
N ASP B 32 -13.66 -12.18 0.63
N ASP B 32 -8.52 10.77 29.62
CA ASP B 32 16.11 -14.22 -7.12
CA ASP B 32 -24.39 -18.85 -9.75
CA ASP B 32 -14.59 -11.62 1.65
CA ASP B 32 -8.21 9.87 30.75
C ASP B 32 15.32 -13.12 -7.80
C ASP B 32 -25.32 -17.99 -8.93
C ASP B 32 -14.92 -10.17 1.38
C ASP B 32 -6.78 9.99 31.20
N LYS B 33 15.34 -11.91 -7.22
N LYS B 33 -24.90 -16.74 -8.63
N LYS B 33 -13.91 -9.37 0.98
N LYS B 33 -5.84 10.07 30.23
CA LYS B 33 14.47 -10.86 -7.84
CA LYS B 33 -25.79 -15.94 -7.75
CA LYS B 33 -14.25 -7.92 0.81
CA LYS B 33 -4.42 10.10 30.69
C LYS B 33 15.11 -9.98 -8.85
C LYS B 33 -26.78 -15.06 -8.40
C LYS B 33 -14.64 -7.48 -0.54
C LYS B 33 -3.80 11.43 30.88
N GLU B 34 16.39 -9.75 -8.90
N GLU B 34 -26.63 -14.59 -9.61
N GLU B 34 -14.29 -8.11 -1.63
N GLU B 34 -4.21 12.52 30.28
CA GLU B 34 17.06 -8.90 -9.86
CA GLU B 34 -27.56 -13.73 -10.29
CA GLU B 34 -14.63 -7.71 -2.98
CA GLU B 34 -3.65 13.83 30.45
C GLU B 34 18.15 -9.59 -10.63
C GLU B 34 -28.06 -14.26 -11.61
C GLU B 34 -15.35 -8.79 -3.76
C GLU B 34 -4.64 14.88 30.90
N GLY B 35 18.48 -10.81 -10.27
N GLY B 35 -27.49 -15.38 -12.06
N GLY B 35 -15.45 -9.99 -3.21
N GLY B 35 -5.92 14.52 30.96
CA GLY B 35 19.46 -11.61 -10.97
CA GLY B 35 -27.92 -16.04 -13.27
CA GLY B 35 -16.16 -11.08 -3.82
CA GLY B 35 -6.95 15.41 31.44
C GLY B 35 20.88 -11.39 -10.69
C GLY B 35 -27.42 -15.52 -14.57
C GLY B 35 -15.50 -11.86 -4.87
C GLY B 35 -7.50 16.42 30.53
N ILE B 36 21.21 -10.53 -9.71
N ILE B 36 -26.52 -14.54 -14.55
N ILE B 36 -14.20 -11.59 -5.14
N ILE B 36 -7.09 16.39 29.24
CA ILE B 36 22.63 -10.30 -9.40
CA ILE B 36 -26.01 -14.02 -15.83
CA ILE B 36 -13.51 -12.37 -6.18
CA ILE B 36 -7.64 17.39 28.31
C ILE B 36 23.20 -11.43 -8.55
C ILE B 36 -24.95 -14.93 -16.41
C ILE B 36 -13.09 -13.73 -5.66
C ILE B 36 -9.02 17.00 27.83
N PRO B 37 24.28 -12.05 -9.01
N PRO B 37 -25.14 -15.38 -17.64
N PRO B 37 -13.50 -14.79 -6.33
N PRO B 37 -10.00 17.87 28.00
CA PRO B 37 24.96 -13.13 -8.28
CA PRO B 37 -24.18 -16.25 -18.35
CA PRO B 37 -13.13 -16.18 -5.96
CA PRO B 37 -11.39 17.65 27.56
C PRO B 37 25.38 -12.67 -6.90
C PRO B 37 -22.81 -15.58 -18.43
C PRO B 37 -11.63 -16.35 -5.92
C PRO B 37 -11.44 17.36 26.07
N PRO B 38 25.20 -13.47 -5.88
N PRO B 38 -21.75 -16.31 -18.19
N PRO B 38 -11.08 -17.01 -4.93
N PRO B 38 -12.20 16.40 25.64
CA PRO B 38 25.59 -13.06 -4.53
CA PRO B 38 -20.40 -15.70 -18.25
CA PRO B 38 -9.62 -17.19 -4.85
CA PRO B 38 -12.27 16.07 24.20
C PRO B 38 27.04 -12.68 -4.40
C PRO B 38 -20.09 -15.06 -19.57
C PRO B 38 -9.03 -17.84 -6.08
C PRO B 38 -12.68 17.24 23.35
N ASP B 39 27.90 -13.31 -5.17
N ASP B 39 -20.61 -15.58 -20.65
N ASP B 39 -9.76 -18.73 -6.71
N ASP B 39 -13.50 18.13 23.86
CA ASP B 39 29.36 -13.03 -5.07
CA ASP B 39 -20.31 -15.02 -21.99
CA ASP B 39 -9.23 -19.46 -7.89
CA ASP B 39 -13.99 19.28 23.06
C ASP B 39 29.72 -11.64 -5.56
C ASP B 39 -20.90 -13.63 -22.20
C ASP B 39 -9.01 -18.54 -9.09
C ASP B 39 -12.89 20.28 22.74
N GLN B 40 28.81 -11.01 -6.27
N GLN B 40 -21.82 -13.25 -21.34
N GLN B 40 -9.60 -17.36 -9.05
N GLN B 40 -11.78 20.17 23.46
CA GLN B 40 29.07 -9.62 -6.75
CA GLN B 40 -22.42 -11.90 -21.46
CA GLN B 40 -9.41 -16.40 -10.17
CA GLN B 40 -10.64 21.09 23.18
C GLN B 40 28.48 -8.56 -5.81
C GLN B 40 -21.74 -10.88 -20.54
C GLN B 40 -8.28 -15.40 -9.88
C GLN B 40 -9.61 20.46 22.24
N GLN B 41 27.66 -8.96 -4.86
N GLN B 41 -20.90 -11.34 -19.63
N GLN B 41 -7.79 -15.35 -8.66
N GLN B 41 -9.72 19.19 21.97
CA GLN B 41 27.00 -8.06 -3.95
CA GLN B 41 -20.23 -10.50 -18.67
CA GLN B 41 -6.77 -14.41 -8.25
CA GLN B 41 -8.78 18.46 21.14
C GLN B 41 27.81 -7.66 -2.73
C GLN B 41 -18.95 -9.84 -19.16
C GLN B 41 -5.35 -14.84 -8.53
C GLN B 41 -9.03 18.54 19.65
N ARG B 42 27.86 -6.35 -2.50
N ARG B 42 -18.89 -8.53 -18.94
N ARG B 42 -4.60 -13.93 -9.14
N ARG B 42 -7.98 18.87 18.92
CA ARG B 42 28.46 -5.79 -1.25
CA ARG B 42 -17.63 -7.76 -19.20
CA ARG B 42 -3.14 -14.11 -9.34
CA ARG B 42 -8.01 18.81 17.42
C ARG B 42 27.34 -5.00 -0.61
C ARG B 42 -17.28 -7.13 -17.86
C ARG B 42 -2.50 -12.92 -8.65
C ARG B 42 -6.90 17.87 17.04
N LEU B 43 26.87 -5.38 0.59
N LEU B 43 -16.15 -7.49 -17.24
N LEU B 43 -1.71 -13.12 -7.59
N LEU B 43 -7.20 16.72 16.43
CA LEU B 43 25.74 -4.66 1.23
CA LEU B 43 -15.81 -6.93 -15.92
CA LEU B 43 -1.12 -11.98 -6.85
CA LEU B 43 -6.14 15.74 16.09
C LEU B 43 26.26 -3.77 2.35
C LEU B 43 -14.73 -5.86 -16.06
C LEU B 43 0.36 -11.84 -7.22
C LEU B 43 -5.83 15.81 14.60
N ILE B 44 25.85 -2.51 2.33
N ILE B 44 -14.98 -4.71 -15.45
N ILE B 44 0.75 -10.62 -7.57
N ILE B 44 -4.54 15.90 14.28
CA ILE B 44 26.28 -1.51 3.30
CA ILE B 44 -14.09 -3.56 -15.52
CA ILE B 44 2.11 -10.32 -8.00
CA ILE B 44 -4.07 16.03 12.91
C ILE B 44 25.11 -0.90 4.06
C ILE B 44 -13.61 -3.11 -14.15
C ILE B 44 2.77 -9.26 -7.13
C ILE B 44 -3.10 14.90 12.54
N PHE B 45 25.28 -0.86 5.40
N PHE B 45 -12.27 -2.91 -14.05
N PHE B 45 4.02 -9.57 -6.69
N PHE B 45 -3.37 14.30 11.35
CA PHE B 45 24.27 -0.25 6.29
CA PHE B 45 -11.66 -2.41 -12.80
CA PHE B 45 4.80 -8.63 -5.88
CA PHE B 45 -2.51 13.24 10.81
C PHE B 45 25.06 0.43 7.42
C PHE B 45 -10.50 -1.50 -13.25
C PHE B 45 6.27 -8.82 -6.34
C PHE B 45 -2.51 13.44 9.29
N ALA B 46 24.70 1.67 7.61
N ALA B 46 -10.53 -0.34 -12.65
N ALA B 46 6.85 -7.69 -6.62
N ALA B 46 -1.30 13.45 8.79
CA ALA B 46 25.26 2.53 8.66
CA ALA B 46 -9.51 0.71 -12.86
CA ALA B 46 8.26 -7.59 -7.04
CA ALA B 46 -1.02 13.58 7.34
C ALA B 46 26.79 2.46 8.67
C ALA B 46 -9.24 0.92 -14.34
C ALA B 46 8.59 -8.60 -8.12
C ALA B 46 -1.82 14.72 6.74
N GLY B 47 27.33 2.55 7.49
N GLY B 47 -10.31 1.01 -15.07
N GLY B 47 7.70 -8.66 -9.08
N GLY B 47 -1.80 15.82 7.43
CA GLY B 47 28.72 2.52 7.14
CA GLY B 47 -10.41 1.19 -16.48
CA GLY B 47 7.71 -9.50 -10.24
CA GLY B 47 -2.46 17.07 7.14
C GLY B 47 29.47 1.24 7.46
C GLY B 47 -9.82 0.13 -17.37
C GLY B 47 7.65 -11.00 -10.01
C GLY B 47 -3.97 17.06 7.08
N LYS B 48 28.79 0.14 7.62
N LYS B 48 -9.65 -1.07 -16.86
N LYS B 48 7.19 -11.42 -8.86
N LYS B 48 -4.60 16.09 7.68
CA LYS B 48 29.43 -1.15 7.88
CA LYS B 48 -9.13 -2.19 -17.66
CA LYS B 48 7.04 -12.85 -8.55
CA LYS B 48 -6.06 16.01 7.72
C LYS B 48 29.14 -2.05 6.66
C LYS B 48 -10.24 -3.24 -17.75
C LYS B 48 5.53 -13.14 -8.39
C LYS B 48 -6.49 16.17 9.19
N GLN B 49 30.09 -2.86 6.26
N GLN B 49 -10.37 -3.89 -18.88
N GLN B 49 5.07 -14.27 -8.84
N GLN B 49 -7.58 16.85 9.44
CA GLN B 49 29.82 -3.85 5.18
CA GLN B 49 -11.36 -5.00 -18.99
CA GLN B 49 3.66 -14.65 -8.60
CA GLN B 49 -8.11 16.94 10.83
C GLN B 49 29.22 -5.05 5.90
C GLN B 49 -10.60 -6.22 -18.46
C GLN B 49 3.68 -15.31 -7.23
C GLN B 49 -8.96 15.68 10.97
N LEU B 50 28.10 -5.55 5.44
N LEU B 50 -11.19 -6.97 -17.56
N LEU B 50 2.80 -14.90 -6.34
N LEU B 50 -8.77 14.92 12.03
CA LEU B 50 27.39 -6.65 6.11
CA LEU B 50 -10.51 -8.11 -16.93
CA LEU B 50 2.78 -15.39 -4.95
CA LEU B 50 -9.48 13.65 12.22
C LEU B 50 28.05 -7.98 5.79
C LEU B 50 -10.54 -9.32 -17.85
C LEU B 50 2.13 -16.76 -4.90
C LEU B 50 -10.89 13.91 12.74
N GLU B 51 28.18 -8.85 6.79
N GLU B 51 -9.43 -10.05 -17.93
N GLU B 51 2.69 -17.68 -4.11
N GLU B 51 -11.87 13.17 12.21
CA GLU B 51 28.87 -10.14 6.57
CA GLU B 51 -9.37 -11.21 -18.86
CA GLU B 51 2.13 -19.06 -4.05
CA GLU B 51 -13.28 13.40 12.62
C GLU B 51 27.85 -11.24 6.43
C GLU B 51 -9.54 -12.49 -18.08
C GLU B 51 1.33 -19.21 -2.78
C GLU B 51 -13.70 12.34 13.60
N ASP B 52 28.03 -12.18 5.53
N ASP B 52 -10.26 -13.45 -18.59
N ASP B 52 0.20 -19.88 -2.81
N ASP B 52 -14.44 12.67 14.63
CA ASP B 52 27.11 -13.27 5.22
CA ASP B 52 -10.59 -14.71 -17.92
CA ASP B 52 -0.73 -20.05 -1.70
CA ASP B 52 -14.86 11.78 15.70
C ASP B 52 26.48 -14.09 6.32
C ASP B 52 -9.51 -15.54 -17.24
C ASP B 52 -0.23 -20.48 -0.32
C ASP B 52 -15.46 10.41 15.40
N GLY B 53 27.24 -14.47 7.33
N GLY B 53 -8.36 -15.67 -17.87
N GLY B 53 0.69 -21.42 -0.27
N GLY B 53 -16.32 10.32 14.41
CA GLY B 53 26.80 -15.32 8.44
CA GLY B 53 -7.23 -16.48 -17.37
CA GLY B 53 1.23 -21.99 0.97
CA GLY B 53 -17.03 9.09 14.03
C GLY B 53 26.09 -14.62 9.56
C GLY B 53 -6.35 -15.83 -16.36
C GLY B 53 2.33 -21.22 1.61
C GLY B 53 -16.28 8.16 13.15
N ARG B 54 26.06 -13.30 9.58
N ARG B 54 -6.50 -14.54 -16.10
N ARG B 54 2.88 -20.20 0.96
N ARG B 54 -15.13 8.55 12.61
CA ARG B 54 25.31 -12.54 10.61
CA ARG B 54 -5.72 -13.84 -15.06
CA ARG B 54 3.92 -19.34 1.56
CA ARG B 54 -14.29 7.65 11.78
C ARG B 54 23.86 -12.42 10.14
C ARG B 54 -6.43 -14.04 -13.73
C ARG B 54 3.22 -18.25 2.37
C ARG B 54 -13.41 6.84 12.71
N THR B 55 23.00 -12.03 11.04
N THR B 55 -5.75 -13.74 -12.65
N THR B 55 3.97 -17.57 3.20
N THR B 55 -12.81 5.80 12.20
CA THR B 55 21.56 -11.81 10.76
CA THR B 55 -6.29 -13.81 -11.27
CA THR B 55 3.48 -16.44 4.02
CA THR B 55 -11.87 4.93 12.93
C THR B 55 21.36 -10.27 10.73
C THR B 55 -6.54 -12.35 -10.83
C THR B 55 4.03 -15.15 3.37
C THR B 55 -10.45 5.28 12.43
N LEU B 56 20.23 -9.86 10.18
N LEU B 56 -7.32 -12.21 -9.77
N LEU B 56 3.46 -14.03 3.76
N LEU B 56 -9.46 4.86 13.18
CA LEU B 56 19.85 -8.44 10.13
CA LEU B 56 -7.60 -10.90 -9.18
CA LEU B 56 3.90 -12.71 3.28
CA LEU B 56 -8.04 5.06 12.80
C LEU B 56 19.74 -7.93 11.57
C LEU B 56 -6.29 -10.28 -8.71
C LEU B 56 5.35 -12.51 3.71
C LEU B 56 -7.80 4.35 11.48
N SER B 57 19.25 -8.77 12.49
N SER B 57 -5.36 -11.11 -8.20
N SER B 57 5.72 -13.01 4.90
N SER B 57 -8.44 3.18 11.27
CA SER B 57 19.13 -8.26 13.88
CA SER B 57 -4.08 -10.51 -7.75
CA SER B 57 7.12 -12.80 5.33
CA SER B 57 -8.19 2.49 9.99
C SER B 57 20.47 -7.93 14.49
C SER B 57 -3.31 -9.87 -8.89
C SER B 57 8.11 -13.50 4.42
C SER B 57 -8.66 3.30 8.80
N ASP B 58 21.52 -8.62 14.06
N ASP B 58 -3.47 -10.40 -10.09
N ASP B 58 7.68 -14.61 3.82
N ASP B 58 -9.69 4.10 8.99
CA ASP B 58 22.89 -8.37 14.58
CA ASP B 58 -2.75 -9.85 -11.27
CA ASP B 58 8.57 -15.38 2.91
CA ASP B 58 -10.23 4.94 7.88
C ASP B 58 23.28 -6.90 14.40
C ASP B 58 -3.05 -8.35 -11.43
C ASP B 58 9.08 -14.48 1.77
C ASP B 58 -9.13 5.82 7.28
N TYR B 59 22.89 -6.37 13.28
N TYR B 59 -4.28 -8.01 -11.18
N TYR B 59 8.22 -13.63 1.30
N TYR B 59 -8.29 6.33 8.14
CA TYR B 59 23.15 -4.98 12.91
CA TYR B 59 -4.78 -6.63 -11.26
CA TYR B 59 8.51 -12.67 0.24
CA TYR B 59 -7.15 7.18 7.79
C TYR B 59 22.03 -4.04 13.33
C TYR B 59 -4.67 -5.89 -9.95
C TYR B 59 9.00 -11.34 0.76
C TYR B 59 -5.88 6.39 7.54
N ASN B 60 21.01 -4.46 14.04
N ASN B 60 -4.09 -6.42 -8.90
N ASN B 60 9.23 -11.13 2.03
N ASN B 60 -5.87 5.07 7.55
CA ASN B 60 19.94 -3.51 14.43
CA ASN B 60 -4.01 -5.67 -7.63
CA ASN B 60 9.71 -9.82 2.50
CA ASN B 60 -4.61 4.34 7.29
C ASN B 60 19.31 -2.86 13.20
C ASN B 60 -5.39 -5.26 -7.15
C ASN B 60 8.74 -8.71 2.10
C ASN B 60 -3.53 4.76 8.30
N ILE B 61 19.00 -3.65 12.20
N ILE B 61 -6.33 -6.18 -7.17
N ILE B 61 7.46 -8.93 2.31
N ILE B 61 -3.89 4.82 9.56
CA ILE B 61 18.30 -3.13 10.99
CA ILE B 61 -7.69 -5.91 -6.63
CA ILE B 61 6.43 -7.88 2.05
CA ILE B 61 -2.89 5.11 10.63
C ILE B 61 16.81 -3.25 11.29
C ILE B 61 -7.64 -6.29 -5.15
C ILE B 61 6.31 -7.08 3.34
C ILE B 61 -2.31 3.77 11.06
N GLN B 62 16.09 -2.16 11.35
N GLN B 62 -7.83 -5.34 -4.26
N GLN B 62 6.64 -5.82 3.34
N GLN B 62 -1.05 3.54 10.87
CA GLN B 62 14.64 -2.15 11.71
CA GLN B 62 -7.73 -5.57 -2.79
CA GLN B 62 6.62 -4.96 4.55
CA GLN B 62 -0.39 2.24 11.19
C GLN B 62 13.82 -1.94 10.44
C GLN B 62 -9.14 -5.64 -2.19
C GLN B 62 5.39 -4.05 4.52
C GLN B 62 0.42 2.37 12.49
N LYS B 63 12.50 -2.11 10.52
N LYS B 63 -9.25 -6.05 -0.93
N LYS B 63 5.10 -3.36 5.61
N LYS B 63 0.89 1.26 13.03
CA LYS B 63 11.62 -2.00 9.37
CA LYS B 63 -10.53 -6.21 -0.27
CA LYS B 63 3.92 -2.52 5.72
CA LYS B 63 1.60 1.25 14.29
C LYS B 63 11.84 -0.65 8.70
C LYS B 63 -11.33 -4.91 -0.38
C LYS B 63 3.91 -1.51 4.57
C LYS B 63 2.78 2.23 14.22
N GLU B 64 11.75 -0.73 7.36
N GLU B 64 -12.64 -5.13 -0.56
N GLU B 64 2.68 -1.28 4.11
N GLU B 64 2.97 2.87 15.37
CA GLU B 64 11.89 0.38 6.45
CA GLU B 64 -13.63 -4.10 -0.68
CA GLU B 64 2.36 -0.37 3.03
CA GLU B 64 4.01 3.85 15.61
C GLU B 64 13.24 1.03 6.35
C GLU B 64 -13.59 -3.22 -1.89
C GLU B 64 2.84 -0.71 1.65
C GLU B 64 3.94 5.15 14.86
N SER B 65 14.25 0.30 6.79
N SER B 65 -12.90 -3.71 -2.92
N SER B 65 3.17 -1.99 1.48
N SER B 65 2.74 5.44 14.38
CA SER B 65 15.65 0.70 6.68
CA SER B 65 -12.83 -3.08 -4.23
CA SER B 65 3.54 -2.55 0.17
CA SER B 65 2.42 6.71 13.73
C SER B 65 16.04 0.59 5.18
C SER B 65 -14.21 -3.23 -4.91
C SER B 65 2.27 -2.60 -0.70
C SER B 65 2.39 7.80 14.82
N THR B 66 17.09 1.27 4.80
N THR B 66 -14.50 -2.41 -5.87
N THR B 66 2.45 -2.68 -1.99
N THR B 66 2.54 9.04 14.43
CA THR B 66 17.62 1.20 3.43
CA THR B 66 -15.74 -2.50 -6.66
CA THR B 66 1.33 -2.83 -2.93
CA THR B 66 2.45 10.18 15.35
C THR B 66 19.05 0.68 3.49
C THR B 66 -15.37 -2.74 -8.12
C THR B 66 1.51 -4.13 -3.70
C THR B 66 1.30 11.08 14.90
N LEU B 67 19.37 -0.38 2.73
N LEU B 67 -15.93 -3.79 -8.74
N LEU B 67 0.48 -5.00 -3.70
N LEU B 67 0.37 11.40 15.81
CA LEU B 67 20.76 -0.86 2.67
CA LEU B 67 -15.71 -4.01 -10.18
CA LEU B 67 0.55 -6.22 -4.51
CA LEU B 67 -0.70 12.34 15.49
C LEU B 67 21.29 -0.36 1.31
C LEU B 67 -17.00 -3.55 -10.87
C LEU B 67 -0.33 -5.95 -5.76
C LEU B 67 -0.31 13.67 16.16
N HIS B 68 22.57 -0.20 1.20
N HIS B 68 -16.93 -3.16 -12.10
N HIS B 68 -0.07 -6.60 -6.82
N HIS B 68 -0.77 14.76 15.66
CA HIS B 68 23.14 0.23 -0.11
CA HIS B 68 -18.15 -2.76 -12.82
CA HIS B 68 -0.92 -6.41 -8.02
CA HIS B 68 -0.45 16.05 16.31
C HIS B 68 23.80 -1.01 -0.71
C HIS B 68 -18.48 -3.90 -13.78
C HIS B 68 -1.80 -7.65 -8.13
C HIS B 68 -1.73 16.49 17.01
N LEU B 69 23.57 -1.23 -1.99
N LEU B 69 -19.74 -4.29 -13.84
N LEU B 69 -3.08 -7.45 -8.39
N LEU B 69 -1.60 16.96 18.24
CA LEU B 69 24.20 -2.35 -2.70
CA LEU B 69 -20.20 -5.32 -14.77
CA LEU B 69 -4.02 -8.56 -8.60
CA LEU B 69 -2.74 17.48 19.01
C LEU B 69 25.28 -1.86 -3.63
C LEU B 69 -20.98 -4.73 -15.90
C LEU B 69 -4.39 -8.71 -10.03
C LEU B 69 -2.69 18.97 19.11
N VAL B 70 26.51 -2.21 -3.42
N VAL B 70 -20.52 -4.82 -17.11
N VAL B 70 -4.06 -9.78 -10.68
N VAL B 70 -3.61 19.68 18.57
CA VAL B 70 27.59 -1.84 -4.37
CA VAL B 70 -21.32 -4.35 -18.28
CA VAL B 70 -4.51 -10.02 -12.08
CA VAL B 70 -3.66 21.16 18.74
C VAL B 70 27.95 -3.18 -5.04
C VAL B 70 -21.75 -5.65 -18.97
C VAL B 70 -5.56 -11.13 -11.94
C VAL B 70 -4.86 21.37 19.68
N LEU B 71 28.19 -3.16 -6.33
N LEU B 71 -22.97 -5.71 -19.45
N LEU B 71 -6.64 -11.04 -12.68
N LEU B 71 -4.75 22.28 20.61
CA LEU B 71 28.58 -4.40 -7.05
CA LEU B 71 -23.46 -6.92 -20.16
CA LEU B 71 -7.69 -12.09 -12.63
CA LEU B 71 -5.87 22.57 21.54
C LEU B 71 30.08 -4.48 -7.16
C LEU B 71 -23.30 -6.73 -21.65
C LEU B 71 -7.47 -13.08 -13.75
C LEU B 71 -6.65 23.76 21.04
N MET A 1 6.38 18.40 -20.67
CA MET A 1 5.74 19.56 -20.05
C MET A 1 6.28 19.67 -18.60
N GLN A 2 6.34 20.88 -18.14
CA GLN A 2 6.81 21.11 -16.74
C GLN A 2 5.61 21.10 -15.81
N ILE A 3 5.80 20.45 -14.66
CA ILE A 3 4.77 20.47 -13.61
C ILE A 3 5.53 20.83 -12.30
N PHE A 4 4.75 21.23 -11.33
CA PHE A 4 5.40 21.59 -10.01
C PHE A 4 4.91 20.64 -8.96
N VAL A 5 5.74 20.16 -8.03
CA VAL A 5 5.27 19.32 -6.95
C VAL A 5 5.58 20.10 -5.65
N LYS A 6 4.57 20.50 -4.95
CA LYS A 6 4.78 21.30 -3.70
C LYS A 6 4.77 20.35 -2.53
N THR A 7 5.82 20.41 -1.68
CA THR A 7 5.88 19.52 -0.51
C THR A 7 5.42 20.27 0.74
N LEU A 8 5.24 19.58 1.84
CA LEU A 8 4.74 20.24 3.07
C LEU A 8 5.81 21.08 3.74
N THR A 9 7.06 21.03 3.24
CA THR A 9 8.08 21.90 3.94
C THR A 9 8.35 23.16 3.18
N GLY A 10 7.52 23.50 2.24
CA GLY A 10 7.67 24.69 1.43
C GLY A 10 8.68 24.63 0.33
N LYS A 11 9.10 23.43 0.00
CA LYS A 11 10.01 23.21 -1.12
C LYS A 11 9.11 22.84 -2.31
N THR A 12 9.42 23.38 -3.48
CA THR A 12 8.62 22.98 -4.66
C THR A 12 9.61 22.35 -5.64
N ILE A 13 9.25 21.19 -6.17
CA ILE A 13 10.23 20.60 -7.13
C ILE A 13 9.65 20.67 -8.52
N THR A 14 10.47 20.94 -9.51
CA THR A 14 9.89 20.97 -10.89
C THR A 14 10.25 19.66 -11.57
N LEU A 15 9.33 19.09 -12.33
CA LEU A 15 9.58 17.83 -13.01
C LEU A 15 9.25 18.02 -14.49
N GLU A 16 9.89 17.22 -15.31
CA GLU A 16 9.51 17.26 -16.76
C GLU A 16 8.85 15.92 -17.00
N VAL A 17 7.60 16.03 -17.42
CA VAL A 17 6.77 14.86 -17.67
C VAL A 17 5.93 15.04 -18.95
N GLU A 18 5.32 13.93 -19.31
CA GLU A 18 4.37 13.84 -20.41
C GLU A 18 3.06 13.38 -19.82
N PRO A 19 1.95 13.87 -20.34
CA PRO A 19 0.61 13.47 -19.90
C PRO A 19 0.43 11.98 -19.97
N SER A 20 1.19 11.31 -20.81
CA SER A 20 1.03 9.85 -20.98
C SER A 20 1.72 9.11 -19.87
N ASP A 21 2.49 9.83 -19.05
CA ASP A 21 3.19 9.10 -17.96
C ASP A 21 2.21 8.63 -16.92
N THR A 22 2.51 7.52 -16.30
CA THR A 22 1.71 6.99 -15.21
C THR A 22 2.16 7.68 -13.91
N ILE A 23 1.25 7.61 -12.94
CA ILE A 23 1.52 8.13 -11.60
C ILE A 23 2.72 7.40 -10.98
N GLU A 24 2.80 6.12 -11.24
CA GLU A 24 3.98 5.32 -10.73
C GLU A 24 5.27 5.90 -11.23
N CYS A 25 5.30 6.34 -12.52
CA CYS A 25 6.50 6.91 -13.13
C CYS A 25 6.85 8.24 -12.50
N VAL A 26 5.82 9.05 -12.28
CA VAL A 26 6.04 10.34 -11.65
C VAL A 26 6.71 10.15 -10.29
N LYS A 27 6.18 9.20 -9.52
CA LYS A 27 6.74 8.92 -8.19
C LYS A 27 8.19 8.48 -8.29
N ALA A 28 8.54 7.70 -9.30
CA ALA A 28 9.92 7.29 -9.53
C ALA A 28 10.80 8.47 -9.89
N LYS A 29 10.31 9.43 -10.66
CA LYS A 29 11.09 10.64 -10.97
C LYS A 29 11.35 11.47 -9.69
N ILE A 30 10.35 11.49 -8.81
CA ILE A 30 10.50 12.25 -7.55
C ILE A 30 11.53 11.50 -6.70
N GLN A 31 11.49 10.19 -6.69
CA GLN A 31 12.50 9.45 -5.86
C GLN A 31 13.90 9.76 -6.40
N ASP A 32 14.01 9.63 -7.70
CA ASP A 32 15.30 9.91 -8.37
C ASP A 32 15.83 11.29 -8.03
N LYS A 33 14.94 12.30 -7.98
CA LYS A 33 15.50 13.66 -7.74
C LYS A 33 15.53 14.13 -6.33
N GLU A 34 14.74 13.67 -5.41
CA GLU A 34 14.73 14.09 -4.02
C GLU A 34 14.92 12.96 -3.04
N GLY A 35 14.94 11.73 -3.52
CA GLY A 35 15.18 10.58 -2.69
C GLY A 35 14.07 10.02 -1.89
N ILE A 36 12.84 10.55 -2.06
CA ILE A 36 11.72 10.01 -1.29
C ILE A 36 11.20 8.72 -1.91
N PRO A 37 11.15 7.65 -1.13
CA PRO A 37 10.64 6.34 -1.58
C PRO A 37 9.21 6.46 -2.09
N PRO A 38 8.88 5.84 -3.19
CA PRO A 38 7.51 5.95 -3.73
C PRO A 38 6.45 5.52 -2.76
N ASP A 39 6.74 4.57 -1.90
CA ASP A 39 5.72 4.05 -0.95
C ASP A 39 5.34 5.08 0.11
N GLN A 40 6.16 6.11 0.23
CA GLN A 40 5.83 7.18 1.22
C GLN A 40 5.08 8.36 0.58
N GLN A 41 5.02 8.40 -0.74
CA GLN A 41 4.40 9.48 -1.46
C GLN A 41 2.90 9.36 -1.66
N ARG A 42 2.21 10.46 -1.32
CA ARG A 42 0.75 10.57 -1.60
C ARG A 42 0.62 11.80 -2.48
N LEU A 43 0.18 11.67 -3.73
CA LEU A 43 0.09 12.84 -4.63
C LEU A 43 -1.35 13.30 -4.76
N ILE A 44 -1.57 14.59 -4.57
CA ILE A 44 -2.91 15.19 -4.61
C ILE A 44 -3.02 16.28 -5.66
N PHE A 45 -4.11 16.19 -6.46
CA PHE A 45 -4.39 17.20 -7.50
C PHE A 45 -5.92 17.33 -7.53
N ALA A 46 -6.32 18.58 -7.46
CA ALA A 46 -7.74 18.98 -7.52
C ALA A 46 -8.59 18.14 -6.58
N GLY A 47 -8.08 17.99 -5.40
CA GLY A 47 -8.62 17.24 -4.29
C GLY A 47 -8.80 15.76 -4.47
N CYS A 48 -8.13 15.15 -5.41
CA CYS A 48 -8.12 13.71 -5.63
C CYS A 48 -6.78 13.12 -5.25
N GLN A 49 -6.74 11.97 -4.70
CA GLN A 49 -5.43 11.30 -4.47
C GLN A 49 -5.16 10.55 -5.77
N LEU A 50 -3.98 10.72 -6.33
CA LEU A 50 -3.65 10.11 -7.64
C LEU A 50 -3.29 8.65 -7.46
N GLU A 51 -3.77 7.80 -8.37
CA GLU A 51 -3.53 6.34 -8.25
C GLU A 51 -2.42 5.92 -9.18
N ASP A 52 -1.53 5.06 -8.79
CA ASP A 52 -0.35 4.62 -9.54
C ASP A 52 -0.48 4.20 -10.99
N GLY A 53 -1.50 3.45 -11.32
CA GLY A 53 -1.74 2.91 -12.67
C GLY A 53 -2.40 3.82 -13.65
N ARG A 54 -2.89 4.98 -13.21
CA ARG A 54 -3.49 5.96 -14.13
C ARG A 54 -2.37 6.83 -14.68
N THR A 55 -2.66 7.57 -15.72
CA THR A 55 -1.72 8.53 -16.36
C THR A 55 -2.16 9.94 -15.93
N LEU A 56 -1.27 10.90 -16.12
CA LEU A 56 -1.55 12.31 -15.83
C LEU A 56 -2.72 12.75 -16.70
N SER A 57 -2.80 12.25 -17.95
CA SER A 57 -3.93 12.69 -18.80
C SER A 57 -5.26 12.26 -18.24
N ASP A 58 -5.29 11.15 -17.53
CA ASP A 58 -6.56 10.64 -16.93
C ASP A 58 -7.20 11.71 -16.05
N TYR A 59 -6.37 12.41 -15.33
CA TYR A 59 -6.76 13.49 -14.42
C TYR A 59 -6.79 14.84 -15.09
N ASN A 60 -6.55 14.98 -16.38
CA ASN A 60 -6.58 16.32 -16.99
C ASN A 60 -5.58 17.25 -16.32
N ILE A 61 -4.36 16.77 -16.10
CA ILE A 61 -3.28 17.62 -15.54
C ILE A 61 -2.59 18.28 -16.73
N GLN A 62 -2.64 19.57 -16.85
CA GLN A 62 -2.07 20.32 -18.00
C GLN A 62 -0.74 20.97 -17.58
N LYS A 63 0.04 21.51 -18.58
CA LYS A 63 1.33 22.10 -18.24
C LYS A 63 1.17 23.16 -17.17
N GLU A 64 2.22 23.18 -16.36
CA GLU A 64 2.37 24.09 -15.26
C GLU A 64 1.44 23.96 -14.10
N SER A 65 0.81 22.79 -14.03
CA SER A 65 -0.07 22.42 -12.91
C SER A 65 0.84 22.18 -11.68
N THR A 66 0.25 22.25 -10.50
CA THR A 66 0.96 21.97 -9.25
C THR A 66 0.29 20.77 -8.56
N LEU A 67 1.06 19.74 -8.22
CA LEU A 67 0.49 18.62 -7.46
C LEU A 67 0.98 18.81 -6.00
N HIS A 68 0.26 18.31 -5.06
CA HIS A 68 0.72 18.43 -3.66
C HIS A 68 1.24 17.05 -3.26
N LEU A 69 2.38 17.02 -2.60
CA LEU A 69 2.96 15.77 -2.10
C LEU A 69 2.83 15.67 -0.60
N VAL A 70 2.10 14.73 -0.09
CA VAL A 70 2.03 14.52 1.38
C VAL A 70 2.81 13.21 1.60
N LEU A 71 3.60 13.15 2.65
CA LEU A 71 4.36 11.93 2.95
C LEU A 71 3.61 11.09 3.95
N ARG A 72 3.56 9.80 3.74
N ARG A 72 3.52 9.79 3.74
N ARG A 72 3.56 9.80 3.74
N ARG A 72 3.51 9.79 3.70
CA ARG A 72 2.86 8.90 4.68
CA ARG A 72 2.79 8.91 4.68
CA ARG A 72 2.85 8.91 4.68
CA ARG A 72 2.81 8.85 4.58
C ARG A 72 3.89 8.51 5.72
C ARG A 72 2.67 7.57 3.97
C ARG A 72 3.51 9.13 6.04
C ARG A 72 2.48 7.64 3.71
N LEU A 73 3.66 8.69 6.98
N LEU A 73 2.49 6.48 4.65
N LEU A 73 2.88 8.85 7.13
N LEU A 73 1.61 6.76 4.09
CA LEU A 73 4.68 8.31 7.98
CA LEU A 73 2.37 5.18 3.95
CA LEU A 73 3.53 9.08 8.44
CA LEU A 73 1.32 5.59 3.23
C LEU A 73 4.01 7.81 9.25
C LEU A 73 0.93 4.96 3.49
C LEU A 73 2.87 8.24 9.51
C LEU A 73 2.43 4.56 3.37
N ARG A 74 4.54 6.70 9.75
N ARG A 74 0.82 4.09 2.49
N ARG A 74 3.40 8.37 10.71
N ARG A 74 2.98 4.52 4.56
CA ARG A 74 4.02 6.05 10.97
CA ARG A 74 -0.48 3.76 1.89
CA ARG A 74 2.91 7.63 11.89
CA ARG A 74 4.08 3.60 4.90
C ARG A 74 5.17 5.35 11.67
C ARG A 74 -0.31 2.54 0.99
C ARG A 74 3.53 6.24 11.89
C ARG A 74 3.48 2.24 5.28
N GLY A 75 4.96 5.10 12.97
N GLY A 75 -1.38 1.78 0.87
N GLY A 75 3.70 5.70 13.10
N GLY A 75 4.01 1.20 4.64
CA GLY A 75 5.94 4.43 13.82
CA GLY A 75 -1.42 0.57 0.06
CA GLY A 75 4.29 4.40 13.32
CA GLY A 75 3.57 -0.17 4.85
C GLY A 75 5.50 3.10 14.38
C GLY A 75 -1.11 -0.72 0.81
C GLY A 75 3.36 3.22 13.10
C GLY A 75 4.66 -1.21 4.68
N GLY A 76 6.49 2.26 14.57
N GLY A 76 -1.57 -1.79 0.21
N GLY A 76 3.95 2.05 13.24
N GLY A 76 4.35 -2.38 5.23
CA GLY A 76 6.34 0.90 15.11
CA GLY A 76 -1.39 -3.17 0.71
CA GLY A 76 3.27 0.75 13.09
CA GLY A 76 5.22 -3.57 5.19
C GLY A 76 6.22 -0.09 13.94
C GLY A 76 -2.70 -3.61 1.39
C GLY A 76 3.74 0.11 11.77
C GLY A 76 5.39 -4.07 6.64
N MET B 1 8.81 -8.16 7.89
N MET B 1 -8.51 -12.72 -0.69
N MET B 1 -2.07 -5.79 9.62
N MET B 1 -1.61 -4.72 15.23
CA MET B 1 8.77 -6.68 7.81
CA MET B 1 -8.53 -11.25 -0.55
CA MET B 1 -1.38 -4.75 8.82
CA MET B 1 -0.55 -3.99 14.51
C MET B 1 9.31 -6.28 6.43
C MET B 1 -10.01 -10.80 -0.66
C MET B 1 -2.26 -4.50 7.57
C MET B 1 -0.14 -2.79 15.39
N GLN B 2 8.80 -5.18 5.96
N GLN B 2 -10.29 -9.73 0.02
N GLN B 2 -2.18 -3.29 7.11
N GLN B 2 1.11 -2.43 15.25
CA GLN B 2 9.28 -4.67 4.64
CA GLN B 2 -11.68 -9.18 -0.04
CA GLN B 2 -2.96 -2.94 5.87
CA GLN B 2 1.60 -1.26 16.03
C GLN B 2 10.45 -3.70 4.87
C GLN B 2 -11.76 -8.17 -1.18
C GLN B 2 -2.08 -3.17 4.66
C GLN B 2 1.44 0.00 15.19
N ILE B 3 11.46 -3.83 4.02
N ILE B 3 -12.87 -8.23 -1.90
N ILE B 3 -2.69 -3.74 3.63
N ILE B 3 0.99 1.05 15.85
CA ILE B 3 12.58 -2.89 4.05
CA ILE B 3 -13.15 -7.22 -2.95
CA ILE B 3 -1.99 -3.89 2.33
CA ILE B 3 0.92 2.38 15.19
C ILE B 3 12.79 -2.45 2.56
C ILE B 3 -14.60 -6.76 -2.69
C ILE B 3 -2.98 -3.35 1.26
C ILE B 3 1.60 3.38 16.18
N PHE B 4 13.51 -1.35 2.44
N PHE B 4 -14.91 -5.63 -3.29
N PHE B 4 -2.42 -3.09 0.11
N PHE B 4 1.93 4.52 15.61
CA PHE B 4 13.76 -0.85 1.04
CA PHE B 4 -16.32 -5.10 -3.11
CA PHE B 4 -3.31 -2.57 -1.00
CA PHE B 4 2.60 5.55 16.49
C PHE B 4 15.24 -0.91 0.77
C PHE B 4 -17.00 -5.09 -4.45
C PHE B 4 -3.32 -3.57 -2.12
C PHE B 4 1.70 6.76 16.58
N VAL B 5 15.71 -1.31 -0.42
N VAL B 5 -18.27 -5.44 -4.57
N VAL B 5 -4.44 -3.84 -2.79
N VAL B 5 1.55 7.41 17.72
CA VAL B 5 17.12 -1.30 -0.73
CA VAL B 5 -18.99 -5.36 -5.83
CA VAL B 5 -4.47 -4.74 -3.92
CA VAL B 5 0.76 8.62 17.83
C VAL B 5 17.27 -0.31 -1.91
C VAL B 5 -20.13 -4.35 -5.59
C VAL B 5 -4.93 -3.87 -5.12
C VAL B 5 1.75 9.73 18.27
N LYS B 6 17.94 0.78 -1.70
N LYS B 6 -20.09 -3.23 -6.25
N LYS B 6 -4.09 -3.68 -6.07
N LYS B 6 1.99 10.68 17.44
CA LYS B 6 18.09 1.80 -2.78
CA LYS B 6 -21.14 -2.19 -6.04
CA LYS B 6 -4.45 -2.81 -7.25
CA LYS B 6 2.97 11.76 17.77
C LYS B 6 19.40 1.55 -3.48
C LYS B 6 -22.20 -2.37 -7.10
C LYS B 6 -4.96 -3.71 -8.35
C LYS B 6 2.20 12.93 18.33
N THR B 7 19.38 1.43 -4.82
N THR B 7 -23.48 -2.47 -6.69
N THR B 7 -6.15 -3.42 -8.89
N THR B 7 2.61 13.41 19.53
CA THR B 7 20.62 1.19 -5.56
CA THR B 7 -24.56 -2.65 -7.68
CA THR B 7 -6.70 -4.24 -9.97
CA THR B 7 1.90 14.54 20.15
C THR B 7 21.13 2.50 -6.16
C THR B 7 -25.23 -1.29 -7.93
C THR B 7 -6.44 -3.57 -11.32
C THR B 7 2.68 15.83 19.88
N LEU B 8 22.33 2.52 -6.70
N LEU B 8 -26.10 -1.21 -8.92
N LEU B 8 -6.69 -4.25 -12.41
N LEU B 8 2.11 16.98 20.19
CA LEU B 8 22.90 3.77 -7.25
CA LEU B 8 -26.76 0.06 -9.25
CA LEU B 8 -6.43 -3.67 -13.75
CA LEU B 8 2.79 18.27 19.91
C LEU B 8 22.26 4.18 -8.56
C LEU B 8 -27.83 0.46 -8.24
C LEU B 8 -7.43 -2.61 -14.14
C LEU B 8 3.93 18.54 20.87
N THR B 9 21.39 3.32 -9.12
N THR B 9 -28.14 -0.44 -7.28
N THR B 9 -8.48 -2.41 -13.33
N THR B 9 4.12 17.69 21.89
CA THR B 9 20.77 3.77 -10.42
CA THR B 9 -29.19 0.00 -6.30
CA THR B 9 -9.46 -1.35 -13.75
CA THR B 9 5.27 17.99 22.81
C THR B 9 19.38 4.30 -10.23
C THR B 9 -28.59 0.45 -5.00
C THR B 9 -9.26 -0.07 -12.98
C THR B 9 6.45 17.12 22.53
N GLY B 10 18.99 4.58 -9.03
N GLY B 10 -27.33 0.70 -4.97
N GLY B 10 -8.16 0.06 -12.30
N GLY B 10 6.47 16.46 21.41
CA GLY B 10 17.69 5.11 -8.70
CA GLY B 10 -26.62 1.14 -3.79
CA GLY B 10 -7.84 1.23 -11.52
CA GLY B 10 7.55 15.58 21.00
C GLY B 10 16.57 4.11 -8.69
C GLY B 10 -26.32 0.09 -2.76
C GLY B 10 -8.53 1.35 -10.19
C GLY B 10 7.58 14.24 21.65
N LYS B 11 16.91 2.85 -8.64
N LYS B 11 -26.39 -1.15 -3.16
N LYS B 11 -9.06 0.26 -9.73
N LYS B 11 6.49 13.85 22.25
CA LYS B 11 15.93 1.78 -8.52
CA LYS B 11 -26.02 -2.27 -2.31
CA LYS B 11 -9.67 0.19 -8.40
CA LYS B 11 6.34 12.52 22.83
C LYS B 11 15.87 1.44 -7.01
C LYS B 11 -24.58 -2.62 -2.71
C LYS B 11 -8.58 -0.38 -7.48
C LYS B 11 5.63 11.68 21.76
N THR B 12 14.68 1.24 -6.50
N THR B 12 -23.74 -2.90 -1.72
N THR B 12 -8.46 0.17 -6.29
N THR B 12 6.07 10.45 21.58
CA THR B 12 14.60 0.83 -5.08
CA THR B 12 -22.38 -3.31 -2.06
CA THR B 12 -7.48 -0.41 -5.35
CA THR B 12 5.36 9.59 20.62
C THR B 12 13.91 -0.54 -5.08
C THR B 12 -22.20 -4.71 -1.48
C THR B 12 -8.28 -0.85 -4.12
C THR B 12 4.85 8.39 21.42
N ILE B 13 14.50 -1.48 -4.34
N ILE B 13 -21.69 -5.63 -2.29
N ILE B 13 -8.04 -2.08 -3.68
N ILE B 13 3.57 8.06 21.24
CA ILE B 13 13.81 -2.81 -4.33
CA ILE B 13 -21.52 -7.00 -1.70
CA ILE B 13 -8.83 -2.48 -2.47
CA ILE B 13 3.11 6.88 22.02
C ILE B 13 13.20 -3.03 -2.98
C ILE B 13 -20.05 -7.27 -1.52
C ILE B 13 -7.90 -2.57 -1.30
C ILE B 13 2.87 5.73 21.09
N THR B 14 12.03 -3.63 -2.92
N THR B 14 -19.68 -7.92 -0.44
N THR B 14 -8.35 -2.17 -0.13
N THR B 14 3.19 4.52 21.49
CA THR B 14 11.46 -3.89 -1.57
CA THR B 14 -18.23 -8.22 -0.29
CA THR B 14 -7.44 -2.29 1.05
CA THR B 14 2.92 3.39 20.56
C THR B 14 11.68 -5.33 -1.24
C THR B 14 -18.00 -9.66 -0.67
C THR B 14 -7.86 -3.51 1.83
C THR B 14 1.66 2.70 21.03
N LEU B 15 12.03 -5.65 0.01
N LEU B 15 -16.93 -9.98 -1.38
N LEU B 15 -6.92 -4.28 2.33
N LEU B 15 0.79 2.29 20.12
CA LEU B 15 12.29 -7.01 0.41
CA LEU B 15 -16.64 -11.33 -1.80
CA LEU B 15 -7.23 -5.48 3.09
CA LEU B 15 -0.45 1.62 20.48
C LEU B 15 11.42 -7.32 1.64
C LEU B 15 -15.23 -11.69 -1.34
C LEU B 15 -6.48 -5.41 4.44
C LEU B 15 -0.53 0.30 19.72
N GLU B 16 11.11 -8.59 1.81
N GLU B 16 -15.00 -12.96 -1.16
N GLU B 16 -7.03 -6.08 5.41
N GLU B 16 -1.26 -0.63 20.29
CA GLU B 16 10.39 -8.95 3.07
CA GLU B 16 -13.59 -13.38 -0.84
CA GLU B 16 -6.27 -6.15 6.71
CA GLU B 16 -1.48 -1.90 19.51
C GLU B 16 11.41 -9.76 3.85
C GLU B 16 -13.17 -14.15 -2.07
C GLU B 16 -5.87 -7.60 6.81
C GLU B 16 -2.96 -1.85 19.18
N VAL B 17 11.68 -9.24 5.03
N VAL B 17 -12.10 -13.63 -2.66
N VAL B 17 -4.55 -7.76 6.88
N VAL B 17 -3.20 -1.88 17.88
CA VAL B 17 12.67 -9.84 5.93
CA VAL B 17 -11.54 -14.19 -3.89
CA VAL B 17 -3.94 -9.08 6.93
CA VAL B 17 -4.55 -1.81 17.34
C VAL B 17 12.18 -9.82 7.39
C VAL B 17 -10.01 -14.20 -3.84
C VAL B 17 -2.77 -9.11 7.94
C VAL B 17 -4.73 -2.77 16.16
N GLU B 18 12.96 -10.52 8.17
N GLU B 18 -9.49 -14.87 -4.84
N GLU B 18 -2.34 -10.34 8.15
N GLU B 18 -5.99 -2.87 15.79
CA GLU B 18 12.79 -10.58 9.62
CA GLU B 18 -8.05 -14.96 -5.11
CA GLU B 18 -1.17 -10.65 8.98
CA GLU B 18 -6.43 -3.63 14.62
C GLU B 18 14.09 -10.05 10.23
C GLU B 18 -7.83 -14.36 -6.50
C GLU B 18 -0.17 -11.35 8.07
C GLU B 18 -7.10 -2.64 13.69
N PRO B 19 14.00 -9.35 11.34
N PRO B 19 -6.72 -13.68 -6.69
N PRO B 19 1.11 -11.10 8.27
N PRO B 19 -6.95 -2.84 12.39
CA PRO B 19 15.16 -8.82 12.05
CA PRO B 19 -6.37 -13.10 -7.99
CA PRO B 19 2.16 -11.76 7.49
CA PRO B 19 -7.60 -1.99 11.39
C PRO B 19 16.15 -9.91 12.37
C PRO B 19 -6.36 -14.14 -9.09
C PRO B 19 2.06 -13.26 7.55
C PRO B 19 -9.09 -1.91 11.58
N SER B 20 15.69 -11.14 12.47
N SER B 20 -6.17 -15.39 -8.72
N SER B 20 1.43 -13.78 8.59
N SER B 20 -9.66 -2.92 12.21
CA SER B 20 16.59 -12.25 12.85
CA SER B 20 -6.10 -16.46 -9.73
CA SER B 20 1.33 -15.24 8.75
CA SER B 20 -11.12 -2.95 12.39
C SER B 20 17.39 -12.71 11.65
C SER B 20 -7.48 -16.87 -10.19
C SER B 20 0.22 -15.80 7.88
C SER B 20 -11.54 -2.06 13.54
N ASP B 21 17.06 -12.20 10.47
N ASP B 21 -8.51 -16.35 -9.51
N ASP B 21 -0.56 -14.92 7.27
N ASP B 21 -10.57 -1.56 14.29
CA ASP B 21 17.85 -12.66 9.28
CA ASP B 21 -9.87 -16.77 -9.93
CA ASP B 21 -1.67 -15.46 6.43
CA ASP B 21 -10.97 -0.70 15.45
C ASP B 21 19.25 -12.11 9.35
C ASP B 21 -10.21 -16.15 -11.26
C ASP B 21 -1.11 -16.08 5.18
C ASP B 21 -11.51 0.61 14.94
N THR B 22 20.19 -12.87 8.82
N THR B 22 -11.01 -16.86 -12.04
N THR B 22 -1.79 -17.11 4.69
N THR B 22 -12.45 1.18 15.70
CA THR B 22 21.56 -12.44 8.71
CA THR B 22 -11.49 -16.35 -13.31
CA THR B 22 -1.43 -17.75 3.45
CA THR B 22 -13.00 2.47 15.39
C THR B 22 21.70 -11.59 7.43
C THR B 22 -12.73 -15.48 -13.04
C THR B 22 -2.05 -16.94 2.29
C THR B 22 -12.06 3.55 15.98
N ILE B 23 22.79 -10.80 7.44
N ILE B 23 -13.02 -14.65 -14.04
N ILE B 23 -1.46 -17.18 1.12
N ILE B 23 -12.22 4.75 15.44
CA ILE B 23 23.13 -9.99 6.27
CA ILE B 23 -14.21 -13.80 -14.01
CA ILE B 23 -1.97 -16.58 -0.12
CA ILE B 23 -11.49 5.91 15.93
C ILE B 23 23.40 -10.89 5.07
C ILE B 23 -15.48 -14.67 -13.95
C ILE B 23 -3.40 -17.03 -0.38
C ILE B 23 -11.84 6.18 17.40
N GLU B 24 24.01 -12.03 5.30
N GLU B 24 -15.45 -15.78 -14.65
N GLU B 24 -3.68 -18.28 -0.07
N GLU B 24 -13.10 5.97 17.74
CA GLU B 24 24.25 -13.00 4.18
CA GLU B 24 -16.60 -16.73 -14.61
CA GLU B 24 -5.08 -18.80 -0.23
CA GLU B 24 -13.52 6.14 19.17
C GLU B 24 22.95 -13.39 3.53
C GLU B 24 -16.87 -17.18 -13.19
C GLU B 24 -6.05 -17.99 0.58
C GLU B 24 -12.73 5.24 20.08
N ASN B 25 21.92 -13.59 4.32
N ASN B 25 -15.82 -17.43 -12.44
N ASN B 25 -5.65 -17.61 1.78
N ASN B 25 -12.48 4.02 19.64
CA ASN B 25 20.58 -13.98 3.86
CA ASN B 25 -15.89 -17.89 -11.05
CA ASN B 25 -6.46 -16.81 2.71
CA ASN B 25 -11.72 3.00 20.38
C ASN B 25 19.93 -12.88 3.01
C ASN B 25 -16.48 -16.82 -10.14
C ASN B 25 -6.73 -15.41 2.17
C ASN B 25 -10.27 3.42 20.57
N VAL B 26 20.07 -11.67 3.52
N VAL B 26 -16.02 -15.60 -10.36
N VAL B 26 -5.66 -14.82 1.64
N VAL B 26 -9.69 3.92 19.49
CA VAL B 26 19.53 -10.51 2.81
CA VAL B 26 -16.51 -14.46 -9.59
CA VAL B 26 -5.77 -13.49 1.05
CA VAL B 26 -8.32 4.39 19.52
C VAL B 26 20.16 -10.43 1.42
C VAL B 26 -18.02 -14.35 -9.78
C VAL B 26 -6.79 -13.51 -0.07
C VAL B 26 -8.18 5.48 20.57
N LYS B 27 21.48 -10.59 1.37
N LYS B 27 -18.44 -14.44 -11.04
N LYS B 27 -6.69 -14.53 -0.92
N LYS B 27 -9.12 6.42 20.55
CA LYS B 27 22.20 -10.54 0.09
CA LYS B 27 -19.88 -14.33 -11.36
CA LYS B 27 -7.63 -14.65 -2.05
CA LYS B 27 -9.10 7.54 21.51
C LYS B 27 21.71 -11.63 -0.85
C LYS B 27 -20.67 -15.43 -10.67
C LYS B 27 -9.06 -14.79 -1.56
C LYS B 27 -9.19 7.02 22.94
N ALA B 28 21.41 -12.81 -0.33
N ALA B 28 -20.11 -16.63 -10.59
N ALA B 28 -9.27 -15.51 -0.47
N ALA B 28 -9.99 5.99 23.17
CA ALA B 28 20.87 -13.89 -1.15
CA ALA B 28 -20.77 -17.74 -9.89
CA ALA B 28 -10.61 -15.64 0.13
CA ALA B 28 -10.10 5.38 24.50
C ALA B 28 19.48 -13.56 -1.67
C ALA B 28 -20.86 -17.47 -8.39
C ALA B 28 -11.10 -14.31 0.67
C ALA B 28 -8.80 4.71 24.91
N LYS B 29 18.64 -12.90 -0.88
N LYS B 29 -19.85 -16.86 -7.78
N LYS B 29 -10.25 -13.49 1.26
N LYS B 29 -8.09 4.07 23.99
CA LYS B 29 17.31 -12.46 -1.36
CA LYS B 29 -19.91 -16.49 -6.36
CA LYS B 29 -10.65 -12.15 1.72
CA LYS B 29 -6.77 3.49 24.31
C LYS B 29 17.45 -11.44 -2.49
C LYS B 29 -21.01 -15.44 -6.11
C LYS B 29 -11.06 -11.26 0.55
C LYS B 29 -5.76 4.58 24.69
N ILE B 30 18.46 -10.56 -2.37
N ILE B 30 -21.16 -14.53 -7.07
N ILE B 30 -10.34 -11.42 -0.57
N ILE B 30 -5.86 5.71 24.01
CA ILE B 30 18.67 -9.55 -3.40
CA ILE B 30 -22.19 -13.49 -6.93
CA ILE B 30 -10.66 -10.61 -1.76
CA ILE B 30 -4.93 6.82 24.30
C ILE B 30 19.17 -10.28 -4.65
C ILE B 30 -23.55 -14.18 -7.08
C ILE B 30 -12.01 -11.12 -2.30
C ILE B 30 -5.31 7.37 25.69
N GLN B 31 20.02 -11.26 -4.50
N GLN B 31 -23.67 -15.13 -7.97
N GLN B 31 -12.24 -12.41 -2.28
N GLN B 31 -6.58 7.46 25.99
CA GLN B 31 20.50 -11.99 -5.73
CA GLN B 31 -24.99 -15.81 -8.12
CA GLN B 31 -13.56 -12.90 -2.78
CA GLN B 31 -6.96 7.98 27.34
C GLN B 31 19.29 -12.65 -6.41
C GLN B 31 -25.33 -16.53 -6.80
C GLN B 31 -14.69 -12.32 -1.91
C GLN B 31 -6.40 7.02 28.41
N ASP B 32 18.53 -13.33 -5.60
N ASP B 32 -24.34 -17.25 -6.33
N ASP B 32 -14.47 -12.46 -0.62
N ASP B 32 -6.66 5.76 28.18
CA ASP B 32 17.32 -14.03 -6.10
CA ASP B 32 -24.50 -18.00 -5.07
CA ASP B 32 -15.45 -11.94 0.37
CA ASP B 32 -6.18 4.70 29.12
C ASP B 32 16.41 -13.09 -6.86
C ASP B 32 -24.94 -17.11 -3.93
C ASP B 32 -15.76 -10.48 0.13
C ASP B 32 -4.69 4.81 29.35
N LYS B 33 16.23 -11.85 -6.35
N LYS B 33 -24.36 -15.88 -3.85
N LYS B 33 -14.73 -9.67 -0.17
N LYS B 33 -3.91 5.07 28.28
CA LYS B 33 15.26 -10.98 -7.05
CA LYS B 33 -24.74 -15.06 -2.68
CA LYS B 33 -15.05 -8.22 -0.30
CA LYS B 33 -2.45 5.06 28.51
C LYS B 33 15.81 -10.05 -8.09
C LYS B 33 -25.86 -14.10 -2.86
C LYS B 33 -15.36 -7.72 -1.67
C LYS B 33 -1.81 6.36 28.82
N GLU B 34 17.04 -9.63 -8.09
N GLU B 34 -26.21 -13.62 -4.02
N GLU B 34 -14.94 -8.30 -2.76
N GLU B 34 -2.31 7.51 28.46
CA GLU B 34 17.62 -8.75 -9.07
CA GLU B 34 -27.29 -12.68 -4.26
CA GLU B 34 -15.21 -7.85 -4.10
CA GLU B 34 -1.73 8.81 28.73
C GLU B 34 18.83 -9.30 -9.76
C GLU B 34 -28.32 -13.18 -5.24
C GLU B 34 -15.88 -8.89 -4.97
C GLU B 34 -2.66 9.74 29.48
N GLY B 35 19.31 -10.47 -9.32
N GLY B 35 -28.06 -14.31 -5.88
N GLY B 35 -16.02 -10.11 -4.47
N GLY B 35 -3.90 9.35 29.67
CA GLY B 35 20.42 -11.13 -9.94
CA GLY B 35 -29.00 -14.92 -6.79
CA GLY B 35 -16.70 -11.16 -5.17
CA GLY B 35 -4.85 10.12 30.43
C GLY B 35 21.80 -10.70 -9.62
C GLY B 35 -29.07 -14.41 -8.18
C GLY B 35 -15.98 -11.92 -6.21
C GLY B 35 -5.55 11.24 29.77
N ILE B 36 21.94 -9.76 -8.67
N ILE B 36 -28.18 -13.48 -8.56
N ILE B 36 -14.66 -11.64 -6.39
N ILE B 36 -5.34 11.42 28.45
CA ILE B 36 23.31 -9.31 -8.33
CA ILE B 36 -28.23 -12.96 -9.93
CA ILE B 36 -13.92 -12.39 -7.41
CA ILE B 36 -6.03 12.53 27.77
C ILE B 36 23.99 -10.30 -7.40
C ILE B 36 -27.56 -13.93 -10.90
C ILE B 36 -13.53 -13.77 -6.91
C ILE B 36 -7.46 12.17 27.45
N PRO B 37 25.16 -10.78 -7.79
N PRO B 37 -28.29 -14.34 -11.94
N PRO B 37 -13.90 -14.80 -7.66
N PRO B 37 -8.41 12.98 27.90
CA PRO B 37 25.96 -11.72 -6.98
CA PRO B 37 -27.76 -15.25 -12.97
CA PRO B 37 -13.57 -16.20 -7.33
CA PRO B 37 -9.85 12.78 27.64
C PRO B 37 26.25 -11.14 -5.61
C PRO B 37 -26.51 -14.67 -13.62
C PRO B 37 -12.06 -16.38 -7.21
C PRO B 37 -10.12 12.71 26.14
N PRO B 38 26.14 -11.92 -4.56
N PRO B 38 -25.50 -15.45 -13.86
N PRO B 38 -11.59 -17.09 -6.22
N PRO B 38 -10.94 11.81 25.68
CA PRO B 38 26.41 -11.39 -3.20
CA PRO B 38 -24.27 -14.93 -14.47
CA PRO B 38 -10.14 -17.28 -6.06
CA PRO B 38 -11.22 11.69 24.25
C PRO B 38 27.79 -10.80 -3.05
C PRO B 38 -24.50 -14.28 -15.81
C PRO B 38 -9.48 -17.90 -7.27
C PRO B 38 -11.77 12.97 23.65
N ASP B 39 28.76 -11.33 -3.75
N ASP B 39 -25.46 -14.75 -16.56
N ASP B 39 -10.18 -18.74 -7.98
N ASP B 39 -12.50 13.74 24.40
CA ASP B 39 30.16 -10.84 -3.61
CA ASP B 39 -25.71 -14.19 -17.92
CA ASP B 39 -9.57 -19.43 -9.16
CA ASP B 39 -13.12 14.98 23.86
C ASP B 39 30.34 -9.43 -4.15
C ASP B 39 -26.25 -12.77 -17.86
C ASP B 39 -9.29 -18.46 -10.31
C ASP B 39 -12.08 16.04 23.54
N GLN B 40 29.38 -8.97 -4.93
N GLN B 40 -26.71 -12.34 -16.70
N GLN B 40 -9.87 -17.28 -10.25
N GLN B 40 -10.87 15.87 24.06
CA GLN B 40 29.46 -7.59 -5.48
CA GLN B 40 -27.22 -10.96 -16.57
CA GLN B 40 -9.61 -16.29 -11.31
CA GLN B 40 -9.80 16.85 23.76
C GLN B 40 28.68 -6.58 -4.61
C GLN B 40 -26.15 -10.00 -16.02
C GLN B 40 -8.50 -15.30 -10.92
C GLN B 40 -8.91 16.40 22.59
N GLN B 41 27.89 -7.05 -3.67
N GLN B 41 -25.04 -10.52 -15.55
N GLN B 41 -8.08 -15.31 -9.68
N GLN B 41 -9.05 15.18 22.15
CA GLN B 41 27.07 -6.22 -2.84
CA GLN B 41 -23.97 -9.74 -14.97
CA GLN B 41 -7.08 -14.40 -9.17
CA GLN B 41 -8.24 14.61 21.09
C GLN B 41 27.75 -5.65 -1.61
C GLN B 41 -22.98 -9.14 -15.95
C GLN B 41 -5.64 -14.82 -9.38
C GLN B 41 -8.72 14.89 19.68
N ARG B 42 27.60 -4.34 -1.44
N ARG B 42 -22.76 -7.85 -15.80
N ARG B 42 -4.86 -13.88 -9.92
N ARG B 42 -7.79 15.37 18.86
CA ARG B 42 28.07 -3.65 -0.20
CA ARG B 42 -21.68 -7.15 -16.56
CA ARG B 42 -3.39 -14.07 -10.03
CA ARG B 42 -8.05 15.53 17.40
C ARG B 42 26.82 -2.99 0.37
C ARG B 42 -20.76 -6.56 -15.51
C ARG B 42 -2.78 -12.92 -9.25
C ARG B 42 -7.01 14.68 16.72
N LEU B 43 26.36 -3.39 1.55
N LEU B 43 -19.51 -7.00 -15.41
N LEU B 43 -2.06 -13.17 -8.16
N LEU B 43 -7.39 13.64 15.99
CA LEU B 43 25.11 -2.81 2.11
CA LEU B 43 -18.60 -6.49 -14.36
CA LEU B 43 -1.50 -12.06 -7.34
CA LEU B 43 -6.39 12.74 15.35
C LEU B 43 25.44 -1.80 3.20
C LEU B 43 -17.62 -5.48 -14.96
C LEU B 43 -0.01 -11.91 -7.62
C LEU B 43 -6.30 13.03 13.86
N ILE B 44 24.85 -0.62 3.11
N ILE B 44 -17.51 -4.32 -14.30
N ILE B 44 0.41 -10.68 -7.90
N ILE B 44 -5.08 13.20 13.37
CA ILE B 44 25.10 0.48 4.03
CA ILE B 44 -16.67 -3.22 -14.75
CA ILE B 44 1.79 -10.37 -8.23
CA ILE B 44 -4.82 13.55 11.99
C ILE B 44 23.83 0.94 4.72
C ILE B 44 -15.63 -2.82 -13.71
C ILE B 44 2.40 -9.35 -7.28
C ILE B 44 -3.92 12.52 11.31
N PHE B 45 23.92 1.08 6.07
N PHE B 45 -14.36 -2.71 -14.18
N PHE B 45 3.62 -9.69 -6.79
N PHE B 45 -4.36 12.09 10.09
CA PHE B 45 22.79 1.57 6.88
CA PHE B 45 -13.26 -2.28 -13.32
CA PHE B 45 4.37 -8.79 -5.89
CA PHE B 45 -3.59 11.15 9.28
C PHE B 45 23.43 2.40 8.00
C PHE B 45 -12.34 -1.43 -14.21
C PHE B 45 5.85 -8.98 -6.27
C PHE B 45 -3.82 11.57 7.82
N ALA B 46 22.89 3.59 8.11
N ALA B 46 -12.05 -0.27 -13.66
N ALA B 46 6.45 -7.83 -6.48
N ALA B 46 -2.70 11.70 7.15
CA ALA B 46 23.27 4.56 9.14
CA ALA B 46 -11.15 0.71 -14.29
CA ALA B 46 7.89 -7.72 -6.80
CA ALA B 46 -2.64 12.05 5.72
C ALA B 46 24.79 4.72 9.21
C ALA B 46 -11.52 0.94 -15.75
C ALA B 46 8.28 -8.69 -7.91
C ALA B 46 -3.53 13.24 5.42
N GLY B 47 25.36 4.83 8.05
N GLY B 47 -12.79 1.10 -15.97
N GLY B 47 7.45 -8.72 -8.91
N GLY B 47 -3.42 14.22 6.26
CA GLY B 47 26.76 4.97 7.76
CA GLY B 47 -13.46 1.32 -17.21
CA GLY B 47 7.51 -9.51 -10.10
CA GLY B 47 -4.11 15.48 6.26
C GLY B 47 27.67 3.86 8.17
C GLY B 47 -13.36 0.23 -18.25
C GLY B 47 7.43 -11.01 -9.94
C GLY B 47 -5.61 15.44 6.42
N LYS B 48 27.15 2.67 8.36
N LYS B 48 -13.06 -0.97 -17.86
N LYS B 48 6.90 -11.48 -8.84
N LYS B 48 -6.14 14.37 6.96
CA LYS B 48 27.96 1.49 8.70
CA LYS B 48 -12.99 -2.11 -18.78
CA LYS B 48 6.73 -12.91 -8.59
CA LYS B 48 -7.59 14.26 7.21
C LYS B 48 27.86 0.51 7.53
C LYS B 48 -14.11 -3.09 -18.39
C LYS B 48 5.22 -13.19 -8.54
C LYS B 48 -7.78 14.18 8.73
N GLN B 49 28.92 -0.18 7.21
N GLN B 49 -14.74 -3.71 -19.35
N GLN B 49 4.78 -14.30 -9.05
N GLN B 49 -8.82 14.79 9.24
CA GLN B 49 28.85 -1.23 6.17
CA GLN B 49 -15.74 -4.76 -19.03
CA GLN B 49 3.35 -14.68 -8.91
CA GLN B 49 -9.14 14.64 10.69
C GLN B 49 28.39 -2.48 6.93
C GLN B 49 -14.91 -6.03 -18.87
C GLN B 49 3.29 -15.40 -7.57
C GLN B 49 -9.95 13.36 10.77
N LEU B 50 27.38 -3.16 6.44
N LEU B 50 -15.11 -6.76 -17.79
N LEU B 50 2.36 -15.02 -6.72
N LEU B 50 -9.60 12.46 11.65
CA LEU B 50 26.80 -4.31 7.14
CA LEU B 50 -14.30 -7.96 -17.49
CA LEU B 50 2.26 -15.57 -5.35
CA LEU B 50 -10.26 11.15 11.75
C LEU B 50 27.66 -5.55 6.91
C LEU B 50 -14.79 -9.14 -18.31
C LEU B 50 1.59 -16.93 -5.39
C LEU B 50 -11.58 11.28 12.51
N GLU B 51 27.87 -6.34 7.96
N GLU B 51 -13.86 -9.93 -18.86
N GLU B 51 2.11 -17.89 -4.62
N GLU B 51 -12.62 10.61 12.03
CA GLU B 51 28.74 -7.53 7.84
CA GLU B 51 -14.27 -11.08 -19.70
CA GLU B 51 1.54 -19.26 -4.63
CA GLU B 51 -13.96 10.73 12.67
C GLU B 51 27.90 -8.77 7.71
C GLU B 51 -14.17 -12.36 -18.92
C GLU B 51 0.67 -19.47 -3.43
C GLU B 51 -14.22 9.53 13.54
N ASP B 52 28.26 -9.72 6.88
N ASP B 52 -15.10 -13.27 -19.07
N ASP B 52 -0.46 -20.12 -3.55
N ASP B 52 -14.80 9.68 14.71
CA ASP B 52 27.50 -10.94 6.58
CA ASP B 52 -15.19 -14.52 -18.32
CA ASP B 52 -1.46 -20.33 -2.51
CA ASP B 52 -15.04 8.63 15.68
C ASP B 52 26.95 -11.79 7.71
C ASP B 52 -13.98 -15.42 -18.15
C ASP B 52 -1.04 -20.81 -1.12
C ASP B 52 -15.67 7.31 15.26
N GLY B 53 27.71 -12.01 8.76
N GLY B 53 -13.20 -15.61 -19.20
N GLY B 53 -0.14 -21.76 -1.06
N GLY B 53 -16.67 7.35 14.43
CA GLY B 53 27.35 -12.87 9.90
CA GLY B 53 -12.03 -16.49 -19.21
CA GLY B 53 0.33 -22.39 0.20
CA GLY B 53 -17.42 6.16 13.96
C GLY B 53 26.50 -12.23 10.95
C GLY B 53 -10.76 -15.91 -18.68
C GLY B 53 1.40 -21.65 0.93
C GLY B 53 -16.81 5.38 12.84
N ARG B 54 26.28 -10.92 10.90
N ARG B 54 -10.71 -14.62 -18.38
N ARG B 54 1.98 -20.61 0.35
N ARG B 54 -15.76 5.89 12.21
CA ARG B 54 25.39 -10.24 11.85
CA ARG B 54 -9.52 -13.99 -17.78
CA ARG B 54 2.99 -19.78 1.05
CA ARG B 54 -15.05 5.15 11.14
C ARG B 54 23.96 -10.35 11.34
C ARG B 54 -9.62 -14.16 -16.26
C ARG B 54 2.26 -18.72 1.86
C ARG B 54 -14.03 4.23 11.80
N THR B 55 23.01 -10.06 12.18
N THR B 55 -8.53 -13.93 -15.58
N THR B 55 2.96 -18.08 2.76
N THR B 55 -13.52 3.29 11.05
CA THR B 55 21.57 -10.05 11.83
CA THR B 55 -8.44 -13.99 -14.10
CA THR B 55 2.43 -16.98 3.60
CA THR B 55 -12.46 2.35 11.49
C THR B 55 21.15 -8.56 11.71
C THR B 55 -8.40 -12.53 -13.60
C THR B 55 3.01 -15.67 3.03
C THR B 55 -11.14 2.83 10.85
N LEU B 56 20.00 -8.35 11.11
N LEU B 56 -8.65 -12.37 -12.32
N LEU B 56 2.43 -14.57 3.43
N LEU B 56 -10.04 2.32 11.36
CA LEU B 56 19.42 -7.00 10.97
CA LEU B 56 -8.58 -11.04 -11.66
CA LEU B 56 2.90 -13.22 3.03
CA LEU B 56 -8.70 2.61 10.83
C LEU B 56 19.18 -6.44 12.36
C LEU B 56 -7.15 -10.52 -11.81
C LEU B 56 4.32 -13.05 3.55
C LEU B 56 -8.65 2.11 9.39
N SER B 57 18.77 -7.30 13.32
N SER B 57 -6.15 -11.41 -11.73
N SER B 57 4.62 -13.59 4.75
N SER B 57 -9.31 0.98 9.09
CA SER B 57 18.52 -6.75 14.67
CA SER B 57 -4.77 -10.89 -11.85
CA SER B 57 5.99 -13.41 5.25
CA SER B 57 -9.26 0.48 7.69
C SER B 57 19.77 -6.20 15.31
C SER B 57 -4.51 -10.28 -13.22
C SER B 57 7.03 -14.08 4.37
C SER B 57 -9.90 1.44 6.73
N ASP B 58 20.92 -6.76 14.96
N ASP B 58 -5.18 -10.78 -14.24
N ASP B 58 6.64 -15.17 3.72
N ASP B 58 -10.90 2.18 7.19
CA ASP B 58 22.21 -6.29 15.52
CA ASP B 58 -5.01 -10.25 -15.62
CA ASP B 58 7.56 -15.91 2.83
CA ASP B 58 -11.60 3.16 6.32
C ASP B 58 22.40 -4.79 15.28
C ASP B 58 -5.26 -8.73 -15.65
C ASP B 58 8.16 -14.96 1.76
C ASP B 58 -10.62 4.15 5.70
N TYR B 59 21.99 -4.36 14.11
N TYR B 59 -6.24 -8.32 -14.91
N TYR B 59 7.32 -14.09 1.27
N TYR B 59 -9.66 4.54 6.49
CA TYR B 59 22.06 -2.97 13.68
CA TYR B 59 -6.64 -6.92 -14.78
CA TYR B 59 7.68 -13.09 0.27
CA TYR B 59 -8.59 5.47 6.10
C TYR B 59 20.81 -2.19 14.01
C TYR B 59 -5.94 -6.21 -13.64
C TYR B 59 8.15 -11.78 0.87
C TYR B 59 -7.37 4.77 5.54
N ASN B 60 19.83 -2.72 14.70
N ASN B 60 -5.01 -6.80 -12.93
N ASN B 60 8.30 -11.64 2.17
N ASN B 60 -7.35 3.46 5.36
CA ASN B 60 18.62 -1.92 15.00
CA ASN B 60 -4.36 -6.06 -11.82
CA ASN B 60 8.76 -10.35 2.71
CA ASN B 60 -6.13 2.82 4.82
C ASN B 60 17.96 -1.42 13.73
C ASN B 60 -5.38 -5.58 -10.80
C ASN B 60 7.82 -9.22 2.30
C ASN B 60 -4.92 3.10 5.70
N ILE B 61 17.81 -2.29 12.75
N ILE B 61 -6.30 -6.45 -10.43
N ILE B 61 6.53 -9.44 2.43
N ILE B 61 -5.08 2.97 6.99
CA ILE B 61 17.09 -1.93 11.49
CA ILE B 61 -7.28 -6.11 -9.35
CA ILE B 61 5.53 -8.37 2.14
CA ILE B 61 -3.94 3.14 7.95
C ILE B 61 15.62 -2.25 11.74
C ILE B 61 -6.63 -6.52 -8.04
C ILE B 61 5.33 -7.62 3.46
C ILE B 61 -3.29 1.75 8.07
N GLN B 62 14.76 -1.28 11.73
N GLN B 62 -6.38 -5.58 -7.16
N GLN B 62 5.67 -6.37 3.52
N GLN B 62 -2.07 1.59 7.66
CA GLN B 62 13.31 -1.46 12.02
CA GLN B 62 -5.69 -5.84 -5.87
CA GLN B 62 5.58 -5.55 4.77
CA GLN B 62 -1.36 0.28 7.68
C GLN B 62 12.51 -1.42 10.71
C GLN B 62 -6.71 -5.83 -4.73
C GLN B 62 4.36 -4.63 4.69
C GLN B 62 -0.37 0.24 8.85
N LYS B 63 11.23 -1.78 10.75
N LYS B 63 -6.30 -6.26 -3.53
N LYS B 63 4.00 -3.98 5.80
N LYS B 63 0.19 -0.93 9.15
CA LYS B 63 10.40 -1.86 9.57
CA LYS B 63 -7.20 -6.37 -2.39
CA LYS B 63 2.82 -3.14 5.87
CA LYS B 63 1.08 -1.10 10.27
C LYS B 63 10.45 -0.51 8.84
C LYS B 63 -7.88 -5.02 -2.17
C LYS B 63 2.89 -2.09 4.77
C LYS B 63 2.22 -0.08 10.16
N GLU B 64 10.43 -0.67 7.51
N GLU B 64 -9.16 -5.16 -1.78
N GLU B 64 1.69 -1.82 4.23
N GLU B 64 2.60 0.39 11.36
CA GLU B 64 10.45 0.41 6.55
CA GLU B 64 -10.06 -4.07 -1.48
CA GLU B 64 1.44 -0.87 3.18
CA GLU B 64 3.64 1.35 11.58
C GLU B 64 11.70 1.24 6.46
C GLU B 64 -10.48 -3.18 -2.60
C GLU B 64 2.00 -1.17 1.83
C GLU B 64 3.45 2.74 11.07
N SER B 65 12.78 0.68 6.97
N SER B 65 -10.31 -3.69 -3.82
N SER B 65 2.32 -2.43 1.62
N SER B 65 2.19 3.07 10.82
CA SER B 65 14.12 1.27 6.89
CA SER B 65 -10.76 -3.02 -5.05
CA SER B 65 2.77 -2.95 0.32
CA SER B 65 1.76 4.41 10.41
C SER B 65 14.60 1.16 5.42
C SER B 65 -12.30 -3.10 -5.07
C SER B 65 1.56 -2.96 -0.63
C SER B 65 1.91 5.33 11.65
N THR B 66 15.55 1.97 5.04
N THR B 66 -12.92 -2.24 -5.83
N THR B 66 1.81 -2.99 -1.90
N THR B 66 1.98 6.62 11.43
CA THR B 66 16.14 1.91 3.70
CA THR B 66 -14.38 -2.24 -6.02
CA THR B 66 0.75 -3.08 -2.92
CA THR B 66 2.03 7.60 12.51
C THR B 66 17.64 1.61 3.85
C THR B 66 -14.68 -2.47 -7.50
C THR B 66 0.97 -4.36 -3.73
C THR B 66 0.81 8.53 12.39
N LEU B 67 18.13 0.57 3.16
N LEU B 67 -15.50 -3.48 -7.82
N LEU B 67 -0.07 -5.21 -3.83
N LEU B 67 0.03 8.67 13.46
CA LEU B 67 19.56 0.30 3.16
CA LEU B 67 -15.92 -3.68 -9.21
CA LEU B 67 0.04 -6.40 -4.68
CA LEU B 67 -1.08 9.62 13.44
C LEU B 67 20.09 0.80 1.80
C LEU B 67 -17.36 -3.13 -9.31
C LEU B 67 -0.76 -6.08 -5.96
C LEU B 67 -0.60 10.86 14.25
N HIS B 68 21.33 1.14 1.73
N HIS B 68 -17.78 -2.73 -10.45
N HIS B 68 -0.45 -6.70 -7.04
N HIS B 68 -1.14 11.99 13.98
CA HIS B 68 21.89 1.58 0.43
CA HIS B 68 -19.17 -2.24 -10.59
CA HIS B 68 -1.22 -6.44 -8.27
CA HIS B 68 -0.74 13.18 14.77
C HIS B 68 22.74 0.43 -0.07
C HIS B 68 -19.93 -3.35 -11.32
C HIS B 68 -2.09 -7.68 -8.49
C HIS B 68 -1.90 13.47 15.71
N LEU B 69 22.62 0.12 -1.35
N LEU B 69 -21.12 -3.66 -10.84
N LEU B 69 -3.36 -7.46 -8.81
N LEU B 69 -1.58 13.76 16.97
CA LEU B 69 23.43 -0.92 -1.99
CA LEU B 69 -21.99 -4.64 -11.49
CA LEU B 69 -4.28 -8.55 -9.12
CA LEU B 69 -2.59 14.12 17.96
C LEU B 69 24.46 -0.32 -2.90
C LEU B 69 -23.14 -3.99 -12.19
C LEU B 69 -4.58 -8.64 -10.58
C LEU B 69 -2.53 15.58 18.29
N VAL B 70 25.72 -0.49 -2.62
N VAL B 70 -23.24 -4.08 -13.47
N VAL B 70 -4.21 -9.69 -11.24
N VAL B 70 -3.54 16.34 18.00
CA VAL B 70 26.78 0.00 -3.55
CA VAL B 70 -24.43 -3.54 -14.20
CA VAL B 70 -4.58 -9.87 -12.67
CA VAL B 70 -3.57 17.78 18.39
C VAL B 70 27.35 -1.31 -4.14
C VAL B 70 -25.18 -4.80 -14.64
C VAL B 70 -5.64 -10.98 -12.64
C VAL B 70 -4.61 17.81 19.52
N LEU B 71 27.66 -1.31 -5.42
N LEU B 71 -26.49 -4.78 -14.56
N LEU B 71 -6.67 -10.85 -13.44
N LEU B 71 -4.37 18.58 20.56
CA LEU B 71 28.24 -2.51 -6.06
CA LEU B 71 -27.30 -5.94 -14.99
CA LEU B 71 -7.73 -11.89 -13.50
CA LEU B 71 -5.34 18.70 21.67
C LEU B 71 29.73 -2.38 -6.11
C LEU B 71 -27.78 -5.74 -16.40
C LEU B 71 -7.44 -12.83 -14.64
C LEU B 71 -6.19 19.92 21.48
N MET A 1 6.38 18.40 -20.67
CA MET A 1 5.74 19.56 -20.05
C MET A 1 6.28 19.67 -18.60
N GLN A 2 6.34 20.88 -18.14
CA GLN A 2 6.81 21.11 -16.74
C GLN A 2 5.61 21.10 -15.81
N ILE A 3 5.80 20.45 -14.66
CA ILE A 3 4.77 20.47 -13.61
C ILE A 3 5.53 20.83 -12.30
N PHE A 4 4.75 21.23 -11.33
CA PHE A 4 5.40 21.59 -10.01
C PHE A 4 4.91 20.64 -8.96
N VAL A 5 5.74 20.16 -8.03
CA VAL A 5 5.27 19.32 -6.95
C VAL A 5 5.58 20.10 -5.65
N LYS A 6 4.57 20.50 -4.95
CA LYS A 6 4.78 21.30 -3.70
C LYS A 6 4.77 20.35 -2.53
N THR A 7 5.82 20.41 -1.68
CA THR A 7 5.88 19.52 -0.51
C THR A 7 5.42 20.27 0.74
N LEU A 8 5.24 19.58 1.84
CA LEU A 8 4.74 20.24 3.07
C LEU A 8 5.81 21.08 3.74
N THR A 9 7.06 21.03 3.24
CA THR A 9 8.08 21.90 3.94
C THR A 9 8.35 23.16 3.18
N GLY A 10 7.52 23.50 2.24
CA GLY A 10 7.67 24.69 1.43
C GLY A 10 8.68 24.63 0.33
N LYS A 11 9.10 23.43 0.00
CA LYS A 11 10.01 23.21 -1.12
C LYS A 11 9.11 22.84 -2.31
N THR A 12 9.42 23.38 -3.48
CA THR A 12 8.62 22.98 -4.66
C THR A 12 9.61 22.35 -5.64
N ILE A 13 9.25 21.19 -6.17
CA ILE A 13 10.23 20.60 -7.13
C ILE A 13 9.65 20.67 -8.52
N THR A 14 10.47 20.94 -9.51
CA THR A 14 9.89 20.97 -10.89
C THR A 14 10.25 19.66 -11.57
N LEU A 15 9.33 19.09 -12.33
CA LEU A 15 9.58 17.83 -13.01
C LEU A 15 9.25 18.02 -14.49
N GLU A 16 9.89 17.22 -15.31
CA GLU A 16 9.51 17.26 -16.76
C GLU A 16 8.85 15.92 -17.00
N VAL A 17 7.60 16.03 -17.42
CA VAL A 17 6.77 14.86 -17.67
C VAL A 17 5.93 15.04 -18.95
N GLU A 18 5.32 13.93 -19.31
CA GLU A 18 4.37 13.84 -20.41
C GLU A 18 3.06 13.38 -19.82
N PRO A 19 1.95 13.87 -20.34
CA PRO A 19 0.61 13.47 -19.90
C PRO A 19 0.43 11.98 -19.97
N SER A 20 1.19 11.31 -20.81
CA SER A 20 1.03 9.85 -20.98
C SER A 20 1.72 9.11 -19.87
N ASP A 21 2.49 9.83 -19.05
CA ASP A 21 3.19 9.10 -17.96
C ASP A 21 2.21 8.63 -16.92
N THR A 22 2.51 7.52 -16.30
CA THR A 22 1.71 6.99 -15.21
C THR A 22 2.16 7.68 -13.91
N ILE A 23 1.25 7.61 -12.94
CA ILE A 23 1.52 8.13 -11.60
C ILE A 23 2.72 7.40 -10.98
N GLU A 24 2.80 6.12 -11.24
CA GLU A 24 3.98 5.32 -10.73
C GLU A 24 5.27 5.90 -11.23
N CYS A 25 5.30 6.34 -12.52
CA CYS A 25 6.50 6.91 -13.13
C CYS A 25 6.85 8.24 -12.50
N VAL A 26 5.82 9.05 -12.28
CA VAL A 26 6.04 10.34 -11.65
C VAL A 26 6.71 10.15 -10.29
N LYS A 27 6.18 9.20 -9.52
CA LYS A 27 6.74 8.92 -8.19
C LYS A 27 8.19 8.48 -8.29
N ALA A 28 8.54 7.70 -9.30
CA ALA A 28 9.92 7.29 -9.53
C ALA A 28 10.80 8.47 -9.89
N LYS A 29 10.31 9.43 -10.66
CA LYS A 29 11.09 10.64 -10.97
C LYS A 29 11.35 11.47 -9.69
N ILE A 30 10.35 11.49 -8.81
CA ILE A 30 10.50 12.25 -7.55
C ILE A 30 11.53 11.50 -6.70
N GLN A 31 11.49 10.19 -6.69
CA GLN A 31 12.50 9.45 -5.86
C GLN A 31 13.90 9.76 -6.40
N ASP A 32 14.01 9.63 -7.70
CA ASP A 32 15.30 9.91 -8.37
C ASP A 32 15.83 11.29 -8.03
N LYS A 33 14.94 12.30 -7.98
CA LYS A 33 15.50 13.66 -7.74
C LYS A 33 15.53 14.13 -6.33
N GLU A 34 14.74 13.67 -5.41
CA GLU A 34 14.73 14.09 -4.02
C GLU A 34 14.92 12.96 -3.04
N GLY A 35 14.94 11.73 -3.52
CA GLY A 35 15.18 10.58 -2.69
C GLY A 35 14.07 10.02 -1.89
N ILE A 36 12.84 10.55 -2.06
CA ILE A 36 11.72 10.01 -1.29
C ILE A 36 11.20 8.72 -1.91
N PRO A 37 11.15 7.65 -1.13
CA PRO A 37 10.64 6.34 -1.58
C PRO A 37 9.21 6.46 -2.09
N PRO A 38 8.88 5.84 -3.19
CA PRO A 38 7.51 5.95 -3.73
C PRO A 38 6.45 5.52 -2.76
N ASP A 39 6.74 4.57 -1.90
CA ASP A 39 5.72 4.05 -0.95
C ASP A 39 5.34 5.08 0.11
N GLN A 40 6.16 6.11 0.23
CA GLN A 40 5.83 7.18 1.22
C GLN A 40 5.08 8.36 0.58
N GLN A 41 5.02 8.40 -0.74
CA GLN A 41 4.40 9.48 -1.46
C GLN A 41 2.90 9.36 -1.66
N ARG A 42 2.21 10.46 -1.32
CA ARG A 42 0.75 10.57 -1.60
C ARG A 42 0.62 11.80 -2.48
N LEU A 43 0.18 11.67 -3.73
CA LEU A 43 0.09 12.84 -4.63
C LEU A 43 -1.35 13.30 -4.76
N ILE A 44 -1.57 14.59 -4.57
CA ILE A 44 -2.91 15.19 -4.61
C ILE A 44 -3.02 16.28 -5.66
N PHE A 45 -4.11 16.19 -6.46
CA PHE A 45 -4.39 17.20 -7.50
C PHE A 45 -5.92 17.33 -7.53
N ALA A 46 -6.32 18.58 -7.46
CA ALA A 46 -7.74 18.98 -7.52
C ALA A 46 -8.59 18.14 -6.58
N GLY A 47 -8.08 17.99 -5.40
CA GLY A 47 -8.62 17.24 -4.29
C GLY A 47 -8.80 15.76 -4.47
N CYS A 48 -8.13 15.15 -5.41
CA CYS A 48 -8.12 13.71 -5.63
C CYS A 48 -6.78 13.12 -5.25
N GLN A 49 -6.74 11.97 -4.70
CA GLN A 49 -5.43 11.30 -4.47
C GLN A 49 -5.16 10.55 -5.77
N LEU A 50 -3.98 10.72 -6.33
CA LEU A 50 -3.65 10.11 -7.64
C LEU A 50 -3.29 8.65 -7.46
N GLU A 51 -3.77 7.80 -8.37
CA GLU A 51 -3.53 6.34 -8.25
C GLU A 51 -2.42 5.92 -9.18
N ASP A 52 -1.53 5.06 -8.79
CA ASP A 52 -0.35 4.62 -9.54
C ASP A 52 -0.48 4.20 -10.99
N GLY A 53 -1.50 3.45 -11.32
CA GLY A 53 -1.74 2.91 -12.67
C GLY A 53 -2.40 3.82 -13.65
N ARG A 54 -2.89 4.98 -13.21
CA ARG A 54 -3.49 5.96 -14.13
C ARG A 54 -2.37 6.83 -14.68
N THR A 55 -2.66 7.57 -15.72
CA THR A 55 -1.72 8.53 -16.36
C THR A 55 -2.16 9.94 -15.93
N LEU A 56 -1.27 10.90 -16.12
CA LEU A 56 -1.55 12.31 -15.83
C LEU A 56 -2.72 12.75 -16.70
N SER A 57 -2.80 12.25 -17.95
CA SER A 57 -3.93 12.69 -18.80
C SER A 57 -5.26 12.26 -18.24
N ASP A 58 -5.29 11.15 -17.53
CA ASP A 58 -6.56 10.64 -16.93
C ASP A 58 -7.20 11.71 -16.05
N TYR A 59 -6.37 12.41 -15.33
CA TYR A 59 -6.76 13.49 -14.42
C TYR A 59 -6.79 14.84 -15.09
N ASN A 60 -6.55 14.98 -16.38
CA ASN A 60 -6.58 16.32 -16.99
C ASN A 60 -5.58 17.25 -16.32
N ILE A 61 -4.36 16.77 -16.10
CA ILE A 61 -3.28 17.62 -15.54
C ILE A 61 -2.59 18.28 -16.73
N GLN A 62 -2.64 19.57 -16.85
CA GLN A 62 -2.07 20.32 -18.00
C GLN A 62 -0.74 20.97 -17.58
N LYS A 63 0.04 21.51 -18.58
CA LYS A 63 1.33 22.10 -18.24
C LYS A 63 1.17 23.16 -17.17
N GLU A 64 2.22 23.18 -16.36
CA GLU A 64 2.37 24.09 -15.26
C GLU A 64 1.44 23.96 -14.10
N SER A 65 0.81 22.79 -14.03
CA SER A 65 -0.07 22.42 -12.91
C SER A 65 0.84 22.18 -11.68
N THR A 66 0.25 22.25 -10.50
CA THR A 66 0.96 21.97 -9.25
C THR A 66 0.29 20.77 -8.56
N LEU A 67 1.06 19.74 -8.22
CA LEU A 67 0.49 18.62 -7.46
C LEU A 67 0.98 18.81 -6.00
N HIS A 68 0.26 18.31 -5.06
CA HIS A 68 0.72 18.43 -3.66
C HIS A 68 1.24 17.05 -3.26
N LEU A 69 2.38 17.02 -2.60
CA LEU A 69 2.96 15.77 -2.10
C LEU A 69 2.83 15.67 -0.60
N VAL A 70 2.10 14.73 -0.09
CA VAL A 70 2.03 14.52 1.38
C VAL A 70 2.81 13.21 1.60
N LEU A 71 3.60 13.15 2.65
CA LEU A 71 4.36 11.93 2.95
C LEU A 71 3.61 11.09 3.95
N ARG A 72 3.57 9.80 3.74
N ARG A 72 3.60 9.77 3.73
N ARG A 72 3.56 9.79 3.75
N ARG A 72 3.56 9.80 3.74
CA ARG A 72 2.88 8.88 4.67
CA ARG A 72 2.95 8.80 4.62
CA ARG A 72 2.84 8.91 4.70
CA ARG A 72 2.86 8.90 4.69
C ARG A 72 3.89 7.80 5.02
C ARG A 72 1.49 8.75 4.17
C ARG A 72 3.91 8.42 5.67
C ARG A 72 3.94 8.37 5.62
N LEU A 73 3.78 7.09 6.09
N LEU A 73 0.77 7.69 4.38
N LEU A 73 3.98 8.91 6.87
N LEU A 73 3.91 8.66 6.89
CA LEU A 73 4.77 6.04 6.41
CA LEU A 73 -0.64 7.66 3.93
CA LEU A 73 5.03 8.44 7.81
CA LEU A 73 4.97 8.14 7.79
C LEU A 73 4.21 5.10 7.46
C LEU A 73 -1.40 6.59 4.68
C LEU A 73 4.63 8.77 9.24
C LEU A 73 4.33 7.53 9.03
N ARG A 74 3.04 4.58 7.15
N ARG A 74 -2.57 6.27 4.14
N ARG A 74 3.47 9.39 9.33
N ARG A 74 4.61 6.24 9.19
CA ARG A 74 2.33 3.65 8.04
CA ARG A 74 -3.46 5.26 4.73
CA ARG A 74 2.91 9.81 10.63
CA ARG A 74 4.08 5.46 10.32
C ARG A 74 3.06 2.31 8.04
C ARG A 74 -4.01 4.37 3.62
C ARG A 74 2.73 8.58 11.51
C ARG A 74 4.91 4.19 10.47
N GLY A 75 3.17 1.74 9.23
N GLY A 75 -4.53 3.22 4.04
N GLY A 75 2.16 7.54 10.90
N GLY A 75 4.58 3.43 11.51
CA GLY A 75 3.84 0.47 9.46
CA GLY A 75 -5.08 2.22 3.13
CA GLY A 75 1.88 6.28 11.56
CA GLY A 75 5.25 2.18 11.83
C GLY A 75 4.77 0.44 10.65
C GLY A 75 -6.14 1.32 3.75
C GLY A 75 1.62 5.11 10.64
C GLY A 75 4.78 0.96 11.06
N GLY A 76 5.56 -0.63 10.68
N GLY A 76 -6.73 0.54 2.87
N GLY A 76 2.62 4.83 9.83
N GLY A 76 4.85 -0.16 11.74
CA GLY A 76 6.57 -0.89 11.71
CA GLY A 76 -7.78 -0.44 3.21
CA GLY A 76 2.63 3.73 8.85
CA GLY A 76 4.42 -1.47 11.23
C GLY A 76 7.96 -0.87 11.06
C GLY A 76 -7.19 -1.86 3.06
C GLY A 76 3.32 2.51 9.49
C GLY A 76 3.44 -2.10 12.24
N MET B 1 10.44 -6.22 7.94
N MET B 1 -12.13 -12.49 1.15
N MET B 1 -0.50 -4.90 9.87
N MET B 1 -5.11 -2.52 19.88
CA MET B 1 10.81 -4.81 7.75
CA MET B 1 -12.25 -11.03 1.24
CA MET B 1 0.13 -3.92 8.98
CA MET B 1 -3.82 -2.16 19.25
C MET B 1 11.21 -4.65 6.26
C MET B 1 -13.57 -10.63 0.54
C MET B 1 -0.84 -3.71 7.79
C MET B 1 -3.27 -0.92 20.00
N GLN B 2 10.96 -3.46 5.78
N GLN B 2 -14.14 -9.57 1.02
N GLN B 2 -0.80 -2.53 7.27
N GLN B 2 -1.97 -0.86 20.04
CA GLN B 2 11.33 -3.18 4.36
CA GLN B 2 -15.41 -9.07 0.40
CA GLN B 2 -1.67 -2.22 6.08
CA GLN B 2 -1.33 0.31 20.70
C GLN B 2 12.75 -2.61 4.32
C GLN B 2 -15.06 -8.07 -0.70
C GLN B 2 -0.89 -2.52 4.81
C GLN B 2 -1.10 1.41 19.65
N ILE B 3 13.52 -3.07 3.35
N ILE B 3 -15.77 -8.19 -1.81
N ILE B 3 -1.57 -3.13 3.86
N ILE B 3 -1.37 2.64 20.05
CA ILE B 3 14.85 -2.50 3.11
CA ILE B 3 -15.65 -7.20 -2.90
CA ILE B 3 -0.98 -3.34 2.52
CA ILE B 3 -1.05 3.80 19.20
C ILE B 3 14.92 -2.20 1.58
C ILE B 3 -17.10 -6.79 -3.27
C ILE B 3 -2.05 -2.85 1.50
C ILE B 3 -0.31 4.80 20.13
N PHE B 4 15.89 -1.39 1.25
N PHE B 4 -17.17 -5.68 -3.97
N PHE B 4 -1.56 -2.64 0.30
N PHE B 4 0.36 5.73 19.47
CA PHE B 4 16.04 -1.05 -0.22
CA PHE B 4 -18.55 -5.21 -4.38
CA PHE B 4 -2.54 -2.17 -0.76
CA PHE B 4 1.11 6.76 20.28
C PHE B 4 17.36 -1.57 -0.71
C PHE B 4 -18.63 -5.24 -5.88
C PHE B 4 -2.62 -3.22 -1.83
C PHE B 4 0.51 8.11 20.02
N VAL B 5 17.47 -2.13 -1.91
N VAL B 5 -19.75 -5.64 -6.49
N VAL B 5 -3.80 -3.52 -2.39
N VAL B 5 0.34 8.99 21.01
CA VAL B 5 18.75 -2.56 -2.43
CA VAL B 5 -19.89 -5.60 -7.93
CA VAL B 5 -3.90 -4.47 -3.48
CA VAL B 5 -0.15 10.34 20.76
C VAL B 5 18.97 -1.71 -3.71
C VAL B 5 -21.07 -4.64 -8.19
C VAL B 5 -4.46 -3.67 -4.68
C VAL B 5 0.99 11.28 21.21
N LYS B 6 19.96 -0.88 -3.70
N LYS B 6 -20.81 -3.53 -8.80
N LYS B 6 -3.69 -3.51 -5.70
N LYS B 6 1.55 11.98 20.29
CA LYS B 6 20.21 0.01 -4.89
CA LYS B 6 -21.89 -2.51 -9.06
CA LYS B 6 -4.14 -2.70 -6.89
CA LYS B 6 2.70 12.90 20.63
C LYS B 6 21.25 -0.65 -5.75
C LYS B 6 -22.42 -2.75 -10.45
C LYS B 6 -4.72 -3.64 -7.90
C LYS B 6 2.14 14.28 20.86
N THR B 7 20.96 -0.82 -7.06
N THR B 7 -23.76 -2.90 -10.59
N THR B 7 -5.96 -3.37 -8.37
N THR B 7 2.47 14.90 22.02
CA THR B 7 21.92 -1.46 -7.96
CA THR B 7 -24.34 -3.12 -11.92
CA THR B 7 -6.58 -4.25 -9.36
CA THR B 7 1.96 16.24 22.31
C THR B 7 22.68 -0.38 -8.74
C THR B 7 -24.91 -1.80 -12.45
C THR B 7 -6.42 -3.63 -10.75
C THR B 7 3.05 17.27 21.99
N LEU B 8 23.72 -0.75 -9.47
N LEU B 8 -25.30 -1.77 -13.71
N LEU B 8 -6.75 -4.36 -11.80
N LEU B 8 2.72 18.55 22.02
CA LEU B 8 24.53 0.25 -10.21
CA LEU B 8 -25.81 -0.52 -14.31
CA LEU B 8 -6.60 -3.85 -13.18
CA LEU B 8 3.70 19.60 21.68
C LEU B 8 23.82 0.78 -11.43
C LEU B 8 -27.21 -0.17 -13.82
C LEU B 8 -7.62 -2.80 -13.54
C LEU B 8 4.73 19.80 22.77
N THR B 9 22.65 0.20 -11.78
N THR B 9 -27.84 -1.06 -13.04
N THR B 9 -8.62 -2.57 -12.66
N THR B 9 4.56 19.15 23.92
CA THR B 9 21.98 0.76 -13.00
CA THR B 9 -29.22 -0.66 -12.58
CA THR B 9 -9.62 -1.53 -13.06
CA THR B 9 5.61 19.38 24.97
C THR B 9 20.86 1.69 -12.65
C THR B 9 -29.20 -0.17 -11.16
C THR B 9 -9.37 -0.22 -12.36
C THR B 9 6.59 18.26 25.05
N GLY B 10 20.79 2.13 -11.42
N GLY B 10 -28.06 0.13 -10.62
N GLY B 10 -8.23 -0.05 -11.78
N GLY B 10 6.62 17.40 24.07
CA GLY B 10 19.76 3.04 -10.95
CA GLY B 10 -27.91 0.62 -9.28
CA GLY B 10 -7.86 1.15 -11.07
CA GLY B 10 7.52 16.28 24.02
C GLY B 10 18.42 2.43 -10.68
C GLY B 10 -28.01 -0.41 -8.19
C GLY B 10 -8.44 1.33 -9.71
C GLY B 10 7.15 15.10 24.86
N LYS B 11 18.39 1.12 -10.56
N LYS B 11 -27.88 -1.65 -8.56
N LYS B 11 -8.94 0.26 -9.14
N LYS B 11 5.92 15.06 25.30
CA LYS B 11 17.17 0.40 -10.19
CA LYS B 11 -27.85 -2.76 -7.61
CA LYS B 11 -9.44 0.25 -7.77
CA LYS B 11 5.39 13.92 26.05
C LYS B 11 17.29 0.17 -8.67
C LYS B 11 -26.35 -3.05 -7.37
C LYS B 11 -8.28 -0.29 -6.91
C LYS B 11 4.67 13.05 24.99
N THR B 12 16.19 0.35 -7.97
N THR B 12 -25.98 -3.28 -6.13
N THR B 12 -8.08 0.33 -5.77
N THR B 12 4.84 11.74 25.10
CA THR B 12 16.24 0.05 -6.52
CA THR B 12 -24.57 -3.65 -5.89
CA THR B 12 -7.03 -0.21 -4.88
CA THR B 12 4.09 10.88 24.16
C THR B 12 15.20 -1.04 -6.28
C THR B 12 -24.60 -5.04 -5.24
C THR B 12 -7.73 -0.60 -3.57
C THR B 12 3.22 9.97 25.04
N ILE B 13 15.60 -2.09 -5.57
N ILE B 13 -23.78 -5.94 -5.77
N ILE B 13 -7.46 -1.81 -3.10
N ILE B 13 1.94 9.87 24.68
CA ILE B 13 14.58 -3.14 -5.34
CA ILE B 13 -23.82 -7.29 -5.12
CA ILE B 13 -8.15 -2.16 -1.82
CA ILE B 13 1.11 8.98 25.54
C ILE B 13 14.16 -3.12 -3.89
C ILE B 13 -22.53 -7.51 -4.35
C ILE B 13 -7.14 -2.19 -0.71
C ILE B 13 0.75 7.74 24.76
N THR B 14 12.90 -3.33 -3.60
N THR B 14 -22.60 -8.13 -3.20
N THR B 14 -7.50 -1.73 0.47
N THR B 14 0.73 6.60 25.40
CA THR B 14 12.52 -3.35 -2.16
CA THR B 14 -21.32 -8.38 -2.48
CA THR B 14 -6.50 -1.80 1.57
CA THR B 14 0.34 5.39 24.62
C THR B 14 12.37 -4.79 -1.73
C THR B 14 -20.92 -9.82 -2.70
C THR B 14 -6.86 -2.99 2.45
C THR B 14 -1.10 5.06 24.96
N LEU B 15 12.82 -5.14 -0.54
N LEU B 15 -19.64 -10.09 -2.91
N LEU B 15 -5.87 -3.74 2.91
N LEU B 15 -1.91 4.67 23.98
CA LEU B 15 12.74 -6.50 -0.05
CA LEU B 15 -19.17 -11.43 -3.14
CA LEU B 15 -6.12 -4.90 3.74
CA LEU B 15 -3.30 4.35 24.20
C LEU B 15 12.05 -6.48 1.32
C LEU B 15 -18.05 -11.74 -2.15
C LEU B 15 -5.29 -4.75 5.03
C LEU B 15 -3.57 2.94 23.66
N GLU B 16 11.42 -7.58 1.66
N GLU B 16 -17.87 -13.00 -1.86
N GLU B 16 -5.76 -5.39 6.07
N GLU B 16 -4.56 2.31 24.22
CA GLU B 16 10.85 -7.65 3.04
CA GLU B 16 -16.70 -13.36 -1.00
CA GLU B 16 -4.90 -5.40 7.30
CA GLU B 16 -4.95 1.00 23.62
C GLU B 16 11.71 -8.70 3.72
C GLU B 16 -15.79 -14.12 -1.94
C GLU B 16 -4.49 -6.84 7.44
C GLU B 16 -6.31 1.26 23.02
N VAL B 17 12.33 -8.25 4.79
N VAL B 17 -14.60 -13.56 -2.06
N VAL B 17 -3.17 -7.00 7.42
N VAL B 17 -6.37 1.03 21.71
CA VAL B 17 13.23 -9.07 5.58
CA VAL B 17 -13.57 -14.10 -2.95
CA VAL B 17 -2.55 -8.31 7.49
CA VAL B 17 -7.57 1.27 20.93
C VAL B 17 13.03 -8.85 7.09
C VAL B 17 -12.18 -14.06 -2.29
C VAL B 17 -1.32 -8.31 8.40
C VAL B 17 -7.80 0.16 19.91
N GLU B 18 13.70 -9.72 7.81
N GLU B 18 -11.29 -14.72 -2.99
N GLU B 18 -0.85 -9.52 8.63
N GLU B 18 -8.98 0.24 19.33
CA GLU B 18 13.78 -9.67 9.27
CA GLU B 18 -9.86 -14.75 -2.65
CA GLU B 18 0.38 -9.79 9.38
CA GLU B 18 -9.41 -0.63 18.23
C GLU B 18 15.27 -9.54 9.60
C GLU B 18 -9.13 -14.16 -3.85
C GLU B 18 1.30 -10.53 8.44
C GLU B 18 -9.71 0.28 17.05
N PRO B 19 15.56 -8.78 10.65
N PRO B 19 -8.05 -13.44 -3.60
N PRO B 19 2.59 -10.28 8.53
N PRO B 19 -9.41 -0.18 15.85
CA PRO B 19 16.94 -8.61 11.11
CA PRO B 19 -7.23 -12.87 -4.66
CA PRO B 19 3.59 -10.96 7.71
CA PRO B 19 -9.69 0.58 14.63
C PRO B 19 17.62 -9.93 11.39
C PRO B 19 -6.75 -13.90 -5.63
C PRO B 19 3.49 -12.47 7.84
C PRO B 19 -11.14 0.99 14.53
N SER B 20 16.84 -10.97 11.67
N SER B 20 -6.67 -15.15 -5.19
N SER B 20 2.95 -12.94 8.95
N SER B 20 -12.02 0.25 15.19
CA SER B 20 17.42 -12.28 12.00
CA SER B 20 -6.17 -16.23 -6.07
CA SER B 20 2.87 -14.39 9.17
CA SER B 20 -13.45 0.55 15.12
C SER B 20 17.84 -13.00 10.75
C SER B 20 -7.24 -16.69 -7.03
C SER B 20 1.70 -14.99 8.42
C SER B 20 -13.82 1.69 16.01
N ASP B 21 17.48 -12.47 9.58
N ASP B 21 -8.48 -16.21 -6.83
N ASP B 21 0.86 -14.14 7.83
N ASP B 21 -12.87 2.14 16.85
CA ASP B 21 17.86 -13.19 8.35
CA ASP B 21 -9.54 -16.68 -7.75
CA ASP B 21 -0.29 -14.71 7.11
CA ASP B 21 -13.23 3.25 17.76
C ASP B 21 19.36 -13.09 8.13
C ASP B 21 -9.34 -16.09 -9.13
C ASP B 21 0.17 -15.39 5.84
C ASP B 21 -13.38 4.53 16.96
N THR B 22 19.93 -14.12 7.53
N THR B 22 -9.73 -16.84 -10.14
N THR B 22 -0.54 -16.43 5.45
N THR B 22 -14.26 5.40 17.44
CA THR B 22 21.32 -14.14 7.18
CA THR B 22 -9.68 -16.36 -11.51
CA THR B 22 -0.27 -17.13 4.22
CA THR B 22 -14.45 6.70 16.84
C THR B 22 21.49 -13.41 5.82
C THR B 22 -10.96 -15.53 -11.78
C THR B 22 -0.98 -16.39 3.07
C THR B 22 -13.39 7.66 17.43
N ILE B 23 22.73 -13.00 5.59
N ILE B 23 -10.84 -14.72 -12.83
N ILE B 23 -0.48 -16.67 1.87
N ILE B 23 -13.19 8.75 16.68
CA ILE B 23 23.09 -12.38 4.32
CA ILE B 23 -11.98 -13.93 -13.30
CA ILE B 23 -1.09 -16.12 0.65
CA ILE B 23 -12.29 9.80 17.12
C ILE B 23 22.87 -13.35 3.16
C ILE B 23 -13.12 -14.84 -13.73
C ILE B 23 -2.54 -16.59 0.52
C ILE B 23 -12.78 10.41 18.43
N GLU B 24 23.15 -14.62 3.41
N GLU B 24 -12.78 -15.96 -14.33
N GLU B 24 -2.79 -17.82 0.91
N GLU B 24 -14.08 10.53 18.57
CA GLU B 24 22.90 -15.67 2.37
CA GLU B 24 -13.83 -16.95 -14.74
CA GLU B 24 -4.19 -18.36 0.88
CA GLU B 24 -14.67 11.05 19.85
C GLU B 24 21.45 -15.67 1.95
C GLU B 24 -14.64 -17.40 -13.53
C GLU B 24 -5.10 -17.50 1.72
C GLU B 24 -14.24 10.20 21.02
N ASN B 25 20.56 -15.51 2.92
N ASN B 25 -13.96 -17.61 -12.42
N ASN B 25 -4.60 -17.07 2.87
N ASN B 25 -14.21 8.89 20.82
CA ASN B 25 19.10 -15.50 2.70
CA ASN B 25 -14.56 -18.05 -11.15
CA ASN B 25 -5.35 -16.23 3.82
CA ASN B 25 -13.82 7.91 21.84
C ASN B 25 18.67 -14.29 1.87
C ASN B 25 -15.51 -16.99 -10.59
C ASN B 25 -5.66 -14.86 3.23
C ASN B 25 -12.35 8.05 22.23
N VAL B 26 19.25 -13.15 2.23
N VAL B 26 -15.04 -15.76 -10.62
N VAL B 26 -4.64 -14.29 2.60
N VAL B 26 -11.53 8.21 21.20
CA VAL B 26 18.95 -11.92 1.51
CA VAL B 26 -15.83 -14.64 -10.15
CA VAL B 26 -4.78 -12.99 1.96
CA VAL B 26 -10.10 8.39 21.41
C VAL B 26 19.33 -12.09 0.04
C VAL B 26 -17.13 -14.58 -10.93
C VAL B 26 -5.89 -13.06 0.93
C VAL B 26 -9.87 9.62 22.29
N LYS B 27 20.51 -12.65 -0.19
N LYS B 27 -17.02 -14.70 -12.26
N LYS B 27 -5.86 -14.12 0.11
N LYS B 27 -10.56 10.70 21.95
CA LYS B 27 20.97 -12.86 -1.57
CA LYS B 27 -18.21 -14.66 -13.12
CA LYS B 27 -6.87 -14.30 -0.94
CA LYS B 27 -10.42 11.95 22.72
C LYS B 27 20.04 -13.79 -2.32
C LYS B 27 -19.17 -15.78 -12.78
C LYS B 27 -8.26 -14.41 -0.33
C LYS B 27 -10.84 11.74 24.16
N ALA B 28 19.50 -14.80 -1.66
N ALA B 28 -18.66 -16.95 -12.46
N ALA B 28 -8.40 -15.07 0.80
N ALA B 28 -11.87 10.96 24.40
CA ALA B 28 18.53 -15.71 -2.28
CA ALA B 28 -19.50 -18.08 -12.04
CA ALA B 28 -9.68 -15.18 1.50
CA ALA B 28 -12.31 10.65 25.76
C ALA B 28 17.24 -14.99 -2.61
C ALA B 28 -20.19 -17.80 -10.72
C ALA B 28 -10.14 -13.83 2.02
C ALA B 28 -11.27 9.83 26.51
N LYS B 29 16.78 -14.08 -1.76
N LYS B 29 -19.53 -17.15 -9.78
N LYS B 29 -9.24 -12.99 2.51
N LYS B 29 -10.60 8.90 25.84
CA LYS B 29 15.58 -13.28 -2.07
CA LYS B 29 -20.17 -16.77 -8.50
CA LYS B 29 -9.61 -11.62 2.94
CA LYS B 29 -9.52 8.12 26.49
C LYS B 29 15.80 -12.39 -3.30
C LYS B 29 -21.31 -15.76 -8.74
C LYS B 29 -10.12 -10.78 1.75
C LYS B 29 -8.35 9.05 26.87
N ILE B 30 17.02 -11.86 -3.41
N ILE B 30 -21.10 -14.86 -9.70
N ILE B 30 -9.49 -10.99 0.59
N ILE B 30 -8.08 10.03 26.01
CA ILE B 30 17.33 -10.99 -4.56
CA ILE B 30 -22.13 -13.86 -10.02
CA ILE B 30 -9.90 -10.23 -0.60
CA ILE B 30 -6.98 10.97 26.30
C ILE B 30 17.37 -11.89 -5.80
C ILE B 30 -23.29 -14.60 -10.68
C ILE B 30 -11.28 -10.76 -1.01
C ILE B 30 -7.42 11.83 27.49
N GLN B 31 17.91 -13.08 -5.69
N GLN B 31 -23.01 -15.55 -11.53
N GLN B 31 -11.50 -12.05 -0.92
N GLN B 31 -8.67 12.22 27.54
CA GLN B 31 17.94 -13.97 -6.90
CA GLN B 31 -24.15 -16.30 -12.17
CA GLN B 31 -12.85 -12.57 -1.30
CA GLN B 31 -9.11 13.05 28.71
C GLN B 31 16.49 -14.26 -7.33
C GLN B 31 -24.96 -17.02 -11.08
C GLN B 31 -13.91 -11.96 -0.38
C GLN B 31 -8.94 12.24 30.00
N ASP B 32 15.72 -14.66 -6.34
N ASP B 32 -24.22 -17.71 -10.24
N ASP B 32 -13.60 -12.04 0.90
N ASP B 32 -9.45 11.03 29.92
CA ASP B 32 14.29 -14.97 -6.59
CA ASP B 32 -24.84 -18.45 -9.12
CA ASP B 32 -14.50 -11.48 1.93
CA ASP B 32 -9.36 10.10 31.07
C ASP B 32 13.58 -13.82 -7.29
C ASP B 32 -25.72 -17.55 -8.28
C ASP B 32 -14.84 -10.03 1.66
C ASP B 32 -7.94 9.94 31.55
N LYS B 33 13.85 -12.57 -6.87
N LYS B 33 -25.27 -16.31 -8.01
N LYS B 33 -13.84 -9.23 1.24
N LYS B 33 -6.98 9.83 30.62
CA LYS B 33 13.07 -11.47 -7.49
CA LYS B 33 -26.11 -15.48 -7.10
CA LYS B 33 -14.16 -7.79 1.07
CA LYS B 33 -5.59 9.58 31.11
C LYS B 33 13.68 -10.80 -8.67
C LYS B 33 -27.10 -14.57 -7.74
C LYS B 33 -14.58 -7.35 -0.29
C LYS B 33 -4.72 10.76 31.32
N GLU B 34 14.96 -10.78 -8.91
N GLU B 34 -26.97 -14.12 -8.95
N GLU B 34 -14.24 -7.98 -1.38
N GLU B 34 -4.90 11.90 30.71
CA GLU B 34 15.60 -10.15 -10.04
CA GLU B 34 -27.89 -13.23 -9.63
CA GLU B 34 -14.62 -7.59 -2.72
CA GLU B 34 -4.08 13.08 30.87
C GLU B 34 16.45 -11.08 -10.85
C GLU B 34 -28.42 -13.77 -10.93
C GLU B 34 -15.35 -8.67 -3.48
C GLU B 34 -4.86 14.30 31.29
N GLY B 35 16.64 -12.30 -10.39
N GLY B 35 -27.89 -14.90 -11.38
N GLY B 35 -15.44 -9.86 -2.93
N GLY B 35 -6.18 14.21 31.31
CA GLY B 35 17.38 -13.30 -11.11
CA GLY B 35 -28.36 -15.55 -12.58
CA GLY B 35 -16.17 -10.95 -3.52
CA GLY B 35 -7.03 15.28 31.75
C GLY B 35 18.86 -13.29 -11.05
C GLY B 35 -27.89 -15.06 -13.89
C GLY B 35 -15.52 -11.75 -4.58
C GLY B 35 -7.35 16.38 30.81
N ILE B 36 19.44 -12.40 -10.22
N ILE B 36 -26.96 -14.10 -13.90
N ILE B 36 -14.23 -11.48 -4.86
N ILE B 36 -6.92 16.26 29.54
CA ILE B 36 20.91 -12.37 -10.13
CA ILE B 36 -26.46 -13.60 -15.19
CA ILE B 36 -13.56 -12.27 -5.92
CA ILE B 36 -7.22 17.33 28.58
C ILE B 36 21.42 -13.49 -9.24
C ILE B 36 -25.44 -14.56 -15.79
C ILE B 36 -13.13 -13.63 -5.39
C ILE B 36 -8.65 17.20 28.06
N PRO B 37 22.32 -14.32 -9.76
N PRO B 37 -25.67 -15.00 -17.02
N PRO B 37 -13.56 -14.70 -6.05
N PRO B 37 -9.44 18.26 28.21
CA PRO B 37 22.94 -15.42 -9.00
CA PRO B 37 -24.75 -15.90 -17.73
CA PRO B 37 -13.19 -16.08 -5.67
CA PRO B 37 -10.83 18.31 27.72
C PRO B 37 23.62 -14.90 -7.75
C PRO B 37 -23.37 -15.28 -17.85
C PRO B 37 -11.69 -16.25 -5.67
C PRO B 37 -10.89 18.02 26.22
N PRO B 38 23.48 -15.56 -6.63
N PRO B 38 -22.31 -16.02 -17.63
N PRO B 38 -11.13 -16.92 -4.69
N PRO B 38 -11.83 17.22 25.77
CA PRO B 38 24.11 -15.08 -5.39
CA PRO B 38 -20.96 -15.45 -17.71
CA PRO B 38 -9.67 -17.10 -4.63
CA PRO B 38 -11.91 16.90 24.34
C PRO B 38 25.61 -14.93 -5.51
C PRO B 38 -20.66 -14.83 -19.05
C PRO B 38 -9.11 -17.76 -5.85
C PRO B 38 -12.06 18.12 23.47
N ASP B 39 26.25 -15.76 -6.29
N ASP B 39 -21.21 -15.34 -20.11
N ASP B 39 -9.84 -18.65 -6.48
N ASP B 39 -12.70 19.15 23.95
CA ASP B 39 27.73 -15.71 -6.41
CA ASP B 39 -20.93 -14.81 -21.48
CA ASP B 39 -9.33 -19.39 -7.66
CA ASP B 39 -12.93 20.36 23.12
C ASP B 39 28.22 -14.44 -7.10
C ASP B 39 -21.48 -13.41 -21.68
C ASP B 39 -9.13 -18.48 -8.87
C ASP B 39 -11.64 21.11 22.83
N GLN B 40 27.31 -13.75 -7.77
N GLN B 40 -22.38 -13.00 -20.80
N GLN B 40 -9.71 -17.29 -8.82
N GLN B 40 -10.59 20.80 23.58
CA GLN B 40 27.69 -12.48 -8.43
CA GLN B 40 -22.96 -11.63 -20.91
CA GLN B 40 -9.54 -16.34 -9.94
CA GLN B 40 -9.29 21.48 23.34
C GLN B 40 27.41 -11.25 -7.56
C GLN B 40 -22.21 -10.62 -20.02
C GLN B 40 -8.41 -15.33 -9.68
C GLN B 40 -8.37 20.64 22.43
N GLN B 41 26.69 -11.42 -6.47
N GLN B 41 -21.37 -11.09 -19.13
N GLN B 41 -7.89 -15.29 -8.46
N GLN B 41 -8.73 19.40 22.17
CA GLN B 41 26.31 -10.34 -5.59
CA GLN B 41 -20.66 -10.26 -18.19
CA GLN B 41 -6.87 -14.36 -8.07
CA GLN B 41 -7.93 18.50 21.36
C GLN B 41 27.33 -9.96 -4.55
C GLN B 41 -19.38 -9.64 -18.71
C GLN B 41 -5.44 -14.79 -8.38
C GLN B 41 -8.12 18.60 19.87
N ARG B 42 27.60 -8.66 -4.48
N ARG B 42 -19.27 -8.33 -18.50
N ARG B 42 -4.71 -13.87 -9.01
N ARG B 42 -7.00 18.71 19.17
CA ARG B 42 28.45 -8.09 -3.39
CA ARG B 42 -18.00 -7.59 -18.79
CA ARG B 42 -3.25 -14.07 -9.23
CA ARG B 42 -7.00 18.64 17.68
C ARG B 42 27.57 -7.07 -2.70
C ARG B 42 -17.60 -6.97 -17.47
C ARG B 42 -2.59 -12.88 -8.55
C ARG B 42 -6.08 17.49 17.34
N LEU B 43 27.22 -7.25 -1.43
N LEU B 43 -16.48 -7.35 -16.88
N LEU B 43 -1.79 -13.08 -7.51
N LEU B 43 -6.59 16.42 16.73
CA LEU B 43 26.32 -6.30 -0.74
CA LEU B 43 -16.08 -6.79 -15.55
CA LEU B 43 -1.18 -11.94 -6.79
CA LEU B 43 -5.74 15.24 16.42
C LEU B 43 27.12 -5.41 0.20
C LEU B 43 -14.98 -5.75 -15.73
C LEU B 43 0.29 -11.80 -7.18
C LEU B 43 -5.37 15.22 14.95
N ILE B 44 26.89 -4.10 0.07
N ILE B 44 -15.19 -4.59 -15.12
N ILE B 44 0.68 -10.59 -7.54
N ILE B 44 -4.08 15.06 14.68
CA ILE B 44 27.61 -3.09 0.85
CA ILE B 44 -14.26 -3.46 -15.23
CA ILE B 44 2.05 -10.29 -7.99
CA ILE B 44 -3.55 15.07 13.32
C ILE B 44 26.66 -2.23 1.68
C ILE B 44 -13.75 -3.02 -13.87
C ILE B 44 2.71 -9.23 -7.13
C ILE B 44 -2.82 13.77 12.98
N PHE B 45 27.03 -2.09 2.99
N PHE B 45 -12.40 -2.85 -13.79
N PHE B 45 3.96 -9.54 -6.72
N PHE B 45 -3.17 13.22 11.79
CA PHE B 45 26.25 -1.24 3.91
CA PHE B 45 -11.75 -2.38 -12.57
CA PHE B 45 4.78 -8.60 -5.93
CA PHE B 45 -2.53 11.99 11.29
C PHE B 45 27.29 -0.60 4.84
C PHE B 45 -10.57 -1.49 -13.05
C PHE B 45 6.22 -8.81 -6.40
C PHE B 45 -2.44 12.17 9.76
N ALA B 46 27.14 0.71 4.93
N ALA B 46 -10.57 -0.31 -12.46
N ALA B 46 6.81 -7.67 -6.71
N ALA B 46 -1.24 11.95 9.29
CA ALA B 46 27.98 1.56 5.80
CA ALA B 46 -9.52 0.70 -12.70
CA ALA B 46 8.22 -7.58 -7.14
CA ALA B 46 -0.89 11.99 7.86
C ALA B 46 29.44 1.25 5.62
C ALA B 46 -9.28 0.88 -14.18
C ALA B 46 8.52 -8.61 -8.22
C ALA B 46 -1.44 13.26 7.22
N GLY B 47 29.83 1.14 4.37
N GLY B 47 -10.37 1.00 -14.90
N GLY B 47 7.62 -8.67 -9.17
N GLY B 47 -1.22 14.34 7.90
CA GLY B 47 31.13 0.84 3.86
CA GLY B 47 -10.49 1.17 -16.31
CA GLY B 47 7.60 -9.52 -10.32
CA GLY B 47 -1.61 15.69 7.59
C GLY B 47 31.73 -0.49 4.22
C GLY B 47 -9.95 0.09 -17.20
C GLY B 47 7.54 -11.00 -10.08
C GLY B 47 -3.08 15.99 7.48
N LYS B 48 30.93 -1.45 4.59
N LYS B 48 -9.79 -1.10 -16.69
N LYS B 48 7.09 -11.42 -8.93
N LYS B 48 -3.91 15.17 8.07
CA LYS B 48 31.40 -2.79 4.92
CA LYS B 48 -9.32 -2.25 -17.47
CA LYS B 48 6.95 -12.85 -8.61
CA LYS B 48 -5.37 15.38 8.06
C LYS B 48 30.81 -3.75 3.87
C LYS B 48 -10.47 -3.27 -17.54
C LYS B 48 5.45 -13.13 -8.42
C LYS B 48 -5.79 15.65 9.52
N GLN B 49 31.56 -4.74 3.46
N GLN B 49 -10.64 -3.93 -18.65
N GLN B 49 4.98 -14.26 -8.86
N GLN B 49 -6.74 16.53 9.73
CA GLN B 49 31.00 -5.77 2.54
CA GLN B 49 -11.65 -5.02 -18.74
CA GLN B 49 3.56 -14.63 -8.60
CA GLN B 49 -7.27 16.73 11.11
C GLN B 49 30.34 -6.78 3.47
C GLN B 49 -10.92 -6.24 -18.22
C GLN B 49 3.60 -15.28 -7.21
C GLN B 49 -8.37 15.68 11.23
N LEU B 50 29.11 -7.15 3.20
N LEU B 50 -11.50 -6.97 -17.31
N LEU B 50 2.73 -14.87 -6.32
N LEU B 50 -8.36 14.91 12.29
CA LEU B 50 28.35 -8.05 4.09
CA LEU B 50 -10.84 -8.13 -16.67
CA LEU B 50 2.74 -15.35 -4.93
CA LEU B 50 -9.31 13.80 12.47
C LEU B 50 28.76 -9.48 3.84
C LEU B 50 -10.93 -9.33 -17.59
C LEU B 50 2.07 -16.72 -4.86
C LEU B 50 -10.66 14.34 12.94
N GLU B 51 28.91 -10.27 4.92
N GLU B 51 -9.84 -10.10 -17.69
N GLU B 51 2.64 -17.64 -4.08
N GLU B 51 -11.75 13.81 12.39
CA GLU B 51 29.36 -11.67 4.77
CA GLU B 51 -9.83 -11.26 -18.60
CA GLU B 51 2.09 -19.00 -3.99
CA GLU B 51 -13.09 14.31 12.75
C GLU B 51 28.19 -12.60 4.89
C GLU B 51 -10.01 -12.53 -17.82
C GLU B 51 1.31 -19.16 -2.71
C GLU B 51 -13.74 13.37 13.73
N ASP B 52 28.10 -13.64 4.11
N ASP B 52 -10.77 -13.48 -18.30
N ASP B 52 0.17 -19.81 -2.72
N ASP B 52 -14.43 13.85 14.73
CA ASP B 52 26.99 -14.58 4.04
CA ASP B 52 -11.12 -14.73 -17.62
CA ASP B 52 -0.74 -19.98 -1.59
CA ASP B 52 -15.06 13.08 15.80
C ASP B 52 26.41 -15.19 5.31
C ASP B 52 -10.04 -15.58 -16.96
C ASP B 52 -0.21 -20.41 -0.23
C ASP B 52 -15.90 11.85 15.49
N GLY B 53 27.25 -15.58 6.23
N GLY B 53 -8.91 -15.75 -17.60
N GLY B 53 0.69 -21.35 -0.18
N GLY B 53 -16.74 11.92 14.49
CA GLY B 53 26.85 -16.24 7.49
CA GLY B 53 -7.80 -16.59 -17.12
CA GLY B 53 1.25 -21.91 1.06
CA GLY B 53 -17.66 10.86 14.08
C GLY B 53 26.42 -15.34 8.60
C GLY B 53 -6.88 -15.95 -16.14
C GLY B 53 2.37 -21.14 1.68
C GLY B 53 -17.09 9.78 13.22
N ARG B 54 26.58 -14.02 8.46
N ARG B 54 -6.99 -14.65 -15.88
N ARG B 54 2.91 -20.13 1.01
N ARG B 54 -15.86 9.93 12.73
CA ARG B 54 26.11 -13.07 9.48
CA ARG B 54 -6.16 -13.97 -14.86
CA ARG B 54 3.96 -19.27 1.59
CA ARG B 54 -15.20 8.87 11.94
C ARG B 54 24.65 -12.76 9.20
C ARG B 54 -6.85 -14.13 -13.52
C ARG B 54 3.29 -18.18 2.40
C ARG B 54 -14.52 7.92 12.90
N THR B 55 23.98 -12.16 10.15
N THR B 55 -6.14 -13.85 -12.46
N THR B 55 4.05 -17.50 3.22
N THR B 55 -14.14 6.77 12.40
CA THR B 55 22.57 -11.73 10.03
CA THR B 55 -6.65 -13.89 -11.08
CA THR B 55 3.58 -16.36 4.04
CA THR B 55 -13.40 5.74 13.18
C THR B 55 22.59 -10.19 9.85
C THR B 55 -6.85 -12.42 -10.63
C THR B 55 4.12 -15.07 3.37
C THR B 55 -11.93 5.80 12.71
N LEU B 56 21.47 -9.66 9.41
N LEU B 56 -7.60 -12.26 -9.56
N LEU B 56 3.55 -13.95 3.76
N LEU B 56 -11.05 5.19 13.50
CA LEU B 56 21.30 -8.21 9.24
CA LEU B 56 -7.85 -10.93 -8.97
CA LEU B 56 4.00 -12.64 3.27
CA LEU B 56 -9.63 5.11 13.17
C LEU B 56 21.48 -7.54 10.60
C LEU B 56 -6.49 -10.34 -8.54
C LEU B 56 5.45 -12.44 3.67
C LEU B 56 -9.49 4.34 11.85
N SER B 57 21.01 -8.20 11.68
N SER B 57 -5.58 -11.20 -8.05
N SER B 57 5.84 -12.92 4.87
N SER B 57 -10.34 3.32 11.64
CA SER B 57 21.17 -7.55 13.00
CA SER B 57 -4.28 -10.63 -7.62
CA SER B 57 7.25 -12.72 5.27
CA SER B 57 -10.19 2.58 10.36
C SER B 57 22.62 -7.39 13.38
C SER B 57 -3.52 -10.02 -8.78
C SER B 57 8.21 -13.43 4.35
C SER B 57 -10.46 3.44 9.16
N ASP B 58 23.47 -8.28 12.91
N ASP B 58 -3.71 -10.55 -9.97
N ASP B 58 7.78 -14.54 3.77
N ASP B 58 -11.31 4.43 9.31
CA ASP B 58 24.92 -8.19 13.22
CA ASP B 58 -3.01 -10.03 -11.18
CA ASP B 58 8.65 -15.32 2.83
CA ASP B 58 -11.64 5.36 8.19
C ASP B 58 25.49 -6.83 12.82
C ASP B 58 -3.27 -8.53 -11.35
C ASP B 58 9.15 -14.44 1.69
C ASP B 58 -10.37 5.99 7.62
N TYR B 59 25.03 -6.35 11.70
N TYR B 59 -4.49 -8.15 -11.07
N TYR B 59 8.28 -13.58 1.23
N TYR B 59 -9.48 6.32 8.49
CA TYR B 59 25.42 -5.06 11.14
CA TYR B 59 -4.95 -6.76 -11.15
CA TYR B 59 8.56 -12.62 0.16
CA TYR B 59 -8.19 6.94 8.16
C TYR B 59 24.53 -3.93 11.58
C TYR B 59 -4.79 -6.01 -9.85
C TYR B 59 9.06 -11.30 0.66
C TYR B 59 -7.09 5.91 7.95
N ASN B 60 23.57 -4.11 12.46
N ASN B 60 -4.20 -6.56 -8.80
N ASN B 60 9.31 -11.09 1.93
N ASN B 60 -7.34 4.62 7.98
CA ASN B 60 22.72 -2.96 12.87
CA ASN B 60 -4.07 -5.79 -7.55
CA ASN B 60 9.80 -9.77 2.39
CA ASN B 60 -6.24 3.66 7.77
C ASN B 60 22.02 -2.34 11.67
C ASN B 60 -5.43 -5.34 -7.03
C ASN B 60 8.84 -8.66 2.00
C ASN B 60 -5.13 3.85 8.80
N ILE B 61 21.46 -3.17 10.81
N ILE B 61 -6.40 -6.24 -7.03
N ILE B 61 7.55 -8.88 2.22
N ILE B 61 -5.50 4.00 10.06
CA ILE B 61 20.67 -2.66 9.65
CA ILE B 61 -7.74 -5.93 -6.45
CA ILE B 61 6.53 -7.82 1.98
CA ILE B 61 -4.50 4.11 11.16
C ILE B 61 19.24 -2.51 10.14
C ILE B 61 -7.66 -6.29 -4.98
C ILE B 61 6.43 -7.02 3.26
C ILE B 61 -4.22 2.69 11.62
N GLN B 62 18.71 -1.32 10.18
N GLN B 62 -7.80 -5.34 -4.10
N GLN B 62 6.77 -5.75 3.25
N GLN B 62 -3.01 2.20 11.47
CA GLN B 62 17.34 -1.04 10.71
CA GLN B 62 -7.68 -5.56 -2.62
CA GLN B 62 6.77 -4.88 4.45
CA GLN B 62 -2.64 0.81 11.81
C GLN B 62 16.38 -0.82 9.54
C GLN B 62 -9.08 -5.59 -2.00
C GLN B 62 5.55 -3.97 4.43
C GLN B 62 -1.87 0.79 13.14
N LYS B 63 15.08 -0.77 9.81
N LYS B 63 -9.18 -5.98 -0.72
N LYS B 63 5.27 -3.28 5.54
N LYS B 63 -1.63 -0.39 13.70
CA LYS B 63 14.06 -0.64 8.78
CA LYS B 63 -10.45 -6.11 -0.04
CA LYS B 63 4.10 -2.43 5.66
CA LYS B 63 -0.97 -0.52 14.98
C LYS B 63 14.37 0.59 7.93
C LYS B 63 -11.20 -4.79 -0.14
C LYS B 63 4.07 -1.43 4.50
C LYS B 63 0.37 0.21 14.94
N GLU B 64 14.08 0.40 6.63
N GLU B 64 -12.53 -4.97 -0.29
N GLU B 64 2.84 -1.19 4.06
N GLU B 64 0.67 0.82 16.09
CA GLU B 64 14.25 1.38 5.60
CA GLU B 64 -13.51 -3.92 -0.40
CA GLU B 64 2.50 -0.29 2.98
CA GLU B 64 1.87 1.57 16.35
C GLU B 64 15.65 1.79 5.24
C GLU B 64 -13.47 -3.05 -1.62
C GLU B 64 2.96 -0.64 1.60
C GLU B 64 2.07 2.86 15.60
N SER B 65 16.59 0.95 5.64
N SER B 65 -12.81 -3.56 -2.65
N SER B 65 3.27 -1.91 1.42
N SER B 65 0.97 3.37 15.07
CA SER B 65 18.01 1.10 5.29
CA SER B 65 -12.75 -2.94 -3.98
CA SER B 65 3.63 -2.49 0.12
CA SER B 65 0.92 4.67 14.40
C SER B 65 18.16 0.80 3.79
C SER B 65 -14.15 -3.07 -4.62
C SER B 65 2.35 -2.54 -0.74
C SER B 65 1.09 5.76 15.49
N THR B 66 19.22 1.26 3.18
N THR B 66 -14.44 -2.24 -5.59
N THR B 66 2.50 -2.63 -2.02
N THR B 66 1.48 6.94 15.08
CA THR B 66 19.54 0.97 1.78
CA THR B 66 -15.70 -2.31 -6.34
CA THR B 66 1.37 -2.77 -2.95
CA THR B 66 1.60 8.09 15.99
C THR B 66 20.88 0.23 1.72
C THR B 66 -15.37 -2.57 -7.81
C THR B 66 1.53 -4.08 -3.72
C THR B 66 0.66 9.19 15.51
N LEU B 67 20.92 -0.92 1.06
N LEU B 67 -15.97 -3.60 -8.41
N LEU B 67 0.50 -4.94 -3.70
N LEU B 67 -0.21 9.69 16.39
CA LEU B 67 22.19 -1.62 0.86
CA LEU B 67 -15.78 -3.84 -9.84
CA LEU B 67 0.55 -6.17 -4.50
CA LEU B 67 -1.07 10.83 16.01
C LEU B 67 22.60 -1.36 -0.60
C LEU B 67 -17.08 -3.35 -10.52
C LEU B 67 -0.35 -5.90 -5.73
C LEU B 67 -0.44 12.06 16.69
N HIS B 68 23.86 -1.41 -0.89
N HIS B 68 -17.01 -2.97 -11.75
N HIS B 68 -0.11 -6.56 -6.80
N HIS B 68 -0.66 13.21 16.17
CA HIS B 68 24.29 -1.21 -2.29
CA HIS B 68 -18.25 -2.54 -12.44
CA HIS B 68 -0.98 -6.37 -7.99
CA HIS B 68 -0.11 14.43 16.82
C HIS B 68 24.66 -2.59 -2.82
C HIS B 68 -18.62 -3.68 -13.38
C HIS B 68 -1.87 -7.62 -8.07
C HIS B 68 -1.30 15.12 17.48
N LEU B 69 24.22 -2.91 -4.03
N LEU B 69 -19.90 -4.03 -13.42
N LEU B 69 -3.15 -7.41 -8.32
N LEU B 69 -1.11 15.56 18.72
CA LEU B 69 24.57 -4.16 -4.68
CA LEU B 69 -20.40 -5.06 -14.33
CA LEU B 69 -4.09 -8.52 -8.50
CA LEU B 69 -2.15 16.31 19.44
C LEU B 69 25.57 -3.95 -5.79
C LEU B 69 -21.19 -4.46 -15.44
C LEU B 69 -4.48 -8.67 -9.93
C LEU B 69 -1.80 17.77 19.54
N VAL B 70 26.75 -4.47 -5.69
N VAL B 70 -20.76 -4.58 -16.66
N VAL B 70 -4.17 -9.75 -10.57
N VAL B 70 -2.55 18.64 18.96
CA VAL B 70 27.72 -4.38 -6.82
CA VAL B 70 -21.58 -4.09 -17.82
CA VAL B 70 -4.64 -9.99 -11.97
CA VAL B 70 -2.31 20.10 19.12
C VAL B 70 27.78 -5.81 -7.37
C VAL B 70 -22.06 -5.38 -18.49
C VAL B 70 -5.70 -11.10 -11.80
C VAL B 70 -3.47 20.56 20.01
N LEU B 71 27.84 -5.96 -8.68
N LEU B 71 -23.29 -5.40 -18.94
N LEU B 71 -6.79 -11.00 -12.53
N LEU B 71 -3.21 21.44 20.95
CA LEU B 71 27.92 -7.30 -9.29
CA LEU B 71 -23.82 -6.61 -19.63
CA LEU B 71 -7.83 -12.05 -12.46
CA LEU B 71 -4.28 21.96 21.83
C LEU B 71 29.36 -7.63 -9.58
C LEU B 71 -23.70 -6.43 -21.12
C LEU B 71 -7.65 -13.05 -13.58
C LEU B 71 -4.79 23.27 21.29
N MET A 1 6.38 18.40 -20.67
CA MET A 1 5.74 19.56 -20.05
C MET A 1 6.28 19.67 -18.60
N GLN A 2 6.34 20.88 -18.14
CA GLN A 2 6.81 21.11 -16.74
C GLN A 2 5.61 21.10 -15.81
N ILE A 3 5.80 20.45 -14.66
CA ILE A 3 4.77 20.47 -13.61
C ILE A 3 5.53 20.83 -12.30
N PHE A 4 4.75 21.23 -11.33
CA PHE A 4 5.40 21.59 -10.01
C PHE A 4 4.91 20.64 -8.96
N VAL A 5 5.74 20.16 -8.03
CA VAL A 5 5.27 19.32 -6.95
C VAL A 5 5.58 20.10 -5.65
N LYS A 6 4.57 20.50 -4.95
CA LYS A 6 4.78 21.30 -3.70
C LYS A 6 4.77 20.35 -2.53
N THR A 7 5.82 20.41 -1.68
CA THR A 7 5.88 19.52 -0.51
C THR A 7 5.42 20.27 0.74
N LEU A 8 5.24 19.58 1.84
CA LEU A 8 4.74 20.24 3.07
C LEU A 8 5.81 21.08 3.74
N THR A 9 7.06 21.03 3.24
CA THR A 9 8.08 21.90 3.94
C THR A 9 8.35 23.16 3.18
N GLY A 10 7.52 23.50 2.24
CA GLY A 10 7.67 24.69 1.43
C GLY A 10 8.68 24.63 0.33
N LYS A 11 9.10 23.43 0.00
CA LYS A 11 10.01 23.21 -1.12
C LYS A 11 9.11 22.84 -2.31
N THR A 12 9.42 23.38 -3.48
CA THR A 12 8.62 22.98 -4.66
C THR A 12 9.61 22.35 -5.64
N ILE A 13 9.25 21.19 -6.17
CA ILE A 13 10.23 20.60 -7.13
C ILE A 13 9.65 20.67 -8.52
N THR A 14 10.47 20.94 -9.51
CA THR A 14 9.89 20.97 -10.89
C THR A 14 10.25 19.66 -11.57
N LEU A 15 9.33 19.09 -12.33
CA LEU A 15 9.58 17.83 -13.01
C LEU A 15 9.25 18.02 -14.49
N GLU A 16 9.89 17.22 -15.31
CA GLU A 16 9.51 17.26 -16.76
C GLU A 16 8.85 15.92 -17.00
N VAL A 17 7.60 16.03 -17.42
CA VAL A 17 6.77 14.86 -17.67
C VAL A 17 5.93 15.04 -18.95
N GLU A 18 5.32 13.93 -19.31
CA GLU A 18 4.37 13.84 -20.41
C GLU A 18 3.06 13.38 -19.82
N PRO A 19 1.95 13.87 -20.34
CA PRO A 19 0.61 13.47 -19.90
C PRO A 19 0.43 11.98 -19.97
N SER A 20 1.19 11.31 -20.81
CA SER A 20 1.03 9.85 -20.98
C SER A 20 1.72 9.11 -19.87
N ASP A 21 2.49 9.83 -19.05
CA ASP A 21 3.19 9.10 -17.96
C ASP A 21 2.21 8.63 -16.92
N THR A 22 2.51 7.52 -16.30
CA THR A 22 1.71 6.99 -15.21
C THR A 22 2.16 7.68 -13.91
N ILE A 23 1.25 7.61 -12.94
CA ILE A 23 1.52 8.13 -11.60
C ILE A 23 2.72 7.40 -10.98
N GLU A 24 2.80 6.12 -11.24
CA GLU A 24 3.98 5.32 -10.73
C GLU A 24 5.27 5.90 -11.23
N CYS A 25 5.30 6.34 -12.52
CA CYS A 25 6.50 6.91 -13.13
C CYS A 25 6.85 8.24 -12.50
N VAL A 26 5.82 9.05 -12.28
CA VAL A 26 6.04 10.34 -11.65
C VAL A 26 6.71 10.15 -10.29
N LYS A 27 6.18 9.20 -9.52
CA LYS A 27 6.74 8.92 -8.19
C LYS A 27 8.19 8.48 -8.29
N ALA A 28 8.54 7.70 -9.30
CA ALA A 28 9.92 7.29 -9.53
C ALA A 28 10.80 8.47 -9.89
N LYS A 29 10.31 9.43 -10.66
CA LYS A 29 11.09 10.64 -10.97
C LYS A 29 11.35 11.47 -9.69
N ILE A 30 10.35 11.49 -8.81
CA ILE A 30 10.50 12.25 -7.55
C ILE A 30 11.53 11.50 -6.70
N GLN A 31 11.49 10.19 -6.69
CA GLN A 31 12.50 9.45 -5.86
C GLN A 31 13.90 9.76 -6.40
N ASP A 32 14.01 9.63 -7.70
CA ASP A 32 15.30 9.91 -8.37
C ASP A 32 15.83 11.29 -8.03
N LYS A 33 14.94 12.30 -7.98
CA LYS A 33 15.50 13.66 -7.74
C LYS A 33 15.53 14.13 -6.33
N GLU A 34 14.74 13.67 -5.41
CA GLU A 34 14.73 14.09 -4.02
C GLU A 34 14.92 12.96 -3.04
N GLY A 35 14.94 11.73 -3.52
CA GLY A 35 15.18 10.58 -2.69
C GLY A 35 14.07 10.02 -1.89
N ILE A 36 12.84 10.55 -2.06
CA ILE A 36 11.72 10.01 -1.29
C ILE A 36 11.20 8.72 -1.91
N PRO A 37 11.15 7.65 -1.13
CA PRO A 37 10.64 6.34 -1.58
C PRO A 37 9.21 6.46 -2.09
N PRO A 38 8.88 5.84 -3.19
CA PRO A 38 7.51 5.95 -3.73
C PRO A 38 6.45 5.52 -2.76
N ASP A 39 6.74 4.57 -1.90
CA ASP A 39 5.72 4.05 -0.95
C ASP A 39 5.34 5.08 0.11
N GLN A 40 6.16 6.11 0.23
CA GLN A 40 5.83 7.18 1.22
C GLN A 40 5.08 8.36 0.58
N GLN A 41 5.02 8.40 -0.74
CA GLN A 41 4.40 9.48 -1.46
C GLN A 41 2.90 9.36 -1.66
N ARG A 42 2.21 10.46 -1.32
CA ARG A 42 0.75 10.57 -1.60
C ARG A 42 0.62 11.80 -2.48
N LEU A 43 0.18 11.67 -3.73
CA LEU A 43 0.09 12.84 -4.63
C LEU A 43 -1.35 13.30 -4.76
N ILE A 44 -1.57 14.59 -4.57
CA ILE A 44 -2.91 15.19 -4.61
C ILE A 44 -3.02 16.28 -5.66
N PHE A 45 -4.11 16.19 -6.46
CA PHE A 45 -4.39 17.20 -7.50
C PHE A 45 -5.92 17.33 -7.53
N ALA A 46 -6.32 18.58 -7.46
CA ALA A 46 -7.74 18.98 -7.52
C ALA A 46 -8.59 18.14 -6.58
N GLY A 47 -8.08 17.99 -5.40
CA GLY A 47 -8.62 17.24 -4.29
C GLY A 47 -8.80 15.76 -4.47
N CYS A 48 -8.13 15.15 -5.41
CA CYS A 48 -8.12 13.71 -5.63
C CYS A 48 -6.78 13.12 -5.25
N GLN A 49 -6.74 11.97 -4.70
CA GLN A 49 -5.43 11.30 -4.47
C GLN A 49 -5.16 10.55 -5.77
N LEU A 50 -3.98 10.72 -6.33
CA LEU A 50 -3.65 10.11 -7.64
C LEU A 50 -3.29 8.65 -7.46
N GLU A 51 -3.77 7.80 -8.37
CA GLU A 51 -3.53 6.34 -8.25
C GLU A 51 -2.42 5.92 -9.18
N ASP A 52 -1.53 5.06 -8.79
CA ASP A 52 -0.35 4.62 -9.54
C ASP A 52 -0.48 4.20 -10.99
N GLY A 53 -1.50 3.45 -11.32
CA GLY A 53 -1.74 2.91 -12.67
C GLY A 53 -2.40 3.82 -13.65
N ARG A 54 -2.89 4.98 -13.21
CA ARG A 54 -3.49 5.96 -14.13
C ARG A 54 -2.37 6.83 -14.68
N THR A 55 -2.66 7.57 -15.72
CA THR A 55 -1.72 8.53 -16.36
C THR A 55 -2.16 9.94 -15.93
N LEU A 56 -1.27 10.90 -16.12
CA LEU A 56 -1.55 12.31 -15.83
C LEU A 56 -2.72 12.75 -16.70
N SER A 57 -2.80 12.25 -17.95
CA SER A 57 -3.93 12.69 -18.80
C SER A 57 -5.26 12.26 -18.24
N ASP A 58 -5.29 11.15 -17.53
CA ASP A 58 -6.56 10.64 -16.93
C ASP A 58 -7.20 11.71 -16.05
N TYR A 59 -6.37 12.41 -15.33
CA TYR A 59 -6.76 13.49 -14.42
C TYR A 59 -6.79 14.84 -15.09
N ASN A 60 -6.55 14.98 -16.38
CA ASN A 60 -6.58 16.32 -16.99
C ASN A 60 -5.58 17.25 -16.32
N ILE A 61 -4.36 16.77 -16.10
CA ILE A 61 -3.28 17.62 -15.54
C ILE A 61 -2.59 18.28 -16.73
N GLN A 62 -2.64 19.57 -16.85
CA GLN A 62 -2.07 20.32 -18.00
C GLN A 62 -0.74 20.97 -17.58
N LYS A 63 0.04 21.51 -18.58
CA LYS A 63 1.33 22.10 -18.24
C LYS A 63 1.17 23.16 -17.17
N GLU A 64 2.22 23.18 -16.36
CA GLU A 64 2.37 24.09 -15.26
C GLU A 64 1.44 23.96 -14.10
N SER A 65 0.81 22.79 -14.03
CA SER A 65 -0.07 22.42 -12.91
C SER A 65 0.84 22.18 -11.68
N THR A 66 0.25 22.25 -10.50
CA THR A 66 0.96 21.97 -9.25
C THR A 66 0.29 20.77 -8.56
N LEU A 67 1.06 19.74 -8.22
CA LEU A 67 0.49 18.62 -7.46
C LEU A 67 0.98 18.81 -6.00
N HIS A 68 0.26 18.31 -5.06
CA HIS A 68 0.72 18.43 -3.66
C HIS A 68 1.24 17.05 -3.26
N LEU A 69 2.38 17.02 -2.60
CA LEU A 69 2.96 15.77 -2.10
C LEU A 69 2.83 15.67 -0.60
N VAL A 70 2.10 14.73 -0.09
CA VAL A 70 2.03 14.52 1.38
C VAL A 70 2.81 13.21 1.60
N LEU A 71 3.60 13.15 2.65
CA LEU A 71 4.36 11.93 2.95
C LEU A 71 3.61 11.09 3.95
N ARG A 72 3.53 9.79 3.73
N ARG A 72 3.49 9.80 3.72
N ARG A 72 3.57 9.80 3.73
N ARG A 72 3.57 9.79 3.74
CA ARG A 72 2.79 8.90 4.64
CA ARG A 72 2.71 8.95 4.65
CA ARG A 72 2.87 8.88 4.65
CA ARG A 72 2.85 8.88 4.66
C ARG A 72 3.79 7.81 5.03
C ARG A 72 2.90 7.53 4.14
C ARG A 72 3.54 9.08 6.01
C ARG A 72 3.89 7.82 5.05
N LEU A 73 3.76 7.27 6.20
N LEU A 73 1.87 6.78 3.85
N LEU A 73 2.93 8.74 7.10
N LEU A 73 3.81 7.21 6.19
CA LEU A 73 4.74 6.22 6.57
CA LEU A 73 2.07 5.40 3.36
CA LEU A 73 3.58 8.95 8.41
CA LEU A 73 4.83 6.19 6.55
C LEU A 73 4.17 5.35 7.69
C LEU A 73 0.88 4.96 2.54
C LEU A 73 2.90 8.09 9.47
C LEU A 73 4.14 5.00 7.19
N ARG A 74 4.59 4.09 7.65
N ARG A 74 -0.29 5.13 3.14
N ARG A 74 1.84 8.67 10.02
N ARG A 74 4.44 3.84 6.63
CA ARG A 74 4.15 3.09 8.63
CA ARG A 74 -1.57 4.77 2.51
CA ARG A 74 1.05 8.01 11.07
CA ARG A 74 3.88 2.55 7.09
C ARG A 74 4.61 3.52 10.02
C ARG A 74 -1.90 3.33 2.89
C ARG A 74 0.35 6.78 10.47
C ARG A 74 4.76 1.99 8.19
N GLY A 75 5.83 4.03 10.06
N GLY A 75 -3.15 2.96 2.61
N GLY A 75 -0.28 6.01 11.36
N GLY A 75 4.13 1.66 9.31
CA GLY A 75 6.47 4.50 11.29
CA GLY A 75 -3.69 1.64 2.91
CA GLY A 75 -0.99 4.80 11.00
CA GLY A 75 4.79 1.12 10.48
C GLY A 75 7.05 3.40 12.16
C GLY A 75 -5.10 1.39 2.43
C GLY A 75 -0.14 3.55 10.96
C GLY A 75 4.97 -0.39 10.48
N GLY A 76 6.95 2.19 11.64
N GLY A 76 -5.53 0.17 2.68
N GLY A 76 1.08 3.72 11.41
N GLY A 76 5.50 -0.86 11.58
CA GLY A 76 7.44 0.96 12.27
CA GLY A 76 -6.87 -0.33 2.33
CA GLY A 76 2.11 2.67 11.49
CA GLY A 76 5.77 -2.29 11.84
C GLY A 76 7.78 -0.05 11.16
C GLY A 76 -6.91 -1.85 2.56
C GLY A 76 2.06 1.85 10.19
C GLY A 76 4.43 -2.97 12.21
N MET B 1 10.40 -6.70 7.84
N MET B 1 -12.92 -12.17 0.83
N MET B 1 -2.41 -6.06 9.58
N MET B 1 -3.07 -2.02 19.59
CA MET B 1 10.69 -5.25 7.89
CA MET B 1 -12.99 -10.70 0.90
CA MET B 1 -1.69 -5.03 8.80
CA MET B 1 -1.87 -1.60 18.86
C MET B 1 11.27 -4.87 6.50
C MET B 1 -14.29 -10.27 0.18
C MET B 1 -2.55 -4.74 7.55
C MET B 1 -1.39 -0.27 19.50
N GLN B 2 11.01 -3.65 6.14
N GLN B 2 -14.82 -9.18 0.64
N GLN B 2 -2.43 -3.52 7.10
N GLN B 2 -0.11 -0.08 19.45
CA GLN B 2 11.54 -3.16 4.83
CA GLN B 2 -16.06 -8.65 0.00
CA GLN B 2 -3.18 -3.13 5.86
CA GLN B 2 0.46 1.19 20.00
C GLN B 2 12.91 -2.51 5.07
C GLN B 2 -15.66 -7.67 -1.10
C GLN B 2 -2.30 -3.37 4.66
C GLN B 2 0.53 2.23 18.89
N ILE B 3 13.83 -2.80 4.16
N ILE B 3 -16.35 -7.76 -2.22
N ILE B 3 -2.91 -3.91 3.61
N ILE B 3 0.17 3.45 19.25
CA ILE B 3 15.15 -2.13 4.18
CA ILE B 3 -16.17 -6.78 -3.31
CA ILE B 3 -2.20 -4.07 2.31
CA ILE B 3 0.33 4.58 18.31
C ILE B 3 15.39 -1.63 2.72
C ILE B 3 -17.61 -6.33 -3.71
C ILE B 3 -3.18 -3.49 1.24
C ILE B 3 1.03 5.70 19.12
N PHE B 4 16.33 -0.73 2.64
N PHE B 4 -17.63 -5.22 -4.41
N PHE B 4 -2.58 -3.23 0.10
N PHE B 4 1.57 6.64 18.37
CA PHE B 4 16.65 -0.20 1.26
CA PHE B 4 -18.98 -4.71 -4.85
CA PHE B 4 -3.45 -2.67 -1.02
CA PHE B 4 2.27 7.78 19.08
C PHE B 4 18.06 -0.57 0.91
C PHE B 4 -19.04 -4.73 -6.35
C PHE B 4 -3.47 -3.66 -2.14
C PHE B 4 1.52 9.05 18.79
N VAL B 5 18.36 -0.96 -0.34
N VAL B 5 -20.15 -5.11 -6.99
N VAL B 5 -4.59 -3.89 -2.82
N VAL B 5 1.34 9.97 19.74
CA VAL B 5 19.73 -1.25 -0.73
CA VAL B 5 -20.26 -5.06 -8.43
CA VAL B 5 -4.63 -4.76 -3.97
CA VAL B 5 0.71 11.25 19.48
C VAL B 5 20.06 -0.23 -1.84
C VAL B 5 -21.41 -4.06 -8.72
C VAL B 5 -5.07 -3.88 -5.16
C VAL B 5 1.79 12.32 19.78
N LYS B 6 20.98 0.64 -1.59
N LYS B 6 -21.10 -2.96 -9.32
N LYS B 6 -4.20 -3.69 -6.10
N LYS B 6 2.22 13.01 18.80
CA LYS B 6 21.33 1.70 -2.60
CA LYS B 6 -22.15 -1.92 -9.61
CA LYS B 6 -4.54 -2.80 -7.27
CA LYS B 6 3.30 14.05 19.00
C LYS B 6 22.51 1.21 -3.39
C LYS B 6 -22.65 -2.14 -11.01
C LYS B 6 -5.04 -3.68 -8.39
C LYS B 6 2.63 15.38 19.20
N THR B 7 22.40 1.22 -4.74
N THR B 7 -23.99 -2.25 -11.17
N THR B 7 -6.23 -3.34 -8.94
N THR B 7 2.98 16.09 20.30
CA THR B 7 23.52 0.76 -5.57
CA THR B 7 -24.56 -2.46 -12.52
CA THR B 7 -6.79 -4.15 -10.04
CA THR B 7 2.37 17.40 20.56
C THR B 7 24.30 1.96 -6.10
C THR B 7 -25.06 -1.12 -13.06
C THR B 7 -6.49 -3.46 -11.38
C THR B 7 3.33 18.50 20.11
N LEU B 8 25.45 1.75 -6.70
N LEU B 8 -25.43 -1.08 -14.33
N LEU B 8 -6.75 -4.11 -12.48
N LEU B 8 2.89 19.74 20.10
CA LEU B 8 26.28 2.86 -7.20
CA LEU B 8 -25.89 0.18 -14.94
CA LEU B 8 -6.46 -3.54 -13.81
CA LEU B 8 3.74 20.85 19.64
C LEU B 8 25.70 3.52 -8.44
C LEU B 8 -27.28 0.58 -14.48
C LEU B 8 -7.43 -2.44 -14.19
C LEU B 8 4.82 21.21 20.64
N THR B 9 24.62 2.94 -9.01
N THR B 9 -27.96 -0.29 -13.71
N THR B 9 -8.49 -2.23 -13.39
N THR B 9 4.79 20.62 21.84
CA THR B 9 24.08 3.63 -10.23
CA THR B 9 -29.33 0.16 -13.28
CA THR B 9 -9.42 -1.13 -13.81
CA THR B 9 5.87 21.00 22.80
C THR B 9 22.87 4.45 -9.93
C THR B 9 -29.34 0.65 -11.86
C THR B 9 -9.20 0.12 -13.02
C THR B 9 6.96 19.98 22.86
N GLY B 10 22.60 4.71 -8.68
N GLY B 10 -28.20 0.93 -11.30
N GLY B 10 -8.10 0.23 -12.33
N GLY B 10 7.00 19.07 21.93
CA GLY B 10 21.47 5.49 -8.24
CA GLY B 10 -28.05 1.41 -9.95
CA GLY B 10 -7.77 1.38 -11.53
CA GLY B 10 7.99 18.03 21.87
C GLY B 10 20.15 4.78 -8.23
C GLY B 10 -28.20 0.38 -8.86
C GLY B 10 -8.46 1.50 -10.21
C GLY B 10 7.79 16.88 22.80
N LYS B 11 20.19 3.47 -8.30
N LYS B 11 -28.11 -0.87 -9.23
N LYS B 11 -9.04 0.42 -9.75
N LYS B 11 6.60 16.75 23.33
CA LYS B 11 18.99 2.65 -8.20
CA LYS B 11 -28.14 -1.97 -8.27
CA LYS B 11 -9.66 0.35 -8.45
CA LYS B 11 6.22 15.61 24.16
C LYS B 11 18.92 2.22 -6.71
C LYS B 11 -26.65 -2.31 -8.01
C LYS B 11 -8.59 -0.26 -7.52
C LYS B 11 5.52 14.62 23.21
N THR B 12 17.72 2.25 -6.15
N THR B 12 -26.31 -2.55 -6.75
N THR B 12 -8.46 0.28 -6.32
N THR B 12 5.82 13.35 23.37
CA THR B 12 17.60 1.76 -4.76
CA THR B 12 -24.92 -2.96 -6.49
CA THR B 12 -7.51 -0.34 -5.38
CA THR B 12 5.10 12.37 22.53
C THR B 12 16.63 0.59 -4.81
C THR B 12 -25.01 -4.34 -5.84
C THR B 12 -8.34 -0.78 -4.16
C THR B 12 4.37 11.44 23.51
N ILE B 13 17.00 -0.52 -4.18
N ILE B 13 -24.21 -5.28 -6.34
N ILE B 13 -8.14 -2.02 -3.73
N ILE B 13 3.08 11.21 23.25
CA ILE B 13 16.02 -1.65 -4.23
CA ILE B 13 -24.30 -6.62 -5.69
CA ILE B 13 -8.94 -2.43 -2.54
CA ILE B 13 2.39 10.29 24.21
C ILE B 13 15.43 -1.84 -2.86
C ILE B 13 -23.04 -6.87 -4.91
C ILE B 13 -8.04 -2.55 -1.36
C ILE B 13 2.11 9.00 23.52
N THR B 14 14.15 -2.16 -2.78
N THR B 14 -23.16 -7.49 -3.75
N THR B 14 -8.49 -2.14 -0.19
N THR B 14 2.24 7.89 24.22
CA THR B 14 13.59 -2.39 -1.43
CA THR B 14 -21.90 -7.77 -3.01
CA THR B 14 -7.59 -2.31 0.99
CA THR B 14 1.91 6.60 23.53
C THR B 14 13.48 -3.87 -1.21
C THR B 14 -21.54 -9.23 -3.21
C THR B 14 -8.05 -3.53 1.77
C THR B 14 0.53 6.17 23.98
N LEU B 15 13.80 -4.36 -0.02
N LEU B 15 -20.26 -9.54 -3.40
N LEU B 15 -7.13 -4.33 2.27
N LEU B 15 -0.29 5.65 23.09
CA LEU B 15 13.74 -5.78 0.28
CA LEU B 15 -19.83 -10.91 -3.62
CA LEU B 15 -7.48 -5.52 3.01
CA LEU B 15 -1.63 5.22 23.42
C LEU B 15 12.87 -5.97 1.53
C LEU B 15 -18.73 -11.23 -2.60
C LEU B 15 -6.75 -5.49 4.36
C LEU B 15 -1.81 3.77 22.97
N GLU B 16 12.29 -7.14 1.63
N GLU B 16 -18.61 -12.51 -2.31
N GLU B 16 -7.34 -6.16 5.32
N GLU B 16 -2.70 3.08 23.62
CA GLU B 16 11.55 -7.43 2.90
CA GLU B 16 -17.46 -12.90 -1.42
CA GLU B 16 -6.60 -6.26 6.63
CA GLU B 16 -3.01 1.69 23.12
C GLU B 16 12.38 -8.52 3.55
C GLU B 16 -16.56 -13.69 -2.34
C GLU B 16 -6.23 -7.73 6.70
C GLU B 16 -4.42 1.81 22.61
N VAL B 17 12.81 -8.18 4.76
N VAL B 17 -15.34 -13.17 -2.44
N VAL B 17 -4.92 -7.92 6.80
N VAL B 17 -4.54 1.50 21.33
CA VAL B 17 13.66 -9.06 5.54
CA VAL B 17 -14.33 -13.75 -3.30
CA VAL B 17 -4.33 -9.26 6.83
CA VAL B 17 -5.81 1.59 20.62
C VAL B 17 13.26 -9.04 7.03
C VAL B 17 -12.95 -13.75 -2.62
C VAL B 17 -3.19 -9.34 7.86
C VAL B 17 -6.00 0.39 19.68
N GLU B 18 13.88 -9.97 7.72
N GLU B 18 -12.06 -14.44 -3.29
N GLU B 18 -2.78 -10.57 8.05
N GLU B 18 -7.21 0.35 19.17
CA GLU B 18 13.77 -10.12 9.18
CA GLU B 18 -10.64 -14.51 -2.93
CA GLU B 18 -1.63 -10.92 8.88
CA GLU B 18 -7.63 -0.62 18.16
C GLU B 18 15.17 -9.94 9.73
C GLU B 18 -9.86 -13.96 -4.11
C GLU B 18 -0.64 -11.64 7.98
C GLU B 18 -8.09 0.19 16.96
N PRO B 19 15.28 -9.33 10.90
N PRO B 19 -8.78 -13.26 -3.84
N PRO B 19 0.64 -11.44 8.20
N PRO B 19 -7.83 -0.31 15.76
CA PRO B 19 16.57 -9.15 11.57
CA PRO B 19 -7.91 -12.72 -4.89
CA PRO B 19 1.68 -12.11 7.43
CA PRO B 19 -8.26 0.34 14.53
C PRO B 19 17.30 -10.46 11.76
C PRO B 19 -7.45 -13.78 -5.85
C PRO B 19 1.54 -13.60 7.46
C PRO B 19 -9.73 0.62 14.50
N SER B 20 16.56 -11.56 11.80
N SER B 20 -7.43 -15.02 -5.41
N SER B 20 0.89 -14.13 8.49
N SER B 20 -10.50 -0.15 15.26
CA SER B 20 17.18 -12.87 12.04
CA SER B 20 -6.93 -16.11 -6.26
CA SER B 20 0.75 -15.58 8.62
CA SER B 20 -11.96 0.01 15.26
C SER B 20 17.81 -13.40 10.77
C SER B 20 -8.00 -16.55 -7.24
C SER B 20 -0.37 -16.10 7.74
C SER B 20 -12.38 1.17 16.13
N ASP B 21 17.57 -12.73 9.64
N ASP B 21 -9.21 -16.02 -7.08
N ASP B 21 -1.12 -15.19 7.13
N ASP B 21 -11.42 1.74 16.87
CA ASP B 21 18.17 -13.26 8.39
CA ASP B 21 -10.28 -16.46 -8.02
CA ASP B 21 -2.23 -15.69 6.28
CA ASP B 21 -11.81 2.87 17.75
C ASP B 21 19.65 -13.06 8.41
C ASP B 21 -10.02 -15.88 -9.39
C ASP B 21 -1.67 -16.31 5.03
C ASP B 21 -12.14 4.09 16.90
N THR B 22 20.37 -13.97 7.77
N THR B 22 -10.42 -16.61 -10.41
N THR B 22 -2.37 -17.31 4.52
N THR B 22 -13.06 4.90 17.39
CA THR B 22 21.81 -13.85 7.62
CA THR B 22 -10.33 -16.16 -11.78
CA THR B 22 -2.01 -17.95 3.27
CA THR B 22 -13.41 6.14 16.75
C THR B 22 22.09 -12.96 6.40
C THR B 22 -11.57 -15.29 -12.08
C THR B 22 -2.60 -17.10 2.11
C THR B 22 -12.40 7.22 17.20
N ILE B 23 23.33 -12.45 6.40
N ILE B 23 -11.41 -14.48 -13.12
N ILE B 23 -2.01 -17.35 0.94
N ILE B 23 -12.36 8.27 16.38
CA ILE B 23 23.81 -11.65 5.28
CA ILE B 23 -12.51 -13.66 -13.61
CA ILE B 23 -2.49 -16.72 -0.28
CA ILE B 23 -11.54 9.43 16.71
C ILE B 23 23.81 -12.48 4.00
C ILE B 23 -13.68 -14.53 -14.07
C ILE B 23 -3.94 -17.13 -0.57
C ILE B 23 -12.00 10.07 18.02
N GLU B 24 24.14 -13.74 4.11
N GLU B 24 -13.36 -15.66 -14.67
N GLU B 24 -4.24 -18.37 -0.28
N GLU B 24 -13.29 10.08 18.24
CA GLU B 24 24.11 -14.65 2.92
CA GLU B 24 -14.44 -16.63 -15.09
CA GLU B 24 -5.65 -18.86 -0.46
CA GLU B 24 -13.83 10.61 19.53
C GLU B 24 22.73 -14.67 2.31
C GLU B 24 -15.27 -17.04 -13.90
C GLU B 24 -6.62 -18.02 0.35
C GLU B 24 -13.25 9.87 20.71
N ASN B 25 21.70 -14.69 3.15
N ASN B 25 -14.63 -17.26 -12.77
N ASN B 25 -6.22 -17.67 1.56
N ASN B 25 -13.12 8.56 20.58
CA ASN B 25 20.30 -14.72 2.74
CA ASN B 25 -15.27 -17.68 -11.52
CA ASN B 25 -7.02 -16.87 2.50
CA ASN B 25 -12.57 7.68 21.62
C ASN B 25 19.90 -13.44 2.01
C ASN B 25 -16.20 -16.59 -10.97
C ASN B 25 -7.24 -15.45 1.96
C ASN B 25 -11.10 7.98 21.89
N VAL B 26 20.33 -12.33 2.59
N VAL B 26 -15.68 -15.38 -11.01
N VAL B 26 -6.15 -14.89 1.46
N VAL B 26 -10.37 8.15 20.80
CA VAL B 26 20.06 -11.03 2.00
CA VAL B 26 -16.45 -14.23 -10.55
CA VAL B 26 -6.21 -13.55 0.89
CA VAL B 26 -8.95 8.47 20.91
C VAL B 26 20.63 -10.98 0.59
C VAL B 26 -17.74 -14.13 -11.36
C VAL B 26 -7.23 -13.53 -0.25
C VAL B 26 -8.78 9.76 21.70
N LYS B 27 21.87 -11.44 0.45
N LYS B 27 -17.59 -14.26 -12.68
N LYS B 27 -7.15 -14.53 -1.11
N LYS B 27 -9.59 10.76 21.36
CA LYS B 27 22.53 -11.45 -0.86
CA LYS B 27 -18.77 -14.18 -13.57
CA LYS B 27 -8.07 -14.62 -2.25
CA LYS B 27 -9.51 12.05 22.04
C LYS B 27 21.76 -12.31 -1.85
C LYS B 27 -19.76 -15.28 -13.24
C LYS B 27 -9.51 -14.73 -1.78
C LYS B 27 -9.82 11.90 23.53
N ALA B 28 21.22 -13.42 -1.41
N ALA B 28 -19.30 -16.46 -12.91
N ALA B 28 -9.75 -15.44 -0.70
N ALA B 28 -10.75 11.04 23.87
CA ALA B 28 20.40 -14.29 -2.25
CA ALA B 28 -20.19 -17.56 -12.51
CA ALA B 28 -11.09 -15.56 -0.12
CA ALA B 28 -11.08 10.77 25.28
C ALA B 28 19.11 -13.60 -2.67
C ALA B 28 -20.89 -17.25 -11.21
C ALA B 28 -11.57 -14.22 0.43
C ALA B 28 -9.92 10.08 25.99
N LYS B 29 18.49 -12.84 -1.79
N LYS B 29 -20.24 -16.62 -10.24
N LYS B 29 -10.69 -13.43 1.04
N LYS B 29 -9.20 9.18 25.33
CA LYS B 29 17.28 -12.07 -2.16
CA LYS B 29 -20.89 -16.21 -8.98
CA LYS B 29 -11.06 -12.09 1.52
CA LYS B 29 -8.02 8.54 25.93
C LYS B 29 17.61 -11.01 -3.23
C LYS B 29 -21.99 -15.18 -9.26
C LYS B 29 -11.44 -11.17 0.35
C LYS B 29 -6.91 9.59 26.19
N ILE B 30 18.79 -10.41 -3.09
N ILE B 30 -21.72 -14.28 -10.21
N ILE B 30 -10.72 -11.33 -0.77
N ILE B 30 -6.80 10.54 25.27
CA ILE B 30 19.20 -9.38 -4.07
CA ILE B 30 -22.72 -13.24 -10.54
CA ILE B 30 -11.01 -10.50 -1.95
CA ILE B 30 -5.77 11.59 25.43
C ILE B 30 19.46 -10.10 -5.40
C ILE B 30 -23.89 -13.96 -11.23
C ILE B 30 -12.36 -10.96 -2.50
C ILE B 30 -6.22 12.48 26.60
N GLN B 31 20.06 -11.26 -5.37
N GLN B 31 -23.63 -14.93 -12.07
N GLN B 31 -12.62 -12.25 -2.50
N GLN B 31 -7.49 12.76 26.72
CA GLN B 31 20.31 -11.98 -6.66
CA GLN B 31 -24.77 -15.63 -12.74
CA GLN B 31 -13.95 -12.70 -3.03
CA GLN B 31 -7.93 13.62 27.87
C GLN B 31 18.95 -12.29 -7.33
C GLN B 31 -25.63 -16.32 -11.66
C GLN B 31 -15.06 -12.11 -2.16
C GLN B 31 -7.61 12.89 29.18
N ASP B 32 18.08 -12.85 -6.52
N ASP B 32 -24.93 -17.02 -10.81
N ASP B 32 -14.87 -12.27 -0.87
N ASP B 32 -8.00 11.64 29.20
CA ASP B 32 16.73 -13.19 -7.00
CA ASP B 32 -25.60 -17.74 -9.69
CA ASP B 32 -15.85 -11.74 0.11
CA ASP B 32 -7.75 10.79 30.39
C ASP B 32 16.03 -12.00 -7.63
C ASP B 32 -26.47 -16.82 -8.88
C ASP B 32 -16.12 -10.26 -0.11
C ASP B 32 -6.29 10.78 30.78
N LYS B 33 16.17 -10.81 -7.02
N LYS B 33 -25.98 -15.60 -8.59
N LYS B 33 -15.07 -9.47 -0.39
N LYS B 33 -5.38 10.71 29.78
CA LYS B 33 15.40 -9.68 -7.61
CA LYS B 33 -26.81 -14.74 -7.71
CA LYS B 33 -15.34 -8.02 -0.51
CA LYS B 33 -3.95 10.61 30.19
C LYS B 33 16.11 -8.83 -8.60
C LYS B 33 -27.76 -13.79 -8.37
C LYS B 33 -15.61 -7.49 -1.87
C LYS B 33 -3.18 11.88 30.28
N GLU B 34 17.40 -8.71 -8.65
N GLU B 34 -27.59 -13.35 -9.59
N GLU B 34 -15.20 -8.07 -2.96
N GLU B 34 -3.51 12.95 29.63
CA GLU B 34 18.14 -7.90 -9.59
CA GLU B 34 -28.47 -12.44 -10.27
CA GLU B 34 -15.46 -7.59 -4.30
CA GLU B 34 -2.80 14.20 29.68
C GLU B 34 19.16 -8.67 -10.39
C GLU B 34 -28.98 -12.96 -11.59
C GLU B 34 -16.14 -8.61 -5.18
C GLU B 34 -3.66 15.38 30.07
N GLY B 35 19.37 -9.93 -10.07
N GLY B 35 -28.49 -14.11 -12.03
N GLY B 35 -16.31 -9.82 -4.71
N GLY B 35 -4.96 15.17 30.20
CA GLY B 35 20.27 -10.79 -10.80
CA GLY B 35 -28.96 -14.75 -13.24
CA GLY B 35 -17.02 -10.86 -5.43
CA GLY B 35 -5.87 16.19 30.64
C GLY B 35 21.72 -10.70 -10.52
C GLY B 35 -28.44 -14.28 -14.53
C GLY B 35 -16.30 -11.61 -6.47
C GLY B 35 -6.35 17.20 29.67
N ILE B 36 22.12 -9.91 -9.52
N ILE B 36 -27.47 -13.35 -14.53
N ILE B 36 -14.99 -11.37 -6.63
N ILE B 36 -5.99 17.04 28.38
CA ILE B 36 23.56 -9.82 -9.22
CA ILE B 36 -26.94 -12.87 -15.82
CA ILE B 36 -14.25 -12.13 -7.66
CA ILE B 36 -6.46 18.03 27.40
C ILE B 36 24.03 -11.01 -8.41
C ILE B 36 -25.93 -13.86 -16.38
C ILE B 36 -13.89 -13.52 -7.18
C ILE B 36 -7.90 17.75 26.98
N PRO B 37 25.05 -11.72 -8.90
N PRO B 37 -26.16 -14.30 -17.62
N PRO B 37 -14.30 -14.54 -7.93
N PRO B 37 -8.77 18.73 27.12
CA PRO B 37 25.63 -12.87 -8.21
CA PRO B 37 -25.25 -15.23 -18.31
CA PRO B 37 -14.00 -15.95 -7.61
CA PRO B 37 -10.19 18.63 26.73
C PRO B 37 26.10 -12.49 -6.82
C PRO B 37 -23.84 -14.64 -18.40
C PRO B 37 -12.51 -16.17 -7.49
C PRO B 37 -10.31 18.24 25.27
N PRO B 38 25.86 -13.30 -5.82
N PRO B 38 -22.83 -15.43 -18.16
N PRO B 38 -12.05 -16.90 -6.50
N PRO B 38 -11.20 17.34 24.93
CA PRO B 38 26.28 -12.97 -4.45
CA PRO B 38 -21.45 -14.90 -18.22
CA PRO B 38 -10.61 -17.14 -6.32
CA PRO B 38 -11.34 16.93 23.52
C PRO B 38 27.77 -12.73 -4.34
C PRO B 38 -21.09 -14.29 -19.55
C PRO B 38 -9.96 -17.75 -7.53
C PRO B 38 -11.66 18.08 22.59
N ASP B 39 28.57 -13.41 -5.13
N ASP B 39 -21.65 -14.79 -20.62
N ASP B 39 -10.66 -18.57 -8.27
N ASP B 39 -12.37 19.08 23.06
CA ASP B 39 30.05 -13.28 -5.04
CA ASP B 39 -21.31 -14.28 -21.97
CA ASP B 39 -10.07 -19.25 -9.45
CA ASP B 39 -12.76 20.22 22.19
C ASP B 39 30.53 -11.90 -5.48
C ASP B 39 -21.82 -12.85 -22.20
C ASP B 39 -9.74 -18.29 -10.58
C ASP B 39 -11.57 21.07 21.77
N GLN B 40 29.67 -11.17 -6.17
N GLN B 40 -22.73 -12.41 -21.34
N GLN B 40 -10.30 -17.10 -10.51
N GLN B 40 -10.46 20.89 22.46
CA GLN B 40 30.06 -9.80 -6.62
CA GLN B 40 -23.25 -11.02 -21.46
CA GLN B 40 -10.00 -16.08 -11.56
CA GLN B 40 -9.24 21.66 22.10
C GLN B 40 29.58 -8.72 -5.64
C GLN B 40 -22.50 -10.04 -20.55
C GLN B 40 -8.87 -15.13 -11.14
C GLN B 40 -8.30 20.86 21.17
N GLN B 41 28.73 -9.06 -4.69
N GLN B 41 -21.68 -10.53 -19.65
N GLN B 41 -8.45 -15.17 -9.89
N GLN B 41 -8.56 19.59 21.00
CA GLN B 41 28.15 -8.14 -3.75
CA GLN B 41 -20.97 -9.72 -18.69
CA GLN B 41 -7.44 -14.30 -9.36
CA GLN B 41 -7.73 18.71 20.20
C GLN B 41 29.00 -7.85 -2.53
C GLN B 41 -19.66 -9.15 -19.19
C GLN B 41 -6.01 -14.75 -9.56
C GLN B 41 -8.02 18.71 18.71
N ARG B 42 29.17 -6.56 -2.27
N ARG B 42 -19.51 -7.84 -18.99
N ARG B 42 -5.20 -13.83 -10.08
N ARG B 42 -6.97 18.88 17.93
CA ARG B 42 29.83 -6.09 -1.00
CA ARG B 42 -18.22 -7.15 -19.24
CA ARG B 42 -3.73 -14.05 -10.18
CA ARG B 42 -7.06 18.73 16.44
C ARG B 42 28.80 -5.22 -0.32
C ARG B 42 -17.83 -6.53 -17.93
C ARG B 42 -3.11 -12.93 -9.39
C ARG B 42 -6.07 17.64 16.10
N LEU B 43 28.30 -5.59 0.85
N LEU B 43 -16.72 -6.94 -17.30
N LEU B 43 -2.41 -13.21 -8.29
N LEU B 43 -6.51 16.50 15.58
CA LEU B 43 27.24 -4.79 1.53
CA LEU B 43 -16.34 -6.40 -15.98
CA LEU B 43 -1.83 -12.13 -7.45
CA LEU B 43 -5.57 15.38 15.28
C LEU B 43 27.86 -3.98 2.66
C LEU B 43 -15.21 -5.39 -16.13
C LEU B 43 -0.33 -12.02 -7.71
C LEU B 43 -5.30 15.31 13.79
N ILE B 44 27.55 -2.69 2.69
N ILE B 44 -15.38 -4.22 -15.52
N ILE B 44 0.13 -10.80 -7.97
N ILE B 44 -4.03 15.25 13.44
CA ILE B 44 28.09 -1.76 3.68
CA ILE B 44 -14.42 -3.13 -15.62
CA ILE B 44 1.52 -10.52 -8.29
CA ILE B 44 -3.59 15.23 12.04
C ILE B 44 26.98 -1.07 4.47
C ILE B 44 -13.92 -2.69 -14.25
C ILE B 44 2.14 -9.53 -7.31
C ILE B 44 -2.76 13.98 11.72
N PHE B 45 27.16 -1.08 5.81
N PHE B 45 -12.57 -2.57 -14.15
N PHE B 45 3.35 -9.90 -6.81
N PHE B 45 -3.14 13.33 10.59
CA PHE B 45 26.22 -0.41 6.72
CA PHE B 45 -11.92 -2.11 -12.91
CA PHE B 45 4.11 -9.04 -5.90
CA PHE B 45 -2.41 12.15 10.11
C PHE B 45 27.08 0.16 7.87
C PHE B 45 -10.72 -1.26 -13.37
C PHE B 45 5.59 -9.25 -6.26
C PHE B 45 -2.44 12.25 8.57
N ALA B 46 26.83 1.43 8.09
N ALA B 46 -10.68 -0.09 -12.77
N ALA B 46 6.23 -8.12 -6.46
N ALA B 46 -1.25 12.10 8.04
CA ALA B 46 27.48 2.19 9.16
CA ALA B 46 -9.60 0.89 -12.99
CA ALA B 46 7.67 -8.05 -6.76
CA ALA B 46 -1.01 12.09 6.59
C ALA B 46 28.98 1.99 9.15
C ALA B 46 -9.32 1.07 -14.48
C ALA B 46 8.04 -9.02 -7.87
C ALA B 46 -1.72 13.27 5.91
N GLY B 47 29.53 2.07 7.97
N GLY B 47 -10.39 1.21 -15.20
N GLY B 47 7.22 -9.00 -8.89
N GLY B 47 -1.56 14.40 6.53
CA GLY B 47 30.90 1.90 7.61
CA GLY B 47 -10.48 1.39 -16.63
CA GLY B 47 7.28 -9.79 -10.08
CA GLY B 47 -2.08 15.69 6.18
C GLY B 47 31.54 0.57 7.89
C GLY B 47 -9.96 0.28 -17.50
C GLY B 47 7.17 -11.28 -9.93
C GLY B 47 -3.58 15.84 6.15
N LYS B 48 30.77 -0.47 8.02
N LYS B 48 -9.85 -0.91 -16.99
N LYS B 48 6.61 -11.76 -8.86
N LYS B 48 -4.30 15.00 6.83
CA LYS B 48 31.29 -1.82 8.24
CA LYS B 48 -9.39 -2.07 -17.77
CA LYS B 48 6.40 -13.19 -8.62
CA LYS B 48 -5.76 15.08 6.92
C LYS B 48 30.90 -2.66 7.00
C LYS B 48 -10.58 -3.06 -17.85
C LYS B 48 4.88 -13.43 -8.59
C LYS B 48 -6.11 15.38 8.39
N GLN B 49 31.76 -3.55 6.57
N GLN B 49 -10.75 -3.71 -18.97
N GLN B 49 4.41 -14.52 -9.13
N GLN B 49 -7.11 16.19 8.62
CA GLN B 49 31.41 -4.46 5.46
CA GLN B 49 -11.80 -4.76 -19.07
CA GLN B 49 2.97 -14.87 -9.00
CA GLN B 49 -7.58 16.43 10.01
C GLN B 49 30.70 -5.62 6.16
C GLN B 49 -11.11 -6.02 -18.54
C GLN B 49 2.87 -15.59 -7.67
C GLN B 49 -8.56 15.28 10.27
N LEU B 50 29.54 -6.01 5.69
N LEU B 50 -11.73 -6.72 -17.63
N LEU B 50 1.94 -15.20 -6.82
N LEU B 50 -8.42 14.58 11.37
CA LEU B 50 28.74 -7.06 6.34
CA LEU B 50 -11.12 -7.90 -16.98
CA LEU B 50 1.83 -15.77 -5.47
CA LEU B 50 -9.25 13.41 11.67
C LEU B 50 29.28 -8.43 5.97
C LEU B 50 -11.22 -9.10 -17.90
C LEU B 50 1.12 -17.11 -5.53
C LEU B 50 -10.60 13.85 12.20
N GLU B 51 29.33 -9.34 6.94
N GLU B 51 -10.16 -9.90 -17.98
N GLU B 51 1.60 -18.08 -4.76
N GLU B 51 -11.67 13.19 11.76
CA GLU B 51 29.90 -10.68 6.69
CA GLU B 51 -10.17 -11.06 -18.88
CA GLU B 51 0.99 -19.44 -4.80
CA GLU B 51 -13.04 13.59 12.19
C GLU B 51 28.79 -11.68 6.53
C GLU B 51 -10.41 -12.33 -18.11
C GLU B 51 0.10 -19.63 -3.60
C GLU B 51 -13.53 12.66 13.26
N ASP B 52 28.88 -12.61 5.60
N ASP B 52 -11.19 -13.26 -18.59
N ASP B 52 -1.04 -20.26 -3.75
N ASP B 52 -14.19 13.13 14.28
CA ASP B 52 27.85 -13.59 5.27
CA ASP B 52 -11.59 -14.49 -17.92
CA ASP B 52 -2.06 -20.45 -2.72
CA ASP B 52 -14.67 12.37 15.43
C ASP B 52 27.15 -14.39 6.36
C ASP B 52 -10.56 -15.38 -17.23
C ASP B 52 -1.66 -20.97 -1.34
C ASP B 52 -15.42 11.06 15.23
N GLY B 53 27.89 -14.86 7.34
N GLY B 53 -9.42 -15.58 -17.86
N GLY B 53 -0.79 -21.95 -1.28
N GLY B 53 -16.32 10.99 14.29
CA GLY B 53 27.38 -15.71 8.44
CA GLY B 53 -8.34 -16.45 -17.35
CA GLY B 53 -0.35 -22.59 -0.02
CA GLY B 53 -17.16 9.82 14.01
C GLY B 53 26.74 -14.98 9.57
C GLY B 53 -7.42 -15.84 -16.35
C GLY B 53 0.73 -21.89 0.74
C GLY B 53 -16.55 8.75 13.17
N ARG B 54 26.84 -13.66 9.63
N ARG B 54 -7.50 -14.54 -16.10
N ARG B 54 1.35 -20.86 0.18
N ARG B 54 -15.38 8.98 12.57
CA ARG B 54 26.17 -12.87 10.68
CA ARG B 54 -6.67 -13.88 -15.07
CA ARG B 54 2.37 -20.07 0.89
CA ARG B 54 -14.68 7.95 11.79
C ARG B 54 24.73 -12.60 10.24
C ARG B 54 -7.39 -14.03 -13.73
C ARG B 54 1.66 -19.00 1.70
C ARG B 54 -13.84 7.11 12.76
N THR B 55 23.91 -12.17 11.15
N THR B 55 -6.69 -13.76 -12.66
N THR B 55 2.37 -18.39 2.63
N THR B 55 -13.38 5.98 12.30
CA THR B 55 22.50 -11.80 10.89
CA THR B 55 -7.23 -13.78 -11.28
CA THR B 55 1.85 -17.28 3.47
CA THR B 55 -12.52 5.07 13.07
C THR B 55 22.43 -10.26 10.91
C THR B 55 -7.40 -12.31 -10.86
C THR B 55 2.48 -15.98 2.92
C THR B 55 -11.09 5.24 12.50
N LEU B 56 21.34 -9.72 10.39
N LEU B 56 -8.16 -12.11 -9.79
N LEU B 56 1.92 -14.87 3.32
N LEU B 56 -10.12 4.75 13.26
CA LEU B 56 21.10 -8.27 10.38
CA LEU B 56 -8.37 -10.77 -9.22
CA LEU B 56 2.43 -13.53 2.95
CA LEU B 56 -8.70 4.77 12.83
C LEU B 56 21.04 -7.79 11.83
C LEU B 56 -7.02 -10.23 -8.76
C LEU B 56 3.85 -13.40 3.48
C LEU B 56 -8.58 3.95 11.56
N SER B 57 20.49 -8.62 12.74
N SER B 57 -6.14 -11.11 -8.24
N SER B 57 4.11 -13.97 4.68
N SER B 57 -9.35 2.85 11.45
CA SER B 57 20.42 -8.14 14.15
CA SER B 57 -4.83 -10.58 -7.79
CA SER B 57 5.50 -13.83 5.21
CA SER B 57 -9.21 2.04 10.21
C SER B 57 21.80 -7.95 14.75
C SER B 57 -4.03 -10.00 -8.93
C SER B 57 6.52 -14.53 4.33
C SER B 57 -9.64 2.81 8.98
N ASP B 58 22.76 -8.72 14.29
N ASP B 58 -4.21 -10.53 -10.13
N ASP B 58 6.11 -15.58 3.65
N ASP B 58 -10.57 3.73 9.13
CA ASP B 58 24.16 -8.61 14.80
CA ASP B 58 -3.47 -10.03 -11.33
CA ASP B 58 7.03 -16.34 2.76
CA ASP B 58 -11.05 4.56 8.00
C ASP B 58 24.67 -7.17 14.66
C ASP B 58 -3.69 -8.52 -11.49
C ASP B 58 7.66 -15.40 1.72
C ASP B 58 -9.88 5.26 7.29
N TYR B 59 24.33 -6.58 13.56
N TYR B 59 -4.89 -8.11 -11.25
N TYR B 59 6.85 -14.50 1.23
N TYR B 59 -8.97 5.73 8.10
CA TYR B 59 24.71 -5.20 13.22
CA TYR B 59 -5.30 -6.71 -11.34
CA TYR B 59 7.25 -13.50 0.24
CA TYR B 59 -7.77 6.43 7.65
C TYR B 59 23.69 -4.18 13.67
C TYR B 59 -5.15 -5.95 -10.03
C TYR B 59 7.74 -12.22 0.87
C TYR B 59 -6.60 5.50 7.42
N ASN B 60 22.64 -4.53 14.38
N ASN B 60 -4.61 -6.52 -8.98
N ASN B 60 7.88 -12.09 2.16
N ASN B 60 -6.72 4.19 7.53
CA ASN B 60 21.67 -3.50 14.81
CA ASN B 60 -4.47 -5.75 -7.73
CA ASN B 60 8.37 -10.82 2.72
CA ASN B 60 -5.55 3.33 7.29
C ASN B 60 21.09 -2.76 13.61
C ASN B 60 -5.84 -5.26 -7.23
C ASN B 60 7.47 -9.66 2.33
C ASN B 60 -4.40 3.68 8.23
N ILE B 61 20.71 -3.49 12.59
N ILE B 61 -6.82 -6.12 -7.24
N ILE B 61 6.16 -9.84 2.43
N ILE B 61 -4.71 3.87 9.50
CA ILE B 61 20.05 -2.87 11.40
CA ILE B 61 -8.17 -5.78 -6.71
CA ILE B 61 5.19 -8.74 2.15
CA ILE B 61 -3.65 4.13 10.52
C ILE B 61 18.55 -2.87 11.71
C ILE B 61 -8.13 -6.13 -5.23
C ILE B 61 5.00 -8.00 3.47
C ILE B 61 -3.21 2.75 11.03
N GLN B 62 17.93 -1.72 11.81
N GLN B 62 -8.27 -5.18 -4.34
N GLN B 62 5.38 -6.75 3.55
N GLN B 62 -1.98 2.37 10.82
CA GLN B 62 16.50 -1.58 12.18
CA GLN B 62 -8.18 -5.39 -2.87
CA GLN B 62 5.29 -5.95 4.81
CA GLN B 62 -1.45 1.04 11.22
C GLN B 62 15.68 -1.26 10.92
C GLN B 62 -9.58 -5.37 -2.28
C GLN B 62 4.10 -5.00 4.74
C GLN B 62 -0.60 1.17 12.47
N LYS B 63 14.36 -1.32 11.02
N LYS B 63 -9.71 -5.76 -1.00
N LYS B 63 3.75 -4.36 5.85
N LYS B 63 -0.22 0.05 13.09
CA LYS B 63 13.48 -1.10 9.89
CA LYS B 63 -11.01 -5.84 -0.34
CA LYS B 63 2.60 -3.49 5.92
CA LYS B 63 0.53 0.06 14.33
C LYS B 63 13.81 0.25 9.24
C LYS B 63 -11.72 -4.50 -0.46
C LYS B 63 2.70 -2.43 4.83
C LYS B 63 1.80 0.89 14.15
N GLU B 64 13.71 0.22 7.90
N GLU B 64 -13.04 -4.64 -0.65
N GLU B 64 1.51 -2.13 4.29
N GLU B 64 2.10 1.59 15.25
CA GLU B 64 13.95 1.34 7.03
CA GLU B 64 -13.98 -3.56 -0.77
CA GLU B 64 1.29 -1.16 3.25
CA GLU B 64 3.25 2.47 15.38
C GLU B 64 15.35 1.87 6.93
C GLU B 64 -13.90 -2.70 -2.00
C GLU B 64 1.86 -1.45 1.89
C GLU B 64 3.28 3.72 14.56
N SER B 65 16.29 1.03 7.34
N SER B 65 -13.24 -3.24 -3.01
N SER B 65 2.16 -2.71 1.66
N SER B 65 2.11 4.10 14.08
CA SER B 65 17.73 1.30 7.22
CA SER B 65 -13.12 -2.61 -4.33
CA SER B 65 2.61 -3.23 0.37
CA SER B 65 1.90 5.35 13.35
C SER B 65 18.09 1.21 5.72
C SER B 65 -14.52 -2.71 -5.00
C SER B 65 1.41 -3.19 -0.59
C SER B 65 2.03 6.51 14.36
N THR B 66 19.20 1.80 5.34
N THR B 66 -14.76 -1.87 -5.98
N THR B 66 1.66 -3.21 -1.87
N THR B 66 2.29 7.70 13.88
CA THR B 66 19.71 1.72 3.97
CA THR B 66 -16.00 -1.90 -6.76
CA THR B 66 0.61 -3.27 -2.90
CA THR B 66 2.36 8.90 14.70
C THR B 66 21.10 1.07 4.00
C THR B 66 -15.66 -2.17 -8.22
C THR B 66 0.80 -4.54 -3.72
C THR B 66 1.28 9.88 14.24
N LEU B 67 21.30 0.01 3.22
N LEU B 67 -16.28 -3.19 -8.84
N LEU B 67 -0.25 -5.36 -3.84
N LEU B 67 0.44 10.36 15.15
CA LEU B 67 22.64 -0.59 3.11
CA LEU B 67 -16.06 -3.44 -10.27
CA LEU B 67 -0.16 -6.55 -4.70
CA LEU B 67 -0.54 11.39 14.78
C LEU B 67 23.21 -0.11 1.77
C LEU B 67 -17.33 -2.90 -10.97
C LEU B 67 -0.94 -6.19 -5.98
C LEU B 67 0.01 12.71 15.35
N HIS B 68 24.50 -0.06 1.65
N HIS B 68 -17.23 -2.54 -12.20
N HIS B 68 -0.63 -6.80 -7.07
N HIS B 68 -0.35 13.81 14.78
CA HIS B 68 25.09 0.35 0.36
CA HIS B 68 -18.43 -2.07 -12.92
CA HIS B 68 -1.39 -6.51 -8.31
CA HIS B 68 0.12 15.10 15.33
C HIS B 68 25.63 -0.92 -0.28
C HIS B 68 -18.82 -3.20 -13.86
C HIS B 68 -2.28 -7.72 -8.54
C HIS B 68 -1.08 15.72 16.03
N LEU B 69 25.37 -1.09 -1.57
N LEU B 69 -20.11 -3.51 -13.93
N LEU B 69 -3.54 -7.46 -8.88
N LEU B 69 -0.85 16.25 17.22
CA LEU B 69 25.89 -2.23 -2.32
CA LEU B 69 -20.62 -4.52 -14.84
CA LEU B 69 -4.49 -8.53 -9.20
CA LEU B 69 -1.90 16.94 17.98
C LEU B 69 27.01 -1.83 -3.24
C LEU B 69 -21.37 -3.91 -15.98
C LEU B 69 -4.77 -8.59 -10.67
C LEU B 69 -1.70 18.42 17.98
N VAL B 70 28.19 -2.29 -3.05
N VAL B 70 -20.92 -4.03 -17.18
N VAL B 70 -4.42 -9.64 -11.35
N VAL B 70 -2.56 19.19 17.41
CA VAL B 70 29.31 -1.99 -4.01
CA VAL B 70 -21.70 -3.52 -18.35
CA VAL B 70 -4.78 -9.79 -12.79
CA VAL B 70 -2.45 20.68 17.48
C VAL B 70 29.54 -3.33 -4.72
C VAL B 70 -22.20 -4.79 -19.03
C VAL B 70 -5.87 -10.87 -12.78
C VAL B 70 -3.59 21.09 18.43
N LEU B 71 29.77 -3.30 -6.01
N LEU B 71 -23.43 -4.79 -19.51
N LEU B 71 -6.89 -10.71 -13.59
N LEU B 71 -3.35 22.03 19.30
CA LEU B 71 30.04 -4.55 -6.77
CA LEU B 71 -23.98 -5.97 -20.22
CA LEU B 71 -7.98 -11.72 -13.67
CA LEU B 71 -4.40 22.51 20.23
C LEU B 71 31.52 -4.76 -6.90
C LEU B 71 -23.82 -5.80 -21.70
C LEU B 71 -7.71 -12.66 -14.82
C LEU B 71 -5.07 23.73 19.66
N MET A 1 6.38 18.40 -20.67
CA MET A 1 5.74 19.56 -20.05
C MET A 1 6.28 19.67 -18.60
N GLN A 2 6.34 20.88 -18.14
CA GLN A 2 6.81 21.11 -16.74
C GLN A 2 5.61 21.10 -15.81
N ILE A 3 5.80 20.45 -14.66
CA ILE A 3 4.77 20.47 -13.61
C ILE A 3 5.53 20.83 -12.30
N PHE A 4 4.75 21.23 -11.33
CA PHE A 4 5.40 21.59 -10.01
C PHE A 4 4.91 20.64 -8.96
N VAL A 5 5.74 20.16 -8.03
CA VAL A 5 5.27 19.32 -6.95
C VAL A 5 5.58 20.10 -5.65
N LYS A 6 4.57 20.50 -4.95
CA LYS A 6 4.78 21.30 -3.70
C LYS A 6 4.77 20.35 -2.53
N THR A 7 5.82 20.41 -1.68
CA THR A 7 5.88 19.52 -0.51
C THR A 7 5.42 20.27 0.74
N LEU A 8 5.24 19.58 1.84
CA LEU A 8 4.74 20.24 3.07
C LEU A 8 5.81 21.08 3.74
N THR A 9 7.06 21.03 3.24
CA THR A 9 8.08 21.90 3.94
C THR A 9 8.35 23.16 3.18
N GLY A 10 7.52 23.50 2.24
CA GLY A 10 7.67 24.69 1.43
C GLY A 10 8.68 24.63 0.33
N LYS A 11 9.10 23.43 0.00
CA LYS A 11 10.01 23.21 -1.12
C LYS A 11 9.11 22.84 -2.31
N THR A 12 9.42 23.38 -3.48
CA THR A 12 8.62 22.98 -4.66
C THR A 12 9.61 22.35 -5.64
N ILE A 13 9.25 21.19 -6.17
CA ILE A 13 10.23 20.60 -7.13
C ILE A 13 9.65 20.67 -8.52
N THR A 14 10.47 20.94 -9.51
CA THR A 14 9.89 20.97 -10.89
C THR A 14 10.25 19.66 -11.57
N LEU A 15 9.33 19.09 -12.33
CA LEU A 15 9.58 17.83 -13.01
C LEU A 15 9.25 18.02 -14.49
N GLU A 16 9.89 17.22 -15.31
CA GLU A 16 9.51 17.26 -16.76
C GLU A 16 8.85 15.92 -17.00
N VAL A 17 7.60 16.03 -17.42
CA VAL A 17 6.77 14.86 -17.67
C VAL A 17 5.93 15.04 -18.95
N GLU A 18 5.32 13.93 -19.31
CA GLU A 18 4.37 13.84 -20.41
C GLU A 18 3.06 13.38 -19.82
N PRO A 19 1.95 13.87 -20.34
CA PRO A 19 0.61 13.47 -19.90
C PRO A 19 0.43 11.98 -19.97
N SER A 20 1.19 11.31 -20.81
CA SER A 20 1.03 9.85 -20.98
C SER A 20 1.72 9.11 -19.87
N ASP A 21 2.49 9.83 -19.05
CA ASP A 21 3.19 9.10 -17.96
C ASP A 21 2.21 8.63 -16.92
N THR A 22 2.51 7.52 -16.30
CA THR A 22 1.71 6.99 -15.21
C THR A 22 2.16 7.68 -13.91
N ILE A 23 1.25 7.61 -12.94
CA ILE A 23 1.52 8.13 -11.60
C ILE A 23 2.72 7.40 -10.98
N GLU A 24 2.80 6.12 -11.24
CA GLU A 24 3.98 5.32 -10.73
C GLU A 24 5.27 5.90 -11.23
N CYS A 25 5.30 6.34 -12.52
CA CYS A 25 6.50 6.91 -13.13
C CYS A 25 6.85 8.24 -12.50
N VAL A 26 5.82 9.05 -12.28
CA VAL A 26 6.04 10.34 -11.65
C VAL A 26 6.71 10.15 -10.29
N LYS A 27 6.18 9.20 -9.52
CA LYS A 27 6.74 8.92 -8.19
C LYS A 27 8.19 8.48 -8.29
N ALA A 28 8.54 7.70 -9.30
CA ALA A 28 9.92 7.29 -9.53
C ALA A 28 10.80 8.47 -9.89
N LYS A 29 10.31 9.43 -10.66
CA LYS A 29 11.09 10.64 -10.97
C LYS A 29 11.35 11.47 -9.69
N ILE A 30 10.35 11.49 -8.81
CA ILE A 30 10.50 12.25 -7.55
C ILE A 30 11.53 11.50 -6.70
N GLN A 31 11.49 10.19 -6.69
CA GLN A 31 12.50 9.45 -5.86
C GLN A 31 13.90 9.76 -6.40
N ASP A 32 14.01 9.63 -7.70
CA ASP A 32 15.30 9.91 -8.37
C ASP A 32 15.83 11.29 -8.03
N LYS A 33 14.94 12.30 -7.98
CA LYS A 33 15.50 13.66 -7.74
C LYS A 33 15.53 14.13 -6.33
N GLU A 34 14.74 13.67 -5.41
CA GLU A 34 14.73 14.09 -4.02
C GLU A 34 14.92 12.96 -3.04
N GLY A 35 14.94 11.73 -3.52
CA GLY A 35 15.18 10.58 -2.69
C GLY A 35 14.07 10.02 -1.89
N ILE A 36 12.84 10.55 -2.06
CA ILE A 36 11.72 10.01 -1.29
C ILE A 36 11.20 8.72 -1.91
N PRO A 37 11.15 7.65 -1.13
CA PRO A 37 10.64 6.34 -1.58
C PRO A 37 9.21 6.46 -2.09
N PRO A 38 8.88 5.84 -3.19
CA PRO A 38 7.51 5.95 -3.73
C PRO A 38 6.45 5.52 -2.76
N ASP A 39 6.74 4.57 -1.90
CA ASP A 39 5.72 4.05 -0.95
C ASP A 39 5.34 5.08 0.11
N GLN A 40 6.16 6.11 0.23
CA GLN A 40 5.83 7.18 1.22
C GLN A 40 5.08 8.36 0.58
N GLN A 41 5.02 8.40 -0.74
CA GLN A 41 4.40 9.48 -1.46
C GLN A 41 2.90 9.36 -1.66
N ARG A 42 2.21 10.46 -1.32
CA ARG A 42 0.75 10.57 -1.60
C ARG A 42 0.62 11.80 -2.48
N LEU A 43 0.18 11.67 -3.73
CA LEU A 43 0.09 12.84 -4.63
C LEU A 43 -1.35 13.30 -4.76
N ILE A 44 -1.57 14.59 -4.57
CA ILE A 44 -2.91 15.19 -4.61
C ILE A 44 -3.02 16.28 -5.66
N PHE A 45 -4.11 16.19 -6.46
CA PHE A 45 -4.39 17.20 -7.50
C PHE A 45 -5.92 17.33 -7.53
N ALA A 46 -6.32 18.58 -7.46
CA ALA A 46 -7.74 18.98 -7.52
C ALA A 46 -8.59 18.14 -6.58
N GLY A 47 -8.08 17.99 -5.40
CA GLY A 47 -8.62 17.24 -4.29
C GLY A 47 -8.80 15.76 -4.47
N CYS A 48 -8.13 15.15 -5.41
CA CYS A 48 -8.12 13.71 -5.63
C CYS A 48 -6.78 13.12 -5.25
N GLN A 49 -6.74 11.97 -4.70
CA GLN A 49 -5.43 11.30 -4.47
C GLN A 49 -5.16 10.55 -5.77
N LEU A 50 -3.98 10.72 -6.33
CA LEU A 50 -3.65 10.11 -7.64
C LEU A 50 -3.29 8.65 -7.46
N GLU A 51 -3.77 7.80 -8.37
CA GLU A 51 -3.53 6.34 -8.25
C GLU A 51 -2.42 5.92 -9.18
N ASP A 52 -1.53 5.06 -8.79
CA ASP A 52 -0.35 4.62 -9.54
C ASP A 52 -0.48 4.20 -10.99
N GLY A 53 -1.50 3.45 -11.32
CA GLY A 53 -1.74 2.91 -12.67
C GLY A 53 -2.40 3.82 -13.65
N ARG A 54 -2.89 4.98 -13.21
CA ARG A 54 -3.49 5.96 -14.13
C ARG A 54 -2.37 6.83 -14.68
N THR A 55 -2.66 7.57 -15.72
CA THR A 55 -1.72 8.53 -16.36
C THR A 55 -2.16 9.94 -15.93
N LEU A 56 -1.27 10.90 -16.12
CA LEU A 56 -1.55 12.31 -15.83
C LEU A 56 -2.72 12.75 -16.70
N SER A 57 -2.80 12.25 -17.95
CA SER A 57 -3.93 12.69 -18.80
C SER A 57 -5.26 12.26 -18.24
N ASP A 58 -5.29 11.15 -17.53
CA ASP A 58 -6.56 10.64 -16.93
C ASP A 58 -7.20 11.71 -16.05
N TYR A 59 -6.37 12.41 -15.33
CA TYR A 59 -6.76 13.49 -14.42
C TYR A 59 -6.79 14.84 -15.09
N ASN A 60 -6.55 14.98 -16.38
CA ASN A 60 -6.58 16.32 -16.99
C ASN A 60 -5.58 17.25 -16.32
N ILE A 61 -4.36 16.77 -16.10
CA ILE A 61 -3.28 17.62 -15.54
C ILE A 61 -2.59 18.28 -16.73
N GLN A 62 -2.64 19.57 -16.85
CA GLN A 62 -2.07 20.32 -18.00
C GLN A 62 -0.74 20.97 -17.58
N LYS A 63 0.04 21.51 -18.58
CA LYS A 63 1.33 22.10 -18.24
C LYS A 63 1.17 23.16 -17.17
N GLU A 64 2.22 23.18 -16.36
CA GLU A 64 2.37 24.09 -15.26
C GLU A 64 1.44 23.96 -14.10
N SER A 65 0.81 22.79 -14.03
CA SER A 65 -0.07 22.42 -12.91
C SER A 65 0.84 22.18 -11.68
N THR A 66 0.25 22.25 -10.50
CA THR A 66 0.96 21.97 -9.25
C THR A 66 0.29 20.77 -8.56
N LEU A 67 1.06 19.74 -8.22
CA LEU A 67 0.49 18.62 -7.46
C LEU A 67 0.98 18.81 -6.00
N HIS A 68 0.26 18.31 -5.06
CA HIS A 68 0.72 18.43 -3.66
C HIS A 68 1.24 17.05 -3.26
N LEU A 69 2.38 17.02 -2.60
CA LEU A 69 2.96 15.77 -2.10
C LEU A 69 2.83 15.67 -0.60
N VAL A 70 2.10 14.73 -0.09
CA VAL A 70 2.03 14.52 1.38
C VAL A 70 2.81 13.21 1.60
N LEU A 71 3.60 13.15 2.65
CA LEU A 71 4.36 11.93 2.95
C LEU A 71 3.61 11.09 3.95
N ARG A 72 3.49 9.80 3.72
N ARG A 72 3.51 9.80 3.73
N ARG A 72 3.42 9.80 3.70
N ARG A 72 3.55 9.79 3.73
CA ARG A 72 2.72 8.94 4.65
CA ARG A 72 2.75 8.93 4.66
CA ARG A 72 2.63 8.96 4.60
CA ARG A 72 2.84 8.88 4.65
C ARG A 72 3.61 7.72 4.91
C ARG A 72 3.51 7.61 4.69
C ARG A 72 2.38 7.66 3.83
C ARG A 72 3.92 7.98 5.25
N LEU A 73 3.38 6.94 5.91
N LEU A 73 2.92 6.52 5.08
N LEU A 73 1.37 6.90 4.12
N LEU A 73 4.19 8.02 6.51
CA LEU A 73 4.25 5.76 6.15
CA LEU A 73 3.67 5.23 5.10
CA LEU A 73 1.14 5.64 3.36
CA LEU A 73 5.25 7.13 7.07
C LEU A 73 3.51 4.72 6.98
C LEU A 73 2.72 4.09 4.81
C LEU A 73 2.09 4.55 3.86
C LEU A 73 4.75 5.70 7.11
N ARG A 74 4.01 3.50 6.88
N ARG A 74 2.71 3.15 5.76
N ARG A 74 1.47 3.46 4.28
N ARG A 74 5.57 4.83 6.53
CA ARG A 74 3.43 2.35 7.59
CA ARG A 74 1.87 1.95 5.66
CA ARG A 74 2.19 2.31 4.82
CA ARG A 74 5.28 3.39 6.45
C ARG A 74 4.54 1.40 7.98
C ARG A 74 1.35 1.59 7.05
C ARG A 74 1.30 1.07 4.71
C ARG A 74 5.35 2.79 7.85
N GLY A 75 4.26 0.61 9.01
N GLY A 75 0.27 0.82 7.06
N GLY A 75 1.95 -0.09 4.68
N GLY A 75 4.31 2.04 8.19
CA GLY A 75 5.18 -0.37 9.55
CA GLY A 75 -0.38 0.37 8.28
CA GLY A 75 1.29 -1.37 4.57
CA GLY A 75 4.17 1.39 9.48
C GLY A 75 5.00 -1.78 9.05
C GLY A 75 -0.33 -1.12 8.52
C GLY A 75 0.68 -1.90 5.85
C GLY A 75 4.90 0.06 9.62
N GLY A 76 4.32 -1.86 7.92
N GLY A 76 -1.31 -1.56 9.30
N GLY A 76 0.05 -3.06 5.72
N GLY A 76 4.75 -0.51 10.80
CA GLY A 76 4.01 -3.11 7.21
CA GLY A 76 -1.51 -2.98 9.67
CA GLY A 76 -0.61 -3.78 6.80
CA GLY A 76 5.33 -1.80 11.17
C GLY A 76 5.21 -4.08 7.39
C GLY A 76 -2.94 -3.14 10.19
C GLY A 76 -0.46 -5.29 6.53
C GLY A 76 5.34 -1.90 12.71
N MET B 1 9.75 -10.15 5.27
N MET B 1 -7.71 -13.37 8.45
N MET B 1 -9.10 -12.85 4.35
N MET B 1 -2.78 -1.37 20.05
CA MET B 1 9.55 -8.69 5.46
CA MET B 1 -8.13 -11.97 8.66
CA MET B 1 -8.15 -11.73 4.24
CA MET B 1 -1.62 -0.76 19.38
C MET B 1 10.29 -7.98 4.32
C MET B 1 -9.52 -11.80 8.00
C MET B 1 -8.64 -10.83 3.07
C MET B 1 -1.41 0.64 20.01
N GLN B 2 9.75 -6.85 3.95
N GLN B 2 -10.28 -10.92 8.57
N GLN B 2 -8.35 -9.57 3.22
N GLN B 2 -0.17 1.04 20.02
CA GLN B 2 10.42 -6.05 2.87
CA GLN B 2 -11.64 -10.65 8.00
CA GLN B 2 -8.74 -8.62 2.13
CA GLN B 2 0.15 2.39 20.57
C GLN B 2 11.39 -5.07 3.52
C GLN B 2 -11.52 -9.50 6.99
C GLN B 2 -7.60 -8.50 1.14
C GLN B 2 0.10 3.41 19.45
N ILE B 3 12.55 -4.94 2.89
N ILE B 3 -12.21 -9.67 5.87
N ILE B 3 -7.96 -8.48 -0.14
N ILE B 3 -0.48 4.56 19.75
CA ILE B 3 13.53 -3.92 3.31
CA ILE B 3 -12.31 -8.58 4.88
CA ILE B 3 -6.96 -8.23 -1.20
CA ILE B 3 -0.46 5.68 18.80
C ILE B 3 13.96 -3.18 2.02
C ILE B 3 -13.82 -8.45 4.54
C ILE B 3 -7.59 -7.13 -2.10
C ILE B 3 0.00 6.93 19.62
N PHE B 4 14.55 -2.04 2.24
N PHE B 4 -14.14 -7.33 3.96
N PHE B 4 -6.72 -6.53 -2.88
N PHE B 4 0.40 7.93 18.89
CA PHE B 4 15.01 -1.25 1.03
CA PHE B 4 -15.59 -7.10 3.58
CA PHE B 4 -7.24 -5.46 -3.81
CA PHE B 4 0.86 9.18 19.60
C PHE B 4 16.51 -1.14 1.08
C PHE B 4 -15.69 -7.01 2.09
C PHE B 4 -7.04 -5.90 -5.23
C PHE B 4 -0.07 10.30 19.24
N VAL B 5 17.24 -1.24 -0.03
N VAL B 5 -16.71 -7.58 1.44
N VAL B 5 -7.96 -5.67 -6.16
N VAL B 5 -0.45 11.19 20.16
CA VAL B 5 18.67 -1.06 -0.04
CA VAL B 5 -16.88 -7.44 0.01
CA VAL B 5 -7.75 -6.00 -7.55
CA VAL B 5 -1.26 12.34 19.82
C VAL B 5 18.93 0.15 -0.97
C VAL B 5 -18.25 -6.72 -0.17
C VAL B 5 -7.82 -4.66 -8.32
C VAL B 5 -0.40 13.58 20.17
N LYS B 6 19.40 1.22 -0.43
N LYS B 6 -18.22 -5.54 -0.67
N LYS B 6 -6.75 -4.26 -8.89
N LYS B 6 -0.04 14.33 19.18
CA LYS B 6 19.65 2.46 -1.25
CA LYS B 6 -19.50 -4.76 -0.84
CA LYS B 6 -6.72 -2.94 -9.62
CA LYS B 6 0.84 15.53 19.43
C LYS B 6 21.08 2.46 -1.68
C LYS B 6 -19.99 -4.96 -2.24
C LYS B 6 -6.98 -3.21 -11.08
C LYS B 6 -0.06 16.73 19.56
N THR B 7 21.33 2.60 -3.01
N THR B 7 -21.27 -5.38 -2.40
N THR B 7 -7.97 -2.50 -11.68
N THR B 7 0.10 17.51 20.67
CA THR B 7 22.70 2.62 -3.50
CA THR B 7 -21.82 -5.60 -3.74
CA THR B 7 -8.28 -2.72 -13.10
CA THR B 7 -0.73 18.70 20.86
C THR B 7 23.16 4.06 -3.74
C THR B 7 -22.64 -4.38 -4.16
C THR B 7 -7.62 -1.62 -13.93
C THR B 7 0.05 19.95 20.44
N LEU B 8 24.43 4.28 -4.00
N LEU B 8 -23.06 -4.32 -5.40
N LEU B 8 -7.63 -1.73 -15.24
N LEU B 8 -0.59 21.09 20.36
CA LEU B 8 24.94 5.66 -4.18
CA LEU B 8 -23.83 -3.15 -5.89
CA LEU B 8 -6.97 -0.73 -16.10
CA LEU B 8 0.09 22.32 19.92
C LEU B 8 24.52 6.27 -5.51
C LEU B 8 -25.25 -3.13 -5.38
C LEU B 8 -7.75 0.57 -16.18
C LEU B 8 1.04 22.88 20.97
N THR B 9 23.87 5.47 -6.39
N THR B 9 -25.69 -4.21 -4.69
N THR B 9 -8.96 0.60 -15.60
N THR B 9 1.04 22.30 22.18
CA THR B 9 23.47 6.12 -7.67
CA THR B 9 -27.09 -4.15 -4.20
CA THR B 9 -9.70 1.91 -15.71
CA THR B 9 1.99 22.88 23.19
C THR B 9 22.01 6.49 -7.69
C THR B 9 -27.17 -3.80 -2.74
C THR B 9 -9.61 2.70 -14.44
C THR B 9 3.22 22.05 23.34
N GLY B 10 21.38 6.49 -6.57
N GLY B 10 -26.10 -3.32 -2.17
N GLY B 10 -8.72 2.35 -13.56
N GLY B 10 3.47 21.16 22.43
CA GLY B 10 19.98 6.82 -6.43
CA GLY B 10 -26.04 -2.94 -0.78
CA GLY B 10 -8.53 3.03 -12.30
CA GLY B 10 4.63 20.29 22.45
C GLY B 10 19.01 5.77 -6.84
C GLY B 10 -25.90 -4.06 0.20
C GLY B 10 -9.53 2.72 -11.22
C GLY B 10 4.57 19.13 23.39
N LYS B 11 19.48 4.55 -6.94
N LYS B 11 -25.53 -5.21 -0.27
N LYS B 11 -10.26 1.65 -11.40
N LYS B 11 3.39 18.81 23.85
CA LYS B 11 18.64 3.40 -7.23
CA LYS B 11 -25.24 -6.36 0.57
CA LYS B 11 -11.20 1.17 -10.39
CA LYS B 11 3.16 17.64 24.70
C LYS B 11 18.32 2.77 -5.85
C LYS B 11 -23.71 -6.35 0.77
C LYS B 11 -10.44 0.09 -9.61
C LYS B 11 2.68 16.53 23.73
N THR B 12 17.09 2.36 -5.64
N THR B 12 -23.29 -6.62 2.00
N THR B 12 -10.58 0.09 -8.29
N THR B 12 3.19 15.33 23.93
CA THR B 12 16.78 1.69 -4.37
CA THR B 12 -21.83 -6.71 2.21
CA THR B 12 -9.94 -0.99 -7.53
CA THR B 12 2.69 14.22 23.09
C THR B 12 16.28 0.29 -4.75
C THR B 12 -21.56 -8.13 2.72
C THR B 12 -11.06 -1.74 -6.81
C THR B 12 2.07 13.20 24.05
N ILE B 13 16.83 -0.72 -4.08
N ILE B 13 -20.57 -8.79 2.11
N ILE B 13 -11.05 -3.06 -6.91
N ILE B 13 0.86 12.75 23.72
CA ILE B 13 16.32 -2.08 -4.47
CA ILE B 13 -20.32 -10.16 2.63
CA ILE B 13 -12.15 -3.77 -6.19
CA ILE B 13 0.28 11.75 24.67
C ILE B 13 15.48 -2.62 -3.33
C ILE B 13 -19.01 -10.18 3.38
C ILE B 13 -11.58 -4.50 -5.01
C ILE B 13 0.25 10.41 24.00
N THR B 14 14.40 -3.31 -3.63
N THR B 14 -18.93 -10.91 4.46
N THR B 14 -12.29 -4.51 -3.90
N THR B 14 0.52 9.35 24.73
CA THR B 14 13.62 -3.88 -2.49
CA THR B 14 -17.62 -10.94 5.17
CA THR B 14 -11.73 -5.27 -2.74
CA THR B 14 0.45 8.02 24.06
C THR B 14 13.95 -5.34 -2.39
C THR B 14 -16.93 -12.24 4.81
C THR B 14 -12.44 -6.60 -2.66
C THR B 14 -0.85 7.37 24.44
N LEU B 15 14.09 -5.87 -1.18
N LEU B 15 -15.63 -12.22 4.59
N LEU B 15 -11.72 -7.68 -2.36
N LEU B 15 -1.53 6.70 23.51
CA LEU B 15 14.42 -7.26 -0.98
CA LEU B 15 -14.89 -13.41 4.22
CA LEU B 15 -12.31 -8.99 -2.29
CA LEU B 15 -2.78 6.06 23.78
C LEU B 15 13.38 -7.87 -0.04
C LEU B 15 -13.70 -13.56 5.19
C LEU B 15 -11.95 -9.60 -0.93
C LEU B 15 -2.69 4.59 23.35
N GLU B 16 13.21 -9.17 -0.16
N GLU B 16 -13.27 -14.78 5.36
N GLU B 16 -12.79 -10.50 -0.48
N GLU B 16 -3.49 3.77 23.98
CA GLU B 16 12.29 -9.84 0.83
CA GLU B 16 -12.04 -14.97 6.19
CA GLU B 16 -12.41 -11.23 0.79
CA GLU B 16 -3.53 2.36 23.50
C GLU B 16 13.24 -10.70 1.64
C GLU B 16 -11.00 -15.43 5.19
C GLU B 16 -12.16 -12.64 0.32
C GLU B 16 -4.92 2.22 22.91
N VAL B 17 13.22 -10.41 2.94
N VAL B 17 -9.95 -14.63 5.13
N VAL B 17 -10.92 -13.06 0.58
N VAL B 17 -4.91 1.88 21.63
CA VAL B 17 14.09 -11.09 3.89
CA VAL B 17 -8.85 -14.86 4.20
CA VAL B 17 -10.45 -14.38 0.18
CA VAL B 17 -6.13 1.74 20.85
C VAL B 17 13.33 -11.39 5.20
C VAL B 17 -7.49 -14.59 4.87
C VAL B 17 -9.60 -15.02 1.29
C VAL B 17 -6.07 0.51 19.91
N GLU B 18 14.02 -12.18 6.00
N GLU B 18 -6.48 -14.98 4.11
N GLU B 18 -9.33 -16.29 1.03
N GLU B 18 -7.23 0.26 19.36
CA GLU B 18 13.59 -12.54 7.35
CA GLU B 18 -5.08 -14.74 4.45
CA GLU B 18 -8.45 -17.11 1.85
CA GLU B 18 -7.42 -0.78 18.34
C GLU B 18 14.68 -12.04 8.28
C GLU B 18 -4.51 -13.91 3.31
C GLU B 18 -7.31 -17.56 0.95
C GLU B 18 -7.93 -0.07 17.10
N PRO B 19 14.28 -11.58 9.47
N PRO B 19 -3.61 -13.00 3.64
N PRO B 19 -6.12 -17.66 1.50
N PRO B 19 -7.52 -0.54 15.94
CA PRO B 19 15.23 -11.12 10.48
CA PRO B 19 -2.93 -12.16 2.64
CA PRO B 19 -4.94 -18.13 0.75
CA PRO B 19 -7.99 0.02 14.67
C PRO B 19 16.26 -12.16 10.81
C PRO B 19 -2.27 -12.99 1.57
C PRO B 19 -5.18 -19.48 0.12
C PRO B 19 -9.49 0.03 14.56
N SER B 20 15.94 -13.42 10.59
N SER B 20 -1.93 -14.24 1.89
N SER B 20 -6.10 -20.25 0.68
N SER B 20 -10.16 -0.85 15.30
CA SER B 20 16.87 -14.51 10.93
CA SER B 20 -1.23 -15.09 0.93
CA SER B 20 -6.35 -21.60 0.16
CA SER B 20 -11.61 -0.93 15.22
C SER B 20 17.94 -14.65 9.88
C SER B 20 -2.18 -15.67 -0.08
C SER B 20 -7.23 -21.55 -1.07
C SER B 20 -12.26 0.16 16.03
N ASP B 21 17.78 -13.94 8.76
N ASP B 21 -3.49 -15.49 0.15
N ASP B 21 -7.76 -20.36 -1.39
N ASP B 21 -11.46 0.89 16.81
CA ASP B 21 18.82 -14.09 7.71
CA ASP B 21 -4.45 -16.08 -0.82
CA ASP B 21 -8.64 -20.30 -2.58
CA ASP B 21 -12.09 1.95 17.63
C ASP B 21 20.11 -13.45 8.15
C ASP B 21 -4.39 -15.34 -2.12
C ASP B 21 -7.82 -20.46 -3.83
C ASP B 21 -12.56 3.08 16.74
N THR B 22 21.22 -14.02 7.70
N THR B 22 -4.63 -16.05 -3.20
N THR B 22 -8.43 -21.06 -4.85
N THR B 22 -13.64 3.73 17.16
CA THR B 22 22.53 -13.46 7.97
CA THR B 22 -4.71 -15.46 -4.52
CA THR B 22 -7.81 -21.21 -6.14
CA THR B 22 -14.16 4.89 16.46
C THR B 22 22.81 -12.37 6.92
C THR B 22 -6.13 -14.89 -4.72
C THR B 22 -8.03 -19.90 -6.93
C THR B 22 -13.38 6.13 16.95
N ILE B 23 23.76 -11.52 7.29
N ILE B 23 -6.21 -13.98 -5.69
N ILE B 23 -7.17 -19.74 -7.94
N ILE B 23 -13.46 7.16 16.12
CA ILE B 23 24.23 -10.47 6.40
CA ILE B 23 -7.48 -13.40 -6.09
CA ILE B 23 -7.29 -18.61 -8.87
CA ILE B 23 -12.87 8.45 16.45
C ILE B 23 24.82 -11.07 5.13
C ILE B 23 -8.42 -14.49 -6.60
C ILE B 23 -8.64 -18.66 -9.59
C ILE B 23 -13.49 9.02 17.73
N GLU B 24 25.51 -12.19 5.27
N GLU B 24 -7.87 -15.45 -7.30
N GLU B 24 -9.10 -19.84 -9.92
N GLU B 24 -14.78 8.82 17.88
CA GLU B 24 26.07 -12.89 4.08
CA GLU B 24 -8.69 -16.60 -7.80
CA GLU B 24 -10.44 -20.00 -10.57
CA GLU B 24 -15.48 9.26 19.12
C GLU B 24 24.98 -13.25 3.11
C GLU B 24 -9.37 -17.32 -6.66
C GLU B 24 -11.52 -19.41 -9.70
C GLU B 24 -14.85 8.65 20.35
N ASN B 25 23.84 -13.69 3.63
N ASN B 25 -8.65 -17.48 -5.56
N ASN B 25 -11.42 -19.63 -8.40
N ASN B 25 -14.49 7.38 20.25
CA ASN B 25 22.68 -14.08 2.83
CA ASN B 25 -9.12 -18.15 -4.35
CA ASN B 25 -12.38 -19.14 -7.41
CA ASN B 25 -13.87 6.62 21.34
C ASN B 25 22.08 -12.89 2.07
C ASN B 25 -10.26 -17.37 -3.69
C ASN B 25 -12.38 -17.61 -7.32
C ASN B 25 -12.48 7.16 21.69
N VAL B 26 21.97 -11.80 2.81
N VAL B 26 -10.05 -16.07 -3.61
N VAL B 26 -11.18 -17.07 -7.31
N VAL B 26 -11.73 7.44 20.64
CA VAL B 26 21.44 -10.56 2.22
CA VAL B 26 -11.07 -15.19 -3.03
CA VAL B 26 -11.01 -15.63 -7.27
CA VAL B 26 -10.40 7.99 20.81
C VAL B 26 22.31 -10.16 1.03
C VAL B 26 -12.36 -15.32 -3.82
C VAL B 26 -11.70 -15.00 -8.47
C VAL B 26 -10.49 9.30 21.58
N LYS B 27 23.63 -10.21 1.23
N LYS B 27 -12.25 -15.31 -5.14
N LYS B 27 -11.46 -15.58 -9.64
N LYS B 27 -11.43 10.14 21.17
CA LYS B 27 24.57 -9.83 0.16
CA LYS B 27 -13.43 -15.42 -6.01
CA LYS B 27 -12.07 -15.08 -10.88
CA LYS B 27 -11.61 11.45 21.83
C LYS B 27 24.40 -10.75 -1.04
C LYS B 27 -14.13 -16.76 -5.78
C LYS B 27 -13.58 -15.13 -10.80
C LYS B 27 -11.97 11.26 23.29
N ALA B 28 24.15 -12.03 -0.82
N ALA B 28 -13.38 -17.82 -5.56
N ALA B 28 -14.14 -16.17 -10.20
N ALA B 28 -12.77 10.26 23.62
CA ALA B 28 23.90 -12.97 -1.91
CA ALA B 28 -13.96 -19.13 -5.25
CA ALA B 28 -15.58 -16.28 -10.01
CA ALA B 28 -13.12 9.96 25.00
C ALA B 28 22.61 -12.65 -2.64
C ALA B 28 -14.67 -19.13 -3.92
C ALA B 28 -16.11 -15.23 -9.05
C ALA B 28 -11.90 9.50 25.79
N LYS B 29 21.57 -12.23 -1.95
N LYS B 29 -14.15 -18.43 -2.91
N LYS B 29 -15.37 -14.88 -8.00
N LYS B 29 -11.01 8.71 25.20
CA LYS B 29 20.31 -11.83 -2.61
CA LYS B 29 -14.84 -18.32 -1.61
CA LYS B 29 -15.77 -13.80 -7.09
CA LYS B 29 -9.77 8.30 25.87
C LYS B 29 20.53 -10.58 -3.48
C LYS B 29 -16.16 -17.55 -1.76
C LYS B 29 -15.79 -12.44 -7.83
C LYS B 29 -8.88 9.52 26.17
N ILE B 30 21.39 -9.68 -3.00
N ILE B 30 -16.15 -16.55 -2.63
N ILE B 30 -14.82 -12.26 -8.73
N ILE B 30 -8.87 10.46 25.22
CA ILE B 30 21.67 -8.45 -3.76
CA ILE B 30 -17.38 -15.76 -2.85
CA ILE B 30 -14.75 -11.00 -9.47
CA ILE B 30 -8.04 11.67 25.41
C ILE B 30 22.48 -8.88 -4.99
C ILE B 30 -18.37 -16.66 -3.58
C ILE B 30 -15.94 -10.99 -10.44
C ILE B 30 -8.69 12.48 26.54
N GLN B 31 23.40 -9.80 -4.85
N GLN B 31 -17.91 -17.45 -4.52
N GLN B 31 -16.27 -12.11 -11.04
N GLN B 31 -10.00 12.55 26.58
CA GLN B 31 24.19 -10.23 -6.05
CA GLN B 31 -18.88 -18.35 -5.23
CA GLN B 31 -17.45 -12.11 -11.97
CA GLN B 31 -10.64 13.34 27.69
C GLN B 31 23.22 -10.84 -7.08
C GLN B 31 -19.50 -19.32 -4.21
C GLN B 31 -18.71 -11.74 -11.18
C GLN B 31 -10.27 12.70 29.03
N ASP B 32 22.41 -11.73 -6.58
N ASP B 32 -18.62 -19.92 -3.44
N ASP B 32 -18.86 -12.42 -10.07
N ASP B 32 -10.45 11.39 29.07
CA ASP B 32 21.41 -12.40 -7.44
CA ASP B 32 -19.06 -20.87 -2.40
CA ASP B 32 -20.01 -12.17 -9.18
CA ASP B 32 -10.13 10.62 30.28
C ASP B 32 20.56 -11.40 -8.20
C ASP B 32 -20.10 -20.26 -1.48
C ASP B 32 -20.13 -10.71 -8.80
C ASP B 32 -8.72 10.87 30.74
N LYS B 33 20.13 -10.31 -7.51
N LYS B 33 -19.92 -18.99 -1.09
N LYS B 33 -19.00 -10.05 -8.51
N LYS B 33 -7.75 10.93 29.81
CA LYS B 33 19.21 -9.40 -8.24
CA LYS B 33 -20.90 -18.44 -0.11
CA LYS B 33 -19.15 -8.65 -8.05
CA LYS B 33 -6.36 11.08 30.29
C LYS B 33 19.83 -8.25 -8.96
C LYS B 33 -22.06 -17.70 -0.67
C LYS B 33 -19.05 -7.58 -9.10
C LYS B 33 -5.82 12.45 30.40
N GLU B 34 20.99 -7.74 -8.62
N GLU B 34 -22.04 -17.11 -1.84
N GLU B 34 -18.42 -7.74 -10.22
N GLU B 34 -6.28 13.46 29.69
CA GLU B 34 21.64 -6.63 -9.28
CA GLU B 34 -23.14 -16.39 -2.42
CA GLU B 34 -18.29 -6.75 -11.26
CA GLU B 34 -5.79 14.82 29.76
C GLU B 34 23.02 -6.95 -9.80
C GLU B 34 -23.57 -16.90 -3.78
C GLU B 34 -18.78 -7.21 -12.61
C GLU B 34 -6.86 15.82 30.08
N GLY B 35 23.54 -8.12 -9.48
N GLY B 35 -22.83 -17.85 -4.33
N GLY B 35 -19.15 -8.48 -12.73
N GLY B 35 -8.12 15.41 30.14
CA GLY B 35 24.82 -8.56 -9.97
CA GLY B 35 -23.16 -18.47 -5.58
CA GLY B 35 -19.71 -9.01 -13.94
CA GLY B 35 -9.21 16.26 30.51
C GLY B 35 26.04 -8.08 -9.29
C GLY B 35 -22.83 -17.77 -6.84
C GLY B 35 -18.79 -9.41 -15.03
C GLY B 35 -9.80 17.15 29.48
N ILE B 36 25.90 -7.35 -8.17
N ILE B 36 -22.11 -16.64 -6.76
N ILE B 36 -17.47 -9.33 -14.81
N ILE B 36 -9.34 17.05 28.22
CA ILE B 36 27.11 -6.87 -7.48
CA ILE B 36 -21.75 -15.93 -8.00
CA ILE B 36 -16.54 -9.72 -15.87
CA ILE B 36 -9.91 17.93 27.19
C ILE B 36 27.71 -7.97 -6.62
C ILE B 36 -20.56 -16.58 -8.68
C ILE B 36 -16.40 -11.23 -15.96
C ILE B 36 -11.25 17.40 26.71
N PRO B 37 28.98 -8.26 -6.84
N PRO B 37 -20.72 -16.96 -9.94
N PRO B 37 -16.65 -11.79 -17.14
N PRO B 37 -12.28 18.23 26.78
CA PRO B 37 29.72 -9.28 -6.06
CA PRO B 37 -19.63 -17.58 -10.74
CA PRO B 37 -16.52 -13.23 -17.39
CA PRO B 37 -13.64 17.88 26.31
C PRO B 37 29.67 -8.96 -4.58
C PRO B 37 -18.42 -16.67 -10.79
C PRO B 37 -15.13 -13.72 -17.06
C PRO B 37 -13.63 17.46 24.86
N PRO B 38 29.46 -9.94 -3.73
N PRO B 38 -17.23 -17.20 -10.63
N PRO B 38 -14.99 -14.85 -16.40
N PRO B 38 -14.32 16.42 24.49
CA PRO B 38 29.40 -9.67 -2.28
CA PRO B 38 -16.03 -16.36 -10.66
CA PRO B 38 -13.64 -15.35 -16.05
CA PRO B 38 -14.32 15.97 23.09
C PRO B 38 30.64 -9.01 -1.73
C PRO B 38 -15.88 -15.56 -11.93
C PRO B 38 -12.74 -15.54 -17.24
C PRO B 38 -14.76 17.03 22.12
N ASP B 39 31.79 -9.32 -2.30
N ASP B 39 -16.34 -16.08 -13.04
N ASP B 39 -13.28 -15.88 -18.38
N ASP B 39 -15.65 17.90 22.53
CA ASP B 39 33.06 -8.75 -1.78
CA ASP B 39 -16.19 -15.38 -14.34
CA ASP B 39 -12.45 -16.13 -19.59
CA ASP B 39 -16.19 18.95 21.61
C ASP B 39 33.17 -7.25 -2.01
C ASP B 39 -17.02 -14.10 -14.42
C ASP B 39 -11.80 -14.86 -20.11
C ASP B 39 -15.13 19.98 21.24
N GLN B 40 32.33 -6.73 -2.88
N GLN B 40 -17.98 -13.97 -13.51
N GLN B 40 -12.28 -13.72 -19.67
N GLN B 40 -14.04 20.01 21.99
CA GLN B 40 32.35 -5.26 -3.14
CA GLN B 40 -18.82 -12.75 -13.49
CA GLN B 40 -11.68 -12.44 -20.11
CA GLN B 40 -12.96 20.96 21.68
C GLN B 40 31.31 -4.51 -2.29
C GLN B 40 -18.30 -11.70 -12.51
C GLN B 40 -10.63 -11.92 -19.11
C GLN B 40 -11.85 20.33 20.82
N GLN B 41 30.41 -5.23 -1.64
N GLN B 41 -17.36 -12.06 -11.66
N GLN B 41 -10.56 -12.50 -17.94
N GLN B 41 -11.87 19.02 20.66
CA GLN B 41 29.35 -4.65 -0.85
CA GLN B 41 -16.81 -11.19 -10.65
CA GLN B 41 -9.66 -12.07 -16.89
CA GLN B 41 -10.88 18.29 19.92
C GLN B 41 29.71 -4.28 0.57
C GLN B 41 -15.69 -10.28 -11.09
C GLN B 41 -8.25 -12.63 -16.96
C GLN B 41 -11.08 18.21 18.43
N ARG B 42 29.39 -3.04 0.93
N ARG B 42 -15.86 -8.99 -10.77
N ARG B 42 -7.29 -11.72 -16.87
N ARG B 42 -10.02 18.56 17.70
CA ARG B 42 29.52 -2.57 2.35
CA ARG B 42 -14.78 -7.98 -10.99
CA ARG B 42 -5.85 -12.12 -16.75
CA ARG B 42 -10.00 18.37 16.22
C ARG B 42 28.12 -2.15 2.75
C ARG B 42 -14.51 -7.41 -9.62
C ARG B 42 -5.39 -11.51 -15.45
C ARG B 42 -8.82 17.45 15.95
N LEU B 43 27.49 -2.81 3.71
N LEU B 43 -13.32 -7.60 -9.05
N LEU B 43 -5.00 -12.30 -14.45
N LEU B 43 -9.04 16.24 15.44
CA LEU B 43 26.09 -2.45 4.10
CA LEU B 43 -13.02 -7.10 -7.68
CA LEU B 43 -4.59 -11.74 -13.14
CA LEU B 43 -7.91 15.30 15.21
C LEU B 43 26.10 -1.67 5.40
C LEU B 43 -12.17 -5.84 -7.76
C LEU B 43 -3.07 -11.78 -13.01
C LEU B 43 -7.55 15.26 13.74
N ILE B 44 25.39 -0.54 5.39
N ILE B 44 -12.60 -4.81 -7.04
N ILE B 44 -2.50 -10.64 -12.63
N ILE B 44 -6.26 15.40 13.45
CA ILE B 44 25.33 0.36 6.54
CA ILE B 44 -11.93 -3.52 -7.04
CA ILE B 44 -1.05 -10.48 -12.51
CA ILE B 44 -5.74 15.44 12.08
C ILE B 44 23.89 0.58 7.01
C ILE B 44 -11.51 -3.10 -5.64
C ILE B 44 -0.64 -10.06 -11.11
C ILE B 44 -4.70 14.34 11.84
N PHE B 45 23.72 0.44 8.35
N PHE B 45 -10.22 -2.65 -5.55
N PHE B 45 0.37 -10.79 -10.57
N PHE B 45 -4.90 13.63 10.70
CA PHE B 45 22.40 0.68 8.98
CA PHE B 45 -9.66 -2.17 -4.28
CA PHE B 45 0.93 -10.47 -9.25
CA PHE B 45 -3.96 12.57 10.29
C PHE B 45 22.72 1.32 10.34
C PHE B 45 -8.71 -1.02 -4.66
C PHE B 45 2.44 -10.76 -9.35
C PHE B 45 -3.93 12.64 8.75
N ALA B 46 22.02 2.41 10.54
N ALA B 46 -8.93 0.06 -3.97
N ALA B 46 3.17 -9.76 -8.92
N ALA B 46 -2.70 12.70 8.28
CA ALA B 46 22.09 3.20 11.80
CA ALA B 46 -8.13 1.30 -4.10
CA ALA B 46 4.64 -9.81 -8.86
CA ALA B 46 -2.38 12.71 6.85
C ALA B 46 23.53 3.45 12.20
C ALA B 46 -7.95 1.67 -5.57
C ALA B 46 5.22 -10.30 -10.18
C ALA B 46 -3.23 13.74 6.11
N GLY B 47 24.29 3.84 11.23
N GLY B 47 -9.05 1.61 -6.27
N GLY B 47 4.70 -9.75 -11.23
N GLY B 47 -3.30 14.89 6.71
CA GLY B 47 25.70 4.15 11.27
CA GLY B 47 -9.22 1.89 -7.66
CA GLY B 47 5.01 -10.01 -12.61
CA GLY B 47 -4.02 16.06 6.30
C GLY B 47 26.64 3.05 11.65
C GLY B 47 -8.48 1.03 -8.65
C GLY B 47 4.77 -11.41 -13.13
C GLY B 47 -5.51 15.96 6.19
N LYS B 48 26.24 1.81 11.51
N LYS B 48 -8.08 -0.14 -8.25
N LYS B 48 3.94 -12.17 -12.48
N LYS B 48 -6.11 15.01 6.85
CA LYS B 48 27.09 0.66 11.80
CA LYS B 48 -7.38 -1.08 -9.14
CA LYS B 48 3.59 -13.53 -12.93
CA LYS B 48 -7.57 14.85 6.86
C LYS B 48 27.34 -0.08 10.47
C LYS B 48 -8.30 -2.31 -9.31
C LYS B 48 2.10 -13.51 -13.31
C LYS B 48 -8.05 15.12 8.30
N GLN B 49 28.52 -0.59 10.27
N GLN B 49 -8.34 -2.88 -10.48
N GLN B 49 1.73 -14.23 -14.33
N GLN B 49 -9.18 15.75 8.45
CA GLN B 49 28.78 -1.42 9.06
CA GLN B 49 -9.12 -4.14 -10.67
CA GLN B 49 0.28 -14.36 -14.67
CA GLN B 49 -9.76 15.92 9.83
C GLN B 49 28.33 -2.83 9.47
C GLN B 49 -8.13 -5.24 -10.27
C GLN B 49 -0.19 -15.52 -13.81
C GLN B 49 -10.55 14.63 10.05
N LEU B 50 27.52 -3.48 8.68
N LEU B 50 -8.53 -6.15 -9.42
N LEU B 50 -1.28 -15.36 -13.09
N LEU B 50 -10.35 13.97 11.17
CA LEU B 50 26.96 -4.80 9.01
CA LEU B 50 -7.65 -7.20 -8.90
CA LEU B 50 -1.77 -16.38 -12.16
CA LEU B 50 -10.99 12.68 11.45
C LEU B 50 27.99 -5.89 8.76
C LEU B 50 -7.48 -8.31 -9.92
C LEU B 50 -2.51 -17.47 -12.92
C LEU B 50 -12.43 12.90 11.90
N GLU B 51 28.09 -6.85 9.67
N GLU B 51 -6.27 -8.82 -10.10
N GLU B 51 -2.30 -18.73 -12.55
N GLU B 51 -13.35 12.06 11.42
CA GLU B 51 29.11 -7.92 9.51
CA GLU B 51 -6.02 -9.86 -11.11
CA GLU B 51 -2.95 -19.85 -13.27
CA GLU B 51 -14.78 12.23 11.77
C GLU B 51 28.46 -9.17 9.00
C GLU B 51 -5.93 -11.21 -10.45
C GLU B 51 -4.12 -20.35 -12.49
C GLU B 51 -15.17 11.24 12.83
N ASP B 52 29.07 -9.90 8.10
N ASP B 52 -6.49 -12.26 -11.01
N ASP B 52 -5.23 -20.68 -13.12
N ASP B 52 -15.96 11.61 13.80
CA ASP B 52 28.54 -11.09 7.44
CA ASP B 52 -6.55 -13.60 -10.46
CA ASP B 52 -6.48 -21.11 -12.49
CA ASP B 52 -16.37 10.79 14.94
C ASP B 52 27.89 -12.20 8.25
C ASP B 52 -5.31 -14.26 -9.88
C ASP B 52 -6.47 -22.18 -11.40
C ASP B 52 -16.87 9.37 14.74
N GLY B 53 28.47 -12.56 9.38
N GLY B 53 -4.18 -14.13 -10.53
N GLY B 53 -5.70 -23.23 -11.58
N GLY B 53 -17.70 9.16 13.74
CA GLY B 53 27.99 -13.65 10.25
CA GLY B 53 -2.91 -14.76 -10.13
CA GLY B 53 -5.64 -24.38 -10.65
CA GLY B 53 -18.32 7.84 13.45
C GLY B 53 26.89 -13.31 11.20
C GLY B 53 -2.12 -14.04 -9.08
C GLY B 53 -4.74 -24.20 -9.46
C GLY B 53 -17.48 6.88 12.67
N ARG B 54 26.52 -12.05 11.33
N ARG B 54 -2.49 -12.82 -8.71
N ARG B 54 -3.94 -23.14 -9.40
N ARG B 54 -16.34 7.30 12.13
CA ARG B 54 25.40 -11.63 12.19
CA ARG B 54 -1.82 -12.08 -7.63
CA ARG B 54 -3.09 -22.87 -8.23
CA ARG B 54 -15.43 6.39 11.41
C ARG B 54 24.12 -11.74 11.37
C ARG B 54 -2.44 -12.51 -6.30
C ARG B 54 -3.93 -22.11 -7.21
C ARG B 54 -14.53 5.72 12.44
N THR B 55 22.99 -11.72 12.03
N THR B 55 -1.77 -12.18 -5.22
N THR B 55 -3.44 -22.04 -5.99
N THR B 55 -13.85 4.67 12.04
CA THR B 55 21.66 -11.75 11.40
CA THR B 55 -2.25 -12.46 -3.85
CA THR B 55 -4.08 -21.29 -4.89
CA THR B 55 -12.88 3.93 12.88
C THR B 55 21.09 -10.31 11.46
C THR B 55 -2.75 -11.12 -3.27
C THR B 55 -3.26 -19.99 -4.69
C THR B 55 -11.47 4.32 12.38
N LEU B 56 20.06 -10.07 10.68
N LEU B 56 -3.49 -11.20 -2.19
N LEU B 56 -3.84 -19.04 -3.98
N LEU B 56 -10.48 4.03 13.19
CA LEU B 56 19.36 -8.77 10.67
CA LEU B 56 -4.00 -10.01 -1.47
CA LEU B 56 -3.18 -17.78 -3.65
CA LEU B 56 -9.07 4.28 12.84
C LEU B 56 18.79 -8.52 12.06
C LEU B 56 -2.81 -9.20 -1.00
C LEU B 56 -1.93 -18.09 -2.83
C LEU B 56 -8.74 3.47 11.59
N SER B 57 18.32 -9.60 12.73
N SER B 57 -1.72 -9.89 -0.58
N SER B 57 -2.01 -19.11 -1.96
N SER B 57 -9.31 2.26 11.47
CA SER B 57 17.75 -9.36 14.08
CA SER B 57 -0.56 -9.11 -0.10
CA SER B 57 -0.80 -19.42 -1.15
CA SER B 57 -8.97 1.47 10.26
C SER B 57 18.79 -8.84 15.06
C SER B 57 0.05 -8.24 -1.18
C SER B 57 0.37 -19.86 -2.00
C SER B 57 -9.45 2.13 8.99
N ASP B 58 20.03 -9.21 14.86
N ASP B 58 -0.06 -8.69 -2.43
N ASP B 58 0.08 -20.48 -3.13
N ASP B 58 -10.53 2.89 9.08
CA ASP B 58 21.14 -8.76 15.76
CA ASP B 58 0.50 -7.92 -3.57
CA ASP B 58 1.15 -20.96 -4.06
CA ASP B 58 -11.08 3.60 7.90
C ASP B 58 21.18 -7.24 15.83
C ASP B 58 -0.08 -6.51 -3.60
C ASP B 58 2.07 -19.79 -4.45
C ASP B 58 -10.01 4.49 7.24
N TYR B 59 20.96 -6.62 14.70
N TYR B 59 -1.34 -6.41 -3.29
N TYR B 59 1.47 -18.67 -4.67
N TYR B 59 -9.24 5.11 8.09
CA TYR B 59 20.94 -5.17 14.55
CA TYR B 59 -2.08 -5.15 -3.25
CA TYR B 59 2.15 -17.43 -5.04
CA TYR B 59 -8.13 5.99 7.68
C TYR B 59 19.56 -4.57 14.75
C TYR B 59 -2.06 -4.52 -1.88
C TYR B 59 2.55 -16.58 -3.85
C TYR B 59 -6.82 5.28 7.53
N ASN B 60 18.54 -5.31 15.11
N ASN B 60 -1.35 -5.01 -0.89
N ASN B 60 2.36 -17.01 -2.62
N ASN B 60 -6.73 3.96 7.67
CA ASN B 60 17.21 -4.69 15.29
CA ASN B 60 -1.36 -4.35 0.43
CA ASN B 60 2.76 -16.15 -1.49
CA ASN B 60 -5.42 3.30 7.52
C ASN B 60 16.74 -4.00 14.01
C ASN B 60 -2.78 -4.24 0.98
C ASN B 60 2.06 -14.80 -1.54
C ASN B 60 -4.40 3.85 8.51
N ILE B 61 16.89 -4.66 12.89
N ILE B 61 -3.54 -5.32 0.90
N ILE B 61 0.77 -14.81 -1.80
N ILE B 61 -4.80 4.02 9.76
CA ILE B 61 16.39 -4.12 11.59
CA ILE B 61 -4.90 -5.36 1.49
CA ILE B 61 -0.03 -13.55 -1.78
CA ILE B 61 -3.86 4.46 10.82
C ILE B 61 14.94 -4.60 11.46
C ILE B 61 -4.73 -5.83 2.93
C ILE B 61 -0.51 -13.37 -0.34
C ILE B 61 -3.22 3.20 11.39
N GLN B 62 13.99 -3.71 11.44
N GLN B 62 -5.05 -5.02 3.90
N GLN B 62 -0.11 -12.33 0.33
N GLN B 62 -1.94 3.02 11.26
CA GLN B 62 12.54 -4.06 11.39
CA GLN B 62 -4.87 -5.34 5.34
CA GLN B 62 -0.45 -12.09 1.76
CA GLN B 62 -1.22 1.79 11.70
C GLN B 62 12.02 -3.84 9.97
C GLN B 62 -6.21 -5.72 5.96
C GLN B 62 -1.53 -11.00 1.85
C GLN B 62 -0.47 2.10 13.00
N LYS B 63 10.81 -4.30 9.67
N LYS B 63 -6.21 -6.23 7.19
N LYS B 63 -2.11 -10.82 3.02
N LYS B 63 0.05 1.06 13.66
CA LYS B 63 10.22 -4.20 8.36
CA LYS B 63 -7.41 -6.69 7.85
CA LYS B 63 -3.20 -9.87 3.21
CA LYS B 63 0.72 1.21 14.94
C LYS B 63 10.25 -2.75 7.90
C LYS B 63 -8.44 -5.56 7.87
C LYS B 63 -2.76 -8.49 2.72
C LYS B 63 1.84 2.25 14.80
N GLU B 64 10.51 -2.62 6.58
N GLU B 64 -9.69 -5.99 7.70
N GLU B 64 -3.75 -7.82 2.13
N GLU B 64 1.96 3.00 15.90
CA GLU B 64 10.59 -1.38 5.86
CA GLU B 64 -10.87 -5.16 7.69
CA GLU B 64 -3.65 -6.50 1.57
CA GLU B 64 2.93 4.05 16.08
C GLU B 64 11.72 -0.45 6.19
C GLU B 64 -11.03 -4.19 6.55
C GLU B 64 -2.78 -6.31 0.36
C GLU B 64 2.80 5.28 15.23
N SER B 65 12.74 -1.02 6.81
N SER B 65 -10.30 -4.47 5.48
N SER B 65 -2.50 -7.43 -0.31
N SER B 65 1.61 5.46 14.69
CA SER B 65 14.00 -0.31 7.12
CA SER B 65 -10.38 -3.72 4.23
CA SER B 65 -1.76 -7.45 -1.57
CA SER B 65 1.23 6.65 13.91
C SER B 65 14.74 -0.09 5.78
C SER B 65 -11.74 -4.09 3.57
C SER B 65 -2.69 -6.85 -2.66
C SER B 65 1.11 7.82 14.90
N THR B 66 15.65 0.85 5.76
N THR B 66 -12.21 -3.25 2.68
N THR B 66 -2.12 -6.41 -3.74
N THR B 66 1.20 9.04 14.40
CA THR B 66 16.49 1.11 4.59
CA THR B 66 -13.44 -3.51 1.91
CA THR B 66 -2.88 -5.89 -4.89
CA THR B 66 1.02 10.23 15.21
C THR B 66 17.95 0.90 4.99
C THR B 66 -13.09 -3.55 0.43
C THR B 66 -2.56 -6.75 -6.12
C THR B 66 -0.18 11.03 14.65
N LEU B 67 18.69 0.07 4.24
N LEU B 67 -13.47 -4.63 -0.27
N LEU B 67 -3.59 -7.28 -6.78
N LEU B 67 -1.15 11.36 15.51
CA LEU B 67 20.12 -0.09 4.49
CA LEU B 67 -13.26 -4.69 -1.72
CA LEU B 67 -3.36 -8.03 -8.02
CA LEU B 67 -2.27 12.20 15.07
C LEU B 67 20.84 0.73 3.39
C LEU B 67 -14.64 -4.42 -2.34
C LEU B 67 -3.77 -7.07 -9.17
C LEU B 67 -1.98 13.61 15.63
N HIS B 68 22.02 1.17 3.65
N HIS B 68 -14.67 -3.93 -3.54
N HIS B 68 -3.23 -7.25 -10.32
N HIS B 68 -2.48 14.62 15.02
CA HIS B 68 22.75 1.91 2.59
CA HIS B 68 -15.98 -3.70 -4.19
CA HIS B 68 -3.62 -6.38 -11.45
CA HIS B 68 -2.26 15.99 15.57
C HIS B 68 23.82 0.95 2.08
C HIS B 68 -16.13 -4.81 -5.24
C HIS B 68 -4.51 -7.24 -12.35
C HIS B 68 -3.58 16.40 16.19
N LEU B 69 23.97 0.89 0.77
N LEU B 69 -17.30 -5.40 -5.31
N LEU B 69 -5.62 -6.68 -12.80
N LEU B 69 -3.53 16.98 17.38
CA LEU B 69 25.00 0.07 0.14
CA LEU B 69 -17.59 -6.42 -6.32
CA LEU B 69 -6.51 -7.37 -13.72
CA LEU B 69 -4.71 17.49 18.06
C LEU B 69 26.12 0.91 -0.41
C LEU B 69 -18.50 -5.91 -7.37
C LEU B 69 -6.42 -6.81 -15.11
C LEU B 69 -4.76 18.99 18.04
N VAL B 70 27.31 0.80 0.09
N VAL B 70 -18.09 -5.82 -8.60
N VAL B 70 -5.98 -7.54 -16.07
N VAL B 70 -5.70 19.59 17.41
CA VAL B 70 28.47 1.54 -0.49
CA VAL B 70 -19.00 -5.40 -9.70
CA VAL B 70 -5.96 -7.07 -17.48
CA VAL B 70 -5.84 21.07 17.45
C VAL B 70 29.30 0.44 -1.17
C VAL B 70 -19.20 -6.70 -10.50
C VAL B 70 -7.08 -7.87 -18.15
C VAL B 70 -7.09 21.29 18.33
N LEU B 71 29.83 0.72 -2.34
N LEU B 71 -20.41 -6.95 -10.95
N LEU B 71 -7.85 -7.25 -19.02
N LEU B 71 -7.06 22.28 19.18
CA LEU B 71 30.67 -0.28 -3.04
CA LEU B 71 -20.70 -8.16 -11.76
CA LEU B 71 -8.94 -7.96 -19.73
CA LEU B 71 -8.23 22.59 20.04
C LEU B 71 32.12 -0.03 -2.75
C LEU B 71 -20.63 -7.82 -13.23
C LEU B 71 -8.45 -8.41 -21.08
C LEU B 71 -9.05 23.67 19.41
N MET A 1 6.38 18.40 -20.67
CA MET A 1 5.74 19.56 -20.05
C MET A 1 6.28 19.67 -18.60
N GLN A 2 6.34 20.88 -18.14
CA GLN A 2 6.81 21.11 -16.74
C GLN A 2 5.61 21.10 -15.81
N ILE A 3 5.80 20.45 -14.66
CA ILE A 3 4.77 20.47 -13.61
C ILE A 3 5.53 20.83 -12.30
N PHE A 4 4.75 21.23 -11.33
CA PHE A 4 5.40 21.59 -10.01
C PHE A 4 4.91 20.64 -8.96
N VAL A 5 5.74 20.16 -8.03
CA VAL A 5 5.27 19.32 -6.95
C VAL A 5 5.58 20.10 -5.65
N LYS A 6 4.57 20.50 -4.95
CA LYS A 6 4.78 21.30 -3.70
C LYS A 6 4.77 20.35 -2.53
N THR A 7 5.82 20.41 -1.68
CA THR A 7 5.88 19.52 -0.51
C THR A 7 5.42 20.27 0.74
N LEU A 8 5.24 19.58 1.84
CA LEU A 8 4.74 20.24 3.07
C LEU A 8 5.81 21.08 3.74
N THR A 9 7.06 21.03 3.24
CA THR A 9 8.08 21.90 3.94
C THR A 9 8.35 23.16 3.18
N GLY A 10 7.52 23.50 2.24
CA GLY A 10 7.67 24.69 1.43
C GLY A 10 8.68 24.63 0.33
N LYS A 11 9.10 23.43 0.00
CA LYS A 11 10.01 23.21 -1.12
C LYS A 11 9.11 22.84 -2.31
N THR A 12 9.42 23.38 -3.48
CA THR A 12 8.62 22.98 -4.66
C THR A 12 9.61 22.35 -5.64
N ILE A 13 9.25 21.19 -6.17
CA ILE A 13 10.23 20.60 -7.13
C ILE A 13 9.65 20.67 -8.52
N THR A 14 10.47 20.94 -9.51
CA THR A 14 9.89 20.97 -10.89
C THR A 14 10.25 19.66 -11.57
N LEU A 15 9.33 19.09 -12.33
CA LEU A 15 9.58 17.83 -13.01
C LEU A 15 9.25 18.02 -14.49
N GLU A 16 9.89 17.22 -15.31
CA GLU A 16 9.51 17.26 -16.76
C GLU A 16 8.85 15.92 -17.00
N VAL A 17 7.60 16.03 -17.42
CA VAL A 17 6.77 14.86 -17.67
C VAL A 17 5.93 15.04 -18.95
N GLU A 18 5.32 13.93 -19.31
CA GLU A 18 4.37 13.84 -20.41
C GLU A 18 3.06 13.38 -19.82
N PRO A 19 1.95 13.87 -20.34
CA PRO A 19 0.61 13.47 -19.90
C PRO A 19 0.43 11.98 -19.97
N SER A 20 1.19 11.31 -20.81
CA SER A 20 1.03 9.85 -20.98
C SER A 20 1.72 9.11 -19.87
N ASP A 21 2.49 9.83 -19.05
CA ASP A 21 3.19 9.10 -17.96
C ASP A 21 2.21 8.63 -16.92
N THR A 22 2.51 7.52 -16.30
CA THR A 22 1.71 6.99 -15.21
C THR A 22 2.16 7.68 -13.91
N ILE A 23 1.25 7.61 -12.94
CA ILE A 23 1.52 8.13 -11.60
C ILE A 23 2.72 7.40 -10.98
N GLU A 24 2.80 6.12 -11.24
CA GLU A 24 3.98 5.32 -10.73
C GLU A 24 5.27 5.90 -11.23
N CYS A 25 5.30 6.34 -12.52
CA CYS A 25 6.50 6.91 -13.13
C CYS A 25 6.85 8.24 -12.50
N VAL A 26 5.82 9.05 -12.28
CA VAL A 26 6.04 10.34 -11.65
C VAL A 26 6.71 10.15 -10.29
N LYS A 27 6.18 9.20 -9.52
CA LYS A 27 6.74 8.92 -8.19
C LYS A 27 8.19 8.48 -8.29
N ALA A 28 8.54 7.70 -9.30
CA ALA A 28 9.92 7.29 -9.53
C ALA A 28 10.80 8.47 -9.89
N LYS A 29 10.31 9.43 -10.66
CA LYS A 29 11.09 10.64 -10.97
C LYS A 29 11.35 11.47 -9.69
N ILE A 30 10.35 11.49 -8.81
CA ILE A 30 10.50 12.25 -7.55
C ILE A 30 11.53 11.50 -6.70
N GLN A 31 11.49 10.19 -6.69
CA GLN A 31 12.50 9.45 -5.86
C GLN A 31 13.90 9.76 -6.40
N ASP A 32 14.01 9.63 -7.70
CA ASP A 32 15.30 9.91 -8.37
C ASP A 32 15.83 11.29 -8.03
N LYS A 33 14.94 12.30 -7.98
CA LYS A 33 15.50 13.66 -7.74
C LYS A 33 15.53 14.13 -6.33
N GLU A 34 14.74 13.67 -5.41
CA GLU A 34 14.73 14.09 -4.02
C GLU A 34 14.92 12.96 -3.04
N GLY A 35 14.94 11.73 -3.52
CA GLY A 35 15.18 10.58 -2.69
C GLY A 35 14.07 10.02 -1.89
N ILE A 36 12.84 10.55 -2.06
CA ILE A 36 11.72 10.01 -1.29
C ILE A 36 11.20 8.72 -1.91
N PRO A 37 11.15 7.65 -1.13
CA PRO A 37 10.64 6.34 -1.58
C PRO A 37 9.21 6.46 -2.09
N PRO A 38 8.88 5.84 -3.19
CA PRO A 38 7.51 5.95 -3.73
C PRO A 38 6.45 5.52 -2.76
N ASP A 39 6.74 4.57 -1.90
CA ASP A 39 5.72 4.05 -0.95
C ASP A 39 5.34 5.08 0.11
N GLN A 40 6.16 6.11 0.23
CA GLN A 40 5.83 7.18 1.22
C GLN A 40 5.08 8.36 0.58
N GLN A 41 5.02 8.40 -0.74
CA GLN A 41 4.40 9.48 -1.46
C GLN A 41 2.90 9.36 -1.66
N ARG A 42 2.21 10.46 -1.32
CA ARG A 42 0.75 10.57 -1.60
C ARG A 42 0.62 11.80 -2.48
N LEU A 43 0.18 11.67 -3.73
CA LEU A 43 0.09 12.84 -4.63
C LEU A 43 -1.35 13.30 -4.76
N ILE A 44 -1.57 14.59 -4.57
CA ILE A 44 -2.91 15.19 -4.61
C ILE A 44 -3.02 16.28 -5.66
N PHE A 45 -4.11 16.19 -6.46
CA PHE A 45 -4.39 17.20 -7.50
C PHE A 45 -5.92 17.33 -7.53
N ALA A 46 -6.32 18.58 -7.46
CA ALA A 46 -7.74 18.98 -7.52
C ALA A 46 -8.59 18.14 -6.58
N GLY A 47 -8.08 17.99 -5.40
CA GLY A 47 -8.62 17.24 -4.29
C GLY A 47 -8.80 15.76 -4.47
N CYS A 48 -8.13 15.15 -5.41
CA CYS A 48 -8.12 13.71 -5.63
C CYS A 48 -6.78 13.12 -5.25
N GLN A 49 -6.74 11.97 -4.70
CA GLN A 49 -5.43 11.30 -4.47
C GLN A 49 -5.16 10.55 -5.77
N LEU A 50 -3.98 10.72 -6.33
CA LEU A 50 -3.65 10.11 -7.64
C LEU A 50 -3.29 8.65 -7.46
N GLU A 51 -3.77 7.80 -8.37
CA GLU A 51 -3.53 6.34 -8.25
C GLU A 51 -2.42 5.92 -9.18
N ASP A 52 -1.53 5.06 -8.79
CA ASP A 52 -0.35 4.62 -9.54
C ASP A 52 -0.48 4.20 -10.99
N GLY A 53 -1.50 3.45 -11.32
CA GLY A 53 -1.74 2.91 -12.67
C GLY A 53 -2.40 3.82 -13.65
N ARG A 54 -2.89 4.98 -13.21
CA ARG A 54 -3.49 5.96 -14.13
C ARG A 54 -2.37 6.83 -14.68
N THR A 55 -2.66 7.57 -15.72
CA THR A 55 -1.72 8.53 -16.36
C THR A 55 -2.16 9.94 -15.93
N LEU A 56 -1.27 10.90 -16.12
CA LEU A 56 -1.55 12.31 -15.83
C LEU A 56 -2.72 12.75 -16.70
N SER A 57 -2.80 12.25 -17.95
CA SER A 57 -3.93 12.69 -18.80
C SER A 57 -5.26 12.26 -18.24
N ASP A 58 -5.29 11.15 -17.53
CA ASP A 58 -6.56 10.64 -16.93
C ASP A 58 -7.20 11.71 -16.05
N TYR A 59 -6.37 12.41 -15.33
CA TYR A 59 -6.76 13.49 -14.42
C TYR A 59 -6.79 14.84 -15.09
N ASN A 60 -6.55 14.98 -16.38
CA ASN A 60 -6.58 16.32 -16.99
C ASN A 60 -5.58 17.25 -16.32
N ILE A 61 -4.36 16.77 -16.10
CA ILE A 61 -3.28 17.62 -15.54
C ILE A 61 -2.59 18.28 -16.73
N GLN A 62 -2.64 19.57 -16.85
CA GLN A 62 -2.07 20.32 -18.00
C GLN A 62 -0.74 20.97 -17.58
N LYS A 63 0.04 21.51 -18.58
CA LYS A 63 1.33 22.10 -18.24
C LYS A 63 1.17 23.16 -17.17
N GLU A 64 2.22 23.18 -16.36
CA GLU A 64 2.37 24.09 -15.26
C GLU A 64 1.44 23.96 -14.10
N SER A 65 0.81 22.79 -14.03
CA SER A 65 -0.07 22.42 -12.91
C SER A 65 0.84 22.18 -11.68
N THR A 66 0.25 22.25 -10.50
CA THR A 66 0.96 21.97 -9.25
C THR A 66 0.29 20.77 -8.56
N LEU A 67 1.06 19.74 -8.22
CA LEU A 67 0.49 18.62 -7.46
C LEU A 67 0.98 18.81 -6.00
N HIS A 68 0.26 18.31 -5.06
CA HIS A 68 0.72 18.43 -3.66
C HIS A 68 1.24 17.05 -3.26
N LEU A 69 2.38 17.02 -2.60
CA LEU A 69 2.96 15.77 -2.10
C LEU A 69 2.83 15.67 -0.60
N VAL A 70 2.10 14.73 -0.09
CA VAL A 70 2.03 14.52 1.38
C VAL A 70 2.81 13.21 1.60
N LEU A 71 3.60 13.15 2.65
CA LEU A 71 4.36 11.93 2.95
C LEU A 71 3.61 11.09 3.95
N ARG A 72 3.56 9.80 3.74
N ARG A 72 3.54 9.79 3.75
N ARG A 72 3.57 9.80 3.75
N ARG A 72 3.53 9.79 3.73
CA ARG A 72 2.85 8.91 4.68
CA ARG A 72 2.82 8.93 4.71
CA ARG A 72 2.87 8.90 4.70
CA ARG A 72 2.79 8.90 4.64
C ARG A 72 3.87 8.56 5.76
C ARG A 72 3.26 7.50 4.37
C ARG A 72 3.94 8.45 5.69
C ARG A 72 3.80 7.85 5.09
N LEU A 73 3.53 8.52 7.00
N LEU A 73 2.40 6.53 4.30
N LEU A 73 3.65 8.23 6.93
N LEU A 73 3.57 7.10 6.11
CA LEU A 73 4.54 8.18 8.05
CA LEU A 73 2.85 5.16 3.98
CA LEU A 73 4.70 7.79 7.88
CA LEU A 73 4.56 6.08 6.53
C LEU A 73 5.04 6.76 7.85
C LEU A 73 1.82 4.47 3.10
C LEU A 73 4.11 6.82 8.89
C LEU A 73 5.80 6.75 7.09
N ARG A 74 4.08 5.86 7.87
N ARG A 74 1.73 3.17 3.31
N ARG A 74 4.05 7.31 10.12
N ARG A 74 5.69 7.12 8.36
CA ARG A 74 4.36 4.41 7.71
CA ARG A 74 0.81 2.31 2.55
CA ARG A 74 3.52 6.51 11.25
CA ARG A 74 6.78 7.79 9.08
C ARG A 74 5.58 4.05 8.54
C ARG A 74 0.24 1.25 3.48
C ARG A 74 4.44 5.31 11.47
C ARG A 74 7.97 6.85 9.17
N GLY A 75 5.57 4.53 9.78
N GLY A 75 -0.85 0.63 3.03
N GLY A 75 5.67 5.46 10.99
N GLY A 75 7.65 5.57 9.42
CA GLY A 75 6.65 4.31 10.73
CA GLY A 75 -1.54 -0.41 3.77
CA GLY A 75 6.69 4.43 11.10
CA GLY A 75 8.64 4.52 9.57
C GLY A 75 6.65 2.95 11.41
C GLY A 75 -2.10 -1.54 2.93
C GLY A 75 6.59 3.31 10.08
C GLY A 75 8.65 3.83 10.92
N GLY A 76 7.76 2.69 12.08
N GLY A 76 -2.78 -2.43 3.61
N GLY A 76 5.59 3.46 9.23
N GLY A 76 8.97 2.56 10.87
CA GLY A 76 8.00 1.46 12.83
CA GLY A 76 -3.44 -3.61 3.04
CA GLY A 76 5.28 2.53 8.13
CA GLY A 76 9.07 1.68 12.04
C GLY A 76 7.82 0.26 11.89
C GLY A 76 -4.75 -3.87 3.80
C GLY A 76 5.04 1.14 8.73
C GLY A 76 7.95 0.62 11.96
N MET B 1 8.78 -8.19 6.50
N MET B 1 -10.57 -12.58 1.18
N MET B 1 -0.59 -5.95 9.57
N MET B 1 -0.33 -1.19 18.77
CA MET B 1 8.98 -6.74 6.55
CA MET B 1 -10.68 -11.11 1.27
CA MET B 1 0.02 -4.91 8.73
CA MET B 1 0.69 -0.34 18.12
C MET B 1 9.60 -6.33 5.18
C MET B 1 -12.10 -10.73 0.79
C MET B 1 -0.94 -4.65 7.55
C MET B 1 0.71 1.01 18.89
N GLN B 2 9.28 -5.12 4.80
N GLN B 2 -12.58 -9.67 1.36
N GLN B 2 -0.90 -3.44 7.09
N GLN B 2 1.88 1.59 18.91
CA GLN B 2 9.85 -4.60 3.51
CA GLN B 2 -13.93 -9.17 0.95
CA GLN B 2 -1.75 -3.07 5.92
CA GLN B 2 2.01 2.92 19.59
C GLN B 2 11.15 -3.88 3.81
C GLN B 2 -13.77 -8.18 -0.20
C GLN B 2 -0.96 -3.30 4.64
C GLN B 2 1.77 4.02 18.57
N ILE B 3 12.14 -4.11 2.96
N ILE B 3 -14.65 -8.30 -1.18
N ILE B 3 -1.65 -3.85 3.65
N ILE B 3 1.02 5.03 19.00
CA ILE B 3 13.41 -3.37 3.04
CA ILE B 3 -14.70 -7.31 -2.28
CA ILE B 3 -1.05 -4.01 2.30
CA ILE B 3 0.83 6.23 18.16
C ILE B 3 13.69 -2.86 1.59
C ILE B 3 -16.20 -6.91 -2.41
C ILE B 3 -2.11 -3.47 1.31
C ILE B 3 1.13 7.44 19.09
N PHE B 4 14.59 -1.90 1.54
N PHE B 4 -16.40 -5.81 -3.08
N PHE B 4 -1.62 -3.18 0.12
N PHE B 4 1.35 8.56 18.44
CA PHE B 4 14.94 -1.35 0.17
CA PHE B 4 -17.82 -5.33 -3.28
CA PHE B 4 -2.60 -2.66 -0.92
CA PHE B 4 1.64 9.80 19.26
C PHE B 4 16.38 -1.65 -0.11
C PHE B 4 -18.15 -5.37 -4.74
C PHE B 4 -2.68 -3.65 -2.04
C PHE B 4 0.54 10.79 19.04
N VAL B 5 16.77 -2.02 -1.32
N VAL B 5 -19.34 -5.78 -5.17
N VAL B 5 -3.85 -3.93 -2.63
N VAL B 5 0.07 11.52 20.05
CA VAL B 5 18.17 -2.22 -1.65
CA VAL B 5 -19.72 -5.74 -6.56
CA VAL B 5 -3.95 -4.81 -3.76
CA VAL B 5 -0.94 12.56 19.86
C VAL B 5 18.49 -1.19 -2.76
C VAL B 5 -20.93 -4.78 -6.63
C VAL B 5 -4.51 -3.94 -4.92
C VAL B 5 -0.25 13.88 20.29
N LYS B 6 19.33 -0.25 -2.47
N LYS B 6 -20.77 -3.67 -7.27
N LYS B 6 -3.73 -3.73 -5.93
N LYS B 6 -0.05 14.76 19.38
CA LYS B 6 19.67 0.80 -3.48
CA LYS B 6 -21.88 -2.67 -7.36
CA LYS B 6 -4.18 -2.87 -7.07
CA LYS B 6 0.64 16.06 19.72
C LYS B 6 20.92 0.38 -4.20
C LYS B 6 -22.63 -2.90 -8.64
C LYS B 6 -4.75 -3.76 -8.13
C LYS B 6 -0.41 17.09 20.00
N THR B 7 20.87 0.38 -5.55
N THR B 7 -23.97 -3.07 -8.57
N THR B 7 -5.98 -3.46 -8.59
N THR B 7 -0.33 17.77 21.16
CA THR B 7 22.06 -0.02 -6.32
CA THR B 7 -24.77 -3.30 -9.79
CA THR B 7 -6.61 -4.30 -9.64
CA THR B 7 -1.33 18.80 21.50
C THR B 7 22.79 1.24 -6.81
C THR B 7 -25.41 -1.98 -10.23
C THR B 7 -6.44 -3.60 -10.99
C THR B 7 -0.76 20.18 21.18
N LEU B 8 23.97 1.08 -7.37
N LEU B 8 -26.00 -1.95 -11.40
N LEU B 8 -6.78 -4.27 -12.08
N LEU B 8 -1.57 21.21 21.24
CA LEU B 8 24.76 2.26 -7.82
CA LEU B 8 -26.61 -0.70 -11.92
CA LEU B 8 -6.60 -3.70 -13.42
CA LEU B 8 -1.10 22.58 20.90
C LEU B 8 24.20 2.86 -9.09
C LEU B 8 -27.91 -0.35 -11.21
C LEU B 8 -7.64 -2.63 -13.73
C LEU B 8 -0.21 23.17 21.98
N THR B 9 23.20 2.21 -9.72
N THR B 9 -28.40 -1.24 -10.34
N THR B 9 -8.64 -2.45 -12.84
N THR B 9 -0.08 22.48 23.13
CA THR B 9 22.67 2.86 -10.96
CA THR B 9 -29.69 -0.84 -9.65
CA THR B 9 -9.64 -1.38 -13.19
CA THR B 9 0.82 23.10 24.16
C THR B 9 21.40 3.60 -10.73
C THR B 9 -29.46 -0.35 -8.26
C THR B 9 -9.39 -0.12 -12.43
C THR B 9 2.16 22.46 24.19
N GLY B 10 21.06 3.85 -9.50
N GLY B 10 -28.24 -0.05 -7.92
N GLY B 10 -8.24 0.02 -11.83
N GLY B 10 2.51 21.71 23.20
CA GLY B 10 19.85 4.56 -9.13
CA GLY B 10 -27.87 0.45 -6.61
CA GLY B 10 -7.88 1.19 -11.06
CA GLY B 10 3.78 21.04 23.09
C GLY B 10 18.58 3.78 -9.18
C GLY B 10 -27.78 -0.58 -5.52
C GLY B 10 -8.47 1.30 -9.69
C GLY B 10 3.94 19.80 23.92
N LYS B 11 18.71 2.48 -9.23
N LYS B 11 -27.71 -1.83 -5.91
N LYS B 11 -8.97 0.20 -9.19
N LYS B 11 2.85 19.26 24.39
CA LYS B 11 17.56 1.58 -9.18
CA LYS B 11 -27.52 -2.92 -4.96
CA LYS B 11 -9.48 0.12 -7.83
CA LYS B 11 2.84 18.00 25.11
C LYS B 11 17.44 1.15 -7.69
C LYS B 11 -26.01 -3.21 -4.98
C LYS B 11 -8.32 -0.46 -6.99
C LYS B 11 2.49 16.92 24.06
N THR B 12 16.22 1.11 -7.20
N THR B 12 -25.44 -3.45 -3.81
N THR B 12 -8.12 0.10 -5.80
N THR B 12 3.18 15.80 24.13
CA THR B 12 16.06 0.62 -5.81
CA THR B 12 -24.02 -3.81 -3.79
CA THR B 12 -7.07 -0.49 -4.94
CA THR B 12 2.82 14.71 23.19
C THR B 12 15.15 -0.60 -5.90
C THR B 12 -23.93 -5.19 -3.15
C THR B 12 -7.78 -0.94 -3.67
C THR B 12 2.41 13.52 24.05
N ILE B 13 15.57 -1.69 -5.24
N ILE B 13 -23.20 -6.10 -3.80
N ILE B 13 -7.51 -2.17 -3.25
N ILE B 13 1.26 12.93 23.72
CA ILE B 13 14.67 -2.88 -5.32
CA ILE B 13 -23.12 -7.44 -3.15
CA ILE B 13 -8.20 -2.59 -2.00
CA ILE B 13 0.89 11.76 24.58
C ILE B 13 14.02 -3.10 -3.99
C ILE B 13 -21.75 -7.65 -2.60
C ILE B 13 -7.20 -2.68 -0.89
C ILE B 13 1.03 10.50 23.78
N THR B 14 12.77 -3.48 -3.97
N THR B 14 -21.63 -8.27 -1.46
N THR B 14 -7.56 -2.28 0.32
N THR B 14 1.50 9.43 24.39
CA THR B 14 12.15 -3.74 -2.64
CA THR B 14 -20.24 -8.51 -0.95
CA THR B 14 -6.57 -2.42 1.42
CA THR B 14 1.60 8.18 23.59
C THR B 14 12.12 -5.23 -2.41
C THR B 14 -19.87 -9.94 -1.22
C THR B 14 -6.93 -3.64 2.23
C THR B 14 0.43 7.29 23.94
N LEU B 15 12.41 -5.69 -1.20
N LEU B 15 -18.65 -10.22 -1.64
N LEU B 15 -5.95 -4.42 2.66
N LEU B 15 -0.17 6.62 22.97
CA LEU B 15 12.42 -7.11 -0.90
CA LEU B 15 -18.21 -11.56 -1.94
CA LEU B 15 -6.20 -5.62 3.42
CA LEU B 15 -1.32 5.77 23.22
C LEU B 15 11.51 -7.35 0.32
C LEU B 15 -16.94 -11.85 -1.14
C LEU B 15 -5.36 -5.55 4.71
C LEU B 15 -1.01 4.39 22.64
N GLU B 16 11.00 -8.55 0.39
N GLU B 16 -16.72 -13.11 -0.88
N GLU B 16 -5.84 -6.24 5.73
N GLU B 16 -1.66 3.39 23.21
CA GLU B 16 10.21 -8.88 1.63
CA GLU B 16 -15.43 -13.46 -0.22
CA GLU B 16 -4.99 -6.31 6.96
CA GLU B 16 -1.50 2.03 22.58
C GLU B 16 11.08 -9.91 2.33
C GLU B 16 -14.67 -14.22 -1.29
C GLU B 16 -4.57 -7.76 7.02
C GLU B 16 -2.87 1.74 22.02
N VAL B 17 11.43 -9.54 3.55
N VAL B 17 -13.51 -13.67 -1.60
N VAL B 17 -3.26 -7.91 7.00
N VAL B 17 -2.86 1.53 20.71
CA VAL B 17 12.30 -10.35 4.39
CA VAL B 17 -12.64 -14.21 -2.64
CA VAL B 17 -2.63 -9.23 6.99
CA VAL B 17 -4.08 1.28 19.96
C VAL B 17 11.81 -10.36 5.84
C VAL B 17 -11.17 -14.16 -2.21
C VAL B 17 -1.41 -9.27 7.92
C VAL B 17 -3.87 0.17 18.92
N GLU B 18 12.46 -11.24 6.57
N GLU B 18 -10.39 -14.82 -3.05
N GLU B 18 -0.94 -10.49 8.09
N GLU B 18 -4.99 -0.21 18.36
CA GLU B 18 12.28 -11.38 8.02
CA GLU B 18 -8.93 -14.85 -2.94
CA GLU B 18 0.29 -10.79 8.83
CA GLU B 18 -5.08 -1.17 17.25
C GLU B 18 13.65 -11.13 8.65
C GLU B 18 -8.41 -14.26 -4.25
C GLU B 18 1.21 -11.49 7.84
C GLU B 18 -5.73 -0.44 16.10
N PRO B 19 13.66 -10.50 9.81
N PRO B 19 -7.31 -13.53 -4.18
N PRO B 19 2.50 -11.24 7.96
N PRO B 19 -5.32 -0.72 14.88
CA PRO B 19 14.90 -10.24 10.54
CA PRO B 19 -6.67 -12.95 -5.36
CA PRO B 19 3.51 -11.88 7.11
CA PRO B 19 -5.90 -0.13 13.68
C PRO B 19 15.70 -11.50 10.79
C PRO B 19 -6.35 -14.00 -6.40
C PRO B 19 3.41 -13.38 7.16
C PRO B 19 -7.39 -0.34 13.61
N SER B 20 15.03 -12.64 10.79
N SER B 20 -6.20 -15.24 -5.96
N SER B 20 2.87 -13.92 8.24
N SER B 20 -7.88 -1.37 14.28
CA SER B 20 15.71 -13.91 11.08
CA SER B 20 -5.84 -16.30 -6.90
CA SER B 20 2.78 -15.38 8.39
CA SER B 20 -9.32 -1.68 14.23
C SER B 20 16.43 -14.42 9.85
C SER B 20 -7.05 -16.78 -7.68
C SER B 20 1.62 -15.94 7.59
C SER B 20 -10.10 -0.78 15.17
N ASP B 21 16.21 -13.76 8.71
N ASP B 21 -8.23 -16.31 -7.29
N ASP B 21 0.78 -15.05 7.05
N ASP B 21 -9.39 -0.01 15.99
CA ASP B 21 16.90 -14.26 7.48
CA ASP B 21 -9.43 -16.78 -8.03
CA ASP B 21 -0.39 -15.59 6.29
CA ASP B 21 -10.14 0.86 16.93
C ASP B 21 18.37 -13.96 7.57
C ASP B 21 -9.45 -16.19 -9.42
C ASP B 21 0.09 -16.21 5.00
C ASP B 21 -10.80 1.98 16.18
N THR B 22 19.17 -14.83 6.98
N THR B 22 -10.00 -16.94 -10.36
N THR B 22 -0.61 -17.22 4.55
N THR B 22 -11.95 2.41 16.67
CA THR B 22 20.60 -14.64 6.89
CA THR B 22 -10.17 -16.48 -11.72
CA THR B 22 -0.34 -17.86 3.28
CA THR B 22 -12.67 3.54 16.12
C THR B 22 20.89 -13.72 5.67
C THR B 22 -11.48 -15.65 -11.78
C THR B 22 -1.04 -17.05 2.17
C THR B 22 -12.07 4.83 16.70
N ILE B 23 22.09 -13.14 5.73
N ILE B 23 -11.54 -14.85 -12.83
N ILE B 23 -0.54 -17.27 0.95
N ILE B 23 -12.34 5.91 15.97
CA ILE B 23 22.58 -12.32 4.64
CA ILE B 23 -12.74 -14.06 -13.11
CA ILE B 23 -1.14 -16.67 -0.22
CA ILE B 23 -11.93 7.25 16.42
C ILE B 23 22.70 -13.15 3.36
C ILE B 23 -13.93 -14.98 -13.35
C ILE B 23 -2.58 -17.13 -0.40
C ILE B 23 -12.59 7.58 17.76
N GLU B 24 23.09 -14.39 3.50
N GLU B 24 -13.69 -16.09 -14.00
N GLU B 24 -2.84 -18.39 -0.07
N GLU B 24 -13.82 7.16 17.92
CA GLU B 24 23.18 -15.31 2.32
CA GLU B 24 -14.80 -17.09 -14.23
CA GLU B 24 -4.24 -18.91 -0.14
CA GLU B 24 -14.53 7.39 19.23
C GLU B 24 21.83 -15.42 1.64
C GLU B 24 -15.38 -17.54 -12.91
C GLU B 24 -5.16 -18.10 0.75
C GLU B 24 -13.76 6.77 20.37
N ASN B 25 20.77 -15.50 2.43
N ASN B 25 -14.53 -17.74 -11.92
N ASN B 25 -4.68 -17.73 1.92
N ASN B 25 -13.22 5.58 20.14
CA ASN B 25 19.39 -15.62 1.96
CA ASN B 25 -14.93 -18.18 -10.57
CA ASN B 25 -5.42 -16.95 2.91
CA ASN B 25 -12.44 4.82 21.13
C ASN B 25 18.95 -14.36 1.20
C ASN B 25 -15.78 -17.12 -9.86
C ASN B 25 -5.73 -15.53 2.39
C ASN B 25 -11.15 5.54 21.50
N VAL B 26 19.28 -13.23 1.79
N VAL B 26 -15.32 -15.89 -9.99
N VAL B 26 -4.71 -14.94 1.81
N VAL B 26 -10.49 6.03 20.46
CA VAL B 26 18.96 -11.95 1.17
CA VAL B 26 -16.03 -14.77 -9.39
CA VAL B 26 -4.85 -13.61 1.23
CA VAL B 26 -9.24 6.77 20.64
C VAL B 26 19.60 -11.88 -0.21
C VAL B 26 -17.44 -14.71 -9.95
C VAL B 26 -5.95 -13.63 0.18
C VAL B 26 -9.51 7.98 21.54
N LYS B 27 20.87 -12.26 -0.29
N LYS B 27 -17.55 -14.84 -11.27
N LYS B 27 -5.92 -14.64 -0.68
N LYS B 27 -10.58 8.70 21.24
CA LYS B 27 21.59 -12.23 -1.56
CA LYS B 27 -18.86 -14.80 -11.94
CA LYS B 27 -6.93 -14.76 -1.75
CA LYS B 27 -10.94 9.88 22.03
C LYS B 27 20.93 -13.15 -2.58
C LYS B 27 -19.74 -15.93 -11.44
C LYS B 27 -8.31 -14.91 -1.15
C LYS B 27 -11.20 9.51 23.48
N ALA B 28 20.43 -14.29 -2.15
N ALA B 28 -19.18 -17.10 -11.21
N ALA B 28 -8.45 -15.62 -0.05
N ALA B 28 -11.82 8.37 23.72
CA ALA B 28 19.72 -15.21 -3.04
CA ALA B 28 -19.95 -18.23 -10.65
CA ALA B 28 -9.74 -15.77 0.64
CA ALA B 28 -12.06 7.89 25.08
C ALA B 28 18.41 -14.60 -3.52
C ALA B 28 -20.42 -17.95 -9.25
C ALA B 28 -10.21 -14.45 1.22
C ALA B 28 -10.76 7.55 25.79
N LYS B 29 17.69 -13.88 -2.68
N LYS B 29 -19.61 -17.29 -8.42
N LYS B 29 -9.31 -13.64 1.75
N LYS B 29 -9.79 6.97 25.09
CA LYS B 29 16.46 -13.19 -3.11
CA LYS B 29 -20.05 -16.90 -7.06
CA LYS B 29 -9.68 -12.30 2.26
CA LYS B 29 -8.47 6.70 25.69
C LYS B 29 16.77 -12.11 -4.17
C LYS B 29 -21.22 -15.90 -7.11
C LYS B 29 -10.18 -11.40 1.11
C LYS B 29 -7.76 8.00 26.08
N ILE B 30 17.91 -11.44 -3.99
N ILE B 30 -21.16 -15.01 -8.09
N ILE B 30 -9.55 -11.54 -0.05
N ILE B 30 -7.93 9.03 25.24
CA ILE B 30 18.29 -10.39 -4.95
CA ILE B 30 -22.23 -14.01 -8.23
CA ILE B 30 -9.95 -10.73 -1.21
CA ILE B 30 -7.29 10.32 25.53
C ILE B 30 18.67 -11.11 -6.25
C ILE B 30 -23.48 -14.77 -8.70
C ILE B 30 -11.33 -11.24 -1.65
C ILE B 30 -8.02 10.92 26.75
N GLN B 31 19.33 -12.23 -6.18
N GLN B 31 -23.34 -15.72 -9.59
N GLN B 31 -11.55 -12.53 -1.62
N GLN B 31 -9.31 10.78 26.83
CA GLN B 31 19.69 -12.93 -7.45
CA GLN B 31 -24.55 -16.46 -10.03
CA GLN B 31 -12.90 -13.03 -2.05
CA GLN B 31 -10.01 11.34 28.02
C GLN B 31 18.40 -13.32 -8.18
C GLN B 31 -25.18 -17.18 -8.83
C GLN B 31 -13.96 -12.46 -1.09
C GLN B 31 -9.50 10.64 29.29
N ASP B 32 17.52 -13.93 -7.41
N ASP B 32 -24.31 -17.87 -8.12
N ASP B 32 -13.66 -12.61 0.18
N ASP B 32 -9.49 9.33 29.19
CA ASP B 32 16.22 -14.36 -7.96
CA ASP B 32 -24.74 -18.60 -6.91
CA ASP B 32 -14.57 -12.10 1.24
CA ASP B 32 -9.00 8.50 30.32
C ASP B 32 15.49 -13.22 -8.64
C ASP B 32 -25.48 -17.71 -5.95
C ASP B 32 -14.90 -10.65 1.04
C ASP B 32 -7.62 8.92 30.77
N LYS B 33 15.51 -12.03 -8.03
N LYS B 33 -25.00 -16.47 -5.74
N LYS B 33 -13.90 -9.82 0.66
N LYS B 33 -6.72 9.22 29.82
CA LYS B 33 14.71 -10.94 -8.66
CA LYS B 33 -25.69 -15.64 -4.72
CA LYS B 33 -14.22 -8.37 0.57
CA LYS B 33 -5.34 9.54 30.28
C LYS B 33 15.42 -10.05 -9.63
C LYS B 33 -26.77 -14.73 -5.19
C LYS B 33 -14.63 -7.86 -0.76
C LYS B 33 -5.01 10.98 30.51
N GLU B 34 16.70 -9.86 -9.61
N GLU B 34 -26.83 -14.28 -6.42
N GLU B 34 -14.30 -8.43 -1.88
N GLU B 34 -5.64 11.95 29.92
CA GLU B 34 17.42 -9.01 -10.53
CA GLU B 34 -27.86 -13.41 -6.93
CA GLU B 34 -14.67 -7.99 -3.20
CA GLU B 34 -5.37 13.35 30.10
C GLU B 34 18.53 -9.71 -11.27
C GLU B 34 -28.58 -13.94 -8.13
C GLU B 34 -15.39 -9.01 -4.02
C GLU B 34 -6.57 14.15 30.55
N GLY B 35 18.80 -10.96 -10.92
N GLY B 35 -28.14 -15.07 -8.66
N GLY B 35 -15.49 -10.23 -3.53
N GLY B 35 -7.74 13.54 30.60
CA GLY B 35 19.78 -11.76 -11.60
CA GLY B 35 -28.79 -15.73 -9.76
CA GLY B 35 -16.21 -11.28 -4.18
CA GLY B 35 -8.94 14.18 31.08
C GLY B 35 21.21 -11.59 -11.26
C GLY B 35 -28.54 -15.25 -11.13
C GLY B 35 -15.56 -12.03 -5.28
C GLY B 35 -9.69 15.06 30.17
N ILE B 36 21.51 -10.77 -10.23
N ILE B 36 -27.61 -14.28 -11.29
N ILE B 36 -14.27 -11.76 -5.55
N ILE B 36 -9.28 15.14 28.89
CA ILE B 36 22.93 -10.59 -9.87
CA ILE B 36 -27.34 -13.79 -12.66
CA ILE B 36 -13.59 -12.48 -6.63
CA ILE B 36 -10.01 16.01 27.96
C ILE B 36 23.43 -11.74 -9.03
C ILE B 36 -26.42 -14.73 -13.41
C ILE B 36 -13.16 -13.87 -6.17
C ILE B 36 -11.28 15.33 27.46
N PRO B 37 24.51 -12.39 -9.47
N PRO B 37 -26.84 -15.19 -14.58
N PRO B 37 -13.59 -14.90 -6.89
N PRO B 37 -12.42 15.98 27.64
CA PRO B 37 25.13 -13.51 -8.73
CA PRO B 37 -26.05 -16.09 -15.44
CA PRO B 37 -13.23 -16.29 -6.59
CA PRO B 37 -13.73 15.47 27.19
C PRO B 37 25.51 -13.09 -7.33
C PRO B 37 -24.70 -15.45 -15.77
C PRO B 37 -11.72 -16.47 -6.59
C PRO B 37 -13.71 15.20 25.69
N PRO B 38 25.27 -13.91 -6.34
N PRO B 38 -23.63 -16.21 -15.72
N PRO B 38 -11.16 -17.19 -5.64
N PRO B 38 -14.25 14.09 25.24
CA PRO B 38 25.61 -13.54 -4.95
CA PRO B 38 -22.31 -15.63 -16.02
CA PRO B 38 -9.71 -17.37 -5.58
CA PRO B 38 -14.24 13.79 23.80
C PRO B 38 27.07 -13.20 -4.77
C PRO B 38 -22.23 -15.00 -17.40
C PRO B 38 -9.14 -17.97 -6.84
C PRO B 38 -14.88 14.86 22.96
N ASP B 39 27.94 -13.84 -5.51
N ASP B 39 -22.95 -15.51 -18.35
N ASP B 39 -9.87 -18.82 -7.51
N ASP B 39 -15.89 15.53 23.47
CA ASP B 39 29.40 -13.61 -5.34
CA ASP B 39 -22.89 -14.99 -19.75
CA ASP B 39 -9.35 -19.50 -8.73
CA ASP B 39 -16.60 16.57 22.68
C ASP B 39 29.82 -12.22 -5.78
C ASP B 39 -23.47 -13.58 -19.86
C ASP B 39 -9.15 -18.52 -9.89
C ASP B 39 -15.73 17.78 22.38
N GLN B 40 28.96 -11.54 -6.52
N GLN B 40 -24.22 -13.18 -18.85
N GLN B 40 -9.74 -17.34 -9.78
N GLN B 40 -14.63 17.91 23.10
CA GLN B 40 29.28 -10.16 -6.96
CA GLN B 40 -24.80 -11.81 -18.88
CA GLN B 40 -9.56 -16.34 -10.86
CA GLN B 40 -13.71 19.05 22.85
C GLN B 40 28.68 -9.10 -6.02
C GLN B 40 -23.94 -10.80 -18.10
C GLN B 40 -8.42 -15.34 -10.54
C GLN B 40 -12.55 18.67 21.91
N GLN B 41 27.82 -9.49 -5.11
N GLN B 41 -22.96 -11.27 -17.37
N GLN B 41 -7.92 -15.36 -9.32
N GLN B 41 -12.39 17.40 21.62
CA GLN B 41 27.14 -8.60 -4.20
CA GLN B 41 -22.10 -10.43 -16.55
CA GLN B 41 -6.88 -14.45 -8.87
CA GLN B 41 -11.32 16.91 20.79
C GLN B 41 27.90 -8.25 -2.94
C GLN B 41 -20.92 -9.81 -17.28
C GLN B 41 -5.47 -14.87 -9.19
C GLN B 41 -11.57 16.94 19.30
N ARG B 42 27.99 -6.94 -2.68
N ARG B 42 -20.79 -8.49 -17.09
N ARG B 42 -4.74 -13.92 -9.78
N ARG B 42 -10.61 17.50 18.58
CA ARG B 42 28.55 -6.43 -1.39
CA ARG B 42 -19.58 -7.76 -17.58
CA ARG B 42 -3.27 -14.10 -9.99
CA ARG B 42 -10.62 17.46 17.08
C ARG B 42 27.43 -5.63 -0.77
C ARG B 42 -18.99 -7.13 -16.35
C ARG B 42 -2.62 -12.95 -9.26
C ARG B 42 -9.33 16.77 16.70
N LEU B 43 26.90 -6.03 0.38
N LEU B 43 -17.78 -7.50 -15.94
N LEU B 43 -1.82 -13.21 -8.22
N LEU B 43 -9.37 15.60 16.08
CA LEU B 43 25.77 -5.28 0.99
CA LEU B 43 -17.18 -6.94 -14.70
CA LEU B 43 -1.20 -12.10 -7.44
CA LEU B 43 -8.14 14.86 15.74
C LEU B 43 26.27 -4.44 2.16
C LEU B 43 -16.12 -5.89 -15.05
C LEU B 43 0.26 -11.94 -7.82
C LEU B 43 -7.83 15.02 14.25
N ILE B 44 25.88 -3.16 2.15
N ILE B 44 -16.23 -4.73 -14.42
N ILE B 44 0.66 -10.71 -8.12
N ILE B 44 -6.59 15.39 13.95
CA ILE B 44 26.32 -2.20 3.17
CA ILE B 44 -15.34 -3.61 -14.68
CA ILE B 44 2.02 -10.40 -8.54
CA ILE B 44 -6.14 15.63 12.58
C ILE B 44 25.14 -1.57 3.89
C ILE B 44 -14.62 -3.15 -13.41
C ILE B 44 2.69 -9.37 -7.63
C ILE B 44 -4.96 14.74 12.20
N PHE B 45 25.24 -1.57 5.24
N PHE B 45 -13.28 -2.98 -13.57
N PHE B 45 3.93 -9.71 -7.22
N PHE B 45 -5.09 14.11 11.01
CA PHE B 45 24.21 -0.95 6.10
CA PHE B 45 -12.43 -2.50 -12.46
CA PHE B 45 4.74 -8.81 -6.38
CA PHE B 45 -4.03 13.25 10.47
C PHE B 45 24.98 -0.32 7.27
C PHE B 45 -11.36 -1.61 -13.12
C PHE B 45 6.19 -8.99 -6.87
C PHE B 45 -4.05 13.47 8.94
N ALA B 46 24.65 0.92 7.48
N ALA B 46 -11.26 -0.44 -12.55
N ALA B 46 6.77 -7.83 -7.11
N ALA B 46 -2.88 13.75 8.45
CA ALA B 46 25.20 1.75 8.59
CA ALA B 46 -10.27 0.57 -12.94
CA ALA B 46 8.19 -7.72 -7.53
CA ALA B 46 -2.62 13.95 7.01
C ALA B 46 26.70 1.63 8.65
C ALA B 46 -10.27 0.77 -14.45
C ALA B 46 8.49 -8.69 -8.67
C ALA B 46 -3.64 14.90 6.41
N GLY B 47 27.30 1.73 7.49
N GLY B 47 -11.46 0.87 -14.98
N GLY B 47 7.60 -8.69 -9.61
N GLY B 47 -3.86 15.97 7.12
CA GLY B 47 28.71 1.66 7.21
CA GLY B 47 -11.81 1.04 -16.36
CA GLY B 47 7.58 -9.49 -10.81
CA GLY B 47 -4.76 17.05 6.84
C GLY B 47 29.41 0.36 7.51
C GLY B 47 -11.41 -0.04 -17.32
C GLY B 47 7.52 -10.99 -10.65
C GLY B 47 -6.23 16.73 6.76
N LYS B 48 28.69 -0.72 7.61
N LYS B 48 -11.18 -1.23 -16.84
N LYS B 48 7.07 -11.47 -9.53
N LYS B 48 -6.65 15.64 7.35
CA LYS B 48 29.28 -2.04 7.87
CA LYS B 48 -10.82 -2.37 -17.69
CA LYS B 48 6.92 -12.91 -9.28
CA LYS B 48 -8.07 15.26 7.37
C LYS B 48 29.01 -2.90 6.63
C LYS B 48 -11.97 -3.40 -17.57
C LYS B 48 5.42 -13.20 -9.11
C LYS B 48 -8.53 15.31 8.84
N GLN B 49 29.95 -3.73 6.25
N GLN B 49 -12.31 -4.07 -18.64
N GLN B 49 4.95 -14.31 -9.61
N GLN B 49 -9.74 15.73 9.10
CA GLN B 49 29.70 -4.68 5.13
CA GLN B 49 -13.33 -5.16 -18.56
CA GLN B 49 3.54 -14.70 -9.37
CA GLN B 49 -10.28 15.68 10.48
C GLN B 49 29.03 -5.88 5.80
C GLN B 49 -12.51 -6.38 -18.17
C GLN B 49 3.58 -15.41 -8.02
C GLN B 49 -10.85 14.27 10.60
N LEU B 50 27.93 -6.34 5.28
N LEU B 50 -12.94 -7.10 -17.16
N LEU B 50 2.70 -15.04 -7.11
N LEU B 50 -10.51 13.56 11.65
CA LEU B 50 27.15 -7.43 5.89
CA LEU B 50 -12.18 -8.26 -16.64
CA LEU B 50 2.71 -15.60 -5.74
CA LEU B 50 -10.93 12.16 11.81
C LEU B 50 27.80 -8.78 5.57
C LEU B 50 -12.41 -9.47 -17.53
C LEU B 50 2.04 -16.97 -5.75
C LEU B 50 -12.36 12.11 12.32
N GLU B 51 27.86 -9.67 6.56
N GLU B 51 -11.34 -10.23 -17.81
N GLU B 51 2.61 -17.93 -5.02
N GLU B 51 -13.16 11.18 11.78
CA GLU B 51 28.52 -10.98 6.33
CA GLU B 51 -11.48 -11.40 -18.71
CA GLU B 51 2.05 -19.30 -5.01
CA GLU B 51 -14.59 11.10 12.18
C GLU B 51 27.48 -12.04 6.13
C GLU B 51 -11.53 -12.67 -17.90
C GLU B 51 1.27 -19.52 -3.74
C GLU B 51 -14.78 9.96 13.14
N ASP B 52 27.68 -12.97 5.21
N ASP B 52 -12.35 -13.62 -18.24
N ASP B 52 0.13 -20.18 -3.79
N ASP B 52 -15.58 10.12 14.17
CA ASP B 52 26.73 -14.02 4.84
CA ASP B 52 -12.59 -14.87 -17.52
CA ASP B 52 -0.78 -20.41 -2.67
CA ASP B 52 -15.81 9.15 15.24
C ASP B 52 26.03 -14.85 5.90
C ASP B 52 -11.42 -15.71 -17.04
C ASP B 52 -0.26 -20.90 -1.33
C ASP B 52 -16.10 7.69 14.91
N GLY B 53 26.74 -15.26 6.92
N GLY B 53 -10.40 -15.87 -17.85
N GLY B 53 0.64 -21.84 -1.34
N GLY B 53 -16.93 7.44 13.92
CA GLY B 53 26.23 -16.13 8.00
CA GLY B 53 -9.22 -16.71 -17.56
CA GLY B 53 1.20 -22.46 -0.12
CA GLY B 53 -17.34 6.08 13.51
C GLY B 53 25.49 -15.44 9.10
C GLY B 53 -8.15 -16.07 -16.73
C GLY B 53 2.31 -21.73 0.55
C GLY B 53 -16.41 5.34 12.62
N ARG B 54 25.50 -14.11 9.15
N ARG B 54 -8.23 -14.77 -16.47
N ARG B 54 2.86 -20.68 -0.07
N ARG B 54 -15.37 5.98 12.10
CA ARG B 54 24.73 -13.36 10.16
CA ARG B 54 -7.26 -14.08 -15.60
CA ARG B 54 3.91 -19.86 0.56
CA ARG B 54 -14.36 5.29 11.27
C ARG B 54 23.32 -13.18 9.64
C ARG B 54 -7.71 -14.24 -14.16
C ARG B 54 3.23 -18.81 1.42
C ARG B 54 -13.32 4.67 12.21
N THR B 55 22.42 -12.80 10.52
N THR B 55 -6.84 -13.96 -13.23
N THR B 55 3.99 -18.18 2.28
N THR B 55 -12.52 3.78 11.68
CA THR B 55 21.00 -12.52 10.18
CA THR B 55 -7.12 -14.00 -11.78
CA THR B 55 3.52 -17.08 3.16
CA THR B 55 -11.41 3.13 12.41
C THR B 55 20.84 -10.98 10.18
C THR B 55 -7.26 -12.54 -11.31
C THR B 55 4.05 -15.76 2.56
C THR B 55 -10.10 3.78 11.93
N LEU B 56 19.75 -10.53 9.61
N LEU B 56 -7.82 -12.36 -10.13
N LEU B 56 3.49 -14.66 3.01
N LEU B 56 -9.04 3.57 12.68
CA LEU B 56 19.42 -9.09 9.57
CA LEU B 56 -7.97 -11.03 -9.52
CA LEU B 56 3.93 -13.32 2.59
CA LEU B 56 -7.70 4.07 12.33
C LEU B 56 19.27 -8.61 11.01
C LEU B 56 -6.57 -10.44 -9.31
C LEU B 56 5.38 -13.14 3.00
C LEU B 56 -7.30 3.44 10.99
N SER B 57 18.71 -9.46 11.90
N SER B 57 -5.59 -11.29 -8.97
N SER B 57 5.76 -13.69 4.18
N SER B 57 -7.68 2.17 10.76
CA SER B 57 18.55 -8.98 13.29
CA SER B 57 -4.24 -10.72 -8.76
CA SER B 57 7.18 -13.51 4.59
CA SER B 57 -7.28 1.56 9.47
C SER B 57 19.88 -8.70 13.95
C SER B 57 -3.67 -10.11 -10.02
C SER B 57 8.14 -14.17 3.63
C SER B 57 -7.91 2.26 8.28
N ASP B 58 20.91 -9.42 13.56
N ASP B 58 -4.06 -10.64 -11.17
N ASP B 58 7.71 -15.24 2.99
N ASP B 58 -9.08 2.83 8.47
CA ASP B 58 22.27 -9.22 14.14
CA ASP B 58 -3.56 -10.12 -12.47
CA ASP B 58 8.58 -15.97 2.03
CA ASP B 58 -9.78 3.55 7.39
C ASP B 58 22.71 -7.76 14.01
C ASP B 58 -3.85 -8.62 -12.60
C ASP B 58 9.09 -15.02 0.93
C ASP B 58 -8.89 4.64 6.79
N TYR B 59 22.38 -7.19 12.88
N TYR B 59 -5.01 -8.25 -12.13
N TYR B 59 8.22 -14.15 0.52
N TYR B 59 -8.18 5.30 7.68
CA TYR B 59 22.68 -5.79 12.55
CA TYR B 59 -5.48 -6.86 -12.14
CA TYR B 59 8.50 -13.15 -0.50
CA TYR B 59 -7.25 6.38 7.33
C TYR B 59 21.58 -4.84 12.95
C TYR B 59 -5.12 -6.10 -10.88
C TYR B 59 9.01 -11.84 0.07
C TYR B 59 -5.84 5.89 7.08
N ASN B 60 20.52 -5.25 13.61
N ASN B 60 -4.38 -6.65 -9.94
N ASN B 60 9.24 -11.71 1.35
N ASN B 60 -5.55 4.61 7.08
CA ASN B 60 19.47 -4.27 13.98
CA ASN B 60 -4.05 -5.87 -8.73
CA ASN B 60 9.73 -10.41 1.87
CA ASN B 60 -4.16 4.17 6.84
C ASN B 60 18.91 -3.57 12.75
C ASN B 60 -5.30 -5.42 -8.00
C ASN B 60 8.77 -9.28 1.54
C ASN B 60 -3.20 4.78 7.85
N ILE B 61 18.62 -4.33 11.72
N ILE B 61 -6.25 -6.33 -7.84
N ILE B 61 7.49 -9.51 1.75
N ILE B 61 -3.57 4.76 9.11
CA ILE B 61 17.98 -3.77 10.50
CA ILE B 61 -7.49 -6.03 -7.05
CA ILE B 61 6.46 -8.44 1.55
CA ILE B 61 -2.67 5.24 10.20
C ILE B 61 16.47 -3.84 10.72
C ILE B 61 -7.17 -6.38 -5.61
C ILE B 61 6.36 -7.70 2.89
C ILE B 61 -1.82 4.04 10.61
N GLN B 62 15.79 -2.73 10.79
N GLN B 62 -7.17 -5.43 -4.72
N GLN B 62 6.69 -6.44 2.93
N GLN B 62 -0.53 4.09 10.43
CA GLN B 62 14.32 -2.68 11.08
CA GLN B 62 -6.82 -5.64 -3.29
CA GLN B 62 6.69 -5.64 4.18
CA GLN B 62 0.39 2.96 10.73
C GLN B 62 13.56 -2.42 9.78
C GLN B 62 -8.09 -5.67 -2.43
C GLN B 62 5.46 -4.72 4.20
C GLN B 62 1.13 3.24 12.04
N LYS B 63 12.23 -2.55 9.82
N LYS B 63 -7.98 -6.07 -1.17
N LYS B 63 5.18 -4.09 5.34
N LYS B 63 1.84 2.24 12.59
CA LYS B 63 11.41 -2.40 8.63
CA LYS B 63 -9.12 -6.19 -0.30
CA LYS B 63 4.01 -3.25 5.50
CA LYS B 63 2.52 2.38 13.84
C LYS B 63 11.69 -1.04 8.01
C LYS B 63 -9.90 -4.88 -0.27
C LYS B 63 4.00 -2.19 4.40
C LYS B 63 3.46 3.58 13.79
N GLU B 64 11.65 -1.08 6.66
N GLU B 64 -11.22 -5.07 -0.20
N GLU B 64 2.75 -1.93 3.96
N GLU B 64 3.52 4.24 14.96
CA GLU B 64 11.87 0.04 5.79
CA GLU B 64 -12.21 -4.01 -0.16
CA GLU B 64 2.43 -0.98 2.93
CA GLU B 64 4.32 5.40 15.20
C GLU B 64 13.23 0.65 5.75
C GLU B 64 -12.37 -3.15 -1.37
C GLU B 64 2.89 -1.25 1.54
C GLU B 64 3.97 6.68 14.48
N SER B 65 14.20 -0.12 6.21
N SER B 65 -11.88 -3.67 -2.50
N SER B 65 3.20 -2.51 1.30
N SER B 65 2.74 6.71 13.99
CA SER B 65 15.62 0.24 6.18
CA SER B 65 -12.04 -3.04 -3.81
CA SER B 65 3.57 -3.02 -0.03
CA SER B 65 2.16 7.89 13.34
C SER B 65 16.06 0.16 4.69
C SER B 65 -13.53 -3.18 -4.21
C SER B 65 2.29 -3.03 -0.89
C SER B 65 1.91 8.94 14.45
N THR B 66 17.15 0.82 4.36
N THR B 66 -13.97 -2.36 -5.13
N THR B 66 2.45 -3.05 -2.19
N THR B 66 1.78 10.18 14.07
CA THR B 66 17.73 0.76 3.02
CA THR B 66 -15.33 -2.43 -5.67
CA THR B 66 1.31 -3.14 -3.12
CA THR B 66 1.45 11.27 15.00
C THR B 66 19.15 0.20 3.13
C THR B 66 -15.24 -2.69 -7.17
C THR B 66 1.48 -4.42 -3.95
C THR B 66 0.13 11.91 14.56
N LEU B 67 19.46 -0.85 2.36
N LEU B 67 -15.93 -3.73 -7.67
N LEU B 67 0.45 -5.27 -3.98
N LEU B 67 -0.84 12.01 15.47
CA LEU B 67 20.83 -1.37 2.33
CA LEU B 67 -15.98 -3.97 -9.11
CA LEU B 67 0.50 -6.46 -4.85
CA LEU B 67 -2.10 12.71 15.14
C LEU B 67 21.44 -0.86 1.00
C LEU B 67 -17.37 -3.48 -9.57
C LEU B 67 -0.39 -6.12 -6.07
C LEU B 67 -2.00 14.08 15.83
N HIS B 68 22.72 -0.74 0.94
N HIS B 68 -17.50 -3.12 -10.79
N HIS B 68 -0.15 -6.74 -7.17
N HIS B 68 -2.67 15.05 15.33
CA HIS B 68 23.35 -0.29 -0.32
CA HIS B 68 -18.83 -2.68 -11.28
CA HIS B 68 -1.01 -6.47 -8.35
CA HIS B 68 -2.64 16.38 16.01
C HIS B 68 24.00 -1.53 -0.92
C HIS B 68 -19.35 -3.84 -12.15
C HIS B 68 -1.90 -7.71 -8.50
C HIS B 68 -3.99 16.53 16.70
N LEU B 69 23.83 -1.72 -2.21
N LEU B 69 -20.61 -4.19 -11.98
N LEU B 69 -3.17 -7.49 -8.75
N LEU B 69 -3.96 16.99 17.94
CA LEU B 69 24.45 -2.83 -2.93
CA LEU B 69 -21.24 -5.22 -12.80
CA LEU B 69 -4.11 -8.59 -8.98
CA LEU B 69 -5.19 17.25 18.70
C LEU B 69 25.58 -2.36 -3.80
C LEU B 69 -22.22 -4.62 -13.77
C LEU B 69 -4.51 -8.68 -10.43
C LEU B 69 -5.46 18.72 18.83
N VAL B 70 26.78 -2.75 -3.55
N VAL B 70 -21.99 -4.74 -15.04
N VAL B 70 -4.19 -9.71 -11.12
N VAL B 70 -6.52 19.22 18.28
CA VAL B 70 27.92 -2.40 -4.45
CA VAL B 70 -22.98 -4.26 -16.06
CA VAL B 70 -4.66 -9.89 -12.52
CA VAL B 70 -6.88 20.65 18.47
C VAL B 70 28.27 -3.72 -5.14
C VAL B 70 -23.55 -5.55 -16.63
C VAL B 70 -5.71 -11.00 -12.43
C VAL B 70 -8.11 20.60 19.39
N LEU B 71 28.57 -3.69 -6.41
N LEU B 71 -24.84 -5.59 -16.89
N LEU B 71 -6.79 -10.88 -13.15
N LEU B 71 -8.19 21.49 20.35
CA LEU B 71 28.94 -4.91 -7.15
CA LEU B 71 -25.48 -6.79 -17.48
CA LEU B 71 -7.85 -11.92 -13.14
CA LEU B 71 -9.36 21.53 21.26
C LEU B 71 30.44 -5.04 -7.21
C LEU B 71 -25.60 -6.62 -18.97
C LEU B 71 -7.65 -12.86 -14.30
C LEU B 71 -10.36 22.53 20.77
N MET A 1 6.38 18.40 -20.67
CA MET A 1 5.74 19.56 -20.05
C MET A 1 6.28 19.67 -18.60
N GLN A 2 6.34 20.88 -18.14
CA GLN A 2 6.81 21.11 -16.74
C GLN A 2 5.61 21.10 -15.81
N ILE A 3 5.80 20.45 -14.66
CA ILE A 3 4.77 20.47 -13.61
C ILE A 3 5.53 20.83 -12.30
N PHE A 4 4.75 21.23 -11.33
CA PHE A 4 5.40 21.59 -10.01
C PHE A 4 4.91 20.64 -8.96
N VAL A 5 5.74 20.16 -8.03
CA VAL A 5 5.27 19.32 -6.95
C VAL A 5 5.58 20.10 -5.65
N LYS A 6 4.57 20.50 -4.95
CA LYS A 6 4.78 21.30 -3.70
C LYS A 6 4.77 20.35 -2.53
N THR A 7 5.82 20.41 -1.68
CA THR A 7 5.88 19.52 -0.51
C THR A 7 5.42 20.27 0.74
N LEU A 8 5.24 19.58 1.84
CA LEU A 8 4.74 20.24 3.07
C LEU A 8 5.81 21.08 3.74
N THR A 9 7.06 21.03 3.24
CA THR A 9 8.08 21.90 3.94
C THR A 9 8.35 23.16 3.18
N GLY A 10 7.52 23.50 2.24
CA GLY A 10 7.67 24.69 1.43
C GLY A 10 8.68 24.63 0.33
N LYS A 11 9.10 23.43 0.00
CA LYS A 11 10.01 23.21 -1.12
C LYS A 11 9.11 22.84 -2.31
N THR A 12 9.42 23.38 -3.48
CA THR A 12 8.62 22.98 -4.66
C THR A 12 9.61 22.35 -5.64
N ILE A 13 9.25 21.19 -6.17
CA ILE A 13 10.23 20.60 -7.13
C ILE A 13 9.65 20.67 -8.52
N THR A 14 10.47 20.94 -9.51
CA THR A 14 9.89 20.97 -10.89
C THR A 14 10.25 19.66 -11.57
N LEU A 15 9.33 19.09 -12.33
CA LEU A 15 9.58 17.83 -13.01
C LEU A 15 9.25 18.02 -14.49
N GLU A 16 9.89 17.22 -15.31
CA GLU A 16 9.51 17.26 -16.76
C GLU A 16 8.85 15.92 -17.00
N VAL A 17 7.60 16.03 -17.42
CA VAL A 17 6.77 14.86 -17.67
C VAL A 17 5.93 15.04 -18.95
N GLU A 18 5.32 13.93 -19.31
CA GLU A 18 4.37 13.84 -20.41
C GLU A 18 3.06 13.38 -19.82
N PRO A 19 1.95 13.87 -20.34
CA PRO A 19 0.61 13.47 -19.90
C PRO A 19 0.43 11.98 -19.97
N SER A 20 1.19 11.31 -20.81
CA SER A 20 1.03 9.85 -20.98
C SER A 20 1.72 9.11 -19.87
N ASP A 21 2.49 9.83 -19.05
CA ASP A 21 3.19 9.10 -17.96
C ASP A 21 2.21 8.63 -16.92
N THR A 22 2.51 7.52 -16.30
CA THR A 22 1.71 6.99 -15.21
C THR A 22 2.16 7.68 -13.91
N ILE A 23 1.25 7.61 -12.94
CA ILE A 23 1.52 8.13 -11.60
C ILE A 23 2.72 7.40 -10.98
N GLU A 24 2.80 6.12 -11.24
CA GLU A 24 3.98 5.32 -10.73
C GLU A 24 5.27 5.90 -11.23
N CYS A 25 5.30 6.34 -12.52
CA CYS A 25 6.50 6.91 -13.13
C CYS A 25 6.85 8.24 -12.50
N VAL A 26 5.82 9.05 -12.28
CA VAL A 26 6.04 10.34 -11.65
C VAL A 26 6.71 10.15 -10.29
N LYS A 27 6.18 9.20 -9.52
CA LYS A 27 6.74 8.92 -8.19
C LYS A 27 8.19 8.48 -8.29
N ALA A 28 8.54 7.70 -9.30
CA ALA A 28 9.92 7.29 -9.53
C ALA A 28 10.80 8.47 -9.89
N LYS A 29 10.31 9.43 -10.66
CA LYS A 29 11.09 10.64 -10.97
C LYS A 29 11.35 11.47 -9.69
N ILE A 30 10.35 11.49 -8.81
CA ILE A 30 10.50 12.25 -7.55
C ILE A 30 11.53 11.50 -6.70
N GLN A 31 11.49 10.19 -6.69
CA GLN A 31 12.50 9.45 -5.86
C GLN A 31 13.90 9.76 -6.40
N ASP A 32 14.01 9.63 -7.70
CA ASP A 32 15.30 9.91 -8.37
C ASP A 32 15.83 11.29 -8.03
N LYS A 33 14.94 12.30 -7.98
CA LYS A 33 15.50 13.66 -7.74
C LYS A 33 15.53 14.13 -6.33
N GLU A 34 14.74 13.67 -5.41
CA GLU A 34 14.73 14.09 -4.02
C GLU A 34 14.92 12.96 -3.04
N GLY A 35 14.94 11.73 -3.52
CA GLY A 35 15.18 10.58 -2.69
C GLY A 35 14.07 10.02 -1.89
N ILE A 36 12.84 10.55 -2.06
CA ILE A 36 11.72 10.01 -1.29
C ILE A 36 11.20 8.72 -1.91
N PRO A 37 11.15 7.65 -1.13
CA PRO A 37 10.64 6.34 -1.58
C PRO A 37 9.21 6.46 -2.09
N PRO A 38 8.88 5.84 -3.19
CA PRO A 38 7.51 5.95 -3.73
C PRO A 38 6.45 5.52 -2.76
N ASP A 39 6.74 4.57 -1.90
CA ASP A 39 5.72 4.05 -0.95
C ASP A 39 5.34 5.08 0.11
N GLN A 40 6.16 6.11 0.23
CA GLN A 40 5.83 7.18 1.22
C GLN A 40 5.08 8.36 0.58
N GLN A 41 5.02 8.40 -0.74
CA GLN A 41 4.40 9.48 -1.46
C GLN A 41 2.90 9.36 -1.66
N ARG A 42 2.21 10.46 -1.32
CA ARG A 42 0.75 10.57 -1.60
C ARG A 42 0.62 11.80 -2.48
N LEU A 43 0.18 11.67 -3.73
CA LEU A 43 0.09 12.84 -4.63
C LEU A 43 -1.35 13.30 -4.76
N ILE A 44 -1.57 14.59 -4.57
CA ILE A 44 -2.91 15.19 -4.61
C ILE A 44 -3.02 16.28 -5.66
N PHE A 45 -4.11 16.19 -6.46
CA PHE A 45 -4.39 17.20 -7.50
C PHE A 45 -5.92 17.33 -7.53
N ALA A 46 -6.32 18.58 -7.46
CA ALA A 46 -7.74 18.98 -7.52
C ALA A 46 -8.59 18.14 -6.58
N GLY A 47 -8.08 17.99 -5.40
CA GLY A 47 -8.62 17.24 -4.29
C GLY A 47 -8.80 15.76 -4.47
N CYS A 48 -8.13 15.15 -5.41
CA CYS A 48 -8.12 13.71 -5.63
C CYS A 48 -6.78 13.12 -5.25
N GLN A 49 -6.74 11.97 -4.70
CA GLN A 49 -5.43 11.30 -4.47
C GLN A 49 -5.16 10.55 -5.77
N LEU A 50 -3.98 10.72 -6.33
CA LEU A 50 -3.65 10.11 -7.64
C LEU A 50 -3.29 8.65 -7.46
N GLU A 51 -3.77 7.80 -8.37
CA GLU A 51 -3.53 6.34 -8.25
C GLU A 51 -2.42 5.92 -9.18
N ASP A 52 -1.53 5.06 -8.79
CA ASP A 52 -0.35 4.62 -9.54
C ASP A 52 -0.48 4.20 -10.99
N GLY A 53 -1.50 3.45 -11.32
CA GLY A 53 -1.74 2.91 -12.67
C GLY A 53 -2.40 3.82 -13.65
N ARG A 54 -2.89 4.98 -13.21
CA ARG A 54 -3.49 5.96 -14.13
C ARG A 54 -2.37 6.83 -14.68
N THR A 55 -2.66 7.57 -15.72
CA THR A 55 -1.72 8.53 -16.36
C THR A 55 -2.16 9.94 -15.93
N LEU A 56 -1.27 10.90 -16.12
CA LEU A 56 -1.55 12.31 -15.83
C LEU A 56 -2.72 12.75 -16.70
N SER A 57 -2.80 12.25 -17.95
CA SER A 57 -3.93 12.69 -18.80
C SER A 57 -5.26 12.26 -18.24
N ASP A 58 -5.29 11.15 -17.53
CA ASP A 58 -6.56 10.64 -16.93
C ASP A 58 -7.20 11.71 -16.05
N TYR A 59 -6.37 12.41 -15.33
CA TYR A 59 -6.76 13.49 -14.42
C TYR A 59 -6.79 14.84 -15.09
N ASN A 60 -6.55 14.98 -16.38
CA ASN A 60 -6.58 16.32 -16.99
C ASN A 60 -5.58 17.25 -16.32
N ILE A 61 -4.36 16.77 -16.10
CA ILE A 61 -3.28 17.62 -15.54
C ILE A 61 -2.59 18.28 -16.73
N GLN A 62 -2.64 19.57 -16.85
CA GLN A 62 -2.07 20.32 -18.00
C GLN A 62 -0.74 20.97 -17.58
N LYS A 63 0.04 21.51 -18.58
CA LYS A 63 1.33 22.10 -18.24
C LYS A 63 1.17 23.16 -17.17
N GLU A 64 2.22 23.18 -16.36
CA GLU A 64 2.37 24.09 -15.26
C GLU A 64 1.44 23.96 -14.10
N SER A 65 0.81 22.79 -14.03
CA SER A 65 -0.07 22.42 -12.91
C SER A 65 0.84 22.18 -11.68
N THR A 66 0.25 22.25 -10.50
CA THR A 66 0.96 21.97 -9.25
C THR A 66 0.29 20.77 -8.56
N LEU A 67 1.06 19.74 -8.22
CA LEU A 67 0.49 18.62 -7.46
C LEU A 67 0.98 18.81 -6.00
N HIS A 68 0.26 18.31 -5.06
CA HIS A 68 0.72 18.43 -3.66
C HIS A 68 1.24 17.05 -3.26
N LEU A 69 2.38 17.02 -2.60
CA LEU A 69 2.96 15.77 -2.10
C LEU A 69 2.83 15.67 -0.60
N VAL A 70 2.10 14.73 -0.09
CA VAL A 70 2.03 14.52 1.38
C VAL A 70 2.81 13.21 1.60
N LEU A 71 3.60 13.15 2.65
CA LEU A 71 4.36 11.93 2.95
C LEU A 71 3.61 11.09 3.95
N ARG A 72 3.54 9.80 3.72
N ARG A 72 3.57 9.79 3.77
N ARG A 72 3.54 9.79 3.74
N ARG A 72 3.52 9.79 3.72
CA ARG A 72 2.80 8.91 4.65
CA ARG A 72 2.87 8.91 4.74
CA ARG A 72 2.82 8.92 4.69
CA ARG A 72 2.77 8.91 4.63
C ARG A 72 3.66 8.83 5.90
C ARG A 72 2.87 7.53 4.10
C ARG A 72 3.65 8.92 5.96
C ARG A 72 3.80 7.95 5.21
N LEU A 73 3.15 9.05 7.06
N LEU A 73 1.77 7.04 3.59
N LEU A 73 3.09 8.92 7.12
N LEU A 73 3.51 7.16 6.18
CA LEU A 73 4.01 8.97 8.28
CA LEU A 73 1.78 5.68 2.99
CA LEU A 73 3.91 8.93 8.36
CA LEU A 73 4.53 6.23 6.74
C LEU A 73 3.39 8.00 9.28
C LEU A 73 0.49 5.46 2.21
C LEU A 73 4.54 7.56 8.57
C LEU A 73 5.53 7.02 7.59
N ARG A 74 4.27 7.17 9.83
N ARG A 74 0.48 4.33 1.51
N ARG A 74 5.60 7.59 9.35
N ARG A 74 5.48 6.71 8.87
CA ARG A 74 3.87 6.15 10.82
CA ARG A 74 -0.67 3.93 0.68
CA ARG A 74 6.37 6.36 9.67
CA ARG A 74 6.35 7.36 9.87
C ARG A 74 2.71 5.33 10.25
C ARG A 74 -0.85 2.42 0.79
C ARG A 74 5.82 5.77 10.97
C ARG A 74 6.84 6.31 10.86
N GLY A 75 2.78 5.14 8.93
N GLY A 75 -2.06 1.98 0.48
N GLY A 75 5.41 4.51 10.88
N GLY A 75 6.80 5.06 10.41
CA GLY A 75 1.77 4.39 8.19
CA GLY A 75 -2.44 0.58 0.52
CA GLY A 75 4.86 3.77 11.99
CA GLY A 75 7.20 3.90 11.20
C GLY A 75 1.62 2.94 8.59
C GLY A 75 -3.60 0.20 -0.37
C GLY A 75 4.52 2.32 11.70
C GLY A 75 7.55 2.67 10.41
N GLY A 76 2.78 2.34 8.83
N GLY A 76 -3.66 -1.09 -0.64
N GLY A 76 4.35 1.58 12.78
N GLY A 76 7.98 1.66 11.14
CA GLY A 76 2.91 0.94 9.25
CA GLY A 76 -4.71 -1.72 -1.47
CA GLY A 76 4.00 0.16 12.78
CA GLY A 76 8.37 0.34 10.62
C GLY A 76 4.31 0.75 9.87
C GLY A 76 -4.79 -3.21 -1.08
C GLY A 76 4.68 -0.50 11.57
C GLY A 76 7.28 -0.67 11.01
N MET B 1 8.76 -6.09 7.81
N MET B 1 -9.62 -13.85 -2.39
N MET B 1 -1.67 -7.25 9.12
N MET B 1 -0.42 -2.84 18.32
CA MET B 1 8.92 -4.64 7.68
CA MET B 1 -9.54 -12.40 -2.14
CA MET B 1 -0.99 -6.16 8.39
CA MET B 1 0.69 -2.13 17.66
C MET B 1 9.52 -4.36 6.27
C MET B 1 -10.99 -11.85 -2.21
C MET B 1 -1.88 -5.81 7.17
C MET B 1 0.96 -0.84 18.48
N GLN B 2 9.17 -3.23 5.75
N GLN B 2 -11.21 -10.82 -1.45
N GLN B 2 -1.81 -4.58 6.79
N GLN B 2 2.20 -0.45 18.46
CA GLN B 2 9.72 -2.84 4.42
CA GLN B 2 -12.56 -10.19 -1.46
CA GLN B 2 -2.60 -4.13 5.59
CA GLN B 2 2.56 0.81 19.18
C GLN B 2 11.00 -2.05 4.62
C GLN B 2 -12.58 -9.09 -2.52
C GLN B 2 -1.74 -4.28 4.35
C GLN B 2 2.46 1.98 18.21
N ILE B 3 11.99 -2.35 3.79
N ILE B 3 -13.68 -9.03 -3.24
N ILE B 3 -2.37 -4.77 3.29
N ILE B 3 1.90 3.08 18.72
CA ILE B 3 13.23 -1.56 3.78
CA ILE B 3 -13.89 -7.92 -4.21
CA ILE B 3 -1.70 -4.85 1.98
CA ILE B 3 1.86 4.33 17.94
C ILE B 3 13.50 -1.22 2.28
C ILE B 3 -15.33 -7.39 -3.92
C ILE B 3 -2.71 -4.22 0.96
C ILE B 3 2.39 5.44 18.90
N PHE B 4 14.36 -0.25 2.11
N PHE B 4 -15.56 -6.20 -4.42
N PHE B 4 -2.15 -3.88 -0.18
N PHE B 4 2.75 6.54 18.28
CA PHE B 4 14.69 0.15 0.69
CA PHE B 4 -16.93 -5.61 -4.20
CA PHE B 4 -3.06 -3.28 -1.23
CA PHE B 4 3.27 7.68 19.14
C PHE B 4 16.15 -0.13 0.44
C PHE B 4 -17.61 -5.44 -5.54
C PHE B 4 -3.09 -4.21 -2.42
C PHE B 4 2.32 8.84 19.01
N VAL B 5 16.55 -0.63 -0.73
N VAL B 5 -18.90 -5.71 -5.69
N VAL B 5 -4.22 -4.43 -3.08
N VAL B 5 2.02 9.58 20.07
CA VAL B 5 17.95 -0.83 -1.03
CA VAL B 5 -19.59 -5.48 -6.94
CA VAL B 5 -4.26 -5.24 -4.28
CA VAL B 5 1.19 10.77 19.97
C VAL B 5 18.24 0.08 -2.26
C VAL B 5 -20.68 -4.43 -6.62
C VAL B 5 -4.75 -4.30 -5.40
C VAL B 5 2.08 11.94 20.43
N LYS B 6 19.05 1.07 -2.08
N LYS B 6 -20.56 -3.27 -7.17
N LYS B 6 -3.93 -4.03 -6.36
N LYS B 6 2.38 12.83 19.54
CA LYS B 6 19.35 2.02 -3.20
CA LYS B 6 -21.56 -2.18 -6.88
CA LYS B 6 -4.30 -3.09 -7.46
CA LYS B 6 3.29 13.98 19.89
C LYS B 6 20.61 1.55 -3.88
C LYS B 6 -22.61 -2.21 -7.95
C LYS B 6 -4.81 -3.91 -8.61
C LYS B 6 2.41 15.15 20.26
N THR B 7 20.58 1.39 -5.21
N THR B 7 -23.90 -2.26 -7.56
N THR B 7 -6.02 -3.57 -9.12
N THR B 7 2.66 15.76 21.44
CA THR B 7 21.77 0.94 -5.94
CA THR B 7 -24.98 -2.29 -8.56
CA THR B 7 -6.59 -4.32 -10.25
CA THR B 7 1.84 16.91 21.87
C THR B 7 22.45 2.15 -6.58
C THR B 7 -25.57 -0.89 -8.70
C THR B 7 -6.34 -3.55 -11.55
C THR B 7 2.62 18.20 21.58
N LEU B 8 23.65 1.97 -7.12
N LEU B 8 -26.43 -0.68 -9.68
N LEU B 8 -6.62 -4.15 -12.68
N LEU B 8 1.98 19.35 21.71
CA LEU B 8 24.40 3.10 -7.72
CA LEU B 8 -27.01 0.67 -9.92
CA LEU B 8 -6.38 -3.49 -13.98
CA LEU B 8 2.64 20.63 21.41
C LEU B 8 23.81 3.53 -9.05
C LEU B 8 -28.05 1.03 -8.88
C LEU B 8 -7.38 -2.40 -14.27
C LEU B 8 3.65 21.03 22.46
N THR B 9 22.83 2.79 -9.58
N THR B 9 -28.41 0.09 -7.99
N THR B 9 -8.42 -2.25 -13.44
N THR B 9 3.73 20.28 23.58
CA THR B 9 22.29 3.27 -10.89
CA THR B 9 -29.45 0.50 -6.98
CA THR B 9 -9.39 -1.16 -13.76
CA THR B 9 4.75 20.71 24.58
C THR B 9 20.99 3.98 -10.74
C THR B 9 -28.84 0.81 -5.65
C THR B 9 -9.18 0.06 -12.91
C THR B 9 5.99 19.87 24.52
N GLY B 10 20.64 4.37 -9.56
N GLY B 10 -27.55 0.99 -5.60
N GLY B 10 -8.07 0.15 -12.25
N GLY B 10 6.17 19.12 23.48
CA GLY B 10 19.42 5.08 -9.26
CA GLY B 10 -26.83 1.29 -4.38
CA GLY B 10 -7.74 1.26 -11.39
CA GLY B 10 7.31 18.26 23.28
C GLY B 10 18.16 4.25 -9.22
C GLY B 10 -26.59 0.15 -3.44
C GLY B 10 -8.39 1.28 -10.05
C GLY B 10 7.32 16.98 24.06
N LYS B 11 18.34 2.96 -9.11
N LYS B 11 -26.75 -1.05 -3.95
N LYS B 11 -8.94 0.16 -9.65
N LYS B 11 6.17 16.60 24.55
CA LYS B 11 17.22 2.03 -8.95
CA LYS B 11 -26.45 -2.26 -3.18
CA LYS B 11 -9.53 0.00 -8.32
CA LYS B 11 5.99 15.32 25.22
C LYS B 11 17.11 1.79 -7.43
C LYS B 11 -25.02 -2.66 -3.60
C LYS B 11 -8.42 -0.64 -7.46
C LYS B 11 5.44 14.36 24.15
N THR B 12 15.89 1.76 -6.92
N THR B 12 -24.21 -3.07 -2.64
N THR B 12 -8.27 -0.17 -6.23
N THR B 12 5.94 13.14 24.14
CA THR B 12 15.75 1.44 -5.49
CA THR B 12 -22.87 -3.54 -3.02
CA THR B 12 -7.28 -0.82 -5.36
CA THR B 12 5.37 12.17 23.18
C THR B 12 14.88 0.18 -5.42
C THR B 12 -22.78 -5.00 -2.54
C THR B 12 -8.07 -1.34 -4.14
C THR B 12 4.82 11.02 24.02
N ILE B 13 15.34 -0.80 -4.64
N ILE B 13 -22.33 -5.88 -3.43
N ILE B 13 -7.82 -2.60 -3.79
N ILE B 13 3.59 10.62 23.73
CA ILE B 13 14.47 -2.02 -4.59
CA ILE B 13 -22.24 -7.28 -2.95
CA ILE B 13 -8.60 -3.08 -2.61
CA ILE B 13 3.07 9.49 24.55
C ILE B 13 13.83 -2.10 -3.23
C ILE B 13 -20.80 -7.66 -2.79
C ILE B 13 -7.65 -3.26 -1.45
C ILE B 13 2.98 8.25 23.70
N THR B 14 12.59 -2.53 -3.16
N THR B 14 -20.47 -8.42 -1.77
N THR B 14 -8.08 -2.93 -0.25
N THR B 14 3.30 7.10 24.24
CA THR B 14 11.99 -2.64 -1.80
CA THR B 14 -19.04 -8.83 -1.65
CA THR B 14 -7.15 -3.14 0.89
CA THR B 14 3.17 5.88 23.40
C THR B 14 12.01 -4.10 -1.40
C THR B 14 -18.90 -10.24 -2.14
C THR B 14 -7.56 -4.41 1.60
C THR B 14 1.89 5.18 23.77
N LEU B 15 12.31 -4.41 -0.15
N LEU B 15 -17.84 -10.55 -2.87
N LEU B 15 -6.61 -5.23 2.04
N LEU B 15 1.14 4.66 22.81
CA LEU B 15 12.37 -5.77 0.32
CA LEU B 15 -17.63 -11.88 -3.39
CA LEU B 15 -6.92 -6.47 2.71
CA LEU B 15 -0.10 3.98 23.08
C LEU B 15 11.47 -5.90 1.55
C LEU B 15 -16.24 -12.37 -2.96
C LEU B 15 -6.16 -6.49 4.05
C LEU B 15 -0.05 2.58 22.44
N GLU B 16 10.99 -7.10 1.78
N GLU B 16 -16.10 -13.67 -2.89
N GLU B 16 -6.70 -7.23 4.98
N GLU B 16 -0.81 1.67 22.99
CA GLU B 16 10.21 -7.31 3.05
CA GLU B 16 -14.73 -14.19 -2.61
CA GLU B 16 -5.92 -7.39 6.26
CA GLU B 16 -0.89 0.35 22.31
C GLU B 16 11.11 -8.22 3.86
C GLU B 16 -14.34 -14.89 -3.89
C GLU B 16 -5.52 -8.85 6.24
C GLU B 16 -2.32 0.30 21.82
N VAL B 17 11.46 -7.69 5.03
N VAL B 17 -13.23 -14.38 -4.43
N VAL B 17 -4.20 -9.02 6.29
N VAL B 17 -2.41 0.14 20.50
CA VAL B 17 12.35 -8.38 5.95
CA VAL B 17 -12.71 -14.87 -5.71
CA VAL B 17 -3.59 -10.34 6.24
CA VAL B 17 -3.68 0.12 19.79
C VAL B 17 11.86 -8.22 7.40
C VAL B 17 -11.17 -14.98 -5.65
C VAL B 17 -2.41 -10.44 7.23
C VAL B 17 -3.69 -0.96 18.70
N GLU B 18 12.54 -8.99 8.23
N GLU B 18 -10.69 -15.60 -6.71
N GLU B 18 -1.97 -11.68 7.34
N GLU B 18 -4.89 -1.14 18.19
CA GLU B 18 12.38 -8.96 9.68
CA GLU B 18 -9.26 -15.75 -6.98
CA GLU B 18 -0.80 -12.05 8.12
CA GLU B 18 -5.16 -2.02 17.06
C GLU B 18 13.72 -8.60 10.27
C GLU B 18 -9.00 -15.06 -8.32
C GLU B 18 0.18 -12.69 7.15
C GLU B 18 -5.76 -1.14 15.96
N PRO B 19 13.72 -7.84 11.34
N PRO B 19 -7.85 -14.43 -8.45
N PRO B 19 1.46 -12.46 7.35
N PRO B 19 -5.44 -1.43 14.72
CA PRO B 19 14.94 -7.45 12.05
CA PRO B 19 -7.46 -13.78 -9.70
CA PRO B 19 2.52 -13.06 6.52
CA PRO B 19 -5.98 -0.70 13.57
C PRO B 19 15.78 -8.65 12.43
C PRO B 19 -7.51 -14.71 -10.87
C PRO B 19 2.41 -14.56 6.47
C PRO B 19 -7.49 -0.68 13.58
N SER B 20 15.15 -9.80 12.57
N SER B 20 -7.39 -16.01 -10.61
N SER B 20 1.79 -15.15 7.48
N SER B 20 -8.10 -1.65 14.23
CA SER B 20 15.88 -11.00 13.00
CA SER B 20 -7.37 -16.99 -11.71
CA SER B 20 1.69 -16.63 7.53
CA SER B 20 -9.58 -1.73 14.24
C SER B 20 16.62 -11.63 11.84
C SER B 20 -8.78 -17.28 -12.20
C SER B 20 0.57 -17.12 6.64
C SER B 20 -10.16 -0.77 15.24
N ASP B 21 16.37 -11.12 10.62
N ASP B 21 -9.78 -16.76 -11.48
N ASP B 21 -0.23 -16.20 6.11
N ASP B 21 -9.30 -0.14 16.06
CA ASP B 21 17.08 -11.74 9.47
CA ASP B 21 -11.16 -17.05 -11.94
CA ASP B 21 -1.35 -16.68 5.25
CA ASP B 21 -9.86 0.78 17.08
C ASP B 21 18.54 -11.38 9.51
C ASP B 21 -11.45 -16.31 -13.22
C ASP B 21 -0.81 -17.20 3.95
C ASP B 21 -10.38 2.02 16.40
N THR B 22 19.37 -12.29 9.03
N THR B 22 -12.29 -16.90 -14.05
N THR B 22 -1.50 -18.19 3.40
N THR B 22 -11.42 2.61 16.98
CA THR B 22 20.79 -12.05 8.91
CA THR B 22 -12.74 -16.27 -15.28
CA THR B 22 -1.16 -18.74 2.12
CA THR B 22 -11.97 3.85 16.50
C THR B 22 21.06 -11.28 7.60
C THR B 22 -13.92 -15.35 -14.93
C THR B 22 -1.80 -17.85 1.02
C THR B 22 -11.15 5.01 17.09
N ILE B 23 22.24 -10.66 7.58
N ILE B 23 -14.16 -14.42 -15.86
N ILE B 23 -1.23 -18.01 -0.17
N ILE B 23 -11.28 6.15 16.42
CA ILE B 23 22.70 -9.96 6.39
CA ILE B 23 -15.29 -13.51 -15.76
CA ILE B 23 -1.75 -17.33 -1.35
CA ILE B 23 -10.64 7.38 16.90
C ILE B 23 22.83 -10.92 5.22
C ILE B 23 -16.61 -14.30 -15.77
C ILE B 23 -3.19 -17.76 -1.62
C ILE B 23 -11.18 7.76 18.28
N GLU B 24 23.27 -12.13 5.51
N GLU B 24 -16.64 -15.35 -16.56
N GLU B 24 -3.47 -19.02 -1.40
N GLU B 24 -12.46 7.53 18.49
CA GLU B 24 23.39 -13.18 4.44
CA GLU B 24 -17.86 -16.23 -16.59
CA GLU B 24 -4.88 -19.53 -1.57
CA GLU B 24 -13.07 7.80 19.85
C GLU B 24 22.05 -13.41 3.79
C GLU B 24 -18.16 -16.78 -15.23
C GLU B 24 -5.83 -18.77 -0.69
C GLU B 24 -12.36 7.01 20.92
N ASN B 25 20.99 -13.43 4.58
N ASN B 25 -17.13 -17.16 -14.49
N ASN B 25 -5.41 -18.48 0.53
N ASN B 25 -12.02 5.77 20.62
CA ASN B 25 19.61 -13.66 4.12
CA ASN B 25 -17.23 -17.72 -13.14
CA ASN B 25 -6.21 -17.75 1.52
CA ASN B 25 -11.32 4.86 21.53
C ASN B 25 19.13 -12.51 3.23
C ASN B 25 -17.76 -16.68 -12.15
C ASN B 25 -6.47 -16.31 1.09
C ASN B 25 -9.92 5.35 21.86
N VAL B 26 19.43 -11.30 3.68
N VAL B 26 -17.22 -15.48 -12.27
N VAL B 26 -5.41 -15.69 0.58
N VAL B 26 -9.23 5.78 20.80
CA VAL B 26 19.06 -10.11 2.92
CA VAL B 26 -17.65 -14.38 -11.41
CA VAL B 26 -5.51 -14.32 0.10
CA VAL B 26 -7.89 6.30 20.96
C VAL B 26 19.70 -10.19 1.54
C VAL B 26 -19.15 -14.15 -11.60
C VAL B 26 -6.56 -14.26 -1.02
C VAL B 26 -7.91 7.49 21.92
N LYS B 27 20.98 -10.53 1.51
N LYS B 27 -19.57 -14.12 -12.86
N LYS B 27 -6.48 -15.22 -1.93
N LYS B 27 -8.87 8.38 21.70
CA LYS B 27 21.70 -10.64 0.23
CA LYS B 27 -20.99 -13.90 -13.17
CA LYS B 27 -7.43 -15.26 -3.05
CA LYS B 27 -9.00 9.58 22.55
C LYS B 27 21.07 -11.69 -0.67
C LYS B 27 -21.85 -15.01 -12.57
C LYS B 27 -8.85 -15.43 -2.55
C LYS B 27 -9.26 9.18 24.00
N ALA B 28 20.61 -12.79 -0.11
N ALA B 28 -21.38 -16.23 -12.59
N ALA B 28 -9.05 -16.22 -1.51
N ALA B 28 -10.03 8.14 24.22
CA ALA B 28 19.92 -13.83 -0.88
CA ALA B 28 -22.10 -17.36 -11.98
CA ALA B 28 -10.38 -16.39 -0.91
CA ALA B 28 -10.29 7.64 25.58
C ALA B 28 18.61 -13.32 -1.42
C ALA B 28 -22.18 -17.21 -10.46
C ALA B 28 -10.86 -15.10 -0.27
C ALA B 28 -9.03 7.06 26.20
N LYS B 29 17.86 -12.52 -0.67
N LYS B 29 -21.14 -16.72 -9.81
N LYS B 29 -10.00 -14.33 0.36
N LYS B 29 -8.19 6.38 25.44
CA LYS B 29 16.60 -11.94 -1.18
CA LYS B 29 -21.19 -16.46 -8.36
CA LYS B 29 -10.39 -13.03 0.93
CA LYS B 29 -6.90 5.87 25.95
C LYS B 29 16.88 -10.97 -2.35
C LYS B 29 -22.22 -15.37 -8.02
C LYS B 29 -10.81 -12.05 -0.18
C LYS B 29 -5.97 7.04 26.36
N ILE B 30 18.00 -10.25 -2.26
N ILE B 30 -22.32 -14.37 -8.91
N ILE B 30 -10.11 -12.12 -1.32
N ILE B 30 -6.03 8.12 25.56
CA ILE B 30 18.35 -9.31 -3.34
CA ILE B 30 -23.28 -13.28 -8.69
CA ILE B 30 -10.45 -11.23 -2.44
CA ILE B 30 -5.18 9.28 25.87
C ILE B 30 18.74 -10.17 -4.56
C ILE B 30 -24.67 -13.88 -8.90
C ILE B 30 -11.81 -11.70 -2.99
C ILE B 30 -5.75 9.92 27.14
N GLN B 31 19.45 -11.25 -4.36
N GLN B 31 -24.85 -14.73 -9.87
N GLN B 31 -12.04 -12.99 -3.05
N GLN B 31 -7.04 9.98 27.29
CA GLN B 31 19.82 -12.09 -5.54
CA GLN B 31 -26.21 -15.32 -10.06
CA GLN B 31 -13.37 -13.44 -3.58
CA GLN B 31 -7.60 10.60 28.53
C GLN B 31 18.55 -12.61 -6.20
C GLN B 31 -26.60 -16.12 -8.81
C GLN B 31 -14.48 -12.92 -2.64
C GLN B 31 -7.14 9.77 29.74
N ASP B 32 17.69 -13.15 -5.37
N ASP B 32 -25.66 -16.95 -8.40
N ASP B 32 -14.25 -13.16 -1.37
N ASP B 32 -7.34 8.48 29.60
CA ASP B 32 16.40 -13.69 -5.85
CA ASP B 32 -25.86 -17.79 -7.20
CA ASP B 32 -15.21 -12.70 -0.34
CA ASP B 32 -6.94 7.53 30.67
C ASP B 32 15.63 -12.66 -6.66
C ASP B 32 -26.25 -16.96 -6.00
C ASP B 32 -15.52 -11.23 -0.47
C ASP B 32 -5.48 7.71 31.07
N LYS B 33 15.63 -11.39 -6.19
N LYS B 33 -25.61 -15.79 -5.81
N LYS B 33 -14.49 -10.41 -0.72
N LYS B 33 -4.60 7.91 30.08
CA LYS B 33 14.78 -10.42 -6.95
CA LYS B 33 -25.94 -15.03 -4.58
CA LYS B 33 -14.80 -8.95 -0.75
CA LYS B 33 -3.16 7.99 30.49
C LYS B 33 15.45 -9.63 -8.01
C LYS B 33 -27.00 -13.99 -4.68
C LYS B 33 -15.12 -8.35 -2.07
C LYS B 33 -2.61 9.34 30.75
N GLU B 34 16.73 -9.39 -8.02
N GLU B 34 -27.31 -13.40 -5.81
N GLU B 34 -14.73 -8.85 -3.20
N GLU B 34 -3.11 10.43 30.23
CA GLU B 34 17.43 -8.63 -9.03
CA GLU B 34 -28.34 -12.39 -5.96
CA GLU B 34 -15.03 -8.31 -4.51
CA GLU B 34 -2.60 11.77 30.45
C GLU B 34 18.56 -9.38 -9.69
C GLU B 34 -29.38 -12.73 -6.99
C GLU B 34 -15.71 -9.29 -5.44
C GLU B 34 -3.64 12.72 30.99
N GLY B 35 18.88 -10.57 -9.21
N GLY B 35 -29.19 -13.83 -7.72
N GLY B 35 -15.85 -10.54 -5.02
N GLY B 35 -4.89 12.29 31.07
CA GLY B 35 19.88 -11.41 -9.79
CA GLY B 35 -30.16 -14.30 -8.67
CA GLY B 35 -16.54 -11.54 -5.79
CA GLY B 35 -5.95 13.09 31.65
C GLY B 35 21.29 -11.16 -9.47
C GLY B 35 -30.19 -13.69 -10.01
C GLY B 35 -15.83 -12.21 -6.89
C GLY B 35 -6.60 14.12 30.80
N ILE B 36 21.58 -10.21 -8.56
N ILE B 36 -29.24 -12.77 -10.32
N ILE B 36 -14.52 -11.94 -7.06
N ILE B 36 -6.24 14.19 29.51
CA ILE B 36 22.98 -9.94 -8.23
CA ILE B 36 -29.25 -12.15 -11.65
CA ILE B 36 -13.80 -12.61 -8.15
CA ILE B 36 -6.87 15.21 28.65
C ILE B 36 23.52 -10.98 -7.26
C ILE B 36 -28.64 -13.08 -12.68
C ILE B 36 -13.40 -14.02 -7.76
C ILE B 36 -8.25 14.76 28.21
N PRO B 37 24.62 -11.63 -7.61
N PRO B 37 -29.38 -13.36 -13.75
N PRO B 37 -13.80 -15.00 -8.56
N PRO B 37 -9.27 15.57 28.47
CA PRO B 37 25.28 -12.63 -6.76
CA PRO B 37 -28.91 -14.21 -14.85
CA PRO B 37 -13.46 -16.42 -8.34
CA PRO B 37 -10.65 15.28 28.05
C PRO B 37 25.65 -12.04 -5.41
C PRO B 37 -27.63 -13.66 -15.46
C PRO B 37 -11.96 -16.61 -8.25
C PRO B 37 -10.74 15.08 26.55
N PRO B 38 25.43 -12.74 -4.33
N PRO B 38 -26.66 -14.48 -15.75
N PRO B 38 -11.46 -17.39 -7.32
N PRO B 38 -11.47 14.10 26.09
CA PRO B 38 25.76 -12.19 -3.00
CA PRO B 38 -25.39 -13.99 -16.32
CA PRO B 38 -10.02 -17.59 -7.20
CA PRO B 38 -11.57 13.85 24.64
C PRO B 38 27.20 -11.80 -2.86
C PRO B 38 -25.58 -13.21 -17.60
C PRO B 38 -9.37 -18.12 -8.46
C PRO B 38 -12.08 15.05 23.87
N ASP B 39 28.10 -12.49 -3.53
N ASP B 39 -26.56 -13.56 -18.39
N ASP B 39 -10.08 -18.91 -9.22
N ASP B 39 -12.93 15.85 24.46
CA ASP B 39 29.56 -12.20 -3.39
CA ASP B 39 -26.78 -12.88 -19.70
CA ASP B 39 -9.50 -19.52 -10.46
CA ASP B 39 -13.52 17.01 23.74
C ASP B 39 29.93 -10.84 -4.00
C ASP B 39 -27.23 -11.43 -19.53
C ASP B 39 -9.22 -18.49 -11.53
C ASP B 39 -12.47 18.09 23.45
N GLN B 40 29.04 -10.30 -4.80
N GLN B 40 -27.67 -11.09 -18.34
N GLN B 40 -9.81 -17.30 -11.39
N GLN B 40 -11.34 18.01 24.11
CA GLN B 40 29.32 -8.96 -5.40
CA GLN B 40 -28.09 -9.68 -18.10
CA GLN B 40 -9.56 -16.23 -12.38
CA GLN B 40 -10.27 19.01 23.86
C GLN B 40 28.68 -7.82 -4.59
C GLN B 40 -26.97 -8.84 -17.47
C GLN B 40 -8.44 -15.27 -11.93
C GLN B 40 -9.23 18.51 22.85
N GLN B 41 27.83 -8.13 -3.64
N GLN B 41 -25.89 -9.46 -17.05
N GLN B 41 -8.00 -15.37 -10.70
N GLN B 41 -9.28 17.23 22.51
CA GLN B 41 27.13 -7.16 -2.84
CA GLN B 41 -24.78 -8.79 -16.41
CA GLN B 41 -6.99 -14.50 -10.14
CA GLN B 41 -8.34 16.62 21.60
C GLN B 41 27.88 -6.64 -1.64
C GLN B 41 -23.75 -8.20 -17.34
C GLN B 41 -5.56 -14.91 -10.41
C GLN B 41 -8.65 16.76 20.13
N ARG B 42 27.92 -5.31 -1.53
N ARG B 42 -23.44 -6.92 -17.07
N ARG B 42 -4.79 -13.94 -10.89
N ARG B 42 -7.64 17.20 19.39
CA ARG B 42 28.46 -4.63 -0.32
CA ARG B 42 -22.32 -6.23 -17.78
CA ARG B 42 -3.31 -14.13 -11.04
CA ARG B 42 -7.73 17.23 17.89
C ARG B 42 27.32 -3.79 0.22
C ARG B 42 -21.38 -5.79 -16.67
C ARG B 42 -2.69 -13.03 -10.20
C ARG B 42 -6.58 16.37 17.42
N LEU B 43 26.81 -4.07 1.40
N LEU B 43 -20.15 -6.30 -16.62
N LEU B 43 -1.96 -13.36 -9.14
N LEU B 43 -6.84 15.25 16.75
CA LEU B 43 25.65 -3.30 1.93
CA LEU B 43 -19.22 -5.94 -15.52
CA LEU B 43 -1.38 -12.31 -8.25
CA LEU B 43 -5.74 14.35 16.31
C LEU B 43 26.12 -2.30 2.98
C LEU B 43 -18.18 -4.94 -16.03
C LEU B 43 0.11 -12.15 -8.53
C LEU B 43 -5.48 14.51 14.83
N ILE B 44 25.69 -1.06 2.83
N ILE B 44 -18.01 -3.85 -15.29
N ILE B 44 0.53 -10.91 -8.73
N ILE B 44 -4.21 14.70 14.47
CA ILE B 44 26.09 0.03 3.71
CA ILE B 44 -17.10 -2.78 -15.66
CA ILE B 44 1.91 -10.58 -9.07
CA ILE B 44 -3.80 14.93 13.09
C ILE B 44 24.89 0.70 4.37
C ILE B 44 -16.05 -2.53 -14.58
C ILE B 44 2.53 -9.63 -8.05
C ILE B 44 -2.79 13.90 12.62
N PHE B 45 25.00 0.87 5.72
N PHE B 45 -14.77 -2.45 -15.05
N PHE B 45 3.76 -10.00 -7.61
N PHE B 45 -3.07 13.35 11.41
CA PHE B 45 23.95 1.56 6.50
CA PHE B 45 -13.64 -2.16 -14.14
CA PHE B 45 4.52 -9.16 -6.66
CA PHE B 45 -2.17 12.36 10.78
C PHE B 45 24.69 2.34 7.58
C PHE B 45 -12.67 -1.29 -14.97
C PHE B 45 5.99 -9.33 -7.07
C PHE B 45 -2.24 12.66 9.27
N ALA B 46 24.33 3.60 7.64
N ALA B 46 -12.32 -0.20 -14.33
N ALA B 46 6.60 -8.17 -7.21
N ALA B 46 -1.05 12.77 8.73
CA ALA B 46 24.84 4.56 8.63
CA ALA B 46 -11.36 0.77 -14.87
CA ALA B 46 8.03 -8.05 -7.55
CA ALA B 46 -0.83 13.00 7.29
C ALA B 46 26.36 4.50 8.71
C ALA B 46 -11.70 1.13 -16.31
C ALA B 46 8.39 -8.95 -8.72
C ALA B 46 -1.73 14.13 6.78
N GLY B 47 26.95 4.49 7.55
N GLY B 47 -12.95 1.39 -16.51
N GLY B 47 7.56 -8.88 -9.72
N GLY B 47 -1.74 15.18 7.53
CA GLY B 47 28.34 4.42 7.26
CA GLY B 47 -13.61 1.74 -17.73
CA GLY B 47 7.60 -9.60 -10.96
CA GLY B 47 -2.47 16.40 7.35
C GLY B 47 29.10 3.20 7.72
C GLY B 47 -13.57 0.74 -18.86
C GLY B 47 7.52 -11.11 -10.90
C GLY B 47 -3.98 16.31 7.33
N LYS B 48 28.42 2.11 7.96
N LYS B 48 -13.35 -0.51 -18.57
N LYS B 48 7.00 -11.64 -9.83
N LYS B 48 -4.53 15.27 7.89
CA LYS B 48 29.05 0.85 8.37
CA LYS B 48 -13.33 -1.57 -19.57
CA LYS B 48 6.83 -13.10 -9.69
CA LYS B 48 -5.99 15.11 7.98
C LYS B 48 28.82 -0.16 7.23
C LYS B 48 -14.52 -2.51 -19.27
C LYS B 48 5.32 -13.38 -9.62
C LYS B 48 -6.37 15.16 9.48
N GLN B 49 29.77 -1.01 6.95
N GLN B 49 -15.17 -3.01 -20.28
N GLN B 49 4.87 -14.45 -10.21
N GLN B 49 -7.48 15.76 9.80
CA GLN B 49 29.56 -2.09 5.95
CA GLN B 49 -16.25 -4.02 -20.04
CA GLN B 49 3.44 -14.84 -10.07
CA GLN B 49 -7.96 15.73 11.21
C GLN B 49 28.94 -3.22 6.76
C GLN B 49 -15.49 -5.35 -19.98
C GLN B 49 3.39 -15.64 -8.78
C GLN B 49 -8.74 14.42 11.30
N LEU B 50 27.84 -3.77 6.30
N LEU B 50 -15.73 -6.14 -18.97
N LEU B 50 2.48 -15.32 -7.90
N LEU B 50 -8.47 13.62 12.30
CA LEU B 50 27.11 -4.81 7.04
CA LEU B 50 -15.00 -7.40 -18.77
CA LEU B 50 2.40 -15.97 -6.57
CA LEU B 50 -9.10 12.29 12.44
C LEU B 50 27.79 -6.16 6.88
C LEU B 50 -15.56 -8.48 -19.68
C LEU B 50 1.73 -17.32 -6.69
C LEU B 50 -10.50 12.43 13.02
N GLU B 51 27.89 -6.93 7.95
N GLU B 51 -14.68 -9.29 -20.28
N GLU B 51 2.25 -18.33 -6.00
N GLU B 51 -11.46 11.67 12.48
CA GLU B 51 28.58 -8.23 7.89
CA GLU B 51 -15.15 -10.34 -21.22
CA GLU B 51 1.68 -19.69 -6.10
CA GLU B 51 -12.86 11.80 12.96
C GLU B 51 27.58 -9.35 7.81
C GLU B 51 -15.13 -11.67 -20.55
C GLU B 51 0.82 -19.98 -4.89
C GLU B 51 -13.18 10.66 13.89
N ASP B 52 27.80 -10.37 7.02
N ASP B 52 -16.11 -12.53 -20.76
N ASP B 52 -0.31 -20.63 -5.04
N ASP B 52 -13.90 10.88 14.95
CA ASP B 52 26.89 -11.48 6.78
CA ASP B 52 -16.29 -13.83 -20.12
CA ASP B 52 -1.29 -20.90 -4.00
CA ASP B 52 -14.24 9.91 15.99
C ASP B 52 26.22 -12.20 7.93
C ASP B 52 -15.14 -14.80 -20.02
C ASP B 52 -0.84 -21.48 -2.67
C ASP B 52 -14.76 8.54 15.62
N GLY B 53 26.95 -12.48 8.99
N GLY B 53 -14.37 -14.95 -21.08
N GLY B 53 0.05 -22.44 -2.68
N GLY B 53 -15.66 8.45 14.67
CA GLY B 53 26.47 -13.22 10.16
CA GLY B 53 -13.25 -15.91 -21.16
CA GLY B 53 0.53 -23.15 -1.48
CA GLY B 53 -16.31 7.20 14.24
C GLY B 53 25.71 -12.43 11.18
C GLY B 53 -11.95 -15.45 -20.58
C GLY B 53 1.61 -22.46 -0.70
C GLY B 53 -15.54 6.36 13.27
N ARG B 54 25.67 -11.10 11.07
N ARG B 54 -11.82 -14.19 -20.19
N ARG B 54 2.19 -21.39 -1.22
N ARG B 54 -14.44 6.86 12.72
CA ARG B 54 24.88 -10.27 11.99
CA ARG B 54 -10.61 -13.68 -19.53
CA ARG B 54 3.22 -20.62 -0.49
CA ARG B 54 -13.59 6.06 11.82
C ARG B 54 23.46 -10.20 11.46
C ARG B 54 -10.71 -13.97 -18.04
C ARG B 54 2.50 -19.61 0.41
C ARG B 54 -12.61 5.25 12.67
N THR B 55 22.54 -9.75 12.29
N THR B 55 -9.61 -13.86 -17.34
N THR B 55 3.22 -19.05 1.34
N THR B 55 -11.98 4.27 12.07
CA THR B 55 21.12 -9.55 11.93
CA THR B 55 -9.55 -14.04 -15.87
CA THR B 55 2.70 -18.00 2.26
CA THR B 55 -10.97 3.42 12.72
C THR B 55 20.92 -8.03 11.74
C THR B 55 -9.42 -12.63 -15.25
C THR B 55 3.28 -16.66 1.77
C THR B 55 -9.59 3.88 12.19
N LEU B 56 19.80 -7.68 11.12
N LEU B 56 -9.66 -12.56 -13.96
N LEU B 56 2.71 -15.58 2.26
N LEU B 56 -8.54 3.48 12.87
CA LEU B 56 19.42 -6.27 10.92
CA LEU B 56 -9.52 -11.29 -13.20
CA LEU B 56 3.18 -14.22 1.95
CA LEU B 56 -7.16 3.78 12.47
C LEU B 56 19.26 -5.62 12.29
C LEU B 56 -8.07 -10.84 -13.30
C LEU B 56 4.61 -14.08 2.45
C LEU B 56 -6.92 3.16 11.10
N SER B 57 18.73 -6.38 13.27
N SER B 57 -7.11 -11.81 -13.30
N SER B 57 4.92 -14.71 3.61
N SER B 57 -7.51 1.98 10.84
CA SER B 57 18.56 -5.75 14.60
CA SER B 57 -5.70 -11.36 -13.38
CA SER B 57 6.31 -14.57 4.11
CA SER B 57 -7.27 1.37 9.51
C SER B 57 19.87 -5.35 15.23
C SER B 57 -5.39 -10.66 -14.68
C SER B 57 7.32 -15.18 3.16
C SER B 57 -7.82 2.22 8.38
N ASP B 58 20.93 -6.08 14.91
N ASP B 58 -6.09 -11.03 -15.74
N ASP B 58 6.91 -16.21 2.44
N ASP B 58 -8.88 2.95 8.66
CA ASP B 58 22.28 -5.76 15.46
CA ASP B 58 -5.88 -10.41 -17.08
CA ASP B 58 7.83 -16.89 1.48
CA ASP B 58 -9.51 3.82 7.63
C ASP B 58 22.67 -4.32 15.16
C ASP B 58 -6.04 -8.88 -16.99
C ASP B 58 8.41 -15.88 0.48
C ASP B 58 -8.48 4.79 7.04
N TYR B 59 22.32 -3.89 13.98
N TYR B 59 -7.00 -8.47 -16.21
N TYR B 59 7.57 -14.97 0.07
N TYR B 59 -7.65 5.29 7.91
CA TYR B 59 22.58 -2.54 13.48
CA TYR B 59 -7.31 -7.06 -15.97
CA TYR B 59 7.91 -13.90 -0.88
CA TYR B 59 -6.57 6.22 7.56
C TYR B 59 21.45 -1.58 13.76
C TYR B 59 -6.58 -6.49 -14.78
C TYR B 59 8.39 -12.64 -0.19
C TYR B 59 -5.27 5.53 7.21
N ASN B 60 20.41 -1.94 14.48
N ASN B 60 -5.69 -7.18 -14.11
N ASN B 60 8.57 -12.59 1.11
N ASN B 60 -5.19 4.23 7.15
CA ASN B 60 19.32 -0.96 14.73
CA ASN B 60 -5.00 -6.58 -12.95
CA ASN B 60 9.04 -11.33 1.74
CA ASN B 60 -3.89 3.59 6.81
C ASN B 60 18.74 -0.43 13.43
C ASN B 60 -5.99 -6.13 -11.90
C ASN B 60 8.10 -10.17 1.43
C ASN B 60 -2.80 4.00 7.80
N ILE B 61 18.47 -1.32 12.49
N ILE B 61 -6.96 -6.97 -11.59
N ILE B 61 6.81 -10.40 1.56
N ILE B 61 -3.12 3.97 9.08
CA ILE B 61 17.81 -0.92 11.21
CA ILE B 61 -7.93 -6.66 -10.50
CA ILE B 61 5.81 -9.32 1.36
CA ILE B 61 -2.10 4.26 10.14
C ILE B 61 16.31 -1.02 11.46
C ILE B 61 -7.32 -7.21 -9.21
C ILE B 61 5.63 -8.65 2.73
C ILE B 61 -1.43 2.93 10.46
N GLN B 62 15.59 0.06 11.40
N GLN B 62 -7.02 -6.36 -8.27
N GLN B 62 5.97 -7.41 2.87
N GLN B 62 -0.16 2.78 10.21
CA GLN B 62 14.13 0.10 11.69
CA GLN B 62 -6.34 -6.76 -6.99
CA GLN B 62 5.91 -6.68 4.18
CA GLN B 62 0.58 1.51 10.43
C GLN B 62 13.35 0.17 10.37
C GLN B 62 -7.37 -6.79 -5.87
C GLN B 62 4.68 -5.76 4.19
C GLN B 62 1.41 1.61 11.70
N LYS B 63 12.03 0.00 10.42
N LYS B 63 -7.00 -7.33 -4.70
N LYS B 63 4.35 -5.19 5.34
N LYS B 63 1.98 0.50 12.17
CA LYS B 63 11.20 -0.01 9.24
CA LYS B 63 -7.90 -7.47 -3.59
CA LYS B 63 3.18 -4.35 5.49
CA LYS B 63 2.74 0.46 13.40
C LYS B 63 11.43 1.28 8.45
C LYS B 63 -8.51 -6.11 -3.25
C LYS B 63 3.24 -3.23 4.46
C LYS B 63 3.85 1.51 13.34
N GLU B 64 11.40 1.07 7.12
N GLU B 64 -9.80 -6.20 -2.87
N GLU B 64 2.03 -2.93 3.97
N GLU B 64 4.06 2.10 14.52
CA GLU B 64 11.57 2.10 6.12
CA GLU B 64 -10.63 -5.09 -2.49
CA GLU B 64 1.75 -1.91 3.00
CA GLU B 64 5.05 3.12 14.78
C GLU B 64 12.92 2.74 6.01
C GLU B 64 -10.99 -4.08 -3.53
C GLU B 64 2.29 -2.10 1.61
C GLU B 64 4.86 4.45 14.13
N SER B 65 13.92 2.06 6.55
N SER B 65 -10.84 -4.50 -4.79
N SER B 65 2.61 -3.35 1.30
N SER B 65 3.63 4.70 13.70
CA SER B 65 15.33 2.45 6.45
CA SER B 65 -11.24 -3.72 -5.96
CA SER B 65 3.05 -3.78 -0.03
CA SER B 65 3.21 5.99 13.13
C SER B 65 15.78 2.22 4.99
C SER B 65 -12.79 -3.69 -5.99
C SER B 65 1.82 -3.72 -0.96
C SER B 65 3.17 7.01 14.29
N THR B 66 16.83 2.87 4.58
N THR B 66 -13.35 -2.74 -6.68
N THR B 66 2.05 -3.65 -2.25
N THR B 66 3.23 8.27 13.97
CA THR B 66 17.41 2.68 3.26
CA THR B 66 -14.81 -2.65 -6.87
CA THR B 66 0.97 -3.67 -3.25
CA THR B 66 3.12 9.35 14.95
C THR B 66 18.85 2.17 3.42
C THR B 66 -15.11 -2.74 -8.37
C THR B 66 1.17 -4.90 -4.14
C THR B 66 1.90 10.21 14.61
N LEU B 67 19.19 1.06 2.78
N LEU B 67 -15.99 -3.66 -8.76
N LEU B 67 0.13 -5.74 -4.29
N LEU B 67 1.00 10.41 15.57
CA LEU B 67 20.59 0.58 2.81
CA LEU B 67 -16.41 -3.73 -10.17
CA LEU B 67 0.22 -6.86 -5.22
CA LEU B 67 -0.15 11.32 15.33
C LEU B 67 21.18 0.95 1.43
C LEU B 67 -17.82 -3.08 -10.22
C LEU B 67 -0.60 -6.45 -6.47
C LEU B 67 0.19 12.62 16.06
N HIS B 68 22.45 1.11 1.36
N HIS B 68 -18.20 -2.56 -11.34
N HIS B 68 -0.30 -6.99 -7.58
N HIS B 68 -0.34 13.71 15.64
CA HIS B 68 23.07 1.42 0.04
CA HIS B 68 -19.56 -1.98 -11.43
CA HIS B 68 -1.09 -6.64 -8.79
CA HIS B 68 -0.07 14.98 16.36
C HIS B 68 23.76 0.13 -0.41
C HIS B 68 -20.38 -2.98 -12.25
C HIS B 68 -1.97 -7.86 -9.07
C HIS B 68 -1.35 15.30 17.13
N LEU B 69 23.59 -0.21 -1.68
N LEU B 69 -21.60 -3.25 -11.80
N LEU B 69 -3.23 -7.62 -9.37
N LEU B 69 -1.20 15.71 18.39
CA LEU B 69 24.26 -1.38 -2.25
CA LEU B 69 -22.51 -4.13 -12.52
CA LEU B 69 -4.17 -8.68 -9.72
CA LEU B 69 -2.33 16.11 19.21
C LEU B 69 25.36 -0.97 -3.17
C LEU B 69 -23.62 -3.35 -13.16
C LEU B 69 -4.48 -8.66 -11.19
C LEU B 69 -2.36 17.59 19.41
N VAL B 70 26.58 -1.29 -2.88
N VAL B 70 -23.71 -3.33 -14.46
N VAL B 70 -4.14 -9.67 -11.93
N VAL B 70 -3.35 18.28 18.94
CA VAL B 70 27.70 -1.01 -3.82
CA VAL B 70 -24.87 -2.67 -15.13
CA VAL B 70 -4.52 -9.74 -13.37
CA VAL B 70 -3.48 19.74 19.21
C VAL B 70 28.09 -2.40 -4.36
C VAL B 70 -25.70 -3.85 -15.67
C VAL B 70 -5.59 -10.86 -13.39
C VAL B 70 -4.65 19.83 20.19
N LEU B 71 28.39 -2.50 -5.62
N LEU B 71 -27.00 -3.75 -15.59
N LEU B 71 -6.64 -10.67 -14.17
N LEU B 71 -4.56 20.69 21.18
CA LEU B 71 28.81 -3.79 -6.22
CA LEU B 71 -27.88 -4.81 -16.11
CA LEU B 71 -7.69 -11.70 -14.28
CA LEU B 71 -5.65 20.86 22.16
C LEU B 71 30.30 -3.87 -6.26
C LEU B 71 -28.33 -4.47 -17.51
C LEU B 71 -7.44 -12.57 -15.49
C LEU B 71 -6.52 22.02 21.74
N MET A 1 6.38 18.40 -20.67
CA MET A 1 5.74 19.56 -20.05
C MET A 1 6.28 19.67 -18.60
N GLN A 2 6.34 20.88 -18.14
CA GLN A 2 6.81 21.11 -16.74
C GLN A 2 5.61 21.10 -15.81
N ILE A 3 5.80 20.45 -14.66
CA ILE A 3 4.77 20.47 -13.61
C ILE A 3 5.53 20.83 -12.30
N PHE A 4 4.75 21.23 -11.33
CA PHE A 4 5.40 21.59 -10.01
C PHE A 4 4.91 20.64 -8.96
N VAL A 5 5.74 20.16 -8.03
CA VAL A 5 5.27 19.32 -6.95
C VAL A 5 5.58 20.10 -5.65
N LYS A 6 4.57 20.50 -4.95
CA LYS A 6 4.78 21.30 -3.70
C LYS A 6 4.77 20.35 -2.53
N THR A 7 5.82 20.41 -1.68
CA THR A 7 5.88 19.52 -0.51
C THR A 7 5.42 20.27 0.74
N LEU A 8 5.24 19.58 1.84
CA LEU A 8 4.74 20.24 3.07
C LEU A 8 5.81 21.08 3.74
N THR A 9 7.06 21.03 3.24
CA THR A 9 8.08 21.90 3.94
C THR A 9 8.35 23.16 3.18
N GLY A 10 7.52 23.50 2.24
CA GLY A 10 7.67 24.69 1.43
C GLY A 10 8.68 24.63 0.33
N LYS A 11 9.10 23.43 0.00
CA LYS A 11 10.01 23.21 -1.12
C LYS A 11 9.11 22.84 -2.31
N THR A 12 9.42 23.38 -3.48
CA THR A 12 8.62 22.98 -4.66
C THR A 12 9.61 22.35 -5.64
N ILE A 13 9.25 21.19 -6.17
CA ILE A 13 10.23 20.60 -7.13
C ILE A 13 9.65 20.67 -8.52
N THR A 14 10.47 20.94 -9.51
CA THR A 14 9.89 20.97 -10.89
C THR A 14 10.25 19.66 -11.57
N LEU A 15 9.33 19.09 -12.33
CA LEU A 15 9.58 17.83 -13.01
C LEU A 15 9.25 18.02 -14.49
N GLU A 16 9.89 17.22 -15.31
CA GLU A 16 9.51 17.26 -16.76
C GLU A 16 8.85 15.92 -17.00
N VAL A 17 7.60 16.03 -17.42
CA VAL A 17 6.77 14.86 -17.67
C VAL A 17 5.93 15.04 -18.95
N GLU A 18 5.32 13.93 -19.31
CA GLU A 18 4.37 13.84 -20.41
C GLU A 18 3.06 13.38 -19.82
N PRO A 19 1.95 13.87 -20.34
CA PRO A 19 0.61 13.47 -19.90
C PRO A 19 0.43 11.98 -19.97
N SER A 20 1.19 11.31 -20.81
CA SER A 20 1.03 9.85 -20.98
C SER A 20 1.72 9.11 -19.87
N ASP A 21 2.49 9.83 -19.05
CA ASP A 21 3.19 9.10 -17.96
C ASP A 21 2.21 8.63 -16.92
N THR A 22 2.51 7.52 -16.30
CA THR A 22 1.71 6.99 -15.21
C THR A 22 2.16 7.68 -13.91
N ILE A 23 1.25 7.61 -12.94
CA ILE A 23 1.52 8.13 -11.60
C ILE A 23 2.72 7.40 -10.98
N GLU A 24 2.80 6.12 -11.24
CA GLU A 24 3.98 5.32 -10.73
C GLU A 24 5.27 5.90 -11.23
N CYS A 25 5.30 6.34 -12.52
CA CYS A 25 6.50 6.91 -13.13
C CYS A 25 6.85 8.24 -12.50
N VAL A 26 5.82 9.05 -12.28
CA VAL A 26 6.04 10.34 -11.65
C VAL A 26 6.71 10.15 -10.29
N LYS A 27 6.18 9.20 -9.52
CA LYS A 27 6.74 8.92 -8.19
C LYS A 27 8.19 8.48 -8.29
N ALA A 28 8.54 7.70 -9.30
CA ALA A 28 9.92 7.29 -9.53
C ALA A 28 10.80 8.47 -9.89
N LYS A 29 10.31 9.43 -10.66
CA LYS A 29 11.09 10.64 -10.97
C LYS A 29 11.35 11.47 -9.69
N ILE A 30 10.35 11.49 -8.81
CA ILE A 30 10.50 12.25 -7.55
C ILE A 30 11.53 11.50 -6.70
N GLN A 31 11.49 10.19 -6.69
CA GLN A 31 12.50 9.45 -5.86
C GLN A 31 13.90 9.76 -6.40
N ASP A 32 14.01 9.63 -7.70
CA ASP A 32 15.30 9.91 -8.37
C ASP A 32 15.83 11.29 -8.03
N LYS A 33 14.94 12.30 -7.98
CA LYS A 33 15.50 13.66 -7.74
C LYS A 33 15.53 14.13 -6.33
N GLU A 34 14.74 13.67 -5.41
CA GLU A 34 14.73 14.09 -4.02
C GLU A 34 14.92 12.96 -3.04
N GLY A 35 14.94 11.73 -3.52
CA GLY A 35 15.18 10.58 -2.69
C GLY A 35 14.07 10.02 -1.89
N ILE A 36 12.84 10.55 -2.06
CA ILE A 36 11.72 10.01 -1.29
C ILE A 36 11.20 8.72 -1.91
N PRO A 37 11.15 7.65 -1.13
CA PRO A 37 10.64 6.34 -1.58
C PRO A 37 9.21 6.46 -2.09
N PRO A 38 8.88 5.84 -3.19
CA PRO A 38 7.51 5.95 -3.73
C PRO A 38 6.45 5.52 -2.76
N ASP A 39 6.74 4.57 -1.90
CA ASP A 39 5.72 4.05 -0.95
C ASP A 39 5.34 5.08 0.11
N GLN A 40 6.16 6.11 0.23
CA GLN A 40 5.83 7.18 1.22
C GLN A 40 5.08 8.36 0.58
N GLN A 41 5.02 8.40 -0.74
CA GLN A 41 4.40 9.48 -1.46
C GLN A 41 2.90 9.36 -1.66
N ARG A 42 2.21 10.46 -1.32
CA ARG A 42 0.75 10.57 -1.60
C ARG A 42 0.62 11.80 -2.48
N LEU A 43 0.18 11.67 -3.73
CA LEU A 43 0.09 12.84 -4.63
C LEU A 43 -1.35 13.30 -4.76
N ILE A 44 -1.57 14.59 -4.57
CA ILE A 44 -2.91 15.19 -4.61
C ILE A 44 -3.02 16.28 -5.66
N PHE A 45 -4.11 16.19 -6.46
CA PHE A 45 -4.39 17.20 -7.50
C PHE A 45 -5.92 17.33 -7.53
N ALA A 46 -6.32 18.58 -7.46
CA ALA A 46 -7.74 18.98 -7.52
C ALA A 46 -8.59 18.14 -6.58
N GLY A 47 -8.08 17.99 -5.40
CA GLY A 47 -8.62 17.24 -4.29
C GLY A 47 -8.80 15.76 -4.47
N CYS A 48 -8.13 15.15 -5.41
CA CYS A 48 -8.12 13.71 -5.63
C CYS A 48 -6.78 13.12 -5.25
N GLN A 49 -6.74 11.97 -4.70
CA GLN A 49 -5.43 11.30 -4.47
C GLN A 49 -5.16 10.55 -5.77
N LEU A 50 -3.98 10.72 -6.33
CA LEU A 50 -3.65 10.11 -7.64
C LEU A 50 -3.29 8.65 -7.46
N GLU A 51 -3.77 7.80 -8.37
CA GLU A 51 -3.53 6.34 -8.25
C GLU A 51 -2.42 5.92 -9.18
N ASP A 52 -1.53 5.06 -8.79
CA ASP A 52 -0.35 4.62 -9.54
C ASP A 52 -0.48 4.20 -10.99
N GLY A 53 -1.50 3.45 -11.32
CA GLY A 53 -1.74 2.91 -12.67
C GLY A 53 -2.40 3.82 -13.65
N ARG A 54 -2.89 4.98 -13.21
CA ARG A 54 -3.49 5.96 -14.13
C ARG A 54 -2.37 6.83 -14.68
N THR A 55 -2.66 7.57 -15.72
CA THR A 55 -1.72 8.53 -16.36
C THR A 55 -2.16 9.94 -15.93
N LEU A 56 -1.27 10.90 -16.12
CA LEU A 56 -1.55 12.31 -15.83
C LEU A 56 -2.72 12.75 -16.70
N SER A 57 -2.80 12.25 -17.95
CA SER A 57 -3.93 12.69 -18.80
C SER A 57 -5.26 12.26 -18.24
N ASP A 58 -5.29 11.15 -17.53
CA ASP A 58 -6.56 10.64 -16.93
C ASP A 58 -7.20 11.71 -16.05
N TYR A 59 -6.37 12.41 -15.33
CA TYR A 59 -6.76 13.49 -14.42
C TYR A 59 -6.79 14.84 -15.09
N ASN A 60 -6.55 14.98 -16.38
CA ASN A 60 -6.58 16.32 -16.99
C ASN A 60 -5.58 17.25 -16.32
N ILE A 61 -4.36 16.77 -16.10
CA ILE A 61 -3.28 17.62 -15.54
C ILE A 61 -2.59 18.28 -16.73
N GLN A 62 -2.64 19.57 -16.85
CA GLN A 62 -2.07 20.32 -18.00
C GLN A 62 -0.74 20.97 -17.58
N LYS A 63 0.04 21.51 -18.58
CA LYS A 63 1.33 22.10 -18.24
C LYS A 63 1.17 23.16 -17.17
N GLU A 64 2.22 23.18 -16.36
CA GLU A 64 2.37 24.09 -15.26
C GLU A 64 1.44 23.96 -14.10
N SER A 65 0.81 22.79 -14.03
CA SER A 65 -0.07 22.42 -12.91
C SER A 65 0.84 22.18 -11.68
N THR A 66 0.25 22.25 -10.50
CA THR A 66 0.96 21.97 -9.25
C THR A 66 0.29 20.77 -8.56
N LEU A 67 1.06 19.74 -8.22
CA LEU A 67 0.49 18.62 -7.46
C LEU A 67 0.98 18.81 -6.00
N HIS A 68 0.26 18.31 -5.06
CA HIS A 68 0.72 18.43 -3.66
C HIS A 68 1.24 17.05 -3.26
N LEU A 69 2.38 17.02 -2.60
CA LEU A 69 2.96 15.77 -2.10
C LEU A 69 2.83 15.67 -0.60
N VAL A 70 2.10 14.73 -0.09
CA VAL A 70 2.03 14.52 1.38
C VAL A 70 2.81 13.21 1.60
N LEU A 71 3.60 13.15 2.65
CA LEU A 71 4.36 11.93 2.95
C LEU A 71 3.61 11.09 3.95
N ARG A 72 3.55 9.80 3.73
N ARG A 72 3.50 9.80 3.67
N ARG A 72 3.56 9.80 3.74
N ARG A 72 3.56 9.80 3.73
CA ARG A 72 2.84 8.90 4.67
CA ARG A 72 2.76 8.83 4.52
CA ARG A 72 2.83 8.90 4.67
CA ARG A 72 2.85 8.88 4.64
C ARG A 72 3.67 8.91 5.95
C ARG A 72 2.32 7.72 3.57
C ARG A 72 3.83 8.59 5.78
C ARG A 72 3.86 7.77 4.97
N LEU A 73 3.10 8.72 7.10
N LEU A 73 1.12 7.70 3.10
N LEU A 73 3.56 7.70 6.69
N LEU A 73 4.46 7.75 6.12
CA LEU A 73 3.91 8.74 8.34
CA LEU A 73 0.71 6.60 2.19
CA LEU A 73 4.53 7.41 7.77
CA LEU A 73 5.44 6.68 6.42
C LEU A 73 5.19 7.93 8.13
C LEU A 73 0.82 5.26 2.90
C LEU A 73 5.66 6.55 7.23
C LEU A 73 4.72 5.34 6.51
N ARG A 74 6.21 8.38 8.83
N ARG A 74 -0.27 4.51 2.81
N ARG A 74 6.86 6.95 7.61
N ARG A 74 5.31 4.37 5.83
CA ARG A 74 7.55 7.74 8.76
CA ARG A 74 -0.36 3.18 3.44
CA ARG A 74 8.09 6.24 7.19
CA ARG A 74 4.77 3.00 5.77
C ARG A 74 7.41 6.28 9.16
C ARG A 74 -1.59 2.46 2.89
C ARG A 74 8.12 4.86 7.86
C ARG A 74 4.86 2.38 7.17
N GLY A 75 6.64 6.06 10.22
N GLY A 75 -1.38 1.19 2.54
N GLY A 75 7.63 4.83 9.09
N GLY A 75 3.87 1.54 7.46
CA GLY A 75 6.40 4.74 10.77
CA GLY A 75 -2.40 0.33 1.99
CA GLY A 75 7.58 3.63 9.91
CA GLY A 75 3.76 0.86 8.74
C GLY A 75 5.66 3.79 9.84
C GLY A 75 -1.91 -1.02 1.48
C GLY A 75 6.81 2.47 9.31
C GLY A 75 4.37 -0.53 8.78
N GLY A 76 6.09 2.54 9.90
N GLY A 76 -2.87 -1.76 0.96
N GLY A 76 5.65 2.83 8.78
N GLY A 76 5.00 -0.81 9.90
CA GLY A 76 5.55 1.42 9.12
CA GLY A 76 -2.66 -3.10 0.38
CA GLY A 76 4.72 1.90 8.12
CA GLY A 76 5.65 -2.10 10.19
C GLY A 76 6.06 0.11 9.74
C GLY A 76 -3.59 -4.09 1.11
C GLY A 76 4.61 0.64 8.98
C GLY A 76 4.71 -2.92 11.09
N MET B 1 11.04 -7.80 7.67
N MET B 1 -9.22 -13.24 -1.76
N MET B 1 -1.96 -7.48 9.02
N MET B 1 -3.69 -2.67 19.68
CA MET B 1 10.87 -6.34 7.54
CA MET B 1 -9.18 -11.79 -1.53
CA MET B 1 -1.25 -6.43 8.30
CA MET B 1 -2.44 -2.26 19.01
C MET B 1 11.28 -5.96 6.10
C MET B 1 -10.64 -11.28 -1.57
C MET B 1 -2.13 -6.01 7.10
C MET B 1 -1.93 -1.00 19.74
N GLN B 2 10.65 -4.93 5.62
N GLN B 2 -10.86 -10.24 -0.82
N GLN B 2 -2.01 -4.77 6.75
N GLN B 2 -0.63 -0.86 19.73
CA GLN B 2 10.99 -4.44 4.25
CA GLN B 2 -12.24 -9.64 -0.80
CA GLN B 2 -2.80 -4.26 5.58
CA GLN B 2 -0.01 0.33 20.38
C GLN B 2 12.10 -3.40 4.35
C GLN B 2 -12.32 -8.56 -1.88
C GLN B 2 -1.96 -4.43 4.31
C GLN B 2 0.14 1.43 19.33
N ILE B 3 13.05 -3.49 3.44
N ILE B 3 -13.44 -8.54 -2.57
N ILE B 3 -2.63 -4.87 3.25
N ILE B 3 -0.18 2.65 19.76
CA ILE B 3 14.09 -2.46 3.34
CA ILE B 3 -13.72 -7.47 -3.54
CA ILE B 3 -1.99 -4.94 1.93
CA ILE B 3 0.05 3.83 18.91
C ILE B 3 14.16 -2.08 1.82
C ILE B 3 -15.16 -6.97 -3.22
C ILE B 3 -2.98 -4.25 0.94
C ILE B 3 0.79 4.87 19.81
N PHE B 4 14.77 -0.95 1.59
N PHE B 4 -15.44 -5.80 -3.74
N PHE B 4 -2.43 -3.91 -0.20
N PHE B 4 1.38 5.82 19.13
CA PHE B 4 14.89 -0.49 0.16
CA PHE B 4 -16.82 -5.24 -3.48
CA PHE B 4 -3.31 -3.26 -1.22
CA PHE B 4 2.12 6.88 19.92
C PHE B 4 16.34 -0.46 -0.23
C PHE B 4 -17.53 -5.13 -4.80
C PHE B 4 -3.41 -4.15 -2.43
C PHE B 4 1.44 8.20 19.70
N VAL B 5 16.75 -0.88 -1.42
N VAL B 5 -18.83 -5.43 -4.90
N VAL B 5 -4.56 -4.30 -3.07
N VAL B 5 1.29 9.07 20.70
CA VAL B 5 18.12 -0.77 -1.85
CA VAL B 5 -19.57 -5.24 -6.13
CA VAL B 5 -4.67 -5.08 -4.29
CA VAL B 5 0.73 10.38 20.50
C VAL B 5 18.11 0.16 -3.09
C VAL B 5 -20.67 -4.21 -5.80
C VAL B 5 -5.12 -4.09 -5.39
C VAL B 5 1.84 11.38 20.90
N LYS B 6 18.70 1.30 -2.96
N LYS B 6 -20.61 -3.06 -6.38
N LYS B 6 -4.29 -3.85 -6.34
N LYS B 6 2.33 12.12 19.97
CA LYS B 6 18.71 2.29 -4.10
CA LYS B 6 -21.63 -1.99 -6.08
CA LYS B 6 -4.65 -2.87 -7.42
CA LYS B 6 3.45 13.08 20.27
C LYS B 6 19.97 2.10 -4.89
C LYS B 6 -22.71 -2.07 -7.11
C LYS B 6 -5.22 -3.63 -8.59
C LYS B 6 2.84 14.43 20.53
N THR B 7 19.86 1.91 -6.21
N THR B 7 -23.99 -2.16 -6.68
N THR B 7 -6.42 -3.23 -9.07
N THR B 7 3.19 15.05 21.68
CA THR B 7 21.05 1.72 -7.05
CA THR B 7 -25.10 -2.24 -7.63
CA THR B 7 -7.03 -3.93 -10.20
CA THR B 7 2.64 16.37 22.02
C THR B 7 21.41 3.04 -7.73
C THR B 7 -25.73 -0.85 -7.78
C THR B 7 -6.78 -3.14 -11.48
C THR B 7 3.66 17.46 21.66
N LEU B 8 22.56 3.12 -8.37
N LEU B 8 -26.63 -0.69 -8.74
N LEU B 8 -7.10 -3.71 -12.63
N LEU B 8 3.28 18.71 21.71
CA LEU B 8 23.00 4.37 -9.02
CA LEU B 8 -27.25 0.63 -8.98
CA LEU B 8 -6.85 -3.03 -13.92
CA LEU B 8 4.20 19.81 21.34
C LEU B 8 22.23 4.67 -10.29
C LEU B 8 -28.27 1.00 -7.91
C LEU B 8 -7.80 -1.88 -14.17
C LEU B 8 5.26 20.05 22.38
N THR B 9 21.38 3.74 -10.74
N THR B 9 -28.58 0.07 -7.00
N THR B 9 -8.81 -1.71 -13.31
N THR B 9 5.16 19.38 23.54
CA THR B 9 20.64 4.08 -12.00
CA THR B 9 -29.58 0.47 -5.96
CA THR B 9 -9.73 -0.56 -13.61
CA THR B 9 6.25 19.66 24.55
C THR B 9 19.24 4.52 -11.73
C THR B 9 -28.94 0.82 -4.66
C THR B 9 -9.45 0.62 -12.73
C THR B 9 7.28 18.58 24.58
N GLY B 10 18.92 4.83 -10.51
N GLY B 10 -27.66 1.03 -4.65
N GLY B 10 -8.33 0.64 -12.09
N GLY B 10 7.31 17.73 23.59
CA GLY B 10 17.61 5.27 -10.10
CA GLY B 10 -26.91 1.39 -3.47
CA GLY B 10 -7.92 1.72 -11.21
CA GLY B 10 8.25 16.64 23.48
C GLY B 10 16.57 4.20 -9.96
C GLY B 10 -26.60 0.26 -2.52
C GLY B 10 -8.56 1.75 -9.85
C GLY B 10 7.98 15.44 24.34
N LYS B 11 17.01 2.96 -9.88
N LYS B 11 -26.75 -0.94 -2.99
N LYS B 11 -9.15 0.65 -9.47
N LYS B 11 6.77 15.35 24.82
CA LYS B 11 16.13 1.83 -9.64
CA LYS B 11 -26.39 -2.14 -2.22
CA LYS B 11 -9.72 0.50 -8.13
CA LYS B 11 6.31 14.18 25.58
C LYS B 11 16.20 1.56 -8.12
C LYS B 11 -24.96 -2.50 -2.68
C LYS B 11 -8.64 -0.22 -7.31
C LYS B 11 5.59 13.28 24.55
N THR B 12 15.07 1.29 -7.51
N THR B 12 -24.11 -2.87 -1.73
N THR B 12 -8.45 0.23 -6.07
N THR B 12 5.82 11.98 24.63
CA THR B 12 15.12 0.95 -6.07
CA THR B 12 -22.77 -3.31 -2.14
CA THR B 12 -7.48 -0.49 -5.23
CA THR B 12 5.07 11.09 23.72
C THR B 12 14.55 -0.46 -5.96
C THR B 12 -22.63 -4.76 -1.65
C THR B 12 -8.27 -1.00 -4.01
C THR B 12 4.28 10.15 24.62
N ILE B 13 15.26 -1.32 -5.23
N ILE B 13 -22.18 -5.64 -2.53
N ILE B 13 -8.09 -2.28 -3.69
N ILE B 13 2.99 10.00 24.32
CA ILE B 13 14.68 -2.68 -5.12
CA ILE B 13 -22.03 -7.03 -2.03
CA ILE B 13 -8.86 -2.75 -2.50
CA ILE B 13 2.24 9.06 25.20
C ILE B 13 14.19 -2.90 -3.72
C ILE B 13 -20.58 -7.37 -1.91
C ILE B 13 -7.91 -2.99 -1.36
C ILE B 13 1.90 7.82 24.42
N THR B 14 13.07 -3.57 -3.54
N THR B 14 -20.19 -8.10 -0.88
N THR B 14 -8.31 -2.67 -0.16
N THR B 14 1.96 6.66 25.06
CA THR B 14 12.63 -3.80 -2.14
CA THR B 14 -18.74 -8.45 -0.79
CA THR B 14 -7.37 -2.95 0.97
CA THR B 14 1.59 5.44 24.28
C THR B 14 12.99 -5.22 -1.76
C THR B 14 -18.59 -9.89 -1.27
C THR B 14 -7.83 -4.21 1.67
C THR B 14 0.18 5.05 24.67
N LEU B 15 13.45 -5.45 -0.54
N LEU B 15 -17.55 -10.18 -2.03
N LEU B 15 -6.91 -5.08 2.06
N LEU B 15 -0.64 4.63 23.72
CA LEU B 15 13.84 -6.77 -0.09
CA LEU B 15 -17.32 -11.52 -2.53
CA LEU B 15 -7.27 -6.32 2.73
CA LEU B 15 -2.01 4.24 24.00
C LEU B 15 13.09 -7.09 1.20
C LEU B 15 -15.90 -11.95 -2.14
C LEU B 15 -6.49 -6.41 4.04
C LEU B 15 -2.24 2.83 23.45
N GLU B 16 12.90 -8.35 1.45
N GLU B 16 -15.72 -13.25 -2.03
N GLU B 16 -7.04 -7.14 4.97
N GLU B 16 -3.18 2.14 24.04
CA GLU B 16 12.29 -8.71 2.78
CA GLU B 16 -14.32 -13.72 -1.79
CA GLU B 16 -6.26 -7.36 6.23
CA GLU B 16 -3.54 0.81 23.44
C GLU B 16 13.43 -9.41 3.50
C GLU B 16 -13.97 -14.43 -3.08
C GLU B 16 -5.93 -8.84 6.18
C GLU B 16 -4.94 1.03 22.91
N VAL B 17 13.76 -8.81 4.65
N VAL B 17 -12.89 -13.91 -3.66
N VAL B 17 -4.62 -9.07 6.20
N VAL B 17 -5.02 0.81 21.60
CA VAL B 17 14.85 -9.30 5.48
CA VAL B 17 -12.39 -14.41 -4.95
CA VAL B 17 -4.08 -10.42 6.11
CA VAL B 17 -6.27 1.00 20.88
C VAL B 17 14.48 -9.24 6.97
C VAL B 17 -10.85 -14.48 -4.95
C VAL B 17 -2.90 -10.61 7.07
C VAL B 17 -6.50 -0.12 19.85
N GLU B 18 15.36 -9.85 7.73
N GLU B 18 -10.39 -15.11 -6.00
N GLU B 18 -2.52 -11.86 7.16
N GLU B 18 -7.70 -0.08 19.33
CA GLU B 18 15.31 -9.85 9.19
CA GLU B 18 -8.96 -15.22 -6.32
CA GLU B 18 -1.34 -12.30 7.92
CA GLU B 18 -8.14 -0.96 18.23
C GLU B 18 16.61 -9.20 9.67
C GLU B 18 -8.77 -14.55 -7.68
C GLU B 18 -0.42 -12.98 6.92
C GLU B 18 -8.52 -0.04 17.08
N PRO B 19 16.53 -8.45 10.75
N PRO B 19 -7.64 -13.91 -7.86
N PRO B 19 0.88 -12.82 7.10
N PRO B 19 -8.26 -0.49 15.86
CA PRO B 19 17.71 -7.81 11.34
CA PRO B 19 -7.31 -13.25 -9.13
CA PRO B 19 1.88 -13.46 6.24
CA PRO B 19 -8.62 0.26 14.66
C PRO B 19 18.81 -8.81 11.63
C PRO B 19 -7.37 -14.22 -10.29
C PRO B 19 1.69 -14.94 6.16
C PRO B 19 -10.08 0.61 14.62
N SER B 20 18.45 -10.06 11.82
N SER B 20 -7.21 -15.51 -10.00
N SER B 20 1.06 -15.52 7.17
N SER B 20 -10.90 -0.17 15.31
CA SER B 20 19.45 -11.08 12.16
CA SER B 20 -7.20 -16.52 -11.08
CA SER B 20 0.89 -16.99 7.19
CA SER B 20 -12.35 0.06 15.29
C SER B 20 20.19 -11.55 10.94
C SER B 20 -8.61 -16.85 -11.51
C SER B 20 -0.26 -17.41 6.32
C SER B 20 -12.73 1.19 16.23
N ASP B 21 19.74 -11.11 9.77
N ASP B 21 -9.61 -16.35 -10.78
N ASP B 21 -1.03 -16.43 5.81
N ASP B 21 -11.77 1.67 17.01
CA ASP B 21 20.46 -11.57 8.54
CA ASP B 21 -10.99 -16.68 -11.18
CA ASP B 21 -2.18 -16.84 4.97
CA ASP B 21 -12.14 2.76 17.95
C ASP B 21 21.82 -10.92 8.46
C ASP B 21 -11.35 -15.97 -12.46
C ASP B 21 -1.69 -17.37 3.65
C ASP B 21 -12.38 4.03 17.18
N THR B 22 22.77 -11.63 7.89
N THR B 22 -12.19 -16.60 -13.26
N THR B 22 -2.43 -18.30 3.09
N THR B 22 -13.28 4.85 17.69
CA THR B 22 24.09 -11.11 7.66
CA THR B 22 -12.69 -16.01 -14.47
CA THR B 22 -2.14 -18.85 1.79
CA THR B 22 -13.55 6.16 17.12
C THR B 22 24.08 -10.31 6.34
C THR B 22 -13.90 -15.11 -14.11
C THR B 22 -2.75 -17.91 0.72
C THR B 22 -12.50 7.15 17.67
N ILE B 23 25.10 -9.45 6.23
N ILE B 23 -14.18 -14.21 -15.05
N ILE B 23 -2.21 -18.08 -0.48
N ILE B 23 -12.39 8.25 16.93
CA ILE B 23 25.30 -8.67 5.02
CA ILE B 23 -15.34 -13.34 -14.93
CA ILE B 23 -2.72 -17.34 -1.63
CA ILE B 23 -11.52 9.35 17.34
C ILE B 23 25.53 -9.60 3.82
C ILE B 23 -16.63 -14.16 -14.89
C ILE B 23 -4.18 -17.69 -1.89
C ILE B 23 -11.99 9.93 18.68
N GLU B 24 26.24 -10.68 4.06
N GLU B 24 -16.67 -15.22 -15.65
N GLU B 24 -4.52 -18.94 -1.69
N GLU B 24 -13.28 9.98 18.87
CA GLU B 24 26.47 -11.68 2.97
CA GLU B 24 -17.86 -16.14 -15.63
CA GLU B 24 -5.95 -19.38 -1.85
CA GLU B 24 -13.83 10.47 20.18
C GLU B 24 25.17 -12.20 2.43
C GLU B 24 -18.10 -16.66 -14.24
C GLU B 24 -6.85 -18.58 -0.93
C GLU B 24 -13.32 9.62 21.32
N ASN B 25 24.21 -12.43 3.31
N ASN B 25 -17.03 -17.00 -13.53
N ASN B 25 -6.40 -18.34 0.28
N ASN B 25 -13.24 8.32 21.11
CA ASN B 25 22.87 -12.94 2.98
CA ASN B 25 -17.07 -17.53 -12.17
CA ASN B 25 -7.14 -17.59 1.30
CA ASN B 25 -12.77 7.35 22.10
C ASN B 25 22.09 -11.93 2.14
C ASN B 25 -17.61 -16.50 -11.18
C ASN B 25 -7.34 -16.14 0.89
C ASN B 25 -11.29 7.56 22.43
N VAL B 26 22.16 -10.69 2.58
N VAL B 26 -17.10 -15.29 -11.34
N VAL B 26 -6.26 -15.56 0.39
N VAL B 26 -10.52 7.76 21.37
CA VAL B 26 21.48 -9.61 1.86
CA VAL B 26 -17.53 -14.19 -10.48
CA VAL B 26 -6.30 -14.17 -0.07
CA VAL B 26 -9.10 8.00 21.53
C VAL B 26 22.01 -9.56 0.43
C VAL B 26 -19.04 -14.00 -10.63
C VAL B 26 -7.36 -14.04 -1.16
C VAL B 26 -8.89 9.23 22.40
N LYS B 27 23.32 -9.63 0.29
N LYS B 27 -19.51 -14.00 -11.87
N LYS B 27 -7.34 -14.98 -2.10
N LYS B 27 -9.63 10.28 22.10
CA LYS B 27 23.93 -9.58 -1.04
CA LYS B 27 -20.94 -13.83 -12.15
CA LYS B 27 -8.31 -14.95 -3.21
CA LYS B 27 -9.52 11.53 22.87
C LYS B 27 23.46 -10.74 -1.90
C LYS B 27 -21.75 -14.95 -11.49
C LYS B 27 -9.73 -15.07 -2.68
C LYS B 27 -9.87 11.30 24.34
N ALA B 28 23.30 -11.90 -1.31
N ALA B 28 -21.24 -16.17 -11.50
N ALA B 28 -9.96 -15.86 -1.66
N ALA B 28 -10.86 10.46 24.61
CA ALA B 28 22.77 -13.07 -2.04
CA ALA B 28 -21.90 -17.29 -10.84
CA ALA B 28 -11.28 -15.98 -1.03
CA ALA B 28 -11.22 10.11 25.98
C ALA B 28 21.33 -12.87 -2.46
C ALA B 28 -21.95 -17.10 -9.34
C ALA B 28 -11.69 -14.69 -0.36
C ALA B 28 -10.12 9.34 26.68
N LYS B 29 20.51 -12.23 -1.63
N LYS B 29 -20.89 -16.57 -8.73
N LYS B 29 -10.77 -13.97 0.27
N LYS B 29 -9.43 8.44 25.97
CA LYS B 29 19.12 -11.92 -2.02
CA LYS B 29 -20.91 -16.29 -7.28
CA LYS B 29 -11.08 -12.65 0.87
CA LYS B 29 -8.30 7.72 26.56
C LYS B 29 19.09 -10.93 -3.21
C LYS B 29 -21.96 -15.22 -6.93
C LYS B 29 -11.49 -11.64 -0.22
C LYS B 29 -7.15 8.69 26.92
N ILE B 30 20.03 -9.99 -3.20
N ILE B 30 -22.11 -14.24 -7.83
N ILE B 30 -10.80 -11.73 -1.36
N ILE B 30 -6.96 9.69 26.06
CA ILE B 30 20.09 -9.00 -4.30
CA ILE B 30 -23.09 -13.18 -7.60
CA ILE B 30 -11.12 -10.79 -2.46
CA ILE B 30 -5.89 10.67 26.31
C ILE B 30 20.55 -9.76 -5.55
C ILE B 30 -24.48 -13.82 -7.75
C ILE B 30 -12.50 -11.18 -2.99
C ILE B 30 -6.33 11.50 27.53
N GLN B 31 21.48 -10.67 -5.42
N GLN B 31 -24.66 -14.69 -8.70
N GLN B 31 -12.80 -12.45 -3.09
N GLN B 31 -7.59 11.85 27.63
CA GLN B 31 21.92 -11.42 -6.65
CA GLN B 31 -26.01 -15.32 -8.83
CA GLN B 31 -14.16 -12.83 -3.59
CA GLN B 31 -8.01 12.65 28.82
C GLN B 31 20.72 -12.20 -7.22
C GLN B 31 -26.34 -16.11 -7.55
C GLN B 31 -15.22 -12.28 -2.63
C GLN B 31 -7.76 11.82 30.09
N ASP B 32 20.07 -12.89 -6.31
N ASP B 32 -25.36 -16.90 -7.16
N ASP B 32 -14.99 -12.55 -1.37
N ASP B 32 -8.21 10.59 30.02
CA ASP B 32 18.88 -13.69 -6.69
CA ASP B 32 -25.50 -17.72 -5.94
CA ASP B 32 -15.90 -12.08 -0.31
CA ASP B 32 -8.03 9.67 31.16
C ASP B 32 17.86 -12.86 -7.41
C ASP B 32 -25.87 -16.87 -4.74
C ASP B 32 -16.14 -10.58 -0.40
C ASP B 32 -6.58 9.57 31.59
N LYS B 33 17.61 -11.62 -6.93
N LYS B 33 -25.26 -15.68 -4.60
N LYS B 33 -15.08 -9.80 -0.66
N LYS B 33 -5.66 9.50 30.61
CA LYS B 33 16.53 -10.85 -7.60
CA LYS B 33 -25.57 -14.91 -3.37
CA LYS B 33 -15.31 -8.33 -0.65
CA LYS B 33 -4.24 9.30 31.04
C LYS B 33 16.92 -9.94 -8.71
C LYS B 33 -26.66 -13.90 -3.46
C LYS B 33 -15.64 -7.69 -1.95
C LYS B 33 -3.43 10.53 31.23
N GLU B 34 18.12 -9.44 -8.82
N GLU B 34 -27.02 -13.35 -4.58
N GLU B 34 -15.28 -8.20 -3.11
N GLU B 34 -3.67 11.65 30.63
CA GLU B 34 18.56 -8.56 -9.89
CA GLU B 34 -28.08 -12.36 -4.72
CA GLU B 34 -15.57 -7.61 -4.40
CA GLU B 34 -2.91 12.87 30.78
C GLU B 34 19.76 -9.06 -10.65
C GLU B 34 -29.15 -12.76 -5.71
C GLU B 34 -16.31 -8.53 -5.33
C GLU B 34 -3.72 14.06 31.24
N GLY B 35 20.35 -10.16 -10.20
N GLY B 35 -28.96 -13.86 -6.41
N GLY B 35 -16.51 -9.77 -4.94
N GLY B 35 -5.03 13.90 31.31
CA GLY B 35 21.47 -10.77 -10.88
CA GLY B 35 -29.94 -14.38 -7.33
CA GLY B 35 -17.27 -10.73 -5.70
CA GLY B 35 -5.92 14.94 31.80
C GLY B 35 22.82 -10.22 -10.68
C GLY B 35 -30.03 -13.79 -8.68
C GLY B 35 -16.61 -11.41 -6.84
C GLY B 35 -6.32 16.03 30.88
N ILE B 36 22.96 -9.23 -9.79
N ILE B 36 -29.12 -12.87 -9.03
N ILE B 36 -15.29 -11.20 -7.03
N ILE B 36 -5.93 15.93 29.60
CA ILE B 36 24.31 -8.68 -9.57
CA ILE B 36 -29.19 -12.27 -10.38
CA ILE B 36 -14.63 -11.88 -8.14
CA ILE B 36 -6.33 17.00 28.66
C ILE B 36 25.14 -9.57 -8.66
C ILE B 36 -28.58 -13.20 -11.42
C ILE B 36 -14.29 -13.32 -7.79
C ILE B 36 -7.76 16.82 28.20
N PRO B 37 26.31 -9.98 -9.12
N PRO B 37 -29.36 -13.52 -12.45
N PRO B 37 -14.75 -14.27 -8.61
N PRO B 37 -8.59 17.83 28.38
CA PRO B 37 27.24 -10.81 -8.34
CA PRO B 37 -28.90 -14.39 -13.56
CA PRO B 37 -14.48 -15.70 -8.40
CA PRO B 37 -10.00 17.81 27.96
C PRO B 37 27.59 -10.16 -7.02
C PRO B 37 -27.65 -13.81 -14.21
C PRO B 37 -12.99 -15.97 -8.35
C PRO B 37 -10.11 17.54 26.47
N PRO B 38 27.61 -10.88 -5.94
N PRO B 38 -26.67 -14.61 -14.52
N PRO B 38 -12.52 -16.80 -7.45
N PRO B 38 -11.02 16.70 26.04
CA PRO B 38 27.94 -10.28 -4.63
CA PRO B 38 -25.44 -14.09 -15.15
CA PRO B 38 -11.08 -17.07 -7.36
CA PRO B 38 -11.15 16.39 24.61
C PRO B 38 29.28 -9.58 -4.61
C PRO B 38 -25.69 -13.35 -16.43
C PRO B 38 -10.48 -17.61 -8.63
C PRO B 38 -11.39 17.60 23.76
N ASP B 39 30.23 -10.07 -5.36
N ASP B 39 -26.68 -13.74 -17.18
N ASP B 39 -11.24 -18.35 -9.40
N ASP B 39 -12.06 18.60 24.27
CA ASP B 39 31.60 -9.48 -5.35
CA ASP B 39 -26.96 -13.11 -18.50
CA ASP B 39 -10.71 -18.95 -10.66
CA ASP B 39 -12.38 19.82 23.46
C ASP B 39 31.62 -8.08 -5.96
C ASP B 39 -27.44 -11.67 -18.35
C ASP B 39 -10.40 -17.91 -11.71
C ASP B 39 -11.13 20.63 23.13
N GLN B 40 30.57 -7.72 -6.68
N GLN B 40 -27.85 -11.30 -17.14
N GLN B 40 -10.92 -16.71 -11.53
N GLN B 40 -10.04 20.36 23.83
CA GLN B 40 30.52 -6.38 -7.28
CA GLN B 40 -28.31 -9.91 -16.91
CA GLN B 40 -10.63 -15.63 -12.51
CA GLN B 40 -8.79 21.10 23.54
C GLN B 40 29.73 -5.38 -6.41
C GLN B 40 -27.19 -9.02 -16.35
C GLN B 40 -9.46 -14.74 -12.06
C GLN B 40 -7.87 20.31 22.59
N GLN B 41 29.05 -5.87 -5.39
N GLN B 41 -26.08 -9.61 -15.94
N GLN B 41 -9.01 -14.88 -10.84
N GLN B 41 -8.18 19.06 22.33
CA GLN B 41 28.23 -5.06 -4.52
CA GLN B 41 -24.97 -8.89 -15.35
CA GLN B 41 -7.95 -14.08 -10.28
CA GLN B 41 -7.38 18.20 21.49
C GLN B 41 28.96 -4.38 -3.38
C GLN B 41 -23.99 -8.27 -16.32
C GLN B 41 -6.54 -14.56 -10.59
C GLN B 41 -7.63 18.30 20.00
N ARG B 42 28.72 -3.08 -3.26
N ARG B 42 -23.71 -7.00 -16.10
N ARG B 42 -5.73 -13.62 -11.06
N ARG B 42 -6.54 18.47 19.27
CA ARG B 42 29.22 -2.30 -2.09
CA ARG B 42 -22.64 -6.29 -16.86
CA ARG B 42 -4.27 -13.87 -11.23
CA ARG B 42 -6.60 18.42 17.77
C ARG B 42 27.98 -1.71 -1.46
C ARG B 42 -21.67 -5.80 -15.80
C ARG B 42 -3.58 -12.83 -10.39
C ARG B 42 -5.66 17.29 17.38
N LEU B 43 27.64 -2.08 -0.22
N LEU B 43 -20.43 -6.27 -15.77
N LEU B 43 -2.85 -13.21 -9.34
N LEU B 43 -6.13 16.22 16.78
CA LEU B 43 26.40 -1.57 0.41
CA LEU B 43 -19.47 -5.86 -14.71
CA LEU B 43 -2.21 -12.20 -8.45
CA LEU B 43 -5.25 15.07 16.44
C LEU B 43 26.74 -0.49 1.43
C LEU B 43 -18.48 -4.85 -15.28
C LEU B 43 -0.71 -12.12 -8.75
C LEU B 43 -4.94 15.08 14.94
N ILE B 44 26.05 0.64 1.33
N ILE B 44 -18.31 -3.75 -14.56
N ILE B 44 -0.23 -10.89 -8.93
N ILE B 44 -3.66 14.98 14.61
CA ILE B 44 26.28 1.79 2.19
CA ILE B 44 -17.45 -2.66 -14.98
CA ILE B 44 1.15 -10.62 -9.29
CA ILE B 44 -3.18 15.03 13.23
C ILE B 44 25.03 2.20 2.95
C ILE B 44 -16.37 -2.36 -13.95
C ILE B 44 1.84 -9.72 -8.26
C ILE B 44 -2.41 13.77 12.85
N PHE B 45 25.21 2.40 4.28
N PHE B 45 -15.11 -2.25 -14.45
N PHE B 45 3.05 -10.17 -7.84
N PHE B 45 -2.79 13.21 11.67
CA PHE B 45 24.13 2.85 5.16
CA PHE B 45 -13.96 -1.91 -13.60
CA PHE B 45 3.87 -9.40 -6.89
CA PHE B 45 -2.11 12.01 11.14
C PHE B 45 24.78 3.78 6.20
C PHE B 45 -13.04 -1.04 -14.47
C PHE B 45 5.33 -9.62 -7.33
C PHE B 45 -2.10 12.21 9.61
N ALA B 46 24.15 4.92 6.30
N ALA B 46 -12.69 0.07 -13.87
N ALA B 46 5.99 -8.50 -7.46
N ALA B 46 -0.90 12.04 9.09
CA ALA B 46 24.54 5.98 7.26
CA ALA B 46 -11.77 1.06 -14.46
CA ALA B 46 7.42 -8.43 -7.82
CA ALA B 46 -0.62 12.12 7.66
C ALA B 46 26.04 6.24 7.20
C ALA B 46 -12.17 1.39 -15.89
C ALA B 46 7.71 -9.32 -9.02
C ALA B 46 -1.25 13.36 7.05
N GLY B 47 26.52 6.34 5.99
N GLY B 47 -13.46 1.60 -16.05
N GLY B 47 6.87 -9.20 -9.99
N GLY B 47 -1.05 14.45 7.73
CA GLY B 47 27.87 6.58 5.58
CA GLY B 47 -14.15 1.92 -17.26
CA GLY B 47 6.85 -9.89 -11.25
CA GLY B 47 -1.51 15.78 7.45
C GLY B 47 28.90 5.54 5.97
C GLY B 47 -14.13 0.90 -18.37
C GLY B 47 6.70 -11.40 -11.22
C GLY B 47 -2.99 16.01 7.40
N LYS B 48 28.48 4.33 6.24
N LYS B 48 -13.85 -0.34 -18.05
N LYS B 48 6.17 -11.93 -10.15
N LYS B 48 -3.77 15.16 8.01
CA LYS B 48 29.39 3.24 6.58
CA LYS B 48 -13.85 -1.42 -19.04
CA LYS B 48 5.93 -13.37 -10.03
CA LYS B 48 -5.23 15.30 8.07
C LYS B 48 29.28 2.19 5.45
C LYS B 48 -14.98 -2.39 -18.68
C LYS B 48 4.41 -13.57 -9.95
C LYS B 48 -5.60 15.53 9.55
N GLN B 49 30.37 1.57 5.09
N GLN B 49 -15.67 -2.93 -19.66
N GLN B 49 3.90 -14.61 -10.55
N GLN B 49 -6.57 16.37 9.80
CA GLN B 49 30.30 0.46 4.09
CA GLN B 49 -16.70 -3.96 -19.36
CA GLN B 49 2.45 -14.93 -10.40
CA GLN B 49 -7.06 16.54 11.19
C GLN B 49 29.99 -0.77 4.94
C GLN B 49 -15.91 -5.27 -19.30
C GLN B 49 2.39 -15.75 -9.12
C GLN B 49 -8.10 15.44 11.35
N LEU B 50 29.00 -1.55 4.56
N LEU B 50 -16.09 -6.05 -18.27
N LEU B 50 1.51 -15.41 -8.21
N LEU B 50 -8.01 14.66 12.41
CA LEU B 50 28.57 -2.71 5.36
CA LEU B 50 -15.32 -7.29 -18.06
CA LEU B 50 1.42 -16.08 -6.90
CA LEU B 50 -8.91 13.51 12.62
C LEU B 50 29.50 -3.88 5.11
C LEU B 50 -15.87 -8.40 -18.93
C LEU B 50 0.67 -17.39 -7.04
C LEU B 50 -10.26 13.98 13.14
N GLU B 51 29.85 -4.62 6.18
N GLU B 51 -15.00 -9.20 -19.56
N GLU B 51 1.16 -18.44 -6.37
N GLU B 51 -11.35 13.40 12.63
CA GLU B 51 30.80 -5.75 6.03
CA GLU B 51 -15.46 -10.27 -20.46
CA GLU B 51 0.51 -19.77 -6.49
CA GLU B 51 -12.70 13.85 13.06
C GLU B 51 30.04 -7.04 6.02
C GLU B 51 -15.39 -11.60 -19.76
C GLU B 51 -0.34 -20.04 -5.28
C GLU B 51 -13.27 12.87 14.05
N ASP B 52 30.41 -8.00 5.21
N ASP B 52 -16.35 -12.47 -19.92
N ASP B 52 -1.50 -20.63 -5.42
N ASP B 52 -13.95 13.31 15.08
CA ASP B 52 29.73 -9.28 5.02
CA ASP B 52 -16.47 -13.76 -19.25
CA ASP B 52 -2.47 -20.88 -4.37
CA ASP B 52 -14.47 12.51 16.17
C ASP B 52 29.33 -10.13 6.22
C ASP B 52 -15.28 -14.71 -19.17
C ASP B 52 -2.05 -21.51 -3.05
C ASP B 52 -15.27 11.25 15.88
N GLY B 53 30.19 -10.23 7.21
N GLY B 53 -14.55 -14.86 -20.25
N GLY B 53 -1.20 -22.51 -3.10
N GLY B 53 -16.16 11.29 14.90
CA GLY B 53 29.97 -11.06 8.41
CA GLY B 53 -13.40 -15.78 -20.35
CA GLY B 53 -0.73 -23.26 -1.92
CA GLY B 53 -17.05 10.18 14.54
C GLY B 53 29.16 -10.44 9.50
C GLY B 53 -12.11 -15.28 -19.82
C GLY B 53 0.39 -22.65 -1.15
C GLY B 53 -16.47 9.14 13.65
N ARG B 54 28.83 -9.16 9.41
N ARG B 54 -12.00 -14.01 -19.46
N ARG B 54 1.02 -21.59 -1.66
N ARG B 54 -15.27 9.35 13.10
CA ARG B 54 27.97 -8.49 10.40
CA ARG B 54 -10.77 -13.45 -18.85
CA ARG B 54 2.09 -20.88 -0.93
CA ARG B 54 -14.59 8.33 12.26
C ARG B 54 26.52 -8.73 10.00
C ARG B 54 -10.83 -13.72 -17.35
C ARG B 54 1.44 -19.87 0.00
C ARG B 54 -13.84 7.40 13.19
N THR B 55 25.61 -8.46 10.90
N THR B 55 -9.71 -13.56 -16.69
N THR B 55 2.20 -19.35 0.94
N THR B 55 -13.41 6.27 12.68
CA THR B 55 24.16 -8.58 10.67
CA THR B 55 -9.59 -13.71 -15.23
CA THR B 55 1.75 -18.31 1.88
CA THR B 55 -12.61 5.27 13.41
C THR B 55 23.62 -7.13 10.53
C THR B 55 -9.47 -12.29 -14.64
C THR B 55 2.39 -16.98 1.42
C THR B 55 -11.16 5.40 12.89
N LEU B 56 22.41 -7.03 10.01
N LEU B 56 -9.68 -12.19 -13.33
N LEU B 56 1.88 -15.88 1.93
N LEU B 56 -10.23 4.82 13.62
CA LEU B 56 21.73 -5.73 9.86
CA LEU B 56 -9.55 -10.92 -12.61
CA LEU B 56 2.41 -14.54 1.63
CA LEU B 56 -8.81 4.80 13.24
C LEU B 56 21.54 -5.13 11.25
C LEU B 56 -8.11 -10.43 -12.77
C LEU B 56 3.86 -14.48 2.12
C LEU B 56 -8.69 4.06 11.92
N SER B 57 21.28 -5.97 12.26
N SER B 57 -7.14 -11.36 -12.78
N SER B 57 4.15 -15.16 3.26
N SER B 57 -9.51 3.01 11.72
CA SER B 57 21.09 -5.38 13.61
CA SER B 57 -5.74 -10.88 -12.92
CA SER B 57 5.56 -15.09 3.74
CA SER B 57 -9.38 2.27 10.43
C SER B 57 22.35 -4.72 14.12
C SER B 57 -5.50 -10.19 -14.24
C SER B 57 6.52 -15.74 2.76
C SER B 57 -9.74 3.14 9.24
N ASP B 58 23.50 -5.19 13.71
N ASP B 58 -6.22 -10.61 -15.27
N ASP B 58 6.05 -16.72 2.02
N ASP B 58 -10.62 4.10 9.44
CA ASP B 58 24.79 -4.62 14.14
CA ASP B 58 -6.06 -10.00 -16.62
CA ASP B 58 6.92 -17.42 1.04
CA ASP B 58 -11.04 5.00 8.35
C ASP B 58 24.84 -3.12 13.82
C ASP B 58 -6.26 -8.48 -16.56
C ASP B 58 7.53 -16.43 0.05
C ASP B 58 -9.83 5.70 7.72
N TYR B 59 24.32 -2.77 12.68
N TYR B 59 -7.21 -8.07 -15.76
N TYR B 59 6.73 -15.47 -0.33
N TYR B 59 -8.90 6.07 8.57
CA TYR B 59 24.25 -1.40 12.18
CA TYR B 59 -7.55 -6.67 -15.54
CA TYR B 59 7.11 -14.41 -1.26
CA TYR B 59 -7.66 6.73 8.19
C TYR B 59 22.97 -0.70 12.58
C TYR B 59 -6.80 -6.05 -14.38
C TYR B 59 7.67 -13.18 -0.56
C TYR B 59 -6.53 5.76 7.94
N ASN B 60 22.09 -1.27 13.37
N ASN B 60 -5.87 -6.72 -13.74
N ASN B 60 7.86 -13.17 0.74
N ASN B 60 -6.72 4.46 7.96
CA ASN B 60 20.85 -0.54 13.73
CA ASN B 60 -5.16 -6.07 -12.61
CA ASN B 60 8.41 -11.95 1.38
CA ASN B 60 -5.58 3.55 7.70
C ASN B 60 20.05 -0.16 12.49
C ASN B 60 -6.13 -5.63 -11.53
C ASN B 60 7.53 -10.74 1.12
C ASN B 60 -4.44 3.79 8.68
N ILE B 61 19.90 -1.08 11.57
N ILE B 61 -7.06 -6.48 -11.17
N ILE B 61 6.23 -10.90 1.25
N ILE B 61 -4.78 3.91 9.96
CA ILE B 61 19.07 -0.83 10.35
CA ILE B 61 -8.01 -6.18 -10.06
CA ILE B 61 5.27 -9.76 1.10
CA ILE B 61 -3.73 4.06 11.01
C ILE B 61 17.64 -1.25 10.73
C ILE B 61 -7.33 -6.68 -8.78
C ILE B 61 5.15 -9.13 2.48
C ILE B 61 -3.37 2.64 11.44
N GLN B 62 16.71 -0.34 10.74
N GLN B 62 -7.03 -5.81 -7.86
N GLN B 62 5.57 -7.90 2.65
N GLN B 62 -2.16 2.22 11.24
CA GLN B 62 15.31 -0.61 11.15
CA GLN B 62 -6.30 -6.17 -6.60
CA GLN B 62 5.55 -7.20 3.97
CA GLN B 62 -1.70 0.83 11.56
C GLN B 62 14.42 -0.70 9.91
C GLN B 62 -7.29 -6.20 -5.44
C GLN B 62 4.38 -6.22 4.01
C GLN B 62 -0.87 0.84 12.84
N LYS B 63 13.17 -1.14 10.07
N LYS B 63 -6.87 -6.70 -4.28
N LYS B 63 4.09 -5.66 5.18
N LYS B 63 -0.57 -0.33 13.40
CA LYS B 63 12.26 -1.33 8.96
CA LYS B 63 -7.73 -6.85 -3.13
CA LYS B 63 2.97 -4.77 5.37
CA LYS B 63 0.15 -0.44 14.65
C LYS B 63 12.15 -0.04 8.17
C LYS B 63 -8.36 -5.49 -2.80
C LYS B 63 3.06 -3.62 4.36
C LYS B 63 1.46 0.35 14.55
N GLU B 64 12.05 -0.24 6.85
N GLU B 64 -9.63 -5.61 -2.38
N GLU B 64 1.86 -3.25 3.90
N GLU B 64 1.78 0.96 15.70
CA GLU B 64 11.91 0.78 5.85
CA GLU B 64 -10.48 -4.52 -1.99
CA GLU B 64 1.62 -2.19 2.94
CA GLU B 64 2.95 1.77 15.92
C GLU B 64 13.08 1.70 5.63
C GLU B 64 -10.90 -3.53 -3.04
C GLU B 64 2.13 -2.39 1.55
C GLU B 64 3.07 3.05 15.17
N SER B 65 14.24 1.24 6.08
N SER B 65 -10.78 -3.98 -4.29
N SER B 65 2.38 -3.65 1.21
N SER B 65 1.92 3.53 14.69
CA SER B 65 15.53 1.92 5.87
CA SER B 65 -11.24 -3.23 -5.47
CA SER B 65 2.77 -4.07 -0.14
CA SER B 65 1.79 4.83 14.03
C SER B 65 15.88 1.77 4.37
C SER B 65 -12.79 -3.25 -5.44
C SER B 65 1.53 -3.92 -1.04
C SER B 65 1.96 5.92 15.12
N THR B 66 16.74 2.63 3.88
N THR B 66 -13.40 -2.32 -6.14
N THR B 66 1.74 -3.85 -2.33
N THR B 66 2.28 7.12 14.72
CA THR B 66 17.24 2.56 2.51
CA THR B 66 -14.86 -2.28 -6.28
CA THR B 66 0.65 -3.80 -3.31
CA THR B 66 2.38 8.27 15.63
C THR B 66 18.76 2.36 2.54
C THR B 66 -15.22 -2.41 -7.77
C THR B 66 0.77 -5.01 -4.23
C THR B 66 1.37 9.32 15.20
N LEU B 67 19.27 1.34 1.86
N LEU B 67 -16.09 -3.36 -8.11
N LEU B 67 -0.30 -5.80 -4.38
N LEU B 67 0.51 9.78 16.12
CA LEU B 67 20.73 1.16 1.77
CA LEU B 67 -16.55 -3.46 -9.51
CA LEU B 67 -0.29 -6.91 -5.34
CA LEU B 67 -0.40 10.88 15.79
C LEU B 67 21.11 1.65 0.35
C LEU B 67 -17.97 -2.87 -9.52
C LEU B 67 -1.11 -6.43 -6.55
C LEU B 67 0.20 12.14 16.45
N HIS B 68 22.31 2.07 0.17
N HIS B 68 -18.40 -2.38 -10.63
N HIS B 68 -0.84 -6.95 -7.70
N HIS B 68 -0.10 13.28 15.95
CA HIS B 68 22.73 2.50 -1.19
CA HIS B 68 -19.78 -1.84 -10.69
CA HIS B 68 -1.64 -6.55 -8.88
CA HIS B 68 0.42 14.51 16.59
C HIS B 68 23.64 1.38 -1.72
C HIS B 68 -20.61 -2.87 -11.46
C HIS B 68 -2.59 -7.71 -9.17
C HIS B 68 -0.77 15.14 17.31
N LEU B 69 23.43 1.00 -2.96
N LEU B 69 -21.79 -3.17 -10.96
N LEU B 69 -3.85 -7.40 -9.43
N LEU B 69 -0.55 15.60 18.54
CA LEU B 69 24.27 0.00 -3.62
CA LEU B 69 -22.71 -4.08 -11.64
CA LEU B 69 -4.84 -8.41 -9.80
CA LEU B 69 -1.58 16.28 19.30
C LEU B 69 25.19 0.62 -4.63
C LEU B 69 -23.86 -3.36 -12.26
C LEU B 69 -5.17 -8.35 -11.26
C LEU B 69 -1.29 17.75 19.41
N VAL B 70 26.46 0.57 -4.44
N VAL B 70 -24.00 -3.36 -13.55
N VAL B 70 -4.88 -9.36 -12.03
N VAL B 70 -2.11 18.59 18.87
CA VAL B 70 27.41 1.07 -5.48
CA VAL B 70 -25.18 -2.75 -14.21
CA VAL B 70 -5.30 -9.38 -13.46
CA VAL B 70 -1.93 20.06 19.03
C VAL B 70 28.04 -0.20 -6.05
C VAL B 70 -26.00 -3.95 -14.69
C VAL B 70 -6.42 -10.43 -13.49
C VAL B 70 -3.08 20.46 19.98
N LEU B 71 28.24 -0.25 -7.35
N LEU B 71 -27.31 -3.89 -14.57
N LEU B 71 -7.47 -10.19 -14.24
N LEU B 71 -2.81 21.34 20.91
CA LEU B 71 28.87 -1.43 -7.98
CA LEU B 71 -28.17 -4.99 -15.04
CA LEU B 71 -8.57 -11.16 -14.36
CA LEU B 71 -3.86 21.81 21.84
C LEU B 71 30.34 -1.19 -8.16
C LEU B 71 -28.68 -4.69 -16.43
C LEU B 71 -8.38 -12.01 -15.59
C LEU B 71 -4.46 23.10 21.34
N MET A 1 6.38 18.40 -20.67
CA MET A 1 5.74 19.56 -20.05
C MET A 1 6.28 19.67 -18.60
N GLN A 2 6.34 20.88 -18.14
CA GLN A 2 6.81 21.11 -16.74
C GLN A 2 5.61 21.10 -15.81
N ILE A 3 5.80 20.45 -14.66
CA ILE A 3 4.77 20.47 -13.61
C ILE A 3 5.53 20.83 -12.30
N PHE A 4 4.75 21.23 -11.33
CA PHE A 4 5.40 21.59 -10.01
C PHE A 4 4.91 20.64 -8.96
N VAL A 5 5.74 20.16 -8.03
CA VAL A 5 5.27 19.32 -6.95
C VAL A 5 5.58 20.10 -5.65
N LYS A 6 4.57 20.50 -4.95
CA LYS A 6 4.78 21.30 -3.70
C LYS A 6 4.77 20.35 -2.53
N THR A 7 5.82 20.41 -1.68
CA THR A 7 5.88 19.52 -0.51
C THR A 7 5.42 20.27 0.74
N LEU A 8 5.24 19.58 1.84
CA LEU A 8 4.74 20.24 3.07
C LEU A 8 5.81 21.08 3.74
N THR A 9 7.06 21.03 3.24
CA THR A 9 8.08 21.90 3.94
C THR A 9 8.35 23.16 3.18
N GLY A 10 7.52 23.50 2.24
CA GLY A 10 7.67 24.69 1.43
C GLY A 10 8.68 24.63 0.33
N LYS A 11 9.10 23.43 0.00
CA LYS A 11 10.01 23.21 -1.12
C LYS A 11 9.11 22.84 -2.31
N THR A 12 9.42 23.38 -3.48
CA THR A 12 8.62 22.98 -4.66
C THR A 12 9.61 22.35 -5.64
N ILE A 13 9.25 21.19 -6.17
CA ILE A 13 10.23 20.60 -7.13
C ILE A 13 9.65 20.67 -8.52
N THR A 14 10.47 20.94 -9.51
CA THR A 14 9.89 20.97 -10.89
C THR A 14 10.25 19.66 -11.57
N LEU A 15 9.33 19.09 -12.33
CA LEU A 15 9.58 17.83 -13.01
C LEU A 15 9.25 18.02 -14.49
N GLU A 16 9.89 17.22 -15.31
CA GLU A 16 9.51 17.26 -16.76
C GLU A 16 8.85 15.92 -17.00
N VAL A 17 7.60 16.03 -17.42
CA VAL A 17 6.77 14.86 -17.67
C VAL A 17 5.93 15.04 -18.95
N GLU A 18 5.32 13.93 -19.31
CA GLU A 18 4.37 13.84 -20.41
C GLU A 18 3.06 13.38 -19.82
N PRO A 19 1.95 13.87 -20.34
CA PRO A 19 0.61 13.47 -19.90
C PRO A 19 0.43 11.98 -19.97
N SER A 20 1.19 11.31 -20.81
CA SER A 20 1.03 9.85 -20.98
C SER A 20 1.72 9.11 -19.87
N ASP A 21 2.49 9.83 -19.05
CA ASP A 21 3.19 9.10 -17.96
C ASP A 21 2.21 8.63 -16.92
N THR A 22 2.51 7.52 -16.30
CA THR A 22 1.71 6.99 -15.21
C THR A 22 2.16 7.68 -13.91
N ILE A 23 1.25 7.61 -12.94
CA ILE A 23 1.52 8.13 -11.60
C ILE A 23 2.72 7.40 -10.98
N GLU A 24 2.80 6.12 -11.24
CA GLU A 24 3.98 5.32 -10.73
C GLU A 24 5.27 5.90 -11.23
N CYS A 25 5.30 6.34 -12.52
CA CYS A 25 6.50 6.91 -13.13
C CYS A 25 6.85 8.24 -12.50
N VAL A 26 5.82 9.05 -12.28
CA VAL A 26 6.04 10.34 -11.65
C VAL A 26 6.71 10.15 -10.29
N LYS A 27 6.18 9.20 -9.52
CA LYS A 27 6.74 8.92 -8.19
C LYS A 27 8.19 8.48 -8.29
N ALA A 28 8.54 7.70 -9.30
CA ALA A 28 9.92 7.29 -9.53
C ALA A 28 10.80 8.47 -9.89
N LYS A 29 10.31 9.43 -10.66
CA LYS A 29 11.09 10.64 -10.97
C LYS A 29 11.35 11.47 -9.69
N ILE A 30 10.35 11.49 -8.81
CA ILE A 30 10.50 12.25 -7.55
C ILE A 30 11.53 11.50 -6.70
N GLN A 31 11.49 10.19 -6.69
CA GLN A 31 12.50 9.45 -5.86
C GLN A 31 13.90 9.76 -6.40
N ASP A 32 14.01 9.63 -7.70
CA ASP A 32 15.30 9.91 -8.37
C ASP A 32 15.83 11.29 -8.03
N LYS A 33 14.94 12.30 -7.98
CA LYS A 33 15.50 13.66 -7.74
C LYS A 33 15.53 14.13 -6.33
N GLU A 34 14.74 13.67 -5.41
CA GLU A 34 14.73 14.09 -4.02
C GLU A 34 14.92 12.96 -3.04
N GLY A 35 14.94 11.73 -3.52
CA GLY A 35 15.18 10.58 -2.69
C GLY A 35 14.07 10.02 -1.89
N ILE A 36 12.84 10.55 -2.06
CA ILE A 36 11.72 10.01 -1.29
C ILE A 36 11.20 8.72 -1.91
N PRO A 37 11.15 7.65 -1.13
CA PRO A 37 10.64 6.34 -1.58
C PRO A 37 9.21 6.46 -2.09
N PRO A 38 8.88 5.84 -3.19
CA PRO A 38 7.51 5.95 -3.73
C PRO A 38 6.45 5.52 -2.76
N ASP A 39 6.74 4.57 -1.90
CA ASP A 39 5.72 4.05 -0.95
C ASP A 39 5.34 5.08 0.11
N GLN A 40 6.16 6.11 0.23
CA GLN A 40 5.83 7.18 1.22
C GLN A 40 5.08 8.36 0.58
N GLN A 41 5.02 8.40 -0.74
CA GLN A 41 4.40 9.48 -1.46
C GLN A 41 2.90 9.36 -1.66
N ARG A 42 2.21 10.46 -1.32
CA ARG A 42 0.75 10.57 -1.60
C ARG A 42 0.62 11.80 -2.48
N LEU A 43 0.18 11.67 -3.73
CA LEU A 43 0.09 12.84 -4.63
C LEU A 43 -1.35 13.30 -4.76
N ILE A 44 -1.57 14.59 -4.57
CA ILE A 44 -2.91 15.19 -4.61
C ILE A 44 -3.02 16.28 -5.66
N PHE A 45 -4.11 16.19 -6.46
CA PHE A 45 -4.39 17.20 -7.50
C PHE A 45 -5.92 17.33 -7.53
N ALA A 46 -6.32 18.58 -7.46
CA ALA A 46 -7.74 18.98 -7.52
C ALA A 46 -8.59 18.14 -6.58
N GLY A 47 -8.08 17.99 -5.40
CA GLY A 47 -8.62 17.24 -4.29
C GLY A 47 -8.80 15.76 -4.47
N CYS A 48 -8.13 15.15 -5.41
CA CYS A 48 -8.12 13.71 -5.63
C CYS A 48 -6.78 13.12 -5.25
N GLN A 49 -6.74 11.97 -4.70
CA GLN A 49 -5.43 11.30 -4.47
C GLN A 49 -5.16 10.55 -5.77
N LEU A 50 -3.98 10.72 -6.33
CA LEU A 50 -3.65 10.11 -7.64
C LEU A 50 -3.29 8.65 -7.46
N GLU A 51 -3.77 7.80 -8.37
CA GLU A 51 -3.53 6.34 -8.25
C GLU A 51 -2.42 5.92 -9.18
N ASP A 52 -1.53 5.06 -8.79
CA ASP A 52 -0.35 4.62 -9.54
C ASP A 52 -0.48 4.20 -10.99
N GLY A 53 -1.50 3.45 -11.32
CA GLY A 53 -1.74 2.91 -12.67
C GLY A 53 -2.40 3.82 -13.65
N ARG A 54 -2.89 4.98 -13.21
CA ARG A 54 -3.49 5.96 -14.13
C ARG A 54 -2.37 6.83 -14.68
N THR A 55 -2.66 7.57 -15.72
CA THR A 55 -1.72 8.53 -16.36
C THR A 55 -2.16 9.94 -15.93
N LEU A 56 -1.27 10.90 -16.12
CA LEU A 56 -1.55 12.31 -15.83
C LEU A 56 -2.72 12.75 -16.70
N SER A 57 -2.80 12.25 -17.95
CA SER A 57 -3.93 12.69 -18.80
C SER A 57 -5.26 12.26 -18.24
N ASP A 58 -5.29 11.15 -17.53
CA ASP A 58 -6.56 10.64 -16.93
C ASP A 58 -7.20 11.71 -16.05
N TYR A 59 -6.37 12.41 -15.33
CA TYR A 59 -6.76 13.49 -14.42
C TYR A 59 -6.79 14.84 -15.09
N ASN A 60 -6.55 14.98 -16.38
CA ASN A 60 -6.58 16.32 -16.99
C ASN A 60 -5.58 17.25 -16.32
N ILE A 61 -4.36 16.77 -16.10
CA ILE A 61 -3.28 17.62 -15.54
C ILE A 61 -2.59 18.28 -16.73
N GLN A 62 -2.64 19.57 -16.85
CA GLN A 62 -2.07 20.32 -18.00
C GLN A 62 -0.74 20.97 -17.58
N LYS A 63 0.04 21.51 -18.58
CA LYS A 63 1.33 22.10 -18.24
C LYS A 63 1.17 23.16 -17.17
N GLU A 64 2.22 23.18 -16.36
CA GLU A 64 2.37 24.09 -15.26
C GLU A 64 1.44 23.96 -14.10
N SER A 65 0.81 22.79 -14.03
CA SER A 65 -0.07 22.42 -12.91
C SER A 65 0.84 22.18 -11.68
N THR A 66 0.25 22.25 -10.50
CA THR A 66 0.96 21.97 -9.25
C THR A 66 0.29 20.77 -8.56
N LEU A 67 1.06 19.74 -8.22
CA LEU A 67 0.49 18.62 -7.46
C LEU A 67 0.98 18.81 -6.00
N HIS A 68 0.26 18.31 -5.06
CA HIS A 68 0.72 18.43 -3.66
C HIS A 68 1.24 17.05 -3.26
N LEU A 69 2.38 17.02 -2.60
CA LEU A 69 2.96 15.77 -2.10
C LEU A 69 2.83 15.67 -0.60
N VAL A 70 2.10 14.73 -0.09
CA VAL A 70 2.03 14.52 1.38
C VAL A 70 2.81 13.21 1.60
N LEU A 71 3.60 13.15 2.65
CA LEU A 71 4.36 11.93 2.95
C LEU A 71 3.61 11.09 3.95
N ARG A 72 3.55 9.80 3.73
N ARG A 72 3.46 9.80 3.70
N ARG A 72 3.57 9.79 3.76
N ARG A 72 3.55 9.79 3.75
CA ARG A 72 2.82 8.91 4.66
CA ARG A 72 2.70 8.92 4.60
CA ARG A 72 2.88 8.89 4.69
CA ARG A 72 2.85 8.90 4.70
C ARG A 72 3.47 9.11 6.02
C ARG A 72 2.49 7.61 3.81
C ARG A 72 3.91 7.84 5.10
C ARG A 72 3.90 7.91 5.18
N LEU A 73 4.76 9.13 6.15
N LEU A 73 1.68 6.71 4.24
N LEU A 73 3.94 7.38 6.31
N LEU A 73 4.08 7.71 6.45
CA LEU A 73 5.38 9.32 7.47
CA LEU A 73 1.50 5.46 3.48
CA LEU A 73 4.95 6.37 6.69
CA LEU A 73 5.12 6.75 6.90
C LEU A 73 6.60 10.24 7.36
C LEU A 73 0.16 4.81 3.83
C LEU A 73 4.56 5.70 8.01
C LEU A 73 4.49 5.38 7.12
N ARG A 74 6.51 11.34 8.09
N ARG A 74 -0.42 4.18 2.82
N ARG A 74 4.47 6.54 9.02
N ARG A 74 5.32 4.47 7.60
CA ARG A 74 7.58 12.35 8.10
CA ARG A 74 -1.72 3.52 2.96
CA ARG A 74 4.12 6.10 10.37
CA ARG A 74 4.92 3.08 7.86
C ARG A 74 8.86 11.72 8.63
C ARG A 74 -1.78 2.35 1.99
C ARG A 74 5.24 5.23 10.92
C ARG A 74 5.69 2.56 9.07
N GLY A 75 8.70 10.91 9.66
N GLY A 75 -2.48 1.30 2.41
N GLY A 75 4.85 4.22 11.68
N GLY A 75 5.19 1.46 9.62
CA GLY A 75 9.80 10.20 10.31
CA GLY A 75 -2.65 0.08 1.64
CA GLY A 75 5.76 3.27 12.31
CA GLY A 75 5.76 0.81 10.78
C GLY A 75 10.35 9.01 9.54
C GLY A 75 -3.91 -0.71 1.96
C GLY A 75 6.21 2.13 11.42
C GLY A 75 5.83 -0.70 10.71
N GLY A 76 11.46 8.52 10.05
N GLY A 76 -4.21 -1.61 1.04
N GLY A 76 7.02 1.29 12.02
N GLY A 76 6.68 -1.24 11.55
CA GLY A 76 12.19 7.37 9.51
CA GLY A 76 -5.37 -2.52 1.11
CA GLY A 76 7.58 0.08 11.40
CA GLY A 76 6.93 -2.68 11.70
C GLY A 76 11.99 6.17 10.46
C GLY A 76 -4.94 -3.89 0.58
C GLY A 76 6.43 -0.80 10.90
C GLY A 76 5.58 -3.41 11.64
N MET B 1 11.41 -4.41 8.25
N MET B 1 -10.82 -14.06 -2.09
N MET B 1 -1.60 -5.63 9.63
N MET B 1 -2.91 -2.84 18.57
CA MET B 1 11.76 -3.00 7.96
CA MET B 1 -10.64 -12.62 -1.86
CA MET B 1 -0.96 -4.57 8.82
CA MET B 1 -1.71 -2.28 17.93
C MET B 1 12.25 -2.95 6.50
C MET B 1 -12.03 -11.96 -2.04
C MET B 1 -1.84 -4.38 7.56
C MET B 1 -1.35 -0.99 18.70
N GLN B 2 12.01 -1.82 5.90
N GLN B 2 -12.21 -10.90 -1.31
N GLN B 2 -1.82 -3.17 7.08
N GLN B 2 -0.09 -0.71 18.71
CA GLN B 2 12.47 -1.64 4.49
CA GLN B 2 -13.50 -10.15 -1.43
CA GLN B 2 -2.60 -2.88 5.84
CA GLN B 2 0.38 0.55 19.39
C GLN B 2 13.88 -1.04 4.51
C GLN B 2 -13.36 -9.07 -2.49
C GLN B 2 -1.70 -3.09 4.62
C GLN B 2 0.41 1.68 18.38
N ILE B 3 14.71 -1.55 3.63
N ILE B 3 -14.40 -8.94 -3.29
N ILE B 3 -2.27 -3.70 3.60
N ILE B 3 -0.05 2.84 18.82
CA ILE B 3 16.06 -0.97 3.42
CA ILE B 3 -14.45 -7.84 -4.29
CA ILE B 3 -1.56 -3.84 2.31
CA ILE B 3 0.05 4.06 17.99
C ILE B 3 16.22 -0.80 1.89
C ILE B 3 -15.85 -7.19 -4.10
C ILE B 3 -2.58 -3.37 1.22
C ILE B 3 0.65 5.16 18.93
N PHE B 4 17.19 0.02 1.55
N PHE B 4 -15.95 -5.99 -4.64
N PHE B 4 -2.01 -3.08 0.07
N PHE B 4 1.15 6.19 18.28
CA PHE B 4 17.43 0.24 0.08
CA PHE B 4 -17.27 -5.28 -4.53
CA PHE B 4 -2.91 -2.63 -1.05
CA PHE B 4 1.73 7.30 19.11
C PHE B 4 18.80 -0.28 -0.28
C PHE B 4 -17.84 -5.09 -5.91
C PHE B 4 -2.87 -3.64 -2.16
C PHE B 4 0.92 8.55 18.91
N VAL B 5 19.00 -0.93 -1.42
N VAL B 5 -19.14 -5.25 -6.13
N VAL B 5 -3.96 -3.98 -2.82
N VAL B 5 0.64 9.35 19.92
CA VAL B 5 20.33 -1.37 -1.82
CA VAL B 5 -19.73 -4.99 -7.43
CA VAL B 5 -3.94 -4.89 -3.94
CA VAL B 5 -0.07 10.61 19.73
C VAL B 5 20.62 -0.62 -3.15
C VAL B 5 -20.75 -3.84 -7.20
C VAL B 5 -4.44 -4.07 -5.16
C VAL B 5 0.91 11.72 20.17
N LYS B 6 21.58 0.25 -3.14
N LYS B 6 -20.50 -2.71 -7.78
N LYS B 6 -3.59 -3.85 -6.11
N LYS B 6 1.33 12.53 19.27
CA LYS B 6 21.90 1.04 -4.37
CA LYS B 6 -21.41 -1.54 -7.57
CA LYS B 6 -3.99 -3.03 -7.30
CA LYS B 6 2.32 13.61 19.61
C LYS B 6 23.00 0.33 -5.11
C LYS B 6 -22.38 -1.50 -8.71
C LYS B 6 -4.43 -3.96 -8.38
C LYS B 6 1.55 14.87 19.89
N THR B 7 22.81 0.06 -6.42
N THR B 7 -23.70 -1.44 -8.40
N THR B 7 -5.65 -3.74 -8.95
N THR B 7 1.82 15.50 21.07
CA THR B 7 23.85 -0.62 -7.20
CA THR B 7 -24.71 -1.40 -9.47
CA THR B 7 -6.14 -4.62 -10.02
CA THR B 7 1.11 16.74 21.41
C THR B 7 24.64 0.41 -8.01
C THR B 7 -25.18 0.04 -9.68
C THR B 7 -5.91 -3.94 -11.37
C THR B 7 2.00 17.94 21.09
N LEU B 8 25.72 0.01 -8.63
N LEU B 8 -25.94 0.30 -10.71
N LEU B 8 -6.12 -4.65 -12.46
N LEU B 8 1.47 19.15 21.16
CA LEU B 8 26.56 0.96 -9.39
CA LEU B 8 -26.39 1.68 -11.01
CA LEU B 8 -5.87 -4.08 -13.80
CA LEU B 8 2.26 20.35 20.83
C LEU B 8 25.92 1.37 -10.70
C LEU B 8 -27.46 2.16 -10.04
C LEU B 8 -6.92 -3.08 -14.21
C LEU B 8 3.27 20.69 21.91
N THR B 9 24.79 0.74 -11.08
N THR B 9 -27.96 1.26 -9.17
N THR B 9 -8.00 -2.92 -13.42
N THR B 9 3.23 19.99 23.05
CA THR B 9 24.20 1.19 -12.38
CA THR B 9 -29.02 1.79 -8.24
CA THR B 9 -9.01 -1.91 -13.86
CA THR B 9 4.27 20.37 24.08
C THR B 9 23.03 2.11 -12.19
C THR B 9 -28.48 2.08 -6.88
C THR B 9 -8.88 -0.62 -13.11
C THR B 9 5.42 19.41 24.11
N GLY B 10 22.87 2.64 -11.01
N GLY B 10 -27.19 2.14 -6.74
N GLY B 10 -7.80 -0.41 -12.43
N GLY B 10 5.56 18.60 23.10
CA GLY B 10 21.80 3.55 -10.68
CA GLY B 10 -26.53 2.41 -5.48
CA GLY B 10 -7.55 0.78 -11.66
CA GLY B 10 6.62 17.63 22.99
C GLY B 10 20.45 2.93 -10.45
C GLY B 10 -26.45 1.27 -4.52
C GLY B 10 -8.24 0.88 -10.34
C GLY B 10 6.47 16.39 23.81
N LYS B 11 20.43 1.64 -10.24
N LYS B 11 -26.67 0.08 -5.00
N LYS B 11 -8.74 -0.23 -9.85
N LYS B 11 5.27 16.14 24.27
CA LYS B 11 19.22 0.92 -9.89
CA LYS B 11 -26.53 -1.13 -4.21
CA LYS B 11 -9.35 -0.31 -8.54
CA LYS B 11 4.96 14.91 24.99
C LYS B 11 19.23 0.81 -8.35
C LYS B 11 -25.12 -1.66 -4.52
C LYS B 11 -8.23 -0.81 -7.60
C LYS B 11 4.35 13.96 23.93
N THR B 12 18.08 1.02 -7.74
N THR B 12 -24.40 -2.11 -3.49
N THR B 12 -8.15 -0.23 -6.41
N THR B 12 4.74 12.70 23.99
CA THR B 12 18.04 0.84 -6.27
CA THR B 12 -23.09 -2.70 -3.78
CA THR B 12 -7.15 -0.76 -5.46
CA THR B 12 4.11 11.75 23.05
C THR B 12 17.01 -0.26 -6.01
C THR B 12 -23.16 -4.14 -3.28
C THR B 12 -7.94 -1.21 -4.24
C THR B 12 3.42 10.70 23.92
N ILE B 13 17.39 -1.24 -5.18
N ILE B 13 -22.72 -5.09 -4.13
N ILE B 13 -7.64 -2.42 -3.77
N ILE B 13 2.17 10.40 23.58
CA ILE B 13 16.37 -2.30 -4.93
CA ILE B 13 -22.79 -6.48 -3.62
CA ILE B 13 -8.42 -2.84 -2.57
CA ILE B 13 1.51 9.36 24.43
C ILE B 13 15.87 -2.17 -3.53
C ILE B 13 -21.39 -6.98 -3.35
C ILE B 13 -7.49 -2.87 -1.37
C ILE B 13 1.34 8.11 23.63
N THR B 14 14.59 -2.38 -3.31
N THR B 14 -21.20 -7.73 -2.30
N THR B 14 -7.98 -2.47 -0.22
N THR B 14 1.52 6.96 24.24
CA THR B 14 14.11 -2.30 -1.89
CA THR B 14 -19.81 -8.26 -2.06
CA THR B 14 -7.07 -2.53 0.96
CA THR B 14 1.31 5.71 23.43
C THR B 14 13.96 -3.70 -1.35
C THR B 14 -19.76 -9.68 -2.53
C THR B 14 -7.43 -3.76 1.77
C THR B 14 -0.04 5.15 23.79
N LEU B 15 14.34 -3.95 -0.11
N LEU B 15 -18.69 -10.11 -3.17
N LEU B 15 -6.45 -4.48 2.29
N LEU B 15 -0.80 4.66 22.82
CA LEU B 15 14.25 -5.26 0.48
CA LEU B 15 -18.56 -11.46 -3.67
CA LEU B 15 -6.71 -5.67 3.06
CA LEU B 15 -2.12 4.12 23.06
C LEU B 15 13.46 -5.15 1.80
C LEU B 15 -17.25 -12.05 -3.14
C LEU B 15 -5.98 -5.54 4.41
C LEU B 15 -2.17 2.70 22.47
N GLU B 16 12.85 -6.25 2.17
N GLU B 16 -17.22 -13.35 -3.03
N GLU B 16 -6.51 -6.23 5.40
N GLU B 16 -3.03 1.89 23.03
CA GLU B 16 12.18 -6.22 3.52
CA GLU B 16 -15.92 -13.98 -2.65
CA GLU B 16 -5.76 -6.24 6.69
CA GLU B 16 -3.22 0.54 22.41
C GLU B 16 13.01 -7.18 4.33
C GLU B 16 -15.50 -14.73 -3.90
C GLU B 16 -5.28 -7.67 6.82
C GLU B 16 -4.63 0.60 21.85
N VAL B 17 13.55 -6.62 5.40
N VAL B 17 -14.33 -14.33 -4.36
N VAL B 17 -3.96 -7.76 6.90
N VAL B 17 -4.67 0.40 20.54
CA VAL B 17 14.42 -7.36 6.32
CA VAL B 17 -13.76 -14.90 -5.59
CA VAL B 17 -3.27 -9.05 6.98
CA VAL B 17 -5.93 0.47 19.79
C VAL B 17 14.11 -7.02 7.79
C VAL B 17 -12.25 -15.13 -5.44
C VAL B 17 -2.12 -9.00 8.00
C VAL B 17 -6.00 -0.65 18.74
N GLU B 18 14.74 -7.82 8.62
N GLU B 18 -11.75 -15.81 -6.45
N GLU B 18 -1.62 -10.20 8.23
N GLU B 18 -7.19 -0.74 18.18
CA GLU B 18 14.72 -7.64 10.07
CA GLU B 18 -10.33 -16.08 -6.61
CA GLU B 18 -0.44 -10.43 9.07
CA GLU B 18 -7.50 -1.64 17.08
C GLU B 18 16.17 -7.44 10.50
C GLU B 18 -9.92 -15.45 -7.94
C GLU B 18 0.59 -11.10 8.17
C GLU B 18 -7.97 -0.76 15.93
N PRO B 19 16.39 -6.60 11.50
N PRO B 19 -8.72 -14.92 -8.00
N PRO B 19 1.85 -10.79 8.39
N PRO B 19 -7.64 -1.13 14.71
CA PRO B 19 17.73 -6.35 12.03
CA PRO B 19 -8.18 -14.33 -9.24
CA PRO B 19 2.96 -11.40 7.63
CA PRO B 19 -8.06 -0.41 13.51
C PRO B 19 18.42 -7.63 12.46
C PRO B 19 -8.24 -15.29 -10.40
C PRO B 19 2.92 -12.91 7.70
C PRO B 19 -9.56 -0.23 13.47
N SER B 20 17.63 -8.65 12.77
N SER B 20 -8.25 -16.58 -10.11
N SER B 20 2.31 -13.44 8.75
N SER B 20 -10.29 -1.11 14.12
CA SER B 20 18.22 -9.91 13.24
CA SER B 20 -8.25 -17.58 -11.18
CA SER B 20 2.29 -14.90 8.92
CA SER B 20 -11.75 -1.06 14.08
C SER B 20 18.74 -10.74 12.09
C SER B 20 -9.62 -17.76 -11.76
C SER B 20 1.22 -15.53 8.07
C SER B 20 -12.29 0.00 15.02
N ASP B 21 18.45 -10.30 10.86
N ASP B 21 -10.63 -17.15 -11.12
N ASP B 21 0.38 -14.70 7.43
N ASP B 21 -11.40 0.57 15.85
CA ASP B 21 18.94 -11.11 9.71
CA ASP B 21 -12.00 -17.33 -11.67
CA ASP B 21 -0.68 -15.31 6.60
CA ASP B 21 -11.91 1.58 16.80
C ASP B 21 20.43 -10.98 9.60
C ASP B 21 -12.14 -16.59 -12.98
C ASP B 21 -0.08 -15.92 5.35
C ASP B 21 -12.28 2.84 16.05
N THR B 22 21.07 -12.05 9.12
N THR B 22 -12.96 -17.13 -13.86
N THR B 22 -0.70 -16.98 4.88
N THR B 22 -13.27 3.54 16.55
CA THR B 22 22.49 -12.04 8.87
CA THR B 22 -13.27 -16.49 -15.12
CA THR B 22 -0.30 -17.63 3.65
CA THR B 22 -13.69 4.82 16.01
C THR B 22 22.73 -11.43 7.46
C THR B 22 -14.40 -15.47 -14.87
C THR B 22 -0.95 -16.86 2.47
C THR B 22 -12.79 5.91 16.60
N ILE B 23 23.98 -11.00 7.29
N ILE B 23 -14.49 -14.54 -15.83
N ILE B 23 -0.35 -17.09 1.31
N ILE B 23 -12.79 7.04 15.88
CA ILE B 23 24.41 -10.48 5.99
CA ILE B 23 -15.56 -13.54 -15.82
CA ILE B 23 -0.87 -16.54 0.07
CA ILE B 23 -12.05 8.22 16.33
C ILE B 23 24.29 -11.56 4.92
C ILE B 23 -16.92 -14.22 -15.91
C ILE B 23 -2.28 -17.07 -0.21
C ILE B 23 -12.60 8.70 17.68
N GLU B 24 24.59 -12.78 5.28
N GLU B 24 -16.99 -15.28 -16.69
N GLU B 24 -2.50 -18.32 0.12
N GLU B 24 -13.91 8.61 17.84
CA GLU B 24 24.43 -13.92 4.31
CA GLU B 24 -18.27 -16.06 -16.78
CA GLU B 24 -3.86 -18.92 -0.03
CA GLU B 24 -14.53 8.99 19.15
C GLU B 24 23.01 -14.00 3.80
C GLU B 24 -18.71 -16.54 -15.43
C GLU B 24 -4.89 -18.14 0.75
C GLU B 24 -13.93 8.19 20.28
N ASN B 25 22.05 -13.78 4.68
N ASN B 25 -17.76 -16.99 -14.62
N ASN B 25 -4.51 -17.72 1.95
N ASN B 25 -13.71 6.91 20.05
CA ASN B 25 20.61 -13.83 4.38
CA ASN B 25 -18.00 -17.51 -13.27
CA ASN B 25 -5.37 -16.96 2.87
CA ASN B 25 -13.14 5.97 21.03
C ASN B 25 20.21 -12.71 3.42
C ASN B 25 -18.52 -16.42 -12.34
C ASN B 25 -5.70 -15.58 2.29
C ASN B 25 -11.70 6.35 21.39
N VAL B 26 20.73 -11.53 3.72
N VAL B 26 -17.86 -15.27 -12.43
N VAL B 26 -4.66 -14.95 1.77
N VAL B 26 -10.94 6.66 20.34
CA VAL B 26 20.46 -10.36 2.88
CA VAL B 26 -18.26 -14.13 -11.63
CA VAL B 26 -4.82 -13.62 1.17
CA VAL B 26 -9.56 7.06 20.53
C VAL B 26 20.94 -10.65 1.46
C VAL B 26 -19.71 -13.77 -11.92
C VAL B 26 -5.84 -13.72 0.03
C VAL B 26 -9.50 8.29 21.44
N LYS B 27 22.15 -11.19 1.35
N LYS B 27 -20.05 -13.73 -13.20
N LYS B 27 -5.68 -14.74 -0.81
N LYS B 27 -10.37 9.26 21.15
CA LYS B 27 22.71 -11.50 0.04
CA LYS B 27 -21.42 -13.40 -13.61
CA LYS B 27 -6.59 -14.93 -1.94
CA LYS B 27 -10.41 10.49 21.95
C LYS B 27 21.85 -12.51 -0.69
C LYS B 27 -22.41 -14.42 -13.06
C LYS B 27 -8.03 -15.14 -1.45
C LYS B 27 -10.76 10.19 23.39
N ALA B 28 21.29 -13.48 0.01
N ALA B 28 -22.03 -15.69 -13.02
N ALA B 28 -8.21 -15.84 -0.35
N ALA B 28 -11.64 9.24 23.63
CA ALA B 28 20.39 -14.46 -0.59
CA ALA B 28 -22.89 -16.73 -12.44
CA ALA B 28 -9.55 -16.04 0.23
CA ALA B 28 -11.99 8.82 24.99
C ALA B 28 19.10 -13.81 -1.07
C ALA B 28 -23.05 -16.54 -10.94
C ALA B 28 -10.11 -14.73 0.75
C ALA B 28 -10.81 8.17 25.69
N LYS B 29 18.57 -12.84 -0.33
N LYS B 29 -22.03 -16.11 -10.23
N LYS B 29 -9.31 -13.86 1.33
N LYS B 29 -10.02 7.37 24.99
CA LYS B 29 17.37 -12.11 -0.78
CA LYS B 29 -22.15 -15.82 -8.79
CA LYS B 29 -9.78 -12.53 1.77
CA LYS B 29 -8.81 6.77 25.58
C LYS B 29 17.66 -11.31 -2.06
C LYS B 29 -23.12 -14.65 -8.55
C LYS B 29 -10.22 -11.68 0.57
C LYS B 29 -7.79 7.86 25.97
N ILE B 30 18.87 -10.76 -2.14
N ILE B 30 -23.05 -13.66 -9.45
N ILE B 30 -9.49 -11.82 -0.53
N ILE B 30 -7.71 8.89 25.13
CA ILE B 30 19.25 -9.98 -3.33
CA ILE B 30 -23.94 -12.50 -9.30
CA ILE B 30 -9.84 -11.04 -1.73
CA ILE B 30 -6.76 9.99 25.42
C ILE B 30 19.39 -10.97 -4.48
C ILE B 30 -25.37 -12.97 -9.60
C ILE B 30 -11.15 -11.63 -2.27
C ILE B 30 -7.31 10.74 26.65
N GLN B 31 19.95 -12.14 -4.24
N GLN B 31 -25.55 -13.83 -10.56
N GLN B 31 -11.32 -12.93 -2.24
N GLN B 31 -8.60 10.93 26.73
CA GLN B 31 20.07 -13.11 -5.37
CA GLN B 31 -26.94 -14.31 -10.84
CA GLN B 31 -12.62 -13.49 -2.75
CA GLN B 31 -9.14 11.64 27.93
C GLN B 31 18.67 -13.48 -5.87
C GLN B 31 -27.47 -15.05 -9.61
C GLN B 31 -13.76 -12.96 -1.89
C GLN B 31 -8.82 10.83 29.20
N ASP B 32 17.83 -13.81 -4.92
N ASP B 32 -26.64 -15.95 -9.13
N ASP B 32 -13.55 -13.07 -0.59
N ASP B 32 -9.11 9.56 29.10
CA ASP B 32 16.43 -14.18 -5.23
CA ASP B 32 -26.98 -16.73 -7.93
CA ASP B 32 -14.58 -12.59 0.37
CA ASP B 32 -8.86 8.62 30.22
C ASP B 32 15.75 -13.12 -6.06
C ASP B 32 -27.38 -15.85 -6.77
C ASP B 32 -14.96 -11.15 0.12
C ASP B 32 -7.41 8.69 30.67
N LYS B 33 15.97 -11.83 -5.73
N LYS B 33 -26.66 -14.73 -6.56
N LYS B 33 -13.96 -10.28 -0.20
N LYS B 33 -6.46 8.76 29.70
CA LYS B 33 15.21 -10.81 -6.49
CA LYS B 33 -27.01 -13.93 -5.36
CA LYS B 33 -14.35 -8.86 -0.34
CA LYS B 33 -5.05 8.72 30.16
C LYS B 33 15.88 -10.22 -7.68
C LYS B 33 -27.96 -12.81 -5.55
C LYS B 33 -14.67 -8.40 -1.72
C LYS B 33 -4.38 10.02 30.39
N GLU B 34 17.17 -10.18 -7.82
N GLU B 34 -28.15 -12.22 -6.71
N GLU B 34 -14.22 -8.97 -2.79
N GLU B 34 -4.75 11.13 29.81
CA GLU B 34 17.87 -9.63 -8.96
CA GLU B 34 -29.07 -11.13 -6.94
CA GLU B 34 -14.51 -8.56 -4.15
CA GLU B 34 -4.13 12.43 30.00
C GLU B 34 18.80 -10.60 -9.64
C GLU B 34 -30.08 -11.40 -8.04
C GLU B 34 -15.11 -9.64 -5.01
C GLU B 34 -5.08 13.49 30.46
N GLY B 35 18.99 -11.78 -9.07
N GLY B 35 -29.93 -12.52 -8.73
N GLY B 35 -15.20 -10.86 -4.49
N GLY B 35 -6.37 13.19 30.51
CA GLY B 35 19.79 -12.81 -9.66
CA GLY B 35 -30.87 -12.94 -9.75
CA GLY B 35 -15.82 -11.95 -5.18
CA GLY B 35 -7.37 14.09 31.00
C GLY B 35 21.26 -12.74 -9.50
C GLY B 35 -30.76 -12.35 -11.09
C GLY B 35 -15.04 -12.69 -6.20
C GLY B 35 -7.88 15.15 30.10
N ILE B 36 21.76 -11.79 -8.70
N ILE B 36 -29.72 -11.53 -11.34
N ILE B 36 -13.75 -12.36 -6.37
N ILE B 36 -7.48 15.14 28.82
CA ILE B 36 23.22 -11.71 -8.52
CA ILE B 36 -29.59 -10.94 -12.68
CA ILE B 36 -12.96 -13.08 -7.38
CA ILE B 36 -7.98 16.16 27.90
C ILE B 36 23.70 -12.73 -7.51
C ILE B 36 -28.99 -11.93 -13.66
C ILE B 36 -12.51 -14.43 -6.87
C ILE B 36 -9.38 15.83 27.41
N PRO B 37 24.65 -13.57 -7.90
N PRO B 37 -29.68 -12.18 -14.77
N PRO B 37 -12.82 -15.49 -7.59
N PRO B 37 -10.32 16.74 27.60
CA PRO B 37 25.24 -14.59 -7.01
CA PRO B 37 -29.20 -13.08 -15.83
CA PRO B 37 -12.42 -16.86 -7.24
CA PRO B 37 -11.72 16.57 27.15
C PRO B 37 25.83 -13.96 -5.76
C PRO B 37 -27.85 -12.66 -16.35
C PRO B 37 -10.91 -16.96 -7.10
C PRO B 37 -11.77 16.31 25.65
N PRO B 38 25.61 -14.52 -4.60
N PRO B 38 -26.94 -13.56 -16.56
N PRO B 38 -10.41 -17.63 -6.10
N PRO B 38 -12.56 15.38 25.19
CA PRO B 38 26.15 -13.93 -3.37
CA PRO B 38 -25.60 -13.18 -17.05
CA PRO B 38 -8.94 -17.74 -5.93
CA PRO B 38 -12.64 15.09 23.75
C PRO B 38 27.65 -13.75 -3.39
C PRO B 38 -25.63 -12.43 -18.35
C PRO B 38 -8.25 -18.34 -7.12
C PRO B 38 -13.00 16.29 22.91
N ASP B 39 28.36 -14.62 -4.06
N ASP B 39 -26.58 -12.71 -19.21
N ASP B 39 -8.89 -19.23 -7.83
N ASP B 39 -13.79 17.19 23.43
CA ASP B 39 29.85 -14.55 -4.09
CA ASP B 39 -26.65 -12.04 -20.54
CA ASP B 39 -8.25 -19.91 -8.99
CA ASP B 39 -14.24 18.37 22.66
C ASP B 39 30.35 -13.32 -4.85
C ASP B 39 -26.99 -10.56 -20.42
C ASP B 39 -8.00 -18.96 -10.14
C ASP B 39 -13.09 19.33 22.36
N GLN B 40 29.47 -12.71 -5.62
N GLN B 40 -27.47 -10.16 -19.27
N GLN B 40 -8.64 -17.80 -10.12
N GLN B 40 -11.99 19.18 23.07
CA GLN B 40 29.89 -11.49 -6.37
CA GLN B 40 -27.80 -8.72 -19.07
CA GLN B 40 -8.43 -16.81 -11.19
CA GLN B 40 -10.82 20.05 22.82
C GLN B 40 29.50 -10.20 -5.62
C GLN B 40 -26.64 -7.95 -18.39
C GLN B 40 -7.37 -15.76 -10.81
C GLN B 40 -9.79 19.41 21.87
N GLN B 41 28.72 -10.30 -4.57
N GLN B 41 -25.65 -8.65 -17.88
N GLN B 41 -6.97 -15.72 -9.55
N GLN B 41 -9.96 18.14 21.58
CA GLN B 41 28.26 -9.16 -3.81
CA GLN B 41 -24.55 -8.07 -17.17
CA GLN B 41 -6.01 -14.76 -9.06
CA GLN B 41 -9.05 17.39 20.74
C GLN B 41 29.19 -8.67 -2.73
C GLN B 41 -23.40 -7.57 -18.04
C GLN B 41 -4.55 -15.11 -9.25
C GLN B 41 -9.29 17.50 19.25
N ARG B 42 29.43 -7.36 -2.77
N ARG B 42 -23.02 -6.33 -17.78
N ARG B 42 -3.82 -14.14 -9.80
N ARG B 42 -8.21 17.81 18.53
CA ARG B 42 30.19 -6.68 -1.67
CA ARG B 42 -21.79 -5.74 -18.42
CA ARG B 42 -2.33 -14.26 -9.89
CA ARG B 42 -8.24 17.78 17.04
C ARG B 42 29.24 -5.63 -1.13
C ARG B 42 -20.89 -5.36 -17.27
C ARG B 42 -1.79 -13.06 -9.14
C ARG B 42 -7.16 16.80 16.64
N LEU B 43 28.81 -5.72 0.12
N LEU B 43 -19.72 -5.97 -17.12
N LEU B 43 -1.08 -13.26 -8.04
N LEU B 43 -7.51 15.68 16.01
CA LEU B 43 27.83 -4.75 0.67
CA LEU B 43 -18.83 -5.66 -15.97
CA LEU B 43 -0.58 -12.11 -7.23
CA LEU B 43 -6.48 14.66 15.67
C LEU B 43 28.56 -3.75 1.58
C LEU B 43 -17.69 -4.77 -16.42
C LEU B 43 0.91 -11.90 -7.50
C LEU B 43 -6.16 14.74 14.17
N ILE B 44 28.30 -2.47 1.35
N ILE B 44 -17.47 -3.68 -15.69
N ILE B 44 1.26 -10.65 -7.79
N ILE B 44 -4.87 14.79 13.86
CA ILE B 44 28.94 -1.39 2.09
CA ILE B 44 -16.44 -2.69 -16.01
CA ILE B 44 2.64 -10.28 -8.12
CA ILE B 44 -4.39 14.92 12.50
C ILE B 44 27.92 -0.49 2.77
C ILE B 44 -15.45 -2.51 -14.86
C ILE B 44 3.18 -9.21 -7.17
C ILE B 44 -3.46 13.78 12.11
N PHE B 45 28.20 -0.23 4.08
N PHE B 45 -14.14 -2.55 -15.24
N PHE B 45 4.41 -9.48 -6.67
N PHE B 45 -3.75 13.20 10.91
CA PHE B 45 27.34 0.67 4.88
CA PHE B 45 -13.06 -2.33 -14.27
CA PHE B 45 5.11 -8.52 -5.78
CA PHE B 45 -2.93 12.12 10.36
C PHE B 45 28.30 1.42 5.82
C PHE B 45 -11.97 -1.57 -15.04
C PHE B 45 6.60 -8.64 -6.15
C PHE B 45 -2.91 12.34 8.83
N ALA B 46 28.12 2.72 5.79
N ALA B 46 -11.57 -0.51 -14.40
N ALA B 46 7.14 -7.47 -6.37
N ALA B 46 -1.70 12.32 8.35
CA ALA B 46 28.86 3.66 6.64
CA ALA B 46 -10.49 0.37 -14.89
CA ALA B 46 8.58 -7.29 -6.69
CA ALA B 46 -1.40 12.47 6.90
C ALA B 46 30.35 3.37 6.58
C ALA B 46 -10.70 0.74 -16.36
C ALA B 46 9.02 -8.27 -7.77
C ALA B 46 -2.16 13.63 6.31
N GLY B 47 30.82 3.18 5.38
N GLY B 47 -11.92 1.09 -16.64
N GLY B 47 8.20 -8.34 -8.79
N GLY B 47 -2.10 14.72 7.02
CA GLY B 47 32.16 2.88 4.98
CA GLY B 47 -12.46 1.47 -17.92
CA GLY B 47 8.32 -9.15 -9.96
CA GLY B 47 -2.71 16.00 6.75
C GLY B 47 32.76 1.59 5.50
C GLY B 47 -12.43 0.45 -19.02
C GLY B 47 8.31 -10.65 -9.78
C GLY B 47 -4.21 16.05 6.68
N LYS B 48 31.96 0.65 5.89
N LYS B 48 -12.33 -0.80 -18.69
N LYS B 48 7.79 -11.13 -8.67
N LYS B 48 -4.89 15.10 7.27
CA LYS B 48 32.45 -0.66 6.36
CA LYS B 48 -12.34 -1.89 -19.69
CA LYS B 48 7.71 -12.57 -8.41
CA LYS B 48 -6.36 15.08 7.30
C LYS B 48 31.95 -1.71 5.35
C LYS B 48 -13.62 -2.72 -19.44
C LYS B 48 6.20 -12.93 -8.35
C LYS B 48 -6.78 15.22 8.77
N GLN B 49 32.74 -2.71 5.07
N GLN B 49 -14.25 -3.19 -20.48
N GLN B 49 5.83 -14.07 -8.86
N GLN B 49 -7.85 15.94 9.03
CA GLN B 49 32.28 -3.82 4.20
CA GLN B 49 -15.42 -4.10 -20.31
CA GLN B 49 4.41 -14.51 -8.73
CA GLN B 49 -8.38 16.02 10.41
C GLN B 49 31.57 -4.78 5.17
C GLN B 49 -14.78 -5.48 -20.18
C GLN B 49 4.37 -15.20 -7.37
C GLN B 49 -9.28 14.80 10.54
N LEU B 50 30.36 -5.19 4.85
N LEU B 50 -15.15 -6.24 -19.16
N LEU B 50 3.43 -14.86 -6.53
N LEU B 50 -9.13 14.01 11.58
CA LEU B 50 29.57 -6.04 5.76
CA LEU B 50 -14.54 -7.55 -18.89
CA LEU B 50 3.35 -15.40 -5.16
CA LEU B 50 -9.88 12.76 11.74
C LEU B 50 30.03 -7.48 5.66
C LEU B 50 -15.14 -8.60 -19.83
C LEU B 50 2.75 -16.80 -5.19
C LEU B 50 -11.28 13.06 12.26
N GLU B 51 30.12 -8.17 6.81
N GLU B 51 -14.28 -9.48 -20.36
N GLU B 51 3.30 -17.71 -4.38
N GLU B 51 -12.29 12.37 11.71
CA GLU B 51 30.61 -9.56 6.80
CA GLU B 51 -14.78 -10.51 -21.30
CA GLU B 51 2.80 -19.10 -4.39
CA GLU B 51 -13.69 12.65 12.13
C GLU B 51 29.45 -10.52 6.92
C GLU B 51 -14.92 -11.83 -20.61
C GLU B 51 1.93 -19.34 -3.19
C GLU B 51 -14.16 11.59 13.08
N ASP B 52 29.44 -11.62 6.21
N ASP B 52 -15.96 -12.60 -20.88
N ASP B 52 0.84 -20.06 -3.31
N ASP B 52 -14.89 11.93 14.11
CA ASP B 52 28.36 -12.59 6.16
CA ASP B 52 -16.28 -13.86 -20.23
CA ASP B 52 -0.15 -20.29 -2.26
CA ASP B 52 -15.35 11.03 15.17
C ASP B 52 27.71 -13.10 7.43
C ASP B 52 -15.22 -14.93 -20.04
C ASP B 52 0.28 -20.74 -0.88
C ASP B 52 -15.99 9.69 14.85
N GLY B 53 28.49 -13.41 8.44
N GLY B 53 -14.40 -15.17 -21.04
N GLY B 53 1.23 -21.64 -0.78
N GLY B 53 -16.85 9.66 13.85
CA GLY B 53 28.03 -13.97 9.72
CA GLY B 53 -13.36 -16.21 -21.03
CA GLY B 53 1.72 -22.22 0.49
CA GLY B 53 -17.60 8.46 13.45
C GLY B 53 27.50 -12.99 10.71
C GLY B 53 -12.07 -15.85 -20.37
C GLY B 53 2.73 -21.41 1.22
C GLY B 53 -16.89 7.51 12.54
N ARG B 54 27.64 -11.69 10.49
N ARG B 54 -11.87 -14.59 -19.98
N ARG B 54 3.28 -20.36 0.63
N ARG B 54 -15.71 7.87 12.02
CA ARG B 54 27.08 -10.67 11.39
CA ARG B 54 -10.65 -14.18 -19.26
CA ARG B 54 4.23 -19.46 1.31
CA ARG B 54 -14.91 6.96 11.19
C ARG B 54 25.63 -10.42 10.98
C ARG B 54 -10.89 -14.43 -17.77
C ARG B 54 3.44 -18.43 2.10
C ARG B 54 -14.06 6.09 12.10
N THR B 55 24.89 -9.77 11.83
N THR B 55 -9.83 -14.40 -17.00
N THR B 55 4.10 -17.75 3.00
N THR B 55 -13.51 5.05 11.57
CA THR B 55 23.48 -9.39 11.58
CA THR B 55 -9.88 -14.56 -15.53
CA THR B 55 3.52 -16.66 3.82
CA THR B 55 -12.59 4.13 12.30
C THR B 55 23.48 -7.87 11.28
C THR B 55 -9.67 -13.14 -14.92
C THR B 55 4.04 -15.33 3.23
C THR B 55 -11.16 4.44 11.81
N LEU B 56 22.38 -7.41 10.72
N LEU B 56 -9.99 -13.02 -13.65
N LEU B 56 3.38 -14.25 3.60
N LEU B 56 -10.18 3.96 12.55
CA LEU B 56 22.19 -5.97 10.42
CA LEU B 56 -9.79 -11.76 -12.91
CA LEU B 56 3.80 -12.89 3.19
CA LEU B 56 -8.77 4.11 12.19
C LEU B 56 22.26 -5.20 11.73
C LEU B 56 -8.30 -11.44 -12.91
C LEU B 56 5.21 -12.64 3.71
C LEU B 56 -8.53 3.42 10.85
N SER B 57 21.73 -5.79 12.83
N SER B 57 -7.43 -12.47 -12.83
N SER B 57 5.52 -13.15 4.93
N SER B 57 -9.23 2.28 10.62
CA SER B 57 21.78 -5.03 14.10
CA SER B 57 -5.99 -12.15 -12.82
CA SER B 57 6.89 -12.89 5.44
CA SER B 57 -8.99 1.59 9.32
C SER B 57 23.21 -4.79 14.56
C SER B 57 -5.54 -11.50 -14.12
C SER B 57 7.95 -13.52 4.59
C SER B 57 -9.43 2.44 8.15
N ASP B 58 24.11 -5.69 14.23
N ASP B 58 -6.20 -11.83 -15.21
N ASP B 58 7.62 -14.63 3.93
N ASP B 58 -10.42 3.28 8.35
CA ASP B 58 25.53 -5.55 14.62
CA ASP B 58 -5.84 -11.26 -16.54
CA ASP B 58 8.59 -15.33 3.05
CA ASP B 58 -10.94 4.16 7.26
C ASP B 58 26.10 -4.20 14.15
C ASP B 58 -5.87 -9.73 -16.49
C ASP B 58 9.14 -14.39 1.99
C ASP B 58 -9.79 5.01 6.68
N TYR B 59 25.70 -3.82 12.97
N TYR B 59 -6.84 -9.22 -15.79
N TYR B 59 8.27 -13.57 1.48
N TYR B 59 -8.94 5.47 7.55
CA TYR B 59 26.10 -2.58 12.33
CA TYR B 59 -7.05 -7.79 -15.59
CA TYR B 59 8.59 -12.57 0.46
CA TYR B 59 -7.77 6.27 7.21
C TYR B 59 25.16 -1.43 12.61
C TYR B 59 -6.36 -7.24 -14.36
C TYR B 59 8.98 -11.23 1.05
C TYR B 59 -6.53 5.45 6.94
N ASN B 60 24.15 -1.57 13.44
N ASN B 60 -5.58 -8.00 -13.63
N ASN B 60 9.11 -11.06 2.34
N ASN B 60 -6.57 4.13 6.94
CA ASN B 60 23.24 -0.42 13.70
CA ASN B 60 -4.91 -7.43 -12.43
CA ASN B 60 9.50 -9.73 2.87
CA ASN B 60 -5.33 3.37 6.68
C ASN B 60 22.62 0.08 12.40
C ASN B 60 -5.94 -6.88 -11.45
C ASN B 60 8.52 -8.65 2.44
C ASN B 60 -4.24 3.72 7.70
N ILE B 61 22.14 -0.82 11.58
N ILE B 61 -6.99 -7.62 -11.20
N ILE B 61 7.23 -8.94 2.56
N ILE B 61 -4.60 3.77 8.96
CA ILE B 61 21.42 -0.43 10.34
CA ILE B 61 -8.01 -7.21 -10.18
CA ILE B 61 6.18 -7.92 2.25
CA ILE B 61 -3.60 4.01 10.04
C ILE B 61 19.94 -0.29 10.72
C ILE B 61 -7.53 -7.78 -8.84
C ILE B 61 5.93 -7.17 3.55
C ILE B 61 -3.08 2.64 10.45
N GLN B 62 19.39 0.89 10.61
N GLN B 62 -7.21 -6.95 -7.89
N GLN B 62 6.21 -5.89 3.59
N GLN B 62 -1.82 2.36 10.26
CA GLN B 62 17.99 1.17 11.03
CA GLN B 62 -6.66 -7.37 -6.57
CA GLN B 62 6.07 -5.06 4.83
CA GLN B 62 -1.21 1.03 10.56
C GLN B 62 17.09 1.26 9.79
C GLN B 62 -7.76 -7.29 -5.51
C GLN B 62 4.80 -4.21 4.73
C GLN B 62 -0.42 1.12 11.86
N LYS B 63 15.78 1.31 9.97
N LYS B 63 -7.52 -7.83 -4.32
N LYS B 63 4.41 -3.57 5.82
N LYS B 63 0.02 -0.02 12.39
CA LYS B 63 14.83 1.32 8.86
CA LYS B 63 -8.51 -7.88 -3.27
CA LYS B 63 3.19 -2.79 5.87
CA LYS B 63 0.72 -0.07 13.66
C LYS B 63 15.17 2.49 7.94
C LYS B 63 -9.01 -6.46 -3.00
C LYS B 63 3.21 -1.75 4.76
C LYS B 63 1.93 0.85 13.59
N GLU B 64 14.98 2.19 6.64
N GLU B 64 -10.32 -6.43 -2.71
N GLU B 64 2.01 -1.56 4.21
N GLU B 64 2.15 1.48 14.76
CA GLU B 64 15.20 3.08 5.54
CA GLU B 64 -11.08 -5.25 -2.39
CA GLU B 64 1.71 -0.63 3.15
CA GLU B 64 3.22 2.41 15.02
C GLU B 64 16.62 3.50 5.25
C GLU B 64 -11.28 -4.24 -3.48
C GLU B 64 2.28 -0.92 1.79
C GLU B 64 3.20 3.73 14.30
N SER B 65 17.54 2.71 5.76
N SER B 65 -11.09 -4.71 -4.70
N SER B 65 2.68 -2.17 1.61
N SER B 65 2.01 4.07 13.81
CA SER B 65 18.97 2.89 5.51
CA SER B 65 -11.34 -3.91 -5.92
CA SER B 65 3.18 -2.68 0.32
CA SER B 65 1.74 5.37 13.18
C SER B 65 19.24 2.46 4.04
C SER B 65 -12.87 -3.76 -6.06
C SER B 65 1.96 -2.76 -0.64
C SER B 65 1.76 6.44 14.29
N THR B 66 20.33 2.91 3.49
N THR B 66 -13.32 -2.78 -6.80
N THR B 66 2.23 -2.80 -1.92
N THR B 66 1.94 7.68 13.92
CA THR B 66 20.74 2.51 2.13
CA THR B 66 -14.73 -2.57 -7.09
CA THR B 66 1.18 -2.97 -2.94
CA THR B 66 1.90 8.80 14.86
C THR B 66 22.09 1.81 2.23
C THR B 66 -14.95 -2.66 -8.60
C THR B 66 1.47 -4.25 -3.71
C THR B 66 0.78 9.76 14.43
N LEU B 67 22.21 0.60 1.66
N LEU B 67 -15.88 -3.52 -9.05
N LEU B 67 0.48 -5.15 -3.81
N LEU B 67 -0.14 10.08 15.34
CA LEU B 67 23.51 -0.07 1.62
CA LEU B 67 -16.20 -3.58 -10.48
CA LEU B 67 0.65 -6.35 -4.64
CA LEU B 67 -1.17 11.07 15.02
C LEU B 67 24.02 0.08 0.17
C LEU B 67 -17.54 -2.82 -10.63
C LEU B 67 -0.15 -6.08 -5.93
C LEU B 67 -0.74 12.38 15.73
N HIS B 68 25.28 0.04 -0.04
N HIS B 68 -17.81 -2.30 -11.77
N HIS B 68 0.21 -6.70 -7.00
N HIS B 68 -1.15 13.49 15.23
CA HIS B 68 25.80 0.15 -1.42
CA HIS B 68 -19.10 -1.61 -11.97
CA HIS B 68 -0.57 -6.50 -8.25
CA HIS B 68 -0.79 14.76 15.91
C HIS B 68 26.25 -1.27 -1.81
C HIS B 68 -19.95 -2.55 -12.82
C HIS B 68 -1.38 -7.79 -8.44
C HIS B 68 -2.06 15.23 16.62
N LEU B 69 25.90 -1.68 -3.01
N LEU B 69 -21.21 -2.71 -12.45
N LEU B 69 -2.65 -7.63 -8.79
N LEU B 69 -1.91 15.67 17.86
CA LEU B 69 26.32 -2.98 -3.54
CA LEU B 69 -22.15 -3.52 -13.22
CA LEU B 69 -3.51 -8.78 -9.07
CA LEU B 69 -3.02 16.22 18.62
C LEU B 69 27.38 -2.83 -4.59
C LEU B 69 -23.14 -2.67 -13.95
C LEU B 69 -3.79 -8.90 -10.54
C LEU B 69 -2.92 17.71 18.75
N VAL B 70 28.56 -3.30 -4.37
N VAL B 70 -23.15 -2.67 -15.25
N VAL B 70 -3.37 -9.94 -11.18
N VAL B 70 -3.82 18.46 18.21
CA VAL B 70 29.62 -3.28 -5.43
CA VAL B 70 -24.20 -1.93 -16.02
CA VAL B 70 -3.71 -10.16 -12.62
CA VAL B 70 -3.82 19.94 18.42
C VAL B 70 29.74 -4.75 -5.86
C VAL B 70 -25.08 -3.04 -16.59
C VAL B 70 -4.72 -11.33 -12.57
C VAL B 70 -5.02 20.18 19.35
N LEU B 71 29.89 -5.00 -7.13
N LEU B 71 -26.38 -2.83 -16.60
N LEU B 71 -5.75 -11.26 -13.38
N LEU B 71 -4.87 21.07 20.30
CA LEU B 71 30.05 -6.38 -7.63
CA LEU B 71 -27.31 -3.84 -17.16
CA LEU B 71 -6.75 -12.35 -13.44
CA LEU B 71 -5.98 21.39 21.23
C LEU B 71 31.52 -6.70 -7.80
C LEU B 71 -27.63 -3.48 -18.59
C LEU B 71 -6.42 -13.30 -14.55
C LEU B 71 -6.73 22.61 20.74
N MET A 1 6.38 18.40 -20.67
CA MET A 1 5.74 19.56 -20.05
C MET A 1 6.28 19.67 -18.60
N GLN A 2 6.34 20.88 -18.14
CA GLN A 2 6.81 21.11 -16.74
C GLN A 2 5.61 21.10 -15.81
N ILE A 3 5.80 20.45 -14.66
CA ILE A 3 4.77 20.47 -13.61
C ILE A 3 5.53 20.83 -12.30
N PHE A 4 4.75 21.23 -11.33
CA PHE A 4 5.40 21.59 -10.01
C PHE A 4 4.91 20.64 -8.96
N VAL A 5 5.74 20.16 -8.03
CA VAL A 5 5.27 19.32 -6.95
C VAL A 5 5.58 20.10 -5.65
N LYS A 6 4.57 20.50 -4.95
CA LYS A 6 4.78 21.30 -3.70
C LYS A 6 4.77 20.35 -2.53
N THR A 7 5.82 20.41 -1.68
CA THR A 7 5.88 19.52 -0.51
C THR A 7 5.42 20.27 0.74
N LEU A 8 5.24 19.58 1.84
CA LEU A 8 4.74 20.24 3.07
C LEU A 8 5.81 21.08 3.74
N THR A 9 7.06 21.03 3.24
CA THR A 9 8.08 21.90 3.94
C THR A 9 8.35 23.16 3.18
N GLY A 10 7.52 23.50 2.24
CA GLY A 10 7.67 24.69 1.43
C GLY A 10 8.68 24.63 0.33
N LYS A 11 9.10 23.43 0.00
CA LYS A 11 10.01 23.21 -1.12
C LYS A 11 9.11 22.84 -2.31
N THR A 12 9.42 23.38 -3.48
CA THR A 12 8.62 22.98 -4.66
C THR A 12 9.61 22.35 -5.64
N ILE A 13 9.25 21.19 -6.17
CA ILE A 13 10.23 20.60 -7.13
C ILE A 13 9.65 20.67 -8.52
N THR A 14 10.47 20.94 -9.51
CA THR A 14 9.89 20.97 -10.89
C THR A 14 10.25 19.66 -11.57
N LEU A 15 9.33 19.09 -12.33
CA LEU A 15 9.58 17.83 -13.01
C LEU A 15 9.25 18.02 -14.49
N GLU A 16 9.89 17.22 -15.31
CA GLU A 16 9.51 17.26 -16.76
C GLU A 16 8.85 15.92 -17.00
N VAL A 17 7.60 16.03 -17.42
CA VAL A 17 6.77 14.86 -17.67
C VAL A 17 5.93 15.04 -18.95
N GLU A 18 5.32 13.93 -19.31
CA GLU A 18 4.37 13.84 -20.41
C GLU A 18 3.06 13.38 -19.82
N PRO A 19 1.95 13.87 -20.34
CA PRO A 19 0.61 13.47 -19.90
C PRO A 19 0.43 11.98 -19.97
N SER A 20 1.19 11.31 -20.81
CA SER A 20 1.03 9.85 -20.98
C SER A 20 1.72 9.11 -19.87
N ASP A 21 2.49 9.83 -19.05
CA ASP A 21 3.19 9.10 -17.96
C ASP A 21 2.21 8.63 -16.92
N THR A 22 2.51 7.52 -16.30
CA THR A 22 1.71 6.99 -15.21
C THR A 22 2.16 7.68 -13.91
N ILE A 23 1.25 7.61 -12.94
CA ILE A 23 1.52 8.13 -11.60
C ILE A 23 2.72 7.40 -10.98
N GLU A 24 2.80 6.12 -11.24
CA GLU A 24 3.98 5.32 -10.73
C GLU A 24 5.27 5.90 -11.23
N CYS A 25 5.30 6.34 -12.52
CA CYS A 25 6.50 6.91 -13.13
C CYS A 25 6.85 8.24 -12.50
N VAL A 26 5.82 9.05 -12.28
CA VAL A 26 6.04 10.34 -11.65
C VAL A 26 6.71 10.15 -10.29
N LYS A 27 6.18 9.20 -9.52
CA LYS A 27 6.74 8.92 -8.19
C LYS A 27 8.19 8.48 -8.29
N ALA A 28 8.54 7.70 -9.30
CA ALA A 28 9.92 7.29 -9.53
C ALA A 28 10.80 8.47 -9.89
N LYS A 29 10.31 9.43 -10.66
CA LYS A 29 11.09 10.64 -10.97
C LYS A 29 11.35 11.47 -9.69
N ILE A 30 10.35 11.49 -8.81
CA ILE A 30 10.50 12.25 -7.55
C ILE A 30 11.53 11.50 -6.70
N GLN A 31 11.49 10.19 -6.69
CA GLN A 31 12.50 9.45 -5.86
C GLN A 31 13.90 9.76 -6.40
N ASP A 32 14.01 9.63 -7.70
CA ASP A 32 15.30 9.91 -8.37
C ASP A 32 15.83 11.29 -8.03
N LYS A 33 14.94 12.30 -7.98
CA LYS A 33 15.50 13.66 -7.74
C LYS A 33 15.53 14.13 -6.33
N GLU A 34 14.74 13.67 -5.41
CA GLU A 34 14.73 14.09 -4.02
C GLU A 34 14.92 12.96 -3.04
N GLY A 35 14.94 11.73 -3.52
CA GLY A 35 15.18 10.58 -2.69
C GLY A 35 14.07 10.02 -1.89
N ILE A 36 12.84 10.55 -2.06
CA ILE A 36 11.72 10.01 -1.29
C ILE A 36 11.20 8.72 -1.91
N PRO A 37 11.15 7.65 -1.13
CA PRO A 37 10.64 6.34 -1.58
C PRO A 37 9.21 6.46 -2.09
N PRO A 38 8.88 5.84 -3.19
CA PRO A 38 7.51 5.95 -3.73
C PRO A 38 6.45 5.52 -2.76
N ASP A 39 6.74 4.57 -1.90
CA ASP A 39 5.72 4.05 -0.95
C ASP A 39 5.34 5.08 0.11
N GLN A 40 6.16 6.11 0.23
CA GLN A 40 5.83 7.18 1.22
C GLN A 40 5.08 8.36 0.58
N GLN A 41 5.02 8.40 -0.74
CA GLN A 41 4.40 9.48 -1.46
C GLN A 41 2.90 9.36 -1.66
N ARG A 42 2.21 10.46 -1.32
CA ARG A 42 0.75 10.57 -1.60
C ARG A 42 0.62 11.80 -2.48
N LEU A 43 0.18 11.67 -3.73
CA LEU A 43 0.09 12.84 -4.63
C LEU A 43 -1.35 13.30 -4.76
N ILE A 44 -1.57 14.59 -4.57
CA ILE A 44 -2.91 15.19 -4.61
C ILE A 44 -3.02 16.28 -5.66
N PHE A 45 -4.11 16.19 -6.46
CA PHE A 45 -4.39 17.20 -7.50
C PHE A 45 -5.92 17.33 -7.53
N ALA A 46 -6.32 18.58 -7.46
CA ALA A 46 -7.74 18.98 -7.52
C ALA A 46 -8.59 18.14 -6.58
N GLY A 47 -8.08 17.99 -5.40
CA GLY A 47 -8.62 17.24 -4.29
C GLY A 47 -8.80 15.76 -4.47
N CYS A 48 -8.13 15.15 -5.41
CA CYS A 48 -8.12 13.71 -5.63
C CYS A 48 -6.78 13.12 -5.25
N GLN A 49 -6.74 11.97 -4.70
CA GLN A 49 -5.43 11.30 -4.47
C GLN A 49 -5.16 10.55 -5.77
N LEU A 50 -3.98 10.72 -6.33
CA LEU A 50 -3.65 10.11 -7.64
C LEU A 50 -3.29 8.65 -7.46
N GLU A 51 -3.77 7.80 -8.37
CA GLU A 51 -3.53 6.34 -8.25
C GLU A 51 -2.42 5.92 -9.18
N ASP A 52 -1.53 5.06 -8.79
CA ASP A 52 -0.35 4.62 -9.54
C ASP A 52 -0.48 4.20 -10.99
N GLY A 53 -1.50 3.45 -11.32
CA GLY A 53 -1.74 2.91 -12.67
C GLY A 53 -2.40 3.82 -13.65
N ARG A 54 -2.89 4.98 -13.21
CA ARG A 54 -3.49 5.96 -14.13
C ARG A 54 -2.37 6.83 -14.68
N THR A 55 -2.66 7.57 -15.72
CA THR A 55 -1.72 8.53 -16.36
C THR A 55 -2.16 9.94 -15.93
N LEU A 56 -1.27 10.90 -16.12
CA LEU A 56 -1.55 12.31 -15.83
C LEU A 56 -2.72 12.75 -16.70
N SER A 57 -2.80 12.25 -17.95
CA SER A 57 -3.93 12.69 -18.80
C SER A 57 -5.26 12.26 -18.24
N ASP A 58 -5.29 11.15 -17.53
CA ASP A 58 -6.56 10.64 -16.93
C ASP A 58 -7.20 11.71 -16.05
N TYR A 59 -6.37 12.41 -15.33
CA TYR A 59 -6.76 13.49 -14.42
C TYR A 59 -6.79 14.84 -15.09
N ASN A 60 -6.55 14.98 -16.38
CA ASN A 60 -6.58 16.32 -16.99
C ASN A 60 -5.58 17.25 -16.32
N ILE A 61 -4.36 16.77 -16.10
CA ILE A 61 -3.28 17.62 -15.54
C ILE A 61 -2.59 18.28 -16.73
N GLN A 62 -2.64 19.57 -16.85
CA GLN A 62 -2.07 20.32 -18.00
C GLN A 62 -0.74 20.97 -17.58
N LYS A 63 0.04 21.51 -18.58
CA LYS A 63 1.33 22.10 -18.24
C LYS A 63 1.17 23.16 -17.17
N GLU A 64 2.22 23.18 -16.36
CA GLU A 64 2.37 24.09 -15.26
C GLU A 64 1.44 23.96 -14.10
N SER A 65 0.81 22.79 -14.03
CA SER A 65 -0.07 22.42 -12.91
C SER A 65 0.84 22.18 -11.68
N THR A 66 0.25 22.25 -10.50
CA THR A 66 0.96 21.97 -9.25
C THR A 66 0.29 20.77 -8.56
N LEU A 67 1.06 19.74 -8.22
CA LEU A 67 0.49 18.62 -7.46
C LEU A 67 0.98 18.81 -6.00
N HIS A 68 0.26 18.31 -5.06
CA HIS A 68 0.72 18.43 -3.66
C HIS A 68 1.24 17.05 -3.26
N LEU A 69 2.38 17.02 -2.60
CA LEU A 69 2.96 15.77 -2.10
C LEU A 69 2.83 15.67 -0.60
N VAL A 70 2.10 14.73 -0.09
CA VAL A 70 2.03 14.52 1.38
C VAL A 70 2.81 13.21 1.60
N LEU A 71 3.60 13.15 2.65
CA LEU A 71 4.36 11.93 2.95
C LEU A 71 3.61 11.09 3.95
N ARG A 72 3.54 9.81 3.74
N ARG A 72 3.54 9.78 3.71
N ARG A 72 3.63 9.79 3.77
N ARG A 72 3.55 9.78 3.78
CA ARG A 72 2.81 8.91 4.67
CA ARG A 72 2.86 8.80 4.59
CA ARG A 72 2.99 8.85 4.72
CA ARG A 72 2.83 8.92 4.74
C ARG A 72 3.75 8.72 5.85
C ARG A 72 2.43 7.66 3.68
C ARG A 72 1.50 8.94 4.45
C ARG A 72 3.32 9.34 6.12
N LEU A 73 4.75 9.50 6.05
N LEU A 73 1.45 6.89 4.02
N LEU A 73 0.64 8.89 5.42
N LEU A 73 4.48 9.92 6.26
CA LEU A 73 5.65 9.30 7.20
CA LEU A 73 1.05 5.77 3.12
CA LEU A 73 -0.81 8.95 5.13
CA LEU A 73 4.94 10.31 7.61
C LEU A 73 4.86 9.42 8.50
C LEU A 73 -0.44 5.49 3.29
C LEU A 73 -1.17 7.98 4.03
C LEU A 73 5.40 9.09 8.38
N ARG A 74 5.46 10.16 9.43
N ARG A 74 -1.02 5.08 2.17
N ARG A 74 -0.33 6.95 3.92
N ARG A 74 6.47 8.50 7.85
CA ARG A 74 4.87 10.40 10.75
CA ARG A 74 -2.47 4.77 2.12
CA ARG A 74 -0.50 5.91 2.90
CA ARG A 74 7.07 7.29 8.45
C ARG A 74 4.65 9.05 11.43
C ARG A 74 -2.66 3.45 1.37
C ARG A 74 0.15 4.62 3.42
C ARG A 74 6.09 6.14 8.31
N GLY A 75 5.57 8.13 11.16
N GLY A 75 -3.56 2.64 1.90
N GLY A 75 1.25 4.81 4.14
N GLY A 75 6.64 4.94 8.37
CA GLY A 75 5.54 6.78 11.70
CA GLY A 75 -3.88 1.33 1.35
CA GLY A 75 2.03 3.72 4.71
CA GLY A 75 5.88 3.70 8.25
C GLY A 75 6.69 5.89 11.25
C GLY A 75 -5.17 0.72 1.85
C GLY A 75 1.80 3.48 6.19
C GLY A 75 6.71 2.46 7.95
N GLY A 76 6.55 4.63 11.62
N GLY A 76 -5.50 -0.40 1.24
N GLY A 76 2.78 2.82 6.77
N GLY A 76 6.00 1.35 7.88
CA GLY A 76 7.50 3.56 11.31
CA GLY A 76 -6.70 -1.21 1.55
CA GLY A 76 2.81 2.45 8.20
CA GLY A 76 6.54 0.02 7.59
C GLY A 76 6.89 2.22 11.73
C GLY A 76 -6.34 -2.69 1.40
C GLY A 76 3.84 1.34 8.40
C GLY A 76 6.17 -0.93 8.74
N MET B 1 7.87 -7.07 7.38
N MET B 1 -12.14 -12.89 -0.27
N MET B 1 -1.90 -7.20 9.11
N MET B 1 0.59 -2.66 17.15
CA MET B 1 8.01 -5.60 7.31
CA MET B 1 -12.20 -11.42 -0.11
CA MET B 1 -1.20 -6.14 8.38
CA MET B 1 1.61 -1.82 16.49
C MET B 1 8.70 -5.27 5.95
C MET B 1 -13.56 -10.96 -0.68
C MET B 1 -2.08 -5.76 7.16
C MET B 1 1.79 -0.56 17.38
N GLN B 2 8.36 -4.12 5.45
N GLN B 2 -14.04 -9.90 -0.11
N GLN B 2 -1.97 -4.52 6.78
N GLN B 2 2.99 -0.05 17.34
CA GLN B 2 8.98 -3.69 4.16
CA GLN B 2 -15.34 -9.33 -0.59
CA GLN B 2 -2.75 -4.06 5.59
CA GLN B 2 3.27 1.19 18.13
C GLN B 2 10.24 -2.89 4.47
C GLN B 2 -15.05 -8.29 -1.67
C GLN B 2 -1.89 -4.23 4.34
C GLN B 2 3.00 2.40 17.25
N ILE B 3 11.28 -3.14 3.70
N ILE B 3 -15.86 -8.34 -2.72
N ILE B 3 -2.53 -4.70 3.29
N ILE B 3 2.39 3.41 17.85
CA ILE B 3 12.51 -2.33 3.79
CA ILE B 3 -15.79 -7.30 -3.78
CA ILE B 3 -1.86 -4.78 1.98
CA ILE B 3 2.19 4.70 17.16
C ILE B 3 12.87 -1.94 2.32
C ILE B 3 -17.26 -6.84 -4.00
C ILE B 3 -2.85 -4.14 0.96
C ILE B 3 2.67 5.78 18.17
N PHE B 4 13.72 -0.94 2.25
N PHE B 4 -17.35 -5.70 -4.63
N PHE B 4 -2.29 -3.81 -0.18
N PHE B 4 2.90 6.95 17.62
CA PHE B 4 14.13 -0.49 0.86
CA PHE B 4 -18.74 -5.16 -4.91
CA PHE B 4 -3.18 -3.19 -1.23
CA PHE B 4 3.35 8.07 18.52
C PHE B 4 15.61 -0.74 0.69
C PHE B 4 -18.96 -5.11 -6.40
C PHE B 4 -3.24 -4.11 -2.42
C PHE B 4 2.31 9.15 18.51
N VAL B 5 16.10 -1.20 -0.46
N VAL B 5 -20.12 -5.46 -6.93
N VAL B 5 -4.36 -4.30 -3.08
N VAL B 5 1.97 9.79 19.63
CA VAL B 5 17.52 -1.37 -0.69
CA VAL B 5 -20.39 -5.33 -8.35
CA VAL B 5 -4.43 -5.11 -4.28
CA VAL B 5 1.04 10.90 19.64
C VAL B 5 17.86 -0.42 -1.85
C VAL B 5 -21.55 -4.32 -8.47
C VAL B 5 -4.89 -4.15 -5.41
C VAL B 5 1.85 12.13 20.14
N LYS B 6 18.64 0.57 -1.59
N LYS B 6 -21.31 -3.20 -9.05
N LYS B 6 -4.05 -3.91 -6.35
N LYS B 6 2.02 13.09 19.30
CA LYS B 6 19.00 1.57 -2.67
CA LYS B 6 -22.38 -2.15 -9.17
CA LYS B 6 -4.40 -2.96 -7.47
CA LYS B 6 2.83 14.30 19.69
C LYS B 6 20.31 1.15 -3.27
C LYS B 6 -23.02 -2.30 -10.51
C LYS B 6 -4.94 -3.76 -8.62
C LYS B 6 1.88 15.36 20.17
N THR B 7 20.35 1.02 -4.62
N THR B 7 -24.37 -2.40 -10.55
N THR B 7 -6.14 -3.39 -9.12
N THR B 7 2.12 15.90 21.39
CA THR B 7 21.60 0.62 -5.28
CA THR B 7 -25.08 -2.54 -11.83
CA THR B 7 -6.73 -4.13 -10.25
CA THR B 7 1.23 16.95 21.92
C THR B 7 22.31 1.85 -5.83
C THR B 7 -25.64 -1.19 -12.25
C THR B 7 -6.46 -3.36 -11.55
C THR B 7 1.87 18.32 21.68
N LEU B 8 23.53 1.72 -6.30
N LEU B 8 -26.13 -1.08 -13.47
N LEU B 8 -6.74 -3.96 -12.69
N LEU B 8 1.13 19.38 21.92
CA LEU B 8 24.30 2.88 -6.81
CA LEU B 8 -26.65 0.21 -13.97
CA LEU B 8 -6.48 -3.30 -13.99
CA LEU B 8 1.66 20.74 21.68
C LEU B 8 23.79 3.35 -8.16
C LEU B 8 -27.98 0.60 -13.35
C LEU B 8 -7.46 -2.18 -14.28
C LEU B 8 2.68 21.17 22.71
N THR B 9 22.86 2.61 -8.78
N THR B 9 -28.59 -0.32 -12.56
N THR B 9 -8.50 -2.02 -13.45
N THR B 9 2.88 20.36 23.76
CA THR B 9 22.39 3.13 -10.11
CA THR B 9 -29.89 0.10 -11.96
CA THR B 9 -9.44 -0.90 -13.78
CA THR B 9 3.91 20.82 24.76
C THR B 9 21.07 3.82 -10.02
C THR B 9 -29.76 0.52 -10.53
C THR B 9 -9.20 0.31 -12.92
C THR B 9 5.21 20.11 24.59
N GLY B 10 20.65 4.16 -8.84
N GLY B 10 -28.56 0.76 -10.08
N GLY B 10 -8.09 0.37 -12.25
N GLY B 10 5.41 19.45 23.50
CA GLY B 10 19.39 4.84 -8.60
CA GLY B 10 -28.27 1.19 -8.73
CA GLY B 10 -7.73 1.48 -11.39
CA GLY B 10 6.62 18.71 23.20
C GLY B 10 18.16 3.99 -8.66
C GLY B 10 -28.32 0.11 -7.68
C GLY B 10 -8.40 1.52 -10.05
C GLY B 10 6.77 17.38 23.88
N LYS B 11 18.34 2.71 -8.59
N LYS B 11 -28.26 -1.13 -8.11
N LYS B 11 -8.96 0.41 -9.65
N LYS B 11 5.69 16.87 24.40
CA LYS B 11 17.23 1.76 -8.53
CA LYS B 11 -28.19 -2.27 -7.22
CA LYS B 11 -9.55 0.27 -8.32
CA LYS B 11 5.66 15.54 25.00
C LYS B 11 17.04 1.45 -7.03
C LYS B 11 -26.68 -2.62 -7.13
C LYS B 11 -8.46 -0.40 -7.46
C LYS B 11 5.15 14.60 23.88
N THR B 12 15.78 1.40 -6.61
N THR B 12 -26.22 -2.93 -5.93
N THR B 12 -8.30 0.07 -6.24
N THR B 12 5.76 13.43 23.76
CA THR B 12 15.56 1.03 -5.19
CA THR B 12 -24.81 -3.34 -5.83
CA THR B 12 -7.33 -0.62 -5.36
CA THR B 12 5.23 12.48 22.77
C THR B 12 14.71 -0.25 -5.22
C THR B 12 -24.84 -4.77 -5.24
C THR B 12 -8.13 -1.12 -4.15
C THR B 12 4.82 11.23 23.55
N ILE B 13 15.12 -1.25 -4.45
N ILE B 13 -24.09 -5.66 -5.88
N ILE B 13 -7.93 -2.38 -3.80
N ILE B 13 3.62 10.75 23.28
CA ILE B 13 14.28 -2.48 -4.49
CA ILE B 13 -24.12 -7.04 -5.30
CA ILE B 13 -8.70 -2.85 -2.62
CA ILE B 13 3.24 9.52 24.05
C ILE B 13 13.56 -2.62 -3.19
C ILE B 13 -22.79 -7.33 -4.65
C ILE B 13 -7.77 -3.04 -1.46
C ILE B 13 3.23 8.34 23.12
N THR B 14 12.32 -3.06 -3.21
N THR B 14 -22.79 -8.01 -3.53
N THR B 14 -8.20 -2.71 -0.26
N THR B 14 3.67 7.19 23.58
CA THR B 14 11.64 -3.25 -1.89
CA THR B 14 -21.45 -8.32 -2.92
CA THR B 14 -7.28 -2.95 0.88
CA THR B 14 3.61 6.02 22.65
C THR B 14 11.66 -4.71 -1.54
C THR B 14 -21.12 -9.76 -3.25
C THR B 14 -7.71 -4.20 1.59
C THR B 14 2.42 5.18 23.04
N LEU B 15 11.88 -5.05 -0.28
N LEU B 15 -19.88 -10.06 -3.57
N LEU B 15 -6.79 -5.04 2.03
N LEU B 15 1.68 4.65 22.07
CA LEU B 15 11.94 -6.44 0.14
CA LEU B 15 -19.48 -11.41 -3.91
CA LEU B 15 -7.12 -6.28 2.70
CA LEU B 15 0.51 3.84 22.34
C LEU B 15 10.96 -6.61 1.31
C LEU B 15 -18.27 -11.79 -3.02
C LEU B 15 -6.36 -6.32 4.04
C LEU B 15 0.66 2.50 21.60
N GLU B 16 10.50 -7.83 1.47
N GLU B 16 -18.13 -13.08 -2.82
N GLU B 16 -6.92 -7.05 4.97
N GLU B 16 0.01 1.49 22.13
CA GLU B 16 9.64 -8.09 2.68
CA GLU B 16 -16.90 -13.51 -2.08
CA GLU B 16 -6.15 -7.23 6.24
CA GLU B 16 0.02 0.20 21.36
C GLU B 16 10.50 -9.02 3.51
C GLU B 16 -16.10 -14.25 -3.11
C GLU B 16 -5.78 -8.70 6.23
C GLU B 16 -1.43 0.06 20.92
N VAL B 17 10.76 -8.52 4.71
N VAL B 17 -14.90 -13.72 -3.31
N VAL B 17 -4.48 -8.90 6.28
N VAL B 17 -1.55 -0.02 19.60
CA VAL B 17 11.61 -9.23 5.67
CA VAL B 17 -13.97 -14.26 -4.30
CA VAL B 17 -3.90 -10.24 6.23
CA VAL B 17 -2.86 -0.12 18.96
C VAL B 17 11.03 -9.14 7.10
C VAL B 17 -12.53 -14.29 -3.77
C VAL B 17 -2.73 -10.37 7.21
C VAL B 17 -2.82 -1.12 17.78
N GLU B 18 11.66 -9.92 7.94
N GLU B 18 -11.72 -14.94 -4.57
N GLU B 18 -2.32 -11.62 7.33
N GLU B 18 -4.02 -1.38 17.32
CA GLU B 18 11.40 -9.95 9.37
CA GLU B 18 -10.28 -15.03 -4.36
CA GLU B 18 -1.15 -12.02 8.12
CA GLU B 18 -4.26 -2.21 16.14
C GLU B 18 12.71 -9.58 10.06
C GLU B 18 -9.62 -14.42 -5.59
C GLU B 18 -0.19 -12.68 7.14
C GLU B 18 -4.98 -1.32 15.13
N PRO B 19 12.63 -8.86 11.16
N PRO B 19 -8.51 -13.74 -5.40
N PRO B 19 1.10 -12.49 7.34
N PRO B 19 -4.70 -1.51 13.85
CA PRO B 19 13.81 -8.48 11.94
CA PRO B 19 -7.76 -13.13 -6.50
CA PRO B 19 2.13 -13.11 6.51
CA PRO B 19 -5.36 -0.76 12.79
C PRO B 19 14.63 -9.68 12.33
C PRO B 19 -7.40 -14.14 -7.56
C PRO B 19 1.98 -14.62 6.45
C PRO B 19 -6.86 -0.87 12.86
N SER B 20 14.01 -10.84 12.40
N SER B 20 -7.34 -15.41 -7.18
N SER B 20 1.36 -15.19 7.47
N SER B 20 -7.35 -1.93 13.46
CA SER B 20 14.73 -12.05 12.84
CA SER B 20 -6.94 -16.45 -8.14
CA SER B 20 1.21 -16.66 7.52
CA SER B 20 -8.80 -2.15 13.53
C SER B 20 15.55 -12.62 11.70
C SER B 20 -8.10 -16.84 -9.02
C SER B 20 0.08 -17.13 6.63
C SER B 20 -9.43 -1.31 14.62
N ASP B 21 15.37 -12.08 10.50
N ASP B 21 -9.29 -16.33 -8.71
N ASP B 21 -0.69 -16.18 6.10
N ASP B 21 -8.59 -0.68 15.44
CA ASP B 21 16.16 -12.65 9.37
CA ASP B 21 -10.45 -16.73 -9.55
CA ASP B 21 -1.82 -16.62 5.24
CA ASP B 21 -9.18 0.14 16.53
C ASP B 21 17.61 -12.28 9.51
C ASP B 21 -10.33 -16.07 -10.90
C ASP B 21 -1.30 -17.17 3.94
C ASP B 21 -9.84 1.37 15.96
N THR B 22 18.48 -13.15 9.04
N THR B 22 -10.84 -16.76 -11.92
N THR B 22 -2.01 -18.14 3.39
N THR B 22 -10.90 1.81 16.62
CA THR B 22 19.90 -12.89 9.03
CA THR B 22 -10.89 -16.23 -13.26
CA THR B 22 -1.68 -18.70 2.10
CA THR B 22 -11.59 3.02 16.25
C THR B 22 20.23 -12.08 7.76
C THR B 22 -12.16 -15.35 -13.39
C THR B 22 -2.29 -17.80 1.00
C THR B 22 -10.84 4.22 16.90
N ILE B 23 21.40 -11.43 7.84
N ILE B 23 -12.10 -14.49 -14.41
N ILE B 23 -1.73 -17.96 -0.19
N ILE B 23 -11.11 5.38 16.31
CA ILE B 23 21.93 -10.69 6.71
CA ILE B 23 -13.24 -13.64 -14.74
CA ILE B 23 -2.23 -17.26 -1.37
CA ILE B 23 -10.57 6.63 16.83
C ILE B 23 22.16 -11.62 5.52
C ILE B 23 -14.45 -14.50 -15.11
C ILE B 23 -3.68 -17.66 -1.64
C ILE B 23 -11.08 6.87 18.26
N GLU B 24 22.60 -12.81 5.79
N GLU B 24 -14.20 -15.59 -15.79
N GLU B 24 -4.00 -18.91 -1.42
N GLU B 24 -12.32 6.51 18.51
CA GLU B 24 22.79 -13.83 4.70
CA GLU B 24 -15.31 -16.53 -16.15
CA GLU B 24 -5.41 -19.39 -1.59
CA GLU B 24 -12.88 6.64 19.89
C GLU B 24 21.49 -14.06 3.95
C GLU B 24 -16.03 -17.01 -14.90
C GLU B 24 -6.35 -18.60 -0.71
C GLU B 24 -12.05 5.86 20.88
N ASN B 25 20.39 -14.11 4.68
N ASN B 25 -15.27 -17.29 -13.86
N ASN B 25 -5.92 -18.32 0.50
N ASN B 25 -11.62 4.68 20.49
CA ASN B 25 19.05 -14.34 4.14
CA ASN B 25 -15.78 -17.78 -12.57
CA ASN B 25 -6.70 -17.57 1.50
CA ASN B 25 -10.81 3.77 21.31
C ASN B 25 18.60 -13.18 3.24
C ASN B 25 -16.64 -16.72 -11.88
C ASN B 25 -6.92 -16.12 1.06
C ASN B 25 -9.43 4.37 21.61
N VAL B 26 18.86 -11.98 3.75
N VAL B 26 -16.12 -15.50 -11.90
N VAL B 26 -5.85 -15.53 0.56
N VAL B 26 -8.84 4.92 20.56
CA VAL B 26 18.53 -10.77 3.01
CA VAL B 26 -16.84 -14.38 -11.31
CA VAL B 26 -5.92 -14.16 0.08
CA VAL B 26 -7.54 5.56 20.69
C VAL B 26 19.24 -10.78 1.67
C VAL B 26 -18.20 -14.24 -11.98
C VAL B 26 -6.96 -14.08 -1.03
C VAL B 26 -7.63 6.68 21.73
N LYS B 27 20.53 -11.12 1.71
N LYS B 27 -18.20 -14.31 -13.31
N LYS B 27 -6.90 -15.03 -1.96
N LYS B 27 -8.67 7.49 21.61
CA LYS B 27 21.34 -11.16 0.48
CA LYS B 27 -19.46 -14.18 -14.06
CA LYS B 27 -7.85 -15.05 -3.08
CA LYS B 27 -8.87 8.60 22.54
C LYS B 27 20.78 -12.20 -0.50
C LYS B 27 -20.42 -15.29 -13.69
C LYS B 27 -9.29 -15.18 -2.57
C LYS B 27 -9.01 8.10 23.97
N ALA B 28 20.30 -13.31 0.00
N ALA B 28 -19.93 -16.50 -13.46
N ALA B 28 -9.50 -15.96 -1.53
N ALA B 28 -9.70 6.98 24.16
CA ALA B 28 19.68 -14.34 -0.85
CA ALA B 28 -20.77 -17.62 -13.04
CA ALA B 28 -10.83 -16.10 -0.93
CA ALA B 28 -9.84 6.38 25.49
C ALA B 28 18.38 -13.84 -1.45
C ALA B 28 -21.34 -17.38 -11.65
C ALA B 28 -11.29 -14.80 -0.29
C ALA B 28 -8.50 5.89 26.02
N LYS B 29 17.58 -13.07 -0.73
N LYS B 29 -20.59 -16.79 -10.74
N LYS B 29 -10.40 -14.05 0.35
N LYS B 29 -7.64 5.33 25.18
CA LYS B 29 16.35 -12.48 -1.29
CA LYS B 29 -21.10 -16.45 -9.40
CA LYS B 29 -10.75 -12.74 0.92
CA LYS B 29 -6.29 4.92 25.61
C LYS B 29 16.68 -11.49 -2.41
C LYS B 29 -22.23 -15.40 -9.50
C LYS B 29 -11.15 -11.75 -0.20
C LYS B 29 -5.46 6.13 26.05
N ILE B 30 17.78 -10.74 -2.22
N ILE B 30 -22.05 -14.46 -10.43
N ILE B 30 -10.46 -11.85 -1.34
N ILE B 30 -5.65 7.24 25.33
CA ILE B 30 18.19 -9.77 -3.25
CA ILE B 30 -23.07 -13.41 -10.60
CA ILE B 30 -10.77 -10.95 -2.46
CA ILE B 30 -4.89 8.46 25.68
C ILE B 30 18.67 -10.57 -4.47
C ILE B 30 -24.32 -14.09 -11.20
C ILE B 30 -12.14 -11.38 -3.00
C ILE B 30 -5.45 8.97 27.02
N GLN B 31 19.38 -11.65 -4.26
N GLN B 31 -24.13 -15.01 -12.11
N GLN B 31 -12.40 -12.66 -3.07
N GLN B 31 -6.74 8.90 27.21
CA GLN B 31 19.84 -12.44 -5.44
CA GLN B 31 -25.34 -15.68 -12.68
CA GLN B 31 -13.74 -13.08 -3.60
CA GLN B 31 -7.28 9.38 28.53
C GLN B 31 18.62 -12.96 -6.21
C GLN B 31 -26.09 -16.43 -11.56
C GLN B 31 -14.83 -12.53 -2.67
C GLN B 31 -6.70 8.52 29.66
N ASP B 32 17.72 -13.53 -5.44
N ASP B 32 -25.31 -17.18 -10.83
N ASP B 32 -14.61 -12.78 -1.40
N ASP B 32 -6.79 7.23 29.44
CA ASP B 32 16.47 -14.07 -6.03
CA ASP B 32 -25.85 -17.95 -9.68
CA ASP B 32 -15.57 -12.30 -0.36
CA ASP B 32 -6.25 6.26 30.43
C ASP B 32 15.73 -13.02 -6.84
C ASP B 32 -26.64 -17.07 -8.73
C ASP B 32 -15.84 -10.81 -0.49
C ASP B 32 -4.81 6.55 30.77
N LYS B 33 15.68 -11.78 -6.34
N LYS B 33 -26.12 -15.87 -8.44
N LYS B 33 -14.79 -10.02 -0.75
N LYS B 33 -3.99 6.89 29.76
CA LYS B 33 14.88 -10.79 -7.11
CA LYS B 33 -26.86 -15.06 -7.43
CA LYS B 33 -15.06 -8.55 -0.77
CA LYS B 33 -2.55 7.07 30.11
C LYS B 33 15.59 -9.95 -8.10
C LYS B 33 -27.86 -14.08 -7.95
C LYS B 33 -15.37 -7.94 -2.09
C LYS B 33 -2.11 8.46 30.44
N GLU B 34 16.86 -9.70 -8.02
N GLU B 34 -27.82 -13.57 -9.15
N GLU B 34 -14.99 -8.45 -3.23
N GLU B 34 -2.73 9.52 30.02
CA GLU B 34 17.62 -8.89 -8.96
CA GLU B 34 -28.77 -12.64 -9.70
CA GLU B 34 -15.27 -7.91 -4.53
CA GLU B 34 -2.34 10.88 30.31
C GLU B 34 18.80 -9.60 -9.58
C GLU B 34 -29.41 -13.09 -10.98
C GLU B 34 -15.98 -8.86 -5.46
C GLU B 34 -3.43 11.71 30.95
N GLY B 35 19.09 -10.81 -9.10
N GLY B 35 -28.97 -14.21 -11.52
N GLY B 35 -16.14 -10.10 -5.05
N GLY B 35 -4.63 11.16 31.06
CA GLY B 35 20.16 -11.62 -9.66
CA GLY B 35 -29.56 -14.79 -12.70
CA GLY B 35 -16.86 -11.09 -5.81
CA GLY B 35 -5.73 11.81 31.72
C GLY B 35 21.55 -11.35 -9.24
C GLY B 35 -29.18 -14.26 -14.03
C GLY B 35 -16.17 -11.79 -6.91
C GLY B 35 -6.50 12.82 30.98
N ILE B 36 21.75 -10.43 -8.28
N ILE B 36 -28.21 -13.32 -14.08
N ILE B 36 -14.86 -11.54 -7.08
N ILE B 36 -6.21 13.02 29.69
CA ILE B 36 23.13 -10.15 -7.85
CA ILE B 36 -27.82 -12.78 -15.38
CA ILE B 36 -14.15 -12.23 -8.18
CA ILE B 36 -6.97 14.02 28.93
C ILE B 36 23.62 -11.22 -6.88
C ILE B 36 -26.87 -13.73 -16.10
C ILE B 36 -13.79 -13.66 -7.78
C ILE B 36 -8.32 13.47 28.50
N PRO B 37 24.75 -11.85 -7.19
N PRO B 37 -27.23 -14.12 -17.33
N PRO B 37 -14.21 -14.62 -8.59
N PRO B 37 -9.40 14.17 28.85
CA PRO B 37 25.37 -12.87 -6.34
CA PRO B 37 -26.40 -15.01 -18.16
CA PRO B 37 -13.91 -16.05 -8.36
CA PRO B 37 -10.77 13.78 28.48
C PRO B 37 25.64 -12.32 -4.95
C PRO B 37 -25.01 -14.43 -18.36
C PRO B 37 -12.41 -16.27 -8.28
C PRO B 37 -10.91 13.67 26.97
N PRO B 38 25.37 -13.06 -3.91
N PRO B 38 -23.97 -15.21 -18.27
N PRO B 38 -11.94 -17.07 -7.35
N PRO B 38 -11.56 12.65 26.47
CA PRO B 38 25.60 -12.56 -2.54
CA PRO B 38 -22.62 -14.68 -18.44
CA PRO B 38 -10.49 -17.31 -7.23
CA PRO B 38 -11.72 12.50 25.02
C PRO B 38 27.04 -12.15 -2.30
C PRO B 38 -22.40 -14.00 -19.76
C PRO B 38 -9.87 -17.85 -8.48
C PRO B 38 -12.35 13.68 24.34
N ASP B 39 27.98 -12.80 -2.93
N ASP B 39 -23.07 -14.44 -20.80
N ASP B 39 -10.59 -18.63 -9.25
N ASP B 39 -13.26 14.36 25.03
CA ASP B 39 29.42 -12.49 -2.69
CA ASP B 39 -22.87 -13.86 -22.16
CA ASP B 39 -10.02 -19.25 -10.48
CA ASP B 39 -13.98 15.51 24.41
C ASP B 39 29.80 -11.12 -3.22
C ASP B 39 -23.39 -12.43 -22.25
C ASP B 39 -9.72 -18.21 -11.56
C ASP B 39 -13.05 16.70 24.15
N GLN B 40 28.96 -10.54 -4.07
N GLN B 40 -24.20 -12.04 -21.28
N GLN B 40 -10.28 -17.02 -11.41
N GLN B 40 -11.88 16.68 24.77
CA GLN B 40 29.26 -9.20 -4.61
CA GLN B 40 -24.73 -10.64 -21.29
CA GLN B 40 -10.00 -15.96 -12.40
CA GLN B 40 -10.92 17.79 24.54
C GLN B 40 28.55 -8.08 -3.80
C GLN B 40 -23.89 -9.70 -20.40
C GLN B 40 -8.86 -15.03 -11.96
C GLN B 40 -9.88 17.44 23.45
N GLN B 41 27.65 -8.45 -2.91
N GLN B 41 -22.99 -10.24 -19.62
N GLN B 41 -8.42 -15.13 -10.72
N GLN B 41 -9.84 16.20 23.03
CA GLN B 41 26.88 -7.51 -2.13
CA GLN B 41 -22.17 -9.48 -18.71
CA GLN B 41 -7.39 -14.29 -10.15
CA GLN B 41 -8.89 15.73 22.04
C GLN B 41 27.55 -7.01 -0.86
C GLN B 41 -20.91 -8.88 -19.30
C GLN B 41 -5.97 -14.74 -10.43
C GLN B 41 -9.28 15.93 20.59
N ARG B 42 27.56 -5.69 -0.71
N ARG B 42 -20.74 -7.58 -19.05
N ARG B 42 -5.17 -13.80 -10.91
N ARG B 42 -8.35 16.51 19.84
CA ARG B 42 28.02 -5.05 0.57
CA ARG B 42 -19.48 -6.87 -19.41
CA ARG B 42 -3.70 -14.02 -11.06
CA ARG B 42 -8.50 16.63 18.36
C ARG B 42 26.83 -4.25 1.05
C ARG B 42 -18.95 -6.32 -18.10
C ARG B 42 -3.05 -12.94 -10.21
C ARG B 42 -7.30 15.91 17.79
N LEU B 43 26.24 -4.57 2.20
N LEU B 43 -17.80 -6.76 -17.62
N LEU B 43 -2.33 -13.28 -9.15
N LEU B 43 -7.49 14.81 17.05
CA LEU B 43 25.05 -3.84 2.67
CA LEU B 43 -17.28 -6.28 -16.32
CA LEU B 43 -1.73 -12.25 -8.26
CA LEU B 43 -6.34 14.04 16.52
C LEU B 43 25.44 -2.87 3.78
C LEU B 43 -16.16 -5.26 -16.55
C LEU B 43 -0.23 -12.13 -8.55
C LEU B 43 -6.16 14.33 15.03
N ILE B 44 25.00 -1.62 3.65
N ILE B 44 -16.27 -4.13 -15.87
N ILE B 44 0.22 -10.89 -8.74
N ILE B 44 -4.94 14.66 14.64
CA ILE B 44 25.33 -0.56 4.60
CA ILE B 44 -15.32 -3.03 -16.00
CA ILE B 44 1.61 -10.60 -9.08
CA ILE B 44 -4.61 15.01 13.26
C ILE B 44 24.07 0.07 5.19
C ILE B 44 -14.68 -2.67 -14.67
C ILE B 44 2.26 -9.67 -8.06
C ILE B 44 -3.54 14.10 12.68
N PHE B 45 24.10 0.20 6.55
N PHE B 45 -13.33 -2.54 -14.71
N PHE B 45 3.47 -10.07 -7.61
N PHE B 45 -3.83 13.61 11.45
CA PHE B 45 22.99 0.83 7.28
CA PHE B 45 -12.56 -2.14 -13.51
CA PHE B 45 4.25 -9.26 -6.67
CA PHE B 45 -2.87 12.76 10.72
C PHE B 45 23.66 1.59 8.44
C PHE B 45 -11.40 -1.27 -14.05
C PHE B 45 5.72 -9.46 -7.07
C PHE B 45 -3.03 13.14 9.24
N ALA B 46 23.25 2.84 8.52
N ALA B 46 -11.30 -0.13 -13.42
N ALA B 46 6.36 -8.33 -7.21
N ALA B 46 -1.89 13.40 8.66
CA ALA B 46 23.70 3.77 9.57
CA ALA B 46 -10.24 0.85 -13.69
CA ALA B 46 7.79 -8.23 -7.55
CA ALA B 46 -1.76 13.73 7.23
C ALA B 46 25.21 3.73 9.74
C ALA B 46 -10.12 1.11 -15.19
C ALA B 46 8.14 -9.13 -8.72
C ALA B 46 -2.76 14.79 6.83
N GLY B 47 25.87 3.77 8.61
N GLY B 47 -11.26 1.28 -15.79
N GLY B 47 7.29 -9.06 -9.72
N GLY B 47 -2.84 15.79 7.65
CA GLY B 47 27.29 3.73 8.42
CA GLY B 47 -11.49 1.54 -17.19
CA GLY B 47 7.32 -9.77 -10.96
CA GLY B 47 -3.69 16.95 7.58
C GLY B 47 28.03 2.50 8.88
C GLY B 47 -11.07 0.48 -18.16
C GLY B 47 7.21 -11.27 -10.90
C GLY B 47 -5.18 16.72 7.62
N LYS B 48 27.34 1.39 9.04
N LYS B 48 -10.90 -0.74 -17.72
N LYS B 48 6.67 -11.81 -9.83
N LYS B 48 -5.61 15.61 8.13
CA LYS B 48 27.97 0.13 9.44
CA LYS B 48 -10.54 -1.86 -18.60
CA LYS B 48 6.47 -13.25 -9.68
CA LYS B 48 -7.04 15.30 8.27
C LYS B 48 27.83 -0.85 8.26
C LYS B 48 -11.73 -2.83 -18.61
C LYS B 48 4.94 -13.48 -9.62
C LYS B 48 -7.36 15.22 9.77
N GLN B 49 28.81 -1.67 8.01
N GLN B 49 -12.01 -3.43 -19.74
N GLN B 49 4.47 -14.55 -10.21
N GLN B 49 -8.50 15.69 10.18
CA GLN B 49 28.68 -2.70 6.97
CA GLN B 49 -13.07 -4.49 -19.78
CA GLN B 49 3.03 -14.90 -10.09
CA GLN B 49 -8.92 15.54 11.61
C GLN B 49 28.02 -3.87 7.70
C GLN B 49 -12.33 -5.76 -19.39
C GLN B 49 2.96 -15.70 -8.78
C GLN B 49 -9.56 14.15 11.65
N LEU B 50 26.97 -4.43 7.15
N LEU B 50 -12.86 -6.51 -18.46
N LEU B 50 2.06 -15.36 -7.90
N LEU B 50 -9.18 13.31 12.58
CA LEU B 50 26.20 -5.50 7.81
CA LEU B 50 -12.20 -7.71 -17.94
CA LEU B 50 1.96 -16.00 -6.58
CA LEU B 50 -9.68 11.93 12.66
C LEU B 50 26.92 -6.83 7.64
C LEU B 50 -12.40 -8.88 -18.89
C LEU B 50 1.24 -17.34 -6.71
C LEU B 50 -11.05 11.91 13.30
N GLU B 51 26.96 -7.64 8.70
N GLU B 51 -11.35 -9.67 -19.13
N GLU B 51 1.74 -18.36 -6.00
N GLU B 51 -11.96 11.10 12.75
CA GLU B 51 27.68 -8.93 8.63
CA GLU B 51 -11.45 -10.79 -20.09
CA GLU B 51 1.14 -19.71 -6.11
CA GLU B 51 -13.35 11.06 13.29
C GLU B 51 26.71 -10.06 8.45
C GLU B 51 -11.62 -12.09 -19.35
C GLU B 51 0.27 -19.98 -4.91
C GLU B 51 -13.53 9.85 14.15
N ASP B 52 26.99 -11.05 7.65
N ASP B 52 -12.44 -12.99 -19.80
N ASP B 52 -0.87 -20.59 -5.07
N ASP B 52 -14.22 9.93 15.26
CA ASP B 52 26.11 -12.16 7.31
CA ASP B 52 -12.78 -14.26 -19.15
CA ASP B 52 -1.86 -20.84 -4.02
CA ASP B 52 -14.41 8.87 16.25
C ASP B 52 25.38 -12.94 8.39
C ASP B 52 -11.69 -15.17 -18.62
C ASP B 52 -1.44 -21.44 -2.68
C ASP B 52 -14.82 7.47 15.81
N GLY B 53 26.05 -13.24 9.48
N GLY B 53 -10.62 -15.34 -19.36
N GLY B 53 -0.57 -22.42 -2.70
N GLY B 53 -15.75 7.38 14.88
CA GLY B 53 25.50 -14.03 10.60
CA GLY B 53 -9.50 -16.24 -19.03
CA GLY B 53 -0.10 -23.14 -1.50
CA GLY B 53 -16.30 6.10 14.40
C GLY B 53 24.68 -13.29 11.59
C GLY B 53 -8.46 -15.68 -18.09
C GLY B 53 0.99 -22.49 -0.72
C GLY B 53 -15.52 5.40 13.34
N ARG B 54 24.61 -11.96 11.52
N ARG B 54 -8.52 -14.38 -17.77
N ARG B 54 1.61 -21.42 -1.24
N ARG B 54 -14.49 6.03 12.78
CA ARG B 54 23.76 -11.15 12.43
CA ARG B 54 -7.59 -13.78 -16.80
CA ARG B 54 2.65 -20.68 -0.50
CA ARG B 54 -13.61 5.37 11.79
C ARG B 54 22.37 -11.09 11.81
C ARG B 54 -8.16 -13.98 -15.41
C ARG B 54 1.95 -19.66 0.39
C ARG B 54 -12.53 4.60 12.55
N THR B 55 21.41 -10.69 12.59
N THR B 55 -7.35 -13.78 -14.40
N THR B 55 2.68 -19.11 1.33
N THR B 55 -11.85 3.73 11.86
CA THR B 55 20.01 -10.50 12.15
CA THR B 55 -7.75 -13.87 -12.98
CA THR B 55 2.20 -18.06 2.25
CA THR B 55 -10.72 2.93 12.41
C THR B 55 19.78 -8.98 12.00
C THR B 55 -7.87 -12.42 -12.46
C THR B 55 2.81 -16.72 1.76
C THR B 55 -9.42 3.56 11.86
N LEU B 56 18.71 -8.61 11.33
N LEU B 56 -8.51 -12.27 -11.31
N LEU B 56 2.26 -15.63 2.25
N LEU B 56 -8.31 3.20 12.47
CA LEU B 56 18.32 -7.20 11.15
CA LEU B 56 -8.66 -10.97 -10.65
CA LEU B 56 2.77 -14.28 1.94
CA LEU B 56 -6.98 3.65 12.04
C LEU B 56 18.06 -6.61 12.53
C LEU B 56 -7.27 -10.45 -10.31
C LEU B 56 4.21 -14.18 2.45
C LEU B 56 -6.75 3.16 10.62
N SER B 57 17.48 -7.42 13.45
N SER B 57 -6.34 -11.36 -9.93
N SER B 57 4.50 -14.82 3.60
N SER B 57 -7.24 1.93 10.30
CA SER B 57 17.22 -6.83 14.79
CA SER B 57 -4.99 -10.85 -9.60
CA SER B 57 5.89 -14.71 4.10
CA SER B 57 -7.01 1.44 8.93
C SER B 57 18.48 -6.43 15.50
C SER B 57 -4.30 -10.21 -10.78
C SER B 57 6.88 -15.35 3.16
C SER B 57 -7.69 2.30 7.88
N ASP B 58 19.57 -7.12 15.23
N ASP B 58 -4.61 -10.68 -11.98
N ASP B 58 6.46 -16.37 2.43
N ASP B 58 -8.80 2.92 8.25
CA ASP B 58 20.87 -6.82 15.87
CA ASP B 58 -4.00 -10.12 -13.22
CA ASP B 58 7.35 -17.06 1.48
CA ASP B 58 -9.55 3.78 7.31
C ASP B 58 21.27 -5.35 15.63
C ASP B 58 -4.23 -8.61 -13.30
C ASP B 58 7.96 -16.08 0.48
C ASP B 58 -8.65 4.88 6.75
N TYR B 59 20.99 -4.89 14.45
N TYR B 59 -5.40 -8.20 -12.90
N TYR B 59 7.15 -15.15 0.06
N TYR B 59 -7.81 5.40 7.60
CA TYR B 59 21.25 -3.52 14.03
CA TYR B 59 -5.82 -6.80 -12.88
CA TYR B 59 7.52 -14.09 -0.88
CA TYR B 59 -6.84 6.45 7.28
C TYR B 59 20.09 -2.58 14.27
C TYR B 59 -5.52 -6.12 -11.56
C TYR B 59 8.03 -12.85 -0.19
C TYR B 59 -5.51 5.91 6.84
N ASN B 60 19.01 -2.99 14.90
N ASN B 60 -4.88 -6.73 -10.60
N ASN B 60 8.20 -12.80 1.12
N ASN B 60 -5.31 4.61 6.68
CA ASN B 60 17.90 -2.04 15.12
CA ASN B 60 -4.61 -6.02 -9.32
CA ASN B 60 8.70 -11.56 1.74
CA ASN B 60 -3.98 4.12 6.25
C ASN B 60 17.38 -1.47 13.80
C ASN B 60 -5.91 -5.56 -8.67
C ASN B 60 7.80 -10.38 1.42
C ASN B 60 -2.89 4.57 7.21
N ILE B 61 17.19 -2.32 12.82
N ILE B 61 -6.90 -6.43 -8.63
N ILE B 61 6.50 -10.57 1.56
N ILE B 61 -3.13 4.44 8.50
CA ILE B 61 16.61 -1.90 11.51
CA ILE B 61 -8.18 -6.11 -7.93
CA ILE B 61 5.53 -9.44 1.37
CA ILE B 61 -2.09 4.75 9.54
C ILE B 61 15.10 -2.02 11.66
C ILE B 61 -7.99 -6.54 -6.48
C ILE B 61 5.36 -8.79 2.73
C ILE B 61 -1.30 3.46 9.74
N GLN B 62 14.36 -0.94 11.60
N GLN B 62 -8.03 -5.63 -5.55
N GLN B 62 5.74 -7.55 2.88
N GLN B 62 -0.04 3.45 9.43
CA GLN B 62 12.88 -0.94 11.79
CA GLN B 62 -7.79 -5.91 -4.10
CA GLN B 62 5.70 -6.82 4.18
CA GLN B 62 0.82 2.24 9.54
C GLN B 62 12.19 -0.83 10.43
C GLN B 62 -9.12 -5.93 -3.36
C GLN B 62 4.49 -5.87 4.19
C GLN B 62 1.71 2.34 10.78
N LYS B 63 10.87 -1.02 10.39
N LYS B 63 -9.13 -6.38 -2.10
N LYS B 63 4.17 -5.30 5.34
N LYS B 63 2.39 1.26 11.14
CA LYS B 63 10.12 -0.99 9.16
CA LYS B 63 -10.34 -6.50 -1.32
CA LYS B 63 3.02 -4.43 5.49
CA LYS B 63 3.21 1.22 12.34
C LYS B 63 10.38 0.32 8.43
C LYS B 63 -11.06 -5.16 -1.30
C LYS B 63 3.10 -3.30 4.47
C LYS B 63 4.21 2.37 12.31
N GLU B 64 10.43 0.16 7.09
N GLU B 64 -12.40 -5.30 -1.34
N GLU B 64 1.90 -2.97 3.97
N GLU B 64 4.42 2.90 13.52
CA GLU B 64 10.66 1.22 6.14
CA GLU B 64 -13.34 -4.21 -1.33
CA GLU B 64 1.67 -1.94 3.00
CA GLU B 64 5.33 3.98 13.81
C GLU B 64 11.99 1.88 6.14
C GLU B 64 -13.38 -3.29 -2.50
C GLU B 64 2.19 -2.15 1.61
C GLU B 64 4.99 5.33 13.24
N SER B 65 12.97 1.19 6.73
N SER B 65 -12.83 -3.77 -3.60
N SER B 65 2.49 -3.41 1.31
N SER B 65 3.73 5.50 12.89
CA SER B 65 14.38 1.62 6.73
CA SER B 65 -12.85 -3.08 -4.89
CA SER B 65 2.92 -3.84 -0.03
CA SER B 65 3.17 6.77 12.42
C SER B 65 14.91 1.43 5.29
C SER B 65 -14.30 -3.14 -5.42
C SER B 65 1.68 -3.75 -0.96
C SER B 65 3.09 7.71 13.65
N THR B 66 15.99 2.12 4.98
N THR B 66 -14.64 -2.26 -6.32
N THR B 66 1.91 -3.69 -2.24
N THR B 66 3.02 8.99 13.41
CA THR B 66 16.66 1.97 3.67
CA THR B 66 -15.97 -2.25 -6.97
CA THR B 66 0.83 -3.69 -3.24
CA THR B 66 2.86 9.99 14.47
C THR B 66 18.09 1.49 3.92
C THR B 66 -15.77 -2.45 -8.48
C THR B 66 1.01 -4.91 -4.14
C THR B 66 1.56 10.75 14.22
N LEU B 67 18.49 0.39 3.26
N LEU B 67 -16.46 -3.44 -9.07
N LEU B 67 -0.04 -5.72 -4.29
N LEU B 67 0.67 10.81 15.24
CA LEU B 67 19.88 -0.06 3.36
CA LEU B 67 -16.40 -3.61 -10.53
CA LEU B 67 0.01 -6.86 -5.23
CA LEU B 67 -0.55 11.61 15.10
C LEU B 67 20.55 0.36 2.04
C LEU B 67 -17.73 -3.05 -11.07
C LEU B 67 -0.80 -6.41 -6.46
C LEU B 67 -0.29 12.89 15.91
N HIS B 68 21.83 0.55 2.05
N HIS B 68 -17.75 -2.62 -12.28
N HIS B 68 -0.51 -6.96 -7.59
N HIS B 68 -0.95 13.95 15.58
CA HIS B 68 22.52 0.91 0.79
CA HIS B 68 -19.02 -2.12 -12.84
CA HIS B 68 -1.29 -6.59 -8.80
CA HIS B 68 -0.76 15.20 16.37
C HIS B 68 23.25 -0.35 0.33
C HIS B 68 -19.51 -3.20 -13.80
C HIS B 68 -2.21 -7.79 -9.08
C HIS B 68 -2.02 15.35 17.22
N LEU B 69 23.17 -0.66 -0.95
N LEU B 69 -20.80 -3.51 -13.75
N LEU B 69 -3.46 -7.51 -9.38
N LEU B 69 -1.85 15.68 18.49
CA LEU B 69 23.88 -1.79 -1.52
CA LEU B 69 -21.41 -4.48 -14.65
CA LEU B 69 -4.42 -8.55 -9.73
CA LEU B 69 -2.97 15.93 19.39
C LEU B 69 25.04 -1.34 -2.36
C LEU B 69 -22.27 -3.80 -15.67
C LEU B 69 -4.74 -8.53 -11.20
C LEU B 69 -3.13 17.39 19.69
N VAL B 70 26.25 -1.65 -2.00
N VAL B 70 -21.95 -3.87 -16.93
N VAL B 70 -4.41 -9.54 -11.94
N VAL B 70 -4.19 18.02 19.30
CA VAL B 70 27.42 -1.32 -2.87
CA VAL B 70 -22.84 -3.30 -17.98
CA VAL B 70 -4.79 -9.60 -13.38
CA VAL B 70 -4.44 19.43 19.67
C VAL B 70 27.87 -2.68 -3.41
C VAL B 70 -23.42 -4.55 -18.67
C VAL B 70 -5.89 -10.68 -13.41
C VAL B 70 -5.57 19.36 20.70
N LEU B 71 28.24 -2.73 -4.66
N LEU B 71 -24.69 -4.52 -19.01
N LEU B 71 -6.93 -10.47 -14.18
N LEU B 71 -5.50 20.15 21.75
CA LEU B 71 28.72 -4.01 -5.27
CA LEU B 71 -25.32 -5.66 -19.71
CA LEU B 71 -8.02 -11.47 -14.29
CA LEU B 71 -6.57 20.16 22.77
C LEU B 71 30.22 -4.06 -5.22
C LEU B 71 -25.32 -5.42 -21.20
C LEU B 71 -7.77 -12.34 -15.51
C LEU B 71 -7.55 21.26 22.48
N MET A 1 6.38 18.40 -20.67
CA MET A 1 5.74 19.56 -20.05
C MET A 1 6.28 19.67 -18.60
N GLN A 2 6.34 20.88 -18.14
CA GLN A 2 6.81 21.11 -16.74
C GLN A 2 5.61 21.10 -15.81
N ILE A 3 5.80 20.45 -14.66
CA ILE A 3 4.77 20.47 -13.61
C ILE A 3 5.53 20.83 -12.30
N PHE A 4 4.75 21.23 -11.33
CA PHE A 4 5.40 21.59 -10.01
C PHE A 4 4.91 20.64 -8.96
N VAL A 5 5.74 20.16 -8.03
CA VAL A 5 5.27 19.32 -6.95
C VAL A 5 5.58 20.10 -5.65
N LYS A 6 4.57 20.50 -4.95
CA LYS A 6 4.78 21.30 -3.70
C LYS A 6 4.77 20.35 -2.53
N THR A 7 5.82 20.41 -1.68
CA THR A 7 5.88 19.52 -0.51
C THR A 7 5.42 20.27 0.74
N LEU A 8 5.24 19.58 1.84
CA LEU A 8 4.74 20.24 3.07
C LEU A 8 5.81 21.08 3.74
N THR A 9 7.06 21.03 3.24
CA THR A 9 8.08 21.90 3.94
C THR A 9 8.35 23.16 3.18
N GLY A 10 7.52 23.50 2.24
CA GLY A 10 7.67 24.69 1.43
C GLY A 10 8.68 24.63 0.33
N LYS A 11 9.10 23.43 0.00
CA LYS A 11 10.01 23.21 -1.12
C LYS A 11 9.11 22.84 -2.31
N THR A 12 9.42 23.38 -3.48
CA THR A 12 8.62 22.98 -4.66
C THR A 12 9.61 22.35 -5.64
N ILE A 13 9.25 21.19 -6.17
CA ILE A 13 10.23 20.60 -7.13
C ILE A 13 9.65 20.67 -8.52
N THR A 14 10.47 20.94 -9.51
CA THR A 14 9.89 20.97 -10.89
C THR A 14 10.25 19.66 -11.57
N LEU A 15 9.33 19.09 -12.33
CA LEU A 15 9.58 17.83 -13.01
C LEU A 15 9.25 18.02 -14.49
N GLU A 16 9.89 17.22 -15.31
CA GLU A 16 9.51 17.26 -16.76
C GLU A 16 8.85 15.92 -17.00
N VAL A 17 7.60 16.03 -17.42
CA VAL A 17 6.77 14.86 -17.67
C VAL A 17 5.93 15.04 -18.95
N GLU A 18 5.32 13.93 -19.31
CA GLU A 18 4.37 13.84 -20.41
C GLU A 18 3.06 13.38 -19.82
N PRO A 19 1.95 13.87 -20.34
CA PRO A 19 0.61 13.47 -19.90
C PRO A 19 0.43 11.98 -19.97
N SER A 20 1.19 11.31 -20.81
CA SER A 20 1.03 9.85 -20.98
C SER A 20 1.72 9.11 -19.87
N ASP A 21 2.49 9.83 -19.05
CA ASP A 21 3.19 9.10 -17.96
C ASP A 21 2.21 8.63 -16.92
N THR A 22 2.51 7.52 -16.30
CA THR A 22 1.71 6.99 -15.21
C THR A 22 2.16 7.68 -13.91
N ILE A 23 1.25 7.61 -12.94
CA ILE A 23 1.52 8.13 -11.60
C ILE A 23 2.72 7.40 -10.98
N GLU A 24 2.80 6.12 -11.24
CA GLU A 24 3.98 5.32 -10.73
C GLU A 24 5.27 5.90 -11.23
N CYS A 25 5.30 6.34 -12.52
CA CYS A 25 6.50 6.91 -13.13
C CYS A 25 6.85 8.24 -12.50
N VAL A 26 5.82 9.05 -12.28
CA VAL A 26 6.04 10.34 -11.65
C VAL A 26 6.71 10.15 -10.29
N LYS A 27 6.18 9.20 -9.52
CA LYS A 27 6.74 8.92 -8.19
C LYS A 27 8.19 8.48 -8.29
N ALA A 28 8.54 7.70 -9.30
CA ALA A 28 9.92 7.29 -9.53
C ALA A 28 10.80 8.47 -9.89
N LYS A 29 10.31 9.43 -10.66
CA LYS A 29 11.09 10.64 -10.97
C LYS A 29 11.35 11.47 -9.69
N ILE A 30 10.35 11.49 -8.81
CA ILE A 30 10.50 12.25 -7.55
C ILE A 30 11.53 11.50 -6.70
N GLN A 31 11.49 10.19 -6.69
CA GLN A 31 12.50 9.45 -5.86
C GLN A 31 13.90 9.76 -6.40
N ASP A 32 14.01 9.63 -7.70
CA ASP A 32 15.30 9.91 -8.37
C ASP A 32 15.83 11.29 -8.03
N LYS A 33 14.94 12.30 -7.98
CA LYS A 33 15.50 13.66 -7.74
C LYS A 33 15.53 14.13 -6.33
N GLU A 34 14.74 13.67 -5.41
CA GLU A 34 14.73 14.09 -4.02
C GLU A 34 14.92 12.96 -3.04
N GLY A 35 14.94 11.73 -3.52
CA GLY A 35 15.18 10.58 -2.69
C GLY A 35 14.07 10.02 -1.89
N ILE A 36 12.84 10.55 -2.06
CA ILE A 36 11.72 10.01 -1.29
C ILE A 36 11.20 8.72 -1.91
N PRO A 37 11.15 7.65 -1.13
CA PRO A 37 10.64 6.34 -1.58
C PRO A 37 9.21 6.46 -2.09
N PRO A 38 8.88 5.84 -3.19
CA PRO A 38 7.51 5.95 -3.73
C PRO A 38 6.45 5.52 -2.76
N ASP A 39 6.74 4.57 -1.90
CA ASP A 39 5.72 4.05 -0.95
C ASP A 39 5.34 5.08 0.11
N GLN A 40 6.16 6.11 0.23
CA GLN A 40 5.83 7.18 1.22
C GLN A 40 5.08 8.36 0.58
N GLN A 41 5.02 8.40 -0.74
CA GLN A 41 4.40 9.48 -1.46
C GLN A 41 2.90 9.36 -1.66
N ARG A 42 2.21 10.46 -1.32
CA ARG A 42 0.75 10.57 -1.60
C ARG A 42 0.62 11.80 -2.48
N LEU A 43 0.18 11.67 -3.73
CA LEU A 43 0.09 12.84 -4.63
C LEU A 43 -1.35 13.30 -4.76
N ILE A 44 -1.57 14.59 -4.57
CA ILE A 44 -2.91 15.19 -4.61
C ILE A 44 -3.02 16.28 -5.66
N PHE A 45 -4.11 16.19 -6.46
CA PHE A 45 -4.39 17.20 -7.50
C PHE A 45 -5.92 17.33 -7.53
N ALA A 46 -6.32 18.58 -7.46
CA ALA A 46 -7.74 18.98 -7.52
C ALA A 46 -8.59 18.14 -6.58
N GLY A 47 -8.08 17.99 -5.40
CA GLY A 47 -8.62 17.24 -4.29
C GLY A 47 -8.80 15.76 -4.47
N CYS A 48 -8.13 15.15 -5.41
CA CYS A 48 -8.12 13.71 -5.63
C CYS A 48 -6.78 13.12 -5.25
N GLN A 49 -6.74 11.97 -4.70
CA GLN A 49 -5.43 11.30 -4.47
C GLN A 49 -5.16 10.55 -5.77
N LEU A 50 -3.98 10.72 -6.33
CA LEU A 50 -3.65 10.11 -7.64
C LEU A 50 -3.29 8.65 -7.46
N GLU A 51 -3.77 7.80 -8.37
CA GLU A 51 -3.53 6.34 -8.25
C GLU A 51 -2.42 5.92 -9.18
N ASP A 52 -1.53 5.06 -8.79
CA ASP A 52 -0.35 4.62 -9.54
C ASP A 52 -0.48 4.20 -10.99
N GLY A 53 -1.50 3.45 -11.32
CA GLY A 53 -1.74 2.91 -12.67
C GLY A 53 -2.40 3.82 -13.65
N ARG A 54 -2.89 4.98 -13.21
CA ARG A 54 -3.49 5.96 -14.13
C ARG A 54 -2.37 6.83 -14.68
N THR A 55 -2.66 7.57 -15.72
CA THR A 55 -1.72 8.53 -16.36
C THR A 55 -2.16 9.94 -15.93
N LEU A 56 -1.27 10.90 -16.12
CA LEU A 56 -1.55 12.31 -15.83
C LEU A 56 -2.72 12.75 -16.70
N SER A 57 -2.80 12.25 -17.95
CA SER A 57 -3.93 12.69 -18.80
C SER A 57 -5.26 12.26 -18.24
N ASP A 58 -5.29 11.15 -17.53
CA ASP A 58 -6.56 10.64 -16.93
C ASP A 58 -7.20 11.71 -16.05
N TYR A 59 -6.37 12.41 -15.33
CA TYR A 59 -6.76 13.49 -14.42
C TYR A 59 -6.79 14.84 -15.09
N ASN A 60 -6.55 14.98 -16.38
CA ASN A 60 -6.58 16.32 -16.99
C ASN A 60 -5.58 17.25 -16.32
N ILE A 61 -4.36 16.77 -16.10
CA ILE A 61 -3.28 17.62 -15.54
C ILE A 61 -2.59 18.28 -16.73
N GLN A 62 -2.64 19.57 -16.85
CA GLN A 62 -2.07 20.32 -18.00
C GLN A 62 -0.74 20.97 -17.58
N LYS A 63 0.04 21.51 -18.58
CA LYS A 63 1.33 22.10 -18.24
C LYS A 63 1.17 23.16 -17.17
N GLU A 64 2.22 23.18 -16.36
CA GLU A 64 2.37 24.09 -15.26
C GLU A 64 1.44 23.96 -14.10
N SER A 65 0.81 22.79 -14.03
CA SER A 65 -0.07 22.42 -12.91
C SER A 65 0.84 22.18 -11.68
N THR A 66 0.25 22.25 -10.50
CA THR A 66 0.96 21.97 -9.25
C THR A 66 0.29 20.77 -8.56
N LEU A 67 1.06 19.74 -8.22
CA LEU A 67 0.49 18.62 -7.46
C LEU A 67 0.98 18.81 -6.00
N HIS A 68 0.26 18.31 -5.06
CA HIS A 68 0.72 18.43 -3.66
C HIS A 68 1.24 17.05 -3.26
N LEU A 69 2.38 17.02 -2.60
CA LEU A 69 2.96 15.77 -2.10
C LEU A 69 2.83 15.67 -0.60
N VAL A 70 2.10 14.73 -0.09
CA VAL A 70 2.03 14.52 1.38
C VAL A 70 2.81 13.21 1.60
N LEU A 71 3.60 13.15 2.65
CA LEU A 71 4.36 11.93 2.95
C LEU A 71 3.61 11.09 3.95
N ARG A 72 3.54 9.80 3.75
N ARG A 72 3.54 9.77 3.68
N ARG A 72 3.50 9.80 3.79
N ARG A 72 3.54 9.80 3.72
CA ARG A 72 2.81 8.93 4.70
CA ARG A 72 2.86 8.74 4.49
CA ARG A 72 2.75 9.02 4.81
CA ARG A 72 2.81 8.90 4.65
C ARG A 72 3.48 9.15 6.05
C ARG A 72 1.98 7.96 3.51
C ARG A 72 3.15 7.57 4.59
C ARG A 72 3.86 8.38 5.62
N LEU A 73 2.93 9.89 6.96
N LEU A 73 1.32 6.92 3.89
N LEU A 73 2.42 6.60 5.04
N LEU A 73 4.90 7.74 5.18
CA LEU A 73 3.60 10.09 8.27
CA LEU A 73 0.46 6.19 2.93
CA LEU A 73 2.83 5.19 4.83
CA LEU A 73 5.91 7.23 6.15
C LEU A 73 3.73 8.76 8.98
C LEU A 73 -0.58 5.38 3.68
C LEU A 73 4.19 4.95 5.47
C LEU A 73 5.30 6.08 6.95
N ARG A 74 2.66 7.99 8.91
N ARG A 74 -1.75 5.29 3.06
N ARG A 74 4.70 3.77 5.19
N ARG A 74 6.10 5.03 7.05
CA ARG A 74 2.58 6.68 9.56
CA ARG A 74 -2.89 4.56 3.63
CA ARG A 74 6.00 3.33 5.73
CA ARG A 74 5.70 3.80 7.78
C ARG A 74 3.74 5.81 9.05
C ARG A 74 -3.49 3.67 2.55
C ARG A 74 5.92 3.30 7.25
C ARG A 74 6.95 3.10 8.27
N GLY A 75 4.74 5.68 9.91
N GLY A 75 -3.78 2.43 2.94
N GLY A 75 5.99 2.09 7.79
N GLY A 75 6.74 2.16 9.17
CA GLY A 75 5.94 4.91 9.62
CA GLY A 75 -4.36 1.42 2.06
CA GLY A 75 5.92 1.85 9.22
CA GLY A 75 7.81 1.37 9.79
C GLY A 75 7.04 5.02 10.66
C GLY A 75 -4.48 0.05 2.67
C GLY A 75 6.33 0.46 9.66
C GLY A 75 7.88 -0.07 9.33
N GLY A 76 8.18 4.47 10.29
N GLY A 76 -5.07 -0.83 1.87
N GLY A 76 6.45 0.32 10.97
N GLY A 76 7.16 -0.90 10.07
CA GLY A 76 9.40 4.45 11.11
CA GLY A 76 -5.30 -2.24 2.20
CA GLY A 76 6.83 -0.92 11.65
CA GLY A 76 7.06 -2.35 9.84
C GLY A 76 9.59 3.02 11.65
C GLY A 76 -6.75 -2.41 2.67
C GLY A 76 5.65 -1.90 11.56
C GLY A 76 6.43 -3.00 11.08
N MET B 1 8.71 -7.27 7.21
N MET B 1 -13.06 -12.30 0.81
N MET B 1 -0.99 -6.60 9.34
N MET B 1 -0.26 -2.73 18.90
CA MET B 1 8.83 -5.80 7.21
CA MET B 1 -13.16 -10.83 0.89
CA MET B 1 -0.34 -5.54 8.54
CA MET B 1 0.87 -2.11 18.18
C MET B 1 9.49 -5.40 5.86
C MET B 1 -14.45 -10.43 0.14
C MET B 1 -1.28 -5.23 7.35
C MET B 1 1.15 -0.75 18.86
N GLN B 2 9.12 -4.23 5.42
N GLN B 2 -15.02 -9.35 0.59
N GLN B 2 -1.22 -4.00 6.94
N GLN B 2 2.39 -0.37 18.80
CA GLN B 2 9.72 -3.72 4.15
CA GLN B 2 -16.25 -8.85 -0.08
CA GLN B 2 -2.05 -3.59 5.77
CA GLN B 2 2.77 0.95 19.40
C GLN B 2 10.96 -2.91 4.48
C GLN B 2 -15.86 -7.87 -1.18
C GLN B 2 -1.25 -3.78 4.49
C GLN B 2 2.68 2.02 18.33
N ILE B 3 12.00 -3.11 3.67
N ILE B 3 -16.53 -7.99 -2.31
N ILE B 3 -1.92 -4.29 3.47
N ILE B 3 2.14 3.17 18.73
CA ILE B 3 13.22 -2.29 3.79
CA ILE B 3 -16.35 -7.01 -3.41
CA ILE B 3 -1.29 -4.40 2.13
CA ILE B 3 2.12 4.35 17.84
C ILE B 3 13.54 -1.82 2.33
C ILE B 3 -17.79 -6.59 -3.83
C ILE B 3 -2.34 -3.81 1.14
C ILE B 3 2.66 5.53 18.69
N PHE B 4 14.38 -0.81 2.29
N PHE B 4 -17.82 -5.48 -4.53
N PHE B 4 -1.83 -3.51 -0.02
N PHE B 4 3.04 6.56 17.97
CA PHE B 4 14.75 -0.28 0.92
CA PHE B 4 -19.18 -5.00 -5.01
CA PHE B 4 -2.78 -2.93 -1.06
CA PHE B 4 3.56 7.77 18.71
C PHE B 4 16.23 -0.51 0.71
C PHE B 4 -19.20 -5.03 -6.51
C PHE B 4 -2.85 -3.89 -2.23
C PHE B 4 2.64 8.93 18.48
N VAL B 5 16.69 -0.89 -0.47
N VAL B 5 -20.30 -5.43 -7.16
N VAL B 5 -4.01 -4.12 -2.83
N VAL B 5 2.34 9.77 19.46
CA VAL B 5 18.12 -1.03 -0.72
CA VAL B 5 -20.38 -5.39 -8.60
CA VAL B 5 -4.11 -4.96 -4.00
CA VAL B 5 1.52 10.95 19.24
C VAL B 5 18.44 -0.01 -1.85
C VAL B 5 -21.55 -4.42 -8.92
C VAL B 5 -4.63 -4.05 -5.14
C VAL B 5 2.43 12.16 19.58
N LYS B 6 19.20 0.98 -1.55
N LYS B 6 -21.25 -3.32 -9.53
N LYS B 6 -3.83 -3.82 -6.12
N LYS B 6 2.75 12.95 18.62
CA LYS B 6 19.53 2.03 -2.58
CA LYS B 6 -22.31 -2.31 -9.82
CA LYS B 6 -4.26 -2.91 -7.24
CA LYS B 6 3.65 14.12 18.86
C LYS B 6 20.83 1.66 -3.23
C LYS B 6 -22.79 -2.53 -11.23
C LYS B 6 -4.82 -3.76 -8.35
C LYS B 6 2.81 15.33 19.12
N THR B 7 20.86 1.60 -4.58
N THR B 7 -24.12 -2.68 -11.43
N THR B 7 -6.05 -3.43 -8.82
N THR B 7 3.05 16.04 20.23
CA THR B 7 22.10 1.25 -5.29
CA THR B 7 -24.66 -2.90 -12.77
CA THR B 7 -6.66 -4.22 -9.90
CA THR B 7 2.26 17.23 20.54
C THR B 7 22.77 2.53 -5.78
C THR B 7 -25.18 -1.58 -13.34
C THR B 7 -6.46 -3.48 -11.23
C THR B 7 3.05 18.49 20.14
N LEU B 8 23.99 2.43 -6.28
N LEU B 8 -25.53 -1.55 -14.61
N LEU B 8 -6.78 -4.11 -12.33
N LEU B 8 2.42 19.65 20.16
CA LEU B 8 24.73 3.63 -6.75
CA LEU B 8 -26.00 -0.30 -15.24
CA LEU B 8 -6.59 -3.49 -13.66
CA LEU B 8 3.09 20.89 19.74
C LEU B 8 24.19 4.17 -8.06
C LEU B 8 -27.41 0.08 -14.81
C LEU B 8 -7.60 -2.40 -13.95
C LEU B 8 4.12 21.38 20.75
N THR B 9 23.25 3.44 -8.70
N THR B 9 -28.09 -0.81 -14.04
N THR B 9 -8.61 -2.24 -13.07
N THR B 9 4.19 20.73 21.93
CA THR B 9 22.76 4.01 -10.00
CA THR B 9 -29.48 -0.39 -13.64
CA THR B 9 -9.59 -1.15 -13.40
CA THR B 9 5.21 21.25 22.90
C THR B 9 21.43 4.69 -9.84
C THR B 9 -29.51 0.11 -12.23
C THR B 9 -9.35 0.10 -12.59
C THR B 9 6.44 20.38 22.92
N GLY B 10 21.02 4.96 -8.65
N GLY B 10 -28.39 0.41 -11.65
N GLY B 10 -8.21 0.20 -11.96
N GLY B 10 6.61 19.54 21.95
CA GLY B 10 19.77 5.61 -8.35
CA GLY B 10 -28.29 0.90 -10.29
CA GLY B 10 -7.84 1.33 -11.16
CA GLY B 10 7.75 18.65 21.84
C GLY B 10 18.54 4.74 -8.43
C GLY B 10 -28.43 -0.12 -9.21
C GLY B 10 -8.45 1.40 -9.79
C GLY B 10 7.72 17.44 22.74
N LYS B 11 18.75 3.45 -8.43
N LYS B 11 -28.31 -1.38 -9.56
N LYS B 11 -8.97 0.29 -9.34
N LYS B 11 6.57 17.13 23.26
CA LYS B 11 17.65 2.49 -8.40
CA LYS B 11 -28.32 -2.47 -8.60
CA LYS B 11 -9.50 0.17 -7.98
CA LYS B 11 6.38 15.92 24.05
C LYS B 11 17.48 2.10 -6.91
C LYS B 11 -26.83 -2.78 -8.31
C LYS B 11 -8.37 -0.44 -7.15
C LYS B 11 5.82 14.87 23.08
N THR B 12 16.24 2.01 -6.46
N THR B 12 -26.51 -3.00 -7.05
N THR B 12 -8.18 0.07 -5.94
N THR B 12 6.31 13.64 23.18
CA THR B 12 16.05 1.56 -5.07
CA THR B 12 -25.12 -3.39 -6.75
CA THR B 12 -7.16 -0.57 -5.08
CA THR B 12 5.73 12.60 22.32
C THR B 12 15.21 0.28 -5.15
C THR B 12 -25.18 -4.77 -6.10
C THR B 12 -7.89 -1.05 -3.84
C THR B 12 5.16 11.54 23.26
N ILE B 13 15.66 -0.76 -4.44
N ILE B 13 -24.35 -5.69 -6.58
N ILE B 13 -7.64 -2.30 -3.46
N ILE B 13 3.91 11.13 23.00
CA ILE B 13 14.84 -2.00 -4.53
CA ILE B 13 -24.43 -7.03 -5.94
CA ILE B 13 -8.37 -2.75 -2.23
CA ILE B 13 3.38 10.09 23.93
C ILE B 13 14.15 -2.21 -3.21
C ILE B 13 -23.19 -7.25 -5.12
C ILE B 13 -7.38 -2.90 -1.10
C ILE B 13 3.28 8.78 23.20
N THR B 14 12.91 -2.68 -3.24
N THR B 14 -23.30 -7.87 -3.97
N THR B 14 -7.76 -2.53 0.10
N THR B 14 3.58 7.68 23.85
CA THR B 14 12.25 -2.93 -1.93
CA THR B 14 -22.05 -8.12 -3.20
CA THR B 14 -6.78 -2.72 1.21
CA THR B 14 3.43 6.39 23.12
C THR B 14 12.29 -4.40 -1.64
C THR B 14 -21.66 -9.56 -3.40
C THR B 14 -7.17 -3.96 1.97
C THR B 14 2.14 5.74 23.56
N LEU B 15 12.55 -4.81 -0.41
N LEU B 15 -20.38 -9.85 -3.55
N LEU B 15 -6.21 -4.76 2.39
N LEU B 15 1.40 5.14 22.66
CA LEU B 15 12.63 -6.21 -0.06
CA LEU B 15 -19.91 -11.21 -3.76
CA LEU B 15 -6.48 -5.99 3.11
CA LEU B 15 0.14 4.50 22.98
C LEU B 15 11.69 -6.47 1.12
C LEU B 15 -18.84 -11.51 -2.72
C LEU B 15 -5.68 -5.97 4.42
C LEU B 15 0.18 3.06 22.47
N GLU B 16 11.23 -7.70 1.22
N GLU B 16 -18.68 -12.77 -2.42
N GLU B 16 -6.17 -6.68 5.40
N GLU B 16 -0.59 2.22 23.11
CA GLU B 16 10.41 -8.03 2.43
CA GLU B 16 -17.55 -13.14 -1.50
CA GLU B 16 -5.35 -6.80 6.65
CA GLU B 16 -0.71 0.83 22.56
C GLU B 16 11.29 -8.98 3.20
C GLU B 16 -16.61 -13.91 -2.40
C GLU B 16 -4.95 -8.26 6.66
C GLU B 16 -2.12 0.75 22.06
N VAL B 17 11.57 -8.55 4.42
N VAL B 17 -15.40 -13.37 -2.48
N VAL B 17 -3.64 -8.44 6.66
N VAL B 17 -2.20 0.47 20.77
CA VAL B 17 12.45 -9.29 5.32
CA VAL B 17 -14.35 -13.93 -3.33
CA VAL B 17 -3.03 -9.77 6.62
CA VAL B 17 -3.48 0.40 20.07
C VAL B 17 11.90 -9.28 6.76
C VAL B 17 -12.99 -13.89 -2.61
C VAL B 17 -1.82 -9.85 7.56
C VAL B 17 -3.50 -0.77 19.08
N GLU B 18 12.56 -10.10 7.55
N GLU B 18 -12.07 -14.57 -3.28
N GLU B 18 -1.38 -11.07 7.70
N GLU B 18 -4.71 -0.99 18.59
CA GLU B 18 12.32 -10.20 8.99
CA GLU B 18 -10.66 -14.61 -2.89
CA GLU B 18 -0.16 -11.43 8.44
CA GLU B 18 -4.99 -1.97 17.54
C GLU B 18 13.63 -9.85 9.67
C GLU B 18 -9.88 -14.04 -4.06
C GLU B 18 0.77 -12.10 7.45
C GLU B 18 -5.57 -1.19 16.37
N PRO B 19 13.56 -9.19 10.81
N PRO B 19 -8.82 -13.32 -3.76
N PRO B 19 2.06 -11.87 7.60
N PRO B 19 -5.25 -1.60 15.15
CA PRO B 19 14.75 -8.83 11.59
CA PRO B 19 -7.94 -12.77 -4.81
CA PRO B 19 3.08 -12.50 6.74
CA PRO B 19 -5.77 -0.98 13.94
C PRO B 19 15.60 -10.03 11.91
C PRO B 19 -7.44 -13.82 -5.75
C PRO B 19 2.96 -14.01 6.74
C PRO B 19 -7.29 -0.94 13.94
N SER B 20 15.00 -11.20 11.92
N SER B 20 -7.39 -15.06 -5.30
N SER B 20 2.38 -14.56 7.79
N SER B 20 -7.92 -1.83 14.68
CA SER B 20 15.74 -12.43 12.27
CA SER B 20 -6.86 -16.14 -6.15
CA SER B 20 2.28 -16.02 7.89
CA SER B 20 -9.38 -1.89 14.69
C SER B 20 16.55 -12.92 11.10
C SER B 20 -7.90 -16.61 -7.14
C SER B 20 1.12 -16.55 7.06
C SER B 20 -9.96 -0.83 15.61
N ASP B 21 16.34 -12.32 9.93
N ASP B 21 -9.13 -16.12 -7.00
N ASP B 21 0.31 -15.63 6.53
N ASP B 21 -9.10 -0.15 16.36
CA ASP B 21 17.11 -12.83 8.76
CA ASP B 21 -10.17 -16.59 -7.96
CA ASP B 21 -0.84 -16.13 5.74
CA ASP B 21 -9.65 0.88 17.28
C ASP B 21 18.56 -12.43 8.90
C ASP B 21 -9.90 -16.00 -9.33
C ASP B 21 -0.36 -16.70 4.44
C ASP B 21 -10.14 2.06 16.48
N THR B 22 19.44 -13.27 8.37
N THR B 22 -10.26 -16.75 -10.35
N THR B 22 -1.07 -17.70 3.94
N THR B 22 -11.18 2.70 17.00
CA THR B 22 20.85 -12.99 8.35
CA THR B 22 -10.16 -16.29 -11.72
CA THR B 22 -0.78 -18.29 2.66
CA THR B 22 -11.72 3.91 16.41
C THR B 22 21.15 -12.10 7.11
C THR B 22 -11.42 -15.44 -12.04
C THR B 22 -1.45 -17.44 1.56
C THR B 22 -10.88 5.11 16.90
N ILE B 23 22.31 -11.45 7.21
N ILE B 23 -11.25 -14.64 -13.10
N ILE B 23 -0.93 -17.62 0.35
N ILE B 23 -10.99 6.19 16.12
CA ILE B 23 22.80 -10.64 6.10
CA ILE B 23 -12.36 -13.84 -13.61
CA ILE B 23 -1.51 -16.98 -0.82
CA ILE B 23 -10.35 7.44 16.48
C ILE B 23 23.02 -11.50 4.86
C ILE B 23 -13.50 -14.75 -14.07
C ILE B 23 -2.95 -17.41 -1.03
C ILE B 23 -10.89 7.95 17.82
N GLU B 24 23.49 -12.71 5.07
N GLU B 24 -13.15 -15.87 -14.66
N GLU B 24 -3.23 -18.67 -0.76
N GLU B 24 -12.17 7.76 18.05
CA GLU B 24 23.67 -13.67 3.92
CA GLU B 24 -14.19 -16.86 -15.10
CA GLU B 24 -4.64 -19.17 -0.86
CA GLU B 24 -12.77 8.16 19.36
C GLU B 24 22.37 -13.87 3.18
C GLU B 24 -15.04 -17.28 -13.93
C GLU B 24 -5.55 -18.38 0.03
C GLU B 24 -12.07 7.47 20.50
N ASN B 25 21.28 -13.98 3.93
N ASN B 25 -14.41 -17.49 -12.78
N ASN B 25 -5.09 -18.06 1.22
N ASN B 25 -11.75 6.21 20.32
CA ASN B 25 19.93 -14.21 3.40
CA ASN B 25 -15.08 -17.92 -11.54
CA ASN B 25 -5.85 -17.30 2.23
CA ASN B 25 -11.07 5.38 21.33
C ASN B 25 19.45 -13.00 2.58
C ASN B 25 -16.03 -16.85 -11.01
C ASN B 25 -6.13 -15.87 1.76
C ASN B 25 -9.65 5.88 21.60
N VAL B 26 19.70 -11.83 3.14
N VAL B 26 -15.53 -15.62 -11.04
N VAL B 26 -5.08 -15.27 1.21
N VAL B 26 -8.96 6.19 20.52
CA VAL B 26 19.33 -10.60 2.47
CA VAL B 26 -16.34 -14.49 -10.61
CA VAL B 26 -5.21 -13.92 0.68
CA VAL B 26 -7.60 6.71 20.62
C VAL B 26 20.03 -10.53 1.11
C VAL B 26 -17.61 -14.42 -11.44
C VAL B 26 -6.29 -13.88 -0.39
C VAL B 26 -7.62 7.99 21.47
N LYS B 27 21.33 -10.83 1.11
N LYS B 27 -17.44 -14.55 -12.76
N LYS B 27 -6.25 -14.86 -1.28
N LYS B 27 -8.57 8.87 21.16
CA LYS B 27 22.10 -10.81 -0.13
CA LYS B 27 -18.60 -14.50 -13.68
CA LYS B 27 -7.24 -14.93 -2.37
CA LYS B 27 -8.68 10.14 21.89
C LYS B 27 21.54 -11.79 -1.15
C LYS B 27 -19.58 -15.62 -13.36
C LYS B 27 -8.65 -15.09 -1.81
C LYS B 27 -8.95 9.89 23.37
N ALA B 28 21.09 -12.95 -0.70
N ALA B 28 -19.10 -16.79 -13.01
N ALA B 28 -8.80 -15.84 -0.73
N ALA B 28 -9.74 8.88 23.69
CA ALA B 28 20.47 -13.94 -1.58
CA ALA B 28 -19.98 -17.91 -12.62
CA ALA B 28 -10.11 -16.00 -0.07
CA ALA B 28 -10.00 8.52 25.09
C ALA B 28 19.15 -13.43 -2.15
C ALA B 28 -20.71 -17.61 -11.33
C ALA B 28 -10.56 -14.69 0.54
C ALA B 28 -8.76 7.99 25.76
N LYS B 29 18.36 -12.71 -1.36
N LYS B 29 -20.07 -16.96 -10.36
N LYS B 29 -9.67 -13.90 1.13
N LYS B 29 -7.91 7.23 25.07
CA LYS B 29 17.10 -12.11 -1.87
CA LYS B 29 -20.77 -16.56 -9.12
CA LYS B 29 -10.03 -12.58 1.67
CA LYS B 29 -6.64 6.76 25.65
C LYS B 29 17.41 -11.05 -2.96
C LYS B 29 -21.88 -15.54 -9.40
C LYS B 29 -10.50 -11.63 0.55
C LYS B 29 -5.70 7.94 25.94
N ILE B 30 18.50 -10.31 -2.74
N ILE B 30 -21.61 -14.65 -10.37
N ILE B 30 -9.85 -11.74 -0.61
N ILE B 30 -5.74 8.94 25.05
CA ILE B 30 18.86 -9.27 -3.73
CA ILE B 30 -22.63 -13.64 -10.72
CA ILE B 30 -10.22 -10.88 -1.74
CA ILE B 30 -4.87 10.12 25.24
C ILE B 30 19.34 -10.01 -4.99
C ILE B 30 -23.77 -14.38 -11.42
C ILE B 30 -11.60 -11.36 -2.22
C ILE B 30 -5.43 10.89 26.45
N GLN B 31 20.07 -11.09 -4.85
N GLN B 31 -23.47 -15.35 -12.25
N GLN B 31 -11.84 -12.65 -2.26
N GLN B 31 -6.73 10.97 26.58
CA GLN B 31 20.52 -11.81 -6.08
CA GLN B 31 -24.58 -16.08 -12.93
CA GLN B 31 -13.19 -13.11 -2.71
CA GLN B 31 -7.28 11.72 27.76
C GLN B 31 19.29 -12.30 -6.85
C GLN B 31 -25.44 -16.78 -11.87
C GLN B 31 -14.26 -12.57 -1.75
C GLN B 31 -6.84 11.00 29.05
N ASP B 32 18.42 -12.93 -6.10
N ASP B 32 -24.75 -17.47 -11.00
N ASP B 32 -13.97 -12.76 -0.49
N ASP B 32 -7.05 9.70 29.03
CA ASP B 32 17.16 -13.46 -6.68
CA ASP B 32 -25.42 -18.19 -9.90
CA ASP B 32 -14.89 -12.28 0.58
CA ASP B 32 -6.66 8.85 30.18
C ASP B 32 16.39 -12.39 -7.44
C ASP B 32 -26.33 -17.29 -9.11
C ASP B 32 -15.21 -10.81 0.42
C ASP B 32 -5.21 9.05 30.56
N LYS B 33 16.33 -11.17 -6.87
N LYS B 33 -25.87 -16.05 -8.82
N LYS B 33 -14.19 -9.99 0.09
N LYS B 33 -4.32 9.15 29.55
CA LYS B 33 15.49 -10.16 -7.58
CA LYS B 33 -26.74 -15.21 -7.95
CA LYS B 33 -14.50 -8.54 0.04
CA LYS B 33 -2.88 9.24 29.96
C LYS B 33 16.19 -9.26 -8.54
C LYS B 33 -27.69 -14.28 -8.63
C LYS B 33 -14.88 -7.98 -1.28
C LYS B 33 -2.31 10.61 30.09
N GLU B 34 17.46 -8.99 -8.47
N GLU B 34 -27.51 -13.85 -9.85
N GLU B 34 -14.52 -8.51 -2.41
N GLU B 34 -2.79 11.65 29.47
CA GLU B 34 18.18 -8.12 -9.38
CA GLU B 34 -28.40 -12.96 -10.56
CA GLU B 34 -14.87 -8.01 -3.73
CA GLU B 34 -2.27 13.00 29.56
C GLU B 34 19.36 -8.79 -10.05
C GLU B 34 -28.88 -13.50 -11.88
C GLU B 34 -15.59 -9.01 -4.60
C GLU B 34 -3.29 14.01 30.01
N GLY B 35 19.68 -10.00 -9.65
N GLY B 35 -28.35 -14.63 -12.30
N GLY B 35 -15.72 -10.24 -4.14
N GLY B 35 -4.56 13.61 30.13
CA GLY B 35 20.74 -10.76 -10.25
CA GLY B 35 -28.78 -15.29 -13.51
CA GLY B 35 -16.44 -11.27 -4.84
CA GLY B 35 -5.60 14.46 30.62
C GLY B 35 22.13 -10.50 -9.86
C GLY B 35 -28.25 -14.82 -14.81
C GLY B 35 -15.79 -11.98 -5.96
C GLY B 35 -6.24 15.42 29.69
N ILE B 36 22.35 -9.62 -8.85
N ILE B 36 -27.31 -13.86 -14.78
N ILE B 36 -14.48 -11.71 -6.18
N ILE B 36 -5.87 15.37 28.39
CA ILE B 36 23.73 -9.35 -8.43
CA ILE B 36 -26.76 -13.38 -16.07
CA ILE B 36 -13.80 -12.41 -7.29
CA ILE B 36 -6.49 16.30 27.44
C ILE B 36 24.26 -10.45 -7.52
C ILE B 36 -25.72 -14.34 -16.61
C ILE B 36 -13.39 -13.82 -6.87
C ILE B 36 -7.87 15.82 27.02
N PRO B 37 25.38 -11.04 -7.88
N PRO B 37 -25.92 -14.80 -17.84
N PRO B 37 -13.82 -14.82 -7.63
N PRO B 37 -8.88 16.67 27.21
CA PRO B 37 26.03 -12.10 -7.09
CA PRO B 37 -24.97 -15.71 -18.52
CA PRO B 37 -13.48 -16.23 -7.37
CA PRO B 37 -10.27 16.37 26.82
C PRO B 37 26.33 -11.62 -5.69
C PRO B 37 -23.58 -15.10 -18.58
C PRO B 37 -11.98 -16.42 -7.34
C PRO B 37 -10.35 16.03 25.34
N PRO B 38 26.09 -12.42 -4.67
N PRO B 38 -22.55 -15.87 -18.32
N PRO B 38 -11.45 -17.17 -6.41
N PRO B 38 -11.10 15.01 24.98
CA PRO B 38 26.34 -11.98 -3.30
CA PRO B 38 -21.18 -15.31 -18.36
CA PRO B 38 -10.00 -17.38 -6.35
CA PRO B 38 -11.20 14.64 23.56
C PRO B 38 27.76 -11.56 -3.06
C PRO B 38 -20.82 -14.69 -19.69
C PRO B 38 -9.40 -17.95 -7.61
C PRO B 38 -11.69 15.75 22.68
N ASP B 39 28.71 -12.17 -3.73
N ASP B 39 -21.35 -15.20 -20.78
N ASP B 39 -10.14 -18.76 -8.32
N ASP B 39 -12.53 16.62 23.19
CA ASP B 39 30.15 -11.85 -3.51
CA ASP B 39 -21.00 -14.69 -22.12
CA ASP B 39 -9.61 -19.40 -9.55
CA ASP B 39 -13.10 17.71 22.35
C ASP B 39 30.50 -10.45 -3.98
C ASP B 39 -21.53 -13.28 -22.35
C ASP B 39 -9.37 -18.40 -10.67
C ASP B 39 -12.05 18.74 21.97
N GLN B 40 29.63 -9.84 -4.77
N GLN B 40 -22.46 -12.85 -21.51
N GLN B 40 -9.94 -17.21 -10.53
N GLN B 40 -10.91 18.72 22.65
CA GLN B 40 29.90 -8.46 -5.25
CA GLN B 40 -23.01 -11.48 -21.66
CA GLN B 40 -9.74 -16.17 -11.58
CA GLN B 40 -9.83 19.68 22.30
C GLN B 40 29.19 -7.41 -4.37
C GLN B 40 -22.30 -10.47 -20.74
C GLN B 40 -8.60 -15.20 -11.20
C GLN B 40 -8.80 19.06 21.34
N GLN B 41 28.31 -7.83 -3.49
N GLN B 41 -21.49 -10.95 -19.82
N GLN B 41 -8.11 -15.26 -9.98
N GLN B 41 -8.86 17.76 21.12
CA GLN B 41 27.55 -6.95 -2.64
CA GLN B 41 -20.81 -10.12 -18.86
CA GLN B 41 -7.08 -14.39 -9.49
CA GLN B 41 -7.92 17.05 20.28
C GLN B 41 28.24 -6.51 -1.36
C GLN B 41 -19.50 -9.52 -19.33
C GLN B 41 -5.66 -14.81 -9.80
C GLN B 41 -8.24 17.06 18.80
N ARG B 42 28.22 -5.19 -1.15
N ARG B 42 -19.39 -8.21 -19.13
N ARG B 42 -4.91 -13.86 -10.34
N ARG B 42 -7.22 17.41 18.03
CA ARG B 42 28.70 -4.62 0.15
CA ARG B 42 -18.10 -7.49 -19.37
CA ARG B 42 -3.44 -14.05 -10.53
CA ARG B 42 -7.30 17.31 16.53
C ARG B 42 27.51 -3.84 0.68
C ARG B 42 -17.75 -6.86 -18.04
C ARG B 42 -2.78 -12.93 -9.75
C ARG B 42 -6.16 16.38 16.15
N LEU B 43 26.94 -4.24 1.83
N LEU B 43 -16.64 -7.24 -17.40
N LEU B 43 -2.01 -13.23 -8.71
N LEU B 43 -6.43 15.20 15.58
CA LEU B 43 25.75 -3.55 2.37
CA LEU B 43 -16.30 -6.68 -16.07
CA LEU B 43 -1.40 -12.16 -7.88
CA LEU B 43 -5.35 14.25 15.24
C LEU B 43 26.15 -2.63 3.52
C LEU B 43 -15.18 -5.65 -16.21
C LEU B 43 0.09 -12.02 -8.23
C LEU B 43 -5.09 14.27 13.74
N ILE B 44 25.69 -1.39 3.45
N ILE B 44 -15.40 -4.48 -15.61
N ILE B 44 0.50 -10.78 -8.48
N ILE B 44 -3.81 14.41 13.38
CA ILE B 44 26.02 -0.37 4.45
CA ILE B 44 -14.46 -3.37 -15.70
CA ILE B 44 1.86 -10.46 -8.87
CA ILE B 44 -3.40 14.51 11.99
C ILE B 44 24.76 0.21 5.10
C ILE B 44 -13.99 -2.91 -14.32
C ILE B 44 2.53 -9.48 -7.91
C ILE B 44 -2.39 13.42 11.61
N PHE B 45 24.82 0.27 6.45
N PHE B 45 -12.65 -2.76 -14.19
N PHE B 45 3.77 -9.85 -7.50
N PHE B 45 -2.69 12.76 10.46
CA PHE B 45 23.71 0.85 7.25
CA PHE B 45 -12.03 -2.29 -12.95
CA PHE B 45 4.57 -8.99 -6.61
CA PHE B 45 -1.80 11.71 9.93
C PHE B 45 24.40 1.56 8.43
C PHE B 45 -10.84 -1.42 -13.39
C PHE B 45 6.03 -9.17 -7.08
C PHE B 45 -1.87 11.85 8.40
N ALA B 46 23.98 2.79 8.57
N ALA B 46 -10.84 -0.25 -12.80
N ALA B 46 6.63 -8.03 -7.28
N ALA B 46 -0.67 11.90 7.86
CA ALA B 46 24.42 3.68 9.67
CA ALA B 46 -9.78 0.76 -13.01
CA ALA B 46 8.05 -7.91 -7.67
CA ALA B 46 -0.45 11.99 6.40
C ALA B 46 25.94 3.65 9.81
C ALA B 46 -9.48 0.94 -14.49
C ALA B 46 8.36 -8.84 -8.83
C ALA B 46 -1.32 13.07 5.78
N GLY B 47 26.58 3.75 8.67
N GLY B 47 -10.53 1.06 -15.23
N GLY B 47 7.49 -8.81 -9.79
N GLY B 47 -1.32 14.20 6.43
CA GLY B 47 27.99 3.75 8.45
CA GLY B 47 -10.60 1.22 -16.66
CA GLY B 47 7.48 -9.56 -11.02
CA GLY B 47 -2.04 15.40 6.13
C GLY B 47 28.75 2.52 8.84
C GLY B 47 -10.03 0.12 -17.51
C GLY B 47 7.40 -11.06 -10.91
C GLY B 47 -3.55 15.33 6.12
N LYS B 48 28.09 1.39 8.95
N LYS B 48 -9.91 -1.06 -16.99
N LYS B 48 6.92 -11.57 -9.80
N LYS B 48 -4.12 14.36 6.78
CA LYS B 48 28.75 0.12 9.28
CA LYS B 48 -9.42 -2.22 -17.75
CA LYS B 48 6.76 -13.02 -9.61
CA LYS B 48 -5.58 14.22 6.87
C LYS B 48 28.59 -0.80 8.05
C LYS B 48 -10.58 -3.23 -17.86
C LYS B 48 5.25 -13.28 -9.48
C LYS B 48 -5.96 14.42 8.35
N GLN B 49 29.59 -1.58 7.75
N GLN B 49 -10.71 -3.89 -18.98
N GLN B 49 4.77 -14.38 -10.02
N GLN B 49 -7.06 15.06 8.62
CA GLN B 49 29.44 -2.59 6.64
CA GLN B 49 -11.74 -4.96 -19.09
CA GLN B 49 3.35 -14.75 -9.82
CA GLN B 49 -7.55 15.17 10.02
C GLN B 49 28.82 -3.79 7.33
C GLN B 49 -11.03 -6.20 -18.55
C GLN B 49 3.35 -15.51 -8.49
C GLN B 49 -8.35 13.89 10.24
N LEU B 50 27.76 -4.34 6.77
N LEU B 50 -11.65 -6.91 -17.63
N LEU B 50 2.47 -15.17 -7.59
N LEU B 50 -8.08 13.18 11.31
CA LEU B 50 27.03 -5.45 7.39
CA LEU B 50 -11.03 -8.08 -16.97
CA LEU B 50 2.45 -15.78 -6.24
CA LEU B 50 -8.73 11.88 11.58
C LEU B 50 27.76 -6.76 7.14
C LEU B 50 -11.10 -9.29 -17.88
C LEU B 50 1.76 -17.13 -6.30
C LEU B 50 -10.13 12.11 12.13
N GLU B 51 27.83 -7.62 8.16
N GLU B 51 -10.01 -10.06 -17.95
N GLU B 51 2.31 -18.13 -5.60
N GLU B 51 -11.09 11.31 11.67
CA GLU B 51 28.57 -8.90 8.01
CA GLU B 51 -9.98 -11.23 -18.85
CA GLU B 51 1.73 -19.48 -5.64
CA GLU B 51 -12.50 11.48 12.12
C GLU B 51 27.60 -10.03 7.80
C GLU B 51 -10.21 -12.49 -18.07
C GLU B 51 0.92 -19.74 -4.40
C GLU B 51 -12.83 10.45 13.16
N ASP B 52 27.88 -10.97 6.93
N ASP B 52 -10.96 -13.45 -18.56
N ASP B 52 -0.22 -20.39 -4.48
N ASP B 52 -13.56 10.78 14.20
CA ASP B 52 27.02 -12.08 6.55
CA ASP B 52 -11.34 -14.68 -17.89
CA ASP B 52 -1.15 -20.63 -3.39
CA ASP B 52 -13.90 9.92 15.32
C ASP B 52 26.32 -12.92 7.60
C ASP B 52 -10.31 -15.54 -17.19
C ASP B 52 -0.67 -21.17 -2.06
C ASP B 52 -14.45 8.52 15.09
N GLY B 53 27.01 -13.27 8.66
N GLY B 53 -9.15 -15.72 -17.79
N GLY B 53 0.22 -22.13 -2.08
N GLY B 53 -15.34 8.36 14.13
CA GLY B 53 26.50 -14.13 9.76
CA GLY B 53 -8.07 -16.57 -17.26
CA GLY B 53 0.76 -22.80 -0.88
CA GLY B 53 -16.00 7.08 13.82
C GLY B 53 25.68 -13.44 10.80
C GLY B 53 -7.17 -15.93 -16.24
C GLY B 53 1.87 -22.11 -0.16
C GLY B 53 -15.25 6.15 12.94
N ARG B 54 25.60 -12.11 10.80
N ARG B 54 -7.28 -14.63 -16.01
N ARG B 54 2.44 -21.04 -0.74
N ARG B 54 -14.14 6.57 12.35
CA ARG B 54 24.75 -11.38 11.75
CA ARG B 54 -6.49 -13.96 -14.96
CA ARG B 54 3.49 -20.25 -0.07
CA ARG B 54 -13.30 5.68 11.53
C ARG B 54 23.35 -11.30 11.16
C ARG B 54 -7.23 -14.10 -13.64
C ARG B 54 2.80 -19.23 0.82
C ARG B 54 -12.34 4.94 12.46
N THR B 55 22.39 -10.94 11.98
N THR B 55 -6.55 -13.82 -12.55
N THR B 55 3.55 -18.63 1.72
N THR B 55 -11.72 3.90 11.95
CA THR B 55 20.98 -10.76 11.57
CA THR B 55 -7.12 -13.85 -11.19
CA THR B 55 3.08 -17.55 2.62
CA THR B 55 -10.70 3.10 12.69
C THR B 55 20.73 -9.22 11.52
C THR B 55 -7.33 -12.37 -10.76
C THR B 55 3.65 -16.23 2.07
C THR B 55 -9.33 3.51 12.12
N LEU B 56 19.64 -8.85 10.87
N LEU B 56 -8.11 -12.19 -9.71
N LEU B 56 3.09 -15.13 2.55
N LEU B 56 -8.29 3.15 12.85
CA LEU B 56 19.24 -7.44 10.77
CA LEU B 56 -8.37 -10.85 -9.14
CA LEU B 56 3.55 -13.79 2.18
CA LEU B 56 -6.90 3.39 12.42
C LEU B 56 18.98 -6.92 12.19
C LEU B 56 -7.03 -10.28 -8.67
C LEU B 56 5.01 -13.64 2.63
C LEU B 56 -6.67 2.64 11.11
N SER B 57 18.44 -7.78 13.08
N SER B 57 -6.14 -11.15 -8.13
N SER B 57 5.36 -14.23 3.79
N SER B 57 -7.27 1.45 10.97
CA SER B 57 18.19 -7.26 14.45
CA SER B 57 -4.85 -10.58 -7.66
CA SER B 57 6.77 -14.08 4.23
CA SER B 57 -7.03 0.71 9.69
C SER B 57 19.46 -6.89 15.16
C SER B 57 -4.04 -9.99 -8.79
C SER B 57 7.75 -14.73 3.27
C SER B 57 -7.57 1.45 8.49
N ASP B 58 20.56 -7.56 14.83
N ASP B 58 -4.20 -10.53 -9.99
N ASP B 58 7.31 -15.77 2.59
N ASP B 58 -8.63 2.22 8.69
CA ASP B 58 21.87 -7.25 15.46
CA ASP B 58 -3.44 -10.02 -11.17
CA ASP B 58 8.18 -16.48 1.62
CA ASP B 58 -9.25 3.00 7.59
C ASP B 58 22.23 -5.78 15.30
C ASP B 58 -3.69 -8.52 -11.36
C ASP B 58 8.72 -15.51 0.57
C ASP B 58 -8.20 3.90 6.91
N TYR B 59 21.93 -5.26 14.15
N TYR B 59 -4.90 -8.12 -11.13
N TYR B 59 7.87 -14.61 0.15
N TYR B 59 -7.35 4.46 7.72
CA TYR B 59 22.17 -3.86 13.79
CA TYR B 59 -5.35 -6.73 -11.24
CA TYR B 59 8.18 -13.57 -0.83
CA TYR B 59 -6.28 5.35 7.29
C TYR B 59 21.00 -2.96 14.11
C TYR B 59 -5.23 -5.98 -9.94
C TYR B 59 8.68 -12.29 -0.19
C TYR B 59 -4.99 4.61 7.02
N ASN B 60 19.93 -3.41 14.73
N ASN B 60 -4.69 -6.52 -8.86
N ASN B 60 8.91 -12.20 1.09
N ASN B 60 -4.91 3.30 7.08
CA ASN B 60 18.81 -2.50 15.02
CA ASN B 60 -4.60 -5.74 -7.62
CA ASN B 60 9.41 -10.93 1.66
CA ASN B 60 -3.63 2.62 6.81
C ASN B 60 18.27 -1.87 13.74
C ASN B 60 -5.97 -5.27 -7.16
C ASN B 60 8.46 -9.78 1.35
C ASN B 60 -2.54 3.11 7.76
N ILE B 61 18.07 -2.67 12.71
N ILE B 61 -6.94 -6.16 -7.18
N ILE B 61 7.18 -10.00 1.54
N ILE B 61 -2.85 3.20 9.03
CA ILE B 61 17.45 -2.18 11.44
CA ILE B 61 -8.31 -5.84 -6.66
CA ILE B 61 6.17 -8.91 1.36
CA ILE B 61 -1.83 3.58 10.06
C ILE B 61 15.95 -2.34 11.61
C ILE B 61 -8.29 -6.19 -5.17
C ILE B 61 6.04 -8.21 2.71
C ILE B 61 -1.18 2.28 10.51
N GLN B 62 15.20 -1.27 11.61
N GLN B 62 -8.46 -5.24 -4.31
N GLN B 62 6.40 -6.96 2.81
N GLN B 62 0.09 2.09 10.28
CA GLN B 62 13.72 -1.30 11.83
CA GLN B 62 -8.40 -5.44 -2.83
CA GLN B 62 6.39 -6.20 4.08
CA GLN B 62 0.81 0.84 10.62
C GLN B 62 13.00 -1.12 10.49
C GLN B 62 -9.81 -5.45 -2.25
C GLN B 62 5.17 -5.27 4.12
C GLN B 62 1.65 1.05 11.89
N LYS B 63 11.68 -1.34 10.47
N LYS B 63 -9.96 -5.83 -0.98
N LYS B 63 4.88 -4.67 5.27
N LYS B 63 2.19 -0.02 12.45
CA LYS B 63 10.90 -1.27 9.26
CA LYS B 63 -11.26 -5.94 -0.35
CA LYS B 63 3.72 -3.83 5.44
CA LYS B 63 2.95 0.05 13.69
C LYS B 63 11.14 0.09 8.59
C LYS B 63 -12.00 -4.62 -0.49
C LYS B 63 3.74 -2.73 4.38
C LYS B 63 4.08 1.07 13.53
N GLU B 64 11.16 0.00 7.25
N GLU B 64 -13.31 -4.79 -0.69
N GLU B 64 2.51 -2.43 3.92
N GLU B 64 4.29 1.77 14.65
CA GLU B 64 11.36 1.10 6.34
CA GLU B 64 -14.28 -3.72 -0.84
CA GLU B 64 2.20 -1.45 2.92
CA GLU B 64 5.28 2.79 14.81
C GLU B 64 12.69 1.79 6.36
C GLU B 64 -14.18 -2.87 -2.07
C GLU B 64 2.68 -1.68 1.53
C GLU B 64 5.13 4.06 14.04
N SER B 65 13.68 1.09 6.89
N SER B 65 -13.49 -3.40 -3.07
N SER B 65 2.99 -2.94 1.25
N SER B 65 3.90 4.29 13.58
CA SER B 65 15.08 1.54 6.89
CA SER B 65 -13.38 -2.78 -4.40
CA SER B 65 3.38 -3.41 -0.09
CA SER B 65 3.50 5.51 12.89
C SER B 65 15.59 1.43 5.43
C SER B 65 -14.76 -2.90 -5.09
C SER B 65 2.10 -3.37 -0.97
C SER B 65 3.47 6.65 13.95
N THR B 66 16.65 2.14 5.13
N THR B 66 -15.00 -2.08 -6.07
N THR B 66 2.29 -3.34 -2.26
N THR B 66 3.55 7.87 13.50
CA THR B 66 17.29 2.08 3.81
CA THR B 66 -16.22 -2.14 -6.87
CA THR B 66 1.17 -3.39 -3.21
CA THR B 66 3.45 9.05 14.39
C THR B 66 18.74 1.60 4.01
C THR B 66 -15.85 -2.41 -8.33
C THR B 66 1.32 -4.64 -4.09
C THR B 66 2.24 9.88 13.95
N LEU B 67 19.14 0.55 3.29
N LEU B 67 -16.43 -3.44 -8.95
N LEU B 67 0.29 -5.48 -4.17
N LEU B 67 1.33 10.18 14.89
CA LEU B 67 20.54 0.11 3.34
CA LEU B 67 -16.18 -3.69 -10.37
CA LEU B 67 0.34 -6.63 -5.07
CA LEU B 67 0.20 11.07 14.56
C LEU B 67 21.19 0.62 2.03
C LEU B 67 -17.45 -3.19 -11.10
C LEU B 67 -0.53 -6.25 -6.29
C LEU B 67 0.57 12.43 15.17
N HIS B 68 22.45 0.81 2.02
N HIS B 68 -17.34 -2.83 -12.32
N HIS B 68 -0.27 -6.83 -7.41
N HIS B 68 0.04 13.49 14.65
CA HIS B 68 23.12 1.25 0.77
CA HIS B 68 -18.54 -2.39 -13.07
CA HIS B 68 -1.12 -6.51 -8.59
CA HIS B 68 0.33 14.82 15.24
C HIS B 68 23.86 0.03 0.24
C HIS B 68 -18.89 -3.53 -14.02
C HIS B 68 -2.01 -7.73 -8.80
C HIS B 68 -0.95 15.23 15.98
N LEU B 69 23.76 -0.22 -1.05
N LEU B 69 -20.17 -3.86 -14.10
N LEU B 69 -3.29 -7.50 -9.05
N LEU B 69 -0.79 15.75 17.19
CA LEU B 69 24.48 -1.31 -1.70
CA LEU B 69 -20.64 -4.89 -15.02
CA LEU B 69 -4.23 -8.56 -9.35
CA LEU B 69 -1.92 16.25 17.97
C LEU B 69 25.62 -0.80 -2.53
C LEU B 69 -21.39 -4.29 -16.17
C LEU B 69 -4.60 -8.59 -10.80
C LEU B 69 -1.93 17.74 18.02
N VAL B 70 26.83 -1.11 -2.21
N VAL B 70 -20.91 -4.42 -17.37
N VAL B 70 -4.29 -9.61 -11.52
N VAL B 70 -2.91 18.39 17.49
CA VAL B 70 27.99 -0.71 -3.07
CA VAL B 70 -21.67 -3.92 -18.56
CA VAL B 70 -4.73 -9.73 -12.94
CA VAL B 70 -3.02 19.87 17.61
C VAL B 70 28.43 -2.05 -3.70
C VAL B 70 -22.14 -5.23 -19.25
C VAL B 70 -5.80 -10.83 -12.90
C VAL B 70 -4.20 20.07 18.58
N LEU B 71 28.79 -2.02 -4.97
N LEU B 71 -23.36 -5.24 -19.74
N LEU B 71 -6.87 -10.67 -13.63
N LEU B 71 -4.09 21.01 19.49
CA LEU B 71 29.27 -3.26 -5.64
CA LEU B 71 -23.87 -6.44 -20.45
CA LEU B 71 -7.94 -11.70 -13.67
CA LEU B 71 -5.19 21.30 20.44
C LEU B 71 30.78 -3.29 -5.62
C LEU B 71 -23.70 -6.27 -21.93
C LEU B 71 -7.72 -12.60 -14.86
C LEU B 71 -6.04 22.43 19.92
N MET A 1 6.38 18.40 -20.67
CA MET A 1 5.74 19.56 -20.05
C MET A 1 6.28 19.67 -18.60
N GLN A 2 6.34 20.88 -18.14
CA GLN A 2 6.81 21.11 -16.74
C GLN A 2 5.61 21.10 -15.81
N ILE A 3 5.80 20.45 -14.66
CA ILE A 3 4.77 20.47 -13.61
C ILE A 3 5.53 20.83 -12.30
N PHE A 4 4.75 21.23 -11.33
CA PHE A 4 5.40 21.59 -10.01
C PHE A 4 4.91 20.64 -8.96
N VAL A 5 5.74 20.16 -8.03
CA VAL A 5 5.27 19.32 -6.95
C VAL A 5 5.58 20.10 -5.65
N LYS A 6 4.57 20.50 -4.95
CA LYS A 6 4.78 21.30 -3.70
C LYS A 6 4.77 20.35 -2.53
N THR A 7 5.82 20.41 -1.68
CA THR A 7 5.88 19.52 -0.51
C THR A 7 5.42 20.27 0.74
N LEU A 8 5.24 19.58 1.84
CA LEU A 8 4.74 20.24 3.07
C LEU A 8 5.81 21.08 3.74
N THR A 9 7.06 21.03 3.24
CA THR A 9 8.08 21.90 3.94
C THR A 9 8.35 23.16 3.18
N GLY A 10 7.52 23.50 2.24
CA GLY A 10 7.67 24.69 1.43
C GLY A 10 8.68 24.63 0.33
N LYS A 11 9.10 23.43 0.00
CA LYS A 11 10.01 23.21 -1.12
C LYS A 11 9.11 22.84 -2.31
N THR A 12 9.42 23.38 -3.48
CA THR A 12 8.62 22.98 -4.66
C THR A 12 9.61 22.35 -5.64
N ILE A 13 9.25 21.19 -6.17
CA ILE A 13 10.23 20.60 -7.13
C ILE A 13 9.65 20.67 -8.52
N THR A 14 10.47 20.94 -9.51
CA THR A 14 9.89 20.97 -10.89
C THR A 14 10.25 19.66 -11.57
N LEU A 15 9.33 19.09 -12.33
CA LEU A 15 9.58 17.83 -13.01
C LEU A 15 9.25 18.02 -14.49
N GLU A 16 9.89 17.22 -15.31
CA GLU A 16 9.51 17.26 -16.76
C GLU A 16 8.85 15.92 -17.00
N VAL A 17 7.60 16.03 -17.42
CA VAL A 17 6.77 14.86 -17.67
C VAL A 17 5.93 15.04 -18.95
N GLU A 18 5.32 13.93 -19.31
CA GLU A 18 4.37 13.84 -20.41
C GLU A 18 3.06 13.38 -19.82
N PRO A 19 1.95 13.87 -20.34
CA PRO A 19 0.61 13.47 -19.90
C PRO A 19 0.43 11.98 -19.97
N SER A 20 1.19 11.31 -20.81
CA SER A 20 1.03 9.85 -20.98
C SER A 20 1.72 9.11 -19.87
N ASP A 21 2.49 9.83 -19.05
CA ASP A 21 3.19 9.10 -17.96
C ASP A 21 2.21 8.63 -16.92
N THR A 22 2.51 7.52 -16.30
CA THR A 22 1.71 6.99 -15.21
C THR A 22 2.16 7.68 -13.91
N ILE A 23 1.25 7.61 -12.94
CA ILE A 23 1.52 8.13 -11.60
C ILE A 23 2.72 7.40 -10.98
N GLU A 24 2.80 6.12 -11.24
CA GLU A 24 3.98 5.32 -10.73
C GLU A 24 5.27 5.90 -11.23
N CYS A 25 5.30 6.34 -12.52
CA CYS A 25 6.50 6.91 -13.13
C CYS A 25 6.85 8.24 -12.50
N VAL A 26 5.82 9.05 -12.28
CA VAL A 26 6.04 10.34 -11.65
C VAL A 26 6.71 10.15 -10.29
N LYS A 27 6.18 9.20 -9.52
CA LYS A 27 6.74 8.92 -8.19
C LYS A 27 8.19 8.48 -8.29
N ALA A 28 8.54 7.70 -9.30
CA ALA A 28 9.92 7.29 -9.53
C ALA A 28 10.80 8.47 -9.89
N LYS A 29 10.31 9.43 -10.66
CA LYS A 29 11.09 10.64 -10.97
C LYS A 29 11.35 11.47 -9.69
N ILE A 30 10.35 11.49 -8.81
CA ILE A 30 10.50 12.25 -7.55
C ILE A 30 11.53 11.50 -6.70
N GLN A 31 11.49 10.19 -6.69
CA GLN A 31 12.50 9.45 -5.86
C GLN A 31 13.90 9.76 -6.40
N ASP A 32 14.01 9.63 -7.70
CA ASP A 32 15.30 9.91 -8.37
C ASP A 32 15.83 11.29 -8.03
N LYS A 33 14.94 12.30 -7.98
CA LYS A 33 15.50 13.66 -7.74
C LYS A 33 15.53 14.13 -6.33
N GLU A 34 14.74 13.67 -5.41
CA GLU A 34 14.73 14.09 -4.02
C GLU A 34 14.92 12.96 -3.04
N GLY A 35 14.94 11.73 -3.52
CA GLY A 35 15.18 10.58 -2.69
C GLY A 35 14.07 10.02 -1.89
N ILE A 36 12.84 10.55 -2.06
CA ILE A 36 11.72 10.01 -1.29
C ILE A 36 11.20 8.72 -1.91
N PRO A 37 11.15 7.65 -1.13
CA PRO A 37 10.64 6.34 -1.58
C PRO A 37 9.21 6.46 -2.09
N PRO A 38 8.88 5.84 -3.19
CA PRO A 38 7.51 5.95 -3.73
C PRO A 38 6.45 5.52 -2.76
N ASP A 39 6.74 4.57 -1.90
CA ASP A 39 5.72 4.05 -0.95
C ASP A 39 5.34 5.08 0.11
N GLN A 40 6.16 6.11 0.23
CA GLN A 40 5.83 7.18 1.22
C GLN A 40 5.08 8.36 0.58
N GLN A 41 5.02 8.40 -0.74
CA GLN A 41 4.40 9.48 -1.46
C GLN A 41 2.90 9.36 -1.66
N ARG A 42 2.21 10.46 -1.32
CA ARG A 42 0.75 10.57 -1.60
C ARG A 42 0.62 11.80 -2.48
N LEU A 43 0.18 11.67 -3.73
CA LEU A 43 0.09 12.84 -4.63
C LEU A 43 -1.35 13.30 -4.76
N ILE A 44 -1.57 14.59 -4.57
CA ILE A 44 -2.91 15.19 -4.61
C ILE A 44 -3.02 16.28 -5.66
N PHE A 45 -4.11 16.19 -6.46
CA PHE A 45 -4.39 17.20 -7.50
C PHE A 45 -5.92 17.33 -7.53
N ALA A 46 -6.32 18.58 -7.46
CA ALA A 46 -7.74 18.98 -7.52
C ALA A 46 -8.59 18.14 -6.58
N GLY A 47 -8.08 17.99 -5.40
CA GLY A 47 -8.62 17.24 -4.29
C GLY A 47 -8.80 15.76 -4.47
N CYS A 48 -8.13 15.15 -5.41
CA CYS A 48 -8.12 13.71 -5.63
C CYS A 48 -6.78 13.12 -5.25
N GLN A 49 -6.74 11.97 -4.70
CA GLN A 49 -5.43 11.30 -4.47
C GLN A 49 -5.16 10.55 -5.77
N LEU A 50 -3.98 10.72 -6.33
CA LEU A 50 -3.65 10.11 -7.64
C LEU A 50 -3.29 8.65 -7.46
N GLU A 51 -3.77 7.80 -8.37
CA GLU A 51 -3.53 6.34 -8.25
C GLU A 51 -2.42 5.92 -9.18
N ASP A 52 -1.53 5.06 -8.79
CA ASP A 52 -0.35 4.62 -9.54
C ASP A 52 -0.48 4.20 -10.99
N GLY A 53 -1.50 3.45 -11.32
CA GLY A 53 -1.74 2.91 -12.67
C GLY A 53 -2.40 3.82 -13.65
N ARG A 54 -2.89 4.98 -13.21
CA ARG A 54 -3.49 5.96 -14.13
C ARG A 54 -2.37 6.83 -14.68
N THR A 55 -2.66 7.57 -15.72
CA THR A 55 -1.72 8.53 -16.36
C THR A 55 -2.16 9.94 -15.93
N LEU A 56 -1.27 10.90 -16.12
CA LEU A 56 -1.55 12.31 -15.83
C LEU A 56 -2.72 12.75 -16.70
N SER A 57 -2.80 12.25 -17.95
CA SER A 57 -3.93 12.69 -18.80
C SER A 57 -5.26 12.26 -18.24
N ASP A 58 -5.29 11.15 -17.53
CA ASP A 58 -6.56 10.64 -16.93
C ASP A 58 -7.20 11.71 -16.05
N TYR A 59 -6.37 12.41 -15.33
CA TYR A 59 -6.76 13.49 -14.42
C TYR A 59 -6.79 14.84 -15.09
N ASN A 60 -6.55 14.98 -16.38
CA ASN A 60 -6.58 16.32 -16.99
C ASN A 60 -5.58 17.25 -16.32
N ILE A 61 -4.36 16.77 -16.10
CA ILE A 61 -3.28 17.62 -15.54
C ILE A 61 -2.59 18.28 -16.73
N GLN A 62 -2.64 19.57 -16.85
CA GLN A 62 -2.07 20.32 -18.00
C GLN A 62 -0.74 20.97 -17.58
N LYS A 63 0.04 21.51 -18.58
CA LYS A 63 1.33 22.10 -18.24
C LYS A 63 1.17 23.16 -17.17
N GLU A 64 2.22 23.18 -16.36
CA GLU A 64 2.37 24.09 -15.26
C GLU A 64 1.44 23.96 -14.10
N SER A 65 0.81 22.79 -14.03
CA SER A 65 -0.07 22.42 -12.91
C SER A 65 0.84 22.18 -11.68
N THR A 66 0.25 22.25 -10.50
CA THR A 66 0.96 21.97 -9.25
C THR A 66 0.29 20.77 -8.56
N LEU A 67 1.06 19.74 -8.22
CA LEU A 67 0.49 18.62 -7.46
C LEU A 67 0.98 18.81 -6.00
N HIS A 68 0.26 18.31 -5.06
CA HIS A 68 0.72 18.43 -3.66
C HIS A 68 1.24 17.05 -3.26
N LEU A 69 2.38 17.02 -2.60
CA LEU A 69 2.96 15.77 -2.10
C LEU A 69 2.83 15.67 -0.60
N VAL A 70 2.10 14.73 -0.09
CA VAL A 70 2.03 14.52 1.38
C VAL A 70 2.81 13.21 1.60
N LEU A 71 3.60 13.15 2.65
CA LEU A 71 4.36 11.93 2.95
C LEU A 71 3.61 11.09 3.95
N ARG A 72 3.53 9.79 3.74
N ARG A 72 3.60 9.78 3.70
N ARG A 72 3.54 9.81 3.74
N ARG A 72 3.64 9.76 3.73
CA ARG A 72 2.80 8.92 4.69
CA ARG A 72 2.95 8.75 4.53
CA ARG A 72 2.82 8.92 4.67
CA ARG A 72 3.05 8.70 4.58
C ARG A 72 3.60 7.62 4.74
C ARG A 72 1.62 8.45 3.85
C ARG A 72 3.67 8.88 5.95
C ARG A 72 1.99 8.03 3.72
N LEU A 73 4.20 7.27 5.83
N LEU A 73 1.14 7.25 3.84
N LEU A 73 4.71 8.12 6.02
N LEU A 73 2.00 6.75 3.54
CA LEU A 73 4.98 6.00 5.86
CA LEU A 73 -0.16 6.97 3.17
CA LEU A 73 5.51 8.09 7.27
CA LEU A 73 0.94 6.11 2.71
C LEU A 73 4.07 4.85 6.26
C LEU A 73 -0.93 5.92 3.94
C LEU A 73 4.65 7.64 8.44
C LEU A 73 0.93 4.60 2.98
N ARG A 74 4.06 3.84 5.39
N ARG A 74 -0.37 4.73 3.93
N ARG A 74 3.86 8.58 8.93
N ARG A 74 -0.17 4.18 3.58
CA ARG A 74 3.24 2.65 5.59
CA ARG A 74 -0.98 3.57 4.62
CA ARG A 74 2.96 8.34 10.07
CA ARG A 74 -0.38 2.76 3.93
C ARG A 74 3.84 1.81 6.71
C ARG A 74 -1.92 2.87 3.65
C ARG A 74 3.74 7.63 11.16
C ARG A 74 0.79 2.31 4.79
N GLY A 75 2.98 1.41 7.63
N GLY A 75 -3.03 2.40 4.20
N GLY A 75 3.74 6.31 11.10
N GLY A 75 0.55 1.21 5.52
CA GLY A 75 3.36 0.61 8.80
CA GLY A 75 -4.06 1.69 3.45
CA GLY A 75 4.41 5.45 12.05
CA GLY A 75 1.52 0.61 6.41
C GLY A 75 3.68 -0.84 8.49
C GLY A 75 -3.90 0.17 3.42
C GLY A 75 4.32 3.97 11.76
C GLY A 75 0.96 -0.39 7.40
N GLY A 76 4.30 -1.46 9.48
N GLY A 76 -4.97 -0.46 2.99
N GLY A 76 4.88 3.21 12.69
N GLY A 76 1.81 -0.76 8.34
CA GLY A 76 4.70 -2.88 9.45
CA GLY A 76 -5.06 -1.93 2.84
CA GLY A 76 4.92 1.74 12.66
CA GLY A 76 1.51 -1.70 9.43
C GLY A 76 6.17 -2.98 9.92
C GLY A 76 -6.44 -2.37 3.37
C GLY A 76 5.46 1.30 11.29
C GLY A 76 2.38 -1.33 10.64
N MET B 1 9.64 -9.72 6.09
N MET B 1 -11.85 -12.76 1.19
N MET B 1 -1.12 -6.06 9.54
N MET B 1 -3.26 -0.54 20.44
CA MET B 1 9.79 -8.26 6.25
CA MET B 1 -12.06 -11.31 1.27
CA MET B 1 -0.48 -5.02 8.73
CA MET B 1 -2.05 0.04 19.85
C MET B 1 10.42 -7.72 4.94
C MET B 1 -13.38 -10.99 0.54
C MET B 1 -1.40 -4.76 7.51
C MET B 1 -1.78 1.38 20.58
N GLN B 2 10.07 -6.50 4.65
N GLN B 2 -14.02 -9.96 1.00
N GLN B 2 -1.35 -3.54 7.06
N GLN B 2 -0.52 1.70 20.66
CA GLN B 2 10.65 -5.86 3.43
CA GLN B 2 -15.30 -9.54 0.35
CA GLN B 2 -2.18 -3.18 5.86
CA GLN B 2 -0.14 2.98 21.31
C GLN B 2 11.92 -5.12 3.81
C GLN B 2 -14.97 -8.52 -0.73
C GLN B 2 -1.34 -3.39 4.61
C GLN B 2 -0.08 4.07 20.25
N ILE B 3 12.93 -5.25 2.95
N ILE B 3 -15.65 -8.66 -1.86
N ILE B 3 -1.97 -3.96 3.59
N ILE B 3 -0.59 5.24 20.61
CA ILE B 3 14.17 -4.48 3.13
CA ILE B 3 -15.54 -7.66 -2.94
CA ILE B 3 -1.32 -4.10 2.27
CA ILE B 3 -0.47 6.43 19.74
C ILE B 3 14.47 -3.84 1.74
C ILE B 3 -17.01 -7.34 -3.36
C ILE B 3 -2.36 -3.57 1.24
C ILE B 3 0.03 7.57 20.66
N PHE B 4 15.32 -2.85 1.78
N PHE B 4 -17.13 -6.23 -4.04
N PHE B 4 -1.83 -3.27 0.07
N PHE B 4 0.53 8.59 20.00
CA PHE B 4 15.68 -2.18 0.47
CA PHE B 4 -18.52 -5.84 -4.50
CA PHE B 4 -2.76 -2.76 -0.99
CA PHE B 4 1.04 9.77 20.81
C PHE B 4 17.14 -2.40 0.21
C PHE B 4 -18.56 -5.85 -6.00
C PHE B 4 -2.80 -3.75 -2.13
C PHE B 4 0.20 10.97 20.50
N VAL B 5 17.58 -2.66 -1.02
N VAL B 5 -19.62 -6.32 -6.65
N VAL B 5 -3.94 -4.03 -2.75
N VAL B 5 -0.17 11.82 21.46
CA VAL B 5 18.99 -2.79 -1.32
CA VAL B 5 -19.73 -6.27 -8.09
CA VAL B 5 -3.99 -4.92 -3.90
CA VAL B 5 -0.90 13.03 21.18
C VAL B 5 19.30 -1.66 -2.34
C VAL B 5 -20.95 -5.37 -8.39
C VAL B 5 -4.52 -4.04 -5.07
C VAL B 5 0.03 14.20 21.62
N LYS B 6 20.10 -0.74 -1.96
N LYS B 6 -20.74 -4.25 -8.98
N LYS B 6 -3.70 -3.82 -6.05
N LYS B 6 0.48 14.98 20.71
CA LYS B 6 20.41 0.42 -2.87
CA LYS B 6 -21.88 -3.30 -9.27
CA LYS B 6 -4.12 -2.95 -7.20
CA LYS B 6 1.41 16.10 21.07
C LYS B 6 21.70 0.10 -3.59
C LYS B 6 -22.34 -3.55 -10.67
C LYS B 6 -4.65 -3.84 -8.29
C LYS B 6 0.59 17.35 21.25
N THR B 7 21.69 0.20 -4.94
N THR B 7 -23.67 -3.79 -10.85
N THR B 7 -5.87 -3.56 -8.79
N THR B 7 0.76 18.04 22.40
CA THR B 7 22.91 -0.09 -5.71
CA THR B 7 -24.20 -4.03 -12.20
CA THR B 7 -6.44 -4.39 -9.86
CA THR B 7 0.00 19.27 22.64
C THR B 7 23.59 1.22 -6.08
C THR B 7 -24.82 -2.75 -12.75
C THR B 7 -6.24 -3.70 -11.22
C THR B 7 0.88 20.48 22.34
N LEU B 8 24.79 1.16 -6.61
N LEU B 8 -25.18 -2.73 -14.01
N LEU B 8 -6.52 -4.37 -12.30
N LEU B 8 0.31 21.67 22.31
CA LEU B 8 25.55 2.38 -6.96
CA LEU B 8 -25.75 -1.50 -14.62
CA LEU B 8 -6.31 -3.78 -13.64
CA LEU B 8 1.08 22.89 21.99
C LEU B 8 25.00 3.08 -8.20
C LEU B 8 -27.17 -1.23 -14.16
C LEU B 8 -7.34 -2.72 -13.99
C LEU B 8 2.01 23.30 23.10
N THR B 9 24.04 2.44 -8.89
N THR B 9 -27.78 -2.17 -13.42
N THR B 9 -8.37 -2.55 -13.13
N THR B 9 1.93 22.64 24.27
CA THR B 9 23.52 3.16 -10.10
CA THR B 9 -29.19 -1.85 -12.99
CA THR B 9 -9.36 -1.50 -13.52
CA THR B 9 2.88 23.10 25.34
C THR B 9 22.20 3.84 -9.84
C THR B 9 -29.25 -1.37 -11.57
C THR B 9 -9.15 -0.22 -12.74
C THR B 9 4.06 22.18 25.48
N GLY B 10 21.83 3.98 -8.60
N GLY B 10 -28.14 -1.01 -11.00
N GLY B 10 -8.03 -0.08 -12.11
N GLY B 10 4.28 21.34 24.52
CA GLY B 10 20.60 4.62 -8.21
CA GLY B 10 -28.06 -0.53 -9.64
CA GLY B 10 -7.70 1.09 -11.32
CA GLY B 10 5.38 20.39 24.51
C GLY B 10 19.35 3.80 -8.35
C GLY B 10 -28.12 -1.57 -8.56
C GLY B 10 -8.34 1.19 -9.97
C GLY B 10 5.22 19.18 25.37
N LYS B 11 19.53 2.50 -8.50
N LYS B 11 -27.92 -2.80 -8.94
N LYS B 11 -8.85 0.07 -9.49
N LYS B 11 4.00 18.92 25.78
CA LYS B 11 18.41 1.57 -8.55
CA LYS B 11 -27.85 -3.90 -7.99
CA LYS B 11 -9.41 -0.01 -8.15
CA LYS B 11 3.67 17.71 26.53
C LYS B 11 18.27 1.02 -7.11
C LYS B 11 -26.34 -4.11 -7.71
C LYS B 11 -8.29 -0.58 -7.27
C LYS B 11 3.16 16.70 25.48
N THR B 12 17.04 0.90 -6.64
N THR B 12 -25.99 -4.34 -6.46
N THR B 12 -8.12 -0.03 -6.08
N THR B 12 3.58 15.45 25.62
CA THR B 12 16.87 0.30 -5.31
CA THR B 12 -24.57 -4.62 -6.18
CA THR B 12 -7.11 -0.61 -5.18
CA THR B 12 3.05 14.44 24.69
C THR B 12 16.01 -0.95 -5.51
C THR B 12 -24.54 -6.02 -5.55
C THR B 12 -7.87 -1.07 -3.93
C THR B 12 2.34 13.41 25.55
N ILE B 13 16.45 -2.07 -4.93
N ILE B 13 -23.65 -6.87 -6.05
N ILE B 13 -7.59 -2.30 -3.51
N ILE B 13 1.11 13.05 25.16
CA ILE B 13 15.59 -3.28 -5.13
CA ILE B 13 -23.62 -8.22 -5.42
CA ILE B 13 -8.33 -2.73 -2.28
CA ILE B 13 0.43 12.04 26.01
C ILE B 13 14.93 -3.62 -3.83
C ILE B 13 -22.36 -8.36 -4.62
C ILE B 13 -7.37 -2.81 -1.13
C ILE B 13 0.35 10.74 25.26
N THR B 14 13.69 -4.06 -3.88
N THR B 14 -22.43 -9.00 -3.47
N THR B 14 -7.78 -2.43 0.05
N THR B 14 0.53 9.62 25.93
CA THR B 14 13.06 -4.44 -2.58
CA THR B 14 -21.15 -9.17 -2.71
CA THR B 14 -6.83 -2.56 1.19
CA THR B 14 0.39 8.34 25.16
C THR B 14 13.08 -5.95 -2.48
C THR B 14 -20.67 -10.58 -2.92
C THR B 14 -7.21 -3.78 1.98
C THR B 14 -0.96 7.75 25.46
N LEU B 15 13.35 -6.49 -1.30
N LEU B 15 -19.36 -10.78 -3.10
N LEU B 15 -6.23 -4.55 2.45
N LEU B 15 -1.64 7.20 24.47
CA LEU B 15 13.42 -7.92 -1.11
CA LEU B 15 -18.81 -12.09 -3.33
CA LEU B 15 -6.50 -5.75 3.20
CA LEU B 15 -2.96 6.63 24.67
C LEU B 15 12.48 -8.30 0.05
C LEU B 15 -17.70 -12.34 -2.30
C LEU B 15 -5.71 -5.68 4.52
C LEU B 15 -2.93 5.18 24.14
N GLU B 16 12.01 -9.51 0.03
N GLU B 16 -17.47 -13.59 -2.01
N GLU B 16 -6.22 -6.38 5.51
N GLU B 16 -3.81 4.37 24.68
CA GLU B 16 11.21 -9.97 1.22
CA GLU B 16 -16.30 -13.89 -1.13
CA GLU B 16 -5.42 -6.45 6.77
CA GLU B 16 -3.92 3.00 24.10
C GLU B 16 12.09 -11.02 1.85
C GLU B 16 -15.31 -14.58 -2.04
C GLU B 16 -4.99 -7.90 6.84
C GLU B 16 -5.29 2.99 23.46
N VAL B 17 12.41 -10.73 3.11
N VAL B 17 -14.15 -13.95 -2.11
N VAL B 17 -3.67 -8.04 6.87
N VAL B 17 -5.24 2.74 22.16
CA VAL B 17 13.28 -11.58 3.90
CA VAL B 17 -13.07 -14.43 -2.97
CA VAL B 17 -3.04 -9.35 6.89
CA VAL B 17 -6.45 2.73 21.34
C VAL B 17 12.77 -11.72 5.34
C VAL B 17 -11.71 -14.31 -2.27
C VAL B 17 -1.85 -9.39 7.86
C VAL B 17 -6.42 1.56 20.33
N GLU B 18 13.43 -12.63 6.02
N GLU B 18 -10.75 -14.91 -2.95
N GLU B 18 -1.39 -10.59 8.04
N GLU B 18 -7.58 1.42 19.71
CA GLU B 18 13.22 -12.90 7.45
CA GLU B 18 -9.34 -14.86 -2.57
CA GLU B 18 -0.18 -10.91 8.82
CA GLU B 18 -7.80 0.46 18.63
C GLU B 18 14.56 -12.64 8.12
C GLU B 18 -8.61 -14.22 -3.74
C GLU B 18 0.78 -11.58 7.86
C GLU B 18 -8.22 1.28 17.41
N PRO B 19 14.53 -12.10 9.33
N PRO B 19 -7.59 -13.43 -3.45
N PRO B 19 2.07 -11.33 8.03
N PRO B 19 -7.80 0.86 16.23
CA PRO B 19 15.74 -11.86 10.12
CA PRO B 19 -6.77 -12.80 -4.49
CA PRO B 19 3.11 -11.96 7.22
CA PRO B 19 -8.18 1.53 14.99
C PRO B 19 16.57 -13.11 10.28
C PRO B 19 -6.20 -13.81 -5.45
C PRO B 19 3.02 -13.47 7.26
C PRO B 19 -9.67 1.65 14.84
N SER B 20 15.94 -14.27 10.18
N SER B 20 -6.06 -15.05 -5.01
N SER B 20 2.44 -14.00 8.31
N SER B 20 -10.42 0.77 15.49
CA SER B 20 16.67 -15.53 10.38
CA SER B 20 -5.47 -16.08 -5.88
CA SER B 20 2.36 -15.46 8.46
CA SER B 20 -11.88 0.78 15.36
C SER B 20 17.44 -15.91 9.14
C SER B 20 -6.48 -16.60 -6.87
C SER B 20 1.23 -16.03 7.63
C SER B 20 -12.49 1.86 16.22
N ASP B 21 17.22 -15.18 8.05
N ASP B 21 -7.74 -16.20 -6.71
N ASP B 21 0.41 -15.15 7.06
N ASP B 21 -11.68 2.49 17.07
CA ASP B 21 17.96 -15.55 6.80
CA ASP B 21 -8.75 -16.73 -7.67
CA ASP B 21 -0.72 -15.70 6.24
CA ASP B 21 -12.27 3.54 17.94
C ASP B 21 19.42 -15.21 6.95
C ASP B 21 -8.54 -16.10 -9.03
C ASP B 21 -0.19 -16.30 4.97
C ASP B 21 -12.62 4.74 17.12
N THR B 22 20.26 -16.00 6.31
N THR B 22 -8.85 -16.87 -10.06
N THR B 22 -0.87 -17.33 4.49
N THR B 22 -13.68 5.44 17.54
CA THR B 22 21.69 -15.75 6.29
CA THR B 22 -8.79 -16.38 -11.42
CA THR B 22 -0.54 -17.96 3.23
CA THR B 22 -14.09 6.66 16.91
C THR B 22 21.97 -14.74 5.16
C THR B 22 -10.11 -15.63 -11.73
C THR B 22 -1.21 -17.14 2.10
C THR B 22 -13.26 7.82 17.50
N ILE B 23 23.14 -14.12 5.29
N ILE B 23 -10.01 -14.80 -12.78
N ILE B 23 -0.66 -17.36 0.91
N ILE B 23 -13.24 8.90 16.74
CA ILE B 23 23.62 -13.19 4.27
CA ILE B 23 -11.17 -14.08 -13.27
CA ILE B 23 -1.22 -16.75 -0.30
CA ILE B 23 -12.58 10.13 17.18
C ILE B 23 23.80 -13.92 2.93
C ILE B 23 -12.25 -15.05 -13.73
C ILE B 23 -2.66 -17.23 -0.51
C ILE B 23 -13.22 10.65 18.47
N GLU B 24 24.25 -15.15 2.98
N GLU B 24 -11.82 -16.14 -14.35
N GLU B 24 -2.91 -18.48 -0.21
N GLU B 24 -14.52 10.52 18.56
CA GLU B 24 24.39 -15.97 1.73
CA GLU B 24 -12.81 -17.19 -14.78
CA GLU B 24 -4.30 -19.03 -0.32
CA GLU B 24 -15.24 10.94 19.81
C GLU B 24 23.06 -16.08 1.02
C GLU B 24 -13.61 -17.69 -13.61
C GLU B 24 -5.26 -18.23 0.53
C GLU B 24 -14.70 10.21 21.01
N ASN B 25 21.99 -16.25 1.78
N ASN B 25 -12.96 -17.87 -12.47
N ASN B 25 -4.83 -17.85 1.72
N ASN B 25 -14.41 8.93 20.84
CA ASN B 25 20.62 -16.38 1.25
CA ASN B 25 -13.57 -18.37 -11.23
CA ASN B 25 -5.61 -17.08 2.68
CA ASN B 25 -13.88 8.05 21.90
C ASN B 25 20.15 -15.09 0.58
C ASN B 25 -14.60 -17.37 -10.69
C ASN B 25 -5.91 -15.67 2.17
C ASN B 25 -12.48 8.49 22.33
N VAL B 26 20.43 -13.99 1.28
N VAL B 26 -14.20 -16.10 -10.71
N VAL B 26 -4.87 -15.07 1.61
N VAL B 26 -11.67 8.78 21.32
CA VAL B 26 20.07 -12.67 0.75
CA VAL B 26 -15.07 -15.04 -10.25
CA VAL B 26 -5.01 -13.73 1.03
CA VAL B 26 -10.31 9.23 21.57
C VAL B 26 20.74 -12.48 -0.61
C VAL B 26 -16.36 -15.04 -11.07
C VAL B 26 -6.08 -13.75 -0.06
C VAL B 26 -10.35 10.50 22.42
N LYS B 27 22.03 -12.80 -0.68
N LYS B 27 -16.19 -15.15 -12.38
N LYS B 27 -5.99 -14.75 -0.92
N LYS B 27 -11.21 11.42 22.04
CA LYS B 27 22.78 -12.65 -1.93
CA LYS B 27 -17.36 -15.17 -13.29
CA LYS B 27 -6.96 -14.89 -2.02
CA LYS B 27 -11.34 12.69 22.77
C LYS B 27 22.17 -13.50 -3.03
C LYS B 27 -18.26 -16.35 -12.99
C LYS B 27 -8.38 -15.05 -1.48
C LYS B 27 -11.77 12.43 24.21
N ALA B 28 21.71 -14.70 -2.71
N ALA B 28 -17.69 -17.50 -12.66
N ALA B 28 -8.54 -15.78 -0.39
N ALA B 28 -12.64 11.47 24.44
CA ALA B 28 21.05 -15.57 -3.68
CA ALA B 28 -18.47 -18.68 -12.27
CA ALA B 28 -9.86 -15.93 0.25
CA ALA B 28 -13.06 11.10 25.80
C ALA B 28 19.74 -14.97 -4.15
C ALA B 28 -19.21 -18.44 -10.97
C ALA B 28 -10.35 -14.62 0.82
C ALA B 28 -11.91 10.51 26.59
N LYS B 29 18.97 -14.34 -3.27
N LYS B 29 -18.63 -17.76 -10.00
N LYS B 29 -9.49 -13.79 1.39
N LYS B 29 -11.04 9.72 25.97
CA LYS B 29 17.72 -13.66 -3.67
CA LYS B 29 -19.33 -17.43 -8.74
CA LYS B 29 -9.88 -12.46 1.89
CA LYS B 29 -9.86 9.17 26.66
C LYS B 29 18.02 -12.49 -4.64
C LYS B 29 -20.52 -16.49 -9.01
C LYS B 29 -10.35 -11.56 0.73
C LYS B 29 -8.89 10.31 27.06
N ILE B 30 19.12 -11.80 -4.38
N ILE B 30 -20.32 -15.57 -9.97
N ILE B 30 -9.67 -11.70 -0.42
N ILE B 30 -8.79 11.31 26.19
CA ILE B 30 19.50 -10.67 -5.25
CA ILE B 30 -21.41 -14.62 -10.29
CA ILE B 30 -10.04 -10.88 -1.58
CA ILE B 30 -7.90 12.45 26.48
C ILE B 30 19.92 -11.26 -6.59
C ILE B 30 -22.50 -15.43 -11.00
C ILE B 30 -11.40 -11.40 -2.08
C ILE B 30 -8.54 13.23 27.65
N GLN B 31 20.63 -12.37 -6.60
N GLN B 31 -22.14 -16.36 -11.85
N GLN B 31 -11.61 -12.70 -2.06
N GLN B 31 -9.84 13.38 27.65
CA GLN B 31 21.05 -12.94 -7.91
CA GLN B 31 -23.21 -17.17 -12.53
CA GLN B 31 -12.94 -13.20 -2.54
CA GLN B 31 -10.47 14.12 28.77
C GLN B 31 19.78 -13.33 -8.70
C GLN B 31 -24.01 -17.94 -11.47
C GLN B 31 -14.04 -12.64 -1.62
C GLN B 31 -10.20 13.38 30.09
N ASP B 32 18.91 -14.02 -8.01
N ASP B 32 -23.26 -18.59 -10.62
N ASP B 32 -13.78 -12.80 -0.34
N ASP B 32 -10.46 12.09 30.03
CA ASP B 32 17.63 -14.46 -8.61
CA ASP B 32 -23.87 -19.38 -9.51
CA ASP B 32 -14.73 -12.30 0.69
CA ASP B 32 -10.23 11.22 31.20
C ASP B 32 16.88 -13.29 -9.22
C ASP B 32 -24.84 -18.54 -8.70
C ASP B 32 -15.07 -10.84 0.48
C ASP B 32 -8.82 11.35 31.73
N LYS B 33 16.84 -12.14 -8.52
N LYS B 33 -24.46 -17.28 -8.41
N LYS B 33 -14.06 -10.01 0.14
N LYS B 33 -7.82 11.41 30.83
CA LYS B 33 16.02 -11.05 -9.09
CA LYS B 33 -25.38 -16.51 -7.52
CA LYS B 33 -14.40 -8.56 0.04
CA LYS B 33 -6.45 11.43 31.36
C LYS B 33 16.71 -10.07 -9.96
C LYS B 33 -26.40 -15.65 -8.18
C LYS B 33 -14.76 -8.05 -1.31
C LYS B 33 -5.82 12.76 31.58
N GLU B 34 17.98 -9.82 -9.89
N GLU B 34 -26.25 -15.18 -9.40
N GLU B 34 -14.37 -8.62 -2.41
N GLU B 34 -6.19 13.83 30.93
CA GLU B 34 18.70 -8.87 -10.72
CA GLU B 34 -27.21 -14.35 -10.09
CA GLU B 34 -14.70 -8.16 -3.74
CA GLU B 34 -5.62 15.16 31.10
C GLU B 34 19.84 -9.48 -11.49
C GLU B 34 -27.67 -14.91 -11.41
C GLU B 34 -15.38 -9.20 -4.60
C GLU B 34 -6.64 16.21 31.45
N GLY B 35 20.15 -10.74 -11.23
N GLY B 35 -27.06 -16.00 -11.85
N GLY B 35 -15.49 -10.43 -4.11
N GLY B 35 -7.92 15.87 31.45
CA GLY B 35 21.18 -11.46 -11.95
CA GLY B 35 -27.46 -16.67 -13.07
CA GLY B 35 -16.19 -11.49 -4.79
CA GLY B 35 -8.96 16.77 31.83
C GLY B 35 22.60 -11.26 -11.55
C GLY B 35 -26.97 -16.14 -14.35
C GLY B 35 -15.49 -12.22 -5.86
C GLY B 35 -9.46 17.77 30.85
N ILE B 36 22.85 -10.50 -10.46
N ILE B 36 -26.09 -15.12 -14.34
N ILE B 36 -14.19 -11.93 -6.08
N ILE B 36 -8.97 17.70 29.60
CA ILE B 36 24.25 -10.30 -10.05
CA ILE B 36 -25.60 -14.59 -15.61
CA ILE B 36 -13.47 -12.66 -7.14
CA ILE B 36 -9.44 18.69 28.61
C ILE B 36 24.77 -11.51 -9.28
C ILE B 36 -24.49 -15.47 -16.18
C ILE B 36 -13.05 -14.03 -6.67
C ILE B 36 -10.80 18.28 28.05
N PRO B 37 25.88 -12.07 -9.74
N PRO B 37 -24.66 -15.93 -17.41
N PRO B 37 -13.44 -15.07 -7.41
N PRO B 37 -11.77 19.17 28.14
CA PRO B 37 26.52 -13.23 -9.08
CA PRO B 37 -23.66 -16.76 -18.11
CA PRO B 37 -13.07 -16.46 -7.10
CA PRO B 37 -13.13 18.93 27.62
C PRO B 37 26.86 -12.91 -7.64
C PRO B 37 -22.32 -16.05 -18.18
C PRO B 37 -11.56 -16.62 -7.04
C PRO B 37 -13.08 18.61 26.13
N PRO B 38 26.62 -13.82 -6.73
N PRO B 38 -21.23 -16.74 -17.93
N PRO B 38 -11.04 -17.34 -6.07
N PRO B 38 -13.83 17.64 25.67
CA PRO B 38 26.92 -13.54 -5.31
CA PRO B 38 -19.91 -16.09 -17.97
CA PRO B 38 -9.58 -17.50 -5.97
CA PRO B 38 -13.81 17.28 24.24
C PRO B 38 28.35 -13.18 -5.06
C PRO B 38 -19.61 -15.44 -19.30
C PRO B 38 -8.96 -18.10 -7.20
C PRO B 38 -14.15 18.44 23.33
N ASP B 39 29.27 -13.72 -5.83
N ASP B 39 -20.10 -15.98 -20.38
N ASP B 39 -9.67 -18.95 -7.90
N ASP B 39 -15.00 19.34 23.76
CA ASP B 39 30.71 -13.45 -5.61
CA ASP B 39 -19.81 -15.42 -21.72
CA ASP B 39 -9.09 -19.62 -9.10
CA ASP B 39 -15.43 20.47 22.91
C ASP B 39 31.09 -12.01 -5.92
C ASP B 39 -20.44 -14.04 -21.94
C ASP B 39 -8.86 -18.64 -10.25
C ASP B 39 -14.29 21.45 22.64
N GLN B 40 30.22 -11.31 -6.63
N GLN B 40 -21.39 -13.70 -21.09
N GLN B 40 -9.45 -17.46 -10.17
N GLN B 40 -13.24 21.36 23.43
CA GLN B 40 30.51 -9.89 -6.95
CA GLN B 40 -22.03 -12.36 -21.21
CA GLN B 40 -9.25 -16.45 -11.22
CA GLN B 40 -12.08 22.26 23.21
C GLN B 40 29.84 -8.93 -5.94
C GLN B 40 -21.39 -11.32 -20.27
C GLN B 40 -8.14 -15.46 -10.86
C GLN B 40 -10.98 21.61 22.34
N GLN B 41 28.97 -9.43 -5.09
N GLN B 41 -20.54 -11.74 -19.37
N GLN B 41 -7.67 -15.47 -9.63
N GLN B 41 -11.09 20.33 22.10
CA GLN B 41 28.25 -8.62 -4.13
CA GLN B 41 -19.90 -10.89 -18.40
CA GLN B 41 -6.66 -14.56 -9.14
CA GLN B 41 -10.11 19.57 21.36
C GLN B 41 28.97 -8.35 -2.83
C GLN B 41 -18.64 -10.19 -18.87
C GLN B 41 -5.23 -14.95 -9.40
C GLN B 41 -10.26 19.61 19.85
N ARG B 42 28.99 -7.07 -2.47
N ARG B 42 -18.62 -8.88 -18.66
N ARG B 42 -4.49 -14.01 -9.96
N ARG B 42 -9.16 19.92 19.19
CA ARG B 42 29.51 -6.64 -1.13
CA ARG B 42 -17.39 -8.06 -18.90
CA ARG B 42 -3.01 -14.17 -10.13
CA ARG B 42 -9.09 19.83 17.69
C ARG B 42 28.35 -5.93 -0.48
C ARG B 42 -17.07 -7.42 -17.57
C ARG B 42 -2.40 -13.02 -9.37
C ARG B 42 -7.96 18.86 17.40
N LEU B 43 27.80 -6.43 0.63
N LEU B 43 -15.95 -7.74 -16.94
N LEU B 43 -1.63 -13.27 -8.30
N LEU B 43 -8.23 17.70 16.81
CA LEU B 43 26.63 -5.78 1.27
CA LEU B 43 -15.62 -7.18 -15.60
CA LEU B 43 -1.06 -12.17 -7.50
CA LEU B 43 -7.17 16.70 16.56
C LEU B 43 27.07 -5.01 2.51
C LEU B 43 -14.59 -6.07 -15.74
C LEU B 43 0.42 -12.00 -7.82
C LEU B 43 -6.75 16.74 15.09
N ILE B 44 26.64 -3.76 2.59
N ILE B 44 -14.87 -4.92 -15.13
N ILE B 44 0.82 -10.76 -8.09
N ILE B 44 -5.45 16.82 14.86
CA ILE B 44 27.01 -2.87 3.69
CA ILE B 44 -14.02 -3.74 -15.21
CA ILE B 44 2.18 -10.42 -8.47
CA ILE B 44 -4.88 16.91 13.52
C ILE B 44 25.80 -2.34 4.43
C ILE B 44 -13.57 -3.28 -13.82
C ILE B 44 2.81 -9.41 -7.53
C ILE B 44 -3.91 15.77 13.24
N PHE B 45 25.87 -2.43 5.79
N PHE B 45 -12.24 -3.04 -13.70
N PHE B 45 4.04 -9.74 -7.08
N PHE B 45 -4.11 15.13 12.05
CA PHE B 45 24.80 -1.92 6.65
CA PHE B 45 -11.65 -2.53 -12.46
CA PHE B 45 4.81 -8.84 -6.21
CA PHE B 45 -3.22 14.05 11.59
C PHE B 45 25.53 -1.36 7.89
C PHE B 45 -10.52 -1.58 -12.89
C PHE B 45 6.28 -9.00 -6.64
C PHE B 45 -3.12 14.22 10.06
N ALA B 46 25.12 -0.14 8.19
N ALA B 46 -10.60 -0.41 -12.30
N ALA B 46 6.86 -7.84 -6.85
N ALA B 46 -1.88 14.22 9.65
CA ALA B 46 25.61 0.61 9.36
CA ALA B 46 -9.61 0.66 -12.50
CA ALA B 46 8.29 -7.72 -7.22
CA ALA B 46 -1.50 14.31 8.23
C ALA B 46 27.13 0.53 9.46
C ALA B 46 -9.33 0.89 -13.97
C ALA B 46 8.64 -8.67 -8.35
C ALA B 46 -2.26 15.43 7.53
N GLY B 47 27.75 0.75 8.33
N GLY B 47 -10.40 0.93 -14.71
N GLY B 47 7.79 -8.69 -9.33
N GLY B 47 -2.27 16.55 8.20
CA GLY B 47 29.16 0.75 8.08
CA GLY B 47 -10.49 1.12 -16.13
CA GLY B 47 7.82 -9.48 -10.53
CA GLY B 47 -2.89 17.79 7.84
C GLY B 47 29.91 -0.54 8.30
C GLY B 47 -9.86 0.07 -17.00
C GLY B 47 7.77 -10.97 -10.38
C GLY B 47 -4.40 17.78 7.68
N LYS B 48 29.22 -1.65 8.30
N LYS B 48 -9.65 -1.12 -16.51
N LYS B 48 7.28 -11.46 -9.26
N LYS B 48 -5.08 16.84 8.26
CA LYS B 48 29.86 -2.96 8.47
CA LYS B 48 -9.08 -2.22 -17.29
CA LYS B 48 7.14 -12.90 -9.04
CA LYS B 48 -6.55 16.78 8.21
C LYS B 48 29.65 -3.74 7.15
C LYS B 48 -10.17 -3.31 -17.39
C LYS B 48 5.64 -13.20 -8.92
C LYS B 48 -7.06 16.97 9.64
N GLN B 49 30.63 -4.50 6.73
N GLN B 49 -10.26 -3.97 -18.52
N GLN B 49 5.19 -14.32 -9.44
N GLN B 49 -8.16 17.66 9.81
CA GLN B 49 30.45 -5.36 5.54
CA GLN B 49 -11.22 -5.11 -18.63
CA GLN B 49 3.76 -14.72 -9.25
CA GLN B 49 -8.78 17.79 11.16
C GLN B 49 29.81 -6.64 6.09
C GLN B 49 -10.42 -6.30 -18.11
C GLN B 49 3.76 -15.44 -7.91
C GLN B 49 -9.65 16.54 11.27
N LEU B 50 28.73 -7.10 5.51
N LEU B 50 -10.99 -7.06 -17.20
N LEU B 50 2.86 -15.08 -7.02
N LEU B 50 -9.54 15.81 12.36
CA LEU B 50 27.99 -8.26 6.01
CA LEU B 50 -10.28 -8.19 -16.57
CA LEU B 50 2.82 -15.65 -5.67
CA LEU B 50 -10.26 14.54 12.53
C LEU B 50 28.68 -9.55 5.61
C LEU B 50 -10.27 -9.39 -17.50
C LEU B 50 2.16 -17.02 -5.69
C LEU B 50 -11.70 14.82 12.95
N GLU B 51 28.76 -10.51 6.52
N GLU B 51 -9.13 -10.08 -17.57
N GLU B 51 2.71 -17.97 -4.95
N GLU B 51 -12.65 14.08 12.38
CA GLU B 51 29.47 -11.78 6.21
CA GLU B 51 -9.03 -11.25 -18.50
CA GLU B 51 2.16 -19.35 -4.96
CA GLU B 51 -14.08 14.32 12.69
C GLU B 51 28.47 -12.86 5.90
C GLU B 51 -9.16 -12.53 -17.72
C GLU B 51 1.33 -19.58 -3.73
C GLU B 51 -14.57 13.29 13.67
N ASP B 52 28.72 -13.70 4.92
N ASP B 52 -9.84 -13.52 -18.22
N ASP B 52 0.21 -20.25 -3.82
N ASP B 52 -15.37 13.65 14.63
CA ASP B 52 27.82 -14.75 4.44
CA ASP B 52 -10.14 -14.79 -17.56
CA ASP B 52 -0.74 -20.48 -2.74
CA ASP B 52 -15.87 12.79 15.70
C ASP B 52 27.13 -15.69 5.42
C ASP B 52 -9.04 -15.57 -16.88
C ASP B 52 -0.28 -20.97 -1.38
C ASP B 52 -16.46 11.41 15.40
N GLY B 53 27.84 -16.16 6.41
N GLY B 53 -7.88 -15.67 -17.49
N GLY B 53 0.64 -21.92 -1.35
N GLY B 53 -17.26 11.31 14.35
CA GLY B 53 27.34 -17.13 7.41
CA GLY B 53 -6.73 -16.45 -16.98
CA GLY B 53 1.16 -22.53 -0.12
CA GLY B 53 -17.94 10.08 13.96
C GLY B 53 26.56 -16.55 8.54
C GLY B 53 -5.88 -15.76 -15.96
C GLY B 53 2.24 -21.79 0.59
C GLY B 53 -17.14 9.11 13.14
N ARG B 54 26.50 -15.23 8.69
N ARG B 54 -6.08 -14.48 -15.70
N ARG B 54 2.80 -20.74 0.00
N ARG B 54 -15.96 9.49 12.68
CA ARG B 54 25.70 -14.59 9.75
CA ARG B 54 -5.33 -13.76 -14.66
CA ARG B 54 3.81 -19.91 0.67
CA ARG B 54 -15.08 8.56 11.93
C ARG B 54 24.28 -14.42 9.20
C ARG B 54 -6.04 -13.98 -13.33
C ARG B 54 3.10 -18.87 1.51
C ARG B 54 -14.26 7.77 12.94
N THR B 55 23.34 -14.15 10.08
N THR B 55 -5.37 -13.66 -12.25
N THR B 55 3.82 -18.22 2.40
N THR B 55 -13.64 6.71 12.48
CA THR B 55 21.93 -13.88 9.74
CA THR B 55 -5.92 -13.75 -10.88
CA THR B 55 3.30 -17.14 3.26
CA THR B 55 -12.75 5.86 13.30
C THR B 55 21.71 -12.35 9.86
C THR B 55 -6.24 -12.30 -10.44
C THR B 55 3.86 -15.81 2.68
C THR B 55 -11.30 6.20 12.88
N LEU B 56 20.62 -11.90 9.28
N LEU B 56 -7.02 -12.17 -9.38
N LEU B 56 3.26 -14.71 3.11
N LEU B 56 -10.36 5.77 13.71
CA LEU B 56 20.23 -10.48 9.36
CA LEU B 56 -7.35 -10.87 -8.79
CA LEU B 56 3.71 -13.37 2.72
CA LEU B 56 -8.93 5.96 13.43
C LEU B 56 20.02 -10.11 10.82
C LEU B 56 -6.07 -10.21 -8.33
C LEU B 56 5.15 -13.18 3.18
C LEU B 56 -8.60 5.21 12.13
N SER B 57 19.48 -11.05 11.62
N SER B 57 -5.12 -11.02 -7.81
N SER B 57 5.49 -13.74 4.37
N SER B 57 -9.23 4.05 11.91
CA SER B 57 19.27 -10.69 13.05
CA SER B 57 -3.86 -10.38 -7.33
CA SER B 57 6.89 -13.54 4.84
CA SER B 57 -8.91 3.32 10.66
C SER B 57 20.57 -10.41 13.77
C SER B 57 -3.10 -9.71 -8.47
C SER B 57 7.89 -14.19 3.91
C SER B 57 -9.29 4.10 9.43
N ASP B 58 21.65 -11.06 13.34
N ASP B 58 -3.23 -10.24 -9.67
N ASP B 58 7.49 -15.27 3.25
N ASP B 58 -10.32 4.92 9.53
CA ASP B 58 22.98 -10.86 13.96
CA ASP B 58 -2.53 -9.67 -10.84
CA ASP B 58 8.40 -15.98 2.32
CA ASP B 58 -10.79 5.73 8.38
C ASP B 58 23.37 -9.38 13.96
C ASP B 58 -2.87 -8.19 -11.01
C ASP B 58 8.94 -15.04 1.25
C ASP B 58 -9.64 6.59 7.82
N TYR B 59 23.05 -8.73 12.88
N TYR B 59 -4.11 -7.88 -10.77
N TYR B 59 8.09 -14.17 0.80
N TYR B 59 -8.86 7.11 8.72
CA TYR B 59 23.31 -7.31 12.67
CA TYR B 59 -4.65 -6.53 -10.86
CA TYR B 59 8.39 -13.16 -0.21
CA TYR B 59 -7.70 7.94 8.42
C TYR B 59 22.16 -6.43 13.11
C TYR B 59 -4.58 -5.78 -9.54
C TYR B 59 8.86 -11.84 0.39
C TYR B 59 -6.42 7.15 8.27
N ASN B 60 21.11 -6.92 13.71
N ASN B 60 -4.00 -6.30 -8.48
N ASN B 60 9.05 -11.71 1.68
N ASN B 60 -6.42 5.83 8.32
CA ASN B 60 20.00 -6.02 14.13
CA ASN B 60 -3.95 -5.53 -7.23
CA ASN B 60 9.52 -10.41 2.22
CA ASN B 60 -5.14 5.09 8.16
C ASN B 60 19.45 -5.24 12.94
C ASN B 60 -5.35 -5.17 -6.75
C ASN B 60 8.55 -9.30 1.86
C ASN B 60 -4.14 5.52 9.22
N ILE B 61 19.21 -5.93 11.84
N ILE B 61 -6.25 -6.11 -6.78
N ILE B 61 7.26 -9.53 2.02
N ILE B 61 -4.57 5.61 10.46
CA ILE B 61 18.58 -5.29 10.65
CA ILE B 61 -7.63 -5.90 -6.25
CA ILE B 61 6.25 -8.48 1.79
CA ILE B 61 -3.65 5.93 11.59
C ILE B 61 17.07 -5.44 10.84
C ILE B 61 -7.58 -6.26 -4.77
C ILE B 61 6.08 -7.73 3.11
C ILE B 61 -3.11 4.60 12.10
N GLN B 62 16.34 -4.37 10.97
N GLN B 62 -7.80 -5.33 -3.88
N GLN B 62 6.41 -6.48 3.17
N GLN B 62 -1.83 4.35 11.99
CA GLN B 62 14.88 -4.39 11.23
CA GLN B 62 -7.71 -5.55 -2.41
CA GLN B 62 6.36 -5.67 4.44
CA GLN B 62 -1.21 3.05 12.38
C GLN B 62 14.13 -4.06 9.94
C GLN B 62 -9.12 -5.67 -1.82
C GLN B 62 5.12 -4.77 4.41
C GLN B 62 -0.49 3.22 13.73
N LYS B 63 12.80 -4.24 9.92
N LYS B 63 -9.23 -6.07 -0.56
N LYS B 63 4.78 -4.14 5.54
N LYS B 63 -0.05 2.11 14.33
CA LYS B 63 12.00 -4.02 8.74
CA LYS B 63 -10.51 -6.29 0.08
CA LYS B 63 3.61 -3.32 5.66
CA LYS B 63 0.57 2.13 15.63
C LYS B 63 12.24 -2.61 8.22
C LYS B 63 -11.35 -5.01 -0.04
C LYS B 63 3.62 -2.26 4.56
C LYS B 63 1.75 3.10 15.60
N GLU B 64 12.24 -2.55 6.88
N GLU B 64 -12.66 -5.27 -0.22
N GLU B 64 2.40 -2.01 4.07
N GLU B 64 1.89 3.78 16.75
CA GLU B 64 12.43 -1.35 6.11
CA GLU B 64 -13.69 -4.29 -0.36
CA GLU B 64 2.10 -1.04 3.05
CA GLU B 64 2.91 4.75 17.03
C GLU B 64 13.78 -0.68 6.15
C GLU B 64 -13.67 -3.40 -1.57
C GLU B 64 2.61 -1.31 1.66
C GLU B 64 2.88 6.04 16.25
N SER B 65 14.76 -1.47 6.57
N SER B 65 -12.94 -3.87 -2.59
N SER B 65 2.95 -2.57 1.42
N SER B 65 1.73 6.32 15.69
CA SER B 65 16.17 -1.05 6.59
CA SER B 65 -12.88 -3.22 -3.90
CA SER B 65 3.36 -3.07 0.11
CA SER B 65 1.45 7.58 14.98
C SER B 65 16.65 -1.00 5.12
C SER B 65 -14.25 -3.44 -4.58
C SER B 65 2.11 -3.09 -0.79
C SER B 65 1.38 8.70 16.05
N THR B 66 17.71 -0.27 4.88
N THR B 66 -14.56 -2.61 -5.56
N THR B 66 2.32 -3.10 -2.08
N THR B 66 1.56 9.93 15.63
CA THR B 66 18.33 -0.20 3.54
CA THR B 66 -15.79 -2.76 -6.35
CA THR B 66 1.23 -3.21 -3.06
CA THR B 66 1.42 11.09 16.51
C THR B 66 19.77 -0.73 3.64
C THR B 66 -15.40 -2.98 -7.81
C THR B 66 1.43 -4.47 -3.89
C THR B 66 0.30 11.99 15.98
N LEU B 67 20.13 -1.70 2.81
N LEU B 67 -15.92 -4.05 -8.44
N LEU B 67 0.41 -5.33 -3.96
N LEU B 67 -0.68 12.32 16.82
CA LEU B 67 21.52 -2.16 2.78
CA LEU B 67 -15.68 -4.25 -9.87
CA LEU B 67 0.50 -6.52 -4.82
CA LEU B 67 -1.72 13.26 16.40
C LEU B 67 22.15 -1.53 1.51
C LEU B 67 -16.98 -3.84 -10.58
C LEU B 67 -0.35 -6.19 -6.08
C LEU B 67 -1.37 14.61 17.06
N HIS B 68 23.43 -1.35 1.50
N HIS B 68 -16.90 -3.45 -11.80
N HIS B 68 -0.06 -6.79 -7.17
N HIS B 68 -1.79 15.69 16.50
CA HIS B 68 24.07 -0.79 0.29
CA HIS B 68 -18.14 -3.08 -12.53
CA HIS B 68 -0.88 -6.53 -8.37
CA HIS B 68 -1.50 17.00 17.14
C HIS B 68 24.78 -1.96 -0.39
C HIS B 68 -18.41 -4.24 -13.49
C HIS B 68 -1.75 -7.78 -8.57
C HIS B 68 -2.83 17.46 17.75
N LEU B 69 24.63 -2.06 -1.70
N LEU B 69 -19.65 -4.66 -13.57
N LEU B 69 -3.02 -7.57 -8.85
N LEU B 69 -2.77 17.95 18.97
CA LEU B 69 25.32 -3.08 -2.48
CA LEU B 69 -20.07 -5.71 -14.50
CA LEU B 69 -3.94 -8.67 -9.13
CA LEU B 69 -3.94 18.50 19.65
C LEU B 69 26.44 -2.50 -3.29
C LEU B 69 -20.86 -5.15 -15.64
C LEU B 69 -4.28 -8.75 -10.59
C LEU B 69 -3.89 20.00 19.72
N VAL B 70 27.66 -2.87 -3.03
N VAL B 70 -20.39 -5.22 -16.85
N VAL B 70 -3.92 -9.79 -11.27
N VAL B 70 -4.78 20.70 19.10
CA VAL B 70 28.80 -2.39 -3.87
CA VAL B 70 -21.20 -4.78 -18.02
CA VAL B 70 -4.34 -9.97 -12.69
CA VAL B 70 -4.83 22.18 19.24
C VAL B 70 29.21 -3.66 -4.65
C VAL B 70 -21.58 -6.09 -18.71
C VAL B 70 -5.39 -11.08 -12.64
C VAL B 70 -6.08 22.42 20.08
N LEU B 71 29.53 -3.51 -5.92
N LEU B 71 -22.79 -6.19 -19.21
N LEU B 71 -6.45 -10.97 -13.40
N LEU B 71 -6.03 23.36 21.01
CA LEU B 71 29.98 -4.67 -6.74
CA LEU B 71 -23.24 -7.41 -19.92
CA LEU B 71 -7.48 -12.02 -13.43
CA LEU B 71 -7.20 23.68 21.85
C LEU B 71 31.48 -4.72 -6.76
C LEU B 71 -23.08 -7.21 -21.41
C LEU B 71 -7.24 -12.95 -14.59
C LEU B 71 -7.94 24.85 21.26
N MET A 1 6.38 18.40 -20.67
CA MET A 1 5.74 19.56 -20.05
C MET A 1 6.28 19.67 -18.60
N GLN A 2 6.34 20.88 -18.14
CA GLN A 2 6.81 21.11 -16.74
C GLN A 2 5.61 21.10 -15.81
N ILE A 3 5.80 20.45 -14.66
CA ILE A 3 4.77 20.47 -13.61
C ILE A 3 5.53 20.83 -12.30
N PHE A 4 4.75 21.23 -11.33
CA PHE A 4 5.40 21.59 -10.01
C PHE A 4 4.91 20.64 -8.96
N VAL A 5 5.74 20.16 -8.03
CA VAL A 5 5.27 19.32 -6.95
C VAL A 5 5.58 20.10 -5.65
N LYS A 6 4.57 20.50 -4.95
CA LYS A 6 4.78 21.30 -3.70
C LYS A 6 4.77 20.35 -2.53
N THR A 7 5.82 20.41 -1.68
CA THR A 7 5.88 19.52 -0.51
C THR A 7 5.42 20.27 0.74
N LEU A 8 5.24 19.58 1.84
CA LEU A 8 4.74 20.24 3.07
C LEU A 8 5.81 21.08 3.74
N THR A 9 7.06 21.03 3.24
CA THR A 9 8.08 21.90 3.94
C THR A 9 8.35 23.16 3.18
N GLY A 10 7.52 23.50 2.24
CA GLY A 10 7.67 24.69 1.43
C GLY A 10 8.68 24.63 0.33
N LYS A 11 9.10 23.43 0.00
CA LYS A 11 10.01 23.21 -1.12
C LYS A 11 9.11 22.84 -2.31
N THR A 12 9.42 23.38 -3.48
CA THR A 12 8.62 22.98 -4.66
C THR A 12 9.61 22.35 -5.64
N ILE A 13 9.25 21.19 -6.17
CA ILE A 13 10.23 20.60 -7.13
C ILE A 13 9.65 20.67 -8.52
N THR A 14 10.47 20.94 -9.51
CA THR A 14 9.89 20.97 -10.89
C THR A 14 10.25 19.66 -11.57
N LEU A 15 9.33 19.09 -12.33
CA LEU A 15 9.58 17.83 -13.01
C LEU A 15 9.25 18.02 -14.49
N GLU A 16 9.89 17.22 -15.31
CA GLU A 16 9.51 17.26 -16.76
C GLU A 16 8.85 15.92 -17.00
N VAL A 17 7.60 16.03 -17.42
CA VAL A 17 6.77 14.86 -17.67
C VAL A 17 5.93 15.04 -18.95
N GLU A 18 5.32 13.93 -19.31
CA GLU A 18 4.37 13.84 -20.41
C GLU A 18 3.06 13.38 -19.82
N PRO A 19 1.95 13.87 -20.34
CA PRO A 19 0.61 13.47 -19.90
C PRO A 19 0.43 11.98 -19.97
N SER A 20 1.19 11.31 -20.81
CA SER A 20 1.03 9.85 -20.98
C SER A 20 1.72 9.11 -19.87
N ASP A 21 2.49 9.83 -19.05
CA ASP A 21 3.19 9.10 -17.96
C ASP A 21 2.21 8.63 -16.92
N THR A 22 2.51 7.52 -16.30
CA THR A 22 1.71 6.99 -15.21
C THR A 22 2.16 7.68 -13.91
N ILE A 23 1.25 7.61 -12.94
CA ILE A 23 1.52 8.13 -11.60
C ILE A 23 2.72 7.40 -10.98
N GLU A 24 2.80 6.12 -11.24
CA GLU A 24 3.98 5.32 -10.73
C GLU A 24 5.27 5.90 -11.23
N CYS A 25 5.30 6.34 -12.52
CA CYS A 25 6.50 6.91 -13.13
C CYS A 25 6.85 8.24 -12.50
N VAL A 26 5.82 9.05 -12.28
CA VAL A 26 6.04 10.34 -11.65
C VAL A 26 6.71 10.15 -10.29
N LYS A 27 6.18 9.20 -9.52
CA LYS A 27 6.74 8.92 -8.19
C LYS A 27 8.19 8.48 -8.29
N ALA A 28 8.54 7.70 -9.30
CA ALA A 28 9.92 7.29 -9.53
C ALA A 28 10.80 8.47 -9.89
N LYS A 29 10.31 9.43 -10.66
CA LYS A 29 11.09 10.64 -10.97
C LYS A 29 11.35 11.47 -9.69
N ILE A 30 10.35 11.49 -8.81
CA ILE A 30 10.50 12.25 -7.55
C ILE A 30 11.53 11.50 -6.70
N GLN A 31 11.49 10.19 -6.69
CA GLN A 31 12.50 9.45 -5.86
C GLN A 31 13.90 9.76 -6.40
N ASP A 32 14.01 9.63 -7.70
CA ASP A 32 15.30 9.91 -8.37
C ASP A 32 15.83 11.29 -8.03
N LYS A 33 14.94 12.30 -7.98
CA LYS A 33 15.50 13.66 -7.74
C LYS A 33 15.53 14.13 -6.33
N GLU A 34 14.74 13.67 -5.41
CA GLU A 34 14.73 14.09 -4.02
C GLU A 34 14.92 12.96 -3.04
N GLY A 35 14.94 11.73 -3.52
CA GLY A 35 15.18 10.58 -2.69
C GLY A 35 14.07 10.02 -1.89
N ILE A 36 12.84 10.55 -2.06
CA ILE A 36 11.72 10.01 -1.29
C ILE A 36 11.20 8.72 -1.91
N PRO A 37 11.15 7.65 -1.13
CA PRO A 37 10.64 6.34 -1.58
C PRO A 37 9.21 6.46 -2.09
N PRO A 38 8.88 5.84 -3.19
CA PRO A 38 7.51 5.95 -3.73
C PRO A 38 6.45 5.52 -2.76
N ASP A 39 6.74 4.57 -1.90
CA ASP A 39 5.72 4.05 -0.95
C ASP A 39 5.34 5.08 0.11
N GLN A 40 6.16 6.11 0.23
CA GLN A 40 5.83 7.18 1.22
C GLN A 40 5.08 8.36 0.58
N GLN A 41 5.02 8.40 -0.74
CA GLN A 41 4.40 9.48 -1.46
C GLN A 41 2.90 9.36 -1.66
N ARG A 42 2.21 10.46 -1.32
CA ARG A 42 0.75 10.57 -1.60
C ARG A 42 0.62 11.80 -2.48
N LEU A 43 0.18 11.67 -3.73
CA LEU A 43 0.09 12.84 -4.63
C LEU A 43 -1.35 13.30 -4.76
N ILE A 44 -1.57 14.59 -4.57
CA ILE A 44 -2.91 15.19 -4.61
C ILE A 44 -3.02 16.28 -5.66
N PHE A 45 -4.11 16.19 -6.46
CA PHE A 45 -4.39 17.20 -7.50
C PHE A 45 -5.92 17.33 -7.53
N ALA A 46 -6.32 18.58 -7.46
CA ALA A 46 -7.74 18.98 -7.52
C ALA A 46 -8.59 18.14 -6.58
N GLY A 47 -8.08 17.99 -5.40
CA GLY A 47 -8.62 17.24 -4.29
C GLY A 47 -8.80 15.76 -4.47
N CYS A 48 -8.13 15.15 -5.41
CA CYS A 48 -8.12 13.71 -5.63
C CYS A 48 -6.78 13.12 -5.25
N GLN A 49 -6.74 11.97 -4.70
CA GLN A 49 -5.43 11.30 -4.47
C GLN A 49 -5.16 10.55 -5.77
N LEU A 50 -3.98 10.72 -6.33
CA LEU A 50 -3.65 10.11 -7.64
C LEU A 50 -3.29 8.65 -7.46
N GLU A 51 -3.77 7.80 -8.37
CA GLU A 51 -3.53 6.34 -8.25
C GLU A 51 -2.42 5.92 -9.18
N ASP A 52 -1.53 5.06 -8.79
CA ASP A 52 -0.35 4.62 -9.54
C ASP A 52 -0.48 4.20 -10.99
N GLY A 53 -1.50 3.45 -11.32
CA GLY A 53 -1.74 2.91 -12.67
C GLY A 53 -2.40 3.82 -13.65
N ARG A 54 -2.89 4.98 -13.21
CA ARG A 54 -3.49 5.96 -14.13
C ARG A 54 -2.37 6.83 -14.68
N THR A 55 -2.66 7.57 -15.72
CA THR A 55 -1.72 8.53 -16.36
C THR A 55 -2.16 9.94 -15.93
N LEU A 56 -1.27 10.90 -16.12
CA LEU A 56 -1.55 12.31 -15.83
C LEU A 56 -2.72 12.75 -16.70
N SER A 57 -2.80 12.25 -17.95
CA SER A 57 -3.93 12.69 -18.80
C SER A 57 -5.26 12.26 -18.24
N ASP A 58 -5.29 11.15 -17.53
CA ASP A 58 -6.56 10.64 -16.93
C ASP A 58 -7.20 11.71 -16.05
N TYR A 59 -6.37 12.41 -15.33
CA TYR A 59 -6.76 13.49 -14.42
C TYR A 59 -6.79 14.84 -15.09
N ASN A 60 -6.55 14.98 -16.38
CA ASN A 60 -6.58 16.32 -16.99
C ASN A 60 -5.58 17.25 -16.32
N ILE A 61 -4.36 16.77 -16.10
CA ILE A 61 -3.28 17.62 -15.54
C ILE A 61 -2.59 18.28 -16.73
N GLN A 62 -2.64 19.57 -16.85
CA GLN A 62 -2.07 20.32 -18.00
C GLN A 62 -0.74 20.97 -17.58
N LYS A 63 0.04 21.51 -18.58
CA LYS A 63 1.33 22.10 -18.24
C LYS A 63 1.17 23.16 -17.17
N GLU A 64 2.22 23.18 -16.36
CA GLU A 64 2.37 24.09 -15.26
C GLU A 64 1.44 23.96 -14.10
N SER A 65 0.81 22.79 -14.03
CA SER A 65 -0.07 22.42 -12.91
C SER A 65 0.84 22.18 -11.68
N THR A 66 0.25 22.25 -10.50
CA THR A 66 0.96 21.97 -9.25
C THR A 66 0.29 20.77 -8.56
N LEU A 67 1.06 19.74 -8.22
CA LEU A 67 0.49 18.62 -7.46
C LEU A 67 0.98 18.81 -6.00
N HIS A 68 0.26 18.31 -5.06
CA HIS A 68 0.72 18.43 -3.66
C HIS A 68 1.24 17.05 -3.26
N LEU A 69 2.38 17.02 -2.60
CA LEU A 69 2.96 15.77 -2.10
C LEU A 69 2.83 15.67 -0.60
N VAL A 70 2.10 14.73 -0.09
CA VAL A 70 2.03 14.52 1.38
C VAL A 70 2.81 13.21 1.60
N LEU A 71 3.60 13.15 2.65
CA LEU A 71 4.36 11.93 2.95
C LEU A 71 3.61 11.09 3.95
N ARG A 72 3.54 9.80 3.73
N ARG A 72 3.51 9.80 3.71
N ARG A 72 3.54 9.76 3.71
N ARG A 72 3.56 9.79 3.75
CA ARG A 72 2.80 8.91 4.66
CA ARG A 72 2.76 8.90 4.62
CA ARG A 72 2.86 8.80 4.59
CA ARG A 72 2.85 8.89 4.68
C ARG A 72 3.88 8.27 5.53
C ARG A 72 2.87 7.52 3.99
C ARG A 72 2.13 7.83 3.66
C ARG A 72 3.90 7.87 5.12
N LEU A 73 3.87 8.44 6.82
N LEU A 73 2.74 6.45 4.73
N LEU A 73 1.13 8.22 2.94
N LEU A 73 3.96 7.48 6.36
CA LEU A 73 4.92 7.81 7.66
CA LEU A 73 2.85 5.11 4.10
CA LEU A 73 0.43 7.26 2.06
CA LEU A 73 4.98 6.50 6.78
C LEU A 73 4.40 6.50 8.24
C LEU A 73 1.52 4.72 3.48
C LEU A 73 -0.19 6.15 2.89
C LEU A 73 4.43 5.08 6.64
N ARG A 74 4.95 5.42 7.70
N ARG A 74 1.50 3.49 3.00
N ARG A 74 -1.06 6.57 3.79
N ARG A 74 3.21 5.03 6.13
CA ARG A 74 4.57 4.06 8.11
CA ARG A 74 0.31 2.91 2.35
CA ARG A 74 -1.76 5.65 4.69
CA ARG A 74 2.49 3.76 5.94
C ARG A 74 4.92 3.88 9.59
C ARG A 74 0.36 1.39 2.46
C ARG A 74 -0.79 5.18 5.77
C ARG A 74 2.32 3.08 7.29
N GLY A 75 6.07 4.41 9.95
N GLY A 75 -0.83 0.80 2.50
N GLY A 75 -0.90 5.83 6.93
N GLY A 75 3.41 2.50 7.77
CA GLY A 75 6.59 4.34 11.31
CA GLY A 75 -1.00 -0.64 2.62
CA GLY A 75 -0.06 5.55 8.08
CA GLY A 75 3.45 1.79 9.04
C GLY A 75 7.14 2.99 11.72
C GLY A 75 -2.40 -1.14 2.34
C GLY A 75 1.25 4.86 7.78
C GLY A 75 4.00 0.38 8.97
N GLY A 76 6.96 2.70 12.99
N GLY A 76 -2.48 -2.46 2.30
N GLY A 76 1.56 3.90 8.62
N GLY A 76 3.90 -0.29 10.10
CA GLY A 76 7.37 1.44 13.63
CA GLY A 76 -3.73 -3.21 2.05
CA GLY A 76 2.77 3.07 8.53
CA GLY A 76 4.33 -1.68 10.30
C GLY A 76 7.23 0.30 12.62
C GLY A 76 -3.38 -4.70 1.91
C GLY A 76 2.41 1.63 8.93
C GLY A 76 3.15 -2.47 10.89
N MET B 1 9.09 -6.17 7.22
N MET B 1 -8.96 -13.79 -1.17
N MET B 1 -0.75 -6.04 9.30
N MET B 1 -4.08 -1.01 20.39
CA MET B 1 9.43 -4.74 7.12
CA MET B 1 -8.94 -12.32 -0.96
CA MET B 1 -0.13 -4.98 8.49
CA MET B 1 -2.85 -0.70 19.65
C MET B 1 10.08 -4.52 5.74
C MET B 1 -10.38 -11.81 -1.14
C MET B 1 -1.05 -4.75 7.27
C MET B 1 -2.30 0.63 20.22
N GLN B 2 9.87 -3.35 5.22
N GLN B 2 -10.66 -10.76 -0.43
N GLN B 2 -1.03 -3.54 6.81
N GLN B 2 -1.01 0.74 20.17
CA GLN B 2 10.49 -3.00 3.90
CA GLN B 2 -12.02 -10.14 -0.54
CA GLN B 2 -1.86 -3.20 5.61
CA GLN B 2 -0.36 2.00 20.66
C GLN B 2 11.85 -2.37 4.14
C GLN B 2 -11.98 -9.07 -1.62
C GLN B 2 -1.00 -3.40 4.37
C GLN B 2 -0.22 2.97 19.49
N ILE B 3 12.81 -2.77 3.32
N ILE B 3 -13.04 -9.05 -2.43
N ILE B 3 -1.61 -3.99 3.35
N ILE B 3 -0.52 4.23 19.77
CA ILE B 3 14.14 -2.14 3.35
CA ILE B 3 -13.22 -7.98 -3.42
CA ILE B 3 -0.96 -4.10 2.03
CA ILE B 3 -0.29 5.30 18.78
C ILE B 3 14.48 -1.81 1.86
C ILE B 3 -14.68 -7.46 -3.24
C ILE B 3 -2.00 -3.60 0.98
C ILE B 3 0.48 6.42 19.54
N PHE B 4 15.45 -0.93 1.72
N PHE B 4 -14.89 -6.29 -3.79
N PHE B 4 -1.47 -3.31 -0.18
N PHE B 4 1.07 7.29 18.75
CA PHE B 4 15.85 -0.56 0.32
CA PHE B 4 -16.28 -5.72 -3.68
CA PHE B 4 -2.41 -2.82 -1.25
CA PHE B 4 1.83 8.42 19.40
C PHE B 4 17.26 -1.01 0.07
C PHE B 4 -16.88 -5.61 -5.05
C PHE B 4 -2.41 -3.82 -2.38
C PHE B 4 1.17 9.71 19.03
N VAL B 5 17.63 -1.54 -1.09
N VAL B 5 -18.16 -5.90 -5.28
N VAL B 5 -3.53 -4.14 -3.01
N VAL B 5 1.05 10.69 19.92
CA VAL B 5 19.01 -1.89 -1.36
CA VAL B 5 -18.77 -5.73 -6.57
CA VAL B 5 -3.56 -5.02 -4.16
CA VAL B 5 0.49 11.98 19.58
C VAL B 5 19.43 -1.01 -2.57
C VAL B 5 -19.90 -4.68 -6.35
C VAL B 5 -4.10 -4.17 -5.33
C VAL B 5 1.62 13.00 19.85
N LYS B 6 20.34 -0.13 -2.36
N LYS B 6 -19.76 -3.54 -6.93
N LYS B 6 -3.29 -3.94 -6.31
N LYS B 6 2.11 13.62 18.82
CA LYS B 6 20.77 0.81 -3.47
CA LYS B 6 -20.79 -2.46 -6.74
CA LYS B 6 -3.72 -3.08 -7.47
CA LYS B 6 3.24 14.60 18.99
C LYS B 6 21.98 0.20 -4.13
C LYS B 6 -21.78 -2.53 -7.87
C LYS B 6 -4.20 -3.99 -8.56
C LYS B 6 2.66 15.98 19.11
N THR B 7 21.95 0.06 -5.47
N THR B 7 -23.09 -2.61 -7.56
N THR B 7 -5.44 -3.75 -9.07
N THR B 7 3.03 16.72 20.17
CA THR B 7 23.10 -0.51 -6.18
CA THR B 7 -24.10 -2.69 -8.62
CA THR B 7 -5.97 -4.60 -10.14
CA THR B 7 2.50 18.08 20.35
C THR B 7 23.93 0.61 -6.79
C THR B 7 -24.71 -1.29 -8.84
C THR B 7 -5.79 -3.90 -11.49
C THR B 7 3.53 19.10 19.85
N LEU B 8 25.10 0.31 -7.31
N LEU B 8 -25.51 -1.13 -9.87
N LEU B 8 -6.04 -4.59 -12.58
N LEU B 8 3.15 20.36 19.76
CA LEU B 8 25.99 1.36 -7.87
CA LEU B 8 -26.09 0.19 -10.18
CA LEU B 8 -5.83 -4.00 -13.92
CA LEU B 8 4.08 21.39 19.25
C LEU B 8 25.49 1.87 -9.21
C LEU B 8 -27.20 0.58 -9.22
C LEU B 8 -6.89 -2.97 -14.27
C LEU B 8 5.18 21.74 20.24
N THR B 9 24.43 1.25 -9.77
N THR B 9 -27.61 -0.35 -8.33
N THR B 9 -7.93 -2.83 -13.43
N THR B 9 5.10 21.21 21.48
CA THR B 9 23.98 1.81 -11.10
CA THR B 9 -28.70 0.09 -7.41
CA THR B 9 -8.95 -1.80 -13.82
CA THR B 9 6.19 21.59 22.43
C THR B 9 22.77 2.67 -10.95
C THR B 9 -28.18 0.44 -6.05
C THR B 9 -8.80 -0.53 -13.05
C THR B 9 7.22 20.51 22.56
N GLY B 10 22.44 3.08 -9.76
N GLY B 10 -26.90 0.64 -5.91
N GLY B 10 -7.68 -0.34 -12.41
N GLY B 10 7.22 19.56 21.67
CA GLY B 10 21.30 3.92 -9.47
CA GLY B 10 -26.27 0.99 -4.67
CA GLY B 10 -7.39 0.84 -11.62
CA GLY B 10 8.15 18.44 21.68
C GLY B 10 19.97 3.24 -9.47
C GLY B 10 -26.06 -0.12 -3.69
C GLY B 10 -8.05 0.91 -10.28
C GLY B 10 7.86 17.36 22.67
N LYS B 11 19.98 1.94 -9.38
N LYS B 11 -26.17 -1.34 -4.15
N LYS B 11 -8.52 -0.20 -9.80
N LYS B 11 6.67 17.33 23.19
CA LYS B 11 18.76 1.15 -9.25
CA LYS B 11 -25.90 -2.51 -3.34
CA LYS B 11 -9.09 -0.30 -8.46
CA LYS B 11 6.22 16.27 24.08
C LYS B 11 18.60 0.89 -7.74
C LYS B 11 -24.45 -2.91 -3.66
C LYS B 11 -7.95 -0.83 -7.57
C LYS B 11 5.47 15.27 23.17
N THR B 12 17.38 1.00 -7.25
N THR B 12 -23.69 -3.27 -2.64
N THR B 12 -7.83 -0.28 -6.38
N THR B 12 5.69 13.99 23.41
CA THR B 12 17.17 0.68 -5.83
CA THR B 12 -22.32 -3.73 -2.92
CA THR B 12 -6.79 -0.82 -5.48
CA THR B 12 4.92 13.01 22.62
C THR B 12 16.16 -0.47 -5.80
C THR B 12 -22.24 -5.17 -2.40
C THR B 12 -7.54 -1.29 -4.23
C THR B 12 4.12 12.18 23.63
N ILE B 13 16.48 -1.51 -5.03
N ILE B 13 -21.71 -6.06 -3.24
N ILE B 13 -7.23 -2.53 -3.80
N ILE B 13 2.83 12.01 23.38
CA ILE B 13 15.48 -2.61 -5.01
CA ILE B 13 -21.64 -7.45 -2.70
CA ILE B 13 -7.97 -2.96 -2.58
CA ILE B 13 2.08 11.20 24.37
C ILE B 13 14.81 -2.65 -3.66
C ILE B 13 -20.20 -7.81 -2.44
C ILE B 13 -7.01 -3.02 -1.42
C ILE B 13 1.72 9.87 23.76
N THR B 14 13.53 -2.92 -3.62
N THR B 14 -19.92 -8.52 -1.38
N THR B 14 -7.45 -2.64 -0.24
N THR B 14 1.78 8.80 24.52
CA THR B 14 12.88 -2.99 -2.27
CA THR B 14 -18.49 -8.89 -1.16
CA THR B 14 -6.49 -2.74 0.90
CA THR B 14 1.37 7.50 23.90
C THR B 14 12.73 -4.44 -1.89
C THR B 14 -18.31 -10.32 -1.60
C THR B 14 -6.84 -3.97 1.70
C THR B 14 -0.03 7.17 24.36
N LEU B 15 12.97 -4.79 -0.65
N LEU B 15 -17.20 -10.64 -2.25
N LEU B 15 -5.86 -4.71 2.16
N LEU B 15 -0.87 6.67 23.48
CA LEU B 15 12.86 -6.16 -0.19
CA LEU B 15 -16.94 -11.98 -2.73
CA LEU B 15 -6.09 -5.92 2.93
CA LEU B 15 -2.24 6.34 23.84
C LEU B 15 11.93 -6.20 1.02
C LEU B 15 -15.57 -12.43 -2.19
C LEU B 15 -5.31 -5.81 4.26
C LEU B 15 -2.49 4.87 23.45
N GLU B 16 11.31 -7.34 1.22
N GLU B 16 -15.42 -13.73 -2.07
N GLU B 16 -5.81 -6.53 5.24
N GLU B 16 -3.43 4.27 24.14
CA GLU B 16 10.50 -7.48 2.47
CA GLU B 16 -14.05 -14.22 -1.68
CA GLU B 16 -5.01 -6.56 6.51
CA GLU B 16 -3.81 2.89 23.72
C GLU B 16 11.26 -8.50 3.28
C GLU B 16 -13.58 -14.94 -2.92
C GLU B 16 -4.54 -8.01 6.58
C GLU B 16 -5.23 3.05 23.18
N VAL B 17 11.64 -8.03 4.46
N VAL B 17 -12.45 -14.43 -3.41
N VAL B 17 -3.22 -8.11 6.63
N VAL B 17 -5.34 2.68 21.91
CA VAL B 17 12.43 -8.82 5.39
CA VAL B 17 -11.84 -14.95 -4.63
CA VAL B 17 -2.54 -9.40 6.66
CA VAL B 17 -6.60 2.80 21.19
C VAL B 17 11.94 -8.64 6.84
C VAL B 17 -10.31 -15.03 -4.49
C VAL B 17 -1.36 -9.39 7.63
C VAL B 17 -6.86 1.58 20.30
N GLU B 18 12.50 -9.49 7.67
N GLU B 18 -9.75 -15.68 -5.49
N GLU B 18 -0.85 -10.59 7.82
N GLU B 18 -8.07 1.58 19.80
CA GLU B 18 12.31 -9.47 9.11
CA GLU B 18 -8.31 -15.80 -5.67
CA GLU B 18 0.35 -10.85 8.61
CA GLU B 18 -8.54 0.57 18.83
C GLU B 18 13.68 -9.27 9.73
C GLU B 18 -7.98 -15.15 -7.00
C GLU B 18 1.35 -11.51 7.67
C GLU B 18 -8.93 1.35 17.58
N PRO B 19 13.75 -8.53 10.82
N PRO B 19 -6.83 -14.51 -7.10
N PRO B 19 2.62 -11.21 7.83
N PRO B 19 -8.70 0.76 16.41
CA PRO B 19 15.00 -8.29 11.54
CA PRO B 19 -6.37 -13.88 -8.33
CA PRO B 19 3.68 -11.81 7.03
CA PRO B 19 -9.08 1.37 15.14
C PRO B 19 15.68 -9.59 11.92
C PRO B 19 -6.33 -14.87 -9.48
C PRO B 19 3.64 -13.32 7.08
C PRO B 19 -10.54 1.73 15.09
N SER B 20 14.92 -10.66 12.04
N SER B 20 -6.21 -16.14 -9.17
N SER B 20 3.08 -13.87 8.13
N SER B 20 -11.35 1.05 15.89
CA SER B 20 15.49 -11.95 12.46
CA SER B 20 -6.11 -17.16 -10.23
CA SER B 20 3.03 -15.33 8.28
CA SER B 20 -12.80 1.29 15.87
C SER B 20 16.18 -12.63 11.30
C SER B 20 -7.47 -17.48 -10.79
C SER B 20 1.94 -15.93 7.45
C SER B 20 -13.15 2.53 16.66
N ASP B 21 16.01 -12.09 10.09
N ASP B 21 -8.53 -16.97 -10.16
N ASP B 21 1.09 -15.09 6.85
N ASP B 21 -12.17 3.09 17.38
CA ASP B 21 16.67 -12.77 8.94
CA ASP B 21 -9.88 -17.30 -10.69
CA ASP B 21 -0.01 -15.67 6.04
CA ASP B 21 -12.51 4.29 18.19
C ASP B 21 18.16 -12.59 9.01
C ASP B 21 -10.10 -16.59 -12.00
C ASP B 21 0.54 -16.26 4.78
C ASP B 21 -12.74 5.47 17.28
N THR B 22 18.88 -13.57 8.53
N THR B 22 -10.87 -17.23 -12.87
N THR B 22 -0.11 -17.31 4.30
N THR B 22 -13.62 6.35 17.71
CA THR B 22 20.33 -13.51 8.44
CA THR B 22 -11.25 -16.64 -14.14
CA THR B 22 0.24 -17.93 3.05
CA THR B 22 -13.89 7.58 16.99
C THR B 22 20.70 -12.76 7.15
C THR B 22 -12.48 -15.72 -13.90
C THR B 22 -0.44 -17.14 1.91
C THR B 22 -12.83 8.62 17.41
N ILE B 23 21.95 -12.28 7.16
N ILE B 23 -12.66 -14.83 -14.88
N ILE B 23 0.12 -17.35 0.72
N ILE B 23 -12.72 9.63 16.53
CA ILE B 23 22.51 -11.61 5.98
CA ILE B 23 -13.82 -13.94 -14.87
CA ILE B 23 -0.45 -16.76 -0.50
CA ILE B 23 -11.83 10.75 16.80
C ILE B 23 22.55 -12.59 4.80
C ILE B 23 -15.11 -14.76 -14.94
C ILE B 23 -1.87 -17.29 -0.72
C ILE B 23 -12.26 11.49 18.07
N GLU B 24 22.85 -13.83 5.08
N GLU B 24 -15.09 -15.82 -15.70
N GLU B 24 -2.08 -18.54 -0.41
N GLU B 24 -13.55 11.58 18.28
CA GLU B 24 22.86 -14.86 4.00
CA GLU B 24 -16.29 -16.72 -15.77
CA GLU B 24 -3.46 -19.13 -0.53
CA GLU B 24 -14.07 12.23 19.53
C GLU B 24 21.51 -14.93 3.31
C GLU B 24 -16.67 -17.23 -14.41
C GLU B 24 -4.45 -18.35 0.31
C GLU B 24 -13.54 11.51 20.75
N ASN B 25 20.45 -14.84 4.09
N ASN B 25 -15.67 -17.57 -13.60
N ASN B 25 -4.03 -17.96 1.50
N ASN B 25 -13.48 10.19 20.70
CA ASN B 25 19.06 -14.89 3.61
CA ASN B 25 -15.84 -18.10 -12.24
CA ASN B 25 -4.85 -17.20 2.46
CA ASN B 25 -13.00 9.34 21.78
C ASN B 25 18.73 -13.69 2.73
C ASN B 25 -16.46 -17.05 -11.31
C ASN B 25 -5.19 -15.82 1.93
C ASN B 25 -11.52 9.56 22.06
N VAL B 26 19.16 -12.53 3.20
N VAL B 26 -15.93 -15.84 -11.44
N VAL B 26 -4.16 -15.18 1.38
N VAL B 26 -10.77 9.62 20.97
CA VAL B 26 18.95 -11.30 2.45
CA VAL B 26 -16.42 -14.73 -10.64
CA VAL B 26 -4.33 -13.85 0.80
CA VAL B 26 -9.33 9.87 21.07
C VAL B 26 19.60 -11.43 1.08
C VAL B 26 -17.92 -14.53 -10.93
C VAL B 26 -5.39 -13.91 -0.30
C VAL B 26 -9.09 11.18 21.79
N LYS B 27 20.83 -11.92 1.06
N LYS B 27 -18.25 -14.54 -12.21
N LYS B 27 -5.27 -14.91 -1.15
N LYS B 27 -9.83 12.21 21.38
CA LYS B 27 21.56 -12.09 -0.21
CA LYS B 27 -19.66 -14.36 -12.61
CA LYS B 27 -6.23 -15.08 -2.27
CA LYS B 27 -9.69 13.54 22.00
C LYS B 27 20.83 -13.04 -1.13
C LYS B 27 -20.54 -15.46 -12.03
C LYS B 27 -7.64 -15.28 -1.72
C LYS B 27 -10.01 13.48 23.48
N ALA B 28 20.24 -14.09 -0.59
N ALA B 28 -20.05 -16.68 -11.99
N ALA B 28 -7.80 -16.00 -0.64
N ALA B 28 -11.01 12.70 23.87
CA ALA B 28 19.45 -15.03 -1.39
CA ALA B 28 -20.78 -17.80 -11.39
CA ALA B 28 -9.10 -16.20 -0.01
CA ALA B 28 -11.35 12.53 25.29
C ALA B 28 18.20 -14.37 -1.95
C ALA B 28 -20.96 -17.60 -9.89
C ALA B 28 -9.64 -14.90 0.55
C ALA B 28 -10.24 11.81 26.04
N LYS B 29 17.55 -13.50 -1.20
N LYS B 29 -19.97 -17.06 -9.19
N LYS B 29 -8.80 -14.05 1.12
N LYS B 29 -9.57 10.83 25.45
CA LYS B 29 16.38 -12.75 -1.71
CA LYS B 29 -20.12 -16.77 -7.75
CA LYS B 29 -9.25 -12.73 1.62
CA LYS B 29 -8.42 10.17 26.09
C LYS B 29 16.78 -11.83 -2.87
C LYS B 29 -21.19 -15.69 -7.51
C LYS B 29 -9.74 -11.85 0.45
C LYS B 29 -7.27 11.15 26.30
N ILE B 30 17.98 -11.24 -2.74
N ILE B 30 -21.23 -14.72 -8.43
N ILE B 30 -9.04 -11.96 -0.68
N ILE B 30 -7.09 12.05 25.32
CA ILE B 30 18.46 -10.34 -3.80
CA ILE B 30 -22.22 -13.63 -8.29
CA ILE B 30 -9.43 -11.16 -1.86
CA ILE B 30 -5.99 13.04 25.44
C ILE B 30 18.77 -11.21 -5.03
C ILE B 30 -23.60 -14.26 -8.57
C ILE B 30 -10.77 -11.73 -2.36
C ILE B 30 -6.40 14.01 26.56
N GLN B 31 19.34 -12.37 -4.83
N GLN B 31 -23.70 -15.15 -9.53
N GLN B 31 -10.94 -13.03 -2.35
N GLN B 31 -7.65 14.37 26.65
CA GLN B 31 19.64 -13.23 -6.02
CA GLN B 31 -25.04 -15.77 -9.78
CA GLN B 31 -12.25 -13.58 -2.82
CA GLN B 31 -8.05 15.31 27.74
C GLN B 31 18.32 -13.58 -6.72
C GLN B 31 -25.48 -16.55 -8.54
C GLN B 31 -13.38 -13.06 -1.91
C GLN B 31 -7.78 14.64 29.10
N ASP B 32 17.40 -14.03 -5.91
N ASP B 32 -24.56 -17.34 -8.04
N ASP B 32 -13.12 -13.19 -0.63
N ASP B 32 -8.25 13.42 29.18
CA ASP B 32 16.06 -14.41 -6.42
CA ASP B 32 -24.82 -18.13 -6.83
CA ASP B 32 -14.10 -12.72 0.38
CA ASP B 32 -8.05 12.63 30.42
C ASP B 32 15.44 -13.29 -7.22
C ASP B 32 -25.31 -17.28 -5.69
C ASP B 32 -14.48 -11.28 0.17
C ASP B 32 -6.60 12.56 30.83
N LYS B 33 15.56 -12.04 -6.74
N LYS B 33 -24.69 -16.09 -5.50
N LYS B 33 -13.49 -10.41 -0.16
N LYS B 33 -5.69 12.37 29.85
CA LYS B 33 14.86 -10.96 -7.49
CA LYS B 33 -25.11 -15.31 -4.31
CA LYS B 33 -13.86 -8.98 -0.27
CA LYS B 33 -4.27 12.21 30.27
C LYS B 33 15.63 -10.24 -8.53
C LYS B 33 -26.18 -14.30 -4.51
C LYS B 33 -14.23 -8.48 -1.62
C LYS B 33 -3.44 13.44 30.30
N GLU B 34 16.93 -10.15 -8.51
N GLU B 34 -26.43 -13.74 -5.67
N GLU B 34 -13.83 -9.04 -2.72
N GLU B 34 -3.68 14.50 29.58
CA GLU B 34 17.74 -9.47 -9.50
CA GLU B 34 -27.45 -12.76 -5.92
CA GLU B 34 -14.16 -8.60 -4.06
CA GLU B 34 -2.91 15.70 29.57
C GLU B 34 18.78 -10.34 -10.15
C GLU B 34 -28.43 -13.15 -7.00
C GLU B 34 -14.80 -9.66 -4.92
C GLU B 34 -3.70 16.94 29.90
N GLY B 35 18.94 -11.56 -9.67
N GLY B 35 -28.18 -14.26 -7.67
N GLY B 35 -14.88 -10.88 -4.42
N GLY B 35 -5.01 16.82 30.02
CA GLY B 35 19.85 -12.51 -10.26
CA GLY B 35 -29.07 -14.78 -8.67
CA GLY B 35 -15.53 -11.96 -5.10
CA GLY B 35 -5.86 17.92 30.39
C GLY B 35 21.29 -12.42 -9.92
C GLY B 35 -29.04 -14.20 -10.04
C GLY B 35 -14.81 -12.68 -6.17
C GLY B 35 -6.28 18.89 29.36
N ILE B 36 21.66 -11.52 -8.99
N ILE B 36 -28.09 -13.28 -10.30
N ILE B 36 -13.52 -12.36 -6.38
N ILE B 36 -5.92 18.65 28.09
CA ILE B 36 23.08 -11.42 -8.62
CA ILE B 36 -28.03 -12.70 -11.65
CA ILE B 36 -12.77 -13.06 -7.44
CA ILE B 36 -6.32 19.60 27.04
C ILE B 36 23.47 -12.53 -7.65
C ILE B 36 -27.33 -13.65 -12.62
C ILE B 36 -12.30 -14.42 -6.96
C ILE B 36 -7.77 19.38 26.64
N PRO B 37 24.49 -13.30 -8.00
N PRO B 37 -28.01 -13.98 -13.72
N PRO B 37 -12.65 -15.47 -7.69
N PRO B 37 -8.58 20.43 26.71
CA PRO B 37 25.01 -14.39 -7.15
CA PRO B 37 -27.46 -14.85 -14.77
CA PRO B 37 -12.25 -16.85 -7.38
CA PRO B 37 -10.00 20.39 26.31
C PRO B 37 25.42 -13.87 -5.80
C PRO B 37 -26.15 -14.30 -15.31
C PRO B 37 -10.74 -16.97 -7.30
C PRO B 37 -10.14 19.93 24.88
N PRO B 38 25.10 -14.55 -4.73
N PRO B 38 -25.14 -15.11 -15.51
N PRO B 38 -10.20 -17.67 -6.34
N PRO B 38 -11.08 19.07 24.57
CA PRO B 38 25.47 -14.06 -3.38
CA PRO B 38 -23.86 -14.60 -16.02
CA PRO B 38 -8.74 -17.79 -6.22
CA PRO B 38 -11.24 18.59 23.18
C PRO B 38 26.95 -13.84 -3.21
C PRO B 38 -23.98 -13.88 -17.33
C PRO B 38 -8.09 -18.37 -7.44
C PRO B 38 -11.47 19.70 22.19
N ASP B 39 27.77 -14.63 -3.87
N ASP B 39 -24.91 -14.27 -18.18
N ASP B 39 -8.77 -19.24 -8.15
N ASP B 39 -12.13 20.77 22.60
CA ASP B 39 29.25 -14.50 -3.71
CA ASP B 39 -25.04 -13.63 -19.51
CA ASP B 39 -8.17 -19.90 -9.34
CA ASP B 39 -12.45 21.87 21.67
C ASP B 39 29.78 -13.20 -4.29
C ASP B 39 -25.53 -12.19 -19.42
C ASP B 39 -7.95 -18.92 -10.50
C ASP B 39 -11.21 22.62 21.22
N GLN B 40 28.98 -12.53 -5.10
N GLN B 40 -26.05 -11.81 -18.26
N GLN B 40 -8.58 -17.76 -10.41
N GLN B 40 -10.10 22.43 21.93
CA GLN B 40 29.42 -11.23 -5.67
CA GLN B 40 -26.51 -10.41 -18.09
CA GLN B 40 -8.40 -16.74 -11.47
CA GLN B 40 -8.84 23.10 21.53
C GLN B 40 28.92 -10.04 -4.86
C GLN B 40 -25.43 -9.53 -17.42
C GLN B 40 -7.32 -15.71 -11.11
C GLN B 40 -7.95 22.20 20.67
N GLN B 41 28.01 -10.26 -3.92
N GLN B 41 -24.38 -10.12 -16.92
N GLN B 41 -6.87 -15.71 -9.87
N GLN B 41 -8.28 20.93 20.55
CA GLN B 41 27.41 -9.22 -3.12
CA GLN B 41 -23.32 -9.42 -16.23
CA GLN B 41 -5.90 -14.76 -9.38
CA GLN B 41 -7.50 19.97 19.81
C GLN B 41 28.20 -8.81 -1.89
C GLN B 41 -22.25 -8.82 -17.11
C GLN B 41 -4.45 -15.12 -9.64
C GLN B 41 -7.79 19.90 18.33
N ARG B 42 28.39 -7.51 -1.77
N ARG B 42 -21.98 -7.54 -16.87
N ARG B 42 -3.73 -14.15 -10.19
N ARG B 42 -6.71 19.96 17.55
CA ARG B 42 28.99 -6.91 -0.53
CA ARG B 42 -20.83 -6.85 -17.53
CA ARG B 42 -2.24 -14.28 -10.35
CA ARG B 42 -6.80 19.73 16.07
C ARG B 42 27.94 -5.95 -0.01
C ARG B 42 -19.96 -6.36 -16.39
C ARG B 42 -1.67 -13.10 -9.59
C ARG B 42 -5.88 18.57 15.80
N LEU B 43 27.38 -6.18 1.17
N LEU B 43 -18.73 -6.84 -16.25
N LEU B 43 -0.91 -13.32 -8.52
N LEU B 43 -6.38 17.43 15.34
CA LEU B 43 26.30 -5.29 1.69
CA LEU B 43 -17.88 -6.43 -15.10
CA LEU B 43 -0.38 -12.19 -7.70
CA LEU B 43 -5.51 16.25 15.11
C LEU B 43 26.87 -4.37 2.77
C LEU B 43 -16.82 -5.44 -15.58
C LEU B 43 1.10 -11.98 -8.03
C LEU B 43 -5.24 16.08 13.62
N ILE B 44 26.59 -3.07 2.63
N ILE B 44 -16.72 -4.32 -14.87
N ILE B 44 1.46 -10.73 -8.30
N ILE B 44 -3.96 15.92 13.29
CA ILE B 44 27.10 -2.06 3.53
CA ILE B 44 -15.80 -3.24 -15.21
CA ILE B 44 2.82 -10.36 -8.68
CA ILE B 44 -3.51 15.80 11.90
C ILE B 44 25.97 -1.26 4.18
C ILE B 44 -14.82 -2.94 -14.07
C ILE B 44 3.41 -9.32 -7.72
C ILE B 44 -2.76 14.50 11.66
N PHE B 45 26.08 -1.11 5.53
N PHE B 45 -13.52 -2.85 -14.46
N PHE B 45 4.65 -9.60 -7.27
N PHE B 45 -3.17 13.80 10.56
CA PHE B 45 25.10 -0.33 6.30
CA PHE B 45 -12.45 -2.52 -13.50
CA PHE B 45 5.38 -8.68 -6.39
CA PHE B 45 -2.51 12.55 10.15
C PHE B 45 25.91 0.35 7.41
C PHE B 45 -11.45 -1.66 -14.30
C PHE B 45 6.87 -8.80 -6.81
C PHE B 45 -2.53 12.57 8.61
N ALA B 46 25.68 1.64 7.49
N ALA B 46 -11.14 -0.55 -13.67
N ALA B 46 7.41 -7.63 -7.03
N ALA B 46 -1.34 12.32 8.10
CA ALA B 46 26.29 2.52 8.50
CA ALA B 46 -10.16 0.43 -14.18
CA ALA B 46 8.83 -7.46 -7.40
CA ALA B 46 -1.09 12.23 6.65
C ALA B 46 27.79 2.28 8.60
C ALA B 46 -10.43 0.73 -15.65
C ALA B 46 9.23 -8.41 -8.51
C ALA B 46 -1.72 13.40 5.91
N GLY B 47 28.40 2.21 7.45
N GLY B 47 -11.68 0.97 -15.93
N GLY B 47 8.38 -8.46 -9.50
N GLY B 47 -1.50 14.55 6.46
CA GLY B 47 29.79 1.99 7.19
CA GLY B 47 -12.26 1.27 -17.21
CA GLY B 47 8.44 -9.25 -10.69
CA GLY B 47 -1.94 15.85 6.03
C GLY B 47 30.37 0.68 7.65
C GLY B 47 -12.13 0.24 -18.30
C GLY B 47 8.44 -10.75 -10.53
C GLY B 47 -3.43 16.09 5.99
N LYS B 48 29.57 -0.32 7.84
N LYS B 48 -11.91 -1.00 -17.95
N LYS B 48 7.95 -11.24 -9.43
N LYS B 48 -4.20 15.32 6.71
CA LYS B 48 30.04 -1.66 8.25
CA LYS B 48 -11.82 -2.09 -18.92
CA LYS B 48 7.85 -12.68 -9.18
CA LYS B 48 -5.66 15.50 6.77
C LYS B 48 29.71 -2.62 7.09
C LYS B 48 -13.01 -3.04 -18.66
C LYS B 48 6.35 -13.03 -9.09
C LYS B 48 -6.00 15.90 8.22
N GLN B 49 30.58 -3.56 6.81
N GLN B 49 -13.59 -3.58 -19.69
N GLN B 49 5.95 -14.16 -9.60
N GLN B 49 -6.96 16.78 8.39
CA GLN B 49 30.25 -4.59 5.79
CA GLN B 49 -14.66 -4.60 -19.49
CA GLN B 49 4.54 -14.60 -9.42
CA GLN B 49 -7.41 17.12 9.77
C GLN B 49 29.48 -5.65 6.58
C GLN B 49 -13.89 -5.91 -19.34
C GLN B 49 4.55 -15.32 -8.09
C GLN B 49 -8.47 16.05 10.08
N LEU B 50 28.34 -6.07 6.08
N LEU B 50 -14.18 -6.69 -18.32
N LEU B 50 3.63 -14.99 -7.20
N LEU B 50 -8.37 15.41 11.21
CA LEU B 50 27.48 -7.03 6.80
CA LEU B 50 -13.44 -7.93 -18.04
CA LEU B 50 3.60 -15.55 -5.84
CA LEU B 50 -9.27 14.29 11.57
C LEU B 50 28.00 -8.44 6.62
C LEU B 50 -13.92 -9.04 -18.95
C LEU B 50 2.98 -16.94 -5.87
C LEU B 50 -10.60 14.85 12.06
N GLU B 51 27.99 -9.23 7.70
N GLU B 51 -13.01 -9.85 -19.47
N GLU B 51 3.56 -17.88 -5.11
N GLU B 51 -11.71 14.23 11.65
CA GLU B 51 28.53 -10.61 7.61
CA GLU B 51 -13.39 -10.93 -20.40
CA GLU B 51 3.05 -19.26 -5.12
CA GLU B 51 -13.04 14.74 12.04
C GLU B 51 27.41 -11.59 7.50
C GLU B 51 -13.40 -12.25 -19.68
C GLU B 51 2.21 -19.51 -3.90
C GLU B 51 -13.60 13.90 13.15
N ASP B 52 27.52 -12.62 6.70
N ASP B 52 -14.35 -13.11 -19.94
N ASP B 52 1.12 -20.23 -3.99
N ASP B 52 -14.25 14.46 14.14
CA ASP B 52 26.49 -13.62 6.42
CA ASP B 52 -14.55 -14.40 -19.27
CA ASP B 52 0.16 -20.48 -2.92
CA ASP B 52 -14.77 13.79 15.32
C ASP B 52 25.72 -14.28 7.56
C ASP B 52 -13.37 -15.36 -19.07
C ASP B 52 0.64 -20.95 -1.56
C ASP B 52 -15.59 12.52 15.19
N GLY B 53 26.39 -14.65 8.61
N GLY B 53 -12.55 -15.52 -20.07
N GLY B 53 1.58 -21.87 -1.52
N GLY B 53 -16.49 12.46 14.24
CA GLY B 53 25.80 -15.35 9.77
CA GLY B 53 -11.41 -16.45 -20.06
CA GLY B 53 2.10 -22.46 -0.28
CA GLY B 53 -17.41 11.32 14.02
C GLY B 53 25.12 -14.50 10.79
C GLY B 53 -10.15 -15.96 -19.41
C GLY B 53 3.16 -21.69 0.43
C GLY B 53 -16.85 10.17 13.24
N ARG B 54 25.24 -13.17 10.70
N ARG B 54 -10.08 -14.68 -19.05
N ARG B 54 3.69 -20.62 -0.16
N ARG B 54 -15.67 10.31 12.66
CA ARG B 54 24.53 -12.26 11.62
CA ARG B 54 -8.91 -14.14 -18.34
CA ARG B 54 4.68 -19.75 0.52
CA ARG B 54 -15.02 9.19 11.94
C ARG B 54 23.14 -12.02 11.06
C ARG B 54 -9.10 -14.39 -16.85
C ARG B 54 3.92 -18.74 1.35
C ARG B 54 -14.25 8.36 12.95
N THR B 55 22.27 -11.47 11.88
N THR B 55 -8.05 -14.24 -16.09
N THR B 55 4.62 -18.07 2.23
N THR B 55 -13.85 7.17 12.56
CA THR B 55 20.88 -11.11 11.51
CA THR B 55 -8.07 -14.38 -14.61
CA THR B 55 4.07 -17.00 3.09
CA THR B 55 -13.04 6.25 13.39
C THR B 55 20.86 -9.56 11.34
C THR B 55 -8.00 -12.94 -14.03
C THR B 55 4.59 -15.66 2.52
C THR B 55 -11.59 6.30 12.83
N LEU B 56 19.81 -9.08 10.71
N LEU B 56 -8.32 -12.83 -12.76
N LEU B 56 3.95 -14.58 2.94
N LEU B 56 -10.66 5.81 13.62
CA LEU B 56 19.61 -7.64 10.52
CA LEU B 56 -8.24 -11.55 -12.03
CA LEU B 56 4.36 -13.21 2.54
CA LEU B 56 -9.25 5.72 13.21
C LEU B 56 19.49 -6.99 11.90
C LEU B 56 -6.80 -11.08 -12.05
C LEU B 56 5.79 -12.99 3.02
C LEU B 56 -9.16 4.83 11.97
N SER B 57 18.86 -7.70 12.85
N SER B 57 -5.83 -12.02 -11.96
N SER B 57 6.14 -13.52 4.21
N SER B 57 -10.00 3.77 11.92
CA SER B 57 18.73 -7.07 14.20
CA SER B 57 -4.42 -11.56 -11.97
CA SER B 57 7.52 -13.28 4.68
CA SER B 57 -9.91 2.89 10.73
C SER B 57 20.07 -6.83 14.85
C SER B 57 -4.05 -10.89 -13.27
C SER B 57 8.55 -13.91 3.76
C SER B 57 -10.27 3.61 9.46
N ASP B 58 21.05 -7.67 14.54
N ASP B 58 -4.68 -11.30 -14.36
N ASP B 58 8.20 -15.00 3.11
N ASP B 58 -11.15 4.60 9.56
CA ASP B 58 22.41 -7.53 15.11
CA ASP B 58 -4.39 -10.71 -15.70
CA ASP B 58 9.13 -15.69 2.19
CA ASP B 58 -11.59 5.38 8.36
C ASP B 58 22.97 -6.13 14.83
C ASP B 58 -4.58 -9.18 -15.67
C ASP B 58 9.64 -14.73 1.12
C ASP B 58 -10.37 5.99 7.64
N TYR B 59 22.71 -5.65 13.65
N TYR B 59 -5.59 -8.77 -14.97
N TYR B 59 8.77 -13.89 0.66
N TYR B 59 -9.43 6.43 8.43
CA TYR B 59 23.12 -4.33 13.19
CA TYR B 59 -5.94 -7.36 -14.79
CA TYR B 59 9.05 -12.87 -0.36
CA TYR B 59 -8.18 7.03 7.95
C TYR B 59 22.11 -3.25 13.48
C TYR B 59 -5.30 -6.74 -13.58
C TYR B 59 9.47 -11.55 0.24
C TYR B 59 -7.07 6.02 7.78
N ASN B 60 21.02 -3.49 14.16
N ASN B 60 -4.43 -7.40 -12.84
N ASN B 60 9.66 -11.40 1.53
N ASN B 60 -7.27 4.73 7.96
CA ASN B 60 20.05 -2.40 14.41
CA ASN B 60 -3.83 -6.75 -11.66
CA ASN B 60 10.07 -10.09 2.07
CA ASN B 60 -6.15 3.79 7.79
C ASN B 60 19.56 -1.79 13.11
C ASN B 60 -4.90 -6.28 -10.68
C ASN B 60 9.08 -9.00 1.70
C ASN B 60 -4.99 4.12 8.72
N ILE B 61 19.21 -2.63 12.15
N ILE B 61 -5.87 -7.13 -10.40
N ILE B 61 7.80 -9.28 1.85
N ILE B 61 -5.29 4.40 9.97
CA ILE B 61 18.63 -2.14 10.87
CA ILE B 61 -6.91 -6.81 -9.38
CA ILE B 61 6.75 -8.25 1.60
CA ILE B 61 -4.23 4.65 10.99
C ILE B 61 17.11 -2.06 11.08
C ILE B 61 -6.36 -7.30 -8.05
C ILE B 61 6.55 -7.52 2.94
C ILE B 61 -3.87 3.28 11.58
N GLN B 62 16.53 -0.91 11.02
N GLN B 62 -6.12 -6.42 -7.11
N GLN B 62 6.84 -6.24 2.99
N GLN B 62 -2.67 2.83 11.40
CA GLN B 62 15.07 -0.70 11.29
CA GLN B 62 -5.53 -6.78 -5.79
CA GLN B 62 6.75 -5.44 4.25
CA GLN B 62 -2.22 1.48 11.86
C GLN B 62 14.34 -0.52 9.96
C GLN B 62 -6.63 -6.79 -4.72
C GLN B 62 5.49 -4.58 4.22
C GLN B 62 -1.37 1.63 13.13
N LYS B 63 13.01 -0.53 9.99
N LYS B 63 -6.32 -7.28 -3.52
N LYS B 63 5.13 -3.95 5.34
N LYS B 63 -1.06 0.53 13.81
CA LYS B 63 12.20 -0.43 8.79
CA LYS B 63 -7.29 -7.41 -2.46
CA LYS B 63 3.93 -3.16 5.44
CA LYS B 63 -0.32 0.55 15.05
C LYS B 63 12.59 0.83 8.03
C LYS B 63 -7.94 -6.05 -2.20
C LYS B 63 3.92 -2.10 4.35
C LYS B 63 0.99 1.31 14.84
N GLU B 64 12.56 0.65 6.70
N GLU B 64 -9.24 -6.15 -1.90
N GLU B 64 2.69 -1.89 3.84
N GLU B 64 1.33 2.05 15.90
CA GLU B 64 12.88 1.66 5.72
CA GLU B 64 -10.11 -5.05 -1.59
CA GLU B 64 2.37 -0.95 2.81
CA GLU B 64 2.53 2.86 16.00
C GLU B 64 14.30 2.14 5.64
C GLU B 64 -10.42 -4.08 -2.70
C GLU B 64 2.89 -1.21 1.43
C GLU B 64 2.64 4.05 15.10
N SER B 65 15.18 1.34 6.18
N SER B 65 -10.20 -4.53 -3.92
N SER B 65 3.28 -2.45 1.21
N SER B 65 1.49 4.48 14.60
CA SER B 65 16.64 1.58 6.13
CA SER B 65 -10.53 -3.79 -5.14
CA SER B 65 3.71 -2.95 -0.10
CA SER B 65 1.36 5.70 13.79
C SER B 65 17.08 1.31 4.67
C SER B 65 -12.07 -3.79 -5.27
C SER B 65 2.47 -3.00 -1.02
C SER B 65 1.55 6.91 14.74
N THR B 66 18.21 1.83 4.28
N THR B 66 -12.61 -2.87 -6.02
N THR B 66 2.69 -3.01 -2.31
N THR B 66 1.89 8.05 14.20
CA THR B 66 18.80 1.59 2.96
CA THR B 66 -14.05 -2.81 -6.31
CA THR B 66 1.61 -3.15 -3.29
CA THR B 66 2.02 9.28 14.97
C THR B 66 20.16 0.93 3.14
C THR B 66 -14.26 -2.94 -7.81
C THR B 66 1.85 -4.42 -4.11
C THR B 66 1.02 10.30 14.43
N LEU B 67 20.39 -0.22 2.50
N LEU B 67 -15.10 -3.89 -8.24
N LEU B 67 0.86 -5.31 -4.19
N LEU B 67 0.19 10.88 15.30
CA LEU B 67 21.71 -0.86 2.54
CA LEU B 67 -15.43 -4.01 -9.66
CA LEU B 67 1.00 -6.49 -5.05
CA LEU B 67 -0.72 11.94 14.87
C LEU B 67 22.37 -0.54 1.18
C LEU B 67 -16.84 -3.40 -9.81
C LEU B 67 0.15 -6.19 -6.31
C LEU B 67 -0.10 13.26 15.38
N HIS B 68 23.66 -0.52 1.13
N HIS B 68 -17.16 -2.92 -10.96
N HIS B 68 0.45 -6.79 -7.40
N HIS B 68 -0.39 14.34 14.74
CA HIS B 68 24.34 -0.27 -0.16
CA HIS B 68 -18.52 -2.36 -11.16
CA HIS B 68 -0.36 -6.56 -8.61
CA HIS B 68 0.16 15.63 15.23
C HIS B 68 24.87 -1.63 -0.63
C HIS B 68 -19.28 -3.40 -11.99
C HIS B 68 -1.19 -7.83 -8.80
C HIS B 68 -1.01 16.36 15.89
N LEU B 69 24.68 -1.93 -1.90
N LEU B 69 -20.51 -3.68 -11.61
N LEU B 69 -2.46 -7.67 -9.10
N LEU B 69 -0.76 16.95 17.05
CA LEU B 69 25.23 -3.16 -2.49
CA LEU B 69 -21.37 -4.59 -12.35
CA LEU B 69 -3.35 -8.80 -9.38
CA LEU B 69 -1.77 17.74 17.75
C LEU B 69 26.39 -2.87 -3.39
C LEU B 69 -22.45 -3.86 -13.10
C LEU B 69 -3.68 -8.89 -10.83
C LEU B 69 -1.47 19.20 17.67
N VAL B 70 27.56 -3.34 -3.08
N VAL B 70 -22.47 -3.88 -14.39
N VAL B 70 -3.29 -9.92 -11.51
N VAL B 70 -2.29 19.98 17.05
CA VAL B 70 28.73 -3.17 -4.00
CA VAL B 70 -23.58 -3.26 -15.16
CA VAL B 70 -3.69 -10.11 -12.93
CA VAL B 70 -2.09 21.47 17.05
C VAL B 70 28.96 -4.59 -4.54
C VAL B 70 -24.36 -4.45 -15.71
C VAL B 70 -4.70 -11.27 -12.88
C VAL B 70 -3.21 21.98 17.95
N LEU B 71 29.27 -4.70 -5.81
N LEU B 71 -25.67 -4.38 -15.72
N LEU B 71 -5.75 -11.18 -13.65
N LEU B 71 -2.92 22.97 18.77
CA LEU B 71 29.53 -6.03 -6.40
CA LEU B 71 -26.49 -5.48 -16.26
CA LEU B 71 -6.76 -12.26 -13.69
CA LEU B 71 -3.94 23.55 19.66
C LEU B 71 31.02 -6.29 -6.42
C LEU B 71 -26.87 -5.19 -17.68
C LEU B 71 -6.48 -13.19 -14.84
C LEU B 71 -4.53 24.78 19.03
N MET A 1 6.38 18.40 -20.67
CA MET A 1 5.74 19.56 -20.05
C MET A 1 6.28 19.67 -18.60
N GLN A 2 6.34 20.88 -18.14
CA GLN A 2 6.81 21.11 -16.74
C GLN A 2 5.61 21.10 -15.81
N ILE A 3 5.80 20.45 -14.66
CA ILE A 3 4.77 20.47 -13.61
C ILE A 3 5.53 20.83 -12.30
N PHE A 4 4.75 21.23 -11.33
CA PHE A 4 5.40 21.59 -10.01
C PHE A 4 4.91 20.64 -8.96
N VAL A 5 5.74 20.16 -8.03
CA VAL A 5 5.27 19.32 -6.95
C VAL A 5 5.58 20.10 -5.65
N LYS A 6 4.57 20.50 -4.95
CA LYS A 6 4.78 21.30 -3.70
C LYS A 6 4.77 20.35 -2.53
N THR A 7 5.82 20.41 -1.68
CA THR A 7 5.88 19.52 -0.51
C THR A 7 5.42 20.27 0.74
N LEU A 8 5.24 19.58 1.84
CA LEU A 8 4.74 20.24 3.07
C LEU A 8 5.81 21.08 3.74
N THR A 9 7.06 21.03 3.24
CA THR A 9 8.08 21.90 3.94
C THR A 9 8.35 23.16 3.18
N GLY A 10 7.52 23.50 2.24
CA GLY A 10 7.67 24.69 1.43
C GLY A 10 8.68 24.63 0.33
N LYS A 11 9.10 23.43 0.00
CA LYS A 11 10.01 23.21 -1.12
C LYS A 11 9.11 22.84 -2.31
N THR A 12 9.42 23.38 -3.48
CA THR A 12 8.62 22.98 -4.66
C THR A 12 9.61 22.35 -5.64
N ILE A 13 9.25 21.19 -6.17
CA ILE A 13 10.23 20.60 -7.13
C ILE A 13 9.65 20.67 -8.52
N THR A 14 10.47 20.94 -9.51
CA THR A 14 9.89 20.97 -10.89
C THR A 14 10.25 19.66 -11.57
N LEU A 15 9.33 19.09 -12.33
CA LEU A 15 9.58 17.83 -13.01
C LEU A 15 9.25 18.02 -14.49
N GLU A 16 9.89 17.22 -15.31
CA GLU A 16 9.51 17.26 -16.76
C GLU A 16 8.85 15.92 -17.00
N VAL A 17 7.60 16.03 -17.42
CA VAL A 17 6.77 14.86 -17.67
C VAL A 17 5.93 15.04 -18.95
N GLU A 18 5.32 13.93 -19.31
CA GLU A 18 4.37 13.84 -20.41
C GLU A 18 3.06 13.38 -19.82
N PRO A 19 1.95 13.87 -20.34
CA PRO A 19 0.61 13.47 -19.90
C PRO A 19 0.43 11.98 -19.97
N SER A 20 1.19 11.31 -20.81
CA SER A 20 1.03 9.85 -20.98
C SER A 20 1.72 9.11 -19.87
N ASP A 21 2.49 9.83 -19.05
CA ASP A 21 3.19 9.10 -17.96
C ASP A 21 2.21 8.63 -16.92
N THR A 22 2.51 7.52 -16.30
CA THR A 22 1.71 6.99 -15.21
C THR A 22 2.16 7.68 -13.91
N ILE A 23 1.25 7.61 -12.94
CA ILE A 23 1.52 8.13 -11.60
C ILE A 23 2.72 7.40 -10.98
N GLU A 24 2.80 6.12 -11.24
CA GLU A 24 3.98 5.32 -10.73
C GLU A 24 5.27 5.90 -11.23
N CYS A 25 5.30 6.34 -12.52
CA CYS A 25 6.50 6.91 -13.13
C CYS A 25 6.85 8.24 -12.50
N VAL A 26 5.82 9.05 -12.28
CA VAL A 26 6.04 10.34 -11.65
C VAL A 26 6.71 10.15 -10.29
N LYS A 27 6.18 9.20 -9.52
CA LYS A 27 6.74 8.92 -8.19
C LYS A 27 8.19 8.48 -8.29
N ALA A 28 8.54 7.70 -9.30
CA ALA A 28 9.92 7.29 -9.53
C ALA A 28 10.80 8.47 -9.89
N LYS A 29 10.31 9.43 -10.66
CA LYS A 29 11.09 10.64 -10.97
C LYS A 29 11.35 11.47 -9.69
N ILE A 30 10.35 11.49 -8.81
CA ILE A 30 10.50 12.25 -7.55
C ILE A 30 11.53 11.50 -6.70
N GLN A 31 11.49 10.19 -6.69
CA GLN A 31 12.50 9.45 -5.86
C GLN A 31 13.90 9.76 -6.40
N ASP A 32 14.01 9.63 -7.70
CA ASP A 32 15.30 9.91 -8.37
C ASP A 32 15.83 11.29 -8.03
N LYS A 33 14.94 12.30 -7.98
CA LYS A 33 15.50 13.66 -7.74
C LYS A 33 15.53 14.13 -6.33
N GLU A 34 14.74 13.67 -5.41
CA GLU A 34 14.73 14.09 -4.02
C GLU A 34 14.92 12.96 -3.04
N GLY A 35 14.94 11.73 -3.52
CA GLY A 35 15.18 10.58 -2.69
C GLY A 35 14.07 10.02 -1.89
N ILE A 36 12.84 10.55 -2.06
CA ILE A 36 11.72 10.01 -1.29
C ILE A 36 11.20 8.72 -1.91
N PRO A 37 11.15 7.65 -1.13
CA PRO A 37 10.64 6.34 -1.58
C PRO A 37 9.21 6.46 -2.09
N PRO A 38 8.88 5.84 -3.19
CA PRO A 38 7.51 5.95 -3.73
C PRO A 38 6.45 5.52 -2.76
N ASP A 39 6.74 4.57 -1.90
CA ASP A 39 5.72 4.05 -0.95
C ASP A 39 5.34 5.08 0.11
N GLN A 40 6.16 6.11 0.23
CA GLN A 40 5.83 7.18 1.22
C GLN A 40 5.08 8.36 0.58
N GLN A 41 5.02 8.40 -0.74
CA GLN A 41 4.40 9.48 -1.46
C GLN A 41 2.90 9.36 -1.66
N ARG A 42 2.21 10.46 -1.32
CA ARG A 42 0.75 10.57 -1.60
C ARG A 42 0.62 11.80 -2.48
N LEU A 43 0.18 11.67 -3.73
CA LEU A 43 0.09 12.84 -4.63
C LEU A 43 -1.35 13.30 -4.76
N ILE A 44 -1.57 14.59 -4.57
CA ILE A 44 -2.91 15.19 -4.61
C ILE A 44 -3.02 16.28 -5.66
N PHE A 45 -4.11 16.19 -6.46
CA PHE A 45 -4.39 17.20 -7.50
C PHE A 45 -5.92 17.33 -7.53
N ALA A 46 -6.32 18.58 -7.46
CA ALA A 46 -7.74 18.98 -7.52
C ALA A 46 -8.59 18.14 -6.58
N GLY A 47 -8.08 17.99 -5.40
CA GLY A 47 -8.62 17.24 -4.29
C GLY A 47 -8.80 15.76 -4.47
N CYS A 48 -8.13 15.15 -5.41
CA CYS A 48 -8.12 13.71 -5.63
C CYS A 48 -6.78 13.12 -5.25
N GLN A 49 -6.74 11.97 -4.70
CA GLN A 49 -5.43 11.30 -4.47
C GLN A 49 -5.16 10.55 -5.77
N LEU A 50 -3.98 10.72 -6.33
CA LEU A 50 -3.65 10.11 -7.64
C LEU A 50 -3.29 8.65 -7.46
N GLU A 51 -3.77 7.80 -8.37
CA GLU A 51 -3.53 6.34 -8.25
C GLU A 51 -2.42 5.92 -9.18
N ASP A 52 -1.53 5.06 -8.79
CA ASP A 52 -0.35 4.62 -9.54
C ASP A 52 -0.48 4.20 -10.99
N GLY A 53 -1.50 3.45 -11.32
CA GLY A 53 -1.74 2.91 -12.67
C GLY A 53 -2.40 3.82 -13.65
N ARG A 54 -2.89 4.98 -13.21
CA ARG A 54 -3.49 5.96 -14.13
C ARG A 54 -2.37 6.83 -14.68
N THR A 55 -2.66 7.57 -15.72
CA THR A 55 -1.72 8.53 -16.36
C THR A 55 -2.16 9.94 -15.93
N LEU A 56 -1.27 10.90 -16.12
CA LEU A 56 -1.55 12.31 -15.83
C LEU A 56 -2.72 12.75 -16.70
N SER A 57 -2.80 12.25 -17.95
CA SER A 57 -3.93 12.69 -18.80
C SER A 57 -5.26 12.26 -18.24
N ASP A 58 -5.29 11.15 -17.53
CA ASP A 58 -6.56 10.64 -16.93
C ASP A 58 -7.20 11.71 -16.05
N TYR A 59 -6.37 12.41 -15.33
CA TYR A 59 -6.76 13.49 -14.42
C TYR A 59 -6.79 14.84 -15.09
N ASN A 60 -6.55 14.98 -16.38
CA ASN A 60 -6.58 16.32 -16.99
C ASN A 60 -5.58 17.25 -16.32
N ILE A 61 -4.36 16.77 -16.10
CA ILE A 61 -3.28 17.62 -15.54
C ILE A 61 -2.59 18.28 -16.73
N GLN A 62 -2.64 19.57 -16.85
CA GLN A 62 -2.07 20.32 -18.00
C GLN A 62 -0.74 20.97 -17.58
N LYS A 63 0.04 21.51 -18.58
CA LYS A 63 1.33 22.10 -18.24
C LYS A 63 1.17 23.16 -17.17
N GLU A 64 2.22 23.18 -16.36
CA GLU A 64 2.37 24.09 -15.26
C GLU A 64 1.44 23.96 -14.10
N SER A 65 0.81 22.79 -14.03
CA SER A 65 -0.07 22.42 -12.91
C SER A 65 0.84 22.18 -11.68
N THR A 66 0.25 22.25 -10.50
CA THR A 66 0.96 21.97 -9.25
C THR A 66 0.29 20.77 -8.56
N LEU A 67 1.06 19.74 -8.22
CA LEU A 67 0.49 18.62 -7.46
C LEU A 67 0.98 18.81 -6.00
N HIS A 68 0.26 18.31 -5.06
CA HIS A 68 0.72 18.43 -3.66
C HIS A 68 1.24 17.05 -3.26
N LEU A 69 2.38 17.02 -2.60
CA LEU A 69 2.96 15.77 -2.10
C LEU A 69 2.83 15.67 -0.60
N VAL A 70 2.10 14.73 -0.09
CA VAL A 70 2.03 14.52 1.38
C VAL A 70 2.81 13.21 1.60
N LEU A 71 3.60 13.15 2.65
CA LEU A 71 4.36 11.93 2.95
C LEU A 71 3.61 11.09 3.95
N ARG A 72 3.55 9.80 3.74
N ARG A 72 3.49 9.78 3.70
N ARG A 72 3.51 9.79 3.76
N ARG A 72 3.59 9.78 3.79
CA ARG A 72 2.83 8.93 4.68
CA ARG A 72 2.75 8.86 4.60
CA ARG A 72 2.76 8.97 4.73
CA ARG A 72 2.91 8.91 4.75
C ARG A 72 3.73 8.80 5.90
C ARG A 72 2.37 7.67 3.72
C ARG A 72 3.30 7.55 4.56
C ARG A 72 3.93 7.81 5.10
N LEU A 73 3.52 9.52 6.96
N LEU A 73 1.19 7.59 3.20
N LEU A 73 2.57 6.53 4.89
N LEU A 73 4.18 7.50 6.33
CA LEU A 73 4.42 9.39 8.13
CA LEU A 73 0.83 6.42 2.36
CA LEU A 73 3.11 5.15 4.71
CA LEU A 73 5.17 6.44 6.63
C LEU A 73 4.29 7.99 8.72
C LEU A 73 0.97 5.15 3.18
C LEU A 73 4.50 5.06 5.32
C LEU A 73 4.71 5.12 6.06
N ARG A 74 3.05 7.55 8.80
N ARG A 74 0.03 4.24 2.93
N ARG A 74 4.78 6.04 6.17
N ARG A 74 3.41 4.89 6.21
CA ARG A 74 2.72 6.22 9.35
CA ARG A 74 -0.01 2.93 3.62
CA ARG A 74 6.08 6.14 6.86
CA ARG A 74 2.77 3.65 5.73
C ARG A 74 2.95 5.17 8.28
C ARG A 74 -0.59 1.89 2.66
C ARG A 74 6.07 5.18 8.05
C ARG A 74 3.66 2.46 6.10
N GLY A 75 4.17 5.19 7.74
N GLY A 75 -0.52 0.64 3.11
N GLY A 75 4.86 4.92 8.55
N GLY A 75 3.72 2.20 7.39
CA GLY A 75 4.59 4.27 6.68
CA GLY A 75 -1.00 -0.51 2.36
CA GLY A 75 4.65 4.06 9.69
CA GLY A 75 4.52 1.11 7.95
C GLY A 75 4.58 2.80 7.07
C GLY A 75 -2.51 -0.70 2.38
C GLY A 75 5.09 2.62 9.51
C GLY A 75 4.34 0.89 9.44
N GLY A 76 5.01 2.57 8.30
N GLY A 76 -2.91 -1.78 1.73
N GLY A 76 4.82 2.12 8.32
N GLY A 76 5.05 -0.13 9.91
CA GLY A 76 5.09 1.25 8.92
CA GLY A 76 -4.31 -2.21 1.60
CA GLY A 76 5.17 0.76 7.89
CA GLY A 76 5.07 -0.55 11.31
C GLY A 76 6.56 0.81 8.96
C GLY A 76 -4.44 -3.60 2.24
C GLY A 76 4.43 -0.24 8.78
C GLY A 76 3.72 -1.20 11.65
N MET B 1 9.19 -5.97 7.72
N MET B 1 -9.59 -13.12 -0.65
N MET B 1 -1.91 -6.62 9.27
N MET B 1 -3.56 -0.67 19.15
CA MET B 1 9.62 -4.58 7.54
CA MET B 1 -9.65 -11.65 -0.48
CA MET B 1 -1.22 -5.57 8.52
CA MET B 1 -2.38 -0.22 18.39
C MET B 1 10.20 -4.44 6.11
C MET B 1 -11.10 -11.22 -0.81
C MET B 1 -2.09 -5.25 7.27
C MET B 1 -1.90 1.09 19.05
N GLN B 2 10.04 -3.27 5.58
N GLN B 2 -11.50 -10.17 -0.15
N GLN B 2 -2.02 -4.03 6.86
N GLN B 2 -0.62 1.30 18.95
CA GLN B 2 10.59 -3.03 4.21
CA GLN B 2 -12.87 -9.63 -0.39
CA GLN B 2 -2.78 -3.62 5.64
CA GLN B 2 -0.04 2.55 19.51
C GLN B 2 12.02 -2.49 4.34
C GLN B 2 -12.80 -8.59 -1.51
C GLN B 2 -1.89 -3.81 4.42
C GLN B 2 -0.03 3.62 18.43
N ILE B 3 12.89 -2.99 3.47
N ILE B 3 -13.78 -8.65 -2.40
N ILE B 3 -2.51 -4.34 3.36
N ILE B 3 -0.39 4.83 18.83
CA ILE B 3 14.26 -2.45 3.39
CA ILE B 3 -13.92 -7.62 -3.44
CA ILE B 3 -1.81 -4.44 2.07
CA ILE B 3 -0.28 5.99 17.93
C ILE B 3 14.51 -2.19 1.87
C ILE B 3 -15.41 -7.18 -3.41
C ILE B 3 -2.80 -3.86 1.01
C ILE B 3 0.44 7.10 18.74
N PHE B 4 15.53 -1.40 1.64
N PHE B 4 -15.64 -6.03 -4.00
N PHE B 4 -2.23 -3.55 -0.13
N PHE B 4 0.93 8.07 18.00
CA PHE B 4 15.86 -1.10 0.20
CA PHE B 4 -17.06 -5.53 -4.04
CA PHE B 4 -3.11 -2.99 -1.22
CA PHE B 4 1.65 9.19 18.71
C PHE B 4 17.23 -1.66 -0.11
C PHE B 4 -17.53 -5.48 -5.46
C PHE B 4 -3.12 -3.94 -2.38
C PHE B 4 0.88 10.46 18.49
N VAL B 5 17.48 -2.24 -1.27
N VAL B 5 -18.77 -5.85 -5.78
N VAL B 5 -4.23 -4.19 -3.05
N VAL B 5 0.73 11.35 19.47
CA VAL B 5 18.81 -2.71 -1.63
CA VAL B 5 -19.28 -5.73 -7.14
CA VAL B 5 -4.25 -5.04 -4.22
CA VAL B 5 0.08 12.63 19.27
C VAL B 5 19.20 -1.90 -2.89
C VAL B 5 -20.46 -4.74 -7.04
C VAL B 5 -4.72 -4.13 -5.39
C VAL B 5 1.15 13.70 19.56
N LYS B 6 20.19 -1.08 -2.77
N LYS B 6 -20.35 -3.62 -7.65
N LYS B 6 -3.87 -3.90 -6.33
N LYS B 6 1.54 14.44 18.57
CA LYS B 6 20.62 -0.23 -3.93
CA LYS B 6 -21.44 -2.59 -7.58
CA LYS B 6 -4.24 -2.98 -7.47
CA LYS B 6 2.61 15.47 18.77
C LYS B 6 21.74 -0.93 -4.65
C LYS B 6 -22.31 -2.75 -8.79
C LYS B 6 -4.72 -3.84 -8.61
C LYS B 6 1.94 16.79 19.03
N THR B 7 21.60 -1.12 -5.98
N THR B 7 -23.64 -2.88 -8.58
N THR B 7 -5.92 -3.53 -9.15
N THR B 7 2.33 17.47 20.14
CA THR B 7 22.66 -1.79 -6.73
CA THR B 7 -24.55 -3.03 -9.73
CA THR B 7 -6.47 -4.32 -10.27
CA THR B 7 1.71 18.77 20.45
C THR B 7 23.53 -0.75 -7.44
C THR B 7 -25.21 -1.69 -10.04
C THR B 7 -6.20 -3.59 -11.58
C THR B 7 2.64 19.90 20.01
N LEU B 8 24.64 -1.16 -8.01
N LEU B 8 -25.91 -1.58 -11.15
N LEU B 8 -6.45 -4.22 -12.70
N LEU B 8 2.18 21.12 20.04
CA LEU B 8 25.56 -0.20 -8.67
CA LEU B 8 -26.54 -0.30 -11.55
CA LEU B 8 -6.18 -3.60 -14.01
CA LEU B 8 3.01 22.26 19.58
C LEU B 8 25.01 0.31 -9.99
C LEU B 8 -27.74 0.03 -10.70
C LEU B 8 -7.19 -2.51 -14.36
C LEU B 8 4.12 22.61 20.54
N THR B 9 23.89 -0.24 -10.47
N THR B 9 -28.18 -0.89 -9.82
N THR B 9 -8.25 -2.36 -13.55
N THR B 9 4.15 21.98 21.73
CA THR B 9 23.38 0.30 -11.78
CA THR B 9 -29.38 -0.50 -9.01
CA THR B 9 -9.21 -1.28 -13.93
CA THR B 9 5.27 22.35 22.64
C THR B 9 22.25 1.26 -11.58
C THR B 9 -29.01 -0.08 -7.62
C THR B 9 -9.02 -0.04 -13.11
C THR B 9 6.36 21.33 22.64
N GLY B 10 22.03 1.72 -10.39
N GLY B 10 -27.76 0.18 -7.39
N GLY B 10 -7.93 0.08 -12.43
N GLY B 10 6.38 20.45 21.68
CA GLY B 10 20.98 2.66 -10.06
CA GLY B 10 -27.25 0.61 -6.10
CA GLY B 10 -7.61 1.22 -11.60
CA GLY B 10 7.38 19.43 21.54
C GLY B 10 19.60 2.09 -9.95
C GLY B 10 -27.09 -0.47 -5.07
C GLY B 10 -8.30 1.28 -10.26
C GLY B 10 7.23 18.24 22.45
N LYS B 11 19.53 0.78 -9.82
N LYS B 11 -27.08 -1.70 -5.51
N LYS B 11 -8.85 0.17 -9.84
N LYS B 11 6.06 18.08 23.01
CA LYS B 11 18.26 0.09 -9.59
CA LYS B 11 -26.82 -2.84 -4.65
CA LYS B 11 -9.46 0.05 -8.52
CA LYS B 11 5.74 16.93 23.84
C LYS B 11 18.18 -0.11 -8.05
C LYS B 11 -25.32 -3.16 -4.82
C LYS B 11 -8.36 -0.56 -7.63
C LYS B 11 5.00 15.95 22.89
N THR B 12 17.00 0.11 -7.49
N THR B 12 -24.65 -3.46 -3.72
N THR B 12 -8.25 -0.05 -6.41
N THR B 12 5.33 14.67 22.99
CA THR B 12 16.87 -0.15 -6.06
CA THR B 12 -23.24 -3.86 -3.87
CA THR B 12 -7.27 -0.67 -5.49
CA THR B 12 4.58 13.71 22.17
C THR B 12 15.79 -1.22 -5.91
C THR B 12 -23.13 -5.26 -3.31
C THR B 12 -8.08 -1.15 -4.28
C THR B 12 3.90 12.74 23.14
N ILE B 13 16.08 -2.25 -5.13
N ILE B 13 -22.48 -6.15 -4.06
N ILE B 13 -7.83 -2.41 -3.89
N ILE B 13 2.61 12.51 22.93
CA ILE B 13 15.00 -3.28 -5.00
CA ILE B 13 -22.39 -7.53 -3.49
CA ILE B 13 -8.62 -2.86 -2.71
CA ILE B 13 1.97 11.56 23.90
C ILE B 13 14.43 -3.23 -3.63
C ILE B 13 -20.96 -7.79 -3.09
C ILE B 13 -7.70 -2.99 -1.53
C ILE B 13 1.67 10.27 23.18
N THR B 14 13.13 -3.41 -3.49
N THR B 14 -20.74 -8.47 -1.98
N THR B 14 -8.16 -2.63 -0.35
N THR B 14 1.84 9.15 23.84
CA THR B 14 12.57 -3.38 -2.11
CA THR B 14 -19.33 -8.76 -1.63
CA THR B 14 -7.25 -2.80 0.83
CA THR B 14 1.49 7.88 23.13
C THR B 14 12.33 -4.80 -1.67
C THR B 14 -19.02 -10.18 -2.01
C THR B 14 -7.67 -4.04 1.57
C THR B 14 0.14 7.43 23.63
N LEU B 15 12.64 -5.13 -0.42
N LEU B 15 -17.84 -10.46 -2.56
N LEU B 15 -6.72 -4.85 2.04
N LEU B 15 -0.71 6.92 22.76
CA LEU B 15 12.46 -6.48 0.09
CA LEU B 15 -17.48 -11.79 -2.96
CA LEU B 15 -7.03 -6.07 2.75
CA LEU B 15 -2.03 6.46 23.13
C LEU B 15 11.60 -6.41 1.36
C LEU B 15 -16.14 -12.15 -2.30
C LEU B 15 -6.30 -6.04 4.10
C LEU B 15 -2.21 5.02 22.64
N GLU B 16 10.92 -7.49 1.63
N GLU B 16 -15.92 -13.43 -2.12
N GLU B 16 -6.85 -6.76 5.04
N GLU B 16 -3.07 4.30 23.32
CA GLU B 16 10.18 -7.52 2.93
CA GLU B 16 -14.58 -13.85 -1.61
CA GLU B 16 -6.10 -6.88 6.34
CA GLU B 16 -3.39 2.93 22.79
C GLU B 16 10.92 -8.57 3.74
C GLU B 16 -13.96 -14.56 -2.78
C GLU B 16 -5.69 -8.33 6.37
C GLU B 16 -4.82 3.04 22.35
N VAL B 17 11.41 -8.10 4.87
N VAL B 17 -12.82 -14.01 -3.18
N VAL B 17 -4.37 -8.49 6.45
N VAL B 17 -4.98 2.77 21.06
CA VAL B 17 12.20 -8.93 5.77
CA VAL B 17 -12.07 -14.52 -4.32
CA VAL B 17 -3.76 -9.81 6.46
CA VAL B 17 -6.28 2.86 20.40
C VAL B 17 11.82 -8.66 7.25
C VAL B 17 -10.56 -14.52 -4.04
C VAL B 17 -2.60 -9.88 7.46
C VAL B 17 -6.50 1.69 19.44
N GLU B 18 12.37 -9.52 8.06
N GLU B 18 -9.88 -15.16 -4.98
N GLU B 18 -2.16 -11.11 7.63
N GLU B 18 -7.73 1.65 18.99
CA GLU B 18 12.28 -9.44 9.52
CA GLU B 18 -8.42 -15.20 -5.02
CA GLU B 18 -1.00 -11.45 8.44
CA GLU B 18 -8.19 0.70 17.96
C GLU B 18 13.70 -9.32 10.04
C GLU B 18 -8.00 -14.57 -6.34
C GLU B 18 0.01 -12.11 7.50
C GLU B 18 -8.70 1.55 16.80
N PRO B 19 13.89 -8.56 11.10
N PRO B 19 -6.89 -13.87 -6.33
N PRO B 19 1.28 -11.88 7.72
N PRO B 19 -8.49 1.08 15.58
CA PRO B 19 15.20 -8.39 11.73
CA PRO B 19 -6.35 -13.24 -7.55
CA PRO B 19 2.34 -12.50 6.94
CA PRO B 19 -8.97 1.76 14.38
C PRO B 19 15.81 -9.72 12.11
C PRO B 19 -6.16 -14.25 -8.66
C PRO B 19 2.25 -14.00 6.92
C PRO B 19 -10.46 2.01 14.44
N SER B 20 14.98 -10.73 12.32
N SER B 20 -6.00 -15.51 -8.30
N SER B 20 1.61 -14.57 7.94
N SER B 20 -11.18 1.22 15.20
CA SER B 20 15.49 -12.04 12.74
CA SER B 20 -5.75 -16.54 -9.33
CA SER B 20 1.51 -16.03 8.04
CA SER B 20 -12.64 1.35 15.27
C SER B 20 16.04 -12.81 11.57
C SER B 20 -7.05 -16.96 -10.00
C SER B 20 0.41 -16.56 7.15
C SER B 20 -13.03 2.49 16.19
N ASP B 21 15.84 -12.29 10.36
N ASP B 21 -8.17 -16.48 -9.48
N ASP B 21 -0.38 -15.66 6.57
N ASP B 21 -12.05 3.06 16.90
CA ASP B 21 16.37 -13.06 9.19
CA ASP B 21 -9.45 -16.89 -10.11
CA ASP B 21 -1.48 -16.16 5.71
CA ASP B 21 -12.42 4.16 17.83
C ASP B 21 17.88 -12.99 9.16
C ASP B 21 -9.59 -16.23 -11.46
C ASP B 21 -0.91 -16.73 4.43
C ASP B 21 -12.79 5.38 17.04
N THR B 22 18.49 -14.04 8.67
N THR B 22 -10.25 -16.93 -12.38
N THR B 22 -1.58 -17.74 3.90
N THR B 22 -13.71 6.18 17.58
CA THR B 22 19.92 -14.09 8.49
CA THR B 22 -10.54 -16.39 -13.69
CA THR B 22 -1.22 -18.33 2.64
CA THR B 22 -14.09 7.43 16.99
C THR B 22 20.26 -13.40 7.15
C THR B 22 -11.83 -15.55 -13.58
C THR B 22 -1.84 -17.48 1.51
C THR B 22 -13.09 8.51 17.44
N ILE B 23 21.54 -13.02 7.06
N ILE B 23 -11.97 -14.69 -14.60
N ILE B 23 -1.24 -17.67 0.32
N ILE B 23 -13.08 9.59 16.65
CA ILE B 23 22.07 -12.44 5.83
CA ILE B 23 -13.17 -13.86 -14.72
CA ILE B 23 -1.75 -17.02 -0.87
CA ILE B 23 -12.26 10.75 16.97
C ILE B 23 21.97 -13.44 4.69
C ILE B 23 -14.41 -14.75 -14.88
C ILE B 23 -3.18 -17.48 -1.17
C ILE B 23 -12.67 11.34 18.32
N GLU B 24 22.19 -14.70 4.99
N GLU B 24 -14.26 -15.83 -15.60
N GLU B 24 -3.46 -18.73 -0.91
N GLU B 24 -13.95 11.33 18.59
CA GLU B 24 22.05 -15.77 3.95
CA GLU B 24 -15.39 -16.80 -15.76
CA GLU B 24 -4.85 -19.25 -1.09
CA GLU B 24 -14.45 11.82 19.92
C GLU B 24 20.66 -15.76 3.35
C GLU B 24 -15.87 -17.29 -14.42
C GLU B 24 -5.83 -18.47 -0.25
C GLU B 24 -13.81 11.05 21.04
N ASN B 25 19.66 -15.56 4.20
N ASN B 25 -14.93 -17.57 -13.53
N ASN B 25 -5.44 -18.13 0.96
N ASN B 25 -13.66 9.76 20.88
CA ASN B 25 18.25 -15.52 3.80
CA ASN B 25 -15.20 -18.06 -12.16
CA ASN B 25 -6.26 -17.37 1.92
CA ASN B 25 -13.07 8.85 21.86
C ASN B 25 17.95 -14.33 2.89
C ASN B 25 -15.95 -17.03 -11.33
C ASN B 25 -6.52 -15.95 1.43
C ASN B 25 -11.59 9.15 22.09
N VAL B 26 18.49 -13.19 3.30
N VAL B 26 -15.48 -15.80 -11.44
N VAL B 26 -5.45 -15.34 0.94
N VAL B 26 -10.91 9.36 20.97
CA VAL B 26 18.32 -11.97 2.52
CA VAL B 26 -16.11 -14.68 -10.72
CA VAL B 26 -5.55 -13.99 0.40
CA VAL B 26 -9.48 9.69 21.03
C VAL B 26 18.86 -12.18 1.12
C VAL B 26 -17.56 -14.58 -11.14
C VAL B 26 -6.58 -13.97 -0.73
C VAL B 26 -9.30 10.96 21.85
N LYS B 27 20.06 -12.77 1.04
N LYS B 27 -17.79 -14.64 -12.46
N LYS B 27 -6.47 -14.95 -1.62
N LYS B 27 -10.13 11.96 21.56
CA LYS B 27 20.69 -13.02 -0.26
CA LYS B 27 -19.16 -14.54 -12.98
CA LYS B 27 -7.41 -15.03 -2.76
CA LYS B 27 -10.04 13.24 22.29
C LYS B 27 19.83 -13.96 -1.11
C LYS B 27 -20.02 -15.68 -12.46
C LYS B 27 -8.83 -15.19 -2.27
C LYS B 27 -10.27 13.04 23.77
N ALA B 28 19.20 -14.94 -0.50
N ALA B 28 -19.48 -16.86 -12.32
N ALA B 28 -9.05 -15.94 -1.22
N ALA B 28 -11.19 12.16 24.14
CA ALA B 28 18.29 -15.85 -1.20
CA ALA B 28 -20.21 -18.01 -11.76
CA ALA B 28 -10.39 -16.11 -0.63
CA ALA B 28 -11.45 11.84 25.55
C ALA B 28 17.06 -15.12 -1.71
C ALA B 28 -20.53 -17.78 -10.30
C ALA B 28 -10.89 -14.80 -0.04
C ALA B 28 -10.26 11.15 26.19
N LYS B 29 16.52 -14.16 -0.95
N LYS B 29 -19.64 -17.18 -9.53
N LYS B 29 -10.04 -14.01 0.58
N LYS B 29 -9.57 10.28 25.47
CA LYS B 29 15.38 -13.35 -1.42
CA LYS B 29 -19.92 -16.86 -8.11
CA LYS B 29 -10.44 -12.69 1.11
CA LYS B 29 -8.34 9.64 26.01
C LYS B 29 15.77 -12.50 -2.64
C LYS B 29 -21.06 -15.83 -8.01
C LYS B 29 -10.86 -11.75 -0.04
C LYS B 29 -7.24 10.69 26.25
N ILE B 30 17.01 -11.99 -2.60
N ILE B 30 -21.08 -14.89 -8.95
N ILE B 30 -10.13 -11.86 -1.16
N ILE B 30 -7.17 11.67 25.35
CA ILE B 30 17.49 -11.17 -3.72
CA ILE B 30 -22.14 -13.86 -8.94
CA ILE B 30 -10.44 -11.00 -2.32
CA ILE B 30 -6.14 12.72 25.50
C ILE B 30 17.66 -12.09 -4.92
C ILE B 30 -23.45 -14.57 -9.32
C ILE B 30 -11.79 -11.50 -2.87
C ILE B 30 -6.55 13.57 26.70
N GLN B 31 18.16 -13.29 -4.73
N GLN B 31 -23.42 -15.48 -10.25
N GLN B 31 -12.02 -12.78 -2.92
N GLN B 31 -7.83 13.84 26.89
CA GLN B 31 18.31 -14.21 -5.91
CA GLN B 31 -24.69 -16.18 -10.61
CA GLN B 31 -13.34 -13.25 -3.45
CA GLN B 31 -8.22 14.66 28.08
C GLN B 31 16.93 -14.49 -6.51
C GLN B 31 -25.21 -16.94 -9.38
C GLN B 31 -14.46 -12.71 -2.55
C GLN B 31 -7.83 13.89 29.35
N ASP B 32 16.02 -14.84 -5.62
N ASP B 32 -24.29 -17.68 -8.79
N ASP B 32 -14.26 -12.91 -1.27
N ASP B 32 -8.21 12.64 29.35
CA ASP B 32 14.63 -15.12 -6.03
CA ASP B 32 -24.62 -18.47 -7.58
CA ASP B 32 -15.24 -12.44 -0.27
CA ASP B 32 -7.91 11.76 30.51
C ASP B 32 14.04 -13.99 -6.83
C ASP B 32 -25.25 -17.60 -6.50
C ASP B 32 -15.55 -10.96 -0.44
C ASP B 32 -6.42 11.76 30.84
N LYS B 33 14.28 -12.74 -6.41
N LYS B 33 -24.71 -16.38 -6.30
N LYS B 33 -14.53 -10.14 -0.71
N LYS B 33 -5.56 11.72 29.81
CA LYS B 33 13.61 -11.64 -7.14
CA LYS B 33 -25.27 -15.59 -5.18
CA LYS B 33 -14.84 -8.68 -0.79
CA LYS B 33 -4.13 11.63 30.15
C LYS B 33 14.37 -11.01 -8.26
C LYS B 33 -26.37 -14.64 -5.50
C LYS B 33 -15.15 -8.13 -2.13
C LYS B 33 -3.36 12.90 30.25
N GLU B 34 15.67 -11.01 -8.33
N GLU B 34 -26.55 -14.14 -6.69
N GLU B 34 -14.72 -8.67 -3.23
N GLU B 34 -3.72 13.99 29.63
CA GLU B 34 16.45 -10.42 -9.39
CA GLU B 34 -27.60 -13.22 -7.06
CA GLU B 34 -14.99 -8.17 -4.56
CA GLU B 34 -3.02 15.26 29.69
C GLU B 34 17.39 -11.39 -10.07
C GLU B 34 -28.46 -13.69 -8.21
C GLU B 34 -15.66 -9.17 -5.48
C GLU B 34 -3.88 16.41 30.15
N GLY B 35 17.50 -12.60 -9.57
N GLY B 35 -28.09 -14.79 -8.83
N GLY B 35 -15.79 -10.41 -5.02
N GLY B 35 -5.18 16.18 30.33
CA GLY B 35 18.29 -13.63 -10.17
CA GLY B 35 -28.86 -15.38 -9.89
CA GLY B 35 -16.48 -11.44 -5.77
CA GLY B 35 -6.08 17.18 30.84
C GLY B 35 19.75 -13.65 -9.92
C GLY B 35 -28.73 -14.84 -11.25
C GLY B 35 -15.74 -12.14 -6.84
C GLY B 35 -6.61 18.20 29.91
N ILE B 36 20.24 -12.75 -9.05
N ILE B 36 -27.81 -13.89 -11.46
N ILE B 36 -14.43 -11.87 -7.00
N ILE B 36 -6.30 18.09 28.61
CA ILE B 36 21.69 -12.75 -8.78
CA ILE B 36 -27.65 -13.33 -12.82
CA ILE B 36 -13.69 -12.56 -8.05
CA ILE B 36 -6.83 19.09 27.67
C ILE B 36 22.06 -13.85 -7.79
C ILE B 36 -26.83 -14.25 -13.69
C ILE B 36 -13.29 -13.96 -7.61
C ILE B 36 -8.27 18.81 27.32
N PRO B 37 23.00 -14.70 -8.18
N PRO B 37 -27.38 -14.64 -14.85
N PRO B 37 -13.67 -14.97 -8.39
N PRO B 37 -9.15 19.79 27.52
CA PRO B 37 23.50 -15.80 -7.33
CA PRO B 37 -26.69 -15.51 -15.81
CA PRO B 37 -13.32 -16.38 -8.11
CA PRO B 37 -10.58 19.67 27.18
C PRO B 37 24.03 -15.26 -6.02
C PRO B 37 -25.37 -14.89 -16.25
C PRO B 37 -11.82 -16.57 -7.99
C PRO B 37 -10.76 19.33 25.72
N PRO B 38 23.73 -15.89 -4.91
N PRO B 38 -24.32 -15.66 -16.35
N PRO B 38 -11.35 -17.31 -7.04
N PRO B 38 -11.66 18.42 25.39
CA PRO B 38 24.22 -15.39 -3.61
CA PRO B 38 -23.01 -15.10 -16.75
CA PRO B 38 -9.90 -17.50 -6.88
CA PRO B 38 -11.86 18.05 23.97
C PRO B 38 25.73 -15.28 -3.55
C PRO B 38 -23.05 -14.41 -18.09
C PRO B 38 -9.23 -18.06 -8.11
C PRO B 38 -12.22 19.22 23.10
N ASP B 39 26.44 -16.13 -4.23
N ASP B 39 -23.88 -14.87 -18.99
N ASP B 39 -9.92 -18.89 -8.86
N ASP B 39 -12.92 20.19 23.62
CA ASP B 39 27.93 -16.12 -4.16
CA ASP B 39 -23.93 -14.27 -20.36
CA ASP B 39 -9.32 -19.53 -10.05
CA ASP B 39 -13.36 21.36 22.80
C ASP B 39 28.52 -14.88 -4.82
C ASP B 39 -24.49 -12.86 -20.35
C ASP B 39 -9.02 -18.52 -11.17
C ASP B 39 -12.20 22.23 22.36
N GLN B 40 27.72 -14.18 -5.60
N GLN B 40 -25.13 -12.48 -19.25
N GLN B 40 -9.61 -17.34 -11.06
N GLN B 40 -11.05 22.05 23.00
CA GLN B 40 28.21 -12.94 -6.24
CA GLN B 40 -25.69 -11.11 -19.16
CA GLN B 40 -9.36 -16.30 -12.09
CA GLN B 40 -9.86 22.85 22.60
C GLN B 40 27.85 -11.68 -5.43
C GLN B 40 -24.72 -10.15 -18.43
C GLN B 40 -8.24 -15.33 -11.64
C GLN B 40 -8.96 22.09 21.62
N GLN B 41 27.00 -11.81 -4.44
N GLN B 41 -23.69 -10.67 -17.81
N GLN B 41 -7.83 -15.39 -10.41
N GLN B 41 -9.20 20.81 21.42
CA GLN B 41 26.52 -10.71 -3.65
CA GLN B 41 -22.73 -9.89 -17.05
CA GLN B 41 -6.83 -14.49 -9.86
CA GLN B 41 -8.41 19.96 20.56
C GLN B 41 27.43 -10.31 -2.48
C GLN B 41 -21.62 -9.26 -17.85
C GLN B 41 -5.39 -14.90 -10.07
C GLN B 41 -8.77 20.00 19.08
N ARG B 42 27.71 -9.02 -2.42
N ARG B 42 -21.44 -7.96 -17.62
N ARG B 42 -4.62 -13.94 -10.57
N ARG B 42 -7.73 20.21 18.27
CA ARG B 42 28.43 -8.43 -1.25
CA ARG B 42 -20.27 -7.22 -18.20
CA ARG B 42 -3.13 -14.13 -10.69
CA ARG B 42 -7.90 20.10 16.79
C ARG B 42 27.49 -7.38 -0.69
C ARG B 42 -19.53 -6.66 -17.00
C ARG B 42 -2.54 -13.00 -9.87
C ARG B 42 -6.91 19.03 16.37
N LEU B 43 26.99 -7.53 0.53
N LEU B 43 -18.30 -7.08 -16.73
N LEU B 43 -1.82 -13.29 -8.78
N LEU B 43 -7.36 17.90 15.83
CA LEU B 43 26.02 -6.55 1.08
CA LEU B 43 -17.58 -6.59 -15.53
CA LEU B 43 -1.27 -12.22 -7.93
CA LEU B 43 -6.42 16.80 15.47
C LEU B 43 26.72 -5.64 2.09
C LEU B 43 -16.53 -5.55 -15.93
C LEU B 43 0.23 -12.06 -8.19
C LEU B 43 -6.21 16.78 13.96
N ILE B 44 26.54 -4.33 1.91
N ILE B 44 -16.55 -4.42 -15.24
N ILE B 44 0.65 -10.82 -8.41
N ILE B 44 -4.96 16.73 13.55
CA ILE B 44 27.17 -3.33 2.76
CA ILE B 44 -15.66 -3.30 -15.54
CA ILE B 44 2.03 -10.49 -8.73
CA ILE B 44 -4.58 16.77 12.14
C ILE B 44 26.14 -2.42 3.44
C ILE B 44 -14.81 -2.92 -14.33
C ILE B 44 2.63 -9.51 -7.73
C ILE B 44 -3.75 15.54 11.75
N PHE B 45 26.34 -2.25 4.77
N PHE B 45 -13.48 -2.77 -14.60
N PHE B 45 3.85 -9.87 -7.26
N PHE B 45 -4.17 14.92 10.61
CA PHE B 45 25.48 -1.37 5.57
CA PHE B 45 -12.53 -2.36 -13.56
CA PHE B 45 4.59 -9.00 -6.32
CA PHE B 45 -3.45 13.75 10.07
C PHE B 45 26.42 -0.72 6.61
C PHE B 45 -11.50 -1.46 -14.28
C PHE B 45 6.08 -9.17 -6.70
C PHE B 45 -3.55 13.89 8.54
N ALA B 46 26.28 0.58 6.65
N ALA B 46 -11.32 -0.31 -13.67
N ALA B 46 6.67 -8.01 -6.86
N ALA B 46 -2.39 13.78 7.96
CA ALA B 46 27.02 1.45 7.60
CA ALA B 46 -10.35 0.70 -14.11
CA ALA B 46 8.12 -7.89 -7.17
CA ALA B 46 -2.21 13.82 6.49
C ALA B 46 28.50 1.09 7.61
C ALA B 46 -10.49 0.97 -15.61
C ALA B 46 8.50 -8.82 -8.31
C ALA B 46 -2.94 15.00 5.89
N GLY B 47 29.02 0.96 6.42
N GLY B 47 -11.72 1.11 -16.00
N GLY B 47 7.69 -8.80 -9.33
N GLY B 47 -2.77 16.12 6.52
CA GLY B 47 30.37 0.62 6.09
CA GLY B 47 -12.20 1.36 -17.33
CA GLY B 47 7.75 -9.55 -10.55
CA GLY B 47 -3.32 17.41 6.23
C GLY B 47 30.89 -0.71 6.55
C GLY B 47 -11.92 0.31 -18.38
C GLY B 47 7.68 -11.05 -10.43
C GLY B 47 -4.83 17.54 6.27
N LYS B 48 30.03 -1.65 6.84
N LYS B 48 -11.67 -0.90 -17.98
N LYS B 48 7.15 -11.57 -9.36
N LYS B 48 -5.50 16.67 6.96
CA LYS B 48 30.43 -3.00 7.25
CA LYS B 48 -11.43 -2.01 -18.92
CA LYS B 48 6.97 -13.02 -9.17
CA LYS B 48 -6.96 16.74 7.11
C LYS B 48 29.96 -3.97 6.16
C LYS B 48 -12.58 -3.02 -18.73
C LYS B 48 5.46 -13.29 -9.13
C LYS B 48 -7.26 16.99 8.61
N GLN B 49 30.74 -4.98 5.86
N GLN B 49 -13.04 -3.62 -19.79
N GLN B 49 5.03 -14.39 -9.70
N GLN B 49 -8.26 17.79 8.89
CA GLN B 49 30.27 -6.02 4.90
CA GLN B 49 -14.07 -4.69 -19.65
CA GLN B 49 3.60 -14.78 -9.58
CA GLN B 49 -8.67 17.98 10.32
C GLN B 49 29.48 -6.99 5.76
C GLN B 49 -13.25 -5.95 -19.41
C GLN B 49 3.53 -15.54 -8.25
C GLN B 49 -9.62 16.81 10.57
N LEU B 50 28.28 -7.35 5.36
N LEU B 50 -13.60 -6.71 -18.40
N LEU B 50 2.60 -15.19 -7.40
N LEU B 50 -9.42 16.08 11.65
CA LEU B 50 27.40 -8.21 6.16
CA LEU B 50 -12.82 -7.90 -18.01
CA LEU B 50 2.50 -15.80 -6.06
CA LEU B 50 -10.23 14.89 11.95
C LEU B 50 27.80 -9.66 6.01
C LEU B 50 -13.16 -9.07 -18.93
C LEU B 50 1.83 -17.16 -6.15
C LEU B 50 -11.56 15.29 12.56
N GLU B 51 27.81 -10.42 7.11
N GLU B 51 -12.16 -9.84 -19.35
N GLU B 51 2.34 -18.15 -5.42
N GLU B 51 -12.65 14.64 12.14
CA GLU B 51 28.24 -11.83 7.04
CA GLU B 51 -12.40 -10.96 -20.28
CA GLU B 51 1.78 -19.51 -5.49
CA GLU B 51 -13.99 15.02 12.63
C GLU B 51 27.04 -12.74 7.04
C GLU B 51 -12.40 -12.26 -19.53
C GLU B 51 0.90 -19.77 -4.29
C GLU B 51 -14.43 14.04 13.70
N ASP B 52 27.03 -13.80 6.27
N ASP B 52 -13.29 -13.19 -19.84
N ASP B 52 -0.23 -20.43 -4.44
N ASP B 52 -15.06 14.48 14.76
CA ASP B 52 25.91 -14.72 6.08
CA ASP B 52 -13.46 -14.46 -19.14
CA ASP B 52 -1.22 -20.68 -3.41
CA ASP B 52 -15.47 13.68 15.90
C ASP B 52 25.18 -15.29 7.29
C ASP B 52 -12.27 -15.35 -18.83
C ASP B 52 -0.81 -21.22 -2.05
C ASP B 52 -16.22 12.36 15.71
N GLY B 53 25.89 -15.67 8.32
N GLY B 53 -11.35 -15.50 -19.74
N GLY B 53 0.09 -22.17 -2.02
N GLY B 53 -17.15 12.31 14.80
CA GLY B 53 25.32 -16.30 9.54
CA GLY B 53 -10.17 -16.36 -19.61
CA GLY B 53 0.55 -22.83 -0.79
CA GLY B 53 -18.00 11.14 14.52
C GLY B 53 24.78 -15.35 10.56
C GLY B 53 -9.01 -15.78 -18.86
C GLY B 53 1.62 -22.12 -0.01
C GLY B 53 -17.42 10.11 13.62
N ARG B 54 24.99 -14.05 10.42
N ARG B 54 -9.03 -14.50 -18.53
N ARG B 54 2.21 -21.06 -0.55
N ARG B 54 -16.28 10.37 12.99
CA ARG B 54 24.41 -13.06 11.35
CA ARG B 54 -7.96 -13.87 -17.72
CA ARG B 54 3.21 -20.26 0.18
CA ARG B 54 -15.59 9.36 12.15
C ARG B 54 23.00 -12.73 10.88
C ARG B 54 -8.28 -14.09 -16.26
C ARG B 54 2.47 -19.23 1.02
C ARG B 54 -14.71 8.51 13.06
N THR B 55 22.24 -12.09 11.72
N THR B 55 -7.31 -13.87 -15.41
N THR B 55 3.17 -18.63 1.96
N THR B 55 -14.25 7.39 12.54
CA THR B 55 20.85 -11.64 11.42
CA THR B 55 -7.46 -13.97 -13.93
CA THR B 55 2.64 -17.57 2.84
CA THR B 55 -13.35 6.47 13.25
C THR B 55 20.93 -10.11 11.20
C THR B 55 -7.51 -12.53 -13.40
C THR B 55 3.23 -16.23 2.32
C THR B 55 -11.94 6.67 12.63
N LEU B 56 19.88 -9.56 10.62
N LEU B 56 -7.95 -12.40 -12.16
N LEU B 56 2.63 -15.14 2.76
N LEU B 56 -10.93 6.18 13.32
CA LEU B 56 19.77 -8.11 10.40
CA LEU B 56 -8.01 -11.10 -11.47
CA LEU B 56 3.10 -13.79 2.41
CA LEU B 56 -9.55 6.23 12.85
C LEU B 56 19.78 -7.42 11.75
C LEU B 56 -6.60 -10.55 -11.38
C LEU B 56 4.52 -13.63 2.94
C LEU B 56 -9.46 5.44 11.53
N SER B 57 19.17 -8.05 12.78
N SER B 57 -5.59 -11.44 -11.17
N SER B 57 4.81 -14.23 4.12
N SER B 57 -10.22 4.34 11.43
CA SER B 57 19.17 -7.37 14.10
CA SER B 57 -4.21 -10.90 -11.07
CA SER B 57 6.19 -14.06 4.65
CA SER B 57 -10.14 3.58 10.16
C SER B 57 20.57 -7.22 14.66
C SER B 57 -3.76 -10.25 -12.35
C SER B 57 7.22 -14.70 3.74
C SER B 57 -10.62 4.37 8.97
N ASP B 58 21.46 -8.13 14.31
N ASP B 58 -4.26 -10.72 -13.47
N ASP B 58 6.84 -15.75 3.04
N ASP B 58 -11.55 5.28 9.19
CA ASP B 58 22.86 -8.07 14.79
CA ASP B 58 -3.89 -10.14 -14.80
CA ASP B 58 7.78 -16.45 2.12
CA ASP B 58 -12.10 6.13 8.10
C ASP B 58 23.51 -6.73 14.43
C ASP B 58 -4.15 -8.63 -14.83
C ASP B 58 8.37 -15.47 1.10
C ASP B 58 -10.97 6.86 7.39
N TYR B 59 23.20 -6.26 13.26
N TYR B 59 -5.25 -8.26 -14.24
N TYR B 59 7.53 -14.58 0.64
N TYR B 59 -10.02 7.31 8.15
CA TYR B 59 23.69 -5.00 12.72
CA TYR B 59 -5.68 -6.86 -14.13
CA TYR B 59 7.89 -13.54 -0.32
CA TYR B 59 -8.84 8.04 7.67
C TYR B 59 22.76 -3.84 13.03
C TYR B 59 -5.19 -6.17 -12.88
C TYR B 59 8.36 -12.26 0.33
C TYR B 59 -7.68 7.14 7.37
N ASN B 60 21.71 -3.98 13.79
N ASN B 60 -4.36 -6.77 -12.04
N ASN B 60 8.50 -12.16 1.63
N ASN B 60 -7.78 5.82 7.45
CA ASN B 60 20.84 -2.81 14.06
CA ASN B 60 -3.90 -6.07 -10.84
CA ASN B 60 8.95 -10.89 2.23
CA ASN B 60 -6.61 4.97 7.14
C ASN B 60 20.31 -2.20 12.77
C ASN B 60 -5.07 -5.63 -9.97
C ASN B 60 8.02 -9.75 1.87
C ASN B 60 -5.43 5.32 8.04
N ILE B 61 19.84 -3.04 11.86
N ILE B 61 -6.02 -6.52 -9.75
N ILE B 61 6.73 -9.97 1.97
N ILE B 61 -5.68 5.46 9.32
CA ILE B 61 19.21 -2.55 10.60
CA ILE B 61 -7.17 -6.24 -8.84
CA ILE B 61 5.72 -8.89 1.73
CA ILE B 61 -4.58 5.71 10.30
C ILE B 61 17.72 -2.36 10.92
C ILE B 61 -6.72 -6.66 -7.45
C ILE B 61 5.52 -8.20 3.07
C ILE B 61 -4.10 4.34 10.75
N GLN B 62 17.22 -1.16 10.86
N GLN B 62 -6.62 -5.76 -6.52
N GLN B 62 5.86 -6.95 3.18
N GLN B 62 -2.88 3.97 10.48
CA GLN B 62 15.81 -0.84 11.20
CA GLN B 62 -6.12 -6.04 -5.14
CA GLN B 62 5.76 -6.18 4.46
CA GLN B 62 -2.32 2.63 10.81
C GLN B 62 15.00 -0.64 9.92
C GLN B 62 -7.31 -6.09 -4.18
C GLN B 62 4.53 -5.26 4.43
C GLN B 62 -1.42 2.75 12.04
N LYS B 63 13.68 -0.56 10.03
N LYS B 63 -7.09 -6.54 -2.94
N LYS B 63 4.18 -4.67 5.55
N LYS B 63 -1.00 1.61 12.61
CA LYS B 63 12.80 -0.43 8.88
CA LYS B 63 -8.14 -6.70 -1.96
CA LYS B 63 3.00 -3.82 5.65
CA LYS B 63 -0.20 1.59 13.81
C LYS B 63 13.24 0.77 8.04
C LYS B 63 -8.88 -5.37 -1.80
C LYS B 63 3.07 -2.73 4.59
C LYS B 63 1.05 2.44 13.60
N GLU B 64 13.11 0.55 6.73
N GLU B 64 -10.20 -5.53 -1.62
N GLU B 64 1.87 -2.44 4.07
N GLU B 64 1.40 3.12 14.71
CA GLU B 64 13.43 1.50 5.70
CA GLU B 64 -11.15 -4.46 -1.43
CA GLU B 64 1.62 -1.46 3.06
CA GLU B 64 2.53 3.99 14.82
C GLU B 64 14.87 1.88 5.51
C GLU B 64 -11.40 -3.54 -2.58
C GLU B 64 2.18 -1.69 1.68
C GLU B 64 2.51 5.27 14.02
N SER B 65 15.73 1.03 6.04
N SER B 65 -11.04 -4.01 -3.76
N SER B 65 2.51 -2.94 1.43
N SER B 65 1.32 5.65 13.62
CA SER B 65 17.18 1.15 5.87
CA SER B 65 -11.31 -3.32 -5.03
CA SER B 65 2.98 -3.41 0.12
CA SER B 65 1.06 6.92 12.92
C SER B 65 17.51 0.81 4.40
C SER B 65 -12.83 -3.41 -5.30
C SER B 65 1.75 -3.38 -0.84
C SER B 65 1.23 8.06 13.97
N THR B 66 18.66 1.24 3.93
N THR B 66 -13.34 -2.53 -6.12
N THR B 66 2.01 -3.37 -2.12
N THR B 66 1.46 9.25 13.50
CA THR B 66 19.14 0.90 2.58
CA THR B 66 -14.75 -2.55 -6.53
CA THR B 66 0.95 -3.42 -3.14
CA THR B 66 1.55 10.44 14.37
C THR B 66 20.46 0.15 2.70
C THR B 66 -14.82 -2.75 -8.04
C THR B 66 1.17 -4.67 -3.99
C THR B 66 0.45 11.42 13.97
N LEU B 67 20.55 -1.04 2.07
N LEU B 67 -15.57 -3.75 -8.52
N LEU B 67 0.15 -5.52 -4.13
N LEU B 67 -0.38 11.86 14.93
CA LEU B 67 21.83 -1.76 2.06
CA LEU B 67 -15.76 -3.92 -9.96
CA LEU B 67 0.25 -6.67 -5.03
CA LEU B 67 -1.38 12.88 14.63
C LEU B 67 22.42 -1.54 0.65
C LEU B 67 -17.18 -3.38 -10.26
C LEU B 67 -0.54 -6.30 -6.30
C LEU B 67 -0.82 14.20 15.21
N HIS B 68 23.69 -1.62 0.52
N HIS B 68 -17.43 -2.95 -11.44
N HIS B 68 -0.21 -6.87 -7.40
N HIS B 68 -1.21 15.30 14.69
CA HIS B 68 24.30 -1.46 -0.83
CA HIS B 68 -18.79 -2.47 -11.78
CA HIS B 68 -0.99 -6.57 -8.63
CA HIS B 68 -0.73 16.59 15.26
C HIS B 68 24.71 -2.86 -1.27
C HIS B 68 -19.41 -3.57 -12.64
C HIS B 68 -1.86 -7.80 -8.88
C HIS B 68 -1.90 17.17 16.03
N LEU B 69 24.42 -3.19 -2.51
N LEU B 69 -20.65 -3.90 -12.37
N LEU B 69 -3.12 -7.57 -9.22
N LEU B 69 -1.64 17.67 17.23
CA LEU B 69 24.82 -4.47 -3.10
CA LEU B 69 -21.39 -4.88 -13.16
CA LEU B 69 -4.04 -8.65 -9.56
CA LEU B 69 -2.66 18.33 18.04
C LEU B 69 25.95 -4.30 -4.08
C LEU B 69 -22.44 -4.22 -14.01
C LEU B 69 -4.33 -8.68 -11.03
C LEU B 69 -2.46 19.81 18.08
N VAL B 70 27.10 -4.84 -3.82
N VAL B 70 -22.34 -4.27 -15.30
N VAL B 70 -3.96 -9.70 -11.73
N VAL B 70 -3.37 20.58 17.57
CA VAL B 70 28.20 -4.79 -4.82
CA VAL B 70 -23.41 -3.73 -16.18
CA VAL B 70 -4.32 -9.83 -13.18
CA VAL B 70 -3.27 22.07 17.67
C VAL B 70 28.31 -6.24 -5.32
C VAL B 70 -24.07 -4.99 -16.77
C VAL B 70 -5.38 -10.94 -13.18
C VAL B 70 -4.37 22.44 18.69
N LEU B 71 28.52 -6.42 -6.61
N LEU B 71 -25.38 -4.98 -16.89
N LEU B 71 -6.41 -10.78 -13.99
N LEU B 71 -4.10 23.36 19.57
CA LEU B 71 28.65 -7.78 -7.18
CA LEU B 71 -26.10 -6.14 -17.47
CA LEU B 71 -7.46 -11.82 -14.09
CA LEU B 71 -5.12 23.80 20.56
C LEU B 71 30.11 -8.15 -7.28
C LEU B 71 -26.35 -5.90 -18.93
C LEU B 71 -7.18 -12.72 -15.27
C LEU B 71 -5.82 25.03 20.05
N MET A 1 6.38 18.40 -20.67
CA MET A 1 5.74 19.56 -20.05
C MET A 1 6.28 19.67 -18.60
N GLN A 2 6.34 20.88 -18.14
CA GLN A 2 6.81 21.11 -16.74
C GLN A 2 5.61 21.10 -15.81
N ILE A 3 5.80 20.45 -14.66
CA ILE A 3 4.77 20.47 -13.61
C ILE A 3 5.53 20.83 -12.30
N PHE A 4 4.75 21.23 -11.33
CA PHE A 4 5.40 21.59 -10.01
C PHE A 4 4.91 20.64 -8.96
N VAL A 5 5.74 20.16 -8.03
CA VAL A 5 5.27 19.32 -6.95
C VAL A 5 5.58 20.10 -5.65
N LYS A 6 4.57 20.50 -4.95
CA LYS A 6 4.78 21.30 -3.70
C LYS A 6 4.77 20.35 -2.53
N THR A 7 5.82 20.41 -1.68
CA THR A 7 5.88 19.52 -0.51
C THR A 7 5.42 20.27 0.74
N LEU A 8 5.24 19.58 1.84
CA LEU A 8 4.74 20.24 3.07
C LEU A 8 5.81 21.08 3.74
N THR A 9 7.06 21.03 3.24
CA THR A 9 8.08 21.90 3.94
C THR A 9 8.35 23.16 3.18
N GLY A 10 7.52 23.50 2.24
CA GLY A 10 7.67 24.69 1.43
C GLY A 10 8.68 24.63 0.33
N LYS A 11 9.10 23.43 0.00
CA LYS A 11 10.01 23.21 -1.12
C LYS A 11 9.11 22.84 -2.31
N THR A 12 9.42 23.38 -3.48
CA THR A 12 8.62 22.98 -4.66
C THR A 12 9.61 22.35 -5.64
N ILE A 13 9.25 21.19 -6.17
CA ILE A 13 10.23 20.60 -7.13
C ILE A 13 9.65 20.67 -8.52
N THR A 14 10.47 20.94 -9.51
CA THR A 14 9.89 20.97 -10.89
C THR A 14 10.25 19.66 -11.57
N LEU A 15 9.33 19.09 -12.33
CA LEU A 15 9.58 17.83 -13.01
C LEU A 15 9.25 18.02 -14.49
N GLU A 16 9.89 17.22 -15.31
CA GLU A 16 9.51 17.26 -16.76
C GLU A 16 8.85 15.92 -17.00
N VAL A 17 7.60 16.03 -17.42
CA VAL A 17 6.77 14.86 -17.67
C VAL A 17 5.93 15.04 -18.95
N GLU A 18 5.32 13.93 -19.31
CA GLU A 18 4.37 13.84 -20.41
C GLU A 18 3.06 13.38 -19.82
N PRO A 19 1.95 13.87 -20.34
CA PRO A 19 0.61 13.47 -19.90
C PRO A 19 0.43 11.98 -19.97
N SER A 20 1.19 11.31 -20.81
CA SER A 20 1.03 9.85 -20.98
C SER A 20 1.72 9.11 -19.87
N ASP A 21 2.49 9.83 -19.05
CA ASP A 21 3.19 9.10 -17.96
C ASP A 21 2.21 8.63 -16.92
N THR A 22 2.51 7.52 -16.30
CA THR A 22 1.71 6.99 -15.21
C THR A 22 2.16 7.68 -13.91
N ILE A 23 1.25 7.61 -12.94
CA ILE A 23 1.52 8.13 -11.60
C ILE A 23 2.72 7.40 -10.98
N GLU A 24 2.80 6.12 -11.24
CA GLU A 24 3.98 5.32 -10.73
C GLU A 24 5.27 5.90 -11.23
N CYS A 25 5.30 6.34 -12.52
CA CYS A 25 6.50 6.91 -13.13
C CYS A 25 6.85 8.24 -12.50
N VAL A 26 5.82 9.05 -12.28
CA VAL A 26 6.04 10.34 -11.65
C VAL A 26 6.71 10.15 -10.29
N LYS A 27 6.18 9.20 -9.52
CA LYS A 27 6.74 8.92 -8.19
C LYS A 27 8.19 8.48 -8.29
N ALA A 28 8.54 7.70 -9.30
CA ALA A 28 9.92 7.29 -9.53
C ALA A 28 10.80 8.47 -9.89
N LYS A 29 10.31 9.43 -10.66
CA LYS A 29 11.09 10.64 -10.97
C LYS A 29 11.35 11.47 -9.69
N ILE A 30 10.35 11.49 -8.81
CA ILE A 30 10.50 12.25 -7.55
C ILE A 30 11.53 11.50 -6.70
N GLN A 31 11.49 10.19 -6.69
CA GLN A 31 12.50 9.45 -5.86
C GLN A 31 13.90 9.76 -6.40
N ASP A 32 14.01 9.63 -7.70
CA ASP A 32 15.30 9.91 -8.37
C ASP A 32 15.83 11.29 -8.03
N LYS A 33 14.94 12.30 -7.98
CA LYS A 33 15.50 13.66 -7.74
C LYS A 33 15.53 14.13 -6.33
N GLU A 34 14.74 13.67 -5.41
CA GLU A 34 14.73 14.09 -4.02
C GLU A 34 14.92 12.96 -3.04
N GLY A 35 14.94 11.73 -3.52
CA GLY A 35 15.18 10.58 -2.69
C GLY A 35 14.07 10.02 -1.89
N ILE A 36 12.84 10.55 -2.06
CA ILE A 36 11.72 10.01 -1.29
C ILE A 36 11.20 8.72 -1.91
N PRO A 37 11.15 7.65 -1.13
CA PRO A 37 10.64 6.34 -1.58
C PRO A 37 9.21 6.46 -2.09
N PRO A 38 8.88 5.84 -3.19
CA PRO A 38 7.51 5.95 -3.73
C PRO A 38 6.45 5.52 -2.76
N ASP A 39 6.74 4.57 -1.90
CA ASP A 39 5.72 4.05 -0.95
C ASP A 39 5.34 5.08 0.11
N GLN A 40 6.16 6.11 0.23
CA GLN A 40 5.83 7.18 1.22
C GLN A 40 5.08 8.36 0.58
N GLN A 41 5.02 8.40 -0.74
CA GLN A 41 4.40 9.48 -1.46
C GLN A 41 2.90 9.36 -1.66
N ARG A 42 2.21 10.46 -1.32
CA ARG A 42 0.75 10.57 -1.60
C ARG A 42 0.62 11.80 -2.48
N LEU A 43 0.18 11.67 -3.73
CA LEU A 43 0.09 12.84 -4.63
C LEU A 43 -1.35 13.30 -4.76
N ILE A 44 -1.57 14.59 -4.57
CA ILE A 44 -2.91 15.19 -4.61
C ILE A 44 -3.02 16.28 -5.66
N PHE A 45 -4.11 16.19 -6.46
CA PHE A 45 -4.39 17.20 -7.50
C PHE A 45 -5.92 17.33 -7.53
N ALA A 46 -6.32 18.58 -7.46
CA ALA A 46 -7.74 18.98 -7.52
C ALA A 46 -8.59 18.14 -6.58
N GLY A 47 -8.08 17.99 -5.40
CA GLY A 47 -8.62 17.24 -4.29
C GLY A 47 -8.80 15.76 -4.47
N CYS A 48 -8.13 15.15 -5.41
CA CYS A 48 -8.12 13.71 -5.63
C CYS A 48 -6.78 13.12 -5.25
N GLN A 49 -6.74 11.97 -4.70
CA GLN A 49 -5.43 11.30 -4.47
C GLN A 49 -5.16 10.55 -5.77
N LEU A 50 -3.98 10.72 -6.33
CA LEU A 50 -3.65 10.11 -7.64
C LEU A 50 -3.29 8.65 -7.46
N GLU A 51 -3.77 7.80 -8.37
CA GLU A 51 -3.53 6.34 -8.25
C GLU A 51 -2.42 5.92 -9.18
N ASP A 52 -1.53 5.06 -8.79
CA ASP A 52 -0.35 4.62 -9.54
C ASP A 52 -0.48 4.20 -10.99
N GLY A 53 -1.50 3.45 -11.32
CA GLY A 53 -1.74 2.91 -12.67
C GLY A 53 -2.40 3.82 -13.65
N ARG A 54 -2.89 4.98 -13.21
CA ARG A 54 -3.49 5.96 -14.13
C ARG A 54 -2.37 6.83 -14.68
N THR A 55 -2.66 7.57 -15.72
CA THR A 55 -1.72 8.53 -16.36
C THR A 55 -2.16 9.94 -15.93
N LEU A 56 -1.27 10.90 -16.12
CA LEU A 56 -1.55 12.31 -15.83
C LEU A 56 -2.72 12.75 -16.70
N SER A 57 -2.80 12.25 -17.95
CA SER A 57 -3.93 12.69 -18.80
C SER A 57 -5.26 12.26 -18.24
N ASP A 58 -5.29 11.15 -17.53
CA ASP A 58 -6.56 10.64 -16.93
C ASP A 58 -7.20 11.71 -16.05
N TYR A 59 -6.37 12.41 -15.33
CA TYR A 59 -6.76 13.49 -14.42
C TYR A 59 -6.79 14.84 -15.09
N ASN A 60 -6.55 14.98 -16.38
CA ASN A 60 -6.58 16.32 -16.99
C ASN A 60 -5.58 17.25 -16.32
N ILE A 61 -4.36 16.77 -16.10
CA ILE A 61 -3.28 17.62 -15.54
C ILE A 61 -2.59 18.28 -16.73
N GLN A 62 -2.64 19.57 -16.85
CA GLN A 62 -2.07 20.32 -18.00
C GLN A 62 -0.74 20.97 -17.58
N LYS A 63 0.04 21.51 -18.58
CA LYS A 63 1.33 22.10 -18.24
C LYS A 63 1.17 23.16 -17.17
N GLU A 64 2.22 23.18 -16.36
CA GLU A 64 2.37 24.09 -15.26
C GLU A 64 1.44 23.96 -14.10
N SER A 65 0.81 22.79 -14.03
CA SER A 65 -0.07 22.42 -12.91
C SER A 65 0.84 22.18 -11.68
N THR A 66 0.25 22.25 -10.50
CA THR A 66 0.96 21.97 -9.25
C THR A 66 0.29 20.77 -8.56
N LEU A 67 1.06 19.74 -8.22
CA LEU A 67 0.49 18.62 -7.46
C LEU A 67 0.98 18.81 -6.00
N HIS A 68 0.26 18.31 -5.06
CA HIS A 68 0.72 18.43 -3.66
C HIS A 68 1.24 17.05 -3.26
N LEU A 69 2.38 17.02 -2.60
CA LEU A 69 2.96 15.77 -2.10
C LEU A 69 2.83 15.67 -0.60
N VAL A 70 2.10 14.73 -0.09
CA VAL A 70 2.03 14.52 1.38
C VAL A 70 2.81 13.21 1.60
N LEU A 71 3.60 13.15 2.65
CA LEU A 71 4.36 11.93 2.95
C LEU A 71 3.61 11.09 3.95
N ARG A 72 3.49 9.80 3.77
N ARG A 72 3.54 9.77 3.68
N ARG A 72 3.59 9.79 3.74
N ARG A 72 3.57 9.79 3.74
CA ARG A 72 2.70 9.01 4.76
CA ARG A 72 2.86 8.76 4.51
CA ARG A 72 2.92 8.85 4.67
CA ARG A 72 2.87 8.89 4.68
C ARG A 72 3.42 9.21 6.09
C ARG A 72 2.00 7.95 3.54
C ARG A 72 1.50 9.39 4.84
C ARG A 72 3.92 8.46 5.70
N LEU A 73 2.76 9.18 7.20
N LEU A 73 1.68 6.73 3.79
N LEU A 73 0.77 9.01 5.83
N LEU A 73 3.59 7.74 6.72
CA LEU A 73 3.47 9.38 8.49
CA LEU A 73 0.83 5.97 2.84
CA LEU A 73 -0.61 9.54 5.97
CA LEU A 73 4.62 7.34 7.70
C LEU A 73 4.28 8.13 8.82
C LEU A 73 0.13 4.83 3.57
C LEU A 73 -1.12 9.30 7.38
C LEU A 73 5.46 6.21 7.15
N ARG A 74 5.08 8.29 9.87
N ARG A 74 -1.18 4.77 3.33
N ARG A 74 -2.06 8.38 7.47
N ARG A 74 6.71 6.20 7.56
CA ARG A 74 5.96 7.21 10.35
CA ARG A 74 -2.04 3.76 3.96
CA ARG A 74 -2.69 8.01 8.75
CA ARG A 74 7.69 5.19 7.12
C ARG A 74 5.12 5.98 10.65
C ARG A 74 -2.11 2.54 3.04
C ARG A 74 -1.63 7.39 9.66
C ARG A 74 7.24 3.82 7.61
N GLY A 75 5.58 4.85 10.11
N GLY A 75 -2.87 1.55 3.49
N GLY A 75 -0.75 6.61 9.04
N GLY A 75 6.72 3.82 8.83
CA GLY A 75 4.91 3.57 10.26
CA GLY A 75 -3.06 0.29 2.78
CA GLY A 75 0.33 5.91 9.72
CA GLY A 75 6.24 2.61 9.50
C GLY A 75 5.19 2.86 11.57
C GLY A 75 -4.31 -0.47 3.14
C GLY A 75 0.02 4.49 10.14
C GLY A 75 5.01 1.98 8.87
N GLY A 76 4.53 1.71 11.70
N GLY A 76 -4.47 -1.59 2.46
N GLY A 76 1.09 3.81 10.53
N GLY A 76 4.88 0.70 9.13
CA GLY A 76 4.63 0.82 12.86
CA GLY A 76 -5.61 -2.52 2.62
CA GLY A 76 1.07 2.42 11.00
CA GLY A 76 3.77 -0.15 8.66
C GLY A 76 6.12 0.61 13.18
C GLY A 76 -5.11 -3.94 2.33
C GLY A 76 1.62 1.53 9.89
C GLY A 76 3.61 -1.32 9.63
N MET B 1 9.38 -7.48 6.92
N MET B 1 -10.30 -13.10 -0.91
N MET B 1 -1.12 -5.77 9.62
N MET B 1 -2.36 -2.51 18.58
CA MET B 1 9.37 -6.01 6.92
CA MET B 1 -10.26 -11.64 -0.71
CA MET B 1 -0.46 -4.74 8.78
CA MET B 1 -1.17 -2.01 17.85
C MET B 1 9.98 -5.56 5.57
C MET B 1 -11.69 -11.11 -0.98
C MET B 1 -1.38 -4.48 7.57
C MET B 1 -0.67 -0.77 18.62
N GLN B 2 9.51 -4.43 5.12
N GLN B 2 -12.00 -10.05 -0.30
N GLN B 2 -1.33 -3.26 7.11
N GLN B 2 0.62 -0.58 18.53
CA GLN B 2 10.05 -3.88 3.84
CA GLN B 2 -13.34 -9.41 -0.50
CA GLN B 2 -2.15 -2.90 5.91
CA GLN B 2 1.22 0.62 19.21
C GLN B 2 11.22 -2.97 4.15
C GLN B 2 -13.22 -8.35 -1.59
C GLN B 2 -1.33 -3.15 4.66
C GLN B 2 1.26 1.78 18.21
N ILE B 3 12.25 -3.09 3.33
N ILE B 3 -14.21 -8.33 -2.46
N ILE B 3 -1.99 -3.71 3.65
N ILE B 3 0.92 2.95 18.72
CA ILE B 3 13.40 -2.16 3.42
CA ILE B 3 -14.30 -7.25 -3.47
CA ILE B 3 -1.36 -3.87 2.33
CA ILE B 3 1.04 4.18 17.90
C ILE B 3 13.67 -1.67 1.97
C ILE B 3 -15.76 -6.72 -3.40
C ILE B 3 -2.40 -3.33 1.30
C ILE B 3 1.79 5.21 18.81
N PHE B 4 14.41 -0.60 1.91
N PHE B 4 -15.93 -5.55 -3.96
N PHE B 4 -1.88 -3.06 0.12
N PHE B 4 2.30 6.21 18.15
CA PHE B 4 14.73 -0.05 0.53
CA PHE B 4 -17.32 -4.96 -3.95
CA PHE B 4 -2.81 -2.55 -0.95
CA PHE B 4 3.03 7.27 18.96
C PHE B 4 16.22 -0.14 0.30
C PHE B 4 -17.81 -4.84 -5.37
C PHE B 4 -2.89 -3.54 -2.06
C PHE B 4 2.29 8.57 18.83
N VAL B 5 16.70 -0.50 -0.87
N VAL B 5 -19.07 -5.12 -5.67
N VAL B 5 -4.04 -3.81 -2.66
N VAL B 5 2.15 9.38 19.88
CA VAL B 5 18.13 -0.51 -1.15
CA VAL B 5 -19.60 -4.94 -7.01
CA VAL B 5 -4.12 -4.70 -3.81
CA VAL B 5 1.52 10.67 19.78
C VAL B 5 18.34 0.52 -2.29
C VAL B 5 -20.73 -3.88 -6.87
C VAL B 5 -4.64 -3.84 -4.98
C VAL B 5 2.61 11.70 20.17
N LYS B 6 19.02 1.57 -2.01
N LYS B 6 -20.54 -2.74 -7.44
N LYS B 6 -3.84 -3.65 -5.97
N LYS B 6 3.02 12.50 19.25
CA LYS B 6 19.24 2.64 -3.04
CA LYS B 6 -21.56 -1.65 -7.32
CA LYS B 6 -4.25 -2.78 -7.12
CA LYS B 6 4.11 13.51 19.53
C LYS B 6 20.57 2.38 -3.71
C LYS B 6 -22.47 -1.71 -8.53
C LYS B 6 -4.81 -3.67 -8.20
C LYS B 6 3.46 14.81 19.90
N THR B 7 20.58 2.31 -5.06
N THR B 7 -23.80 -1.77 -8.30
N THR B 7 -6.03 -3.37 -8.69
N THR B 7 3.85 15.39 21.05
CA THR B 7 21.83 2.06 -5.77
CA THR B 7 -24.74 -1.84 -9.42
CA THR B 7 -6.62 -4.20 -9.75
CA THR B 7 3.26 16.67 21.47
C THR B 7 22.40 3.39 -6.30
C THR B 7 -25.31 -0.45 -9.70
C THR B 7 -6.43 -3.53 -11.11
C THR B 7 4.21 17.81 21.12
N LEU B 8 23.62 3.40 -6.80
N LEU B 8 -26.03 -0.27 -10.78
N LEU B 8 -6.74 -4.20 -12.18
N LEU B 8 3.77 19.04 21.25
CA LEU B 8 24.24 4.65 -7.28
CA LEU B 8 -26.58 1.06 -11.14
CA LEU B 8 -6.53 -3.63 -13.53
CA LEU B 8 4.63 20.21 20.89
C LEU B 8 23.65 5.12 -8.59
C LEU B 8 -27.74 1.46 -10.25
C LEU B 8 -7.55 -2.56 -13.88
C LEU B 8 5.74 20.44 21.88
N THR B 9 22.77 4.32 -9.22
N THR B 9 -28.22 0.55 -9.39
N THR B 9 -8.56 -2.36 -13.02
N THR B 9 5.74 19.71 23.01
CA THR B 9 22.20 4.83 -10.51
CA THR B 9 -29.38 0.98 -8.54
CA THR B 9 -9.54 -1.29 -13.40
CA THR B 9 6.87 19.99 23.97
C THR B 9 20.82 5.39 -10.35
C THR B 9 -28.94 1.35 -7.15
C THR B 9 -9.30 -0.02 -12.63
C THR B 9 7.95 18.96 23.88
N GLY B 10 20.41 5.64 -9.15
N GLY B 10 -27.68 1.53 -6.94
N GLY B 10 -8.17 0.12 -12.01
N GLY B 10 7.95 18.17 22.86
CA GLY B 10 19.10 6.18 -8.84
CA GLY B 10 -27.12 1.88 -5.65
CA GLY B 10 -7.81 1.29 -11.25
CA GLY B 10 8.93 17.13 22.64
C GLY B 10 17.96 5.21 -8.90
C GLY B 10 -27.01 0.77 -4.65
C GLY B 10 -8.43 1.41 -9.89
C GLY B 10 8.76 15.87 23.44
N LYS B 11 18.27 3.94 -8.90
N LYS B 11 -27.09 -0.45 -5.12
N LYS B 11 -8.96 0.32 -9.39
N LYS B 11 7.58 15.70 23.99
CA LYS B 11 17.26 2.89 -8.85
CA LYS B 11 -26.89 -1.63 -4.30
CA LYS B 11 -9.50 0.25 -8.04
CA LYS B 11 7.24 14.48 24.72
C LYS B 11 17.15 2.50 -7.35
C LYS B 11 -25.42 -2.03 -4.51
C LYS B 11 -8.37 -0.33 -7.16
C LYS B 11 6.49 13.60 23.68
N THR B 12 15.93 2.31 -6.88
N THR B 12 -24.75 -2.41 -3.43
N THR B 12 -8.18 0.23 -5.98
N THR B 12 6.78 12.32 23.69
CA THR B 12 15.79 1.85 -5.49
CA THR B 12 -23.37 -2.89 -3.61
CA THR B 12 -7.17 -0.36 -5.10
CA THR B 12 6.03 11.44 22.78
C THR B 12 15.07 0.50 -5.56
C THR B 12 -23.34 -4.32 -3.09
C THR B 12 -7.92 -0.79 -3.84
C THR B 12 5.32 10.41 23.68
N ILE B 13 15.62 -0.48 -4.84
N ILE B 13 -22.77 -5.22 -3.88
N ILE B 13 -7.67 -2.02 -3.40
N ILE B 13 4.03 10.22 23.44
CA ILE B 13 14.90 -1.79 -4.91
CA ILE B 13 -22.75 -6.62 -3.34
CA ILE B 13 -8.40 -2.42 -2.16
CA ILE B 13 3.37 9.20 24.32
C ILE B 13 14.24 -2.06 -3.58
C ILE B 13 -21.34 -6.98 -2.98
C ILE B 13 -7.42 -2.52 -1.03
C ILE B 13 3.05 7.98 23.50
N THR B 14 13.05 -2.63 -3.59
N THR B 14 -21.14 -7.70 -1.89
N THR B 14 -7.82 -2.11 0.16
N THR B 14 3.19 6.80 24.06
CA THR B 14 12.43 -2.92 -2.27
CA THR B 14 -19.74 -8.10 -1.57
CA THR B 14 -6.85 -2.24 1.29
CA THR B 14 2.83 5.61 23.25
C THR B 14 12.61 -4.39 -1.98
C THR B 14 -19.54 -9.53 -2.00
C THR B 14 -7.24 -3.45 2.10
C THR B 14 1.46 5.13 23.71
N LEU B 15 12.91 -4.76 -0.75
N LEU B 15 -18.39 -9.86 -2.57
N LEU B 15 -6.28 -4.24 2.56
N LEU B 15 0.61 4.72 22.79
CA LEU B 15 13.12 -6.14 -0.38
CA LEU B 15 -18.12 -11.21 -3.03
CA LEU B 15 -6.56 -5.43 3.33
CA LEU B 15 -0.73 4.26 23.12
C LEU B 15 12.20 -6.48 0.80
C LEU B 15 -16.80 -11.67 -2.40
C LEU B 15 -5.76 -5.36 4.65
C LEU B 15 -0.92 2.87 22.51
N GLU B 16 11.86 -7.74 0.92
N GLU B 16 -16.67 -12.97 -2.26
N GLU B 16 -6.26 -6.03 5.65
N GLU B 16 -1.80 2.10 23.13
CA GLU B 16 11.08 -8.13 2.14
CA GLU B 16 -15.34 -13.47 -1.78
CA GLU B 16 -5.45 -6.10 6.90
CA GLU B 16 -2.14 0.79 22.50
C GLU B 16 12.06 -9.00 2.91
C GLU B 16 -14.78 -14.21 -2.98
C GLU B 16 -5.05 -7.55 6.98
C GLU B 16 -3.57 0.97 22.04
N VAL B 17 12.31 -8.53 4.12
N VAL B 17 -13.62 -13.72 -3.40
N VAL B 17 -3.73 -7.72 6.99
N VAL B 17 -3.73 0.80 20.74
CA VAL B 17 13.26 -9.19 5.02
CA VAL B 17 -12.94 -14.25 -4.56
CA VAL B 17 -3.12 -9.05 7.02
CA VAL B 17 -5.03 0.97 20.09
C VAL B 17 12.72 -9.21 6.46
C VAL B 17 -11.42 -14.35 -4.32
C VAL B 17 -1.92 -9.09 7.97
C VAL B 17 -5.26 -0.11 19.03
N GLU B 18 13.46 -9.96 7.25
N GLU B 18 -10.80 -15.00 -5.27
N GLU B 18 -1.47 -10.31 8.17
N GLU B 18 -6.49 -0.10 18.57
CA GLU B 18 13.24 -10.08 8.70
CA GLU B 18 -9.35 -15.15 -5.35
CA GLU B 18 -0.27 -10.62 8.93
CA GLU B 18 -6.96 -0.95 17.47
C GLU B 18 14.53 -9.60 9.35
C GLU B 18 -8.92 -14.51 -6.67
C GLU B 18 0.67 -11.35 7.98
C GLU B 18 -7.44 0.00 16.39
N PRO B 19 14.41 -8.94 10.48
N PRO B 19 -7.76 -13.87 -6.67
N PRO B 19 1.96 -11.10 8.12
N PRO B 19 -7.24 -0.37 15.13
CA PRO B 19 15.58 -8.47 11.25
CA PRO B 19 -7.21 -13.26 -7.88
CA PRO B 19 2.98 -11.77 7.30
CA PRO B 19 -7.70 0.42 13.99
C PRO B 19 16.53 -9.60 11.57
C PRO B 19 -7.11 -14.25 -9.02
C PRO B 19 2.87 -13.27 7.36
C PRO B 19 -9.18 0.69 14.05
N SER B 20 16.03 -10.82 11.60
N SER B 20 -7.03 -15.53 -8.70
N SER B 20 2.28 -13.78 8.43
N SER B 20 -9.91 -0.15 14.76
CA SER B 20 16.88 -11.97 11.96
CA SER B 20 -6.86 -16.55 -9.75
CA SER B 20 2.18 -15.24 8.59
CA SER B 20 -11.38 0.01 14.83
C SER B 20 17.72 -12.41 10.77
C SER B 20 -8.19 -16.86 -10.40
C SER B 20 1.04 -15.80 7.77
C SER B 20 -11.75 1.08 15.84
N ASP B 21 17.45 -11.84 9.60
N ASP B 21 -9.28 -16.32 -9.84
N ASP B 21 0.22 -14.91 7.21
N ASP B 21 -10.77 1.56 16.59
CA ASP B 21 18.25 -12.27 8.43
CA ASP B 21 -10.60 -16.64 -10.46
CA ASP B 21 -0.93 -15.44 6.41
CA ASP B 21 -11.12 2.59 17.60
C ASP B 21 19.66 -11.76 8.55
C ASP B 21 -10.72 -15.93 -11.79
C ASP B 21 -0.42 -16.07 5.14
C ASP B 21 -11.46 3.88 16.90
N THR B 22 20.60 -12.52 8.02
N THR B 22 -11.43 -16.56 -12.71
N THR B 22 -1.13 -17.09 4.69
N THR B 22 -12.36 4.63 17.51
CA THR B 22 21.99 -12.13 7.97
CA THR B 22 -11.72 -15.98 -14.00
CA THR B 22 -0.83 -17.73 3.43
CA THR B 22 -12.73 5.95 17.02
C THR B 22 22.19 -11.23 6.73
C THR B 22 -12.94 -15.05 -13.86
C THR B 22 -1.50 -16.93 2.30
C THR B 22 -11.70 6.97 17.56
N ILE B 23 23.29 -10.48 6.80
N ILE B 23 -13.05 -14.16 -14.84
N ILE B 23 -0.97 -17.16 1.09
N ILE B 23 -11.67 8.11 16.86
CA ILE B 23 23.70 -9.63 5.69
CA ILE B 23 -14.19 -13.25 -14.91
CA ILE B 23 -1.53 -16.56 -0.11
CA ILE B 23 -10.82 9.22 17.28
C ILE B 23 23.97 -10.48 4.45
C ILE B 23 -15.49 -14.05 -15.07
C ILE B 23 -2.98 -17.01 -0.30
C ILE B 23 -11.24 9.71 18.67
N GLU B 24 24.55 -11.65 4.65
N GLU B 24 -15.42 -15.13 -15.82
N GLU B 24 -3.26 -18.26 0.02
N GLU B 24 -12.53 9.70 18.94
CA GLU B 24 24.80 -12.58 3.52
CA GLU B 24 -16.63 -16.01 -15.98
CA GLU B 24 -4.66 -18.77 -0.08
CA GLU B 24 -13.02 10.09 20.30
C GLU B 24 23.51 -12.91 2.80
C GLU B 24 -17.11 -16.51 -14.64
C GLU B 24 -5.59 -17.95 0.78
C GLU B 24 -12.40 9.23 21.36
N ASN B 25 22.45 -13.11 3.56
N ASN B 25 -16.17 -16.86 -13.77
N ASN B 25 -5.13 -17.56 1.96
N ASN B 25 -12.27 7.93 21.09
CA ASN B 25 21.11 -13.45 3.04
CA ASN B 25 -16.46 -17.37 -12.42
CA ASN B 25 -5.89 -16.76 2.93
CA ASN B 25 -11.71 6.93 22.00
C ASN B 25 20.53 -12.30 2.22
C ASN B 25 -17.11 -16.31 -11.55
C ASN B 25 -6.17 -15.36 2.40
C ASN B 25 -10.23 7.20 22.26
N VAL B 26 20.67 -11.10 2.77
N VAL B 26 -16.56 -15.11 -11.63
N VAL B 26 -5.13 -14.78 1.82
N VAL B 26 -9.53 7.49 21.16
CA VAL B 26 20.19 -9.91 2.09
CA VAL B 26 -17.10 -13.98 -10.88
CA VAL B 26 -5.25 -13.45 1.24
CA VAL B 26 -8.10 7.79 21.25
C VAL B 26 20.87 -9.80 0.73
C VAL B 26 -18.56 -13.77 -11.27
C VAL B 26 -6.32 -13.46 0.16
C VAL B 26 -7.90 8.98 22.17
N LYS B 27 22.18 -9.99 0.71
N LYS B 27 -18.81 -13.78 -12.57
N LYS B 27 -6.27 -14.48 -0.69
N LYS B 27 -8.71 10.02 21.97
CA LYS B 27 22.95 -9.91 -0.54
CA LYS B 27 -20.18 -13.58 -13.07
CA LYS B 27 -7.25 -14.60 -1.78
CA LYS B 27 -8.60 11.23 22.80
C LYS B 27 22.46 -10.94 -1.54
C LYS B 27 -21.11 -14.67 -12.55
C LYS B 27 -8.67 -14.73 -1.22
C LYS B 27 -8.85 10.92 24.26
N ALA B 28 22.12 -12.13 -1.08
N ALA B 28 -20.63 -15.90 -12.46
N ALA B 28 -8.84 -15.44 -0.12
N ALA B 28 -9.78 10.03 24.54
CA ALA B 28 21.58 -13.17 -1.95
CA ALA B 28 -21.42 -17.01 -11.90
CA ALA B 28 -10.14 -15.57 0.53
CA ALA B 28 -10.05 9.60 25.92
C ALA B 28 20.21 -12.78 -2.50
C ALA B 28 -21.71 -16.80 -10.43
C ALA B 28 -10.60 -14.24 1.09
C ALA B 28 -8.88 8.84 26.51
N LYS B 29 19.37 -12.13 -1.72
N LYS B 29 -20.76 -16.28 -9.66
N LYS B 29 -9.72 -13.43 1.65
N LYS B 29 -8.19 8.01 25.73
CA LYS B 29 18.06 -11.65 -2.22
CA LYS B 29 -20.99 -15.96 -8.24
CA LYS B 29 -10.08 -12.08 2.13
CA LYS B 29 -7.00 7.31 26.21
C LYS B 29 18.26 -10.58 -3.31
C LYS B 29 -22.07 -14.88 -8.09
C LYS B 29 -10.55 -11.18 0.96
C LYS B 29 -5.87 8.31 26.54
N ILE B 30 19.28 -9.74 -3.11
N ILE B 30 -22.04 -13.91 -9.01
N ILE B 30 -9.88 -11.35 -0.18
N ILE B 30 -5.78 9.36 25.73
CA ILE B 30 19.56 -8.68 -4.10
CA ILE B 30 -23.03 -12.82 -8.94
CA ILE B 30 -10.25 -10.53 -1.35
CA ILE B 30 -4.74 10.38 25.97
C ILE B 30 20.08 -9.38 -5.37
C ILE B 30 -24.39 -13.43 -9.30
C ILE B 30 -11.63 -11.03 -1.82
C ILE B 30 -5.14 11.14 27.25
N GLN B 31 20.89 -10.39 -5.23
N GLN B 31 -24.43 -14.31 -10.27
N GLN B 31 -11.86 -12.32 -1.79
N GLN B 31 -6.40 11.41 27.44
CA GLN B 31 21.39 -11.08 -6.46
CA GLN B 31 -25.76 -14.92 -10.62
CA GLN B 31 -13.21 -12.81 -2.25
CA GLN B 31 -6.79 12.14 28.69
C GLN B 31 20.20 -11.69 -7.21
C GLN B 31 -26.30 -15.68 -9.40
C GLN B 31 -14.28 -12.23 -1.31
C GLN B 31 -6.42 11.27 29.90
N ASP B 32 19.39 -12.39 -6.45
N ASP B 32 -25.42 -16.49 -8.85
N ASP B 32 -14.02 -12.36 -0.04
N ASP B 32 -6.84 10.02 29.81
CA ASP B 32 18.18 -13.02 -7.02
CA ASP B 32 -25.78 -17.28 -7.65
CA ASP B 32 -14.94 -11.84 0.98
CA ASP B 32 -6.54 9.04 30.88
C ASP B 32 17.32 -12.03 -7.76
C ASP B 32 -26.33 -16.41 -6.54
C ASP B 32 -15.26 -10.38 0.77
C ASP B 32 -5.07 8.99 31.21
N LYS B 33 17.14 -10.81 -7.21
N LYS B 33 -25.71 -15.22 -6.32
N LYS B 33 -14.24 -9.57 0.42
N LYS B 33 -4.21 9.02 30.18
CA LYS B 33 16.22 -9.89 -7.91
CA LYS B 33 -26.20 -14.43 -5.16
CA LYS B 33 -14.54 -8.11 0.31
CA LYS B 33 -2.76 8.87 30.52
C LYS B 33 16.82 -8.94 -8.88
C LYS B 33 -27.24 -13.40 -5.44
C LYS B 33 -14.92 -7.62 -1.05
C LYS B 33 -1.98 10.13 30.73
N GLU B 34 18.08 -8.56 -8.83
N GLU B 34 -27.40 -12.86 -6.61
N GLU B 34 -14.55 -8.20 -2.15
N GLU B 34 -2.32 11.27 30.20
CA GLU B 34 18.70 -7.65 -9.75
CA GLU B 34 -28.40 -11.86 -6.93
CA GLU B 34 -14.88 -7.75 -3.48
CA GLU B 34 -1.60 12.51 30.37
C GLU B 34 19.93 -8.21 -10.43
C GLU B 34 -29.30 -12.24 -8.08
C GLU B 34 -15.60 -8.79 -4.32
C GLU B 34 -2.43 13.63 30.92
N GLY B 35 20.36 -9.38 -10.03
N GLY B 35 -29.03 -13.36 -8.73
N GLY B 35 -15.72 -10.00 -3.81
N GLY B 35 -3.73 13.41 31.07
CA GLY B 35 21.47 -10.07 -10.65
CA GLY B 35 -29.85 -13.87 -9.79
CA GLY B 35 -16.45 -11.05 -4.48
CA GLY B 35 -4.62 14.38 31.66
C GLY B 35 22.85 -9.67 -10.26
C GLY B 35 -29.72 -13.30 -11.14
C GLY B 35 -15.77 -11.81 -5.56
C GLY B 35 -5.12 15.49 30.81
N ILE B 36 22.99 -8.79 -9.27
N ILE B 36 -28.74 -12.40 -11.35
N ILE B 36 -14.48 -11.55 -5.79
N ILE B 36 -4.82 15.48 29.50
CA ILE B 36 24.35 -8.38 -8.86
CA ILE B 36 -28.57 -11.82 -12.69
CA ILE B 36 -13.78 -12.29 -6.85
CA ILE B 36 -5.32 16.56 28.65
C ILE B 36 24.97 -9.43 -7.96
C ILE B 36 -27.83 -12.78 -13.61
C ILE B 36 -13.37 -13.68 -6.37
C ILE B 36 -6.76 16.33 28.27
N PRO B 37 26.15 -9.92 -8.32
N PRO B 37 -28.42 -13.11 -14.75
N PRO B 37 -13.80 -14.71 -7.10
N PRO B 37 -7.62 17.32 28.54
CA PRO B 37 26.90 -10.91 -7.53
CA PRO B 37 -27.81 -13.99 -15.76
CA PRO B 37 -13.46 -16.11 -6.77
CA PRO B 37 -9.06 17.25 28.19
C PRO B 37 27.17 -10.39 -6.14
C PRO B 37 -26.47 -13.45 -16.20
C PRO B 37 -11.95 -16.30 -6.73
C PRO B 37 -9.24 17.04 26.71
N PRO B 38 27.00 -11.20 -5.12
N PRO B 38 -25.46 -14.28 -16.35
N PRO B 38 -11.43 -17.02 -5.76
N PRO B 38 -10.14 16.17 26.30
CA PRO B 38 27.23 -10.74 -3.74
CA PRO B 38 -24.14 -13.79 -16.76
CA PRO B 38 -9.97 -17.21 -5.67
CA PRO B 38 -10.34 15.92 24.86
C PRO B 38 28.62 -10.19 -3.52
C PRO B 38 -24.16 -13.07 -18.08
C PRO B 38 -9.37 -17.83 -6.91
C PRO B 38 -10.68 17.16 24.08
N ASP B 39 29.60 -10.72 -4.21
N ASP B 39 -25.03 -13.45 -18.98
N ASP B 39 -10.11 -18.67 -7.59
N ASP B 39 -11.37 18.11 24.68
CA ASP B 39 31.01 -10.27 -4.00
CA ASP B 39 -25.07 -12.82 -20.33
CA ASP B 39 -9.56 -19.37 -8.79
CA ASP B 39 -11.78 19.34 23.96
C ASP B 39 31.24 -8.85 -4.48
C ASP B 39 -25.53 -11.37 -20.28
C ASP B 39 -9.32 -18.41 -9.95
C ASP B 39 -10.60 20.23 23.60
N GLN B 40 30.31 -8.33 -5.28
N GLN B 40 -26.13 -10.98 -19.16
N GLN B 40 -9.89 -17.22 -9.87
N GLN B 40 -9.45 19.97 24.22
CA GLN B 40 30.45 -6.94 -5.76
CA GLN B 40 -26.59 -9.57 -19.01
CA GLN B 40 -9.68 -16.23 -10.94
CA GLN B 40 -8.26 20.78 23.90
C GLN B 40 29.67 -5.94 -4.89
C GLN B 40 -25.55 -8.70 -18.29
C GLN B 40 -8.54 -15.24 -10.60
C GLN B 40 -7.35 20.08 22.85
N GLN B 41 28.84 -6.42 -3.99
N GLN B 41 -24.53 -9.30 -17.70
N GLN B 41 -8.07 -15.25 -9.38
N GLN B 41 -7.63 18.83 22.54
CA GLN B 41 28.01 -5.60 -3.14
CA GLN B 41 -23.52 -8.61 -16.94
CA GLN B 41 -7.04 -14.35 -8.91
CA GLN B 41 -6.83 18.04 21.62
C GLN B 41 28.67 -5.10 -1.87
C GLN B 41 -22.38 -8.03 -17.75
C GLN B 41 -5.61 -14.78 -9.19
C GLN B 41 -7.19 18.21 20.16
N ARG B 42 28.55 -3.79 -1.67
N ARG B 42 -22.11 -6.75 -17.50
N ARG B 42 -4.86 -13.85 -9.76
N ARG B 42 -6.16 18.46 19.36
CA ARG B 42 28.98 -3.17 -0.38
CA ARG B 42 -20.90 -6.08 -18.07
CA ARG B 42 -3.39 -14.05 -9.95
CA ARG B 42 -6.30 18.47 17.87
C ARG B 42 27.74 -2.50 0.17
C ARG B 42 -20.12 -5.60 -16.88
C ARG B 42 -2.75 -12.90 -9.20
C ARG B 42 -5.33 17.42 17.38
N LEU B 43 27.22 -2.93 1.32
N LEU B 43 -18.91 -6.10 -16.65
N LEU B 43 -1.97 -13.15 -8.14
N LEU B 43 -5.79 16.34 16.75
CA LEU B 43 25.98 -2.34 1.87
CA LEU B 43 -18.13 -5.69 -15.45
CA LEU B 43 -1.38 -12.05 -7.36
CA LEU B 43 -4.87 15.27 16.31
C LEU B 43 26.31 -1.39 3.02
C LEU B 43 -17.03 -4.71 -15.86
C LEU B 43 0.11 -11.91 -7.70
C LEU B 43 -4.66 15.37 14.80
N ILE B 44 25.75 -0.18 2.94
N ILE B 44 -16.96 -3.60 -15.13
N ILE B 44 0.52 -10.68 -8.00
N ILE B 44 -3.40 15.33 14.39
CA ILE B 44 25.99 0.86 3.92
CA ILE B 44 -16.00 -2.53 -15.42
CA ILE B 44 1.89 -10.39 -8.39
CA ILE B 44 -3.01 15.46 12.99
C ILE B 44 24.70 1.34 4.59
C ILE B 44 -15.10 -2.24 -14.23
C ILE B 44 2.55 -9.37 -7.47
C ILE B 44 -2.21 14.26 12.51
N PHE B 45 24.76 1.42 5.94
N PHE B 45 -13.78 -2.17 -14.53
N PHE B 45 3.79 -9.71 -7.03
N PHE B 45 -2.63 13.74 11.32
CA PHE B 45 23.62 1.91 6.74
CA PHE B 45 -12.77 -1.85 -13.50
CA PHE B 45 4.58 -8.82 -6.18
CA PHE B 45 -1.93 12.61 10.69
C PHE B 45 24.25 2.68 7.91
C PHE B 45 -11.71 -1.00 -14.22
C PHE B 45 6.04 -9.01 -6.62
C PHE B 45 -2.02 12.88 9.17
N ALA B 46 23.73 3.88 8.05
N ALA B 46 -11.43 0.11 -13.57
N ALA B 46 6.65 -7.87 -6.87
N ALA B 46 -0.84 12.79 8.59
CA ALA B 46 24.11 4.80 9.13
CA ALA B 46 -10.41 1.08 -14.02
CA ALA B 46 8.07 -7.78 -7.25
CA ALA B 46 -0.66 12.94 7.13
C ALA B 46 25.62 4.91 9.25
C ALA B 46 -10.57 1.38 -15.51
C ALA B 46 8.40 -8.75 -8.36
C ALA B 46 -1.38 14.19 6.62
N GLY B 47 26.23 5.05 8.12
N GLY B 47 -11.79 1.63 -15.87
N GLY B 47 7.52 -8.76 -9.33
N GLY B 47 -1.18 15.25 7.35
CA GLY B 47 27.64 5.18 7.88
CA GLY B 47 -12.28 1.94 -17.18
CA GLY B 47 7.52 -9.56 -10.52
CA GLY B 47 -1.72 16.56 7.15
C GLY B 47 28.51 4.01 8.27
C GLY B 47 -12.10 0.90 -18.26
C GLY B 47 7.44 -11.06 -10.36
C GLY B 47 -3.22 16.73 7.21
N LYS B 48 27.96 2.84 8.39
N LYS B 48 -11.91 -0.34 -17.89
N LYS B 48 6.96 -11.53 -9.23
N LYS B 48 -3.91 15.81 7.82
CA LYS B 48 28.72 1.63 8.71
CA LYS B 48 -11.76 -1.44 -18.86
CA LYS B 48 6.79 -12.96 -8.98
CA LYS B 48 -5.37 15.89 7.97
C LYS B 48 28.64 0.69 7.49
C LYS B 48 -12.98 -2.37 -18.68
C LYS B 48 5.29 -13.23 -8.85
C LYS B 48 -5.67 16.03 9.47
N GLN B 49 29.69 -0.01 7.18
N GLN B 49 -13.49 -2.91 -19.74
N GLN B 49 4.81 -14.34 -9.35
N GLN B 49 -6.65 16.81 9.82
CA GLN B 49 29.63 -1.02 6.09
CA GLN B 49 -14.59 -3.92 -19.61
CA GLN B 49 3.39 -14.71 -9.15
CA GLN B 49 -7.06 16.89 11.25
C GLN B 49 29.11 -2.27 6.80
C GLN B 49 -13.86 -5.24 -19.41
C GLN B 49 3.38 -15.41 -7.80
C GLN B 49 -8.05 15.74 11.42
N LEU B 50 28.10 -2.92 6.26
N LEU B 50 -14.22 -6.00 -18.41
N LEU B 50 2.50 -15.03 -6.91
N LEU B 50 -7.86 14.92 12.43
CA LEU B 50 27.47 -4.08 6.89
CA LEU B 50 -13.52 -7.24 -18.07
CA LEU B 50 2.46 -15.59 -5.54
CA LEU B 50 -8.70 13.72 12.63
C LEU B 50 28.31 -5.32 6.64
C LEU B 50 -13.96 -8.36 -19.01
C LEU B 50 1.78 -16.94 -5.54
C LEU B 50 -10.03 14.10 13.25
N GLU B 51 28.47 -6.17 7.66
N GLU B 51 -13.01 -9.19 -19.46
N GLU B 51 2.33 -17.90 -4.79
N GLU B 51 -11.12 13.50 12.78
CA GLU B 51 29.31 -7.38 7.52
CA GLU B 51 -13.34 -10.27 -20.42
CA GLU B 51 1.75 -19.27 -4.79
CA GLU B 51 -12.46 13.86 13.30
C GLU B 51 28.44 -8.59 7.32
C GLU B 51 -13.42 -11.58 -19.70
C GLU B 51 0.93 -19.47 -3.54
C GLU B 51 -12.92 12.81 14.28
N ASP B 52 28.80 -9.51 6.46
N ASP B 52 -14.36 -12.44 -20.01
N ASP B 52 -0.21 -20.12 -3.61
N ASP B 52 -13.55 13.17 15.36
CA ASP B 52 28.03 -10.70 6.10
CA ASP B 52 -14.62 -13.72 -19.35
CA ASP B 52 -1.15 -20.32 -2.51
CA ASP B 52 -13.99 12.29 16.44
C ASP B 52 27.42 -11.58 7.16
C ASP B 52 -13.48 -14.69 -19.08
C ASP B 52 -0.67 -20.81 -1.15
C ASP B 52 -14.75 11.02 16.13
N GLY B 53 28.15 -11.86 8.22
N GLY B 53 -12.59 -14.87 -20.02
N GLY B 53 0.22 -21.76 -1.13
N GLY B 53 -15.69 11.05 15.21
CA GLY B 53 27.73 -12.75 9.32
CA GLY B 53 -11.46 -15.81 -19.92
CA GLY B 53 0.74 -22.39 0.10
CA GLY B 53 -16.55 9.92 14.84
C GLY B 53 26.86 -12.14 10.36
C GLY B 53 -10.25 -15.33 -19.19
C GLY B 53 1.85 -21.65 0.79
C GLY B 53 -15.97 8.95 13.87
N ARG B 54 26.66 -10.82 10.36
N ARG B 54 -10.18 -14.06 -18.83
N ARG B 54 2.41 -20.62 0.18
N ARG B 54 -14.83 9.24 13.27
CA ARG B 54 25.77 -10.15 11.32
CA ARG B 54 -9.05 -13.52 -18.04
CA ARG B 54 3.45 -19.80 0.83
CA ARG B 54 -14.16 8.30 12.35
C ARG B 54 24.35 -10.20 10.75
C ARG B 54 -9.35 -13.76 -16.57
C ARG B 54 2.77 -18.73 1.67
C ARG B 54 -13.31 7.35 13.19
N THR B 55 23.37 -9.92 11.57
N THR B 55 -8.36 -13.62 -15.73
N THR B 55 3.51 -18.09 2.55
N THR B 55 -12.87 6.28 12.59
CA THR B 55 21.95 -9.86 11.18
CA THR B 55 -8.48 -13.76 -14.26
CA THR B 55 3.03 -16.99 3.40
CA THR B 55 -11.97 5.29 13.22
C THR B 55 21.57 -8.36 11.11
C THR B 55 -8.43 -12.33 -13.68
C THR B 55 3.60 -15.68 2.80
C THR B 55 -10.56 5.51 12.62
N LEU B 56 20.45 -8.09 10.48
N LEU B 56 -8.84 -12.20 -12.44
N LEU B 56 3.03 -14.57 3.22
N LEU B 56 -9.57 4.94 13.28
CA LEU B 56 19.91 -6.72 10.37
CA LEU B 56 -8.80 -10.92 -11.71
CA LEU B 56 3.50 -13.24 2.80
CA LEU B 56 -8.17 5.00 12.81
C LEU B 56 19.64 -6.21 11.79
C LEU B 56 -7.34 -10.47 -11.63
C LEU B 56 4.95 -13.08 3.25
C LEU B 56 -8.10 4.32 11.45
N SER B 57 19.17 -7.10 12.69
N SER B 57 -6.40 -11.41 -11.47
N SER B 57 5.29 -13.62 4.44
N SER B 57 -8.88 3.25 11.25
CA SER B 57 18.89 -6.60 14.06
CA SER B 57 -4.99 -10.97 -11.39
CA SER B 57 6.69 -13.45 4.89
CA SER B 57 -8.80 2.58 9.92
C SER B 57 20.14 -6.10 14.76
C SER B 57 -4.52 -10.32 -12.66
C SER B 57 7.68 -14.13 3.97
C SER B 57 -9.26 3.48 8.80
N ASP B 58 21.28 -6.68 14.42
N ASP B 58 -5.08 -10.72 -13.79
N ASP B 58 7.25 -15.20 3.33
N ASP B 58 -10.17 4.39 9.10
CA ASP B 58 22.58 -6.26 15.04
CA ASP B 58 -4.69 -10.14 -15.10
CA ASP B 58 8.13 -15.95 2.39
CA ASP B 58 -10.70 5.33 8.07
C ASP B 58 22.80 -4.76 14.86
C ASP B 58 -4.86 -8.62 -15.09
C ASP B 58 8.68 -15.02 1.30
C ASP B 58 -9.55 6.11 7.41
N TYR B 59 22.44 -4.28 13.70
N TYR B 59 -5.91 -8.18 -14.46
N TYR B 59 7.83 -14.14 0.84
N TYR B 59 -8.60 6.48 8.23
CA TYR B 59 22.56 -2.87 13.33
CA TYR B 59 -6.26 -6.77 -14.32
CA TYR B 59 8.15 -13.15 -0.17
CA TYR B 59 -7.41 7.22 7.81
C TYR B 59 21.32 -2.07 13.65
C TYR B 59 -5.69 -6.15 -13.06
C TYR B 59 8.65 -11.84 0.40
C TYR B 59 -6.26 6.31 7.44
N ASN B 60 20.30 -2.61 14.30
N ASN B 60 -4.89 -6.82 -12.26
N ASN B 60 8.86 -11.70 1.69
N ASN B 60 -6.39 5.00 7.41
CA ASN B 60 19.11 -1.79 14.59
CA ASN B 60 -4.36 -6.17 -11.04
CA ASN B 60 9.35 -10.40 2.21
CA ASN B 60 -5.24 4.16 7.04
C ASN B 60 18.50 -1.22 13.32
C ASN B 60 -5.48 -5.69 -10.13
C ASN B 60 8.41 -9.26 1.85
C ASN B 60 -4.05 4.41 7.96
N ILE B 61 18.36 -2.04 12.29
N ILE B 61 -6.48 -6.52 -9.93
N ILE B 61 7.12 -9.48 2.03
N ILE B 61 -4.31 4.46 9.26
CA ILE B 61 17.70 -1.62 11.04
CA ILE B 61 -7.59 -6.19 -8.98
CA ILE B 61 6.12 -8.40 1.79
CA ILE B 61 -3.21 4.59 10.27
C ILE B 61 16.21 -1.91 11.22
C ILE B 61 -7.14 -6.68 -7.61
C ILE B 61 5.98 -7.65 3.12
C ILE B 61 -2.76 3.18 10.61
N GLN B 62 15.37 -0.91 11.22
N GLN B 62 -6.96 -5.81 -6.67
N GLN B 62 6.33 -6.40 3.17
N GLN B 62 -1.54 2.82 10.30
CA GLN B 62 13.91 -1.06 11.46
CA GLN B 62 -6.46 -6.15 -5.30
CA GLN B 62 6.31 -5.57 4.41
CA GLN B 62 -1.01 1.45 10.53
C GLN B 62 13.16 -0.96 10.13
C GLN B 62 -7.63 -6.15 -4.31
C GLN B 62 5.09 -4.65 4.39
C GLN B 62 -0.11 1.44 11.77
N LYS B 63 11.87 -1.29 10.12
N LYS B 63 -7.41 -6.65 -3.10
N LYS B 63 4.78 -4.01 5.52
N LYS B 63 0.28 0.26 12.24
CA LYS B 63 11.07 -1.30 8.91
CA LYS B 63 -8.45 -6.76 -2.10
CA LYS B 63 3.62 -3.16 5.64
CA LYS B 63 1.07 0.13 13.44
C LYS B 63 11.17 0.06 8.23
C LYS B 63 -9.10 -5.38 -1.89
C LYS B 63 3.65 -2.10 4.53
C LYS B 63 2.34 0.97 13.31
N GLU B 64 11.19 -0.03 6.90
N GLU B 64 -10.42 -5.47 -1.68
N GLU B 64 2.42 -1.83 4.06
N GLU B 64 2.70 1.55 14.46
CA GLU B 64 11.28 1.08 5.98
CA GLU B 64 -11.29 -4.35 -1.45
CA GLU B 64 2.12 -0.88 3.02
CA GLU B 64 3.84 2.39 14.66
C GLU B 64 12.54 1.89 5.96
C GLU B 64 -11.52 -3.38 -2.57
C GLU B 64 2.61 -1.18 1.64
C GLU B 64 3.85 3.73 13.97
N SER B 65 13.60 1.27 6.49
N SER B 65 -11.21 -3.85 -3.77
N SER B 65 2.92 -2.44 1.41
N SER B 65 2.67 4.16 13.58
CA SER B 65 14.95 1.83 6.47
CA SER B 65 -11.46 -3.10 -5.02
CA SER B 65 3.32 -2.96 0.10
CA SER B 65 2.44 5.49 13.00
C SER B 65 15.46 1.77 5.02
C SER B 65 -12.98 -3.09 -5.25
C SER B 65 2.06 -2.96 -0.79
C SER B 65 2.63 6.53 14.13
N THR B 66 16.45 2.57 4.70
N THR B 66 -13.45 -2.16 -6.05
N THR B 66 2.24 -2.99 -2.08
N THR B 66 2.87 7.76 13.77
CA THR B 66 17.09 2.55 3.37
CA THR B 66 -14.87 -2.09 -6.42
CA THR B 66 1.14 -3.08 -3.05
CA THR B 66 2.97 8.86 14.72
C THR B 66 18.57 2.20 3.55
C THR B 66 -14.97 -2.23 -7.94
C THR B 66 1.31 -4.37 -3.86
C THR B 66 1.90 9.90 14.40
N LEU B 67 19.05 1.18 2.83
N LEU B 67 -15.80 -3.16 -8.42
N LEU B 67 0.27 -5.21 -3.91
N LEU B 67 1.08 10.27 15.39
CA LEU B 67 20.48 0.86 2.87
CA LEU B 67 -16.04 -3.28 -9.86
CA LEU B 67 0.33 -6.40 -4.77
CA LEU B 67 0.10 11.33 15.18
C LEU B 67 21.07 1.41 1.55
C LEU B 67 -17.42 -2.65 -10.12
C LEU B 67 -0.52 -6.08 -6.01
C LEU B 67 0.68 12.59 15.87
N HIS B 68 22.32 1.72 1.53
N HIS B 68 -17.66 -2.17 -11.28
N HIS B 68 -0.26 -6.69 -7.11
N HIS B 68 0.30 13.74 15.44
CA HIS B 68 22.92 2.20 0.27
CA HIS B 68 -18.99 -1.60 -11.58
CA HIS B 68 -1.10 -6.44 -8.30
CA HIS B 68 0.81 14.97 16.10
C HIS B 68 23.77 1.05 -0.26
C HIS B 68 -19.71 -2.63 -12.46
C HIS B 68 -1.98 -7.66 -8.47
C HIS B 68 -0.36 15.50 16.92
N LEU B 69 23.67 0.78 -1.55
N LEU B 69 -20.96 -2.89 -12.15
N LEU B 69 -3.26 -7.43 -8.74
N LEU B 69 -0.09 15.90 18.16
CA LEU B 69 24.48 -0.25 -2.19
CA LEU B 69 -21.78 -3.79 -12.96
CA LEU B 69 -4.20 -8.52 -9.00
CA LEU B 69 -1.10 16.51 19.02
C LEU B 69 25.55 0.35 -3.05
C LEU B 69 -22.80 -3.05 -13.77
C LEU B 69 -4.56 -8.61 -10.45
C LEU B 69 -0.88 17.98 19.17
N VAL B 70 26.80 0.15 -2.74
N VAL B 70 -22.72 -3.08 -15.07
N VAL B 70 -4.24 -9.67 -11.12
N VAL B 70 -1.76 18.81 18.72
CA VAL B 70 27.90 0.63 -3.62
CA VAL B 70 -23.77 -2.44 -15.92
CA VAL B 70 -4.67 -9.84 -12.54
CA VAL B 70 -1.63 20.28 18.95
C VAL B 70 28.46 -0.65 -4.24
C VAL B 70 -24.52 -3.64 -16.51
C VAL B 70 -5.73 -10.94 -12.46
C VAL B 70 -2.74 20.58 19.98
N LEU B 71 28.80 -0.62 -5.51
N LEU B 71 -25.83 -3.54 -16.61
N LEU B 71 -6.80 -10.81 -13.21
N LEU B 71 -2.46 21.43 20.93
CA LEU B 71 29.37 -1.81 -6.18
CA LEU B 71 -26.63 -4.64 -17.20
CA LEU B 71 -7.87 -11.85 -13.22
CA LEU B 71 -3.47 21.80 21.95
C LEU B 71 30.87 -1.71 -6.18
C LEU B 71 -26.91 -4.34 -18.65
C LEU B 71 -7.65 -12.79 -14.36
C LEU B 71 -4.15 23.08 21.55
N MET A 1 6.38 18.40 -20.67
CA MET A 1 5.74 19.56 -20.05
C MET A 1 6.28 19.67 -18.60
N GLN A 2 6.34 20.88 -18.14
CA GLN A 2 6.81 21.11 -16.74
C GLN A 2 5.61 21.10 -15.81
N ILE A 3 5.80 20.45 -14.66
CA ILE A 3 4.77 20.47 -13.61
C ILE A 3 5.53 20.83 -12.30
N PHE A 4 4.75 21.23 -11.33
CA PHE A 4 5.40 21.59 -10.01
C PHE A 4 4.91 20.64 -8.96
N VAL A 5 5.74 20.16 -8.03
CA VAL A 5 5.27 19.32 -6.95
C VAL A 5 5.58 20.10 -5.65
N LYS A 6 4.57 20.50 -4.95
CA LYS A 6 4.78 21.30 -3.70
C LYS A 6 4.77 20.35 -2.53
N THR A 7 5.82 20.41 -1.68
CA THR A 7 5.88 19.52 -0.51
C THR A 7 5.42 20.27 0.74
N LEU A 8 5.24 19.58 1.84
CA LEU A 8 4.74 20.24 3.07
C LEU A 8 5.81 21.08 3.74
N THR A 9 7.06 21.03 3.24
CA THR A 9 8.08 21.90 3.94
C THR A 9 8.35 23.16 3.18
N GLY A 10 7.52 23.50 2.24
CA GLY A 10 7.67 24.69 1.43
C GLY A 10 8.68 24.63 0.33
N LYS A 11 9.10 23.43 0.00
CA LYS A 11 10.01 23.21 -1.12
C LYS A 11 9.11 22.84 -2.31
N THR A 12 9.42 23.38 -3.48
CA THR A 12 8.62 22.98 -4.66
C THR A 12 9.61 22.35 -5.64
N ILE A 13 9.25 21.19 -6.17
CA ILE A 13 10.23 20.60 -7.13
C ILE A 13 9.65 20.67 -8.52
N THR A 14 10.47 20.94 -9.51
CA THR A 14 9.89 20.97 -10.89
C THR A 14 10.25 19.66 -11.57
N LEU A 15 9.33 19.09 -12.33
CA LEU A 15 9.58 17.83 -13.01
C LEU A 15 9.25 18.02 -14.49
N GLU A 16 9.89 17.22 -15.31
CA GLU A 16 9.51 17.26 -16.76
C GLU A 16 8.85 15.92 -17.00
N VAL A 17 7.60 16.03 -17.42
CA VAL A 17 6.77 14.86 -17.67
C VAL A 17 5.93 15.04 -18.95
N GLU A 18 5.32 13.93 -19.31
CA GLU A 18 4.37 13.84 -20.41
C GLU A 18 3.06 13.38 -19.82
N PRO A 19 1.95 13.87 -20.34
CA PRO A 19 0.61 13.47 -19.90
C PRO A 19 0.43 11.98 -19.97
N SER A 20 1.19 11.31 -20.81
CA SER A 20 1.03 9.85 -20.98
C SER A 20 1.72 9.11 -19.87
N ASP A 21 2.49 9.83 -19.05
CA ASP A 21 3.19 9.10 -17.96
C ASP A 21 2.21 8.63 -16.92
N THR A 22 2.51 7.52 -16.30
CA THR A 22 1.71 6.99 -15.21
C THR A 22 2.16 7.68 -13.91
N ILE A 23 1.25 7.61 -12.94
CA ILE A 23 1.52 8.13 -11.60
C ILE A 23 2.72 7.40 -10.98
N GLU A 24 2.80 6.12 -11.24
CA GLU A 24 3.98 5.32 -10.73
C GLU A 24 5.27 5.90 -11.23
N CYS A 25 5.30 6.34 -12.52
CA CYS A 25 6.50 6.91 -13.13
C CYS A 25 6.85 8.24 -12.50
N VAL A 26 5.82 9.05 -12.28
CA VAL A 26 6.04 10.34 -11.65
C VAL A 26 6.71 10.15 -10.29
N LYS A 27 6.18 9.20 -9.52
CA LYS A 27 6.74 8.92 -8.19
C LYS A 27 8.19 8.48 -8.29
N ALA A 28 8.54 7.70 -9.30
CA ALA A 28 9.92 7.29 -9.53
C ALA A 28 10.80 8.47 -9.89
N LYS A 29 10.31 9.43 -10.66
CA LYS A 29 11.09 10.64 -10.97
C LYS A 29 11.35 11.47 -9.69
N ILE A 30 10.35 11.49 -8.81
CA ILE A 30 10.50 12.25 -7.55
C ILE A 30 11.53 11.50 -6.70
N GLN A 31 11.49 10.19 -6.69
CA GLN A 31 12.50 9.45 -5.86
C GLN A 31 13.90 9.76 -6.40
N ASP A 32 14.01 9.63 -7.70
CA ASP A 32 15.30 9.91 -8.37
C ASP A 32 15.83 11.29 -8.03
N LYS A 33 14.94 12.30 -7.98
CA LYS A 33 15.50 13.66 -7.74
C LYS A 33 15.53 14.13 -6.33
N GLU A 34 14.74 13.67 -5.41
CA GLU A 34 14.73 14.09 -4.02
C GLU A 34 14.92 12.96 -3.04
N GLY A 35 14.94 11.73 -3.52
CA GLY A 35 15.18 10.58 -2.69
C GLY A 35 14.07 10.02 -1.89
N ILE A 36 12.84 10.55 -2.06
CA ILE A 36 11.72 10.01 -1.29
C ILE A 36 11.20 8.72 -1.91
N PRO A 37 11.15 7.65 -1.13
CA PRO A 37 10.64 6.34 -1.58
C PRO A 37 9.21 6.46 -2.09
N PRO A 38 8.88 5.84 -3.19
CA PRO A 38 7.51 5.95 -3.73
C PRO A 38 6.45 5.52 -2.76
N ASP A 39 6.74 4.57 -1.90
CA ASP A 39 5.72 4.05 -0.95
C ASP A 39 5.34 5.08 0.11
N GLN A 40 6.16 6.11 0.23
CA GLN A 40 5.83 7.18 1.22
C GLN A 40 5.08 8.36 0.58
N GLN A 41 5.02 8.40 -0.74
CA GLN A 41 4.40 9.48 -1.46
C GLN A 41 2.90 9.36 -1.66
N ARG A 42 2.21 10.46 -1.32
CA ARG A 42 0.75 10.57 -1.60
C ARG A 42 0.62 11.80 -2.48
N LEU A 43 0.18 11.67 -3.73
CA LEU A 43 0.09 12.84 -4.63
C LEU A 43 -1.35 13.30 -4.76
N ILE A 44 -1.57 14.59 -4.57
CA ILE A 44 -2.91 15.19 -4.61
C ILE A 44 -3.02 16.28 -5.66
N PHE A 45 -4.11 16.19 -6.46
CA PHE A 45 -4.39 17.20 -7.50
C PHE A 45 -5.92 17.33 -7.53
N ALA A 46 -6.32 18.58 -7.46
CA ALA A 46 -7.74 18.98 -7.52
C ALA A 46 -8.59 18.14 -6.58
N GLY A 47 -8.08 17.99 -5.40
CA GLY A 47 -8.62 17.24 -4.29
C GLY A 47 -8.80 15.76 -4.47
N CYS A 48 -8.13 15.15 -5.41
CA CYS A 48 -8.12 13.71 -5.63
C CYS A 48 -6.78 13.12 -5.25
N GLN A 49 -6.74 11.97 -4.70
CA GLN A 49 -5.43 11.30 -4.47
C GLN A 49 -5.16 10.55 -5.77
N LEU A 50 -3.98 10.72 -6.33
CA LEU A 50 -3.65 10.11 -7.64
C LEU A 50 -3.29 8.65 -7.46
N GLU A 51 -3.77 7.80 -8.37
CA GLU A 51 -3.53 6.34 -8.25
C GLU A 51 -2.42 5.92 -9.18
N ASP A 52 -1.53 5.06 -8.79
CA ASP A 52 -0.35 4.62 -9.54
C ASP A 52 -0.48 4.20 -10.99
N GLY A 53 -1.50 3.45 -11.32
CA GLY A 53 -1.74 2.91 -12.67
C GLY A 53 -2.40 3.82 -13.65
N ARG A 54 -2.89 4.98 -13.21
CA ARG A 54 -3.49 5.96 -14.13
C ARG A 54 -2.37 6.83 -14.68
N THR A 55 -2.66 7.57 -15.72
CA THR A 55 -1.72 8.53 -16.36
C THR A 55 -2.16 9.94 -15.93
N LEU A 56 -1.27 10.90 -16.12
CA LEU A 56 -1.55 12.31 -15.83
C LEU A 56 -2.72 12.75 -16.70
N SER A 57 -2.80 12.25 -17.95
CA SER A 57 -3.93 12.69 -18.80
C SER A 57 -5.26 12.26 -18.24
N ASP A 58 -5.29 11.15 -17.53
CA ASP A 58 -6.56 10.64 -16.93
C ASP A 58 -7.20 11.71 -16.05
N TYR A 59 -6.37 12.41 -15.33
CA TYR A 59 -6.76 13.49 -14.42
C TYR A 59 -6.79 14.84 -15.09
N ASN A 60 -6.55 14.98 -16.38
CA ASN A 60 -6.58 16.32 -16.99
C ASN A 60 -5.58 17.25 -16.32
N ILE A 61 -4.36 16.77 -16.10
CA ILE A 61 -3.28 17.62 -15.54
C ILE A 61 -2.59 18.28 -16.73
N GLN A 62 -2.64 19.57 -16.85
CA GLN A 62 -2.07 20.32 -18.00
C GLN A 62 -0.74 20.97 -17.58
N LYS A 63 0.04 21.51 -18.58
CA LYS A 63 1.33 22.10 -18.24
C LYS A 63 1.17 23.16 -17.17
N GLU A 64 2.22 23.18 -16.36
CA GLU A 64 2.37 24.09 -15.26
C GLU A 64 1.44 23.96 -14.10
N SER A 65 0.81 22.79 -14.03
CA SER A 65 -0.07 22.42 -12.91
C SER A 65 0.84 22.18 -11.68
N THR A 66 0.25 22.25 -10.50
CA THR A 66 0.96 21.97 -9.25
C THR A 66 0.29 20.77 -8.56
N LEU A 67 1.06 19.74 -8.22
CA LEU A 67 0.49 18.62 -7.46
C LEU A 67 0.98 18.81 -6.00
N HIS A 68 0.26 18.31 -5.06
CA HIS A 68 0.72 18.43 -3.66
C HIS A 68 1.24 17.05 -3.26
N LEU A 69 2.38 17.02 -2.60
CA LEU A 69 2.96 15.77 -2.10
C LEU A 69 2.83 15.67 -0.60
N VAL A 70 2.10 14.73 -0.09
CA VAL A 70 2.03 14.52 1.38
C VAL A 70 2.81 13.21 1.60
N LEU A 71 3.60 13.15 2.65
CA LEU A 71 4.36 11.93 2.95
C LEU A 71 3.61 11.09 3.95
N ARG A 72 3.54 9.80 3.74
N ARG A 72 3.55 9.77 3.70
N ARG A 72 3.56 9.80 3.74
N ARG A 72 3.49 9.80 3.77
CA ARG A 72 2.80 8.91 4.67
CA ARG A 72 2.88 8.76 4.55
CA ARG A 72 2.84 8.90 4.68
CA ARG A 72 2.75 9.00 4.76
C ARG A 72 3.71 7.69 4.87
C ARG A 72 2.10 7.87 3.58
C ARG A 72 3.78 8.74 5.87
C ARG A 72 2.94 7.55 4.36
N LEU A 73 3.43 6.81 5.78
N LEU A 73 1.71 6.69 3.94
N LEU A 73 4.88 8.08 5.77
N LEU A 73 2.00 6.68 4.50
CA LEU A 73 4.32 5.63 5.97
CA LEU A 73 0.95 5.84 2.98
CA LEU A 73 5.78 7.93 6.94
CA LEU A 73 2.22 5.27 4.11
C LEU A 73 3.59 4.56 6.75
C LEU A 73 0.26 4.71 3.73
C LEU A 73 7.21 7.75 6.49
C LEU A 73 3.62 4.83 4.52
N ARG A 74 3.24 3.52 6.02
N ARG A 74 0.64 3.50 3.34
N ARG A 74 8.11 7.96 7.45
N ARG A 74 3.90 5.10 5.79
CA ARG A 74 2.50 2.37 6.60
CA ARG A 74 0.09 2.28 3.95
CA ARG A 74 9.56 7.85 7.20
CA ARG A 74 5.22 4.77 6.38
C ARG A 74 3.37 1.74 7.69
C ARG A 74 -1.16 1.86 3.18
C ARG A 74 9.88 6.44 6.76
C ARG A 74 5.12 3.39 7.03
N GLY A 75 4.65 1.57 7.37
N GLY A 75 -1.46 0.57 3.25
N GLY A 75 9.23 5.49 7.42
N GLY A 75 6.10 2.55 6.71
CA GLY A 75 5.62 0.98 8.27
CA GLY A 75 -2.61 -0.03 2.58
CA GLY A 75 9.40 4.06 7.16
CA GLY A 75 6.18 1.19 7.21
C GLY A 75 6.02 1.84 9.45
C GLY A 75 -2.51 -1.51 2.34
C GLY A 75 8.94 3.15 8.27
C GLY A 75 6.52 1.07 8.69
N GLY A 76 6.46 1.16 10.49
N GLY A 76 -3.65 -2.08 2.06
N GLY A 76 9.31 1.88 8.11
N GLY A 76 6.14 -0.07 9.23
CA GLY A 76 6.92 1.75 11.75
CA GLY A 76 -3.83 -3.52 1.76
CA GLY A 76 9.00 0.80 9.04
CA GLY A 76 6.35 -0.44 10.64
C GLY A 76 8.42 2.07 11.61
C GLY A 76 -5.10 -4.01 2.48
C GLY A 76 7.52 0.41 8.88
C GLY A 76 5.14 -1.26 11.12
N MET B 1 9.87 -6.79 7.22
N MET B 1 -10.83 -12.98 -0.07
N MET B 1 -1.53 -5.30 9.76
N MET B 1 -2.07 -1.51 18.74
CA MET B 1 10.14 -5.33 7.19
CA MET B 1 -10.84 -11.52 0.04
CA MET B 1 -0.89 -4.27 8.92
CA MET B 1 -0.93 -0.93 18.02
C MET B 1 10.75 -5.00 5.81
C MET B 1 -12.24 -11.03 -0.38
C MET B 1 -1.78 -4.08 7.67
C MET B 1 -0.59 0.41 18.73
N GLN B 2 10.47 -3.81 5.38
N GLN B 2 -12.63 -9.94 0.21
N GLN B 2 -1.75 -2.88 7.17
N GLN B 2 0.67 0.74 18.66
CA GLN B 2 11.04 -3.36 4.07
CA GLN B 2 -13.96 -9.36 -0.14
CA GLN B 2 -2.54 -2.59 5.94
CA GLN B 2 1.11 2.02 19.28
C GLN B 2 12.37 -2.69 4.31
C GLN B 2 -13.77 -8.36 -1.28
C GLN B 2 -1.66 -2.82 4.71
C GLN B 2 1.04 3.12 18.21
N ILE B 3 13.33 -2.99 3.45
N ILE B 3 -14.70 -8.41 -2.22
N ILE B 3 -2.26 -3.44 3.71
N ILE B 3 0.56 4.28 18.65
CA ILE B 3 14.63 -2.30 3.48
CA ILE B 3 -14.72 -7.40 -3.30
CA ILE B 3 -1.57 -3.61 2.41
CA ILE B 3 0.57 5.47 17.77
C ILE B 3 14.92 -1.86 2.02
C ILE B 3 -16.21 -6.90 -3.37
C ILE B 3 -2.58 -3.14 1.33
C ILE B 3 1.17 6.62 18.63
N PHE B 4 15.84 -0.94 1.91
N PHE B 4 -16.34 -5.77 -4.02
N PHE B 4 -2.04 -2.89 0.17
N PHE B 4 1.58 7.65 17.93
CA PHE B 4 16.19 -0.46 0.52
CA PHE B 4 -17.73 -5.21 -4.15
CA PHE B 4 -2.95 -2.44 -0.95
CA PHE B 4 2.17 8.82 18.69
C PHE B 4 17.62 -0.82 0.23
C PHE B 4 -18.11 -5.20 -5.61
C PHE B 4 -2.93 -3.47 -2.04
C PHE B 4 1.29 10.02 18.48
N VAL B 5 17.98 -1.26 -0.97
N VAL B 5 -19.35 -5.53 -5.99
N VAL B 5 -4.04 -3.80 -2.68
N VAL B 5 1.03 10.85 19.49
CA VAL B 5 19.36 -1.53 -1.31
CA VAL B 5 -19.77 -5.43 -7.38
CA VAL B 5 -4.04 -4.73 -3.80
CA VAL B 5 0.26 12.07 19.29
C VAL B 5 19.72 -0.57 -2.46
C VAL B 5 -20.92 -4.39 -7.40
C VAL B 5 -4.55 -3.91 -5.02
C VAL B 5 1.23 13.23 19.64
N LYS B 6 20.59 0.34 -2.22
N LYS B 6 -20.71 -3.29 -8.03
N LYS B 6 -3.72 -3.71 -5.98
N LYS B 6 1.56 14.02 18.69
CA LYS B 6 20.95 1.36 -3.28
CA LYS B 6 -21.76 -2.22 -8.06
CA LYS B 6 -4.12 -2.90 -7.17
CA LYS B 6 2.53 15.15 18.93
C LYS B 6 22.17 0.85 -4.00
C LYS B 6 -22.56 -2.39 -9.32
C LYS B 6 -4.59 -3.85 -8.24
C LYS B 6 1.72 16.39 19.22
N THR B 7 22.11 0.79 -5.35
N THR B 7 -23.90 -2.46 -9.20
N THR B 7 -5.80 -3.61 -8.79
N THR B 7 2.02 17.08 20.35
CA THR B 7 23.27 0.31 -6.12
CA THR B 7 -24.75 -2.62 -10.39
CA THR B 7 -6.33 -4.49 -9.84
CA THR B 7 1.28 18.30 20.69
C THR B 7 24.04 1.51 -6.68
C THR B 7 -25.33 -1.25 -10.78
C THR B 7 -6.10 -3.84 -11.21
C THR B 7 2.11 19.53 20.29
N LEU B 8 25.21 1.29 -7.24
N LEU B 8 -25.96 -1.16 -11.94
N LEU B 8 -6.33 -4.56 -12.29
N LEU B 8 1.53 20.70 20.34
CA LEU B 8 26.02 2.41 -7.76
CA LEU B 8 -26.50 0.13 -12.42
CA LEU B 8 -6.10 -4.02 -13.64
CA LEU B 8 2.25 21.93 19.93
C LEU B 8 25.46 2.99 -9.05
C LEU B 8 -27.74 0.56 -11.65
C LEU B 8 -7.14 -3.00 -14.05
C LEU B 8 3.30 22.35 20.93
N THR B 9 24.43 2.36 -9.63
N THR B 9 -28.27 -0.32 -10.77
N THR B 9 -8.20 -2.83 -13.23
N THR B 9 3.36 21.68 22.10
CA THR B 9 23.92 2.97 -10.90
CA THR B 9 -29.50 0.16 -10.05
CA THR B 9 -9.21 -1.80 -13.69
CA THR B 9 4.42 22.14 23.06
C THR B 9 22.68 3.77 -10.67
C THR B 9 -29.18 0.61 -8.66
C THR B 9 -9.05 -0.51 -12.95
C THR B 9 5.61 21.24 23.05
N GLY B 10 22.37 4.09 -9.46
N GLY B 10 -27.94 0.83 -8.35
N GLY B 10 -7.95 -0.31 -12.29
N GLY B 10 5.73 20.40 22.06
CA GLY B 10 21.20 4.86 -9.09
CA GLY B 10 -27.49 1.27 -7.05
CA GLY B 10 -7.67 0.90 -11.54
CA GLY B 10 6.83 19.46 21.93
C GLY B 10 19.89 4.12 -9.09
C GLY B 10 -27.44 0.23 -5.98
C GLY B 10 -8.36 1.03 -10.22
C GLY B 10 6.77 18.24 22.80
N LYS B 11 19.96 2.82 -9.09
N LYS B 11 -27.46 -1.02 -6.38
N LYS B 11 -8.86 -0.07 -9.71
N LYS B 11 5.62 17.97 23.34
CA LYS B 11 18.79 1.96 -8.98
CA LYS B 11 -27.31 -2.15 -5.46
CA LYS B 11 -9.45 -0.12 -8.38
CA LYS B 11 5.39 16.76 24.12
C LYS B 11 18.67 1.60 -7.48
C LYS B 11 -25.82 -2.53 -5.54
C LYS B 11 -8.33 -0.62 -7.45
C LYS B 11 4.77 15.74 23.12
N THR B 12 17.46 1.64 -6.97
N THR B 12 -25.23 -2.81 -4.39
N THR B 12 -8.22 -0.03 -6.27
N THR B 12 5.21 14.50 23.21
CA THR B 12 17.30 1.21 -5.56
CA THR B 12 -23.82 -3.27 -4.43
CA THR B 12 -7.22 -0.55 -5.33
CA THR B 12 4.58 13.49 22.34
C THR B 12 16.35 0.02 -5.57
C THR B 12 -23.81 -4.67 -3.82
C THR B 12 -7.99 -0.98 -4.08
C THR B 12 3.98 12.44 23.27
N ILE B 13 16.74 -1.05 -4.88
N ILE B 13 -23.17 -5.61 -4.51
N ILE B 13 -7.71 -2.19 -3.60
N ILE B 13 2.71 12.09 23.02
CA ILE B 13 15.79 -2.20 -4.91
CA ILE B 13 -23.16 -6.96 -3.87
CA ILE B 13 -8.47 -2.59 -2.39
CA ILE B 13 2.15 11.05 23.94
C ILE B 13 15.15 -2.35 -3.55
C ILE B 13 -21.78 -7.27 -3.38
C ILE B 13 -7.54 -2.61 -1.21
C ILE B 13 1.99 9.77 23.19
N THR B 14 13.88 -2.68 -3.50
N THR B 14 -21.66 -7.92 -2.24
N THR B 14 -8.00 -2.18 -0.05
N THR B 14 2.25 8.64 23.82
CA THR B 14 13.27 -2.86 -2.15
CA THR B 14 -20.28 -8.25 -1.79
CA THR B 14 -7.07 -2.24 1.11
CA THR B 14 2.05 7.37 23.07
C THR B 14 13.19 -4.33 -1.86
C THR B 14 -20.02 -9.71 -2.10
C THR B 14 -7.44 -3.45 1.94
C THR B 14 0.73 6.77 23.52
N LEU B 15 13.48 -4.76 -0.63
N LEU B 15 -18.82 -10.04 -2.56
N LEU B 15 -6.47 -4.18 2.46
N LEU B 15 -0.05 6.22 22.61
CA LEU B 15 13.44 -6.16 -0.27
CA LEU B 15 -18.49 -11.41 -2.91
CA LEU B 15 -6.73 -5.36 3.26
CA LEU B 15 -1.33 5.62 22.95
C LEU B 15 12.54 -6.31 0.96
C LEU B 15 -17.21 -11.80 -2.15
C LEU B 15 -5.99 -5.22 4.59
C LEU B 15 -1.36 4.18 22.41
N GLU B 16 11.98 -7.49 1.10
N GLU B 16 -17.07 -13.08 -1.92
N GLU B 16 -6.51 -5.88 5.60
N GLU B 16 -2.15 3.37 23.05
CA GLU B 16 11.20 -7.73 2.36
CA GLU B 16 -15.77 -13.53 -1.31
CA GLU B 16 -5.75 -5.89 6.88
CA GLU B 16 -2.32 1.99 22.48
C GLU B 16 12.03 -8.77 3.09
C GLU B 16 -15.11 -14.32 -2.41
C GLU B 16 -5.28 -7.32 7.02
C GLU B 16 -3.76 1.98 22.00
N VAL B 17 12.43 -8.36 4.28
N VAL B 17 -13.93 -13.83 -2.76
N VAL B 17 -3.96 -7.44 7.09
N VAL B 17 -3.86 1.73 20.70
CA VAL B 17 13.27 -9.17 5.15
CA VAL B 17 -13.14 -14.41 -3.83
CA VAL B 17 -3.30 -8.73 7.18
CA VAL B 17 -5.16 1.71 20.02
C VAL B 17 12.81 -9.10 6.62
C VAL B 17 -11.65 -14.47 -3.46
C VAL B 17 -2.13 -8.70 8.17
C VAL B 17 -5.23 0.56 19.02
N GLU B 18 13.43 -9.97 7.37
N GLU B 18 -10.95 -15.15 -4.33
N GLU B 18 -1.64 -9.89 8.42
N GLU B 18 -6.45 0.41 18.53
CA GLU B 18 13.27 -10.05 8.82
CA GLU B 18 -9.49 -15.28 -4.28
CA GLU B 18 -0.46 -10.13 9.25
CA GLU B 18 -6.79 -0.55 17.47
C GLU B 18 14.66 -9.82 9.42
C GLU B 18 -8.97 -14.72 -5.60
C GLU B 18 0.55 -10.83 8.34
C GLU B 18 -7.35 0.28 16.32
N PRO B 19 14.71 -9.14 10.56
N PRO B 19 -7.83 -14.06 -5.56
N PRO B 19 1.82 -10.54 8.54
N PRO B 19 -7.07 -0.14 15.10
CA PRO B 19 15.98 -8.90 11.26
CA PRO B 19 -7.19 -13.50 -6.75
CA PRO B 19 2.89 -11.17 7.78
CA PRO B 19 -7.59 0.54 13.91
C PRO B 19 16.72 -10.18 11.54
C PRO B 19 -6.98 -14.56 -7.81
C PRO B 19 2.84 -12.68 7.87
C PRO B 19 -9.09 0.64 13.93
N SER B 20 16.01 -11.29 11.61
N SER B 20 -6.90 -15.80 -7.41
N SER B 20 2.24 -13.18 8.94
N SER B 20 -9.75 -0.24 14.66
CA SER B 20 16.65 -12.57 11.93
CA SER B 20 -6.64 -16.89 -8.38
CA SER B 20 2.19 -14.65 9.13
CA SER B 20 -11.22 -0.24 14.69
C SER B 20 17.33 -13.15 10.72
C SER B 20 -7.90 -17.27 -9.11
C SER B 20 1.11 -15.27 8.29
C SER B 20 -11.73 0.82 15.63
N ASP B 21 17.12 -12.55 9.55
N ASP B 21 -9.04 -16.72 -8.67
N ASP B 21 0.28 -14.44 7.66
N ASP B 21 -10.84 1.46 16.38
CA ASP B 21 17.77 -13.12 8.35
CA ASP B 21 -10.29 -17.11 -9.37
CA ASP B 21 -0.81 -15.03 6.85
CA ASP B 21 -11.33 2.49 17.32
C ASP B 21 19.25 -12.88 8.40
C ASP B 21 -10.32 -16.49 -10.75
C ASP B 21 -0.24 -15.67 5.61
C ASP B 21 -11.79 3.70 16.56
N THR B 22 20.01 -13.80 7.83
N THR B 22 -10.95 -17.19 -11.68
N THR B 22 -0.88 -16.73 5.16
N THR B 22 -12.79 4.38 17.10
CA THR B 22 21.45 -13.67 7.72
CA THR B 22 -11.14 -16.69 -13.03
CA THR B 22 -0.50 -17.40 3.93
CA THR B 22 -13.28 5.61 16.53
C THR B 22 21.75 -12.82 6.46
C THR B 22 -12.39 -15.78 -13.03
C THR B 22 -1.16 -16.65 2.75
C THR B 22 -12.39 6.77 17.03
N ILE B 23 22.98 -12.28 6.49
N ILE B 23 -12.44 -14.95 -14.08
N ILE B 23 -0.57 -16.91 1.58
N ILE B 23 -12.47 7.86 16.27
CA ILE B 23 23.48 -11.53 5.34
CA ILE B 23 -13.58 -14.08 -14.30
CA ILE B 23 -1.11 -16.35 0.33
CA ILE B 23 -11.77 9.09 16.64
C ILE B 23 23.54 -12.42 4.10
C ILE B 23 -14.85 -14.92 -14.51
C ILE B 23 -2.53 -16.87 0.09
C ILE B 23 -12.27 9.60 18.00
N GLU B 24 23.90 -13.66 4.29
N GLU B 24 -14.70 -16.04 -15.18
N GLU B 24 -2.76 -18.12 0.44
N GLU B 24 -13.55 9.46 18.24
CA GLU B 24 23.92 -14.63 3.14
CA GLU B 24 -15.87 -16.96 -15.38
CA GLU B 24 -4.14 -18.70 0.31
CA GLU B 24 -14.12 9.87 19.57
C GLU B 24 22.56 -14.72 2.49
C GLU B 24 -16.45 -17.39 -14.05
C GLU B 24 -5.14 -17.88 1.10
C GLU B 24 -13.44 9.13 20.69
N ASN B 25 21.51 -14.72 3.30
N ASN B 25 -15.59 -17.66 -13.09
N ASN B 25 -4.75 -17.46 2.29
N ASN B 25 -13.17 7.85 20.48
CA ASN B 25 20.12 -14.81 2.84
CA ASN B 25 -15.95 -18.09 -11.73
CA ASN B 25 -5.58 -16.67 3.20
CA ASN B 25 -12.51 6.97 21.47
C ASN B 25 19.71 -13.57 2.04
C ASN B 25 -16.71 -17.00 -10.98
C ASN B 25 -5.89 -15.29 2.62
C ASN B 25 -11.07 7.42 21.74
N VAL B 26 20.10 -12.42 2.58
N VAL B 26 -16.17 -15.79 -11.11
N VAL B 26 -4.85 -14.68 2.08
N VAL B 26 -10.38 7.72 20.64
CA VAL B 26 19.82 -11.15 1.91
CA VAL B 26 -16.79 -14.64 -10.47
CA VAL B 26 -5.00 -13.38 1.45
CA VAL B 26 -9.00 8.18 20.74
C VAL B 26 20.44 -11.17 0.52
C VAL B 26 -18.21 -14.48 -10.98
C VAL B 26 -6.03 -13.46 0.33
C VAL B 26 -8.96 9.45 21.60
N LYS B 27 21.69 -11.61 0.45
N LYS B 27 -18.37 -14.58 -12.30
N LYS B 27 -5.91 -14.50 -0.49
N LYS B 27 -9.88 10.37 21.32
CA LYS B 27 22.40 -11.66 -0.84
CA LYS B 27 -19.70 -14.45 -12.91
CA LYS B 27 -6.83 -14.69 -1.61
CA LYS B 27 -9.93 11.63 22.08
C LYS B 27 21.69 -12.59 -1.81
C LYS B 27 -20.64 -15.52 -12.41
C LYS B 27 -8.26 -14.86 -1.11
C LYS B 27 -10.19 11.36 23.56
N ALA B 28 21.15 -13.69 -1.32
N ALA B 28 -20.15 -16.73 -12.20
N ALA B 28 -8.44 -15.54 0.00
N ALA B 28 -11.01 10.39 23.87
CA ALA B 28 20.39 -14.62 -2.16
CA ALA B 28 -20.97 -17.82 -11.64
CA ALA B 28 -9.77 -15.71 0.62
CA ALA B 28 -11.27 10.01 25.27
C ALA B 28 19.10 -13.99 -2.65
C ALA B 28 -21.36 -17.52 -10.20
C ALA B 28 -10.31 -14.39 1.12
C ALA B 28 -10.03 9.42 25.92
N LYS B 29 18.42 -13.19 -1.84
N LYS B 29 -20.50 -16.94 -9.40
N LYS B 29 -9.48 -13.53 1.68
N LYS B 29 -9.23 8.64 25.20
CA LYS B 29 17.20 -12.47 -2.28
CA LYS B 29 -20.85 -16.55 -8.02
CA LYS B 29 -9.93 -12.19 2.11
CA LYS B 29 -7.98 8.10 25.74
C LYS B 29 17.54 -11.46 -3.38
C LYS B 29 -21.95 -15.47 -8.02
C LYS B 29 -10.38 -11.34 0.90
C LYS B 29 -6.98 9.25 26.04
N ILE B 30 18.71 -10.83 -3.25
N ILE B 30 -21.87 -14.56 -8.99
N ILE B 30 -9.67 -11.51 -0.21
N ILE B 30 -6.99 10.25 25.16
CA ILE B 30 19.12 -9.84 -4.26
CA ILE B 30 -22.88 -13.49 -9.08
CA ILE B 30 -10.02 -10.75 -1.42
CA ILE B 30 -6.08 11.39 25.36
C ILE B 30 19.45 -10.61 -5.53
C ILE B 30 -24.19 -14.16 -9.52
C ILE B 30 -11.35 -11.32 -1.93
C ILE B 30 -6.59 12.16 26.60
N GLN B 31 20.08 -11.76 -5.43
N GLN B 31 -24.14 -15.11 -10.42
N GLN B 31 -11.53 -12.61 -1.88
N GLN B 31 -7.88 12.31 26.75
CA GLN B 31 20.38 -12.52 -6.68
CA GLN B 31 -25.42 -15.76 -10.83
CA GLN B 31 -12.84 -13.17 -2.36
CA GLN B 31 -8.37 13.04 27.95
C GLN B 31 19.06 -12.90 -7.37
C GLN B 31 -26.04 -16.46 -9.61
C GLN B 31 -13.97 -12.60 -1.50
C GLN B 31 -7.95 12.29 29.22
N ASP B 32 18.18 -13.44 -6.56
N ASP B 32 -25.21 -17.21 -8.94
N ASP B 32 -13.75 -12.70 -0.21
N ASP B 32 -8.21 11.00 29.18
CA ASP B 32 16.85 -13.85 -7.06
CA ASP B 32 -25.64 -17.94 -7.73
CA ASP B 32 -14.74 -12.19 0.77
CA ASP B 32 -7.84 10.12 30.31
C ASP B 32 16.14 -12.71 -7.78
C ASP B 32 -26.29 -17.01 -6.72
C ASP B 32 -15.10 -10.75 0.50
C ASP B 32 -6.38 10.26 30.67
N LYS B 33 16.24 -11.48 -7.23
N LYS B 33 -25.72 -15.80 -6.52
N LYS B 33 -14.11 -9.90 0.17
N LYS B 33 -5.49 10.33 29.66
CA LYS B 33 15.47 -10.40 -7.89
CA LYS B 33 -26.32 -14.95 -5.47
CA LYS B 33 -14.47 -8.47 0.00
CA LYS B 33 -4.06 10.36 30.04
C LYS B 33 16.17 -9.58 -8.91
C LYS B 33 -27.34 -13.97 -5.89
C LYS B 33 -14.81 -8.02 -1.38
C LYS B 33 -3.43 11.70 30.19
N GLU B 34 17.47 -9.43 -8.92
N GLU B 34 -27.42 -13.50 -7.10
N GLU B 34 -14.38 -8.62 -2.45
N GLU B 34 -3.88 12.77 29.59
CA GLU B 34 18.22 -8.65 -9.88
CA GLU B 34 -28.40 -12.55 -7.57
CA GLU B 34 -14.68 -8.22 -3.81
CA GLU B 34 -3.31 14.10 29.71
C GLU B 34 19.28 -9.43 -10.60
C GLU B 34 -29.21 -13.03 -8.74
C GLU B 34 -15.31 -9.30 -4.63
C GLU B 34 -4.27 15.14 30.18
N GLY B 35 19.51 -10.67 -10.21
N GLY B 35 -28.86 -14.17 -9.31
N GLY B 35 -15.40 -10.52 -4.10
N GLY B 35 -5.55 14.79 30.31
CA GLY B 35 20.45 -11.54 -10.87
CA GLY B 35 -29.59 -14.76 -10.39
CA GLY B 35 -16.05 -11.61 -4.76
CA GLY B 35 -6.55 15.67 30.82
C GLY B 35 21.89 -11.41 -10.55
C GLY B 35 -29.36 -14.27 -11.77
C GLY B 35 -15.30 -12.37 -5.80
C GLY B 35 -7.16 16.67 29.91
N ILE B 36 22.24 -10.56 -9.58
N ILE B 36 -28.38 -13.36 -11.95
N ILE B 36 -14.01 -12.06 -5.99
N ILE B 36 -6.82 16.63 28.62
CA ILE B 36 23.67 -10.42 -9.24
CA ILE B 36 -28.12 -12.86 -13.31
CA ILE B 36 -13.24 -12.81 -6.99
CA ILE B 36 -7.41 17.60 27.69
C ILE B 36 24.14 -11.57 -8.35
C ILE B 36 -27.29 -13.86 -14.11
C ILE B 36 -12.80 -14.16 -6.47
C ILE B 36 -8.81 17.19 27.29
N PRO B 37 25.18 -12.26 -8.77
N PRO B 37 -27.79 -14.27 -15.27
N PRO B 37 -13.15 -15.23 -7.17
N PRO B 37 -9.79 18.07 27.50
CA PRO B 37 25.77 -13.37 -8.00
CA PRO B 37 -27.07 -15.20 -16.17
CA PRO B 37 -12.76 -16.60 -6.80
CA PRO B 37 -11.19 17.83 27.13
C PRO B 37 26.19 -12.91 -6.62
C PRO B 37 -25.71 -14.65 -16.53
C PRO B 37 -11.25 -16.72 -6.69
C PRO B 37 -11.31 17.52 25.65
N PRO B 38 25.93 -13.67 -5.59
N PRO B 38 -24.68 -15.46 -16.54
N PRO B 38 -10.74 -17.39 -5.68
N PRO B 38 -12.10 16.54 25.27
CA PRO B 38 26.30 -13.26 -4.23
CA PRO B 38 -23.34 -14.98 -16.89
CA PRO B 38 -9.28 -17.52 -5.52
CA PRO B 38 -12.24 16.19 23.85
C PRO B 38 27.78 -12.98 -4.08
C PRO B 38 -23.27 -14.33 -18.25
C PRO B 38 -8.61 -18.15 -6.72
C PRO B 38 -12.69 17.35 23.00
N ASP B 39 28.62 -13.68 -4.81
N ASP B 39 -24.05 -14.78 -19.18
N ASP B 39 -9.28 -19.04 -7.41
N ASP B 39 -13.50 18.23 23.52
CA ASP B 39 30.09 -13.50 -4.67
CA ASP B 39 -24.00 -14.24 -20.57
CA ASP B 39 -8.66 -19.74 -8.56
CA ASP B 39 -14.03 19.38 22.73
C ASP B 39 30.55 -12.14 -5.18
C ASP B 39 -24.49 -12.80 -20.64
C ASP B 39 -8.41 -18.81 -9.74
C ASP B 39 -12.94 20.37 22.34
N GLN B 40 29.71 -11.46 -5.92
N GLN B 40 -25.18 -12.36 -19.60
N GLN B 40 -9.04 -17.64 -9.72
N GLN B 40 -11.79 20.28 22.99
CA GLN B 40 30.08 -10.12 -6.42
CA GLN B 40 -25.68 -10.96 -19.59
CA GLN B 40 -8.82 -16.66 -10.82
CA GLN B 40 -10.68 21.20 22.65
C GLN B 40 29.53 -9.00 -5.52
C GLN B 40 -24.71 -10.02 -18.83
C GLN B 40 -7.74 -15.62 -10.46
C GLN B 40 -9.69 20.55 21.67
N GLN B 41 28.66 -9.32 -4.59
N GLN B 41 -23.74 -10.56 -18.14
N GLN B 41 -7.31 -15.58 -9.22
N GLN B 41 -9.81 19.27 21.43
CA GLN B 41 28.04 -8.36 -3.71
CA GLN B 41 -22.81 -9.80 -17.35
CA GLN B 41 -6.34 -14.62 -8.73
CA GLN B 41 -8.91 18.53 20.57
C GLN B 41 28.83 -7.99 -2.47
C GLN B 41 -21.62 -9.24 -18.10
C GLN B 41 -4.90 -15.00 -8.94
C GLN B 41 -9.24 18.57 19.09
N ARG B 42 28.97 -6.68 -2.27
N ARG B 42 -21.39 -7.95 -17.91
N ARG B 42 -4.15 -14.05 -9.51
N ARG B 42 -8.22 18.90 18.30
CA ARG B 42 29.57 -6.13 -1.01
CA ARG B 42 -20.16 -7.28 -18.42
CA ARG B 42 -2.67 -14.20 -9.63
CA ARG B 42 -8.32 18.82 16.82
C ARG B 42 28.50 -5.26 -0.41
C ARG B 42 -19.48 -6.70 -17.21
C ARG B 42 -2.10 -13.00 -8.90
C ARG B 42 -7.23 17.86 16.39
N LEU B 43 27.97 -5.59 0.76
N LEU B 43 -18.29 -7.17 -16.84
N LEU B 43 -1.36 -13.19 -7.80
N LEU B 43 -7.56 16.70 15.82
CA LEU B 43 26.88 -4.78 1.36
CA LEU B 43 -17.61 -6.66 -15.63
CA LEU B 43 -0.84 -12.03 -7.02
CA LEU B 43 -6.52 15.71 15.44
C LEU B 43 27.43 -3.90 2.48
C LEU B 43 -16.49 -5.69 -16.00
C LEU B 43 0.64 -11.84 -7.32
C LEU B 43 -6.28 15.76 13.94
N ILE B 44 27.09 -2.62 2.43
N ILE B 44 -16.50 -4.53 -15.35
N ILE B 44 1.01 -10.61 -7.63
N ILE B 44 -5.01 15.85 13.56
CA ILE B 44 27.58 -1.63 3.39
CA ILE B 44 -15.55 -3.46 -15.62
CA ILE B 44 2.39 -10.27 -7.98
CA ILE B 44 -4.60 15.95 12.17
C ILE B 44 26.44 -0.93 4.10
C ILE B 44 -14.75 -3.08 -14.38
C ILE B 44 2.96 -9.19 -7.06
C ILE B 44 -3.65 14.82 11.76
N PHE B 45 26.56 -0.87 5.46
N PHE B 45 -13.41 -2.99 -14.57
N PHE B 45 4.20 -9.47 -6.57
N PHE B 45 -3.99 14.19 10.60
CA PHE B 45 25.57 -0.18 6.30
CA PHE B 45 -12.50 -2.58 -13.50
CA PHE B 45 4.91 -8.52 -5.71
CA PHE B 45 -3.15 13.12 10.04
C PHE B 45 26.38 0.47 7.44
C PHE B 45 -11.39 -1.76 -14.18
C PHE B 45 6.40 -8.67 -6.10
C PHE B 45 -3.23 13.30 8.51
N ALA B 46 26.10 1.74 7.59
N ALA B 46 -11.20 -0.60 -13.59
N ALA B 46 6.96 -7.50 -6.34
N ALA B 46 -2.04 13.30 7.96
CA ALA B 46 26.69 2.58 8.65
CA ALA B 46 -10.16 0.35 -14.01
CA ALA B 46 8.39 -7.36 -6.67
CA ALA B 46 -1.84 13.40 6.50
C ALA B 46 28.20 2.40 8.69
C ALA B 46 -10.20 0.57 -15.52
C ALA B 46 8.80 -8.35 -7.75
C ALA B 46 -2.67 14.53 5.91
N GLY B 47 28.78 2.44 7.53
N GLY B 47 -11.40 0.76 -16.00
N GLY B 47 7.97 -8.42 -8.76
N GLY B 47 -2.62 15.64 6.59
CA GLY B 47 30.17 2.30 7.23
CA GLY B 47 -11.78 0.97 -17.36
CA GLY B 47 8.05 -9.26 -9.92
CA GLY B 47 -3.29 16.88 6.31
C GLY B 47 30.83 1.00 7.59
C GLY B 47 -11.49 -0.12 -18.36
C GLY B 47 8.04 -10.75 -9.71
C GLY B 47 -4.80 16.87 6.31
N LYS B 48 30.07 -0.06 7.74
N LYS B 48 -11.31 -1.33 -17.90
N LYS B 48 7.52 -11.21 -8.59
N LYS B 48 -5.41 15.91 6.97
CA LYS B 48 30.62 -1.39 8.04
CA LYS B 48 -11.07 -2.49 -18.78
CA LYS B 48 7.41 -12.64 -8.31
CA LYS B 48 -6.86 15.83 7.08
C LYS B 48 30.30 -2.30 6.84
C LYS B 48 -12.28 -3.42 -18.62
C LYS B 48 5.90 -12.97 -8.23
C LYS B 48 -7.21 16.02 8.57
N GLN B 49 31.20 -3.18 6.49
N GLN B 49 -12.70 -4.05 -19.70
N GLN B 49 5.51 -14.12 -8.71
N GLN B 49 -8.29 16.70 8.86
CA GLN B 49 30.89 -4.15 5.41
CA GLN B 49 -13.78 -5.07 -19.59
CA GLN B 49 4.09 -14.55 -8.56
CA GLN B 49 -8.75 16.80 10.27
C GLN B 49 30.19 -5.29 6.14
C GLN B 49 -13.03 -6.36 -19.25
C GLN B 49 4.06 -15.21 -7.18
C GLN B 49 -9.59 15.56 10.48
N LEU B 50 29.06 -5.74 5.65
N LEU B 50 -13.47 -7.07 -18.23
N LEU B 50 3.12 -14.84 -6.34
N LEU B 50 -9.35 14.81 11.54
CA LEU B 50 28.26 -6.78 6.33
CA LEU B 50 -12.77 -8.27 -17.77
CA LEU B 50 3.06 -15.36 -4.96
CA LEU B 50 -10.04 13.54 11.79
C LEU B 50 28.84 -8.15 6.05
C LEU B 50 -13.11 -9.45 -18.66
C LEU B 50 2.43 -16.74 -4.95
C LEU B 50 -11.42 13.81 12.37
N GLU B 51 28.88 -9.01 7.07
N GLU B 51 -12.11 -10.27 -18.99
N GLU B 51 2.98 -17.66 -4.16
N GLU B 51 -12.43 13.06 11.91
CA GLU B 51 29.49 -10.34 6.89
CA GLU B 51 -12.35 -11.42 -19.89
CA GLU B 51 2.47 -19.04 -4.13
CA GLU B 51 -13.81 13.29 12.39
C GLU B 51 28.41 -11.38 6.74
C GLU B 51 -12.46 -12.69 -19.10
C GLU B 51 1.60 -19.24 -2.91
C GLU B 51 -14.19 12.25 13.41
N ASP B 52 28.55 -12.35 5.88
N ASP B 52 -13.36 -13.58 -19.43
N ASP B 52 0.50 -19.94 -3.01
N ASP B 52 -14.87 12.60 14.47
CA ASP B 52 27.56 -13.37 5.56
CA ASP B 52 -13.63 -14.83 -18.71
CA ASP B 52 -0.48 -20.16 -1.95
CA ASP B 52 -15.24 11.73 15.58
C ASP B 52 26.84 -14.14 6.66
C ASP B 52 -12.52 -15.75 -18.28
C ASP B 52 -0.04 -20.59 -0.55
C ASP B 52 -15.84 10.36 15.33
N GLY B 53 27.55 -14.54 7.68
N GLY B 53 -11.54 -15.97 -19.14
N GLY B 53 0.90 -21.50 -0.46
N GLY B 53 -16.76 10.25 14.39
CA GLY B 53 27.03 -15.34 8.81
CA GLY B 53 -10.42 -16.89 -18.91
CA GLY B 53 1.40 -22.06 0.80
CA GLY B 53 -17.47 9.01 14.07
C GLY B 53 26.34 -14.57 9.89
C GLY B 53 -9.27 -16.33 -18.11
C GLY B 53 2.44 -21.27 1.51
C GLY B 53 -16.77 8.05 13.15
N ARG B 54 26.39 -13.24 9.88
N ARG B 54 -9.25 -15.03 -17.82
N ARG B 54 2.98 -20.23 0.89
N ARG B 54 -15.65 8.45 12.56
CA ARG B 54 25.67 -12.42 10.87
CA ARG B 54 -8.20 -14.43 -16.98
CA ARG B 54 3.96 -19.35 1.56
CA ARG B 54 -14.85 7.54 11.70
C ARG B 54 24.25 -12.21 10.37
C ARG B 54 -8.62 -14.58 -15.53
C ARG B 54 3.20 -18.29 2.34
C ARG B 54 -13.92 6.74 12.61
N THR B 55 23.38 -11.75 11.24
N THR B 55 -7.70 -14.37 -14.62
N THR B 55 3.89 -17.61 3.22
N THR B 55 -13.35 5.69 12.08
CA THR B 55 21.98 -11.43 10.91
CA THR B 55 -7.93 -14.41 -13.16
CA THR B 55 3.32 -16.49 4.03
CA THR B 55 -12.37 4.83 12.79
C THR B 55 21.87 -9.89 10.84
C THR B 55 -7.96 -12.95 -12.67
C THR B 55 3.86 -15.18 3.42
C THR B 55 -10.98 5.19 12.21
N LEU B 56 20.79 -9.42 10.27
N LEU B 56 -8.47 -12.76 -11.47
N LEU B 56 3.23 -14.09 3.79
N LEU B 56 -9.95 4.77 12.92
CA LEU B 56 20.52 -7.97 10.18
CA LEU B 56 -8.51 -11.44 -10.83
CA LEU B 56 3.66 -12.74 3.35
CA LEU B 56 -8.55 4.97 12.47
C LEU B 56 20.40 -7.42 11.60
C LEU B 56 -7.08 -10.93 -10.67
C LEU B 56 5.08 -12.51 3.85
C LEU B 56 -8.37 4.23 11.14
N SER B 57 19.83 -8.21 12.52
N SER B 57 -6.13 -11.86 -10.37
N SER B 57 5.39 -13.00 5.06
N SER B 57 -9.01 3.06 10.99
CA SER B 57 19.71 -7.67 13.90
CA SER B 57 -4.74 -11.38 -10.21
CA SER B 57 6.78 -12.76 5.56
CA SER B 57 -8.82 2.34 9.70
C SER B 57 21.06 -7.41 14.54
C SER B 57 -4.17 -10.79 -11.48
C SER B 57 7.82 -13.42 4.70
C SER B 57 -9.36 3.13 8.52
N ASP B 58 22.06 -8.19 14.15
N ASP B 58 -4.64 -11.27 -12.62
N ASP B 58 7.47 -14.53 4.07
N ASP B 58 -10.38 3.94 8.75
CA ASP B 58 23.42 -8.02 14.71
CA ASP B 58 -4.16 -10.76 -13.93
CA ASP B 58 8.42 -15.26 3.18
CA ASP B 58 -10.98 4.76 7.66
C ASP B 58 23.92 -6.58 14.51
C ASP B 58 -4.35 -9.25 -14.03
C ASP B 58 8.96 -14.34 2.10
C ASP B 58 -9.91 5.63 6.99
N TYR B 59 23.60 -6.04 13.37
N TYR B 59 -5.46 -8.81 -13.51
N TYR B 59 8.10 -13.51 1.59
N TYR B 59 -9.02 6.14 7.80
CA TYR B 59 23.96 -4.68 12.97
CA TYR B 59 -5.84 -7.39 -13.48
CA TYR B 59 8.41 -12.53 0.55
CA TYR B 59 -7.91 6.99 7.37
C TYR B 59 22.90 -3.66 13.34
C TYR B 59 -5.39 -6.68 -12.23
C TYR B 59 8.84 -11.19 1.11
C TYR B 59 -6.66 6.20 7.07
N ASN B 60 21.83 -4.00 14.03
N ASN B 60 -4.64 -7.29 -11.33
N ASN B 60 8.99 -11.00 2.40
N ASN B 60 -6.64 4.89 7.11
CA ASN B 60 20.83 -2.98 14.38
CA ASN B 60 -4.22 -6.55 -10.12
CA ASN B 60 9.41 -9.67 2.90
CA ASN B 60 -5.39 4.17 6.80
C ASN B 60 20.27 -2.31 13.12
C ASN B 60 -5.43 -6.03 -9.34
C ASN B 60 8.43 -8.59 2.47
C ASN B 60 -4.27 4.58 7.74
N ILE B 61 19.94 -3.09 12.12
N ILE B 61 -6.42 -6.88 -9.16
N ILE B 61 7.15 -8.85 2.61
N ILE B 61 -4.56 4.67 9.02
CA ILE B 61 19.30 -2.55 10.89
CA ILE B 61 -7.61 -6.52 -8.32
CA ILE B 61 6.11 -7.82 2.30
CA ILE B 61 -3.51 4.99 10.04
C ILE B 61 17.79 -2.56 11.15
C ILE B 61 -7.27 -6.91 -6.90
C ILE B 61 5.89 -7.05 3.59
C ILE B 61 -2.92 3.66 10.47
N GLN B 62 17.16 -1.43 11.17
N GLN B 62 -7.18 -5.98 -5.99
N GLN B 62 6.19 -5.78 3.62
N GLN B 62 -1.66 3.43 10.22
CA GLN B 62 15.70 -1.31 11.48
CA GLN B 62 -6.78 -6.24 -4.57
CA GLN B 62 6.07 -4.93 4.84
CA GLN B 62 -0.97 2.13 10.53
C GLN B 62 14.92 -1.07 10.19
C GLN B 62 -8.02 -6.19 -3.68
C GLN B 62 4.83 -4.06 4.75
C GLN B 62 -0.11 2.29 11.78
N LYS B 63 13.59 -1.16 10.24
N LYS B 63 -7.90 -6.61 -2.42
N LYS B 63 4.45 -3.39 5.84
N LYS B 63 0.40 1.19 12.32
CA LYS B 63 12.76 -1.02 9.07
CA LYS B 63 -9.01 -6.68 -1.51
CA LYS B 63 3.25 -2.59 5.90
CA LYS B 63 1.17 1.21 13.55
C LYS B 63 13.08 0.31 8.37
C LYS B 63 -9.70 -5.32 -1.44
C LYS B 63 3.27 -1.57 4.76
C LYS B 63 2.33 2.19 13.39
N GLU B 64 13.02 0.21 7.03
N GLU B 64 -11.03 -5.42 -1.33
N GLU B 64 2.05 -1.36 4.23
N GLU B 64 2.60 2.86 14.52
CA GLU B 64 13.27 1.28 6.11
CA GLU B 64 -11.94 -4.31 -1.23
CA GLU B 64 1.75 -0.46 3.15
CA GLU B 64 3.64 3.84 14.68
C GLU B 64 14.65 1.84 6.04
C GLU B 64 -12.09 -3.42 -2.43
C GLU B 64 2.31 -0.76 1.80
C GLU B 64 3.52 5.13 13.93
N SER B 65 15.60 1.05 6.52
N SER B 65 -11.68 -3.95 -3.57
N SER B 65 2.69 -2.02 1.62
N SER B 65 2.30 5.41 13.49
CA SER B 65 17.03 1.35 6.43
CA SER B 65 -11.84 -3.29 -4.87
CA SER B 65 3.16 -2.56 0.34
CA SER B 65 1.93 6.66 12.83
C SER B 65 17.45 1.19 4.95
C SER B 65 -13.35 -3.32 -5.23
C SER B 65 1.93 -2.64 -0.59
C SER B 65 1.97 7.78 13.90
N THR B 66 18.55 1.80 4.58
N THR B 66 -13.76 -2.46 -6.11
N THR B 66 2.17 -2.70 -1.88
N THR B 66 2.09 9.01 13.48
CA THR B 66 19.11 1.66 3.24
CA THR B 66 -15.15 -2.44 -6.61
CA THR B 66 1.12 -2.86 -2.88
CA THR B 66 2.04 10.17 14.38
C THR B 66 20.51 1.04 3.35
C THR B 66 -15.12 -2.67 -8.12
C THR B 66 1.37 -4.16 -3.65
C THR B 66 0.86 11.06 13.98
N LEU B 67 20.77 -0.05 2.62
N LEU B 67 -15.90 -3.66 -8.60
N LEU B 67 0.37 -5.04 -3.72
N LEU B 67 -0.01 11.38 14.93
CA LEU B 67 22.11 -0.62 2.58
CA LEU B 67 -16.01 -3.87 -10.05
CA LEU B 67 0.51 -6.25 -4.53
CA LEU B 67 -1.11 12.32 14.63
C LEU B 67 22.73 -0.19 1.24
C LEU B 67 -17.39 -3.29 -10.45
C LEU B 67 -0.30 -6.00 -5.82
C LEU B 67 -0.69 13.66 15.26
N HIS B 68 24.01 -0.11 1.16
N HIS B 68 -17.54 -2.89 -11.66
N HIS B 68 0.03 -6.64 -6.88
N HIS B 68 -1.18 14.75 14.77
CA HIS B 68 24.64 0.25 -0.13
CA HIS B 68 -18.85 -2.37 -12.09
CA HIS B 68 -0.76 -6.45 -8.12
CA HIS B 68 -0.84 16.05 15.37
C HIS B 68 25.23 -1.05 -0.69
C HIS B 68 -19.47 -3.47 -12.96
C HIS B 68 -1.59 -7.71 -8.29
C HIS B 68 -2.08 16.49 16.14
N LEU B 69 25.03 -1.28 -1.97
N LEU B 69 -20.75 -3.74 -12.75
N LEU B 69 -2.87 -7.55 -8.62
N LEU B 69 -1.88 16.98 17.35
CA LEU B 69 25.60 -2.45 -2.65
CA LEU B 69 -21.48 -4.71 -13.55
CA LEU B 69 -3.75 -8.69 -8.88
CA LEU B 69 -2.98 17.52 18.16
C LEU B 69 26.73 -2.06 -3.56
C LEU B 69 -22.44 -4.04 -14.48
C LEU B 69 -4.06 -8.82 -10.34
C LEU B 69 -2.93 19.01 18.24
N VAL B 70 27.92 -2.48 -3.30
N VAL B 70 -22.27 -4.14 -15.76
N VAL B 70 -3.66 -9.88 -10.96
N VAL B 70 -3.88 19.71 17.72
CA VAL B 70 29.05 -2.21 -4.23
CA VAL B 70 -23.26 -3.59 -16.73
CA VAL B 70 -4.02 -10.11 -12.39
CA VAL B 70 -3.93 21.20 17.87
C VAL B 70 29.34 -3.58 -4.86
C VAL B 70 -23.94 -4.84 -17.31
C VAL B 70 -5.04 -11.25 -12.32
C VAL B 70 -5.09 21.42 18.86
N LEU B 71 29.62 -3.60 -6.15
N LEU B 71 -25.23 -4.78 -17.51
N LEU B 71 -6.09 -11.19 -13.12
N LEU B 71 -4.93 22.35 19.78
CA LEU B 71 29.93 -4.88 -6.84
CA LEU B 71 -25.96 -5.92 -18.10
CA LEU B 71 -7.10 -12.27 -13.14
CA LEU B 71 -6.00 22.66 20.75
C LEU B 71 31.43 -5.06 -6.90
C LEU B 71 -26.12 -5.72 -19.58
C LEU B 71 -6.80 -13.24 -14.25
C LEU B 71 -6.81 23.83 20.26
N MET A 1 6.38 18.40 -20.67
CA MET A 1 5.74 19.56 -20.05
C MET A 1 6.28 19.67 -18.60
N GLN A 2 6.34 20.88 -18.14
CA GLN A 2 6.81 21.11 -16.74
C GLN A 2 5.61 21.10 -15.81
N ILE A 3 5.80 20.45 -14.66
CA ILE A 3 4.77 20.47 -13.61
C ILE A 3 5.53 20.83 -12.30
N PHE A 4 4.75 21.23 -11.33
CA PHE A 4 5.40 21.59 -10.01
C PHE A 4 4.91 20.64 -8.96
N VAL A 5 5.74 20.16 -8.03
CA VAL A 5 5.27 19.32 -6.95
C VAL A 5 5.58 20.10 -5.65
N LYS A 6 4.57 20.50 -4.95
CA LYS A 6 4.78 21.30 -3.70
C LYS A 6 4.77 20.35 -2.53
N THR A 7 5.82 20.41 -1.68
CA THR A 7 5.88 19.52 -0.51
C THR A 7 5.42 20.27 0.74
N LEU A 8 5.24 19.58 1.84
CA LEU A 8 4.74 20.24 3.07
C LEU A 8 5.81 21.08 3.74
N THR A 9 7.06 21.03 3.24
CA THR A 9 8.08 21.90 3.94
C THR A 9 8.35 23.16 3.18
N GLY A 10 7.52 23.50 2.24
CA GLY A 10 7.67 24.69 1.43
C GLY A 10 8.68 24.63 0.33
N LYS A 11 9.10 23.43 0.00
CA LYS A 11 10.01 23.21 -1.12
C LYS A 11 9.11 22.84 -2.31
N THR A 12 9.42 23.38 -3.48
CA THR A 12 8.62 22.98 -4.66
C THR A 12 9.61 22.35 -5.64
N ILE A 13 9.25 21.19 -6.17
CA ILE A 13 10.23 20.60 -7.13
C ILE A 13 9.65 20.67 -8.52
N THR A 14 10.47 20.94 -9.51
CA THR A 14 9.89 20.97 -10.89
C THR A 14 10.25 19.66 -11.57
N LEU A 15 9.33 19.09 -12.33
CA LEU A 15 9.58 17.83 -13.01
C LEU A 15 9.25 18.02 -14.49
N GLU A 16 9.89 17.22 -15.31
CA GLU A 16 9.51 17.26 -16.76
C GLU A 16 8.85 15.92 -17.00
N VAL A 17 7.60 16.03 -17.42
CA VAL A 17 6.77 14.86 -17.67
C VAL A 17 5.93 15.04 -18.95
N GLU A 18 5.32 13.93 -19.31
CA GLU A 18 4.37 13.84 -20.41
C GLU A 18 3.06 13.38 -19.82
N PRO A 19 1.95 13.87 -20.34
CA PRO A 19 0.61 13.47 -19.90
C PRO A 19 0.43 11.98 -19.97
N SER A 20 1.19 11.31 -20.81
CA SER A 20 1.03 9.85 -20.98
C SER A 20 1.72 9.11 -19.87
N ASP A 21 2.49 9.83 -19.05
CA ASP A 21 3.19 9.10 -17.96
C ASP A 21 2.21 8.63 -16.92
N THR A 22 2.51 7.52 -16.30
CA THR A 22 1.71 6.99 -15.21
C THR A 22 2.16 7.68 -13.91
N ILE A 23 1.25 7.61 -12.94
CA ILE A 23 1.52 8.13 -11.60
C ILE A 23 2.72 7.40 -10.98
N GLU A 24 2.80 6.12 -11.24
CA GLU A 24 3.98 5.32 -10.73
C GLU A 24 5.27 5.90 -11.23
N CYS A 25 5.30 6.34 -12.52
CA CYS A 25 6.50 6.91 -13.13
C CYS A 25 6.85 8.24 -12.50
N VAL A 26 5.82 9.05 -12.28
CA VAL A 26 6.04 10.34 -11.65
C VAL A 26 6.71 10.15 -10.29
N LYS A 27 6.18 9.20 -9.52
CA LYS A 27 6.74 8.92 -8.19
C LYS A 27 8.19 8.48 -8.29
N ALA A 28 8.54 7.70 -9.30
CA ALA A 28 9.92 7.29 -9.53
C ALA A 28 10.80 8.47 -9.89
N LYS A 29 10.31 9.43 -10.66
CA LYS A 29 11.09 10.64 -10.97
C LYS A 29 11.35 11.47 -9.69
N ILE A 30 10.35 11.49 -8.81
CA ILE A 30 10.50 12.25 -7.55
C ILE A 30 11.53 11.50 -6.70
N GLN A 31 11.49 10.19 -6.69
CA GLN A 31 12.50 9.45 -5.86
C GLN A 31 13.90 9.76 -6.40
N ASP A 32 14.01 9.63 -7.70
CA ASP A 32 15.30 9.91 -8.37
C ASP A 32 15.83 11.29 -8.03
N LYS A 33 14.94 12.30 -7.98
CA LYS A 33 15.50 13.66 -7.74
C LYS A 33 15.53 14.13 -6.33
N GLU A 34 14.74 13.67 -5.41
CA GLU A 34 14.73 14.09 -4.02
C GLU A 34 14.92 12.96 -3.04
N GLY A 35 14.94 11.73 -3.52
CA GLY A 35 15.18 10.58 -2.69
C GLY A 35 14.07 10.02 -1.89
N ILE A 36 12.84 10.55 -2.06
CA ILE A 36 11.72 10.01 -1.29
C ILE A 36 11.20 8.72 -1.91
N PRO A 37 11.15 7.65 -1.13
CA PRO A 37 10.64 6.34 -1.58
C PRO A 37 9.21 6.46 -2.09
N PRO A 38 8.88 5.84 -3.19
CA PRO A 38 7.51 5.95 -3.73
C PRO A 38 6.45 5.52 -2.76
N ASP A 39 6.74 4.57 -1.90
CA ASP A 39 5.72 4.05 -0.95
C ASP A 39 5.34 5.08 0.11
N GLN A 40 6.16 6.11 0.23
CA GLN A 40 5.83 7.18 1.22
C GLN A 40 5.08 8.36 0.58
N GLN A 41 5.02 8.40 -0.74
CA GLN A 41 4.40 9.48 -1.46
C GLN A 41 2.90 9.36 -1.66
N ARG A 42 2.21 10.46 -1.32
CA ARG A 42 0.75 10.57 -1.60
C ARG A 42 0.62 11.80 -2.48
N LEU A 43 0.18 11.67 -3.73
CA LEU A 43 0.09 12.84 -4.63
C LEU A 43 -1.35 13.30 -4.76
N ILE A 44 -1.57 14.59 -4.57
CA ILE A 44 -2.91 15.19 -4.61
C ILE A 44 -3.02 16.28 -5.66
N PHE A 45 -4.11 16.19 -6.46
CA PHE A 45 -4.39 17.20 -7.50
C PHE A 45 -5.92 17.33 -7.53
N ALA A 46 -6.32 18.58 -7.46
CA ALA A 46 -7.74 18.98 -7.52
C ALA A 46 -8.59 18.14 -6.58
N GLY A 47 -8.08 17.99 -5.40
CA GLY A 47 -8.62 17.24 -4.29
C GLY A 47 -8.80 15.76 -4.47
N CYS A 48 -8.13 15.15 -5.41
CA CYS A 48 -8.12 13.71 -5.63
C CYS A 48 -6.78 13.12 -5.25
N GLN A 49 -6.74 11.97 -4.70
CA GLN A 49 -5.43 11.30 -4.47
C GLN A 49 -5.16 10.55 -5.77
N LEU A 50 -3.98 10.72 -6.33
CA LEU A 50 -3.65 10.11 -7.64
C LEU A 50 -3.29 8.65 -7.46
N GLU A 51 -3.77 7.80 -8.37
CA GLU A 51 -3.53 6.34 -8.25
C GLU A 51 -2.42 5.92 -9.18
N ASP A 52 -1.53 5.06 -8.79
CA ASP A 52 -0.35 4.62 -9.54
C ASP A 52 -0.48 4.20 -10.99
N GLY A 53 -1.50 3.45 -11.32
CA GLY A 53 -1.74 2.91 -12.67
C GLY A 53 -2.40 3.82 -13.65
N ARG A 54 -2.89 4.98 -13.21
CA ARG A 54 -3.49 5.96 -14.13
C ARG A 54 -2.37 6.83 -14.68
N THR A 55 -2.66 7.57 -15.72
CA THR A 55 -1.72 8.53 -16.36
C THR A 55 -2.16 9.94 -15.93
N LEU A 56 -1.27 10.90 -16.12
CA LEU A 56 -1.55 12.31 -15.83
C LEU A 56 -2.72 12.75 -16.70
N SER A 57 -2.80 12.25 -17.95
CA SER A 57 -3.93 12.69 -18.80
C SER A 57 -5.26 12.26 -18.24
N ASP A 58 -5.29 11.15 -17.53
CA ASP A 58 -6.56 10.64 -16.93
C ASP A 58 -7.20 11.71 -16.05
N TYR A 59 -6.37 12.41 -15.33
CA TYR A 59 -6.76 13.49 -14.42
C TYR A 59 -6.79 14.84 -15.09
N ASN A 60 -6.55 14.98 -16.38
CA ASN A 60 -6.58 16.32 -16.99
C ASN A 60 -5.58 17.25 -16.32
N ILE A 61 -4.36 16.77 -16.10
CA ILE A 61 -3.28 17.62 -15.54
C ILE A 61 -2.59 18.28 -16.73
N GLN A 62 -2.64 19.57 -16.85
CA GLN A 62 -2.07 20.32 -18.00
C GLN A 62 -0.74 20.97 -17.58
N LYS A 63 0.04 21.51 -18.58
CA LYS A 63 1.33 22.10 -18.24
C LYS A 63 1.17 23.16 -17.17
N GLU A 64 2.22 23.18 -16.36
CA GLU A 64 2.37 24.09 -15.26
C GLU A 64 1.44 23.96 -14.10
N SER A 65 0.81 22.79 -14.03
CA SER A 65 -0.07 22.42 -12.91
C SER A 65 0.84 22.18 -11.68
N THR A 66 0.25 22.25 -10.50
CA THR A 66 0.96 21.97 -9.25
C THR A 66 0.29 20.77 -8.56
N LEU A 67 1.06 19.74 -8.22
CA LEU A 67 0.49 18.62 -7.46
C LEU A 67 0.98 18.81 -6.00
N HIS A 68 0.26 18.31 -5.06
CA HIS A 68 0.72 18.43 -3.66
C HIS A 68 1.24 17.05 -3.26
N LEU A 69 2.38 17.02 -2.60
CA LEU A 69 2.96 15.77 -2.10
C LEU A 69 2.83 15.67 -0.60
N VAL A 70 2.10 14.73 -0.09
CA VAL A 70 2.03 14.52 1.38
C VAL A 70 2.81 13.21 1.60
N LEU A 71 3.60 13.15 2.65
CA LEU A 71 4.36 11.93 2.95
C LEU A 71 3.61 11.09 3.95
N ARG A 72 3.55 9.80 3.73
N ARG A 72 3.45 9.81 3.70
N ARG A 72 3.47 9.80 3.75
N ARG A 72 3.57 9.80 3.75
CA ARG A 72 2.82 8.89 4.65
CA ARG A 72 2.66 8.94 4.61
CA ARG A 72 2.70 8.98 4.72
CA ARG A 72 2.87 8.90 4.69
C ARG A 72 3.88 8.38 5.63
C ARG A 72 2.49 7.62 3.87
C ARG A 72 3.71 8.44 5.71
C ARG A 72 3.87 8.62 5.81
N LEU A 73 3.54 7.84 6.74
N LEU A 73 1.66 6.73 4.29
N LEU A 73 4.99 8.59 5.52
N LEU A 73 4.82 7.75 5.65
CA LEU A 73 4.59 7.35 7.68
CA LEU A 73 1.51 5.45 3.55
CA LEU A 73 5.97 8.05 6.49
CA LEU A 73 5.78 7.48 6.74
C LEU A 73 4.20 5.98 8.21
C LEU A 73 0.05 5.06 3.47
C LEU A 73 5.57 8.45 7.90
C LEU A 73 5.04 7.01 7.99
N ARG A 74 3.66 5.19 7.29
N ARG A 74 -0.17 3.84 3.00
N ARG A 74 5.43 7.43 8.73
N ARG A 74 5.82 6.75 9.01
CA ARG A 74 3.21 3.82 7.60
CA ARG A 74 -1.51 3.28 2.82
CA ARG A 74 5.04 7.60 10.13
CA ARG A 74 5.30 6.27 10.31
C ARG A 74 4.39 2.87 7.49
C ARG A 74 -1.47 1.78 3.09
C ARG A 74 5.66 6.47 10.95
C ARG A 74 4.79 4.84 10.12
N GLY A 75 4.13 1.62 7.80
N GLY A 75 -2.56 1.28 3.65
N GLY A 75 6.00 5.39 10.26
N GLY A 75 5.61 4.04 9.46
CA GLY A 75 5.13 0.56 7.77
CA GLY A 75 -2.70 -0.13 3.99
CA GLY A 75 6.59 4.21 10.86
CA GLY A 75 5.32 2.64 9.18
C GLY A 75 5.95 0.42 9.04
C GLY A 75 -3.34 -0.98 2.91
C GLY A 75 6.68 3.01 9.94
C GLY A 75 5.68 1.67 10.28
N GLY A 76 5.59 1.26 9.99
N GLY A 76 -3.83 -2.12 3.35
N GLY A 76 7.06 1.90 10.55
N GLY A 76 5.49 0.41 9.95
CA GLY A 76 6.21 1.32 11.33
CA GLY A 76 -4.52 -3.12 2.52
CA GLY A 76 7.21 0.59 9.90
CA GLY A 76 5.78 -0.74 10.84
C GLY A 76 7.68 1.75 11.16
C GLY A 76 -5.71 -3.68 3.30
C GLY A 76 5.87 -0.16 10.01
C GLY A 76 4.45 -1.45 11.16
N MET B 1 10.71 -4.77 8.27
N MET B 1 -11.47 -12.54 0.36
N MET B 1 -1.95 -6.67 9.34
N MET B 1 -2.91 -2.59 19.84
CA MET B 1 11.09 -3.36 8.06
CA MET B 1 -11.51 -11.07 0.48
CA MET B 1 -1.26 -5.61 8.59
CA MET B 1 -1.68 -2.08 19.21
C MET B 1 11.60 -3.25 6.60
C MET B 1 -12.90 -10.61 -0.03
C MET B 1 -2.13 -5.29 7.35
C MET B 1 -1.35 -0.72 19.87
N GLN B 2 11.39 -2.09 6.05
N GLN B 2 -13.35 -9.53 0.54
N GLN B 2 -2.04 -4.05 6.94
N GLN B 2 -0.08 -0.45 19.93
CA GLN B 2 11.87 -1.85 4.66
CA GLN B 2 -14.67 -8.97 0.10
CA GLN B 2 -2.82 -3.63 5.73
CA GLN B 2 0.36 0.86 20.52
C GLN B 2 13.27 -1.26 4.72
C GLN B 2 -14.42 -7.96 -1.01
C GLN B 2 -1.95 -3.83 4.50
C GLN B 2 0.44 1.90 19.41
N ILE B 3 14.12 -1.75 3.83
N ILE B 3 -15.28 -8.03 -2.02
N ILE B 3 -2.57 -4.35 3.45
N ILE B 3 -0.04 3.09 19.72
CA ILE B 3 15.48 -1.17 3.68
CA ILE B 3 -15.25 -7.02 -3.10
CA ILE B 3 -1.89 -4.45 2.14
CA ILE B 3 0.11 4.24 18.80
C ILE B 3 15.66 -0.93 2.15
C ILE B 3 -16.73 -6.55 -3.27
C ILE B 3 -2.88 -3.86 1.10
C ILE B 3 0.67 5.41 19.65
N PHE B 4 16.65 -0.11 1.86
N PHE B 4 -16.84 -5.42 -3.93
N PHE B 4 -2.31 -3.55 -0.04
N PHE B 4 1.19 6.38 18.95
CA PHE B 4 16.91 0.17 0.40
CA PHE B 4 -18.24 -4.88 -4.15
CA PHE B 4 -3.19 -2.98 -1.13
CA PHE B 4 1.75 7.56 19.70
C PHE B 4 18.27 -0.34 0.05
C PHE B 4 -18.53 -4.86 -5.62
C PHE B 4 -3.23 -3.93 -2.28
C PHE B 4 0.94 8.78 19.35
N VAL B 5 18.50 -0.94 -1.12
N VAL B 5 -19.73 -5.21 -6.09
N VAL B 5 -4.36 -4.15 -2.95
N VAL B 5 0.63 9.69 20.26
CA VAL B 5 19.82 -1.37 -1.51
CA VAL B 5 -20.05 -5.12 -7.49
CA VAL B 5 -4.40 -5.00 -4.13
CA VAL B 5 -0.07 10.91 19.94
C VAL B 5 20.14 -0.57 -2.80
C VAL B 5 -21.22 -4.11 -7.58
C VAL B 5 -4.87 -4.07 -5.28
C VAL B 5 0.90 12.06 20.32
N LYS B 6 21.11 0.28 -2.74
N LYS B 6 -20.99 -3.00 -8.19
N LYS B 6 -4.02 -3.84 -6.23
N LYS B 6 1.36 12.78 19.37
CA LYS B 6 21.45 1.13 -3.93
CA LYS B 6 -22.06 -1.95 -8.29
CA LYS B 6 -4.38 -2.92 -7.36
CA LYS B 6 2.34 13.89 19.66
C LYS B 6 22.57 0.44 -4.68
C LYS B 6 -22.77 -2.12 -9.60
C LYS B 6 -4.89 -3.77 -8.50
C LYS B 6 1.56 15.17 19.79
N THR B 7 22.39 0.23 -6.00
N THR B 7 -24.11 -2.21 -9.56
N THR B 7 -6.09 -3.43 -9.03
N THR B 7 1.77 15.90 20.91
CA THR B 7 23.43 -0.43 -6.79
CA THR B 7 -24.88 -2.39 -10.81
CA THR B 7 -6.66 -4.21 -10.14
CA THR B 7 1.05 17.17 21.12
C THR B 7 24.24 0.63 -7.55
C THR B 7 -25.46 -1.03 -11.25
C THR B 7 -6.39 -3.48 -11.45
C THR B 7 1.96 18.34 20.74
N LEU B 8 25.34 0.25 -8.16
N LEU B 8 -26.01 -0.95 -12.43
N LEU B 8 -6.66 -4.11 -12.58
N LEU B 8 1.43 19.54 20.68
CA LEU B 8 26.20 1.22 -8.88
CA LEU B 8 -26.55 0.34 -12.93
CA LEU B 8 -6.40 -3.48 -13.89
CA LEU B 8 2.24 20.71 20.28
C LEU B 8 25.57 1.69 -10.18
C LEU B 8 -27.83 0.74 -12.26
C LEU B 8 -7.39 -2.38 -14.23
C LEU B 8 3.20 21.15 21.37
N THR B 9 24.45 1.09 -10.60
N THR B 9 -28.41 -0.14 -11.42
N THR B 9 -8.43 -2.21 -13.40
N THR B 9 3.11 20.55 22.56
CA THR B 9 23.88 1.59 -11.89
CA THR B 9 -29.68 0.30 -10.77
CA THR B 9 -9.39 -1.11 -13.77
CA THR B 9 4.09 21.02 23.61
C THR B 9 22.72 2.52 -11.67
C THR B 9 -29.47 0.75 -9.36
C THR B 9 -9.16 0.12 -12.95
C THR B 9 5.24 20.07 23.77
N GLY B 10 22.54 3.00 -10.49
N GLY B 10 -28.26 0.99 -8.97
N GLY B 10 -8.06 0.22 -12.27
N GLY B 10 5.43 19.17 22.84
CA GLY B 10 21.47 3.91 -10.13
CA GLY B 10 -27.90 1.45 -7.65
CA GLY B 10 -7.72 1.35 -11.45
CA GLY B 10 6.49 18.20 22.87
C GLY B 10 20.11 3.29 -9.94
C GLY B 10 -27.90 0.39 -6.58
C GLY B 10 -8.40 1.43 -10.11
C GLY B 10 6.30 17.03 23.79
N LYS B 11 20.09 1.99 -9.79
N LYS B 11 -27.88 -0.85 -6.98
N LYS B 11 -8.96 0.31 -9.68
N LYS B 11 5.08 16.82 24.22
CA LYS B 11 18.86 1.26 -9.50
CA LYS B 11 -27.77 -1.97 -6.06
CA LYS B 11 -9.56 0.21 -8.36
CA LYS B 11 4.72 15.67 25.02
C LYS B 11 18.85 1.09 -7.95
C LYS B 11 -26.27 -2.33 -6.03
C LYS B 11 -8.47 -0.43 -7.46
C LYS B 11 4.16 14.62 24.03
N THR B 12 17.69 1.28 -7.35
N THR B 12 -25.74 -2.61 -4.86
N THR B 12 -8.33 0.07 -6.26
N THR B 12 4.54 13.37 24.22
CA THR B 12 17.63 1.04 -5.90
CA THR B 12 -24.34 -3.05 -4.81
CA THR B 12 -7.36 -0.56 -5.35
CA THR B 12 3.96 12.34 23.34
C THR B 12 16.58 -0.06 -5.70
C THR B 12 -24.34 -4.45 -4.20
C THR B 12 -8.16 -1.04 -4.14
C THR B 12 3.23 11.37 24.26
N ILE B 13 16.94 -1.07 -4.91
N ILE B 13 -23.63 -5.36 -4.84
N ILE B 13 -7.93 -2.30 -3.75
N ILE B 13 1.98 11.05 23.90
CA ILE B 13 15.91 -2.14 -4.73
CA ILE B 13 -23.65 -6.72 -4.22
CA ILE B 13 -8.71 -2.74 -2.56
CA ILE B 13 1.29 10.09 24.80
C ILE B 13 15.39 -2.06 -3.32
C ILE B 13 -22.29 -7.01 -3.64
C ILE B 13 -7.79 -2.89 -1.39
C ILE B 13 1.15 8.77 24.10
N THR B 14 14.10 -2.28 -3.13
N THR B 14 -22.23 -7.66 -2.49
N THR B 14 -8.23 -2.53 -0.21
N THR B 14 1.30 7.67 24.81
CA THR B 14 13.60 -2.25 -1.72
CA THR B 14 -20.87 -7.97 -1.95
CA THR B 14 -7.31 -2.72 0.96
CA THR B 14 1.11 6.37 24.11
C THR B 14 13.43 -3.68 -1.25
C THR B 14 -20.57 -9.42 -2.25
C THR B 14 -7.74 -3.96 1.70
C THR B 14 -0.26 5.84 24.45
N LEU B 15 13.79 -3.97 -0.01
N LEU B 15 -19.35 -9.74 -2.64
N LEU B 15 -6.81 -4.77 2.16
N LEU B 15 -0.96 5.26 23.50
CA LEU B 15 13.68 -5.31 0.53
CA LEU B 15 -18.96 -11.10 -2.96
CA LEU B 15 -7.14 -5.99 2.87
CA LEU B 15 -2.29 4.74 23.73
C LEU B 15 12.88 -5.26 1.83
C LEU B 15 -17.74 -11.47 -2.12
C LEU B 15 -6.39 -5.98 4.21
C LEU B 15 -2.33 3.28 23.26
N GLU B 16 12.24 -6.35 2.15
N GLU B 16 -17.58 -12.74 -1.88
N GLU B 16 -6.94 -6.70 5.17
N GLU B 16 -3.22 2.52 23.86
CA GLU B 16 11.55 -6.39 3.48
CA GLU B 16 -16.32 -13.18 -1.20
CA GLU B 16 -6.19 -6.83 6.45
CA GLU B 16 -3.39 1.12 23.34
C GLU B 16 12.36 -7.39 4.27
C GLU B 16 -15.58 -13.94 -2.25
C GLU B 16 -5.80 -8.30 6.48
C GLU B 16 -4.77 1.13 22.71
N VAL B 17 12.88 -6.88 5.37
N VAL B 17 -14.38 -13.44 -2.52
N VAL B 17 -4.49 -8.48 6.54
N VAL B 17 -4.75 0.82 21.43
CA VAL B 17 13.74 -7.66 6.26
CA VAL B 17 -13.51 -14.00 -3.54
CA VAL B 17 -3.89 -9.81 6.54
CA VAL B 17 -5.96 0.81 20.62
C VAL B 17 13.41 -7.39 7.73
C VAL B 17 -12.04 -14.03 -3.08
C VAL B 17 -2.72 -9.90 7.53
C VAL B 17 -5.99 -0.39 19.67
N GLU B 18 14.03 -8.22 8.54
N GLU B 18 -11.28 -14.70 -3.90
N GLU B 18 -2.30 -11.14 7.69
N GLU B 18 -7.16 -0.53 19.07
CA GLU B 18 13.98 -8.11 10.01
CA GLU B 18 -9.82 -14.80 -3.76
CA GLU B 18 -1.13 -11.50 8.49
CA GLU B 18 -7.42 -1.52 18.03
C GLU B 18 15.43 -7.93 10.46
C GLU B 18 -9.24 -14.22 -5.03
C GLU B 18 -0.16 -12.18 7.55
C GLU B 18 -7.82 -0.74 16.79
N PRO B 19 15.63 -7.14 11.50
N PRO B 19 -8.10 -13.55 -4.92
N PRO B 19 1.12 -11.97 7.75
N PRO B 19 -7.44 -1.23 15.62
CA PRO B 19 16.96 -6.93 12.07
CA PRO B 19 -7.41 -12.97 -6.06
CA PRO B 19 2.17 -12.60 6.94
CA PRO B 19 -7.80 -0.61 14.35
C PRO B 19 17.63 -8.23 12.45
C PRO B 19 -7.10 -14.01 -7.11
C PRO B 19 2.04 -14.10 6.93
C PRO B 19 -9.30 -0.44 14.21
N SER B 20 16.84 -9.26 12.71
N SER B 20 -7.02 -15.27 -6.71
N SER B 20 1.41 -14.65 7.95
N SER B 20 -10.07 -1.26 14.91
CA SER B 20 17.40 -10.54 13.14
CA SER B 20 -6.68 -16.34 -7.67
CA SER B 20 1.30 -16.12 8.05
CA SER B 20 -11.53 -1.21 14.80
C SER B 20 17.94 -11.32 11.95
C SER B 20 -7.89 -16.75 -8.48
C SER B 20 0.18 -16.63 7.16
C SER B 20 -12.09 -0.08 15.61
N ASP B 21 17.67 -10.82 10.74
N ASP B 21 -9.07 -16.22 -8.11
N ASP B 21 -0.61 -15.70 6.60
N ASP B 21 -11.24 0.57 16.42
CA ASP B 21 18.17 -11.60 9.57
CA ASP B 21 -10.27 -16.62 -8.89
CA ASP B 21 -1.73 -16.19 5.75
CA ASP B 21 -11.79 1.67 17.26
C ASP B 21 19.67 -11.47 9.48
C ASP B 21 -10.22 -16.00 -10.27
C ASP B 21 -1.18 -16.77 4.46
C ASP B 21 -12.13 2.85 16.39
N THR B 22 20.30 -12.52 8.97
N THR B 22 -10.77 -16.71 -11.24
N THR B 22 -1.87 -17.75 3.94
N THR B 22 -13.14 3.59 16.78
CA THR B 22 21.73 -12.52 8.74
CA THR B 22 -10.88 -16.20 -12.59
CA THR B 22 -1.53 -18.35 2.67
CA THR B 22 -13.53 4.81 16.11
C THR B 22 21.99 -11.85 7.37
C THR B 22 -12.15 -15.33 -12.67
C THR B 22 -2.14 -17.49 1.54
C THR B 22 -12.64 5.96 16.64
N ILE B 23 23.25 -11.42 7.22
N ILE B 23 -12.14 -14.49 -13.72
N ILE B 23 -1.56 -17.68 0.36
N ILE B 23 -12.60 7.02 15.82
CA ILE B 23 23.71 -10.84 5.97
CA ILE B 23 -13.28 -13.64 -14.02
CA ILE B 23 -2.07 -17.03 -0.85
CA ILE B 23 -11.89 8.23 16.20
C ILE B 23 23.59 -11.88 4.84
C ILE B 23 -14.51 -14.50 -14.31
C ILE B 23 -3.52 -17.44 -1.12
C ILE B 23 -12.50 8.84 17.47
N GLU B 24 23.87 -13.12 5.15
N GLU B 24 -14.31 -15.61 -14.97
N GLU B 24 -3.82 -18.70 -0.86
N GLU B 24 -13.80 8.75 17.58
CA GLU B 24 23.73 -14.21 4.14
CA GLU B 24 -15.44 -16.55 -15.25
CA GLU B 24 -5.22 -19.19 -1.04
CA GLU B 24 -14.50 9.25 18.82
C GLU B 24 22.31 -14.25 3.60
C GLU B 24 -16.10 -16.99 -13.96
C GLU B 24 -6.17 -18.40 -0.19
C GLU B 24 -13.96 8.55 20.04
N ASN B 25 21.34 -14.08 4.48
N ASN B 25 -15.29 -17.27 -12.95
N ASN B 25 -5.76 -18.07 1.04
N ASN B 25 -13.72 7.26 19.93
CA ASN B 25 19.91 -14.09 4.15
CA ASN B 25 -15.74 -17.71 -11.62
CA ASN B 25 -6.56 -17.31 2.00
CA ASN B 25 -13.20 6.41 21.02
C ASN B 25 19.54 -12.93 3.23
C ASN B 25 -16.56 -16.63 -10.92
C ASN B 25 -6.80 -15.87 1.52
C ASN B 25 -11.78 6.81 21.42
N VAL B 26 20.06 -11.76 3.60
N VAL B 26 -16.04 -15.41 -11.00
N VAL B 26 -5.73 -15.29 1.01
N VAL B 26 -10.98 7.03 20.39
CA VAL B 26 19.81 -10.57 2.81
CA VAL B 26 -16.72 -14.27 -10.40
CA VAL B 26 -5.81 -13.93 0.48
CA VAL B 26 -9.60 7.45 20.60
C VAL B 26 20.31 -10.79 1.38
C VAL B 26 -18.12 -14.14 -11.01
C VAL B 26 -6.84 -13.89 -0.63
C VAL B 26 -9.59 8.76 21.40
N LYS B 27 21.52 -11.34 1.26
N LYS B 27 -18.18 -14.23 -12.33
N LYS B 27 -6.77 -14.87 -1.54
N LYS B 27 -10.43 9.69 20.98
CA LYS B 27 22.10 -11.60 -0.05
CA LYS B 27 -19.47 -14.11 -13.03
CA LYS B 27 -7.70 -14.93 -2.66
CA LYS B 27 -10.51 11.00 21.67
C LYS B 27 21.24 -12.57 -0.85
C LYS B 27 -20.42 -15.21 -12.58
C LYS B 27 -9.14 -15.07 -2.16
C LYS B 27 -10.92 10.82 23.11
N ALA B 28 20.67 -13.56 -0.19
N ALA B 28 -19.92 -16.41 -12.35
N ALA B 28 -9.35 -15.82 -1.10
N ALA B 28 -11.82 9.89 23.40
CA ALA B 28 19.76 -14.51 -0.85
CA ALA B 28 -20.75 -17.51 -11.85
CA ALA B 28 -10.68 -15.96 -0.51
CA ALA B 28 -12.23 9.60 24.77
C ALA B 28 18.49 -13.82 -1.32
C ALA B 28 -21.25 -17.24 -10.45
C ALA B 28 -11.17 -14.66 0.09
C ALA B 28 -11.09 9.01 25.58
N LYS B 29 17.95 -12.89 -0.56
N LYS B 29 -20.45 -16.63 -9.59
N LYS B 29 -10.29 -13.88 0.71
N LYS B 29 -10.27 8.16 24.98
CA LYS B 29 16.77 -12.12 -0.99
CA LYS B 29 -20.89 -16.25 -8.23
CA LYS B 29 -10.67 -12.55 1.24
CA LYS B 29 -9.09 7.61 25.69
C LYS B 29 17.08 -11.27 -2.23
C LYS B 29 -22.01 -15.20 -8.30
C LYS B 29 -11.08 -11.60 0.10
C LYS B 29 -8.08 8.72 26.02
N ILE B 30 18.30 -10.73 -2.26
N ILE B 30 -21.89 -14.28 -9.26
N ILE B 30 -10.36 -11.72 -1.03
N ILE B 30 -7.96 9.68 25.10
CA ILE B 30 18.69 -9.90 -3.40
CA ILE B 30 -22.91 -13.23 -9.41
CA ILE B 30 -10.67 -10.85 -2.18
CA ILE B 30 -7.02 10.80 25.35
C ILE B 30 18.86 -10.85 -4.61
C ILE B 30 -24.17 -13.92 -9.93
C ILE B 30 -12.04 -11.31 -2.73
C ILE B 30 -7.63 11.66 26.47
N GLN B 31 19.39 -12.02 -4.41
N GLN B 31 -24.06 -14.86 -10.83
N GLN B 31 -12.29 -12.60 -2.77
N GLN B 31 -8.92 11.85 26.48
CA GLN B 31 19.53 -12.96 -5.57
CA GLN B 31 -25.30 -15.54 -11.33
CA GLN B 31 -13.62 -13.05 -3.29
CA GLN B 31 -9.51 12.67 27.59
C GLN B 31 18.14 -13.29 -6.12
C GLN B 31 -25.98 -16.25 -10.15
C GLN B 31 -14.72 -12.50 -2.38
C GLN B 31 -9.24 11.96 28.92
N ASP B 32 17.29 -13.66 -5.18
N ASP B 32 -25.17 -16.99 -9.43
N ASP B 32 -14.51 -12.70 -1.10
N ASP B 32 -9.55 10.69 28.93
CA ASP B 32 15.89 -13.99 -5.53
CA ASP B 32 -25.67 -17.73 -8.25
CA ASP B 32 -15.47 -12.21 -0.09
CA ASP B 32 -9.34 9.86 30.13
C ASP B 32 15.23 -12.89 -6.33
C ASP B 32 -26.40 -16.81 -7.29
C ASP B 32 -15.76 -10.74 -0.27
C ASP B 32 -7.92 9.97 30.64
N LYS B 33 15.45 -11.63 -5.94
N LYS B 33 -25.86 -15.60 -7.05
N LYS B 33 -14.72 -9.92 -0.53
N LYS B 33 -6.94 9.95 29.72
CA LYS B 33 14.71 -10.56 -6.66
CA LYS B 33 -26.54 -14.77 -6.03
CA LYS B 33 -15.01 -8.46 -0.59
CA LYS B 33 -5.54 9.95 30.25
C LYS B 33 15.40 -9.93 -7.82
C LYS B 33 -27.56 -13.80 -6.52
C LYS B 33 -15.32 -7.90 -1.93
C LYS B 33 -4.87 11.28 30.39
N GLU B 34 16.69 -9.90 -7.94
N GLU B 34 -27.57 -13.32 -7.73
N GLU B 34 -14.92 -8.44 -3.06
N GLU B 34 -5.21 12.33 29.70
CA GLU B 34 17.41 -9.30 -9.04
CA GLU B 34 -28.53 -12.39 -8.26
CA GLU B 34 -15.19 -7.93 -4.37
CA GLU B 34 -4.60 13.63 29.81
C GLU B 34 18.35 -10.25 -9.74
C GLU B 34 -29.25 -12.88 -9.48
C GLU B 34 -15.88 -8.92 -5.28
C GLU B 34 -5.57 14.74 30.12
N GLY B 35 18.51 -11.45 -9.22
N GLY B 35 -28.85 -14.01 -10.02
N GLY B 35 -16.04 -10.16 -4.84
N GLY B 35 -6.86 14.43 30.14
CA GLY B 35 19.32 -12.46 -9.85
CA GLY B 35 -29.50 -14.61 -11.15
CA GLY B 35 -16.74 -11.17 -5.58
CA GLY B 35 -7.88 15.39 30.50
C GLY B 35 20.79 -12.42 -9.65
C GLY B 35 -29.17 -14.12 -12.51
C GLY B 35 -16.03 -11.89 -6.66
C GLY B 35 -8.35 16.35 29.48
N ILE B 36 21.29 -11.50 -8.81
N ILE B 36 -28.21 -13.19 -12.63
N ILE B 36 -14.72 -11.63 -6.83
N ILE B 36 -7.87 16.22 28.23
CA ILE B 36 22.75 -11.44 -8.61
CA ILE B 36 -27.88 -12.68 -13.97
CA ILE B 36 -13.99 -12.34 -7.89
CA ILE B 36 -8.33 17.17 27.20
C ILE B 36 23.19 -12.51 -7.62
C ILE B 36 -26.97 -13.65 -14.71
C ILE B 36 -13.62 -13.74 -7.45
C ILE B 36 -9.70 16.78 26.68
N PRO B 37 24.15 -13.34 -8.03
N PRO B 37 -27.38 -14.07 -15.90
N PRO B 37 -14.02 -14.74 -8.24
N PRO B 37 -10.66 17.71 26.74
CA PRO B 37 24.71 -14.41 -7.19
CA PRO B 37 -26.60 -14.98 -16.75
CA PRO B 37 -13.70 -16.16 -7.96
CA PRO B 37 -12.02 17.50 26.23
C PRO B 37 25.29 -13.83 -5.91
C PRO B 37 -25.23 -14.41 -17.04
C PRO B 37 -12.20 -16.37 -7.87
C PRO B 37 -12.00 17.12 24.77
N PRO B 38 25.04 -14.44 -4.77
N PRO B 38 -24.19 -15.21 -16.98
N PRO B 38 -11.73 -17.12 -6.90
N PRO B 38 -12.79 16.15 24.36
CA PRO B 38 25.58 -13.91 -3.51
CA PRO B 38 -22.83 -14.70 -17.23
CA PRO B 38 -10.28 -17.35 -6.77
CA PRO B 38 -12.79 15.73 22.95
C PRO B 38 27.07 -13.75 -3.50
C PRO B 38 -22.68 -14.05 -18.58
C PRO B 38 -9.64 -17.92 -8.00
C PRO B 38 -13.11 16.84 21.99
N ASP B 39 27.79 -14.59 -4.20
N ASP B 39 -23.40 -14.52 -19.57
N ASP B 39 -10.35 -18.72 -8.75
N ASP B 39 -13.92 17.80 22.40
CA ASP B 39 29.27 -14.52 -4.20
CA ASP B 39 -23.26 -13.96 -20.95
CA ASP B 39 -9.76 -19.37 -9.96
CA ASP B 39 -14.32 18.91 21.49
C ASP B 39 29.79 -13.27 -4.90
C ASP B 39 -23.78 -12.53 -21.05
C ASP B 39 -9.47 -18.36 -11.06
C ASP B 39 -13.16 19.84 21.17
N GLN B 40 28.94 -12.61 -5.65
N GLN B 40 -24.55 -12.11 -20.05
N GLN B 40 -10.03 -17.18 -10.96
N GLN B 40 -12.10 19.74 21.94
CA GLN B 40 29.38 -11.38 -6.34
CA GLN B 40 -25.06 -10.71 -20.07
CA GLN B 40 -9.76 -16.13 -11.97
CA GLN B 40 -10.92 20.60 21.67
C GLN B 40 28.99 -10.11 -5.54
C GLN B 40 -24.17 -9.76 -19.25
C GLN B 40 -8.63 -15.18 -11.55
C GLN B 40 -9.86 19.86 20.83
N GLN B 41 28.18 -10.25 -4.52
N GLN B 41 -23.23 -10.29 -18.50
N GLN B 41 -8.21 -15.25 -10.31
N GLN B 41 -10.00 18.57 20.64
CA GLN B 41 27.72 -9.15 -3.72
CA GLN B 41 -22.36 -9.51 -17.64
CA GLN B 41 -7.19 -14.38 -9.76
CA GLN B 41 -9.06 17.76 19.92
C GLN B 41 28.64 -8.71 -2.60
C GLN B 41 -21.13 -8.93 -18.31
C GLN B 41 -5.76 -14.82 -9.99
C GLN B 41 -9.23 17.74 18.42
N ARG B 42 28.89 -7.40 -2.57
N ARG B 42 -20.95 -7.63 -18.11
N ARG B 42 -4.97 -13.87 -10.50
N ARG B 42 -8.12 17.98 17.73
CA ARG B 42 29.63 -6.77 -1.44
CA ARG B 42 -19.70 -6.95 -18.54
CA ARG B 42 -3.50 -14.07 -10.63
CA ARG B 42 -8.08 17.82 16.24
C ARG B 42 28.69 -5.74 -0.87
C ARG B 42 -19.10 -6.36 -17.28
C ARG B 42 -2.87 -12.96 -9.82
C ARG B 42 -6.99 16.80 15.99
N LEU B 43 28.24 -5.89 0.38
N LEU B 43 -17.93 -6.80 -16.84
N LEU B 43 -2.15 -13.27 -8.73
N LEU B 43 -7.30 15.63 15.44
CA LEU B 43 27.27 -4.92 0.95
CA LEU B 43 -17.34 -6.29 -15.58
CA LEU B 43 -1.57 -12.21 -7.88
CA LEU B 43 -6.27 14.59 15.23
C LEU B 43 27.97 -3.98 1.91
C LEU B 43 -16.23 -5.30 -15.88
C LEU B 43 -0.08 -12.07 -8.15
C LEU B 43 -5.87 14.53 13.75
N ILE B 44 27.74 -2.68 1.73
N ILE B 44 -16.30 -4.14 -15.23
N ILE B 44 0.36 -10.83 -8.38
N ILE B 44 -4.57 14.56 13.51
CA ILE B 44 28.37 -1.63 2.52
CA ILE B 44 -15.35 -3.05 -15.43
CA ILE B 44 1.75 -10.54 -8.71
CA ILE B 44 -4.02 14.56 12.16
C ILE B 44 27.35 -0.76 3.24
C ILE B 44 -14.64 -2.65 -14.15
C ILE B 44 2.37 -9.56 -7.71
C ILE B 44 -3.09 13.39 11.91
N PHE B 45 27.60 -0.55 4.56
N PHE B 45 -13.29 -2.54 -14.25
N PHE B 45 3.60 -9.94 -7.24
N PHE B 45 -3.32 12.71 10.76
CA PHE B 45 26.74 0.31 5.38
CA PHE B 45 -12.46 -2.13 -13.11
CA PHE B 45 4.36 -9.10 -6.31
CA PHE B 45 -2.47 11.58 10.34
C PHE B 45 27.69 1.01 6.36
C PHE B 45 -11.33 -1.28 -13.73
C PHE B 45 5.84 -9.29 -6.71
C PHE B 45 -2.39 11.68 8.81
N ALA B 46 27.51 2.32 6.38
N ALA B 46 -11.19 -0.13 -13.12
N ALA B 46 6.45 -8.15 -6.88
N ALA B 46 -1.15 11.61 8.38
CA ALA B 46 28.26 3.22 7.29
CA ALA B 46 -10.14 0.85 -13.47
CA ALA B 46 7.89 -8.05 -7.20
CA ALA B 46 -0.80 11.62 6.94
C ALA B 46 29.75 2.92 7.24
C ALA B 46 -10.09 1.07 -14.98
C ALA B 46 8.25 -8.98 -8.34
C ALA B 46 -1.52 12.74 6.22
N GLY B 47 30.23 2.77 6.04
N GLY B 47 -11.25 1.24 -15.53
N GLY B 47 7.43 -8.93 -9.35
N GLY B 47 -1.50 13.89 6.83
CA GLY B 47 31.58 2.47 5.64
CA GLY B 47 -11.55 1.46 -16.92
CA GLY B 47 7.46 -9.69 -10.57
CA GLY B 47 -2.08 15.12 6.43
C GLY B 47 32.17 1.17 6.12
C GLY B 47 -11.19 0.37 -17.89
C GLY B 47 7.37 -11.19 -10.47
C GLY B 47 -3.57 15.17 6.28
N LYS B 48 31.34 0.21 6.45
N LYS B 48 -11.01 -0.84 -17.43
N LYS B 48 6.84 -11.70 -9.39
N LYS B 48 -4.28 14.28 6.91
CA LYS B 48 31.81 -1.12 6.88
CA LYS B 48 -10.69 -1.98 -18.30
CA LYS B 48 6.64 -13.14 -9.21
CA LYS B 48 -5.76 14.26 6.88
C LYS B 48 31.32 -2.13 5.81
C LYS B 48 -11.89 -2.95 -18.23
C LYS B 48 5.13 -13.39 -9.15
C LYS B 48 -6.25 14.54 8.31
N GLN B 49 32.11 -3.12 5.50
N GLN B 49 -12.23 -3.57 -19.32
N GLN B 49 4.67 -14.49 -9.71
N GLN B 49 -7.32 15.27 8.45
CA GLN B 49 31.65 -4.19 4.58
CA GLN B 49 -13.29 -4.62 -19.29
CA GLN B 49 3.23 -14.84 -9.58
CA GLN B 49 -7.91 15.48 9.80
C GLN B 49 30.93 -5.17 5.50
C GLN B 49 -12.55 -5.89 -18.90
C GLN B 49 3.17 -15.60 -8.26
C GLN B 49 -8.82 14.27 9.99
N LEU B 50 29.72 -5.56 5.15
N LEU B 50 -13.04 -6.61 -17.91
N LEU B 50 2.24 -15.26 -7.39
N LEU B 50 -8.72 13.58 11.09
CA LEU B 50 28.90 -6.45 6.00
CA LEU B 50 -12.35 -7.81 -17.40
CA LEU B 50 2.15 -15.86 -6.05
CA LEU B 50 -9.49 12.35 11.34
C LEU B 50 29.35 -7.88 5.86
C LEU B 50 -12.61 -8.99 -18.32
C LEU B 50 1.46 -17.21 -6.15
C LEU B 50 -10.91 12.69 11.75
N GLU B 51 29.42 -8.62 6.96
N GLU B 51 -11.58 -9.80 -18.59
N GLU B 51 1.96 -18.21 -5.42
N GLU B 51 -11.89 11.96 11.23
CA GLU B 51 29.91 -10.02 6.90
CA GLU B 51 -11.74 -10.94 -19.52
CA GLU B 51 1.37 -19.56 -5.49
CA GLU B 51 -13.30 12.26 11.55
C GLU B 51 28.73 -10.96 6.96
C GLU B 51 -11.88 -12.21 -18.74
C GLU B 51 0.50 -19.81 -4.29
C GLU B 51 -13.82 11.30 12.58
N ASP B 52 28.73 -12.04 6.22
N ASP B 52 -12.73 -13.13 -19.12
N ASP B 52 -0.64 -20.44 -4.44
N ASP B 52 -14.60 11.73 13.54
CA ASP B 52 27.64 -13.00 6.10
CA ASP B 52 -13.05 -14.37 -18.43
CA ASP B 52 -1.63 -20.68 -3.39
CA ASP B 52 -15.11 10.93 14.64
C ASP B 52 26.97 -13.57 7.33
C ASP B 52 -11.93 -15.28 -17.93
C ASP B 52 -1.22 -21.23 -2.04
C ASP B 52 -15.74 9.57 14.40
N GLY B 53 27.73 -13.91 8.35
N GLY B 53 -10.90 -15.48 -18.72
N GLY B 53 -0.33 -22.20 -2.02
N GLY B 53 -16.56 9.45 13.39
CA GLY B 53 27.24 -14.53 9.60
CA GLY B 53 -9.77 -16.37 -18.41
CA GLY B 53 0.14 -22.87 -0.79
CA GLY B 53 -17.29 8.21 13.05
C GLY B 53 26.70 -13.59 10.62
C GLY B 53 -8.70 -15.80 -17.55
C GLY B 53 1.22 -22.18 -0.03
C GLY B 53 -16.54 7.19 12.27
N ARG B 54 26.86 -12.29 10.45
N ARG B 54 -8.72 -14.50 -17.26
N ARG B 54 1.82 -21.13 -0.57
N ARG B 54 -15.35 7.50 11.78
CA ARG B 54 26.29 -11.29 11.39
CA ARG B 54 -7.74 -13.88 -16.35
CA ARG B 54 2.85 -20.35 0.16
CA ARG B 54 -14.52 6.52 11.06
C ARG B 54 24.86 -11.02 10.97
C ARG B 54 -8.25 -14.05 -14.93
C ARG B 54 2.13 -19.31 1.01
C ARG B 54 -13.71 5.74 12.09
N THR B 55 24.10 -10.39 11.84
N THR B 55 -7.39 -13.82 -13.96
N THR B 55 2.85 -18.73 1.95
N THR B 55 -13.13 4.65 11.68
CA THR B 55 22.70 -9.99 11.58
CA THR B 55 -7.72 -13.88 -12.52
CA THR B 55 2.34 -17.65 2.82
CA THR B 55 -12.26 3.80 12.52
C THR B 55 22.71 -8.46 11.34
C THR B 55 -7.80 -12.41 -12.02
C THR B 55 2.94 -16.33 2.30
C THR B 55 -10.81 4.06 12.08
N LEU B 56 21.63 -7.97 10.79
N LEU B 56 -8.39 -12.24 -10.86
N LEU B 56 2.37 -15.23 2.76
N LEU B 56 -9.87 3.65 12.91
CA LEU B 56 21.46 -6.52 10.54
CA LEU B 56 -8.50 -10.92 -10.22
CA LEU B 56 2.87 -13.88 2.41
CA LEU B 56 -8.43 3.78 12.60
C LEU B 56 21.50 -5.80 11.89
C LEU B 56 -7.08 -10.39 -9.96
C LEU B 56 4.29 -13.76 2.93
C LEU B 56 -8.14 2.96 11.34
N SER B 57 20.95 -6.43 12.95
N SER B 57 -6.15 -11.30 -9.61
N SER B 57 4.58 -14.35 4.11
N SER B 57 -8.82 1.81 11.18
CA SER B 57 20.99 -5.72 14.26
CA SER B 57 -4.78 -10.79 -9.35
CA SER B 57 5.97 -14.22 4.62
CA SER B 57 -8.53 1.01 9.96
C SER B 57 22.41 -5.52 14.75
C SER B 57 -4.14 -10.19 -10.59
C SER B 57 6.98 -14.86 3.70
C SER B 57 -8.91 1.75 8.70
N ASP B 58 23.31 -6.41 14.39
N ASP B 58 -4.51 -10.69 -11.75
N ASP B 58 6.58 -15.91 3.00
N ASP B 58 -9.91 2.60 8.77
CA ASP B 58 24.73 -6.30 14.82
CA ASP B 58 -3.97 -10.16 -13.03
CA ASP B 58 7.49 -16.62 2.06
CA ASP B 58 -10.36 3.39 7.58
C ASP B 58 25.31 -4.94 14.40
C ASP B 58 -4.18 -8.64 -13.13
C ASP B 58 8.09 -15.66 1.05
C ASP B 58 -9.19 4.18 6.99
N TYR B 59 24.94 -4.51 13.23
N TYR B 59 -5.33 -8.22 -12.70
N TYR B 59 7.27 -14.74 0.60
N TYR B 59 -8.38 4.71 7.85
CA TYR B 59 25.36 -3.24 12.66
CA TYR B 59 -5.73 -6.82 -12.69
CA TYR B 59 7.63 -13.71 -0.37
CA TYR B 59 -7.20 5.48 7.50
C TYR B 59 24.42 -2.10 12.98
C TYR B 59 -5.37 -6.11 -11.40
C TYR B 59 8.12 -12.44 0.28
C TYR B 59 -5.95 4.64 7.37
N ASN B 60 23.39 -2.26 13.79
N ASN B 60 -4.68 -6.70 -10.46
N ASN B 60 8.28 -12.35 1.59
N ASN B 60 -5.98 3.33 7.48
CA ASN B 60 22.50 -1.12 14.08
CA ASN B 60 -4.35 -5.96 -9.22
CA ASN B 60 8.77 -11.09 2.18
CA ASN B 60 -4.74 2.55 7.35
C ASN B 60 21.90 -0.55 12.80
C ASN B 60 -5.61 -5.47 -8.52
C ASN B 60 7.85 -9.93 1.83
C ASN B 60 -3.70 2.98 8.38
N ILE B 61 21.41 -1.42 11.93
N ILE B 61 -6.60 -6.33 -8.40
N ILE B 61 6.55 -10.14 1.96
N ILE B 61 -4.12 3.15 9.61
CA ILE B 61 20.72 -0.97 10.69
CA ILE B 61 -7.84 -5.99 -7.65
CA ILE B 61 5.57 -9.04 1.72
CA ILE B 61 -3.17 3.48 10.71
C ILE B 61 19.24 -0.83 11.05
C ILE B 61 -7.59 -6.38 -6.20
C ILE B 61 5.38 -8.34 3.07
C ILE B 61 -2.68 2.15 11.27
N GLN B 62 18.70 0.35 10.99
N GLN B 62 -7.58 -5.45 -5.29
N GLN B 62 5.74 -7.09 3.18
N GLN B 62 -1.41 1.87 11.16
CA GLN B 62 17.29 0.64 11.40
CA GLN B 62 -7.27 -5.71 -3.85
CA GLN B 62 5.68 -6.33 4.46
CA GLN B 62 -0.82 0.57 11.60
C GLN B 62 16.43 0.78 10.14
C GLN B 62 -8.57 -5.69 -3.04
C GLN B 62 4.47 -5.39 4.44
C GLN B 62 -0.09 0.77 12.93
N LYS B 63 15.10 0.82 10.30
N LYS B 63 -8.51 -6.11 -1.78
N LYS B 63 4.13 -4.79 5.57
N LYS B 63 0.32 -0.33 13.58
CA LYS B 63 14.18 0.90 9.19
CA LYS B 63 -9.69 -6.21 -0.93
CA LYS B 63 2.96 -3.93 5.68
CA LYS B 63 0.96 -0.26 14.87
C LYS B 63 14.54 2.10 8.32
C LYS B 63 -10.40 -4.86 -0.91
C LYS B 63 3.04 -2.83 4.64
C LYS B 63 2.18 0.66 14.79
N GLU B 64 14.37 1.85 7.01
N GLU B 64 -11.73 -4.98 -0.89
N GLU B 64 1.84 -2.53 4.11
N GLU B 64 2.35 1.38 15.91
CA GLU B 64 14.61 2.80 5.95
CA GLU B 64 -12.66 -3.89 -0.84
CA GLU B 64 1.59 -1.53 3.11
CA GLU B 64 3.40 2.33 16.13
C GLU B 64 16.03 3.22 5.70
C GLU B 64 -12.75 -2.99 -2.05
C GLU B 64 2.14 -1.77 1.73
C GLU B 64 3.42 3.57 15.30
N SER B 65 16.95 2.40 6.19
N SER B 65 -12.26 -3.51 -3.16
N SER B 65 2.44 -3.04 1.47
N SER B 65 2.26 3.88 14.72
CA SER B 65 18.39 2.57 5.97
CA SER B 65 -12.35 -2.85 -4.47
CA SER B 65 2.89 -3.50 0.15
CA SER B 65 2.03 5.11 13.97
C SER B 65 18.67 2.21 4.49
C SER B 65 -13.83 -2.91 -4.92
C SER B 65 1.66 -3.45 -0.79
C SER B 65 2.00 6.27 14.98
N THR B 66 19.77 2.67 3.97
N THR B 66 -14.21 -2.05 -5.83
N THR B 66 1.91 -3.43 -2.07
N THR B 66 2.20 7.48 14.51
CA THR B 66 20.20 2.33 2.61
CA THR B 66 -15.55 -2.05 -6.41
CA THR B 66 0.84 -3.47 -3.08
CA THR B 66 2.12 8.68 15.34
C THR B 66 21.55 1.62 2.69
C THR B 66 -15.43 -2.28 -7.92
C THR B 66 1.03 -4.71 -3.94
C THR B 66 1.03 9.58 14.78
N LEU B 67 21.67 0.43 2.08
N LEU B 67 -16.15 -3.27 -8.45
N LEU B 67 -0.01 -5.55 -4.08
N LEU B 67 0.07 10.00 15.61
CA LEU B 67 22.96 -0.25 2.02
CA LEU B 67 -16.16 -3.49 -9.90
CA LEU B 67 0.08 -6.70 -4.98
CA LEU B 67 -0.95 10.95 15.15
C LEU B 67 23.49 -0.04 0.59
C LEU B 67 -17.52 -2.93 -10.39
C LEU B 67 -0.73 -6.31 -6.24
C LEU B 67 -0.54 12.31 15.76
N HIS B 68 24.76 -0.09 0.41
N HIS B 68 -17.60 -2.53 -11.61
N HIS B 68 -0.42 -6.88 -7.35
N HIS B 68 -0.93 13.38 15.16
CA HIS B 68 25.30 0.08 -0.96
CA HIS B 68 -18.90 -2.03 -12.12
CA HIS B 68 -1.20 -6.56 -8.57
CA HIS B 68 -0.60 14.71 15.73
C HIS B 68 25.73 -1.33 -1.41
C HIS B 68 -19.44 -3.14 -13.04
C HIS B 68 -2.10 -7.77 -8.82
C HIS B 68 -1.89 15.24 16.34
N LEU B 69 25.41 -1.69 -2.63
N LEU B 69 -20.72 -3.43 -12.90
N LEU B 69 -3.35 -7.52 -9.14
N LEU B 69 -1.81 15.79 17.53
CA LEU B 69 25.83 -2.96 -3.20
CA LEU B 69 -21.37 -4.41 -13.76
CA LEU B 69 -4.30 -8.59 -9.47
CA LEU B 69 -2.95 16.41 18.19
C LEU B 69 26.90 -2.78 -4.23
C LEU B 69 -22.29 -3.75 -14.75
C LEU B 69 -4.61 -8.60 -10.95
C LEU B 69 -2.85 17.90 18.21
N VAL B 70 28.08 -3.27 -4.02
N VAL B 70 -22.03 -3.85 -16.01
N VAL B 70 -4.26 -9.63 -11.65
N VAL B 70 -3.72 18.60 17.56
CA VAL B 70 29.15 -3.21 -5.06
CA VAL B 70 -22.96 -3.31 -17.05
CA VAL B 70 -4.63 -9.74 -13.09
CA VAL B 70 -3.72 20.09 17.63
C VAL B 70 29.27 -4.66 -5.55
C VAL B 70 -23.58 -4.57 -17.67
C VAL B 70 -5.71 -10.84 -13.09
C VAL B 70 -4.96 20.42 18.48
N LEU B 71 29.44 -4.86 -6.83
N LEU B 71 -24.86 -4.53 -17.96
N LEU B 71 -6.75 -10.66 -13.89
N LEU B 71 -4.85 21.38 19.36
CA LEU B 71 29.60 -6.23 -7.38
CA LEU B 71 -25.54 -5.69 -18.59
CA LEU B 71 -7.81 -11.68 -13.98
CA LEU B 71 -6.01 21.78 20.20
C LEU B 71 31.06 -6.54 -7.53
C LEU B 71 -25.60 -5.49 -20.08
C LEU B 71 -7.56 -12.57 -15.16
C LEU B 71 -6.71 22.96 19.57
N MET A 1 6.38 18.40 -20.67
CA MET A 1 5.74 19.56 -20.05
C MET A 1 6.28 19.67 -18.60
N GLN A 2 6.34 20.88 -18.14
CA GLN A 2 6.81 21.11 -16.74
C GLN A 2 5.61 21.10 -15.81
N ILE A 3 5.80 20.45 -14.66
CA ILE A 3 4.77 20.47 -13.61
C ILE A 3 5.53 20.83 -12.30
N PHE A 4 4.75 21.23 -11.33
CA PHE A 4 5.40 21.59 -10.01
C PHE A 4 4.91 20.64 -8.96
N VAL A 5 5.74 20.16 -8.03
CA VAL A 5 5.27 19.32 -6.95
C VAL A 5 5.58 20.10 -5.65
N LYS A 6 4.57 20.50 -4.95
CA LYS A 6 4.78 21.30 -3.70
C LYS A 6 4.77 20.35 -2.53
N THR A 7 5.82 20.41 -1.68
CA THR A 7 5.88 19.52 -0.51
C THR A 7 5.42 20.27 0.74
N LEU A 8 5.24 19.58 1.84
CA LEU A 8 4.74 20.24 3.07
C LEU A 8 5.81 21.08 3.74
N THR A 9 7.06 21.03 3.24
CA THR A 9 8.08 21.90 3.94
C THR A 9 8.35 23.16 3.18
N GLY A 10 7.52 23.50 2.24
CA GLY A 10 7.67 24.69 1.43
C GLY A 10 8.68 24.63 0.33
N LYS A 11 9.10 23.43 0.00
CA LYS A 11 10.01 23.21 -1.12
C LYS A 11 9.11 22.84 -2.31
N THR A 12 9.42 23.38 -3.48
CA THR A 12 8.62 22.98 -4.66
C THR A 12 9.61 22.35 -5.64
N ILE A 13 9.25 21.19 -6.17
CA ILE A 13 10.23 20.60 -7.13
C ILE A 13 9.65 20.67 -8.52
N THR A 14 10.47 20.94 -9.51
CA THR A 14 9.89 20.97 -10.89
C THR A 14 10.25 19.66 -11.57
N LEU A 15 9.33 19.09 -12.33
CA LEU A 15 9.58 17.83 -13.01
C LEU A 15 9.25 18.02 -14.49
N GLU A 16 9.89 17.22 -15.31
CA GLU A 16 9.51 17.26 -16.76
C GLU A 16 8.85 15.92 -17.00
N VAL A 17 7.60 16.03 -17.42
CA VAL A 17 6.77 14.86 -17.67
C VAL A 17 5.93 15.04 -18.95
N GLU A 18 5.32 13.93 -19.31
CA GLU A 18 4.37 13.84 -20.41
C GLU A 18 3.06 13.38 -19.82
N PRO A 19 1.95 13.87 -20.34
CA PRO A 19 0.61 13.47 -19.90
C PRO A 19 0.43 11.98 -19.97
N SER A 20 1.19 11.31 -20.81
CA SER A 20 1.03 9.85 -20.98
C SER A 20 1.72 9.11 -19.87
N ASP A 21 2.49 9.83 -19.05
CA ASP A 21 3.19 9.10 -17.96
C ASP A 21 2.21 8.63 -16.92
N THR A 22 2.51 7.52 -16.30
CA THR A 22 1.71 6.99 -15.21
C THR A 22 2.16 7.68 -13.91
N ILE A 23 1.25 7.61 -12.94
CA ILE A 23 1.52 8.13 -11.60
C ILE A 23 2.72 7.40 -10.98
N GLU A 24 2.80 6.12 -11.24
CA GLU A 24 3.98 5.32 -10.73
C GLU A 24 5.27 5.90 -11.23
N CYS A 25 5.30 6.34 -12.52
CA CYS A 25 6.50 6.91 -13.13
C CYS A 25 6.85 8.24 -12.50
N VAL A 26 5.82 9.05 -12.28
CA VAL A 26 6.04 10.34 -11.65
C VAL A 26 6.71 10.15 -10.29
N LYS A 27 6.18 9.20 -9.52
CA LYS A 27 6.74 8.92 -8.19
C LYS A 27 8.19 8.48 -8.29
N ALA A 28 8.54 7.70 -9.30
CA ALA A 28 9.92 7.29 -9.53
C ALA A 28 10.80 8.47 -9.89
N LYS A 29 10.31 9.43 -10.66
CA LYS A 29 11.09 10.64 -10.97
C LYS A 29 11.35 11.47 -9.69
N ILE A 30 10.35 11.49 -8.81
CA ILE A 30 10.50 12.25 -7.55
C ILE A 30 11.53 11.50 -6.70
N GLN A 31 11.49 10.19 -6.69
CA GLN A 31 12.50 9.45 -5.86
C GLN A 31 13.90 9.76 -6.40
N ASP A 32 14.01 9.63 -7.70
CA ASP A 32 15.30 9.91 -8.37
C ASP A 32 15.83 11.29 -8.03
N LYS A 33 14.94 12.30 -7.98
CA LYS A 33 15.50 13.66 -7.74
C LYS A 33 15.53 14.13 -6.33
N GLU A 34 14.74 13.67 -5.41
CA GLU A 34 14.73 14.09 -4.02
C GLU A 34 14.92 12.96 -3.04
N GLY A 35 14.94 11.73 -3.52
CA GLY A 35 15.18 10.58 -2.69
C GLY A 35 14.07 10.02 -1.89
N ILE A 36 12.84 10.55 -2.06
CA ILE A 36 11.72 10.01 -1.29
C ILE A 36 11.20 8.72 -1.91
N PRO A 37 11.15 7.65 -1.13
CA PRO A 37 10.64 6.34 -1.58
C PRO A 37 9.21 6.46 -2.09
N PRO A 38 8.88 5.84 -3.19
CA PRO A 38 7.51 5.95 -3.73
C PRO A 38 6.45 5.52 -2.76
N ASP A 39 6.74 4.57 -1.90
CA ASP A 39 5.72 4.05 -0.95
C ASP A 39 5.34 5.08 0.11
N GLN A 40 6.16 6.11 0.23
CA GLN A 40 5.83 7.18 1.22
C GLN A 40 5.08 8.36 0.58
N GLN A 41 5.02 8.40 -0.74
CA GLN A 41 4.40 9.48 -1.46
C GLN A 41 2.90 9.36 -1.66
N ARG A 42 2.21 10.46 -1.32
CA ARG A 42 0.75 10.57 -1.60
C ARG A 42 0.62 11.80 -2.48
N LEU A 43 0.18 11.67 -3.73
CA LEU A 43 0.09 12.84 -4.63
C LEU A 43 -1.35 13.30 -4.76
N ILE A 44 -1.57 14.59 -4.57
CA ILE A 44 -2.91 15.19 -4.61
C ILE A 44 -3.02 16.28 -5.66
N PHE A 45 -4.11 16.19 -6.46
CA PHE A 45 -4.39 17.20 -7.50
C PHE A 45 -5.92 17.33 -7.53
N ALA A 46 -6.32 18.58 -7.46
CA ALA A 46 -7.74 18.98 -7.52
C ALA A 46 -8.59 18.14 -6.58
N GLY A 47 -8.08 17.99 -5.40
CA GLY A 47 -8.62 17.24 -4.29
C GLY A 47 -8.80 15.76 -4.47
N CYS A 48 -8.13 15.15 -5.41
CA CYS A 48 -8.12 13.71 -5.63
C CYS A 48 -6.78 13.12 -5.25
N GLN A 49 -6.74 11.97 -4.70
CA GLN A 49 -5.43 11.30 -4.47
C GLN A 49 -5.16 10.55 -5.77
N LEU A 50 -3.98 10.72 -6.33
CA LEU A 50 -3.65 10.11 -7.64
C LEU A 50 -3.29 8.65 -7.46
N GLU A 51 -3.77 7.80 -8.37
CA GLU A 51 -3.53 6.34 -8.25
C GLU A 51 -2.42 5.92 -9.18
N ASP A 52 -1.53 5.06 -8.79
CA ASP A 52 -0.35 4.62 -9.54
C ASP A 52 -0.48 4.20 -10.99
N GLY A 53 -1.50 3.45 -11.32
CA GLY A 53 -1.74 2.91 -12.67
C GLY A 53 -2.40 3.82 -13.65
N ARG A 54 -2.89 4.98 -13.21
CA ARG A 54 -3.49 5.96 -14.13
C ARG A 54 -2.37 6.83 -14.68
N THR A 55 -2.66 7.57 -15.72
CA THR A 55 -1.72 8.53 -16.36
C THR A 55 -2.16 9.94 -15.93
N LEU A 56 -1.27 10.90 -16.12
CA LEU A 56 -1.55 12.31 -15.83
C LEU A 56 -2.72 12.75 -16.70
N SER A 57 -2.80 12.25 -17.95
CA SER A 57 -3.93 12.69 -18.80
C SER A 57 -5.26 12.26 -18.24
N ASP A 58 -5.29 11.15 -17.53
CA ASP A 58 -6.56 10.64 -16.93
C ASP A 58 -7.20 11.71 -16.05
N TYR A 59 -6.37 12.41 -15.33
CA TYR A 59 -6.76 13.49 -14.42
C TYR A 59 -6.79 14.84 -15.09
N ASN A 60 -6.55 14.98 -16.38
CA ASN A 60 -6.58 16.32 -16.99
C ASN A 60 -5.58 17.25 -16.32
N ILE A 61 -4.36 16.77 -16.10
CA ILE A 61 -3.28 17.62 -15.54
C ILE A 61 -2.59 18.28 -16.73
N GLN A 62 -2.64 19.57 -16.85
CA GLN A 62 -2.07 20.32 -18.00
C GLN A 62 -0.74 20.97 -17.58
N LYS A 63 0.04 21.51 -18.58
CA LYS A 63 1.33 22.10 -18.24
C LYS A 63 1.17 23.16 -17.17
N GLU A 64 2.22 23.18 -16.36
CA GLU A 64 2.37 24.09 -15.26
C GLU A 64 1.44 23.96 -14.10
N SER A 65 0.81 22.79 -14.03
CA SER A 65 -0.07 22.42 -12.91
C SER A 65 0.84 22.18 -11.68
N THR A 66 0.25 22.25 -10.50
CA THR A 66 0.96 21.97 -9.25
C THR A 66 0.29 20.77 -8.56
N LEU A 67 1.06 19.74 -8.22
CA LEU A 67 0.49 18.62 -7.46
C LEU A 67 0.98 18.81 -6.00
N HIS A 68 0.26 18.31 -5.06
CA HIS A 68 0.72 18.43 -3.66
C HIS A 68 1.24 17.05 -3.26
N LEU A 69 2.38 17.02 -2.60
CA LEU A 69 2.96 15.77 -2.10
C LEU A 69 2.83 15.67 -0.60
N VAL A 70 2.10 14.73 -0.09
CA VAL A 70 2.03 14.52 1.38
C VAL A 70 2.81 13.21 1.60
N LEU A 71 3.60 13.15 2.65
CA LEU A 71 4.36 11.93 2.95
C LEU A 71 3.61 11.09 3.95
N ARG A 72 3.54 9.81 3.73
N ARG A 72 3.63 9.77 3.72
N ARG A 72 3.54 9.79 3.73
N ARG A 72 3.56 9.80 3.74
CA ARG A 72 2.82 8.91 4.66
CA ARG A 72 2.98 8.75 4.57
CA ARG A 72 2.81 8.90 4.65
CA ARG A 72 2.85 8.91 4.68
C ARG A 72 3.82 8.58 5.76
C ARG A 72 1.53 8.71 4.13
C ARG A 72 3.85 8.45 5.68
C ARG A 72 3.86 8.59 5.78
N LEU A 73 3.51 8.73 7.01
N LEU A 73 0.68 7.93 4.72
N LEU A 73 3.60 8.51 6.95
N LEU A 73 3.80 7.47 6.43
CA LEU A 73 4.49 8.41 8.07
CA LEU A 73 -0.73 7.89 4.27
CA LEU A 73 4.62 8.08 7.93
CA LEU A 73 4.78 7.18 7.50
C LEU A 73 3.95 7.28 8.96
C LEU A 73 -0.81 7.30 2.87
C LEU A 73 3.95 7.74 9.25
C LEU A 73 4.90 5.68 7.70
N ARG A 74 4.88 6.42 9.34
N ARG A 74 -0.81 5.98 2.84
N ARG A 74 3.64 6.45 9.37
N ARG A 74 6.15 5.25 7.83
CA ARG A 74 4.56 5.26 10.18
CA ARG A 74 -0.85 5.23 1.58
CA ARG A 74 2.98 5.92 10.57
CA ARG A 74 6.48 3.83 8.03
C ARG A 74 3.56 4.37 9.45
C ARG A 74 -2.27 4.71 1.37
C ARG A 74 3.45 4.48 10.80
C ARG A 74 5.74 3.01 6.98
N GLY A 75 2.47 4.05 10.16
N GLY A 75 -2.59 3.64 2.09
N GLY A 75 3.69 4.17 12.08
N GLY A 75 5.29 1.84 7.42
CA GLY A 75 1.41 3.21 9.65
CA GLY A 75 -3.89 2.99 2.02
CA GLY A 75 4.16 2.86 12.51
CA GLY A 75 4.57 0.90 6.56
C GLY A 75 1.67 1.72 9.74
C GLY A 75 -3.95 1.62 2.64
C GLY A 75 3.14 1.75 12.39
C GLY A 75 4.01 -0.32 7.28
N GLY A 76 2.81 1.42 10.32
N GLY A 76 -5.01 0.91 2.28
N GLY A 76 3.69 0.55 12.32
N GLY A 76 3.81 -1.35 6.50
CA GLY A 76 3.29 0.04 10.55
CA GLY A 76 -5.30 -0.46 2.73
CA GLY A 76 2.92 -0.71 12.22
CA GLY A 76 3.29 -2.66 6.95
C GLY A 76 4.79 -0.01 10.19
C GLY A 76 -4.77 -1.44 1.67
C GLY A 76 2.91 -1.15 10.75
C GLY A 76 3.82 -2.93 8.36
N MET B 1 9.01 -5.91 7.91
N MET B 1 -8.77 -12.46 -0.86
N MET B 1 -2.58 -7.91 8.81
N MET B 1 -2.25 -2.87 18.64
CA MET B 1 9.10 -4.45 7.70
CA MET B 1 -8.85 -11.01 -0.67
CA MET B 1 -1.82 -6.85 8.12
CA MET B 1 -1.05 -2.34 17.97
C MET B 1 9.64 -4.23 6.27
C MET B 1 -10.34 -10.61 -0.82
C MET B 1 -2.68 -6.38 6.93
C MET B 1 -0.62 -1.08 18.74
N GLN B 2 9.23 -3.14 5.70
N GLN B 2 -10.70 -9.58 -0.12
N GLN B 2 -2.52 -5.13 6.61
N GLN B 2 0.67 -0.85 18.71
CA GLN B 2 9.72 -2.80 4.33
CA GLN B 2 -12.10 -9.07 -0.21
CA GLN B 2 -3.27 -4.57 5.44
CA GLN B 2 1.21 0.37 19.40
C GLN B 2 10.96 -1.95 4.45
C GLN B 2 -12.18 -8.03 -1.32
C GLN B 2 -2.42 -4.73 4.19
C GLN B 2 1.24 1.51 18.40
N ILE B 3 11.94 -2.25 3.60
N ILE B 3 -13.24 -8.11 -2.10
N ILE B 3 -3.09 -5.12 3.11
N ILE B 3 0.86 2.69 18.87
CA ILE B 3 13.15 -1.41 3.51
CA ILE B 3 -13.53 -7.08 -3.11
CA ILE B 3 -2.42 -5.18 1.80
CA ILE B 3 0.98 3.91 18.07
C ILE B 3 13.36 -1.14 1.98
C ILE B 3 -15.03 -6.68 -2.91
C ILE B 3 -3.37 -4.44 0.80
C ILE B 3 1.65 4.96 18.99
N PHE B 4 14.17 -0.13 1.74
N PHE B 4 -15.35 -5.55 -3.48
N PHE B 4 -2.80 -4.09 -0.32
N PHE B 4 2.16 5.99 18.36
CA PHE B 4 14.43 0.20 0.29
CA PHE B 4 -16.77 -5.08 -3.34
CA PHE B 4 -3.65 -3.37 -1.34
CA PHE B 4 2.83 7.07 19.17
C PHE B 4 15.89 -0.03 0.00
C PHE B 4 -17.41 -5.05 -4.71
C PHE B 4 -3.75 -4.23 -2.57
C PHE B 4 2.05 8.35 19.02
N VAL B 5 16.28 -0.58 -1.14
N VAL B 5 -18.66 -5.45 -4.89
N VAL B 5 -4.90 -4.33 -3.24
N VAL B 5 1.84 9.15 20.05
CA VAL B 5 17.69 -0.72 -1.48
CA VAL B 5 -19.32 -5.34 -6.18
CA VAL B 5 -5.00 -5.07 -4.48
CA VAL B 5 1.18 10.43 19.92
C VAL B 5 17.90 0.12 -2.76
C VAL B 5 -20.53 -4.39 -5.95
C VAL B 5 -5.41 -4.05 -5.55
C VAL B 5 2.23 11.49 20.35
N LYS B 6 18.67 1.15 -2.66
N LYS B 6 -20.50 -3.27 -6.56
N LYS B 6 -4.57 -3.81 -6.48
N LYS B 6 2.65 12.30 19.43
CA LYS B 6 18.88 2.05 -3.84
CA LYS B 6 -21.61 -2.27 -6.35
CA LYS B 6 -4.86 -2.79 -7.55
CA LYS B 6 3.69 13.34 19.76
C LYS B 6 20.15 1.61 -4.53
C LYS B 6 -22.61 -2.45 -7.46
C LYS B 6 -5.45 -3.50 -8.74
C LYS B 6 3.00 14.62 20.08
N THR B 7 20.08 1.36 -5.86
N THR B 7 -23.90 -2.62 -7.12
N THR B 7 -6.62 -3.06 -9.23
N THR B 7 3.32 15.22 21.25
CA THR B 7 21.27 0.93 -6.61
CA THR B 7 -24.93 -2.81 -8.15
CA THR B 7 -7.25 -3.71 -10.38
CA THR B 7 2.67 16.48 21.64
C THR B 7 21.88 2.14 -7.33
C THR B 7 -25.65 -1.46 -8.39
C THR B 7 -6.94 -2.90 -11.64
C THR B 7 3.61 17.65 21.32
N LEU B 8 23.06 1.98 -7.89
N LEU B 8 -26.47 -1.39 -9.40
N LEU B 8 -7.26 -3.43 -12.81
N LEU B 8 3.12 18.87 21.42
CA LEU B 8 23.73 3.11 -8.57
CA LEU B 8 -27.17 -0.12 -9.72
CA LEU B 8 -6.96 -2.71 -14.08
CA LEU B 8 3.95 20.05 21.09
C LEU B 8 23.10 3.45 -9.90
C LEU B 8 -28.29 0.19 -8.75
C LEU B 8 -7.88 -1.54 -14.32
C LEU B 8 5.02 20.34 22.13
N THR B 9 22.13 2.63 -10.36
N THR B 9 -28.61 -0.75 -7.83
N THR B 9 -8.90 -1.36 -13.47
N THR B 9 5.00 19.61 23.26
CA THR B 9 21.53 3.02 -11.69
CA THR B 9 -29.71 -0.40 -6.88
CA THR B 9 -9.79 -0.17 -13.75
CA THR B 9 6.08 19.93 24.26
C THR B 9 20.20 3.69 -11.52
C THR B 9 -29.19 0.04 -5.55
C THR B 9 -9.48 0.98 -12.83
C THR B 9 7.19 18.92 24.22
N GLY B 10 19.88 4.12 -10.35
N GLY B 10 -27.93 0.34 -5.45
N GLY B 10 -8.38 0.94 -12.17
N GLY B 10 7.26 18.13 23.19
CA GLY B 10 18.64 4.80 -10.05
CA GLY B 10 -27.29 0.77 -4.22
CA GLY B 10 -7.96 1.99 -11.26
CA GLY B 10 8.28 17.12 23.02
C GLY B 10 17.42 3.92 -9.92
C GLY B 10 -26.98 -0.30 -3.22
C GLY B 10 -8.61 2.01 -9.91
C GLY B 10 8.12 15.86 23.82
N LYS B 11 17.65 2.64 -9.76
N LYS B 11 -27.00 -1.53 -3.67
N LYS B 11 -9.24 0.91 -9.57
N LYS B 11 6.92 15.65 24.33
CA LYS B 11 16.58 1.68 -9.51
CA LYS B 11 -26.62 -2.67 -2.85
CA LYS B 11 -9.84 0.73 -8.25
CA LYS B 11 6.58 14.44 25.05
C LYS B 11 16.53 1.51 -7.98
C LYS B 11 -25.13 -2.94 -3.19
C LYS B 11 -8.79 -0.03 -7.42
C LYS B 11 5.90 13.53 24.00
N THR B 12 15.33 1.45 -7.43
N THR B 12 -24.33 -3.22 -2.17
N THR B 12 -8.61 0.38 -6.17
N THR B 12 6.24 12.25 24.03
CA THR B 12 15.26 1.21 -5.98
CA THR B 12 -22.94 -3.58 -2.48
CA THR B 12 -7.67 -0.39 -5.33
CA THR B 12 5.54 11.34 23.08
C THR B 12 14.44 -0.08 -5.82
C THR B 12 -22.72 -4.99 -1.93
C THR B 12 -8.49 -0.90 -4.15
C THR B 12 4.84 10.30 23.96
N ILE B 13 14.96 -1.01 -5.01
N ILE B 13 -22.15 -5.85 -2.77
N ILE B 13 -8.35 -2.20 -3.86
N ILE B 13 3.56 10.06 23.68
CA ILE B 13 14.16 -2.25 -4.86
CA ILE B 13 -21.95 -7.23 -2.21
CA ILE B 13 -9.15 -2.69 -2.69
CA ILE B 13 2.90 9.03 24.54
C ILE B 13 13.56 -2.29 -3.48
C ILE B 13 -20.48 -7.45 -1.97
C ILE B 13 -8.23 -2.98 -1.55
C ILE B 13 2.64 7.80 23.71
N THR B 14 12.34 -2.76 -3.34
N THR B 14 -20.13 -8.13 -0.90
N THR B 14 -8.64 -2.67 -0.33
N THR B 14 2.80 6.64 24.29
CA THR B 14 11.78 -2.84 -1.97
CA THR B 14 -18.67 -8.38 -0.71
CA THR B 14 -7.72 -3.01 0.80
CA THR B 14 2.50 5.42 23.47
C THR B 14 11.88 -4.27 -1.49
C THR B 14 -18.38 -9.79 -1.13
C THR B 14 -8.23 -4.28 1.45
C THR B 14 1.14 4.91 23.88
N LEU B 15 12.23 -4.50 -0.24
N LEU B 15 -17.26 -10.03 -1.79
N LEU B 15 -7.36 -5.18 1.84
N LEU B 15 0.33 4.46 22.92
CA LEU B 15 12.37 -5.82 0.30
CA LEU B 15 -16.90 -11.36 -2.25
CA LEU B 15 -7.75 -6.43 2.46
CA LEU B 15 -1.00 3.96 23.21
C LEU B 15 11.51 -5.93 1.57
C LEU B 15 -15.49 -11.68 -1.75
C LEU B 15 -6.99 -6.57 3.79
C LEU B 15 -1.13 2.57 22.61
N GLU B 16 11.09 -7.13 1.87
N GLU B 16 -15.22 -12.96 -1.60
N GLU B 16 -7.59 -7.31 4.69
N GLU B 16 -2.01 1.78 23.18
CA GLU B 16 10.37 -7.31 3.17
CA GLU B 16 -13.82 -13.33 -1.24
CA GLU B 16 -6.83 -7.59 5.96
CA GLU B 16 -2.28 0.45 22.55
C GLU B 16 11.33 -8.13 4.00
C GLU B 16 -13.31 -14.03 -2.47
C GLU B 16 -6.54 -9.07 5.87
C GLU B 16 -3.70 0.59 22.05
N VAL B 17 11.69 -7.53 5.12
N VAL B 17 -12.23 -13.45 -3.00
N VAL B 17 -5.24 -9.35 5.91
N VAL B 17 -3.81 0.41 20.73
CA VAL B 17 12.63 -8.13 6.05
CA VAL B 17 -11.61 -13.93 -4.22
CA VAL B 17 -4.73 -10.70 5.80
CA VAL B 17 -5.08 0.53 20.04
C VAL B 17 12.20 -7.93 7.51
C VAL B 17 -10.08 -13.89 -4.11
C VAL B 17 -3.57 -10.95 6.77
C VAL B 17 -5.24 -0.56 18.97
N GLU B 18 12.93 -8.62 8.35
N GLU B 18 -9.49 -14.51 -5.12
N GLU B 18 -3.23 -12.22 6.83
N GLU B 18 -6.45 -0.58 18.46
CA GLU B 18 12.79 -8.52 9.81
CA GLU B 18 -8.04 -14.53 -5.33
CA GLU B 18 -2.08 -12.70 7.59
CA GLU B 18 -6.84 -1.45 17.36
C GLU B 18 14.15 -8.07 10.33
C GLU B 18 -7.79 -13.88 -6.68
C GLU B 18 -1.15 -13.38 6.58
C GLU B 18 -7.32 -0.53 16.24
N PRO B 19 14.14 -7.25 11.37
N PRO B 19 -6.71 -13.14 -6.81
N PRO B 19 0.14 -13.26 6.79
N PRO B 19 -7.05 -0.90 15.00
CA PRO B 19 15.38 -6.78 12.00
CA PRO B 19 -6.33 -12.51 -8.07
CA PRO B 19 1.15 -13.90 5.93
CA PRO B 19 -7.49 -0.13 13.83
C PRO B 19 16.27 -7.92 12.42
C PRO B 19 -6.24 -13.51 -9.19
C PRO B 19 0.91 -15.39 5.80
C PRO B 19 -8.98 0.10 13.84
N SER B 20 15.70 -9.09 12.64
N SER B 20 -6.01 -14.77 -8.87
N SER B 20 0.26 -15.97 6.79
N SER B 20 -9.72 -0.77 14.51
CA SER B 20 16.49 -10.24 13.10
CA SER B 20 -5.85 -15.80 -9.91
CA SER B 20 0.04 -17.43 6.78
CA SER B 20 -11.18 -0.64 14.53
C SER B 20 17.22 -10.89 11.95
C SER B 20 -7.20 -16.24 -10.44
C SER B 20 -1.11 -17.80 5.88
C SER B 20 -11.64 0.41 15.51
N ASP B 21 16.92 -10.46 10.73
N ASP B 21 -8.27 -15.79 -9.79
N ASP B 21 -1.84 -16.79 5.39
N ASP B 21 -10.69 0.93 16.31
CA ASP B 21 17.61 -11.10 9.59
CA ASP B 21 -9.60 -16.25 -10.28
CA ASP B 21 -2.99 -17.14 4.50
CA ASP B 21 -11.11 1.96 17.30
C ASP B 21 19.06 -10.69 9.56
C ASP B 21 -9.91 -15.58 -11.60
C ASP B 21 -2.49 -17.65 3.18
C ASP B 21 -11.47 3.24 16.59
N THR B 22 19.91 -11.58 9.09
N THR B 22 -10.65 -16.29 -12.43
N THR B 22 -3.25 -18.55 2.58
N THR B 22 -12.42 3.96 17.15
CA THR B 22 21.32 -11.30 8.92
CA THR B 22 -11.10 -15.77 -13.70
CA THR B 22 -2.95 -19.07 1.28
CA THR B 22 -12.80 5.26 16.63
C THR B 22 21.51 -10.58 7.56
C THR B 22 -12.39 -14.95 -13.45
C THR B 22 -3.52 -18.08 0.22
C THR B 22 -11.82 6.31 17.21
N ILE B 23 22.65 -9.92 7.47
N ILE B 23 -12.66 -14.10 -14.44
N ILE B 23 -2.96 -18.23 -0.98
N ILE B 23 -11.81 7.45 16.51
CA ILE B 23 23.04 -9.25 6.23
CA ILE B 23 -13.89 -13.31 -14.42
CA ILE B 23 -3.43 -17.45 -2.12
CA ILE B 23 -11.01 8.60 16.95
C ILE B 23 23.19 -10.28 5.11
C ILE B 23 -15.12 -14.23 -14.45
C ILE B 23 -4.90 -17.76 -2.40
C ILE B 23 -11.49 9.07 18.32
N GLU B 24 23.69 -11.44 5.44
N GLU B 24 -15.02 -15.31 -15.19
N GLU B 24 -5.28 -19.00 -2.24
N GLU B 24 -12.78 9.03 18.54
CA GLU B 24 23.82 -12.54 4.42
CA GLU B 24 -16.14 -16.30 -15.22
CA GLU B 24 -6.72 -19.39 -2.43
CA GLU B 24 -13.34 9.41 19.87
C GLU B 24 22.47 -12.87 3.83
C GLU B 24 -16.45 -16.82 -13.84
C GLU B 24 -7.61 -18.60 -1.52
C GLU B 24 -12.74 8.56 20.97
N ASN B 25 21.44 -12.88 4.66
N ASN B 25 -15.41 -17.06 -13.05
N ASN B 25 -7.17 -18.40 -0.28
N ASN B 25 -12.57 7.28 20.71
CA ASN B 25 20.06 -13.19 4.26
CA ASN B 25 -15.52 -17.56 -11.68
CA ASN B 25 -7.91 -17.66 0.74
CA ASN B 25 -12.00 6.31 21.64
C ASN B 25 19.51 -12.12 3.32
C ASN B 25 -16.19 -16.54 -10.76
C ASN B 25 -8.07 -16.19 0.37
C ASN B 25 -10.54 6.62 21.96
N VAL B 26 19.76 -10.88 3.70
N VAL B 26 -15.76 -15.30 -10.91
N VAL B 26 -6.96 -15.63 -0.10
N VAL B 26 -9.81 6.92 20.89
CA VAL B 26 19.32 -9.74 2.90
CA VAL B 26 -16.34 -14.21 -10.12
CA VAL B 26 -6.95 -14.23 -0.53
CA VAL B 26 -8.40 7.27 21.03
C VAL B 26 19.92 -9.86 1.49
C VAL B 26 -17.83 -14.14 -10.38
C VAL B 26 -7.99 -14.04 -1.62
C VAL B 26 -8.26 8.47 21.96
N LYS B 27 21.21 -10.16 1.43
N LYS B 27 -18.21 -14.21 -11.65
N LYS B 27 -7.98 -14.95 -2.59
N LYS B 27 -9.10 9.47 21.72
CA LYS B 27 21.90 -10.29 0.15
CA LYS B 27 -19.63 -14.15 -12.02
CA LYS B 27 -8.93 -14.87 -3.71
CA LYS B 27 -9.06 10.69 22.54
C LYS B 27 21.29 -11.41 -0.68
C LYS B 27 -20.40 -15.31 -11.41
C LYS B 27 -10.37 -14.95 -3.21
C LYS B 27 -9.36 10.38 23.99
N ALA B 28 20.89 -12.50 -0.04
N ALA B 28 -19.80 -16.48 -11.34
N ALA B 28 -10.63 -15.77 -2.21
N ALA B 28 -10.27 9.47 24.24
CA ALA B 28 20.22 -13.62 -0.74
CA ALA B 28 -20.44 -17.64 -10.70
CA ALA B 28 -11.96 -15.87 -1.61
CA ALA B 28 -10.60 9.03 25.61
C ALA B 28 18.86 -13.19 -1.26
C ALA B 28 -20.59 -17.43 -9.21
C ALA B 28 -12.35 -14.58 -0.91
C ALA B 28 -9.41 8.31 26.25
N LYS B 29 18.11 -12.38 -0.53
N LYS B 29 -19.64 -16.80 -8.54
N LYS B 29 -11.42 -13.91 -0.25
N LYS B 29 -8.68 7.50 25.50
CA LYS B 29 16.82 -11.87 -1.02
CA LYS B 29 -19.77 -16.48 -7.11
CA LYS B 29 -11.71 -12.60 0.38
CA LYS B 29 -7.47 6.84 26.03
C LYS B 29 17.02 -10.97 -2.25
C LYS B 29 -20.93 -15.49 -6.87
C LYS B 29 -12.06 -11.54 -0.68
C LYS B 29 -6.40 7.89 26.40
N ILE B 30 18.11 -10.20 -2.23
N ILE B 30 -21.07 -14.55 -7.81
N ILE B 30 -11.37 -11.63 -1.81
N ILE B 30 -6.30 8.94 25.59
CA ILE B 30 18.38 -9.31 -3.37
CA ILE B 30 -22.15 -13.55 -7.66
CA ILE B 30 -11.63 -10.66 -2.90
CA ILE B 30 -5.30 9.98 25.86
C ILE B 30 18.77 -10.20 -4.55
C ILE B 30 -23.47 -14.30 -7.89
C ILE B 30 -13.02 -10.99 -3.46
C ILE B 30 -5.77 10.73 27.11
N GLN B 31 19.53 -11.24 -4.32
N GLN B 31 -23.52 -15.21 -8.83
N GLN B 31 -13.36 -12.25 -3.59
N GLN B 31 -7.05 10.96 27.25
CA GLN B 31 19.91 -12.12 -5.47
CA GLN B 31 -24.81 -15.94 -9.05
CA GLN B 31 -14.71 -12.58 -4.13
CA GLN B 31 -7.51 11.68 28.49
C GLN B 31 18.63 -12.73 -6.07
C GLN B 31 -25.16 -16.72 -7.77
C GLN B 31 -15.78 -12.02 -3.17
C GLN B 31 -7.16 10.83 29.73
N ASP B 32 17.83 -13.26 -5.18
N ASP B 32 -24.17 -17.43 -7.29
N ASP B 32 -15.57 -12.33 -1.92
N ASP B 32 -7.53 9.58 29.61
CA ASP B 32 16.54 -13.88 -5.59
CA ASP B 32 -24.34 -18.22 -6.05
CA ASP B 32 -16.49 -11.85 -0.85
CA ASP B 32 -7.26 8.61 30.71
C ASP B 32 15.71 -12.93 -6.42
C ASP B 32 -24.86 -17.38 -4.92
C ASP B 32 -16.69 -10.35 -0.92
C ASP B 32 -5.80 8.61 31.10
N LYS B 33 15.66 -11.64 -6.03
N LYS B 33 -24.34 -16.15 -4.77
N LYS B 33 -15.60 -9.60 -1.14
N LYS B 33 -4.89 8.66 30.11
CA LYS B 33 14.75 -10.75 -6.79
CA LYS B 33 -24.80 -15.36 -3.58
CA LYS B 33 -15.79 -8.12 -1.10
CA LYS B 33 -3.46 8.56 30.51
C LYS B 33 15.35 -9.99 -7.92
C LYS B 33 -25.95 -14.45 -3.78
C LYS B 33 -16.08 -7.44 -2.38
C LYS B 33 -2.73 9.83 30.73
N GLU B 34 16.62 -9.69 -7.99
N GLU B 34 -26.27 -13.95 -4.94
N GLU B 34 -15.71 -7.92 -3.54
N GLU B 34 -3.08 10.95 30.18
CA GLU B 34 17.26 -8.96 -9.06
CA GLU B 34 -27.38 -13.05 -5.18
CA GLU B 34 -15.97 -7.30 -4.81
CA GLU B 34 -2.40 12.22 30.37
C GLU B 34 18.40 -9.70 -9.71
C GLU B 34 -28.34 -13.55 -6.23
C GLU B 34 -16.72 -8.17 -5.79
C GLU B 34 -3.29 13.32 30.89
N GLY B 35 18.78 -10.84 -9.18
N GLY B 35 -28.01 -14.64 -6.89
N GLY B 35 -16.96 -9.42 -5.43
N GLY B 35 -4.58 13.07 30.98
CA GLY B 35 19.80 -11.67 -9.76
CA GLY B 35 -28.89 -15.26 -7.87
CA GLY B 35 -17.73 -10.34 -6.24
CA GLY B 35 -5.53 14.01 31.52
C GLY B 35 21.22 -11.34 -9.50
C GLY B 35 -28.93 -14.71 -9.23
C GLY B 35 -17.07 -11.01 -7.38
C GLY B 35 -6.04 15.10 30.66
N ILE B 36 21.48 -10.33 -8.64
N ILE B 36 -28.06 -13.72 -9.54
N ILE B 36 -15.75 -10.83 -7.53
N ILE B 36 -5.67 15.09 29.37
CA ILE B 36 22.88 -9.98 -8.37
CA ILE B 36 -28.08 -13.16 -10.90
CA ILE B 36 -15.08 -11.50 -8.67
CA ILE B 36 -6.16 16.16 28.49
C ILE B 36 23.49 -10.95 -7.36
C ILE B 36 -27.33 -14.07 -11.87
C ILE B 36 -14.79 -12.96 -8.33
C ILE B 36 -7.59 15.88 28.04
N PRO B 37 24.61 -11.58 -7.73
N PRO B 37 -28.00 -14.47 -12.95
N PRO B 37 -15.25 -13.87 -9.19
N PRO B 37 -8.49 16.83 28.28
CA PRO B 37 25.33 -12.50 -6.85
CA PRO B 37 -27.40 -15.32 -14.00
CA PRO B 37 -15.03 -15.31 -9.02
CA PRO B 37 -9.91 16.71 27.88
C PRO B 37 25.72 -11.82 -5.54
C PRO B 37 -26.16 -14.68 -14.57
C PRO B 37 -13.55 -15.62 -8.96
C PRO B 37 -10.03 16.50 26.39
N PRO B 38 25.57 -12.47 -4.42
N PRO B 38 -25.10 -15.41 -14.79
N PRO B 38 -13.12 -16.48 -8.06
N PRO B 38 -10.88 15.60 25.94
CA PRO B 38 25.92 -11.85 -3.13
CA PRO B 38 -23.86 -14.81 -15.34
CA PRO B 38 -11.69 -16.79 -7.96
CA PRO B 38 -11.03 15.34 24.51
C PRO B 38 27.35 -11.40 -3.06
C PRO B 38 -24.07 -14.13 -16.66
C PRO B 38 -11.09 -17.31 -9.24
C PRO B 38 -11.36 16.57 23.70
N ASP B 39 28.25 -12.07 -3.72
N ASP B 39 -24.98 -14.60 -17.47
N ASP B 39 -11.86 -18.02 -10.04
N ASP B 39 -12.10 17.49 24.27
CA ASP B 39 29.69 -11.71 -3.65
CA ASP B 39 -25.21 -14.01 -18.81
CA ASP B 39 -11.32 -18.60 -11.30
CA ASP B 39 -12.52 18.71 23.52
C ASP B 39 29.98 -10.39 -4.33
C ASP B 39 -25.81 -12.61 -18.74
C ASP B 39 -10.97 -17.55 -12.33
C ASP B 39 -11.36 19.63 23.20
N GLN B 40 29.05 -9.91 -5.13
N GLN B 40 -26.32 -12.26 -17.58
N GLN B 40 -11.46 -16.33 -12.12
N GLN B 40 -10.23 19.42 23.87
CA GLN B 40 29.25 -8.60 -5.81
CA GLN B 40 -26.90 -10.90 -17.41
CA GLN B 40 -11.12 -15.24 -13.06
CA GLN B 40 -9.05 20.25 23.59
C GLN B 40 28.60 -7.44 -5.04
C GLN B 40 -25.88 -9.91 -16.79
C GLN B 40 -9.93 -14.39 -12.58
C GLN B 40 -8.08 19.58 22.58
N GLN B 41 27.79 -7.75 -4.05
N GLN B 41 -24.77 -10.41 -16.30
N GLN B 41 -9.50 -14.58 -11.35
N GLN B 41 -8.30 18.32 22.28
CA GLN B 41 27.07 -6.76 -3.27
CA GLN B 41 -23.77 -9.60 -15.65
CA GLN B 41 -8.44 -13.82 -10.76
CA GLN B 41 -7.46 17.55 21.39
C GLN B 41 27.84 -6.15 -2.13
C GLN B 41 -22.76 -8.94 -16.57
C GLN B 41 -7.04 -14.33 -11.05
C GLN B 41 -7.75 17.70 19.91
N ARG B 42 27.82 -4.82 -2.09
N ARG B 42 -22.59 -7.63 -16.36
N ARG B 42 -6.19 -13.39 -11.48
N ARG B 42 -6.70 17.98 19.16
CA ARG B 42 28.37 -4.06 -0.92
CA ARG B 42 -21.51 -6.86 -17.06
CA ARG B 42 -4.73 -13.68 -11.65
CA ARG B 42 -6.78 17.99 17.67
C ARG B 42 27.21 -3.23 -0.41
C ARG B 42 -20.67 -6.28 -15.94
C ARG B 42 -4.03 -12.68 -10.76
C ARG B 42 -5.76 16.96 17.22
N LEU B 43 26.74 -3.47 0.82
N LEU B 43 -19.40 -6.67 -15.82
N LEU B 43 -3.33 -13.12 -9.71
N LEU B 43 -6.17 15.86 16.58
CA LEU B 43 25.57 -2.72 1.34
CA LEU B 43 -18.56 -6.16 -14.71
CA LEU B 43 -2.67 -12.16 -8.78
CA LEU B 43 -5.21 14.81 16.18
C LEU B 43 26.03 -1.65 2.33
C LEU B 43 -17.59 -5.09 -15.23
C LEU B 43 -1.17 -12.11 -9.06
C LEU B 43 -4.94 14.91 14.67
N ILE B 44 25.55 -0.44 2.13
N ILE B 44 -17.57 -3.96 -14.53
N ILE B 44 -0.65 -10.88 -9.20
N ILE B 44 -3.66 14.92 14.32
CA ILE B 44 25.92 0.72 2.94
CA ILE B 44 -16.75 -2.82 -14.92
CA ILE B 44 0.74 -10.65 -9.53
CA ILE B 44 -3.22 15.05 12.93
C ILE B 44 24.71 1.36 3.60
C ILE B 44 -15.77 -2.41 -13.82
C ILE B 44 1.44 -9.79 -8.46
C ILE B 44 -2.36 13.87 12.49
N PHE B 45 24.86 1.62 4.93
N PHE B 45 -14.49 -2.22 -14.24
N PHE B 45 2.64 -10.28 -8.04
N PHE B 45 -2.72 13.34 11.29
CA PHE B 45 23.80 2.29 5.70
CA PHE B 45 -13.44 -1.79 -13.31
CA PHE B 45 3.45 -9.56 -7.06
CA PHE B 45 -1.97 12.22 10.69
C PHE B 45 24.56 3.17 6.73
C PHE B 45 -12.53 -0.86 -14.15
C PHE B 45 4.92 -9.81 -7.48
C PHE B 45 -2.00 12.48 9.17
N ALA B 46 24.12 4.41 6.73
N ALA B 46 -12.30 0.28 -13.55
N ALA B 46 5.61 -8.71 -7.57
N ALA B 46 -0.81 12.42 8.63
CA ALA B 46 24.63 5.44 7.65
CA ALA B 46 -11.42 1.32 -14.10
CA ALA B 46 7.05 -8.67 -7.91
CA ALA B 46 -0.57 12.57 7.18
C ALA B 46 26.14 5.44 7.68
C ALA B 46 -11.74 1.58 -15.57
C ALA B 46 7.34 -9.53 -9.12
C ALA B 46 -1.30 13.79 6.65
N GLY B 47 26.71 5.39 6.50
N GLY B 47 -13.00 1.70 -15.83
N GLY B 47 6.51 -9.37 -10.11
N GLY B 47 -1.16 14.86 7.37
CA GLY B 47 28.09 5.37 6.18
CA GLY B 47 -13.63 1.93 -17.08
CA GLY B 47 6.50 -10.03 -11.39
CA GLY B 47 -1.73 16.16 7.15
C GLY B 47 28.91 4.21 6.68
C GLY B 47 -13.45 0.89 -18.16
C GLY B 47 6.30 -11.52 -11.39
C GLY B 47 -3.23 16.27 7.14
N LYS B 48 28.28 3.11 6.99
N LYS B 48 -13.12 -0.32 -17.79
N LYS B 48 5.74 -12.08 -10.35
N LYS B 48 -3.92 15.34 7.73
CA LYS B 48 28.99 1.89 7.44
CA LYS B 48 -12.97 -1.41 -18.75
CA LYS B 48 5.46 -13.51 -10.27
CA LYS B 48 -5.39 15.38 7.81
C LYS B 48 28.76 0.82 6.36
C LYS B 48 -14.06 -2.45 -18.44
C LYS B 48 3.93 -13.68 -10.21
C LYS B 48 -5.75 15.52 9.31
N GLN B 49 29.75 0.01 6.09
N GLN B 49 -14.62 -3.07 -19.45
N GLN B 49 3.40 -14.68 -10.85
N GLN B 49 -6.77 16.27 9.61
CA GLN B 49 29.55 -1.14 5.16
CA GLN B 49 -15.60 -4.17 -19.21
CA GLN B 49 1.95 -14.96 -10.73
CA GLN B 49 -7.24 16.34 11.03
C GLN B 49 29.00 -2.25 6.05
C GLN B 49 -14.72 -5.41 -19.05
C GLN B 49 1.83 -15.81 -9.47
C GLN B 49 -8.20 15.16 11.16
N LEU B 50 27.91 -2.87 5.65
N LEU B 50 -14.92 -6.18 -18.01
N LEU B 50 0.95 -15.47 -8.57
N LEU B 50 -8.03 14.35 12.18
CA LEU B 50 27.25 -3.90 6.47
CA LEU B 50 -14.08 -7.35 -17.72
CA LEU B 50 0.82 -16.18 -7.29
CA LEU B 50 -8.83 13.12 12.36
C LEU B 50 27.98 -5.22 6.35
C LEU B 50 -14.49 -8.52 -18.59
C LEU B 50 0.04 -17.46 -7.47
C LEU B 50 -10.20 13.47 12.93
N GLU B 51 28.15 -5.93 7.47
N GLU B 51 -13.51 -9.26 -19.13
N GLU B 51 0.48 -18.54 -6.82
N GLU B 51 -11.25 12.83 12.41
CA GLU B 51 28.90 -7.21 7.44
CA GLU B 51 -13.83 -10.39 -20.02
CA GLU B 51 -0.19 -19.84 -6.98
CA GLU B 51 -12.62 13.16 12.89
C GLU B 51 27.94 -8.36 7.46
C GLU B 51 -13.72 -11.69 -19.28
C GLU B 51 -1.07 -20.12 -5.79
C GLU B 51 -13.09 12.11 13.85
N ASP B 52 28.18 -9.42 6.72
N ASP B 52 -14.59 -12.64 -19.50
N ASP B 52 -2.24 -20.67 -5.97
N ASP B 52 -13.77 12.45 14.91
CA ASP B 52 27.31 -10.57 6.55
CA ASP B 52 -14.67 -13.91 -18.79
CA ASP B 52 -3.25 -20.92 -4.94
CA ASP B 52 -14.22 11.56 15.97
C ASP B 52 26.72 -11.27 7.77
C ASP B 52 -13.43 -14.77 -18.61
C ASP B 52 -2.86 -21.60 -3.63
C ASP B 52 -14.94 10.26 15.65
N GLY B 53 27.49 -11.46 8.81
N GLY B 53 -12.61 -14.89 -19.62
N GLY B 53 -2.04 -22.62 -3.69
N GLY B 53 -15.84 10.27 14.69
CA GLY B 53 27.07 -12.16 10.04
CA GLY B 53 -11.39 -15.73 -19.63
CA GLY B 53 -1.60 -23.41 -2.53
CA GLY B 53 -16.65 9.10 14.29
C GLY B 53 26.31 -11.34 11.03
C GLY B 53 -10.18 -15.11 -19.01
C GLY B 53 -0.48 -22.86 -1.73
C GLY B 53 -16.01 8.15 13.34
N ARG B 54 26.21 -10.03 10.86
N ARG B 54 -10.19 -13.84 -18.68
N ARG B 54 0.19 -21.80 -2.19
N ARG B 54 -14.85 8.47 12.79
CA ARG B 54 25.42 -9.18 11.76
CA ARG B 54 -9.05 -13.17 -18.01
CA ARG B 54 1.26 -21.14 -1.42
CA ARG B 54 -14.12 7.55 11.90
C ARG B 54 23.98 -9.20 11.27
C ARG B 54 -9.20 -13.41 -16.50
C ARG B 54 0.63 -20.14 -0.49
C ARG B 54 -13.26 6.64 12.77
N THR B 55 23.07 -8.74 12.11
N THR B 55 -8.15 -13.15 -15.77
N THR B 55 1.38 -19.67 0.47
N THR B 55 -12.77 5.57 12.20
CA THR B 55 21.63 -8.63 11.78
CA THR B 55 -8.12 -13.27 -14.29
CA THR B 55 0.95 -18.63 1.44
CA THR B 55 -11.88 4.60 12.88
C THR B 55 21.35 -7.13 11.54
C THR B 55 -8.16 -11.82 -13.74
C THR B 55 1.64 -17.31 1.02
C THR B 55 -10.45 4.86 12.33
N LEU B 56 20.21 -6.86 10.94
N LEU B 56 -8.46 -11.71 -12.46
N LEU B 56 1.14 -16.22 1.55
N LEU B 56 -9.47 4.33 13.03
CA LEU B 56 19.76 -5.48 10.68
CA LEU B 56 -8.47 -10.41 -11.77
CA LEU B 56 1.72 -14.89 1.31
CA LEU B 56 -8.06 4.44 12.61
C LEU B 56 19.61 -4.76 12.01
C LEU B 56 -7.07 -9.82 -11.83
C LEU B 56 3.16 -14.88 1.81
C LEU B 56 -7.90 3.76 11.25
N SER B 57 19.15 -5.50 13.06
N SER B 57 -6.03 -10.68 -11.75
N SER B 57 3.41 -15.58 2.94
N SER B 57 -8.65 2.66 11.03
CA SER B 57 18.98 -4.80 14.35
CA SER B 57 -4.66 -10.10 -11.80
CA SER B 57 4.81 -15.58 3.44
CA SER B 57 -8.50 1.99 9.72
C SER B 57 20.31 -4.31 14.91
C SER B 57 -4.37 -9.44 -13.12
C SER B 57 5.77 -16.22 2.47
C SER B 57 -8.95 2.86 8.57
N ASP B 58 21.39 -5.01 14.60
N ASP B 58 -4.99 -9.92 -14.19
N ASP B 58 5.29 -17.18 1.69
N ASP B 58 -9.90 3.74 8.83
CA ASP B 58 22.73 -4.61 15.08
CA ASP B 58 -4.78 -9.33 -15.54
CA ASP B 58 6.16 -17.88 0.71
CA ASP B 58 -10.41 4.67 7.77
C ASP B 58 23.05 -3.17 14.69
C ASP B 58 -5.09 -7.83 -15.53
C ASP B 58 6.80 -16.87 -0.24
C ASP B 58 -9.26 5.47 7.16
N TYR B 59 22.65 -2.81 13.51
N TYR B 59 -6.12 -7.49 -14.82
N TYR B 59 6.04 -15.89 -0.61
N TYR B 59 -8.35 5.87 8.00
CA TYR B 59 22.83 -1.48 12.93
CA TYR B 59 -6.58 -6.11 -14.67
CA TYR B 59 6.47 -14.81 -1.51
CA TYR B 59 -7.16 6.65 7.64
C TYR B 59 21.66 -0.56 13.21
C TYR B 59 -5.96 -5.41 -13.47
C TYR B 59 7.05 -13.62 -0.77
C TYR B 59 -5.97 5.77 7.31
N ASN B 60 20.66 -0.93 13.96
N ASN B 60 -5.03 -5.99 -12.74
N ASN B 60 7.21 -13.64 0.53
N ASN B 60 -6.06 4.47 7.29
CA ASN B 60 19.55 0.01 14.21
CA ASN B 60 -4.45 -5.26 -11.59
CA ASN B 60 7.79 -12.46 1.22
CA ASN B 60 -4.87 3.65 6.97
C ASN B 60 18.90 0.45 12.90
C ASN B 60 -5.54 -4.86 -10.59
C ASN B 60 6.94 -11.22 0.96
C ASN B 60 -3.74 3.94 7.94
N ILE B 61 18.65 -0.49 12.02
N ILE B 61 -6.43 -5.77 -10.27
N ILE B 61 5.64 -11.35 1.08
N ILE B 61 -4.04 3.98 9.22
CA ILE B 61 17.93 -0.19 10.74
CA ILE B 61 -7.47 -5.52 -9.24
CA ILE B 61 4.72 -10.17 0.95
CA ILE B 61 -2.99 4.16 10.27
C ILE B 61 16.44 -0.34 11.04
C ILE B 61 -6.86 -5.94 -7.91
C ILE B 61 4.59 -9.58 2.34
C ILE B 61 -2.52 2.76 10.62
N GLN B 62 15.68 0.71 10.95
N GLN B 62 -6.68 -5.04 -6.99
N GLN B 62 5.03 -8.37 2.54
N GLN B 62 -1.27 2.44 10.39
CA GLN B 62 14.22 0.70 11.29
CA GLN B 62 -6.02 -5.30 -5.67
CA GLN B 62 5.02 -7.70 3.88
CA GLN B 62 -0.71 1.08 10.63
C GLN B 62 13.40 0.68 9.99
C GLN B 62 -7.09 -5.38 -4.58
C GLN B 62 3.88 -6.69 3.94
C GLN B 62 0.14 1.11 11.91
N LYS B 63 12.10 0.45 10.10
N LYS B 63 -6.71 -5.83 -3.39
N LYS B 63 3.58 -6.15 5.12
N LYS B 63 0.55 -0.05 12.40
CA LYS B 63 11.23 0.34 8.95
CA LYS B 63 -7.65 -6.00 -2.30
CA LYS B 63 2.48 -5.23 5.31
CA LYS B 63 1.30 -0.16 13.64
C LYS B 63 11.38 1.59 8.08
C LYS B 63 -8.40 -4.70 -2.05
C LYS B 63 2.62 -4.07 4.34
C LYS B 63 2.54 0.73 13.54
N GLU B 64 11.32 1.32 6.77
N GLU B 64 -9.69 -4.90 -1.72
N GLU B 64 1.44 -3.65 3.86
N GLU B 64 2.83 1.31 14.71
CA GLU B 64 11.41 2.29 5.71
CA GLU B 64 -10.64 -3.86 -1.42
CA GLU B 64 1.25 -2.56 2.93
CA GLU B 64 3.95 2.20 14.94
C GLU B 64 12.73 2.99 5.52
C GLU B 64 -11.05 -2.95 -2.53
C GLU B 64 1.76 -2.73 1.53
C GLU B 64 3.95 3.52 14.24
N SER B 65 13.77 2.38 6.07
N SER B 65 -10.82 -3.41 -3.75
N SER B 65 1.99 -3.99 1.18
N SER B 65 2.77 3.92 13.81
CA SER B 65 15.15 2.83 5.91
CA SER B 65 -11.24 -2.72 -4.98
CA SER B 65 2.40 -4.38 -0.18
CA SER B 65 2.52 5.24 13.21
C SER B 65 15.56 2.53 4.44
C SER B 65 -12.78 -2.85 -5.06
C SER B 65 1.18 -4.18 -1.10
C SER B 65 2.63 6.29 14.34
N THR B 66 16.58 3.21 3.97
N THR B 66 -13.40 -1.99 -5.83
N THR B 66 1.41 -4.07 -2.38
N THR B 66 2.85 7.53 13.99
CA THR B 66 17.13 2.97 2.63
CA THR B 66 -14.85 -2.05 -6.08
CA THR B 66 0.34 -3.98 -3.38
CA THR B 66 2.89 8.64 14.94
C THR B 66 18.59 2.53 2.78
C THR B 66 -15.08 -2.24 -7.58
C THR B 66 0.44 -5.17 -4.33
C THR B 66 1.80 9.64 14.57
N LEU B 67 18.96 1.40 2.18
N LEU B 67 -15.85 -3.26 -7.96
N LEU B 67 -0.65 -5.91 -4.52
N LEU B 67 0.93 9.99 15.52
CA LEU B 67 20.37 0.99 2.19
CA LEU B 67 -16.20 -3.44 -9.37
CA LEU B 67 -0.66 -7.00 -5.50
CA LEU B 67 -0.08 11.02 15.26
C LEU B 67 20.91 1.31 0.78
C LEU B 67 -17.65 -2.94 -9.51
C LEU B 67 -1.44 -6.46 -6.71
C LEU B 67 0.44 12.30 15.96
N HIS B 68 22.17 1.52 0.65
N HIS B 68 -18.05 -2.52 -10.65
N HIS B 68 -1.18 -6.97 -7.87
N HIS B 68 0.05 13.44 15.51
CA HIS B 68 22.73 1.78 -0.70
CA HIS B 68 -19.45 -2.07 -10.83
CA HIS B 68 -1.94 -6.51 -9.06
CA HIS B 68 0.49 14.68 16.19
C HIS B 68 23.46 0.51 -1.10
C HIS B 68 -20.14 -3.19 -11.62
C HIS B 68 -2.92 -7.64 -9.38
C HIS B 68 -0.73 15.19 16.96
N LEU B 69 23.27 0.08 -2.34
N LEU B 69 -21.34 -3.56 -11.21
N LEU B 69 -4.16 -7.28 -9.66
N LEU B 69 -0.52 15.60 18.20
CA LEU B 69 23.96 -1.08 -2.88
CA LEU B 69 -22.13 -4.56 -11.91
CA LEU B 69 -5.17 -8.26 -10.07
CA LEU B 69 -1.58 16.18 19.02
C LEU B 69 25.02 -0.68 -3.87
C LEU B 69 -23.28 -3.92 -12.64
C LEU B 69 -5.48 -8.15 -11.53
C LEU B 69 -1.42 17.66 19.18
N VAL B 70 26.27 -0.93 -3.59
N VAL B 70 -23.32 -3.97 -13.94
N VAL B 70 -5.21 -9.14 -12.33
N VAL B 70 -2.30 18.46 18.68
CA VAL B 70 27.35 -0.65 -4.59
CA VAL B 70 -24.50 -3.46 -14.69
CA VAL B 70 -5.60 -9.12 -13.76
CA VAL B 70 -2.23 19.93 18.92
C VAL B 70 27.78 -2.05 -5.05
C VAL B 70 -25.18 -4.74 -15.20
C VAL B 70 -6.75 -10.14 -13.83
C VAL B 70 -3.38 20.20 19.89
N LEU B 71 28.04 -2.20 -6.34
N LEU B 71 -26.50 -4.77 -15.18
N LEU B 71 -7.78 -9.84 -14.60
N LEU B 71 -3.16 21.07 20.86
CA LEU B 71 28.49 -3.50 -6.86
CA LEU B 71 -27.25 -5.94 -15.68
CA LEU B 71 -8.91 -10.78 -14.76
CA LEU B 71 -4.22 21.41 21.83
C LEU B 71 30.00 -3.53 -6.96
C LEU B 71 -27.67 -5.71 -17.10
C LEU B 71 -8.72 -11.60 -16.00
C LEU B 71 -4.92 22.67 21.39
N MET A 1 6.38 18.40 -20.67
CA MET A 1 5.74 19.56 -20.05
C MET A 1 6.28 19.67 -18.60
N GLN A 2 6.34 20.88 -18.14
CA GLN A 2 6.81 21.11 -16.74
C GLN A 2 5.61 21.10 -15.81
N ILE A 3 5.80 20.45 -14.66
CA ILE A 3 4.77 20.47 -13.61
C ILE A 3 5.53 20.83 -12.30
N PHE A 4 4.75 21.23 -11.33
CA PHE A 4 5.40 21.59 -10.01
C PHE A 4 4.91 20.64 -8.96
N VAL A 5 5.74 20.16 -8.03
CA VAL A 5 5.27 19.32 -6.95
C VAL A 5 5.58 20.10 -5.65
N LYS A 6 4.57 20.50 -4.95
CA LYS A 6 4.78 21.30 -3.70
C LYS A 6 4.77 20.35 -2.53
N THR A 7 5.82 20.41 -1.68
CA THR A 7 5.88 19.52 -0.51
C THR A 7 5.42 20.27 0.74
N LEU A 8 5.24 19.58 1.84
CA LEU A 8 4.74 20.24 3.07
C LEU A 8 5.81 21.08 3.74
N THR A 9 7.06 21.03 3.24
CA THR A 9 8.08 21.90 3.94
C THR A 9 8.35 23.16 3.18
N GLY A 10 7.52 23.50 2.24
CA GLY A 10 7.67 24.69 1.43
C GLY A 10 8.68 24.63 0.33
N LYS A 11 9.10 23.43 0.00
CA LYS A 11 10.01 23.21 -1.12
C LYS A 11 9.11 22.84 -2.31
N THR A 12 9.42 23.38 -3.48
CA THR A 12 8.62 22.98 -4.66
C THR A 12 9.61 22.35 -5.64
N ILE A 13 9.25 21.19 -6.17
CA ILE A 13 10.23 20.60 -7.13
C ILE A 13 9.65 20.67 -8.52
N THR A 14 10.47 20.94 -9.51
CA THR A 14 9.89 20.97 -10.89
C THR A 14 10.25 19.66 -11.57
N LEU A 15 9.33 19.09 -12.33
CA LEU A 15 9.58 17.83 -13.01
C LEU A 15 9.25 18.02 -14.49
N GLU A 16 9.89 17.22 -15.31
CA GLU A 16 9.51 17.26 -16.76
C GLU A 16 8.85 15.92 -17.00
N VAL A 17 7.60 16.03 -17.42
CA VAL A 17 6.77 14.86 -17.67
C VAL A 17 5.93 15.04 -18.95
N GLU A 18 5.32 13.93 -19.31
CA GLU A 18 4.37 13.84 -20.41
C GLU A 18 3.06 13.38 -19.82
N PRO A 19 1.95 13.87 -20.34
CA PRO A 19 0.61 13.47 -19.90
C PRO A 19 0.43 11.98 -19.97
N SER A 20 1.19 11.31 -20.81
CA SER A 20 1.03 9.85 -20.98
C SER A 20 1.72 9.11 -19.87
N ASP A 21 2.49 9.83 -19.05
CA ASP A 21 3.19 9.10 -17.96
C ASP A 21 2.21 8.63 -16.92
N THR A 22 2.51 7.52 -16.30
CA THR A 22 1.71 6.99 -15.21
C THR A 22 2.16 7.68 -13.91
N ILE A 23 1.25 7.61 -12.94
CA ILE A 23 1.52 8.13 -11.60
C ILE A 23 2.72 7.40 -10.98
N GLU A 24 2.80 6.12 -11.24
CA GLU A 24 3.98 5.32 -10.73
C GLU A 24 5.27 5.90 -11.23
N CYS A 25 5.30 6.34 -12.52
CA CYS A 25 6.50 6.91 -13.13
C CYS A 25 6.85 8.24 -12.50
N VAL A 26 5.82 9.05 -12.28
CA VAL A 26 6.04 10.34 -11.65
C VAL A 26 6.71 10.15 -10.29
N LYS A 27 6.18 9.20 -9.52
CA LYS A 27 6.74 8.92 -8.19
C LYS A 27 8.19 8.48 -8.29
N ALA A 28 8.54 7.70 -9.30
CA ALA A 28 9.92 7.29 -9.53
C ALA A 28 10.80 8.47 -9.89
N LYS A 29 10.31 9.43 -10.66
CA LYS A 29 11.09 10.64 -10.97
C LYS A 29 11.35 11.47 -9.69
N ILE A 30 10.35 11.49 -8.81
CA ILE A 30 10.50 12.25 -7.55
C ILE A 30 11.53 11.50 -6.70
N GLN A 31 11.49 10.19 -6.69
CA GLN A 31 12.50 9.45 -5.86
C GLN A 31 13.90 9.76 -6.40
N ASP A 32 14.01 9.63 -7.70
CA ASP A 32 15.30 9.91 -8.37
C ASP A 32 15.83 11.29 -8.03
N LYS A 33 14.94 12.30 -7.98
CA LYS A 33 15.50 13.66 -7.74
C LYS A 33 15.53 14.13 -6.33
N GLU A 34 14.74 13.67 -5.41
CA GLU A 34 14.73 14.09 -4.02
C GLU A 34 14.92 12.96 -3.04
N GLY A 35 14.94 11.73 -3.52
CA GLY A 35 15.18 10.58 -2.69
C GLY A 35 14.07 10.02 -1.89
N ILE A 36 12.84 10.55 -2.06
CA ILE A 36 11.72 10.01 -1.29
C ILE A 36 11.20 8.72 -1.91
N PRO A 37 11.15 7.65 -1.13
CA PRO A 37 10.64 6.34 -1.58
C PRO A 37 9.21 6.46 -2.09
N PRO A 38 8.88 5.84 -3.19
CA PRO A 38 7.51 5.95 -3.73
C PRO A 38 6.45 5.52 -2.76
N ASP A 39 6.74 4.57 -1.90
CA ASP A 39 5.72 4.05 -0.95
C ASP A 39 5.34 5.08 0.11
N GLN A 40 6.16 6.11 0.23
CA GLN A 40 5.83 7.18 1.22
C GLN A 40 5.08 8.36 0.58
N GLN A 41 5.02 8.40 -0.74
CA GLN A 41 4.40 9.48 -1.46
C GLN A 41 2.90 9.36 -1.66
N ARG A 42 2.21 10.46 -1.32
CA ARG A 42 0.75 10.57 -1.60
C ARG A 42 0.62 11.80 -2.48
N LEU A 43 0.18 11.67 -3.73
CA LEU A 43 0.09 12.84 -4.63
C LEU A 43 -1.35 13.30 -4.76
N ILE A 44 -1.57 14.59 -4.57
CA ILE A 44 -2.91 15.19 -4.61
C ILE A 44 -3.02 16.28 -5.66
N PHE A 45 -4.11 16.19 -6.46
CA PHE A 45 -4.39 17.20 -7.50
C PHE A 45 -5.92 17.33 -7.53
N ALA A 46 -6.32 18.58 -7.46
CA ALA A 46 -7.74 18.98 -7.52
C ALA A 46 -8.59 18.14 -6.58
N GLY A 47 -8.08 17.99 -5.40
CA GLY A 47 -8.62 17.24 -4.29
C GLY A 47 -8.80 15.76 -4.47
N CYS A 48 -8.13 15.15 -5.41
CA CYS A 48 -8.12 13.71 -5.63
C CYS A 48 -6.78 13.12 -5.25
N GLN A 49 -6.74 11.97 -4.70
CA GLN A 49 -5.43 11.30 -4.47
C GLN A 49 -5.16 10.55 -5.77
N LEU A 50 -3.98 10.72 -6.33
CA LEU A 50 -3.65 10.11 -7.64
C LEU A 50 -3.29 8.65 -7.46
N GLU A 51 -3.77 7.80 -8.37
CA GLU A 51 -3.53 6.34 -8.25
C GLU A 51 -2.42 5.92 -9.18
N ASP A 52 -1.53 5.06 -8.79
CA ASP A 52 -0.35 4.62 -9.54
C ASP A 52 -0.48 4.20 -10.99
N GLY A 53 -1.50 3.45 -11.32
CA GLY A 53 -1.74 2.91 -12.67
C GLY A 53 -2.40 3.82 -13.65
N ARG A 54 -2.89 4.98 -13.21
CA ARG A 54 -3.49 5.96 -14.13
C ARG A 54 -2.37 6.83 -14.68
N THR A 55 -2.66 7.57 -15.72
CA THR A 55 -1.72 8.53 -16.36
C THR A 55 -2.16 9.94 -15.93
N LEU A 56 -1.27 10.90 -16.12
CA LEU A 56 -1.55 12.31 -15.83
C LEU A 56 -2.72 12.75 -16.70
N SER A 57 -2.80 12.25 -17.95
CA SER A 57 -3.93 12.69 -18.80
C SER A 57 -5.26 12.26 -18.24
N ASP A 58 -5.29 11.15 -17.53
CA ASP A 58 -6.56 10.64 -16.93
C ASP A 58 -7.20 11.71 -16.05
N TYR A 59 -6.37 12.41 -15.33
CA TYR A 59 -6.76 13.49 -14.42
C TYR A 59 -6.79 14.84 -15.09
N ASN A 60 -6.55 14.98 -16.38
CA ASN A 60 -6.58 16.32 -16.99
C ASN A 60 -5.58 17.25 -16.32
N ILE A 61 -4.36 16.77 -16.10
CA ILE A 61 -3.28 17.62 -15.54
C ILE A 61 -2.59 18.28 -16.73
N GLN A 62 -2.64 19.57 -16.85
CA GLN A 62 -2.07 20.32 -18.00
C GLN A 62 -0.74 20.97 -17.58
N LYS A 63 0.04 21.51 -18.58
CA LYS A 63 1.33 22.10 -18.24
C LYS A 63 1.17 23.16 -17.17
N GLU A 64 2.22 23.18 -16.36
CA GLU A 64 2.37 24.09 -15.26
C GLU A 64 1.44 23.96 -14.10
N SER A 65 0.81 22.79 -14.03
CA SER A 65 -0.07 22.42 -12.91
C SER A 65 0.84 22.18 -11.68
N THR A 66 0.25 22.25 -10.50
CA THR A 66 0.96 21.97 -9.25
C THR A 66 0.29 20.77 -8.56
N LEU A 67 1.06 19.74 -8.22
CA LEU A 67 0.49 18.62 -7.46
C LEU A 67 0.98 18.81 -6.00
N HIS A 68 0.26 18.31 -5.06
CA HIS A 68 0.72 18.43 -3.66
C HIS A 68 1.24 17.05 -3.26
N LEU A 69 2.38 17.02 -2.60
CA LEU A 69 2.96 15.77 -2.10
C LEU A 69 2.83 15.67 -0.60
N VAL A 70 2.10 14.73 -0.09
CA VAL A 70 2.03 14.52 1.38
C VAL A 70 2.81 13.21 1.60
N LEU A 71 3.60 13.15 2.65
CA LEU A 71 4.36 11.93 2.95
C LEU A 71 3.61 11.09 3.95
N ARG A 72 3.56 9.79 3.75
N ARG A 72 3.57 9.78 3.72
N ARG A 72 3.56 9.80 3.74
N ARG A 72 3.55 9.79 3.74
CA ARG A 72 2.85 8.91 4.69
CA ARG A 72 2.91 8.80 4.60
CA ARG A 72 2.85 8.89 4.66
CA ARG A 72 2.84 8.89 4.67
C ARG A 72 3.55 9.08 6.03
C ARG A 72 2.53 7.63 3.70
C ARG A 72 3.92 7.98 5.26
C ARG A 72 3.85 7.81 5.05
N LEU A 73 4.84 9.20 6.09
N LEU A 73 1.70 6.72 4.11
N LEU A 73 4.11 7.92 6.53
N LEU A 73 4.26 7.70 6.27
CA LEU A 73 5.51 9.36 7.40
CA LEU A 73 1.35 5.58 3.23
CA LEU A 73 5.18 7.04 7.09
CA LEU A 73 5.25 6.66 6.62
C LEU A 73 5.20 8.17 8.29
C LEU A 73 0.00 4.99 3.64
C LEU A 73 4.91 6.79 8.56
C LEU A 73 4.56 5.31 6.77
N ARG A 74 4.03 8.26 8.91
N ARG A 74 -0.30 3.86 3.02
N ARG A 74 4.30 5.62 8.80
N ARG A 74 4.89 4.43 5.84
CA ARG A 74 3.54 7.20 9.83
CA ARG A 74 -1.55 3.14 3.27
CA ARG A 74 3.95 5.19 10.16
CA ARG A 74 4.32 3.08 5.80
C ARG A 74 3.11 6.00 9.01
C ARG A 74 -1.32 1.65 3.06
C ARG A 74 3.49 3.73 10.11
C ARG A 74 5.40 2.07 6.17
N GLY A 75 3.62 4.84 9.40
N GLY A 75 -2.28 0.87 3.55
N GLY A 75 3.20 3.21 11.29
N GLY A 75 5.05 1.20 7.11
CA GLY A 75 3.34 3.57 8.75
CA GLY A 75 -2.24 -0.58 3.47
CA GLY A 75 2.76 1.83 11.46
CA GLY A 75 5.94 0.17 7.61
C GLY A 75 4.11 2.37 9.30
C GLY A 75 -3.01 -1.18 2.30
C GLY A 75 3.86 0.83 11.78
C GLY A 75 5.63 -0.32 9.02
N GLY A 76 3.90 1.27 8.63
N GLY A 76 -3.29 -2.46 2.46
N GLY A 76 3.41 -0.31 12.28
N GLY A 76 6.53 -1.16 9.50
CA GLY A 76 4.54 -0.03 8.93
CA GLY A 76 -4.04 -3.27 1.48
CA GLY A 76 4.27 -1.44 12.66
CA GLY A 76 6.48 -1.76 10.83
C GLY A 76 5.93 -0.05 8.29
C GLY A 76 -5.15 -4.03 2.23
C GLY A 76 4.35 -2.40 11.45
C GLY A 76 5.09 -2.38 11.03
N MET B 1 10.47 -6.56 7.37
N MET B 1 -10.79 -13.01 -0.87
N MET B 1 -1.97 -7.24 9.11
N MET B 1 -3.45 -2.39 19.64
CA MET B 1 10.53 -5.09 7.28
CA MET B 1 -10.79 -11.55 -0.66
CA MET B 1 -1.26 -6.18 8.38
CA MET B 1 -2.20 -1.97 18.99
C MET B 1 11.01 -4.73 5.85
C MET B 1 -12.21 -11.04 -1.01
C MET B 1 -2.14 -5.80 7.16
C MET B 1 -1.72 -0.69 19.73
N GLN B 2 10.54 -3.60 5.40
N GLN B 2 -12.57 -9.99 -0.33
N GLN B 2 -2.02 -4.56 6.79
N GLN B 2 -0.42 -0.54 19.75
CA GLN B 2 10.95 -3.13 4.04
CA GLN B 2 -13.91 -9.37 -0.60
CA GLN B 2 -2.81 -4.08 5.61
CA GLN B 2 0.16 0.66 20.41
C GLN B 2 12.20 -2.26 4.18
C GLN B 2 -13.76 -8.32 -1.69
C GLN B 2 -1.96 -4.26 4.35
C GLN B 2 0.31 1.78 19.36
N ILE B 3 13.14 -2.47 3.27
N ILE B 3 -14.72 -8.30 -2.60
N ILE B 3 -2.60 -4.72 3.30
N ILE B 3 -0.03 2.99 19.78
CA ILE B 3 14.33 -1.60 3.19
CA ILE B 3 -14.78 -7.25 -3.61
CA ILE B 3 -1.95 -4.80 1.98
CA ILE B 3 0.19 4.17 18.93
C ILE B 3 14.46 -1.19 1.69
C ILE B 3 -16.25 -6.73 -3.60
C ILE B 3 -2.93 -4.14 0.97
C ILE B 3 0.89 5.22 19.84
N PHE B 4 15.24 -0.16 1.49
N PHE B 4 -16.41 -5.57 -4.19
N PHE B 4 -2.38 -3.81 -0.17
N PHE B 4 1.48 6.18 19.18
CA PHE B 4 15.43 0.31 0.08
CA PHE B 4 -17.80 -4.99 -4.23
CA PHE B 4 -3.27 -3.18 -1.22
CA PHE B 4 2.18 7.25 19.99
C PHE B 4 16.87 0.13 -0.30
C PHE B 4 -18.25 -4.90 -5.66
C PHE B 4 -3.33 -4.09 -2.40
C PHE B 4 1.49 8.56 19.75
N VAL B 5 17.21 -0.29 -1.51
N VAL B 5 -19.49 -5.19 -6.02
N VAL B 5 -4.48 -4.27 -3.06
N VAL B 5 1.29 9.42 20.75
CA VAL B 5 18.60 -0.40 -1.93
CA VAL B 5 -19.96 -5.02 -7.38
CA VAL B 5 -4.56 -5.07 -4.26
CA VAL B 5 0.71 10.73 20.53
C VAL B 5 18.73 0.57 -3.14
C VAL B 5 -21.10 -3.98 -7.29
C VAL B 5 -5.01 -4.10 -5.38
C VAL B 5 1.81 11.75 20.95
N LYS B 6 19.49 1.60 -2.98
N LYS B 6 -20.91 -2.84 -7.87
N LYS B 6 -4.18 -3.87 -6.33
N LYS B 6 2.30 12.49 20.03
CA LYS B 6 19.64 2.60 -4.09
CA LYS B 6 -21.96 -1.77 -7.80
CA LYS B 6 -4.53 -2.90 -7.43
CA LYS B 6 3.39 13.47 20.35
C LYS B 6 20.87 2.25 -4.87
C LYS B 6 -22.81 -1.86 -9.03
C LYS B 6 -5.08 -3.68 -8.59
C LYS B 6 2.76 14.81 20.61
N THR B 7 20.74 2.12 -6.21
N THR B 7 -24.14 -1.93 -8.86
N THR B 7 -6.28 -3.31 -9.08
N THR B 7 3.07 15.44 21.77
CA THR B 7 21.90 1.78 -7.04
CA THR B 7 -25.04 -2.02 -10.03
CA THR B 7 -6.88 -4.03 -10.21
CA THR B 7 2.49 16.75 22.09
C THR B 7 22.46 3.06 -7.68
C THR B 7 -25.62 -0.63 -10.32
C THR B 7 -6.62 -3.26 -11.51
C THR B 7 3.50 17.85 21.75
N LEU B 8 23.61 2.98 -8.31
N LEU B 8 -26.29 -0.48 -11.45
N LEU B 8 -6.92 -3.85 -12.65
N LEU B 8 3.09 19.10 21.79
CA LEU B 8 24.24 4.17 -8.93
CA LEU B 8 -26.84 0.84 -11.82
CA LEU B 8 -6.65 -3.19 -13.94
CA LEU B 8 4.00 20.21 21.45
C LEU B 8 23.53 4.62 -10.19
C LEU B 8 -28.05 1.23 -10.99
C LEU B 8 -7.62 -2.06 -14.23
C LEU B 8 5.04 20.48 22.52
N THR B 9 22.55 3.83 -10.68
N THR B 9 -28.55 0.31 -10.15
N THR B 9 -8.65 -1.89 -13.38
N THR B 9 4.93 19.80 23.68
CA THR B 9 21.88 4.31 -11.93
CA THR B 9 -29.75 0.75 -9.35
CA THR B 9 -9.58 -0.75 -13.71
CA THR B 9 5.99 20.09 24.70
C THR B 9 20.55 4.94 -11.64
C THR B 9 -29.38 1.12 -7.95
C THR B 9 -9.32 0.45 -12.84
C THR B 9 7.04 19.03 24.75
N GLY B 10 20.27 5.27 -10.42
N GLY B 10 -28.13 1.32 -7.67
N GLY B 10 -8.21 0.50 -12.18
N GLY B 10 7.10 18.20 23.75
CA GLY B 10 19.04 5.88 -10.00
CA GLY B 10 -27.63 1.68 -6.37
CA GLY B 10 -7.83 1.59 -11.32
CA GLY B 10 8.07 17.12 23.67
C GLY B 10 17.85 4.97 -9.90
C GLY B 10 -27.54 0.57 -5.36
C GLY B 10 -8.48 1.63 -9.97
C GLY B 10 7.79 15.92 24.51
N LYS B 11 18.10 3.68 -9.85
N LYS B 11 -27.58 -0.64 -5.83
N LYS B 11 -9.06 0.53 -9.57
N LYS B 11 6.58 15.79 24.97
CA LYS B 11 17.07 2.69 -9.65
CA LYS B 11 -27.41 -1.82 -4.99
CA LYS B 11 -9.65 0.39 -8.24
CA LYS B 11 6.13 14.62 25.72
C LYS B 11 17.09 2.38 -8.14
C LYS B 11 -25.92 -2.20 -5.14
C LYS B 11 -8.56 -0.30 -7.39
C LYS B 11 5.43 13.71 24.68
N THR B 12 15.92 2.26 -7.53
N THR B 12 -25.29 -2.55 -4.04
N THR B 12 -8.39 0.15 -6.16
N THR B 12 5.70 12.42 24.77
CA THR B 12 15.91 1.87 -6.11
CA THR B 12 -23.89 -3.02 -4.16
CA THR B 12 -7.42 -0.53 -5.30
CA THR B 12 4.99 11.52 23.84
C THR B 12 15.14 0.56 -6.03
C THR B 12 -23.87 -4.45 -3.62
C THR B 12 -8.22 -1.03 -4.09
C THR B 12 4.19 10.55 24.73
N ILE B 13 15.71 -0.41 -5.33
N ILE B 13 -23.25 -5.35 -4.39
N ILE B 13 -8.02 -2.30 -3.75
N ILE B 13 2.91 10.38 24.40
CA ILE B 13 14.93 -1.69 -5.25
CA ILE B 13 -23.23 -6.74 -3.84
CA ILE B 13 -8.80 -2.77 -2.56
CA ILE B 13 2.16 9.43 25.27
C ILE B 13 14.40 -1.86 -3.86
C ILE B 13 -21.83 -7.08 -3.42
C ILE B 13 -7.86 -2.98 -1.41
C ILE B 13 1.86 8.19 24.49
N THR B 14 13.20 -2.36 -3.71
N THR B 14 -21.67 -7.79 -2.33
N THR B 14 -8.28 -2.64 -0.21
N THR B 14 1.93 7.03 25.11
CA THR B 14 12.71 -2.57 -2.31
CA THR B 14 -20.27 -8.16 -1.94
CA THR B 14 -7.34 -2.89 0.93
CA THR B 14 1.59 5.80 24.33
C THR B 14 12.85 -4.03 -1.97
C THR B 14 -20.04 -9.59 -2.35
C THR B 14 -7.80 -4.15 1.64
C THR B 14 0.19 5.38 24.70
N LEU B 15 13.27 -4.36 -0.76
N LEU B 15 -18.86 -9.90 -2.87
N LEU B 15 -6.87 -5.01 2.07
N LEU B 15 -0.61 4.95 23.74
CA LEU B 15 13.46 -5.73 -0.36
CA LEU B 15 -18.55 -11.25 -3.30
CA LEU B 15 -7.22 -6.23 2.73
CA LEU B 15 -1.97 4.54 23.99
C LEU B 15 12.66 -5.97 0.93
C LEU B 15 -17.24 -11.69 -2.63
C LEU B 15 -6.45 -6.29 4.07
C LEU B 15 -2.17 3.13 23.43
N GLU B 16 12.28 -7.20 1.15
N GLU B 16 -17.10 -12.98 -2.47
N GLU B 16 -7.02 -7.02 5.00
N GLU B 16 -3.11 2.42 24.00
CA GLU B 16 11.62 -7.50 2.46
CA GLU B 16 -15.79 -13.47 -1.93
CA GLU B 16 -6.24 -7.22 6.27
CA GLU B 16 -3.43 1.09 23.40
C GLU B 16 12.63 -8.38 3.17
C GLU B 16 -15.17 -14.20 -3.11
C GLU B 16 -5.88 -8.69 6.25
C GLU B 16 -4.82 1.28 22.83
N VAL B 17 13.04 -7.88 4.32
N VAL B 17 -14.00 -13.69 -3.47
N VAL B 17 -4.57 -8.90 6.28
N VAL B 17 -4.89 1.06 21.53
CA VAL B 17 14.04 -8.53 5.15
CA VAL B 17 -13.26 -14.22 -4.61
CA VAL B 17 -4.02 -10.24 6.22
CA VAL B 17 -6.12 1.23 20.77
C VAL B 17 13.67 -8.46 6.64
C VAL B 17 -11.75 -14.30 -4.30
C VAL B 17 -2.84 -10.40 7.20
C VAL B 17 -6.30 0.10 19.75
N GLU B 18 14.45 -9.22 7.38
N GLU B 18 -11.09 -14.94 -5.23
N GLU B 18 -2.44 -11.65 7.31
N GLU B 18 -7.50 0.12 19.20
CA GLU B 18 14.38 -9.25 8.85
CA GLU B 18 -9.63 -15.07 -5.25
CA GLU B 18 -1.27 -12.06 8.09
CA GLU B 18 -7.90 -0.77 18.10
C GLU B 18 15.76 -8.81 9.33
C GLU B 18 -9.16 -14.43 -6.54
C GLU B 18 -0.32 -12.74 7.10
C GLU B 18 -8.27 0.13 16.93
N PRO B 19 15.79 -8.10 10.44
N PRO B 19 -8.01 -13.78 -6.50
N PRO B 19 0.96 -12.56 7.30
N PRO B 19 -7.98 -0.30 15.73
CA PRO B 19 17.05 -7.66 11.06
CA PRO B 19 -7.41 -13.16 -7.70
CA PRO B 19 1.98 -13.20 6.45
CA PRO B 19 -8.33 0.45 14.51
C PRO B 19 17.98 -8.81 11.33
C PRO B 19 -7.25 -14.14 -8.81
C PRO B 19 1.82 -14.69 6.39
C PRO B 19 -9.80 0.76 14.45
N SER B 20 17.43 -10.00 11.47
N SER B 20 -7.16 -15.43 -8.49
N SER B 20 1.19 -15.26 7.41
N SER B 20 -10.62 -0.03 15.13
CA SER B 20 18.26 -11.18 11.80
CA SER B 20 -6.95 -16.45 -9.53
CA SER B 20 1.03 -16.73 7.46
CA SER B 20 -12.07 0.17 15.08
C SER B 20 18.95 -11.70 10.56
C SER B 20 -8.24 -16.78 -10.24
C SER B 20 -0.11 -17.18 6.57
C SER B 20 -12.49 1.29 15.99
N ASP B 21 18.58 -11.18 9.39
N ASP B 21 -9.36 -16.26 -9.72
N ASP B 21 -0.88 -16.22 6.05
N ASP B 21 -11.56 1.79 16.81
CA ASP B 21 19.23 -11.70 8.16
CA ASP B 21 -10.64 -16.60 -10.40
CA ASP B 21 -2.01 -16.65 5.20
CA ASP B 21 -11.96 2.88 17.75
C ASP B 21 20.66 -11.25 8.10
C ASP B 21 -10.71 -15.90 -11.73
C ASP B 21 -1.50 -17.20 3.89
C ASP B 21 -12.20 4.14 16.96
N THR B 22 21.50 -12.08 7.52
N THR B 22 -11.38 -16.55 -12.67
N THR B 22 -2.23 -18.16 3.34
N THR B 22 -13.12 4.95 17.46
CA THR B 22 22.90 -11.76 7.31
CA THR B 22 -11.62 -15.96 -13.98
CA THR B 22 -1.92 -18.72 2.05
CA THR B 22 -13.41 6.25 16.88
C THR B 22 23.01 -10.92 6.01
C THR B 22 -12.87 -15.06 -13.89
C THR B 22 -2.52 -17.79 0.96
C THR B 22 -12.40 7.26 17.45
N ILE B 23 24.14 -10.23 5.93
N ILE B 23 -12.94 -14.17 -14.88
N ILE B 23 -1.97 -17.97 -0.24
N ILE B 23 -12.28 8.36 16.71
CA ILE B 23 24.47 -9.46 4.74
CA ILE B 23 -14.10 -13.29 -15.01
CA ILE B 23 -2.48 -17.26 -1.40
CA ILE B 23 -11.45 9.47 17.14
C ILE B 23 24.57 -10.38 3.52
C ILE B 23 -15.37 -14.11 -15.21
C ILE B 23 -3.94 -17.64 -1.68
C ILE B 23 -11.95 10.04 18.47
N GLU B 24 25.10 -11.56 3.73
N GLU B 24 -15.26 -15.19 -15.96
N GLU B 24 -4.26 -18.89 -1.46
N GLU B 24 -13.26 10.08 18.63
CA GLU B 24 25.20 -12.56 2.61
CA GLU B 24 -16.44 -16.09 -16.17
CA GLU B 24 -5.68 -19.34 -1.62
CA GLU B 24 -13.83 10.55 19.93
C GLU B 24 23.82 -12.85 2.05
C GLU B 24 -16.97 -16.58 -14.84
C GLU B 24 -6.60 -18.55 -0.73
C GLU B 24 -13.33 9.72 21.09
N ASN B 25 22.85 -12.97 2.92
N ASN B 25 -16.06 -16.92 -13.93
N ASN B 25 -6.17 -18.28 0.48
N ASN B 25 -13.22 8.42 20.87
CA ASN B 25 21.45 -13.26 2.57
CA ASN B 25 -16.39 -17.43 -12.60
CA ASN B 25 -6.93 -17.52 1.49
CA ASN B 25 -12.76 7.45 21.88
C ASN B 25 20.83 -12.13 1.76
C ASN B 25 -17.11 -16.37 -11.75
C ASN B 25 -7.14 -16.08 1.06
C ASN B 25 -11.29 7.68 22.23
N VAL B 26 21.08 -10.92 2.23
N VAL B 26 -16.57 -15.17 -11.82
N VAL B 26 -6.07 -15.49 0.56
N VAL B 26 -10.50 7.89 21.19
CA VAL B 26 20.59 -9.73 1.55
CA VAL B 26 -17.15 -14.05 -11.10
CA VAL B 26 -6.12 -14.12 0.07
CA VAL B 26 -9.08 8.17 21.38
C VAL B 26 21.11 -9.72 0.12
C VAL B 26 -18.60 -13.86 -11.55
C VAL B 26 -7.17 -14.02 -1.03
C VAL B 26 -8.91 9.40 22.25
N LYS B 27 22.41 -9.97 -0.02
N LYS B 27 -18.80 -13.88 -12.86
N LYS B 27 -7.13 -14.97 -1.96
N LYS B 27 -9.67 10.45 21.94
CA LYS B 27 23.03 -9.98 -1.36
CA LYS B 27 -20.15 -13.70 -13.42
CA LYS B 27 -8.08 -14.97 -3.08
CA LYS B 27 -9.60 11.69 22.71
C LYS B 27 22.39 -11.04 -2.24
C LYS B 27 -21.08 -14.80 -12.93
C LYS B 27 -9.51 -15.09 -2.56
C LYS B 27 -9.97 11.46 24.17
N ALA B 28 22.05 -12.19 -1.70
N ALA B 28 -20.59 -16.03 -12.81
N ALA B 28 -9.73 -15.87 -1.52
N ALA B 28 -10.95 10.60 24.42
CA ALA B 28 21.37 -13.24 -2.45
CA ALA B 28 -21.39 -17.14 -12.29
CA ALA B 28 -11.06 -16.00 -0.92
CA ALA B 28 -11.34 10.25 25.79
C ALA B 28 19.98 -12.81 -2.87
C ALA B 28 -21.74 -16.93 -10.83
C ALA B 28 -11.50 -14.70 -0.26
C ALA B 28 -10.23 9.48 26.50
N LYS B 29 19.26 -12.08 -2.04
N LYS B 29 -20.83 -16.39 -10.02
N LYS B 29 -10.59 -13.97 0.37
N LYS B 29 -9.51 8.61 25.82
CA LYS B 29 17.93 -11.55 -2.42
CA LYS B 29 -21.13 -16.08 -8.61
CA LYS B 29 -10.93 -12.65 0.95
CA LYS B 29 -8.37 7.90 26.43
C LYS B 29 18.05 -10.55 -3.57
C LYS B 29 -22.22 -15.01 -8.51
C LYS B 29 -11.33 -11.66 -0.16
C LYS B 29 -7.25 8.89 26.80
N ILE B 30 19.12 -9.75 -3.53
N ILE B 30 -22.18 -14.04 -9.43
N ILE B 30 -10.65 -11.75 -1.30
N ILE B 30 -7.06 9.90 25.94
CA ILE B 30 19.33 -8.76 -4.60
CA ILE B 30 -23.19 -12.96 -9.41
CA ILE B 30 -10.95 -10.84 -2.42
CA ILE B 30 -6.02 10.90 26.22
C ILE B 30 19.68 -9.54 -5.88
C ILE B 30 -24.51 -13.60 -9.84
C ILE B 30 -12.33 -11.26 -2.96
C ILE B 30 -6.49 11.72 27.42
N GLN B 31 20.46 -10.58 -5.77
N GLN B 31 -24.50 -14.49 -10.79
N GLN B 31 -12.61 -12.53 -3.04
N GLN B 31 -7.76 12.05 27.50
CA GLN B 31 20.80 -11.35 -7.01
CA GLN B 31 -25.81 -15.12 -11.19
CA GLN B 31 -13.96 -12.94 -3.55
CA GLN B 31 -8.22 12.83 28.68
C GLN B 31 19.50 -11.93 -7.60
C GLN B 31 -26.39 -15.88 -9.99
C GLN B 31 -15.04 -12.38 -2.61
C GLN B 31 -7.98 12.01 29.96
N ASP B 32 18.76 -12.55 -6.73
N ASP B 32 -25.52 -16.67 -9.41
N ASP B 32 -14.81 -12.63 -1.34
N ASP B 32 -8.41 10.77 29.89
CA ASP B 32 17.47 -13.14 -7.13
CA ASP B 32 -25.91 -17.46 -8.21
CA ASP B 32 -15.74 -12.15 -0.31
CA ASP B 32 -8.24 9.84 31.02
C ASP B 32 16.58 -12.15 -7.83
C ASP B 32 -26.52 -16.59 -7.13
C ASP B 32 -16.00 -10.66 -0.41
C ASP B 32 -6.80 9.77 31.48
N LYS B 33 16.52 -10.90 -7.33
N LYS B 33 -25.93 -15.41 -6.89
N LYS B 33 -14.95 -9.87 -0.68
N LYS B 33 -5.85 9.73 30.52
CA LYS B 33 15.57 -9.96 -7.97
CA LYS B 33 -26.49 -14.61 -5.76
CA LYS B 33 -15.21 -8.40 -0.70
CA LYS B 33 -4.44 9.55 30.98
C LYS B 33 16.10 -9.09 -9.05
C LYS B 33 -27.52 -13.61 -6.08
C LYS B 33 -15.52 -7.79 -2.01
C LYS B 33 -3.65 10.80 31.19
N GLU B 34 17.36 -8.77 -9.15
N GLU B 34 -27.65 -13.07 -7.26
N GLU B 34 -15.14 -8.30 -3.15
N GLU B 34 -3.90 11.93 30.58
CA GLU B 34 17.93 -7.93 -10.18
CA GLU B 34 -28.64 -12.08 -7.64
CA GLU B 34 -15.43 -7.74 -4.45
CA GLU B 34 -3.16 13.15 30.75
C GLU B 34 19.05 -8.58 -10.95
C GLU B 34 -29.49 -12.48 -8.81
C GLU B 34 -16.15 -8.69 -5.37
C GLU B 34 -4.01 14.32 31.18
N GLY B 35 19.47 -9.77 -10.54
N GLY B 35 -29.17 -13.60 -9.45
N GLY B 35 -16.33 -9.93 -4.97
N GLY B 35 -5.32 14.15 31.24
CA GLY B 35 20.48 -10.52 -11.23
CA GLY B 35 -29.94 -14.12 -10.54
CA GLY B 35 -17.06 -10.90 -5.73
CA GLY B 35 -6.23 15.16 31.71
C GLY B 35 21.90 -10.19 -11.02
C GLY B 35 -29.75 -13.56 -11.89
C GLY B 35 -16.39 -11.60 -6.84
C GLY B 35 -6.63 16.24 30.78
N ILE B 36 22.19 -9.26 -10.09
N ILE B 36 -28.78 -12.65 -12.06
N ILE B 36 -15.07 -11.37 -7.02
N ILE B 36 -6.22 16.16 29.50
CA ILE B 36 23.60 -8.90 -9.85
CA ILE B 36 -28.57 -12.07 -13.40
CA ILE B 36 -14.38 -12.06 -8.12
CA ILE B 36 -6.61 17.21 28.56
C ILE B 36 24.27 -9.94 -8.96
C ILE B 36 -27.78 -13.02 -14.28
C ILE B 36 -14.04 -13.49 -7.74
C ILE B 36 -8.04 17.01 28.08
N PRO B 37 25.39 -10.51 -9.43
N PRO B 37 -28.32 -13.36 -15.44
N PRO B 37 -14.47 -14.45 -8.54
N PRO B 37 -8.89 18.02 28.24
CA PRO B 37 26.16 -11.50 -8.67
CA PRO B 37 -27.65 -14.24 -16.42
CA PRO B 37 -14.18 -15.87 -8.33
CA PRO B 37 -10.29 17.97 27.78
C PRO B 37 26.60 -10.92 -7.33
C PRO B 37 -26.30 -13.68 -16.82
C PRO B 37 -12.69 -16.13 -8.26
C PRO B 37 -10.36 17.69 26.29
N PRO B 38 26.50 -11.68 -6.27
N PRO B 38 -25.28 -14.49 -16.90
N PRO B 38 -12.22 -16.93 -7.33
N PRO B 38 -11.25 16.84 25.85
CA PRO B 38 26.91 -11.17 -4.95
CA PRO B 38 -23.94 -13.99 -17.27
CA PRO B 38 -10.78 -17.19 -7.22
CA PRO B 38 -11.35 16.53 24.42
C PRO B 38 28.34 -10.68 -4.90
C PRO B 38 -23.92 -13.27 -18.60
C PRO B 38 -10.16 -17.73 -8.48
C PRO B 38 -11.59 17.73 23.56
N ASP B 39 29.22 -11.28 -5.66
N ASP B 39 -24.75 -13.67 -19.52
N ASP B 39 -10.91 -18.50 -9.24
N ASP B 39 -12.29 18.72 24.06
CA ASP B 39 30.66 -10.91 -5.63
CA ASP B 39 -24.74 -13.05 -20.87
CA ASP B 39 -10.35 -19.12 -10.48
CA ASP B 39 -12.62 19.92 23.24
C ASP B 39 30.89 -9.51 -6.20
C ASP B 39 -25.24 -11.61 -20.85
C ASP B 39 -10.05 -18.08 -11.55
C ASP B 39 -11.38 20.76 22.93
N GLN B 40 29.91 -8.99 -6.91
N GLN B 40 -25.88 -11.22 -19.76
N GLN B 40 -10.59 -16.88 -11.40
N GLN B 40 -10.29 20.51 23.66
CA GLN B 40 30.06 -7.62 -7.48
CA GLN B 40 -26.36 -9.82 -19.65
CA GLN B 40 -10.30 -15.81 -12.39
CA GLN B 40 -9.05 21.27 23.39
C GLN B 40 29.43 -6.55 -6.58
C GLN B 40 -25.37 -8.93 -18.88
C GLN B 40 -9.15 -14.90 -11.95
C GLN B 40 -8.10 20.50 22.47
N GLN B 41 28.67 -6.96 -5.58
N GLN B 41 -24.38 -9.52 -18.25
N GLN B 41 -8.70 -15.02 -10.72
N GLN B 41 -8.38 19.24 22.19
CA GLN B 41 27.97 -6.05 -4.69
CA GLN B 41 -23.40 -8.80 -17.45
CA GLN B 41 -7.66 -14.19 -10.16
CA GLN B 41 -7.54 18.40 21.37
C GLN B 41 28.78 -5.53 -3.52
C GLN B 41 -22.24 -8.21 -18.22
C GLN B 41 -6.24 -14.65 -10.43
C GLN B 41 -7.77 18.49 19.88
N ARG B 42 28.75 -4.21 -3.37
N ARG B 42 -22.00 -6.92 -17.96
N ARG B 42 -5.43 -13.71 -10.92
N ARG B 42 -6.67 18.69 19.16
CA ARG B 42 29.35 -3.54 -2.18
CA ARG B 42 -20.78 -6.23 -18.49
CA ARG B 42 -3.97 -13.95 -11.08
CA ARG B 42 -6.70 18.62 17.67
C ARG B 42 28.20 -2.79 -1.52
C ARG B 42 -20.05 -5.74 -17.27
C ARG B 42 -3.30 -12.88 -10.23
C ARG B 42 -5.73 17.53 17.30
N LEU B 43 27.80 -3.15 -0.31
N LEU B 43 -18.84 -6.22 -16.98
N LEU B 43 -2.58 -13.25 -9.17
N LEU B 43 -6.18 16.44 16.69
CA LEU B 43 26.64 -2.47 0.33
CA LEU B 43 -18.12 -5.79 -15.75
CA LEU B 43 -1.96 -12.22 -8.29
CA LEU B 43 -5.26 15.31 16.36
C LEU B 43 27.13 -1.49 1.39
C LEU B 43 -17.02 -4.80 -16.11
C LEU B 43 -0.46 -12.12 -8.58
C LEU B 43 -4.93 15.33 14.87
N ILE B 44 26.62 -0.26 1.31
N ILE B 44 -17.00 -3.68 -15.40
N ILE B 44 -0.01 -10.88 -8.78
N ILE B 44 -3.63 15.25 14.57
CA ILE B 44 27.02 0.82 2.21
CA ILE B 44 -16.05 -2.60 -15.65
CA ILE B 44 1.38 -10.61 -9.12
CA ILE B 44 -3.13 15.30 13.20
C ILE B 44 25.83 1.39 2.98
C ILE B 44 -15.20 -2.29 -14.42
C ILE B 44 2.05 -9.68 -8.10
C ILE B 44 -2.34 14.06 12.83
N PHE B 45 26.04 1.52 4.32
N PHE B 45 -13.87 -2.20 -14.66
N PHE B 45 3.27 -10.10 -7.66
N PHE B 45 -2.68 13.49 11.65
CA PHE B 45 25.01 2.10 5.20
CA PHE B 45 -12.92 -1.86 -13.59
CA PHE B 45 4.06 -9.30 -6.71
CA PHE B 45 -1.97 12.32 11.12
C PHE B 45 25.79 2.90 6.26
C PHE B 45 -11.83 -0.99 -14.27
C PHE B 45 5.53 -9.52 -7.14
C PHE B 45 -1.93 12.51 9.59
N ALA B 46 25.34 4.12 6.40
N ALA B 46 -11.61 0.12 -13.62
N ALA B 46 6.17 -8.38 -7.27
N ALA B 46 -0.72 12.36 9.10
CA ALA B 46 25.87 5.08 7.39
CA ALA B 46 -10.57 1.10 -14.04
CA ALA B 46 7.61 -8.31 -7.62
CA ALA B 46 -0.41 12.45 7.66
C ALA B 46 27.40 5.10 7.34
C ALA B 46 -10.67 1.40 -15.52
C ALA B 46 7.93 -9.21 -8.79
C ALA B 46 -1.05 13.68 7.04
N GLY B 47 27.90 5.18 6.14
N GLY B 47 -11.88 1.61 -15.95
N GLY B 47 7.09 -9.12 -9.78
N GLY B 47 -0.88 14.77 7.74
CA GLY B 47 29.27 5.22 5.74
CA GLY B 47 -12.33 1.91 -17.28
CA GLY B 47 7.10 -9.83 -11.04
CA GLY B 47 -1.36 16.09 7.44
C GLY B 47 30.13 4.03 6.10
C GLY B 47 -12.07 0.88 -18.34
C GLY B 47 6.96 -11.33 -10.97
C GLY B 47 -2.86 16.29 7.36
N LYS B 48 29.53 2.89 6.34
N LYS B 48 -11.89 -0.36 -17.96
N LYS B 48 6.43 -11.86 -9.91
N LYS B 48 -3.62 15.42 7.96
CA LYS B 48 30.28 1.66 6.64
CA LYS B 48 -11.69 -1.45 -18.91
CA LYS B 48 6.21 -13.31 -9.77
CA LYS B 48 -5.08 15.55 7.99
C LYS B 48 30.01 0.67 5.49
C LYS B 48 -12.89 -2.41 -18.78
C LYS B 48 4.69 -13.53 -9.69
C LYS B 48 -5.50 15.77 9.46
N GLN B 49 31.00 -0.09 5.11
N GLN B 49 -13.36 -2.96 -19.86
N GLN B 49 4.20 -14.58 -10.29
N GLN B 49 -6.48 16.59 9.69
CA GLN B 49 30.78 -1.15 4.08
CA GLN B 49 -14.43 -3.98 -19.77
CA GLN B 49 2.75 -14.91 -10.15
CA GLN B 49 -7.00 16.75 11.08
C GLN B 49 30.28 -2.34 4.90
C GLN B 49 -13.69 -5.29 -19.53
C GLN B 49 2.69 -15.72 -8.86
C GLN B 49 -8.02 15.62 11.23
N LEU B 50 29.20 -2.95 4.50
N LEU B 50 -14.09 -6.06 -18.54
N LEU B 50 1.79 -15.37 -7.97
N LEU B 50 -7.95 14.86 12.28
CA LEU B 50 28.58 -4.06 5.26
CA LEU B 50 -13.38 -7.29 -18.16
CA LEU B 50 1.70 -16.02 -6.65
CA LEU B 50 -8.82 13.68 12.47
C LEU B 50 29.34 -5.35 4.98
C LEU B 50 -13.76 -8.41 -19.12
C LEU B 50 0.97 -17.35 -6.77
C LEU B 50 -10.19 14.14 12.96
N GLU B 51 29.57 -6.16 6.02
N GLU B 51 -12.78 -9.23 -19.53
N GLU B 51 1.46 -18.38 -6.08
N GLU B 51 -11.26 13.54 12.44
CA GLU B 51 30.33 -7.41 5.84
CA GLU B 51 -13.06 -10.31 -20.49
CA GLU B 51 0.83 -19.72 -6.19
CA GLU B 51 -12.62 13.95 12.84
C GLU B 51 29.39 -8.58 5.81
C GLU B 51 -13.15 -11.63 -19.77
C GLU B 51 -0.03 -19.98 -4.99
C GLU B 51 -13.19 12.97 13.82
N ASP B 52 29.62 -9.55 4.96
N ASP B 52 -14.06 -12.50 -20.12
N ASP B 52 -1.18 -20.58 -5.13
N ASP B 52 -13.90 13.39 14.83
CA ASP B 52 28.76 -10.72 4.73
CA ASP B 52 -14.33 -13.77 -19.46
CA ASP B 52 -2.17 -20.84 -4.09
CA ASP B 52 -14.44 12.58 15.91
C ASP B 52 28.23 -11.52 5.91
C ASP B 52 -13.19 -14.73 -19.13
C ASP B 52 -1.73 -21.44 -2.76
C ASP B 52 -15.21 11.31 15.61
N GLY B 53 29.05 -11.79 6.89
N GLY B 53 -12.25 -14.90 -20.03
N GLY B 53 -0.88 -22.43 -2.78
N GLY B 53 -16.08 11.34 14.61
CA GLY B 53 28.71 -12.61 8.07
CA GLY B 53 -11.12 -15.83 -19.89
CA GLY B 53 -0.41 -23.16 -1.58
CA GLY B 53 -16.93 10.21 14.23
C GLY B 53 27.99 -11.90 9.18
C GLY B 53 -9.95 -15.32 -19.11
C GLY B 53 0.70 -22.51 -0.81
C GLY B 53 -16.32 9.17 13.35
N ARG B 54 27.87 -10.58 9.12
N ARG B 54 -9.91 -14.05 -18.75
N ARG B 54 1.31 -21.46 -1.32
N ARG B 54 -15.12 9.41 12.83
CA ARG B 54 27.10 -9.83 10.13
CA ARG B 54 -8.82 -13.50 -17.92
CA ARG B 54 2.37 -20.73 -0.59
CA ARG B 54 -14.41 8.40 12.01
C ARG B 54 25.64 -9.84 9.72
C ARG B 54 -9.19 -13.73 -16.46
C ARG B 54 1.69 -19.70 0.31
C ARG B 54 -13.65 7.48 12.95
N THR B 55 24.76 -9.46 10.63
N THR B 55 -8.23 -13.57 -15.58
N THR B 55 2.43 -19.17 1.25
N THR B 55 -13.20 6.37 12.45
CA THR B 55 23.31 -9.35 10.39
CA THR B 55 -8.41 -13.70 -14.11
CA THR B 55 1.97 -18.12 2.17
CA THR B 55 -12.38 5.38 13.18
C THR B 55 22.99 -7.84 10.28
C THR B 55 -8.41 -12.27 -13.54
C THR B 55 2.59 -16.78 1.69
C THR B 55 -10.93 5.53 12.70
N LEU B 56 21.82 -7.54 9.76
N LEU B 56 -8.87 -12.14 -12.31
N LEU B 56 2.06 -15.69 2.19
N LEU B 56 -10.01 4.98 13.46
CA LEU B 56 21.34 -6.16 9.64
CA LEU B 56 -8.88 -10.86 -11.60
CA LEU B 56 2.58 -14.34 1.88
CA LEU B 56 -8.58 4.98 13.09
C LEU B 56 21.24 -5.57 11.05
C LEU B 56 -7.43 -10.38 -11.46
C LEU B 56 4.02 -14.26 2.38
C LEU B 56 -8.41 4.24 11.77
N SER B 57 20.84 -6.39 12.04
N SER B 57 -6.49 -11.31 -11.26
N SER B 57 4.31 -14.91 3.53
N SER B 57 -9.21 3.17 11.56
CA SER B 57 20.73 -5.82 13.40
CA SER B 57 -5.09 -10.84 -11.11
CA SER B 57 5.71 -14.82 4.02
CA SER B 57 -9.04 2.44 10.28
C SER B 57 22.07 -5.36 13.93
C SER B 57 -4.57 -10.19 -12.37
C SER B 57 6.68 -15.47 3.07
C SER B 57 -9.39 3.30 9.08
N ASP B 58 23.14 -6.00 13.51
N ASP B 58 -5.08 -10.62 -13.52
N ASP B 58 6.24 -16.48 2.34
N ASP B 58 -10.30 4.24 9.26
CA ASP B 58 24.50 -5.62 13.97
CA ASP B 58 -4.64 -10.03 -14.82
CA ASP B 58 7.13 -17.18 1.37
CA ASP B 58 -10.71 5.15 8.15
C ASP B 58 24.78 -4.14 13.70
C ASP B 58 -4.83 -8.51 -14.82
C ASP B 58 7.74 -16.19 0.37
C ASP B 58 -9.50 5.86 7.56
N TYR B 59 24.32 -3.70 12.56
N TYR B 59 -5.92 -8.09 -14.24
N TYR B 59 6.94 -15.25 -0.03
N TYR B 59 -8.61 6.24 8.42
CA TYR B 59 24.46 -2.31 12.11
CA TYR B 59 -6.30 -6.68 -14.11
CA TYR B 59 7.30 -14.20 -0.97
CA TYR B 59 -7.37 6.93 8.08
C TYR B 59 23.29 -1.44 12.52
C TYR B 59 -5.79 -6.04 -12.84
C TYR B 59 7.84 -12.96 -0.28
C TYR B 59 -6.21 5.98 7.83
N ASN B 60 22.33 -1.90 13.28
N ASN B 60 -5.01 -6.71 -12.00
N ASN B 60 8.02 -12.91 1.02
N ASN B 60 -6.38 4.68 7.86
CA ASN B 60 21.21 -1.00 13.66
CA ASN B 60 -4.54 -6.05 -10.77
CA ASN B 60 8.54 -11.68 1.65
CA ASN B 60 -5.23 3.79 7.62
C ASN B 60 20.49 -0.46 12.43
C ASN B 60 -5.71 -5.57 -9.92
C ASN B 60 7.64 -10.49 1.35
C ASN B 60 -4.11 4.05 8.62
N ILE B 61 20.22 -1.33 11.48
N ILE B 61 -6.70 -6.42 -9.74
N ILE B 61 6.34 -10.67 1.48
N ILE B 61 -4.46 4.16 9.89
CA ILE B 61 19.43 -0.93 10.27
CA ILE B 61 -7.85 -6.10 -8.85
CA ILE B 61 5.38 -9.54 1.30
CA ILE B 61 -3.44 4.33 10.97
C ILE B 61 17.96 -1.14 10.62
C ILE B 61 -7.45 -6.57 -7.45
C ILE B 61 5.24 -8.88 2.68
C ILE B 61 -3.07 2.92 11.40
N GLN B 62 17.17 -0.11 10.66
N GLN B 62 -7.33 -5.70 -6.50
N GLN B 62 5.63 -7.65 2.82
N GLN B 62 -1.84 2.52 11.22
CA GLN B 62 15.74 -0.17 11.06
CA GLN B 62 -6.88 -6.03 -5.12
CA GLN B 62 5.60 -6.93 4.13
CA GLN B 62 -1.37 1.14 11.54
C GLN B 62 14.85 -0.09 9.82
C GLN B 62 -8.09 -6.04 -4.18
C GLN B 62 4.41 -5.97 4.15
C GLN B 62 -0.57 1.17 12.85
N LYS B 63 13.56 -0.35 9.96
N LYS B 63 -7.91 -6.52 -2.95
N LYS B 63 4.10 -5.39 5.31
N LYS B 63 -0.25 0.00 13.41
CA LYS B 63 12.64 -0.37 8.85
CA LYS B 63 -9.00 -6.65 -2.00
CA LYS B 63 2.97 -4.51 5.47
CA LYS B 63 0.44 -0.10 14.68
C LYS B 63 12.73 0.95 8.09
C LYS B 63 -9.67 -5.28 -1.83
C LYS B 63 3.06 -3.38 4.45
C LYS B 63 1.74 0.71 14.61
N GLU B 64 12.60 0.79 6.76
N GLU B 64 -11.00 -5.39 -1.67
N GLU B 64 1.86 -3.04 3.96
N GLU B 64 2.03 1.33 15.76
CA GLU B 64 12.64 1.86 5.80
CA GLU B 64 -11.91 -4.28 -1.48
CA GLU B 64 1.62 -2.00 3.00
CA GLU B 64 3.18 2.15 16.00
C GLU B 64 13.93 2.59 5.61
C GLU B 64 -12.09 -3.33 -2.62
C GLU B 64 2.14 -2.21 1.60
C GLU B 64 3.28 3.45 15.25
N SER B 65 15.00 1.95 6.04
N SER B 65 -11.73 -3.79 -3.80
N SER B 65 2.42 -3.47 1.29
N SER B 65 2.14 3.90 14.76
CA SER B 65 16.37 2.44 5.86
CA SER B 65 -11.93 -3.06 -5.06
CA SER B 65 2.82 -3.90 -0.05
CA SER B 65 2.00 5.20 14.09
C SER B 65 16.71 2.29 4.36
C SER B 65 -13.45 -3.07 -5.35
C SER B 65 1.59 -3.79 -0.97
C SER B 65 2.12 6.29 15.19
N THR B 66 17.70 3.02 3.90
N THR B 66 -13.90 -2.15 -6.17
N THR B 66 1.82 -3.73 -2.25
N THR B 66 2.44 7.49 14.79
CA THR B 66 18.19 2.91 2.52
CA THR B 66 -15.30 -2.09 -6.61
CA THR B 66 0.73 -3.70 -3.25
CA THR B 66 2.50 8.64 15.70
C THR B 66 19.66 2.50 2.55
C THR B 66 -15.34 -2.25 -8.14
C THR B 66 0.88 -4.93 -4.15
C THR B 66 1.48 9.69 15.25
N LEU B 67 20.02 1.42 1.85
N LEU B 67 -16.13 -3.20 -8.64
N LEU B 67 -0.19 -5.72 -4.30
N LEU B 67 0.60 10.13 16.15
CA LEU B 67 21.43 1.04 1.75
CA LEU B 67 -16.30 -3.32 -10.09
CA LEU B 67 -0.15 -6.85 -5.24
CA LEU B 67 -0.33 11.21 15.81
C LEU B 67 21.90 1.49 0.35
C LEU B 67 -17.69 -2.72 -10.41
C LEU B 67 -0.95 -6.40 -6.47
C LEU B 67 0.23 12.48 16.49
N HIS B 68 23.14 1.74 0.18
N HIS B 68 -17.88 -2.25 -11.59
N HIS B 68 -0.67 -6.95 -7.61
N HIS B 68 -0.07 13.61 15.97
CA HIS B 68 23.63 2.14 -1.16
CA HIS B 68 -19.21 -1.70 -11.94
CA HIS B 68 -1.46 -6.57 -8.80
CA HIS B 68 0.41 14.85 16.63
C HIS B 68 24.37 0.91 -1.71
C HIS B 68 -19.87 -2.74 -12.84
C HIS B 68 -2.39 -7.75 -9.08
C HIS B 68 -0.81 15.46 17.32
N LEU B 69 24.12 0.60 -2.97
N LEU B 69 -21.14 -3.02 -12.59
N LEU B 69 -3.65 -7.45 -9.37
N LEU B 69 -0.61 15.92 18.55
CA LEU B 69 24.80 -0.50 -3.65
CA LEU B 69 -21.91 -3.94 -13.43
CA LEU B 69 -4.62 -8.48 -9.72
CA LEU B 69 -1.67 16.59 19.30
C LEU B 69 25.81 0.01 -4.64
C LEU B 69 -22.89 -3.22 -14.29
C LEU B 69 -4.95 -8.45 -11.19
C LEU B 69 -1.42 18.05 19.40
N VAL B 70 27.07 -0.24 -4.46
N VAL B 70 -22.77 -3.25 -15.57
N VAL B 70 -4.64 -9.46 -11.94
N VAL B 70 -2.24 18.89 18.85
CA VAL B 70 28.09 0.16 -5.47
CA VAL B 70 -23.79 -2.63 -16.46
CA VAL B 70 -5.04 -9.51 -13.37
CA VAL B 70 -2.09 20.36 19.02
C VAL B 70 28.51 -1.19 -6.08
C VAL B 70 -24.50 -3.84 -17.09
C VAL B 70 -6.14 -10.58 -13.40
C VAL B 70 -3.26 20.73 19.94
N LEU B 71 28.72 -1.22 -7.37
N LEU B 71 -25.80 -3.77 -17.24
N LEU B 71 -7.18 -10.36 -14.17
N LEU B 71 -3.03 21.63 20.88
CA LEU B 71 29.17 -2.47 -8.04
CA LEU B 71 -26.56 -4.88 -17.86
CA LEU B 71 -8.27 -11.35 -14.28
CA LEU B 71 -4.10 22.07 21.79
C LEU B 71 30.66 -2.45 -8.21
C LEU B 71 -26.78 -4.59 -19.33
C LEU B 71 -8.07 -12.21 -15.49
C LEU B 71 -4.71 23.35 21.28
N MET A 1 6.38 18.40 -20.67
CA MET A 1 5.74 19.56 -20.05
C MET A 1 6.28 19.67 -18.60
N GLN A 2 6.34 20.88 -18.14
CA GLN A 2 6.81 21.11 -16.74
C GLN A 2 5.61 21.10 -15.81
N ILE A 3 5.80 20.45 -14.66
CA ILE A 3 4.77 20.47 -13.61
C ILE A 3 5.53 20.83 -12.30
N PHE A 4 4.75 21.23 -11.33
CA PHE A 4 5.40 21.59 -10.01
C PHE A 4 4.91 20.64 -8.96
N VAL A 5 5.74 20.16 -8.03
CA VAL A 5 5.27 19.32 -6.95
C VAL A 5 5.58 20.10 -5.65
N LYS A 6 4.57 20.50 -4.95
CA LYS A 6 4.78 21.30 -3.70
C LYS A 6 4.77 20.35 -2.53
N THR A 7 5.82 20.41 -1.68
CA THR A 7 5.88 19.52 -0.51
C THR A 7 5.42 20.27 0.74
N LEU A 8 5.24 19.58 1.84
CA LEU A 8 4.74 20.24 3.07
C LEU A 8 5.81 21.08 3.74
N THR A 9 7.06 21.03 3.24
CA THR A 9 8.08 21.90 3.94
C THR A 9 8.35 23.16 3.18
N GLY A 10 7.52 23.50 2.24
CA GLY A 10 7.67 24.69 1.43
C GLY A 10 8.68 24.63 0.33
N LYS A 11 9.10 23.43 0.00
CA LYS A 11 10.01 23.21 -1.12
C LYS A 11 9.11 22.84 -2.31
N THR A 12 9.42 23.38 -3.48
CA THR A 12 8.62 22.98 -4.66
C THR A 12 9.61 22.35 -5.64
N ILE A 13 9.25 21.19 -6.17
CA ILE A 13 10.23 20.60 -7.13
C ILE A 13 9.65 20.67 -8.52
N THR A 14 10.47 20.94 -9.51
CA THR A 14 9.89 20.97 -10.89
C THR A 14 10.25 19.66 -11.57
N LEU A 15 9.33 19.09 -12.33
CA LEU A 15 9.58 17.83 -13.01
C LEU A 15 9.25 18.02 -14.49
N GLU A 16 9.89 17.22 -15.31
CA GLU A 16 9.51 17.26 -16.76
C GLU A 16 8.85 15.92 -17.00
N VAL A 17 7.60 16.03 -17.42
CA VAL A 17 6.77 14.86 -17.67
C VAL A 17 5.93 15.04 -18.95
N GLU A 18 5.32 13.93 -19.31
CA GLU A 18 4.37 13.84 -20.41
C GLU A 18 3.06 13.38 -19.82
N PRO A 19 1.95 13.87 -20.34
CA PRO A 19 0.61 13.47 -19.90
C PRO A 19 0.43 11.98 -19.97
N SER A 20 1.19 11.31 -20.81
CA SER A 20 1.03 9.85 -20.98
C SER A 20 1.72 9.11 -19.87
N ASP A 21 2.49 9.83 -19.05
CA ASP A 21 3.19 9.10 -17.96
C ASP A 21 2.21 8.63 -16.92
N THR A 22 2.51 7.52 -16.30
CA THR A 22 1.71 6.99 -15.21
C THR A 22 2.16 7.68 -13.91
N ILE A 23 1.25 7.61 -12.94
CA ILE A 23 1.52 8.13 -11.60
C ILE A 23 2.72 7.40 -10.98
N GLU A 24 2.80 6.12 -11.24
CA GLU A 24 3.98 5.32 -10.73
C GLU A 24 5.27 5.90 -11.23
N CYS A 25 5.30 6.34 -12.52
CA CYS A 25 6.50 6.91 -13.13
C CYS A 25 6.85 8.24 -12.50
N VAL A 26 5.82 9.05 -12.28
CA VAL A 26 6.04 10.34 -11.65
C VAL A 26 6.71 10.15 -10.29
N LYS A 27 6.18 9.20 -9.52
CA LYS A 27 6.74 8.92 -8.19
C LYS A 27 8.19 8.48 -8.29
N ALA A 28 8.54 7.70 -9.30
CA ALA A 28 9.92 7.29 -9.53
C ALA A 28 10.80 8.47 -9.89
N LYS A 29 10.31 9.43 -10.66
CA LYS A 29 11.09 10.64 -10.97
C LYS A 29 11.35 11.47 -9.69
N ILE A 30 10.35 11.49 -8.81
CA ILE A 30 10.50 12.25 -7.55
C ILE A 30 11.53 11.50 -6.70
N GLN A 31 11.49 10.19 -6.69
CA GLN A 31 12.50 9.45 -5.86
C GLN A 31 13.90 9.76 -6.40
N ASP A 32 14.01 9.63 -7.70
CA ASP A 32 15.30 9.91 -8.37
C ASP A 32 15.83 11.29 -8.03
N LYS A 33 14.94 12.30 -7.98
CA LYS A 33 15.50 13.66 -7.74
C LYS A 33 15.53 14.13 -6.33
N GLU A 34 14.74 13.67 -5.41
CA GLU A 34 14.73 14.09 -4.02
C GLU A 34 14.92 12.96 -3.04
N GLY A 35 14.94 11.73 -3.52
CA GLY A 35 15.18 10.58 -2.69
C GLY A 35 14.07 10.02 -1.89
N ILE A 36 12.84 10.55 -2.06
CA ILE A 36 11.72 10.01 -1.29
C ILE A 36 11.20 8.72 -1.91
N PRO A 37 11.15 7.65 -1.13
CA PRO A 37 10.64 6.34 -1.58
C PRO A 37 9.21 6.46 -2.09
N PRO A 38 8.88 5.84 -3.19
CA PRO A 38 7.51 5.95 -3.73
C PRO A 38 6.45 5.52 -2.76
N ASP A 39 6.74 4.57 -1.90
CA ASP A 39 5.72 4.05 -0.95
C ASP A 39 5.34 5.08 0.11
N GLN A 40 6.16 6.11 0.23
CA GLN A 40 5.83 7.18 1.22
C GLN A 40 5.08 8.36 0.58
N GLN A 41 5.02 8.40 -0.74
CA GLN A 41 4.40 9.48 -1.46
C GLN A 41 2.90 9.36 -1.66
N ARG A 42 2.21 10.46 -1.32
CA ARG A 42 0.75 10.57 -1.60
C ARG A 42 0.62 11.80 -2.48
N LEU A 43 0.18 11.67 -3.73
CA LEU A 43 0.09 12.84 -4.63
C LEU A 43 -1.35 13.30 -4.76
N ILE A 44 -1.57 14.59 -4.57
CA ILE A 44 -2.91 15.19 -4.61
C ILE A 44 -3.02 16.28 -5.66
N PHE A 45 -4.11 16.19 -6.46
CA PHE A 45 -4.39 17.20 -7.50
C PHE A 45 -5.92 17.33 -7.53
N ALA A 46 -6.32 18.58 -7.46
CA ALA A 46 -7.74 18.98 -7.52
C ALA A 46 -8.59 18.14 -6.58
N GLY A 47 -8.08 17.99 -5.40
CA GLY A 47 -8.62 17.24 -4.29
C GLY A 47 -8.80 15.76 -4.47
N CYS A 48 -8.13 15.15 -5.41
CA CYS A 48 -8.12 13.71 -5.63
C CYS A 48 -6.78 13.12 -5.25
N GLN A 49 -6.74 11.97 -4.70
CA GLN A 49 -5.43 11.30 -4.47
C GLN A 49 -5.16 10.55 -5.77
N LEU A 50 -3.98 10.72 -6.33
CA LEU A 50 -3.65 10.11 -7.64
C LEU A 50 -3.29 8.65 -7.46
N GLU A 51 -3.77 7.80 -8.37
CA GLU A 51 -3.53 6.34 -8.25
C GLU A 51 -2.42 5.92 -9.18
N ASP A 52 -1.53 5.06 -8.79
CA ASP A 52 -0.35 4.62 -9.54
C ASP A 52 -0.48 4.20 -10.99
N GLY A 53 -1.50 3.45 -11.32
CA GLY A 53 -1.74 2.91 -12.67
C GLY A 53 -2.40 3.82 -13.65
N ARG A 54 -2.89 4.98 -13.21
CA ARG A 54 -3.49 5.96 -14.13
C ARG A 54 -2.37 6.83 -14.68
N THR A 55 -2.66 7.57 -15.72
CA THR A 55 -1.72 8.53 -16.36
C THR A 55 -2.16 9.94 -15.93
N LEU A 56 -1.27 10.90 -16.12
CA LEU A 56 -1.55 12.31 -15.83
C LEU A 56 -2.72 12.75 -16.70
N SER A 57 -2.80 12.25 -17.95
CA SER A 57 -3.93 12.69 -18.80
C SER A 57 -5.26 12.26 -18.24
N ASP A 58 -5.29 11.15 -17.53
CA ASP A 58 -6.56 10.64 -16.93
C ASP A 58 -7.20 11.71 -16.05
N TYR A 59 -6.37 12.41 -15.33
CA TYR A 59 -6.76 13.49 -14.42
C TYR A 59 -6.79 14.84 -15.09
N ASN A 60 -6.55 14.98 -16.38
CA ASN A 60 -6.58 16.32 -16.99
C ASN A 60 -5.58 17.25 -16.32
N ILE A 61 -4.36 16.77 -16.10
CA ILE A 61 -3.28 17.62 -15.54
C ILE A 61 -2.59 18.28 -16.73
N GLN A 62 -2.64 19.57 -16.85
CA GLN A 62 -2.07 20.32 -18.00
C GLN A 62 -0.74 20.97 -17.58
N LYS A 63 0.04 21.51 -18.58
CA LYS A 63 1.33 22.10 -18.24
C LYS A 63 1.17 23.16 -17.17
N GLU A 64 2.22 23.18 -16.36
CA GLU A 64 2.37 24.09 -15.26
C GLU A 64 1.44 23.96 -14.10
N SER A 65 0.81 22.79 -14.03
CA SER A 65 -0.07 22.42 -12.91
C SER A 65 0.84 22.18 -11.68
N THR A 66 0.25 22.25 -10.50
CA THR A 66 0.96 21.97 -9.25
C THR A 66 0.29 20.77 -8.56
N LEU A 67 1.06 19.74 -8.22
CA LEU A 67 0.49 18.62 -7.46
C LEU A 67 0.98 18.81 -6.00
N HIS A 68 0.26 18.31 -5.06
CA HIS A 68 0.72 18.43 -3.66
C HIS A 68 1.24 17.05 -3.26
N LEU A 69 2.38 17.02 -2.60
CA LEU A 69 2.96 15.77 -2.10
C LEU A 69 2.83 15.67 -0.60
N VAL A 70 2.10 14.73 -0.09
CA VAL A 70 2.03 14.52 1.38
C VAL A 70 2.81 13.21 1.60
N LEU A 71 3.60 13.15 2.65
CA LEU A 71 4.36 11.93 2.95
C LEU A 71 3.61 11.09 3.95
N ARG A 72 3.54 9.80 3.74
N ARG A 72 3.66 9.78 3.77
N ARG A 72 3.55 9.80 3.74
N ARG A 72 3.63 9.76 3.72
CA ARG A 72 2.81 8.92 4.67
CA ARG A 72 3.04 8.82 4.72
CA ARG A 72 2.84 8.91 4.68
CA ARG A 72 3.02 8.72 4.56
C ARG A 72 3.49 7.56 4.57
C ARG A 72 1.56 8.82 4.39
C ARG A 72 3.84 8.58 5.78
C ARG A 72 1.98 8.03 3.69
N LEU A 73 2.88 6.47 4.91
N LEU A 73 0.73 8.11 5.09
N LEU A 73 3.45 8.43 7.01
N LEU A 73 1.85 6.74 3.68
CA LEU A 73 3.56 5.16 4.81
CA LEU A 73 -0.72 8.11 4.76
CA LEU A 73 4.43 8.12 8.07
CA LEU A 73 0.83 6.10 2.83
C LEU A 73 2.53 4.05 4.71
C LEU A 73 -0.97 7.22 3.54
C LEU A 73 4.93 6.69 7.91
C LEU A 73 0.66 4.63 3.24
N ARG A 74 2.24 3.69 3.47
N ARG A 74 -1.13 5.95 3.85
N ARG A 74 6.23 6.54 8.15
N ARG A 74 1.75 4.10 3.76
CA ARG A 74 1.25 2.64 3.17
CA ARG A 74 -1.38 4.92 2.83
CA ARG A 74 6.90 5.24 8.03
CA ARG A 74 1.79 2.70 4.20
C ARG A 74 1.76 1.32 3.71
C ARG A 74 -2.03 3.71 3.49
C ARG A 74 6.37 4.32 9.14
C ARG A 74 2.62 2.62 5.49
N GLY A 75 3.08 1.24 3.83
N GLY A 75 -2.85 3.03 2.70
N GLY A 75 5.83 4.95 10.18
N GLY A 75 2.37 1.55 6.24
CA GLY A 75 3.78 0.05 4.32
CA GLY A 75 -3.59 1.85 3.13
CA GLY A 75 5.29 4.26 11.33
CA GLY A 75 3.04 1.28 7.50
C GLY A 75 3.85 -0.07 5.83
C GLY A 75 -4.11 0.97 2.01
C GLY A 75 4.00 3.50 11.08
C GLY A 75 3.09 -0.17 7.92
N GLY A 76 4.50 -1.15 6.25
N GLY A 76 -4.66 -0.16 2.44
N GLY A 76 3.77 2.53 11.96
N GLY A 76 3.80 -0.39 9.01
CA GLY A 76 4.73 -1.49 7.65
CA GLY A 76 -5.26 -1.18 1.56
CA GLY A 76 2.59 1.66 11.95
CA GLY A 76 3.99 -1.71 9.64
C GLY A 76 5.40 -2.87 7.70
C GLY A 76 -6.21 -2.04 2.42
C GLY A 76 2.72 0.69 10.77
C GLY A 76 2.62 -2.22 10.11
N MET B 1 9.98 -9.49 6.05
N MET B 1 -12.14 -12.43 0.93
N MET B 1 -1.14 -5.74 9.64
N MET B 1 -4.18 -2.45 19.36
CA MET B 1 9.95 -8.03 6.25
CA MET B 1 -12.22 -10.96 1.03
CA MET B 1 -0.47 -4.72 8.80
CA MET B 1 -2.92 -2.06 18.69
C MET B 1 10.51 -7.37 4.95
C MET B 1 -13.56 -10.53 0.38
C MET B 1 -1.41 -4.45 7.60
C MET B 1 -2.42 -0.78 19.38
N GLN B 2 10.00 -6.21 4.67
N GLN B 2 -14.08 -9.46 0.89
N GLN B 2 -1.33 -3.24 7.14
N GLN B 2 -1.12 -0.65 19.38
CA GLN B 2 10.50 -5.48 3.47
CA GLN B 2 -15.36 -8.93 0.32
CA GLN B 2 -2.16 -2.87 5.94
CA GLN B 2 -0.53 0.58 19.98
C GLN B 2 11.66 -4.59 3.89
C GLN B 2 -15.03 -7.92 -0.78
C GLN B 2 -1.34 -3.13 4.68
C GLN B 2 -0.36 1.64 18.90
N ILE B 3 12.67 -4.56 3.04
N ILE B 3 -15.78 -8.01 -1.86
N ILE B 3 -2.02 -3.68 3.69
N ILE B 3 -0.69 2.87 19.27
CA ILE B 3 13.81 -3.63 3.24
CA ILE B 3 -15.66 -7.01 -2.94
CA ILE B 3 -1.39 -3.85 2.35
CA ILE B 3 -0.45 4.02 18.38
C ILE B 3 14.03 -2.93 1.86
C ILE B 3 -17.13 -6.57 -3.26
C ILE B 3 -2.42 -3.30 1.33
C ILE B 3 0.28 5.09 19.25
N PHE B 4 14.74 -1.83 1.94
N PHE B 4 -17.20 -5.45 -3.94
N PHE B 4 -1.91 -3.05 0.15
N PHE B 4 0.88 6.02 18.54
CA PHE B 4 15.02 -1.10 0.65
CA PHE B 4 -18.58 -4.94 -4.30
CA PHE B 4 -2.84 -2.52 -0.91
CA PHE B 4 1.60 7.11 19.30
C PHE B 4 16.50 -1.12 0.39
C PHE B 4 -18.72 -4.95 -5.79
C PHE B 4 -2.92 -3.52 -2.03
C PHE B 4 0.93 8.42 19.02
N VAL B 5 16.97 -1.30 -0.84
N VAL B 5 -19.86 -5.32 -6.37
N VAL B 5 -4.08 -3.77 -2.64
N VAL B 5 0.76 9.32 19.98
CA VAL B 5 18.39 -1.23 -1.13
CA VAL B 5 -20.05 -5.25 -7.81
CA VAL B 5 -4.18 -4.66 -3.77
CA VAL B 5 0.19 10.63 19.72
C VAL B 5 18.56 -0.05 -2.12
C VAL B 5 -21.22 -4.25 -8.02
C VAL B 5 -4.69 -3.80 -4.94
C VAL B 5 1.30 11.65 20.10
N LYS B 6 19.22 0.98 -1.71
N LYS B 6 -20.95 -3.15 -8.63
N LYS B 6 -3.89 -3.62 -5.94
N LYS B 6 1.81 12.35 19.15
CA LYS B 6 19.39 2.18 -2.60
CA LYS B 6 -22.02 -2.11 -8.83
CA LYS B 6 -4.29 -2.74 -7.10
CA LYS B 6 2.91 13.32 19.43
C LYS B 6 20.71 2.05 -3.31
C LYS B 6 -22.60 -2.32 -10.20
C LYS B 6 -4.86 -3.63 -8.16
C LYS B 6 2.30 14.68 19.64
N THR B 7 20.69 2.17 -4.66
N THR B 7 -23.94 -2.44 -10.30
N THR B 7 -6.08 -3.33 -8.65
N THR B 7 2.64 15.35 20.76
CA THR B 7 21.94 2.06 -5.42
CA THR B 7 -24.57 -2.63 -11.61
CA THR B 7 -6.69 -4.15 -9.71
CA THR B 7 2.08 16.67 21.03
C THR B 7 22.46 3.46 -5.76
C THR B 7 -25.13 -1.30 -12.11
C THR B 7 -6.49 -3.48 -11.07
C THR B 7 3.10 17.75 20.64
N LEU B 8 23.66 3.58 -6.28
N LEU B 8 -25.56 -1.24 -13.36
N LEU B 8 -6.81 -4.16 -12.14
N LEU B 8 2.71 19.00 20.65
CA LEU B 8 24.25 4.90 -6.60
CA LEU B 8 -26.07 0.03 -13.92
CA LEU B 8 -6.59 -3.58 -13.49
CA LEU B 8 3.64 20.09 20.24
C LEU B 8 23.62 5.53 -7.82
C LEU B 8 -27.43 0.41 -13.38
C LEU B 8 -7.60 -2.50 -13.84
C LEU B 8 4.69 20.37 21.29
N THR B 9 22.75 4.79 -8.54
N THR B 9 -28.06 -0.48 -12.60
N THR B 9 -8.61 -2.30 -12.97
N THR B 9 4.59 19.75 22.48
CA THR B 9 22.15 5.47 -9.74
CA THR B 9 -29.41 -0.05 -12.08
CA THR B 9 -9.58 -1.21 -13.36
CA THR B 9 5.65 20.07 23.48
C THR B 9 20.76 5.95 -9.48
C THR B 9 -29.35 0.41 -10.66
C THR B 9 -9.33 0.06 -12.59
C THR B 9 6.69 18.98 23.56
N GLY B 10 20.36 6.02 -8.25
N GLY B 10 -28.18 0.68 -10.16
N GLY B 10 -8.20 0.18 -11.98
N GLY B 10 6.72 18.11 22.61
CA GLY B 10 19.04 6.48 -7.84
CA GLY B 10 -27.97 1.15 -8.81
CA GLY B 10 -7.81 1.35 -11.21
CA GLY B 10 7.67 17.02 22.56
C GLY B 10 17.92 5.50 -8.02
C GLY B 10 -28.05 0.12 -7.73
C GLY B 10 -8.43 1.48 -9.85
C GLY B 10 7.39 15.84 23.45
N LYS B 11 18.26 4.24 -8.19
N LYS B 11 -27.96 -1.13 -8.12
N LYS B 11 -8.97 0.40 -9.35
N LYS B 11 6.17 15.77 23.92
CA LYS B 11 17.29 3.17 -8.27
CA LYS B 11 -27.92 -2.24 -7.18
CA LYS B 11 -9.51 0.34 -8.00
CA LYS B 11 5.71 14.63 24.72
C LYS B 11 17.22 2.58 -6.84
C LYS B 11 -26.42 -2.58 -7.00
C LYS B 11 -8.38 -0.25 -7.12
C LYS B 11 5.00 13.70 23.72
N THR B 12 16.00 2.29 -6.40
N THR B 12 -26.02 -2.84 -5.77
N THR B 12 -8.19 0.32 -5.95
N THR B 12 5.24 12.41 23.85
CA THR B 12 15.91 1.64 -5.07
CA THR B 12 -24.61 -3.24 -5.59
CA THR B 12 -7.18 -0.29 -5.06
CA THR B 12 4.51 11.48 22.97
C THR B 12 15.23 0.29 -5.31
C THR B 12 -24.65 -4.64 -4.96
C THR B 12 -7.92 -0.71 -3.80
C THR B 12 3.71 10.56 23.90
N ILE B 13 15.81 -0.77 -4.75
N ILE B 13 -23.86 -5.55 -5.53
N ILE B 13 -7.68 -1.95 -3.36
N ILE B 13 2.42 10.39 23.58
CA ILE B 13 15.12 -2.07 -4.98
CA ILE B 13 -23.91 -6.90 -4.89
CA ILE B 13 -8.42 -2.34 -2.12
CA ILE B 13 1.65 9.49 24.50
C ILE B 13 14.50 -2.54 -3.69
C ILE B 13 -22.62 -7.15 -4.18
C ILE B 13 -7.44 -2.43 -0.98
C ILE B 13 1.33 8.22 23.76
N THR B 14 13.32 -3.13 -3.75
N THR B 14 -22.66 -7.80 -3.03
N THR B 14 -7.82 -2.02 0.20
N THR B 14 1.39 7.09 24.43
CA THR B 14 12.74 -3.62 -2.48
CA THR B 14 -21.35 -8.07 -2.35
CA THR B 14 -6.86 -2.17 1.33
CA THR B 14 1.03 5.84 23.71
C THR B 14 12.96 -5.10 -2.40
C THR B 14 -21.00 -9.51 -2.60
C THR B 14 -7.26 -3.37 2.14
C THR B 14 -0.38 5.46 24.09
N LEU B 15 13.29 -5.64 -1.23
N LEU B 15 -19.73 -9.81 -2.86
N LEU B 15 -6.31 -4.17 2.60
N LEU B 15 -1.19 5.00 23.15
CA LEU B 15 13.54 -7.06 -1.07
CA LEU B 15 -19.29 -11.17 -3.13
CA LEU B 15 -6.60 -5.34 3.37
CA LEU B 15 -2.57 4.62 23.43
C LEU B 15 12.66 -7.57 0.07
C LEU B 15 -18.14 -11.50 -2.17
C LEU B 15 -5.80 -5.28 4.69
C LEU B 15 -2.78 3.19 22.92
N GLU B 16 12.36 -8.84 0.02
N GLU B 16 -17.99 -12.78 -1.91
N GLU B 16 -6.31 -5.95 5.69
N GLU B 16 -3.73 2.52 23.54
CA GLU B 16 11.62 -9.42 1.18
CA GLU B 16 -16.80 -13.17 -1.09
CA GLU B 16 -5.49 -6.02 6.94
CA GLU B 16 -4.08 1.17 22.99
C GLU B 16 12.62 -10.36 1.82
C GLU B 16 -15.93 -13.94 -2.07
C GLU B 16 -5.11 -7.49 7.02
C GLU B 16 -5.47 1.37 22.43
N VAL B 17 12.89 -10.06 3.08
N VAL B 17 -14.73 -13.40 -2.22
N VAL B 17 -3.79 -7.67 7.03
N VAL B 17 -5.55 1.09 21.14
CA VAL B 17 13.87 -10.81 3.86
CA VAL B 17 -13.75 -13.96 -3.14
CA VAL B 17 -3.20 -9.00 7.06
CA VAL B 17 -6.79 1.26 20.38
C VAL B 17 13.37 -11.04 5.30
C VAL B 17 -12.34 -13.96 -2.54
C VAL B 17 -1.99 -9.06 8.01
C VAL B 17 -7.00 0.09 19.40
N GLU B 18 14.14 -11.87 5.95
N GLU B 18 -11.48 -14.62 -3.28
N GLU B 18 -1.56 -10.29 8.20
N GLU B 18 -8.19 0.11 18.86
CA GLU B 18 13.96 -12.19 7.38
CA GLU B 18 -10.05 -14.68 -2.98
CA GLU B 18 -0.36 -10.61 8.97
CA GLU B 18 -8.62 -0.81 17.80
C GLU B 18 15.24 -11.77 8.07
C GLU B 18 -9.34 -14.10 -4.21
C GLU B 18 0.57 -11.34 8.01
C GLU B 18 -8.99 0.05 16.60
N PRO B 19 15.13 -11.28 9.29
N PRO B 19 -8.25 -13.40 -3.98
N PRO B 19 1.87 -11.11 8.16
N PRO B 19 -8.70 -0.44 15.41
CA PRO B 19 16.29 -10.88 10.09
CA PRO B 19 -7.45 -12.83 -5.06
CA PRO B 19 2.88 -11.78 7.33
CA PRO B 19 -9.05 0.27 14.17
C PRO B 19 17.29 -12.02 10.23
C PRO B 19 -7.03 -13.87 -6.06
C PRO B 19 2.75 -13.29 7.40
C PRO B 19 -10.52 0.61 14.11
N SER B 20 16.82 -13.25 10.10
N SER B 20 -6.96 -15.12 -5.65
N SER B 20 2.17 -13.79 8.46
N SER B 20 -11.34 -0.14 14.82
CA SER B 20 17.70 -14.41 10.28
CA SER B 20 -6.51 -16.19 -6.54
CA SER B 20 2.04 -15.25 8.63
CA SER B 20 -12.79 0.08 14.77
C SER B 20 18.53 -14.66 9.05
C SER B 20 -7.62 -16.62 -7.47
C SER B 20 0.89 -15.79 7.82
C SER B 20 -13.19 1.24 15.65
N ASP B 21 18.21 -13.93 7.96
N ASP B 21 -8.83 -16.12 -7.23
N ASP B 21 0.08 -14.90 7.24
N ASP B 21 -12.24 1.74 16.44
CA ASP B 21 19.00 -14.19 6.73
CA ASP B 21 -9.94 -16.56 -8.12
CA ASP B 21 -1.06 -15.41 6.47
CA ASP B 21 -12.62 2.88 17.33
C ASP B 21 20.40 -13.66 6.90
C ASP B 21 -9.77 -15.94 -9.49
C ASP B 21 -0.57 -16.05 5.19
C ASP B 21 -12.86 4.12 16.51
N THR B 22 21.35 -14.31 6.25
N THR B 22 -10.21 -16.68 -10.51
N THR B 22 -1.30 -17.07 4.74
N THR B 22 -13.76 4.96 16.97
CA THR B 22 22.72 -13.87 6.24
CA THR B 22 -10.20 -16.19 -11.86
CA THR B 22 -1.01 -17.71 3.48
CA THR B 22 -14.03 6.24 16.35
C THR B 22 22.89 -12.81 5.13
C THR B 22 -11.46 -15.33 -12.08
C THR B 22 -1.67 -16.90 2.35
C THR B 22 -13.00 7.26 16.88
N ILE B 23 23.97 -12.04 5.29
N ILE B 23 -11.37 -14.50 -13.13
N ILE B 23 -1.15 -17.15 1.15
N ILE B 23 -12.87 8.32 16.09
CA ILE B 23 24.33 -11.04 4.29
CA ILE B 23 -12.50 -13.68 -13.55
CA ILE B 23 -1.71 -16.54 -0.06
CA ILE B 23 -12.01 9.44 16.47
C ILE B 23 24.60 -11.70 2.94
C ILE B 23 -13.67 -14.56 -13.95
C ILE B 23 -3.16 -16.97 -0.25
C ILE B 23 -12.49 10.07 17.78
N GLU B 24 25.21 -12.87 2.98
N GLU B 24 -13.38 -15.68 -14.58
N GLU B 24 -3.44 -18.22 0.07
N GLU B 24 -13.79 10.12 17.95
CA GLU B 24 25.46 -13.63 1.72
CA GLU B 24 -14.47 -16.65 -14.96
CA GLU B 24 -4.86 -18.72 -0.01
CA GLU B 24 -14.36 10.65 19.24
C GLU B 24 24.18 -13.90 0.98
C GLU B 24 -15.23 -17.09 -13.74
C GLU B 24 -5.77 -17.88 0.84
C GLU B 24 -13.85 9.86 20.42
N ASN B 25 23.13 -14.23 1.72
N ASN B 25 -14.53 -17.33 -12.64
N ASN B 25 -5.31 -17.51 2.02
N ASN B 25 -13.77 8.55 20.25
CA ASN B 25 21.79 -14.53 1.18
CA ASN B 25 -15.10 -17.77 -11.37
CA ASN B 25 -6.06 -16.69 2.99
CA ASN B 25 -13.31 7.62 21.29
C ASN B 25 21.16 -13.29 0.54
C ASN B 25 -16.01 -16.70 -10.76
C ASN B 25 -6.32 -15.28 2.45
C ASN B 25 -11.84 7.85 21.63
N VAL B 26 21.29 -12.19 1.25
N VAL B 26 -15.50 -15.48 -10.80
N VAL B 26 -5.28 -14.72 1.88
N VAL B 26 -11.06 8.00 20.57
CA VAL B 26 20.77 -10.92 0.75
CA VAL B 26 -16.26 -14.35 -10.28
CA VAL B 26 -5.38 -13.39 1.29
CA VAL B 26 -9.63 8.25 20.73
C VAL B 26 21.40 -10.61 -0.59
C VAL B 26 -17.59 -14.25 -11.02
C VAL B 26 -6.46 -13.40 0.22
C VAL B 26 -9.43 9.52 21.57
N LYS B 27 22.73 -10.77 -0.66
N LYS B 27 -17.52 -14.35 -12.35
N LYS B 27 -6.43 -14.41 -0.64
N LYS B 27 -10.18 10.56 21.22
CA LYS B 27 23.46 -10.49 -1.90
CA LYS B 27 -18.73 -14.28 -13.17
CA LYS B 27 -7.41 -14.53 -1.71
CA LYS B 27 -10.08 11.83 21.94
C LYS B 27 22.98 -11.38 -3.03
C LYS B 27 -19.71 -15.39 -12.81
C LYS B 27 -8.82 -14.63 -1.15
C LYS B 27 -10.45 11.67 23.40
N ALA B 28 22.68 -12.63 -2.73
N ALA B 28 -19.22 -16.57 -12.51
N ALA B 28 -8.99 -15.34 -0.05
N ALA B 28 -11.42 10.84 23.70
CA ALA B 28 22.14 -13.56 -3.72
CA ALA B 28 -20.07 -17.69 -12.09
CA ALA B 28 -10.29 -15.46 0.60
CA ALA B 28 -11.82 10.55 25.09
C ALA B 28 20.77 -13.14 -4.19
C ALA B 28 -20.71 -17.41 -10.74
C ALA B 28 -10.74 -14.11 1.16
C ALA B 28 -10.72 9.80 25.82
N LYS B 29 19.91 -12.63 -3.32
N LYS B 29 -20.00 -16.78 -9.81
N LYS B 29 -9.85 -13.31 1.72
N LYS B 29 -10.02 8.88 25.16
CA LYS B 29 18.59 -12.11 -3.72
CA LYS B 29 -20.59 -16.41 -8.52
CA LYS B 29 -10.20 -11.97 2.20
CA LYS B 29 -8.88 8.17 25.79
C LYS B 29 18.74 -10.90 -4.66
C LYS B 29 -21.72 -15.37 -8.71
C LYS B 29 -10.65 -11.06 1.03
C LYS B 29 -7.75 9.16 26.11
N ILE B 30 19.75 -10.07 -4.37
N ILE B 30 -21.51 -14.46 -9.65
N ILE B 30 -10.00 -11.23 -0.11
N ILE B 30 -7.55 10.13 25.22
CA ILE B 30 19.97 -8.88 -5.20
CA ILE B 30 -22.53 -13.43 -9.91
CA ILE B 30 -10.36 -10.43 -1.29
CA ILE B 30 -6.49 11.12 25.45
C ILE B 30 20.48 -9.38 -6.56
C ILE B 30 -23.73 -14.15 -10.55
C ILE B 30 -11.74 -10.91 -1.75
C ILE B 30 -6.94 12.00 26.62
N GLN B 31 21.33 -10.37 -6.58
N GLN B 31 -23.50 -15.10 -11.43
N GLN B 31 -11.99 -12.19 -1.72
N GLN B 31 -8.19 12.34 26.70
CA GLN B 31 21.82 -10.87 -7.91
CA GLN B 31 -24.67 -15.81 -12.04
CA GLN B 31 -13.35 -12.66 -2.16
CA GLN B 31 -8.63 13.18 27.86
C GLN B 31 20.63 -11.41 -8.71
C GLN B 31 -25.46 -16.52 -10.92
C GLN B 31 -14.42 -12.07 -1.24
C GLN B 31 -8.39 12.41 29.16
N ASP B 32 19.85 -12.22 -8.04
N ASP B 32 -24.71 -17.23 -10.13
N ASP B 32 -14.14 -12.20 0.04
N ASP B 32 -8.85 11.18 29.13
CA ASP B 32 18.64 -12.81 -8.67
CA ASP B 32 -25.31 -17.97 -8.99
CA ASP B 32 -15.06 -11.67 1.07
CA ASP B 32 -8.68 10.30 30.31
C ASP B 32 17.74 -11.75 -9.25
C ASP B 32 -26.15 -17.07 -8.12
C ASP B 32 -15.36 -10.21 0.84
C ASP B 32 -7.24 10.21 30.75
N LYS B 33 17.56 -10.63 -8.53
N LYS B 33 -25.66 -15.84 -7.84
N LYS B 33 -14.32 -9.41 0.49
N LYS B 33 -6.30 10.12 29.79
CA LYS B 33 16.60 -9.64 -9.08
CA LYS B 33 -26.45 -15.01 -6.90
CA LYS B 33 -14.62 -7.96 0.37
CA LYS B 33 -4.90 9.94 30.25
C LYS B 33 17.15 -8.55 -9.94
C LYS B 33 -27.44 -14.07 -7.49
C LYS B 33 -15.00 -7.45 -0.97
C LYS B 33 -4.07 11.17 30.40
N GLU B 34 18.39 -8.14 -9.85
N GLU B 34 -27.34 -13.60 -8.70
N GLU B 34 -14.64 -8.05 -2.08
N GLU B 34 -4.32 12.28 29.76
CA GLU B 34 18.98 -7.09 -10.65
CA GLU B 34 -28.27 -12.69 -9.33
CA GLU B 34 -14.97 -7.59 -3.41
CA GLU B 34 -3.56 13.50 29.86
C GLU B 34 20.21 -7.52 -11.42
C GLU B 34 -28.85 -13.20 -10.63
C GLU B 34 -15.70 -8.62 -4.24
C GLU B 34 -4.38 14.70 30.27
N GLY B 35 20.67 -8.74 -11.19
N GLY B 35 -28.36 -14.33 -11.11
N GLY B 35 -15.84 -9.84 -3.74
N GLY B 35 -5.69 14.55 30.34
CA GLY B 35 21.79 -9.29 -11.91
CA GLY B 35 -28.89 -14.96 -12.30
CA GLY B 35 -16.57 -10.88 -4.40
CA GLY B 35 -6.58 15.59 30.77
C GLY B 35 23.16 -8.92 -11.49
C GLY B 35 -28.45 -14.47 -13.62
C GLY B 35 -15.91 -11.64 -5.47
C GLY B 35 -6.98 16.64 29.81
N ILE B 36 23.30 -8.16 -10.39
N ILE B 36 -27.48 -13.52 -13.65
N ILE B 36 -14.60 -11.40 -5.71
N ILE B 36 -6.57 16.51 28.53
CA ILE B 36 24.66 -7.79 -9.95
CA ILE B 36 -27.03 -13.01 -14.95
CA ILE B 36 -13.92 -12.16 -6.77
CA ILE B 36 -6.97 17.53 27.55
C ILE B 36 25.33 -8.93 -9.21
C ILE B 36 -26.05 -13.98 -15.59
C ILE B 36 -13.53 -13.54 -6.29
C ILE B 36 -8.39 17.33 27.08
N PRO B 37 26.51 -9.33 -9.67
N PRO B 37 -26.33 -14.41 -16.81
N PRO B 37 -13.97 -14.58 -7.01
N PRO B 37 -9.23 18.36 27.22
CA PRO B 37 27.30 -10.40 -9.03
CA PRO B 37 -25.45 -15.32 -17.57
CA PRO B 37 -13.64 -15.97 -6.68
CA PRO B 37 -10.63 18.32 26.77
C PRO B 37 27.57 -10.07 -7.58
C PRO B 37 -24.06 -14.72 -17.72
C PRO B 37 -12.14 -16.18 -6.65
C PRO B 37 -10.72 17.98 25.29
N PRO B 38 27.45 -11.02 -6.68
N PRO B 38 -23.02 -15.50 -17.56
N PRO B 38 -11.62 -16.90 -5.68
N PRO B 38 -11.63 17.13 24.90
CA PRO B 38 27.70 -10.74 -5.26
CA PRO B 38 -21.66 -14.95 -17.68
CA PRO B 38 -10.17 -17.12 -5.59
CA PRO B 38 -11.74 16.76 23.47
C PRO B 38 29.08 -10.19 -4.98
C PRO B 38 -21.39 -14.31 -19.02
C PRO B 38 -9.58 -17.74 -6.83
C PRO B 38 -11.97 17.94 22.57
N ASP B 39 30.07 -10.60 -5.75
N ASP B 39 -22.00 -14.80 -20.07
N ASP B 39 -10.32 -18.58 -7.51
N ASP B 39 -12.65 18.95 23.03
CA ASP B 39 31.46 -10.14 -5.52
CA ASP B 39 -21.74 -14.26 -21.43
CA ASP B 39 -9.79 -19.27 -8.71
CA ASP B 39 -12.96 20.13 22.18
C ASP B 39 31.65 -8.66 -5.80
C ASP B 39 -22.27 -12.84 -21.60
C ASP B 39 -9.55 -18.33 -9.87
C ASP B 39 -11.72 20.94 21.84
N GLN B 40 30.69 -8.06 -6.50
N GLN B 40 -23.13 -12.42 -20.68
N GLN B 40 -10.11 -17.13 -9.79
N GLN B 40 -10.64 20.70 22.55
CA GLN B 40 30.79 -6.61 -6.78
CA GLN B 40 -23.67 -11.05 -20.77
CA GLN B 40 -9.88 -16.14 -10.87
CA GLN B 40 -9.37 21.42 22.25
C GLN B 40 29.99 -5.77 -5.76
C GLN B 40 -22.88 -10.06 -19.87
C GLN B 40 -8.73 -15.17 -10.53
C GLN B 40 -8.44 20.60 21.34
N GLN B 41 29.20 -6.40 -4.93
N GLN B 41 -22.02 -10.56 -19.02
N GLN B 41 -8.26 -15.18 -9.31
N GLN B 41 -8.75 19.34 21.12
CA GLN B 41 28.37 -5.72 -3.96
CA GLN B 41 -21.25 -9.76 -18.10
CA GLN B 41 -7.21 -14.29 -8.84
CA GLN B 41 -7.94 18.46 20.33
C GLN B 41 29.03 -5.37 -2.65
C GLN B 41 -19.98 -9.16 -18.65
C GLN B 41 -5.80 -14.74 -9.13
C GLN B 41 -8.17 18.50 18.84
N ARG B 42 28.88 -4.12 -2.27
N ARG B 42 -19.84 -7.86 -18.43
N ARG B 42 -5.02 -13.81 -9.71
N ARG B 42 -7.08 18.64 18.10
CA ARG B 42 29.33 -3.65 -0.91
CA ARG B 42 -18.56 -7.15 -18.75
CA ARG B 42 -3.56 -14.03 -9.90
CA ARG B 42 -7.11 18.53 16.61
C ARG B 42 28.08 -3.11 -0.25
C ARG B 42 -18.11 -6.54 -17.44
C ARG B 42 -2.90 -12.88 -9.15
C ARG B 42 -6.17 17.40 16.28
N LEU B 43 27.60 -3.71 0.84
N LEU B 43 -16.97 -6.96 -16.88
N LEU B 43 -2.13 -13.14 -8.09
N LEU B 43 -6.64 16.30 15.71
CA LEU B 43 26.35 -3.23 1.47
CA LEU B 43 -16.51 -6.43 -15.57
CA LEU B 43 -1.52 -12.05 -7.31
CA LEU B 43 -5.74 15.15 15.42
C LEU B 43 26.67 -2.44 2.74
C LEU B 43 -15.41 -5.40 -15.78
C LEU B 43 -0.03 -11.93 -7.66
C LEU B 43 -5.42 15.10 13.93
N ILE B 44 26.08 -1.25 2.84
N ILE B 44 -15.56 -4.25 -15.14
N ILE B 44 0.40 -10.71 -7.96
N ILE B 44 -4.14 14.98 13.62
CA ILE B 44 26.32 -0.34 3.95
CA ILE B 44 -14.62 -3.14 -15.26
CA ILE B 44 1.76 -10.42 -8.36
CA ILE B 44 -3.65 14.98 12.24
C ILE B 44 25.03 0.00 4.70
C ILE B 44 -14.05 -2.72 -13.92
C ILE B 44 2.43 -9.41 -7.44
C ILE B 44 -2.86 13.71 11.92
N PHE B 45 25.11 -0.11 6.05
N PHE B 45 -12.70 -2.59 -13.89
N PHE B 45 3.67 -9.76 -7.01
N PHE B 45 -3.23 13.11 10.76
CA PHE B 45 23.98 0.24 6.92
CA PHE B 45 -11.99 -2.15 -12.68
CA PHE B 45 4.48 -8.88 -6.15
CA PHE B 45 -2.54 11.89 10.28
C PHE B 45 24.61 0.86 8.18
C PHE B 45 -10.82 -1.27 -13.18
C PHE B 45 5.93 -9.09 -6.60
C PHE B 45 -2.50 12.03 8.74
N ALA B 46 24.06 2.01 8.50
N ALA B 46 -10.76 -0.12 -12.58
N ALA B 46 6.54 -7.96 -6.85
N ALA B 46 -1.31 11.85 8.25
CA ALA B 46 24.44 2.78 9.68
CA ALA B 46 -9.70 0.88 -12.84
CA ALA B 46 7.97 -7.88 -7.24
CA ALA B 46 -1.01 11.87 6.80
C ALA B 46 25.95 2.91 9.79
C ALA B 46 -9.51 1.09 -14.33
C ALA B 46 8.28 -8.86 -8.36
C ALA B 46 -1.63 13.09 6.14
N GLY B 47 26.54 3.24 8.68
N GLY B 47 -10.61 1.23 -15.01
N GLY B 47 7.41 -8.86 -9.33
N GLY B 47 -1.44 14.20 6.79
CA GLY B 47 27.94 3.42 8.44
CA GLY B 47 -10.79 1.43 -16.41
CA GLY B 47 7.40 -9.67 -10.51
CA GLY B 47 -1.90 15.51 6.45
C GLY B 47 28.84 2.25 8.65
C GLY B 47 -10.29 0.34 -17.33
C GLY B 47 7.30 -11.16 -10.34
C GLY B 47 -3.38 15.74 6.38
N LYS B 48 28.32 1.05 8.61
N LYS B 48 -10.15 -0.86 -16.84
N LYS B 48 6.82 -11.62 -9.22
N LYS B 48 -4.17 14.90 7.01
CA LYS B 48 29.12 -0.17 8.76
CA LYS B 48 -9.73 -2.01 -17.66
CA LYS B 48 6.64 -13.06 -8.96
CA LYS B 48 -5.62 15.06 7.04
C LYS B 48 29.03 -0.94 7.43
C LYS B 48 -10.89 -2.99 -17.70
C LYS B 48 5.12 -13.31 -8.83
C LYS B 48 -6.02 15.34 8.51
N GLN B 49 30.10 -1.55 7.01
N GLN B 49 -11.12 -3.63 -18.81
N GLN B 49 4.64 -14.42 -9.32
N GLN B 49 -7.00 16.19 8.72
CA GLN B 49 30.04 -2.41 5.78
CA GLN B 49 -12.16 -4.70 -18.88
CA GLN B 49 3.21 -14.77 -9.12
CA GLN B 49 -7.50 16.40 10.10
C GLN B 49 29.57 -3.76 6.31
C GLN B 49 -11.43 -5.95 -18.40
C GLN B 49 3.19 -15.47 -7.75
C GLN B 49 -8.54 15.30 10.30
N LEU B 50 28.57 -4.34 5.71
N LEU B 50 -12.01 -6.68 -17.48
N LEU B 50 2.32 -15.08 -6.86
N LEU B 50 -8.47 14.57 11.38
CA LEU B 50 27.98 -5.61 6.18
CA LEU B 50 -11.35 -7.85 -16.88
CA LEU B 50 2.28 -15.62 -5.50
CA LEU B 50 -9.37 13.42 11.62
C LEU B 50 28.85 -6.79 5.76
C LEU B 50 -11.49 -9.05 -17.82
C LEU B 50 1.59 -16.97 -5.50
C LEU B 50 -10.71 13.92 12.11
N GLU B 51 29.05 -7.75 6.65
N GLU B 51 -10.42 -9.83 -17.96
N GLU B 51 2.12 -17.94 -4.75
N GLU B 51 -11.79 13.32 11.61
CA GLU B 51 29.92 -8.90 6.32
CA GLU B 51 -10.47 -10.99 -18.89
CA GLU B 51 1.53 -19.29 -4.74
CA GLU B 51 -13.15 13.78 12.01
C GLU B 51 29.08 -10.10 5.97
C GLU B 51 -10.66 -12.27 -18.12
C GLU B 51 0.71 -19.48 -3.49
C GLU B 51 -13.72 12.83 13.03
N ASP B 52 29.45 -10.89 4.99
N ASP B 52 -11.45 -13.19 -18.58
N ASP B 52 -0.43 -20.12 -3.55
N ASP B 52 -14.42 13.31 14.04
CA ASP B 52 28.69 -12.02 4.48
CA ASP B 52 -11.80 -14.44 -17.90
CA ASP B 52 -1.38 -20.31 -2.46
CA ASP B 52 -14.96 12.54 15.15
C ASP B 52 28.13 -13.07 5.43
C ASP B 52 -10.73 -15.32 -17.29
C ASP B 52 -0.89 -20.80 -1.10
C ASP B 52 -15.76 11.27 14.90
N GLY B 53 28.89 -13.47 6.42
N GLY B 53 -9.62 -15.50 -17.97
N GLY B 53 -0.02 -21.76 -1.07
N GLY B 53 -16.63 11.28 13.91
CA GLY B 53 28.51 -14.51 7.39
CA GLY B 53 -8.51 -16.37 -17.54
CA GLY B 53 0.50 -22.39 0.16
CA GLY B 53 -17.52 10.15 13.58
C GLY B 53 27.64 -14.07 8.53
C GLY B 53 -7.54 -15.77 -16.58
C GLY B 53 1.62 -21.67 0.85
C GLY B 53 -16.91 9.07 12.73
N ARG B 54 27.42 -12.78 8.71
N ARG B 54 -7.62 -14.47 -16.31
N ARG B 54 2.19 -20.64 0.24
N ARG B 54 -15.71 9.27 12.19
CA ARG B 54 26.52 -12.27 9.76
CA ARG B 54 -6.74 -13.82 -15.31
CA ARG B 54 3.25 -19.84 0.87
CA ARG B 54 -15.03 8.22 11.41
C ARG B 54 25.09 -12.28 9.21
C ARG B 54 -7.38 -13.99 -13.94
C ARG B 54 2.57 -18.76 1.72
C ARG B 54 -14.28 7.32 12.38
N THR B 55 24.13 -12.14 10.09
N THR B 55 -6.63 -13.74 -12.91
N THR B 55 3.33 -18.13 2.58
N THR B 55 -13.85 6.18 11.91
CA THR B 55 22.70 -12.07 9.73
CA THR B 55 -7.10 -13.79 -11.50
CA THR B 55 2.86 -17.02 3.44
CA THR B 55 -13.04 5.21 12.69
C THR B 55 22.29 -10.59 9.87
C THR B 55 -7.26 -12.32 -11.04
C THR B 55 3.45 -15.72 2.84
C THR B 55 -11.59 5.33 12.18
N LEU B 56 21.13 -10.26 9.31
N LEU B 56 -7.96 -12.15 -9.93
N LEU B 56 2.89 -14.60 3.26
N LEU B 56 -10.67 4.78 12.95
CA LEU B 56 20.57 -8.91 9.40
CA LEU B 56 -8.15 -10.82 -9.31
CA LEU B 56 3.37 -13.27 2.84
CA LEU B 56 -9.25 4.75 12.58
C LEU B 56 20.31 -8.61 10.87
C LEU B 56 -6.79 -10.28 -8.93
C LEU B 56 4.82 -13.12 3.29
C LEU B 56 -9.11 3.95 11.28
N SER B 57 19.88 -9.62 11.65
N SER B 57 -5.87 -11.16 -8.47
N SER B 57 5.16 -13.67 4.47
N SER B 57 -9.92 2.89 11.12
CA SER B 57 19.61 -9.33 13.08
CA SER B 57 -4.55 -10.62 -8.08
CA SER B 57 6.57 -13.51 4.92
CA SER B 57 -9.78 2.12 9.86
C SER B 57 20.87 -8.89 13.81
C SER B 57 -3.81 -10.02 -9.26
C SER B 57 7.54 -14.21 3.99
C SER B 57 -10.12 2.93 8.65
N ASP B 58 22.03 -9.38 13.39
N ASP B 58 -4.06 -10.52 -10.45
N ASP B 58 7.10 -15.28 3.35
N ASP B 58 -11.01 3.89 8.79
CA ASP B 58 23.31 -9.02 14.03
CA ASP B 58 -3.38 -10.00 -11.68
CA ASP B 58 7.98 -16.04 2.41
CA ASP B 58 -11.42 4.76 7.66
C ASP B 58 23.50 -7.50 14.06
C ASP B 58 -3.62 -8.49 -11.82
C ASP B 58 8.53 -15.11 1.32
C ASP B 58 -10.20 5.43 7.03
N TYR B 59 23.10 -6.88 12.99
N TYR B 59 -4.81 -8.09 -11.49
N TYR B 59 7.68 -14.22 0.87
N TYR B 59 -9.29 5.83 7.87
CA TYR B 59 23.18 -5.43 12.81
CA TYR B 59 -5.25 -6.70 -11.54
CA TYR B 59 8.01 -13.23 -0.15
CA TYR B 59 -8.04 6.49 7.48
C TYR B 59 21.91 -4.72 13.26
C TYR B 59 -5.04 -5.96 -10.23
C TYR B 59 8.52 -11.93 0.42
C TYR B 59 -6.91 5.51 7.27
N ASN B 60 20.93 -5.37 13.84
N ASN B 60 -4.43 -6.54 -9.22
N ASN B 60 8.75 -11.79 1.70
N ASN B 60 -7.10 4.21 7.34
CA ASN B 60 19.73 -4.62 14.26
CA ASN B 60 -4.24 -5.78 -7.96
CA ASN B 60 9.25 -10.50 2.22
CA ASN B 60 -5.95 3.29 7.13
C ASN B 60 19.07 -3.90 13.09
C ASN B 60 -5.56 -5.31 -7.40
C ASN B 60 8.32 -9.35 1.86
C ASN B 60 -4.83 3.57 8.12
N ILE B 61 18.94 -4.60 11.97
N ILE B 61 -6.55 -6.19 -7.37
N ILE B 61 7.03 -9.55 2.04
N ILE B 61 -5.17 3.74 9.37
CA ILE B 61 18.24 -4.02 10.79
CA ILE B 61 -7.86 -5.87 -6.74
CA ILE B 61 6.03 -8.47 1.81
CA ILE B 61 -4.14 3.94 10.44
C ILE B 61 16.76 -4.36 10.95
C ILE B 61 -7.75 -6.25 -5.27
C ILE B 61 5.91 -7.71 3.13
C ILE B 61 -3.78 2.53 10.93
N GLN B 62 15.89 -3.41 11.10
N GLN B 62 -7.84 -5.30 -4.37
N GLN B 62 6.28 -6.46 3.17
N GLN B 62 -2.56 2.10 10.75
CA GLN B 62 14.44 -3.63 11.35
CA GLN B 62 -7.68 -5.54 -2.92
CA GLN B 62 6.26 -5.64 4.42
CA GLN B 62 -2.10 0.73 11.13
C GLN B 62 13.66 -3.37 10.05
C GLN B 62 -9.04 -5.55 -2.23
C GLN B 62 5.05 -4.70 4.41
C GLN B 62 -1.29 0.80 12.43
N LYS B 63 12.38 -3.72 10.02
N LYS B 63 -9.10 -5.95 -0.97
N LYS B 63 4.77 -4.04 5.53
N LYS B 63 -0.99 -0.35 13.03
CA LYS B 63 11.56 -3.59 8.83
CA LYS B 63 -10.36 -6.07 -0.24
CA LYS B 63 3.61 -3.18 5.65
CA LYS B 63 -0.29 -0.41 14.29
C LYS B 63 11.62 -2.14 8.35
C LYS B 63 -11.10 -4.73 -0.30
C LYS B 63 3.65 -2.14 4.55
C LYS B 63 1.02 0.37 14.17
N GLU B 64 11.61 -2.05 7.01
N GLU B 64 -12.42 -4.88 -0.42
N GLU B 64 2.43 -1.86 4.07
N GLU B 64 1.32 1.02 15.30
CA GLU B 64 11.64 -0.82 6.26
CA GLU B 64 -13.38 -3.81 -0.48
CA GLU B 64 2.13 -0.90 3.03
CA GLU B 64 2.49 1.85 15.50
C GLU B 64 12.89 0.01 6.33
C GLU B 64 -13.37 -2.93 -1.69
C GLU B 64 2.62 -1.20 1.65
C GLU B 64 2.61 3.12 14.71
N SER B 65 13.97 -0.64 6.75
N SER B 65 -12.76 -3.45 -2.74
N SER B 65 2.92 -2.47 1.43
N SER B 65 1.47 3.56 14.21
CA SER B 65 15.31 -0.05 6.80
CA SER B 65 -12.72 -2.79 -4.06
CA SER B 65 3.30 -3.00 0.12
CA SER B 65 1.35 4.84 13.49
C SER B 65 15.79 0.10 5.33
C SER B 65 -14.15 -2.89 -4.66
C SER B 65 2.03 -2.99 -0.78
C SER B 65 1.50 5.97 14.54
N THR B 66 16.75 0.96 5.10
N THR B 66 -14.45 -2.05 -5.60
N THR B 66 2.22 -3.03 -2.06
N THR B 66 1.81 7.15 14.09
CA THR B 66 17.37 1.15 3.78
CA THR B 66 -15.73 -2.08 -6.32
CA THR B 66 1.10 -3.10 -3.03
CA THR B 66 1.91 8.32 14.97
C THR B 66 18.85 0.82 3.89
C THR B 66 -15.46 -2.32 -7.81
C THR B 66 1.26 -4.39 -3.84
C THR B 66 0.90 9.37 14.48
N LEU B 67 19.36 -0.08 3.02
N LEU B 67 -16.10 -3.34 -8.39
N LEU B 67 0.21 -5.23 -3.89
N LEU B 67 0.04 9.86 15.37
CA LEU B 67 20.79 -0.36 3.00
CA LEU B 67 -15.97 -3.56 -9.84
CA LEU B 67 0.25 -6.42 -4.74
CA LEU B 67 -0.88 10.94 15.00
C LEU B 67 21.34 0.38 1.76
C LEU B 67 -17.27 -3.03 -10.46
C LEU B 67 -0.60 -6.08 -5.98
C LEU B 67 -0.29 12.23 15.61
N HIS B 68 22.58 0.72 1.76
N HIS B 68 -17.25 -2.64 -11.69
N HIS B 68 -0.35 -6.71 -7.07
N HIS B 68 -0.58 13.34 15.06
CA HIS B 68 23.14 1.40 0.57
CA HIS B 68 -18.49 -2.17 -12.33
CA HIS B 68 -1.18 -6.44 -8.28
CA HIS B 68 -0.07 14.61 15.66
C HIS B 68 24.01 0.34 -0.12
C HIS B 68 -18.92 -3.29 -13.28
C HIS B 68 -2.09 -7.66 -8.43
C HIS B 68 -1.26 15.26 16.35
N LEU B 69 23.89 0.26 -1.44
N LEU B 69 -20.20 -3.61 -13.28
N LEU B 69 -3.36 -7.42 -8.71
N LEU B 69 -1.07 15.75 17.55
CA LEU B 69 24.70 -0.65 -2.24
CA LEU B 69 -20.76 -4.62 -14.18
CA LEU B 69 -4.31 -8.49 -8.95
CA LEU B 69 -2.10 16.47 18.28
C LEU B 69 25.76 0.10 -3.01
C LEU B 69 -21.57 -3.99 -15.27
C LEU B 69 -4.67 -8.58 -10.41
C LEU B 69 -1.83 17.94 18.33
N VAL B 70 27.01 -0.12 -2.76
N VAL B 70 -21.19 -4.10 -16.50
N VAL B 70 -4.36 -9.64 -11.08
N VAL B 70 -2.64 18.76 17.75
CA VAL B 70 28.08 0.52 -3.58
CA VAL B 70 -22.02 -3.57 -17.62
CA VAL B 70 -4.80 -9.81 -12.49
CA VAL B 70 -2.46 20.24 17.86
C VAL B 70 28.66 -0.65 -4.38
C VAL B 70 -22.55 -4.85 -18.29
C VAL B 70 -5.88 -10.90 -12.41
C VAL B 70 -3.63 20.68 18.78
N LEU B 71 28.97 -0.43 -5.64
N LEU B 71 -23.80 -4.84 -18.70
N LEU B 71 -6.95 -10.76 -13.16
N LEU B 71 -3.38 21.59 19.68
CA LEU B 71 29.56 -1.50 -6.48
CA LEU B 71 -24.39 -6.02 -19.39
CA LEU B 71 -8.02 -11.78 -13.15
CA LEU B 71 -4.44 22.09 20.57
C LEU B 71 31.06 -1.37 -6.48
C LEU B 71 -24.30 -5.82 -20.88
C LEU B 71 -7.82 -12.73 -14.31
C LEU B 71 -5.03 23.36 20.03
N MET A 1 6.38 18.40 -20.67
CA MET A 1 5.74 19.56 -20.05
C MET A 1 6.28 19.67 -18.60
N GLN A 2 6.34 20.88 -18.14
CA GLN A 2 6.81 21.11 -16.74
C GLN A 2 5.61 21.10 -15.81
N ILE A 3 5.80 20.45 -14.66
CA ILE A 3 4.77 20.47 -13.61
C ILE A 3 5.53 20.83 -12.30
N PHE A 4 4.75 21.23 -11.33
CA PHE A 4 5.40 21.59 -10.01
C PHE A 4 4.91 20.64 -8.96
N VAL A 5 5.74 20.16 -8.03
CA VAL A 5 5.27 19.32 -6.95
C VAL A 5 5.58 20.10 -5.65
N LYS A 6 4.57 20.50 -4.95
CA LYS A 6 4.78 21.30 -3.70
C LYS A 6 4.77 20.35 -2.53
N THR A 7 5.82 20.41 -1.68
CA THR A 7 5.88 19.52 -0.51
C THR A 7 5.42 20.27 0.74
N LEU A 8 5.24 19.58 1.84
CA LEU A 8 4.74 20.24 3.07
C LEU A 8 5.81 21.08 3.74
N THR A 9 7.06 21.03 3.24
CA THR A 9 8.08 21.90 3.94
C THR A 9 8.35 23.16 3.18
N GLY A 10 7.52 23.50 2.24
CA GLY A 10 7.67 24.69 1.43
C GLY A 10 8.68 24.63 0.33
N LYS A 11 9.10 23.43 0.00
CA LYS A 11 10.01 23.21 -1.12
C LYS A 11 9.11 22.84 -2.31
N THR A 12 9.42 23.38 -3.48
CA THR A 12 8.62 22.98 -4.66
C THR A 12 9.61 22.35 -5.64
N ILE A 13 9.25 21.19 -6.17
CA ILE A 13 10.23 20.60 -7.13
C ILE A 13 9.65 20.67 -8.52
N THR A 14 10.47 20.94 -9.51
CA THR A 14 9.89 20.97 -10.89
C THR A 14 10.25 19.66 -11.57
N LEU A 15 9.33 19.09 -12.33
CA LEU A 15 9.58 17.83 -13.01
C LEU A 15 9.25 18.02 -14.49
N GLU A 16 9.89 17.22 -15.31
CA GLU A 16 9.51 17.26 -16.76
C GLU A 16 8.85 15.92 -17.00
N VAL A 17 7.60 16.03 -17.42
CA VAL A 17 6.77 14.86 -17.67
C VAL A 17 5.93 15.04 -18.95
N GLU A 18 5.32 13.93 -19.31
CA GLU A 18 4.37 13.84 -20.41
C GLU A 18 3.06 13.38 -19.82
N PRO A 19 1.95 13.87 -20.34
CA PRO A 19 0.61 13.47 -19.90
C PRO A 19 0.43 11.98 -19.97
N SER A 20 1.19 11.31 -20.81
CA SER A 20 1.03 9.85 -20.98
C SER A 20 1.72 9.11 -19.87
N ASP A 21 2.49 9.83 -19.05
CA ASP A 21 3.19 9.10 -17.96
C ASP A 21 2.21 8.63 -16.92
N THR A 22 2.51 7.52 -16.30
CA THR A 22 1.71 6.99 -15.21
C THR A 22 2.16 7.68 -13.91
N ILE A 23 1.25 7.61 -12.94
CA ILE A 23 1.52 8.13 -11.60
C ILE A 23 2.72 7.40 -10.98
N GLU A 24 2.80 6.12 -11.24
CA GLU A 24 3.98 5.32 -10.73
C GLU A 24 5.27 5.90 -11.23
N CYS A 25 5.30 6.34 -12.52
CA CYS A 25 6.50 6.91 -13.13
C CYS A 25 6.85 8.24 -12.50
N VAL A 26 5.82 9.05 -12.28
CA VAL A 26 6.04 10.34 -11.65
C VAL A 26 6.71 10.15 -10.29
N LYS A 27 6.18 9.20 -9.52
CA LYS A 27 6.74 8.92 -8.19
C LYS A 27 8.19 8.48 -8.29
N ALA A 28 8.54 7.70 -9.30
CA ALA A 28 9.92 7.29 -9.53
C ALA A 28 10.80 8.47 -9.89
N LYS A 29 10.31 9.43 -10.66
CA LYS A 29 11.09 10.64 -10.97
C LYS A 29 11.35 11.47 -9.69
N ILE A 30 10.35 11.49 -8.81
CA ILE A 30 10.50 12.25 -7.55
C ILE A 30 11.53 11.50 -6.70
N GLN A 31 11.49 10.19 -6.69
CA GLN A 31 12.50 9.45 -5.86
C GLN A 31 13.90 9.76 -6.40
N ASP A 32 14.01 9.63 -7.70
CA ASP A 32 15.30 9.91 -8.37
C ASP A 32 15.83 11.29 -8.03
N LYS A 33 14.94 12.30 -7.98
CA LYS A 33 15.50 13.66 -7.74
C LYS A 33 15.53 14.13 -6.33
N GLU A 34 14.74 13.67 -5.41
CA GLU A 34 14.73 14.09 -4.02
C GLU A 34 14.92 12.96 -3.04
N GLY A 35 14.94 11.73 -3.52
CA GLY A 35 15.18 10.58 -2.69
C GLY A 35 14.07 10.02 -1.89
N ILE A 36 12.84 10.55 -2.06
CA ILE A 36 11.72 10.01 -1.29
C ILE A 36 11.20 8.72 -1.91
N PRO A 37 11.15 7.65 -1.13
CA PRO A 37 10.64 6.34 -1.58
C PRO A 37 9.21 6.46 -2.09
N PRO A 38 8.88 5.84 -3.19
CA PRO A 38 7.51 5.95 -3.73
C PRO A 38 6.45 5.52 -2.76
N ASP A 39 6.74 4.57 -1.90
CA ASP A 39 5.72 4.05 -0.95
C ASP A 39 5.34 5.08 0.11
N GLN A 40 6.16 6.11 0.23
CA GLN A 40 5.83 7.18 1.22
C GLN A 40 5.08 8.36 0.58
N GLN A 41 5.02 8.40 -0.74
CA GLN A 41 4.40 9.48 -1.46
C GLN A 41 2.90 9.36 -1.66
N ARG A 42 2.21 10.46 -1.32
CA ARG A 42 0.75 10.57 -1.60
C ARG A 42 0.62 11.80 -2.48
N LEU A 43 0.18 11.67 -3.73
CA LEU A 43 0.09 12.84 -4.63
C LEU A 43 -1.35 13.30 -4.76
N ILE A 44 -1.57 14.59 -4.57
CA ILE A 44 -2.91 15.19 -4.61
C ILE A 44 -3.02 16.28 -5.66
N PHE A 45 -4.11 16.19 -6.46
CA PHE A 45 -4.39 17.20 -7.50
C PHE A 45 -5.92 17.33 -7.53
N ALA A 46 -6.32 18.58 -7.46
CA ALA A 46 -7.74 18.98 -7.52
C ALA A 46 -8.59 18.14 -6.58
N GLY A 47 -8.08 17.99 -5.40
CA GLY A 47 -8.62 17.24 -4.29
C GLY A 47 -8.80 15.76 -4.47
N CYS A 48 -8.13 15.15 -5.41
CA CYS A 48 -8.12 13.71 -5.63
C CYS A 48 -6.78 13.12 -5.25
N GLN A 49 -6.74 11.97 -4.70
CA GLN A 49 -5.43 11.30 -4.47
C GLN A 49 -5.16 10.55 -5.77
N LEU A 50 -3.98 10.72 -6.33
CA LEU A 50 -3.65 10.11 -7.64
C LEU A 50 -3.29 8.65 -7.46
N GLU A 51 -3.77 7.80 -8.37
CA GLU A 51 -3.53 6.34 -8.25
C GLU A 51 -2.42 5.92 -9.18
N ASP A 52 -1.53 5.06 -8.79
CA ASP A 52 -0.35 4.62 -9.54
C ASP A 52 -0.48 4.20 -10.99
N GLY A 53 -1.50 3.45 -11.32
CA GLY A 53 -1.74 2.91 -12.67
C GLY A 53 -2.40 3.82 -13.65
N ARG A 54 -2.89 4.98 -13.21
CA ARG A 54 -3.49 5.96 -14.13
C ARG A 54 -2.37 6.83 -14.68
N THR A 55 -2.66 7.57 -15.72
CA THR A 55 -1.72 8.53 -16.36
C THR A 55 -2.16 9.94 -15.93
N LEU A 56 -1.27 10.90 -16.12
CA LEU A 56 -1.55 12.31 -15.83
C LEU A 56 -2.72 12.75 -16.70
N SER A 57 -2.80 12.25 -17.95
CA SER A 57 -3.93 12.69 -18.80
C SER A 57 -5.26 12.26 -18.24
N ASP A 58 -5.29 11.15 -17.53
CA ASP A 58 -6.56 10.64 -16.93
C ASP A 58 -7.20 11.71 -16.05
N TYR A 59 -6.37 12.41 -15.33
CA TYR A 59 -6.76 13.49 -14.42
C TYR A 59 -6.79 14.84 -15.09
N ASN A 60 -6.55 14.98 -16.38
CA ASN A 60 -6.58 16.32 -16.99
C ASN A 60 -5.58 17.25 -16.32
N ILE A 61 -4.36 16.77 -16.10
CA ILE A 61 -3.28 17.62 -15.54
C ILE A 61 -2.59 18.28 -16.73
N GLN A 62 -2.64 19.57 -16.85
CA GLN A 62 -2.07 20.32 -18.00
C GLN A 62 -0.74 20.97 -17.58
N LYS A 63 0.04 21.51 -18.58
CA LYS A 63 1.33 22.10 -18.24
C LYS A 63 1.17 23.16 -17.17
N GLU A 64 2.22 23.18 -16.36
CA GLU A 64 2.37 24.09 -15.26
C GLU A 64 1.44 23.96 -14.10
N SER A 65 0.81 22.79 -14.03
CA SER A 65 -0.07 22.42 -12.91
C SER A 65 0.84 22.18 -11.68
N THR A 66 0.25 22.25 -10.50
CA THR A 66 0.96 21.97 -9.25
C THR A 66 0.29 20.77 -8.56
N LEU A 67 1.06 19.74 -8.22
CA LEU A 67 0.49 18.62 -7.46
C LEU A 67 0.98 18.81 -6.00
N HIS A 68 0.26 18.31 -5.06
CA HIS A 68 0.72 18.43 -3.66
C HIS A 68 1.24 17.05 -3.26
N LEU A 69 2.38 17.02 -2.60
CA LEU A 69 2.96 15.77 -2.10
C LEU A 69 2.83 15.67 -0.60
N VAL A 70 2.10 14.73 -0.09
CA VAL A 70 2.03 14.52 1.38
C VAL A 70 2.81 13.21 1.60
N LEU A 71 3.60 13.15 2.65
CA LEU A 71 4.36 11.93 2.95
C LEU A 71 3.61 11.09 3.95
N ARG A 72 3.54 9.81 3.73
N ARG A 72 3.50 9.78 3.66
N ARG A 72 3.54 9.78 3.77
N ARG A 72 3.56 9.80 3.73
CA ARG A 72 2.82 8.92 4.67
CA ARG A 72 2.77 8.80 4.49
CA ARG A 72 2.84 8.93 4.74
CA ARG A 72 2.85 8.88 4.63
C ARG A 72 3.55 9.05 6.00
C ARG A 72 1.96 7.96 3.49
C ARG A 72 3.90 7.99 5.32
C ARG A 72 3.92 7.91 5.14
N LEU A 73 4.84 9.00 6.06
N LEU A 73 1.65 6.73 3.76
N LEU A 73 3.77 7.50 6.50
N LEU A 73 3.98 7.59 6.40
CA LEU A 73 5.54 9.11 7.36
CA LEU A 73 0.87 5.94 2.79
CA LEU A 73 4.82 6.60 7.04
CA LEU A 73 5.03 6.66 6.87
C LEU A 73 4.89 8.19 8.38
C LEU A 73 0.24 4.74 3.49
C LEU A 73 4.43 5.15 6.79
C LEU A 73 4.63 6.08 8.23
N ARG A 74 4.85 6.92 7.99
N ARG A 74 -1.01 4.50 3.12
N ARG A 74 5.48 4.34 6.63
N ARG A 74 5.46 5.15 8.67
CA ARG A 74 4.26 5.87 8.82
CA ARG A 74 -1.80 3.39 3.68
CA ARG A 74 5.32 2.90 6.37
CA ARG A 74 5.24 4.46 9.95
C ARG A 74 5.02 5.78 10.14
C ARG A 74 -1.90 2.27 2.64
C ARG A 74 4.79 2.22 7.63
C ARG A 74 6.60 4.09 10.55
N GLY A 75 6.34 5.84 10.02
N GLY A 75 -1.88 1.05 3.15
N GLY A 75 4.76 3.01 8.70
N GLY A 75 6.62 3.99 11.87
CA GLY A 75 7.25 5.77 11.15
CA GLY A 75 -1.94 -0.16 2.33
CA GLY A 75 4.31 2.55 10.00
CA GLY A 75 7.81 3.66 12.64
C GLY A 75 7.54 4.37 11.67
C GLY A 75 -3.33 -0.73 2.15
C GLY A 75 2.88 2.03 10.05
C GLY A 75 8.40 2.30 12.35
N GLY A 76 6.97 3.42 10.96
N GLY A 76 -3.34 -1.93 1.60
N GLY A 76 2.69 1.09 10.96
N GLY A 76 7.49 1.35 12.21
CA GLY A 76 7.10 1.98 11.22
CA GLY A 76 -4.55 -2.73 1.33
CA GLY A 76 1.40 0.43 11.21
CA GLY A 76 7.79 -0.07 11.93
C GLY A 76 7.04 1.23 9.88
C GLY A 76 -4.13 -4.16 0.99
C GLY A 76 1.13 -0.57 10.08
C GLY A 76 6.46 -0.85 11.91
N MET B 1 10.58 -6.57 7.08
N MET B 1 -9.80 -13.22 -1.93
N MET B 1 -2.53 -7.99 8.76
N MET B 1 -1.49 -2.69 18.49
CA MET B 1 10.49 -5.10 6.92
CA MET B 1 -9.74 -11.77 -1.70
CA MET B 1 -1.79 -6.91 8.09
CA MET B 1 -0.36 -1.93 17.92
C MET B 1 11.01 -4.78 5.49
C MET B 1 -11.20 -11.26 -1.76
C MET B 1 -2.64 -6.45 6.89
C MET B 1 -0.16 -0.69 18.83
N GLN B 2 10.45 -3.73 4.96
N GLN B 2 -11.43 -10.21 -1.02
N GLN B 2 -2.49 -5.20 6.57
N GLN B 2 1.07 -0.27 18.90
CA GLN B 2 10.88 -3.29 3.59
CA GLN B 2 -12.79 -9.61 -1.02
CA GLN B 2 -3.24 -4.65 5.40
CA GLN B 2 1.38 0.95 19.70
C GLN B 2 12.03 -2.29 3.74
C GLN B 2 -12.84 -8.52 -2.09
C GLN B 2 -2.39 -4.80 4.14
C GLN B 2 1.29 2.17 18.81
N ILE B 3 13.03 -2.45 2.88
N ILE B 3 -13.96 -8.49 -2.80
N ILE B 3 -3.04 -5.20 3.07
N ILE B 3 0.69 3.22 19.36
CA ILE B 3 14.13 -1.46 2.81
CA ILE B 3 -14.21 -7.40 -3.78
CA ILE B 3 -2.36 -5.25 1.75
CA ILE B 3 0.66 4.52 18.66
C ILE B 3 14.29 -1.12 1.30
C ILE B 3 -15.64 -6.89 -3.49
C ILE B 3 -3.32 -4.51 0.76
C ILE B 3 1.12 5.58 19.71
N PHE B 4 14.97 -0.02 1.08
N PHE B 4 -15.90 -5.72 -4.00
N PHE B 4 -2.74 -4.15 -0.36
N PHE B 4 1.49 6.73 19.18
CA PHE B 4 15.19 0.40 -0.35
CA PHE B 4 -17.28 -5.15 -3.78
CA PHE B 4 -3.60 -3.44 -1.39
CA PHE B 4 1.94 7.81 20.13
C PHE B 4 16.66 0.35 -0.66
C PHE B 4 -17.97 -5.02 -5.11
C PHE B 4 -3.68 -4.31 -2.62
C PHE B 4 0.99 8.96 20.03
N VAL B 5 17.10 -0.11 -1.82
N VAL B 5 -19.26 -5.31 -5.23
N VAL B 5 -4.82 -4.42 -3.29
N VAL B 5 0.62 9.64 21.11
CA VAL B 5 18.51 -0.09 -2.17
CA VAL B 5 -19.98 -5.11 -6.47
CA VAL B 5 -4.91 -5.16 -4.52
CA VAL B 5 -0.24 10.80 21.04
C VAL B 5 18.61 0.83 -3.42
C VAL B 5 -21.08 -4.07 -6.15
C VAL B 5 -5.33 -4.14 -5.60
C VAL B 5 0.62 11.97 21.61
N LYS B 6 19.25 1.94 -3.28
N LYS B 6 -20.99 -2.92 -6.73
N LYS B 6 -4.48 -3.88 -6.54
N LYS B 6 0.94 12.91 20.80
CA LYS B 6 19.35 2.89 -4.44
CA LYS B 6 -22.01 -1.84 -6.44
CA LYS B 6 -4.79 -2.86 -7.59
CA LYS B 6 1.80 14.05 21.27
C LYS B 6 20.65 2.64 -5.15
C LYS B 6 -23.07 -1.91 -7.51
C LYS B 6 -5.35 -3.58 -8.79
C LYS B 6 0.90 15.18 21.66
N THR B 7 20.60 2.42 -6.49
N THR B 7 -24.35 -1.99 -7.09
N THR B 7 -6.53 -3.14 -9.28
N THR B 7 1.06 15.72 22.89
CA THR B 7 21.83 2.16 -7.24
CA THR B 7 -25.45 -2.05 -8.08
CA THR B 7 -7.14 -3.81 -10.44
CA THR B 7 0.22 16.83 23.34
C THR B 7 22.29 3.45 -7.93
C THR B 7 -26.07 -0.66 -8.24
C THR B 7 -6.84 -2.99 -11.71
C THR B 7 0.97 18.16 23.17
N LEU B 8 23.47 3.46 -8.50
N LEU B 8 -26.94 -0.48 -9.20
N LEU B 8 -7.15 -3.52 -12.87
N LEU B 8 0.30 19.28 23.34
CA LEU B 8 24.00 4.67 -9.15
CA LEU B 8 -27.55 0.85 -9.44
CA LEU B 8 -6.85 -2.81 -14.13
CA LEU B 8 0.95 20.58 23.15
C LEU B 8 23.32 4.99 -10.47
C LEU B 8 -28.58 1.22 -8.40
C LEU B 8 -7.78 -1.64 -14.37
C LEU B 8 1.91 20.93 24.28
N THR B 9 22.45 4.08 -10.95
N THR B 9 -28.91 0.28 -7.49
N THR B 9 -8.81 -1.48 -13.54
N THR B 9 1.95 20.12 25.34
CA THR B 9 21.80 4.43 -12.26
CA THR B 9 -29.95 0.69 -6.48
CA THR B 9 -9.71 -0.30 -13.82
CA THR B 9 2.92 20.50 26.43
C THR B 9 20.40 4.94 -12.07
C THR B 9 -29.32 1.04 -5.17
C THR B 9 -9.42 0.86 -12.91
C THR B 9 4.18 19.69 26.38
N GLY B 10 20.04 5.29 -10.87
N GLY B 10 -28.03 1.23 -5.13
N GLY B 10 -8.31 0.84 -12.23
N GLY B 10 4.42 19.01 25.30
CA GLY B 10 18.72 5.79 -10.55
CA GLY B 10 -27.31 1.56 -3.93
CA GLY B 10 -7.91 1.88 -11.32
CA GLY B 10 5.59 18.18 25.11
C GLY B 10 17.64 4.77 -10.44
C GLY B 10 -27.04 0.44 -2.98
C GLY B 10 -8.58 1.89 -9.98
C GLY B 10 5.57 16.85 25.79
N LYS B 11 18.01 3.52 -10.33
N LYS B 11 -27.18 -0.76 -3.46
N LYS B 11 -9.19 0.78 -9.63
N LYS B 11 4.42 16.42 26.20
CA LYS B 11 17.07 2.44 -10.11
CA LYS B 11 -26.85 -1.96 -2.68
CA LYS B 11 -9.80 0.60 -8.32
CA LYS B 11 4.23 15.10 26.80
C LYS B 11 17.05 2.20 -8.58
C LYS B 11 -25.41 -2.34 -3.11
C LYS B 11 -8.73 -0.15 -7.49
C LYS B 11 3.75 14.20 25.64
N THR B 12 15.86 2.00 -8.03
N THR B 12 -24.60 -2.72 -2.15
N THR B 12 -8.57 0.25 -6.24
N THR B 12 4.28 12.99 25.58
CA THR B 12 15.82 1.69 -6.58
CA THR B 12 -23.24 -3.17 -2.54
CA THR B 12 -7.63 -0.50 -5.39
CA THR B 12 3.77 12.08 24.54
C THR B 12 15.18 0.31 -6.47
C THR B 12 -23.13 -4.62 -2.05
C THR B 12 -8.45 -1.03 -4.22
C THR B 12 3.20 10.86 25.28
N ILE B 13 15.81 -0.56 -5.69
N ILE B 13 -22.66 -5.50 -2.93
N ILE B 13 -8.30 -2.32 -3.93
N ILE B 13 1.99 10.47 24.90
CA ILE B 13 15.16 -1.91 -5.58
CA ILE B 13 -22.55 -6.89 -2.43
CA ILE B 13 -9.10 -2.80 -2.77
CA ILE B 13 1.46 9.28 25.62
C ILE B 13 14.59 -2.07 -4.20
C ILE B 13 -21.09 -7.25 -2.28
C ILE B 13 -8.18 -3.10 -1.61
C ILE B 13 1.44 8.10 24.69
N THR B 14 13.43 -2.68 -4.08
N THR B 14 -20.74 -7.99 -1.25
N THR B 14 -8.59 -2.80 -0.40
N THR B 14 1.75 6.92 25.19
CA THR B 14 12.90 -2.87 -2.70
CA THR B 14 -19.30 -8.36 -1.14
CA THR B 14 -7.68 -3.14 0.73
CA THR B 14 1.68 5.75 24.25
C THR B 14 13.17 -4.28 -2.27
C THR B 14 -19.14 -9.79 -1.61
C THR B 14 -8.19 -4.41 1.38
C THR B 14 0.40 5.00 24.53
N LEU B 15 13.55 -4.51 -1.03
N LEU B 15 -18.09 -10.08 -2.35
N LEU B 15 -7.29 -5.30 1.78
N LEU B 15 -0.29 4.53 23.50
CA LEU B 15 13.85 -5.84 -0.54
CA LEU B 15 -17.87 -11.42 -2.86
CA LEU B 15 -7.69 -6.55 2.39
CA LEU B 15 -1.53 3.81 23.67
C LEU B 15 13.01 -6.08 0.73
C LEU B 15 -16.46 -11.88 -2.44
C LEU B 15 -6.93 -6.68 3.73
C LEU B 15 -1.42 2.47 22.94
N GLU B 16 12.75 -7.34 0.99
N GLU B 16 -16.29 -13.17 -2.35
N GLU B 16 -7.53 -7.44 4.62
N GLU B 16 -2.19 1.52 23.40
CA GLU B 16 12.07 -7.63 2.29
CA GLU B 16 -14.90 -13.66 -2.08
CA GLU B 16 -6.77 -7.70 5.89
CA GLU B 16 -2.22 0.23 22.64
C GLU B 16 13.12 -8.38 3.08
C GLU B 16 -14.52 -14.37 -3.36
C GLU B 16 -6.46 -9.19 5.80
C GLU B 16 -3.62 0.19 22.07
N VAL B 17 13.42 -7.77 4.23
N VAL B 17 -13.44 -13.86 -3.92
N VAL B 17 -5.16 -9.45 5.84
N VAL B 17 -3.63 0.12 20.74
CA VAL B 17 14.44 -8.28 5.14
CA VAL B 17 -12.92 -14.35 -5.18
CA VAL B 17 -4.64 -10.80 5.73
CA VAL B 17 -4.88 0.11 19.98
C VAL B 17 13.98 -8.18 6.59
C VAL B 17 -11.38 -14.44 -5.16
C VAL B 17 -3.48 -11.03 6.72
C VAL B 17 -4.81 -0.90 18.82
N GLU B 18 14.80 -8.81 7.41
N GLU B 18 -10.89 -15.06 -6.21
N GLU B 18 -3.12 -12.29 6.77
N GLU B 18 -5.98 -1.06 18.24
CA GLU B 18 14.67 -8.78 8.88
CA GLU B 18 -9.47 -15.19 -6.50
CA GLU B 18 -1.97 -12.78 7.54
CA GLU B 18 -6.18 -1.87 17.04
C GLU B 18 15.96 -8.18 9.41
C GLU B 18 -9.24 -14.52 -7.85
C GLU B 18 -1.04 -13.44 6.54
C GLU B 18 -6.74 -0.94 15.98
N PRO B 19 15.87 -7.40 10.47
N PRO B 19 -8.10 -13.88 -8.00
N PRO B 19 0.26 -13.31 6.75
N PRO B 19 -6.35 -1.15 14.73
CA PRO B 19 17.04 -6.81 11.11
CA PRO B 19 -7.73 -13.23 -9.27
CA PRO B 19 1.27 -13.94 5.90
CA PRO B 19 -6.86 -0.36 13.61
C PRO B 19 18.07 -7.84 11.49
C PRO B 19 -7.79 -14.19 -10.42
C PRO B 19 1.06 -15.42 5.77
C PRO B 19 -8.37 -0.36 13.55
N SER B 20 17.64 -9.08 11.68
N SER B 20 -7.64 -15.48 -10.14
N SER B 20 0.40 -16.02 6.75
N SER B 20 -8.99 -1.38 14.10
CA SER B 20 18.57 -10.14 12.10
CA SER B 20 -7.62 -16.48 -11.23
CA SER B 20 0.20 -17.48 6.73
CA SER B 20 -10.45 -1.49 14.04
C SER B 20 19.36 -10.66 10.92
C SER B 20 -9.03 -16.80 -11.70
C SER B 20 -0.95 -17.85 5.82
C SER B 20 -11.10 -0.60 15.07
N ASP B 21 19.00 -10.22 9.71
N ASP B 21 -10.02 -16.28 -10.98
N ASP B 21 -1.68 -16.85 5.33
N ASP B 21 -10.30 -0.01 15.96
CA ASP B 21 19.76 -10.75 8.55
CA ASP B 21 -11.41 -16.62 -11.40
CA ASP B 21 -2.82 -17.21 4.45
CA ASP B 21 -10.93 0.84 17.01
C ASP B 21 21.15 -10.16 8.52
C ASP B 21 -11.73 -15.89 -12.69
C ASP B 21 -2.31 -17.72 3.12
C ASP B 21 -11.44 2.12 16.38
N THR B 22 22.09 -10.93 8.02
N THR B 22 -12.57 -16.51 -13.51
N THR B 22 -3.06 -18.63 2.53
N THR B 22 -12.51 2.64 16.94
CA THR B 22 23.46 -10.48 7.86
CA THR B 22 -13.03 -15.91 -14.74
CA THR B 22 -2.75 -19.14 1.22
CA THR B 22 -13.07 3.90 16.51
C THR B 22 23.54 -9.70 6.52
C THR B 22 -14.24 -15.00 -14.39
C THR B 22 -3.31 -18.16 0.16
C THR B 22 -12.30 5.03 17.23
N ILE B 23 24.61 -8.90 6.45
N ILE B 23 -14.49 -14.09 -15.33
N ILE B 23 -2.75 -18.29 -1.04
N ILE B 23 -12.42 6.22 16.63
CA ILE B 23 24.90 -8.16 5.23
CA ILE B 23 -15.65 -13.20 -15.23
CA ILE B 23 -3.23 -17.52 -2.18
CA ILE B 23 -11.84 7.43 17.21
C ILE B 23 25.17 -9.12 4.08
C ILE B 23 -16.95 -14.02 -15.22
C ILE B 23 -4.70 -17.84 -2.47
C ILE B 23 -12.45 7.69 18.58
N GLU B 24 25.81 -10.23 4.37
N GLU B 24 -16.97 -15.08 -15.99
N GLU B 24 -5.06 -19.10 -2.31
N GLU B 24 -13.73 7.44 18.72
CA GLU B 24 26.05 -11.26 3.32
CA GLU B 24 -18.18 -15.98 -15.98
CA GLU B 24 -6.49 -19.51 -2.51
CA GLU B 24 -14.40 7.62 20.04
C GLU B 24 24.75 -11.74 2.72
C GLU B 24 -18.45 -16.51 -14.61
C GLU B 24 -7.40 -18.71 -1.60
C GLU B 24 -13.72 6.78 21.10
N ASN B 25 23.73 -11.90 3.55
N ASN B 25 -17.40 -16.87 -13.88
N ASN B 25 -6.97 -18.51 -0.37
N ASN B 25 -13.34 5.56 20.74
CA ASN B 25 22.40 -12.35 3.14
CA ASN B 25 -17.48 -17.40 -12.52
CA ASN B 25 -7.72 -17.78 0.66
CA ASN B 25 -12.68 4.60 21.63
C ASN B 25 21.71 -11.33 2.25
C ASN B 25 -18.01 -16.36 -11.53
C ASN B 25 -7.89 -16.30 0.29
C ASN B 25 -11.30 5.09 22.05
N VAL B 26 21.82 -10.08 2.67
N VAL B 26 -17.50 -15.15 -11.67
N VAL B 26 -6.79 -15.74 -0.17
N VAL B 26 -10.58 5.60 21.07
CA VAL B 26 21.24 -8.98 1.90
CA VAL B 26 -17.94 -14.05 -10.83
CA VAL B 26 -6.80 -14.34 -0.60
CA VAL B 26 -9.25 6.14 21.32
C VAL B 26 21.84 -8.99 0.49
C VAL B 26 -19.44 -13.85 -11.00
C VAL B 26 -7.83 -14.16 -1.71
C VAL B 26 -9.35 7.26 22.34
N LYS B 27 23.16 -9.11 0.42
N LYS B 27 -19.89 -13.84 -12.26
N LYS B 27 -7.80 -15.07 -2.68
N LYS B 27 -10.31 8.15 22.13
CA LYS B 27 23.84 -9.12 -0.88
CA LYS B 27 -21.31 -13.66 -12.55
CA LYS B 27 -8.75 -15.00 -3.80
CA LYS B 27 -10.51 9.29 23.05
C LYS B 27 23.36 -10.29 -1.74
C LYS B 27 -22.14 -14.77 -11.92
C LYS B 27 -10.18 -15.10 -3.30
C LYS B 27 -10.82 8.80 24.45
N ALA B 28 23.10 -11.44 -1.14
N ALA B 28 -21.64 -15.99 -11.93
N ALA B 28 -10.44 -15.92 -2.30
N ALA B 28 -11.60 7.73 24.57
CA ALA B 28 22.57 -12.59 -1.86
CA ALA B 28 -22.33 -17.12 -11.29
CA ALA B 28 -11.77 -16.03 -1.72
CA ALA B 28 -11.90 7.14 25.89
C ALA B 28 21.17 -12.33 -2.37
C ALA B 28 -22.40 -16.94 -9.79
C ALA B 28 -12.18 -14.75 -1.01
C ALA B 28 -10.65 6.55 26.53
N LYS B 29 20.33 -11.64 -1.61
N LYS B 29 -21.36 -16.41 -9.15
N LYS B 29 -11.27 -14.07 -0.34
N LYS B 29 -9.77 5.93 25.77
CA LYS B 29 18.98 -11.26 -2.07
CA LYS B 29 -21.40 -16.14 -7.70
CA LYS B 29 -11.57 -12.76 0.29
CA LYS B 29 -8.50 5.41 26.31
C LYS B 29 19.06 -10.31 -3.28
C LYS B 29 -22.44 -15.06 -7.37
C LYS B 29 -11.92 -11.71 -0.78
C LYS B 29 -7.62 6.57 26.84
N ILE B 30 20.04 -9.41 -3.23
N ILE B 30 -22.56 -14.08 -8.27
N ILE B 30 -11.23 -11.78 -1.91
N ILE B 30 -7.65 7.69 26.11
CA ILE B 30 20.20 -8.45 -4.34
CA ILE B 30 -23.55 -13.00 -8.04
CA ILE B 30 -11.49 -10.81 -3.00
CA ILE B 30 -6.84 8.85 26.53
C ILE B 30 20.69 -9.25 -5.56
C ILE B 30 -24.94 -13.63 -8.23
C ILE B 30 -12.88 -11.16 -3.56
C ILE B 30 -7.49 9.40 27.81
N GLN B 31 21.57 -10.20 -5.37
N GLN B 31 -25.11 -14.51 -9.18
N GLN B 31 -13.20 -12.42 -3.70
N GLN B 31 -8.79 9.43 27.89
CA GLN B 31 22.04 -11.00 -6.54
CA GLN B 31 -26.46 -15.12 -9.36
CA GLN B 31 -14.55 -12.77 -4.24
CA GLN B 31 -9.41 9.96 29.15
C GLN B 31 20.84 -11.73 -7.16
C GLN B 31 -26.82 -15.91 -8.08
C GLN B 31 -15.63 -12.22 -3.29
C GLN B 31 -9.00 9.06 30.32
N ASP B 32 20.12 -12.38 -6.29
N ASP B 32 -25.86 -16.72 -7.68
N ASP B 32 -15.42 -12.53 -2.03
N ASP B 32 -9.15 7.78 30.10
CA ASP B 32 18.91 -13.13 -6.71
CA ASP B 32 -26.03 -17.54 -6.46
CA ASP B 32 -16.35 -12.06 -0.98
CA ASP B 32 -8.79 6.77 31.12
C ASP B 32 17.96 -12.26 -7.50
C ASP B 32 -26.42 -16.68 -5.26
C ASP B 32 -16.56 -10.57 -1.04
C ASP B 32 -7.37 6.95 31.60
N LYS B 33 17.76 -11.01 -7.06
N LYS B 33 -25.80 -15.50 -5.11
N LYS B 33 -15.47 -9.80 -1.25
N LYS B 33 -6.43 7.23 30.67
CA LYS B 33 16.75 -10.20 -7.80
CA LYS B 33 -26.12 -14.73 -3.88
CA LYS B 33 -15.69 -8.33 -1.21
CA LYS B 33 -5.02 7.30 31.14
C LYS B 33 17.25 -9.33 -8.90
C LYS B 33 -27.20 -13.72 -3.99
C LYS B 33 -15.97 -7.64 -2.49
C LYS B 33 -4.51 8.65 31.51
N GLU B 34 18.47 -8.89 -8.96
N GLU B 34 -27.54 -13.15 -5.11
N GLU B 34 -15.60 -8.12 -3.65
N GLU B 34 -4.99 9.76 31.04
CA GLU B 34 19.00 -8.05 -10.02
CA GLU B 34 -28.59 -12.16 -5.27
CA GLU B 34 -15.86 -7.50 -4.93
CA GLU B 34 -4.54 11.08 31.37
C GLU B 34 20.22 -8.62 -10.69
C GLU B 34 -29.63 -12.55 -6.28
C GLU B 34 -16.60 -8.38 -5.91
C GLU B 34 -5.62 12.00 31.92
N GLY B 35 20.73 -9.74 -10.20
N GLY B 35 -29.44 -13.65 -6.99
N GLY B 35 -16.82 -9.64 -5.55
N GLY B 35 -6.85 11.53 31.91
CA GLY B 35 21.85 -10.42 -10.81
CA GLY B 35 -30.41 -14.15 -7.93
CA GLY B 35 -17.58 -10.55 -6.36
CA GLY B 35 -7.95 12.27 32.47
C GLY B 35 23.22 -9.93 -10.55
C GLY B 35 -30.46 -13.55 -9.28
C GLY B 35 -16.91 -11.22 -7.50
C GLY B 35 -8.58 13.35 31.67
N ILE B 36 23.37 -8.93 -9.66
N ILE B 36 -29.54 -12.64 -9.61
N ILE B 36 -15.58 -11.02 -7.66
N ILE B 36 -8.17 13.50 30.41
CA ILE B 36 24.73 -8.42 -9.38
CA ILE B 36 -29.58 -12.03 -10.95
CA ILE B 36 -14.90 -11.68 -8.78
CA ILE B 36 -8.78 14.56 29.58
C ILE B 36 25.45 -9.34 -8.41
C ILE B 36 -28.96 -12.96 -11.98
C ILE B 36 -14.60 -13.14 -8.45
C ILE B 36 -10.13 14.12 29.04
N PRO B 37 26.63 -9.82 -8.79
N PRO B 37 -29.72 -13.28 -13.03
N PRO B 37 -15.05 -14.05 -9.30
N PRO B 37 -11.17 14.89 29.30
CA PRO B 37 27.47 -10.68 -7.95
CA PRO B 37 -29.24 -14.14 -14.13
CA PRO B 37 -14.82 -15.49 -9.14
CA PRO B 37 -12.53 14.60 28.80
C PRO B 37 27.78 -10.01 -6.63
C PRO B 37 -27.99 -13.57 -14.76
C PRO B 37 -13.33 -15.79 -9.07
C PRO B 37 -12.54 14.50 27.29
N PRO B 38 27.71 -10.71 -5.53
N PRO B 38 -27.00 -14.38 -15.05
N PRO B 38 -12.89 -16.64 -8.17
N PRO B 38 -13.23 13.53 26.74
CA PRO B 38 28.00 -10.09 -4.22
CA PRO B 38 -25.75 -13.87 -15.65
CA PRO B 38 -11.45 -16.95 -8.06
CA PRO B 38 -13.25 13.39 25.27
C PRO B 38 29.36 -9.46 -4.14
C PRO B 38 -25.96 -13.12 -16.93
C PRO B 38 -10.85 -17.46 -9.34
C PRO B 38 -13.75 14.62 24.55
N ASP B 39 30.33 -10.01 -4.82
N ASP B 39 -26.95 -13.50 -17.71
N ASP B 39 -11.60 -18.16 -10.14
N ASP B 39 -14.64 15.36 25.15
CA ASP B 39 31.72 -9.47 -4.75
CA ASP B 39 -27.19 -12.84 -19.03
CA ASP B 39 -11.06 -18.75 -11.40
CA ASP B 39 -15.22 16.56 24.47
C ASP B 39 31.85 -8.10 -5.39
C ASP B 39 -27.68 -11.41 -18.87
C ASP B 39 -10.71 -17.68 -12.43
C ASP B 39 -14.19 17.67 24.31
N GLN B 40 30.85 -7.72 -6.16
N GLN B 40 -28.10 -11.04 -17.67
N GLN B 40 -11.21 -16.47 -12.22
N GLN B 40 -13.08 17.57 25.02
CA GLN B 40 30.89 -6.38 -6.80
CA GLN B 40 -28.55 -9.65 -17.45
CA GLN B 40 -10.89 -15.37 -13.16
CA GLN B 40 -12.02 18.60 24.88
C GLN B 40 30.11 -5.33 -5.99
C GLN B 40 -27.43 -8.77 -16.86
C GLN B 40 -9.71 -14.52 -12.67
C GLN B 40 -10.92 18.17 23.89
N GLN B 41 29.35 -5.76 -5.00
N GLN B 41 -26.34 -9.37 -16.43
N GLN B 41 -9.28 -14.70 -11.44
N GLN B 41 -10.93 16.93 23.46
CA GLN B 41 28.53 -4.89 -4.20
CA GLN B 41 -25.24 -8.67 -15.81
CA GLN B 41 -8.22 -13.94 -10.83
CA GLN B 41 -9.94 16.38 22.57
C GLN B 41 29.23 -4.22 -3.02
C GLN B 41 -24.23 -8.07 -16.77
C GLN B 41 -6.82 -14.42 -11.12
C GLN B 41 -10.18 16.61 21.10
N ARG B 42 29.05 -2.91 -2.95
N ARG B 42 -23.94 -6.79 -16.53
N ARG B 42 -5.98 -13.48 -11.55
N ARG B 42 -9.15 17.11 20.43
CA ARG B 42 29.52 -2.13 -1.77
CA ARG B 42 -22.84 -6.08 -17.27
CA ARG B 42 -4.52 -13.76 -11.71
CA ARG B 42 -9.16 17.24 18.94
C ARG B 42 28.27 -1.47 -1.21
C ARG B 42 -21.90 -5.61 -16.18
C ARG B 42 -3.83 -12.75 -10.81
C ARG B 42 -7.98 16.42 18.47
N LEU B 43 27.85 -1.80 0.01
N LEU B 43 -20.66 -6.10 -16.13
N LEU B 43 -3.13 -13.17 -9.77
N LEU B 43 -8.18 15.34 17.72
CA LEU B 43 26.59 -1.22 0.56
CA LEU B 43 -19.72 -5.70 -15.06
CA LEU B 43 -2.49 -12.21 -8.84
CA LEU B 43 -7.04 14.49 17.29
C LEU B 43 26.93 -0.13 1.58
C LEU B 43 -18.71 -4.70 -15.60
C LEU B 43 -0.99 -12.14 -9.10
C LEU B 43 -6.73 14.76 15.82
N ILE B 44 26.30 1.04 1.42
N ILE B 44 -18.54 -3.59 -14.87
N ILE B 44 -0.49 -10.92 -9.24
N ILE B 44 -5.45 14.99 15.54
CA ILE B 44 26.55 2.19 2.27
CA ILE B 44 -17.65 -2.51 -15.27
CA ILE B 44 0.92 -10.67 -9.56
CA ILE B 44 -4.97 15.31 14.20
C ILE B 44 25.27 2.67 2.95
C ILE B 44 -16.59 -2.22 -14.21
C ILE B 44 1.59 -9.81 -8.49
C ILE B 44 -3.92 14.33 13.72
N PHE B 45 25.40 2.89 4.29
N PHE B 45 -15.33 -2.13 -14.70
N PHE B 45 2.79 -10.28 -8.06
N PHE B 45 -4.14 13.84 12.47
CA PHE B 45 24.28 3.41 5.10
CA PHE B 45 -14.19 -1.80 -13.82
CA PHE B 45 3.61 -9.55 -7.08
CA PHE B 45 -3.18 12.91 11.82
C PHE B 45 24.93 4.33 6.14
C PHE B 45 -13.25 -0.93 -14.67
C PHE B 45 5.07 -9.79 -7.50
C PHE B 45 -3.19 13.30 10.32
N ALA B 46 24.35 5.51 6.19
N ALA B 46 -12.90 0.18 -14.05
N ALA B 46 5.75 -8.68 -7.57
N ALA B 46 -1.97 13.48 9.86
CA ALA B 46 24.74 6.56 7.15
CA ALA B 46 -11.96 1.15 -14.62
CA ALA B 46 7.19 -8.63 -7.90
CA ALA B 46 -1.69 13.79 8.44
C ALA B 46 26.25 6.75 7.17
C ALA B 46 -12.34 1.49 -16.06
C ALA B 46 7.49 -9.48 -9.11
C ALA B 46 -2.58 14.93 7.96
N GLY B 47 26.79 6.81 5.98
N GLY B 47 -13.60 1.71 -16.24
N GLY B 47 6.67 -9.33 -10.11
N GLY B 47 -2.65 15.93 8.78
CA GLY B 47 28.17 6.96 5.65
CA GLY B 47 -14.28 2.04 -17.46
CA GLY B 47 6.67 -9.99 -11.38
CA GLY B 47 -3.40 17.15 8.63
C GLY B 47 29.13 5.89 6.11
C GLY B 47 -14.23 1.03 -18.57
C GLY B 47 6.49 -11.48 -11.40
C GLY B 47 -4.90 17.04 8.54
N LYS B 48 28.64 4.71 6.39
N LYS B 48 -13.99 -0.21 -18.26
N LYS B 48 5.93 -12.04 -10.35
N LYS B 48 -5.46 15.96 9.01
CA LYS B 48 29.49 3.58 6.80
CA LYS B 48 -13.97 -1.29 -19.25
CA LYS B 48 5.67 -13.48 -10.28
CA LYS B 48 -6.92 15.77 9.01
C LYS B 48 29.37 2.52 5.68
C LYS B 48 -15.12 -2.25 -18.91
C LYS B 48 4.13 -13.66 -10.23
C LYS B 48 -7.37 15.71 10.48
N GLN B 49 30.45 1.83 5.38
N GLN B 49 -15.79 -2.78 -19.90
N GLN B 49 3.62 -14.67 -10.87
N GLN B 49 -8.51 16.28 10.79
CA GLN B 49 30.38 0.71 4.41
CA GLN B 49 -16.83 -3.80 -19.65
CA GLN B 49 2.16 -14.97 -10.76
CA GLN B 49 -9.05 16.15 12.17
C GLN B 49 29.97 -0.48 5.27
C GLN B 49 -16.06 -5.11 -19.57
C GLN B 49 2.05 -15.82 -9.51
C GLN B 49 -9.81 14.83 12.15
N LEU B 50 28.97 -1.22 4.85
N LEU B 50 -16.27 -5.90 -18.55
N LEU B 50 1.17 -15.49 -8.61
N LEU B 50 -9.57 13.97 13.11
CA LEU B 50 28.44 -2.35 5.64
CA LEU B 50 -15.51 -7.14 -18.34
CA LEU B 50 1.04 -16.18 -7.32
CA LEU B 50 -10.18 12.62 13.13
C LEU B 50 29.33 -3.57 5.47
C LEU B 50 -16.07 -8.25 -19.22
C LEU B 50 0.28 -17.49 -7.51
C LEU B 50 -11.61 12.71 13.65
N GLU B 51 29.59 -4.29 6.56
N GLU B 51 -15.18 -9.05 -19.82
N GLU B 51 0.72 -18.57 -6.86
N GLU B 51 -12.53 11.97 13.03
CA GLU B 51 30.48 -5.46 6.49
CA GLU B 51 -15.64 -10.12 -20.75
CA GLU B 51 0.06 -19.88 -7.03
CA GLU B 51 -13.94 12.03 13.43
C GLU B 51 29.67 -6.73 6.47
C GLU B 51 -15.59 -11.44 -20.04
C GLU B 51 -0.82 -20.16 -5.85
C GLU B 51 -14.29 10.84 14.27
N ASP B 52 30.03 -7.71 5.70
N ASP B 52 -16.56 -12.31 -20.24
N ASP B 52 -1.99 -20.73 -6.03
N ASP B 52 -15.06 10.98 15.32
CA ASP B 52 29.30 -8.97 5.49
CA ASP B 52 -16.70 -13.60 -19.57
CA ASP B 52 -2.99 -20.99 -5.00
CA ASP B 52 -15.43 9.95 16.28
C ASP B 52 28.80 -9.76 6.68
C ASP B 52 -15.53 -14.56 -19.47
C ASP B 52 -2.60 -21.66 -3.70
C ASP B 52 -15.91 8.58 15.80
N GLY B 53 29.60 -9.89 7.72
N GLY B 53 -14.77 -14.72 -20.54
N GLY B 53 -1.77 -22.68 -3.75
N GLY B 53 -16.75 8.54 14.80
CA GLY B 53 29.28 -10.68 8.93
CA GLY B 53 -13.63 -15.65 -20.62
CA GLY B 53 -1.34 -23.47 -2.59
CA GLY B 53 -17.36 7.31 14.26
C GLY B 53 28.43 -10.00 9.95
C GLY B 53 -12.34 -15.16 -20.06
C GLY B 53 -0.22 -22.90 -1.78
C GLY B 53 -16.53 6.55 13.28
N ARG B 54 28.18 -8.70 9.82
N ARG B 54 -12.23 -13.88 -19.69
N ARG B 54 0.43 -21.84 -2.24
N ARG B 54 -15.41 7.10 12.82
CA ARG B 54 27.29 -7.98 10.76
CA ARG B 54 -11.01 -13.35 -19.06
CA ARG B 54 1.50 -21.17 -1.47
CA ARG B 54 -14.50 6.37 11.90
C ARG B 54 25.86 -8.16 10.28
C ARG B 54 -11.10 -13.62 -17.56
C ARG B 54 0.84 -20.17 -0.53
C ARG B 54 -13.56 5.53 12.75
N THR B 55 24.92 -7.84 11.13
N THR B 55 -9.99 -13.48 -16.88
N THR B 55 1.60 -19.69 0.44
N THR B 55 -12.88 4.60 12.13
CA THR B 55 23.46 -7.89 10.82
CA THR B 55 -9.90 -13.64 -15.41
CA THR B 55 1.15 -18.66 1.41
CA THR B 55 -11.87 3.72 12.78
C THR B 55 23.01 -6.42 10.62
C THR B 55 -9.78 -12.22 -14.81
C THR B 55 1.83 -17.34 0.98
C THR B 55 -10.48 4.25 12.34
N LEU B 56 21.84 -6.27 10.02
N LEU B 56 -10.01 -12.12 -13.52
N LEU B 56 1.32 -16.25 1.52
N LEU B 56 -9.47 3.81 13.05
CA LEU B 56 21.22 -4.95 9.82
CA LEU B 56 -9.88 -10.85 -12.79
CA LEU B 56 1.88 -14.91 1.28
CA LEU B 56 -8.07 4.16 12.73
C LEU B 56 21.00 -4.30 11.18
C LEU B 56 -8.44 -10.37 -12.91
C LEU B 56 3.31 -14.89 1.79
C LEU B 56 -7.75 3.64 11.33
N SER B 57 20.63 -5.11 12.19
N SER B 57 -7.48 -11.31 -12.90
N SER B 57 3.58 -15.59 2.92
N SER B 57 -8.31 2.46 10.98
CA SER B 57 20.41 -4.49 13.52
CA SER B 57 -6.06 -10.84 -13.00
CA SER B 57 4.97 -15.57 3.43
CA SER B 57 -7.99 1.94 9.62
C SER B 57 21.66 -3.86 14.09
C SER B 57 -5.80 -10.16 -14.33
C SER B 57 5.93 -16.21 2.46
C SER B 57 -8.51 2.84 8.52
N ASP B 58 22.82 -4.41 13.75
N ASP B 58 -6.50 -10.56 -15.37
N ASP B 58 5.47 -17.17 1.68
N ASP B 58 -9.60 3.55 8.80
CA ASP B 58 24.11 -3.88 14.24
CA ASP B 58 -6.31 -9.95 -16.72
CA ASP B 58 6.35 -17.86 0.69
CA ASP B 58 -10.19 4.46 7.79
C ASP B 58 24.25 -2.39 13.90
C ASP B 58 -6.50 -8.43 -16.65
C ASP B 58 7.00 -16.84 -0.26
C ASP B 58 -9.15 5.49 7.32
N TYR B 59 23.80 -2.06 12.72
N TYR B 59 -7.45 -8.02 -15.87
N TYR B 59 6.22 -15.86 -0.63
N TYR B 59 -8.37 5.96 8.24
CA TYR B 59 23.82 -0.69 12.20
CA TYR B 59 -7.80 -6.62 -15.65
CA TYR B 59 6.64 -14.77 -1.52
CA TYR B 59 -7.30 6.93 8.01
C TYR B 59 22.56 0.08 12.51
C TYR B 59 -7.06 -6.00 -14.48
C TYR B 59 7.20 -13.58 -0.77
C TYR B 59 -5.98 6.27 7.69
N ASN B 60 21.60 -0.43 13.26
N ASN B 60 -6.14 -6.68 -13.81
N ASN B 60 7.36 -13.61 0.54
N ASN B 60 -5.86 4.97 7.56
CA ASN B 60 20.38 0.36 13.53
CA ASN B 60 -5.46 -6.05 -12.68
CA ASN B 60 7.91 -12.42 1.22
CA ASN B 60 -4.53 4.38 7.24
C ASN B 60 19.69 0.76 12.24
C ASN B 60 -6.44 -5.59 -11.61
C ASN B 60 7.06 -11.18 0.96
C ASN B 60 -3.51 4.74 8.30
N ILE B 61 19.53 -0.18 11.33
N ILE B 61 -7.39 -6.45 -11.27
N ILE B 61 5.76 -11.33 1.08
N ILE B 61 -3.88 4.63 9.56
CA ILE B 61 18.78 0.07 10.07
CA ILE B 61 -8.36 -6.14 -10.17
CA ILE B 61 4.83 -10.17 0.94
CA ILE B 61 -2.92 4.87 10.67
C ILE B 61 17.33 -0.26 10.37
C ILE B 61 -7.71 -6.65 -8.89
C ILE B 61 4.69 -9.56 2.33
C ILE B 61 -2.24 3.53 10.96
N GLN B 62 16.43 0.69 10.31
N GLN B 62 -7.41 -5.78 -7.96
N GLN B 62 5.12 -8.36 2.54
N GLN B 62 -0.96 3.43 10.76
CA GLN B 62 15.00 0.50 10.65
CA GLN B 62 -6.72 -6.15 -6.69
CA GLN B 62 5.09 -7.69 3.88
CA GLN B 62 -0.20 2.15 10.94
C GLN B 62 14.18 0.42 9.36
C GLN B 62 -7.73 -6.18 -5.55
C GLN B 62 3.94 -6.69 3.92
C GLN B 62 0.57 2.19 12.25
N LYS B 63 12.90 0.04 9.46
N LYS B 63 -7.33 -6.70 -4.38
N LYS B 63 3.63 -6.16 5.11
N LYS B 63 1.13 1.06 12.67
CA LYS B 63 12.04 -0.13 8.31
CA LYS B 63 -8.22 -6.84 -3.24
CA LYS B 63 2.52 -5.25 5.30
CA LYS B 63 1.83 0.96 13.93
C LYS B 63 12.04 1.15 7.49
C LYS B 63 -8.84 -5.48 -2.92
C LYS B 63 2.65 -4.08 4.32
C LYS B 63 2.92 2.02 13.99
N GLU B 64 12.00 0.92 6.18
N GLU B 64 -10.12 -5.59 -2.53
N GLU B 64 1.47 -3.68 3.84
N GLU B 64 3.06 2.54 15.22
CA GLU B 64 11.97 1.92 5.14
CA GLU B 64 -10.97 -4.49 -2.15
CA GLU B 64 1.27 -2.59 2.92
CA GLU B 64 4.02 3.56 15.59
C GLU B 64 13.20 2.78 4.98
C GLU B 64 -11.36 -3.50 -3.21
C GLU B 64 1.80 -2.76 1.52
C GLU B 64 3.85 4.93 15.01
N SER B 65 14.31 2.28 5.49
N SER B 65 -11.22 -3.94 -4.45
N SER B 65 2.04 -4.01 1.16
N SER B 65 2.63 5.18 14.54
CA SER B 65 15.62 2.90 5.35
CA SER B 65 -11.66 -3.18 -5.64
CA SER B 65 2.46 -4.40 -0.20
CA SER B 65 2.21 6.49 14.04
C SER B 65 16.06 2.70 3.87
C SER B 65 -13.20 -3.20 -5.64
C SER B 65 1.23 -4.21 -1.12
C SER B 65 2.10 7.45 15.25
N THR B 66 16.98 3.51 3.42
N THR B 66 -13.79 -2.26 -6.35
N THR B 66 1.47 -4.10 -2.40
N THR B 66 2.15 8.74 15.00
CA THR B 66 17.55 3.39 2.07
CA THR B 66 -15.25 -2.20 -6.52
CA THR B 66 0.40 -4.00 -3.40
CA THR B 66 1.96 9.75 16.05
C THR B 66 19.05 3.12 2.19
C THR B 66 -15.57 -2.31 -8.01
C THR B 66 0.52 -5.19 -4.36
C THR B 66 0.75 10.60 15.69
N LEU B 67 19.55 2.05 1.56
N LEU B 67 -16.44 -3.26 -8.38
N LEU B 67 -0.56 -5.95 -4.55
N LEU B 67 -0.21 10.72 16.62
CA LEU B 67 21.00 1.81 1.54
CA LEU B 67 -16.88 -3.35 -9.78
CA LEU B 67 -0.54 -7.04 -5.54
CA LEU B 67 -1.35 11.61 16.38
C LEU B 67 21.48 2.24 0.14
C LEU B 67 -18.30 -2.74 -9.82
C LEU B 67 -1.32 -6.51 -6.75
C LEU B 67 -1.08 12.88 17.22
N HIS B 68 22.71 2.61 0.02
N HIS B 68 -18.70 -2.25 -10.93
N HIS B 68 -1.05 -7.01 -7.90
N HIS B 68 -1.62 13.99 16.84
CA HIS B 68 23.22 2.99 -1.31
CA HIS B 68 -20.07 -1.68 -11.02
CA HIS B 68 -1.82 -6.55 -9.09
CA HIS B 68 -1.40 15.22 17.64
C HIS B 68 24.10 1.82 -1.77
C HIS B 68 -20.89 -2.72 -11.81
C HIS B 68 -2.78 -7.70 -9.44
C HIS B 68 -2.72 15.46 18.38
N LEU B 69 23.95 1.42 -3.02
N LEU B 69 -22.09 -2.99 -11.34
N LEU B 69 -4.02 -7.36 -9.72
N LEU B 69 -2.63 15.79 19.66
CA LEU B 69 24.77 0.36 -3.60
CA LEU B 69 -23.00 -3.90 -12.03
CA LEU B 69 -5.02 -8.34 -10.13
CA LEU B 69 -3.81 16.13 20.45
C LEU B 69 25.77 0.92 -4.57
C LEU B 69 -24.14 -3.16 -12.68
C LEU B 69 -5.32 -8.23 -11.60
C LEU B 69 -3.88 17.59 20.74
N VAL B 70 27.03 0.81 -4.33
N VAL B 70 -24.24 -3.16 -13.97
N VAL B 70 -5.04 -9.21 -12.38
N VAL B 70 -4.86 18.29 20.26
CA VAL B 70 28.07 1.25 -5.30
CA VAL B 70 -25.41 -2.53 -14.64
CA VAL B 70 -5.42 -9.20 -13.82
CA VAL B 70 -5.03 19.73 20.60
C VAL B 70 28.65 -0.07 -5.83
C VAL B 70 -26.23 -3.72 -15.16
C VAL B 70 -6.56 -10.22 -13.90
C VAL B 70 -6.25 19.74 21.54
N LEU B 71 28.92 -0.15 -7.10
N LEU B 71 -27.54 -3.65 -15.05
N LEU B 71 -7.58 -9.94 -14.67
N LEU B 71 -6.22 20.54 22.59
CA LEU B 71 29.53 -1.38 -7.68
CA LEU B 71 -28.40 -4.75 -15.55
CA LEU B 71 -8.71 -10.89 -14.83
CA LEU B 71 -7.37 20.63 23.51
C LEU B 71 31.02 -1.21 -7.77
C LEU B 71 -28.88 -4.43 -16.94
C LEU B 71 -8.50 -11.71 -16.09
C LEU B 71 -8.23 21.80 23.14
N MET A 1 6.38 18.40 -20.67
CA MET A 1 5.74 19.56 -20.05
C MET A 1 6.28 19.67 -18.60
N GLN A 2 6.34 20.88 -18.14
CA GLN A 2 6.81 21.11 -16.74
C GLN A 2 5.61 21.10 -15.81
N ILE A 3 5.80 20.45 -14.66
CA ILE A 3 4.77 20.47 -13.61
C ILE A 3 5.53 20.83 -12.30
N PHE A 4 4.75 21.23 -11.33
CA PHE A 4 5.40 21.59 -10.01
C PHE A 4 4.91 20.64 -8.96
N VAL A 5 5.74 20.16 -8.03
CA VAL A 5 5.27 19.32 -6.95
C VAL A 5 5.58 20.10 -5.65
N LYS A 6 4.57 20.50 -4.95
CA LYS A 6 4.78 21.30 -3.70
C LYS A 6 4.77 20.35 -2.53
N THR A 7 5.82 20.41 -1.68
CA THR A 7 5.88 19.52 -0.51
C THR A 7 5.42 20.27 0.74
N LEU A 8 5.24 19.58 1.84
CA LEU A 8 4.74 20.24 3.07
C LEU A 8 5.81 21.08 3.74
N THR A 9 7.06 21.03 3.24
CA THR A 9 8.08 21.90 3.94
C THR A 9 8.35 23.16 3.18
N GLY A 10 7.52 23.50 2.24
CA GLY A 10 7.67 24.69 1.43
C GLY A 10 8.68 24.63 0.33
N LYS A 11 9.10 23.43 0.00
CA LYS A 11 10.01 23.21 -1.12
C LYS A 11 9.11 22.84 -2.31
N THR A 12 9.42 23.38 -3.48
CA THR A 12 8.62 22.98 -4.66
C THR A 12 9.61 22.35 -5.64
N ILE A 13 9.25 21.19 -6.17
CA ILE A 13 10.23 20.60 -7.13
C ILE A 13 9.65 20.67 -8.52
N THR A 14 10.47 20.94 -9.51
CA THR A 14 9.89 20.97 -10.89
C THR A 14 10.25 19.66 -11.57
N LEU A 15 9.33 19.09 -12.33
CA LEU A 15 9.58 17.83 -13.01
C LEU A 15 9.25 18.02 -14.49
N GLU A 16 9.89 17.22 -15.31
CA GLU A 16 9.51 17.26 -16.76
C GLU A 16 8.85 15.92 -17.00
N VAL A 17 7.60 16.03 -17.42
CA VAL A 17 6.77 14.86 -17.67
C VAL A 17 5.93 15.04 -18.95
N GLU A 18 5.32 13.93 -19.31
CA GLU A 18 4.37 13.84 -20.41
C GLU A 18 3.06 13.38 -19.82
N PRO A 19 1.95 13.87 -20.34
CA PRO A 19 0.61 13.47 -19.90
C PRO A 19 0.43 11.98 -19.97
N SER A 20 1.19 11.31 -20.81
CA SER A 20 1.03 9.85 -20.98
C SER A 20 1.72 9.11 -19.87
N ASP A 21 2.49 9.83 -19.05
CA ASP A 21 3.19 9.10 -17.96
C ASP A 21 2.21 8.63 -16.92
N THR A 22 2.51 7.52 -16.30
CA THR A 22 1.71 6.99 -15.21
C THR A 22 2.16 7.68 -13.91
N ILE A 23 1.25 7.61 -12.94
CA ILE A 23 1.52 8.13 -11.60
C ILE A 23 2.72 7.40 -10.98
N GLU A 24 2.80 6.12 -11.24
CA GLU A 24 3.98 5.32 -10.73
C GLU A 24 5.27 5.90 -11.23
N CYS A 25 5.30 6.34 -12.52
CA CYS A 25 6.50 6.91 -13.13
C CYS A 25 6.85 8.24 -12.50
N VAL A 26 5.82 9.05 -12.28
CA VAL A 26 6.04 10.34 -11.65
C VAL A 26 6.71 10.15 -10.29
N LYS A 27 6.18 9.20 -9.52
CA LYS A 27 6.74 8.92 -8.19
C LYS A 27 8.19 8.48 -8.29
N ALA A 28 8.54 7.70 -9.30
CA ALA A 28 9.92 7.29 -9.53
C ALA A 28 10.80 8.47 -9.89
N LYS A 29 10.31 9.43 -10.66
CA LYS A 29 11.09 10.64 -10.97
C LYS A 29 11.35 11.47 -9.69
N ILE A 30 10.35 11.49 -8.81
CA ILE A 30 10.50 12.25 -7.55
C ILE A 30 11.53 11.50 -6.70
N GLN A 31 11.49 10.19 -6.69
CA GLN A 31 12.50 9.45 -5.86
C GLN A 31 13.90 9.76 -6.40
N ASP A 32 14.01 9.63 -7.70
CA ASP A 32 15.30 9.91 -8.37
C ASP A 32 15.83 11.29 -8.03
N LYS A 33 14.94 12.30 -7.98
CA LYS A 33 15.50 13.66 -7.74
C LYS A 33 15.53 14.13 -6.33
N GLU A 34 14.74 13.67 -5.41
CA GLU A 34 14.73 14.09 -4.02
C GLU A 34 14.92 12.96 -3.04
N GLY A 35 14.94 11.73 -3.52
CA GLY A 35 15.18 10.58 -2.69
C GLY A 35 14.07 10.02 -1.89
N ILE A 36 12.84 10.55 -2.06
CA ILE A 36 11.72 10.01 -1.29
C ILE A 36 11.20 8.72 -1.91
N PRO A 37 11.15 7.65 -1.13
CA PRO A 37 10.64 6.34 -1.58
C PRO A 37 9.21 6.46 -2.09
N PRO A 38 8.88 5.84 -3.19
CA PRO A 38 7.51 5.95 -3.73
C PRO A 38 6.45 5.52 -2.76
N ASP A 39 6.74 4.57 -1.90
CA ASP A 39 5.72 4.05 -0.95
C ASP A 39 5.34 5.08 0.11
N GLN A 40 6.16 6.11 0.23
CA GLN A 40 5.83 7.18 1.22
C GLN A 40 5.08 8.36 0.58
N GLN A 41 5.02 8.40 -0.74
CA GLN A 41 4.40 9.48 -1.46
C GLN A 41 2.90 9.36 -1.66
N ARG A 42 2.21 10.46 -1.32
CA ARG A 42 0.75 10.57 -1.60
C ARG A 42 0.62 11.80 -2.48
N LEU A 43 0.18 11.67 -3.73
CA LEU A 43 0.09 12.84 -4.63
C LEU A 43 -1.35 13.30 -4.76
N ILE A 44 -1.57 14.59 -4.57
CA ILE A 44 -2.91 15.19 -4.61
C ILE A 44 -3.02 16.28 -5.66
N PHE A 45 -4.11 16.19 -6.46
CA PHE A 45 -4.39 17.20 -7.50
C PHE A 45 -5.92 17.33 -7.53
N ALA A 46 -6.32 18.58 -7.46
CA ALA A 46 -7.74 18.98 -7.52
C ALA A 46 -8.59 18.14 -6.58
N GLY A 47 -8.08 17.99 -5.40
CA GLY A 47 -8.62 17.24 -4.29
C GLY A 47 -8.80 15.76 -4.47
N CYS A 48 -8.13 15.15 -5.41
CA CYS A 48 -8.12 13.71 -5.63
C CYS A 48 -6.78 13.12 -5.25
N GLN A 49 -6.74 11.97 -4.70
CA GLN A 49 -5.43 11.30 -4.47
C GLN A 49 -5.16 10.55 -5.77
N LEU A 50 -3.98 10.72 -6.33
CA LEU A 50 -3.65 10.11 -7.64
C LEU A 50 -3.29 8.65 -7.46
N GLU A 51 -3.77 7.80 -8.37
CA GLU A 51 -3.53 6.34 -8.25
C GLU A 51 -2.42 5.92 -9.18
N ASP A 52 -1.53 5.06 -8.79
CA ASP A 52 -0.35 4.62 -9.54
C ASP A 52 -0.48 4.20 -10.99
N GLY A 53 -1.50 3.45 -11.32
CA GLY A 53 -1.74 2.91 -12.67
C GLY A 53 -2.40 3.82 -13.65
N ARG A 54 -2.89 4.98 -13.21
CA ARG A 54 -3.49 5.96 -14.13
C ARG A 54 -2.37 6.83 -14.68
N THR A 55 -2.66 7.57 -15.72
CA THR A 55 -1.72 8.53 -16.36
C THR A 55 -2.16 9.94 -15.93
N LEU A 56 -1.27 10.90 -16.12
CA LEU A 56 -1.55 12.31 -15.83
C LEU A 56 -2.72 12.75 -16.70
N SER A 57 -2.80 12.25 -17.95
CA SER A 57 -3.93 12.69 -18.80
C SER A 57 -5.26 12.26 -18.24
N ASP A 58 -5.29 11.15 -17.53
CA ASP A 58 -6.56 10.64 -16.93
C ASP A 58 -7.20 11.71 -16.05
N TYR A 59 -6.37 12.41 -15.33
CA TYR A 59 -6.76 13.49 -14.42
C TYR A 59 -6.79 14.84 -15.09
N ASN A 60 -6.55 14.98 -16.38
CA ASN A 60 -6.58 16.32 -16.99
C ASN A 60 -5.58 17.25 -16.32
N ILE A 61 -4.36 16.77 -16.10
CA ILE A 61 -3.28 17.62 -15.54
C ILE A 61 -2.59 18.28 -16.73
N GLN A 62 -2.64 19.57 -16.85
CA GLN A 62 -2.07 20.32 -18.00
C GLN A 62 -0.74 20.97 -17.58
N LYS A 63 0.04 21.51 -18.58
CA LYS A 63 1.33 22.10 -18.24
C LYS A 63 1.17 23.16 -17.17
N GLU A 64 2.22 23.18 -16.36
CA GLU A 64 2.37 24.09 -15.26
C GLU A 64 1.44 23.96 -14.10
N SER A 65 0.81 22.79 -14.03
CA SER A 65 -0.07 22.42 -12.91
C SER A 65 0.84 22.18 -11.68
N THR A 66 0.25 22.25 -10.50
CA THR A 66 0.96 21.97 -9.25
C THR A 66 0.29 20.77 -8.56
N LEU A 67 1.06 19.74 -8.22
CA LEU A 67 0.49 18.62 -7.46
C LEU A 67 0.98 18.81 -6.00
N HIS A 68 0.26 18.31 -5.06
CA HIS A 68 0.72 18.43 -3.66
C HIS A 68 1.24 17.05 -3.26
N LEU A 69 2.38 17.02 -2.60
CA LEU A 69 2.96 15.77 -2.10
C LEU A 69 2.83 15.67 -0.60
N VAL A 70 2.10 14.73 -0.09
CA VAL A 70 2.03 14.52 1.38
C VAL A 70 2.81 13.21 1.60
N LEU A 71 3.60 13.15 2.65
CA LEU A 71 4.36 11.93 2.95
C LEU A 71 3.61 11.09 3.95
N ARG A 72 3.55 9.80 3.73
N ARG A 72 3.61 9.77 3.71
N ARG A 72 3.56 9.79 3.75
N ARG A 72 3.56 9.77 3.69
CA ARG A 72 2.84 8.90 4.67
CA ARG A 72 2.98 8.73 4.56
CA ARG A 72 2.85 8.91 4.69
CA ARG A 72 2.90 8.72 4.49
C ARG A 72 3.69 8.86 5.93
C ARG A 72 1.68 8.38 3.85
C ARG A 72 3.76 8.79 5.90
C ARG A 72 2.00 7.97 3.52
N LEU A 73 3.14 8.88 7.10
N LEU A 73 1.14 7.21 4.02
N LEU A 73 4.99 9.19 5.86
N LEU A 73 1.60 6.77 3.78
CA LEU A 73 3.98 8.85 8.32
CA LEU A 73 -0.12 6.87 3.31
CA LEU A 73 5.86 9.07 7.05
CA LEU A 73 0.73 6.05 2.83
C LEU A 73 4.90 7.63 8.29
C LEU A 73 -0.91 5.84 4.12
C LEU A 73 5.99 7.61 7.46
C LEU A 73 0.06 4.86 3.52
N ARG A 74 6.12 7.87 8.75
N ARG A 74 -2.22 5.95 3.99
N ARG A 74 7.05 7.00 6.94
N ARG A 74 0.60 3.69 3.21
CA ARG A 74 7.16 6.83 8.79
CA ARG A 74 -3.16 5.06 4.70
CA ARG A 74 7.36 5.59 7.20
CA ARG A 74 0.10 2.43 3.77
C ARG A 74 6.57 5.57 9.40
C ARG A 74 -3.34 3.79 3.88
C ARG A 74 7.79 5.44 8.66
C ARG A 74 1.28 1.50 4.04
N GLY A 75 7.25 4.46 9.13
N GLY A 75 -4.04 2.84 4.49
N GLY A 75 7.29 4.37 9.27
N GLY A 75 1.05 0.54 4.93
CA GLY A 75 6.84 3.14 9.61
CA GLY A 75 -4.32 1.54 3.88
CA GLY A 75 7.57 4.06 10.67
CA GLY A 75 2.05 -0.43 5.34
C GLY A 75 5.97 2.35 8.66
C GLY A 75 -5.56 0.84 4.41
C GLY A 75 7.73 2.58 10.97
C GLY A 75 1.71 -1.21 6.60
N GLY A 76 5.97 1.05 8.89
N GLY A 76 -5.81 -0.31 3.81
N GLY A 76 8.65 1.98 10.23
N GLY A 76 2.72 -1.89 7.09
CA GLY A 76 5.19 0.07 8.12
CA GLY A 76 -6.94 -1.19 4.14
CA GLY A 76 9.03 0.57 10.33
CA GLY A 76 2.67 -2.71 8.31
C GLY A 76 5.81 -1.32 8.37
C GLY A 76 -6.44 -2.64 4.12
C GLY A 76 7.77 -0.28 10.08
C GLY A 76 2.18 -1.83 9.46
N MET B 1 9.67 -8.28 7.37
N MET B 1 -10.64 -12.37 1.19
N MET B 1 -0.72 -5.04 9.81
N MET B 1 -1.91 -1.32 18.72
CA MET B 1 9.81 -6.82 7.38
CA MET B 1 -10.75 -10.91 1.28
CA MET B 1 -0.10 -4.03 8.94
CA MET B 1 -0.81 -0.61 18.05
C MET B 1 10.28 -6.40 5.96
C MET B 1 -12.15 -10.53 0.73
C MET B 1 -1.05 -3.83 7.73
C MET B 1 -0.62 0.74 18.80
N GLN B 2 9.88 -5.23 5.58
N GLN B 2 -12.66 -9.45 1.27
N GLN B 2 -1.01 -2.63 7.23
N GLN B 2 0.59 1.18 18.79
CA GLN B 2 10.30 -4.71 4.24
CA GLN B 2 -13.99 -8.97 0.79
CA GLN B 2 -1.86 -2.33 6.03
CA GLN B 2 0.89 2.50 19.43
C GLN B 2 11.59 -3.92 4.41
C GLN B 2 -13.79 -7.99 -0.35
C GLN B 2 -1.05 -2.61 4.76
C GLN B 2 0.74 3.61 18.41
N ILE B 3 12.50 -4.12 3.47
N ILE B 3 -14.64 -8.13 -1.36
N ILE B 3 -1.71 -3.22 3.79
N ILE B 3 0.13 4.70 18.83
CA ILE B 3 13.73 -3.32 3.42
CA ILE B 3 -14.65 -7.15 -2.47
CA ILE B 3 -1.09 -3.42 2.46
CA ILE B 3 0.06 5.90 17.98
C ILE B 3 13.86 -2.83 1.95
C ILE B 3 -16.14 -6.75 -2.66
C ILE B 3 -2.15 -2.93 1.43
C ILE B 3 0.51 7.09 18.89
N PHE B 4 14.70 -1.83 1.80
N PHE B 4 -16.29 -5.65 -3.36
N PHE B 4 -1.66 -2.71 0.24
N PHE B 4 0.84 8.16 18.22
CA PHE B 4 14.90 -1.29 0.40
CA PHE B 4 -17.72 -5.20 -3.61
CA PHE B 4 -2.61 -2.24 -0.83
CA PHE B 4 1.28 9.38 19.02
C PHE B 4 16.33 -1.53 -0.01
C PHE B 4 -17.99 -5.24 -5.09
C PHE B 4 -2.68 -3.28 -1.92
C PHE B 4 0.29 10.48 18.80
N VAL B 5 16.63 -1.91 -1.24
N VAL B 5 -19.17 -5.66 -5.55
N VAL B 5 -3.83 -3.59 -2.49
N VAL B 5 -0.08 11.27 19.81
CA VAL B 5 18.00 -2.06 -1.69
CA VAL B 5 -19.48 -5.63 -6.96
CA VAL B 5 -3.91 -4.52 -3.60
CA VAL B 5 -0.96 12.40 19.61
C VAL B 5 18.17 -1.04 -2.84
C VAL B 5 -20.69 -4.67 -7.10
C VAL B 5 -4.46 -3.72 -4.80
C VAL B 5 -0.13 13.66 20.02
N LYS B 6 18.99 -0.06 -2.65
N LYS B 6 -20.51 -3.57 -7.74
N LYS B 6 -3.68 -3.54 -5.80
N LYS B 6 0.16 14.49 19.10
CA LYS B 6 19.18 1.00 -3.70
CA LYS B 6 -21.62 -2.57 -7.88
CA LYS B 6 -4.12 -2.73 -6.98
CA LYS B 6 0.99 15.71 19.40
C LYS B 6 20.38 0.62 -4.51
C LYS B 6 -22.32 -2.83 -9.19
C LYS B 6 -4.67 -3.67 -8.02
C LYS B 6 0.06 16.86 19.68
N THR B 7 20.22 0.59 -5.86
N THR B 7 -23.67 -2.99 -9.16
N THR B 7 -5.90 -3.41 -8.50
N THR B 7 0.24 17.54 20.83
CA THR B 7 21.35 0.22 -6.73
CA THR B 7 -24.41 -3.23 -10.41
CA THR B 7 -6.50 -4.29 -9.51
CA THR B 7 -0.63 18.68 21.16
C THR B 7 21.97 1.50 -7.31
C THR B 7 -25.03 -1.92 -10.89
C THR B 7 -6.33 -3.65 -10.90
C THR B 7 0.09 19.98 20.82
N LEU B 8 23.11 1.40 -7.96
N LEU B 8 -25.58 -1.90 -12.08
N LEU B 8 -6.64 -4.38 -11.96
N LEU B 8 -0.60 21.10 20.87
CA LEU B 8 23.78 2.59 -8.52
CA LEU B 8 -26.17 -0.66 -12.64
CA LEU B 8 -6.46 -3.86 -13.33
CA LEU B 8 0.01 22.39 20.52
C LEU B 8 23.09 3.15 -9.73
C LEU B 8 -27.49 -0.31 -11.99
C LEU B 8 -7.49 -2.81 -13.70
C LEU B 8 0.98 22.90 21.57
N THR B 9 22.06 2.44 -10.25
N THR B 9 -28.03 -1.19 -11.13
N THR B 9 -8.51 -2.61 -12.83
N THR B 9 1.06 22.22 22.72
CA THR B 9 21.40 3.03 -11.47
CA THR B 9 -29.33 -0.79 -10.50
CA THR B 9 -9.51 -1.56 -13.24
CA THR B 9 2.03 22.76 23.73
C THR B 9 20.12 3.71 -11.12
C THR B 9 -29.16 -0.29 -9.11
C THR B 9 -9.29 -0.26 -12.53
C THR B 9 3.31 21.97 23.75
N GLY B 10 19.88 3.98 -9.88
N GLY B 10 -27.96 0.03 -8.72
N GLY B 10 -8.15 -0.09 -11.92
N GLY B 10 3.54 21.16 22.76
CA GLY B 10 18.68 4.63 -9.41
CA GLY B 10 -27.65 0.53 -7.40
CA GLY B 10 -7.79 1.12 -11.21
CA GLY B 10 4.74 20.36 22.65
C GLY B 10 17.44 3.79 -9.33
C GLY B 10 -27.61 -0.48 -6.29
C GLY B 10 -8.41 1.28 -9.84
C GLY B 10 4.76 19.12 23.49
N LYS B 11 17.62 2.49 -9.37
N LYS B 11 -27.52 -1.73 -6.66
N LYS B 11 -8.91 0.20 -9.30
N LYS B 11 3.62 18.71 23.98
CA LYS B 11 16.54 1.54 -9.20
CA LYS B 11 -27.36 -2.82 -5.71
CA LYS B 11 -9.43 0.18 -7.94
CA LYS B 11 3.49 17.47 24.72
C LYS B 11 16.56 1.14 -7.71
C LYS B 11 -25.84 -3.11 -5.66
C LYS B 11 -8.28 -0.35 -7.06
C LYS B 11 3.01 16.42 23.69
N THR B 12 15.40 1.05 -7.10
N THR B 12 -25.32 -3.33 -4.47
N THR B 12 -8.10 0.25 -5.91
N THR B 12 3.57 15.23 23.76
CA THR B 12 15.40 0.60 -5.70
CA THR B 12 -23.89 -3.68 -4.39
CA THR B 12 -7.06 -0.29 -5.01
CA THR B 12 3.07 14.18 22.85
C THR B 12 14.54 -0.68 -5.68
C THR B 12 -23.83 -5.06 -3.73
C THR B 12 -7.78 -0.68 -3.72
C THR B 12 2.55 13.06 23.74
N ILE B 13 15.07 -1.72 -5.04
N ILE B 13 -23.07 -5.97 -4.34
N ILE B 13 -7.50 -1.89 -3.24
N ILE B 13 1.33 12.58 23.43
CA ILE B 13 14.22 -2.95 -5.02
CA ILE B 13 -23.03 -7.31 -3.68
CA ILE B 13 -8.21 -2.26 -1.98
CA ILE B 13 0.84 11.48 24.31
C ILE B 13 13.71 -3.18 -3.63
C ILE B 13 -21.66 -7.51 -3.07
C ILE B 13 -7.21 -2.30 -0.85
C ILE B 13 0.84 10.20 23.52
N THR B 14 12.48 -3.62 -3.49
N THR B 14 -21.59 -8.12 -1.92
N THR B 14 -7.60 -1.84 0.32
N THR B 14 1.19 9.09 24.15
CA THR B 14 12.00 -3.88 -2.10
CA THR B 14 -20.23 -8.35 -1.35
CA THR B 14 -6.62 -1.93 1.44
CA THR B 14 1.13 7.82 23.37
C THR B 14 12.07 -5.37 -1.85
C THR B 14 -19.85 -9.79 -1.60
C THR B 14 -6.98 -3.11 2.30
C THR B 14 -0.12 7.09 23.76
N LEU B 15 12.48 -5.78 -0.67
N LEU B 15 -18.60 -10.05 -1.96
N LEU B 15 -6.00 -3.86 2.77
N LEU B 15 -0.81 6.47 22.80
CA LEU B 15 12.59 -7.19 -0.34
CA LEU B 15 -18.15 -11.40 -2.24
CA LEU B 15 -6.25 -5.03 3.59
CA LEU B 15 -2.04 5.75 23.08
C LEU B 15 11.81 -7.45 0.95
C LEU B 15 -16.91 -11.68 -1.39
C LEU B 15 -5.43 -4.90 4.89
C LEU B 15 -1.91 4.34 22.52
N GLU B 16 11.35 -8.67 1.10
N GLU B 16 -16.70 -12.94 -1.10
N GLU B 16 -5.91 -5.54 5.92
N GLU B 16 -2.64 3.43 23.11
CA GLU B 16 10.70 -9.01 2.40
CA GLU B 16 -15.43 -13.29 -0.38
CA GLU B 16 -5.09 -5.55 7.18
CA GLU B 16 -2.65 2.05 22.51
C GLU B 16 11.67 -9.98 3.04
C GLU B 16 -14.63 -14.06 -1.42
C GLU B 16 -4.65 -7.00 7.30
C GLU B 16 -4.05 1.91 21.97
N VAL B 17 12.12 -9.57 4.22
N VAL B 17 -13.47 -13.49 -1.69
N VAL B 17 -3.34 -7.14 7.30
N VAL B 17 -4.09 1.68 20.66
CA VAL B 17 13.09 -10.33 4.99
CA VAL B 17 -12.55 -14.04 -2.69
CA VAL B 17 -2.70 -8.45 7.37
CA VAL B 17 -5.34 1.56 19.93
C VAL B 17 12.74 -10.32 6.49
C VAL B 17 -11.09 -13.99 -2.21
C VAL B 17 -1.48 -8.43 8.31
C VAL B 17 -5.28 0.42 18.90
N GLU B 18 13.49 -11.15 7.17
N GLU B 18 -10.28 -14.65 -3.00
N GLU B 18 -1.02 -9.64 8.54
N GLU B 18 -6.44 0.15 18.37
CA GLU B 18 13.45 -11.26 8.63
CA GLU B 18 -8.83 -14.66 -2.84
CA GLU B 18 0.20 -9.90 9.30
CA GLU B 18 -6.65 -0.80 17.28
C GLU B 18 14.84 -10.94 9.14
C GLU B 18 -8.25 -14.09 -4.13
C GLU B 18 1.15 -10.64 8.36
C GLU B 18 -7.25 -0.01 16.12
N PRO B 19 14.93 -10.29 10.27
N PRO B 19 -7.17 -13.36 -4.01
N PRO B 19 2.43 -10.37 8.48
N PRO B 19 -6.88 -0.36 14.90
CA PRO B 19 16.22 -9.94 10.89
CA PRO B 19 -6.47 -12.79 -5.18
CA PRO B 19 3.45 -11.04 7.67
CA PRO B 19 -7.43 0.28 13.71
C PRO B 19 17.10 -11.17 11.08
C PRO B 19 -6.11 -13.84 -6.18
C PRO B 19 3.37 -12.54 7.79
C PRO B 19 -8.93 0.24 13.68
N SER B 20 16.48 -12.33 11.17
N SER B 20 -5.98 -15.08 -5.75
N SER B 20 2.81 -13.03 8.89
N SER B 20 -9.52 -0.72 14.36
CA SER B 20 17.26 -13.56 11.41
CA SER B 20 -5.58 -16.17 -6.66
CA SER B 20 2.73 -14.48 9.10
CA SER B 20 -10.98 -0.87 14.33
C SER B 20 17.89 -14.05 10.13
C SER B 20 -6.74 -16.65 -7.47
C SER B 20 1.59 -15.09 8.32
C SER B 20 -11.64 0.12 15.28
N ASP B 21 17.53 -13.44 9.00
N ASP B 21 -7.95 -16.18 -7.14
N ASP B 21 0.75 -14.23 7.73
N ASP B 21 -10.83 0.82 16.07
CA ASP B 21 18.14 -13.94 7.73
CA ASP B 21 -9.12 -16.66 -7.92
CA ASP B 21 -0.39 -14.81 6.97
CA ASP B 21 -11.46 1.78 17.01
C ASP B 21 19.60 -13.56 7.68
C ASP B 21 -9.08 -16.08 -9.31
C ASP B 21 0.10 -15.48 5.72
C ASP B 21 -12.01 2.95 16.24
N THR B 22 20.38 -14.41 7.04
N THR B 22 -9.60 -16.84 -10.26
N THR B 22 -0.59 -16.53 5.30
N THR B 22 -13.10 3.52 16.76
CA THR B 22 21.79 -14.15 6.83
CA THR B 22 -9.72 -16.39 -11.63
CA THR B 22 -0.29 -17.22 4.07
CA THR B 22 -13.69 4.71 16.20
C THR B 22 21.93 -13.25 5.57
C THR B 22 -11.02 -15.57 -11.76
C THR B 22 -0.99 -16.46 2.92
C THR B 22 -12.94 5.94 16.76
N ILE B 23 23.09 -12.61 5.50
N ILE B 23 -11.03 -14.77 -12.82
N ILE B 23 -0.48 -16.74 1.72
N ILE B 23 -13.10 7.04 16.02
CA ILE B 23 23.44 -11.79 4.36
CA ILE B 23 -12.23 -13.99 -13.15
CA ILE B 23 -1.06 -16.19 0.50
CA ILE B 23 -12.54 8.32 16.44
C ILE B 23 23.48 -12.64 3.09
C ILE B 23 -13.41 -14.92 -13.43
C ILE B 23 -2.50 -16.67 0.35
C ILE B 23 -13.13 8.74 17.78
N GLU B 24 23.96 -13.86 3.22
N GLU B 24 -13.15 -16.04 -14.06
N GLU B 24 -2.75 -17.91 0.71
N GLU B 24 -14.40 8.47 17.97
CA GLU B 24 23.98 -14.80 2.04
CA GLU B 24 -14.22 -17.04 -14.32
CA GLU B 24 -4.14 -18.45 0.66
CA GLU B 24 -15.06 8.79 19.29
C GLU B 24 22.59 -14.99 1.49
C GLU B 24 -14.87 -17.47 -13.02
C GLU B 24 -5.08 -17.60 1.49
C GLU B 24 -14.34 8.10 20.42
N ASN B 25 21.61 -15.09 2.37
N ASN B 25 -14.07 -17.67 -12.00
N ASN B 25 -4.62 -17.18 2.66
N ASN B 25 -13.93 6.86 20.20
CA ASN B 25 20.19 -15.29 2.03
CA ASN B 25 -14.51 -18.10 -10.67
CA ASN B 25 -5.38 -16.36 3.60
CA ASN B 25 -13.23 6.03 21.19
C ASN B 25 19.63 -14.08 1.29
C ASN B 25 -15.39 -17.04 -10.00
C ASN B 25 -5.69 -14.99 3.02
C ASN B 25 -11.85 6.60 21.52
N VAL B 26 19.96 -12.92 1.83
N VAL B 26 -14.93 -15.80 -10.11
N VAL B 26 -4.66 -14.41 2.41
N VAL B 26 -11.17 7.01 20.47
CA VAL B 26 19.52 -11.67 1.22
CA VAL B 26 -15.67 -14.68 -9.56
CA VAL B 26 -4.81 -13.09 1.78
CA VAL B 26 -9.85 7.60 20.62
C VAL B 26 20.02 -11.59 -0.21
C VAL B 26 -17.06 -14.64 -10.18
C VAL B 26 -5.91 -13.17 0.71
C VAL B 26 -9.95 8.84 21.50
N LYS B 27 21.30 -11.92 -0.39
N LYS B 27 -17.10 -14.77 -11.50
N LYS B 27 -5.84 -14.21 -0.10
N LYS B 27 -10.94 9.67 21.21
CA LYS B 27 21.90 -11.89 -1.73
CA LYS B 27 -18.38 -14.74 -12.21
CA LYS B 27 -6.84 -14.39 -1.17
CA LYS B 27 -11.16 10.90 21.99
C LYS B 27 21.20 -12.86 -2.67
C LYS B 27 -19.29 -15.87 -11.75
C LYS B 27 -8.24 -14.53 -0.59
C LYS B 27 -11.44 10.58 23.45
N ALA B 28 20.81 -14.01 -2.18
N ALA B 28 -18.74 -17.04 -11.48
N ALA B 28 -8.38 -15.20 0.54
N ALA B 28 -12.18 9.52 23.71
CA ALA B 28 20.06 -14.98 -2.98
CA ALA B 28 -19.51 -18.16 -10.94
CA ALA B 28 -9.67 -15.32 1.22
CA ALA B 28 -12.44 9.09 25.09
C ALA B 28 18.68 -14.45 -3.35
C ALA B 28 -20.04 -17.87 -9.56
C ALA B 28 -10.15 -13.98 1.74
C ALA B 28 -11.17 8.61 25.78
N LYS B 29 18.01 -13.74 -2.46
N LYS B 29 -19.28 -17.20 -8.71
N LYS B 29 -9.27 -13.14 2.24
N LYS B 29 -10.29 7.92 25.08
CA LYS B 29 16.71 -13.11 -2.80
CA LYS B 29 -19.77 -16.80 -7.37
CA LYS B 29 -9.66 -11.78 2.69
CA LYS B 29 -8.99 7.50 25.66
C LYS B 29 16.87 -12.06 -3.90
C LYS B 29 -20.93 -15.80 -7.48
C LYS B 29 -10.16 -10.94 1.49
C LYS B 29 -8.13 8.73 26.01
N ILE B 30 17.99 -11.32 -3.83
N ILE B 30 -20.83 -14.92 -8.48
N ILE B 30 -9.50 -11.13 0.34
N ILE B 30 -8.21 9.75 25.17
CA ILE B 30 18.24 -10.28 -4.84
CA ILE B 30 -21.90 -13.92 -8.66
CA ILE B 30 -9.91 -10.37 -0.85
CA ILE B 30 -7.43 10.97 25.42
C ILE B 30 18.52 -11.00 -6.16
C ILE B 30 -23.14 -14.69 -9.18
C ILE B 30 -11.28 -10.91 -1.28
C ILE B 30 -8.05 11.66 26.64
N GLN B 31 19.26 -12.09 -6.13
N GLN B 31 -22.95 -15.65 -10.04
N GLN B 31 -11.49 -12.20 -1.21
N GLN B 31 -9.36 11.67 26.75
CA GLN B 31 19.53 -12.80 -7.42
CA GLN B 31 -24.15 -16.40 -10.53
CA GLN B 31 -12.83 -12.72 -1.62
CA GLN B 31 -9.97 12.33 27.94
C GLN B 31 18.19 -13.28 -8.02
C GLN B 31 -24.82 -17.11 -9.33
C GLN B 31 -13.90 -12.13 -0.70
C GLN B 31 -9.52 11.59 29.21
N ASP B 32 17.42 -13.91 -7.16
N ASP B 32 -23.98 -17.79 -8.59
N ASP B 32 -13.61 -12.22 0.57
N ASP B 32 -9.64 10.29 29.14
CA ASP B 32 16.10 -14.41 -7.58
CA ASP B 32 -24.46 -18.52 -7.39
CA ASP B 32 -14.54 -11.67 1.60
CA ASP B 32 -9.24 9.42 30.27
C ASP B 32 15.25 -13.32 -8.21
C ASP B 32 -25.24 -17.61 -6.46
C ASP B 32 -14.89 -10.22 1.33
C ASP B 32 -7.80 9.69 30.69
N LYS B 33 15.27 -12.11 -7.63
N LYS B 33 -24.77 -16.37 -6.26
N LYS B 33 -13.88 -9.42 0.93
N LYS B 33 -6.90 9.87 29.71
CA LYS B 33 14.37 -11.09 -8.20
CA LYS B 33 -25.50 -15.53 -5.27
CA LYS B 33 -14.22 -7.98 0.77
CA LYS B 33 -5.49 10.04 30.15
C LYS B 33 14.94 -10.19 -9.24
C LYS B 33 -26.56 -14.63 -5.80
C LYS B 33 -14.61 -7.52 -0.59
C LYS B 33 -5.00 11.43 30.35
N GLU B 34 16.21 -9.93 -9.34
N GLU B 34 -26.58 -14.19 -7.03
N GLU B 34 -14.25 -8.14 -1.68
N GLU B 34 -5.53 12.46 29.76
CA GLU B 34 16.80 -9.06 -10.34
CA GLU B 34 -27.59 -13.32 -7.59
CA GLU B 34 -14.62 -7.75 -3.03
CA GLU B 34 -5.10 13.83 29.92
C GLU B 34 17.88 -9.73 -11.16
C GLU B 34 -28.26 -13.89 -8.81
C GLU B 34 -15.32 -8.83 -3.81
C GLU B 34 -6.18 14.76 30.37
N GLY B 35 18.24 -10.96 -10.83
N GLY B 35 -27.79 -15.01 -9.31
N GLY B 35 -15.41 -10.02 -3.26
N GLY B 35 -7.42 14.29 30.44
CA GLY B 35 19.19 -11.73 -11.57
CA GLY B 35 -28.40 -15.68 -10.43
CA GLY B 35 -16.12 -11.11 -3.88
CA GLY B 35 -8.53 15.06 30.94
C GLY B 35 20.63 -11.48 -11.36
C GLY B 35 -28.09 -15.21 -11.80
C GLY B 35 -15.45 -11.90 -4.93
C GLY B 35 -9.19 16.02 30.02
N ILE B 36 20.98 -10.62 -10.39
N ILE B 36 -27.16 -14.24 -11.93
N ILE B 36 -14.16 -11.62 -5.19
N ILE B 36 -8.80 16.03 28.74
CA ILE B 36 22.42 -10.36 -10.16
CA ILE B 36 -26.84 -13.75 -13.28
CA ILE B 36 -13.46 -12.40 -6.24
CA ILE B 36 -9.45 16.97 27.81
C ILE B 36 23.05 -11.48 -9.34
C ILE B 36 -25.89 -14.71 -13.98
C ILE B 36 -13.03 -13.76 -5.71
C ILE B 36 -10.79 16.43 27.35
N PRO B 37 24.11 -12.08 -9.85
N PRO B 37 -26.27 -15.18 -15.17
N PRO B 37 -13.44 -14.82 -6.38
N PRO B 37 -11.86 17.20 27.54
CA PRO B 37 24.84 -13.15 -9.17
CA PRO B 37 -25.43 -16.07 -15.99
CA PRO B 37 -13.06 -16.20 -6.03
CA PRO B 37 -13.21 16.83 27.11
C PRO B 37 25.34 -12.68 -7.82
C PRO B 37 -24.08 -15.44 -16.27
C PRO B 37 -11.55 -16.36 -5.99
C PRO B 37 -13.25 16.54 25.62
N PRO B 38 25.21 -13.49 -6.78
N PRO B 38 -23.01 -16.19 -16.18
N PRO B 38 -11.01 -17.03 -5.00
N PRO B 38 -13.92 15.50 25.19
CA PRO B 38 25.67 -13.07 -5.45
CA PRO B 38 -21.67 -15.62 -16.43
CA PRO B 38 -9.55 -17.20 -4.92
CA PRO B 38 -13.97 15.18 23.76
C PRO B 38 27.12 -12.67 -5.40
C PRO B 38 -21.54 -15.00 -17.80
C PRO B 38 -8.96 -17.85 -6.14
C PRO B 38 -14.51 16.30 22.91
N ASP B 39 27.95 -13.27 -6.21
N ASP B 39 -22.22 -15.52 -18.79
N ASP B 39 -9.68 -18.74 -6.79
N ASP B 39 -15.41 17.09 23.42
CA ASP B 39 29.41 -12.97 -6.17
CA ASP B 39 -22.10 -15.02 -20.18
CA ASP B 39 -9.14 -19.46 -7.97
CA ASP B 39 -16.03 18.19 22.62
C ASP B 39 29.71 -11.57 -6.67
C ASP B 39 -22.69 -13.62 -20.33
C ASP B 39 -8.93 -18.54 -9.16
C ASP B 39 -15.03 19.29 22.30
N GLN B 40 28.76 -10.96 -7.34
N GLN B 40 -23.48 -13.20 -19.35
N GLN B 40 -9.53 -17.36 -9.11
N GLN B 40 -13.91 19.30 23.00
CA GLN B 40 28.97 -9.57 -7.83
CA GLN B 40 -24.06 -11.84 -19.41
CA GLN B 40 -9.35 -16.40 -10.23
CA GLN B 40 -12.88 20.33 22.72
C GLN B 40 28.40 -8.52 -6.85
C GLN B 40 -23.23 -10.81 -18.62
C GLN B 40 -8.22 -15.39 -9.94
C GLN B 40 -11.79 19.81 21.76
N GLN B 41 27.65 -8.94 -5.87
N GLN B 41 -22.27 -11.27 -17.84
N GLN B 41 -7.73 -15.34 -8.72
N GLN B 41 -11.77 18.53 21.49
CA GLN B 41 27.01 -8.05 -4.92
CA GLN B 41 -21.46 -10.42 -17.00
CA GLN B 41 -6.71 -14.41 -8.30
CA GLN B 41 -10.77 17.90 20.65
C GLN B 41 27.86 -7.64 -3.74
C GLN B 41 -20.25 -9.80 -17.68
C GLN B 41 -5.28 -14.82 -8.59
C GLN B 41 -11.05 17.95 19.16
N ARG B 42 27.90 -6.32 -3.51
N ARG B 42 -20.14 -8.49 -17.50
N ARG B 42 -4.55 -13.90 -9.20
N ARG B 42 -10.04 18.39 18.43
CA ARG B 42 28.56 -5.76 -2.29
CA ARG B 42 -18.91 -7.76 -17.95
CA ARG B 42 -3.07 -14.07 -9.40
CA ARG B 42 -10.08 18.32 16.93
C ARG B 42 27.46 -4.99 -1.59
C ARG B 42 -18.36 -7.11 -16.70
C ARG B 42 -2.45 -12.89 -8.70
C ARG B 42 -8.88 17.50 16.54
N LEU B 43 27.05 -5.39 -0.38
N LEU B 43 -17.17 -7.48 -16.25
N LEU B 43 -1.66 -13.09 -7.65
N LEU B 43 -9.08 16.33 15.93
CA LEU B 43 25.94 -4.69 0.31
CA LEU B 43 -16.62 -6.90 -14.98
CA LEU B 43 -1.07 -11.95 -6.91
CA LEU B 43 -7.92 15.45 15.58
C LEU B 43 26.50 -3.79 1.41
C LEU B 43 -15.56 -5.86 -15.31
C LEU B 43 0.41 -11.80 -7.27
C LEU B 43 -7.64 15.55 14.09
N ILE B 44 26.06 -2.54 1.42
N ILE B 44 -15.69 -4.69 -14.69
N ILE B 44 0.79 -10.58 -7.62
N ILE B 44 -6.37 15.77 13.76
CA ILE B 44 26.53 -1.54 2.37
CA ILE B 44 -14.79 -3.56 -14.92
CA ILE B 44 2.15 -10.27 -8.05
CA ILE B 44 -5.92 15.95 12.37
C ILE B 44 25.38 -0.95 3.19
C ILE B 44 -14.12 -3.09 -13.63
C ILE B 44 2.80 -9.20 -7.17
C ILE B 44 -4.85 14.93 12.00
N PHE B 45 25.61 -0.91 4.53
N PHE B 45 -12.78 -2.92 -13.73
N PHE B 45 4.05 -9.50 -6.74
N PHE B 45 -5.08 14.30 10.81
CA PHE B 45 24.64 -0.32 5.46
CA PHE B 45 -11.98 -2.42 -12.60
CA PHE B 45 4.84 -8.56 -5.92
CA PHE B 45 -4.12 13.33 10.26
C PHE B 45 25.47 0.37 6.55
C PHE B 45 -10.89 -1.54 -13.23
C PHE B 45 6.30 -8.75 -6.38
C PHE B 45 -4.15 13.53 8.73
N ALA B 46 25.10 1.60 6.76
N ALA B 46 -10.81 -0.37 -12.66
N ALA B 46 6.87 -7.61 -6.67
N ALA B 46 -2.96 13.67 8.23
CA ALA B 46 25.69 2.47 7.79
CA ALA B 46 -9.81 0.65 -13.03
CA ALA B 46 8.28 -7.50 -7.08
CA ALA B 46 -2.71 13.82 6.78
C ALA B 46 27.22 2.43 7.72
C ALA B 46 -9.76 0.83 -14.54
C ALA B 46 8.61 -8.51 -8.17
C ALA B 46 -3.63 14.88 6.17
N GLY B 47 27.69 2.53 6.52
N GLY B 47 -10.92 0.92 -15.11
N GLY B 47 7.73 -8.58 -9.12
N GLY B 47 -3.72 15.97 6.87
CA GLY B 47 29.07 2.52 6.10
CA GLY B 47 -11.22 1.08 -16.50
CA GLY B 47 7.74 -9.42 -10.28
CA GLY B 47 -4.50 17.14 6.59
C GLY B 47 29.86 1.27 6.38
C GLY B 47 -10.78 -0.01 -17.44
C GLY B 47 7.69 -10.90 -10.05
C GLY B 47 -5.99 16.98 6.55
N LYS B 48 29.21 0.15 6.56
N LYS B 48 -10.55 -1.19 -16.94
N LYS B 48 7.23 -11.34 -8.91
N LYS B 48 -6.52 15.96 7.16
CA LYS B 48 29.89 -1.13 6.79
CA LYS B 48 -10.17 -2.35 -17.77
CA LYS B 48 7.09 -12.77 -8.61
CA LYS B 48 -7.97 15.73 7.20
C LYS B 48 29.55 -2.03 5.59
C LYS B 48 -11.31 -3.37 -17.68
C LYS B 48 5.58 -13.06 -8.44
C LYS B 48 -8.40 15.85 8.68
N GLN B 49 30.49 -2.83 5.15
N GLN B 49 -11.61 -4.05 -18.75
N GLN B 49 5.13 -14.20 -8.90
N GLN B 49 -9.55 16.41 8.95
CA GLN B 49 30.19 -3.81 4.06
CA GLN B 49 -12.62 -5.13 -18.70
CA GLN B 49 3.72 -14.59 -8.66
CA GLN B 49 -10.06 16.44 10.35
C GLN B 49 29.65 -5.02 4.82
C GLN B 49 -11.82 -6.36 -18.27
C GLN B 49 3.74 -15.24 -7.28
C GLN B 49 -10.78 15.11 10.50
N LEU B 50 28.52 -5.55 4.41
N LEU B 50 -12.28 -7.07 -17.27
N LEU B 50 2.86 -14.85 -6.39
N LEU B 50 -10.50 14.37 11.55
CA LEU B 50 27.86 -6.66 5.10
CA LEU B 50 -11.55 -8.22 -16.71
CA LEU B 50 2.85 -15.34 -5.01
CA LEU B 50 -11.08 13.03 11.74
C LEU B 50 28.54 -7.97 4.75
C LEU B 50 -11.73 -9.44 -17.59
C LEU B 50 2.19 -16.71 -4.95
C LEU B 50 -12.50 13.15 12.27
N GLU B 51 28.74 -8.84 5.74
N GLU B 51 -10.66 -10.20 -17.83
N GLU B 51 2.76 -17.63 -4.17
N GLU B 51 -13.41 12.31 11.76
CA GLU B 51 29.44 -10.13 5.48
CA GLU B 51 -10.75 -11.38 -18.72
CA GLU B 51 2.21 -19.01 -4.11
CA GLU B 51 -14.83 12.39 12.18
C GLU B 51 28.43 -11.24 5.39
C GLU B 51 -10.84 -12.64 -17.90
C GLU B 51 1.41 -19.18 -2.85
C GLU B 51 -15.13 11.30 13.17
N ASP B 52 28.59 -12.18 4.49
N ASP B 52 -11.65 -13.60 -18.27
N ASP B 52 0.29 -19.85 -2.88
N ASP B 52 -15.89 11.55 14.20
CA ASP B 52 27.67 -13.28 4.21
CA ASP B 52 -11.90 -14.84 -17.54
CA ASP B 52 -0.64 -20.02 -1.76
CA ASP B 52 -16.20 10.62 15.29
C ASP B 52 27.11 -14.12 5.35
C ASP B 52 -10.75 -15.68 -17.01
C ASP B 52 -0.13 -20.45 -0.40
C ASP B 52 -16.66 9.21 14.99
N GLY B 53 27.93 -14.48 6.31
N GLY B 53 -9.70 -15.84 -17.78
N GLY B 53 0.77 -21.39 -0.34
N GLY B 53 -17.52 9.04 14.01
CA GLY B 53 27.56 -15.35 7.44
CA GLY B 53 -8.53 -16.67 -17.43
CA GLY B 53 1.32 -21.95 0.90
CA GLY B 53 -18.10 7.73 13.63
C GLY B 53 26.89 -14.67 8.59
C GLY B 53 -7.49 -16.02 -16.57
C GLY B 53 2.43 -21.18 1.54
C GLY B 53 -17.27 6.87 12.74
N ARG B 54 26.83 -13.34 8.62
N ARG B 54 -7.59 -14.72 -16.32
N ARG B 54 2.96 -20.16 0.89
N ARG B 54 -16.17 7.38 12.19
CA ARG B 54 26.12 -12.60 9.68
CA ARG B 54 -6.65 -14.02 -15.43
CA ARG B 54 4.00 -19.30 1.49
CA ARG B 54 -15.26 6.58 11.36
C ARG B 54 24.66 -12.51 9.29
C ARG B 54 -7.16 -14.18 -13.99
C ARG B 54 3.30 -18.22 2.30
C ARG B 54 -14.28 5.86 12.28
N THR B 55 23.83 -12.15 10.23
N THR B 55 -6.33 -13.88 -13.04
N THR B 55 4.04 -17.53 3.14
N THR B 55 -13.59 4.88 11.75
CA THR B 55 22.38 -11.94 10.03
CA THR B 55 -6.67 -13.90 -11.60
CA THR B 55 3.55 -16.41 3.96
CA THR B 55 -12.56 4.12 12.49
C THR B 55 22.14 -10.41 10.01
C THR B 55 -6.83 -12.43 -11.15
C THR B 55 4.08 -15.11 3.31
C THR B 55 -11.19 4.62 11.96
N LEU B 56 20.98 -10.02 9.53
N LEU B 56 -7.44 -12.25 -10.00
N LEU B 56 3.51 -14.00 3.71
N LEU B 56 -10.15 4.29 12.70
CA LEU B 56 20.57 -8.60 9.50
CA LEU B 56 -7.62 -10.92 -9.40
CA LEU B 56 3.94 -12.67 3.23
CA LEU B 56 -8.77 4.64 12.32
C LEU B 56 20.52 -8.09 10.93
C LEU B 56 -6.24 -10.32 -9.14
C LEU B 56 5.39 -12.46 3.65
C LEU B 56 -8.46 3.95 10.99
N SER B 57 20.10 -8.95 11.88
N SER B 57 -5.26 -11.16 -8.75
N SER B 57 5.76 -12.96 4.86
N SER B 57 -8.99 2.73 10.79
CA SER B 57 20.03 -8.45 13.28
CA SER B 57 -3.92 -10.58 -8.50
CA SER B 57 7.17 -12.74 5.27
CA SER B 57 -8.67 2.06 9.49
C SER B 57 21.41 -8.09 13.81
C SER B 57 -3.30 -9.98 -9.75
C SER B 57 8.15 -13.45 4.36
C SER B 57 -9.24 2.80 8.31
N ASP B 58 22.43 -8.77 13.34
N ASP B 58 -3.64 -10.53 -10.90
N ASP B 58 7.74 -14.54 3.77
N ASP B 58 -10.34 3.51 8.51
CA ASP B 58 23.82 -8.49 13.79
CA ASP B 58 -3.10 -10.02 -12.18
CA ASP B 58 8.62 -15.31 2.84
CA ASP B 58 -10.98 4.29 7.42
C ASP B 58 24.17 -7.01 13.59
C ASP B 58 -3.39 -8.52 -12.34
C ASP B 58 9.14 -14.41 1.73
C ASP B 58 -9.98 5.27 6.81
N TYR B 59 23.72 -6.48 12.49
N TYR B 59 -4.56 -8.14 -11.93
N TYR B 59 8.27 -13.56 1.25
N TYR B 59 -9.19 5.86 7.65
CA TYR B 59 23.93 -5.09 12.12
CA TYR B 59 -5.03 -6.77 -11.96
CA TYR B 59 8.55 -12.60 0.18
CA TYR B 59 -8.15 6.82 7.28
C TYR B 59 22.82 -4.17 12.60
C TYR B 59 -4.73 -6.00 -10.70
C TYR B 59 9.04 -11.26 0.71
C TYR B 59 -6.81 6.17 7.02
N ASN B 60 21.85 -4.62 13.35
N ASN B 60 -4.02 -6.52 -9.73
N ASN B 60 9.26 -11.07 1.99
N ASN B 60 -6.66 4.86 7.03
CA ASN B 60 20.78 -3.69 13.79
CA ASN B 60 -3.74 -5.73 -8.50
CA ASN B 60 9.74 -9.75 2.45
CA ASN B 60 -5.33 4.27 6.77
C ASN B 60 20.08 -3.04 12.61
C ASN B 60 -5.03 -5.29 -7.84
C ASN B 60 8.77 -8.65 2.06
C ASN B 60 -4.30 4.78 7.76
N ILE B 61 19.75 -3.84 11.62
N ILE B 61 -5.98 -6.19 -7.70
N ILE B 61 7.49 -8.87 2.27
N ILE B 61 -4.64 4.81 9.03
CA ILE B 61 18.96 -3.33 10.44
CA ILE B 61 -7.25 -5.89 -6.97
CA ILE B 61 6.46 -7.82 2.01
CA ILE B 61 -3.67 5.21 10.09
C ILE B 61 17.49 -3.47 10.81
C ILE B 61 -6.98 -6.23 -5.51
C ILE B 61 6.32 -7.03 3.30
C ILE B 61 -2.95 3.92 10.51
N GLN B 62 16.76 -2.40 10.92
N GLN B 62 -7.03 -5.27 -4.63
N GLN B 62 6.65 -5.76 3.29
N GLN B 62 -1.67 3.83 10.31
CA GLN B 62 15.33 -2.42 11.34
CA GLN B 62 -6.73 -5.46 -3.18
CA GLN B 62 6.63 -4.91 4.52
CA GLN B 62 -0.88 2.60 10.61
C GLN B 62 14.44 -2.23 10.12
C GLN B 62 -8.04 -5.49 -2.39
C GLN B 62 5.39 -4.00 4.48
C GLN B 62 -0.08 2.82 11.90
N LYS B 63 13.13 -2.42 10.27
N LYS B 63 -7.97 -5.86 -1.11
N LYS B 63 5.10 -3.32 5.58
N LYS B 63 0.51 1.76 12.45
CA LYS B 63 12.20 -2.33 9.16
CA LYS B 63 -9.15 -5.99 -0.27
CA LYS B 63 3.92 -2.49 5.69
CA LYS B 63 1.23 1.83 13.70
C LYS B 63 12.35 -0.97 8.48
C LYS B 63 -9.92 -4.68 -0.29
C LYS B 63 3.91 -1.47 4.55
C LYS B 63 2.30 2.92 13.60
N GLU B 64 12.19 -1.05 7.15
N GLU B 64 -11.25 -4.87 -0.28
N GLU B 64 2.68 -1.25 4.07
N GLU B 64 2.45 3.58 14.76
CA GLU B 64 12.27 0.07 6.25
CA GLU B 64 -12.24 -3.83 -0.29
CA GLU B 64 2.34 -0.34 3.00
CA GLU B 64 3.38 4.66 14.98
C GLU B 64 13.60 0.74 6.07
C GLU B 64 -12.36 -2.97 -1.51
C GLU B 64 2.83 -0.67 1.63
C GLU B 64 3.16 5.95 14.24
N SER B 65 14.64 0.03 6.46
N SER B 65 -11.83 -3.50 -2.61
N SER B 65 3.16 -1.94 1.44
N SER B 65 1.94 6.12 13.78
CA SER B 65 16.03 0.46 6.28
CA SER B 65 -11.93 -2.88 -3.94
CA SER B 65 3.54 -2.51 0.15
CA SER B 65 1.47 7.35 13.12
C SER B 65 16.35 0.36 4.77
C SER B 65 -13.40 -3.02 -4.40
C SER B 65 2.27 -2.56 -0.72
C SER B 65 1.36 8.43 14.21
N THR B 66 17.37 1.06 4.33
N THR B 66 -13.81 -2.21 -5.34
N THR B 66 2.45 -2.64 -2.02
N THR B 66 1.38 9.68 13.82
CA THR B 66 17.83 1.01 2.94
CA THR B 66 -15.15 -2.30 -5.94
CA THR B 66 1.33 -2.79 -2.96
CA THR B 66 1.18 10.81 14.73
C THR B 66 19.28 0.51 2.93
C THR B 66 -15.01 -2.58 -7.43
C THR B 66 1.51 -4.10 -3.73
C THR B 66 -0.07 11.58 14.31
N LEU B 67 19.57 -0.54 2.15
N LEU B 67 -15.66 -3.62 -7.94
N LEU B 67 0.49 -4.96 -3.74
N LEU B 67 -1.01 11.80 15.23
CA LEU B 67 20.96 -0.98 2.01
CA LEU B 67 -15.64 -3.87 -9.38
CA LEU B 67 0.56 -6.17 -4.55
CA LEU B 67 -2.17 12.63 14.91
C LEU B 67 21.43 -0.47 0.63
C LEU B 67 -17.02 -3.40 -9.91
C LEU B 67 -0.32 -5.91 -5.79
C LEU B 67 -1.92 13.99 15.58
N HIS B 68 22.69 -0.29 0.46
N HIS B 68 -17.11 -3.04 -11.14
N HIS B 68 -0.05 -6.57 -6.86
N HIS B 68 -2.50 15.03 15.09
CA HIS B 68 23.18 0.15 -0.87
CA HIS B 68 -18.42 -2.63 -11.68
CA HIS B 68 -0.91 -6.37 -8.06
CA HIS B 68 -2.30 16.35 15.73
C HIS B 68 23.83 -1.08 -1.51
C HIS B 68 -18.90 -3.78 -12.55
C HIS B 68 -1.78 -7.61 -8.17
C HIS B 68 -3.61 16.65 16.45
N LEU B 69 23.55 -1.30 -2.78
N LEU B 69 -20.17 -4.13 -12.43
N LEU B 69 -3.06 -7.42 -8.44
N LEU B 69 -3.51 17.14 17.68
CA LEU B 69 24.17 -2.39 -3.52
CA LEU B 69 -20.77 -5.18 -13.26
CA LEU B 69 -3.98 -8.53 -8.64
CA LEU B 69 -4.68 17.53 18.46
C LEU B 69 25.18 -1.89 -4.50
C LEU B 69 -21.69 -4.59 -14.28
C LEU B 69 -4.37 -8.68 -10.08
C LEU B 69 -4.78 19.02 18.56
N VAL B 70 26.43 -2.22 -4.34
N VAL B 70 -21.42 -4.71 -15.54
N VAL B 70 -4.02 -9.76 -10.72
N VAL B 70 -5.79 19.64 18.03
CA VAL B 70 27.46 -1.83 -5.35
CA VAL B 70 -22.36 -4.25 -16.59
CA VAL B 70 -4.48 -9.99 -12.13
CA VAL B 70 -5.99 21.10 18.20
C VAL B 70 27.81 -3.15 -6.04
C VAL B 70 -22.92 -5.56 -17.18
C VAL B 70 -5.52 -11.11 -11.99
C VAL B 70 -7.20 21.20 19.15
N LEU B 71 27.99 -3.13 -7.35
N LEU B 71 -24.20 -5.59 -17.49
N LEU B 71 -6.59 -11.02 -12.73
N LEU B 71 -7.16 22.11 20.09
CA LEU B 71 28.36 -4.35 -8.08
CA LEU B 71 -24.80 -6.80 -18.10
CA LEU B 71 -7.63 -12.07 -12.69
CA LEU B 71 -8.30 22.29 21.03
C LEU B 71 29.86 -4.40 -8.27
C LEU B 71 -24.86 -6.64 -19.59
C LEU B 71 -7.42 -13.06 -13.80
C LEU B 71 -9.19 23.39 20.53
N MET A 1 6.38 18.40 -20.67
CA MET A 1 5.74 19.56 -20.05
C MET A 1 6.28 19.67 -18.60
N GLN A 2 6.34 20.88 -18.14
CA GLN A 2 6.81 21.11 -16.74
C GLN A 2 5.61 21.10 -15.81
N ILE A 3 5.80 20.45 -14.66
CA ILE A 3 4.77 20.47 -13.61
C ILE A 3 5.53 20.83 -12.30
N PHE A 4 4.75 21.23 -11.33
CA PHE A 4 5.40 21.59 -10.01
C PHE A 4 4.91 20.64 -8.96
N VAL A 5 5.74 20.16 -8.03
CA VAL A 5 5.27 19.32 -6.95
C VAL A 5 5.58 20.10 -5.65
N LYS A 6 4.57 20.50 -4.95
CA LYS A 6 4.78 21.30 -3.70
C LYS A 6 4.77 20.35 -2.53
N THR A 7 5.82 20.41 -1.68
CA THR A 7 5.88 19.52 -0.51
C THR A 7 5.42 20.27 0.74
N LEU A 8 5.24 19.58 1.84
CA LEU A 8 4.74 20.24 3.07
C LEU A 8 5.81 21.08 3.74
N THR A 9 7.06 21.03 3.24
CA THR A 9 8.08 21.90 3.94
C THR A 9 8.35 23.16 3.18
N GLY A 10 7.52 23.50 2.24
CA GLY A 10 7.67 24.69 1.43
C GLY A 10 8.68 24.63 0.33
N LYS A 11 9.10 23.43 0.00
CA LYS A 11 10.01 23.21 -1.12
C LYS A 11 9.11 22.84 -2.31
N THR A 12 9.42 23.38 -3.48
CA THR A 12 8.62 22.98 -4.66
C THR A 12 9.61 22.35 -5.64
N ILE A 13 9.25 21.19 -6.17
CA ILE A 13 10.23 20.60 -7.13
C ILE A 13 9.65 20.67 -8.52
N THR A 14 10.47 20.94 -9.51
CA THR A 14 9.89 20.97 -10.89
C THR A 14 10.25 19.66 -11.57
N LEU A 15 9.33 19.09 -12.33
CA LEU A 15 9.58 17.83 -13.01
C LEU A 15 9.25 18.02 -14.49
N GLU A 16 9.89 17.22 -15.31
CA GLU A 16 9.51 17.26 -16.76
C GLU A 16 8.85 15.92 -17.00
N VAL A 17 7.60 16.03 -17.42
CA VAL A 17 6.77 14.86 -17.67
C VAL A 17 5.93 15.04 -18.95
N GLU A 18 5.32 13.93 -19.31
CA GLU A 18 4.37 13.84 -20.41
C GLU A 18 3.06 13.38 -19.82
N PRO A 19 1.95 13.87 -20.34
CA PRO A 19 0.61 13.47 -19.90
C PRO A 19 0.43 11.98 -19.97
N SER A 20 1.19 11.31 -20.81
CA SER A 20 1.03 9.85 -20.98
C SER A 20 1.72 9.11 -19.87
N ASP A 21 2.49 9.83 -19.05
CA ASP A 21 3.19 9.10 -17.96
C ASP A 21 2.21 8.63 -16.92
N THR A 22 2.51 7.52 -16.30
CA THR A 22 1.71 6.99 -15.21
C THR A 22 2.16 7.68 -13.91
N ILE A 23 1.25 7.61 -12.94
CA ILE A 23 1.52 8.13 -11.60
C ILE A 23 2.72 7.40 -10.98
N GLU A 24 2.80 6.12 -11.24
CA GLU A 24 3.98 5.32 -10.73
C GLU A 24 5.27 5.90 -11.23
N CYS A 25 5.30 6.34 -12.52
CA CYS A 25 6.50 6.91 -13.13
C CYS A 25 6.85 8.24 -12.50
N VAL A 26 5.82 9.05 -12.28
CA VAL A 26 6.04 10.34 -11.65
C VAL A 26 6.71 10.15 -10.29
N LYS A 27 6.18 9.20 -9.52
CA LYS A 27 6.74 8.92 -8.19
C LYS A 27 8.19 8.48 -8.29
N ALA A 28 8.54 7.70 -9.30
CA ALA A 28 9.92 7.29 -9.53
C ALA A 28 10.80 8.47 -9.89
N LYS A 29 10.31 9.43 -10.66
CA LYS A 29 11.09 10.64 -10.97
C LYS A 29 11.35 11.47 -9.69
N ILE A 30 10.35 11.49 -8.81
CA ILE A 30 10.50 12.25 -7.55
C ILE A 30 11.53 11.50 -6.70
N GLN A 31 11.49 10.19 -6.69
CA GLN A 31 12.50 9.45 -5.86
C GLN A 31 13.90 9.76 -6.40
N ASP A 32 14.01 9.63 -7.70
CA ASP A 32 15.30 9.91 -8.37
C ASP A 32 15.83 11.29 -8.03
N LYS A 33 14.94 12.30 -7.98
CA LYS A 33 15.50 13.66 -7.74
C LYS A 33 15.53 14.13 -6.33
N GLU A 34 14.74 13.67 -5.41
CA GLU A 34 14.73 14.09 -4.02
C GLU A 34 14.92 12.96 -3.04
N GLY A 35 14.94 11.73 -3.52
CA GLY A 35 15.18 10.58 -2.69
C GLY A 35 14.07 10.02 -1.89
N ILE A 36 12.84 10.55 -2.06
CA ILE A 36 11.72 10.01 -1.29
C ILE A 36 11.20 8.72 -1.91
N PRO A 37 11.15 7.65 -1.13
CA PRO A 37 10.64 6.34 -1.58
C PRO A 37 9.21 6.46 -2.09
N PRO A 38 8.88 5.84 -3.19
CA PRO A 38 7.51 5.95 -3.73
C PRO A 38 6.45 5.52 -2.76
N ASP A 39 6.74 4.57 -1.90
CA ASP A 39 5.72 4.05 -0.95
C ASP A 39 5.34 5.08 0.11
N GLN A 40 6.16 6.11 0.23
CA GLN A 40 5.83 7.18 1.22
C GLN A 40 5.08 8.36 0.58
N GLN A 41 5.02 8.40 -0.74
CA GLN A 41 4.40 9.48 -1.46
C GLN A 41 2.90 9.36 -1.66
N ARG A 42 2.21 10.46 -1.32
CA ARG A 42 0.75 10.57 -1.60
C ARG A 42 0.62 11.80 -2.48
N LEU A 43 0.18 11.67 -3.73
CA LEU A 43 0.09 12.84 -4.63
C LEU A 43 -1.35 13.30 -4.76
N ILE A 44 -1.57 14.59 -4.57
CA ILE A 44 -2.91 15.19 -4.61
C ILE A 44 -3.02 16.28 -5.66
N PHE A 45 -4.11 16.19 -6.46
CA PHE A 45 -4.39 17.20 -7.50
C PHE A 45 -5.92 17.33 -7.53
N ALA A 46 -6.32 18.58 -7.46
CA ALA A 46 -7.74 18.98 -7.52
C ALA A 46 -8.59 18.14 -6.58
N GLY A 47 -8.08 17.99 -5.40
CA GLY A 47 -8.62 17.24 -4.29
C GLY A 47 -8.80 15.76 -4.47
N CYS A 48 -8.13 15.15 -5.41
CA CYS A 48 -8.12 13.71 -5.63
C CYS A 48 -6.78 13.12 -5.25
N GLN A 49 -6.74 11.97 -4.70
CA GLN A 49 -5.43 11.30 -4.47
C GLN A 49 -5.16 10.55 -5.77
N LEU A 50 -3.98 10.72 -6.33
CA LEU A 50 -3.65 10.11 -7.64
C LEU A 50 -3.29 8.65 -7.46
N GLU A 51 -3.77 7.80 -8.37
CA GLU A 51 -3.53 6.34 -8.25
C GLU A 51 -2.42 5.92 -9.18
N ASP A 52 -1.53 5.06 -8.79
CA ASP A 52 -0.35 4.62 -9.54
C ASP A 52 -0.48 4.20 -10.99
N GLY A 53 -1.50 3.45 -11.32
CA GLY A 53 -1.74 2.91 -12.67
C GLY A 53 -2.40 3.82 -13.65
N ARG A 54 -2.89 4.98 -13.21
CA ARG A 54 -3.49 5.96 -14.13
C ARG A 54 -2.37 6.83 -14.68
N THR A 55 -2.66 7.57 -15.72
CA THR A 55 -1.72 8.53 -16.36
C THR A 55 -2.16 9.94 -15.93
N LEU A 56 -1.27 10.90 -16.12
CA LEU A 56 -1.55 12.31 -15.83
C LEU A 56 -2.72 12.75 -16.70
N SER A 57 -2.80 12.25 -17.95
CA SER A 57 -3.93 12.69 -18.80
C SER A 57 -5.26 12.26 -18.24
N ASP A 58 -5.29 11.15 -17.53
CA ASP A 58 -6.56 10.64 -16.93
C ASP A 58 -7.20 11.71 -16.05
N TYR A 59 -6.37 12.41 -15.33
CA TYR A 59 -6.76 13.49 -14.42
C TYR A 59 -6.79 14.84 -15.09
N ASN A 60 -6.55 14.98 -16.38
CA ASN A 60 -6.58 16.32 -16.99
C ASN A 60 -5.58 17.25 -16.32
N ILE A 61 -4.36 16.77 -16.10
CA ILE A 61 -3.28 17.62 -15.54
C ILE A 61 -2.59 18.28 -16.73
N GLN A 62 -2.64 19.57 -16.85
CA GLN A 62 -2.07 20.32 -18.00
C GLN A 62 -0.74 20.97 -17.58
N LYS A 63 0.04 21.51 -18.58
CA LYS A 63 1.33 22.10 -18.24
C LYS A 63 1.17 23.16 -17.17
N GLU A 64 2.22 23.18 -16.36
CA GLU A 64 2.37 24.09 -15.26
C GLU A 64 1.44 23.96 -14.10
N SER A 65 0.81 22.79 -14.03
CA SER A 65 -0.07 22.42 -12.91
C SER A 65 0.84 22.18 -11.68
N THR A 66 0.25 22.25 -10.50
CA THR A 66 0.96 21.97 -9.25
C THR A 66 0.29 20.77 -8.56
N LEU A 67 1.06 19.74 -8.22
CA LEU A 67 0.49 18.62 -7.46
C LEU A 67 0.98 18.81 -6.00
N HIS A 68 0.26 18.31 -5.06
CA HIS A 68 0.72 18.43 -3.66
C HIS A 68 1.24 17.05 -3.26
N LEU A 69 2.38 17.02 -2.60
CA LEU A 69 2.96 15.77 -2.10
C LEU A 69 2.83 15.67 -0.60
N VAL A 70 2.10 14.73 -0.09
CA VAL A 70 2.03 14.52 1.38
C VAL A 70 2.81 13.21 1.60
N LEU A 71 3.60 13.15 2.65
CA LEU A 71 4.36 11.93 2.95
C LEU A 71 3.61 11.09 3.95
N ARG A 72 3.52 9.80 3.72
N ARG A 72 3.62 9.78 3.74
N ARG A 72 3.57 9.77 3.71
N ARG A 72 3.55 9.79 3.76
CA ARG A 72 2.78 8.92 4.64
CA ARG A 72 2.99 8.81 4.66
CA ARG A 72 2.91 8.77 4.57
CA ARG A 72 2.84 8.91 4.71
C ARG A 72 3.74 8.63 5.79
C ARG A 72 1.51 8.79 4.27
C ARG A 72 1.94 9.56 5.45
C ARG A 72 3.81 7.77 5.02
N LEU A 73 4.85 7.99 5.59
N LEU A 73 0.61 8.44 5.12
N LEU A 73 0.71 9.70 5.10
N LEU A 73 3.67 7.05 6.08
CA LEU A 73 5.76 7.71 6.71
CA LEU A 73 -0.82 8.40 4.72
CA LEU A 73 -0.22 10.48 5.96
CA LEU A 73 4.63 5.95 6.37
C LEU A 73 5.04 6.89 7.78
C LEU A 73 -1.02 7.43 3.57
C LEU A 73 -0.26 9.87 7.35
C LEU A 73 6.03 6.51 6.46
N ARG A 74 3.95 6.29 7.34
N ARG A 74 -1.33 6.20 3.95
N ARG A 74 -0.50 8.58 7.37
N ARG A 74 6.79 5.90 7.37
CA ARG A 74 3.10 5.46 8.21
CA ARG A 74 -1.54 5.12 2.98
CA ARG A 74 -0.59 7.81 8.62
CA ARG A 74 8.19 6.30 7.63
C ARG A 74 2.61 4.25 7.43
C ARG A 74 -2.28 3.98 3.68
C ARG A 74 -0.84 6.34 8.28
C ARG A 74 9.00 5.05 7.95
N GLY A 75 2.12 3.27 8.17
N GLY A 75 -3.03 3.22 2.88
N GLY A 75 -0.41 5.48 9.19
N GLY A 75 8.37 4.16 8.71
CA GLY A 75 1.61 2.02 7.61
CA GLY A 75 -3.82 2.09 3.36
CA GLY A 75 -0.54 4.04 9.05
CA GLY A 75 8.96 2.91 9.15
C GLY A 75 2.02 0.77 8.37
C GLY A 75 -4.21 1.09 2.30
C GLY A 75 -0.05 3.23 10.25
C GLY A 75 8.14 2.11 10.14
N GLY A 76 2.76 1.02 9.43
N GLY A 76 -4.88 0.05 2.76
N GLY A 76 -0.38 1.96 10.20
N GLY A 76 8.72 1.00 10.54
CA GLY A 76 3.28 -0.02 10.34
CA GLY A 76 -5.39 -1.04 1.93
CA GLY A 76 -0.03 0.96 11.22
CA GLY A 76 8.14 0.05 11.51
C GLY A 76 4.77 -0.24 10.03
C GLY A 76 -6.39 -1.86 2.78
C GLY A 76 0.91 -0.08 10.57
C GLY A 76 6.69 -0.24 11.09
N MET B 1 8.29 -6.37 7.18
N MET B 1 -12.00 -12.42 1.28
N MET B 1 -1.17 -6.44 9.38
N MET B 1 -1.14 -1.21 19.51
CA MET B 1 8.60 -4.92 7.14
CA MET B 1 -12.14 -10.95 1.36
CA MET B 1 -0.50 -5.40 8.59
CA MET B 1 -0.01 -0.60 18.81
C MET B 1 9.28 -4.66 5.77
C MET B 1 -13.48 -10.59 0.66
C MET B 1 -1.43 -5.08 7.39
C MET B 1 0.27 0.75 19.51
N GLN B 2 9.07 -3.47 5.29
N GLN B 2 -14.06 -9.53 1.14
N GLN B 2 -1.35 -3.86 6.95
N GLN B 2 1.53 1.12 19.48
CA GLN B 2 9.71 -3.09 4.00
CA GLN B 2 -15.34 -9.06 0.52
CA GLN B 2 -2.17 -3.46 5.78
CA GLN B 2 1.92 2.42 20.10
C GLN B 2 11.05 -2.44 4.29
C GLN B 2 -15.01 -8.07 -0.59
C GLN B 2 -1.35 -3.66 4.51
C GLN B 2 1.85 3.51 19.04
N ILE B 3 12.04 -2.80 3.48
N ILE B 3 -15.72 -8.19 -1.69
N ILE B 3 -2.02 -4.19 3.49
N ILE B 3 1.32 4.65 19.44
CA ILE B 3 13.36 -2.14 3.55
CA ILE B 3 -15.61 -7.20 -2.79
CA ILE B 3 -1.38 -4.32 2.16
CA ILE B 3 1.32 5.84 18.56
C ILE B 3 13.73 -1.77 2.09
C ILE B 3 -17.08 -6.82 -3.15
C ILE B 3 -2.42 -3.73 1.15
C ILE B 3 1.86 7.01 19.43
N PHE B 4 14.68 -0.87 2.00
N PHE B 4 -17.17 -5.71 -3.85
N PHE B 4 -1.89 -3.44 -0.01
N PHE B 4 2.26 8.05 18.72
CA PHE B 4 15.12 -0.46 0.62
CA PHE B 4 -18.55 -5.27 -4.27
CA PHE B 4 -2.81 -2.86 -1.07
CA PHE B 4 2.80 9.24 19.48
C PHE B 4 16.55 -0.87 0.41
C PHE B 4 -18.64 -5.29 -5.76
C PHE B 4 -2.90 -3.83 -2.22
C PHE B 4 1.89 10.41 19.26
N VAL B 5 16.95 -1.36 -0.75
N VAL B 5 -19.75 -5.73 -6.38
N VAL B 5 -4.05 -4.07 -2.83
N VAL B 5 1.58 11.25 20.23
CA VAL B 5 18.35 -1.69 -1.01
CA VAL B 5 -19.89 -5.68 -7.81
CA VAL B 5 -4.14 -4.92 -4.00
CA VAL B 5 0.77 12.44 20.01
C VAL B 5 18.78 -0.76 -2.18
C VAL B 5 -21.09 -4.74 -8.08
C VAL B 5 -4.65 -4.02 -5.14
C VAL B 5 1.69 13.63 20.39
N LYS B 6 19.67 0.13 -1.93
N LYS B 6 -20.85 -3.63 -8.69
N LYS B 6 -3.84 -3.80 -6.13
N LYS B 6 2.04 14.43 19.43
CA LYS B 6 20.11 1.09 -2.99
CA LYS B 6 -21.96 -2.65 -8.95
CA LYS B 6 -4.24 -2.90 -7.26
CA LYS B 6 2.95 15.59 19.70
C LYS B 6 21.35 0.54 -3.64
C LYS B 6 -22.47 -2.89 -10.34
C LYS B 6 -4.80 -3.75 -8.36
C LYS B 6 2.11 16.80 19.95
N THR B 7 21.35 0.43 -4.98
N THR B 7 -23.81 -3.06 -10.47
N THR B 7 -6.02 -3.42 -8.85
N THR B 7 2.35 17.51 21.08
CA THR B 7 22.53 -0.11 -5.68
CA THR B 7 -24.39 -3.30 -11.81
CA THR B 7 -6.63 -4.21 -9.92
CA THR B 7 1.56 18.71 21.39
C THR B 7 23.36 1.05 -6.24
C THR B 7 -24.98 -1.99 -12.34
C THR B 7 -6.42 -3.48 -11.26
C THR B 7 2.37 19.95 21.01
N LEU B 8 24.55 0.78 -6.73
N LEU B 8 -25.37 -1.96 -13.59
N LEU B 8 -6.73 -4.14 -12.37
N LEU B 8 1.76 21.12 21.04
CA LEU B 8 25.43 1.85 -7.24
CA LEU B 8 -25.91 -0.73 -14.20
CA LEU B 8 -6.51 -3.52 -13.69
CA LEU B 8 2.45 22.35 20.64
C LEU B 8 24.96 2.40 -8.57
C LEU B 8 -27.31 -0.40 -13.71
C LEU B 8 -7.51 -2.43 -14.00
C LEU B 8 3.46 22.81 21.66
N THR B 9 23.93 1.78 -9.18
N THR B 9 -27.93 -1.31 -12.93
N THR B 9 -8.53 -2.24 -13.14
N THR B 9 3.50 22.16 22.83
CA THR B 9 23.50 2.36 -10.50
CA THR B 9 -29.31 -0.93 -12.47
CA THR B 9 -9.50 -1.15 -13.48
CA THR B 9 4.53 22.65 23.83
C THR B 9 22.27 3.21 -10.37
C THR B 9 -29.32 -0.44 -11.05
C THR B 9 -9.25 0.10 -12.69
C THR B 9 5.74 21.79 23.86
N GLY B 10 21.91 3.57 -9.18
N GLY B 10 -28.18 -0.12 -10.51
N GLY B 10 -8.11 0.19 -12.06
N GLY B 10 5.91 20.94 22.89
CA GLY B 10 20.75 4.39 -8.90
CA GLY B 10 -28.03 0.37 -9.17
CA GLY B 10 -7.74 1.34 -11.26
CA GLY B 10 7.04 20.04 22.79
C GLY B 10 19.43 3.69 -8.94
C GLY B 10 -28.11 -0.66 -8.08
C GLY B 10 -8.37 1.42 -9.89
C GLY B 10 7.00 18.83 23.67
N LYS B 11 19.46 2.38 -8.89
N LYS B 11 -27.95 -1.90 -8.45
N LYS B 11 -8.91 0.33 -9.44
N LYS B 11 5.83 18.52 24.17
CA LYS B 11 18.25 1.58 -8.82
CA LYS B 11 -27.90 -3.00 -7.49
CA LYS B 11 -9.45 0.23 -8.09
CA LYS B 11 5.61 17.31 24.96
C LYS B 11 18.05 1.27 -7.31
C LYS B 11 -26.40 -3.27 -7.26
C LYS B 11 -8.33 -0.39 -7.23
C LYS B 11 5.05 16.27 23.95
N THR B 12 16.81 1.35 -6.86
N THR B 12 -26.02 -3.49 -6.02
N THR B 12 -8.14 0.13 -6.03
N THR B 12 5.52 15.04 24.06
CA THR B 12 16.58 0.98 -5.45
CA THR B 12 -24.61 -3.83 -5.77
CA THR B 12 -7.14 -0.50 -5.16
CA THR B 12 4.95 14.01 23.17
C THR B 12 15.59 -0.19 -5.47
C THR B 12 -24.61 -5.23 -5.14
C THR B 12 -7.89 -0.97 -3.91
C THR B 12 4.35 12.95 24.10
N ILE B 13 15.91 -1.24 -4.72
N ILE B 13 -23.77 -6.11 -5.66
N ILE B 13 -7.65 -2.21 -3.52
N ILE B 13 3.11 12.56 23.81
CA ILE B 13 14.92 -2.37 -4.77
CA ILE B 13 -23.78 -7.45 -5.01
CA ILE B 13 -8.39 -2.64 -2.29
CA ILE B 13 2.55 11.51 24.73
C ILE B 13 14.22 -2.44 -3.43
C ILE B 13 -22.50 -7.65 -4.25
C ILE B 13 -7.41 -2.78 -1.16
C ILE B 13 2.45 10.22 23.98
N THR B 14 12.94 -2.74 -3.44
N THR B 14 -22.56 -8.28 -3.09
N THR B 14 -7.81 -2.40 0.05
N THR B 14 2.73 9.10 24.62
CA THR B 14 12.27 -2.85 -2.11
CA THR B 14 -21.26 -8.49 -2.37
CA THR B 14 -6.85 -2.59 1.17
CA THR B 14 2.58 7.82 23.88
C THR B 14 12.12 -4.32 -1.78
C THR B 14 -20.83 -9.92 -2.59
C THR B 14 -7.25 -3.82 1.94
C THR B 14 1.27 7.19 24.30
N LEU B 15 12.34 -4.70 -0.53
N LEU B 15 -19.56 -10.17 -2.80
N LEU B 15 -6.30 -4.63 2.37
N LEU B 15 0.54 6.60 23.37
CA LEU B 15 12.24 -6.09 -0.13
CA LEU B 15 -19.05 -11.50 -3.04
CA LEU B 15 -6.60 -5.84 3.11
CA LEU B 15 -0.74 5.98 23.67
C LEU B 15 11.28 -6.18 1.07
C LEU B 15 -17.93 -11.78 -2.04
C LEU B 15 -5.80 -5.81 4.43
C LEU B 15 -0.71 4.54 23.15
N GLU B 16 10.68 -7.33 1.21
N GLU B 16 -17.73 -13.04 -1.75
N GLU B 16 -6.31 -6.51 5.40
N GLU B 16 -1.50 3.70 23.77
CA GLU B 16 9.83 -7.52 2.44
CA GLU B 16 -16.55 -13.38 -0.89
CA GLU B 16 -5.50 -6.63 6.65
CA GLU B 16 -1.61 2.31 23.20
C GLU B 16 10.58 -8.55 3.24
C GLU B 16 -15.62 -14.12 -1.83
C GLU B 16 -5.12 -8.09 6.69
C GLU B 16 -3.03 2.25 22.68
N VAL B 17 10.93 -8.10 4.45
N VAL B 17 -14.44 -13.54 -1.95
N VAL B 17 -3.81 -8.28 6.70
N VAL B 17 -3.09 1.99 21.39
CA VAL B 17 11.70 -8.92 5.37
CA VAL B 17 -13.41 -14.06 -2.83
CA VAL B 17 -3.21 -9.61 6.69
CA VAL B 17 -4.36 1.93 20.66
C VAL B 17 11.18 -8.78 6.81
C VAL B 17 -12.02 -13.99 -2.18
C VAL B 17 -2.01 -9.70 7.64
C VAL B 17 -4.38 0.77 19.66
N GLU B 18 11.73 -9.65 7.62
N GLU B 18 -11.11 -14.63 -2.87
N GLU B 18 -1.58 -10.93 7.79
N GLU B 18 -5.58 0.58 19.15
CA GLU B 18 11.50 -9.67 9.07
CA GLU B 18 -9.68 -14.63 -2.53
CA GLU B 18 -0.39 -11.29 8.56
CA GLU B 18 -5.85 -0.39 18.09
C GLU B 18 12.85 -9.46 9.73
C GLU B 18 -8.96 -14.03 -3.74
C GLU B 18 0.55 -11.98 7.58
C GLU B 18 -6.40 0.41 16.91
N PRO B 19 12.88 -8.75 10.84
N PRO B 19 -7.89 -13.28 -3.48
N PRO B 19 1.84 -11.76 7.73
N PRO B 19 -6.07 -0.01 15.70
CA PRO B 19 14.11 -8.52 11.60
CA PRO B 19 -7.08 -12.69 -4.54
CA PRO B 19 2.85 -12.41 6.90
CA PRO B 19 -6.58 0.64 14.49
C PRO B 19 14.81 -9.81 11.96
C PRO B 19 -6.59 -13.72 -5.52
C PRO B 19 2.73 -13.91 6.91
C PRO B 19 -8.08 0.70 14.47
N SER B 20 14.06 -10.90 12.03
N SER B 20 -6.49 -14.96 -5.08
N SER B 20 2.13 -14.45 7.96
N SER B 20 -8.73 -0.19 15.19
CA SER B 20 14.64 -12.18 12.42
CA SER B 20 -5.96 -16.02 -5.95
CA SER B 20 2.02 -15.91 8.08
CA SER B 20 -10.20 -0.24 15.18
C SER B 20 15.37 -12.83 11.26
C SER B 20 -7.01 -16.51 -6.91
C SER B 20 0.86 -16.43 7.24
C SER B 20 -10.78 0.82 16.08
N ASP B 21 15.22 -12.25 10.07
N ASP B 21 -8.26 -16.06 -6.72
N ASP B 21 0.06 -15.51 6.69
N ASP B 21 -9.91 1.48 16.86
CA ASP B 21 15.92 -12.88 8.91
CA ASP B 21 -9.32 -16.56 -7.64
CA ASP B 21 -1.09 -16.00 5.90
CA ASP B 21 -10.47 2.51 17.78
C ASP B 21 17.40 -12.69 9.03
C ASP B 21 -9.12 -15.96 -9.01
C ASP B 21 -0.60 -16.60 4.60
C ASP B 21 -10.95 3.70 16.99
N THR B 22 18.16 -13.65 8.54
N THR B 22 -9.50 -16.70 -10.03
N THR B 22 -1.31 -17.60 4.11
N THR B 22 -11.99 4.35 17.49
CA THR B 22 19.60 -13.56 8.49
CA THR B 22 -9.46 -16.24 -11.39
CA THR B 22 -1.02 -18.21 2.83
CA THR B 22 -12.49 5.57 16.90
C THR B 22 19.99 -12.76 7.23
C THR B 22 -10.75 -15.43 -11.67
C THR B 22 -1.68 -17.35 1.72
C THR B 22 -11.64 6.75 17.42
N ILE B 23 21.23 -12.26 7.29
N ILE B 23 -10.65 -14.62 -12.72
N ILE B 23 -1.14 -17.57 0.52
N ILE B 23 -11.74 7.84 16.65
CA ILE B 23 21.81 -11.56 6.15
CA ILE B 23 -11.80 -13.85 -13.18
CA ILE B 23 -1.70 -16.92 -0.66
CA ILE B 23 -11.09 9.09 17.04
C ILE B 23 21.91 -12.49 4.94
C ILE B 23 -12.93 -14.79 -13.62
C ILE B 23 -3.15 -17.35 -0.87
C ILE B 23 -11.64 9.59 18.37
N GLU B 24 22.22 -13.75 5.19
N GLU B 24 -12.57 -15.90 -14.22
N GLU B 24 -3.44 -18.59 -0.59
N GLU B 24 -12.93 9.41 18.57
CA GLU B 24 22.27 -14.74 4.08
CA GLU B 24 -13.59 -16.91 -14.63
CA GLU B 24 -4.85 -19.09 -0.70
CA GLU B 24 -13.55 9.82 19.88
C GLU B 24 20.94 -14.82 3.36
C GLU B 24 -14.39 -17.37 -13.42
C GLU B 24 -5.77 -18.28 0.17
C GLU B 24 -12.87 9.11 21.03
N ASN B 25 19.86 -14.76 4.11
N ASN B 25 -13.71 -17.56 -12.30
N ASN B 25 -5.31 -17.95 1.36
N ASN B 25 -12.56 7.84 20.84
CA ASN B 25 18.48 -14.82 3.59
CA ASN B 25 -14.31 -18.02 -11.04
CA ASN B 25 -6.07 -17.16 2.35
CA ASN B 25 -11.90 6.99 21.85
C ASN B 25 18.16 -13.60 2.73
C ASN B 25 -15.28 -16.99 -10.48
C ASN B 25 -6.33 -15.74 1.87
C ASN B 25 -10.49 7.47 22.15
N VAL B 26 18.55 -12.45 3.25
N VAL B 26 -14.82 -15.74 -10.51
N VAL B 26 -5.28 -15.16 1.31
N VAL B 26 -9.78 7.79 21.08
CA VAL B 26 18.35 -11.20 2.54
CA VAL B 26 -15.64 -14.64 -10.04
CA VAL B 26 -5.37 -13.80 0.77
CA VAL B 26 -8.42 8.30 21.21
C VAL B 26 19.03 -11.27 1.17
C VAL B 26 -16.95 -14.61 -10.83
C VAL B 26 -6.45 -13.77 -0.31
C VAL B 26 -8.43 9.56 22.06
N LYS B 27 20.27 -11.75 1.18
N LYS B 27 -16.83 -14.72 -12.15
N LYS B 27 -6.41 -14.76 -1.20
N LYS B 27 -9.37 10.46 21.75
CA LYS B 27 21.04 -11.87 -0.07
CA LYS B 27 -18.02 -14.71 -13.02
CA LYS B 27 -7.40 -14.84 -2.28
CA LYS B 27 -9.47 11.72 22.50
C LYS B 27 20.35 -12.81 -1.05
C LYS B 27 -18.95 -15.85 -12.67
C LYS B 27 -8.80 -14.97 -1.73
C LYS B 27 -9.76 11.45 23.97
N ALA B 28 19.76 -13.88 -0.55
N ALA B 28 -18.43 -17.01 -12.35
N ALA B 28 -8.98 -15.71 -0.66
N ALA B 28 -10.58 10.45 24.27
CA ALA B 28 19.00 -14.82 -1.40
CA ALA B 28 -19.24 -18.16 -11.94
CA ALA B 28 -10.29 -15.84 -0.01
CA ALA B 28 -10.87 10.08 25.66
C ALA B 28 17.76 -14.15 -1.97
C ALA B 28 -19.94 -17.89 -10.62
C ALA B 28 -10.74 -14.52 0.59
C ALA B 28 -9.63 9.53 26.35
N LYS B 29 17.07 -13.32 -1.21
N LYS B 29 -19.29 -17.22 -9.67
N LYS B 29 -9.84 -13.74 1.18
N LYS B 29 -8.80 8.77 25.66
CA LYS B 29 15.90 -12.58 -1.74
CA LYS B 29 -19.94 -16.85 -8.39
CA LYS B 29 -10.20 -12.41 1.70
CA LYS B 29 -7.53 8.27 26.25
C LYS B 29 16.32 -11.61 -2.86
C LYS B 29 -21.10 -15.87 -8.64
C LYS B 29 -10.65 -11.47 0.56
C LYS B 29 -6.58 9.45 26.56
N ILE B 30 17.50 -11.01 -2.69
N ILE B 30 -20.90 -14.97 -9.60
N ILE B 30 -9.99 -11.60 -0.59
N ILE B 30 -6.60 10.45 25.69
CA ILE B 30 17.99 -10.07 -3.71
CA ILE B 30 -21.96 -13.98 -9.90
CA ILE B 30 -10.35 -10.75 -1.74
CA ILE B 30 -5.72 11.62 25.90
C ILE B 30 18.36 -10.90 -4.94
C ILE B 30 -23.10 -14.75 -10.57
C ILE B 30 -11.72 -11.22 -2.22
C ILE B 30 -6.29 12.38 27.11
N GLN B 31 18.93 -12.06 -4.76
N GLN B 31 -22.80 -15.71 -11.42
N GLN B 31 -11.97 -12.51 -2.24
N GLN B 31 -7.59 12.49 27.23
CA GLN B 31 19.29 -12.87 -5.97
CA GLN B 31 -23.92 -16.46 -12.06
CA GLN B 31 -13.32 -12.95 -2.70
CA GLN B 31 -8.14 13.22 28.41
C GLN B 31 17.99 -13.24 -6.72
C GLN B 31 -24.72 -17.20 -10.97
C GLN B 31 -14.40 -12.40 -1.76
C GLN B 31 -7.73 12.48 29.69
N ASP B 32 17.05 -13.72 -5.94
N ASP B 32 -23.96 -17.88 -10.14
N ASP B 32 -14.13 -12.58 -0.49
N ASP B 32 -7.96 11.19 29.65
CA ASP B 32 15.73 -14.10 -6.49
CA ASP B 32 -24.57 -18.63 -9.02
CA ASP B 32 -15.06 -12.07 0.55
CA ASP B 32 -7.60 10.33 30.80
C ASP B 32 15.10 -12.97 -7.28
C ASP B 32 -25.48 -17.75 -8.18
C ASP B 32 -15.35 -10.60 0.38
C ASP B 32 -6.15 10.51 31.21
N LYS B 33 15.20 -11.72 -6.76
N LYS B 33 -25.05 -16.50 -7.90
N LYS B 33 -14.32 -9.80 0.05
N LYS B 33 -5.24 10.60 30.22
CA LYS B 33 14.49 -10.64 -7.50
CA LYS B 33 -25.91 -15.69 -6.99
CA LYS B 33 -14.61 -8.34 -0.02
CA LYS B 33 -3.81 10.68 30.65
C LYS B 33 15.28 -9.89 -8.50
C LYS B 33 -26.91 -14.80 -7.63
C LYS B 33 -14.97 -7.79 -1.35
C LYS B 33 -3.23 12.04 30.80
N GLU B 34 16.59 -9.77 -8.45
N GLU B 34 -26.79 -14.34 -8.85
N GLU B 34 -14.61 -8.34 -2.47
N GLU B 34 -3.70 13.09 30.18
CA GLU B 34 17.40 -9.05 -9.39
CA GLU B 34 -27.74 -13.48 -9.52
CA GLU B 34 -14.94 -7.85 -3.80
CA GLU B 34 -3.17 14.43 30.30
C GLU B 34 18.48 -9.88 -10.04
C GLU B 34 -28.25 -14.03 -10.83
C GLU B 34 -15.67 -8.85 -4.65
C GLU B 34 -4.18 15.45 30.73
N GLY B 35 18.65 -11.11 -9.60
N GLY B 35 -27.70 -15.15 -11.28
N GLY B 35 -15.80 -10.08 -4.19
N GLY B 35 -5.44 15.06 30.84
CA GLY B 35 19.60 -12.03 -10.18
CA GLY B 35 -28.15 -15.81 -12.48
CA GLY B 35 -16.54 -11.10 -4.89
CA GLY B 35 -6.49 15.92 31.31
C GLY B 35 21.01 -11.94 -9.79
C GLY B 35 -27.69 -15.31 -13.79
C GLY B 35 -15.87 -11.83 -5.99
C GLY B 35 -7.09 16.89 30.38
N ILE B 36 21.35 -11.05 -8.83
N ILE B 36 -26.77 -14.33 -13.80
N ILE B 36 -14.57 -11.58 -6.20
N ILE B 36 -6.72 16.85 29.09
CA ILE B 36 22.76 -10.95 -8.42
CA ILE B 36 -26.29 -13.82 -15.09
CA ILE B 36 -13.88 -12.30 -7.29
CA ILE B 36 -7.31 17.81 28.14
C ILE B 36 23.15 -12.08 -7.48
C ILE B 36 -25.25 -14.74 -15.68
C ILE B 36 -13.50 -13.70 -6.86
C ILE B 36 -8.69 17.34 27.71
N PRO B 37 24.19 -12.82 -7.83
N PRO B 37 -25.47 -15.20 -16.91
N PRO B 37 -13.92 -14.70 -7.61
N PRO B 37 -9.69 18.20 27.87
CA PRO B 37 24.71 -13.92 -6.99
CA PRO B 37 -24.53 -16.08 -17.63
CA PRO B 37 -13.60 -16.11 -7.34
CA PRO B 37 -11.07 17.91 27.46
C PRO B 37 25.06 -13.43 -5.61
C PRO B 37 -23.16 -15.42 -17.74
C PRO B 37 -12.10 -16.32 -7.30
C PRO B 37 -11.14 17.59 25.99
N PRO B 38 24.73 -14.15 -4.57
N PRO B 38 -22.10 -16.16 -17.53
N PRO B 38 -11.59 -17.08 -6.34
N PRO B 38 -11.90 16.58 25.60
CA PRO B 38 25.06 -13.69 -3.21
CA PRO B 38 -20.75 -15.56 -17.60
CA PRO B 38 -10.13 -17.30 -6.26
CA PRO B 38 -11.98 16.22 24.17
C PRO B 38 26.53 -13.46 -2.99
C PRO B 38 -20.47 -14.92 -18.94
C PRO B 38 -9.54 -17.89 -7.52
C PRO B 38 -12.43 17.36 23.28
N ASP B 39 27.38 -14.20 -3.65
N ASP B 39 -21.01 -15.44 -20.01
N ASP B 39 -10.28 -18.70 -8.22
N ASP B 39 -13.28 18.23 23.79
CA ASP B 39 28.85 -14.06 -3.44
CA ASP B 39 -20.72 -14.91 -21.36
CA ASP B 39 -9.75 -19.36 -9.45
CA ASP B 39 -13.82 19.34 22.97
C ASP B 39 29.37 -12.73 -3.97
C ASP B 39 -21.31 -13.52 -21.56
C ASP B 39 -9.49 -18.37 -10.57
C ASP B 39 -12.75 20.36 22.60
N GLN B 40 28.58 -12.06 -4.78
N GLN B 40 -22.23 -13.13 -20.69
N GLN B 40 -10.05 -17.18 -10.45
N GLN B 40 -11.62 20.32 23.30
CA GLN B 40 29.02 -10.75 -5.31
CA GLN B 40 -22.82 -11.77 -20.81
CA GLN B 40 -9.82 -16.15 -11.50
CA GLN B 40 -10.53 21.26 22.98
C GLN B 40 28.47 -9.57 -4.47
C GLN B 40 -22.11 -10.75 -19.91
C GLN B 40 -8.67 -15.19 -11.12
C GLN B 40 -9.49 20.64 22.03
N GLN B 41 27.55 -9.84 -3.57
N GLN B 41 -21.24 -11.21 -19.02
N GLN B 41 -8.20 -15.24 -9.89
N GLN B 41 -9.56 19.35 21.79
CA GLN B 41 26.91 -8.84 -2.75
CA GLN B 41 -20.55 -10.35 -18.07
CA GLN B 41 -7.16 -14.37 -9.40
CA GLN B 41 -8.62 18.63 20.96
C GLN B 41 27.66 -8.45 -1.50
C GLN B 41 -19.28 -9.71 -18.60
C GLN B 41 -5.74 -14.81 -9.69
C GLN B 41 -8.91 18.65 19.48
N ARG B 42 27.82 -7.13 -1.33
N ARG B 42 -19.20 -8.40 -18.39
N ARG B 42 -4.97 -13.86 -10.24
N ARG B 42 -7.87 19.01 18.73
CA ARG B 42 28.38 -6.57 -0.06
CA ARG B 42 -17.95 -7.64 -18.68
CA ARG B 42 -3.50 -14.08 -10.43
CA ARG B 42 -7.93 18.91 17.23
C ARG B 42 27.31 -5.64 0.46
C ARG B 42 -17.56 -7.01 -17.36
C ARG B 42 -2.85 -12.97 -9.65
C ARG B 42 -6.80 17.98 16.86
N LEU B 43 26.71 -5.91 1.61
N LEU B 43 -16.43 -7.36 -16.76
N LEU B 43 -2.09 -13.26 -8.59
N LEU B 43 -7.07 16.82 16.28
CA LEU B 43 25.61 -5.06 2.14
CA LEU B 43 -16.05 -6.79 -15.44
CA LEU B 43 -1.47 -12.19 -7.77
CA LEU B 43 -5.99 15.85 15.94
C LEU B 43 26.13 -4.15 3.25
C LEU B 43 -14.98 -5.73 -15.62
C LEU B 43 0.01 -12.06 -8.10
C LEU B 43 -5.71 15.89 14.45
N ILE B 44 25.84 -2.86 3.14
N ILE B 44 -15.20 -4.57 -15.01
N ILE B 44 0.44 -10.82 -8.36
N ILE B 44 -4.43 16.02 14.10
CA ILE B 44 26.31 -1.86 4.09
CA ILE B 44 -14.30 -3.43 -15.11
CA ILE B 44 1.82 -10.53 -8.75
CA ILE B 44 -3.99 16.12 12.72
C ILE B 44 25.15 -1.10 4.73
C ILE B 44 -13.80 -2.97 -13.75
C ILE B 44 2.48 -9.55 -7.80
C ILE B 44 -3.00 15.02 12.35
N PHE B 45 25.21 -1.00 6.08
N PHE B 45 -12.45 -2.78 -13.68
N PHE B 45 3.72 -9.92 -7.37
N PHE B 45 -3.27 14.38 11.19
CA PHE B 45 24.21 -0.25 6.84
CA PHE B 45 -11.80 -2.29 -12.45
CA PHE B 45 4.52 -9.06 -6.48
CA PHE B 45 -2.40 13.32 10.67
C PHE B 45 24.98 0.41 8.00
C PHE B 45 -10.66 -1.39 -12.93
C PHE B 45 5.97 -9.26 -6.93
C PHE B 45 -2.42 13.49 9.13
N ALA B 46 24.73 1.70 8.10
N ALA B 46 -10.67 -0.21 -12.33
N ALA B 46 6.59 -8.12 -7.13
N ALA B 46 -1.23 13.52 8.61
CA ALA B 46 25.29 2.55 9.16
CA ALA B 46 -9.65 0.82 -12.57
CA ALA B 46 8.02 -8.03 -7.52
CA ALA B 46 -0.98 13.62 7.16
C ALA B 46 26.80 2.33 9.29
C ALA B 46 -9.41 1.02 -14.06
C ALA B 46 8.33 -8.97 -8.67
C ALA B 46 -1.83 14.72 6.54
N GLY B 47 27.43 2.31 8.15
N GLY B 47 -10.49 1.11 -14.76
N GLY B 47 7.47 -8.94 -9.63
N GLY B 47 -1.83 15.84 7.20
CA GLY B 47 28.83 2.11 7.93
CA GLY B 47 -10.63 1.28 -16.19
CA GLY B 47 7.46 -9.71 -10.85
CA GLY B 47 -2.53 17.05 6.89
C GLY B 47 29.43 0.81 8.36
C GLY B 47 -10.05 0.21 -17.07
C GLY B 47 7.36 -11.21 -10.72
C GLY B 47 -4.04 17.00 6.86
N LYS B 48 28.63 -0.22 8.51
N LYS B 48 -9.88 -0.98 -16.56
N LYS B 48 6.88 -11.70 -9.62
N LYS B 48 -4.64 16.03 7.50
CA LYS B 48 29.12 -1.55 8.89
CA LYS B 48 -9.38 -2.11 -17.35
CA LYS B 48 6.68 -13.15 -9.41
CA LYS B 48 -6.10 15.91 7.57
C LYS B 48 28.83 -2.48 7.69
C LYS B 48 -10.51 -3.15 -17.41
C LYS B 48 5.17 -13.40 -9.29
C LYS B 48 -6.50 16.09 9.04
N GLN B 49 29.72 -3.41 7.41
N GLN B 49 -10.67 -3.82 -18.54
N GLN B 49 4.69 -14.48 -9.82
N GLN B 49 -7.60 16.75 9.30
CA GLN B 49 29.45 -4.42 6.36
CA GLN B 49 -11.65 -4.92 -18.62
CA GLN B 49 3.25 -14.85 -9.63
CA GLN B 49 -8.10 16.85 10.70
C GLN B 49 28.67 -5.51 7.08
C GLN B 49 -10.90 -6.13 -18.10
C GLN B 49 3.24 -15.59 -8.30
C GLN B 49 -8.91 15.57 10.89
N LEU B 50 27.55 -5.93 6.55
N LEU B 50 -11.46 -6.88 -17.19
N LEU B 50 2.36 -15.23 -7.41
N LEU B 50 -8.68 14.85 11.96
CA LEU B 50 26.68 -6.91 7.22
CA LEU B 50 -10.78 -8.02 -16.55
CA LEU B 50 2.32 -15.82 -6.06
CA LEU B 50 -9.34 13.56 12.19
C LEU B 50 27.23 -8.32 7.02
C LEU B 50 -10.85 -9.23 -17.47
C LEU B 50 1.62 -17.17 -6.10
C LEU B 50 -10.75 13.78 12.73
N GLU B 51 27.21 -9.14 8.06
N GLU B 51 -9.73 -9.97 -17.58
N GLU B 51 2.15 -18.16 -5.39
N GLU B 51 -11.72 13.01 12.25
CA GLU B 51 27.77 -10.50 7.96
CA GLU B 51 -9.71 -11.14 -18.49
CA GLU B 51 1.55 -19.51 -5.42
CA GLU B 51 -13.11 13.20 12.68
C GLU B 51 26.67 -11.50 7.80
C GLU B 51 -9.87 -12.41 -17.70
C GLU B 51 0.74 -19.74 -4.18
C GLU B 51 -13.49 12.16 13.70
N ASP B 52 26.82 -12.51 6.97
N ASP B 52 -10.61 -13.37 -18.18
N ASP B 52 -0.41 -20.38 -4.28
N ASP B 52 -14.23 12.49 14.74
CA ASP B 52 25.82 -13.51 6.63
CA ASP B 52 -10.93 -14.63 -17.50
CA ASP B 52 -1.36 -20.60 -3.19
CA ASP B 52 -14.59 11.62 15.84
C ASP B 52 25.02 -14.22 7.72
C ASP B 52 -9.84 -15.45 -16.84
C ASP B 52 -0.89 -21.14 -1.84
C ASP B 52 -15.14 10.23 15.58
N GLY B 53 25.68 -14.61 8.79
N GLY B 53 -8.70 -15.60 -17.49
N GLY B 53 0.00 -22.11 -1.84
N GLY B 53 -16.03 10.09 14.62
CA GLY B 53 25.07 -15.36 9.91
CA GLY B 53 -7.57 -16.42 -17.01
CA GLY B 53 0.51 -22.77 -0.63
CA GLY B 53 -16.71 8.82 14.28
C GLY B 53 24.35 -14.54 10.93
C GLY B 53 -6.66 -15.76 -16.02
C GLY B 53 1.62 -22.07 0.08
C GLY B 53 -15.95 7.88 13.41
N ARG B 54 24.45 -13.21 10.88
N ARG B 54 -6.80 -14.47 -15.76
N ARG B 54 2.19 -21.03 -0.49
N ARG B 54 -14.82 8.30 12.85
CA ARG B 54 23.71 -12.33 11.81
CA ARG B 54 -5.99 -13.77 -14.75
CA ARG B 54 3.25 -20.24 0.18
CA ARG B 54 -13.97 7.41 12.02
C ARG B 54 22.32 -12.09 11.23
C ARG B 54 -6.67 -13.95 -13.40
C ARG B 54 2.57 -19.19 1.05
C ARG B 54 -13.04 6.65 12.95
N THR B 55 21.42 -11.58 12.04
N THR B 55 -5.96 -13.65 -12.34
N THR B 55 3.32 -18.59 1.95
N THR B 55 -12.42 5.61 12.46
CA THR B 55 20.04 -11.24 11.63
CA THR B 55 -6.48 -13.70 -10.96
CA THR B 55 2.86 -17.51 2.83
CA THR B 55 -11.44 4.79 13.20
C THR B 55 20.00 -9.70 11.51
C THR B 55 -6.72 -12.24 -10.51
C THR B 55 3.43 -16.19 2.28
C THR B 55 -10.04 5.19 12.66
N LEU B 56 18.96 -9.20 10.86
N LEU B 56 -7.47 -12.09 -9.44
N LEU B 56 2.88 -15.09 2.73
N LEU B 56 -9.02 4.80 13.39
CA LEU B 56 18.72 -7.76 10.72
CA LEU B 56 -7.74 -10.77 -8.85
CA LEU B 56 3.37 -13.75 2.36
CA LEU B 56 -7.62 5.03 12.99
C LEU B 56 18.57 -7.15 12.11
C LEU B 56 -6.40 -10.16 -8.42
C LEU B 56 4.82 -13.61 2.82
C LEU B 56 -7.37 4.29 11.68
N SER B 57 17.92 -7.90 13.03
N SER B 57 -5.47 -10.99 -7.92
N SER B 57 5.15 -14.20 3.98
N SER B 57 -7.99 3.12 11.51
CA SER B 57 17.76 -7.31 14.38
CA SER B 57 -4.18 -10.39 -7.50
CA SER B 57 6.55 -14.06 4.43
CA SER B 57 -7.74 2.39 10.23
C SER B 57 19.08 -7.07 15.08
C SER B 57 -3.43 -9.77 -8.65
C SER B 57 7.53 -14.72 3.50
C SER B 57 -8.26 3.15 9.04
N ASP B 58 20.07 -7.89 14.77
N ASP B 58 -3.62 -10.31 -9.85
N ASP B 58 7.09 -15.77 2.82
N ASP B 58 -9.30 3.92 9.23
CA ASP B 58 21.42 -7.74 15.39
CA ASP B 58 -2.92 -9.76 -11.05
CA ASP B 58 7.97 -16.49 1.86
CA ASP B 58 -9.90 4.72 8.12
C ASP B 58 21.96 -6.32 15.16
C ASP B 58 -3.21 -8.27 -11.22
C ASP B 58 8.53 -15.54 0.81
C ASP B 58 -8.83 5.62 7.47
N TYR B 59 21.71 -5.82 13.99
N TYR B 59 -4.44 -7.92 -10.95
N TYR B 59 7.70 -14.63 0.38
N TYR B 59 -7.99 6.17 8.30
CA TYR B 59 22.13 -4.48 13.57
CA TYR B 59 -4.92 -6.54 -11.03
CA TYR B 59 8.02 -13.62 -0.61
CA TYR B 59 -6.89 7.04 7.89
C TYR B 59 21.09 -3.42 13.86
C TYR B 59 -4.79 -5.79 -9.72
C TYR B 59 8.53 -12.33 0.01
C TYR B 59 -5.60 6.29 7.64
N ASN B 60 19.97 -3.70 14.50
N ASN B 60 -4.18 -6.32 -8.68
N ASN B 60 8.75 -12.24 1.30
N ASN B 60 -5.55 4.97 7.69
CA ASN B 60 18.98 -2.63 14.76
CA ASN B 60 -4.07 -5.54 -7.43
CA ASN B 60 9.26 -10.96 1.86
CA ASN B 60 -4.27 4.28 7.43
C ASN B 60 18.51 -1.99 13.47
C ASN B 60 -5.44 -5.12 -6.91
C ASN B 60 8.32 -9.80 1.53
C ASN B 60 -3.19 4.75 8.40
N ILE B 61 18.21 -2.81 12.48
N ILE B 61 -6.38 -6.05 -6.91
N ILE B 61 7.04 -10.01 1.71
N ILE B 61 -3.52 4.84 9.67
CA ILE B 61 17.65 -2.29 11.19
CA ILE B 61 -7.73 -5.77 -6.34
CA ILE B 61 6.04 -8.91 1.50
CA ILE B 61 -2.52 5.19 10.71
C ILE B 61 16.14 -2.24 11.37
C ILE B 61 -7.65 -6.12 -4.85
C ILE B 61 5.91 -8.20 2.85
C ILE B 61 -1.88 3.88 11.16
N GLN B 62 15.53 -1.09 11.33
N GLN B 62 -7.82 -5.18 -3.97
N GLN B 62 6.28 -6.95 2.93
N GLN B 62 -0.62 3.69 10.95
CA GLN B 62 14.07 -0.92 11.57
CA GLN B 62 -7.70 -5.40 -2.50
CA GLN B 62 6.26 -6.17 4.21
CA GLN B 62 0.09 2.41 11.29
C GLN B 62 13.36 -0.71 10.23
C GLN B 62 -9.09 -5.45 -1.87
C GLN B 62 5.05 -5.23 4.22
C GLN B 62 0.91 2.61 12.57
N LYS B 63 12.03 -0.75 10.22
N LYS B 63 -9.17 -5.84 -0.60
N LYS B 63 4.76 -4.61 5.35
N LYS B 63 1.43 1.52 13.13
CA LYS B 63 11.25 -0.62 9.00
CA LYS B 63 -10.44 -6.01 0.08
CA LYS B 63 3.60 -3.76 5.51
CA LYS B 63 2.17 1.58 14.38
C LYS B 63 11.65 0.67 8.27
C LYS B 63 -11.23 -4.70 -0.02
C LYS B 63 3.64 -2.67 4.43
C LYS B 63 3.31 2.59 14.26
N GLU B 64 11.65 0.52 6.95
N GLU B 64 -12.55 -4.91 -0.17
N GLU B 64 2.42 -2.37 3.97
N GLU B 64 3.52 3.27 15.38
CA GLU B 64 11.97 1.56 6.00
CA GLU B 64 -13.55 -3.87 -0.28
CA GLU B 64 2.14 -1.39 2.95
CA GLU B 64 4.52 4.28 15.57
C GLU B 64 13.38 2.07 5.98
C GLU B 64 -13.53 -3.00 -1.50
C GLU B 64 2.63 -1.64 1.56
C GLU B 64 4.38 5.56 14.80
N SER B 65 14.28 1.27 6.53
N SER B 65 -12.86 -3.51 -2.53
N SER B 65 2.93 -2.91 1.30
N SER B 65 3.17 5.81 14.34
CA SER B 65 15.73 1.53 6.51
CA SER B 65 -12.81 -2.88 -3.86
CA SER B 65 3.31 -3.39 -0.03
CA SER B 65 2.80 7.04 13.65
C SER B 65 16.21 1.31 5.05
C SER B 65 -14.21 -3.04 -4.49
C SER B 65 2.05 -3.35 -0.92
C SER B 65 2.76 8.17 14.72
N THR B 66 17.35 1.86 4.72
N THR B 66 -14.52 -2.22 -5.47
N THR B 66 2.25 -3.34 -2.21
N THR B 66 2.85 9.39 14.29
CA THR B 66 17.97 1.67 3.40
CA THR B 66 -15.76 -2.31 -6.22
CA THR B 66 1.13 -3.39 -3.18
CA THR B 66 2.76 10.55 15.17
C THR B 66 19.34 1.02 3.60
C THR B 66 -15.43 -2.56 -7.69
C THR B 66 1.29 -4.65 -4.03
C THR B 66 1.56 11.41 14.73
N LEU B 67 19.59 -0.11 2.93
N LEU B 67 -16.01 -3.60 -8.29
N LEU B 67 0.25 -5.47 -4.11
N LEU B 67 0.64 11.72 15.65
CA LEU B 67 20.93 -0.72 2.98
CA LEU B 67 -15.82 -3.84 -9.73
CA LEU B 67 0.29 -6.64 -5.00
CA LEU B 67 -0.47 12.62 15.31
C LEU B 67 21.62 -0.35 1.66
C LEU B 67 -17.12 -3.37 -10.40
C LEU B 67 -0.55 -6.26 -6.23
C LEU B 67 -0.10 13.97 15.95
N HIS B 68 22.90 -0.32 1.64
N HIS B 68 -17.07 -3.00 -11.63
N HIS B 68 -0.29 -6.85 -7.35
N HIS B 68 -0.61 15.04 15.43
CA HIS B 68 23.60 -0.01 0.37
CA HIS B 68 -18.31 -2.59 -12.33
CA HIS B 68 -1.12 -6.55 -8.54
CA HIS B 68 -0.31 16.36 16.03
C HIS B 68 24.18 -1.35 -0.11
C HIS B 68 -18.65 -3.74 -13.27
C HIS B 68 -2.03 -7.76 -8.74
C HIS B 68 -1.59 16.77 16.76
N LEU B 69 24.03 -1.62 -1.41
N LEU B 69 -19.92 -4.12 -13.30
N LEU B 69 -3.30 -7.52 -9.01
N LEU B 69 -1.45 17.28 17.98
CA LEU B 69 24.60 -2.82 -2.01
CA LEU B 69 -20.41 -5.15 -14.22
CA LEU B 69 -4.25 -8.57 -9.30
CA LEU B 69 -2.59 17.78 18.74
C LEU B 69 25.78 -2.49 -2.87
C LEU B 69 -21.21 -4.57 -15.33
C LEU B 69 -4.61 -8.61 -10.76
C LEU B 69 -2.59 19.28 18.81
N VAL B 70 26.96 -2.94 -2.54
N VAL B 70 -20.78 -4.67 -16.55
N VAL B 70 -4.30 -9.65 -11.47
N VAL B 70 -3.55 19.95 18.27
CA VAL B 70 28.14 -2.73 -3.43
CA VAL B 70 -21.60 -4.20 -17.71
CA VAL B 70 -4.73 -9.78 -12.89
CA VAL B 70 -3.64 21.43 18.41
C VAL B 70 28.41 -4.13 -4.00
C VAL B 70 -22.05 -5.51 -18.38
C VAL B 70 -5.81 -10.87 -12.84
C VAL B 70 -4.83 21.62 19.36
N LEU B 71 28.76 -4.21 -5.26
N LEU B 71 -23.28 -5.55 -18.84
N LEU B 71 -6.87 -10.70 -13.59
N LEU B 71 -4.73 22.57 20.27
CA LEU B 71 29.07 -5.51 -5.89
CA LEU B 71 -23.79 -6.76 -19.52
CA LEU B 71 -7.94 -11.72 -13.63
CA LEU B 71 -5.84 22.85 21.20
C LEU B 71 30.55 -5.74 -5.88
C LEU B 71 -23.67 -6.58 -21.02
C LEU B 71 -7.75 -12.64 -14.82
C LEU B 71 -6.67 23.99 20.69
N MET A 1 6.38 18.40 -20.67
CA MET A 1 5.74 19.56 -20.05
C MET A 1 6.28 19.67 -18.60
N GLN A 2 6.34 20.88 -18.14
CA GLN A 2 6.81 21.11 -16.74
C GLN A 2 5.61 21.10 -15.81
N ILE A 3 5.80 20.45 -14.66
CA ILE A 3 4.77 20.47 -13.61
C ILE A 3 5.53 20.83 -12.30
N PHE A 4 4.75 21.23 -11.33
CA PHE A 4 5.40 21.59 -10.01
C PHE A 4 4.91 20.64 -8.96
N VAL A 5 5.74 20.16 -8.03
CA VAL A 5 5.27 19.32 -6.95
C VAL A 5 5.58 20.10 -5.65
N LYS A 6 4.57 20.50 -4.95
CA LYS A 6 4.78 21.30 -3.70
C LYS A 6 4.77 20.35 -2.53
N THR A 7 5.82 20.41 -1.68
CA THR A 7 5.88 19.52 -0.51
C THR A 7 5.42 20.27 0.74
N LEU A 8 5.24 19.58 1.84
CA LEU A 8 4.74 20.24 3.07
C LEU A 8 5.81 21.08 3.74
N THR A 9 7.06 21.03 3.24
CA THR A 9 8.08 21.90 3.94
C THR A 9 8.35 23.16 3.18
N GLY A 10 7.52 23.50 2.24
CA GLY A 10 7.67 24.69 1.43
C GLY A 10 8.68 24.63 0.33
N LYS A 11 9.10 23.43 0.00
CA LYS A 11 10.01 23.21 -1.12
C LYS A 11 9.11 22.84 -2.31
N THR A 12 9.42 23.38 -3.48
CA THR A 12 8.62 22.98 -4.66
C THR A 12 9.61 22.35 -5.64
N ILE A 13 9.25 21.19 -6.17
CA ILE A 13 10.23 20.60 -7.13
C ILE A 13 9.65 20.67 -8.52
N THR A 14 10.47 20.94 -9.51
CA THR A 14 9.89 20.97 -10.89
C THR A 14 10.25 19.66 -11.57
N LEU A 15 9.33 19.09 -12.33
CA LEU A 15 9.58 17.83 -13.01
C LEU A 15 9.25 18.02 -14.49
N GLU A 16 9.89 17.22 -15.31
CA GLU A 16 9.51 17.26 -16.76
C GLU A 16 8.85 15.92 -17.00
N VAL A 17 7.60 16.03 -17.42
CA VAL A 17 6.77 14.86 -17.67
C VAL A 17 5.93 15.04 -18.95
N GLU A 18 5.32 13.93 -19.31
CA GLU A 18 4.37 13.84 -20.41
C GLU A 18 3.06 13.38 -19.82
N PRO A 19 1.95 13.87 -20.34
CA PRO A 19 0.61 13.47 -19.90
C PRO A 19 0.43 11.98 -19.97
N SER A 20 1.19 11.31 -20.81
CA SER A 20 1.03 9.85 -20.98
C SER A 20 1.72 9.11 -19.87
N ASP A 21 2.49 9.83 -19.05
CA ASP A 21 3.19 9.10 -17.96
C ASP A 21 2.21 8.63 -16.92
N THR A 22 2.51 7.52 -16.30
CA THR A 22 1.71 6.99 -15.21
C THR A 22 2.16 7.68 -13.91
N ILE A 23 1.25 7.61 -12.94
CA ILE A 23 1.52 8.13 -11.60
C ILE A 23 2.72 7.40 -10.98
N GLU A 24 2.80 6.12 -11.24
CA GLU A 24 3.98 5.32 -10.73
C GLU A 24 5.27 5.90 -11.23
N CYS A 25 5.30 6.34 -12.52
CA CYS A 25 6.50 6.91 -13.13
C CYS A 25 6.85 8.24 -12.50
N VAL A 26 5.82 9.05 -12.28
CA VAL A 26 6.04 10.34 -11.65
C VAL A 26 6.71 10.15 -10.29
N LYS A 27 6.18 9.20 -9.52
CA LYS A 27 6.74 8.92 -8.19
C LYS A 27 8.19 8.48 -8.29
N ALA A 28 8.54 7.70 -9.30
CA ALA A 28 9.92 7.29 -9.53
C ALA A 28 10.80 8.47 -9.89
N LYS A 29 10.31 9.43 -10.66
CA LYS A 29 11.09 10.64 -10.97
C LYS A 29 11.35 11.47 -9.69
N ILE A 30 10.35 11.49 -8.81
CA ILE A 30 10.50 12.25 -7.55
C ILE A 30 11.53 11.50 -6.70
N GLN A 31 11.49 10.19 -6.69
CA GLN A 31 12.50 9.45 -5.86
C GLN A 31 13.90 9.76 -6.40
N ASP A 32 14.01 9.63 -7.70
CA ASP A 32 15.30 9.91 -8.37
C ASP A 32 15.83 11.29 -8.03
N LYS A 33 14.94 12.30 -7.98
CA LYS A 33 15.50 13.66 -7.74
C LYS A 33 15.53 14.13 -6.33
N GLU A 34 14.74 13.67 -5.41
CA GLU A 34 14.73 14.09 -4.02
C GLU A 34 14.92 12.96 -3.04
N GLY A 35 14.94 11.73 -3.52
CA GLY A 35 15.18 10.58 -2.69
C GLY A 35 14.07 10.02 -1.89
N ILE A 36 12.84 10.55 -2.06
CA ILE A 36 11.72 10.01 -1.29
C ILE A 36 11.20 8.72 -1.91
N PRO A 37 11.15 7.65 -1.13
CA PRO A 37 10.64 6.34 -1.58
C PRO A 37 9.21 6.46 -2.09
N PRO A 38 8.88 5.84 -3.19
CA PRO A 38 7.51 5.95 -3.73
C PRO A 38 6.45 5.52 -2.76
N ASP A 39 6.74 4.57 -1.90
CA ASP A 39 5.72 4.05 -0.95
C ASP A 39 5.34 5.08 0.11
N GLN A 40 6.16 6.11 0.23
CA GLN A 40 5.83 7.18 1.22
C GLN A 40 5.08 8.36 0.58
N GLN A 41 5.02 8.40 -0.74
CA GLN A 41 4.40 9.48 -1.46
C GLN A 41 2.90 9.36 -1.66
N ARG A 42 2.21 10.46 -1.32
CA ARG A 42 0.75 10.57 -1.60
C ARG A 42 0.62 11.80 -2.48
N LEU A 43 0.18 11.67 -3.73
CA LEU A 43 0.09 12.84 -4.63
C LEU A 43 -1.35 13.30 -4.76
N ILE A 44 -1.57 14.59 -4.57
CA ILE A 44 -2.91 15.19 -4.61
C ILE A 44 -3.02 16.28 -5.66
N PHE A 45 -4.11 16.19 -6.46
CA PHE A 45 -4.39 17.20 -7.50
C PHE A 45 -5.92 17.33 -7.53
N ALA A 46 -6.32 18.58 -7.46
CA ALA A 46 -7.74 18.98 -7.52
C ALA A 46 -8.59 18.14 -6.58
N GLY A 47 -8.08 17.99 -5.40
CA GLY A 47 -8.62 17.24 -4.29
C GLY A 47 -8.80 15.76 -4.47
N CYS A 48 -8.13 15.15 -5.41
CA CYS A 48 -8.12 13.71 -5.63
C CYS A 48 -6.78 13.12 -5.25
N GLN A 49 -6.74 11.97 -4.70
CA GLN A 49 -5.43 11.30 -4.47
C GLN A 49 -5.16 10.55 -5.77
N LEU A 50 -3.98 10.72 -6.33
CA LEU A 50 -3.65 10.11 -7.64
C LEU A 50 -3.29 8.65 -7.46
N GLU A 51 -3.77 7.80 -8.37
CA GLU A 51 -3.53 6.34 -8.25
C GLU A 51 -2.42 5.92 -9.18
N ASP A 52 -1.53 5.06 -8.79
CA ASP A 52 -0.35 4.62 -9.54
C ASP A 52 -0.48 4.20 -10.99
N GLY A 53 -1.50 3.45 -11.32
CA GLY A 53 -1.74 2.91 -12.67
C GLY A 53 -2.40 3.82 -13.65
N ARG A 54 -2.89 4.98 -13.21
CA ARG A 54 -3.49 5.96 -14.13
C ARG A 54 -2.37 6.83 -14.68
N THR A 55 -2.66 7.57 -15.72
CA THR A 55 -1.72 8.53 -16.36
C THR A 55 -2.16 9.94 -15.93
N LEU A 56 -1.27 10.90 -16.12
CA LEU A 56 -1.55 12.31 -15.83
C LEU A 56 -2.72 12.75 -16.70
N SER A 57 -2.80 12.25 -17.95
CA SER A 57 -3.93 12.69 -18.80
C SER A 57 -5.26 12.26 -18.24
N ASP A 58 -5.29 11.15 -17.53
CA ASP A 58 -6.56 10.64 -16.93
C ASP A 58 -7.20 11.71 -16.05
N TYR A 59 -6.37 12.41 -15.33
CA TYR A 59 -6.76 13.49 -14.42
C TYR A 59 -6.79 14.84 -15.09
N ASN A 60 -6.55 14.98 -16.38
CA ASN A 60 -6.58 16.32 -16.99
C ASN A 60 -5.58 17.25 -16.32
N ILE A 61 -4.36 16.77 -16.10
CA ILE A 61 -3.28 17.62 -15.54
C ILE A 61 -2.59 18.28 -16.73
N GLN A 62 -2.64 19.57 -16.85
CA GLN A 62 -2.07 20.32 -18.00
C GLN A 62 -0.74 20.97 -17.58
N LYS A 63 0.04 21.51 -18.58
CA LYS A 63 1.33 22.10 -18.24
C LYS A 63 1.17 23.16 -17.17
N GLU A 64 2.22 23.18 -16.36
CA GLU A 64 2.37 24.09 -15.26
C GLU A 64 1.44 23.96 -14.10
N SER A 65 0.81 22.79 -14.03
CA SER A 65 -0.07 22.42 -12.91
C SER A 65 0.84 22.18 -11.68
N THR A 66 0.25 22.25 -10.50
CA THR A 66 0.96 21.97 -9.25
C THR A 66 0.29 20.77 -8.56
N LEU A 67 1.06 19.74 -8.22
CA LEU A 67 0.49 18.62 -7.46
C LEU A 67 0.98 18.81 -6.00
N HIS A 68 0.26 18.31 -5.06
CA HIS A 68 0.72 18.43 -3.66
C HIS A 68 1.24 17.05 -3.26
N LEU A 69 2.38 17.02 -2.60
CA LEU A 69 2.96 15.77 -2.10
C LEU A 69 2.83 15.67 -0.60
N VAL A 70 2.10 14.73 -0.09
CA VAL A 70 2.03 14.52 1.38
C VAL A 70 2.81 13.21 1.60
N LEU A 71 3.60 13.15 2.65
CA LEU A 71 4.36 11.93 2.95
C LEU A 71 3.61 11.09 3.95
N ARG A 72 3.55 9.80 3.73
N ARG A 72 3.52 9.78 3.67
N ARG A 72 3.56 9.79 3.70
N ARG A 72 3.52 9.78 3.75
CA ARG A 72 2.82 8.90 4.67
CA ARG A 72 2.82 8.77 4.49
CA ARG A 72 2.88 8.80 4.56
CA ARG A 72 2.79 8.92 4.71
C ARG A 72 3.52 9.06 6.01
C ARG A 72 1.95 7.99 3.51
C ARG A 72 1.68 9.54 5.17
C ARG A 72 3.86 8.07 5.38
N LEU A 73 2.84 9.24 7.09
N LEU A 73 1.56 6.78 3.78
N LEU A 73 1.31 9.31 6.38
N LEU A 73 5.09 8.47 5.46
CA LEU A 73 3.55 9.39 8.39
CA LEU A 73 0.71 6.04 2.82
CA LEU A 73 0.15 10.04 6.94
CA LEU A 73 6.11 7.63 6.12
C LEU A 73 4.12 8.06 8.83
C LEU A 73 0.03 4.87 3.52
C LEU A 73 0.21 10.00 8.47
C LEU A 73 6.01 6.19 5.61
N ARG A 74 4.69 8.08 10.03
N ARG A 74 -0.93 4.31 2.82
N ARG A 74 -0.27 8.89 8.99
N ARG A 74 6.84 5.35 6.19
CA ARG A 74 5.31 6.89 10.63
CA ARG A 74 -1.72 3.18 3.33
CA ARG A 74 -0.30 8.65 10.45
CA ARG A 74 6.92 3.94 5.83
C ARG A 74 4.23 5.84 10.88
C ARG A 74 -2.35 2.45 2.14
C ARG A 74 0.96 7.89 10.86
C ARG A 74 5.73 3.20 6.47
N GLY A 75 4.66 4.59 10.86
N GLY A 75 -2.73 1.20 2.40
N GLY A 75 1.33 6.94 10.00
N GLY A 75 5.54 1.96 6.02
CA GLY A 75 3.78 3.44 11.06
CA GLY A 75 -3.35 0.33 1.40
CA GLY A 75 2.49 6.09 10.21
CA GLY A 75 4.47 1.11 6.49
C GLY A 75 4.45 2.24 11.69
C GLY A 75 -3.65 -1.08 1.89
C GLY A 75 2.78 5.12 9.09
C GLY A 75 4.65 -0.37 6.19
N GLY A 76 3.75 1.12 11.57
N GLY A 76 -4.15 -1.86 0.95
N GLY A 76 3.81 4.33 9.33
N GLY A 76 3.79 -1.15 6.83
CA GLY A 76 4.17 -0.19 12.08
CA GLY A 76 -4.53 -3.27 1.14
CA GLY A 76 4.30 3.28 8.42
CA GLY A 76 3.74 -2.61 6.71
C GLY A 76 5.70 -0.31 11.94
C GLY A 76 -4.29 -4.02 -0.17
C GLY A 76 4.56 2.00 9.24
C GLY A 76 3.68 -3.22 8.11
N MET B 1 9.26 -5.19 9.17
N MET B 1 -9.99 -13.48 -1.95
N MET B 1 -1.97 -6.32 9.48
N MET B 1 -0.80 -3.07 16.98
CA MET B 1 9.44 -3.75 8.90
CA MET B 1 -9.96 -12.03 -1.70
CA MET B 1 -1.27 -5.27 8.70
CA MET B 1 0.26 -2.42 16.20
C MET B 1 9.88 -3.62 7.42
C MET B 1 -11.42 -11.52 -1.88
C MET B 1 -2.16 -4.97 7.47
C MET B 1 0.68 -1.15 16.97
N GLN B 2 9.50 -2.51 6.85
N GLN B 2 -11.71 -10.49 -1.14
N GLN B 2 -2.06 -3.74 7.04
N GLN B 2 1.92 -0.82 16.81
CA GLN B 2 9.89 -2.26 5.43
CA GLN B 2 -13.08 -9.88 -1.26
CA GLN B 2 -2.84 -3.34 5.83
CA GLN B 2 2.45 0.41 17.49
C GLN B 2 11.21 -1.49 5.42
C GLN B 2 -13.04 -8.78 -2.30
C GLN B 2 -1.98 -3.56 4.59
C GLN B 2 2.28 1.60 16.54
N ILE B 3 12.08 -1.90 4.51
N ILE B 3 -14.08 -8.75 -3.12
N ILE B 3 -2.61 -4.08 3.55
N ILE B 3 1.85 2.71 17.11
CA ILE B 3 13.34 -1.15 4.28
CA ILE B 3 -14.25 -7.66 -4.09
CA ILE B 3 -1.93 -4.21 2.24
CA ILE B 3 1.79 3.97 16.35
C ILE B 3 13.44 -0.94 2.75
C ILE B 3 -15.72 -7.16 -3.91
C ILE B 3 -2.94 -3.63 1.19
C ILE B 3 2.47 5.05 17.24
N PHE B 4 14.30 -0.01 2.40
N PHE B 4 -15.94 -5.98 -4.44
N PHE B 4 -2.38 -3.34 0.05
N PHE B 4 2.82 6.14 16.59
CA PHE B 4 14.47 0.26 0.92
CA PHE B 4 -17.33 -5.42 -4.32
CA PHE B 4 -3.26 -2.78 -1.04
CA PHE B 4 3.50 7.23 17.37
C PHE B 4 15.87 -0.09 0.53
C PHE B 4 -17.91 -5.27 -5.70
C PHE B 4 -3.30 -3.74 -2.18
C PHE B 4 2.61 8.44 17.37
N VAL B 5 16.13 -0.70 -0.63
N VAL B 5 -19.18 -5.57 -5.95
N VAL B 5 -4.43 -3.98 -2.84
N VAL B 5 2.47 9.20 18.46
CA VAL B 5 17.48 -0.96 -1.07
CA VAL B 5 -19.79 -5.35 -7.25
CA VAL B 5 -4.49 -4.84 -4.01
CA VAL B 5 1.69 10.41 18.46
C VAL B 5 17.65 -0.17 -2.39
C VAL B 5 -20.93 -4.33 -7.01
C VAL B 5 -4.95 -3.94 -5.17
C VAL B 5 2.70 11.55 18.81
N LYS B 6 18.49 0.80 -2.39
N LYS B 6 -20.80 -3.17 -7.56
N LYS B 6 -4.12 -3.73 -6.13
N LYS B 6 2.94 12.42 17.89
CA LYS B 6 18.68 1.65 -3.63
CA LYS B 6 -21.84 -2.10 -7.35
CA LYS B 6 -4.48 -2.83 -7.28
CA LYS B 6 3.93 13.53 18.14
C LYS B 6 19.85 1.09 -4.39
C LYS B 6 -22.81 -2.16 -8.50
C LYS B 6 -5.00 -3.68 -8.39
C LYS B 6 3.17 14.73 18.61
N THR B 7 19.65 0.81 -5.70
N THR B 7 -24.13 -2.25 -8.19
N THR B 7 -6.21 -3.35 -8.91
N THR B 7 3.59 15.31 19.77
CA THR B 7 20.75 0.27 -6.52
CA THR B 7 -25.13 -2.30 -9.27
CA THR B 7 -6.78 -4.14 -10.01
CA THR B 7 2.90 16.50 20.28
C THR B 7 21.37 1.40 -7.34
C THR B 7 -25.73 -0.91 -9.46
C THR B 7 -6.53 -3.43 -11.34
C THR B 7 3.69 17.75 19.91
N LEU B 8 22.49 1.14 -7.99
N LEU B 8 -26.52 -0.72 -10.51
N LEU B 8 -6.80 -4.08 -12.45
N LEU B 8 3.13 18.93 20.12
CA LEU B 8 23.18 2.20 -8.76
CA LEU B 8 -27.12 0.60 -10.78
CA LEU B 8 -6.54 -3.47 -13.77
CA LEU B 8 3.82 20.19 19.74
C LEU B 8 22.46 2.54 -10.05
C LEU B 8 -28.23 0.95 -9.83
C LEU B 8 -7.53 -2.37 -14.12
C LEU B 8 4.97 20.51 20.66
N THR B 9 21.41 1.79 -10.40
N THR B 9 -28.65 0.00 -8.96
N THR B 9 -8.57 -2.19 -13.29
N THR B 9 5.14 19.76 21.75
CA THR B 9 20.72 2.17 -11.69
CA THR B 9 -29.76 0.40 -8.03
CA THR B 9 -9.52 -1.09 -13.68
CA THR B 9 6.31 20.13 22.64
C THR B 9 19.47 2.95 -11.44
C THR B 9 -29.26 0.72 -6.66
C THR B 9 -9.29 0.15 -12.87
C THR B 9 7.48 19.22 22.43
N GLY B 10 19.28 3.44 -10.25
N GLY B 10 -27.98 0.92 -6.52
N GLY B 10 -8.19 0.26 -12.21
N GLY B 10 7.49 18.47 21.36
CA GLY B 10 18.12 4.21 -9.89
CA GLY B 10 -27.36 1.25 -5.25
CA GLY B 10 -7.84 1.40 -11.39
CA GLY B 10 8.56 17.56 21.03
C GLY B 10 16.86 3.43 -9.62
C GLY B 10 -27.17 0.11 -4.30
C GLY B 10 -8.51 1.49 -10.06
C GLY B 10 8.59 16.27 21.79
N LYS B 11 17.00 2.15 -9.43
N LYS B 11 -27.25 -1.09 -4.80
N LYS B 11 -9.07 0.40 -9.61
N LYS B 11 7.49 15.94 22.42
CA LYS B 11 15.89 1.28 -9.06
CA LYS B 11 -26.98 -2.29 -4.01
CA LYS B 11 -9.65 0.31 -8.28
CA LYS B 11 7.32 14.67 23.11
C LYS B 11 15.96 1.15 -7.53
C LYS B 11 -25.51 -2.67 -4.33
C LYS B 11 -8.56 -0.32 -7.39
C LYS B 11 6.60 13.75 22.11
N THR B 12 14.81 1.21 -6.88
N THR B 12 -24.78 -3.05 -3.31
N THR B 12 -8.42 0.21 -6.18
N THR B 12 7.03 12.50 22.03
CA THR B 12 14.83 1.01 -5.43
CA THR B 12 -23.39 -3.49 -3.59
CA THR B 12 -7.44 -0.42 -5.27
CA THR B 12 6.31 11.57 21.15
C THR B 12 13.95 -0.20 -5.15
C THR B 12 -23.31 -4.94 -3.10
C THR B 12 -8.23 -0.88 -4.05
C THR B 12 5.80 10.45 22.04
N ILE B 13 14.46 -1.14 -4.36
N ILE B 13 -22.77 -5.81 -3.96
N ILE B 13 -8.02 -2.13 -3.64
N ILE B 13 4.52 10.11 21.90
CA ILE B 13 13.58 -2.31 -4.10
CA ILE B 13 -22.69 -7.22 -3.45
CA ILE B 13 -8.79 -2.55 -2.44
CA ILE B 13 4.04 9.00 22.78
C ILE B 13 13.10 -2.27 -2.68
C ILE B 13 -21.24 -7.56 -3.19
C ILE B 13 -7.86 -2.69 -1.27
C ILE B 13 3.79 7.79 21.94
N THR B 14 11.87 -2.64 -2.43
N THR B 14 -20.98 -8.30 -2.14
N THR B 14 -8.29 -2.30 -0.10
N THR B 14 4.11 6.62 22.44
CA THR B 14 11.42 -2.64 -1.00
CA THR B 14 -19.55 -8.68 -1.91
CA THR B 14 -7.37 -2.48 1.06
CA THR B 14 3.81 5.41 21.61
C THR B 14 11.45 -4.05 -0.49
C THR B 14 -19.35 -10.09 -2.39
C THR B 14 -7.80 -3.70 1.82
C THR B 14 2.56 4.77 22.15
N LEU B 15 11.89 -4.26 0.75
N LEU B 15 -18.23 -10.38 -3.04
N LEU B 15 -6.86 -4.52 2.29
N LEU B 15 1.68 4.29 21.27
CA LEU B 15 11.97 -5.59 1.32
CA LEU B 15 -17.96 -11.70 -3.55
CA LEU B 15 -7.18 -5.73 3.03
CA LEU B 15 0.44 3.67 21.69
C LEU B 15 11.22 -5.59 2.65
C LEU B 15 -16.59 -12.15 -3.01
C LEU B 15 -6.43 -5.70 4.36
C LEU B 15 0.34 2.29 21.03
N GLU B 16 10.75 -6.75 3.03
N GLU B 16 -16.42 -13.46 -2.91
N GLU B 16 -6.98 -6.40 5.32
N GLU B 16 -0.39 1.42 21.68
CA GLU B 16 10.12 -6.83 4.39
CA GLU B 16 -15.06 -13.95 -2.53
CA GLU B 16 -6.21 -6.51 6.61
CA GLU B 16 -0.63 0.10 21.01
C GLU B 16 11.07 -7.70 5.17
C GLU B 16 -14.56 -14.63 -3.79
C GLU B 16 -5.83 -7.98 6.66
C GLU B 16 -2.11 0.12 20.68
N VAL B 17 11.57 -7.10 6.24
N VAL B 17 -13.43 -14.10 -4.25
N VAL B 17 -4.52 -8.16 6.72
N VAL B 17 -2.35 -0.02 19.39
CA VAL B 17 12.55 -7.74 7.11
CA VAL B 17 -12.80 -14.58 -5.48
CA VAL B 17 -3.92 -9.50 6.72
CA VAL B 17 -3.71 0.03 18.85
C VAL B 17 12.25 -7.45 8.59
C VAL B 17 -11.27 -14.66 -5.32
C VAL B 17 -2.76 -9.57 7.72
C VAL B 17 -3.90 -1.03 17.76
N GLU B 18 12.99 -8.18 9.39
N GLU B 18 -10.70 -15.27 -6.33
N GLU B 18 -2.34 -10.81 7.89
N GLU B 18 -5.16 -1.14 17.40
CA GLU B 18 12.99 -8.03 10.85
CA GLU B 18 -9.25 -15.38 -6.49
CA GLU B 18 -1.17 -11.16 8.69
CA GLU B 18 -5.62 -2.00 16.30
C GLU B 18 14.41 -7.66 11.25
C GLU B 18 -8.92 -14.70 -7.81
C GLU B 18 -0.20 -11.86 7.75
C GLU B 18 -6.29 -1.08 15.29
N PRO B 19 14.56 -6.82 12.25
N PRO B 19 -7.77 -14.03 -7.87
N PRO B 19 1.10 -11.65 7.95
N PRO B 19 -6.15 -1.38 14.01
CA PRO B 19 15.87 -6.42 12.75
CA PRO B 19 -7.30 -13.38 -9.08
CA PRO B 19 2.13 -12.30 7.14
CA PRO B 19 -6.78 -0.61 12.94
C PRO B 19 16.71 -7.61 13.15
C PRO B 19 -7.24 -14.32 -10.26
C PRO B 19 2.00 -13.81 7.16
C PRO B 19 -8.27 -0.50 13.13
N SER B 20 16.07 -8.73 13.45
N SER B 20 -7.12 -15.61 -9.99
N SER B 20 1.37 -14.34 8.19
N SER B 20 -8.85 -1.45 13.85
CA SER B 20 16.82 -9.91 13.90
CA SER B 20 -7.00 -16.59 -11.06
CA SER B 20 1.24 -15.80 8.31
CA SER B 20 -10.31 -1.45 14.04
C SER B 20 17.40 -10.66 12.71
C SER B 20 -8.36 -16.91 -11.66
C SER B 20 0.12 -16.31 7.44
C SER B 20 -10.72 -0.48 15.11
N ASP B 21 17.02 -10.24 11.50
N ASP B 21 -9.42 -16.42 -11.02
N ASP B 21 -0.66 -15.40 6.86
N ASP B 21 -9.73 0.09 15.81
CA ASP B 21 17.57 -10.97 10.33
CA ASP B 21 -10.76 -16.74 -11.57
CA ASP B 21 -1.78 -15.90 6.02
CA ASP B 21 -10.12 1.04 16.90
C ASP B 21 19.04 -10.66 10.17
C ASP B 21 -10.97 -16.00 -12.87
C ASP B 21 -1.25 -16.49 4.75
C ASP B 21 -10.66 2.31 16.29
N THR B 22 19.77 -11.64 9.66
N THR B 22 -11.74 -16.62 -13.76
N THR B 22 -1.95 -17.49 4.23
N THR B 22 -11.58 2.94 16.99
CA THR B 22 21.18 -11.47 9.37
CA THR B 22 -12.10 -16.01 -15.02
CA THR B 22 -1.61 -18.11 2.98
CA THR B 22 -12.13 4.21 16.59
C THR B 22 21.31 -10.81 7.98
C THR B 22 -13.34 -15.11 -14.77
C THR B 22 -2.24 -17.26 1.85
C THR B 22 -11.18 5.33 17.08
N ILE B 23 22.49 -10.23 7.77
N ILE B 23 -13.51 -14.18 -15.71
N ILE B 23 -1.67 -17.47 0.65
N ILE B 23 -11.33 6.49 16.44
CA ILE B 23 22.83 -9.64 6.48
CA ILE B 23 -14.68 -13.31 -15.70
CA ILE B 23 -2.17 -16.83 -0.55
CA ILE B 23 -10.59 7.67 16.84
C ILE B 23 22.81 -10.70 5.38
C ILE B 23 -15.97 -14.14 -15.81
C ILE B 23 -3.62 -17.25 -0.81
C ILE B 23 -10.93 8.06 18.27
N GLU B 24 23.25 -11.90 5.72
N GLU B 24 -15.92 -15.19 -16.60
N GLU B 24 -3.92 -18.50 -0.53
N GLU B 24 -12.18 7.90 18.64
CA GLU B 24 23.21 -13.03 4.73
CA GLU B 24 -17.11 -16.09 -16.71
CA GLU B 24 -5.33 -19.00 -0.68
CA GLU B 24 -12.61 8.18 20.05
C GLU B 24 21.79 -13.27 4.26
C GLU B 24 -17.50 -16.64 -15.36
C GLU B 24 -6.27 -18.18 0.16
C GLU B 24 -11.82 7.36 21.03
N ASN B 25 20.84 -13.19 5.17
N ASN B 25 -16.51 -16.99 -14.56
N ASN B 25 -5.86 -17.84 1.36
N ASN B 25 -11.58 6.10 20.69
CA ASN B 25 19.41 -13.40 4.90
CA ASN B 25 -16.70 -17.56 -13.21
CA ASN B 25 -6.65 -17.06 2.32
CA ASN B 25 -10.83 5.14 21.51
C ASN B 25 18.86 -12.31 3.97
C ASN B 25 -17.33 -16.53 -12.26
C ASN B 25 -6.88 -15.63 1.82
C ASN B 25 -9.37 5.56 21.66
N VAL B 26 19.24 -11.08 4.28
N VAL B 26 -16.81 -15.32 -12.35
N VAL B 26 -5.82 -15.05 1.30
N VAL B 26 -8.80 5.96 20.54
CA VAL B 26 18.82 -9.95 3.48
CA VAL B 26 -17.33 -14.23 -11.53
CA VAL B 26 -5.89 -13.71 0.75
CA VAL B 26 -7.41 6.42 20.53
C VAL B 26 19.28 -10.15 2.04
C VAL B 26 -18.82 -14.03 -11.83
C VAL B 26 -6.94 -13.68 -0.36
C VAL B 26 -7.26 7.60 21.48
N LYS B 27 20.54 -10.54 1.89
N LYS B 27 -19.14 -14.01 -13.12
N LYS B 27 -6.86 -14.67 -1.25
N LYS B 27 -8.19 8.53 21.39
CA LYS B 27 21.11 -10.77 0.55
CA LYS B 27 -20.55 -13.84 -13.52
CA LYS B 27 -7.81 -14.74 -2.36
CA LYS B 27 -8.16 9.73 22.25
C LYS B 27 20.34 -11.87 -0.17
C LYS B 27 -21.41 -14.95 -12.98
C LYS B 27 -9.25 -14.87 -1.86
C LYS B 27 -8.26 9.33 23.72
N ALA B 28 19.93 -12.90 0.52
N ALA B 28 -20.91 -16.18 -12.96
N ALA B 28 -9.46 -15.60 -0.78
N ALA B 28 -9.06 8.34 24.04
CA ALA B 28 19.12 -13.98 -0.07
CA ALA B 28 -21.65 -17.30 -12.40
CA ALA B 28 -10.78 -15.74 -0.18
CA ALA B 28 -9.17 7.83 25.41
C ALA B 28 17.76 -13.47 -0.50
C ALA B 28 -21.84 -17.15 -10.91
C ALA B 28 -11.25 -14.41 0.40
C ALA B 28 -7.88 7.19 25.88
N LYS B 29 17.14 -12.59 0.26
N LYS B 29 -20.87 -16.63 -10.18
N LYS B 29 -10.37 -13.63 1.01
N LYS B 29 -7.17 6.48 25.01
CA LYS B 29 15.84 -11.99 -0.14
CA LYS B 29 -21.02 -16.37 -8.73
CA LYS B 29 -10.75 -12.30 1.52
CA LYS B 29 -5.85 5.90 25.37
C LYS B 29 16.01 -11.15 -1.42
C LYS B 29 -22.11 -15.31 -8.49
C LYS B 29 -11.16 -11.36 0.36
C LYS B 29 -4.84 7.01 25.66
N ILE B 30 17.14 -10.46 -1.51
N ILE B 30 -22.16 -14.32 -9.37
N ILE B 30 -10.46 -11.51 -0.76
N ILE B 30 -4.93 8.09 24.88
CA ILE B 30 17.39 -9.62 -2.70
CA ILE B 30 -23.16 -13.25 -9.22
CA ILE B 30 -10.78 -10.65 -1.93
CA ILE B 30 -3.99 9.21 25.09
C ILE B 30 17.62 -10.58 -3.88
C ILE B 30 -24.53 -13.88 -9.53
C ILE B 30 -12.13 -11.12 -2.46
C ILE B 30 -4.36 9.87 26.42
N GLN B 31 18.31 -11.67 -3.67
N GLN B 31 -24.61 -14.74 -10.51
N GLN B 31 -12.39 -12.40 -2.48
N GLN B 31 -5.63 9.99 26.72
CA GLN B 31 18.52 -12.61 -4.82
CA GLN B 31 -25.94 -15.36 -10.80
CA GLN B 31 -13.72 -12.86 -2.98
CA GLN B 31 -6.00 10.62 28.02
C GLN B 31 17.17 -13.14 -5.30
C GLN B 31 -26.39 -16.17 -9.57
C GLN B 31 -14.83 -12.29 -2.08
C GLN B 31 -5.44 9.76 29.17
N ASP B 32 16.41 -13.58 -4.32
N ASP B 32 -25.47 -16.97 -9.10
N ASP B 32 -14.60 -12.47 -0.80
N ASP B 32 -5.72 8.48 29.04
CA ASP B 32 15.04 -14.10 -4.60
CA ASP B 32 -25.74 -17.81 -7.91
CA ASP B 32 -15.56 -11.96 0.21
CA ASP B 32 -5.24 7.51 30.06
C ASP B 32 14.22 -13.12 -5.39
C ASP B 32 -26.24 -16.99 -6.74
C ASP B 32 -15.85 -10.48 0.02
C ASP B 32 -3.75 7.61 30.28
N LYS B 33 14.29 -11.81 -5.04
N LYS B 33 -25.64 -15.80 -6.52
N LYS B 33 -14.81 -9.69 -0.27
N LYS B 33 -2.97 7.77 29.19
CA LYS B 33 13.40 -10.88 -5.78
CA LYS B 33 -26.08 -15.05 -5.31
CA LYS B 33 -15.09 -8.22 -0.35
CA LYS B 33 -1.50 7.78 29.41
C LYS B 33 13.95 -10.20 -6.97
C LYS B 33 -27.15 -14.04 -5.50
C LYS B 33 -15.41 -7.68 -1.70
C LYS B 33 -0.85 9.10 29.61
N GLU B 34 15.23 -10.02 -7.15
N GLU B 34 -27.39 -13.45 -6.65
N GLU B 34 -15.01 -8.24 -2.81
N GLU B 34 -1.34 10.21 29.16
CA GLU B 34 15.83 -9.36 -8.29
CA GLU B 34 -28.42 -12.47 -6.88
CA GLU B 34 -15.30 -7.75 -4.14
CA GLU B 34 -0.76 11.52 29.33
C GLU B 34 16.84 -10.20 -9.01
C GLU B 34 -29.38 -12.85 -7.98
C GLU B 34 -16.00 -8.75 -5.03
C GLU B 34 -1.66 12.53 29.99
N GLY B 35 17.18 -11.35 -8.46
N GLY B 35 -29.12 -13.93 -8.68
N GLY B 35 -16.15 -9.98 -4.56
N GLY B 35 -2.91 12.15 30.23
CA GLY B 35 18.09 -12.28 -9.09
CA GLY B 35 -30.00 -14.43 -9.70
CA GLY B 35 -16.86 -11.00 -5.28
CA GLY B 35 -3.86 13.00 30.91
C GLY B 35 19.55 -12.04 -8.96
C GLY B 35 -29.95 -13.82 -11.05
C GLY B 35 -16.15 -11.74 -6.35
C GLY B 35 -4.54 14.07 30.16
N ILE B 36 19.95 -11.04 -8.17
N ILE B 36 -29.00 -12.90 -11.28
N ILE B 36 -14.85 -11.49 -6.53
N ILE B 36 -4.34 14.14 28.84
CA ILE B 36 21.40 -10.79 -8.02
CA ILE B 36 -28.93 -12.27 -12.61
CA ILE B 36 -14.13 -12.22 -7.59
CA ILE B 36 -5.02 15.19 28.07
C ILE B 36 22.02 -11.77 -7.03
C ILE B 36 -28.22 -13.17 -13.60
C ILE B 36 -13.76 -13.61 -7.14
C ILE B 36 -6.46 14.82 27.79
N PRO B 37 23.05 -12.48 -7.46
N PRO B 37 -28.87 -13.49 -14.72
N PRO B 37 -14.16 -14.63 -7.90
N PRO B 37 -7.40 15.67 28.17
CA PRO B 37 23.78 -13.43 -6.61
CA PRO B 37 -28.30 -14.33 -15.79
CA PRO B 37 -13.85 -16.03 -7.61
CA PRO B 37 -8.83 15.46 27.93
C PRO B 37 24.32 -12.75 -5.37
C PRO B 37 -27.00 -13.75 -16.29
C PRO B 37 -12.35 -16.25 -7.51
C PRO B 37 -9.11 15.28 26.45
N PRO B 38 24.21 -13.36 -4.21
N PRO B 38 -25.99 -14.54 -16.51
N PRO B 38 -11.87 -16.99 -6.55
N PRO B 38 -9.95 14.34 26.07
CA PRO B 38 24.71 -12.72 -2.99
CA PRO B 38 -24.70 -14.02 -16.99
CA PRO B 38 -10.42 -17.22 -6.41
CA PRO B 38 -10.23 14.12 24.65
C PRO B 38 26.17 -12.37 -3.04
C PRO B 38 -24.81 -13.26 -18.28
C PRO B 38 -9.79 -17.80 -7.64
C PRO B 38 -10.77 15.34 23.95
N ASP B 39 26.97 -13.14 -3.75
N ASP B 39 -25.72 -13.63 -19.14
N ASP B 39 -10.51 -18.63 -8.38
N ASP B 39 -11.50 16.18 24.64
CA ASP B 39 28.43 -12.89 -3.81
CA ASP B 39 -25.86 -12.96 -20.47
CA ASP B 39 -9.94 -19.29 -9.58
CA ASP B 39 -12.10 17.38 23.99
C ASP B 39 28.76 -11.60 -4.56
C ASP B 39 -26.35 -11.53 -20.34
C ASP B 39 -9.64 -18.30 -10.70
C ASP B 39 -11.06 18.40 23.59
N GLN B 40 27.80 -11.09 -5.30
N GLN B 40 -26.88 -11.18 -19.18
N GLN B 40 -10.20 -17.11 -10.61
N GLN B 40 -9.85 18.26 24.11
CA GLN B 40 28.04 -9.82 -6.04
CA GLN B 40 -27.37 -9.80 -18.98
CA GLN B 40 -9.94 -16.09 -11.64
CA GLN B 40 -8.77 19.21 23.74
C GLN B 40 27.53 -8.60 -5.26
C GLN B 40 -26.30 -8.92 -18.27
C GLN B 40 -8.80 -15.13 -11.24
C GLN B 40 -7.88 18.66 22.60
N GLN B 41 26.80 -8.80 -4.19
N GLN B 41 -25.24 -9.51 -17.77
N GLN B 41 -8.36 -15.18 -10.00
N GLN B 41 -8.04 17.39 22.26
CA GLN B 41 26.22 -7.74 -3.40
CA GLN B 41 -24.21 -8.82 -17.05
CA GLN B 41 -7.35 -14.30 -9.47
CA GLN B 41 -7.25 16.73 21.25
C GLN B 41 27.12 -7.15 -2.34
C GLN B 41 -23.12 -8.20 -17.91
C GLN B 41 -5.92 -14.74 -9.71
C GLN B 41 -7.73 16.91 19.82
N ARG B 42 27.20 -5.82 -2.35
N ARG B 42 -22.87 -6.92 -17.62
N ARG B 42 -5.13 -13.81 -10.24
N ARG B 42 -6.79 17.30 18.97
CA ARG B 42 27.91 -5.08 -1.26
CA ARG B 42 -21.72 -6.20 -18.25
CA ARG B 42 -3.66 -14.02 -10.38
CA ARG B 42 -7.06 17.35 17.50
C ARG B 42 26.85 -4.16 -0.69
C ARG B 42 -20.86 -5.73 -17.09
C ARG B 42 -3.02 -12.90 -9.58
C ARG B 42 -6.02 16.43 16.88
N LEU B 43 26.48 -4.32 0.59
N LEU B 43 -19.64 -6.22 -16.94
N LEU B 43 -2.29 -13.20 -8.49
N LEU B 43 -6.42 15.33 16.24
CA LEU B 43 25.41 -3.47 1.18
CA LEU B 43 -18.79 -5.83 -15.79
CA LEU B 43 -1.71 -12.12 -7.66
CA LEU B 43 -5.42 14.38 15.68
C LEU B 43 26.03 -2.40 2.08
C LEU B 43 -17.74 -4.81 -16.22
C LEU B 43 -0.21 -12.00 -7.94
C LEU B 43 -5.34 14.54 14.17
N ILE B 44 25.62 -1.16 1.87
N ILE B 44 -17.65 -3.71 -15.47
N ILE B 44 0.22 -10.77 -8.19
N ILE B 44 -4.12 14.68 13.67
CA ILE B 44 26.15 -0.02 2.62
CA ILE B 44 -16.74 -2.61 -15.77
CA ILE B 44 1.61 -10.47 -8.54
CA ILE B 44 -3.86 14.90 12.25
C ILE B 44 25.05 0.75 3.34
C ILE B 44 -15.77 -2.35 -14.63
C ILE B 44 2.25 -9.49 -7.56
C ILE B 44 -2.97 13.82 11.65
N PHE B 45 25.32 1.02 4.64
N PHE B 45 -14.47 -2.24 -15.00
N PHE B 45 3.46 -9.86 -7.09
N PHE B 45 -3.43 13.29 10.49
CA PHE B 45 24.39 1.80 5.48
CA PHE B 45 -13.42 -1.92 -14.01
CA PHE B 45 4.24 -9.00 -6.18
CA PHE B 45 -2.66 12.27 9.75
C PHE B 45 25.27 2.64 6.41
C PHE B 45 -12.42 -1.03 -14.78
C PHE B 45 5.71 -9.21 -6.58
C PHE B 45 -2.89 12.58 8.26
N ALA B 46 24.94 3.91 6.41
N ALA B 46 -12.13 0.07 -14.11
N ALA B 46 6.34 -8.07 -6.77
N ALA B 46 -1.78 12.63 7.59
CA ALA B 46 25.59 4.92 7.25
CA ALA B 46 -11.15 1.07 -14.59
CA ALA B 46 7.77 -7.98 -7.10
CA ALA B 46 -1.72 12.87 6.13
C ALA B 46 27.11 4.81 7.15
C ALA B 46 -11.40 1.41 -16.05
C ALA B 46 8.12 -8.93 -8.24
C ALA B 46 -2.61 14.03 5.73
N GLY B 47 27.56 4.69 5.93
N GLY B 47 -12.65 1.64 -16.34
N GLY B 47 7.29 -8.90 -9.24
N GLY B 47 -2.47 15.09 6.49
CA GLY B 47 28.91 4.56 5.50
CA GLY B 47 -13.21 1.97 -17.61
CA GLY B 47 7.32 -9.66 -10.44
CA GLY B 47 -3.16 16.34 6.39
C GLY B 47 29.67 3.35 5.97
C GLY B 47 -13.07 0.97 -18.73
C GLY B 47 7.22 -11.17 -10.32
C GLY B 47 -4.66 16.33 6.56
N LYS B 48 29.00 2.31 6.37
N LYS B 48 -12.84 -0.27 -18.41
N LYS B 48 6.69 -11.65 -9.23
N LYS B 48 -5.20 15.32 7.18
CA LYS B 48 29.65 1.06 6.80
CA LYS B 48 -12.73 -1.33 -19.42
CA LYS B 48 6.50 -13.10 -9.02
CA LYS B 48 -6.64 15.23 7.43
C LYS B 48 29.25 -0.03 5.79
C LYS B 48 -13.91 -2.30 -19.19
C LYS B 48 4.98 -13.34 -8.95
C LYS B 48 -6.84 15.29 8.96
N GLN B 49 30.15 -0.92 5.47
N GLN B 49 -14.48 -2.82 -20.24
N GLN B 49 4.52 -14.44 -9.50
N GLN B 49 -7.87 15.94 9.43
CA GLN B 49 29.79 -2.08 4.60
CA GLN B 49 -15.55 -3.86 -20.08
CA GLN B 49 3.08 -14.80 -9.35
CA GLN B 49 -8.17 15.92 10.88
C GLN B 49 29.24 -3.11 5.57
C GLN B 49 -14.76 -5.16 -19.96
C GLN B 49 3.02 -15.55 -8.02
C GLN B 49 -9.00 14.65 11.07
N LEU B 50 28.09 -3.66 5.28
N LEU B 50 -15.06 -5.96 -18.97
N LEU B 50 2.10 -15.17 -7.15
N LEU B 50 -8.65 13.83 12.03
CA LEU B 50 27.42 -4.62 6.19
CA LEU B 50 -14.32 -7.21 -18.71
CA LEU B 50 2.01 -15.76 -5.81
CA LEU B 50 -9.33 12.54 12.24
C LEU B 50 28.04 -5.99 6.06
C LEU B 50 -14.78 -8.30 -19.65
C LEU B 50 1.31 -17.10 -5.88
C LEU B 50 -10.64 12.75 12.98
N GLU B 51 28.25 -6.68 7.18
N GLU B 51 -13.84 -9.09 -20.19
N GLU B 51 1.83 -18.09 -5.13
N GLU B 51 -11.70 12.04 12.56
CA GLU B 51 28.89 -8.00 7.14
CA GLU B 51 -14.22 -10.14 -21.15
CA GLU B 51 1.22 -19.45 -5.18
CA GLU B 51 -13.02 12.23 13.20
C GLU B 51 27.87 -9.09 7.28
C GLU B 51 -14.22 -11.48 -20.47
C GLU B 51 0.37 -19.67 -3.98
C GLU B 51 -13.29 11.10 14.16
N ASP B 52 27.96 -10.18 6.55
N ASP B 52 -15.16 -12.35 -20.75
N ASP B 52 -0.78 -20.31 -4.09
N ASP B 52 -13.87 11.35 15.31
CA ASP B 52 27.00 -11.27 6.50
CA ASP B 52 -15.35 -13.65 -20.11
CA ASP B 52 -1.76 -20.52 -3.05
CA ASP B 52 -14.12 10.39 16.37
C ASP B 52 26.45 -11.88 7.79
C ASP B 52 -14.18 -14.61 -19.94
C ASP B 52 -1.34 -21.05 -1.69
C ASP B 52 -14.75 9.05 16.07
N GLY B 53 27.30 -12.09 8.77
N GLY B 53 -13.34 -14.74 -20.93
N GLY B 53 -0.45 -22.02 -1.66
N GLY B 53 -15.76 9.03 15.23
CA GLY B 53 26.93 -12.72 10.05
CA GLY B 53 -12.19 -15.66 -20.93
CA GLY B 53 0.01 -22.68 -0.42
CA GLY B 53 -16.52 7.81 14.87
C GLY B 53 26.32 -11.83 11.07
C GLY B 53 -10.95 -15.18 -20.25
C GLY B 53 1.10 -21.99 0.33
C GLY B 53 -15.92 6.94 13.81
N ARG B 54 26.30 -10.52 10.86
N ARG B 54 -10.89 -13.91 -19.86
N ARG B 54 1.70 -20.94 -0.24
N ARG B 54 -14.87 7.38 13.14
CA ARG B 54 25.65 -9.58 11.80
CA ARG B 54 -9.73 -13.38 -19.12
CA ARG B 54 2.73 -20.15 0.47
CA ARG B 54 -14.17 6.55 12.14
C ARG B 54 24.17 -9.50 11.43
C ARG B 54 -9.94 -13.66 -17.64
C ARG B 54 2.04 -19.10 1.32
C ARG B 54 -13.16 5.68 12.86
N THR B 55 23.38 -8.95 12.31
N THR B 55 -8.90 -13.53 -16.86
N THR B 55 2.75 -18.50 2.23
N THR B 55 -12.65 4.68 12.19
CA THR B 55 21.93 -8.74 12.11
CA THR B 55 -8.94 -13.71 -15.39
CA THR B 55 2.25 -17.42 3.10
CA THR B 55 -11.61 3.78 12.71
C THR B 55 21.74 -7.23 11.83
C THR B 55 -8.88 -12.29 -14.77
C THR B 55 2.86 -16.10 2.56
C THR B 55 -10.28 4.18 12.02
N LEU B 56 20.58 -6.89 11.30
N LEU B 56 -9.21 -12.21 -13.49
N LEU B 56 2.29 -14.99 3.00
N LEU B 56 -9.18 3.70 12.58
CA LEU B 56 20.21 -5.49 11.03
CA LEU B 56 -9.16 -10.96 -12.74
CA LEU B 56 2.79 -13.65 2.63
CA LEU B 56 -7.85 3.94 12.01
C LEU B 56 20.22 -4.73 12.36
C LEU B 56 -7.71 -10.46 -12.74
C LEU B 56 4.22 -13.52 3.14
C LEU B 56 -7.80 3.32 10.61
N SER B 57 19.80 -5.39 13.45
N SER B 57 -6.75 -11.40 -12.65
N SER B 57 4.51 -14.11 4.31
N SER B 57 -8.48 2.17 10.42
CA SER B 57 19.79 -4.66 14.74
CA SER B 57 -5.34 -10.93 -12.63
CA SER B 57 5.90 -13.96 4.81
CA SER B 57 -8.43 1.56 9.07
C SER B 57 21.19 -4.25 15.17
C SER B 57 -4.95 -10.22 -13.91
C SER B 57 6.92 -14.63 3.90
C SER B 57 -9.08 2.44 8.03
N ASP B 58 22.18 -5.03 14.79
N ASP B 58 -5.56 -10.61 -15.02
N ASP B 58 6.50 -15.68 3.22
N ASP B 58 -10.06 3.23 8.42
CA ASP B 58 23.59 -4.73 15.16
CA ASP B 58 -5.27 -9.98 -16.34
CA ASP B 58 7.41 -16.41 2.29
CA ASP B 58 -10.76 4.14 7.49
C ASP B 58 23.98 -3.32 14.69
C ASP B 58 -5.47 -8.47 -16.27
C ASP B 58 8.00 -15.46 1.26
C ASP B 58 -9.77 5.06 6.78
N TYR B 59 23.51 -2.98 13.53
N TYR B 59 -6.49 -8.07 -15.57
N TYR B 59 7.18 -14.55 0.79
N TYR B 59 -8.80 5.51 7.53
CA TYR B 59 23.74 -1.68 12.90
CA TYR B 59 -6.86 -6.68 -15.36
CA TYR B 59 7.54 -13.54 -0.18
CA TYR B 59 -7.73 6.39 7.07
C TYR B 59 22.68 -0.66 13.23
C TYR B 59 -6.23 -6.08 -14.12
C TYR B 59 8.04 -12.26 0.45
C TYR B 59 -6.52 5.63 6.57
N ASN B 60 21.71 -0.93 14.08
N ASN B 60 -5.38 -6.76 -13.39
N ASN B 60 8.20 -12.15 1.74
N ASN B 60 -6.51 4.32 6.49
CA ASN B 60 20.69 0.10 14.38
CA ASN B 60 -4.79 -6.13 -12.19
CA ASN B 60 8.70 -10.89 2.32
CA ASN B 60 -5.30 3.63 6.00
C ASN B 60 19.97 0.54 13.11
C ASN B 60 -5.87 -5.70 -11.20
C ASN B 60 7.78 -9.72 1.95
C ASN B 60 -4.08 3.97 6.85
N ILE B 61 19.58 -0.40 12.29
N ILE B 61 -6.83 -6.56 -10.96
N ILE B 61 6.48 -9.92 2.08
N ILE B 61 -4.24 3.95 8.16
CA ILE B 61 18.78 -0.08 11.07
CA ILE B 61 -7.88 -6.27 -9.94
CA ILE B 61 5.50 -8.82 1.84
CA ILE B 61 -3.09 4.18 9.07
C ILE B 61 17.32 -0.11 11.49
C ILE B 61 -7.36 -6.80 -8.62
C ILE B 61 5.32 -8.11 3.18
C ILE B 61 -2.46 2.82 9.32
N GLN B 62 16.62 0.99 11.42
N GLN B 62 -7.14 -5.94 -7.65
N GLN B 62 5.70 -6.86 3.27
N GLN B 62 -1.23 2.61 8.92
CA GLN B 62 15.20 1.10 11.87
CA GLN B 62 -6.55 -6.34 -6.34
CA GLN B 62 5.63 -6.08 4.54
CA GLN B 62 -0.54 1.29 9.04
C GLN B 62 14.28 1.10 10.65
C GLN B 62 -7.66 -6.38 -5.28
C GLN B 62 4.42 -5.14 4.51
C GLN B 62 0.45 1.34 10.20
N LYS B 63 12.98 0.98 10.87
N LYS B 63 -7.37 -6.90 -4.10
N LYS B 63 4.10 -4.52 5.64
N LYS B 63 1.00 0.20 10.60
CA LYS B 63 12.01 0.90 9.80
CA LYS B 63 -8.34 -7.07 -3.04
CA LYS B 63 2.94 -3.66 5.75
CA LYS B 63 1.91 0.11 11.73
C LYS B 63 12.18 2.11 8.88
C LYS B 63 -9.00 -5.71 -2.76
C LYS B 63 3.01 -2.57 4.68
C LYS B 63 3.05 1.09 11.54
N GLU B 64 11.98 1.80 7.59
N GLU B 64 -10.30 -5.84 -2.48
N GLU B 64 1.81 -2.27 4.16
N GLU B 64 3.43 1.66 12.69
CA GLU B 64 12.06 2.73 6.49
CA GLU B 64 -11.19 -4.74 -2.15
CA GLU B 64 1.56 -1.29 3.14
CA GLU B 64 4.50 2.63 12.82
C GLU B 64 13.41 3.33 6.18
C GLU B 64 -11.50 -3.75 -3.23
C GLU B 64 2.10 -1.55 1.77
C GLU B 64 4.30 3.98 12.20
N SER B 65 14.44 2.65 6.66
N SER B 65 -11.25 -4.17 -4.46
N SER B 65 2.40 -2.82 1.52
N SER B 65 3.05 4.30 11.92
CA SER B 65 15.84 2.99 6.36
CA SER B 65 -11.58 -3.40 -5.67
CA SER B 65 2.83 -3.31 0.21
CA SER B 65 2.64 5.60 11.42
C SER B 65 16.11 2.62 4.89
C SER B 65 -13.12 -3.42 -5.81
C SER B 65 1.61 -3.27 -0.73
C SER B 65 2.79 6.62 12.58
N THR B 66 17.13 3.20 4.31
N THR B 66 -13.66 -2.47 -6.55
N THR B 66 1.84 -3.26 -2.01
N THR B 66 2.87 7.88 12.25
CA THR B 66 17.54 2.88 2.94
CA THR B 66 -15.09 -2.41 -6.85
CA THR B 66 0.76 -3.31 -3.01
CA THR B 66 2.93 8.95 13.24
C THR B 66 18.97 2.35 2.98
C THR B 66 -15.28 -2.52 -8.36
C THR B 66 0.94 -4.57 -3.86
C THR B 66 1.72 9.88 13.05
N LEU B 67 19.21 1.17 2.40
N LEU B 67 -16.12 -3.46 -8.81
N LEU B 67 -0.10 -5.40 -3.98
N LEU B 67 0.95 10.11 14.11
CA LEU B 67 20.58 0.65 2.30
CA LEU B 67 -16.43 -3.54 -10.25
CA LEU B 67 -0.03 -6.58 -4.86
CA LEU B 67 -0.16 11.07 14.01
C LEU B 67 21.02 0.89 0.84
C LEU B 67 -17.84 -2.93 -10.40
C LEU B 67 -0.84 -6.20 -6.11
C LEU B 67 0.34 12.36 14.72
N HIS B 68 22.28 1.00 0.61
N HIS B 68 -18.15 -2.42 -11.55
N HIS B 68 -0.54 -6.79 -7.21
N HIS B 68 -0.19 13.48 14.36
CA HIS B 68 22.74 1.18 -0.78
CA HIS B 68 -19.51 -1.87 -11.74
CA HIS B 68 -1.32 -6.48 -8.43
CA HIS B 68 0.23 14.73 15.04
C HIS B 68 23.35 -0.16 -1.21
C HIS B 68 -20.26 -2.89 -12.61
C HIS B 68 -2.23 -7.70 -8.66
C HIS B 68 -0.93 15.10 15.96
N LEU B 69 23.02 -0.60 -2.41
N LEU B 69 -21.49 -3.19 -12.25
N LEU B 69 -3.48 -7.45 -8.98
N LEU B 69 -0.61 15.48 17.19
CA LEU B 69 23.57 -1.83 -2.97
CA LEU B 69 -22.33 -4.09 -13.03
CA LEU B 69 -4.43 -8.51 -9.29
CA LEU B 69 -1.61 15.94 18.16
C LEU B 69 24.58 -1.55 -4.04
C LEU B 69 -23.41 -3.35 -13.76
C LEU B 69 -4.74 -8.55 -10.76
C LEU B 69 -1.53 17.42 18.36
N VAL B 70 25.82 -1.88 -3.87
N VAL B 70 -23.41 -3.33 -15.05
N VAL B 70 -4.40 -9.59 -11.45
N VAL B 70 -2.54 18.16 18.01
CA VAL B 70 26.83 -1.71 -4.95
CA VAL B 70 -24.52 -2.70 -15.82
CA VAL B 70 -4.79 -9.73 -12.89
CA VAL B 70 -2.55 19.63 18.29
C VAL B 70 27.12 -3.15 -5.40
C VAL B 70 -25.28 -3.89 -16.41
C VAL B 70 -5.88 -10.82 -12.87
C VAL B 70 -3.60 19.76 19.41
N LEU B 71 27.25 -3.37 -6.70
N LEU B 71 -26.59 -3.82 -16.43
N LEU B 71 -6.91 -10.65 -13.66
N LEU B 71 -3.34 20.61 20.39
CA LEU B 71 27.57 -4.71 -7.21
CA LEU B 71 -27.40 -4.91 -17.01
CA LEU B 71 -7.99 -11.67 -13.73
CA LEU B 71 -4.30 20.83 21.48
C LEU B 71 29.05 -4.85 -7.42
C LEU B 71 -27.77 -4.58 -18.43
C LEU B 71 -7.74 -12.58 -14.90
C LEU B 71 -5.15 22.04 21.18
N MET A 1 6.38 18.40 -20.67
CA MET A 1 5.74 19.56 -20.05
C MET A 1 6.28 19.67 -18.60
N GLN A 2 6.34 20.88 -18.14
CA GLN A 2 6.81 21.11 -16.74
C GLN A 2 5.61 21.10 -15.81
N ILE A 3 5.80 20.45 -14.66
CA ILE A 3 4.77 20.47 -13.61
C ILE A 3 5.53 20.83 -12.30
N PHE A 4 4.75 21.23 -11.33
CA PHE A 4 5.40 21.59 -10.01
C PHE A 4 4.91 20.64 -8.96
N VAL A 5 5.74 20.16 -8.03
CA VAL A 5 5.27 19.32 -6.95
C VAL A 5 5.58 20.10 -5.65
N LYS A 6 4.57 20.50 -4.95
CA LYS A 6 4.78 21.30 -3.70
C LYS A 6 4.77 20.35 -2.53
N THR A 7 5.82 20.41 -1.68
CA THR A 7 5.88 19.52 -0.51
C THR A 7 5.42 20.27 0.74
N LEU A 8 5.24 19.58 1.84
CA LEU A 8 4.74 20.24 3.07
C LEU A 8 5.81 21.08 3.74
N THR A 9 7.06 21.03 3.24
CA THR A 9 8.08 21.90 3.94
C THR A 9 8.35 23.16 3.18
N GLY A 10 7.52 23.50 2.24
CA GLY A 10 7.67 24.69 1.43
C GLY A 10 8.68 24.63 0.33
N LYS A 11 9.10 23.43 0.00
CA LYS A 11 10.01 23.21 -1.12
C LYS A 11 9.11 22.84 -2.31
N THR A 12 9.42 23.38 -3.48
CA THR A 12 8.62 22.98 -4.66
C THR A 12 9.61 22.35 -5.64
N ILE A 13 9.25 21.19 -6.17
CA ILE A 13 10.23 20.60 -7.13
C ILE A 13 9.65 20.67 -8.52
N THR A 14 10.47 20.94 -9.51
CA THR A 14 9.89 20.97 -10.89
C THR A 14 10.25 19.66 -11.57
N LEU A 15 9.33 19.09 -12.33
CA LEU A 15 9.58 17.83 -13.01
C LEU A 15 9.25 18.02 -14.49
N GLU A 16 9.89 17.22 -15.31
CA GLU A 16 9.51 17.26 -16.76
C GLU A 16 8.85 15.92 -17.00
N VAL A 17 7.60 16.03 -17.42
CA VAL A 17 6.77 14.86 -17.67
C VAL A 17 5.93 15.04 -18.95
N GLU A 18 5.32 13.93 -19.31
CA GLU A 18 4.37 13.84 -20.41
C GLU A 18 3.06 13.38 -19.82
N PRO A 19 1.95 13.87 -20.34
CA PRO A 19 0.61 13.47 -19.90
C PRO A 19 0.43 11.98 -19.97
N SER A 20 1.19 11.31 -20.81
CA SER A 20 1.03 9.85 -20.98
C SER A 20 1.72 9.11 -19.87
N ASP A 21 2.49 9.83 -19.05
CA ASP A 21 3.19 9.10 -17.96
C ASP A 21 2.21 8.63 -16.92
N THR A 22 2.51 7.52 -16.30
CA THR A 22 1.71 6.99 -15.21
C THR A 22 2.16 7.68 -13.91
N ILE A 23 1.25 7.61 -12.94
CA ILE A 23 1.52 8.13 -11.60
C ILE A 23 2.72 7.40 -10.98
N GLU A 24 2.80 6.12 -11.24
CA GLU A 24 3.98 5.32 -10.73
C GLU A 24 5.27 5.90 -11.23
N CYS A 25 5.30 6.34 -12.52
CA CYS A 25 6.50 6.91 -13.13
C CYS A 25 6.85 8.24 -12.50
N VAL A 26 5.82 9.05 -12.28
CA VAL A 26 6.04 10.34 -11.65
C VAL A 26 6.71 10.15 -10.29
N LYS A 27 6.18 9.20 -9.52
CA LYS A 27 6.74 8.92 -8.19
C LYS A 27 8.19 8.48 -8.29
N ALA A 28 8.54 7.70 -9.30
CA ALA A 28 9.92 7.29 -9.53
C ALA A 28 10.80 8.47 -9.89
N LYS A 29 10.31 9.43 -10.66
CA LYS A 29 11.09 10.64 -10.97
C LYS A 29 11.35 11.47 -9.69
N ILE A 30 10.35 11.49 -8.81
CA ILE A 30 10.50 12.25 -7.55
C ILE A 30 11.53 11.50 -6.70
N GLN A 31 11.49 10.19 -6.69
CA GLN A 31 12.50 9.45 -5.86
C GLN A 31 13.90 9.76 -6.40
N ASP A 32 14.01 9.63 -7.70
CA ASP A 32 15.30 9.91 -8.37
C ASP A 32 15.83 11.29 -8.03
N LYS A 33 14.94 12.30 -7.98
CA LYS A 33 15.50 13.66 -7.74
C LYS A 33 15.53 14.13 -6.33
N GLU A 34 14.74 13.67 -5.41
CA GLU A 34 14.73 14.09 -4.02
C GLU A 34 14.92 12.96 -3.04
N GLY A 35 14.94 11.73 -3.52
CA GLY A 35 15.18 10.58 -2.69
C GLY A 35 14.07 10.02 -1.89
N ILE A 36 12.84 10.55 -2.06
CA ILE A 36 11.72 10.01 -1.29
C ILE A 36 11.20 8.72 -1.91
N PRO A 37 11.15 7.65 -1.13
CA PRO A 37 10.64 6.34 -1.58
C PRO A 37 9.21 6.46 -2.09
N PRO A 38 8.88 5.84 -3.19
CA PRO A 38 7.51 5.95 -3.73
C PRO A 38 6.45 5.52 -2.76
N ASP A 39 6.74 4.57 -1.90
CA ASP A 39 5.72 4.05 -0.95
C ASP A 39 5.34 5.08 0.11
N GLN A 40 6.16 6.11 0.23
CA GLN A 40 5.83 7.18 1.22
C GLN A 40 5.08 8.36 0.58
N GLN A 41 5.02 8.40 -0.74
CA GLN A 41 4.40 9.48 -1.46
C GLN A 41 2.90 9.36 -1.66
N ARG A 42 2.21 10.46 -1.32
CA ARG A 42 0.75 10.57 -1.60
C ARG A 42 0.62 11.80 -2.48
N LEU A 43 0.18 11.67 -3.73
CA LEU A 43 0.09 12.84 -4.63
C LEU A 43 -1.35 13.30 -4.76
N ILE A 44 -1.57 14.59 -4.57
CA ILE A 44 -2.91 15.19 -4.61
C ILE A 44 -3.02 16.28 -5.66
N PHE A 45 -4.11 16.19 -6.46
CA PHE A 45 -4.39 17.20 -7.50
C PHE A 45 -5.92 17.33 -7.53
N ALA A 46 -6.32 18.58 -7.46
CA ALA A 46 -7.74 18.98 -7.52
C ALA A 46 -8.59 18.14 -6.58
N GLY A 47 -8.08 17.99 -5.40
CA GLY A 47 -8.62 17.24 -4.29
C GLY A 47 -8.80 15.76 -4.47
N CYS A 48 -8.13 15.15 -5.41
CA CYS A 48 -8.12 13.71 -5.63
C CYS A 48 -6.78 13.12 -5.25
N GLN A 49 -6.74 11.97 -4.70
CA GLN A 49 -5.43 11.30 -4.47
C GLN A 49 -5.16 10.55 -5.77
N LEU A 50 -3.98 10.72 -6.33
CA LEU A 50 -3.65 10.11 -7.64
C LEU A 50 -3.29 8.65 -7.46
N GLU A 51 -3.77 7.80 -8.37
CA GLU A 51 -3.53 6.34 -8.25
C GLU A 51 -2.42 5.92 -9.18
N ASP A 52 -1.53 5.06 -8.79
CA ASP A 52 -0.35 4.62 -9.54
C ASP A 52 -0.48 4.20 -10.99
N GLY A 53 -1.50 3.45 -11.32
CA GLY A 53 -1.74 2.91 -12.67
C GLY A 53 -2.40 3.82 -13.65
N ARG A 54 -2.89 4.98 -13.21
CA ARG A 54 -3.49 5.96 -14.13
C ARG A 54 -2.37 6.83 -14.68
N THR A 55 -2.66 7.57 -15.72
CA THR A 55 -1.72 8.53 -16.36
C THR A 55 -2.16 9.94 -15.93
N LEU A 56 -1.27 10.90 -16.12
CA LEU A 56 -1.55 12.31 -15.83
C LEU A 56 -2.72 12.75 -16.70
N SER A 57 -2.80 12.25 -17.95
CA SER A 57 -3.93 12.69 -18.80
C SER A 57 -5.26 12.26 -18.24
N ASP A 58 -5.29 11.15 -17.53
CA ASP A 58 -6.56 10.64 -16.93
C ASP A 58 -7.20 11.71 -16.05
N TYR A 59 -6.37 12.41 -15.33
CA TYR A 59 -6.76 13.49 -14.42
C TYR A 59 -6.79 14.84 -15.09
N ASN A 60 -6.55 14.98 -16.38
CA ASN A 60 -6.58 16.32 -16.99
C ASN A 60 -5.58 17.25 -16.32
N ILE A 61 -4.36 16.77 -16.10
CA ILE A 61 -3.28 17.62 -15.54
C ILE A 61 -2.59 18.28 -16.73
N GLN A 62 -2.64 19.57 -16.85
CA GLN A 62 -2.07 20.32 -18.00
C GLN A 62 -0.74 20.97 -17.58
N LYS A 63 0.04 21.51 -18.58
CA LYS A 63 1.33 22.10 -18.24
C LYS A 63 1.17 23.16 -17.17
N GLU A 64 2.22 23.18 -16.36
CA GLU A 64 2.37 24.09 -15.26
C GLU A 64 1.44 23.96 -14.10
N SER A 65 0.81 22.79 -14.03
CA SER A 65 -0.07 22.42 -12.91
C SER A 65 0.84 22.18 -11.68
N THR A 66 0.25 22.25 -10.50
CA THR A 66 0.96 21.97 -9.25
C THR A 66 0.29 20.77 -8.56
N LEU A 67 1.06 19.74 -8.22
CA LEU A 67 0.49 18.62 -7.46
C LEU A 67 0.98 18.81 -6.00
N HIS A 68 0.26 18.31 -5.06
CA HIS A 68 0.72 18.43 -3.66
C HIS A 68 1.24 17.05 -3.26
N LEU A 69 2.38 17.02 -2.60
CA LEU A 69 2.96 15.77 -2.10
C LEU A 69 2.83 15.67 -0.60
N VAL A 70 2.10 14.73 -0.09
CA VAL A 70 2.03 14.52 1.38
C VAL A 70 2.81 13.21 1.60
N LEU A 71 3.60 13.15 2.65
CA LEU A 71 4.36 11.93 2.95
C LEU A 71 3.61 11.09 3.95
N ARG A 72 3.55 9.80 3.73
N ARG A 72 3.64 9.77 3.74
N ARG A 72 3.55 9.80 3.74
N ARG A 72 3.55 9.78 3.77
CA ARG A 72 2.82 8.91 4.66
CA ARG A 72 3.03 8.77 4.64
CA ARG A 72 2.83 8.91 4.68
CA ARG A 72 2.84 8.92 4.74
C ARG A 72 3.76 8.71 5.84
C ARG A 72 1.53 8.89 4.42
C ARG A 72 3.49 9.12 6.03
C ARG A 72 3.88 7.91 5.22
N LEU A 73 4.99 9.08 5.78
N LEU A 73 0.69 8.36 5.25
N LEU A 73 2.79 9.15 7.12
N LEU A 73 4.77 8.25 6.11
CA LEU A 73 5.89 8.88 6.95
CA LEU A 73 -0.76 8.48 5.01
CA LEU A 73 3.47 9.36 8.42
CA LEU A 73 5.78 7.27 6.56
C LEU A 73 5.19 9.35 8.22
C LEU A 73 -1.17 7.56 3.87
C LEU A 73 4.19 8.09 8.84
C LEU A 73 5.09 5.96 6.93
N ARG A 74 4.54 8.39 8.86
N ARG A 74 -1.42 6.32 4.23
N ARG A 74 5.25 8.30 9.59
N ARG A 74 5.86 4.89 6.79
CA ARG A 74 3.78 8.64 10.10
CA ARG A 74 -1.81 5.27 3.27
CA ARG A 74 6.11 7.21 10.10
CA ARG A 74 5.39 3.53 7.08
C ARG A 74 3.97 7.44 11.03
C ARG A 74 -2.15 4.00 4.03
C ARG A 74 5.27 6.32 11.01
C ARG A 74 6.54 2.72 7.68
N GLY A 75 4.96 6.62 10.69
N GLY A 75 -3.29 3.42 3.67
N GLY A 75 5.53 5.02 10.91
N GLY A 75 6.16 1.62 8.32
CA GLY A 75 5.29 5.41 11.44
CA GLY A 75 -3.81 2.21 4.28
CA GLY A 75 4.85 4.00 11.69
CA GLY A 75 7.09 0.72 8.98
C GLY A 75 6.63 4.81 11.11
C GLY A 75 -5.10 1.69 3.69
C GLY A 75 5.51 2.64 11.71
C GLY A 75 6.55 0.02 10.22
N GLY A 76 6.93 3.74 11.84
N GLY A 76 -5.50 0.55 4.22
N GLY A 76 4.86 1.74 12.42
N GLY A 76 6.69 -1.28 10.20
CA GLY A 76 8.16 2.95 11.71
CA GLY A 76 -6.73 -0.17 3.85
CA GLY A 76 5.28 0.34 12.58
CA GLY A 76 6.26 -2.19 11.28
C GLY A 76 7.85 1.49 12.06
C GLY A 76 -6.59 -1.64 4.26
C GLY A 76 5.30 -0.32 11.20
C GLY A 76 4.85 -1.78 11.72
N MET B 1 9.78 -7.99 6.66
N MET B 1 -11.31 -11.29 1.73
N MET B 1 -1.68 -6.14 9.52
N MET B 1 -2.87 -2.89 19.39
CA MET B 1 9.90 -6.53 6.79
CA MET B 1 -11.39 -9.82 1.75
CA MET B 1 -0.97 -5.13 8.72
CA MET B 1 -1.63 -2.41 18.76
C MET B 1 10.50 -6.01 5.46
C MET B 1 -12.77 -9.43 1.17
C MET B 1 -1.88 -4.80 7.50
C MET B 1 -1.24 -1.08 19.46
N GLN B 2 10.12 -4.80 5.15
N GLN B 2 -13.26 -8.32 1.65
N GLN B 2 -1.77 -3.58 7.06
N GLN B 2 0.04 -0.86 19.50
CA GLN B 2 10.66 -4.18 3.90
CA GLN B 2 -14.58 -7.82 1.15
CA GLN B 2 -2.57 -3.17 5.87
CA GLN B 2 0.52 0.41 20.13
C GLN B 2 11.92 -3.41 4.24
C GLN B 2 -14.33 -6.90 -0.04
C GLN B 2 -1.74 -3.42 4.62
C GLN B 2 0.63 1.48 19.06
N ILE B 3 12.92 -3.54 3.36
N ILE B 3 -15.16 -7.05 -1.05
N ILE B 3 -2.41 -3.93 3.59
N ILE B 3 0.21 2.69 19.41
CA ILE B 3 14.15 -2.74 3.49
CA ILE B 3 -15.13 -6.12 -2.21
CA ILE B 3 -1.77 -4.09 2.28
CA ILE B 3 0.39 3.85 18.53
C ILE B 3 14.41 -2.13 2.08
C ILE B 3 -16.61 -5.69 -2.44
C ILE B 3 -2.78 -3.48 1.24
C ILE B 3 1.00 4.97 19.41
N PHE B 4 15.24 -1.12 2.09
N PHE B 4 -16.74 -4.62 -3.18
N PHE B 4 -2.24 -3.21 0.08
N PHE B 4 1.54 5.95 18.74
CA PHE B 4 15.56 -0.48 0.76
CA PHE B 4 -18.14 -4.13 -3.46
CA PHE B 4 -3.14 -2.63 -0.98
CA PHE B 4 2.15 7.08 19.52
C PHE B 4 17.02 -0.68 0.46
C PHE B 4 -18.39 -4.24 -4.94
C PHE B 4 -3.24 -3.60 -2.12
C PHE B 4 1.38 8.34 19.21
N VAL B 5 17.43 -0.96 -0.78
N VAL B 5 -19.57 -4.64 -5.41
N VAL B 5 -4.40 -3.80 -2.74
N VAL B 5 1.11 9.23 20.16
CA VAL B 5 18.84 -1.07 -1.10
CA VAL B 5 -19.87 -4.66 -6.82
CA VAL B 5 -4.50 -4.67 -3.90
CA VAL B 5 0.45 10.48 19.89
C VAL B 5 19.11 0.04 -2.15
C VAL B 5 -21.06 -3.68 -7.02
C VAL B 5 -4.98 -3.75 -5.06
C VAL B 5 1.47 11.58 20.30
N LYS B 6 19.90 1.00 -1.80
N LYS B 6 -20.84 -2.62 -7.71
N LYS B 6 -4.16 -3.57 -6.04
N LYS B 6 1.94 12.32 19.37
CA LYS B 6 20.17 2.14 -2.74
CA LYS B 6 -21.92 -1.60 -7.89
CA LYS B 6 -4.52 -2.67 -7.19
CA LYS B 6 2.97 13.38 19.68
C LYS B 6 21.44 1.83 -3.48
C LYS B 6 -22.60 -1.89 -9.21
C LYS B 6 -5.09 -3.51 -8.29
C LYS B 6 2.24 14.69 19.86
N THR B 7 21.40 1.89 -4.83
N THR B 7 -23.95 -2.01 -9.19
N THR B 7 -6.30 -3.15 -8.78
N THR B 7 2.48 15.38 21.00
CA THR B 7 22.60 1.61 -5.63
CA THR B 7 -24.68 -2.29 -10.43
CA THR B 7 -6.93 -3.93 -9.85
CA THR B 7 1.81 16.66 21.25
C THR B 7 23.27 2.93 -6.04
C THR B 7 -25.27 -0.98 -10.98
C THR B 7 -6.69 -3.23 -11.20
C THR B 7 2.77 17.81 20.90
N LEU B 8 24.46 2.87 -6.60
N LEU B 8 -25.80 -1.00 -12.18
N LEU B 8 -7.00 -3.88 -12.29
N LEU B 8 2.28 19.03 20.89
CA LEU B 8 25.17 4.10 -6.99
CA LEU B 8 -26.35 0.23 -12.79
CA LEU B 8 -6.76 -3.29 -13.63
CA LEU B 8 3.13 20.18 20.51
C LEU B 8 24.58 4.76 -8.22
C LEU B 8 -27.67 0.66 -12.18
C LEU B 8 -7.72 -2.16 -13.95
C LEU B 8 4.12 20.56 21.60
N THR B 9 23.61 4.09 -8.88
N THR B 9 -28.23 -0.18 -11.28
N THR B 9 -8.74 -1.94 -13.10
N THR B 9 4.01 19.91 22.78
CA THR B 9 23.07 4.79 -10.09
CA THR B 9 -29.53 0.28 -10.69
CA THR B 9 -9.66 -0.81 -13.47
CA THR B 9 5.02 20.32 23.83
C THR B 9 21.74 5.44 -9.81
C THR B 9 -29.37 0.84 -9.32
C THR B 9 -9.38 0.43 -12.68
C THR B 9 6.13 19.31 23.95
N GLY B 10 21.40 5.61 -8.57
N GLY B 10 -28.17 1.14 -8.93
N GLY B 10 -8.25 0.49 -12.04
N GLY B 10 6.28 18.45 22.99
CA GLY B 10 20.16 6.23 -8.16
CA GLY B 10 -27.86 1.69 -7.63
CA GLY B 10 -7.85 1.64 -11.25
CA GLY B 10 7.30 17.44 22.97
C GLY B 10 18.92 5.38 -8.27
C GLY B 10 -27.85 0.72 -6.49
C GLY B 10 -8.47 1.75 -9.89
C GLY B 10 7.08 16.25 23.86
N LYS B 11 19.12 4.09 -8.39
N LYS B 11 -27.79 -0.54 -6.79
N LYS B 11 -9.06 0.68 -9.42
N LYS B 11 5.86 16.07 24.29
CA LYS B 11 18.02 3.13 -8.40
CA LYS B 11 -27.68 -1.60 -5.79
CA LYS B 11 -9.62 0.61 -8.08
CA LYS B 11 5.47 14.90 25.06
C LYS B 11 17.92 2.61 -6.94
C LYS B 11 -26.17 -1.92 -5.71
C LYS B 11 -8.52 -0.04 -7.21
C LYS B 11 4.86 13.91 24.04
N THR B 12 16.71 2.48 -6.44
N THR B 12 -25.67 -2.10 -4.50
N THR B 12 -8.33 0.48 -6.02
N THR B 12 5.20 12.64 24.19
CA THR B 12 16.58 1.91 -5.09
CA THR B 12 -24.26 -2.50 -4.39
CA THR B 12 -7.35 -0.17 -5.13
CA THR B 12 4.57 11.66 23.28
C THR B 12 15.74 0.64 -5.26
C THR B 12 -24.24 -3.85 -3.68
C THR B 12 -8.12 -0.60 -3.88
C THR B 12 3.81 10.69 24.18
N ILE B 13 16.21 -0.46 -4.66
N ILE B 13 -23.50 -4.79 -4.24
N ILE B 13 -7.94 -1.85 -3.47
N ILE B 13 2.56 10.42 23.83
CA ILE B 13 15.37 -1.68 -4.82
CA ILE B 13 -23.50 -6.11 -3.53
CA ILE B 13 -8.69 -2.24 -2.25
CA ILE B 13 1.83 9.45 24.70
C ILE B 13 14.73 -2.02 -3.50
C ILE B 13 -22.15 -6.32 -2.89
C ILE B 13 -7.73 -2.39 -1.11
C ILE B 13 1.64 8.16 23.96
N THR B 14 13.50 -2.47 -3.51
N THR B 14 -22.11 -6.88 -1.71
N THR B 14 -8.13 -2.00 0.08
N THR B 14 1.75 7.04 24.64
CA THR B 14 12.90 -2.84 -2.18
CA THR B 14 -20.76 -7.12 -1.11
CA THR B 14 -7.18 -2.20 1.22
CA THR B 14 1.52 5.77 23.90
C THR B 14 12.95 -4.34 -2.06
C THR B 14 -20.41 -8.58 -1.30
C THR B 14 -7.63 -3.41 2.00
C THR B 14 0.14 5.28 24.24
N LEU B 15 13.27 -4.86 -0.87
N LEU B 15 -19.18 -8.90 -1.63
N LEU B 15 -6.70 -4.24 2.45
N LEU B 15 -0.60 4.76 23.27
CA LEU B 15 13.35 -6.28 -0.65
CA LEU B 15 -18.76 -10.27 -1.85
CA LEU B 15 -7.04 -5.44 3.20
CA LEU B 15 -1.95 4.27 23.50
C LEU B 15 12.46 -6.64 0.53
C LEU B 15 -17.54 -10.54 -0.96
C LEU B 15 -6.25 -5.43 4.51
C LEU B 15 -2.05 2.83 22.99
N GLU B 16 12.01 -7.88 0.54
N GLU B 16 -17.36 -11.79 -0.62
N GLU B 16 -6.80 -6.09 5.50
N GLU B 16 -2.96 2.09 23.57
CA GLU B 16 11.24 -8.32 1.75
CA GLU B 16 -16.11 -12.14 0.13
CA GLU B 16 -6.00 -6.23 6.76
CA GLU B 16 -3.18 0.72 23.01
C GLU B 16 12.15 -9.34 2.40
C GLU B 16 -15.32 -12.97 -0.86
C GLU B 16 -5.67 -7.70 6.80
C GLU B 16 -4.56 0.80 22.40
N VAL B 17 12.49 -9.02 3.64
N VAL B 17 -14.14 -12.46 -1.14
N VAL B 17 -4.36 -7.93 6.84
N VAL B 17 -4.57 0.52 21.11
CA VAL B 17 13.40 -9.84 4.43
CA VAL B 17 -13.23 -13.08 -2.11
CA VAL B 17 -3.80 -9.28 6.83
CA VAL B 17 -5.79 0.59 20.31
C VAL B 17 12.92 -9.96 5.89
C VAL B 17 -11.78 -13.03 -1.60
C VAL B 17 -2.61 -9.40 7.80
C VAL B 17 -5.87 -0.58 19.33
N GLU B 18 13.61 -10.85 6.56
N GLU B 18 -10.98 -13.75 -2.35
N GLU B 18 -2.23 -10.64 7.97
N GLU B 18 -7.05 -0.66 18.74
CA GLU B 18 13.45 -11.08 8.00
CA GLU B 18 -9.52 -13.81 -2.18
CA GLU B 18 -1.04 -11.02 8.74
CA GLU B 18 -7.36 -1.61 17.67
C GLU B 18 14.80 -10.79 8.64
C GLU B 18 -8.91 -13.31 -3.48
C GLU B 18 -0.12 -11.75 7.77
C GLU B 18 -7.75 -0.77 16.46
N PRO B 19 14.78 -10.24 9.84
N PRO B 19 -7.80 -12.60 -3.38
N PRO B 19 1.17 -11.58 7.94
N PRO B 19 -7.40 -1.24 15.28
CA PRO B 19 16.00 -9.95 10.59
CA PRO B 19 -7.09 -12.09 -4.56
CA PRO B 19 2.18 -12.27 7.11
CA PRO B 19 -7.75 -0.56 14.02
C PRO B 19 16.86 -11.18 10.76
C PRO B 19 -6.75 -13.20 -5.52
C PRO B 19 2.00 -13.76 7.14
C PRO B 19 -9.24 -0.34 13.91
N SER B 20 16.25 -12.35 10.70
N SER B 20 -6.65 -14.42 -5.02
N SER B 20 1.38 -14.27 8.19
N SER B 20 -10.03 -1.15 14.60
CA SER B 20 17.01 -13.60 10.90
CA SER B 20 -6.26 -15.55 -5.89
CA SER B 20 1.21 -15.73 8.33
CA SER B 20 -11.49 -1.05 14.49
C SER B 20 17.76 -13.99 9.65
C SER B 20 -7.44 -16.04 -6.69
C SER B 20 0.05 -16.22 7.49
C SER B 20 -12.01 0.09 15.36
N ASP B 21 17.49 -13.29 8.55
N ASP B 21 -8.63 -15.52 -6.39
N ASP B 21 -0.72 -15.28 6.92
N ASP B 21 -11.12 0.66 16.18
CA ASP B 21 18.21 -13.67 7.30
CA ASP B 21 -9.80 -16.01 -7.17
CA ASP B 21 -1.87 -15.75 6.11
CA ASP B 21 -11.62 1.75 17.05
C ASP B 21 19.67 -13.31 7.40
C ASP B 21 -9.74 -15.49 -8.58
C ASP B 21 -1.39 -16.37 4.83
C ASP B 21 -11.92 2.98 16.22
N THR B 22 20.51 -14.10 6.76
N THR B 22 -10.26 -16.27 -9.51
N THR B 22 -2.13 -17.34 4.34
N THR B 22 -12.91 3.75 16.66
CA THR B 22 21.92 -13.82 6.69
CA THR B 22 -10.35 -15.87 -10.90
CA THR B 22 -1.85 -17.97 3.07
CA THR B 22 -13.25 5.00 16.02
C THR B 22 22.17 -12.83 5.54
C THR B 22 -11.63 -15.03 -11.08
C THR B 22 -2.47 -17.12 1.96
C THR B 22 -12.32 6.09 16.58
N ILE B 23 23.33 -12.18 5.63
N ILE B 23 -11.61 -14.28 -12.18
N ILE B 23 -1.94 -17.35 0.75
N ILE B 23 -12.26 7.18 15.80
CA ILE B 23 23.78 -11.27 4.59
CA ILE B 23 -12.77 -13.48 -12.56
CA ILE B 23 -2.46 -16.69 -0.43
CA ILE B 23 -11.50 8.35 16.21
C ILE B 23 23.93 -12.02 3.27
C ILE B 23 -13.98 -14.38 -12.81
C ILE B 23 -3.93 -17.09 -0.66
C ILE B 23 -12.07 8.93 17.50
N GLU B 24 24.40 -13.24 3.33
N GLU B 24 -13.73 -15.53 -13.39
N GLU B 24 -4.26 -18.32 -0.37
N GLU B 24 -13.37 8.90 17.63
CA GLU B 24 24.52 -14.08 2.10
CA GLU B 24 -14.84 -16.52 -13.62
CA GLU B 24 -5.68 -18.78 -0.49
CA GLU B 24 -14.03 9.38 18.89
C GLU B 24 23.19 -14.23 1.42
C GLU B 24 -15.51 -16.88 -12.32
C GLU B 24 -6.58 -17.93 0.38
C GLU B 24 -13.51 8.62 20.09
N ASN B 25 22.14 -14.41 2.19
N ASN B 25 -14.73 -17.06 -11.27
N ASN B 25 -6.12 -17.59 1.58
N ASN B 25 -13.32 7.32 19.93
CA ASN B 25 20.76 -14.58 1.70
CA ASN B 25 -15.20 -17.41 -9.92
CA ASN B 25 -6.86 -16.78 2.55
CA ASN B 25 -12.82 6.43 20.98
C ASN B 25 20.25 -13.30 1.02
C ASN B 25 -16.06 -16.30 -9.32
C ASN B 25 -7.07 -15.35 2.05
C ASN B 25 -11.38 6.76 21.37
N VAL B 26 20.53 -12.18 1.68
N VAL B 26 -15.56 -15.08 -9.48
N VAL B 26 -6.00 -14.81 1.49
N VAL B 26 -10.58 6.99 20.34
CA VAL B 26 20.14 -10.89 1.14
CA VAL B 26 -16.27 -13.92 -8.98
CA VAL B 26 -6.05 -13.46 0.93
CA VAL B 26 -9.18 7.35 20.55
C VAL B 26 20.77 -10.70 -0.24
C VAL B 26 -17.66 -13.87 -9.62
C VAL B 26 -7.12 -13.41 -0.15
C VAL B 26 -9.12 8.62 21.39
N LYS B 27 22.06 -11.01 -0.32
N LYS B 27 -17.69 -14.06 -10.94
N LYS B 27 -7.10 -14.41 -1.03
N LYS B 27 -9.93 9.61 21.01
CA LYS B 27 22.78 -10.87 -1.60
CA LYS B 27 -18.96 -14.02 -11.68
CA LYS B 27 -8.08 -14.46 -2.12
CA LYS B 27 -9.96 10.88 21.73
C LYS B 27 22.16 -11.76 -2.66
C LYS B 27 -19.91 -15.10 -11.17
C LYS B 27 -9.49 -14.54 -1.58
C LYS B 27 -10.35 10.68 23.18
N ALA B 28 21.73 -12.95 -2.31
N ALA B 28 -19.38 -16.27 -10.84
N ALA B 28 -9.71 -15.27 -0.50
N ALA B 28 -11.29 9.78 23.45
CA ALA B 28 21.06 -13.86 -3.25
CA ALA B 28 -20.20 -17.36 -10.28
CA ALA B 28 -11.02 -15.36 0.14
CA ALA B 28 -11.69 9.46 24.83
C ALA B 28 19.72 -13.29 -3.70
C ALA B 28 -20.74 -16.98 -8.91
C ALA B 28 -11.44 -14.01 0.73
C ALA B 28 -10.57 8.79 25.59
N LYS B 29 18.97 -12.65 -2.82
N LYS B 29 -19.97 -16.30 -8.08
N LYS B 29 -10.52 -13.25 1.30
N LYS B 29 -9.77 7.93 24.97
CA LYS B 29 17.70 -12.00 -3.21
CA LYS B 29 -20.45 -15.84 -6.76
CA LYS B 29 -10.84 -11.90 1.81
CA LYS B 29 -8.61 7.32 25.63
C LYS B 29 17.95 -10.84 -4.20
C LYS B 29 -21.59 -14.82 -6.93
C LYS B 29 -11.25 -10.97 0.66
C LYS B 29 -7.57 8.39 25.99
N ILE B 30 19.06 -10.13 -3.98
N ILE B 30 -21.47 -13.97 -7.96
N ILE B 30 -10.58 -11.13 -0.48
N ILE B 30 -7.42 9.38 25.11
CA ILE B 30 19.38 -9.01 -4.87
CA ILE B 30 -22.50 -12.96 -8.20
CA ILE B 30 -10.90 -10.28 -1.64
CA ILE B 30 -6.43 10.45 25.37
C ILE B 30 19.79 -9.62 -6.23
C ILE B 30 -23.75 -13.71 -8.70
C ILE B 30 -12.29 -10.70 -2.13
C ILE B 30 -6.99 11.28 26.53
N GLN B 31 20.53 -10.72 -6.22
N GLN B 31 -23.58 -14.71 -9.52
N GLN B 31 -12.58 -11.98 -2.14
N GLN B 31 -8.28 11.53 26.56
CA GLN B 31 20.91 -11.32 -7.53
CA GLN B 31 -24.79 -15.45 -9.99
CA GLN B 31 -13.94 -12.40 -2.60
CA GLN B 31 -8.83 12.33 27.70
C GLN B 31 19.63 -11.74 -8.28
C GLN B 31 -25.49 -16.09 -8.79
C GLN B 31 -15.00 -11.79 -1.68
C GLN B 31 -8.58 11.57 29.01
N ASP B 32 18.80 -12.43 -7.55
N ASP B 32 -24.69 -16.76 -7.99
N ASP B 32 -14.75 -11.97 -0.40
N ASP B 32 -8.93 10.32 28.97
CA ASP B 32 17.52 -12.90 -8.12
CA ASP B 32 -25.19 -17.42 -6.77
CA ASP B 32 -15.67 -11.43 0.63
CA ASP B 32 -8.74 9.44 30.15
C ASP B 32 16.73 -11.77 -8.74
C ASP B 32 -25.97 -16.45 -5.90
C ASP B 32 -15.91 -9.95 0.44
C ASP B 32 -7.31 9.48 30.65
N LYS B 33 16.69 -10.60 -8.06
N LYS B 33 -25.46 -15.22 -5.74
N LYS B 33 -14.85 -9.18 0.11
N LYS B 33 -6.33 9.45 29.71
CA LYS B 33 15.83 -9.53 -8.62
CA LYS B 33 -26.18 -14.33 -4.80
CA LYS B 33 -15.10 -7.72 0.03
CA LYS B 33 -4.93 9.39 30.22
C LYS B 33 16.48 -8.55 -9.54
C LYS B 33 -27.21 -13.42 -5.37
C LYS B 33 -15.44 -7.17 -1.31
C LYS B 33 -4.22 10.68 30.41
N GLU B 34 17.76 -8.28 -9.50
N GLU B 34 -27.20 -13.03 -6.62
N GLU B 34 -15.09 -7.75 -2.42
N GLU B 34 -4.53 11.77 29.75
CA GLU B 34 18.44 -7.34 -10.36
CA GLU B 34 -28.17 -12.16 -7.23
CA GLU B 34 -15.39 -7.26 -3.75
CA GLU B 34 -3.87 13.04 29.89
C GLU B 34 19.58 -7.95 -11.15
C GLU B 34 -28.85 -12.75 -8.44
C GLU B 34 -16.14 -8.24 -4.62
C GLU B 34 -4.79 14.17 30.25
N GLY B 35 19.92 -9.19 -10.87
N GLY B 35 -28.40 -13.91 -8.88
N GLY B 35 -16.32 -9.46 -4.14
N GLY B 35 -6.09 13.92 30.28
CA GLY B 35 20.94 -9.91 -11.60
CA GLY B 35 -29.02 -14.61 -9.98
CA GLY B 35 -17.07 -10.46 -4.83
CA GLY B 35 -7.07 14.89 30.68
C GLY B 35 22.35 -9.68 -11.24
C GLY B 35 -28.68 -14.21 -11.37
C GLY B 35 -16.43 -11.23 -5.92
C GLY B 35 -7.51 15.90 29.70
N ILE B 36 22.61 -8.90 -10.18
N ILE B 36 -27.73 -13.28 -11.53
N ILE B 36 -15.12 -11.01 -6.13
N ILE B 36 -7.06 15.81 28.44
CA ILE B 36 24.02 -8.67 -9.80
CA ILE B 36 -27.38 -12.86 -12.89
CA ILE B 36 -14.45 -11.77 -7.21
CA ILE B 36 -7.50 16.80 27.45
C ILE B 36 24.58 -9.85 -9.02
C ILE B 36 -26.43 -13.86 -13.54
C ILE B 36 -14.11 -13.18 -6.75
C ILE B 36 -8.89 16.48 26.93
N PRO B 37 25.69 -10.41 -9.49
N PRO B 37 -26.81 -14.37 -14.71
N PRO B 37 -14.56 -14.18 -7.50
N PRO B 37 -9.79 17.44 27.02
CA PRO B 37 26.37 -11.53 -8.83
CA PRO B 37 -25.99 -15.32 -15.48
CA PRO B 37 -14.28 -15.59 -7.21
CA PRO B 37 -11.18 17.30 26.53
C PRO B 37 26.73 -11.18 -7.40
C PRO B 37 -24.63 -14.75 -15.77
C PRO B 37 -12.78 -15.85 -7.15
C PRO B 37 -11.19 16.95 25.06
N PRO B 38 26.53 -12.07 -6.45
N PRO B 38 -23.57 -15.51 -15.62
N PRO B 38 -12.30 -16.61 -6.20
N PRO B 38 -12.01 16.03 24.63
CA PRO B 38 26.85 -11.76 -5.06
CA PRO B 38 -22.22 -14.98 -15.89
CA PRO B 38 -10.86 -16.87 -6.10
CA PRO B 38 -12.05 15.66 23.20
C PRO B 38 28.29 -11.37 -4.84
C PRO B 38 -22.05 -14.44 -17.28
C PRO B 38 -10.28 -17.49 -7.34
C PRO B 38 -12.34 16.81 22.29
N ASP B 39 29.20 -11.91 -5.62
N ASP B 39 -22.74 -14.99 -18.25
N ASP B 39 -11.03 -18.28 -8.05
N ASP B 39 -13.11 17.78 22.73
CA ASP B 39 30.65 -11.61 -5.44
CA ASP B 39 -22.58 -14.53 -19.66
CA ASP B 39 -10.51 -18.98 -9.26
CA ASP B 39 -13.48 18.93 21.87
C ASP B 39 30.99 -10.17 -5.79
C ASP B 39 -23.12 -13.13 -19.88
C ASP B 39 -10.22 -18.00 -10.39
C ASP B 39 -12.29 19.82 21.56
N GLN B 40 30.09 -9.50 -6.48
N GLN B 40 -23.93 -12.65 -18.93
N GLN B 40 -10.74 -16.80 -10.29
N GLN B 40 -11.22 19.67 22.32
CA GLN B 40 30.34 -8.08 -6.84
CA GLN B 40 -24.47 -11.27 -19.05
CA GLN B 40 -10.47 -15.79 -11.34
CA GLN B 40 -10.02 20.49 22.06
C GLN B 40 29.69 -7.11 -5.85
C GLN B 40 -23.62 -10.24 -18.30
C GLN B 40 -9.30 -14.86 -10.97
C GLN B 40 -8.99 19.75 21.18
N GLN B 41 28.84 -7.61 -4.96
N GLN B 41 -22.68 -10.69 -17.49
N GLN B 41 -8.84 -14.92 -9.74
N GLN B 41 -9.18 18.48 20.96
CA GLN B 41 28.13 -6.80 -4.00
CA GLN B 41 -21.85 -9.83 -16.67
CA GLN B 41 -7.78 -14.07 -9.24
CA GLN B 41 -8.28 17.65 20.20
C GLN B 41 28.87 -6.49 -2.73
C GLN B 41 -20.63 -9.27 -17.35
C GLN B 41 -6.36 -14.55 -9.52
C GLN B 41 -8.47 17.68 18.70
N ARG B 42 28.88 -5.20 -2.39
N ARG B 42 -20.47 -7.96 -17.24
N ARG B 42 -5.56 -13.65 -10.06
N ARG B 42 -7.36 17.90 18.00
CA ARG B 42 29.43 -4.74 -1.08
CA ARG B 42 -19.22 -7.27 -17.70
CA ARG B 42 -4.10 -13.90 -10.24
CA ARG B 42 -7.33 17.79 16.50
C ARG B 42 28.26 -4.03 -0.41
C ARG B 42 -18.67 -6.59 -16.47
C ARG B 42 -3.42 -12.79 -9.46
C ARG B 42 -6.28 16.75 16.21
N LEU B 43 27.76 -4.52 0.72
N LEU B 43 -17.49 -6.97 -15.98
N LEU B 43 -2.67 -13.11 -8.40
N LEU B 43 -6.66 15.60 15.63
CA LEU B 43 26.58 -3.88 1.38
CA LEU B 43 -16.94 -6.36 -14.74
CA LEU B 43 -2.03 -12.05 -7.58
CA LEU B 43 -5.66 14.53 15.37
C LEU B 43 27.05 -3.07 2.59
C LEU B 43 -15.85 -5.36 -15.09
C LEU B 43 -0.55 -11.97 -7.91
C LEU B 43 -5.28 14.51 13.90
N ILE B 44 26.59 -1.83 2.66
N ILE B 44 -15.96 -4.16 -14.53
N ILE B 44 -0.08 -10.75 -8.17
N ILE B 44 -3.98 14.50 13.63
CA ILE B 44 26.98 -0.90 3.72
CA ILE B 44 -15.03 -3.07 -14.80
CA ILE B 44 1.31 -10.51 -8.56
CA ILE B 44 -3.44 14.54 12.27
C ILE B 44 25.77 -0.38 4.48
C ILE B 44 -14.37 -2.57 -13.53
C ILE B 44 2.00 -9.53 -7.60
C ILE B 44 -2.56 13.33 11.98
N PHE B 45 25.87 -0.44 5.84
N PHE B 45 -13.01 -2.44 -13.61
N PHE B 45 3.22 -9.94 -7.17
N PHE B 45 -2.83 12.70 10.81
CA PHE B 45 24.81 0.07 6.72
CA PHE B 45 -12.21 -1.91 -12.49
CA PHE B 45 4.04 -9.09 -6.28
CA PHE B 45 -2.03 11.55 10.34
C PHE B 45 25.55 0.66 7.94
C PHE B 45 -11.09 -1.09 -13.13
C PHE B 45 5.49 -9.34 -6.72
C PHE B 45 -1.96 11.69 8.81
N ALA B 46 25.15 1.87 8.21
N ALA B 46 -10.99 0.11 -12.61
N ALA B 46 6.15 -8.23 -6.92
N ALA B 46 -0.73 11.60 8.37
CA ALA B 46 25.65 2.66 9.36
CA ALA B 46 -9.95 1.09 -13.02
CA ALA B 46 7.58 -8.18 -7.30
CA ALA B 46 -0.38 11.64 6.93
C ALA B 46 27.17 2.61 9.42
C ALA B 46 -9.88 1.19 -14.54
C ALA B 46 7.87 -9.14 -8.43
C ALA B 46 -1.08 12.82 6.25
N GLY B 47 27.76 2.81 8.28
N GLY B 47 -11.02 1.30 -15.13
N GLY B 47 7.02 -9.10 -9.42
N GLY B 47 -1.00 13.94 6.91
CA GLY B 47 29.15 2.83 7.98
CA GLY B 47 -11.30 1.41 -16.53
CA GLY B 47 7.00 -9.87 -10.61
CA GLY B 47 -1.55 15.21 6.55
C GLY B 47 29.93 1.56 8.23
C GLY B 47 -10.88 0.26 -17.41
C GLY B 47 6.85 -11.37 -10.48
C GLY B 47 -3.05 15.32 6.41
N LYS B 48 29.27 0.44 8.26
N LYS B 48 -10.69 -0.91 -16.86
N LYS B 48 6.34 -11.84 -9.37
N LYS B 48 -3.78 14.43 7.03
CA LYS B 48 29.92 -0.86 8.43
CA LYS B 48 -10.33 -2.11 -17.63
CA LYS B 48 6.10 -13.27 -9.15
CA LYS B 48 -5.24 14.46 7.01
C LYS B 48 29.70 -1.67 7.14
C LYS B 48 -11.51 -3.10 -17.51
C LYS B 48 4.58 -13.48 -9.05
C LYS B 48 -5.71 14.71 8.45
N GLN B 49 30.69 -2.42 6.72
N GLN B 49 -11.81 -3.80 -18.56
N GLN B 49 4.07 -14.56 -9.57
N GLN B 49 -6.76 15.48 8.64
CA GLN B 49 30.49 -3.31 5.54
CA GLN B 49 -12.86 -4.86 -18.48
CA GLN B 49 2.62 -14.87 -9.39
CA GLN B 49 -7.33 15.66 10.00
C GLN B 49 29.88 -4.58 6.14
C GLN B 49 -12.09 -6.09 -17.98
C GLN B 49 2.58 -15.61 -8.05
C GLN B 49 -8.28 14.48 10.15
N LEU B 50 28.80 -5.06 5.58
N LEU B 50 -12.59 -6.74 -16.97
N LEU B 50 1.70 -15.20 -7.16
N LEU B 50 -8.19 13.75 11.23
CA LEU B 50 28.09 -6.24 6.14
CA LEU B 50 -11.89 -7.88 -16.35
CA LEU B 50 1.63 -15.78 -5.81
CA LEU B 50 -9.00 12.54 11.44
C LEU B 50 28.81 -7.52 5.74
C LEU B 50 -12.10 -9.14 -17.19
C LEU B 50 0.89 -17.10 -5.85
C LEU B 50 -10.40 12.92 11.89
N GLU B 51 28.91 -8.46 6.66
N GLU B 51 -11.05 -9.93 -17.37
N GLU B 51 1.38 -18.11 -5.12
N GLU B 51 -11.41 12.24 11.36
CA GLU B 51 29.63 -9.72 6.37
CA GLU B 51 -11.16 -11.15 -18.20
CA GLU B 51 0.74 -19.44 -5.14
CA GLU B 51 -12.82 12.59 11.71
C GLU B 51 28.66 -10.83 6.10
C GLU B 51 -11.29 -12.37 -17.34
C GLU B 51 -0.09 -19.63 -3.91
C GLU B 51 -13.35 11.60 12.70
N ASP B 52 28.89 -11.68 5.14
N ASP B 52 -12.11 -13.33 -17.68
N ASP B 52 -1.25 -20.24 -4.00
N ASP B 52 -14.11 12.03 13.68
CA ASP B 52 28.00 -12.76 4.69
CA ASP B 52 -12.41 -14.52 -16.90
CA ASP B 52 -2.22 -20.42 -2.93
CA ASP B 52 -14.63 11.21 14.78
C ASP B 52 27.35 -13.69 5.71
C ASP B 52 -11.30 -15.37 -16.31
C ASP B 52 -1.78 -20.96 -1.57
C ASP B 52 -15.32 9.88 14.51
N GLY B 53 28.09 -14.13 6.69
N GLY B 53 -10.25 -15.60 -17.07
N GLY B 53 -0.92 -21.95 -1.56
N GLY B 53 -16.15 9.83 13.49
CA GLY B 53 27.62 -15.08 7.72
CA GLY B 53 -9.10 -16.44 -16.66
CA GLY B 53 -0.44 -22.61 -0.33
CA GLY B 53 -16.93 8.63 13.13
C GLY B 53 26.85 -14.50 8.86
C GLY B 53 -8.06 -15.78 -15.82
C GLY B 53 0.69 -21.95 0.38
C GLY B 53 -16.23 7.61 12.30
N ARG B 54 26.79 -13.18 8.99
N ARG B 54 -8.12 -14.47 -15.63
N ARG B 54 1.30 -20.92 -0.20
N ARG B 54 -15.02 7.90 11.80
CA ARG B 54 25.99 -12.53 10.05
CA ARG B 54 -7.17 -13.75 -14.74
CA ARG B 54 2.37 -20.17 0.48
CA ARG B 54 -14.23 6.91 11.04
C ARG B 54 24.56 -12.39 9.54
C ARG B 54 -7.70 -13.83 -13.32
C ARG B 54 1.73 -19.09 1.33
C ARG B 54 -13.45 6.07 12.04
N THR B 55 23.64 -12.11 10.43
N THR B 55 -6.88 -13.52 -12.36
N THR B 55 2.49 -18.51 2.22
N THR B 55 -12.91 4.97 11.58
CA THR B 55 22.21 -11.88 10.10
CA THR B 55 -7.23 -13.48 -10.93
CA THR B 55 2.04 -17.40 3.10
CA THR B 55 -12.06 4.06 12.39
C THR B 55 21.98 -10.35 10.20
C THR B 55 -7.36 -11.98 -10.55
C THR B 55 2.67 -16.11 2.54
C THR B 55 -10.60 4.28 11.94
N LEU B 56 20.86 -9.92 9.65
N LEU B 56 -7.98 -11.74 -9.41
N LEU B 56 2.15 -14.98 2.99
N LEU B 56 -9.67 3.82 12.74
CA LEU B 56 20.45 -8.51 9.70
CA LEU B 56 -8.13 -10.38 -8.87
CA LEU B 56 2.68 -13.66 2.59
CA LEU B 56 -8.24 3.90 12.42
C LEU B 56 20.27 -8.12 11.16
C LEU B 56 -6.74 -9.81 -8.62
C LEU B 56 4.12 -13.57 3.06
C LEU B 56 -7.99 3.12 11.14
N SER B 57 19.77 -9.05 11.99
N SER B 57 -5.79 -10.66 -8.19
N SER B 57 4.43 -14.15 4.24
N SER B 57 -8.71 2.00 10.94
CA SER B 57 19.58 -8.67 13.42
CA SER B 57 -4.43 -10.10 -7.93
CA SER B 57 5.84 -14.05 4.71
CA SER B 57 -8.47 1.23 9.70
C SER B 57 20.90 -8.35 14.10
C SER B 57 -3.79 -9.57 -9.20
C SER B 57 6.80 -14.76 3.78
C SER B 57 -8.83 2.02 8.46
N ASP B 58 21.96 -8.99 13.66
N ASP B 58 -4.12 -10.16 -10.33
N ASP B 58 6.34 -15.79 3.11
N ASP B 58 -9.80 2.91 8.57
CA ASP B 58 23.31 -8.75 14.26
CA ASP B 58 -3.55 -9.72 -11.64
CA ASP B 58 7.19 -16.56 2.16
CA ASP B 58 -10.23 3.74 7.42
C ASP B 58 23.67 -7.27 14.21
C ASP B 58 -3.80 -8.23 -11.86
C ASP B 58 7.80 -15.62 1.10
C ASP B 58 -9.04 4.51 6.84
N TYR B 59 23.31 -6.65 13.12
N TYR B 59 -4.96 -7.80 -11.47
N TYR B 59 6.99 -14.70 0.66
N TYR B 59 -8.20 4.98 7.71
CA TYR B 59 23.55 -5.22 12.88
CA TYR B 59 -5.40 -6.41 -11.57
CA TYR B 59 7.35 -13.70 -0.34
CA TYR B 59 -7.00 5.73 7.36
C TYR B 59 22.40 -4.35 13.32
C TYR B 59 -5.09 -5.59 -10.34
C TYR B 59 7.90 -12.43 0.28
C TYR B 59 -5.78 4.84 7.19
N ASN B 60 21.36 -4.86 13.96
N ASN B 60 -4.40 -6.10 -9.33
N ASN B 60 8.11 -12.32 1.57
N ASN B 60 -5.86 3.54 7.26
CA ASN B 60 20.26 -3.97 14.39
CA ASN B 60 -4.11 -5.27 -8.15
CA ASN B 60 8.65 -11.06 2.12
CA ASN B 60 -4.66 2.71 7.09
C ASN B 60 19.66 -3.22 13.19
C ASN B 60 -5.41 -4.76 -7.51
C ASN B 60 7.76 -9.88 1.77
C ASN B 60 -3.59 3.08 8.12
N ILE B 61 19.41 -3.93 12.11
N ILE B 61 -6.38 -5.63 -7.36
N ILE B 61 6.47 -10.05 1.94
N ILE B 61 -3.99 3.21 9.36
CA ILE B 61 18.74 -3.33 10.93
CA ILE B 61 -7.64 -5.26 -6.66
CA ILE B 61 5.50 -8.91 1.72
CA ILE B 61 -3.01 3.48 10.46
C ILE B 61 17.24 -3.50 11.15
C ILE B 61 -7.41 -5.54 -5.18
C ILE B 61 5.39 -8.19 3.05
C ILE B 61 -2.56 2.11 10.97
N GLN B 62 16.50 -2.43 11.28
N GLN B 62 -7.44 -4.54 -4.34
N GLN B 62 5.80 -6.95 3.13
N GLN B 62 -1.31 1.79 10.84
CA GLN B 62 15.04 -2.48 11.57
CA GLN B 62 -7.16 -4.68 -2.88
CA GLN B 62 5.79 -6.16 4.39
CA GLN B 62 -0.76 0.45 11.23
C GLN B 62 14.25 -2.19 10.29
C GLN B 62 -8.48 -4.64 -2.10
C GLN B 62 4.61 -5.18 4.39
C GLN B 62 0.00 0.58 12.55
N LYS B 63 12.94 -2.39 10.31
N LYS B 63 -8.44 -4.96 -0.81
N LYS B 63 4.33 -4.55 5.52
N LYS B 63 0.37 -0.54 13.16
CA LYS B 63 12.11 -2.21 9.14
CA LYS B 63 -9.64 -5.03 0.01
CA LYS B 63 3.20 -3.65 5.65
CA LYS B 63 1.03 -0.55 14.45
C LYS B 63 12.31 -0.80 8.59
C LYS B 63 -10.38 -3.70 -0.07
C LYS B 63 3.28 -2.58 4.57
C LYS B 63 2.27 0.33 14.38
N GLU B 64 12.28 -0.76 7.25
N GLU B 64 -11.70 -3.85 -0.08
N GLU B 64 2.08 -2.25 4.08
N GLU B 64 2.48 1.02 15.52
CA GLU B 64 12.43 0.41 6.45
CA GLU B 64 -12.67 -2.77 -0.13
CA GLU B 64 1.82 -1.26 3.07
CA GLU B 64 3.57 1.91 15.76
C GLU B 64 13.76 1.11 6.45
C GLU B 64 -12.74 -1.97 -1.40
C GLU B 64 2.32 -1.55 1.68
C GLU B 64 3.63 3.19 14.97
N SER B 65 14.77 0.36 6.86
N SER B 65 -12.21 -2.56 -2.46
N SER B 65 2.58 -2.82 1.44
N SER B 65 2.48 3.55 14.42
CA SER B 65 16.17 0.79 6.84
CA SER B 65 -12.28 -2.00 -3.82
CA SER B 65 2.96 -3.33 0.11
CA SER B 65 2.28 4.81 13.71
C SER B 65 16.62 0.82 5.36
C SER B 65 -13.75 -2.12 -4.29
C SER B 65 1.72 -3.26 -0.79
C SER B 65 2.30 5.94 14.75
N THR B 66 17.66 1.55 5.07
N THR B 66 -14.13 -1.35 -5.27
N THR B 66 1.92 -3.26 -2.08
N THR B 66 2.55 7.15 14.32
CA THR B 66 18.25 1.61 3.73
CA THR B 66 -15.46 -1.42 -5.88
CA THR B 66 0.82 -3.29 -3.05
CA THR B 66 2.51 8.33 15.19
C THR B 66 19.69 1.12 3.81
C THR B 66 -15.30 -1.76 -7.36
C THR B 66 0.93 -4.56 -3.90
C THR B 66 1.45 9.29 14.67
N LEU B 67 20.05 0.13 2.98
N LEU B 67 -15.98 -2.81 -7.83
N LEU B 67 -0.14 -5.36 -3.98
N LEU B 67 0.51 9.71 15.53
CA LEU B 67 21.45 -0.32 2.92
CA LEU B 67 -15.96 -3.12 -9.27
CA LEU B 67 -0.12 -6.53 -4.86
CA LEU B 67 -0.48 10.72 15.12
C LEU B 67 22.04 0.31 1.64
C LEU B 67 -17.32 -2.63 -9.82
C LEU B 67 -0.95 -6.14 -6.10
C LEU B 67 -0.01 12.05 15.76
N HIS B 68 23.31 0.50 1.59
N HIS B 68 -17.38 -2.32 -11.07
N HIS B 68 -0.70 -6.75 -7.21
N HIS B 68 -0.37 13.15 15.20
CA HIS B 68 23.92 1.05 0.35
CA HIS B 68 -18.67 -1.90 -11.65
CA HIS B 68 -1.50 -6.43 -8.41
CA HIS B 68 0.03 14.44 15.81
C HIS B 68 24.62 -0.12 -0.32
C HIS B 68 -19.17 -3.08 -12.48
C HIS B 68 -2.44 -7.62 -8.61
C HIS B 68 -1.25 14.99 16.44
N LEU B 69 24.46 -0.25 -1.63
N LEU B 69 -20.45 -3.38 -12.36
N LEU B 69 -3.70 -7.33 -8.89
N LEU B 69 -1.13 15.50 17.66
CA LEU B 69 25.14 -1.27 -2.41
CA LEU B 69 -21.06 -4.44 -13.15
CA LEU B 69 -4.69 -8.37 -9.17
CA LEU B 69 -2.24 16.13 18.35
C LEU B 69 26.24 -0.70 -3.24
C LEU B 69 -21.96 -3.88 -14.21
C LEU B 69 -5.04 -8.40 -10.63
C LEU B 69 -2.09 17.62 18.41
N VAL B 70 27.47 -1.03 -3.01
N VAL B 70 -21.67 -4.07 -15.45
N VAL B 70 -4.75 -9.46 -11.33
N VAL B 70 -2.94 18.38 17.80
CA VAL B 70 28.58 -0.57 -3.88
CA VAL B 70 -22.59 -3.62 -16.54
CA VAL B 70 -5.18 -9.59 -12.75
CA VAL B 70 -2.88 19.86 17.92
C VAL B 70 28.99 -1.83 -4.66
C VAL B 70 -23.17 -4.94 -17.09
C VAL B 70 -6.29 -10.65 -12.71
C VAL B 70 -4.10 20.20 18.79
N LEU B 71 29.29 -1.70 -5.93
N LEU B 71 -24.45 -4.95 -17.40
N LEU B 71 -7.35 -10.44 -13.46
N LEU B 71 -3.96 21.14 19.70
CA LEU B 71 29.73 -2.86 -6.73
CA LEU B 71 -25.08 -6.16 -17.97
CA LEU B 71 -8.45 -11.43 -13.50
CA LEU B 71 -5.08 21.55 20.56
C LEU B 71 31.23 -2.90 -6.79
C LEU B 71 -25.11 -6.07 -19.47
C LEU B 71 -8.26 -12.36 -14.67
C LEU B 71 -5.76 22.77 19.98
N MET A 1 6.38 18.40 -20.67
CA MET A 1 5.74 19.56 -20.05
C MET A 1 6.28 19.67 -18.60
N GLN A 2 6.34 20.88 -18.14
CA GLN A 2 6.81 21.11 -16.74
C GLN A 2 5.61 21.10 -15.81
N ILE A 3 5.80 20.45 -14.66
CA ILE A 3 4.77 20.47 -13.61
C ILE A 3 5.53 20.83 -12.30
N PHE A 4 4.75 21.23 -11.33
CA PHE A 4 5.40 21.59 -10.01
C PHE A 4 4.91 20.64 -8.96
N VAL A 5 5.74 20.16 -8.03
CA VAL A 5 5.27 19.32 -6.95
C VAL A 5 5.58 20.10 -5.65
N LYS A 6 4.57 20.50 -4.95
CA LYS A 6 4.78 21.30 -3.70
C LYS A 6 4.77 20.35 -2.53
N THR A 7 5.82 20.41 -1.68
CA THR A 7 5.88 19.52 -0.51
C THR A 7 5.42 20.27 0.74
N LEU A 8 5.24 19.58 1.84
CA LEU A 8 4.74 20.24 3.07
C LEU A 8 5.81 21.08 3.74
N THR A 9 7.06 21.03 3.24
CA THR A 9 8.08 21.90 3.94
C THR A 9 8.35 23.16 3.18
N GLY A 10 7.52 23.50 2.24
CA GLY A 10 7.67 24.69 1.43
C GLY A 10 8.68 24.63 0.33
N LYS A 11 9.10 23.43 0.00
CA LYS A 11 10.01 23.21 -1.12
C LYS A 11 9.11 22.84 -2.31
N THR A 12 9.42 23.38 -3.48
CA THR A 12 8.62 22.98 -4.66
C THR A 12 9.61 22.35 -5.64
N ILE A 13 9.25 21.19 -6.17
CA ILE A 13 10.23 20.60 -7.13
C ILE A 13 9.65 20.67 -8.52
N THR A 14 10.47 20.94 -9.51
CA THR A 14 9.89 20.97 -10.89
C THR A 14 10.25 19.66 -11.57
N LEU A 15 9.33 19.09 -12.33
CA LEU A 15 9.58 17.83 -13.01
C LEU A 15 9.25 18.02 -14.49
N GLU A 16 9.89 17.22 -15.31
CA GLU A 16 9.51 17.26 -16.76
C GLU A 16 8.85 15.92 -17.00
N VAL A 17 7.60 16.03 -17.42
CA VAL A 17 6.77 14.86 -17.67
C VAL A 17 5.93 15.04 -18.95
N GLU A 18 5.32 13.93 -19.31
CA GLU A 18 4.37 13.84 -20.41
C GLU A 18 3.06 13.38 -19.82
N PRO A 19 1.95 13.87 -20.34
CA PRO A 19 0.61 13.47 -19.90
C PRO A 19 0.43 11.98 -19.97
N SER A 20 1.19 11.31 -20.81
CA SER A 20 1.03 9.85 -20.98
C SER A 20 1.72 9.11 -19.87
N ASP A 21 2.49 9.83 -19.05
CA ASP A 21 3.19 9.10 -17.96
C ASP A 21 2.21 8.63 -16.92
N THR A 22 2.51 7.52 -16.30
CA THR A 22 1.71 6.99 -15.21
C THR A 22 2.16 7.68 -13.91
N ILE A 23 1.25 7.61 -12.94
CA ILE A 23 1.52 8.13 -11.60
C ILE A 23 2.72 7.40 -10.98
N GLU A 24 2.80 6.12 -11.24
CA GLU A 24 3.98 5.32 -10.73
C GLU A 24 5.27 5.90 -11.23
N CYS A 25 5.30 6.34 -12.52
CA CYS A 25 6.50 6.91 -13.13
C CYS A 25 6.85 8.24 -12.50
N VAL A 26 5.82 9.05 -12.28
CA VAL A 26 6.04 10.34 -11.65
C VAL A 26 6.71 10.15 -10.29
N LYS A 27 6.18 9.20 -9.52
CA LYS A 27 6.74 8.92 -8.19
C LYS A 27 8.19 8.48 -8.29
N ALA A 28 8.54 7.70 -9.30
CA ALA A 28 9.92 7.29 -9.53
C ALA A 28 10.80 8.47 -9.89
N LYS A 29 10.31 9.43 -10.66
CA LYS A 29 11.09 10.64 -10.97
C LYS A 29 11.35 11.47 -9.69
N ILE A 30 10.35 11.49 -8.81
CA ILE A 30 10.50 12.25 -7.55
C ILE A 30 11.53 11.50 -6.70
N GLN A 31 11.49 10.19 -6.69
CA GLN A 31 12.50 9.45 -5.86
C GLN A 31 13.90 9.76 -6.40
N ASP A 32 14.01 9.63 -7.70
CA ASP A 32 15.30 9.91 -8.37
C ASP A 32 15.83 11.29 -8.03
N LYS A 33 14.94 12.30 -7.98
CA LYS A 33 15.50 13.66 -7.74
C LYS A 33 15.53 14.13 -6.33
N GLU A 34 14.74 13.67 -5.41
CA GLU A 34 14.73 14.09 -4.02
C GLU A 34 14.92 12.96 -3.04
N GLY A 35 14.94 11.73 -3.52
CA GLY A 35 15.18 10.58 -2.69
C GLY A 35 14.07 10.02 -1.89
N ILE A 36 12.84 10.55 -2.06
CA ILE A 36 11.72 10.01 -1.29
C ILE A 36 11.20 8.72 -1.91
N PRO A 37 11.15 7.65 -1.13
CA PRO A 37 10.64 6.34 -1.58
C PRO A 37 9.21 6.46 -2.09
N PRO A 38 8.88 5.84 -3.19
CA PRO A 38 7.51 5.95 -3.73
C PRO A 38 6.45 5.52 -2.76
N ASP A 39 6.74 4.57 -1.90
CA ASP A 39 5.72 4.05 -0.95
C ASP A 39 5.34 5.08 0.11
N GLN A 40 6.16 6.11 0.23
CA GLN A 40 5.83 7.18 1.22
C GLN A 40 5.08 8.36 0.58
N GLN A 41 5.02 8.40 -0.74
CA GLN A 41 4.40 9.48 -1.46
C GLN A 41 2.90 9.36 -1.66
N ARG A 42 2.21 10.46 -1.32
CA ARG A 42 0.75 10.57 -1.60
C ARG A 42 0.62 11.80 -2.48
N LEU A 43 0.18 11.67 -3.73
CA LEU A 43 0.09 12.84 -4.63
C LEU A 43 -1.35 13.30 -4.76
N ILE A 44 -1.57 14.59 -4.57
CA ILE A 44 -2.91 15.19 -4.61
C ILE A 44 -3.02 16.28 -5.66
N PHE A 45 -4.11 16.19 -6.46
CA PHE A 45 -4.39 17.20 -7.50
C PHE A 45 -5.92 17.33 -7.53
N ALA A 46 -6.32 18.58 -7.46
CA ALA A 46 -7.74 18.98 -7.52
C ALA A 46 -8.59 18.14 -6.58
N GLY A 47 -8.08 17.99 -5.40
CA GLY A 47 -8.62 17.24 -4.29
C GLY A 47 -8.80 15.76 -4.47
N CYS A 48 -8.13 15.15 -5.41
CA CYS A 48 -8.12 13.71 -5.63
C CYS A 48 -6.78 13.12 -5.25
N GLN A 49 -6.74 11.97 -4.70
CA GLN A 49 -5.43 11.30 -4.47
C GLN A 49 -5.16 10.55 -5.77
N LEU A 50 -3.98 10.72 -6.33
CA LEU A 50 -3.65 10.11 -7.64
C LEU A 50 -3.29 8.65 -7.46
N GLU A 51 -3.77 7.80 -8.37
CA GLU A 51 -3.53 6.34 -8.25
C GLU A 51 -2.42 5.92 -9.18
N ASP A 52 -1.53 5.06 -8.79
CA ASP A 52 -0.35 4.62 -9.54
C ASP A 52 -0.48 4.20 -10.99
N GLY A 53 -1.50 3.45 -11.32
CA GLY A 53 -1.74 2.91 -12.67
C GLY A 53 -2.40 3.82 -13.65
N ARG A 54 -2.89 4.98 -13.21
CA ARG A 54 -3.49 5.96 -14.13
C ARG A 54 -2.37 6.83 -14.68
N THR A 55 -2.66 7.57 -15.72
CA THR A 55 -1.72 8.53 -16.36
C THR A 55 -2.16 9.94 -15.93
N LEU A 56 -1.27 10.90 -16.12
CA LEU A 56 -1.55 12.31 -15.83
C LEU A 56 -2.72 12.75 -16.70
N SER A 57 -2.80 12.25 -17.95
CA SER A 57 -3.93 12.69 -18.80
C SER A 57 -5.26 12.26 -18.24
N ASP A 58 -5.29 11.15 -17.53
CA ASP A 58 -6.56 10.64 -16.93
C ASP A 58 -7.20 11.71 -16.05
N TYR A 59 -6.37 12.41 -15.33
CA TYR A 59 -6.76 13.49 -14.42
C TYR A 59 -6.79 14.84 -15.09
N ASN A 60 -6.55 14.98 -16.38
CA ASN A 60 -6.58 16.32 -16.99
C ASN A 60 -5.58 17.25 -16.32
N ILE A 61 -4.36 16.77 -16.10
CA ILE A 61 -3.28 17.62 -15.54
C ILE A 61 -2.59 18.28 -16.73
N GLN A 62 -2.64 19.57 -16.85
CA GLN A 62 -2.07 20.32 -18.00
C GLN A 62 -0.74 20.97 -17.58
N LYS A 63 0.04 21.51 -18.58
CA LYS A 63 1.33 22.10 -18.24
C LYS A 63 1.17 23.16 -17.17
N GLU A 64 2.22 23.18 -16.36
CA GLU A 64 2.37 24.09 -15.26
C GLU A 64 1.44 23.96 -14.10
N SER A 65 0.81 22.79 -14.03
CA SER A 65 -0.07 22.42 -12.91
C SER A 65 0.84 22.18 -11.68
N THR A 66 0.25 22.25 -10.50
CA THR A 66 0.96 21.97 -9.25
C THR A 66 0.29 20.77 -8.56
N LEU A 67 1.06 19.74 -8.22
CA LEU A 67 0.49 18.62 -7.46
C LEU A 67 0.98 18.81 -6.00
N HIS A 68 0.26 18.31 -5.06
CA HIS A 68 0.72 18.43 -3.66
C HIS A 68 1.24 17.05 -3.26
N LEU A 69 2.38 17.02 -2.60
CA LEU A 69 2.96 15.77 -2.10
C LEU A 69 2.83 15.67 -0.60
N VAL A 70 2.10 14.73 -0.09
CA VAL A 70 2.03 14.52 1.38
C VAL A 70 2.81 13.21 1.60
N LEU A 71 3.60 13.15 2.65
CA LEU A 71 4.36 11.93 2.95
C LEU A 71 3.61 11.09 3.95
N ARG A 72 3.60 9.79 3.75
N ARG A 72 3.56 9.79 3.71
N ARG A 72 3.54 9.80 3.73
N ARG A 72 3.54 9.79 3.74
CA ARG A 72 2.95 8.84 4.67
CA ARG A 72 2.91 8.80 4.59
CA ARG A 72 2.81 8.91 4.66
CA ARG A 72 2.82 8.90 4.68
C ARG A 72 1.45 9.11 4.55
C ARG A 72 2.53 7.63 3.67
C ARG A 72 3.87 8.38 5.63
C ARG A 72 3.79 7.78 5.01
N LEU A 73 0.59 8.25 4.96
N LEU A 73 1.70 6.72 4.07
N LEU A 73 4.10 8.99 6.75
N LEU A 73 3.66 7.09 6.10
CA LEU A 73 -0.86 8.52 4.82
CA LEU A 73 1.36 5.59 3.18
CA LEU A 73 5.13 8.47 7.68
CA LEU A 73 4.62 6.01 6.41
C LEU A 73 -1.63 7.85 5.96
C LEU A 73 0.04 4.97 3.61
C LEU A 73 6.38 8.09 6.90
C LEU A 73 5.98 6.60 6.78
N ARG A 74 -1.25 8.26 7.16
N ARG A 74 -0.43 4.07 2.76
N ARG A 74 7.27 7.41 7.61
N ARG A 74 6.60 5.96 7.76
CA ARG A 74 -1.86 7.72 8.39
CA ARG A 74 -1.70 3.35 3.00
CA ARG A 74 8.56 6.96 7.05
CA ARG A 74 7.91 6.38 8.26
C ARG A 74 -1.59 6.22 8.46
C ARG A 74 -1.56 1.92 2.51
C ARG A 74 8.46 5.47 6.73
C ARG A 74 8.68 5.16 8.73
N GLY A 75 -0.36 5.87 8.10
N GLY A 75 -2.50 1.09 2.95
N GLY A 75 9.59 4.92 6.32
N GLY A 75 7.96 4.30 9.45
CA GLY A 75 0.10 4.48 8.08
CA GLY A 75 -2.53 -0.33 2.62
CA GLY A 75 9.72 3.52 5.95
CA GLY A 75 8.51 3.07 10.00
C GLY A 75 1.58 4.30 7.80
C GLY A 75 -3.89 -0.99 2.76
C GLY A 75 9.48 2.53 7.09
C GLY A 75 8.39 1.85 9.11
N GLY A 76 1.98 3.05 7.88
N GLY A 76 -3.94 -2.21 2.27
N GLY A 76 8.98 1.38 6.69
N GLY A 76 8.62 0.71 9.72
CA GLY A 76 3.36 2.60 7.64
CA GLY A 76 -5.13 -3.08 2.29
CA GLY A 76 8.67 0.25 7.58
CA GLY A 76 8.56 -0.61 9.08
C GLY A 76 3.57 1.28 8.40
C GLY A 76 -4.68 -4.53 2.01
C GLY A 76 7.20 0.36 8.01
C GLY A 76 7.70 -1.53 9.96
N MET B 1 7.68 -6.85 7.12
N MET B 1 -10.38 -13.52 -1.06
N MET B 1 -0.84 -7.19 9.07
N MET B 1 -0.30 -3.72 17.99
CA MET B 1 7.79 -5.38 7.08
CA MET B 1 -10.28 -12.06 -0.88
CA MET B 1 -0.21 -6.10 8.31
CA MET B 1 0.83 -3.08 17.29
C MET B 1 8.56 -5.02 5.78
C MET B 1 -11.71 -11.48 -1.04
C MET B 1 -1.15 -5.76 7.13
C MET B 1 1.18 -1.79 18.07
N GLN B 2 8.24 -3.87 5.26
N GLN B 2 -11.93 -10.41 -0.34
N GLN B 2 -1.11 -4.51 6.75
N GLN B 2 2.43 -1.46 18.02
CA GLN B 2 8.94 -3.41 4.03
CA GLN B 2 -13.27 -9.73 -0.45
CA GLN B 2 -1.95 -4.09 5.58
CA GLN B 2 2.89 -0.21 18.72
C GLN B 2 10.16 -2.58 4.43
C GLN B 2 -13.21 -8.69 -1.56
C GLN B 2 -1.13 -4.23 4.31
C GLN B 2 2.80 0.96 17.74
N ILE B 3 11.25 -2.81 3.73
N ILE B 3 -14.27 -8.64 -2.34
N ILE B 3 -1.79 -4.74 3.27
N ILE B 3 2.32 2.08 18.25
CA ILE B 3 12.46 -1.99 3.91
CA ILE B 3 -14.41 -7.58 -3.36
CA ILE B 3 -1.16 -4.79 1.93
CA ILE B 3 2.31 3.33 17.46
C ILE B 3 12.90 -1.57 2.49
C ILE B 3 -15.85 -7.01 -3.16
C ILE B 3 -2.21 -4.19 0.95
C ILE B 3 2.93 4.41 18.40
N PHE B 4 13.75 -0.56 2.47
N PHE B 4 -16.02 -5.84 -3.74
N PHE B 4 -1.71 -3.85 -0.20
N PHE B 4 3.32 5.49 17.75
CA PHE B 4 14.24 -0.08 1.13
CA PHE B 4 -17.38 -5.20 -3.61
CA PHE B 4 -2.65 -3.26 -1.23
CA PHE B 4 3.92 6.61 18.58
C PHE B 4 15.73 -0.31 1.06
C PHE B 4 -17.99 -5.08 -4.98
C PHE B 4 -2.72 -4.19 -2.41
C PHE B 4 3.03 7.82 18.46
N VAL B 5 16.29 -0.74 -0.06
N VAL B 5 -19.29 -5.33 -5.18
N VAL B 5 -3.87 -4.42 -3.04
N VAL B 5 2.79 8.58 19.52
CA VAL B 5 17.73 -0.88 -0.19
CA VAL B 5 -19.92 -5.14 -6.47
CA VAL B 5 -3.94 -5.24 -4.23
CA VAL B 5 2.01 9.80 19.42
C VAL B 5 18.15 0.09 -1.32
C VAL B 5 -20.99 -4.05 -6.25
C VAL B 5 -4.48 -4.30 -5.34
C VAL B 5 2.97 10.95 19.84
N LYS B 6 18.88 1.10 -1.00
N LYS B 6 -20.82 -2.93 -6.86
N LYS B 6 -3.69 -4.02 -6.32
N LYS B 6 3.30 11.80 18.94
CA LYS B 6 19.30 2.11 -2.04
CA LYS B 6 -21.80 -1.81 -6.66
CA LYS B 6 -4.12 -3.09 -7.41
CA LYS B 6 4.26 12.91 19.25
C LYS B 6 20.65 1.73 -2.56
C LYS B 6 -22.80 -1.86 -7.79
C LYS B 6 -4.67 -3.92 -8.54
C LYS B 6 3.46 14.13 19.63
N THR B 7 20.79 1.62 -3.90
N THR B 7 -24.11 -1.86 -7.44
N THR B 7 -5.90 -3.60 -9.00
N THR B 7 3.77 14.74 20.80
CA THR B 7 22.10 1.24 -4.48
CA THR B 7 -25.15 -1.92 -8.49
CA THR B 7 -6.49 -4.36 -10.11
CA THR B 7 3.03 15.93 21.23
C THR B 7 22.81 2.49 -4.97
C THR B 7 -25.69 -0.51 -8.73
C THR B 7 -6.31 -3.59 -11.41
C THR B 7 3.85 17.18 20.90
N LEU B 8 24.06 2.39 -5.35
N LEU B 8 -26.49 -0.33 -9.76
N LEU B 8 -6.61 -4.20 -12.54
N LEU B 8 3.27 18.35 21.04
CA LEU B 8 24.83 3.57 -5.79
CA LEU B 8 -27.03 1.01 -10.08
CA LEU B 8 -6.42 -3.54 -13.85
CA LEU B 8 3.99 19.61 20.70
C LEU B 8 24.42 4.05 -7.18
C LEU B 8 -28.11 1.46 -9.11
C LEU B 8 -7.46 -2.45 -14.11
C LEU B 8 5.05 19.96 21.72
N THR B 9 23.55 3.30 -7.86
N THR B 9 -28.53 0.57 -8.20
N THR B 9 -8.47 -2.33 -13.23
N THR B 9 5.12 19.22 22.84
CA THR B 9 23.15 3.82 -9.22
CA THR B 9 -29.60 1.06 -7.27
CA THR B 9 -9.47 -1.25 -13.53
CA THR B 9 6.20 19.61 23.81
C THR B 9 21.82 4.49 -9.21
C THR B 9 -29.04 1.42 -5.92
C THR B 9 -9.24 -0.03 -12.69
C THR B 9 7.38 18.71 23.74
N GLY B 10 21.31 4.81 -8.05
N GLY B 10 -27.76 1.56 -5.81
N GLY B 10 -8.11 0.08 -12.06
N GLY B 10 7.50 17.94 22.69
CA GLY B 10 20.03 5.47 -7.90
CA GLY B 10 -27.09 1.92 -4.58
CA GLY B 10 -7.76 1.19 -11.22
CA GLY B 10 8.59 17.03 22.48
C GLY B 10 18.82 4.60 -8.05
C GLY B 10 -26.92 0.82 -3.58
C GLY B 10 -8.38 1.21 -9.85
C GLY B 10 8.55 15.75 23.26
N LYS B 11 19.02 3.31 -7.98
N LYS B 11 -27.08 -0.41 -4.03
N LYS B 11 -8.89 0.08 -9.43
N LYS B 11 7.40 15.44 23.80
CA LYS B 11 17.93 2.34 -8.01
CA LYS B 11 -26.86 -1.58 -3.19
CA LYS B 11 -9.43 -0.09 -8.09
CA LYS B 11 7.18 14.18 24.49
C LYS B 11 17.63 2.01 -6.53
C LYS B 11 -25.41 -2.04 -3.53
C LYS B 11 -8.28 -0.71 -7.26
C LYS B 11 6.55 13.23 23.44
N THR B 12 16.36 1.93 -6.18
N THR B 12 -24.66 -2.42 -2.51
N THR B 12 -8.10 -0.24 -6.04
N THR B 12 7.00 11.99 23.44
CA THR B 12 16.05 1.53 -4.80
CA THR B 12 -23.31 -2.94 -2.80
CA THR B 12 -7.07 -0.86 -5.20
CA THR B 12 6.36 11.03 22.51
C THR B 12 15.23 0.25 -4.90
C THR B 12 -23.29 -4.37 -2.26
C THR B 12 -7.80 -1.39 -3.96
C THR B 12 5.77 9.92 23.37
N ILE B 13 15.61 -0.75 -4.12
N ILE B 13 -22.82 -5.30 -3.08
N ILE B 13 -7.53 -2.66 -3.63
N ILE B 13 4.51 9.58 23.11
CA ILE B 13 14.80 -2.00 -4.22
CA ILE B 13 -22.79 -6.68 -2.52
CA ILE B 13 -8.24 -3.15 -2.41
CA ILE B 13 3.96 8.49 23.97
C ILE B 13 13.98 -2.17 -2.97
C ILE B 13 -21.37 -7.08 -2.28
C ILE B 13 -7.27 -3.30 -1.29
C ILE B 13 3.79 7.25 23.13
N THR B 14 12.75 -2.63 -3.08
N THR B 14 -21.11 -7.80 -1.21
N THR B 14 -7.66 -2.99 -0.07
N THR B 14 4.06 6.09 23.68
CA THR B 14 11.98 -2.83 -1.82
CA THR B 14 -19.70 -8.23 -1.00
CA THR B 14 -6.68 -3.18 1.04
CA THR B 14 3.85 4.87 22.86
C THR B 14 12.01 -4.30 -1.48
C THR B 14 -19.57 -9.68 -1.41
C THR B 14 -7.04 -4.45 1.77
C THR B 14 2.55 4.24 23.28
N LEU B 15 12.16 -4.67 -0.22
N LEU B 15 -18.49 -10.05 -2.08
N LEU B 15 -6.07 -5.25 2.17
N LEU B 15 1.75 3.74 22.35
CA LEU B 15 12.21 -6.04 0.19
CA LEU B 15 -18.29 -11.42 -2.53
CA LEU B 15 -6.32 -6.50 2.86
CA LEU B 15 0.48 3.12 22.65
C LEU B 15 11.16 -6.26 1.29
C LEU B 15 -16.94 -11.91 -2.01
C LEU B 15 -5.52 -6.50 4.16
C LEU B 15 0.45 1.73 22.02
N GLU B 16 10.70 -7.49 1.39
N GLU B 16 -16.83 -13.20 -1.87
N GLU B 16 -6.01 -7.25 5.12
N GLU B 16 -0.34 0.86 22.61
CA GLU B 16 9.78 -7.79 2.54
CA GLU B 16 -15.48 -13.74 -1.49
CA GLU B 16 -5.19 -7.39 6.36
CA GLU B 16 -0.51 -0.47 21.95
C GLU B 16 10.59 -8.70 3.42
C GLU B 16 -15.06 -14.51 -2.73
C GLU B 16 -4.76 -8.84 6.33
C GLU B 16 -1.95 -0.45 21.49
N VAL B 17 10.77 -8.22 4.64
N VAL B 17 -13.91 -14.06 -3.24
N VAL B 17 -3.44 -9.00 6.33
N VAL B 17 -2.08 -0.62 20.18
CA VAL B 17 11.55 -8.93 5.65
CA VAL B 17 -13.35 -14.62 -4.45
CA VAL B 17 -2.81 -10.31 6.27
CA VAL B 17 -3.37 -0.59 19.52
C VAL B 17 10.88 -8.86 7.03
C VAL B 17 -11.82 -14.77 -4.33
C VAL B 17 -1.61 -10.39 7.21
C VAL B 17 -3.46 -1.67 18.43
N GLU B 18 11.48 -9.64 7.91
N GLU B 18 -11.31 -15.45 -5.34
N GLU B 18 -1.14 -11.62 7.31
N GLU B 18 -4.68 -1.80 17.95
CA GLU B 18 11.11 -9.70 9.33
CA GLU B 18 -9.87 -15.65 -5.53
CA GLU B 18 0.08 -11.97 8.05
CA GLU B 18 -5.03 -2.68 16.83
C GLU B 18 12.37 -9.31 10.10
C GLU B 18 -9.54 -15.04 -6.88
C GLU B 18 1.02 -12.60 7.04
C GLU B 18 -5.61 -1.78 15.75
N PRO B 19 12.19 -8.61 11.20
N PRO B 19 -8.36 -14.44 -6.99
N PRO B 19 2.31 -12.36 7.20
N PRO B 19 -5.34 -2.10 14.50
CA PRO B 19 13.31 -8.22 12.06
CA PRO B 19 -7.89 -13.87 -8.25
CA PRO B 19 3.33 -12.93 6.33
CA PRO B 19 -5.87 -1.36 13.36
C PRO B 19 14.12 -9.40 12.51
C PRO B 19 -7.92 -14.86 -9.38
C PRO B 19 3.25 -14.44 6.28
C PRO B 19 -7.38 -1.26 13.41
N SER B 20 13.52 -10.58 12.51
N SER B 20 -7.85 -16.14 -9.06
N SER B 20 2.68 -15.04 7.31
N SER B 20 -8.02 -2.19 14.08
CA SER B 20 14.24 -11.78 12.97
CA SER B 20 -7.81 -17.18 -10.09
CA SER B 20 2.60 -16.51 7.37
CA SER B 20 -9.49 -2.20 14.14
C SER B 20 15.14 -12.32 11.90
C SER B 20 -9.19 -17.46 -10.63
C SER B 20 1.46 -17.02 6.53
C SER B 20 -10.00 -1.20 15.15
N ASP B 21 15.04 -11.77 10.68
N ASP B 21 -10.21 -16.88 -10.00
N ASP B 21 0.64 -16.11 6.03
N ASP B 21 -9.09 -0.61 15.93
CA ASP B 21 15.91 -12.30 9.61
CA ASP B 21 -11.59 -17.16 -10.49
CA ASP B 21 -0.52 -16.61 5.21
CA ASP B 21 -9.58 0.35 16.95
C ASP B 21 17.34 -11.91 9.86
C ASP B 21 -11.80 -16.46 -11.82
C ASP B 21 -0.02 -17.13 3.89
C ASP B 21 -10.05 1.61 16.27
N THR B 22 18.25 -12.76 9.44
N THR B 22 -12.61 -17.08 -12.66
N THR B 22 -0.71 -18.13 3.37
N THR B 22 -11.05 2.24 16.87
CA THR B 22 19.67 -12.49 9.53
CA THR B 22 -12.98 -16.51 -13.94
CA THR B 22 -0.40 -18.68 2.07
CA THR B 22 -11.55 3.51 16.39
C THR B 22 20.08 -11.64 8.30
C THR B 22 -14.17 -15.54 -13.70
C THR B 22 -1.09 -17.80 0.99
C THR B 22 -10.65 4.64 16.95
N ILE B 23 21.22 -10.98 8.47
N ILE B 23 -14.33 -14.65 -14.68
N ILE B 23 -0.57 -17.95 -0.22
N ILE B 23 -10.75 5.78 16.28
CA ILE B 23 21.80 -10.21 7.37
CA ILE B 23 -15.45 -13.72 -14.68
CA ILE B 23 -1.15 -17.28 -1.37
CA ILE B 23 -10.05 6.98 16.72
C ILE B 23 22.13 -11.12 6.19
C ILE B 23 -16.77 -14.48 -14.71
C ILE B 23 -2.58 -17.73 -1.59
C ILE B 23 -10.53 7.39 18.12
N GLU B 24 22.57 -12.32 6.48
N GLU B 24 -16.80 -15.56 -15.45
N GLU B 24 -2.84 -19.01 -1.36
N GLU B 24 -11.81 7.23 18.36
CA GLU B 24 22.86 -13.30 5.39
CA GLU B 24 -18.04 -16.41 -15.50
CA GLU B 24 -4.23 -19.54 -1.48
CA GLU B 24 -12.36 7.55 19.72
C GLU B 24 21.63 -13.55 4.55
C GLU B 24 -18.42 -16.88 -14.12
C GLU B 24 -5.17 -18.78 -0.57
C GLU B 24 -11.66 6.74 20.78
N ASN B 25 20.48 -13.64 5.20
N ASN B 25 -17.43 -17.25 -13.33
N ASN B 25 -4.71 -18.48 0.63
N ASN B 25 -11.39 5.47 20.49
CA ASN B 25 19.19 -13.88 4.56
CA ASN B 25 -17.61 -17.74 -11.95
CA ASN B 25 -5.48 -17.76 1.65
CA ASN B 25 -10.72 4.55 21.40
C ASN B 25 18.78 -12.72 3.66
C ASN B 25 -18.16 -16.64 -11.03
C ASN B 25 -5.79 -16.33 1.23
C ASN B 25 -9.28 4.96 21.68
N VAL B 26 18.97 -11.52 4.20
N VAL B 26 -17.58 -15.46 -11.18
N VAL B 26 -4.75 -15.69 0.69
N VAL B 26 -8.61 5.34 20.61
CA VAL B 26 18.67 -10.31 3.46
CA VAL B 26 -18.02 -14.31 -10.40
CA VAL B 26 -4.89 -14.33 0.20
CA VAL B 26 -7.23 5.81 20.71
C VAL B 26 19.47 -10.29 2.16
C VAL B 26 -19.50 -14.06 -10.67
C VAL B 26 -5.98 -14.29 -0.87
C VAL B 26 -7.17 7.01 21.65
N LYS B 27 20.76 -10.60 2.29
N LYS B 27 -19.86 -14.07 -11.95
N LYS B 27 -5.91 -15.24 -1.80
N LYS B 27 -8.09 7.94 21.46
CA LYS B 27 21.65 -10.61 1.12
CA LYS B 27 -21.26 -13.84 -12.33
CA LYS B 27 -6.91 -15.30 -2.88
CA LYS B 27 -8.14 9.15 22.29
C LYS B 27 21.18 -11.64 0.09
C LYS B 27 -22.17 -14.89 -11.72
C LYS B 27 -8.31 -15.49 -2.33
C LYS B 27 -8.37 8.78 23.74
N ALA B 28 20.69 -12.78 0.54
N ALA B 28 -21.73 -16.13 -11.66
N ALA B 28 -8.46 -16.27 -1.28
N ALA B 28 -9.20 7.79 24.01
CA ALA B 28 20.14 -13.80 -0.36
CA ALA B 28 -22.50 -17.20 -11.02
CA ALA B 28 -9.75 -16.47 -0.63
CA ALA B 28 -9.45 7.31 25.38
C ALA B 28 18.89 -13.32 -1.05
C ALA B 28 -22.65 -16.97 -9.53
C ALA B 28 -10.24 -15.19 0.03
C ALA B 28 -8.20 6.69 25.98
N LYS B 29 18.02 -12.57 -0.37
N LYS B 29 -21.63 -16.47 -8.86
N LYS B 29 -9.36 -14.41 0.63
N LYS B 29 -7.41 5.96 25.19
CA LYS B 29 16.82 -12.00 -1.01
CA LYS B 29 -21.74 -16.15 -7.41
CA LYS B 29 -9.75 -13.10 1.21
CA LYS B 29 -6.14 5.39 25.68
C LYS B 29 17.21 -10.98 -2.09
C LYS B 29 -22.76 -15.01 -7.20
C LYS B 29 -10.24 -12.14 0.11
C LYS B 29 -5.15 6.51 26.05
N ILE B 30 18.28 -10.23 -1.82
N ILE B 30 -22.78 -14.06 -8.13
N ILE B 30 -9.57 -12.21 -1.04
N ILE B 30 -5.16 7.58 25.24
CA ILE B 30 18.74 -9.23 -2.81
CA ILE B 30 -23.73 -12.94 -8.00
CA ILE B 30 -9.97 -11.32 -2.16
CA ILE B 30 -4.25 8.70 25.51
C ILE B 30 19.32 -10.00 -3.99
C ILE B 30 -25.13 -13.51 -8.23
C ILE B 30 -11.33 -11.82 -2.65
C ILE B 30 -4.75 9.39 26.79
N GLN B 31 20.03 -11.07 -3.74
N GLN B 31 -25.28 -14.41 -9.17
N GLN B 31 -11.55 -13.10 -2.72
N GLN B 31 -6.05 9.51 26.97
CA GLN B 31 20.58 -11.84 -4.91
CA GLN B 31 -26.65 -14.97 -9.40
CA GLN B 31 -12.89 -13.58 -3.19
CA GLN B 31 -6.53 10.17 28.22
C GLN B 31 19.42 -12.37 -5.76
C GLN B 31 -27.11 -15.71 -8.13
C GLN B 31 -13.97 -13.08 -2.22
C GLN B 31 -6.08 9.32 29.43
N ASP B 32 18.49 -12.98 -5.07
N ASP B 32 -26.22 -16.53 -7.65
N ASP B 32 -13.69 -13.31 -0.96
N ASP B 32 -6.34 8.05 29.31
CA ASP B 32 17.29 -13.53 -5.74
CA ASP B 32 -26.49 -17.30 -6.41
CA ASP B 32 -14.62 -12.87 0.10
CA ASP B 32 -5.96 7.09 30.38
C ASP B 32 16.60 -12.49 -6.59
C ASP B 32 -26.92 -16.40 -5.27
C ASP B 32 -14.96 -11.39 -0.01
C ASP B 32 -4.49 7.21 30.74
N LYS B 33 16.48 -11.25 -6.08
N LYS B 33 -26.25 -15.23 -5.12
N LYS B 33 -13.95 -10.55 -0.31
N LYS B 33 -3.61 7.35 29.71
CA LYS B 33 15.71 -10.26 -6.89
CA LYS B 33 -26.62 -14.41 -3.94
CA LYS B 33 -14.28 -9.10 -0.32
CA LYS B 33 -2.17 7.36 30.09
C LYS B 33 16.48 -9.40 -7.83
C LYS B 33 -27.64 -13.36 -4.14
C LYS B 33 -14.67 -8.51 -1.63
C LYS B 33 -1.55 8.70 30.31
N GLU B 34 17.75 -9.12 -7.66
N GLU B 34 -27.89 -12.82 -5.31
N GLU B 34 -14.31 -9.01 -2.77
N GLU B 34 -2.01 9.80 29.80
CA GLU B 34 18.53 -8.29 -8.54
CA GLU B 34 -28.88 -11.79 -5.56
CA GLU B 34 -14.66 -8.48 -4.07
CA GLU B 34 -1.44 11.11 29.99
C GLU B 34 19.77 -8.97 -9.08
C GLU B 34 -29.88 -12.16 -6.61
C GLU B 34 -15.36 -9.46 -4.97
C GLU B 34 -2.40 12.13 30.55
N GLY B 35 20.06 -10.18 -8.60
N GLY B 35 -29.70 -13.29 -7.27
N GLY B 35 -15.46 -10.71 -4.55
N GLY B 35 -3.67 11.76 30.67
CA GLY B 35 21.17 -10.96 -9.09
CA GLY B 35 -30.62 -13.79 -8.26
CA GLY B 35 -16.17 -11.73 -5.28
CA GLY B 35 -4.67 12.60 31.26
C GLY B 35 22.52 -10.67 -8.58
C GLY B 35 -30.58 -13.24 -9.63
C GLY B 35 -15.48 -12.39 -6.42
C GLY B 35 -5.29 13.66 30.42
N ILE B 36 22.64 -9.77 -7.59
N ILE B 36 -29.59 -12.38 -9.92
N ILE B 36 -14.20 -12.10 -6.64
N ILE B 36 -4.97 13.70 29.12
CA ILE B 36 23.98 -9.47 -7.06
CA ILE B 36 -29.53 -11.81 -11.28
CA ILE B 36 -13.49 -12.76 -7.75
CA ILE B 36 -5.57 14.74 28.27
C ILE B 36 24.43 -10.54 -6.08
C ILE B 36 -28.90 -12.81 -12.24
C ILE B 36 -13.07 -14.16 -7.37
C ILE B 36 -6.98 14.35 27.86
N PRO B 37 25.58 -11.14 -6.31
N PRO B 37 -29.60 -13.13 -13.33
N PRO B 37 -13.47 -15.15 -8.16
N PRO B 37 -7.95 15.21 28.14
CA PRO B 37 26.17 -12.16 -5.42
CA PRO B 37 -29.09 -14.04 -14.37
CA PRO B 37 -13.10 -16.57 -7.94
CA PRO B 37 -9.36 14.99 27.77
C PRO B 37 26.33 -11.62 -4.02
C PRO B 37 -27.78 -13.55 -14.93
C PRO B 37 -11.60 -16.73 -7.91
C PRO B 37 -9.50 14.77 26.27
N PRO B 38 26.00 -12.39 -3.01
N PRO B 38 -26.81 -14.41 -15.15
N PRO B 38 -11.06 -17.50 -7.00
N PRO B 38 -10.29 13.83 25.84
CA PRO B 38 26.14 -11.90 -1.62
CA PRO B 38 -25.51 -13.97 -15.68
CA PRO B 38 -9.60 -17.68 -6.93
CA PRO B 38 -10.44 13.58 24.40
C PRO B 38 27.54 -11.47 -1.28
C PRO B 38 -25.63 -13.26 -17.01
C PRO B 38 -9.00 -18.20 -8.21
C PRO B 38 -10.91 14.78 23.62
N ASP B 39 28.54 -12.10 -1.85
N ASP B 39 -26.58 -13.62 -17.82
N ASP B 39 -9.72 -19.01 -8.94
N ASP B 39 -11.70 15.63 24.23
CA ASP B 39 29.95 -11.76 -1.52
CA ASP B 39 -26.72 -13.01 -19.17
CA ASP B 39 -9.17 -19.61 -10.19
CA ASP B 39 -12.26 16.81 23.51
C ASP B 39 30.35 -10.37 -2.00
C ASP B 39 -27.13 -11.55 -19.10
C ASP B 39 -8.96 -18.56 -11.29
C ASP B 39 -11.17 17.84 23.18
N GLN B 40 29.55 -9.80 -2.90
N GLN B 40 -27.62 -11.13 -17.94
N GLN B 40 -9.55 -17.40 -11.12
N GLN B 40 -10.02 17.71 23.82
CA GLN B 40 29.85 -8.45 -3.40
CA GLN B 40 -28.02 -9.71 -17.78
CA GLN B 40 -9.35 -16.33 -12.12
CA GLN B 40 -8.91 18.65 23.52
C GLN B 40 29.08 -7.35 -2.63
C GLN B 40 -26.89 -8.85 -17.15
C GLN B 40 -8.23 -15.35 -11.72
C GLN B 40 -7.92 18.08 22.49
N GLN B 41 28.13 -7.75 -1.81
N GLN B 41 -25.86 -9.48 -16.65
N GLN B 41 -7.75 -15.44 -10.50
N GLN B 41 -8.05 16.81 22.16
CA GLN B 41 27.30 -6.83 -1.06
CA GLN B 41 -24.77 -8.81 -15.99
CA GLN B 41 -6.73 -14.56 -9.98
CA GLN B 41 -7.16 16.14 21.24
C GLN B 41 27.86 -6.35 0.25
C GLN B 41 -23.68 -8.28 -16.90
C GLN B 41 -5.31 -14.94 -10.30
C GLN B 41 -7.50 16.28 19.78
N ARG B 42 27.83 -5.02 0.41
N ARG B 42 -23.35 -7.00 -16.69
N ARG B 42 -4.56 -13.97 -10.80
N ARG B 42 -6.49 16.66 19.00
CA ARG B 42 28.20 -4.40 1.72
CA ARG B 42 -22.18 -6.38 -17.37
CA ARG B 42 -3.10 -14.12 -11.00
CA ARG B 42 -6.63 16.68 17.51
C ARG B 42 26.97 -3.62 2.13
C ARG B 42 -21.28 -5.90 -16.25
C ARG B 42 -2.46 -13.02 -10.19
C ARG B 42 -5.53 15.75 17.02
N LEU B 43 26.31 -3.97 3.24
N LEU B 43 -20.07 -6.44 -16.12
N LEU B 43 -1.68 -13.33 -9.15
N LEU B 43 -5.86 14.64 16.36
CA LEU B 43 25.06 -3.26 3.64
CA LEU B 43 -19.18 -6.05 -15.00
CA LEU B 43 -1.09 -12.27 -8.30
CA LEU B 43 -4.82 13.68 15.91
C LEU B 43 25.36 -2.30 4.79
C LEU B 43 -18.09 -5.10 -15.50
C LEU B 43 0.38 -12.09 -8.63
C LEU B 43 -4.60 13.82 14.42
N ILE B 44 24.92 -1.06 4.63
N ILE B 44 -17.92 -3.99 -14.81
N ILE B 44 0.78 -10.84 -8.84
N ILE B 44 -3.33 13.94 14.02
CA ILE B 44 25.15 0.00 5.61
CA ILE B 44 -16.97 -2.95 -15.19
CA ILE B 44 2.14 -10.49 -9.23
CA ILE B 44 -2.94 14.14 12.63
C ILE B 44 23.85 0.60 6.13
C ILE B 44 -15.96 -2.68 -14.08
C ILE B 44 2.78 -9.52 -8.23
C ILE B 44 -2.00 13.05 12.14
N PHE B 45 23.78 0.71 7.49
N PHE B 45 -14.66 -2.65 -14.48
N PHE B 45 4.03 -9.88 -7.83
N PHE B 45 -2.35 12.50 10.95
CA PHE B 45 22.62 1.32 8.15
CA PHE B 45 -13.57 -2.35 -13.55
CA PHE B 45 4.81 -9.03 -6.91
CA PHE B 45 -1.51 11.47 10.30
C PHE B 45 23.19 2.08 9.36
C PHE B 45 -12.54 -1.54 -14.36
C PHE B 45 6.27 -9.18 -7.39
C PHE B 45 -1.61 11.74 8.80
N ALA B 46 22.76 3.32 9.43
N ALA B 46 -12.18 -0.43 -13.76
N ALA B 46 6.85 -8.01 -7.55
N ALA B 46 -0.44 11.80 8.22
CA ALA B 46 23.11 4.24 10.52
CA ALA B 46 -11.17 0.49 -14.31
CA ALA B 46 8.27 -7.86 -7.93
CA ALA B 46 -0.24 12.00 6.77
C ALA B 46 24.61 4.22 10.78
C ALA B 46 -11.44 0.79 -15.78
C ALA B 46 8.60 -8.75 -9.11
C ALA B 46 -1.08 13.16 6.28
N GLY B 47 25.34 4.28 9.71
N GLY B 47 -12.69 1.07 -16.05
N GLY B 47 7.73 -8.71 -10.09
N GLY B 47 -1.03 14.23 7.02
CA GLY B 47 26.77 4.28 9.61
CA GLY B 47 -13.28 1.37 -17.32
CA GLY B 47 7.75 -9.43 -11.32
CA GLY B 47 -1.71 15.47 6.84
C GLY B 47 27.50 3.06 10.12
C GLY B 47 -13.21 0.33 -18.39
C GLY B 47 7.69 -10.93 -11.25
C GLY B 47 -3.21 15.46 6.86
N LYS B 48 26.83 1.94 10.21
N LYS B 48 -13.03 -0.92 -18.02
N LYS B 48 7.21 -11.48 -10.17
N LYS B 48 -3.81 14.46 7.46
CA LYS B 48 27.45 0.67 10.63
CA LYS B 48 -13.00 -2.03 -18.98
CA LYS B 48 7.08 -12.93 -10.01
CA LYS B 48 -5.27 14.37 7.58
C LYS B 48 27.40 -0.29 9.44
C LYS B 48 -14.21 -2.92 -18.68
C LYS B 48 5.57 -13.23 -9.90
C LYS B 48 -5.60 14.45 9.08
N GLN B 49 28.42 -1.07 9.25
N GLN B 49 -14.84 -3.46 -19.69
N GLN B 49 5.11 -14.31 -10.47
N GLN B 49 -6.68 15.11 9.44
CA GLN B 49 28.38 -2.12 8.18
CA GLN B 49 -15.96 -4.43 -19.46
CA GLN B 49 3.69 -14.73 -10.29
CA GLN B 49 -7.12 15.12 10.86
C GLN B 49 27.69 -3.30 8.86
C GLN B 49 -15.24 -5.77 -19.30
C GLN B 49 3.71 -15.52 -8.99
C GLN B 49 -7.95 13.85 10.99
N LEU B 50 26.69 -3.87 8.23
N LEU B 50 -15.54 -6.51 -18.27
N LEU B 50 2.83 -15.22 -8.07
N LEU B 50 -7.69 13.05 11.98
CA LEU B 50 25.91 -4.96 8.82
CA LEU B 50 -14.86 -7.78 -17.96
CA LEU B 50 2.80 -15.86 -6.75
CA LEU B 50 -8.38 11.75 12.16
C LEU B 50 26.66 -6.28 8.69
C LEU B 50 -15.40 -8.90 -18.85
C LEU B 50 2.14 -17.23 -6.84
C LEU B 50 -9.76 11.97 12.77
N GLU B 51 26.64 -7.10 9.74
N GLU B 51 -14.52 -9.74 -19.36
N GLU B 51 2.71 -18.22 -6.16
N GLU B 51 -10.77 11.26 12.28
CA GLU B 51 27.38 -8.37 9.70
CA GLU B 51 -14.97 -10.83 -20.28
CA GLU B 51 2.15 -19.60 -6.25
CA GLU B 51 -12.14 11.45 12.78
C GLU B 51 26.44 -9.52 9.45
C GLU B 51 -15.02 -12.13 -19.54
C GLU B 51 1.34 -19.90 -5.02
C GLU B 51 -12.49 10.34 13.73
N ASP B 52 26.80 -10.49 8.65
N ASP B 52 -16.02 -12.96 -19.76
N ASP B 52 0.21 -20.56 -5.12
N ASP B 52 -13.18 10.62 14.82
CA ASP B 52 25.97 -11.61 8.24
CA ASP B 52 -16.25 -14.22 -19.06
CA ASP B 52 -0.71 -20.86 -4.04
CA ASP B 52 -13.52 9.67 15.87
C ASP B 52 25.19 -12.42 9.26
C ASP B 52 -15.13 -15.22 -18.86
C ASP B 52 -0.22 -21.43 -2.72
C ASP B 52 -14.13 8.31 15.54
N GLY B 53 25.78 -12.73 10.39
N GLY B 53 -14.32 -15.44 -19.87
N GLY B 53 0.69 -22.37 -2.77
N GLY B 53 -15.06 8.27 14.61
CA GLY B 53 25.17 -13.54 11.46
CA GLY B 53 -13.22 -16.42 -19.86
CA GLY B 53 1.22 -23.06 -1.58
CA GLY B 53 -15.78 7.05 14.21
C GLY B 53 24.27 -12.83 12.40
C GLY B 53 -11.94 -15.97 -19.24
C GLY B 53 2.32 -22.36 -0.84
C GLY B 53 -15.08 6.16 13.23
N ARG B 54 24.19 -11.49 12.34
N ARG B 54 -11.80 -14.69 -18.90
N ARG B 54 2.87 -21.28 -1.39
N ARG B 54 -13.96 6.60 12.65
CA ARG B 54 23.26 -10.72 13.19
CA ARG B 54 -10.59 -14.18 -18.22
CA ARG B 54 3.91 -20.49 -0.69
CA ARG B 54 -13.18 5.74 11.73
C ARG B 54 21.91 -10.67 12.48
C ARG B 54 -10.78 -14.40 -16.72
C ARG B 54 3.21 -19.50 0.23
C ARG B 54 -12.23 4.90 12.57
N THR B 55 20.88 -10.29 13.20
N THR B 55 -9.71 -14.27 -15.97
N THR B 55 3.95 -18.91 1.14
N THR B 55 -11.67 3.89 11.96
CA THR B 55 19.52 -10.13 12.67
CA THR B 55 -9.71 -14.39 -14.50
CA THR B 55 3.45 -17.88 2.07
CA THR B 55 -10.68 2.99 12.59
C THR B 55 19.27 -8.60 12.53
C THR B 55 -9.57 -12.95 -13.94
C THR B 55 3.99 -16.52 1.57
C THR B 55 -9.29 3.39 12.02
N LEU B 56 18.25 -8.25 11.79
N LEU B 56 -9.87 -12.81 -12.67
N LEU B 56 3.41 -15.45 2.06
N LEU B 56 -8.25 2.93 12.68
CA LEU B 56 17.84 -6.85 11.60
CA LEU B 56 -9.73 -11.51 -11.97
CA LEU B 56 3.85 -14.09 1.74
CA LEU B 56 -6.86 3.16 12.24
C LEU B 56 17.48 -6.28 12.96
C LEU B 56 -8.26 -11.10 -12.02
C LEU B 56 5.30 -13.93 2.19
C LEU B 56 -6.69 2.52 10.86
N SER B 57 16.86 -7.10 13.83
N SER B 57 -7.34 -12.08 -11.92
N SER B 57 5.66 -14.55 3.34
N SER B 57 -7.34 1.36 10.64
CA SER B 57 16.49 -6.53 15.16
CA SER B 57 -5.91 -11.68 -11.97
CA SER B 57 7.06 -14.38 3.79
CA SER B 57 -7.17 0.73 9.31
C SER B 57 17.70 -6.13 15.96
C SER B 57 -5.53 -11.05 -13.29
C SER B 57 8.05 -14.99 2.81
C SER B 57 -7.72 1.59 8.19
N ASP B 58 18.81 -6.80 15.75
N ASP B 58 -6.19 -11.45 -14.36
N ASP B 58 7.64 -16.03 2.10
N ASP B 58 -8.73 2.37 8.48
CA ASP B 58 20.06 -6.48 16.48
CA ASP B 58 -5.90 -10.90 -15.70
CA ASP B 58 8.53 -16.68 1.11
CA ASP B 58 -9.34 3.26 7.46
C ASP B 58 20.44 -5.00 16.29
C ASP B 58 -6.02 -9.37 -15.70
C ASP B 58 9.05 -15.67 0.09
C ASP B 58 -8.28 4.18 6.84
N TYR B 59 20.24 -4.53 15.10
N TYR B 59 -7.00 -8.90 -15.00
N TYR B 59 8.18 -14.78 -0.30
N TYR B 59 -7.40 4.65 7.67
CA TYR B 59 20.51 -3.15 14.71
CA TYR B 59 -7.29 -7.48 -14.84
CA TYR B 59 8.49 -13.71 -1.25
CA TYR B 59 -6.29 5.52 7.28
C TYR B 59 19.32 -2.24 14.89
C TYR B 59 -6.60 -6.86 -13.64
C TYR B 59 8.96 -12.44 -0.58
C TYR B 59 -5.04 4.76 6.91
N ASN B 60 18.19 -2.67 15.44
N ASN B 60 -5.76 -7.54 -12.91
N ASN B 60 9.18 -12.38 0.71
N ASN B 60 -5.01 3.44 6.86
CA ASN B 60 17.06 -1.74 15.59
CA ASN B 60 -5.10 -6.90 -11.74
CA ASN B 60 9.66 -11.12 1.31
CA ASN B 60 -3.76 2.75 6.50
C ASN B 60 16.62 -1.16 14.25
C ASN B 60 -6.13 -6.37 -10.76
C ASN B 60 8.69 -9.97 1.04
C ASN B 60 -2.63 3.11 7.44
N ILE B 61 16.52 -2.01 13.24
N ILE B 61 -7.14 -7.17 -10.45
N ILE B 61 7.41 -10.22 1.21
N ILE B 61 -2.91 3.11 8.74
CA ILE B 61 16.02 -1.57 11.90
CA ILE B 61 -8.15 -6.78 -9.43
CA ILE B 61 6.39 -9.15 1.06
CA ILE B 61 -1.85 3.37 9.76
C ILE B 61 14.50 -1.73 11.95
C ILE B 61 -7.61 -7.27 -8.09
C ILE B 61 6.24 -8.49 2.43
C ILE B 61 -1.25 2.01 10.08
N GLN B 62 13.75 -0.67 11.84
N GLN B 62 -7.33 -6.40 -7.18
N GLN B 62 6.58 -7.24 2.55
N GLN B 62 0.01 1.79 9.81
CA GLN B 62 12.26 -0.69 11.94
CA GLN B 62 -6.72 -6.74 -5.85
CA GLN B 62 6.55 -6.51 3.86
CA GLN B 62 0.70 0.49 10.01
C GLN B 62 11.66 -0.56 10.54
C GLN B 62 -7.80 -6.70 -4.76
C GLN B 62 5.31 -5.60 3.91
C GLN B 62 1.57 0.57 11.27
N LYS B 63 10.36 -0.78 10.41
N LYS B 63 -7.50 -7.19 -3.57
N LYS B 63 5.01 -5.04 5.08
N LYS B 63 2.09 -0.57 11.73
CA LYS B 63 9.68 -0.76 9.13
CA LYS B 63 -8.46 -7.25 -2.48
CA LYS B 63 3.83 -4.22 5.27
CA LYS B 63 2.88 -0.63 12.95
C LYS B 63 9.97 0.57 8.43
C LYS B 63 -9.04 -5.86 -2.24
C LYS B 63 3.83 -3.10 4.24
C LYS B 63 4.04 0.36 12.84
N GLU B 64 10.12 0.43 7.10
N GLU B 64 -10.34 -5.90 -1.93
N GLU B 64 2.60 -2.81 3.79
N GLU B 64 4.31 0.95 14.01
CA GLU B 64 10.38 1.50 6.18
CA GLU B 64 -11.16 -4.75 -1.63
CA GLU B 64 2.28 -1.80 2.82
CA GLU B 64 5.35 1.92 14.23
C GLU B 64 11.71 2.19 6.28
C GLU B 64 -11.44 -3.79 -2.75
C GLU B 64 2.77 -1.99 1.42
C GLU B 64 5.21 3.26 13.56
N SER B 65 12.65 1.51 6.91
N SER B 65 -11.25 -4.28 -3.96
N SER B 65 3.10 -3.23 1.11
N SER B 65 3.99 3.56 13.17
CA SER B 65 14.04 1.96 7.02
CA SER B 65 -11.58 -3.54 -5.19
CA SER B 65 3.49 -3.65 -0.24
CA SER B 65 3.62 4.86 12.59
C SER B 65 14.68 1.81 5.62
C SER B 65 -13.12 -3.48 -5.30
C SER B 65 2.23 -3.62 -1.13
C SER B 65 3.67 5.90 13.73
N THR B 66 15.76 2.51 5.39
N THR B 66 -13.62 -2.55 -6.06
N THR B 66 2.41 -3.55 -2.42
N THR B 66 3.78 7.15 13.40
CA THR B 66 16.52 2.39 4.13
CA THR B 66 -15.07 -2.43 -6.32
CA THR B 66 1.30 -3.59 -3.39
CA THR B 66 3.73 8.25 14.37
C THR B 66 17.93 1.93 4.46
C THR B 66 -15.31 -2.59 -7.82
C THR B 66 1.49 -4.81 -4.28
C THR B 66 2.56 9.16 14.05
N LEU B 67 18.40 0.85 3.82
N LEU B 67 -16.20 -3.50 -8.22
N LEU B 67 0.46 -5.66 -4.39
N LEU B 67 1.69 9.41 15.03
CA LEU B 67 19.80 0.42 4.01
CA LEU B 67 -16.56 -3.64 -9.64
CA LEU B 67 0.53 -6.80 -5.33
CA LEU B 67 0.59 10.37 14.81
C LEU B 67 20.55 0.87 2.75
C LEU B 67 -17.93 -2.96 -9.78
C LEU B 67 -0.34 -6.39 -6.53
C LEU B 67 1.01 11.66 15.53
N HIS B 68 21.81 1.08 2.84
N HIS B 68 -18.26 -2.49 -10.93
N HIS B 68 -0.07 -6.93 -7.67
N HIS B 68 0.52 12.77 15.11
CA HIS B 68 22.58 1.47 1.65
CA HIS B 68 -19.59 -1.88 -11.12
CA HIS B 68 -0.91 -6.60 -8.84
CA HIS B 68 0.87 14.04 15.79
C HIS B 68 23.38 0.23 1.23
C HIS B 68 -20.41 -2.90 -11.93
C HIS B 68 -1.78 -7.83 -9.09
C HIS B 68 -0.37 14.43 16.60
N LEU B 69 23.38 -0.06 -0.06
N LEU B 69 -21.65 -3.12 -11.52
N LEU B 69 -3.06 -7.61 -9.35
N LEU B 69 -0.17 14.84 17.85
CA LEU B 69 24.16 -1.18 -0.61
CA LEU B 69 -22.55 -4.01 -12.23
CA LEU B 69 -3.99 -8.69 -9.67
CA LEU B 69 -1.25 15.31 18.70
C LEU B 69 25.35 -0.70 -1.36
C LEU B 69 -23.61 -3.24 -12.97
C LEU B 69 -4.36 -8.68 -11.12
C LEU B 69 -1.21 16.80 18.88
N VAL B 70 26.54 -0.98 -0.92
N VAL B 70 -23.65 -3.28 -14.26
N VAL B 70 -4.02 -9.67 -11.87
N VAL B 70 -2.17 17.52 18.43
CA VAL B 70 27.76 -0.62 -1.70
CA VAL B 70 -24.75 -2.62 -15.03
CA VAL B 70 -4.46 -9.76 -13.29
CA VAL B 70 -2.22 18.99 18.68
C VAL B 70 28.26 -1.98 -2.23
C VAL B 70 -25.57 -3.81 -15.55
C VAL B 70 -5.51 -10.89 -13.28
C VAL B 70 -3.36 19.15 19.69
N LEU B 71 28.74 -2.00 -3.45
N LEU B 71 -26.89 -3.68 -15.54
N LEU B 71 -6.58 -10.72 -14.02
N LEU B 71 -3.19 20.01 20.66
CA LEU B 71 29.27 -3.26 -4.04
CA LEU B 71 -27.77 -4.75 -16.04
CA LEU B 71 -7.63 -11.76 -14.10
CA LEU B 71 -4.26 20.25 21.67
C LEU B 71 30.77 -3.28 -3.89
C LEU B 71 -28.15 -4.46 -17.47
C LEU B 71 -7.40 -12.63 -15.31
C LEU B 71 -5.07 21.45 21.27
N MET A 1 6.38 18.40 -20.67
CA MET A 1 5.74 19.56 -20.05
C MET A 1 6.28 19.67 -18.60
N GLN A 2 6.34 20.88 -18.14
CA GLN A 2 6.81 21.11 -16.74
C GLN A 2 5.61 21.10 -15.81
N ILE A 3 5.80 20.45 -14.66
CA ILE A 3 4.77 20.47 -13.61
C ILE A 3 5.53 20.83 -12.30
N PHE A 4 4.75 21.23 -11.33
CA PHE A 4 5.40 21.59 -10.01
C PHE A 4 4.91 20.64 -8.96
N VAL A 5 5.74 20.16 -8.03
CA VAL A 5 5.27 19.32 -6.95
C VAL A 5 5.58 20.10 -5.65
N LYS A 6 4.57 20.50 -4.95
CA LYS A 6 4.78 21.30 -3.70
C LYS A 6 4.77 20.35 -2.53
N THR A 7 5.82 20.41 -1.68
CA THR A 7 5.88 19.52 -0.51
C THR A 7 5.42 20.27 0.74
N LEU A 8 5.24 19.58 1.84
CA LEU A 8 4.74 20.24 3.07
C LEU A 8 5.81 21.08 3.74
N THR A 9 7.06 21.03 3.24
CA THR A 9 8.08 21.90 3.94
C THR A 9 8.35 23.16 3.18
N GLY A 10 7.52 23.50 2.24
CA GLY A 10 7.67 24.69 1.43
C GLY A 10 8.68 24.63 0.33
N LYS A 11 9.10 23.43 0.00
CA LYS A 11 10.01 23.21 -1.12
C LYS A 11 9.11 22.84 -2.31
N THR A 12 9.42 23.38 -3.48
CA THR A 12 8.62 22.98 -4.66
C THR A 12 9.61 22.35 -5.64
N ILE A 13 9.25 21.19 -6.17
CA ILE A 13 10.23 20.60 -7.13
C ILE A 13 9.65 20.67 -8.52
N THR A 14 10.47 20.94 -9.51
CA THR A 14 9.89 20.97 -10.89
C THR A 14 10.25 19.66 -11.57
N LEU A 15 9.33 19.09 -12.33
CA LEU A 15 9.58 17.83 -13.01
C LEU A 15 9.25 18.02 -14.49
N GLU A 16 9.89 17.22 -15.31
CA GLU A 16 9.51 17.26 -16.76
C GLU A 16 8.85 15.92 -17.00
N VAL A 17 7.60 16.03 -17.42
CA VAL A 17 6.77 14.86 -17.67
C VAL A 17 5.93 15.04 -18.95
N GLU A 18 5.32 13.93 -19.31
CA GLU A 18 4.37 13.84 -20.41
C GLU A 18 3.06 13.38 -19.82
N PRO A 19 1.95 13.87 -20.34
CA PRO A 19 0.61 13.47 -19.90
C PRO A 19 0.43 11.98 -19.97
N SER A 20 1.19 11.31 -20.81
CA SER A 20 1.03 9.85 -20.98
C SER A 20 1.72 9.11 -19.87
N ASP A 21 2.49 9.83 -19.05
CA ASP A 21 3.19 9.10 -17.96
C ASP A 21 2.21 8.63 -16.92
N THR A 22 2.51 7.52 -16.30
CA THR A 22 1.71 6.99 -15.21
C THR A 22 2.16 7.68 -13.91
N ILE A 23 1.25 7.61 -12.94
CA ILE A 23 1.52 8.13 -11.60
C ILE A 23 2.72 7.40 -10.98
N GLU A 24 2.80 6.12 -11.24
CA GLU A 24 3.98 5.32 -10.73
C GLU A 24 5.27 5.90 -11.23
N CYS A 25 5.30 6.34 -12.52
CA CYS A 25 6.50 6.91 -13.13
C CYS A 25 6.85 8.24 -12.50
N VAL A 26 5.82 9.05 -12.28
CA VAL A 26 6.04 10.34 -11.65
C VAL A 26 6.71 10.15 -10.29
N LYS A 27 6.18 9.20 -9.52
CA LYS A 27 6.74 8.92 -8.19
C LYS A 27 8.19 8.48 -8.29
N ALA A 28 8.54 7.70 -9.30
CA ALA A 28 9.92 7.29 -9.53
C ALA A 28 10.80 8.47 -9.89
N LYS A 29 10.31 9.43 -10.66
CA LYS A 29 11.09 10.64 -10.97
C LYS A 29 11.35 11.47 -9.69
N ILE A 30 10.35 11.49 -8.81
CA ILE A 30 10.50 12.25 -7.55
C ILE A 30 11.53 11.50 -6.70
N GLN A 31 11.49 10.19 -6.69
CA GLN A 31 12.50 9.45 -5.86
C GLN A 31 13.90 9.76 -6.40
N ASP A 32 14.01 9.63 -7.70
CA ASP A 32 15.30 9.91 -8.37
C ASP A 32 15.83 11.29 -8.03
N LYS A 33 14.94 12.30 -7.98
CA LYS A 33 15.50 13.66 -7.74
C LYS A 33 15.53 14.13 -6.33
N GLU A 34 14.74 13.67 -5.41
CA GLU A 34 14.73 14.09 -4.02
C GLU A 34 14.92 12.96 -3.04
N GLY A 35 14.94 11.73 -3.52
CA GLY A 35 15.18 10.58 -2.69
C GLY A 35 14.07 10.02 -1.89
N ILE A 36 12.84 10.55 -2.06
CA ILE A 36 11.72 10.01 -1.29
C ILE A 36 11.20 8.72 -1.91
N PRO A 37 11.15 7.65 -1.13
CA PRO A 37 10.64 6.34 -1.58
C PRO A 37 9.21 6.46 -2.09
N PRO A 38 8.88 5.84 -3.19
CA PRO A 38 7.51 5.95 -3.73
C PRO A 38 6.45 5.52 -2.76
N ASP A 39 6.74 4.57 -1.90
CA ASP A 39 5.72 4.05 -0.95
C ASP A 39 5.34 5.08 0.11
N GLN A 40 6.16 6.11 0.23
CA GLN A 40 5.83 7.18 1.22
C GLN A 40 5.08 8.36 0.58
N GLN A 41 5.02 8.40 -0.74
CA GLN A 41 4.40 9.48 -1.46
C GLN A 41 2.90 9.36 -1.66
N ARG A 42 2.21 10.46 -1.32
CA ARG A 42 0.75 10.57 -1.60
C ARG A 42 0.62 11.80 -2.48
N LEU A 43 0.18 11.67 -3.73
CA LEU A 43 0.09 12.84 -4.63
C LEU A 43 -1.35 13.30 -4.76
N ILE A 44 -1.57 14.59 -4.57
CA ILE A 44 -2.91 15.19 -4.61
C ILE A 44 -3.02 16.28 -5.66
N PHE A 45 -4.11 16.19 -6.46
CA PHE A 45 -4.39 17.20 -7.50
C PHE A 45 -5.92 17.33 -7.53
N ALA A 46 -6.32 18.58 -7.46
CA ALA A 46 -7.74 18.98 -7.52
C ALA A 46 -8.59 18.14 -6.58
N GLY A 47 -8.08 17.99 -5.40
CA GLY A 47 -8.62 17.24 -4.29
C GLY A 47 -8.80 15.76 -4.47
N CYS A 48 -8.13 15.15 -5.41
CA CYS A 48 -8.12 13.71 -5.63
C CYS A 48 -6.78 13.12 -5.25
N GLN A 49 -6.74 11.97 -4.70
CA GLN A 49 -5.43 11.30 -4.47
C GLN A 49 -5.16 10.55 -5.77
N LEU A 50 -3.98 10.72 -6.33
CA LEU A 50 -3.65 10.11 -7.64
C LEU A 50 -3.29 8.65 -7.46
N GLU A 51 -3.77 7.80 -8.37
CA GLU A 51 -3.53 6.34 -8.25
C GLU A 51 -2.42 5.92 -9.18
N ASP A 52 -1.53 5.06 -8.79
CA ASP A 52 -0.35 4.62 -9.54
C ASP A 52 -0.48 4.20 -10.99
N GLY A 53 -1.50 3.45 -11.32
CA GLY A 53 -1.74 2.91 -12.67
C GLY A 53 -2.40 3.82 -13.65
N ARG A 54 -2.89 4.98 -13.21
CA ARG A 54 -3.49 5.96 -14.13
C ARG A 54 -2.37 6.83 -14.68
N THR A 55 -2.66 7.57 -15.72
CA THR A 55 -1.72 8.53 -16.36
C THR A 55 -2.16 9.94 -15.93
N LEU A 56 -1.27 10.90 -16.12
CA LEU A 56 -1.55 12.31 -15.83
C LEU A 56 -2.72 12.75 -16.70
N SER A 57 -2.80 12.25 -17.95
CA SER A 57 -3.93 12.69 -18.80
C SER A 57 -5.26 12.26 -18.24
N ASP A 58 -5.29 11.15 -17.53
CA ASP A 58 -6.56 10.64 -16.93
C ASP A 58 -7.20 11.71 -16.05
N TYR A 59 -6.37 12.41 -15.33
CA TYR A 59 -6.76 13.49 -14.42
C TYR A 59 -6.79 14.84 -15.09
N ASN A 60 -6.55 14.98 -16.38
CA ASN A 60 -6.58 16.32 -16.99
C ASN A 60 -5.58 17.25 -16.32
N ILE A 61 -4.36 16.77 -16.10
CA ILE A 61 -3.28 17.62 -15.54
C ILE A 61 -2.59 18.28 -16.73
N GLN A 62 -2.64 19.57 -16.85
CA GLN A 62 -2.07 20.32 -18.00
C GLN A 62 -0.74 20.97 -17.58
N LYS A 63 0.04 21.51 -18.58
CA LYS A 63 1.33 22.10 -18.24
C LYS A 63 1.17 23.16 -17.17
N GLU A 64 2.22 23.18 -16.36
CA GLU A 64 2.37 24.09 -15.26
C GLU A 64 1.44 23.96 -14.10
N SER A 65 0.81 22.79 -14.03
CA SER A 65 -0.07 22.42 -12.91
C SER A 65 0.84 22.18 -11.68
N THR A 66 0.25 22.25 -10.50
CA THR A 66 0.96 21.97 -9.25
C THR A 66 0.29 20.77 -8.56
N LEU A 67 1.06 19.74 -8.22
CA LEU A 67 0.49 18.62 -7.46
C LEU A 67 0.98 18.81 -6.00
N HIS A 68 0.26 18.31 -5.06
CA HIS A 68 0.72 18.43 -3.66
C HIS A 68 1.24 17.05 -3.26
N LEU A 69 2.38 17.02 -2.60
CA LEU A 69 2.96 15.77 -2.10
C LEU A 69 2.83 15.67 -0.60
N VAL A 70 2.10 14.73 -0.09
CA VAL A 70 2.03 14.52 1.38
C VAL A 70 2.81 13.21 1.60
N LEU A 71 3.60 13.15 2.65
CA LEU A 71 4.36 11.93 2.95
C LEU A 71 3.61 11.09 3.95
N ARG A 72 3.55 9.80 3.72
N ARG A 72 3.50 9.80 3.73
N ARG A 72 3.64 9.79 3.74
N ARG A 72 3.54 9.80 3.74
CA ARG A 72 2.82 8.89 4.65
CA ARG A 72 2.76 8.94 4.67
CA ARG A 72 3.04 8.79 4.65
CA ARG A 72 2.80 8.92 4.68
C ARG A 72 3.85 8.48 5.69
C ARG A 72 2.95 7.51 4.16
C ARG A 72 1.72 9.41 5.12
C ARG A 72 3.60 7.62 4.74
N LEU A 73 3.50 8.31 6.92
N LEU A 73 1.93 6.78 3.87
N LEU A 73 1.38 9.39 6.37
N LEU A 73 4.29 7.32 5.80
CA LEU A 73 4.52 7.91 7.94
CA LEU A 73 2.14 5.38 3.38
CA LEU A 73 0.09 9.98 6.80
CA LEU A 73 5.06 6.06 5.83
C LEU A 73 5.14 6.58 7.54
C LEU A 73 0.88 4.88 2.70
C LEU A 73 -1.06 9.08 6.37
C LEU A 73 4.13 4.88 6.10
N ARG A 74 5.45 5.81 8.56
N ARG A 74 1.09 3.88 1.87
N ARG A 74 -1.66 8.47 7.38
N ARG A 74 4.38 3.82 5.36
CA ARG A 74 6.08 4.48 8.40
CA ARG A 74 -0.01 3.25 1.10
CA ARG A 74 -2.79 7.53 7.17
CA ARG A 74 3.58 2.59 5.46
C ARG A 74 5.44 3.51 9.38
C ARG A 74 0.18 1.74 1.10
C ARG A 74 -2.24 6.12 7.01
C ARG A 74 4.22 1.67 6.50
N GLY A 75 5.58 2.23 9.06
N GLY A 75 -0.91 1.04 0.87
N GLY A 75 -1.06 5.92 7.60
N GLY A 75 5.34 2.13 7.02
CA GLY A 75 5.03 1.13 9.85
CA GLY A 75 -0.95 -0.42 0.85
CA GLY A 75 -0.37 4.64 7.56
CA GLY A 75 6.12 1.40 8.02
C GLY A 75 5.37 -0.25 9.35
C GLY A 75 -2.04 -1.02 -0.01
C GLY A 75 1.13 4.72 7.80
C GLY A 75 5.48 1.31 9.39
N GLY A 76 4.82 -1.22 10.07
N GLY A 76 -1.89 -2.31 -0.23
N GLY A 76 1.71 3.55 7.90
N GLY A 76 5.97 0.33 10.14
CA GLY A 76 4.98 -2.65 9.79
CA GLY A 76 -2.82 -3.14 -1.01
CA GLY A 76 3.15 3.34 8.11
CA GLY A 76 5.54 0.04 11.51
C GLY A 76 6.45 -2.93 9.44
C GLY A 76 -3.85 -3.76 -0.05
C GLY A 76 3.34 2.10 9.01
C GLY A 76 4.06 -0.41 11.46
N MET B 1 10.11 -7.03 7.72
N MET B 1 -10.47 -13.73 -1.15
N MET B 1 -1.82 -6.47 9.39
N MET B 1 -3.51 -1.41 19.89
CA MET B 1 10.38 -5.58 7.64
CA MET B 1 -10.50 -12.27 -0.93
CA MET B 1 -1.16 -5.40 8.62
CA MET B 1 -2.29 -0.93 19.22
C MET B 1 10.86 -5.29 6.19
C MET B 1 -11.92 -11.80 -1.30
C MET B 1 -2.03 -5.14 7.37
C MET B 1 -1.87 0.39 19.92
N GLN B 2 10.56 -4.10 5.76
N GLN B 2 -12.33 -10.75 -0.63
N GLN B 2 -2.00 -3.91 6.95
N GLN B 2 -0.59 0.60 19.93
CA GLN B 2 11.01 -3.69 4.39
CA GLN B 2 -13.68 -10.18 -0.94
CA GLN B 2 -2.78 -3.55 5.72
CA GLN B 2 -0.08 1.87 20.55
C GLN B 2 12.38 -3.03 4.49
C GLN B 2 -13.52 -9.10 -2.00
C GLN B 2 -1.88 -3.72 4.50
C GLN B 2 0.00 2.94 19.47
N ILE B 3 13.24 -3.37 3.55
N ILE B 3 -14.46 -9.11 -2.94
N ILE B 3 -2.46 -4.28 3.44
N ILE B 3 -0.39 4.15 19.85
CA ILE B 3 14.55 -2.69 3.44
CA ILE B 3 -14.52 -8.03 -3.95
CA ILE B 3 -1.76 -4.37 2.15
CA ILE B 3 -0.23 5.32 18.97
C ILE B 3 14.70 -2.29 1.94
C ILE B 3 -16.00 -7.56 -3.97
C ILE B 3 -2.76 -3.84 1.09
C ILE B 3 0.40 6.43 19.85
N PHE B 4 15.62 -1.38 1.73
N PHE B 4 -16.17 -6.39 -4.55
N PHE B 4 -2.19 -3.52 -0.05
N PHE B 4 0.94 7.40 19.15
CA PHE B 4 15.84 -0.95 0.29
CA PHE B 4 -17.58 -5.87 -4.63
CA PHE B 4 -3.09 -3.00 -1.15
CA PHE B 4 1.58 8.53 19.92
C PHE B 4 17.23 -1.33 -0.12
C PHE B 4 -17.98 -5.75 -6.08
C PHE B 4 -3.07 -3.97 -2.29
C PHE B 4 0.82 9.80 19.65
N VAL B 5 17.47 -1.81 -1.34
N VAL B 5 -19.21 -6.08 -6.48
N VAL B 5 -4.17 -4.26 -2.97
N VAL B 5 0.58 10.67 20.62
CA VAL B 5 18.82 -2.10 -1.79
CA VAL B 5 -19.65 -5.91 -7.84
CA VAL B 5 -4.15 -5.12 -4.14
CA VAL B 5 -0.06 11.95 20.37
C VAL B 5 19.06 -1.17 -3.00
C VAL B 5 -20.82 -4.90 -7.77
C VAL B 5 -4.65 -4.24 -5.32
C VAL B 5 0.97 13.02 20.75
N LYS B 6 19.97 -0.26 -2.87
N LYS B 6 -20.64 -3.76 -8.34
N LYS B 6 -3.81 -3.99 -6.26
N LYS B 6 1.42 13.77 19.80
CA LYS B 6 20.23 0.72 -3.97
CA LYS B 6 -21.71 -2.70 -8.28
CA LYS B 6 -4.19 -3.10 -7.40
CA LYS B 6 2.46 14.82 20.10
C LYS B 6 21.38 0.19 -4.79
C LYS B 6 -22.53 -2.81 -9.55
C LYS B 6 -4.65 -3.99 -8.54
C LYS B 6 1.75 16.13 20.31
N THR B 7 21.19 0.08 -6.13
N THR B 7 -23.86 -2.92 -9.41
N THR B 7 -5.86 -3.71 -9.08
N THR B 7 2.04 16.81 21.44
CA THR B 7 22.27 -0.42 -7.00
CA THR B 7 -24.72 -3.01 -10.60
CA THR B 7 -6.37 -4.54 -10.18
CA THR B 7 1.39 18.10 21.73
C THR B 7 23.00 0.76 -7.65
C THR B 7 -25.33 -1.64 -10.91
C THR B 7 -6.12 -3.81 -11.51
C THR B 7 2.33 19.24 21.35
N LEU B 8 24.10 0.51 -8.32
N LEU B 8 -25.98 -1.49 -12.04
N LEU B 8 -6.35 -4.47 -12.63
N LEU B 8 1.86 20.46 21.35
CA LEU B 8 24.88 1.60 -8.93
CA LEU B 8 -26.55 -0.18 -12.43
CA LEU B 8 -6.09 -3.84 -13.94
CA LEU B 8 2.70 21.62 20.96
C LEU B 8 24.21 2.15 -10.18
C LEU B 8 -27.79 0.16 -11.63
C LEU B 8 -7.13 -2.80 -14.31
C LEU B 8 3.73 21.96 22.02
N THR B 9 23.12 1.52 -10.65
N THR B 9 -28.29 -0.77 -10.81
N THR B 9 -8.19 -2.67 -13.50
N THR B 9 3.67 21.33 23.20
CA THR B 9 22.49 2.11 -11.87
CA THR B 9 -29.51 -0.38 -10.03
CA THR B 9 -9.19 -1.62 -13.91
CA THR B 9 4.71 21.71 24.21
C THR B 9 21.28 2.92 -11.55
C THR B 9 -29.20 -0.02 -8.62
C THR B 9 -9.04 -0.37 -13.10
C THR B 9 5.81 20.70 24.28
N GLY B 10 21.09 3.28 -10.32
N GLY B 10 -27.96 0.21 -8.31
N GLY B 10 -7.96 -0.21 -12.41
N GLY B 10 5.92 19.84 23.32
CA GLY B 10 19.97 4.07 -9.88
CA GLY B 10 -27.51 0.58 -6.99
CA GLY B 10 -7.68 0.95 -11.60
CA GLY B 10 6.94 18.83 23.26
C GLY B 10 18.67 3.35 -9.73
C GLY B 10 -27.42 -0.53 -5.99
C GLY B 10 -8.38 1.01 -10.27
C GLY B 10 6.73 17.63 24.14
N LYS B 11 18.72 2.05 -9.70
N LYS B 11 -27.43 -1.75 -6.48
N LYS B 11 -8.89 -0.11 -9.83
N LYS B 11 5.53 17.46 24.62
CA LYS B 11 17.55 1.21 -9.47
CA LYS B 11 -27.24 -2.93 -5.63
CA LYS B 11 -9.50 -0.24 -8.51
CA LYS B 11 5.15 16.28 25.40
C LYS B 11 17.57 0.90 -7.95
C LYS B 11 -25.73 -3.27 -5.75
C LYS B 11 -8.39 -0.81 -7.60
C LYS B 11 4.51 15.31 24.39
N THR B 12 16.42 0.95 -7.33
N THR B 12 -25.13 -3.62 -4.63
N THR B 12 -8.29 -0.28 -6.40
N THR B 12 4.83 14.03 24.52
CA THR B 12 16.39 0.57 -5.90
CA THR B 12 -23.72 -4.04 -4.72
CA THR B 12 -7.30 -0.86 -5.46
CA THR B 12 4.17 13.07 23.62
C THR B 12 15.43 -0.62 -5.80
C THR B 12 -23.67 -5.47 -4.19
C THR B 12 -8.09 -1.35 -4.25
C THR B 12 3.43 12.09 24.54
N ILE B 13 15.87 -1.67 -5.11
N ILE B 13 -23.00 -6.35 -4.95
N ILE B 13 -7.82 -2.59 -3.84
N ILE B 13 2.17 11.83 24.23
CA ILE B 13 14.91 -2.81 -5.02
CA ILE B 13 -22.97 -7.75 -4.42
CA ILE B 13 -8.60 -3.06 -2.66
CA ILE B 13 1.47 10.87 25.13
C ILE B 13 14.39 -2.92 -3.61
C ILE B 13 -21.57 -8.06 -3.96
C ILE B 13 -7.68 -3.14 -1.47
C ILE B 13 1.23 9.58 24.39
N THR B 14 13.14 -3.23 -3.43
N THR B 14 -21.43 -8.77 -2.87
N THR B 14 -8.16 -2.79 -0.30
N THR B 14 1.37 8.46 25.05
CA THR B 14 12.66 -3.37 -2.02
CA THR B 14 -20.03 -9.11 -2.45
CA THR B 14 -7.25 -2.92 0.87
CA THR B 14 1.09 7.19 24.31
C THR B 14 12.59 -4.84 -1.69
C THR B 14 -19.75 -10.53 -2.86
C THR B 14 -7.63 -4.17 1.63
C THR B 14 -0.28 6.71 24.69
N LEU B 15 12.99 -5.24 -0.49
N LEU B 15 -18.55 -10.81 -3.35
N LEU B 15 -6.66 -4.93 2.11
N LEU B 15 -1.06 6.20 23.75
CA LEU B 15 12.98 -6.62 -0.09
CA LEU B 15 -18.19 -12.15 -3.79
CA LEU B 15 -6.93 -6.16 2.84
CA LEU B 15 -2.40 5.73 24.03
C LEU B 15 12.19 -6.74 1.23
C LEU B 15 -16.89 -12.56 -3.07
C LEU B 15 -6.21 -6.09 4.19
C LEU B 15 -2.52 4.28 23.51
N GLU B 16 11.64 -7.91 1.45
N GLU B 16 -16.72 -13.84 -2.92
N GLU B 16 -6.73 -6.82 5.14
N GLU B 16 -3.42 3.55 24.11
CA GLU B 16 10.98 -8.11 2.78
CA GLU B 16 -15.41 -14.30 -2.36
CA GLU B 16 -5.98 -6.89 6.44
CA GLU B 16 -3.67 2.18 23.56
C GLU B 16 11.85 -9.13 3.46
C GLU B 16 -14.74 -15.00 -3.53
C GLU B 16 -5.53 -8.33 6.49
C GLU B 16 -5.07 2.28 22.99
N VAL B 17 12.36 -8.69 4.61
N VAL B 17 -13.58 -14.47 -3.85
N VAL B 17 -4.22 -8.46 6.58
N VAL B 17 -5.13 2.01 21.69
CA VAL B 17 13.28 -9.51 5.40
CA VAL B 17 -12.78 -14.96 -4.96
CA VAL B 17 -3.55 -9.75 6.59
CA VAL B 17 -6.37 2.09 20.95
C VAL B 17 12.96 -9.39 6.91
C VAL B 17 -11.29 -15.00 -4.61
C VAL B 17 -2.41 -9.78 7.61
C VAL B 17 -6.50 0.93 19.95
N GLU B 18 13.64 -10.25 7.62
N GLU B 18 -10.58 -15.62 -5.54
N GLU B 18 -1.92 -10.99 7.79
N GLU B 18 -7.69 0.87 19.40
CA GLU B 18 13.62 -10.29 9.09
CA GLU B 18 -9.12 -15.71 -5.51
CA GLU B 18 -0.75 -11.28 8.61
CA GLU B 18 -8.05 -0.07 18.34
C GLU B 18 15.05 -10.06 9.55
C GLU B 18 -8.63 -15.05 -6.78
C GLU B 18 0.27 -11.93 7.69
C GLU B 18 -8.48 0.77 17.15
N PRO B 19 15.23 -9.36 10.65
N PRO B 19 -7.50 -14.37 -6.71
N PRO B 19 1.54 -11.65 7.91
N PRO B 19 -8.17 0.31 15.95
CA PRO B 19 16.55 -9.11 11.22
CA PRO B 19 -6.88 -13.72 -7.87
CA PRO B 19 2.63 -12.24 7.13
CA PRO B 19 -8.56 1.00 14.72
C PRO B 19 17.31 -10.39 11.47
C PRO B 19 -6.67 -14.69 -9.00
C PRO B 19 2.57 -13.75 7.13
C PRO B 19 -10.04 1.24 14.66
N SER B 20 16.59 -11.49 11.64
N SER B 20 -6.55 -15.97 -8.69
N SER B 20 1.96 -14.33 8.16
N SER B 20 -10.81 0.42 15.37
CA SER B 20 17.25 -12.77 11.93
CA SER B 20 -6.28 -16.98 -9.73
CA SER B 20 1.90 -15.78 8.27
CA SER B 20 -12.28 0.54 15.31
C SER B 20 17.81 -13.39 10.67
C SER B 20 -7.54 -17.34 -10.47
C SER B 20 0.82 -16.36 7.38
C SER B 20 -12.75 1.67 16.20
N ASP B 21 17.49 -12.81 9.52
N ASP B 21 -8.69 -16.85 -9.99
N ASP B 21 0.00 -15.48 6.79
N ASP B 21 -11.85 2.24 16.99
CA ASP B 21 18.02 -13.43 8.27
CA ASP B 21 -9.94 -17.21 -10.70
CA ASP B 21 -1.07 -16.03 5.93
CA ASP B 21 -12.31 3.33 17.89
C ASP B 21 19.50 -13.20 8.17
C ASP B 21 -10.00 -16.50 -12.03
C ASP B 21 -0.48 -16.61 4.66
C ASP B 21 -12.63 4.56 17.08
N THR B 22 20.20 -14.15 7.56
N THR B 22 -10.62 -17.15 -13.00
N THR B 22 -1.13 -17.64 4.14
N THR B 22 -13.58 5.33 17.55
CA THR B 22 21.61 -14.02 7.31
CA THR B 22 -10.84 -16.57 -14.31
CA THR B 22 -0.73 -18.23 2.89
CA THR B 22 -13.94 6.59 16.94
C THR B 22 21.81 -13.22 6.01
C THR B 22 -12.11 -15.70 -14.24
C THR B 22 -1.38 -17.40 1.74
C THR B 22 -12.99 7.67 17.47
N ILE B 23 23.04 -12.70 5.90
N ILE B 23 -12.18 -14.80 -15.22
N ILE B 23 -0.77 -17.60 0.57
N ILE B 23 -12.94 8.75 16.69
CA ILE B 23 23.44 -11.98 4.70
CA ILE B 23 -13.35 -13.94 -15.38
CA ILE B 23 -1.29 -16.97 -0.64
CA ILE B 23 -12.16 9.93 17.08
C ILE B 23 23.37 -12.90 3.48
C ILE B 23 -14.60 -14.79 -15.63
C ILE B 23 -2.71 -17.47 -0.93
C ILE B 23 -12.68 10.50 18.40
N GLU B 24 23.74 -14.15 3.67
N GLU B 24 -14.44 -15.86 -16.37
N GLU B 24 -2.95 -18.73 -0.66
N GLU B 24 -13.98 10.47 18.57
CA GLU B 24 23.64 -15.14 2.56
CA GLU B 24 -15.59 -16.80 -16.63
CA GLU B 24 -4.33 -19.30 -0.85
CA GLU B 24 -14.59 10.95 19.86
C GLU B 24 22.22 -15.23 2.03
C GLU B 24 -16.14 -17.32 -15.32
C GLU B 24 -5.34 -18.54 -0.02
C GLU B 24 -14.02 10.19 21.03
N ASN B 25 21.26 -15.20 2.94
N ASN B 25 -15.26 -17.64 -14.39
N ASN B 25 -4.95 -18.18 1.20
N ASN B 25 -13.85 8.89 20.86
CA ASN B 25 19.82 -15.28 2.62
CA ASN B 25 -15.61 -18.17 -13.07
CA ASN B 25 -5.80 -17.44 2.14
CA ASN B 25 -13.33 7.98 21.89
C ASN B 25 19.36 -14.05 1.82
C ASN B 25 -16.38 -17.14 -12.24
C ASN B 25 -6.10 -16.03 1.63
C ASN B 25 -11.88 8.31 22.24
N VAL B 26 19.81 -12.90 2.29
N VAL B 26 -15.86 -15.93 -12.28
N VAL B 26 -5.06 -15.40 1.14
N VAL B 26 -11.11 8.52 21.18
CA VAL B 26 19.48 -11.64 1.63
CA VAL B 26 -16.50 -14.83 -11.56
CA VAL B 26 -5.20 -14.05 0.58
CA VAL B 26 -9.70 8.87 21.34
C VAL B 26 19.96 -11.70 0.18
C VAL B 26 -17.94 -14.67 -12.05
C VAL B 26 -6.21 -14.08 -0.55
C VAL B 26 -9.60 10.15 22.18
N LYS B 27 21.20 -12.16 0.00
N LYS B 27 -18.10 -14.68 -13.37
N LYS B 27 -6.08 -15.06 -1.42
N LYS B 27 -10.41 11.14 21.84
CA LYS B 27 21.78 -12.25 -1.35
CA LYS B 27 -19.44 -14.54 -13.97
CA LYS B 27 -7.00 -15.19 -2.57
CA LYS B 27 -10.40 12.41 22.58
C LYS B 27 20.97 -13.19 -2.22
C LYS B 27 -20.35 -15.67 -13.52
C LYS B 27 -8.42 -15.39 -2.09
C LYS B 27 -10.76 12.19 24.03
N ALA B 28 20.47 -14.27 -1.66
N ALA B 28 -19.84 -16.87 -13.40
N ALA B 28 -8.62 -16.14 -1.02
N ALA B 28 -11.68 11.30 24.33
CA ALA B 28 19.62 -15.22 -2.40
CA ALA B 28 -20.62 -18.01 -12.91
CA ALA B 28 -9.96 -16.33 -0.44
CA ALA B 28 -12.05 10.97 25.70
C ALA B 28 18.30 -14.59 -2.78
C ALA B 28 -21.01 -17.82 -11.45
C ALA B 28 -10.50 -15.03 0.14
C ALA B 28 -10.91 10.29 26.43
N LYS B 29 17.71 -13.76 -1.92
N LYS B 29 -20.14 -17.27 -10.62
N LYS B 29 -9.67 -14.21 0.75
N LYS B 29 -10.14 9.43 25.77
CA LYS B 29 16.47 -13.03 -2.27
CA LYS B 29 -20.49 -16.98 -9.21
CA LYS B 29 -10.12 -12.90 1.26
CA LYS B 29 -8.95 8.81 26.40
C LYS B 29 16.72 -12.05 -3.42
C LYS B 29 -21.62 -15.93 -9.13
C LYS B 29 -10.56 -11.99 0.09
C LYS B 29 -7.89 9.87 26.73
N ILE B 30 17.90 -11.43 -3.42
N ILE B 30 -21.56 -14.97 -10.04
N ILE B 30 -9.83 -12.09 -1.02
N ILE B 30 -7.76 10.86 25.85
CA ILE B 30 18.22 -10.47 -4.49
CA ILE B 30 -22.60 -13.91 -10.05
CA ILE B 30 -10.17 -11.25 -2.18
CA ILE B 30 -6.77 11.92 26.08
C ILE B 30 18.41 -11.28 -5.77
C ILE B 30 -23.90 -14.58 -10.51
C ILE B 30 -11.50 -11.79 -2.74
C ILE B 30 -7.28 12.76 27.27
N GLN B 31 19.03 -12.44 -5.70
N GLN B 31 -23.84 -15.47 -11.47
N GLN B 31 -11.68 -13.08 -2.77
N GLN B 31 -8.56 13.00 27.34
CA GLN B 31 19.22 -13.24 -6.95
CA GLN B 31 -25.11 -16.11 -11.92
CA GLN B 31 -12.98 -13.61 -3.30
CA GLN B 31 -9.06 13.80 28.51
C GLN B 31 17.83 -13.61 -7.50
C GLN B 31 -25.70 -16.90 -10.74
C GLN B 31 -14.14 -13.09 -2.41
C GLN B 31 -8.78 13.04 29.80
N ASP B 32 17.02 -14.12 -6.60
N ASP B 32 -24.84 -17.68 -10.13
N ASP B 32 -13.92 -13.26 -1.13
N ASP B 32 -9.14 11.79 29.77
CA ASP B 32 15.65 -14.52 -6.97
CA ASP B 32 -25.25 -18.49 -8.96
CA ASP B 32 -14.92 -12.81 -0.13
CA ASP B 32 -8.91 10.90 30.94
C ASP B 32 14.90 -13.39 -7.65
C ASP B 32 -25.91 -17.65 -7.89
C ASP B 32 -15.29 -11.35 -0.33
C ASP B 32 -7.47 10.92 31.38
N LYS B 33 15.05 -12.15 -7.13
N LYS B 33 -25.36 -16.45 -7.63
N LYS B 33 -14.27 -10.50 -0.60
N LYS B 33 -6.52 10.90 30.42
CA LYS B 33 14.22 -11.08 -7.75
CA LYS B 33 -25.96 -15.68 -6.50
CA LYS B 33 -14.63 -9.05 -0.69
CA LYS B 33 -5.10 10.82 30.88
C LYS B 33 14.85 -10.30 -8.85
C LYS B 33 -27.01 -14.70 -6.85
C LYS B 33 -14.96 -8.52 -2.05
C LYS B 33 -4.38 12.10 31.04
N GLU B 34 16.15 -10.17 -8.98
N GLU B 34 -27.12 -14.14 -8.02
N GLU B 34 -14.51 -9.06 -3.15
N GLU B 34 -4.70 13.19 30.41
CA GLU B 34 16.80 -9.42 -10.03
CA GLU B 34 -28.13 -13.19 -8.42
CA GLU B 34 -14.80 -8.58 -4.48
CA GLU B 34 -4.02 14.47 30.52
C GLU B 34 17.79 -10.23 -10.83
C GLU B 34 -28.93 -13.61 -9.62
C GLU B 34 -15.42 -9.62 -5.38
C GLU B 34 -4.93 15.60 30.93
N GLY B 35 18.04 -11.46 -10.43
N GLY B 35 -28.57 -14.70 -10.26
N GLY B 35 -15.53 -10.86 -4.92
N GLY B 35 -6.23 15.36 31.00
CA GLY B 35 18.91 -12.36 -11.14
CA GLY B 35 -29.29 -15.24 -11.38
CA GLY B 35 -16.17 -11.91 -5.65
CA GLY B 35 -7.19 16.34 31.44
C GLY B 35 20.37 -12.23 -10.97
C GLY B 35 -29.08 -14.65 -12.71
C GLY B 35 -15.40 -12.61 -6.71
C GLY B 35 -7.66 17.36 30.48
N ILE B 36 20.82 -11.36 -10.05
N ILE B 36 -28.13 -13.71 -12.84
N ILE B 36 -14.11 -12.30 -6.87
N ILE B 36 -7.25 17.26 29.21
CA ILE B 36 22.27 -11.23 -9.86
CA ILE B 36 -27.89 -13.12 -14.17
CA ILE B 36 -13.33 -12.97 -7.91
CA ILE B 36 -7.70 18.27 28.23
C ILE B 36 22.81 -12.35 -8.99
C ILE B 36 -27.05 -14.04 -15.04
C ILE B 36 -12.90 -14.36 -7.45
C ILE B 36 -9.11 17.97 27.76
N PRO B 37 23.80 -13.08 -9.49
N PRO B 37 -27.56 -14.38 -16.22
N PRO B 37 -13.24 -15.38 -8.22
N PRO B 37 -10.01 18.93 27.90
CA PRO B 37 24.45 -14.18 -8.74
CA PRO B 37 -26.83 -15.24 -17.18
CA PRO B 37 -12.86 -16.78 -7.93
CA PRO B 37 -11.41 18.79 27.45
C PRO B 37 25.00 -13.69 -7.42
C PRO B 37 -25.49 -14.63 -17.53
C PRO B 37 -11.35 -16.91 -7.81
C PRO B 37 -11.49 18.46 25.98
N PRO B 38 24.83 -14.42 -6.35
N PRO B 38 -24.44 -15.42 -17.60
N PRO B 38 -10.85 -17.64 -6.83
N PRO B 38 -12.33 17.55 25.57
CA PRO B 38 25.33 -13.98 -5.05
CA PRO B 38 -23.12 -14.88 -17.93
CA PRO B 38 -9.40 -17.78 -6.67
CA PRO B 38 -12.42 17.19 24.14
C PRO B 38 26.82 -13.73 -5.03
C PRO B 38 -23.06 -14.15 -19.24
C PRO B 38 -8.72 -18.34 -7.89
C PRO B 38 -12.72 18.35 23.24
N ASP B 39 27.58 -14.45 -5.82
N ASP B 39 -23.86 -14.56 -20.20
N ASP B 39 -9.37 -19.19 -8.63
N ASP B 39 -13.47 19.31 23.73
CA ASP B 39 29.06 -14.29 -5.83
CA ASP B 39 -23.83 -13.92 -21.55
CA ASP B 39 -8.74 -19.83 -9.82
CA ASP B 39 -13.86 20.48 22.87
C ASP B 39 29.49 -12.94 -6.41
C ASP B 39 -24.36 -12.49 -21.52
C ASP B 39 -8.48 -18.82 -10.94
C ASP B 39 -12.68 21.37 22.53
N GLN B 40 28.57 -12.27 -7.10
N GLN B 40 -25.04 -12.13 -20.44
N GLN B 40 -9.10 -17.65 -10.85
N GLN B 40 -11.58 21.20 23.26
CA GLN B 40 28.91 -10.94 -7.66
CA GLN B 40 -25.56 -10.75 -20.34
CA GLN B 40 -8.87 -16.63 -11.89
CA GLN B 40 -10.37 22.02 22.96
C GLN B 40 28.47 -9.78 -6.74
C GLN B 40 -24.62 -9.84 -19.53
C GLN B 40 -7.80 -15.61 -11.46
C GLN B 40 -9.39 21.27 22.04
N GLN B 41 27.69 -10.08 -5.72
N GLN B 41 -23.62 -10.41 -18.88
N GLN B 41 -7.38 -15.63 -10.21
N GLN B 41 -9.60 20.00 21.82
CA GLN B 41 27.16 -9.09 -4.81
CA GLN B 41 -22.70 -9.68 -18.05
CA GLN B 41 -6.42 -14.72 -9.66
CA GLN B 41 -8.73 19.17 21.02
C GLN B 41 28.07 -8.70 -3.67
C GLN B 41 -21.53 -9.05 -18.77
C GLN B 41 -4.97 -15.08 -9.88
C GLN B 41 -8.97 19.21 19.53
N ARG B 42 28.24 -7.39 -3.52
N ARG B 42 -21.33 -7.75 -18.49
N ARG B 42 -4.22 -14.10 -10.38
N ARG B 42 -7.88 19.44 18.80
CA ARG B 42 28.96 -6.82 -2.34
CA ARG B 42 -20.12 -7.03 -18.98
CA ARG B 42 -2.73 -14.24 -10.49
CA ARG B 42 -7.91 19.34 17.31
C ARG B 42 27.96 -5.92 -1.65
C ARG B 42 -19.43 -6.52 -17.73
C ARG B 42 -2.17 -13.09 -9.69
C ARG B 42 -6.89 18.28 16.97
N LEU B 43 27.54 -6.21 -0.43
N LEU B 43 -18.23 -6.98 -17.42
N LEU B 43 -1.45 -13.34 -8.59
N LEU B 43 -7.28 17.15 16.39
CA LEU B 43 26.52 -5.37 0.24
CA LEU B 43 -17.54 -6.54 -16.17
CA LEU B 43 -0.93 -12.24 -7.75
CA LEU B 43 -6.30 16.07 16.09
C LEU B 43 27.17 -4.47 1.29
C LEU B 43 -16.47 -5.52 -16.49
C LEU B 43 0.56 -12.05 -8.00
C LEU B 43 -5.97 16.05 14.61
N ILE B 44 26.85 -3.19 1.23
N ILE B 44 -16.49 -4.41 -15.77
N ILE B 44 0.94 -10.79 -8.24
N ILE B 44 -4.68 16.03 14.29
CA ILE B 44 27.43 -2.19 2.12
CA ILE B 44 -15.56 -3.30 -15.97
CA ILE B 44 2.31 -10.43 -8.55
CA ILE B 44 -4.19 16.07 12.91
C ILE B 44 26.36 -1.45 2.92
C ILE B 44 -14.77 -2.98 -14.71
C ILE B 44 2.88 -9.41 -7.57
C ILE B 44 -3.33 14.87 12.59
N PHE B 45 26.62 -1.35 4.25
N PHE B 45 -13.42 -2.86 -14.92
N PHE B 45 4.11 -9.72 -7.08
N PHE B 45 -3.64 14.24 11.42
CA PHE B 45 25.72 -0.62 5.16
CA PHE B 45 -12.51 -2.50 -13.82
CA PHE B 45 4.82 -8.83 -6.15
CA PHE B 45 -2.87 13.09 10.93
C PHE B 45 26.64 0.03 6.20
C PHE B 45 -11.43 -1.60 -14.46
C PHE B 45 6.31 -8.95 -6.53
C PHE B 45 -2.85 13.24 9.39
N ALA B 46 26.38 1.31 6.35
N ALA B 46 -11.25 -0.50 -13.79
N ALA B 46 6.87 -7.78 -6.71
N ALA B 46 -1.64 13.14 8.91
CA ALA B 46 27.08 2.17 7.33
CA ALA B 46 -10.24 0.51 -14.17
CA ALA B 46 8.31 -7.62 -7.01
CA ALA B 46 -1.34 13.19 7.46
C ALA B 46 28.59 1.98 7.24
C ALA B 46 -10.30 0.83 -15.65
C ALA B 46 8.73 -8.54 -8.14
C ALA B 46 -2.05 14.38 6.80
N GLY B 47 29.06 1.98 6.02
N GLY B 47 -11.51 1.02 -16.11
N GLY B 47 7.91 -8.56 -9.15
N GLY B 47 -1.94 15.49 7.46
CA GLY B 47 30.42 1.81 5.60
CA GLY B 47 -11.91 1.32 -17.45
CA GLY B 47 8.01 -9.32 -10.36
CA GLY B 47 -2.49 16.78 7.13
C GLY B 47 31.09 0.51 5.92
C GLY B 47 -11.61 0.30 -18.51
C GLY B 47 7.99 -10.82 -10.23
C GLY B 47 -3.99 16.89 7.06
N LYS B 48 30.34 -0.53 6.17
N LYS B 48 -11.39 -0.93 -18.14
N LYS B 48 7.46 -11.34 -9.16
N LYS B 48 -4.70 16.00 7.68
CA LYS B 48 30.90 -1.86 6.46
CA LYS B 48 -11.14 -2.01 -19.10
CA LYS B 48 7.33 -12.79 -8.95
CA LYS B 48 -6.18 16.05 7.71
C LYS B 48 30.45 -2.79 5.31
C LYS B 48 -12.32 -3.00 -19.00
C LYS B 48 5.83 -13.12 -8.92
C LYS B 48 -6.59 16.29 9.18
N GLN B 49 31.31 -3.69 4.90
N GLN B 49 -12.74 -3.56 -20.10
N GLN B 49 5.44 -14.24 -9.46
N GLN B 49 -7.62 17.06 9.40
CA GLN B 49 30.90 -4.70 3.88
CA GLN B 49 -13.80 -4.61 -20.05
CA GLN B 49 4.01 -14.67 -9.35
CA GLN B 49 -8.14 17.24 10.78
C GLN B 49 30.25 -5.81 4.71
C GLN B 49 -13.02 -5.89 -19.81
C GLN B 49 3.96 -15.41 -8.02
C GLN B 49 -9.09 16.06 10.96
N LEU B 50 29.08 -6.25 4.33
N LEU B 50 -13.43 -6.68 -18.84
N LEU B 50 3.02 -15.09 -7.17
N LEU B 50 -8.97 15.33 12.04
CA LEU B 50 28.33 -7.26 5.11
CA LEU B 50 -12.70 -7.90 -18.45
CA LEU B 50 2.94 -15.68 -5.83
CA LEU B 50 -9.78 14.13 12.27
C LEU B 50 28.87 -8.65 4.81
C LEU B 50 -13.03 -9.02 -19.43
C LEU B 50 2.31 -17.07 -5.91
C LEU B 50 -11.17 14.51 12.77
N GLU B 51 29.02 -9.48 5.85
N GLU B 51 -12.02 -9.81 -19.82
N GLU B 51 2.86 -18.03 -5.15
N GLU B 51 -12.21 13.85 12.26
CA GLU B 51 29.58 -10.83 5.65
CA GLU B 51 -12.24 -10.89 -20.79
CA GLU B 51 2.33 -19.41 -5.22
CA GLU B 51 -13.59 14.20 12.65
C GLU B 51 28.48 -11.86 5.64
C GLU B 51 -12.31 -12.22 -20.09
C GLU B 51 1.45 -19.68 -4.02
C GLU B 51 -14.11 13.21 13.67
N ASP B 52 28.53 -12.85 4.78
N ASP B 52 -13.19 -13.11 -20.47
N ASP B 52 0.35 -20.37 -4.17
N ASP B 52 -14.83 13.64 14.68
CA ASP B 52 27.49 -13.86 4.59
CA ASP B 52 -13.44 -14.40 -19.83
CA ASP B 52 -0.64 -20.64 -3.13
CA ASP B 52 -15.32 12.82 15.79
C ASP B 52 26.89 -14.59 5.77
C ASP B 52 -12.29 -15.32 -19.48
C ASP B 52 -0.21 -21.16 -1.76
C ASP B 52 -16.02 11.51 15.52
N GLY B 53 27.68 -14.98 6.73
N GLY B 53 -11.32 -15.46 -20.36
N GLY B 53 0.71 -22.07 -1.72
N GLY B 53 -16.88 11.46 14.53
CA GLY B 53 27.26 -15.73 7.92
CA GLY B 53 -10.17 -16.36 -20.19
CA GLY B 53 1.20 -22.71 -0.48
CA GLY B 53 -17.69 10.27 14.19
C GLY B 53 26.68 -14.93 9.04
C GLY B 53 -9.03 -15.83 -19.37
C GLY B 53 2.23 -21.96 0.29
C GLY B 53 -17.02 9.24 13.34
N ARG B 54 26.74 -13.62 8.99
N ARG B 54 -9.05 -14.56 -19.00
N ARG B 54 2.78 -20.88 -0.26
N ARG B 54 -15.84 9.53 12.80
CA ARG B 54 26.13 -12.76 10.02
CA ARG B 54 -8.00 -13.98 -18.13
CA ARG B 54 3.76 -20.04 0.47
CA ARG B 54 -15.08 8.53 12.01
C ARG B 54 24.68 -12.54 9.65
C ARG B 54 -8.40 -14.25 -16.69
C ARG B 54 2.98 -19.03 1.30
C ARG B 54 -14.26 7.68 12.97
N THR B 55 23.89 -12.06 10.58
N THR B 55 -7.46 -14.07 -15.78
N THR B 55 3.66 -18.41 2.23
N THR B 55 -13.75 6.57 12.49
CA THR B 55 22.46 -11.72 10.38
CA THR B 55 -7.68 -14.23 -14.32
CA THR B 55 3.09 -17.34 3.09
CA THR B 55 -12.89 5.66 13.27
C THR B 55 22.38 -10.18 10.29
C THR B 55 -7.74 -12.79 -13.73
C THR B 55 3.64 -15.99 2.55
C THR B 55 -11.44 5.88 12.75
N LEU B 56 21.25 -9.71 9.80
N LEU B 56 -8.23 -12.70 -12.52
N LEU B 56 3.01 -14.92 2.98
N LEU B 56 -10.49 5.40 13.53
CA LEU B 56 20.98 -8.27 9.70
CA LEU B 56 -8.30 -11.41 -11.79
CA LEU B 56 3.44 -13.56 2.63
CA LEU B 56 -9.06 5.47 13.17
C LEU B 56 21.00 -7.67 11.11
C LEU B 56 -6.87 -10.90 -11.61
C LEU B 56 4.86 -13.35 3.16
C LEU B 56 -8.87 4.69 11.86
N SER B 57 20.51 -8.44 12.10
N SER B 57 -5.91 -11.82 -11.39
N SER B 57 5.16 -13.91 4.35
N SER B 57 -9.61 3.58 11.68
CA SER B 57 20.52 -7.86 13.48
CA SER B 57 -4.52 -11.32 -11.20
CA SER B 57 6.53 -13.70 4.87
CA SER B 57 -9.40 2.82 10.43
C SER B 57 21.93 -7.60 13.97
C SER B 57 -3.99 -10.63 -12.44
C SER B 57 7.58 -14.32 3.98
C SER B 57 -9.81 3.62 9.21
N ASP B 58 22.89 -8.40 13.51
N ASP B 58 -4.44 -11.06 -13.60
N ASP B 58 7.24 -15.39 3.29
N ASP B 58 -10.76 4.52 9.37
CA ASP B 58 24.31 -8.23 13.94
CA ASP B 58 -4.00 -10.45 -14.88
CA ASP B 58 8.19 -16.07 2.38
CA ASP B 58 -11.23 5.36 8.24
C ASP B 58 24.79 -6.81 13.65
C ASP B 58 -4.22 -8.93 -14.88
C ASP B 58 8.76 -15.08 1.35
C ASP B 58 -10.05 6.13 7.61
N TYR B 59 24.36 -6.29 12.53
N TYR B 59 -5.34 -8.55 -14.33
N TYR B 59 7.90 -14.23 0.88
N TYR B 59 -9.17 6.59 8.46
CA TYR B 59 24.70 -4.95 12.07
CA TYR B 59 -5.75 -7.15 -14.20
CA TYR B 59 8.23 -13.19 -0.10
CA TYR B 59 -7.98 7.32 8.07
C TYR B 59 23.69 -3.90 12.52
C TYR B 59 -5.29 -6.52 -12.90
C TYR B 59 8.65 -11.89 0.55
C TYR B 59 -6.78 6.43 7.85
N ASN B 60 22.69 -4.21 13.31
N ASN B 60 -4.53 -7.16 -12.05
N ASN B 60 8.79 -11.78 1.84
N ASN B 60 -6.88 5.13 7.92
CA ASN B 60 21.73 -3.17 13.72
CA ASN B 60 -4.11 -6.50 -10.80
CA ASN B 60 9.20 -10.48 2.43
CA ASN B 60 -5.67 4.30 7.70
C ASN B 60 21.07 -2.53 12.51
C ASN B 60 -5.32 -6.07 -9.97
C ASN B 60 8.23 -9.37 2.05
C ASN B 60 -4.57 4.64 8.70
N ILE B 61 20.63 -3.33 11.56
N ILE B 61 -6.29 -6.94 -9.84
N ILE B 61 6.95 -9.63 2.15
N ILE B 61 -4.92 4.78 9.95
CA ILE B 61 19.88 -2.82 10.39
CA ILE B 61 -7.48 -6.66 -8.97
CA ILE B 61 5.91 -8.59 1.89
CA ILE B 61 -3.90 5.03 11.02
C ILE B 61 18.42 -2.80 10.78
C ILE B 61 -7.11 -7.14 -7.58
C ILE B 61 5.67 -7.89 3.23
C ILE B 61 -3.45 3.66 11.50
N GLN B 62 17.79 -1.66 10.84
N GLN B 62 -7.03 -6.26 -6.61
N GLN B 62 5.98 -6.62 3.33
N GLN B 62 -2.21 3.32 11.33
CA GLN B 62 16.37 -1.51 11.28
CA GLN B 62 -6.62 -6.60 -5.21
CA GLN B 62 5.85 -5.84 4.60
CA GLN B 62 -1.66 1.97 11.70
C GLN B 62 15.48 -1.30 10.05
C GLN B 62 -7.85 -6.65 -4.31
C GLN B 62 4.60 -4.97 4.55
C GLN B 62 -0.86 2.09 12.99
N LYS B 63 14.16 -1.37 10.23
N LYS B 63 -7.70 -7.15 -3.09
N LYS B 63 4.22 -4.37 5.66
N LYS B 63 -0.47 0.96 13.58
CA LYS B 63 13.21 -1.25 9.15
CA LYS B 63 -8.80 -7.30 -2.17
CA LYS B 63 3.02 -3.57 5.75
CA LYS B 63 0.23 0.94 14.85
C LYS B 63 13.48 0.05 8.38
C LYS B 63 -9.52 -5.97 -2.00
C LYS B 63 3.05 -2.48 4.67
C LYS B 63 1.48 1.82 14.74
N GLU B 64 13.30 -0.08 7.07
N GLU B 64 -10.84 -6.11 -1.88
N GLU B 64 1.84 -2.24 4.15
N GLU B 64 1.74 2.48 15.88
CA GLU B 64 13.46 0.97 6.10
CA GLU B 64 -11.78 -5.02 -1.71
CA GLU B 64 1.56 -1.27 3.12
CA GLU B 64 2.85 3.38 16.09
C GLU B 64 14.85 1.51 5.87
C GLU B 64 -11.96 -4.06 -2.84
C GLU B 64 2.14 -1.50 1.75
C GLU B 64 2.87 4.65 15.30
N SER B 65 15.83 0.72 6.28
N SER B 65 -11.55 -4.50 -4.02
N SER B 65 2.51 -2.75 1.51
N SER B 65 1.71 5.02 14.79
CA SER B 65 17.25 1.00 6.06
CA SER B 65 -11.74 -3.76 -5.28
CA SER B 65 3.00 -3.22 0.21
CA SER B 65 1.49 6.30 14.09
C SER B 65 17.53 0.80 4.55
C SER B 65 -13.25 -3.81 -5.62
C SER B 65 1.79 -3.24 -0.75
C SER B 65 1.56 7.42 15.14
N THR B 66 18.60 1.38 4.06
N THR B 66 -13.69 -2.90 -6.44
N THR B 66 2.04 -3.22 -2.03
N THR B 66 1.81 8.63 14.71
CA THR B 66 19.02 1.21 2.66
CA THR B 66 -15.08 -2.87 -6.91
CA THR B 66 0.99 -3.33 -3.06
CA THR B 66 1.81 9.80 15.59
C THR B 66 20.42 0.57 2.66
C THR B 66 -15.08 -3.01 -8.44
C THR B 66 1.25 -4.58 -3.89
C THR B 66 0.74 10.77 15.11
N LEU B 67 20.59 -0.53 1.95
N LEU B 67 -15.83 -3.98 -8.97
N LEU B 67 0.25 -5.46 -4.02
N LEU B 67 -0.17 11.20 16.00
CA LEU B 67 21.93 -1.13 1.81
CA LEU B 67 -15.95 -4.09 -10.43
CA LEU B 67 0.41 -6.62 -4.91
CA LEU B 67 -1.15 12.22 15.64
C LEU B 67 22.42 -0.74 0.40
C LEU B 67 -17.34 -3.52 -10.78
C LEU B 67 -0.40 -6.28 -6.19
C LEU B 67 -0.66 13.53 16.27
N HIS B 68 23.69 -0.68 0.19
N HIS B 68 -17.52 -3.04 -11.96
N HIS B 68 -0.05 -6.86 -7.28
N HIS B 68 -1.03 14.64 15.73
CA HIS B 68 24.19 -0.36 -1.16
CA HIS B 68 -18.85 -2.52 -12.34
CA HIS B 68 -0.83 -6.59 -8.51
CA HIS B 68 -0.61 15.92 16.33
C HIS B 68 24.71 -1.67 -1.73
C HIS B 68 -19.46 -3.58 -13.28
C HIS B 68 -1.66 -7.85 -8.76
C HIS B 68 -1.85 16.49 17.02
N LEU B 69 24.39 -1.94 -2.99
N LEU B 69 -20.72 -3.89 -13.07
N LEU B 69 -2.92 -7.67 -9.10
N LEU B 69 -1.68 16.99 18.23
CA LEU B 69 24.88 -3.13 -3.68
CA LEU B 69 -21.44 -4.83 -13.93
CA LEU B 69 -3.81 -8.78 -9.43
CA LEU B 69 -2.77 17.62 18.97
C LEU B 69 25.93 -2.77 -4.70
C LEU B 69 -22.43 -4.12 -14.81
C LEU B 69 -4.10 -8.84 -10.90
C LEU B 69 -2.60 19.11 19.02
N VAL B 70 27.14 -3.21 -4.55
N VAL B 70 -22.27 -4.13 -16.09
N VAL B 70 -3.69 -9.85 -11.58
N VAL B 70 -3.47 19.87 18.44
CA VAL B 70 28.18 -2.96 -5.59
CA VAL B 70 -23.28 -3.53 -17.01
CA VAL B 70 -4.04 -10.00 -13.03
CA VAL B 70 -3.39 21.36 18.58
C VAL B 70 28.39 -4.36 -6.22
C VAL B 70 -23.93 -4.75 -17.67
C VAL B 70 -5.07 -11.15 -13.03
C VAL B 70 -4.58 21.70 19.49
N LEU B 71 28.55 -4.42 -7.51
N LEU B 71 -25.23 -4.71 -17.86
N LEU B 71 -6.10 -11.04 -13.84
N LEU B 71 -4.40 22.63 20.40
CA LEU B 71 28.79 -5.71 -8.20
CA LEU B 71 -25.94 -5.83 -18.51
CA LEU B 71 -7.11 -12.11 -13.93
CA LEU B 71 -5.49 23.05 21.31
C LEU B 71 30.27 -5.91 -8.40
C LEU B 71 -26.12 -5.53 -19.97
C LEU B 71 -6.80 -13.01 -15.10
C LEU B 71 -6.17 24.27 20.76
N MET A 1 6.38 18.40 -20.67
CA MET A 1 5.74 19.56 -20.05
C MET A 1 6.28 19.67 -18.60
N GLN A 2 6.34 20.88 -18.14
CA GLN A 2 6.81 21.11 -16.74
C GLN A 2 5.61 21.10 -15.81
N ILE A 3 5.80 20.45 -14.66
CA ILE A 3 4.77 20.47 -13.61
C ILE A 3 5.53 20.83 -12.30
N PHE A 4 4.75 21.23 -11.33
CA PHE A 4 5.40 21.59 -10.01
C PHE A 4 4.91 20.64 -8.96
N VAL A 5 5.74 20.16 -8.03
CA VAL A 5 5.27 19.32 -6.95
C VAL A 5 5.58 20.10 -5.65
N LYS A 6 4.57 20.50 -4.95
CA LYS A 6 4.78 21.30 -3.70
C LYS A 6 4.77 20.35 -2.53
N THR A 7 5.82 20.41 -1.68
CA THR A 7 5.88 19.52 -0.51
C THR A 7 5.42 20.27 0.74
N LEU A 8 5.24 19.58 1.84
CA LEU A 8 4.74 20.24 3.07
C LEU A 8 5.81 21.08 3.74
N THR A 9 7.06 21.03 3.24
CA THR A 9 8.08 21.90 3.94
C THR A 9 8.35 23.16 3.18
N GLY A 10 7.52 23.50 2.24
CA GLY A 10 7.67 24.69 1.43
C GLY A 10 8.68 24.63 0.33
N LYS A 11 9.10 23.43 0.00
CA LYS A 11 10.01 23.21 -1.12
C LYS A 11 9.11 22.84 -2.31
N THR A 12 9.42 23.38 -3.48
CA THR A 12 8.62 22.98 -4.66
C THR A 12 9.61 22.35 -5.64
N ILE A 13 9.25 21.19 -6.17
CA ILE A 13 10.23 20.60 -7.13
C ILE A 13 9.65 20.67 -8.52
N THR A 14 10.47 20.94 -9.51
CA THR A 14 9.89 20.97 -10.89
C THR A 14 10.25 19.66 -11.57
N LEU A 15 9.33 19.09 -12.33
CA LEU A 15 9.58 17.83 -13.01
C LEU A 15 9.25 18.02 -14.49
N GLU A 16 9.89 17.22 -15.31
CA GLU A 16 9.51 17.26 -16.76
C GLU A 16 8.85 15.92 -17.00
N VAL A 17 7.60 16.03 -17.42
CA VAL A 17 6.77 14.86 -17.67
C VAL A 17 5.93 15.04 -18.95
N GLU A 18 5.32 13.93 -19.31
CA GLU A 18 4.37 13.84 -20.41
C GLU A 18 3.06 13.38 -19.82
N PRO A 19 1.95 13.87 -20.34
CA PRO A 19 0.61 13.47 -19.90
C PRO A 19 0.43 11.98 -19.97
N SER A 20 1.19 11.31 -20.81
CA SER A 20 1.03 9.85 -20.98
C SER A 20 1.72 9.11 -19.87
N ASP A 21 2.49 9.83 -19.05
CA ASP A 21 3.19 9.10 -17.96
C ASP A 21 2.21 8.63 -16.92
N THR A 22 2.51 7.52 -16.30
CA THR A 22 1.71 6.99 -15.21
C THR A 22 2.16 7.68 -13.91
N ILE A 23 1.25 7.61 -12.94
CA ILE A 23 1.52 8.13 -11.60
C ILE A 23 2.72 7.40 -10.98
N GLU A 24 2.80 6.12 -11.24
CA GLU A 24 3.98 5.32 -10.73
C GLU A 24 5.27 5.90 -11.23
N CYS A 25 5.30 6.34 -12.52
CA CYS A 25 6.50 6.91 -13.13
C CYS A 25 6.85 8.24 -12.50
N VAL A 26 5.82 9.05 -12.28
CA VAL A 26 6.04 10.34 -11.65
C VAL A 26 6.71 10.15 -10.29
N LYS A 27 6.18 9.20 -9.52
CA LYS A 27 6.74 8.92 -8.19
C LYS A 27 8.19 8.48 -8.29
N ALA A 28 8.54 7.70 -9.30
CA ALA A 28 9.92 7.29 -9.53
C ALA A 28 10.80 8.47 -9.89
N LYS A 29 10.31 9.43 -10.66
CA LYS A 29 11.09 10.64 -10.97
C LYS A 29 11.35 11.47 -9.69
N ILE A 30 10.35 11.49 -8.81
CA ILE A 30 10.50 12.25 -7.55
C ILE A 30 11.53 11.50 -6.70
N GLN A 31 11.49 10.19 -6.69
CA GLN A 31 12.50 9.45 -5.86
C GLN A 31 13.90 9.76 -6.40
N ASP A 32 14.01 9.63 -7.70
CA ASP A 32 15.30 9.91 -8.37
C ASP A 32 15.83 11.29 -8.03
N LYS A 33 14.94 12.30 -7.98
CA LYS A 33 15.50 13.66 -7.74
C LYS A 33 15.53 14.13 -6.33
N GLU A 34 14.74 13.67 -5.41
CA GLU A 34 14.73 14.09 -4.02
C GLU A 34 14.92 12.96 -3.04
N GLY A 35 14.94 11.73 -3.52
CA GLY A 35 15.18 10.58 -2.69
C GLY A 35 14.07 10.02 -1.89
N ILE A 36 12.84 10.55 -2.06
CA ILE A 36 11.72 10.01 -1.29
C ILE A 36 11.20 8.72 -1.91
N PRO A 37 11.15 7.65 -1.13
CA PRO A 37 10.64 6.34 -1.58
C PRO A 37 9.21 6.46 -2.09
N PRO A 38 8.88 5.84 -3.19
CA PRO A 38 7.51 5.95 -3.73
C PRO A 38 6.45 5.52 -2.76
N ASP A 39 6.74 4.57 -1.90
CA ASP A 39 5.72 4.05 -0.95
C ASP A 39 5.34 5.08 0.11
N GLN A 40 6.16 6.11 0.23
CA GLN A 40 5.83 7.18 1.22
C GLN A 40 5.08 8.36 0.58
N GLN A 41 5.02 8.40 -0.74
CA GLN A 41 4.40 9.48 -1.46
C GLN A 41 2.90 9.36 -1.66
N ARG A 42 2.21 10.46 -1.32
CA ARG A 42 0.75 10.57 -1.60
C ARG A 42 0.62 11.80 -2.48
N LEU A 43 0.18 11.67 -3.73
CA LEU A 43 0.09 12.84 -4.63
C LEU A 43 -1.35 13.30 -4.76
N ILE A 44 -1.57 14.59 -4.57
CA ILE A 44 -2.91 15.19 -4.61
C ILE A 44 -3.02 16.28 -5.66
N PHE A 45 -4.11 16.19 -6.46
CA PHE A 45 -4.39 17.20 -7.50
C PHE A 45 -5.92 17.33 -7.53
N ALA A 46 -6.32 18.58 -7.46
CA ALA A 46 -7.74 18.98 -7.52
C ALA A 46 -8.59 18.14 -6.58
N GLY A 47 -8.08 17.99 -5.40
CA GLY A 47 -8.62 17.24 -4.29
C GLY A 47 -8.80 15.76 -4.47
N CYS A 48 -8.13 15.15 -5.41
CA CYS A 48 -8.12 13.71 -5.63
C CYS A 48 -6.78 13.12 -5.25
N GLN A 49 -6.74 11.97 -4.70
CA GLN A 49 -5.43 11.30 -4.47
C GLN A 49 -5.16 10.55 -5.77
N LEU A 50 -3.98 10.72 -6.33
CA LEU A 50 -3.65 10.11 -7.64
C LEU A 50 -3.29 8.65 -7.46
N GLU A 51 -3.77 7.80 -8.37
CA GLU A 51 -3.53 6.34 -8.25
C GLU A 51 -2.42 5.92 -9.18
N ASP A 52 -1.53 5.06 -8.79
CA ASP A 52 -0.35 4.62 -9.54
C ASP A 52 -0.48 4.20 -10.99
N GLY A 53 -1.50 3.45 -11.32
CA GLY A 53 -1.74 2.91 -12.67
C GLY A 53 -2.40 3.82 -13.65
N ARG A 54 -2.89 4.98 -13.21
CA ARG A 54 -3.49 5.96 -14.13
C ARG A 54 -2.37 6.83 -14.68
N THR A 55 -2.66 7.57 -15.72
CA THR A 55 -1.72 8.53 -16.36
C THR A 55 -2.16 9.94 -15.93
N LEU A 56 -1.27 10.90 -16.12
CA LEU A 56 -1.55 12.31 -15.83
C LEU A 56 -2.72 12.75 -16.70
N SER A 57 -2.80 12.25 -17.95
CA SER A 57 -3.93 12.69 -18.80
C SER A 57 -5.26 12.26 -18.24
N ASP A 58 -5.29 11.15 -17.53
CA ASP A 58 -6.56 10.64 -16.93
C ASP A 58 -7.20 11.71 -16.05
N TYR A 59 -6.37 12.41 -15.33
CA TYR A 59 -6.76 13.49 -14.42
C TYR A 59 -6.79 14.84 -15.09
N ASN A 60 -6.55 14.98 -16.38
CA ASN A 60 -6.58 16.32 -16.99
C ASN A 60 -5.58 17.25 -16.32
N ILE A 61 -4.36 16.77 -16.10
CA ILE A 61 -3.28 17.62 -15.54
C ILE A 61 -2.59 18.28 -16.73
N GLN A 62 -2.64 19.57 -16.85
CA GLN A 62 -2.07 20.32 -18.00
C GLN A 62 -0.74 20.97 -17.58
N LYS A 63 0.04 21.51 -18.58
CA LYS A 63 1.33 22.10 -18.24
C LYS A 63 1.17 23.16 -17.17
N GLU A 64 2.22 23.18 -16.36
CA GLU A 64 2.37 24.09 -15.26
C GLU A 64 1.44 23.96 -14.10
N SER A 65 0.81 22.79 -14.03
CA SER A 65 -0.07 22.42 -12.91
C SER A 65 0.84 22.18 -11.68
N THR A 66 0.25 22.25 -10.50
CA THR A 66 0.96 21.97 -9.25
C THR A 66 0.29 20.77 -8.56
N LEU A 67 1.06 19.74 -8.22
CA LEU A 67 0.49 18.62 -7.46
C LEU A 67 0.98 18.81 -6.00
N HIS A 68 0.26 18.31 -5.06
CA HIS A 68 0.72 18.43 -3.66
C HIS A 68 1.24 17.05 -3.26
N LEU A 69 2.38 17.02 -2.60
CA LEU A 69 2.96 15.77 -2.10
C LEU A 69 2.83 15.67 -0.60
N VAL A 70 2.10 14.73 -0.09
CA VAL A 70 2.03 14.52 1.38
C VAL A 70 2.81 13.21 1.60
N LEU A 71 3.60 13.15 2.65
CA LEU A 71 4.36 11.93 2.95
C LEU A 71 3.61 11.09 3.95
N ARG A 72 3.51 9.80 3.73
N ARG A 72 3.52 9.78 3.68
N ARG A 72 3.50 9.80 3.78
N ARG A 72 3.47 9.78 3.68
CA ARG A 72 2.77 8.93 4.66
CA ARG A 72 2.81 8.79 4.51
CA ARG A 72 2.74 9.02 4.79
CA ARG A 72 2.76 8.78 4.51
C ARG A 72 3.47 7.59 4.63
C ARG A 72 2.02 7.92 3.53
C ARG A 72 3.14 7.56 4.55
C ARG A 72 2.05 7.87 3.52
N LEU A 73 2.91 6.52 5.11
N LEU A 73 1.65 6.72 3.85
N LEU A 73 2.34 6.60 4.88
N LEU A 73 1.65 6.69 3.87
CA LEU A 73 3.61 5.23 5.07
CA LEU A 73 0.89 5.90 2.88
CA LEU A 73 2.75 5.19 4.64
CA LEU A 73 0.94 5.82 2.89
C LEU A 73 4.97 5.34 5.76
C LEU A 73 0.08 4.85 3.63
C LEU A 73 4.09 4.92 5.32
C LEU A 73 0.31 4.64 3.62
N ARG A 74 4.89 5.74 7.02
N ARG A 74 -1.16 4.72 3.18
N ARG A 74 4.22 5.52 6.49
N ARG A 74 1.17 3.70 3.98
CA ARG A 74 6.09 5.92 7.85
CA ARG A 74 -2.11 3.76 3.77
CA ARG A 74 5.45 5.39 7.30
CA ARG A 74 0.76 2.47 4.68
C ARG A 74 6.31 4.66 8.69
C ARG A 74 -3.10 3.31 2.70
C ARG A 74 5.06 5.20 8.76
C ARG A 74 1.78 2.15 5.75
N GLY A 75 7.50 4.60 9.28
N GLY A 75 -3.74 2.18 2.97
N GLY A 75 5.64 4.18 9.37
N GLY A 75 1.30 2.08 6.98
CA GLY A 75 7.91 3.47 10.09
CA GLY A 75 -4.71 1.57 2.07
CA GLY A 75 5.40 3.82 10.76
CA GLY A 75 2.11 1.79 8.17
C GLY A 75 8.94 3.80 11.16
C GLY A 75 -5.53 0.46 2.67
C GLY A 75 4.16 2.99 10.99
C GLY A 75 2.25 0.33 8.51
N GLY A 76 8.99 2.91 12.14
N GLY A 76 -6.48 -0.01 1.87
N GLY A 76 3.50 2.68 9.88
N GLY A 76 2.84 0.11 9.66
CA GLY A 76 9.91 2.98 13.29
CA GLY A 76 -7.40 -1.09 2.20
CA GLY A 76 2.28 1.88 9.83
CA GLY A 76 3.08 -1.22 10.24
C GLY A 76 11.33 2.68 12.79
C GLY A 76 -6.74 -2.43 1.82
C GLY A 76 2.63 0.43 10.24
C GLY A 76 1.76 -1.77 10.79
N MET B 1 12.93 -3.71 10.07
N MET B 1 -11.69 -13.00 -0.17
N MET B 1 -1.67 -6.75 9.35
N MET B 1 -4.77 -1.57 20.15
CA MET B 1 13.34 -2.36 9.65
CA MET B 1 -11.78 -11.55 0.00
CA MET B 1 -0.99 -5.70 8.58
CA MET B 1 -3.52 -1.32 19.41
C MET B 1 13.44 -2.39 8.10
C MET B 1 -13.15 -11.11 -0.56
C MET B 1 -1.88 -5.37 7.37
C MET B 1 -2.87 -0.07 20.04
N GLN B 2 13.18 -1.25 7.53
N GLN B 2 -13.66 -10.07 0.02
N GLN B 2 -1.79 -4.13 6.96
N GLN B 2 -1.57 -0.06 19.98
CA GLN B 2 13.27 -1.15 6.04
CA GLN B 2 -14.97 -9.53 -0.47
CA GLN B 2 -2.57 -3.70 5.76
CA GLN B 2 -0.82 1.11 20.52
C GLN B 2 14.69 -0.71 5.67
C GLN B 2 -14.71 -8.48 -1.53
C GLN B 2 -1.73 -3.90 4.51
C GLN B 2 -0.62 2.13 19.41
N ILE B 3 15.21 -1.34 4.63
N ILE B 3 -15.52 -8.54 -2.58
N ILE B 3 -2.39 -4.40 3.47
N ILE B 3 -0.81 3.39 19.74
CA ILE B 3 16.51 -0.92 4.07
CA ILE B 3 -15.48 -7.50 -3.62
CA ILE B 3 -1.73 -4.51 2.15
CA ILE B 3 -0.49 4.49 18.80
C ILE B 3 16.29 -0.79 2.53
C ILE B 3 -16.96 -7.07 -3.84
C ILE B 3 -2.73 -3.90 1.13
C ILE B 3 0.36 5.50 19.60
N PHE B 4 17.22 -0.09 1.92
N PHE B 4 -17.09 -5.92 -4.47
N PHE B 4 -2.18 -3.60 -0.01
N PHE B 4 1.02 6.35 18.84
CA PHE B 4 17.09 0.07 0.43
CA PHE B 4 -18.49 -5.42 -4.74
CA PHE B 4 -3.09 -3.00 -1.07
CA PHE B 4 1.87 7.38 19.53
C PHE B 4 18.26 -0.61 -0.24
C PHE B 4 -18.71 -5.36 -6.22
C PHE B 4 -3.15 -3.95 -2.25
C PHE B 4 1.31 8.75 19.24
N VAL B 5 18.10 -1.30 -1.36
N VAL B 5 -19.87 -5.74 -6.75
N VAL B 5 -4.30 -4.16 -2.89
N VAL B 5 1.27 9.69 20.18
CA VAL B 5 19.22 -1.90 -2.06
CA VAL B 5 -20.13 -5.61 -8.18
CA VAL B 5 -4.37 -5.00 -4.07
CA VAL B 5 0.83 11.04 19.90
C VAL B 5 19.24 -1.21 -3.46
C VAL B 5 -21.33 -4.63 -8.29
C VAL B 5 -4.85 -4.08 -5.21
C VAL B 5 2.05 11.95 20.20
N LYS B 6 20.24 -0.47 -3.73
N LYS B 6 -21.11 -3.50 -8.86
N LYS B 6 -4.03 -3.85 -6.17
N LYS B 6 2.56 12.57 19.20
CA LYS B 6 20.32 0.27 -5.04
CA LYS B 6 -22.20 -2.47 -8.96
CA LYS B 6 -4.39 -2.92 -7.29
CA LYS B 6 3.77 13.44 19.39
C LYS B 6 21.12 -0.57 -6.00
C LYS B 6 -22.85 -2.62 -10.31
C LYS B 6 -4.94 -3.76 -8.42
C LYS B 6 3.30 14.86 19.58
N THR B 7 20.57 -0.85 -7.20
N THR B 7 -24.19 -2.76 -10.34
N THR B 7 -6.15 -3.41 -8.92
N THR B 7 3.75 15.52 20.68
CA THR B 7 21.30 -1.66 -8.18
CA THR B 7 -24.90 -2.92 -11.62
CA THR B 7 -6.74 -4.17 -10.02
CA THR B 7 3.33 16.91 20.92
C THR B 7 21.94 -0.74 -9.22
C THR B 7 -25.49 -1.57 -12.04
C THR B 7 -6.50 -3.44 -11.34
C THR B 7 4.44 17.86 20.46
N LEU B 8 22.79 -1.27 -10.08
N LEU B 8 -25.99 -1.46 -13.25
N LEU B 8 -6.79 -4.06 -12.47
N LEU B 8 4.17 19.15 20.43
CA LEU B 8 23.49 -0.44 -11.07
CA LEU B 8 -26.54 -0.18 -13.74
CA LEU B 8 -6.54 -3.43 -13.78
CA LEU B 8 5.17 20.13 19.96
C LEU B 8 22.59 0.01 -12.20
C LEU B 8 -27.88 0.16 -13.11
C LEU B 8 -7.53 -2.32 -14.09
C LEU B 8 6.30 20.34 20.95
N THR B 9 21.34 -0.49 -12.24
N THR B 9 -28.46 -0.77 -12.33
N THR B 9 -8.56 -2.15 -13.25
N THR B 9 6.18 19.77 22.16
CA THR B 9 20.47 0.00 -13.37
CA THR B 9 -29.78 -0.39 -11.72
CA THR B 9 -9.51 -1.03 -13.59
CA THR B 9 7.31 20.01 23.11
C THR B 9 19.51 1.05 -12.93
C THR B 9 -29.65 0.04 -10.29
C THR B 9 -9.27 0.19 -12.77
C THR B 9 8.25 18.83 23.19
N GLY B 10 19.71 1.61 -11.78
N GLY B 10 -28.46 0.29 -9.85
N GLY B 10 -8.15 0.27 -12.12
N GLY B 10 8.17 17.93 22.25
CA GLY B 10 18.86 2.64 -11.23
CA GLY B 10 -28.18 0.72 -8.49
CA GLY B 10 -7.78 1.40 -11.29
CA GLY B 10 9.00 16.75 22.20
C GLY B 10 17.56 2.18 -10.64
C GLY B 10 -28.20 -0.37 -7.46
C GLY B 10 -8.43 1.47 -9.94
C GLY B 10 8.64 15.64 23.13
N LYS B 11 17.47 0.91 -10.36
N LYS B 11 -28.11 -1.60 -7.89
N LYS B 11 -8.99 0.36 -9.51
N LYS B 11 7.45 15.70 23.67
CA LYS B 11 16.31 0.34 -9.69
CA LYS B 11 -28.00 -2.74 -7.00
CA LYS B 11 -9.56 0.25 -8.17
CA LYS B 11 6.92 14.63 24.52
C LYS B 11 16.71 0.26 -8.20
C LYS B 11 -26.49 -3.06 -6.92
C LYS B 11 -8.46 -0.39 -7.31
C LYS B 11 6.08 13.74 23.58
N THR B 12 15.78 0.61 -7.32
N THR B 12 -26.02 -3.36 -5.72
N THR B 12 -8.30 0.11 -6.09
N THR B 12 6.20 12.44 23.75
CA THR B 12 16.10 0.46 -5.89
CA THR B 12 -24.60 -3.76 -5.63
CA THR B 12 -7.31 -0.54 -5.21
CA THR B 12 5.34 11.56 22.93
C THR B 12 15.07 -0.51 -5.32
C THR B 12 -24.59 -5.16 -5.06
C THR B 12 -8.08 -1.02 -3.98
C THR B 12 4.50 10.75 23.91
N ILE B 13 15.54 -1.51 -4.57
N ILE B 13 -23.82 -6.05 -5.70
N ILE B 13 -7.87 -2.28 -3.60
N ILE B 13 3.19 10.70 23.66
CA ILE B 13 14.52 -2.43 -4.02
CA ILE B 13 -23.82 -7.43 -5.12
CA ILE B 13 -8.64 -2.72 -2.40
CA ILE B 13 2.38 9.89 24.63
C ILE B 13 14.41 -2.23 -2.53
C ILE B 13 -22.48 -7.69 -4.49
C ILE B 13 -7.69 -2.88 -1.25
C ILE B 13 1.92 8.64 23.96
N THR B 14 13.22 -2.29 -1.99
N THR B 14 -22.45 -8.37 -3.37
N THR B 14 -8.10 -2.52 -0.06
N THR B 14 1.89 7.54 24.66
CA THR B 14 13.14 -2.13 -0.51
CA THR B 14 -21.12 -8.66 -2.77
CA THR B 14 -7.16 -2.73 1.08
CA THR B 14 1.38 6.30 24.00
C THR B 14 12.98 -3.49 0.12
C THR B 14 -20.75 -10.08 -3.09
C THR B 14 -7.59 -3.97 1.83
C THR B 14 -0.04 6.07 24.46
N LEU B 15 13.64 -3.75 1.23
N LEU B 15 -19.50 -10.35 -3.43
N LEU B 15 -6.65 -4.79 2.27
N LEU B 15 -0.93 5.67 23.57
CA LEU B 15 13.57 -5.04 1.89
CA LEU B 15 -19.06 -11.69 -3.77
CA LEU B 15 -6.97 -6.01 2.98
CA LEU B 15 -2.32 5.43 23.92
C LEU B 15 13.17 -4.81 3.35
C LEU B 15 -17.86 -12.05 -2.90
C LEU B 15 -6.20 -6.02 4.30
C LEU B 15 -2.69 4.02 23.47
N GLU B 16 12.56 -5.82 3.93
N GLU B 16 -17.67 -13.33 -2.69
N GLU B 16 -6.74 -6.72 5.26
N GLU B 16 -3.68 3.45 24.14
CA GLU B 16 12.27 -5.69 5.39
CA GLU B 16 -16.43 -13.74 -1.96
CA GLU B 16 -5.96 -6.87 6.53
CA GLU B 16 -4.17 2.13 23.65
C GLU B 16 13.17 -6.72 6.02
C GLU B 16 -15.62 -14.46 -3.01
C GLU B 16 -5.58 -8.34 6.55
C GLU B 16 -5.56 2.44 23.15
N VAL B 17 14.02 -6.21 6.90
N VAL B 17 -14.43 -13.90 -3.21
N VAL B 17 -4.27 -8.53 6.58
N VAL B 17 -5.72 2.14 21.86
CA VAL B 17 15.02 -7.02 7.58
CA VAL B 17 -13.50 -14.40 -4.21
CA VAL B 17 -3.69 -9.87 6.56
CA VAL B 17 -6.97 2.39 21.17
C VAL B 17 15.14 -6.62 9.06
C VAL B 17 -12.05 -14.40 -3.67
C VAL B 17 -2.50 -9.98 7.54
C VAL B 17 -7.33 1.23 20.23
N GLU B 18 15.88 -7.46 9.74
N GLU B 18 -11.23 -15.03 -4.48
N GLU B 18 -2.08 -11.22 7.67
N GLU B 18 -8.55 1.35 19.74
CA GLU B 18 16.25 -7.26 11.15
CA GLU B 18 -9.78 -15.08 -4.27
CA GLU B 18 -0.90 -11.59 8.45
CA GLU B 18 -9.11 0.44 18.73
C GLU B 18 17.77 -7.21 11.19
C GLU B 18 -9.15 -14.44 -5.49
C GLU B 18 0.04 -12.28 7.48
C GLU B 18 -9.44 1.30 17.52
N PRO B 19 18.32 -6.38 12.06
N PRO B 19 -8.05 -13.74 -5.31
N PRO B 19 1.34 -12.07 7.67
N PRO B 19 -9.27 0.76 16.33
CA PRO B 19 19.78 -6.28 12.23
CA PRO B 19 -7.31 -13.11 -6.41
CA PRO B 19 2.36 -12.71 6.84
CA PRO B 19 -9.61 1.46 15.09
C PRO B 19 20.41 -7.61 12.52
C PRO B 19 -6.94 -14.11 -7.48
C PRO B 19 2.22 -14.21 6.83
C PRO B 19 -11.03 1.93 15.08
N SER B 20 19.64 -8.53 13.07
N SER B 20 -6.84 -15.37 -7.10
N SER B 20 1.60 -14.77 7.86
N SER B 20 -11.89 1.28 15.85
CA SER B 20 20.19 -9.85 13.44
CA SER B 20 -6.42 -16.40 -8.07
CA SER B 20 1.47 -16.24 7.95
CA SER B 20 -13.32 1.64 15.86
C SER B 20 20.31 -10.74 12.23
C SER B 20 -7.57 -16.82 -8.95
C SER B 20 0.33 -16.72 7.08
C SER B 20 -13.56 2.86 16.72
N ASP B 21 19.76 -10.30 11.10
N ASP B 21 -8.78 -16.34 -8.62
N ASP B 21 -0.45 -15.79 6.54
N ASP B 21 -12.53 3.30 17.44
CA ASP B 21 19.85 -11.19 9.90
CA ASP B 21 -9.93 -16.75 -9.47
CA ASP B 21 -1.59 -16.27 5.70
CA ASP B 21 -12.76 4.49 18.31
C ASP B 21 21.27 -11.23 9.40
C ASP B 21 -9.83 -16.09 -10.82
C ASP B 21 -1.07 -16.85 4.41
C ASP B 21 -12.91 5.72 17.46
N THR B 22 21.64 -12.37 8.84
N THR B 22 -10.33 -16.78 -11.84
N THR B 22 -1.79 -17.83 3.89
N THR B 22 -13.71 6.66 17.93
CA THR B 22 22.94 -12.53 8.23
CA THR B 22 -10.39 -16.24 -13.18
CA THR B 22 -1.47 -18.42 2.61
CA THR B 22 -13.89 7.94 17.28
C THR B 22 22.88 -11.98 6.79
C THR B 22 -11.68 -15.39 -13.30
C THR B 22 -2.10 -17.54 1.51
C THR B 22 -12.73 8.87 17.72
N ILE B 23 24.07 -11.70 6.28
N ILE B 23 -11.65 -14.52 -14.31
N ILE B 23 -1.55 -17.74 0.30
N ILE B 23 -12.55 9.90 16.90
CA ILE B 23 24.21 -11.25 4.89
CA ILE B 23 -12.81 -13.70 -14.63
CA ILE B 23 -2.08 -17.06 -0.88
CA ILE B 23 -11.57 10.94 17.21
C ILE B 23 23.71 -12.33 3.93
C ILE B 23 -14.00 -14.59 -15.00
C ILE B 23 -3.53 -17.47 -1.13
C ILE B 23 -11.93 11.63 18.51
N GLU B 24 23.95 -13.57 4.27
N GLU B 24 -13.73 -15.67 -15.70
N GLU B 24 -3.83 -18.73 -0.87
N GLU B 24 -13.20 11.83 18.74
CA GLU B 24 23.43 -14.70 3.43
CA GLU B 24 -14.82 -16.64 -16.06
CA GLU B 24 -5.24 -19.22 -1.02
CA GLU B 24 -13.66 12.45 20.03
C GLU B 24 21.94 -14.63 3.30
C GLU B 24 -15.51 -17.14 -14.82
C GLU B 24 -6.17 -18.41 -0.15
C GLU B 24 -13.18 11.64 21.22
N ASN B 25 21.27 -14.29 4.39
N ASN B 25 -14.74 -17.42 -13.77
N ASN B 25 -5.74 -18.09 1.06
N ASN B 25 -13.24 10.33 21.09
CA ASN B 25 19.80 -14.18 4.45
CA ASN B 25 -15.24 -17.91 -12.49
CA ASN B 25 -6.51 -17.33 2.05
CA ASN B 25 -12.82 9.39 22.14
C ASN B 25 19.29 -13.04 3.57
C ASN B 25 -16.12 -16.88 -11.79
C ASN B 25 -6.75 -15.89 1.58
C ASN B 25 -11.31 9.47 22.41
N VAL B 26 19.98 -11.91 3.68
N VAL B 26 -15.64 -15.65 -11.81
N VAL B 26 -5.67 -15.31 1.05
N VAL B 26 -10.57 9.53 21.31
CA VAL B 26 19.64 -10.75 2.89
CA VAL B 26 -16.39 -14.55 -11.21
CA VAL B 26 -5.76 -13.94 0.54
CA VAL B 26 -9.12 9.65 21.41
C VAL B 26 19.69 -11.11 1.40
C VAL B 26 -17.75 -14.44 -11.87
C VAL B 26 -6.81 -13.89 -0.57
C VAL B 26 -8.77 10.92 22.18
N LYS B 27 20.77 -11.79 1.02
N LYS B 27 -17.75 -14.49 -13.20
N LYS B 27 -6.76 -14.86 -1.46
N LYS B 27 -9.43 12.01 21.83
CA LYS B 27 20.94 -12.19 -0.38
CA LYS B 27 -19.01 -14.40 -13.95
CA LYS B 27 -7.72 -14.92 -2.58
CA LYS B 27 -9.18 13.29 22.51
C LYS B 27 19.82 -13.11 -0.82
C LYS B 27 -19.95 -15.54 -13.58
C LYS B 27 -9.14 -15.05 -2.06
C LYS B 27 -9.48 13.19 24.00
N ALA B 28 19.37 -14.00 0.04
N ALA B 28 -19.43 -16.73 -13.37
N ALA B 28 -9.35 -15.81 -0.99
N ALA B 28 -10.53 12.47 24.36
CA ALA B 28 18.24 -14.88 -0.25
CA ALA B 28 -20.24 -17.87 -12.94
CA ALA B 28 -10.67 -15.94 -0.37
CA ALA B 28 -10.88 12.26 25.76
C ALA B 28 16.95 -14.10 -0.42
C ALA B 28 -20.81 -17.65 -11.55
C ALA B 28 -11.12 -14.63 0.24
C ALA B 28 -9.83 11.43 26.47
N LYS B 29 16.73 -13.07 0.38
N LYS B 29 -20.06 -17.05 -10.64
N LYS B 29 -10.23 -13.86 0.85
N LYS B 29 -9.25 10.43 25.82
CA LYS B 29 15.53 -12.21 0.21
CA LYS B 29 -20.58 -16.73 -9.29
CA LYS B 29 -10.59 -12.53 1.40
CA LYS B 29 -8.16 9.63 26.42
C LYS B 29 15.56 -11.48 -1.14
C LYS B 29 -21.73 -15.71 -9.37
C LYS B 29 -11.01 -11.58 0.26
C LYS B 29 -6.91 10.52 26.66
N ILE B 30 16.76 -11.07 -1.54
N ILE B 30 -21.59 -14.77 -10.30
N ILE B 30 -10.32 -11.69 -0.88
N ILE B 30 -6.68 11.44 25.73
CA ILE B 30 16.90 -10.36 -2.83
CA ILE B 30 -22.63 -13.74 -10.47
CA ILE B 30 -10.65 -10.82 -2.02
CA ILE B 30 -5.50 12.33 25.88
C ILE B 30 16.64 -11.39 -3.94
C ILE B 30 -23.86 -14.45 -11.06
C ILE B 30 -12.03 -11.27 -2.54
C ILE B 30 -5.82 13.28 27.04
N GLN B 31 17.11 -12.60 -3.78
N GLN B 31 -23.66 -15.36 -11.98
N GLN B 31 -12.29 -12.56 -2.58
N GLN B 31 -7.04 13.75 27.17
CA GLN B 31 16.85 -13.61 -4.86
CA GLN B 31 -24.86 -16.05 -12.56
CA GLN B 31 -13.63 -13.00 -3.08
CA GLN B 31 -7.34 14.66 28.30
C GLN B 31 15.33 -13.83 -4.97
C GLN B 31 -25.58 -16.82 -11.44
C GLN B 31 -14.72 -12.43 -2.15
C GLN B 31 -7.12 13.90 29.63
N ASP B 32 14.74 -14.05 -3.82
N ASP B 32 -24.77 -17.56 -10.71
N ASP B 32 -14.47 -12.64 -0.88
N ASP B 32 -7.69 12.73 29.66
CA ASP B 32 13.27 -14.26 -3.75
CA ASP B 32 -25.31 -18.35 -9.57
CA ASP B 32 -15.42 -12.15 0.16
CA ASP B 32 -7.55 11.85 30.86
C ASP B 32 12.51 -13.14 -4.43
C ASP B 32 -26.10 -17.49 -8.62
C ASP B 32 -15.70 -10.67 0.00
C ASP B 32 -6.10 11.65 31.24
N LYS B 33 12.94 -11.88 -4.22
N LYS B 33 -25.62 -16.28 -8.32
N LYS B 33 -14.65 -9.86 -0.29
N LYS B 33 -5.22 11.45 30.24
CA LYS B 33 12.12 -10.79 -4.82
CA LYS B 33 -26.37 -15.49 -7.30
CA LYS B 33 -14.93 -8.40 -0.34
CA LYS B 33 -3.82 11.15 30.65
C LYS B 33 12.51 -10.31 -6.16
C LYS B 33 -27.39 -14.54 -7.81
C LYS B 33 -15.27 -7.83 -1.67
C LYS B 33 -2.89 12.30 30.73
N GLU B 34 13.73 -10.42 -6.64
N GLU B 34 -27.37 -14.03 -9.00
N GLU B 34 -14.89 -8.37 -2.80
N GLU B 34 -3.06 13.41 30.05
CA GLU B 34 14.16 -9.98 -7.94
CA GLU B 34 -28.34 -13.10 -9.55
CA GLU B 34 -15.20 -7.85 -4.11
CA GLU B 34 -2.17 14.55 30.10
C GLU B 34 14.79 -11.05 -8.79
C GLU B 34 -28.98 -13.57 -10.82
C GLU B 34 -15.90 -8.83 -5.01
C GLU B 34 -2.86 15.83 30.48
N GLY B 35 14.99 -12.23 -8.23
N GLY B 35 -28.52 -14.68 -11.38
N GLY B 35 -16.06 -10.07 -4.57
N GLY B 35 -4.17 15.81 30.61
CA GLY B 35 15.50 -13.36 -8.95
CA GLY B 35 -29.09 -15.26 -12.56
CA GLY B 35 -16.79 -11.07 -5.30
CA GLY B 35 -4.94 16.95 31.05
C GLY B 35 16.96 -13.46 -9.16
C GLY B 35 -28.73 -14.71 -13.88
C GLY B 35 -16.11 -11.79 -6.39
C GLY B 35 -5.28 17.99 30.07
N ILE B 36 17.75 -12.54 -8.57
N ILE B 36 -27.78 -13.75 -13.93
N ILE B 36 -14.79 -11.55 -6.58
N ILE B 36 -4.95 17.79 28.79
CA ILE B 36 19.20 -12.62 -8.77
CA ILE B 36 -27.40 -13.19 -15.24
CA ILE B 36 -14.09 -12.25 -7.67
CA ILE B 36 -5.28 18.82 27.79
C ILE B 36 19.82 -13.68 -7.86
C ILE B 36 -26.45 -14.12 -15.96
C ILE B 36 -13.72 -13.67 -7.24
C ILE B 36 -6.74 18.74 27.38
N PRO B 37 20.54 -14.63 -8.44
N PRO B 37 -26.79 -14.51 -17.18
N PRO B 37 -14.15 -14.66 -8.02
N PRO B 37 -7.47 19.85 27.52
CA PRO B 37 21.23 -15.69 -7.68
CA PRO B 37 -25.94 -15.37 -18.02
CA PRO B 37 -13.84 -16.07 -7.76
CA PRO B 37 -8.89 19.93 27.13
C PRO B 37 22.18 -15.10 -6.66
C PRO B 37 -24.57 -14.75 -18.22
C PRO B 37 -12.33 -16.30 -7.69
C PRO B 37 -9.08 19.55 25.68
N PRO B 38 22.22 -15.61 -5.45
N PRO B 38 -23.51 -15.51 -18.14
N PRO B 38 -11.86 -17.07 -6.75
N PRO B 38 -10.08 18.78 25.35
CA PRO B 38 23.12 -15.06 -4.43
CA PRO B 38 -22.16 -14.95 -18.32
CA PRO B 38 -10.40 -17.30 -6.65
CA PRO B 38 -10.29 18.38 23.94
C PRO B 38 24.56 -15.05 -4.84
C PRO B 38 -21.97 -14.25 -19.65
C PRO B 38 -9.79 -17.86 -7.89
C PRO B 38 -10.45 19.56 23.01
N ASP B 39 24.98 -16.01 -5.62
N ASP B 39 -22.64 -14.71 -20.68
N ASP B 39 -10.52 -18.66 -8.63
N ASP B 39 -11.01 20.64 23.48
CA ASP B 39 26.42 -16.10 -6.04
CA ASP B 39 -22.45 -14.11 -22.03
CA ASP B 39 -9.97 -19.31 -9.85
CA ASP B 39 -11.25 21.82 22.59
C ASP B 39 26.83 -14.96 -6.95
C ASP B 39 -23.01 -12.69 -22.11
C ASP B 39 -9.68 -18.30 -10.95
C ASP B 39 -9.95 22.49 22.16
N GLN B 40 25.85 -14.26 -7.51
N GLN B 40 -23.83 -12.32 -21.14
N GLN B 40 -10.24 -17.11 -10.83
N GLN B 40 -8.86 22.17 22.85
CA GLN B 40 26.17 -13.12 -8.40
CA GLN B 40 -24.38 -10.95 -21.13
CA GLN B 40 -9.98 -16.07 -11.85
CA GLN B 40 -7.56 22.77 22.47
C GLN B 40 26.14 -11.77 -7.64
C GLN B 40 -23.57 -9.99 -20.25
C GLN B 40 -8.84 -15.12 -11.44
C GLN B 40 -6.74 21.84 21.54
N GLN B 41 25.65 -11.77 -6.42
N GLN B 41 -22.65 -10.52 -19.47
N GLN B 41 -8.38 -15.20 -10.21
N GLN B 41 -7.17 20.61 21.39
CA GLN B 41 25.51 -10.57 -5.62
CA GLN B 41 -21.85 -9.74 -18.55
CA GLN B 41 -7.35 -14.34 -9.68
CA GLN B 41 -6.48 19.62 20.59
C GLN B 41 26.74 -10.16 -4.84
C GLN B 41 -20.60 -9.10 -19.15
C GLN B 41 -5.93 -14.78 -9.95
C GLN B 41 -6.79 19.64 19.11
N ARG B 42 27.10 -8.89 -5.00
N ARG B 42 -20.47 -7.80 -18.89
N ARG B 42 -5.14 -13.85 -10.46
N ARG B 42 -5.71 19.65 18.33
CA ARG B 42 28.18 -8.28 -4.16
CA ARG B 42 -19.23 -7.06 -19.25
CA ARG B 42 -3.67 -14.06 -10.62
CA ARG B 42 -5.83 19.51 16.83
C ARG B 42 27.52 -7.13 -3.45
C ARG B 42 -18.71 -6.50 -17.94
C ARG B 42 -3.03 -12.96 -9.82
C ARG B 42 -5.01 18.29 16.50
N LEU B 43 27.42 -7.14 -2.12
N LEU B 43 -17.54 -6.92 -17.46
N LEU B 43 -2.28 -13.27 -8.76
N LEU B 43 -5.61 17.21 16.00
CA LEU B 43 26.73 -6.05 -1.40
CA LEU B 43 -17.02 -6.43 -16.16
CA LEU B 43 -1.67 -12.23 -7.91
CA LEU B 43 -4.84 15.97 15.70
C LEU B 43 27.76 -5.12 -0.75
C LEU B 43 -15.93 -5.39 -16.38
C LEU B 43 -0.19 -12.10 -8.21
C LEU B 43 -4.60 15.86 14.20
N ILE B 44 27.58 -3.82 -0.97
N ILE B 44 -16.07 -4.27 -15.69
N ILE B 44 0.25 -10.86 -8.44
N ILE B 44 -3.34 15.61 13.84
CA ILE B 44 28.50 -2.80 -0.47
CA ILE B 44 -15.14 -3.14 -15.83
CA ILE B 44 1.64 -10.57 -8.79
CA ILE B 44 -2.92 15.52 12.45
C ILE B 44 27.79 -1.78 0.41
C ILE B 44 -14.51 -2.77 -14.49
C ILE B 44 2.29 -9.62 -7.80
C ILE B 44 -2.28 14.17 12.14
N PHE B 45 28.42 -1.53 1.59
N PHE B 45 -13.17 -2.61 -14.53
N PHE B 45 3.52 -10.00 -7.36
N PHE B 45 -2.74 13.57 11.02
CA PHE B 45 27.89 -0.53 2.53
CA PHE B 45 -12.40 -2.20 -13.35
CA PHE B 45 4.30 -9.16 -6.45
CA PHE B 45 -2.20 12.29 10.54
C PHE B 45 29.13 0.13 3.16
C PHE B 45 -11.27 -1.30 -13.88
C PHE B 45 5.77 -9.36 -6.86
C PHE B 45 -2.22 12.38 9.01
N ALA B 46 29.09 1.44 3.11
N ALA B 46 -11.19 -0.16 -13.24
N ALA B 46 6.41 -8.23 -7.04
N ALA B 46 -1.07 12.06 8.47
CA ALA B 46 30.12 2.31 3.69
CA ALA B 46 -10.16 0.86 -13.51
CA ALA B 46 7.83 -8.14 -7.40
CA ALA B 46 -0.84 12.01 7.01
C ALA B 46 31.51 1.86 3.28
C ALA B 46 -10.05 1.12 -15.00
C ALA B 46 8.16 -9.07 -8.55
C ALA B 46 -1.37 13.27 6.34
N GLY B 47 31.62 1.59 2.01
N GLY B 47 -11.19 1.27 -15.60
N GLY B 47 7.32 -9.01 -9.54
N GLY B 47 -1.05 14.37 6.94
CA GLY B 47 32.78 1.13 1.30
CA GLY B 47 -11.43 1.53 -16.99
CA GLY B 47 7.33 -9.76 -10.77
CA GLY B 47 -1.40 15.72 6.58
C GLY B 47 33.36 -0.21 1.70
C GLY B 47 -10.99 0.49 -17.98
C GLY B 47 7.22 -11.26 -10.66
C GLY B 47 -2.86 16.07 6.55
N LYS B 48 32.58 -1.04 2.34
N LYS B 48 -10.80 -0.73 -17.55
N LYS B 48 6.70 -11.78 -9.58
N LYS B 48 -3.68 15.33 7.25
CA LYS B 48 33.04 -2.39 2.72
CA LYS B 48 -10.41 -1.83 -18.43
CA LYS B 48 6.51 -13.22 -9.40
CA LYS B 48 -5.11 15.63 7.34
C LYS B 48 32.20 -3.40 1.93
C LYS B 48 -11.57 -2.85 -18.45
C LYS B 48 4.98 -13.46 -9.31
C LYS B 48 -5.42 15.99 8.81
N GLN B 49 32.79 -4.49 1.51
N GLN B 49 -11.84 -3.44 -19.58
N GLN B 49 4.51 -14.54 -9.87
N GLN B 49 -6.29 16.94 9.04
CA GLN B 49 31.99 -5.56 0.84
CA GLN B 49 -12.87 -4.52 -19.62
CA GLN B 49 3.07 -14.89 -9.72
CA GLN B 49 -6.72 17.24 10.43
C GLN B 49 31.47 -6.40 1.99
C GLN B 49 -12.11 -5.78 -19.24
C GLN B 49 3.02 -15.66 -8.40
C GLN B 49 -7.84 16.25 10.70
N LEU B 50 30.19 -6.69 2.02
N LEU B 50 -12.61 -6.54 -18.30
N LEU B 50 2.13 -15.30 -7.51
N LEU B 50 -7.79 15.55 11.81
CA LEU B 50 29.56 -7.42 3.14
CA LEU B 50 -11.92 -7.73 -17.80
CA LEU B 50 2.06 -15.91 -6.18
CA LEU B 50 -8.78 14.50 12.12
C LEU B 50 29.83 -8.91 3.00
C LEU B 50 -12.09 -8.89 -18.76
C LEU B 50 1.35 -17.25 -6.26
C LEU B 50 -10.05 15.13 12.66
N GLU B 51 30.15 -9.57 4.11
N GLU B 51 -11.03 -9.66 -19.01
N GLU B 51 1.86 -18.26 -5.54
N GLU B 51 -11.21 14.63 12.22
CA GLU B 51 30.47 -11.02 4.05
CA GLU B 51 -11.11 -10.78 -19.97
CA GLU B 51 1.25 -19.61 -5.60
CA GLU B 51 -12.50 15.22 12.65
C GLU B 51 29.29 -11.83 4.51
C GLU B 51 -11.24 -12.08 -19.23
C GLU B 51 0.40 -19.85 -4.39
C GLU B 51 -13.11 14.37 13.73
N ASP B 52 28.99 -12.94 3.88
N ASP B 52 -12.05 -13.01 -19.69
N ASP B 52 -0.74 -20.48 -4.52
N ASP B 52 -13.71 14.95 14.75
CA ASP B 52 27.82 -13.79 4.15
CA ASP B 52 -12.35 -14.29 -19.06
CA ASP B 52 -1.71 -20.72 -3.45
CA ASP B 52 -14.27 14.26 15.91
C ASP B 52 27.48 -14.21 5.57
C ASP B 52 -11.23 -15.17 -18.53
C ASP B 52 -1.27 -21.27 -2.11
C ASP B 52 -15.19 13.07 15.74
N GLY B 53 28.46 -14.56 6.36
N GLY B 53 -10.16 -15.31 -19.28
N GLY B 53 -0.39 -22.25 -2.11
N GLY B 53 -16.11 13.13 14.79
CA GLY B 53 28.29 -15.05 7.75
CA GLY B 53 -9.01 -16.18 -18.94
CA GLY B 53 0.08 -22.94 -0.89
CA GLY B 53 -17.10 12.08 14.52
C GLY B 53 28.14 -13.99 8.79
C GLY B 53 -8.00 -15.60 -18.01
C GLY B 53 1.19 -22.25 -0.15
C GLY B 53 -16.65 10.93 13.69
N ARG B 54 28.35 -12.73 8.47
N ARG B 54 -8.07 -14.32 -17.69
N ARG B 54 1.78 -21.21 -0.70
N ARG B 54 -15.47 10.99 13.10
CA ARG B 54 28.15 -11.63 9.43
CA ARG B 54 -7.16 -13.70 -16.71
CA ARG B 54 2.83 -20.44 0.01
CA ARG B 54 -14.92 9.86 12.32
C ARG B 54 26.68 -11.23 9.40
C ARG B 54 -7.73 -13.93 -15.32
C ARG B 54 2.14 -19.40 0.88
C ARG B 54 -14.21 8.92 13.29
N THR B 55 26.25 -10.48 10.37
N THR B 55 -6.91 -13.70 -14.32
N THR B 55 2.89 -18.82 1.80
N THR B 55 -13.91 7.73 12.84
CA THR B 55 24.87 -9.95 10.47
CA THR B 55 -7.30 -13.81 -12.89
CA THR B 55 2.40 -17.75 2.70
CA THR B 55 -13.17 6.71 13.61
C THR B 55 24.95 -8.44 10.11
C THR B 55 -7.46 -12.37 -12.36
C THR B 55 3.01 -16.43 2.17
C THR B 55 -11.73 6.67 13.04
N LEU B 56 23.80 -7.87 9.82
N LEU B 56 -8.11 -12.25 -11.21
N LEU B 56 2.46 -15.33 2.64
N LEU B 56 -10.84 6.06 13.79
CA LEU B 56 23.69 -6.43 9.52
CA LEU B 56 -8.28 -10.95 -10.54
CA LEU B 56 2.95 -13.98 2.29
CA LEU B 56 -9.44 5.89 13.36
C LEU B 56 24.16 -5.64 10.73
C LEU B 56 -6.90 -10.39 -10.20
C LEU B 56 4.39 -13.87 2.78
C LEU B 56 -9.44 5.04 12.09
N SER B 57 23.88 -6.15 11.95
N SER B 57 -5.95 -11.28 -9.83
N SER B 57 4.70 -14.47 3.95
N SER B 57 -10.35 4.07 11.99
CA SER B 57 24.34 -5.37 13.13
CA SER B 57 -4.61 -10.74 -9.50
CA SER B 57 6.10 -14.35 4.43
CA SER B 57 -10.34 3.23 10.76
C SER B 57 25.85 -5.28 13.20
C SER B 57 -3.94 -10.08 -10.68
C SER B 57 7.09 -15.00 3.49
C SER B 57 -10.66 4.05 9.53
N ASP B 58 26.54 -6.28 12.69
N ASP B 58 -4.25 -10.55 -11.88
N ASP B 58 6.65 -16.04 2.79
N ASP B 58 -11.45 5.09 9.68
CA ASP B 58 28.02 -6.29 12.71
CA ASP B 58 -3.65 -9.97 -13.11
CA ASP B 58 7.54 -16.76 1.84
CA ASP B 58 -11.82 5.96 8.53
C ASP B 58 28.58 -5.03 12.03
C ASP B 58 -3.91 -8.46 -13.19
C ASP B 58 8.13 -15.79 0.81
C ASP B 58 -10.58 6.49 7.83
N TYR B 59 27.93 -4.64 10.97
N TYR B 59 -5.09 -8.09 -12.79
N TYR B 59 7.31 -14.87 0.39
N TYR B 59 -9.60 6.83 8.61
CA TYR B 59 28.29 -3.46 10.19
CA TYR B 59 -5.55 -6.70 -12.75
CA TYR B 59 7.66 -13.83 -0.58
CA TYR B 59 -8.31 7.35 8.16
C TYR B 59 27.57 -2.21 10.65
C TYR B 59 -5.27 -6.02 -11.43
C TYR B 59 8.18 -12.57 0.06
C TYR B 59 -7.29 6.27 7.94
N ASN B 60 26.80 -2.21 11.72
N ASN B 60 -4.60 -6.62 -10.47
N ASN B 60 8.36 -12.49 1.36
N ASN B 60 -7.59 4.99 8.05
CA ASN B 60 26.12 -0.97 12.14
CA ASN B 60 -4.35 -5.91 -9.19
CA ASN B 60 8.87 -11.23 1.96
CA ASN B 60 -6.56 3.96 7.82
C ASN B 60 25.23 -0.42 11.03
C ASN B 60 -5.66 -5.48 -8.54
C ASN B 60 7.95 -10.06 1.63
C ASN B 60 -5.36 4.15 8.76
N ILE B 61 24.46 -1.29 10.40
N ILE B 61 -6.62 -6.38 -8.49
N ILE B 61 6.66 -10.26 1.77
N ILE B 61 -5.63 4.40 10.02
CA ILE B 61 23.49 -0.84 9.36
CA ILE B 61 -7.91 -6.09 -7.79
CA ILE B 61 5.68 -9.14 1.56
CA ILE B 61 -4.54 4.52 11.03
C ILE B 61 22.19 -0.52 10.09
C ILE B 61 -7.70 -6.53 -6.34
C ILE B 61 5.53 -8.46 2.92
C ILE B 61 -4.29 3.11 11.55
N GLN B 62 21.76 0.71 10.08
N GLN B 62 -7.76 -5.63 -5.41
N GLN B 62 5.90 -7.22 3.03
N GLN B 62 -3.13 2.56 11.34
CA GLN B 62 20.54 1.16 10.82
CA GLN B 62 -7.51 -5.92 -3.97
CA GLN B 62 5.86 -6.46 4.32
CA GLN B 62 -2.79 1.16 11.74
C GLN B 62 19.38 1.32 9.83
C GLN B 62 -8.85 -5.97 -3.22
C GLN B 62 4.66 -5.51 4.32
C GLN B 62 -1.92 1.19 13.00
N LYS B 63 18.16 1.51 10.35
N LYS B 63 -8.84 -6.42 -1.96
N LYS B 63 4.35 -4.91 5.46
N LYS B 63 -1.69 0.03 13.62
CA LYS B 63 16.98 1.62 9.53
CA LYS B 63 -10.05 -6.58 -1.19
CA LYS B 63 3.20 -4.04 5.61
CA LYS B 63 -0.95 -0.06 14.85
C LYS B 63 17.19 2.71 8.48
C LYS B 63 -10.80 -5.25 -1.14
C LYS B 63 3.27 -2.94 4.55
C LYS B 63 0.42 0.59 14.67
N GLU B 64 16.63 2.41 7.30
N GLU B 64 -12.13 -5.42 -1.19
N GLU B 64 2.06 -2.63 4.06
N GLU B 64 0.84 1.25 15.76
CA GLU B 64 16.65 3.25 6.14
CA GLU B 64 -13.11 -4.36 -1.16
CA GLU B 64 1.80 -1.62 3.07
CA GLU B 64 2.09 1.95 15.88
C GLU B 64 17.97 3.50 5.47
C GLU B 64 -13.16 -3.43 -2.34
C GLU B 64 2.31 -1.86 1.67
C GLU B 64 2.29 3.18 15.04
N SER B 65 18.92 2.63 5.78
N SER B 65 -12.61 -3.90 -3.44
N SER B 65 2.61 -3.13 1.40
N SER B 65 1.17 3.72 14.57
CA SER B 65 20.25 2.63 5.15
CA SER B 65 -12.65 -3.20 -4.74
CA SER B 65 3.02 -3.59 0.08
CA SER B 65 1.14 4.99 13.81
C SER B 65 20.07 2.15 3.70
C SER B 65 -14.10 -3.29 -5.25
C SER B 65 1.78 -3.52 -0.84
C SER B 65 1.44 6.13 14.82
N THR B 66 21.03 2.46 2.85
N THR B 66 -14.47 -2.41 -6.15
N THR B 66 1.99 -3.49 -2.13
N THR B 66 1.86 7.25 14.32
CA THR B 66 21.03 1.99 1.46
CA THR B 66 -15.79 -2.44 -6.79
CA THR B 66 0.91 -3.52 -3.12
CA THR B 66 2.10 8.44 15.15
C THR B 66 22.29 1.15 1.23
C THR B 66 -15.59 -2.61 -8.29
C THR B 66 1.07 -4.77 -3.99
C THR B 66 1.18 9.57 14.67
N LEU B 67 22.13 -0.08 0.73
N LEU B 67 -16.25 -3.62 -8.90
N LEU B 67 0.01 -5.59 -4.10
N LEU B 67 0.40 10.16 15.58
CA LEU B 67 23.29 -0.90 0.39
CA LEU B 67 -16.20 -3.78 -10.35
CA LEU B 67 0.07 -6.74 -5.01
CA LEU B 67 -0.43 11.31 15.20
C LEU B 67 23.41 -0.83 -1.15
C LEU B 67 -17.54 -3.25 -10.89
C LEU B 67 -0.75 -6.34 -6.25
C LEU B 67 0.31 12.55 15.77
N HIS B 68 24.59 -1.02 -1.66
N HIS B 68 -17.58 -2.81 -12.10
N HIS B 68 -0.47 -6.90 -7.37
N HIS B 68 0.10 13.68 15.18
CA HIS B 68 24.73 -1.00 -3.14
CA HIS B 68 -18.87 -2.34 -12.65
CA HIS B 68 -1.27 -6.57 -8.58
CA HIS B 68 0.76 14.90 15.72
C HIS B 68 24.91 -2.46 -3.56
C HIS B 68 -19.33 -3.42 -13.62
C HIS B 68 -2.19 -7.77 -8.81
C HIS B 68 -0.34 15.68 16.43
N LEU B 69 24.23 -2.86 -4.61
N LEU B 69 -20.61 -3.76 -13.55
N LEU B 69 -3.45 -7.51 -9.11
N LEU B 69 -0.04 16.19 17.61
CA LEU B 69 24.37 -4.21 -5.16
CA LEU B 69 -21.20 -4.74 -14.47
CA LEU B 69 -4.41 -8.57 -9.43
CA LEU B 69 -0.97 17.02 18.36
C LEU B 69 25.13 -4.20 -6.46
C LEU B 69 -22.08 -4.08 -15.48
C LEU B 69 -4.74 -8.58 -10.89
C LEU B 69 -0.56 18.46 18.35
N VAL B 70 26.28 -4.80 -6.52
N VAL B 70 -21.76 -4.14 -16.74
N VAL B 70 -4.41 -9.61 -11.61
N VAL B 70 -1.31 19.34 17.78
CA VAL B 70 27.01 -4.91 -7.82
CA VAL B 70 -22.66 -3.58 -17.79
CA VAL B 70 -4.82 -9.71 -13.05
CA VAL B 70 -1.00 20.80 17.83
C VAL B 70 26.87 -6.39 -8.19
C VAL B 70 -23.22 -4.84 -18.48
C VAL B 70 -5.91 -10.80 -13.04
C VAL B 70 -2.06 21.36 18.79
N LEU B 71 26.66 -6.69 -9.45
N LEU B 71 -24.49 -4.83 -18.82
N LEU B 71 -6.95 -10.61 -13.80
N LEU B 71 -1.69 22.28 19.64
CA LEU B 71 26.54 -8.09 -9.89
CA LEU B 71 -25.08 -5.99 -19.52
CA LEU B 71 -8.04 -11.62 -13.88
CA LEU B 71 -2.65 22.91 20.57
C LEU B 71 27.88 -8.57 -10.42
C LEU B 71 -25.10 -5.74 -21.01
C LEU B 71 -7.82 -12.51 -15.07
C LEU B 71 -3.15 24.21 20.00
N MET A 1 6.38 18.40 -20.67
CA MET A 1 5.74 19.56 -20.05
C MET A 1 6.28 19.67 -18.60
N GLN A 2 6.34 20.88 -18.14
CA GLN A 2 6.81 21.11 -16.74
C GLN A 2 5.61 21.10 -15.81
N ILE A 3 5.80 20.45 -14.66
CA ILE A 3 4.77 20.47 -13.61
C ILE A 3 5.53 20.83 -12.30
N PHE A 4 4.75 21.23 -11.33
CA PHE A 4 5.40 21.59 -10.01
C PHE A 4 4.91 20.64 -8.96
N VAL A 5 5.74 20.16 -8.03
CA VAL A 5 5.27 19.32 -6.95
C VAL A 5 5.58 20.10 -5.65
N LYS A 6 4.57 20.50 -4.95
CA LYS A 6 4.78 21.30 -3.70
C LYS A 6 4.77 20.35 -2.53
N THR A 7 5.82 20.41 -1.68
CA THR A 7 5.88 19.52 -0.51
C THR A 7 5.42 20.27 0.74
N LEU A 8 5.24 19.58 1.84
CA LEU A 8 4.74 20.24 3.07
C LEU A 8 5.81 21.08 3.74
N THR A 9 7.06 21.03 3.24
CA THR A 9 8.08 21.90 3.94
C THR A 9 8.35 23.16 3.18
N GLY A 10 7.52 23.50 2.24
CA GLY A 10 7.67 24.69 1.43
C GLY A 10 8.68 24.63 0.33
N LYS A 11 9.10 23.43 0.00
CA LYS A 11 10.01 23.21 -1.12
C LYS A 11 9.11 22.84 -2.31
N THR A 12 9.42 23.38 -3.48
CA THR A 12 8.62 22.98 -4.66
C THR A 12 9.61 22.35 -5.64
N ILE A 13 9.25 21.19 -6.17
CA ILE A 13 10.23 20.60 -7.13
C ILE A 13 9.65 20.67 -8.52
N THR A 14 10.47 20.94 -9.51
CA THR A 14 9.89 20.97 -10.89
C THR A 14 10.25 19.66 -11.57
N LEU A 15 9.33 19.09 -12.33
CA LEU A 15 9.58 17.83 -13.01
C LEU A 15 9.25 18.02 -14.49
N GLU A 16 9.89 17.22 -15.31
CA GLU A 16 9.51 17.26 -16.76
C GLU A 16 8.85 15.92 -17.00
N VAL A 17 7.60 16.03 -17.42
CA VAL A 17 6.77 14.86 -17.67
C VAL A 17 5.93 15.04 -18.95
N GLU A 18 5.32 13.93 -19.31
CA GLU A 18 4.37 13.84 -20.41
C GLU A 18 3.06 13.38 -19.82
N PRO A 19 1.95 13.87 -20.34
CA PRO A 19 0.61 13.47 -19.90
C PRO A 19 0.43 11.98 -19.97
N SER A 20 1.19 11.31 -20.81
CA SER A 20 1.03 9.85 -20.98
C SER A 20 1.72 9.11 -19.87
N ASP A 21 2.49 9.83 -19.05
CA ASP A 21 3.19 9.10 -17.96
C ASP A 21 2.21 8.63 -16.92
N THR A 22 2.51 7.52 -16.30
CA THR A 22 1.71 6.99 -15.21
C THR A 22 2.16 7.68 -13.91
N ILE A 23 1.25 7.61 -12.94
CA ILE A 23 1.52 8.13 -11.60
C ILE A 23 2.72 7.40 -10.98
N GLU A 24 2.80 6.12 -11.24
CA GLU A 24 3.98 5.32 -10.73
C GLU A 24 5.27 5.90 -11.23
N CYS A 25 5.30 6.34 -12.52
CA CYS A 25 6.50 6.91 -13.13
C CYS A 25 6.85 8.24 -12.50
N VAL A 26 5.82 9.05 -12.28
CA VAL A 26 6.04 10.34 -11.65
C VAL A 26 6.71 10.15 -10.29
N LYS A 27 6.18 9.20 -9.52
CA LYS A 27 6.74 8.92 -8.19
C LYS A 27 8.19 8.48 -8.29
N ALA A 28 8.54 7.70 -9.30
CA ALA A 28 9.92 7.29 -9.53
C ALA A 28 10.80 8.47 -9.89
N LYS A 29 10.31 9.43 -10.66
CA LYS A 29 11.09 10.64 -10.97
C LYS A 29 11.35 11.47 -9.69
N ILE A 30 10.35 11.49 -8.81
CA ILE A 30 10.50 12.25 -7.55
C ILE A 30 11.53 11.50 -6.70
N GLN A 31 11.49 10.19 -6.69
CA GLN A 31 12.50 9.45 -5.86
C GLN A 31 13.90 9.76 -6.40
N ASP A 32 14.01 9.63 -7.70
CA ASP A 32 15.30 9.91 -8.37
C ASP A 32 15.83 11.29 -8.03
N LYS A 33 14.94 12.30 -7.98
CA LYS A 33 15.50 13.66 -7.74
C LYS A 33 15.53 14.13 -6.33
N GLU A 34 14.74 13.67 -5.41
CA GLU A 34 14.73 14.09 -4.02
C GLU A 34 14.92 12.96 -3.04
N GLY A 35 14.94 11.73 -3.52
CA GLY A 35 15.18 10.58 -2.69
C GLY A 35 14.07 10.02 -1.89
N ILE A 36 12.84 10.55 -2.06
CA ILE A 36 11.72 10.01 -1.29
C ILE A 36 11.20 8.72 -1.91
N PRO A 37 11.15 7.65 -1.13
CA PRO A 37 10.64 6.34 -1.58
C PRO A 37 9.21 6.46 -2.09
N PRO A 38 8.88 5.84 -3.19
CA PRO A 38 7.51 5.95 -3.73
C PRO A 38 6.45 5.52 -2.76
N ASP A 39 6.74 4.57 -1.90
CA ASP A 39 5.72 4.05 -0.95
C ASP A 39 5.34 5.08 0.11
N GLN A 40 6.16 6.11 0.23
CA GLN A 40 5.83 7.18 1.22
C GLN A 40 5.08 8.36 0.58
N GLN A 41 5.02 8.40 -0.74
CA GLN A 41 4.40 9.48 -1.46
C GLN A 41 2.90 9.36 -1.66
N ARG A 42 2.21 10.46 -1.32
CA ARG A 42 0.75 10.57 -1.60
C ARG A 42 0.62 11.80 -2.48
N LEU A 43 0.18 11.67 -3.73
CA LEU A 43 0.09 12.84 -4.63
C LEU A 43 -1.35 13.30 -4.76
N ILE A 44 -1.57 14.59 -4.57
CA ILE A 44 -2.91 15.19 -4.61
C ILE A 44 -3.02 16.28 -5.66
N PHE A 45 -4.11 16.19 -6.46
CA PHE A 45 -4.39 17.20 -7.50
C PHE A 45 -5.92 17.33 -7.53
N ALA A 46 -6.32 18.58 -7.46
CA ALA A 46 -7.74 18.98 -7.52
C ALA A 46 -8.59 18.14 -6.58
N GLY A 47 -8.08 17.99 -5.40
CA GLY A 47 -8.62 17.24 -4.29
C GLY A 47 -8.80 15.76 -4.47
N CYS A 48 -8.13 15.15 -5.41
CA CYS A 48 -8.12 13.71 -5.63
C CYS A 48 -6.78 13.12 -5.25
N GLN A 49 -6.74 11.97 -4.70
CA GLN A 49 -5.43 11.30 -4.47
C GLN A 49 -5.16 10.55 -5.77
N LEU A 50 -3.98 10.72 -6.33
CA LEU A 50 -3.65 10.11 -7.64
C LEU A 50 -3.29 8.65 -7.46
N GLU A 51 -3.77 7.80 -8.37
CA GLU A 51 -3.53 6.34 -8.25
C GLU A 51 -2.42 5.92 -9.18
N ASP A 52 -1.53 5.06 -8.79
CA ASP A 52 -0.35 4.62 -9.54
C ASP A 52 -0.48 4.20 -10.99
N GLY A 53 -1.50 3.45 -11.32
CA GLY A 53 -1.74 2.91 -12.67
C GLY A 53 -2.40 3.82 -13.65
N ARG A 54 -2.89 4.98 -13.21
CA ARG A 54 -3.49 5.96 -14.13
C ARG A 54 -2.37 6.83 -14.68
N THR A 55 -2.66 7.57 -15.72
CA THR A 55 -1.72 8.53 -16.36
C THR A 55 -2.16 9.94 -15.93
N LEU A 56 -1.27 10.90 -16.12
CA LEU A 56 -1.55 12.31 -15.83
C LEU A 56 -2.72 12.75 -16.70
N SER A 57 -2.80 12.25 -17.95
CA SER A 57 -3.93 12.69 -18.80
C SER A 57 -5.26 12.26 -18.24
N ASP A 58 -5.29 11.15 -17.53
CA ASP A 58 -6.56 10.64 -16.93
C ASP A 58 -7.20 11.71 -16.05
N TYR A 59 -6.37 12.41 -15.33
CA TYR A 59 -6.76 13.49 -14.42
C TYR A 59 -6.79 14.84 -15.09
N ASN A 60 -6.55 14.98 -16.38
CA ASN A 60 -6.58 16.32 -16.99
C ASN A 60 -5.58 17.25 -16.32
N ILE A 61 -4.36 16.77 -16.10
CA ILE A 61 -3.28 17.62 -15.54
C ILE A 61 -2.59 18.28 -16.73
N GLN A 62 -2.64 19.57 -16.85
CA GLN A 62 -2.07 20.32 -18.00
C GLN A 62 -0.74 20.97 -17.58
N LYS A 63 0.04 21.51 -18.58
CA LYS A 63 1.33 22.10 -18.24
C LYS A 63 1.17 23.16 -17.17
N GLU A 64 2.22 23.18 -16.36
CA GLU A 64 2.37 24.09 -15.26
C GLU A 64 1.44 23.96 -14.10
N SER A 65 0.81 22.79 -14.03
CA SER A 65 -0.07 22.42 -12.91
C SER A 65 0.84 22.18 -11.68
N THR A 66 0.25 22.25 -10.50
CA THR A 66 0.96 21.97 -9.25
C THR A 66 0.29 20.77 -8.56
N LEU A 67 1.06 19.74 -8.22
CA LEU A 67 0.49 18.62 -7.46
C LEU A 67 0.98 18.81 -6.00
N HIS A 68 0.26 18.31 -5.06
CA HIS A 68 0.72 18.43 -3.66
C HIS A 68 1.24 17.05 -3.26
N LEU A 69 2.38 17.02 -2.60
CA LEU A 69 2.96 15.77 -2.10
C LEU A 69 2.83 15.67 -0.60
N VAL A 70 2.10 14.73 -0.09
CA VAL A 70 2.03 14.52 1.38
C VAL A 70 2.81 13.21 1.60
N LEU A 71 3.60 13.15 2.65
CA LEU A 71 4.36 11.93 2.95
C LEU A 71 3.61 11.09 3.95
N ARG A 72 3.42 9.81 3.69
N ARG A 72 3.52 9.74 3.75
N ARG A 72 3.54 9.80 3.73
N ARG A 72 3.57 9.79 3.77
CA ARG A 72 2.62 8.96 4.59
CA ARG A 72 2.86 8.79 4.68
CA ARG A 72 2.81 8.90 4.66
CA ARG A 72 2.88 8.91 4.73
C ARG A 72 2.59 7.58 3.93
C ARG A 72 1.95 7.93 3.82
C ARG A 72 3.88 8.32 5.57
C ARG A 72 3.87 7.78 5.02
N LEU A 73 1.46 7.03 3.62
N LEU A 73 2.23 7.72 2.57
N LEU A 73 3.87 8.56 6.85
N LEU A 73 3.80 7.11 6.13
CA LEU A 73 1.43 5.70 2.97
CA LEU A 73 1.34 6.88 1.73
CA LEU A 73 4.92 7.98 7.72
CA LEU A 73 4.77 6.02 6.41
C LEU A 73 2.50 4.81 3.59
C LEU A 73 1.24 5.49 2.32
C LEU A 73 4.47 8.04 9.17
C LEU A 73 4.22 5.10 7.48
N ARG A 74 2.76 5.08 4.85
N ARG A 74 0.01 5.03 2.42
N ARG A 74 3.18 7.79 9.35
N ARG A 74 4.49 3.82 7.27
CA ARG A 74 3.77 4.33 5.63
CA ARG A 74 -0.30 3.69 2.97
CA ARG A 74 2.56 7.82 10.69
CA ARG A 74 4.04 2.77 8.20
C ARG A 74 3.72 4.81 7.08
C ARG A 74 -1.48 3.10 2.23
C ARG A 74 1.32 6.94 10.67
C ARG A 74 5.14 2.48 9.20
N GLY A 75 3.93 3.86 7.97
N GLY A 75 -1.57 1.78 2.28
N GLY A 75 0.94 6.48 11.86
N GLY A 75 4.72 2.18 10.43
CA GLY A 75 3.92 4.09 9.41
CA GLY A 75 -2.63 1.03 1.62
CA GLY A 75 -0.21 5.61 12.06
CA GLY A 75 5.63 1.89 11.54
C GLY A 75 4.73 3.11 10.23
C GLY A 75 -3.86 0.76 2.48
C GLY A 75 0.09 4.14 11.99
C GLY A 75 6.09 0.45 11.63
N GLY A 76 4.99 3.52 11.45
N GLY A 76 -4.70 -0.11 1.93
N GLY A 76 1.38 3.86 11.93
N GLY A 76 5.61 -0.32 10.66
CA GLY A 76 5.74 2.76 12.46
CA GLY A 76 -5.95 -0.56 2.56
CA GLY A 76 1.93 2.50 11.87
CA GLY A 76 5.92 -1.75 10.51
C GLY A 76 7.24 3.03 12.27
C GLY A 76 -5.88 -2.08 2.75
C GLY A 76 1.87 2.00 10.42
C GLY A 76 4.91 -2.55 11.34
N MET B 1 9.58 -5.68 7.79
N MET B 1 -11.91 -12.12 1.37
N MET B 1 -0.79 -5.24 9.79
N MET B 1 -3.36 -1.58 20.27
CA MET B 1 10.00 -4.26 7.64
CA MET B 1 -12.01 -10.66 1.43
CA MET B 1 -0.14 -4.24 8.92
CA MET B 1 -2.13 -1.17 19.56
C MET B 1 10.53 -4.11 6.19
C MET B 1 -13.35 -10.27 0.76
C MET B 1 -1.10 -4.00 7.72
C MET B 1 -1.69 0.20 20.16
N GLN B 2 10.35 -2.92 5.69
N GLN B 2 -13.89 -9.19 1.24
N GLN B 2 -1.04 -2.81 7.22
N GLN B 2 -0.41 0.40 20.14
CA GLN B 2 10.87 -2.63 4.32
CA GLN B 2 -15.17 -8.69 0.64
CA GLN B 2 -1.89 -2.47 6.02
CA GLN B 2 0.12 1.70 20.66
C GLN B 2 12.28 -2.09 4.42
C GLN B 2 -14.85 -7.72 -0.48
C GLN B 2 -1.08 -2.75 4.76
C GLN B 2 0.21 2.69 19.50
N ILE B 3 13.13 -2.56 3.51
N ILE B 3 -15.59 -7.84 -1.57
N ILE B 3 -1.76 -3.34 3.79
N ILE B 3 -0.18 3.92 19.79
CA ILE B 3 14.50 -2.02 3.40
CA ILE B 3 -15.48 -6.87 -2.67
CA ILE B 3 -1.16 -3.54 2.45
CA ILE B 3 -0.02 5.02 18.80
C ILE B 3 14.71 -1.72 1.88
C ILE B 3 -16.95 -6.45 -3.02
C ILE B 3 -2.21 -3.03 1.43
C ILE B 3 0.65 6.19 19.59
N PHE B 4 15.72 -0.92 1.64
N PHE B 4 -17.03 -5.36 -3.72
N PHE B 4 -1.72 -2.80 0.24
N PHE B 4 1.19 7.10 18.82
CA PHE B 4 16.01 -0.58 0.20
CA PHE B 4 -18.42 -4.88 -4.11
CA PHE B 4 -2.66 -2.29 -0.83
CA PHE B 4 1.84 8.28 19.50
C PHE B 4 17.36 -1.12 -0.17
C PHE B 4 -18.53 -4.92 -5.61
C PHE B 4 -2.76 -3.33 -1.92
C PHE B 4 1.09 9.53 19.12
N VAL B 5 17.57 -1.69 -1.35
N VAL B 5 -19.66 -5.33 -6.18
N VAL B 5 -3.92 -3.60 -2.50
N VAL B 5 0.87 10.48 20.03
CA VAL B 5 18.89 -2.13 -1.76
CA VAL B 5 -19.84 -5.30 -7.62
CA VAL B 5 -4.03 -4.53 -3.60
CA VAL B 5 0.22 11.73 19.67
C VAL B 5 19.25 -1.29 -3.00
C VAL B 5 -21.03 -4.34 -7.87
C VAL B 5 -4.57 -3.69 -4.79
C VAL B 5 1.27 12.83 19.97
N LYS B 6 20.24 -0.47 -2.90
N LYS B 6 -20.77 -3.24 -8.50
N LYS B 6 -3.78 -3.53 -5.80
N LYS B 6 1.73 13.50 18.97
CA LYS B 6 20.62 0.42 -4.05
CA LYS B 6 -21.86 -2.22 -8.73
CA LYS B 6 -4.21 -2.69 -6.97
CA LYS B 6 2.78 14.56 19.17
C LYS B 6 21.72 -0.26 -4.81
C LYS B 6 -22.42 -2.47 -10.11
C LYS B 6 -4.79 -3.61 -8.01
C LYS B 6 2.09 15.88 19.28
N THR B 7 21.55 -0.41 -6.15
N THR B 7 -23.76 -2.61 -10.21
N THR B 7 -6.01 -3.32 -8.49
N THR B 7 2.38 16.65 20.36
CA THR B 7 22.59 -1.07 -6.96
CA THR B 7 -24.39 -2.86 -11.52
CA THR B 7 -6.63 -4.18 -9.51
CA THR B 7 1.74 17.96 20.53
C THR B 7 23.43 0.00 -7.66
C THR B 7 -24.95 -1.55 -12.07
C THR B 7 -6.46 -3.53 -10.89
C THR B 7 2.70 19.06 20.07
N LEU B 8 24.52 -0.39 -8.28
N LEU B 8 -25.38 -1.52 -13.31
N LEU B 8 -6.78 -4.24 -11.95
N LEU B 8 2.24 20.29 19.98
CA LEU B 8 25.42 0.58 -8.94
CA LEU B 8 -25.90 -0.27 -13.92
CA LEU B 8 -6.60 -3.71 -13.31
CA LEU B 8 3.09 21.39 19.49
C LEU B 8 24.83 1.13 -10.23
C LEU B 8 -27.27 0.10 -13.39
C LEU B 8 -7.62 -2.63 -13.67
C LEU B 8 4.12 21.82 20.52
N THR B 9 23.68 0.59 -10.68
N THR B 9 -27.89 -0.78 -12.59
N THR B 9 -8.62 -2.41 -12.79
N THR B 9 4.05 21.27 21.74
CA THR B 9 23.14 1.17 -11.96
CA THR B 9 -29.25 -0.36 -12.09
CA THR B 9 -9.60 -1.34 -13.19
CA THR B 9 5.10 21.73 22.73
C THR B 9 22.01 2.12 -11.71
C THR B 9 -29.21 0.14 -10.69
C THR B 9 -9.34 -0.05 -12.46
C THR B 9 6.20 20.71 22.88
N GLY B 10 21.84 2.55 -10.50
N GLY B 10 -28.06 0.44 -10.18
N GLY B 10 -8.20 0.09 -11.86
N GLY B 10 6.29 19.78 21.98
CA GLY B 10 20.79 3.46 -10.11
CA GLY B 10 -27.87 0.94 -8.85
CA GLY B 10 -7.81 1.28 -11.14
CA GLY B 10 7.30 18.74 22.01
C GLY B 10 19.42 2.89 -9.97
C GLY B 10 -27.94 -0.07 -7.74
C GLY B 10 -8.42 1.44 -9.77
C GLY B 10 7.08 17.63 22.98
N LYS B 11 19.35 1.58 -9.87
N LYS B 11 -27.83 -1.32 -8.10
N LYS B 11 -8.94 0.37 -9.24
N LYS B 11 5.88 17.51 23.47
CA LYS B 11 18.10 0.89 -9.62
CA LYS B 11 -27.77 -2.41 -7.13
CA LYS B 11 -9.45 0.34 -7.87
CA LYS B 11 5.49 16.41 24.35
C LYS B 11 18.06 0.64 -8.09
C LYS B 11 -26.27 -2.71 -6.93
C LYS B 11 -8.31 -0.22 -7.02
C LYS B 11 4.84 15.36 23.42
N THR B 12 16.90 0.84 -7.49
N THR B 12 -25.88 -2.94 -5.69
N THR B 12 -8.11 0.37 -5.85
N THR B 12 5.16 14.10 23.64
CA THR B 12 16.81 0.54 -6.05
CA THR B 12 -24.46 -3.31 -5.48
CA THR B 12 -7.08 -0.20 -4.96
CA THR B 12 4.48 13.07 22.83
C THR B 12 15.73 -0.54 -5.90
C THR B 12 -24.48 -4.69 -4.82
C THR B 12 -7.81 -0.60 -3.67
C THR B 12 3.73 12.17 23.82
N ILE B 13 16.06 -1.60 -5.17
N ILE B 13 -23.68 -5.60 -5.35
N ILE B 13 -7.55 -1.82 -3.21
N ILE B 13 2.46 11.91 23.53
CA ILE B 13 14.99 -2.63 -5.03
CA ILE B 13 -23.71 -6.94 -4.69
CA ILE B 13 -8.27 -2.18 -1.95
CA ILE B 13 1.75 11.03 24.50
C ILE B 13 14.45 -2.61 -3.63
C ILE B 13 -22.42 -7.16 -3.96
C ILE B 13 -7.27 -2.25 -0.82
C ILE B 13 1.50 9.69 23.86
N THR B 14 13.16 -2.79 -3.46
N THR B 14 -22.46 -7.76 -2.79
N THR B 14 -7.64 -1.80 0.36
N THR B 14 1.63 8.62 24.62
CA THR B 14 12.65 -2.80 -2.05
CA THR B 14 -21.16 -8.00 -2.10
CA THR B 14 -6.66 -1.92 1.47
CA THR B 14 1.34 7.29 23.98
C THR B 14 12.43 -4.24 -1.65
C THR B 14 -20.77 -9.45 -2.31
C THR B 14 -7.03 -3.10 2.32
C THR B 14 -0.03 6.87 24.41
N LEU B 15 12.77 -4.60 -0.42
N LEU B 15 -19.50 -9.73 -2.55
N LEU B 15 -6.07 -3.88 2.79
N LEU B 15 -0.82 6.29 23.51
CA LEU B 15 12.61 -5.97 0.05
CA LEU B 15 -19.04 -11.08 -2.78
CA LEU B 15 -6.34 -5.05 3.60
CA LEU B 15 -2.16 5.85 23.82
C LEU B 15 11.79 -5.94 1.35
C LEU B 15 -17.90 -11.37 -1.81
C LEU B 15 -5.52 -4.94 4.89
C LEU B 15 -2.30 4.38 23.42
N GLU B 16 11.12 -7.03 1.61
N GLU B 16 -17.72 -12.64 -1.51
N GLU B 16 -6.01 -5.59 5.91
N GLU B 16 -3.21 3.70 24.07
CA GLU B 16 10.43 -7.10 2.94
CA GLU B 16 -16.53 -13.00 -0.67
CA GLU B 16 -5.18 -5.62 7.16
CA GLU B 16 -3.46 2.29 23.63
C GLU B 16 11.19 -8.17 3.69
C GLU B 16 -15.65 -13.77 -1.62
C GLU B 16 -4.78 -7.08 7.27
C GLU B 16 -4.87 2.36 23.06
N VAL B 17 11.72 -7.72 4.82
N VAL B 17 -14.46 -13.22 -1.78
N VAL B 17 -3.46 -7.25 7.26
N VAL B 17 -4.93 1.99 21.79
CA VAL B 17 12.53 -8.57 5.67
CA VAL B 17 -13.46 -13.78 -2.69
CA VAL B 17 -2.86 -8.58 7.32
CA VAL B 17 -6.17 2.02 21.03
C VAL B 17 12.20 -8.34 7.16
C VAL B 17 -12.06 -13.74 -2.07
C VAL B 17 -1.64 -8.60 8.25
C VAL B 17 -6.31 0.78 20.13
N GLU B 18 12.78 -9.23 7.94
N GLU B 18 -11.17 -14.41 -2.78
N GLU B 18 -1.19 -9.82 8.47
N GLU B 18 -7.51 0.70 19.59
CA GLU B 18 12.73 -9.18 9.40
CA GLU B 18 -9.75 -14.45 -2.47
CA GLU B 18 0.02 -10.13 9.22
CA GLU B 18 -7.88 -0.33 18.61
C GLU B 18 14.17 -9.07 9.88
C GLU B 18 -9.04 -13.88 -3.69
C GLU B 18 0.94 -10.87 8.27
C GLU B 18 -8.30 0.42 17.36
N PRO B 19 14.39 -8.33 10.95
N PRO B 19 -7.96 -13.16 -3.48
N PRO B 19 2.23 -10.63 8.38
N PRO B 19 -8.00 -0.13 16.20
CA PRO B 19 15.72 -8.19 11.54
CA PRO B 19 -7.15 -12.59 -4.57
CA PRO B 19 3.24 -11.31 7.56
CA PRO B 19 -8.38 0.45 14.92
C PRO B 19 16.35 -9.52 11.87
C PRO B 19 -6.70 -13.66 -5.55
C PRO B 19 3.12 -12.82 7.67
C PRO B 19 -9.87 0.71 14.84
N SER B 20 15.52 -10.54 12.08
N SER B 20 -6.62 -14.90 -5.09
N SER B 20 2.56 -13.30 8.76
N SER B 20 -10.64 -0.05 15.60
CA SER B 20 16.05 -11.86 12.45
CA SER B 20 -6.15 -15.99 -5.96
CA SER B 20 2.46 -14.75 8.96
CA SER B 20 -12.11 0.09 15.54
C SER B 20 16.57 -12.60 11.24
C SER B 20 -7.24 -16.46 -6.88
C SER B 20 1.29 -15.33 8.19
C SER B 20 -12.57 1.28 16.34
N ASP B 21 16.33 -12.05 10.04
N ASP B 21 -8.47 -15.97 -6.67
N ASP B 21 0.47 -14.45 7.60
N ASP B 21 -11.65 1.91 17.08
CA ASP B 21 16.82 -12.77 8.85
CA ASP B 21 -9.56 -16.44 -7.55
CA ASP B 21 -0.69 -14.99 6.84
CA ASP B 21 -12.10 3.07 17.90
C ASP B 21 18.32 -12.70 8.78
C ASP B 21 -9.38 -15.87 -8.94
C ASP B 21 -0.22 -15.66 5.58
C ASP B 21 -12.40 4.24 16.99
N THR B 22 18.92 -13.73 8.22
N THR B 22 -9.81 -16.63 -9.94
N THR B 22 -0.94 -16.69 5.16
N THR B 22 -13.36 5.05 17.40
CA THR B 22 20.35 -13.77 8.01
CA THR B 22 -9.79 -16.17 -11.31
CA THR B 22 -0.66 -17.37 3.92
CA THR B 22 -13.71 6.26 16.69
C THR B 22 20.65 -13.05 6.67
C THR B 22 -11.06 -15.34 -11.56
C THR B 22 -1.35 -16.59 2.78
C THR B 22 -12.74 7.38 17.13
N ILE B 23 21.92 -12.66 6.56
N ILE B 23 -10.98 -14.54 -12.63
N ILE B 23 -0.84 -16.87 1.58
N ILE B 23 -12.68 8.39 16.27
CA ILE B 23 22.41 -12.04 5.33
CA ILE B 23 -12.12 -13.75 -13.07
CA ILE B 23 -1.42 -16.29 0.37
CA ILE B 23 -11.89 9.58 16.57
C ILE B 23 22.27 -13.02 4.16
C ILE B 23 -13.28 -14.67 -13.46
C ILE B 23 -2.88 -16.74 0.21
C ILE B 23 -12.41 10.26 17.83
N GLU B 24 22.51 -14.29 4.42
N GLU B 24 -12.96 -15.79 -14.06
N GLU B 24 -3.14 -17.97 0.57
N GLU B 24 -13.70 10.27 18.01
CA GLU B 24 22.34 -15.32 3.35
CA GLU B 24 -14.02 -16.78 -14.43
CA GLU B 24 -4.55 -18.49 0.52
CA GLU B 24 -14.30 10.85 19.25
C GLU B 24 20.93 -15.30 2.80
C GLU B 24 -14.80 -17.20 -13.20
C GLU B 24 -5.47 -17.63 1.36
C GLU B 24 -13.75 10.17 20.48
N ASN B 25 19.96 -15.13 3.68
N ASN B 25 -14.10 -17.40 -12.09
N ASN B 25 -4.99 -17.22 2.52
N ASN B 25 -13.59 8.87 20.41
CA ASN B 25 18.53 -15.08 3.34
CA ASN B 25 -14.67 -17.83 -10.82
CA ASN B 25 -5.74 -16.40 3.48
CA ASN B 25 -13.08 8.04 21.51
C ASN B 25 18.20 -13.87 2.47
C ASN B 25 -15.60 -16.75 -10.24
C ASN B 25 -6.01 -15.00 2.91
C ASN B 25 -11.62 8.37 21.83
N VAL B 26 18.75 -12.74 2.89
N VAL B 26 -15.12 -15.52 -10.30
N VAL B 26 -4.98 -14.44 2.31
N VAL B 26 -10.85 8.49 20.76
CA VAL B 26 18.56 -11.50 2.15
CA VAL B 26 -15.89 -14.39 -9.83
CA VAL B 26 -5.09 -13.12 1.69
CA VAL B 26 -9.44 8.85 20.89
C VAL B 26 19.06 -11.68 0.72
C VAL B 26 -17.22 -14.34 -10.58
C VAL B 26 -6.20 -13.16 0.63
C VAL B 26 -9.32 10.18 21.63
N LYS B 27 20.25 -12.26 0.60
N LYS B 27 -17.14 -14.48 -11.90
N LYS B 27 -6.16 -14.20 -0.19
N LYS B 27 -10.12 11.14 21.21
CA LYS B 27 20.84 -12.47 -0.73
CA LYS B 27 -18.34 -14.44 -12.74
CA LYS B 27 -7.17 -14.35 -1.25
CA LYS B 27 -10.11 12.47 21.84
C LYS B 27 19.95 -13.38 -1.57
C LYS B 27 -19.31 -15.55 -12.35
C LYS B 27 -8.56 -14.46 -0.67
C LYS B 27 -10.46 12.38 23.31
N ALA B 28 19.35 -14.39 -0.97
N ALA B 28 -18.80 -16.72 -12.03
N ALA B 28 -8.72 -15.13 0.45
N ALA B 28 -11.39 11.52 23.67
CA ALA B 28 18.42 -15.28 -1.67
CA ALA B 28 -19.63 -17.84 -11.58
CA ALA B 28 -10.01 -15.24 1.14
CA ALA B 28 -11.76 11.31 25.08
C ALA B 28 17.17 -14.53 -2.12
C ALA B 28 -20.28 -17.54 -10.25
C ALA B 28 -10.46 -13.90 1.67
C ALA B 28 -10.61 10.68 25.86
N LYS B 29 16.66 -13.62 -1.32
N LYS B 29 -19.60 -16.88 -9.33
N LYS B 29 -9.56 -13.07 2.17
N LYS B 29 -9.86 9.76 25.27
CA LYS B 29 15.49 -12.80 -1.73
CA LYS B 29 -20.21 -16.48 -8.04
CA LYS B 29 -9.92 -11.71 2.63
CA LYS B 29 -8.69 9.18 25.93
C LYS B 29 15.85 -11.90 -2.94
C LYS B 29 -21.34 -15.47 -8.27
C LYS B 29 -10.40 -10.85 1.45
C LYS B 29 -7.61 10.25 26.19
N ILE B 30 17.09 -11.40 -2.93
N ILE B 30 -21.14 -14.58 -9.25
N ILE B 30 -9.75 -11.04 0.30
N ILE B 30 -7.48 11.16 25.22
CA ILE B 30 17.53 -10.53 -4.03
CA ILE B 30 -22.18 -13.58 -9.54
CA ILE B 30 -10.14 -10.26 -0.89
CA ILE B 30 -6.47 12.23 25.37
C ILE B 30 17.66 -11.43 -5.27
C ILE B 30 -23.37 -14.32 -10.17
C ILE B 30 -11.52 -10.76 -1.32
C ILE B 30 -6.97 13.16 26.49
N GLN B 31 18.17 -12.62 -5.11
N GLN B 31 -23.11 -15.29 -11.01
N GLN B 31 -11.76 -12.05 -1.26
N GLN B 31 -8.26 13.43 26.54
CA GLN B 31 18.30 -13.51 -6.32
CA GLN B 31 -24.26 -16.03 -11.61
CA GLN B 31 -13.12 -12.54 -1.67
CA GLN B 31 -8.74 14.33 27.64
C GLN B 31 16.89 -13.78 -6.89
C GLN B 31 -25.05 -16.73 -10.49
C GLN B 31 -14.18 -11.92 -0.73
C GLN B 31 -8.45 13.67 29.00
N ASP B 32 16.02 -14.16 -5.98
N ASP B 32 -24.29 -17.41 -9.67
N ASP B 32 -13.89 -12.04 0.54
N ASP B 32 -8.83 12.41 29.06
CA ASP B 32 14.61 -14.43 -6.37
CA ASP B 32 -24.90 -18.13 -8.52
CA ASP B 32 -14.79 -11.48 1.57
CA ASP B 32 -8.61 11.62 30.29
C ASP B 32 14.00 -13.28 -7.11
C ASP B 32 -25.76 -17.22 -7.67
C ASP B 32 -15.10 -10.02 1.31
C ASP B 32 -7.16 11.66 30.74
N LYS B 33 14.25 -12.04 -6.66
N LYS B 33 -25.29 -15.98 -7.43
N LYS B 33 -14.09 -9.23 0.92
N LYS B 33 -6.23 11.56 29.77
CA LYS B 33 13.55 -10.92 -7.35
CA LYS B 33 -26.10 -15.14 -6.51
CA LYS B 33 -14.38 -7.78 0.78
CA LYS B 33 -4.82 11.50 30.24
C LYS B 33 14.27 -10.27 -8.48
C LYS B 33 -27.11 -14.23 -7.13
C LYS B 33 -14.79 -7.31 -0.58
C LYS B 33 -4.07 12.78 30.30
N GLU B 34 15.57 -10.27 -8.58
N GLU B 34 -26.99 -13.79 -8.36
N GLU B 34 -14.44 -7.93 -1.68
N GLU B 34 -4.39 13.82 29.57
CA GLU B 34 16.32 -9.64 -9.65
CA GLU B 34 -27.93 -12.91 -9.01
CA GLU B 34 -14.80 -7.52 -3.02
CA GLU B 34 -3.70 15.09 29.60
C GLU B 34 17.23 -10.58 -10.38
C GLU B 34 -28.50 -13.47 -10.31
C GLU B 34 -15.53 -8.56 -3.80
C GLU B 34 -4.59 16.27 29.91
N GLY B 35 17.35 -11.81 -9.92
N GLY B 35 -27.99 -14.60 -10.76
N GLY B 35 -15.65 -9.77 -3.27
N GLY B 35 -5.89 16.05 30.00
CA GLY B 35 18.14 -12.83 -10.57
CA GLY B 35 -28.49 -15.27 -11.93
CA GLY B 35 -16.38 -10.84 -3.89
CA GLY B 35 -6.83 17.06 30.36
C GLY B 35 19.61 -12.84 -10.37
C GLY B 35 -28.05 -14.79 -13.25
C GLY B 35 -15.73 -11.62 -4.95
C GLY B 35 -7.29 18.01 29.33
N ILE B 36 20.12 -11.97 -9.49
N ILE B 36 -27.11 -13.84 -13.30
N ILE B 36 -14.44 -11.37 -5.22
N ILE B 36 -6.89 17.81 28.06
CA ILE B 36 21.58 -11.97 -9.27
CA ILE B 36 -26.64 -13.37 -14.61
CA ILE B 36 -13.77 -12.16 -6.27
CA ILE B 36 -7.34 18.73 27.01
C ILE B 36 21.98 -13.09 -8.33
C ILE B 36 -25.64 -14.32 -15.22
C ILE B 36 -13.36 -13.52 -5.77
C ILE B 36 -8.76 18.41 26.57
N PRO B 37 22.91 -13.93 -8.77
N PRO B 37 -25.91 -14.78 -16.44
N PRO B 37 -13.79 -14.57 -6.45
N PRO B 37 -9.65 19.40 26.63
CA PRO B 37 23.43 -15.04 -7.96
CA PRO B 37 -25.01 -15.70 -17.17
CA PRO B 37 -13.45 -15.96 -6.10
CA PRO B 37 -11.05 19.24 26.20
C PRO B 37 24.01 -14.54 -6.65
C PRO B 37 -23.63 -15.08 -17.33
C PRO B 37 -11.95 -16.16 -6.08
C PRO B 37 -11.12 18.79 24.75
N PRO B 38 23.75 -15.20 -5.54
N PRO B 38 -22.57 -15.84 -17.12
N PRO B 38 -11.42 -16.85 -5.10
N PRO B 38 -11.97 17.86 24.41
CA PRO B 38 24.28 -14.74 -4.25
CA PRO B 38 -21.21 -15.28 -17.24
CA PRO B 38 -9.96 -17.05 -5.03
CA PRO B 38 -12.07 17.38 23.02
C PRO B 38 25.78 -14.62 -4.22
C PRO B 38 -20.94 -14.67 -18.60
C PRO B 38 -9.38 -17.71 -6.26
C PRO B 38 -12.36 18.48 22.04
N ASP B 39 26.47 -15.46 -4.95
N ASP B 39 -21.53 -15.19 -19.65
N ASP B 39 -10.13 -18.56 -6.90
N ASP B 39 -13.11 19.48 22.43
CA ASP B 39 27.97 -15.43 -4.93
CA ASP B 39 -21.26 -14.68 -21.01
CA ASP B 39 -9.61 -19.29 -8.10
CA ASP B 39 -13.48 20.58 21.50
C ASP B 39 28.54 -14.18 -5.58
C ASP B 39 -21.82 -13.28 -21.23
C ASP B 39 -9.38 -18.37 -9.28
C ASP B 39 -12.29 21.43 21.09
N GLN B 40 27.70 -13.45 -6.31
N GLN B 40 -22.70 -12.84 -20.33
N GLN B 40 -9.95 -17.17 -9.22
N GLN B 40 -11.20 21.30 21.82
CA GLN B 40 28.17 -12.20 -6.93
CA GLN B 40 -23.27 -11.48 -20.45
CA GLN B 40 -9.75 -16.21 -10.33
CA GLN B 40 -9.98 22.08 21.46
C GLN B 40 27.83 -10.97 -6.09
C GLN B 40 -22.50 -10.47 -19.58
C GLN B 40 -8.61 -15.22 -10.03
C GLN B 40 -9.00 21.25 20.61
N GLN B 41 27.01 -11.13 -5.07
N GLN B 41 -21.63 -10.93 -18.70
N GLN B 41 -8.11 -15.20 -8.81
N GLN B 41 -9.23 19.97 20.49
CA GLN B 41 26.56 -10.05 -4.23
CA GLN B 41 -20.89 -10.09 -17.79
CA GLN B 41 -7.08 -14.29 -8.39
CA GLN B 41 -8.36 19.08 19.75
C GLN B 41 27.49 -9.68 -3.09
C GLN B 41 -19.62 -9.49 -18.35
C GLN B 41 -5.66 -14.74 -8.69
C GLN B 41 -8.60 19.00 18.26
N ARG B 42 27.78 -8.38 -3.00
N ARG B 42 -19.51 -8.17 -18.17
N ARG B 42 -4.90 -13.83 -9.30
N ARG B 42 -7.52 19.16 17.51
CA ARG B 42 28.53 -7.84 -1.83
CA ARG B 42 -18.24 -7.45 -18.49
CA ARG B 42 -3.44 -14.04 -9.50
CA ARG B 42 -7.55 18.94 16.03
C ARG B 42 27.61 -6.79 -1.22
C ARG B 42 -17.80 -6.80 -17.19
C ARG B 42 -2.78 -12.87 -8.80
C ARG B 42 -6.53 17.85 15.78
N LEU B 43 27.15 -6.98 0.02
N LEU B 43 -16.66 -7.19 -16.63
N LEU B 43 -1.99 -13.10 -7.74
N LEU B 43 -6.93 16.67 15.29
CA LEU B 43 26.19 -6.02 0.62
CA LEU B 43 -16.23 -6.62 -15.33
CA LEU B 43 -1.37 -11.97 -7.00
CA LEU B 43 -5.98 15.56 15.08
C LEU B 43 26.92 -5.13 1.63
C LEU B 43 -15.14 -5.58 -15.54
C LEU B 43 0.11 -11.86 -7.37
C LEU B 43 -5.65 15.42 13.60
N ILE B 44 26.73 -3.82 1.50
N ILE B 44 -15.32 -4.41 -14.94
N ILE B 44 0.52 -10.64 -7.71
N ILE B 44 -4.36 15.37 13.30
CA ILE B 44 27.39 -2.83 2.35
CA ILE B 44 -14.39 -3.30 -15.08
CA ILE B 44 1.88 -10.35 -8.14
CA ILE B 44 -3.87 15.29 11.92
C ILE B 44 26.39 -1.96 3.09
C ILE B 44 -13.84 -2.83 -13.74
C ILE B 44 2.56 -9.32 -7.25
C ILE B 44 -3.01 14.06 11.69
N PHE B 45 26.63 -1.82 4.41
N PHE B 45 -12.49 -2.68 -13.70
N PHE B 45 3.80 -9.65 -6.83
N PHE B 45 -3.34 13.35 10.57
CA PHE B 45 25.79 -0.96 5.27
CA PHE B 45 -11.80 -2.19 -12.50
CA PHE B 45 4.61 -8.74 -6.01
CA PHE B 45 -2.57 12.15 10.17
C PHE B 45 26.75 -0.34 6.29
C PHE B 45 -10.64 -1.32 -13.01
C PHE B 45 6.07 -8.95 -6.47
C PHE B 45 -2.56 12.18 8.63
N ALA B 46 26.62 0.96 6.37
N ALA B 46 -10.61 -0.14 -12.44
N ALA B 46 6.67 -7.82 -6.76
N ALA B 46 -1.35 12.03 8.15
CA ALA B 46 27.38 1.80 7.32
CA ALA B 46 -9.56 0.87 -12.72
CA ALA B 46 8.08 -7.74 -7.17
CA ALA B 46 -1.05 11.97 6.71
C ALA B 46 28.85 1.46 7.27
C ALA B 46 -9.36 1.03 -14.21
C ALA B 46 8.39 -8.75 -8.26
C ALA B 46 -1.75 13.10 5.97
N GLY B 47 29.34 1.35 6.07
N GLY B 47 -10.46 1.14 -14.89
N GLY B 47 7.50 -8.79 -9.23
N GLY B 47 -1.63 14.26 6.52
CA GLY B 47 30.69 1.03 5.68
CA GLY B 47 -10.62 1.31 -16.31
CA GLY B 47 7.48 -9.61 -10.39
CA GLY B 47 -2.16 15.52 6.09
C GLY B 47 31.23 -0.32 6.08
C GLY B 47 -10.10 0.20 -17.20
C GLY B 47 7.40 -11.10 -10.18
C GLY B 47 -3.66 15.65 6.01
N LYS B 48 30.38 -1.26 6.38
N LYS B 48 -9.94 -0.98 -16.67
N LYS B 48 6.93 -11.53 -9.04
N LYS B 48 -4.39 14.81 6.70
CA LYS B 48 30.79 -2.62 6.74
CA LYS B 48 -9.49 -2.13 -17.47
CA LYS B 48 6.77 -12.97 -8.74
CA LYS B 48 -5.86 14.88 6.73
C LYS B 48 30.28 -3.56 5.64
C LYS B 48 -10.65 -3.15 -17.49
C LYS B 48 5.25 -13.23 -8.58
C LYS B 48 -6.27 15.24 8.18
N GLN B 49 31.05 -4.56 5.29
N GLN B 49 -10.85 -3.82 -18.59
N GLN B 49 4.78 -14.35 -9.04
N GLN B 49 -7.28 16.04 8.34
CA GLN B 49 30.57 -5.58 4.32
CA GLN B 49 -11.88 -4.90 -18.63
CA GLN B 49 3.35 -14.70 -8.80
CA GLN B 49 -7.80 16.33 9.70
C GLN B 49 29.80 -6.58 5.18
C GLN B 49 -11.13 -6.13 -18.12
C GLN B 49 3.36 -15.37 -7.43
C GLN B 49 -8.77 15.18 9.97
N LEU B 50 28.59 -6.92 4.81
N LEU B 50 -11.70 -6.84 -17.18
N LEU B 50 2.49 -14.96 -6.54
N LEU B 50 -8.66 14.53 11.11
CA LEU B 50 27.74 -7.81 5.61
CA LEU B 50 -11.03 -7.99 -16.55
CA LEU B 50 2.48 -15.48 -5.15
CA LEU B 50 -9.48 13.36 11.43
C LEU B 50 28.14 -9.26 5.40
C LEU B 50 -11.15 -9.22 -17.45
C LEU B 50 1.79 -16.83 -5.11
C LEU B 50 -10.86 13.80 11.90
N GLU B 51 28.18 -10.04 6.48
N GLU B 51 -10.07 -9.99 -17.57
N GLU B 51 2.35 -17.77 -4.35
N GLU B 51 -11.91 13.11 11.45
CA GLU B 51 28.61 -11.45 6.36
CA GLU B 51 -10.08 -11.16 -18.47
CA GLU B 51 1.77 -19.13 -4.29
CA GLU B 51 -13.29 13.51 11.81
C GLU B 51 27.42 -12.36 6.38
C GLU B 51 -10.26 -12.42 -17.66
C GLU B 51 0.96 -19.29 -3.02
C GLU B 51 -13.81 12.61 12.90
N ASP B 52 27.38 -13.40 5.57
N ASP B 52 -11.03 -13.37 -18.11
N ASP B 52 -0.17 -19.95 -3.06
N ASP B 52 -14.52 13.12 13.88
CA ASP B 52 26.27 -14.32 5.40
CA ASP B 52 -11.37 -14.61 -17.40
CA ASP B 52 -1.10 -20.11 -1.94
CA ASP B 52 -15.02 12.40 15.04
C ASP B 52 25.57 -14.92 6.61
C ASP B 52 -10.29 -15.45 -16.76
C ASP B 52 -0.60 -20.56 -0.58
C ASP B 52 -15.74 11.07 14.89
N GLY B 53 26.31 -15.33 7.61
N GLY B 53 -9.17 -15.64 -17.43
N GLY B 53 0.29 -21.53 -0.54
N GLY B 53 -16.60 10.94 13.90
CA GLY B 53 25.79 -15.99 8.83
CA GLY B 53 -8.05 -16.48 -16.97
CA GLY B 53 0.83 -22.11 0.70
CA GLY B 53 -17.42 9.74 13.65
C GLY B 53 25.27 -15.08 9.89
C GLY B 53 -7.10 -15.84 -16.01
C GLY B 53 1.95 -21.37 1.35
C GLY B 53 -16.76 8.65 12.89
N ARG B 54 25.47 -13.77 9.77
N ARG B 54 -7.20 -14.53 -15.78
N ARG B 54 2.51 -20.35 0.70
N ARG B 54 -15.58 8.88 12.33
CA ARG B 54 24.93 -12.80 10.75
CA ARG B 54 -6.34 -13.84 -14.79
CA ARG B 54 3.57 -19.52 1.31
CA ARG B 54 -14.82 7.82 11.61
C ARG B 54 23.49 -12.47 10.34
C ARG B 54 -7.00 -13.99 -13.42
C ARG B 54 2.90 -18.43 2.13
C ARG B 54 -14.02 7.04 12.65
N THR B 55 22.75 -11.86 11.22
N THR B 55 -6.25 -13.70 -12.38
N THR B 55 3.67 -17.78 2.98
N THR B 55 -13.52 5.89 12.26
CA THR B 55 21.37 -11.40 10.97
CA THR B 55 -6.73 -13.72 -10.98
CA THR B 55 3.20 -16.65 3.81
CA THR B 55 -12.66 5.03 13.10
C THR B 55 21.43 -9.87 10.80
C THR B 55 -6.92 -12.24 -10.55
C THR B 55 3.76 -15.35 3.16
C THR B 55 -11.21 5.20 12.57
N LEU B 56 20.37 -9.31 10.26
N LEU B 56 -7.64 -12.06 -9.46
N LEU B 56 3.21 -14.23 3.58
N LEU B 56 -10.27 4.77 13.38
CA LEU B 56 20.24 -7.85 10.08
CA LEU B 56 -7.86 -10.72 -8.89
CA LEU B 56 3.67 -12.92 3.10
CA LEU B 56 -8.84 4.79 13.01
C LEU B 56 20.30 -7.20 11.46
C LEU B 56 -6.50 -10.14 -8.50
C LEU B 56 5.13 -12.75 3.52
C LEU B 56 -8.66 3.92 11.78
N SER B 57 19.72 -7.85 12.48
N SER B 57 -5.57 -10.99 -8.02
N SER B 57 5.50 -13.25 4.72
N SER B 57 -9.40 2.81 11.70
CA SER B 57 19.76 -7.20 13.82
CA SER B 57 -4.26 -10.42 -7.63
CA SER B 57 6.90 -13.08 5.14
CA SER B 57 -9.22 1.94 10.50
C SER B 57 21.17 -7.07 14.34
C SER B 57 -3.53 -9.84 -8.81
C SER B 57 7.87 -13.79 4.22
C SER B 57 -9.60 2.65 9.22
N ASP B 58 22.05 -7.97 13.94
N ASP B 58 -3.75 -10.38 -10.00
N ASP B 58 7.43 -14.88 3.61
N ASP B 58 -10.56 3.56 9.30
CA ASP B 58 23.48 -7.92 14.38
CA ASP B 58 -3.08 -9.88 -11.23
CA ASP B 58 8.29 -15.65 2.68
CA ASP B 58 -11.01 4.32 8.11
C ASP B 58 24.10 -6.56 14.04
C ASP B 58 -3.34 -8.38 -11.41
C ASP B 58 8.82 -14.76 1.55
C ASP B 58 -9.83 5.02 7.42
N TYR B 59 23.76 -6.08 12.88
N TYR B 59 -4.54 -7.98 -11.10
N TYR B 59 7.96 -13.88 1.10
N TYR B 59 -8.95 5.54 8.23
CA TYR B 59 24.22 -4.79 12.37
CA TYR B 59 -5.00 -6.60 -11.19
CA TYR B 59 8.27 -12.92 0.04
CA TYR B 59 -7.74 6.23 7.80
C TYR B 59 23.32 -3.64 12.73
C TYR B 59 -4.81 -5.83 -9.90
C TYR B 59 8.79 -11.60 0.57
C TYR B 59 -6.56 5.31 7.64
N ASN B 60 22.27 -3.80 13.52
N ASN B 60 -4.19 -6.36 -8.86
N ASN B 60 9.03 -11.42 1.86
N ASN B 60 -6.66 4.01 7.82
CA ASN B 60 21.41 -2.65 13.85
CA ASN B 60 -4.03 -5.58 -7.62
CA ASN B 60 9.53 -10.12 2.33
CA ASN B 60 -5.47 3.15 7.66
C ASN B 60 20.84 -2.01 12.60
C ASN B 60 -5.37 -5.11 -7.08
C ASN B 60 8.58 -8.99 1.96
C ASN B 60 -4.36 3.57 8.62
N ILE B 61 20.35 -2.83 11.68
N ILE B 61 -6.34 -6.01 -7.04
N ILE B 61 7.30 -9.19 2.17
N ILE B 61 -4.72 3.81 9.87
CA ILE B 61 19.67 -2.30 10.46
CA ILE B 61 -7.67 -5.70 -6.44
CA ILE B 61 6.29 -8.12 1.92
CA ILE B 61 -3.70 4.14 10.91
C ILE B 61 18.21 -2.12 10.82
C ILE B 61 -7.55 -6.03 -4.95
C ILE B 61 6.18 -7.33 3.22
C ILE B 61 -3.25 2.80 11.50
N GLN B 62 17.70 -0.92 10.80
N GLN B 62 -7.68 -5.07 -4.08
N GLN B 62 6.54 -6.07 3.23
N GLN B 62 -2.01 2.43 11.35
CA GLN B 62 16.30 -0.62 11.20
CA GLN B 62 -7.52 -5.27 -2.61
CA GLN B 62 6.54 -5.22 4.46
CA GLN B 62 -1.47 1.13 11.82
C GLN B 62 15.45 -0.38 9.96
C GLN B 62 -8.89 -5.28 -1.95
C GLN B 62 5.32 -4.29 4.43
C GLN B 62 -0.67 1.33 13.11
N LYS B 63 14.12 -0.31 10.11
N LYS B 63 -8.97 -5.65 -0.67
N LYS B 63 5.05 -3.62 5.54
N LYS B 63 -0.30 0.25 13.78
CA LYS B 63 13.22 -0.15 8.99
CA LYS B 63 -10.22 -5.77 0.04
CA LYS B 63 3.88 -2.76 5.66
CA LYS B 63 0.41 0.32 15.04
C LYS B 63 13.62 1.07 8.18
C LYS B 63 -10.97 -4.44 -0.05
C LYS B 63 3.89 -1.73 4.53
C LYS B 63 1.67 1.17 14.86
N GLU B 64 13.45 0.89 6.86
N GLU B 64 -12.30 -4.62 -0.17
N GLU B 64 2.66 -1.47 4.07
N GLU B 64 1.92 1.93 15.94
CA GLU B 64 13.73 1.86 5.84
CA GLU B 64 -13.27 -3.57 -0.27
CA GLU B 64 2.35 -0.54 3.01
CA GLU B 64 3.05 2.82 16.08
C GLU B 64 15.16 2.25 5.62
C GLU B 64 -13.25 -2.71 -1.50
C GLU B 64 2.82 -0.88 1.62
C GLU B 64 3.09 4.03 15.20
N SER B 65 16.05 1.39 6.09
N SER B 65 -12.63 -3.24 -2.54
N SER B 65 3.12 -2.15 1.43
N SER B 65 1.93 4.37 14.67
CA SER B 65 17.50 1.52 5.89
CA SER B 65 -12.59 -2.64 -3.87
CA SER B 65 3.49 -2.72 0.13
CA SER B 65 1.72 5.58 13.87
C SER B 65 17.79 1.22 4.40
C SER B 65 -14.02 -2.76 -4.48
C SER B 65 2.21 -2.73 -0.75
C SER B 65 1.80 6.80 14.83
N THR B 66 18.91 1.67 3.90
N THR B 66 -14.32 -1.95 -5.45
N THR B 66 2.38 -2.80 -2.04
N THR B 66 2.06 7.96 14.30
CA THR B 66 19.34 1.38 2.53
CA THR B 66 -15.60 -2.02 -6.17
CA THR B 66 1.25 -2.91 -2.97
CA THR B 66 2.08 9.20 15.09
C THR B 66 20.67 0.61 2.60
C THR B 66 -15.31 -2.30 -7.65
C THR B 66 1.41 -4.21 -3.77
C THR B 66 1.00 10.14 14.53
N LEU B 67 20.75 -0.55 1.93
N LEU B 67 -15.93 -3.34 -8.22
N LEU B 67 0.36 -5.06 -3.77
N LEU B 67 0.12 10.64 15.38
CA LEU B 67 22.03 -1.27 1.86
CA LEU B 67 -15.78 -3.59 -9.66
CA LEU B 67 0.39 -6.27 -4.60
CA LEU B 67 -0.86 11.64 14.93
C LEU B 67 22.57 -1.01 0.44
C LEU B 67 -17.09 -3.10 -10.30
C LEU B 67 -0.48 -5.97 -5.83
C LEU B 67 -0.35 13.00 15.46
N HIS B 68 23.85 -1.09 0.27
N HIS B 68 -17.05 -2.74 -11.54
N HIS B 68 -0.23 -6.62 -6.91
N HIS B 68 -0.71 14.06 14.83
CA HIS B 68 24.41 -0.88 -1.09
CA HIS B 68 -18.30 -2.31 -12.21
CA HIS B 68 -1.08 -6.39 -8.10
CA HIS B 68 -0.28 15.38 15.34
C HIS B 68 24.80 -2.27 -1.59
C HIS B 68 -18.70 -3.46 -13.12
C HIS B 68 -1.99 -7.61 -8.22
C HIS B 68 -1.52 16.01 15.97
N LEU B 69 24.48 -2.57 -2.84
N LEU B 69 -19.98 -3.81 -13.12
N LEU B 69 -3.26 -7.40 -8.48
N LEU B 69 -1.34 16.60 17.15
CA LEU B 69 24.87 -3.83 -3.46
CA LEU B 69 -20.51 -4.84 -14.01
CA LEU B 69 -4.21 -8.48 -8.69
CA LEU B 69 -2.43 17.31 17.82
C LEU B 69 25.96 -3.63 -4.47
C LEU B 69 -21.33 -4.25 -15.12
C LEU B 69 -4.60 -8.60 -10.13
C LEU B 69 -2.24 18.79 17.77
N VAL B 70 27.11 -4.17 -4.27
N VAL B 70 -20.94 -4.38 -16.34
N VAL B 70 -4.29 -9.68 -10.78
N VAL B 70 -3.10 19.52 17.13
CA VAL B 70 28.20 -4.10 -5.29
CA VAL B 70 -21.77 -3.90 -17.49
CA VAL B 70 -4.75 -9.89 -12.18
CA VAL B 70 -3.02 21.00 17.14
C VAL B 70 28.28 -5.53 -5.84
C VAL B 70 -22.27 -5.21 -18.13
C VAL B 70 -5.82 -10.98 -12.06
C VAL B 70 -4.20 21.43 18.03
N LEU B 71 28.45 -5.68 -7.14
N LEU B 71 -23.52 -5.23 -18.54
N LEU B 71 -6.90 -10.87 -12.79
N LEU B 71 -4.00 22.43 18.86
CA LEU B 71 28.58 -7.02 -7.74
CA LEU B 71 -24.07 -6.44 -19.21
CA LEU B 71 -7.96 -11.90 -12.75
CA LEU B 71 -5.09 22.92 19.73
C LEU B 71 30.03 -7.38 -7.90
C LEU B 71 -23.99 -6.27 -20.70
C LEU B 71 -7.77 -12.88 -13.88
C LEU B 71 -5.75 24.11 19.08
N MET A 1 6.38 18.40 -20.67
CA MET A 1 5.74 19.56 -20.05
C MET A 1 6.28 19.67 -18.60
N GLN A 2 6.34 20.88 -18.14
CA GLN A 2 6.81 21.11 -16.74
C GLN A 2 5.61 21.10 -15.81
N ILE A 3 5.80 20.45 -14.66
CA ILE A 3 4.77 20.47 -13.61
C ILE A 3 5.53 20.83 -12.30
N PHE A 4 4.75 21.23 -11.33
CA PHE A 4 5.40 21.59 -10.01
C PHE A 4 4.91 20.64 -8.96
N VAL A 5 5.74 20.16 -8.03
CA VAL A 5 5.27 19.32 -6.95
C VAL A 5 5.58 20.10 -5.65
N LYS A 6 4.57 20.50 -4.95
CA LYS A 6 4.78 21.30 -3.70
C LYS A 6 4.77 20.35 -2.53
N THR A 7 5.82 20.41 -1.68
CA THR A 7 5.88 19.52 -0.51
C THR A 7 5.42 20.27 0.74
N LEU A 8 5.24 19.58 1.84
CA LEU A 8 4.74 20.24 3.07
C LEU A 8 5.81 21.08 3.74
N THR A 9 7.06 21.03 3.24
CA THR A 9 8.08 21.90 3.94
C THR A 9 8.35 23.16 3.18
N GLY A 10 7.52 23.50 2.24
CA GLY A 10 7.67 24.69 1.43
C GLY A 10 8.68 24.63 0.33
N LYS A 11 9.10 23.43 0.00
CA LYS A 11 10.01 23.21 -1.12
C LYS A 11 9.11 22.84 -2.31
N THR A 12 9.42 23.38 -3.48
CA THR A 12 8.62 22.98 -4.66
C THR A 12 9.61 22.35 -5.64
N ILE A 13 9.25 21.19 -6.17
CA ILE A 13 10.23 20.60 -7.13
C ILE A 13 9.65 20.67 -8.52
N THR A 14 10.47 20.94 -9.51
CA THR A 14 9.89 20.97 -10.89
C THR A 14 10.25 19.66 -11.57
N LEU A 15 9.33 19.09 -12.33
CA LEU A 15 9.58 17.83 -13.01
C LEU A 15 9.25 18.02 -14.49
N GLU A 16 9.89 17.22 -15.31
CA GLU A 16 9.51 17.26 -16.76
C GLU A 16 8.85 15.92 -17.00
N VAL A 17 7.60 16.03 -17.42
CA VAL A 17 6.77 14.86 -17.67
C VAL A 17 5.93 15.04 -18.95
N GLU A 18 5.32 13.93 -19.31
CA GLU A 18 4.37 13.84 -20.41
C GLU A 18 3.06 13.38 -19.82
N PRO A 19 1.95 13.87 -20.34
CA PRO A 19 0.61 13.47 -19.90
C PRO A 19 0.43 11.98 -19.97
N SER A 20 1.19 11.31 -20.81
CA SER A 20 1.03 9.85 -20.98
C SER A 20 1.72 9.11 -19.87
N ASP A 21 2.49 9.83 -19.05
CA ASP A 21 3.19 9.10 -17.96
C ASP A 21 2.21 8.63 -16.92
N THR A 22 2.51 7.52 -16.30
CA THR A 22 1.71 6.99 -15.21
C THR A 22 2.16 7.68 -13.91
N ILE A 23 1.25 7.61 -12.94
CA ILE A 23 1.52 8.13 -11.60
C ILE A 23 2.72 7.40 -10.98
N GLU A 24 2.80 6.12 -11.24
CA GLU A 24 3.98 5.32 -10.73
C GLU A 24 5.27 5.90 -11.23
N CYS A 25 5.30 6.34 -12.52
CA CYS A 25 6.50 6.91 -13.13
C CYS A 25 6.85 8.24 -12.50
N VAL A 26 5.82 9.05 -12.28
CA VAL A 26 6.04 10.34 -11.65
C VAL A 26 6.71 10.15 -10.29
N LYS A 27 6.18 9.20 -9.52
CA LYS A 27 6.74 8.92 -8.19
C LYS A 27 8.19 8.48 -8.29
N ALA A 28 8.54 7.70 -9.30
CA ALA A 28 9.92 7.29 -9.53
C ALA A 28 10.80 8.47 -9.89
N LYS A 29 10.31 9.43 -10.66
CA LYS A 29 11.09 10.64 -10.97
C LYS A 29 11.35 11.47 -9.69
N ILE A 30 10.35 11.49 -8.81
CA ILE A 30 10.50 12.25 -7.55
C ILE A 30 11.53 11.50 -6.70
N GLN A 31 11.49 10.19 -6.69
CA GLN A 31 12.50 9.45 -5.86
C GLN A 31 13.90 9.76 -6.40
N ASP A 32 14.01 9.63 -7.70
CA ASP A 32 15.30 9.91 -8.37
C ASP A 32 15.83 11.29 -8.03
N LYS A 33 14.94 12.30 -7.98
CA LYS A 33 15.50 13.66 -7.74
C LYS A 33 15.53 14.13 -6.33
N GLU A 34 14.74 13.67 -5.41
CA GLU A 34 14.73 14.09 -4.02
C GLU A 34 14.92 12.96 -3.04
N GLY A 35 14.94 11.73 -3.52
CA GLY A 35 15.18 10.58 -2.69
C GLY A 35 14.07 10.02 -1.89
N ILE A 36 12.84 10.55 -2.06
CA ILE A 36 11.72 10.01 -1.29
C ILE A 36 11.20 8.72 -1.91
N PRO A 37 11.15 7.65 -1.13
CA PRO A 37 10.64 6.34 -1.58
C PRO A 37 9.21 6.46 -2.09
N PRO A 38 8.88 5.84 -3.19
CA PRO A 38 7.51 5.95 -3.73
C PRO A 38 6.45 5.52 -2.76
N ASP A 39 6.74 4.57 -1.90
CA ASP A 39 5.72 4.05 -0.95
C ASP A 39 5.34 5.08 0.11
N GLN A 40 6.16 6.11 0.23
CA GLN A 40 5.83 7.18 1.22
C GLN A 40 5.08 8.36 0.58
N GLN A 41 5.02 8.40 -0.74
CA GLN A 41 4.40 9.48 -1.46
C GLN A 41 2.90 9.36 -1.66
N ARG A 42 2.21 10.46 -1.32
CA ARG A 42 0.75 10.57 -1.60
C ARG A 42 0.62 11.80 -2.48
N LEU A 43 0.18 11.67 -3.73
CA LEU A 43 0.09 12.84 -4.63
C LEU A 43 -1.35 13.30 -4.76
N ILE A 44 -1.57 14.59 -4.57
CA ILE A 44 -2.91 15.19 -4.61
C ILE A 44 -3.02 16.28 -5.66
N PHE A 45 -4.11 16.19 -6.46
CA PHE A 45 -4.39 17.20 -7.50
C PHE A 45 -5.92 17.33 -7.53
N ALA A 46 -6.32 18.58 -7.46
CA ALA A 46 -7.74 18.98 -7.52
C ALA A 46 -8.59 18.14 -6.58
N GLY A 47 -8.08 17.99 -5.40
CA GLY A 47 -8.62 17.24 -4.29
C GLY A 47 -8.80 15.76 -4.47
N CYS A 48 -8.13 15.15 -5.41
CA CYS A 48 -8.12 13.71 -5.63
C CYS A 48 -6.78 13.12 -5.25
N GLN A 49 -6.74 11.97 -4.70
CA GLN A 49 -5.43 11.30 -4.47
C GLN A 49 -5.16 10.55 -5.77
N LEU A 50 -3.98 10.72 -6.33
CA LEU A 50 -3.65 10.11 -7.64
C LEU A 50 -3.29 8.65 -7.46
N GLU A 51 -3.77 7.80 -8.37
CA GLU A 51 -3.53 6.34 -8.25
C GLU A 51 -2.42 5.92 -9.18
N ASP A 52 -1.53 5.06 -8.79
CA ASP A 52 -0.35 4.62 -9.54
C ASP A 52 -0.48 4.20 -10.99
N GLY A 53 -1.50 3.45 -11.32
CA GLY A 53 -1.74 2.91 -12.67
C GLY A 53 -2.40 3.82 -13.65
N ARG A 54 -2.89 4.98 -13.21
CA ARG A 54 -3.49 5.96 -14.13
C ARG A 54 -2.37 6.83 -14.68
N THR A 55 -2.66 7.57 -15.72
CA THR A 55 -1.72 8.53 -16.36
C THR A 55 -2.16 9.94 -15.93
N LEU A 56 -1.27 10.90 -16.12
CA LEU A 56 -1.55 12.31 -15.83
C LEU A 56 -2.72 12.75 -16.70
N SER A 57 -2.80 12.25 -17.95
CA SER A 57 -3.93 12.69 -18.80
C SER A 57 -5.26 12.26 -18.24
N ASP A 58 -5.29 11.15 -17.53
CA ASP A 58 -6.56 10.64 -16.93
C ASP A 58 -7.20 11.71 -16.05
N TYR A 59 -6.37 12.41 -15.33
CA TYR A 59 -6.76 13.49 -14.42
C TYR A 59 -6.79 14.84 -15.09
N ASN A 60 -6.55 14.98 -16.38
CA ASN A 60 -6.58 16.32 -16.99
C ASN A 60 -5.58 17.25 -16.32
N ILE A 61 -4.36 16.77 -16.10
CA ILE A 61 -3.28 17.62 -15.54
C ILE A 61 -2.59 18.28 -16.73
N GLN A 62 -2.64 19.57 -16.85
CA GLN A 62 -2.07 20.32 -18.00
C GLN A 62 -0.74 20.97 -17.58
N LYS A 63 0.04 21.51 -18.58
CA LYS A 63 1.33 22.10 -18.24
C LYS A 63 1.17 23.16 -17.17
N GLU A 64 2.22 23.18 -16.36
CA GLU A 64 2.37 24.09 -15.26
C GLU A 64 1.44 23.96 -14.10
N SER A 65 0.81 22.79 -14.03
CA SER A 65 -0.07 22.42 -12.91
C SER A 65 0.84 22.18 -11.68
N THR A 66 0.25 22.25 -10.50
CA THR A 66 0.96 21.97 -9.25
C THR A 66 0.29 20.77 -8.56
N LEU A 67 1.06 19.74 -8.22
CA LEU A 67 0.49 18.62 -7.46
C LEU A 67 0.98 18.81 -6.00
N HIS A 68 0.26 18.31 -5.06
CA HIS A 68 0.72 18.43 -3.66
C HIS A 68 1.24 17.05 -3.26
N LEU A 69 2.38 17.02 -2.60
CA LEU A 69 2.96 15.77 -2.10
C LEU A 69 2.83 15.67 -0.60
N VAL A 70 2.10 14.73 -0.09
CA VAL A 70 2.03 14.52 1.38
C VAL A 70 2.81 13.21 1.60
N LEU A 71 3.60 13.15 2.65
CA LEU A 71 4.36 11.93 2.95
C LEU A 71 3.61 11.09 3.95
N ARG A 72 3.54 9.80 3.73
N ARG A 72 3.62 9.78 3.72
N ARG A 72 3.50 9.80 3.76
N ARG A 72 3.67 9.77 3.76
CA ARG A 72 2.82 8.91 4.66
CA ARG A 72 2.97 8.77 4.59
CA ARG A 72 2.73 8.98 4.73
CA ARG A 72 3.06 8.79 4.68
C ARG A 72 3.85 8.46 5.69
C ARG A 72 1.55 8.62 4.06
C ARG A 72 3.42 7.62 4.74
C ARG A 72 1.61 8.64 4.22
N LEU A 73 3.62 8.59 6.96
N LEU A 73 0.93 7.49 4.16
N LEU A 73 2.99 6.66 5.50
N LEU A 73 1.04 7.48 4.23
CA LEU A 73 4.64 8.16 7.94
CA LEU A 73 -0.46 7.36 3.63
CA LEU A 73 3.67 5.34 5.50
CA LEU A 73 -0.37 7.35 3.78
C LEU A 73 3.98 7.83 9.27
C LEU A 73 -1.20 6.29 4.40
C LEU A 73 5.13 5.51 5.88
C LEU A 73 -0.97 6.04 4.30
N ARG A 74 4.27 8.68 10.24
N ARG A 74 -2.10 5.64 3.67
N ARG A 74 5.32 6.13 7.02
N ARG A 74 -0.07 5.23 4.83
CA ARG A 74 3.74 8.53 11.61
CA ARG A 74 -2.94 4.57 4.23
CA ARG A 74 6.66 6.40 7.56
CA ARG A 74 -0.44 3.91 5.36
C ARG A 74 3.88 7.07 12.03
C ARG A 74 -2.18 3.25 4.15
C ARG A 74 7.35 5.07 7.86
C ARG A 74 0.52 3.56 6.51
N GLY A 75 5.03 6.49 11.67
N GLY A 75 -2.58 2.43 3.18
N GLY A 75 6.56 4.14 8.38
N GLY A 75 0.07 2.62 7.34
CA GLY A 75 5.35 5.11 11.97
CA GLY A 75 -1.99 1.12 2.95
CA GLY A 75 7.03 2.81 8.74
CA GLY A 75 0.81 2.16 8.50
C GLY A 75 4.81 4.09 10.96
C GLY A 75 -2.69 0.28 1.90
C GLY A 75 5.99 1.91 9.39
C GLY A 75 1.65 0.92 8.26
N GLY A 76 5.05 2.84 11.29
N GLY A 76 -2.33 -0.99 1.90
N GLY A 76 6.48 0.76 9.82
N GLY A 76 1.89 0.23 9.36
CA GLY A 76 4.63 1.67 10.51
CA GLY A 76 -2.86 -2.01 1.00
CA GLY A 76 5.69 -0.27 10.49
CA GLY A 76 2.67 -1.02 9.42
C GLY A 76 4.92 0.40 11.34
C GLY A 76 -3.53 -3.11 1.84
C GLY A 76 5.98 -1.63 9.82
C GLY A 76 1.91 -2.03 10.29
N MET B 1 8.32 -9.10 7.14
N MET B 1 -8.38 -12.85 -0.44
N MET B 1 -1.32 -7.47 8.98
N MET B 1 -4.24 -2.51 19.27
CA MET B 1 8.30 -7.63 7.19
CA MET B 1 -8.41 -11.39 -0.28
CA MET B 1 -0.65 -6.38 8.25
CA MET B 1 -3.02 -2.24 18.49
C MET B 1 8.91 -7.12 5.86
C MET B 1 -9.91 -10.97 -0.36
C MET B 1 -1.57 -6.00 7.07
C MET B 1 -2.31 -1.05 19.16
N GLN B 2 8.43 -5.99 5.45
N GLN B 2 -10.20 -9.91 0.34
N GLN B 2 -1.50 -4.76 6.71
N GLN B 2 -1.01 -1.06 19.04
CA GLN B 2 8.97 -5.38 4.19
CA GLN B 2 -11.61 -9.40 0.31
CA GLN B 2 -2.32 -4.29 5.55
CA GLN B 2 -0.22 0.06 19.61
C GLN B 2 10.13 -4.46 4.55
C GLN B 2 -11.73 -8.37 -0.81
C GLN B 2 -1.50 -4.42 4.28
C GLN B 2 -0.04 1.14 18.55
N ILE B 3 11.17 -4.54 3.74
N ILE B 3 -12.84 -8.45 -1.52
N ILE B 3 -2.16 -4.89 3.23
N ILE B 3 -0.19 2.39 18.97
CA ILE B 3 12.31 -3.61 3.88
CA ILE B 3 -13.16 -7.44 -2.55
CA ILE B 3 -1.54 -4.93 1.89
CA ILE B 3 0.10 3.53 18.07
C ILE B 3 12.59 -3.06 2.44
C ILE B 3 -14.64 -7.01 -2.26
C ILE B 3 -2.57 -4.30 0.92
C ILE B 3 1.02 4.49 18.90
N PHE B 4 13.31 -1.98 2.43
N PHE B 4 -14.97 -5.89 -2.83
N PHE B 4 -2.04 -3.94 -0.23
N PHE B 4 1.65 5.35 18.16
CA PHE B 4 13.64 -1.37 1.07
CA PHE B 4 -16.39 -5.39 -2.64
CA PHE B 4 -2.97 -3.31 -1.25
CA PHE B 4 2.56 6.34 18.87
C PHE B 4 15.13 -1.45 0.86
C PHE B 4 -17.09 -5.38 -3.97
C PHE B 4 -3.05 -4.21 -2.44
C PHE B 4 2.02 7.73 18.67
N VAL B 5 15.63 -1.74 -0.33
N VAL B 5 -18.36 -5.76 -4.07
N VAL B 5 -4.20 -4.41 -3.08
N VAL B 5 2.03 8.61 19.67
CA VAL B 5 17.05 -1.73 -0.58
CA VAL B 5 -19.09 -5.67 -5.32
CA VAL B 5 -4.30 -5.20 -4.29
CA VAL B 5 1.60 9.98 19.48
C VAL B 5 17.27 -0.66 -1.68
C VAL B 5 -20.26 -4.69 -5.04
C VAL B 5 -4.80 -4.22 -5.38
C VAL B 5 2.85 10.86 19.79
N LYS B 6 17.94 0.39 -1.36
N LYS B 6 -20.25 -3.58 -5.68
N LYS B 6 -3.99 -3.96 -6.35
N LYS B 6 3.34 11.52 18.81
CA LYS B 6 18.15 1.50 -2.35
CA LYS B 6 -21.34 -2.55 -5.43
CA LYS B 6 -4.40 -2.99 -7.43
CA LYS B 6 4.58 12.36 18.99
C LYS B 6 19.48 1.28 -3.01
C LYS B 6 -22.40 -2.74 -6.48
C LYS B 6 -4.96 -3.78 -8.58
C LYS B 6 4.14 13.78 19.29
N THR B 7 19.51 1.27 -4.36
N THR B 7 -23.67 -2.88 -6.06
N THR B 7 -6.18 -3.42 -9.04
N THR B 7 4.65 14.37 20.39
CA THR B 7 20.78 1.06 -5.07
CA THR B 7 -24.76 -3.07 -7.03
CA THR B 7 -6.79 -4.15 -10.17
CA THR B 7 4.27 15.74 20.74
C THR B 7 21.32 2.42 -5.54
C THR B 7 -25.47 -1.73 -7.25
C THR B 7 -6.58 -3.36 -11.45
C THR B 7 5.37 16.70 20.28
N LEU B 8 22.54 2.45 -6.03
N LEU B 8 -26.35 -1.65 -8.23
N LEU B 8 -6.89 -3.94 -12.60
N LEU B 8 5.13 17.99 20.34
CA LEU B 8 23.16 3.73 -6.47
CA LEU B 8 -27.05 -0.39 -8.53
CA LEU B 8 -6.68 -3.25 -13.88
CA LEU B 8 6.13 18.98 19.89
C LEU B 8 22.57 4.24 -7.77
C LEU B 8 -28.10 -0.04 -7.51
C LEU B 8 -7.68 -2.13 -14.13
C LEU B 8 7.30 19.12 20.83
N THR B 9 21.71 3.46 -8.42
N THR B 9 -28.37 -0.95 -6.56
N THR B 9 -8.69 -2.00 -13.26
N THR B 9 7.23 18.46 22.01
CA THR B 9 21.15 4.01 -9.71
CA THR B 9 -29.42 -0.57 -5.55
CA THR B 9 -9.66 -0.89 -13.55
CA THR B 9 8.40 18.64 22.92
C THR B 9 19.77 4.54 -9.53
C THR B 9 -28.82 -0.11 -4.26
C THR B 9 -9.40 0.31 -12.68
C THR B 9 9.32 17.44 22.89
N GLY B 10 19.33 4.74 -8.32
N GLY B 10 -27.56 0.17 -4.24
N GLY B 10 -8.28 0.37 -12.04
N GLY B 10 9.17 16.60 21.91
CA GLY B 10 18.02 5.25 -8.01
CA GLY B 10 -26.85 0.61 -3.06
CA GLY B 10 -7.89 1.46 -11.17
CA GLY B 10 9.98 15.41 21.75
C GLY B 10 16.89 4.28 -8.12
C GLY B 10 -26.50 -0.45 -2.06
C GLY B 10 -8.52 1.47 -9.82
C GLY B 10 9.64 14.25 22.65
N LYS B 11 17.21 3.01 -8.16
N LYS B 11 -26.56 -1.68 -2.47
N LYS B 11 -9.07 0.35 -9.42
N LYS B 11 8.47 14.29 23.23
CA LYS B 11 16.22 1.94 -8.15
CA LYS B 11 -26.15 -2.81 -1.64
CA LYS B 11 -9.62 0.18 -8.08
CA LYS B 11 7.97 13.19 24.03
C LYS B 11 16.10 1.50 -6.68
C LYS B 11 -24.69 -3.11 -2.07
C LYS B 11 -8.49 -0.50 -7.26
C LYS B 11 7.06 12.37 23.09
N THR B 12 14.88 1.27 -6.24
N THR B 12 -23.84 -3.39 -1.09
N THR B 12 -8.30 -0.04 -6.03
N THR B 12 7.17 11.06 23.17
CA THR B 12 14.74 0.76 -4.85
CA THR B 12 -22.47 -3.78 -1.46
CA THR B 12 -7.30 -0.72 -5.19
CA THR B 12 6.26 10.25 22.35
C THR B 12 14.04 -0.59 -4.98
C THR B 12 -22.25 -5.17 -0.90
C THR B 12 -8.04 -1.25 -3.97
C THR B 12 5.44 9.40 23.31
N ILE B 13 14.58 -1.60 -4.30
N ILE B 13 -21.73 -6.07 -1.75
N ILE B 13 -7.81 -2.52 -3.66
N ILE B 13 4.12 9.38 23.13
CA ILE B 13 13.88 -2.91 -4.41
CA ILE B 13 -21.53 -7.43 -1.18
CA ILE B 13 -8.54 -3.02 -2.45
CA ILE B 13 3.35 8.54 24.08
C ILE B 13 13.21 -3.23 -3.11
C ILE B 13 -20.05 -7.67 -1.02
C ILE B 13 -7.57 -3.22 -1.32
C ILE B 13 2.81 7.33 23.36
N THR B 14 12.03 -3.81 -3.15
N THR B 14 -19.65 -8.33 0.05
N THR B 14 -7.96 -2.92 -0.11
N THR B 14 2.79 6.19 24.00
CA THR B 14 11.40 -4.16 -1.85
CA THR B 14 -18.18 -8.60 0.16
CA THR B 14 -7.00 -3.16 1.00
CA THR B 14 2.24 5.01 23.28
C THR B 14 11.59 -5.64 -1.61
C THR B 14 -17.92 -10.03 -0.23
C THR B 14 -7.41 -4.42 1.71
C THR B 14 0.84 4.77 23.79
N LEU B 15 11.89 -6.05 -0.39
N LEU B 15 -16.85 -10.30 -0.96
N LEU B 15 -6.45 -5.26 2.10
N LEU B 15 -0.10 4.44 22.91
CA LEU B 15 12.11 -7.45 -0.08
CA LEU B 15 -16.54 -11.65 -1.41
CA LEU B 15 -6.75 -6.51 2.76
CA LEU B 15 -1.48 4.21 23.31
C LEU B 15 11.19 -7.83 1.09
C LEU B 15 -15.11 -11.97 -0.98
C LEU B 15 -5.95 -6.56 4.07
C LEU B 15 -1.90 2.83 22.80
N GLU B 16 10.86 -9.11 1.15
N GLU B 16 -14.86 -13.26 -0.81
N GLU B 16 -6.47 -7.32 5.01
N GLU B 16 -2.87 2.25 23.49
CA GLU B 16 10.08 -9.55 2.35
CA GLU B 16 -13.44 -13.64 -0.53
CA GLU B 16 -5.65 -7.51 6.25
CA GLU B 16 -3.41 0.97 22.94
C GLU B 16 11.06 -10.44 3.10
C GLU B 16 -13.01 -14.38 -1.78
C GLU B 16 -5.27 -8.97 6.20
C GLU B 16 -4.81 1.33 22.52
N VAL B 17 11.29 -10.01 4.33
N VAL B 17 -11.96 -13.82 -2.37
N VAL B 17 -3.96 -9.16 6.21
N VAL B 17 -5.04 1.10 21.23
CA VAL B 17 12.23 -10.69 5.21
CA VAL B 17 -11.41 -14.34 -3.61
CA VAL B 17 -3.36 -10.48 6.12
CA VAL B 17 -6.31 1.42 20.60
C VAL B 17 11.69 -10.78 6.65
C VAL B 17 -9.87 -14.32 -3.60
C VAL B 17 -2.16 -10.62 7.06
C VAL B 17 -6.74 0.32 19.61
N GLU B 18 12.43 -11.54 7.41
N GLU B 18 -9.35 -14.96 -4.62
N GLU B 18 -1.73 -11.87 7.15
N GLU B 18 -7.97 0.49 19.18
CA GLU B 18 12.20 -11.71 8.85
CA GLU B 18 -7.92 -15.01 -4.90
CA GLU B 18 -0.54 -12.26 7.88
CA GLU B 18 -8.58 -0.35 18.16
C GLU B 18 13.48 -11.25 9.54
C GLU B 18 -7.74 -14.39 -6.29
C GLU B 18 0.40 -12.90 6.87
C GLU B 18 -8.95 0.58 17.01
N PRO B 19 13.35 -10.64 10.70
N PRO B 19 -6.65 -13.68 -6.48
N PRO B 19 1.69 -12.69 7.03
N PRO B 19 -8.84 0.11 15.78
CA PRO B 19 14.49 -10.18 11.49
CA PRO B 19 -6.33 -13.08 -7.78
CA PRO B 19 2.70 -13.29 6.16
CA PRO B 19 -9.22 0.89 14.60
C PRO B 19 15.46 -11.31 11.77
C PRO B 19 -6.32 -14.10 -8.89
C PRO B 19 2.58 -14.79 6.09
C PRO B 19 -10.64 1.39 14.68
N SER B 20 14.98 -12.53 11.75
N SER B 20 -6.09 -15.35 -8.54
N SER B 20 1.99 -15.40 7.11
N SER B 20 -11.47 0.71 15.44
CA SER B 20 15.84 -13.68 12.07
CA SER B 20 -6.01 -16.40 -9.57
CA SER B 20 1.87 -16.86 7.14
CA SER B 20 -12.89 1.10 15.54
C SER B 20 16.69 -14.07 10.88
C SER B 20 -7.38 -16.83 -10.02
C SER B 20 0.72 -17.32 6.28
C SER B 20 -13.07 2.26 16.47
N ASP B 21 16.42 -13.45 9.73
N ASP B 21 -8.41 -16.36 -9.32
N ASP B 21 -0.09 -16.38 5.79
N ASP B 21 -12.00 2.64 17.18
CA ASP B 21 17.24 -13.84 8.55
CA ASP B 21 -9.77 -16.79 -9.73
CA ASP B 21 -1.24 -16.83 4.95
CA ASP B 21 -12.17 3.78 18.12
C ASP B 21 18.65 -13.31 8.70
C ASP B 21 -10.14 -16.16 -11.05
C ASP B 21 -0.75 -17.35 3.63
C ASP B 21 -12.33 5.07 17.35
N THR B 22 19.59 -14.05 8.15
N THR B 22 -10.94 -16.88 -11.83
N THR B 22 -1.47 -18.31 3.09
N THR B 22 -13.09 5.98 17.92
CA THR B 22 20.98 -13.63 8.13
CA THR B 22 -11.45 -16.37 -13.07
CA THR B 22 -1.17 -18.85 1.78
CA THR B 22 -13.26 7.30 17.34
C THR B 22 21.19 -12.68 6.93
C THR B 22 -12.72 -15.52 -12.77
C THR B 22 -1.83 -17.93 0.72
C THR B 22 -12.09 8.19 17.79
N ILE B 23 22.27 -11.92 7.04
N ILE B 23 -13.03 -14.68 -13.76
N ILE B 23 -1.30 -18.08 -0.50
N ILE B 23 -11.91 9.26 17.02
CA ILE B 23 22.68 -11.02 5.96
CA ILE B 23 -14.24 -13.87 -13.69
CA ILE B 23 -1.85 -17.36 -1.64
CA ILE B 23 -10.89 10.26 17.34
C ILE B 23 22.98 -11.83 4.69
C ILE B 23 -15.48 -14.78 -13.63
C ILE B 23 -3.30 -17.77 -1.88
C ILE B 23 -11.19 10.89 18.71
N GLU B 24 23.56 -12.99 4.87
N GLU B 24 -15.44 -15.87 -14.34
N GLU B 24 -3.60 -19.05 -1.67
N GLU B 24 -12.45 11.09 19.00
CA GLU B 24 23.84 -13.89 3.68
CA GLU B 24 -16.58 -16.84 -14.30
CA GLU B 24 -5.01 -19.53 -1.80
CA GLU B 24 -12.84 11.64 20.34
C GLU B 24 22.56 -14.21 2.95
C GLU B 24 -16.81 -17.32 -12.89
C GLU B 24 -5.93 -18.76 -0.89
C GLU B 24 -12.32 10.76 21.45
N ASN B 25 21.49 -14.45 3.69
N ASN B 25 -15.74 -17.57 -12.16
N ASN B 25 -5.47 -18.51 0.33
N ASN B 25 -12.41 9.46 21.26
CA ASN B 25 20.17 -14.78 3.15
CA ASN B 25 -15.77 -18.05 -10.77
CA ASN B 25 -6.22 -17.78 1.36
CA ASN B 25 -11.96 8.45 22.23
C ASN B 25 19.57 -13.61 2.36
C ASN B 25 -16.38 -17.00 -9.83
C ASN B 25 -6.48 -16.33 0.95
C ASN B 25 -10.45 8.49 22.44
N VAL B 26 19.70 -12.44 2.96
N VAL B 26 -15.95 -15.77 -10.04
N VAL B 26 -5.43 -15.72 0.43
N VAL B 26 -9.75 8.60 21.31
CA VAL B 26 19.21 -11.22 2.32
CA VAL B 26 -16.47 -14.66 -9.25
CA VAL B 26 -5.53 -14.34 -0.03
CA VAL B 26 -8.30 8.69 21.35
C VAL B 26 19.90 -11.05 0.97
C VAL B 26 -17.97 -14.57 -9.41
C VAL B 26 -6.61 -14.24 -1.10
C VAL B 26 -7.88 9.90 22.18
N LYS B 27 21.22 -11.23 0.96
N LYS B 27 -18.41 -14.66 -10.67
N LYS B 27 -6.57 -15.18 -2.05
N LYS B 27 -8.54 11.03 21.92
CA LYS B 27 21.98 -11.09 -0.28
CA LYS B 27 -19.86 -14.58 -10.96
CA LYS B 27 -7.55 -15.19 -3.14
CA LYS B 27 -8.23 12.26 22.66
C LYS B 27 21.52 -12.09 -1.32
C LYS B 27 -20.61 -15.71 -10.28
C LYS B 27 -8.96 -15.36 -2.60
C LYS B 27 -8.48 12.07 24.14
N ALA B 28 21.19 -13.30 -0.91
N ALA B 28 -20.03 -16.89 -10.23
N ALA B 28 -9.13 -16.15 -1.56
N ALA B 28 -9.53 11.36 24.52
CA ALA B 28 20.67 -14.32 -1.82
CA ALA B 28 -20.64 -18.04 -9.53
CA ALA B 28 -10.44 -16.32 -0.92
CA ALA B 28 -9.82 11.07 25.92
C ALA B 28 19.31 -13.92 -2.37
C ALA B 28 -20.72 -17.79 -8.03
C ALA B 28 -10.90 -15.05 -0.24
C ALA B 28 -8.75 10.18 26.54
N LYS B 29 18.45 -13.31 -1.57
N LYS B 29 -19.71 -17.16 -7.43
N LYS B 29 -9.99 -14.29 0.38
N LYS B 29 -8.22 9.21 25.80
CA LYS B 29 17.14 -12.82 -2.06
CA LYS B 29 -19.76 -16.82 -6.00
CA LYS B 29 -10.35 -12.99 0.98
CA LYS B 29 -7.12 8.37 26.31
C LYS B 29 17.33 -11.71 -3.11
C LYS B 29 -20.88 -15.80 -5.72
C LYS B 29 -10.81 -11.99 -0.10
C LYS B 29 -5.85 9.21 26.54
N ILE B 30 18.35 -10.87 -2.88
N ILE B 30 -21.07 -14.87 -6.66
N ILE B 30 -10.15 -12.06 -1.26
N ILE B 30 -5.63 10.18 25.66
CA ILE B 30 18.61 -9.77 -3.83
CA ILE B 30 -22.12 -13.85 -6.49
CA ILE B 30 -10.50 -11.15 -2.35
CA ILE B 30 -4.44 11.04 25.80
C ILE B 30 19.15 -10.42 -5.11
C ILE B 30 -23.46 -14.58 -6.63
C ILE B 30 -11.88 -11.58 -2.87
C ILE B 30 -4.69 11.93 27.04
N GLN B 31 19.98 -11.42 -5.00
N GLN B 31 -23.58 -15.52 -7.54
N GLN B 31 -12.13 -12.86 -2.96
N GLN B 31 -5.88 12.40 27.24
CA GLN B 31 20.50 -12.05 -6.25
CA GLN B 31 -24.89 -16.23 -7.67
CA GLN B 31 -13.48 -13.30 -3.45
CA GLN B 31 -6.12 13.26 28.44
C GLN B 31 19.31 -12.65 -7.04
C GLN B 31 -25.18 -16.98 -6.36
C GLN B 31 -14.55 -12.78 -2.47
C GLN B 31 -5.86 12.42 29.71
N ASP B 32 18.52 -13.38 -6.31
N ASP B 32 -24.17 -17.69 -5.92
N ASP B 32 -14.29 -13.04 -1.21
N ASP B 32 -6.45 11.25 29.70
CA ASP B 32 17.32 -14.02 -6.91
CA ASP B 32 -24.28 -18.46 -4.66
CA ASP B 32 -15.21 -12.59 -0.14
CA ASP B 32 -6.28 10.31 30.84
C ASP B 32 16.45 -13.00 -7.63
C ASP B 32 -24.73 -17.58 -3.51
C ASP B 32 -15.50 -11.11 -0.23
C ASP B 32 -4.82 10.06 31.14
N LYS B 33 16.26 -11.81 -7.03
N LYS B 33 -24.19 -16.35 -3.42
N LYS B 33 -14.47 -10.29 -0.51
N LYS B 33 -3.99 9.89 30.09
CA LYS B 33 15.34 -10.87 -7.71
CA LYS B 33 -24.56 -15.55 -2.23
CA LYS B 33 -14.76 -8.83 -0.50
CA LYS B 33 -2.58 9.55 30.42
C LYS B 33 15.93 -9.88 -8.64
C LYS B 33 -25.71 -14.62 -2.37
C LYS B 33 -15.13 -8.20 -1.80
C LYS B 33 -1.61 10.68 30.52
N GLU B 34 17.17 -9.49 -8.56
N GLU B 34 -26.09 -14.13 -3.52
N GLU B 34 -14.77 -8.70 -2.95
N GLU B 34 -1.79 11.82 29.93
CA GLU B 34 17.80 -8.53 -9.45
CA GLU B 34 -27.20 -13.22 -3.72
CA GLU B 34 -15.10 -8.12 -4.24
CA GLU B 34 -0.89 12.95 29.99
C GLU B 34 19.04 -9.05 -10.13
C GLU B 34 -28.22 -13.72 -4.71
C GLU B 34 -15.82 -9.08 -5.16
C GLU B 34 -1.53 14.21 30.48
N GLY B 35 19.48 -10.24 -9.77
N GLY B 35 -27.95 -14.84 -5.36
N GLY B 35 -15.96 -10.33 -4.76
N GLY B 35 -2.84 14.21 30.67
CA GLY B 35 20.61 -10.88 -10.40
CA GLY B 35 -28.88 -15.45 -6.27
CA GLY B 35 -16.70 -11.31 -5.52
CA GLY B 35 -3.56 15.34 31.21
C GLY B 35 21.97 -10.49 -9.99
C GLY B 35 -28.99 -14.93 -7.65
C GLY B 35 -16.03 -11.98 -6.66
C GLY B 35 -3.92 16.45 30.30
N ILE B 36 22.10 -9.63 -8.96
N ILE B 36 -28.13 -13.97 -8.02
N ILE B 36 -14.72 -11.72 -6.87
N ILE B 36 -3.65 16.31 29.00
CA ILE B 36 23.44 -9.23 -8.53
CA ILE B 36 -28.21 -13.43 -9.39
CA ILE B 36 -14.04 -12.38 -7.99
CA ILE B 36 -4.01 17.40 28.07
C ILE B 36 24.07 -10.31 -7.66
C ILE B 36 -27.54 -14.37 -10.38
C ILE B 36 -13.65 -13.80 -7.64
C ILE B 36 -5.49 17.37 27.73
N PRO B 37 25.26 -10.78 -8.03
N PRO B 37 -28.26 -14.79 -11.42
N PRO B 37 -14.08 -14.76 -8.44
N PRO B 37 -6.18 18.48 27.97
CA PRO B 37 26.01 -11.78 -7.27
CA PRO B 37 -27.73 -15.67 -12.47
CA PRO B 37 -13.75 -16.19 -8.24
CA PRO B 37 -7.61 18.61 27.65
C PRO B 37 26.26 -11.31 -5.85
C PRO B 37 -26.52 -15.05 -13.14
C PRO B 37 -12.26 -16.40 -8.21
C PRO B 37 -7.87 18.33 26.18
N PRO B 38 26.10 -12.16 -4.87
N PRO B 38 -25.48 -15.81 -13.39
N PRO B 38 -11.74 -17.20 -7.31
N PRO B 38 -8.91 17.59 25.85
CA PRO B 38 26.31 -11.75 -3.47
CA PRO B 38 -24.27 -15.24 -14.01
CA PRO B 38 -10.29 -17.42 -7.24
CA PRO B 38 -9.18 17.28 24.44
C PRO B 38 27.69 -11.19 -3.21
C PRO B 38 -24.55 -14.57 -15.34
C PRO B 38 -9.70 -17.94 -8.52
C PRO B 38 -9.35 18.51 23.58
N ASP B 39 28.69 -11.67 -3.91
N ASP B 39 -25.51 -15.06 -16.09
N ASP B 39 -10.45 -18.71 -9.28
N ASP B 39 -9.88 19.58 24.13
CA ASP B 39 30.08 -11.23 -3.68
CA ASP B 39 -25.80 -14.48 -17.44
CA ASP B 39 -9.90 -19.30 -10.54
CA ASP B 39 -10.12 20.81 23.33
C ASP B 39 30.30 -9.78 -4.10
C ASP B 39 -26.36 -13.07 -17.35
C ASP B 39 -9.65 -18.25 -11.60
C ASP B 39 -8.83 21.48 22.88
N GLN B 40 29.37 -9.24 -4.88
N GLN B 40 -26.82 -12.68 -16.17
N GLN B 40 -10.21 -17.06 -11.42
N GLN B 40 -7.72 21.10 23.50
CA GLN B 40 29.50 -7.83 -5.31
CA GLN B 40 -27.36 -11.31 -16.00
CA GLN B 40 -9.98 -15.99 -12.41
CA GLN B 40 -6.42 21.69 23.10
C GLN B 40 28.70 -6.88 -4.41
C GLN B 40 -26.30 -10.33 -15.47
C GLN B 40 -8.83 -15.05 -11.98
C GLN B 40 -5.67 20.80 22.09
N GLN B 41 27.86 -7.40 -3.54
N GLN B 41 -25.16 -10.83 -15.02
N GLN B 41 -8.37 -15.17 -10.76
N GLN B 41 -6.14 19.59 21.88
CA GLN B 41 27.02 -6.63 -2.67
CA GLN B 41 -24.11 -10.03 -14.45
CA GLN B 41 -7.32 -14.33 -10.22
CA GLN B 41 -5.50 18.64 20.99
C GLN B 41 27.66 -6.17 -1.37
C GLN B 41 -23.15 -9.40 -15.43
C GLN B 41 -5.90 -14.75 -10.53
C GLN B 41 -5.87 18.76 19.53
N ARG B 42 27.52 -4.86 -1.13
N ARG B 42 -22.95 -8.10 -15.25
N ARG B 42 -5.13 -13.78 -11.02
N ARG B 42 -4.82 18.80 18.70
CA ARG B 42 27.94 -4.28 0.19
CA ARG B 42 -21.91 -7.36 -16.03
CA ARG B 42 -3.67 -13.98 -11.23
CA ARG B 42 -5.01 18.73 17.21
C ARG B 42 26.68 -3.66 0.75
C ARG B 42 -20.99 -6.77 -14.98
C ARG B 42 -3.00 -12.91 -10.38
C ARG B 42 -4.23 17.52 16.78
N LEU B 43 26.17 -4.13 1.88
N LEU B 43 -19.72 -7.17 -14.92
N LEU B 43 -2.25 -13.26 -9.35
N LEU B 43 -4.87 16.49 16.24
CA LEU B 43 24.91 -3.58 2.43
CA LEU B 43 -18.80 -6.66 -13.86
CA LEU B 43 -1.63 -12.23 -8.46
CA LEU B 43 -4.14 15.25 15.84
C LEU B 43 25.21 -2.66 3.62
C LEU B 43 -17.86 -5.62 -14.45
C LEU B 43 -0.15 -12.09 -8.79
C LEU B 43 -3.96 15.22 14.33
N ILE B 44 24.63 -1.47 3.59
N ILE B 44 -17.77 -4.47 -13.78
N ILE B 44 0.28 -10.85 -8.98
N ILE B 44 -2.72 14.97 13.89
CA ILE B 44 24.86 -0.45 4.61
CA ILE B 44 -16.97 -3.35 -14.24
CA ILE B 44 1.66 -10.53 -9.35
CA ILE B 44 -2.37 14.96 12.48
C ILE B 44 23.56 -0.02 5.27
C ILE B 44 -15.92 -2.94 -13.20
C ILE B 44 2.32 -9.60 -8.34
C ILE B 44 -1.76 13.61 12.06
N PHE B 45 23.61 0.01 6.63
N PHE B 45 -14.66 -2.78 -13.70
N PHE B 45 3.56 -10.00 -7.94
N PHE B 45 -2.29 13.09 10.93
CA PHE B 45 22.45 0.45 7.44
CA PHE B 45 -13.56 -2.34 -12.84
CA PHE B 45 4.36 -9.19 -7.01
CA PHE B 45 -1.79 11.83 10.36
C PHE B 45 23.06 1.20 8.64
C PHE B 45 -12.68 -1.45 -13.73
C PHE B 45 5.82 -9.37 -7.47
C PHE B 45 -1.88 12.01 8.83
N ALA B 46 22.52 2.38 8.83
N ALA B 46 -12.41 -0.30 -13.17
N ALA B 46 6.43 -8.22 -7.61
N ALA B 46 -0.76 11.70 8.23
CA ALA B 46 22.88 3.26 9.95
CA ALA B 46 -11.53 0.71 -13.80
CA ALA B 46 7.85 -8.10 -7.98
CA ALA B 46 -0.59 11.73 6.76
C ALA B 46 24.39 3.38 10.09
C ALA B 46 -11.94 0.95 -15.24
C ALA B 46 8.18 -8.98 -9.18
C ALA B 46 -1.13 13.03 6.19
N GLY B 47 25.01 3.58 8.96
N GLY B 47 -13.21 1.09 -15.44
N GLY B 47 7.30 -8.90 -10.15
N GLY B 47 -0.76 14.10 6.84
CA GLY B 47 26.42 3.72 8.74
CA GLY B 47 -13.91 1.30 -16.67
CA GLY B 47 7.30 -9.59 -11.40
CA GLY B 47 -1.10 15.47 6.56
C GLY B 47 27.30 2.56 9.09
C GLY B 47 -13.80 0.25 -17.73
C GLY B 47 7.20 -11.10 -11.37
C GLY B 47 -2.55 15.86 6.63
N LYS B 48 26.76 1.37 9.16
N LYS B 48 -13.47 -0.97 -17.36
N LYS B 48 6.71 -11.65 -10.29
N LYS B 48 -3.36 15.10 7.32
CA LYS B 48 27.53 0.16 9.45
CA LYS B 48 -13.37 -2.09 -18.30
CA LYS B 48 6.52 -13.10 -10.16
CA LYS B 48 -4.78 15.41 7.49
C LYS B 48 27.47 -0.73 8.20
C LYS B 48 -14.47 -3.10 -17.91
C LYS B 48 5.01 -13.36 -10.06
C LYS B 48 -5.01 15.68 8.98
N GLN B 49 28.54 -1.40 7.88
N GLN B 49 -15.09 -3.73 -18.87
N GLN B 49 4.54 -14.42 -10.65
N GLN B 49 -5.85 16.63 9.31
CA GLN B 49 28.49 -2.37 6.74
CA GLN B 49 -16.07 -4.80 -18.55
CA GLN B 49 3.10 -14.78 -10.48
CA GLN B 49 -6.20 16.86 10.74
C GLN B 49 27.98 -3.66 7.39
C GLN B 49 -15.20 -6.05 -18.42
C GLN B 49 3.08 -15.61 -9.19
C GLN B 49 -7.34 15.88 10.99
N LEU B 50 26.99 -4.29 6.82
N LEU B 50 -15.36 -6.80 -17.36
N LEU B 50 2.20 -15.30 -8.28
N LEU B 50 -7.26 15.11 12.05
CA LEU B 50 26.37 -5.49 7.41
CA LEU B 50 -14.52 -7.98 -17.09
CA LEU B 50 2.16 -15.96 -6.96
CA LEU B 50 -8.26 14.07 12.35
C LEU B 50 27.23 -6.71 7.12
C LEU B 50 -15.00 -9.16 -17.91
C LEU B 50 1.46 -17.30 -7.09
C LEU B 50 -9.48 14.69 12.98
N GLU B 51 27.39 -7.59 8.11
N GLU B 51 -14.07 -9.93 -18.48
N GLU B 51 1.99 -18.33 -6.43
N GLU B 51 -10.68 14.23 12.57
CA GLU B 51 28.25 -8.78 7.92
CA GLU B 51 -14.45 -11.06 -19.35
CA GLU B 51 1.39 -19.69 -6.54
CA GLU B 51 -11.93 14.82 13.09
C GLU B 51 27.39 -10.00 7.67
C GLU B 51 -14.32 -12.35 -18.58
C GLU B 51 0.57 -19.99 -5.31
C GLU B 51 -12.52 13.92 14.14
N ASP B 52 27.77 -10.88 6.79
N ASP B 52 -15.22 -13.29 -18.73
N ASP B 52 -0.57 -20.62 -5.44
N ASP B 52 -13.05 14.44 15.22
CA ASP B 52 27.02 -12.06 6.37
CA ASP B 52 -15.28 -14.55 -17.99
CA ASP B 52 -1.51 -20.90 -4.36
CA ASP B 52 -13.58 13.70 16.36
C ASP B 52 26.41 -13.00 7.40
C ASP B 52 -14.04 -15.42 -17.86
C ASP B 52 -1.05 -21.50 -3.06
C ASP B 52 -14.54 12.54 16.15
N GLY B 53 27.13 -13.31 8.45
N GLY B 53 -13.28 -15.58 -18.92
N GLY B 53 -0.17 -22.48 -3.12
N GLY B 53 -15.48 12.67 15.25
CA GLY B 53 26.71 -14.24 9.51
CA GLY B 53 -12.08 -16.43 -18.97
CA GLY B 53 0.35 -23.21 -1.94
CA GLY B 53 -16.52 11.65 14.98
C GLY B 53 25.82 -13.67 10.57
C GLY B 53 -10.82 -15.84 -18.44
C GLY B 53 1.46 -22.55 -1.19
C GLY B 53 -16.12 10.55 14.06
N ARG B 54 25.62 -12.36 10.61
N ARG B 54 -10.79 -14.54 -18.13
N ARG B 54 2.04 -21.48 -1.71
N ARG B 54 -14.97 10.62 13.42
CA ARG B 54 24.70 -11.73 11.59
CA ARG B 54 -9.61 -13.89 -17.53
CA ARG B 54 3.09 -20.73 -0.98
CA ARG B 54 -14.47 9.53 12.55
C ARG B 54 23.30 -11.78 11.00
C ARG B 54 -9.68 -14.09 -16.02
C ARG B 54 2.42 -19.73 -0.06
C ARG B 54 -13.74 8.53 13.44
N THR B 55 22.31 -11.54 11.83
N THR B 55 -8.58 -13.85 -15.35
N THR B 55 3.17 -19.19 0.87
N THR B 55 -13.49 7.36 12.91
CA THR B 55 20.88 -11.49 11.42
CA THR B 55 -8.48 -13.93 -13.88
CA THR B 55 2.70 -18.16 1.82
CA THR B 55 -12.74 6.28 13.59
C THR B 55 20.49 -9.99 11.41
C THR B 55 -8.46 -12.47 -13.36
C THR B 55 3.28 -16.81 1.33
C THR B 55 -11.33 6.25 12.95
N LEU B 56 19.37 -9.70 10.78
N LEU B 56 -8.69 -12.33 -12.07
N LEU B 56 2.73 -15.73 1.86
N LEU B 56 -10.41 5.58 13.62
CA LEU B 56 18.82 -8.34 10.72
CA LEU B 56 -8.65 -11.02 -11.40
CA LEU B 56 3.21 -14.37 1.55
CA LEU B 56 -9.04 5.41 13.12
C LEU B 56 18.52 -7.88 12.15
C LEU B 56 -7.23 -10.45 -11.55
C LEU B 56 4.66 -14.27 2.02
C LEU B 56 -9.10 4.64 11.81
N SER B 57 18.07 -8.82 13.01
N SER B 57 -6.20 -11.32 -11.50
N SER B 57 4.99 -14.92 3.15
N SER B 57 -10.04 3.68 11.70
CA SER B 57 17.77 -8.37 14.40
CA SER B 57 -4.84 -10.77 -11.63
CA SER B 57 6.40 -14.80 3.61
CA SER B 57 -10.10 2.93 10.42
C SER B 57 19.00 -7.89 15.12
C SER B 57 -4.61 -10.13 -12.99
C SER B 57 7.38 -15.41 2.63
C SER B 57 -10.46 3.82 9.25
N ASP B 58 20.15 -8.44 14.77
N ASP B 58 -5.29 -10.62 -14.01
N ASP B 58 6.94 -16.41 1.90
N ASP B 58 -11.22 4.86 9.50
CA ASP B 58 21.43 -8.03 15.42
CA ASP B 58 -5.15 -10.07 -15.39
CA ASP B 58 7.81 -17.09 0.90
CA ASP B 58 -11.63 5.81 8.42
C ASP B 58 21.64 -6.52 15.30
C ASP B 58 -5.44 -8.57 -15.39
C ASP B 58 8.37 -16.07 -0.10
C ASP B 58 -10.39 6.35 7.69
N TYR B 59 21.28 -6.00 14.16
N TYR B 59 -6.43 -8.19 -14.63
N TYR B 59 7.54 -15.14 -0.47
N TYR B 59 -9.38 6.63 8.46
CA TYR B 59 21.38 -4.58 13.84
CA TYR B 59 -6.85 -6.80 -14.48
CA TYR B 59 7.86 -14.07 -1.41
CA TYR B 59 -8.11 7.15 7.97
C TYR B 59 20.13 -3.80 14.18
C TYR B 59 -6.16 -6.08 -13.34
C TYR B 59 8.38 -12.83 -0.71
C TYR B 59 -7.11 6.06 7.64
N ASN B 60 19.12 -4.37 14.79
N ASN B 60 -5.20 -6.67 -12.64
N ASN B 60 8.60 -12.80 0.58
N ASN B 60 -7.43 4.78 7.70
CA ASN B 60 17.91 -3.58 15.11
CA ASN B 60 -4.55 -5.93 -11.54
CA ASN B 60 9.11 -11.56 1.21
CA ASN B 60 -6.42 3.76 7.36
C ASN B 60 17.31 -2.97 13.84
C ASN B 60 -5.56 -5.49 -10.49
C ASN B 60 8.17 -10.39 0.95
C ASN B 60 -5.20 3.88 8.25
N ILE B 61 17.19 -3.77 12.80
N ILE B 61 -6.46 -6.39 -10.11
N ILE B 61 6.88 -10.60 1.11
N ILE B 61 -5.40 4.05 9.54
CA ILE B 61 16.53 -3.30 11.55
CA ILE B 61 -7.44 -6.10 -9.02
CA ILE B 61 5.89 -9.49 0.98
CA ILE B 61 -4.27 4.09 10.51
C ILE B 61 15.04 -3.61 11.71
C ILE B 61 -6.75 -6.50 -7.72
C ILE B 61 5.76 -8.86 2.36
C ILE B 61 -4.02 2.64 10.94
N GLN B 62 14.20 -2.63 11.74
N GLN B 62 -6.51 -5.57 -6.84
N GLN B 62 6.13 -7.62 2.51
N GLN B 62 -2.88 2.09 10.64
CA GLN B 62 12.73 -2.81 11.95
CA GLN B 62 -5.78 -5.83 -5.56
CA GLN B 62 6.11 -6.91 3.83
CA GLN B 62 -2.56 0.67 10.94
C GLN B 62 11.99 -2.66 10.62
C GLN B 62 -6.79 -5.87 -4.41
C GLN B 62 4.91 -5.98 3.89
C GLN B 62 -1.64 0.60 12.16
N LYS B 63 10.70 -3.00 10.59
N LYS B 63 -6.36 -6.30 -3.22
N LYS B 63 4.60 -5.42 5.06
N LYS B 63 -1.41 -0.60 12.71
CA LYS B 63 9.91 -2.98 9.37
CA LYS B 63 -7.23 -6.44 -2.08
CA LYS B 63 3.46 -4.57 5.26
CA LYS B 63 -0.60 -0.77 13.90
C LYS B 63 10.01 -1.58 8.75
C LYS B 63 -7.95 -5.12 -1.82
C LYS B 63 3.49 -3.44 4.25
C LYS B 63 0.77 -0.13 13.68
N GLU B 64 10.05 -1.63 7.41
N GLU B 64 -9.22 -5.29 -1.41
N GLU B 64 2.27 -3.11 3.80
N GLU B 64 1.24 0.46 14.79
CA GLU B 64 10.13 -0.49 6.53
CA GLU B 64 -10.13 -4.23 -1.08
CA GLU B 64 1.99 -2.06 2.85
CA GLU B 64 2.51 1.13 14.90
C GLU B 64 11.39 0.33 6.57
C GLU B 64 -10.59 -3.33 -2.18
C GLU B 64 2.48 -2.24 1.45
C GLU B 64 2.70 2.39 14.13
N SER B 65 12.44 -0.29 7.07
N SER B 65 -10.43 -3.82 -3.40
N SER B 65 2.77 -3.49 1.11
N SER B 65 1.58 2.98 13.73
CA SER B 65 13.79 0.29 7.09
CA SER B 65 -10.91 -3.15 -4.62
CA SER B 65 3.16 -3.90 -0.24
CA SER B 65 1.53 4.29 13.07
C SER B 65 14.31 0.29 5.64
C SER B 65 -12.46 -3.26 -4.61
C SER B 65 1.90 -3.81 -1.14
C SER B 65 1.90 5.36 14.12
N THR B 66 15.28 1.10 5.36
N THR B 66 -13.10 -2.40 -5.36
N THR B 66 2.09 -3.72 -2.42
N THR B 66 2.32 6.51 13.67
CA THR B 66 15.94 1.15 4.04
CA THR B 66 -14.56 -2.45 -5.53
CA THR B 66 0.98 -3.71 -3.39
CA THR B 66 2.62 7.65 14.55
C THR B 66 17.42 0.80 4.21
C THR B 66 -14.88 -2.66 -7.01
C THR B 66 1.14 -4.92 -4.31
C THR B 66 1.70 8.81 14.18
N LEU B 67 17.93 -0.18 3.47
N LEU B 67 -15.69 -3.67 -7.33
N LEU B 67 0.09 -5.75 -4.44
N LEU B 67 0.97 9.37 15.16
CA LEU B 67 19.37 -0.48 3.51
CA LEU B 67 -16.13 -3.87 -8.72
CA LEU B 67 0.14 -6.86 -5.39
CA LEU B 67 0.15 10.55 14.88
C LEU B 67 19.95 0.12 2.22
C LEU B 67 -17.57 -3.35 -8.78
C LEU B 67 -0.72 -6.41 -6.61
C LEU B 67 0.94 11.75 15.48
N HIS B 68 21.20 0.44 2.21
N HIS B 68 -18.02 -2.95 -9.92
N HIS B 68 -0.46 -6.94 -7.75
N HIS B 68 0.74 12.91 14.98
CA HIS B 68 21.81 0.98 0.98
CA HIS B 68 -19.42 -2.49 -10.03
CA HIS B 68 -1.28 -6.57 -8.92
CA HIS B 68 1.43 14.09 15.54
C HIS B 68 22.67 -0.15 0.42
C HIS B 68 -20.17 -3.60 -10.76
C HIS B 68 -2.19 -7.76 -9.18
C HIS B 68 0.38 14.85 16.35
N LEU B 69 22.59 -0.36 -0.88
N LEU B 69 -21.35 -3.94 -10.27
N LEU B 69 -3.46 -7.49 -9.45
N LEU B 69 0.74 15.28 17.54
CA LEU B 69 23.41 -1.35 -1.56
CA LEU B 69 -22.20 -4.94 -10.91
CA LEU B 69 -4.41 -8.54 -9.79
CA LEU B 69 -0.14 16.08 18.38
C LEU B 69 24.49 -0.71 -2.38
C LEU B 69 -23.38 -4.31 -11.58
C LEU B 69 -4.77 -8.50 -11.25
C LEU B 69 0.31 17.51 18.44
N VAL B 70 25.72 -0.91 -2.07
N VAL B 70 -23.49 -4.39 -12.88
N VAL B 70 -4.46 -9.50 -12.01
N VAL B 70 -0.45 18.44 17.94
CA VAL B 70 26.83 -0.37 -2.92
CA VAL B 70 -24.70 -3.86 -13.57
CA VAL B 70 -4.89 -9.54 -13.44
CA VAL B 70 -0.10 19.88 18.07
C VAL B 70 27.41 -1.63 -3.58
C VAL B 70 -25.44 -5.14 -14.02
C VAL B 70 -5.97 -10.63 -13.45
C VAL B 70 -1.12 20.41 19.10
N LEU B 71 27.77 -1.54 -4.85
N LEU B 71 -26.74 -5.15 -13.92
N LEU B 71 -7.04 -10.42 -14.19
N LEU B 71 -0.69 21.27 19.99
CA LEU B 71 28.36 -2.70 -5.56
CA LEU B 71 -27.54 -6.31 -14.36
CA LEU B 71 -8.11 -11.44 -14.29
CA LEU B 71 -1.60 21.86 20.99
C LEU B 71 29.87 -2.60 -5.54
C LEU B 71 -28.04 -6.10 -15.76
C LEU B 71 -7.91 -12.28 -15.52
C LEU B 71 -2.09 23.20 20.52
N MET A 1 6.38 18.40 -20.67
CA MET A 1 5.74 19.56 -20.05
C MET A 1 6.28 19.67 -18.60
N GLN A 2 6.34 20.88 -18.14
CA GLN A 2 6.81 21.11 -16.74
C GLN A 2 5.61 21.10 -15.81
N ILE A 3 5.80 20.45 -14.66
CA ILE A 3 4.77 20.47 -13.61
C ILE A 3 5.53 20.83 -12.30
N PHE A 4 4.75 21.23 -11.33
CA PHE A 4 5.40 21.59 -10.01
C PHE A 4 4.91 20.64 -8.96
N VAL A 5 5.74 20.16 -8.03
CA VAL A 5 5.27 19.32 -6.95
C VAL A 5 5.58 20.10 -5.65
N LYS A 6 4.57 20.50 -4.95
CA LYS A 6 4.78 21.30 -3.70
C LYS A 6 4.77 20.35 -2.53
N THR A 7 5.82 20.41 -1.68
CA THR A 7 5.88 19.52 -0.51
C THR A 7 5.42 20.27 0.74
N LEU A 8 5.24 19.58 1.84
CA LEU A 8 4.74 20.24 3.07
C LEU A 8 5.81 21.08 3.74
N THR A 9 7.06 21.03 3.24
CA THR A 9 8.08 21.90 3.94
C THR A 9 8.35 23.16 3.18
N GLY A 10 7.52 23.50 2.24
CA GLY A 10 7.67 24.69 1.43
C GLY A 10 8.68 24.63 0.33
N LYS A 11 9.10 23.43 0.00
CA LYS A 11 10.01 23.21 -1.12
C LYS A 11 9.11 22.84 -2.31
N THR A 12 9.42 23.38 -3.48
CA THR A 12 8.62 22.98 -4.66
C THR A 12 9.61 22.35 -5.64
N ILE A 13 9.25 21.19 -6.17
CA ILE A 13 10.23 20.60 -7.13
C ILE A 13 9.65 20.67 -8.52
N THR A 14 10.47 20.94 -9.51
CA THR A 14 9.89 20.97 -10.89
C THR A 14 10.25 19.66 -11.57
N LEU A 15 9.33 19.09 -12.33
CA LEU A 15 9.58 17.83 -13.01
C LEU A 15 9.25 18.02 -14.49
N GLU A 16 9.89 17.22 -15.31
CA GLU A 16 9.51 17.26 -16.76
C GLU A 16 8.85 15.92 -17.00
N VAL A 17 7.60 16.03 -17.42
CA VAL A 17 6.77 14.86 -17.67
C VAL A 17 5.93 15.04 -18.95
N GLU A 18 5.32 13.93 -19.31
CA GLU A 18 4.37 13.84 -20.41
C GLU A 18 3.06 13.38 -19.82
N PRO A 19 1.95 13.87 -20.34
CA PRO A 19 0.61 13.47 -19.90
C PRO A 19 0.43 11.98 -19.97
N SER A 20 1.19 11.31 -20.81
CA SER A 20 1.03 9.85 -20.98
C SER A 20 1.72 9.11 -19.87
N ASP A 21 2.49 9.83 -19.05
CA ASP A 21 3.19 9.10 -17.96
C ASP A 21 2.21 8.63 -16.92
N THR A 22 2.51 7.52 -16.30
CA THR A 22 1.71 6.99 -15.21
C THR A 22 2.16 7.68 -13.91
N ILE A 23 1.25 7.61 -12.94
CA ILE A 23 1.52 8.13 -11.60
C ILE A 23 2.72 7.40 -10.98
N GLU A 24 2.80 6.12 -11.24
CA GLU A 24 3.98 5.32 -10.73
C GLU A 24 5.27 5.90 -11.23
N CYS A 25 5.30 6.34 -12.52
CA CYS A 25 6.50 6.91 -13.13
C CYS A 25 6.85 8.24 -12.50
N VAL A 26 5.82 9.05 -12.28
CA VAL A 26 6.04 10.34 -11.65
C VAL A 26 6.71 10.15 -10.29
N LYS A 27 6.18 9.20 -9.52
CA LYS A 27 6.74 8.92 -8.19
C LYS A 27 8.19 8.48 -8.29
N ALA A 28 8.54 7.70 -9.30
CA ALA A 28 9.92 7.29 -9.53
C ALA A 28 10.80 8.47 -9.89
N LYS A 29 10.31 9.43 -10.66
CA LYS A 29 11.09 10.64 -10.97
C LYS A 29 11.35 11.47 -9.69
N ILE A 30 10.35 11.49 -8.81
CA ILE A 30 10.50 12.25 -7.55
C ILE A 30 11.53 11.50 -6.70
N GLN A 31 11.49 10.19 -6.69
CA GLN A 31 12.50 9.45 -5.86
C GLN A 31 13.90 9.76 -6.40
N ASP A 32 14.01 9.63 -7.70
CA ASP A 32 15.30 9.91 -8.37
C ASP A 32 15.83 11.29 -8.03
N LYS A 33 14.94 12.30 -7.98
CA LYS A 33 15.50 13.66 -7.74
C LYS A 33 15.53 14.13 -6.33
N GLU A 34 14.74 13.67 -5.41
CA GLU A 34 14.73 14.09 -4.02
C GLU A 34 14.92 12.96 -3.04
N GLY A 35 14.94 11.73 -3.52
CA GLY A 35 15.18 10.58 -2.69
C GLY A 35 14.07 10.02 -1.89
N ILE A 36 12.84 10.55 -2.06
CA ILE A 36 11.72 10.01 -1.29
C ILE A 36 11.20 8.72 -1.91
N PRO A 37 11.15 7.65 -1.13
CA PRO A 37 10.64 6.34 -1.58
C PRO A 37 9.21 6.46 -2.09
N PRO A 38 8.88 5.84 -3.19
CA PRO A 38 7.51 5.95 -3.73
C PRO A 38 6.45 5.52 -2.76
N ASP A 39 6.74 4.57 -1.90
CA ASP A 39 5.72 4.05 -0.95
C ASP A 39 5.34 5.08 0.11
N GLN A 40 6.16 6.11 0.23
CA GLN A 40 5.83 7.18 1.22
C GLN A 40 5.08 8.36 0.58
N GLN A 41 5.02 8.40 -0.74
CA GLN A 41 4.40 9.48 -1.46
C GLN A 41 2.90 9.36 -1.66
N ARG A 42 2.21 10.46 -1.32
CA ARG A 42 0.75 10.57 -1.60
C ARG A 42 0.62 11.80 -2.48
N LEU A 43 0.18 11.67 -3.73
CA LEU A 43 0.09 12.84 -4.63
C LEU A 43 -1.35 13.30 -4.76
N ILE A 44 -1.57 14.59 -4.57
CA ILE A 44 -2.91 15.19 -4.61
C ILE A 44 -3.02 16.28 -5.66
N PHE A 45 -4.11 16.19 -6.46
CA PHE A 45 -4.39 17.20 -7.50
C PHE A 45 -5.92 17.33 -7.53
N ALA A 46 -6.32 18.58 -7.46
CA ALA A 46 -7.74 18.98 -7.52
C ALA A 46 -8.59 18.14 -6.58
N GLY A 47 -8.08 17.99 -5.40
CA GLY A 47 -8.62 17.24 -4.29
C GLY A 47 -8.80 15.76 -4.47
N CYS A 48 -8.13 15.15 -5.41
CA CYS A 48 -8.12 13.71 -5.63
C CYS A 48 -6.78 13.12 -5.25
N GLN A 49 -6.74 11.97 -4.70
CA GLN A 49 -5.43 11.30 -4.47
C GLN A 49 -5.16 10.55 -5.77
N LEU A 50 -3.98 10.72 -6.33
CA LEU A 50 -3.65 10.11 -7.64
C LEU A 50 -3.29 8.65 -7.46
N GLU A 51 -3.77 7.80 -8.37
CA GLU A 51 -3.53 6.34 -8.25
C GLU A 51 -2.42 5.92 -9.18
N ASP A 52 -1.53 5.06 -8.79
CA ASP A 52 -0.35 4.62 -9.54
C ASP A 52 -0.48 4.20 -10.99
N GLY A 53 -1.50 3.45 -11.32
CA GLY A 53 -1.74 2.91 -12.67
C GLY A 53 -2.40 3.82 -13.65
N ARG A 54 -2.89 4.98 -13.21
CA ARG A 54 -3.49 5.96 -14.13
C ARG A 54 -2.37 6.83 -14.68
N THR A 55 -2.66 7.57 -15.72
CA THR A 55 -1.72 8.53 -16.36
C THR A 55 -2.16 9.94 -15.93
N LEU A 56 -1.27 10.90 -16.12
CA LEU A 56 -1.55 12.31 -15.83
C LEU A 56 -2.72 12.75 -16.70
N SER A 57 -2.80 12.25 -17.95
CA SER A 57 -3.93 12.69 -18.80
C SER A 57 -5.26 12.26 -18.24
N ASP A 58 -5.29 11.15 -17.53
CA ASP A 58 -6.56 10.64 -16.93
C ASP A 58 -7.20 11.71 -16.05
N TYR A 59 -6.37 12.41 -15.33
CA TYR A 59 -6.76 13.49 -14.42
C TYR A 59 -6.79 14.84 -15.09
N ASN A 60 -6.55 14.98 -16.38
CA ASN A 60 -6.58 16.32 -16.99
C ASN A 60 -5.58 17.25 -16.32
N ILE A 61 -4.36 16.77 -16.10
CA ILE A 61 -3.28 17.62 -15.54
C ILE A 61 -2.59 18.28 -16.73
N GLN A 62 -2.64 19.57 -16.85
CA GLN A 62 -2.07 20.32 -18.00
C GLN A 62 -0.74 20.97 -17.58
N LYS A 63 0.04 21.51 -18.58
CA LYS A 63 1.33 22.10 -18.24
C LYS A 63 1.17 23.16 -17.17
N GLU A 64 2.22 23.18 -16.36
CA GLU A 64 2.37 24.09 -15.26
C GLU A 64 1.44 23.96 -14.10
N SER A 65 0.81 22.79 -14.03
CA SER A 65 -0.07 22.42 -12.91
C SER A 65 0.84 22.18 -11.68
N THR A 66 0.25 22.25 -10.50
CA THR A 66 0.96 21.97 -9.25
C THR A 66 0.29 20.77 -8.56
N LEU A 67 1.06 19.74 -8.22
CA LEU A 67 0.49 18.62 -7.46
C LEU A 67 0.98 18.81 -6.00
N HIS A 68 0.26 18.31 -5.06
CA HIS A 68 0.72 18.43 -3.66
C HIS A 68 1.24 17.05 -3.26
N LEU A 69 2.38 17.02 -2.60
CA LEU A 69 2.96 15.77 -2.10
C LEU A 69 2.83 15.67 -0.60
N VAL A 70 2.10 14.73 -0.09
CA VAL A 70 2.03 14.52 1.38
C VAL A 70 2.81 13.21 1.60
N LEU A 71 3.60 13.15 2.65
CA LEU A 71 4.36 11.93 2.95
C LEU A 71 3.61 11.09 3.95
N ARG A 72 3.55 9.80 3.74
N ARG A 72 3.41 9.76 3.78
N ARG A 72 3.57 9.80 3.73
N ARG A 72 3.56 9.79 3.77
CA ARG A 72 2.83 8.90 4.67
CA ARG A 72 2.58 9.05 4.78
CA ARG A 72 2.88 8.86 4.65
CA ARG A 72 2.86 8.92 4.74
C ARG A 72 3.90 8.36 5.61
C ARG A 72 3.22 7.68 4.94
C ARG A 72 1.39 9.17 4.49
C ARG A 72 3.71 7.67 4.86
N LEU A 73 3.72 8.35 6.89
N LEU A 73 3.22 6.82 3.97
N LEU A 73 0.59 8.26 4.04
N LEU A 73 4.32 7.40 5.97
CA LEU A 73 4.77 7.82 7.79
CA LEU A 73 3.78 5.47 4.16
CA LEU A 73 -0.86 8.57 3.88
CA LEU A 73 5.16 6.18 6.08
C LEU A 73 4.92 6.31 7.58
C LEU A 73 2.71 4.52 4.67
C LEU A 73 -1.57 8.41 5.21
C LEU A 73 4.27 4.95 6.22
N ARG A 74 3.78 5.70 7.29
N ARG A 74 1.80 4.21 3.76
N ARG A 74 -0.80 8.67 6.27
N ARG A 74 4.48 4.03 5.30
CA ARG A 74 3.71 4.25 7.07
CA ARG A 74 0.67 3.32 4.05
CA ARG A 74 -1.29 8.57 7.64
CA ARG A 74 3.70 2.78 5.26
C ARG A 74 4.16 3.53 8.34
C ARG A 74 0.24 2.62 2.76
C ARG A 74 -1.51 7.09 7.97
C ARG A 74 4.05 1.95 6.49
N GLY A 75 5.33 2.92 8.25
N GLY A 75 -0.16 1.37 2.91
N GLY A 75 -0.41 6.34 7.96
N GLY A 75 5.34 1.97 6.82
CA GLY A 75 5.93 2.18 9.34
CA GLY A 75 -0.60 0.53 1.81
CA GLY A 75 -0.41 4.91 8.23
CA GLY A 75 5.89 1.23 7.96
C GLY A 75 5.20 0.91 9.72
C GLY A 75 -1.52 -0.61 2.19
C GLY A 75 0.96 4.31 8.45
C GLY A 75 5.41 1.70 9.32
N GLY A 76 4.57 0.32 8.72
N GLY A 76 -2.09 -1.21 1.16
N GLY A 76 0.93 3.03 8.78
N GLY A 76 5.49 0.79 10.26
CA GLY A 76 3.80 -0.92 8.81
CA GLY A 76 -3.01 -2.36 1.26
CA GLY A 76 2.12 2.20 9.03
CA GLY A 76 5.11 0.98 11.66
C GLY A 76 4.48 -1.84 9.84
C GLY A 76 -2.55 -3.43 0.26
C GLY A 76 1.65 0.76 9.27
C GLY A 76 3.71 0.40 11.88
N MET B 1 9.05 -10.24 5.28
N MET B 1 -7.47 -14.04 -2.15
N MET B 1 -0.21 -7.26 8.91
N MET B 1 -3.67 -0.84 20.36
CA MET B 1 9.03 -8.78 5.50
CA MET B 1 -7.43 -12.59 -1.92
CA MET B 1 0.37 -6.14 8.15
CA MET B 1 -2.47 -0.30 19.70
C MET B 1 9.63 -8.13 4.24
C MET B 1 -8.90 -12.12 -1.79
C MET B 1 -0.60 -5.83 6.98
C MET B 1 -2.17 1.07 20.35
N GLN B 2 9.16 -6.95 3.96
N GLN B 2 -9.06 -11.09 -1.01
N GLN B 2 -0.62 -4.59 6.60
N GLN B 2 -0.92 1.39 20.39
CA GLN B 2 9.69 -6.20 2.78
CA GLN B 2 -10.43 -10.52 -0.84
CA GLN B 2 -1.48 -4.19 5.45
CA GLN B 2 -0.51 2.71 20.96
C GLN B 2 10.86 -5.33 3.24
C GLN B 2 -10.65 -9.43 -1.88
C GLN B 2 -0.68 -4.30 4.17
C GLN B 2 -0.48 3.75 19.84
N ILE B 3 11.90 -5.32 2.42
N ILE B 3 -11.84 -9.43 -2.46
N ILE B 3 -1.32 -4.82 3.13
N ILE B 3 -0.99 4.93 20.16
CA ILE B 3 13.04 -4.41 2.67
CA ILE B 3 -12.24 -8.35 -3.38
CA ILE B 3 -0.72 -4.85 1.79
CA ILE B 3 -0.88 6.07 19.22
C ILE B 3 13.31 -3.70 1.30
C ILE B 3 -13.65 -7.89 -2.89
C ILE B 3 -1.80 -4.29 0.82
C ILE B 3 -0.35 7.26 20.06
N PHE B 4 14.04 -2.62 1.41
N PHE B 4 -14.01 -6.72 -3.37
N PHE B 4 -1.32 -3.92 -0.34
N PHE B 4 0.12 8.25 19.34
CA PHE B 4 14.37 -1.87 0.15
CA PHE B 4 -15.36 -6.19 -2.97
CA PHE B 4 -2.30 -3.37 -1.35
CA PHE B 4 0.66 9.45 20.07
C PHE B 4 15.86 -1.91 -0.07
C PHE B 4 -16.22 -6.07 -4.20
C PHE B 4 -2.34 -4.30 -2.53
C PHE B 4 -0.19 10.65 19.72
N VAL B 5 16.36 -2.08 -1.30
N VAL B 5 -17.51 -6.40 -4.16
N VAL B 5 -3.49 -4.57 -3.15
N VAL B 5 -0.52 11.54 20.65
CA VAL B 5 17.79 -2.04 -1.54
CA VAL B 5 -18.38 -6.22 -5.30
CA VAL B 5 -3.54 -5.39 -4.34
CA VAL B 5 -1.26 12.74 20.32
C VAL B 5 18.00 -0.85 -2.51
C VAL B 5 -19.47 -5.22 -4.83
C VAL B 5 -4.13 -4.47 -5.45
C VAL B 5 -0.33 13.92 20.69
N LYS B 6 18.67 0.16 -2.07
N LYS B 6 -19.49 -4.07 -5.41
N LYS B 6 -3.36 -4.16 -6.42
N LYS B 6 0.10 14.66 19.72
CA LYS B 6 18.89 1.37 -2.92
CA LYS B 6 -20.49 -3.03 -4.99
CA LYS B 6 -3.84 -3.24 -7.51
CA LYS B 6 1.05 15.79 19.98
C LYS B 6 20.21 1.23 -3.61
C LYS B 6 -21.67 -3.12 -5.91
C LYS B 6 -4.37 -4.08 -8.64
C LYS B 6 0.23 17.05 20.13
N THR B 7 20.24 1.38 -4.96
N THR B 7 -22.90 -3.23 -5.33
N THR B 7 -5.61 -3.82 -9.09
N THR B 7 0.43 17.80 21.23
CA THR B 7 21.52 1.24 -5.69
CA THR B 7 -24.10 -3.33 -6.17
CA THR B 7 -6.19 -4.60 -10.19
CA THR B 7 -0.32 19.04 21.44
C THR B 7 22.07 2.64 -5.99
C THR B 7 -24.77 -1.96 -6.24
C THR B 7 -6.06 -3.81 -11.49
C THR B 7 0.55 20.23 21.04
N LEU B 8 23.28 2.74 -6.47
N LEU B 8 -25.76 -1.80 -7.09
N LEU B 8 -6.35 -4.43 -12.62
N LEU B 8 -0.02 21.42 20.98
CA LEU B 8 23.90 4.06 -6.76
CA LEU B 8 -26.44 -0.50 -7.25
CA LEU B 8 -6.20 -3.75 -13.93
CA LEU B 8 0.75 22.62 20.56
C LEU B 8 23.31 4.72 -7.99
C LEU B 8 -27.35 -0.15 -6.07
C LEU B 8 -7.28 -2.72 -14.17
C LEU B 8 1.72 23.09 21.62
N THR B 9 22.44 4.01 -8.73
N THR B 9 -27.54 -1.11 -5.14
N THR B 9 -8.28 -2.64 -13.29
N THR B 9 1.66 22.50 22.83
CA THR B 9 21.90 4.71 -9.94
CA THR B 9 -28.44 -0.73 -4.00
CA THR B 9 -9.33 -1.60 -13.56
CA THR B 9 2.63 23.00 23.86
C THR B 9 20.50 5.22 -9.71
C THR B 9 -27.66 -0.38 -2.77
C THR B 9 -9.14 -0.37 -12.72
C THR B 9 3.82 22.10 24.00
N GLY B 10 20.08 5.27 -8.49
N GLY B 10 -26.39 -0.14 -2.89
N GLY B 10 -8.01 -0.22 -12.10
N GLY B 10 4.01 21.19 23.08
CA GLY B 10 18.77 5.75 -8.12
CA GLY B 10 -25.53 0.21 -1.79
CA GLY B 10 -7.70 0.91 -11.27
CA GLY B 10 5.11 20.26 23.10
C GLY B 10 17.63 4.80 -8.34
C GLY B 10 -25.10 -0.91 -0.89
C GLY B 10 -8.29 0.90 -9.89
C GLY B 10 4.97 19.09 24.03
N LYS B 11 17.95 3.54 -8.52
N LYS B 11 -25.27 -2.12 -1.36
N LYS B 11 -8.75 -0.25 -9.46
N LYS B 11 3.76 18.84 24.48
CA LYS B 11 16.96 2.49 -8.64
CA LYS B 11 -24.81 -3.31 -0.64
CA LYS B 11 -9.27 -0.44 -8.12
CA LYS B 11 3.46 17.69 25.30
C LYS B 11 16.84 1.88 -7.23
C LYS B 11 -23.43 -3.64 -1.25
C LYS B 11 -8.09 -1.02 -7.31
C LYS B 11 2.92 16.62 24.32
N THR B 12 15.61 1.60 -6.81
N THR B 12 -22.48 -3.99 -0.41
N THR B 12 -7.92 -0.54 -6.09
N THR B 12 3.34 15.39 24.50
CA THR B 12 15.47 0.93 -5.50
CA THR B 12 -21.18 -4.41 -0.97
CA THR B 12 -6.86 -1.14 -5.27
CA THR B 12 2.78 14.33 23.64
C THR B 12 14.76 -0.40 -5.77
C THR B 12 -20.96 -5.84 -0.50
C THR B 12 -7.55 -1.70 -4.02
C THR B 12 2.08 13.33 24.59
N ILE B 13 15.31 -1.48 -5.22
N ILE B 13 -20.58 -6.72 -1.45
N ILE B 13 -7.21 -2.95 -3.69
N ILE B 13 0.85 12.98 24.24
CA ILE B 13 14.61 -2.76 -5.49
CA ILE B 13 -20.36 -8.11 -0.98
CA ILE B 13 -7.90 -3.48 -2.47
CA ILE B 13 0.20 12.00 25.17
C ILE B 13 13.94 -3.23 -4.23
C ILE B 13 -18.89 -8.42 -1.01
C ILE B 13 -6.90 -3.60 -1.35
C ILE B 13 0.08 10.67 24.48
N THR B 14 12.75 -3.80 -4.33
N THR B 14 -18.39 -9.15 -0.05
N THR B 14 -7.30 -3.30 -0.13
N THR B 14 0.29 9.58 25.20
CA THR B 14 12.13 -4.30 -3.08
CA THR B 14 -16.93 -9.48 -0.13
CA THR B 14 -6.30 -3.46 0.96
CA THR B 14 0.14 8.27 24.50
C THR B 14 12.31 -5.79 -3.02
C THR B 14 -16.80 -10.89 -0.62
C THR B 14 -6.61 -4.74 1.69
C THR B 14 -1.22 7.70 24.88
N LEU B 15 12.61 -6.35 -1.85
N LEU B 15 -15.83 -11.16 -1.49
N LEU B 15 -5.59 -5.50 2.08
N LEU B 15 -1.92 7.09 23.93
CA LEU B 15 12.83 -7.77 -1.70
CA LEU B 15 -15.64 -12.49 -2.03
CA LEU B 15 -5.79 -6.76 2.77
CA LEU B 15 -3.23 6.53 24.19
C LEU B 15 11.91 -8.29 -0.59
C LEU B 15 -14.18 -12.89 -1.80
C LEU B 15 -4.97 -6.74 4.06
C LEU B 15 -3.22 5.07 23.74
N GLU B 16 11.58 -9.55 -0.67
N GLU B 16 -13.96 -14.19 -1.74
N GLU B 16 -5.42 -7.51 5.02
N GLU B 16 -4.08 4.29 24.35
CA GLU B 16 10.80 -10.13 0.46
CA GLU B 16 -12.53 -14.64 -1.65
CA GLU B 16 -4.58 -7.63 6.26
CA GLU B 16 -4.21 2.88 23.85
C GLU B 16 11.78 -11.10 1.11
C GLU B 16 -12.29 -15.32 -2.97
C GLU B 16 -4.09 -9.06 6.22
C GLU B 16 -5.60 2.85 23.24
N VAL B 17 12.01 -10.82 2.38
N VAL B 17 -11.30 -14.78 -3.67
N VAL B 17 -2.77 -9.15 6.19
N VAL B 17 -5.60 2.52 21.96
CA VAL B 17 12.95 -11.60 3.18
CA VAL B 17 -10.94 -15.25 -4.99
CA VAL B 17 -2.08 -10.45 6.12
CA VAL B 17 -6.82 2.47 21.17
C VAL B 17 12.41 -11.85 4.59
C VAL B 17 -9.41 -15.29 -5.15
C VAL B 17 -0.86 -10.49 7.04
C VAL B 17 -6.82 1.25 20.22
N GLU B 18 13.14 -12.70 5.26
N GLU B 18 -9.04 -15.90 -6.27
N GLU B 18 -0.36 -11.69 7.14
N GLU B 18 -7.99 1.08 19.65
CA GLU B 18 12.92 -13.04 6.68
CA GLU B 18 -7.66 -15.98 -6.73
CA GLU B 18 0.88 -11.99 7.86
CA GLU B 18 -8.25 0.07 18.62
C GLU B 18 14.20 -12.66 7.41
C GLU B 18 -7.63 -15.30 -8.10
C GLU B 18 1.84 -12.58 6.84
C GLU B 18 -8.70 0.83 17.38
N PRO B 19 14.06 -12.18 8.64
N PRO B 19 -6.54 -14.61 -8.39
N PRO B 19 3.12 -12.28 6.99
N PRO B 19 -8.31 0.35 16.21
CA PRO B 19 15.21 -11.82 9.47
CA PRO B 19 -6.36 -13.95 -9.69
CA PRO B 19 4.16 -12.82 6.10
CA PRO B 19 -8.73 0.95 14.94
C PRO B 19 16.18 -12.98 9.63
C PRO B 19 -6.53 -14.91 -10.84
C PRO B 19 4.13 -14.33 6.05
C PRO B 19 -10.22 1.07 14.82
N SER B 20 15.69 -14.19 9.47
N SER B 20 -6.31 -16.19 -10.59
N SER B 20 3.60 -14.96 7.09
N SER B 20 -10.95 0.22 15.54
CA SER B 20 16.55 -15.36 9.65
CA SER B 20 -6.39 -17.19 -11.67
CA SER B 20 3.58 -16.42 7.15
CA SER B 20 -12.41 0.24 15.45
C SER B 20 17.40 -15.61 8.42
C SER B 20 -7.83 -17.55 -11.95
C SER B 20 2.45 -16.99 6.31
C SER B 20 -13.00 1.35 16.27
N ASP B 21 17.13 -14.88 7.35
N ASP B 21 -8.75 -17.07 -11.11
N ASP B 21 1.58 -16.10 5.81
N ASP B 21 -12.16 2.03 17.07
CA ASP B 21 17.95 -15.12 6.13
CA ASP B 21 -10.18 -17.44 -11.37
CA ASP B 21 0.45 -16.64 5.01
CA ASP B 21 -12.73 3.12 17.90
C ASP B 21 19.36 -14.61 6.34
C ASP B 21 -10.67 -16.72 -12.59
C ASP B 21 0.96 -17.15 3.68
C ASP B 21 -13.12 4.28 17.02
N THR B 22 20.30 -15.28 5.71
N THR B 22 -11.58 -17.37 -13.30
N THR B 22 0.30 -18.17 3.16
N THR B 22 -14.15 4.99 17.43
CA THR B 22 21.69 -14.87 5.74
CA THR B 22 -12.23 -16.77 -14.45
CA THR B 22 0.61 -18.70 1.86
CA THR B 22 -14.59 6.19 16.75
C THR B 22 21.90 -13.79 4.65
C THR B 22 -13.41 -15.90 -13.96
C THR B 22 -0.12 -17.85 0.80
C THR B 22 -13.72 7.37 17.27
N ILE B 23 22.99 -13.05 4.86
N ILE B 23 -13.80 -14.99 -14.85
N ILE B 23 0.39 -17.97 -0.42
N ILE B 23 -13.74 8.43 16.44
CA ILE B 23 23.39 -12.03 3.88
CA ILE B 23 -14.97 -14.14 -14.60
CA ILE B 23 -0.23 -17.31 -1.57
CA ILE B 23 -13.05 9.67 16.80
C ILE B 23 23.70 -12.69 2.53
C ILE B 23 -16.22 -15.00 -14.42
C ILE B 23 -1.65 -17.82 -1.78
C ILE B 23 -13.66 10.26 18.07
N GLU B 24 24.28 -13.86 2.56
N GLU B 24 -16.32 -16.06 -15.19
N GLU B 24 -1.85 -19.11 -1.54
N GLU B 24 -14.96 10.14 18.20
CA GLU B 24 24.56 -14.61 1.29
CA GLU B 24 -17.48 -17.00 -15.05
CA GLU B 24 -3.22 -19.70 -1.65
CA GLU B 24 -15.65 10.62 19.46
C GLU B 24 23.28 -14.84 0.52
C GLU B 24 -17.56 -17.54 -13.64
C GLU B 24 -4.18 -18.99 -0.73
C GLU B 24 -15.06 9.95 20.68
N ASN B 25 22.21 -15.17 1.23
N ASN B 25 -16.42 -17.86 -13.07
N ASN B 25 -3.72 -18.67 0.47
N ASN B 25 -14.79 8.66 20.57
CA ASN B 25 20.88 -15.43 0.65
CA ASN B 25 -16.31 -18.41 -11.71
CA ASN B 25 -4.51 -17.99 1.51
CA ASN B 25 -14.23 7.84 21.65
C ASN B 25 20.29 -14.18 0.01
C ASN B 25 -16.75 -17.39 -10.66
C ASN B 25 -4.87 -16.57 1.09
C ASN B 25 -12.82 8.29 22.02
N VAL B 26 20.42 -13.08 0.74
N VAL B 26 -16.28 -16.17 -10.86
N VAL B 26 -3.87 -15.89 0.54
N VAL B 26 -12.03 8.52 20.98
CA VAL B 26 19.93 -11.81 0.25
CA VAL B 26 -16.65 -15.08 -9.95
CA VAL B 26 -4.08 -14.52 0.05
CA VAL B 26 -10.66 8.99 21.17
C VAL B 26 20.61 -11.47 -1.07
C VAL B 26 -18.16 -14.93 -9.93
C VAL B 26 -5.17 -14.52 -1.00
C VAL B 26 -10.68 10.30 21.95
N LYS B 27 21.93 -11.65 -1.10
N LYS B 27 -18.77 -14.93 -11.11
N LYS B 27 -5.09 -15.47 -1.93
N LYS B 27 -11.56 11.20 21.54
CA LYS B 27 22.70 -11.37 -2.32
CA LYS B 27 -20.22 -14.79 -11.23
CA LYS B 27 -6.08 -15.56 -3.00
CA LYS B 27 -11.67 12.51 22.22
C LYS B 27 22.24 -12.25 -3.47
C LYS B 27 -20.93 -15.92 -10.51
C LYS B 27 -7.47 -15.82 -2.43
C LYS B 27 -12.05 12.33 23.68
N ALA B 28 21.90 -13.49 -3.21
N ALA B 28 -20.39 -17.13 -10.59
N ALA B 28 -7.58 -16.61 -1.39
N ALA B 28 -12.92 11.39 23.98
CA ALA B 28 21.38 -14.40 -4.23
CA ALA B 28 -20.96 -18.28 -9.88
CA ALA B 28 -8.86 -16.85 -0.73
CA ALA B 28 -13.29 11.09 25.36
C ALA B 28 20.02 -13.94 -4.72
C ALA B 28 -20.85 -18.11 -8.37
C ALA B 28 -9.38 -15.60 -0.06
C ALA B 28 -12.13 10.54 26.15
N LYS B 29 19.16 -13.43 -3.86
N LYS B 29 -19.76 -17.56 -7.87
N LYS B 29 -8.53 -14.78 0.54
N LYS B 29 -11.29 9.70 25.56
CA LYS B 29 17.85 -12.88 -4.29
CA LYS B 29 -19.61 -17.29 -6.42
CA LYS B 29 -8.97 -13.50 1.13
CA LYS B 29 -10.07 9.20 26.24
C LYS B 29 18.05 -11.66 -5.21
C LYS B 29 -20.65 -16.25 -5.96
C LYS B 29 -9.50 -12.55 0.04
C LYS B 29 -9.10 10.35 26.55
N ILE B 30 19.06 -10.86 -4.88
N ILE B 30 -20.90 -15.26 -6.83
N ILE B 30 -8.85 -12.59 -1.13
N ILE B 30 -9.02 11.31 25.63
CA ILE B 30 19.33 -9.65 -5.69
CA ILE B 30 -21.89 -14.22 -6.47
CA ILE B 30 -9.29 -11.72 -2.23
CA ILE B 30 -8.11 12.45 25.84
C ILE B 30 19.87 -10.14 -7.05
C ILE B 30 -23.26 -14.89 -6.48
C ILE B 30 -10.65 -12.26 -2.71
C ILE B 30 -8.73 13.29 26.97
N GLN B 31 20.70 -11.16 -7.05
N GLN B 31 -23.53 -15.76 -7.42
N GLN B 31 -10.81 -13.56 -2.78
N GLN B 31 -10.03 13.45 27.00
CA GLN B 31 21.21 -11.65 -8.37
CA GLN B 31 -24.87 -16.42 -7.42
CA GLN B 31 -12.13 -14.08 -3.24
CA GLN B 31 -10.63 14.26 28.11
C GLN B 31 20.03 -12.14 -9.22
C GLN B 31 -25.04 -17.22 -6.12
C GLN B 31 -13.22 -13.63 -2.25
C GLN B 31 -10.32 13.58 29.45
N ASP B 32 19.23 -12.95 -8.58
N ASP B 32 -24.01 -18.00 -5.84
N ASP B 32 -12.92 -13.85 -1.00
N ASP B 32 -10.59 12.29 29.46
CA ASP B 32 18.03 -13.51 -9.25
CA ASP B 32 -24.01 -18.82 -4.62
CA ASP B 32 -13.85 -13.46 0.08
CA ASP B 32 -10.32 11.48 30.67
C ASP B 32 17.17 -12.42 -9.84
C ASP B 32 -24.27 -18.00 -3.38
C ASP B 32 -14.25 -12.00 -0.03
C ASP B 32 -8.90 11.63 31.16
N LYS B 33 16.98 -11.30 -9.11
N LYS B 33 -23.66 -16.80 -3.30
N LYS B 33 -13.28 -11.12 -0.33
N LYS B 33 -7.93 11.64 30.22
CA LYS B 33 16.04 -10.29 -9.67
CA LYS B 33 -23.85 -16.04 -2.03
CA LYS B 33 -13.67 -9.68 -0.33
CA LYS B 33 -6.53 11.69 30.72
C LYS B 33 16.65 -9.20 -10.49
C LYS B 33 -24.97 -15.06 -1.99
C LYS B 33 -14.10 -9.09 -1.63
C LYS B 33 -5.90 13.03 30.85
N GLU B 34 17.89 -8.82 -10.36
N GLU B 34 -25.46 -14.51 -3.06
N GLU B 34 -13.73 -9.57 -2.79
N GLU B 34 -6.29 14.06 30.16
CA GLU B 34 18.52 -7.77 -11.14
CA GLU B 34 -26.55 -13.55 -3.08
CA GLU B 34 -14.12 -9.06 -4.08
CA GLU B 34 -5.72 15.39 30.24
C GLU B 34 19.76 -8.22 -11.87
C GLU B 34 -27.71 -13.96 -3.94
C GLU B 34 -14.78 -10.06 -4.97
C GLU B 34 -6.71 16.47 30.57
N GLY B 35 20.20 -9.44 -11.65
N GLY B 35 -27.57 -15.04 -4.68
N GLY B 35 -14.83 -11.32 -4.56
N GLY B 35 -8.00 16.12 30.61
CA GLY B 35 21.33 -10.00 -12.34
CA GLY B 35 -28.64 -15.58 -5.50
CA GLY B 35 -15.51 -12.35 -5.29
CA GLY B 35 -9.04 17.05 30.98
C GLY B 35 22.69 -9.66 -11.89
C GLY B 35 -28.88 -14.98 -6.83
C GLY B 35 -14.81 -12.99 -6.43
C GLY B 35 -9.55 18.00 29.97
N ILE B 36 22.81 -8.92 -10.77
N ILE B 36 -28.04 -14.03 -7.25
N ILE B 36 -13.53 -12.65 -6.67
N ILE B 36 -9.09 17.87 28.71
CA ILE B 36 24.16 -8.59 -10.30
CA ILE B 36 -28.26 -13.42 -8.57
CA ILE B 36 -12.82 -13.28 -7.79
CA ILE B 36 -9.59 18.79 27.68
C ILE B 36 24.80 -9.75 -9.56
C ILE B 36 -27.76 -14.32 -9.69
C ILE B 36 -12.33 -14.67 -7.42
C ILE B 36 -10.97 18.36 27.19
N PRO B 37 25.98 -10.17 -9.99
N PRO B 37 -28.62 -14.66 -10.64
N PRO B 37 -12.71 -15.67 -8.20
N PRO B 37 -11.94 19.26 27.25
CA PRO B 37 26.73 -11.26 -9.35
CA PRO B 37 -28.26 -15.50 -11.79
CA PRO B 37 -12.29 -17.06 -7.99
CA PRO B 37 -13.31 19.00 26.77
C PRO B 37 26.98 -10.96 -7.88
C PRO B 37 -27.11 -14.89 -12.57
C PRO B 37 -10.77 -17.17 -7.99
C PRO B 37 -13.30 18.60 25.31
N PRO B 38 26.81 -11.92 -7.00
N PRO B 38 -26.15 -15.67 -12.99
N PRO B 38 -10.19 -17.92 -7.08
N PRO B 38 -14.07 17.61 24.92
CA PRO B 38 27.03 -11.66 -5.57
CA PRO B 38 -25.01 -15.12 -13.73
CA PRO B 38 -8.73 -18.04 -7.03
CA PRO B 38 -14.08 17.19 23.51
C PRO B 38 28.41 -11.15 -5.26
C PRO B 38 -25.40 -14.38 -14.98
C PRO B 38 -8.12 -18.53 -8.32
C PRO B 38 -14.44 18.28 22.56
N ASP B 39 29.41 -11.55 -6.00
N ASP B 39 -26.48 -14.78 -15.63
N ASP B 39 -8.82 -19.36 -9.06
N ASP B 39 -15.28 19.21 22.96
CA ASP B 39 30.80 -11.13 -5.71
CA ASP B 39 -26.90 -14.13 -16.89
CA ASP B 39 -8.26 -19.94 -10.31
CA ASP B 39 -15.74 20.29 22.05
C ASP B 39 31.02 -9.64 -5.97
C ASP B 39 -27.39 -12.70 -16.67
C ASP B 39 -8.10 -18.88 -11.40
C ASP B 39 -14.61 21.26 21.71
N GLN B 40 30.09 -9.03 -6.68
N GLN B 40 -27.68 -12.36 -15.43
N GLN B 40 -8.73 -17.74 -11.22
N GLN B 40 -13.53 21.21 22.47
CA GLN B 40 30.22 -7.57 -6.95
CA GLN B 40 -28.14 -10.98 -15.13
CA GLN B 40 -8.59 -16.66 -12.22
CA GLN B 40 -12.38 22.10 22.18
C GLN B 40 29.43 -6.72 -5.94
C GLN B 40 -26.98 -10.07 -14.68
C GLN B 40 -7.51 -15.64 -11.82
C GLN B 40 -11.31 21.40 21.32
N GLN B 41 28.59 -7.35 -5.14
N GLN B 41 -25.82 -10.63 -14.41
N GLN B 41 -7.00 -15.71 -10.61
N GLN B 41 -11.42 20.09 21.14
CA GLN B 41 27.75 -6.67 -4.19
CA GLN B 41 -24.67 -9.91 -13.93
CA GLN B 41 -6.02 -14.79 -10.10
CA GLN B 41 -10.46 19.31 20.41
C GLN B 41 28.39 -6.37 -2.85
C GLN B 41 -23.81 -9.27 -14.99
C GLN B 41 -4.58 -15.11 -10.43
C GLN B 41 -10.66 19.26 18.90
N ARG B 42 28.25 -5.11 -2.44
N ARG B 42 -23.54 -7.98 -14.78
N ARG B 42 -3.89 -14.11 -10.95
N ARG B 42 -9.57 19.53 18.20
CA ARG B 42 28.67 -4.67 -1.08
CA ARG B 42 -22.57 -7.24 -15.65
CA ARG B 42 -2.41 -14.21 -11.16
CA ARG B 42 -9.54 19.37 16.71
C ARG B 42 27.42 -4.12 -0.44
C ARG B 42 -21.49 -6.74 -14.69
C ARG B 42 -1.82 -13.08 -10.35
C ARG B 42 -8.43 18.39 16.44
N LEU B 43 26.90 -4.72 0.63
N LEU B 43 -20.26 -7.19 -14.81
N LEU B 43 -1.02 -13.36 -9.32
N LEU B 43 -8.71 17.20 15.91
CA LEU B 43 25.63 -4.23 1.24
CA LEU B 43 -19.19 -6.77 -13.85
CA LEU B 43 -0.46 -12.29 -8.47
CA LEU B 43 -7.65 16.19 15.69
C LEU B 43 25.94 -3.46 2.52
C LEU B 43 -18.29 -5.73 -14.50
C LEU B 43 1.01 -12.05 -8.82
C LEU B 43 -7.28 16.13 14.21
N ILE B 44 25.36 -2.26 2.63
N ILE B 44 -18.07 -4.63 -13.81
N ILE B 44 1.35 -10.77 -9.03
N ILE B 44 -5.98 16.20 13.95
CA ILE B 44 25.60 -1.38 3.76
CA ILE B 44 -17.27 -3.51 -14.30
CA ILE B 44 2.69 -10.37 -9.43
CA ILE B 44 -5.45 16.22 12.58
C ILE B 44 24.30 -1.02 4.47
C ILE B 44 -16.10 -3.20 -13.38
C ILE B 44 3.30 -9.39 -8.44
C ILE B 44 -4.49 15.07 12.33
N PHE B 45 24.34 -1.15 5.83
N PHE B 45 -14.90 -3.07 -14.02
N PHE B 45 4.56 -9.69 -8.05
N PHE B 45 -4.72 14.38 11.19
CA PHE B 45 23.18 -0.80 6.68
CA PHE B 45 -13.68 -2.71 -13.28
CA PHE B 45 5.33 -8.82 -7.15
CA PHE B 45 -3.84 13.27 10.76
C PHE B 45 23.79 -0.21 7.96
C PHE B 45 -12.87 -1.81 -14.24
C PHE B 45 6.79 -8.90 -7.63
C PHE B 45 -3.79 13.35 9.23
N ALA B 46 23.25 0.95 8.27
N ALA B 46 -12.49 -0.70 -13.67
N ALA B 46 7.32 -7.71 -7.79
N ALA B 46 -2.56 13.33 8.78
CA ALA B 46 23.61 1.70 9.49
CA ALA B 46 -11.66 0.32 -14.34
CA ALA B 46 8.73 -7.50 -8.19
CA ALA B 46 -2.22 13.34 7.34
C ALA B 46 25.13 1.80 9.63
C ALA B 46 -12.21 0.65 -15.72
C ALA B 46 9.09 -8.38 -9.39
C ALA B 46 -3.00 14.43 6.61
N GLY B 47 25.75 2.12 8.55
N GLY B 47 -13.50 0.83 -15.74
N GLY B 47 8.20 -8.37 -10.34
N GLY B 47 -2.99 15.58 7.23
CA GLY B 47 27.16 2.29 8.34
CA GLY B 47 -14.34 1.15 -16.86
CA GLY B 47 8.22 -9.08 -11.59
CA GLY B 47 -3.63 16.80 6.82
C GLY B 47 28.04 1.09 8.56
C GLY B 47 -14.40 0.14 -17.98
C GLY B 47 8.23 -10.59 -11.53
C GLY B 47 -5.12 16.80 6.69
N LYS B 48 27.49 -0.09 8.49
N LYS B 48 -14.08 -1.10 -17.71
N LYS B 48 7.79 -11.16 -10.44
N LYS B 48 -5.80 15.89 7.34
CA LYS B 48 28.26 -1.33 8.64
CA LYS B 48 -14.15 -2.17 -18.71
CA LYS B 48 7.71 -12.61 -10.29
CA LYS B 48 -7.26 15.82 7.33
C LYS B 48 28.20 -2.07 7.30
C LYS B 48 -15.24 -3.16 -18.24
C LYS B 48 6.22 -12.97 -10.15
C LYS B 48 -7.74 16.10 8.77
N GLN B 49 29.26 -2.71 6.89
N GLN B 49 -16.00 -3.71 -19.14
N GLN B 49 5.81 -14.07 -10.73
N GLN B 49 -8.83 16.80 8.92
CA GLN B 49 29.23 -3.54 5.66
CA GLN B 49 -16.98 -4.77 -18.75
CA GLN B 49 4.40 -14.54 -10.53
CA GLN B 49 -9.41 16.99 10.29
C GLN B 49 28.72 -4.89 6.15
C GLN B 49 -16.15 -6.06 -18.79
C GLN B 49 4.46 -15.34 -9.22
C GLN B 49 -10.27 15.75 10.49
N LEU B 50 27.72 -5.45 5.51
N LEU B 50 -16.22 -6.85 -17.75
N LEU B 50 3.58 -15.07 -8.29
N LEU B 50 -10.13 15.08 11.61
CA LEU B 50 27.10 -6.71 5.96
CA LEU B 50 -15.40 -8.07 -17.64
CA LEU B 50 3.60 -15.72 -6.98
CA LEU B 50 -10.86 13.82 11.87
C LEU B 50 27.95 -7.89 5.53
C LEU B 50 -16.03 -9.19 -18.46
C LEU B 50 3.00 -17.11 -7.07
C LEU B 50 -12.29 14.13 12.31
N GLU B 51 28.11 -8.88 6.41
N GLU B 51 -15.20 -9.96 -19.18
N GLU B 51 3.60 -18.10 -6.40
N GLU B 51 -13.25 13.36 11.80
CA GLU B 51 28.97 -10.03 6.09
CA GLU B 51 -15.74 -11.03 -20.04
CA GLU B 51 3.10 -19.48 -6.48
CA GLU B 51 -14.67 13.62 12.14
C GLU B 51 28.12 -11.22 5.70
C GLU B 51 -15.57 -12.37 -19.36
C GLU B 51 2.32 -19.82 -5.24
C GLU B 51 -15.14 12.65 13.19
N ASP B 52 28.49 -11.99 4.71
N ASP B 52 -16.52 -13.27 -19.44
N ASP B 52 1.22 -20.52 -5.34
N ASP B 52 -15.92 13.05 14.15
CA ASP B 52 27.73 -13.11 4.17
CA ASP B 52 -16.54 -14.56 -18.77
CA ASP B 52 0.32 -20.86 -4.25
CA ASP B 52 -16.38 12.25 15.28
C ASP B 52 27.13 -14.16 5.08
C ASP B 52 -15.33 -15.48 -18.83
C ASP B 52 0.84 -21.42 -2.94
C ASP B 52 -16.98 10.88 15.06
N GLY B 53 27.85 -14.58 6.10
N GLY B 53 -14.72 -15.61 -19.98
N GLY B 53 1.79 -22.32 -3.00
N GLY B 53 -17.80 10.71 14.05
CA GLY B 53 27.42 -15.64 7.04
CA GLY B 53 -13.58 -16.50 -20.22
CA GLY B 53 2.37 -23.00 -1.83
CA GLY B 53 -18.51 9.45 13.73
C GLY B 53 26.54 -15.19 8.16
C GLY B 53 -12.22 -15.98 -19.83
C GLY B 53 3.44 -22.25 -1.10
C GLY B 53 -17.73 8.45 12.95
N ARG B 54 26.34 -13.89 8.35
N ARG B 54 -12.12 -14.71 -19.46
N ARG B 54 3.94 -21.15 -1.64
N ARG B 54 -16.56 8.80 12.44
CA ARG B 54 25.41 -13.39 9.39
CA ARG B 54 -10.84 -14.13 -18.98
CA ARG B 54 4.95 -20.33 -0.95
CA ARG B 54 -15.69 7.84 11.70
C ARG B 54 24.01 -13.37 8.80
C ARG B 54 -10.73 -14.41 -17.49
C ARG B 54 4.22 -19.36 -0.03
C ARG B 54 -14.86 7.09 12.73
N THR B 55 23.03 -13.22 9.65
N THR B 55 -9.55 -14.24 -16.95
N THR B 55 4.95 -18.76 0.88
N THR B 55 -14.25 6.01 12.32
CA THR B 55 21.60 -13.12 9.26
CA THR B 55 -9.26 -14.40 -15.50
CA THR B 55 4.42 -17.74 1.83
CA THR B 55 -13.34 5.19 13.16
C THR B 55 21.21 -11.62 9.41
C THR B 55 -9.12 -12.98 -14.92
C THR B 55 4.90 -16.37 1.31
C THR B 55 -11.90 5.51 12.69
N LEU B 56 20.09 -11.27 8.82
N LEU B 56 -9.19 -12.89 -13.60
N LEU B 56 4.29 -15.32 1.83
N LEU B 56 -10.94 5.13 13.50
CA LEU B 56 19.54 -9.91 8.93
CA LEU B 56 -9.00 -11.62 -12.89
CA LEU B 56 4.67 -13.94 1.50
CA LEU B 56 -9.51 5.29 13.17
C LEU B 56 19.25 -9.62 10.40
C LEU B 56 -7.60 -11.10 -13.19
C LEU B 56 6.12 -13.72 1.95
C LEU B 56 -9.21 4.48 11.91
N SER B 57 18.79 -10.64 11.14
N SER B 57 -6.61 -12.01 -13.31
N SER B 57 6.51 -14.33 3.07
N SER B 57 -9.87 3.31 11.77
CA SER B 57 18.49 -10.37 12.57
CA SER B 57 -5.25 -11.51 -13.59
CA SER B 57 7.92 -14.11 3.51
CA SER B 57 -9.57 2.51 10.55
C SER B 57 19.72 -9.98 13.34
C SER B 57 -5.16 -10.81 -14.93
C SER B 57 8.92 -14.67 2.53
C SER B 57 -9.99 3.23 9.29
N ASP B 58 20.87 -10.48 12.94
N ASP B 58 -5.98 -11.22 -15.87
N ASP B 58 8.54 -15.71 1.81
N ASP B 58 -11.02 4.06 9.37
CA ASP B 58 22.16 -10.15 13.62
CA ASP B 58 -5.99 -10.60 -17.22
CA ASP B 58 9.44 -16.34 0.81
CA ASP B 58 -11.51 4.81 8.19
C ASP B 58 22.37 -8.63 13.68
C ASP B 58 -6.21 -9.08 -17.13
C ASP B 58 9.91 -15.30 -0.21
C ASP B 58 -10.37 5.63 7.57
N TYR B 59 22.02 -7.98 12.60
N TYR B 59 -7.07 -8.71 -16.23
N TYR B 59 9.00 -14.44 -0.59
N TYR B 59 -9.57 6.20 8.42
CA TYR B 59 22.11 -6.53 12.45
CA TYR B 59 -7.42 -7.32 -15.95
CA TYR B 59 9.25 -13.36 -1.54
CA TYR B 59 -8.41 7.01 8.03
C TYR B 59 20.86 -5.81 12.87
C TYR B 59 -6.56 -6.69 -14.88
C TYR B 59 9.68 -12.08 -0.87
C TYR B 59 -7.14 6.20 7.89
N ASN B 60 19.85 -6.44 13.42
N ASN B 60 -5.55 -7.35 -14.34
N ASN B 60 9.92 -12.01 0.42
N ASN B 60 -7.14 4.89 8.01
CA ASN B 60 18.64 -5.68 13.83
CA ASN B 60 -4.74 -6.69 -13.29
CA ASN B 60 10.35 -10.74 1.03
CA ASN B 60 -5.87 4.15 7.87
C ASN B 60 18.03 -4.93 12.64
C ASN B 60 -5.60 -6.27 -12.11
C ASN B 60 9.33 -9.62 0.77
C ASN B 60 -4.83 4.62 8.87
N ILE B 61 17.92 -5.61 11.51
N ILE B 61 -6.47 -7.15 -11.66
N ILE B 61 8.06 -9.93 0.95
N ILE B 61 -5.23 4.79 10.11
CA ILE B 61 17.25 -5.00 10.32
CA ILE B 61 -7.30 -6.89 -10.45
CA ILE B 61 6.99 -8.89 0.81
CA ILE B 61 -4.28 5.16 11.20
C ILE B 61 15.77 -5.33 10.44
C ILE B 61 -6.48 -7.38 -9.26
C ILE B 61 6.85 -8.25 2.18
C ILE B 61 -3.73 3.85 11.75
N GLN B 62 14.93 -4.35 10.58
N GLN B 62 -6.09 -6.51 -8.37
N GLN B 62 7.13 -6.98 2.32
N GLN B 62 -2.46 3.60 11.62
CA GLN B 62 13.46 -4.55 10.78
CA GLN B 62 -5.22 -6.86 -7.20
CA GLN B 62 7.08 -6.27 3.62
CA GLN B 62 -1.83 2.32 12.07
C GLN B 62 12.72 -4.25 9.48
C GLN B 62 -6.08 -6.93 -5.94
C GLN B 62 5.81 -5.41 3.69
C GLN B 62 -1.07 2.55 13.38
N LYS B 63 11.43 -4.58 9.40
N LYS B 63 -5.52 -7.43 -4.84
N LYS B 63 5.50 -4.86 4.86
N LYS B 63 -0.62 1.48 14.03
CA LYS B 63 10.65 -4.42 8.20
CA LYS B 63 -6.27 -7.60 -3.60
CA LYS B 63 4.29 -4.09 5.07
CA LYS B 63 0.04 1.56 15.31
C LYS B 63 10.74 -2.97 7.74
C LYS B 63 -6.88 -6.28 -3.20
C LYS B 63 4.23 -2.96 4.05
C LYS B 63 1.22 2.53 15.20
N GLU B 64 10.79 -2.85 6.40
N GLU B 64 -8.10 -6.42 -2.64
N GLU B 64 2.99 -2.73 3.61
N GLU B 64 1.38 3.26 16.32
CA GLU B 64 10.85 -1.62 5.67
CA GLU B 64 -8.92 -5.34 -2.15
CA GLU B 64 2.61 -1.72 2.65
CA GLU B 64 2.42 4.25 16.51
C GLU B 64 12.12 -0.80 5.79
C GLU B 64 -9.47 -4.37 -3.15
C GLU B 64 3.10 -1.88 1.24
C GLU B 64 2.38 5.49 15.68
N SER B 65 13.17 -1.48 6.23
N SER B 65 -9.49 -4.80 -4.39
N SER B 65 3.47 -3.11 0.92
N SER B 65 1.20 5.75 15.12
CA SER B 65 14.52 -0.91 6.31
CA SER B 65 -10.08 -4.06 -5.50
CA SER B 65 3.87 -3.51 -0.44
CA SER B 65 0.92 6.97 14.35
C SER B 65 15.04 -0.76 4.87
C SER B 65 -11.61 -4.10 -5.32
C SER B 65 2.60 -3.53 -1.30
C SER B 65 0.86 8.14 15.36
N THR B 66 16.02 0.09 4.68
N THR B 66 -12.31 -3.19 -5.94
N THR B 66 2.76 -3.45 -2.60
N THR B 66 1.03 9.35 14.88
CA THR B 66 16.67 0.28 3.38
CA THR B 66 -13.78 -3.17 -5.92
CA THR B 66 1.64 -3.53 -3.55
CA THR B 66 0.92 10.55 15.70
C THR B 66 18.15 -0.08 3.52
C THR B 66 -14.29 -3.29 -7.36
C THR B 66 1.86 -4.74 -4.46
C THR B 66 -0.21 11.41 15.15
N LEU B 67 18.66 -0.97 2.65
N LEU B 67 -15.17 -4.26 -7.63
N LEU B 67 0.87 -5.63 -4.56
N LEU B 67 -1.17 11.80 16.00
CA LEU B 67 20.09 -1.27 2.67
CA LEU B 67 -15.78 -4.36 -8.96
CA LEU B 67 0.98 -6.76 -5.50
CA LEU B 67 -2.22 12.73 15.56
C LEU B 67 20.68 -0.52 1.45
C LEU B 67 -17.20 -3.79 -8.81
C LEU B 67 0.08 -6.39 -6.70
C LEU B 67 -1.84 14.11 16.15
N HIS B 68 21.93 -0.21 1.49
N HIS B 68 -17.77 -3.31 -9.86
N HIS B 68 0.36 -6.91 -7.84
N HIS B 68 -2.28 15.16 15.53
CA HIS B 68 22.54 0.47 0.33
CA HIS B 68 -19.15 -2.79 -9.78
CA HIS B 68 -0.51 -6.61 -9.00
CA HIS B 68 -1.98 16.50 16.10
C HIS B 68 23.40 -0.59 -0.37
C HIS B 68 -20.04 -3.83 -10.46
C HIS B 68 -1.34 -7.88 -9.25
C HIS B 68 -3.27 16.99 16.73
N LEU B 69 23.32 -0.65 -1.69
N LEU B 69 -21.15 -4.16 -9.84
N LEU B 69 -2.62 -7.70 -9.48
N LEU B 69 -3.18 17.55 17.91
CA LEU B 69 24.14 -1.56 -2.47
CA LEU B 69 -22.11 -5.09 -10.42
CA LEU B 69 -3.51 -8.81 -9.79
CA LEU B 69 -4.35 18.13 18.59
C LEU B 69 25.22 -0.83 -3.22
C LEU B 69 -23.34 -4.37 -10.92
C LEU B 69 -3.89 -8.82 -11.24
C LEU B 69 -4.29 19.62 18.59
N VAL B 70 26.47 -1.06 -2.92
N VAL B 70 -23.62 -4.38 -12.17
N VAL B 70 -3.52 -9.80 -12.00
N VAL B 70 -5.19 20.30 17.96
CA VAL B 70 27.57 -0.44 -3.71
CA VAL B 70 -24.88 -3.78 -12.70
CA VAL B 70 -3.98 -9.90 -13.42
CA VAL B 70 -5.24 21.79 18.02
C VAL B 70 28.15 -1.61 -4.51
C VAL B 70 -25.72 -5.00 -13.11
C VAL B 70 -4.98 -11.06 -13.40
C VAL B 70 -6.47 22.07 18.88
N LEU B 71 28.49 -1.38 -5.76
N LEU B 71 -27.01 -4.97 -12.84
N LEU B 71 -6.07 -10.94 -14.12
N LEU B 71 -6.39 23.05 19.76
CA LEU B 71 29.09 -2.44 -6.60
CA LEU B 71 -27.89 -6.08 -13.23
CA LEU B 71 -7.07 -12.02 -14.19
CA LEU B 71 -7.54 23.42 20.60
C LEU B 71 30.60 -2.34 -6.57
C LEU B 71 -28.56 -5.77 -14.55
C LEU B 71 -6.82 -12.87 -15.42
C LEU B 71 -8.29 24.57 19.99
N MET A 1 6.38 18.40 -20.67
CA MET A 1 5.74 19.56 -20.05
C MET A 1 6.28 19.67 -18.60
N GLN A 2 6.34 20.88 -18.14
CA GLN A 2 6.81 21.11 -16.74
C GLN A 2 5.61 21.10 -15.81
N ILE A 3 5.80 20.45 -14.66
CA ILE A 3 4.77 20.47 -13.61
C ILE A 3 5.53 20.83 -12.30
N PHE A 4 4.75 21.23 -11.33
CA PHE A 4 5.40 21.59 -10.01
C PHE A 4 4.91 20.64 -8.96
N VAL A 5 5.74 20.16 -8.03
CA VAL A 5 5.27 19.32 -6.95
C VAL A 5 5.58 20.10 -5.65
N LYS A 6 4.57 20.50 -4.95
CA LYS A 6 4.78 21.30 -3.70
C LYS A 6 4.77 20.35 -2.53
N THR A 7 5.82 20.41 -1.68
CA THR A 7 5.88 19.52 -0.51
C THR A 7 5.42 20.27 0.74
N LEU A 8 5.24 19.58 1.84
CA LEU A 8 4.74 20.24 3.07
C LEU A 8 5.81 21.08 3.74
N THR A 9 7.06 21.03 3.24
CA THR A 9 8.08 21.90 3.94
C THR A 9 8.35 23.16 3.18
N GLY A 10 7.52 23.50 2.24
CA GLY A 10 7.67 24.69 1.43
C GLY A 10 8.68 24.63 0.33
N LYS A 11 9.10 23.43 0.00
CA LYS A 11 10.01 23.21 -1.12
C LYS A 11 9.11 22.84 -2.31
N THR A 12 9.42 23.38 -3.48
CA THR A 12 8.62 22.98 -4.66
C THR A 12 9.61 22.35 -5.64
N ILE A 13 9.25 21.19 -6.17
CA ILE A 13 10.23 20.60 -7.13
C ILE A 13 9.65 20.67 -8.52
N THR A 14 10.47 20.94 -9.51
CA THR A 14 9.89 20.97 -10.89
C THR A 14 10.25 19.66 -11.57
N LEU A 15 9.33 19.09 -12.33
CA LEU A 15 9.58 17.83 -13.01
C LEU A 15 9.25 18.02 -14.49
N GLU A 16 9.89 17.22 -15.31
CA GLU A 16 9.51 17.26 -16.76
C GLU A 16 8.85 15.92 -17.00
N VAL A 17 7.60 16.03 -17.42
CA VAL A 17 6.77 14.86 -17.67
C VAL A 17 5.93 15.04 -18.95
N GLU A 18 5.32 13.93 -19.31
CA GLU A 18 4.37 13.84 -20.41
C GLU A 18 3.06 13.38 -19.82
N PRO A 19 1.95 13.87 -20.34
CA PRO A 19 0.61 13.47 -19.90
C PRO A 19 0.43 11.98 -19.97
N SER A 20 1.19 11.31 -20.81
CA SER A 20 1.03 9.85 -20.98
C SER A 20 1.72 9.11 -19.87
N ASP A 21 2.49 9.83 -19.05
CA ASP A 21 3.19 9.10 -17.96
C ASP A 21 2.21 8.63 -16.92
N THR A 22 2.51 7.52 -16.30
CA THR A 22 1.71 6.99 -15.21
C THR A 22 2.16 7.68 -13.91
N ILE A 23 1.25 7.61 -12.94
CA ILE A 23 1.52 8.13 -11.60
C ILE A 23 2.72 7.40 -10.98
N GLU A 24 2.80 6.12 -11.24
CA GLU A 24 3.98 5.32 -10.73
C GLU A 24 5.27 5.90 -11.23
N CYS A 25 5.30 6.34 -12.52
CA CYS A 25 6.50 6.91 -13.13
C CYS A 25 6.85 8.24 -12.50
N VAL A 26 5.82 9.05 -12.28
CA VAL A 26 6.04 10.34 -11.65
C VAL A 26 6.71 10.15 -10.29
N LYS A 27 6.18 9.20 -9.52
CA LYS A 27 6.74 8.92 -8.19
C LYS A 27 8.19 8.48 -8.29
N ALA A 28 8.54 7.70 -9.30
CA ALA A 28 9.92 7.29 -9.53
C ALA A 28 10.80 8.47 -9.89
N LYS A 29 10.31 9.43 -10.66
CA LYS A 29 11.09 10.64 -10.97
C LYS A 29 11.35 11.47 -9.69
N ILE A 30 10.35 11.49 -8.81
CA ILE A 30 10.50 12.25 -7.55
C ILE A 30 11.53 11.50 -6.70
N GLN A 31 11.49 10.19 -6.69
CA GLN A 31 12.50 9.45 -5.86
C GLN A 31 13.90 9.76 -6.40
N ASP A 32 14.01 9.63 -7.70
CA ASP A 32 15.30 9.91 -8.37
C ASP A 32 15.83 11.29 -8.03
N LYS A 33 14.94 12.30 -7.98
CA LYS A 33 15.50 13.66 -7.74
C LYS A 33 15.53 14.13 -6.33
N GLU A 34 14.74 13.67 -5.41
CA GLU A 34 14.73 14.09 -4.02
C GLU A 34 14.92 12.96 -3.04
N GLY A 35 14.94 11.73 -3.52
CA GLY A 35 15.18 10.58 -2.69
C GLY A 35 14.07 10.02 -1.89
N ILE A 36 12.84 10.55 -2.06
CA ILE A 36 11.72 10.01 -1.29
C ILE A 36 11.20 8.72 -1.91
N PRO A 37 11.15 7.65 -1.13
CA PRO A 37 10.64 6.34 -1.58
C PRO A 37 9.21 6.46 -2.09
N PRO A 38 8.88 5.84 -3.19
CA PRO A 38 7.51 5.95 -3.73
C PRO A 38 6.45 5.52 -2.76
N ASP A 39 6.74 4.57 -1.90
CA ASP A 39 5.72 4.05 -0.95
C ASP A 39 5.34 5.08 0.11
N GLN A 40 6.16 6.11 0.23
CA GLN A 40 5.83 7.18 1.22
C GLN A 40 5.08 8.36 0.58
N GLN A 41 5.02 8.40 -0.74
CA GLN A 41 4.40 9.48 -1.46
C GLN A 41 2.90 9.36 -1.66
N ARG A 42 2.21 10.46 -1.32
CA ARG A 42 0.75 10.57 -1.60
C ARG A 42 0.62 11.80 -2.48
N LEU A 43 0.18 11.67 -3.73
CA LEU A 43 0.09 12.84 -4.63
C LEU A 43 -1.35 13.30 -4.76
N ILE A 44 -1.57 14.59 -4.57
CA ILE A 44 -2.91 15.19 -4.61
C ILE A 44 -3.02 16.28 -5.66
N PHE A 45 -4.11 16.19 -6.46
CA PHE A 45 -4.39 17.20 -7.50
C PHE A 45 -5.92 17.33 -7.53
N ALA A 46 -6.32 18.58 -7.46
CA ALA A 46 -7.74 18.98 -7.52
C ALA A 46 -8.59 18.14 -6.58
N GLY A 47 -8.08 17.99 -5.40
CA GLY A 47 -8.62 17.24 -4.29
C GLY A 47 -8.80 15.76 -4.47
N CYS A 48 -8.13 15.15 -5.41
CA CYS A 48 -8.12 13.71 -5.63
C CYS A 48 -6.78 13.12 -5.25
N GLN A 49 -6.74 11.97 -4.70
CA GLN A 49 -5.43 11.30 -4.47
C GLN A 49 -5.16 10.55 -5.77
N LEU A 50 -3.98 10.72 -6.33
CA LEU A 50 -3.65 10.11 -7.64
C LEU A 50 -3.29 8.65 -7.46
N GLU A 51 -3.77 7.80 -8.37
CA GLU A 51 -3.53 6.34 -8.25
C GLU A 51 -2.42 5.92 -9.18
N ASP A 52 -1.53 5.06 -8.79
CA ASP A 52 -0.35 4.62 -9.54
C ASP A 52 -0.48 4.20 -10.99
N GLY A 53 -1.50 3.45 -11.32
CA GLY A 53 -1.74 2.91 -12.67
C GLY A 53 -2.40 3.82 -13.65
N ARG A 54 -2.89 4.98 -13.21
CA ARG A 54 -3.49 5.96 -14.13
C ARG A 54 -2.37 6.83 -14.68
N THR A 55 -2.66 7.57 -15.72
CA THR A 55 -1.72 8.53 -16.36
C THR A 55 -2.16 9.94 -15.93
N LEU A 56 -1.27 10.90 -16.12
CA LEU A 56 -1.55 12.31 -15.83
C LEU A 56 -2.72 12.75 -16.70
N SER A 57 -2.80 12.25 -17.95
CA SER A 57 -3.93 12.69 -18.80
C SER A 57 -5.26 12.26 -18.24
N ASP A 58 -5.29 11.15 -17.53
CA ASP A 58 -6.56 10.64 -16.93
C ASP A 58 -7.20 11.71 -16.05
N TYR A 59 -6.37 12.41 -15.33
CA TYR A 59 -6.76 13.49 -14.42
C TYR A 59 -6.79 14.84 -15.09
N ASN A 60 -6.55 14.98 -16.38
CA ASN A 60 -6.58 16.32 -16.99
C ASN A 60 -5.58 17.25 -16.32
N ILE A 61 -4.36 16.77 -16.10
CA ILE A 61 -3.28 17.62 -15.54
C ILE A 61 -2.59 18.28 -16.73
N GLN A 62 -2.64 19.57 -16.85
CA GLN A 62 -2.07 20.32 -18.00
C GLN A 62 -0.74 20.97 -17.58
N LYS A 63 0.04 21.51 -18.58
CA LYS A 63 1.33 22.10 -18.24
C LYS A 63 1.17 23.16 -17.17
N GLU A 64 2.22 23.18 -16.36
CA GLU A 64 2.37 24.09 -15.26
C GLU A 64 1.44 23.96 -14.10
N SER A 65 0.81 22.79 -14.03
CA SER A 65 -0.07 22.42 -12.91
C SER A 65 0.84 22.18 -11.68
N THR A 66 0.25 22.25 -10.50
CA THR A 66 0.96 21.97 -9.25
C THR A 66 0.29 20.77 -8.56
N LEU A 67 1.06 19.74 -8.22
CA LEU A 67 0.49 18.62 -7.46
C LEU A 67 0.98 18.81 -6.00
N HIS A 68 0.26 18.31 -5.06
CA HIS A 68 0.72 18.43 -3.66
C HIS A 68 1.24 17.05 -3.26
N LEU A 69 2.38 17.02 -2.60
CA LEU A 69 2.96 15.77 -2.10
C LEU A 69 2.83 15.67 -0.60
N VAL A 70 2.10 14.73 -0.09
CA VAL A 70 2.03 14.52 1.38
C VAL A 70 2.81 13.21 1.60
N LEU A 71 3.60 13.15 2.65
CA LEU A 71 4.36 11.93 2.95
C LEU A 71 3.61 11.09 3.95
N ARG A 72 3.55 9.80 3.77
N ARG A 72 3.53 9.79 3.73
N ARG A 72 3.57 9.78 3.73
N ARG A 72 3.51 9.79 3.76
CA ARG A 72 2.83 8.94 4.74
CA ARG A 72 2.80 8.91 4.65
CA ARG A 72 2.89 8.82 4.61
CA ARG A 72 2.76 8.97 4.73
C ARG A 72 3.53 9.16 6.08
C ARG A 72 3.43 7.52 4.47
C ARG A 72 1.70 9.57 5.19
C ARG A 72 3.30 7.55 4.55
N LEU A 73 2.88 9.08 7.18
N LEU A 73 2.69 6.46 4.51
N LEU A 73 1.56 9.73 6.47
N LEU A 73 3.63 6.84 5.58
CA LEU A 73 3.58 9.31 8.47
CA LEU A 73 3.31 5.13 4.33
CA LEU A 73 0.38 10.46 7.00
CA LEU A 73 4.15 5.46 5.38
C LEU A 73 4.53 8.16 8.76
C LEU A 73 2.26 4.12 3.90
C LEU A 73 -0.90 9.75 6.58
C LEU A 73 3.00 4.54 4.98
N ARG A 74 5.65 8.53 9.37
N ARG A 74 1.10 4.67 3.56
N ARG A 74 -0.85 8.43 6.70
N ARG A 74 3.41 3.42 4.40
CA ARG A 74 6.70 7.57 9.73
CA ARG A 74 -0.05 3.86 3.12
CA ARG A 74 -1.98 7.57 6.33
CA ARG A 74 2.46 2.40 3.92
C ARG A 74 6.31 6.85 11.01
C ARG A 74 -0.18 2.64 4.04
C ARG A 74 -2.32 6.66 7.52
C ARG A 74 3.05 1.01 4.18
N GLY A 75 6.85 5.64 11.17
N GLY A 75 -0.86 1.63 3.53
N GLY A 75 -1.31 6.44 8.34
N GLY A 75 4.26 1.02 4.73
CA GLY A 75 6.59 4.79 12.31
CA GLY A 75 -1.11 0.39 4.24
CA GLY A 75 -1.41 5.59 9.52
CA GLY A 75 5.01 -0.18 5.05
C GLY A 75 7.62 3.70 12.55
C GLY A 75 -1.54 -0.78 3.37
C GLY A 75 -1.64 4.12 9.25
C GLY A 75 4.34 -1.10 6.06
N GLY A 76 7.49 3.09 13.71
N GLY A 76 -1.80 -1.88 4.06
N GLY A 76 -1.15 3.71 8.09
N GLY A 76 3.78 -0.45 7.06
CA GLY A 76 8.35 1.99 14.17
CA GLY A 76 -2.24 -3.15 3.46
CA GLY A 76 -1.23 2.34 7.58
CA GLY A 76 3.05 -1.11 8.17
C GLY A 76 8.24 0.83 13.17
C GLY A 76 -3.61 -2.92 2.80
C GLY A 76 -0.47 1.42 8.55
C GLY A 76 3.80 -0.82 9.47
N MET B 1 9.20 -5.96 8.22
N MET B 1 -8.78 -13.12 0.85
N MET B 1 -0.38 -5.65 9.55
N MET B 1 -2.05 -1.35 19.38
CA MET B 1 9.58 -4.55 8.02
CA MET B 1 -8.87 -11.66 0.96
CA MET B 1 0.19 -4.57 8.71
CA MET B 1 -0.92 -0.60 18.79
C MET B 1 10.09 -4.42 6.56
C MET B 1 -10.33 -11.26 0.63
C MET B 1 -0.75 -4.40 7.49
C MET B 1 -0.81 0.73 19.57
N GLN B 2 9.88 -3.25 6.03
N GLN B 2 -10.75 -10.19 1.24
N GLN B 2 -0.78 -3.20 7.02
N GLN B 2 0.40 1.20 19.65
CA GLN B 2 10.37 -3.00 4.64
CA GLN B 2 -12.13 -9.70 0.97
CA GLN B 2 -1.63 -2.92 5.82
CA GLN B 2 0.63 2.50 20.36
C GLN B 2 11.78 -2.42 4.71
C GLN B 2 -12.07 -8.70 -0.18
C GLN B 2 -0.79 -3.11 4.56
C GLN B 2 0.53 3.63 19.34
N ILE B 3 12.62 -2.91 3.81
N ILE B 3 -13.05 -8.81 -1.07
N ILE B 3 -1.40 -3.74 3.56
N ILE B 3 -0.13 4.71 19.75
CA ILE B 3 13.98 -2.34 3.66
CA ILE B 3 -13.21 -7.81 -2.15
CA ILE B 3 -0.74 -3.85 2.24
CA ILE B 3 -0.17 5.94 18.93
C ILE B 3 14.16 -2.08 2.13
C ILE B 3 -14.71 -7.41 -2.14
C ILE B 3 -1.83 -3.41 1.21
C ILE B 3 0.20 7.10 19.89
N PHE B 4 15.15 -1.27 1.86
N PHE B 4 -14.95 -6.29 -2.79
N PHE B 4 -1.32 -3.11 0.03
N PHE B 4 0.55 8.20 19.26
CA PHE B 4 15.42 -0.97 0.41
CA PHE B 4 -16.38 -5.82 -2.83
CA PHE B 4 -2.29 -2.68 -1.05
CA PHE B 4 0.92 9.39 20.11
C PHE B 4 16.78 -1.49 0.04
C PHE B 4 -16.86 -5.84 -4.26
C PHE B 4 -2.27 -3.70 -2.16
C PHE B 4 -0.08 10.49 19.87
N VAL B 5 16.99 -2.08 -1.14
N VAL B 5 -18.09 -6.24 -4.57
N VAL B 5 -3.40 -4.07 -2.77
N VAL B 5 -0.52 11.25 20.87
CA VAL B 5 18.31 -2.52 -1.56
CA VAL B 5 -18.60 -6.19 -5.93
CA VAL B 5 -3.40 -4.97 -3.89
CA VAL B 5 -1.41 12.38 20.64
C VAL B 5 18.63 -1.70 -2.82
C VAL B 5 -19.81 -5.23 -5.87
C VAL B 5 -3.98 -4.17 -5.08
C VAL B 5 -0.63 13.62 21.13
N LYS B 6 19.61 -0.86 -2.75
N LYS B 6 -19.71 -4.12 -6.53
N LYS B 6 -3.19 -3.92 -6.06
N LYS B 6 -0.30 14.49 20.24
CA LYS B 6 19.95 0.00 -3.94
CA LYS B 6 -20.81 -3.11 -6.49
CA LYS B 6 -3.67 -3.11 -7.23
CA LYS B 6 0.49 15.71 20.63
C LYS B 6 21.05 -0.68 -4.70
C LYS B 6 -21.69 -3.34 -7.70
C LYS B 6 -4.14 -4.06 -8.30
C LYS B 6 -0.47 16.83 20.87
N THR B 7 20.87 -0.87 -6.02
N THR B 7 -23.01 -3.49 -7.49
N THR B 7 -5.39 -3.86 -8.80
N THR B 7 -0.37 17.50 22.05
CA THR B 7 21.90 -1.53 -6.83
CA THR B 7 -23.92 -3.71 -8.63
CA THR B 7 -5.92 -4.75 -9.85
CA THR B 7 -1.29 18.61 22.35
C THR B 7 22.73 -0.47 -7.57
C THR B 7 -24.59 -2.39 -9.00
C THR B 7 -5.76 -4.07 -11.21
C THR B 7 -0.58 19.93 22.08
N LEU B 8 23.81 -0.86 -8.20
N LEU B 8 -25.30 -2.35 -10.11
N LEU B 8 -6.01 -4.78 -12.29
N LEU B 8 -1.29 21.04 22.12
CA LEU B 8 24.68 0.12 -8.90
CA LEU B 8 -25.96 -1.09 -10.56
CA LEU B 8 -5.84 -4.21 -13.65
CA LEU B 8 -0.68 22.35 21.82
C LEU B 8 24.06 0.62 -10.20
C LEU B 8 -27.16 -0.74 -9.72
C LEU B 8 -6.94 -3.23 -14.00
C LEU B 8 0.21 22.85 22.95
N THR B 9 22.92 0.04 -10.61
N THR B 9 -27.58 -1.63 -8.81
N THR B 9 -7.97 -3.11 -13.15
N THR B 9 0.23 22.15 24.09
CA THR B 9 22.36 0.56 -11.90
CA THR B 9 -28.80 -1.23 -8.01
CA THR B 9 -9.03 -2.12 -13.54
CA THR B 9 1.14 22.67 25.17
C THR B 9 21.21 1.50 -11.66
C THR B 9 -28.42 -0.75 -6.65
C THR B 9 -8.90 -0.83 -12.80
C THR B 9 2.41 21.90 25.25
N GLY B 10 21.04 1.96 -10.46
N GLY B 10 -27.18 -0.45 -6.43
N GLY B 10 -7.78 -0.60 -12.17
N GLY B 10 2.73 21.14 24.25
CA GLY B 10 19.98 2.88 -10.09
CA GLY B 10 -26.69 0.03 -5.15
CA GLY B 10 -7.53 0.61 -11.41
CA GLY B 10 3.94 20.34 24.20
C GLY B 10 18.62 2.28 -9.91
C GLY B 10 -26.50 -1.00 -4.08
C GLY B 10 -8.16 0.70 -10.05
C GLY B 10 3.96 19.09 25.01
N LYS B 11 18.58 0.97 -9.78
N LYS B 11 -26.48 -2.25 -4.47
N LYS B 11 -8.61 -0.43 -9.55
N LYS B 11 2.79 18.65 25.42
CA LYS B 11 17.35 0.25 -9.48
CA LYS B 11 -26.20 -3.35 -3.56
CA LYS B 11 -9.15 -0.52 -8.20
CA LYS B 11 2.63 17.39 26.12
C LYS B 11 17.33 0.06 -7.95
C LYS B 11 -24.69 -3.65 -3.72
C LYS B 11 -7.98 -1.00 -7.32
C LYS B 11 2.23 16.36 25.04
N THR B 12 16.18 0.26 -7.34
N THR B 12 -24.02 -3.89 -2.61
N THR B 12 -7.85 -0.42 -6.15
N THR B 12 2.81 15.17 25.13
CA THR B 12 16.12 -0.01 -5.89
CA THR B 12 -22.59 -4.26 -2.74
CA THR B 12 -6.78 -0.91 -5.24
CA THR B 12 2.39 14.14 24.16
C THR B 12 15.06 -1.10 -5.70
C THR B 12 -22.46 -5.65 -2.12
C THR B 12 -7.51 -1.39 -3.98
C THR B 12 1.83 12.98 24.98
N ILE B 13 15.41 -2.13 -4.93
N ILE B 13 -21.80 -6.55 -2.84
N ILE B 13 -7.15 -2.59 -3.53
N ILE B 13 0.65 12.50 24.60
CA ILE B 13 14.38 -3.18 -4.76
CA ILE B 13 -21.67 -7.90 -2.21
CA ILE B 13 -7.85 -3.03 -2.29
CA ILE B 13 0.13 11.37 25.42
C ILE B 13 13.85 -3.13 -3.35
C ILE B 13 -20.25 -8.11 -1.80
C ILE B 13 -6.89 -3.04 -1.15
C ILE B 13 0.19 10.11 24.61
N THR B 14 12.56 -3.33 -3.16
N THR B 14 -20.01 -8.74 -0.67
N THR B 14 -7.31 -2.64 0.03
N THR B 14 0.52 8.99 25.22
CA THR B 14 12.07 -3.32 -1.75
CA THR B 14 -18.59 -9.00 -0.30
CA THR B 14 -6.35 -2.69 1.17
CA THR B 14 0.54 7.73 24.41
C THR B 14 11.89 -4.75 -1.30
C THR B 14 -18.26 -10.43 -0.62
C THR B 14 -6.63 -3.92 1.99
C THR B 14 -0.73 6.97 24.71
N LEU B 15 12.25 -5.07 -0.07
N LEU B 15 -17.08 -10.71 -1.15
N LEU B 15 -5.62 -4.61 2.46
N LEU B 15 -1.35 6.37 23.70
CA LEU B 15 12.12 -6.42 0.45
CA LEU B 15 -16.69 -12.05 -1.51
CA LEU B 15 -5.80 -5.81 3.25
CA LEU B 15 -2.57 5.62 23.88
C LEU B 15 11.32 -6.37 1.75
C LEU B 15 -15.34 -12.35 -0.83
C LEU B 15 -5.01 -5.67 4.56
C LEU B 15 -2.37 4.21 23.30
N GLU B 16 10.68 -7.46 2.06
N GLU B 16 -15.11 -13.62 -0.60
N GLU B 16 -5.47 -6.36 5.56
N GLU B 16 -3.13 3.28 23.82
CA GLU B 16 9.99 -7.51 3.40
CA GLU B 16 -13.75 -13.98 -0.07
CA GLU B 16 -4.66 -6.36 6.83
CA GLU B 16 -3.08 1.93 23.18
C GLU B 16 10.80 -8.53 4.16
C GLU B 16 -13.12 -14.74 -1.21
C GLU B 16 -4.14 -7.77 6.92
C GLU B 16 -4.44 1.77 22.57
N VAL B 17 11.33 -8.05 5.28
N VAL B 17 -11.98 -14.18 -1.64
N VAL B 17 -2.81 -7.84 6.94
N VAL B 17 -4.40 1.57 21.25
CA VAL B 17 12.17 -8.86 6.15
CA VAL B 17 -11.22 -14.73 -2.75
CA VAL B 17 -2.10 -9.10 6.99
CA VAL B 17 -5.60 1.44 20.45
C VAL B 17 11.86 -8.60 7.62
C VAL B 17 -9.72 -14.68 -2.48
C VAL B 17 -0.90 -9.03 7.95
C VAL B 17 -5.44 0.34 19.40
N GLU B 18 12.46 -9.45 8.42
N GLU B 18 -9.03 -15.34 -3.38
N GLU B 18 -0.36 -10.22 8.15
N GLU B 18 -6.58 0.06 18.78
CA GLU B 18 12.43 -9.36 9.89
CA GLU B 18 -7.56 -15.37 -3.42
CA GLU B 18 0.86 -10.42 8.93
CA GLU B 18 -6.70 -0.87 17.67
C GLU B 18 13.87 -9.21 10.34
C GLU B 18 -7.17 -14.78 -4.77
C GLU B 18 1.86 -11.07 7.98
C GLU B 18 -7.24 -0.06 16.49
N PRO B 19 14.10 -8.44 11.39
N PRO B 19 -6.06 -14.05 -4.79
N PRO B 19 3.13 -10.73 8.13
N PRO B 19 -6.79 -0.38 15.29
CA PRO B 19 15.43 -8.25 11.96
CA PRO B 19 -5.53 -13.47 -6.03
CA PRO B 19 4.21 -11.31 7.32
CA PRO B 19 -7.27 0.29 14.07
C PRO B 19 16.08 -9.56 12.32
C PRO B 19 -5.32 -14.51 -7.10
C PRO B 19 4.21 -12.81 7.40
C PRO B 19 -8.77 0.21 13.95
N SER B 20 15.28 -10.58 12.56
N SER B 20 -5.14 -15.77 -6.70
N SER B 20 3.67 -13.36 8.48
N SER B 20 -9.39 -0.77 14.58
CA SER B 20 15.83 -11.88 12.96
CA SER B 20 -4.87 -16.83 -7.67
CA SER B 20 3.69 -14.83 8.65
CA SER B 20 -10.84 -0.94 14.46
C SER B 20 16.35 -12.65 11.77
C SER B 20 -6.15 -17.29 -8.33
C SER B 20 2.60 -15.48 7.83
C SER B 20 -11.57 0.01 15.37
N ASP B 21 16.09 -12.14 10.56
N ASP B 21 -7.29 -16.82 -7.83
N ASP B 21 1.72 -14.67 7.25
N ASP B 21 -10.83 0.71 16.24
CA ASP B 21 16.58 -12.89 9.37
CA ASP B 21 -8.56 -17.29 -8.44
CA ASP B 21 0.62 -15.30 6.46
CA ASP B 21 -11.53 1.63 17.16
C ASP B 21 18.07 -12.79 9.28
C ASP B 21 -8.71 -16.68 -9.82
C ASP B 21 1.17 -15.90 5.19
C ASP B 21 -12.06 2.81 16.39
N THR B 22 18.68 -13.83 8.75
N THR B 22 -9.35 -17.43 -10.70
N THR B 22 0.56 -16.98 4.76
N THR B 22 -13.18 3.36 16.85
CA THR B 22 20.12 -13.84 8.52
CA THR B 22 -9.65 -16.96 -12.03
CA THR B 22 0.91 -17.61 3.50
CA THR B 22 -13.77 4.54 16.28
C THR B 22 20.38 -13.16 7.16
C THR B 22 -10.96 -16.13 -11.96
C THR B 22 0.19 -16.87 2.36
C THR B 22 -13.06 5.77 16.91
N ILE B 23 21.65 -12.74 7.01
N ILE B 23 -11.11 -15.30 -13.01
N ILE B 23 0.74 -17.08 1.16
N ILE B 23 -13.21 6.88 16.18
CA ILE B 23 22.11 -12.16 5.76
CA ILE B 23 -12.33 -14.51 -13.17
CA ILE B 23 0.13 -16.54 -0.05
CA ILE B 23 -12.70 8.16 16.67
C ILE B 23 21.98 -13.17 4.62
C ILE B 23 -13.55 -15.43 -13.29
C ILE B 23 -1.27 -17.10 -0.25
C ILE B 23 -13.37 8.55 17.98
N GLU B 24 22.24 -14.42 4.91
N GLU B 24 -13.37 -16.53 -13.97
N GLU B 24 -1.44 -18.36 0.08
N GLU B 24 -14.65 8.24 18.09
CA GLU B 24 22.08 -15.49 3.88
CA GLU B 24 -14.49 -17.53 -14.09
CA GLU B 24 -2.80 -18.99 0.00
CA GLU B 24 -15.39 8.53 19.37
C GLU B 24 20.66 -15.50 3.35
C GLU B 24 -14.96 -17.98 -12.73
C GLU B 24 -3.80 -18.23 0.84
C GLU B 24 -14.73 7.82 20.53
N ASN B 25 19.69 -15.34 4.24
N ASN B 25 -14.03 -18.19 -11.82
N ASN B 25 -3.38 -17.81 2.02
N ASN B 25 -14.29 6.59 20.30
CA ASN B 25 18.26 -15.32 3.91
CA ASN B 25 -14.29 -18.64 -10.45
CA ASN B 25 -4.21 -17.07 2.97
CA ASN B 25 -13.64 5.75 21.31
C ASN B 25 17.90 -14.14 3.02
C ASN B 25 -15.05 -17.59 -9.65
C ASN B 25 -4.60 -15.69 2.42
C ASN B 25 -12.29 6.34 21.74
N VAL B 26 18.44 -12.99 3.40
N VAL B 26 -14.61 -16.35 -9.81
N VAL B 26 -3.60 -15.03 1.84
N VAL B 26 -11.55 6.78 20.74
CA VAL B 26 18.20 -11.77 2.62
CA VAL B 26 -15.25 -15.23 -9.14
CA VAL B 26 -3.82 -13.72 1.25
CA VAL B 26 -10.25 7.39 20.99
C VAL B 26 18.68 -11.98 1.20
C VAL B 26 -16.71 -15.16 -9.57
C VAL B 26 -4.90 -13.84 0.17
C VAL B 26 -10.43 8.60 21.90
N LYS B 27 19.89 -12.55 1.07
N LYS B 27 -16.94 -15.28 -10.87
N LYS B 27 -4.75 -14.86 -0.68
N LYS B 27 -11.42 9.43 21.56
CA LYS B 27 20.47 -12.79 -0.26
CA LYS B 27 -18.31 -15.23 -11.41
CA LYS B 27 -5.72 -15.07 -1.77
CA LYS B 27 -11.70 10.64 22.35
C LYS B 27 19.59 -13.74 -1.06
C LYS B 27 -19.15 -16.36 -10.83
C LYS B 27 -7.12 -15.31 -1.21
C LYS B 27 -12.06 10.27 23.78
N ALA B 28 19.01 -14.73 -0.42
N ALA B 28 -18.57 -17.53 -10.65
N ALA B 28 -7.23 -16.01 -0.11
N ALA B 28 -12.80 9.20 23.98
CA ALA B 28 18.09 -15.66 -1.09
CA ALA B 28 -19.29 -18.67 -10.05
CA ALA B 28 -8.52 -16.25 0.54
CA ALA B 28 -13.14 8.72 25.33
C ALA B 28 16.82 -14.95 -1.54
C ALA B 28 -19.62 -18.39 -8.59
C ALA B 28 -9.11 -14.95 1.09
C ALA B 28 -11.90 8.25 26.07
N LYS B 29 16.29 -14.02 -0.76
N LYS B 29 -18.73 -17.74 -7.85
N LYS B 29 -8.28 -14.07 1.63
N LYS B 29 -10.96 7.60 25.42
CA LYS B 29 15.12 -13.24 -1.18
CA LYS B 29 -19.03 -17.36 -6.44
CA LYS B 29 -8.77 -12.74 2.10
CA LYS B 29 -9.70 7.19 26.07
C LYS B 29 15.45 -12.37 -2.41
C LYS B 29 -20.20 -16.35 -6.39
C LYS B 29 -9.29 -11.91 0.93
C LYS B 29 -8.88 8.42 26.51
N ILE B 30 16.67 -11.85 -2.43
N ILE B 30 -20.23 -15.45 -7.36
N ILE B 30 -8.61 -12.03 -0.21
N ILE B 30 -8.93 9.47 25.68
CA ILE B 30 17.07 -11.00 -3.58
CA ILE B 30 -21.31 -14.44 -7.39
CA ILE B 30 -9.04 -11.26 -1.40
CA ILE B 30 -8.18 10.70 26.01
C ILE B 30 17.21 -11.93 -4.79
C ILE B 30 -22.60 -15.19 -7.74
C ILE B 30 -10.37 -11.88 -1.87
C ILE B 30 -8.91 11.34 27.20
N GLN B 31 17.74 -13.11 -4.61
N GLN B 31 -22.54 -16.14 -8.64
N GLN B 31 -10.50 -13.18 -1.83
N GLN B 31 -10.21 11.32 27.22
CA GLN B 31 17.87 -14.02 -5.79
CA GLN B 31 -23.80 -16.88 -8.97
CA GLN B 31 -11.79 -13.77 -2.28
CA GLN B 31 -10.91 11.94 28.40
C GLN B 31 16.46 -14.34 -6.33
C GLN B 31 -24.31 -17.60 -7.72
C GLN B 31 -12.92 -13.27 -1.36
C GLN B 31 -10.51 11.18 29.67
N ASP B 32 15.61 -14.71 -5.40
N ASP B 32 -23.38 -18.29 -7.09
N ASP B 32 -12.65 -13.38 -0.08
N ASP B 32 -10.62 9.88 29.56
CA ASP B 32 14.20 -15.03 -5.76
CA ASP B 32 -23.70 -19.04 -5.85
CA ASP B 32 -13.62 -12.91 0.94
CA ASP B 32 -10.26 9.00 30.70
C ASP B 32 13.55 -13.90 -6.53
C ASP B 32 -24.34 -18.14 -4.81
C ASP B 32 -14.05 -11.49 0.70
C ASP B 32 -8.87 9.28 31.21
N LYS B 33 13.79 -12.64 -6.12
N LYS B 33 -23.83 -16.91 -4.66
N LYS B 33 -13.10 -10.60 0.34
N LYS B 33 -7.90 9.49 30.30
CA LYS B 33 13.06 -11.57 -6.82
CA LYS B 33 -24.42 -16.07 -3.56
CA LYS B 33 -13.52 -9.19 0.22
CA LYS B 33 -6.52 9.68 30.83
C LYS B 33 13.75 -10.92 -7.97
C LYS B 33 -25.53 -15.16 -3.93
C LYS B 33 -13.93 -8.73 -1.14
C LYS B 33 -6.07 11.07 31.08
N GLU B 34 15.05 -10.90 -8.10
N GLU B 34 -25.71 -14.71 -5.14
N GLU B 34 -13.51 -9.30 -2.24
N GLU B 34 -6.58 12.11 30.48
CA GLU B 34 15.78 -10.29 -9.19
CA GLU B 34 -26.78 -13.82 -5.54
CA GLU B 34 -13.89 -8.89 -3.58
CA GLU B 34 -6.19 13.49 30.70
C GLU B 34 16.70 -11.24 -9.91
C GLU B 34 -27.62 -14.35 -6.67
C GLU B 34 -14.49 -9.99 -4.41
C GLU B 34 -7.32 14.39 31.10
N GLY B 35 16.85 -12.46 -9.42
N GLY B 35 -27.23 -15.48 -7.25
N GLY B 35 -14.53 -11.21 -3.89
N GLY B 35 -8.55 13.89 31.10
CA GLY B 35 17.64 -13.47 -10.05
CA GLY B 35 -27.99 -16.13 -8.29
CA GLY B 35 -15.15 -12.32 -4.54
CA GLY B 35 -9.69 14.62 31.54
C GLY B 35 19.11 -13.45 -9.87
C GLY B 35 -27.87 -15.64 -9.67
C GLY B 35 -14.42 -13.03 -5.60
C GLY B 35 -10.33 15.59 30.60
N ILE B 36 19.62 -12.54 -9.02
N ILE B 36 -26.96 -14.68 -9.91
N ILE B 36 -13.14 -12.67 -5.83
N ILE B 36 -9.85 15.64 29.35
CA ILE B 36 21.08 -12.51 -8.81
CA ILE B 36 -26.82 -14.17 -11.30
CA ILE B 36 -12.39 -13.36 -6.88
CA ILE B 36 -10.47 16.58 28.41
C ILE B 36 21.52 -13.59 -7.85
C ILE B 36 -25.99 -15.12 -12.14
C ILE B 36 -11.87 -14.71 -6.39
C ILE B 36 -11.77 16.04 27.84
N PRO B 37 22.46 -14.43 -8.27
N PRO B 37 -26.52 -15.56 -13.26
N PRO B 37 -12.21 -15.78 -7.11
N PRO B 37 -12.86 16.79 27.98
CA PRO B 37 23.02 -15.52 -7.45
CA PRO B 37 -25.81 -16.46 -14.19
CA PRO B 37 -11.75 -17.14 -6.76
CA PRO B 37 -14.18 16.40 27.47
C PRO B 37 23.59 -14.96 -6.16
C PRO B 37 -24.51 -15.84 -14.66
C PRO B 37 -10.23 -17.21 -6.72
C PRO B 37 -14.11 16.15 25.97
N PRO B 38 23.36 -15.60 -5.04
N PRO B 38 -23.44 -16.58 -14.72
N PRO B 38 -9.66 -17.86 -5.73
N PRO B 38 -14.74 15.11 25.48
CA PRO B 38 23.90 -15.09 -3.76
CA PRO B 38 -22.15 -16.01 -15.15
CA PRO B 38 -8.20 -17.94 -5.63
CA PRO B 38 -14.69 14.82 24.04
C PRO B 38 25.40 -14.94 -3.76
C PRO B 38 -22.20 -15.38 -16.51
C PRO B 38 -7.55 -18.52 -6.86
C PRO B 38 -15.20 15.94 23.18
N ASP B 39 26.10 -15.78 -4.47
N ASP B 39 -23.01 -15.90 -17.40
N ASP B 39 -8.20 -19.43 -7.54
N ASP B 39 -16.15 16.72 23.66
CA ASP B 39 27.59 -15.73 -4.48
CA ASP B 39 -23.08 -15.36 -18.79
CA ASP B 39 -7.60 -20.09 -8.73
CA ASP B 39 -16.73 17.82 22.85
C ASP B 39 28.13 -14.48 -5.15
C ASP B 39 -23.66 -13.95 -18.83
C ASP B 39 -7.43 -19.13 -9.89
C ASP B 39 -15.74 18.94 22.61
N GLN B 40 27.27 -13.80 -5.90
N GLN B 40 -24.32 -13.54 -17.76
N GLN B 40 -8.09 -17.99 -9.83
N GLN B 40 -14.66 18.97 23.38
CA GLN B 40 27.71 -12.56 -6.58
CA GLN B 40 -24.89 -12.18 -17.71
CA GLN B 40 -7.96 -16.99 -10.92
CA GLN B 40 -13.64 20.01 23.19
C GLN B 40 27.35 -11.30 -5.76
C GLN B 40 -23.95 -11.17 -17.03
C GLN B 40 -6.91 -15.91 -10.59
C GLN B 40 -12.48 19.54 22.28
N GLN B 41 26.55 -11.45 -4.73
N GLN B 41 -22.90 -11.65 -16.39
N GLN B 41 -6.44 -15.87 -9.36
N GLN B 41 -12.42 18.26 21.99
CA GLN B 41 26.10 -10.35 -3.90
CA GLN B 41 -21.96 -10.82 -15.66
CA GLN B 41 -5.49 -14.88 -8.90
CA GLN B 41 -11.37 17.66 21.20
C GLN B 41 27.03 -9.94 -2.79
C GLN B 41 -20.86 -10.20 -16.49
C GLN B 41 -4.03 -15.20 -9.17
C GLN B 41 -11.55 17.75 19.70
N ARG B 42 27.30 -8.64 -2.74
N ARG B 42 -20.70 -8.89 -16.32
N ARG B 42 -3.35 -14.22 -9.75
N ARG B 42 -10.51 18.23 19.03
CA ARG B 42 28.06 -8.04 -1.60
CA ARG B 42 -19.55 -8.16 -16.91
CA ARG B 42 -1.87 -14.29 -9.92
CA ARG B 42 -10.46 18.20 17.54
C ARG B 42 27.12 -7.00 -1.00
C ARG B 42 -18.83 -7.53 -15.74
C ARG B 42 -1.33 -13.09 -9.19
C ARG B 42 -9.23 17.39 17.20
N LEU B 43 26.67 -7.16 0.23
N LEU B 43 -17.59 -7.91 -15.46
N LEU B 43 -0.54 -13.27 -8.13
N LEU B 43 -9.36 16.24 16.55
CA LEU B 43 25.71 -6.19 0.83
CA LEU B 43 -16.87 -7.36 -14.27
CA LEU B 43 -0.04 -12.11 -7.35
CA LEU B 43 -8.17 15.39 16.26
C LEU B 43 26.43 -5.27 1.80
C LEU B 43 -15.85 -6.32 -14.73
C LEU B 43 1.43 -11.86 -7.69
C LEU B 43 -7.79 15.53 14.78
N ILE B 44 26.22 -3.97 1.64
N ILE B 44 -15.89 -5.16 -14.08
N ILE B 44 1.74 -10.61 -8.00
N ILE B 44 -6.51 15.79 14.55
CA ILE B 44 26.87 -2.94 2.44
CA ILE B 44 -15.02 -4.04 -14.42
CA ILE B 44 3.09 -10.19 -8.39
CA ILE B 44 -5.98 16.00 13.20
C ILE B 44 25.86 -2.07 3.18
C ILE B 44 -14.17 -3.60 -13.22
C ILE B 44 3.65 -9.11 -7.47
C ILE B 44 -4.87 15.01 12.85
N PHE B 45 26.11 -1.89 4.50
N PHE B 45 -12.85 -3.43 -13.50
N PHE B 45 4.91 -9.35 -7.04
N PHE B 45 -5.01 14.40 11.64
CA PHE B 45 25.27 -1.02 5.34
CA PHE B 45 -11.91 -2.96 -12.48
CA PHE B 45 5.62 -8.39 -6.18
CA PHE B 45 -4.00 13.46 11.14
C PHE B 45 26.24 -0.35 6.33
C PHE B 45 -10.89 -2.07 -13.25
C PHE B 45 7.10 -8.47 -6.62
C PHE B 45 -3.95 13.70 9.62
N ALA B 46 26.07 0.95 6.38
N ALA B 46 -10.73 -0.90 -12.67
N ALA B 46 7.61 -7.28 -6.87
N ALA B 46 -2.73 13.86 9.18
CA ALA B 46 26.84 1.83 7.29
CA ALA B 46 -9.78 0.11 -13.16
CA ALA B 46 9.01 -7.07 -7.25
CA ALA B 46 -2.40 14.07 7.76
C ALA B 46 28.32 1.52 7.23
C ALA B 46 -9.93 0.31 -14.67
C ALA B 46 9.42 -8.03 -8.36
C ALA B 46 -3.30 15.11 7.13
N GLY B 47 28.79 1.38 6.02
N GLY B 47 -11.16 0.43 -15.07
N GLY B 47 8.57 -8.13 -9.33
N GLY B 47 -3.45 16.19 7.83
CA GLY B 47 30.13 1.07 5.63
CA GLY B 47 -11.64 0.61 -16.41
CA GLY B 47 8.63 -8.94 -10.51
CA GLY B 47 -4.23 17.35 7.54
C GLY B 47 30.70 -0.25 6.07
C GLY B 47 -11.34 -0.48 -17.41
C GLY B 47 8.68 -10.44 -10.33
C GLY B 47 -5.72 17.16 7.40
N LYS B 48 29.88 -1.20 6.39
N LYS B 48 -11.07 -1.67 -16.96
N LYS B 48 8.23 -10.93 -9.20
N LYS B 48 -6.27 16.12 7.95
CA LYS B 48 30.32 -2.54 6.79
CA LYS B 48 -10.81 -2.81 -17.84
CA LYS B 48 8.18 -12.37 -8.93
CA LYS B 48 -7.72 15.87 7.91
C LYS B 48 29.82 -3.53 5.72
C LYS B 48 -11.95 -3.83 -17.62
C LYS B 48 6.69 -12.76 -8.80
C LYS B 48 -8.22 15.94 9.36
N GLN B 49 30.60 -4.52 5.39
N GLN B 49 -12.39 -4.49 -18.66
N GLN B 49 6.32 -13.91 -9.30
N GLN B 49 -9.40 16.48 9.56
CA GLN B 49 30.12 -5.57 4.45
CA GLN B 49 -13.40 -5.57 -18.48
CA GLN B 49 4.92 -14.39 -9.09
CA GLN B 49 -10.00 16.47 10.93
C GLN B 49 29.39 -6.56 5.36
C GLN B 49 -12.56 -6.80 -18.17
C GLN B 49 4.97 -15.08 -7.73
C GLN B 49 -10.70 15.12 11.00
N LEU B 50 28.18 -6.94 5.00
N LEU B 50 -12.89 -7.53 -17.13
N LEU B 50 4.06 -14.76 -6.84
N LEU B 50 -10.47 14.37 12.05
CA LEU B 50 27.35 -7.82 5.85
CA LEU B 50 -12.09 -8.69 -16.70
CA LEU B 50 4.07 -15.30 -5.47
CA LEU B 50 -11.04 13.02 12.18
C LEU B 50 27.79 -9.26 5.68
C LEU B 50 -12.40 -9.90 -17.57
C LEU B 50 3.49 -16.71 -5.47
C LEU B 50 -12.49 13.08 12.62
N GLU B 51 27.85 -10.01 6.78
N GLU B 51 -11.38 -10.67 -17.95
N GLU B 51 4.11 -17.61 -4.70
N GLU B 51 -13.35 12.25 12.04
CA GLU B 51 28.31 -11.41 6.70
CA GLU B 51 -11.61 -11.82 -18.84
CA GLU B 51 3.65 -19.01 -4.68
CA GLU B 51 -14.79 12.30 12.38
C GLU B 51 27.13 -12.35 6.75
C GLU B 51 -11.59 -13.09 -18.04
C GLU B 51 2.84 -19.26 -3.44
C GLU B 51 -15.13 11.17 13.32
N ASP B 52 27.11 -13.41 5.97
N ASP B 52 -12.44 -14.05 -18.31
N ASP B 52 1.76 -20.02 -3.50
N ASP B 52 -15.97 11.39 14.31
CA ASP B 52 26.01 -14.36 5.85
CA ASP B 52 -12.61 -15.30 -17.57
CA ASP B 52 0.84 -20.28 -2.41
CA ASP B 52 -16.32 10.43 15.35
C ASP B 52 25.33 -14.93 7.08
C ASP B 52 -11.41 -16.15 -17.20
C ASP B 52 1.34 -20.70 -1.04
C ASP B 52 -16.73 9.01 14.99
N GLY B 53 26.10 -15.31 8.08
N GLY B 53 -10.47 -16.31 -18.12
N GLY B 53 2.32 -21.59 -1.01
N GLY B 53 -17.53 8.85 13.96
CA GLY B 53 25.60 -15.93 9.32
CA GLY B 53 -9.28 -17.15 -17.94
CA GLY B 53 2.88 -22.15 0.24
CA GLY B 53 -18.06 7.55 13.52
C GLY B 53 25.08 -15.00 10.36
C GLY B 53 -8.13 -16.52 -17.23
C GLY B 53 3.92 -21.33 0.92
C GLY B 53 -17.16 6.73 12.66
N ARG B 54 25.26 -13.70 10.22
N ARG B 54 -8.17 -15.22 -16.95
N ARG B 54 4.40 -20.25 0.31
N ARG B 54 -16.04 7.27 12.19
CA ARG B 54 24.71 -12.71 11.17
CA ARG B 54 -7.11 -14.54 -16.18
CA ARG B 54 5.37 -19.35 0.95
CA ARG B 54 -15.07 6.50 11.40
C ARG B 54 23.26 -12.41 10.76
C ARG B 54 -7.43 -14.71 -14.70
C ARG B 54 4.59 -18.33 1.77
C ARG B 54 -14.14 5.77 12.36
N THR B 55 22.52 -11.80 11.65
N THR B 55 -6.47 -14.44 -13.85
N THR B 55 5.28 -17.63 2.64
N THR B 55 -13.39 4.82 11.86
CA THR B 55 21.13 -11.37 11.40
CA THR B 55 -6.62 -14.48 -12.39
CA THR B 55 4.70 -16.56 3.48
CA THR B 55 -12.39 4.05 12.63
C THR B 55 21.16 -9.84 11.18
C THR B 55 -6.70 -13.02 -11.89
C THR B 55 5.16 -15.21 2.87
C THR B 55 -11.01 4.59 12.20
N LEU B 56 20.08 -9.32 10.64
N LEU B 56 -7.14 -12.86 -10.67
N LEU B 56 4.52 -14.15 3.28
N LEU B 56 -10.00 4.27 12.99
CA LEU B 56 19.92 -7.88 10.42
CA LEU B 56 -7.22 -11.53 -10.03
CA LEU B 56 4.86 -12.79 2.85
CA LEU B 56 -8.61 4.64 12.71
C LEU B 56 19.99 -7.18 11.78
C LEU B 56 -5.81 -10.95 -9.97
C LEU B 56 6.29 -12.50 3.30
C LEU B 56 -8.21 4.00 11.38
N SER B 57 19.43 -7.82 12.83
N SER B 57 -4.80 -11.81 -9.72
N SER B 57 6.67 -13.00 4.50
N SER B 57 -8.70 2.77 11.12
CA SER B 57 19.48 -7.13 14.14
CA SER B 57 -3.43 -11.23 -9.64
CA SER B 57 8.05 -12.70 4.95
CA SER B 57 -8.30 2.13 9.83
C SER B 57 20.90 -6.95 14.64
C SER B 57 -2.99 -10.62 -10.95
C SER B 57 9.10 -13.32 4.03
C SER B 57 -8.81 2.91 8.64
N ASP B 58 21.79 -7.84 14.25
N ASP B 58 -3.48 -11.15 -12.06
N ASP B 58 8.77 -14.43 3.40
N ASP B 58 -9.93 3.58 8.79
CA ASP B 58 23.21 -7.76 14.68
CA ASP B 58 -3.12 -10.62 -13.40
CA ASP B 58 9.71 -15.11 2.47
CA ASP B 58 -10.51 4.38 7.67
C ASP B 58 23.81 -6.40 14.29
C ASP B 58 -3.42 -9.12 -13.49
C ASP B 58 10.18 -14.14 1.38
C ASP B 58 -9.50 5.40 7.15
N TYR B 59 23.44 -5.95 13.13
N TYR B 59 -4.52 -8.74 -12.91
N TYR B 59 9.27 -13.34 0.91
N TYR B 59 -8.76 5.97 8.06
CA TYR B 59 23.87 -4.67 12.56
CA TYR B 59 -4.98 -7.35 -12.86
CA TYR B 59 9.50 -12.34 -0.12
CA TYR B 59 -7.73 6.96 7.77
C TYR B 59 22.95 -3.53 12.91
C TYR B 59 -4.49 -6.60 -11.64
C TYR B 59 9.89 -10.99 0.45
C TYR B 59 -6.36 6.34 7.58
N ASN B 60 21.92 -3.69 13.72
N ASN B 60 -3.66 -7.16 -10.79
N ASN B 60 10.09 -10.82 1.74
N ASN B 60 -6.20 5.03 7.57
CA ASN B 60 21.05 -2.54 14.03
CA ASN B 60 -3.22 -6.39 -9.61
CA ASN B 60 10.47 -9.48 2.24
CA ASN B 60 -4.84 4.47 7.37
C ASN B 60 20.44 -1.95 12.76
C ASN B 60 -4.39 -5.95 -8.75
C ASN B 60 9.44 -8.43 1.86
C ASN B 60 -3.87 4.98 8.43
N ILE B 61 19.95 -2.80 11.89
N ILE B 61 -5.32 -6.85 -8.51
N ILE B 61 8.17 -8.75 2.04
N ILE B 61 -4.29 4.98 9.68
CA ILE B 61 19.25 -2.32 10.65
CA ILE B 61 -6.48 -6.54 -7.60
CA ILE B 61 7.08 -7.76 1.79
CA ILE B 61 -3.39 5.36 10.81
C ILE B 61 17.78 -2.16 11.03
C ILE B 61 -6.02 -6.90 -6.20
C ILE B 61 6.88 -7.00 3.11
C ILE B 61 -2.68 4.08 11.25
N GLN B 62 17.25 -0.97 10.99
N GLN B 62 -5.93 -5.96 -5.31
N GLN B 62 7.12 -5.72 3.14
N GLN B 62 -1.39 4.01 11.12
CA GLN B 62 15.85 -0.68 11.40
CA GLN B 62 -5.44 -6.18 -3.91
CA GLN B 62 7.03 -4.90 4.38
CA GLN B 62 -0.60 2.79 11.45
C GLN B 62 14.97 -0.50 10.15
C GLN B 62 -6.62 -6.21 -2.95
C GLN B 62 5.74 -4.08 4.34
C GLN B 62 0.11 2.99 12.79
N LYS B 63 13.66 -0.45 10.32
N LYS B 63 -6.40 -6.60 -1.70
N LYS B 63 5.38 -3.44 5.46
N LYS B 63 0.70 1.93 13.34
CA LYS B 63 12.73 -0.35 9.22
CA LYS B 63 -7.44 -6.73 -0.72
CA LYS B 63 4.14 -2.69 5.57
CA LYS B 63 1.34 1.98 14.63
C LYS B 63 13.10 0.86 8.35
C LYS B 63 -8.21 -5.42 -0.61
C LYS B 63 4.09 -1.65 4.45
C LYS B 63 2.39 3.08 14.64
N GLU B 64 12.92 0.64 7.05
N GLU B 64 -9.52 -5.59 -0.42
N GLU B 64 2.85 -1.49 3.96
N GLU B 64 2.45 3.73 15.80
CA GLU B 64 13.17 1.59 6.00
CA GLU B 64 -10.49 -4.54 -0.28
CA GLU B 64 2.48 -0.58 2.92
CA GLU B 64 3.35 4.81 16.11
C GLU B 64 14.59 2.00 5.75
C GLU B 64 -10.77 -3.67 -1.46
C GLU B 64 3.00 -0.85 1.54
C GLU B 64 3.15 6.11 15.39
N SER B 65 15.51 1.17 6.24
N SER B 65 -10.40 -4.19 -2.63
N SER B 65 3.42 -2.09 1.33
N SER B 65 1.96 6.28 14.85
CA SER B 65 16.94 1.32 6.00
CA SER B 65 -10.67 -3.55 -3.92
CA SER B 65 3.86 -2.59 0.02
CA SER B 65 1.52 7.51 14.20
C SER B 65 17.21 0.99 4.52
C SER B 65 -12.19 -3.68 -4.18
C SER B 65 2.60 -2.70 -0.87
C SER B 65 1.31 8.57 15.31
N THR B 66 18.32 1.44 4.00
N THR B 66 -12.72 -2.85 -5.04
N THR B 66 2.80 -2.73 -2.16
N THR B 66 1.33 9.82 14.94
CA THR B 66 18.74 1.12 2.63
CA THR B 66 -14.13 -2.92 -5.45
CA THR B 66 1.71 -2.92 -3.13
CA THR B 66 1.05 10.92 15.87
C THR B 66 20.08 0.38 2.69
C THR B 66 -14.19 -3.17 -6.96
C THR B 66 1.99 -4.20 -3.93
C THR B 66 -0.18 11.69 15.38
N LEU B 67 20.18 -0.80 2.06
N LEU B 67 -14.92 -4.20 -7.38
N LEU B 67 1.02 -5.12 -3.98
N LEU B 67 -1.18 11.87 16.25
CA LEU B 67 21.46 -1.50 1.99
CA LEU B 67 -15.11 -4.43 -8.82
CA LEU B 67 1.18 -6.32 -4.82
CA LEU B 67 -2.34 12.68 15.88
C LEU B 67 21.99 -1.26 0.56
C LEU B 67 -16.54 -3.93 -9.14
C LEU B 67 0.31 -6.07 -6.07
C LEU B 67 -2.15 14.04 16.60
N HIS B 68 23.26 -1.32 0.37
N HIS B 68 -16.80 -3.56 -10.34
N HIS B 68 0.63 -6.67 -7.15
N HIS B 68 -2.71 15.08 16.08
CA HIS B 68 23.80 -1.15 -1.00
CA HIS B 68 -18.16 -3.12 -10.70
CA HIS B 68 -0.21 -6.50 -8.36
CA HIS B 68 -2.58 16.38 16.78
C HIS B 68 24.22 -2.54 -1.46
C HIS B 68 -18.76 -4.26 -11.52
C HIS B 68 -1.00 -7.80 -8.51
C HIS B 68 -3.94 16.65 17.42
N LEU B 69 23.89 -2.88 -2.69
N LEU B 69 -20.00 -4.61 -11.22
N LEU B 69 -2.29 -7.68 -8.80
N LEU B 69 -3.92 17.10 18.67
CA LEU B 69 24.29 -4.15 -3.28
CA LEU B 69 -20.72 -5.63 -11.97
CA LEU B 69 -3.14 -8.84 -9.04
CA LEU B 69 -5.14 17.46 19.37
C LEU B 69 25.36 -3.96 -4.32
C LEU B 69 -21.77 -5.03 -12.86
C LEU B 69 -3.49 -8.97 -10.49
C LEU B 69 -5.28 18.95 19.51
N VAL B 70 26.54 -4.48 -4.12
N VAL B 70 -21.67 -5.14 -14.14
N VAL B 70 -3.07 -10.01 -11.15
N VAL B 70 -6.26 19.56 18.93
CA VAL B 70 27.59 -4.40 -5.16
CA VAL B 70 -22.76 -4.64 -15.04
CA VAL B 70 -3.48 -10.24 -12.57
CA VAL B 70 -6.50 21.01 19.13
C VAL B 70 27.70 -5.85 -5.66
C VAL B 70 -23.39 -5.93 -15.58
C VAL B 70 -4.45 -11.42 -12.47
C VAL B 70 -7.77 21.06 20.00
N LEU B 71 27.86 -6.03 -6.96
N LEU B 71 -24.69 -5.96 -15.70
N LEU B 71 -5.53 -11.39 -13.24
N LEU B 71 -7.81 21.96 20.95
CA LEU B 71 28.01 -7.39 -7.53
CA LEU B 71 -25.39 -7.15 -16.24
CA LEU B 71 -6.50 -12.50 -13.24
CA LEU B 71 -9.00 22.09 21.82
C LEU B 71 29.46 -7.72 -7.70
C LEU B 71 -25.66 -6.98 -17.71
C LEU B 71 -6.20 -13.44 -14.38
C LEU B 71 -9.89 23.19 21.30
N MET A 1 6.38 18.40 -20.67
CA MET A 1 5.74 19.56 -20.05
C MET A 1 6.28 19.67 -18.60
N GLN A 2 6.34 20.88 -18.14
CA GLN A 2 6.81 21.11 -16.74
C GLN A 2 5.61 21.10 -15.81
N ILE A 3 5.80 20.45 -14.66
CA ILE A 3 4.77 20.47 -13.61
C ILE A 3 5.53 20.83 -12.30
N PHE A 4 4.75 21.23 -11.33
CA PHE A 4 5.40 21.59 -10.01
C PHE A 4 4.91 20.64 -8.96
N VAL A 5 5.74 20.16 -8.03
CA VAL A 5 5.27 19.32 -6.95
C VAL A 5 5.58 20.10 -5.65
N LYS A 6 4.57 20.50 -4.95
CA LYS A 6 4.78 21.30 -3.70
C LYS A 6 4.77 20.35 -2.53
N THR A 7 5.82 20.41 -1.68
CA THR A 7 5.88 19.52 -0.51
C THR A 7 5.42 20.27 0.74
N LEU A 8 5.24 19.58 1.84
CA LEU A 8 4.74 20.24 3.07
C LEU A 8 5.81 21.08 3.74
N THR A 9 7.06 21.03 3.24
CA THR A 9 8.08 21.90 3.94
C THR A 9 8.35 23.16 3.18
N GLY A 10 7.52 23.50 2.24
CA GLY A 10 7.67 24.69 1.43
C GLY A 10 8.68 24.63 0.33
N LYS A 11 9.10 23.43 0.00
CA LYS A 11 10.01 23.21 -1.12
C LYS A 11 9.11 22.84 -2.31
N THR A 12 9.42 23.38 -3.48
CA THR A 12 8.62 22.98 -4.66
C THR A 12 9.61 22.35 -5.64
N ILE A 13 9.25 21.19 -6.17
CA ILE A 13 10.23 20.60 -7.13
C ILE A 13 9.65 20.67 -8.52
N THR A 14 10.47 20.94 -9.51
CA THR A 14 9.89 20.97 -10.89
C THR A 14 10.25 19.66 -11.57
N LEU A 15 9.33 19.09 -12.33
CA LEU A 15 9.58 17.83 -13.01
C LEU A 15 9.25 18.02 -14.49
N GLU A 16 9.89 17.22 -15.31
CA GLU A 16 9.51 17.26 -16.76
C GLU A 16 8.85 15.92 -17.00
N VAL A 17 7.60 16.03 -17.42
CA VAL A 17 6.77 14.86 -17.67
C VAL A 17 5.93 15.04 -18.95
N GLU A 18 5.32 13.93 -19.31
CA GLU A 18 4.37 13.84 -20.41
C GLU A 18 3.06 13.38 -19.82
N PRO A 19 1.95 13.87 -20.34
CA PRO A 19 0.61 13.47 -19.90
C PRO A 19 0.43 11.98 -19.97
N SER A 20 1.19 11.31 -20.81
CA SER A 20 1.03 9.85 -20.98
C SER A 20 1.72 9.11 -19.87
N ASP A 21 2.49 9.83 -19.05
CA ASP A 21 3.19 9.10 -17.96
C ASP A 21 2.21 8.63 -16.92
N THR A 22 2.51 7.52 -16.30
CA THR A 22 1.71 6.99 -15.21
C THR A 22 2.16 7.68 -13.91
N ILE A 23 1.25 7.61 -12.94
CA ILE A 23 1.52 8.13 -11.60
C ILE A 23 2.72 7.40 -10.98
N GLU A 24 2.80 6.12 -11.24
CA GLU A 24 3.98 5.32 -10.73
C GLU A 24 5.27 5.90 -11.23
N CYS A 25 5.30 6.34 -12.52
CA CYS A 25 6.50 6.91 -13.13
C CYS A 25 6.85 8.24 -12.50
N VAL A 26 5.82 9.05 -12.28
CA VAL A 26 6.04 10.34 -11.65
C VAL A 26 6.71 10.15 -10.29
N LYS A 27 6.18 9.20 -9.52
CA LYS A 27 6.74 8.92 -8.19
C LYS A 27 8.19 8.48 -8.29
N ALA A 28 8.54 7.70 -9.30
CA ALA A 28 9.92 7.29 -9.53
C ALA A 28 10.80 8.47 -9.89
N LYS A 29 10.31 9.43 -10.66
CA LYS A 29 11.09 10.64 -10.97
C LYS A 29 11.35 11.47 -9.69
N ILE A 30 10.35 11.49 -8.81
CA ILE A 30 10.50 12.25 -7.55
C ILE A 30 11.53 11.50 -6.70
N GLN A 31 11.49 10.19 -6.69
CA GLN A 31 12.50 9.45 -5.86
C GLN A 31 13.90 9.76 -6.40
N ASP A 32 14.01 9.63 -7.70
CA ASP A 32 15.30 9.91 -8.37
C ASP A 32 15.83 11.29 -8.03
N LYS A 33 14.94 12.30 -7.98
CA LYS A 33 15.50 13.66 -7.74
C LYS A 33 15.53 14.13 -6.33
N GLU A 34 14.74 13.67 -5.41
CA GLU A 34 14.73 14.09 -4.02
C GLU A 34 14.92 12.96 -3.04
N GLY A 35 14.94 11.73 -3.52
CA GLY A 35 15.18 10.58 -2.69
C GLY A 35 14.07 10.02 -1.89
N ILE A 36 12.84 10.55 -2.06
CA ILE A 36 11.72 10.01 -1.29
C ILE A 36 11.20 8.72 -1.91
N PRO A 37 11.15 7.65 -1.13
CA PRO A 37 10.64 6.34 -1.58
C PRO A 37 9.21 6.46 -2.09
N PRO A 38 8.88 5.84 -3.19
CA PRO A 38 7.51 5.95 -3.73
C PRO A 38 6.45 5.52 -2.76
N ASP A 39 6.74 4.57 -1.90
CA ASP A 39 5.72 4.05 -0.95
C ASP A 39 5.34 5.08 0.11
N GLN A 40 6.16 6.11 0.23
CA GLN A 40 5.83 7.18 1.22
C GLN A 40 5.08 8.36 0.58
N GLN A 41 5.02 8.40 -0.74
CA GLN A 41 4.40 9.48 -1.46
C GLN A 41 2.90 9.36 -1.66
N ARG A 42 2.21 10.46 -1.32
CA ARG A 42 0.75 10.57 -1.60
C ARG A 42 0.62 11.80 -2.48
N LEU A 43 0.18 11.67 -3.73
CA LEU A 43 0.09 12.84 -4.63
C LEU A 43 -1.35 13.30 -4.76
N ILE A 44 -1.57 14.59 -4.57
CA ILE A 44 -2.91 15.19 -4.61
C ILE A 44 -3.02 16.28 -5.66
N PHE A 45 -4.11 16.19 -6.46
CA PHE A 45 -4.39 17.20 -7.50
C PHE A 45 -5.92 17.33 -7.53
N ALA A 46 -6.32 18.58 -7.46
CA ALA A 46 -7.74 18.98 -7.52
C ALA A 46 -8.59 18.14 -6.58
N GLY A 47 -8.08 17.99 -5.40
CA GLY A 47 -8.62 17.24 -4.29
C GLY A 47 -8.80 15.76 -4.47
N CYS A 48 -8.13 15.15 -5.41
CA CYS A 48 -8.12 13.71 -5.63
C CYS A 48 -6.78 13.12 -5.25
N GLN A 49 -6.74 11.97 -4.70
CA GLN A 49 -5.43 11.30 -4.47
C GLN A 49 -5.16 10.55 -5.77
N LEU A 50 -3.98 10.72 -6.33
CA LEU A 50 -3.65 10.11 -7.64
C LEU A 50 -3.29 8.65 -7.46
N GLU A 51 -3.77 7.80 -8.37
CA GLU A 51 -3.53 6.34 -8.25
C GLU A 51 -2.42 5.92 -9.18
N ASP A 52 -1.53 5.06 -8.79
CA ASP A 52 -0.35 4.62 -9.54
C ASP A 52 -0.48 4.20 -10.99
N GLY A 53 -1.50 3.45 -11.32
CA GLY A 53 -1.74 2.91 -12.67
C GLY A 53 -2.40 3.82 -13.65
N ARG A 54 -2.89 4.98 -13.21
CA ARG A 54 -3.49 5.96 -14.13
C ARG A 54 -2.37 6.83 -14.68
N THR A 55 -2.66 7.57 -15.72
CA THR A 55 -1.72 8.53 -16.36
C THR A 55 -2.16 9.94 -15.93
N LEU A 56 -1.27 10.90 -16.12
CA LEU A 56 -1.55 12.31 -15.83
C LEU A 56 -2.72 12.75 -16.70
N SER A 57 -2.80 12.25 -17.95
CA SER A 57 -3.93 12.69 -18.80
C SER A 57 -5.26 12.26 -18.24
N ASP A 58 -5.29 11.15 -17.53
CA ASP A 58 -6.56 10.64 -16.93
C ASP A 58 -7.20 11.71 -16.05
N TYR A 59 -6.37 12.41 -15.33
CA TYR A 59 -6.76 13.49 -14.42
C TYR A 59 -6.79 14.84 -15.09
N ASN A 60 -6.55 14.98 -16.38
CA ASN A 60 -6.58 16.32 -16.99
C ASN A 60 -5.58 17.25 -16.32
N ILE A 61 -4.36 16.77 -16.10
CA ILE A 61 -3.28 17.62 -15.54
C ILE A 61 -2.59 18.28 -16.73
N GLN A 62 -2.64 19.57 -16.85
CA GLN A 62 -2.07 20.32 -18.00
C GLN A 62 -0.74 20.97 -17.58
N LYS A 63 0.04 21.51 -18.58
CA LYS A 63 1.33 22.10 -18.24
C LYS A 63 1.17 23.16 -17.17
N GLU A 64 2.22 23.18 -16.36
CA GLU A 64 2.37 24.09 -15.26
C GLU A 64 1.44 23.96 -14.10
N SER A 65 0.81 22.79 -14.03
CA SER A 65 -0.07 22.42 -12.91
C SER A 65 0.84 22.18 -11.68
N THR A 66 0.25 22.25 -10.50
CA THR A 66 0.96 21.97 -9.25
C THR A 66 0.29 20.77 -8.56
N LEU A 67 1.06 19.74 -8.22
CA LEU A 67 0.49 18.62 -7.46
C LEU A 67 0.98 18.81 -6.00
N HIS A 68 0.26 18.31 -5.06
CA HIS A 68 0.72 18.43 -3.66
C HIS A 68 1.24 17.05 -3.26
N LEU A 69 2.38 17.02 -2.60
CA LEU A 69 2.96 15.77 -2.10
C LEU A 69 2.83 15.67 -0.60
N VAL A 70 2.10 14.73 -0.09
CA VAL A 70 2.03 14.52 1.38
C VAL A 70 2.81 13.21 1.60
N LEU A 71 3.60 13.15 2.65
CA LEU A 71 4.36 11.93 2.95
C LEU A 71 3.61 11.09 3.95
N ARG A 72 3.61 9.77 3.70
N ARG A 72 3.55 9.77 3.69
N ARG A 72 3.54 9.80 3.75
N ARG A 72 3.53 9.79 3.75
CA ARG A 72 2.98 8.73 4.54
CA ARG A 72 2.88 8.75 4.53
CA ARG A 72 2.82 8.93 4.69
CA ARG A 72 2.81 8.92 4.70
C ARG A 72 2.18 9.48 5.60
C ARG A 72 2.03 7.92 3.55
C ARG A 72 3.58 9.03 6.01
C ARG A 72 3.77 7.78 5.03
N LEU A 73 0.90 9.63 5.47
N LEU A 73 1.69 6.71 3.84
N LEU A 73 4.65 8.32 6.22
N LEU A 73 3.58 7.03 6.06
CA LEU A 73 0.15 10.37 6.52
CA LEU A 73 0.87 5.93 2.89
CA LEU A 73 5.37 8.43 7.50
CA LEU A 73 4.52 5.92 6.36
C LEU A 73 0.32 9.68 7.86
C LEU A 73 0.21 4.75 3.61
C LEU A 73 6.80 7.97 7.33
C LEU A 73 5.92 6.48 6.56
N ARG A 74 0.82 8.46 7.78
N ARG A 74 -1.09 4.66 3.41
N ARG A 74 7.58 8.21 8.38
N ARG A 74 6.66 5.79 7.41
CA ARG A 74 1.06 7.62 8.97
CA ARG A 74 -1.91 3.61 4.03
CA ARG A 74 9.00 7.86 8.40
CA ARG A 74 8.04 6.17 7.75
C ARG A 74 2.30 6.77 8.73
C ARG A 74 -3.08 3.28 3.12
C ARG A 74 9.15 6.35 8.21
C ARG A 74 8.81 4.91 8.17
N GLY A 75 3.16 6.74 9.75
N GLY A 75 -3.58 2.06 3.25
N GLY A 75 8.31 5.63 8.94
N GLY A 75 8.04 3.88 8.48
CA GLY A 75 4.41 6.00 9.71
CA GLY A 75 -4.69 1.55 2.46
CA GLY A 75 8.28 4.17 8.92
CA GLY A 75 8.58 2.59 8.91
C GLY A 75 4.27 4.52 9.95
C GLY A 75 -5.44 0.40 3.08
C GLY A 75 7.32 3.52 9.90
C GLY A 75 7.57 1.45 8.95
N GLY A 76 5.41 3.86 9.89
N GLY A 76 -6.59 0.13 2.48
N GLY A 76 7.42 2.21 9.95
N GLY A 76 8.11 0.27 9.18
CA GLY A 76 5.56 2.41 10.09
CA GLY A 76 -7.51 -0.95 2.89
CA GLY A 76 6.61 1.35 10.82
CA GLY A 76 7.37 -0.99 9.28
C GLY A 76 6.27 2.18 11.43
C GLY A 76 -7.48 -2.04 1.80
C GLY A 76 6.59 -0.06 10.22
C GLY A 76 7.24 -1.36 10.75
N MET B 1 7.88 -5.89 8.56
N MET B 1 -12.58 -12.57 0.49
N MET B 1 -1.22 -5.69 9.68
N MET B 1 -0.57 -2.03 18.34
CA MET B 1 8.16 -4.46 8.37
CA MET B 1 -12.72 -11.11 0.58
CA MET B 1 -0.55 -4.68 8.84
CA MET B 1 0.51 -1.36 17.61
C MET B 1 8.74 -4.28 6.95
C MET B 1 -14.03 -10.74 -0.17
C MET B 1 -1.47 -4.42 7.63
C MET B 1 0.84 -0.04 18.35
N GLN B 2 8.47 -3.14 6.40
N GLN B 2 -14.63 -9.69 0.28
N GLN B 2 -1.41 -3.21 7.15
N GLN B 2 2.08 0.34 18.25
CA GLN B 2 9.01 -2.85 5.03
CA GLN B 2 -15.88 -9.21 -0.39
CA GLN B 2 -2.22 -2.85 5.95
CA GLN B 2 2.50 1.62 18.91
C GLN B 2 10.36 -2.16 5.17
C GLN B 2 -15.50 -8.20 -1.46
C GLN B 2 -1.39 -3.11 4.70
C GLN B 2 2.35 2.75 17.91
N ILE B 3 11.29 -2.57 4.33
N ILE B 3 -16.17 -8.32 -2.60
N ILE B 3 -2.04 -3.67 3.70
N ILE B 3 1.83 3.87 18.40
CA ILE B 3 12.59 -1.89 4.25
CA ILE B 3 -16.02 -7.32 -3.67
CA ILE B 3 -1.40 -3.84 2.38
CA ILE B 3 1.77 5.10 17.58
C ILE B 3 12.85 -1.62 2.73
C ILE B 3 -17.47 -6.94 -4.10
C ILE B 3 -2.44 -3.30 1.34
C ILE B 3 2.36 6.23 18.47
N PHE B 4 13.78 -0.72 2.51
N PHE B 4 -17.53 -5.83 -4.79
N PHE B 4 -1.91 -3.05 0.16
N PHE B 4 2.70 7.30 17.80
CA PHE B 4 14.10 -0.40 1.07
CA PHE B 4 -18.90 -5.38 -5.27
CA PHE B 4 -2.84 -2.53 -0.90
CA PHE B 4 3.28 8.46 18.57
C PHE B 4 15.52 -0.81 0.79
C PHE B 4 -18.92 -5.39 -6.77
C PHE B 4 -2.91 -3.54 -2.02
C PHE B 4 2.34 9.63 18.46
N VAL B 5 15.85 -1.38 -0.36
N VAL B 5 -19.99 -5.82 -7.42
N VAL B 5 -4.05 -3.80 -2.63
N VAL B 5 2.10 10.42 19.50
CA VAL B 5 17.22 -1.71 -0.70
CA VAL B 5 -20.08 -5.75 -8.87
CA VAL B 5 -4.14 -4.71 -3.77
CA VAL B 5 1.27 11.61 19.39
C VAL B 5 17.55 -0.87 -1.96
C VAL B 5 -21.27 -4.82 -9.18
C VAL B 5 -4.64 -3.85 -4.94
C VAL B 5 2.20 12.79 19.75
N LYS B 6 18.44 0.06 -1.84
N LYS B 6 -21.00 -3.70 -9.76
N LYS B 6 -3.84 -3.67 -5.94
N LYS B 6 2.47 13.64 18.82
CA LYS B 6 18.78 0.94 -3.01
CA LYS B 6 -22.10 -2.71 -10.06
CA LYS B 6 -4.24 -2.81 -7.10
CA LYS B 6 3.40 14.79 19.08
C LYS B 6 19.99 0.34 -3.70
C LYS B 6 -22.56 -2.94 -11.48
C LYS B 6 -4.79 -3.70 -8.17
C LYS B 6 2.56 15.99 19.45
N THR B 7 19.89 0.14 -5.03
N THR B 7 -23.89 -3.12 -11.67
N THR B 7 -6.01 -3.40 -8.68
N THR B 7 2.87 16.64 20.59
CA THR B 7 21.02 -0.43 -5.77
CA THR B 7 -24.41 -3.34 -13.03
CA THR B 7 -6.60 -4.23 -9.72
CA THR B 7 2.10 17.81 21.01
C THR B 7 21.79 0.69 -6.47
C THR B 7 -24.97 -2.04 -13.57
C THR B 7 -6.39 -3.57 -11.08
C THR B 7 2.87 19.08 20.64
N LEU B 8 22.95 0.40 -7.03
N LEU B 8 -25.32 -2.00 -14.84
N LEU B 8 -6.69 -4.26 -12.16
N LEU B 8 2.25 20.24 20.76
CA LEU B 8 23.76 1.44 -7.69
CA LEU B 8 -25.84 -0.75 -15.46
CA LEU B 8 -6.48 -3.69 -13.51
CA LEU B 8 2.91 21.50 20.37
C LEU B 8 23.18 1.88 -9.02
C LEU B 8 -27.25 -0.42 -15.03
C LEU B 8 -7.49 -2.62 -13.87
C LEU B 8 3.98 21.92 21.36
N THR B 9 22.12 1.20 -9.51
N THR B 9 -27.90 -1.33 -14.28
N THR B 9 -8.50 -2.41 -13.02
N THR B 9 4.11 21.21 22.49
CA THR B 9 21.58 1.69 -10.82
CA THR B 9 -29.30 -0.97 -13.87
CA THR B 9 -9.47 -1.33 -13.41
CA THR B 9 5.18 21.67 23.44
C THR B 9 20.35 2.51 -10.66
C THR B 9 -29.36 -0.49 -12.45
C THR B 9 -9.23 -0.06 -12.66
C THR B 9 6.40 20.81 23.35
N GLY B 10 20.08 2.97 -9.47
N GLY B 10 -28.24 -0.17 -11.87
N GLY B 10 -8.11 0.07 -12.02
N GLY B 10 6.51 20.02 22.33
CA GLY B 10 18.92 3.78 -9.17
CA GLY B 10 -28.16 0.31 -10.51
CA GLY B 10 -7.74 1.24 -11.27
CA GLY B 10 7.65 19.14 22.12
C GLY B 10 17.61 3.07 -9.06
C GLY B 10 -28.28 -0.73 -9.44
C GLY B 10 -8.38 1.38 -9.91
C GLY B 10 7.66 17.88 22.93
N LYS B 11 17.67 1.77 -8.92
N LYS B 11 -28.12 -1.97 -9.81
N LYS B 11 -8.91 0.30 -9.41
N LYS B 11 6.54 17.53 23.50
CA LYS B 11 16.49 0.96 -8.69
CA LYS B 11 -28.10 -3.08 -8.86
CA LYS B 11 -9.47 0.24 -8.07
CA LYS B 11 6.38 16.28 24.23
C LYS B 11 16.41 0.76 -7.17
C LYS B 11 -26.61 -3.35 -8.57
C LYS B 11 -8.34 -0.33 -7.19
C LYS B 11 5.77 15.29 23.22
N THR B 12 15.21 0.85 -6.62
N THR B 12 -26.29 -3.58 -7.30
N THR B 12 -8.16 0.23 -6.00
N THR B 12 6.25 14.07 23.23
CA THR B 12 15.08 0.59 -5.17
CA THR B 12 -24.88 -3.92 -7.01
CA THR B 12 -7.16 -0.35 -5.10
CA THR B 12 5.63 13.07 22.34
C THR B 12 14.12 -0.59 -5.04
C THR B 12 -24.91 -5.32 -6.38
C THR B 12 -7.91 -0.78 -3.83
C THR B 12 5.11 11.96 23.25
N ILE B 13 14.51 -1.58 -4.24
N ILE B 13 -24.04 -6.20 -6.87
N ILE B 13 -7.67 -2.01 -3.39
N ILE B 13 3.85 11.57 23.03
CA ILE B 13 13.55 -2.71 -4.12
CA ILE B 13 -24.09 -7.55 -6.25
CA ILE B 13 -8.41 -2.40 -2.17
CA ILE B 13 3.36 10.48 23.92
C ILE B 13 12.95 -2.70 -2.75
C ILE B 13 -22.84 -7.75 -5.43
C ILE B 13 -7.44 -2.48 -1.01
C ILE B 13 3.22 9.22 23.12
N THR B 14 11.67 -3.02 -2.63
N THR B 14 -22.94 -8.39 -4.28
N THR B 14 -7.84 -2.07 0.17
N THR B 14 3.54 8.08 23.70
CA THR B 14 11.10 -3.04 -1.25
CA THR B 14 -21.68 -8.61 -3.51
CA THR B 14 -6.88 -2.20 1.30
CA THR B 14 3.36 6.83 22.90
C THR B 14 11.01 -4.48 -0.80
C THR B 14 -21.25 -10.04 -3.73
C THR B 14 -7.28 -3.40 2.11
C THR B 14 2.09 6.16 23.37
N LEU B 15 11.32 -4.76 0.46
N LEU B 15 -19.96 -10.28 -3.88
N LEU B 15 -6.33 -4.19 2.58
N LEU B 15 1.30 5.61 22.46
CA LEU B 15 11.29 -6.11 0.97
CA LEU B 15 -19.45 -11.62 -4.11
CA LEU B 15 -6.62 -5.37 3.36
CA LEU B 15 0.05 4.96 22.81
C LEU B 15 10.42 -6.13 2.23
C LEU B 15 -18.36 -11.90 -3.06
C LEU B 15 -5.82 -5.30 4.68
C LEU B 15 0.06 3.55 22.22
N GLU B 16 9.85 -7.28 2.50
N GLU B 16 -18.18 -13.17 -2.77
N GLU B 16 -6.34 -5.96 5.68
N GLU B 16 -0.69 2.67 22.85
CA GLU B 16 9.10 -7.38 3.81
CA GLU B 16 -17.04 -13.51 -1.87
CA GLU B 16 -5.54 -6.02 6.95
CA GLU B 16 -0.82 1.31 22.23
C GLU B 16 9.93 -8.34 4.63
C GLU B 16 -16.07 -14.24 -2.77
C GLU B 16 -5.13 -7.48 7.03
C GLU B 16 -2.27 1.26 21.79
N VAL B 17 10.36 -7.80 5.76
N VAL B 17 -14.88 -13.66 -2.83
N VAL B 17 -3.83 -7.66 7.06
N VAL B 17 -2.42 1.07 20.49
CA VAL B 17 11.22 -8.53 6.68
CA VAL B 17 -13.81 -14.18 -3.69
CA VAL B 17 -3.22 -8.98 7.10
CA VAL B 17 -3.72 1.03 19.85
C VAL B 17 10.79 -8.29 8.14
C VAL B 17 -12.45 -14.11 -2.97
C VAL B 17 -2.03 -9.02 8.06
C VAL B 17 -3.80 -0.08 18.80
N GLU B 18 11.43 -9.08 8.97
N GLU B 18 -11.51 -14.75 -3.63
N GLU B 18 -1.59 -10.25 8.26
N GLU B 18 -5.02 -0.27 18.36
CA GLU B 18 11.30 -8.99 10.43
CA GLU B 18 -10.10 -14.75 -3.24
CA GLU B 18 -0.39 -10.56 9.03
CA GLU B 18 -5.36 -1.19 17.26
C GLU B 18 12.70 -8.72 10.97
C GLU B 18 -9.33 -14.14 -4.40
C GLU B 18 0.56 -11.28 8.09
C GLU B 18 -5.99 -0.34 16.18
N PRO B 19 12.78 -7.94 12.02
N PRO B 19 -8.29 -13.39 -4.09
N PRO B 19 1.85 -11.05 8.25
N PRO B 19 -5.74 -0.68 14.92
CA PRO B 19 14.06 -7.63 12.67
CA PRO B 19 -7.43 -12.79 -5.12
CA PRO B 19 2.87 -11.72 7.44
CA PRO B 19 -6.33 0.01 13.77
C PRO B 19 14.80 -8.88 13.07
C PRO B 19 -6.88 -13.82 -6.09
C PRO B 19 2.75 -13.22 7.51
C PRO B 19 -7.83 0.06 13.86
N SER B 20 14.08 -9.96 13.27
N SER B 20 -6.81 -15.07 -5.65
N SER B 20 2.16 -13.73 8.57
N SER B 20 -8.43 -0.88 14.57
CA SER B 20 14.72 -11.21 13.72
CA SER B 20 -6.24 -16.12 -6.51
CA SER B 20 2.05 -15.19 8.74
CA SER B 20 -9.90 -0.94 14.66
C SER B 20 15.37 -11.93 12.56
C SER B 20 -7.27 -16.61 -7.51
C SER B 20 0.91 -15.74 7.93
C SER B 20 -10.42 0.06 15.66
N ASP B 21 15.13 -11.45 11.34
N ASP B 21 -8.51 -16.15 -7.37
N ASP B 21 0.09 -14.85 7.34
N ASP B 21 -9.52 0.70 16.40
CA ASP B 21 15.74 -12.16 10.19
CA ASP B 21 -9.53 -16.64 -8.33
CA ASP B 21 -1.04 -15.39 6.55
CA ASP B 21 -10.02 1.67 17.40
C ASP B 21 17.24 -11.92 10.19
C ASP B 21 -9.28 -16.02 -9.69
C ASP B 21 -0.54 -16.02 5.29
C ASP B 21 -10.56 2.90 16.70
N THR B 22 17.97 -12.92 9.70
N THR B 22 -9.61 -16.77 -10.73
N THR B 22 -1.25 -17.05 4.83
N THR B 22 -11.56 3.51 17.30
CA THR B 22 19.40 -12.81 9.54
CA THR B 22 -9.51 -16.29 -12.09
CA THR B 22 -0.94 -17.70 3.58
CA THR B 22 -12.12 4.75 16.81
C THR B 22 19.69 -12.10 8.19
C THR B 22 -10.80 -15.48 -12.40
C THR B 22 -1.60 -16.89 2.44
C THR B 22 -11.25 5.92 17.32
N ILE B 23 20.92 -11.59 8.13
N ILE B 23 -10.65 -14.66 -13.45
N ILE B 23 -1.06 -17.15 1.24
N ILE B 23 -11.41 7.04 16.62
CA ILE B 23 21.40 -10.97 6.90
CA ILE B 23 -11.78 -13.89 -13.95
CA ILE B 23 -1.61 -16.55 0.03
CA ILE B 23 -10.73 8.28 17.02
C ILE B 23 21.42 -11.98 5.76
C ILE B 23 -12.89 -14.82 -14.44
C ILE B 23 -3.06 -16.99 -0.17
C ILE B 23 -11.20 8.71 18.40
N GLU B 24 21.78 -13.21 6.08
N GLU B 24 -12.50 -15.92 -15.04
N GLU B 24 -3.34 -18.23 0.16
N GLU B 24 -12.46 8.51 18.68
CA GLU B 24 21.76 -14.30 5.05
CA GLU B 24 -13.51 -16.94 -15.50
CA GLU B 24 -4.75 -18.74 0.06
CA GLU B 24 -13.00 8.84 20.05
C GLU B 24 20.39 -14.43 4.43
C GLU B 24 -14.35 -17.40 -14.34
C GLU B 24 -5.69 -17.91 0.90
C GLU B 24 -12.25 8.08 21.11
N ASN B 25 19.36 -14.34 5.26
N ASN B 25 -13.72 -17.62 -13.19
N ASN B 25 -5.23 -17.52 2.09
N ASN B 25 -11.94 6.83 20.85
CA ASN B 25 17.95 -14.46 4.85
CA ASN B 25 -14.38 -18.08 -11.96
CA ASN B 25 -6.00 -16.72 3.04
CA ASN B 25 -11.22 5.94 21.77
C ASN B 25 17.54 -13.31 3.93
C ASN B 25 -15.37 -17.04 -11.43
C ASN B 25 -6.27 -15.32 2.50
C ASN B 25 -9.79 6.42 22.00
N VAL B 26 17.95 -12.11 4.33
N VAL B 26 -14.91 -15.80 -11.43
N VAL B 26 -5.21 -14.74 1.93
N VAL B 26 -9.15 6.80 20.90
CA VAL B 26 17.66 -10.93 3.53
CA VAL B 26 -15.75 -14.69 -10.99
CA VAL B 26 -5.32 -13.42 1.33
CA VAL B 26 -7.79 7.31 20.97
C VAL B 26 18.25 -11.10 2.14
C VAL B 26 -17.03 -14.66 -11.83
C VAL B 26 -6.39 -13.43 0.25
C VAL B 26 -7.76 8.54 21.89
N LYS B 27 19.50 -11.55 2.09
N LYS B 27 -16.85 -14.77 -13.14
N LYS B 27 -6.34 -14.45 -0.60
N LYS B 27 -8.72 9.43 21.68
CA LYS B 27 20.17 -11.75 0.80
CA LYS B 27 -18.00 -14.74 -14.06
CA LYS B 27 -7.32 -14.57 -1.69
CA LYS B 27 -8.80 10.65 22.49
C LYS B 27 19.43 -12.77 -0.05
C LYS B 27 -18.95 -15.88 -13.76
C LYS B 27 -8.73 -14.70 -1.14
C LYS B 27 -8.98 10.32 23.96
N ALA B 28 18.90 -13.82 0.57
N ALA B 28 -18.43 -17.05 -13.42
N ALA B 28 -8.90 -15.40 -0.04
N ALA B 28 -9.77 9.30 24.27
CA ALA B 28 18.10 -14.82 -0.15
CA ALA B 28 -19.26 -18.20 -13.06
CA ALA B 28 -10.22 -15.51 0.61
CA ALA B 28 -9.96 8.86 25.65
C ALA B 28 16.81 -14.23 -0.67
C ALA B 28 -20.02 -17.94 -11.76
C ALA B 28 -10.69 -14.18 1.16
C ALA B 28 -8.68 8.29 26.23
N LYS B 29 16.16 -13.34 0.07
N LYS B 29 -19.41 -17.29 -10.79
N LYS B 29 -9.79 -13.36 1.71
N LYS B 29 -7.89 7.57 25.45
CA LYS B 29 14.94 -12.65 -0.43
CA LYS B 29 -20.12 -16.92 -9.54
CA LYS B 29 -10.17 -12.02 2.19
CA LYS B 29 -6.58 7.06 25.93
C LYS B 29 15.26 -11.77 -1.64
C LYS B 29 -21.26 -15.94 -9.82
C LYS B 29 -10.61 -11.13 1.01
C LYS B 29 -5.62 8.22 26.25
N ILE B 30 16.44 -11.14 -1.60
N ILE B 30 -21.02 -15.03 -10.77
N ILE B 30 -9.94 -11.30 -0.13
N ILE B 30 -5.69 9.27 25.41
CA ILE B 30 16.84 -10.27 -2.73
CA ILE B 30 -22.07 -14.04 -11.10
CA ILE B 30 -10.30 -10.49 -1.31
CA ILE B 30 -4.82 10.44 25.64
C ILE B 30 17.12 -11.19 -3.92
C ILE B 30 -23.18 -14.81 -11.83
C ILE B 30 -11.67 -10.99 -1.79
C ILE B 30 -5.32 11.13 26.91
N GLN B 31 17.74 -12.32 -3.69
N GLN B 31 -22.84 -15.75 -12.67
N GLN B 31 -11.92 -12.28 -1.75
N GLN B 31 -6.61 11.22 27.11
CA GLN B 31 18.01 -13.22 -4.86
CA GLN B 31 -23.93 -16.51 -13.36
CA GLN B 31 -13.26 -12.76 -2.20
CA GLN B 31 -7.09 11.89 28.36
C GLN B 31 16.67 -13.66 -5.48
C GLN B 31 -24.78 -17.25 -12.32
C GLN B 31 -14.35 -12.17 -1.28
C GLN B 31 -6.59 11.09 29.58
N ASP B 32 15.80 -14.09 -4.60
N ASP B 32 -24.06 -17.93 -11.46
N ASP B 32 -14.08 -12.30 -0.01
N ASP B 32 -6.80 9.81 29.49
CA ASP B 32 14.45 -14.53 -5.03
CA ASP B 32 -24.71 -18.69 -10.36
CA ASP B 32 -15.01 -11.76 1.01
CA ASP B 32 -6.37 8.89 30.58
C ASP B 32 13.75 -13.48 -5.85
C ASP B 32 -25.65 -17.82 -9.56
C ASP B 32 -15.32 -10.30 0.78
C ASP B 32 -4.90 9.07 30.90
N LYS B 33 13.86 -12.20 -5.44
N LYS B 33 -25.24 -16.58 -9.25
N LYS B 33 -14.30 -9.50 0.43
N LYS B 33 -4.05 9.22 29.86
CA LYS B 33 13.08 -11.18 -6.19
CA LYS B 33 -26.13 -15.76 -8.38
CA LYS B 33 -14.60 -8.05 0.31
CA LYS B 33 -2.60 9.29 30.19
C LYS B 33 13.78 -10.49 -7.31
C LYS B 33 -27.11 -14.87 -9.05
C LYS B 33 -14.96 -7.55 -1.05
C LYS B 33 -2.01 10.65 30.37
N GLU B 34 15.08 -10.37 -7.35
N GLU B 34 -26.94 -14.41 -10.26
N GLU B 34 -14.59 -8.14 -2.15
N GLU B 34 -2.53 11.72 29.83
CA GLU B 34 15.81 -9.70 -8.42
CA GLU B 34 -27.85 -13.54 -10.96
CA GLU B 34 -14.91 -7.71 -3.49
CA GLU B 34 -2.01 13.06 29.99
C GLU B 34 16.85 -10.56 -9.08
C GLU B 34 -28.31 -14.07 -12.29
C GLU B 34 -15.63 -8.74 -4.32
C GLU B 34 -3.00 14.05 30.54
N GLY B 35 17.08 -11.75 -8.55
N GLY B 35 -27.75 -15.19 -12.73
N GLY B 35 -15.76 -9.95 -3.81
N GLY B 35 -4.24 13.63 30.70
CA GLY B 35 17.99 -12.69 -9.13
CA GLY B 35 -28.15 -15.84 -13.95
CA GLY B 35 -16.48 -11.01 -4.47
CA GLY B 35 -5.26 14.47 31.28
C GLY B 35 19.44 -12.55 -8.87
C GLY B 35 -27.63 -15.34 -15.23
C GLY B 35 -15.81 -11.78 -5.54
C GLY B 35 -5.94 15.48 30.44
N ILE B 36 19.82 -11.60 -8.00
N ILE B 36 -26.71 -14.35 -15.19
N ILE B 36 -14.50 -11.52 -5.77
N ILE B 36 -5.64 15.50 29.13
CA ILE B 36 21.26 -11.44 -7.71
CA ILE B 36 -26.17 -13.83 -16.47
CA ILE B 36 -13.80 -12.28 -6.82
CA ILE B 36 -6.31 16.49 28.27
C ILE B 36 21.73 -12.49 -6.71
C ILE B 36 -25.10 -14.75 -17.02
C ILE B 36 -13.40 -13.66 -6.32
C ILE B 36 -7.71 16.04 27.90
N PRO B 37 22.76 -13.24 -7.08
N PRO B 37 -25.28 -15.20 -18.26
N PRO B 37 -13.83 -14.69 -7.04
N PRO B 37 -8.70 16.87 28.17
CA PRO B 37 23.36 -14.27 -6.21
CA PRO B 37 -24.31 -16.07 -18.94
CA PRO B 37 -13.49 -16.09 -6.72
CA PRO B 37 -10.11 16.59 27.84
C PRO B 37 23.81 -13.67 -4.90
C PRO B 37 -22.94 -15.42 -19.00
C PRO B 37 -11.98 -16.29 -6.65
C PRO B 37 -10.27 16.34 26.35
N PRO B 38 23.57 -14.31 -3.79
N PRO B 38 -21.88 -16.16 -18.75
N PRO B 38 -11.48 -17.00 -5.68
N PRO B 38 -11.03 15.34 25.96
CA PRO B 38 23.98 -13.76 -2.49
CA PRO B 38 -20.54 -15.55 -18.76
CA PRO B 38 -10.02 -17.21 -5.58
CA PRO B 38 -11.21 15.05 24.53
C PRO B 38 25.46 -13.48 -2.40
C PRO B 38 -20.19 -14.91 -20.08
C PRO B 38 -9.42 -17.83 -6.81
C PRO B 38 -11.73 16.22 23.74
N ASP B 39 26.28 -14.26 -3.07
N ASP B 39 -20.70 -15.43 -21.17
N ASP B 39 -10.15 -18.68 -7.49
N ASP B 39 -12.55 17.05 24.33
CA ASP B 39 27.75 -14.09 -2.98
CA ASP B 39 -20.36 -14.87 -22.52
CA ASP B 39 -9.60 -19.38 -8.68
CA ASP B 39 -13.16 18.20 23.60
C ASP B 39 28.22 -12.79 -3.64
C ASP B 39 -20.93 -13.48 -22.73
C ASP B 39 -9.34 -18.43 -9.85
C ASP B 39 -12.12 19.25 23.23
N GLN B 40 27.36 -12.19 -4.44
N GLN B 40 -21.88 -13.10 -21.89
N GLN B 40 -9.92 -17.24 -9.77
N GLN B 40 -10.96 19.18 23.84
CA GLN B 40 27.73 -10.91 -5.10
CA GLN B 40 -22.47 -11.74 -22.02
CA GLN B 40 -9.69 -16.25 -10.85
CA GLN B 40 -9.88 20.15 23.50
C GLN B 40 27.21 -9.70 -4.31
C GLN B 40 -21.79 -10.73 -21.08
C GLN B 40 -8.56 -15.27 -10.51
C GLN B 40 -8.90 19.60 22.45
N GLN B 41 26.37 -9.90 -3.33
N GLN B 41 -20.98 -11.19 -20.16
N GLN B 41 -8.08 -15.27 -9.29
N GLN B 41 -8.98 18.32 22.16
CA GLN B 41 25.77 -8.85 -2.54
CA GLN B 41 -20.31 -10.35 -19.19
CA GLN B 41 -7.06 -14.37 -8.82
CA GLN B 41 -8.09 17.65 21.24
C GLN B 41 26.61 -8.36 -1.37
C GLN B 41 -19.03 -9.70 -19.64
C GLN B 41 -5.63 -14.81 -9.09
C GLN B 41 -8.47 17.75 19.78
N ARG B 42 26.75 -7.03 -1.32
N ARG B 42 -18.96 -8.39 -19.42
N ARG B 42 -4.87 -13.89 -9.67
N ARG B 42 -7.49 18.13 18.97
CA ARG B 42 27.39 -6.37 -0.14
CA ARG B 42 -17.70 -7.63 -19.65
CA ARG B 42 -3.40 -14.09 -9.83
CA ARG B 42 -7.65 18.12 17.48
C ARG B 42 26.34 -5.41 0.39
C ARG B 42 -17.36 -7.00 -18.32
C ARG B 42 -2.75 -12.95 -9.10
C ARG B 42 -6.54 17.22 16.99
N LEU B 43 25.83 -5.61 1.61
N LEU B 43 -16.25 -7.37 -17.68
N LEU B 43 -2.00 -13.19 -8.03
N LEU B 43 -6.84 16.08 16.38
CA LEU B 43 24.77 -4.73 2.13
CA LEU B 43 -15.93 -6.82 -16.33
CA LEU B 43 -1.39 -12.09 -7.25
CA LEU B 43 -5.78 15.14 15.93
C LEU B 43 25.35 -3.74 3.14
C LEU B 43 -14.84 -5.75 -16.45
C LEU B 43 0.10 -11.96 -7.58
C LEU B 43 -5.58 15.25 14.42
N ILE B 44 25.03 -2.47 2.96
N ILE B 44 -15.09 -4.59 -15.85
N ILE B 44 0.51 -10.74 -7.88
N ILE B 44 -4.34 15.41 14.01
CA ILE B 44 25.54 -1.39 3.80
CA ILE B 44 -14.19 -3.45 -15.91
CA ILE B 44 1.88 -10.44 -8.28
CA ILE B 44 -3.99 15.58 12.59
C ILE B 44 24.42 -0.60 4.45
C ILE B 44 -13.74 -3.01 -14.52
C ILE B 44 2.54 -9.42 -7.35
C ILE B 44 -3.01 14.52 12.12
N PHE B 45 24.58 -0.39 5.79
N PHE B 45 -12.40 -2.82 -14.40
N PHE B 45 3.78 -9.76 -6.91
N PHE B 45 -3.36 13.92 10.94
CA PHE B 45 23.62 0.40 6.57
CA PHE B 45 -11.81 -2.34 -13.14
CA PHE B 45 4.56 -8.87 -6.05
CA PHE B 45 -2.50 12.90 10.31
C PHE B 45 24.46 1.15 7.61
C PHE B 45 -10.65 -1.42 -13.56
C PHE B 45 6.04 -9.08 -6.48
C PHE B 45 -2.64 13.14 8.79
N ALA B 46 24.19 2.44 7.63
N ALA B 46 -10.68 -0.26 -12.96
N ALA B 46 6.64 -7.93 -6.73
N ALA B 46 -1.48 13.23 8.20
CA ALA B 46 24.82 3.38 8.58
CA ALA B 46 -9.65 0.78 -13.15
CA ALA B 46 8.06 -7.84 -7.11
CA ALA B 46 -1.32 13.39 6.74
C ALA B 46 26.32 3.19 8.61
C ALA B 46 -9.35 0.99 -14.62
C ALA B 46 8.39 -8.83 -8.22
C ALA B 46 -2.23 14.50 6.22
N GLY B 47 26.88 3.10 7.43
N GLY B 47 -10.41 1.09 -15.38
N GLY B 47 7.53 -8.84 -9.19
N GLY B 47 -2.19 15.58 6.94
CA GLY B 47 28.26 2.90 7.12
CA GLY B 47 -10.47 1.27 -16.79
CA GLY B 47 7.53 -9.66 -10.37
CA GLY B 47 -2.92 16.81 6.75
C GLY B 47 28.92 1.64 7.61
C GLY B 47 -9.87 0.20 -17.66
C GLY B 47 7.45 -11.15 -10.20
C GLY B 47 -4.42 16.74 6.80
N LYS B 48 28.15 0.62 7.89
N LYS B 48 -9.71 -0.99 -17.15
N LYS B 48 6.96 -11.61 -9.08
N LYS B 48 -4.97 15.73 7.44
CA LYS B 48 28.70 -0.68 8.32
CA LYS B 48 -9.18 -2.12 -17.94
CA LYS B 48 6.78 -13.05 -8.82
CA LYS B 48 -6.41 15.60 7.59
C LYS B 48 28.34 -1.70 7.23
C LYS B 48 -10.31 -3.17 -18.05
C LYS B 48 5.27 -13.30 -8.69
C LYS B 48 -6.72 15.71 9.09
N GLN B 49 29.22 -2.63 6.95
N GLN B 49 -10.42 -3.82 -19.18
N GLN B 49 4.79 -14.42 -9.19
N GLN B 49 -7.81 16.33 9.45
CA GLN B 49 28.88 -3.72 6.00
CA GLN B 49 -11.41 -4.92 -19.32
CA GLN B 49 3.37 -14.78 -8.99
CA GLN B 49 -8.23 16.36 10.89
C GLN B 49 28.19 -4.76 6.86
C GLN B 49 -10.67 -6.14 -18.78
C GLN B 49 3.35 -15.47 -7.63
C GLN B 49 -9.01 15.07 11.07
N LEU B 50 27.04 -5.24 6.45
N LEU B 50 -11.28 -6.88 -17.88
N LEU B 50 2.46 -15.09 -6.75
N LEU B 50 -8.71 14.30 12.08
CA LEU B 50 26.25 -6.18 7.25
CA LEU B 50 -10.62 -8.04 -17.24
CA LEU B 50 2.42 -15.63 -5.38
CA LEU B 50 -9.34 12.99 12.30
C LEU B 50 26.81 -7.59 7.11
C LEU B 50 -10.64 -9.24 -18.17
C LEU B 50 1.72 -16.98 -5.38
C LEU B 50 -10.71 13.18 12.94
N GLU B 51 26.87 -8.33 8.22
N GLU B 51 -9.53 -9.98 -18.23
N GLU B 51 2.26 -17.94 -4.62
N GLU B 51 -11.70 12.41 12.48
CA GLU B 51 27.46 -9.70 8.18
CA GLU B 51 -9.46 -11.14 -19.15
CA GLU B 51 1.68 -19.29 -4.60
CA GLU B 51 -13.08 12.56 13.01
C GLU B 51 26.36 -10.71 8.17
C GLU B 51 -9.66 -12.42 -18.38
C GLU B 51 0.85 -19.49 -3.37
C GLU B 51 -13.37 11.48 14.00
N ASP B 52 26.47 -11.78 7.40
N ASP B 52 -10.38 -13.38 -18.90
N ASP B 52 -0.29 -20.13 -3.44
N ASP B 52 -14.04 11.75 15.09
CA ASP B 52 25.46 -12.83 7.22
CA ASP B 52 -10.73 -14.63 -18.25
CA ASP B 52 -1.24 -20.33 -2.35
CA ASP B 52 -14.33 10.81 16.18
C ASP B 52 24.78 -13.45 8.42
C ASP B 52 -9.66 -15.47 -17.55
C ASP B 52 -0.77 -20.80 -0.99
C ASP B 52 -14.88 9.43 15.89
N GLY B 53 25.50 -13.75 9.46
N GLY B 53 -8.51 -15.60 -18.14
N GLY B 53 0.13 -21.77 -0.94
N GLY B 53 -15.83 9.33 14.99
CA GLY B 53 25.00 -14.41 10.68
CA GLY B 53 -7.39 -16.43 -17.62
CA GLY B 53 0.63 -22.38 0.30
CA GLY B 53 -16.51 8.07 14.63
C GLY B 53 24.34 -13.53 11.69
C GLY B 53 -6.52 -15.78 -16.59
C GLY B 53 1.74 -21.64 0.98
C GLY B 53 -15.80 7.20 13.65
N ARG B 54 24.41 -12.21 11.53
N ARG B 54 -6.67 -14.49 -16.34
N ARG B 54 2.31 -20.62 0.37
N ARG B 54 -14.72 7.65 13.04
CA ARG B 54 23.72 -11.27 12.45
CA ARG B 54 -5.90 -13.80 -15.28
CA ARG B 54 3.35 -19.80 1.02
CA ARG B 54 -13.92 6.80 12.12
C ARG B 54 22.29 -11.10 11.95
C ARG B 54 -6.65 -13.99 -13.96
C ARG B 54 2.66 -18.72 1.85
C ARG B 54 -12.92 6.01 12.96
N THR B 55 21.44 -10.55 12.79
N THR B 55 -5.98 -13.70 -12.87
N THR B 55 3.40 -18.09 2.72
N THR B 55 -12.34 5.00 12.37
CA THR B 55 20.04 -10.25 12.46
CA THR B 55 -6.55 -13.77 -11.51
CA THR B 55 2.93 -16.98 3.57
CA THR B 55 -11.30 4.17 13.01
C THR B 55 19.94 -8.72 12.23
C THR B 55 -6.80 -12.30 -11.07
C THR B 55 3.50 -15.67 2.96
C THR B 55 -9.94 4.59 12.39
N LEU B 56 18.86 -8.30 11.63
N LEU B 56 -7.60 -12.16 -10.02
N LEU B 56 2.94 -14.56 3.38
N LEU B 56 -8.87 4.19 13.04
CA LEU B 56 18.59 -6.87 11.39
CA LEU B 56 -7.90 -10.84 -9.43
CA LEU B 56 3.41 -13.23 2.95
CA LEU B 56 -7.50 4.46 12.56
C LEU B 56 18.51 -6.17 12.73
C LEU B 56 -6.58 -10.23 -8.94
C LEU B 56 4.86 -13.06 3.41
C LEU B 56 -7.34 3.79 11.21
N SER B 57 17.95 -6.85 13.76
N SER B 57 -5.67 -11.08 -8.43
N SER B 57 5.19 -13.60 4.60
N SER B 57 -7.95 2.60 11.02
CA SER B 57 17.87 -6.16 15.08
CA SER B 57 -4.40 -10.48 -7.94
CA SER B 57 6.60 -13.44 5.06
CA SER B 57 -7.78 1.94 9.70
C SER B 57 19.24 -5.85 15.64
C SER B 57 -3.60 -9.85 -9.05
C SER B 57 7.58 -14.13 4.15
C SER B 57 -8.38 2.75 8.58
N ASP B 58 20.23 -6.67 15.32
N ASP B 58 -3.74 -10.37 -10.26
N ASP B 58 7.15 -15.20 3.50
N ASP B 58 -9.42 3.51 8.87
CA ASP B 58 21.61 -6.46 15.82
CA ASP B 58 -3.00 -9.83 -11.43
CA ASP B 58 8.04 -15.96 2.58
CA ASP B 58 -10.09 4.35 7.84
C ASP B 58 22.11 -5.06 15.46
C ASP B 58 -3.28 -8.33 -11.60
C ASP B 58 8.60 -15.03 1.50
C ASP B 58 -9.08 5.28 7.17
N TYR B 59 21.77 -4.65 14.27
N TYR B 59 -4.51 -7.97 -11.37
N TYR B 59 7.75 -14.16 1.03
N TYR B 59 -8.19 5.80 7.96
CA TYR B 59 22.12 -3.33 13.73
CA TYR B 59 -5.00 -6.60 -11.46
CA TYR B 59 8.08 -13.17 0.00
CA TYR B 59 -7.13 6.71 7.53
C TYR B 59 21.08 -2.27 14.02
C TYR B 59 -4.91 -5.86 -10.15
C TYR B 59 8.58 -11.86 0.58
C TYR B 59 -5.85 5.99 7.16
N ASN B 60 20.03 -2.52 14.76
N ASN B 60 -4.36 -6.40 -9.09
N ASN B 60 8.79 -11.71 1.86
N ASN B 60 -5.78 4.67 7.15
CA ASN B 60 19.04 -1.45 15.01
CA ASN B 60 -4.30 -5.64 -7.82
CA ASN B 60 9.28 -10.41 2.37
CA ASN B 60 -4.52 4.02 6.78
C ASN B 60 18.46 -0.92 13.71
C ASN B 60 -5.69 -5.22 -7.36
C ASN B 60 8.35 -9.28 2.00
C ASN B 60 -3.38 4.44 7.69
N ILE B 61 18.10 -1.81 12.81
N ILE B 61 -6.63 -6.14 -7.40
N ILE B 61 7.06 -9.49 2.17
N ILE B 61 -3.63 4.47 8.98
CA ILE B 61 17.44 -1.39 11.53
CA ILE B 61 -8.01 -5.86 -6.89
CA ILE B 61 6.06 -8.41 1.93
CA ILE B 61 -2.56 4.79 9.97
C ILE B 61 15.94 -1.36 11.82
C ILE B 61 -7.98 -6.23 -5.41
C ILE B 61 5.91 -7.64 3.24
C ILE B 61 -1.90 3.46 10.32
N GLN B 62 15.31 -0.22 11.74
N GLN B 62 -8.18 -5.29 -4.52
N GLN B 62 6.27 -6.39 3.28
N GLN B 62 -0.64 3.28 10.01
CA GLN B 62 13.87 -0.06 12.07
CA GLN B 62 -8.11 -5.52 -3.05
CA GLN B 62 6.24 -5.57 4.53
CA GLN B 62 0.10 2.01 10.25
C GLN B 62 13.06 0.05 10.77
C GLN B 62 -9.54 -5.58 -2.47
C GLN B 62 5.03 -4.64 4.49
C GLN B 62 1.00 2.15 11.47
N LYS B 63 11.74 -0.01 10.87
N LYS B 63 -9.67 -5.99 -1.22
N LYS B 63 4.72 -3.98 5.61
N LYS B 63 1.56 1.04 11.96
CA LYS B 63 10.87 0.01 9.70
CA LYS B 63 -10.97 -6.14 -0.59
CA LYS B 63 3.56 -3.12 5.72
CA LYS B 63 2.38 1.04 13.16
C LYS B 63 11.18 1.25 8.87
C LYS B 63 -11.75 -4.84 -0.71
C LYS B 63 3.59 -2.08 4.61
C LYS B 63 3.50 2.07 13.00
N GLU B 64 11.10 1.01 7.55
N GLU B 64 -13.06 -5.05 -0.92
N GLU B 64 2.37 -1.81 4.12
N GLU B 64 3.77 2.70 14.15
CA GLU B 64 11.32 1.97 6.51
CA GLU B 64 -14.06 -4.01 -1.06
CA GLU B 64 2.08 -0.86 3.08
CA GLU B 64 4.78 3.71 14.32
C GLU B 64 12.72 2.50 6.34
C GLU B 64 -13.99 -3.14 -2.28
C GLU B 64 2.58 -1.17 1.69
C GLU B 64 4.59 5.03 13.62
N SER B 65 13.67 1.75 6.88
N SER B 65 -13.28 -3.63 -3.28
N SER B 65 2.89 -2.43 1.48
N SER B 65 3.35 5.28 13.25
CA SER B 65 15.10 2.03 6.73
CA SER B 65 -13.17 -2.98 -4.59
CA SER B 65 3.29 -2.98 0.18
CA SER B 65 2.92 6.54 12.65
C SER B 65 15.49 1.71 5.27
C SER B 65 -14.53 -3.14 -5.30
C SER B 65 2.03 -2.97 -0.73
C SER B 65 2.95 7.61 13.77
N THR B 66 16.58 2.25 4.81
N THR B 66 -14.80 -2.31 -6.27
N THR B 66 2.22 -3.01 -2.01
N THR B 66 3.00 8.86 13.39
CA THR B 66 17.11 1.96 3.47
CA THR B 66 -16.03 -2.40 -7.08
CA THR B 66 1.13 -3.11 -2.98
CA THR B 66 2.95 9.98 14.34
C THR B 66 18.50 1.34 3.62
C THR B 66 -15.63 -2.64 -8.54
C THR B 66 1.30 -4.39 -3.79
C THR B 66 1.73 10.84 14.01
N LEU B 67 18.73 0.18 3.00
N LEU B 67 -16.19 -3.68 -9.17
N LEU B 67 0.26 -5.23 -3.85
N LEU B 67 0.86 11.10 15.01
CA LEU B 67 20.07 -0.41 3.02
CA LEU B 67 -15.93 -3.90 -10.60
CA LEU B 67 0.31 -6.43 -4.68
CA LEU B 67 -0.27 12.00 14.79
C LEU B 67 20.65 -0.13 1.61
C LEU B 67 -17.21 -3.43 -11.32
C LEU B 67 -0.53 -6.10 -5.94
C LEU B 67 0.12 13.33 15.46
N HIS B 68 21.94 -0.08 1.50
N HIS B 68 -17.10 -3.05 -12.54
N HIS B 68 -0.26 -6.74 -7.02
N HIS B 68 -0.43 14.41 15.03
CA HIS B 68 22.54 0.13 0.16
CA HIS B 68 -18.31 -2.63 -13.28
CA HIS B 68 -1.08 -6.48 -8.23
CA HIS B 68 -0.11 15.71 15.67
C HIS B 68 23.10 -1.22 -0.27
C HIS B 68 -18.62 -3.77 -14.25
C HIS B 68 -1.98 -7.71 -8.39
C HIS B 68 -1.34 16.07 16.50
N LEU B 69 22.86 -1.59 -1.52
N LEU B 69 -19.89 -4.14 -14.34
N LEU B 69 -3.25 -7.48 -8.68
N LEU B 69 -1.12 16.52 17.73
CA LEU B 69 23.41 -2.83 -2.07
CA LEU B 69 -20.32 -5.17 -15.28
CA LEU B 69 -4.20 -8.55 -8.93
CA LEU B 69 -2.21 16.96 18.59
C LEU B 69 24.52 -2.55 -3.04
C LEU B 69 -21.09 -4.59 -16.43
C LEU B 69 -4.55 -8.65 -10.38
C LEU B 69 -2.22 18.46 18.74
N VAL B 70 25.72 -2.96 -2.77
N VAL B 70 -20.61 -4.67 -17.63
N VAL B 70 -4.23 -9.72 -11.04
N VAL B 70 -3.21 19.14 18.29
CA VAL B 70 26.83 -2.80 -3.76
CA VAL B 70 -21.38 -4.20 -18.81
CA VAL B 70 -4.65 -9.90 -12.46
CA VAL B 70 -3.31 20.61 18.50
C VAL B 70 27.08 -4.24 -4.25
C VAL B 70 -21.80 -5.50 -19.51
C VAL B 70 -5.72 -11.00 -12.39
C VAL B 70 -4.44 20.75 19.54
N LEU B 71 27.34 -4.40 -5.52
N LEU B 71 -23.01 -5.55 -20.02
N LEU B 71 -6.78 -10.86 -13.14
N LEU B 71 -4.29 21.65 20.49
CA LEU B 71 27.63 -5.75 -6.07
CA LEU B 71 -23.49 -6.75 -20.74
CA LEU B 71 -7.84 -11.89 -13.15
CA LEU B 71 -5.33 21.87 21.50
C LEU B 71 29.11 -5.95 -6.16
C LEU B 71 -23.31 -6.56 -22.22
C LEU B 71 -7.63 -12.85 -14.29
C LEU B 71 -6.20 23.03 21.09
N MET A 1 6.38 18.40 -20.67
CA MET A 1 5.74 19.56 -20.05
C MET A 1 6.28 19.67 -18.60
N GLN A 2 6.34 20.88 -18.14
CA GLN A 2 6.81 21.11 -16.74
C GLN A 2 5.61 21.10 -15.81
N ILE A 3 5.80 20.45 -14.66
CA ILE A 3 4.77 20.47 -13.61
C ILE A 3 5.53 20.83 -12.30
N PHE A 4 4.75 21.23 -11.33
CA PHE A 4 5.40 21.59 -10.01
C PHE A 4 4.91 20.64 -8.96
N VAL A 5 5.74 20.16 -8.03
CA VAL A 5 5.27 19.32 -6.95
C VAL A 5 5.58 20.10 -5.65
N LYS A 6 4.57 20.50 -4.95
CA LYS A 6 4.78 21.30 -3.70
C LYS A 6 4.77 20.35 -2.53
N THR A 7 5.82 20.41 -1.68
CA THR A 7 5.88 19.52 -0.51
C THR A 7 5.42 20.27 0.74
N LEU A 8 5.24 19.58 1.84
CA LEU A 8 4.74 20.24 3.07
C LEU A 8 5.81 21.08 3.74
N THR A 9 7.06 21.03 3.24
CA THR A 9 8.08 21.90 3.94
C THR A 9 8.35 23.16 3.18
N GLY A 10 7.52 23.50 2.24
CA GLY A 10 7.67 24.69 1.43
C GLY A 10 8.68 24.63 0.33
N LYS A 11 9.10 23.43 0.00
CA LYS A 11 10.01 23.21 -1.12
C LYS A 11 9.11 22.84 -2.31
N THR A 12 9.42 23.38 -3.48
CA THR A 12 8.62 22.98 -4.66
C THR A 12 9.61 22.35 -5.64
N ILE A 13 9.25 21.19 -6.17
CA ILE A 13 10.23 20.60 -7.13
C ILE A 13 9.65 20.67 -8.52
N THR A 14 10.47 20.94 -9.51
CA THR A 14 9.89 20.97 -10.89
C THR A 14 10.25 19.66 -11.57
N LEU A 15 9.33 19.09 -12.33
CA LEU A 15 9.58 17.83 -13.01
C LEU A 15 9.25 18.02 -14.49
N GLU A 16 9.89 17.22 -15.31
CA GLU A 16 9.51 17.26 -16.76
C GLU A 16 8.85 15.92 -17.00
N VAL A 17 7.60 16.03 -17.42
CA VAL A 17 6.77 14.86 -17.67
C VAL A 17 5.93 15.04 -18.95
N GLU A 18 5.32 13.93 -19.31
CA GLU A 18 4.37 13.84 -20.41
C GLU A 18 3.06 13.38 -19.82
N PRO A 19 1.95 13.87 -20.34
CA PRO A 19 0.61 13.47 -19.90
C PRO A 19 0.43 11.98 -19.97
N SER A 20 1.19 11.31 -20.81
CA SER A 20 1.03 9.85 -20.98
C SER A 20 1.72 9.11 -19.87
N ASP A 21 2.49 9.83 -19.05
CA ASP A 21 3.19 9.10 -17.96
C ASP A 21 2.21 8.63 -16.92
N THR A 22 2.51 7.52 -16.30
CA THR A 22 1.71 6.99 -15.21
C THR A 22 2.16 7.68 -13.91
N ILE A 23 1.25 7.61 -12.94
CA ILE A 23 1.52 8.13 -11.60
C ILE A 23 2.72 7.40 -10.98
N GLU A 24 2.80 6.12 -11.24
CA GLU A 24 3.98 5.32 -10.73
C GLU A 24 5.27 5.90 -11.23
N CYS A 25 5.30 6.34 -12.52
CA CYS A 25 6.50 6.91 -13.13
C CYS A 25 6.85 8.24 -12.50
N VAL A 26 5.82 9.05 -12.28
CA VAL A 26 6.04 10.34 -11.65
C VAL A 26 6.71 10.15 -10.29
N LYS A 27 6.18 9.20 -9.52
CA LYS A 27 6.74 8.92 -8.19
C LYS A 27 8.19 8.48 -8.29
N ALA A 28 8.54 7.70 -9.30
CA ALA A 28 9.92 7.29 -9.53
C ALA A 28 10.80 8.47 -9.89
N LYS A 29 10.31 9.43 -10.66
CA LYS A 29 11.09 10.64 -10.97
C LYS A 29 11.35 11.47 -9.69
N ILE A 30 10.35 11.49 -8.81
CA ILE A 30 10.50 12.25 -7.55
C ILE A 30 11.53 11.50 -6.70
N GLN A 31 11.49 10.19 -6.69
CA GLN A 31 12.50 9.45 -5.86
C GLN A 31 13.90 9.76 -6.40
N ASP A 32 14.01 9.63 -7.70
CA ASP A 32 15.30 9.91 -8.37
C ASP A 32 15.83 11.29 -8.03
N LYS A 33 14.94 12.30 -7.98
CA LYS A 33 15.50 13.66 -7.74
C LYS A 33 15.53 14.13 -6.33
N GLU A 34 14.74 13.67 -5.41
CA GLU A 34 14.73 14.09 -4.02
C GLU A 34 14.92 12.96 -3.04
N GLY A 35 14.94 11.73 -3.52
CA GLY A 35 15.18 10.58 -2.69
C GLY A 35 14.07 10.02 -1.89
N ILE A 36 12.84 10.55 -2.06
CA ILE A 36 11.72 10.01 -1.29
C ILE A 36 11.20 8.72 -1.91
N PRO A 37 11.15 7.65 -1.13
CA PRO A 37 10.64 6.34 -1.58
C PRO A 37 9.21 6.46 -2.09
N PRO A 38 8.88 5.84 -3.19
CA PRO A 38 7.51 5.95 -3.73
C PRO A 38 6.45 5.52 -2.76
N ASP A 39 6.74 4.57 -1.90
CA ASP A 39 5.72 4.05 -0.95
C ASP A 39 5.34 5.08 0.11
N GLN A 40 6.16 6.11 0.23
CA GLN A 40 5.83 7.18 1.22
C GLN A 40 5.08 8.36 0.58
N GLN A 41 5.02 8.40 -0.74
CA GLN A 41 4.40 9.48 -1.46
C GLN A 41 2.90 9.36 -1.66
N ARG A 42 2.21 10.46 -1.32
CA ARG A 42 0.75 10.57 -1.60
C ARG A 42 0.62 11.80 -2.48
N LEU A 43 0.18 11.67 -3.73
CA LEU A 43 0.09 12.84 -4.63
C LEU A 43 -1.35 13.30 -4.76
N ILE A 44 -1.57 14.59 -4.57
CA ILE A 44 -2.91 15.19 -4.61
C ILE A 44 -3.02 16.28 -5.66
N PHE A 45 -4.11 16.19 -6.46
CA PHE A 45 -4.39 17.20 -7.50
C PHE A 45 -5.92 17.33 -7.53
N ALA A 46 -6.32 18.58 -7.46
CA ALA A 46 -7.74 18.98 -7.52
C ALA A 46 -8.59 18.14 -6.58
N GLY A 47 -8.08 17.99 -5.40
CA GLY A 47 -8.62 17.24 -4.29
C GLY A 47 -8.80 15.76 -4.47
N CYS A 48 -8.13 15.15 -5.41
CA CYS A 48 -8.12 13.71 -5.63
C CYS A 48 -6.78 13.12 -5.25
N GLN A 49 -6.74 11.97 -4.70
CA GLN A 49 -5.43 11.30 -4.47
C GLN A 49 -5.16 10.55 -5.77
N LEU A 50 -3.98 10.72 -6.33
CA LEU A 50 -3.65 10.11 -7.64
C LEU A 50 -3.29 8.65 -7.46
N GLU A 51 -3.77 7.80 -8.37
CA GLU A 51 -3.53 6.34 -8.25
C GLU A 51 -2.42 5.92 -9.18
N ASP A 52 -1.53 5.06 -8.79
CA ASP A 52 -0.35 4.62 -9.54
C ASP A 52 -0.48 4.20 -10.99
N GLY A 53 -1.50 3.45 -11.32
CA GLY A 53 -1.74 2.91 -12.67
C GLY A 53 -2.40 3.82 -13.65
N ARG A 54 -2.89 4.98 -13.21
CA ARG A 54 -3.49 5.96 -14.13
C ARG A 54 -2.37 6.83 -14.68
N THR A 55 -2.66 7.57 -15.72
CA THR A 55 -1.72 8.53 -16.36
C THR A 55 -2.16 9.94 -15.93
N LEU A 56 -1.27 10.90 -16.12
CA LEU A 56 -1.55 12.31 -15.83
C LEU A 56 -2.72 12.75 -16.70
N SER A 57 -2.80 12.25 -17.95
CA SER A 57 -3.93 12.69 -18.80
C SER A 57 -5.26 12.26 -18.24
N ASP A 58 -5.29 11.15 -17.53
CA ASP A 58 -6.56 10.64 -16.93
C ASP A 58 -7.20 11.71 -16.05
N TYR A 59 -6.37 12.41 -15.33
CA TYR A 59 -6.76 13.49 -14.42
C TYR A 59 -6.79 14.84 -15.09
N ASN A 60 -6.55 14.98 -16.38
CA ASN A 60 -6.58 16.32 -16.99
C ASN A 60 -5.58 17.25 -16.32
N ILE A 61 -4.36 16.77 -16.10
CA ILE A 61 -3.28 17.62 -15.54
C ILE A 61 -2.59 18.28 -16.73
N GLN A 62 -2.64 19.57 -16.85
CA GLN A 62 -2.07 20.32 -18.00
C GLN A 62 -0.74 20.97 -17.58
N LYS A 63 0.04 21.51 -18.58
CA LYS A 63 1.33 22.10 -18.24
C LYS A 63 1.17 23.16 -17.17
N GLU A 64 2.22 23.18 -16.36
CA GLU A 64 2.37 24.09 -15.26
C GLU A 64 1.44 23.96 -14.10
N SER A 65 0.81 22.79 -14.03
CA SER A 65 -0.07 22.42 -12.91
C SER A 65 0.84 22.18 -11.68
N THR A 66 0.25 22.25 -10.50
CA THR A 66 0.96 21.97 -9.25
C THR A 66 0.29 20.77 -8.56
N LEU A 67 1.06 19.74 -8.22
CA LEU A 67 0.49 18.62 -7.46
C LEU A 67 0.98 18.81 -6.00
N HIS A 68 0.26 18.31 -5.06
CA HIS A 68 0.72 18.43 -3.66
C HIS A 68 1.24 17.05 -3.26
N LEU A 69 2.38 17.02 -2.60
CA LEU A 69 2.96 15.77 -2.10
C LEU A 69 2.83 15.67 -0.60
N VAL A 70 2.10 14.73 -0.09
CA VAL A 70 2.03 14.52 1.38
C VAL A 70 2.81 13.21 1.60
N LEU A 71 3.60 13.15 2.65
CA LEU A 71 4.36 11.93 2.95
C LEU A 71 3.61 11.09 3.95
N ARG A 72 3.53 9.78 3.68
N ARG A 72 3.65 9.77 3.74
N ARG A 72 3.59 9.80 3.73
N ARG A 72 3.57 9.79 3.77
CA ARG A 72 2.84 8.76 4.50
CA ARG A 72 3.05 8.76 4.63
CA ARG A 72 2.93 8.83 4.62
CA ARG A 72 2.86 8.93 4.75
C ARG A 72 2.04 7.92 3.52
C ARG A 72 1.54 8.87 4.40
C ARG A 72 1.48 9.31 4.74
C ARG A 72 3.64 7.62 4.77
N LEU A 73 1.67 6.72 3.82
N LEU A 73 0.71 8.22 5.15
N LEU A 73 0.65 8.71 5.53
N LEU A 73 4.28 7.26 5.83
CA LEU A 73 0.89 5.92 2.86
CA LEU A 73 -0.75 8.32 4.90
CA LEU A 73 -0.75 9.17 5.63
CA LEU A 73 5.05 5.98 5.84
C LEU A 73 0.20 4.76 3.58
C LEU A 73 -1.14 7.43 3.74
C LEU A 73 -1.41 8.60 6.87
C LEU A 73 4.26 4.92 6.60
N ARG A 74 -0.18 5.06 4.82
N ARG A 74 -1.62 6.24 4.10
N ARG A 74 -1.33 9.39 7.93
N ARG A 74 4.16 3.76 5.96
CA ARG A 74 -0.86 4.08 5.68
CA ARG A 74 -2.05 5.24 3.12
CA ARG A 74 -1.89 9.01 9.24
CA ARG A 74 3.43 2.61 6.52
C ARG A 74 0.05 2.85 5.84
C ARG A 74 -3.21 4.43 3.72
C ARG A 74 -1.04 7.88 9.82
C ARG A 74 4.12 2.18 7.81
N GLY A 75 1.34 3.13 5.97
N GLY A 75 -3.74 3.55 2.88
N GLY A 75 -1.34 7.55 11.07
N GLY A 75 3.31 1.62 8.70
CA GLY A 75 2.37 2.11 6.12
CA GLY A 75 -4.86 2.69 3.25
CA GLY A 75 -0.65 6.51 11.81
CA GLY A 75 3.76 1.14 10.00
C GLY A 75 2.55 1.58 7.52
C GLY A 75 -5.14 1.56 2.28
C GLY A 75 -0.96 5.10 11.39
C GLY A 75 4.20 -0.31 10.05
N GLY A 76 3.42 0.59 7.61
N GLY A 76 -6.08 0.73 2.69
N GLY A 76 -0.06 4.21 11.78
N GLY A 76 4.41 -0.76 11.26
CA GLY A 76 3.79 -0.08 8.87
CA GLY A 76 -6.56 -0.44 1.94
CA GLY A 76 -0.13 2.76 11.51
CA GLY A 76 4.83 -2.14 11.59
C GLY A 76 5.27 0.22 9.17
C GLY A 76 -7.77 -1.02 2.67
C GLY A 76 0.51 2.50 10.14
C GLY A 76 3.62 -2.88 12.16
N MET B 1 9.64 -7.97 6.34
N MET B 1 -13.65 -11.47 1.19
N MET B 1 -2.49 -5.11 9.84
N MET B 1 -3.80 -2.24 19.51
CA MET B 1 9.82 -6.50 6.43
CA MET B 1 -13.75 -10.01 1.21
CA MET B 1 -1.77 -4.12 9.02
CA MET B 1 -2.59 -1.79 18.82
C MET B 1 10.55 -6.06 5.13
C MET B 1 -14.99 -9.62 0.38
C MET B 1 -2.63 -3.89 7.75
C MET B 1 -2.17 -0.44 19.47
N GLN B 2 10.24 -4.85 4.74
N GLN B 2 -15.57 -8.52 0.76
N GLN B 2 -2.54 -2.70 7.26
N GLN B 2 -0.90 -0.22 19.46
CA GLN B 2 10.92 -4.30 3.53
CA GLN B 2 -16.77 -8.03 0.02
CA GLN B 2 -3.28 -2.37 6.00
CA GLN B 2 -0.38 1.06 20.03
C GLN B 2 12.18 -3.57 3.95
C GLN B 2 -16.31 -7.10 -1.09
C GLN B 2 -2.39 -2.66 4.80
C GLN B 2 -0.31 2.11 18.92
N ILE B 3 13.24 -3.76 3.19
N ILE B 3 -16.94 -7.25 -2.25
N ILE B 3 -3.00 -3.24 3.78
N ILE B 3 -0.72 3.32 19.27
CA ILE B 3 14.48 -3.01 3.39
CA ILE B 3 -16.70 -6.32 -3.37
CA ILE B 3 -2.30 -3.45 2.50
CA ILE B 3 -0.58 4.46 18.34
C ILE B 3 14.90 -2.47 1.99
C ILE B 3 -18.12 -5.91 -3.88
C ILE B 3 -3.26 -2.93 1.39
C ILE B 3 0.08 5.60 19.18
N PHE B 4 15.77 -1.49 2.03
N PHE B 4 -18.11 -4.82 -4.62
N PHE B 4 -2.68 -2.71 0.25
N PHE B 4 0.60 6.56 18.44
CA PHE B 4 16.23 -0.91 0.72
CA PHE B 4 -19.44 -4.35 -5.17
CA PHE B 4 -3.54 -2.22 -0.89
CA PHE B 4 1.24 7.71 19.17
C PHE B 4 17.70 -1.18 0.56
C PHE B 4 -19.40 -4.44 -6.67
C PHE B 4 -3.56 -3.26 -1.98
C PHE B 4 0.47 8.97 18.86
N VAL B 5 18.21 -1.52 -0.62
N VAL B 5 -20.47 -4.86 -7.36
N VAL B 5 -4.67 -3.53 -2.65
N VAL B 5 0.24 9.87 19.80
CA VAL B 5 19.64 -1.70 -0.81
CA VAL B 5 -20.49 -4.87 -8.80
CA VAL B 5 -4.70 -4.45 -3.76
CA VAL B 5 -0.42 11.13 19.52
C VAL B 5 20.04 -0.64 -1.88
C VAL B 5 -21.63 -3.90 -9.21
C VAL B 5 -5.14 -3.63 -4.99
C VAL B 5 0.61 12.23 19.87
N LYS B 6 20.82 0.30 -1.49
N LYS B 6 -21.29 -2.83 -9.84
N LYS B 6 -4.27 -3.46 -5.93
N LYS B 6 1.05 12.95 18.88
CA LYS B 6 21.24 1.38 -2.44
CA LYS B 6 -22.33 -1.82 -10.23
CA LYS B 6 -4.61 -2.64 -7.14
CA LYS B 6 2.09 14.00 19.13
C LYS B 6 22.56 1.01 -3.05
C LYS B 6 -22.75 -2.10 -11.64
C LYS B 6 -5.11 -3.57 -8.22
C LYS B 6 1.37 15.32 19.32
N THR B 7 22.64 1.02 -4.41
N THR B 7 -24.07 -2.23 -11.88
N THR B 7 -6.30 -3.26 -8.78
N THR B 7 1.66 16.04 20.42
CA THR B 7 23.90 0.65 -5.06
CA THR B 7 -24.55 -2.51 -13.25
CA THR B 7 -6.85 -4.13 -9.85
CA THR B 7 1.01 17.33 20.66
C THR B 7 24.64 1.92 -5.48
C THR B 7 -25.03 -1.21 -13.89
C THR B 7 -6.56 -3.50 -11.22
C THR B 7 1.94 18.46 20.25
N LEU B 8 25.88 1.81 -5.92
N LEU B 8 -25.34 -1.23 -15.17
N LEU B 8 -6.81 -4.21 -12.29
N LEU B 8 1.47 19.69 20.22
CA LEU B 8 26.67 2.99 -6.29
CA LEU B 8 -25.77 0.00 -15.87
CA LEU B 8 -6.52 -3.68 -13.64
CA LEU B 8 2.30 20.83 19.78
C LEU B 8 26.23 3.62 -7.59
C LEU B 8 -27.18 0.41 -15.51
C LEU B 8 -7.50 -2.61 -14.08
C LEU B 8 3.34 21.22 20.81
N THR B 9 25.30 2.96 -8.31
N THR B 9 -27.90 -0.43 -14.75
N THR B 9 -8.57 -2.38 -13.28
N THR B 9 3.29 20.62 22.02
CA THR B 9 24.89 3.62 -9.60
CA THR B 9 -29.30 0.02 -14.42
CA THR B 9 -9.51 -1.31 -13.75
CA THR B 9 4.35 21.04 23.00
C THR B 9 23.57 4.33 -9.47
C THR B 9 -29.39 0.58 -13.03
C THR B 9 -9.31 -0.02 -13.02
C THR B 9 5.46 20.04 23.10
N GLY B 10 23.12 4.56 -8.28
N GLY B 10 -28.29 0.88 -12.42
N GLY B 10 -8.22 0.12 -12.33
N GLY B 10 5.55 19.15 22.16
CA GLY B 10 21.87 5.24 -8.00
CA GLY B 10 -28.24 1.43 -11.08
CA GLY B 10 -7.89 1.31 -11.58
CA GLY B 10 6.58 18.13 22.12
C GLY B 10 20.63 4.43 -8.18
C GLY B 10 -28.44 0.45 -9.96
C GLY B 10 -8.59 1.48 -10.27
C GLY B 10 6.39 16.96 23.04
N LYS B 11 20.78 3.14 -8.24
N LYS B 11 -28.31 -0.81 -10.25
N LYS B 11 -9.15 0.42 -9.77
N LYS B 11 5.19 16.80 23.53
CA LYS B 11 19.66 2.22 -8.30
CA LYS B 11 -28.38 -1.86 -9.25
CA LYS B 11 -9.77 0.39 -8.46
CA LYS B 11 4.83 15.65 24.36
C LYS B 11 19.40 1.77 -6.85
C LYS B 11 -26.91 -2.17 -8.88
C LYS B 11 -8.70 -0.17 -7.50
C LYS B 11 4.17 14.64 23.39
N THR B 12 18.14 1.69 -6.46
N THR B 12 -26.65 -2.36 -7.61
N THR B 12 -8.58 0.43 -6.33
N THR B 12 4.52 13.38 23.56
CA THR B 12 17.86 1.18 -5.12
CA THR B 12 -25.28 -2.75 -7.24
CA THR B 12 -7.63 -0.13 -5.36
CA THR B 12 3.85 12.38 22.70
C THR B 12 16.99 -0.06 -5.30
C THR B 12 -25.39 -4.10 -6.54
C THR B 12 -8.45 -0.52 -4.13
C THR B 12 3.12 11.43 23.66
N ILE B 13 17.36 -1.15 -4.61
N ILE B 13 -24.55 -5.05 -6.94
N ILE B 13 -8.23 -1.74 -3.64
N ILE B 13 1.85 11.16 23.36
CA ILE B 13 16.49 -2.35 -4.80
CA ILE B 13 -24.67 -6.35 -6.25
CA ILE B 13 -9.04 -2.10 -2.44
CA ILE B 13 1.16 10.22 24.29
C ILE B 13 15.74 -2.60 -3.54
C ILE B 13 -23.47 -6.56 -5.37
C ILE B 13 -8.13 -2.16 -1.24
C ILE B 13 0.94 8.91 23.60
N THR B 14 14.49 -3.01 -3.65
N THR B 14 -23.64 -7.13 -4.20
N THR B 14 -8.59 -1.71 -0.10
N THR B 14 1.08 7.81 24.30
CA THR B 14 13.76 -3.30 -2.38
CA THR B 14 -22.43 -7.37 -3.37
CA THR B 14 -7.70 -1.82 1.10
CA THR B 14 0.80 6.51 23.60
C THR B 14 13.74 -4.80 -2.17
C THR B 14 -22.05 -8.82 -3.48
C THR B 14 -8.14 -3.00 1.91
C THR B 14 -0.56 6.04 24.02
N LEU B 15 13.92 -5.27 -0.96
N LEU B 15 -20.76 -9.12 -3.58
N LEU B 15 -7.22 -3.78 2.46
N LEU B 15 -1.35 5.49 23.09
CA LEU B 15 13.93 -6.69 -0.66
CA LEU B 15 -20.30 -10.49 -3.71
CA LEU B 15 -7.55 -4.94 3.24
CA LEU B 15 -2.69 5.03 23.40
C LEU B 15 12.92 -6.98 0.45
C LEU B 15 -19.26 -10.76 -2.61
C LEU B 15 -6.83 -4.83 4.59
C LEU B 15 -2.80 3.57 22.94
N GLU B 16 12.42 -8.18 0.46
N GLU B 16 -19.15 -12.02 -2.26
N GLU B 16 -7.40 -5.46 5.58
N GLU B 16 -3.69 2.84 23.57
CA GLU B 16 11.54 -8.55 1.61
CA GLU B 16 -18.06 -12.35 -1.29
CA GLU B 16 -6.66 -5.51 6.89
CA GLU B 16 -3.94 1.46 23.06
C GLU B 16 12.34 -9.57 2.38
C GLU B 16 -17.09 -13.18 -2.11
C GLU B 16 -6.27 -6.96 7.03
C GLU B 16 -5.35 1.53 22.51
N VAL B 17 12.58 -9.21 3.63
N VAL B 17 -15.88 -12.65 -2.16
N VAL B 17 -4.97 -7.14 7.13
N VAL B 17 -5.42 1.22 21.23
CA VAL B 17 13.38 -10.03 4.53
CA VAL B 17 -14.80 -13.25 -2.93
CA VAL B 17 -4.37 -8.47 7.24
CA VAL B 17 -6.67 1.27 20.49
C VAL B 17 12.78 -10.07 5.94
C VAL B 17 -13.46 -13.21 -2.17
C VAL B 17 -3.22 -8.48 8.26
C VAL B 17 -6.80 0.08 19.52
N GLU B 18 13.36 -10.96 6.71
N GLU B 18 -12.53 -13.92 -2.75
N GLU B 18 -2.80 -9.70 8.51
N GLU B 18 -8.00 -0.01 19.00
CA GLU B 18 13.05 -11.12 8.14
CA GLU B 18 -11.14 -13.96 -2.30
CA GLU B 18 -1.65 -10.00 9.36
CA GLU B 18 -8.36 -0.99 17.97
C GLU B 18 14.35 -10.85 8.89
C GLU B 18 -10.30 -13.44 -3.46
C GLU B 18 -0.65 -10.75 8.49
C GLU B 18 -8.80 -0.18 16.76
N PRO B 19 14.25 -10.25 10.05
N PRO B 19 -9.23 -12.73 -3.16
N PRO B 19 0.63 -10.51 8.70
N PRO B 19 -8.50 -0.67 15.57
CA PRO B 19 15.40 -9.97 10.91
CA PRO B 19 -8.31 -12.22 -4.18
CA PRO B 19 1.68 -11.21 7.97
CA PRO B 19 -8.92 -0.03 14.32
C PRO B 19 16.19 -11.23 11.19
C PRO B 19 -7.78 -13.32 -5.06
C PRO B 19 1.56 -12.71 8.06
C PRO B 19 -10.41 0.20 14.27
N SER B 20 15.55 -12.38 11.13
N SER B 20 -7.77 -14.54 -4.56
N SER B 20 0.91 -13.19 9.12
N SER B 20 -11.16 -0.60 15.01
CA SER B 20 16.23 -13.64 11.45
CA SER B 20 -7.22 -15.66 -5.34
CA SER B 20 0.79 -14.64 9.31
CA SER B 20 -12.62 -0.49 14.96
C SER B 20 17.08 -14.11 10.29
C SER B 20 -8.22 -16.15 -6.36
C SER B 20 -0.31 -15.21 8.45
C SER B 20 -13.10 0.67 15.83
N ASP B 21 16.94 -13.44 9.14
N ASP B 21 -9.45 -15.64 -6.29
N ASP B 21 -1.08 -14.33 7.80
N ASP B 21 -12.18 1.27 16.59
CA ASP B 21 17.76 -13.91 7.98
CA ASP B 21 -10.45 -16.14 -7.28
CA ASP B 21 -2.19 -14.88 6.96
CA ASP B 21 -12.64 2.38 17.46
C ASP B 21 19.20 -13.58 8.21
C ASP B 21 -10.13 -15.61 -8.65
C ASP B 21 -1.62 -15.55 5.75
C ASP B 21 -12.98 3.58 16.61
N THR B 22 20.07 -14.43 7.68
N THR B 22 -10.45 -16.40 -9.66
N THR B 22 -2.30 -16.58 5.28
N THR B 22 -13.94 4.36 17.07
CA THR B 22 21.50 -14.21 7.73
CA THR B 22 -10.28 -16.00 -11.04
CA THR B 22 -1.94 -17.27 4.07
CA THR B 22 -14.31 5.60 16.41
C THR B 22 21.88 -13.27 6.56
C THR B 22 -11.51 -15.15 -11.45
C THR B 22 -2.53 -16.49 2.87
C THR B 22 -13.35 6.71 16.91
N ILE B 23 23.07 -12.67 6.74
N ILE B 23 -11.29 -14.40 -12.53
N ILE B 23 -1.93 -16.78 1.71
N ILE B 23 -13.31 7.76 16.10
CA ILE B 23 23.63 -11.82 5.70
CA ILE B 23 -12.37 -13.61 -13.11
CA ILE B 23 -2.42 -16.20 0.46
CA ILE B 23 -12.53 8.95 16.44
C ILE B 23 23.88 -12.63 4.43
C ILE B 23 -13.50 -14.52 -13.59
C ILE B 23 -3.85 -16.65 0.19
C ILE B 23 -13.05 9.56 17.74
N GLU B 24 24.29 -13.87 4.59
N GLU B 24 -13.13 -15.67 -14.12
N GLU B 24 -4.16 -17.88 0.53
N GLU B 24 -14.35 9.54 17.93
CA GLU B 24 24.50 -14.76 3.41
CA GLU B 24 -14.17 -16.66 -14.56
CA GLU B 24 -5.55 -18.39 0.37
CA GLU B 24 -14.94 10.05 19.20
C GLU B 24 23.22 -14.88 2.60
C GLU B 24 -15.08 -17.03 -13.41
C GLU B 24 -6.54 -17.53 1.14
C GLU B 24 -14.37 9.33 20.40
N ASN B 25 22.10 -14.99 3.29
N ASN B 25 -14.51 -17.20 -12.23
N ASN B 25 -6.14 -17.12 2.34
N ASN B 25 -14.19 8.02 20.27
CA ASN B 25 20.77 -15.13 2.68
CA ASN B 25 -15.22 -17.57 -11.00
CA ASN B 25 -6.96 -16.29 3.23
CA ASN B 25 -13.65 7.16 21.32
C ASN B 25 20.37 -13.87 1.91
C ASN B 25 -16.18 -16.47 -10.57
C ASN B 25 -7.19 -14.90 2.64
C ASN B 25 -12.19 7.50 21.63
N VAL B 26 20.64 -12.74 2.54
N VAL B 26 -15.67 -15.25 -10.62
N VAL B 26 -6.11 -14.35 2.11
N VAL B 26 -11.44 7.69 20.56
CA VAL B 26 20.35 -11.45 1.92
CA VAL B 26 -16.48 -14.09 -10.26
CA VAL B 26 -6.18 -13.04 1.48
CA VAL B 26 -10.03 8.05 20.70
C VAL B 26 21.10 -11.34 0.60
C VAL B 26 -17.72 -14.04 -11.15
C VAL B 26 -7.19 -13.07 0.34
C VAL B 26 -9.92 9.35 21.50
N LYS B 27 22.38 -11.71 0.65
N LYS B 27 -17.50 -14.22 -12.46
N LYS B 27 -7.10 -14.12 -0.47
N LYS B 27 -10.75 10.32 21.13
CA LYS B 27 23.22 -11.64 -0.56
CA LYS B 27 -18.61 -14.20 -13.42
CA LYS B 27 -8.02 -14.27 -1.61
CA LYS B 27 -10.74 11.62 21.83
C LYS B 27 22.68 -12.55 -1.64
C LYS B 27 -19.62 -15.29 -13.10
C LYS B 27 -9.46 -14.37 -1.13
C LYS B 27 -11.07 11.44 23.30
N ALA B 28 22.16 -13.71 -1.28
N ALA B 28 -19.17 -16.46 -12.69
N ALA B 28 -9.69 -15.05 -0.03
N ALA B 28 -11.99 10.56 23.63
CA ALA B 28 21.55 -14.63 -2.25
CA ALA B 28 -20.06 -17.54 -12.29
CA ALA B 28 -11.04 -15.14 0.56
CA ALA B 28 -12.34 10.28 25.02
C ALA B 28 20.28 -14.04 -2.83
C ALA B 28 -20.85 -17.19 -11.04
C ALA B 28 -11.53 -13.79 1.04
C ALA B 28 -11.18 9.62 25.75
N LYS B 29 19.47 -13.34 -2.05
N LYS B 29 -20.26 -16.50 -10.08
N LYS B 29 -10.67 -12.97 1.62
N LYS B 29 -10.43 8.75 25.12
CA LYS B 29 18.27 -12.66 -2.59
CA LYS B 29 -20.98 -16.05 -8.88
CA LYS B 29 -11.05 -11.61 2.04
CA LYS B 29 -9.23 8.15 25.75
C LYS B 29 18.66 -11.56 -3.60
C LYS B 29 -22.09 -15.03 -9.26
C LYS B 29 -11.44 -10.75 0.83
C LYS B 29 -8.17 9.22 26.03
N ILE B 30 19.77 -10.87 -3.30
N ILE B 30 -21.77 -14.19 -10.23
N ILE B 30 -10.71 -10.95 -0.27
N ILE B 30 -8.05 10.18 25.12
CA ILE B 30 20.22 -9.80 -4.21
CA ILE B 30 -22.75 -13.18 -10.67
CA ILE B 30 -11.00 -10.17 -1.49
CA ILE B 30 -7.06 11.26 25.30
C ILE B 30 20.72 -10.49 -5.48
C ILE B 30 -23.87 -13.94 -11.40
C ILE B 30 -12.36 -10.68 -2.02
C ILE B 30 -7.57 12.13 26.47
N GLN B 31 21.40 -11.60 -5.37
N GLN B 31 -23.55 -14.93 -12.18
N GLN B 31 -12.60 -11.96 -1.97
N GLN B 31 -8.85 12.37 26.55
CA GLN B 31 21.89 -12.27 -6.62
CA GLN B 31 -24.64 -15.68 -12.87
CA GLN B 31 -13.91 -12.45 -2.48
CA GLN B 31 -9.35 13.21 27.69
C GLN B 31 20.68 -12.69 -7.47
C GLN B 31 -25.55 -16.33 -11.83
C GLN B 31 -15.05 -11.83 -1.64
C GLN B 31 -9.03 12.49 29.01
N ASP B 32 19.75 -13.32 -6.79
N ASP B 32 -24.90 -16.99 -10.90
N ASP B 32 -14.85 -11.93 -0.34
N ASP B 32 -9.39 11.23 29.02
CA ASP B 32 18.50 -13.76 -7.46
CA ASP B 32 -25.63 -17.66 -9.79
CA ASP B 32 -15.83 -11.37 0.61
CA ASP B 32 -9.15 10.39 30.21
C ASP B 32 17.81 -12.63 -8.18
C ASP B 32 -26.55 -16.71 -9.08
C ASP B 32 -16.12 -9.91 0.32
C ASP B 32 -7.70 10.43 30.64
N LYS B 33 17.76 -11.44 -7.56
N LYS B 33 -26.10 -15.47 -8.82
N LYS B 33 -15.08 -9.12 0.01
N LYS B 33 -6.77 10.38 29.67
CA LYS B 33 17.00 -10.36 -8.25
CA LYS B 33 -26.99 -14.59 -8.03
CA LYS B 33 -15.37 -7.68 -0.17
CA LYS B 33 -5.35 10.33 30.12
C LYS B 33 17.77 -9.44 -9.13
C LYS B 33 -27.90 -13.68 -8.78
C LYS B 33 -15.65 -7.21 -1.55
C LYS B 33 -4.62 11.61 30.23
N GLU B 34 19.05 -9.22 -8.99
N GLU B 34 -27.66 -13.30 -10.01
N GLU B 34 -15.22 -7.84 -2.62
N GLU B 34 -4.95 12.68 29.57
CA GLU B 34 19.84 -8.35 -9.81
CA GLU B 34 -28.51 -12.42 -10.79
CA GLU B 34 -15.48 -7.42 -3.98
CA GLU B 34 -4.28 13.95 29.64
C GLU B 34 21.02 -9.02 -10.46
C GLU B 34 -28.94 -13.01 -12.10
C GLU B 34 -16.16 -8.48 -4.82
C GLU B 34 -5.19 15.10 30.02
N GLY B 35 21.28 -10.27 -10.11
N GLY B 35 -28.41 -14.18 -12.47
N GLY B 35 -16.32 -9.69 -4.29
N GLY B 35 -6.49 14.85 30.10
CA GLY B 35 22.34 -11.04 -10.72
CA GLY B 35 -28.80 -14.88 -13.66
CA GLY B 35 -17.01 -10.75 -4.95
CA GLY B 35 -7.44 15.84 30.52
C GLY B 35 23.72 -10.85 -10.24
C GLY B 35 -28.21 -14.46 -14.95
C GLY B 35 -16.28 -11.54 -5.97
C GLY B 35 -7.93 16.83 29.54
N ILE B 36 23.92 -10.03 -9.19
N ILE B 36 -27.25 -13.52 -14.93
N ILE B 36 -14.96 -11.30 -6.13
N ILE B 36 -7.53 16.69 28.26
CA ILE B 36 25.28 -9.84 -8.69
CA ILE B 36 -26.65 -13.09 -16.20
CA ILE B 36 -14.22 -12.08 -7.13
CA ILE B 36 -8.01 17.67 27.26
C ILE B 36 25.72 -11.00 -7.82
C ILE B 36 -25.60 -14.08 -16.67
C ILE B 36 -13.85 -13.46 -6.59
C ILE B 36 -9.42 17.34 26.82
N PRO B 37 26.86 -11.62 -8.16
N PRO B 37 -25.74 -14.59 -17.89
N PRO B 37 -14.24 -14.51 -7.29
N PRO B 37 -10.33 18.31 26.93
CA PRO B 37 27.42 -12.74 -7.40
CA PRO B 37 -24.78 -15.54 -18.48
CA PRO B 37 -13.92 -15.90 -6.91
CA PRO B 37 -11.73 18.15 26.51
C PRO B 37 27.68 -12.34 -5.95
C PRO B 37 -23.38 -14.94 -18.51
C PRO B 37 -12.42 -16.10 -6.78
C PRO B 37 -11.81 17.77 25.04
N PRO B 38 27.35 -13.18 -5.00
N PRO B 38 -22.37 -15.71 -18.17
N PRO B 38 -11.97 -16.78 -5.75
N PRO B 38 -12.66 16.84 24.67
CA PRO B 38 27.55 -12.82 -3.58
CA PRO B 38 -21.00 -15.17 -18.18
CA PRO B 38 -10.52 -16.98 -5.57
CA PRO B 38 -12.76 16.43 23.27
C PRO B 38 28.98 -12.48 -3.26
C PRO B 38 -20.58 -14.61 -19.51
C PRO B 38 -9.86 -17.64 -6.75
C PRO B 38 -13.08 17.57 22.33
N ASP B 39 29.94 -13.08 -3.93
N ASP B 39 -21.06 -15.16 -20.60
N ASP B 39 -10.55 -18.51 -7.45
N ASP B 39 -13.82 18.54 22.78
CA ASP B 39 31.37 -12.83 -3.63
CA ASP B 39 -20.65 -14.70 -21.95
CA ASP B 39 -9.95 -19.24 -8.59
CA ASP B 39 -14.24 19.68 21.91
C ASP B 39 31.80 -11.41 -4.01
C ASP B 39 -21.16 -13.30 -22.25
C ASP B 39 -9.63 -18.32 -9.77
C ASP B 39 -13.05 20.56 21.53
N GLN B 40 30.99 -10.74 -4.80
N GLN B 40 -22.12 -12.83 -21.48
N GLN B 40 -10.20 -17.13 -9.75
N GLN B 40 -11.95 20.42 22.24
CA GLN B 40 31.33 -9.36 -5.19
CA GLN B 40 -22.64 -11.46 -21.70
CA GLN B 40 -9.91 -16.17 -10.85
CA GLN B 40 -10.76 21.23 21.90
C GLN B 40 30.63 -8.31 -4.29
C GLN B 40 -21.95 -10.42 -20.79
C GLN B 40 -8.79 -15.18 -10.47
C GLN B 40 -9.78 20.46 21.01
N GLN B 41 29.69 -8.74 -3.47
N GLN B 41 -21.19 -10.86 -19.82
N GLN B 41 -8.39 -15.15 -9.22
N GLN B 41 -9.98 19.18 20.82
CA GLN B 41 28.92 -7.87 -2.61
CA GLN B 41 -20.54 -10.00 -18.86
CA GLN B 41 -7.39 -14.25 -8.72
CA GLN B 41 -9.11 18.33 20.04
C GLN B 41 29.56 -7.53 -1.29
C GLN B 41 -19.21 -9.44 -19.30
C GLN B 41 -5.95 -14.70 -8.90
C GLN B 41 -9.37 18.33 18.54
N ARG B 42 29.59 -6.23 -1.01
N ARG B 42 -19.08 -8.12 -19.15
N ARG B 42 -5.15 -13.78 -9.46
N ARG B 42 -8.29 18.53 17.79
CA ARG B 42 30.02 -5.73 0.34
CA ARG B 42 -17.78 -7.43 -19.37
CA ARG B 42 -3.67 -13.99 -9.55
CA ARG B 42 -8.34 18.38 16.30
C ARG B 42 28.84 -4.96 0.86
C ARG B 42 -17.48 -6.74 -18.05
C ARG B 42 -3.06 -12.83 -8.80
C ARG B 42 -7.30 17.32 15.99
N LEU B 43 28.21 -5.38 1.96
N LEU B 43 -16.41 -7.12 -17.35
N LEU B 43 -2.36 -13.05 -7.70
N LEU B 43 -7.70 16.17 15.46
CA LEU B 43 27.02 -4.67 2.47
CA LEU B 43 -16.11 -6.51 -16.02
CA LEU B 43 -1.80 -11.93 -6.91
CA LEU B 43 -6.72 15.08 15.18
C LEU B 43 27.39 -3.83 3.70
C LEU B 43 -14.98 -5.50 -16.17
C LEU B 43 -0.30 -11.81 -7.16
C LEU B 43 -6.41 15.02 13.69
N ILE B 44 26.98 -2.57 3.67
N ILE B 44 -15.20 -4.31 -15.63
N ILE B 44 0.14 -10.60 -7.47
N ILE B 44 -5.12 15.00 13.37
CA ILE B 44 27.29 -1.61 4.73
CA ILE B 44 -14.25 -3.20 -15.70
CA ILE B 44 1.54 -10.32 -7.80
CA ILE B 44 -4.65 15.00 11.99
C ILE B 44 26.04 -1.02 5.36
C ILE B 44 -13.83 -2.71 -14.33
C ILE B 44 2.14 -9.27 -6.87
C ILE B 44 -3.78 13.78 11.69
N PHE B 45 26.03 -1.03 6.72
N PHE B 45 -12.49 -2.56 -14.16
N PHE B 45 3.35 -9.61 -6.35
N PHE B 45 -4.11 13.12 10.55
CA PHE B 45 24.91 -0.45 7.49
CA PHE B 45 -11.93 -2.04 -12.90
CA PHE B 45 4.10 -8.69 -5.48
CA PHE B 45 -3.33 11.96 10.08
C PHE B 45 25.56 0.18 8.73
C PHE B 45 -10.70 -1.20 -13.33
C PHE B 45 5.59 -8.91 -5.83
C PHE B 45 -3.32 12.05 8.55
N ALA B 46 25.18 1.41 8.92
N ALA B 46 -10.71 -0.01 -12.79
N ALA B 46 6.21 -7.78 -6.07
N ALA B 46 -2.12 11.95 8.05
CA ALA B 46 25.60 2.22 10.08
CA ALA B 46 -9.63 0.97 -12.98
CA ALA B 46 7.66 -7.71 -6.38
CA ALA B 46 -1.83 11.96 6.60
C ALA B 46 27.11 2.13 10.28
C ALA B 46 -9.26 1.09 -14.46
C ALA B 46 8.03 -8.72 -7.44
C ALA B 46 -2.56 13.11 5.91
N GLY B 47 27.80 2.26 9.19
N GLY B 47 -10.29 1.19 -15.26
N GLY B 47 7.22 -8.75 -8.46
N GLY B 47 -2.44 14.25 6.53
CA GLY B 47 29.24 2.22 9.03
CA GLY B 47 -10.29 1.31 -16.69
CA GLY B 47 7.29 -9.60 -9.62
CA GLY B 47 -3.01 15.52 6.16
C GLY B 47 29.93 0.93 9.39
C GLY B 47 -9.71 0.16 -17.48
C GLY B 47 7.19 -11.08 -9.41
C GLY B 47 -4.51 15.63 6.10
N LYS B 48 29.23 -0.16 9.41
N LYS B 48 -9.62 -1.00 -16.90
N LYS B 48 6.64 -11.52 -8.31
N LYS B 48 -5.22 14.75 6.76
CA LYS B 48 29.81 -1.48 9.70
CA LYS B 48 -9.11 -2.20 -17.60
CA LYS B 48 6.44 -12.94 -8.02
CA LYS B 48 -6.68 14.80 6.81
C LYS B 48 29.68 -2.33 8.41
C LYS B 48 -10.28 -3.19 -17.70
C LYS B 48 4.92 -13.20 -7.97
C LYS B 48 -7.08 15.08 8.27
N GLN B 49 30.66 -3.13 8.12
N GLN B 49 -10.36 -3.90 -18.80
N GLN B 49 4.48 -14.32 -8.46
N GLN B 49 -8.12 15.86 8.48
CA GLN B 49 30.53 -4.07 6.97
CA GLN B 49 -11.40 -4.96 -18.92
CA GLN B 49 3.04 -14.67 -8.33
CA GLN B 49 -8.62 16.08 9.86
C GLN B 49 29.83 -5.29 7.55
C GLN B 49 -10.73 -6.18 -18.29
C GLN B 49 2.95 -15.33 -6.96
C GLN B 49 -9.57 14.90 10.08
N LEU B 50 28.79 -5.76 6.92
N LEU B 50 -11.41 -6.85 -17.38
N LEU B 50 2.01 -14.92 -6.13
N LEU B 50 -9.43 14.20 11.18
CA LEU B 50 27.98 -6.87 7.45
CA LEU B 50 -10.83 -7.99 -16.65
CA LEU B 50 1.90 -15.43 -4.76
CA LEU B 50 -10.24 13.00 11.47
C LEU B 50 28.68 -8.20 7.16
C LEU B 50 -10.87 -9.24 -17.52
C LEU B 50 1.21 -16.78 -4.76
C LEU B 50 -11.62 13.40 11.96
N GLU B 51 28.67 -9.11 8.14
N GLU B 51 -9.79 -10.03 -17.50
N GLU B 51 1.70 -17.71 -3.95
N GLU B 51 -12.66 12.71 11.49
CA GLU B 51 29.37 -10.40 7.96
CA GLU B 51 -9.74 -11.24 -18.35
CA GLU B 51 1.11 -19.08 -3.93
CA GLU B 51 -14.03 13.07 11.89
C GLU B 51 28.37 -11.48 7.64
C GLU B 51 -10.02 -12.46 -17.52
C GLU B 51 0.21 -19.23 -2.73
C GLU B 51 -14.54 12.12 12.94
N ASP B 52 28.66 -12.39 6.74
N ASP B 52 -10.76 -13.42 -18.02
N ASP B 52 -0.92 -19.88 -2.85
N ASP B 52 -15.24 12.56 13.94
CA ASP B 52 27.77 -13.44 6.26
CA ASP B 52 -11.18 -14.63 -17.32
CA ASP B 52 -1.92 -20.04 -1.80
CA ASP B 52 -15.73 11.79 15.08
C ASP B 52 27.00 -14.31 7.24
C ASP B 52 -10.19 -15.46 -16.53
C ASP B 52 -1.54 -20.49 -0.40
C ASP B 52 -16.42 10.46 14.87
N GLY B 53 27.62 -14.74 8.31
N GLY B 53 -9.02 -15.69 -17.06
N GLY B 53 -0.65 -21.45 -0.30
N GLY B 53 -17.30 10.37 13.89
CA GLY B 53 27.03 -15.62 9.32
CA GLY B 53 -7.96 -16.52 -16.46
CA GLY B 53 -0.21 -22.03 0.99
CA GLY B 53 -18.10 9.17 13.59
C GLY B 53 26.18 -14.97 10.36
C GLY B 53 -7.11 -15.86 -15.44
C GLY B 53 0.86 -21.29 1.71
C GLY B 53 -17.43 8.12 12.76
N ARG B 54 26.17 -13.64 10.44
N ARG B 54 -7.21 -14.55 -15.25
N ARG B 54 1.47 -20.28 1.10
N ARG B 54 -16.25 8.39 12.20
CA ARG B 54 25.29 -12.92 11.38
CA ARG B 54 -6.45 -13.83 -14.21
CA ARG B 54 2.48 -19.44 1.79
CA ARG B 54 -15.50 7.38 11.44
C ARG B 54 23.92 -12.75 10.74
C ARG B 54 -7.25 -13.92 -12.91
C ARG B 54 1.75 -18.35 2.56
C ARG B 54 -14.67 6.56 12.42
N THR B 55 22.94 -12.40 11.53
N THR B 55 -6.61 -13.60 -11.81
N THR B 55 2.45 -17.69 3.45
N THR B 55 -14.17 5.45 11.97
CA THR B 55 21.56 -12.14 11.08
CA THR B 55 -7.24 -13.57 -10.47
CA THR B 55 1.93 -16.56 4.24
CA THR B 55 -13.28 4.56 12.77
C THR B 55 21.37 -10.60 11.08
C THR B 55 -7.44 -12.08 -10.11
C THR B 55 2.54 -15.27 3.64
C THR B 55 -11.84 4.77 12.24
N LEU B 56 20.33 -10.16 10.41
N LEU B 56 -8.26 -11.84 -9.11
N LEU B 56 1.96 -14.14 3.99
N LEU B 56 -10.88 4.32 13.01
CA LEU B 56 19.97 -8.73 10.37
CA LEU B 56 -8.53 -10.48 -8.61
CA LEU B 56 2.46 -12.82 3.56
CA LEU B 56 -9.46 4.38 12.62
C LEU B 56 19.67 -8.27 11.80
C LEU B 56 -7.21 -9.90 -8.09
C LEU B 56 3.88 -12.65 4.09
C LEU B 56 -9.27 3.57 11.35
N SER B 57 19.05 -9.15 12.61
N SER B 57 -6.36 -10.75 -7.49
N SER B 57 4.15 -13.17 5.31
N SER B 57 -10.00 2.45 11.23
CA SER B 57 18.76 -8.69 14.00
CA SER B 57 -5.08 -10.19 -6.99
CA SER B 57 5.53 -12.98 5.83
CA SER B 57 -9.82 1.65 9.98
C SER B 57 20.02 -8.40 14.78
C SER B 57 -4.21 -9.65 -8.11
C SER B 57 6.55 -13.70 4.99
C SER B 57 -10.23 2.41 8.74
N ASP B 58 21.10 -9.10 14.47
N ASP B 58 -4.32 -10.23 -9.28
N ASP B 58 6.16 -14.80 4.35
N ASP B 58 -11.19 3.30 8.88
CA ASP B 58 22.39 -8.88 15.18
CA ASP B 58 -3.52 -9.79 -10.45
CA ASP B 58 7.09 -15.58 3.49
CA ASP B 58 -11.67 4.11 7.73
C ASP B 58 22.81 -7.42 15.11
C ASP B 58 -3.73 -8.29 -10.71
C ASP B 58 7.71 -14.68 2.41
C ASP B 58 -10.51 4.86 7.06
N TYR B 59 22.58 -6.82 13.97
N TYR B 59 -4.95 -7.88 -10.55
N TYR B 59 6.89 -13.81 1.89
N TYR B 59 -9.63 5.34 7.89
CA TYR B 59 22.89 -5.43 13.69
CA TYR B 59 -5.38 -6.48 -10.73
CA TYR B 59 7.27 -12.85 0.85
CA TYR B 59 -8.43 6.08 7.48
C TYR B 59 21.73 -4.49 14.00
C TYR B 59 -5.30 -5.67 -9.46
C TYR B 59 7.75 -11.53 1.42
C TYR B 59 -7.23 5.19 7.28
N ASN B 60 20.63 -4.93 14.56
N ASN B 60 -4.82 -6.18 -8.34
N ASN B 60 7.89 -11.35 2.72
N ASN B 60 -7.33 3.88 7.38
CA ASN B 60 19.53 -3.98 14.84
CA ASN B 60 -4.76 -5.35 -7.12
CA ASN B 60 8.36 -10.04 3.22
CA ASN B 60 -6.12 3.05 7.17
C ASN B 60 19.07 -3.27 13.57
C ASN B 60 -6.16 -4.85 -6.74
C ASN B 60 7.45 -8.91 2.77
C ASN B 60 -5.01 3.43 8.14
N ILE B 61 18.89 -4.01 12.50
N ILE B 61 -7.13 -5.73 -6.77
N ILE B 61 6.15 -9.11 2.88
N ILE B 61 -5.35 3.61 9.40
CA ILE B 61 18.36 -3.44 11.24
CA ILE B 61 -8.52 -5.37 -6.33
CA ILE B 61 5.17 -8.04 2.55
CA ILE B 61 -4.33 3.90 10.45
C ILE B 61 16.84 -3.55 11.33
C ILE B 61 -8.56 -5.66 -4.82
C ILE B 61 4.96 -7.24 3.84
C ILE B 61 -3.86 2.54 10.97
N GLN B 62 16.12 -2.46 11.34
N GLN B 62 -8.76 -4.67 -4.01
N GLN B 62 5.32 -5.99 3.87
N GLN B 62 -2.62 2.20 10.79
CA GLN B 62 14.65 -2.44 11.50
CA GLN B 62 -8.76 -4.81 -2.52
CA GLN B 62 5.22 -5.13 5.09
CA GLN B 62 -2.06 0.88 11.19
C GLN B 62 13.99 -2.17 10.14
C GLN B 62 -10.20 -4.79 -2.00
C GLN B 62 4.02 -4.19 4.97
C GLN B 62 -1.24 1.04 12.47
N LYS B 63 12.67 -2.32 10.04
N LYS B 63 -10.40 -5.12 -0.73
N LYS B 63 3.66 -3.52 6.04
N LYS B 63 -0.84 -0.07 13.10
CA LYS B 63 11.96 -2.16 8.80
CA LYS B 63 -11.73 -5.20 -0.15
CA LYS B 63 2.50 -2.65 6.08
CA LYS B 63 -0.12 -0.04 14.35
C LYS B 63 12.27 -0.79 8.21
C LYS B 63 -12.45 -3.86 -0.37
C LYS B 63 2.59 -1.65 4.95
C LYS B 63 1.12 0.83 14.21
N GLU B 64 12.35 -0.81 6.88
N GLU B 64 -13.76 -4.03 -0.63
N GLU B 64 1.40 -1.38 4.39
N GLU B 64 1.38 1.54 15.32
CA GLU B 64 12.63 0.33 6.04
CA GLU B 64 -14.69 -2.96 -0.86
CA GLU B 64 1.16 -0.45 3.31
CA GLU B 64 2.49 2.44 15.49
C GLU B 64 13.98 0.97 6.15
C GLU B 64 -14.54 -2.15 -2.11
C GLU B 64 1.74 -0.80 1.97
C GLU B 64 2.51 3.70 14.66
N SER B 65 14.92 0.21 6.68
N SER B 65 -13.82 -2.73 -3.06
N SER B 65 2.05 -2.08 1.79
N SER B 65 1.33 4.04 14.16
CA SER B 65 16.33 0.58 6.77
CA SER B 65 -13.63 -2.16 -4.40
CA SER B 65 2.52 -2.64 0.52
CA SER B 65 1.10 5.29 13.42
C SER B 65 16.91 0.54 5.34
C SER B 65 -14.99 -2.30 -5.15
C SER B 65 1.32 -2.66 -0.44
C SER B 65 1.17 6.45 14.43
N THR B 66 18.01 1.23 5.12
N THR B 66 -15.17 -1.51 -6.18
N THR B 66 1.57 -2.73 -1.72
N THR B 66 1.41 7.64 13.96
CA THR B 66 18.71 1.20 3.84
CA THR B 66 -16.37 -1.60 -7.03
CA THR B 66 0.52 -2.84 -2.73
CA THR B 66 1.41 8.85 14.80
C THR B 66 20.12 0.67 4.06
C THR B 66 -15.92 -1.93 -8.45
C THR B 66 0.74 -4.16 -3.50
C THR B 66 0.33 9.80 14.29
N LEU B 67 20.53 -0.37 3.31
N LEU B 67 -16.50 -2.98 -9.05
N LEU B 67 -0.31 -5.00 -3.60
N LEU B 67 -0.57 10.24 15.19
CA LEU B 67 21.90 -0.86 3.41
CA LEU B 67 -16.20 -3.29 -10.45
CA LEU B 67 -0.21 -6.21 -4.39
CA LEU B 67 -1.56 11.24 14.80
C LEU B 67 22.62 -0.32 2.16
C LEU B 67 -17.43 -2.81 -11.26
C LEU B 67 -0.99 -5.92 -5.70
C LEU B 67 -1.07 12.58 15.39
N HIS B 68 23.91 -0.17 2.21
N HIS B 68 -17.26 -2.49 -12.49
N HIS B 68 -0.66 -6.57 -6.76
N HIS B 68 -1.45 13.67 14.80
CA HIS B 68 24.64 0.30 1.02
CA HIS B 68 -18.43 -2.07 -13.30
CA HIS B 68 -1.42 -6.35 -8.01
CA HIS B 68 -1.02 14.98 15.37
C HIS B 68 25.36 -0.92 0.46
C HIS B 68 -18.74 -3.24 -14.22
C HIS B 68 -2.31 -7.58 -8.19
C HIS B 68 -2.27 15.55 16.05
N LEU B 69 25.31 -1.10 -0.85
N LEU B 69 -20.02 -3.57 -14.34
N LEU B 69 -3.56 -7.35 -8.55
N LEU B 69 -2.09 16.10 17.24
CA LEU B 69 26.02 -2.18 -1.51
CA LEU B 69 -20.47 -4.63 -15.23
CA LEU B 69 -4.50 -8.44 -8.82
CA LEU B 69 -3.17 16.74 17.97
C LEU B 69 27.21 -1.67 -2.27
C LEU B 69 -21.16 -4.07 -16.44
C LEU B 69 -4.77 -8.57 -10.29
C LEU B 69 -3.01 18.24 17.98
N VAL B 70 28.39 -2.05 -1.91
N VAL B 70 -20.64 -4.25 -17.62
N VAL B 70 -4.42 -9.65 -10.91
N VAL B 70 -3.89 18.97 17.39
CA VAL B 70 29.61 -1.65 -2.70
CA VAL B 70 -21.34 -3.80 -18.85
CA VAL B 70 -4.76 -9.86 -12.34
CA VAL B 70 -3.82 20.46 17.46
C VAL B 70 30.04 -2.96 -3.37
C VAL B 70 -21.79 -5.12 -19.51
C VAL B 70 -5.85 -10.96 -12.29
C VAL B 70 -4.99 20.83 18.39
N LEU B 71 30.45 -2.90 -4.62
N LEU B 71 -22.99 -5.14 -20.05
N LEU B 71 -6.86 -10.84 -13.11
N LEU B 71 -4.81 21.78 19.26
CA LEU B 71 30.92 -4.11 -5.34
CA LEU B 71 -23.49 -6.36 -20.73
CA LEU B 71 -7.93 -11.87 -13.14
CA LEU B 71 -5.89 22.23 20.16
C LEU B 71 32.42 -4.21 -5.25
C LEU B 71 -23.25 -6.25 -22.20
C LEU B 71 -7.65 -12.86 -14.25
C LEU B 71 -6.58 23.43 19.58
N MET A 1 6.38 18.40 -20.67
CA MET A 1 5.74 19.56 -20.05
C MET A 1 6.28 19.67 -18.60
N GLN A 2 6.34 20.88 -18.14
CA GLN A 2 6.81 21.11 -16.74
C GLN A 2 5.61 21.10 -15.81
N ILE A 3 5.80 20.45 -14.66
CA ILE A 3 4.77 20.47 -13.61
C ILE A 3 5.53 20.83 -12.30
N PHE A 4 4.75 21.23 -11.33
CA PHE A 4 5.40 21.59 -10.01
C PHE A 4 4.91 20.64 -8.96
N VAL A 5 5.74 20.16 -8.03
CA VAL A 5 5.27 19.32 -6.95
C VAL A 5 5.58 20.10 -5.65
N LYS A 6 4.57 20.50 -4.95
CA LYS A 6 4.78 21.30 -3.70
C LYS A 6 4.77 20.35 -2.53
N THR A 7 5.82 20.41 -1.68
CA THR A 7 5.88 19.52 -0.51
C THR A 7 5.42 20.27 0.74
N LEU A 8 5.24 19.58 1.84
CA LEU A 8 4.74 20.24 3.07
C LEU A 8 5.81 21.08 3.74
N THR A 9 7.06 21.03 3.24
CA THR A 9 8.08 21.90 3.94
C THR A 9 8.35 23.16 3.18
N GLY A 10 7.52 23.50 2.24
CA GLY A 10 7.67 24.69 1.43
C GLY A 10 8.68 24.63 0.33
N LYS A 11 9.10 23.43 0.00
CA LYS A 11 10.01 23.21 -1.12
C LYS A 11 9.11 22.84 -2.31
N THR A 12 9.42 23.38 -3.48
CA THR A 12 8.62 22.98 -4.66
C THR A 12 9.61 22.35 -5.64
N ILE A 13 9.25 21.19 -6.17
CA ILE A 13 10.23 20.60 -7.13
C ILE A 13 9.65 20.67 -8.52
N THR A 14 10.47 20.94 -9.51
CA THR A 14 9.89 20.97 -10.89
C THR A 14 10.25 19.66 -11.57
N LEU A 15 9.33 19.09 -12.33
CA LEU A 15 9.58 17.83 -13.01
C LEU A 15 9.25 18.02 -14.49
N GLU A 16 9.89 17.22 -15.31
CA GLU A 16 9.51 17.26 -16.76
C GLU A 16 8.85 15.92 -17.00
N VAL A 17 7.60 16.03 -17.42
CA VAL A 17 6.77 14.86 -17.67
C VAL A 17 5.93 15.04 -18.95
N GLU A 18 5.32 13.93 -19.31
CA GLU A 18 4.37 13.84 -20.41
C GLU A 18 3.06 13.38 -19.82
N PRO A 19 1.95 13.87 -20.34
CA PRO A 19 0.61 13.47 -19.90
C PRO A 19 0.43 11.98 -19.97
N SER A 20 1.19 11.31 -20.81
CA SER A 20 1.03 9.85 -20.98
C SER A 20 1.72 9.11 -19.87
N ASP A 21 2.49 9.83 -19.05
CA ASP A 21 3.19 9.10 -17.96
C ASP A 21 2.21 8.63 -16.92
N THR A 22 2.51 7.52 -16.30
CA THR A 22 1.71 6.99 -15.21
C THR A 22 2.16 7.68 -13.91
N ILE A 23 1.25 7.61 -12.94
CA ILE A 23 1.52 8.13 -11.60
C ILE A 23 2.72 7.40 -10.98
N GLU A 24 2.80 6.12 -11.24
CA GLU A 24 3.98 5.32 -10.73
C GLU A 24 5.27 5.90 -11.23
N CYS A 25 5.30 6.34 -12.52
CA CYS A 25 6.50 6.91 -13.13
C CYS A 25 6.85 8.24 -12.50
N VAL A 26 5.82 9.05 -12.28
CA VAL A 26 6.04 10.34 -11.65
C VAL A 26 6.71 10.15 -10.29
N LYS A 27 6.18 9.20 -9.52
CA LYS A 27 6.74 8.92 -8.19
C LYS A 27 8.19 8.48 -8.29
N ALA A 28 8.54 7.70 -9.30
CA ALA A 28 9.92 7.29 -9.53
C ALA A 28 10.80 8.47 -9.89
N LYS A 29 10.31 9.43 -10.66
CA LYS A 29 11.09 10.64 -10.97
C LYS A 29 11.35 11.47 -9.69
N ILE A 30 10.35 11.49 -8.81
CA ILE A 30 10.50 12.25 -7.55
C ILE A 30 11.53 11.50 -6.70
N GLN A 31 11.49 10.19 -6.69
CA GLN A 31 12.50 9.45 -5.86
C GLN A 31 13.90 9.76 -6.40
N ASP A 32 14.01 9.63 -7.70
CA ASP A 32 15.30 9.91 -8.37
C ASP A 32 15.83 11.29 -8.03
N LYS A 33 14.94 12.30 -7.98
CA LYS A 33 15.50 13.66 -7.74
C LYS A 33 15.53 14.13 -6.33
N GLU A 34 14.74 13.67 -5.41
CA GLU A 34 14.73 14.09 -4.02
C GLU A 34 14.92 12.96 -3.04
N GLY A 35 14.94 11.73 -3.52
CA GLY A 35 15.18 10.58 -2.69
C GLY A 35 14.07 10.02 -1.89
N ILE A 36 12.84 10.55 -2.06
CA ILE A 36 11.72 10.01 -1.29
C ILE A 36 11.20 8.72 -1.91
N PRO A 37 11.15 7.65 -1.13
CA PRO A 37 10.64 6.34 -1.58
C PRO A 37 9.21 6.46 -2.09
N PRO A 38 8.88 5.84 -3.19
CA PRO A 38 7.51 5.95 -3.73
C PRO A 38 6.45 5.52 -2.76
N ASP A 39 6.74 4.57 -1.90
CA ASP A 39 5.72 4.05 -0.95
C ASP A 39 5.34 5.08 0.11
N GLN A 40 6.16 6.11 0.23
CA GLN A 40 5.83 7.18 1.22
C GLN A 40 5.08 8.36 0.58
N GLN A 41 5.02 8.40 -0.74
CA GLN A 41 4.40 9.48 -1.46
C GLN A 41 2.90 9.36 -1.66
N ARG A 42 2.21 10.46 -1.32
CA ARG A 42 0.75 10.57 -1.60
C ARG A 42 0.62 11.80 -2.48
N LEU A 43 0.18 11.67 -3.73
CA LEU A 43 0.09 12.84 -4.63
C LEU A 43 -1.35 13.30 -4.76
N ILE A 44 -1.57 14.59 -4.57
CA ILE A 44 -2.91 15.19 -4.61
C ILE A 44 -3.02 16.28 -5.66
N PHE A 45 -4.11 16.19 -6.46
CA PHE A 45 -4.39 17.20 -7.50
C PHE A 45 -5.92 17.33 -7.53
N ALA A 46 -6.32 18.58 -7.46
CA ALA A 46 -7.74 18.98 -7.52
C ALA A 46 -8.59 18.14 -6.58
N GLY A 47 -8.08 17.99 -5.40
CA GLY A 47 -8.62 17.24 -4.29
C GLY A 47 -8.80 15.76 -4.47
N CYS A 48 -8.13 15.15 -5.41
CA CYS A 48 -8.12 13.71 -5.63
C CYS A 48 -6.78 13.12 -5.25
N GLN A 49 -6.74 11.97 -4.70
CA GLN A 49 -5.43 11.30 -4.47
C GLN A 49 -5.16 10.55 -5.77
N LEU A 50 -3.98 10.72 -6.33
CA LEU A 50 -3.65 10.11 -7.64
C LEU A 50 -3.29 8.65 -7.46
N GLU A 51 -3.77 7.80 -8.37
CA GLU A 51 -3.53 6.34 -8.25
C GLU A 51 -2.42 5.92 -9.18
N ASP A 52 -1.53 5.06 -8.79
CA ASP A 52 -0.35 4.62 -9.54
C ASP A 52 -0.48 4.20 -10.99
N GLY A 53 -1.50 3.45 -11.32
CA GLY A 53 -1.74 2.91 -12.67
C GLY A 53 -2.40 3.82 -13.65
N ARG A 54 -2.89 4.98 -13.21
CA ARG A 54 -3.49 5.96 -14.13
C ARG A 54 -2.37 6.83 -14.68
N THR A 55 -2.66 7.57 -15.72
CA THR A 55 -1.72 8.53 -16.36
C THR A 55 -2.16 9.94 -15.93
N LEU A 56 -1.27 10.90 -16.12
CA LEU A 56 -1.55 12.31 -15.83
C LEU A 56 -2.72 12.75 -16.70
N SER A 57 -2.80 12.25 -17.95
CA SER A 57 -3.93 12.69 -18.80
C SER A 57 -5.26 12.26 -18.24
N ASP A 58 -5.29 11.15 -17.53
CA ASP A 58 -6.56 10.64 -16.93
C ASP A 58 -7.20 11.71 -16.05
N TYR A 59 -6.37 12.41 -15.33
CA TYR A 59 -6.76 13.49 -14.42
C TYR A 59 -6.79 14.84 -15.09
N ASN A 60 -6.55 14.98 -16.38
CA ASN A 60 -6.58 16.32 -16.99
C ASN A 60 -5.58 17.25 -16.32
N ILE A 61 -4.36 16.77 -16.10
CA ILE A 61 -3.28 17.62 -15.54
C ILE A 61 -2.59 18.28 -16.73
N GLN A 62 -2.64 19.57 -16.85
CA GLN A 62 -2.07 20.32 -18.00
C GLN A 62 -0.74 20.97 -17.58
N LYS A 63 0.04 21.51 -18.58
CA LYS A 63 1.33 22.10 -18.24
C LYS A 63 1.17 23.16 -17.17
N GLU A 64 2.22 23.18 -16.36
CA GLU A 64 2.37 24.09 -15.26
C GLU A 64 1.44 23.96 -14.10
N SER A 65 0.81 22.79 -14.03
CA SER A 65 -0.07 22.42 -12.91
C SER A 65 0.84 22.18 -11.68
N THR A 66 0.25 22.25 -10.50
CA THR A 66 0.96 21.97 -9.25
C THR A 66 0.29 20.77 -8.56
N LEU A 67 1.06 19.74 -8.22
CA LEU A 67 0.49 18.62 -7.46
C LEU A 67 0.98 18.81 -6.00
N HIS A 68 0.26 18.31 -5.06
CA HIS A 68 0.72 18.43 -3.66
C HIS A 68 1.24 17.05 -3.26
N LEU A 69 2.38 17.02 -2.60
CA LEU A 69 2.96 15.77 -2.10
C LEU A 69 2.83 15.67 -0.60
N VAL A 70 2.10 14.73 -0.09
CA VAL A 70 2.03 14.52 1.38
C VAL A 70 2.81 13.21 1.60
N LEU A 71 3.60 13.15 2.65
CA LEU A 71 4.36 11.93 2.95
C LEU A 71 3.61 11.09 3.95
N ARG A 72 3.54 9.80 3.73
N ARG A 72 3.82 9.75 3.96
N ARG A 72 3.56 9.79 3.75
N ARG A 72 3.58 9.78 3.77
CA ARG A 72 2.81 8.90 4.66
CA ARG A 72 3.34 8.93 5.08
CA ARG A 72 2.85 8.89 4.68
CA ARG A 72 2.89 8.90 4.74
C ARG A 72 3.84 8.42 5.66
C ARG A 72 4.08 7.60 4.96
C ARG A 72 3.95 8.24 5.53
C ARG A 72 3.96 7.92 5.22
N LEU A 73 3.66 8.56 6.93
N LEU A 73 3.68 6.56 5.63
N LEU A 73 3.71 7.85 6.74
N LEU A 73 3.73 7.13 6.22
CA LEU A 73 4.68 8.08 7.89
CA LEU A 73 4.41 5.28 5.51
CA LEU A 73 4.78 7.22 7.54
CA LEU A 73 4.78 6.18 6.67
C LEU A 73 4.01 7.54 9.14
C LEU A 73 3.54 4.14 6.01
C LEU A 73 4.33 5.85 8.02
C LEU A 73 4.14 4.95 7.29
N ARG A 74 4.16 6.24 9.32
N ARG A 74 2.70 3.67 5.10
N ARG A 74 5.31 4.96 8.09
N ARG A 74 4.58 3.81 6.80
CA ARG A 74 3.57 5.52 10.46
CA ARG A 74 1.75 2.58 5.39
CA ARG A 74 5.08 3.57 8.51
CA ARG A 74 4.09 2.51 7.26
C ARG A 74 4.69 5.01 11.36
C ARG A 74 1.48 1.81 4.11
C ARG A 74 5.13 3.51 10.03
C ARG A 74 4.93 2.03 8.44
N GLY A 75 5.89 5.54 11.10
N GLY A 75 1.02 0.57 4.29
N GLY A 75 3.94 3.43 10.63
N GLY A 75 4.26 1.83 9.56
CA GLY A 75 7.09 5.18 11.83
CA GLY A 75 0.70 -0.33 3.20
CA GLY A 75 3.77 3.36 12.07
CA GLY A 75 4.89 1.40 10.81
C GLY A 75 7.48 3.71 11.76
C GLY A 75 -0.75 -0.39 2.81
C GLY A 75 4.30 2.11 12.73
C GLY A 75 5.01 -0.10 10.97
N GLY A 76 7.67 3.16 12.94
N GLY A 76 -1.12 -1.53 2.26
N GLY A 76 4.04 1.01 12.07
N GLY A 76 5.52 -0.47 12.13
CA GLY A 76 8.03 1.75 13.16
CA GLY A 76 -2.48 -1.85 1.79
CA GLY A 76 4.45 -0.34 12.48
CA GLY A 76 5.73 -1.86 12.56
C GLY A 76 7.25 0.89 12.15
C GLY A 76 -3.01 -3.03 2.63
C GLY A 76 4.60 -1.20 11.21
C GLY A 76 4.36 -2.51 12.78
N MET B 1 9.34 -8.65 6.82
N MET B 1 -8.64 -12.38 0.39
N MET B 1 -1.75 -7.21 9.07
N MET B 1 -3.51 -1.48 19.88
CA MET B 1 9.44 -7.18 6.91
CA MET B 1 -8.72 -10.92 0.52
CA MET B 1 -1.06 -6.14 8.32
CA MET B 1 -2.27 -1.07 19.21
C MET B 1 10.00 -6.68 5.57
C MET B 1 -10.20 -10.52 0.28
C MET B 1 -1.94 -5.77 7.12
C MET B 1 -1.79 0.24 19.89
N GLN B 2 9.60 -5.50 5.22
N GLN B 2 -10.57 -9.45 0.92
N GLN B 2 -1.84 -4.52 6.75
N GLN B 2 -0.50 0.41 19.89
CA GLN B 2 10.12 -4.89 3.95
CA GLN B 2 -11.98 -8.95 0.73
CA GLN B 2 -2.62 -4.05 5.56
CA GLN B 2 0.07 1.65 20.49
C GLN B 2 11.37 -4.08 4.26
C GLN B 2 -12.00 -7.96 -0.42
C GLN B 2 -1.78 -4.23 4.31
C GLN B 2 0.19 2.71 19.41
N ILE B 3 12.36 -4.22 3.39
N ILE B 3 -13.02 -8.06 -1.24
N ILE B 3 -2.43 -4.69 3.25
N ILE B 3 -0.16 3.93 19.78
CA ILE B 3 13.57 -3.38 3.48
CA ILE B 3 -13.25 -7.07 -2.31
CA ILE B 3 -1.77 -4.77 1.94
CA ILE B 3 0.06 5.08 18.88
C ILE B 3 13.81 -2.81 2.06
C ILE B 3 -14.75 -6.66 -2.20
C ILE B 3 -2.76 -4.13 0.93
C ILE B 3 0.75 6.18 19.75
N PHE B 4 14.62 -1.79 2.03
N PHE B 4 -15.04 -5.55 -2.82
N PHE B 4 -2.22 -3.79 -0.22
N PHE B 4 1.32 7.11 19.03
CA PHE B 4 14.92 -1.17 0.68
CA PHE B 4 -16.47 -5.08 -2.78
CA PHE B 4 -3.11 -3.16 -1.26
CA PHE B 4 2.01 8.23 19.79
C PHE B 4 16.37 -1.34 0.38
C PHE B 4 -17.03 -5.10 -4.17
C PHE B 4 -3.18 -4.08 -2.45
C PHE B 4 1.31 9.53 19.50
N VAL B 5 16.79 -1.65 -0.85
N VAL B 5 -18.28 -5.50 -4.41
N VAL B 5 -4.33 -4.26 -3.10
N VAL B 5 1.11 10.41 20.47
CA VAL B 5 18.20 -1.74 -1.19
CA VAL B 5 -18.87 -5.44 -5.73
CA VAL B 5 -4.40 -5.07 -4.31
CA VAL B 5 0.51 11.72 20.21
C VAL B 5 18.43 -0.64 -2.26
C VAL B 5 -20.08 -4.49 -5.60
C VAL B 5 -4.87 -4.10 -5.42
C VAL B 5 1.59 12.76 20.58
N LYS B 6 19.20 0.33 -1.95
N LYS B 6 -20.02 -3.37 -6.24
N LYS B 6 -4.04 -3.86 -6.38
N LYS B 6 2.07 13.47 19.62
CA LYS B 6 19.44 1.46 -2.91
CA LYS B 6 -21.13 -2.37 -6.14
CA LYS B 6 -4.40 -2.90 -7.47
CA LYS B 6 3.15 14.48 19.90
C LYS B 6 20.71 1.16 -3.67
C LYS B 6 -22.06 -2.59 -7.30
C LYS B 6 -4.95 -3.70 -8.63
C LYS B 6 2.51 15.82 20.11
N THR B 7 20.67 1.18 -5.01
N THR B 7 -23.37 -2.74 -7.01
N THR B 7 -6.15 -3.32 -9.12
N THR B 7 2.83 16.50 21.22
CA THR B 7 21.87 0.90 -5.81
CA THR B 7 -24.36 -2.96 -8.09
CA THR B 7 -6.75 -4.06 -10.24
CA THR B 7 2.23 17.81 21.50
C THR B 7 22.50 2.22 -6.27
C THR B 7 -25.06 -1.64 -8.41
C THR B 7 -6.50 -3.28 -11.54
C THR B 7 3.23 18.91 21.11
N LEU B 8 23.68 2.18 -6.82
N LEU B 8 -25.83 -1.60 -9.47
N LEU B 8 -6.80 -3.88 -12.68
N LEU B 8 2.80 20.15 21.10
CA LEU B 8 24.37 3.41 -7.26
CA LEU B 8 -26.51 -0.34 -9.88
CA LEU B 8 -6.54 -3.22 -13.98
CA LEU B 8 3.70 21.26 20.69
C LEU B 8 23.76 4.02 -8.50
C LEU B 8 -27.67 0.01 -8.97
C LEU B 8 -7.52 -2.08 -14.26
C LEU B 8 4.74 21.58 21.74
N THR B 9 22.81 3.32 -9.13
N THR B 9 -28.03 -0.89 -8.04
N THR B 9 -8.55 -1.92 -13.41
N THR B 9 4.65 20.95 22.93
CA THR B 9 22.23 3.97 -10.36
CA THR B 9 -29.19 -0.50 -7.16
CA THR B 9 -9.48 -0.79 -13.73
CA THR B 9 5.71 21.30 23.94
C THR B 9 20.89 4.60 -10.09
C THR B 9 -28.74 -0.02 -5.81
C THR B 9 -9.23 0.41 -12.87
C THR B 9 6.77 20.26 24.03
N GLY B 10 20.55 4.78 -8.85
N GLY B 10 -27.48 0.28 -5.67
N GLY B 10 -8.11 0.46 -12.21
N GLY B 10 6.84 19.37 23.07
CA GLY B 10 19.30 5.39 -8.45
CA GLY B 10 -26.91 0.76 -4.43
CA GLY B 10 -7.74 1.56 -11.36
CA GLY B 10 7.81 18.31 23.01
C GLY B 10 18.09 4.51 -8.52
C GLY B 10 -26.66 -0.27 -3.37
C GLY B 10 -8.38 1.60 -10.01
C GLY B 10 7.56 17.13 23.91
N LYS B 11 18.31 3.23 -8.62
N LYS B 11 -26.65 -1.52 -3.77
N LYS B 11 -8.96 0.50 -9.61
N LYS B 11 6.35 17.02 24.39
CA LYS B 11 17.24 2.24 -8.59
CA LYS B 11 -26.32 -2.63 -2.88
CA LYS B 11 -9.54 0.36 -8.28
CA LYS B 11 5.92 15.88 25.19
C LYS B 11 17.16 1.76 -7.12
C LYS B 11 -24.82 -2.92 -3.14
C LYS B 11 -8.44 -0.33 -7.42
C LYS B 11 5.24 14.92 24.18
N THR B 12 15.95 1.61 -6.61
N THR B 12 -24.08 -3.16 -2.08
N THR B 12 -8.28 0.13 -6.20
N THR B 12 5.51 13.63 24.32
CA THR B 12 15.84 1.07 -5.24
CA THR B 12 -22.67 -3.53 -2.29
CA THR B 12 -7.29 -0.55 -5.34
CA THR B 12 4.80 12.69 23.44
C THR B 12 15.03 -0.22 -5.36
C THR B 12 -22.49 -4.92 -1.68
C THR B 12 -8.08 -1.05 -4.12
C THR B 12 4.02 11.75 24.37
N ILE B 13 15.53 -1.29 -4.74
N ILE B 13 -21.87 -5.82 -2.46
N ILE B 13 -7.88 -2.32 -3.78
N ILE B 13 2.75 11.55 24.06
CA ILE B 13 14.72 -2.53 -4.86
CA ILE B 13 -21.70 -7.17 -1.83
CA ILE B 13 -8.65 -2.78 -2.59
CA ILE B 13 2.01 10.62 24.98
C ILE B 13 14.11 -2.85 -3.52
C ILE B 13 -20.25 -7.39 -1.52
C ILE B 13 -7.71 -2.99 -1.44
C ILE B 13 1.72 9.35 24.24
N THR B 14 12.88 -3.33 -3.51
N THR B 14 -19.96 -8.02 -0.40
N THR B 14 -8.12 -2.66 -0.24
N THR B 14 1.81 8.22 24.92
CA THR B 14 12.30 -3.67 -2.18
CA THR B 14 -18.51 -8.26 -0.12
CA THR B 14 -7.19 -2.90 0.90
CA THR B 14 1.48 6.96 24.20
C THR B 14 12.38 -5.17 -2.01
C THR B 14 -18.19 -9.70 -0.47
C THR B 14 -7.62 -4.16 1.61
C THR B 14 0.07 6.53 24.59
N LEU B 15 12.71 -5.64 -0.82
N LEU B 15 -17.05 -9.97 -1.07
N LEU B 15 -6.70 -5.01 2.03
N LEU B 15 -0.72 6.06 23.65
CA LEU B 15 12.84 -7.06 -0.55
CA LEU B 15 -16.68 -11.31 -1.46
CA LEU B 15 -7.03 -6.23 2.71
CA LEU B 15 -2.09 5.64 23.93
C LEU B 15 11.95 -7.41 0.65
C LEU B 15 -15.30 -11.62 -0.87
C LEU B 15 -6.26 -6.29 4.04
C LEU B 15 -2.26 4.20 23.43
N GLU B 16 11.54 -8.65 0.69
N GLU B 16 -15.04 -12.88 -0.66
N GLU B 16 -6.82 -7.02 4.97
N GLU B 16 -3.20 3.51 24.04
CA GLU B 16 10.78 -9.08 1.93
CA GLU B 16 -13.65 -13.24 -0.21
CA GLU B 16 -6.04 -7.20 6.24
CA GLU B 16 -3.51 2.15 23.50
C GLU B 16 11.73 -10.06 2.59
C GLU B 16 -13.09 -14.00 -1.40
C GLU B 16 -5.68 -8.68 6.22
C GLU B 16 -4.90 2.30 22.94
N VAL B 17 12.06 -9.70 3.82
N VAL B 17 -11.99 -13.43 -1.88
N VAL B 17 -4.36 -8.88 6.25
N VAL B 17 -4.97 2.02 21.65
CA VAL B 17 12.99 -10.48 4.63
CA VAL B 17 -11.30 -13.97 -3.05
CA VAL B 17 -3.80 -10.23 6.19
CA VAL B 17 -6.21 2.15 20.89
C VAL B 17 12.53 -10.56 6.08
C VAL B 17 -9.77 -13.93 -2.87
C VAL B 17 -2.62 -10.37 7.17
C VAL B 17 -6.39 0.98 19.92
N GLU B 18 13.24 -11.41 6.78
N GLU B 18 -9.14 -14.58 -3.82
N GLU B 18 -2.22 -11.62 7.27
N GLU B 18 -7.59 0.97 19.37
CA GLU B 18 13.09 -11.61 8.22
CA GLU B 18 -7.68 -14.60 -3.95
CA GLU B 18 -1.04 -12.02 8.05
CA GLU B 18 -7.99 0.03 18.32
C GLU B 18 14.43 -11.27 8.85
C GLU B 18 -7.36 -14.01 -5.32
C GLU B 18 -0.09 -12.69 7.06
C GLU B 18 -8.39 0.88 17.12
N PRO B 19 14.41 -10.69 10.03
N PRO B 19 -6.27 -13.28 -5.41
N PRO B 19 1.20 -12.51 7.25
N PRO B 19 -8.09 0.40 15.92
CA PRO B 19 15.64 -10.36 10.77
CA PRO B 19 -5.83 -12.70 -6.68
CA PRO B 19 2.22 -13.14 6.41
CA PRO B 19 -8.46 1.09 14.68
C PRO B 19 16.53 -11.56 10.97
C PRO B 19 -5.68 -13.73 -7.76
C PRO B 19 2.06 -14.64 6.35
C PRO B 19 -9.94 1.38 14.62
N SER B 20 15.94 -12.75 10.93
N SER B 20 -5.47 -14.98 -7.37
N SER B 20 1.43 -15.21 7.36
N SER B 20 -10.74 0.62 15.34
CA SER B 20 16.72 -13.97 11.17
CA SER B 20 -5.26 -16.04 -8.37
CA SER B 20 1.28 -16.68 7.42
CA SER B 20 -12.20 0.80 15.29
C SER B 20 17.47 -14.38 9.93
C SER B 20 -6.57 -16.51 -8.94
C SER B 20 0.15 -17.13 6.54
C SER B 20 -12.62 1.95 16.17
N ASP B 21 17.19 -13.71 8.81
N ASP B 21 -7.68 -16.04 -8.37
N ASP B 21 -0.63 -16.18 6.01
N ASP B 21 -11.68 2.49 16.95
CA ASP B 21 17.91 -14.12 7.56
CA ASP B 21 -8.98 -16.50 -8.90
CA ASP B 21 -1.77 -16.62 5.17
CA ASP B 21 -12.09 3.61 17.85
C ASP B 21 19.36 -13.71 7.66
C ASP B 21 -9.23 -15.90 -10.27
C ASP B 21 -1.26 -17.17 3.86
C ASP B 21 -12.37 4.85 17.01
N THR B 22 20.21 -14.50 7.03
N THR B 22 -9.92 -16.64 -11.11
N THR B 22 -1.99 -18.13 3.32
N THR B 22 -13.29 5.66 17.48
CA THR B 22 21.62 -14.19 6.94
CA THR B 22 -10.30 -16.16 -12.42
CA THR B 22 -1.67 -18.69 2.02
CA THR B 22 -13.60 6.92 16.86
C THR B 22 21.84 -13.22 5.76
C THR B 22 -11.60 -15.33 -12.27
C THR B 22 -2.29 -17.78 0.93
C THR B 22 -12.58 7.98 17.38
N ILE B 23 22.98 -12.55 5.83
N ILE B 23 -11.82 -14.51 -13.31
N ILE B 23 -1.74 -17.94 -0.26
N ILE B 23 -12.49 9.05 16.59
CA ILE B 23 23.40 -11.66 4.75
CA ILE B 23 -13.05 -13.72 -13.38
CA ILE B 23 -2.26 -17.23 -1.43
CA ILE B 23 -11.66 10.19 16.96
C ILE B 23 23.57 -12.44 3.44
C ILE B 23 -14.28 -14.64 -13.43
C ILE B 23 -3.71 -17.62 -1.70
C ILE B 23 -12.16 10.80 18.28
N GLU B 24 24.06 -13.66 3.55
N GLU B 24 -14.14 -15.74 -14.12
N GLU B 24 -4.03 -18.89 -1.47
N GLU B 24 -13.46 10.82 18.45
CA GLU B 24 24.20 -14.52 2.33
CA GLU B 24 -15.26 -16.74 -14.18
CA GLU B 24 -5.45 -19.34 -1.63
CA GLU B 24 -14.04 11.34 19.73
C GLU B 24 22.86 -14.71 1.66
C GLU B 24 -15.64 -17.19 -12.79
C GLU B 24 -6.37 -18.56 -0.75
C GLU B 24 -13.51 10.57 20.91
N ASN B 25 21.83 -14.90 2.45
N ASN B 25 -14.65 -17.42 -11.94
N ASN B 25 -5.93 -18.28 0.47
N ASN B 25 -13.40 9.26 20.76
CA ASN B 25 20.44 -15.11 1.98
CA ASN B 25 -14.83 -17.87 -10.56
CA ASN B 25 -6.69 -17.53 1.47
CA ASN B 25 -12.91 8.34 21.80
C ASN B 25 19.91 -13.87 1.27
C ASN B 25 -15.55 -16.82 -9.72
C ASN B 25 -6.92 -16.08 1.05
C ASN B 25 -11.45 8.61 22.14
N VAL B 26 20.16 -12.73 1.89
N VAL B 26 -15.11 -15.57 -9.89
N VAL B 26 -5.84 -15.50 0.54
N VAL B 26 -10.66 8.79 21.07
CA VAL B 26 19.74 -11.45 1.32
CA VAL B 26 -15.71 -14.46 -9.19
CA VAL B 26 -5.91 -14.12 0.05
CA VAL B 26 -9.25 9.08 21.23
C VAL B 26 20.35 -11.29 -0.07
C VAL B 26 -17.20 -14.40 -9.52
C VAL B 26 -6.96 -14.02 -1.05
C VAL B 26 -9.09 10.35 22.06
N LYS B 27 21.65 -11.58 -0.15
N LYS B 27 -17.51 -14.51 -10.80
N LYS B 27 -6.92 -14.98 -1.97
N LYS B 27 -9.86 11.38 21.70
CA LYS B 27 22.36 -11.46 -1.44
CA LYS B 27 -18.91 -14.47 -11.26
CA LYS B 27 -7.88 -14.98 -3.09
CA LYS B 27 -9.79 12.64 22.43
C LYS B 27 21.76 -12.39 -2.48
C LYS B 27 -19.71 -15.60 -10.63
C LYS B 27 -9.30 -15.11 -2.57
C LYS B 27 -10.15 12.46 23.89
N ALA B 28 21.35 -13.57 -2.09
N ALA B 28 -19.13 -16.77 -10.50
N ALA B 28 -9.52 -15.90 -1.53
N ALA B 28 -11.12 11.62 24.19
CA ALA B 28 20.70 -14.52 -2.99
CA ALA B 28 -19.80 -17.90 -9.84
CA ALA B 28 -10.84 -16.03 -0.91
CA ALA B 28 -11.50 11.32 25.58
C ALA B 28 19.35 -14.00 -3.45
C ALA B 28 -20.03 -17.63 -8.38
C ALA B 28 -11.28 -14.73 -0.27
C ALA B 28 -10.38 10.59 26.31
N LYS B 29 18.59 -13.35 -2.58
N LYS B 29 -19.11 -16.99 -7.68
N LYS B 29 -10.38 -13.99 0.36
N LYS B 29 -9.65 9.70 25.66
CA LYS B 29 17.30 -12.74 -2.98
CA LYS B 29 -19.31 -16.61 -6.26
CA LYS B 29 -10.73 -12.67 0.94
CA LYS B 29 -8.49 9.03 26.28
C LYS B 29 17.53 -11.61 -4.01
C LYS B 29 -20.47 -15.61 -6.12
C LYS B 29 -11.14 -11.68 -0.17
C LYS B 29 -7.38 10.04 26.60
N ILE B 30 18.61 -10.86 -3.81
N ILE B 30 -20.57 -14.70 -7.10
N ILE B 30 -10.44 -11.78 -1.31
N ILE B 30 -7.21 11.02 25.71
CA ILE B 30 18.91 -9.77 -4.74
CA ILE B 30 -21.64 -13.69 -7.05
CA ILE B 30 -10.76 -10.87 -2.43
CA ILE B 30 -6.17 12.04 25.92
C ILE B 30 19.32 -10.41 -6.08
C ILE B 30 -22.96 -14.44 -7.32
C ILE B 30 -12.14 -11.29 -2.96
C ILE B 30 -6.64 12.91 27.11
N GLN B 31 20.08 -11.48 -6.04
N GLN B 31 -22.96 -15.39 -8.23
N GLN B 31 -12.42 -12.57 -3.03
N GLN B 31 -7.92 13.21 27.19
CA GLN B 31 20.47 -12.11 -7.34
CA GLN B 31 -24.24 -16.13 -8.48
CA GLN B 31 -13.76 -12.98 -3.55
CA GLN B 31 -8.38 14.05 28.33
C GLN B 31 19.21 -12.59 -8.07
C GLN B 31 -24.66 -16.86 -7.20
C GLN B 31 -14.84 -12.43 -2.61
C GLN B 31 -8.12 13.29 29.64
N ASP B 32 18.38 -13.27 -7.32
N ASP B 32 -23.70 -17.55 -6.65
N ASP B 32 -14.60 -12.67 -1.34
N ASP B 32 -8.54 12.04 29.63
CA ASP B 32 17.11 -13.78 -7.87
CA ASP B 32 -23.93 -18.30 -5.39
CA ASP B 32 -15.54 -12.20 -0.29
CA ASP B 32 -8.35 11.16 30.80
C ASP B 32 16.29 -12.68 -8.50
C ASP B 32 -24.51 -17.41 -4.31
C ASP B 32 -15.81 -10.72 -0.41
C ASP B 32 -6.90 11.13 31.25
N LYS B 33 16.24 -11.50 -7.86
N LYS B 33 -24.00 -16.17 -4.17
N LYS B 33 -14.76 -9.92 -0.67
N LYS B 33 -5.96 11.06 30.28
CA LYS B 33 15.34 -10.47 -8.45
CA LYS B 33 -24.51 -15.35 -3.04
CA LYS B 33 -15.02 -8.45 -0.69
CA LYS B 33 -4.55 10.91 30.74
C LYS B 33 15.97 -9.50 -9.39
C LYS B 33 -25.64 -14.44 -3.34
C LYS B 33 -15.34 -7.84 -2.01
C LYS B 33 -3.77 12.17 30.88
N GLU B 34 17.24 -9.20 -9.37
N GLU B 34 -25.90 -13.97 -4.53
N GLU B 34 -14.97 -8.35 -3.14
N GLU B 34 -4.04 13.27 30.24
CA GLU B 34 17.89 -8.28 -10.27
CA GLU B 34 -26.99 -13.09 -4.87
CA GLU B 34 -15.27 -7.80 -4.45
CA GLU B 34 -3.31 14.51 30.35
C GLU B 34 19.04 -8.87 -11.04
C GLU B 34 -27.90 -13.62 -5.94
C GLU B 34 -15.98 -8.75 -5.37
C GLU B 34 -4.17 15.69 30.74
N GLY B 35 19.40 -10.11 -10.74
N GLY B 35 -27.55 -14.75 -6.54
N GLY B 35 -16.15 -9.99 -4.96
N GLY B 35 -5.48 15.50 30.81
CA GLY B 35 20.44 -10.80 -11.45
CA GLY B 35 -28.38 -15.39 -7.54
CA GLY B 35 -16.89 -10.97 -5.72
CA GLY B 35 -6.39 16.53 31.24
C GLY B 35 21.85 -10.54 -11.11
C GLY B 35 -28.33 -14.90 -8.92
C GLY B 35 -16.21 -11.66 -6.83
C GLY B 35 -6.81 17.56 30.28
N ILE B 36 22.10 -9.73 -10.06
N ILE B 36 -27.46 -13.93 -9.23
N ILE B 36 -14.89 -11.43 -7.02
N ILE B 36 -6.41 17.43 29.00
CA ILE B 36 23.50 -9.45 -9.70
CA ILE B 36 -27.40 -13.42 -10.60
CA ILE B 36 -14.20 -12.11 -8.11
CA ILE B 36 -6.83 18.45 28.02
C ILE B 36 24.10 -10.60 -8.90
C ILE B 36 -26.61 -14.37 -11.50
C ILE B 36 -13.85 -13.54 -7.73
C ILE B 36 -8.26 18.19 27.55
N PRO B 37 25.21 -11.15 -9.36
N PRO B 37 -27.22 -14.80 -12.60
N PRO B 37 -14.28 -14.51 -8.54
N PRO B 37 -9.11 19.20 27.68
CA PRO B 37 25.92 -12.24 -8.66
CA PRO B 37 -26.56 -15.70 -13.57
CA PRO B 37 -13.99 -15.93 -8.31
CA PRO B 37 -10.51 19.12 27.24
C PRO B 37 26.29 -11.84 -7.25
C PRO B 37 -25.29 -15.07 -14.12
C PRO B 37 -12.49 -16.17 -8.24
C PRO B 37 -10.60 18.78 25.76
N PRO B 38 26.11 -12.69 -6.28
N PRO B 38 -24.22 -15.82 -14.24
N PRO B 38 -12.02 -16.97 -7.32
N PRO B 38 -11.48 17.90 25.37
CA PRO B 38 26.44 -12.34 -4.90
CA PRO B 38 -22.97 -15.24 -14.75
CA PRO B 38 -10.57 -17.22 -7.21
CA PRO B 38 -11.59 17.52 23.95
C PRO B 38 27.86 -11.91 -4.71
C PRO B 38 -23.11 -14.61 -16.10
C PRO B 38 -9.96 -17.77 -8.48
C PRO B 38 -11.85 18.69 23.04
N ASP B 39 28.78 -12.45 -5.47
N ASP B 39 -23.97 -15.11 -16.95
N ASP B 39 -10.70 -18.54 -9.24
N ASP B 39 -12.56 19.70 23.51
CA ASP B 39 30.22 -12.12 -5.31
CA ASP B 39 -24.12 -14.57 -18.32
CA ASP B 39 -10.15 -19.16 -10.48
CA ASP B 39 -12.90 20.86 22.65
C ASP B 39 30.53 -10.68 -5.71
C ASP B 39 -24.72 -13.16 -18.33
C ASP B 39 -9.85 -18.12 -11.56
C ASP B 39 -11.67 21.70 22.29
N GLN B 40 29.60 -10.05 -6.41
N GLN B 40 -25.29 -12.76 -17.21
N GLN B 40 -10.39 -16.93 -11.40
N GLN B 40 -10.59 21.49 23.02
CA GLN B 40 29.82 -8.64 -6.81
CA GLN B 40 -25.88 -11.40 -17.12
CA GLN B 40 -10.12 -15.86 -12.39
CA GLN B 40 -9.35 22.25 22.72
C GLN B 40 29.16 -7.65 -5.83
C GLN B 40 -24.89 -10.39 -16.49
C GLN B 40 -8.96 -14.94 -11.95
C GLN B 40 -8.40 21.46 21.81
N GLN B 41 28.32 -8.15 -4.93
N GLN B 41 -23.81 -10.86 -15.93
N GLN B 41 -8.53 -15.06 -10.72
N GLN B 41 -8.66 20.18 21.59
CA GLN B 41 27.60 -7.32 -3.99
CA GLN B 41 -22.83 -10.04 -15.26
CA GLN B 41 -7.48 -14.23 -10.17
CA GLN B 41 -7.83 19.32 20.80
C GLN B 41 28.34 -6.96 -2.72
C GLN B 41 -21.77 -9.42 -16.14
C GLN B 41 -6.06 -14.67 -10.45
C GLN B 41 -8.07 19.35 19.30
N ARG B 42 28.32 -5.67 -2.42
N ARG B 42 -21.61 -8.11 -15.98
N ARG B 42 -5.26 -13.73 -10.94
N ARG B 42 -6.98 19.52 18.56
CA ARG B 42 28.86 -5.16 -1.12
CA ARG B 42 -20.50 -7.37 -16.65
CA ARG B 42 -3.79 -13.96 -11.10
CA ARG B 42 -7.02 19.40 17.08
C ARG B 42 27.69 -4.45 -0.46
C ARG B 42 -19.71 -6.75 -15.52
C ARG B 42 -3.13 -12.88 -10.26
C ARG B 42 -6.03 18.30 16.75
N LEU B 43 27.20 -4.93 0.68
N LEU B 43 -18.45 -7.13 -15.31
N LEU B 43 -2.40 -13.24 -9.21
N LEU B 43 -6.47 17.18 16.18
CA LEU B 43 26.02 -4.29 1.32
CA LEU B 43 -17.67 -6.58 -14.17
CA LEU B 43 -1.78 -12.22 -8.32
CA LEU B 43 -5.55 16.06 15.89
C LEU B 43 26.47 -3.45 2.50
C LEU B 43 -16.67 -5.54 -14.68
C LEU B 43 -0.30 -12.10 -8.63
C LEU B 43 -5.23 16.01 14.41
N ILE B 44 25.99 -2.21 2.54
N ILE B 44 -16.67 -4.37 -14.03
N ILE B 44 0.16 -10.87 -8.81
N ILE B 44 -3.93 15.93 14.09
CA ILE B 44 26.35 -1.25 3.57
CA ILE B 44 -15.83 -3.25 -14.42
CA ILE B 44 1.56 -10.58 -9.16
CA ILE B 44 -3.45 15.93 12.72
C ILE B 44 25.13 -0.74 4.34
C ILE B 44 -14.91 -2.81 -13.29
C ILE B 44 2.21 -9.65 -8.15
C ILE B 44 -2.64 14.69 12.40
N PHE B 45 25.26 -0.76 5.69
N PHE B 45 -13.62 -2.64 -13.64
N PHE B 45 3.43 -10.07 -7.72
N PHE B 45 -2.98 14.07 11.24
CA PHE B 45 24.18 -0.25 6.57
CA PHE B 45 -12.60 -2.17 -12.68
CA PHE B 45 4.23 -9.26 -6.78
CA PHE B 45 -2.26 12.88 10.76
C PHE B 45 24.91 0.40 7.76
C PHE B 45 -11.65 -1.28 -13.50
C PHE B 45 5.69 -9.47 -7.20
C PHE B 45 -2.24 13.02 9.22
N ALA B 46 24.49 1.61 8.00
N ALA B 46 -11.45 -0.11 -12.93
N ALA B 46 6.33 -8.34 -7.34
N ALA B 46 -1.03 12.86 8.73
CA ALA B 46 24.98 2.43 9.13
CA ALA B 46 -10.53 0.91 -13.47
CA ALA B 46 7.77 -8.26 -7.69
CA ALA B 46 -0.73 12.89 7.29
C ALA B 46 26.50 2.42 9.17
C ALA B 46 -10.78 1.11 -14.97
C ALA B 46 8.09 -9.16 -8.88
C ALA B 46 -1.39 14.09 6.62
N GLY B 47 27.07 2.61 8.02
N GLY B 47 -12.03 1.22 -15.29
N GLY B 47 7.25 -9.06 -9.86
N GLY B 47 -1.24 15.20 7.27
CA GLY B 47 28.47 2.65 7.73
CA GLY B 47 -12.60 1.41 -16.60
CA GLY B 47 7.26 -9.78 -11.10
CA GLY B 47 -1.73 16.50 6.93
C GLY B 47 29.27 1.41 7.99
C GLY B 47 -12.36 0.33 -17.62
C GLY B 47 7.13 -11.28 -11.05
C GLY B 47 -3.22 16.68 6.85
N LYS B 48 28.64 0.27 8.06
N LYS B 48 -12.06 -0.87 -17.19
N LYS B 48 6.60 -11.81 -9.97
N LYS B 48 -3.98 15.84 7.49
CA LYS B 48 29.33 -1.01 8.27
CA LYS B 48 -11.85 -2.01 -18.09
CA LYS B 48 6.39 -13.26 -9.83
CA LYS B 48 -5.44 15.95 7.52
C LYS B 48 29.12 -1.85 7.01
C LYS B 48 -12.96 -3.02 -17.80
C LYS B 48 4.86 -13.49 -9.76
C LYS B 48 -5.85 16.22 8.98
N GLN B 49 30.12 -2.60 6.59
N GLN B 49 -13.48 -3.68 -18.82
N GLN B 49 4.38 -14.55 -10.35
N GLN B 49 -6.84 17.04 9.20
CA GLN B 49 29.93 -3.53 5.44
CA GLN B 49 -14.47 -4.77 -18.58
CA GLN B 49 2.94 -14.88 -10.20
CA GLN B 49 -7.35 17.25 10.58
C GLN B 49 29.36 -4.79 6.09
C GLN B 49 -13.60 -6.00 -18.34
C GLN B 49 2.87 -15.69 -8.91
C GLN B 49 -8.35 16.12 10.78
N LEU B 50 28.28 -5.32 5.54
N LEU B 50 -13.87 -6.73 -17.28
N LEU B 50 1.98 -15.34 -8.01
N LEU B 50 -8.26 15.39 11.86
CA LEU B 50 27.61 -6.48 6.13
CA LEU B 50 -13.04 -7.89 -16.90
CA LEU B 50 1.90 -16.00 -6.69
CA LEU B 50 -9.12 14.23 12.11
C LEU B 50 28.34 -7.76 5.77
C LEU B 50 -13.41 -9.10 -17.75
C LEU B 50 1.18 -17.33 -6.81
C LEU B 50 -10.49 14.68 12.60
N GLU B 51 28.49 -8.68 6.71
N GLU B 51 -12.41 -9.86 -18.20
N GLU B 51 1.67 -18.35 -6.12
N GLU B 51 -11.56 14.06 12.10
CA GLU B 51 29.24 -9.92 6.45
CA GLU B 51 -12.68 -11.02 -19.08
CA GLU B 51 1.06 -19.70 -6.23
CA GLU B 51 -12.92 14.47 12.49
C GLU B 51 28.28 -11.06 6.21
C GLU B 51 -12.62 -12.28 -18.28
C GLU B 51 0.20 -19.96 -5.02
C GLU B 51 -13.47 13.52 13.52
N ASP B 52 28.53 -11.94 5.28
N ASP B 52 -13.49 -13.24 -18.50
N ASP B 52 -0.95 -20.57 -5.16
N ASP B 52 -14.17 13.98 14.52
CA ASP B 52 27.66 -13.04 4.87
CA ASP B 52 -13.60 -14.49 -17.76
CA ASP B 52 -1.93 -20.82 -4.11
CA ASP B 52 -14.70 13.20 15.63
C ASP B 52 27.05 -13.96 5.91
C ASP B 52 -12.38 -15.34 -17.48
C ASP B 52 -1.50 -21.41 -2.78
C ASP B 52 -15.46 11.91 15.39
N GLY B 53 27.79 -14.36 6.91
N GLY B 53 -11.50 -15.50 -18.44
N GLY B 53 -0.63 -22.41 -2.80
N GLY B 53 -16.32 11.89 14.41
CA GLY B 53 27.36 -15.29 7.96
CA GLY B 53 -10.29 -16.33 -18.35
CA GLY B 53 -0.16 -23.13 -1.61
CA GLY B 53 -17.18 10.74 14.07
C GLY B 53 26.58 -14.69 9.09
C GLY B 53 -9.11 -15.71 -17.70
C GLY B 53 0.95 -22.49 -0.84
C GLY B 53 -16.56 9.67 13.23
N ARG B 54 26.48 -13.38 9.19
N ARG B 54 -9.14 -14.41 -17.42
N ARG B 54 1.57 -21.42 -1.36
N ARG B 54 -15.37 9.90 12.69
CA ARG B 54 25.67 -12.71 10.23
CA ARG B 54 -8.03 -13.74 -16.71
CA ARG B 54 2.61 -20.68 -0.63
CA ARG B 54 -14.65 8.87 11.90
C ARG B 54 24.24 -12.63 9.72
C ARG B 54 -8.26 -13.91 -15.21
C ARG B 54 1.94 -19.67 0.27
C ARG B 54 -13.87 7.99 12.88
N THR B 55 23.33 -12.34 10.61
N THR B 55 -7.24 -13.64 -14.43
N THR B 55 2.68 -19.12 1.21
N THR B 55 -13.41 6.86 12.41
CA THR B 55 21.89 -12.16 10.29
CA THR B 55 -7.30 -13.69 -12.95
CA THR B 55 2.21 -18.07 2.13
CA THR B 55 -12.59 5.92 13.20
C THR B 55 21.62 -10.63 10.35
C THR B 55 -7.35 -12.22 -12.45
C THR B 55 2.83 -16.74 1.64
C THR B 55 -11.13 6.07 12.68
N LEU B 56 20.49 -10.24 9.79
N LEU B 56 -7.72 -12.06 -11.20
N LEU B 56 2.29 -15.64 2.14
N LEU B 56 -10.19 5.56 13.45
CA LEU B 56 20.04 -8.84 9.80
CA LEU B 56 -7.77 -10.74 -10.56
CA LEU B 56 2.80 -14.30 1.83
CA LEU B 56 -8.77 5.56 13.08
C LEU B 56 19.87 -8.41 11.25
C LEU B 56 -6.35 -10.15 -10.57
C LEU B 56 4.24 -14.21 2.32
C LEU B 56 -8.61 4.77 11.79
N SER B 57 19.39 -9.33 12.11
N SER B 57 -5.33 -11.00 -10.39
N SER B 57 4.54 -14.85 3.47
N SER B 57 -9.40 3.68 11.63
CA SER B 57 19.20 -8.91 13.53
CA SER B 57 -3.95 -10.44 -10.40
CA SER B 57 5.94 -14.75 3.96
CA SER B 57 -9.24 2.90 10.38
C SER B 57 20.51 -8.55 14.19
C SER B 57 -3.60 -9.82 -11.73
C SER B 57 6.92 -15.39 3.01
C SER B 57 -9.60 3.71 9.15
N ASP B 58 21.59 -9.18 13.77
N ASP B 58 -4.16 -10.34 -12.80
N ASP B 58 6.48 -16.41 2.28
N ASP B 58 -10.52 4.65 9.30
CA ASP B 58 22.93 -8.89 14.34
CA ASP B 58 -3.88 -9.80 -14.17
CA ASP B 58 7.36 -17.11 1.31
CA ASP B 58 -10.95 5.50 8.16
C ASP B 58 23.25 -7.40 14.26
C ASP B 58 -4.19 -8.31 -14.23
C ASP B 58 7.96 -16.11 0.31
C ASP B 58 -9.75 6.21 7.52
N TYR B 59 22.89 -6.81 13.16
N TYR B 59 -5.24 -7.93 -13.59
N TYR B 59 7.15 -15.18 -0.09
N TYR B 59 -8.86 6.63 8.37
CA TYR B 59 23.08 -5.40 12.87
CA TYR B 59 -5.71 -6.54 -13.50
CA TYR B 59 7.52 -14.13 -1.03
CA TYR B 59 -7.62 7.32 7.97
C TYR B 59 21.92 -4.54 13.31
C TYR B 59 -5.15 -5.80 -12.31
C TYR B 59 8.05 -12.88 -0.35
C TYR B 59 -6.46 6.37 7.77
N ASN B 60 20.89 -5.05 13.96
N ASN B 60 -4.26 -6.36 -11.52
N ASN B 60 8.23 -12.84 0.95
N ASN B 60 -6.61 5.06 7.84
CA ASN B 60 19.78 -4.17 14.37
CA ASN B 60 -3.75 -5.59 -10.36
CA ASN B 60 8.75 -11.61 1.57
CA ASN B 60 -5.45 4.18 7.64
C ASN B 60 19.15 -3.48 13.16
C ASN B 60 -4.87 -5.16 -9.43
C ASN B 60 7.85 -10.42 1.28
C ASN B 60 -4.32 4.49 8.61
N ILE B 61 18.91 -4.22 12.11
N ILE B 61 -5.77 -6.05 -9.13
N ILE B 61 6.55 -10.60 1.42
N ILE B 61 -4.67 4.66 9.88
CA ILE B 61 18.22 -3.66 10.90
CA ILE B 61 -6.88 -5.75 -8.17
CA ILE B 61 5.58 -9.48 1.24
CA ILE B 61 -3.65 4.88 10.94
C ILE B 61 16.72 -3.86 11.14
C ILE B 61 -6.34 -6.13 -6.79
C ILE B 61 5.43 -8.83 2.61
C ILE B 61 -3.24 3.49 11.43
N GLN B 62 15.96 -2.82 11.24
N GLN B 62 -6.19 -5.18 -5.90
N GLN B 62 5.82 -7.59 2.75
N GLN B 62 -2.02 3.09 11.26
CA GLN B 62 14.50 -2.89 11.55
CA GLN B 62 -5.61 -5.40 -4.54
CA GLN B 62 5.79 -6.86 4.05
CA GLN B 62 -1.53 1.73 11.64
C GLN B 62 13.70 -2.64 10.26
C GLN B 62 -6.73 -5.44 -3.50
C GLN B 62 4.60 -5.90 4.08
C GLN B 62 -0.72 1.83 12.94
N LYS B 63 12.39 -2.88 10.30
N LYS B 63 -6.43 -5.84 -2.28
N LYS B 63 4.30 -5.33 5.24
N LYS B 63 -0.39 0.69 13.53
CA LYS B 63 11.54 -2.75 9.13
CA LYS B 63 -7.41 -5.98 -1.23
CA LYS B 63 3.15 -4.45 5.40
CA LYS B 63 0.33 0.65 14.80
C LYS B 63 11.71 -1.35 8.54
C LYS B 63 -8.17 -4.67 -1.07
C LYS B 63 3.23 -3.33 4.38
C LYS B 63 1.61 1.47 14.68
N GLU B 64 11.68 -1.35 7.20
N GLU B 64 -9.47 -4.85 -0.80
N GLU B 64 2.02 -2.98 3.90
N GLU B 64 1.89 2.13 15.81
CA GLU B 64 11.80 -0.19 6.36
CA GLU B 64 -10.44 -3.80 -0.59
CA GLU B 64 1.79 -1.95 2.93
CA GLU B 64 3.04 2.98 16.00
C GLU B 64 13.12 0.52 6.34
C GLU B 64 -10.78 -2.92 -1.75
C GLU B 64 2.30 -2.16 1.54
C GLU B 64 3.12 4.25 15.21
N SER B 65 14.14 -0.19 6.76
N SER B 65 -10.49 -3.43 -2.94
N SER B 65 2.58 -3.42 1.23
N SER B 65 1.97 4.66 14.71
CA SER B 65 15.53 0.28 6.73
CA SER B 65 -10.84 -2.79 -4.21
CA SER B 65 2.99 -3.85 -0.11
CA SER B 65 1.81 5.94 13.98
C SER B 65 15.97 0.28 5.24
C SER B 65 -12.38 -2.93 -4.38
C SER B 65 1.75 -3.75 -1.03
C SER B 65 1.93 7.07 15.03
N THR B 66 16.99 1.03 4.93
N THR B 66 -12.96 -2.08 -5.20
N THR B 66 1.96 -3.68 -2.32
N THR B 66 2.22 8.26 14.59
CA THR B 66 17.57 1.06 3.58
CA THR B 66 -14.38 -2.16 -5.52
CA THR B 66 0.88 -3.68 -3.31
CA THR B 66 2.28 9.45 15.45
C THR B 66 19.02 0.60 3.65
C THR B 66 -14.54 -2.40 -7.02
C THR B 66 1.03 -4.90 -4.21
C THR B 66 1.24 10.46 14.96
N LEU B 67 19.41 -0.40 2.85
N LEU B 67 -15.30 -3.43 -7.41
N LEU B 67 -0.03 -5.70 -4.35
N LEU B 67 0.37 10.93 15.85
CA LEU B 67 20.81 -0.81 2.80
CA LEU B 67 -15.58 -3.66 -8.83
CA LEU B 67 0.01 -6.83 -5.28
CA LEU B 67 -0.58 11.98 15.47
C LEU B 67 21.38 -0.21 1.49
C LEU B 67 -17.02 -3.17 -9.05
C LEU B 67 -0.80 -6.39 -6.52
C LEU B 67 -0.02 13.28 16.09
N HIS B 68 22.64 0.01 1.44
N HIS B 68 -17.35 -2.79 -10.24
N HIS B 68 -0.53 -6.93 -7.65
N HIS B 68 -0.35 14.40 15.54
CA HIS B 68 23.23 0.54 0.17
CA HIS B 68 -18.74 -2.35 -10.51
CA HIS B 68 -1.32 -6.55 -8.85
CA HIS B 68 0.13 15.67 16.13
C HIS B 68 23.96 -0.64 -0.47
C HIS B 68 -19.39 -3.49 -11.29
C HIS B 68 -2.25 -7.74 -9.12
C HIS B 68 -1.08 16.29 16.81
N LEU B 69 23.79 -0.79 -1.76
N LEU B 69 -20.61 -3.85 -10.92
N LEU B 69 -3.50 -7.46 -9.41
N LEU B 69 -0.89 16.80 18.02
CA LEU B 69 24.49 -1.83 -2.52
CA LEU B 69 -21.37 -4.87 -11.64
CA LEU B 69 -4.47 -8.49 -9.76
CA LEU B 69 -1.95 17.49 18.75
C LEU B 69 25.57 -1.25 -3.39
C LEU B 69 -22.48 -4.26 -12.45
C LEU B 69 -4.80 -8.46 -11.22
C LEU B 69 -1.71 18.96 18.80
N VAL B 70 26.81 -1.55 -3.15
N VAL B 70 -22.45 -4.36 -13.73
N VAL B 70 -4.49 -9.47 -11.97
N VAL B 70 -2.56 19.76 18.21
CA VAL B 70 27.91 -1.08 -4.05
CA VAL B 70 -23.59 -3.87 -14.57
CA VAL B 70 -4.89 -9.53 -13.40
CA VAL B 70 -2.41 21.24 18.32
C VAL B 70 28.34 -2.35 -4.78
C VAL B 70 -24.25 -5.16 -15.07
C VAL B 70 -6.00 -10.60 -13.42
C VAL B 70 -3.58 21.64 19.24
N LEU B 71 28.63 -2.26 -6.05
N LEU B 71 -25.57 -5.19 -15.11
N LEU B 71 -7.04 -10.38 -14.19
N LEU B 71 -3.35 22.58 20.14
CA LEU B 71 29.09 -3.42 -6.83
CA LEU B 71 -26.29 -6.38 -15.61
CA LEU B 71 -8.12 -11.38 -14.30
CA LEU B 71 -4.43 23.05 21.04
C LEU B 71 30.59 -3.44 -6.89
C LEU B 71 -26.64 -6.20 -17.06
C LEU B 71 -7.91 -12.25 -15.51
C LEU B 71 -5.05 24.29 20.48
N MET A 1 6.38 18.40 -20.67
CA MET A 1 5.74 19.56 -20.05
C MET A 1 6.28 19.67 -18.60
N GLN A 2 6.34 20.88 -18.14
CA GLN A 2 6.81 21.11 -16.74
C GLN A 2 5.61 21.10 -15.81
N ILE A 3 5.80 20.45 -14.66
CA ILE A 3 4.77 20.47 -13.61
C ILE A 3 5.53 20.83 -12.30
N PHE A 4 4.75 21.23 -11.33
CA PHE A 4 5.40 21.59 -10.01
C PHE A 4 4.91 20.64 -8.96
N VAL A 5 5.74 20.16 -8.03
CA VAL A 5 5.27 19.32 -6.95
C VAL A 5 5.58 20.10 -5.65
N LYS A 6 4.57 20.50 -4.95
CA LYS A 6 4.78 21.30 -3.70
C LYS A 6 4.77 20.35 -2.53
N THR A 7 5.82 20.41 -1.68
CA THR A 7 5.88 19.52 -0.51
C THR A 7 5.42 20.27 0.74
N LEU A 8 5.24 19.58 1.84
CA LEU A 8 4.74 20.24 3.07
C LEU A 8 5.81 21.08 3.74
N THR A 9 7.06 21.03 3.24
CA THR A 9 8.08 21.90 3.94
C THR A 9 8.35 23.16 3.18
N GLY A 10 7.52 23.50 2.24
CA GLY A 10 7.67 24.69 1.43
C GLY A 10 8.68 24.63 0.33
N LYS A 11 9.10 23.43 0.00
CA LYS A 11 10.01 23.21 -1.12
C LYS A 11 9.11 22.84 -2.31
N THR A 12 9.42 23.38 -3.48
CA THR A 12 8.62 22.98 -4.66
C THR A 12 9.61 22.35 -5.64
N ILE A 13 9.25 21.19 -6.17
CA ILE A 13 10.23 20.60 -7.13
C ILE A 13 9.65 20.67 -8.52
N THR A 14 10.47 20.94 -9.51
CA THR A 14 9.89 20.97 -10.89
C THR A 14 10.25 19.66 -11.57
N LEU A 15 9.33 19.09 -12.33
CA LEU A 15 9.58 17.83 -13.01
C LEU A 15 9.25 18.02 -14.49
N GLU A 16 9.89 17.22 -15.31
CA GLU A 16 9.51 17.26 -16.76
C GLU A 16 8.85 15.92 -17.00
N VAL A 17 7.60 16.03 -17.42
CA VAL A 17 6.77 14.86 -17.67
C VAL A 17 5.93 15.04 -18.95
N GLU A 18 5.32 13.93 -19.31
CA GLU A 18 4.37 13.84 -20.41
C GLU A 18 3.06 13.38 -19.82
N PRO A 19 1.95 13.87 -20.34
CA PRO A 19 0.61 13.47 -19.90
C PRO A 19 0.43 11.98 -19.97
N SER A 20 1.19 11.31 -20.81
CA SER A 20 1.03 9.85 -20.98
C SER A 20 1.72 9.11 -19.87
N ASP A 21 2.49 9.83 -19.05
CA ASP A 21 3.19 9.10 -17.96
C ASP A 21 2.21 8.63 -16.92
N THR A 22 2.51 7.52 -16.30
CA THR A 22 1.71 6.99 -15.21
C THR A 22 2.16 7.68 -13.91
N ILE A 23 1.25 7.61 -12.94
CA ILE A 23 1.52 8.13 -11.60
C ILE A 23 2.72 7.40 -10.98
N GLU A 24 2.80 6.12 -11.24
CA GLU A 24 3.98 5.32 -10.73
C GLU A 24 5.27 5.90 -11.23
N CYS A 25 5.30 6.34 -12.52
CA CYS A 25 6.50 6.91 -13.13
C CYS A 25 6.85 8.24 -12.50
N VAL A 26 5.82 9.05 -12.28
CA VAL A 26 6.04 10.34 -11.65
C VAL A 26 6.71 10.15 -10.29
N LYS A 27 6.18 9.20 -9.52
CA LYS A 27 6.74 8.92 -8.19
C LYS A 27 8.19 8.48 -8.29
N ALA A 28 8.54 7.70 -9.30
CA ALA A 28 9.92 7.29 -9.53
C ALA A 28 10.80 8.47 -9.89
N LYS A 29 10.31 9.43 -10.66
CA LYS A 29 11.09 10.64 -10.97
C LYS A 29 11.35 11.47 -9.69
N ILE A 30 10.35 11.49 -8.81
CA ILE A 30 10.50 12.25 -7.55
C ILE A 30 11.53 11.50 -6.70
N GLN A 31 11.49 10.19 -6.69
CA GLN A 31 12.50 9.45 -5.86
C GLN A 31 13.90 9.76 -6.40
N ASP A 32 14.01 9.63 -7.70
CA ASP A 32 15.30 9.91 -8.37
C ASP A 32 15.83 11.29 -8.03
N LYS A 33 14.94 12.30 -7.98
CA LYS A 33 15.50 13.66 -7.74
C LYS A 33 15.53 14.13 -6.33
N GLU A 34 14.74 13.67 -5.41
CA GLU A 34 14.73 14.09 -4.02
C GLU A 34 14.92 12.96 -3.04
N GLY A 35 14.94 11.73 -3.52
CA GLY A 35 15.18 10.58 -2.69
C GLY A 35 14.07 10.02 -1.89
N ILE A 36 12.84 10.55 -2.06
CA ILE A 36 11.72 10.01 -1.29
C ILE A 36 11.20 8.72 -1.91
N PRO A 37 11.15 7.65 -1.13
CA PRO A 37 10.64 6.34 -1.58
C PRO A 37 9.21 6.46 -2.09
N PRO A 38 8.88 5.84 -3.19
CA PRO A 38 7.51 5.95 -3.73
C PRO A 38 6.45 5.52 -2.76
N ASP A 39 6.74 4.57 -1.90
CA ASP A 39 5.72 4.05 -0.95
C ASP A 39 5.34 5.08 0.11
N GLN A 40 6.16 6.11 0.23
CA GLN A 40 5.83 7.18 1.22
C GLN A 40 5.08 8.36 0.58
N GLN A 41 5.02 8.40 -0.74
CA GLN A 41 4.40 9.48 -1.46
C GLN A 41 2.90 9.36 -1.66
N ARG A 42 2.21 10.46 -1.32
CA ARG A 42 0.75 10.57 -1.60
C ARG A 42 0.62 11.80 -2.48
N LEU A 43 0.18 11.67 -3.73
CA LEU A 43 0.09 12.84 -4.63
C LEU A 43 -1.35 13.30 -4.76
N ILE A 44 -1.57 14.59 -4.57
CA ILE A 44 -2.91 15.19 -4.61
C ILE A 44 -3.02 16.28 -5.66
N PHE A 45 -4.11 16.19 -6.46
CA PHE A 45 -4.39 17.20 -7.50
C PHE A 45 -5.92 17.33 -7.53
N ALA A 46 -6.32 18.58 -7.46
CA ALA A 46 -7.74 18.98 -7.52
C ALA A 46 -8.59 18.14 -6.58
N GLY A 47 -8.08 17.99 -5.40
CA GLY A 47 -8.62 17.24 -4.29
C GLY A 47 -8.80 15.76 -4.47
N CYS A 48 -8.13 15.15 -5.41
CA CYS A 48 -8.12 13.71 -5.63
C CYS A 48 -6.78 13.12 -5.25
N GLN A 49 -6.74 11.97 -4.70
CA GLN A 49 -5.43 11.30 -4.47
C GLN A 49 -5.16 10.55 -5.77
N LEU A 50 -3.98 10.72 -6.33
CA LEU A 50 -3.65 10.11 -7.64
C LEU A 50 -3.29 8.65 -7.46
N GLU A 51 -3.77 7.80 -8.37
CA GLU A 51 -3.53 6.34 -8.25
C GLU A 51 -2.42 5.92 -9.18
N ASP A 52 -1.53 5.06 -8.79
CA ASP A 52 -0.35 4.62 -9.54
C ASP A 52 -0.48 4.20 -10.99
N GLY A 53 -1.50 3.45 -11.32
CA GLY A 53 -1.74 2.91 -12.67
C GLY A 53 -2.40 3.82 -13.65
N ARG A 54 -2.89 4.98 -13.21
CA ARG A 54 -3.49 5.96 -14.13
C ARG A 54 -2.37 6.83 -14.68
N THR A 55 -2.66 7.57 -15.72
CA THR A 55 -1.72 8.53 -16.36
C THR A 55 -2.16 9.94 -15.93
N LEU A 56 -1.27 10.90 -16.12
CA LEU A 56 -1.55 12.31 -15.83
C LEU A 56 -2.72 12.75 -16.70
N SER A 57 -2.80 12.25 -17.95
CA SER A 57 -3.93 12.69 -18.80
C SER A 57 -5.26 12.26 -18.24
N ASP A 58 -5.29 11.15 -17.53
CA ASP A 58 -6.56 10.64 -16.93
C ASP A 58 -7.20 11.71 -16.05
N TYR A 59 -6.37 12.41 -15.33
CA TYR A 59 -6.76 13.49 -14.42
C TYR A 59 -6.79 14.84 -15.09
N ASN A 60 -6.55 14.98 -16.38
CA ASN A 60 -6.58 16.32 -16.99
C ASN A 60 -5.58 17.25 -16.32
N ILE A 61 -4.36 16.77 -16.10
CA ILE A 61 -3.28 17.62 -15.54
C ILE A 61 -2.59 18.28 -16.73
N GLN A 62 -2.64 19.57 -16.85
CA GLN A 62 -2.07 20.32 -18.00
C GLN A 62 -0.74 20.97 -17.58
N LYS A 63 0.04 21.51 -18.58
CA LYS A 63 1.33 22.10 -18.24
C LYS A 63 1.17 23.16 -17.17
N GLU A 64 2.22 23.18 -16.36
CA GLU A 64 2.37 24.09 -15.26
C GLU A 64 1.44 23.96 -14.10
N SER A 65 0.81 22.79 -14.03
CA SER A 65 -0.07 22.42 -12.91
C SER A 65 0.84 22.18 -11.68
N THR A 66 0.25 22.25 -10.50
CA THR A 66 0.96 21.97 -9.25
C THR A 66 0.29 20.77 -8.56
N LEU A 67 1.06 19.74 -8.22
CA LEU A 67 0.49 18.62 -7.46
C LEU A 67 0.98 18.81 -6.00
N HIS A 68 0.26 18.31 -5.06
CA HIS A 68 0.72 18.43 -3.66
C HIS A 68 1.24 17.05 -3.26
N LEU A 69 2.38 17.02 -2.60
CA LEU A 69 2.96 15.77 -2.10
C LEU A 69 2.83 15.67 -0.60
N VAL A 70 2.10 14.73 -0.09
CA VAL A 70 2.03 14.52 1.38
C VAL A 70 2.81 13.21 1.60
N LEU A 71 3.60 13.15 2.65
CA LEU A 71 4.36 11.93 2.95
C LEU A 71 3.61 11.09 3.95
N ARG A 72 3.52 9.80 3.73
N ARG A 72 3.49 9.80 3.75
N ARG A 72 3.60 9.79 3.76
N ARG A 72 3.57 9.79 3.75
CA ARG A 72 2.78 8.91 4.65
CA ARG A 72 2.72 8.96 4.71
CA ARG A 72 2.94 8.87 4.70
CA ARG A 72 2.87 8.88 4.68
C ARG A 72 3.79 7.85 5.10
C ARG A 72 3.46 7.63 4.78
C ARG A 72 3.96 7.76 4.97
C ARG A 72 3.90 7.83 5.08
N LEU A 73 4.06 7.68 6.35
N LEU A 73 3.08 6.71 5.60
N LEU A 73 3.64 6.73 5.70
N LEU A 73 3.87 7.30 6.25
CA LEU A 73 5.03 6.65 6.78
CA LEU A 73 3.81 5.42 5.66
CA LEU A 73 4.65 5.68 5.95
CA LEU A 73 4.89 6.29 6.63
C LEU A 73 4.32 5.47 7.41
C LEU A 73 2.96 4.38 6.38
C LEU A 73 3.95 4.37 6.25
C LEU A 73 4.42 5.50 7.85
N ARG A 74 4.51 4.32 6.78
N ARG A 74 2.89 3.22 5.75
N ARG A 74 4.58 3.30 5.76
N ARG A 74 5.40 5.18 8.68
CA ARG A 74 3.89 3.07 7.23
CA ARG A 74 2.12 2.08 6.28
CA ARG A 74 4.05 1.94 5.94
CA ARG A 74 5.15 4.40 9.91
C ARG A 74 4.66 2.54 8.44
C ARG A 74 0.69 2.16 5.74
C ARG A 74 5.12 0.95 5.47
C ARG A 74 4.78 2.97 9.53
N GLY A 75 3.90 2.23 9.48
N GLY A 75 -0.04 1.08 5.95
N GLY A 75 5.01 -0.27 5.99
N GLY A 75 4.65 2.14 10.56
CA GLY A 75 4.43 1.72 10.74
CA GLY A 75 -1.42 0.94 5.50
CA GLY A 75 5.93 -1.36 5.69
CA GLY A 75 4.31 0.73 10.41
C GLY A 75 4.02 0.30 11.08
C GLY A 75 -1.79 -0.43 4.97
C GLY A 75 6.06 -2.41 6.78
C GLY A 75 4.15 -0.03 11.70
N GLY A 76 4.96 -0.40 11.70
N GLY A 76 -3.05 -0.76 5.21
N GLY A 76 6.91 -3.37 6.48
N GLY A 76 3.95 -1.33 11.54
CA GLY A 76 4.81 -1.79 12.15
CA GLY A 76 -3.67 -2.03 4.78
CA GLY A 76 7.24 -4.50 7.37
CA GLY A 76 3.77 -2.29 12.64
C GLY A 76 4.52 -2.67 10.93
C GLY A 76 -5.08 -2.10 5.39
C GLY A 76 5.95 -4.95 8.07
C GLY A 76 2.27 -2.59 12.79
N MET B 1 8.00 -9.63 4.56
N MET B 1 -10.50 -12.00 4.10
N MET B 1 -2.98 -10.74 7.05
N MET B 1 -5.64 -1.73 20.90
CA MET B 1 7.92 -8.17 4.78
CA MET B 1 -10.87 -10.57 4.19
CA MET B 1 -2.18 -9.62 6.54
CA MET B 1 -4.31 -1.51 20.30
C MET B 1 8.75 -7.50 3.65
C MET B 1 -12.25 -10.42 3.50
C MET B 1 -3.01 -8.94 5.44
C MET B 1 -3.75 -0.21 20.93
N GLN B 2 8.32 -6.32 3.31
N GLN B 2 -12.99 -9.47 3.99
N GLN B 2 -2.80 -7.66 5.32
N GLN B 2 -2.46 -0.19 21.03
CA GLN B 2 9.07 -5.56 2.25
CA GLN B 2 -14.32 -9.21 3.37
CA GLN B 2 -3.52 -6.90 4.24
CA GLN B 2 -1.79 1.03 21.59
C GLN B 2 10.11 -4.69 2.93
C GLN B 2 -14.17 -8.17 2.27
C GLN B 2 -2.67 -6.89 2.99
C GLN B 2 -1.46 1.98 20.43
N ILE B 3 11.29 -4.65 2.32
N ILE B 3 -14.86 -8.40 1.18
N ILE B 3 -3.34 -7.09 1.85
N ILE B 3 -1.69 3.26 20.68
CA ILE B 3 12.35 -3.74 2.78
CA ILE B 3 -14.92 -7.41 0.08
CA ILE B 3 -2.66 -6.96 0.55
CA ILE B 3 -1.29 4.30 19.72
C ILE B 3 12.86 -3.02 1.50
C ILE B 3 -16.43 -7.27 -0.28
C ILE B 3 -3.58 -6.04 -0.31
C ILE B 3 -0.54 5.38 20.56
N PHE B 4 13.55 -1.94 1.74
N PHE B 4 -16.70 -6.18 -0.96
N PHE B 4 -2.99 -5.54 -1.37
N PHE B 4 0.19 6.19 19.83
CA PHE B 4 14.11 -1.16 0.56
CA PHE B 4 -18.14 -5.96 -1.36
CA PHE B 4 -3.80 -4.64 -2.27
CA PHE B 4 0.94 7.28 20.56
C PHE B 4 15.60 -1.19 0.62
C PHE B 4 -18.23 -6.00 -2.86
C PHE B 4 -3.93 -5.29 -3.61
C PHE B 4 0.41 8.61 20.11
N VAL B 5 16.33 -1.34 -0.48
N VAL B 5 -19.25 -6.60 -3.47
N VAL B 5 -5.07 -5.25 -4.29
N VAL B 5 0.25 9.61 20.98
CA VAL B 5 17.78 -1.29 -0.46
CA VAL B 5 -19.42 -6.58 -4.92
CA VAL B 5 -5.20 -5.79 -5.63
CA VAL B 5 -0.17 10.93 20.57
C VAL B 5 18.15 -0.08 -1.36
C VAL B 5 -20.75 -5.84 -5.17
C VAL B 5 -5.56 -4.59 -6.54
C VAL B 5 0.99 11.87 20.96
N LYS B 6 18.72 0.92 -0.80
N LYS B 6 -20.70 -4.70 -5.77
N LYS B 6 -4.69 -4.24 -7.42
N LYS B 6 1.62 12.46 20.00
CA LYS B 6 19.08 2.14 -1.60
CA LYS B 6 -21.95 -3.90 -6.01
CA LYS B 6 -4.95 -3.05 -8.31
CA LYS B 6 2.79 13.35 20.28
C LYS B 6 20.51 2.02 -2.01
C LYS B 6 -22.44 -4.22 -7.40
C LYS B 6 -5.55 -3.55 -9.60
C LYS B 6 2.28 14.76 20.33
N THR B 7 20.80 2.18 -3.33
N THR B 7 -23.73 -4.60 -7.54
N THR B 7 -6.71 -2.99 -10.01
N THR B 7 2.59 15.50 21.44
CA THR B 7 22.18 2.07 -3.82
CA THR B 7 -24.27 -4.93 -8.86
CA THR B 7 -7.34 -3.43 -11.25
CA THR B 7 2.12 16.89 21.54
C THR B 7 22.76 3.47 -4.00
C THR B 7 -25.06 -3.73 -9.39
C THR B 7 -7.00 -2.44 -12.37
C THR B 7 3.27 17.83 21.17
N LEU B 8 24.05 3.58 -4.26
N LEU B 8 -25.47 -3.76 -10.64
N LEU B 8 -7.32 -2.77 -13.61
N LEU B 8 2.99 19.11 21.03
CA LEU B 8 24.69 4.90 -4.41
CA LEU B 8 -26.20 -2.63 -11.23
CA LEU B 8 -7.00 -1.89 -14.75
CA LEU B 8 4.03 20.08 20.61
C LEU B 8 24.34 5.57 -5.72
C LEU B 8 -27.63 -2.52 -10.74
C LEU B 8 -7.87 -0.65 -14.80
C LEU B 8 5.03 20.37 21.73
N THR B 9 23.64 4.85 -6.62
N THR B 9 -28.09 -3.52 -9.96
N THR B 9 -8.90 -0.57 -13.94
N THR B 9 4.77 19.86 22.95
CA THR B 9 23.31 5.56 -7.90
CA THR B 9 -29.51 -3.37 -9.49
CA THR B 9 -9.73 0.68 -14.03
CA THR B 9 5.78 20.18 24.01
C THR B 9 21.90 6.06 -7.94
C THR B 9 -29.58 -2.90 -8.07
C THR B 9 -9.38 1.66 -12.95
C THR B 9 6.71 19.03 24.26
N GLY B 10 21.25 6.11 -6.80
N GLY B 10 -28.51 -2.39 -7.54
N GLY B 10 -8.28 1.49 -12.30
N GLY B 10 6.74 18.08 23.39
CA GLY B 10 19.89 6.56 -6.69
CA GLY B 10 -28.43 -1.90 -6.19
CA GLY B 10 -7.83 2.37 -11.23
CA GLY B 10 7.60 16.91 23.50
C GLY B 10 18.82 5.60 -7.13
C GLY B 10 -28.34 -2.93 -5.10
C GLY B 10 -8.49 2.19 -9.91
C GLY B 10 7.13 15.85 24.45
N LYS B 11 19.19 4.35 -7.25
N LYS B 11 -28.00 -4.13 -5.48
N LYS B 11 -9.17 1.09 -9.73
N LYS B 11 5.89 15.91 24.83
CA LYS B 11 18.24 3.28 -7.56
CA LYS B 11 -27.75 -5.20 -4.52
CA LYS B 11 -9.78 0.73 -8.46
CA LYS B 11 5.27 14.89 25.68
C LYS B 11 17.87 2.66 -6.20
C LYS B 11 -26.22 -5.24 -4.31
C LYS B 11 -8.76 -0.20 -7.75
C LYS B 11 4.56 13.93 24.70
N THR B 12 16.59 2.36 -6.02
N THR B 12 -25.81 -5.41 -3.06
N THR B 12 -8.57 0.00 -6.46
N THR B 12 4.67 12.64 24.95
CA THR B 12 16.20 1.69 -4.76
CA THR B 12 -24.36 -5.51 -2.83
CA THR B 12 -7.68 -0.92 -5.75
CA THR B 12 3.93 11.70 24.09
C THR B 12 15.58 0.36 -5.18
C THR B 12 -24.13 -6.89 -2.20
C THR B 12 -8.53 -1.59 -4.66
C THR B 12 2.98 10.94 25.02
N ILE B 13 16.03 -0.72 -4.53
N ILE B 13 -23.16 -7.63 -2.73
N ILE B 13 -8.44 -2.91 -4.57
N ILE B 13 1.72 10.85 24.61
CA ILE B 13 15.40 -2.01 -4.93
CA ILE B 13 -22.96 -8.96 -2.09
CA ILE B 13 -9.27 -3.53 -3.51
CA ILE B 13 0.81 10.09 25.52
C ILE B 13 14.51 -2.50 -3.82
C ILE B 13 -21.65 -8.95 -1.33
C ILE B 13 -8.36 -4.04 -2.42
C ILE B 13 0.44 8.79 24.88
N THR B 14 13.37 -3.08 -4.15
N THR B 14 -21.61 -9.58 -0.19
N THR B 14 -8.77 -3.92 -1.17
N THR B 14 0.33 7.73 25.64
CA THR B 14 12.53 -3.59 -3.03
CA THR B 14 -20.29 -9.59 0.53
CA THR B 14 -7.88 -4.47 -0.10
CA THR B 14 -0.08 6.45 24.99
C THR B 14 12.72 -5.09 -2.95
C THR B 14 -19.64 -10.92 0.31
C THR B 14 -8.44 -5.79 0.34
C THR B 14 -1.54 6.21 25.28
N LEU B 15 12.80 -5.65 -1.75
N LEU B 15 -18.34 -10.97 0.09
N LEU B 15 -7.59 -6.78 0.59
N LEU B 15 -2.32 5.75 24.32
CA LEU B 15 12.99 -7.06 -1.57
CA LEU B 15 -17.63 -12.20 -0.16
CA LEU B 15 -8.04 -8.10 1.01
CA LEU B 15 -3.72 5.51 24.51
C LEU B 15 11.89 -7.60 -0.66
C LEU B 15 -16.46 -12.30 0.83
C LEU B 15 -7.30 -8.46 2.30
C LEU B 15 -4.03 4.06 24.10
N GLU B 16 11.60 -8.87 -0.81
N GLU B 16 -16.07 -13.52 1.11
N GLU B 16 -7.93 -9.31 3.07
N GLU B 16 -5.08 3.52 24.69
CA GLU B 16 10.62 -9.47 0.16
CA GLU B 16 -14.85 -13.66 1.96
CA GLU B 16 -7.20 -9.82 4.28
CA GLU B 16 -5.50 2.17 24.22
C GLU B 16 11.47 -10.43 0.97
C GLU B 16 -13.81 -14.24 1.02
C GLU B 16 -6.96 -11.28 3.96
C GLU B 16 -6.83 2.42 23.53
N VAL B 17 11.46 -10.15 2.26
N VAL B 17 -12.75 -13.48 0.90
N VAL B 17 -5.67 -11.61 3.95
N VAL B 17 -6.82 2.04 22.26
CA VAL B 17 12.25 -10.93 3.22
CA VAL B 17 -11.65 -13.83 0.00
CA VAL B 17 -5.22 -12.95 3.63
CA VAL B 17 -7.99 2.24 21.40
C VAL B 17 11.45 -11.19 4.51
C VAL B 17 -10.28 -13.53 0.65
C VAL B 17 -4.07 -13.39 4.57
C VAL B 17 -8.22 1.02 20.50
N GLU B 18 12.06 -12.05 5.30
N GLU B 18 -9.29 -14.03 -0.06
N GLU B 18 -3.78 -14.66 4.43
N GLU B 18 -9.36 1.08 19.85
CA GLU B 18 11.58 -12.39 6.64
CA GLU B 18 -7.87 -13.80 0.27
CA GLU B 18 -2.65 -15.31 5.10
CA GLU B 18 -9.78 0.11 18.84
C GLU B 18 12.69 -12.01 7.60
C GLU B 18 -7.27 -13.08 -0.93
C GLU B 18 -1.75 -15.85 4.01
C GLU B 18 -9.98 0.90 17.56
N PRO B 19 12.33 -11.54 8.78
N PRO B 19 -6.34 -12.18 -0.68
N PRO B 19 -0.45 -15.82 4.23
N PRO B 19 -9.65 0.28 16.43
CA PRO B 19 13.29 -11.18 9.82
CA PRO B 19 -5.64 -11.46 -1.75
CA PRO B 19 0.53 -16.36 3.27
CA PRO B 19 -9.84 0.91 15.11
C PRO B 19 14.22 -12.32 10.14
C PRO B 19 -4.99 -12.40 -2.73
C PRO B 19 0.24 -17.79 2.93
C PRO B 19 -11.27 1.35 14.90
N SER B 20 13.79 -13.54 9.89
N SER B 20 -4.69 -13.61 -2.30
N SER B 20 -0.44 -18.50 3.80
N SER B 20 -12.20 0.73 15.60
CA SER B 20 14.61 -14.71 10.22
CA SER B 20 -4.01 -14.57 -3.17
CA SER B 20 -0.71 -19.93 3.57
CA SER B 20 -13.63 1.07 15.42
C SER B 20 15.68 -14.95 9.18
C SER B 20 -4.98 -15.22 -4.13
C SER B 20 -1.88 -20.10 2.61
C SER B 20 -13.98 2.34 16.17
N ASP B 21 15.61 -14.20 8.08
N ASP B 21 -6.28 -14.98 -3.92
N ASP B 21 -2.55 -19.00 2.28
N ASP B 21 -13.05 2.83 16.98
CA ASP B 21 16.65 -14.43 7.03
CA ASP B 21 -7.25 -15.63 -4.85
CA ASP B 21 -3.71 -19.16 1.36
CA ASP B 21 -13.40 4.07 17.74
C ASP B 21 17.97 -13.91 7.50
C ASP B 21 -7.16 -14.99 -6.21
C ASP B 21 -3.23 -19.49 -0.02
C ASP B 21 -13.46 5.24 16.81
N THR B 22 19.04 -14.56 7.06
N THR B 22 -7.42 -15.80 -7.23
N THR B 22 -4.02 -20.26 -0.75
N THR B 22 -14.33 6.18 17.13
CA THR B 22 20.39 -14.14 7.35
CA THR B 22 -7.46 -15.32 -8.59
CA THR B 22 -3.73 -20.57 -2.13
CA THR B 22 -14.43 7.43 16.38
C THR B 22 20.78 -13.05 6.33
C THR B 22 -8.87 -14.73 -8.86
C THR B 22 -4.24 -19.42 -3.01
C THR B 22 -13.35 8.40 16.91
N ILE B 23 21.81 -12.30 6.73
N ILE B 23 -8.91 -13.92 -9.90
N ILE B 23 -3.69 -19.39 -4.22
N ILE B 23 -13.07 9.39 16.06
CA ILE B 23 22.38 -11.28 5.86
CA ILE B 23 -10.17 -13.33 -10.36
CA ILE B 23 -4.12 -18.42 -5.22
CA ILE B 23 -12.15 10.46 16.42
C ILE B 23 22.93 -11.91 4.58
C ILE B 23 -11.14 -14.44 -10.79
C ILE B 23 -5.59 -18.63 -5.56
C ILE B 23 -12.68 11.23 17.62
N GLU B 24 23.51 -13.09 4.72
N GLU B 24 -10.61 -15.47 -11.41
N GLU B 24 -6.02 -19.87 -5.59
N GLU B 24 -13.97 11.41 17.69
CA GLU B 24 24.02 -13.83 3.52
CA GLU B 24 -11.46 -16.64 -11.80
CA GLU B 24 -7.47 -20.17 -5.85
CA GLU B 24 -14.59 12.09 18.87
C GLU B 24 22.92 -14.05 2.52
C GLU B 24 -12.16 -17.23 -10.60
C GLU B 24 -8.35 -19.49 -4.82
C GLU B 24 -14.24 11.36 20.15
N ASN B 25 21.74 -14.40 3.01
N ASN B 25 -11.46 -17.31 -9.49
N ASN B 25 -7.91 -19.51 -3.57
N ASN B 25 -14.27 10.04 20.10
CA ASN B 25 20.54 -14.67 2.20
CA ASN B 25 -11.96 -17.86 -8.22
CA ASN B 25 -8.62 -18.91 -2.43
CA ASN B 25 -13.97 9.16 21.24
C ASN B 25 20.07 -13.42 1.46
C ASN B 25 -13.08 -16.99 -7.65
C ASN B 25 -8.72 -17.39 -2.58
C ASN B 25 -12.52 9.30 21.68
N VAL B 26 20.05 -12.32 2.21
N VAL B 26 -12.83 -15.69 -7.69
N VAL B 26 -7.59 -16.81 -2.95
N VAL B 26 -11.65 9.31 20.68
CA VAL B 26 19.65 -11.05 1.64
CA VAL B 26 -13.81 -14.73 -7.20
CA VAL B 26 -7.53 -15.36 -3.15
CA VAL B 26 -10.21 9.46 20.94
C VAL B 26 20.56 -10.70 0.47
C VAL B 26 -15.12 -14.90 -7.98
C VAL B 26 -8.55 -14.96 -4.22
C VAL B 26 -9.98 10.76 21.68
N LYS B 27 21.87 -10.87 0.69
N LYS B 27 -14.99 -15.00 -9.30
N LYS B 27 -8.57 -15.71 -5.31
N LYS B 27 -10.59 11.83 21.19
CA LYS B 27 22.85 -10.58 -0.36
CA LYS B 27 -16.17 -15.16 -10.16
CA LYS B 27 -9.51 -15.42 -6.40
CA LYS B 27 -10.44 13.15 21.82
C LYS B 27 22.62 -11.44 -1.58
C LYS B 27 -16.91 -16.45 -9.81
C LYS B 27 -10.94 -15.52 -5.93
C LYS B 27 -10.93 13.14 23.26
N ALA B 28 22.25 -12.69 -1.39
N ALA B 28 -16.20 -17.51 -9.50
N ALA B 28 -11.24 -16.47 -5.06
N ALA B 28 -12.01 12.42 23.53
CA ALA B 28 21.93 -13.60 -2.51
CA ALA B 28 -16.82 -18.78 -9.08
CA ALA B 28 -12.59 -16.61 -4.49
CA ALA B 28 -12.53 12.29 24.89
C ALA B 28 20.69 -13.15 -3.24
C ALA B 28 -17.54 -18.63 -7.76
C ALA B 28 -12.93 -15.43 -3.60
C ALA B 28 -11.56 11.51 25.78
N LYS B 29 19.68 -12.65 -2.55
N LYS B 29 -17.01 -17.86 -6.82
N LYS B 29 -11.98 -14.91 -2.84
N LYS B 29 -10.89 10.49 25.26
CA LYS B 29 18.47 -12.11 -3.21
CA LYS B 29 -17.69 -17.62 -5.53
CA LYS B 29 -12.22 -13.71 -2.01
CA LYS B 29 -9.87 9.75 26.04
C LYS B 29 18.82 -10.88 -4.07
C LYS B 29 -19.00 -16.83 -5.76
C LYS B 29 -12.52 -12.49 -2.90
C LYS B 29 -8.68 10.66 26.37
N ILE B 30 19.74 -10.06 -3.55
N ILE B 30 -18.95 -15.90 -6.72
N ILE B 30 -11.83 -12.41 -4.03
N ILE B 30 -8.34 11.54 25.43
CA ILE B 30 20.15 -8.86 -4.30
CA ILE B 30 -20.16 -15.09 -7.02
CA ILE B 30 -12.05 -11.28 -4.95
CA ILE B 30 -7.21 12.45 25.66
C ILE B 30 20.94 -9.34 -5.52
C ILE B 30 -21.17 -16.04 -7.68
C ILE B 30 -13.45 -11.47 -5.56
C ILE B 30 -7.67 13.47 26.72
N GLN B 31 21.75 -10.34 -5.38
N GLN B 31 -20.72 -16.92 -8.54
N GLN B 31 -13.82 -12.68 -5.89
N GLN B 31 -8.90 13.92 26.66
CA GLN B 31 22.52 -10.81 -6.58
CA GLN B 31 -21.71 -17.85 -9.17
CA GLN B 31 -15.20 -12.86 -6.47
CA GLN B 31 -9.35 14.89 27.70
C GLN B 31 21.53 -11.31 -7.64
C GLN B 31 -22.37 -18.71 -8.08
C GLN B 31 -16.24 -12.42 -5.44
C GLN B 31 -9.28 14.21 29.08
N ASP B 32 20.62 -12.14 -7.16
N ASP B 32 -21.51 -19.26 -7.26
N ASP B 32 -16.05 -12.94 -4.24
N ASP B 32 -9.83 13.03 29.12
CA ASP B 32 19.57 -12.70 -8.06
CA ASP B 32 -21.99 -20.10 -6.13
CA ASP B 32 -16.96 -12.59 -3.13
CA ASP B 32 -9.84 12.24 30.37
C ASP B 32 18.82 -11.61 -8.79
C ASP B 32 -23.01 -19.38 -5.29
C ASP B 32 -17.10 -11.10 -2.95
C ASP B 32 -8.44 12.08 30.94
N LYS B 33 18.49 -10.51 -8.10
N LYS B 33 -22.79 -18.08 -5.00
N LYS B 33 -15.98 -10.35 -3.05
N LYS B 33 -7.45 11.83 30.07
CA LYS B 33 17.67 -9.50 -8.81
CA LYS B 33 -23.77 -17.42 -4.10
CA LYS B 33 -16.12 -8.89 -2.78
CA LYS B 33 -6.10 11.57 30.66
C LYS B 33 18.40 -8.39 -9.50
C LYS B 33 -24.90 -16.69 -4.73
C LYS B 33 -16.37 -8.01 -3.94
C LYS B 33 -5.19 12.75 30.78
N GLU B 34 19.60 -8.01 -9.15
N GLU B 34 -24.86 -16.22 -5.94
N GLU B 34 -16.02 -8.32 -5.16
N GLU B 34 -5.29 13.81 30.03
CA GLU B 34 20.35 -6.94 -9.77
CA GLU B 34 -25.93 -15.52 -6.60
CA GLU B 34 -16.24 -7.49 -6.32
CA GLU B 34 -4.44 14.97 30.10
C GLU B 34 21.71 -7.36 -10.27
C GLU B 34 -26.37 -16.14 -7.90
C GLU B 34 -17.02 -8.18 -7.42
C GLU B 34 -5.18 16.26 30.33
N GLY B 35 22.11 -8.59 -9.98
N GLY B 35 -25.65 -17.15 -8.36
N GLY B 35 -17.31 -9.46 -7.26
N GLY B 35 -6.49 16.22 30.30
CA GLY B 35 23.35 -9.13 -10.46
CA GLY B 35 -26.00 -17.88 -9.56
CA GLY B 35 -18.10 -10.20 -8.20
CA GLY B 35 -7.31 17.37 30.58
C GLY B 35 24.60 -8.79 -9.76
C GLY B 35 -25.63 -17.31 -10.87
C GLY B 35 -17.47 -10.71 -9.43
C GLY B 35 -7.55 18.36 29.50
N ILE B 36 24.51 -8.06 -8.64
N ILE B 36 -24.89 -16.19 -10.88
N ILE B 36 -16.13 -10.57 -9.56
N ILE B 36 -7.06 18.08 28.27
CA ILE B 36 25.75 -7.70 -7.91
CA ILE B 36 -24.49 -15.61 -12.18
CA ILE B 36 -15.47 -11.08 -10.77
CA ILE B 36 -7.28 19.04 27.19
C ILE B 36 26.24 -8.88 -7.07
C ILE B 36 -23.31 -16.35 -12.78
C ILE B 36 -15.26 -12.58 -10.68
C ILE B 36 -8.68 18.91 26.61
N PRO B 37 27.49 -9.28 -7.28
N PRO B 37 -23.48 -16.84 -14.01
N PRO B 37 -15.75 -13.32 -11.66
N PRO B 37 -9.44 20.01 26.60
CA PRO B 37 28.11 -10.37 -6.51
CA PRO B 37 -22.40 -17.55 -14.73
CA PRO B 37 -15.58 -14.79 -11.72
CA PRO B 37 -10.80 20.05 26.04
C PRO B 37 28.08 -10.08 -5.02
C PRO B 37 -21.17 -16.69 -14.86
C PRO B 37 -14.11 -15.16 -11.71
C PRO B 37 -10.80 19.60 24.59
N PRO B 38 27.76 -11.04 -4.20
N PRO B 38 -19.99 -17.24 -14.64
N PRO B 38 -13.72 -16.17 -10.96
N PRO B 38 -11.75 18.78 24.19
CA PRO B 38 27.70 -10.80 -2.75
CA PRO B 38 -18.76 -16.43 -14.74
CA PRO B 38 -12.30 -16.55 -10.90
CA PRO B 38 -11.78 18.31 22.80
C PRO B 38 29.00 -10.27 -2.18
C PRO B 38 -18.59 -15.75 -16.07
C PRO B 38 -11.72 -16.89 -12.25
C PRO B 38 -11.83 19.42 21.79
N ASP B 39 30.12 -10.66 -2.73
N ASP B 39 -19.06 -16.36 -17.14
N ASP B 39 -12.50 -17.43 -13.14
N ASP B 39 -12.46 20.52 22.11
CA ASP B 39 31.43 -10.23 -2.18
CA ASP B 39 -18.87 -15.78 -18.49
CA ASP B 39 -11.98 -17.84 -14.48
CA ASP B 39 -12.60 21.64 21.14
C ASP B 39 31.68 -8.74 -2.39
C ASP B 39 -19.67 -14.50 -18.68
C ASP B 39 -11.58 -16.64 -15.33
C ASP B 39 -11.27 22.31 20.84
N GLN B 40 30.90 -8.12 -3.25
N GLN B 40 -20.63 -14.26 -17.81
N GLN B 40 -12.02 -15.45 -14.94
N GLN B 40 -10.27 22.05 21.67
CA GLN B 40 31.06 -6.67 -3.48
CA GLN B 40 -21.43 -13.02 -17.91
CA GLN B 40 -11.64 -14.24 -15.70
CA GLN B 40 -8.93 22.64 21.42
C GLN B 40 30.08 -5.83 -2.63
C GLN B 40 -20.88 -11.89 -17.01
C GLN B 40 -10.43 -13.53 -15.09
C GLN B 40 -8.00 21.67 20.65
N GLN B 41 29.11 -6.47 -2.00
N GLN B 41 -19.95 -12.21 -16.13
N GLN B 41 -10.01 -13.92 -13.91
N GLN B 41 -8.40 20.43 20.51
CA GLN B 41 28.10 -5.81 -1.22
CA GLN B 41 -19.40 -11.26 -15.19
CA GLN B 41 -8.91 -13.31 -13.20
CA GLN B 41 -7.60 19.40 19.87
C GLN B 41 28.48 -5.51 0.22
C GLN B 41 -18.25 -10.42 -15.71
C GLN B 41 -7.54 -13.82 -13.56
C GLN B 41 -7.73 19.34 18.35
N ARG B 42 28.26 -4.26 0.59
N ARG B 42 -18.38 -9.12 -15.50
N ARG B 42 -6.66 -12.87 -13.84
N ARG B 42 -6.56 19.33 17.70
CA ARG B 42 28.41 -3.83 2.02
CA ARG B 42 -17.26 -8.17 -15.80
CA ARG B 42 -5.21 -13.18 -14.05
CA ARG B 42 -6.51 19.09 16.23
C ARG B 42 27.05 -3.29 2.41
C ARG B 42 -16.98 -7.48 -14.47
C ARG B 42 -4.48 -12.36 -13.01
C ARG B 42 -5.63 17.87 16.07
N LEU B 43 26.34 -3.90 3.35
N LEU B 43 -15.80 -7.65 -13.88
N LEU B 43 -3.80 -12.97 -12.05
N LEU B 43 -6.15 16.75 15.56
CA LEU B 43 24.98 -3.43 3.73
CA LEU B 43 -15.51 -7.04 -12.56
CA LEU B 43 -3.11 -12.20 -10.99
CA LEU B 43 -5.34 15.51 15.44
C LEU B 43 25.04 -2.67 5.05
C LEU B 43 -14.61 -5.82 -12.75
C LEU B 43 -1.61 -12.16 -11.25
C LEU B 43 -4.92 15.31 13.99
N ILE B 44 24.44 -1.48 5.06
N ILE B 44 -15.01 -4.72 -12.12
N ILE B 44 -1.04 -10.95 -11.19
N ILE B 44 -3.62 15.07 13.80
CA ILE B 44 24.44 -0.59 6.22
CA ILE B 44 -14.30 -3.44 -12.23
CA ILE B 44 0.37 -10.72 -11.48
CA ILE B 44 -3.03 14.90 12.47
C ILE B 44 23.03 -0.25 6.68
C ILE B 44 -13.88 -2.92 -10.88
C ILE B 44 1.08 -10.08 -10.30
C ILE B 44 -2.34 13.55 12.32
N PHE B 45 22.82 -0.40 8.01
N PHE B 45 -12.58 -2.50 -10.81
N PHE B 45 2.25 -10.67 -9.96
N PHE B 45 -2.67 12.87 11.18
CA PHE B 45 21.54 -0.06 8.63
CA PHE B 45 -12.02 -1.92 -9.59
CA PHE B 45 3.10 -10.14 -8.88
CA PHE B 45 -2.05 11.58 10.86
C PHE B 45 21.89 0.53 10.01
C PHE B 45 -11.03 -0.84 -10.07
C PHE B 45 4.55 -10.38 -9.33
C PHE B 45 -1.89 11.58 9.33
N ALA B 46 21.28 1.67 10.22
N ALA B 46 -11.22 0.31 -9.47
N ALA B 46 5.29 -9.30 -9.24
N ALA B 46 -0.67 11.25 8.95
CA ALA B 46 21.40 2.42 11.49
CA ALA B 46 -10.38 1.50 -9.71
CA ALA B 46 6.73 -9.28 -9.56
CA ALA B 46 -0.27 11.12 7.54
C ALA B 46 22.86 2.52 11.92
C ALA B 46 -10.18 1.73 -11.19
C ALA B 46 7.00 -9.95 -10.90
C ALA B 46 -0.73 12.33 6.74
N GLY B 47 23.67 2.88 10.97
N GLY B 47 -11.28 1.65 -11.90
N GLY B 47 6.17 -9.60 -11.85
N GLY B 47 -0.50 13.47 7.31
CA GLY B 47 25.09 3.05 11.03
CA GLY B 47 -11.44 1.81 -13.31
CA GLY B 47 6.15 -10.05 -13.21
CA GLY B 47 -0.81 14.79 6.82
C GLY B 47 25.93 1.85 11.40
C GLY B 47 -10.72 0.83 -14.21
C GLY B 47 5.90 -11.52 -13.46
C GLY B 47 -2.26 15.12 6.61
N LYS B 48 25.41 0.67 11.22
N LYS B 48 -10.35 -0.31 -13.70
N LYS B 48 5.31 -12.20 -12.51
N LYS B 48 -3.15 14.41 7.24
CA LYS B 48 26.16 -0.57 11.50
CA LYS B 48 -9.68 -1.35 -14.50
CA LYS B 48 4.98 -13.62 -12.65
CA LYS B 48 -4.59 14.68 7.13
C LYS B 48 26.35 -1.30 10.17
C LYS B 48 -10.62 -2.56 -14.57
C LYS B 48 3.43 -13.73 -12.63
C LYS B 48 -5.07 15.13 8.53
N GLN B 49 27.49 -1.92 9.97
N GLN B 49 -10.69 -3.23 -15.68
N GLN B 49 2.88 -14.61 -13.41
N GLN B 49 -5.98 16.06 8.60
CA GLN B 49 27.68 -2.74 8.74
CA GLN B 49 -11.49 -4.48 -15.77
CA GLN B 49 1.40 -14.84 -13.35
CA GLN B 49 -6.57 16.44 9.92
C GLN B 49 27.10 -4.10 9.12
C GLN B 49 -10.54 -5.56 -15.26
C GLN B 49 1.26 -15.88 -12.24
C GLN B 49 -7.71 15.44 10.10
N LEU B 50 26.25 -4.66 8.30
N LEU B 50 -10.98 -6.38 -14.34
N LEU B 50 0.38 -15.64 -11.29
N LEU B 50 -7.79 14.81 11.24
CA LEU B 50 25.56 -5.93 8.62
CA LEU B 50 -10.12 -7.40 -13.71
CA LEU B 50 0.22 -16.52 -10.12
CA LEU B 50 -8.79 13.77 11.50
C LEU B 50 26.51 -7.10 8.35
C LEU B 50 -9.99 -8.60 -14.64
C LEU B 50 -0.61 -17.74 -10.51
C LEU B 50 -10.14 14.41 11.83
N GLU B 51 26.50 -8.10 9.24
N GLU B 51 -8.79 -9.17 -14.76
N GLU B 51 -0.22 -18.93 -10.04
N GLU B 51 -11.23 13.86 11.30
CA GLU B 51 27.42 -9.24 9.08
CA GLU B 51 -8.57 -10.31 -15.67
CA GLU B 51 -0.94 -20.16 -10.40
CA GLU B 51 -12.56 14.45 11.54
C GLU B 51 26.66 -10.43 8.53
C GLU B 51 -8.52 -11.59 -14.88
C GLU B 51 -1.84 -20.59 -9.28
C GLU B 51 -13.29 13.66 12.58
N ASP B 52 27.22 -11.19 7.63
N ASP B 52 -9.10 -12.66 -15.37
N ASP B 52 -3.03 -21.05 -9.53
N ASP B 52 -14.01 14.28 13.48
CA ASP B 52 26.60 -12.31 6.94
CA ASP B 52 -9.21 -13.95 -14.69
CA ASP B 52 -4.05 -21.43 -8.55
CA ASP B 52 -14.71 13.66 14.61
C ASP B 52 25.84 -13.38 7.72
C ASP B 52 -8.00 -14.60 -14.04
C ASP B 52 -3.70 -22.31 -7.37
C ASP B 52 -15.59 12.44 14.39
N GLY B 53 26.36 -13.80 8.85
N GLY B 53 -6.86 -14.55 -14.69
N GLY B 53 -2.91 -23.34 -7.58
N GLY B 53 -16.38 12.43 13.34
CA GLY B 53 25.79 -14.86 9.69
CA GLY B 53 -5.61 -15.18 -14.23
CA GLY B 53 -2.53 -24.32 -6.56
CA GLY B 53 -17.33 11.35 13.02
C GLY B 53 24.70 -14.45 10.63
C GLY B 53 -4.81 -14.40 -13.24
C GLY B 53 -1.38 -23.94 -5.68
C GLY B 53 -16.77 10.15 12.32
N ARG B 54 24.45 -13.15 10.79
N ARG B 54 -5.15 -13.14 -12.98
N ARG B 54 -0.67 -22.85 -5.97
N ARG B 54 -15.52 10.21 11.86
CA ARG B 54 23.35 -12.65 11.63
CA ARG B 54 -4.46 -12.33 -11.96
CA ARG B 54 0.43 -22.37 -5.11
CA ARG B 54 -14.86 9.04 11.23
C ARG B 54 22.08 -12.64 10.80
C ARG B 54 -5.09 -12.61 -10.62
C ARG B 54 -0.18 -21.49 -4.03
C ARG B 54 -14.27 8.17 12.33
N THR B 55 20.95 -12.52 11.45
N THR B 55 -4.43 -12.22 -9.56
N THR B 55 0.58 -21.21 -3.00
N THR B 55 -13.91 6.96 11.99
CA THR B 55 19.62 -12.42 10.80
CA THR B 55 -4.92 -12.35 -8.17
CA THR B 55 0.18 -20.32 -1.89
CA THR B 55 -13.26 6.00 12.91
C THR B 55 19.19 -10.94 10.89
C THR B 55 -5.39 -10.95 -7.72
C THR B 55 0.92 -18.98 -2.11
C THR B 55 -11.77 5.96 12.52
N LEU B 56 18.20 -10.58 10.09
N LEU B 56 -6.14 -10.92 -6.64
N LEU B 56 0.47 -17.96 -1.40
N LEU B 56 -10.96 5.41 13.40
CA LEU B 56 17.62 -9.23 10.10
CA LEU B 56 -6.61 -9.66 -6.04
CA LEU B 56 1.09 -16.63 -1.44
CA LEU B 56 -9.51 5.23 13.16
C LEU B 56 17.05 -8.96 11.49
C LEU B 56 -5.40 -8.84 -5.62
C LEU B 56 2.53 -16.76 -0.94
C LEU B 56 -9.34 4.32 11.95
N SER B 57 16.48 -9.98 12.13
N SER B 57 -4.34 -9.52 -5.14
N SER B 57 2.75 -17.65 0.06
N SER B 57 -10.24 3.31 11.80
CA SER B 57 15.91 -9.72 13.49
CA SER B 57 -3.16 -8.73 -4.71
CA SER B 57 4.14 -17.77 0.56
CA SER B 57 -10.07 2.42 10.63
C SER B 57 16.98 -9.32 14.48
C SER B 57 -2.52 -7.99 -5.88
C SER B 57 5.09 -18.29 -0.50
C SER B 57 -10.24 3.15 9.32
N ASP B 58 18.20 -9.81 14.30
N ASP B 58 -2.62 -8.53 -7.07
N ASP B 58 4.58 -19.09 -1.41
N ASP B 58 -11.06 4.18 9.31
CA ASP B 58 19.31 -9.48 15.21
CA ASP B 58 -2.04 -7.90 -8.27
CA ASP B 58 5.42 -19.67 -2.50
CA ASP B 58 -11.30 4.99 8.09
C ASP B 58 19.50 -7.96 15.31
C ASP B 58 -2.57 -6.47 -8.43
C ASP B 58 6.12 -18.55 -3.28
C ASP B 58 -9.98 5.49 7.51
N TYR B 59 19.34 -7.31 14.19
N TYR B 59 -3.83 -6.31 -8.15
N TYR B 59 5.39 -17.49 -3.49
N TYR B 59 -9.11 5.89 8.39
CA TYR B 59 19.45 -5.86 14.07
CA TYR B 59 -4.53 -5.03 -8.22
CA TYR B 59 5.87 -16.30 -4.21
CA TYR B 59 -7.77 6.41 8.05
C TYR B 59 18.14 -5.14 14.26
C TYR B 59 -4.51 -4.27 -6.91
C TYR B 59 6.48 -15.27 -3.29
C TYR B 59 -6.72 5.33 8.02
N ASN B 60 17.05 -5.79 14.59
N ASN B 60 -3.83 -4.70 -5.87
N ASN B 60 6.64 -15.50 -2.00
N ASN B 60 -7.02 4.06 8.18
CA ASN B 60 15.78 -5.04 14.77
CA ASN B 60 -3.82 -3.92 -4.62
CA ASN B 60 7.25 -14.46 -1.14
CA ASN B 60 -5.96 3.04 8.14
C ASN B 60 15.40 -4.30 13.51
C ASN B 60 -5.24 -3.73 -4.09
C ASN B 60 6.46 -13.16 -1.21
C ASN B 60 -4.89 3.31 9.19
N ILE B 61 15.51 -4.96 12.37
N ILE B 61 -6.03 -4.79 -4.08
N ILE B 61 5.15 -13.26 -1.11
N ILE B 61 -5.32 3.62 10.40
CA ILE B 61 15.07 -4.34 11.08
CA ILE B 61 -7.40 -4.73 -3.51
CA ILE B 61 4.28 -12.04 -1.06
CA ILE B 61 -4.35 3.81 11.53
C ILE B 61 13.59 -4.69 10.92
C ILE B 61 -7.25 -5.07 -2.03
C ILE B 61 4.17 -11.66 0.42
C ILE B 61 -4.16 2.44 12.16
N GLN B 62 12.73 -3.72 10.90
N GLN B 62 -7.56 -4.17 -1.15
N GLN B 62 4.65 -10.52 0.80
N GLN B 62 -2.97 1.90 12.12
CA GLN B 62 11.25 -3.94 10.83
CA GLN B 62 -7.39 -4.36 0.33
CA GLN B 62 4.65 -10.07 2.22
CA GLN B 62 -2.67 0.54 12.64
C GLN B 62 10.77 -3.64 9.41
C GLN B 62 -8.76 -4.64 0.97
C GLN B 62 3.55 -9.03 2.44
C GLN B 62 -1.96 0.65 13.99
N LYS B 63 9.52 -3.97 9.10
N LYS B 63 -8.76 -5.05 2.23
N LYS B 63 3.27 -8.68 3.69
N LYS B 63 -1.81 -0.46 14.70
CA LYS B 63 8.97 -3.81 7.77
CA LYS B 63 -9.98 -5.41 2.92
CA LYS B 63 2.20 -7.76 4.01
CA LYS B 63 -1.20 -0.47 16.02
C LYS B 63 9.14 -2.35 7.34
C LYS B 63 -10.98 -4.24 2.83
C LYS B 63 2.40 -6.46 3.23
C LYS B 63 0.16 0.19 15.96
N GLU B 64 9.42 -2.23 6.04
N GLU B 64 -12.24 -4.67 2.69
N GLU B 64 1.24 -5.93 2.83
N GLU B 64 0.44 0.92 17.05
CA GLU B 64 9.62 -0.99 5.34
CA GLU B 64 -13.39 -3.80 2.59
CA GLU B 64 1.09 -4.71 2.08
CA GLU B 64 1.65 1.65 17.28
C GLU B 64 10.82 -0.17 5.70
C GLU B 64 -13.52 -2.94 1.37
C GLU B 64 1.62 -4.67 0.68
C GLU B 64 1.95 2.83 16.41
N SER B 65 11.78 -0.83 6.31
N SER B 65 -12.79 -3.33 0.34
N SER B 65 1.80 -5.87 0.13
N SER B 65 0.90 3.32 15.77
CA SER B 65 13.09 -0.25 6.66
CA SER B 65 -12.85 -2.69 -0.99
CA SER B 65 2.20 -6.07 -1.27
CA SER B 65 0.94 4.53 14.94
C SER B 65 13.87 -0.08 5.33
C SER B 65 -14.21 -3.07 -1.62
C SER B 65 0.99 -5.68 -2.15
C SER B 65 1.11 5.74 15.91
N THR B 66 14.86 0.78 5.34
N THR B 66 -14.64 -2.31 -2.58
N THR B 66 1.23 -5.38 -3.40
N THR B 66 1.56 6.84 15.40
CA THR B 66 15.74 0.98 4.18
CA THR B 66 -15.87 -2.60 -3.33
CA THR B 66 0.17 -5.07 -4.37
CA THR B 66 1.69 8.08 16.18
C THR B 66 17.17 0.64 4.59
C THR B 66 -15.51 -2.78 -4.80
C THR B 66 0.23 -6.11 -5.50
C THR B 66 0.82 9.16 15.53
N LEU B 67 17.84 -0.24 3.84
N LEU B 67 -15.92 -3.91 -5.40
N LEU B 67 -0.89 -6.77 -5.80
N LEU B 67 -0.07 9.79 16.30
CA LEU B 67 19.25 -0.53 4.11
CA LEU B 67 -15.71 -4.10 -6.84
CA LEU B 67 -0.92 -7.70 -6.94
CA LEU B 67 -0.85 10.91 15.76
C LEU B 67 20.05 0.23 3.03
C LEU B 67 -17.08 -3.85 -7.50
C LEU B 67 -1.67 -6.95 -8.05
C LEU B 67 -0.20 12.19 16.32
N HIS B 68 21.26 0.56 3.30
N HIS B 68 -17.09 -3.47 -8.73
N HIS B 68 -1.43 -7.28 -9.27
N HIS B 68 -0.35 13.28 15.66
CA HIS B 68 22.07 1.25 2.28
CA HIS B 68 -18.38 -3.26 -9.42
CA HIS B 68 -2.17 -6.62 -10.38
CA HIS B 68 0.22 14.54 16.20
C HIS B 68 23.06 0.21 1.75
C HIS B 68 -18.55 -4.45 -10.36
C HIS B 68 -3.18 -7.64 -10.88
C HIS B 68 -0.96 15.35 16.72
N LEU B 69 23.22 0.15 0.44
N LEU B 69 -19.74 -5.02 -10.39
N LEU B 69 -4.40 -7.20 -11.10
N LEU B 69 -0.81 15.92 17.90
CA LEU B 69 24.18 -0.74 -0.19
CA LEU B 69 -20.06 -6.12 -11.30
CA LEU B 69 -5.45 -8.05 -11.65
CA LEU B 69 -1.84 16.79 18.48
C LEU B 69 25.38 0.00 -0.71
C LEU B 69 -20.95 -5.66 -12.42
C LEU B 69 -5.74 -7.71 -13.09
C LEU B 69 -1.44 18.23 18.44
N VAL B 70 26.55 -0.22 -0.19
N VAL B 70 -20.52 -5.69 -13.64
N VAL B 70 -5.51 -8.57 -14.02
N VAL B 70 -2.13 19.06 17.72
CA VAL B 70 27.78 0.42 -0.75
CA VAL B 70 -21.41 -5.35 -14.79
CA VAL B 70 -5.88 -8.31 -15.44
CA VAL B 70 -1.84 20.52 17.73
C VAL B 70 28.50 -0.75 -1.44
C VAL B 70 -21.66 -6.72 -15.46
C VAL B 70 -7.07 -9.26 -15.67
C VAL B 70 -3.01 21.13 18.50
N LEU B 71 29.08 -0.49 -2.59
N LEU B 71 -22.86 -6.96 -15.91
N LEU B 71 -8.08 -8.80 -16.38
N LEU B 71 -2.75 22.10 19.35
CA LEU B 71 29.83 -1.56 -3.31
CA LEU B 71 -23.17 -8.23 -16.60
CA LEU B 71 -9.24 -9.66 -16.68
CA LEU B 71 -3.83 22.76 20.11
C LEU B 71 31.30 -1.43 -3.00
C LEU B 71 -23.10 -8.03 -18.09
C LEU B 71 -9.08 -10.29 -18.04
C LEU B 71 -4.26 24.01 19.41
N MET A 1 6.38 18.40 -20.67
CA MET A 1 5.74 19.56 -20.05
C MET A 1 6.28 19.67 -18.60
N GLN A 2 6.34 20.88 -18.14
CA GLN A 2 6.81 21.11 -16.74
C GLN A 2 5.61 21.10 -15.81
N ILE A 3 5.80 20.45 -14.66
CA ILE A 3 4.77 20.47 -13.61
C ILE A 3 5.53 20.83 -12.30
N PHE A 4 4.75 21.23 -11.33
CA PHE A 4 5.40 21.59 -10.01
C PHE A 4 4.91 20.64 -8.96
N VAL A 5 5.74 20.16 -8.03
CA VAL A 5 5.27 19.32 -6.95
C VAL A 5 5.58 20.10 -5.65
N LYS A 6 4.57 20.50 -4.95
CA LYS A 6 4.78 21.30 -3.70
C LYS A 6 4.77 20.35 -2.53
N THR A 7 5.82 20.41 -1.68
CA THR A 7 5.88 19.52 -0.51
C THR A 7 5.42 20.27 0.74
N LEU A 8 5.24 19.58 1.84
CA LEU A 8 4.74 20.24 3.07
C LEU A 8 5.81 21.08 3.74
N THR A 9 7.06 21.03 3.24
CA THR A 9 8.08 21.90 3.94
C THR A 9 8.35 23.16 3.18
N GLY A 10 7.52 23.50 2.24
CA GLY A 10 7.67 24.69 1.43
C GLY A 10 8.68 24.63 0.33
N LYS A 11 9.10 23.43 0.00
CA LYS A 11 10.01 23.21 -1.12
C LYS A 11 9.11 22.84 -2.31
N THR A 12 9.42 23.38 -3.48
CA THR A 12 8.62 22.98 -4.66
C THR A 12 9.61 22.35 -5.64
N ILE A 13 9.25 21.19 -6.17
CA ILE A 13 10.23 20.60 -7.13
C ILE A 13 9.65 20.67 -8.52
N THR A 14 10.47 20.94 -9.51
CA THR A 14 9.89 20.97 -10.89
C THR A 14 10.25 19.66 -11.57
N LEU A 15 9.33 19.09 -12.33
CA LEU A 15 9.58 17.83 -13.01
C LEU A 15 9.25 18.02 -14.49
N GLU A 16 9.89 17.22 -15.31
CA GLU A 16 9.51 17.26 -16.76
C GLU A 16 8.85 15.92 -17.00
N VAL A 17 7.60 16.03 -17.42
CA VAL A 17 6.77 14.86 -17.67
C VAL A 17 5.93 15.04 -18.95
N GLU A 18 5.32 13.93 -19.31
CA GLU A 18 4.37 13.84 -20.41
C GLU A 18 3.06 13.38 -19.82
N PRO A 19 1.95 13.87 -20.34
CA PRO A 19 0.61 13.47 -19.90
C PRO A 19 0.43 11.98 -19.97
N SER A 20 1.19 11.31 -20.81
CA SER A 20 1.03 9.85 -20.98
C SER A 20 1.72 9.11 -19.87
N ASP A 21 2.49 9.83 -19.05
CA ASP A 21 3.19 9.10 -17.96
C ASP A 21 2.21 8.63 -16.92
N THR A 22 2.51 7.52 -16.30
CA THR A 22 1.71 6.99 -15.21
C THR A 22 2.16 7.68 -13.91
N ILE A 23 1.25 7.61 -12.94
CA ILE A 23 1.52 8.13 -11.60
C ILE A 23 2.72 7.40 -10.98
N GLU A 24 2.80 6.12 -11.24
CA GLU A 24 3.98 5.32 -10.73
C GLU A 24 5.27 5.90 -11.23
N CYS A 25 5.30 6.34 -12.52
CA CYS A 25 6.50 6.91 -13.13
C CYS A 25 6.85 8.24 -12.50
N VAL A 26 5.82 9.05 -12.28
CA VAL A 26 6.04 10.34 -11.65
C VAL A 26 6.71 10.15 -10.29
N LYS A 27 6.18 9.20 -9.52
CA LYS A 27 6.74 8.92 -8.19
C LYS A 27 8.19 8.48 -8.29
N ALA A 28 8.54 7.70 -9.30
CA ALA A 28 9.92 7.29 -9.53
C ALA A 28 10.80 8.47 -9.89
N LYS A 29 10.31 9.43 -10.66
CA LYS A 29 11.09 10.64 -10.97
C LYS A 29 11.35 11.47 -9.69
N ILE A 30 10.35 11.49 -8.81
CA ILE A 30 10.50 12.25 -7.55
C ILE A 30 11.53 11.50 -6.70
N GLN A 31 11.49 10.19 -6.69
CA GLN A 31 12.50 9.45 -5.86
C GLN A 31 13.90 9.76 -6.40
N ASP A 32 14.01 9.63 -7.70
CA ASP A 32 15.30 9.91 -8.37
C ASP A 32 15.83 11.29 -8.03
N LYS A 33 14.94 12.30 -7.98
CA LYS A 33 15.50 13.66 -7.74
C LYS A 33 15.53 14.13 -6.33
N GLU A 34 14.74 13.67 -5.41
CA GLU A 34 14.73 14.09 -4.02
C GLU A 34 14.92 12.96 -3.04
N GLY A 35 14.94 11.73 -3.52
CA GLY A 35 15.18 10.58 -2.69
C GLY A 35 14.07 10.02 -1.89
N ILE A 36 12.84 10.55 -2.06
CA ILE A 36 11.72 10.01 -1.29
C ILE A 36 11.20 8.72 -1.91
N PRO A 37 11.15 7.65 -1.13
CA PRO A 37 10.64 6.34 -1.58
C PRO A 37 9.21 6.46 -2.09
N PRO A 38 8.88 5.84 -3.19
CA PRO A 38 7.51 5.95 -3.73
C PRO A 38 6.45 5.52 -2.76
N ASP A 39 6.74 4.57 -1.90
CA ASP A 39 5.72 4.05 -0.95
C ASP A 39 5.34 5.08 0.11
N GLN A 40 6.16 6.11 0.23
CA GLN A 40 5.83 7.18 1.22
C GLN A 40 5.08 8.36 0.58
N GLN A 41 5.02 8.40 -0.74
CA GLN A 41 4.40 9.48 -1.46
C GLN A 41 2.90 9.36 -1.66
N ARG A 42 2.21 10.46 -1.32
CA ARG A 42 0.75 10.57 -1.60
C ARG A 42 0.62 11.80 -2.48
N LEU A 43 0.18 11.67 -3.73
CA LEU A 43 0.09 12.84 -4.63
C LEU A 43 -1.35 13.30 -4.76
N ILE A 44 -1.57 14.59 -4.57
CA ILE A 44 -2.91 15.19 -4.61
C ILE A 44 -3.02 16.28 -5.66
N PHE A 45 -4.11 16.19 -6.46
CA PHE A 45 -4.39 17.20 -7.50
C PHE A 45 -5.92 17.33 -7.53
N ALA A 46 -6.32 18.58 -7.46
CA ALA A 46 -7.74 18.98 -7.52
C ALA A 46 -8.59 18.14 -6.58
N GLY A 47 -8.08 17.99 -5.40
CA GLY A 47 -8.62 17.24 -4.29
C GLY A 47 -8.80 15.76 -4.47
N CYS A 48 -8.13 15.15 -5.41
CA CYS A 48 -8.12 13.71 -5.63
C CYS A 48 -6.78 13.12 -5.25
N GLN A 49 -6.74 11.97 -4.70
CA GLN A 49 -5.43 11.30 -4.47
C GLN A 49 -5.16 10.55 -5.77
N LEU A 50 -3.98 10.72 -6.33
CA LEU A 50 -3.65 10.11 -7.64
C LEU A 50 -3.29 8.65 -7.46
N GLU A 51 -3.77 7.80 -8.37
CA GLU A 51 -3.53 6.34 -8.25
C GLU A 51 -2.42 5.92 -9.18
N ASP A 52 -1.53 5.06 -8.79
CA ASP A 52 -0.35 4.62 -9.54
C ASP A 52 -0.48 4.20 -10.99
N GLY A 53 -1.50 3.45 -11.32
CA GLY A 53 -1.74 2.91 -12.67
C GLY A 53 -2.40 3.82 -13.65
N ARG A 54 -2.89 4.98 -13.21
CA ARG A 54 -3.49 5.96 -14.13
C ARG A 54 -2.37 6.83 -14.68
N THR A 55 -2.66 7.57 -15.72
CA THR A 55 -1.72 8.53 -16.36
C THR A 55 -2.16 9.94 -15.93
N LEU A 56 -1.27 10.90 -16.12
CA LEU A 56 -1.55 12.31 -15.83
C LEU A 56 -2.72 12.75 -16.70
N SER A 57 -2.80 12.25 -17.95
CA SER A 57 -3.93 12.69 -18.80
C SER A 57 -5.26 12.26 -18.24
N ASP A 58 -5.29 11.15 -17.53
CA ASP A 58 -6.56 10.64 -16.93
C ASP A 58 -7.20 11.71 -16.05
N TYR A 59 -6.37 12.41 -15.33
CA TYR A 59 -6.76 13.49 -14.42
C TYR A 59 -6.79 14.84 -15.09
N ASN A 60 -6.55 14.98 -16.38
CA ASN A 60 -6.58 16.32 -16.99
C ASN A 60 -5.58 17.25 -16.32
N ILE A 61 -4.36 16.77 -16.10
CA ILE A 61 -3.28 17.62 -15.54
C ILE A 61 -2.59 18.28 -16.73
N GLN A 62 -2.64 19.57 -16.85
CA GLN A 62 -2.07 20.32 -18.00
C GLN A 62 -0.74 20.97 -17.58
N LYS A 63 0.04 21.51 -18.58
CA LYS A 63 1.33 22.10 -18.24
C LYS A 63 1.17 23.16 -17.17
N GLU A 64 2.22 23.18 -16.36
CA GLU A 64 2.37 24.09 -15.26
C GLU A 64 1.44 23.96 -14.10
N SER A 65 0.81 22.79 -14.03
CA SER A 65 -0.07 22.42 -12.91
C SER A 65 0.84 22.18 -11.68
N THR A 66 0.25 22.25 -10.50
CA THR A 66 0.96 21.97 -9.25
C THR A 66 0.29 20.77 -8.56
N LEU A 67 1.06 19.74 -8.22
CA LEU A 67 0.49 18.62 -7.46
C LEU A 67 0.98 18.81 -6.00
N HIS A 68 0.26 18.31 -5.06
CA HIS A 68 0.72 18.43 -3.66
C HIS A 68 1.24 17.05 -3.26
N LEU A 69 2.38 17.02 -2.60
CA LEU A 69 2.96 15.77 -2.10
C LEU A 69 2.83 15.67 -0.60
N VAL A 70 2.10 14.73 -0.09
CA VAL A 70 2.03 14.52 1.38
C VAL A 70 2.81 13.21 1.60
N LEU A 71 3.60 13.15 2.65
CA LEU A 71 4.36 11.93 2.95
C LEU A 71 3.61 11.09 3.95
N ARG A 72 3.41 9.81 3.68
N ARG A 72 3.55 9.77 3.68
N ARG A 72 3.54 9.80 3.74
N ARG A 72 3.55 9.79 3.76
CA ARG A 72 2.61 8.94 4.56
CA ARG A 72 2.89 8.73 4.48
CA ARG A 72 2.80 8.93 4.68
CA ARG A 72 2.83 8.93 4.72
C ARG A 72 2.34 7.68 3.77
C ARG A 72 1.96 7.99 3.50
C ARG A 72 3.57 9.01 6.00
C ARG A 72 3.53 7.58 4.66
N LEU A 73 1.30 6.95 4.02
N LEU A 73 1.54 6.80 3.77
N LEU A 73 4.53 8.19 6.25
N LEU A 73 2.95 6.50 5.06
CA LEU A 73 1.06 5.71 3.23
CA LEU A 73 0.64 6.10 2.82
CA LEU A 73 5.26 8.28 7.54
CA LEU A 73 3.65 5.20 5.02
C LEU A 73 1.94 4.58 3.74
C LEU A 73 -0.22 5.09 3.56
C LEU A 73 4.30 8.06 8.70
C LEU A 73 4.97 5.29 5.77
N ARG A 74 2.39 4.78 4.97
N ARG A 74 -1.49 5.10 3.19
N ARG A 74 3.21 7.37 8.37
N ARG A 74 4.82 5.27 7.09
CA ARG A 74 3.26 3.81 5.66
CA ARG A 74 -2.49 4.20 3.80
CA ARG A 74 2.15 7.07 9.35
CA ARG A 74 5.98 5.36 8.00
C ARG A 74 3.53 4.30 7.07
C ARG A 74 -2.59 2.94 2.97
C ARG A 74 2.74 6.18 10.44
C ARG A 74 6.92 4.19 7.73
N GLY A 75 3.69 3.33 7.97
N GLY A 75 -3.30 1.96 3.51
N GLY A 75 3.56 5.24 10.01
N GLY A 75 6.30 3.05 7.46
CA GLY A 75 3.94 3.58 9.38
CA GLY A 75 -3.52 0.66 2.88
CA GLY A 75 4.21 4.28 10.88
CA GLY A 75 7.01 1.80 7.19
C GLY A 75 4.73 2.51 10.09
C GLY A 75 -4.75 -0.09 3.34
C GLY A 75 3.51 2.94 11.00
C GLY A 75 7.10 0.85 8.36
N GLY A 76 5.48 2.96 11.08
N GLY A 76 -4.97 -1.20 2.67
N GLY A 76 4.27 1.98 11.50
N GLY A 76 6.66 1.36 9.50
CA GLY A 76 6.32 2.12 11.95
CA GLY A 76 -6.09 -2.12 2.94
CA GLY A 76 3.84 0.60 11.72
CA GLY A 76 6.62 0.64 10.78
C GLY A 76 7.80 2.48 11.66
C GLY A 76 -5.59 -3.56 2.75
C GLY A 76 4.21 -0.24 10.50
C GLY A 76 5.20 0.07 10.97
N MET B 1 10.49 -4.44 9.01
N MET B 1 -10.34 -12.99 -0.37
N MET B 1 -1.25 -6.76 9.34
N MET B 1 -1.73 -0.75 20.12
CA MET B 1 10.88 -3.06 8.69
CA MET B 1 -10.39 -11.54 -0.20
CA MET B 1 -0.59 -5.70 8.56
CA MET B 1 -0.57 -0.23 19.38
C MET B 1 11.27 -3.04 7.19
C MET B 1 -11.82 -11.08 -0.55
C MET B 1 -1.52 -5.38 7.37
C MET B 1 -0.21 1.14 20.00
N GLN B 2 11.04 -1.90 6.60
N GLN B 2 -12.22 -10.03 0.11
N GLN B 2 -1.44 -4.14 6.96
N GLN B 2 1.05 1.43 19.93
CA GLN B 2 11.43 -1.74 5.16
CA GLN B 2 -13.58 -9.47 -0.17
CA GLN B 2 -2.27 -3.72 5.78
CA GLN B 2 1.53 2.75 20.46
C GLN B 2 12.84 -1.19 5.08
C GLN B 2 -13.48 -8.43 -1.27
C GLN B 2 -1.45 -3.90 4.52
C GLN B 2 1.49 3.78 19.34
N ILE B 3 13.61 -1.75 4.15
N ILE B 3 -14.44 -8.47 -2.18
N ILE B 3 -2.11 -4.41 3.49
N ILE B 3 1.02 4.97 19.69
CA ILE B 3 14.95 -1.22 3.87
CA ILE B 3 -14.55 -7.42 -3.22
CA ILE B 3 -1.48 -4.51 2.16
CA ILE B 3 1.08 6.11 18.74
C ILE B 3 15.03 -1.06 2.32
C ILE B 3 -16.03 -6.97 -3.21
C ILE B 3 -2.51 -3.91 1.16
C ILE B 3 1.68 7.29 19.54
N PHE B 4 16.00 -0.28 1.91
N PHE B 4 -16.23 -5.82 -3.81
N PHE B 4 -1.99 -3.60 0.00
N PHE B 4 2.12 8.27 18.77
CA PHE B 4 16.15 -0.08 0.42
CA PHE B 4 -17.65 -5.31 -3.87
CA PHE B 4 -2.92 -3.01 -1.04
CA PHE B 4 2.73 9.47 19.45
C PHE B 4 17.48 -0.65 -0.01
C PHE B 4 -18.09 -5.24 -5.30
C PHE B 4 -2.99 -3.96 -2.21
C PHE B 4 1.88 10.67 19.16
N VAL B 5 17.59 -1.31 -1.15
N VAL B 5 -19.32 -5.59 -5.65
N VAL B 5 -4.15 -4.18 -2.83
N VAL B 5 1.63 11.58 20.11
CA VAL B 5 18.87 -1.81 -1.64
CA VAL B 5 -19.80 -5.46 -7.01
CA VAL B 5 -4.23 -5.02 -4.01
CA VAL B 5 0.88 12.79 19.82
C VAL B 5 19.11 -1.07 -2.98
C VAL B 5 -20.99 -4.46 -6.94
C VAL B 5 -4.75 -4.09 -5.15
C VAL B 5 1.87 13.96 20.11
N LYS B 6 20.09 -0.25 -3.04
N LYS B 6 -20.83 -3.34 -7.54
N LYS B 6 -3.95 -3.85 -6.12
N LYS B 6 2.23 14.67 19.11
CA LYS B 6 20.36 0.52 -4.30
CA LYS B 6 -21.92 -2.29 -7.48
CA LYS B 6 -4.35 -2.93 -7.23
CA LYS B 6 3.22 15.80 19.31
C LYS B 6 21.39 -0.23 -5.09
C LYS B 6 -22.77 -2.43 -8.71
C LYS B 6 -4.91 -3.77 -8.36
C LYS B 6 2.43 17.08 19.50
N THR B 7 21.10 -0.50 -6.39
N THR B 7 -24.11 -2.55 -8.53
N THR B 7 -6.13 -3.44 -8.83
N THR B 7 2.73 17.82 20.58
CA THR B 7 22.07 -1.23 -7.22
CA THR B 7 -25.00 -2.69 -9.70
CA THR B 7 -6.74 -4.21 -9.92
CA THR B 7 2.00 19.08 20.84
C THR B 7 22.84 -0.23 -8.10
C THR B 7 -25.62 -1.34 -10.02
C THR B 7 -6.53 -3.47 -11.24
C THR B 7 2.87 20.25 20.37
N LEU B 8 23.87 -0.68 -8.77
N LEU B 8 -26.31 -1.23 -11.14
N LEU B 8 -6.84 -4.08 -12.35
N LEU B 8 2.32 21.45 20.34
CA LEU B 8 24.69 0.24 -9.60
CA LEU B 8 -26.91 0.06 -11.54
CA LEU B 8 -6.64 -3.45 -13.68
CA LEU B 8 3.07 22.63 19.86
C LEU B 8 23.99 0.66 -10.87
C LEU B 8 -28.13 0.43 -10.72
C LEU B 8 -7.63 -2.35 -13.97
C LEU B 8 4.12 23.09 20.85
N THR B 9 22.81 0.07 -11.17
N THR B 9 -28.59 -0.50 -9.85
N THR B 9 -8.65 -2.19 -13.10
N THR B 9 4.15 22.51 22.05
CA THR B 9 22.15 0.53 -12.44
CA THR B 9 -29.81 -0.10 -9.06
CA THR B 9 -9.62 -1.09 -13.42
CA THR B 9 5.21 23.00 22.99
C THR B 9 21.04 1.49 -12.17
C THR B 9 -29.45 0.31 -7.66
C THR B 9 -9.37 0.14 -12.61
C THR B 9 6.37 22.07 23.06
N GLY B 10 20.97 2.04 -11.00
N GLY B 10 -28.20 0.57 -7.40
N GLY B 10 -8.24 0.23 -11.98
N GLY B 10 6.50 21.17 22.14
CA GLY B 10 19.95 2.99 -10.61
CA GLY B 10 -27.71 0.97 -6.10
CA GLY B 10 -7.86 1.36 -11.14
CA GLY B 10 7.58 20.21 22.07
C GLY B 10 18.60 2.42 -10.29
C GLY B 10 -27.59 -0.11 -5.07
C GLY B 10 -8.48 1.42 -9.78
C GLY B 10 7.48 19.05 23.01
N LYS B 11 18.56 1.13 -10.07
N LYS B 11 -27.59 -1.34 -5.53
N LYS B 11 -9.02 0.31 -9.34
N LYS B 11 6.31 18.83 23.56
CA LYS B 11 17.34 0.45 -9.63
CA LYS B 11 -27.36 -2.49 -4.66
CA LYS B 11 -9.57 0.19 -8.01
CA LYS B 11 6.04 17.67 24.41
C LYS B 11 17.45 0.36 -8.10
C LYS B 11 -25.86 -2.83 -4.80
C LYS B 11 -8.45 -0.45 -7.16
C LYS B 11 5.42 16.61 23.48
N THR B 12 16.34 0.61 -7.41
N THR B 12 -25.22 -3.13 -3.70
N THR B 12 -8.26 0.05 -5.95
N THR B 12 5.83 15.37 23.65
CA THR B 12 16.39 0.45 -5.95
CA THR B 12 -23.81 -3.55 -3.81
CA THR B 12 -7.25 -0.59 -5.09
CA THR B 12 5.18 14.32 22.83
C THR B 12 15.33 -0.61 -5.62
C THR B 12 -23.72 -4.97 -3.25
C THR B 12 -8.00 -1.08 -3.84
C THR B 12 4.55 13.34 23.82
N ILE B 13 15.74 -1.59 -4.80
N ILE B 13 -23.08 -5.86 -4.00
N ILE B 13 -7.76 -2.33 -3.48
N ILE B 13 3.29 13.00 23.58
CA ILE B 13 14.69 -2.62 -4.48
CA ILE B 13 -23.00 -7.24 -3.43
CA ILE B 13 -8.50 -2.78 -2.25
CA ILE B 13 2.69 12.04 24.56
C ILE B 13 14.28 -2.46 -3.05
C ILE B 13 -21.59 -7.52 -3.01
C ILE B 13 -7.52 -2.94 -1.13
C ILE B 13 2.52 10.71 23.88
N THR B 14 13.02 -2.63 -2.74
N THR B 14 -21.40 -8.21 -1.91
N THR B 14 -7.92 -2.58 0.08
N THR B 14 2.75 9.63 24.59
CA THR B 14 12.63 -2.51 -1.31
CA THR B 14 -20.00 -8.51 -1.52
CA THR B 14 -6.95 -2.78 1.20
CA THR B 14 2.52 8.31 23.92
C THR B 14 12.46 -3.90 -0.75
C THR B 14 -19.71 -9.95 -1.90
C THR B 14 -7.36 -4.03 1.95
C THR B 14 1.19 7.77 24.40
N LEU B 15 12.91 -4.15 0.47
N LEU B 15 -18.52 -10.23 -2.42
N LEU B 15 -6.40 -4.85 2.37
N LEU B 15 0.41 7.17 23.51
CA LEU B 15 12.81 -5.46 1.08
CA LEU B 15 -18.16 -11.57 -2.82
CA LEU B 15 -6.69 -6.07 3.09
CA LEU B 15 -0.88 6.63 23.87
C LEU B 15 12.11 -5.31 2.44
C LEU B 15 -16.84 -11.95 -2.15
C LEU B 15 -5.89 -6.07 4.39
C LEU B 15 -0.94 5.16 23.43
N GLU B 16 11.48 -6.37 2.87
N GLU B 16 -16.65 -13.23 -1.97
N GLU B 16 -6.40 -6.78 5.37
N GLU B 16 -1.76 4.40 24.10
CA GLU B 16 10.90 -6.32 4.25
CA GLU B 16 -15.32 -13.65 -1.43
CA GLU B 16 -5.59 -6.92 6.62
CA GLU B 16 -1.95 2.99 23.62
C GLU B 16 11.75 -7.31 5.02
C GLU B 16 -14.68 -14.37 -2.59
C GLU B 16 -5.21 -8.38 6.62
C GLU B 16 -3.38 2.98 23.13
N VAL B 17 12.37 -6.75 6.06
N VAL B 17 -13.53 -13.84 -2.97
N VAL B 17 -3.89 -8.56 6.63
N VAL B 17 -3.48 2.65 21.84
CA VAL B 17 13.27 -7.52 6.91
CA VAL B 17 -12.77 -14.36 -4.10
CA VAL B 17 -3.29 -9.90 6.59
CA VAL B 17 -4.76 2.62 21.15
C VAL B 17 13.07 -7.16 8.39
C VAL B 17 -11.26 -14.37 -3.79
C VAL B 17 -2.09 -9.99 7.54
C VAL B 17 -4.86 1.40 20.22
N GLU B 18 13.73 -7.96 9.19
N GLU B 18 -10.57 -15.01 -4.71
N GLU B 18 -1.65 -11.23 7.67
N GLU B 18 -6.07 1.24 19.74
CA GLU B 18 13.80 -7.79 10.65
CA GLU B 18 -9.11 -15.09 -4.72
CA GLU B 18 -0.45 -11.59 8.43
CA GLU B 18 -6.41 0.23 18.72
C GLU B 18 15.28 -7.62 10.98
C GLU B 18 -8.66 -14.45 -6.04
C GLU B 18 0.48 -12.27 7.43
C GLU B 18 -6.94 0.98 17.52
N PRO B 19 15.58 -6.80 11.95
N PRO B 19 -7.54 -13.76 -6.01
N PRO B 19 1.78 -12.05 7.59
N PRO B 19 -6.65 0.49 16.33
CA PRO B 19 16.96 -6.59 12.41
CA PRO B 19 -6.98 -13.14 -7.21
CA PRO B 19 2.78 -12.68 6.74
CA PRO B 19 -7.15 1.10 15.09
C PRO B 19 17.62 -7.89 12.80
C PRO B 19 -6.77 -14.15 -8.33
C PRO B 19 2.66 -14.18 6.73
C PRO B 19 -8.64 1.24 15.08
N SER B 20 16.84 -8.87 13.17
N SER B 20 -6.64 -15.41 -7.97
N SER B 20 2.07 -14.74 7.77
N SER B 20 -9.33 0.41 15.86
CA SER B 20 17.41 -10.16 13.61
CA SER B 20 -6.38 -16.44 -8.99
CA SER B 20 1.96 -16.20 7.86
CA SER B 20 -10.80 0.44 15.88
C SER B 20 17.83 -11.01 12.44
C SER B 20 -7.66 -16.83 -9.69
C SER B 20 0.81 -16.71 7.02
C SER B 20 -11.31 1.58 16.73
N ASP B 21 17.47 -10.57 11.23
N ASP B 21 -8.80 -16.35 -9.19
N ASP B 21 0.00 -15.79 6.49
N ASP B 21 -10.40 2.24 17.46
CA ASP B 21 17.85 -11.41 10.06
CA ASP B 21 -10.07 -16.74 -9.85
CA ASP B 21 -1.15 -16.27 5.68
CA ASP B 21 -10.89 3.34 18.33
C ASP B 21 19.35 -11.33 9.85
C ASP B 21 -10.18 -16.08 -11.20
C ASP B 21 -0.65 -16.83 4.38
C ASP B 21 -11.31 4.51 17.48
N THR B 22 19.90 -12.42 9.35
N THR B 22 -10.82 -16.76 -12.12
N THR B 22 -1.36 -17.83 3.87
N THR B 22 -12.30 5.24 17.96
CA THR B 22 21.31 -12.47 9.00
CA THR B 22 -11.08 -16.22 -13.44
CA THR B 22 -1.08 -18.41 2.58
CA THR B 22 -12.77 6.45 17.31
C THR B 22 21.48 -11.89 7.58
C THR B 22 -12.36 -15.35 -13.36
C THR B 22 -1.74 -17.54 1.48
C THR B 22 -11.86 7.61 17.74
N ILE B 23 22.73 -11.50 7.32
N ILE B 23 -12.47 -14.48 -14.36
N ILE B 23 -1.21 -17.73 0.28
N ILE B 23 -11.91 8.66 16.92
CA ILE B 23 23.11 -11.01 6.01
CA ILE B 23 -13.66 -13.64 -14.51
CA ILE B 23 -1.75 -17.06 -0.89
CA ILE B 23 -11.19 9.90 17.22
C ILE B 23 22.88 -12.09 4.94
C ILE B 23 -14.90 -14.51 -14.70
C ILE B 23 -3.21 -17.49 -1.12
C ILE B 23 -11.68 10.50 18.53
N GLU B 24 23.14 -13.32 5.30
N GLU B 24 -14.75 -15.60 -15.42
N GLU B 24 -3.49 -18.74 -0.85
N GLU B 24 -12.98 10.40 18.77
CA GLU B 24 22.89 -14.45 4.35
CA GLU B 24 -15.90 -16.55 -15.61
CA GLU B 24 -4.90 -19.24 -0.97
CA GLU B 24 -13.55 10.90 20.06
C GLU B 24 21.44 -14.48 3.93
C GLU B 24 -16.41 -17.04 -14.28
C GLU B 24 -5.83 -18.44 -0.08
C GLU B 24 -12.89 10.23 21.23
N ASN B 25 20.55 -14.23 4.88
N ASN B 25 -15.49 -17.32 -13.37
N ASN B 25 -5.37 -18.13 1.12
N ASN B 25 -12.65 8.93 21.12
CA ASN B 25 19.10 -14.22 4.66
CA ASN B 25 -15.80 -17.83 -12.01
CA ASN B 25 -6.13 -17.38 2.12
CA ASN B 25 -12.02 8.11 22.16
C ASN B 25 18.67 -13.09 3.71
C ASN B 25 -16.55 -16.78 -11.19
C ASN B 25 -6.39 -15.94 1.66
C ASN B 25 -10.57 8.53 22.42
N VAL B 26 19.25 -11.93 3.98
N VAL B 26 -16.05 -15.56 -11.28
N VAL B 26 -5.34 -15.34 1.12
N VAL B 26 -9.88 8.76 21.32
CA VAL B 26 18.98 -10.77 3.14
CA VAL B 26 -16.68 -14.44 -10.57
CA VAL B 26 -5.44 -13.98 0.60
CA VAL B 26 -8.48 9.20 21.40
C VAL B 26 19.35 -11.08 1.70
C VAL B 26 -18.13 -14.32 -11.02
C VAL B 26 -6.52 -13.94 -0.48
C VAL B 26 -8.42 10.51 22.18
N LYS B 27 20.53 -11.66 1.52
N LYS B 27 -18.34 -14.37 -12.33
N LYS B 27 -6.48 -14.92 -1.39
N LYS B 27 -9.31 11.43 21.83
CA LYS B 27 21.00 -12.00 0.18
CA LYS B 27 -19.69 -14.26 -12.89
CA LYS B 27 -7.46 -14.97 -2.48
CA LYS B 27 -9.35 12.74 22.50
C LYS B 27 20.05 -12.99 -0.50
C LYS B 27 -20.58 -15.38 -12.38
C LYS B 27 -8.87 -15.11 -1.92
C LYS B 27 -9.62 12.57 23.99
N ALA B 28 19.51 -13.93 0.26
N ALA B 28 -20.04 -16.58 -12.25
N ALA B 28 -9.05 -15.88 -0.86
N ALA B 28 -10.48 11.64 24.36
CA ALA B 28 18.53 -14.89 -0.28
CA ALA B 28 -20.80 -17.71 -11.71
CA ALA B 28 -10.36 -16.02 -0.21
CA ALA B 28 -10.76 11.35 25.77
C ALA B 28 17.24 -14.18 -0.68
C ALA B 28 -21.15 -17.49 -10.24
C ALA B 28 -10.81 -14.72 0.41
C ALA B 28 -9.54 10.79 26.47
N LYS B 29 16.79 -13.19 0.07
N LYS B 29 -20.26 -16.90 -9.45
N LYS B 29 -9.91 -13.94 1.01
N LYS B 29 -8.76 9.94 25.81
CA LYS B 29 15.59 -12.42 -0.31
CA LYS B 29 -20.57 -16.58 -8.04
CA LYS B 29 -10.27 -12.62 1.56
CA LYS B 29 -7.51 9.41 26.41
C LYS B 29 15.83 -11.64 -1.61
C LYS B 29 -21.71 -15.54 -7.96
C LYS B 29 -10.73 -11.66 0.43
C LYS B 29 -6.50 10.56 26.64
N ILE B 30 17.06 -11.14 -1.77
N ILE B 30 -21.69 -14.59 -8.89
N ILE B 30 -10.06 -11.78 -0.72
N ILE B 30 -6.47 11.50 25.71
CA ILE B 30 17.39 -10.38 -2.99
CA ILE B 30 -22.73 -13.55 -8.90
CA ILE B 30 -10.43 -10.90 -1.85
CA ILE B 30 -5.54 12.64 25.85
C ILE B 30 17.42 -11.39 -4.15
C ILE B 30 -24.05 -14.24 -9.31
C ILE B 30 -11.80 -11.37 -2.35
C ILE B 30 -6.05 13.49 27.02
N GLN B 31 17.95 -12.57 -3.93
N GLN B 31 -24.01 -15.15 -10.25
N GLN B 31 -12.05 -12.65 -2.38
N GLN B 31 -7.34 13.67 27.14
CA GLN B 31 17.98 -13.56 -5.05
CA GLN B 31 -25.28 -15.84 -10.63
CA GLN B 31 -13.40 -13.10 -2.85
CA GLN B 31 -7.83 14.49 28.29
C GLN B 31 16.52 -13.88 -5.46
C GLN B 31 -25.83 -16.60 -9.41
C GLN B 31 -14.47 -12.56 -1.90
C GLN B 31 -7.44 13.82 29.61
N ASP B 32 15.75 -14.18 -4.45
N ASP B 32 -24.94 -17.34 -8.81
N ASP B 32 -14.20 -12.76 -0.62
N ASP B 32 -7.73 12.53 29.65
CA ASP B 32 14.31 -14.49 -4.66
CA ASP B 32 -25.30 -18.12 -7.61
CA ASP B 32 -15.13 -12.28 0.42
CA ASP B 32 -7.39 11.72 30.84
C ASP B 32 13.62 -13.42 -5.46
C ASP B 32 -25.94 -17.26 -6.55
C ASP B 32 -15.42 -10.80 0.27
C ASP B 32 -5.94 11.85 31.21
N LYS B 33 13.90 -12.14 -5.16
N LYS B 33 -25.39 -16.05 -6.32
N LYS B 33 -14.40 -9.99 -0.04
N LYS B 33 -5.03 11.84 30.21
CA LYS B 33 13.13 -11.09 -5.87
CA LYS B 33 -25.97 -15.26 -5.21
CA LYS B 33 -14.70 -8.54 -0.08
CA LYS B 33 -3.59 11.87 30.61
C LYS B 33 13.74 -10.53 -7.12
C LYS B 33 -27.05 -14.30 -5.54
C LYS B 33 -15.06 -7.96 -1.40
C LYS B 33 -2.94 13.20 30.68
N GLU B 34 15.02 -10.55 -7.34
N GLU B 34 -27.19 -13.78 -6.74
N GLU B 34 -14.70 -8.50 -2.53
N GLU B 34 -3.36 14.24 30.01
CA GLU B 34 15.67 -10.02 -8.53
CA GLU B 34 -28.22 -12.84 -7.12
CA GLU B 34 -15.04 -7.98 -3.84
CA GLU B 34 -2.77 15.55 30.04
C GLU B 34 16.52 -11.03 -9.26
C GLU B 34 -29.06 -13.29 -8.29
C GLU B 34 -15.75 -8.97 -4.72
C GLU B 34 -3.72 16.65 30.43
N GLY B 35 16.70 -12.21 -8.68
N GLY B 35 -28.69 -14.41 -8.90
N GLY B 35 -15.89 -10.21 -4.28
N GLY B 35 -5.00 16.33 30.58
CA GLY B 35 17.44 -13.28 -9.31
CA GLY B 35 -29.46 -14.99 -9.98
CA GLY B 35 -16.61 -11.21 -5.00
CA GLY B 35 -5.99 17.27 31.01
C GLY B 35 18.90 -13.26 -9.24
C GLY B 35 -29.30 -14.43 -11.35
C GLY B 35 -15.96 -11.92 -6.11
C GLY B 35 -6.57 18.22 30.03
N ILE B 36 19.49 -12.32 -8.49
N ILE B 36 -28.35 -13.49 -11.54
N ILE B 36 -14.65 -11.67 -6.33
N ILE B 36 -6.21 18.08 28.75
CA ILE B 36 20.96 -12.29 -8.40
CA ILE B 36 -28.17 -12.93 -12.88
CA ILE B 36 -13.97 -12.36 -7.43
CA ILE B 36 -6.77 19.01 27.76
C ILE B 36 21.46 -13.33 -7.41
C ILE B 36 -27.34 -13.86 -13.75
C ILE B 36 -13.57 -13.77 -7.01
C ILE B 36 -8.18 18.60 27.37
N PRO B 37 22.35 -14.21 -7.84
N PRO B 37 -27.87 -14.25 -14.91
N PRO B 37 -13.99 -14.76 -7.79
N PRO B 37 -9.14 19.52 27.51
CA PRO B 37 22.97 -15.24 -6.98
CA PRO B 37 -27.17 -15.12 -15.86
CA PRO B 37 -13.68 -16.18 -7.53
CA PRO B 37 -10.54 19.27 27.13
C PRO B 37 23.65 -14.62 -5.79
C PRO B 37 -25.85 -14.52 -16.27
C PRO B 37 -12.16 -16.39 -7.50
C PRO B 37 -10.65 18.87 25.67
N PRO B 38 23.49 -15.16 -4.61
N PRO B 38 -24.79 -15.29 -16.35
N PRO B 38 -11.66 -17.15 -6.57
N PRO B 38 -11.46 17.89 25.35
CA PRO B 38 24.13 -14.59 -3.42
CA PRO B 38 -23.48 -14.75 -16.73
CA PRO B 38 -10.20 -17.37 -6.48
CA PRO B 38 -11.59 17.46 23.95
C PRO B 38 25.63 -14.47 -3.54
C PRO B 38 -23.48 -14.05 -18.06
C PRO B 38 -9.61 -17.93 -7.75
C PRO B 38 -12.00 18.56 23.01
N ASP B 39 26.26 -15.37 -4.24
N ASP B 39 -24.30 -14.50 -18.99
N ASP B 39 -10.35 -18.73 -8.47
N ASP B 39 -12.79 19.50 23.48
CA ASP B 39 27.74 -15.33 -4.36
CA ASP B 39 -24.32 -13.90 -20.35
CA ASP B 39 -9.81 -19.38 -9.71
CA ASP B 39 -13.30 20.59 22.60
C ASP B 39 28.25 -14.14 -5.16
C ASP B 39 -24.86 -12.48 -20.35
C ASP B 39 -9.56 -18.36 -10.82
C ASP B 39 -12.18 21.53 22.17
N GLN B 40 27.34 -13.50 -5.89
N GLN B 40 -25.51 -12.09 -19.26
N GLN B 40 -10.12 -17.17 -10.68
N GLN B 40 -11.04 21.46 22.84
CA GLN B 40 27.74 -12.31 -6.67
CA GLN B 40 -26.05 -10.71 -19.17
CA GLN B 40 -9.90 -16.12 -11.70
CA GLN B 40 -9.91 22.33 22.46
C GLN B 40 27.47 -11.00 -5.91
C GLN B 40 -25.09 -9.77 -18.43
C GLN B 40 -8.75 -15.17 -11.32
C GLN B 40 -8.91 21.61 21.53
N GLN B 41 26.75 -11.06 -4.82
N GLN B 41 -24.07 -10.31 -17.79
N GLN B 41 -8.28 -15.25 -10.09
N GLN B 41 -9.06 20.32 21.37
CA GLN B 41 26.37 -9.90 -4.04
CA GLN B 41 -23.13 -9.55 -17.01
CA GLN B 41 -7.24 -14.38 -9.58
CA GLN B 41 -8.17 19.50 20.56
C GLN B 41 27.38 -9.43 -3.03
C GLN B 41 -21.99 -8.92 -17.78
C GLN B 41 -5.82 -14.81 -9.88
C GLN B 41 -8.48 19.46 19.09
N ARG B 42 27.67 -8.14 -3.08
N ARG B 42 -21.79 -7.63 -17.54
N ARG B 42 -5.05 -13.85 -10.41
N ARG B 42 -7.45 19.71 18.29
CA ARG B 42 28.52 -7.47 -2.04
CA ARG B 42 -20.61 -6.90 -18.09
CA ARG B 42 -3.58 -14.06 -10.61
CA ARG B 42 -7.53 19.54 16.81
C ARG B 42 27.65 -6.39 -1.46
C ARG B 42 -19.89 -6.36 -16.88
C ARG B 42 -2.93 -12.95 -9.80
C ARG B 42 -6.46 18.53 16.47
N LEU B 43 27.29 -6.46 -0.17
N LEU B 43 -18.67 -6.79 -16.59
N LEU B 43 -2.16 -13.26 -8.75
N LEU B 43 -6.80 17.35 15.97
CA LEU B 43 26.39 -5.44 0.43
CA LEU B 43 -17.96 -6.32 -15.37
CA LEU B 43 -1.55 -12.20 -7.91
CA LEU B 43 -5.78 16.32 15.67
C LEU B 43 27.20 -4.47 1.28
C LEU B 43 -16.90 -5.28 -15.76
C LEU B 43 -0.07 -12.07 -8.25
C LEU B 43 -5.52 16.26 14.17
N ILE B 44 26.98 -3.18 1.04
N ILE B 44 -16.91 -4.16 -15.06
N ILE B 44 0.35 -10.84 -8.49
N ILE B 44 -4.24 16.30 13.80
CA ILE B 44 27.70 -2.11 1.73
CA ILE B 44 -16.00 -3.04 -15.33
CA ILE B 44 1.73 -10.52 -8.86
CA ILE B 44 -3.83 16.30 12.40
C ILE B 44 26.77 -1.17 2.47
C ILE B 44 -15.17 -2.68 -14.11
C ILE B 44 2.39 -9.56 -7.89
C ILE B 44 -2.89 15.13 12.09
N PHE B 45 27.13 -0.91 3.76
N PHE B 45 -13.84 -2.55 -14.35
N PHE B 45 3.63 -9.94 -7.47
N PHE B 45 -3.22 14.44 10.97
CA PHE B 45 26.35 0.02 4.59
CA PHE B 45 -12.89 -2.15 -13.29
CA PHE B 45 4.43 -9.09 -6.58
CA PHE B 45 -2.40 13.31 10.49
C PHE B 45 27.40 0.74 5.47
C PHE B 45 -11.84 -1.27 -14.00
C PHE B 45 5.89 -9.28 -7.03
C PHE B 45 -2.46 13.39 8.95
N ALA B 46 27.26 2.05 5.44
N ALA B 46 -11.65 -0.13 -13.37
N ALA B 46 6.50 -8.13 -7.21
N ALA B 46 -1.26 13.34 8.41
CA ALA B 46 28.10 2.97 6.23
CA ALA B 46 -10.66 0.88 -13.79
CA ALA B 46 7.92 -8.03 -7.59
CA ALA B 46 -1.04 13.34 6.95
C ALA B 46 29.57 2.63 6.08
C ALA B 46 -10.78 1.14 -15.29
C ALA B 46 8.24 -8.96 -8.76
C ALA B 46 -1.85 14.45 6.28
N GLY B 47 29.95 2.41 4.85
N GLY B 47 -12.00 1.32 -15.71
N GLY B 47 7.37 -8.90 -9.73
N GLY B 47 -1.78 15.60 6.88
CA GLY B 47 31.25 2.05 4.37
CA GLY B 47 -12.45 1.58 -17.05
CA GLY B 47 7.37 -9.65 -10.96
CA GLY B 47 -2.41 16.83 6.52
C GLY B 47 31.84 0.75 4.86
C GLY B 47 -12.17 0.53 -18.09
C GLY B 47 7.27 -11.15 -10.85
C GLY B 47 -3.93 16.84 6.50
N LYS B 48 31.03 -0.16 5.32
N LYS B 48 -11.94 -0.69 -17.69
N LYS B 48 6.79 -11.66 -9.76
N LYS B 48 -4.56 15.95 7.21
CA LYS B 48 31.49 -1.49 5.77
CA LYS B 48 -11.69 -1.80 -18.62
CA LYS B 48 6.61 -13.11 -9.58
CA LYS B 48 -6.02 15.91 7.30
C LYS B 48 30.89 -2.52 4.80
C LYS B 48 -12.86 -2.79 -18.47
C LYS B 48 5.09 -13.37 -9.46
C LYS B 48 -6.39 16.19 8.78
N GLN B 49 31.63 -3.55 4.49
N GLN B 49 -13.31 -3.39 -19.54
N GLN B 49 4.62 -14.45 -10.02
N GLN B 49 -7.45 16.92 9.01
CA GLN B 49 31.07 -4.65 3.66
CA GLN B 49 -14.35 -4.44 -19.43
CA GLN B 49 3.18 -14.82 -9.83
CA GLN B 49 -7.92 17.13 10.41
C GLN B 49 30.40 -5.57 4.68
C GLN B 49 -13.55 -5.72 -19.17
C GLN B 49 3.17 -15.59 -8.51
C GLN B 49 -8.80 15.90 10.69
N LEU B 50 29.17 -5.94 4.44
N LEU B 50 -13.92 -6.48 -18.17
N LEU B 50 2.28 -15.24 -7.61
N LEU B 50 -8.58 15.23 11.79
CA LEU B 50 28.40 -6.75 5.40
CA LEU B 50 -13.18 -7.68 -17.78
CA LEU B 50 2.24 -15.86 -6.27
CA LEU B 50 -9.31 13.99 12.11
C LEU B 50 28.79 -8.21 5.29
C LEU B 50 -13.52 -8.84 -18.69
C LEU B 50 1.55 -17.21 -6.34
C LEU B 50 -10.69 14.32 12.66
N GLU B 51 28.94 -8.90 6.43
N GLU B 51 -12.50 -9.61 -19.10
N GLU B 51 2.08 -18.21 -5.63
N GLU B 51 -11.70 13.57 12.23
CA GLU B 51 29.37 -10.31 6.41
CA GLU B 51 -12.74 -10.73 -20.04
CA GLU B 51 1.50 -19.57 -5.69
CA GLU B 51 -13.09 13.86 12.67
C GLU B 51 28.19 -11.22 6.61
C GLU B 51 -12.79 -12.03 -19.30
C GLU B 51 0.68 -19.82 -4.46
C GLU B 51 -13.48 12.89 13.75
N ASP B 52 28.10 -12.32 5.92
N ASP B 52 -13.66 -12.94 -19.63
N ASP B 52 -0.47 -20.46 -4.56
N ASP B 52 -14.19 13.32 14.78
CA ASP B 52 26.98 -13.26 5.94
CA ASP B 52 -13.88 -14.22 -18.94
CA ASP B 52 -1.41 -20.70 -3.48
CA ASP B 52 -14.58 12.53 15.94
C ASP B 52 26.39 -13.74 7.26
C ASP B 52 -12.71 -15.12 -18.61
C ASP B 52 -0.94 -21.26 -2.15
C ASP B 52 -15.21 11.16 15.77
N GLY B 53 27.23 -14.06 8.22
N GLY B 53 -11.77 -15.28 -19.50
N GLY B 53 -0.06 -22.23 -2.17
N GLY B 53 -16.11 11.01 14.83
CA GLY B 53 26.82 -14.60 9.53
CA GLY B 53 -10.59 -16.16 -19.35
CA GLY B 53 0.46 -22.91 -0.96
CA GLY B 53 -16.85 9.76 14.58
C GLY B 53 26.39 -13.59 10.55
C GLY B 53 -9.45 -15.60 -18.58
C GLY B 53 1.58 -22.22 -0.24
C GLY B 53 -16.16 8.74 13.74
N ARG B 54 26.56 -12.30 10.29
N ARG B 54 -9.46 -14.31 -18.24
N ARG B 54 2.15 -21.16 -0.80
N ARG B 54 -15.02 9.06 13.14
CA ARG B 54 26.10 -11.25 11.21
CA ARG B 54 -8.39 -13.71 -17.42
CA ARG B 54 3.19 -20.39 -0.12
CA ARG B 54 -14.24 8.08 12.36
C ARG B 54 24.64 -10.95 10.91
C ARG B 54 -8.75 -13.93 -15.95
C ARG B 54 2.51 -19.36 0.78
C ARG B 54 -13.33 7.34 13.32
N THR B 55 23.97 -10.27 11.80
N THR B 55 -7.78 -13.72 -15.09
N THR B 55 3.27 -18.77 1.68
N THR B 55 -12.78 6.23 12.87
CA THR B 55 22.57 -9.84 11.62
CA THR B 55 -7.96 -13.83 -13.62
CA THR B 55 2.79 -17.71 2.59
CA THR B 55 -11.82 5.42 13.64
C THR B 55 22.60 -8.32 11.31
C THR B 55 -8.01 -12.39 -13.07
C THR B 55 3.38 -16.37 2.05
C THR B 55 -10.41 5.70 13.05
N LEU B 56 21.49 -7.82 10.82
N LEU B 56 -8.47 -12.26 -11.85
N LEU B 56 2.83 -15.28 2.53
N LEU B 56 -9.40 5.31 13.79
CA LEU B 56 21.33 -6.39 10.51
CA LEU B 56 -8.53 -10.96 -11.15
CA LEU B 56 3.29 -13.93 2.18
CA LEU B 56 -8.00 5.45 13.36
C LEU B 56 21.50 -5.61 11.81
C LEU B 56 -7.10 -10.42 -11.02
C LEU B 56 4.75 -13.80 2.64
C LEU B 56 -7.81 4.63 12.08
N SER B 57 21.03 -6.17 12.94
N SER B 57 -6.13 -11.33 -10.81
N SER B 57 5.08 -14.41 3.79
N SER B 57 -8.49 3.46 12.00
CA SER B 57 21.19 -5.39 14.20
CA SER B 57 -4.74 -10.81 -10.68
CA SER B 57 6.49 -14.28 4.25
CA SER B 57 -8.29 2.66 10.77
C SER B 57 22.64 -5.20 14.58
C SER B 57 -4.25 -10.15 -11.95
C SER B 57 7.47 -14.92 3.30
C SER B 57 -8.80 3.37 9.53
N ASP B 58 23.49 -6.15 14.19
N ASP B 58 -4.73 -10.62 -13.08
N ASP B 58 7.03 -15.96 2.60
N ASP B 58 -9.80 4.22 9.69
CA ASP B 58 24.94 -6.05 14.49
CA ASP B 58 -4.33 -10.04 -14.40
CA ASP B 58 7.90 -16.66 1.63
CA ASP B 58 -10.37 4.98 8.55
C ASP B 58 25.52 -4.73 13.97
C ASP B 58 -4.58 -8.53 -14.43
C ASP B 58 8.47 -15.68 0.59
C ASP B 58 -9.28 5.78 7.83
N TYR B 59 25.07 -4.35 12.81
N TYR B 59 -5.68 -8.14 -13.85
N TYR B 59 7.62 -14.78 0.18
N TYR B 59 -8.40 6.32 8.62
CA TYR B 59 25.48 -3.12 12.13
CA TYR B 59 -6.10 -6.74 -13.76
CA TYR B 59 7.95 -13.73 -0.79
CA TYR B 59 -7.26 7.12 8.15
C TYR B 59 24.59 -1.95 12.48
C TYR B 59 -5.61 -6.06 -12.49
C TYR B 59 8.46 -12.47 -0.15
C TYR B 59 -6.02 6.30 7.92
N ASN B 60 23.63 -2.03 13.37
N ASN B 60 -4.81 -6.68 -11.64
N ASN B 60 8.67 -12.38 1.15
N ASN B 60 -6.03 4.99 8.04
CA ASN B 60 22.79 -0.85 13.67
CA ASN B 60 -4.36 -5.98 -10.42
CA ASN B 60 9.18 -11.13 1.73
CA ASN B 60 -4.79 4.22 7.80
C ASN B 60 22.10 -0.34 12.41
C ASN B 60 -5.56 -5.54 -9.57
C ASN B 60 8.24 -9.96 1.43
C ASN B 60 -3.67 4.68 8.73
N ILE B 61 21.53 -1.24 11.63
N ILE B 61 -6.51 -6.41 -9.38
N ILE B 61 6.95 -10.17 1.60
N ILE B 61 -3.98 4.86 10.00
CA ILE B 61 20.75 -0.83 10.42
CA ILE B 61 -7.68 -6.12 -8.50
CA ILE B 61 5.96 -9.07 1.41
CA ILE B 61 -2.93 5.22 11.00
C ILE B 61 19.31 -0.62 10.90
C ILE B 61 -7.26 -6.56 -7.09
C ILE B 61 5.83 -8.38 2.77
C ILE B 61 -2.37 3.90 11.52
N GLN B 62 18.79 0.58 10.82
N GLN B 62 -7.16 -5.66 -6.15
N GLN B 62 6.20 -7.14 2.87
N GLN B 62 -1.11 3.63 11.30
CA GLN B 62 17.43 0.92 11.31
CA GLN B 62 -6.70 -5.95 -4.76
CA GLN B 62 6.17 -6.39 4.16
CA GLN B 62 -0.46 2.34 11.70
C GLN B 62 16.47 1.03 10.13
C GLN B 62 -7.90 -5.98 -3.82
C GLN B 62 4.96 -5.45 4.19
C GLN B 62 0.38 2.56 12.95
N LYS B 63 15.17 1.12 10.39
N LYS B 63 -7.70 -6.44 -2.59
N LYS B 63 4.67 -4.86 5.34
N LYS B 63 0.87 1.48 13.57
CA LYS B 63 14.16 1.17 9.36
CA LYS B 63 -8.78 -6.60 -1.63
CA LYS B 63 3.51 -4.00 5.50
CA LYS B 63 1.62 1.57 14.80
C LYS B 63 14.48 2.31 8.39
C LYS B 63 -9.51 -5.25 -1.48
C LYS B 63 3.54 -2.89 4.45
C LYS B 63 2.81 2.51 14.60
N GLU B 64 14.19 2.00 7.12
N GLU B 64 -10.83 -5.40 -1.32
N GLU B 64 2.33 -2.59 3.99
N GLU B 64 3.07 3.25 15.69
CA GLU B 64 14.38 2.88 5.99
CA GLU B 64 -11.76 -4.32 -1.15
CA GLU B 64 2.03 -1.59 3.00
CA GLU B 64 4.13 4.22 15.80
C GLU B 64 15.78 3.25 5.61
C GLU B 64 -11.99 -3.40 -2.30
C GLU B 64 2.52 -1.82 1.60
C GLU B 64 4.05 5.46 14.96
N SER B 65 16.71 2.44 6.08
N SER B 65 -11.62 -3.87 -3.48
N SER B 65 2.82 -3.08 1.31
N SER B 65 2.84 5.73 14.50
CA SER B 65 18.13 2.55 5.73
CA SER B 65 -11.85 -3.16 -4.75
CA SER B 65 3.21 -3.54 -0.02
CA SER B 65 2.52 6.95 13.75
C SER B 65 18.29 2.11 4.26
C SER B 65 -13.37 -3.23 -5.04
C SER B 65 1.95 -3.49 -0.91
C SER B 65 2.56 8.14 14.75
N THR B 66 19.36 2.50 3.62
N THR B 66 -13.85 -2.35 -5.87
N THR B 66 2.14 -3.45 -2.21
N THR B 66 2.71 9.33 14.25
CA THR B 66 19.68 2.09 2.25
CA THR B 66 -15.25 -2.36 -6.31
CA THR B 66 1.04 -3.49 -3.17
CA THR B 66 2.68 10.54 15.07
C THR B 66 21.00 1.34 2.27
C THR B 66 -15.29 -2.53 -7.82
C THR B 66 1.19 -4.73 -4.04
C THR B 66 1.53 11.42 14.59
N LEU B 67 21.04 0.11 1.71
N LEU B 67 -16.05 -3.52 -8.31
N LEU B 67 0.14 -5.56 -4.14
N LEU B 67 0.63 11.83 15.52
CA LEU B 67 22.30 -0.61 1.59
CA LEU B 67 -16.22 -3.68 -9.76
CA LEU B 67 0.20 -6.71 -5.05
CA LEU B 67 -0.42 12.77 15.15
C LEU B 67 22.72 -0.48 0.11
C LEU B 67 -17.62 -3.13 -10.08
C LEU B 67 -0.66 -6.31 -6.27
C LEU B 67 0.01 14.15 15.69
N HIS B 68 23.97 -0.56 -0.17
N HIS B 68 -17.84 -2.69 -11.27
N HIS B 68 -0.39 -6.87 -7.40
N HIS B 68 -0.44 15.20 15.12
CA HIS B 68 24.41 -0.50 -1.59
CA HIS B 68 -19.19 -2.20 -11.63
CA HIS B 68 -1.22 -6.56 -8.59
CA HIS B 68 -0.08 16.54 15.65
C HIS B 68 24.78 -1.92 -1.99
C HIS B 68 -19.81 -3.28 -12.51
C HIS B 68 -2.13 -7.77 -8.81
C HIS B 68 -1.32 17.05 16.37
N LEU B 69 24.34 -2.33 -3.17
N LEU B 69 -21.07 -3.60 -12.26
N LEU B 69 -3.40 -7.52 -9.08
N LEU B 69 -1.14 17.62 17.54
CA LEU B 69 24.68 -3.65 -3.70
CA LEU B 69 -21.80 -4.56 -13.07
CA LEU B 69 -4.35 -8.58 -9.38
CA LEU B 69 -2.23 18.21 18.31
C LEU B 69 25.67 -3.55 -4.82
C LEU B 69 -22.81 -3.89 -13.94
C LEU B 69 -4.71 -8.58 -10.84
C LEU B 69 -2.15 19.72 18.29
N VAL B 70 26.85 -4.06 -4.68
N VAL B 70 -22.69 -3.94 -15.22
N VAL B 70 -4.40 -9.62 -11.56
N VAL B 70 -3.09 20.40 17.72
CA VAL B 70 27.84 -4.09 -5.80
CA VAL B 70 -23.74 -3.38 -16.12
CA VAL B 70 -4.82 -9.72 -12.99
CA VAL B 70 -3.10 21.88 17.77
C VAL B 70 27.88 -5.56 -6.22
C VAL B 70 -24.40 -4.62 -16.73
C VAL B 70 -5.91 -10.81 -12.96
C VAL B 70 -4.26 22.20 18.73
N LEU B 71 27.94 -5.83 -7.50
N LEU B 71 -25.71 -4.60 -16.88
N LEU B 71 -6.97 -10.63 -13.70
N LEU B 71 -4.10 23.18 19.59
CA LEU B 71 28.03 -7.22 -7.98
CA LEU B 71 -26.43 -5.74 -17.47
CA LEU B 71 -8.04 -11.66 -13.76
CA LEU B 71 -5.17 23.58 20.52
C LEU B 71 29.46 -7.58 -8.24
C LEU B 71 -26.65 -5.50 -18.94
C LEU B 71 -7.84 -12.55 -14.95
C LEU B 71 -5.95 24.73 19.95
N MET A 1 6.38 18.40 -20.67
CA MET A 1 5.74 19.56 -20.05
C MET A 1 6.28 19.67 -18.60
N GLN A 2 6.34 20.88 -18.14
CA GLN A 2 6.81 21.11 -16.74
C GLN A 2 5.61 21.10 -15.81
N ILE A 3 5.80 20.45 -14.66
CA ILE A 3 4.77 20.47 -13.61
C ILE A 3 5.53 20.83 -12.30
N PHE A 4 4.75 21.23 -11.33
CA PHE A 4 5.40 21.59 -10.01
C PHE A 4 4.91 20.64 -8.96
N VAL A 5 5.74 20.16 -8.03
CA VAL A 5 5.27 19.32 -6.95
C VAL A 5 5.58 20.10 -5.65
N LYS A 6 4.57 20.50 -4.95
CA LYS A 6 4.78 21.30 -3.70
C LYS A 6 4.77 20.35 -2.53
N THR A 7 5.82 20.41 -1.68
CA THR A 7 5.88 19.52 -0.51
C THR A 7 5.42 20.27 0.74
N LEU A 8 5.24 19.58 1.84
CA LEU A 8 4.74 20.24 3.07
C LEU A 8 5.81 21.08 3.74
N THR A 9 7.06 21.03 3.24
CA THR A 9 8.08 21.90 3.94
C THR A 9 8.35 23.16 3.18
N GLY A 10 7.52 23.50 2.24
CA GLY A 10 7.67 24.69 1.43
C GLY A 10 8.68 24.63 0.33
N LYS A 11 9.10 23.43 0.00
CA LYS A 11 10.01 23.21 -1.12
C LYS A 11 9.11 22.84 -2.31
N THR A 12 9.42 23.38 -3.48
CA THR A 12 8.62 22.98 -4.66
C THR A 12 9.61 22.35 -5.64
N ILE A 13 9.25 21.19 -6.17
CA ILE A 13 10.23 20.60 -7.13
C ILE A 13 9.65 20.67 -8.52
N THR A 14 10.47 20.94 -9.51
CA THR A 14 9.89 20.97 -10.89
C THR A 14 10.25 19.66 -11.57
N LEU A 15 9.33 19.09 -12.33
CA LEU A 15 9.58 17.83 -13.01
C LEU A 15 9.25 18.02 -14.49
N GLU A 16 9.89 17.22 -15.31
CA GLU A 16 9.51 17.26 -16.76
C GLU A 16 8.85 15.92 -17.00
N VAL A 17 7.60 16.03 -17.42
CA VAL A 17 6.77 14.86 -17.67
C VAL A 17 5.93 15.04 -18.95
N GLU A 18 5.32 13.93 -19.31
CA GLU A 18 4.37 13.84 -20.41
C GLU A 18 3.06 13.38 -19.82
N PRO A 19 1.95 13.87 -20.34
CA PRO A 19 0.61 13.47 -19.90
C PRO A 19 0.43 11.98 -19.97
N SER A 20 1.19 11.31 -20.81
CA SER A 20 1.03 9.85 -20.98
C SER A 20 1.72 9.11 -19.87
N ASP A 21 2.49 9.83 -19.05
CA ASP A 21 3.19 9.10 -17.96
C ASP A 21 2.21 8.63 -16.92
N THR A 22 2.51 7.52 -16.30
CA THR A 22 1.71 6.99 -15.21
C THR A 22 2.16 7.68 -13.91
N ILE A 23 1.25 7.61 -12.94
CA ILE A 23 1.52 8.13 -11.60
C ILE A 23 2.72 7.40 -10.98
N GLU A 24 2.80 6.12 -11.24
CA GLU A 24 3.98 5.32 -10.73
C GLU A 24 5.27 5.90 -11.23
N CYS A 25 5.30 6.34 -12.52
CA CYS A 25 6.50 6.91 -13.13
C CYS A 25 6.85 8.24 -12.50
N VAL A 26 5.82 9.05 -12.28
CA VAL A 26 6.04 10.34 -11.65
C VAL A 26 6.71 10.15 -10.29
N LYS A 27 6.18 9.20 -9.52
CA LYS A 27 6.74 8.92 -8.19
C LYS A 27 8.19 8.48 -8.29
N ALA A 28 8.54 7.70 -9.30
CA ALA A 28 9.92 7.29 -9.53
C ALA A 28 10.80 8.47 -9.89
N LYS A 29 10.31 9.43 -10.66
CA LYS A 29 11.09 10.64 -10.97
C LYS A 29 11.35 11.47 -9.69
N ILE A 30 10.35 11.49 -8.81
CA ILE A 30 10.50 12.25 -7.55
C ILE A 30 11.53 11.50 -6.70
N GLN A 31 11.49 10.19 -6.69
CA GLN A 31 12.50 9.45 -5.86
C GLN A 31 13.90 9.76 -6.40
N ASP A 32 14.01 9.63 -7.70
CA ASP A 32 15.30 9.91 -8.37
C ASP A 32 15.83 11.29 -8.03
N LYS A 33 14.94 12.30 -7.98
CA LYS A 33 15.50 13.66 -7.74
C LYS A 33 15.53 14.13 -6.33
N GLU A 34 14.74 13.67 -5.41
CA GLU A 34 14.73 14.09 -4.02
C GLU A 34 14.92 12.96 -3.04
N GLY A 35 14.94 11.73 -3.52
CA GLY A 35 15.18 10.58 -2.69
C GLY A 35 14.07 10.02 -1.89
N ILE A 36 12.84 10.55 -2.06
CA ILE A 36 11.72 10.01 -1.29
C ILE A 36 11.20 8.72 -1.91
N PRO A 37 11.15 7.65 -1.13
CA PRO A 37 10.64 6.34 -1.58
C PRO A 37 9.21 6.46 -2.09
N PRO A 38 8.88 5.84 -3.19
CA PRO A 38 7.51 5.95 -3.73
C PRO A 38 6.45 5.52 -2.76
N ASP A 39 6.74 4.57 -1.90
CA ASP A 39 5.72 4.05 -0.95
C ASP A 39 5.34 5.08 0.11
N GLN A 40 6.16 6.11 0.23
CA GLN A 40 5.83 7.18 1.22
C GLN A 40 5.08 8.36 0.58
N GLN A 41 5.02 8.40 -0.74
CA GLN A 41 4.40 9.48 -1.46
C GLN A 41 2.90 9.36 -1.66
N ARG A 42 2.21 10.46 -1.32
CA ARG A 42 0.75 10.57 -1.60
C ARG A 42 0.62 11.80 -2.48
N LEU A 43 0.18 11.67 -3.73
CA LEU A 43 0.09 12.84 -4.63
C LEU A 43 -1.35 13.30 -4.76
N ILE A 44 -1.57 14.59 -4.57
CA ILE A 44 -2.91 15.19 -4.61
C ILE A 44 -3.02 16.28 -5.66
N PHE A 45 -4.11 16.19 -6.46
CA PHE A 45 -4.39 17.20 -7.50
C PHE A 45 -5.92 17.33 -7.53
N ALA A 46 -6.32 18.58 -7.46
CA ALA A 46 -7.74 18.98 -7.52
C ALA A 46 -8.59 18.14 -6.58
N GLY A 47 -8.08 17.99 -5.40
CA GLY A 47 -8.62 17.24 -4.29
C GLY A 47 -8.80 15.76 -4.47
N CYS A 48 -8.13 15.15 -5.41
CA CYS A 48 -8.12 13.71 -5.63
C CYS A 48 -6.78 13.12 -5.25
N GLN A 49 -6.74 11.97 -4.70
CA GLN A 49 -5.43 11.30 -4.47
C GLN A 49 -5.16 10.55 -5.77
N LEU A 50 -3.98 10.72 -6.33
CA LEU A 50 -3.65 10.11 -7.64
C LEU A 50 -3.29 8.65 -7.46
N GLU A 51 -3.77 7.80 -8.37
CA GLU A 51 -3.53 6.34 -8.25
C GLU A 51 -2.42 5.92 -9.18
N ASP A 52 -1.53 5.06 -8.79
CA ASP A 52 -0.35 4.62 -9.54
C ASP A 52 -0.48 4.20 -10.99
N GLY A 53 -1.50 3.45 -11.32
CA GLY A 53 -1.74 2.91 -12.67
C GLY A 53 -2.40 3.82 -13.65
N ARG A 54 -2.89 4.98 -13.21
CA ARG A 54 -3.49 5.96 -14.13
C ARG A 54 -2.37 6.83 -14.68
N THR A 55 -2.66 7.57 -15.72
CA THR A 55 -1.72 8.53 -16.36
C THR A 55 -2.16 9.94 -15.93
N LEU A 56 -1.27 10.90 -16.12
CA LEU A 56 -1.55 12.31 -15.83
C LEU A 56 -2.72 12.75 -16.70
N SER A 57 -2.80 12.25 -17.95
CA SER A 57 -3.93 12.69 -18.80
C SER A 57 -5.26 12.26 -18.24
N ASP A 58 -5.29 11.15 -17.53
CA ASP A 58 -6.56 10.64 -16.93
C ASP A 58 -7.20 11.71 -16.05
N TYR A 59 -6.37 12.41 -15.33
CA TYR A 59 -6.76 13.49 -14.42
C TYR A 59 -6.79 14.84 -15.09
N ASN A 60 -6.55 14.98 -16.38
CA ASN A 60 -6.58 16.32 -16.99
C ASN A 60 -5.58 17.25 -16.32
N ILE A 61 -4.36 16.77 -16.10
CA ILE A 61 -3.28 17.62 -15.54
C ILE A 61 -2.59 18.28 -16.73
N GLN A 62 -2.64 19.57 -16.85
CA GLN A 62 -2.07 20.32 -18.00
C GLN A 62 -0.74 20.97 -17.58
N LYS A 63 0.04 21.51 -18.58
CA LYS A 63 1.33 22.10 -18.24
C LYS A 63 1.17 23.16 -17.17
N GLU A 64 2.22 23.18 -16.36
CA GLU A 64 2.37 24.09 -15.26
C GLU A 64 1.44 23.96 -14.10
N SER A 65 0.81 22.79 -14.03
CA SER A 65 -0.07 22.42 -12.91
C SER A 65 0.84 22.18 -11.68
N THR A 66 0.25 22.25 -10.50
CA THR A 66 0.96 21.97 -9.25
C THR A 66 0.29 20.77 -8.56
N LEU A 67 1.06 19.74 -8.22
CA LEU A 67 0.49 18.62 -7.46
C LEU A 67 0.98 18.81 -6.00
N HIS A 68 0.26 18.31 -5.06
CA HIS A 68 0.72 18.43 -3.66
C HIS A 68 1.24 17.05 -3.26
N LEU A 69 2.38 17.02 -2.60
CA LEU A 69 2.96 15.77 -2.10
C LEU A 69 2.83 15.67 -0.60
N VAL A 70 2.10 14.73 -0.09
CA VAL A 70 2.03 14.52 1.38
C VAL A 70 2.81 13.21 1.60
N LEU A 71 3.60 13.15 2.65
CA LEU A 71 4.36 11.93 2.95
C LEU A 71 3.61 11.09 3.95
N ARG A 72 3.56 9.80 3.75
N ARG A 72 3.54 9.77 3.72
N ARG A 72 3.57 9.79 3.73
N ARG A 72 3.52 9.78 3.78
CA ARG A 72 2.87 8.90 4.69
CA ARG A 72 2.85 8.82 4.61
CA ARG A 72 2.90 8.80 4.60
CA ARG A 72 2.77 8.99 4.76
C ARG A 72 3.89 8.59 5.78
C ARG A 72 2.27 7.75 3.68
C ARG A 72 1.69 9.55 5.18
C ARG A 72 3.32 7.57 4.65
N LEU A 73 3.50 8.27 6.98
N LEU A 73 1.21 7.99 2.98
N LEU A 73 1.34 9.38 6.42
N LEU A 73 2.67 6.56 5.13
CA LEU A 73 4.51 7.97 8.02
CA LEU A 73 0.65 6.92 2.11
CA LEU A 73 0.16 10.10 6.96
CA LEU A 73 3.24 5.19 5.01
C LEU A 73 3.89 7.07 9.09
C LEU A 73 0.42 5.66 2.91
C LEU A 73 -1.12 9.44 6.47
C LEU A 73 4.63 5.15 5.62
N ARG A 74 2.79 7.55 9.63
N ARG A 74 -0.85 5.45 3.23
N ARG A 74 -1.39 8.29 7.08
N ARG A 74 5.01 3.93 5.99
CA ARG A 74 2.06 6.84 10.69
CA ARG A 74 -1.28 4.29 4.02
CA ARG A 74 -2.58 7.48 6.77
CA ARG A 74 6.32 3.68 6.61
C ARG A 74 1.57 5.50 10.13
C ARG A 74 -2.73 3.95 3.67
C ARG A 74 -2.67 6.32 7.75
C ARG A 74 6.36 4.40 7.96
N GLY A 75 1.73 4.47 10.95
N GLY A 75 -2.97 2.66 3.49
N GLY A 75 -1.53 6.03 8.37
N GLY A 75 5.64 3.82 8.91
CA GLY A 75 1.35 3.10 10.62
CA GLY A 75 -4.28 2.13 3.13
CA GLY A 75 -1.40 4.95 9.34
CA GLY A 75 5.55 4.36 10.27
C GLY A 75 2.20 2.45 9.54
C GLY A 75 -4.27 0.74 2.53
C GLY A 75 0.02 4.58 9.69
C GLY A 75 5.70 3.33 11.37
N GLY A 76 3.43 2.92 9.48
N GLY A 76 -5.48 0.28 2.23
N GLY A 76 0.10 3.54 10.51
N GLY A 76 6.09 2.15 10.94
CA GLY A 76 4.47 2.45 8.54
CA GLY A 76 -5.74 -1.02 1.62
CA GLY A 76 1.36 2.97 11.01
CA GLY A 76 6.34 0.98 11.82
C GLY A 76 5.75 2.18 9.33
C GLY A 76 -6.72 -1.79 2.53
C GLY A 76 1.99 2.14 9.88
C GLY A 76 5.04 0.16 11.90
N MET B 1 8.51 -5.68 7.73
N MET B 1 -12.21 -12.43 1.12
N MET B 1 -0.76 -5.37 9.72
N MET B 1 -2.29 -1.29 20.22
CA MET B 1 8.92 -4.27 7.57
CA MET B 1 -12.35 -10.97 1.19
CA MET B 1 -0.14 -4.35 8.87
CA MET B 1 -1.10 -0.78 19.52
C MET B 1 9.55 -4.15 6.15
C MET B 1 -13.66 -10.62 0.46
C MET B 1 -1.08 -4.14 7.65
C MET B 1 -0.77 0.60 20.12
N GLN B 2 9.40 -2.98 5.61
N GLN B 2 -14.26 -9.54 0.91
N GLN B 2 -1.05 -2.94 7.16
N GLN B 2 0.49 0.92 20.09
CA GLN B 2 10.00 -2.74 4.25
CA GLN B 2 -15.52 -9.08 0.26
CA GLN B 2 -1.89 -2.62 5.97
CA GLN B 2 0.91 2.25 20.61
C GLN B 2 11.41 -2.18 4.44
C GLN B 2 -15.17 -8.09 -0.84
C GLN B 2 -1.08 -2.87 4.70
C GLN B 2 0.93 3.24 19.46
N ILE B 3 12.31 -2.68 3.60
N ILE B 3 -15.86 -8.23 -1.96
N ILE B 3 -1.72 -3.48 3.72
N ILE B 3 0.44 4.44 19.75
CA ILE B 3 13.68 -2.12 3.57
CA ILE B 3 -15.73 -7.24 -3.06
CA ILE B 3 -1.10 -3.65 2.40
CA ILE B 3 0.53 5.55 18.77
C ILE B 3 13.99 -1.87 2.06
C ILE B 3 -17.18 -6.87 -3.47
C ILE B 3 -2.15 -3.15 1.37
C ILE B 3 1.10 6.77 19.56
N PHE B 4 15.00 -1.06 1.86
N PHE B 4 -17.26 -5.76 -4.16
N PHE B 4 -1.65 -2.91 0.18
N PHE B 4 1.56 7.71 18.79
CA PHE B 4 15.38 -0.77 0.43
CA PHE B 4 -18.64 -5.32 -4.61
CA PHE B 4 -2.60 -2.42 -0.89
CA PHE B 4 2.12 8.94 19.47
C PHE B 4 16.76 -1.30 0.17
C PHE B 4 -18.69 -5.36 -6.11
C PHE B 4 -2.65 -3.45 -1.99
C PHE B 4 1.29 10.13 19.10
N VAL B 5 17.06 -1.90 -0.98
N VAL B 5 -19.78 -5.79 -6.74
N VAL B 5 -3.80 -3.76 -2.58
N VAL B 5 0.98 11.06 20.00
CA VAL B 5 18.40 -2.36 -1.29
CA VAL B 5 -19.89 -5.75 -8.19
CA VAL B 5 -3.87 -4.68 -3.70
CA VAL B 5 0.24 12.26 19.65
C VAL B 5 18.84 -1.54 -2.54
C VAL B 5 -21.08 -4.82 -8.49
C VAL B 5 -4.42 -3.86 -4.89
C VAL B 5 1.20 13.44 19.95
N LYS B 6 19.81 -0.71 -2.39
N LYS B 6 -20.83 -3.71 -9.10
N LYS B 6 -3.63 -3.66 -5.89
N LYS B 6 1.61 14.14 18.95
CA LYS B 6 20.26 0.14 -3.54
CA LYS B 6 -21.93 -2.73 -9.38
CA LYS B 6 -4.06 -2.83 -7.06
CA LYS B 6 2.57 15.28 19.15
C LYS B 6 21.42 -0.55 -4.21
C LYS B 6 -22.42 -2.97 -10.78
C LYS B 6 -4.60 -3.77 -8.11
C LYS B 6 1.78 16.55 19.26
N THR B 7 21.32 -0.74 -5.55
N THR B 7 -23.75 -3.16 -10.95
N THR B 7 -5.83 -3.50 -8.61
N THR B 7 2.01 17.33 20.35
CA THR B 7 22.43 -1.42 -6.27
CA THR B 7 -24.31 -3.40 -12.28
CA THR B 7 -6.42 -4.37 -9.64
CA THR B 7 1.27 18.58 20.52
C THR B 7 23.31 -0.36 -6.94
C THR B 7 -24.88 -2.10 -12.85
C THR B 7 -6.25 -3.72 -11.01
C THR B 7 2.14 19.75 20.06
N LEU B 8 24.44 -0.76 -7.48
N LEU B 8 -25.25 -2.08 -14.12
N LEU B 8 -6.55 -4.43 -12.08
N LEU B 8 1.58 20.95 19.97
CA LEU B 8 25.37 0.20 -8.11
CA LEU B 8 -25.77 -0.85 -14.73
CA LEU B 8 -6.35 -3.88 -13.44
CA LEU B 8 2.35 22.12 19.49
C LEU B 8 24.87 0.71 -9.45
C LEU B 8 -27.18 -0.51 -14.27
C LEU B 8 -7.40 -2.84 -13.79
C LEU B 8 3.35 22.62 20.52
N THR B 9 23.75 0.14 -9.96
N THR B 9 -27.82 -1.41 -13.50
N THR B 9 -8.41 -2.65 -12.93
N THR B 9 3.32 22.06 21.73
CA THR B 9 23.30 0.67 -11.29
CA THR B 9 -29.21 -1.03 -13.08
CA THR B 9 -9.42 -1.61 -13.33
CA THR B 9 4.33 22.59 22.71
C THR B 9 22.14 1.62 -11.13
C THR B 9 -29.24 -0.53 -11.66
C THR B 9 -9.20 -0.32 -12.60
C THR B 9 5.51 21.68 22.87
N GLY B 10 21.89 2.09 -9.96
N GLY B 10 -28.11 -0.20 -11.11
N GLY B 10 -8.08 -0.14 -11.99
N GLY B 10 5.67 20.75 21.98
CA GLY B 10 20.81 3.01 -9.67
CA GLY B 10 -28.00 0.29 -9.75
CA GLY B 10 -7.73 1.05 -11.25
CA GLY B 10 6.76 19.80 21.99
C GLY B 10 19.43 2.41 -9.60
C GLY B 10 -28.09 -0.73 -8.66
C GLY B 10 -8.35 1.19 -9.89
C GLY B 10 6.63 18.66 22.97
N LYS B 11 19.37 1.11 -9.46
N LYS B 11 -27.94 -1.97 -9.02
N LYS B 11 -8.85 0.10 -9.37
N LYS B 11 5.44 18.46 23.45
CA LYS B 11 18.11 0.42 -9.28
CA LYS B 11 -27.90 -3.07 -8.05
CA LYS B 11 -9.39 0.05 -8.01
CA LYS B 11 5.14 17.32 24.33
C LYS B 11 17.97 0.22 -7.75
C LYS B 11 -26.41 -3.33 -7.79
C LYS B 11 -8.23 -0.48 -7.13
C LYS B 11 4.56 16.23 23.40
N THR B 12 16.77 0.43 -7.23
N THR B 12 -26.06 -3.55 -6.54
N THR B 12 -8.06 0.11 -5.96
N THR B 12 4.98 14.99 23.62
CA THR B 12 16.59 0.17 -5.79
CA THR B 12 -24.65 -3.89 -6.26
CA THR B 12 -7.03 -0.44 -5.07
CA THR B 12 4.38 13.92 22.81
C THR B 12 15.52 -0.91 -5.68
C THR B 12 -24.67 -5.27 -5.61
C THR B 12 -7.75 -0.85 -3.79
C THR B 12 3.71 12.96 23.80
N ILE B 13 15.79 -1.94 -4.89
N ILE B 13 -23.81 -6.17 -6.10
N ILE B 13 -7.48 -2.08 -3.33
N ILE B 13 2.46 12.61 23.50
CA ILE B 13 14.73 -2.98 -4.79
CA ILE B 13 -23.84 -7.50 -5.45
CA ILE B 13 -8.19 -2.46 -2.07
CA ILE B 13 1.83 11.67 24.48
C ILE B 13 14.10 -2.92 -3.43
C ILE B 13 -22.58 -7.69 -4.66
C ILE B 13 -7.21 -2.51 -0.95
C ILE B 13 1.68 10.31 23.84
N THR B 14 12.80 -3.11 -3.34
N THR B 14 -22.66 -8.31 -3.50
N THR B 14 -7.60 -2.08 0.23
N THR B 14 1.89 9.25 24.59
CA THR B 14 12.20 -3.09 -1.98
CA THR B 14 -21.39 -8.52 -2.75
CA THR B 14 -6.62 -2.17 1.36
CA THR B 14 1.70 7.92 23.95
C THR B 14 11.96 -4.51 -1.54
C THR B 14 -20.96 -9.95 -2.96
C THR B 14 -6.98 -3.36 2.20
C THR B 14 0.36 7.37 24.37
N LEU B 15 12.21 -4.84 -0.29
N LEU B 15 -19.67 -10.20 -3.13
N LEU B 15 -6.00 -4.12 2.67
N LEU B 15 -0.37 6.75 23.47
CA LEU B 15 12.04 -6.18 0.22
CA LEU B 15 -19.17 -11.54 -3.35
CA LEU B 15 -6.25 -5.30 3.47
CA LEU B 15 -1.68 6.20 23.78
C LEU B 15 11.14 -6.12 1.45
C LEU B 15 -18.06 -11.82 -2.32
C LEU B 15 -5.45 -5.18 4.77
C LEU B 15 -1.70 4.72 23.38
N GLU B 16 10.46 -7.21 1.71
N GLU B 16 -17.87 -13.08 -2.02
N GLU B 16 -5.93 -5.84 5.79
N GLU B 16 -2.54 3.98 24.04
CA GLU B 16 9.68 -7.24 2.99
CA GLU B 16 -16.71 -13.40 -1.14
CA GLU B 16 -5.11 -5.86 7.04
CA GLU B 16 -2.70 2.55 23.58
C GLU B 16 10.40 -8.28 3.82
C GLU B 16 -15.76 -14.16 -2.04
C GLU B 16 -4.67 -7.31 7.16
C GLU B 16 -4.11 2.52 23.02
N VAL B 17 10.85 -7.79 4.97
N VAL B 17 -14.58 -13.57 -2.15
N VAL B 17 -3.35 -7.44 7.17
N VAL B 17 -4.14 2.15 21.76
CA VAL B 17 11.61 -8.61 5.91
CA VAL B 17 -13.53 -14.10 -3.00
CA VAL B 17 -2.71 -8.76 7.21
CA VAL B 17 -5.39 2.08 21.00
C VAL B 17 11.19 -8.34 7.36
C VAL B 17 -12.15 -14.03 -2.31
C VAL B 17 -1.50 -8.74 8.16
C VAL B 17 -5.43 0.84 20.10
N GLU B 18 11.71 -9.20 8.20
N GLU B 18 -11.23 -14.68 -3.00
N GLU B 18 -1.03 -9.95 8.37
N GLU B 18 -6.61 0.65 19.56
CA GLU B 18 11.57 -9.11 9.66
CA GLU B 18 -9.81 -14.68 -2.62
CA GLU B 18 0.19 -10.22 9.14
CA GLU B 18 -6.90 -0.39 18.57
C GLU B 18 12.97 -8.97 10.22
C GLU B 18 -9.06 -14.09 -3.82
C GLU B 18 1.14 -10.94 8.20
C GLU B 18 -7.38 0.32 17.32
N PRO B 19 13.11 -8.20 11.29
N PRO B 19 -8.01 -13.34 -3.54
N PRO B 19 2.42 -10.66 8.33
N PRO B 19 -7.04 -0.20 16.16
CA PRO B 19 14.40 -8.02 11.96
CA PRO B 19 -7.17 -12.75 -4.59
CA PRO B 19 3.45 -11.32 7.52
CA PRO B 19 -7.47 0.36 14.88
C PRO B 19 15.01 -9.34 12.37
C PRO B 19 -6.65 -13.80 -5.55
C PRO B 19 3.38 -12.83 7.62
C PRO B 19 -8.97 0.49 14.80
N SER B 20 14.18 -10.35 12.55
N SER B 20 -6.57 -15.04 -5.09
N SER B 20 2.81 -13.33 8.70
N SER B 20 -9.68 -0.31 15.56
CA SER B 20 14.69 -11.66 12.99
CA SER B 20 -6.02 -16.11 -5.95
CA SER B 20 2.74 -14.79 8.89
CA SER B 20 -11.15 -0.30 15.50
C SER B 20 15.29 -12.43 11.84
C SER B 20 -7.06 -16.60 -6.93
C SER B 20 1.61 -15.38 8.10
C SER B 20 -11.71 0.86 16.30
N ASP B 21 15.13 -11.92 10.63
N ASP B 21 -8.31 -16.15 -6.76
N ASP B 21 0.77 -14.53 7.51
N ASP B 21 -10.84 1.55 17.05
CA ASP B 21 15.70 -12.68 9.48
CA ASP B 21 -9.35 -16.64 -7.71
CA ASP B 21 -0.36 -15.11 6.74
CA ASP B 21 -11.37 2.67 17.86
C ASP B 21 17.20 -12.59 9.51
C ASP B 21 -9.12 -16.06 -9.08
C ASP B 21 0.14 -15.75 5.48
C ASP B 21 -11.77 3.81 16.95
N THR B 22 17.85 -13.64 9.03
N THR B 22 -9.48 -16.81 -10.09
N THR B 22 -0.54 -16.80 5.05
N THR B 22 -12.79 4.55 17.37
CA THR B 22 19.28 -13.68 8.91
CA THR B 22 -9.41 -16.36 -11.46
CA THR B 22 -0.23 -17.47 3.81
CA THR B 22 -13.22 5.73 16.66
C THR B 22 19.67 -13.00 7.57
C THR B 22 -10.70 -15.55 -11.77
C THR B 22 -0.93 -16.69 2.65
C THR B 22 -12.34 6.92 17.11
N ILE B 23 20.95 -12.59 7.53
N ILE B 23 -10.57 -14.75 -12.83
N ILE B 23 -0.41 -16.95 1.46
N ILE B 23 -12.36 7.93 16.24
CA ILE B 23 21.51 -12.02 6.32
CA ILE B 23 -11.71 -13.98 -13.32
CA ILE B 23 -0.98 -16.38 0.25
CA ILE B 23 -11.66 9.19 16.54
C ILE B 23 21.46 -13.02 5.18
C ILE B 23 -12.83 -14.92 -13.77
C ILE B 23 -2.42 -16.87 0.07
C ILE B 23 -12.23 9.82 17.81
N GLU B 24 21.69 -14.27 5.49
N GLU B 24 -12.46 -16.03 -14.36
N GLU B 24 -2.67 -18.11 0.42
N GLU B 24 -13.53 9.73 17.99
CA GLU B 24 21.59 -15.35 4.44
CA GLU B 24 -13.48 -17.05 -14.77
CA GLU B 24 -4.06 -18.67 0.35
CA GLU B 24 -14.18 10.26 19.23
C GLU B 24 20.22 -15.35 3.80
C GLU B 24 -14.29 -17.50 -13.59
C GLU B 24 -5.00 -17.84 1.19
C GLU B 24 -13.57 9.63 20.46
N ASN B 25 19.20 -15.17 4.61
N ASN B 25 -13.64 -17.69 -12.45
N ASN B 25 -4.55 -17.42 2.36
N ASN B 25 -13.31 8.33 20.39
CA ASN B 25 17.79 -15.15 4.17
CA ASN B 25 -14.26 -18.13 -11.20
CA ASN B 25 -5.33 -16.62 3.31
CA ASN B 25 -12.73 7.55 21.48
C ASN B 25 17.51 -13.96 3.25
C ASN B 25 -15.24 -17.09 -10.66
C ASN B 25 -5.64 -15.24 2.75
C ASN B 25 -11.30 7.98 21.80
N VAL B 26 18.03 -12.82 3.67
N VAL B 26 -14.79 -15.85 -10.71
N VAL B 26 -4.61 -14.64 2.16
N VAL B 26 -10.54 8.18 20.74
CA VAL B 26 17.87 -11.60 2.88
CA VAL B 26 -15.61 -14.73 -10.25
CA VAL B 26 -4.76 -13.34 1.55
CA VAL B 26 -9.17 8.63 20.87
C VAL B 26 18.46 -11.81 1.49
C VAL B 26 -16.91 -14.71 -11.07
C VAL B 26 -5.84 -13.40 0.47
C VAL B 26 -9.14 9.97 21.61
N LYS B 27 19.66 -12.38 1.46
N LYS B 27 -16.76 -14.84 -12.39
N LYS B 27 -5.78 -14.43 -0.36
N LYS B 27 -10.03 10.87 21.19
CA LYS B 27 20.35 -12.64 0.18
CA LYS B 27 -17.92 -14.82 -13.28
CA LYS B 27 -6.76 -14.59 -1.43
CA LYS B 27 -10.11 12.20 21.82
C LYS B 27 19.53 -13.59 -0.68
C LYS B 27 -18.88 -15.96 -12.95
C LYS B 27 -8.16 -14.74 -0.86
C LYS B 27 -10.46 12.08 23.30
N ALA B 28 18.89 -14.57 -0.09
N ALA B 28 -18.36 -17.12 -12.59
N ALA B 28 -8.31 -15.44 0.25
N ALA B 28 -11.32 11.15 23.66
CA ALA B 28 18.01 -15.49 -0.82
CA ALA B 28 -19.18 -18.26 -12.19
CA ALA B 28 -9.60 -15.58 0.91
CA ALA B 28 -11.67 10.90 25.06
C ALA B 28 16.79 -14.77 -1.38
C ALA B 28 -19.90 -17.99 -10.89
C ALA B 28 -10.10 -14.25 1.45
C ALA B 28 -10.49 10.36 25.84
N LYS B 29 16.22 -13.84 -0.65
N LYS B 29 -19.27 -17.31 -9.93
N LYS B 29 -9.23 -13.40 1.98
N LYS B 29 -9.67 9.51 25.24
CA LYS B 29 15.09 -13.03 -1.16
CA LYS B 29 -19.96 -16.93 -8.68
CA LYS B 29 -9.62 -12.05 2.44
CA LYS B 29 -8.44 9.01 25.91
C LYS B 29 15.51 -12.18 -2.35
C LYS B 29 -21.11 -15.95 -8.96
C LYS B 29 -10.12 -11.20 1.26
C LYS B 29 -7.45 10.16 26.17
N ILE B 30 16.75 -11.67 -2.28
N ILE B 30 -20.88 -15.05 -9.92
N ILE B 30 -9.45 -11.36 0.11
N ILE B 30 -7.39 11.08 25.20
CA ILE B 30 17.25 -10.82 -3.39
CA ILE B 30 -21.93 -14.07 -10.25
CA ILE B 30 -9.85 -10.59 -1.08
CA ILE B 30 -6.46 12.23 25.35
C ILE B 30 17.47 -11.77 -4.58
C ILE B 30 -23.06 -14.85 -10.94
C ILE B 30 -11.22 -11.13 -1.54
C ILE B 30 -7.04 13.12 26.47
N GLN B 31 17.97 -12.95 -4.36
N GLN B 31 -22.75 -15.81 -11.77
N GLN B 31 -11.42 -12.43 -1.47
N GLN B 31 -8.34 13.28 26.52
CA GLN B 31 18.18 -13.87 -5.53
CA GLN B 31 -23.85 -16.57 -12.43
CA GLN B 31 -12.75 -12.95 -1.91
CA GLN B 31 -8.90 14.15 27.62
C GLN B 31 16.82 -14.17 -6.18
C GLN B 31 -24.67 -17.30 -11.36
C GLN B 31 -13.85 -12.37 -0.98
C GLN B 31 -8.56 13.50 28.98
N ASP B 32 15.89 -14.52 -5.32
N ASP B 32 -23.94 -17.96 -10.50
N ASP B 32 -13.56 -12.48 0.30
N ASP B 32 -8.83 12.22 29.04
CA ASP B 32 14.52 -14.83 -5.78
CA ASP B 32 -24.57 -18.70 -9.38
CA ASP B 32 -14.50 -11.95 1.32
CA ASP B 32 -8.55 11.45 30.28
C ASP B 32 13.94 -13.70 -6.61
C ASP B 32 -25.50 -17.82 -8.57
C ASP B 32 -14.84 -10.50 1.07
C ASP B 32 -7.11 11.60 30.72
N LYS B 33 14.15 -12.44 -6.18
N LYS B 33 -25.07 -16.57 -8.30
N LYS B 33 -13.85 -9.68 0.69
N LYS B 33 -6.17 11.57 29.75
CA LYS B 33 13.49 -11.36 -6.94
CA LYS B 33 -25.94 -15.75 -7.41
CA LYS B 33 -14.19 -8.24 0.54
CA LYS B 33 -4.76 11.62 30.22
C LYS B 33 14.28 -10.72 -8.04
C LYS B 33 -26.93 -14.87 -8.08
C LYS B 33 -14.58 -7.77 -0.81
C LYS B 33 -4.12 12.96 30.28
N GLU B 34 15.59 -10.72 -8.06
N GLU B 34 -26.78 -14.41 -9.30
N GLU B 34 -14.21 -8.38 -1.91
N GLU B 34 -4.51 13.97 29.56
CA GLU B 34 16.41 -10.12 -9.09
CA GLU B 34 -27.71 -13.56 -10.00
CA GLU B 34 -14.56 -7.96 -3.24
CA GLU B 34 -3.92 15.30 29.58
C GLU B 34 17.37 -11.08 -9.74
C GLU B 34 -28.20 -14.11 -11.30
C GLU B 34 -15.26 -9.03 -4.05
C GLU B 34 -4.90 16.39 29.89
N GLY B 35 17.48 -12.29 -9.23
N GLY B 35 -27.65 -15.23 -11.74
N GLY B 35 -15.34 -10.24 -3.52
N GLY B 35 -6.18 16.06 29.99
CA GLY B 35 18.30 -13.31 -9.80
CA GLY B 35 -28.08 -15.90 -12.94
CA GLY B 35 -16.04 -11.33 -4.16
CA GLY B 35 -7.21 17.01 30.35
C GLY B 35 19.75 -13.30 -9.49
C GLY B 35 -27.59 -15.41 -14.25
C GLY B 35 -15.37 -12.09 -5.22
C GLY B 35 -7.74 17.92 29.32
N ILE B 36 20.21 -12.41 -8.61
N ILE B 36 -26.67 -14.44 -14.25
N ILE B 36 -14.07 -11.80 -5.46
N ILE B 36 -7.31 17.75 28.05
CA ILE B 36 21.64 -12.39 -8.29
CA ILE B 36 -26.16 -13.94 -15.53
CA ILE B 36 -13.37 -12.56 -6.51
CA ILE B 36 -7.84 18.64 27.01
C ILE B 36 21.99 -13.48 -7.29
C ILE B 36 -25.10 -14.87 -16.10
C ILE B 36 -12.93 -13.92 -6.01
C ILE B 36 -9.21 18.22 26.56
N PRO B 37 22.95 -14.33 -7.65
N PRO B 37 -25.30 -15.34 -17.32
N PRO B 37 -13.32 -14.98 -6.70
N PRO B 37 -10.19 19.12 26.62
CA PRO B 37 23.43 -15.41 -6.77
CA PRO B 37 -24.34 -16.23 -18.02
CA PRO B 37 -12.94 -16.36 -6.35
CA PRO B 37 -11.58 18.86 26.19
C PRO B 37 23.92 -14.87 -5.44
C PRO B 37 -22.97 -15.57 -18.11
C PRO B 37 -11.44 -16.52 -6.32
C PRO B 37 -11.61 18.42 24.74
N PRO B 38 23.59 -15.49 -4.35
N PRO B 38 -21.91 -16.30 -17.85
N PRO B 38 -10.89 -17.20 -5.34
N PRO B 38 -12.39 17.41 24.41
CA PRO B 38 24.02 -14.98 -3.03
CA PRO B 38 -20.56 -15.71 -17.92
CA PRO B 38 -9.44 -17.36 -5.25
CA PRO B 38 -12.45 16.94 23.02
C PRO B 38 25.52 -14.85 -2.91
C PRO B 38 -20.25 -15.08 -19.25
C PRO B 38 -8.83 -17.99 -6.47
C PRO B 38 -12.83 18.00 22.03
N ASP B 39 26.26 -15.70 -3.56
N ASP B 39 -20.77 -15.62 -20.33
N ASP B 39 -9.55 -18.87 -7.13
N ASP B 39 -13.64 18.96 22.43
CA ASP B 39 27.75 -15.67 -3.45
CA ASP B 39 -20.46 -15.09 -21.68
CA ASP B 39 -9.00 -19.57 -8.32
CA ASP B 39 -14.11 20.02 21.49
C ASP B 39 28.35 -14.42 -4.08
C ASP B 39 -21.04 -13.70 -21.90
C ASP B 39 -8.78 -18.63 -9.50
C ASP B 39 -12.98 20.96 21.08
N GLN B 40 27.57 -13.74 -4.90
N GLN B 40 -21.97 -13.29 -21.06
N GLN B 40 -9.38 -17.45 -9.44
N GLN B 40 -11.89 20.92 21.82
CA GLN B 40 28.08 -12.50 -5.53
CA GLN B 40 -22.56 -11.94 -21.19
CA GLN B 40 -9.20 -16.48 -10.54
CA GLN B 40 -10.73 21.78 21.46
C GLN B 40 27.66 -11.24 -4.75
C GLN B 40 -21.87 -10.91 -20.28
C GLN B 40 -8.09 -15.47 -10.23
C GLN B 40 -9.69 21.04 20.60
N GLN B 41 26.78 -11.37 -3.79
N GLN B 41 -21.02 -11.37 -19.37
N GLN B 41 -7.60 -15.44 -9.00
N GLN B 41 -9.82 19.75 20.47
CA GLN B 41 26.27 -10.27 -3.01
CA GLN B 41 -20.35 -10.51 -18.43
CA GLN B 41 -6.59 -14.50 -8.57
CA GLN B 41 -8.88 18.91 19.74
C GLN B 41 27.13 -9.86 -1.82
C GLN B 41 -19.06 -9.87 -18.92
C GLN B 41 -5.16 -14.91 -8.85
C GLN B 41 -9.12 18.82 18.25
N ARG B 42 27.39 -8.56 -1.75
N ARG B 42 -18.99 -8.56 -18.72
N ARG B 42 -4.43 -13.97 -9.45
N ARG B 42 -8.05 19.07 17.50
CA ARG B 42 28.07 -7.97 -0.55
CA ARG B 42 -17.73 -7.80 -18.99
CA ARG B 42 -2.95 -14.14 -9.63
CA ARG B 42 -8.06 18.85 16.03
C ARG B 42 27.10 -6.92 -0.03
C ARG B 42 -17.38 -7.16 -17.67
C ARG B 42 -2.33 -12.96 -8.92
C ARG B 42 -6.97 17.84 15.76
N LEU B 43 26.55 -7.08 1.17
N LEU B 43 -16.25 -7.51 -17.05
N LEU B 43 -1.55 -13.17 -7.86
N LEU B 43 -7.28 16.64 15.28
CA LEU B 43 25.56 -6.10 1.68
CA LEU B 43 -15.90 -6.94 -15.72
CA LEU B 43 -0.97 -12.04 -7.10
CA LEU B 43 -6.23 15.60 15.07
C LEU B 43 26.21 -5.18 2.70
C LEU B 43 -14.82 -5.87 -15.89
C LEU B 43 0.51 -11.87 -7.46
C LEU B 43 -5.90 15.50 13.58
N ILE B 44 26.02 -3.88 2.53
N ILE B 44 -15.05 -4.71 -15.29
N ILE B 44 0.89 -10.65 -7.78
N ILE B 44 -4.61 15.54 13.28
CA ILE B 44 26.61 -2.86 3.38
CA ILE B 44 -14.14 -3.57 -15.39
CA ILE B 44 2.25 -10.32 -8.19
CA ILE B 44 -4.11 15.51 11.91
C ILE B 44 25.56 -1.97 4.02
C ILE B 44 -13.67 -3.11 -14.01
C ILE B 44 2.88 -9.27 -7.29
C ILE B 44 -3.17 14.34 11.67
N PHE B 45 25.71 -1.79 5.36
N PHE B 45 -12.33 -2.92 -13.92
N PHE B 45 4.14 -9.58 -6.86
N PHE B 45 -3.44 13.61 10.56
CA PHE B 45 24.81 -0.91 6.13
CA PHE B 45 -11.71 -2.42 -12.68
CA PHE B 45 4.91 -8.64 -6.03
CA PHE B 45 -2.59 12.48 10.15
C PHE B 45 25.70 -0.24 7.20
C PHE B 45 -10.55 -1.51 -13.14
C PHE B 45 6.38 -8.81 -6.48
C PHE B 45 -2.57 12.51 8.61
N ALA B 46 25.55 1.06 7.23
N ALA B 46 -10.57 -0.34 -12.56
N ALA B 46 6.95 -7.66 -6.75
N ALA B 46 -1.35 12.45 8.13
CA ALA B 46 26.25 1.93 8.19
CA ALA B 46 -9.54 0.70 -12.78
CA ALA B 46 8.37 -7.54 -7.15
CA ALA B 46 -1.05 12.42 6.69
C ALA B 46 27.72 1.60 8.25
C ALA B 46 -9.27 0.87 -14.27
C ALA B 46 8.70 -8.54 -8.25
C ALA B 46 -1.83 13.49 5.95
N GLY B 47 28.29 1.46 7.10
N GLY B 47 -10.35 0.96 -15.00
N GLY B 47 7.84 -8.59 -9.21
N GLY B 47 -1.81 14.66 6.51
CA GLY B 47 29.66 1.13 6.80
CA GLY B 47 -10.45 1.13 -16.42
CA GLY B 47 7.85 -9.42 -10.38
CA GLY B 47 -2.44 15.88 6.08
C GLY B 47 30.18 -0.19 7.29
C GLY B 47 -9.86 0.05 -17.29
C GLY B 47 7.81 -10.91 -10.17
C GLY B 47 -3.94 15.88 5.99
N LYS B 48 29.32 -1.13 7.55
N LYS B 48 -9.69 -1.14 -16.76
N LYS B 48 7.34 -11.37 -9.05
N LYS B 48 -4.60 14.99 6.70
CA LYS B 48 29.72 -2.48 7.98
CA LYS B 48 -9.18 -2.29 -17.53
CA LYS B 48 7.21 -12.80 -8.76
CA LYS B 48 -6.06 14.95 6.72
C LYS B 48 29.29 -3.46 6.88
C LYS B 48 -10.31 -3.32 -17.62
C LYS B 48 5.71 -13.10 -8.60
C LYS B 48 -6.51 15.28 8.16
N GLN B 49 30.09 -4.46 6.62
N GLN B 49 -10.45 -3.99 -18.72
N GLN B 49 5.26 -14.23 -9.08
N GLN B 49 -7.58 15.99 8.32
CA GLN B 49 29.67 -5.51 5.64
CA GLN B 49 -11.43 -5.10 -18.82
CA GLN B 49 3.84 -14.63 -8.86
CA GLN B 49 -8.12 16.24 9.69
C GLN B 49 28.87 -6.49 6.49
C GLN B 49 -10.69 -6.31 -18.29
C GLN B 49 3.86 -15.30 -7.49
C GLN B 49 -9.00 15.02 9.95
N LEU B 50 27.68 -6.85 6.04
N LEU B 50 -11.28 -7.04 -17.37
N LEU B 50 2.98 -14.92 -6.61
N LEU B 50 -8.83 14.39 11.09
CA LEU B 50 26.78 -7.72 6.82
CA LEU B 50 -10.61 -8.18 -16.72
CA LEU B 50 2.96 -15.44 -5.23
CA LEU B 50 -9.56 13.15 11.41
C LEU B 50 27.21 -9.18 6.68
C LEU B 50 -10.65 -9.40 -17.63
C LEU B 50 2.30 -16.82 -5.19
C LEU B 50 -10.97 13.47 11.87
N GLU B 51 27.18 -9.93 7.78
N GLU B 51 -9.55 -10.14 -17.71
N GLU B 51 2.88 -17.75 -4.43
N GLU B 51 -11.96 12.71 11.43
CA GLU B 51 27.63 -11.33 7.74
CA GLU B 51 -9.50 -11.31 -18.61
CA GLU B 51 2.33 -19.11 -4.39
CA GLU B 51 -13.37 12.99 11.79
C GLU B 51 26.44 -12.25 7.69
C GLU B 51 -9.68 -12.58 -17.81
C GLU B 51 1.52 -19.31 -3.13
C GLU B 51 -13.81 12.06 12.88
N ASP B 52 26.46 -13.31 6.93
N ASP B 52 -10.41 -13.55 -18.30
N ASP B 52 0.40 -19.99 -3.18
N ASP B 52 -14.56 12.51 13.85
CA ASP B 52 25.37 -14.25 6.72
CA ASP B 52 -10.75 -14.80 -17.62
CA ASP B 52 -0.53 -20.18 -2.08
CA ASP B 52 -15.00 11.75 15.02
C ASP B 52 24.59 -14.82 7.89
C ASP B 52 -9.67 -15.62 -16.93
C ASP B 52 -0.03 -20.63 -0.71
C ASP B 52 -15.62 10.37 14.86
N GLY B 53 25.27 -15.19 8.95
N GLY B 53 -8.52 -15.77 -17.55
N GLY B 53 0.88 -21.57 -0.66
N GLY B 53 -16.47 10.19 13.88
CA GLY B 53 24.68 -15.82 10.15
CA GLY B 53 -7.40 -16.58 -17.04
CA GLY B 53 1.42 -22.14 0.58
CA GLY B 53 -17.20 8.92 13.64
C GLY B 53 24.08 -14.88 11.15
C GLY B 53 -6.51 -15.93 -16.03
C GLY B 53 2.52 -21.38 1.24
C GLY B 53 -16.46 7.89 12.86
N ARG B 54 24.28 -13.58 11.01
N ARG B 54 -6.66 -14.62 -15.80
N ARG B 54 3.05 -20.33 0.60
N ARG B 54 -15.29 8.21 12.31
CA ARG B 54 23.67 -12.58 11.92
CA ARG B 54 -5.86 -13.93 -14.77
CA ARG B 54 4.08 -19.48 1.23
CA ARG B 54 -14.46 7.20 11.59
C ARG B 54 22.27 -12.27 11.40
C ARG B 54 -6.58 -14.09 -13.43
C ARG B 54 3.38 -18.42 2.04
C ARG B 54 -13.59 6.50 12.62
N THR B 55 21.46 -11.64 12.21
N THR B 55 -5.88 -13.78 -12.36
N THR B 55 4.11 -17.75 2.90
N THR B 55 -13.01 5.39 12.23
CA THR B 55 20.10 -11.21 11.86
CA THR B 55 -6.43 -13.82 -10.98
CA THR B 55 3.60 -16.63 3.73
CA THR B 55 -12.09 4.60 13.07
C THR B 55 20.16 -9.67 11.64
C THR B 55 -6.67 -12.36 -10.56
C THR B 55 4.14 -15.33 3.11
C THR B 55 -10.66 4.88 12.55
N LEU B 56 19.13 -9.14 11.01
N LEU B 56 -7.44 -12.20 -9.50
N LEU B 56 3.55 -14.22 3.51
N LEU B 56 -9.68 4.52 13.35
CA LEU B 56 19.00 -7.70 10.78
CA LEU B 56 -7.73 -10.87 -8.93
CA LEU B 56 3.99 -12.89 3.06
CA LEU B 56 -8.26 4.65 12.98
C LEU B 56 18.97 -7.00 12.14
C LEU B 56 -6.41 -10.25 -8.48
C LEU B 56 5.43 -12.67 3.50
C LEU B 56 -8.00 3.80 11.74
N SER B 57 18.32 -7.63 13.14
N SER B 57 -5.48 -11.09 -7.95
N SER B 57 5.79 -13.19 4.69
N SER B 57 -8.67 2.62 11.65
CA SER B 57 18.28 -6.94 14.46
CA SER B 57 -4.20 -10.49 -7.51
CA SER B 57 7.20 -12.97 5.13
CA SER B 57 -8.41 1.78 10.45
C SER B 57 19.66 -6.77 15.06
C SER B 57 -3.42 -9.88 -8.65
C SER B 57 8.19 -13.65 4.21
C SER B 57 -8.86 2.46 9.18
N ASP B 58 20.56 -7.68 14.76
N ASP B 58 -3.58 -10.42 -9.84
N ASP B 58 7.78 -14.75 3.59
N ASP B 58 -9.88 3.30 9.27
CA ASP B 58 21.95 -7.60 15.29
CA ASP B 58 -2.87 -9.89 -11.04
CA ASP B 58 8.68 -15.49 2.67
CA ASP B 58 -10.39 4.01 8.08
C ASP B 58 22.59 -6.26 14.94
C ASP B 58 -3.16 -8.40 -11.23
C ASP B 58 9.19 -14.57 1.56
C ASP B 58 -9.27 4.81 7.39
N TYR B 59 22.32 -5.80 13.75
N TYR B 59 -4.38 -8.04 -10.98
N TYR B 59 8.32 -13.73 1.09
N TYR B 59 -8.43 5.39 8.20
CA TYR B 59 22.81 -4.53 13.23
CA TYR B 59 -4.87 -6.66 -11.08
CA TYR B 59 8.61 -12.75 0.05
CA TYR B 59 -7.29 6.18 7.76
C TYR B 59 21.87 -3.38 13.50
C TYR B 59 -4.75 -5.90 -9.78
C TYR B 59 9.09 -11.42 0.60
C TYR B 59 -6.03 5.35 7.62
N ASN B 60 20.79 -3.53 14.23
N ASN B 60 -4.18 -6.42 -8.72
N ASN B 60 9.30 -11.24 1.88
N ASN B 60 -6.03 4.05 7.77
CA ASN B 60 19.90 -2.37 14.46
CA ASN B 60 -4.09 -5.64 -7.47
CA ASN B 60 9.77 -9.93 2.36
CA ASN B 60 -4.77 3.28 7.63
C ASN B 60 19.40 -1.78 13.15
C ASN B 60 -5.47 -5.22 -6.99
C ASN B 60 8.79 -8.82 1.99
C ASN B 60 -3.70 3.78 8.59
N ILE B 61 18.97 -2.62 12.23
N ILE B 61 -6.41 -6.13 -7.00
N ILE B 61 7.51 -9.06 2.17
N ILE B 61 -4.07 4.00 9.83
CA ILE B 61 18.38 -2.14 10.95
CA ILE B 61 -7.78 -5.85 -6.45
CA ILE B 61 6.48 -8.01 1.92
CA ILE B 61 -3.08 4.39 10.87
C ILE B 61 16.88 -1.96 11.21
C ILE B 61 -7.72 -6.20 -4.96
C ILE B 61 6.34 -7.23 3.22
C ILE B 61 -2.53 3.11 11.46
N GLN B 62 16.37 -0.77 11.12
N GLN B 62 -7.90 -5.24 -4.10
N GLN B 62 6.66 -5.97 3.25
N GLN B 62 -1.27 2.84 11.31
CA GLN B 62 14.94 -0.46 11.43
CA GLN B 62 -7.81 -5.44 -2.63
CA GLN B 62 6.62 -5.13 4.47
CA GLN B 62 -0.63 1.57 11.78
C GLN B 62 14.17 -0.27 10.11
C GLN B 62 -9.21 -5.50 -2.02
C GLN B 62 5.38 -4.23 4.44
C GLN B 62 0.15 1.83 13.07
N LYS B 63 12.84 -0.21 10.17
N LYS B 63 -9.33 -5.88 -0.75
N LYS B 63 5.08 -3.56 5.56
N LYS B 63 0.61 0.78 13.74
CA LYS B 63 12.01 -0.09 8.99
CA LYS B 63 -10.61 -6.03 -0.09
CA LYS B 63 3.89 -2.74 5.67
CA LYS B 63 1.31 0.90 14.99
C LYS B 63 12.47 1.11 8.17
C LYS B 63 -11.39 -4.73 -0.22
C LYS B 63 3.88 -1.71 4.53
C LYS B 63 2.50 1.85 14.82
N GLU B 64 12.38 0.88 6.86
N GLU B 64 -12.71 -4.94 -0.40
N GLU B 64 2.65 -1.49 4.06
N GLU B 64 2.70 2.62 15.91
CA GLU B 64 12.73 1.83 5.82
CA GLU B 64 -13.70 -3.90 -0.53
CA GLU B 64 2.32 -0.56 3.01
CA GLU B 64 3.75 3.60 16.04
C GLU B 64 14.16 2.22 5.69
C GLU B 64 -13.66 -3.04 -1.77
C GLU B 64 2.82 -0.88 1.62
C GLU B 64 3.69 4.81 15.16
N SER B 65 15.03 1.39 6.25
N SER B 65 -12.97 -3.55 -2.77
N SER B 65 3.15 -2.13 1.42
N SER B 65 2.50 5.06 14.63
CA SER B 65 16.49 1.53 6.13
CA SER B 65 -12.89 -2.94 -4.10
CA SER B 65 3.55 -2.68 0.12
CA SER B 65 2.21 6.26 13.84
C SER B 65 16.87 1.17 4.67
C SER B 65 -14.28 -3.09 -4.77
C SER B 65 2.28 -2.73 -0.76
C SER B 65 2.19 7.46 14.80
N THR B 66 18.02 1.62 4.24
N THR B 66 -14.55 -2.28 -5.76
N THR B 66 2.46 -2.79 -2.05
N THR B 66 2.36 8.65 14.27
CA THR B 66 18.55 1.29 2.91
CA THR B 66 -15.80 -2.38 -6.53
CA THR B 66 1.36 -2.92 -3.01
CA THR B 66 2.29 9.89 15.05
C THR B 66 19.87 0.55 3.08
C THR B 66 -15.43 -2.64 -7.99
C THR B 66 1.55 -4.22 -3.79
C THR B 66 1.15 10.75 14.50
N LEU B 67 20.00 -0.64 2.46
N LEU B 67 -16.00 -3.69 -8.60
N LEU B 67 0.54 -5.08 -3.82
N LEU B 67 0.21 11.17 15.36
CA LEU B 67 21.28 -1.35 2.50
CA LEU B 67 -15.78 -3.94 -10.03
CA LEU B 67 0.62 -6.30 -4.65
CA LEU B 67 -0.85 12.09 14.91
C LEU B 67 21.92 -1.13 1.11
C LEU B 67 -17.07 -3.48 -10.74
C LEU B 67 -0.26 -6.01 -5.89
C LEU B 67 -0.44 13.48 15.44
N HIS B 68 23.21 -1.20 1.02
N HIS B 68 -16.99 -3.11 -11.97
N HIS B 68 0.02 -6.65 -6.98
N HIS B 68 -0.88 14.52 14.82
CA HIS B 68 23.85 -1.04 -0.30
CA HIS B 68 -18.21 -2.71 -12.69
CA HIS B 68 -0.83 -6.43 -8.17
CA HIS B 68 -0.55 15.87 15.32
C HIS B 68 24.29 -2.43 -0.73
C HIS B 68 -18.54 -3.86 -13.63
C HIS B 68 -1.69 -7.69 -8.31
C HIS B 68 -1.82 16.40 15.96
N LEU B 69 24.05 -2.78 -1.98
N LEU B 69 -19.81 -4.23 -13.69
N LEU B 69 -2.97 -7.51 -8.58
N LEU B 69 -1.70 17.00 17.13
CA LEU B 69 24.49 -4.05 -2.54
CA LEU B 69 -20.27 -5.28 -14.60
CA LEU B 69 -3.89 -8.62 -8.80
CA LEU B 69 -2.84 17.61 17.81
C LEU B 69 25.64 -3.88 -3.48
C LEU B 69 -21.05 -4.70 -15.74
C LEU B 69 -4.26 -8.74 -10.25
C LEU B 69 -2.76 19.11 17.75
N VAL B 70 26.78 -4.40 -3.19
N VAL B 70 -20.60 -4.81 -16.95
N VAL B 70 -3.91 -9.80 -10.90
N VAL B 70 -3.67 19.77 17.12
CA VAL B 70 27.93 -4.34 -4.14
CA VAL B 70 -21.39 -4.35 -18.12
CA VAL B 70 -4.35 -10.02 -12.31
CA VAL B 70 -3.70 21.26 17.13
C VAL B 70 28.06 -5.79 -4.64
C VAL B 70 -21.83 -5.66 -18.80
C VAL B 70 -5.39 -11.14 -12.20
C VAL B 70 -4.91 21.59 18.02
N LEU B 71 28.32 -5.98 -5.91
N LEU B 71 -23.05 -5.72 -19.27
N LEU B 71 -6.46 -11.05 -12.94
N LEU B 71 -4.79 22.60 18.86
CA LEU B 71 28.49 -7.34 -6.47
CA LEU B 71 -23.55 -6.92 -19.96
CA LEU B 71 -7.50 -12.12 -12.93
CA LEU B 71 -5.92 23.00 19.72
C LEU B 71 29.95 -7.68 -6.52
C LEU B 71 -23.40 -6.76 -21.46
C LEU B 71 -7.27 -13.08 -14.06
C LEU B 71 -6.67 24.14 19.08
N MET A 1 6.38 18.40 -20.67
CA MET A 1 5.74 19.56 -20.05
C MET A 1 6.28 19.67 -18.60
N GLN A 2 6.34 20.88 -18.14
CA GLN A 2 6.81 21.11 -16.74
C GLN A 2 5.61 21.10 -15.81
N ILE A 3 5.80 20.45 -14.66
CA ILE A 3 4.77 20.47 -13.61
C ILE A 3 5.53 20.83 -12.30
N PHE A 4 4.75 21.23 -11.33
CA PHE A 4 5.40 21.59 -10.01
C PHE A 4 4.91 20.64 -8.96
N VAL A 5 5.74 20.16 -8.03
CA VAL A 5 5.27 19.32 -6.95
C VAL A 5 5.58 20.10 -5.65
N LYS A 6 4.57 20.50 -4.95
CA LYS A 6 4.78 21.30 -3.70
C LYS A 6 4.77 20.35 -2.53
N THR A 7 5.82 20.41 -1.68
CA THR A 7 5.88 19.52 -0.51
C THR A 7 5.42 20.27 0.74
N LEU A 8 5.24 19.58 1.84
CA LEU A 8 4.74 20.24 3.07
C LEU A 8 5.81 21.08 3.74
N THR A 9 7.06 21.03 3.24
CA THR A 9 8.08 21.90 3.94
C THR A 9 8.35 23.16 3.18
N GLY A 10 7.52 23.50 2.24
CA GLY A 10 7.67 24.69 1.43
C GLY A 10 8.68 24.63 0.33
N LYS A 11 9.10 23.43 0.00
CA LYS A 11 10.01 23.21 -1.12
C LYS A 11 9.11 22.84 -2.31
N THR A 12 9.42 23.38 -3.48
CA THR A 12 8.62 22.98 -4.66
C THR A 12 9.61 22.35 -5.64
N ILE A 13 9.25 21.19 -6.17
CA ILE A 13 10.23 20.60 -7.13
C ILE A 13 9.65 20.67 -8.52
N THR A 14 10.47 20.94 -9.51
CA THR A 14 9.89 20.97 -10.89
C THR A 14 10.25 19.66 -11.57
N LEU A 15 9.33 19.09 -12.33
CA LEU A 15 9.58 17.83 -13.01
C LEU A 15 9.25 18.02 -14.49
N GLU A 16 9.89 17.22 -15.31
CA GLU A 16 9.51 17.26 -16.76
C GLU A 16 8.85 15.92 -17.00
N VAL A 17 7.60 16.03 -17.42
CA VAL A 17 6.77 14.86 -17.67
C VAL A 17 5.93 15.04 -18.95
N GLU A 18 5.32 13.93 -19.31
CA GLU A 18 4.37 13.84 -20.41
C GLU A 18 3.06 13.38 -19.82
N PRO A 19 1.95 13.87 -20.34
CA PRO A 19 0.61 13.47 -19.90
C PRO A 19 0.43 11.98 -19.97
N SER A 20 1.19 11.31 -20.81
CA SER A 20 1.03 9.85 -20.98
C SER A 20 1.72 9.11 -19.87
N ASP A 21 2.49 9.83 -19.05
CA ASP A 21 3.19 9.10 -17.96
C ASP A 21 2.21 8.63 -16.92
N THR A 22 2.51 7.52 -16.30
CA THR A 22 1.71 6.99 -15.21
C THR A 22 2.16 7.68 -13.91
N ILE A 23 1.25 7.61 -12.94
CA ILE A 23 1.52 8.13 -11.60
C ILE A 23 2.72 7.40 -10.98
N GLU A 24 2.80 6.12 -11.24
CA GLU A 24 3.98 5.32 -10.73
C GLU A 24 5.27 5.90 -11.23
N CYS A 25 5.30 6.34 -12.52
CA CYS A 25 6.50 6.91 -13.13
C CYS A 25 6.85 8.24 -12.50
N VAL A 26 5.82 9.05 -12.28
CA VAL A 26 6.04 10.34 -11.65
C VAL A 26 6.71 10.15 -10.29
N LYS A 27 6.18 9.20 -9.52
CA LYS A 27 6.74 8.92 -8.19
C LYS A 27 8.19 8.48 -8.29
N ALA A 28 8.54 7.70 -9.30
CA ALA A 28 9.92 7.29 -9.53
C ALA A 28 10.80 8.47 -9.89
N LYS A 29 10.31 9.43 -10.66
CA LYS A 29 11.09 10.64 -10.97
C LYS A 29 11.35 11.47 -9.69
N ILE A 30 10.35 11.49 -8.81
CA ILE A 30 10.50 12.25 -7.55
C ILE A 30 11.53 11.50 -6.70
N GLN A 31 11.49 10.19 -6.69
CA GLN A 31 12.50 9.45 -5.86
C GLN A 31 13.90 9.76 -6.40
N ASP A 32 14.01 9.63 -7.70
CA ASP A 32 15.30 9.91 -8.37
C ASP A 32 15.83 11.29 -8.03
N LYS A 33 14.94 12.30 -7.98
CA LYS A 33 15.50 13.66 -7.74
C LYS A 33 15.53 14.13 -6.33
N GLU A 34 14.74 13.67 -5.41
CA GLU A 34 14.73 14.09 -4.02
C GLU A 34 14.92 12.96 -3.04
N GLY A 35 14.94 11.73 -3.52
CA GLY A 35 15.18 10.58 -2.69
C GLY A 35 14.07 10.02 -1.89
N ILE A 36 12.84 10.55 -2.06
CA ILE A 36 11.72 10.01 -1.29
C ILE A 36 11.20 8.72 -1.91
N PRO A 37 11.15 7.65 -1.13
CA PRO A 37 10.64 6.34 -1.58
C PRO A 37 9.21 6.46 -2.09
N PRO A 38 8.88 5.84 -3.19
CA PRO A 38 7.51 5.95 -3.73
C PRO A 38 6.45 5.52 -2.76
N ASP A 39 6.74 4.57 -1.90
CA ASP A 39 5.72 4.05 -0.95
C ASP A 39 5.34 5.08 0.11
N GLN A 40 6.16 6.11 0.23
CA GLN A 40 5.83 7.18 1.22
C GLN A 40 5.08 8.36 0.58
N GLN A 41 5.02 8.40 -0.74
CA GLN A 41 4.40 9.48 -1.46
C GLN A 41 2.90 9.36 -1.66
N ARG A 42 2.21 10.46 -1.32
CA ARG A 42 0.75 10.57 -1.60
C ARG A 42 0.62 11.80 -2.48
N LEU A 43 0.18 11.67 -3.73
CA LEU A 43 0.09 12.84 -4.63
C LEU A 43 -1.35 13.30 -4.76
N ILE A 44 -1.57 14.59 -4.57
CA ILE A 44 -2.91 15.19 -4.61
C ILE A 44 -3.02 16.28 -5.66
N PHE A 45 -4.11 16.19 -6.46
CA PHE A 45 -4.39 17.20 -7.50
C PHE A 45 -5.92 17.33 -7.53
N ALA A 46 -6.32 18.58 -7.46
CA ALA A 46 -7.74 18.98 -7.52
C ALA A 46 -8.59 18.14 -6.58
N GLY A 47 -8.08 17.99 -5.40
CA GLY A 47 -8.62 17.24 -4.29
C GLY A 47 -8.80 15.76 -4.47
N CYS A 48 -8.13 15.15 -5.41
CA CYS A 48 -8.12 13.71 -5.63
C CYS A 48 -6.78 13.12 -5.25
N GLN A 49 -6.74 11.97 -4.70
CA GLN A 49 -5.43 11.30 -4.47
C GLN A 49 -5.16 10.55 -5.77
N LEU A 50 -3.98 10.72 -6.33
CA LEU A 50 -3.65 10.11 -7.64
C LEU A 50 -3.29 8.65 -7.46
N GLU A 51 -3.77 7.80 -8.37
CA GLU A 51 -3.53 6.34 -8.25
C GLU A 51 -2.42 5.92 -9.18
N ASP A 52 -1.53 5.06 -8.79
CA ASP A 52 -0.35 4.62 -9.54
C ASP A 52 -0.48 4.20 -10.99
N GLY A 53 -1.50 3.45 -11.32
CA GLY A 53 -1.74 2.91 -12.67
C GLY A 53 -2.40 3.82 -13.65
N ARG A 54 -2.89 4.98 -13.21
CA ARG A 54 -3.49 5.96 -14.13
C ARG A 54 -2.37 6.83 -14.68
N THR A 55 -2.66 7.57 -15.72
CA THR A 55 -1.72 8.53 -16.36
C THR A 55 -2.16 9.94 -15.93
N LEU A 56 -1.27 10.90 -16.12
CA LEU A 56 -1.55 12.31 -15.83
C LEU A 56 -2.72 12.75 -16.70
N SER A 57 -2.80 12.25 -17.95
CA SER A 57 -3.93 12.69 -18.80
C SER A 57 -5.26 12.26 -18.24
N ASP A 58 -5.29 11.15 -17.53
CA ASP A 58 -6.56 10.64 -16.93
C ASP A 58 -7.20 11.71 -16.05
N TYR A 59 -6.37 12.41 -15.33
CA TYR A 59 -6.76 13.49 -14.42
C TYR A 59 -6.79 14.84 -15.09
N ASN A 60 -6.55 14.98 -16.38
CA ASN A 60 -6.58 16.32 -16.99
C ASN A 60 -5.58 17.25 -16.32
N ILE A 61 -4.36 16.77 -16.10
CA ILE A 61 -3.28 17.62 -15.54
C ILE A 61 -2.59 18.28 -16.73
N GLN A 62 -2.64 19.57 -16.85
CA GLN A 62 -2.07 20.32 -18.00
C GLN A 62 -0.74 20.97 -17.58
N LYS A 63 0.04 21.51 -18.58
CA LYS A 63 1.33 22.10 -18.24
C LYS A 63 1.17 23.16 -17.17
N GLU A 64 2.22 23.18 -16.36
CA GLU A 64 2.37 24.09 -15.26
C GLU A 64 1.44 23.96 -14.10
N SER A 65 0.81 22.79 -14.03
CA SER A 65 -0.07 22.42 -12.91
C SER A 65 0.84 22.18 -11.68
N THR A 66 0.25 22.25 -10.50
CA THR A 66 0.96 21.97 -9.25
C THR A 66 0.29 20.77 -8.56
N LEU A 67 1.06 19.74 -8.22
CA LEU A 67 0.49 18.62 -7.46
C LEU A 67 0.98 18.81 -6.00
N HIS A 68 0.26 18.31 -5.06
CA HIS A 68 0.72 18.43 -3.66
C HIS A 68 1.24 17.05 -3.26
N LEU A 69 2.38 17.02 -2.60
CA LEU A 69 2.96 15.77 -2.10
C LEU A 69 2.83 15.67 -0.60
N VAL A 70 2.10 14.73 -0.09
CA VAL A 70 2.03 14.52 1.38
C VAL A 70 2.81 13.21 1.60
N LEU A 71 3.60 13.15 2.65
CA LEU A 71 4.36 11.93 2.95
C LEU A 71 3.61 11.09 3.95
N ARG A 72 3.53 9.79 3.73
N ARG A 72 3.44 9.80 3.73
N ARG A 72 3.56 9.80 3.73
N ARG A 72 3.50 9.78 3.76
CA ARG A 72 2.80 8.91 4.66
CA ARG A 72 2.64 8.99 4.67
CA ARG A 72 2.85 8.88 4.65
CA ARG A 72 2.75 8.95 4.73
C ARG A 72 3.87 8.28 5.55
C ARG A 72 2.70 7.56 4.13
C ARG A 72 1.48 9.52 4.90
C ARG A 72 3.80 8.04 5.38
N LEU A 73 4.50 7.22 5.17
N LEU A 73 1.61 6.85 4.03
N LEU A 73 0.88 9.34 6.03
N LEU A 73 5.05 8.17 5.10
CA LEU A 73 5.53 6.62 6.05
CA LEU A 73 1.70 5.47 3.52
CA LEU A 73 -0.46 9.97 6.25
CA LEU A 73 6.05 7.28 5.74
C LEU A 73 6.75 7.51 6.09
C LEU A 73 0.34 5.06 2.94
C LEU A 73 -0.77 9.99 7.74
C LEU A 73 5.70 5.83 5.45
N ARG A 74 7.43 7.44 7.23
N ARG A 74 -0.65 5.17 3.80
N ARG A 74 -1.59 9.02 8.13
N ARG A 74 6.75 5.01 5.51
CA ARG A 74 8.65 8.24 7.48
CA ARG A 74 -2.05 4.82 3.43
CA ARG A 74 -2.03 8.87 9.53
CA ARG A 74 6.62 3.56 5.24
C ARG A 74 9.68 7.36 8.17
C ARG A 74 -2.14 3.31 3.26
C ARG A 74 -2.38 7.41 9.77
C ARG A 74 5.72 2.95 6.30
N GLY A 75 10.93 7.59 7.79
N GLY A 75 -3.35 2.87 2.94
N GLY A 75 -1.84 6.88 10.86
N GLY A 75 6.01 3.28 7.55
CA GLY A 75 12.08 6.84 8.30
CA GLY A 75 -3.66 1.46 2.75
CA GLY A 75 -2.06 5.50 11.27
CA GLY A 75 5.29 2.79 8.70
C GLY A 75 12.21 6.85 9.82
C GLY A 75 -5.10 1.17 2.33
C GLY A 75 -1.47 4.46 10.34
C GLY A 75 5.44 1.30 8.98
N GLY A 76 12.59 5.70 10.32
N GLY A 76 -5.42 -0.11 2.41
N GLY A 76 -0.34 4.84 9.78
N GLY A 76 4.53 0.81 9.79
CA GLY A 76 12.83 5.44 11.75
CA GLY A 76 -6.75 -0.66 2.08
CA GLY A 76 0.45 4.01 8.85
CA GLY A 76 4.44 -0.60 10.21
C GLY A 76 12.37 4.01 12.07
C GLY A 76 -6.70 -2.18 2.25
C GLY A 76 0.44 2.56 9.38
C GLY A 76 4.97 -0.71 11.65
N MET B 1 9.18 -6.56 7.73
N MET B 1 -12.09 -12.76 0.73
N MET B 1 -0.76 -4.95 9.86
N MET B 1 -2.20 -1.36 20.18
CA MET B 1 9.52 -5.13 7.63
CA MET B 1 -12.29 -11.30 0.79
CA MET B 1 -0.14 -3.94 8.98
CA MET B 1 -1.00 -0.89 19.46
C MET B 1 10.05 -4.90 6.19
C MET B 1 -13.59 -10.98 0.03
C MET B 1 -1.08 -3.76 7.77
C MET B 1 -0.64 0.50 20.05
N GLN B 2 9.81 -3.71 5.72
N GLN B 2 -14.22 -9.94 0.47
N GLN B 2 -1.06 -2.57 7.25
N GLN B 2 0.63 0.78 20.02
CA GLN B 2 10.32 -3.36 4.35
CA GLN B 2 -15.49 -9.51 -0.21
CA GLN B 2 -1.90 -2.30 6.03
CA GLN B 2 1.10 2.11 20.53
C GLN B 2 11.71 -2.74 4.49
C GLN B 2 -15.14 -8.50 -1.30
C GLN B 2 -1.07 -2.57 4.79
C GLN B 2 1.12 3.09 19.37
N ILE B 3 12.59 -3.14 3.58
N ILE B 3 -15.78 -8.65 -2.44
N ILE B 3 -1.70 -3.20 3.81
N ILE B 3 0.66 4.30 19.65
CA ILE B 3 13.93 -2.51 3.50
CA ILE B 3 -15.65 -7.65 -3.52
CA ILE B 3 -1.06 -3.40 2.50
CA ILE B 3 0.76 5.40 18.67
C ILE B 3 14.14 -2.16 2.00
C ILE B 3 -17.11 -7.32 -3.97
C ILE B 3 -2.12 -2.94 1.45
C ILE B 3 1.36 6.60 19.45
N PHE B 4 15.09 -1.30 1.79
N PHE B 4 -17.21 -6.22 -4.67
N PHE B 4 -1.61 -2.72 0.26
N PHE B 4 1.85 7.55 18.66
CA PHE B 4 15.38 -0.90 0.36
CA PHE B 4 -18.57 -5.81 -5.15
CA PHE B 4 -2.56 -2.27 -0.83
CA PHE B 4 2.45 8.76 19.33
C PHE B 4 16.76 -1.35 0.00
C PHE B 4 -18.59 -5.85 -6.66
C PHE B 4 -2.60 -3.33 -1.91
C PHE B 4 1.62 9.97 18.97
N VAL B 5 17.02 -1.87 -1.20
N VAL B 5 -19.64 -6.32 -7.33
N VAL B 5 -3.73 -3.67 -2.49
N VAL B 5 1.35 10.91 19.87
CA VAL B 5 18.36 -2.23 -1.61
CA VAL B 5 -19.71 -6.27 -8.78
CA VAL B 5 -3.78 -4.61 -3.60
CA VAL B 5 0.64 12.12 19.52
C VAL B 5 18.69 -1.34 -2.83
C VAL B 5 -20.92 -5.37 -9.10
C VAL B 5 -4.33 -3.82 -4.81
C VAL B 5 1.62 13.28 19.80
N LYS B 6 19.63 -0.46 -2.69
N LYS B 6 -20.69 -4.25 -9.69
N LYS B 6 -3.53 -3.64 -5.80
N LYS B 6 2.04 13.96 18.79
CA LYS B 6 19.97 0.48 -3.81
CA LYS B 6 -21.80 -3.30 -10.02
CA LYS B 6 -3.98 -2.85 -6.99
CA LYS B 6 3.03 15.08 18.97
C LYS B 6 21.12 -0.12 -4.58
C LYS B 6 -22.25 -3.55 -11.43
C LYS B 6 -4.49 -3.80 -8.03
C LYS B 6 2.27 16.37 19.09
N THR B 7 20.97 -0.24 -5.92
N THR B 7 -23.56 -3.77 -11.63
N THR B 7 -5.73 -3.57 -8.54
N THR B 7 2.53 17.15 20.16
CA THR B 7 22.04 -0.82 -6.73
CA THR B 7 -24.07 -4.03 -12.99
CA THR B 7 -6.30 -4.47 -9.55
CA THR B 7 1.82 18.42 20.35
C THR B 7 22.84 0.32 -7.39
C THR B 7 -24.67 -2.75 -13.56
C THR B 7 -6.12 -3.85 -10.94
C THR B 7 2.71 19.56 19.87
N LEU B 8 23.95 0.01 -8.01
N LEU B 8 -25.00 -2.72 -14.84
N LEU B 8 -6.40 -4.59 -11.98
N LEU B 8 2.18 20.77 19.78
CA LEU B 8 24.79 1.05 -8.64
CA LEU B 8 -25.55 -1.51 -15.47
CA LEU B 8 -6.21 -4.07 -13.36
CA LEU B 8 2.98 21.92 19.29
C LEU B 8 24.20 1.60 -9.91
C LEU B 8 -26.97 -1.22 -15.05
C LEU B 8 -7.26 -3.05 -13.75
C LEU B 8 3.99 22.41 20.29
N THR B 9 23.09 1.00 -10.40
N THR B 9 -27.61 -2.14 -14.30
N THR B 9 -8.29 -2.85 -12.90
N THR B 9 3.96 21.87 21.53
CA THR B 9 22.53 1.58 -11.66
CA THR B 9 -29.02 -1.81 -13.91
CA THR B 9 -9.31 -1.84 -13.33
CA THR B 9 5.00 22.38 22.49
C THR B 9 21.34 2.45 -11.41
C THR B 9 -29.12 -1.32 -12.50
C THR B 9 -9.11 -0.53 -12.63
C THR B 9 6.15 21.43 22.63
N GLY B 10 21.13 2.84 -10.18
N GLY B 10 -28.01 -0.97 -11.91
N GLY B 10 -8.00 -0.32 -12.00
N GLY B 10 6.28 20.50 21.74
CA GLY B 10 20.02 3.69 -9.79
CA GLY B 10 -27.95 -0.47 -10.55
CA GLY B 10 -7.68 0.89 -11.30
CA GLY B 10 7.35 19.52 21.75
C GLY B 10 18.68 3.03 -9.68
C GLY B 10 -28.05 -1.50 -9.47
C GLY B 10 -8.31 1.05 -9.95
C GLY B 10 7.21 18.39 22.73
N LYS B 11 18.69 1.72 -9.61
N LYS B 11 -27.85 -2.75 -9.82
N LYS B 11 -8.80 -0.04 -9.40
N LYS B 11 6.01 18.21 23.24
CA LYS B 11 17.47 0.93 -9.39
CA LYS B 11 -27.81 -3.83 -8.87
CA LYS B 11 -9.34 -0.06 -8.05
CA LYS B 11 5.70 17.09 24.12
C LYS B 11 17.44 0.65 -7.87
C LYS B 11 -26.31 -4.05 -8.56
C LYS B 11 -8.18 -0.56 -7.15
C LYS B 11 5.08 16.00 23.21
N THR B 12 16.27 0.77 -7.28
N THR B 12 -25.99 -4.27 -7.30
N THR B 12 -8.03 0.06 -5.99
N THR B 12 5.48 14.76 23.43
CA THR B 12 16.18 0.42 -5.85
CA THR B 12 -24.58 -4.57 -6.98
CA THR B 12 -7.00 -0.45 -5.08
CA THR B 12 4.85 13.70 22.63
C THR B 12 15.17 -0.72 -5.75
C THR B 12 -24.58 -5.96 -6.33
C THR B 12 -7.72 -0.85 -3.79
C THR B 12 4.16 12.76 23.63
N ILE B 13 15.55 -1.78 -5.03
N ILE B 13 -23.68 -6.82 -6.81
N ILE B 13 -7.42 -2.06 -3.31
N ILE B 13 2.91 12.43 23.35
CA ILE B 13 14.53 -2.86 -4.94
CA ILE B 13 -23.69 -8.16 -6.17
CA ILE B 13 -8.14 -2.43 -2.05
CA ILE B 13 2.26 11.51 24.33
C ILE B 13 13.98 -2.91 -3.54
C ILE B 13 -22.44 -8.32 -5.34
C ILE B 13 -7.17 -2.43 -0.91
C ILE B 13 2.08 10.16 23.70
N THR B 14 12.70 -3.19 -3.39
N THR B 14 -22.53 -8.94 -4.18
N THR B 14 -7.58 -1.98 0.25
N THR B 14 2.26 9.10 24.46
CA THR B 14 12.18 -3.26 -2.00
CA THR B 14 -21.28 -9.12 -3.40
CA THR B 14 -6.60 -2.03 1.39
CA THR B 14 2.05 7.77 23.83
C THR B 14 12.04 -4.71 -1.63
C THR B 14 -20.80 -10.53 -3.60
C THR B 14 -6.95 -3.21 2.26
C THR B 14 0.70 7.26 24.26
N LEU B 15 12.38 -5.09 -0.41
N LEU B 15 -19.50 -10.74 -3.73
N LEU B 15 -5.96 -3.94 2.74
N LEU B 15 -0.06 6.63 23.37
CA LEU B 15 12.30 -6.48 0.03
CA LEU B 15 -18.94 -12.07 -3.95
CA LEU B 15 -6.20 -5.11 3.57
CA LEU B 15 -1.37 6.13 23.69
C LEU B 15 11.47 -6.52 1.31
C LEU B 15 -17.85 -12.30 -2.88
C LEU B 15 -5.40 -4.95 4.87
C LEU B 15 -1.44 4.65 23.31
N GLU B 16 10.87 -7.66 1.55
N GLU B 16 -17.64 -13.56 -2.59
N GLU B 16 -5.89 -5.59 5.91
N GLU B 16 -2.29 3.92 23.98
CA GLU B 16 10.16 -7.81 2.86
CA GLU B 16 -16.50 -13.86 -1.67
CA GLU B 16 -5.08 -5.57 7.16
CA GLU B 16 -2.49 2.50 23.54
C GLU B 16 10.98 -8.85 3.59
C GLU B 16 -15.50 -14.57 -2.56
C GLU B 16 -4.61 -7.00 7.31
C GLU B 16 -3.90 2.49 22.99
N VAL B 17 11.47 -8.40 4.74
N VAL B 17 -14.33 -13.95 -2.62
N VAL B 17 -3.29 -7.13 7.33
N VAL B 17 -3.96 2.12 21.71
CA VAL B 17 12.32 -9.22 5.58
CA VAL B 17 -13.24 -14.44 -3.45
CA VAL B 17 -2.63 -8.42 7.42
CA VAL B 17 -5.20 2.08 20.97
C VAL B 17 11.96 -9.06 7.07
C VAL B 17 -11.89 -14.33 -2.72
C VAL B 17 -1.42 -8.38 8.37
C VAL B 17 -5.28 0.83 20.08
N GLU B 18 12.58 -9.93 7.84
N GLU B 18 -10.92 -14.94 -3.37
N GLU B 18 -0.94 -9.57 8.61
N GLU B 18 -6.48 0.67 19.55
CA GLU B 18 12.51 -9.93 9.29
CA GLU B 18 -9.52 -14.89 -2.96
CA GLU B 18 0.29 -9.80 9.39
CA GLU B 18 -6.80 -0.37 18.58
C GLU B 18 13.94 -9.74 9.80
C GLU B 18 -8.75 -14.28 -4.12
C GLU B 18 1.25 -10.51 8.47
C GLU B 18 -7.28 0.35 17.32
N PRO B 19 14.11 -9.03 10.89
N PRO B 19 -7.74 -13.50 -3.82
N PRO B 19 2.53 -10.23 8.61
N PRO B 19 -6.95 -0.18 16.17
CA PRO B 19 15.42 -8.81 11.50
CA PRO B 19 -6.89 -12.87 -4.83
CA PRO B 19 3.58 -10.89 7.82
CA PRO B 19 -7.39 0.38 14.88
C PRO B 19 16.12 -10.12 11.80
C PRO B 19 -6.30 -13.90 -5.78
C PRO B 19 3.52 -12.38 7.95
C PRO B 19 -8.89 0.54 14.82
N SER B 20 15.35 -11.18 11.96
N SER B 20 -6.20 -15.14 -5.33
N SER B 20 2.96 -12.87 9.04
N SER B 20 -9.61 -0.24 15.59
CA SER B 20 15.95 -12.49 12.31
CA SER B 20 -5.58 -16.18 -6.18
CA SER B 20 2.91 -14.33 9.27
CA SER B 20 -11.08 -0.19 15.55
C SER B 20 16.53 -13.15 11.09
C SER B 20 -6.58 -16.70 -7.19
C SER B 20 1.80 -14.96 8.48
C SER B 20 -11.60 0.98 16.35
N ASP B 21 16.26 -12.59 9.91
N ASP B 21 -7.84 -16.29 -7.06
N ASP B 21 0.95 -14.13 7.87
N ASP B 21 -10.71 1.65 17.08
CA ASP B 21 16.80 -13.25 8.69
CA ASP B 21 -8.83 -16.82 -8.03
CA ASP B 21 -0.18 -14.74 7.11
CA ASP B 21 -11.21 2.80 17.90
C ASP B 21 18.30 -13.09 8.64
C ASP B 21 -8.58 -16.20 -9.40
C ASP B 21 0.35 -15.41 5.85
C ASP B 21 -11.59 3.93 16.99
N THR B 22 18.97 -14.07 8.08
N THR B 22 -8.89 -16.97 -10.42
N THR B 22 -0.32 -16.47 5.45
N THR B 22 -12.58 4.69 17.41
CA THR B 22 20.40 -14.03 7.88
CA THR B 22 -8.79 -16.51 -11.79
CA THR B 22 0.01 -17.16 4.22
CA THR B 22 -13.01 5.88 16.69
C THR B 22 20.68 -13.25 6.56
C THR B 22 -10.10 -15.74 -12.13
C THR B 22 -0.69 -16.43 3.05
C THR B 22 -12.09 7.05 17.13
N ILE B 23 21.92 -12.78 6.48
N ILE B 23 -9.97 -14.92 -13.17
N ILE B 23 -0.15 -16.71 1.86
N ILE B 23 -12.10 8.07 16.27
CA ILE B 23 22.39 -12.11 5.27
CA ILE B 23 -11.12 -14.19 -13.70
CA ILE B 23 -0.73 -16.17 0.63
CA ILE B 23 -11.37 9.30 16.55
C ILE B 23 22.32 -13.05 4.07
C ILE B 23 -12.19 -15.17 -14.18
C ILE B 23 -2.16 -16.69 0.46
C ILE B 23 -11.91 9.96 17.82
N GLU B 24 22.63 -14.31 4.30
N GLU B 24 -11.76 -16.26 -14.78
N GLU B 24 -2.39 -17.93 0.83
N GLU B 24 -13.21 9.88 18.01
CA GLU B 24 22.53 -15.32 3.20
CA GLU B 24 -12.74 -17.30 -15.22
CA GLU B 24 -3.77 -18.50 0.77
CA GLU B 24 -13.82 10.44 19.26
C GLU B 24 21.13 -15.37 2.64
C GLU B 24 -13.57 -17.79 -14.07
C GLU B 24 -4.73 -17.68 1.58
C GLU B 24 -13.22 9.80 20.49
N ASN B 25 20.14 -15.28 3.51
N ASN B 25 -12.95 -17.96 -12.92
N ASN B 25 -4.29 -17.23 2.74
N ASN B 25 -12.99 8.50 20.42
CA ASN B 25 18.72 -15.32 3.15
CA ASN B 25 -13.60 -18.44 -11.68
CA ASN B 25 -5.09 -16.42 3.68
CA ASN B 25 -12.42 7.71 21.51
C ASN B 25 18.32 -14.10 2.31
C ASN B 25 -14.62 -17.43 -11.17
C ASN B 25 -5.42 -15.05 3.07
C ASN B 25 -10.98 8.12 21.81
N VAL B 26 18.81 -12.95 2.77
N VAL B 26 -14.21 -16.17 -11.19
N VAL B 26 -4.40 -14.45 2.48
N VAL B 26 -10.22 8.29 20.73
CA VAL B 26 18.55 -11.70 2.05
CA VAL B 26 -15.09 -15.09 -10.76
CA VAL B 26 -4.56 -13.16 1.84
CA VAL B 26 -8.83 8.72 20.85
C VAL B 26 19.07 -11.81 0.63
C VAL B 26 -16.35 -15.10 -11.61
C VAL B 26 -5.64 -13.26 0.76
C VAL B 26 -8.78 10.06 21.58
N LYS B 27 20.29 -12.32 0.51
N LYS B 27 -16.16 -15.22 -12.92
N LYS B 27 -5.55 -14.31 -0.05
N LYS B 27 -9.65 10.98 21.17
CA LYS B 27 20.91 -12.47 -0.82
CA LYS B 27 -17.31 -15.23 -13.85
CA LYS B 27 -6.53 -14.52 -1.13
CA LYS B 27 -9.69 12.30 21.80
C LYS B 27 20.10 -13.40 -1.69
C LYS B 27 -18.22 -16.41 -13.55
C LYS B 27 -7.92 -14.68 -0.56
C LYS B 27 -10.02 12.20 23.28
N ALA B 28 19.54 -14.45 -1.13
N ALA B 28 -17.67 -17.55 -13.20
N ALA B 28 -8.07 -15.35 0.57
N ALA B 28 -10.90 11.29 23.65
CA ALA B 28 18.67 -15.38 -1.87
CA ALA B 28 -18.48 -18.72 -12.83
CA ALA B 28 -9.37 -15.49 1.23
CA ALA B 28 -11.25 11.06 25.05
C ALA B 28 17.38 -14.70 -2.31
C ALA B 28 -19.24 -18.47 -11.55
C ALA B 28 -9.88 -14.16 1.74
C ALA B 28 -10.07 10.50 25.82
N LYS B 29 16.80 -13.83 -1.49
N LYS B 29 -18.67 -17.79 -10.57
N LYS B 29 -9.03 -13.29 2.24
N LYS B 29 -9.27 9.62 25.23
CA LYS B 29 15.61 -13.07 -1.89
CA LYS B 29 -19.40 -17.44 -9.33
CA LYS B 29 -9.45 -11.93 2.67
CA LYS B 29 -8.05 9.10 25.89
C LYS B 29 15.93 -12.12 -3.07
C LYS B 29 -20.57 -16.50 -9.64
C LYS B 29 -9.95 -11.11 1.47
C LYS B 29 -7.03 10.23 26.12
N ILE B 30 17.13 -11.55 -3.04
N ILE B 30 -20.35 -15.58 -10.58
N ILE B 30 -9.28 -11.30 0.33
N ILE B 30 -6.96 11.15 25.15
CA ILE B 30 17.52 -10.63 -4.12
CA ILE B 30 -21.42 -14.63 -10.94
CA ILE B 30 -9.68 -10.56 -0.88
CA ILE B 30 -6.00 12.27 25.29
C ILE B 30 17.73 -11.49 -5.37
C ILE B 30 -22.50 -15.44 -11.67
C ILE B 30 -11.04 -11.13 -1.33
C ILE B 30 -6.56 13.18 26.41
N GLN B 31 18.30 -12.66 -5.25
N GLN B 31 -22.13 -16.38 -12.50
N GLN B 31 -11.21 -12.43 -1.25
N GLN B 31 -7.84 13.38 26.47
CA GLN B 31 18.48 -13.50 -6.47
CA GLN B 31 -23.19 -17.18 -13.19
CA GLN B 31 -12.54 -12.98 -1.67
CA GLN B 31 -8.37 14.24 27.58
C GLN B 31 17.11 -13.83 -7.07
C GLN B 31 -24.01 -17.93 -12.16
C GLN B 31 -13.64 -12.41 -0.77
C GLN B 31 -8.03 13.61 28.93
N ASP B 32 16.25 -14.29 -6.18
N ASP B 32 -23.29 -18.58 -11.27
N ASP B 32 -13.37 -12.47 0.51
N ASP B 32 -8.34 12.33 29.00
CA ASP B 32 14.87 -14.64 -6.58
CA ASP B 32 -23.93 -19.35 -10.18
CA ASP B 32 -14.31 -11.94 1.51
CA ASP B 32 -8.07 11.56 30.23
C ASP B 32 14.19 -13.50 -7.31
C ASP B 32 -24.91 -18.50 -9.40
C ASP B 32 -14.69 -10.51 1.23
C ASP B 32 -6.61 11.68 30.66
N LYS B 33 14.37 -12.26 -6.82
N LYS B 33 -24.53 -17.24 -9.10
N LYS B 33 -13.70 -9.67 0.85
N LYS B 33 -5.68 11.62 29.69
CA LYS B 33 13.61 -11.17 -7.49
CA LYS B 33 -25.45 -16.46 -8.25
CA LYS B 33 -14.07 -8.24 0.66
CA LYS B 33 -4.26 11.64 30.14
C LYS B 33 14.31 -10.44 -8.59
C LYS B 33 -26.45 -15.60 -8.93
C LYS B 33 -14.45 -7.81 -0.70
C LYS B 33 -3.59 12.97 30.19
N GLU B 34 15.60 -10.36 -8.67
N GLU B 34 -26.28 -15.14 -10.15
N GLU B 34 -14.06 -8.44 -1.78
N GLU B 34 -3.97 13.99 29.47
CA GLU B 34 16.33 -9.66 -9.72
CA GLU B 34 -27.22 -14.30 -10.87
CA GLU B 34 -14.42 -8.06 -3.13
CA GLU B 34 -3.35 15.29 29.48
C GLU B 34 17.30 -10.54 -10.47
C GLU B 34 -27.64 -14.87 -12.19
C GLU B 34 -15.08 -9.16 -3.93
C GLU B 34 -4.30 16.41 29.80
N GLY B 35 17.49 -11.77 -10.03
N GLY B 35 -27.04 -15.97 -12.62
N GLY B 35 -15.16 -10.35 -3.36
N GLY B 35 -5.59 16.12 29.90
CA GLY B 35 18.34 -12.72 -10.70
CA GLY B 35 -27.42 -16.64 -13.83
CA GLY B 35 -15.84 -11.46 -3.98
CA GLY B 35 -6.58 17.09 30.27
C GLY B 35 19.80 -12.64 -10.48
C GLY B 35 -26.90 -16.14 -15.11
C GLY B 35 -15.14 -12.24 -5.03
C GLY B 35 -7.11 18.01 29.23
N ILE B 36 20.26 -11.76 -9.57
N ILE B 36 -26.02 -15.12 -15.08
N ILE B 36 -13.85 -11.94 -5.27
N ILE B 36 -6.71 17.82 27.97
CA ILE B 36 21.71 -11.69 -9.33
CA ILE B 36 -25.49 -14.60 -16.35
CA ILE B 36 -13.12 -12.71 -6.29
CA ILE B 36 -7.22 18.73 26.92
C ILE B 36 22.18 -12.81 -8.42
C ILE B 36 -24.38 -15.49 -16.89
C ILE B 36 -12.67 -14.05 -5.75
C ILE B 36 -8.61 18.32 26.49
N PRO B 37 23.15 -13.59 -8.86
N PRO B 37 -24.52 -15.96 -18.12
N PRO B 37 -13.04 -15.13 -6.43
N PRO B 37 -9.56 19.25 26.56
CA PRO B 37 23.73 -14.69 -8.08
CA PRO B 37 -23.52 -16.80 -18.79
CA PRO B 37 -12.65 -16.49 -6.04
CA PRO B 37 -10.95 19.02 26.15
C PRO B 37 24.26 -14.18 -6.76
C PRO B 37 -22.18 -16.12 -18.84
C PRO B 37 -11.14 -16.62 -5.99
C PRO B 37 -11.02 18.56 24.70
N PRO B 38 24.02 -14.89 -5.67
N PRO B 38 -21.09 -16.80 -18.56
N PRO B 38 -10.59 -17.27 -4.99
N PRO B 38 -11.82 17.59 24.38
CA PRO B 38 24.51 -14.43 -4.36
CA PRO B 38 -19.77 -16.17 -18.58
CA PRO B 38 -9.13 -17.41 -4.90
CA PRO B 38 -11.91 17.10 22.99
C PRO B 38 26.00 -14.23 -4.31
C PRO B 38 -19.43 -15.53 -19.89
C PRO B 38 -8.50 -18.06 -6.10
C PRO B 38 -12.27 18.18 22.01
N ASP B 39 26.76 -15.00 -5.05
N ASP B 39 -19.91 -16.07 -20.99
N ASP B 39 -9.20 -18.96 -6.74
N ASP B 39 -13.06 19.14 22.41
CA ASP B 39 28.24 -14.89 -5.02
CA ASP B 39 -19.57 -15.52 -22.33
CA ASP B 39 -8.63 -19.69 -7.91
CA ASP B 39 -13.51 20.21 21.47
C ASP B 39 28.74 -13.59 -5.61
C ASP B 39 -20.18 -14.15 -22.57
C ASP B 39 -8.42 -18.77 -9.11
C ASP B 39 -12.37 21.12 21.05
N GLN B 40 27.88 -12.90 -6.34
N GLN B 40 -21.16 -13.78 -21.73
N GLN B 40 -9.04 -17.60 -9.08
N GLN B 40 -11.26 21.07 21.77
CA GLN B 40 28.28 -11.59 -6.93
CA GLN B 40 -21.78 -12.45 -21.89
CA GLN B 40 -8.86 -16.65 -10.21
CA GLN B 40 -10.10 21.90 21.40
C GLN B 40 27.86 -10.40 -6.06
C GLN B 40 -21.15 -11.40 -20.95
C GLN B 40 -7.77 -15.60 -9.91
C GLN B 40 -9.08 21.13 20.53
N GLN B 41 27.04 -10.64 -5.06
N GLN B 41 -20.32 -11.83 -20.02
N GLN B 41 -7.29 -15.55 -8.68
N GLN B 41 -9.24 19.83 20.41
CA GLN B 41 26.52 -9.62 -4.19
CA GLN B 41 -19.70 -10.97 -19.05
CA GLN B 41 -6.31 -14.58 -8.26
CA GLN B 41 -8.33 18.98 19.68
C GLN B 41 27.41 -9.23 -3.03
C GLN B 41 -18.42 -10.28 -19.50
C GLN B 41 -4.86 -14.97 -8.52
C GLN B 41 -8.59 18.89 18.19
N ARG B 42 27.62 -7.92 -2.90
N ARG B 42 -18.40 -8.97 -19.29
N ARG B 42 -4.14 -14.03 -9.13
N ARG B 42 -7.52 19.10 17.43
CA ARG B 42 28.33 -7.36 -1.71
CA ARG B 42 -17.16 -8.17 -19.52
CA ARG B 42 -2.67 -14.18 -9.31
CA ARG B 42 -7.56 18.87 15.94
C ARG B 42 27.34 -6.39 -1.09
C ARG B 42 -16.86 -7.52 -18.18
C ARG B 42 -2.07 -12.98 -8.61
C ARG B 42 -6.48 17.84 15.68
N LEU B 43 26.87 -6.64 0.13
N LEU B 43 -15.75 -7.85 -17.53
N LEU B 43 -1.29 -13.15 -7.55
N LEU B 43 -6.82 16.65 15.20
CA LEU B 43 25.86 -5.74 0.75
CA LEU B 43 -15.45 -7.28 -16.19
CA LEU B 43 -0.73 -11.99 -6.81
CA LEU B 43 -5.81 15.59 14.99
C LEU B 43 26.53 -4.84 1.79
C LEU B 43 -14.40 -6.18 -16.32
C LEU B 43 0.74 -11.82 -7.16
C LEU B 43 -5.49 15.47 13.50
N ILE B 44 26.26 -3.55 1.71
N ILE B 44 -14.69 -5.03 -15.72
N ILE B 44 1.11 -10.59 -7.51
N ILE B 44 -4.20 15.49 13.18
CA ILE B 44 26.84 -2.55 2.58
CA ILE B 44 -13.83 -3.85 -15.78
CA ILE B 44 2.46 -10.25 -7.92
CA ILE B 44 -3.72 15.43 11.81
C ILE B 44 25.79 -1.75 3.33
C ILE B 44 -13.40 -3.38 -14.39
C ILE B 44 3.08 -9.17 -7.04
C ILE B 44 -2.81 14.24 11.56
N PHE B 45 26.01 -1.64 4.67
N PHE B 45 -12.07 -3.15 -14.25
N PHE B 45 4.33 -9.44 -6.59
N PHE B 45 -3.10 13.51 10.45
CA PHE B 45 25.11 -0.85 5.53
CA PHE B 45 -11.51 -2.63 -12.99
CA PHE B 45 5.09 -8.48 -5.78
CA PHE B 45 -2.28 12.36 10.05
C PHE B 45 26.02 -0.20 6.58
C PHE B 45 -10.36 -1.69 -13.42
C PHE B 45 6.56 -8.64 -6.21
C PHE B 45 -2.28 12.38 8.51
N ALA B 46 25.81 1.09 6.69
N ALA B 46 -10.45 -0.53 -12.83
N ALA B 46 7.11 -7.49 -6.51
N ALA B 46 -1.07 12.30 8.02
CA ALA B 46 26.51 1.95 7.67
CA ALA B 46 -9.44 0.55 -13.01
CA ALA B 46 8.53 -7.34 -6.89
CA ALA B 46 -0.79 12.24 6.56
C ALA B 46 28.01 1.70 7.63
C ALA B 46 -9.13 0.75 -14.49
C ALA B 46 8.89 -8.36 -7.97
C ALA B 46 -1.56 13.33 5.82
N GLY B 47 28.51 1.64 6.43
N GLY B 47 -10.19 0.80 -15.25
N GLY B 47 8.03 -8.45 -8.93
N GLY B 47 -1.49 14.50 6.38
CA GLY B 47 29.88 1.42 6.05
CA GLY B 47 -10.25 0.97 -16.67
CA GLY B 47 8.06 -9.30 -10.08
CA GLY B 47 -2.10 15.73 5.95
C GLY B 47 30.50 0.09 6.43
C GLY B 47 -9.60 -0.09 -17.53
C GLY B 47 8.05 -10.80 -9.85
C GLY B 47 -3.60 15.77 5.89
N LYS B 48 29.70 -0.91 6.69
N LYS B 48 -9.41 -1.27 -17.01
N LYS B 48 7.58 -11.23 -8.71
N LYS B 48 -4.27 14.91 6.60
CA LYS B 48 30.18 -2.25 7.02
CA LYS B 48 -8.83 -2.39 -17.76
CA LYS B 48 7.46 -12.65 -8.39
CA LYS B 48 -5.74 14.89 6.64
C LYS B 48 29.74 -3.19 5.88
C LYS B 48 -9.93 -3.46 -17.88
C LYS B 48 5.96 -12.98 -8.25
C LYS B 48 -6.16 15.23 8.08
N GLN B 49 30.57 -4.13 5.53
N GLN B 49 -10.01 -4.13 -19.01
N GLN B 49 5.54 -14.12 -8.70
N GLN B 49 -7.21 15.98 8.26
CA GLN B 49 30.16 -5.15 4.52
CA GLN B 49 -10.96 -5.26 -19.14
CA GLN B 49 4.13 -14.54 -8.48
CA GLN B 49 -7.74 16.25 9.63
C GLN B 49 29.44 -6.22 5.35
C GLN B 49 -10.19 -6.46 -18.59
C GLN B 49 4.15 -15.18 -7.10
C GLN B 49 -8.64 15.04 9.90
N LEU B 50 28.27 -6.62 4.95
N LEU B 50 -10.78 -7.21 -17.70
N LEU B 50 3.25 -14.80 -6.22
N LEU B 50 -8.47 14.41 11.04
CA LEU B 50 27.45 -7.57 5.72
CA LEU B 50 -10.10 -8.34 -17.03
CA LEU B 50 3.24 -15.29 -4.83
CA LEU B 50 -9.23 13.19 11.38
C LEU B 50 27.95 -8.99 5.48
C LEU B 50 -10.09 -9.55 -17.95
C LEU B 50 2.61 -16.67 -4.78
C LEU B 50 -10.62 13.56 11.85
N GLU B 51 28.02 -9.80 6.53
N GLU B 51 -8.95 -10.25 -17.99
N GLU B 51 3.18 -17.57 -3.99
N GLU B 51 -11.64 12.80 11.42
CA GLU B 51 28.54 -11.18 6.39
CA GLU B 51 -8.84 -11.42 -18.90
CA GLU B 51 2.66 -18.96 -3.91
CA GLU B 51 -13.03 13.13 11.80
C GLU B 51 27.40 -12.16 6.36
C GLU B 51 -9.00 -12.69 -18.12
C GLU B 51 1.85 -19.13 -2.66
C GLU B 51 -13.49 12.21 12.90
N ASP B 52 27.43 -13.17 5.54
N ASP B 52 -9.68 -13.69 -18.63
N ASP B 52 0.74 -19.83 -2.71
N ASP B 52 -14.22 12.68 13.87
CA ASP B 52 26.37 -14.15 5.33
CA ASP B 52 -9.99 -14.94 -17.97
CA ASP B 52 -0.19 -20.02 -1.60
CA ASP B 52 -14.67 11.94 15.06
C ASP B 52 25.70 -14.82 6.51
C ASP B 52 -8.92 -15.74 -17.26
C ASP B 52 0.30 -20.42 -0.22
C ASP B 52 -15.31 10.57 14.91
N GLY B 53 26.46 -15.22 7.51
N GLY B 53 -7.74 -15.84 -17.84
N GLY B 53 1.23 -21.35 -0.15
N GLY B 53 -16.18 10.40 13.94
CA GLY B 53 25.95 -15.93 8.70
CA GLY B 53 -6.62 -16.63 -17.30
CA GLY B 53 1.77 -21.89 1.11
CA GLY B 53 -16.93 9.15 13.70
C GLY B 53 25.37 -15.09 9.78
C GLY B 53 -5.77 -15.95 -16.27
C GLY B 53 2.84 -21.08 1.76
C GLY B 53 -16.22 8.09 12.92
N ARG B 54 25.50 -13.76 9.70
N ARG B 54 -5.97 -14.66 -16.02
N ARG B 54 3.37 -20.06 1.11
N ARG B 54 -15.06 8.38 12.36
CA ARG B 54 24.88 -12.85 10.70
CA ARG B 54 -5.24 -13.93 -14.97
CA ARG B 54 4.38 -19.17 1.72
CA ARG B 54 -14.26 7.37 11.64
C ARG B 54 23.45 -12.59 10.26
C ARG B 54 -5.98 -14.13 -13.66
C ARG B 54 3.65 -18.09 2.51
C ARG B 54 -13.40 6.64 12.66
N THR B 55 22.66 -12.06 11.17
N THR B 55 -5.34 -13.81 -12.57
N THR B 55 4.36 -17.40 3.35
N THR B 55 -12.85 5.52 12.27
CA THR B 55 21.25 -11.68 10.91
CA THR B 55 -5.92 -13.89 -11.21
CA THR B 55 3.84 -16.27 4.16
CA THR B 55 -11.93 4.71 13.10
C THR B 55 21.22 -10.13 10.77
C THR B 55 -6.22 -12.43 -10.78
C THR B 55 4.36 -14.97 3.50
C THR B 55 -10.50 4.95 12.56
N LEU B 56 20.14 -9.62 10.24
N LEU B 56 -7.02 -12.30 -9.75
N LEU B 56 3.74 -13.86 3.88
N LEU B 56 -9.53 4.58 13.35
CA LEU B 56 19.92 -8.18 10.10
CA LEU B 56 -7.37 -10.98 -9.18
CA LEU B 56 4.17 -12.53 3.39
CA LEU B 56 -8.11 4.68 12.97
C LEU B 56 19.93 -7.55 11.49
C LEU B 56 -6.08 -10.33 -8.68
C LEU B 56 5.60 -12.28 3.84
C LEU B 56 -7.88 3.81 11.73
N SER B 57 19.38 -8.27 12.49
N SER B 57 -5.15 -11.14 -8.14
N SER B 57 5.96 -12.77 5.05
N SER B 57 -8.58 2.66 11.66
CA SER B 57 19.37 -7.66 13.84
CA SER B 57 -3.90 -10.50 -7.64
CA SER B 57 7.35 -12.52 5.49
CA SER B 57 -8.35 1.81 10.46
C SER B 57 20.78 -7.45 14.38
C SER B 57 -3.11 -9.86 -8.76
C SER B 57 8.38 -13.20 4.60
C SER B 57 -8.79 2.48 9.19
N ASP B 58 21.71 -8.29 13.98
N ASP B 58 -3.21 -10.40 -9.96
N ASP B 58 7.99 -14.33 4.00
N ASP B 58 -9.79 3.34 9.29
CA ASP B 58 23.11 -8.17 14.43
CA ASP B 58 -2.49 -9.83 -11.13
CA ASP B 58 8.90 -15.08 3.10
CA ASP B 58 -10.30 4.07 8.09
C ASP B 58 23.66 -6.77 14.13
C ASP B 58 -2.81 -8.35 -11.31
C ASP B 58 9.41 -14.16 1.97
C ASP B 58 -9.17 4.82 7.39
N TYR B 59 23.30 -6.27 12.98
N TYR B 59 -4.06 -8.03 -11.11
N TYR B 59 8.53 -13.35 1.48
N TYR B 59 -8.31 5.40 8.19
CA TYR B 59 23.70 -4.95 12.51
CA TYR B 59 -4.58 -6.67 -11.21
CA TYR B 59 8.80 -12.39 0.41
CA TYR B 59 -7.15 6.15 7.73
C TYR B 59 22.72 -3.86 12.89
C TYR B 59 -4.53 -5.91 -9.90
C TYR B 59 9.25 -11.04 0.93
C TYR B 59 -5.91 5.30 7.59
N ASN B 60 21.68 -4.11 13.66
N ASN B 60 -3.97 -6.43 -8.83
N ASN B 60 9.46 -10.83 2.22
N ASN B 60 -5.94 4.00 7.75
CA ASN B 60 20.75 -3.02 14.01
CA ASN B 60 -3.95 -5.65 -7.58
CA ASN B 60 9.90 -9.50 2.67
CA ASN B 60 -4.71 3.20 7.59
C ASN B 60 20.15 -2.38 12.77
C ASN B 60 -5.36 -5.27 -7.13
C ASN B 60 8.91 -8.42 2.27
C ASN B 60 -3.62 3.68 8.53
N ILE B 61 19.72 -3.20 11.83
N ILE B 61 -6.27 -6.22 -7.17
N ILE B 61 7.64 -8.67 2.45
N ILE B 61 -3.96 3.91 9.79
CA ILE B 61 19.03 -2.67 10.61
CA ILE B 61 -7.66 -5.99 -6.67
CA ILE B 61 6.59 -7.64 2.16
CA ILE B 61 -2.96 4.29 10.81
C ILE B 61 17.55 -2.59 10.96
C ILE B 61 -7.63 -6.34 -5.19
C ILE B 61 6.42 -6.84 3.46
C ILE B 61 -2.43 2.98 11.40
N GLN B 62 16.97 -1.42 10.97
N GLN B 62 -7.88 -5.39 -4.32
N GLN B 62 6.72 -5.58 3.44
N GLN B 62 -1.18 2.69 11.24
CA GLN B 62 15.55 -1.22 11.36
CA GLN B 62 -7.81 -5.61 -2.84
CA GLN B 62 6.66 -4.70 4.65
CA GLN B 62 -0.56 1.41 11.71
C GLN B 62 14.70 -1.00 10.11
C GLN B 62 -9.24 -5.71 -2.28
C GLN B 62 5.41 -3.83 4.60
C GLN B 62 0.24 1.67 12.98
N LYS B 63 13.38 -1.01 10.24
N LYS B 63 -9.38 -6.10 -1.02
N LYS B 63 5.08 -3.14 5.69
N LYS B 63 0.68 0.61 13.66
CA LYS B 63 12.47 -0.88 9.12
CA LYS B 63 -10.68 -6.30 -0.40
CA LYS B 63 3.89 -2.33 5.77
CA LYS B 63 1.39 0.72 14.91
C LYS B 63 12.82 0.39 8.34
C LYS B 63 -11.50 -5.01 -0.54
C LYS B 63 3.86 -1.33 4.63
C LYS B 63 2.61 1.64 14.72
N GLU B 64 12.67 0.24 7.02
N GLU B 64 -12.79 -5.27 -0.76
N GLU B 64 2.63 -1.13 4.14
N GLU B 64 2.83 2.41 15.80
CA GLU B 64 12.90 1.25 6.03
CA GLU B 64 -13.82 -4.27 -0.93
CA GLU B 64 2.30 -0.24 3.06
CA GLU B 64 3.91 3.36 15.91
C GLU B 64 14.31 1.73 5.83
C GLU B 64 -13.76 -3.40 -2.15
C GLU B 64 2.81 -0.58 1.69
C GLU B 64 3.87 4.57 15.02
N SER B 65 15.25 0.91 6.30
N SER B 65 -13.03 -3.88 -3.14
N SER B 65 3.17 -1.84 1.51
N SER B 65 2.68 4.85 14.51
CA SER B 65 16.68 1.13 6.12
CA SER B 65 -12.93 -3.24 -4.46
CA SER B 65 3.59 -2.40 0.23
CA SER B 65 2.40 6.05 13.71
C SER B 65 17.00 0.88 4.62
C SER B 65 -14.28 -3.45 -5.18
C SER B 65 2.32 -2.49 -0.66
C SER B 65 2.43 7.26 14.66
N THR B 66 18.10 1.40 4.15
N THR B 66 -14.57 -2.64 -6.16
N THR B 66 2.52 -2.57 -1.95
N THR B 66 2.61 8.43 14.13
CA THR B 66 18.57 1.18 2.78
CA THR B 66 -15.77 -2.77 -6.97
CA THR B 66 1.42 -2.75 -2.90
CA THR B 66 2.58 9.68 14.91
C THR B 66 19.93 0.49 2.83
C THR B 66 -15.36 -3.01 -8.42
C THR B 66 1.63 -4.06 -3.66
C THR B 66 1.45 10.56 14.37
N LEU B 67 20.09 -0.64 2.14
N LEU B 67 -15.88 -4.08 -9.05
N LEU B 67 0.63 -4.94 -3.68
N LEU B 67 0.54 11.01 15.24
CA LEU B 67 21.41 -1.28 2.07
CA LEU B 67 -15.61 -4.31 -10.48
CA LEU B 67 0.74 -6.18 -4.47
CA LEU B 67 -0.50 11.96 14.79
C LEU B 67 21.95 -0.95 0.66
C LEU B 67 -16.89 -3.87 -11.22
C LEU B 67 -0.13 -5.93 -5.73
C LEU B 67 -0.06 13.34 15.31
N HIS B 68 23.23 -0.95 0.50
N HIS B 68 -16.78 -3.51 -12.44
N HIS B 68 0.16 -6.59 -6.80
N HIS B 68 -0.47 14.38 14.68
CA HIS B 68 23.79 -0.68 -0.84
CA HIS B 68 -18.00 -3.13 -13.21
CA HIS B 68 -0.67 -6.42 -8.01
CA HIS B 68 -0.11 15.72 15.17
C HIS B 68 24.28 -2.03 -1.37
C HIS B 68 -18.26 -4.29 -14.16
C HIS B 68 -1.51 -7.69 -8.12
C HIS B 68 -1.37 16.29 15.82
N LEU B 69 23.98 -2.32 -2.62
N LEU B 69 -19.51 -4.70 -14.26
N LEU B 69 -2.79 -7.52 -8.40
N LEU B 69 -1.22 16.89 16.99
CA LEU B 69 24.45 -3.53 -3.27
CA LEU B 69 -19.92 -5.76 -15.19
CA LEU B 69 -3.70 -8.66 -8.61
CA LEU B 69 -2.33 17.53 17.68
C LEU B 69 25.54 -3.25 -4.27
C LEU B 69 -20.68 -5.20 -16.35
C LEU B 69 -4.05 -8.82 -10.06
C LEU B 69 -2.22 19.03 17.62
N VAL B 70 26.72 -3.72 -4.07
N VAL B 70 -20.18 -5.30 -17.54
N VAL B 70 -3.68 -9.90 -10.68
N VAL B 70 -3.13 19.70 16.99
CA VAL B 70 27.80 -3.55 -5.08
CA VAL B 70 -20.95 -4.85 -18.74
CA VAL B 70 -4.10 -10.15 -12.09
CA VAL B 70 -3.13 21.20 16.99
C VAL B 70 27.97 -4.96 -5.66
C VAL B 70 -21.33 -6.16 -19.44
C VAL B 70 -5.13 -11.29 -11.96
C VAL B 70 -4.32 21.56 17.90
N LEU B 71 28.18 -5.07 -6.95
N LEU B 71 -22.53 -6.26 -19.95
N LEU B 71 -6.20 -11.24 -12.71
N LEU B 71 -4.17 22.57 18.72
CA LEU B 71 28.39 -6.38 -7.60
CA LEU B 71 -22.97 -7.48 -20.67
CA LEU B 71 -7.22 -12.31 -12.67
CA LEU B 71 -5.27 23.01 19.60
C LEU B 71 29.86 -6.65 -7.75
C LEU B 71 -22.78 -7.29 -22.15
C LEU B 71 -6.96 -13.29 -13.79
C LEU B 71 -6.02 24.15 18.96
N MET A 1 6.38 18.40 -20.67
CA MET A 1 5.74 19.56 -20.05
C MET A 1 6.28 19.67 -18.60
N GLN A 2 6.34 20.88 -18.14
CA GLN A 2 6.81 21.11 -16.74
C GLN A 2 5.61 21.10 -15.81
N ILE A 3 5.80 20.45 -14.66
CA ILE A 3 4.77 20.47 -13.61
C ILE A 3 5.53 20.83 -12.30
N PHE A 4 4.75 21.23 -11.33
CA PHE A 4 5.40 21.59 -10.01
C PHE A 4 4.91 20.64 -8.96
N VAL A 5 5.74 20.16 -8.03
CA VAL A 5 5.27 19.32 -6.95
C VAL A 5 5.58 20.10 -5.65
N LYS A 6 4.57 20.50 -4.95
CA LYS A 6 4.78 21.30 -3.70
C LYS A 6 4.77 20.35 -2.53
N THR A 7 5.82 20.41 -1.68
CA THR A 7 5.88 19.52 -0.51
C THR A 7 5.42 20.27 0.74
N LEU A 8 5.24 19.58 1.84
CA LEU A 8 4.74 20.24 3.07
C LEU A 8 5.81 21.08 3.74
N THR A 9 7.06 21.03 3.24
CA THR A 9 8.08 21.90 3.94
C THR A 9 8.35 23.16 3.18
N GLY A 10 7.52 23.50 2.24
CA GLY A 10 7.67 24.69 1.43
C GLY A 10 8.68 24.63 0.33
N LYS A 11 9.10 23.43 0.00
CA LYS A 11 10.01 23.21 -1.12
C LYS A 11 9.11 22.84 -2.31
N THR A 12 9.42 23.38 -3.48
CA THR A 12 8.62 22.98 -4.66
C THR A 12 9.61 22.35 -5.64
N ILE A 13 9.25 21.19 -6.17
CA ILE A 13 10.23 20.60 -7.13
C ILE A 13 9.65 20.67 -8.52
N THR A 14 10.47 20.94 -9.51
CA THR A 14 9.89 20.97 -10.89
C THR A 14 10.25 19.66 -11.57
N LEU A 15 9.33 19.09 -12.33
CA LEU A 15 9.58 17.83 -13.01
C LEU A 15 9.25 18.02 -14.49
N GLU A 16 9.89 17.22 -15.31
CA GLU A 16 9.51 17.26 -16.76
C GLU A 16 8.85 15.92 -17.00
N VAL A 17 7.60 16.03 -17.42
CA VAL A 17 6.77 14.86 -17.67
C VAL A 17 5.93 15.04 -18.95
N GLU A 18 5.32 13.93 -19.31
CA GLU A 18 4.37 13.84 -20.41
C GLU A 18 3.06 13.38 -19.82
N PRO A 19 1.95 13.87 -20.34
CA PRO A 19 0.61 13.47 -19.90
C PRO A 19 0.43 11.98 -19.97
N SER A 20 1.19 11.31 -20.81
CA SER A 20 1.03 9.85 -20.98
C SER A 20 1.72 9.11 -19.87
N ASP A 21 2.49 9.83 -19.05
CA ASP A 21 3.19 9.10 -17.96
C ASP A 21 2.21 8.63 -16.92
N THR A 22 2.51 7.52 -16.30
CA THR A 22 1.71 6.99 -15.21
C THR A 22 2.16 7.68 -13.91
N ILE A 23 1.25 7.61 -12.94
CA ILE A 23 1.52 8.13 -11.60
C ILE A 23 2.72 7.40 -10.98
N GLU A 24 2.80 6.12 -11.24
CA GLU A 24 3.98 5.32 -10.73
C GLU A 24 5.27 5.90 -11.23
N CYS A 25 5.30 6.34 -12.52
CA CYS A 25 6.50 6.91 -13.13
C CYS A 25 6.85 8.24 -12.50
N VAL A 26 5.82 9.05 -12.28
CA VAL A 26 6.04 10.34 -11.65
C VAL A 26 6.71 10.15 -10.29
N LYS A 27 6.18 9.20 -9.52
CA LYS A 27 6.74 8.92 -8.19
C LYS A 27 8.19 8.48 -8.29
N ALA A 28 8.54 7.70 -9.30
CA ALA A 28 9.92 7.29 -9.53
C ALA A 28 10.80 8.47 -9.89
N LYS A 29 10.31 9.43 -10.66
CA LYS A 29 11.09 10.64 -10.97
C LYS A 29 11.35 11.47 -9.69
N ILE A 30 10.35 11.49 -8.81
CA ILE A 30 10.50 12.25 -7.55
C ILE A 30 11.53 11.50 -6.70
N GLN A 31 11.49 10.19 -6.69
CA GLN A 31 12.50 9.45 -5.86
C GLN A 31 13.90 9.76 -6.40
N ASP A 32 14.01 9.63 -7.70
CA ASP A 32 15.30 9.91 -8.37
C ASP A 32 15.83 11.29 -8.03
N LYS A 33 14.94 12.30 -7.98
CA LYS A 33 15.50 13.66 -7.74
C LYS A 33 15.53 14.13 -6.33
N GLU A 34 14.74 13.67 -5.41
CA GLU A 34 14.73 14.09 -4.02
C GLU A 34 14.92 12.96 -3.04
N GLY A 35 14.94 11.73 -3.52
CA GLY A 35 15.18 10.58 -2.69
C GLY A 35 14.07 10.02 -1.89
N ILE A 36 12.84 10.55 -2.06
CA ILE A 36 11.72 10.01 -1.29
C ILE A 36 11.20 8.72 -1.91
N PRO A 37 11.15 7.65 -1.13
CA PRO A 37 10.64 6.34 -1.58
C PRO A 37 9.21 6.46 -2.09
N PRO A 38 8.88 5.84 -3.19
CA PRO A 38 7.51 5.95 -3.73
C PRO A 38 6.45 5.52 -2.76
N ASP A 39 6.74 4.57 -1.90
CA ASP A 39 5.72 4.05 -0.95
C ASP A 39 5.34 5.08 0.11
N GLN A 40 6.16 6.11 0.23
CA GLN A 40 5.83 7.18 1.22
C GLN A 40 5.08 8.36 0.58
N GLN A 41 5.02 8.40 -0.74
CA GLN A 41 4.40 9.48 -1.46
C GLN A 41 2.90 9.36 -1.66
N ARG A 42 2.21 10.46 -1.32
CA ARG A 42 0.75 10.57 -1.60
C ARG A 42 0.62 11.80 -2.48
N LEU A 43 0.18 11.67 -3.73
CA LEU A 43 0.09 12.84 -4.63
C LEU A 43 -1.35 13.30 -4.76
N ILE A 44 -1.57 14.59 -4.57
CA ILE A 44 -2.91 15.19 -4.61
C ILE A 44 -3.02 16.28 -5.66
N PHE A 45 -4.11 16.19 -6.46
CA PHE A 45 -4.39 17.20 -7.50
C PHE A 45 -5.92 17.33 -7.53
N ALA A 46 -6.32 18.58 -7.46
CA ALA A 46 -7.74 18.98 -7.52
C ALA A 46 -8.59 18.14 -6.58
N GLY A 47 -8.08 17.99 -5.40
CA GLY A 47 -8.62 17.24 -4.29
C GLY A 47 -8.80 15.76 -4.47
N CYS A 48 -8.13 15.15 -5.41
CA CYS A 48 -8.12 13.71 -5.63
C CYS A 48 -6.78 13.12 -5.25
N GLN A 49 -6.74 11.97 -4.70
CA GLN A 49 -5.43 11.30 -4.47
C GLN A 49 -5.16 10.55 -5.77
N LEU A 50 -3.98 10.72 -6.33
CA LEU A 50 -3.65 10.11 -7.64
C LEU A 50 -3.29 8.65 -7.46
N GLU A 51 -3.77 7.80 -8.37
CA GLU A 51 -3.53 6.34 -8.25
C GLU A 51 -2.42 5.92 -9.18
N ASP A 52 -1.53 5.06 -8.79
CA ASP A 52 -0.35 4.62 -9.54
C ASP A 52 -0.48 4.20 -10.99
N GLY A 53 -1.50 3.45 -11.32
CA GLY A 53 -1.74 2.91 -12.67
C GLY A 53 -2.40 3.82 -13.65
N ARG A 54 -2.89 4.98 -13.21
CA ARG A 54 -3.49 5.96 -14.13
C ARG A 54 -2.37 6.83 -14.68
N THR A 55 -2.66 7.57 -15.72
CA THR A 55 -1.72 8.53 -16.36
C THR A 55 -2.16 9.94 -15.93
N LEU A 56 -1.27 10.90 -16.12
CA LEU A 56 -1.55 12.31 -15.83
C LEU A 56 -2.72 12.75 -16.70
N SER A 57 -2.80 12.25 -17.95
CA SER A 57 -3.93 12.69 -18.80
C SER A 57 -5.26 12.26 -18.24
N ASP A 58 -5.29 11.15 -17.53
CA ASP A 58 -6.56 10.64 -16.93
C ASP A 58 -7.20 11.71 -16.05
N TYR A 59 -6.37 12.41 -15.33
CA TYR A 59 -6.76 13.49 -14.42
C TYR A 59 -6.79 14.84 -15.09
N ASN A 60 -6.55 14.98 -16.38
CA ASN A 60 -6.58 16.32 -16.99
C ASN A 60 -5.58 17.25 -16.32
N ILE A 61 -4.36 16.77 -16.10
CA ILE A 61 -3.28 17.62 -15.54
C ILE A 61 -2.59 18.28 -16.73
N GLN A 62 -2.64 19.57 -16.85
CA GLN A 62 -2.07 20.32 -18.00
C GLN A 62 -0.74 20.97 -17.58
N LYS A 63 0.04 21.51 -18.58
CA LYS A 63 1.33 22.10 -18.24
C LYS A 63 1.17 23.16 -17.17
N GLU A 64 2.22 23.18 -16.36
CA GLU A 64 2.37 24.09 -15.26
C GLU A 64 1.44 23.96 -14.10
N SER A 65 0.81 22.79 -14.03
CA SER A 65 -0.07 22.42 -12.91
C SER A 65 0.84 22.18 -11.68
N THR A 66 0.25 22.25 -10.50
CA THR A 66 0.96 21.97 -9.25
C THR A 66 0.29 20.77 -8.56
N LEU A 67 1.06 19.74 -8.22
CA LEU A 67 0.49 18.62 -7.46
C LEU A 67 0.98 18.81 -6.00
N HIS A 68 0.26 18.31 -5.06
CA HIS A 68 0.72 18.43 -3.66
C HIS A 68 1.24 17.05 -3.26
N LEU A 69 2.38 17.02 -2.60
CA LEU A 69 2.96 15.77 -2.10
C LEU A 69 2.83 15.67 -0.60
N VAL A 70 2.10 14.73 -0.09
CA VAL A 70 2.03 14.52 1.38
C VAL A 70 2.81 13.21 1.60
N LEU A 71 3.60 13.15 2.65
CA LEU A 71 4.36 11.93 2.95
C LEU A 71 3.61 11.09 3.95
N ARG A 72 3.54 9.80 3.73
N ARG A 72 3.63 9.76 3.72
N ARG A 72 3.57 9.80 3.76
N ARG A 72 3.65 9.77 3.73
CA ARG A 72 2.81 8.89 4.65
CA ARG A 72 3.01 8.72 4.57
CA ARG A 72 2.87 8.90 4.70
CA ARG A 72 3.04 8.73 4.59
C ARG A 72 3.74 7.72 4.89
C ARG A 72 1.82 8.20 3.77
C ARG A 72 3.69 8.98 6.00
C ARG A 72 1.83 8.22 3.82
N LEU A 73 3.49 6.85 5.82
N LEU A 73 1.59 6.93 3.68
N LEU A 73 3.36 8.26 7.02
N LEU A 73 1.97 7.44 2.81
CA LEU A 73 4.42 5.72 6.05
CA LEU A 73 0.43 6.44 2.90
CA LEU A 73 4.15 8.36 8.28
CA LEU A 73 0.78 6.95 2.07
C LEU A 73 3.66 4.55 6.66
C LEU A 73 0.12 5.00 3.28
C LEU A 73 5.53 7.77 8.04
C LEU A 73 -0.05 6.06 2.99
N ARG A 74 4.32 3.40 6.62
N ARG A 74 -1.11 4.82 3.74
N ARG A 74 6.22 7.58 9.16
N ARG A 74 0.67 5.22 3.71
CA ARG A 74 3.76 2.15 7.13
CA ARG A 74 -1.59 3.50 4.18
CA ARG A 74 7.59 7.03 9.15
CA ARG A 74 0.06 4.26 4.64
C ARG A 74 4.79 1.48 8.05
C ARG A 74 -3.11 3.50 4.13
C ARG A 74 7.63 5.81 8.26
C ARG A 74 1.08 3.87 5.71
N GLY A 75 4.26 0.77 9.04
N GLY A 75 -3.65 2.34 3.77
N GLY A 75 8.85 5.40 7.92
N GLY A 75 0.56 3.49 6.86
CA GLY A 75 5.07 0.06 10.02
CA GLY A 75 -5.08 2.13 3.63
CA GLY A 75 9.10 4.25 7.06
CA GLY A 75 1.38 3.09 8.01
C GLY A 75 5.55 0.91 11.18
C GLY A 75 -5.50 1.15 2.54
C GLY A 75 8.56 2.93 7.58
C GLY A 75 1.60 1.59 8.15
N GLY A 76 6.35 0.26 12.03
N GLY A 76 -6.71 0.67 2.69
N GLY A 76 8.74 2.75 8.87
N GLY A 76 2.17 1.26 9.29
CA GLY A 76 6.96 0.86 13.22
CA GLY A 76 -7.36 -0.28 1.77
CA GLY A 76 8.30 1.56 9.62
CA GLY A 76 2.48 -0.13 9.69
C GLY A 76 8.32 0.18 13.45
C GLY A 76 -7.82 -1.51 2.57
C GLY A 76 6.80 1.71 9.91
C GLY A 76 1.16 -0.90 9.81
N MET B 1 10.07 -7.33 8.16
N MET B 1 -13.05 -12.37 0.94
N MET B 1 -1.52 -4.22 10.08
N MET B 1 -5.53 -2.77 19.10
CA MET B 1 10.25 -5.87 8.07
CA MET B 1 -13.19 -10.90 0.98
CA MET B 1 -0.86 -3.25 9.18
CA MET B 1 -4.30 -2.48 18.35
C MET B 1 10.70 -5.56 6.62
C MET B 1 -14.47 -10.54 0.19
C MET B 1 -1.77 -3.11 7.93
C MET B 1 -3.63 -1.25 19.01
N GLN B 2 10.33 -4.40 6.18
N GLN B 2 -15.07 -9.47 0.61
N GLN B 2 -1.72 -1.93 7.38
N GLN B 2 -2.33 -1.24 18.92
CA GLN B 2 10.74 -3.97 4.82
CA GLN B 2 -16.29 -9.00 -0.12
CA GLN B 2 -2.52 -1.68 6.14
CA GLN B 2 -1.58 -0.08 19.49
C GLN B 2 12.07 -3.22 4.91
C GLN B 2 -15.87 -8.02 -1.21
C GLN B 2 -1.67 -2.00 4.93
C GLN B 2 -1.40 0.98 18.41
N ILE B 3 12.94 -3.51 3.96
N ILE B 3 -16.50 -8.15 -2.36
N ILE B 3 -2.29 -2.66 3.95
N ILE B 3 -1.59 2.23 18.82
CA ILE B 3 14.21 -2.76 3.84
CA ILE B 3 -16.31 -7.18 -3.46
CA ILE B 3 -1.62 -2.90 2.65
CA ILE B 3 -1.31 3.36 17.92
C ILE B 3 14.32 -2.36 2.34
C ILE B 3 -17.74 -6.79 -3.94
C ILE B 3 -2.66 -2.47 1.57
C ILE B 3 -0.43 4.35 18.74
N PHE B 4 15.18 -1.40 2.11
N PHE B 4 -17.77 -5.70 -4.65
N PHE B 4 -2.11 -2.29 0.38
N PHE B 4 0.20 5.24 18.01
CA PHE B 4 15.37 -0.95 0.68
CA PHE B 4 -19.11 -5.25 -5.18
CA PHE B 4 -3.02 -1.87 -0.74
CA PHE B 4 1.07 6.24 18.72
C PHE B 4 16.78 -1.26 0.25
C PHE B 4 -19.09 -5.30 -6.68
C PHE B 4 -3.05 -2.96 -1.78
C PHE B 4 0.49 7.62 18.50
N VAL B 5 17.04 -1.73 -0.96
N VAL B 5 -20.15 -5.73 -7.36
N VAL B 5 -4.18 -3.30 -2.39
N VAL B 5 0.47 8.51 19.48
CA VAL B 5 18.39 -1.95 -1.43
CA VAL B 5 -20.18 -5.70 -8.81
CA VAL B 5 -4.21 -4.28 -3.45
CA VAL B 5 0.02 9.87 19.28
C VAL B 5 18.57 -1.00 -2.64
C VAL B 5 -21.36 -4.76 -9.18
C VAL B 5 -4.73 -3.52 -4.70
C VAL B 5 1.24 10.77 19.59
N LYS B 6 19.43 -0.05 -2.52
N LYS B 6 -21.06 -3.66 -9.79
N LYS B 6 -3.91 -3.38 -5.69
N LYS B 6 1.73 11.44 18.60
CA LYS B 6 19.63 0.94 -3.63
CA LYS B 6 -22.13 -2.67 -10.14
CA LYS B 6 -4.31 -2.62 -6.92
CA LYS B 6 2.93 12.31 18.82
C LYS B 6 20.80 0.48 -4.45
C LYS B 6 -22.56 -2.93 -11.55
C LYS B 6 -4.81 -3.61 -7.93
C LYS B 6 2.46 13.71 19.08
N THR B 7 20.61 0.37 -5.80
N THR B 7 -23.87 -3.09 -11.79
N THR B 7 -6.03 -3.37 -8.47
N THR B 7 2.94 14.33 20.18
CA THR B 7 21.71 -0.09 -6.67
CA THR B 7 -24.35 -3.35 -13.16
CA THR B 7 -6.59 -4.30 -9.47
CA THR B 7 2.52 15.71 20.52
C THR B 7 22.35 1.13 -7.33
C THR B 7 -24.89 -2.05 -13.76
C THR B 7 -6.37 -3.73 -10.87
C THR B 7 3.61 16.68 20.07
N LEU B 8 23.47 0.95 -8.00
N LEU B 8 -25.19 -2.03 -15.03
N LEU B 8 -6.64 -4.49 -11.90
N LEU B 8 3.33 17.96 20.10
CA LEU B 8 24.18 2.08 -8.63
CA LEU B 8 -25.67 -0.80 -15.69
CA LEU B 8 -6.41 -4.02 -13.29
CA LEU B 8 4.32 18.97 19.64
C LEU B 8 23.48 2.59 -9.87
C LEU B 8 -27.10 -0.45 -15.32
C LEU B 8 -7.44 -3.00 -13.73
C LEU B 8 5.46 19.15 20.62
N THR B 9 22.42 1.89 -10.32
N THR B 9 -27.78 -1.34 -14.58
N THR B 9 -8.48 -2.76 -12.92
N THR B 9 5.38 18.51 21.80
CA THR B 9 21.76 2.43 -11.55
CA THR B 9 -29.19 -0.95 -14.22
CA THR B 9 -9.48 -1.75 -13.40
CA THR B 9 6.55 18.72 22.73
C THR B 9 20.49 3.19 -11.23
C THR B 9 -29.29 -0.43 -12.81
C THR B 9 -9.28 -0.42 -12.74
C THR B 9 7.49 17.54 22.73
N GLY B 10 20.30 3.53 -10.00
N GLY B 10 -28.20 -0.12 -12.21
N GLY B 10 -8.17 -0.21 -12.10
N GLY B 10 7.37 16.69 21.76
CA GLY B 10 19.13 4.26 -9.54
CA GLY B 10 -28.15 0.40 -10.85
CA GLY B 10 -7.85 1.02 -11.42
CA GLY B 10 8.22 15.52 21.63
C GLY B 10 17.87 3.46 -9.39
C GLY B 10 -28.32 -0.62 -9.76
C GLY B 10 -8.51 1.23 -10.08
C GLY B 10 7.89 14.36 22.53
N LYS B 11 18.00 2.16 -9.36
N LYS B 11 -28.15 -1.87 -10.10
N LYS B 11 -9.03 0.18 -9.52
N LYS B 11 6.71 14.38 23.09
CA LYS B 11 16.88 1.27 -9.10
CA LYS B 11 -28.18 -2.95 -9.12
CA LYS B 11 -9.60 0.21 -8.18
CA LYS B 11 6.21 13.28 23.90
C LYS B 11 16.94 0.95 -7.59
C LYS B 11 -26.70 -3.23 -8.77
C LYS B 11 -8.48 -0.28 -7.24
C LYS B 11 5.35 12.43 22.95
N THR B 12 15.79 0.94 -6.95
N THR B 12 -26.42 -3.44 -7.50
N THR B 12 -8.34 0.37 -6.10
N THR B 12 5.48 11.11 23.05
CA THR B 12 15.79 0.56 -5.53
CA THR B 12 -25.02 -3.79 -7.15
CA THR B 12 -7.33 -0.12 -5.14
CA THR B 12 4.61 10.27 22.21
C THR B 12 14.90 -0.68 -5.42
C THR B 12 -25.09 -5.16 -6.49
C THR B 12 -8.09 -0.47 -3.87
C THR B 12 3.79 9.41 23.19
N ILE B 13 15.40 -1.70 -4.73
N ILE B 13 -24.22 -6.07 -6.94
N ILE B 13 -7.83 -1.65 -3.33
N ILE B 13 2.48 9.37 22.96
CA ILE B 13 14.52 -2.90 -4.62
CA ILE B 13 -24.29 -7.41 -6.28
CA ILE B 13 -8.58 -1.98 -2.09
CA ILE B 13 1.70 8.52 23.92
C ILE B 13 14.03 -3.02 -3.21
C ILE B 13 -23.07 -7.59 -5.42
C ILE B 13 -7.63 -1.96 -0.92
C ILE B 13 1.22 7.29 23.20
N THR B 14 12.78 -3.41 -3.02
N THR B 14 -23.21 -8.20 -4.26
N THR B 14 -8.07 -1.47 0.22
N THR B 14 1.23 6.15 23.85
CA THR B 14 12.32 -3.57 -1.61
CA THR B 14 -21.99 -8.42 -3.44
CA THR B 14 -7.12 -1.49 1.37
CA THR B 14 0.69 4.95 23.14
C THR B 14 12.34 -5.04 -1.26
C THR B 14 -21.56 -9.85 -3.61
C THR B 14 -7.50 -2.64 2.27
C THR B 14 -0.71 4.69 23.63
N LEU B 15 12.77 -5.41 -0.07
N LEU B 15 -20.26 -10.12 -3.72
N LEU B 15 -6.54 -3.36 2.81
N LEU B 15 -1.62 4.32 22.75
CA LEU B 15 12.84 -6.79 0.33
CA LEU B 15 -19.76 -11.46 -3.90
CA LEU B 15 -6.80 -4.50 3.66
CA LEU B 15 -2.99 4.07 23.12
C LEU B 15 12.07 -6.95 1.66
C LEU B 15 -18.71 -11.73 -2.81
C LEU B 15 -6.04 -4.31 4.98
C LEU B 15 -3.38 2.67 22.62
N GLU B 16 11.59 -8.14 1.89
N GLU B 16 -18.54 -12.99 -2.50
N GLU B 16 -6.56 -4.91 6.02
N GLU B 16 -4.34 2.07 23.29
CA GLU B 16 10.95 -8.38 3.22
CA GLU B 16 -17.44 -13.32 -1.54
CA GLU B 16 -5.78 -4.87 7.30
CA GLU B 16 -4.84 0.77 22.76
C GLU B 16 11.90 -9.35 3.90
C GLU B 16 -16.45 -14.08 -2.40
C GLU B 16 -5.34 -6.30 7.50
C GLU B 16 -6.25 1.09 22.30
N VAL B 17 12.39 -8.88 5.03
N VAL B 17 -15.26 -13.51 -2.44
N VAL B 17 -4.02 -6.44 7.56
N VAL B 17 -6.45 0.85 21.01
CA VAL B 17 13.35 -9.63 5.83
CA VAL B 17 -14.17 -14.06 -3.24
CA VAL B 17 -3.39 -7.74 7.70
CA VAL B 17 -7.71 1.13 20.35
C VAL B 17 13.03 -9.52 7.33
C VAL B 17 -12.84 -13.99 -2.48
C VAL B 17 -2.20 -7.68 8.68
C VAL B 17 -8.09 0.01 19.38
N GLU B 18 13.78 -10.34 8.05
N GLU B 18 -11.88 -14.65 -3.10
N GLU B 18 -1.74 -8.87 8.98
N GLU B 18 -9.32 0.15 18.92
CA GLU B 18 13.76 -10.37 9.51
CA GLU B 18 -10.48 -14.66 -2.66
CA GLU B 18 -0.54 -9.10 9.79
CA GLU B 18 -9.90 -0.72 17.89
C GLU B 18 15.18 -10.06 9.96
C GLU B 18 -9.67 -14.09 -3.81
C GLU B 18 0.43 -9.86 8.92
C GLU B 18 -10.27 0.20 16.73
N PRO B 19 15.32 -9.35 11.06
N PRO B 19 -8.62 -13.34 -3.48
N PRO B 19 1.72 -9.58 9.08
N PRO B 19 -10.13 -0.29 15.51
CA PRO B 19 16.63 -9.03 11.63
CA PRO B 19 -7.73 -12.77 -4.50
CA PRO B 19 2.77 -10.28 8.33
CA PRO B 19 -10.49 0.46 14.31
C PRO B 19 17.46 -10.26 11.88
C PRO B 19 -7.17 -13.82 -5.42
C PRO B 19 2.69 -11.77 8.50
C PRO B 19 -11.93 0.93 14.36
N SER B 20 16.81 -11.40 12.05
N SER B 20 -7.11 -15.06 -4.96
N SER B 20 2.09 -12.22 9.60
N SER B 20 -12.77 0.24 15.12
CA SER B 20 17.55 -12.64 12.34
CA SER B 20 -6.53 -16.14 -5.77
CA SER B 20 2.02 -13.67 9.87
CA SER B 20 -14.19 0.59 15.18
C SER B 20 18.14 -13.23 11.08
C SER B 20 -7.52 -16.63 -6.79
C SER B 20 0.91 -14.31 9.08
C SER B 20 -14.42 1.77 16.10
N ASP B 21 17.78 -12.67 9.92
N ASP B 21 -8.77 -16.17 -6.70
N ASP B 21 0.09 -13.49 8.41
N ASP B 21 -13.37 2.17 16.82
CA ASP B 21 18.33 -13.26 8.67
CA ASP B 21 -9.76 -16.66 -7.70
CA ASP B 21 -1.02 -14.11 7.65
CA ASP B 21 -13.58 3.32 17.75
C ASP B 21 19.80 -12.94 8.57
C ASP B 21 -9.46 -16.09 -9.05
C ASP B 21 -0.48 -14.82 6.44
C ASP B 21 -13.76 4.59 16.95
N THR B 22 20.54 -13.86 7.96
N THR B 22 -9.77 -16.85 -10.09
N THR B 22 -1.16 -15.89 6.04
N THR B 22 -14.55 5.50 17.50
CA THR B 22 21.95 -13.65 7.70
CA THR B 22 -9.62 -16.40 -11.46
CA THR B 22 -0.81 -16.63 4.85
CA THR B 22 -14.75 6.80 16.91
C THR B 22 22.09 -12.84 6.39
C THR B 22 -10.88 -15.59 -11.83
C THR B 22 -1.46 -15.91 3.65
C THR B 22 -13.60 7.72 17.37
N ILE B 23 23.28 -12.25 6.27
N ILE B 23 -10.70 -14.80 -12.89
N ILE B 23 -0.90 -16.24 2.48
N ILE B 23 -13.43 8.79 16.58
CA ILE B 23 23.63 -11.51 5.06
CA ILE B 23 -11.80 -14.02 -13.44
CA ILE B 23 -1.45 -15.74 1.22
CA ILE B 23 -12.45 9.82 16.92
C ILE B 23 23.60 -12.44 3.84
C ILE B 23 -12.90 -14.96 -13.94
C ILE B 23 -2.88 -16.24 1.02
C ILE B 23 -12.78 10.46 18.27
N GLU B 24 24.05 -13.65 4.03
N GLU B 24 -12.51 -16.08 -14.50
N GLU B 24 -3.13 -17.46 1.44
N GLU B 24 -14.05 10.63 18.53
CA GLU B 24 24.00 -14.66 2.92
CA GLU B 24 -13.52 -17.09 -14.97
CA GLU B 24 -4.53 -18.02 1.36
CA GLU B 24 -14.47 11.19 19.86
C GLU B 24 22.59 -14.83 2.41
C GLU B 24 -14.40 -17.53 -13.82
C GLU B 24 -5.50 -17.15 2.11
C GLU B 24 -13.96 10.33 20.99
N ASN B 25 21.63 -14.86 3.32
N ASN B 25 -13.81 -17.72 -12.66
N ASN B 25 -5.08 -16.67 3.27
N ASN B 25 -14.01 9.02 20.82
CA ASN B 25 20.21 -15.02 3.02
CA ASN B 25 -14.50 -18.14 -11.44
CA ASN B 25 -5.88 -15.81 4.16
CA ASN B 25 -13.56 8.04 21.80
C ASN B 25 19.66 -13.83 2.21
C ASN B 25 -15.50 -17.09 -10.96
C ASN B 25 -6.18 -14.47 3.52
C ASN B 25 -12.05 8.13 22.03
N VAL B 26 20.05 -12.65 2.68
N VAL B 26 -15.04 -15.85 -10.99
N VAL B 26 -5.13 -13.90 2.92
N VAL B 26 -11.34 8.24 20.92
CA VAL B 26 19.63 -11.42 2.01
CA VAL B 26 -15.87 -14.73 -10.58
CA VAL B 26 -5.26 -12.62 2.23
CA VAL B 26 -9.88 8.36 20.98
C VAL B 26 20.11 -11.45 0.56
C VAL B 26 -17.12 -14.70 -11.46
C VAL B 26 -6.31 -12.75 1.14
C VAL B 26 -9.51 9.58 21.81
N LYS B 27 21.38 -11.83 0.38
N LYS B 27 -16.91 -14.84 -12.77
N LYS B 27 -6.22 -13.83 0.37
N LYS B 27 -10.19 10.69 21.52
CA LYS B 27 21.95 -11.90 -0.97
CA LYS B 27 -18.02 -14.82 -13.72
CA LYS B 27 -7.17 -14.06 -0.74
CA LYS B 27 -9.93 11.95 22.26
C LYS B 27 21.19 -12.89 -1.84
C LYS B 27 -19.00 -15.95 -13.43
C LYS B 27 -8.59 -14.18 -0.20
C LYS B 27 -10.20 11.77 23.74
N ALA B 28 20.76 -14.00 -1.27
N ALA B 28 -18.50 -17.11 -13.05
N ALA B 28 -8.77 -14.81 0.95
N ALA B 28 -11.23 11.04 24.10
CA ALA B 28 19.96 -14.99 -2.00
CA ALA B 28 -19.36 -18.24 -12.69
CA ALA B 28 -10.09 -14.91 1.58
CA ALA B 28 -11.54 10.76 25.51
C ALA B 28 18.60 -14.43 -2.37
C ALA B 28 -20.14 -17.96 -11.43
C ALA B 28 -10.60 -13.56 2.04
C ALA B 28 -10.46 9.90 26.15
N LYS B 29 17.97 -13.64 -1.52
N LYS B 29 -19.57 -17.28 -10.45
N LYS B 29 -9.75 -12.68 2.54
N LYS B 29 -9.90 8.93 25.43
CA LYS B 29 16.69 -13.00 -1.86
CA LYS B 29 -20.31 -16.88 -9.23
CA LYS B 29 -10.15 -11.31 2.91
CA LYS B 29 -8.79 8.13 25.97
C LYS B 29 16.87 -12.00 -3.01
C LYS B 29 -21.43 -15.90 -9.57
C LYS B 29 -10.60 -10.52 1.66
C LYS B 29 -7.54 8.99 26.22
N ILE B 30 18.01 -11.32 -3.02
N ILE B 30 -21.16 -15.01 -10.52
N ILE B 30 -9.91 -10.76 0.55
N ILE B 30 -7.33 9.96 25.32
CA ILE B 30 18.26 -10.34 -4.10
CA ILE B 30 -22.18 -14.02 -10.92
CA ILE B 30 -10.27 -10.05 -0.69
CA ILE B 30 -6.17 10.86 25.48
C ILE B 30 18.50 -11.15 -5.38
C ILE B 30 -23.28 -14.80 -11.66
C ILE B 30 -11.62 -10.61 -1.15
C ILE B 30 -6.46 11.75 26.69
N GLN B 31 19.19 -12.26 -5.29
N GLN B 31 -22.92 -15.75 -12.47
N GLN B 31 -11.83 -11.90 -1.03
N GLN B 31 -7.67 12.20 26.86
CA GLN B 31 19.41 -13.06 -6.54
CA GLN B 31 -24.00 -16.52 -13.18
CA GLN B 31 -13.15 -12.44 -1.46
CA GLN B 31 -7.95 13.06 28.07
C GLN B 31 18.05 -13.52 -7.09
C GLN B 31 -24.88 -17.23 -12.15
C GLN B 31 -14.27 -11.83 -0.61
C GLN B 31 -7.68 12.24 29.34
N ASP B 32 17.27 -14.06 -6.18
N ASP B 32 -24.20 -17.90 -11.24
N ASP B 32 -14.02 -11.86 0.68
N ASP B 32 -8.25 11.06 29.34
CA ASP B 32 15.92 -14.54 -6.55
CA ASP B 32 -24.89 -18.63 -10.16
CA ASP B 32 -14.98 -11.28 1.65
CA ASP B 32 -8.08 10.14 30.48
C ASP B 32 15.09 -13.47 -7.21
C ASP B 32 -25.85 -17.73 -9.41
C ASP B 32 -15.33 -9.85 1.30
C ASP B 32 -6.62 9.92 30.82
N LYS B 33 15.18 -12.22 -6.71
N LYS B 33 -25.43 -16.48 -9.12
N LYS B 33 -14.31 -9.04 0.91
N LYS B 33 -5.77 9.76 29.79
CA LYS B 33 14.29 -11.20 -7.32
CA LYS B 33 -26.35 -15.65 -8.30
CA LYS B 33 -14.65 -7.61 0.67
CA LYS B 33 -4.35 9.45 30.14
C LYS B 33 14.87 -10.38 -8.42
C LYS B 33 -27.29 -14.75 -9.02
C LYS B 33 -15.01 -7.22 -0.72
C LYS B 33 -3.41 10.61 30.25
N GLU B 34 16.15 -10.17 -8.57
N GLU B 34 -27.07 -14.32 -10.23
N GLU B 34 -14.60 -7.88 -1.77
N GLU B 34 -3.60 11.74 29.64
CA GLU B 34 16.75 -9.40 -9.63
CA GLU B 34 -27.95 -13.46 -10.98
CA GLU B 34 -14.91 -7.55 -3.14
CA GLU B 34 -2.73 12.89 29.71
C GLU B 34 17.78 -10.15 -10.43
C GLU B 34 -28.38 -14.02 -12.31
C GLU B 34 -15.59 -8.66 -3.90
C GLU B 34 -3.41 14.15 30.17
N GLY B 35 18.10 -11.36 -10.03
N GLY B 35 -27.81 -15.15 -12.70
N GLY B 35 -15.69 -9.84 -3.30
N GLY B 35 -4.73 14.11 30.33
CA GLY B 35 19.01 -12.22 -10.75
CA GLY B 35 -28.18 -15.83 -13.92
CA GLY B 35 -16.37 -10.96 -3.90
CA GLY B 35 -5.48 15.23 30.84
C GLY B 35 20.46 -12.01 -10.59
C GLY B 35 -27.62 -15.35 -15.20
C GLY B 35 -15.65 -11.78 -4.90
C GLY B 35 -5.85 16.32 29.92
N ILE B 36 20.88 -11.11 -9.67
N ILE B 36 -26.69 -14.38 -15.16
N ILE B 36 -14.36 -11.51 -5.13
N ILE B 36 -5.56 16.17 28.62
CA ILE B 36 22.32 -10.88 -9.49
CA ILE B 36 -26.11 -13.90 -16.42
CA ILE B 36 -13.62 -12.32 -6.11
CA ILE B 36 -5.92 17.25 27.68
C ILE B 36 22.92 -11.98 -8.62
C ILE B 36 -25.03 -14.84 -16.92
C ILE B 36 -13.20 -13.64 -5.52
C ILE B 36 -7.39 17.17 27.31
N PRO B 37 23.96 -12.65 -9.12
N PRO B 37 -25.18 -15.32 -18.15
N PRO B 37 -13.58 -14.74 -6.17
N PRO B 37 -8.12 18.27 27.52
CA PRO B 37 24.67 -13.70 -8.39
CA PRO B 37 -24.19 -16.21 -18.78
CA PRO B 37 -13.22 -16.10 -5.73
CA PRO B 37 -9.55 18.36 27.18
C PRO B 37 25.20 -13.18 -7.07
C PRO B 37 -22.81 -15.57 -18.81
C PRO B 37 -11.70 -16.25 -5.64
C PRO B 37 -9.77 18.06 25.71
N PRO B 38 25.09 -13.91 -6.00
N PRO B 38 -21.77 -16.31 -18.50
N PRO B 38 -11.19 -16.88 -4.61
N PRO B 38 -10.78 17.29 25.37
CA PRO B 38 25.57 -13.43 -4.69
CA PRO B 38 -20.42 -15.73 -18.50
CA PRO B 38 -9.74 -17.03 -4.47
CA PRO B 38 -11.03 16.97 23.96
C PRO B 38 27.04 -13.09 -4.69
C PRO B 38 -20.03 -15.11 -19.81
C PRO B 38 -9.09 -17.73 -5.63
C PRO B 38 -11.21 18.18 23.08
N ASP B 39 27.83 -13.77 -5.48
N ASP B 39 -20.50 -15.64 -20.91
N ASP B 39 -9.79 -18.64 -6.27
N ASP B 39 -11.77 19.24 23.61
CA ASP B 39 29.30 -13.53 -5.50
CA ASP B 39 -20.11 -15.13 -22.25
CA ASP B 39 -9.20 -19.41 -7.40
CA ASP B 39 -12.03 20.46 22.79
C ASP B 39 29.65 -12.16 -6.09
C ASP B 39 -20.67 -13.74 -22.51
C ASP B 39 -8.96 -18.54 -8.62
C ASP B 39 -10.74 21.15 22.36
N GLN B 40 28.69 -11.55 -6.77
N GLN B 40 -21.64 -13.33 -21.72
N GLN B 40 -9.55 -17.36 -8.65
N GLN B 40 -9.64 20.81 23.00
CA GLN B 40 28.94 -10.21 -7.35
CA GLN B 40 -22.21 -11.97 -21.89
CA GLN B 40 -9.34 -16.44 -9.78
CA GLN B 40 -8.35 21.42 22.62
C GLN B 40 28.44 -9.08 -6.42
C GLN B 40 -21.55 -10.94 -20.96
C GLN B 40 -8.23 -15.41 -9.50
C GLN B 40 -7.56 20.54 21.62
N GLN B 41 27.69 -9.41 -5.40
N GLN B 41 -20.77 -11.39 -20.00
N GLN B 41 -7.79 -15.32 -8.26
N GLN B 41 -7.99 19.32 21.42
CA GLN B 41 27.11 -8.45 -4.49
CA GLN B 41 -20.14 -10.53 -19.02
CA GLN B 41 -6.79 -14.36 -7.85
CA GLN B 41 -7.32 18.37 20.56
C GLN B 41 28.01 -8.00 -3.35
C GLN B 41 -18.82 -9.90 -19.45
C GLN B 41 -5.35 -14.77 -8.07
C GLN B 41 -7.66 18.46 19.09
N ARG B 42 28.10 -6.68 -3.21
N ARG B 42 -18.74 -8.59 -19.27
N ARG B 42 -4.60 -13.87 -8.69
N ARG B 42 -6.61 18.51 18.28
CA ARG B 42 28.79 -6.07 -2.03
CA ARG B 42 -17.47 -7.85 -19.47
CA ARG B 42 -3.12 -14.04 -8.83
CA ARG B 42 -6.76 18.43 16.79
C ARG B 42 27.75 -5.23 -1.35
C ARG B 42 -17.17 -7.19 -18.14
C ARG B 42 -2.52 -12.83 -8.16
C ARG B 42 -5.94 17.23 16.38
N LEU B 43 27.35 -5.53 -0.11
N LEU B 43 -16.09 -7.55 -17.45
N LEU B 43 -1.77 -12.99 -7.07
N LEU B 43 -6.55 16.18 15.84
CA LEU B 43 26.29 -4.76 0.56
CA LEU B 43 -15.80 -6.97 -16.12
CA LEU B 43 -1.21 -11.81 -6.35
CA LEU B 43 -5.79 14.96 15.47
C LEU B 43 26.90 -3.82 1.60
C LEU B 43 -14.71 -5.92 -16.23
C LEU B 43 0.27 -11.67 -6.67
C LEU B 43 -5.58 14.91 13.96
N ILE B 44 26.50 -2.55 1.54
N ILE B 44 -14.97 -4.75 -15.65
N ILE B 44 0.67 -10.45 -7.05
N ILE B 44 -4.33 14.69 13.56
CA ILE B 44 27.03 -1.51 2.42
CA ILE B 44 -14.06 -3.62 -15.71
CA ILE B 44 2.04 -10.15 -7.45
CA ILE B 44 -3.95 14.67 12.16
C ILE B 44 25.93 -0.84 3.22
C ILE B 44 -13.65 -3.14 -14.32
C ILE B 44 2.65 -9.04 -6.59
C ILE B 44 -3.31 13.34 11.76
N PHE B 45 26.19 -0.72 4.55
N PHE B 45 -12.31 -2.96 -14.15
N PHE B 45 3.88 -9.33 -6.10
N PHE B 45 -3.80 12.78 10.62
CA PHE B 45 25.25 -0.04 5.47
CA PHE B 45 -11.75 -2.46 -12.89
CA PHE B 45 4.64 -8.35 -5.29
CA PHE B 45 -3.26 11.53 10.08
C PHE B 45 26.14 0.67 6.51
C PHE B 45 -10.57 -1.57 -13.29
C PHE B 45 6.11 -8.54 -5.69
C PHE B 45 -3.33 11.69 8.55
N ALA B 46 25.81 1.93 6.65
N ALA B 46 -10.61 -0.39 -12.72
N ALA B 46 6.69 -7.41 -6.01
N ALA B 46 -2.18 11.41 7.97
CA ALA B 46 26.47 2.83 7.61
CA ALA B 46 -9.55 0.64 -12.90
CA ALA B 46 8.12 -7.30 -6.37
CA ALA B 46 -1.99 11.42 6.50
C ALA B 46 27.97 2.73 7.51
C ALA B 46 -9.21 0.81 -14.37
C ALA B 46 8.50 -8.36 -7.40
C ALA B 46 -2.55 12.71 5.90
N GLY B 47 28.44 2.76 6.30
N GLY B 47 -10.24 0.90 -15.16
N GLY B 47 7.65 -8.47 -8.38
N GLY B 47 -2.22 13.79 6.55
CA GLY B 47 29.80 2.66 5.86
CA GLY B 47 -10.26 1.05 -16.58
CA GLY B 47 7.70 -9.36 -9.50
CA GLY B 47 -2.58 15.14 6.26
C GLY B 47 30.55 1.40 6.19
C GLY B 47 -9.64 -0.04 -17.40
C GLY B 47 7.66 -10.84 -9.22
C GLY B 47 -4.05 15.50 6.29
N LYS B 48 29.87 0.32 6.45
N LYS B 48 -9.51 -1.22 -16.86
N LYS B 48 7.14 -11.22 -8.08
N LYS B 48 -4.85 14.72 6.97
CA LYS B 48 30.50 -0.97 6.74
CA LYS B 48 -8.97 -2.38 -17.59
CA LYS B 48 7.01 -12.65 -7.72
CA LYS B 48 -6.28 15.00 7.11
C LYS B 48 30.10 -1.93 5.59
C LYS B 48 -10.10 -3.41 -17.73
C LYS B 48 5.50 -12.94 -7.61
C LYS B 48 -6.54 15.29 8.60
N GLN B 49 31.01 -2.78 5.18
N GLN B 49 -10.17 -4.09 -18.85
N GLN B 49 5.07 -14.09 -8.03
N GLN B 49 -7.42 16.23 8.89
CA GLN B 49 30.66 -3.81 4.17
CA GLN B 49 -11.17 -5.18 -18.99
CA GLN B 49 3.64 -14.48 -7.83
CA GLN B 49 -7.81 16.46 10.31
C GLN B 49 30.08 -4.96 5.00
C GLN B 49 -10.46 -6.40 -18.40
C GLN B 49 3.62 -15.08 -6.42
C GLN B 49 -8.92 15.45 10.56
N LEU B 50 28.93 -5.47 4.63
N LEU B 50 -11.11 -7.12 -17.51
N LEU B 50 2.70 -14.65 -5.59
N LEU B 50 -8.83 14.70 11.63
CA LEU B 50 28.25 -6.52 5.42
CA LEU B 50 -10.49 -8.25 -16.81
CA LEU B 50 2.65 -15.10 -4.18
CA LEU B 50 -9.81 13.63 11.93
C LEU B 50 28.86 -7.86 5.12
C LEU B 50 -10.49 -9.48 -17.72
C LEU B 50 2.00 -16.47 -4.10
C LEU B 50 -11.07 14.23 12.52
N GLU B 51 29.05 -8.69 6.17
N GLU B 51 -9.39 -10.23 -17.74
N GLU B 51 2.55 -17.35 -3.26
N GLU B 51 -12.24 13.74 12.10
CA GLU B 51 29.69 -10.00 5.96
CA GLU B 51 -9.30 -11.41 -18.62
CA GLU B 51 2.00 -18.72 -3.16
CA GLU B 51 -13.51 14.31 12.60
C GLU B 51 28.66 -11.09 5.96
C GLU B 51 -9.53 -12.67 -17.83
C GLU B 51 1.15 -18.84 -1.92
C GLU B 51 -14.10 13.41 13.65
N ASP B 52 28.76 -12.08 5.11
N ASP B 52 -10.24 -13.64 -18.35
N ASP B 52 0.04 -19.53 -1.96
N ASP B 52 -14.66 13.92 14.71
CA ASP B 52 27.79 -13.16 4.92
CA ASP B 52 -10.62 -14.88 -17.68
CA ASP B 52 -0.93 -19.66 -0.88
CA ASP B 52 -15.20 13.19 15.84
C ASP B 52 27.23 -13.91 6.11
C ASP B 52 -9.59 -15.70 -16.92
C ASP B 52 -0.47 -20.04 0.52
C ASP B 52 -16.12 12.00 15.64
N GLY B 53 28.07 -14.25 7.07
N GLY B 53 -8.41 -15.87 -17.48
N GLY B 53 0.44 -20.96 0.65
N GLY B 53 -17.05 12.09 14.72
CA GLY B 53 27.69 -15.03 8.27
CA GLY B 53 -7.33 -16.68 -16.91
CA GLY B 53 0.95 -21.47 1.94
CA GLY B 53 -18.07 11.06 14.44
C GLY B 53 27.07 -14.26 9.39
C GLY B 53 -6.48 -16.02 -15.87
C GLY B 53 2.02 -20.67 2.59
C GLY B 53 -17.62 9.94 13.54
N ARG B 54 27.06 -12.94 9.33
N ARG B 54 -6.64 -14.72 -15.65
N ARG B 54 2.58 -19.66 1.92
N ARG B 54 -16.45 10.04 12.92
CA ARG B 54 26.40 -12.11 10.37
CA ARG B 54 -5.89 -14.02 -14.58
CA ARG B 54 3.59 -18.77 2.53
CA ARG B 54 -15.92 8.95 12.08
C ARG B 54 24.94 -11.98 10.01
C ARG B 54 -6.67 -14.17 -13.29
C ARG B 54 2.85 -17.66 3.26
C ARG B 54 -15.18 7.98 12.98
N THR B 55 24.13 -11.54 10.94
N THR B 55 -6.04 -13.86 -12.18
N THR B 55 3.56 -16.94 4.09
N THR B 55 -14.89 6.81 12.47
CA THR B 55 22.69 -11.30 10.75
CA THR B 55 -6.66 -13.89 -10.84
CA THR B 55 3.03 -15.79 4.85
CA THR B 55 -14.13 5.76 13.17
C THR B 55 22.50 -9.76 10.65
C THR B 55 -6.91 -12.42 -10.43
C THR B 55 3.59 -14.52 4.17
C THR B 55 -12.71 5.75 12.56
N LEU B 56 21.35 -9.35 10.17
N LEU B 56 -7.74 -12.24 -9.42
N LEU B 56 2.99 -13.40 4.49
N LEU B 56 -11.79 5.12 13.26
CA LEU B 56 20.99 -7.93 10.07
CA LEU B 56 -8.04 -10.90 -8.87
CA LEU B 56 3.43 -12.09 3.98
CA LEU B 56 -10.40 4.97 12.78
C LEU B 56 21.00 -7.33 11.47
C LEU B 56 -6.74 -10.30 -8.35
C LEU B 56 4.86 -11.85 4.45
C LEU B 56 -10.43 4.19 11.48
N SER B 57 20.55 -8.12 12.48
N SER B 57 -5.85 -11.14 -7.78
N SER B 57 5.19 -12.29 5.68
N SER B 57 -11.34 3.20 11.36
CA SER B 57 20.55 -7.54 13.84
CA SER B 57 -4.59 -10.54 -7.27
CA SER B 57 6.58 -12.05 6.14
CA SER B 57 -11.36 2.43 10.09
C SER B 57 21.94 -7.20 14.33
C SER B 57 -3.75 -9.95 -8.37
C SER B 57 7.60 -12.78 5.30
C SER B 57 -11.72 3.29 8.90
N ASP B 58 22.93 -7.93 13.87
N ASP B 58 -3.85 -10.50 -9.56
N ASP B 58 7.21 -13.91 4.73
N ASP B 58 -12.51 4.34 9.13
CA ASP B 58 24.34 -7.69 14.28
CA ASP B 58 -3.07 -9.99 -10.73
CA ASP B 58 8.13 -14.71 3.88
CA ASP B 58 -12.91 5.25 8.03
C ASP B 58 24.74 -6.24 13.99
C ASP B 58 -3.33 -8.49 -10.94
C ASP B 58 8.69 -13.85 2.73
C ASP B 58 -11.68 5.82 7.32
N TYR B 59 24.28 -5.75 12.87
N TYR B 59 -4.57 -8.12 -10.75
N TYR B 59 7.83 -13.03 2.19
N TYR B 59 -10.69 6.13 8.10
CA TYR B 59 24.53 -4.39 12.40
CA TYR B 59 -5.04 -6.74 -10.89
CA TYR B 59 8.15 -12.10 1.11
CA TYR B 59 -9.41 6.68 7.63
C TYR B 59 23.46 -3.41 12.85
C TYR B 59 -4.99 -5.97 -9.60
C TYR B 59 8.61 -10.75 1.59
C TYR B 59 -8.39 5.61 7.33
N ASN B 60 22.49 -3.78 13.66
N ASN B 60 -4.47 -6.49 -8.50
N ASN B 60 8.78 -10.50 2.87
N ASN B 60 -8.69 4.33 7.39
CA ASN B 60 21.48 -2.78 14.07
CA ASN B 60 -4.44 -5.70 -7.26
CA ASN B 60 9.24 -9.16 3.29
CA ASN B 60 -7.66 3.32 7.09
C ASN B 60 20.77 -2.18 12.86
C ASN B 60 -5.84 -5.25 -6.85
C ASN B 60 8.28 -8.07 2.83
C ASN B 60 -6.44 3.48 7.99
N ILE B 61 20.38 -3.02 11.92
N ILE B 61 -6.79 -6.17 -6.90
N ILE B 61 6.99 -8.31 2.99
N ILE B 61 -6.68 3.66 9.28
CA ILE B 61 19.59 -2.55 10.73
CA ILE B 61 -8.18 -5.88 -6.43
CA ILE B 61 5.96 -7.28 2.65
CA ILE B 61 -5.56 3.74 10.27
C ILE B 61 18.12 -2.62 11.14
C ILE B 61 -8.21 -6.21 -4.95
C ILE B 61 5.78 -6.43 3.90
C ILE B 61 -5.29 2.30 10.72
N GLN B 62 17.44 -1.52 11.20
N GLN B 62 -8.43 -5.25 -4.09
N GLN B 62 6.10 -5.16 3.86
N GLN B 62 -4.13 1.77 10.45
CA GLN B 62 16.02 -1.45 11.66
CA GLN B 62 -8.41 -5.44 -2.61
CA GLN B 62 6.03 -4.25 5.04
CA GLN B 62 -3.77 0.36 10.78
C GLN B 62 15.10 -1.30 10.44
C GLN B 62 -9.84 -5.47 -2.09
C GLN B 62 4.79 -3.36 4.93
C GLN B 62 -2.87 0.33 12.01
N LYS B 63 13.79 -1.43 10.63
N LYS B 63 -10.03 -5.85 -0.82
N LYS B 63 4.44 -2.64 5.99
N LYS B 63 -2.63 -0.85 12.57
CA LYS B 63 12.84 -1.37 9.55
CA LYS B 63 -11.35 -5.98 -0.24
CA LYS B 63 3.26 -1.81 6.02
CA LYS B 63 -1.84 -1.00 13.78
C LYS B 63 13.02 -0.06 8.78
C LYS B 63 -12.12 -4.67 -0.41
C LYS B 63 3.29 -0.85 4.84
C LYS B 63 -0.49 -0.33 13.59
N GLU B 64 12.84 -0.21 7.46
N GLU B 64 -13.42 -4.87 -0.66
N GLU B 64 2.06 -0.65 4.31
N GLU B 64 -0.05 0.29 14.69
CA GLU B 64 12.94 0.84 6.49
CA GLU B 64 -14.40 -3.83 -0.86
CA GLU B 64 1.77 0.21 3.20
CA GLU B 64 1.21 0.98 14.82
C GLU B 64 14.28 1.46 6.25
C GLU B 64 -14.28 -2.98 -2.08
C GLU B 64 2.30 -0.17 1.84
C GLU B 64 1.38 2.25 14.03
N SER B 65 15.31 0.73 6.66
N SER B 65 -13.55 -3.51 -3.06
N SER B 65 2.65 -1.45 1.73
N SER B 65 0.26 2.81 13.61
CA SER B 65 16.71 1.09 6.42
CA SER B 65 -13.39 -2.90 -4.38
CA SER B 65 3.09 -2.06 0.48
CA SER B 65 0.19 4.11 12.92
C SER B 65 16.99 0.90 4.91
C SER B 65 -14.74 -3.06 -5.12
C SER B 65 1.85 -2.16 -0.44
C SER B 65 0.51 5.19 13.97
N THR B 66 18.01 1.54 4.41
N THR B 66 -14.96 -2.25 -6.12
N THR B 66 2.07 -2.28 -1.73
N THR B 66 0.91 6.35 13.52
CA THR B 66 18.45 1.39 3.02
CA THR B 66 -16.16 -2.35 -6.96
CA THR B 66 0.98 -2.48 -2.71
CA THR B 66 1.17 7.51 14.39
C THR B 66 19.87 0.84 3.01
C THR B 66 -15.72 -2.62 -8.41
C THR B 66 1.20 -3.81 -3.42
C THR B 66 0.23 8.63 13.99
N LEU B 67 20.11 -0.27 2.28
N LEU B 67 -16.26 -3.67 -9.03
N LEU B 67 0.19 -4.68 -3.43
N LEU B 67 -0.52 9.19 14.94
CA LEU B 67 21.48 -0.78 2.14
CA LEU B 67 -15.97 -3.93 -10.45
CA LEU B 67 0.29 -5.94 -4.18
CA LEU B 67 -1.36 10.35 14.64
C LEU B 67 21.93 -0.37 0.73
C LEU B 67 -17.21 -3.46 -11.22
C LEU B 67 -0.53 -5.72 -5.46
C LEU B 67 -0.62 11.57 15.23
N HIS B 68 23.20 -0.24 0.52
N HIS B 68 -17.06 -3.11 -12.45
N HIS B 68 -0.23 -6.42 -6.49
N HIS B 68 -0.85 12.72 14.71
CA HIS B 68 23.67 0.11 -0.85
CA HIS B 68 -18.24 -2.70 -13.24
CA HIS B 68 -1.04 -6.28 -7.73
CA HIS B 68 -0.19 13.92 15.30
C HIS B 68 24.26 -1.17 -1.42
C HIS B 68 -18.54 -3.86 -14.19
C HIS B 68 -1.90 -7.54 -7.81
C HIS B 68 -1.26 14.67 16.07
N LEU B 69 23.95 -1.46 -2.66
N LEU B 69 -19.80 -4.22 -14.31
N LEU B 69 -3.17 -7.36 -8.14
N LEU B 69 -0.94 15.13 17.26
CA LEU B 69 24.50 -2.62 -3.36
CA LEU B 69 -20.22 -5.27 -15.24
CA LEU B 69 -4.08 -8.49 -8.32
CA LEU B 69 -1.85 15.91 18.08
C LEU B 69 25.52 -2.21 -4.39
C LEU B 69 -20.94 -4.70 -16.42
C LEU B 69 -4.41 -8.70 -9.78
C LEU B 69 -1.44 17.35 18.11
N VAL B 70 26.75 -2.56 -4.25
N VAL B 70 -20.41 -4.82 -17.61
N VAL B 70 -4.04 -9.79 -10.36
N VAL B 70 -2.22 18.26 17.61
CA VAL B 70 27.77 -2.28 -5.29
CA VAL B 70 -21.15 -4.36 -18.82
CA VAL B 70 -4.43 -10.08 -11.77
CA VAL B 70 -1.90 19.71 17.72
C VAL B 70 28.05 -3.65 -5.92
C VAL B 70 -21.55 -5.67 -19.51
C VAL B 70 -5.47 -11.21 -11.63
C VAL B 70 -2.94 20.22 18.72
N LEU B 71 28.20 -3.71 -7.21
N LEU B 71 -22.75 -5.72 -20.06
N LEU B 71 -6.53 -11.15 -12.41
N LEU B 71 -2.55 21.10 19.61
CA LEU B 71 28.51 -4.99 -7.89
CA LEU B 71 -23.22 -6.94 -20.76
CA LEU B 71 -7.57 -12.22 -12.36
CA LEU B 71 -3.50 21.68 20.60
C LEU B 71 30.00 -5.11 -8.11
C LEU B 71 -22.99 -6.78 -22.24
C LEU B 71 -7.31 -13.24 -13.43
C LEU B 71 -4.01 23.00 20.09
N MET A 1 6.38 18.40 -20.67
CA MET A 1 5.74 19.56 -20.05
C MET A 1 6.28 19.67 -18.60
N GLN A 2 6.34 20.88 -18.14
CA GLN A 2 6.81 21.11 -16.74
C GLN A 2 5.61 21.10 -15.81
N ILE A 3 5.80 20.45 -14.66
CA ILE A 3 4.77 20.47 -13.61
C ILE A 3 5.53 20.83 -12.30
N PHE A 4 4.75 21.23 -11.33
CA PHE A 4 5.40 21.59 -10.01
C PHE A 4 4.91 20.64 -8.96
N VAL A 5 5.74 20.16 -8.03
CA VAL A 5 5.27 19.32 -6.95
C VAL A 5 5.58 20.10 -5.65
N LYS A 6 4.57 20.50 -4.95
CA LYS A 6 4.78 21.30 -3.70
C LYS A 6 4.77 20.35 -2.53
N THR A 7 5.82 20.41 -1.68
CA THR A 7 5.88 19.52 -0.51
C THR A 7 5.42 20.27 0.74
N LEU A 8 5.24 19.58 1.84
CA LEU A 8 4.74 20.24 3.07
C LEU A 8 5.81 21.08 3.74
N THR A 9 7.06 21.03 3.24
CA THR A 9 8.08 21.90 3.94
C THR A 9 8.35 23.16 3.18
N GLY A 10 7.52 23.50 2.24
CA GLY A 10 7.67 24.69 1.43
C GLY A 10 8.68 24.63 0.33
N LYS A 11 9.10 23.43 0.00
CA LYS A 11 10.01 23.21 -1.12
C LYS A 11 9.11 22.84 -2.31
N THR A 12 9.42 23.38 -3.48
CA THR A 12 8.62 22.98 -4.66
C THR A 12 9.61 22.35 -5.64
N ILE A 13 9.25 21.19 -6.17
CA ILE A 13 10.23 20.60 -7.13
C ILE A 13 9.65 20.67 -8.52
N THR A 14 10.47 20.94 -9.51
CA THR A 14 9.89 20.97 -10.89
C THR A 14 10.25 19.66 -11.57
N LEU A 15 9.33 19.09 -12.33
CA LEU A 15 9.58 17.83 -13.01
C LEU A 15 9.25 18.02 -14.49
N GLU A 16 9.89 17.22 -15.31
CA GLU A 16 9.51 17.26 -16.76
C GLU A 16 8.85 15.92 -17.00
N VAL A 17 7.60 16.03 -17.42
CA VAL A 17 6.77 14.86 -17.67
C VAL A 17 5.93 15.04 -18.95
N GLU A 18 5.32 13.93 -19.31
CA GLU A 18 4.37 13.84 -20.41
C GLU A 18 3.06 13.38 -19.82
N PRO A 19 1.95 13.87 -20.34
CA PRO A 19 0.61 13.47 -19.90
C PRO A 19 0.43 11.98 -19.97
N SER A 20 1.19 11.31 -20.81
CA SER A 20 1.03 9.85 -20.98
C SER A 20 1.72 9.11 -19.87
N ASP A 21 2.49 9.83 -19.05
CA ASP A 21 3.19 9.10 -17.96
C ASP A 21 2.21 8.63 -16.92
N THR A 22 2.51 7.52 -16.30
CA THR A 22 1.71 6.99 -15.21
C THR A 22 2.16 7.68 -13.91
N ILE A 23 1.25 7.61 -12.94
CA ILE A 23 1.52 8.13 -11.60
C ILE A 23 2.72 7.40 -10.98
N GLU A 24 2.80 6.12 -11.24
CA GLU A 24 3.98 5.32 -10.73
C GLU A 24 5.27 5.90 -11.23
N CYS A 25 5.30 6.34 -12.52
CA CYS A 25 6.50 6.91 -13.13
C CYS A 25 6.85 8.24 -12.50
N VAL A 26 5.82 9.05 -12.28
CA VAL A 26 6.04 10.34 -11.65
C VAL A 26 6.71 10.15 -10.29
N LYS A 27 6.18 9.20 -9.52
CA LYS A 27 6.74 8.92 -8.19
C LYS A 27 8.19 8.48 -8.29
N ALA A 28 8.54 7.70 -9.30
CA ALA A 28 9.92 7.29 -9.53
C ALA A 28 10.80 8.47 -9.89
N LYS A 29 10.31 9.43 -10.66
CA LYS A 29 11.09 10.64 -10.97
C LYS A 29 11.35 11.47 -9.69
N ILE A 30 10.35 11.49 -8.81
CA ILE A 30 10.50 12.25 -7.55
C ILE A 30 11.53 11.50 -6.70
N GLN A 31 11.49 10.19 -6.69
CA GLN A 31 12.50 9.45 -5.86
C GLN A 31 13.90 9.76 -6.40
N ASP A 32 14.01 9.63 -7.70
CA ASP A 32 15.30 9.91 -8.37
C ASP A 32 15.83 11.29 -8.03
N LYS A 33 14.94 12.30 -7.98
CA LYS A 33 15.50 13.66 -7.74
C LYS A 33 15.53 14.13 -6.33
N GLU A 34 14.74 13.67 -5.41
CA GLU A 34 14.73 14.09 -4.02
C GLU A 34 14.92 12.96 -3.04
N GLY A 35 14.94 11.73 -3.52
CA GLY A 35 15.18 10.58 -2.69
C GLY A 35 14.07 10.02 -1.89
N ILE A 36 12.84 10.55 -2.06
CA ILE A 36 11.72 10.01 -1.29
C ILE A 36 11.20 8.72 -1.91
N PRO A 37 11.15 7.65 -1.13
CA PRO A 37 10.64 6.34 -1.58
C PRO A 37 9.21 6.46 -2.09
N PRO A 38 8.88 5.84 -3.19
CA PRO A 38 7.51 5.95 -3.73
C PRO A 38 6.45 5.52 -2.76
N ASP A 39 6.74 4.57 -1.90
CA ASP A 39 5.72 4.05 -0.95
C ASP A 39 5.34 5.08 0.11
N GLN A 40 6.16 6.11 0.23
CA GLN A 40 5.83 7.18 1.22
C GLN A 40 5.08 8.36 0.58
N GLN A 41 5.02 8.40 -0.74
CA GLN A 41 4.40 9.48 -1.46
C GLN A 41 2.90 9.36 -1.66
N ARG A 42 2.21 10.46 -1.32
CA ARG A 42 0.75 10.57 -1.60
C ARG A 42 0.62 11.80 -2.48
N LEU A 43 0.18 11.67 -3.73
CA LEU A 43 0.09 12.84 -4.63
C LEU A 43 -1.35 13.30 -4.76
N ILE A 44 -1.57 14.59 -4.57
CA ILE A 44 -2.91 15.19 -4.61
C ILE A 44 -3.02 16.28 -5.66
N PHE A 45 -4.11 16.19 -6.46
CA PHE A 45 -4.39 17.20 -7.50
C PHE A 45 -5.92 17.33 -7.53
N ALA A 46 -6.32 18.58 -7.46
CA ALA A 46 -7.74 18.98 -7.52
C ALA A 46 -8.59 18.14 -6.58
N GLY A 47 -8.08 17.99 -5.40
CA GLY A 47 -8.62 17.24 -4.29
C GLY A 47 -8.80 15.76 -4.47
N CYS A 48 -8.13 15.15 -5.41
CA CYS A 48 -8.12 13.71 -5.63
C CYS A 48 -6.78 13.12 -5.25
N GLN A 49 -6.74 11.97 -4.70
CA GLN A 49 -5.43 11.30 -4.47
C GLN A 49 -5.16 10.55 -5.77
N LEU A 50 -3.98 10.72 -6.33
CA LEU A 50 -3.65 10.11 -7.64
C LEU A 50 -3.29 8.65 -7.46
N GLU A 51 -3.77 7.80 -8.37
CA GLU A 51 -3.53 6.34 -8.25
C GLU A 51 -2.42 5.92 -9.18
N ASP A 52 -1.53 5.06 -8.79
CA ASP A 52 -0.35 4.62 -9.54
C ASP A 52 -0.48 4.20 -10.99
N GLY A 53 -1.50 3.45 -11.32
CA GLY A 53 -1.74 2.91 -12.67
C GLY A 53 -2.40 3.82 -13.65
N ARG A 54 -2.89 4.98 -13.21
CA ARG A 54 -3.49 5.96 -14.13
C ARG A 54 -2.37 6.83 -14.68
N THR A 55 -2.66 7.57 -15.72
CA THR A 55 -1.72 8.53 -16.36
C THR A 55 -2.16 9.94 -15.93
N LEU A 56 -1.27 10.90 -16.12
CA LEU A 56 -1.55 12.31 -15.83
C LEU A 56 -2.72 12.75 -16.70
N SER A 57 -2.80 12.25 -17.95
CA SER A 57 -3.93 12.69 -18.80
C SER A 57 -5.26 12.26 -18.24
N ASP A 58 -5.29 11.15 -17.53
CA ASP A 58 -6.56 10.64 -16.93
C ASP A 58 -7.20 11.71 -16.05
N TYR A 59 -6.37 12.41 -15.33
CA TYR A 59 -6.76 13.49 -14.42
C TYR A 59 -6.79 14.84 -15.09
N ASN A 60 -6.55 14.98 -16.38
CA ASN A 60 -6.58 16.32 -16.99
C ASN A 60 -5.58 17.25 -16.32
N ILE A 61 -4.36 16.77 -16.10
CA ILE A 61 -3.28 17.62 -15.54
C ILE A 61 -2.59 18.28 -16.73
N GLN A 62 -2.64 19.57 -16.85
CA GLN A 62 -2.07 20.32 -18.00
C GLN A 62 -0.74 20.97 -17.58
N LYS A 63 0.04 21.51 -18.58
CA LYS A 63 1.33 22.10 -18.24
C LYS A 63 1.17 23.16 -17.17
N GLU A 64 2.22 23.18 -16.36
CA GLU A 64 2.37 24.09 -15.26
C GLU A 64 1.44 23.96 -14.10
N SER A 65 0.81 22.79 -14.03
CA SER A 65 -0.07 22.42 -12.91
C SER A 65 0.84 22.18 -11.68
N THR A 66 0.25 22.25 -10.50
CA THR A 66 0.96 21.97 -9.25
C THR A 66 0.29 20.77 -8.56
N LEU A 67 1.06 19.74 -8.22
CA LEU A 67 0.49 18.62 -7.46
C LEU A 67 0.98 18.81 -6.00
N HIS A 68 0.26 18.31 -5.06
CA HIS A 68 0.72 18.43 -3.66
C HIS A 68 1.24 17.05 -3.26
N LEU A 69 2.38 17.02 -2.60
CA LEU A 69 2.96 15.77 -2.10
C LEU A 69 2.83 15.67 -0.60
N VAL A 70 2.10 14.73 -0.09
CA VAL A 70 2.03 14.52 1.38
C VAL A 70 2.81 13.21 1.60
N LEU A 71 3.60 13.15 2.65
CA LEU A 71 4.36 11.93 2.95
C LEU A 71 3.61 11.09 3.95
N ARG A 72 3.49 9.79 3.78
N ARG A 72 3.55 9.77 3.68
N ARG A 72 3.51 9.79 3.78
N ARG A 72 3.65 9.77 3.69
CA ARG A 72 2.72 9.02 4.78
CA ARG A 72 2.87 8.75 4.50
CA ARG A 72 2.75 8.99 4.77
CA ARG A 72 3.05 8.69 4.50
C ARG A 72 3.07 7.56 4.51
C ARG A 72 1.93 8.01 3.54
C ARG A 72 3.37 9.30 6.12
C ARG A 72 1.85 8.20 3.69
N LEU A 73 2.19 6.63 4.69
N LEU A 73 1.49 6.84 3.83
N LEU A 73 4.51 9.91 6.20
N LEU A 73 1.49 6.95 3.74
CA LEU A 73 2.55 5.21 4.44
CA LEU A 73 0.58 6.13 2.89
CA LEU A 73 5.10 10.22 7.53
CA LEU A 73 0.32 6.49 2.94
C LEU A 73 3.75 4.83 5.28
C LEU A 73 -0.24 5.09 3.63
C LEU A 73 5.21 8.95 8.36
C LEU A 73 -0.07 5.09 3.38
N ARG A 74 3.50 4.77 6.58
N ARG A 74 -1.51 5.05 3.27
N ARG A 74 5.79 7.94 7.71
N ARG A 74 0.74 4.14 2.96
CA ARG A 74 4.53 4.43 7.57
CA ARG A 74 -2.47 4.11 3.88
CA ARG A 74 5.96 6.62 8.33
CA ARG A 74 0.53 2.72 3.26
C ARG A 74 3.96 3.38 8.53
C ARG A 74 -2.41 2.78 3.13
C ARG A 74 4.70 6.25 9.10
C ARG A 74 1.84 2.10 3.72
N GLY A 75 4.67 2.27 8.61
N GLY A 75 -2.90 1.75 3.81
N GLY A 75 3.58 6.43 8.42
N GLY A 75 1.73 1.27 4.75
CA GLY A 75 4.29 1.14 9.45
CA GLY A 75 -2.94 0.39 3.28
CA GLY A 75 2.26 6.14 8.97
CA GLY A 75 2.87 0.58 5.34
C GLY A 75 4.93 -0.18 9.08
C GLY A 75 -4.23 0.00 2.59
C GLY A 75 2.01 4.70 9.34
C GLY A 75 2.57 -0.80 5.90
N GLY A 76 4.45 -1.22 9.75
N GLY A 76 -4.42 -1.30 2.52
N GLY A 76 1.22 4.55 10.38
N GLY A 76 2.81 -0.91 7.19
CA GLY A 76 4.88 -2.61 9.58
CA GLY A 76 -5.60 -1.94 1.91
CA GLY A 76 0.80 3.24 10.94
CA GLY A 76 2.59 -2.14 7.99
C GLY A 76 6.41 -2.61 9.36
C GLY A 76 -5.90 -3.23 2.68
C GLY A 76 0.47 2.30 9.77
C GLY A 76 3.26 -1.96 9.35
N MET B 1 11.04 -9.71 5.76
N MET B 1 -11.56 -12.56 0.11
N MET B 1 -1.64 -5.40 9.70
N MET B 1 -2.34 -0.72 19.36
CA MET B 1 11.06 -8.25 5.98
CA MET B 1 -11.57 -11.08 0.19
CA MET B 1 -0.97 -4.38 8.88
CA MET B 1 -1.22 -0.11 18.63
C MET B 1 11.66 -7.61 4.70
C MET B 1 -12.96 -10.61 -0.31
C MET B 1 -1.85 -4.16 7.62
C MET B 1 -0.98 1.28 19.26
N GLN B 2 11.21 -6.43 4.44
N GLN B 2 -13.38 -9.51 0.24
N GLN B 2 -1.79 -2.96 7.14
N GLN B 2 0.26 1.69 19.21
CA GLN B 2 11.74 -5.69 3.24
CA GLN B 2 -14.70 -8.94 -0.19
CA GLN B 2 -2.57 -2.63 5.90
CA GLN B 2 0.60 3.04 19.74
C GLN B 2 12.94 -4.86 3.67
C GLN B 2 -14.45 -7.97 -1.34
C GLN B 2 -1.71 -2.90 4.69
C GLN B 2 0.49 4.06 18.62
N ILE B 3 13.96 -4.87 2.84
N ILE B 3 -15.32 -8.04 -2.33
N ILE B 3 -2.32 -3.48 3.68
N ILE B 3 -0.07 5.21 18.97
CA ILE B 3 15.13 -4.00 3.05
CA ILE B 3 -15.28 -7.05 -3.43
CA ILE B 3 -1.64 -3.67 2.38
CA ILE B 3 -0.11 6.34 18.02
C ILE B 3 15.39 -3.30 1.68
C ILE B 3 -16.75 -6.55 -3.60
C ILE B 3 -2.65 -3.15 1.30
C ILE B 3 0.40 7.58 18.83
N PHE B 4 16.16 -2.24 1.77
N PHE B 4 -16.86 -5.44 -4.27
N PHE B 4 -2.09 -2.91 0.14
N PHE B 4 0.76 8.59 18.06
CA PHE B 4 16.47 -1.50 0.50
CA PHE B 4 -18.25 -4.88 -4.49
CA PHE B 4 -2.99 -2.42 -0.97
CA PHE B 4 1.25 9.83 18.76
C PHE B 4 17.95 -1.58 0.23
C PHE B 4 -18.55 -4.90 -5.97
C PHE B 4 -3.01 -3.45 -2.07
C PHE B 4 0.30 10.96 18.46
N VAL B 5 18.42 -1.76 -0.99
N VAL B 5 -19.76 -5.23 -6.41
N VAL B 5 -4.14 -3.73 -2.72
N VAL B 5 -0.03 11.84 19.40
CA VAL B 5 19.84 -1.76 -1.29
CA VAL B 5 -20.10 -5.17 -7.82
CA VAL B 5 -4.17 -4.65 -3.83
CA VAL B 5 -0.87 12.99 19.12
C VAL B 5 20.06 -0.57 -2.26
C VAL B 5 -21.25 -4.14 -7.91
C VAL B 5 -4.65 -3.82 -5.05
C VAL B 5 0.01 14.23 19.42
N LYS B 6 20.77 0.41 -1.83
N LYS B 6 -21.00 -3.05 -8.55
N LYS B 6 -3.81 -3.64 -6.00
N LYS B 6 0.32 14.98 18.42
CA LYS B 6 21.00 1.62 -2.69
CA LYS B 6 -22.05 -1.97 -8.66
CA LYS B 6 -4.20 -2.79 -7.20
CA LYS B 6 1.20 16.18 18.63
C LYS B 6 22.31 1.43 -3.41
C LYS B 6 -22.79 -2.17 -9.96
C LYS B 6 -4.70 -3.72 -8.27
C LYS B 6 0.32 17.39 18.81
N THR B 7 22.30 1.58 -4.76
N THR B 7 -24.14 -2.24 -9.90
N THR B 7 -5.91 -3.44 -8.82
N THR B 7 0.54 18.16 19.91
CA THR B 7 23.55 1.42 -5.52
CA THR B 7 -24.92 -2.43 -11.14
CA THR B 7 -6.46 -4.30 -9.87
CA THR B 7 -0.28 19.34 20.15
C THR B 7 24.13 2.79 -5.84
C THR B 7 -25.47 -1.07 -11.60
C THR B 7 -6.22 -3.65 -11.23
C THR B 7 0.47 20.60 19.69
N LEU B 8 25.34 2.85 -6.36
N LEU B 8 -26.04 -1.00 -12.78
N LEU B 8 -6.47 -4.36 -12.32
N LEU B 8 -0.17 21.74 19.66
CA LEU B 8 25.98 4.15 -6.66
CA LEU B 8 -26.56 0.27 -13.31
CA LEU B 8 -6.23 -3.80 -13.67
CA LEU B 8 0.48 22.98 19.19
C LEU B 8 25.39 4.83 -7.87
C LEU B 8 -27.84 0.72 -12.63
C LEU B 8 -7.24 -2.75 -14.07
C LEU B 8 1.48 23.52 20.19
N THR B 9 24.49 4.15 -8.60
N THR B 9 -28.41 -0.14 -11.77
N THR B 9 -8.29 -2.55 -13.25
N THR B 9 1.55 22.94 21.40
CA THR B 9 23.93 4.86 -9.79
CA THR B 9 -29.68 0.33 -11.11
CA THR B 9 -9.27 -1.49 -13.69
CA THR B 9 2.55 23.51 22.36
C THR B 9 22.56 5.41 -9.52
C THR B 9 -29.45 0.81 -9.72
C THR B 9 -9.07 -0.21 -12.95
C THR B 9 3.80 22.68 22.42
N GLY B 10 22.16 5.49 -8.29
N GLY B 10 -28.22 1.04 -9.35
N GLY B 10 -7.96 -0.05 -12.28
N GLY B 10 4.00 21.80 21.50
CA GLY B 10 20.87 6.00 -7.88
CA GLY B 10 -27.86 1.51 -8.04
CA GLY B 10 -7.64 1.14 -11.53
CA GLY B 10 5.15 20.93 21.44
C GLY B 10 19.70 5.08 -8.07
C GLY B 10 -27.85 0.48 -6.95
C GLY B 10 -8.31 1.28 -10.19
C GLY B 10 5.15 19.77 22.39
N LYS B 11 19.99 3.82 -8.26
N LYS B 11 -27.86 -0.77 -7.32
N LYS B 11 -8.85 0.19 -9.70
N LYS B 11 4.00 19.46 22.91
CA LYS B 11 18.96 2.79 -8.36
CA LYS B 11 -27.75 -1.87 -6.38
CA LYS B 11 -9.44 0.15 -8.37
CA LYS B 11 3.82 18.28 23.76
C LYS B 11 18.86 2.18 -6.94
C LYS B 11 -26.26 -2.25 -6.36
C LYS B 11 -8.34 -0.39 -7.45
C LYS B 11 3.29 17.17 22.82
N THR B 12 17.63 1.94 -6.50
N THR B 12 -25.73 -2.52 -5.18
N THR B 12 -8.20 0.19 -6.27
N THR B 12 3.81 15.97 22.99
CA THR B 12 17.50 1.28 -5.18
CA THR B 12 -24.33 -2.97 -5.14
CA THR B 12 -7.21 -0.37 -5.33
CA THR B 12 3.27 14.87 22.16
C THR B 12 16.75 -0.03 -5.44
C THR B 12 -24.35 -4.36 -4.49
C THR B 12 -8.00 -0.78 -4.08
C THR B 12 2.70 13.84 23.15
N ILE B 13 17.29 -1.12 -4.89
N ILE B 13 -23.65 -5.30 -5.13
N ILE B 13 -7.75 -2.01 -3.61
N ILE B 13 1.48 13.39 22.89
CA ILE B 13 16.54 -2.39 -5.15
CA ILE B 13 -23.68 -6.65 -4.48
CA ILE B 13 -8.52 -2.39 -2.39
CA ILE B 13 0.95 12.38 23.87
C ILE B 13 15.88 -2.85 -3.87
C ILE B 13 -22.33 -6.94 -3.90
C ILE B 13 -7.59 -2.45 -1.22
C ILE B 13 0.89 11.04 23.18
N THR B 14 14.69 -3.37 -3.94
N THR B 14 -22.26 -7.57 -2.75
N THR B 14 -8.03 -2.01 -0.06
N THR B 14 1.20 9.98 23.89
CA THR B 14 14.07 -3.86 -2.67
CA THR B 14 -20.91 -7.89 -2.21
CA THR B 14 -7.11 -2.12 1.11
CA THR B 14 1.09 8.64 23.22
C THR B 14 14.23 -5.36 -2.62
C THR B 14 -20.63 -9.36 -2.48
C THR B 14 -7.51 -3.31 1.93
C THR B 14 -0.18 7.99 23.67
N LEU B 15 14.54 -5.92 -1.46
N LEU B 15 -19.41 -9.70 -2.87
N LEU B 15 -6.56 -4.09 2.44
N LEU B 15 -0.91 7.33 22.78
CA LEU B 15 14.71 -7.35 -1.32
CA LEU B 15 -19.06 -11.06 -3.17
CA LEU B 15 -6.85 -5.26 3.23
CA LEU B 15 -2.15 6.69 23.13
C LEU B 15 13.81 -7.83 -0.18
C LEU B 15 -17.82 -11.44 -2.35
C LEU B 15 -6.10 -5.15 4.56
C LEU B 15 -2.08 5.23 22.68
N GLU B 16 13.44 -9.09 -0.25
N GLU B 16 -17.69 -12.71 -2.07
N GLU B 16 -6.64 -5.81 5.56
N GLU B 16 -2.84 4.40 23.36
CA GLU B 16 12.68 -9.65 0.91
CA GLU B 16 -16.43 -13.15 -1.39
CA GLU B 16 -5.87 -5.85 6.85
CA GLU B 16 -2.90 2.98 22.87
C GLU B 16 13.63 -10.64 1.53
C GLU B 16 -15.70 -13.95 -2.45
C GLU B 16 -5.45 -7.29 6.97
C GLU B 16 -4.32 2.85 22.36
N VAL B 17 13.91 -10.38 2.79
N VAL B 17 -14.50 -13.46 -2.73
N VAL B 17 -4.14 -7.45 7.03
N VAL B 17 -4.38 2.51 21.07
CA VAL B 17 14.85 -11.18 3.56
CA VAL B 17 -13.65 -14.06 -3.76
CA VAL B 17 -3.52 -8.76 7.11
CA VAL B 17 -5.64 2.38 20.36
C VAL B 17 14.34 -11.42 4.99
C VAL B 17 -12.19 -14.10 -3.30
C VAL B 17 -2.35 -8.77 8.11
C VAL B 17 -5.63 1.16 19.43
N GLU B 18 15.06 -12.29 5.64
N GLU B 18 -11.44 -14.81 -4.12
N GLU B 18 -1.90 -9.98 8.34
N GLU B 18 -6.82 0.89 18.93
CA GLU B 18 14.87 -12.62 7.06
CA GLU B 18 -9.98 -14.92 -3.98
CA GLU B 18 -0.72 -10.27 9.16
CA GLU B 18 -7.07 -0.14 17.92
C GLU B 18 16.18 -12.28 7.76
C GLU B 18 -9.39 -14.38 -5.27
C GLU B 18 0.27 -10.99 8.25
C GLU B 18 -7.65 0.57 16.72
N PRO B 19 16.08 -11.80 8.99
N PRO B 19 -8.25 -13.72 -5.18
N PRO B 19 1.55 -10.73 8.44
N PRO B 19 -7.32 0.11 15.53
CA PRO B 19 17.26 -11.48 9.79
CA PRO B 19 -7.56 -13.18 -6.35
CA PRO B 19 2.60 -11.40 7.67
CA PRO B 19 -7.84 0.68 14.28
C PRO B 19 18.19 -12.65 9.92
C PRO B 19 -7.28 -14.25 -7.38
C PRO B 19 2.51 -12.91 7.75
C PRO B 19 -9.35 0.69 14.26
N SER B 20 17.67 -13.86 9.77
N SER B 20 -7.22 -15.49 -6.95
N SER B 20 1.89 -13.40 8.81
N SER B 20 -9.97 -0.19 15.04
CA SER B 20 18.50 -15.06 9.93
CA SER B 20 -6.91 -16.59 -7.88
CA SER B 20 1.79 -14.86 9.00
CA SER B 20 -11.44 -0.28 15.03
C SER B 20 19.31 -15.33 8.69
C SER B 20 -8.12 -16.99 -8.67
C SER B 20 0.69 -15.44 8.16
C SER B 20 -12.04 0.80 15.89
N ASP B 21 19.04 -14.58 7.62
N ASP B 21 -9.28 -16.44 -8.31
N ASP B 21 -0.11 -14.58 7.53
N ASP B 21 -11.20 1.54 16.62
CA ASP B 21 19.81 -14.85 6.37
CA ASP B 21 -10.50 -16.84 -9.08
CA ASP B 21 -1.23 -15.14 6.72
CA ASP B 21 -11.79 2.60 17.49
C ASP B 21 21.24 -14.39 6.56
C ASP B 21 -10.45 -16.25 -10.46
C ASP B 21 -0.68 -15.78 5.47
C ASP B 21 -12.31 3.72 16.63
N THR B 22 22.15 -15.08 5.90
N THR B 22 -11.02 -16.97 -11.41
N THR B 22 -1.35 -16.82 5.01
N THR B 22 -13.36 4.37 17.11
CA THR B 22 23.54 -14.71 5.90
CA THR B 22 -11.14 -16.49 -12.77
CA THR B 22 -1.00 -17.50 3.79
CA THR B 22 -13.92 5.53 16.45
C THR B 22 23.76 -13.63 4.81
C THR B 22 -12.40 -15.59 -12.87
C THR B 22 -1.63 -16.71 2.61
C THR B 22 -13.11 6.77 16.90
N ILE B 23 24.88 -12.93 4.97
N ILE B 23 -12.38 -14.78 -13.93
N ILE B 23 -1.06 -16.97 1.44
N ILE B 23 -13.24 7.81 16.08
CA ILE B 23 25.29 -11.93 4.00
CA ILE B 23 -13.53 -13.92 -14.23
CA ILE B 23 -1.58 -16.39 0.21
CA ILE B 23 -12.63 9.09 16.39
C ILE B 23 25.53 -12.59 2.64
C ILE B 23 -14.77 -14.76 -14.49
C ILE B 23 -3.02 -16.87 -0.04
C ILE B 23 -13.18 9.65 17.70
N GLU B 24 26.08 -13.78 2.65
N GLU B 24 -14.59 -15.89 -15.14
N GLU B 24 -3.29 -18.10 0.30
N GLU B 24 -14.47 9.44 17.92
CA GLU B 24 26.30 -14.54 1.37
CA GLU B 24 -15.74 -16.82 -15.38
CA GLU B 24 -4.68 -18.64 0.17
CA GLU B 24 -15.09 9.89 19.20
C GLU B 24 24.99 -14.73 0.64
C GLU B 24 -16.38 -17.22 -14.08
C GLU B 24 -5.65 -17.81 0.97
C GLU B 24 -14.40 9.28 20.38
N ASN B 25 23.93 -15.02 1.37
N ASN B 25 -15.58 -17.48 -13.07
N ASN B 25 -5.25 -17.40 2.16
N ASN B 25 -14.03 8.00 20.27
CA ASN B 25 22.59 -15.25 0.83
CA ASN B 25 -16.02 -17.90 -11.73
CA ASN B 25 -6.05 -16.59 3.08
CA ASN B 25 -13.35 7.24 21.31
C ASN B 25 22.01 -13.98 0.21
C ASN B 25 -16.81 -16.79 -11.04
C ASN B 25 -6.32 -15.20 2.50
C ASN B 25 -11.95 7.78 21.59
N VAL B 26 22.20 -12.89 0.93
N VAL B 26 -16.28 -15.59 -11.15
N VAL B 26 -5.27 -14.62 1.97
N VAL B 26 -11.26 8.06 20.49
CA VAL B 26 21.74 -11.59 0.45
CA VAL B 26 -16.93 -14.42 -10.57
CA VAL B 26 -5.37 -13.30 1.34
CA VAL B 26 -9.91 8.62 20.59
C VAL B 26 22.39 -11.28 -0.89
C VAL B 26 -18.33 -14.28 -11.17
C VAL B 26 -6.41 -13.35 0.23
C VAL B 26 -9.97 9.93 21.38
N LYS B 27 23.71 -11.50 -0.96
N LYS B 27 -18.41 -14.40 -12.49
N LYS B 27 -6.32 -14.39 -0.60
N LYS B 27 -10.93 10.77 21.02
CA LYS B 27 24.45 -11.24 -2.19
CA LYS B 27 -19.70 -14.28 -13.17
CA LYS B 27 -7.26 -14.54 -1.72
CA LYS B 27 -11.08 12.07 21.69
C LYS B 27 23.94 -12.10 -3.33
C LYS B 27 -20.67 -15.35 -12.70
C LYS B 27 -8.69 -14.68 -1.20
C LYS B 27 -11.36 11.87 23.18
N ALA B 28 23.58 -13.34 -3.05
N ALA B 28 -20.19 -16.55 -12.45
N ALA B 28 -8.89 -15.37 -0.10
N ALA B 28 -12.13 10.87 23.54
CA ALA B 28 22.99 -14.23 -4.07
CA ALA B 28 -21.02 -17.63 -11.92
CA ALA B 28 -10.21 -15.50 0.51
CA ALA B 28 -12.41 10.57 24.94
C ALA B 28 21.63 -13.73 -4.53
C ALA B 28 -21.51 -17.32 -10.51
C ALA B 28 -10.72 -14.16 1.03
C ALA B 28 -11.16 10.10 25.65
N LYS B 29 20.81 -13.18 -3.63
N LYS B 29 -20.68 -16.71 -9.67
N LYS B 29 -9.86 -13.32 1.59
N LYS B 29 -10.29 9.33 25.00
CA LYS B 29 19.52 -12.61 -4.04
CA LYS B 29 -21.11 -16.30 -8.31
CA LYS B 29 -10.26 -11.98 2.03
CA LYS B 29 -9.02 8.91 25.61
C LYS B 29 19.73 -11.38 -4.95
C LYS B 29 -22.22 -15.23 -8.40
C LYS B 29 -10.69 -11.11 0.84
C LYS B 29 -8.10 10.12 25.86
N ILE B 30 20.76 -10.61 -4.65
N ILE B 30 -22.08 -14.34 -9.38
N ILE B 30 -9.98 -11.28 -0.28
N ILE B 30 -8.15 11.07 24.93
CA ILE B 30 21.04 -9.42 -5.48
CA ILE B 30 -23.09 -13.27 -9.54
CA ILE B 30 -10.32 -10.50 -1.48
CA ILE B 30 -7.31 12.28 25.08
C ILE B 30 21.53 -9.92 -6.83
C ILE B 30 -24.37 -13.95 -10.04
C ILE B 30 -11.66 -11.03 -1.99
C ILE B 30 -7.90 13.09 26.24
N GLN B 31 22.33 -10.97 -6.87
N GLN B 31 -24.27 -14.91 -10.91
N GLN B 31 -11.89 -12.31 -1.94
N GLN B 31 -9.21 13.16 26.36
CA GLN B 31 22.80 -11.47 -8.20
CA GLN B 31 -25.53 -15.57 -11.39
CA GLN B 31 -13.22 -12.83 -2.43
CA GLN B 31 -9.78 13.93 27.50
C GLN B 31 21.58 -11.93 -9.02
C GLN B 31 -26.22 -16.26 -10.19
C GLN B 31 -14.33 -12.24 -1.56
C GLN B 31 -9.35 13.28 28.83
N ASP B 32 20.77 -12.71 -8.36
N ASP B 32 -25.41 -16.99 -9.47
N ASP B 32 -14.10 -12.35 -0.27
N ASP B 32 -9.52 11.99 28.85
CA ASP B 32 19.54 -13.23 -8.99
CA ASP B 32 -25.91 -17.70 -8.26
CA ASP B 32 -15.08 -11.81 0.71
CA ASP B 32 -9.13 11.20 30.05
C ASP B 32 18.69 -12.12 -9.56
C ASP B 32 -26.61 -16.75 -7.32
C ASP B 32 -15.40 -10.36 0.45
C ASP B 32 -7.70 11.45 30.44
N LYS B 33 18.56 -11.00 -8.83
N LYS B 33 -26.06 -15.55 -7.11
N LYS B 33 -14.38 -9.55 0.12
N LYS B 33 -6.79 11.52 29.45
CA LYS B 33 17.64 -9.96 -9.37
CA LYS B 33 -26.72 -14.68 -6.10
CA LYS B 33 -14.70 -8.10 -0.04
CA LYS B 33 -5.36 11.67 29.86
C LYS B 33 18.26 -8.88 -10.20
C LYS B 33 -27.72 -13.71 -6.60
C LYS B 33 -15.01 -7.63 -1.41
C LYS B 33 -4.82 13.05 29.93
N GLU B 34 19.50 -8.54 -10.11
N GLU B 34 -27.74 -13.26 -7.82
N GLU B 34 -14.61 -8.24 -2.49
N GLU B 34 -5.32 14.05 29.26
CA GLU B 34 20.15 -7.51 -10.89
CA GLU B 34 -28.70 -12.32 -8.35
CA GLU B 34 -14.90 -7.81 -3.84
CA GLU B 34 -4.83 15.41 29.31
C GLU B 34 21.36 -7.99 -11.66
C GLU B 34 -29.43 -12.81 -9.56
C GLU B 34 -15.58 -8.88 -4.67
C GLU B 34 -5.88 16.42 29.69
N GLY B 35 21.76 -9.23 -11.44
N GLY B 35 -29.05 -13.97 -10.08
N GLY B 35 -15.70 -10.08 -4.16
N GLY B 35 -7.13 16.00 29.81
CA GLY B 35 22.86 -9.82 -12.18
CA GLY B 35 -29.71 -14.59 -11.20
CA GLY B 35 -16.39 -11.16 -4.82
CA GLY B 35 -8.20 16.85 30.25
C GLY B 35 24.23 -9.52 -11.76
C GLY B 35 -29.41 -14.12 -12.57
C GLY B 35 -15.67 -11.92 -5.86
C GLY B 35 -8.84 17.75 29.26
N ILE B 36 24.42 -8.79 -10.65
N ILE B 36 -28.43 -13.21 -12.71
N ILE B 36 -14.36 -11.66 -6.04
N ILE B 36 -8.46 17.64 27.98
CA ILE B 36 25.78 -8.49 -10.21
CA ILE B 36 -28.09 -12.74 -14.07
CA ILE B 36 -13.62 -12.42 -7.07
CA ILE B 36 -9.09 18.52 26.99
C ILE B 36 26.40 -9.68 -9.48
C ILE B 36 -27.22 -13.74 -14.79
C ILE B 36 -13.22 -13.78 -6.54
C ILE B 36 -10.45 18.00 26.58
N PRO B 37 27.56 -10.13 -9.94
N PRO B 37 -27.64 -14.17 -15.98
N PRO B 37 -13.60 -14.84 -7.26
N PRO B 37 -11.49 18.83 26.71
CA PRO B 37 28.29 -11.24 -9.32
CA PRO B 37 -26.89 -15.11 -16.81
CA PRO B 37 -13.26 -16.23 -6.90
CA PRO B 37 -12.86 18.48 26.32
C PRO B 37 28.59 -10.95 -7.86
C PRO B 37 -25.50 -14.58 -17.12
C PRO B 37 -11.75 -16.39 -6.80
C PRO B 37 -12.93 18.07 24.86
N PRO B 38 28.42 -11.89 -6.97
N PRO B 38 -24.47 -15.38 -17.05
N PRO B 38 -11.26 -17.09 -5.80
N PRO B 38 -13.64 17.03 24.52
CA PRO B 38 28.68 -11.65 -5.55
CA PRO B 38 -23.11 -14.89 -17.33
CA PRO B 38 -9.81 -17.27 -5.65
CA PRO B 38 -13.72 16.58 23.13
C PRO B 38 30.08 -11.18 -5.26
C PRO B 38 -22.97 -14.28 -18.69
C PRO B 38 -9.16 -17.90 -6.84
C PRO B 38 -14.22 17.65 22.19
N ASP B 39 31.05 -11.62 -6.04
N ASP B 39 -23.70 -14.75 -19.67
N ASP B 39 -9.85 -18.76 -7.54
N ASP B 39 -15.09 18.51 22.65
CA ASP B 39 32.47 -11.23 -5.80
CA ASP B 39 -23.58 -14.23 -21.06
CA ASP B 39 -9.26 -19.48 -8.70
CA ASP B 39 -15.68 19.56 21.77
C ASP B 39 32.72 -9.75 -6.06
C ASP B 39 -24.07 -12.79 -21.18
C ASP B 39 -8.98 -18.55 -9.87
C ASP B 39 -14.64 20.60 21.35
N GLN B 40 31.80 -9.10 -6.75
N GLN B 40 -24.81 -12.34 -20.19
N GLN B 40 -9.58 -17.36 -9.83
N GLN B 40 -13.51 20.62 22.03
CA GLN B 40 31.96 -7.66 -7.01
CA GLN B 40 -25.31 -10.94 -20.23
CA GLN B 40 -9.33 -16.39 -10.93
CA GLN B 40 -12.44 21.59 21.66
C GLN B 40 31.21 -6.79 -5.98
C GLN B 40 -24.39 -9.98 -19.44
C GLN B 40 -8.22 -15.38 -10.56
C GLN B 40 -11.39 20.95 20.74
N GLN B 41 30.38 -7.39 -5.16
N GLN B 41 -23.46 -10.50 -18.68
N GLN B 41 -7.79 -15.36 -9.33
N GLN B 41 -11.42 19.65 20.57
CA GLN B 41 29.58 -6.69 -4.18
CA GLN B 41 -22.57 -9.72 -17.86
CA GLN B 41 -6.79 -14.43 -8.83
CA GLN B 41 -10.46 18.92 19.78
C GLN B 41 30.27 -6.40 -2.87
C GLN B 41 -21.35 -9.18 -18.55
C GLN B 41 -5.35 -14.86 -9.05
C GLN B 41 -10.75 18.85 18.30
N ARG B 42 30.18 -5.14 -2.46
N ARG B 42 -21.14 -7.87 -18.36
N ARG B 42 -4.58 -13.92 -9.62
N ARG B 42 -9.73 19.20 17.51
CA ARG B 42 30.64 -4.72 -1.10
CA ARG B 42 -19.87 -7.22 -18.84
CA ARG B 42 -3.10 -14.12 -9.75
CA ARG B 42 -9.80 19.02 16.04
C ARG B 42 29.42 -4.13 -0.43
C ARG B 42 -19.26 -6.62 -17.58
C ARG B 42 -2.50 -12.94 -9.01
C ARG B 42 -8.63 18.10 15.70
N LEU B 43 28.92 -4.71 0.65
N LEU B 43 -18.09 -7.07 -17.16
N LEU B 43 -1.77 -13.16 -7.92
N LEU B 43 -8.88 16.90 15.19
CA LEU B 43 27.68 -4.19 1.29
CA LEU B 43 -17.48 -6.55 -15.90
CA LEU B 43 -1.21 -12.04 -7.13
CA LEU B 43 -7.76 15.95 14.91
C LEU B 43 28.04 -3.43 2.57
C LEU B 43 -16.36 -5.56 -16.24
C LEU B 43 0.28 -11.89 -7.42
C LEU B 43 -7.49 15.92 13.41
N ILE B 44 27.51 -2.22 2.68
N ILE B 44 -16.40 -4.40 -15.61
N ILE B 44 0.70 -10.67 -7.72
N ILE B 44 -6.21 16.07 13.05
CA ILE B 44 27.80 -1.33 3.81
CA ILE B 44 -15.44 -3.33 -15.84
CA ILE B 44 2.07 -10.36 -8.08
CA ILE B 44 -5.77 16.12 11.66
C ILE B 44 26.53 -0.94 4.56
C ILE B 44 -14.71 -2.92 -14.57
C ILE B 44 2.68 -9.32 -7.16
C ILE B 44 -4.76 15.03 11.35
N PHE B 45 26.60 -1.08 5.91
N PHE B 45 -13.36 -2.83 -14.70
N PHE B 45 3.92 -9.63 -6.67
N PHE B 45 -5.00 14.31 10.22
CA PHE B 45 25.49 -0.69 6.79
CA PHE B 45 -12.52 -2.40 -13.57
CA PHE B 45 4.66 -8.71 -5.80
CA PHE B 45 -4.10 13.26 9.75
C PHE B 45 26.14 -0.11 8.06
C PHE B 45 -11.38 -1.58 -14.21
C PHE B 45 6.14 -8.90 -6.19
C PHE B 45 -4.14 13.33 8.22
N ALA B 46 25.64 1.05 8.39
N ALA B 46 -11.22 -0.42 -13.63
N ALA B 46 6.74 -7.75 -6.43
N ALA B 46 -2.94 13.39 7.68
CA ALA B 46 26.06 1.80 9.59
CA ALA B 46 -10.16 0.54 -14.01
CA ALA B 46 8.17 -7.65 -6.77
CA ALA B 46 -2.71 13.41 6.23
C ALA B 46 27.57 1.85 9.70
C ALA B 46 -10.11 0.72 -15.53
C ALA B 46 8.54 -8.65 -7.86
C ALA B 46 -3.60 14.45 5.55
N GLY B 47 28.18 2.16 8.59
N GLY B 47 -11.28 0.90 -16.06
N GLY B 47 7.71 -8.68 -8.85
N GLY B 47 -3.63 15.60 6.16
CA GLY B 47 29.59 2.28 8.35
CA GLY B 47 -11.59 1.09 -17.46
CA GLY B 47 7.77 -9.51 -10.03
CA GLY B 47 -4.37 16.77 5.79
C GLY B 47 30.44 1.06 8.54
C GLY B 47 -11.25 -0.02 -18.41
C GLY B 47 7.70 -11.00 -9.82
C GLY B 47 -5.87 16.67 5.76
N LYS B 48 29.85 -0.11 8.49
N LYS B 48 -11.09 -1.22 -17.92
N LYS B 48 7.18 -11.46 -8.71
N LYS B 48 -6.43 15.72 6.46
CA LYS B 48 30.60 -1.38 8.62
CA LYS B 48 -10.80 -2.39 -18.77
CA LYS B 48 7.02 -12.89 -8.44
CA LYS B 48 -7.89 15.55 6.54
C LYS B 48 30.47 -2.11 7.27
C LYS B 48 -12.00 -3.33 -18.67
C LYS B 48 5.51 -13.17 -8.36
C LYS B 48 -8.29 15.80 8.00
N GLN B 49 31.51 -2.78 6.85
N GLN B 49 -12.36 -3.98 -19.74
N GLN B 49 5.08 -14.30 -8.85
N GLN B 49 -9.42 16.44 8.23
CA GLN B 49 31.41 -3.61 5.62
CA GLN B 49 -13.44 -5.00 -19.68
CA GLN B 49 3.65 -14.68 -8.69
CA GLN B 49 -9.91 16.60 9.63
C GLN B 49 30.87 -4.95 6.12
C GLN B 49 -12.72 -6.28 -19.28
C GLN B 49 3.59 -15.35 -7.32
C GLN B 49 -10.69 15.30 9.89
N LEU B 50 29.85 -5.48 5.51
N LEU B 50 -13.21 -6.97 -18.28
N LEU B 50 2.67 -14.96 -6.48
N LEU B 50 -10.42 14.65 11.00
CA LEU B 50 29.19 -6.71 5.97
CA LEU B 50 -12.54 -8.17 -17.75
CA LEU B 50 2.59 -15.49 -5.10
CA LEU B 50 -11.04 13.34 11.31
C LEU B 50 30.00 -7.92 5.52
C LEU B 50 -12.82 -9.37 -18.63
C LEU B 50 1.93 -16.85 -5.11
C LEU B 50 -12.46 13.56 11.84
N GLU B 51 30.16 -8.91 6.40
N GLU B 51 -11.81 -10.20 -18.89
N GLU B 51 2.46 -17.79 -4.32
N GLU B 51 -13.39 12.73 11.40
CA GLU B 51 30.97 -10.10 6.06
CA GLU B 51 -11.99 -11.35 -19.79
CA GLU B 51 1.89 -19.16 -4.30
CA GLU B 51 -14.80 12.90 11.84
C GLU B 51 30.07 -11.25 5.69
C GLU B 51 -12.14 -12.61 -18.99
C GLU B 51 1.03 -19.34 -3.08
C GLU B 51 -15.14 11.90 12.91
N ASP B 52 30.40 -12.04 4.69
N ASP B 52 -13.01 -13.52 -19.34
N ASP B 52 -0.09 -20.01 -3.17
N ASP B 52 -15.88 12.26 13.92
CA ASP B 52 29.60 -13.13 4.17
CA ASP B 52 -13.34 -14.74 -18.63
CA ASP B 52 -1.07 -20.20 -2.11
CA ASP B 52 -16.22 11.45 15.08
C ASP B 52 28.98 -14.16 5.10
C ASP B 52 -12.23 -15.66 -18.12
C ASP B 52 -0.64 -20.65 -0.72
C ASP B 52 -16.73 10.02 14.90
N GLY B 53 29.71 -14.61 6.09
N GLY B 53 -11.21 -15.89 -18.92
N GLY B 53 0.26 -21.60 -0.64
N GLY B 53 -17.61 9.80 13.95
CA GLY B 53 29.29 -15.65 7.05
CA GLY B 53 -10.09 -16.79 -18.60
CA GLY B 53 0.75 -22.19 0.62
CA GLY B 53 -18.24 8.49 13.69
C GLY B 53 28.45 -15.18 8.19
C GLY B 53 -9.00 -16.21 -17.75
C GLY B 53 1.82 -21.43 1.33
C GLY B 53 -17.45 7.54 12.86
N ARG B 54 28.28 -13.88 8.38
N ARG B 54 -9.01 -14.91 -17.49
N ARG B 54 2.39 -20.40 0.73
N ARG B 54 -16.34 7.96 12.26
CA ARG B 54 27.41 -13.34 9.45
CA ARG B 54 -8.00 -14.29 -16.60
CA ARG B 54 3.40 -19.55 1.39
CA ARG B 54 -15.47 7.05 11.49
C ARG B 54 25.99 -13.28 8.89
C ARG B 54 -8.50 -14.42 -15.17
C ARG B 54 2.68 -18.48 2.18
C ARG B 54 -14.51 6.38 12.46
N THR B 55 25.03 -13.11 9.77
N THR B 55 -7.63 -14.19 -14.22
N THR B 55 3.38 -17.82 3.07
N THR B 55 -13.86 5.33 12.01
CA THR B 55 23.60 -12.96 9.42
CA THR B 55 -7.94 -14.21 -12.77
CA THR B 55 2.85 -16.71 3.88
CA THR B 55 -12.84 4.59 12.79
C THR B 55 23.25 -11.46 9.58
C THR B 55 -8.00 -12.73 -12.31
C THR B 55 3.43 -15.40 3.28
C THR B 55 -11.47 4.99 12.22
N LEU B 56 22.13 -11.07 9.02
N LEU B 56 -8.58 -12.53 -11.15
N LEU B 56 2.84 -14.29 3.66
N LEU B 56 -10.42 4.69 12.97
CA LEU B 56 21.63 -9.69 9.13
CA LEU B 56 -8.66 -11.19 -10.54
CA LEU B 56 3.30 -12.96 3.22
CA LEU B 56 -9.04 4.95 12.55
C LEU B 56 21.37 -9.40 10.60
C LEU B 56 -7.23 -10.69 -10.30
C LEU B 56 4.73 -12.76 3.73
C LEU B 56 -8.78 4.14 11.28
N SER B 57 20.91 -10.41 11.37
N SER B 57 -6.30 -11.60 -9.94
N SER B 57 5.04 -13.29 4.93
N SER B 57 -9.35 2.93 11.18
CA SER B 57 20.66 -10.12 12.81
CA SER B 57 -4.92 -11.11 -9.70
CA SER B 57 6.43 -13.09 5.43
CA SER B 57 -9.08 2.15 9.95
C SER B 57 21.93 -9.76 13.54
C SER B 57 -4.29 -10.54 -10.95
C SER B 57 7.44 -13.78 4.56
C SER B 57 -9.63 2.83 8.72
N ASP B 58 23.05 -10.30 13.11
N ASP B 58 -4.69 -11.05 -12.11
N ASP B 58 7.06 -14.87 3.92
N ASP B 58 -10.70 3.58 8.86
CA ASP B 58 24.35 -10.01 13.76
CA ASP B 58 -4.14 -10.56 -13.40
CA ASP B 58 7.98 -15.62 3.03
CA ASP B 58 -11.32 4.29 7.72
C ASP B 58 24.62 -8.51 13.82
C ASP B 58 -4.33 -9.05 -13.53
C ASP B 58 8.56 -14.71 1.95
C ASP B 58 -10.28 5.18 7.01
N TYR B 59 24.25 -7.85 12.75
N TYR B 59 -5.47 -8.59 -13.09
N TYR B 59 7.71 -13.85 1.45
N TYR B 59 -9.47 5.80 7.81
CA TYR B 59 24.40 -6.40 12.60
CA TYR B 59 -5.85 -7.19 -13.11
CA TYR B 59 8.06 -12.87 0.41
CA TYR B 59 -8.40 6.69 7.35
C TYR B 59 23.17 -5.63 13.05
C TYR B 59 -5.48 -6.46 -11.84
C TYR B 59 8.52 -11.55 0.98
C TYR B 59 -7.08 5.96 7.13
N ASN B 60 22.15 -6.23 13.62
N ASN B 60 -4.78 -7.04 -10.89
N ASN B 60 8.68 -11.37 2.28
N ASN B 60 -6.99 4.66 7.25
CA ASN B 60 20.98 -5.44 14.06
CA ASN B 60 -4.43 -6.28 -9.68
CA ASN B 60 9.14 -10.06 2.78
CA ASN B 60 -5.68 4.00 7.02
C ASN B 60 20.37 -4.68 12.89
C ASN B 60 -5.67 -5.76 -8.97
C ASN B 60 8.20 -8.95 2.37
C ASN B 60 -4.62 4.56 7.95
N ILE B 61 20.21 -5.34 11.76
N ILE B 61 -6.67 -6.60 -8.83
N ILE B 61 6.91 -9.17 2.51
N ILE B 61 -4.95 4.70 9.23
CA ILE B 61 19.53 -4.71 10.58
CA ILE B 61 -7.91 -6.22 -8.07
CA ILE B 61 5.90 -8.11 2.21
CA ILE B 61 -3.95 5.15 10.24
C ILE B 61 18.03 -5.00 10.75
C ILE B 61 -7.64 -6.59 -6.62
C ILE B 61 5.71 -7.33 3.51
C ILE B 61 -3.28 3.87 10.76
N GLN B 62 17.22 -3.99 10.92
N GLN B 62 -7.61 -5.64 -5.72
N GLN B 62 6.05 -6.08 3.54
N GLN B 62 -2.00 3.71 10.55
CA GLN B 62 15.76 -4.15 11.15
CA GLN B 62 -7.29 -5.87 -4.29
CA GLN B 62 5.97 -5.23 4.77
CA GLN B 62 -1.26 2.49 10.96
C GLN B 62 14.99 -3.83 9.86
C GLN B 62 -8.58 -5.82 -3.46
C GLN B 62 4.74 -4.32 4.69
C GLN B 62 -0.44 2.77 12.22
N LYS B 63 13.70 -4.13 9.82
N LYS B 63 -8.52 -6.22 -2.19
N LYS B 63 4.39 -3.66 5.79
N LYS B 63 0.13 1.74 12.84
CA LYS B 63 12.89 -3.94 8.64
CA LYS B 63 -9.69 -6.27 -1.33
CA LYS B 63 3.22 -2.82 5.86
CA LYS B 63 0.87 1.88 14.08
C LYS B 63 13.01 -2.49 8.18
C LYS B 63 -10.38 -4.92 -1.33
C LYS B 63 3.26 -1.79 4.72
C LYS B 63 1.97 2.93 13.89
N GLU B 64 13.02 -2.38 6.84
N GLU B 64 -11.71 -5.02 -1.30
N GLU B 64 2.05 -1.54 4.20
N GLU B 64 2.15 3.68 14.98
CA GLU B 64 13.11 -1.14 6.11
CA GLU B 64 -12.63 -3.91 -1.27
CA GLU B 64 1.78 -0.61 3.13
CA GLU B 64 3.13 4.74 15.10
C GLU B 64 14.40 -0.37 6.20
C GLU B 64 -12.72 -3.03 -2.49
C GLU B 64 2.33 -0.94 1.78
C GLU B 64 2.95 5.96 14.27
N SER B 65 15.44 -1.08 6.60
N SER B 65 -12.24 -3.58 -3.60
N SER B 65 2.66 -2.20 1.58
N SER B 65 1.73 6.13 13.80
CA SER B 65 16.81 -0.55 6.65
CA SER B 65 -12.33 -2.95 -4.91
CA SER B 65 3.11 -2.75 0.30
CA SER B 65 1.31 7.32 13.04
C SER B 65 17.30 -0.40 5.19
C SER B 65 -13.81 -3.00 -5.35
C SER B 65 1.89 -2.78 -0.64
C SER B 65 1.24 8.50 14.05
N THR B 66 18.30 0.42 4.99
N THR B 66 -14.19 -2.16 -6.28
N THR B 66 2.12 -2.84 -1.93
N THR B 66 1.30 9.71 13.55
CA THR B 66 18.92 0.59 3.67
CA THR B 66 -15.54 -2.14 -6.84
CA THR B 66 1.05 -2.96 -2.92
CA THR B 66 1.16 10.91 14.37
C THR B 66 20.39 0.19 3.76
C THR B 66 -15.44 -2.41 -8.34
C THR B 66 1.26 -4.26 -3.70
C THR B 66 -0.07 11.70 13.90
N LEU B 67 20.85 -0.73 2.89
N LEU B 67 -16.17 -3.40 -8.85
N LEU B 67 0.24 -5.11 -3.77
N LEU B 67 -0.99 12.03 14.80
CA LEU B 67 22.27 -1.07 2.86
CA LEU B 67 -16.21 -3.65 -10.30
CA LEU B 67 0.34 -6.32 -4.60
CA LEU B 67 -2.13 12.87 14.43
C LEU B 67 22.85 -0.33 1.63
C LEU B 67 -17.55 -3.07 -10.79
C LEU B 67 -0.48 -6.02 -5.88
C LEU B 67 -1.81 14.27 14.98
N HIS B 68 24.11 -0.06 1.64
N HIS B 68 -17.64 -2.69 -12.01
N HIS B 68 -0.16 -6.67 -6.95
N HIS B 68 -2.35 15.29 14.40
CA HIS B 68 24.71 0.60 0.46
CA HIS B 68 -18.94 -2.18 -12.52
CA HIS B 68 -0.95 -6.44 -8.19
CA HIS B 68 -2.10 16.65 14.94
C HIS B 68 25.52 -0.47 -0.25
C HIS B 68 -19.50 -3.30 -13.40
C HIS B 68 -1.83 -7.68 -8.35
C HIS B 68 -3.39 17.06 15.64
N LEU B 69 25.40 -0.54 -1.57
N LEU B 69 -20.79 -3.57 -13.26
N LEU B 69 -3.10 -7.48 -8.68
N LEU B 69 -3.26 17.64 16.83
CA LEU B 69 26.18 -1.47 -2.38
CA LEU B 69 -21.47 -4.57 -14.08
CA LEU B 69 -4.02 -8.57 -8.94
CA LEU B 69 -4.41 18.14 17.58
C LEU B 69 27.26 -0.77 -3.15
C LEU B 69 -22.38 -3.91 -15.08
C LEU B 69 -4.33 -8.70 -10.41
C LEU B 69 -4.45 19.64 17.57
N VAL B 70 28.50 -1.04 -2.89
N VAL B 70 -22.13 -4.04 -16.34
N VAL B 70 -3.96 -9.76 -11.05
N VAL B 70 -5.44 20.25 16.99
CA VAL B 70 29.60 -0.45 -3.71
CA VAL B 70 -23.07 -3.50 -17.38
CA VAL B 70 -4.34 -9.97 -12.47
CA VAL B 70 -5.59 21.72 17.04
C VAL B 70 30.12 -1.65 -4.53
C VAL B 70 -23.72 -4.77 -17.97
C VAL B 70 -5.40 -11.08 -12.40
C VAL B 70 -6.78 21.94 17.99
N LEU B 71 30.45 -1.42 -5.77
N LEU B 71 -25.00 -4.72 -18.24
N LEU B 71 -6.43 -10.98 -13.20
N LEU B 71 -6.70 22.92 18.85
CA LEU B 71 30.99 -2.51 -6.63
CA LEU B 71 -25.70 -5.88 -18.85
CA LEU B 71 -7.49 -12.03 -13.22
CA LEU B 71 -7.82 23.23 19.78
C LEU B 71 32.50 -2.44 -6.64
C LEU B 71 -25.78 -5.70 -20.34
C LEU B 71 -7.22 -13.00 -14.34
C LEU B 71 -8.69 24.31 19.20
N MET A 1 6.38 18.40 -20.67
CA MET A 1 5.74 19.56 -20.05
C MET A 1 6.28 19.67 -18.60
N GLN A 2 6.34 20.88 -18.14
CA GLN A 2 6.81 21.11 -16.74
C GLN A 2 5.61 21.10 -15.81
N ILE A 3 5.80 20.45 -14.66
CA ILE A 3 4.77 20.47 -13.61
C ILE A 3 5.53 20.83 -12.30
N PHE A 4 4.75 21.23 -11.33
CA PHE A 4 5.40 21.59 -10.01
C PHE A 4 4.91 20.64 -8.96
N VAL A 5 5.74 20.16 -8.03
CA VAL A 5 5.27 19.32 -6.95
C VAL A 5 5.58 20.10 -5.65
N LYS A 6 4.57 20.50 -4.95
CA LYS A 6 4.78 21.30 -3.70
C LYS A 6 4.77 20.35 -2.53
N THR A 7 5.82 20.41 -1.68
CA THR A 7 5.88 19.52 -0.51
C THR A 7 5.42 20.27 0.74
N LEU A 8 5.24 19.58 1.84
CA LEU A 8 4.74 20.24 3.07
C LEU A 8 5.81 21.08 3.74
N THR A 9 7.06 21.03 3.24
CA THR A 9 8.08 21.90 3.94
C THR A 9 8.35 23.16 3.18
N GLY A 10 7.52 23.50 2.24
CA GLY A 10 7.67 24.69 1.43
C GLY A 10 8.68 24.63 0.33
N LYS A 11 9.10 23.43 0.00
CA LYS A 11 10.01 23.21 -1.12
C LYS A 11 9.11 22.84 -2.31
N THR A 12 9.42 23.38 -3.48
CA THR A 12 8.62 22.98 -4.66
C THR A 12 9.61 22.35 -5.64
N ILE A 13 9.25 21.19 -6.17
CA ILE A 13 10.23 20.60 -7.13
C ILE A 13 9.65 20.67 -8.52
N THR A 14 10.47 20.94 -9.51
CA THR A 14 9.89 20.97 -10.89
C THR A 14 10.25 19.66 -11.57
N LEU A 15 9.33 19.09 -12.33
CA LEU A 15 9.58 17.83 -13.01
C LEU A 15 9.25 18.02 -14.49
N GLU A 16 9.89 17.22 -15.31
CA GLU A 16 9.51 17.26 -16.76
C GLU A 16 8.85 15.92 -17.00
N VAL A 17 7.60 16.03 -17.42
CA VAL A 17 6.77 14.86 -17.67
C VAL A 17 5.93 15.04 -18.95
N GLU A 18 5.32 13.93 -19.31
CA GLU A 18 4.37 13.84 -20.41
C GLU A 18 3.06 13.38 -19.82
N PRO A 19 1.95 13.87 -20.34
CA PRO A 19 0.61 13.47 -19.90
C PRO A 19 0.43 11.98 -19.97
N SER A 20 1.19 11.31 -20.81
CA SER A 20 1.03 9.85 -20.98
C SER A 20 1.72 9.11 -19.87
N ASP A 21 2.49 9.83 -19.05
CA ASP A 21 3.19 9.10 -17.96
C ASP A 21 2.21 8.63 -16.92
N THR A 22 2.51 7.52 -16.30
CA THR A 22 1.71 6.99 -15.21
C THR A 22 2.16 7.68 -13.91
N ILE A 23 1.25 7.61 -12.94
CA ILE A 23 1.52 8.13 -11.60
C ILE A 23 2.72 7.40 -10.98
N GLU A 24 2.80 6.12 -11.24
CA GLU A 24 3.98 5.32 -10.73
C GLU A 24 5.27 5.90 -11.23
N CYS A 25 5.30 6.34 -12.52
CA CYS A 25 6.50 6.91 -13.13
C CYS A 25 6.85 8.24 -12.50
N VAL A 26 5.82 9.05 -12.28
CA VAL A 26 6.04 10.34 -11.65
C VAL A 26 6.71 10.15 -10.29
N LYS A 27 6.18 9.20 -9.52
CA LYS A 27 6.74 8.92 -8.19
C LYS A 27 8.19 8.48 -8.29
N ALA A 28 8.54 7.70 -9.30
CA ALA A 28 9.92 7.29 -9.53
C ALA A 28 10.80 8.47 -9.89
N LYS A 29 10.31 9.43 -10.66
CA LYS A 29 11.09 10.64 -10.97
C LYS A 29 11.35 11.47 -9.69
N ILE A 30 10.35 11.49 -8.81
CA ILE A 30 10.50 12.25 -7.55
C ILE A 30 11.53 11.50 -6.70
N GLN A 31 11.49 10.19 -6.69
CA GLN A 31 12.50 9.45 -5.86
C GLN A 31 13.90 9.76 -6.40
N ASP A 32 14.01 9.63 -7.70
CA ASP A 32 15.30 9.91 -8.37
C ASP A 32 15.83 11.29 -8.03
N LYS A 33 14.94 12.30 -7.98
CA LYS A 33 15.50 13.66 -7.74
C LYS A 33 15.53 14.13 -6.33
N GLU A 34 14.74 13.67 -5.41
CA GLU A 34 14.73 14.09 -4.02
C GLU A 34 14.92 12.96 -3.04
N GLY A 35 14.94 11.73 -3.52
CA GLY A 35 15.18 10.58 -2.69
C GLY A 35 14.07 10.02 -1.89
N ILE A 36 12.84 10.55 -2.06
CA ILE A 36 11.72 10.01 -1.29
C ILE A 36 11.20 8.72 -1.91
N PRO A 37 11.15 7.65 -1.13
CA PRO A 37 10.64 6.34 -1.58
C PRO A 37 9.21 6.46 -2.09
N PRO A 38 8.88 5.84 -3.19
CA PRO A 38 7.51 5.95 -3.73
C PRO A 38 6.45 5.52 -2.76
N ASP A 39 6.74 4.57 -1.90
CA ASP A 39 5.72 4.05 -0.95
C ASP A 39 5.34 5.08 0.11
N GLN A 40 6.16 6.11 0.23
CA GLN A 40 5.83 7.18 1.22
C GLN A 40 5.08 8.36 0.58
N GLN A 41 5.02 8.40 -0.74
CA GLN A 41 4.40 9.48 -1.46
C GLN A 41 2.90 9.36 -1.66
N ARG A 42 2.21 10.46 -1.32
CA ARG A 42 0.75 10.57 -1.60
C ARG A 42 0.62 11.80 -2.48
N LEU A 43 0.18 11.67 -3.73
CA LEU A 43 0.09 12.84 -4.63
C LEU A 43 -1.35 13.30 -4.76
N ILE A 44 -1.57 14.59 -4.57
CA ILE A 44 -2.91 15.19 -4.61
C ILE A 44 -3.02 16.28 -5.66
N PHE A 45 -4.11 16.19 -6.46
CA PHE A 45 -4.39 17.20 -7.50
C PHE A 45 -5.92 17.33 -7.53
N ALA A 46 -6.32 18.58 -7.46
CA ALA A 46 -7.74 18.98 -7.52
C ALA A 46 -8.59 18.14 -6.58
N GLY A 47 -8.08 17.99 -5.40
CA GLY A 47 -8.62 17.24 -4.29
C GLY A 47 -8.80 15.76 -4.47
N CYS A 48 -8.13 15.15 -5.41
CA CYS A 48 -8.12 13.71 -5.63
C CYS A 48 -6.78 13.12 -5.25
N GLN A 49 -6.74 11.97 -4.70
CA GLN A 49 -5.43 11.30 -4.47
C GLN A 49 -5.16 10.55 -5.77
N LEU A 50 -3.98 10.72 -6.33
CA LEU A 50 -3.65 10.11 -7.64
C LEU A 50 -3.29 8.65 -7.46
N GLU A 51 -3.77 7.80 -8.37
CA GLU A 51 -3.53 6.34 -8.25
C GLU A 51 -2.42 5.92 -9.18
N ASP A 52 -1.53 5.06 -8.79
CA ASP A 52 -0.35 4.62 -9.54
C ASP A 52 -0.48 4.20 -10.99
N GLY A 53 -1.50 3.45 -11.32
CA GLY A 53 -1.74 2.91 -12.67
C GLY A 53 -2.40 3.82 -13.65
N ARG A 54 -2.89 4.98 -13.21
CA ARG A 54 -3.49 5.96 -14.13
C ARG A 54 -2.37 6.83 -14.68
N THR A 55 -2.66 7.57 -15.72
CA THR A 55 -1.72 8.53 -16.36
C THR A 55 -2.16 9.94 -15.93
N LEU A 56 -1.27 10.90 -16.12
CA LEU A 56 -1.55 12.31 -15.83
C LEU A 56 -2.72 12.75 -16.70
N SER A 57 -2.80 12.25 -17.95
CA SER A 57 -3.93 12.69 -18.80
C SER A 57 -5.26 12.26 -18.24
N ASP A 58 -5.29 11.15 -17.53
CA ASP A 58 -6.56 10.64 -16.93
C ASP A 58 -7.20 11.71 -16.05
N TYR A 59 -6.37 12.41 -15.33
CA TYR A 59 -6.76 13.49 -14.42
C TYR A 59 -6.79 14.84 -15.09
N ASN A 60 -6.55 14.98 -16.38
CA ASN A 60 -6.58 16.32 -16.99
C ASN A 60 -5.58 17.25 -16.32
N ILE A 61 -4.36 16.77 -16.10
CA ILE A 61 -3.28 17.62 -15.54
C ILE A 61 -2.59 18.28 -16.73
N GLN A 62 -2.64 19.57 -16.85
CA GLN A 62 -2.07 20.32 -18.00
C GLN A 62 -0.74 20.97 -17.58
N LYS A 63 0.04 21.51 -18.58
CA LYS A 63 1.33 22.10 -18.24
C LYS A 63 1.17 23.16 -17.17
N GLU A 64 2.22 23.18 -16.36
CA GLU A 64 2.37 24.09 -15.26
C GLU A 64 1.44 23.96 -14.10
N SER A 65 0.81 22.79 -14.03
CA SER A 65 -0.07 22.42 -12.91
C SER A 65 0.84 22.18 -11.68
N THR A 66 0.25 22.25 -10.50
CA THR A 66 0.96 21.97 -9.25
C THR A 66 0.29 20.77 -8.56
N LEU A 67 1.06 19.74 -8.22
CA LEU A 67 0.49 18.62 -7.46
C LEU A 67 0.98 18.81 -6.00
N HIS A 68 0.26 18.31 -5.06
CA HIS A 68 0.72 18.43 -3.66
C HIS A 68 1.24 17.05 -3.26
N LEU A 69 2.38 17.02 -2.60
CA LEU A 69 2.96 15.77 -2.10
C LEU A 69 2.83 15.67 -0.60
N VAL A 70 2.10 14.73 -0.09
CA VAL A 70 2.03 14.52 1.38
C VAL A 70 2.81 13.21 1.60
N LEU A 71 3.60 13.15 2.65
CA LEU A 71 4.36 11.93 2.95
C LEU A 71 3.61 11.09 3.95
N ARG A 72 3.54 9.80 3.73
N ARG A 72 3.49 9.80 3.72
N ARG A 72 3.59 9.77 3.72
N ARG A 72 3.59 9.78 3.80
CA ARG A 72 2.80 8.91 4.65
CA ARG A 72 2.73 8.95 4.66
CA ARG A 72 2.92 8.80 4.61
CA ARG A 72 2.92 8.92 4.80
C ARG A 72 3.63 8.90 5.94
C ARG A 72 2.92 7.52 4.15
C ARG A 72 1.70 9.53 5.17
C ARG A 72 3.68 7.60 4.78
N LEU A 73 4.89 8.63 5.91
N LEU A 73 1.89 6.78 3.87
N LEU A 73 1.31 9.33 6.39
N LEU A 73 3.16 6.54 5.31
CA LEU A 73 5.68 8.61 7.16
CA LEU A 73 2.10 5.39 3.38
CA LEU A 73 0.13 10.03 6.92
CA LEU A 73 3.92 5.26 5.29
C LEU A 73 7.16 8.74 6.85
C LEU A 73 0.90 4.95 2.55
C LEU A 73 0.12 9.97 8.45
C LEU A 73 5.25 5.44 6.00
N ARG A 74 7.82 9.54 7.67
N ARG A 74 -0.25 5.47 2.96
N ARG A 74 -0.81 9.16 8.93
N ARG A 74 5.14 5.71 7.30
CA ARG A 74 9.26 9.81 7.53
CA ARG A 74 -1.53 5.17 2.29
CA ARG A 74 -1.00 8.97 10.39
CA ARG A 74 6.30 5.92 8.16
C ARG A 74 10.02 8.50 7.66
C ARG A 74 -1.79 3.66 2.41
C ARG A 74 0.23 8.26 10.95
C ARG A 74 7.12 4.63 8.21
N GLY A 75 9.62 7.72 8.66
N GLY A 75 -3.08 3.32 2.33
N GLY A 75 0.88 7.51 10.07
N GLY A 75 6.39 3.52 8.31
CA GLY A 75 10.22 6.44 8.98
CA GLY A 75 -3.55 1.95 2.44
CA GLY A 75 2.07 6.73 10.41
CA GLY A 75 6.98 2.19 8.39
C GLY A 75 9.92 5.91 10.37
C GLY A 75 -5.01 1.75 2.12
C GLY A 75 1.80 5.32 10.91
C GLY A 75 7.00 1.58 9.78
N GLY A 76 10.57 4.80 10.66
N GLY A 76 -5.41 0.48 2.19
N GLY A 76 2.86 4.74 11.44
N GLY A 76 7.12 0.26 9.77
CA GLY A 76 10.48 4.09 11.94
CA GLY A 76 -6.78 0.02 1.95
CA GLY A 76 2.86 3.38 12.01
CA GLY A 76 7.18 -0.57 10.99
C GLY A 76 9.75 2.76 11.71
C GLY A 76 -6.93 -1.38 2.56
C GLY A 76 3.21 2.39 10.89
C GLY A 76 5.86 -1.33 11.13
N MET B 1 8.88 -8.02 7.34
N MET B 1 -12.45 -12.14 1.30
N MET B 1 -0.47 -3.97 10.07
N MET B 1 -2.47 -3.22 18.60
CA MET B 1 9.09 -6.56 7.39
CA MET B 1 -12.53 -10.67 1.34
CA MET B 1 0.13 -3.01 9.13
CA MET B 1 -1.27 -2.71 17.91
C MET B 1 9.67 -6.14 6.01
C MET B 1 -13.84 -10.28 0.63
C MET B 1 -0.83 -2.88 7.92
C MET B 1 -0.86 -1.40 18.64
N GLN B 2 9.33 -4.94 5.64
N GLN B 2 -14.39 -9.19 1.07
N GLN B 2 -0.80 -1.71 7.36
N GLN B 2 0.42 -1.16 18.60
CA GLN B 2 9.87 -4.41 4.34
CA GLN B 2 -15.65 -8.69 0.42
CA GLN B 2 -1.67 -1.48 6.15
CA GLN B 2 0.94 0.09 19.24
C GLN B 2 11.18 -3.69 4.61
C GLN B 2 -15.27 -7.73 -0.69
C GLN B 2 -0.87 -1.83 4.90
C GLN B 2 0.97 1.19 18.19
N ILE B 3 12.14 -3.92 3.72
N ILE B 3 -15.98 -7.85 -1.80
N ILE B 3 -1.53 -2.49 3.97
N ILE B 3 0.57 2.37 18.62
CA ILE B 3 13.41 -3.17 3.78
CA ILE B 3 -15.82 -6.90 -2.91
CA ILE B 3 -0.94 -2.75 2.65
CA ILE B 3 0.69 3.57 17.76
C ILE B 3 13.66 -2.65 2.33
C ILE B 3 -17.28 -6.47 -3.30
C ILE B 3 -2.00 -2.32 1.60
C ILE B 3 1.33 4.67 18.65
N PHE B 4 14.54 -1.69 2.26
N PHE B 4 -17.32 -5.38 -4.02
N PHE B 4 -1.52 -2.16 0.39
N PHE B 4 1.83 5.67 17.97
CA PHE B 4 14.86 -1.13 0.88
CA PHE B 4 -18.69 -4.89 -4.47
CA PHE B 4 -2.49 -1.74 -0.69
CA PHE B 4 2.49 6.79 18.74
C PHE B 4 16.30 -1.42 0.57
C PHE B 4 -18.75 -4.95 -5.96
C PHE B 4 -2.56 -2.85 -1.71
C PHE B 4 1.70 8.04 18.53
N VAL B 5 16.67 -1.80 -0.66
N VAL B 5 -19.86 -5.35 -6.58
N VAL B 5 -3.72 -3.19 -2.27
N VAL B 5 1.48 8.90 19.53
CA VAL B 5 18.06 -1.99 -1.02
CA VAL B 5 -19.98 -5.33 -8.02
CA VAL B 5 -3.80 -4.19 -3.32
CA VAL B 5 0.79 10.16 19.34
C VAL B 5 18.34 -0.95 -2.14
C VAL B 5 -21.16 -4.35 -8.33
C VAL B 5 -4.37 -3.44 -4.55
C VAL B 5 1.83 11.25 19.72
N LYS B 6 19.18 -0.03 -1.86
N LYS B 6 -20.86 -3.28 -8.95
N LYS B 6 -3.60 -3.32 -5.58
N LYS B 6 2.24 12.03 18.78
CA LYS B 6 19.49 1.04 -2.87
CA LYS B 6 -21.94 -2.25 -9.24
CA LYS B 6 -4.06 -2.56 -6.80
CA LYS B 6 3.28 13.09 19.07
C LYS B 6 20.72 0.64 -3.62
C LYS B 6 -22.44 -2.50 -10.64
C LYS B 6 -4.61 -3.57 -7.77
C LYS B 6 2.55 14.38 19.34
N THR B 7 20.65 0.63 -4.97
N THR B 7 -23.79 -2.64 -10.79
N THR B 7 -5.85 -3.34 -8.25
N THR B 7 2.86 15.03 20.48
CA THR B 7 21.82 0.24 -5.78
CA THR B 7 -24.36 -2.89 -12.11
CA THR B 7 -6.45 -4.27 -9.22
CA THR B 7 2.20 16.30 20.81
C THR B 7 22.53 1.50 -6.29
C THR B 7 -24.89 -1.57 -12.69
C THR B 7 -6.30 -3.71 -10.63
C THR B 7 3.12 17.46 20.45
N LEU B 8 23.70 1.35 -6.87
N LEU B 8 -25.28 -1.55 -13.95
N LEU B 8 -6.62 -4.50 -11.65
N LEU B 8 2.62 18.68 20.49
CA LEU B 8 24.47 2.52 -7.34
CA LEU B 8 -25.77 -0.31 -14.58
CA LEU B 8 -6.45 -4.04 -13.05
CA LEU B 8 3.45 19.85 20.12
C LEU B 8 23.88 3.13 -8.60
C LEU B 8 -27.15 0.08 -14.12
C LEU B 8 -7.50 -3.02 -13.46
C LEU B 8 4.50 20.19 21.14
N THR B 9 22.86 2.48 -9.19
N THR B 9 -27.81 -0.79 -13.32
N THR B 9 -8.49 -2.77 -12.59
N THR B 9 4.48 19.51 22.31
CA THR B 9 22.31 3.13 -10.44
CA THR B 9 -29.19 -0.36 -12.88
CA THR B 9 -9.51 -1.76 -13.04
CA THR B 9 5.54 19.89 23.31
C THR B 9 21.04 3.86 -10.16
C THR B 9 -29.19 0.15 -11.48
C THR B 9 -9.29 -0.42 -12.41
C THR B 9 6.67 18.90 23.31
N GLY B 10 20.72 4.11 -8.93
N GLY B 10 -28.05 0.45 -10.94
N GLY B 10 -8.15 -0.21 -11.82
N GLY B 10 6.75 18.07 22.33
CA GLY B 10 19.52 4.82 -8.53
CA GLY B 10 -27.91 0.96 -9.60
CA GLY B 10 -7.79 1.04 -11.18
CA GLY B 10 7.79 17.06 22.20
C GLY B 10 18.26 4.01 -8.55
C GLY B 10 -28.02 -0.04 -8.49
C GLY B 10 -8.39 1.26 -9.82
C GLY B 10 7.63 15.84 23.06
N LYS B 11 18.38 2.71 -8.60
N LYS B 11 -27.92 -1.29 -8.83
N LYS B 11 -8.88 0.21 -9.21
N LYS B 11 6.44 15.64 23.57
CA LYS B 11 17.24 1.81 -8.53
CA LYS B 11 -27.90 -2.37 -7.85
CA LYS B 11 -9.39 0.25 -7.85
CA LYS B 11 6.10 14.44 24.33
C LYS B 11 17.16 1.39 -7.04
C LYS B 11 -26.42 -2.68 -7.60
C LYS B 11 -8.23 -0.22 -6.96
C LYS B 11 5.44 13.48 23.31
N THR B 12 15.95 1.34 -6.51
N THR B 12 -26.07 -2.90 -6.34
N THR B 12 -8.03 0.45 -5.84
N THR B 12 5.79 12.22 23.39
CA THR B 12 15.82 0.85 -5.13
CA THR B 12 -24.66 -3.28 -6.08
CA THR B 12 -6.98 -0.04 -4.91
CA THR B 12 5.11 11.26 22.50
C THR B 12 14.93 -0.38 -5.19
C THR B 12 -24.72 -4.65 -5.41
C THR B 12 -7.70 -0.37 -3.60
C THR B 12 4.42 10.24 23.41
N ILE B 13 15.37 -1.46 -4.55
N ILE B 13 -23.91 -5.59 -5.90
N ILE B 13 -7.40 -1.55 -3.06
N ILE B 13 3.15 9.98 23.13
CA ILE B 13 14.46 -2.66 -4.61
CA ILE B 13 -23.97 -6.91 -5.22
CA ILE B 13 -8.09 -1.85 -1.78
CA ILE B 13 2.49 8.98 24.02
C ILE B 13 13.84 -2.88 -3.26
C ILE B 13 -22.70 -7.13 -4.44
C ILE B 13 -7.09 -1.83 -0.66
C ILE B 13 2.25 7.72 23.25
N THR B 14 12.60 -3.28 -3.21
N THR B 14 -22.80 -7.74 -3.28
N THR B 14 -7.47 -1.32 0.49
N THR B 14 2.42 6.57 23.88
CA THR B 14 12.01 -3.54 -1.86
CA THR B 14 -21.53 -7.98 -2.54
CA THR B 14 -6.48 -1.34 1.60
CA THR B 14 2.15 5.32 23.11
C THR B 14 12.00 -5.03 -1.64
C THR B 14 -21.15 -9.42 -2.72
C THR B 14 -6.82 -2.47 2.53
C THR B 14 0.79 4.81 23.52
N LEU B 15 12.31 -5.49 -0.44
N LEU B 15 -19.87 -9.72 -2.91
N LEU B 15 -5.83 -3.19 3.03
N LEU B 15 -0.01 4.32 22.59
CA LEU B 15 12.35 -6.91 -0.13
CA LEU B 15 -19.41 -11.08 -3.11
CA LEU B 15 -6.07 -4.32 3.91
CA LEU B 15 -1.34 3.81 22.88
C LEU B 15 11.47 -7.15 1.10
C LEU B 15 -18.30 -11.38 -2.10
C LEU B 15 -5.24 -4.11 5.19
C LEU B 15 -1.45 2.39 22.34
N GLU B 16 10.96 -8.36 1.19
N GLU B 16 -18.15 -12.63 -1.78
N GLU B 16 -5.71 -4.70 6.26
N GLU B 16 -2.32 1.62 22.94
CA GLU B 16 10.20 -8.69 2.44
CA GLU B 16 -16.99 -12.99 -0.89
CA GLU B 16 -4.87 -4.64 7.50
CA GLU B 16 -2.57 0.27 22.36
C GLU B 16 11.09 -9.72 3.12
C GLU B 16 -16.08 -13.78 -1.81
C GLU B 16 -4.43 -6.08 7.69
C GLU B 16 -3.99 0.35 21.85
N VAL B 17 11.47 -9.35 4.33
N VAL B 17 -14.88 -13.25 -1.93
N VAL B 17 -3.11 -6.21 7.70
N VAL B 17 -4.08 0.12 20.54
CA VAL B 17 12.36 -10.16 5.14
CA VAL B 17 -13.85 -13.83 -2.79
CA VAL B 17 -2.47 -7.52 7.82
CA VAL B 17 -5.34 0.20 19.83
C VAL B 17 11.92 -10.18 6.62
C VAL B 17 -12.47 -13.79 -2.12
C VAL B 17 -1.24 -7.45 8.75
C VAL B 17 -5.49 -0.94 18.81
N GLU B 18 12.59 -11.05 7.34
N GLU B 18 -11.58 -14.47 -2.79
N GLU B 18 -0.77 -8.64 9.03
N GLU B 18 -6.69 -1.00 18.30
CA GLU B 18 12.44 -11.19 8.78
CA GLU B 18 -10.16 -14.51 -2.43
CA GLU B 18 0.46 -8.86 9.80
CA GLU B 18 -7.07 -1.92 17.22
C GLU B 18 13.82 -10.94 9.37
C GLU B 18 -9.41 -13.97 -3.63
C GLU B 18 1.40 -9.63 8.89
C GLU B 18 -7.55 -1.04 16.06
N PRO B 19 13.86 -10.32 10.53
N PRO B 19 -8.32 -13.25 -3.39
N PRO B 19 2.69 -9.36 8.99
N PRO B 19 -7.27 -1.47 14.84
CA PRO B 19 15.11 -10.04 11.24
CA PRO B 19 -7.48 -12.71 -4.46
CA PRO B 19 3.70 -10.07 8.20
CA PRO B 19 -7.70 -0.76 13.64
C PRO B 19 15.91 -11.30 11.45
C PRO B 19 -7.01 -13.78 -5.40
C PRO B 19 3.62 -11.56 8.40
C PRO B 19 -9.19 -0.55 13.63
N SER B 20 15.25 -12.45 11.48
N SER B 20 -6.95 -15.02 -4.93
N SER B 20 3.08 -11.99 9.52
N SER B 20 -9.93 -1.39 14.33
CA SER B 20 15.96 -13.71 11.74
CA SER B 20 -6.45 -16.11 -5.78
CA SER B 20 3.02 -13.43 9.82
CA SER B 20 -11.40 -1.28 14.33
C SER B 20 16.65 -14.21 10.50
C SER B 20 -7.51 -16.58 -6.74
C SER B 20 1.86 -14.08 9.08
C SER B 20 -11.86 -0.19 15.27
N ASP B 21 16.39 -13.55 9.37
N ASP B 21 -8.74 -16.09 -6.57
N ASP B 21 1.02 -13.26 8.45
N ASP B 21 -10.94 0.37 16.04
CA ASP B 21 17.06 -14.05 8.12
CA ASP B 21 -9.80 -16.56 -7.49
CA ASP B 21 -0.13 -13.89 7.74
CA ASP B 21 -11.38 1.43 16.98
C ASP B 21 18.53 -13.75 8.17
C ASP B 21 -9.57 -16.00 -8.87
C ASP B 21 0.35 -14.61 6.52
C ASP B 21 -11.74 2.68 16.22
N THR B 22 19.32 -14.61 7.56
N THR B 22 -9.97 -16.75 -9.88
N THR B 22 -0.33 -15.69 6.17
N THR B 22 -12.70 3.42 16.74
CA THR B 22 20.75 -14.41 7.44
CA THR B 22 -9.89 -16.32 -11.26
CA THR B 22 -0.05 -16.44 4.97
CA THR B 22 -13.10 4.69 16.17
C THR B 22 21.00 -13.49 6.23
C THR B 22 -11.15 -15.48 -11.56
C THR B 22 -0.76 -15.75 3.79
C THR B 22 -12.14 5.77 16.70
N ILE B 23 22.20 -12.91 6.26
N ILE B 23 -11.02 -14.69 -12.62
N ILE B 23 -0.25 -16.08 2.59
N ILE B 23 -12.13 6.88 15.96
CA ILE B 23 22.66 -12.08 5.15
CA ILE B 23 -12.13 -13.88 -13.13
CA ILE B 23 -0.86 -15.60 1.36
CA ILE B 23 -11.35 8.05 16.36
C ILE B 23 22.75 -12.91 3.86
C ILE B 23 -13.29 -14.79 -13.55
C ILE B 23 -2.30 -16.10 1.24
C ILE B 23 -11.85 8.58 17.70
N GLU B 24 23.15 -14.15 4.00
N GLU B 24 -12.96 -15.93 -14.13
N GLU B 24 -2.53 -17.32 1.68
N GLU B 24 -13.14 8.53 17.92
CA GLU B 24 23.20 -15.06 2.81
CA GLU B 24 -14.02 -16.91 -14.52
CA GLU B 24 -3.93 -17.87 1.66
CA GLU B 24 -13.71 8.96 19.23
C GLU B 24 21.85 -15.18 2.16
C GLU B 24 -14.84 -17.33 -13.32
C GLU B 24 -4.86 -16.98 2.46
C GLU B 24 -13.11 8.17 20.37
N ASN B 25 20.81 -15.26 2.97
N ASN B 25 -14.18 -17.52 -12.19
N ASN B 25 -4.38 -16.50 3.60
N ASN B 25 -12.92 6.89 20.16
CA ASN B 25 19.41 -15.39 2.53
CA ASN B 25 -14.81 -17.93 -10.92
CA ASN B 25 -5.15 -15.63 4.50
CA ASN B 25 -12.36 5.96 21.14
C ASN B 25 18.95 -14.13 1.79
C ASN B 25 -15.75 -16.84 -10.39
C ASN B 25 -5.47 -14.28 3.85
C ASN B 25 -10.89 6.29 21.45
N VAL B 26 19.30 -13.00 2.37
N VAL B 26 -15.24 -15.62 -10.45
N VAL B 26 -4.46 -13.73 3.21
N VAL B 26 -10.17 6.55 20.38
CA VAL B 26 18.95 -11.72 1.77
CA VAL B 26 -16.04 -14.47 -10.01
CA VAL B 26 -4.61 -12.47 2.51
CA VAL B 26 -8.76 6.92 20.51
C VAL B 26 19.55 -11.65 0.37
C VAL B 26 -17.33 -14.41 -10.81
C VAL B 26 -5.71 -12.60 1.46
C VAL B 26 -8.65 8.17 21.38
N LYS B 27 20.82 -12.02 0.27
N LYS B 27 -17.20 -14.57 -12.13
N LYS B 27 -5.66 -13.68 0.70
N LYS B 27 -9.49 9.16 21.09
CA LYS B 27 21.52 -11.99 -1.03
CA LYS B 27 -18.38 -14.52 -13.00
CA LYS B 27 -6.66 -13.93 -0.35
CA LYS B 27 -9.47 10.41 21.87
C LYS B 27 20.84 -12.91 -2.03
C LYS B 27 -19.36 -15.63 -12.65
C LYS B 27 -8.05 -14.03 0.26
C LYS B 27 -9.78 10.15 23.33
N ALA B 28 20.36 -14.05 -1.59
N ALA B 28 -18.87 -16.80 -12.30
N ALA B 28 -8.18 -14.64 1.42
N ALA B 28 -10.69 9.23 23.62
CA ALA B 28 19.62 -14.98 -2.46
CA ALA B 28 -19.73 -17.91 -11.87
CA ALA B 28 -9.47 -14.74 2.12
CA ALA B 28 -11.01 8.86 25.00
C ALA B 28 18.30 -14.38 -2.91
C ALA B 28 -20.44 -17.59 -10.56
C ALA B 28 -9.95 -13.38 2.56
C ALA B 28 -9.83 8.18 25.67
N LYS B 29 17.60 -13.64 -2.05
N LYS B 29 -19.78 -16.92 -9.63
N LYS B 29 -9.07 -12.50 3.02
N LYS B 29 -9.07 7.36 24.96
CA LYS B 29 16.36 -12.96 -2.45
CA LYS B 29 -20.42 -16.51 -8.37
CA LYS B 29 -9.46 -11.12 3.40
CA LYS B 29 -7.86 6.73 25.54
C LYS B 29 16.64 -11.88 -3.51
C LYS B 29 -21.55 -15.49 -8.64
C LYS B 29 -9.97 -10.34 2.16
C LYS B 29 -6.80 7.79 25.87
N ILE B 30 17.78 -11.21 -3.36
N ILE B 30 -21.30 -14.61 -9.61
N ILE B 30 -9.33 -10.60 1.02
N ILE B 30 -6.71 8.81 25.00
CA ILE B 30 18.13 -10.15 -4.33
CA ILE B 30 -22.32 -13.61 -9.96
CA ILE B 30 -9.75 -9.90 -0.21
CA ILE B 30 -5.73 9.88 25.24
C ILE B 30 18.48 -10.87 -5.65
C ILE B 30 -23.49 -14.35 -10.62
C ILE B 30 -11.11 -10.47 -0.60
C ILE B 30 -6.22 10.68 26.46
N GLN B 31 19.15 -11.99 -5.59
N GLN B 31 -23.21 -15.32 -11.45
N GLN B 31 -11.32 -11.76 -0.45
N GLN B 31 -7.50 10.91 26.59
CA GLN B 31 19.47 -12.68 -6.88
CA GLN B 31 -24.35 -16.06 -12.08
CA GLN B 31 -12.66 -12.31 -0.82
CA GLN B 31 -7.98 11.67 27.78
C GLN B 31 18.17 -13.09 -7.58
C GLN B 31 -25.19 -16.74 -11.00
C GLN B 31 -13.73 -11.67 0.08
C GLN B 31 -7.64 10.87 29.05
N ASP B 32 17.32 -13.70 -6.79
N ASP B 32 -24.46 -17.42 -10.14
N ASP B 32 -13.43 -11.69 1.35
N ASP B 32 -7.99 9.61 29.00
CA ASP B 32 16.00 -14.14 -7.30
CA ASP B 32 -25.11 -18.13 -9.00
CA ASP B 32 -14.35 -11.09 2.36
CA ASP B 32 -7.71 8.70 30.13
C ASP B 32 15.25 -13.00 -7.95
C ASP B 32 -25.99 -17.20 -8.20
C ASP B 32 -14.70 -9.65 2.00
C ASP B 32 -6.25 8.72 30.53
N LYS B 33 15.29 -11.80 -7.35
N LYS B 33 -25.53 -15.97 -7.95
N LYS B 33 -13.71 -8.86 1.56
N LYS B 33 -5.34 8.75 29.54
CA LYS B 33 14.46 -10.72 -7.95
CA LYS B 33 -26.37 -15.11 -7.06
CA LYS B 33 -14.06 -7.44 1.32
CA LYS B 33 -3.91 8.67 29.95
C LYS B 33 15.13 -9.83 -8.94
C LYS B 33 -27.33 -14.20 -7.73
C LYS B 33 -14.46 -7.06 -0.05
C LYS B 33 -3.19 9.97 30.14
N GLU B 34 16.41 -9.62 -8.95
N GLU B 34 -27.18 -13.77 -8.95
N GLU B 34 -14.11 -7.74 -1.11
N GLU B 34 -3.55 11.06 29.54
CA GLU B 34 17.12 -8.77 -9.88
CA GLU B 34 -28.08 -12.89 -9.66
CA GLU B 34 -14.49 -7.42 -2.47
CA GLU B 34 -2.89 12.35 29.68
C GLU B 34 18.21 -9.47 -10.66
C GLU B 34 -28.60 -13.44 -10.95
C GLU B 34 -15.20 -8.54 -3.19
C GLU B 34 -3.80 13.46 30.13
N GLY B 35 18.49 -10.71 -10.32
N GLY B 35 -28.09 -14.59 -11.38
N GLY B 35 -15.28 -9.71 -2.57
N GLY B 35 -5.10 13.19 30.23
CA GLY B 35 19.47 -11.51 -11.02
CA GLY B 35 -28.55 -15.26 -12.56
CA GLY B 35 -15.98 -10.83 -3.13
CA GLY B 35 -6.05 14.14 30.73
C GLY B 35 20.90 -11.34 -10.71
C GLY B 35 -28.06 -14.81 -13.88
C GLY B 35 -15.32 -11.67 -4.15
C GLY B 35 -6.56 15.19 29.81
N ILE B 36 21.22 -10.51 -9.71
N ILE B 36 -27.11 -13.86 -13.91
N ILE B 36 -14.04 -11.40 -4.43
N ILE B 36 -6.19 15.13 28.52
CA ILE B 36 22.65 -10.32 -9.37
CA ILE B 36 -26.59 -13.40 -15.20
CA ILE B 36 -13.35 -12.23 -5.44
CA ILE B 36 -6.69 16.15 27.59
C ILE B 36 23.17 -11.48 -8.54
C ILE B 36 -25.57 -14.37 -15.77
C ILE B 36 -12.90 -13.55 -4.85
C ILE B 36 -8.11 15.84 27.15
N PRO B 37 24.24 -12.12 -9.00
N PRO B 37 -25.80 -14.85 -16.98
N PRO B 37 -13.31 -14.65 -5.46
N PRO B 37 -9.02 16.79 27.35
CA PRO B 37 24.89 -13.24 -8.29
CA PRO B 37 -24.88 -15.77 -17.67
CA PRO B 37 -12.92 -16.01 -5.04
CA PRO B 37 -10.43 16.64 26.94
C PRO B 37 25.30 -12.82 -6.89
C PRO B 37 -23.50 -15.17 -17.78
C PRO B 37 -11.42 -16.16 -5.01
C PRO B 37 -10.54 16.36 25.45
N PRO B 38 25.08 -13.64 -5.89
N PRO B 38 -22.45 -15.93 -17.54
N PRO B 38 -10.86 -16.78 -3.99
N PRO B 38 -11.38 15.44 25.04
CA PRO B 38 25.45 -13.27 -4.52
CA PRO B 38 -21.09 -15.38 -17.62
CA PRO B 38 -9.40 -16.93 -3.92
CA PRO B 38 -11.51 15.11 23.62
C PRO B 38 26.92 -12.94 -4.37
C PRO B 38 -20.77 -14.79 -18.96
C PRO B 38 -8.82 -17.65 -5.11
C PRO B 38 -11.85 16.30 22.76
N ASP B 39 27.77 -13.57 -5.13
N ASP B 39 -21.32 -15.31 -20.02
N ASP B 39 -9.54 -18.57 -5.70
N ASP B 39 -12.61 17.24 23.28
CA ASP B 39 29.24 -13.33 -5.01
CA ASP B 39 -21.00 -14.81 -21.39
CA ASP B 39 -9.01 -19.35 -6.85
CA ASP B 39 -13.03 18.42 22.48
C ASP B 39 29.65 -11.93 -5.44
C ASP B 39 -21.54 -13.41 -21.62
C ASP B 39 -8.81 -18.49 -8.09
C ASP B 39 -11.87 19.33 22.14
N GLN B 40 28.75 -11.25 -6.16
N GLN B 40 -22.44 -12.96 -20.77
N GLN B 40 -9.42 -17.31 -8.09
N GLN B 40 -10.77 19.16 22.82
CA GLN B 40 29.06 -9.87 -6.61
CA GLN B 40 -22.98 -11.60 -20.92
CA GLN B 40 -9.24 -16.41 -9.26
CA GLN B 40 -9.58 20.00 22.51
C GLN B 40 28.48 -8.81 -5.65
C GLN B 40 -22.24 -10.57 -20.03
C GLN B 40 -8.13 -15.38 -9.04
C GLN B 40 -8.60 19.30 21.54
N GLN B 41 27.64 -9.21 -4.72
N GLN B 41 -21.41 -11.05 -19.12
N GLN B 41 -7.62 -15.27 -7.83
N GLN B 41 -8.81 18.02 21.29
CA GLN B 41 26.99 -8.32 -3.80
CA GLN B 41 -20.70 -10.20 -18.19
CA GLN B 41 -6.61 -14.30 -7.47
CA GLN B 41 -7.94 17.24 20.45
C GLN B 41 27.78 -7.98 -2.55
C GLN B 41 -19.40 -9.61 -18.71
C GLN B 41 -5.18 -14.74 -7.75
C GLN B 41 -8.23 17.31 18.96
N ARG B 42 27.85 -6.67 -2.30
N ARG B 42 -19.29 -8.30 -18.53
N ARG B 42 -4.45 -13.84 -8.42
N ARG B 42 -7.17 17.58 18.20
CA ARG B 42 28.45 -6.16 -1.02
CA ARG B 42 -18.00 -7.59 -18.82
CA ARG B 42 -2.99 -14.02 -8.62
CA ARG B 42 -7.24 17.51 16.71
C ARG B 42 27.35 -5.36 -0.38
C ARG B 42 -17.61 -6.94 -17.51
C ARG B 42 -2.35 -12.80 -7.99
C ARG B 42 -6.20 16.48 16.31
N LEU B 43 26.85 -5.76 0.80
N LEU B 43 -16.50 -7.32 -16.89
N LEU B 43 -1.56 -12.93 -6.93
N LEU B 43 -6.60 15.36 15.71
CA LEU B 43 25.72 -5.03 1.44
CA LEU B 43 -16.11 -6.74 -15.58
CA LEU B 43 -0.96 -11.75 -6.26
CA LEU B 43 -5.62 14.30 15.35
C LEU B 43 26.25 -4.18 2.59
C LEU B 43 -14.99 -5.73 -15.77
C LEU B 43 0.51 -11.62 -6.65
C LEU B 43 -5.34 14.34 13.86
N ILE B 44 25.86 -2.90 2.60
N ILE B 44 -15.19 -4.55 -15.18
N ILE B 44 0.89 -10.41 -7.07
N ILE B 44 -4.06 14.34 13.52
CA ILE B 44 26.31 -1.94 3.60
CA ILE B 44 -14.24 -3.43 -15.30
CA ILE B 44 2.24 -10.12 -7.53
CA ILE B 44 -3.61 14.42 12.13
C ILE B 44 25.15 -1.32 4.35
C ILE B 44 -13.74 -2.96 -13.94
C ILE B 44 2.89 -9.02 -6.71
C ILE B 44 -2.73 13.24 11.73
N PHE B 45 25.29 -1.31 5.70
N PHE B 45 -12.39 -2.82 -13.86
N PHE B 45 4.15 -9.29 -6.28
N PHE B 45 -3.08 12.64 10.57
CA PHE B 45 24.28 -0.70 6.59
CA PHE B 45 -11.74 -2.32 -12.63
CA PHE B 45 4.94 -8.30 -5.52
CA PHE B 45 -2.30 11.52 10.01
C PHE B 45 25.07 -0.07 7.74
C PHE B 45 -10.56 -1.47 -13.12
C PHE B 45 6.40 -8.51 -5.99
C PHE B 45 -2.32 11.71 8.49
N ALA B 46 24.74 1.17 7.95
N ALA B 46 -10.54 -0.29 -12.55
N ALA B 46 6.96 -7.38 -6.33
N ALA B 46 -1.13 11.65 7.96
CA ALA B 46 25.30 2.00 9.04
CA ALA B 46 -9.47 0.71 -12.79
CA ALA B 46 8.37 -7.29 -6.77
CA ALA B 46 -0.88 11.74 6.51
C ALA B 46 26.82 1.88 9.07
C ALA B 46 -9.22 0.87 -14.29
C ALA B 46 8.69 -8.35 -7.80
C ALA B 46 -1.62 12.92 5.91
N GLY B 47 27.38 1.99 7.91
N GLY B 47 -10.29 0.97 -15.01
N GLY B 47 7.80 -8.47 -8.74
N GLY B 47 -1.51 14.03 6.59
CA GLY B 47 28.78 1.92 7.59
CA GLY B 47 -10.40 1.13 -16.43
CA GLY B 47 7.80 -9.38 -9.85
CA GLY B 47 -2.08 15.31 6.32
C GLY B 47 29.50 0.63 7.87
C GLY B 47 -9.85 0.01 -17.28
C GLY B 47 7.76 -10.85 -9.55
C GLY B 47 -3.59 15.41 6.28
N LYS B 48 28.79 -0.46 7.99
N LYS B 48 -9.72 -1.17 -16.75
N LYS B 48 7.31 -11.23 -8.38
N LYS B 48 -4.28 14.49 6.91
CA LYS B 48 29.39 -1.77 8.23
CA LYS B 48 -9.26 -2.34 -17.51
CA LYS B 48 7.18 -12.63 -8.00
CA LYS B 48 -5.74 14.52 6.99
C LYS B 48 29.09 -2.64 6.99
C LYS B 48 -10.42 -3.34 -17.57
C LYS B 48 5.68 -12.93 -7.81
C LYS B 48 -6.12 14.71 8.46
N GLN B 49 30.03 -3.47 6.59
N GLN B 49 -10.58 -4.02 -18.68
N GLN B 49 5.24 -14.09 -8.20
N GLN B 49 -7.15 15.46 8.74
CA GLN B 49 29.75 -4.41 5.47
CA GLN B 49 -11.62 -5.09 -18.74
CA GLN B 49 3.81 -14.46 -7.93
CA GLN B 49 -7.64 15.59 10.14
C GLN B 49 29.10 -5.61 6.16
C GLN B 49 -10.91 -6.32 -18.19
C GLN B 49 3.86 -15.05 -6.51
C GLN B 49 -8.57 14.40 10.32
N LEU B 50 27.99 -6.08 5.65
N LEU B 50 -11.51 -7.03 -17.26
N LEU B 50 2.98 -14.60 -5.64
N LEU B 50 -8.41 13.64 11.37
CA LEU B 50 27.24 -7.17 6.30
CA LEU B 50 -10.87 -8.17 -16.60
CA LEU B 50 2.99 -15.03 -4.23
CA LEU B 50 -9.19 12.41 11.59
C LEU B 50 27.88 -8.51 5.95
C LEU B 50 -10.96 -9.40 -17.50
C LEU B 50 2.34 -16.40 -4.10
C LEU B 50 -10.56 12.77 12.13
N GLU B 51 27.97 -9.40 6.93
N GLU B 51 -9.89 -10.18 -17.57
N GLU B 51 2.92 -17.28 -3.28
N GLU B 51 -11.61 12.10 11.64
CA GLU B 51 28.63 -10.71 6.70
CA GLU B 51 -9.89 -11.37 -18.46
CA GLU B 51 2.38 -18.64 -3.13
CA GLU B 51 -12.98 12.42 12.09
C GLU B 51 27.59 -11.79 6.51
C GLU B 51 -10.10 -12.62 -17.65
C GLU B 51 1.59 -18.75 -1.85
C GLU B 51 -13.45 11.40 13.09
N ASP B 52 27.76 -12.71 5.60
N ASP B 52 -10.87 -13.57 -18.11
N ASP B 52 0.47 -19.43 -1.84
N ASP B 52 -14.14 11.78 14.13
CA ASP B 52 26.82 -13.75 5.24
CA ASP B 52 -11.24 -14.79 -17.41
CA ASP B 52 -0.44 -19.55 -0.71
CA ASP B 52 -14.60 10.93 15.23
C ASP B 52 26.15 -14.59 6.32
C ASP B 52 -10.18 -15.64 -16.72
C ASP B 52 0.07 -19.90 0.67
C ASP B 52 -15.29 9.60 14.96
N GLY B 53 26.89 -15.02 7.31
N GLY B 53 -9.05 -15.84 -17.35
N GLY B 53 1.00 -20.84 0.76
N GLY B 53 -16.18 9.58 13.99
CA GLY B 53 26.41 -15.88 8.40
CA GLY B 53 -7.95 -16.68 -16.84
CA GLY B 53 1.56 -21.33 2.04
CA GLY B 53 -16.98 8.38 13.63
C GLY B 53 25.69 -15.20 9.53
C GLY B 53 -7.03 -16.04 -15.86
C GLY B 53 2.65 -20.52 2.63
C GLY B 53 -16.31 7.39 12.74
N ARG B 54 25.69 -13.87 9.58
N ARG B 54 -7.13 -14.73 -15.63
N ARG B 54 3.19 -19.53 1.92
N ARG B 54 -15.15 7.70 12.17
CA ARG B 54 24.95 -13.12 10.61
CA ARG B 54 -6.31 -14.04 -14.62
CA ARG B 54 4.23 -18.63 2.46
CA ARG B 54 -14.40 6.76 11.34
C ARG B 54 23.52 -12.95 10.13
C ARG B 54 -7.01 -14.17 -13.28
C ARG B 54 3.54 -17.51 3.23
C ARG B 54 -13.55 5.89 12.25
N THR B 55 22.64 -12.57 11.03
N THR B 55 -6.30 -13.88 -12.22
N THR B 55 4.28 -16.78 4.01
N THR B 55 -13.04 4.80 11.72
CA THR B 55 21.21 -12.30 10.73
CA THR B 55 -6.83 -13.89 -10.84
CA THR B 55 3.79 -15.62 4.78
CA THR B 55 -12.14 3.88 12.45
C THR B 55 21.04 -10.76 10.73
C THR B 55 -7.02 -12.40 -10.42
C THR B 55 4.32 -14.36 4.05
C THR B 55 -10.71 4.14 11.90
N LEU B 56 19.94 -10.30 10.18
N LEU B 56 -7.78 -12.20 -9.37
N LEU B 56 3.74 -13.22 4.40
N LEU B 56 -9.73 3.64 12.64
CA LEU B 56 19.60 -8.87 10.16
CA LEU B 56 -8.01 -10.86 -8.81
CA LEU B 56 4.16 -11.93 3.84
CA LEU B 56 -8.32 3.75 12.22
C LEU B 56 19.48 -8.38 11.60
C LEU B 56 -6.66 -10.28 -8.38
C LEU B 56 5.61 -11.68 4.24
C LEU B 56 -8.15 3.02 10.90
N SER B 57 18.96 -9.24 12.50
N SER B 57 -5.76 -11.14 -7.85
N SER B 57 6.00 -12.12 5.46
N SER B 57 -8.87 1.89 10.72
CA SER B 57 18.83 -8.77 13.90
CA SER B 57 -4.46 -10.57 -7.42
CA SER B 57 7.41 -11.87 5.86
CA SER B 57 -8.70 1.17 9.43
C SER B 57 20.16 -8.49 14.53
C SER B 57 -3.67 -10.01 -8.58
C SER B 57 8.38 -12.62 4.98
C SER B 57 -9.15 2.00 8.24
N ASP B 58 21.19 -9.20 14.10
N ASP B 58 -3.85 -10.56 -9.77
N ASP B 58 7.97 -13.75 4.45
N ASP B 58 -10.12 2.87 8.46
CA ASP B 58 22.56 -9.00 14.65
CA ASP B 58 -3.14 -10.08 -10.98
CA ASP B 58 8.84 -14.56 3.55
CA ASP B 58 -10.63 3.74 7.37
C ASP B 58 22.98 -7.53 14.51
C ASP B 58 -3.38 -8.58 -11.18
C ASP B 58 9.35 -13.72 2.38
C ASP B 58 -9.48 4.54 6.73
N TYR B 59 22.64 -6.95 13.40
N TYR B 59 -4.59 -8.17 -10.93
N TYR B 59 8.47 -12.90 1.88
N TYR B 59 -8.59 4.98 7.56
CA TYR B 59 22.93 -5.56 13.07
CA TYR B 59 -5.03 -6.78 -11.04
CA TYR B 59 8.73 -12.00 0.75
CA TYR B 59 -7.42 5.76 7.16
C TYR B 59 21.83 -4.61 13.49
C TYR B 59 -4.88 -6.00 -9.75
C TYR B 59 9.22 -10.64 1.20
C TYR B 59 -6.21 4.89 6.89
N ASN B 60 20.79 -5.02 14.18
N ASN B 60 -4.31 -6.54 -8.69
N ASN B 60 9.46 -10.37 2.47
N ASN B 60 -6.28 3.58 6.92
CA ASN B 60 19.74 -4.05 14.58
CA ASN B 60 -4.18 -5.74 -7.45
CA ASN B 60 9.93 -9.03 2.86
CA ASN B 60 -5.08 2.77 6.64
C ASN B 60 19.14 -3.36 13.36
C ASN B 60 -5.54 -5.26 -6.96
C ASN B 60 8.95 -7.95 2.42
C ASN B 60 -3.95 3.11 7.61
N ILE B 61 18.84 -4.12 12.32
N ILE B 61 -6.52 -6.14 -6.95
N ILE B 61 7.67 -8.17 2.65
N ILE B 61 -4.27 3.21 8.88
CA ILE B 61 18.16 -3.55 11.13
CA ILE B 61 -7.87 -5.81 -6.39
CA ILE B 61 6.63 -7.14 2.34
CA ILE B 61 -3.23 3.44 9.93
C ILE B 61 16.66 -3.64 11.39
C ILE B 61 -7.81 -6.13 -4.91
C ILE B 61 6.52 -6.28 3.59
C ILE B 61 -2.73 2.06 10.36
N GLN B 62 15.98 -2.53 11.48
N GLN B 62 -7.96 -5.17 -4.05
N GLN B 62 6.83 -5.01 3.52
N GLN B 62 -1.49 1.74 10.13
CA GLN B 62 14.52 -2.48 11.81
CA GLN B 62 -7.85 -5.35 -2.57
CA GLN B 62 6.82 -4.09 4.69
CA GLN B 62 -0.91 0.41 10.44
C GLN B 62 13.72 -2.23 10.53
C GLN B 62 -9.25 -5.35 -1.96
C GLN B 62 5.58 -3.20 4.62
C GLN B 62 -0.07 0.49 11.72
N LYS B 63 12.40 -2.37 10.59
N LYS B 63 -9.37 -5.71 -0.68
N LYS B 63 5.29 -2.46 5.69
N LYS B 63 0.34 -0.64 12.26
CA LYS B 63 11.54 -2.22 9.43
CA LYS B 63 -10.65 -5.81 -0.02
CA LYS B 63 4.10 -1.63 5.77
CA LYS B 63 1.09 -0.68 13.51
C LYS B 63 11.80 -0.86 8.79
C LYS B 63 -11.39 -4.48 -0.15
C LYS B 63 4.08 -0.68 4.57
C LYS B 63 2.31 0.21 13.39
N GLU B 64 11.73 -0.90 7.46
N GLU B 64 -12.71 -4.65 -0.31
N GLU B 64 2.84 -0.48 4.10
N GLU B 64 2.60 0.85 14.53
CA GLU B 64 11.91 0.23 6.58
CA GLU B 64 -13.67 -3.59 -0.46
CA GLU B 64 2.50 0.37 2.99
CA GLU B 64 3.70 1.75 14.73
C GLU B 64 13.28 0.85 6.51
C GLU B 64 -13.60 -2.74 -1.70
C GLU B 64 2.97 -0.04 1.63
C GLU B 64 3.69 3.05 13.98
N SER B 65 14.26 0.08 6.95
N SER B 65 -12.95 -3.29 -2.71
N SER B 65 3.30 -1.32 1.51
N SER B 65 2.50 3.42 13.53
CA SER B 65 15.68 0.45 6.86
CA SER B 65 -12.86 -2.69 -4.04
CA SER B 65 3.68 -1.94 0.23
CA SER B 65 2.25 4.70 12.86
C SER B 65 16.10 0.37 5.38
C SER B 65 -14.25 -2.82 -4.69
C SER B 65 2.39 -2.05 -0.62
C SER B 65 2.33 5.80 13.95
N THR B 66 17.16 1.03 5.02
N THR B 66 -14.52 -2.01 -5.69
N THR B 66 2.55 -2.19 -1.91
N THR B 66 2.55 7.03 13.54
CA THR B 66 17.72 0.99 3.66
CA THR B 66 -15.77 -2.08 -6.45
CA THR B 66 1.43 -2.39 -2.83
CA THR B 66 2.56 8.18 14.45
C THR B 66 19.14 0.42 3.73
C THR B 66 -15.43 -2.36 -7.91
C THR B 66 1.62 -3.74 -3.53
C THR B 66 1.46 9.15 14.03
N LEU B 67 19.43 -0.63 2.95
N LEU B 67 -16.04 -3.40 -8.50
N LEU B 67 0.60 -4.61 -3.48
N LEU B 67 0.58 9.53 14.96
CA LEU B 67 20.81 -1.14 2.89
CA LEU B 67 -15.84 -3.68 -9.92
CA LEU B 67 0.67 -5.87 -4.23
CA LEU B 67 -0.43 10.54 14.64
C LEU B 67 21.39 -0.62 1.56
C LEU B 67 -17.12 -3.18 -10.63
C LEU B 67 -0.23 -5.66 -5.48
C LEU B 67 0.06 11.85 15.30
N HIS B 68 22.66 -0.49 1.47
N HIS B 68 -17.04 -2.83 -11.87
N HIS B 68 0.03 -6.37 -6.51
N HIS B 68 -0.35 12.96 14.80
CA HIS B 68 23.25 -0.04 0.19
CA HIS B 68 -18.26 -2.40 -12.58
CA HIS B 68 -0.84 -6.25 -7.71
CA HIS B 68 0.08 14.24 15.43
C HIS B 68 23.90 -1.28 -0.43
C HIS B 68 -18.63 -3.55 -13.50
C HIS B 68 -1.70 -7.50 -7.74
C HIS B 68 -1.15 14.77 16.17
N LEU B 69 23.69 -1.47 -1.72
N LEU B 69 -19.91 -3.88 -13.55
N LEU B 69 -2.99 -7.33 -8.01
N LEU B 69 -0.95 15.23 17.39
CA LEU B 69 24.31 -2.58 -2.45
CA LEU B 69 -20.42 -4.92 -14.44
CA LEU B 69 -3.91 -8.45 -8.14
CA LEU B 69 -2.03 15.83 18.17
C LEU B 69 25.40 -2.10 -3.35
C LEU B 69 -21.19 -4.34 -15.58
C LEU B 69 -4.30 -8.68 -9.57
C LEU B 69 -1.88 17.32 18.27
N VAL B 70 26.62 -2.48 -3.12
N VAL B 70 -20.75 -4.48 -16.79
N VAL B 70 -3.96 -9.78 -10.16
N VAL B 70 -2.78 18.09 17.74
CA VAL B 70 27.73 -2.12 -4.05
CA VAL B 70 -21.54 -4.01 -17.96
CA VAL B 70 -4.42 -10.10 -11.54
CA VAL B 70 -2.73 19.57 17.90
C VAL B 70 28.07 -3.45 -4.76
C VAL B 70 -22.02 -5.31 -18.62
C VAL B 70 -5.46 -11.21 -11.34
C VAL B 70 -3.89 19.87 18.86
N LEU B 71 28.33 -3.40 -6.04
N LEU B 71 -23.26 -5.33 -19.09
N LEU B 71 -6.54 -11.16 -12.08
N LEU B 71 -3.68 20.77 19.79
CA LEU B 71 28.70 -4.63 -6.78
CA LEU B 71 -23.79 -6.53 -19.76
CA LEU B 71 -7.59 -12.22 -11.96
CA LEU B 71 -4.76 21.14 20.74
C LEU B 71 30.20 -4.75 -6.87
C LEU B 71 -23.66 -6.39 -21.25
C LEU B 71 -7.37 -13.25 -13.03
C LEU B 71 -5.47 22.38 20.24
N MET A 1 6.38 18.40 -20.67
CA MET A 1 5.74 19.56 -20.05
C MET A 1 6.28 19.67 -18.60
N GLN A 2 6.34 20.88 -18.14
CA GLN A 2 6.81 21.11 -16.74
C GLN A 2 5.61 21.10 -15.81
N ILE A 3 5.80 20.45 -14.66
CA ILE A 3 4.77 20.47 -13.61
C ILE A 3 5.53 20.83 -12.30
N PHE A 4 4.75 21.23 -11.33
CA PHE A 4 5.40 21.59 -10.01
C PHE A 4 4.91 20.64 -8.96
N VAL A 5 5.74 20.16 -8.03
CA VAL A 5 5.27 19.32 -6.95
C VAL A 5 5.58 20.10 -5.65
N LYS A 6 4.57 20.50 -4.95
CA LYS A 6 4.78 21.30 -3.70
C LYS A 6 4.77 20.35 -2.53
N THR A 7 5.82 20.41 -1.68
CA THR A 7 5.88 19.52 -0.51
C THR A 7 5.42 20.27 0.74
N LEU A 8 5.24 19.58 1.84
CA LEU A 8 4.74 20.24 3.07
C LEU A 8 5.81 21.08 3.74
N THR A 9 7.06 21.03 3.24
CA THR A 9 8.08 21.90 3.94
C THR A 9 8.35 23.16 3.18
N GLY A 10 7.52 23.50 2.24
CA GLY A 10 7.67 24.69 1.43
C GLY A 10 8.68 24.63 0.33
N LYS A 11 9.10 23.43 0.00
CA LYS A 11 10.01 23.21 -1.12
C LYS A 11 9.11 22.84 -2.31
N THR A 12 9.42 23.38 -3.48
CA THR A 12 8.62 22.98 -4.66
C THR A 12 9.61 22.35 -5.64
N ILE A 13 9.25 21.19 -6.17
CA ILE A 13 10.23 20.60 -7.13
C ILE A 13 9.65 20.67 -8.52
N THR A 14 10.47 20.94 -9.51
CA THR A 14 9.89 20.97 -10.89
C THR A 14 10.25 19.66 -11.57
N LEU A 15 9.33 19.09 -12.33
CA LEU A 15 9.58 17.83 -13.01
C LEU A 15 9.25 18.02 -14.49
N GLU A 16 9.89 17.22 -15.31
CA GLU A 16 9.51 17.26 -16.76
C GLU A 16 8.85 15.92 -17.00
N VAL A 17 7.60 16.03 -17.42
CA VAL A 17 6.77 14.86 -17.67
C VAL A 17 5.93 15.04 -18.95
N GLU A 18 5.32 13.93 -19.31
CA GLU A 18 4.37 13.84 -20.41
C GLU A 18 3.06 13.38 -19.82
N PRO A 19 1.95 13.87 -20.34
CA PRO A 19 0.61 13.47 -19.90
C PRO A 19 0.43 11.98 -19.97
N SER A 20 1.19 11.31 -20.81
CA SER A 20 1.03 9.85 -20.98
C SER A 20 1.72 9.11 -19.87
N ASP A 21 2.49 9.83 -19.05
CA ASP A 21 3.19 9.10 -17.96
C ASP A 21 2.21 8.63 -16.92
N THR A 22 2.51 7.52 -16.30
CA THR A 22 1.71 6.99 -15.21
C THR A 22 2.16 7.68 -13.91
N ILE A 23 1.25 7.61 -12.94
CA ILE A 23 1.52 8.13 -11.60
C ILE A 23 2.72 7.40 -10.98
N GLU A 24 2.80 6.12 -11.24
CA GLU A 24 3.98 5.32 -10.73
C GLU A 24 5.27 5.90 -11.23
N CYS A 25 5.30 6.34 -12.52
CA CYS A 25 6.50 6.91 -13.13
C CYS A 25 6.85 8.24 -12.50
N VAL A 26 5.82 9.05 -12.28
CA VAL A 26 6.04 10.34 -11.65
C VAL A 26 6.71 10.15 -10.29
N LYS A 27 6.18 9.20 -9.52
CA LYS A 27 6.74 8.92 -8.19
C LYS A 27 8.19 8.48 -8.29
N ALA A 28 8.54 7.70 -9.30
CA ALA A 28 9.92 7.29 -9.53
C ALA A 28 10.80 8.47 -9.89
N LYS A 29 10.31 9.43 -10.66
CA LYS A 29 11.09 10.64 -10.97
C LYS A 29 11.35 11.47 -9.69
N ILE A 30 10.35 11.49 -8.81
CA ILE A 30 10.50 12.25 -7.55
C ILE A 30 11.53 11.50 -6.70
N GLN A 31 11.49 10.19 -6.69
CA GLN A 31 12.50 9.45 -5.86
C GLN A 31 13.90 9.76 -6.40
N ASP A 32 14.01 9.63 -7.70
CA ASP A 32 15.30 9.91 -8.37
C ASP A 32 15.83 11.29 -8.03
N LYS A 33 14.94 12.30 -7.98
CA LYS A 33 15.50 13.66 -7.74
C LYS A 33 15.53 14.13 -6.33
N GLU A 34 14.74 13.67 -5.41
CA GLU A 34 14.73 14.09 -4.02
C GLU A 34 14.92 12.96 -3.04
N GLY A 35 14.94 11.73 -3.52
CA GLY A 35 15.18 10.58 -2.69
C GLY A 35 14.07 10.02 -1.89
N ILE A 36 12.84 10.55 -2.06
CA ILE A 36 11.72 10.01 -1.29
C ILE A 36 11.20 8.72 -1.91
N PRO A 37 11.15 7.65 -1.13
CA PRO A 37 10.64 6.34 -1.58
C PRO A 37 9.21 6.46 -2.09
N PRO A 38 8.88 5.84 -3.19
CA PRO A 38 7.51 5.95 -3.73
C PRO A 38 6.45 5.52 -2.76
N ASP A 39 6.74 4.57 -1.90
CA ASP A 39 5.72 4.05 -0.95
C ASP A 39 5.34 5.08 0.11
N GLN A 40 6.16 6.11 0.23
CA GLN A 40 5.83 7.18 1.22
C GLN A 40 5.08 8.36 0.58
N GLN A 41 5.02 8.40 -0.74
CA GLN A 41 4.40 9.48 -1.46
C GLN A 41 2.90 9.36 -1.66
N ARG A 42 2.21 10.46 -1.32
CA ARG A 42 0.75 10.57 -1.60
C ARG A 42 0.62 11.80 -2.48
N LEU A 43 0.18 11.67 -3.73
CA LEU A 43 0.09 12.84 -4.63
C LEU A 43 -1.35 13.30 -4.76
N ILE A 44 -1.57 14.59 -4.57
CA ILE A 44 -2.91 15.19 -4.61
C ILE A 44 -3.02 16.28 -5.66
N PHE A 45 -4.11 16.19 -6.46
CA PHE A 45 -4.39 17.20 -7.50
C PHE A 45 -5.92 17.33 -7.53
N ALA A 46 -6.32 18.58 -7.46
CA ALA A 46 -7.74 18.98 -7.52
C ALA A 46 -8.59 18.14 -6.58
N GLY A 47 -8.08 17.99 -5.40
CA GLY A 47 -8.62 17.24 -4.29
C GLY A 47 -8.80 15.76 -4.47
N CYS A 48 -8.13 15.15 -5.41
CA CYS A 48 -8.12 13.71 -5.63
C CYS A 48 -6.78 13.12 -5.25
N GLN A 49 -6.74 11.97 -4.70
CA GLN A 49 -5.43 11.30 -4.47
C GLN A 49 -5.16 10.55 -5.77
N LEU A 50 -3.98 10.72 -6.33
CA LEU A 50 -3.65 10.11 -7.64
C LEU A 50 -3.29 8.65 -7.46
N GLU A 51 -3.77 7.80 -8.37
CA GLU A 51 -3.53 6.34 -8.25
C GLU A 51 -2.42 5.92 -9.18
N ASP A 52 -1.53 5.06 -8.79
CA ASP A 52 -0.35 4.62 -9.54
C ASP A 52 -0.48 4.20 -10.99
N GLY A 53 -1.50 3.45 -11.32
CA GLY A 53 -1.74 2.91 -12.67
C GLY A 53 -2.40 3.82 -13.65
N ARG A 54 -2.89 4.98 -13.21
CA ARG A 54 -3.49 5.96 -14.13
C ARG A 54 -2.37 6.83 -14.68
N THR A 55 -2.66 7.57 -15.72
CA THR A 55 -1.72 8.53 -16.36
C THR A 55 -2.16 9.94 -15.93
N LEU A 56 -1.27 10.90 -16.12
CA LEU A 56 -1.55 12.31 -15.83
C LEU A 56 -2.72 12.75 -16.70
N SER A 57 -2.80 12.25 -17.95
CA SER A 57 -3.93 12.69 -18.80
C SER A 57 -5.26 12.26 -18.24
N ASP A 58 -5.29 11.15 -17.53
CA ASP A 58 -6.56 10.64 -16.93
C ASP A 58 -7.20 11.71 -16.05
N TYR A 59 -6.37 12.41 -15.33
CA TYR A 59 -6.76 13.49 -14.42
C TYR A 59 -6.79 14.84 -15.09
N ASN A 60 -6.55 14.98 -16.38
CA ASN A 60 -6.58 16.32 -16.99
C ASN A 60 -5.58 17.25 -16.32
N ILE A 61 -4.36 16.77 -16.10
CA ILE A 61 -3.28 17.62 -15.54
C ILE A 61 -2.59 18.28 -16.73
N GLN A 62 -2.64 19.57 -16.85
CA GLN A 62 -2.07 20.32 -18.00
C GLN A 62 -0.74 20.97 -17.58
N LYS A 63 0.04 21.51 -18.58
CA LYS A 63 1.33 22.10 -18.24
C LYS A 63 1.17 23.16 -17.17
N GLU A 64 2.22 23.18 -16.36
CA GLU A 64 2.37 24.09 -15.26
C GLU A 64 1.44 23.96 -14.10
N SER A 65 0.81 22.79 -14.03
CA SER A 65 -0.07 22.42 -12.91
C SER A 65 0.84 22.18 -11.68
N THR A 66 0.25 22.25 -10.50
CA THR A 66 0.96 21.97 -9.25
C THR A 66 0.29 20.77 -8.56
N LEU A 67 1.06 19.74 -8.22
CA LEU A 67 0.49 18.62 -7.46
C LEU A 67 0.98 18.81 -6.00
N HIS A 68 0.26 18.31 -5.06
CA HIS A 68 0.72 18.43 -3.66
C HIS A 68 1.24 17.05 -3.26
N LEU A 69 2.38 17.02 -2.60
CA LEU A 69 2.96 15.77 -2.10
C LEU A 69 2.83 15.67 -0.60
N VAL A 70 2.10 14.73 -0.09
CA VAL A 70 2.03 14.52 1.38
C VAL A 70 2.81 13.21 1.60
N LEU A 71 3.60 13.15 2.65
CA LEU A 71 4.36 11.93 2.95
C LEU A 71 3.61 11.09 3.95
N ARG A 72 3.55 9.78 3.68
N ARG A 72 3.47 9.79 3.69
N ARG A 72 3.58 9.79 3.74
N ARG A 72 3.57 9.80 3.75
CA ARG A 72 2.87 8.75 4.50
CA ARG A 72 2.70 8.89 4.58
CA ARG A 72 2.88 8.87 4.67
CA ARG A 72 2.87 8.89 4.68
C ARG A 72 2.01 7.95 3.52
C ARG A 72 2.22 7.75 3.68
C ARG A 72 1.49 9.45 4.86
C ARG A 72 3.94 8.38 5.64
N LEU A 73 1.72 6.72 3.75
N LEU A 73 1.51 6.78 4.17
N LEU A 73 0.77 9.12 5.89
N LEU A 73 5.20 8.48 5.33
CA LEU A 73 0.89 5.95 2.79
CA LEU A 73 1.05 5.69 3.28
CA LEU A 73 -0.59 9.70 6.05
CA LEU A 73 6.23 7.96 6.26
C LEU A 73 0.30 4.73 3.47
C LEU A 73 2.13 4.61 3.18
C LEU A 73 -1.00 9.61 7.51
C LEU A 73 6.04 6.47 6.48
N ARG A 74 1.18 4.01 4.13
N ARG A 74 1.68 3.39 3.43
N ARG A 74 -0.59 8.53 8.13
N ARG A 74 7.17 5.79 6.62
CA ARG A 74 0.82 2.78 4.85
CA ARG A 74 2.57 2.21 3.41
CA ARG A 74 -0.90 8.26 9.54
CA ARG A 74 7.20 4.34 6.81
C ARG A 74 1.46 2.80 6.24
C ARG A 74 1.72 0.95 3.39
C ARG A 74 0.31 7.63 10.21
C ARG A 74 8.53 3.96 7.46
N GLY A 75 0.88 2.01 7.13
N GLY A 75 2.10 0.03 2.52
N GLY A 75 0.45 6.32 10.00
N GLY A 75 8.52 2.80 8.11
CA GLY A 75 1.33 1.90 8.51
CA GLY A 75 1.41 -1.24 2.35
CA GLY A 75 1.54 5.53 10.56
CA GLY A 75 9.68 2.26 8.80
C GLY A 75 2.76 1.42 8.69
C GLY A 75 0.23 -1.21 1.40
C GLY A 75 1.28 4.03 10.60
C GLY A 75 9.37 1.30 9.93
N GLY A 76 3.39 1.98 9.71
N GLY A 76 -0.38 -2.38 1.27
N GLY A 76 2.21 3.36 11.27
N GLY A 76 9.36 0.03 9.56
CA GLY A 76 4.77 1.68 10.11
CA GLY A 76 -1.56 -2.62 0.44
CA GLY A 76 2.19 1.91 11.48
CA GLY A 76 9.10 -1.10 10.46
C GLY A 76 4.80 0.27 10.71
C GLY A 76 -2.51 -3.55 1.20
C GLY A 76 2.80 1.23 10.24
C GLY A 76 7.79 -1.77 10.04
N MET B 1 9.46 -8.78 7.38
N MET B 1 -8.29 -12.68 -1.31
N MET B 1 -2.47 -6.69 9.34
N MET B 1 -0.40 -2.57 17.11
CA MET B 1 9.37 -7.30 7.39
CA MET B 1 -8.31 -11.21 -1.15
CA MET B 1 -1.74 -5.66 8.59
CA MET B 1 0.65 -1.83 16.38
C MET B 1 9.95 -6.80 6.05
C MET B 1 -9.79 -10.77 -1.18
C MET B 1 -2.60 -5.30 7.35
C MET B 1 0.95 -0.54 17.19
N GLN B 2 9.42 -5.69 5.62
N GLN B 2 -10.04 -9.71 -0.47
N GLN B 2 -2.48 -4.07 6.94
N GLN B 2 2.17 -0.12 17.09
CA GLN B 2 9.94 -5.08 4.36
CA GLN B 2 -11.44 -9.17 -0.45
CA GLN B 2 -3.23 -3.62 5.74
CA GLN B 2 2.55 1.14 17.80
C GLN B 2 11.05 -4.10 4.69
C GLN B 2 -11.58 -8.14 -1.57
C GLN B 2 -2.36 -3.83 4.51
C GLN B 2 2.34 2.32 16.87
N ILE B 3 12.10 -4.15 3.88
N ILE B 3 -12.71 -8.20 -2.25
N ILE B 3 -2.99 -4.32 3.45
N ILE B 3 1.80 3.40 17.44
CA ILE B 3 13.19 -3.16 4.00
CA ILE B 3 -13.04 -7.17 -3.26
CA ILE B 3 -2.32 -4.45 2.15
CA ILE B 3 1.67 4.66 16.68
C ILE B 3 13.43 -2.63 2.56
C ILE B 3 -14.50 -6.72 -2.94
C ILE B 3 -3.29 -3.81 1.10
C ILE B 3 2.24 5.77 17.62
N PHE B 4 14.11 -1.51 2.52
N PHE B 4 -14.84 -5.58 -3.49
N PHE B 4 -2.70 -3.52 -0.04
N PHE B 4 2.53 6.88 16.99
CA PHE B 4 14.41 -0.92 1.16
CA PHE B 4 -16.24 -5.07 -3.24
CA PHE B 4 -3.57 -2.91 -1.12
CA PHE B 4 3.09 8.02 17.83
C PHE B 4 15.90 -0.92 0.95
C PHE B 4 -16.97 -5.04 -4.56
C PHE B 4 -3.62 -3.85 -2.28
C PHE B 4 2.11 9.16 17.79
N VAL B 5 16.42 -1.23 -0.25
N VAL B 5 -18.25 -5.39 -4.63
N VAL B 5 -4.75 -4.03 -2.95
N VAL B 5 1.86 9.88 18.88
CA VAL B 5 17.83 -1.15 -0.51
CA VAL B 5 -19.01 -5.29 -5.85
CA VAL B 5 -4.82 -4.87 -4.13
CA VAL B 5 0.99 11.04 18.85
C VAL B 5 18.00 -0.09 -1.62
C VAL B 5 -20.16 -4.29 -5.54
C VAL B 5 -5.25 -3.93 -5.29
C VAL B 5 1.89 12.25 19.26
N LYS B 6 18.61 1.00 -1.32
N LYS B 6 -20.15 -3.17 -6.17
N LYS B 6 -4.40 -3.73 -6.23
N LYS B 6 2.11 13.14 18.37
CA LYS B 6 18.78 2.10 -2.33
CA LYS B 6 -21.20 -2.13 -5.90
CA LYS B 6 -4.73 -2.79 -7.36
CA LYS B 6 3.00 14.32 18.69
C LYS B 6 20.12 1.93 -2.99
C LYS B 6 -22.29 -2.29 -6.92
C LYS B 6 -5.26 -3.61 -8.50
C LYS B 6 2.13 15.46 19.13
N THR B 7 20.14 1.89 -4.34
N THR B 7 -23.56 -2.42 -6.46
N THR B 7 -6.45 -3.23 -9.03
N THR B 7 2.44 16.05 20.31
CA THR B 7 21.43 1.73 -5.05
CA THR B 7 -24.68 -2.58 -7.40
CA THR B 7 -7.03 -3.98 -10.15
CA THR B 7 1.64 17.18 20.80
C THR B 7 21.91 3.09 -5.54
C THR B 7 -25.37 -1.23 -7.59
C THR B 7 -6.74 -3.26 -11.46
C THR B 7 2.35 18.49 20.48
N LEU B 8 23.13 3.18 -6.04
N LEU B 8 -26.28 -1.13 -8.55
N LEU B 8 -7.02 -3.87 -12.59
N LEU B 8 1.69 19.62 20.68
CA LEU B 8 23.68 4.48 -6.49
CA LEU B 8 -26.96 0.14 -8.83
CA LEU B 8 -6.73 -3.24 -13.90
CA LEU B 8 2.30 20.92 20.35
C LEU B 8 23.06 4.94 -7.80
C LEU B 8 -27.98 0.51 -7.76
C LEU B 8 -7.69 -2.12 -14.23
C LEU B 8 3.38 21.33 21.33
N THR B 9 22.24 4.10 -8.45
N THR B 9 -28.24 -0.40 -6.81
N THR B 9 -8.73 -1.92 -13.40
N THR B 9 3.56 20.57 22.42
CA THR B 9 21.66 4.61 -9.73
CA THR B 9 -29.26 0.01 -5.78
CA THR B 9 -9.65 -0.79 -13.78
CA THR B 9 4.64 21.01 23.37
C THR B 9 20.24 5.08 -9.57
C THR B 9 -28.61 0.44 -4.50
C THR B 9 -9.40 0.44 -12.95
C THR B 9 5.88 20.20 23.20
N GLY B 10 19.81 5.28 -8.36
N GLY B 10 -27.34 0.69 -4.51
N GLY B 10 -8.30 0.49 -12.27
N GLY B 10 6.01 19.47 22.14
CA GLY B 10 18.48 5.73 -8.05
CA GLY B 10 -26.59 1.12 -3.36
CA GLY B 10 -7.92 1.61 -11.43
CA GLY B 10 7.16 18.64 21.86
C GLY B 10 17.39 4.71 -8.15
C GLY B 10 -26.24 0.06 -2.37
C GLY B 10 -8.60 1.69 -10.09
C GLY B 10 7.25 17.35 22.60
N LYS B 11 17.76 3.45 -8.16
N LYS B 11 -26.33 -1.18 -2.79
N LYS B 11 -9.19 0.60 -9.67
N LYS B 11 6.15 16.93 23.17
CA LYS B 11 16.83 2.35 -8.14
CA LYS B 11 -25.92 -2.32 -1.97
CA LYS B 11 -9.81 0.50 -8.36
CA LYS B 11 6.04 15.64 23.84
C LYS B 11 16.72 1.92 -6.65
C LYS B 11 -24.48 -2.65 -2.44
C LYS B 11 -8.74 -0.17 -7.47
C LYS B 11 5.44 14.68 22.78
N THR B 12 15.51 1.64 -6.20
N THR B 12 -23.61 -2.94 -1.49
N THR B 12 -8.59 0.33 -6.25
N THR B 12 5.98 13.47 22.72
CA THR B 12 15.39 1.16 -4.82
CA THR B 12 -22.25 -3.34 -1.90
CA THR B 12 -7.63 -0.35 -5.34
CA THR B 12 5.37 12.51 21.79
C THR B 12 14.76 -0.24 -4.91
C THR B 12 -22.04 -4.75 -1.35
C THR B 12 -8.45 -0.81 -4.14
C THR B 12 4.91 11.33 22.65
N ILE B 13 15.35 -1.20 -4.21
N ILE B 13 -21.56 -5.65 -2.21
N ILE B 13 -8.27 -2.07 -3.76
N ILE B 13 3.65 10.90 22.43
CA ILE B 13 14.71 -2.54 -4.31
CA ILE B 13 -21.36 -7.02 -1.65
CA ILE B 13 -9.07 -2.49 -2.57
CA ILE B 13 3.23 9.75 23.27
C ILE B 13 14.06 -2.87 -3.00
C ILE B 13 -19.88 -7.29 -1.54
C ILE B 13 -8.16 -2.68 -1.40
C ILE B 13 3.11 8.53 22.41
N THR B 14 12.91 -3.50 -3.02
N THR B 14 -19.46 -7.96 -0.49
N THR B 14 -8.58 -2.31 -0.21
N THR B 14 3.49 7.37 22.91
CA THR B 14 12.29 -3.86 -1.71
CA THR B 14 -18.00 -8.26 -0.41
CA THR B 14 -7.68 -2.54 0.95
CA THR B 14 3.33 6.17 22.05
C THR B 14 12.56 -5.32 -1.45
C THR B 14 -17.78 -9.69 -0.83
C THR B 14 -8.15 -3.77 1.69
C THR B 14 2.10 5.42 22.51
N LEU B 15 12.88 -5.70 -0.22
N LEU B 15 -16.74 -9.98 -1.59
N LEU B 15 -7.25 -4.61 2.14
N LEU B 15 1.30 4.90 21.60
CA LEU B 15 13.16 -7.08 0.11
CA LEU B 15 -16.47 -11.32 -2.05
CA LEU B 15 -7.61 -5.83 2.84
CA LEU B 15 0.09 4.18 21.94
C LEU B 15 12.26 -7.48 1.29
C LEU B 15 -15.03 -11.68 -1.65
C LEU B 15 -6.87 -5.85 4.19
C LEU B 15 0.14 2.80 21.26
N GLU B 16 12.00 -8.77 1.38
N GLU B 16 -14.79 -12.96 -1.51
N GLU B 16 -7.44 -6.55 5.13
N GLU B 16 -0.57 1.86 21.86
CA GLU B 16 11.23 -9.23 2.58
CA GLU B 16 -13.37 -13.37 -1.26
CA GLU B 16 -6.69 -6.71 6.42
CA GLU B 16 -0.67 0.54 21.16
C GLU B 16 12.25 -10.05 3.34
C GLU B 16 -12.99 -14.11 -2.53
C GLU B 16 -6.35 -8.19 6.44
C GLU B 16 -2.12 0.46 20.76
N VAL B 17 12.46 -9.60 4.57
N VAL B 17 -11.94 -13.57 -3.14
N VAL B 17 -5.04 -8.41 6.51
N VAL B 17 -2.29 0.33 19.46
CA VAL B 17 13.44 -10.22 5.47
CA VAL B 17 -11.44 -14.09 -4.41
CA VAL B 17 -4.49 -9.76 6.49
CA VAL B 17 -3.62 0.28 18.85
C VAL B 17 12.90 -10.30 6.90
C VAL B 17 -9.91 -14.11 -4.43
C VAL B 17 -3.33 -9.89 7.50
C VAL B 17 -3.68 -0.77 17.74
N GLU B 18 13.68 -11.03 7.68
N GLU B 18 -9.43 -14.76 -5.46
N GLU B 18 -2.95 -11.15 7.65
N GLU B 18 -4.90 -0.98 17.31
CA GLU B 18 13.46 -11.18 9.12
CA GLU B 18 -8.00 -14.82 -5.80
CA GLU B 18 -1.79 -11.54 8.46
CA GLU B 18 -5.24 -1.85 16.18
C GLU B 18 14.72 -10.64 9.79
C GLU B 18 -7.86 -14.21 -7.18
C GLU B 18 -0.83 -12.25 7.51
C GLU B 18 -5.93 -0.98 15.15
N PRO B 19 14.55 -10.01 10.94
N PRO B 19 -6.75 -13.51 -7.40
N PRO B 19 0.45 -12.08 7.73
N PRO B 19 -5.69 -1.24 13.88
CA PRO B 19 15.68 -9.50 11.72
CA PRO B 19 -6.46 -12.90 -8.70
CA PRO B 19 1.48 -12.73 6.92
CA PRO B 19 -6.33 -0.50 12.79
C PRO B 19 16.70 -10.56 12.03
C PRO B 19 -6.50 -13.92 -9.82
C PRO B 19 1.31 -14.24 6.90
C PRO B 19 -7.83 -0.51 12.90
N SER B 20 16.27 -11.82 12.03
N SER B 20 -6.28 -15.18 -9.49
N SER B 20 0.66 -14.77 7.91
N SER B 20 -8.38 -1.51 13.58
CA SER B 20 17.19 -12.92 12.37
CA SER B 20 -6.25 -16.23 -10.53
CA SER B 20 0.50 -16.23 8.00
CA SER B 20 -9.84 -1.63 13.69
C SER B 20 18.05 -13.29 11.19
C SER B 20 -7.64 -16.63 -10.93
C SER B 20 -0.64 -16.70 7.10
C SER B 20 -10.37 -0.70 14.75
N ASP B 21 17.75 -12.70 10.02
N ASP B 21 -8.65 -16.14 -10.20
N ASP B 21 -1.39 -15.75 6.54
N ASP B 21 -9.47 -0.07 15.52
CA ASP B 21 18.59 -13.08 8.84
CA ASP B 21 -10.03 -16.56 -10.56
CA ASP B 21 -2.51 -16.20 5.68
CA ASP B 21 -9.98 0.83 16.58
C ASP B 21 19.97 -12.48 8.98
C ASP B 21 -10.42 -15.91 -11.87
C ASP B 21 -1.99 -16.79 4.40
C ASP B 21 -10.58 2.07 15.96
N THR B 22 20.94 -13.18 8.44
N THR B 22 -11.24 -16.61 -12.64
N THR B 22 -2.71 -17.75 3.86
N THR B 22 -11.59 2.61 16.62
CA THR B 22 22.31 -12.70 8.41
CA THR B 22 -11.79 -16.08 -13.87
CA THR B 22 -2.38 -18.35 2.59
CA THR B 22 -12.21 3.85 16.21
C THR B 22 22.47 -11.77 7.20
C THR B 22 -13.02 -15.22 -13.53
C THR B 22 -2.96 -17.47 1.47
C THR B 22 -11.37 5.02 16.77
N ILE B 23 23.53 -10.95 7.29
N ILE B 23 -13.35 -14.37 -14.49
N ILE B 23 -2.39 -17.67 0.29
N ILE B 23 -11.58 6.17 16.13
CA ILE B 23 23.89 -10.07 6.19
CA ILE B 23 -14.55 -13.53 -14.39
CA ILE B 23 -2.87 -16.98 -0.91
CA ILE B 23 -10.95 7.40 16.58
C ILE B 23 24.22 -10.87 4.94
C ILE B 23 -15.80 -14.42 -14.30
C ILE B 23 -4.32 -17.37 -1.19
C ILE B 23 -11.39 7.75 18.00
N GLU B 24 24.86 -12.00 5.13
N GLU B 24 -15.80 -15.50 -15.03
N GLU B 24 -4.66 -18.60 -0.95
N GLU B 24 -12.64 7.48 18.30
CA GLU B 24 25.18 -12.90 3.97
CA GLU B 24 -16.95 -16.46 -14.95
CA GLU B 24 -6.08 -19.06 -1.12
CA GLU B 24 -13.16 7.72 19.68
C GLU B 24 23.92 -13.29 3.24
C GLU B 24 -17.16 -16.94 -13.53
C GLU B 24 -7.01 -18.24 -0.27
C GLU B 24 -12.36 6.94 20.69
N ASN B 25 22.86 -13.58 3.99
N ASN B 25 -16.07 -17.21 -12.84
N ASN B 25 -6.60 -17.93 0.94
N ASN B 25 -12.01 5.70 20.35
CA ASN B 25 21.55 -13.98 3.45
CA ASN B 25 -16.07 -17.69 -11.45
CA ASN B 25 -7.37 -17.15 1.91
CA ASN B 25 -11.23 4.80 21.20
C ASN B 25 20.90 -12.85 2.65
C ASN B 25 -16.64 -16.65 -10.49
C ASN B 25 -7.57 -15.71 1.44
C ASN B 25 -9.82 5.32 21.43
N VAL B 26 20.98 -11.66 3.23
N VAL B 26 -16.18 -15.42 -10.70
N VAL B 26 -6.48 -15.15 0.94
N VAL B 26 -9.22 5.78 20.34
CA VAL B 26 20.43 -10.47 2.57
CA VAL B 26 -16.65 -14.30 -9.89
CA VAL B 26 -6.51 -13.79 0.42
CA VAL B 26 -7.87 6.34 20.41
C VAL B 26 21.11 -10.30 1.21
C VAL B 26 -18.17 -14.18 -10.02
C VAL B 26 -7.55 -13.71 -0.71
C VAL B 26 -7.86 7.51 21.38
N LYS B 27 22.43 -10.42 1.20
N LYS B 27 -18.65 -14.26 -11.26
N LYS B 27 -7.49 -14.69 -1.61
N LYS B 27 -8.86 8.38 21.25
CA LYS B 27 23.18 -10.26 -0.04
CA LYS B 27 -20.10 -14.15 -11.51
CA LYS B 27 -8.43 -14.72 -2.73
CA LYS B 27 -8.95 9.56 22.12
C LYS B 27 22.77 -11.31 -1.06
C LYS B 27 -20.85 -15.28 -10.81
C LYS B 27 -9.87 -14.81 -2.25
C LYS B 27 -9.09 9.14 23.58
N ALA B 28 22.49 -12.52 -0.63
N ALA B 28 -20.28 -16.47 -10.78
N ALA B 28 -10.11 -15.56 -1.19
N ALA B 28 -9.84 8.07 23.85
CA ALA B 28 22.02 -13.59 -1.53
CA ALA B 28 -20.90 -17.60 -10.07
CA ALA B 28 -11.45 -15.67 -0.61
CA ALA B 28 -9.98 7.55 25.21
C ALA B 28 20.64 -13.25 -2.08
C ALA B 28 -20.92 -17.35 -8.57
C ALA B 28 -11.89 -14.35 0.00
C ALA B 28 -8.66 7.00 25.73
N LYS B 29 19.76 -12.67 -1.29
N LYS B 29 -19.90 -16.76 -8.00
N LYS B 29 -10.99 -13.60 0.63
N LYS B 29 -7.86 6.35 24.89
CA LYS B 29 18.43 -12.26 -1.78
CA LYS B 29 -19.90 -16.41 -6.56
CA LYS B 29 -11.33 -12.27 1.16
CA LYS B 29 -6.53 5.87 25.32
C LYS B 29 18.57 -11.15 -2.85
C LYS B 29 -21.00 -15.38 -6.25
C LYS B 29 -11.70 -11.30 0.03
C LYS B 29 -5.62 7.05 25.67
N ILE B 30 19.54 -10.26 -2.64
N ILE B 30 -21.19 -14.45 -7.18
N ILE B 30 -11.00 -11.43 -1.10
N ILE B 30 -5.74 8.13 24.90
CA ILE B 30 19.76 -9.17 -3.60
CA ILE B 30 -22.22 -13.41 -6.97
CA ILE B 30 -11.27 -10.55 -2.24
CA ILE B 30 -4.91 9.32 25.16
C ILE B 30 20.33 -9.81 -4.88
C ILE B 30 -23.58 -14.11 -7.08
C ILE B 30 -12.65 -10.98 -2.80
C ILE B 30 -5.39 9.92 26.49
N GLN B 31 21.20 -10.77 -4.75
N GLN B 31 -23.73 -15.03 -7.99
N GLN B 31 -12.94 -12.24 -2.84
N GLN B 31 -6.68 9.95 26.73
CA GLN B 31 21.74 -11.41 -6.00
CA GLN B 31 -25.05 -15.73 -8.09
CA GLN B 31 -14.28 -12.66 -3.38
CA GLN B 31 -7.16 10.54 28.02
C GLN B 31 20.59 -12.07 -6.77
C GLN B 31 -25.33 -16.47 -6.77
C GLN B 31 -15.37 -12.07 -2.47
C GLN B 31 -6.60 9.69 29.18
N ASP B 32 19.82 -12.83 -6.03
N ASP B 32 -24.32 -17.21 -6.37
N ASP B 32 -15.17 -12.29 -1.19
N ASP B 32 -6.77 8.41 29.02
CA ASP B 32 18.65 -13.52 -6.61
CA ASP B 32 -24.42 -17.98 -5.10
CA ASP B 32 -16.13 -11.77 -0.18
CA ASP B 32 -6.27 7.45 30.05
C ASP B 32 17.74 -12.56 -7.34
C ASP B 32 -24.81 -17.10 -3.94
C ASP B 32 -16.37 -10.28 -0.34
C ASP B 32 -4.81 7.66 30.34
N LYS B 33 17.50 -11.37 -6.77
N LYS B 33 -24.24 -15.88 -3.86
N LYS B 33 -15.30 -9.51 -0.61
N LYS B 33 -3.99 7.90 29.29
CA LYS B 33 16.53 -10.48 -7.46
CA LYS B 33 -24.57 -15.09 -2.65
CA LYS B 33 -15.54 -8.05 -0.67
CA LYS B 33 -2.54 8.01 29.60
C LYS B 33 17.07 -9.49 -8.41
C LYS B 33 -25.70 -14.12 -2.77
C LYS B 33 -15.84 -7.46 -2.00
C LYS B 33 -2.00 9.38 29.85
N GLU B 34 18.30 -9.03 -8.34
N GLU B 34 -26.11 -13.63 -3.90
N GLU B 34 -15.45 -8.01 -3.12
N GLU B 34 -2.56 10.45 29.38
CA GLU B 34 18.88 -8.06 -9.24
CA GLU B 34 -27.20 -12.70 -4.07
CA GLU B 34 -15.69 -7.48 -4.44
CA GLU B 34 -2.08 11.80 29.60
C GLU B 34 20.14 -8.54 -9.92
C GLU B 34 -28.26 -13.18 -5.02
C GLU B 34 -16.41 -8.44 -5.35
C GLU B 34 -3.09 12.72 30.22
N GLY B 35 20.64 -9.71 -9.54
N GLY B 35 -28.04 -14.30 -5.69
N GLY B 35 -16.61 -9.68 -4.92
N GLY B 35 -4.31 12.26 30.38
CA GLY B 35 21.79 -10.30 -10.16
CA GLY B 35 -29.00 -14.89 -6.58
CA GLY B 35 -17.34 -10.66 -5.66
CA GLY B 35 -5.35 13.01 31.04
C GLY B 35 23.13 -9.84 -9.76
C GLY B 35 -29.14 -14.36 -7.95
C GLY B 35 -16.65 -11.40 -6.74
C GLY B 35 -6.08 14.04 30.26
N ILE B 36 23.22 -8.96 -8.75
N ILE B 36 -28.27 -13.41 -8.34
N ILE B 36 -15.33 -11.19 -6.90
N ILE B 36 -5.82 14.14 28.96
CA ILE B 36 24.56 -8.50 -8.33
CA ILE B 36 -28.38 -12.87 -9.71
CA ILE B 36 -14.62 -11.90 -7.97
CA ILE B 36 -6.53 15.15 28.16
C ILE B 36 25.23 -9.51 -7.43
C ILE B 36 -27.75 -13.81 -10.72
C ILE B 36 -14.29 -13.33 -7.55
C ILE B 36 -7.93 14.68 27.80
N PRO B 37 26.44 -9.94 -7.81
N PRO B 37 -28.51 -14.22 -11.73
N PRO B 37 -14.71 -14.31 -8.33
N PRO B 37 -8.95 15.46 28.14
CA PRO B 37 27.24 -10.90 -7.03
CA PRO B 37 -28.04 -15.09 -12.80
CA PRO B 37 -14.44 -15.73 -8.06
CA PRO B 37 -10.35 15.14 27.82
C PRO B 37 27.46 -10.39 -5.62
C PRO B 37 -26.82 -14.49 -13.50
C PRO B 37 -12.95 -15.98 -7.96
C PRO B 37 -10.54 14.96 26.33
N PRO B 38 27.34 -11.23 -4.62
N PRO B 38 -25.81 -15.27 -13.79
N PRO B 38 -12.51 -16.76 -7.01
N PRO B 38 -11.28 13.97 25.90
CA PRO B 38 27.54 -10.78 -3.23
CA PRO B 38 -24.61 -14.72 -14.45
CA PRO B 38 -11.07 -17.02 -6.87
CA PRO B 38 -11.48 13.75 24.46
C PRO B 38 28.89 -10.16 -2.98
C PRO B 38 -24.90 -14.04 -15.76
C PRO B 38 -10.43 -17.61 -8.10
C PRO B 38 -12.07 14.93 23.74
N ASP B 39 29.91 -10.61 -3.68
N ASP B 39 -25.89 -14.50 -16.48
N ASP B 39 -11.16 -18.39 -8.86
N ASP B 39 -12.89 15.71 24.40
CA ASP B 39 31.28 -10.09 -3.45
CA ASP B 39 -26.21 -13.92 -17.81
CA ASP B 39 -10.59 -19.05 -10.07
CA ASP B 39 -13.56 16.87 23.76
C ASP B 39 31.43 -8.65 -3.90
C ASP B 39 -26.76 -12.50 -17.71
C ASP B 39 -10.26 -18.05 -11.16
C ASP B 39 -12.57 17.97 23.41
N GLN B 40 30.48 -8.17 -4.69
N GLN B 40 -27.16 -12.11 -16.52
N GLN B 40 -10.79 -16.84 -11.05
N GLN B 40 -11.38 17.91 23.99
CA GLN B 40 30.55 -6.76 -5.15
CA GLN B 40 -27.67 -10.73 -16.33
CA GLN B 40 -10.49 -15.81 -12.07
CA GLN B 40 -10.36 18.95 23.68
C GLN B 40 29.70 -5.82 -4.26
C GLN B 40 -26.58 -9.77 -15.81
C GLN B 40 -9.34 -14.89 -11.62
C GLN B 40 -9.38 18.47 22.58
N GLN B 41 28.89 -6.38 -3.38
N GLN B 41 -25.45 -10.29 -15.41
N GLN B 41 -8.92 -14.97 -10.39
N GLN B 41 -9.42 17.21 22.23
CA GLN B 41 28.01 -5.63 -2.52
CA GLN B 41 -24.36 -9.52 -14.86
CA GLN B 41 -7.88 -14.14 -9.83
CA GLN B 41 -8.52 16.63 21.25
C GLN B 41 28.64 -5.11 -1.24
C GLN B 41 -23.42 -8.90 -15.86
C GLN B 41 -6.46 -14.61 -10.07
C GLN B 41 -8.95 16.79 19.81
N ARG B 42 28.43 -3.81 -1.01
N ARG B 42 -23.20 -7.60 -15.70
N ARG B 42 -5.64 -13.69 -10.56
N ARG B 42 -8.00 17.26 19.00
CA ARG B 42 28.83 -3.19 0.29
CA ARG B 42 -22.15 -6.87 -16.49
CA ARG B 42 -4.17 -13.94 -10.69
CA ARG B 42 -8.20 17.31 17.52
C ARG B 42 27.54 -2.61 0.84
C ARG B 42 -21.20 -6.31 -15.46
C ARG B 42 -3.52 -12.85 -9.86
C ARG B 42 -7.06 16.49 16.94
N LEU B 43 27.05 -3.08 1.99
N LEU B 43 -19.94 -6.73 -15.44
N LEU B 43 -2.81 -13.19 -8.79
N LEU B 43 -7.34 15.37 16.28
CA LEU B 43 25.77 -2.58 2.53
CA LEU B 43 -18.99 -6.24 -14.41
CA LEU B 43 -2.20 -12.15 -7.92
CA LEU B 43 -6.26 14.50 15.76
C LEU B 43 26.03 -1.64 3.70
C LEU B 43 -18.05 -5.22 -15.02
C LEU B 43 -0.70 -12.06 -8.18
C LEU B 43 -6.12 14.70 14.25
N ILE B 44 25.40 -0.46 3.65
N ILE B 44 -17.92 -4.07 -14.36
N ILE B 44 -0.22 -10.84 -8.41
N ILE B 44 -4.88 14.92 13.82
CA ILE B 44 25.58 0.58 4.65
CA ILE B 44 -17.10 -2.96 -14.82
CA ILE B 44 1.17 -10.58 -8.73
CA ILE B 44 -4.57 15.19 12.41
C ILE B 44 24.26 0.97 5.31
C ILE B 44 -16.02 -2.58 -13.82
C ILE B 44 1.83 -9.62 -7.73
C ILE B 44 -3.57 14.18 11.86
N PHE B 45 24.30 1.02 6.67
N PHE B 45 -14.78 -2.44 -14.34
N PHE B 45 3.03 -10.04 -7.25
N PHE B 45 -3.93 13.64 10.66
CA PHE B 45 23.14 1.42 7.47
CA PHE B 45 -13.63 -2.03 -13.51
CA PHE B 45 3.82 -9.22 -6.31
CA PHE B 45 -3.05 12.69 9.96
C PHE B 45 23.71 2.21 8.66
C PHE B 45 -12.76 -1.15 -14.44
C PHE B 45 5.29 -9.45 -6.71
C PHE B 45 -3.23 13.00 8.46
N ALA B 46 23.12 3.36 8.83
N ALA B 46 -12.45 0.00 -13.87
N ALA B 46 5.94 -8.33 -6.87
N ALA B 46 -2.09 13.16 7.84
CA ALA B 46 23.44 4.30 9.92
CA ALA B 46 -11.59 1.00 -14.52
CA ALA B 46 7.38 -8.28 -7.19
CA ALA B 46 -1.97 13.41 6.39
C ALA B 46 24.94 4.48 10.06
C ALA B 46 -12.02 1.25 -15.95
C ALA B 46 7.72 -9.21 -8.34
C ALA B 46 -2.93 14.52 5.96
N GLY B 47 25.56 4.69 8.93
N GLY B 47 -13.29 1.41 -16.11
N GLY B 47 6.90 -9.14 -9.34
N GLY B 47 -2.91 15.56 6.74
CA GLY B 47 26.95 4.90 8.70
CA GLY B 47 -14.03 1.65 -17.32
CA GLY B 47 6.92 -9.88 -10.57
CA GLY B 47 -3.68 16.77 6.61
C GLY B 47 27.89 3.78 9.08
C GLY B 47 -13.97 0.59 -18.39
C GLY B 47 6.78 -11.38 -10.47
C GLY B 47 -5.18 16.64 6.70
N LYS B 48 27.39 2.57 9.17
N LYS B 48 -13.64 -0.62 -18.03
N LYS B 48 6.23 -11.88 -9.40
N LYS B 48 -5.68 15.58 7.29
CA LYS B 48 28.23 1.40 9.47
CA LYS B 48 -13.60 -1.75 -18.98
CA LYS B 48 5.99 -13.32 -9.23
CA LYS B 48 -7.12 15.38 7.48
C LYS B 48 28.20 0.48 8.24
C LYS B 48 -14.70 -2.74 -18.56
C LYS B 48 4.46 -13.53 -9.18
C LYS B 48 -7.39 15.40 8.99
N GLN B 49 29.30 -0.15 7.93
N GLN B 49 -15.36 -3.35 -19.51
N GLN B 49 3.98 -14.60 -9.75
N GLN B 49 -8.49 15.96 9.41
CA GLN B 49 29.30 -1.15 6.82
CA GLN B 49 -16.35 -4.41 -19.16
CA GLN B 49 2.53 -14.92 -9.63
CA GLN B 49 -8.87 15.90 10.84
C GLN B 49 28.86 -2.44 7.48
C GLN B 49 -15.51 -5.68 -19.06
C GLN B 49 2.43 -15.69 -8.31
C GLN B 49 -9.61 14.58 10.97
N LEU B 50 27.89 -3.12 6.92
N LEU B 50 -15.64 -6.43 -18.00
N LEU B 50 1.53 -15.30 -7.44
N LEU B 50 -9.25 13.76 11.94
CA LEU B 50 27.33 -4.33 7.53
CA LEU B 50 -14.82 -7.63 -17.76
CA LEU B 50 1.41 -15.92 -6.11
CA LEU B 50 -9.83 12.41 12.09
C LEU B 50 28.23 -5.53 7.27
C LEU B 50 -15.34 -8.79 -18.58
C LEU B 50 0.67 -17.25 -6.21
C LEU B 50 -11.20 12.52 12.78
N GLU B 51 28.44 -6.37 8.27
N GLU B 51 -14.43 -9.57 -19.18
N GLU B 51 1.14 -18.26 -5.48
N GLU B 51 -12.17 11.74 12.30
CA GLU B 51 29.35 -7.53 8.10
CA GLU B 51 -14.87 -10.70 -20.03
CA GLU B 51 0.51 -19.60 -5.57
CA GLU B 51 -13.53 11.82 12.87
C GLU B 51 28.56 -8.78 7.88
C GLU B 51 -14.73 -11.99 -19.28
C GLU B 51 -0.38 -19.83 -4.37
C GLU B 51 -13.76 10.66 13.80
N ASP B 52 28.98 -9.67 7.01
N ASP B 52 -15.66 -12.91 -19.40
N ASP B 52 -1.52 -20.42 -4.52
N ASP B 52 -14.41 10.85 14.92
CA ASP B 52 28.27 -10.89 6.62
CA ASP B 52 -15.71 -14.18 -18.67
CA ASP B 52 -2.52 -20.64 -3.48
CA ASP B 52 -14.65 9.86 15.96
C ASP B 52 27.71 -11.83 7.66
C ASP B 52 -14.48 -15.07 -18.58
C ASP B 52 -2.13 -21.21 -2.12
C ASP B 52 -15.16 8.48 15.61
N GLY B 53 28.44 -12.08 8.72
N GLY B 53 -13.75 -15.24 -19.66
N GLY B 53 -1.27 -22.21 -2.10
N GLY B 53 -16.12 8.39 14.71
CA GLY B 53 28.07 -13.01 9.79
CA GLY B 53 -12.57 -16.11 -19.74
CA GLY B 53 -0.84 -22.90 -0.89
CA GLY B 53 -16.77 7.13 14.31
C GLY B 53 27.16 -12.47 10.84
C GLY B 53 -11.29 -15.53 -19.25
C GLY B 53 0.26 -22.25 -0.12
C GLY B 53 -16.05 6.32 13.28
N ARG B 54 26.90 -11.18 10.86
N ARG B 54 -11.24 -14.24 -18.93
N ARG B 54 0.90 -21.21 -0.64
N ARG B 54 -15.00 6.85 12.66
CA ARG B 54 25.95 -10.58 11.82
CA ARG B 54 -10.03 -13.62 -18.37
CA ARG B 54 1.94 -20.47 0.09
CA ARG B 54 -14.20 6.09 11.68
C ARG B 54 24.55 -10.69 11.24
C ARG B 54 -10.06 -13.83 -16.86
C ARG B 54 1.26 -19.41 0.94
C ARG B 54 -13.15 5.29 12.45
N THR B 55 23.55 -10.49 12.07
N THR B 55 -8.94 -13.60 -16.22
N THR B 55 1.98 -18.86 1.88
N THR B 55 -12.54 4.34 11.80
CA THR B 55 22.12 -10.51 11.67
CA THR B 55 -8.79 -13.68 -14.74
CA THR B 55 1.50 -17.77 2.77
CA THR B 55 -11.46 3.50 12.35
C THR B 55 21.67 -9.03 11.63
C THR B 55 -8.73 -12.24 -14.21
C THR B 55 2.15 -16.46 2.26
C THR B 55 -10.13 4.01 11.74
N LEU B 56 20.53 -8.81 10.99
N LEU B 56 -8.92 -12.10 -12.92
N LEU B 56 1.62 -15.35 2.71
N LEU B 56 -9.04 3.61 12.35
CA LEU B 56 19.91 -7.47 10.91
CA LEU B 56 -8.84 -10.79 -12.25
CA LEU B 56 2.15 -14.02 2.38
CA LEU B 56 -7.70 3.96 11.85
C LEU B 56 19.60 -7.00 12.34
C LEU B 56 -7.43 -10.24 -12.44
C LEU B 56 3.58 -13.94 2.90
C LEU B 56 -7.54 3.37 10.45
N SER B 57 19.19 -7.94 13.21
N SER B 57 -6.41 -11.14 -12.42
N SER B 57 3.85 -14.54 4.07
N SER B 57 -8.11 2.17 10.22
CA SER B 57 18.87 -7.48 14.59
CA SER B 57 -5.03 -10.61 -12.59
CA SER B 57 5.24 -14.45 4.59
CA SER B 57 -7.95 1.59 8.86
C SER B 57 20.08 -6.94 15.31
C SER B 57 -4.83 -9.97 -13.95
C SER B 57 6.23 -15.13 3.68
C SER B 57 -8.60 2.44 7.80
N ASP B 58 21.26 -7.43 14.97
N ASP B 58 -5.56 -10.45 -14.95
N ASP B 58 5.79 -16.16 2.97
N ASP B 58 -9.66 3.14 8.15
CA ASP B 58 22.52 -6.96 15.60
CA ASP B 58 -5.44 -9.89 -16.33
CA ASP B 58 6.69 -16.90 2.03
CA ASP B 58 -10.38 4.01 7.19
C ASP B 58 22.66 -5.44 15.45
C ASP B 58 -5.70 -8.38 -16.32
C ASP B 58 7.32 -15.93 1.02
C ASP B 58 -9.42 5.02 6.54
N TYR B 59 22.28 -4.96 14.30
N TYR B 59 -6.66 -7.99 -15.53
N TYR B 59 6.53 -15.00 0.57
N TYR B 59 -8.53 5.53 7.35
CA TYR B 59 22.32 -3.53 13.96
CA TYR B 59 -7.05 -6.59 -15.36
CA TYR B 59 6.93 -13.97 -0.39
CA TYR B 59 -7.51 6.48 6.94
C TYR B 59 21.03 -2.82 14.29
C TYR B 59 -6.32 -5.89 -14.23
C TYR B 59 7.45 -12.72 0.28
C TYR B 59 -6.22 5.84 6.51
N ASN B 60 20.03 -3.43 14.91
N ASN B 60 -5.35 -6.49 -13.57
N ASN B 60 7.61 -12.65 1.58
N ASN B 60 -6.11 4.53 6.41
CA ASN B 60 18.80 -2.68 15.21
CA ASN B 60 -4.65 -5.77 -12.49
CA ASN B 60 8.13 -11.40 2.19
CA ASN B 60 -4.83 3.93 5.98
C ASN B 60 18.17 -2.13 13.95
C ASN B 60 -5.63 -5.32 -11.40
C ASN B 60 7.24 -10.21 1.84
C ASN B 60 -3.68 4.35 6.89
N ILE B 61 18.08 -2.94 12.91
N ILE B 61 -6.53 -6.21 -11.00
N ILE B 61 5.95 -10.37 1.95
N ILE B 61 -3.90 4.30 8.19
CA ILE B 61 17.40 -2.53 11.65
CA ILE B 61 -7.48 -5.89 -9.89
CA ILE B 61 5.00 -9.25 1.72
CA ILE B 61 -2.83 4.61 9.17
C ILE B 61 15.92 -2.91 11.82
C ILE B 61 -6.77 -6.31 -8.61
C ILE B 61 4.83 -8.56 3.07
C ILE B 61 -2.10 3.28 9.43
N GLN B 62 15.04 -1.96 11.84
N GLN B 62 -6.48 -5.41 -7.73
N GLN B 62 5.23 -7.31 3.20
N GLN B 62 -0.86 3.17 9.09
CA GLN B 62 13.58 -2.20 12.06
CA GLN B 62 -5.73 -5.68 -6.46
CA GLN B 62 5.18 -6.56 4.48
CA GLN B 62 -0.06 1.91 9.23
C GLN B 62 12.83 -2.11 10.72
C GLN B 62 -6.70 -5.71 -5.29
C GLN B 62 4.00 -5.59 4.46
C GLN B 62 0.86 2.02 10.45
N LYS B 63 11.56 -2.51 10.71
N LYS B 63 -6.24 -6.15 -4.12
N LYS B 63 3.68 -4.98 5.60
N LYS B 63 1.48 0.91 10.85
CA LYS B 63 10.78 -2.55 9.49
CA LYS B 63 -7.09 -6.29 -2.94
CA LYS B 63 2.54 -4.09 5.71
CA LYS B 63 2.32 0.87 12.03
C LYS B 63 10.80 -1.17 8.84
C LYS B 63 -7.77 -4.95 -2.66
C LYS B 63 2.65 -2.99 4.66
C LYS B 63 3.40 1.95 11.90
N GLU B 64 10.84 -1.24 7.50
N GLU B 64 -9.03 -5.10 -2.23
N GLU B 64 1.47 -2.65 4.14
N GLU B 64 3.68 2.54 13.08
CA GLU B 64 10.87 -0.11 6.61
CA GLU B 64 -9.91 -4.03 -1.86
CA GLU B 64 1.25 -1.64 3.14
CA GLU B 64 4.65 3.57 13.28
C GLU B 64 12.08 0.77 6.62
C GLU B 64 -10.39 -3.11 -2.95
C GLU B 64 1.79 -1.89 1.77
C GLU B 64 4.40 4.91 12.66
N SER B 65 13.17 0.22 7.14
N SER B 65 -10.27 -3.60 -4.17
N SER B 65 2.06 -3.15 1.50
N SER B 65 3.14 5.14 12.33
CA SER B 65 14.49 0.86 7.15
CA SER B 65 -10.77 -2.91 -5.38
CA SER B 65 2.50 -3.62 0.17
CA SER B 65 2.64 6.42 11.81
C SER B 65 15.01 0.85 5.68
C SER B 65 -12.32 -3.00 -5.34
C SER B 65 1.28 -3.53 -0.77
C SER B 65 2.67 7.43 12.99
N THR B 66 15.95 1.70 5.39
N THR B 66 -12.97 -2.13 -6.05
N THR B 66 1.53 -3.51 -2.06
N THR B 66 2.67 8.70 12.68
CA THR B 66 16.60 1.75 4.07
CA THR B 66 -14.44 -2.14 -6.18
CA THR B 66 0.46 -3.51 -3.07
CA THR B 66 2.60 9.75 13.69
C THR B 66 18.09 1.48 4.25
C THR B 66 -14.80 -2.35 -7.65
C THR B 66 0.62 -4.76 -3.93
C THR B 66 1.34 10.58 13.44
N LEU B 67 18.64 0.51 3.51
N LEU B 67 -15.63 -3.35 -7.95
N LEU B 67 -0.45 -5.56 -4.07
N LEU B 67 0.49 10.75 14.46
CA LEU B 67 20.09 0.28 3.56
CA LEU B 67 -16.11 -3.53 -9.33
CA LEU B 67 -0.39 -6.71 -4.98
CA LEU B 67 -0.68 11.63 14.33
C LEU B 67 20.65 0.88 2.25
C LEU B 67 -17.55 -2.99 -9.36
C LEU B 67 -1.18 -6.28 -6.24
C LEU B 67 -0.32 12.94 15.06
N HIS B 68 21.88 1.26 2.25
N HIS B 68 -18.02 -2.56 -10.47
N HIS B 68 -0.89 -6.87 -7.35
N HIS B 68 -0.91 14.02 14.69
CA HIS B 68 22.45 1.81 1.01
CA HIS B 68 -19.42 -2.08 -10.54
CA HIS B 68 -1.65 -6.51 -8.58
CA HIS B 68 -0.62 15.27 15.41
C HIS B 68 23.37 0.71 0.46
C HIS B 68 -20.20 -3.18 -11.25
C HIS B 68 -2.59 -7.69 -8.84
C HIS B 68 -1.85 15.55 16.28
N LEU B 69 23.30 0.47 -0.84
N LEU B 69 -21.38 -3.50 -10.73
N LEU B 69 -3.84 -7.41 -9.16
N LEU B 69 -1.61 15.94 17.52
CA LEU B 69 24.17 -0.50 -1.50
CA LEU B 69 -22.26 -4.48 -11.35
CA LEU B 69 -4.81 -8.43 -9.50
CA LEU B 69 -2.70 16.31 18.44
C LEU B 69 25.21 0.18 -2.33
C LEU B 69 -23.45 -3.82 -12.00
C LEU B 69 -5.11 -8.44 -10.97
C LEU B 69 -2.75 17.78 18.66
N VAL B 70 26.46 0.04 -2.02
N VAL B 70 -23.60 -3.89 -13.28
N VAL B 70 -4.80 -9.47 -11.69
N VAL B 70 -3.78 18.46 18.27
CA VAL B 70 27.55 0.60 -2.88
CA VAL B 70 -24.82 -3.34 -13.94
CA VAL B 70 -5.16 -9.56 -13.13
CA VAL B 70 -3.93 19.91 18.57
C VAL B 70 28.18 -0.63 -3.53
C VAL B 70 -25.59 -4.60 -14.37
C VAL B 70 -6.28 -10.62 -13.15
C VAL B 70 -5.04 19.96 19.63
N LEU B 71 28.53 -0.55 -4.79
N LEU B 71 -26.89 -4.59 -14.24
N LEU B 71 -7.30 -10.42 -13.93
N LEU B 71 -4.89 20.80 20.63
CA LEU B 71 29.17 -1.69 -5.48
CA LEU B 71 -27.72 -5.74 -14.66
CA LEU B 71 -8.40 -11.40 -14.04
CA LEU B 71 -5.92 20.93 21.68
C LEU B 71 30.66 -1.51 -5.46
C LEU B 71 -28.25 -5.51 -16.04
C LEU B 71 -8.17 -12.30 -15.23
C LEU B 71 -6.83 22.08 21.35
N MET A 1 6.38 18.40 -20.67
CA MET A 1 5.74 19.56 -20.05
C MET A 1 6.28 19.67 -18.60
N GLN A 2 6.34 20.88 -18.14
CA GLN A 2 6.81 21.11 -16.74
C GLN A 2 5.61 21.10 -15.81
N ILE A 3 5.80 20.45 -14.66
CA ILE A 3 4.77 20.47 -13.61
C ILE A 3 5.53 20.83 -12.30
N PHE A 4 4.75 21.23 -11.33
CA PHE A 4 5.40 21.59 -10.01
C PHE A 4 4.91 20.64 -8.96
N VAL A 5 5.74 20.16 -8.03
CA VAL A 5 5.27 19.32 -6.95
C VAL A 5 5.58 20.10 -5.65
N LYS A 6 4.57 20.50 -4.95
CA LYS A 6 4.78 21.30 -3.70
C LYS A 6 4.77 20.35 -2.53
N THR A 7 5.82 20.41 -1.68
CA THR A 7 5.88 19.52 -0.51
C THR A 7 5.42 20.27 0.74
N LEU A 8 5.24 19.58 1.84
CA LEU A 8 4.74 20.24 3.07
C LEU A 8 5.81 21.08 3.74
N THR A 9 7.06 21.03 3.24
CA THR A 9 8.08 21.90 3.94
C THR A 9 8.35 23.16 3.18
N GLY A 10 7.52 23.50 2.24
CA GLY A 10 7.67 24.69 1.43
C GLY A 10 8.68 24.63 0.33
N LYS A 11 9.10 23.43 0.00
CA LYS A 11 10.01 23.21 -1.12
C LYS A 11 9.11 22.84 -2.31
N THR A 12 9.42 23.38 -3.48
CA THR A 12 8.62 22.98 -4.66
C THR A 12 9.61 22.35 -5.64
N ILE A 13 9.25 21.19 -6.17
CA ILE A 13 10.23 20.60 -7.13
C ILE A 13 9.65 20.67 -8.52
N THR A 14 10.47 20.94 -9.51
CA THR A 14 9.89 20.97 -10.89
C THR A 14 10.25 19.66 -11.57
N LEU A 15 9.33 19.09 -12.33
CA LEU A 15 9.58 17.83 -13.01
C LEU A 15 9.25 18.02 -14.49
N GLU A 16 9.89 17.22 -15.31
CA GLU A 16 9.51 17.26 -16.76
C GLU A 16 8.85 15.92 -17.00
N VAL A 17 7.60 16.03 -17.42
CA VAL A 17 6.77 14.86 -17.67
C VAL A 17 5.93 15.04 -18.95
N GLU A 18 5.32 13.93 -19.31
CA GLU A 18 4.37 13.84 -20.41
C GLU A 18 3.06 13.38 -19.82
N PRO A 19 1.95 13.87 -20.34
CA PRO A 19 0.61 13.47 -19.90
C PRO A 19 0.43 11.98 -19.97
N SER A 20 1.19 11.31 -20.81
CA SER A 20 1.03 9.85 -20.98
C SER A 20 1.72 9.11 -19.87
N ASP A 21 2.49 9.83 -19.05
CA ASP A 21 3.19 9.10 -17.96
C ASP A 21 2.21 8.63 -16.92
N THR A 22 2.51 7.52 -16.30
CA THR A 22 1.71 6.99 -15.21
C THR A 22 2.16 7.68 -13.91
N ILE A 23 1.25 7.61 -12.94
CA ILE A 23 1.52 8.13 -11.60
C ILE A 23 2.72 7.40 -10.98
N GLU A 24 2.80 6.12 -11.24
CA GLU A 24 3.98 5.32 -10.73
C GLU A 24 5.27 5.90 -11.23
N CYS A 25 5.30 6.34 -12.52
CA CYS A 25 6.50 6.91 -13.13
C CYS A 25 6.85 8.24 -12.50
N VAL A 26 5.82 9.05 -12.28
CA VAL A 26 6.04 10.34 -11.65
C VAL A 26 6.71 10.15 -10.29
N LYS A 27 6.18 9.20 -9.52
CA LYS A 27 6.74 8.92 -8.19
C LYS A 27 8.19 8.48 -8.29
N ALA A 28 8.54 7.70 -9.30
CA ALA A 28 9.92 7.29 -9.53
C ALA A 28 10.80 8.47 -9.89
N LYS A 29 10.31 9.43 -10.66
CA LYS A 29 11.09 10.64 -10.97
C LYS A 29 11.35 11.47 -9.69
N ILE A 30 10.35 11.49 -8.81
CA ILE A 30 10.50 12.25 -7.55
C ILE A 30 11.53 11.50 -6.70
N GLN A 31 11.49 10.19 -6.69
CA GLN A 31 12.50 9.45 -5.86
C GLN A 31 13.90 9.76 -6.40
N ASP A 32 14.01 9.63 -7.70
CA ASP A 32 15.30 9.91 -8.37
C ASP A 32 15.83 11.29 -8.03
N LYS A 33 14.94 12.30 -7.98
CA LYS A 33 15.50 13.66 -7.74
C LYS A 33 15.53 14.13 -6.33
N GLU A 34 14.74 13.67 -5.41
CA GLU A 34 14.73 14.09 -4.02
C GLU A 34 14.92 12.96 -3.04
N GLY A 35 14.94 11.73 -3.52
CA GLY A 35 15.18 10.58 -2.69
C GLY A 35 14.07 10.02 -1.89
N ILE A 36 12.84 10.55 -2.06
CA ILE A 36 11.72 10.01 -1.29
C ILE A 36 11.20 8.72 -1.91
N PRO A 37 11.15 7.65 -1.13
CA PRO A 37 10.64 6.34 -1.58
C PRO A 37 9.21 6.46 -2.09
N PRO A 38 8.88 5.84 -3.19
CA PRO A 38 7.51 5.95 -3.73
C PRO A 38 6.45 5.52 -2.76
N ASP A 39 6.74 4.57 -1.90
CA ASP A 39 5.72 4.05 -0.95
C ASP A 39 5.34 5.08 0.11
N GLN A 40 6.16 6.11 0.23
CA GLN A 40 5.83 7.18 1.22
C GLN A 40 5.08 8.36 0.58
N GLN A 41 5.02 8.40 -0.74
CA GLN A 41 4.40 9.48 -1.46
C GLN A 41 2.90 9.36 -1.66
N ARG A 42 2.21 10.46 -1.32
CA ARG A 42 0.75 10.57 -1.60
C ARG A 42 0.62 11.80 -2.48
N LEU A 43 0.18 11.67 -3.73
CA LEU A 43 0.09 12.84 -4.63
C LEU A 43 -1.35 13.30 -4.76
N ILE A 44 -1.57 14.59 -4.57
CA ILE A 44 -2.91 15.19 -4.61
C ILE A 44 -3.02 16.28 -5.66
N PHE A 45 -4.11 16.19 -6.46
CA PHE A 45 -4.39 17.20 -7.50
C PHE A 45 -5.92 17.33 -7.53
N ALA A 46 -6.32 18.58 -7.46
CA ALA A 46 -7.74 18.98 -7.52
C ALA A 46 -8.59 18.14 -6.58
N GLY A 47 -8.08 17.99 -5.40
CA GLY A 47 -8.62 17.24 -4.29
C GLY A 47 -8.80 15.76 -4.47
N CYS A 48 -8.13 15.15 -5.41
CA CYS A 48 -8.12 13.71 -5.63
C CYS A 48 -6.78 13.12 -5.25
N GLN A 49 -6.74 11.97 -4.70
CA GLN A 49 -5.43 11.30 -4.47
C GLN A 49 -5.16 10.55 -5.77
N LEU A 50 -3.98 10.72 -6.33
CA LEU A 50 -3.65 10.11 -7.64
C LEU A 50 -3.29 8.65 -7.46
N GLU A 51 -3.77 7.80 -8.37
CA GLU A 51 -3.53 6.34 -8.25
C GLU A 51 -2.42 5.92 -9.18
N ASP A 52 -1.53 5.06 -8.79
CA ASP A 52 -0.35 4.62 -9.54
C ASP A 52 -0.48 4.20 -10.99
N GLY A 53 -1.50 3.45 -11.32
CA GLY A 53 -1.74 2.91 -12.67
C GLY A 53 -2.40 3.82 -13.65
N ARG A 54 -2.89 4.98 -13.21
CA ARG A 54 -3.49 5.96 -14.13
C ARG A 54 -2.37 6.83 -14.68
N THR A 55 -2.66 7.57 -15.72
CA THR A 55 -1.72 8.53 -16.36
C THR A 55 -2.16 9.94 -15.93
N LEU A 56 -1.27 10.90 -16.12
CA LEU A 56 -1.55 12.31 -15.83
C LEU A 56 -2.72 12.75 -16.70
N SER A 57 -2.80 12.25 -17.95
CA SER A 57 -3.93 12.69 -18.80
C SER A 57 -5.26 12.26 -18.24
N ASP A 58 -5.29 11.15 -17.53
CA ASP A 58 -6.56 10.64 -16.93
C ASP A 58 -7.20 11.71 -16.05
N TYR A 59 -6.37 12.41 -15.33
CA TYR A 59 -6.76 13.49 -14.42
C TYR A 59 -6.79 14.84 -15.09
N ASN A 60 -6.55 14.98 -16.38
CA ASN A 60 -6.58 16.32 -16.99
C ASN A 60 -5.58 17.25 -16.32
N ILE A 61 -4.36 16.77 -16.10
CA ILE A 61 -3.28 17.62 -15.54
C ILE A 61 -2.59 18.28 -16.73
N GLN A 62 -2.64 19.57 -16.85
CA GLN A 62 -2.07 20.32 -18.00
C GLN A 62 -0.74 20.97 -17.58
N LYS A 63 0.04 21.51 -18.58
CA LYS A 63 1.33 22.10 -18.24
C LYS A 63 1.17 23.16 -17.17
N GLU A 64 2.22 23.18 -16.36
CA GLU A 64 2.37 24.09 -15.26
C GLU A 64 1.44 23.96 -14.10
N SER A 65 0.81 22.79 -14.03
CA SER A 65 -0.07 22.42 -12.91
C SER A 65 0.84 22.18 -11.68
N THR A 66 0.25 22.25 -10.50
CA THR A 66 0.96 21.97 -9.25
C THR A 66 0.29 20.77 -8.56
N LEU A 67 1.06 19.74 -8.22
CA LEU A 67 0.49 18.62 -7.46
C LEU A 67 0.98 18.81 -6.00
N HIS A 68 0.26 18.31 -5.06
CA HIS A 68 0.72 18.43 -3.66
C HIS A 68 1.24 17.05 -3.26
N LEU A 69 2.38 17.02 -2.60
CA LEU A 69 2.96 15.77 -2.10
C LEU A 69 2.83 15.67 -0.60
N VAL A 70 2.10 14.73 -0.09
CA VAL A 70 2.03 14.52 1.38
C VAL A 70 2.81 13.21 1.60
N LEU A 71 3.60 13.15 2.65
CA LEU A 71 4.36 11.93 2.95
C LEU A 71 3.61 11.09 3.95
N ARG A 72 3.61 9.77 3.69
N ARG A 72 3.53 9.77 3.72
N ARG A 72 3.54 9.79 3.73
N ARG A 72 3.56 9.79 3.75
CA ARG A 72 2.97 8.71 4.50
CA ARG A 72 2.84 8.83 4.62
CA ARG A 72 2.82 8.89 4.65
CA ARG A 72 2.86 8.89 4.67
C ARG A 72 1.76 8.26 3.69
C ARG A 72 2.38 7.68 3.73
C ARG A 72 3.88 7.93 5.18
C ARG A 72 3.91 7.87 5.12
N LEU A 73 1.24 7.08 3.87
N LEU A 73 1.22 7.72 3.14
N LEU A 73 4.45 8.14 6.32
N LEU A 73 3.97 7.47 6.36
CA LEU A 73 0.07 6.66 3.08
CA LEU A 73 0.78 6.57 2.29
CA LEU A 73 5.48 7.20 6.82
CA LEU A 73 4.99 6.49 6.78
C LEU A 73 -0.67 5.54 3.80
C LEU A 73 0.77 5.30 3.12
C LEU A 73 4.81 6.02 7.52
C LEU A 73 4.58 5.09 6.33
N ARG A 74 -0.12 4.34 3.65
N ARG A 74 -0.30 4.55 2.92
N ARG A 74 3.93 6.38 8.44
N ARG A 74 5.61 4.28 6.11
CA ARG A 74 -0.70 3.14 4.27
CA ARG A 74 -0.51 3.27 3.62
CA ARG A 74 3.18 5.40 9.24
CA ARG A 74 5.42 2.89 5.66
C ARG A 74 0.42 2.12 4.48
C ARG A 74 -1.27 2.31 2.71
C ARG A 74 4.17 4.39 9.82
C ARG A 74 4.63 2.14 6.73
N GLY A 75 0.51 1.65 5.72
N GLY A 75 -1.06 1.03 2.97
N GLY A 75 5.43 4.79 9.84
N GLY A 75 5.00 2.39 7.98
CA GLY A 75 1.51 0.67 6.13
CA GLY A 75 -1.68 -0.05 2.20
CA GLY A 75 6.53 3.98 10.34
CA GLY A 75 4.39 1.77 9.14
C GLY A 75 1.72 0.56 7.63
C GLY A 75 -3.10 -0.40 2.60
C GLY A 75 7.08 2.96 9.36
C GLY A 75 5.01 0.46 9.57
N GLY A 76 2.76 -0.17 7.97
N GLY A 76 -3.56 -1.49 2.03
N GLY A 76 6.50 2.99 8.18
N GLY A 76 4.43 -0.09 10.63
CA GLY A 76 3.19 -0.42 9.34
CA GLY A 76 -4.91 -2.05 2.24
CA GLY A 76 6.85 2.13 7.05
CA GLY A 76 4.84 -1.35 11.25
C GLY A 76 4.74 -0.45 9.38
C GLY A 76 -4.75 -3.47 2.81
C GLY A 76 6.95 0.68 7.55
C GLY A 76 4.53 -1.29 12.75
N MET B 1 8.18 -6.46 7.24
N MET B 1 -9.72 -13.17 0.17
N MET B 1 -0.43 -6.62 8.96
N MET B 1 -1.67 -0.89 19.22
CA MET B 1 8.50 -5.03 7.13
CA MET B 1 -9.80 -11.70 0.32
CA MET B 1 0.19 -5.55 8.17
CA MET B 1 -0.58 -0.25 18.48
C MET B 1 9.15 -4.81 5.75
C MET B 1 -11.24 -11.27 -0.06
C MET B 1 -0.75 -5.27 6.97
C MET B 1 -0.35 1.15 19.11
N GLN B 2 8.93 -3.63 5.24
N GLN B 2 -11.66 -10.22 0.57
N GLN B 2 -0.72 -4.04 6.55
N GLN B 2 0.87 1.58 19.04
CA GLN B 2 9.54 -3.28 3.91
CA GLN B 2 -13.02 -9.69 0.26
CA GLN B 2 -1.56 -3.65 5.37
CA GLN B 2 1.20 2.93 19.58
C GLN B 2 10.90 -2.64 4.14
C GLN B 2 -12.92 -8.66 -0.85
C GLN B 2 -0.74 -3.83 4.10
C GLN B 2 1.05 3.96 18.45
N ILE B 3 11.85 -3.04 3.32
N ILE B 3 -13.86 -8.73 -1.77
N ILE B 3 -1.39 -4.38 3.08
N ILE B 3 0.47 5.10 18.80
CA ILE B 3 13.18 -2.39 3.33
CA ILE B 3 -13.97 -7.70 -2.82
CA ILE B 3 -0.75 -4.47 1.75
CA ILE B 3 0.39 6.23 17.87
C ILE B 3 13.50 -2.06 1.84
C ILE B 3 -15.46 -7.27 -2.85
C ILE B 3 -1.81 -3.91 0.75
C ILE B 3 0.89 7.47 18.67
N PHE B 4 14.46 -1.18 1.69
N PHE B 4 -15.67 -6.14 -3.47
N PHE B 4 -1.30 -3.60 -0.43
N PHE B 4 1.22 8.49 17.91
CA PHE B 4 14.86 -0.80 0.28
CA PHE B 4 -17.09 -5.63 -3.55
CA PHE B 4 -2.26 -3.06 -1.47
CA PHE B 4 1.70 9.75 18.59
C PHE B 4 16.27 -1.24 0.04
C PHE B 4 -17.51 -5.60 -5.00
C PHE B 4 -2.31 -4.03 -2.62
C PHE B 4 0.73 10.85 18.31
N VAL B 5 16.63 -1.77 -1.13
N VAL B 5 -18.74 -5.98 -5.35
N VAL B 5 -3.46 -4.29 -3.24
N VAL B 5 0.39 11.72 19.26
CA VAL B 5 18.01 -2.12 -1.41
CA VAL B 5 -19.20 -5.87 -6.73
CA VAL B 5 -3.52 -5.14 -4.41
CA VAL B 5 -0.47 12.86 18.98
C VAL B 5 18.41 -1.23 -2.63
C VAL B 5 -20.40 -4.89 -6.69
C VAL B 5 -4.06 -4.25 -5.55
C VAL B 5 0.39 14.11 19.28
N LYS B 6 19.32 -0.35 -2.42
N LYS B 6 -20.26 -3.77 -7.29
N LYS B 6 -3.26 -4.00 -6.53
N LYS B 6 0.67 14.87 18.28
CA LYS B 6 19.73 0.58 -3.52
CA LYS B 6 -21.35 -2.75 -7.27
CA LYS B 6 -3.72 -3.11 -7.65
CA LYS B 6 1.53 16.09 18.47
C LYS B 6 20.95 0.00 -4.19
C LYS B 6 -22.18 -2.92 -8.52
C LYS B 6 -4.24 -3.97 -8.76
C LYS B 6 0.62 17.27 18.66
N THR B 7 20.90 -0.15 -5.54
N THR B 7 -23.52 -3.05 -8.36
N THR B 7 -5.47 -3.69 -9.23
N THR B 7 0.84 18.04 19.76
CA THR B 7 22.05 -0.72 -6.26
CA THR B 7 -24.38 -3.23 -9.53
CA THR B 7 -6.06 -4.50 -10.32
CA THR B 7 0.00 19.22 20.02
C THR B 7 22.88 0.42 -6.88
C THR B 7 -25.03 -1.88 -9.88
C THR B 7 -5.88 -3.76 -11.65
C THR B 7 0.72 20.48 19.56
N LEU B 8 24.05 0.12 -7.40
N LEU B 8 -25.70 -1.80 -11.02
N LEU B 8 -6.17 -4.41 -12.75
N LEU B 8 0.05 21.62 19.53
CA LEU B 8 24.92 1.16 -7.98
CA LEU B 8 -26.31 -0.52 -11.45
CA LEU B 8 -5.99 -3.78 -14.08
CA LEU B 8 0.68 22.86 19.05
C LEU B 8 24.41 1.69 -9.31
C LEU B 8 -27.55 -0.17 -10.65
C LEU B 8 -7.03 -2.72 -14.38
C LEU B 8 1.68 23.43 20.04
N THR B 9 23.35 1.07 -9.86
N THR B 9 -28.02 -1.09 -9.78
N THR B 9 -8.05 -2.59 -13.51
N THR B 9 1.77 22.85 21.25
CA THR B 9 22.88 1.62 -11.18
CA THR B 9 -29.24 -0.70 -9.01
CA THR B 9 -9.06 -1.52 -13.84
CA THR B 9 2.78 23.45 22.18
C THR B 9 21.67 2.48 -11.02
C THR B 9 -28.91 -0.26 -7.62
C THR B 9 -8.85 -0.28 -13.04
C THR B 9 4.04 22.64 22.24
N GLY B 10 21.35 2.88 -9.83
N GLY B 10 -27.68 0.01 -7.33
N GLY B 10 -7.72 -0.14 -12.41
N GLY B 10 4.25 21.75 21.31
CA GLY B 10 20.22 3.72 -9.53
CA GLY B 10 -27.22 0.45 -6.03
CA GLY B 10 -7.38 1.02 -11.60
CA GLY B 10 5.42 20.91 21.23
C GLY B 10 18.88 3.04 -9.51
C GLY B 10 -27.09 -0.62 -4.99
C GLY B 10 -8.00 1.07 -10.24
C GLY B 10 5.45 19.75 22.18
N LYS B 11 18.90 1.73 -9.43
N LYS B 11 -27.07 -1.86 -5.42
N LYS B 11 -8.50 -0.05 -9.79
N LYS B 11 4.32 19.40 22.72
CA LYS B 11 17.68 0.95 -9.29
CA LYS B 11 -26.84 -2.99 -4.53
CA LYS B 11 -9.04 -0.18 -8.44
CA LYS B 11 4.17 18.23 23.57
C LYS B 11 17.53 0.67 -7.78
C LYS B 11 -25.33 -3.30 -4.66
C LYS B 11 -7.89 -0.76 -7.59
C LYS B 11 3.66 17.11 22.64
N THR B 12 16.31 0.79 -7.28
N THR B 12 -24.70 -3.59 -3.54
N THR B 12 -7.72 -0.25 -6.39
N THR B 12 4.20 15.92 22.79
CA THR B 12 16.12 0.45 -5.85
CA THR B 12 -23.28 -3.97 -3.63
CA THR B 12 -6.68 -0.84 -5.52
CA THR B 12 3.66 14.81 21.97
C THR B 12 15.12 -0.70 -5.82
C THR B 12 -23.19 -5.39 -3.04
C THR B 12 -7.41 -1.34 -4.27
C THR B 12 3.14 13.77 22.96
N ILE B 13 15.45 -1.74 -5.06
N ILE B 13 -22.51 -6.28 -3.76
N ILE B 13 -7.13 -2.59 -3.89
N ILE B 13 1.92 13.30 22.73
CA ILE B 13 14.46 -2.85 -5.03
CA ILE B 13 -22.43 -7.64 -3.18
CA ILE B 13 -7.85 -3.05 -2.66
CA ILE B 13 1.43 12.28 23.71
C ILE B 13 13.79 -2.89 -3.68
C ILE B 13 -21.02 -7.90 -2.72
C ILE B 13 -6.86 -3.15 -1.53
C ILE B 13 1.38 10.93 23.02
N THR B 14 12.51 -3.16 -3.63
N THR B 14 -20.84 -8.56 -1.61
N THR B 14 -7.27 -2.80 -0.33
N THR B 14 1.73 9.89 23.73
CA THR B 14 11.88 -3.24 -2.28
CA THR B 14 -19.43 -8.85 -1.19
CA THR B 14 -6.29 -2.94 0.79
CA THR B 14 1.64 8.55 23.05
C THR B 14 11.73 -4.69 -1.90
C THR B 14 -19.11 -10.28 -1.54
C THR B 14 -6.65 -4.19 1.55
C THR B 14 0.38 7.87 23.53
N LEU B 15 11.98 -5.05 -0.65
N LEU B 15 -17.92 -10.56 -2.05
N LEU B 15 -5.66 -4.97 1.98
N LEU B 15 -0.35 7.20 22.65
CA LEU B 15 11.88 -6.42 -0.20
CA LEU B 15 -17.53 -11.89 -2.43
CA LEU B 15 -5.91 -6.20 2.71
CA LEU B 15 -1.58 6.53 23.00
C LEU B 15 10.96 -6.47 1.01
C LEU B 15 -16.21 -12.24 -1.72
C LEU B 15 -5.11 -6.15 4.02
C LEU B 15 -1.48 5.06 22.55
N GLU B 16 10.35 -7.61 1.21
N GLU B 16 -16.00 -13.52 -1.52
N GLU B 16 -5.59 -6.87 5.00
N GLU B 16 -2.22 4.22 23.23
CA GLU B 16 9.54 -7.76 2.47
CA GLU B 16 -14.67 -13.91 -0.96
CA GLU B 16 -4.77 -6.97 6.25
CA GLU B 16 -2.27 2.80 22.74
C GLU B 16 10.32 -8.77 3.28
C GLU B 16 -14.01 -14.65 -2.10
C GLU B 16 -4.33 -8.41 6.27
C GLU B 16 -3.68 2.64 22.25
N VAL B 17 10.71 -8.30 4.46
N VAL B 17 -12.86 -14.09 -2.46
N VAL B 17 -3.01 -8.56 6.27
N VAL B 17 -3.75 2.31 20.97
CA VAL B 17 11.51 -9.10 5.37
CA VAL B 17 -12.07 -14.61 -3.58
CA VAL B 17 -2.36 -9.86 6.25
CA VAL B 17 -5.03 2.15 20.28
C VAL B 17 11.03 -8.92 6.83
C VAL B 17 -10.57 -14.60 -3.25
C VAL B 17 -1.16 -9.90 7.20
C VAL B 17 -5.00 0.93 19.34
N GLU B 18 11.61 -9.77 7.65
N GLU B 18 -9.85 -15.25 -4.15
N GLU B 18 -0.68 -11.12 7.34
N GLU B 18 -6.19 0.65 18.86
CA GLU B 18 11.42 -9.75 9.10
CA GLU B 18 -8.39 -15.30 -4.13
CA GLU B 18 0.53 -11.44 8.10
CA GLU B 18 -6.43 -0.39 17.86
C GLU B 18 12.80 -9.54 9.70
C GLU B 18 -7.93 -14.67 -5.45
C GLU B 18 1.50 -12.08 7.11
C GLU B 18 -7.04 0.31 16.65
N PRO B 19 12.87 -8.81 10.80
N PRO B 19 -6.82 -13.97 -5.41
N PRO B 19 2.77 -11.82 7.26
N PRO B 19 -6.71 -0.14 15.46
CA PRO B 19 14.13 -8.57 11.50
CA PRO B 19 -6.25 -13.35 -6.61
CA PRO B 19 3.81 -12.42 6.42
CA PRO B 19 -7.27 0.41 14.23
C PRO B 19 14.82 -9.86 11.87
C PRO B 19 -6.01 -14.37 -7.71
C PRO B 19 3.74 -13.93 6.42
C PRO B 19 -8.78 0.39 14.23
N SER B 20 14.06 -10.94 11.99
N SER B 20 -5.86 -15.63 -7.34
N SER B 20 3.17 -14.49 7.47
N SER B 20 -9.37 -0.50 15.01
CA SER B 20 14.64 -12.23 12.41
CA SER B 20 -5.58 -16.67 -8.34
CA SER B 20 3.11 -15.96 7.58
CA SER B 20 -10.84 -0.62 15.03
C SER B 20 15.32 -12.90 11.24
C SER B 20 -6.84 -17.09 -9.05
C SER B 20 1.97 -16.52 6.75
C SER B 20 -11.45 0.45 15.90
N ASP B 21 15.15 -12.36 10.04
N ASP B 21 -8.00 -16.61 -8.57
N ASP B 21 1.13 -15.63 6.21
N ASP B 21 -10.62 1.20 16.61
CA ASP B 21 15.79 -13.03 8.87
CA ASP B 21 -9.25 -17.03 -9.25
CA ASP B 21 0.00 -16.17 5.40
CA ASP B 21 -11.21 2.25 17.49
C ASP B 21 17.29 -12.84 8.94
C ASP B 21 -9.34 -16.39 -10.60
C ASP B 21 0.51 -16.73 4.11
C ASP B 21 -11.76 3.37 16.65
N THR B 22 18.01 -13.83 8.44
N THR B 22 -9.96 -17.10 -11.54
N THR B 22 -0.17 -17.75 3.62
N THR B 22 -12.82 3.99 17.14
CA THR B 22 19.45 -13.76 8.34
CA THR B 22 -10.20 -16.58 -12.86
CA THR B 22 0.14 -18.34 2.34
CA THR B 22 -13.40 5.14 16.49
C THR B 22 19.82 -13.00 7.05
C THR B 22 -11.50 -15.73 -12.82
C THR B 22 -0.55 -17.51 1.23
C THR B 22 -12.62 6.40 16.93
N ILE B 23 21.05 -12.51 7.05
N ILE B 23 -11.60 -14.88 -13.83
N ILE B 23 -0.02 -17.69 0.03
N ILE B 23 -12.79 7.43 16.11
CA ILE B 23 21.60 -11.85 5.88
CA ILE B 23 -12.81 -14.06 -14.00
CA ILE B 23 -0.60 -17.05 -1.16
CA ILE B 23 -12.19 8.73 16.42
C ILE B 23 21.65 -12.81 4.70
C ILE B 23 -14.03 -14.95 -14.21
C ILE B 23 -2.04 -17.54 -1.36
C ILE B 23 -12.75 9.27 17.73
N GLU B 24 21.95 -14.06 4.96
N GLU B 24 -13.86 -16.05 -14.91
N GLU B 24 -2.27 -18.80 -1.09
N GLU B 24 -14.02 9.04 17.98
CA GLU B 24 21.95 -15.10 3.88
CA GLU B 24 -14.98 -17.02 -15.10
CA GLU B 24 -3.67 -19.35 -1.19
CA GLU B 24 -14.63 9.48 19.27
C GLU B 24 20.60 -15.16 3.21
C GLU B 24 -15.50 -17.50 -13.77
C GLU B 24 -4.61 -18.58 -0.31
C GLU B 24 -13.90 8.87 20.44
N ASN B 25 19.54 -15.08 3.99
N ASN B 25 -14.60 -17.75 -12.84
N ASN B 25 -4.16 -18.23 0.89
N ASN B 25 -13.52 7.61 20.32
CA ASN B 25 18.15 -15.14 3.52
CA ASN B 25 -14.92 -18.25 -11.49
CA ASN B 25 -4.94 -17.49 1.88
CA ASN B 25 -12.81 6.85 21.35
C ASN B 25 17.81 -13.93 2.64
C ASN B 25 -15.70 -17.20 -10.69
C ASN B 25 -5.27 -16.07 1.40
C ASN B 25 -11.42 7.42 21.61
N VAL B 26 18.24 -12.77 3.12
N VAL B 26 -15.22 -15.97 -10.79
N VAL B 26 -4.24 -15.45 0.85
N VAL B 26 -10.75 7.73 20.50
CA VAL B 26 18.01 -11.54 2.38
CA VAL B 26 -15.87 -14.86 -10.11
CA VAL B 26 -4.39 -14.10 0.31
CA VAL B 26 -9.42 8.30 20.57
C VAL B 26 18.66 -11.66 1.00
C VAL B 26 -17.33 -14.76 -10.58
C VAL B 26 -5.47 -14.10 -0.76
C VAL B 26 -9.48 9.62 21.36
N LYS B 27 19.89 -12.15 0.97
N LYS B 27 -17.50 -14.83 -11.90
N LYS B 27 -5.39 -15.09 -1.65
N LYS B 27 -10.47 10.44 21.03
CA LYS B 27 20.61 -12.31 -0.30
CA LYS B 27 -18.86 -14.75 -12.48
CA LYS B 27 -6.39 -15.19 -2.73
CA LYS B 27 -10.64 11.73 21.71
C LYS B 27 19.87 -13.27 -1.22
C LYS B 27 -19.74 -15.87 -11.97
C LYS B 27 -7.78 -15.38 -2.18
C LYS B 27 -10.89 11.53 23.19
N ALA B 28 19.29 -14.32 -0.68
N ALA B 28 -19.18 -17.06 -11.81
N ALA B 28 -7.93 -16.13 -1.11
N ALA B 28 -11.63 10.51 23.56
CA ALA B 28 18.50 -15.26 -1.48
CA ALA B 28 -19.93 -18.20 -11.26
CA ALA B 28 -9.23 -16.32 -0.45
CA ALA B 28 -11.88 10.20 24.97
C ALA B 28 17.25 -14.60 -2.03
C ALA B 28 -20.31 -17.96 -9.81
C ALA B 28 -9.73 -15.02 0.16
C ALA B 28 -10.60 9.75 25.66
N LYS B 29 16.59 -13.73 -1.27
N LYS B 29 -19.44 -17.36 -9.01
N LYS B 29 -8.85 -14.20 0.73
N LYS B 29 -9.74 8.99 25.01
CA LYS B 29 15.41 -13.00 -1.77
CA LYS B 29 -19.78 -17.01 -7.61
CA LYS B 29 -9.26 -12.89 1.27
CA LYS B 29 -8.44 8.61 25.59
C LYS B 29 15.81 -12.06 -2.93
C LYS B 29 -20.93 -15.99 -7.56
C LYS B 29 -9.76 -11.97 0.14
C LYS B 29 -7.55 9.84 25.82
N ILE B 30 17.00 -11.47 -2.81
N ILE B 30 -20.91 -15.06 -8.51
N ILE B 30 -9.09 -12.07 -1.02
N ILE B 30 -7.63 10.79 24.90
CA ILE B 30 17.47 -10.57 -3.87
CA ILE B 30 -21.97 -14.03 -8.54
CA ILE B 30 -9.48 -11.22 -2.15
CA ILE B 30 -6.82 12.01 25.03
C ILE B 30 17.77 -11.43 -5.10
C ILE B 30 -23.26 -14.75 -8.96
C ILE B 30 -10.84 -11.75 -2.63
C ILE B 30 -7.41 12.80 26.21
N GLN B 31 18.36 -12.59 -4.91
N GLN B 31 -23.19 -15.67 -9.89
N GLN B 31 -11.05 -13.04 -2.66
N GLN B 31 -8.71 12.85 26.34
CA GLN B 31 18.65 -13.45 -6.11
CA GLN B 31 -24.45 -16.38 -10.28
CA GLN B 31 -12.38 -13.54 -3.12
CA GLN B 31 -9.28 13.61 27.49
C GLN B 31 17.32 -13.81 -6.80
C GLN B 31 -25.01 -17.13 -9.06
C GLN B 31 -13.47 -13.02 -2.17
C GLN B 31 -8.81 12.96 28.81
N ASP B 32 16.41 -14.26 -5.98
N ASP B 32 -24.12 -17.86 -8.44
N ASP B 32 -13.19 -13.20 -0.90
N ASP B 32 -8.96 11.66 28.84
CA ASP B 32 15.06 -14.64 -6.48
CA ASP B 32 -24.49 -18.63 -7.23
CA ASP B 32 -14.13 -12.73 0.15
CA ASP B 32 -8.54 10.89 30.03
C ASP B 32 14.43 -13.52 -7.27
C ASP B 32 -25.15 -17.76 -6.18
C ASP B 32 -14.48 -11.28 -0.02
C ASP B 32 -7.10 11.16 30.39
N LYS B 33 14.55 -12.26 -6.79
N LYS B 33 -24.63 -16.54 -5.97
N LYS B 33 -13.48 -10.43 -0.34
N LYS B 33 -6.22 11.25 29.39
CA LYS B 33 13.83 -11.20 -7.53
CA LYS B 33 -25.24 -15.74 -4.88
CA LYS B 33 -13.83 -8.98 -0.40
CA LYS B 33 -4.78 11.43 29.78
C LYS B 33 14.60 -10.47 -8.58
C LYS B 33 -26.32 -14.80 -5.25
C LYS B 33 -14.22 -8.44 -1.73
C LYS B 33 -4.28 12.82 29.86
N GLU B 34 15.90 -10.38 -8.57
N GLU B 34 -26.46 -14.30 -6.45
N GLU B 34 -13.84 -8.97 -2.86
N GLU B 34 -4.80 13.81 29.19
CA GLU B 34 16.69 -9.69 -9.57
CA GLU B 34 -27.50 -13.38 -6.87
CA GLU B 34 -14.20 -8.49 -4.17
CA GLU B 34 -4.34 15.18 29.23
C GLU B 34 17.74 -10.54 -10.23
C GLU B 34 -28.31 -13.87 -8.03
C GLU B 34 -14.88 -9.51 -5.03
C GLU B 34 -5.40 16.17 29.64
N GLY B 35 17.91 -11.76 -9.76
N GLY B 35 -27.92 -14.98 -8.64
N GLY B 35 -14.97 -10.74 -4.57
N GLY B 35 -6.64 15.72 29.78
CA GLY B 35 18.82 -12.71 -10.35
CA GLY B 35 -28.65 -15.58 -9.72
CA GLY B 35 -15.67 -11.79 -5.28
CA GLY B 35 -7.73 16.55 30.22
C GLY B 35 20.26 -12.62 -10.01
C GLY B 35 -28.47 -15.05 -11.08
C GLY B 35 -14.99 -12.49 -6.38
C GLY B 35 -8.40 17.44 29.25
N ILE B 36 20.63 -11.73 -9.08
N ILE B 36 -27.55 -14.09 -11.27
N ILE B 36 -13.70 -12.19 -6.61
N ILE B 36 -8.03 17.35 27.96
CA ILE B 36 22.05 -11.62 -8.73
CA ILE B 36 -27.35 -13.55 -12.62
CA ILE B 36 -12.98 -12.88 -7.70
CA ILE B 36 -8.70 18.21 26.98
C ILE B 36 22.46 -12.73 -7.77
C ILE B 36 -26.49 -14.48 -13.46
C ILE B 36 -12.54 -14.26 -7.28
C ILE B 36 -10.05 17.66 26.59
N PRO B 37 23.49 -13.49 -8.14
N PRO B 37 -27.00 -14.89 -14.62
N PRO B 37 -12.93 -15.28 -8.04
N PRO B 37 -11.10 18.47 26.74
CA PRO B 37 24.01 -14.58 -7.29
CA PRO B 37 -26.27 -15.76 -15.56
CA PRO B 37 -12.55 -16.68 -7.76
CA PRO B 37 -12.48 18.09 26.36
C PRO B 37 24.43 -14.05 -5.93
C PRO B 37 -24.94 -15.15 -15.96
C PRO B 37 -11.04 -16.83 -7.73
C PRO B 37 -12.55 17.68 24.91
N PRO B 38 24.12 -14.75 -4.87
N PRO B 38 -23.88 -15.91 -16.01
N PRO B 38 -10.51 -17.57 -6.79
N PRO B 38 -13.24 16.62 24.59
CA PRO B 38 24.50 -14.27 -3.52
CA PRO B 38 -22.57 -15.35 -16.37
CA PRO B 38 -9.04 -17.73 -6.71
CA PRO B 38 -13.34 16.18 23.18
C PRO B 38 25.98 -14.04 -3.36
C PRO B 38 -22.56 -14.68 -17.71
C PRO B 38 -8.43 -18.28 -7.97
C PRO B 38 -13.87 17.25 22.25
N ASP B 39 26.80 -14.82 -4.03
N ASP B 39 -23.36 -15.14 -18.65
N ASP B 39 -9.14 -19.12 -8.69
N ASP B 39 -14.75 18.09 22.73
CA ASP B 39 28.27 -14.69 -3.89
CA ASP B 39 -23.36 -14.56 -20.01
CA ASP B 39 -8.59 -19.76 -9.91
CA ASP B 39 -15.37 19.13 21.86
C ASP B 39 28.80 -13.38 -4.45
C ASP B 39 -23.93 -13.15 -20.03
C ASP B 39 -8.38 -18.75 -11.04
C ASP B 39 -14.36 20.19 21.43
N GLN B 40 28.00 -12.71 -5.26
N GLN B 40 -24.60 -12.76 -18.97
N GLN B 40 -8.98 -17.58 -10.91
N GLN B 40 -13.23 20.23 22.09
CA GLN B 40 28.43 -11.42 -5.83
CA GLN B 40 -25.16 -11.39 -18.91
CA GLN B 40 -8.79 -16.54 -11.94
CA GLN B 40 -12.18 21.22 21.70
C GLN B 40 27.91 -10.22 -5.01
C GLN B 40 -24.23 -10.43 -18.16
C GLN B 40 -7.68 -15.53 -11.57
C GLN B 40 -11.13 20.60 20.78
N GLN B 41 27.03 -10.45 -4.07
N GLN B 41 -23.21 -10.93 -17.50
N GLN B 41 -7.20 -15.58 -10.35
N GLN B 41 -11.14 19.30 20.61
CA GLN B 41 26.43 -9.41 -3.26
CA GLN B 41 -22.30 -10.14 -16.71
CA GLN B 41 -6.20 -14.67 -9.85
CA GLN B 41 -10.17 18.60 19.80
C GLN B 41 27.22 -9.01 -2.04
C GLN B 41 -21.15 -9.52 -17.48
C GLN B 41 -4.76 -15.05 -10.16
C GLN B 41 -10.48 18.52 18.32
N ARG B 42 27.41 -7.69 -1.91
N ARG B 42 -20.98 -8.21 -17.26
N ARG B 42 -4.03 -14.08 -10.69
N ARG B 42 -9.49 18.89 17.52
CA ARG B 42 28.01 -7.10 -0.68
CA ARG B 42 -19.80 -7.48 -17.80
CA ARG B 42 -2.55 -14.23 -10.89
CA ARG B 42 -9.56 18.71 16.04
C ARG B 42 26.96 -6.15 -0.15
C ARG B 42 -19.11 -6.91 -16.58
C ARG B 42 -1.94 -13.09 -10.11
C ARG B 42 -8.39 17.82 15.69
N LEU B 43 26.41 -6.38 1.03
N LEU B 43 -17.89 -7.32 -16.27
N LEU B 43 -1.16 -13.37 -9.06
N LEU B 43 -8.61 16.62 15.18
CA LEU B 43 25.33 -5.50 1.57
CA LEU B 43 -17.20 -6.82 -15.05
CA LEU B 43 -0.58 -12.28 -8.24
CA LEU B 43 -7.49 15.69 14.87
C LEU B 43 25.91 -4.58 2.65
C LEU B 43 -16.15 -5.77 -15.43
C LEU B 43 0.89 -12.09 -8.57
C LEU B 43 -7.23 15.66 13.37
N ILE B 44 25.63 -3.29 2.51
N ILE B 44 -16.20 -4.64 -14.75
N ILE B 44 1.27 -10.84 -8.82
N ILE B 44 -5.97 15.84 13.00
CA ILE B 44 26.13 -2.26 3.42
CA ILE B 44 -15.30 -3.52 -15.02
CA ILE B 44 2.63 -10.49 -9.21
CA ILE B 44 -5.55 15.89 11.60
C ILE B 44 25.01 -1.47 4.07
C ILE B 44 -14.49 -3.12 -13.79
C ILE B 44 3.26 -9.49 -8.26
C ILE B 44 -4.50 14.82 11.28
N PHE B 45 25.12 -1.33 5.42
N PHE B 45 -13.16 -2.97 -14.02
N PHE B 45 4.51 -9.82 -7.83
N PHE B 45 -4.77 14.10 10.15
CA PHE B 45 24.16 -0.55 6.20
CA PHE B 45 -12.24 -2.55 -12.95
CA PHE B 45 5.29 -8.94 -6.95
CA PHE B 45 -3.84 13.07 9.66
C PHE B 45 24.97 0.12 7.32
C PHE B 45 -11.19 -1.65 -13.65
C PHE B 45 6.74 -9.08 -7.40
C PHE B 45 -3.91 13.16 8.13
N ALA B 46 24.74 1.41 7.38
N ALA B 46 -11.03 -0.50 -13.03
N ALA B 46 7.32 -7.92 -7.60
N ALA B 46 -2.72 13.23 7.58
CA ALA B 46 25.35 2.28 8.41
CA ALA B 46 -10.05 0.51 -13.46
CA ALA B 46 8.74 -7.76 -7.99
CA ALA B 46 -2.50 13.26 6.12
C ALA B 46 26.85 2.05 8.49
C ALA B 46 -10.14 0.76 -14.96
C ALA B 46 9.08 -8.69 -9.14
C ALA B 46 -3.43 14.27 5.46
N GLY B 47 27.45 2.00 7.33
N GLY B 47 -11.35 0.91 -15.39
N GLY B 47 8.21 -8.69 -10.11
N GLY B 47 -3.47 15.42 6.07
CA GLY B 47 28.84 1.78 7.06
CA GLY B 47 -11.79 1.14 -16.74
CA GLY B 47 8.23 -9.44 -11.33
CA GLY B 47 -4.24 16.58 5.71
C GLY B 47 29.44 0.47 7.50
C GLY B 47 -11.47 0.08 -17.77
C GLY B 47 8.20 -10.95 -11.21
C GLY B 47 -5.74 16.45 5.71
N LYS B 48 28.63 -0.53 7.71
N LYS B 48 -11.23 -1.13 -17.35
N LYS B 48 7.72 -11.47 -10.12
N LYS B 48 -6.27 15.49 6.40
CA LYS B 48 29.11 -1.87 8.10
CA LYS B 48 -10.95 -2.25 -18.26
CA LYS B 48 7.59 -12.91 -9.91
CA LYS B 48 -7.72 15.30 6.51
C LYS B 48 28.78 -2.83 6.95
C LYS B 48 -12.11 -3.26 -18.11
C LYS B 48 6.09 -13.23 -9.79
C LYS B 48 -8.11 15.53 7.98
N GLN B 49 29.65 -3.76 6.66
N GLN B 49 -12.53 -3.87 -19.17
N GLN B 49 5.65 -14.33 -10.32
N GLN B 49 -9.24 16.14 8.23
CA GLN B 49 29.32 -4.79 5.64
CA GLN B 49 -13.56 -4.95 -19.07
CA GLN B 49 4.23 -14.74 -10.13
CA GLN B 49 -9.73 16.29 9.62
C GLN B 49 28.56 -5.86 6.42
C GLN B 49 -12.75 -6.20 -18.78
C GLN B 49 4.25 -15.50 -8.80
C GLN B 49 -10.47 14.99 9.90
N LEU B 50 27.42 -6.28 5.95
N LEU B 50 -13.11 -6.96 -17.77
N LEU B 50 3.37 -15.18 -7.90
N LEU B 50 -10.17 14.33 11.00
CA LEU B 50 26.56 -7.25 6.66
CA LEU B 50 -12.35 -8.14 -17.35
CA LEU B 50 3.35 -15.78 -6.56
CA LEU B 50 -10.76 13.02 11.32
C LEU B 50 27.09 -8.65 6.48
C LEU B 50 -12.67 -9.31 -18.26
C LEU B 50 2.70 -17.15 -6.60
C LEU B 50 -12.17 13.21 11.87
N GLU B 51 27.09 -9.45 7.55
N GLU B 51 -11.64 -10.08 -18.64
N GLU B 51 3.27 -18.12 -5.89
N GLU B 51 -13.10 12.35 11.44
CA GLU B 51 27.63 -10.82 7.47
CA GLU B 51 -11.85 -11.21 -19.57
CA GLU B 51 2.73 -19.50 -5.94
CA GLU B 51 -14.51 12.50 11.89
C GLU B 51 26.51 -11.82 7.36
C GLU B 51 -11.88 -12.51 -18.80
C GLU B 51 1.91 -19.77 -4.70
C GLU B 51 -14.81 11.48 12.98
N ASP B 52 26.63 -12.85 6.55
N ASP B 52 -12.73 -13.43 -19.14
N ASP B 52 0.80 -20.45 -4.79
N ASP B 52 -15.54 11.84 14.00
CA ASP B 52 25.60 -13.84 6.28
CA ASP B 52 -12.94 -14.70 -18.44
CA ASP B 52 -0.14 -20.71 -3.70
CA ASP B 52 -15.84 11.00 15.17
C ASP B 52 24.84 -14.51 7.41
C ASP B 52 -11.77 -15.59 -18.07
C ASP B 52 0.36 -21.24 -2.36
C ASP B 52 -16.33 9.58 14.99
N GLY B 53 25.52 -14.88 8.47
N GLY B 53 -10.80 -15.74 -18.94
N GLY B 53 1.28 -22.18 -2.37
N GLY B 53 -17.22 9.34 14.05
CA GLY B 53 24.93 -15.59 9.63
CA GLY B 53 -9.62 -16.60 -18.76
CA GLY B 53 1.83 -22.82 -1.16
CA GLY B 53 -17.82 8.03 13.79
C GLY B 53 24.27 -14.73 10.65
C GLY B 53 -8.49 -16.01 -17.98
C GLY B 53 2.91 -22.09 -0.45
C GLY B 53 -17.03 7.08 12.96
N ARG B 54 24.38 -13.41 10.56
N ARG B 54 -8.53 -14.72 -17.67
N ARG B 54 3.45 -21.01 -1.03
N ARG B 54 -15.93 7.52 12.35
CA ARG B 54 23.68 -12.50 11.49
CA ARG B 54 -7.49 -14.08 -16.84
CA ARG B 54 4.48 -20.19 -0.35
CA ARG B 54 -15.06 6.64 11.55
C ARG B 54 22.28 -12.27 10.95
C ARG B 54 -7.87 -14.29 -15.37
C ARG B 54 3.76 -19.18 0.53
C ARG B 54 -14.08 5.98 12.51
N THR B 55 21.42 -11.72 11.78
N THR B 55 -6.92 -14.06 -14.49
N THR B 55 4.50 -18.56 1.42
N THR B 55 -13.41 4.95 12.04
CA THR B 55 20.03 -11.36 11.40
CA THR B 55 -7.12 -14.15 -13.03
CA THR B 55 3.98 -17.50 2.32
CA THR B 55 -12.37 4.23 12.81
C THR B 55 19.99 -9.82 11.25
C THR B 55 -7.20 -12.69 -12.50
C THR B 55 4.52 -16.15 1.77
C THR B 55 -11.00 4.66 12.23
N LEU B 56 18.94 -9.34 10.63
N LEU B 56 -7.68 -12.56 -11.28
N LEU B 56 3.92 -15.08 2.24
N LEU B 56 -9.96 4.38 12.96
CA LEU B 56 18.72 -7.90 10.45
CA LEU B 56 -7.77 -11.26 -10.61
CA LEU B 56 4.36 -13.72 1.86
CA LEU B 56 -8.58 4.66 12.52
C LEU B 56 18.61 -7.26 11.83
C LEU B 56 -6.35 -10.70 -10.47
C LEU B 56 5.79 -13.53 2.32
C LEU B 56 -8.31 3.86 11.24
N SER B 57 17.99 -7.97 12.79
N SER B 57 -5.36 -11.58 -10.22
N SER B 57 6.16 -14.11 3.48
N SER B 57 -8.86 2.64 11.15
CA SER B 57 17.87 -7.34 14.13
CA SER B 57 -3.99 -11.03 -10.08
CA SER B 57 7.56 -13.91 3.93
CA SER B 57 -8.60 1.86 9.91
C SER B 57 19.23 -7.10 14.78
C SER B 57 -3.49 -10.39 -11.35
C SER B 57 8.56 -14.54 2.98
C SER B 57 -9.18 2.53 8.69
N ASP B 58 20.19 -7.93 14.45
N ASP B 58 -3.96 -10.88 -12.49
N ASP B 58 8.16 -15.60 2.30
N ASP B 58 -10.26 3.26 8.85
CA ASP B 58 21.56 -7.79 15.02
CA ASP B 58 -3.54 -10.31 -13.80
CA ASP B 58 9.05 -16.29 1.34
CA ASP B 58 -10.91 3.96 7.72
C ASP B 58 22.12 -6.39 14.74
C ASP B 58 -3.81 -8.80 -13.86
C ASP B 58 9.57 -15.30 0.28
C ASP B 58 -9.91 4.88 7.00
N TYR B 59 21.84 -5.91 13.56
N TYR B 59 -4.92 -8.43 -13.30
N TYR B 59 8.70 -14.42 -0.13
N TYR B 59 -9.09 5.51 7.79
CA TYR B 59 22.25 -4.58 13.10
CA TYR B 59 -5.37 -7.04 -13.23
CA TYR B 59 8.98 -13.38 -1.12
CA TYR B 59 -8.04 6.43 7.31
C TYR B 59 21.23 -3.51 13.40
C TYR B 59 -4.91 -6.33 -11.96
C TYR B 59 9.46 -12.09 -0.50
C TYR B 59 -6.71 5.73 7.08
N ASN B 60 20.15 -3.76 14.08
N ASN B 60 -4.12 -6.92 -11.10
N ASN B 60 9.66 -11.98 0.79
N ASN B 60 -6.60 4.42 7.19
CA ASN B 60 19.18 -2.68 14.35
CA ASN B 60 -3.70 -6.20 -9.88
CA ASN B 60 10.12 -10.70 1.37
CA ASN B 60 -5.29 3.79 6.95
C ASN B 60 18.67 -2.06 13.05
C ASN B 60 -4.90 -5.76 -9.06
C ASN B 60 9.15 -9.58 1.04
C ASN B 60 -4.21 4.36 7.87
N ILE B 61 18.32 -2.90 12.09
N ILE B 61 -5.85 -6.65 -8.87
N ILE B 61 7.87 -9.83 1.22
N ILE B 61 -4.53 4.51 9.13
CA ILE B 61 17.73 -2.40 10.82
CA ILE B 61 -7.03 -6.36 -8.01
CA ILE B 61 6.84 -8.77 1.03
CA ILE B 61 -3.53 4.96 10.13
C ILE B 61 16.22 -2.34 11.05
C ILE B 61 -6.63 -6.77 -6.59
C ILE B 61 6.68 -8.08 2.38
C ILE B 61 -2.82 3.71 10.65
N GLN B 62 15.62 -1.17 10.99
N GLN B 62 -6.57 -5.86 -5.67
N GLN B 62 7.00 -6.81 2.47
N GLN B 62 -1.55 3.57 10.42
CA GLN B 62 14.16 -0.98 11.27
CA GLN B 62 -6.12 -6.13 -4.27
CA GLN B 62 6.96 -6.05 3.75
CA GLN B 62 -0.76 2.36 10.81
C GLN B 62 13.42 -0.80 9.95
C GLN B 62 -7.34 -6.16 -3.35
C GLN B 62 5.72 -5.15 3.77
C GLN B 62 0.06 2.67 12.06
N LYS B 63 12.09 -0.81 9.99
N LYS B 63 -7.16 -6.61 -2.10
N LYS B 63 5.41 -4.55 4.92
N LYS B 63 0.66 1.64 12.68
CA LYS B 63 11.27 -0.71 8.79
CA LYS B 63 -8.25 -6.75 -1.16
CA LYS B 63 4.22 -3.74 5.07
CA LYS B 63 1.40 1.80 13.90
C LYS B 63 11.66 0.55 8.03
C LYS B 63 -8.99 -5.42 -1.04
C LYS B 63 4.20 -2.65 4.00
C LYS B 63 2.49 2.85 13.70
N GLU B 64 11.62 0.37 6.70
N GLU B 64 -10.32 -5.59 -0.90
N GLU B 64 2.98 -2.40 3.55
N GLU B 64 2.67 3.61 14.79
CA GLU B 64 11.92 1.39 5.72
CA GLU B 64 -11.27 -4.53 -0.75
CA GLU B 64 2.65 -1.42 2.54
CA GLU B 64 3.62 4.68 14.90
C GLU B 64 13.33 1.89 5.63
C GLU B 64 -11.49 -3.62 -1.92
C GLU B 64 3.15 -1.64 1.15
C GLU B 64 3.41 5.91 14.07
N SER B 65 14.24 1.07 6.18
N SER B 65 -11.09 -4.10 -3.08
N SER B 65 3.49 -2.90 0.87
N SER B 65 2.18 6.06 13.62
CA SER B 65 15.68 1.32 6.10
CA SER B 65 -11.31 -3.42 -4.36
CA SER B 65 3.89 -3.35 -0.45
CA SER B 65 1.72 7.24 12.87
C SER B 65 16.12 1.06 4.64
C SER B 65 -12.83 -3.52 -4.68
C SER B 65 2.63 -3.36 -1.35
C SER B 65 1.66 8.42 13.88
N THR B 66 17.24 1.59 4.25
N THR B 66 -13.31 -2.65 -5.54
N THR B 66 2.81 -3.33 -2.64
N THR B 66 1.67 9.63 13.38
CA THR B 66 17.82 1.35 2.92
CA THR B 66 -14.71 -2.68 -5.99
CA THR B 66 1.70 -3.42 -3.60
CA THR B 66 1.52 10.83 14.21
C THR B 66 19.19 0.69 3.09
C THR B 66 -14.72 -2.88 -7.51
C THR B 66 1.90 -4.67 -4.46
C THR B 66 0.28 11.59 13.74
N LEU B 67 19.41 -0.46 2.43
N LEU B 67 -15.45 -3.89 -7.99
N LEU B 67 0.89 -5.54 -4.54
N LEU B 67 -0.64 11.89 14.67
CA LEU B 67 20.73 -1.09 2.47
CA LEU B 67 -15.59 -4.08 -9.45
CA LEU B 67 0.98 -6.69 -5.44
CA LEU B 67 -1.80 12.72 14.31
C LEU B 67 21.38 -0.76 1.11
C LEU B 67 -17.00 -3.55 -9.79
C LEU B 67 0.11 -6.34 -6.66
C LEU B 67 -1.50 14.13 14.87
N HIS B 68 22.67 -0.74 1.04
N HIS B 68 -17.20 -3.13 -10.99
N HIS B 68 0.38 -6.91 -7.78
N HIS B 68 -2.07 15.13 14.30
CA HIS B 68 23.33 -0.48 -0.26
CA HIS B 68 -18.56 -2.66 -11.38
CA HIS B 68 -0.46 -6.63 -8.97
CA HIS B 68 -1.84 16.50 14.83
C HIS B 68 23.88 -1.83 -0.73
C HIS B 68 -19.14 -3.77 -12.26
C HIS B 68 -1.32 -7.87 -9.18
C HIS B 68 -3.13 16.88 15.56
N LEU B 69 23.68 -2.14 -2.00
N LEU B 69 -20.40 -4.10 -12.02
N LEU B 69 -2.60 -7.67 -9.44
N LEU B 69 -2.99 17.46 16.74
CA LEU B 69 24.22 -3.36 -2.59
CA LEU B 69 -21.11 -5.09 -12.83
CA LEU B 69 -3.51 -8.77 -9.73
CA LEU B 69 -4.14 17.94 17.50
C LEU B 69 25.37 -3.07 -3.50
C LEU B 69 -22.12 -4.45 -13.72
C LEU B 69 -3.88 -8.81 -11.18
C LEU B 69 -4.22 19.44 17.50
N VAL B 70 26.55 -3.53 -3.21
N VAL B 70 -21.97 -4.52 -15.00
N VAL B 70 -3.53 -9.83 -11.90
N VAL B 70 -5.22 20.02 16.93
CA VAL B 70 27.71 -3.36 -4.13
CA VAL B 70 -23.02 -3.97 -15.93
CA VAL B 70 -3.95 -9.97 -13.32
CA VAL B 70 -5.40 21.50 16.99
C VAL B 70 27.94 -4.77 -4.68
C VAL B 70 -23.65 -5.25 -16.53
C VAL B 70 -5.00 -11.10 -13.27
C VAL B 70 -6.57 21.68 17.96
N LEU B 71 28.24 -4.89 -5.96
N LEU B 71 -24.96 -5.25 -16.69
N LEU B 71 -6.07 -10.97 -14.02
N LEU B 71 -6.51 22.67 18.81
CA LEU B 71 28.51 -6.21 -6.56
CA LEU B 71 -25.65 -6.41 -17.29
CA LEU B 71 -7.11 -12.03 -14.06
CA LEU B 71 -7.61 22.95 19.75
C LEU B 71 30.00 -6.45 -6.59
C LEU B 71 -25.86 -6.18 -18.76
C LEU B 71 -6.87 -12.93 -15.25
C LEU B 71 -8.51 24.02 19.20
N MET A 1 6.38 18.40 -20.67
CA MET A 1 5.74 19.56 -20.05
C MET A 1 6.28 19.67 -18.60
N GLN A 2 6.34 20.88 -18.14
CA GLN A 2 6.81 21.11 -16.74
C GLN A 2 5.61 21.10 -15.81
N ILE A 3 5.80 20.45 -14.66
CA ILE A 3 4.77 20.47 -13.61
C ILE A 3 5.53 20.83 -12.30
N PHE A 4 4.75 21.23 -11.33
CA PHE A 4 5.40 21.59 -10.01
C PHE A 4 4.91 20.64 -8.96
N VAL A 5 5.74 20.16 -8.03
CA VAL A 5 5.27 19.32 -6.95
C VAL A 5 5.58 20.10 -5.65
N LYS A 6 4.57 20.50 -4.95
CA LYS A 6 4.78 21.30 -3.70
C LYS A 6 4.77 20.35 -2.53
N THR A 7 5.82 20.41 -1.68
CA THR A 7 5.88 19.52 -0.51
C THR A 7 5.42 20.27 0.74
N LEU A 8 5.24 19.58 1.84
CA LEU A 8 4.74 20.24 3.07
C LEU A 8 5.81 21.08 3.74
N THR A 9 7.06 21.03 3.24
CA THR A 9 8.08 21.90 3.94
C THR A 9 8.35 23.16 3.18
N GLY A 10 7.52 23.50 2.24
CA GLY A 10 7.67 24.69 1.43
C GLY A 10 8.68 24.63 0.33
N LYS A 11 9.10 23.43 0.00
CA LYS A 11 10.01 23.21 -1.12
C LYS A 11 9.11 22.84 -2.31
N THR A 12 9.42 23.38 -3.48
CA THR A 12 8.62 22.98 -4.66
C THR A 12 9.61 22.35 -5.64
N ILE A 13 9.25 21.19 -6.17
CA ILE A 13 10.23 20.60 -7.13
C ILE A 13 9.65 20.67 -8.52
N THR A 14 10.47 20.94 -9.51
CA THR A 14 9.89 20.97 -10.89
C THR A 14 10.25 19.66 -11.57
N LEU A 15 9.33 19.09 -12.33
CA LEU A 15 9.58 17.83 -13.01
C LEU A 15 9.25 18.02 -14.49
N GLU A 16 9.89 17.22 -15.31
CA GLU A 16 9.51 17.26 -16.76
C GLU A 16 8.85 15.92 -17.00
N VAL A 17 7.60 16.03 -17.42
CA VAL A 17 6.77 14.86 -17.67
C VAL A 17 5.93 15.04 -18.95
N GLU A 18 5.32 13.93 -19.31
CA GLU A 18 4.37 13.84 -20.41
C GLU A 18 3.06 13.38 -19.82
N PRO A 19 1.95 13.87 -20.34
CA PRO A 19 0.61 13.47 -19.90
C PRO A 19 0.43 11.98 -19.97
N SER A 20 1.19 11.31 -20.81
CA SER A 20 1.03 9.85 -20.98
C SER A 20 1.72 9.11 -19.87
N ASP A 21 2.49 9.83 -19.05
CA ASP A 21 3.19 9.10 -17.96
C ASP A 21 2.21 8.63 -16.92
N THR A 22 2.51 7.52 -16.30
CA THR A 22 1.71 6.99 -15.21
C THR A 22 2.16 7.68 -13.91
N ILE A 23 1.25 7.61 -12.94
CA ILE A 23 1.52 8.13 -11.60
C ILE A 23 2.72 7.40 -10.98
N GLU A 24 2.80 6.12 -11.24
CA GLU A 24 3.98 5.32 -10.73
C GLU A 24 5.27 5.90 -11.23
N CYS A 25 5.30 6.34 -12.52
CA CYS A 25 6.50 6.91 -13.13
C CYS A 25 6.85 8.24 -12.50
N VAL A 26 5.82 9.05 -12.28
CA VAL A 26 6.04 10.34 -11.65
C VAL A 26 6.71 10.15 -10.29
N LYS A 27 6.18 9.20 -9.52
CA LYS A 27 6.74 8.92 -8.19
C LYS A 27 8.19 8.48 -8.29
N ALA A 28 8.54 7.70 -9.30
CA ALA A 28 9.92 7.29 -9.53
C ALA A 28 10.80 8.47 -9.89
N LYS A 29 10.31 9.43 -10.66
CA LYS A 29 11.09 10.64 -10.97
C LYS A 29 11.35 11.47 -9.69
N ILE A 30 10.35 11.49 -8.81
CA ILE A 30 10.50 12.25 -7.55
C ILE A 30 11.53 11.50 -6.70
N GLN A 31 11.49 10.19 -6.69
CA GLN A 31 12.50 9.45 -5.86
C GLN A 31 13.90 9.76 -6.40
N ASP A 32 14.01 9.63 -7.70
CA ASP A 32 15.30 9.91 -8.37
C ASP A 32 15.83 11.29 -8.03
N LYS A 33 14.94 12.30 -7.98
CA LYS A 33 15.50 13.66 -7.74
C LYS A 33 15.53 14.13 -6.33
N GLU A 34 14.74 13.67 -5.41
CA GLU A 34 14.73 14.09 -4.02
C GLU A 34 14.92 12.96 -3.04
N GLY A 35 14.94 11.73 -3.52
CA GLY A 35 15.18 10.58 -2.69
C GLY A 35 14.07 10.02 -1.89
N ILE A 36 12.84 10.55 -2.06
CA ILE A 36 11.72 10.01 -1.29
C ILE A 36 11.20 8.72 -1.91
N PRO A 37 11.15 7.65 -1.13
CA PRO A 37 10.64 6.34 -1.58
C PRO A 37 9.21 6.46 -2.09
N PRO A 38 8.88 5.84 -3.19
CA PRO A 38 7.51 5.95 -3.73
C PRO A 38 6.45 5.52 -2.76
N ASP A 39 6.74 4.57 -1.90
CA ASP A 39 5.72 4.05 -0.95
C ASP A 39 5.34 5.08 0.11
N GLN A 40 6.16 6.11 0.23
CA GLN A 40 5.83 7.18 1.22
C GLN A 40 5.08 8.36 0.58
N GLN A 41 5.02 8.40 -0.74
CA GLN A 41 4.40 9.48 -1.46
C GLN A 41 2.90 9.36 -1.66
N ARG A 42 2.21 10.46 -1.32
CA ARG A 42 0.75 10.57 -1.60
C ARG A 42 0.62 11.80 -2.48
N LEU A 43 0.18 11.67 -3.73
CA LEU A 43 0.09 12.84 -4.63
C LEU A 43 -1.35 13.30 -4.76
N ILE A 44 -1.57 14.59 -4.57
CA ILE A 44 -2.91 15.19 -4.61
C ILE A 44 -3.02 16.28 -5.66
N PHE A 45 -4.11 16.19 -6.46
CA PHE A 45 -4.39 17.20 -7.50
C PHE A 45 -5.92 17.33 -7.53
N ALA A 46 -6.32 18.58 -7.46
CA ALA A 46 -7.74 18.98 -7.52
C ALA A 46 -8.59 18.14 -6.58
N GLY A 47 -8.08 17.99 -5.40
CA GLY A 47 -8.62 17.24 -4.29
C GLY A 47 -8.80 15.76 -4.47
N CYS A 48 -8.13 15.15 -5.41
CA CYS A 48 -8.12 13.71 -5.63
C CYS A 48 -6.78 13.12 -5.25
N GLN A 49 -6.74 11.97 -4.70
CA GLN A 49 -5.43 11.30 -4.47
C GLN A 49 -5.16 10.55 -5.77
N LEU A 50 -3.98 10.72 -6.33
CA LEU A 50 -3.65 10.11 -7.64
C LEU A 50 -3.29 8.65 -7.46
N GLU A 51 -3.77 7.80 -8.37
CA GLU A 51 -3.53 6.34 -8.25
C GLU A 51 -2.42 5.92 -9.18
N ASP A 52 -1.53 5.06 -8.79
CA ASP A 52 -0.35 4.62 -9.54
C ASP A 52 -0.48 4.20 -10.99
N GLY A 53 -1.50 3.45 -11.32
CA GLY A 53 -1.74 2.91 -12.67
C GLY A 53 -2.40 3.82 -13.65
N ARG A 54 -2.89 4.98 -13.21
CA ARG A 54 -3.49 5.96 -14.13
C ARG A 54 -2.37 6.83 -14.68
N THR A 55 -2.66 7.57 -15.72
CA THR A 55 -1.72 8.53 -16.36
C THR A 55 -2.16 9.94 -15.93
N LEU A 56 -1.27 10.90 -16.12
CA LEU A 56 -1.55 12.31 -15.83
C LEU A 56 -2.72 12.75 -16.70
N SER A 57 -2.80 12.25 -17.95
CA SER A 57 -3.93 12.69 -18.80
C SER A 57 -5.26 12.26 -18.24
N ASP A 58 -5.29 11.15 -17.53
CA ASP A 58 -6.56 10.64 -16.93
C ASP A 58 -7.20 11.71 -16.05
N TYR A 59 -6.37 12.41 -15.33
CA TYR A 59 -6.76 13.49 -14.42
C TYR A 59 -6.79 14.84 -15.09
N ASN A 60 -6.55 14.98 -16.38
CA ASN A 60 -6.58 16.32 -16.99
C ASN A 60 -5.58 17.25 -16.32
N ILE A 61 -4.36 16.77 -16.10
CA ILE A 61 -3.28 17.62 -15.54
C ILE A 61 -2.59 18.28 -16.73
N GLN A 62 -2.64 19.57 -16.85
CA GLN A 62 -2.07 20.32 -18.00
C GLN A 62 -0.74 20.97 -17.58
N LYS A 63 0.04 21.51 -18.58
CA LYS A 63 1.33 22.10 -18.24
C LYS A 63 1.17 23.16 -17.17
N GLU A 64 2.22 23.18 -16.36
CA GLU A 64 2.37 24.09 -15.26
C GLU A 64 1.44 23.96 -14.10
N SER A 65 0.81 22.79 -14.03
CA SER A 65 -0.07 22.42 -12.91
C SER A 65 0.84 22.18 -11.68
N THR A 66 0.25 22.25 -10.50
CA THR A 66 0.96 21.97 -9.25
C THR A 66 0.29 20.77 -8.56
N LEU A 67 1.06 19.74 -8.22
CA LEU A 67 0.49 18.62 -7.46
C LEU A 67 0.98 18.81 -6.00
N HIS A 68 0.26 18.31 -5.06
CA HIS A 68 0.72 18.43 -3.66
C HIS A 68 1.24 17.05 -3.26
N LEU A 69 2.38 17.02 -2.60
CA LEU A 69 2.96 15.77 -2.10
C LEU A 69 2.83 15.67 -0.60
N VAL A 70 2.10 14.73 -0.09
CA VAL A 70 2.03 14.52 1.38
C VAL A 70 2.81 13.21 1.60
N LEU A 71 3.60 13.15 2.65
CA LEU A 71 4.36 11.93 2.95
C LEU A 71 3.61 11.09 3.95
N ARG A 72 3.68 9.79 3.78
N ARG A 72 3.64 9.77 3.76
N ARG A 72 3.62 9.78 3.73
N ARG A 72 3.46 9.80 3.73
CA ARG A 72 3.10 8.83 4.74
CA ARG A 72 3.02 8.80 4.69
CA ARG A 72 3.01 8.77 4.61
CA ARG A 72 2.70 8.96 4.66
C ARG A 72 1.68 9.31 5.00
C ARG A 72 1.54 8.77 4.32
C ARG A 72 1.78 9.44 5.21
C ARG A 72 2.72 7.55 4.06
N LEU A 73 1.24 9.46 6.20
N LEU A 73 0.66 8.29 5.14
N LEU A 73 1.80 9.90 6.42
N LEU A 73 2.23 6.54 4.72
CA LEU A 73 -0.17 9.91 6.42
CA LEU A 73 -0.76 8.26 4.77
CA LEU A 73 0.59 10.52 7.00
CA LEU A 73 2.26 5.19 4.11
C LEU A 73 -1.12 8.94 5.73
C LEU A 73 -0.97 7.32 3.57
C LEU A 73 -0.39 9.44 7.45
C LEU A 73 3.67 4.63 4.18
N ARG A 74 -0.79 7.66 5.87
N ARG A 74 -1.15 6.06 3.91
N ARG A 74 0.14 8.57 8.30
N ARG A 74 4.00 4.13 5.35
CA ARG A 74 -1.58 6.58 5.27
CA ARG A 74 -1.35 4.99 2.92
CA ARG A 74 -0.63 7.43 8.84
CA ARG A 74 5.33 3.56 5.61
C ARG A 74 -1.16 5.25 5.90
C ARG A 74 -1.97 3.78 3.60
C ARG A 74 -0.09 7.08 10.22
C ARG A 74 5.20 2.52 6.73
N GLY A 75 0.07 5.24 6.38
N GLY A 75 -2.52 2.90 2.77
N GLY A 75 -0.97 6.53 11.04
N GLY A 75 4.05 2.54 7.37
CA GLY A 75 0.67 4.07 7.02
CA GLY A 75 -3.18 1.69 3.22
CA GLY A 75 -0.66 6.13 12.40
CA GLY A 75 3.73 1.64 8.48
C GLY A 75 2.16 4.17 7.28
C GLY A 75 -3.74 0.81 2.12
C GLY A 75 0.44 5.08 12.53
C GLY A 75 2.99 0.38 8.08
N GLY A 76 2.67 3.11 7.87
N GLY A 76 -4.32 -0.29 2.55
N GLY A 76 0.37 4.13 11.62
N GLY A 76 2.55 -0.32 9.11
CA GLY A 76 4.08 2.94 8.22
CA GLY A 76 -4.96 -1.30 1.69
CA GLY A 76 1.33 3.01 11.50
CA GLY A 76 1.79 -1.57 9.00
C GLY A 76 4.18 1.89 9.35
C GLY A 76 -6.11 -1.95 2.48
C GLY A 76 1.04 2.27 10.20
C GLY A 76 1.93 -2.35 10.33
N MET B 1 7.69 -7.55 7.50
N MET B 1 -11.51 -12.63 1.06
N MET B 1 -0.33 -5.13 9.78
N MET B 1 -5.35 -2.66 19.10
CA MET B 1 7.85 -6.09 7.40
CA MET B 1 -11.69 -11.17 1.16
CA MET B 1 0.26 -4.11 8.90
CA MET B 1 -4.16 -2.35 18.29
C MET B 1 8.48 -5.80 6.03
C MET B 1 -13.03 -10.83 0.47
C MET B 1 -0.70 -3.92 7.71
C MET B 1 -3.50 -1.10 18.92
N GLN B 2 8.15 -4.65 5.52
N GLN B 2 -13.63 -9.78 0.96
N GLN B 2 -0.70 -2.73 7.20
N GLN B 2 -2.21 -1.06 18.77
CA GLN B 2 8.73 -4.23 4.20
CA GLN B 2 -14.92 -9.33 0.35
CA GLN B 2 -1.57 -2.43 6.02
CA GLN B 2 -1.45 0.13 19.31
C GLN B 2 10.00 -3.43 4.47
C GLN B 2 -14.62 -8.32 -0.75
C GLN B 2 -0.77 -2.69 4.75
C GLN B 2 -1.35 1.18 18.22
N ILE B 3 11.02 -3.72 3.66
N ILE B 3 -15.34 -8.46 -1.85
N ILE B 3 -1.44 -3.31 3.78
N ILE B 3 -1.55 2.43 18.63
CA ILE B 3 12.26 -2.92 3.71
CA ILE B 3 -15.25 -7.46 -2.94
CA ILE B 3 -0.85 -3.49 2.44
CA ILE B 3 -1.34 3.56 17.70
C ILE B 3 12.56 -2.54 2.22
C ILE B 3 -16.73 -7.10 -3.30
C ILE B 3 -1.93 -3.01 1.43
C ILE B 3 -0.46 4.58 18.49
N PHE B 4 13.43 -1.56 2.10
N PHE B 4 -16.85 -5.99 -3.98
N PHE B 4 -1.46 -2.78 0.23
N PHE B 4 0.12 5.48 17.72
CA PHE B 4 13.80 -1.13 0.70
CA PHE B 4 -18.24 -5.57 -4.38
CA PHE B 4 -2.44 -2.32 -0.82
CA PHE B 4 0.99 6.51 18.39
C PHE B 4 15.26 -1.39 0.49
C PHE B 4 -18.34 -5.59 -5.89
C PHE B 4 -2.50 -3.36 -1.90
C PHE B 4 0.38 7.86 18.19
N VAL B 5 15.71 -1.87 -0.67
N VAL B 5 -19.44 -6.04 -6.49
N VAL B 5 -3.66 -3.68 -2.47
N VAL B 5 0.37 8.76 19.16
CA VAL B 5 17.12 -2.06 -0.94
CA VAL B 5 -19.59 -5.99 -7.93
CA VAL B 5 -3.74 -4.62 -3.58
CA VAL B 5 -0.13 10.11 18.97
C VAL B 5 17.44 -1.12 -2.14
C VAL B 5 -20.81 -5.07 -8.18
C VAL B 5 -4.33 -3.81 -4.76
C VAL B 5 1.07 11.04 19.22
N LYS B 6 18.23 -0.14 -1.91
N LYS B 6 -20.60 -3.95 -8.78
N LYS B 6 -3.56 -3.62 -5.79
N LYS B 6 1.51 11.73 18.22
CA LYS B 6 18.57 0.84 -3.01
CA LYS B 6 -21.72 -2.98 -9.03
CA LYS B 6 -4.04 -2.81 -6.96
CA LYS B 6 2.70 12.63 18.36
C LYS B 6 19.86 0.40 -3.65
C LYS B 6 -22.25 -3.22 -10.42
C LYS B 6 -4.58 -3.76 -7.98
C LYS B 6 2.21 14.01 18.64
N THR B 7 19.85 0.26 -5.00
N THR B 7 -23.58 -3.42 -10.54
N THR B 7 -5.83 -3.52 -8.45
N THR B 7 2.71 14.65 19.73
CA THR B 7 21.07 -0.17 -5.69
CA THR B 7 -24.17 -3.67 -11.87
CA THR B 7 -6.43 -4.40 -9.46
CA THR B 7 2.27 16.01 20.06
C THR B 7 21.77 1.06 -6.29
C THR B 7 -24.77 -2.37 -12.39
C THR B 7 -6.29 -3.76 -10.84
C THR B 7 3.31 17.02 19.56
N LEU B 8 22.98 0.90 -6.79
N LEU B 8 -25.19 -2.34 -13.65
N LEU B 8 -6.61 -4.49 -11.89
N LEU B 8 3.01 18.30 19.60
CA LEU B 8 23.74 2.05 -7.34
CA LEU B 8 -25.75 -1.11 -14.23
CA LEU B 8 -6.46 -3.95 -13.26
CA LEU B 8 3.94 19.33 19.10
C LEU B 8 23.19 2.51 -8.67
C LEU B 8 -27.15 -0.80 -13.73
C LEU B 8 -7.51 -2.93 -13.61
C LEU B 8 5.13 19.54 20.03
N THR B 9 22.23 1.78 -9.26
N THR B 9 -27.75 -1.72 -12.96
N THR B 9 -8.51 -2.74 -12.73
N THR B 9 5.12 18.91 21.21
CA THR B 9 21.73 2.27 -10.58
CA THR B 9 -29.14 -1.37 -12.48
CA THR B 9 -9.53 -1.71 -13.11
CA THR B 9 6.31 19.15 22.09
C THR B 9 20.41 2.99 -10.45
C THR B 9 -29.13 -0.89 -11.06
C THR B 9 -9.33 -0.41 -12.40
C THR B 9 7.27 18.00 22.06
N GLY B 10 20.03 3.35 -9.26
N GLY B 10 -28.00 -0.55 -10.53
N GLY B 10 -8.18 -0.21 -11.82
N GLY B 10 7.15 17.14 21.10
CA GLY B 10 18.80 4.05 -8.98
CA GLY B 10 -27.85 -0.07 -9.18
CA GLY B 10 -7.83 1.00 -11.10
CA GLY B 10 8.02 15.99 20.94
C GLY B 10 17.56 3.22 -9.00
C GLY B 10 -27.90 -1.10 -8.10
C GLY B 10 -8.42 1.14 -9.73
C GLY B 10 7.76 14.83 21.86
N LYS B 11 17.72 1.92 -8.91
N LYS B 11 -27.73 -2.34 -8.47
N LYS B 11 -8.90 0.05 -9.18
N LYS B 11 6.60 14.83 22.47
CA LYS B 11 16.60 0.99 -8.81
CA LYS B 11 -27.65 -3.45 -7.52
CA LYS B 11 -9.41 0.02 -7.81
CA LYS B 11 6.17 13.72 23.31
C LYS B 11 16.45 0.71 -7.30
C LYS B 11 -26.14 -3.69 -7.30
C LYS B 11 -8.23 -0.50 -6.96
C LYS B 11 5.28 12.83 22.40
N THR B 12 15.22 0.67 -6.83
N THR B 12 -25.75 -3.92 -6.06
N THR B 12 -8.03 0.11 -5.80
N THR B 12 5.45 11.52 22.51
CA THR B 12 15.04 0.31 -5.41
CA THR B 12 -24.33 -4.23 -5.84
CA THR B 12 -6.97 -0.42 -4.92
CA THR B 12 4.57 10.65 21.71
C THR B 12 14.18 -0.95 -5.40
C THR B 12 -24.30 -5.62 -5.20
C THR B 12 -7.66 -0.83 -3.62
C THR B 12 3.82 9.79 22.71
N ILE B 13 14.61 -1.95 -4.63
N ILE B 13 -23.45 -6.49 -5.74
N ILE B 13 -7.37 -2.05 -3.15
N ILE B 13 2.49 9.71 22.55
CA ILE B 13 13.75 -3.18 -4.63
CA ILE B 13 -23.43 -7.84 -5.10
CA ILE B 13 -8.05 -2.43 -1.89
CA ILE B 13 1.79 8.84 23.54
C ILE B 13 13.08 -3.29 -3.29
C ILE B 13 -22.14 -8.01 -4.34
C ILE B 13 -7.04 -2.45 -0.78
C ILE B 13 1.30 7.60 22.85
N THR B 14 11.83 -3.73 -3.27
N THR B 14 -22.18 -8.65 -3.19
N THR B 14 -7.41 -2.01 0.41
N THR B 14 1.36 6.47 23.52
CA THR B 14 11.18 -3.88 -1.93
CA THR B 14 -20.88 -8.84 -2.48
CA THR B 14 -6.41 -2.08 1.52
CA THR B 14 0.83 5.25 22.83
C THR B 14 11.19 -5.34 -1.56
C THR B 14 -20.43 -10.26 -2.71
C THR B 14 -6.74 -3.27 2.38
C THR B 14 -0.53 4.95 23.38
N LEU B 15 11.46 -5.67 -0.31
N LEU B 15 -19.14 -10.49 -2.94
N LEU B 15 -5.74 -4.01 2.83
N LEU B 15 -1.48 4.55 22.53
CA LEU B 15 11.51 -7.04 0.13
CA LEU B 15 -18.62 -11.81 -3.18
CA LEU B 15 -5.95 -5.18 3.65
CA LEU B 15 -2.83 4.27 22.97
C LEU B 15 10.58 -7.21 1.33
C LEU B 15 -17.48 -12.08 -2.19
C LEU B 15 -5.12 -5.04 4.93
C LEU B 15 -3.20 2.85 22.49
N GLU B 16 10.10 -8.41 1.51
N GLU B 16 -17.26 -13.34 -1.92
N GLU B 16 -5.58 -5.69 5.97
N GLU B 16 -4.11 2.23 23.20
CA GLU B 16 9.29 -8.65 2.74
CA GLU B 16 -16.07 -13.66 -1.06
CA GLU B 16 -4.73 -5.70 7.20
CA GLU B 16 -4.60 0.92 22.70
C GLU B 16 10.16 -9.58 3.57
C GLU B 16 -15.14 -14.38 -2.01
C GLU B 16 -4.28 -7.13 7.31
C GLU B 16 -6.03 1.21 22.30
N VAL B 17 10.47 -9.08 4.76
N VAL B 17 -13.96 -13.78 -2.13
N VAL B 17 -2.95 -7.26 7.31
N VAL B 17 -6.28 0.94 21.02
CA VAL B 17 11.34 -9.78 5.69
CA VAL B 17 -12.94 -14.28 -3.03
CA VAL B 17 -2.30 -8.56 7.35
CA VAL B 17 -7.58 1.19 20.42
C VAL B 17 10.81 -9.67 7.13
C VAL B 17 -11.54 -14.19 -2.39
C VAL B 17 -1.07 -8.53 8.27
C VAL B 17 -7.97 0.06 19.46
N GLU B 18 11.46 -10.46 7.96
N GLU B 18 -10.62 -14.81 -3.09
N GLU B 18 -0.58 -9.73 8.48
N GLU B 18 -9.22 0.15 19.05
CA GLU B 18 11.25 -10.46 9.40
CA GLU B 18 -9.19 -14.79 -2.77
CA GLU B 18 0.66 -9.98 9.23
CA GLU B 18 -9.81 -0.74 18.05
C GLU B 18 12.58 -10.11 10.04
C GLU B 18 -8.49 -14.17 -3.97
C GLU B 18 1.59 -10.69 8.27
C GLU B 18 -10.27 0.16 16.91
N PRO B 19 12.54 -9.37 11.14
N PRO B 19 -7.45 -13.41 -3.73
N PRO B 19 2.88 -10.41 8.37
N PRO B 19 -10.15 -0.34 15.69
CA PRO B 19 13.76 -9.00 11.88
CA PRO B 19 -6.65 -12.79 -4.80
CA PRO B 19 3.89 -11.06 7.54
CA PRO B 19 -10.59 0.40 14.50
C PRO B 19 14.58 -10.20 12.26
C PRO B 19 -6.15 -13.82 -5.78
C PRO B 19 3.83 -12.56 7.66
C PRO B 19 -12.03 0.83 14.60
N SER B 20 13.95 -11.35 12.35
N SER B 20 -6.01 -15.06 -5.34
N SER B 20 3.31 -13.06 8.76
N SER B 20 -12.81 0.12 15.40
CA SER B 20 14.67 -12.57 12.77
CA SER B 20 -5.48 -16.10 -6.22
CA SER B 20 3.25 -14.52 8.97
CA SER B 20 -14.25 0.45 15.52
C SER B 20 15.45 -13.16 11.62
C SER B 20 -6.54 -16.61 -7.18
C SER B 20 2.10 -15.14 8.21
C SER B 20 -14.47 1.62 16.44
N ASP B 21 15.23 -12.63 10.41
N ASP B 21 -7.78 -16.17 -6.97
N ASP B 21 1.24 -14.29 7.63
N ASP B 21 -13.40 2.06 17.11
CA ASP B 21 15.98 -13.21 9.27
CA ASP B 21 -8.85 -16.68 -7.88
CA ASP B 21 0.09 -14.89 6.89
CA ASP B 21 -13.61 3.21 18.04
C ASP B 21 17.44 -12.86 9.37
C ASP B 21 -8.67 -16.08 -9.26
C ASP B 21 0.58 -15.54 5.63
C ASP B 21 -13.84 4.47 17.26
N THR B 22 18.28 -13.75 8.87
N THR B 22 -9.04 -16.83 -10.28
N THR B 22 -0.10 -16.60 5.23
N THR B 22 -14.65 5.36 17.83
CA THR B 22 19.70 -13.51 8.81
CA THR B 22 -9.02 -16.36 -11.64
CA THR B 22 0.19 -17.28 3.99
CA THR B 22 -14.90 6.66 17.23
C THR B 22 20.00 -12.70 7.52
C THR B 22 -10.33 -15.57 -11.90
C THR B 22 -0.54 -16.53 2.84
C THR B 22 -13.75 7.60 17.64
N ILE B 23 21.18 -12.08 7.56
N ILE B 23 -10.26 -14.74 -12.95
N ILE B 23 -0.03 -16.80 1.63
N ILE B 23 -13.65 8.67 16.84
CA ILE B 23 21.68 -11.35 6.39
CA ILE B 23 -11.42 -14.00 -13.40
CA ILE B 23 -0.65 -16.25 0.43
CA ILE B 23 -12.67 9.73 17.12
C ILE B 23 21.85 -12.29 5.21
C ILE B 23 -12.54 -14.95 -13.83
C ILE B 23 -2.09 -16.76 0.29
C ILE B 23 -12.96 10.37 18.48
N GLU B 24 22.29 -13.50 5.48
N GLU B 24 -12.16 -16.05 -14.44
N GLU B 24 -2.31 -17.99 0.66
N GLU B 24 -14.22 10.51 18.80
CA GLU B 24 22.43 -14.53 4.39
CA GLU B 24 -13.17 -17.08 -14.84
CA GLU B 24 -3.70 -18.55 0.62
CA GLU B 24 -14.61 11.07 20.13
C GLU B 24 21.11 -14.74 3.69
C GLU B 24 -13.94 -17.56 -13.63
C GLU B 24 -4.64 -17.73 1.48
C GLU B 24 -14.03 10.23 21.25
N ASN B 25 20.03 -14.78 4.45
N ASN B 25 -13.25 -17.75 -12.52
N ASN B 25 -4.16 -17.30 2.64
N ASN B 25 -14.05 8.92 21.08
CA ASN B 25 18.67 -15.00 3.95
CA ASN B 25 -13.83 -18.22 -11.25
CA ASN B 25 -4.92 -16.50 3.60
CA ASN B 25 -13.53 7.95 22.06
C ASN B 25 18.21 -13.84 3.07
C ASN B 25 -14.82 -17.21 -10.68
C ASN B 25 -5.26 -15.12 3.03
C ASN B 25 -12.02 8.08 22.23
N VAL B 26 18.49 -12.65 3.56
N VAL B 26 -14.39 -15.95 -10.71
N VAL B 26 -4.25 -14.53 2.40
N VAL B 26 -11.36 8.20 21.09
CA VAL B 26 18.14 -11.43 2.81
CA VAL B 26 -15.22 -14.86 -10.23
CA VAL B 26 -4.43 -13.22 1.78
CA VAL B 26 -9.91 8.36 21.08
C VAL B 26 18.82 -11.48 1.45
C VAL B 26 -16.54 -14.84 -11.00
C VAL B 26 -5.54 -13.31 0.74
C VAL B 26 -9.54 9.60 21.89
N LYS B 27 20.10 -11.82 1.45
N LYS B 27 -16.43 -14.95 -12.32
N LYS B 27 -5.48 -14.35 -0.09
N LYS B 27 -10.26 10.69 21.63
CA LYS B 27 20.86 -11.88 0.19
CA LYS B 27 -17.62 -14.95 -13.18
CA LYS B 27 -6.48 -14.54 -1.14
CA LYS B 27 -9.99 11.95 22.34
C LYS B 27 20.26 -12.92 -0.75
C LYS B 27 -18.53 -16.11 -12.83
C LYS B 27 -7.87 -14.69 -0.54
C LYS B 27 -10.20 11.79 23.84
N ALA B 28 19.79 -14.03 -0.22
N ALA B 28 -17.98 -17.27 -12.52
N ALA B 28 -7.98 -15.37 0.59
N ALA B 28 -11.20 11.03 24.24
CA ALA B 28 19.13 -15.05 -1.04
CA ALA B 28 -18.77 -18.43 -12.10
CA ALA B 28 -9.27 -15.52 1.28
CA ALA B 28 -11.44 10.75 25.65
C ALA B 28 17.82 -14.55 -1.61
C ALA B 28 -19.47 -18.18 -10.78
C ALA B 28 -9.77 -14.19 1.82
C ALA B 28 -10.31 9.93 26.26
N LYS B 29 17.06 -13.76 -0.87
N LYS B 29 -18.82 -17.51 -9.84
N LYS B 29 -8.88 -13.33 2.32
N LYS B 29 -9.76 8.97 25.53
CA LYS B 29 15.81 -13.16 -1.39
CA LYS B 29 -19.47 -17.16 -8.55
CA LYS B 29 -9.28 -11.98 2.76
CA LYS B 29 -8.61 8.19 26.03
C LYS B 29 16.12 -12.18 -2.54
C LYS B 29 -20.65 -16.19 -8.78
C LYS B 29 -9.81 -11.14 1.59
C LYS B 29 -7.37 9.10 26.22
N ILE B 30 17.23 -11.46 -2.39
N ILE B 30 -20.46 -15.28 -9.74
N ILE B 30 -9.18 -11.32 0.42
N ILE B 30 -7.22 10.07 25.31
CA ILE B 30 17.61 -10.49 -3.44
CA ILE B 30 -21.54 -14.32 -10.03
CA ILE B 30 -9.60 -10.56 -0.76
CA ILE B 30 -6.07 10.99 25.41
C ILE B 30 18.04 -11.31 -4.66
C ILE B 30 -22.68 -15.10 -10.69
C ILE B 30 -10.97 -11.12 -1.18
C ILE B 30 -6.33 11.88 26.63
N GLN B 31 18.75 -12.40 -4.47
N GLN B 31 -22.37 -16.04 -11.55
N GLN B 31 -11.17 -12.41 -1.10
N GLN B 31 -7.55 12.30 26.85
CA GLN B 31 19.17 -13.20 -5.66
CA GLN B 31 -23.48 -16.82 -12.19
CA GLN B 31 -12.50 -12.95 -1.49
CA GLN B 31 -7.81 13.17 28.05
C GLN B 31 17.90 -13.71 -6.37
C GLN B 31 -24.26 -17.58 -11.09
C GLN B 31 -13.58 -12.38 -0.55
C GLN B 31 -7.47 12.36 29.32
N ASP B 32 17.03 -14.28 -5.58
N ASP B 32 -23.48 -18.24 -10.26
N ASP B 32 -13.26 -12.47 0.72
N ASP B 32 -8.00 11.17 29.35
CA ASP B 32 15.75 -14.80 -6.11
CA ASP B 32 -24.08 -19.00 -9.15
CA ASP B 32 -14.18 -11.94 1.76
CA ASP B 32 -7.76 10.26 30.49
C ASP B 32 15.00 -13.76 -6.91
C ASP B 32 -24.99 -18.15 -8.29
C ASP B 32 -14.55 -10.49 1.50
C ASP B 32 -6.28 10.09 30.77
N LYS B 33 14.98 -12.50 -6.42
N LYS B 33 -24.58 -16.90 -8.01
N LYS B 33 -13.57 -9.67 1.09
N LYS B 33 -5.47 9.93 29.71
CA LYS B 33 14.15 -11.52 -7.17
CA LYS B 33 -25.44 -16.10 -7.10
CA LYS B 33 -13.93 -8.23 0.94
CA LYS B 33 -4.03 9.67 30.00
C LYS B 33 14.85 -10.70 -8.20
C LYS B 33 -26.47 -15.22 -7.73
C LYS B 33 -14.35 -7.78 -0.41
C LYS B 33 -3.12 10.85 30.06
N GLU B 34 16.14 -10.46 -8.17
N GLU B 34 -26.36 -14.76 -8.94
N GLU B 34 -14.00 -8.40 -1.51
N GLU B 34 -3.37 11.97 29.45
CA GLU B 34 16.85 -9.67 -9.14
CA GLU B 34 -27.32 -13.90 -9.61
CA GLU B 34 -14.39 -8.00 -2.85
CA GLU B 34 -2.53 13.14 29.47
C GLU B 34 18.00 -10.41 -9.78
C GLU B 34 -27.84 -14.45 -10.90
C GLU B 34 -15.09 -9.09 -3.62
C GLU B 34 -3.22 14.39 29.96
N GLY B 35 18.31 -11.60 -9.31
N GLY B 35 -27.28 -15.56 -11.37
N GLY B 35 -15.15 -10.29 -3.07
N GLY B 35 -4.53 14.32 30.18
CA GLY B 35 19.34 -12.43 -9.89
CA GLY B 35 -27.73 -16.22 -12.56
CA GLY B 35 -15.86 -11.38 -3.69
CA GLY B 35 -5.28 15.42 30.71
C GLY B 35 20.75 -12.18 -9.52
C GLY B 35 -27.29 -15.71 -13.87
C GLY B 35 -15.19 -12.16 -4.75
C GLY B 35 -5.72 16.49 29.80
N ILE B 36 20.99 -11.24 -8.59
N ILE B 36 -26.39 -14.72 -13.88
N ILE B 36 -13.91 -11.86 -5.03
N ILE B 36 -5.47 16.34 28.49
CA ILE B 36 22.39 -10.98 -8.20
CA ILE B 36 -25.92 -14.20 -15.18
CA ILE B 36 -13.22 -12.62 -6.10
CA ILE B 36 -5.91 17.39 27.56
C ILE B 36 22.91 -12.04 -7.23
C ILE B 36 -24.87 -15.11 -15.79
C ILE B 36 -12.75 -13.97 -5.58
C ILE B 36 -7.39 17.28 27.25
N PRO B 37 24.01 -12.69 -7.58
N PRO B 37 -25.10 -15.56 -17.02
N PRO B 37 -13.16 -15.04 -6.25
N PRO B 37 -8.13 18.36 27.48
CA PRO B 37 24.65 -13.71 -6.73
CA PRO B 37 -24.14 -16.42 -17.75
CA PRO B 37 -12.76 -16.42 -5.90
CA PRO B 37 -9.58 18.42 27.19
C PRO B 37 24.98 -13.14 -5.36
C PRO B 37 -22.79 -15.74 -17.87
C PRO B 37 -11.25 -16.56 -5.89
C PRO B 37 -9.85 18.10 25.74
N PRO B 38 24.73 -13.87 -4.30
N PRO B 38 -21.71 -16.45 -17.66
N PRO B 38 -10.68 -17.22 -4.92
N PRO B 38 -10.86 17.31 25.45
CA PRO B 38 25.02 -13.36 -2.96
CA PRO B 38 -20.38 -15.83 -17.76
CA PRO B 38 -9.22 -17.37 -4.86
CA PRO B 38 -11.15 16.95 24.05
C PRO B 38 26.46 -12.97 -2.76
C PRO B 38 -20.11 -15.19 -19.09
C PRO B 38 -8.63 -18.00 -6.09
C PRO B 38 -11.41 18.15 23.18
N ASP B 39 27.38 -13.63 -3.41
N ASP B 39 -20.66 -15.72 -20.16
N ASP B 39 -9.35 -18.90 -6.72
N ASP B 39 -11.96 19.21 23.72
CA ASP B 39 28.82 -13.33 -3.23
CA ASP B 39 -20.39 -15.17 -21.51
CA ASP B 39 -8.82 -19.62 -7.91
CA ASP B 39 -12.29 20.42 22.91
C ASP B 39 29.21 -11.97 -3.79
C ASP B 39 -21.00 -13.79 -21.70
C ASP B 39 -8.65 -18.69 -9.11
C ASP B 39 -11.05 21.14 22.41
N GLN B 40 28.34 -11.40 -4.61
N GLN B 40 -21.92 -13.41 -20.82
N GLN B 40 -9.26 -17.51 -9.05
N GLN B 40 -9.90 20.83 23.01
CA GLN B 40 28.63 -10.06 -5.17
CA GLN B 40 -22.53 -12.07 -20.93
CA GLN B 40 -9.11 -16.55 -10.17
CA GLN B 40 -8.64 21.47 22.57
C GLN B 40 27.97 -8.94 -4.36
C GLN B 40 -21.83 -11.03 -20.02
C GLN B 40 -8.00 -15.52 -9.90
C GLN B 40 -7.88 20.60 21.56
N GLN B 41 27.09 -9.27 -3.44
N GLN B 41 -20.96 -11.48 -19.15
N GLN B 41 -7.49 -15.47 -8.68
N GLN B 41 -8.28 19.37 21.37
CA GLN B 41 26.37 -8.33 -2.63
CA GLN B 41 -20.27 -10.63 -18.20
CA GLN B 41 -6.48 -14.52 -8.28
CA GLN B 41 -7.62 18.43 20.49
C GLN B 41 27.08 -7.82 -1.40
C GLN B 41 -19.01 -9.95 -18.73
C GLN B 41 -5.05 -14.91 -8.58
C GLN B 41 -8.03 18.51 19.04
N ARG B 42 27.11 -6.50 -1.26
N ARG B 42 -18.96 -8.65 -18.52
N ARG B 42 -4.34 -13.97 -9.20
N ARG B 42 -7.01 18.58 18.19
CA ARG B 42 27.62 -5.86 -0.01
CA ARG B 42 -17.71 -7.87 -18.81
CA ARG B 42 -2.86 -14.13 -9.43
CA ARG B 42 -7.22 18.48 16.71
C ARG B 42 26.45 -5.03 0.50
C ARG B 42 -17.33 -7.22 -17.49
C ARG B 42 -2.24 -12.94 -8.74
C ARG B 42 -6.40 17.30 16.27
N LEU B 43 25.91 -5.33 1.67
N LEU B 43 -16.19 -7.56 -16.91
N LEU B 43 -1.43 -13.13 -7.70
N LEU B 43 -7.00 16.22 15.76
CA LEU B 43 24.73 -4.58 2.19
CA LEU B 43 -15.80 -7.01 -15.58
CA LEU B 43 -0.85 -11.98 -6.96
CA LEU B 43 -6.21 15.03 15.37
C LEU B 43 25.17 -3.61 3.27
C LEU B 43 -14.75 -5.92 -15.76
C LEU B 43 0.62 -11.81 -7.35
C LEU B 43 -6.06 14.96 13.85
N ILE B 44 24.74 -2.36 3.14
N ILE B 44 -14.99 -4.77 -15.15
N ILE B 44 0.98 -10.59 -7.70
N ILE B 44 -4.83 14.78 13.40
CA ILE B 44 25.12 -1.29 4.06
CA ILE B 44 -14.10 -3.61 -15.26
CA ILE B 44 2.33 -10.25 -8.15
CA ILE B 44 -4.50 14.75 11.97
C ILE B 44 23.89 -0.63 4.69
C ILE B 44 -13.60 -3.15 -13.89
C ILE B 44 2.98 -9.18 -7.28
C ILE B 44 -3.85 13.44 11.57
N PHE B 45 23.96 -0.49 6.04
N PHE B 45 -12.25 -2.94 -13.83
N PHE B 45 4.24 -9.47 -6.86
N PHE B 45 -4.37 12.86 10.45
CA PHE B 45 22.88 0.16 6.80
CA PHE B 45 -11.61 -2.44 -12.61
CA PHE B 45 5.02 -8.51 -6.06
CA PHE B 45 -3.82 11.62 9.90
C PHE B 45 23.60 0.92 7.94
C PHE B 45 -10.47 -1.51 -13.10
C PHE B 45 6.48 -8.68 -6.54
C PHE B 45 -3.96 11.77 8.37
N ALA B 46 23.22 2.18 8.01
N ALA B 46 -10.51 -0.34 -12.50
N ALA B 46 7.03 -7.53 -6.84
N ALA B 46 -2.84 11.51 7.74
CA ALA B 46 23.70 3.11 9.05
CA ALA B 46 -9.50 0.71 -12.74
CA ALA B 46 8.44 -7.40 -7.27
CA ALA B 46 -2.70 11.52 6.27
C ALA B 46 25.21 3.06 9.16
C ALA B 46 -9.28 0.92 -14.23
C ALA B 46 8.77 -8.40 -8.36
C ALA B 46 -3.32 12.78 5.69
N GLY B 47 25.84 3.07 8.01
N GLY B 47 -10.38 0.99 -14.93
N GLY B 47 7.87 -8.47 -9.30
N GLY B 47 -2.99 13.87 6.31
CA GLY B 47 27.25 3.02 7.78
CA GLY B 47 -10.52 1.17 -16.34
CA GLY B 47 7.87 -9.31 -10.46
CA GLY B 47 -3.39 15.22 6.03
C GLY B 47 27.99 1.79 8.23
C GLY B 47 -9.94 0.11 -17.24
C GLY B 47 7.85 -10.81 -10.24
C GLY B 47 -4.87 15.54 6.12
N LYS B 48 27.30 0.69 8.42
N LYS B 48 -9.74 -1.08 -16.74
N LYS B 48 7.41 -11.25 -9.10
N LYS B 48 -5.62 14.75 6.84
CA LYS B 48 27.93 -0.58 8.81
CA LYS B 48 -9.23 -2.20 -17.53
CA LYS B 48 7.30 -12.68 -8.79
CA LYS B 48 -7.05 14.99 7.04
C LYS B 48 27.72 -1.56 7.64
C LYS B 48 -10.34 -3.26 -17.60
C LYS B 48 5.80 -12.99 -8.61
C LYS B 48 -7.26 15.28 8.53
N GLN B 49 28.71 -2.39 7.37
N GLN B 49 -10.49 -3.92 -18.71
N GLN B 49 5.36 -14.13 -9.05
N GLN B 49 -8.14 16.19 8.86
CA GLN B 49 28.52 -3.45 6.34
CA GLN B 49 -11.47 -5.05 -18.79
CA GLN B 49 3.94 -14.55 -8.80
CA GLN B 49 -8.48 16.44 10.29
C GLN B 49 27.87 -4.60 7.11
C GLN B 49 -10.69 -6.25 -18.29
C GLN B 49 4.00 -15.20 -7.43
C GLN B 49 -9.56 15.40 10.59
N LEU B 50 26.80 -5.14 6.59
N LEU B 50 -11.23 -7.00 -17.37
N LEU B 50 3.14 -14.82 -6.53
N LEU B 50 -9.41 14.65 11.66
CA LEU B 50 26.04 -6.21 7.29
CA LEU B 50 -10.53 -8.13 -16.75
CA LEU B 50 3.15 -15.33 -5.14
CA LEU B 50 -10.34 13.57 12.00
C LEU B 50 26.74 -7.55 7.12
C LEU B 50 -10.57 -9.34 -17.68
C LEU B 50 2.51 -16.71 -5.08
C LEU B 50 -11.60 14.14 12.65
N GLU B 51 26.81 -8.34 8.19
N GLU B 51 -9.46 -10.06 -17.79
N GLU B 51 3.11 -17.62 -4.31
N GLU B 51 -12.77 13.61 12.27
CA GLU B 51 27.51 -9.64 8.11
CA GLU B 51 -9.42 -11.23 -18.71
CA GLU B 51 2.58 -19.00 -4.25
CA GLU B 51 -14.03 14.15 12.82
C GLU B 51 26.51 -10.76 7.97
C GLU B 51 -9.54 -12.50 -17.92
C GLU B 51 1.81 -19.19 -2.98
C GLU B 51 -14.55 13.24 13.90
N ASP B 52 26.76 -11.76 7.17
N ASP B 52 -10.27 -13.48 -18.41
N ASP B 52 0.69 -19.88 -2.99
N ASP B 52 -15.08 13.76 14.97
CA ASP B 52 25.86 -12.87 6.87
CA ASP B 52 -10.57 -14.75 -17.73
CA ASP B 52 -0.22 -20.07 -1.86
CA ASP B 52 -15.55 13.01 16.14
C ASP B 52 25.16 -13.62 7.98
C ASP B 52 -9.46 -15.56 -17.09
C ASP B 52 0.32 -20.50 -0.50
C ASP B 52 -16.45 11.81 15.98
N GLY B 53 25.85 -13.92 9.06
N GLY B 53 -8.33 -15.68 -17.74
N GLY B 53 1.24 -21.42 -0.47
N GLY B 53 -17.43 11.87 15.10
CA GLY B 53 25.34 -14.70 10.20
CA GLY B 53 -7.18 -16.48 -17.27
CA GLY B 53 1.82 -21.98 0.77
CA GLY B 53 -18.42 10.80 14.87
C GLY B 53 24.55 -13.93 11.21
C GLY B 53 -6.27 -15.81 -16.29
C GLY B 53 2.92 -21.19 1.40
C GLY B 53 -17.98 9.69 13.96
N ARG B 54 24.51 -12.61 11.13
N ARG B 54 -6.43 -14.52 -16.03
N ARG B 54 3.43 -20.16 0.74
N ARG B 54 -16.84 9.82 13.28
CA ARG B 54 23.69 -11.79 12.05
CA ARG B 54 -5.62 -13.82 -15.01
CA ARG B 54 4.46 -19.29 1.33
CA ARG B 54 -16.32 8.74 12.43
C ARG B 54 22.28 -11.71 11.48
C ARG B 54 -6.30 -14.01 -13.66
C ARG B 54 3.77 -18.22 2.15
C ARG B 54 -15.52 7.78 13.31
N THR B 55 21.35 -11.28 12.29
N THR B 55 -5.58 -13.71 -12.61
N THR B 55 4.51 -17.53 2.99
N THR B 55 -15.22 6.62 12.79
CA THR B 55 19.93 -11.08 11.90
CA THR B 55 -6.08 -13.77 -11.22
CA THR B 55 4.01 -16.41 3.82
CA THR B 55 -14.39 5.60 13.47
C THR B 55 19.73 -9.56 11.74
C THR B 55 -6.33 -12.31 -10.77
C THR B 55 4.53 -15.11 3.16
C THR B 55 -13.01 5.62 12.80
N LEU B 56 18.64 -9.19 11.09
N LEU B 56 -7.08 -12.18 -9.68
N LEU B 56 3.94 -14.00 3.57
N LEU B 56 -12.04 5.02 13.47
CA LEU B 56 18.26 -7.78 10.91
CA LEU B 56 -7.37 -10.87 -9.08
CA LEU B 56 4.34 -12.67 3.08
CA LEU B 56 -10.67 4.90 12.94
C LEU B 56 18.05 -7.17 12.29
C LEU B 56 -6.04 -10.23 -8.66
C LEU B 56 5.80 -12.44 3.49
C LEU B 56 -10.73 4.10 11.63
N SER B 57 17.50 -7.95 13.24
N SER B 57 -5.09 -11.05 -8.18
N SER B 57 6.19 -12.93 4.68
N SER B 57 -11.63 3.10 11.57
CA SER B 57 17.28 -7.36 14.58
CA SER B 57 -3.81 -10.44 -7.76
CA SER B 57 7.60 -12.70 5.08
CA SER B 57 -11.68 2.31 10.31
C SER B 57 18.58 -6.96 15.25
C SER B 57 -3.08 -9.80 -8.92
C SER B 57 8.58 -13.39 4.15
C SER B 57 -12.11 3.17 9.13
N ASP B 58 19.65 -7.68 14.95
N ASP B 58 -3.26 -10.33 -10.11
N ASP B 58 8.17 -14.49 3.56
N ASP B 58 -12.91 4.18 9.38
CA ASP B 58 20.97 -7.37 15.54
CA ASP B 58 -2.60 -9.77 -11.33
CA ASP B 58 9.05 -15.24 2.63
CA ASP B 58 -13.39 5.08 8.30
C ASP B 58 21.37 -5.92 15.28
C ASP B 58 -2.91 -8.28 -11.48
C ASP B 58 9.54 -14.33 1.49
C ASP B 58 -12.21 5.68 7.52
N TYR B 59 21.06 -5.47 14.10
N TYR B 59 -4.14 -7.95 -11.19
N TYR B 59 8.64 -13.49 1.04
N TYR B 59 -11.18 6.01 8.26
CA TYR B 59 21.33 -4.10 13.66
CA TYR B 59 -4.65 -6.58 -11.26
CA TYR B 59 8.90 -12.52 -0.02
CA TYR B 59 -9.95 6.59 7.74
C TYR B 59 20.19 -3.15 13.93
C TYR B 59 -4.51 -5.84 -9.96
C TYR B 59 9.37 -11.18 0.50
C TYR B 59 -8.91 5.54 7.40
N ASN B 60 19.11 -3.53 14.60
N ASN B 60 -3.89 -6.36 -8.92
N ASN B 60 9.62 -10.99 1.77
N ASN B 60 -9.17 4.26 7.49
CA ASN B 60 18.02 -2.56 14.84
CA ASN B 60 -3.78 -5.59 -7.67
CA ASN B 60 10.08 -9.66 2.23
CA ASN B 60 -8.12 3.27 7.15
C ASN B 60 17.47 -2.01 13.54
C ASN B 60 -5.15 -5.20 -7.13
C ASN B 60 9.09 -8.57 1.86
C ASN B 60 -6.88 3.48 8.01
N ILE B 61 17.24 -2.87 12.58
N ILE B 61 -6.08 -6.13 -7.13
N ILE B 61 7.81 -8.82 2.08
N ILE B 61 -7.06 3.66 9.29
CA ILE B 61 16.63 -2.44 11.29
CA ILE B 61 -7.43 -5.88 -6.55
CA ILE B 61 6.77 -7.78 1.85
CA ILE B 61 -5.91 3.77 10.24
C ILE B 61 15.11 -2.55 11.48
C ILE B 61 -7.33 -6.25 -5.06
C ILE B 61 6.64 -6.99 3.14
C ILE B 61 -5.58 2.35 10.68
N GLN B 62 14.39 -1.47 11.42
N GLN B 62 -7.50 -5.31 -4.18
N GLN B 62 6.94 -5.73 3.14
N GLN B 62 -4.42 1.84 10.38
CA GLN B 62 12.92 -1.45 11.67
CA GLN B 62 -7.36 -5.52 -2.71
CA GLN B 62 6.93 -4.87 4.36
CA GLN B 62 -4.01 0.44 10.69
C GLN B 62 12.18 -1.33 10.33
C GLN B 62 -8.75 -5.60 -2.07
C GLN B 62 5.68 -3.99 4.35
C GLN B 62 -3.07 0.45 11.89
N LYS B 63 10.86 -1.52 10.35
N LYS B 63 -8.82 -6.00 -0.80
N LYS B 63 5.39 -3.30 5.46
N LYS B 63 -2.77 -0.72 12.45
CA LYS B 63 10.06 -1.50 9.14
CA LYS B 63 -10.08 -6.19 -0.11
CA LYS B 63 4.20 -2.50 5.58
CA LYS B 63 -1.93 -0.84 13.62
C LYS B 63 10.32 -0.20 8.38
C LYS B 63 -10.89 -4.89 -0.20
C LYS B 63 4.15 -1.48 4.45
C LYS B 63 -0.61 -0.14 13.36
N GLU B 64 10.32 -0.37 7.05
N GLU B 64 -12.20 -5.13 -0.34
N GLU B 64 2.91 -1.27 4.00
N GLU B 64 -0.13 0.49 14.44
CA GLU B 64 10.52 0.67 6.08
CA GLU B 64 -13.22 -4.11 -0.43
CA GLU B 64 2.55 -0.36 2.94
CA GLU B 64 1.11 1.23 14.52
C GLU B 64 11.87 1.33 6.03
C GLU B 64 -13.22 -3.24 -1.66
C GLU B 64 3.02 -0.69 1.55
C GLU B 64 1.21 2.49 13.72
N SER B 65 12.85 0.64 6.58
N SER B 65 -12.55 -3.73 -2.69
N SER B 65 3.36 -1.95 1.36
N SER B 65 0.06 3.01 13.34
CA SER B 65 14.26 1.04 6.54
CA SER B 65 -12.52 -3.08 -4.01
CA SER B 65 3.74 -2.50 0.06
CA SER B 65 -0.06 4.30 12.65
C SER B 65 14.75 0.84 5.08
C SER B 65 -13.92 -3.27 -4.64
C SER B 65 2.46 -2.57 -0.80
C SER B 65 0.27 5.41 13.67
N THR B 66 15.82 1.50 4.72
N THR B 66 -14.25 -2.44 -5.60
N THR B 66 2.61 -2.64 -2.09
N THR B 66 0.62 6.58 13.20
CA THR B 66 16.44 1.34 3.41
CA THR B 66 -15.52 -2.56 -6.35
CA THR B 66 1.48 -2.80 -3.02
CA THR B 66 0.88 7.74 14.05
C THR B 66 17.87 0.84 3.61
C THR B 66 -15.18 -2.79 -7.82
C THR B 66 1.67 -4.11 -3.80
C THR B 66 -0.11 8.84 13.68
N LEU B 67 18.24 -0.27 2.95
N LEU B 67 -15.75 -3.85 -8.43
N LEU B 67 0.66 -4.98 -3.79
N LEU B 67 -0.83 9.39 14.67
CA LEU B 67 19.63 -0.74 3.00
CA LEU B 67 -15.57 -4.07 -9.86
CA LEU B 67 0.73 -6.20 -4.61
CA LEU B 67 -1.71 10.52 14.39
C LEU B 67 20.26 -0.33 1.65
C LEU B 67 -16.89 -3.62 -10.52
C LEU B 67 -0.16 -5.94 -5.84
C LEU B 67 -0.98 11.77 14.94
N HIS B 68 21.54 -0.17 1.62
N HIS B 68 -16.85 -3.24 -11.75
N HIS B 68 0.09 -6.59 -6.91
N HIS B 68 -1.25 12.90 14.42
CA HIS B 68 22.19 0.18 0.33
CA HIS B 68 -18.10 -2.85 -12.43
CA HIS B 68 -0.78 -6.40 -8.10
CA HIS B 68 -0.60 14.12 14.96
C HIS B 68 22.90 -1.09 -0.12
C HIS B 68 -18.44 -4.00 -13.38
C HIS B 68 -1.64 -7.66 -8.20
C HIS B 68 -1.67 14.85 15.78
N LEU B 69 22.77 -1.42 -1.40
N LEU B 69 -19.70 -4.40 -13.40
N LEU B 69 -2.92 -7.49 -8.45
N LEU B 69 -1.30 15.32 16.96
CA LEU B 69 23.45 -2.56 -1.99
CA LEU B 69 -20.17 -5.43 -14.32
CA LEU B 69 -3.83 -8.61 -8.63
CA LEU B 69 -2.21 16.10 17.80
C LEU B 69 24.58 -2.14 -2.88
C LEU B 69 -21.00 -4.86 -15.43
C LEU B 69 -4.23 -8.76 -10.07
C LEU B 69 -1.83 17.55 17.82
N VAL B 70 25.80 -2.45 -2.55
N VAL B 70 -20.58 -4.95 -16.65
N VAL B 70 -3.90 -9.82 -10.72
N VAL B 70 -2.65 18.42 17.33
CA VAL B 70 26.95 -2.14 -3.46
CA VAL B 70 -21.41 -4.49 -17.79
CA VAL B 70 -4.35 -10.06 -12.11
CA VAL B 70 -2.36 19.88 17.43
C VAL B 70 27.36 -3.52 -4.01
C VAL B 70 -21.85 -5.80 -18.47
C VAL B 70 -5.39 -11.20 -11.96
C VAL B 70 -3.39 20.38 18.47
N LEU B 71 27.69 -3.59 -5.28
N LEU B 71 -23.08 -5.87 -18.91
N LEU B 71 -6.47 -11.12 -12.69
N LEU B 71 -2.97 21.28 19.33
CA LEU B 71 28.12 -4.87 -5.88
CA LEU B 71 -23.58 -7.08 -19.61
CA LEU B 71 -7.50 -12.19 -12.63
CA LEU B 71 -3.89 21.84 20.34
C LEU B 71 29.63 -4.94 -5.87
C LEU B 71 -23.47 -6.89 -21.09
C LEU B 71 -7.29 -13.16 -13.76
C LEU B 71 -4.46 23.14 19.86
N MET A 1 6.38 18.40 -20.67
CA MET A 1 5.74 19.56 -20.05
C MET A 1 6.28 19.67 -18.60
N GLN A 2 6.34 20.88 -18.14
CA GLN A 2 6.81 21.11 -16.74
C GLN A 2 5.61 21.10 -15.81
N ILE A 3 5.80 20.45 -14.66
CA ILE A 3 4.77 20.47 -13.61
C ILE A 3 5.53 20.83 -12.30
N PHE A 4 4.75 21.23 -11.33
CA PHE A 4 5.40 21.59 -10.01
C PHE A 4 4.91 20.64 -8.96
N VAL A 5 5.74 20.16 -8.03
CA VAL A 5 5.27 19.32 -6.95
C VAL A 5 5.58 20.10 -5.65
N LYS A 6 4.57 20.50 -4.95
CA LYS A 6 4.78 21.30 -3.70
C LYS A 6 4.77 20.35 -2.53
N THR A 7 5.82 20.41 -1.68
CA THR A 7 5.88 19.52 -0.51
C THR A 7 5.42 20.27 0.74
N LEU A 8 5.24 19.58 1.84
CA LEU A 8 4.74 20.24 3.07
C LEU A 8 5.81 21.08 3.74
N THR A 9 7.06 21.03 3.24
CA THR A 9 8.08 21.90 3.94
C THR A 9 8.35 23.16 3.18
N GLY A 10 7.52 23.50 2.24
CA GLY A 10 7.67 24.69 1.43
C GLY A 10 8.68 24.63 0.33
N LYS A 11 9.10 23.43 0.00
CA LYS A 11 10.01 23.21 -1.12
C LYS A 11 9.11 22.84 -2.31
N THR A 12 9.42 23.38 -3.48
CA THR A 12 8.62 22.98 -4.66
C THR A 12 9.61 22.35 -5.64
N ILE A 13 9.25 21.19 -6.17
CA ILE A 13 10.23 20.60 -7.13
C ILE A 13 9.65 20.67 -8.52
N THR A 14 10.47 20.94 -9.51
CA THR A 14 9.89 20.97 -10.89
C THR A 14 10.25 19.66 -11.57
N LEU A 15 9.33 19.09 -12.33
CA LEU A 15 9.58 17.83 -13.01
C LEU A 15 9.25 18.02 -14.49
N GLU A 16 9.89 17.22 -15.31
CA GLU A 16 9.51 17.26 -16.76
C GLU A 16 8.85 15.92 -17.00
N VAL A 17 7.60 16.03 -17.42
CA VAL A 17 6.77 14.86 -17.67
C VAL A 17 5.93 15.04 -18.95
N GLU A 18 5.32 13.93 -19.31
CA GLU A 18 4.37 13.84 -20.41
C GLU A 18 3.06 13.38 -19.82
N PRO A 19 1.95 13.87 -20.34
CA PRO A 19 0.61 13.47 -19.90
C PRO A 19 0.43 11.98 -19.97
N SER A 20 1.19 11.31 -20.81
CA SER A 20 1.03 9.85 -20.98
C SER A 20 1.72 9.11 -19.87
N ASP A 21 2.49 9.83 -19.05
CA ASP A 21 3.19 9.10 -17.96
C ASP A 21 2.21 8.63 -16.92
N THR A 22 2.51 7.52 -16.30
CA THR A 22 1.71 6.99 -15.21
C THR A 22 2.16 7.68 -13.91
N ILE A 23 1.25 7.61 -12.94
CA ILE A 23 1.52 8.13 -11.60
C ILE A 23 2.72 7.40 -10.98
N GLU A 24 2.80 6.12 -11.24
CA GLU A 24 3.98 5.32 -10.73
C GLU A 24 5.27 5.90 -11.23
N CYS A 25 5.30 6.34 -12.52
CA CYS A 25 6.50 6.91 -13.13
C CYS A 25 6.85 8.24 -12.50
N VAL A 26 5.82 9.05 -12.28
CA VAL A 26 6.04 10.34 -11.65
C VAL A 26 6.71 10.15 -10.29
N LYS A 27 6.18 9.20 -9.52
CA LYS A 27 6.74 8.92 -8.19
C LYS A 27 8.19 8.48 -8.29
N ALA A 28 8.54 7.70 -9.30
CA ALA A 28 9.92 7.29 -9.53
C ALA A 28 10.80 8.47 -9.89
N LYS A 29 10.31 9.43 -10.66
CA LYS A 29 11.09 10.64 -10.97
C LYS A 29 11.35 11.47 -9.69
N ILE A 30 10.35 11.49 -8.81
CA ILE A 30 10.50 12.25 -7.55
C ILE A 30 11.53 11.50 -6.70
N GLN A 31 11.49 10.19 -6.69
CA GLN A 31 12.50 9.45 -5.86
C GLN A 31 13.90 9.76 -6.40
N ASP A 32 14.01 9.63 -7.70
CA ASP A 32 15.30 9.91 -8.37
C ASP A 32 15.83 11.29 -8.03
N LYS A 33 14.94 12.30 -7.98
CA LYS A 33 15.50 13.66 -7.74
C LYS A 33 15.53 14.13 -6.33
N GLU A 34 14.74 13.67 -5.41
CA GLU A 34 14.73 14.09 -4.02
C GLU A 34 14.92 12.96 -3.04
N GLY A 35 14.94 11.73 -3.52
CA GLY A 35 15.18 10.58 -2.69
C GLY A 35 14.07 10.02 -1.89
N ILE A 36 12.84 10.55 -2.06
CA ILE A 36 11.72 10.01 -1.29
C ILE A 36 11.20 8.72 -1.91
N PRO A 37 11.15 7.65 -1.13
CA PRO A 37 10.64 6.34 -1.58
C PRO A 37 9.21 6.46 -2.09
N PRO A 38 8.88 5.84 -3.19
CA PRO A 38 7.51 5.95 -3.73
C PRO A 38 6.45 5.52 -2.76
N ASP A 39 6.74 4.57 -1.90
CA ASP A 39 5.72 4.05 -0.95
C ASP A 39 5.34 5.08 0.11
N GLN A 40 6.16 6.11 0.23
CA GLN A 40 5.83 7.18 1.22
C GLN A 40 5.08 8.36 0.58
N GLN A 41 5.02 8.40 -0.74
CA GLN A 41 4.40 9.48 -1.46
C GLN A 41 2.90 9.36 -1.66
N ARG A 42 2.21 10.46 -1.32
CA ARG A 42 0.75 10.57 -1.60
C ARG A 42 0.62 11.80 -2.48
N LEU A 43 0.18 11.67 -3.73
CA LEU A 43 0.09 12.84 -4.63
C LEU A 43 -1.35 13.30 -4.76
N ILE A 44 -1.57 14.59 -4.57
CA ILE A 44 -2.91 15.19 -4.61
C ILE A 44 -3.02 16.28 -5.66
N PHE A 45 -4.11 16.19 -6.46
CA PHE A 45 -4.39 17.20 -7.50
C PHE A 45 -5.92 17.33 -7.53
N ALA A 46 -6.32 18.58 -7.46
CA ALA A 46 -7.74 18.98 -7.52
C ALA A 46 -8.59 18.14 -6.58
N GLY A 47 -8.08 17.99 -5.40
CA GLY A 47 -8.62 17.24 -4.29
C GLY A 47 -8.80 15.76 -4.47
N CYS A 48 -8.13 15.15 -5.41
CA CYS A 48 -8.12 13.71 -5.63
C CYS A 48 -6.78 13.12 -5.25
N GLN A 49 -6.74 11.97 -4.70
CA GLN A 49 -5.43 11.30 -4.47
C GLN A 49 -5.16 10.55 -5.77
N LEU A 50 -3.98 10.72 -6.33
CA LEU A 50 -3.65 10.11 -7.64
C LEU A 50 -3.29 8.65 -7.46
N GLU A 51 -3.77 7.80 -8.37
CA GLU A 51 -3.53 6.34 -8.25
C GLU A 51 -2.42 5.92 -9.18
N ASP A 52 -1.53 5.06 -8.79
CA ASP A 52 -0.35 4.62 -9.54
C ASP A 52 -0.48 4.20 -10.99
N GLY A 53 -1.50 3.45 -11.32
CA GLY A 53 -1.74 2.91 -12.67
C GLY A 53 -2.40 3.82 -13.65
N ARG A 54 -2.89 4.98 -13.21
CA ARG A 54 -3.49 5.96 -14.13
C ARG A 54 -2.37 6.83 -14.68
N THR A 55 -2.66 7.57 -15.72
CA THR A 55 -1.72 8.53 -16.36
C THR A 55 -2.16 9.94 -15.93
N LEU A 56 -1.27 10.90 -16.12
CA LEU A 56 -1.55 12.31 -15.83
C LEU A 56 -2.72 12.75 -16.70
N SER A 57 -2.80 12.25 -17.95
CA SER A 57 -3.93 12.69 -18.80
C SER A 57 -5.26 12.26 -18.24
N ASP A 58 -5.29 11.15 -17.53
CA ASP A 58 -6.56 10.64 -16.93
C ASP A 58 -7.20 11.71 -16.05
N TYR A 59 -6.37 12.41 -15.33
CA TYR A 59 -6.76 13.49 -14.42
C TYR A 59 -6.79 14.84 -15.09
N ASN A 60 -6.55 14.98 -16.38
CA ASN A 60 -6.58 16.32 -16.99
C ASN A 60 -5.58 17.25 -16.32
N ILE A 61 -4.36 16.77 -16.10
CA ILE A 61 -3.28 17.62 -15.54
C ILE A 61 -2.59 18.28 -16.73
N GLN A 62 -2.64 19.57 -16.85
CA GLN A 62 -2.07 20.32 -18.00
C GLN A 62 -0.74 20.97 -17.58
N LYS A 63 0.04 21.51 -18.58
CA LYS A 63 1.33 22.10 -18.24
C LYS A 63 1.17 23.16 -17.17
N GLU A 64 2.22 23.18 -16.36
CA GLU A 64 2.37 24.09 -15.26
C GLU A 64 1.44 23.96 -14.10
N SER A 65 0.81 22.79 -14.03
CA SER A 65 -0.07 22.42 -12.91
C SER A 65 0.84 22.18 -11.68
N THR A 66 0.25 22.25 -10.50
CA THR A 66 0.96 21.97 -9.25
C THR A 66 0.29 20.77 -8.56
N LEU A 67 1.06 19.74 -8.22
CA LEU A 67 0.49 18.62 -7.46
C LEU A 67 0.98 18.81 -6.00
N HIS A 68 0.26 18.31 -5.06
CA HIS A 68 0.72 18.43 -3.66
C HIS A 68 1.24 17.05 -3.26
N LEU A 69 2.38 17.02 -2.60
CA LEU A 69 2.96 15.77 -2.10
C LEU A 69 2.83 15.67 -0.60
N VAL A 70 2.10 14.73 -0.09
CA VAL A 70 2.03 14.52 1.38
C VAL A 70 2.81 13.21 1.60
N LEU A 71 3.60 13.15 2.65
CA LEU A 71 4.36 11.93 2.95
C LEU A 71 3.61 11.09 3.95
N ARG A 72 3.57 9.78 3.69
N ARG A 72 3.51 9.78 3.66
N ARG A 72 3.56 9.80 3.75
N ARG A 72 3.56 9.80 3.74
CA ARG A 72 2.88 8.76 4.51
CA ARG A 72 2.80 8.76 4.45
CA ARG A 72 2.87 8.91 4.70
CA ARG A 72 2.86 8.90 4.69
C ARG A 72 1.98 9.54 5.45
C ARG A 72 2.05 7.90 3.44
C ARG A 72 3.72 8.89 5.96
C ARG A 72 3.89 8.53 5.74
N LEU A 73 2.09 9.44 6.74
N LEU A 73 1.55 6.75 3.78
N LEU A 73 4.80 9.61 6.03
N LEU A 73 4.76 9.41 6.15
CA LEU A 73 1.20 10.19 7.64
CA LEU A 73 0.83 5.94 2.78
CA LEU A 73 5.63 9.58 7.27
CA LEU A 73 5.75 9.03 7.19
C LEU A 73 2.02 10.92 8.70
C LEU A 73 0.00 4.87 3.49
C LEU A 73 5.88 8.14 7.68
C LEU A 73 6.53 7.80 6.73
N ARG A 74 2.33 10.15 9.73
N ARG A 74 0.67 3.78 3.80
N ARG A 74 6.53 8.03 8.83
N ARG A 74 7.54 7.49 7.53
CA ARG A 74 3.11 10.66 10.87
CA ARG A 74 0.05 2.64 4.48
CA ARG A 74 6.88 6.72 9.41
CA ARG A 74 8.43 6.33 7.25
C ARG A 74 4.09 9.57 11.32
C ARG A 74 -1.01 2.03 3.56
C ARG A 74 5.74 6.25 10.29
C ARG A 74 7.65 5.06 7.54
N GLY A 75 5.22 10.03 11.86
N GLY A 75 -0.52 1.40 2.49
N GLY A 75 4.58 6.07 9.66
N GLY A 75 8.02 4.01 6.79
CA GLY A 75 6.29 9.15 12.32
CA GLY A 75 -1.35 0.76 1.49
CA GLY A 75 3.36 5.63 10.31
CA GLY A 75 7.39 2.70 6.89
C GLY A 75 6.96 8.33 11.25
C GLY A 75 -1.30 -0.75 1.46
C GLY A 75 3.22 4.12 10.47
C GLY A 75 7.78 1.91 8.13
N GLY A 76 7.05 7.04 11.55
N GLY A 76 -2.46 -1.33 1.20
N GLY A 76 2.06 3.75 10.98
N GLY A 76 7.02 0.84 8.32
CA GLY A 76 7.64 6.02 10.68
CA GLY A 76 -2.66 -2.78 1.09
CA GLY A 76 1.66 2.36 11.22
CA GLY A 76 7.19 -0.10 9.44
C GLY A 76 8.00 4.80 11.54
C GLY A 76 -3.93 -3.14 1.88
C GLY A 76 2.15 1.51 10.04
C GLY A 76 5.87 -0.89 9.61
N MET B 1 8.08 -6.79 8.57
N MET B 1 -10.24 -13.00 0.62
N MET B 1 -0.71 -5.80 9.61
N MET B 1 -1.44 -1.74 18.94
CA MET B 1 8.32 -5.34 8.44
CA MET B 1 -10.38 -11.54 0.75
CA MET B 1 -0.08 -4.76 8.78
CA MET B 1 -0.30 -1.11 18.25
C MET B 1 8.83 -5.09 7.00
C MET B 1 -11.80 -11.17 0.26
C MET B 1 -1.04 -4.52 7.58
C MET B 1 0.01 0.20 19.00
N GLN B 2 8.52 -3.92 6.52
N GLN B 2 -12.32 -10.14 0.85
N GLN B 2 -1.01 -3.31 7.11
N GLN B 2 1.27 0.54 18.97
CA GLN B 2 8.98 -3.56 5.14
CA GLN B 2 -13.68 -9.66 0.42
CA GLN B 2 -1.86 -2.97 5.91
CA GLN B 2 1.69 1.83 19.62
C GLN B 2 10.33 -2.85 5.26
C GLN B 2 -13.52 -8.64 -0.69
C GLN B 2 -1.03 -3.20 4.65
C GLN B 2 1.62 2.95 18.61
N ILE B 3 11.22 -3.19 4.35
N ILE B 3 -14.39 -8.75 -1.68
N ILE B 3 -1.70 -3.77 3.66
N ILE B 3 1.12 4.09 19.06
CA ILE B 3 12.51 -2.49 4.25
CA ILE B 3 -14.44 -7.73 -2.75
CA ILE B 3 -1.08 -3.92 2.33
CA ILE B 3 1.13 5.30 18.21
C ILE B 3 12.69 -2.14 2.74
C ILE B 3 -15.95 -7.36 -2.90
C ILE B 3 -2.13 -3.40 1.31
C ILE B 3 1.71 6.43 19.12
N PHE B 4 13.60 -1.22 2.52
N PHE B 4 -16.16 -6.24 -3.54
N PHE B 4 -1.64 -3.12 0.13
N PHE B 4 2.11 7.48 18.45
CA PHE B 4 13.84 -0.83 1.08
CA PHE B 4 -17.59 -5.81 -3.75
CA PHE B 4 -2.59 -2.62 -0.93
CA PHE B 4 2.67 8.64 19.24
C PHE B 4 15.25 -1.19 0.71
C PHE B 4 -17.89 -5.80 -5.22
C PHE B 4 -2.66 -3.63 -2.05
C PHE B 4 1.77 9.84 19.06
N VAL B 5 15.53 -1.70 -0.49
N VAL B 5 -19.07 -6.23 -5.68
N VAL B 5 -3.80 -3.93 -2.64
N VAL B 5 1.50 10.64 20.07
CA VAL B 5 16.89 -1.98 -0.90
CA VAL B 5 -19.42 -6.15 -7.08
CA VAL B 5 -3.87 -4.83 -3.78
CA VAL B 5 0.71 11.85 19.91
C VAL B 5 17.14 -1.07 -2.13
C VAL B 5 -20.65 -5.22 -7.14
C VAL B 5 -4.43 -3.97 -4.95
C VAL B 5 1.65 13.02 20.31
N LYS B 6 18.02 -0.15 -2.01
N LYS B 6 -20.51 -4.10 -7.75
N LYS B 6 -3.64 -3.76 -5.95
N LYS B 6 2.00 13.84 19.38
CA LYS B 6 18.30 0.80 -3.15
CA LYS B 6 -21.65 -3.12 -7.83
CA LYS B 6 -4.08 -2.90 -7.09
CA LYS B 6 2.94 14.98 19.68
C LYS B 6 19.47 0.27 -3.92
C LYS B 6 -22.37 -3.33 -9.13
C LYS B 6 -4.63 -3.81 -8.16
C LYS B 6 2.11 16.19 19.98
N THR B 7 19.32 0.13 -5.26
N THR B 7 -23.70 -3.53 -9.08
N THR B 7 -5.86 -3.54 -8.65
N THR B 7 2.38 16.85 21.14
CA THR B 7 20.43 -0.39 -6.07
CA THR B 7 -24.47 -3.74 -10.32
CA THR B 7 -6.45 -4.39 -9.69
CA THR B 7 1.62 18.05 21.49
C THR B 7 21.14 0.78 -6.76
C THR B 7 -25.14 -2.43 -10.73
C THR B 7 -6.28 -3.71 -11.05
C THR B 7 2.44 19.29 21.14
N LEU B 8 22.27 0.54 -7.38
N LEU B 8 -25.71 -2.38 -11.91
N LEU B 8 -6.58 -4.39 -12.13
N LEU B 8 1.85 20.48 21.22
CA LEU B 8 23.03 1.63 -8.03
CA LEU B 8 -26.35 -1.12 -12.39
CA LEU B 8 -6.40 -3.82 -13.48
CA LEU B 8 2.57 21.71 20.85
C LEU B 8 22.38 2.13 -9.31
C LEU B 8 -27.65 -0.82 -11.70
C LEU B 8 -7.45 -2.76 -13.81
C LEU B 8 3.59 22.12 21.89
N THR B 9 21.32 1.45 -9.77
N THR B 9 -28.16 -1.76 -10.87
N THR B 9 -8.46 -2.60 -12.94
N THR B 9 3.64 21.42 23.04
CA THR B 9 20.71 1.99 -11.03
CA THR B 9 -29.46 -1.41 -10.20
CA THR B 9 -9.47 -1.55 -13.31
CA THR B 9 4.68 21.87 24.03
C THR B 9 19.48 2.79 -10.77
C THR B 9 -29.26 -0.95 -8.79
C THR B 9 -9.25 -0.27 -12.56
C THR B 9 5.88 20.97 24.02
N GLY B 10 19.25 3.17 -9.55
N GLY B 10 -28.06 -0.63 -8.41
N GLY B 10 -8.12 -0.11 -11.94
N GLY B 10 6.03 20.16 23.02
CA GLY B 10 18.10 3.95 -9.15
CA GLY B 10 -27.72 -0.16 -7.09
CA GLY B 10 -7.77 1.07 -11.18
CA GLY B 10 7.14 19.25 22.87
C GLY B 10 16.81 3.20 -9.02
C GLY B 10 -27.63 -1.22 -6.02
C GLY B 10 -8.38 1.18 -9.82
C GLY B 10 7.08 18.01 23.70
N LYS B 11 16.90 1.90 -8.95
N LYS B 11 -27.53 -2.45 -6.44
N LYS B 11 -8.88 0.08 -9.32
N LYS B 11 5.91 17.70 24.22
CA LYS B 11 15.74 1.06 -8.71
CA LYS B 11 -27.33 -3.58 -5.53
CA LYS B 11 -9.41 0.01 -7.97
CA LYS B 11 5.68 16.47 24.96
C LYS B 11 15.73 0.79 -7.19
C LYS B 11 -25.80 -3.83 -5.53
C LYS B 11 -8.26 -0.55 -7.11
C LYS B 11 5.09 15.47 23.92
N THR B 12 14.56 0.83 -6.58
N THR B 12 -25.24 -4.08 -4.36
N THR B 12 -8.08 0.02 -5.92
N THR B 12 5.56 14.24 23.98
CA THR B 12 14.50 0.50 -5.15
CA THR B 12 -23.81 -4.41 -4.33
CA THR B 12 -7.04 -0.55 -5.04
CA THR B 12 4.95 13.24 23.07
C THR B 12 13.57 -0.71 -5.04
C THR B 12 -23.71 -5.81 -3.73
C THR B 12 -7.76 -1.00 -3.77
C THR B 12 4.34 12.16 23.96
N ILE B 13 14.01 -1.73 -4.30
N ILE B 13 -22.94 -6.68 -4.39
N ILE B 13 -7.47 -2.23 -3.34
N ILE B 13 3.10 11.79 23.68
CA ILE B 13 13.07 -2.89 -4.20
CA ILE B 13 -22.85 -8.03 -3.78
CA ILE B 13 -8.19 -2.65 -2.09
CA ILE B 13 2.53 10.73 24.56
C ILE B 13 12.54 -2.95 -2.79
C ILE B 13 -21.47 -8.23 -3.22
C ILE B 13 -7.20 -2.72 -0.96
C ILE B 13 2.39 9.46 23.77
N THR B 14 11.28 -3.29 -2.63
N THR B 14 -21.35 -8.88 -2.09
N THR B 14 -7.59 -2.31 0.23
N THR B 14 2.66 8.32 24.38
CA THR B 14 10.78 -3.40 -1.23
CA THR B 14 -19.97 -9.10 -1.55
CA THR B 14 -6.61 -2.42 1.35
CA THR B 14 2.47 7.07 23.59
C THR B 14 10.73 -4.86 -0.85
C THR B 14 -19.57 -10.53 -1.87
C THR B 14 -6.96 -3.64 2.16
C THR B 14 1.17 6.44 24.00
N LEU B 15 11.11 -5.20 0.37
N LEU B 15 -18.32 -10.75 -2.27
N LEU B 15 -5.98 -4.40 2.61
N LEU B 15 0.41 5.91 23.05
CA LEU B 15 11.12 -6.57 0.82
CA LEU B 15 -17.86 -12.07 -2.61
CA LEU B 15 -6.22 -5.60 3.39
CA LEU B 15 -0.87 5.29 23.35
C LEU B 15 10.30 -6.67 2.12
C LEU B 15 -16.59 -12.36 -1.79
C LEU B 15 -5.41 -5.51 4.69
C LEU B 15 -0.87 3.87 22.77
N GLU B 16 9.77 -7.84 2.37
N GLU B 16 -16.34 -13.62 -1.57
N GLU B 16 -5.89 -6.18 5.70
N GLU B 16 -1.67 3.02 23.38
CA GLU B 16 9.09 -8.01 3.68
CA GLU B 16 -15.05 -13.96 -0.89
CA GLU B 16 -5.06 -6.24 6.95
CA GLU B 16 -1.80 1.66 22.77
C GLU B 16 9.97 -8.99 4.42
C GLU B 16 -14.26 -14.67 -1.98
C GLU B 16 -4.62 -7.68 7.02
C GLU B 16 -3.23 1.64 22.26
N VAL B 17 10.45 -8.51 5.56
N VAL B 17 -13.11 -14.07 -2.25
N VAL B 17 -3.31 -7.83 7.02
N VAL B 17 -3.31 1.42 20.95
CA VAL B 17 11.35 -9.27 6.41
CA VAL B 17 -12.21 -14.57 -3.29
CA VAL B 17 -2.66 -9.13 7.05
CA VAL B 17 -4.59 1.42 20.25
C VAL B 17 11.00 -9.12 7.90
C VAL B 17 -10.74 -14.49 -2.83
C VAL B 17 -1.45 -9.14 7.98
C VAL B 17 -4.63 0.28 19.20
N GLU B 18 11.68 -9.94 8.65
N GLU B 18 -9.94 -15.11 -3.67
N GLU B 18 -0.98 -10.35 8.16
N GLU B 18 -5.84 0.13 18.70
CA GLU B 18 11.62 -9.92 10.12
CA GLU B 18 -8.48 -15.10 -3.54
CA GLU B 18 0.24 -10.64 8.93
CA GLU B 18 -6.14 -0.79 17.60
C GLU B 18 13.04 -9.65 10.60
C GLU B 18 -7.94 -14.46 -4.82
C GLU B 18 1.19 -11.33 7.96
C GLU B 18 -6.70 0.05 16.46
N PRO B 19 13.17 -8.91 11.69
N PRO B 19 -6.87 -13.71 -4.70
N PRO B 19 2.48 -11.07 8.10
N PRO B 19 -6.39 -0.31 15.24
CA PRO B 19 14.47 -8.61 12.28
CA PRO B 19 -6.22 -13.08 -5.86
CA PRO B 19 3.51 -11.71 7.26
CA PRO B 19 -6.89 0.38 14.06
C PRO B 19 15.25 -9.87 12.59
C PRO B 19 -5.86 -14.09 -6.92
C PRO B 19 3.43 -13.20 7.33
C PRO B 19 -8.40 0.47 14.05
N SER B 20 14.56 -10.98 12.77
N SER B 20 -5.69 -15.34 -6.53
N SER B 20 2.87 -13.74 8.40
N SER B 20 -9.05 -0.44 14.74
CA SER B 20 15.24 -12.23 13.13
CA SER B 20 -5.28 -16.37 -7.50
CA SER B 20 2.81 -15.20 8.56
CA SER B 20 -10.52 -0.46 14.76
C SER B 20 15.85 -12.88 11.90
C SER B 20 -6.46 -16.85 -8.30
C SER B 20 1.66 -15.77 7.76
C SER B 20 -11.08 0.57 15.71
N ASP B 21 15.54 -12.35 10.72
N ASP B 21 -7.67 -16.42 -7.92
N ASP B 21 0.82 -14.91 7.19
N ASP B 21 -10.19 1.19 16.50
CA ASP B 21 16.12 -12.98 9.51
CA ASP B 21 -8.84 -16.90 -8.69
CA ASP B 21 -0.31 -15.47 6.42
CA ASP B 21 -10.72 2.19 17.46
C ASP B 21 17.60 -12.72 9.44
C ASP B 21 -8.85 -16.27 -10.06
C ASP B 21 0.19 -16.09 5.14
C ASP B 21 -11.19 3.41 16.71
N THR B 22 18.32 -13.68 8.88
N THR B 22 -9.36 -17.01 -11.04
N THR B 22 -0.50 -17.12 4.69
N THR B 22 -12.20 4.07 17.25
CA THR B 22 19.74 -13.53 8.65
CA THR B 22 -9.53 -16.50 -12.38
CA THR B 22 -0.20 -17.77 3.43
CA THR B 22 -12.70 5.32 16.71
C THR B 22 19.96 -12.77 7.34
C THR B 22 -10.86 -15.71 -12.44
C THR B 22 -0.90 -16.96 2.31
C THR B 22 -11.83 6.46 17.26
N ILE B 23 21.17 -12.21 7.23
N ILE B 23 -10.92 -14.86 -13.48
N ILE B 23 -0.37 -17.19 1.10
N ILE B 23 -11.92 7.58 16.53
CA ILE B 23 21.58 -11.53 6.02
CA ILE B 23 -12.13 -14.10 -13.75
CA ILE B 23 -0.96 -16.61 -0.10
CA ILE B 23 -11.24 8.81 16.95
C ILE B 23 21.56 -12.48 4.83
C ILE B 23 -13.30 -15.05 -14.04
C ILE B 23 -2.41 -17.09 -0.28
C ILE B 23 -11.77 9.27 18.31
N GLU B 24 21.95 -13.72 5.07
N GLU B 24 -13.02 -16.13 -14.71
N GLU B 24 -2.64 -18.34 0.04
N GLU B 24 -13.05 9.11 18.51
CA GLU B 24 21.90 -14.75 3.98
CA GLU B 24 -14.09 -17.16 -14.99
CA GLU B 24 -4.03 -18.90 -0.03
CA GLU B 24 -13.65 9.47 19.85
C GLU B 24 20.50 -14.89 3.43
C GLU B 24 -14.69 -17.65 -13.70
C GLU B 24 -4.97 -18.08 0.83
C GLU B 24 -12.97 8.71 20.96
N ASN B 25 19.51 -14.85 4.30
N ASN B 25 -13.86 -17.86 -12.69
N ASN B 25 -4.51 -17.70 2.01
N ASN B 25 -12.69 7.44 20.72
CA ASN B 25 18.10 -14.98 3.96
CA ASN B 25 -14.26 -18.36 -11.37
CA ASN B 25 -5.29 -16.92 2.98
CA ASN B 25 -12.03 6.55 21.69
C ASN B 25 17.61 -13.79 3.12
C ASN B 25 -15.15 -17.34 -10.64
C ASN B 25 -5.61 -15.52 2.45
C ASN B 25 -10.61 7.00 22.01
N VAL B 26 18.03 -12.61 3.55
N VAL B 26 -14.72 -16.09 -10.72
N VAL B 26 -4.58 -14.92 1.86
N VAL B 26 -9.91 7.34 20.94
CA VAL B 26 17.69 -11.40 2.84
CA VAL B 26 -15.47 -15.00 -10.11
CA VAL B 26 -4.73 -13.59 1.29
CA VAL B 26 -8.54 7.83 21.07
C VAL B 26 18.21 -11.48 1.40
C VAL B 26 -16.88 -14.97 -10.69
C VAL B 26 -5.82 -13.63 0.21
C VAL B 26 -8.52 9.06 21.96
N LYS B 27 19.46 -11.91 1.27
N LYS B 27 -16.95 -15.06 -12.02
N LYS B 27 -5.75 -14.64 -0.64
N LYS B 27 -9.44 9.98 21.69
CA LYS B 27 20.07 -12.04 -0.06
CA LYS B 27 -18.25 -15.03 -12.71
CA LYS B 27 -6.74 -14.79 -1.72
CA LYS B 27 -9.52 11.21 22.48
C LYS B 27 19.31 -13.03 -0.91
C LYS B 27 -19.11 -16.19 -12.26
C LYS B 27 -8.14 -14.95 -1.14
C LYS B 27 -9.80 10.90 23.94
N ALA B 28 18.81 -14.10 -0.33
N ALA B 28 -18.53 -17.36 -12.05
N ALA B 28 -8.29 -15.67 -0.04
N ALA B 28 -10.63 9.91 24.22
CA ALA B 28 18.00 -15.09 -1.05
CA ALA B 28 -19.28 -18.52 -11.54
CA ALA B 28 -9.59 -15.82 0.63
CA ALA B 28 -10.90 9.49 25.60
C ALA B 28 16.68 -14.49 -1.49
C ALA B 28 -19.77 -18.29 -10.13
C ALA B 28 -10.07 -14.50 1.19
C ALA B 28 -9.67 8.90 26.25
N LYS B 29 16.05 -13.66 -0.68
N LYS B 29 -19.01 -17.63 -9.27
N LYS B 29 -9.20 -13.67 1.73
N LYS B 29 -8.85 8.14 25.53
CA LYS B 29 14.80 -12.98 -1.07
CA LYS B 29 -19.47 -17.31 -7.91
CA LYS B 29 -9.60 -12.33 2.23
CA LYS B 29 -7.59 7.61 26.09
C LYS B 29 15.05 -12.03 -2.26
C LYS B 29 -20.65 -16.34 -7.96
C LYS B 29 -10.10 -11.45 1.07
C LYS B 29 -6.63 8.76 26.44
N ILE B 30 16.22 -11.37 -2.24
N ILE B 30 -20.60 -15.41 -8.92
N ILE B 30 -9.44 -11.60 -0.10
N ILE B 30 -6.62 9.79 25.58
CA ILE B 30 16.55 -10.44 -3.33
CA ILE B 30 -21.70 -14.43 -9.04
CA ILE B 30 -9.84 -10.79 -1.26
CA ILE B 30 -5.74 10.93 25.84
C ILE B 30 16.79 -11.30 -4.58
C ILE B 30 -22.92 -15.20 -9.56
C ILE B 30 -11.21 -11.33 -1.72
C ILE B 30 -6.28 11.66 27.08
N GLN B 31 17.43 -12.42 -4.46
N GLN B 31 -22.75 -16.13 -10.46
N GLN B 31 -11.40 -12.62 -1.68
N GLN B 31 -7.57 11.78 27.20
CA GLN B 31 17.66 -13.26 -5.67
CA GLN B 31 -23.93 -16.88 -10.95
CA GLN B 31 -12.74 -13.14 -2.12
CA GLN B 31 -8.10 12.49 28.41
C GLN B 31 16.30 -13.69 -6.25
C GLN B 31 -24.56 -17.65 -9.77
C GLN B 31 -13.83 -12.59 -1.18
C GLN B 31 -7.69 11.69 29.67
N ASP B 32 15.48 -14.19 -5.35
N ASP B 32 -23.69 -18.33 -9.07
N ASP B 32 -13.54 -12.71 0.09
N ASP B 32 -7.93 10.40 29.59
CA ASP B 32 14.13 -14.63 -5.74
CA ASP B 32 -24.12 -19.12 -7.90
CA ASP B 32 -14.47 -12.21 1.13
CA ASP B 32 -7.57 9.51 30.71
C ASP B 32 13.37 -13.55 -6.47
C ASP B 32 -24.90 -18.27 -6.91
C ASP B 32 -14.82 -10.76 0.91
C ASP B 32 -6.12 9.65 31.10
N LYS B 33 13.47 -12.29 -5.99
N LYS B 33 -24.45 -17.03 -6.67
N LYS B 33 -13.82 -9.93 0.54
N LYS B 33 -5.22 9.76 30.11
CA LYS B 33 12.64 -11.25 -6.66
CA LYS B 33 -25.18 -16.24 -5.64
CA LYS B 33 -14.17 -8.49 0.43
CA LYS B 33 -3.79 9.80 30.52
C LYS B 33 13.28 -10.49 -7.77
C LYS B 33 -26.26 -15.35 -6.10
C LYS B 33 -14.56 -7.99 -0.91
C LYS B 33 -3.18 11.14 30.71
N GLU B 34 14.57 -10.33 -7.88
N GLU B 34 -26.33 -14.87 -7.31
N GLU B 34 -14.20 -8.56 -2.02
N GLU B 34 -3.63 12.22 30.14
CA GLU B 34 15.23 -9.60 -8.93
CA GLU B 34 -27.37 -14.00 -7.82
CA GLU B 34 -14.56 -8.13 -3.34
CA GLU B 34 -3.08 13.55 30.30
C GLU B 34 16.26 -10.41 -9.68
C GLU B 34 -28.05 -14.52 -9.05
C GLU B 34 -15.25 -9.18 -4.17
C GLU B 34 -4.08 14.56 30.78
N GLY B 35 16.52 -11.63 -9.23
N GLY B 35 -27.58 -15.63 -9.60
N GLY B 35 -15.34 -10.40 -3.67
N GLY B 35 -5.33 14.19 30.88
CA GLY B 35 17.43 -12.53 -9.91
CA GLY B 35 -28.19 -16.26 -10.73
CA GLY B 35 -16.05 -11.47 -4.32
CA GLY B 35 -6.37 15.05 31.41
C GLY B 35 18.89 -12.37 -9.70
C GLY B 35 -27.93 -15.73 -12.09
C GLY B 35 -15.36 -12.20 -5.40
C GLY B 35 -6.96 16.07 30.51
N ILE B 36 19.30 -11.45 -8.81
N ILE B 36 -27.03 -14.74 -12.21
N ILE B 36 -14.08 -11.92 -5.66
N ILE B 36 -6.60 16.07 29.22
CA ILE B 36 20.74 -11.28 -8.58
CA ILE B 36 -26.74 -14.19 -13.54
CA ILE B 36 -13.37 -12.64 -6.73
CA ILE B 36 -7.19 17.06 28.31
C ILE B 36 21.28 -12.37 -7.66
C ILE B 36 -25.79 -15.10 -14.30
C ILE B 36 -12.93 -14.02 -6.25
C ILE B 36 -8.58 16.64 27.87
N PRO B 37 22.30 -13.09 -8.11
N PRO B 37 -26.19 -15.53 -15.50
N PRO B 37 -13.34 -15.06 -6.96
N PRO B 37 -9.56 17.50 28.09
CA PRO B 37 22.96 -14.15 -7.32
CA PRO B 37 -25.35 -16.38 -16.37
CA PRO B 37 -12.95 -16.46 -6.65
CA PRO B 37 -10.96 17.26 27.68
C PRO B 37 23.47 -13.60 -6.01
C PRO B 37 -24.02 -15.71 -16.66
C PRO B 37 -11.45 -16.61 -6.62
C PRO B 37 -11.05 16.98 26.19
N PRO B 38 23.28 -14.31 -4.91
N PRO B 38 -22.92 -16.42 -16.61
N PRO B 38 -10.90 -17.30 -5.65
N PRO B 38 -11.82 16.01 25.77
CA PRO B 38 23.75 -13.80 -3.61
CA PRO B 38 -21.61 -15.82 -16.88
CA PRO B 38 -9.44 -17.47 -5.57
CA PRO B 38 -11.92 15.70 24.34
C PRO B 38 25.23 -13.50 -3.58
C PRO B 38 -21.53 -15.15 -18.22
C PRO B 38 -8.84 -18.07 -6.82
C PRO B 38 -12.38 16.87 23.50
N ASP B 39 26.02 -14.24 -4.32
N ASP B 39 -22.21 -15.65 -19.22
N ASP B 39 -9.55 -18.94 -7.49
N ASP B 39 -13.20 17.74 24.05
CA ASP B 39 27.49 -14.04 -4.30
CA ASP B 39 -22.13 -15.08 -20.59
CA ASP B 39 -9.01 -19.62 -8.70
CA ASP B 39 -13.73 18.89 23.27
C ASP B 39 27.91 -12.71 -4.91
C ASP B 39 -22.76 -13.69 -20.67
C ASP B 39 -8.80 -18.66 -9.86
C ASP B 39 -12.65 19.91 22.93
N GLN B 40 27.01 -12.08 -5.64
N GLN B 40 -23.54 -13.32 -19.65
N GLN B 40 -9.40 -17.48 -9.78
N GLN B 40 -11.51 19.81 23.60
CA GLN B 40 27.32 -10.78 -6.25
CA GLN B 40 -24.15 -11.98 -19.66
CA GLN B 40 -9.22 -16.47 -10.85
CA GLN B 40 -10.41 20.75 23.31
C GLN B 40 26.83 -9.60 -5.37
C GLN B 40 -23.33 -10.97 -18.83
C GLN B 40 -8.10 -15.47 -10.52
C GLN B 40 -9.39 20.14 22.33
N GLN B 41 26.03 -9.88 -4.36
N GLN B 41 -22.34 -11.43 -18.09
N GLN B 41 -7.62 -15.47 -9.30
N GLN B 41 -9.48 18.86 22.05
CA GLN B 41 25.46 -8.86 -3.50
CA GLN B 41 -21.52 -10.60 -17.24
CA GLN B 41 -6.61 -14.54 -8.85
CA GLN B 41 -8.57 18.17 21.18
C GLN B 41 26.34 -8.41 -2.35
C GLN B 41 -20.35 -9.93 -17.93
C GLN B 41 -5.18 -14.93 -9.14
C GLN B 41 -8.87 18.24 19.70
N ARG B 42 26.47 -7.09 -2.24
N ARG B 42 -20.25 -8.63 -17.70
N ARG B 42 -4.45 -13.99 -9.72
N ARG B 42 -7.83 18.60 18.94
CA ARG B 42 27.16 -6.48 -1.06
CA ARG B 42 -19.06 -7.84 -18.15
CA ARG B 42 -2.98 -14.15 -9.91
CA ARG B 42 -7.91 18.56 17.45
C ARG B 42 26.11 -5.57 -0.43
C ARG B 42 -18.50 -7.23 -16.89
C ARG B 42 -2.34 -12.99 -9.18
C ARG B 42 -6.80 17.64 17.03
N LEU B 43 25.66 -5.84 0.79
N LEU B 43 -17.28 -7.59 -16.46
N LEU B 43 -1.57 -13.21 -8.13
N LEU B 43 -7.10 16.49 16.41
CA LEU B 43 24.62 -5.00 1.42
CA LEU B 43 -16.72 -7.05 -15.21
CA LEU B 43 -0.98 -12.10 -7.35
CA LEU B 43 -6.05 15.52 16.04
C LEU B 43 25.23 -4.06 2.44
C LEU B 43 -15.69 -5.98 -15.50
C LEU B 43 0.50 -11.93 -7.70
C LEU B 43 -5.78 15.60 14.53
N ILE B 44 24.88 -2.78 2.33
N ILE B 44 -15.83 -4.83 -14.84
N ILE B 44 0.87 -10.70 -8.01
N ILE B 44 -4.50 15.72 14.18
CA ILE B 44 25.41 -1.74 3.20
CA ILE B 44 -14.97 -3.67 -15.05
CA ILE B 44 2.23 -10.37 -8.42
CA ILE B 44 -4.07 15.87 12.79
C ILE B 44 24.32 -1.00 3.96
C ILE B 44 -14.27 -3.24 -13.76
C ILE B 44 2.87 -9.32 -7.50
C ILE B 44 -3.11 14.77 12.38
N PHE B 45 24.53 -0.86 5.29
N PHE B 45 -12.94 -3.03 -13.89
N PHE B 45 4.13 -9.64 -7.08
N PHE B 45 -3.40 14.17 11.20
CA PHE B 45 23.60 -0.12 6.16
CA PHE B 45 -12.12 -2.57 -12.75
CA PHE B 45 4.90 -8.73 -6.23
CA PHE B 45 -2.54 13.12 10.63
C PHE B 45 24.48 0.60 7.20
C PHE B 45 -11.06 -1.63 -13.37
C PHE B 45 6.36 -8.88 -6.69
C PHE B 45 -2.60 13.33 9.11
N ALA B 46 24.19 1.87 7.30
N ALA B 46 -11.00 -0.47 -12.75
N ALA B 46 6.94 -7.73 -6.94
N ALA B 46 -1.39 13.37 8.57
CA ALA B 46 24.85 2.78 8.26
CA ALA B 46 -10.03 0.58 -13.11
CA ALA B 46 8.35 -7.59 -7.33
CA ALA B 46 -1.16 13.52 7.12
C ALA B 46 26.36 2.62 8.21
C ALA B 46 -10.01 0.81 -14.60
C ALA B 46 8.68 -8.57 -8.46
C ALA B 46 -2.00 14.65 6.54
N GLY B 47 26.85 2.59 7.00
N GLY B 47 -11.19 0.90 -15.15
N GLY B 47 7.81 -8.60 -9.42
N GLY B 47 -1.98 15.74 7.25
CA GLY B 47 28.22 2.44 6.61
CA GLY B 47 -11.52 1.11 -16.53
CA GLY B 47 7.82 -9.40 -10.60
CA GLY B 47 -2.66 16.98 6.99
C GLY B 47 28.92 1.16 7.00
C GLY B 47 -11.08 0.07 -17.51
C GLY B 47 7.78 -10.89 -10.44
C GLY B 47 -4.17 16.95 6.97
N LYS B 48 28.19 0.11 7.27
N LYS B 48 -10.82 -1.14 -17.07
N LYS B 48 7.32 -11.38 -9.32
N LYS B 48 -4.77 15.97 7.58
CA LYS B 48 28.77 -1.19 7.61
CA LYS B 48 -10.43 -2.25 -17.95
CA LYS B 48 7.18 -12.82 -9.06
CA LYS B 48 -6.24 15.87 7.67
C LYS B 48 28.38 -2.17 6.49
C LYS B 48 -11.56 -3.30 -17.88
C LYS B 48 5.68 -13.12 -8.91
C LYS B 48 -6.62 16.01 9.15
N GLN B 49 29.26 -3.06 6.13
N GLN B 49 -11.85 -3.94 -18.97
N GLN B 49 5.24 -14.24 -9.40
N GLN B 49 -7.70 16.67 9.44
CA GLN B 49 28.90 -4.11 5.13
CA GLN B 49 -12.85 -5.05 -18.94
CA GLN B 49 3.82 -14.65 -9.19
CA GLN B 49 -8.18 16.73 10.86
C GLN B 49 28.26 -5.21 5.97
C GLN B 49 -12.01 -6.27 -18.57
C GLN B 49 3.85 -15.35 -7.84
C GLN B 49 -9.01 15.47 11.01
N LEU B 50 27.10 -5.68 5.59
N LEU B 50 -12.44 -7.04 -17.59
N LEU B 50 2.97 -14.99 -6.94
N LEU B 50 -8.79 14.70 12.05
CA LEU B 50 26.36 -6.69 6.38
CA LEU B 50 -11.65 -8.19 -17.09
CA LEU B 50 2.95 -15.54 -5.57
CA LEU B 50 -9.47 13.42 12.25
C LEU B 50 26.93 -8.07 6.14
C LEU B 50 -11.85 -9.38 -18.02
C LEU B 50 2.30 -16.92 -5.57
C LEU B 50 -10.86 13.64 12.80
N GLU B 51 27.07 -8.86 7.21
N GLU B 51 -10.76 -10.11 -18.31
N GLU B 51 2.88 -17.86 -4.82
N GLU B 51 -11.85 12.90 12.31
CA GLU B 51 27.66 -10.21 7.07
CA GLU B 51 -10.84 -11.25 -19.24
CA GLU B 51 2.33 -19.24 -4.80
CA GLU B 51 -13.24 13.09 12.77
C GLU B 51 26.59 -11.26 7.06
C GLU B 51 -10.88 -12.54 -18.47
C GLU B 51 1.53 -19.46 -3.55
C GLU B 51 -13.62 12.03 13.76
N ASP B 52 26.68 -12.28 6.25
N ASP B 52 -11.67 -13.51 -18.86
N ASP B 52 0.42 -20.13 -3.61
N ASP B 52 -14.34 12.33 14.80
CA ASP B 52 25.68 -13.33 6.05
CA ASP B 52 -11.88 -14.77 -18.17
CA ASP B 52 -0.52 -20.35 -2.50
CA ASP B 52 -14.71 11.43 15.89
C ASP B 52 25.06 -14.03 7.25
C ASP B 52 -10.71 -15.61 -17.70
C ASP B 52 -0.02 -20.83 -1.15
C ASP B 52 -15.29 10.06 15.58
N GLY B 53 25.84 -14.36 8.25
N GLY B 53 -9.67 -15.72 -18.50
N GLY B 53 0.91 -21.77 -1.13
N GLY B 53 -16.19 9.97 14.63
CA GLY B 53 25.40 -15.10 9.45
CA GLY B 53 -8.47 -16.53 -18.21
CA GLY B 53 1.45 -22.38 0.10
CA GLY B 53 -16.89 8.72 14.26
C GLY B 53 24.78 -14.28 10.52
C GLY B 53 -7.43 -15.90 -17.35
C GLY B 53 2.55 -21.62 0.77
C GLY B 53 -16.15 7.81 13.34
N ARG B 54 24.82 -12.95 10.44
N ARG B 54 -7.55 -14.60 -17.04
N ARG B 54 3.09 -20.56 0.15
N ARG B 54 -15.02 8.22 12.77
CA ARG B 54 24.16 -12.07 11.42
CA ARG B 54 -6.60 -13.92 -16.14
CA ARG B 54 4.11 -19.73 0.79
CA ARG B 54 -14.20 7.35 11.91
C ARG B 54 22.71 -11.91 11.01
C ARG B 54 -7.08 -14.13 -14.71
C ARG B 54 3.41 -18.67 1.64
C ARG B 54 -13.27 6.54 12.81
N THR B 55 21.90 -11.40 11.91
N THR B 55 -6.24 -13.86 -13.76
N THR B 55 4.14 -18.02 2.50
N THR B 55 -12.68 5.51 12.27
CA THR B 55 20.47 -11.11 11.66
CA THR B 55 -6.54 -13.95 -12.31
CA THR B 55 3.65 -16.93 3.37
CA THR B 55 -11.70 4.65 12.96
C THR B 55 20.35 -9.57 11.52
C THR B 55 -6.72 -12.50 -11.80
C THR B 55 4.18 -15.61 2.76
C THR B 55 -10.30 5.03 12.42
N LEU B 56 19.22 -9.14 10.99
N LEU B 56 -7.31 -12.37 -10.64
N LEU B 56 3.59 -14.51 3.19
N LEU B 56 -9.28 4.61 13.13
CA LEU B 56 18.92 -7.71 10.83
CA LEU B 56 -7.51 -11.07 -9.98
CA LEU B 56 4.02 -13.16 2.76
CA LEU B 56 -7.89 4.84 12.72
C LEU B 56 18.90 -7.07 12.23
C LEU B 56 -6.13 -10.45 -9.73
C LEU B 56 5.46 -12.96 3.20
C LEU B 56 -7.66 4.14 11.38
N SER B 57 18.40 -7.82 13.23
N SER B 57 -5.12 -11.29 -9.40
N SER B 57 5.83 -13.50 4.39
N SER B 57 -8.30 2.97 11.18
CA SER B 57 18.37 -7.19 14.58
CA SER B 57 -3.79 -10.69 -9.14
CA SER B 57 7.24 -13.30 4.81
CA SER B 57 -8.07 2.29 9.88
C SER B 57 19.76 -6.89 15.10
C SER B 57 -3.21 -10.03 -10.38
C SER B 57 8.22 -13.95 3.88
C SER B 57 -8.59 3.10 8.71
N ASP B 58 20.74 -7.68 14.69
N ASP B 58 -3.57 -10.55 -11.55
N ASP B 58 7.82 -15.04 3.24
N ASP B 58 -9.62 3.89 8.95
CA ASP B 58 22.14 -7.47 15.14
CA ASP B 58 -3.07 -9.96 -12.83
CA ASP B 58 8.71 -15.76 2.30
CA ASP B 58 -10.22 4.74 7.87
C ASP B 58 22.61 -6.04 14.82
C ASP B 58 -3.40 -8.48 -12.92
C ASP B 58 9.22 -14.82 1.20
C ASP B 58 -9.15 5.63 7.24
N TYR B 59 22.20 -5.58 13.67
N TYR B 59 -4.56 -8.14 -12.46
N TYR B 59 8.35 -13.96 0.76
N TYR B 59 -8.28 6.14 8.08
CA TYR B 59 22.51 -4.23 13.18
CA TYR B 59 -5.07 -6.76 -12.44
CA TYR B 59 8.63 -12.96 -0.27
CA TYR B 59 -7.18 7.00 7.69
C TYR B 59 21.47 -3.21 13.57
C TYR B 59 -4.75 -6.04 -11.15
C TYR B 59 9.11 -11.65 0.31
C TYR B 59 -5.90 6.25 7.39
N ASN B 60 20.45 -3.51 14.35
N ASN B 60 -4.01 -6.59 -10.22
N ASN B 60 9.33 -11.49 1.59
N ASN B 60 -5.87 4.93 7.40
CA ASN B 60 19.47 -2.48 14.70
CA ASN B 60 -3.72 -5.85 -8.97
CA ASN B 60 9.79 -10.19 2.11
CA ASN B 60 -4.60 4.23 7.10
C ASN B 60 18.81 -1.89 13.45
C ASN B 60 -5.00 -5.46 -8.26
C ASN B 60 8.81 -9.07 1.76
C ASN B 60 -3.50 4.64 8.07
N ILE B 61 18.42 -2.74 12.52
N ILE B 61 -5.93 -6.38 -8.14
N ILE B 61 7.54 -9.32 1.95
N ILE B 61 -3.83 4.69 9.34
CA ILE B 61 17.69 -2.27 11.31
CA ILE B 61 -7.18 -6.13 -7.37
CA ILE B 61 6.51 -8.26 1.73
CA ILE B 61 -2.79 5.00 10.39
C ILE B 61 16.21 -2.28 11.67
C ILE B 61 -6.88 -6.52 -5.93
C ILE B 61 6.37 -7.52 3.05
C ILE B 61 -2.19 3.65 10.80
N GLN B 62 15.56 -1.15 11.68
N GLN B 62 -6.93 -5.60 -5.01
N GLN B 62 6.69 -6.26 3.09
N GLN B 62 -0.93 3.44 10.56
CA GLN B 62 14.13 -1.03 12.08
CA GLN B 62 -6.58 -5.85 -3.58
CA GLN B 62 6.65 -5.44 4.34
CA GLN B 62 -0.24 2.15 10.84
C GLN B 62 13.26 -0.88 10.83
C GLN B 62 -7.87 -5.93 -2.75
C GLN B 62 5.41 -4.54 4.34
C GLN B 62 0.60 2.29 12.12
N LYS B 63 11.94 -0.96 10.99
N LYS B 63 -7.77 -6.36 -1.49
N LYS B 63 5.10 -3.90 5.46
N LYS B 63 1.11 1.18 12.64
CA LYS B 63 11.02 -0.90 9.88
CA LYS B 63 -8.93 -6.54 -0.64
CA LYS B 63 3.92 -3.08 5.59
CA LYS B 63 1.86 1.17 13.87
C LYS B 63 11.28 0.39 9.08
C LYS B 63 -9.73 -5.25 -0.59
C LYS B 63 3.91 -2.03 4.49
C LYS B 63 3.02 2.17 13.77
N GLU B 64 11.12 0.21 7.76
N GLU B 64 -11.05 -5.47 -0.56
N GLU B 64 2.67 -1.79 4.02
N GLU B 64 3.24 2.82 14.93
CA GLU B 64 11.30 1.23 6.75
CA GLU B 64 -12.06 -4.45 -0.50
CA GLU B 64 2.34 -0.85 2.98
CA GLU B 64 4.27 3.80 15.14
C GLU B 64 12.67 1.79 6.55
C GLU B 64 -12.23 -3.55 -1.69
C GLU B 64 2.83 -1.12 1.60
C GLU B 64 4.15 5.10 14.41
N SER B 65 13.65 1.04 7.00
N SER B 65 -11.71 -4.02 -2.82
N SER B 65 3.17 -2.38 1.37
N SER B 65 2.94 5.38 13.97
CA SER B 65 15.07 1.34 6.81
CA SER B 65 -11.86 -3.36 -4.12
CA SER B 65 3.56 -2.89 0.05
CA SER B 65 2.57 6.65 13.33
C SER B 65 15.39 1.10 5.31
C SER B 65 -13.34 -3.52 -4.55
C SER B 65 2.29 -2.93 -0.83
C SER B 65 2.57 7.74 14.44
N THR B 66 16.45 1.68 4.83
N THR B 66 -13.78 -2.68 -5.45
N THR B 66 2.46 -2.96 -2.12
N THR B 66 2.68 8.98 14.05
CA THR B 66 16.92 1.48 3.45
CA THR B 66 -15.13 -2.77 -6.01
CA THR B 66 1.36 -3.08 -3.07
CA THR B 66 2.60 10.11 14.98
C THR B 66 18.33 0.88 3.50
C THR B 66 -15.02 -2.98 -7.52
C THR B 66 1.55 -4.36 -3.89
C THR B 66 1.42 10.99 14.58
N LEU B 67 18.55 -0.26 2.82
N LEU B 67 -15.67 -4.02 -8.06
N LEU B 67 0.53 -5.22 -3.93
N LEU B 67 0.52 11.28 15.52
CA LEU B 67 19.89 -0.82 2.73
CA LEU B 67 -15.68 -4.22 -9.51
CA LEU B 67 0.61 -6.42 -4.78
CA LEU B 67 -0.57 12.21 15.23
C LEU B 67 20.41 -0.46 1.32
C LEU B 67 -17.08 -3.76 -9.98
C LEU B 67 -0.27 -6.10 -6.01
C LEU B 67 -0.18 13.55 15.91
N HIS B 68 21.68 -0.38 1.14
N HIS B 68 -17.20 -3.35 -11.19
N HIS B 68 0.00 -6.72 -7.11
N HIS B 68 -0.68 14.64 15.42
CA HIS B 68 22.22 -0.09 -0.20
CA HIS B 68 -18.53 -2.94 -11.69
CA HIS B 68 -0.84 -6.49 -8.30
CA HIS B 68 -0.36 15.93 16.08
C HIS B 68 22.78 -1.41 -0.73
C HIS B 68 -19.00 -4.08 -12.60
C HIS B 68 -1.71 -7.73 -8.45
C HIS B 68 -1.62 16.34 16.83
N LEU B 69 22.49 -1.73 -1.98
N LEU B 69 -20.26 -4.46 -12.46
N LEU B 69 -3.00 -7.54 -8.72
N LEU B 69 -1.46 16.79 18.06
CA LEU B 69 23.03 -2.92 -2.62
CA LEU B 69 -20.86 -5.48 -13.32
CA LEU B 69 -3.91 -8.65 -8.97
CA LEU B 69 -2.58 17.30 18.86
C LEU B 69 24.08 -2.57 -3.62
C LEU B 69 -21.82 -4.89 -14.30
C LEU B 69 -4.28 -8.75 -10.41
C LEU B 69 -2.54 18.78 18.98
N VAL B 70 25.30 -2.98 -3.44
N VAL B 70 -21.57 -4.95 -15.57
N VAL B 70 -3.94 -9.79 -11.09
N VAL B 70 -3.51 19.49 18.47
CA VAL B 70 26.36 -2.75 -4.46
CA VAL B 70 -22.56 -4.47 -16.58
CA VAL B 70 -4.38 -9.97 -12.51
CA VAL B 70 -3.57 20.96 18.66
C VAL B 70 26.62 -4.16 -5.03
C VAL B 70 -23.09 -5.77 -17.21
C VAL B 70 -5.42 -11.10 -12.40
C VAL B 70 -4.74 21.15 19.63
N LEU B 71 26.80 -4.25 -6.33
N LEU B 71 -24.37 -5.81 -17.48
N LEU B 71 -6.50 -11.00 -13.15
N LEU B 71 -4.61 22.05 20.58
CA LEU B 71 27.09 -5.56 -6.96
CA LEU B 71 -24.97 -7.01 -18.12
CA LEU B 71 -7.54 -12.06 -13.15
CA LEU B 71 -5.71 22.32 21.53
C LEU B 71 28.57 -5.74 -7.12
C LEU B 71 -25.07 -6.79 -19.61
C LEU B 71 -7.31 -12.99 -14.30
C LEU B 71 -6.52 23.49 21.06
N MET A 1 6.38 18.40 -20.67
CA MET A 1 5.74 19.56 -20.05
C MET A 1 6.28 19.67 -18.60
N GLN A 2 6.34 20.88 -18.14
CA GLN A 2 6.81 21.11 -16.74
C GLN A 2 5.61 21.10 -15.81
N ILE A 3 5.80 20.45 -14.66
CA ILE A 3 4.77 20.47 -13.61
C ILE A 3 5.53 20.83 -12.30
N PHE A 4 4.75 21.23 -11.33
CA PHE A 4 5.40 21.59 -10.01
C PHE A 4 4.91 20.64 -8.96
N VAL A 5 5.74 20.16 -8.03
CA VAL A 5 5.27 19.32 -6.95
C VAL A 5 5.58 20.10 -5.65
N LYS A 6 4.57 20.50 -4.95
CA LYS A 6 4.78 21.30 -3.70
C LYS A 6 4.77 20.35 -2.53
N THR A 7 5.82 20.41 -1.68
CA THR A 7 5.88 19.52 -0.51
C THR A 7 5.42 20.27 0.74
N LEU A 8 5.24 19.58 1.84
CA LEU A 8 4.74 20.24 3.07
C LEU A 8 5.81 21.08 3.74
N THR A 9 7.06 21.03 3.24
CA THR A 9 8.08 21.90 3.94
C THR A 9 8.35 23.16 3.18
N GLY A 10 7.52 23.50 2.24
CA GLY A 10 7.67 24.69 1.43
C GLY A 10 8.68 24.63 0.33
N LYS A 11 9.10 23.43 0.00
CA LYS A 11 10.01 23.21 -1.12
C LYS A 11 9.11 22.84 -2.31
N THR A 12 9.42 23.38 -3.48
CA THR A 12 8.62 22.98 -4.66
C THR A 12 9.61 22.35 -5.64
N ILE A 13 9.25 21.19 -6.17
CA ILE A 13 10.23 20.60 -7.13
C ILE A 13 9.65 20.67 -8.52
N THR A 14 10.47 20.94 -9.51
CA THR A 14 9.89 20.97 -10.89
C THR A 14 10.25 19.66 -11.57
N LEU A 15 9.33 19.09 -12.33
CA LEU A 15 9.58 17.83 -13.01
C LEU A 15 9.25 18.02 -14.49
N GLU A 16 9.89 17.22 -15.31
CA GLU A 16 9.51 17.26 -16.76
C GLU A 16 8.85 15.92 -17.00
N VAL A 17 7.60 16.03 -17.42
CA VAL A 17 6.77 14.86 -17.67
C VAL A 17 5.93 15.04 -18.95
N GLU A 18 5.32 13.93 -19.31
CA GLU A 18 4.37 13.84 -20.41
C GLU A 18 3.06 13.38 -19.82
N PRO A 19 1.95 13.87 -20.34
CA PRO A 19 0.61 13.47 -19.90
C PRO A 19 0.43 11.98 -19.97
N SER A 20 1.19 11.31 -20.81
CA SER A 20 1.03 9.85 -20.98
C SER A 20 1.72 9.11 -19.87
N ASP A 21 2.49 9.83 -19.05
CA ASP A 21 3.19 9.10 -17.96
C ASP A 21 2.21 8.63 -16.92
N THR A 22 2.51 7.52 -16.30
CA THR A 22 1.71 6.99 -15.21
C THR A 22 2.16 7.68 -13.91
N ILE A 23 1.25 7.61 -12.94
CA ILE A 23 1.52 8.13 -11.60
C ILE A 23 2.72 7.40 -10.98
N GLU A 24 2.80 6.12 -11.24
CA GLU A 24 3.98 5.32 -10.73
C GLU A 24 5.27 5.90 -11.23
N CYS A 25 5.30 6.34 -12.52
CA CYS A 25 6.50 6.91 -13.13
C CYS A 25 6.85 8.24 -12.50
N VAL A 26 5.82 9.05 -12.28
CA VAL A 26 6.04 10.34 -11.65
C VAL A 26 6.71 10.15 -10.29
N LYS A 27 6.18 9.20 -9.52
CA LYS A 27 6.74 8.92 -8.19
C LYS A 27 8.19 8.48 -8.29
N ALA A 28 8.54 7.70 -9.30
CA ALA A 28 9.92 7.29 -9.53
C ALA A 28 10.80 8.47 -9.89
N LYS A 29 10.31 9.43 -10.66
CA LYS A 29 11.09 10.64 -10.97
C LYS A 29 11.35 11.47 -9.69
N ILE A 30 10.35 11.49 -8.81
CA ILE A 30 10.50 12.25 -7.55
C ILE A 30 11.53 11.50 -6.70
N GLN A 31 11.49 10.19 -6.69
CA GLN A 31 12.50 9.45 -5.86
C GLN A 31 13.90 9.76 -6.40
N ASP A 32 14.01 9.63 -7.70
CA ASP A 32 15.30 9.91 -8.37
C ASP A 32 15.83 11.29 -8.03
N LYS A 33 14.94 12.30 -7.98
CA LYS A 33 15.50 13.66 -7.74
C LYS A 33 15.53 14.13 -6.33
N GLU A 34 14.74 13.67 -5.41
CA GLU A 34 14.73 14.09 -4.02
C GLU A 34 14.92 12.96 -3.04
N GLY A 35 14.94 11.73 -3.52
CA GLY A 35 15.18 10.58 -2.69
C GLY A 35 14.07 10.02 -1.89
N ILE A 36 12.84 10.55 -2.06
CA ILE A 36 11.72 10.01 -1.29
C ILE A 36 11.20 8.72 -1.91
N PRO A 37 11.15 7.65 -1.13
CA PRO A 37 10.64 6.34 -1.58
C PRO A 37 9.21 6.46 -2.09
N PRO A 38 8.88 5.84 -3.19
CA PRO A 38 7.51 5.95 -3.73
C PRO A 38 6.45 5.52 -2.76
N ASP A 39 6.74 4.57 -1.90
CA ASP A 39 5.72 4.05 -0.95
C ASP A 39 5.34 5.08 0.11
N GLN A 40 6.16 6.11 0.23
CA GLN A 40 5.83 7.18 1.22
C GLN A 40 5.08 8.36 0.58
N GLN A 41 5.02 8.40 -0.74
CA GLN A 41 4.40 9.48 -1.46
C GLN A 41 2.90 9.36 -1.66
N ARG A 42 2.21 10.46 -1.32
CA ARG A 42 0.75 10.57 -1.60
C ARG A 42 0.62 11.80 -2.48
N LEU A 43 0.18 11.67 -3.73
CA LEU A 43 0.09 12.84 -4.63
C LEU A 43 -1.35 13.30 -4.76
N ILE A 44 -1.57 14.59 -4.57
CA ILE A 44 -2.91 15.19 -4.61
C ILE A 44 -3.02 16.28 -5.66
N PHE A 45 -4.11 16.19 -6.46
CA PHE A 45 -4.39 17.20 -7.50
C PHE A 45 -5.92 17.33 -7.53
N ALA A 46 -6.32 18.58 -7.46
CA ALA A 46 -7.74 18.98 -7.52
C ALA A 46 -8.59 18.14 -6.58
N GLY A 47 -8.08 17.99 -5.40
CA GLY A 47 -8.62 17.24 -4.29
C GLY A 47 -8.80 15.76 -4.47
N CYS A 48 -8.13 15.15 -5.41
CA CYS A 48 -8.12 13.71 -5.63
C CYS A 48 -6.78 13.12 -5.25
N GLN A 49 -6.74 11.97 -4.70
CA GLN A 49 -5.43 11.30 -4.47
C GLN A 49 -5.16 10.55 -5.77
N LEU A 50 -3.98 10.72 -6.33
CA LEU A 50 -3.65 10.11 -7.64
C LEU A 50 -3.29 8.65 -7.46
N GLU A 51 -3.77 7.80 -8.37
CA GLU A 51 -3.53 6.34 -8.25
C GLU A 51 -2.42 5.92 -9.18
N ASP A 52 -1.53 5.06 -8.79
CA ASP A 52 -0.35 4.62 -9.54
C ASP A 52 -0.48 4.20 -10.99
N GLY A 53 -1.50 3.45 -11.32
CA GLY A 53 -1.74 2.91 -12.67
C GLY A 53 -2.40 3.82 -13.65
N ARG A 54 -2.89 4.98 -13.21
CA ARG A 54 -3.49 5.96 -14.13
C ARG A 54 -2.37 6.83 -14.68
N THR A 55 -2.66 7.57 -15.72
CA THR A 55 -1.72 8.53 -16.36
C THR A 55 -2.16 9.94 -15.93
N LEU A 56 -1.27 10.90 -16.12
CA LEU A 56 -1.55 12.31 -15.83
C LEU A 56 -2.72 12.75 -16.70
N SER A 57 -2.80 12.25 -17.95
CA SER A 57 -3.93 12.69 -18.80
C SER A 57 -5.26 12.26 -18.24
N ASP A 58 -5.29 11.15 -17.53
CA ASP A 58 -6.56 10.64 -16.93
C ASP A 58 -7.20 11.71 -16.05
N TYR A 59 -6.37 12.41 -15.33
CA TYR A 59 -6.76 13.49 -14.42
C TYR A 59 -6.79 14.84 -15.09
N ASN A 60 -6.55 14.98 -16.38
CA ASN A 60 -6.58 16.32 -16.99
C ASN A 60 -5.58 17.25 -16.32
N ILE A 61 -4.36 16.77 -16.10
CA ILE A 61 -3.28 17.62 -15.54
C ILE A 61 -2.59 18.28 -16.73
N GLN A 62 -2.64 19.57 -16.85
CA GLN A 62 -2.07 20.32 -18.00
C GLN A 62 -0.74 20.97 -17.58
N LYS A 63 0.04 21.51 -18.58
CA LYS A 63 1.33 22.10 -18.24
C LYS A 63 1.17 23.16 -17.17
N GLU A 64 2.22 23.18 -16.36
CA GLU A 64 2.37 24.09 -15.26
C GLU A 64 1.44 23.96 -14.10
N SER A 65 0.81 22.79 -14.03
CA SER A 65 -0.07 22.42 -12.91
C SER A 65 0.84 22.18 -11.68
N THR A 66 0.25 22.25 -10.50
CA THR A 66 0.96 21.97 -9.25
C THR A 66 0.29 20.77 -8.56
N LEU A 67 1.06 19.74 -8.22
CA LEU A 67 0.49 18.62 -7.46
C LEU A 67 0.98 18.81 -6.00
N HIS A 68 0.26 18.31 -5.06
CA HIS A 68 0.72 18.43 -3.66
C HIS A 68 1.24 17.05 -3.26
N LEU A 69 2.38 17.02 -2.60
CA LEU A 69 2.96 15.77 -2.10
C LEU A 69 2.83 15.67 -0.60
N VAL A 70 2.10 14.73 -0.09
CA VAL A 70 2.03 14.52 1.38
C VAL A 70 2.81 13.21 1.60
N LEU A 71 3.60 13.15 2.65
CA LEU A 71 4.36 11.93 2.95
C LEU A 71 3.61 11.09 3.95
N ARG A 72 3.54 9.80 3.74
N ARG A 72 3.52 9.78 3.66
N ARG A 72 3.64 9.77 3.82
N ARG A 72 3.60 9.78 3.77
CA ARG A 72 2.81 8.92 4.68
CA ARG A 72 2.83 8.75 4.46
CA ARG A 72 3.04 8.85 4.82
CA ARG A 72 2.92 8.88 4.70
C ARG A 72 3.60 7.63 4.73
C ARG A 72 2.00 7.95 3.45
C ARG A 72 2.80 7.54 4.08
C ARG A 72 3.51 9.18 6.07
N LEU A 73 4.25 7.29 5.79
N LEU A 73 1.63 6.74 3.70
N LEU A 73 1.60 7.14 3.82
N LEU A 73 4.49 10.01 6.20
CA LEU A 73 5.02 6.02 5.83
CA LEU A 73 0.83 5.98 2.72
CA LEU A 73 1.37 5.87 3.11
CA LEU A 73 5.05 10.31 7.54
C LEU A 73 4.10 4.85 6.08
C LEU A 73 0.11 4.83 3.41
C LEU A 73 2.18 4.76 3.75
C LEU A 73 6.04 9.23 7.94
N ARG A 74 4.72 3.68 6.21
N ARG A 74 0.88 3.76 3.59
N ARG A 74 2.18 4.79 5.07
N ARG A 74 7.20 9.31 7.32
CA ARG A 74 4.00 2.42 6.44
CA ARG A 74 0.37 2.53 4.24
CA ARG A 74 2.91 3.82 5.89
CA ARG A 74 8.30 8.35 7.55
C ARG A 74 4.68 1.67 7.57
C ARG A 74 -0.86 2.05 3.47
C ARG A 74 2.32 3.80 7.29
C ARG A 74 7.71 6.93 7.57
N GLY A 75 3.86 0.96 8.35
N GLY A 75 -0.64 1.05 2.63
N GLY A 75 2.59 2.71 8.00
N GLY A 75 7.72 6.36 8.76
CA GLY A 75 4.32 0.18 9.49
CA GLY A 75 -1.68 0.45 1.81
CA GLY A 75 2.12 2.48 9.35
CA GLY A 75 7.22 5.01 9.00
C GLY A 75 5.04 0.98 10.56
C GLY A 75 -1.41 -0.98 1.39
C GLY A 75 2.32 1.08 9.89
C GLY A 75 7.77 4.33 10.24
N GLY A 76 6.19 0.43 10.93
N GLY A 76 -2.51 -1.64 1.05
N GLY A 76 1.76 0.87 11.06
N GLY A 76 7.44 3.06 10.34
CA GLY A 76 7.10 1.01 11.94
CA GLY A 76 -2.53 -3.04 0.59
CA GLY A 76 1.81 -0.40 11.81
CA GLY A 76 7.85 2.16 11.43
C GLY A 76 7.87 -0.15 12.60
C GLY A 76 -3.61 -3.79 1.38
C GLY A 76 1.45 -1.54 10.82
C GLY A 76 6.69 1.20 11.73
N MET B 1 9.37 -9.78 6.43
N MET B 1 -8.91 -13.15 -1.23
N MET B 1 -1.64 -7.65 8.91
N MET B 1 -0.68 -0.24 19.05
CA MET B 1 9.40 -8.31 6.57
CA MET B 1 -8.97 -11.69 -1.02
CA MET B 1 -0.94 -6.56 8.19
CA MET B 1 0.36 0.51 18.33
C MET B 1 9.94 -7.75 5.23
C MET B 1 -10.46 -11.29 -1.14
C MET B 1 -1.84 -6.16 6.99
C MET B 1 0.48 1.90 19.02
N GLN B 2 9.48 -6.57 4.91
N GLN B 2 -10.80 -10.27 -0.42
N GLN B 2 -1.74 -4.91 6.66
N GLN B 2 1.67 2.42 18.96
CA GLN B 2 9.95 -5.91 3.66
CA GLN B 2 -12.21 -9.76 -0.50
CA GLN B 2 -2.54 -4.40 5.49
CA GLN B 2 1.90 3.77 19.56
C GLN B 2 11.18 -5.06 3.99
C GLN B 2 -12.30 -8.69 -1.58
C GLN B 2 -1.71 -4.56 4.22
C GLN B 2 1.66 4.83 18.48
N ILE B 3 12.16 -5.11 3.10
N ILE B 3 -13.37 -8.75 -2.34
N ILE B 3 -2.37 -5.00 3.16
N ILE B 3 1.00 5.90 18.89
CA ILE B 3 13.33 -4.24 3.22
CA ILE B 3 -13.66 -7.70 -3.34
CA ILE B 3 -1.73 -5.05 1.83
CA ILE B 3 0.83 7.07 18.00
C ILE B 3 13.53 -3.61 1.81
C ILE B 3 -15.15 -7.30 -3.12
C ILE B 3 -2.74 -4.38 0.86
C ILE B 3 1.22 8.31 18.85
N PHE B 4 14.30 -2.55 1.80
N PHE B 4 -15.46 -6.15 -3.65
N PHE B 4 -2.19 -4.02 -0.28
N PHE B 4 1.48 9.39 18.13
CA PHE B 4 14.56 -1.88 0.47
CA PHE B 4 -16.90 -5.68 -3.50
CA PHE B 4 -3.10 -3.37 -1.31
CA PHE B 4 1.86 10.64 18.88
C PHE B 4 16.03 -1.99 0.15
C PHE B 4 -17.54 -5.62 -4.86
C PHE B 4 -3.18 -4.26 -2.51
C PHE B 4 0.81 11.68 18.64
N VAL B 5 16.45 -2.24 -1.08
N VAL B 5 -18.80 -6.02 -5.03
N VAL B 5 -4.32 -4.43 -3.16
N VAL B 5 0.41 12.48 19.63
CA VAL B 5 17.84 -2.26 -1.43
CA VAL B 5 -19.47 -5.88 -6.31
CA VAL B 5 -4.41 -5.21 -4.38
CA VAL B 5 -0.54 13.55 19.42
C VAL B 5 18.03 -1.12 -2.47
C VAL B 5 -20.66 -4.93 -6.05
C VAL B 5 -4.90 -4.22 -5.47
C VAL B 5 0.22 14.86 19.76
N LYS B 6 18.75 -0.12 -2.14
N LYS B 6 -20.64 -3.78 -6.64
N LYS B 6 -4.08 -3.95 -6.43
N LYS B 6 0.44 15.68 18.80
CA LYS B 6 18.95 1.04 -3.08
CA LYS B 6 -21.75 -2.79 -6.40
CA LYS B 6 -4.45 -2.97 -7.51
CA LYS B 6 1.20 16.95 19.04
C LYS B 6 20.22 0.81 -3.84
C LYS B 6 -22.75 -2.94 -7.51
C LYS B 6 -5.01 -3.74 -8.67
C LYS B 6 0.21 18.05 19.30
N THR B 7 20.17 0.88 -5.19
N THR B 7 -24.04 -3.11 -7.15
N THR B 7 -6.21 -3.35 -9.14
N THR B 7 0.38 18.79 20.42
CA THR B 7 21.38 0.67 -6.00
CA THR B 7 -25.09 -3.27 -8.17
CA THR B 7 -6.82 -4.07 -10.28
CA THR B 7 -0.55 19.89 20.73
C THR B 7 21.94 2.03 -6.42
C THR B 7 -25.80 -1.93 -8.38
C THR B 7 -6.59 -3.27 -11.55
C THR B 7 0.07 21.21 20.32
N LEU B 8 23.13 2.05 -6.99
N LEU B 8 -26.64 -1.83 -9.39
N LEU B 8 -6.90 -3.83 -12.71
N LEU B 8 -0.68 22.30 20.36
CA LEU B 8 23.75 3.34 -7.38
CA LEU B 8 -27.33 -0.56 -9.67
CA LEU B 8 -6.65 -3.14 -13.99
CA LEU B 8 -0.16 23.61 19.93
C LEU B 8 23.11 3.95 -8.61
C LEU B 8 -28.44 -0.26 -8.68
C LEU B 8 -7.63 -2.00 -14.23
C LEU B 8 0.80 24.21 20.93
N THR B 9 22.17 3.22 -9.26
N THR B 9 -28.75 -1.21 -7.78
N THR B 9 -8.66 -1.86 -13.37
N THR B 9 0.95 23.58 22.11
CA THR B 9 21.57 3.87 -10.46
CA THR B 9 -29.84 -0.86 -6.81
CA THR B 9 -9.60 -0.72 -13.66
CA THR B 9 1.91 24.20 23.08
C THR B 9 20.21 4.43 -10.17
C THR B 9 -29.30 -0.46 -5.47
C THR B 9 -9.33 0.46 -12.78
C THR B 9 3.24 23.50 23.09
N GLY B 10 19.87 4.58 -8.93
N GLY B 10 -28.04 -0.17 -5.39
N GLY B 10 -8.20 0.50 -12.13
N GLY B 10 3.50 22.68 22.13
CA GLY B 10 18.59 5.12 -8.50
CA GLY B 10 -27.39 0.23 -4.16
CA GLY B 10 -7.82 1.58 -11.25
CA GLY B 10 4.73 21.93 22.00
C GLY B 10 17.42 4.19 -8.59
C GLY B 10 -27.07 -0.86 -3.18
C GLY B 10 -8.46 1.59 -9.90
C GLY B 10 4.86 20.74 22.90
N LYS B 11 17.69 2.91 -8.72
N LYS B 11 -27.10 -2.08 -3.65
N LYS B 11 -9.02 0.48 -9.52
N LYS B 11 3.76 20.28 23.42
CA LYS B 11 16.67 1.88 -8.71
CA LYS B 11 -26.72 -3.23 -2.86
CA LYS B 11 -9.60 0.29 -8.18
CA LYS B 11 3.71 19.06 24.22
C LYS B 11 16.62 1.35 -7.25
C LYS B 11 -25.24 -3.51 -3.22
C LYS B 11 -8.49 -0.40 -7.36
C LYS B 11 3.27 17.95 23.24
N THR B 12 15.42 1.14 -6.75
N THR B 12 -24.44 -3.82 -2.21
N THR B 12 -8.31 0.04 -6.12
N THR B 12 3.91 16.79 23.34
CA THR B 12 15.35 0.56 -5.40
CA THR B 12 -23.04 -4.16 -2.54
CA THR B 12 -7.32 -0.67 -5.28
CA THR B 12 3.45 15.68 22.48
C THR B 12 14.59 -0.77 -5.54
C THR B 12 -22.83 -5.59 -2.02
C THR B 12 -8.10 -1.20 -4.07
C THR B 12 3.02 14.56 23.42
N ILE B 13 15.15 -1.82 -4.96
N ILE B 13 -22.27 -6.45 -2.88
N ILE B 13 -7.89 -2.48 -3.76
N ILE B 13 1.83 14.01 23.16
CA ILE B 13 14.39 -3.10 -5.10
CA ILE B 13 -22.06 -7.83 -2.35
CA ILE B 13 -8.65 -2.97 -2.57
CA ILE B 13 1.43 12.91 24.10
C ILE B 13 13.79 -3.48 -3.78
C ILE B 13 -20.60 -8.07 -2.14
C ILE B 13 -7.70 -3.20 -1.44
C ILE B 13 1.48 11.61 23.37
N THR B 14 12.59 -4.01 -3.77
N THR B 14 -20.23 -8.76 -1.09
N THR B 14 -8.10 -2.89 -0.22
N THR B 14 1.92 10.55 24.02
CA THR B 14 12.04 -4.42 -2.45
CA THR B 14 -18.77 -9.01 -0.91
CA THR B 14 -7.14 -3.16 0.90
CA THR B 14 1.92 9.25 23.28
C THR B 14 12.19 -5.91 -2.31
C THR B 14 -18.49 -10.43 -1.36
C THR B 14 -7.58 -4.43 1.58
C THR B 14 0.72 8.45 23.73
N LEU B 15 12.55 -6.40 -1.14
N LEU B 15 -17.38 -10.66 -2.04
N LEU B 15 -6.66 -5.29 1.97
N LEU B 15 0.05 7.77 22.82
CA LEU B 15 12.74 -7.83 -0.92
CA LEU B 15 -17.03 -11.98 -2.52
CA LEU B 15 -6.98 -6.54 2.63
CA LEU B 15 -1.12 6.98 23.16
C LEU B 15 11.88 -8.25 0.28
C LEU B 15 -15.61 -12.32 -2.05
C LEU B 15 -6.20 -6.62 3.94
C LEU B 15 -0.92 5.55 22.64
N GLU B 16 11.51 -9.50 0.29
N GLU B 16 -15.36 -13.59 -1.92
N GLU B 16 -6.74 -7.37 4.88
N GLU B 16 -1.58 4.63 23.28
CA GLU B 16 10.80 -10.00 1.52
CA GLU B 16 -13.95 -13.98 -1.58
CA GLU B 16 -5.95 -7.58 6.13
CA GLU B 16 -1.52 3.24 22.73
C GLU B 16 11.79 -10.96 2.15
C GLU B 16 -13.45 -14.66 -2.84
C GLU B 16 -5.58 -9.05 6.07
C GLU B 16 -2.94 2.99 22.24
N VAL B 17 12.11 -10.62 3.38
N VAL B 17 -12.39 -14.07 -3.35
N VAL B 17 -4.28 -9.26 6.09
N VAL B 17 -2.99 2.70 20.95
CA VAL B 17 13.09 -11.38 4.16
CA VAL B 17 -11.78 -14.54 -4.60
CA VAL B 17 -3.70 -10.60 5.99
CA VAL B 17 -4.25 2.48 20.26
C VAL B 17 12.63 -11.53 5.63
C VAL B 17 -10.24 -14.51 -4.50
C VAL B 17 -2.52 -10.77 6.94
C VAL B 17 -4.14 1.31 19.26
N GLU B 18 13.39 -12.36 6.29
N GLU B 18 -9.67 -15.11 -5.53
N GLU B 18 -2.11 -12.01 7.02
N GLU B 18 -5.30 0.96 18.77
CA GLU B 18 13.26 -12.61 7.73
CA GLU B 18 -8.23 -15.12 -5.76
CA GLU B 18 -0.93 -12.44 7.77
CA GLU B 18 -5.47 -0.05 17.72
C GLU B 18 14.59 -12.23 8.36
C GLU B 18 -7.99 -14.45 -7.09
C GLU B 18 0.01 -13.09 6.76
C GLU B 18 -6.15 0.66 16.56
N PRO B 19 14.55 -11.67 9.55
N PRO B 19 -6.90 -13.72 -7.21
N PRO B 19 1.30 -12.90 6.95
N PRO B 19 -5.79 0.28 15.35
CA PRO B 19 15.76 -11.30 10.29
CA PRO B 19 -6.53 -13.06 -8.47
CA PRO B 19 2.32 -13.51 6.08
CA PRO B 19 -6.39 0.84 14.13
C PRO B 19 16.71 -12.48 10.45
C PRO B 19 -6.45 -14.04 -9.62
C PRO B 19 2.15 -15.00 5.99
C PRO B 19 -7.90 0.71 14.14
N SER B 20 16.17 -13.69 10.39
N SER B 20 -6.23 -15.31 -9.32
N SER B 20 1.54 -15.61 7.00
N SER B 20 -8.41 -0.26 14.88
CA SER B 20 17.01 -14.88 10.59
CA SER B 20 -6.09 -16.31 -10.39
CA SER B 20 1.40 -17.08 7.01
CA SER B 20 -9.87 -0.50 14.91
C SER B 20 17.77 -15.22 9.33
C SER B 20 -7.44 -16.74 -10.90
C SER B 20 0.24 -17.51 6.14
C SER B 20 -10.56 0.49 15.82
N ASP B 21 17.45 -14.53 8.23
N ASP B 21 -8.51 -16.30 -10.24
N ASP B 21 -0.54 -16.55 5.64
N ASP B 21 -9.77 1.27 16.57
CA ASP B 21 18.17 -14.87 6.98
CA ASP B 21 -9.84 -16.74 -10.72
CA ASP B 21 -1.67 -16.96 4.80
CA ASP B 21 -10.44 2.22 17.49
C ASP B 21 19.60 -14.41 7.06
C ASP B 21 -10.16 -16.06 -12.02
C ASP B 21 -1.18 -17.49 3.48
C ASP B 21 -11.08 3.34 16.70
N THR B 22 20.49 -15.14 6.41
N THR B 22 -10.90 -16.74 -12.86
N THR B 22 -1.90 -18.43 2.92
N THR B 22 -12.18 3.85 17.22
CA THR B 22 21.88 -14.76 6.33
CA THR B 22 -11.37 -16.19 -14.13
CA THR B 22 -1.61 -18.97 1.61
CA THR B 22 -12.87 4.98 16.63
C THR B 22 22.05 -13.76 5.16
C THR B 22 -12.65 -15.37 -13.84
C THR B 22 -2.24 -18.03 0.55
C THR B 22 -12.16 6.27 17.12
N ILE B 23 23.17 -13.04 5.25
N ILE B 23 -12.94 -14.50 -14.80
N ILE B 23 -1.70 -18.17 -0.66
N ILE B 23 -12.42 7.33 16.35
CA ILE B 23 23.54 -12.10 4.20
CA ILE B 23 -14.17 -13.70 -14.76
CA ILE B 23 -2.22 -17.44 -1.81
CA ILE B 23 -11.93 8.66 16.72
C ILE B 23 23.73 -12.83 2.86
C ILE B 23 -15.39 -14.62 -14.79
C ILE B 23 -3.68 -17.81 -2.06
C ILE B 23 -12.51 9.10 18.05
N GLU B 24 24.28 -14.03 2.93
N GLU B 24 -15.31 -15.68 -15.55
N GLU B 24 -4.00 -19.08 -1.87
N GLU B 24 -13.76 8.76 18.28
CA GLU B 24 24.45 -14.86 1.70
CA GLU B 24 -16.43 -16.68 -15.60
CA GLU B 24 -5.41 -19.54 -2.03
CA GLU B 24 -14.40 9.08 19.60
C GLU B 24 23.11 -15.09 1.02
C GLU B 24 -16.72 -17.21 -14.22
C GLU B 24 -6.33 -18.77 -1.11
C GLU B 24 -13.62 8.48 20.74
N ASN B 25 22.08 -15.33 1.82
N ASN B 25 -15.69 -17.47 -13.44
N ASN B 25 -5.88 -18.52 0.11
N ASN B 25 -13.14 7.26 20.56
CA ASN B 25 20.72 -15.60 1.35
CA ASN B 25 -15.77 -18.00 -12.08
CA ASN B 25 -6.63 -17.80 1.14
CA ASN B 25 -12.37 6.51 21.56
C ASN B 25 20.11 -14.36 0.67
C ASN B 25 -16.44 -17.00 -11.13
C ASN B 25 -6.87 -16.34 0.74
C ASN B 25 -11.02 7.19 21.83
N VAL B 26 20.32 -13.23 1.33
N VAL B 26 -16.01 -15.75 -11.27
N VAL B 26 -5.80 -15.74 0.24
N VAL B 26 -10.37 7.58 20.74
CA VAL B 26 19.84 -11.97 0.79
CA VAL B 26 -16.57 -14.68 -10.45
CA VAL B 26 -5.87 -14.36 -0.22
CA VAL B 26 -9.10 8.26 20.84
C VAL B 26 20.44 -11.74 -0.59
C VAL B 26 -18.06 -14.60 -10.69
C VAL B 26 -6.93 -14.24 -1.30
C VAL B 26 -9.26 9.52 21.68
N LYS B 27 21.75 -11.96 -0.70
N LYS B 27 -18.45 -14.65 -11.97
N LYS B 27 -6.89 -15.16 -2.25
N LYS B 27 -10.31 10.28 21.38
CA LYS B 27 22.44 -11.77 -1.97
CA LYS B 27 -19.88 -14.57 -12.32
CA LYS B 27 -7.87 -15.16 -3.35
CA LYS B 27 -10.56 11.53 22.12
C LYS B 27 21.88 -12.70 -3.04
C LYS B 27 -20.65 -15.74 -11.72
C LYS B 27 -9.28 -15.29 -2.82
C LYS B 27 -10.79 11.25 23.60
N ALA B 28 21.53 -13.91 -2.68
N ALA B 28 -20.05 -16.92 -11.69
N ALA B 28 -9.49 -16.10 -1.80
N ALA B 28 -11.46 10.16 23.92
CA ALA B 28 20.91 -14.86 -3.61
CA ALA B 28 -20.68 -18.08 -11.06
CA ALA B 28 -10.80 -16.25 -1.18
CA ALA B 28 -11.67 9.75 25.32
C ALA B 28 19.53 -14.39 -4.04
C ALA B 28 -20.82 -17.90 -9.56
C ALA B 28 -11.24 -14.96 -0.50
C ALA B 28 -10.36 9.38 25.99
N LYS B 29 18.75 -13.79 -3.15
N LYS B 29 -19.86 -17.29 -8.89
N LYS B 29 -10.34 -14.24 0.14
N LYS B 29 -9.44 8.73 25.29
CA LYS B 29 17.43 -13.23 -3.53
CA LYS B 29 -19.98 -17.00 -7.45
CA LYS B 29 -10.68 -12.93 0.75
CA LYS B 29 -8.11 8.41 25.85
C LYS B 29 17.60 -12.07 -4.52
C LYS B 29 -21.13 -16.01 -7.18
C LYS B 29 -11.10 -11.92 -0.33
C LYS B 29 -7.33 9.70 26.15
N ILE B 30 18.65 -11.28 -4.31
N ILE B 30 -21.28 -15.04 -8.09
N ILE B 30 -10.42 -11.99 -1.48
N ILE B 30 -7.47 10.68 25.26
CA ILE B 30 18.89 -10.13 -5.22
CA ILE B 30 -22.35 -14.04 -7.93
CA ILE B 30 -10.75 -11.06 -2.57
CA ILE B 30 -6.77 11.95 25.44
C ILE B 30 19.33 -10.73 -6.57
C ILE B 30 -23.68 -14.77 -8.16
C ILE B 30 -12.13 -11.47 -3.10
C ILE B 30 -7.40 12.65 26.66
N GLN B 31 20.13 -11.77 -6.57
N GLN B 31 -23.74 -15.67 -9.11
N GLN B 31 -12.40 -12.74 -3.20
N GLN B 31 -8.70 12.58 26.79
CA GLN B 31 20.54 -12.34 -7.89
CA GLN B 31 -25.03 -16.39 -9.33
CA GLN B 31 -13.76 -13.15 -3.72
CA GLN B 31 -9.33 13.25 27.99
C GLN B 31 19.29 -12.84 -8.62
C GLN B 31 -25.38 -17.20 -8.06
C GLN B 31 -14.83 -12.61 -2.75
C GLN B 31 -8.80 12.58 29.27
N ASP B 32 18.51 -13.60 -7.89
N ASP B 32 -24.39 -17.92 -7.61
N ASP B 32 -14.58 -12.89 -1.48
N ASP B 32 -8.85 11.28 29.25
CA ASP B 32 17.25 -14.15 -8.44
CA ASP B 32 -24.54 -18.74 -6.39
CA ASP B 32 -15.51 -12.44 -0.42
CA ASP B 32 -8.36 10.48 30.40
C ASP B 32 16.38 -13.07 -9.05
C ASP B 32 -25.05 -17.91 -5.22
C ASP B 32 -15.77 -10.96 -0.50
C ASP B 32 -6.94 10.85 30.77
N LYS B 33 16.28 -11.91 -8.36
N LYS B 33 -24.52 -16.69 -5.06
N LYS B 33 -14.73 -10.15 -0.76
N LYS B 33 -6.07 11.05 29.77
CA LYS B 33 15.34 -10.90 -8.92
CA LYS B 33 -24.96 -15.93 -3.85
CA LYS B 33 -14.99 -8.68 -0.74
CA LYS B 33 -4.66 11.32 30.15
C LYS B 33 15.90 -9.88 -9.84
C LYS B 33 -26.11 -15.00 -4.02
C LYS B 33 -15.33 -8.04 -2.04
C LYS B 33 -4.25 12.74 30.29
N GLU B 34 17.16 -9.53 -9.82
N GLU B 34 -26.45 -14.47 -5.16
N GLU B 34 -14.96 -8.53 -3.19
N GLU B 34 -4.86 13.71 29.67
CA GLU B 34 17.77 -8.55 -10.69
CA GLU B 34 -27.55 -13.57 -5.38
CA GLU B 34 -15.27 -7.95 -4.48
CA GLU B 34 -4.51 15.12 29.77
C GLU B 34 18.94 -9.06 -11.48
C GLU B 34 -28.52 -14.03 -6.43
C GLU B 34 -16.00 -8.87 -5.42
C GLU B 34 -5.63 16.00 30.22
N GLY B 35 19.36 -10.29 -11.22
N GLY B 35 -28.22 -15.12 -7.11
N GLY B 35 -16.17 -10.12 -5.03
N GLY B 35 -6.83 15.45 30.35
CA GLY B 35 20.43 -10.93 -11.96
CA GLY B 35 -29.10 -15.71 -8.09
CA GLY B 35 -16.91 -11.09 -5.80
CA GLY B 35 -7.98 16.18 30.84
C GLY B 35 21.83 -10.60 -11.61
C GLY B 35 -29.15 -15.14 -9.45
C GLY B 35 -16.24 -11.76 -6.95
C GLY B 35 -8.72 17.05 29.91
N ILE B 36 22.04 -9.81 -10.55
N ILE B 36 -28.28 -14.16 -9.74
N ILE B 36 -14.93 -11.52 -7.13
N ILE B 36 -8.36 17.05 28.62
CA ILE B 36 23.43 -9.49 -10.19
CA ILE B 36 -28.31 -13.56 -11.09
CA ILE B 36 -14.24 -12.17 -8.26
CA ILE B 36 -9.09 17.90 27.67
C ILE B 36 24.08 -10.62 -9.42
C ILE B 36 -27.58 -14.46 -12.09
C ILE B 36 -13.89 -13.61 -7.90
C ILE B 36 -10.41 17.27 27.26
N PRO B 37 25.23 -11.11 -9.90
N PRO B 37 -28.25 -14.84 -13.17
N PRO B 37 -14.33 -14.56 -8.73
N PRO B 37 -11.51 17.98 27.46
CA PRO B 37 25.98 -12.19 -9.25
CA PRO B 37 -27.67 -15.67 -14.23
CA PRO B 37 -14.02 -15.99 -8.54
CA PRO B 37 -12.85 17.52 27.08
C PRO B 37 26.34 -11.81 -7.82
C PRO B 37 -26.43 -15.01 -14.81
C PRO B 37 -12.53 -16.23 -8.50
C PRO B 37 -12.91 17.17 25.60
N PRO B 38 26.21 -12.70 -6.88
N PRO B 38 -25.38 -15.75 -15.06
N PRO B 38 -12.05 -17.05 -7.60
N PRO B 38 -13.54 16.07 25.23
CA PRO B 38 26.53 -12.38 -5.48
CA PRO B 38 -24.15 -15.15 -15.60
CA PRO B 38 -10.60 -17.30 -7.51
CA PRO B 38 -13.59 15.69 23.81
C PRO B 38 27.93 -11.89 -5.28
C PRO B 38 -24.37 -14.44 -16.91
C PRO B 38 -10.01 -17.81 -8.79
C PRO B 38 -14.21 16.74 22.93
N ASP B 39 28.87 -12.37 -6.08
N ASP B 39 -25.29 -14.89 -17.71
N ASP B 39 -10.74 -18.57 -9.56
N ASP B 39 -15.16 17.50 23.44
CA ASP B 39 30.29 -11.98 -5.91
CA ASP B 39 -25.52 -14.27 -19.05
CA ASP B 39 -10.20 -19.16 -10.82
CA ASP B 39 -15.85 18.53 22.62
C ASP B 39 30.53 -10.51 -6.26
C ASP B 39 -26.11 -12.87 -18.94
C ASP B 39 -9.92 -18.09 -11.87
C ASP B 39 -14.94 19.68 22.23
N GLN B 40 29.58 -9.90 -6.95
N GLN B 40 -26.62 -12.54 -17.77
N GLN B 40 -10.46 -16.91 -11.69
N GLN B 40 -13.80 19.78 22.90
CA GLN B 40 29.73 -8.48 -7.31
CA GLN B 40 -27.19 -11.18 -17.57
CA GLN B 40 -10.20 -15.82 -12.66
CA GLN B 40 -12.84 20.86 22.56
C GLN B 40 29.03 -7.55 -6.30
C GLN B 40 -26.16 -10.21 -16.94
C GLN B 40 -9.04 -14.91 -12.21
C GLN B 40 -11.75 20.37 21.59
N GLN B 41 28.23 -8.09 -5.41
N GLN B 41 -25.05 -10.71 -16.48
N GLN B 41 -8.58 -15.05 -10.99
N GLN B 41 -11.66 19.08 21.36
CA GLN B 41 27.47 -7.35 -4.44
CA GLN B 41 -24.03 -9.93 -15.81
CA GLN B 41 -7.54 -14.23 -10.42
CA GLN B 41 -10.65 18.49 20.52
C GLN B 41 28.22 -6.98 -3.17
C GLN B 41 -23.02 -9.26 -16.73
C GLN B 41 -6.12 -14.67 -10.72
C GLN B 41 -10.96 18.46 19.04
N ARG B 42 28.13 -5.69 -2.84
N ARG B 42 -22.85 -7.95 -16.50
N ARG B 42 -5.33 -13.71 -11.20
N ARG B 42 -10.00 18.93 18.25
CA ARG B 42 28.67 -5.20 -1.52
CA ARG B 42 -21.78 -7.18 -17.19
CA ARG B 42 -3.86 -13.93 -11.38
CA ARG B 42 -10.07 18.81 16.76
C ARG B 42 27.47 -4.56 -0.85
C ARG B 42 -20.92 -6.62 -16.08
C ARG B 42 -3.19 -12.88 -10.52
C ARG B 42 -8.84 18.04 16.37
N LEU B 43 27.00 -5.09 0.29
N LEU B 43 -19.65 -7.01 -15.97
N LEU B 43 -2.45 -13.26 -9.49
N LEU B 43 -8.97 16.84 15.81
CA LEU B 43 25.80 -4.53 0.96
CA LEU B 43 -18.79 -6.53 -14.87
CA LEU B 43 -1.82 -12.25 -8.59
CA LEU B 43 -7.78 16.01 15.46
C LEU B 43 26.22 -3.70 2.16
C LEU B 43 -17.84 -5.46 -15.37
C LEU B 43 -0.34 -12.13 -8.90
C LEU B 43 -7.53 16.07 13.96
N ILE B 44 25.68 -2.48 2.24
N ILE B 44 -17.79 -4.34 -14.66
N ILE B 44 0.11 -10.90 -9.07
N ILE B 44 -6.29 16.36 13.59
CA ILE B 44 26.02 -1.53 3.30
CA ILE B 44 -16.97 -3.19 -15.03
CA ILE B 44 1.50 -10.60 -9.42
CA ILE B 44 -5.88 16.51 12.19
C ILE B 44 24.77 -1.10 4.07
C ILE B 44 -15.98 -2.82 -13.93
C ILE B 44 2.17 -9.70 -8.39
C ILE B 44 -4.77 15.55 11.82
N PHE B 45 24.91 -1.16 5.43
N PHE B 45 -14.70 -2.63 -14.35
N PHE B 45 3.39 -10.12 -7.98
N PHE B 45 -4.98 14.86 10.66
CA PHE B 45 23.83 -0.72 6.33
CA PHE B 45 -13.64 -2.20 -13.43
CA PHE B 45 4.20 -9.33 -7.03
CA PHE B 45 -3.98 13.93 10.13
C PHE B 45 24.54 -0.07 7.53
C PHE B 45 -12.73 -1.27 -14.25
C PHE B 45 5.66 -9.53 -7.48
C PHE B 45 -4.07 14.06 8.60
N ALA B 46 24.05 1.12 7.81
N ALA B 46 -12.49 -0.15 -13.63
N ALA B 46 6.29 -8.39 -7.60
N ALA B 46 -2.89 14.25 8.05
CA ALA B 46 24.52 1.93 8.96
CA ALA B 46 -11.61 0.91 -14.18
CA ALA B 46 7.73 -8.29 -7.96
CA ALA B 46 -2.69 14.37 6.60
C ALA B 46 26.04 1.98 9.00
C ALA B 46 -11.95 1.20 -15.64
C ALA B 46 8.04 -9.18 -9.16
C ALA B 46 -3.68 15.34 5.98
N GLY B 47 26.60 2.23 7.85
N GLY B 47 -13.21 1.32 -15.88
N GLY B 47 7.18 -9.06 -10.14
N GLY B 47 -3.82 16.45 6.64
CA GLY B 47 27.99 2.34 7.55
CA GLY B 47 -13.86 1.58 -17.13
CA GLY B 47 7.18 -9.75 -11.40
CA GLY B 47 -4.68 17.57 6.34
C GLY B 47 28.84 1.13 7.77
C GLY B 47 -13.69 0.56 -18.23
C GLY B 47 7.05 -11.25 -11.37
C GLY B 47 -6.17 17.31 6.33
N LYS B 48 28.27 -0.04 7.82
N LYS B 48 -13.36 -0.65 -17.89
N LYS B 48 6.54 -11.80 -10.31
N LYS B 48 -6.62 16.28 6.99
CA LYS B 48 29.01 -1.30 7.98
CA LYS B 48 -13.22 -1.73 -18.87
CA LYS B 48 6.33 -13.25 -10.20
CA LYS B 48 -8.04 15.97 7.09
C LYS B 48 28.84 -2.11 6.69
C LYS B 48 -14.31 -2.77 -18.57
C LYS B 48 4.81 -13.49 -10.11
C LYS B 48 -8.44 16.12 8.57
N GLN B 49 29.86 -2.80 6.25
N GLN B 49 -14.89 -3.36 -19.58
N GLN B 49 4.32 -14.54 -10.71
N GLN B 49 -9.61 16.63 8.85
CA GLN B 49 29.70 -3.70 5.08
CA GLN B 49 -15.87 -4.47 -19.35
CA GLN B 49 2.88 -14.88 -10.57
CA GLN B 49 -10.09 16.67 10.25
C GLN B 49 29.19 -5.00 5.69
C GLN B 49 -14.99 -5.72 -19.22
C GLN B 49 2.83 -15.71 -9.29
C GLN B 49 -10.73 15.31 10.48
N LEU B 50 28.14 -5.57 5.14
N LEU B 50 -15.19 -6.50 -18.20
N LEU B 50 1.95 -15.39 -8.38
N LEU B 50 -10.39 14.64 11.55
CA LEU B 50 27.52 -6.78 5.70
CA LEU B 50 -14.35 -7.68 -17.94
CA LEU B 50 1.87 -16.06 -7.07
CA LEU B 50 -10.87 13.27 11.80
C LEU B 50 28.31 -8.01 5.29
C LEU B 50 -14.78 -8.84 -18.83
C LEU B 50 1.15 -17.39 -7.22
C LEU B 50 -12.28 13.31 12.37
N GLU B 51 28.50 -8.94 6.22
N GLU B 51 -13.81 -9.57 -19.39
N GLU B 51 1.66 -18.44 -6.55
N GLU B 51 -13.15 12.41 11.91
CA GLU B 51 29.30 -10.16 5.90
CA GLU B 51 -14.14 -10.68 -20.31
CA GLU B 51 1.04 -19.78 -6.69
CA GLU B 51 -14.55 12.42 12.37
C GLU B 51 28.39 -11.32 5.65
C GLU B 51 -14.02 -11.99 -19.59
C GLU B 51 0.20 -20.07 -5.47
C GLU B 51 -14.77 11.35 13.40
N ASP B 52 28.68 -12.17 4.68
N ASP B 52 -14.91 -12.93 -19.81
N ASP B 52 -0.95 -20.68 -5.62
N ASP B 52 -15.52 11.60 14.45
CA ASP B 52 27.85 -13.29 4.26
CA ASP B 52 -14.98 -14.22 -19.13
CA ASP B 52 -1.92 -20.96 -4.56
CA ASP B 52 -15.75 10.69 15.57
C ASP B 52 27.28 -14.26 5.27
C ASP B 52 -13.75 -15.09 -18.98
C ASP B 52 -1.47 -21.58 -3.25
C ASP B 52 -16.13 9.24 15.34
N GLY B 53 28.05 -14.66 6.25
N GLY B 53 -12.93 -15.19 -20.01
N GLY B 53 -0.60 -22.57 -3.30
N GLY B 53 -17.00 8.98 14.40
CA GLY B 53 27.66 -15.64 7.28
CA GLY B 53 -11.72 -16.03 -20.04
CA GLY B 53 -0.13 -23.31 -2.13
CA GLY B 53 -17.51 7.63 14.08
C GLY B 53 26.88 -15.11 8.43
C GLY B 53 -10.50 -15.44 -19.42
C GLY B 53 0.99 -22.69 -1.37
C GLY B 53 -16.65 6.80 13.19
N ARG B 54 26.72 -13.80 8.56
N ARG B 54 -10.51 -14.16 -19.06
N ARG B 54 1.60 -21.61 -1.87
N ARG B 54 -15.60 7.35 12.60
CA ARG B 54 25.89 -13.20 9.62
CA ARG B 54 -9.36 -13.53 -18.39
CA ARG B 54 2.65 -20.89 -1.13
CA ARG B 54 -14.66 6.56 11.77
C ARG B 54 24.45 -13.17 9.13
C ARG B 54 -9.49 -13.78 -16.89
C ARG B 54 1.98 -19.89 -0.20
C ARG B 54 -13.63 5.94 12.69
N THR B 55 23.52 -12.94 10.04
N THR B 55 -8.42 -13.56 -16.16
N THR B 55 2.73 -19.37 0.74
N THR B 55 -12.89 4.99 12.19
CA THR B 55 22.08 -12.81 9.73
CA THR B 55 -8.39 -13.69 -14.70
CA THR B 55 2.27 -18.34 1.69
CA THR B 55 -11.78 4.32 12.91
C THR B 55 21.74 -11.30 9.82
C THR B 55 -8.40 -12.26 -14.11
C THR B 55 2.89 -17.00 1.23
C THR B 55 -10.46 4.88 12.33
N LEU B 56 20.60 -10.95 9.29
N LEU B 56 -8.70 -12.17 -12.83
N LEU B 56 2.35 -15.92 1.75
N LEU B 56 -9.38 4.64 13.06
CA LEU B 56 20.09 -9.56 9.35
CA LEU B 56 -8.70 -10.88 -12.10
CA LEU B 56 2.86 -14.56 1.47
CA LEU B 56 -8.04 5.05 12.63
C LEU B 56 19.91 -9.19 10.81
C LEU B 56 -7.30 -10.30 -12.18
C LEU B 56 4.31 -14.48 1.95
C LEU B 56 -7.72 4.34 11.31
N SER B 57 19.47 -10.15 11.65
N SER B 57 -6.26 -11.16 -12.11
N SER B 57 4.61 -15.15 3.08
N SER B 57 -8.18 3.08 11.17
CA SER B 57 19.28 -9.79 13.08
CA SER B 57 -4.89 -10.59 -12.17
CA SER B 57 6.02 -15.06 3.56
CA SER B 57 -7.86 2.37 9.90
C SER B 57 20.58 -9.38 13.74
C SER B 57 -4.62 -9.90 -13.48
C SER B 57 6.99 -15.69 2.58
C SER B 57 -8.50 3.05 8.70
N ASP B 58 21.69 -9.95 13.29
N ASP B 58 -5.24 -10.36 -14.55
N ASP B 58 6.55 -16.68 1.84
N ASP B 58 -9.64 3.69 8.91
CA ASP B 58 23.01 -9.63 13.87
CA ASP B 58 -5.04 -9.75 -15.89
CA ASP B 58 7.42 -17.36 0.84
CA ASP B 58 -10.35 4.39 7.81
C ASP B 58 23.27 -8.11 13.83
C ASP B 58 -5.35 -8.25 -15.86
C ASP B 58 8.01 -16.34 -0.14
C ASP B 58 -9.43 5.41 7.13
N TYR B 59 22.86 -7.51 12.74
N TYR B 59 -6.37 -7.91 -15.12
N TYR B 59 7.19 -15.39 -0.51
N TYR B 59 -8.64 6.07 7.94
CA TYR B 59 22.99 -6.08 12.49
CA TYR B 59 -6.82 -6.54 -14.93
CA TYR B 59 7.55 -14.32 -1.43
CA TYR B 59 -7.68 7.08 7.51
C TYR B 59 21.79 -5.29 12.96
C TYR B 59 -6.19 -5.86 -13.74
C TYR B 59 8.08 -13.10 -0.73
C TYR B 59 -6.30 6.50 7.22
N ASN B 60 20.80 -5.86 13.60
N ASN B 60 -5.25 -6.45 -13.03
N ASN B 60 8.28 -13.08 0.58
N ASN B 60 -6.08 5.21 7.28
CA ASN B 60 19.65 -5.05 14.04
CA ASN B 60 -4.65 -5.76 -11.87
CA ASN B 60 8.80 -11.86 1.22
CA ASN B 60 -4.72 4.68 7.01
C ASN B 60 18.98 -4.34 12.85
C ASN B 60 -5.72 -5.37 -10.85
C ASN B 60 7.90 -10.67 0.96
C ASN B 60 -3.69 5.29 7.94
N ILE B 61 18.77 -5.07 11.78
N ILE B 61 -6.62 -6.29 -10.55
N ILE B 61 6.59 -10.85 1.11
N ILE B 61 -4.02 5.36 9.22
CA ILE B 61 18.05 -4.51 10.60
CA ILE B 61 -7.66 -6.05 -9.50
CA ILE B 61 5.63 -9.73 0.97
CA ILE B 61 -3.04 5.85 10.24
C ILE B 61 16.57 -4.79 10.84
C ILE B 61 -7.03 -6.50 -8.18
C ILE B 61 5.49 -9.10 2.34
C ILE B 61 -2.24 4.63 10.69
N GLN B 62 15.75 -3.78 10.97
N GLN B 62 -6.83 -5.60 -7.25
N GLN B 62 5.88 -7.88 2.52
N GLN B 62 -0.95 4.60 10.45
CA GLN B 62 14.30 -3.92 11.28
CA GLN B 62 -6.17 -5.90 -5.95
CA GLN B 62 5.87 -7.18 3.84
CA GLN B 62 -0.09 3.43 10.78
C GLN B 62 13.48 -3.68 10.02
C GLN B 62 -7.22 -6.00 -4.84
C GLN B 62 4.67 -6.21 3.90
C GLN B 62 0.73 3.75 12.04
N LYS B 63 12.19 -3.97 10.06
N LYS B 63 -6.84 -6.47 -3.65
N LYS B 63 4.37 -5.67 5.07
N LYS B 63 1.40 2.75 12.61
CA LYS B 63 11.33 -3.85 8.90
CA LYS B 63 -7.76 -6.66 -2.57
CA LYS B 63 3.23 -4.80 5.27
CA LYS B 63 2.14 2.90 13.84
C LYS B 63 11.43 -2.42 8.34
C LYS B 63 -8.50 -5.36 -2.28
C LYS B 63 3.29 -3.65 4.27
C LYS B 63 3.14 4.05 13.68
N GLU B 64 11.38 -2.39 7.00
N GLU B 64 -9.79 -5.56 -1.94
N GLU B 64 2.09 -3.30 3.80
N GLU B 64 3.28 4.77 14.81
CA GLU B 64 11.44 -1.21 6.20
CA GLU B 64 -10.73 -4.52 -1.61
CA GLU B 64 1.83 -2.24 2.86
CA GLU B 64 4.15 5.91 14.96
C GLU B 64 12.73 -0.43 6.18
C GLU B 64 -11.15 -3.58 -2.70
C GLU B 64 2.34 -2.42 1.46
C GLU B 64 3.83 7.15 14.18
N SER B 65 13.79 -1.11 6.59
N SER B 65 -10.92 -4.03 -3.93
N SER B 65 2.61 -3.67 1.12
N SER B 65 2.58 7.23 13.73
CA SER B 65 15.16 -0.58 6.55
CA SER B 65 -11.36 -3.32 -5.14
CA SER B 65 3.01 -4.08 -0.24
CA SER B 65 2.04 8.40 13.05
C SER B 65 15.58 -0.52 5.06
C SER B 65 -12.90 -3.43 -5.21
C SER B 65 1.77 -3.96 -1.14
C SER B 65 1.88 9.52 14.11
N THR B 66 16.57 0.29 4.77
N THR B 66 -13.53 -2.56 -5.96
N THR B 66 1.97 -3.86 -2.43
N THR B 66 1.80 10.75 13.66
CA THR B 66 17.13 0.38 3.41
CA THR B 66 -14.97 -2.61 -6.18
CA THR B 66 0.88 -3.83 -3.41
CA THR B 66 1.57 11.89 14.55
C THR B 66 18.61 -0.02 3.47
C THR B 66 -15.22 -2.77 -7.69
C THR B 66 1.02 -5.03 -4.34
C THR B 66 0.27 12.58 14.13
N LEU B 67 19.03 -0.97 2.64
N LEU B 67 -16.01 -3.78 -8.08
N LEU B 67 -0.04 -5.83 -4.48
N LEU B 67 -0.66 12.78 15.06
CA LEU B 67 20.45 -1.32 2.57
CA LEU B 67 -16.37 -3.92 -9.50
CA LEU B 67 0.00 -6.94 -5.45
CA LEU B 67 -1.89 13.53 14.75
C LEU B 67 20.99 -0.67 1.27
C LEU B 67 -17.83 -3.42 -9.61
C LEU B 67 -0.83 -6.46 -6.66
C LEU B 67 -1.69 14.92 15.36
N HIS B 68 22.24 -0.38 1.21
N HIS B 68 -18.22 -2.97 -10.75
N HIS B 68 -0.57 -6.99 -7.81
N HIS B 68 -2.34 15.90 14.85
CA HIS B 68 22.79 0.21 -0.03
CA HIS B 68 -19.62 -2.52 -10.90
CA HIS B 68 -1.38 -6.59 -8.99
CA HIS B 68 -2.21 17.25 15.44
C HIS B 68 23.57 -0.91 -0.72
C HIS B 68 -20.33 -3.62 -11.71
C HIS B 68 -2.30 -7.77 -9.28
C HIS B 68 -3.52 17.50 16.18
N LEU B 69 23.39 -1.05 -2.02
N LEU B 69 -21.52 -3.98 -11.29
N LEU B 69 -3.56 -7.48 -9.55
N LEU B 69 -3.42 18.04 17.39
CA LEU B 69 24.13 -2.03 -2.80
CA LEU B 69 -22.33 -4.96 -12.01
CA LEU B 69 -4.53 -8.51 -9.91
CA LEU B 69 -4.60 18.40 18.18
C LEU B 69 25.18 -1.38 -3.65
C LEU B 69 -23.48 -4.32 -12.71
C LEU B 69 -4.87 -8.44 -11.37
C LEU B 69 -4.79 19.88 18.24
N VAL B 70 26.44 -1.63 -3.44
N VAL B 70 -23.54 -4.34 -14.00
N VAL B 70 -4.57 -9.43 -12.14
N VAL B 70 -5.84 20.42 17.70
CA VAL B 70 27.50 -1.08 -4.33
CA VAL B 70 -24.73 -3.81 -14.74
CA VAL B 70 -4.98 -9.46 -13.57
CA VAL B 70 -6.13 21.87 17.83
C VAL B 70 28.00 -2.32 -5.10
C VAL B 70 -25.42 -5.07 -15.26
C VAL B 70 -6.08 -10.54 -13.61
C VAL B 70 -7.31 21.92 18.80
N LEU B 71 28.26 -2.18 -6.37
N LEU B 71 -26.73 -5.09 -15.22
N LEU B 71 -7.14 -10.30 -14.36
N LEU B 71 -7.31 22.88 19.71
CA LEU B 71 28.77 -3.30 -7.18
CA LEU B 71 -27.49 -6.25 -15.74
CA LEU B 71 -8.22 -11.29 -14.47
CA LEU B 71 -8.43 23.02 20.67
C LEU B 71 30.28 -3.24 -7.26
C LEU B 71 -27.94 -5.99 -17.15
C LEU B 71 -8.02 -12.13 -15.71
C LEU B 71 -9.41 24.05 20.16
N MET A 1 6.38 18.40 -20.67
CA MET A 1 5.74 19.56 -20.05
C MET A 1 6.28 19.67 -18.60
N GLN A 2 6.34 20.88 -18.14
CA GLN A 2 6.81 21.11 -16.74
C GLN A 2 5.61 21.10 -15.81
N ILE A 3 5.80 20.45 -14.66
CA ILE A 3 4.77 20.47 -13.61
C ILE A 3 5.53 20.83 -12.30
N PHE A 4 4.75 21.23 -11.33
CA PHE A 4 5.40 21.59 -10.01
C PHE A 4 4.91 20.64 -8.96
N VAL A 5 5.74 20.16 -8.03
CA VAL A 5 5.27 19.32 -6.95
C VAL A 5 5.58 20.10 -5.65
N LYS A 6 4.57 20.50 -4.95
CA LYS A 6 4.78 21.30 -3.70
C LYS A 6 4.77 20.35 -2.53
N THR A 7 5.82 20.41 -1.68
CA THR A 7 5.88 19.52 -0.51
C THR A 7 5.42 20.27 0.74
N LEU A 8 5.24 19.58 1.84
CA LEU A 8 4.74 20.24 3.07
C LEU A 8 5.81 21.08 3.74
N THR A 9 7.06 21.03 3.24
CA THR A 9 8.08 21.90 3.94
C THR A 9 8.35 23.16 3.18
N GLY A 10 7.52 23.50 2.24
CA GLY A 10 7.67 24.69 1.43
C GLY A 10 8.68 24.63 0.33
N LYS A 11 9.10 23.43 0.00
CA LYS A 11 10.01 23.21 -1.12
C LYS A 11 9.11 22.84 -2.31
N THR A 12 9.42 23.38 -3.48
CA THR A 12 8.62 22.98 -4.66
C THR A 12 9.61 22.35 -5.64
N ILE A 13 9.25 21.19 -6.17
CA ILE A 13 10.23 20.60 -7.13
C ILE A 13 9.65 20.67 -8.52
N THR A 14 10.47 20.94 -9.51
CA THR A 14 9.89 20.97 -10.89
C THR A 14 10.25 19.66 -11.57
N LEU A 15 9.33 19.09 -12.33
CA LEU A 15 9.58 17.83 -13.01
C LEU A 15 9.25 18.02 -14.49
N GLU A 16 9.89 17.22 -15.31
CA GLU A 16 9.51 17.26 -16.76
C GLU A 16 8.85 15.92 -17.00
N VAL A 17 7.60 16.03 -17.42
CA VAL A 17 6.77 14.86 -17.67
C VAL A 17 5.93 15.04 -18.95
N GLU A 18 5.32 13.93 -19.31
CA GLU A 18 4.37 13.84 -20.41
C GLU A 18 3.06 13.38 -19.82
N PRO A 19 1.95 13.87 -20.34
CA PRO A 19 0.61 13.47 -19.90
C PRO A 19 0.43 11.98 -19.97
N SER A 20 1.19 11.31 -20.81
CA SER A 20 1.03 9.85 -20.98
C SER A 20 1.72 9.11 -19.87
N ASP A 21 2.49 9.83 -19.05
CA ASP A 21 3.19 9.10 -17.96
C ASP A 21 2.21 8.63 -16.92
N THR A 22 2.51 7.52 -16.30
CA THR A 22 1.71 6.99 -15.21
C THR A 22 2.16 7.68 -13.91
N ILE A 23 1.25 7.61 -12.94
CA ILE A 23 1.52 8.13 -11.60
C ILE A 23 2.72 7.40 -10.98
N GLU A 24 2.80 6.12 -11.24
CA GLU A 24 3.98 5.32 -10.73
C GLU A 24 5.27 5.90 -11.23
N CYS A 25 5.30 6.34 -12.52
CA CYS A 25 6.50 6.91 -13.13
C CYS A 25 6.85 8.24 -12.50
N VAL A 26 5.82 9.05 -12.28
CA VAL A 26 6.04 10.34 -11.65
C VAL A 26 6.71 10.15 -10.29
N LYS A 27 6.18 9.20 -9.52
CA LYS A 27 6.74 8.92 -8.19
C LYS A 27 8.19 8.48 -8.29
N ALA A 28 8.54 7.70 -9.30
CA ALA A 28 9.92 7.29 -9.53
C ALA A 28 10.80 8.47 -9.89
N LYS A 29 10.31 9.43 -10.66
CA LYS A 29 11.09 10.64 -10.97
C LYS A 29 11.35 11.47 -9.69
N ILE A 30 10.35 11.49 -8.81
CA ILE A 30 10.50 12.25 -7.55
C ILE A 30 11.53 11.50 -6.70
N GLN A 31 11.49 10.19 -6.69
CA GLN A 31 12.50 9.45 -5.86
C GLN A 31 13.90 9.76 -6.40
N ASP A 32 14.01 9.63 -7.70
CA ASP A 32 15.30 9.91 -8.37
C ASP A 32 15.83 11.29 -8.03
N LYS A 33 14.94 12.30 -7.98
CA LYS A 33 15.50 13.66 -7.74
C LYS A 33 15.53 14.13 -6.33
N GLU A 34 14.74 13.67 -5.41
CA GLU A 34 14.73 14.09 -4.02
C GLU A 34 14.92 12.96 -3.04
N GLY A 35 14.94 11.73 -3.52
CA GLY A 35 15.18 10.58 -2.69
C GLY A 35 14.07 10.02 -1.89
N ILE A 36 12.84 10.55 -2.06
CA ILE A 36 11.72 10.01 -1.29
C ILE A 36 11.20 8.72 -1.91
N PRO A 37 11.15 7.65 -1.13
CA PRO A 37 10.64 6.34 -1.58
C PRO A 37 9.21 6.46 -2.09
N PRO A 38 8.88 5.84 -3.19
CA PRO A 38 7.51 5.95 -3.73
C PRO A 38 6.45 5.52 -2.76
N ASP A 39 6.74 4.57 -1.90
CA ASP A 39 5.72 4.05 -0.95
C ASP A 39 5.34 5.08 0.11
N GLN A 40 6.16 6.11 0.23
CA GLN A 40 5.83 7.18 1.22
C GLN A 40 5.08 8.36 0.58
N GLN A 41 5.02 8.40 -0.74
CA GLN A 41 4.40 9.48 -1.46
C GLN A 41 2.90 9.36 -1.66
N ARG A 42 2.21 10.46 -1.32
CA ARG A 42 0.75 10.57 -1.60
C ARG A 42 0.62 11.80 -2.48
N LEU A 43 0.18 11.67 -3.73
CA LEU A 43 0.09 12.84 -4.63
C LEU A 43 -1.35 13.30 -4.76
N ILE A 44 -1.57 14.59 -4.57
CA ILE A 44 -2.91 15.19 -4.61
C ILE A 44 -3.02 16.28 -5.66
N PHE A 45 -4.11 16.19 -6.46
CA PHE A 45 -4.39 17.20 -7.50
C PHE A 45 -5.92 17.33 -7.53
N ALA A 46 -6.32 18.58 -7.46
CA ALA A 46 -7.74 18.98 -7.52
C ALA A 46 -8.59 18.14 -6.58
N GLY A 47 -8.08 17.99 -5.40
CA GLY A 47 -8.62 17.24 -4.29
C GLY A 47 -8.80 15.76 -4.47
N CYS A 48 -8.13 15.15 -5.41
CA CYS A 48 -8.12 13.71 -5.63
C CYS A 48 -6.78 13.12 -5.25
N GLN A 49 -6.74 11.97 -4.70
CA GLN A 49 -5.43 11.30 -4.47
C GLN A 49 -5.16 10.55 -5.77
N LEU A 50 -3.98 10.72 -6.33
CA LEU A 50 -3.65 10.11 -7.64
C LEU A 50 -3.29 8.65 -7.46
N GLU A 51 -3.77 7.80 -8.37
CA GLU A 51 -3.53 6.34 -8.25
C GLU A 51 -2.42 5.92 -9.18
N ASP A 52 -1.53 5.06 -8.79
CA ASP A 52 -0.35 4.62 -9.54
C ASP A 52 -0.48 4.20 -10.99
N GLY A 53 -1.50 3.45 -11.32
CA GLY A 53 -1.74 2.91 -12.67
C GLY A 53 -2.40 3.82 -13.65
N ARG A 54 -2.89 4.98 -13.21
CA ARG A 54 -3.49 5.96 -14.13
C ARG A 54 -2.37 6.83 -14.68
N THR A 55 -2.66 7.57 -15.72
CA THR A 55 -1.72 8.53 -16.36
C THR A 55 -2.16 9.94 -15.93
N LEU A 56 -1.27 10.90 -16.12
CA LEU A 56 -1.55 12.31 -15.83
C LEU A 56 -2.72 12.75 -16.70
N SER A 57 -2.80 12.25 -17.95
CA SER A 57 -3.93 12.69 -18.80
C SER A 57 -5.26 12.26 -18.24
N ASP A 58 -5.29 11.15 -17.53
CA ASP A 58 -6.56 10.64 -16.93
C ASP A 58 -7.20 11.71 -16.05
N TYR A 59 -6.37 12.41 -15.33
CA TYR A 59 -6.76 13.49 -14.42
C TYR A 59 -6.79 14.84 -15.09
N ASN A 60 -6.55 14.98 -16.38
CA ASN A 60 -6.58 16.32 -16.99
C ASN A 60 -5.58 17.25 -16.32
N ILE A 61 -4.36 16.77 -16.10
CA ILE A 61 -3.28 17.62 -15.54
C ILE A 61 -2.59 18.28 -16.73
N GLN A 62 -2.64 19.57 -16.85
CA GLN A 62 -2.07 20.32 -18.00
C GLN A 62 -0.74 20.97 -17.58
N LYS A 63 0.04 21.51 -18.58
CA LYS A 63 1.33 22.10 -18.24
C LYS A 63 1.17 23.16 -17.17
N GLU A 64 2.22 23.18 -16.36
CA GLU A 64 2.37 24.09 -15.26
C GLU A 64 1.44 23.96 -14.10
N SER A 65 0.81 22.79 -14.03
CA SER A 65 -0.07 22.42 -12.91
C SER A 65 0.84 22.18 -11.68
N THR A 66 0.25 22.25 -10.50
CA THR A 66 0.96 21.97 -9.25
C THR A 66 0.29 20.77 -8.56
N LEU A 67 1.06 19.74 -8.22
CA LEU A 67 0.49 18.62 -7.46
C LEU A 67 0.98 18.81 -6.00
N HIS A 68 0.26 18.31 -5.06
CA HIS A 68 0.72 18.43 -3.66
C HIS A 68 1.24 17.05 -3.26
N LEU A 69 2.38 17.02 -2.60
CA LEU A 69 2.96 15.77 -2.10
C LEU A 69 2.83 15.67 -0.60
N VAL A 70 2.10 14.73 -0.09
CA VAL A 70 2.03 14.52 1.38
C VAL A 70 2.81 13.21 1.60
N LEU A 71 3.60 13.15 2.65
CA LEU A 71 4.36 11.93 2.95
C LEU A 71 3.61 11.09 3.95
N ARG A 72 3.57 9.78 3.80
N ARG A 72 3.53 9.79 3.74
N ARG A 72 3.56 9.80 3.74
N ARG A 72 3.56 9.80 3.75
CA ARG A 72 2.85 8.93 4.77
CA ARG A 72 2.81 8.91 4.68
CA ARG A 72 2.85 8.89 4.67
CA ARG A 72 2.86 8.91 4.70
C ARG A 72 3.35 9.37 6.14
C ARG A 72 3.00 7.50 4.12
C ARG A 72 3.87 7.84 5.08
C ARG A 72 3.70 8.91 5.96
N LEU A 73 2.63 9.18 7.20
N LEU A 73 2.88 6.46 4.89
N LEU A 73 3.86 7.33 6.26
N LEU A 73 4.94 9.30 5.93
CA LEU A 73 3.12 9.62 8.52
CA LEU A 73 3.08 5.10 4.33
CA LEU A 73 4.87 6.32 6.65
CA LEU A 73 5.75 9.30 7.18
C LEU A 73 2.47 8.79 9.62
C LEU A 73 2.07 4.85 3.22
C LEU A 73 6.22 6.98 6.87
C LEU A 73 5.84 7.88 7.72
N ARG A 74 3.29 7.95 10.22
N ARG A 74 1.14 3.96 3.53
N ARG A 74 6.66 6.90 8.11
N ARG A 74 7.02 7.58 8.24
CA ARG A 74 2.85 7.05 11.30
CA ARG A 74 0.09 3.56 2.58
CA ARG A 74 7.95 7.50 8.53
CA ARG A 74 7.32 6.26 8.82
C ARG A 74 4.06 6.31 11.85
C ARG A 74 -0.87 2.60 3.27
C ARG A 74 9.09 6.64 7.98
C ARG A 74 7.15 5.20 7.73
N GLY A 75 3.77 5.24 12.57
N GLY A 75 -1.87 2.17 2.53
N GLY A 75 8.92 5.33 8.14
N GLY A 75 8.20 4.40 7.57
CA GLY A 75 4.79 4.41 13.21
CA GLY A 75 -2.90 1.26 3.01
CA GLY A 75 9.90 4.35 7.70
CA GLY A 75 8.25 3.33 6.58
C GLY A 75 5.78 3.77 12.25
C GLY A 75 -3.80 0.70 1.93
C GLY A 75 9.42 3.41 6.61
C GLY A 75 7.67 2.01 7.04
N GLY A 76 5.23 3.34 11.13
N GLY A 76 -4.57 -0.30 2.35
N GLY A 76 9.32 2.15 7.00
N GLY A 76 7.91 1.01 6.22
CA GLY A 76 5.97 2.70 10.04
CA GLY A 76 -5.55 -1.01 1.52
CA GLY A 76 8.87 1.04 6.13
CA GLY A 76 7.47 -0.38 6.43
C GLY A 76 6.19 1.22 10.40
C GLY A 76 -4.97 -2.38 1.16
C GLY A 76 8.57 -0.18 7.03
C GLY A 76 5.99 -0.37 6.85
N MET B 1 9.15 -6.95 7.73
N MET B 1 -10.76 -12.66 0.20
N MET B 1 -1.22 -6.29 9.53
N MET B 1 0.07 -4.46 16.15
CA MET B 1 9.16 -5.49 7.61
CA MET B 1 -10.70 -11.19 0.31
CA MET B 1 -0.55 -5.25 8.72
CA MET B 1 1.12 -3.60 15.58
C MET B 1 9.69 -5.16 6.19
C MET B 1 -12.15 -10.67 0.08
C MET B 1 -1.49 -4.94 7.53
C MET B 1 1.30 -2.41 16.54
N GLN B 2 9.21 -4.06 5.69
N GLN B 2 -12.42 -9.58 0.71
N GLN B 2 -1.39 -3.72 7.08
N GLN B 2 2.51 -1.93 16.56
CA GLN B 2 9.68 -3.62 4.33
CA GLN B 2 -13.76 -8.95 0.54
CA GLN B 2 -2.22 -3.29 5.91
CA GLN B 2 2.80 -0.74 17.43
C GLN B 2 10.88 -2.70 4.51
C GLN B 2 -13.71 -7.96 -0.61
C GLN B 2 -1.42 -3.53 4.64
C GLN B 2 2.59 0.53 16.63
N ILE B 3 11.87 -2.90 3.64
N ILE B 3 -14.75 -7.98 -1.43
N ILE B 3 -2.11 -4.04 3.63
N ILE B 3 1.98 1.51 17.27
CA ILE B 3 13.04 -1.99 3.60
CA ILE B 3 -14.89 -6.97 -2.50
CA ILE B 3 -1.50 -4.19 2.29
CA ILE B 3 1.83 2.84 16.67
C ILE B 3 13.22 -1.62 2.10
C ILE B 3 -16.34 -6.43 -2.38
C ILE B 3 -2.53 -3.58 1.30
C ILE B 3 2.29 3.86 17.75
N PHE B 4 13.97 -0.57 1.90
N PHE B 4 -16.54 -5.30 -3.01
N PHE B 4 -2.01 -3.31 0.12
N PHE B 4 2.57 5.05 17.28
CA PHE B 4 14.22 -0.14 0.48
CA PHE B 4 -17.92 -4.69 -2.96
CA PHE B 4 -2.94 -2.73 -0.92
CA PHE B 4 3.03 6.10 18.27
C PHE B 4 15.68 -0.27 0.18
C PHE B 4 -18.49 -4.67 -4.35
C PHE B 4 -3.06 -3.69 -2.06
C PHE B 4 2.01 7.20 18.30
N VAL B 5 16.10 -0.73 -1.00
N VAL B 5 -19.77 -4.96 -4.56
N VAL B 5 -4.23 -3.91 -2.66
N VAL B 5 1.67 7.78 19.45
CA VAL B 5 17.51 -0.79 -1.35
CA VAL B 5 -20.37 -4.86 -5.88
CA VAL B 5 -4.35 -4.77 -3.82
CA VAL B 5 0.75 8.90 19.50
C VAL B 5 17.67 0.14 -2.57
C VAL B 5 -21.48 -3.79 -5.75
C VAL B 5 -4.85 -3.85 -4.97
C VAL B 5 1.57 10.07 20.10
N LYS B 6 18.39 1.21 -2.41
N LYS B 6 -21.33 -2.70 -6.41
N LYS B 6 -4.06 -3.66 -5.96
N LYS B 6 1.79 11.09 19.33
CA LYS B 6 18.55 2.19 -3.55
CA LYS B 6 -22.34 -1.59 -6.29
CA LYS B 6 -4.46 -2.75 -7.10
CA LYS B 6 2.62 12.25 19.82
C LYS B 6 19.84 1.85 -4.25
C LYS B 6 -23.31 -1.74 -7.45
C LYS B 6 -5.05 -3.60 -8.19
C LYS B 6 1.67 13.29 20.34
N THR B 7 19.77 1.68 -5.60
N THR B 7 -24.62 -1.77 -7.14
N THR B 7 -6.27 -3.25 -8.65
N THR B 7 1.89 13.76 21.59
CA THR B 7 20.99 1.35 -6.36
CA THR B 7 -25.63 -1.90 -8.21
CA THR B 7 -6.91 -4.03 -9.72
CA THR B 7 1.01 14.79 22.16
C THR B 7 21.53 2.63 -7.01
C THR B 7 -26.21 -0.52 -8.53
C THR B 7 -6.70 -3.32 -11.06
C THR B 7 1.68 16.16 22.03
N LEU B 8 22.71 2.57 -7.58
N LEU B 8 -26.99 -0.42 -9.60
N LEU B 8 -7.04 -3.96 -12.16
N LEU B 8 0.97 17.23 22.32
CA LEU B 8 23.32 3.77 -8.19
CA LEU B 8 -27.55 0.89 -9.99
CA LEU B 8 -6.83 -3.36 -13.49
CA LEU B 8 1.54 18.59 22.18
C LEU B 8 22.66 4.15 -9.51
C LEU B 8 -28.67 1.35 -9.08
C LEU B 8 -7.81 -2.24 -13.79
C LEU B 8 2.54 18.93 23.26
N THR B 9 21.75 3.30 -10.02
N THR B 9 -29.10 0.49 -8.14
N THR B 9 -8.81 -2.04 -12.92
N THR B 9 2.69 18.05 24.27
CA THR B 9 21.12 3.74 -11.32
CA THR B 9 -30.21 0.99 -7.26
CA THR B 9 -9.77 -0.93 -13.25
CA THR B 9 3.71 18.41 25.31
C THR B 9 19.76 4.32 -11.12
C THR B 9 -29.70 1.44 -5.92
C THR B 9 -9.48 0.31 -12.46
C THR B 9 5.00 17.68 25.12
N GLY B 10 19.42 4.67 -9.92
N GLY B 10 -28.42 1.63 -5.79
N GLY B 10 -8.34 0.39 -11.85
N GLY B 10 5.20 17.08 24.00
CA GLY B 10 18.13 5.25 -9.59
CA GLY B 10 -27.79 2.06 -4.55
CA GLY B 10 -7.93 1.53 -11.06
CA GLY B 10 6.40 16.35 23.68
C GLY B 10 16.97 4.30 -9.51
C GLY B 10 -27.63 1.01 -3.49
C GLY B 10 -8.53 1.64 -9.68
C GLY B 10 6.51 14.97 24.28
N LYS B 11 17.28 3.03 -9.42
N LYS B 11 -27.75 -0.23 -3.89
N LYS B 11 -9.09 0.55 -9.22
N LYS B 11 5.40 14.45 24.74
CA LYS B 11 16.26 2.00 -9.22
CA LYS B 11 -27.51 -1.37 -2.99
CA LYS B 11 -9.62 0.47 -7.86
CA LYS B 11 5.33 13.09 25.25
C LYS B 11 16.22 1.75 -7.70
C LYS B 11 -26.04 -1.79 -3.26
C LYS B 11 -8.49 -0.17 -7.02
C LYS B 11 4.82 12.23 24.06
N THR B 12 15.03 1.60 -7.15
N THR B 12 -25.32 -2.09 -2.20
N THR B 12 -8.29 0.35 -5.82
N THR B 12 5.41 11.06 23.90
CA THR B 12 14.96 1.26 -5.73
CA THR B 12 -23.94 -2.59 -2.44
CA THR B 12 -7.28 -0.30 -4.97
CA THR B 12 4.90 10.19 22.83
C THR B 12 14.23 -0.08 -5.64
C THR B 12 -23.90 -3.99 -1.81
C THR B 12 -8.02 -0.74 -3.70
C THR B 12 4.45 8.90 23.52
N ILE B 13 14.80 -1.02 -4.88
N ILE B 13 -23.37 -4.94 -2.57
N ILE B 13 -7.80 -1.99 -3.30
N ILE B 13 3.23 8.46 23.19
CA ILE B 13 14.06 -2.31 -4.80
CA ILE B 13 -23.31 -6.30 -1.95
CA ILE B 13 -8.54 -2.40 -2.07
CA ILE B 13 2.81 7.20 23.87
C ILE B 13 13.48 -2.46 -3.42
C ILE B 13 -21.88 -6.65 -1.64
C ILE B 13 -7.55 -2.55 -0.94
C ILE B 13 2.79 6.07 22.87
N THR B 14 12.29 -3.00 -3.33
N THR B 14 -21.63 -7.30 -0.53
N THR B 14 -7.92 -2.16 0.25
N THR B 14 3.20 4.89 23.25
CA THR B 14 11.73 -3.19 -1.95
CA THR B 14 -20.22 -7.67 -0.26
CA THR B 14 -6.94 -2.36 1.36
CA THR B 14 3.13 3.78 22.26
C THR B 14 11.91 -4.63 -1.56
C THR B 14 -20.04 -9.13 -0.61
C THR B 14 -7.36 -3.58 2.15
C THR B 14 1.91 2.95 22.56
N LEU B 15 12.27 -4.90 -0.32
N LEU B 15 -18.92 -9.50 -1.22
N LEU B 15 -6.42 -4.41 2.57
N LEU B 15 1.19 2.50 21.55
CA LEU B 15 12.49 -6.26 0.14
CA LEU B 15 -18.68 -10.88 -1.60
CA LEU B 15 -6.73 -5.61 3.32
CA LEU B 15 0.00 1.70 21.74
C LEU B 15 11.64 -6.48 1.41
C LEU B 15 -17.32 -11.31 -1.02
C LEU B 15 -5.91 -5.59 4.62
C LEU B 15 0.14 0.42 20.92
N GLU B 16 11.29 -7.72 1.64
N GLU B 16 -17.19 -12.59 -0.80
N GLU B 16 -6.43 -6.28 5.61
N GLU B 16 -0.55 -0.62 21.37
CA GLU B 16 10.58 -8.01 2.93
CA GLU B 16 -15.83 -13.07 -0.36
CA GLU B 16 -5.61 -6.41 6.86
CA GLU B 16 -0.56 -1.85 20.52
C GLU B 16 11.58 -8.82 3.71
C GLU B 16 -15.34 -13.88 -1.55
C GLU B 16 -5.25 -7.88 6.89
C GLU B 16 -1.98 -1.94 20.04
N VAL B 17 11.91 -8.27 4.87
N VAL B 17 -14.20 -13.42 -2.05
N VAL B 17 -3.94 -8.09 6.88
N VAL B 17 -2.08 -1.93 18.72
CA VAL B 17 12.89 -8.87 5.76
CA VAL B 17 -13.58 -14.02 -3.22
CA VAL B 17 -3.37 -9.43 6.87
CA VAL B 17 -3.36 -1.96 18.03
C VAL B 17 12.44 -8.76 7.23
C VAL B 17 -12.06 -14.12 -3.05
C VAL B 17 -2.16 -9.54 7.81
C VAL B 17 -3.32 -2.88 16.80
N GLU B 18 13.21 -9.47 8.03
N GLU B 18 -11.49 -14.84 -4.00
N GLU B 18 -1.75 -10.78 7.96
N GLU B 18 -4.52 -3.08 16.28
CA GLU B 18 13.08 -9.46 9.49
CA GLU B 18 -10.04 -14.99 -4.15
CA GLU B 18 -0.54 -11.15 8.70
CA GLU B 18 -4.74 -3.83 15.05
C GLU B 18 14.41 -8.96 10.04
C GLU B 18 -9.69 -14.44 -5.51
C GLU B 18 0.36 -11.87 7.71
C GLU B 18 -5.42 -2.86 14.09
N PRO B 19 14.36 -8.20 11.13
N PRO B 19 -8.53 -13.81 -5.62
N PRO B 19 1.66 -11.67 7.85
N PRO B 19 -5.11 -2.98 12.81
CA PRO B 19 15.57 -7.70 11.78
CA PRO B 19 -8.04 -13.28 -6.90
CA PRO B 19 2.65 -12.34 7.01
CA PRO B 19 -5.72 -2.15 11.77
C PRO B 19 16.53 -8.81 12.13
C PRO B 19 -8.01 -14.33 -7.98
C PRO B 19 2.49 -13.84 7.03
C PRO B 19 -7.23 -2.23 11.80
N SER B 20 16.02 -10.01 12.29
N SER B 20 -7.90 -15.59 -7.58
N SER B 20 1.90 -14.37 8.09
N SER B 20 -7.76 -3.32 12.33
CA SER B 20 16.88 -11.14 12.69
CA SER B 20 -7.80 -16.67 -8.57
CA SER B 20 1.76 -15.83 8.21
CA SER B 20 -9.22 -3.50 12.34
C SER B 20 17.64 -11.69 11.50
C SER B 20 -9.17 -17.01 -9.13
C SER B 20 0.59 -16.32 7.40
C SER B 20 -9.85 -2.72 13.47
N ASP B 21 17.31 -11.21 10.31
N ASP B 21 -10.23 -16.44 -8.55
N ASP B 21 -0.21 -15.39 6.85
N ASP B 21 -9.01 -2.15 14.35
CA ASP B 21 18.03 -11.75 9.12
CA ASP B 21 -11.57 -16.79 -9.07
CA ASP B 21 -1.38 -15.87 6.07
CA ASP B 21 -9.63 -1.40 15.47
C ASP B 21 19.46 -11.25 9.13
C ASP B 21 -11.76 -16.18 -10.44
C ASP B 21 -0.91 -16.48 4.77
C ASP B 21 -10.24 -0.12 14.97
N THR B 22 20.36 -12.07 8.60
N THR B 22 -12.52 -16.86 -11.27
N THR B 22 -1.65 -17.46 4.29
N THR B 22 -11.31 0.30 15.63
CA THR B 22 21.74 -11.70 8.46
CA THR B 22 -12.88 -16.35 -12.59
CA THR B 22 -1.39 -18.09 3.02
CA THR B 22 -11.96 1.56 15.32
C THR B 22 21.88 -10.90 7.14
C THR B 22 -14.09 -15.41 -12.43
C THR B 22 -2.04 -17.22 1.92
C THR B 22 -11.20 2.69 16.06
N ILE B 23 23.00 -10.17 7.09
N ILE B 23 -14.25 -14.57 -13.46
N ILE B 23 -1.54 -17.45 0.71
N ILE B 23 -11.43 3.90 15.54
CA ILE B 23 23.35 -9.42 5.88
CA ILE B 23 -15.40 -13.67 -13.53
CA ILE B 23 -2.09 -16.79 -0.48
CA ILE B 23 -10.88 5.10 16.16
C ILE B 23 23.55 -10.37 4.70
C ILE B 23 -16.70 -14.47 -13.57
C ILE B 23 -3.55 -17.19 -0.66
C ILE B 23 -11.42 5.25 17.58
N GLU B 24 24.12 -11.53 4.97
N GLU B 24 -16.67 -15.60 -14.25
N GLU B 24 -3.87 -18.44 -0.38
N GLU B 24 -12.67 4.90 17.77
CA GLU B 24 24.30 -12.56 3.90
CA GLU B 24 -17.89 -16.48 -14.29
CA GLU B 24 -5.29 -18.91 -0.46
CA GLU B 24 -13.27 4.96 19.15
C GLU B 24 22.97 -12.92 3.29
C GLU B 24 -18.29 -16.89 -12.90
C GLU B 24 -6.17 -18.07 0.42
C GLU B 24 -12.48 4.10 20.11
N ASN B 25 21.95 -13.05 4.12
N ASN B 25 -17.31 -17.20 -12.06
N ASN B 25 -5.70 -17.74 1.61
N ASN B 25 -12.06 2.93 19.65
CA ASN B 25 20.58 -13.40 3.70
CA ASN B 25 -17.52 -17.63 -10.66
CA ASN B 25 -6.42 -16.94 2.60
CA ASN B 25 -11.28 1.96 20.44
C ASN B 25 19.96 -12.31 2.82
C ASN B 25 -18.13 -16.51 -9.83
C ASN B 25 -6.66 -15.52 2.11
C ASN B 25 -9.91 2.51 20.81
N VAL B 26 20.15 -11.08 3.27
N VAL B 26 -17.58 -15.32 -10.02
N VAL B 26 -5.61 -14.95 1.54
N VAL B 26 -9.28 3.11 19.81
CA VAL B 26 19.66 -9.93 2.53
CA VAL B 26 -18.09 -14.15 -9.31
CA VAL B 26 -5.69 -13.61 1.00
CA VAL B 26 -7.97 3.72 20.01
C VAL B 26 20.25 -9.94 1.12
C VAL B 26 -19.56 -13.95 -9.63
C VAL B 26 -6.78 -13.55 -0.07
C VAL B 26 -8.05 4.77 21.11
N LYS B 27 21.56 -10.15 1.05
N LYS B 27 -19.88 -14.04 -10.91
N LYS B 27 -6.76 -14.55 -0.96
N LYS B 27 -9.09 5.60 21.03
CA LYS B 27 22.25 -10.18 -0.24
CA LYS B 27 -21.28 -13.87 -11.35
CA LYS B 27 -7.77 -14.61 -2.02
CA LYS B 27 -9.28 6.66 22.02
C LYS B 27 21.69 -11.29 -1.13
C LYS B 27 -22.17 -14.92 -10.72
C LYS B 27 -9.17 -14.71 -1.45
C LYS B 27 -9.47 6.07 23.41
N ALA B 28 21.36 -12.43 -0.56
N ALA B 28 -21.70 -16.14 -10.57
N ALA B 28 -9.35 -15.45 -0.38
N ALA B 28 -10.18 4.97 23.52
CA ALA B 28 20.77 -13.53 -1.31
CA ALA B 28 -22.46 -17.20 -9.91
CA ALA B 28 -10.66 -15.55 0.29
CA ALA B 28 -10.37 4.28 24.79
C ALA B 28 19.38 -13.16 -1.82
C ALA B 28 -22.66 -16.91 -8.44
C ALA B 28 -11.07 -14.22 0.90
C ALA B 28 -9.05 3.73 25.32
N LYS B 29 18.59 -12.44 -1.04
N LYS B 29 -21.68 -16.34 -7.75
N LYS B 29 -10.15 -13.45 1.46
N LYS B 29 -8.19 3.20 24.46
CA LYS B 29 17.26 -11.97 -1.50
CA LYS B 29 -21.83 -15.94 -6.34
CA LYS B 29 -10.48 -12.11 1.98
CA LYS B 29 -6.86 2.73 24.91
C LYS B 29 17.41 -10.99 -2.69
C LYS B 29 -22.89 -14.84 -6.20
C LYS B 29 -10.92 -11.17 0.84
C LYS B 29 -6.01 3.90 25.45
N ILE B 30 18.45 -10.16 -2.61
N ILE B 30 -22.91 -13.93 -7.18
N ILE B 30 -10.27 -11.32 -0.31
N ILE B 30 -6.15 5.06 24.80
CA ILE B 30 18.67 -9.19 -3.71
CA ILE B 30 -23.90 -12.84 -7.13
CA ILE B 30 -10.63 -10.47 -1.45
CA ILE B 30 -5.38 6.23 25.24
C ILE B 30 19.11 -9.99 -4.93
C ILE B 30 -25.28 -13.46 -7.38
C ILE B 30 -12.02 -10.92 -1.93
C ILE B 30 -5.97 6.67 26.58
N GLN B 31 19.93 -11.01 -4.76
N GLN B 31 -25.38 -14.41 -8.28
N GLN B 31 -12.30 -12.20 -1.93
N GLN B 31 -7.27 6.61 26.75
CA GLN B 31 20.35 -11.80 -5.96
CA GLN B 31 -26.72 -15.03 -8.52
CA GLN B 31 -13.66 -12.63 -2.37
CA GLN B 31 -7.83 7.03 28.07
C GLN B 31 19.11 -12.45 -6.59
C GLN B 31 -27.19 -15.71 -7.23
C GLN B 31 -14.72 -12.03 -1.42
C GLN B 31 -7.30 6.08 29.16
N ASP B 32 18.34 -13.07 -5.73
N ASP B 32 -26.29 -16.48 -6.68
N ASP B 32 -14.44 -12.22 -0.15
N ASP B 32 -7.40 4.81 28.85
CA ASP B 32 17.08 -13.73 -6.18
CA ASP B 32 -26.58 -17.20 -5.42
CA ASP B 32 -15.33 -11.69 0.90
CA ASP B 32 -6.92 3.77 29.80
C ASP B 32 16.20 -12.78 -6.96
C ASP B 32 -27.07 -16.26 -4.33
C ASP B 32 -15.60 -10.21 0.72
C ASP B 32 -5.47 4.00 30.20
N LYS B 33 16.08 -11.52 -6.49
N LYS B 33 -26.44 -15.07 -4.22
N LYS B 33 -14.56 -9.43 0.38
N LYS B 33 -4.62 4.39 29.23
CA LYS B 33 15.13 -10.64 -7.21
CA LYS B 33 -26.87 -14.20 -3.09
CA LYS B 33 -14.82 -7.97 0.31
CA LYS B 33 -3.19 4.52 29.62
C LYS B 33 15.68 -9.78 -8.29
C LYS B 33 -27.91 -13.19 -3.37
C LYS B 33 -15.20 -7.42 -1.02
C LYS B 33 -2.72 5.87 30.05
N GLU B 34 16.93 -9.41 -8.34
N GLU B 34 -28.14 -12.71 -4.56
N GLU B 34 -14.87 -7.99 -2.14
N GLU B 34 -3.31 6.97 29.68
CA GLU B 34 17.52 -8.59 -9.37
CA GLU B 34 -29.14 -11.73 -4.90
CA GLU B 34 -15.20 -7.49 -3.46
CA GLU B 34 -2.90 8.29 30.07
C GLU B 34 18.69 -9.23 -10.06
C GLU B 34 -30.11 -12.19 -5.97
C GLU B 34 -15.95 -8.47 -4.31
C GLU B 34 -3.98 9.10 30.74
N GLY B 35 19.14 -10.38 -9.59
N GLY B 35 -29.87 -13.34 -6.56
N GLY B 35 -16.11 -9.70 -3.84
N GLY B 35 -5.20 8.58 30.78
CA GLY B 35 20.21 -11.12 -10.21
CA GLY B 35 -30.76 -13.92 -7.54
CA GLY B 35 -16.87 -10.71 -4.52
CA GLY B 35 -6.30 9.22 31.46
C GLY B 35 21.61 -10.72 -9.93
C GLY B 35 -30.69 -13.43 -8.94
C GLY B 35 -16.23 -11.46 -5.63
C GLY B 35 -7.03 10.29 30.76
N ILE B 36 21.81 -9.75 -9.03
N ILE B 36 -29.72 -12.54 -9.24
N ILE B 36 -14.93 -11.23 -5.87
N ILE B 36 -6.71 10.56 29.49
CA ILE B 36 23.20 -9.35 -8.73
CA ILE B 36 -29.64 -12.06 -10.64
CA ILE B 36 -14.27 -11.97 -6.96
CA ILE B 36 -7.43 11.62 28.77
C ILE B 36 23.86 -10.33 -7.78
C ILE B 36 -28.94 -13.07 -11.53
C ILE B 36 -13.91 -13.38 -6.52
C ILE B 36 -8.78 11.14 28.28
N PRO B 37 25.01 -10.87 -8.18
N PRO B 37 -29.60 -13.47 -12.61
N PRO B 37 -14.36 -14.38 -7.27
N PRO B 37 -9.85 11.83 28.65
CA PRO B 37 25.79 -11.80 -7.34
CA PRO B 37 -29.04 -14.41 -13.59
CA PRO B 37 -14.06 -15.79 -6.98
CA PRO B 37 -11.22 11.50 28.23
C PRO B 37 26.14 -11.18 -6.01
C PRO B 37 -27.73 -13.91 -14.15
C PRO B 37 -12.57 -16.04 -6.96
C PRO B 37 -11.32 11.48 26.71
N PRO B 38 26.02 -11.90 -4.92
N PRO B 38 -26.73 -14.75 -14.28
N PRO B 38 -12.05 -16.80 -6.02
N PRO B 38 -11.99 10.52 26.13
CA PRO B 38 26.33 -11.33 -3.61
CA PRO B 38 -25.43 -14.29 -14.81
CA PRO B 38 -10.61 -17.03 -5.95
CA PRO B 38 -12.10 10.46 24.66
C PRO B 38 27.74 -10.80 -3.50
C PRO B 38 -25.52 -13.66 -16.16
C PRO B 38 -10.04 -17.64 -7.21
C PRO B 38 -12.70 11.70 24.06
N ASP B 39 28.68 -11.39 -4.20
N ASP B 39 -26.44 -14.09 -16.99
N ASP B 39 -10.81 -18.44 -7.91
N ASP B 39 -13.60 12.35 24.76
CA ASP B 39 30.10 -10.95 -4.11
CA ASP B 39 -26.55 -13.54 -18.37
CA ASP B 39 -10.30 -19.12 -9.14
CA ASP B 39 -14.27 13.56 24.20
C ASP B 39 30.32 -9.57 -4.71
C ASP B 39 -27.01 -12.09 -18.38
C ASP B 39 -10.04 -18.13 -10.27
C ASP B 39 -13.32 14.74 24.04
N GLN B 40 29.36 -9.10 -5.49
N GLN B 40 -27.54 -11.64 -17.26
N GLN B 40 -10.57 -16.93 -10.15
N GLN B 40 -12.17 14.65 24.68
CA GLN B 40 29.49 -7.75 -6.09
CA GLN B 40 -27.99 -10.22 -17.18
CA GLN B 40 -10.35 -15.91 -11.20
CA GLN B 40 -11.18 15.75 24.54
C GLN B 40 28.77 -6.68 -5.25
C GLN B 40 -26.92 -9.30 -16.57
C GLN B 40 -9.17 -14.98 -10.85
C GLN B 40 -10.12 15.44 23.46
N GLN B 41 27.98 -7.07 -4.29
N GLN B 41 -25.87 -9.87 -16.00
N GLN B 41 -8.68 -15.03 -9.63
N GLN B 41 -10.10 14.23 22.96
CA GLN B 41 27.21 -6.19 -3.46
CA GLN B 41 -24.82 -9.14 -15.35
CA GLN B 41 -7.62 -14.18 -9.15
CA GLN B 41 -9.12 13.81 21.97
C GLN B 41 27.94 -5.59 -2.27
C GLN B 41 -23.72 -8.61 -16.25
C GLN B 41 -6.21 -14.65 -9.45
C GLN B 41 -9.48 14.11 20.53
N ARG B 42 27.85 -4.27 -2.17
N ARG B 42 -23.44 -7.32 -16.09
N ARG B 42 -5.44 -13.72 -10.02
N ARG B 42 -8.52 14.72 19.84
CA ARG B 42 28.37 -3.54 -0.96
CA ARG B 42 -22.27 -6.69 -16.78
CA ARG B 42 -3.97 -13.96 -10.22
CA ARG B 42 -8.63 14.93 18.37
C ARG B 42 27.16 -2.82 -0.40
C ARG B 42 -21.42 -6.13 -15.65
C ARG B 42 -3.28 -12.85 -9.46
C ARG B 42 -7.44 14.21 17.78
N LEU B 43 26.71 -3.14 0.81
N LEU B 43 -20.19 -6.63 -15.45
N LEU B 43 -2.51 -13.15 -8.42
N LEU B 43 -7.63 13.17 16.97
CA LEU B 43 25.50 -2.50 1.37
CA LEU B 43 -19.35 -6.16 -14.33
CA LEU B 43 -1.87 -12.09 -7.61
CA LEU B 43 -6.48 12.41 16.41
C LEU B 43 25.90 -1.46 2.42
C LEU B 43 -18.28 -5.21 -14.86
C LEU B 43 -0.39 -12.00 -7.96
C LEU B 43 -6.26 12.79 14.95
N ILE B 44 25.35 -0.25 2.28
N ILE B 44 -18.17 -4.04 -14.22
N ILE B 44 0.06 -10.77 -8.22
N ILE B 44 -5.02 13.11 14.61
CA ILE B 44 25.66 0.86 3.17
CA ILE B 44 -17.22 -3.00 -14.62
CA ILE B 44 1.44 -10.51 -8.63
CA ILE B 44 -4.65 13.54 13.27
C ILE B 44 24.42 1.41 3.85
C ILE B 44 -16.27 -2.64 -13.49
C ILE B 44 2.14 -9.53 -7.69
C ILE B 44 -3.58 12.64 12.66
N PHE B 45 24.56 1.59 5.20
N PHE B 45 -14.96 -2.59 -13.86
N PHE B 45 3.36 -9.93 -7.28
N PHE B 45 -3.85 12.23 11.39
CA PHE B 45 23.47 2.17 6.01
CA PHE B 45 -13.90 -2.21 -12.91
CA PHE B 45 4.19 -9.08 -6.41
CA PHE B 45 -2.89 11.41 10.63
C PHE B 45 24.17 3.02 7.08
C PHE B 45 -12.88 -1.41 -13.74
C PHE B 45 5.65 -9.31 -6.87
C PHE B 45 -3.02 11.88 9.18
N ALA B 46 23.67 4.22 7.16
N ALA B 46 -12.57 -0.27 -13.19
N ALA B 46 6.28 -8.18 -7.09
N ALA B 46 -1.85 12.15 8.64
CA ALA B 46 24.12 5.23 8.13
CA ALA B 46 -11.57 0.66 -13.75
CA ALA B 46 7.70 -8.12 -7.49
CA ALA B 46 -1.67 12.57 7.23
C ALA B 46 25.64 5.32 8.16
C ALA B 46 -11.80 0.88 -15.23
C ALA B 46 7.98 -9.07 -8.64
C ALA B 46 -2.65 13.68 6.88
N GLY B 47 26.19 5.37 6.98
N GLY B 47 -13.04 1.10 -15.55
N GLY B 47 7.10 -9.04 -9.60
N GLY B 47 -2.72 14.63 7.77
CA GLY B 47 27.58 5.44 6.66
CA GLY B 47 -13.60 1.33 -16.85
CA GLY B 47 7.06 -9.80 -10.81
CA GLY B 47 -3.54 15.81 7.75
C GLY B 47 28.46 4.30 7.10
C GLY B 47 -13.47 0.22 -17.87
C GLY B 47 6.94 -11.30 -10.68
C GLY B 47 -5.04 15.61 7.73
N LYS B 48 27.90 3.15 7.34
N LYS B 48 -13.27 -0.99 -17.44
N LYS B 48 6.45 -11.78 -9.57
N LYS B 48 -5.51 14.48 8.16
CA LYS B 48 28.66 1.96 7.72
CA LYS B 48 -13.18 -2.14 -18.34
CA LYS B 48 6.25 -13.22 -9.35
CA LYS B 48 -6.95 14.20 8.24
C LYS B 48 28.50 0.93 6.59
C LYS B 48 -14.38 -3.06 -18.03
C LYS B 48 4.72 -13.44 -9.20
C LYS B 48 -7.30 14.03 9.73
N GLN B 49 29.52 0.19 6.28
N GLN B 49 -14.96 -3.67 -19.02
N GLN B 49 4.22 -14.52 -9.73
N GLN B 49 -8.44 14.50 10.14
CA GLN B 49 29.39 -0.90 5.28
CA GLN B 49 -16.04 -4.66 -18.77
CA GLN B 49 2.78 -14.85 -9.52
CA GLN B 49 -8.90 14.27 11.54
C GLN B 49 28.90 -2.10 6.10
C GLN B 49 -15.29 -5.97 -18.53
C GLN B 49 2.77 -15.59 -8.19
C GLN B 49 -9.58 12.90 11.49
N LEU B 50 27.86 -2.76 5.67
N LEU B 50 -15.62 -6.66 -17.47
N LEU B 50 1.91 -15.21 -7.28
N LEU B 50 -9.24 12.00 12.37
CA LEU B 50 27.25 -3.86 6.43
CA LEU B 50 -14.89 -7.89 -17.09
CA LEU B 50 1.88 -15.80 -5.92
CA LEU B 50 -9.76 10.62 12.35
C LEU B 50 28.05 -5.13 6.24
C LEU B 50 -15.38 -9.06 -17.93
C LEU B 50 1.15 -17.12 -5.96
C LEU B 50 -11.16 10.59 12.95
N GLU B 51 28.26 -5.89 7.31
N GLU B 51 -14.46 -9.91 -18.38
N GLU B 51 1.67 -18.13 -5.24
N GLU B 51 -12.07 9.84 12.33
CA GLU B 51 29.08 -7.12 7.22
CA GLU B 51 -14.85 -11.04 -19.25
CA GLU B 51 1.05 -19.46 -5.26
CA GLU B 51 -13.47 9.80 12.83
C GLU B 51 28.19 -8.34 7.17
C GLU B 51 -14.88 -12.31 -18.45
C GLU B 51 0.24 -19.68 -4.01
C GLU B 51 -13.69 8.53 13.62
N ASP B 52 28.49 -9.32 6.37
N ASP B 52 -15.84 -13.18 -18.65
N ASP B 52 -0.92 -20.29 -4.09
N ASP B 52 -14.41 8.57 14.71
CA ASP B 52 27.68 -10.52 6.14
CA ASP B 52 -16.06 -14.42 -17.89
CA ASP B 52 -1.86 -20.49 -2.99
CA ASP B 52 -14.64 7.45 15.61
C ASP B 52 27.13 -11.31 7.31
C ASP B 52 -14.91 -15.38 -17.62
C ASP B 52 -1.38 -21.03 -1.64
C ASP B 52 -15.09 6.10 15.08
N GLY B 53 27.91 -11.51 8.34
N GLY B 53 -14.06 -15.62 -18.60
N GLY B 53 -0.51 -22.02 -1.65
N GLY B 53 -16.00 6.08 14.13
CA GLY B 53 27.54 -12.30 9.53
CA GLY B 53 -12.94 -16.56 -18.50
CA GLY B 53 0.01 -22.69 -0.45
CA GLY B 53 -16.56 4.84 13.55
C GLY B 53 26.74 -11.59 10.57
C GLY B 53 -11.69 -16.03 -17.87
C GLY B 53 1.14 -22.01 0.25
C GLY B 53 -15.76 4.20 12.48
N ARG B 54 26.56 -10.28 10.47
N ARG B 54 -11.60 -14.74 -17.60
N ARG B 54 1.73 -20.98 -0.34
N ARG B 54 -14.70 4.83 11.98
CA ARG B 54 25.72 -9.52 11.42
CA ARG B 54 -10.44 -14.17 -16.90
CA ARG B 54 2.81 -20.21 0.32
CA ARG B 54 -13.81 4.22 10.98
C ARG B 54 24.29 -9.59 10.93
C ARG B 54 -10.66 -14.31 -15.40
C ARG B 54 2.16 -19.14 1.19
C ARG B 54 -12.77 3.38 11.71
N THR B 55 23.36 -9.24 11.79
N THR B 55 -9.62 -14.13 -14.64
N THR B 55 2.93 -18.55 2.07
N THR B 55 -12.09 2.53 10.98
CA THR B 55 21.91 -9.19 11.47
CA THR B 55 -9.66 -14.16 -13.16
CA THR B 55 2.50 -17.47 2.97
CA THR B 55 -11.00 1.69 11.51
C THR B 55 21.55 -7.69 11.30
C THR B 55 -9.58 -12.70 -12.66
C THR B 55 3.10 -16.15 2.40
C THR B 55 -9.67 2.31 11.03
N LEU B 56 20.40 -7.45 10.72
N LEU B 56 -9.92 -12.50 -11.41
N LEU B 56 2.57 -15.04 2.85
N LEU B 56 -8.58 1.89 11.65
CA LEU B 56 19.87 -6.08 10.53
CA LEU B 56 -9.83 -11.17 -10.77
CA LEU B 56 3.07 -13.71 2.46
CA LEU B 56 -7.23 2.34 11.27
C LEU B 56 19.68 -5.46 11.91
C LEU B 56 -8.38 -10.71 -10.80
C LEU B 56 4.53 -13.59 2.91
C LEU B 56 -6.98 1.92 9.82
N SER B 57 19.26 -6.27 12.90
N SER B 57 -7.43 -11.66 -10.63
N SER B 57 4.87 -14.19 4.07
N SER B 57 -7.49 0.74 9.43
CA SER B 57 19.06 -5.66 14.24
CA SER B 57 -6.02 -11.22 -10.65
CA SER B 57 6.29 -14.08 4.51
CA SER B 57 -7.23 0.33 8.02
C SER B 57 20.35 -5.13 14.82
C SER B 57 -5.61 -10.64 -11.99
C SER B 57 7.24 -14.76 3.55
C SER B 57 -7.87 1.26 7.02
N ASP B 58 21.47 -5.75 14.48
N ASP B 58 -6.23 -11.11 -13.06
N ASP B 58 6.77 -15.80 2.88
N ASP B 58 -8.97 1.88 7.39
CA ASP B 58 22.80 -5.30 14.99
CA ASP B 58 -5.91 -10.62 -14.43
CA ASP B 58 7.62 -16.55 1.92
CA ASP B 58 -9.68 2.82 6.49
C ASP B 58 23.03 -3.83 14.68
C ASP B 58 -6.08 -9.10 -14.50
C ASP B 58 8.18 -15.60 0.85
C ASP B 58 -8.73 3.93 6.03
N TYR B 59 22.61 -3.44 13.51
N TYR B 59 -7.10 -8.63 -13.84
N TYR B 59 7.36 -14.68 0.44
N TYR B 59 -7.91 4.38 6.93
CA TYR B 59 22.72 -2.06 13.01
CA TYR B 59 -7.44 -7.20 -13.77
CA TYR B 59 7.69 -13.68 -0.57
CA TYR B 59 -6.92 5.42 6.70
C TYR B 59 21.51 -1.22 13.34
C TYR B 59 -6.80 -6.50 -12.58
C TYR B 59 8.24 -12.40 0.04
C TYR B 59 -5.57 4.87 6.26
N ASN B 60 20.52 -1.68 14.08
N ASN B 60 -5.97 -7.13 -11.79
N ASN B 60 8.47 -12.30 1.33
N ASN B 60 -5.40 3.59 6.02
CA ASN B 60 19.36 -0.82 14.37
CA ASN B 60 -5.36 -6.41 -10.65
CA ASN B 60 9.01 -11.04 1.88
CA ASN B 60 -4.07 3.10 5.60
C ASN B 60 18.68 -0.34 13.09
C ASN B 60 -6.44 -5.86 -9.72
C ASN B 60 8.10 -9.86 1.56
C ASN B 60 -3.00 3.46 6.62
N ILE B 61 18.48 -1.25 12.15
N ILE B 61 -7.42 -6.68 -9.40
N ILE B 61 6.80 -10.04 1.75
N ILE B 61 -3.28 3.24 7.88
CA ILE B 61 17.75 -0.92 10.89
CA ILE B 61 -8.48 -6.28 -8.43
CA ILE B 61 5.83 -8.92 1.56
CA ILE B 61 -2.27 3.47 8.96
C ILE B 61 16.27 -1.17 11.19
C ILE B 61 -7.96 -6.69 -7.05
C ILE B 61 5.73 -8.20 2.90
C ILE B 61 -1.51 2.16 9.11
N GLN B 62 15.45 -0.16 11.15
N GLN B 62 -7.72 -5.75 -6.16
N GLN B 62 6.12 -6.97 2.97
N GLN B 62 -0.23 2.14 8.82
CA GLN B 62 13.99 -0.27 11.48
CA GLN B 62 -7.16 -6.02 -4.81
CA GLN B 62 6.14 -6.18 4.24
CA GLN B 62 0.60 0.90 8.87
C GLN B 62 13.18 -0.27 10.19
C GLN B 62 -8.27 -5.95 -3.77
C GLN B 62 4.95 -5.22 4.27
C GLN B 62 1.46 0.90 10.14
N LYS B 63 11.89 -0.56 10.28
N LYS B 63 -7.98 -6.37 -2.53
N LYS B 63 4.68 -4.60 5.41
N LYS B 63 2.10 -0.21 10.46
CA LYS B 63 11.02 -0.66 9.13
CA LYS B 63 -8.98 -6.41 -1.48
CA LYS B 63 3.55 -3.71 5.57
CA LYS B 63 2.89 -0.35 11.66
C LYS B 63 11.10 0.64 8.33
C LYS B 63 -9.61 -5.03 -1.33
C LYS B 63 3.59 -2.63 4.50
C LYS B 63 3.92 0.77 11.73
N GLU B 64 11.05 0.44 7.00
N GLU B 64 -10.91 -5.09 -1.04
N GLU B 64 2.36 -2.31 4.04
N GLU B 64 4.11 1.22 12.97
CA GLU B 64 11.10 1.47 6.01
CA GLU B 64 -11.78 -3.96 -0.82
CA GLU B 64 2.09 -1.32 3.03
CA GLU B 64 5.03 2.27 13.35
C GLU B 64 12.36 2.26 5.85
C GLU B 64 -12.05 -3.06 -1.99
C GLU B 64 2.55 -1.59 1.63
C GLU B 64 4.75 3.66 12.86
N SER B 65 13.44 1.67 6.37
N SER B 65 -11.82 -3.60 -3.18
N SER B 65 2.82 -2.86 1.37
N SER B 65 3.49 3.87 12.49
CA SER B 65 14.80 2.21 6.23
CA SER B 65 -12.12 -2.94 -4.45
CA SER B 65 3.19 -3.36 0.04
CA SER B 65 2.98 5.19 12.09
C SER B 65 15.22 2.02 4.76
C SER B 65 -13.66 -2.94 -4.60
C SER B 65 1.91 -3.30 -0.84
C SER B 65 2.88 6.05 13.37
N THR B 66 16.20 2.77 4.32
N THR B 66 -14.17 -2.06 -5.43
N THR B 66 2.08 -3.30 -2.14
N THR B 66 2.84 7.34 13.21
CA THR B 66 16.76 2.63 2.98
CA THR B 66 -15.61 -2.00 -5.73
CA THR B 66 0.96 -3.33 -3.09
CA THR B 66 2.68 8.28 14.33
C THR B 66 18.24 2.28 3.09
C THR B 66 -15.80 -2.23 -7.23
C THR B 66 1.09 -4.60 -3.93
C THR B 66 1.40 9.08 14.10
N LEU B 67 18.67 1.20 2.43
N LEU B 67 -16.65 -3.20 -7.61
N LEU B 67 0.03 -5.40 -4.00
N LEU B 67 0.49 9.10 15.09
CA LEU B 67 20.10 0.86 2.42
CA LEU B 67 -16.96 -3.40 -9.02
CA LEU B 67 0.03 -6.57 -4.88
CA LEU B 67 -0.71 9.94 14.98
C LEU B 67 20.62 1.30 1.03
C LEU B 67 -18.36 -2.78 -9.25
C LEU B 67 -0.82 -6.19 -6.11
C LEU B 67 -0.44 11.16 15.88
N HIS B 68 21.86 1.58 0.91
N HIS B 68 -18.65 -2.38 -10.42
N HIS B 68 -0.59 -6.79 -7.22
N HIS B 68 -1.07 12.25 15.61
CA HIS B 68 22.41 1.95 -0.41
CA HIS B 68 -20.00 -1.82 -10.69
CA HIS B 68 -1.42 -6.47 -8.41
CA HIS B 68 -0.87 13.44 16.48
C HIS B 68 23.21 0.74 -0.89
C HIS B 68 -20.76 -2.90 -11.45
C HIS B 68 -2.36 -7.66 -8.59
C HIS B 68 -2.15 13.57 17.30
N LEU B 69 23.04 0.38 -2.15
N LEU B 69 -22.01 -3.13 -11.07
N LEU B 69 -3.62 -7.39 -8.84
N LEU B 69 -2.01 13.82 18.59
CA LEU B 69 23.79 -0.71 -2.75
CA LEU B 69 -22.86 -4.08 -11.77
CA LEU B 69 -4.60 -8.44 -9.11
CA LEU B 69 -3.15 14.03 19.48
C LEU B 69 24.83 -0.20 -3.71
C LEU B 69 -23.92 -3.39 -12.58
C LEU B 69 -4.98 -8.48 -10.57
C LEU B 69 -3.28 15.47 19.86
N VAL B 70 26.08 -0.39 -3.46
N VAL B 70 -23.92 -3.50 -13.86
N VAL B 70 -4.70 -9.52 -11.27
N VAL B 70 -4.32 16.15 19.49
CA VAL B 70 27.15 0.00 -4.43
CA VAL B 70 -25.01 -2.91 -14.69
CA VAL B 70 -5.15 -9.65 -12.69
CA VAL B 70 -4.54 17.54 19.94
C VAL B 70 27.65 -1.34 -4.98
C VAL B 70 -25.79 -4.14 -15.18
C VAL B 70 -6.25 -10.72 -12.62
C VAL B 70 -5.70 17.42 20.94
N LEU B 71 27.92 -1.41 -6.26
N LEU B 71 -27.11 -4.05 -15.20
N LEU B 71 -7.32 -10.53 -13.36
N LEU B 71 -5.65 18.16 22.03
CA LEU B 71 28.44 -2.65 -6.86
CA LEU B 71 -27.93 -5.18 -15.69
CA LEU B 71 -8.42 -11.53 -13.38
CA LEU B 71 -6.74 18.12 23.03
C LEU B 71 29.95 -2.59 -6.95
C LEU B 71 -28.29 -4.97 -17.14
C LEU B 71 -8.24 -12.45 -14.55
C LEU B 71 -7.68 19.27 22.79
N MET A 1 6.38 18.40 -20.67
CA MET A 1 5.74 19.56 -20.05
C MET A 1 6.28 19.67 -18.60
N GLN A 2 6.34 20.88 -18.14
CA GLN A 2 6.81 21.11 -16.74
C GLN A 2 5.61 21.10 -15.81
N ILE A 3 5.80 20.45 -14.66
CA ILE A 3 4.77 20.47 -13.61
C ILE A 3 5.53 20.83 -12.30
N PHE A 4 4.75 21.23 -11.33
CA PHE A 4 5.40 21.59 -10.01
C PHE A 4 4.91 20.64 -8.96
N VAL A 5 5.74 20.16 -8.03
CA VAL A 5 5.27 19.32 -6.95
C VAL A 5 5.58 20.10 -5.65
N LYS A 6 4.57 20.50 -4.95
CA LYS A 6 4.78 21.30 -3.70
C LYS A 6 4.77 20.35 -2.53
N THR A 7 5.82 20.41 -1.68
CA THR A 7 5.88 19.52 -0.51
C THR A 7 5.42 20.27 0.74
N LEU A 8 5.24 19.58 1.84
CA LEU A 8 4.74 20.24 3.07
C LEU A 8 5.81 21.08 3.74
N THR A 9 7.06 21.03 3.24
CA THR A 9 8.08 21.90 3.94
C THR A 9 8.35 23.16 3.18
N GLY A 10 7.52 23.50 2.24
CA GLY A 10 7.67 24.69 1.43
C GLY A 10 8.68 24.63 0.33
N LYS A 11 9.10 23.43 0.00
CA LYS A 11 10.01 23.21 -1.12
C LYS A 11 9.11 22.84 -2.31
N THR A 12 9.42 23.38 -3.48
CA THR A 12 8.62 22.98 -4.66
C THR A 12 9.61 22.35 -5.64
N ILE A 13 9.25 21.19 -6.17
CA ILE A 13 10.23 20.60 -7.13
C ILE A 13 9.65 20.67 -8.52
N THR A 14 10.47 20.94 -9.51
CA THR A 14 9.89 20.97 -10.89
C THR A 14 10.25 19.66 -11.57
N LEU A 15 9.33 19.09 -12.33
CA LEU A 15 9.58 17.83 -13.01
C LEU A 15 9.25 18.02 -14.49
N GLU A 16 9.89 17.22 -15.31
CA GLU A 16 9.51 17.26 -16.76
C GLU A 16 8.85 15.92 -17.00
N VAL A 17 7.60 16.03 -17.42
CA VAL A 17 6.77 14.86 -17.67
C VAL A 17 5.93 15.04 -18.95
N GLU A 18 5.32 13.93 -19.31
CA GLU A 18 4.37 13.84 -20.41
C GLU A 18 3.06 13.38 -19.82
N PRO A 19 1.95 13.87 -20.34
CA PRO A 19 0.61 13.47 -19.90
C PRO A 19 0.43 11.98 -19.97
N SER A 20 1.19 11.31 -20.81
CA SER A 20 1.03 9.85 -20.98
C SER A 20 1.72 9.11 -19.87
N ASP A 21 2.49 9.83 -19.05
CA ASP A 21 3.19 9.10 -17.96
C ASP A 21 2.21 8.63 -16.92
N THR A 22 2.51 7.52 -16.30
CA THR A 22 1.71 6.99 -15.21
C THR A 22 2.16 7.68 -13.91
N ILE A 23 1.25 7.61 -12.94
CA ILE A 23 1.52 8.13 -11.60
C ILE A 23 2.72 7.40 -10.98
N GLU A 24 2.80 6.12 -11.24
CA GLU A 24 3.98 5.32 -10.73
C GLU A 24 5.27 5.90 -11.23
N CYS A 25 5.30 6.34 -12.52
CA CYS A 25 6.50 6.91 -13.13
C CYS A 25 6.85 8.24 -12.50
N VAL A 26 5.82 9.05 -12.28
CA VAL A 26 6.04 10.34 -11.65
C VAL A 26 6.71 10.15 -10.29
N LYS A 27 6.18 9.20 -9.52
CA LYS A 27 6.74 8.92 -8.19
C LYS A 27 8.19 8.48 -8.29
N ALA A 28 8.54 7.70 -9.30
CA ALA A 28 9.92 7.29 -9.53
C ALA A 28 10.80 8.47 -9.89
N LYS A 29 10.31 9.43 -10.66
CA LYS A 29 11.09 10.64 -10.97
C LYS A 29 11.35 11.47 -9.69
N ILE A 30 10.35 11.49 -8.81
CA ILE A 30 10.50 12.25 -7.55
C ILE A 30 11.53 11.50 -6.70
N GLN A 31 11.49 10.19 -6.69
CA GLN A 31 12.50 9.45 -5.86
C GLN A 31 13.90 9.76 -6.40
N ASP A 32 14.01 9.63 -7.70
CA ASP A 32 15.30 9.91 -8.37
C ASP A 32 15.83 11.29 -8.03
N LYS A 33 14.94 12.30 -7.98
CA LYS A 33 15.50 13.66 -7.74
C LYS A 33 15.53 14.13 -6.33
N GLU A 34 14.74 13.67 -5.41
CA GLU A 34 14.73 14.09 -4.02
C GLU A 34 14.92 12.96 -3.04
N GLY A 35 14.94 11.73 -3.52
CA GLY A 35 15.18 10.58 -2.69
C GLY A 35 14.07 10.02 -1.89
N ILE A 36 12.84 10.55 -2.06
CA ILE A 36 11.72 10.01 -1.29
C ILE A 36 11.20 8.72 -1.91
N PRO A 37 11.15 7.65 -1.13
CA PRO A 37 10.64 6.34 -1.58
C PRO A 37 9.21 6.46 -2.09
N PRO A 38 8.88 5.84 -3.19
CA PRO A 38 7.51 5.95 -3.73
C PRO A 38 6.45 5.52 -2.76
N ASP A 39 6.74 4.57 -1.90
CA ASP A 39 5.72 4.05 -0.95
C ASP A 39 5.34 5.08 0.11
N GLN A 40 6.16 6.11 0.23
CA GLN A 40 5.83 7.18 1.22
C GLN A 40 5.08 8.36 0.58
N GLN A 41 5.02 8.40 -0.74
CA GLN A 41 4.40 9.48 -1.46
C GLN A 41 2.90 9.36 -1.66
N ARG A 42 2.21 10.46 -1.32
CA ARG A 42 0.75 10.57 -1.60
C ARG A 42 0.62 11.80 -2.48
N LEU A 43 0.18 11.67 -3.73
CA LEU A 43 0.09 12.84 -4.63
C LEU A 43 -1.35 13.30 -4.76
N ILE A 44 -1.57 14.59 -4.57
CA ILE A 44 -2.91 15.19 -4.61
C ILE A 44 -3.02 16.28 -5.66
N PHE A 45 -4.11 16.19 -6.46
CA PHE A 45 -4.39 17.20 -7.50
C PHE A 45 -5.92 17.33 -7.53
N ALA A 46 -6.32 18.58 -7.46
CA ALA A 46 -7.74 18.98 -7.52
C ALA A 46 -8.59 18.14 -6.58
N GLY A 47 -8.08 17.99 -5.40
CA GLY A 47 -8.62 17.24 -4.29
C GLY A 47 -8.80 15.76 -4.47
N CYS A 48 -8.13 15.15 -5.41
CA CYS A 48 -8.12 13.71 -5.63
C CYS A 48 -6.78 13.12 -5.25
N GLN A 49 -6.74 11.97 -4.70
CA GLN A 49 -5.43 11.30 -4.47
C GLN A 49 -5.16 10.55 -5.77
N LEU A 50 -3.98 10.72 -6.33
CA LEU A 50 -3.65 10.11 -7.64
C LEU A 50 -3.29 8.65 -7.46
N GLU A 51 -3.77 7.80 -8.37
CA GLU A 51 -3.53 6.34 -8.25
C GLU A 51 -2.42 5.92 -9.18
N ASP A 52 -1.53 5.06 -8.79
CA ASP A 52 -0.35 4.62 -9.54
C ASP A 52 -0.48 4.20 -10.99
N GLY A 53 -1.50 3.45 -11.32
CA GLY A 53 -1.74 2.91 -12.67
C GLY A 53 -2.40 3.82 -13.65
N ARG A 54 -2.89 4.98 -13.21
CA ARG A 54 -3.49 5.96 -14.13
C ARG A 54 -2.37 6.83 -14.68
N THR A 55 -2.66 7.57 -15.72
CA THR A 55 -1.72 8.53 -16.36
C THR A 55 -2.16 9.94 -15.93
N LEU A 56 -1.27 10.90 -16.12
CA LEU A 56 -1.55 12.31 -15.83
C LEU A 56 -2.72 12.75 -16.70
N SER A 57 -2.80 12.25 -17.95
CA SER A 57 -3.93 12.69 -18.80
C SER A 57 -5.26 12.26 -18.24
N ASP A 58 -5.29 11.15 -17.53
CA ASP A 58 -6.56 10.64 -16.93
C ASP A 58 -7.20 11.71 -16.05
N TYR A 59 -6.37 12.41 -15.33
CA TYR A 59 -6.76 13.49 -14.42
C TYR A 59 -6.79 14.84 -15.09
N ASN A 60 -6.55 14.98 -16.38
CA ASN A 60 -6.58 16.32 -16.99
C ASN A 60 -5.58 17.25 -16.32
N ILE A 61 -4.36 16.77 -16.10
CA ILE A 61 -3.28 17.62 -15.54
C ILE A 61 -2.59 18.28 -16.73
N GLN A 62 -2.64 19.57 -16.85
CA GLN A 62 -2.07 20.32 -18.00
C GLN A 62 -0.74 20.97 -17.58
N LYS A 63 0.04 21.51 -18.58
CA LYS A 63 1.33 22.10 -18.24
C LYS A 63 1.17 23.16 -17.17
N GLU A 64 2.22 23.18 -16.36
CA GLU A 64 2.37 24.09 -15.26
C GLU A 64 1.44 23.96 -14.10
N SER A 65 0.81 22.79 -14.03
CA SER A 65 -0.07 22.42 -12.91
C SER A 65 0.84 22.18 -11.68
N THR A 66 0.25 22.25 -10.50
CA THR A 66 0.96 21.97 -9.25
C THR A 66 0.29 20.77 -8.56
N LEU A 67 1.06 19.74 -8.22
CA LEU A 67 0.49 18.62 -7.46
C LEU A 67 0.98 18.81 -6.00
N HIS A 68 0.26 18.31 -5.06
CA HIS A 68 0.72 18.43 -3.66
C HIS A 68 1.24 17.05 -3.26
N LEU A 69 2.38 17.02 -2.60
CA LEU A 69 2.96 15.77 -2.10
C LEU A 69 2.83 15.67 -0.60
N VAL A 70 2.10 14.73 -0.09
CA VAL A 70 2.03 14.52 1.38
C VAL A 70 2.81 13.21 1.60
N LEU A 71 3.60 13.15 2.65
CA LEU A 71 4.36 11.93 2.95
C LEU A 71 3.61 11.09 3.95
N ARG A 72 3.71 9.77 3.79
N ARG A 72 3.50 9.81 3.70
N ARG A 72 3.57 9.80 3.75
N ARG A 72 3.51 9.79 3.69
CA ARG A 72 3.15 8.78 4.73
CA ARG A 72 2.75 8.91 4.61
CA ARG A 72 2.87 8.89 4.69
CA ARG A 72 2.81 8.84 4.57
C ARG A 72 1.69 8.59 4.30
C ARG A 72 2.79 7.53 3.96
C ARG A 72 3.39 9.27 6.08
C ARG A 72 2.49 7.64 3.69
N LEU A 73 0.81 8.17 5.14
N LEU A 73 2.48 6.48 4.63
N LEU A 73 2.59 9.32 7.10
N LEU A 73 1.61 6.76 4.05
CA LEU A 73 -0.59 7.97 4.71
CA LEU A 73 2.54 5.14 3.98
CA LEU A 73 3.11 9.69 8.43
CA LEU A 73 1.32 5.59 3.19
C LEU A 73 -0.64 6.93 3.59
C LEU A 73 1.36 4.96 3.04
C LEU A 73 4.16 8.68 8.88
C LEU A 73 2.44 4.56 3.32
N ARG A 74 -1.34 5.85 3.89
N ARG A 74 0.36 4.28 3.58
N ARG A 74 3.83 7.42 8.64
N ARG A 74 2.88 4.41 4.57
CA ARG A 74 -1.50 4.72 2.97
CA ARG A 74 -0.88 3.99 2.83
CA ARG A 74 4.70 6.30 9.01
CA ARG A 74 3.96 3.47 4.90
C ARG A 74 -0.19 3.95 2.90
C ARG A 74 -0.69 2.68 2.06
C ARG A 74 4.21 5.04 8.30
C ARG A 74 3.52 2.65 6.12
N GLY A 75 0.39 3.74 4.07
N GLY A 75 -1.83 2.06 1.77
N GLY A 75 5.09 4.04 8.28
N GLY A 75 3.64 1.34 5.96
CA GLY A 75 1.66 3.03 4.23
CA GLY A 75 -1.88 0.78 1.05
CA GLY A 75 4.82 2.76 7.65
CA GLY A 75 3.27 0.38 6.99
C GLY A 75 2.45 3.41 5.46
C GLY A 75 -3.26 0.34 0.61
C GLY A 75 4.25 1.69 8.57
C GLY A 75 3.84 -1.01 6.81
N GLY A 76 3.52 2.65 5.65
N GLY A 76 -3.26 -0.81 -0.05
N GLY A 76 3.84 2.15 9.73
N GLY A 76 3.56 -1.84 7.80
CA GLY A 76 4.47 2.81 6.76
CA GLY A 76 -4.47 -1.46 -0.56
CA GLY A 76 3.24 1.34 10.79
CA GLY A 76 3.99 -3.24 7.86
C GLY A 76 4.79 1.42 7.34
C GLY A 76 -4.67 -2.78 0.20
C GLY A 76 2.43 0.22 10.15
C GLY A 76 3.92 -3.71 9.33
N MET B 1 9.14 -6.24 7.16
N MET B 1 -9.89 -13.30 -1.98
N MET B 1 -1.97 -7.08 9.18
N MET B 1 -2.84 -3.73 17.49
CA MET B 1 9.18 -4.78 6.94
CA MET B 1 -9.84 -11.85 -1.72
CA MET B 1 -1.24 -6.03 8.43
CA MET B 1 -1.70 -3.23 16.70
C MET B 1 9.84 -4.55 5.56
C MET B 1 -11.29 -11.32 -1.81
C MET B 1 -2.14 -5.64 7.23
C MET B 1 -1.12 -2.02 17.46
N GLN B 2 9.43 -3.48 4.95
N GLN B 2 -11.53 -10.29 -1.06
N GLN B 2 -2.00 -4.40 6.85
N GLN B 2 0.15 -1.85 17.31
CA GLN B 2 10.03 -3.13 3.61
CA GLN B 2 -12.90 -9.67 -1.08
CA GLN B 2 -2.79 -3.92 5.67
CA GLN B 2 0.81 -0.67 17.97
C GLN B 2 11.23 -2.22 3.84
C GLN B 2 -12.91 -8.57 -2.15
C GLN B 2 -1.96 -4.12 4.41
C GLN B 2 0.81 0.51 17.01
N ILE B 3 12.28 -2.49 3.08
N ILE B 3 -14.01 -8.52 -2.89
N ILE B 3 -2.63 -4.58 3.36
N ILE B 3 0.51 1.68 17.55
CA ILE B 3 13.46 -1.60 3.09
CA ILE B 3 -14.23 -7.43 -3.85
CA ILE B 3 -1.99 -4.67 2.04
CA ILE B 3 0.62 2.92 16.76
C ILE B 3 13.79 -1.33 1.58
C ILE B 3 -15.67 -6.91 -3.58
C ILE B 3 -2.97 -4.01 1.03
C ILE B 3 1.43 3.91 17.65
N PHE B 4 14.57 -0.30 1.40
N PHE B 4 -15.90 -5.73 -4.09
N PHE B 4 -2.43 -3.69 -0.11
N PHE B 4 1.91 4.93 16.98
CA PHE B 4 14.95 0.03 -0.03
CA PHE B 4 -17.29 -5.15 -3.89
CA PHE B 4 -3.31 -3.05 -1.16
CA PHE B 4 2.71 5.96 17.76
C PHE B 4 16.43 -0.13 -0.18
C PHE B 4 -17.96 -5.01 -5.23
C PHE B 4 -3.41 -3.96 -2.33
C PHE B 4 1.99 7.27 17.71
N VAL B 5 16.95 -0.66 -1.29
N VAL B 5 -19.24 -5.28 -5.39
N VAL B 5 -4.57 -4.12 -2.98
N VAL B 5 1.93 8.05 18.79
CA VAL B 5 18.38 -0.76 -1.50
CA VAL B 5 -19.93 -5.07 -6.64
CA VAL B 5 -4.67 -4.93 -4.18
CA VAL B 5 1.31 9.36 18.76
C VAL B 5 18.67 0.09 -2.76
C VAL B 5 -21.03 -4.02 -6.33
C VAL B 5 -5.13 -3.96 -5.29
C VAL B 5 2.44 10.37 19.10
N LYS B 6 19.38 1.15 -2.61
N LYS B 6 -20.93 -2.87 -6.90
N LYS B 6 -4.30 -3.74 -6.26
N LYS B 6 2.80 11.18 18.17
CA LYS B 6 19.67 2.05 -3.78
CA LYS B 6 -21.94 -1.79 -6.62
CA LYS B 6 -4.64 -2.78 -7.36
CA LYS B 6 3.93 12.16 18.41
C LYS B 6 21.01 1.65 -4.35
C LYS B 6 -22.98 -1.84 -7.71
C LYS B 6 -5.22 -3.57 -8.50
C LYS B 6 3.32 13.46 18.85
N THR B 7 21.06 1.40 -5.67
N THR B 7 -24.27 -1.92 -7.32
N THR B 7 -6.42 -3.17 -8.99
N THR B 7 3.79 14.01 20.00
CA THR B 7 22.33 1.01 -6.30
CA THR B 7 -25.34 -1.96 -8.32
CA THR B 7 -7.04 -3.89 -10.10
CA THR B 7 3.25 15.29 20.49
C THR B 7 22.95 2.23 -6.99
C THR B 7 -25.95 -0.56 -8.48
C THR B 7 -6.78 -3.13 -11.40
C THR B 7 4.20 16.42 20.10
N LEU B 8 24.18 2.12 -7.44
N LEU B 8 -26.80 -0.37 -9.46
N LEU B 8 -7.11 -3.72 -12.54
N LEU B 8 3.79 17.66 20.28
CA LEU B 8 24.86 3.27 -8.08
CA LEU B 8 -27.39 0.97 -9.71
CA LEU B 8 -6.85 -3.07 -13.84
CA LEU B 8 4.63 18.81 19.89
C LEU B 8 24.33 3.58 -9.46
C LEU B 8 -28.45 1.33 -8.68
C LEU B 8 -7.80 -1.92 -14.12
C LEU B 8 5.81 19.02 20.83
N THR B 9 23.45 2.72 -9.99
N THR B 9 -28.81 0.39 -7.79
N THR B 9 -8.82 -1.73 -13.27
N THR B 9 5.86 18.26 21.94
CA THR B 9 22.95 3.07 -11.37
CA THR B 9 -29.86 0.79 -6.80
CA THR B 9 -9.73 -0.58 -13.58
CA THR B 9 7.05 18.50 22.82
C THR B 9 21.58 3.68 -11.33
C THR B 9 -29.26 1.12 -5.46
C THR B 9 -9.44 0.62 -12.73
C THR B 9 8.11 17.45 22.65
N GLY B 10 21.13 4.11 -10.20
N GLY B 10 -27.98 1.30 -5.39
N GLY B 10 -8.32 0.65 -12.09
N GLY B 10 8.04 16.69 21.60
CA GLY B 10 19.84 4.74 -10.02
CA GLY B 10 -27.27 1.63 -4.18
CA GLY B 10 -7.91 1.74 -11.23
CA GLY B 10 8.99 15.64 21.30
C GLY B 10 18.66 3.80 -9.98
C GLY B 10 -27.02 0.49 -3.23
C GLY B 10 -8.55 1.80 -9.88
C GLY B 10 8.85 14.37 22.08
N LYS B 11 18.93 2.54 -9.78
N LYS B 11 -27.17 -0.72 -3.72
N LYS B 11 -9.15 0.70 -9.46
N LYS B 11 7.70 14.20 22.70
CA LYS B 11 17.88 1.53 -9.62
CA LYS B 11 -26.85 -1.91 -2.96
CA LYS B 11 -9.72 0.58 -8.13
CA LYS B 11 7.38 12.97 23.42
C LYS B 11 17.71 1.37 -8.10
C LYS B 11 -25.42 -2.30 -3.37
C LYS B 11 -8.64 -0.12 -7.29
C LYS B 11 6.55 12.12 22.42
N THR B 12 16.47 1.27 -7.66
N THR B 12 -24.62 -2.70 -2.39
N THR B 12 -8.45 0.35 -6.07
N THR B 12 6.83 10.83 22.37
CA THR B 12 16.27 1.03 -6.21
CA THR B 12 -23.27 -3.15 -2.76
CA THR B 12 -7.47 -0.36 -5.20
CA THR B 12 6.00 9.99 21.49
C THR B 12 15.51 -0.30 -6.11
C THR B 12 -23.16 -4.60 -2.27
C THR B 12 -8.26 -0.83 -3.98
C THR B 12 5.35 8.95 22.40
N ILE B 13 15.99 -1.18 -5.25
N ILE B 13 -22.68 -5.48 -3.16
N ILE B 13 -8.08 -2.11 -3.63
N ILE B 13 4.03 8.78 22.25
CA ILE B 13 15.22 -2.46 -5.16
CA ILE B 13 -22.59 -6.89 -2.67
CA ILE B 13 -8.86 -2.55 -2.44
CA ILE B 13 3.41 7.75 23.13
C ILE B 13 14.52 -2.52 -3.83
C ILE B 13 -21.14 -7.25 -2.50
C ILE B 13 -7.90 -2.78 -1.29
C ILE B 13 3.02 6.56 22.31
N THR B 14 13.32 -3.04 -3.80
N THR B 14 -20.82 -7.99 -1.46
N THR B 14 -8.30 -2.43 -0.09
N THR B 14 3.18 5.36 22.84
CA THR B 14 12.64 -3.13 -2.47
CA THR B 14 -19.38 -8.38 -1.33
CA THR B 14 -7.36 -2.69 1.04
CA THR B 14 2.74 4.19 22.03
C THR B 14 12.75 -4.55 -1.98
C THR B 14 -19.22 -9.80 -1.81
C THR B 14 -7.82 -3.93 1.76
C THR B 14 1.41 3.73 22.55
N LEU B 15 13.00 -4.74 -0.69
N LEU B 15 -18.15 -10.11 -2.53
N LEU B 15 -6.92 -4.80 2.17
N LEU B 15 0.49 3.35 21.68
CA LEU B 15 13.15 -6.07 -0.14
CA LEU B 15 -17.93 -11.44 -3.05
CA LEU B 15 -7.27 -6.02 2.86
CA LEU B 15 -0.82 2.90 22.09
C LEU B 15 12.19 -6.20 1.06
C LEU B 15 -16.53 -11.90 -2.61
C LEU B 15 -6.49 -6.08 4.18
C LEU B 15 -1.08 1.53 21.46
N GLU B 16 11.80 -7.42 1.33
N GLU B 16 -16.38 -13.20 -2.52
N GLU B 16 -7.05 -6.80 5.13
N GLU B 16 -1.94 0.77 22.11
CA GLU B 16 10.97 -7.61 2.56
CA GLU B 16 -15.00 -13.70 -2.23
CA GLU B 16 -6.27 -6.99 6.38
CA GLU B 16 -2.33 -0.53 21.46
C GLU B 16 11.88 -8.39 3.49
C GLU B 16 -14.60 -14.40 -3.51
C GLU B 16 -5.93 -8.47 6.37
C GLU B 16 -3.79 -0.32 21.11
N VAL B 17 12.12 -7.76 4.64
N VAL B 17 -13.49 -13.88 -4.04
N VAL B 17 -4.63 -8.71 6.39
N VAL B 17 -4.03 -0.45 19.81
CA VAL B 17 13.01 -8.32 5.65
CA VAL B 17 -12.95 -14.37 -5.30
CA VAL B 17 -4.09 -10.07 6.33
CA VAL B 17 -5.35 -0.25 19.25
C VAL B 17 12.43 -8.12 7.06
C VAL B 17 -11.41 -14.47 -5.24
C VAL B 17 -2.91 -10.23 7.30
C VAL B 17 -5.67 -1.31 18.17
N GLU B 18 13.11 -8.78 7.98
N GLU B 18 -10.92 -15.08 -6.29
N GLU B 18 -2.53 -11.48 7.41
N GLU B 18 -6.92 -1.26 17.80
CA GLU B 18 12.85 -8.67 9.41
CA GLU B 18 -9.48 -15.21 -6.55
CA GLU B 18 -1.36 -11.92 8.17
CA GLU B 18 -7.47 -2.07 16.71
C GLU B 18 14.13 -8.15 10.05
C GLU B 18 -9.22 -14.54 -7.88
C GLU B 18 -0.43 -12.61 7.18
C GLU B 18 -8.01 -1.09 15.67
N PRO B 19 14.01 -7.33 11.07
N PRO B 19 -8.08 -13.89 -8.01
N PRO B 19 0.86 -12.45 7.36
N PRO B 19 -7.89 -1.43 14.40
CA PRO B 19 15.16 -6.80 11.79
CA PRO B 19 -7.69 -13.24 -9.26
CA PRO B 19 1.86 -13.10 6.51
CA PRO B 19 -8.41 -0.62 13.31
C PRO B 19 16.06 -7.90 12.30
C PRO B 19 -7.71 -14.19 -10.44
C PRO B 19 1.67 -14.60 6.46
C PRO B 19 -9.88 -0.32 13.47
N SER B 20 15.51 -9.09 12.49
N SER B 20 -7.58 -15.47 -10.17
N SER B 20 1.05 -15.16 7.48
N SER B 20 -10.59 -1.17 14.20
CA SER B 20 16.32 -10.20 13.04
CA SER B 20 -7.55 -16.47 -11.25
CA SER B 20 0.87 -16.62 7.54
CA SER B 20 -12.04 -0.99 14.37
C SER B 20 17.17 -10.82 11.96
C SER B 20 -8.94 -16.77 -11.75
C SER B 20 -0.29 -17.05 6.67
C SER B 20 -12.33 0.05 15.42
N ASP B 21 16.96 -10.41 10.71
N ASP B 21 -9.96 -16.26 -11.05
N ASP B 21 -1.05 -16.09 6.15
N ASP B 21 -11.30 0.50 16.13
CA ASP B 21 17.77 -11.04 9.63
CA ASP B 21 -11.33 -16.57 -11.51
CA ASP B 21 -2.20 -16.51 5.31
CA ASP B 21 -11.57 1.52 17.18
C ASP B 21 19.20 -10.56 9.74
C ASP B 21 -11.62 -15.84 -12.79
C ASP B 21 -1.71 -17.07 4.01
C ASP B 21 -11.93 2.84 16.54
N THR B 22 20.12 -11.42 9.35
N THR B 22 -12.44 -16.44 -13.63
N THR B 22 -2.46 -18.01 3.47
N THR B 22 -12.79 3.59 17.22
CA THR B 22 21.53 -11.08 9.29
CA THR B 22 -12.88 -15.83 -14.87
CA THR B 22 -2.17 -18.59 2.18
CA THR B 22 -13.16 4.92 16.78
C THR B 22 21.81 -10.38 7.95
C THR B 22 -14.09 -14.91 -14.53
C THR B 22 -2.78 -17.66 1.09
C THR B 22 -12.07 5.91 17.28
N ILE B 23 22.93 -9.65 7.96
N ILE B 23 -14.31 -13.99 -15.47
N ILE B 23 -2.24 -17.85 -0.11
N ILE B 23 -12.08 7.06 16.61
CA ILE B 23 23.40 -9.00 6.74
CA ILE B 23 -15.47 -13.10 -15.39
CA ILE B 23 -2.75 -17.13 -1.28
CA ILE B 23 -11.19 8.15 17.00
C ILE B 23 23.69 -10.02 5.65
C ILE B 23 -16.77 -13.90 -15.40
C ILE B 23 -4.22 -17.49 -1.53
C ILE B 23 -11.50 8.61 18.42
N GLU B 24 24.21 -11.16 6.04
N GLU B 24 -16.79 -14.96 -16.19
N GLU B 24 -4.56 -18.74 -1.30
N GLU B 24 -12.78 8.61 18.77
CA GLU B 24 24.47 -12.26 5.05
CA GLU B 24 -18.00 -15.85 -16.23
CA GLU B 24 -5.99 -19.18 -1.45
CA GLU B 24 -13.18 8.99 20.17
C GLU B 24 23.19 -12.64 4.35
C GLU B 24 -18.30 -16.40 -14.85
C GLU B 24 -6.88 -18.36 -0.55
C GLU B 24 -12.51 8.08 21.18
N ASN B 25 22.10 -12.70 5.09
N ASN B 25 -17.27 -16.76 -14.12
N ASN B 25 -6.43 -18.10 0.66
N ASN B 25 -12.42 6.80 20.86
CA ASN B 25 20.77 -13.07 4.58
CA ASN B 25 -17.38 -17.31 -12.76
CA ASN B 25 -7.17 -17.32 1.67
CA ASN B 25 -11.81 5.77 21.71
C ASN B 25 20.25 -12.03 3.57
C ASN B 25 -17.94 -16.28 -11.78
C ASN B 25 -7.36 -15.87 1.23
C ASN B 25 -10.31 6.00 21.88
N VAL B 26 20.42 -10.77 3.96
N VAL B 26 -17.41 -15.08 -11.89
N VAL B 26 -6.29 -15.31 0.72
N VAL B 26 -9.68 6.30 20.76
CA VAL B 26 20.00 -9.67 3.10
CA VAL B 26 -17.86 -13.98 -11.05
CA VAL B 26 -6.32 -13.94 0.22
CA VAL B 26 -8.25 6.59 20.76
C VAL B 26 20.73 -9.77 1.77
C VAL B 26 -19.35 -13.77 -11.25
C VAL B 26 -7.39 -13.82 -0.87
C VAL B 26 -7.96 7.75 21.69
N LYS B 27 22.03 -10.01 1.83
N LYS B 27 -19.77 -13.75 -12.52
N LYS B 27 -7.37 -14.78 -1.79
N LYS B 27 -8.77 8.80 21.56
CA LYS B 27 22.84 -10.12 0.60
CA LYS B 27 -21.19 -13.55 -12.84
CA LYS B 27 -8.34 -14.76 -2.90
CA LYS B 27 -8.59 9.99 22.41
C LYS B 27 22.34 -11.28 -0.26
C LYS B 27 -22.04 -14.65 -12.24
C LYS B 27 -9.76 -14.87 -2.36
C LYS B 27 -8.76 9.64 23.87
N ALA B 28 21.95 -12.38 0.35
N ALA B 28 -21.54 -15.88 -12.24
N ALA B 28 -9.98 -15.64 -1.32
N ALA B 28 -9.69 8.76 24.20
CA ALA B 28 21.39 -13.52 -0.39
CA ALA B 28 -22.26 -17.01 -11.64
CA ALA B 28 -11.30 -15.75 -0.70
CA ALA B 28 -9.88 8.31 25.58
C ALA B 28 20.07 -13.16 -1.03
C ALA B 28 -22.36 -16.85 -10.12
C ALA B 28 -11.71 -14.43 -0.05
C ALA B 28 -8.69 7.52 26.08
N LYS B 29 19.21 -12.39 -0.38
N LYS B 29 -21.33 -16.34 -9.47
N LYS B 29 -10.79 -13.71 0.57
N LYS B 29 -8.06 6.70 25.23
CA LYS B 29 17.95 -11.93 -0.99
CA LYS B 29 -21.39 -16.07 -8.01
CA LYS B 29 -11.11 -12.38 1.14
CA LYS B 29 -6.84 5.97 25.63
C LYS B 29 18.21 -11.04 -2.21
C LYS B 29 -22.44 -15.00 -7.70
C LYS B 29 -11.50 -11.38 0.03
C LYS B 29 -5.68 6.94 25.91
N ILE B 30 19.26 -10.22 -2.10
N ILE B 30 -22.54 -14.00 -8.59
N ILE B 30 -10.83 -11.50 -1.11
N ILE B 30 -5.63 8.02 25.12
CA ILE B 30 19.60 -9.32 -3.22
CA ILE B 30 -23.51 -12.92 -8.37
CA ILE B 30 -11.13 -10.60 -2.23
CA ILE B 30 -4.56 9.01 25.32
C ILE B 30 20.13 -10.20 -4.36
C ILE B 30 -24.91 -13.54 -8.59
C ILE B 30 -12.52 -10.99 -2.75
C ILE B 30 -4.86 9.74 26.63
N GLN B 31 20.91 -11.21 -4.04
N GLN B 31 -25.06 -14.40 -9.56
N GLN B 31 -12.82 -12.26 -2.82
N GLN B 31 -6.11 10.03 26.91
CA GLN B 31 21.42 -12.08 -5.15
CA GLN B 31 -26.41 -15.01 -9.76
CA GLN B 31 -14.18 -12.64 -3.32
CA GLN B 31 -6.41 10.73 28.20
C GLN B 31 20.23 -12.76 -5.85
C GLN B 31 -26.80 -15.81 -8.50
C GLN B 31 -15.25 -12.07 -2.37
C GLN B 31 -5.99 9.82 29.37
N ASP B 32 19.38 -13.30 -5.03
N ASP B 32 -25.85 -16.62 -8.09
N ASP B 32 -15.01 -12.32 -1.10
N ASP B 32 -6.42 8.59 29.27
CA ASP B 32 18.16 -13.98 -5.54
CA ASP B 32 -26.05 -17.45 -6.88
CA ASP B 32 -15.93 -11.82 -0.05
CA ASP B 32 -6.08 7.58 30.29
C ASP B 32 17.36 -13.08 -6.45
C ASP B 32 -26.47 -16.62 -5.69
C ASP B 32 -16.16 -10.32 -0.18
C ASP B 32 -4.59 7.50 30.54
N LYS B 33 17.22 -11.79 -6.07
N LYS B 33 -25.83 -15.44 -5.51
N LYS B 33 -15.09 -9.55 -0.45
N LYS B 33 -3.79 7.54 29.45
CA LYS B 33 16.35 -10.94 -6.94
CA LYS B 33 -26.19 -14.68 -4.27
CA LYS B 33 -15.33 -8.08 -0.47
CA LYS B 33 -2.33 7.36 29.70
C LYS B 33 17.01 -10.16 -8.02
C LYS B 33 -27.26 -13.66 -4.40
C LYS B 33 -15.64 -7.46 -1.79
C LYS B 33 -1.52 8.59 29.89
N GLU B 34 18.27 -9.81 -7.97
N GLU B 34 -27.57 -13.07 -5.53
N GLU B 34 -15.29 -7.99 -2.92
N GLU B 34 -1.87 9.76 29.41
CA GLU B 34 18.97 -9.06 -8.99
CA GLU B 34 -28.60 -12.08 -5.70
CA GLU B 34 -15.58 -7.43 -4.23
CA GLU B 34 -1.12 10.98 29.56
C GLU B 34 20.18 -9.75 -9.54
C GLU B 34 -29.63 -12.44 -6.73
C GLU B 34 -16.33 -8.37 -5.14
C GLU B 34 -1.91 12.10 30.20
N GLY B 35 20.57 -10.88 -8.95
N GLY B 35 -29.44 -13.53 -7.44
N GLY B 35 -16.53 -9.62 -4.72
N GLY B 35 -3.19 11.90 30.42
CA GLY B 35 21.67 -11.67 -9.43
CA GLY B 35 -30.38 -14.02 -8.41
CA GLY B 35 -17.28 -10.57 -5.47
CA GLY B 35 -4.03 12.87 31.08
C GLY B 35 23.04 -11.27 -9.06
C GLY B 35 -30.41 -13.42 -9.76
C GLY B 35 -16.63 -11.29 -6.59
C GLY B 35 -4.57 14.00 30.30
N ILE B 36 23.19 -10.25 -8.19
N ILE B 36 -29.47 -12.50 -10.05
N ILE B 36 -15.32 -11.08 -6.78
N ILE B 36 -4.33 14.01 28.98
CA ILE B 36 24.55 -9.84 -7.80
CA ILE B 36 -29.48 -11.89 -11.39
CA ILE B 36 -14.64 -11.79 -7.89
CA ILE B 36 -4.87 15.13 28.18
C ILE B 36 25.11 -10.77 -6.73
C ILE B 36 -28.85 -12.81 -12.42
C ILE B 36 -14.32 -13.22 -7.50
C ILE B 36 -6.34 14.94 27.88
N PRO B 37 26.28 -11.35 -6.99
N PRO B 37 -29.58 -13.10 -13.48
N PRO B 37 -14.78 -14.17 -8.30
N PRO B 37 -7.17 15.91 28.22
CA PRO B 37 26.96 -12.24 -6.03
CA PRO B 37 -29.09 -13.96 -14.58
CA PRO B 37 -14.51 -15.61 -8.07
CA PRO B 37 -8.62 15.88 27.97
C PRO B 37 27.20 -11.53 -4.72
C PRO B 37 -27.82 -13.39 -15.17
C PRO B 37 -13.02 -15.87 -8.02
C PRO B 37 -8.90 15.70 26.48
N PRO B 38 26.98 -12.18 -3.60
N PRO B 38 -26.82 -14.21 -15.45
N PRO B 38 -12.56 -16.68 -7.10
N PRO B 38 -9.84 14.87 26.12
CA PRO B 38 27.19 -11.53 -2.30
CA PRO B 38 -25.56 -13.70 -16.02
CA PRO B 38 -11.12 -16.96 -7.00
CA PRO B 38 -10.13 14.66 24.69
C PRO B 38 28.59 -11.01 -2.11
C PRO B 38 -25.74 -12.93 -17.31
C PRO B 38 -10.52 -17.53 -8.27
C PRO B 38 -10.50 15.92 23.96
N ASP B 39 29.57 -11.66 -2.68
N ASP B 39 -26.72 -13.30 -18.11
N ASP B 39 -11.29 -18.28 -9.01
N ASP B 39 -11.13 16.86 24.63
CA ASP B 39 30.98 -11.23 -2.49
CA ASP B 39 -26.93 -12.63 -19.42
CA ASP B 39 -10.75 -18.91 -10.26
CA ASP B 39 -11.56 18.11 23.96
C ASP B 39 31.28 -9.90 -3.16
C ASP B 39 -27.40 -11.19 -19.26
C ASP B 39 -10.44 -17.89 -11.34
C ASP B 39 -10.39 18.99 23.55
N GLN B 40 30.39 -9.48 -4.04
N GLN B 40 -27.85 -10.83 -18.07
N GLN B 40 -10.96 -16.68 -11.18
N GLN B 40 -9.22 18.71 24.09
CA GLN B 40 30.60 -8.17 -4.71
CA GLN B 40 -28.29 -9.44 -17.83
CA GLN B 40 -10.67 -15.63 -12.19
CA GLN B 40 -8.03 19.50 23.71
C GLN B 40 29.83 -7.03 -4.01
C GLN B 40 -27.18 -8.57 -17.21
C GLN B 40 -9.50 -14.73 -11.76
C GLN B 40 -7.21 18.81 22.60
N GLN B 41 28.96 -7.36 -3.09
N GLN B 41 -26.10 -9.18 -16.78
N GLN B 41 -9.05 -14.85 -10.53
N GLN B 41 -7.52 17.58 22.29
CA GLN B 41 28.13 -6.40 -2.39
CA GLN B 41 -25.01 -8.51 -16.13
CA GLN B 41 -7.99 -14.04 -9.99
CA GLN B 41 -6.80 16.81 21.29
C GLN B 41 28.76 -5.74 -1.19
C GLN B 41 -23.97 -7.89 -17.06
C GLN B 41 -6.58 -14.53 -10.28
C GLN B 41 -7.24 17.01 19.86
N ARG B 42 28.69 -4.42 -1.17
N ARG B 42 -23.69 -6.62 -16.80
N ARG B 42 -5.76 -13.59 -10.77
N ARG B 42 -6.25 17.27 19.01
CA ARG B 42 29.10 -3.62 0.02
CA ARG B 42 -22.57 -5.91 -17.50
CA ARG B 42 -4.30 -13.85 -10.94
CA ARG B 42 -6.48 17.32 17.53
C ARG B 42 27.87 -2.85 0.43
C ARG B 42 -21.65 -5.46 -16.39
C ARG B 42 -3.61 -12.80 -10.12
C ARG B 42 -5.56 16.27 16.95
N LEU B 43 27.30 -3.10 1.62
N LEU B 43 -20.41 -5.95 -16.32
N LEU B 43 -2.88 -13.16 -9.06
N LEU B 43 -6.08 15.21 16.33
CA LEU B 43 26.07 -2.39 2.03
CA LEU B 43 -19.50 -5.57 -15.22
CA LEU B 43 -2.23 -12.14 -8.20
CA LEU B 43 -5.22 14.13 15.80
C LEU B 43 26.39 -1.29 3.03
C LEU B 43 -18.47 -4.57 -15.73
C LEU B 43 -0.74 -12.07 -8.51
C LEU B 43 -5.10 14.26 14.28
N ILE B 44 25.87 -0.10 2.77
N ILE B 44 -18.31 -3.47 -14.99
N ILE B 44 -0.25 -10.84 -8.71
N ILE B 44 -3.86 14.22 13.80
CA ILE B 44 26.13 1.07 3.61
CA ILE B 44 -17.40 -2.39 -15.35
CA ILE B 44 1.13 -10.59 -9.07
CA ILE B 44 -3.56 14.39 12.38
C ILE B 44 24.85 1.68 4.15
C ILE B 44 -16.37 -2.12 -14.27
C ILE B 44 1.82 -9.67 -8.07
C ILE B 44 -2.80 13.18 11.82
N PHE B 45 24.87 1.94 5.48
N PHE B 45 -15.09 -2.03 -14.73
N PHE B 45 3.03 -10.11 -7.63
N PHE B 45 -3.30 12.70 10.66
CA PHE B 45 23.71 2.57 6.16
CA PHE B 45 -13.97 -1.73 -13.82
CA PHE B 45 3.86 -9.31 -6.71
CA PHE B 45 -2.67 11.58 9.95
C PHE B 45 24.33 3.48 7.24
C PHE B 45 -13.00 -0.85 -14.64
C PHE B 45 5.31 -9.55 -7.14
C PHE B 45 -2.84 11.89 8.45
N ALA B 46 23.85 4.70 7.18
N ALA B 46 -12.67 0.25 -14.00
N ALA B 46 5.97 -8.43 -7.29
N ALA B 46 -1.70 11.79 7.79
CA ALA B 46 24.22 5.76 8.14
CA ALA B 46 -11.71 1.23 -14.55
CA ALA B 46 7.41 -8.38 -7.65
CA ALA B 46 -1.61 11.97 6.33
C ALA B 46 25.74 5.83 8.29
C ALA B 46 -12.04 1.57 -15.98
C ALA B 46 7.69 -9.29 -8.83
C ALA B 46 -2.34 13.24 5.90
N GLY B 47 26.40 5.80 7.17
N GLY B 47 -13.31 1.82 -16.20
N GLY B 47 6.85 -9.19 -9.81
N GLY B 47 -2.08 14.29 6.63
CA GLY B 47 27.81 5.84 6.98
CA GLY B 47 -13.95 2.16 -17.43
CA GLY B 47 6.83 -9.91 -11.06
CA GLY B 47 -2.61 15.61 6.51
C GLY B 47 28.63 4.72 7.55
C GLY B 47 -13.89 1.16 -18.55
C GLY B 47 6.68 -11.41 -10.99
C GLY B 47 -4.09 15.79 6.65
N LYS B 48 28.03 3.59 7.82
N LYS B 48 -13.66 -0.09 -18.25
N LYS B 48 6.15 -11.92 -9.92
N LYS B 48 -4.77 14.87 7.29
CA LYS B 48 28.74 2.42 8.34
CA LYS B 48 -13.63 -1.16 -19.26
CA LYS B 48 5.90 -13.36 -9.76
CA LYS B 48 -6.21 14.97 7.52
C LYS B 48 28.65 1.32 7.26
C LYS B 48 -14.80 -2.11 -18.95
C LYS B 48 4.38 -13.56 -9.67
C LYS B 48 -6.41 15.08 9.05
N GLN B 49 29.69 0.55 7.10
N GLN B 49 -15.43 -2.63 -19.96
N GLN B 49 3.87 -14.61 -10.25
N GLN B 49 -7.36 15.87 9.48
CA GLN B 49 29.62 -0.61 6.15
CA GLN B 49 -16.50 -3.65 -19.73
CA GLN B 49 2.42 -14.92 -10.10
CA GLN B 49 -7.68 15.92 10.94
C GLN B 49 29.04 -1.74 7.00
C GLN B 49 -15.73 -4.96 -19.65
C GLN B 49 2.35 -15.72 -8.80
C GLN B 49 -8.67 14.76 11.12
N LEU B 50 28.02 -2.41 6.52
N LEU B 50 -15.98 -5.76 -18.64
N LEU B 50 1.47 -15.35 -7.89
N LEU B 50 -8.44 13.92 12.10
CA LEU B 50 27.33 -3.46 7.29
CA LEU B 50 -15.23 -7.01 -18.43
CA LEU B 50 1.38 -15.99 -6.58
CA LEU B 50 -9.28 12.73 12.33
C LEU B 50 28.13 -4.75 7.25
C LEU B 50 -15.77 -8.10 -19.33
C LEU B 50 0.63 -17.31 -6.69
C LEU B 50 -10.56 13.11 13.05
N GLU B 51 28.23 -5.44 8.38
N GLU B 51 -14.88 -8.90 -19.92
N GLU B 51 1.12 -18.35 -6.00
N GLU B 51 -11.68 12.54 12.63
CA GLU B 51 29.04 -6.68 8.44
CA GLU B 51 -15.32 -9.95 -20.86
CA GLU B 51 0.47 -19.67 -6.09
CA GLU B 51 -12.99 12.91 13.25
C GLU B 51 28.14 -7.88 8.39
C GLU B 51 -15.30 -11.29 -20.18
C GLU B 51 -0.38 -19.92 -4.87
C GLU B 51 -13.41 11.84 14.22
N ASP B 52 28.48 -8.92 7.68
N ASP B 52 -16.26 -12.15 -20.40
N ASP B 52 -1.55 -20.50 -5.00
N ASP B 52 -13.96 12.18 15.36
CA ASP B 52 27.68 -10.12 7.46
CA ASP B 52 -16.43 -13.45 -19.75
CA ASP B 52 -2.52 -20.73 -3.94
CA ASP B 52 -14.35 11.28 16.43
C ASP B 52 27.00 -10.83 8.62
C ASP B 52 -15.26 -14.42 -19.64
C ASP B 52 -2.09 -21.33 -2.61
C ASP B 52 -15.15 10.03 16.15
N GLY B 53 27.69 -10.98 9.73
N GLY B 53 -14.48 -14.56 -20.69
N GLY B 53 -1.24 -22.34 -2.65
N GLY B 53 -16.13 10.11 15.28
CA GLY B 53 27.19 -11.69 10.92
CA GLY B 53 -13.35 -15.50 -20.76
CA GLY B 53 -0.78 -23.06 -1.44
CA GLY B 53 -17.04 9.00 14.94
C GLY B 53 26.32 -10.91 11.84
C GLY B 53 -12.07 -15.02 -20.17
C GLY B 53 0.35 -22.45 -0.69
C GLY B 53 -16.54 8.03 13.91
N ARG B 54 26.18 -9.60 11.65
N ARG B 54 -11.96 -13.75 -19.78
N ARG B 54 0.98 -21.40 -1.22
N ARG B 54 -15.43 8.33 13.25
CA ARG B 54 25.27 -8.77 12.47
CA ARG B 54 -10.75 -13.24 -19.12
CA ARG B 54 2.05 -20.68 -0.51
CA ARG B 54 -14.83 7.39 12.26
C ARG B 54 23.88 -8.86 11.85
C ARG B 54 -10.87 -13.52 -17.63
C ARG B 54 1.40 -19.64 0.40
C ARG B 54 -13.94 6.43 13.02
N THR B 55 22.89 -8.43 12.60
N THR B 55 -9.78 -13.39 -16.92
N THR B 55 2.16 -19.11 1.33
N THR B 55 -13.56 5.35 12.37
CA THR B 55 21.47 -8.38 12.15
CA THR B 55 -9.72 -13.57 -15.45
CA THR B 55 1.72 -18.05 2.25
CA THR B 55 -12.64 4.33 12.93
C THR B 55 21.16 -6.89 11.86
C THR B 55 -9.62 -12.15 -14.84
C THR B 55 2.36 -16.73 1.75
C THR B 55 -11.27 4.54 12.25
N LEU B 56 20.07 -6.68 11.16
N LEU B 56 -9.86 -12.07 -13.55
N LEU B 56 1.85 -15.62 2.24
N LEU B 56 -10.25 3.95 12.83
CA LEU B 56 19.58 -5.32 10.84
CA LEU B 56 -9.74 -10.81 -12.80
CA LEU B 56 2.39 -14.29 1.92
CA LEU B 56 -8.89 4.01 12.28
C LEU B 56 19.28 -4.61 12.16
C LEU B 56 -8.30 -10.34 -12.88
C LEU B 56 3.83 -14.23 2.41
C LEU B 56 -8.90 3.37 10.89
N SER B 57 18.76 -5.35 13.16
N SER B 57 -7.33 -11.28 -12.87
N SER B 57 4.12 -14.87 3.56
N SER B 57 -9.72 2.30 10.72
CA SER B 57 18.46 -4.65 14.43
CA SER B 57 -5.92 -10.83 -12.94
CA SER B 57 5.53 -14.81 4.03
CA SER B 57 -9.73 1.66 9.38
C SER B 57 19.70 -4.10 15.10
C SER B 57 -5.61 -10.13 -14.25
C SER B 57 6.50 -15.47 3.08
C SER B 57 -10.25 2.60 8.30
N ASP B 58 20.83 -4.75 14.89
N ASP B 58 -6.31 -10.51 -15.31
N ASP B 58 6.03 -16.47 2.36
N ASP B 58 -11.12 3.52 8.68
CA ASP B 58 22.12 -4.30 15.48
CA ASP B 58 -6.08 -9.89 -16.64
CA ASP B 58 6.89 -17.20 1.39
CA ASP B 58 -11.70 4.49 7.71
C ASP B 58 22.40 -2.84 15.11
C ASP B 58 -6.26 -8.37 -16.56
C ASP B 58 7.50 -16.22 0.37
C ASP B 58 -10.58 5.26 7.00
N TYR B 59 22.10 -2.51 13.88
N TYR B 59 -7.24 -7.96 -15.81
N TYR B 59 6.70 -15.26 -0.03
N TYR B 59 -9.57 5.60 7.76
CA TYR B 59 22.27 -1.18 13.32
CA TYR B 59 -7.57 -6.56 -15.58
CA TYR B 59 7.09 -14.22 -0.97
CA TYR B 59 -8.40 6.33 7.29
C TYR B 59 21.05 -0.31 13.48
C TYR B 59 -6.85 -5.97 -14.38
C TYR B 59 7.65 -12.99 -0.30
C TYR B 59 -7.29 5.42 6.83
N ASN B 60 20.00 -0.71 14.16
N ASN B 60 -5.96 -6.65 -13.70
N ASN B 60 7.84 -12.95 1.00
N ASN B 60 -7.44 4.12 6.77
CA ASN B 60 18.82 0.18 14.28
CA ASN B 60 -5.28 -6.04 -12.54
CA ASN B 60 8.39 -11.72 1.62
CA ASN B 60 -6.32 3.27 6.31
C ASN B 60 18.28 0.58 12.92
C ASN B 60 -6.29 -5.59 -11.50
C ASN B 60 7.51 -10.52 1.32
C ASN B 60 -5.08 3.47 7.17
N ILE B 61 18.15 -0.38 12.03
N ILE B 61 -7.25 -6.43 -11.19
N ILE B 61 6.20 -10.67 1.47
N ILE B 61 -5.25 3.49 8.47
CA ILE B 61 17.53 -0.12 10.69
CA ILE B 61 -8.24 -6.13 -10.11
CA ILE B 61 5.27 -9.53 1.30
CA ILE B 61 -4.10 3.59 9.42
C ILE B 61 16.03 -0.33 10.86
C ILE B 61 -7.62 -6.66 -8.81
C ILE B 61 5.15 -8.87 2.66
C ILE B 61 -3.65 2.16 9.69
N GLN B 62 15.23 0.68 10.69
N GLN B 62 -7.34 -5.82 -7.87
N GLN B 62 5.55 -7.64 2.81
N GLN B 62 -2.45 1.79 9.31
CA GLN B 62 13.76 0.61 10.90
CA GLN B 62 -6.68 -6.20 -6.59
CA GLN B 62 5.55 -6.91 4.11
CA GLN B 62 -1.94 0.41 9.47
C GLN B 62 13.05 0.55 9.54
C GLN B 62 -7.71 -6.24 -5.46
C GLN B 62 4.38 -5.93 4.14
C GLN B 62 -0.96 0.36 10.65
N LYS B 63 11.75 0.26 9.53
N LYS B 63 -7.34 -6.76 -4.29
N LYS B 63 4.10 -5.34 5.30
N LYS B 63 -0.56 -0.85 11.07
CA LYS B 63 10.99 0.11 8.31
CA LYS B 63 -8.25 -6.90 -3.19
CA LYS B 63 2.97 -4.45 5.46
CA LYS B 63 0.31 -1.02 12.21
C LYS B 63 11.17 1.36 7.45
C LYS B 63 -8.87 -5.55 -2.86
C LYS B 63 3.06 -3.32 4.44
C LYS B 63 1.57 -0.19 12.02
N GLU B 64 11.22 1.07 6.15
N GLU B 64 -10.16 -5.66 -2.50
N GLU B 64 1.87 -2.96 3.96
N GLU B 64 2.01 0.35 13.17
CA GLU B 64 11.38 2.04 5.09
CA GLU B 64 -11.01 -4.55 -2.12
CA GLU B 64 1.63 -1.92 2.99
CA GLU B 64 3.19 1.18 13.31
C GLU B 64 12.68 2.79 5.00
C GLU B 64 -11.37 -3.55 -3.18
C GLU B 64 2.13 -2.14 1.60
C GLU B 64 3.17 2.52 12.65
N SER B 65 13.69 2.23 5.64
N SER B 65 -11.21 -3.98 -4.42
N SER B 65 2.39 -3.40 1.29
N SER B 65 1.97 2.98 12.35
CA SER B 65 15.06 2.73 5.60
CA SER B 65 -11.61 -3.21 -5.60
CA SER B 65 2.78 -3.85 -0.05
CA SER B 65 1.72 4.33 11.81
C SER B 65 15.62 2.45 4.18
C SER B 65 -13.16 -3.20 -5.65
C SER B 65 1.53 -3.73 -0.97
C SER B 65 1.99 5.35 12.95
N THR B 66 16.63 3.16 3.79
N THR B 66 -13.72 -2.26 -6.35
N THR B 66 1.74 -3.67 -2.25
N THR B 66 2.24 6.58 12.61
CA THR B 66 17.31 2.93 2.50
CA THR B 66 -15.18 -2.18 -6.56
CA THR B 66 0.65 -3.64 -3.23
CA THR B 66 2.43 7.65 13.59
C THR B 66 18.77 2.57 2.78
C THR B 66 -15.47 -2.29 -8.05
C THR B 66 0.77 -4.88 -4.13
C THR B 66 1.35 8.71 13.36
N LEU B 67 19.24 1.44 2.24
N LEU B 67 -16.34 -3.22 -8.45
N LEU B 67 -0.31 -5.66 -4.26
N LEU B 67 0.59 9.08 14.40
CA LEU B 67 20.66 1.10 2.37
CA LEU B 67 -16.75 -3.30 -9.86
CA LEU B 67 -0.30 -6.79 -5.19
CA LEU B 67 -0.38 10.16 14.28
C LEU B 67 21.30 1.43 1.01
C LEU B 67 -18.16 -2.67 -9.92
C LEU B 67 -1.12 -6.33 -6.42
C LEU B 67 0.27 11.39 14.95
N HIS B 68 22.56 1.69 0.99
N HIS B 68 -18.55 -2.17 -11.04
N HIS B 68 -0.86 -6.89 -7.55
N HIS B 68 -0.12 12.55 14.57
CA HIS B 68 23.23 1.97 -0.30
CA HIS B 68 -19.90 -1.60 -11.15
CA HIS B 68 -1.65 -6.50 -8.74
CA HIS B 68 0.45 13.75 15.24
C HIS B 68 24.04 0.72 -0.64
C HIS B 68 -20.71 -2.61 -11.97
C HIS B 68 -2.61 -7.67 -9.00
C HIS B 68 -0.67 14.29 16.14
N LEU B 69 23.98 0.28 -1.88
N LEU B 69 -21.93 -2.89 -11.53
N LEU B 69 -3.86 -7.36 -9.28
N LEU B 69 -0.32 14.66 17.36
CA LEU B 69 24.77 -0.85 -2.35
CA LEU B 69 -22.83 -3.79 -12.25
CA LEU B 69 -4.85 -8.37 -9.63
CA LEU B 69 -1.26 15.25 18.30
C LEU B 69 25.90 -0.42 -3.23
C LEU B 69 -23.94 -3.03 -12.91
C LEU B 69 -5.19 -8.34 -11.09
C LEU B 69 -1.01 16.72 18.48
N VAL B 70 27.12 -0.61 -2.86
N VAL B 70 -24.02 -3.02 -14.20
N VAL B 70 -4.91 -9.36 -11.82
N VAL B 70 -1.91 17.57 18.10
CA VAL B 70 28.26 -0.29 -3.75
CA VAL B 70 -25.17 -2.37 -14.89
CA VAL B 70 -5.33 -9.42 -13.26
CA VAL B 70 -1.74 19.03 18.35
C VAL B 70 28.79 -1.67 -4.16
C VAL B 70 -25.99 -3.56 -15.43
C VAL B 70 -6.45 -10.46 -13.27
C VAL B 70 -2.77 19.32 19.46
N LEU B 71 29.18 -1.83 -5.41
N LEU B 71 -27.30 -3.47 -15.36
N LEU B 71 -7.49 -10.22 -14.02
N LEU B 71 -2.41 20.15 20.42
CA LEU B 71 29.72 -3.11 -5.89
CA LEU B 71 -28.16 -4.56 -15.89
CA LEU B 71 -8.60 -11.20 -14.12
CA LEU B 71 -3.36 20.51 21.50
C LEU B 71 31.23 -3.08 -5.85
C LEU B 71 -28.61 -4.22 -17.29
C LEU B 71 -8.42 -12.07 -15.33
C LEU B 71 -4.05 21.81 21.17
N MET A 1 6.38 18.40 -20.67
CA MET A 1 5.74 19.56 -20.05
C MET A 1 6.28 19.67 -18.60
N GLN A 2 6.34 20.88 -18.14
CA GLN A 2 6.81 21.11 -16.74
C GLN A 2 5.61 21.10 -15.81
N ILE A 3 5.80 20.45 -14.66
CA ILE A 3 4.77 20.47 -13.61
C ILE A 3 5.53 20.83 -12.30
N PHE A 4 4.75 21.23 -11.33
CA PHE A 4 5.40 21.59 -10.01
C PHE A 4 4.91 20.64 -8.96
N VAL A 5 5.74 20.16 -8.03
CA VAL A 5 5.27 19.32 -6.95
C VAL A 5 5.58 20.10 -5.65
N LYS A 6 4.57 20.50 -4.95
CA LYS A 6 4.78 21.30 -3.70
C LYS A 6 4.77 20.35 -2.53
N THR A 7 5.82 20.41 -1.68
CA THR A 7 5.88 19.52 -0.51
C THR A 7 5.42 20.27 0.74
N LEU A 8 5.24 19.58 1.84
CA LEU A 8 4.74 20.24 3.07
C LEU A 8 5.81 21.08 3.74
N THR A 9 7.06 21.03 3.24
CA THR A 9 8.08 21.90 3.94
C THR A 9 8.35 23.16 3.18
N GLY A 10 7.52 23.50 2.24
CA GLY A 10 7.67 24.69 1.43
C GLY A 10 8.68 24.63 0.33
N LYS A 11 9.10 23.43 0.00
CA LYS A 11 10.01 23.21 -1.12
C LYS A 11 9.11 22.84 -2.31
N THR A 12 9.42 23.38 -3.48
CA THR A 12 8.62 22.98 -4.66
C THR A 12 9.61 22.35 -5.64
N ILE A 13 9.25 21.19 -6.17
CA ILE A 13 10.23 20.60 -7.13
C ILE A 13 9.65 20.67 -8.52
N THR A 14 10.47 20.94 -9.51
CA THR A 14 9.89 20.97 -10.89
C THR A 14 10.25 19.66 -11.57
N LEU A 15 9.33 19.09 -12.33
CA LEU A 15 9.58 17.83 -13.01
C LEU A 15 9.25 18.02 -14.49
N GLU A 16 9.89 17.22 -15.31
CA GLU A 16 9.51 17.26 -16.76
C GLU A 16 8.85 15.92 -17.00
N VAL A 17 7.60 16.03 -17.42
CA VAL A 17 6.77 14.86 -17.67
C VAL A 17 5.93 15.04 -18.95
N GLU A 18 5.32 13.93 -19.31
CA GLU A 18 4.37 13.84 -20.41
C GLU A 18 3.06 13.38 -19.82
N PRO A 19 1.95 13.87 -20.34
CA PRO A 19 0.61 13.47 -19.90
C PRO A 19 0.43 11.98 -19.97
N SER A 20 1.19 11.31 -20.81
CA SER A 20 1.03 9.85 -20.98
C SER A 20 1.72 9.11 -19.87
N ASP A 21 2.49 9.83 -19.05
CA ASP A 21 3.19 9.10 -17.96
C ASP A 21 2.21 8.63 -16.92
N THR A 22 2.51 7.52 -16.30
CA THR A 22 1.71 6.99 -15.21
C THR A 22 2.16 7.68 -13.91
N ILE A 23 1.25 7.61 -12.94
CA ILE A 23 1.52 8.13 -11.60
C ILE A 23 2.72 7.40 -10.98
N GLU A 24 2.80 6.12 -11.24
CA GLU A 24 3.98 5.32 -10.73
C GLU A 24 5.27 5.90 -11.23
N CYS A 25 5.30 6.34 -12.52
CA CYS A 25 6.50 6.91 -13.13
C CYS A 25 6.85 8.24 -12.50
N VAL A 26 5.82 9.05 -12.28
CA VAL A 26 6.04 10.34 -11.65
C VAL A 26 6.71 10.15 -10.29
N LYS A 27 6.18 9.20 -9.52
CA LYS A 27 6.74 8.92 -8.19
C LYS A 27 8.19 8.48 -8.29
N ALA A 28 8.54 7.70 -9.30
CA ALA A 28 9.92 7.29 -9.53
C ALA A 28 10.80 8.47 -9.89
N LYS A 29 10.31 9.43 -10.66
CA LYS A 29 11.09 10.64 -10.97
C LYS A 29 11.35 11.47 -9.69
N ILE A 30 10.35 11.49 -8.81
CA ILE A 30 10.50 12.25 -7.55
C ILE A 30 11.53 11.50 -6.70
N GLN A 31 11.49 10.19 -6.69
CA GLN A 31 12.50 9.45 -5.86
C GLN A 31 13.90 9.76 -6.40
N ASP A 32 14.01 9.63 -7.70
CA ASP A 32 15.30 9.91 -8.37
C ASP A 32 15.83 11.29 -8.03
N LYS A 33 14.94 12.30 -7.98
CA LYS A 33 15.50 13.66 -7.74
C LYS A 33 15.53 14.13 -6.33
N GLU A 34 14.74 13.67 -5.41
CA GLU A 34 14.73 14.09 -4.02
C GLU A 34 14.92 12.96 -3.04
N GLY A 35 14.94 11.73 -3.52
CA GLY A 35 15.18 10.58 -2.69
C GLY A 35 14.07 10.02 -1.89
N ILE A 36 12.84 10.55 -2.06
CA ILE A 36 11.72 10.01 -1.29
C ILE A 36 11.20 8.72 -1.91
N PRO A 37 11.15 7.65 -1.13
CA PRO A 37 10.64 6.34 -1.58
C PRO A 37 9.21 6.46 -2.09
N PRO A 38 8.88 5.84 -3.19
CA PRO A 38 7.51 5.95 -3.73
C PRO A 38 6.45 5.52 -2.76
N ASP A 39 6.74 4.57 -1.90
CA ASP A 39 5.72 4.05 -0.95
C ASP A 39 5.34 5.08 0.11
N GLN A 40 6.16 6.11 0.23
CA GLN A 40 5.83 7.18 1.22
C GLN A 40 5.08 8.36 0.58
N GLN A 41 5.02 8.40 -0.74
CA GLN A 41 4.40 9.48 -1.46
C GLN A 41 2.90 9.36 -1.66
N ARG A 42 2.21 10.46 -1.32
CA ARG A 42 0.75 10.57 -1.60
C ARG A 42 0.62 11.80 -2.48
N LEU A 43 0.18 11.67 -3.73
CA LEU A 43 0.09 12.84 -4.63
C LEU A 43 -1.35 13.30 -4.76
N ILE A 44 -1.57 14.59 -4.57
CA ILE A 44 -2.91 15.19 -4.61
C ILE A 44 -3.02 16.28 -5.66
N PHE A 45 -4.11 16.19 -6.46
CA PHE A 45 -4.39 17.20 -7.50
C PHE A 45 -5.92 17.33 -7.53
N ALA A 46 -6.32 18.58 -7.46
CA ALA A 46 -7.74 18.98 -7.52
C ALA A 46 -8.59 18.14 -6.58
N GLY A 47 -8.08 17.99 -5.40
CA GLY A 47 -8.62 17.24 -4.29
C GLY A 47 -8.80 15.76 -4.47
N CYS A 48 -8.13 15.15 -5.41
CA CYS A 48 -8.12 13.71 -5.63
C CYS A 48 -6.78 13.12 -5.25
N GLN A 49 -6.74 11.97 -4.70
CA GLN A 49 -5.43 11.30 -4.47
C GLN A 49 -5.16 10.55 -5.77
N LEU A 50 -3.98 10.72 -6.33
CA LEU A 50 -3.65 10.11 -7.64
C LEU A 50 -3.29 8.65 -7.46
N GLU A 51 -3.77 7.80 -8.37
CA GLU A 51 -3.53 6.34 -8.25
C GLU A 51 -2.42 5.92 -9.18
N ASP A 52 -1.53 5.06 -8.79
CA ASP A 52 -0.35 4.62 -9.54
C ASP A 52 -0.48 4.20 -10.99
N GLY A 53 -1.50 3.45 -11.32
CA GLY A 53 -1.74 2.91 -12.67
C GLY A 53 -2.40 3.82 -13.65
N ARG A 54 -2.89 4.98 -13.21
CA ARG A 54 -3.49 5.96 -14.13
C ARG A 54 -2.37 6.83 -14.68
N THR A 55 -2.66 7.57 -15.72
CA THR A 55 -1.72 8.53 -16.36
C THR A 55 -2.16 9.94 -15.93
N LEU A 56 -1.27 10.90 -16.12
CA LEU A 56 -1.55 12.31 -15.83
C LEU A 56 -2.72 12.75 -16.70
N SER A 57 -2.80 12.25 -17.95
CA SER A 57 -3.93 12.69 -18.80
C SER A 57 -5.26 12.26 -18.24
N ASP A 58 -5.29 11.15 -17.53
CA ASP A 58 -6.56 10.64 -16.93
C ASP A 58 -7.20 11.71 -16.05
N TYR A 59 -6.37 12.41 -15.33
CA TYR A 59 -6.76 13.49 -14.42
C TYR A 59 -6.79 14.84 -15.09
N ASN A 60 -6.55 14.98 -16.38
CA ASN A 60 -6.58 16.32 -16.99
C ASN A 60 -5.58 17.25 -16.32
N ILE A 61 -4.36 16.77 -16.10
CA ILE A 61 -3.28 17.62 -15.54
C ILE A 61 -2.59 18.28 -16.73
N GLN A 62 -2.64 19.57 -16.85
CA GLN A 62 -2.07 20.32 -18.00
C GLN A 62 -0.74 20.97 -17.58
N LYS A 63 0.04 21.51 -18.58
CA LYS A 63 1.33 22.10 -18.24
C LYS A 63 1.17 23.16 -17.17
N GLU A 64 2.22 23.18 -16.36
CA GLU A 64 2.37 24.09 -15.26
C GLU A 64 1.44 23.96 -14.10
N SER A 65 0.81 22.79 -14.03
CA SER A 65 -0.07 22.42 -12.91
C SER A 65 0.84 22.18 -11.68
N THR A 66 0.25 22.25 -10.50
CA THR A 66 0.96 21.97 -9.25
C THR A 66 0.29 20.77 -8.56
N LEU A 67 1.06 19.74 -8.22
CA LEU A 67 0.49 18.62 -7.46
C LEU A 67 0.98 18.81 -6.00
N HIS A 68 0.26 18.31 -5.06
CA HIS A 68 0.72 18.43 -3.66
C HIS A 68 1.24 17.05 -3.26
N LEU A 69 2.38 17.02 -2.60
CA LEU A 69 2.96 15.77 -2.10
C LEU A 69 2.83 15.67 -0.60
N VAL A 70 2.10 14.73 -0.09
CA VAL A 70 2.03 14.52 1.38
C VAL A 70 2.81 13.21 1.60
N LEU A 71 3.60 13.15 2.65
CA LEU A 71 4.36 11.93 2.95
C LEU A 71 3.61 11.09 3.95
N ARG A 72 3.56 9.80 3.74
N ARG A 72 3.48 9.79 3.75
N ARG A 72 3.57 9.79 3.72
N ARG A 72 3.51 9.79 3.71
CA ARG A 72 2.84 8.90 4.68
CA ARG A 72 2.74 8.96 4.72
CA ARG A 72 2.90 8.80 4.59
CA ARG A 72 2.79 8.88 4.62
C ARG A 72 3.79 7.73 4.92
C ARG A 72 2.83 7.53 4.19
C ARG A 72 1.67 9.53 5.14
C ARG A 72 2.49 7.63 3.80
N LEU A 73 3.56 6.88 5.87
N LEU A 73 2.50 6.53 4.94
N LEU A 73 1.24 9.28 6.33
N LEU A 73 1.62 6.76 4.19
CA LEU A 73 4.50 5.75 6.09
CA LEU A 73 2.61 5.15 4.41
CA LEU A 73 0.05 9.98 6.85
CA LEU A 73 1.35 5.56 3.37
C LEU A 73 3.75 4.56 6.67
C LEU A 73 1.23 4.57 4.16
C LEU A 73 -0.08 9.76 8.35
C LEU A 73 2.52 4.59 3.48
N ARG A 74 3.96 3.43 6.03
N ARG A 74 1.10 4.03 2.95
N ARG A 74 0.88 9.00 8.86
N ARG A 74 3.36 4.88 4.46
CA ARG A 74 3.32 2.17 6.44
CA ARG A 74 -0.17 3.43 2.50
CA ARG A 74 0.94 8.67 10.29
CA ARG A 74 4.56 4.07 4.72
C ARG A 74 3.79 1.79 7.83
C ARG A 74 -0.17 1.95 2.85
C ARG A 74 -0.03 7.52 10.57
C ARG A 74 4.15 2.77 5.40
N GLY A 75 2.85 1.33 8.64
N GLY A 75 -1.37 1.40 3.01
N GLY A 75 0.52 6.31 10.56
N GLY A 75 5.00 1.76 5.25
CA GLY A 75 3.09 0.93 10.02
CA GLY A 75 -1.59 0.01 3.35
CA GLY A 75 -0.23 5.08 10.80
CA GLY A 75 4.78 0.44 5.81
C GLY A 75 3.92 -0.33 10.18
C GLY A 75 -2.00 -0.88 2.20
C GLY A 75 0.61 3.83 10.87
C GLY A 75 5.12 0.30 7.28
N GLY A 76 4.48 -0.46 11.37
N GLY A 76 -2.67 -1.95 2.58
N GLY A 76 -0.09 2.74 11.16
N GLY A 76 4.78 -0.86 7.80
CA GLY A 76 5.30 -1.59 11.79
CA GLY A 76 -3.21 -2.97 1.66
CA GLY A 76 0.48 1.39 11.28
CA GLY A 76 5.01 -1.26 9.20
C GLY A 76 6.78 -1.18 11.66
C GLY A 76 -4.30 -3.76 2.39
C GLY A 76 0.17 0.62 9.98
C GLY A 76 3.77 -2.01 9.71
N MET B 1 10.84 -7.58 7.85
N MET B 1 -9.77 -12.91 -0.68
N MET B 1 -2.15 -6.96 9.15
N MET B 1 -3.94 -2.40 19.10
CA MET B 1 10.85 -6.11 7.78
CA MET B 1 -9.81 -11.44 -0.51
CA MET B 1 -1.43 -5.90 8.41
CA MET B 1 -2.72 -1.94 18.43
C MET B 1 11.25 -5.72 6.34
C MET B 1 -11.26 -11.00 -0.81
C MET B 1 -2.30 -5.55 7.18
C MET B 1 -2.22 -0.69 19.18
N GLN B 2 10.73 -4.60 5.92
N GLN B 2 -11.64 -9.94 -0.16
N GLN B 2 -2.18 -4.31 6.79
N GLN B 2 -0.93 -0.53 19.16
CA GLN B 2 11.09 -4.10 4.56
CA GLN B 2 -13.01 -9.39 -0.40
CA GLN B 2 -2.94 -3.86 5.58
CA GLN B 2 -0.33 0.67 19.83
C GLN B 2 12.30 -3.20 4.66
C GLN B 2 -12.93 -8.35 -1.51
C GLN B 2 -2.06 -4.04 4.35
C GLN B 2 -0.23 1.80 18.81
N ILE B 3 13.21 -3.36 3.72
N ILE B 3 -13.93 -8.39 -2.38
N ILE B 3 -2.69 -4.54 3.28
N ILE B 3 -0.56 3.00 19.26
CA ILE B 3 14.37 -2.45 3.60
CA ILE B 3 -14.06 -7.36 -3.43
CA ILE B 3 -2.00 -4.63 1.99
CA ILE B 3 -0.37 4.20 18.43
C ILE B 3 14.43 -2.02 2.12
C ILE B 3 -15.55 -6.90 -3.38
C ILE B 3 -2.97 -4.00 0.95
C ILE B 3 0.36 5.24 19.35
N PHE B 4 15.17 -0.95 1.90
N PHE B 4 -15.77 -5.76 -3.97
N PHE B 4 -2.40 -3.69 -0.18
N PHE B 4 0.91 6.22 18.68
CA PHE B 4 15.29 -0.47 0.48
CA PHE B 4 -17.19 -5.24 -3.99
CA PHE B 4 -3.26 -3.08 -1.26
CA PHE B 4 1.63 7.28 19.50
C PHE B 4 16.73 -0.59 0.05
C PHE B 4 -17.68 -5.19 -5.41
C PHE B 4 -3.30 -4.01 -2.44
C PHE B 4 0.93 8.60 19.32
N VAL B 5 17.04 -0.99 -1.18
N VAL B 5 -18.92 -5.55 -5.72
N VAL B 5 -4.42 -4.20 -3.12
N VAL B 5 0.76 9.42 20.34
CA VAL B 5 18.41 -1.04 -1.65
CA VAL B 5 -19.45 -5.43 -7.06
CA VAL B 5 -4.47 -5.03 -4.31
CA VAL B 5 0.16 10.73 20.17
C VAL B 5 18.47 -0.05 -2.84
C VAL B 5 -20.63 -4.43 -6.96
C VAL B 5 -4.91 -4.09 -5.45
C VAL B 5 1.26 11.75 20.58
N LYS B 6 19.20 1.00 -2.70
N LYS B 6 -20.50 -3.30 -7.57
N LYS B 6 -4.06 -3.85 -6.39
N LYS B 6 1.72 12.52 19.67
CA LYS B 6 19.27 2.03 -3.80
CA LYS B 6 -21.58 -2.26 -7.48
CA LYS B 6 -4.40 -2.91 -7.51
CA LYS B 6 2.82 13.50 19.97
C LYS B 6 20.48 1.73 -4.64
C LYS B 6 -22.47 -2.41 -8.69
C LYS B 6 -4.92 -3.72 -8.66
C LYS B 6 2.19 14.82 20.28
N THR B 7 20.30 1.61 -5.97
N THR B 7 -23.79 -2.53 -8.48
N THR B 7 -6.11 -3.37 -9.19
N THR B 7 2.53 15.43 21.44
CA THR B 7 21.45 1.32 -6.84
CA THR B 7 -24.72 -2.68 -9.60
CA THR B 7 -6.68 -4.11 -10.32
CA THR B 7 1.95 16.73 21.80
C THR B 7 21.94 2.62 -7.49
C THR B 7 -25.36 -1.33 -9.91
C THR B 7 -6.40 -3.37 -11.62
C THR B 7 2.95 17.84 21.46
N LEU B 8 23.06 2.58 -8.16
N LEU B 8 -26.08 -1.22 -11.01
N LEU B 8 -6.66 -3.97 -12.76
N LEU B 8 2.53 19.10 21.54
CA LEU B 8 23.63 3.80 -8.78
CA LEU B 8 -26.69 0.07 -11.40
CA LEU B 8 -6.38 -3.33 -14.06
CA LEU B 8 3.42 20.22 21.19
C LEU B 8 22.86 4.25 -10.01
C LEU B 8 -27.89 0.43 -10.54
C LEU B 8 -7.35 -2.21 -14.38
C LEU B 8 4.49 20.46 22.23
N THR B 9 21.90 3.44 -10.47
N THR B 9 -28.33 -0.49 -9.66
N THR B 9 -8.40 -2.04 -13.56
N THR B 9 4.43 19.76 23.38
CA THR B 9 21.16 3.91 -11.70
CA THR B 9 -29.51 -0.08 -8.83
CA THR B 9 -9.34 -0.91 -13.92
CA THR B 9 5.51 20.05 24.38
C THR B 9 19.83 4.49 -11.35
C THR B 9 -29.11 0.34 -7.45
C THR B 9 -9.12 0.30 -13.07
C THR B 9 6.57 18.98 24.37
N GLY B 10 19.59 4.79 -10.10
N GLY B 10 -27.86 0.59 -7.23
N GLY B 10 -8.01 0.36 -12.39
N GLY B 10 6.61 18.17 23.35
CA GLY B 10 18.34 5.36 -9.64
CA GLY B 10 -27.33 1.00 -5.95
CA GLY B 10 -7.66 1.48 -11.54
CA GLY B 10 7.57 17.11 23.22
C GLY B 10 17.19 4.41 -9.50
C GLY B 10 -27.16 -0.07 -4.92
C GLY B 10 -8.34 1.54 -10.20
C GLY B 10 7.33 15.88 24.04
N LYS B 11 17.48 3.14 -9.49
N LYS B 11 -27.19 -1.30 -5.36
N LYS B 11 -8.92 0.43 -9.80
N LYS B 11 6.13 15.74 24.54
CA LYS B 11 16.48 2.11 -9.26
CA LYS B 11 -26.94 -2.44 -4.50
CA LYS B 11 -9.53 0.31 -8.49
CA LYS B 11 5.72 14.55 25.27
C LYS B 11 16.59 1.78 -7.76
C LYS B 11 -25.44 -2.78 -4.69
C LYS B 11 -8.46 -0.36 -7.60
C LYS B 11 5.00 13.65 24.23
N THR B 12 15.44 1.61 -7.12
N THR B 12 -24.76 -3.08 -3.59
N THR B 12 -8.32 0.13 -6.38
N THR B 12 5.27 12.36 24.28
CA THR B 12 15.50 1.21 -5.69
CA THR B 12 -23.35 -3.50 -3.76
CA THR B 12 -7.36 -0.54 -5.47
CA THR B 12 4.53 11.48 23.36
C THR B 12 14.76 -0.13 -5.60
C THR B 12 -23.24 -4.91 -3.19
C THR B 12 -8.17 -1.03 -4.27
C THR B 12 3.78 10.48 24.25
N ILE B 13 15.40 -1.10 -4.94
N ILE B 13 -22.62 -5.81 -3.95
N ILE B 13 -7.97 -2.29 -3.91
N ILE B 13 2.49 10.32 23.95
CA ILE B 13 14.65 -2.40 -4.85
CA ILE B 13 -22.53 -7.18 -3.38
CA ILE B 13 -8.77 -2.75 -2.73
CA ILE B 13 1.77 9.34 24.83
C ILE B 13 14.20 -2.61 -3.44
C ILE B 13 -21.10 -7.45 -3.00
C ILE B 13 -7.85 -2.93 -1.55
C ILE B 13 1.45 8.11 24.02
N THR B 14 13.01 -3.15 -3.25
N THR B 14 -20.88 -8.13 -1.90
N THR B 14 -8.30 -2.58 -0.37
N THR B 14 1.55 6.93 24.63
CA THR B 14 12.58 -3.39 -1.85
CA THR B 14 -19.46 -8.44 -1.55
CA THR B 14 -7.39 -2.81 0.79
CA THR B 14 1.20 5.73 23.82
C THR B 14 12.79 -4.85 -1.54
C THR B 14 -19.18 -9.87 -1.93
C THR B 14 -7.84 -4.05 1.52
C THR B 14 -0.19 5.29 24.23
N LEU B 15 13.26 -5.19 -0.34
N LEU B 15 -18.01 -10.16 -2.48
N LEU B 15 -6.92 -4.89 1.96
N LEU B 15 -1.02 4.87 23.28
CA LEU B 15 13.50 -6.56 0.03
CA LEU B 15 -17.67 -11.50 -2.90
CA LEU B 15 -7.27 -6.12 2.65
CA LEU B 15 -2.38 4.45 23.56
C LEU B 15 12.76 -6.84 1.35
C LEU B 15 -16.33 -11.87 -2.25
C LEU B 15 -6.53 -6.14 4.00
C LEU B 15 -2.58 3.04 22.98
N GLU B 16 12.43 -8.09 1.55
N GLU B 16 -16.12 -13.16 -2.07
N GLU B 16 -7.10 -6.85 4.94
N GLU B 16 -3.50 2.33 23.56
CA GLU B 16 11.83 -8.43 2.89
CA GLU B 16 -14.77 -13.58 -1.57
CA GLU B 16 -6.35 -7.02 6.22
CA GLU B 16 -3.83 1.00 22.95
C GLU B 16 12.90 -9.28 3.55
C GLU B 16 -14.18 -14.31 -2.76
C GLU B 16 -5.98 -8.49 6.23
C GLU B 16 -5.24 1.19 22.43
N VAL B 17 13.32 -8.78 4.69
N VAL B 17 -13.03 -13.77 -3.16
N VAL B 17 -4.68 -8.69 6.29
N VAL B 17 -5.34 1.00 21.12
CA VAL B 17 14.38 -9.42 5.47
CA VAL B 17 -12.30 -14.30 -4.31
CA VAL B 17 -4.10 -10.03 6.27
CA VAL B 17 -6.60 1.18 20.41
C VAL B 17 14.06 -9.37 6.98
C VAL B 17 -10.79 -14.31 -4.06
C VAL B 17 -2.94 -10.15 7.28
C VAL B 17 -6.81 0.08 19.36
N GLU B 18 14.89 -10.12 7.67
N GLU B 18 -10.13 -14.95 -4.99
N GLU B 18 -2.53 -11.41 7.42
N GLU B 18 -8.01 0.10 18.85
CA GLU B 18 14.89 -10.17 9.14
CA GLU B 18 -8.67 -15.03 -5.05
CA GLU B 18 -1.38 -11.79 8.22
CA GLU B 18 -8.45 -0.76 17.75
C GLU B 18 16.27 -9.70 9.59
C GLU B 18 -8.27 -14.39 -6.38
C GLU B 18 -0.40 -12.47 7.27
C GLU B 18 -8.87 0.16 16.62
N PRO B 19 16.31 -9.00 10.70
N PRO B 19 -7.14 -13.71 -6.39
N PRO B 19 0.89 -12.27 7.49
N PRO B 19 -8.60 -0.25 15.39
CA PRO B 19 17.58 -8.52 11.27
CA PRO B 19 -6.61 -13.09 -7.61
CA PRO B 19 1.93 -12.91 6.68
CA PRO B 19 -9.00 0.53 14.21
C PRO B 19 18.56 -9.65 11.49
C PRO B 19 -6.45 -14.09 -8.72
C PRO B 19 1.77 -14.40 6.64
C PRO B 19 -10.48 0.83 14.19
N SER B 20 18.05 -10.86 11.64
N SER B 20 -6.30 -15.36 -8.37
N SER B 20 1.13 -14.97 7.65
N SER B 20 -11.26 0.02 14.88
CA SER B 20 18.93 -12.01 11.92
CA SER B 20 -6.08 -16.40 -9.39
CA SER B 20 0.99 -16.44 7.71
CA SER B 20 -12.72 0.22 14.88
C SER B 20 19.59 -12.50 10.64
C SER B 20 -7.37 -16.80 -10.05
C SER B 20 -0.13 -16.91 6.82
C SER B 20 -13.11 1.31 15.84
N ASP B 21 19.16 -11.97 9.50
N ASP B 21 -8.50 -16.31 -9.51
N ASP B 21 -0.89 -15.97 6.26
N ASP B 21 -12.16 1.80 16.63
CA ASP B 21 19.77 -12.46 8.24
CA ASP B 21 -9.78 -16.71 -10.13
CA ASP B 21 -2.01 -16.42 5.39
CA ASP B 21 -12.54 2.86 17.59
C ASP B 21 21.20 -11.96 8.14
C ASP B 21 -9.94 -16.05 -11.48
C ASP B 21 -1.46 -16.98 4.10
C ASP B 21 -12.82 4.14 16.86
N THR B 22 22.04 -12.75 7.50
N THR B 22 -10.60 -16.74 -12.39
N THR B 22 -2.17 -17.96 3.56
N THR B 22 -13.73 4.94 17.40
CA THR B 22 23.41 -12.38 7.25
CA THR B 22 -10.91 -16.20 -13.70
CA THR B 22 -1.83 -18.54 2.27
CA THR B 22 -14.05 6.24 16.86
C THR B 22 23.44 -11.53 5.96
C THR B 22 -12.19 -15.33 -13.58
C THR B 22 -2.42 -17.65 1.17
C THR B 22 -13.02 7.25 17.42
N ILE B 23 24.55 -10.80 5.85
N ILE B 23 -12.34 -14.48 -14.59
N ILE B 23 -1.83 -17.83 -0.02
N ILE B 23 -12.94 8.37 16.70
CA ILE B 23 24.81 -10.00 4.66
CA ILE B 23 -13.52 -13.64 -14.70
CA ILE B 23 -2.32 -17.14 -1.21
CA ILE B 23 -12.09 9.48 17.13
C ILE B 23 24.89 -10.89 3.42
C ILE B 23 -14.77 -14.51 -14.84
C ILE B 23 -3.77 -17.54 -1.51
C ILE B 23 -12.55 10.01 18.49
N GLU B 24 25.48 -12.06 3.59
N GLU B 24 -14.65 -15.60 -15.57
N GLU B 24 -4.08 -18.80 -1.27
N GLU B 24 -13.85 10.02 18.69
CA GLU B 24 25.55 -13.04 2.45
CA GLU B 24 -15.79 -16.56 -15.71
CA GLU B 24 -5.49 -19.27 -1.46
CA GLU B 24 -14.40 10.46 20.02
C GLU B 24 24.17 -13.37 1.94
C GLU B 24 -16.26 -17.04 -14.36
C GLU B 24 -6.45 -18.47 -0.60
C GLU B 24 -13.84 9.61 21.14
N ASN B 25 23.22 -13.53 2.85
N ASN B 25 -15.32 -17.32 -13.48
N ASN B 25 -6.04 -18.18 0.62
N ASN B 25 -13.74 8.32 20.89
CA ASN B 25 21.83 -13.87 2.54
CA ASN B 25 -15.58 -17.81 -12.12
CA ASN B 25 -6.83 -17.42 1.60
CA ASN B 25 -13.23 7.33 21.86
C ASN B 25 21.14 -12.74 1.77
C ASN B 25 -16.30 -16.77 -11.27
C ASN B 25 -7.06 -15.98 1.14
C ASN B 25 -11.75 7.57 22.18
N VAL B 26 21.38 -11.53 2.26
N VAL B 26 -15.82 -15.54 -11.39
N VAL B 26 -5.97 -15.39 0.65
N VAL B 26 -11.01 7.82 21.11
CA VAL B 26 20.82 -10.34 1.61
CA VAL B 26 -16.42 -14.43 -10.67
CA VAL B 26 -6.03 -14.03 0.14
CA VAL B 26 -9.58 8.09 21.25
C VAL B 26 21.29 -10.29 0.16
C VAL B 26 -17.89 -14.31 -11.07
C VAL B 26 -7.05 -13.95 -0.98
C VAL B 26 -9.40 9.30 22.16
N LYS B 27 22.59 -10.51 -0.03
N LYS B 27 -18.12 -14.36 -12.38
N LYS B 27 -6.99 -14.92 -1.89
N LYS B 27 -10.17 10.34 21.90
CA LYS B 27 23.16 -10.48 -1.38
CA LYS B 27 -19.50 -14.26 -12.89
CA LYS B 27 -7.92 -14.94 -3.03
CA LYS B 27 -10.07 11.58 22.70
C LYS B 27 22.53 -11.55 -2.27
C LYS B 27 -20.37 -15.37 -12.35
C LYS B 27 -9.35 -15.07 -2.55
C LYS B 27 -10.40 11.29 24.15
N ALA B 28 22.24 -12.71 -1.72
N ALA B 28 -19.84 -16.57 -12.23
N ALA B 28 -9.59 -15.84 -1.51
N ALA B 28 -11.36 10.44 24.42
CA ALA B 28 21.57 -13.78 -2.46
CA ALA B 28 -20.57 -17.70 -11.65
CA ALA B 28 -10.93 -15.98 -0.92
CA ALA B 28 -11.71 10.05 25.79
C ALA B 28 20.15 -13.39 -2.83
C ALA B 28 -20.87 -17.47 -10.18
C ALA B 28 -11.39 -14.67 -0.30
C ALA B 28 -10.58 9.29 26.45
N LYS B 29 19.43 -12.69 -1.96
N LYS B 29 -19.96 -16.89 -9.42
N LYS B 29 -10.51 -13.92 0.34
N LYS B 29 -9.88 8.42 25.72
CA LYS B 29 18.07 -12.20 -2.28
CA LYS B 29 -20.23 -16.55 -8.01
CA LYS B 29 -10.88 -12.60 0.89
CA LYS B 29 -8.71 7.71 26.28
C LYS B 29 18.12 -11.17 -3.43
C LYS B 29 -21.36 -15.51 -7.89
C LYS B 29 -11.26 -11.62 -0.24
C LYS B 29 -7.58 8.69 26.63
N ILE B 30 19.17 -10.34 -3.41
N ILE B 30 -21.37 -14.57 -8.84
N ILE B 30 -10.54 -11.73 -1.37
N ILE B 30 -7.43 9.72 25.80
CA ILE B 30 19.30 -9.33 -4.47
CA ILE B 30 -22.42 -13.53 -8.81
CA ILE B 30 -10.85 -10.84 -2.50
CA ILE B 30 -6.38 10.72 26.06
C ILE B 30 19.63 -10.08 -5.77
C ILE B 30 -23.74 -14.23 -9.17
C ILE B 30 -12.20 -11.28 -3.07
C ILE B 30 -6.82 11.52 27.30
N GLN B 31 20.45 -11.10 -5.72
N GLN B 31 -23.73 -15.14 -10.11
N GLN B 31 -12.47 -12.56 -3.13
N GLN B 31 -8.09 11.82 27.43
CA GLN B 31 20.76 -11.83 -6.98
CA GLN B 31 -25.02 -15.82 -10.45
CA GLN B 31 -13.79 -12.98 -3.67
CA GLN B 31 -8.52 12.59 28.64
C GLN B 31 19.46 -12.45 -7.53
C GLN B 31 -25.53 -16.58 -9.21
C GLN B 31 -14.91 -12.43 -2.75
C GLN B 31 -8.23 11.74 29.90
N ASP B 32 18.77 -13.11 -6.64
N ASP B 32 -24.62 -17.32 -8.63
N ASP B 32 -14.70 -12.65 -1.48
N ASP B 32 -8.66 10.50 29.80
CA ASP B 32 17.48 -13.74 -7.00
CA ASP B 32 -24.95 -18.10 -7.41
CA ASP B 32 -15.67 -12.17 -0.46
CA ASP B 32 -8.45 9.56 30.91
C ASP B 32 16.54 -12.76 -7.65
C ASP B 32 -25.54 -17.23 -6.33
C ASP B 32 -15.94 -10.68 -0.61
C ASP B 32 -6.99 9.48 31.32
N LYS B 33 16.46 -11.52 -7.12
N LYS B 33 -25.00 -16.02 -6.15
N LYS B 33 -14.89 -9.89 -0.86
N LYS B 33 -6.07 9.47 30.33
CA LYS B 33 15.45 -10.60 -7.72
CA LYS B 33 -25.53 -15.21 -5.01
CA LYS B 33 -15.15 -8.42 -0.91
CA LYS B 33 -4.66 9.29 30.75
C LYS B 33 15.92 -9.71 -8.80
C LYS B 33 -26.62 -14.26 -5.32
C LYS B 33 -15.45 -7.82 -2.24
C LYS B 33 -3.86 10.53 30.95
N GLU B 34 17.16 -9.34 -8.94
N GLU B 34 -26.81 -13.74 -6.51
N GLU B 34 -15.05 -8.35 -3.36
N GLU B 34 -4.14 11.67 30.38
CA GLU B 34 17.67 -8.47 -9.98
CA GLU B 34 -27.85 -12.82 -6.87
CA GLU B 34 -15.30 -7.82 -4.68
CA GLU B 34 -3.41 12.90 30.55
C GLU B 34 18.77 -9.08 -10.81
C GLU B 34 -28.72 -13.27 -8.00
C GLU B 34 -16.00 -8.78 -5.60
C GLU B 34 -4.24 14.05 31.04
N GLY B 35 19.25 -10.26 -10.42
N GLY B 35 -28.39 -14.39 -8.63
N GLY B 35 -16.17 -10.03 -5.18
N GLY B 35 -5.55 13.86 31.14
CA GLY B 35 20.26 -10.97 -11.16
CA GLY B 35 -29.17 -14.97 -9.68
CA GLY B 35 -16.88 -11.02 -5.94
CA GLY B 35 -6.44 14.87 31.65
C GLY B 35 21.67 -10.59 -11.00
C GLY B 35 -29.05 -14.43 -11.05
C GLY B 35 -16.17 -11.72 -7.03
C GLY B 35 -6.89 15.96 30.76
N ILE B 36 21.97 -9.65 -10.06
N ILE B 36 -28.12 -13.49 -11.27
N ILE B 36 -14.86 -11.49 -7.19
N ILE B 36 -6.52 15.91 29.48
CA ILE B 36 23.37 -9.27 -9.88
CA ILE B 36 -27.98 -12.94 -12.62
CA ILE B 36 -14.13 -12.18 -8.25
CA ILE B 36 -6.94 16.98 28.57
C ILE B 36 24.12 -10.29 -9.03
C ILE B 36 -27.18 -13.87 -13.51
C ILE B 36 -13.79 -13.60 -7.84
C ILE B 36 -8.38 16.77 28.12
N PRO B 37 25.21 -10.82 -9.55
N PRO B 37 -27.74 -14.27 -14.65
N PRO B 37 -14.19 -14.58 -8.64
N PRO B 37 -9.23 17.77 28.33
CA PRO B 37 26.06 -11.79 -8.83
CA PRO B 37 -27.07 -15.14 -15.63
CA PRO B 37 -13.89 -16.01 -8.40
CA PRO B 37 -10.65 17.74 27.92
C PRO B 37 26.53 -11.24 -7.51
C PRO B 37 -25.75 -14.54 -16.09
C PRO B 37 -12.39 -16.23 -8.29
C PRO B 37 -10.77 17.48 26.43
N PRO B 38 26.50 -12.00 -6.44
N PRO B 38 -24.71 -15.32 -16.18
N PRO B 38 -11.94 -17.02 -7.34
N PRO B 38 -11.67 16.63 26.00
CA PRO B 38 26.94 -11.49 -5.14
CA PRO B 38 -23.40 -14.78 -16.61
CA PRO B 38 -10.50 -17.26 -7.20
CA PRO B 38 -11.81 16.36 24.57
C PRO B 38 28.35 -10.96 -5.14
C PRO B 38 -23.45 -14.08 -17.95
C PRO B 38 -9.85 -17.82 -8.44
C PRO B 38 -12.09 17.58 23.73
N ASP B 39 29.22 -11.53 -5.94
N ASP B 39 -24.29 -14.54 -18.84
N ASP B 39 -10.57 -18.60 -9.20
N ASP B 39 -12.77 18.55 24.29
CA ASP B 39 30.64 -11.10 -5.95
CA ASP B 39 -24.36 -13.95 -20.21
CA ASP B 39 -9.98 -19.24 -10.42
CA ASP B 39 -13.13 19.77 23.51
C ASP B 39 30.82 -9.69 -6.52
C ASP B 39 -24.90 -12.52 -20.20
C ASP B 39 -9.66 -18.21 -11.50
C ASP B 39 -11.91 20.63 23.18
N GLN B 40 29.79 -9.19 -7.18
N GLN B 40 -25.52 -12.14 -19.09
N GLN B 40 -10.22 -17.02 -11.37
N GLN B 40 -10.81 20.37 23.87
CA GLN B 40 29.87 -7.81 -7.73
CA GLN B 40 -26.06 -10.76 -19.00
CA GLN B 40 -9.93 -15.97 -12.38
CA GLN B 40 -9.57 21.14 23.58
C GLN B 40 29.24 -6.77 -6.79
C GLN B 40 -25.08 -9.80 -18.28
C GLN B 40 -8.79 -15.03 -11.92
C GLN B 40 -8.64 20.39 22.60
N GLN B 41 28.54 -7.22 -5.77
N GLN B 41 -24.03 -10.33 -17.67
N GLN B 41 -8.37 -15.12 -10.68
N GLN B 41 -8.92 19.15 22.31
CA GLN B 41 27.85 -6.35 -4.84
CA GLN B 41 -23.07 -9.57 -16.93
CA GLN B 41 -7.35 -14.28 -10.12
CA GLN B 41 -8.11 18.32 21.44
C GLN B 41 28.68 -5.82 -3.70
C GLN B 41 -21.96 -8.95 -17.74
C GLN B 41 -5.93 -14.73 -10.36
C GLN B 41 -8.39 18.46 19.96
N ARG B 42 28.61 -4.50 -3.53
N ARG B 42 -21.76 -7.66 -17.52
N ARG B 42 -5.12 -13.78 -10.83
N ARG B 42 -7.31 18.67 19.21
CA ARG B 42 29.24 -3.83 -2.35
CA ARG B 42 -20.59 -6.94 -18.11
CA ARG B 42 -3.64 -14.00 -10.96
CA ARG B 42 -7.39 18.65 17.72
C ARG B 42 28.09 -3.14 -1.65
C ARG B 42 -19.83 -6.37 -16.92
C ARG B 42 -3.01 -12.92 -10.12
C ARG B 42 -6.42 17.56 17.29
N LEU B 43 27.74 -3.51 -0.42
N LEU B 43 -18.61 -6.81 -16.66
N LEU B 43 -2.30 -13.25 -9.05
N LEU B 43 -6.88 16.48 16.67
CA LEU B 43 26.59 -2.88 0.28
CA LEU B 43 -17.85 -6.33 -15.47
CA LEU B 43 -1.71 -12.22 -8.16
CA LEU B 43 -5.97 15.37 16.29
C LEU B 43 27.10 -1.90 1.33
C LEU B 43 -16.81 -5.30 -15.90
C LEU B 43 -0.22 -12.10 -8.42
C LEU B 43 -5.68 15.42 14.79
N ILE B 44 26.54 -0.69 1.30
N ILE B 44 -16.81 -4.16 -15.21
N ILE B 44 0.24 -10.87 -8.63
N ILE B 44 -4.40 15.36 14.45
CA ILE B 44 26.94 0.39 2.19
CA ILE B 44 -15.91 -3.05 -15.51
CA ILE B 44 1.63 -10.58 -8.94
CA ILE B 44 -3.95 15.44 13.06
C ILE B 44 25.76 0.91 3.02
C ILE B 44 -15.04 -2.68 -14.32
C ILE B 44 2.27 -9.63 -7.93
C ILE B 44 -3.15 14.22 12.64
N PHE B 45 26.01 1.03 4.35
N PHE B 45 -13.72 -2.55 -14.60
N PHE B 45 3.47 -10.03 -7.46
N PHE B 45 -3.53 13.67 11.45
CA PHE B 45 25.01 1.56 5.28
CA PHE B 45 -12.74 -2.14 -13.57
CA PHE B 45 4.24 -9.20 -6.51
CA PHE B 45 -2.82 12.51 10.88
C PHE B 45 25.80 2.37 6.32
C PHE B 45 -11.71 -1.26 -14.32
C PHE B 45 5.72 -9.41 -6.90
C PHE B 45 -2.83 12.74 9.36
N ALA B 46 25.32 3.58 6.49
N ALA B 46 -11.50 -0.12 -13.70
N ALA B 46 6.36 -8.28 -7.04
N ALA B 46 -1.64 12.61 8.83
CA ALA B 46 25.86 4.53 7.47
CA ALA B 46 -10.53 0.89 -14.16
CA ALA B 46 7.80 -8.19 -7.35
CA ALA B 46 -1.38 12.73 7.39
C ALA B 46 27.37 4.62 7.37
C ALA B 46 -10.69 1.14 -15.66
C ALA B 46 8.15 -9.11 -8.51
C ALA B 46 -2.05 13.97 6.82
N GLY B 47 27.83 4.72 6.15
N GLY B 47 -11.92 1.31 -16.04
N GLY B 47 7.33 -9.04 -9.52
N GLY B 47 -1.87 15.05 7.53
CA GLY B 47 29.18 4.80 5.71
CA GLY B 47 -12.41 1.56 -17.37
CA GLY B 47 7.38 -9.77 -10.75
CA GLY B 47 -2.36 16.37 7.28
C GLY B 47 30.09 3.65 6.01
C GLY B 47 -12.16 0.51 -18.41
C GLY B 47 7.26 -11.27 -10.67
C GLY B 47 -3.85 16.56 7.24
N LYS B 48 29.54 2.49 6.26
N LYS B 48 -11.91 -0.72 -18.02
N LYS B 48 6.70 -11.79 -9.61
N LYS B 48 -4.59 15.68 7.85
CA LYS B 48 30.33 1.27 6.52
CA LYS B 48 -11.71 -1.82 -18.95
CA LYS B 48 6.50 -13.23 -9.45
CA LYS B 48 -6.06 15.79 7.93
C LYS B 48 30.06 0.29 5.36
C LYS B 48 -12.86 -2.82 -18.74
C LYS B 48 4.98 -13.48 -9.41
C LYS B 48 -6.43 15.98 9.41
N GLN B 49 31.05 -0.43 4.92
N GLN B 49 -13.35 -3.42 -19.80
N GLN B 49 4.52 -14.54 -9.99
N GLN B 49 -7.41 16.78 9.70
CA GLN B 49 30.82 -1.48 3.89
CA GLN B 49 -14.38 -4.48 -19.65
CA GLN B 49 3.06 -14.89 -9.88
CA GLN B 49 -7.89 16.92 11.11
C GLN B 49 30.40 -2.70 4.70
C GLN B 49 -13.58 -5.74 -19.41
C GLN B 49 2.98 -15.67 -8.58
C GLN B 49 -8.89 15.78 11.25
N LEU B 50 29.32 -3.34 4.34
N LEU B 50 -13.91 -6.51 -18.39
N LEU B 50 2.06 -15.32 -7.71
N LEU B 50 -8.78 14.99 12.28
CA LEU B 50 28.78 -4.48 5.10
CA LEU B 50 -13.15 -7.70 -18.01
CA LEU B 50 1.95 -15.95 -6.38
CA LEU B 50 -9.64 13.81 12.47
C LEU B 50 29.55 -5.74 4.78
C LEU B 50 -13.51 -8.86 -18.92
C LEU B 50 1.24 -17.29 -6.50
C LEU B 50 -11.00 14.24 13.03
N GLU B 51 29.85 -6.55 5.80
N GLU B 51 -12.52 -9.65 -19.35
N GLU B 51 1.72 -18.30 -5.78
N GLU B 51 -12.08 13.64 12.52
CA GLU B 51 30.64 -7.77 5.57
CA GLU B 51 -12.79 -10.76 -20.27
CA GLU B 51 1.12 -19.64 -5.88
CA GLU B 51 -13.43 14.04 12.98
C GLU B 51 29.74 -8.97 5.55
C GLU B 51 -12.80 -12.06 -19.52
C GLU B 51 0.23 -19.91 -4.69
C GLU B 51 -13.96 13.03 13.95
N ASP B 52 29.97 -9.93 4.68
N ASP B 52 -13.69 -12.97 -19.82
N ASP B 52 -0.91 -20.51 -4.86
N ASP B 52 -14.63 13.43 15.00
CA ASP B 52 29.13 -11.12 4.47
CA ASP B 52 -13.88 -14.25 -19.13
CA ASP B 52 -1.91 -20.76 -3.82
CA ASP B 52 -15.14 12.59 16.07
C ASP B 52 28.68 -11.96 5.65
C ASP B 52 -12.70 -15.15 -18.81
C ASP B 52 -1.51 -21.34 -2.48
C ASP B 52 -15.91 11.32 15.76
N GLY B 53 29.55 -12.21 6.60
N GLY B 53 -11.78 -15.30 -19.74
N GLY B 53 -0.64 -22.31 -2.47
N GLY B 53 -16.81 11.36 14.80
CA GLY B 53 29.27 -13.05 7.79
CA GLY B 53 -10.61 -16.18 -19.61
CA GLY B 53 -0.19 -23.02 -1.24
CA GLY B 53 -17.68 10.23 14.42
C GLY B 53 28.57 -12.39 8.92
C GLY B 53 -9.43 -15.62 -18.89
C GLY B 53 0.89 -22.36 -0.46
C GLY B 53 -17.07 9.22 13.49
N ARG B 54 28.40 -11.07 8.90
N ARG B 54 -9.44 -14.33 -18.56
N ARG B 54 1.51 -21.31 -0.98
N ARG B 54 -15.89 9.47 12.94
CA ARG B 54 27.65 -10.35 9.95
CA ARG B 54 -8.34 -13.72 -17.78
CA ARG B 54 2.54 -20.55 -0.24
CA ARG B 54 -15.21 8.50 12.07
C ARG B 54 26.18 -10.40 9.58
C ARG B 54 -8.66 -13.94 -16.30
C ARG B 54 1.84 -19.52 0.63
C ARG B 54 -14.41 7.56 12.97
N THR B 55 25.33 -10.07 10.53
N THR B 55 -7.67 -13.72 -15.46
N THR B 55 2.55 -18.96 1.57
N THR B 55 -13.97 6.46 12.42
CA THR B 55 23.86 -10.01 10.34
CA THR B 55 -7.80 -13.82 -13.99
CA THR B 55 2.05 -17.90 2.47
CA THR B 55 -13.12 5.46 13.12
C THR B 55 23.49 -8.51 10.27
C THR B 55 -7.83 -12.37 -13.45
C THR B 55 2.68 -16.57 1.98
C THR B 55 -11.69 5.64 12.58
N LEU B 56 22.29 -8.24 9.81
N LEU B 56 -8.26 -12.24 -12.20
N LEU B 56 2.11 -15.47 2.45
N LEU B 56 -10.74 5.07 13.30
CA LEU B 56 21.76 -6.87 9.73
CA LEU B 56 -8.30 -10.94 -11.52
CA LEU B 56 2.63 -14.12 2.13
CA LEU B 56 -9.32 5.10 12.90
C LEU B 56 21.70 -6.30 11.15
C LEU B 56 -6.86 -10.40 -11.44
C LEU B 56 4.06 -14.02 2.65
C LEU B 56 -9.20 4.38 11.55
N SER B 57 21.37 -7.15 12.13
N SER B 57 -5.88 -11.30 -11.25
N SER B 57 4.33 -14.65 3.82
N SER B 57 -9.99 3.31 11.34
CA SER B 57 21.29 -6.61 13.52
CA SER B 57 -4.49 -10.77 -11.16
CA SER B 57 5.72 -14.53 4.35
CA SER B 57 -9.86 2.62 10.04
C SER B 57 22.63 -6.11 14.00
C SER B 57 -4.04 -10.13 -12.45
C SER B 57 6.73 -15.19 3.43
C SER B 57 -10.25 3.49 8.87
N ASP B 58 23.71 -6.71 13.53
N ASP B 58 -4.56 -10.60 -13.57
N ASP B 58 6.31 -16.22 2.70
N ASP B 58 -11.16 4.42 9.11
CA ASP B 58 25.07 -6.29 13.94
CA ASP B 58 -4.20 -10.02 -14.90
CA ASP B 58 7.22 -16.92 1.76
CA ASP B 58 -11.62 5.35 8.03
C ASP B 58 25.28 -4.80 13.67
C ASP B 58 -4.45 -8.51 -14.93
C ASP B 58 7.84 -15.94 0.77
C ASP B 58 -10.42 6.09 7.42
N TYR B 59 24.78 -4.35 12.56
N TYR B 59 -5.54 -8.12 -14.32
N TYR B 59 7.04 -15.01 0.33
N TYR B 59 -9.51 6.46 8.26
CA TYR B 59 24.84 -2.96 12.12
CA TYR B 59 -5.96 -6.73 -14.22
CA TYR B 59 7.42 -13.97 -0.62
CA TYR B 59 -8.28 7.16 7.88
C TYR B 59 23.67 -2.12 12.60
C TYR B 59 -5.43 -6.05 -12.97
C TYR B 59 7.92 -12.72 0.06
C TYR B 59 -7.13 6.23 7.59
N ASN B 60 22.76 -2.62 13.39
N ASN B 60 -4.60 -6.65 -12.15
N ASN B 60 8.07 -12.65 1.36
N ASN B 60 -7.29 4.92 7.58
CA ASN B 60 21.63 -1.78 13.82
CA ASN B 60 -4.12 -5.94 -10.95
CA ASN B 60 8.57 -11.40 1.99
CA ASN B 60 -6.14 4.05 7.29
C ASN B 60 20.84 -1.24 12.63
C ASN B 60 -5.27 -5.50 -10.06
C ASN B 60 7.67 -10.22 1.65
C ASN B 60 -5.00 4.29 8.27
N ILE B 61 20.55 -2.11 11.68
N ILE B 61 -6.23 -6.37 -9.84
N ILE B 61 6.37 -10.41 1.75
N ILE B 61 -5.30 4.38 9.54
CA ILE B 61 19.71 -1.71 10.50
CA ILE B 61 -7.37 -6.07 -8.91
CA ILE B 61 5.40 -9.30 1.54
CA ILE B 61 -4.25 4.52 10.59
C ILE B 61 18.27 -1.98 10.91
C ILE B 61 -6.90 -6.50 -7.52
C ILE B 61 5.22 -8.62 2.90
C ILE B 61 -3.85 3.10 10.99
N GLN B 62 17.45 -0.96 11.00
N GLN B 62 -6.78 -5.60 -6.60
N GLN B 62 5.59 -7.39 3.04
N GLN B 62 -2.63 2.72 10.76
CA GLN B 62 16.04 -1.08 11.45
CA GLN B 62 -6.28 -5.88 -5.22
CA GLN B 62 5.53 -6.64 4.32
CA GLN B 62 -2.14 1.33 11.04
C GLN B 62 15.10 -1.02 10.23
C GLN B 62 -7.45 -5.92 -4.24
C GLN B 62 4.33 -5.69 4.31
C GLN B 62 -1.30 1.34 12.32
N LYS B 63 13.82 -1.32 10.42
N LYS B 63 -7.22 -6.36 -3.02
N LYS B 63 3.98 -5.10 5.45
N LYS B 63 -0.96 0.16 12.83
CA LYS B 63 12.86 -1.36 9.35
CA LYS B 63 -8.26 -6.51 -2.03
CA LYS B 63 2.84 -4.23 5.57
CA LYS B 63 -0.22 0.04 14.08
C LYS B 63 12.87 -0.02 8.60
C LYS B 63 -8.98 -5.17 -1.86
C LYS B 63 2.94 -3.12 4.53
C LYS B 63 1.06 0.86 13.99
N GLU B 64 12.71 -0.16 7.28
N GLU B 64 -10.29 -5.32 -1.65
N GLU B 64 1.74 -2.79 4.02
N GLU B 64 1.38 1.45 15.14
CA GLU B 64 12.68 0.91 6.33
CA GLU B 64 -11.24 -4.24 -1.46
CA GLU B 64 1.52 -1.77 3.03
CA GLU B 64 2.53 2.28 15.36
C GLU B 64 13.93 1.69 6.10
C GLU B 64 -11.50 -3.32 -2.61
C GLU B 64 2.07 -2.00 1.65
C GLU B 64 2.61 3.59 14.64
N SER B 65 15.04 1.09 6.49
N SER B 65 -11.16 -3.80 -3.79
N SER B 65 2.36 -3.25 1.37
N SER B 65 1.45 4.05 14.19
CA SER B 65 16.39 1.63 6.26
CA SER B 65 -11.43 -3.11 -5.06
CA SER B 65 2.81 -3.71 0.04
CA SER B 65 1.28 5.36 13.57
C SER B 65 16.68 1.49 4.75
C SER B 65 -12.95 -3.18 -5.30
C SER B 65 1.59 -3.63 -0.91
C SER B 65 1.43 6.43 14.68
N THR B 66 17.62 2.27 4.26
N THR B 66 -13.46 -2.31 -6.12
N THR B 66 1.85 -3.58 -2.19
N THR B 66 1.72 7.64 14.30
CA THR B 66 18.06 2.20 2.86
CA THR B 66 -14.88 -2.31 -6.52
CA THR B 66 0.78 -3.59 -3.21
CA THR B 66 1.81 8.77 15.23
C THR B 66 19.55 1.83 2.84
C THR B 66 -14.97 -2.50 -8.03
C THR B 66 0.97 -4.82 -4.09
C THR B 66 0.77 9.82 14.84
N LEU B 67 19.91 0.77 2.09
N LEU B 67 -15.74 -3.49 -8.49
N LEU B 67 -0.09 -5.64 -4.23
N LEU B 67 -0.08 10.23 15.78
CA LEU B 67 21.33 0.44 1.94
CA LEU B 67 -15.95 -3.65 -9.93
CA LEU B 67 -0.02 -6.78 -5.15
CA LEU B 67 -1.03 11.32 15.49
C LEU B 67 21.73 0.93 0.53
C LEU B 67 -17.36 -3.11 -10.22
C LEU B 67 -0.80 -6.35 -6.41
C LEU B 67 -0.45 12.57 16.18
N HIS B 68 22.96 1.22 0.33
N HIS B 68 -17.61 -2.68 -11.40
N HIS B 68 -0.50 -6.91 -7.53
N HIS B 68 -0.78 13.71 15.70
CA HIS B 68 23.39 1.64 -1.03
CA HIS B 68 -18.98 -2.19 -11.71
CA HIS B 68 -1.26 -6.57 -8.75
CA HIS B 68 -0.28 14.94 16.36
C HIS B 68 24.13 0.46 -1.63
C HIS B 68 -19.62 -3.27 -12.58
C HIS B 68 -2.18 -7.75 -9.03
C HIS B 68 -1.48 15.53 17.11
N LEU B 69 23.85 0.15 -2.89
N LEU B 69 -20.87 -3.60 -12.28
N LEU B 69 -3.43 -7.48 -9.35
N LEU B 69 -1.26 15.95 18.35
CA LEU B 69 24.55 -0.91 -3.60
CA LEU B 69 -21.62 -4.56 -13.06
CA LEU B 69 -4.38 -8.53 -9.71
CA LEU B 69 -2.30 16.60 19.15
C LEU B 69 25.49 -0.37 -4.62
C LEU B 69 -22.68 -3.90 -13.91
C LEU B 69 -4.68 -8.52 -11.19
C LEU B 69 -2.05 18.07 19.28
N VAL B 70 26.77 -0.58 -4.49
N VAL B 70 -22.59 -3.96 -15.19
N VAL B 70 -4.34 -9.54 -11.91
N VAL B 70 -2.89 18.91 18.77
CA VAL B 70 27.74 -0.14 -5.53
CA VAL B 70 -23.66 -3.40 -16.07
CA VAL B 70 -4.70 -9.62 -13.35
CA VAL B 70 -2.74 20.38 18.97
C VAL B 70 28.19 -1.45 -6.18
C VAL B 70 -24.34 -4.65 -16.64
C VAL B 70 -5.80 -10.70 -13.39
C VAL B 70 -3.89 20.73 19.93
N LEU B 71 28.34 -1.47 -7.48
N LEU B 71 -25.65 -4.64 -16.74
N LEU B 71 -6.83 -10.50 -14.18
N LEU B 71 -3.63 21.59 20.89
CA LEU B 71 28.80 -2.69 -8.18
CA LEU B 71 -26.39 -5.79 -17.32
CA LEU B 71 -7.90 -11.51 -14.29
CA LEU B 71 -4.69 22.01 21.84
C LEU B 71 30.29 -2.62 -8.40
C LEU B 71 -26.66 -5.54 -18.77
C LEU B 71 -7.66 -12.39 -15.49
C LEU B 71 -5.31 23.30 21.37
N MET A 1 6.38 18.40 -20.67
CA MET A 1 5.74 19.56 -20.05
C MET A 1 6.28 19.67 -18.60
N GLN A 2 6.34 20.88 -18.14
CA GLN A 2 6.81 21.11 -16.74
C GLN A 2 5.61 21.10 -15.81
N ILE A 3 5.80 20.45 -14.66
CA ILE A 3 4.77 20.47 -13.61
C ILE A 3 5.53 20.83 -12.30
N PHE A 4 4.75 21.23 -11.33
CA PHE A 4 5.40 21.59 -10.01
C PHE A 4 4.91 20.64 -8.96
N VAL A 5 5.74 20.16 -8.03
CA VAL A 5 5.27 19.32 -6.95
C VAL A 5 5.58 20.10 -5.65
N LYS A 6 4.57 20.50 -4.95
CA LYS A 6 4.78 21.30 -3.70
C LYS A 6 4.77 20.35 -2.53
N THR A 7 5.82 20.41 -1.68
CA THR A 7 5.88 19.52 -0.51
C THR A 7 5.42 20.27 0.74
N LEU A 8 5.24 19.58 1.84
CA LEU A 8 4.74 20.24 3.07
C LEU A 8 5.81 21.08 3.74
N THR A 9 7.06 21.03 3.24
CA THR A 9 8.08 21.90 3.94
C THR A 9 8.35 23.16 3.18
N GLY A 10 7.52 23.50 2.24
CA GLY A 10 7.67 24.69 1.43
C GLY A 10 8.68 24.63 0.33
N LYS A 11 9.10 23.43 0.00
CA LYS A 11 10.01 23.21 -1.12
C LYS A 11 9.11 22.84 -2.31
N THR A 12 9.42 23.38 -3.48
CA THR A 12 8.62 22.98 -4.66
C THR A 12 9.61 22.35 -5.64
N ILE A 13 9.25 21.19 -6.17
CA ILE A 13 10.23 20.60 -7.13
C ILE A 13 9.65 20.67 -8.52
N THR A 14 10.47 20.94 -9.51
CA THR A 14 9.89 20.97 -10.89
C THR A 14 10.25 19.66 -11.57
N LEU A 15 9.33 19.09 -12.33
CA LEU A 15 9.58 17.83 -13.01
C LEU A 15 9.25 18.02 -14.49
N GLU A 16 9.89 17.22 -15.31
CA GLU A 16 9.51 17.26 -16.76
C GLU A 16 8.85 15.92 -17.00
N VAL A 17 7.60 16.03 -17.42
CA VAL A 17 6.77 14.86 -17.67
C VAL A 17 5.93 15.04 -18.95
N GLU A 18 5.32 13.93 -19.31
CA GLU A 18 4.37 13.84 -20.41
C GLU A 18 3.06 13.38 -19.82
N PRO A 19 1.95 13.87 -20.34
CA PRO A 19 0.61 13.47 -19.90
C PRO A 19 0.43 11.98 -19.97
N SER A 20 1.19 11.31 -20.81
CA SER A 20 1.03 9.85 -20.98
C SER A 20 1.72 9.11 -19.87
N ASP A 21 2.49 9.83 -19.05
CA ASP A 21 3.19 9.10 -17.96
C ASP A 21 2.21 8.63 -16.92
N THR A 22 2.51 7.52 -16.30
CA THR A 22 1.71 6.99 -15.21
C THR A 22 2.16 7.68 -13.91
N ILE A 23 1.25 7.61 -12.94
CA ILE A 23 1.52 8.13 -11.60
C ILE A 23 2.72 7.40 -10.98
N GLU A 24 2.80 6.12 -11.24
CA GLU A 24 3.98 5.32 -10.73
C GLU A 24 5.27 5.90 -11.23
N CYS A 25 5.30 6.34 -12.52
CA CYS A 25 6.50 6.91 -13.13
C CYS A 25 6.85 8.24 -12.50
N VAL A 26 5.82 9.05 -12.28
CA VAL A 26 6.04 10.34 -11.65
C VAL A 26 6.71 10.15 -10.29
N LYS A 27 6.18 9.20 -9.52
CA LYS A 27 6.74 8.92 -8.19
C LYS A 27 8.19 8.48 -8.29
N ALA A 28 8.54 7.70 -9.30
CA ALA A 28 9.92 7.29 -9.53
C ALA A 28 10.80 8.47 -9.89
N LYS A 29 10.31 9.43 -10.66
CA LYS A 29 11.09 10.64 -10.97
C LYS A 29 11.35 11.47 -9.69
N ILE A 30 10.35 11.49 -8.81
CA ILE A 30 10.50 12.25 -7.55
C ILE A 30 11.53 11.50 -6.70
N GLN A 31 11.49 10.19 -6.69
CA GLN A 31 12.50 9.45 -5.86
C GLN A 31 13.90 9.76 -6.40
N ASP A 32 14.01 9.63 -7.70
CA ASP A 32 15.30 9.91 -8.37
C ASP A 32 15.83 11.29 -8.03
N LYS A 33 14.94 12.30 -7.98
CA LYS A 33 15.50 13.66 -7.74
C LYS A 33 15.53 14.13 -6.33
N GLU A 34 14.74 13.67 -5.41
CA GLU A 34 14.73 14.09 -4.02
C GLU A 34 14.92 12.96 -3.04
N GLY A 35 14.94 11.73 -3.52
CA GLY A 35 15.18 10.58 -2.69
C GLY A 35 14.07 10.02 -1.89
N ILE A 36 12.84 10.55 -2.06
CA ILE A 36 11.72 10.01 -1.29
C ILE A 36 11.20 8.72 -1.91
N PRO A 37 11.15 7.65 -1.13
CA PRO A 37 10.64 6.34 -1.58
C PRO A 37 9.21 6.46 -2.09
N PRO A 38 8.88 5.84 -3.19
CA PRO A 38 7.51 5.95 -3.73
C PRO A 38 6.45 5.52 -2.76
N ASP A 39 6.74 4.57 -1.90
CA ASP A 39 5.72 4.05 -0.95
C ASP A 39 5.34 5.08 0.11
N GLN A 40 6.16 6.11 0.23
CA GLN A 40 5.83 7.18 1.22
C GLN A 40 5.08 8.36 0.58
N GLN A 41 5.02 8.40 -0.74
CA GLN A 41 4.40 9.48 -1.46
C GLN A 41 2.90 9.36 -1.66
N ARG A 42 2.21 10.46 -1.32
CA ARG A 42 0.75 10.57 -1.60
C ARG A 42 0.62 11.80 -2.48
N LEU A 43 0.18 11.67 -3.73
CA LEU A 43 0.09 12.84 -4.63
C LEU A 43 -1.35 13.30 -4.76
N ILE A 44 -1.57 14.59 -4.57
CA ILE A 44 -2.91 15.19 -4.61
C ILE A 44 -3.02 16.28 -5.66
N PHE A 45 -4.11 16.19 -6.46
CA PHE A 45 -4.39 17.20 -7.50
C PHE A 45 -5.92 17.33 -7.53
N ALA A 46 -6.32 18.58 -7.46
CA ALA A 46 -7.74 18.98 -7.52
C ALA A 46 -8.59 18.14 -6.58
N GLY A 47 -8.08 17.99 -5.40
CA GLY A 47 -8.62 17.24 -4.29
C GLY A 47 -8.80 15.76 -4.47
N CYS A 48 -8.13 15.15 -5.41
CA CYS A 48 -8.12 13.71 -5.63
C CYS A 48 -6.78 13.12 -5.25
N GLN A 49 -6.74 11.97 -4.70
CA GLN A 49 -5.43 11.30 -4.47
C GLN A 49 -5.16 10.55 -5.77
N LEU A 50 -3.98 10.72 -6.33
CA LEU A 50 -3.65 10.11 -7.64
C LEU A 50 -3.29 8.65 -7.46
N GLU A 51 -3.77 7.80 -8.37
CA GLU A 51 -3.53 6.34 -8.25
C GLU A 51 -2.42 5.92 -9.18
N ASP A 52 -1.53 5.06 -8.79
CA ASP A 52 -0.35 4.62 -9.54
C ASP A 52 -0.48 4.20 -10.99
N GLY A 53 -1.50 3.45 -11.32
CA GLY A 53 -1.74 2.91 -12.67
C GLY A 53 -2.40 3.82 -13.65
N ARG A 54 -2.89 4.98 -13.21
CA ARG A 54 -3.49 5.96 -14.13
C ARG A 54 -2.37 6.83 -14.68
N THR A 55 -2.66 7.57 -15.72
CA THR A 55 -1.72 8.53 -16.36
C THR A 55 -2.16 9.94 -15.93
N LEU A 56 -1.27 10.90 -16.12
CA LEU A 56 -1.55 12.31 -15.83
C LEU A 56 -2.72 12.75 -16.70
N SER A 57 -2.80 12.25 -17.95
CA SER A 57 -3.93 12.69 -18.80
C SER A 57 -5.26 12.26 -18.24
N ASP A 58 -5.29 11.15 -17.53
CA ASP A 58 -6.56 10.64 -16.93
C ASP A 58 -7.20 11.71 -16.05
N TYR A 59 -6.37 12.41 -15.33
CA TYR A 59 -6.76 13.49 -14.42
C TYR A 59 -6.79 14.84 -15.09
N ASN A 60 -6.55 14.98 -16.38
CA ASN A 60 -6.58 16.32 -16.99
C ASN A 60 -5.58 17.25 -16.32
N ILE A 61 -4.36 16.77 -16.10
CA ILE A 61 -3.28 17.62 -15.54
C ILE A 61 -2.59 18.28 -16.73
N GLN A 62 -2.64 19.57 -16.85
CA GLN A 62 -2.07 20.32 -18.00
C GLN A 62 -0.74 20.97 -17.58
N LYS A 63 0.04 21.51 -18.58
CA LYS A 63 1.33 22.10 -18.24
C LYS A 63 1.17 23.16 -17.17
N GLU A 64 2.22 23.18 -16.36
CA GLU A 64 2.37 24.09 -15.26
C GLU A 64 1.44 23.96 -14.10
N SER A 65 0.81 22.79 -14.03
CA SER A 65 -0.07 22.42 -12.91
C SER A 65 0.84 22.18 -11.68
N THR A 66 0.25 22.25 -10.50
CA THR A 66 0.96 21.97 -9.25
C THR A 66 0.29 20.77 -8.56
N LEU A 67 1.06 19.74 -8.22
CA LEU A 67 0.49 18.62 -7.46
C LEU A 67 0.98 18.81 -6.00
N HIS A 68 0.26 18.31 -5.06
CA HIS A 68 0.72 18.43 -3.66
C HIS A 68 1.24 17.05 -3.26
N LEU A 69 2.38 17.02 -2.60
CA LEU A 69 2.96 15.77 -2.10
C LEU A 69 2.83 15.67 -0.60
N VAL A 70 2.10 14.73 -0.09
CA VAL A 70 2.03 14.52 1.38
C VAL A 70 2.81 13.21 1.60
N LEU A 71 3.60 13.15 2.65
CA LEU A 71 4.36 11.93 2.95
C LEU A 71 3.61 11.09 3.95
N ARG A 72 3.49 9.80 3.71
N ARG A 72 3.52 9.78 3.73
N ARG A 72 3.54 9.80 3.74
N ARG A 72 3.54 9.80 3.73
CA ARG A 72 2.73 8.93 4.62
CA ARG A 72 2.82 8.83 4.63
CA ARG A 72 2.80 8.93 4.69
CA ARG A 72 2.81 8.90 4.66
C ARG A 72 2.77 7.54 3.98
C ARG A 72 2.39 7.67 3.74
C ARG A 72 3.35 7.52 4.47
C ARG A 72 3.88 8.33 5.58
N LEU A 73 2.55 6.48 4.68
N LEU A 73 1.26 7.05 3.96
N LEU A 73 2.60 6.49 4.62
N LEU A 73 3.71 8.31 6.87
CA LEU A 73 2.59 5.14 4.03
CA LEU A 73 0.86 5.92 3.10
CA LEU A 73 3.15 5.13 4.40
CA LEU A 73 4.74 7.75 7.75
C LEU A 73 1.18 4.69 3.69
C LEU A 73 1.59 4.66 3.52
C LEU A 73 2.04 4.10 4.49
C LEU A 73 4.80 6.24 7.61
N ARG A 74 1.04 3.38 3.59
N ARG A 74 0.84 3.80 4.18
N ARG A 74 2.29 2.98 3.83
N ARG A 74 6.02 5.74 7.55
CA ARG A 74 -0.25 2.75 3.25
CA ARG A 74 1.35 2.52 4.69
CA ARG A 74 1.33 1.86 3.78
CA ARG A 74 6.27 4.29 7.41
C ARG A 74 -0.27 1.34 3.82
C ARG A 74 0.19 1.67 5.19
C ARG A 74 2.09 0.55 4.01
C ARG A 74 5.62 3.56 8.57
N GLY A 75 -1.46 0.74 3.78
N GLY A 75 0.38 0.36 5.11
N GLY A 75 1.53 -0.26 4.91
N GLY A 75 4.94 2.47 8.21
CA GLY A 75 -1.70 -0.59 4.30
CA GLY A 75 -0.61 -0.63 5.53
CA GLY A 75 2.09 -1.54 5.29
CA GLY A 75 4.23 1.63 9.17
C GLY A 75 -0.90 -1.70 3.62
C GLY A 75 -0.18 -2.07 5.37
C GLY A 75 1.54 -2.73 4.53
C GLY A 75 3.75 0.30 8.62
N GLY A 76 -0.70 -2.75 4.38
N GLY A 76 -1.11 -2.94 5.73
N GLY A 76 1.82 -3.89 5.10
N GLY A 76 3.23 -0.50 9.54
CA GLY A 76 0.03 -3.95 3.96
CA GLY A 76 -0.95 -4.40 5.67
CA GLY A 76 1.38 -5.20 4.58
CA GLY A 76 2.68 -1.83 9.27
C GLY A 76 1.39 -3.98 4.68
C GLY A 76 -1.89 -5.03 6.73
C GLY A 76 0.25 -5.72 5.47
C GLY A 76 2.07 -2.38 10.57
N MET B 1 6.78 -9.52 4.60
N MET B 1 -6.47 -13.80 4.86
N MET B 1 -8.40 -13.34 3.82
N MET B 1 -5.21 -2.51 19.39
CA MET B 1 6.61 -8.05 4.71
CA MET B 1 -6.76 -12.39 5.23
CA MET B 1 -7.51 -12.17 3.73
CA MET B 1 -3.93 -2.29 18.70
C MET B 1 7.57 -7.41 3.68
C MET B 1 -8.26 -12.16 4.94
C MET B 1 -8.05 -11.27 2.58
C MET B 1 -3.22 -1.12 19.42
N GLN B 2 7.16 -6.28 3.19
N GLN B 2 -8.82 -11.28 5.74
N GLN B 2 -7.83 -10.00 2.76
N GLN B 2 -1.92 -1.20 19.38
CA GLN B 2 8.02 -5.54 2.21
CA GLN B 2 -10.25 -10.93 5.54
CA GLN B 2 -8.28 -9.04 1.69
CA GLN B 2 -1.11 -0.11 20.01
C GLN B 2 8.93 -4.59 2.97
C GLN B 2 -10.35 -9.75 4.59
C GLN B 2 -7.13 -8.84 0.70
C GLN B 2 -0.82 0.96 18.96
N ILE B 3 10.18 -4.54 2.55
N ILE B 3 -11.32 -9.84 3.69
N ILE B 3 -7.49 -8.82 -0.58
N ILE B 3 -0.93 2.21 19.37
CA ILE B 3 11.13 -3.55 3.11
CA ILE B 3 -11.62 -8.71 2.79
CA ILE B 3 -6.51 -8.49 -1.62
CA ILE B 3 -0.53 3.33 18.51
C ILE B 3 11.81 -2.88 1.87
C ILE B 3 -13.17 -8.51 2.86
C ILE B 3 -7.20 -7.40 -2.51
C ILE B 3 0.37 4.25 19.39
N PHE B 4 12.40 -1.74 2.15
N PHE B 4 -13.57 -7.35 2.42
N PHE B 4 -6.36 -6.74 -3.28
N PHE B 4 1.09 5.10 18.70
CA PHE B 4 13.10 -1.02 1.01
CA PHE B 4 -15.07 -7.08 2.45
CA PHE B 4 -6.94 -5.68 -4.18
CA PHE B 4 1.99 6.04 19.47
C PHE B 4 14.57 -0.98 1.31
C PHE B 4 -15.54 -6.91 1.03
C PHE B 4 -6.71 -6.08 -5.61
C PHE B 4 1.52 7.45 19.25
N VAL B 5 15.46 -1.17 0.33
N VAL B 5 -16.71 -7.42 0.65
N VAL B 5 -7.65 -5.88 -6.54
N VAL B 5 1.51 8.33 20.25
CA VAL B 5 16.89 -1.04 0.57
CA VAL B 5 -17.24 -7.20 -0.69
CA VAL B 5 -7.42 -6.18 -7.93
CA VAL B 5 1.15 9.72 20.05
C VAL B 5 17.36 0.13 -0.35
C VAL B 5 -18.57 -6.43 -0.47
C VAL B 5 -7.57 -4.83 -8.68
C VAL B 5 2.41 10.53 20.42
N LYS B 6 17.79 1.19 0.23
N LYS B 6 -18.64 -5.23 -0.92
N LYS B 6 -6.51 -4.35 -9.24
N LYS B 6 3.00 11.17 19.48
CA LYS B 6 18.22 2.38 -0.58
CA LYS B 6 -19.88 -4.41 -0.72
CA LYS B 6 -6.55 -3.02 -9.94
CA LYS B 6 4.25 11.96 19.75
C LYS B 6 19.70 2.29 -0.77
C LYS B 6 -20.72 -4.53 -1.96
C LYS B 6 -6.80 -3.27 -11.40
C LYS B 6 3.87 13.39 20.02
N THR B 7 20.18 2.38 -2.04
N THR B 7 -22.01 -4.89 -1.79
N THR B 7 -7.83 -2.61 -11.98
N THR B 7 4.33 13.95 21.16
CA THR B 7 21.62 2.31 -2.30
CA THR B 7 -22.89 -5.04 -2.95
CA THR B 7 -8.12 -2.80 -13.41
CA THR B 7 3.99 15.34 21.49
C THR B 7 22.17 3.72 -2.49
C THR B 7 -23.76 -3.77 -3.09
C THR B 7 -7.52 -1.65 -14.22
C THR B 7 5.16 16.26 21.11
N LEU B 8 23.48 3.88 -2.55
N LEU B 8 -24.47 -3.64 -4.19
N LEU B 8 -7.53 -1.75 -15.53
N LEU B 8 4.97 17.56 21.15
CA LEU B 8 24.09 5.23 -2.69
CA LEU B 8 -25.30 -2.43 -4.42
CA LEU B 8 -6.93 -0.68 -16.37
CA LEU B 8 6.04 18.50 20.76
C LEU B 8 23.91 5.79 -4.09
C LEU B 8 -26.54 -2.39 -3.55
C LEU B 8 -7.78 0.56 -16.42
C LEU B 8 7.15 18.59 21.80
N THR B 9 23.39 5.00 -5.03
N THR B 9 -26.82 -3.49 -2.81
N THR B 9 -8.99 0.52 -15.84
N THR B 9 6.97 17.94 22.97
CA THR B 9 23.24 5.61 -6.39
CA THR B 9 -28.06 -3.41 -1.96
CA THR B 9 -9.79 1.79 -15.93
CA THR B 9 8.09 18.05 23.95
C THR B 9 21.83 6.04 -6.66
C THR B 9 -27.74 -3.13 -0.53
C THR B 9 -9.74 2.56 -14.64
C THR B 9 8.95 16.83 23.97
N GLY B 10 21.01 6.11 -5.66
N GLY B 10 -26.54 -2.70 -0.25
N GLY B 10 -8.85 2.24 -13.77
N GLY B 10 8.84 15.99 22.98
CA GLY B 10 19.62 6.52 -5.77
CA GLY B 10 -26.10 -2.39 1.10
CA GLY B 10 -8.69 2.90 -12.49
CA GLY B 10 9.60 14.76 22.87
C GLY B 10 18.68 5.49 -6.30
C GLY B 10 -25.76 -3.56 1.97
C GLY B 10 -9.66 2.52 -11.43
C GLY B 10 9.15 13.62 23.73
N LYS B 11 19.10 4.24 -6.29
N LYS B 11 -25.57 -4.70 1.37
N LYS B 11 -10.34 1.42 -11.62
N LYS B 11 7.95 13.71 24.23
CA LYS B 11 18.26 3.12 -6.67
CA LYS B 11 -25.13 -5.90 2.07
CA LYS B 11 -11.25 0.87 -10.63
CA LYS B 11 7.34 12.63 25.01
C LYS B 11 17.70 2.56 -5.34
C LYS B 11 -23.60 -5.95 1.87
C LYS B 11 -10.43 -0.20 -9.87
C LYS B 11 6.47 11.86 24.00
N THR B 12 16.43 2.22 -5.34
N THR B 12 -22.89 -6.29 2.93
N THR B 12 -10.58 -0.23 -8.56
N THR B 12 6.50 10.54 24.09
CA THR B 12 15.88 1.60 -4.11
CA THR B 12 -21.43 -6.42 2.75
CA THR B 12 -9.88 -1.30 -7.81
CA THR B 12 5.61 9.77 23.19
C THR B 12 15.38 0.23 -4.52
C THR B 12 -21.09 -7.87 3.12
C THR B 12 -10.96 -2.11 -7.11
C THR B 12 4.70 8.95 24.11
N ILE B 13 15.76 -0.79 -3.75
N ILE B 13 -20.32 -8.53 2.26
N ILE B 13 -10.87 -3.43 -7.23
N ILE B 13 3.40 9.01 23.83
CA ILE B 13 15.25 -2.14 -4.15
CA ILE B 13 -20.00 -9.94 2.64
CA ILE B 13 -11.94 -4.21 -6.54
CA ILE B 13 2.53 8.20 24.73
C ILE B 13 14.23 -2.60 -3.16
C ILE B 13 -18.55 -10.03 3.02
C ILE B 13 -11.32 -4.93 -5.36
C ILE B 13 2.00 7.01 23.97
N THR B 14 13.18 -3.25 -3.62
N THR B 14 -18.22 -10.81 4.02
N THR B 14 -12.03 -5.01 -4.25
N THR B 14 1.89 5.87 24.61
CA THR B 14 12.18 -3.74 -2.61
CA THR B 14 -16.77 -10.92 4.36
CA THR B 14 -11.44 -5.76 -3.11
CA THR B 14 1.32 4.71 23.84
C THR B 14 12.42 -5.21 -2.41
C THR B 14 -16.25 -12.22 3.79
C THR B 14 -12.07 -7.13 -3.06
C THR B 14 -0.12 4.54 24.27
N LEU B 15 12.34 -5.69 -1.18
N LEU B 15 -15.06 -12.22 3.24
N LEU B 15 -11.30 -8.17 -2.79
N LEU B 15 -1.02 4.25 23.33
CA LEU B 15 12.55 -7.08 -0.87
CA LEU B 15 -14.48 -13.42 2.64
CA LEU B 15 -11.82 -9.51 -2.74
CA LEU B 15 -2.42 4.08 23.64
C LEU B 15 11.35 -7.62 -0.10
C LEU B 15 -13.10 -13.65 3.28
C LEU B 15 -11.43 -10.14 -1.39
C LEU B 15 -2.88 2.72 23.10
N GLU B 16 11.12 -8.90 -0.20
N GLU B 16 -12.69 -14.89 3.27
N GLU B 16 -12.21 -11.09 -0.96
N GLU B 16 -3.91 2.18 23.71
CA GLU B 16 10.04 -9.49 0.64
CA GLU B 16 -11.29 -15.15 3.75
CA GLU B 16 -11.80 -11.82 0.28
CA GLU B 16 -4.46 0.93 23.13
C GLU B 16 10.78 -10.36 1.63
C GLU B 16 -10.57 -15.60 2.50
C GLU B 16 -11.46 -13.20 -0.21
C GLU B 16 -5.82 1.35 22.62
N VAL B 17 10.56 -10.02 2.89
N VAL B 17 -9.53 -14.83 2.19
N VAL B 17 -10.21 -13.56 0.05
N VAL B 17 -5.97 1.14 21.31
CA VAL B 17 11.23 -10.69 4.00
CA VAL B 17 -8.73 -15.05 1.00
CA VAL B 17 -9.67 -14.84 -0.38
CA VAL B 17 -7.19 1.52 20.61
C VAL B 17 10.25 -10.92 5.16
C VAL B 17 -7.23 -14.85 1.29
C VAL B 17 -8.79 -15.46 0.71
C VAL B 17 -7.59 0.43 19.59
N GLU B 18 10.76 -11.69 6.10
N GLU B 18 -6.47 -15.24 0.30
N GLU B 18 -8.44 -16.71 0.43
N GLU B 18 -8.78 0.66 19.08
CA GLU B 18 10.10 -11.99 7.37
CA GLU B 18 -5.01 -15.05 0.27
CA GLU B 18 -7.52 -17.49 1.23
CA GLU B 18 -9.38 -0.15 18.00
C GLU B 18 11.04 -11.49 8.46
C GLU B 18 -4.72 -14.19 -0.95
C GLU B 18 -6.36 -17.87 0.32
C GLU B 18 -9.62 0.81 16.84
N PRO B 19 10.47 -10.97 9.54
N PRO B 19 -3.72 -13.33 -0.84
N PRO B 19 -5.16 -17.91 0.87
N PRO B 19 -9.46 0.32 15.63
CA PRO B 19 11.25 -10.50 10.69
CA PRO B 19 -3.30 -12.47 -1.94
CA PRO B 19 -3.96 -18.30 0.11
CA PRO B 19 -9.72 1.12 14.42
C PRO B 19 12.17 -11.58 11.22
C PRO B 19 -2.97 -13.27 -3.18
C PRO B 19 -4.13 -19.64 -0.54
C PRO B 19 -11.11 1.68 14.42
N SER B 20 11.83 -12.83 10.99
N SER B 20 -2.61 -14.53 -3.00
N SER B 20 -5.00 -20.48 0.00
N SER B 20 -12.03 1.04 15.12
CA SER B 20 12.62 -13.94 11.51
CA SER B 20 -2.21 -15.36 -4.15
CA SER B 20 -5.17 -21.83 -0.55
CA SER B 20 -13.42 1.49 15.12
C SER B 20 13.85 -14.18 10.66
C SER B 20 -3.43 -15.87 -4.89
C SER B 20 -6.06 -21.80 -1.78
C SER B 20 -13.62 2.66 16.05
N ASP B 21 13.93 -13.50 9.51
N ASP B 21 -4.61 -15.65 -4.32
N ASP B 21 -6.65 -20.64 -2.07
N ASP B 21 -12.58 2.99 16.83
CA ASP B 21 15.11 -13.75 8.65
CA ASP B 21 -5.82 -16.18 -5.02
CA ASP B 21 -7.54 -20.61 -3.26
CA ASP B 21 -12.76 4.14 17.76
C ASP B 21 16.34 -13.15 9.28
C ASP B 21 -6.07 -15.37 -6.27
C ASP B 21 -6.71 -20.70 -4.52
C ASP B 21 -12.81 5.43 16.98
N THR B 22 17.48 -13.77 9.05
N THR B 22 -6.62 -16.02 -7.28
N THR B 22 -7.28 -21.30 -5.54
N THR B 22 -13.57 6.38 17.51
CA THR B 22 18.74 -13.27 9.51
CA THR B 22 -7.00 -15.37 -8.51
CA THR B 22 -6.65 -21.38 -6.85
CA THR B 22 -13.65 7.71 16.93
C THR B 22 19.26 -12.22 8.49
C THR B 22 -8.40 -14.75 -8.31
C THR B 22 -6.94 -20.08 -7.61
C THR B 22 -12.46 8.53 17.46
N ILE B 23 20.18 -11.40 8.99
N ILE B 23 -8.69 -13.80 -9.20
N ILE B 23 -6.10 -19.86 -8.62
N ILE B 23 -12.19 9.60 16.70
CA ILE B 23 20.84 -10.41 8.15
CA ILE B 23 -10.01 -13.16 -9.22
CA ILE B 23 -6.28 -18.71 -9.51
CA ILE B 23 -11.16 10.56 17.09
C ILE B 23 21.60 -11.10 7.02
C ILE B 23 -11.09 -14.20 -9.52
C ILE B 23 -7.62 -18.81 -10.24
C ILE B 23 -11.50 11.19 18.43
N GLU B 24 22.20 -12.23 7.32
N GLU B 24 -10.78 -15.14 -10.38
N GLU B 24 -8.01 -20.02 -10.60
N GLU B 24 -12.77 11.45 18.64
CA GLU B 24 22.91 -13.01 6.26
CA GLU B 24 -11.74 -16.23 -10.68
CA GLU B 24 -9.34 -20.23 -11.25
CA GLU B 24 -13.23 12.02 19.96
C GLU B 24 21.98 -13.36 5.12
C GLU B 24 -12.13 -16.97 -9.43
C GLU B 24 -10.45 -19.72 -10.37
C GLU B 24 -12.82 11.11 21.10
N ASN B 25 20.76 -13.71 5.45
N ASN B 25 -11.15 -17.22 -8.57
N ASN B 25 -10.35 -19.96 -9.08
N ASN B 25 -12.95 9.82 20.90
CA ASN B 25 19.72 -14.10 4.49
CA ASN B 25 -11.33 -17.93 -7.29
CA ASN B 25 -11.34 -19.54 -8.08
CA ASN B 25 -12.61 8.78 21.89
C ASN B 25 19.31 -12.91 3.61
C ASN B 25 -12.23 -17.16 -6.33
C ASN B 25 -11.42 -18.02 -7.96
C ASN B 25 -11.13 8.76 22.20
N VAL B 26 19.14 -11.78 4.27
N VAL B 26 -11.95 -15.86 -6.26
N VAL B 26 -10.23 -17.42 -7.93
N VAL B 26 -10.35 8.83 21.12
CA VAL B 26 18.78 -10.55 3.57
CA VAL B 26 -12.74 -14.97 -5.41
CA VAL B 26 -10.15 -15.96 -7.86
CA VAL B 26 -8.89 8.87 21.25
C VAL B 26 19.85 -10.24 2.53
C VAL B 26 -14.20 -15.04 -5.84
C VAL B 26 -10.88 -15.35 -9.05
C VAL B 26 -8.48 10.05 22.11
N LYS B 27 21.11 -10.33 2.95
N LYS B 27 -14.43 -14.95 -7.15
N LYS B 27 -10.61 -15.90 -10.23
N LYS B 27 -9.07 11.20 21.82
CA LYS B 27 22.23 -10.05 2.04
CA LYS B 27 -15.80 -15.00 -7.67
CA LYS B 27 -11.24 -15.40 -11.45
CA LYS B 27 -8.75 12.43 22.58
C LYS B 27 22.22 -11.00 0.86
C LYS B 27 -16.47 -16.32 -7.32
C LYS B 27 -12.75 -15.53 -11.38
C LYS B 27 -9.11 12.25 24.05
N ALA B 28 21.88 -12.25 1.08
N ALA B 28 -15.74 -17.42 -7.34
N ALA B 28 -13.24 -16.62 -10.80
N ALA B 28 -10.20 11.58 24.34
CA ALA B 28 21.77 -13.23 0.00
CA ALA B 28 -16.27 -18.72 -6.95
CA ALA B 28 -14.68 -16.81 -10.62
CA ALA B 28 -10.60 11.30 25.73
C ALA B 28 20.64 -12.90 -0.95
C ALA B 28 -16.62 -18.76 -5.47
C ALA B 28 -15.26 -15.80 -9.65
C ALA B 28 -9.62 10.37 26.40
N LYS B 29 19.51 -12.40 -0.46
N LYS B 29 -15.82 -18.13 -4.62
N LYS B 29 -14.54 -15.45 -8.59
N LYS B 29 -9.08 9.38 25.71
CA LYS B 29 18.40 -11.96 -1.33
CA LYS B 29 -16.15 -18.05 -3.18
CA LYS B 29 -15.01 -14.41 -7.65
CA LYS B 29 -8.06 8.49 26.27
C LYS B 29 18.83 -10.76 -2.20
C LYS B 29 -17.43 -17.24 -2.94
C LYS B 29 -15.10 -13.03 -8.35
C LYS B 29 -6.78 9.27 26.60
N ILE B 30 19.64 -9.88 -1.61
N ILE B 30 -17.61 -16.19 -3.75
N ILE B 30 -14.14 -12.78 -9.25
N ILE B 30 -6.45 10.22 25.73
CA ILE B 30 20.10 -8.70 -2.36
CA ILE B 30 -18.81 -15.36 -3.61
CA ILE B 30 -14.14 -11.50 -9.98
CA ILE B 30 -5.23 11.04 25.96
C ILE B 30 21.08 -9.22 -3.42
C ILE B 30 -20.00 -16.20 -4.10
C ILE B 30 -15.33 -11.54 -10.94
C ILE B 30 -5.52 11.93 27.18
N GLN B 31 21.91 -10.17 -3.09
N GLN B 31 -19.83 -16.97 -5.16
N GLN B 31 -15.60 -12.66 -11.56
N GLN B 31 -6.71 12.46 27.29
CA GLN B 31 22.87 -10.67 -4.13
CA GLN B 31 -20.98 -17.79 -5.62
CA GLN B 31 -16.77 -12.70 -12.50
CA GLN B 31 -6.98 13.32 28.48
C GLN B 31 22.06 -11.29 -5.28
C GLN B 31 -21.36 -18.79 -4.51
C GLN B 31 -18.05 -12.42 -11.70
C GLN B 31 -6.84 12.47 29.76
N ASP B 32 21.13 -12.12 -4.90
N ASP B 32 -20.34 -19.45 -4.02
N ASP B 32 -18.16 -13.14 -10.60
N ASP B 32 -7.48 11.33 29.71
CA ASP B 32 20.25 -12.78 -5.90
CA ASP B 32 -20.53 -20.43 -2.93
CA ASP B 32 -19.33 -12.96 -9.71
CA ASP B 32 -7.43 10.39 30.85
C ASP B 32 19.59 -11.77 -6.81
C ASP B 32 -21.28 -19.83 -1.76
C ASP B 32 -19.53 -11.52 -9.31
C ASP B 32 -6.00 10.07 31.26
N LYS B 33 19.11 -10.65 -6.25
N LYS B 33 -20.93 -18.58 -1.39
N LYS B 33 -18.43 -10.80 -8.99
N LYS B 33 -5.11 9.87 30.27
CA LYS B 33 18.38 -9.72 -7.16
CA LYS B 33 -21.61 -18.05 -0.17
CA LYS B 33 -18.66 -9.42 -8.51
CA LYS B 33 -3.75 9.46 30.68
C LYS B 33 19.15 -8.63 -7.78
C LYS B 33 -22.85 -17.25 -0.37
C LYS B 33 -18.63 -8.33 -9.53
C LYS B 33 -2.74 10.54 30.84
N GLU B 34 20.27 -8.16 -7.29
N GLU B 34 -23.10 -16.62 -1.48
N GLU B 34 -17.98 -8.44 -10.65
N GLU B 34 -2.83 11.69 30.24
CA GLU B 34 21.06 -7.10 -7.86
CA GLU B 34 -24.29 -15.83 -1.74
CA GLU B 34 -17.90 -7.41 -11.67
CA GLU B 34 -1.88 12.77 30.37
C GLU B 34 22.50 -7.49 -8.12
C GLU B 34 -25.07 -16.27 -2.94
C GLU B 34 -18.37 -7.88 -13.03
C GLU B 34 -2.50 14.07 30.83
N GLY B 35 22.90 -8.68 -7.69
N GLY B 35 -24.53 -17.21 -3.71
N GLY B 35 -18.67 -9.15 -13.18
N GLY B 35 -3.82 14.12 30.93
CA GLY B 35 24.22 -9.20 -7.94
CA GLY B 35 -25.21 -17.76 -4.85
CA GLY B 35 -19.19 -9.69 -14.41
CA GLY B 35 -4.52 15.29 31.42
C GLY B 35 25.34 -8.74 -7.08
C GLY B 35 -25.18 -17.02 -6.13
C GLY B 35 -18.25 -10.01 -15.50
C GLY B 35 -4.77 16.41 30.50
N ILE B 36 25.05 -7.96 -6.03
N ILE B 36 -24.43 -15.91 -6.20
N ILE B 36 -16.94 -9.87 -15.27
N ILE B 36 -4.42 16.26 29.21
CA ILE B 36 26.14 -7.50 -5.16
CA ILE B 36 -24.38 -15.16 -7.46
CA ILE B 36 -15.99 -10.19 -16.35
CA ILE B 36 -4.67 17.37 28.28
C ILE B 36 26.54 -8.59 -4.17
C ILE B 36 -23.42 -15.82 -8.44
C ILE B 36 -15.77 -11.69 -16.47
C ILE B 36 -6.12 17.41 27.84
N PRO B 37 27.83 -8.95 -4.17
N PRO B 37 -23.91 -16.13 -9.64
N PRO B 37 -15.99 -12.23 -17.66
N PRO B 37 -6.77 18.54 28.03
CA PRO B 37 28.36 -9.97 -3.24
CA PRO B 37 -23.11 -16.74 -10.71
CA PRO B 37 -15.78 -13.67 -17.93
CA PRO B 37 -8.18 18.73 27.62
C PRO B 37 28.09 -9.58 -1.80
C PRO B 37 -21.91 -15.87 -11.04
C PRO B 37 -14.36 -14.08 -17.62
C PRO B 37 -8.36 18.47 26.13
N PRO B 38 27.69 -10.51 -0.97
N PRO B 38 -20.74 -16.44 -11.22
N PRO B 38 -14.16 -15.21 -16.98
N PRO B 38 -9.40 17.78 25.74
CA PRO B 38 27.40 -10.19 0.43
CA PRO B 38 -19.55 -15.63 -11.53
CA PRO B 38 -12.79 -15.64 -16.63
CA PRO B 38 -9.60 17.49 24.31
C PRO B 38 28.57 -9.57 1.16
C PRO B 38 -19.70 -14.78 -12.76
C PRO B 38 -11.88 -15.76 -17.83
C PRO B 38 -9.66 18.72 23.44
N ASP B 39 29.77 -9.93 0.81
N ASP B 39 -20.46 -15.24 -13.73
N ASP B 39 -12.41 -16.10 -18.98
N ASP B 39 -10.16 19.82 23.97
CA ASP B 39 30.98 -9.42 1.52
CA ASP B 39 -20.61 -14.48 -15.01
CA ASP B 39 -11.57 -16.29 -20.19
CA ASP B 39 -10.30 21.05 23.16
C ASP B 39 31.20 -7.93 1.25
C ASP B 39 -21.39 -13.18 -14.81
C ASP B 39 -10.97 -14.97 -20.69
C ASP B 39 -8.96 21.66 22.80
N GLN B 40 30.53 -7.40 0.24
N GLN B 40 -22.07 -13.06 -13.69
N GLN B 40 -11.52 -13.86 -20.21
N GLN B 40 -7.91 21.24 23.49
CA GLN B 40 30.67 -5.95 -0.06
CA GLN B 40 -22.83 -11.82 -13.41
CA GLN B 40 -10.98 -12.55 -20.64
CA GLN B 40 -6.56 21.76 23.17
C GLN B 40 29.54 -5.12 0.57
C GLN B 40 -22.02 -10.83 -12.54
C GLN B 40 -9.97 -11.99 -19.62
C GLN B 40 -5.78 20.84 22.20
N GLN B 41 28.51 -5.77 1.09
N GLN B 41 -20.91 -11.26 -11.99
N GLN B 41 -9.86 -12.60 -18.46
N GLN B 41 -6.29 19.66 21.96
CA GLN B 41 27.37 -5.11 1.67
CA GLN B 41 -20.09 -10.46 -11.12
CA GLN B 41 -9.00 -12.14 -17.40
CA GLN B 41 -5.64 18.68 21.11
C GLN B 41 27.51 -4.70 3.13
C GLN B 41 -19.09 -9.55 -11.81
C GLN B 41 -7.56 -12.62 -17.49
C GLN B 41 -5.90 18.81 19.63
N ARG B 42 27.18 -3.44 3.38
N ARG B 42 -19.12 -8.28 -11.41
N ARG B 42 -6.64 -11.66 -17.37
N ARG B 42 -4.81 18.81 18.87
CA ARG B 42 27.10 -2.92 4.78
CA ARG B 42 -18.08 -7.30 -11.86
CA ARG B 42 -5.19 -11.98 -17.26
CA ARG B 42 -4.91 18.76 17.38
C ARG B 42 25.68 -2.42 4.92
C ARG B 42 -17.44 -6.81 -10.58
C ARG B 42 -4.75 -11.37 -15.94
C ARG B 42 -4.14 17.51 16.98
N LEU B 43 24.87 -3.01 5.80
N LEU B 43 -16.15 -7.06 -10.36
N LEU B 43 -4.33 -12.17 -14.97
N LEU B 43 -4.80 16.51 16.40
CA LEU B 43 23.44 -2.59 5.93
CA LEU B 43 -15.49 -6.63 -9.10
CA LEU B 43 -3.95 -11.61 -13.63
CA LEU B 43 -4.10 15.25 16.05
C LEU B 43 23.27 -1.75 7.19
C LEU B 43 -14.64 -5.40 -9.34
C LEU B 43 -2.43 -11.57 -13.50
C LEU B 43 -3.82 15.20 14.55
N ILE B 44 22.63 -0.59 7.02
N ILE B 44 -14.83 -4.38 -8.50
N ILE B 44 -1.92 -10.41 -13.10
N ILE B 44 -2.58 14.90 14.20
CA ILE B 44 22.42 0.36 8.11
CA ILE B 44 -14.13 -3.11 -8.63
CA ILE B 44 -0.49 -10.18 -12.97
CA ILE B 44 -2.12 14.87 12.81
C ILE B 44 20.94 0.66 8.33
C ILE B 44 -13.33 -2.77 -7.37
C ILE B 44 -0.09 -9.76 -11.56
C ILE B 44 -1.55 13.51 12.43
N PHE B 45 20.54 0.58 9.62
N PHE B 45 -12.05 -2.38 -7.60
N PHE B 45 0.96 -10.44 -11.04
N PHE B 45 -2.03 13.01 11.26
CA PHE B 45 19.15 0.90 10.02
CA PHE B 45 -11.17 -1.96 -6.51
CA PHE B 45 1.49 -10.13 -9.70
CA PHE B 45 -1.56 11.72 10.72
C PHE B 45 19.27 1.59 11.39
C PHE B 45 -10.30 -0.82 -7.08
C PHE B 45 3.02 -10.34 -9.82
C PHE B 45 -1.53 11.91 9.19
N ALA B 46 18.60 2.71 11.44
N ALA B 46 -10.29 0.24 -6.31
N ALA B 46 3.69 -9.31 -9.36
N ALA B 46 -0.39 11.56 8.66
CA ALA B 46 18.49 3.54 12.66
CA ALA B 46 -9.49 1.44 -6.61
CA ALA B 46 5.17 -9.26 -9.30
CA ALA B 46 -0.13 11.58 7.21
C ALA B 46 19.87 3.74 13.30
C ALA B 46 -9.69 1.88 -8.05
C ALA B 46 5.77 -9.71 -10.62
C ALA B 46 -0.57 12.90 6.60
N GLY B 47 20.81 4.06 12.45
N GLY B 47 -10.93 1.89 -8.44
N GLY B 47 5.22 -9.17 -11.67
N GLY B 47 -0.19 13.94 7.28
CA GLY B 47 22.19 4.32 12.72
CA GLY B 47 -11.46 2.24 -9.73
CA GLY B 47 5.54 -9.37 -13.05
CA GLY B 47 -0.45 15.33 6.99
C GLY B 47 23.00 3.19 13.29
C GLY B 47 -11.02 1.40 -10.90
C GLY B 47 5.38 -10.77 -13.60
C GLY B 47 -1.88 15.79 6.96
N LYS B 48 22.57 1.97 13.11
N LYS B 48 -10.58 0.19 -10.67
N LYS B 48 4.58 -11.59 -12.98
N LYS B 48 -2.77 15.07 7.60
CA LYS B 48 23.31 0.79 13.58
CA LYS B 48 -10.18 -0.73 -11.74
CA LYS B 48 4.31 -12.95 -13.45
CA LYS B 48 -4.19 15.43 7.68
C LYS B 48 23.73 -0.01 12.34
C LYS B 48 -11.16 -1.91 -11.71
C LYS B 48 2.82 -13.02 -13.82
C LYS B 48 -4.50 15.72 9.15
N GLN B 49 24.90 -0.58 12.36
N GLN B 49 -11.53 -2.43 -12.85
N GLN B 49 2.49 -13.73 -14.87
N GLN B 49 -5.32 16.70 9.42
CA GLN B 49 25.31 -1.47 11.24
CA GLN B 49 -12.37 -3.66 -12.88
CA GLN B 49 1.05 -13.92 -15.22
CA GLN B 49 -5.76 16.95 10.82
C GLN B 49 24.74 -2.83 11.62
C GLN B 49 -11.36 -4.80 -12.79
C GLN B 49 0.65 -15.14 -14.39
C GLN B 49 -6.95 16.01 11.01
N LEU B 50 24.04 -3.48 10.71
N LEU B 50 -11.57 -5.74 -11.90
N LEU B 50 -0.44 -15.05 -13.66
N LEU B 50 -6.97 15.24 12.07
CA LEU B 50 23.36 -4.76 11.01
CA LEU B 50 -10.62 -6.83 -11.67
CA LEU B 50 -0.88 -16.12 -12.75
CA LEU B 50 -8.03 14.24 12.30
C LEU B 50 24.37 -5.90 10.96
C LEU B 50 -10.78 -7.90 -12.74
C LEU B 50 -1.57 -17.22 -13.54
C LEU B 50 -9.27 14.92 12.84
N GLU B 51 24.27 -6.84 11.90
N GLU B 51 -9.67 -8.43 -13.24
N GLU B 51 -1.29 -18.48 -13.19
N GLU B 51 -10.45 14.51 12.36
CA GLU B 51 25.25 -7.96 11.96
CA GLU B 51 -9.74 -9.44 -14.32
CA GLU B 51 -1.87 -19.61 -13.94
CA GLU B 51 -11.70 15.15 12.80
C GLU B 51 24.63 -9.19 11.38
C GLU B 51 -9.53 -10.82 -13.76
C GLU B 51 -3.02 -20.20 -13.17
C GLU B 51 -12.40 14.29 13.81
N ASP B 52 25.35 -9.99 10.62
N ASP B 52 -10.26 -11.82 -14.20
N ASP B 52 -4.10 -20.58 -13.81
N ASP B 52 -12.98 14.83 14.84
CA ASP B 52 24.88 -11.18 9.93
CA ASP B 52 -10.24 -13.18 -13.70
CA ASP B 52 -5.32 -21.09 -13.19
CA ASP B 52 -13.62 14.12 15.95
C ASP B 52 24.05 -12.23 10.65
C ASP B 52 -8.92 -13.91 -13.48
C ASP B 52 -5.26 -22.18 -12.13
C ASP B 52 -14.60 13.00 15.68
N GLY B 53 24.41 -12.56 11.87
N GLY B 53 -7.99 -13.78 -14.40
N GLY B 53 -4.44 -23.18 -12.33
N GLY B 53 -15.48 13.17 14.72
CA GLY B 53 23.74 -13.59 12.68
CA GLY B 53 -6.68 -14.47 -14.36
CA GLY B 53 -4.30 -24.33 -11.42
CA GLY B 53 -16.55 12.20 14.38
C GLY B 53 22.52 -13.17 13.42
C GLY B 53 -5.62 -13.82 -13.53
C GLY B 53 -3.43 -24.14 -10.23
C GLY B 53 -16.14 11.08 13.48
N ARG B 54 22.20 -11.88 13.45
N ARG B 54 -5.85 -12.62 -13.03
N ARG B 54 -2.68 -23.04 -10.14
N ARG B 54 -14.94 11.10 12.91
CA ARG B 54 20.96 -11.39 14.09
CA ARG B 54 -4.88 -11.94 -12.14
CA ARG B 54 -1.85 -22.75 -8.96
CA ARG B 54 -14.44 9.99 12.08
C ARG B 54 19.84 -11.49 13.06
C ARG B 54 -5.15 -12.41 -10.71
C ARG B 54 -2.72 -22.06 -7.92
C ARG B 54 -13.81 8.95 12.99
N THR B 55 18.61 -11.37 13.54
N THR B 55 -4.21 -12.16 -9.83
N THR B 55 -2.25 -21.98 -6.71
N THR B 55 -13.58 7.77 12.48
CA THR B 55 17.40 -11.38 12.69
CA THR B 55 -4.34 -12.48 -8.39
CA THR B 55 -2.92 -21.29 -5.59
CA THR B 55 -12.92 6.67 13.21
C THR B 55 16.91 -9.91 12.61
C THR B 55 -4.60 -11.15 -7.65
C THR B 55 -2.17 -19.95 -5.37
C THR B 55 -11.48 6.58 12.66
N LEU B 56 16.04 -9.66 11.66
N LEU B 56 -5.05 -11.27 -6.42
N LEU B 56 -2.81 -19.07 -4.63
N LEU B 56 -10.64 5.87 13.39
CA LEU B 56 15.41 -8.33 11.48
CA LEU B 56 -5.31 -10.10 -5.55
CA LEU B 56 -2.22 -17.76 -4.28
CA LEU B 56 -9.24 5.63 12.98
C LEU B 56 14.63 -8.01 12.76
C LEU B 56 -3.99 -9.34 -5.37
C LEU B 56 -0.95 -18.03 -3.46
C LEU B 56 -9.26 4.86 11.66
N SER B 57 14.00 -9.03 13.37
N SER B 57 -2.87 -10.09 -5.28
N SER B 57 -0.97 -19.07 -2.61
N SER B 57 -10.24 3.95 11.49
CA SER B 57 13.23 -8.70 14.60
CA SER B 57 -1.59 -9.36 -5.09
CA SER B 57 0.24 -19.32 -1.81
CA SER B 57 -10.24 3.20 10.21
C SER B 57 14.12 -8.20 15.72
C SER B 57 -1.26 -8.47 -6.26
C SER B 57 1.44 -19.69 -2.67
C SER B 57 -10.48 4.10 9.01
N ASP B 58 15.36 -8.64 15.75
N ASP B 58 -1.69 -8.85 -7.44
N ASP B 58 1.19 -20.30 -3.81
N ASP B 58 -11.21 5.19 9.21
CA ASP B 58 16.32 -8.20 16.79
CA ASP B 58 -1.41 -8.06 -8.67
CA ASP B 58 2.28 -20.69 -4.74
CA ASP B 58 -11.50 6.14 8.12
C ASP B 58 16.42 -6.67 16.83
C ASP B 58 -1.92 -6.62 -8.50
C ASP B 58 3.13 -19.48 -5.11
C ASP B 58 -10.19 6.64 7.48
N TYR B 59 16.42 -6.09 15.65
N TYR B 59 -3.05 -6.50 -7.87
N TYR B 59 2.47 -18.37 -5.31
N TYR B 59 -9.22 6.87 8.31
CA TYR B 59 16.50 -4.65 15.46
CA TYR B 59 -3.70 -5.22 -7.59
CA TYR B 59 3.09 -17.10 -5.65
CA TYR B 59 -7.89 7.33 7.91
C TYR B 59 15.14 -3.98 15.40
C TYR B 59 -3.31 -4.64 -6.25
C TYR B 59 3.44 -16.25 -4.45
C TYR B 59 -6.93 6.20 7.64
N ASN B 60 14.03 -4.66 15.61
N ASN B 60 -2.39 -5.21 -5.49
N ASN B 60 3.27 -16.71 -3.22
N ASN B 60 -7.32 4.94 7.67
CA ASN B 60 12.73 -3.98 15.55
CA ASN B 60 -2.03 -4.61 -4.19
CA ASN B 60 3.63 -15.86 -2.07
CA ASN B 60 -6.34 3.87 7.40
C ASN B 60 12.52 -3.32 14.18
C ASN B 60 -3.26 -4.49 -3.29
C ASN B 60 2.85 -14.55 -2.10
C ASN B 60 -5.17 3.94 8.36
N ILE B 61 12.81 -4.04 13.12
N ILE B 61 -4.04 -5.54 -3.21
N ILE B 61 1.57 -14.62 -2.35
N ILE B 61 -5.44 4.12 9.63
CA ILE B 61 12.56 -3.53 11.75
CA ILE B 61 -5.22 -5.57 -2.28
CA ILE B 61 0.69 -13.41 -2.31
CA ILE B 61 -4.37 4.10 10.68
C ILE B 61 11.14 -3.95 11.39
C ILE B 61 -4.70 -6.10 -0.95
C ILE B 61 0.21 -13.29 -0.87
C ILE B 61 -4.23 2.65 11.11
N GLN B 62 10.24 -3.03 11.18
N GLN B 62 -4.73 -5.32 0.09
N GLN B 62 0.56 -12.24 -0.17
N GLN B 62 -3.10 2.04 10.89
CA GLN B 62 8.81 -3.32 10.90
CA GLN B 62 -4.19 -5.72 1.42
CA GLN B 62 0.19 -12.05 1.26
CA GLN B 62 -2.85 0.60 11.20
C GLN B 62 8.54 -3.12 9.40
C GLN B 62 -5.35 -6.08 2.36
C GLN B 62 -0.94 -11.03 1.37
C GLN B 62 -2.01 0.49 12.49
N LYS B 63 7.37 -3.53 8.93
N LYS B 63 -5.05 -6.66 3.52
N LYS B 63 -1.54 -10.89 2.55
N LYS B 63 -1.88 -0.70 13.04
CA LYS B 63 7.02 -3.48 7.52
CA LYS B 63 -6.06 -7.11 4.45
CA LYS B 63 -2.67 -10.01 2.75
CA LYS B 63 -1.16 -0.92 14.28
C LYS B 63 7.20 -2.04 7.03
C LYS B 63 -6.98 -5.94 4.78
C LYS B 63 -2.31 -8.61 2.29
C LYS B 63 0.24 -0.34 14.16
N GLU B 64 7.68 -1.98 5.78
N GLU B 64 -8.26 -6.34 4.93
N GLU B 64 -3.34 -7.98 1.71
N GLU B 64 0.67 0.22 15.30
CA GLU B 64 7.93 -0.78 5.03
CA GLU B 64 -9.36 -5.47 5.25
CA GLU B 64 -3.30 -6.64 1.18
CA GLU B 64 1.96 0.84 15.48
C GLU B 64 9.04 0.12 5.52
C GLU B 64 -9.78 -4.45 4.23
C GLU B 64 -2.44 -6.38 -0.02
C GLU B 64 2.25 2.09 14.73
N SER B 65 9.92 -0.47 6.32
N SER B 65 -9.35 -4.69 3.00
N SER B 65 -2.11 -7.46 -0.71
N SER B 65 1.19 2.73 14.27
CA SER B 65 11.13 0.19 6.81
CA SER B 65 -9.74 -3.88 1.83
CA SER B 65 -1.37 -7.42 -1.98
CA SER B 65 1.24 4.04 13.60
C SER B 65 12.10 0.33 5.61
C SER B 65 -11.23 -4.18 1.54
C SER B 65 -2.33 -6.85 -3.06
C SER B 65 1.60 5.09 14.69
N THR B 66 13.04 1.23 5.71
N THR B 66 -11.87 -3.28 0.83
N THR B 66 -1.77 -6.35 -4.13
N THR B 66 2.10 6.23 14.26
CA THR B 66 14.08 1.41 4.69
CA THR B 66 -13.27 -3.47 0.41
CA THR B 66 -2.56 -5.85 -5.26
CA THR B 66 2.38 7.35 15.17
C THR B 66 15.44 1.16 5.33
C THR B 66 -13.31 -3.46 -1.12
C THR B 66 -2.20 -6.67 -6.50
C THR B 66 1.55 8.55 14.74
N LEU B 67 16.25 0.26 4.74
N LEU B 67 -13.90 -4.49 -1.73
N LEU B 67 -3.19 -7.24 -7.18
N LEU B 67 0.79 9.14 15.68
CA LEU B 67 17.61 0.05 5.24
CA LEU B 67 -14.08 -4.49 -3.19
CA LEU B 67 -2.92 -7.95 -8.44
CA LEU B 67 0.04 10.35 15.35
C LEU B 67 18.54 0.78 4.26
C LEU B 67 -15.57 -4.15 -3.43
C LEU B 67 -3.38 -6.99 -9.56
C LEU B 67 0.83 11.51 16.00
N HIS B 68 19.68 1.19 4.68
N HIS B 68 -15.89 -3.60 -4.55
N HIS B 68 -2.83 -7.12 -10.72
N HIS B 68 0.71 12.69 15.50
CA HIS B 68 20.61 1.86 3.75
CA HIS B 68 -17.31 -3.30 -4.84
CA HIS B 68 -3.27 -6.25 -11.83
CA HIS B 68 1.42 13.83 16.11
C HIS B 68 21.70 0.83 3.45
C HIS B 68 -17.76 -4.35 -5.85
C HIS B 68 -4.11 -7.13 -12.74
C HIS B 68 0.35 14.63 16.85
N LEU B 69 22.07 0.71 2.18
N LEU B 69 -18.94 -4.91 -5.63
N LEU B 69 -5.25 -6.63 -13.20
N LEU B 69 0.65 15.05 18.07
CA LEU B 69 23.15 -0.18 1.77
CA LEU B 69 -19.52 -5.88 -6.57
CA LEU B 69 -6.11 -7.34 -14.14
CA LEU B 69 -0.24 15.89 18.85
C LEU B 69 24.39 0.59 1.38
C LEU B 69 -20.66 -5.28 -7.33
C LEU B 69 -6.04 -6.74 -15.50
C LEU B 69 0.26 17.30 18.94
N VAL B 70 25.47 0.45 2.08
N VAL B 70 -20.57 -5.14 -8.61
N VAL B 70 -5.56 -7.44 -16.49
N VAL B 70 -0.42 18.26 18.40
CA VAL B 70 26.74 1.12 1.67
CA VAL B 70 -21.72 -4.65 -9.43
CA VAL B 70 -5.58 -6.93 -17.88
CA VAL B 70 -0.02 19.68 18.56
C VAL B 70 27.61 -0.05 1.18
C VAL B 70 -22.17 -5.91 -10.19
C VAL B 70 -6.65 -7.78 -18.57
C VAL B 70 -1.07 20.26 19.52
N LEU B 71 28.35 0.16 0.11
N LEU B 71 -23.47 -6.10 -10.33
N LEU B 71 -7.45 -7.18 -19.41
N LEU B 71 -0.66 21.09 20.44
CA LEU B 71 29.24 -0.91 -0.41
CA LEU B 71 -24.00 -7.26 -11.07
CA LEU B 71 -8.49 -7.94 -20.16
CA LEU B 71 -1.61 21.72 21.38
C LEU B 71 30.64 -0.70 0.11
C LEU B 71 -24.30 -6.86 -12.49
C LEU B 71 -7.97 -8.32 -21.52
C LEU B 71 -2.00 23.08 20.88
N MET A 1 6.38 18.40 -20.67
CA MET A 1 5.74 19.56 -20.05
C MET A 1 6.28 19.67 -18.60
N GLN A 2 6.34 20.88 -18.14
CA GLN A 2 6.81 21.11 -16.74
C GLN A 2 5.61 21.10 -15.81
N ILE A 3 5.80 20.45 -14.66
CA ILE A 3 4.77 20.47 -13.61
C ILE A 3 5.53 20.83 -12.30
N PHE A 4 4.75 21.23 -11.33
CA PHE A 4 5.40 21.59 -10.01
C PHE A 4 4.91 20.64 -8.96
N VAL A 5 5.74 20.16 -8.03
CA VAL A 5 5.27 19.32 -6.95
C VAL A 5 5.58 20.10 -5.65
N LYS A 6 4.57 20.50 -4.95
CA LYS A 6 4.78 21.30 -3.70
C LYS A 6 4.77 20.35 -2.53
N THR A 7 5.82 20.41 -1.68
CA THR A 7 5.88 19.52 -0.51
C THR A 7 5.42 20.27 0.74
N LEU A 8 5.24 19.58 1.84
CA LEU A 8 4.74 20.24 3.07
C LEU A 8 5.81 21.08 3.74
N THR A 9 7.06 21.03 3.24
CA THR A 9 8.08 21.90 3.94
C THR A 9 8.35 23.16 3.18
N GLY A 10 7.52 23.50 2.24
CA GLY A 10 7.67 24.69 1.43
C GLY A 10 8.68 24.63 0.33
N LYS A 11 9.10 23.43 0.00
CA LYS A 11 10.01 23.21 -1.12
C LYS A 11 9.11 22.84 -2.31
N THR A 12 9.42 23.38 -3.48
CA THR A 12 8.62 22.98 -4.66
C THR A 12 9.61 22.35 -5.64
N ILE A 13 9.25 21.19 -6.17
CA ILE A 13 10.23 20.60 -7.13
C ILE A 13 9.65 20.67 -8.52
N THR A 14 10.47 20.94 -9.51
CA THR A 14 9.89 20.97 -10.89
C THR A 14 10.25 19.66 -11.57
N LEU A 15 9.33 19.09 -12.33
CA LEU A 15 9.58 17.83 -13.01
C LEU A 15 9.25 18.02 -14.49
N GLU A 16 9.89 17.22 -15.31
CA GLU A 16 9.51 17.26 -16.76
C GLU A 16 8.85 15.92 -17.00
N VAL A 17 7.60 16.03 -17.42
CA VAL A 17 6.77 14.86 -17.67
C VAL A 17 5.93 15.04 -18.95
N GLU A 18 5.32 13.93 -19.31
CA GLU A 18 4.37 13.84 -20.41
C GLU A 18 3.06 13.38 -19.82
N PRO A 19 1.95 13.87 -20.34
CA PRO A 19 0.61 13.47 -19.90
C PRO A 19 0.43 11.98 -19.97
N SER A 20 1.19 11.31 -20.81
CA SER A 20 1.03 9.85 -20.98
C SER A 20 1.72 9.11 -19.87
N ASP A 21 2.49 9.83 -19.05
CA ASP A 21 3.19 9.10 -17.96
C ASP A 21 2.21 8.63 -16.92
N THR A 22 2.51 7.52 -16.30
CA THR A 22 1.71 6.99 -15.21
C THR A 22 2.16 7.68 -13.91
N ILE A 23 1.25 7.61 -12.94
CA ILE A 23 1.52 8.13 -11.60
C ILE A 23 2.72 7.40 -10.98
N GLU A 24 2.80 6.12 -11.24
CA GLU A 24 3.98 5.32 -10.73
C GLU A 24 5.27 5.90 -11.23
N CYS A 25 5.30 6.34 -12.52
CA CYS A 25 6.50 6.91 -13.13
C CYS A 25 6.85 8.24 -12.50
N VAL A 26 5.82 9.05 -12.28
CA VAL A 26 6.04 10.34 -11.65
C VAL A 26 6.71 10.15 -10.29
N LYS A 27 6.18 9.20 -9.52
CA LYS A 27 6.74 8.92 -8.19
C LYS A 27 8.19 8.48 -8.29
N ALA A 28 8.54 7.70 -9.30
CA ALA A 28 9.92 7.29 -9.53
C ALA A 28 10.80 8.47 -9.89
N LYS A 29 10.31 9.43 -10.66
CA LYS A 29 11.09 10.64 -10.97
C LYS A 29 11.35 11.47 -9.69
N ILE A 30 10.35 11.49 -8.81
CA ILE A 30 10.50 12.25 -7.55
C ILE A 30 11.53 11.50 -6.70
N GLN A 31 11.49 10.19 -6.69
CA GLN A 31 12.50 9.45 -5.86
C GLN A 31 13.90 9.76 -6.40
N ASP A 32 14.01 9.63 -7.70
CA ASP A 32 15.30 9.91 -8.37
C ASP A 32 15.83 11.29 -8.03
N LYS A 33 14.94 12.30 -7.98
CA LYS A 33 15.50 13.66 -7.74
C LYS A 33 15.53 14.13 -6.33
N GLU A 34 14.74 13.67 -5.41
CA GLU A 34 14.73 14.09 -4.02
C GLU A 34 14.92 12.96 -3.04
N GLY A 35 14.94 11.73 -3.52
CA GLY A 35 15.18 10.58 -2.69
C GLY A 35 14.07 10.02 -1.89
N ILE A 36 12.84 10.55 -2.06
CA ILE A 36 11.72 10.01 -1.29
C ILE A 36 11.20 8.72 -1.91
N PRO A 37 11.15 7.65 -1.13
CA PRO A 37 10.64 6.34 -1.58
C PRO A 37 9.21 6.46 -2.09
N PRO A 38 8.88 5.84 -3.19
CA PRO A 38 7.51 5.95 -3.73
C PRO A 38 6.45 5.52 -2.76
N ASP A 39 6.74 4.57 -1.90
CA ASP A 39 5.72 4.05 -0.95
C ASP A 39 5.34 5.08 0.11
N GLN A 40 6.16 6.11 0.23
CA GLN A 40 5.83 7.18 1.22
C GLN A 40 5.08 8.36 0.58
N GLN A 41 5.02 8.40 -0.74
CA GLN A 41 4.40 9.48 -1.46
C GLN A 41 2.90 9.36 -1.66
N ARG A 42 2.21 10.46 -1.32
CA ARG A 42 0.75 10.57 -1.60
C ARG A 42 0.62 11.80 -2.48
N LEU A 43 0.18 11.67 -3.73
CA LEU A 43 0.09 12.84 -4.63
C LEU A 43 -1.35 13.30 -4.76
N ILE A 44 -1.57 14.59 -4.57
CA ILE A 44 -2.91 15.19 -4.61
C ILE A 44 -3.02 16.28 -5.66
N PHE A 45 -4.11 16.19 -6.46
CA PHE A 45 -4.39 17.20 -7.50
C PHE A 45 -5.92 17.33 -7.53
N ALA A 46 -6.32 18.58 -7.46
CA ALA A 46 -7.74 18.98 -7.52
C ALA A 46 -8.59 18.14 -6.58
N GLY A 47 -8.08 17.99 -5.40
CA GLY A 47 -8.62 17.24 -4.29
C GLY A 47 -8.80 15.76 -4.47
N CYS A 48 -8.13 15.15 -5.41
CA CYS A 48 -8.12 13.71 -5.63
C CYS A 48 -6.78 13.12 -5.25
N GLN A 49 -6.74 11.97 -4.70
CA GLN A 49 -5.43 11.30 -4.47
C GLN A 49 -5.16 10.55 -5.77
N LEU A 50 -3.98 10.72 -6.33
CA LEU A 50 -3.65 10.11 -7.64
C LEU A 50 -3.29 8.65 -7.46
N GLU A 51 -3.77 7.80 -8.37
CA GLU A 51 -3.53 6.34 -8.25
C GLU A 51 -2.42 5.92 -9.18
N ASP A 52 -1.53 5.06 -8.79
CA ASP A 52 -0.35 4.62 -9.54
C ASP A 52 -0.48 4.20 -10.99
N GLY A 53 -1.50 3.45 -11.32
CA GLY A 53 -1.74 2.91 -12.67
C GLY A 53 -2.40 3.82 -13.65
N ARG A 54 -2.89 4.98 -13.21
CA ARG A 54 -3.49 5.96 -14.13
C ARG A 54 -2.37 6.83 -14.68
N THR A 55 -2.66 7.57 -15.72
CA THR A 55 -1.72 8.53 -16.36
C THR A 55 -2.16 9.94 -15.93
N LEU A 56 -1.27 10.90 -16.12
CA LEU A 56 -1.55 12.31 -15.83
C LEU A 56 -2.72 12.75 -16.70
N SER A 57 -2.80 12.25 -17.95
CA SER A 57 -3.93 12.69 -18.80
C SER A 57 -5.26 12.26 -18.24
N ASP A 58 -5.29 11.15 -17.53
CA ASP A 58 -6.56 10.64 -16.93
C ASP A 58 -7.20 11.71 -16.05
N TYR A 59 -6.37 12.41 -15.33
CA TYR A 59 -6.76 13.49 -14.42
C TYR A 59 -6.79 14.84 -15.09
N ASN A 60 -6.55 14.98 -16.38
CA ASN A 60 -6.58 16.32 -16.99
C ASN A 60 -5.58 17.25 -16.32
N ILE A 61 -4.36 16.77 -16.10
CA ILE A 61 -3.28 17.62 -15.54
C ILE A 61 -2.59 18.28 -16.73
N GLN A 62 -2.64 19.57 -16.85
CA GLN A 62 -2.07 20.32 -18.00
C GLN A 62 -0.74 20.97 -17.58
N LYS A 63 0.04 21.51 -18.58
CA LYS A 63 1.33 22.10 -18.24
C LYS A 63 1.17 23.16 -17.17
N GLU A 64 2.22 23.18 -16.36
CA GLU A 64 2.37 24.09 -15.26
C GLU A 64 1.44 23.96 -14.10
N SER A 65 0.81 22.79 -14.03
CA SER A 65 -0.07 22.42 -12.91
C SER A 65 0.84 22.18 -11.68
N THR A 66 0.25 22.25 -10.50
CA THR A 66 0.96 21.97 -9.25
C THR A 66 0.29 20.77 -8.56
N LEU A 67 1.06 19.74 -8.22
CA LEU A 67 0.49 18.62 -7.46
C LEU A 67 0.98 18.81 -6.00
N HIS A 68 0.26 18.31 -5.06
CA HIS A 68 0.72 18.43 -3.66
C HIS A 68 1.24 17.05 -3.26
N LEU A 69 2.38 17.02 -2.60
CA LEU A 69 2.96 15.77 -2.10
C LEU A 69 2.83 15.67 -0.60
N VAL A 70 2.10 14.73 -0.09
CA VAL A 70 2.03 14.52 1.38
C VAL A 70 2.81 13.21 1.60
N LEU A 71 3.60 13.15 2.65
CA LEU A 71 4.36 11.93 2.95
C LEU A 71 3.61 11.09 3.95
N ARG A 72 3.52 9.80 3.72
N ARG A 72 3.57 9.75 3.70
N ARG A 72 3.55 9.80 3.74
N ARG A 72 3.55 9.77 3.69
CA ARG A 72 2.78 8.91 4.65
CA ARG A 72 2.91 8.75 4.56
CA ARG A 72 2.83 8.92 4.69
CA ARG A 72 2.87 8.72 4.48
C ARG A 72 3.85 8.27 5.54
C ARG A 72 1.99 7.96 3.63
C ARG A 72 3.73 8.81 5.92
C ARG A 72 2.00 7.95 3.50
N LEU A 73 3.84 8.43 6.81
N LEU A 73 1.26 7.00 4.08
N LEU A 73 3.25 8.90 7.11
N LEU A 73 1.57 6.77 3.78
CA LEU A 73 4.88 7.80 7.66
CA LEU A 73 0.38 6.23 3.15
CA LEU A 73 4.13 8.79 8.29
CA LEU A 73 0.71 6.04 2.82
C LEU A 73 4.33 6.53 8.28
C LEU A 73 1.18 5.13 2.49
C LEU A 73 3.32 8.51 9.53
C LEU A 73 -0.01 4.90 3.53
N ARG A 74 5.02 5.43 7.98
N ARG A 74 0.53 3.98 2.40
N ARG A 74 2.02 8.77 9.39
N ARG A 74 0.75 4.25 4.39
CA ARG A 74 4.65 4.10 8.48
CA ARG A 74 1.13 2.78 1.80
CA ARG A 74 1.06 8.56 10.49
CA ARG A 74 0.25 3.10 5.17
C ARG A 74 4.98 4.01 9.96
C ARG A 74 0.02 1.93 1.17
C ARG A 74 1.02 7.08 10.84
C ARG A 74 1.12 2.93 6.41
N GLY A 75 4.01 3.49 10.71
N GLY A 75 -0.78 1.33 2.05
N GLY A 75 1.07 6.26 9.81
N GLY A 75 0.50 2.38 7.46
CA GLY A 75 4.12 3.33 12.15
CA GLY A 75 -1.89 0.48 1.67
CA GLY A 75 1.03 4.81 9.93
CA GLY A 75 1.16 2.14 8.73
C GLY A 75 5.23 2.41 12.61
C GLY A 75 -1.56 -1.00 1.56
C GLY A 75 2.30 4.17 10.45
C GLY A 75 1.76 0.75 8.89
N GLY A 76 5.38 1.33 11.86
N GLY A 76 -2.62 -1.77 1.45
N GLY A 76 2.15 2.92 10.84
N GLY A 76 2.09 0.47 10.14
CA GLY A 76 6.39 0.29 12.08
CA GLY A 76 -2.58 -3.23 1.31
CA GLY A 76 3.22 2.07 11.37
CA GLY A 76 2.69 -0.81 10.58
C GLY A 76 7.56 0.54 11.10
C GLY A 76 -3.74 -3.83 2.11
C GLY A 76 3.05 0.66 10.80
C GLY A 76 1.69 -1.49 11.53
N MET B 1 11.00 -6.34 8.11
N MET B 1 -9.70 -12.84 -0.23
N MET B 1 -2.29 -5.35 9.69
N MET B 1 -5.85 -1.16 19.69
CA MET B 1 11.29 -4.90 7.94
CA MET B 1 -9.68 -11.38 -0.13
CA MET B 1 -1.61 -4.31 8.88
CA MET B 1 -4.60 -0.86 18.97
C MET B 1 11.79 -4.71 6.50
C MET B 1 -11.12 -10.88 -0.43
C MET B 1 -2.45 -4.14 7.59
C MET B 1 -3.99 0.42 19.60
N GLN B 2 11.52 -3.54 5.99
N GLN B 2 -11.45 -9.78 0.17
N GLN B 2 -2.41 -2.93 7.10
N GLN B 2 -2.70 0.47 19.54
CA GLN B 2 12.00 -3.23 4.61
CA GLN B 2 -12.81 -9.19 -0.07
CA GLN B 2 -3.15 -2.64 5.83
CA GLN B 2 -2.01 1.69 20.08
C GLN B 2 13.37 -2.57 4.69
C GLN B 2 -12.71 -8.21 -1.23
C GLN B 2 -2.22 -2.87 4.66
C GLN B 2 -1.83 2.69 18.95
N ILE B 3 14.24 -2.98 3.78
N ILE B 3 -13.71 -8.25 -2.09
N ILE B 3 -2.77 -3.49 3.62
N ILE B 3 -2.07 3.95 19.29
CA ILE B 3 15.56 -2.33 3.66
CA ILE B 3 -13.82 -7.26 -3.18
CA ILE B 3 -2.03 -3.65 2.35
CA ILE B 3 -1.79 5.05 18.34
C ILE B 3 15.73 -2.02 2.14
C ILE B 3 -15.28 -6.75 -3.13
C ILE B 3 -3.00 -3.18 1.23
C ILE B 3 -0.99 6.11 19.14
N PHE B 4 16.67 -1.14 1.89
N PHE B 4 -15.47 -5.62 -3.77
N PHE B 4 -2.40 -2.93 0.09
N PHE B 4 -0.36 6.98 18.38
CA PHE B 4 16.92 -0.79 0.44
CA PHE B 4 -16.87 -5.06 -3.80
CA PHE B 4 -3.27 -2.48 -1.07
CA PHE B 4 0.45 8.05 19.07
C PHE B 4 18.30 -1.22 0.06
C PHE B 4 -17.37 -5.04 -5.21
C PHE B 4 -3.20 -3.51 -2.15
C PHE B 4 -0.15 9.39 18.76
N VAL B 5 18.56 -1.76 -1.11
N VAL B 5 -18.63 -5.37 -5.49
N VAL B 5 -4.29 -3.84 -2.84
N VAL B 5 -0.25 10.33 19.70
CA VAL B 5 19.91 -2.11 -1.53
CA VAL B 5 -19.16 -5.29 -6.84
CA VAL B 5 -4.24 -4.77 -3.96
CA VAL B 5 -0.75 11.66 19.42
C VAL B 5 20.18 -1.24 -2.79
C VAL B 5 -20.31 -4.24 -6.77
C VAL B 5 -4.69 -3.95 -5.19
C VAL B 5 0.43 12.62 19.71
N LYS B 6 21.10 -0.35 -2.70
N LYS B 6 -20.14 -3.15 -7.43
N LYS B 6 -3.82 -3.75 -6.12
N LYS B 6 0.94 13.27 18.72
CA LYS B 6 21.41 0.56 -3.85
CA LYS B 6 -21.19 -2.06 -7.38
CA LYS B 6 -4.18 -2.94 -7.33
CA LYS B 6 2.11 14.18 18.91
C LYS B 6 22.55 -0.04 -4.63
C LYS B 6 -22.09 -2.23 -8.57
C LYS B 6 -4.60 -3.88 -8.42
C LYS B 6 1.58 15.58 19.09
N THR B 7 22.39 -0.21 -5.96
N THR B 7 -23.42 -2.29 -8.33
N THR B 7 -5.80 -3.64 -9.02
N THR B 7 1.99 16.26 20.18
CA THR B 7 23.46 -0.78 -6.77
CA THR B 7 -24.37 -2.46 -9.44
CA THR B 7 -6.27 -4.53 -10.09
CA THR B 7 1.51 17.64 20.42
C THR B 7 24.21 0.34 -7.48
C THR B 7 -24.96 -1.09 -9.81
C THR B 7 -6.00 -3.88 -11.44
C THR B 7 2.58 18.63 19.97
N LEU B 8 25.33 0.04 -8.12
N LEU B 8 -25.68 -1.01 -10.91
N LEU B 8 -6.18 -4.60 -12.53
N LEU B 8 2.26 19.91 19.93
CA LEU B 8 26.14 1.09 -8.79
CA LEU B 8 -26.25 0.28 -11.34
CA LEU B 8 -5.89 -4.05 -13.88
CA LEU B 8 3.23 20.92 19.45
C LEU B 8 25.49 1.57 -10.07
C LEU B 8 -27.43 0.73 -10.49
C LEU B 8 -6.92 -3.03 -14.33
C LEU B 8 4.34 21.19 20.46
N THR B 9 24.40 0.93 -10.51
N THR B 9 -27.89 -0.14 -9.57
N THR B 9 -8.01 -2.86 -13.55
N THR B 9 4.24 20.61 21.67
CA THR B 9 23.80 1.45 -11.79
CA THR B 9 -29.05 0.35 -8.74
CA THR B 9 -9.00 -1.84 -14.04
CA THR B 9 5.35 20.90 22.63
C THR B 9 22.59 2.31 -11.53
C THR B 9 -28.62 0.81 -7.38
C THR B 9 -8.88 -0.55 -13.30
C THR B 9 6.33 19.77 22.72
N GLY B 10 22.39 2.74 -10.33
N GLY B 10 -27.35 1.03 -7.19
N GLY B 10 -7.82 -0.35 -12.59
N GLY B 10 6.28 18.86 21.79
CA GLY B 10 21.28 3.57 -9.94
CA GLY B 10 -26.80 1.48 -5.93
CA GLY B 10 -7.57 0.86 -11.83
CA GLY B 10 7.17 17.71 21.75
C GLY B 10 19.96 2.87 -9.78
C GLY B 10 -26.66 0.43 -4.85
C GLY B 10 -8.30 0.99 -10.53
C GLY B 10 6.86 16.59 22.69
N LYS B 11 19.99 1.58 -9.68
N LYS B 11 -26.73 -0.81 -5.24
N LYS B 11 -8.83 -0.12 -10.05
N LYS B 11 5.65 16.60 23.21
CA LYS B 11 18.81 0.78 -9.41
CA LYS B 11 -26.51 -1.93 -4.33
CA LYS B 11 -9.47 -0.17 -8.75
CA LYS B 11 5.16 15.52 24.06
C LYS B 11 18.80 0.55 -7.88
C LYS B 11 -25.02 -2.32 -4.52
C LYS B 11 -8.39 -0.68 -7.77
C LYS B 11 4.37 14.60 23.13
N THR B 12 17.64 0.65 -7.27
N THR B 12 -24.34 -2.60 -3.42
N THR B 12 -8.34 -0.08 -6.59
N THR B 12 4.53 13.30 23.30
CA THR B 12 17.58 0.35 -5.83
CA THR B 12 -22.96 -3.07 -3.58
CA THR B 12 -7.37 -0.60 -5.61
CA THR B 12 3.72 12.38 22.48
C THR B 12 16.60 -0.81 -5.67
C THR B 12 -22.90 -4.46 -2.96
C THR B 12 -8.19 -1.03 -4.39
C THR B 12 2.90 11.54 23.46
N ILE B 13 17.01 -1.82 -4.92
N ILE B 13 -22.32 -5.41 -3.68
N ILE B 13 -7.92 -2.25 -3.91
N ILE B 13 1.60 11.44 23.20
CA ILE B 13 16.03 -2.94 -4.77
CA ILE B 13 -22.27 -6.76 -3.05
CA ILE B 13 -8.73 -2.65 -2.72
CA ILE B 13 0.82 10.61 24.17
C ILE B 13 15.51 -2.96 -3.37
C ILE B 13 -20.85 -7.08 -2.67
C ILE B 13 -7.84 -2.67 -1.51
C ILE B 13 0.40 9.33 23.50
N THR B 14 14.24 -3.24 -3.19
N THR B 14 -20.64 -7.71 -1.54
N THR B 14 -8.36 -2.25 -0.37
N THR B 14 0.42 8.23 24.21
CA THR B 14 13.74 -3.29 -1.78
CA THR B 14 -19.24 -8.06 -1.20
CA THR B 14 -7.48 -2.31 0.83
CA THR B 14 -0.04 6.97 23.54
C THR B 14 13.64 -4.74 -1.36
C THR B 14 -19.00 -9.52 -1.53
C THR B 14 -7.88 -3.52 1.65
C THR B 14 -1.45 6.69 23.99
N LEU B 15 14.01 -5.07 -0.14
N LEU B 15 -17.86 -9.87 -2.07
N LEU B 15 -6.92 -4.25 2.20
N LEU B 15 -2.32 6.25 23.09
CA LEU B 15 13.98 -6.43 0.34
CA LEU B 15 -17.56 -11.24 -2.44
CA LEU B 15 -7.22 -5.43 2.99
CA LEU B 15 -3.70 5.95 23.44
C LEU B 15 13.17 -6.46 1.64
C LEU B 15 -16.22 -11.63 -1.78
C LEU B 15 -6.52 -5.28 4.34
C LEU B 15 -4.01 4.52 22.99
N GLU B 16 12.59 -7.61 1.93
N GLU B 16 -16.07 -12.91 -1.55
N GLU B 16 -7.08 -5.96 5.33
N GLU B 16 -4.98 3.93 23.67
CA GLU B 16 11.91 -7.73 3.25
CA GLU B 16 -14.74 -13.36 -1.04
CA GLU B 16 -6.37 -5.96 6.65
CA GLU B 16 -5.42 2.59 23.18
C GLU B 16 12.76 -8.71 4.01
C GLU B 16 -14.17 -14.17 -2.20
C GLU B 16 -5.90 -7.39 6.79
C GLU B 16 -6.81 2.83 22.66
N VAL B 17 13.26 -8.22 5.13
N VAL B 17 -13.02 -13.69 -2.65
N VAL B 17 -4.59 -7.50 6.93
N VAL B 17 -6.96 2.52 21.38
CA VAL B 17 14.16 -8.99 5.99
CA VAL B 17 -12.33 -14.28 -3.77
CA VAL B 17 -3.93 -8.79 7.04
CA VAL B 17 -8.20 2.72 20.67
C VAL B 17 13.82 -8.78 7.47
C VAL B 17 -10.81 -14.34 -3.54
C VAL B 17 -2.80 -8.75 8.09
C VAL B 17 -8.52 1.54 19.74
N GLU B 18 14.47 -9.61 8.26
N GLU B 18 -10.19 -15.05 -4.45
N GLU B 18 -2.32 -9.94 8.34
N GLU B 18 -9.72 1.61 19.23
CA GLU B 18 14.42 -9.57 9.72
CA GLU B 18 -8.73 -15.18 -4.52
CA GLU B 18 -1.17 -10.18 9.21
CA GLU B 18 -10.24 0.68 18.22
C GLU B 18 15.86 -9.33 10.18
C GLU B 18 -8.32 -14.63 -5.88
C GLU B 18 -0.13 -10.88 8.36
C GLU B 18 -10.61 1.51 17.01
N PRO B 19 16.02 -8.58 11.24
N PRO B 19 -7.17 -13.98 -5.94
N PRO B 19 1.14 -10.58 8.60
N PRO B 19 -10.40 0.97 15.83
CA PRO B 19 17.34 -8.31 11.83
CA PRO B 19 -6.63 -13.44 -7.19
CA PRO B 19 2.25 -11.20 7.88
CA PRO B 19 -10.75 1.64 14.57
C PRO B 19 18.08 -9.59 12.16
C PRO B 19 -6.51 -14.51 -8.25
C PRO B 19 2.21 -12.71 7.98
C PRO B 19 -12.20 2.06 14.54
N SER B 20 17.34 -10.67 12.37
N SER B 20 -6.41 -15.75 -7.85
N SER B 20 1.56 -13.23 9.00
N SER B 20 -13.03 1.38 15.32
CA SER B 20 17.97 -11.94 12.76
CA SER B 20 -6.24 -16.84 -8.83
CA SER B 20 1.51 -14.69 9.20
CA SER B 20 -14.47 1.69 15.30
C SER B 20 18.55 -12.64 11.54
C SER B 20 -7.56 -17.21 -9.45
C SER B 20 0.45 -15.31 8.32
C SER B 20 -14.77 2.90 16.15
N ASP B 21 18.25 -12.12 10.35
N ASP B 21 -8.65 -16.66 -8.92
N ASP B 21 -0.35 -14.48 7.65
N ASP B 21 -13.77 3.39 16.89
CA ASP B 21 18.79 -12.81 9.14
CA ASP B 21 -9.96 -17.04 -9.51
CA ASP B 21 -1.40 -15.09 6.79
CA ASP B 21 -14.05 4.57 17.74
C ASP B 21 20.28 -12.62 9.07
C ASP B 21 -10.10 -16.44 -10.89
C ASP B 21 -0.77 -15.72 5.58
C ASP B 21 -14.24 5.79 16.88
N THR B 22 20.97 -13.60 8.52
N THR B 22 -10.81 -17.14 -11.75
N THR B 22 -1.39 -16.79 5.10
N THR B 22 -15.08 6.69 17.36
CA THR B 22 22.38 -13.53 8.28
CA THR B 22 -11.12 -16.65 -13.08
CA THR B 22 -0.96 -17.45 3.89
CA THR B 22 -15.31 7.96 16.69
C THR B 22 22.61 -12.79 6.94
C THR B 22 -12.35 -15.74 -12.99
C THR B 22 -1.57 -16.69 2.68
C THR B 22 -14.19 8.95 17.14
N ILE B 23 23.85 -12.29 6.82
N ILE B 23 -12.48 -14.91 -14.04
N ILE B 23 -0.93 -16.93 1.54
N ILE B 23 -14.04 9.98 16.31
CA ILE B 23 24.28 -11.65 5.59
CA ILE B 23 -13.64 -14.04 -14.17
CA ILE B 23 -1.42 -16.39 0.28
CA ILE B 23 -13.11 11.05 16.62
C ILE B 23 24.22 -12.65 4.42
C ILE B 23 -14.91 -14.87 -14.27
C ILE B 23 -2.82 -16.91 -0.03
C ILE B 23 -13.50 11.75 17.92
N GLU B 24 24.56 -13.88 4.69
N GLU B 24 -14.83 -15.99 -14.93
N GLU B 24 -3.07 -18.16 0.31
N GLU B 24 -14.79 11.89 18.14
CA GLU B 24 24.46 -14.94 3.63
CA GLU B 24 -16.03 -16.90 -15.03
CA GLU B 24 -4.44 -18.75 0.12
CA GLU B 24 -15.29 12.49 19.42
C GLU B 24 23.05 -15.03 3.10
C GLU B 24 -16.49 -17.32 -13.66
C GLU B 24 -5.47 -17.94 0.86
C GLU B 24 -14.78 11.72 20.61
N ASN B 25 22.07 -14.94 3.98
N ASN B 25 -15.55 -17.60 -12.77
N ASN B 25 -5.13 -17.51 2.07
N ASN B 25 -14.78 10.40 20.49
CA ASN B 25 20.65 -15.01 3.64
CA ASN B 25 -15.81 -18.01 -11.39
CA ASN B 25 -6.01 -16.73 2.95
CA ASN B 25 -14.33 9.48 21.55
C ASN B 25 20.22 -13.83 2.77
C ASN B 25 -16.49 -16.90 -10.58
C ASN B 25 -6.30 -15.35 2.35
C ASN B 25 -12.84 9.63 21.83
N VAL B 26 20.67 -12.67 3.18
N VAL B 26 -15.96 -15.70 -10.76
N VAL B 26 -5.24 -14.74 1.86
N VAL B 26 -12.09 9.71 20.73
CA VAL B 26 20.37 -11.45 2.43
CA VAL B 26 -16.51 -14.54 -10.08
CA VAL B 26 -5.37 -13.42 1.23
CA VAL B 26 -10.65 9.89 20.84
C VAL B 26 20.88 -11.59 1.00
C VAL B 26 -17.98 -14.38 -10.48
C VAL B 26 -6.35 -13.52 0.06
C VAL B 26 -10.35 11.17 21.62
N LYS B 27 22.11 -12.07 0.87
N LYS B 27 -18.24 -14.49 -11.77
N LYS B 27 -6.19 -14.56 -0.75
N LYS B 27 -11.05 12.24 21.25
CA LYS B 27 22.71 -12.25 -0.46
CA LYS B 27 -19.61 -14.35 -12.28
CA LYS B 27 -7.08 -14.75 -1.91
CA LYS B 27 -10.85 13.53 21.92
C LYS B 27 21.90 -13.24 -1.29
C LYS B 27 -20.52 -15.41 -11.68
C LYS B 27 -8.51 -14.93 -1.45
C LYS B 27 -11.17 13.43 23.40
N ALA B 28 21.37 -14.27 -0.67
N ALA B 28 -20.02 -16.62 -11.51
N ALA B 28 -8.74 -15.62 -0.36
N ALA B 28 -12.19 12.67 23.77
CA ALA B 28 20.52 -15.25 -1.37
CA ALA B 28 -20.80 -17.70 -10.88
CA ALA B 28 -10.09 -15.79 0.19
CA ALA B 28 -12.54 12.45 25.17
C ALA B 28 19.21 -14.61 -1.81
C ALA B 28 -21.07 -17.40 -9.42
C ALA B 28 -10.66 -14.47 0.68
C ALA B 28 -11.47 11.67 25.89
N LYS B 29 18.63 -13.73 -1.01
N LYS B 29 -20.13 -16.80 -8.69
N LYS B 29 -9.85 -13.60 1.27
N LYS B 29 -10.84 10.69 25.25
CA LYS B 29 17.40 -13.01 -1.42
CA LYS B 29 -20.37 -16.40 -7.29
CA LYS B 29 -10.32 -12.27 1.69
CA LYS B 29 -9.72 9.94 25.87
C LYS B 29 17.67 -12.11 -2.63
C LYS B 29 -21.46 -15.32 -7.21
C LYS B 29 -10.73 -11.43 0.47
C LYS B 29 -8.52 10.88 26.12
N ILE B 30 18.87 -11.50 -2.64
N ILE B 30 -21.45 -14.42 -8.19
N ILE B 30 -9.97 -11.58 -0.62
N ILE B 30 -8.30 11.80 25.18
CA ILE B 30 19.22 -10.60 -3.76
CA ILE B 30 -22.46 -13.34 -8.20
CA ILE B 30 -10.27 -10.82 -1.84
CA ILE B 30 -7.18 12.74 25.34
C ILE B 30 19.42 -11.50 -4.99
C ILE B 30 -23.81 -14.00 -8.52
C ILE B 30 -11.59 -11.39 -2.40
C ILE B 30 -7.54 13.68 26.49
N GLN B 31 20.02 -12.65 -4.83
N GLN B 31 -23.84 -14.95 -9.42
N GLN B 31 -11.76 -12.69 -2.36
N GLN B 31 -8.78 14.09 26.60
CA GLN B 31 20.21 -13.53 -6.03
CA GLN B 31 -25.15 -15.60 -9.72
CA GLN B 31 -13.04 -13.25 -2.90
CA GLN B 31 -9.12 15.01 27.73
C GLN B 31 18.82 -13.92 -6.58
C GLN B 31 -25.68 -16.28 -8.45
C GLN B 31 -14.22 -12.69 -2.08
C GLN B 31 -8.88 14.27 29.05
N ASP B 32 18.00 -14.36 -5.66
N ASP B 32 -24.80 -17.04 -7.84
N ASP B 32 -14.05 -12.79 -0.78
N ASP B 32 -9.40 13.07 29.10
CA ASP B 32 16.62 -14.75 -6.03
CA ASP B 32 -25.13 -17.75 -6.59
CA ASP B 32 -15.08 -12.29 0.16
CA ASP B 32 -9.25 12.21 30.29
C ASP B 32 15.90 -13.66 -6.79
C ASP B 32 -25.68 -16.81 -5.54
C ASP B 32 -15.43 -10.84 -0.13
C ASP B 32 -7.79 12.07 30.69
N LYS B 33 16.05 -12.40 -6.35
N LYS B 33 -25.09 -15.61 -5.40
N LYS B 33 -14.43 -10.00 -0.42
N LYS B 33 -6.90 11.88 29.70
CA LYS B 33 15.26 -11.35 -7.03
CA LYS B 33 -25.59 -14.75 -4.31
CA LYS B 33 -14.79 -8.57 -0.60
CA LYS B 33 -5.49 11.64 30.12
C LYS B 33 15.92 -10.63 -8.17
C LYS B 33 -26.65 -13.76 -4.65
C LYS B 33 -15.08 -8.11 -1.99
C LYS B 33 -4.59 12.83 30.20
N GLU B 34 17.21 -10.54 -8.28
N GLU B 34 -26.83 -13.29 -5.85
N GLU B 34 -14.60 -8.71 -3.04
N GLU B 34 -4.81 13.93 29.52
CA GLU B 34 17.89 -9.86 -9.36
CA GLU B 34 -27.84 -12.34 -6.24
CA GLU B 34 -14.84 -8.32 -4.42
CA GLU B 34 -3.97 15.11 29.56
C GLU B 34 18.89 -10.73 -10.10
C GLU B 34 -28.73 -12.82 -7.35
C GLU B 34 -15.43 -9.40 -5.27
C GLU B 34 -4.71 16.36 29.94
N GLY B 35 19.11 -11.94 -9.63
N GLY B 35 -28.44 -13.97 -7.93
N GLY B 35 -15.55 -10.60 -4.75
N GLY B 35 -6.03 16.29 30.06
CA GLY B 35 19.97 -12.89 -10.29
CA GLY B 35 -29.27 -14.56 -8.95
CA GLY B 35 -16.16 -11.71 -5.43
CA GLY B 35 -6.84 17.40 30.48
C GLY B 35 21.43 -12.78 -10.08
C GLY B 35 -29.14 -14.09 -10.34
C GLY B 35 -15.37 -12.45 -6.43
C GLY B 35 -7.21 18.44 29.49
N ILE B 36 21.89 -11.86 -9.21
N ILE B 36 -28.18 -13.19 -10.61
N ILE B 36 -14.07 -12.15 -6.57
N ILE B 36 -6.86 18.23 28.21
CA ILE B 36 23.33 -11.73 -9.01
CA ILE B 36 -28.03 -12.71 -11.99
CA ILE B 36 -13.26 -12.88 -7.55
CA ILE B 36 -7.23 19.24 27.20
C ILE B 36 23.84 -12.82 -8.06
C ILE B 36 -27.27 -13.71 -12.84
C ILE B 36 -12.83 -14.24 -7.00
C ILE B 36 -8.68 19.10 26.80
N PRO B 37 24.83 -13.58 -8.50
N PRO B 37 -27.87 -14.12 -13.95
N PRO B 37 -13.14 -15.30 -7.73
N PRO B 37 -9.45 20.18 26.91
CA PRO B 37 25.45 -14.65 -7.69
CA PRO B 37 -27.24 -15.07 -14.90
CA PRO B 37 -12.77 -16.67 -7.34
CA PRO B 37 -10.87 20.20 26.52
C PRO B 37 25.99 -14.09 -6.39
C PRO B 37 -25.91 -14.53 -15.39
C PRO B 37 -11.26 -16.79 -7.16
C PRO B 37 -11.03 19.81 25.06
N PRO B 38 25.79 -14.76 -5.28
N PRO B 38 -24.89 -15.36 -15.47
N PRO B 38 -10.79 -17.45 -6.14
N PRO B 38 -12.00 19.00 24.73
CA PRO B 38 26.29 -14.25 -4.00
CA PRO B 38 -23.57 -14.88 -15.93
CA PRO B 38 -9.35 -17.58 -5.93
CA PRO B 38 -12.19 18.59 23.33
C PRO B 38 27.77 -14.01 -3.98
C PRO B 38 -23.61 -14.25 -17.29
C PRO B 38 -8.62 -18.20 -7.09
C PRO B 38 -12.38 19.75 22.38
N ASP B 39 28.53 -14.79 -4.71
N ASP B 39 -24.48 -14.71 -18.16
N ASP B 39 -9.25 -19.09 -7.81
N ASP B 39 -12.99 20.81 22.83
CA ASP B 39 30.01 -14.65 -4.70
CA ASP B 39 -24.53 -14.17 -19.55
CA ASP B 39 -8.58 -19.79 -8.95
CA ASP B 39 -13.26 21.98 21.95
C ASP B 39 30.47 -13.35 -5.35
C ASP B 39 -25.03 -12.73 -19.60
C ASP B 39 -8.29 -18.85 -10.11
C ASP B 39 -11.98 22.70 21.53
N GLN B 40 29.58 -12.71 -6.09
N GLN B 40 -25.63 -12.27 -18.51
N GLN B 40 -8.92 -17.69 -10.10
N GLN B 40 -10.89 22.42 22.22
CA GLN B 40 29.95 -11.42 -6.73
CA GLN B 40 -26.10 -10.87 -18.46
CA GLN B 40 -8.66 -16.70 -11.18
CA GLN B 40 -9.61 23.07 21.85
C GLN B 40 29.51 -10.21 -5.89
C GLN B 40 -25.08 -9.93 -17.80
C GLN B 40 -7.61 -15.66 -10.78
C GLN B 40 -8.75 22.16 20.94
N GLN B 41 28.72 -10.43 -4.86
N GLN B 41 -24.06 -10.48 -17.18
N GLN B 41 -7.23 -15.63 -9.52
N GLN B 41 -9.14 20.92 20.78
CA GLN B 41 28.19 -9.38 -4.03
CA GLN B 41 -23.05 -9.71 -16.48
CA GLN B 41 -6.28 -14.66 -9.00
CA GLN B 41 -8.40 19.95 19.99
C GLN B 41 29.09 -8.94 -2.89
C GLN B 41 -21.92 -9.17 -17.33
C GLN B 41 -4.83 -15.03 -9.15
C GLN B 41 -8.69 19.95 18.51
N ARG B 42 29.27 -7.62 -2.81
N ARG B 42 -21.68 -7.87 -17.16
N ARG B 42 -4.07 -14.08 -9.69
N ARG B 42 -7.61 20.01 17.73
CA ARG B 42 29.98 -7.00 -1.65
CA ARG B 42 -20.49 -7.22 -17.79
CA ARG B 42 -2.58 -14.22 -9.75
CA ARG B 42 -7.71 19.84 16.24
C ARG B 42 28.99 -6.05 -1.04
C ARG B 42 -19.70 -6.64 -16.64
C ARG B 42 -2.05 -13.02 -8.99
C ARG B 42 -6.84 18.65 15.93
N LEU B 43 28.55 -6.25 0.20
N LEU B 43 -18.48 -7.11 -16.38
N LEU B 43 -1.36 -13.21 -7.86
N LEU B 43 -7.39 17.55 15.42
CA LEU B 43 27.52 -5.36 0.80
CA LEU B 43 -17.71 -6.60 -15.22
CA LEU B 43 -0.88 -12.06 -7.06
CA LEU B 43 -6.57 16.35 15.15
C LEU B 43 28.18 -4.42 1.80
C LEU B 43 -16.63 -5.64 -15.70
C LEU B 43 0.62 -11.86 -7.29
C LEU B 43 -6.31 16.23 13.65
N ILE B 44 27.89 -3.13 1.67
N ILE B 44 -16.57 -4.48 -15.05
N ILE B 44 1.00 -10.62 -7.58
N ILE B 44 -5.05 16.03 13.30
CA ILE B 44 28.47 -2.09 2.50
CA ILE B 44 -15.64 -3.41 -15.42
CA ILE B 44 2.38 -10.27 -7.88
CA ILE B 44 -4.60 15.95 11.91
C ILE B 44 27.40 -1.29 3.25
C ILE B 44 -14.74 -3.02 -14.25
C ILE B 44 2.91 -9.19 -6.94
C ILE B 44 -3.90 14.63 11.60
N PHE B 45 27.64 -1.12 4.57
N PHE B 45 -13.42 -2.95 -14.55
N PHE B 45 4.13 -9.48 -6.39
N PHE B 45 -4.34 14.00 10.48
CA PHE B 45 26.73 -0.33 5.43
CA PHE B 45 -12.42 -2.54 -13.56
CA PHE B 45 4.81 -8.52 -5.50
CA PHE B 45 -3.74 12.74 10.02
C PHE B 45 27.65 0.38 6.45
C PHE B 45 -11.36 -1.72 -14.34
C PHE B 45 6.31 -8.65 -5.83
C PHE B 45 -3.76 12.82 8.49
N ALA B 46 27.41 1.66 6.51
N ALA B 46 -11.11 -0.57 -13.78
N ALA B 46 6.87 -7.49 -6.05
N ALA B 46 -2.59 12.54 7.96
CA ALA B 46 28.11 2.57 7.44
CA ALA B 46 -10.11 0.37 -14.30
CA ALA B 46 8.32 -7.34 -6.32
CA ALA B 46 -2.34 12.49 6.51
C ALA B 46 29.61 2.34 7.39
C ALA B 46 -10.27 0.57 -15.80
C ALA B 46 8.77 -8.33 -7.38
C ALA B 46 -2.91 13.73 5.82
N GLY B 47 30.10 2.27 6.19
N GLY B 47 -11.50 0.77 -16.18
N GLY B 47 8.00 -8.40 -8.41
N GLY B 47 -2.65 14.85 6.42
CA GLY B 47 31.46 2.06 5.79
CA GLY B 47 -11.99 0.98 -17.51
CA GLY B 47 8.13 -9.23 -9.57
CA GLY B 47 -3.04 16.18 6.04
C GLY B 47 32.11 0.77 6.20
C GLY B 47 -11.79 -0.12 -18.51
C GLY B 47 8.11 -10.72 -9.37
C GLY B 47 -4.51 16.48 6.00
N LYS B 48 31.34 -0.25 6.51
N LYS B 48 -11.58 -1.33 -18.05
N LYS B 48 7.55 -11.18 -8.28
N LYS B 48 -5.31 15.71 6.71
CA LYS B 48 31.87 -1.56 6.87
CA LYS B 48 -11.43 -2.50 -18.94
CA LYS B 48 7.42 -12.62 -8.00
CA LYS B 48 -6.77 15.95 6.78
C LYS B 48 31.43 -2.56 5.78
C LYS B 48 -12.63 -3.43 -18.69
C LYS B 48 5.92 -12.96 -7.99
C LYS B 48 -7.09 16.30 8.25
N GLN B 49 32.28 -3.49 5.43
N GLN B 49 -13.14 -4.05 -19.71
N GLN B 49 5.55 -14.10 -8.49
N GLN B 49 -8.00 17.21 8.46
CA GLN B 49 31.87 -4.55 4.46
CA GLN B 49 -14.21 -5.07 -19.51
CA GLN B 49 4.12 -14.53 -8.39
CA GLN B 49 -8.45 17.51 9.85
C GLN B 49 31.19 -5.60 5.35
C GLN B 49 -13.45 -6.35 -19.21
C GLN B 49 4.04 -15.21 -7.03
C GLN B 49 -9.53 16.48 10.11
N LEU B 50 30.02 -6.04 4.98
N LEU B 50 -13.80 -7.05 -18.16
N LEU B 50 3.07 -14.84 -6.21
N LEU B 50 -9.46 15.78 11.22
CA LEU B 50 29.24 -6.99 5.79
CA LEU B 50 -13.08 -8.27 -17.74
CA LEU B 50 2.95 -15.36 -4.84
CA LEU B 50 -10.42 14.70 11.54
C LEU B 50 29.77 -8.41 5.59
C LEU B 50 -13.50 -9.45 -18.59
C LEU B 50 2.34 -16.75 -4.87
C LEU B 50 -11.72 15.28 12.05
N GLU B 51 29.88 -9.18 6.68
N GLU B 51 -12.53 -10.28 -18.99
N GLU B 51 2.86 -17.66 -4.04
N GLU B 51 -12.85 14.73 11.62
CA GLU B 51 30.42 -10.55 6.56
CA GLU B 51 -12.86 -11.43 -19.87
CA GLU B 51 2.35 -19.05 -4.05
CA GLU B 51 -14.16 15.27 12.04
C GLU B 51 29.30 -11.56 6.58
C GLU B 51 -12.91 -12.70 -19.07
C GLU B 51 1.44 -19.26 -2.86
C GLU B 51 -14.75 14.41 13.11
N ASP B 52 29.34 -12.59 5.80
N ASP B 52 -13.83 -13.59 -19.31
N ASP B 52 0.34 -19.96 -3.01
N ASP B 52 -15.38 14.96 14.13
CA ASP B 52 28.30 -13.60 5.64
CA ASP B 52 -14.07 -14.82 -18.55
CA ASP B 52 -0.68 -20.18 -1.99
CA ASP B 52 -15.93 14.26 15.28
C ASP B 52 27.67 -14.26 6.85
C ASP B 52 -12.91 -15.75 -18.22
C ASP B 52 -0.29 -20.61 -0.58
C ASP B 52 -16.80 13.03 15.11
N GLY B 53 28.45 -14.59 7.85
N GLY B 53 -12.02 -15.98 -19.15
N GLY B 53 0.64 -21.53 -0.45
N GLY B 53 -17.70 13.05 14.15
CA GLY B 53 27.99 -15.28 9.08
CA GLY B 53 -10.88 -16.90 -18.99
CA GLY B 53 1.08 -22.09 0.83
CA GLY B 53 -18.66 11.96 13.89
C GLY B 53 27.41 -14.41 10.14
C GLY B 53 -9.67 -16.35 -18.30
C GLY B 53 2.10 -21.29 1.59
C GLY B 53 -18.15 10.82 13.07
N ARG B 54 27.50 -13.09 10.02
N ARG B 54 -9.62 -15.05 -18.04
N ARG B 54 2.66 -20.25 1.00
N ARG B 54 -16.97 10.93 12.48
CA ARG B 54 26.89 -12.17 10.98
CA ARG B 54 -8.51 -14.44 -17.29
CA ARG B 54 3.61 -19.36 1.70
CA ARG B 54 -16.37 9.81 11.71
C ARG B 54 25.43 -11.94 10.58
C ARG B 54 -8.80 -14.58 -15.80
C ARG B 54 2.81 -18.31 2.45
C ARG B 54 -15.62 8.92 12.69
N THR B 55 24.65 -11.40 11.47
N THR B 55 -7.80 -14.37 -14.99
N THR B 55 3.46 -17.62 3.36
N THR B 55 -15.28 7.73 12.24
CA THR B 55 23.23 -11.06 11.23
CA THR B 55 -7.91 -14.40 -13.50
CA THR B 55 2.86 -16.52 4.14
CA THR B 55 -14.51 6.75 13.04
C THR B 55 23.17 -9.53 11.04
C THR B 55 -7.89 -12.93 -13.03
C THR B 55 3.41 -15.20 3.56
C THR B 55 -13.07 6.76 12.47
N LEU B 56 22.05 -9.06 10.51
N LEU B 56 -8.29 -12.73 -11.79
N LEU B 56 2.77 -14.11 3.91
N LEU B 56 -12.15 6.19 13.23
CA LEU B 56 21.80 -7.62 10.33
CA LEU B 56 -8.27 -11.39 -11.16
CA LEU B 56 3.20 -12.77 3.49
CA LEU B 56 -10.74 6.07 12.82
C LEU B 56 21.83 -6.95 11.69
C LEU B 56 -6.82 -10.91 -11.12
C LEU B 56 4.60 -12.51 4.04
C LEU B 56 -10.69 5.23 11.55
N SER B 57 21.31 -7.65 12.73
N SER B 57 -5.87 -11.84 -10.90
N SER B 57 4.87 -13.02 5.27
N SER B 57 -11.58 4.21 11.45
CA SER B 57 21.30 -6.99 14.06
CA SER B 57 -4.47 -11.36 -10.84
CA SER B 57 6.22 -12.76 5.83
CA SER B 57 -11.51 3.37 10.23
C SER B 57 22.71 -6.73 14.57
C SER B 57 -4.01 -10.79 -12.18
C SER B 57 7.31 -13.42 5.00
C SER B 57 -11.86 4.16 8.98
N ASP B 58 23.66 -7.57 14.17
N ASP B 58 -4.56 -11.28 -13.26
N ASP B 58 6.98 -14.53 4.36
N ASP B 58 -12.69 5.17 9.13
CA ASP B 58 25.06 -7.40 14.60
CA ASP B 58 -4.19 -10.79 -14.62
CA ASP B 58 7.97 -15.26 3.51
CA ASP B 58 -13.09 6.03 7.98
C ASP B 58 25.58 -6.00 14.25
C ASP B 58 -4.39 -9.27 -14.71
C ASP B 58 8.56 -14.33 2.45
C ASP B 58 -11.85 6.60 7.27
N TYR B 59 25.18 -5.54 13.09
N TYR B 59 -5.45 -8.81 -14.11
N TYR B 59 7.71 -13.51 1.91
N TYR B 59 -10.90 6.99 8.07
CA TYR B 59 25.55 -4.23 12.56
CA TYR B 59 -5.81 -7.40 -14.06
CA TYR B 59 8.07 -12.52 0.88
CA TYR B 59 -9.63 7.55 7.62
C TYR B 59 24.54 -3.15 12.93
C TYR B 59 -5.25 -6.68 -12.85
C TYR B 59 8.46 -11.18 1.47
C TYR B 59 -8.56 6.50 7.41
N ASN B 60 23.53 -3.39 13.72
N ASN B 60 -4.43 -7.28 -12.02
N ASN B 60 8.55 -11.00 2.76
N ASN B 60 -8.82 5.23 7.53
CA ASN B 60 22.58 -2.31 14.06
CA ASN B 60 -3.91 -6.54 -10.84
CA ASN B 60 8.95 -9.67 3.28
CA ASN B 60 -7.74 4.24 7.32
C ASN B 60 21.94 -1.74 12.80
C ASN B 60 -5.04 -6.02 -9.97
C ASN B 60 7.99 -8.58 2.82
C ASN B 60 -6.56 4.48 8.26
N ILE B 61 21.51 -2.59 11.90
N ILE B 61 -6.03 -6.85 -9.70
N ILE B 61 6.70 -8.85 2.90
N ILE B 61 -6.85 4.72 9.52
CA ILE B 61 20.79 -2.13 10.67
CA ILE B 61 -7.14 -6.46 -8.78
CA ILE B 61 5.67 -7.83 2.55
CA ILE B 61 -5.78 4.88 10.55
C ILE B 61 19.31 -2.08 11.05
C ILE B 61 -6.68 -6.85 -7.38
C ILE B 61 5.39 -7.06 3.84
C ILE B 61 -5.47 3.48 11.08
N GLN B 62 18.71 -0.92 11.03
N GLN B 62 -6.51 -5.91 -6.49
N GLN B 62 5.68 -5.79 3.88
N GLN B 62 -4.29 2.98 10.87
CA GLN B 62 17.28 -0.73 11.43
CA GLN B 62 -6.00 -6.16 -5.12
CA GLN B 62 5.51 -4.94 5.09
CA GLN B 62 -3.90 1.61 11.29
C GLN B 62 16.41 -0.57 10.19
C GLN B 62 -7.16 -6.10 -4.12
C GLN B 62 4.26 -4.08 4.95
C GLN B 62 -3.04 1.67 12.55
N LYS B 63 15.09 -0.60 10.35
N LYS B 63 -6.93 -6.51 -2.88
N LYS B 63 3.84 -3.41 6.03
N LYS B 63 -2.78 0.53 13.18
CA LYS B 63 14.16 -0.53 9.24
CA LYS B 63 -7.97 -6.57 -1.87
CA LYS B 63 2.63 -2.61 6.03
CA LYS B 63 -2.03 0.47 14.42
C LYS B 63 14.47 0.72 8.42
C LYS B 63 -8.63 -5.20 -1.76
C LYS B 63 2.70 -1.60 4.91
C LYS B 63 -0.69 1.17 14.23
N GLU B 64 14.30 0.51 7.11
N GLU B 64 -9.96 -5.29 -1.53
N GLU B 64 1.50 -1.39 4.32
N GLU B 64 -0.31 1.86 15.33
CA GLU B 64 14.50 1.50 6.08
CA GLU B 64 -10.85 -4.18 -1.37
CA GLU B 64 1.25 -0.48 3.24
CA GLU B 64 0.91 2.62 15.45
C GLU B 64 15.89 2.01 5.85
C GLU B 64 -11.09 -3.29 -2.56
C GLU B 64 1.87 -0.79 1.91
C GLU B 64 1.07 3.84 14.61
N SER B 65 16.85 1.22 6.32
N SER B 65 -10.79 -3.83 -3.73
N SER B 65 2.25 -2.04 1.75
N SER B 65 -0.06 4.33 14.12
CA SER B 65 18.28 1.47 6.09
CA SER B 65 -11.04 -3.18 -5.02
CA SER B 65 2.78 -2.58 0.49
CA SER B 65 -0.14 5.59 13.37
C SER B 65 18.58 1.18 4.60
C SER B 65 -12.58 -3.20 -5.25
C SER B 65 1.59 -2.66 -0.51
C SER B 65 0.10 6.74 14.36
N THR B 66 19.66 1.71 4.10
N THR B 66 -13.06 -2.34 -6.10
N THR B 66 1.89 -2.72 -1.78
N THR B 66 0.48 7.89 13.87
CA THR B 66 20.10 1.45 2.73
CA THR B 66 -14.48 -2.32 -6.48
CA THR B 66 0.87 -2.88 -2.82
CA THR B 66 0.67 9.09 14.69
C THR B 66 21.49 0.80 2.78
C THR B 66 -14.59 -2.57 -7.98
C THR B 66 1.16 -4.18 -3.59
C THR B 66 -0.30 10.17 14.19
N LEU B 67 21.65 -0.35 2.13
N LEU B 67 -15.40 -3.55 -8.39
N LEU B 67 0.17 -5.07 -3.69
N LEU B 67 -1.10 10.74 15.10
CA LEU B 67 22.98 -0.97 2.05
CA LEU B 67 -15.63 -3.77 -9.82
CA LEU B 67 0.35 -6.27 -4.50
CA LEU B 67 -1.97 11.86 14.71
C LEU B 67 23.50 -0.67 0.63
C LEU B 67 -17.03 -3.19 -10.11
C LEU B 67 -0.42 -6.02 -5.82
C LEU B 67 -1.29 13.13 15.27
N HIS B 68 24.77 -0.65 0.45
N HIS B 68 -17.28 -2.79 -11.30
N HIS B 68 -0.04 -6.65 -6.87
N HIS B 68 -1.54 14.25 14.67
CA HIS B 68 25.30 -0.41 -0.92
CA HIS B 68 -18.63 -2.27 -11.63
CA HIS B 68 -0.78 -6.46 -8.14
CA HIS B 68 -0.94 15.50 15.21
C HIS B 68 25.82 -1.76 -1.41
C HIS B 68 -19.33 -3.37 -12.44
C HIS B 68 -1.59 -7.74 -8.34
C HIS B 68 -2.07 16.24 15.91
N LEU B 69 25.50 -2.10 -2.65
N LEU B 69 -20.58 -3.62 -12.12
N LEU B 69 -2.85 -7.57 -8.72
N LEU B 69 -1.80 16.77 17.09
CA LEU B 69 25.99 -3.33 -3.27
CA LEU B 69 -21.38 -4.61 -12.85
CA LEU B 69 -3.73 -8.71 -9.02
CA LEU B 69 -2.77 17.56 17.83
C LEU B 69 27.05 -3.05 -4.29
C LEU B 69 -22.41 -3.93 -13.71
C LEU B 69 -3.96 -8.84 -10.50
C LEU B 69 -2.42 19.02 17.81
N VAL B 70 28.25 -3.49 -4.10
N VAL B 70 -22.34 -4.05 -14.99
N VAL B 70 -3.53 -9.90 -11.12
N VAL B 70 -3.20 19.86 17.23
CA VAL B 70 29.31 -3.32 -5.14
CA VAL B 70 -23.40 -3.49 -15.88
CA VAL B 70 -3.83 -10.14 -12.56
CA VAL B 70 -2.94 21.34 17.28
C VAL B 70 29.51 -4.76 -5.67
C VAL B 70 -24.14 -4.74 -16.40
C VAL B 70 -4.86 -11.28 -12.53
C VAL B 70 -4.04 21.86 18.21
N LEU B 71 29.69 -4.90 -6.97
N LEU B 71 -25.45 -4.68 -16.49
N LEU B 71 -5.86 -11.22 -13.37
N LEU B 71 -3.70 22.80 19.07
CA LEU B 71 29.92 -6.22 -7.56
CA LEU B 71 -26.23 -5.82 -17.00
CA LEU B 71 -6.87 -12.30 -13.43
CA LEU B 71 -4.70 23.39 19.98
C LEU B 71 31.39 -6.46 -7.74
C LEU B 71 -26.51 -5.63 -18.47
C LEU B 71 -6.52 -13.27 -14.53
C LEU B 71 -5.24 24.67 19.40
N MET A 1 6.38 18.40 -20.67
CA MET A 1 5.74 19.56 -20.05
C MET A 1 6.28 19.67 -18.60
N GLN A 2 6.34 20.88 -18.14
CA GLN A 2 6.81 21.11 -16.74
C GLN A 2 5.61 21.10 -15.81
N ILE A 3 5.80 20.45 -14.66
CA ILE A 3 4.77 20.47 -13.61
C ILE A 3 5.53 20.83 -12.30
N PHE A 4 4.75 21.23 -11.33
CA PHE A 4 5.40 21.59 -10.01
C PHE A 4 4.91 20.64 -8.96
N VAL A 5 5.74 20.16 -8.03
CA VAL A 5 5.27 19.32 -6.95
C VAL A 5 5.58 20.10 -5.65
N LYS A 6 4.57 20.50 -4.95
CA LYS A 6 4.78 21.30 -3.70
C LYS A 6 4.77 20.35 -2.53
N THR A 7 5.82 20.41 -1.68
CA THR A 7 5.88 19.52 -0.51
C THR A 7 5.42 20.27 0.74
N LEU A 8 5.24 19.58 1.84
CA LEU A 8 4.74 20.24 3.07
C LEU A 8 5.81 21.08 3.74
N THR A 9 7.06 21.03 3.24
CA THR A 9 8.08 21.90 3.94
C THR A 9 8.35 23.16 3.18
N GLY A 10 7.52 23.50 2.24
CA GLY A 10 7.67 24.69 1.43
C GLY A 10 8.68 24.63 0.33
N LYS A 11 9.10 23.43 0.00
CA LYS A 11 10.01 23.21 -1.12
C LYS A 11 9.11 22.84 -2.31
N THR A 12 9.42 23.38 -3.48
CA THR A 12 8.62 22.98 -4.66
C THR A 12 9.61 22.35 -5.64
N ILE A 13 9.25 21.19 -6.17
CA ILE A 13 10.23 20.60 -7.13
C ILE A 13 9.65 20.67 -8.52
N THR A 14 10.47 20.94 -9.51
CA THR A 14 9.89 20.97 -10.89
C THR A 14 10.25 19.66 -11.57
N LEU A 15 9.33 19.09 -12.33
CA LEU A 15 9.58 17.83 -13.01
C LEU A 15 9.25 18.02 -14.49
N GLU A 16 9.89 17.22 -15.31
CA GLU A 16 9.51 17.26 -16.76
C GLU A 16 8.85 15.92 -17.00
N VAL A 17 7.60 16.03 -17.42
CA VAL A 17 6.77 14.86 -17.67
C VAL A 17 5.93 15.04 -18.95
N GLU A 18 5.32 13.93 -19.31
CA GLU A 18 4.37 13.84 -20.41
C GLU A 18 3.06 13.38 -19.82
N PRO A 19 1.95 13.87 -20.34
CA PRO A 19 0.61 13.47 -19.90
C PRO A 19 0.43 11.98 -19.97
N SER A 20 1.19 11.31 -20.81
CA SER A 20 1.03 9.85 -20.98
C SER A 20 1.72 9.11 -19.87
N ASP A 21 2.49 9.83 -19.05
CA ASP A 21 3.19 9.10 -17.96
C ASP A 21 2.21 8.63 -16.92
N THR A 22 2.51 7.52 -16.30
CA THR A 22 1.71 6.99 -15.21
C THR A 22 2.16 7.68 -13.91
N ILE A 23 1.25 7.61 -12.94
CA ILE A 23 1.52 8.13 -11.60
C ILE A 23 2.72 7.40 -10.98
N GLU A 24 2.80 6.12 -11.24
CA GLU A 24 3.98 5.32 -10.73
C GLU A 24 5.27 5.90 -11.23
N CYS A 25 5.30 6.34 -12.52
CA CYS A 25 6.50 6.91 -13.13
C CYS A 25 6.85 8.24 -12.50
N VAL A 26 5.82 9.05 -12.28
CA VAL A 26 6.04 10.34 -11.65
C VAL A 26 6.71 10.15 -10.29
N LYS A 27 6.18 9.20 -9.52
CA LYS A 27 6.74 8.92 -8.19
C LYS A 27 8.19 8.48 -8.29
N ALA A 28 8.54 7.70 -9.30
CA ALA A 28 9.92 7.29 -9.53
C ALA A 28 10.80 8.47 -9.89
N LYS A 29 10.31 9.43 -10.66
CA LYS A 29 11.09 10.64 -10.97
C LYS A 29 11.35 11.47 -9.69
N ILE A 30 10.35 11.49 -8.81
CA ILE A 30 10.50 12.25 -7.55
C ILE A 30 11.53 11.50 -6.70
N GLN A 31 11.49 10.19 -6.69
CA GLN A 31 12.50 9.45 -5.86
C GLN A 31 13.90 9.76 -6.40
N ASP A 32 14.01 9.63 -7.70
CA ASP A 32 15.30 9.91 -8.37
C ASP A 32 15.83 11.29 -8.03
N LYS A 33 14.94 12.30 -7.98
CA LYS A 33 15.50 13.66 -7.74
C LYS A 33 15.53 14.13 -6.33
N GLU A 34 14.74 13.67 -5.41
CA GLU A 34 14.73 14.09 -4.02
C GLU A 34 14.92 12.96 -3.04
N GLY A 35 14.94 11.73 -3.52
CA GLY A 35 15.18 10.58 -2.69
C GLY A 35 14.07 10.02 -1.89
N ILE A 36 12.84 10.55 -2.06
CA ILE A 36 11.72 10.01 -1.29
C ILE A 36 11.20 8.72 -1.91
N PRO A 37 11.15 7.65 -1.13
CA PRO A 37 10.64 6.34 -1.58
C PRO A 37 9.21 6.46 -2.09
N PRO A 38 8.88 5.84 -3.19
CA PRO A 38 7.51 5.95 -3.73
C PRO A 38 6.45 5.52 -2.76
N ASP A 39 6.74 4.57 -1.90
CA ASP A 39 5.72 4.05 -0.95
C ASP A 39 5.34 5.08 0.11
N GLN A 40 6.16 6.11 0.23
CA GLN A 40 5.83 7.18 1.22
C GLN A 40 5.08 8.36 0.58
N GLN A 41 5.02 8.40 -0.74
CA GLN A 41 4.40 9.48 -1.46
C GLN A 41 2.90 9.36 -1.66
N ARG A 42 2.21 10.46 -1.32
CA ARG A 42 0.75 10.57 -1.60
C ARG A 42 0.62 11.80 -2.48
N LEU A 43 0.18 11.67 -3.73
CA LEU A 43 0.09 12.84 -4.63
C LEU A 43 -1.35 13.30 -4.76
N ILE A 44 -1.57 14.59 -4.57
CA ILE A 44 -2.91 15.19 -4.61
C ILE A 44 -3.02 16.28 -5.66
N PHE A 45 -4.11 16.19 -6.46
CA PHE A 45 -4.39 17.20 -7.50
C PHE A 45 -5.92 17.33 -7.53
N ALA A 46 -6.32 18.58 -7.46
CA ALA A 46 -7.74 18.98 -7.52
C ALA A 46 -8.59 18.14 -6.58
N GLY A 47 -8.08 17.99 -5.40
CA GLY A 47 -8.62 17.24 -4.29
C GLY A 47 -8.80 15.76 -4.47
N CYS A 48 -8.13 15.15 -5.41
CA CYS A 48 -8.12 13.71 -5.63
C CYS A 48 -6.78 13.12 -5.25
N GLN A 49 -6.74 11.97 -4.70
CA GLN A 49 -5.43 11.30 -4.47
C GLN A 49 -5.16 10.55 -5.77
N LEU A 50 -3.98 10.72 -6.33
CA LEU A 50 -3.65 10.11 -7.64
C LEU A 50 -3.29 8.65 -7.46
N GLU A 51 -3.77 7.80 -8.37
CA GLU A 51 -3.53 6.34 -8.25
C GLU A 51 -2.42 5.92 -9.18
N ASP A 52 -1.53 5.06 -8.79
CA ASP A 52 -0.35 4.62 -9.54
C ASP A 52 -0.48 4.20 -10.99
N GLY A 53 -1.50 3.45 -11.32
CA GLY A 53 -1.74 2.91 -12.67
C GLY A 53 -2.40 3.82 -13.65
N ARG A 54 -2.89 4.98 -13.21
CA ARG A 54 -3.49 5.96 -14.13
C ARG A 54 -2.37 6.83 -14.68
N THR A 55 -2.66 7.57 -15.72
CA THR A 55 -1.72 8.53 -16.36
C THR A 55 -2.16 9.94 -15.93
N LEU A 56 -1.27 10.90 -16.12
CA LEU A 56 -1.55 12.31 -15.83
C LEU A 56 -2.72 12.75 -16.70
N SER A 57 -2.80 12.25 -17.95
CA SER A 57 -3.93 12.69 -18.80
C SER A 57 -5.26 12.26 -18.24
N ASP A 58 -5.29 11.15 -17.53
CA ASP A 58 -6.56 10.64 -16.93
C ASP A 58 -7.20 11.71 -16.05
N TYR A 59 -6.37 12.41 -15.33
CA TYR A 59 -6.76 13.49 -14.42
C TYR A 59 -6.79 14.84 -15.09
N ASN A 60 -6.55 14.98 -16.38
CA ASN A 60 -6.58 16.32 -16.99
C ASN A 60 -5.58 17.25 -16.32
N ILE A 61 -4.36 16.77 -16.10
CA ILE A 61 -3.28 17.62 -15.54
C ILE A 61 -2.59 18.28 -16.73
N GLN A 62 -2.64 19.57 -16.85
CA GLN A 62 -2.07 20.32 -18.00
C GLN A 62 -0.74 20.97 -17.58
N LYS A 63 0.04 21.51 -18.58
CA LYS A 63 1.33 22.10 -18.24
C LYS A 63 1.17 23.16 -17.17
N GLU A 64 2.22 23.18 -16.36
CA GLU A 64 2.37 24.09 -15.26
C GLU A 64 1.44 23.96 -14.10
N SER A 65 0.81 22.79 -14.03
CA SER A 65 -0.07 22.42 -12.91
C SER A 65 0.84 22.18 -11.68
N THR A 66 0.25 22.25 -10.50
CA THR A 66 0.96 21.97 -9.25
C THR A 66 0.29 20.77 -8.56
N LEU A 67 1.06 19.74 -8.22
CA LEU A 67 0.49 18.62 -7.46
C LEU A 67 0.98 18.81 -6.00
N HIS A 68 0.26 18.31 -5.06
CA HIS A 68 0.72 18.43 -3.66
C HIS A 68 1.24 17.05 -3.26
N LEU A 69 2.38 17.02 -2.60
CA LEU A 69 2.96 15.77 -2.10
C LEU A 69 2.83 15.67 -0.60
N VAL A 70 2.10 14.73 -0.09
CA VAL A 70 2.03 14.52 1.38
C VAL A 70 2.81 13.21 1.60
N LEU A 71 3.60 13.15 2.65
CA LEU A 71 4.36 11.93 2.95
C LEU A 71 3.61 11.09 3.95
N ARG A 72 3.54 9.80 3.73
N ARG A 72 3.50 9.78 3.70
N ARG A 72 3.54 9.80 3.75
N ARG A 72 3.54 9.79 3.74
CA ARG A 72 2.81 8.92 4.67
CA ARG A 72 2.78 8.86 4.59
CA ARG A 72 2.81 8.93 4.70
CA ARG A 72 2.81 8.91 4.68
C ARG A 72 3.65 8.91 5.95
C ARG A 72 2.37 7.67 3.72
C ARG A 72 3.41 9.23 6.07
C ARG A 72 3.72 7.69 4.88
N LEU A 73 4.95 8.90 5.90
N LEU A 73 1.19 7.60 3.21
N LEU A 73 4.68 9.16 6.26
N LEU A 73 4.36 7.53 6.00
CA LEU A 73 5.74 8.89 7.14
CA LEU A 73 0.80 6.44 2.38
CA LEU A 73 5.26 9.45 7.61
CA LEU A 73 5.23 6.35 6.19
C LEU A 73 5.68 7.51 7.78
C LEU A 73 0.96 5.15 3.18
C LEU A 73 4.52 8.64 8.65
C LEU A 73 4.38 5.11 6.42
N ARG A 74 4.57 7.29 8.48
N ARG A 74 -0.09 4.34 3.10
N ARG A 74 5.06 7.45 8.89
N ARG A 74 4.64 4.12 5.57
CA ARG A 74 4.32 6.03 9.20
CA ARG A 74 -0.14 3.06 3.81
CA ARG A 74 4.48 6.51 9.87
CA ARG A 74 3.93 2.83 5.63
C ARG A 74 5.48 5.78 10.16
C ARG A 74 -1.41 2.31 3.39
C ARG A 74 5.58 5.58 10.36
C ARG A 74 4.20 2.17 6.97
N GLY A 75 5.95 6.87 10.76
N GLY A 75 -1.21 1.05 3.04
N GLY A 75 5.29 4.90 11.45
N GLY A 75 5.49 2.20 7.34
CA GLY A 75 7.06 6.84 11.70
CA GLY A 75 -2.29 0.17 2.59
CA GLY A 75 6.21 3.97 12.09
CA GLY A 75 5.96 1.61 8.58
C GLY A 75 8.36 6.29 11.15
C GLY A 75 -1.84 -1.15 2.01
C GLY A 75 6.65 2.80 11.23
C GLY A 75 5.89 0.10 8.65
N GLY A 76 8.90 5.35 11.90
N GLY A 76 -2.83 -1.90 1.55
N GLY A 76 5.68 2.31 10.47
N GLY A 76 5.70 -0.38 9.87
CA GLY A 76 10.14 4.63 11.59
CA GLY A 76 -2.66 -3.22 0.91
CA GLY A 76 5.85 1.19 9.53
CA GLY A 76 5.57 -1.80 10.21
C GLY A 76 10.19 3.35 12.44
C GLY A 76 -3.56 -4.22 1.65
C GLY A 76 5.85 -0.12 10.33
C GLY A 76 4.07 -2.15 10.25
N MET B 1 10.39 -6.03 8.81
N MET B 1 -8.60 -13.41 -1.97
N MET B 1 -1.63 -8.16 11.12
N MET B 1 -2.91 -3.45 19.09
CA MET B 1 10.48 -4.58 8.54
CA MET B 1 -8.74 -12.01 -1.55
CA MET B 1 -1.05 -6.98 10.45
CA MET B 1 -1.73 -2.96 18.36
C MET B 1 10.89 -4.42 7.04
C MET B 1 -10.25 -11.71 -1.47
C MET B 1 -2.05 -6.57 9.34
C MET B 1 -1.23 -1.69 19.11
N GLN B 2 10.43 -3.34 6.49
N GLN B 2 -10.57 -10.82 -0.59
N GLN B 2 -2.06 -5.30 9.07
N GLN B 2 0.05 -1.50 19.03
CA GLN B 2 10.77 -3.06 5.06
CA GLN B 2 -12.00 -10.41 -0.44
CA GLN B 2 -2.96 -4.79 7.99
CA GLN B 2 0.63 -0.29 19.69
C GLN B 2 12.05 -2.23 5.02
C GLN B 2 -12.28 -9.22 -1.35
C GLN B 2 -2.19 -4.79 6.68
C GLN B 2 0.66 0.85 18.67
N ILE B 3 12.91 -2.57 4.08
N ILE B 3 -13.42 -9.26 -2.01
N ILE B 3 -2.88 -5.21 5.62
N ILE B 3 0.32 2.04 19.15
CA ILE B 3 14.13 -1.76 3.84
CA ILE B 3 -13.87 -8.10 -2.82
CA ILE B 3 -2.30 -5.12 4.27
CA ILE B 3 0.43 3.25 18.32
C ILE B 3 14.18 -1.55 2.29
C ILE B 3 -15.36 -7.85 -2.39
C ILE B 3 -3.41 -4.47 3.38
C ILE B 3 1.16 4.30 19.23
N PHE B 4 14.97 -0.57 1.93
N PHE B 4 -15.81 -6.67 -2.72
N PHE B 4 -2.96 -4.00 2.24
N PHE B 4 1.67 5.30 18.55
CA PHE B 4 15.09 -0.29 0.45
CA PHE B 4 -17.23 -6.33 -2.36
CA PHE B 4 -3.97 -3.36 1.31
CA PHE B 4 2.39 6.37 19.33
C PHE B 4 16.51 -0.56 0.03
C PHE B 4 -18.03 -6.14 -3.63
C PHE B 4 -4.05 -4.17 0.06
C PHE B 4 1.64 7.67 19.20
N VAL B 5 16.77 -1.15 -1.14
N VAL B 5 -19.27 -6.60 -3.74
N VAL B 5 -5.22 -4.38 -0.55
N VAL B 5 1.49 8.48 20.23
CA VAL B 5 18.12 -1.35 -1.62
CA VAL B 5 -20.08 -6.34 -4.91
CA VAL B 5 -5.33 -5.09 -1.81
CA VAL B 5 0.86 9.78 20.11
C VAL B 5 18.21 -0.55 -2.94
C VAL B 5 -21.29 -5.53 -4.40
C VAL B 5 -5.94 -4.06 -2.80
C VAL B 5 1.94 10.82 20.48
N LYS B 6 19.01 0.47 -2.96
N LYS B 6 -21.40 -4.32 -4.82
N LYS B 6 -5.19 -3.67 -3.77
N LYS B 6 2.34 11.61 19.55
CA LYS B 6 19.12 1.32 -4.19
CA LYS B 6 -22.53 -3.45 -4.35
CA LYS B 6 -5.70 -2.65 -4.76
CA LYS B 6 3.42 12.63 19.82
C LYS B 6 20.30 0.83 -4.99
C LYS B 6 -23.64 -3.53 -5.35
C LYS B 6 -6.26 -3.40 -5.94
C LYS B 6 2.75 13.93 20.17
N THR B 7 20.08 0.54 -6.29
N THR B 7 -24.88 -3.85 -4.90
N THR B 7 -7.52 -3.07 -6.32
N THR B 7 3.14 14.53 21.32
CA THR B 7 21.18 0.06 -7.13
CA THR B 7 -26.01 -3.94 -5.83
CA THR B 7 -8.14 -3.75 -7.48
CA THR B 7 2.54 15.81 21.73
C THR B 7 21.73 1.22 -7.97
C THR B 7 -26.83 -2.65 -5.78
C THR B 7 -8.03 -2.85 -8.71
C THR B 7 3.48 16.96 21.35
N LEU B 8 22.84 1.03 -8.64
N LEU B 8 -27.77 -2.47 -6.67
N LEU B 8 -8.36 -3.36 -9.88
N LEU B 8 3.04 18.19 21.46
CA LEU B 8 23.47 2.12 -9.43
CA LEU B 8 -28.57 -1.22 -6.71
CA LEU B 8 -8.25 -2.56 -11.11
CA LEU B 8 3.87 19.34 21.08
C LEU B 8 22.70 2.43 -10.70
C LEU B 8 -29.58 -1.15 -5.57
C LEU B 8 -9.32 -1.50 -11.24
C LEU B 8 4.98 19.62 22.08
N THR B 9 21.68 1.62 -11.03
N THR B 9 -29.73 -2.23 -4.79
N THR B 9 -10.30 -1.50 -10.31
N THR B 9 4.98 18.90 23.23
CA THR B 9 20.95 1.96 -12.30
CA THR B 9 -30.73 -2.11 -3.68
CA THR B 9 -11.34 -0.42 -10.47
CA THR B 9 6.11 19.20 24.18
C THR B 9 19.65 2.67 -12.02
C THR B 9 -30.08 -1.85 -2.36
C THR B 9 -11.11 0.72 -9.52
C THR B 9 7.19 18.18 24.11
N GLY B 10 19.46 3.14 -10.83
N GLY B 10 -28.84 -1.48 -2.36
N GLY B 10 -9.97 0.80 -8.93
N GLY B 10 7.21 17.37 23.09
CA GLY B 10 18.26 3.85 -10.43
CA GLY B 10 -28.08 -1.19 -1.16
CA GLY B 10 -9.61 1.85 -8.00
CA GLY B 10 8.21 16.33 22.90
C GLY B 10 17.07 3.00 -10.14
C GLY B 10 -27.60 -2.38 -0.38
C GLY B 10 -10.17 1.72 -6.62
C GLY B 10 8.03 15.09 23.72
N LYS B 11 17.28 1.73 -9.96
N LYS B 11 -27.61 -3.53 -1.00
N LYS B 11 -10.62 0.54 -6.28
N LYS B 11 6.86 14.92 24.27
CA LYS B 11 16.23 0.80 -9.57
CA LYS B 11 -27.07 -4.75 -0.43
CA LYS B 11 -11.10 0.23 -4.94
CA LYS B 11 6.51 13.71 25.00
C LYS B 11 16.34 0.67 -8.04
C LYS B 11 -25.62 -4.86 -0.97
C LYS B 11 -9.91 -0.43 -4.23
C LYS B 11 5.78 12.81 23.98
N THR B 12 15.20 0.67 -7.36
N THR B 12 -24.70 -5.23 -0.10
N THR B 12 -9.69 -0.06 -2.98
N THR B 12 6.09 11.52 24.01
CA THR B 12 15.26 0.47 -5.90
CA THR B 12 -23.33 -5.43 -0.61
CA THR B 12 -8.61 -0.74 -2.24
CA THR B 12 5.34 10.62 23.12
C THR B 12 14.46 -0.80 -5.62
C THR B 12 -22.97 -6.89 -0.32
C THR B 12 -9.27 -1.41 -1.03
C THR B 12 4.64 9.60 24.02
N ILE B 13 15.05 -1.69 -4.83
N ILE B 13 -22.45 -7.58 -1.34
N ILE B 13 -8.95 -2.68 -0.82
N ILE B 13 3.35 9.40 23.79
CA ILE B 13 14.24 -2.92 -4.55
CA ILE B 13 -22.11 -9.00 -1.04
CA ILE B 13 -9.60 -3.31 0.37
CA ILE B 13 2.69 8.39 24.68
C ILE B 13 13.79 -2.90 -3.12
C ILE B 13 -20.62 -9.15 -1.00
C ILE B 13 -8.57 -3.54 1.43
C ILE B 13 2.39 7.15 23.88
N THR B 14 12.58 -3.34 -2.84
N THR B 14 -20.10 -9.96 -0.10
N THR B 14 -8.92 -3.34 2.69
N THR B 14 2.54 5.99 24.46
CA THR B 14 12.17 -3.35 -1.41
CA THR B 14 -18.61 -10.13 -0.10
CA THR B 14 -7.90 -3.61 3.74
CA THR B 14 2.18 4.77 23.66
C THR B 14 12.29 -4.77 -0.90
C THR B 14 -18.30 -11.44 -0.78
C THR B 14 -8.20 -4.96 4.36
C THR B 14 0.83 4.29 24.12
N LEU B 15 12.77 -4.96 0.32
N LEU B 15 -17.25 -11.49 -1.60
N LEU B 15 -7.19 -5.76 4.64
N LEU B 15 -0.02 3.86 23.21
CA LEU B 15 12.94 -6.28 0.89
CA LEU B 15 -16.88 -12.70 -2.29
CA LEU B 15 -7.37 -7.07 5.22
CA LEU B 15 -1.35 3.40 23.54
C LEU B 15 12.22 -6.32 2.25
C LEU B 15 -15.40 -12.99 -2.00
C LEU B 15 -6.52 -7.17 6.48
C LEU B 15 -1.54 2.00 22.95
N GLU B 16 11.82 -7.50 2.63
N GLU B 16 -15.05 -14.25 -2.08
N GLU B 16 -6.94 -8.02 7.39
N GLU B 16 -2.42 1.23 23.57
CA GLU B 16 11.24 -7.61 4.01
CA GLU B 16 -13.59 -14.57 -1.95
CA GLU B 16 -6.07 -8.25 8.58
CA GLU B 16 -2.73 -0.09 22.95
C GLU B 16 12.26 -8.43 4.77
C GLU B 16 -13.20 -15.04 -3.33
C GLU B 16 -5.60 -9.69 8.39
C GLU B 16 -4.16 0.06 22.50
N VAL B 17 12.74 -7.80 5.82
N VAL B 17 -12.23 -14.31 -3.86
N VAL B 17 -4.28 -9.79 8.33
N VAL B 17 -4.32 -0.12 21.20
CA VAL B 17 13.77 -8.38 6.67
CA VAL B 17 -11.73 -14.55 -5.21
CA VAL B 17 -3.62 -11.07 8.11
CA VAL B 17 -5.61 0.03 20.55
C VAL B 17 13.49 -8.11 8.16
C VAL B 17 -10.20 -14.42 -5.26
C VAL B 17 -2.36 -11.21 8.99
C VAL B 17 -5.83 -1.07 19.49
N GLU B 18 14.30 -8.79 8.95
N GLU B 18 -9.70 -14.83 -6.40
N GLU B 18 -1.87 -12.42 8.96
N GLU B 18 -7.07 -1.08 19.04
CA GLU B 18 14.32 -8.65 10.40
CA GLU B 18 -8.29 -14.70 -6.77
CA GLU B 18 -0.61 -12.80 9.62
CA GLU B 18 -7.52 -1.95 17.94
C GLU B 18 15.72 -8.20 10.76
C GLU B 18 -8.25 -13.84 -8.03
C GLU B 18 0.31 -13.30 8.52
C GLU B 18 -8.01 -1.02 16.84
N PRO B 19 15.84 -7.35 11.76
N PRO B 19 -7.22 -13.02 -8.14
N PRO B 19 1.59 -13.03 8.65
N PRO B 19 -7.79 -1.41 15.59
CA PRO B 19 17.14 -6.88 12.25
CA PRO B 19 -7.03 -12.17 -9.33
CA PRO B 19 2.60 -13.50 7.69
CA PRO B 19 -8.26 -0.64 14.45
C PRO B 19 18.05 -8.02 12.61
C PRO B 19 -7.02 -12.98 -10.60
C PRO B 19 2.55 -14.99 7.51
C PRO B 19 -9.74 -0.37 14.50
N SER B 20 17.49 -9.17 12.94
N SER B 20 -6.68 -14.25 -10.51
N SER B 20 2.04 -15.70 8.50
N SER B 20 -10.48 -1.21 15.21
CA SER B 20 18.31 -10.31 13.35
CA SER B 20 -6.59 -15.09 -11.71
CA SER B 20 2.01 -17.16 8.42
CA SER B 20 -11.94 -1.06 15.27
C SER B 20 18.91 -11.02 12.16
C SER B 20 -7.96 -15.55 -12.15
C SER B 20 0.85 -17.64 7.58
C SER B 20 -12.32 0.01 16.26
N ASP B 21 18.48 -10.62 10.96
N ASP B 21 -8.98 -15.29 -11.33
N ASP B 21 -0.03 -16.71 7.20
N ASP B 21 -11.35 0.52 17.02
CA ASP B 21 19.04 -11.33 9.77
CA ASP B 21 -10.33 -15.75 -11.74
CA ASP B 21 -1.19 -17.16 6.38
CA ASP B 21 -11.72 1.56 18.01
C ASP B 21 20.49 -10.94 9.58
C ASP B 21 -10.83 -14.92 -12.89
C ASP B 21 -0.73 -17.55 4.99
C ASP B 21 -12.06 2.84 17.29
N THR B 22 21.27 -11.86 9.06
N THR B 22 -11.62 -15.55 -13.76
N THR B 22 -1.42 -18.51 4.41
N THR B 22 -12.98 3.59 17.88
CA THR B 22 22.65 -11.61 8.74
CA THR B 22 -12.25 -14.86 -14.86
CA THR B 22 -1.15 -18.94 3.06
CA THR B 22 -13.35 4.89 17.38
C THR B 22 22.71 -10.95 7.34
C THR B 22 -13.55 -14.19 -14.35
C THR B 22 -1.90 -17.99 2.10
C THR B 22 -12.33 5.93 17.90
N ILE B 23 23.85 -10.31 7.11
N ILE B 23 -13.98 -13.22 -15.14
N ILE B 23 -1.43 -18.00 0.85
N ILE B 23 -12.32 7.06 17.19
CA ILE B 23 24.13 -9.70 5.81
CA ILE B 23 -15.23 -12.53 -14.87
CA ILE B 23 -2.07 -17.24 -0.21
CA ILE B 23 -11.48 8.19 17.59
C ILE B 23 24.14 -10.76 4.72
C ILE B 23 -16.40 -13.53 -14.91
C ILE B 23 -3.51 -17.72 -0.42
C ILE B 23 -11.90 8.69 18.98
N GLU B 24 24.65 -11.93 5.04
N GLU B 24 -16.33 -14.46 -15.82
N GLU B 24 -3.72 -19.01 -0.29
N GLU B 24 -13.18 8.67 19.24
CA GLU B 24 24.66 -13.06 4.05
CA GLU B 24 -17.40 -15.53 -15.89
CA GLU B 24 -5.10 -19.58 -0.41
CA GLU B 24 -13.69 9.08 20.59
C GLU B 24 23.25 -13.38 3.61
C GLU B 24 -17.51 -16.26 -14.58
C GLU B 24 -6.02 -18.94 0.60
C GLU B 24 -13.06 8.24 21.67
N ASN B 25 22.30 -13.35 4.55
N ASN B 25 -16.38 -16.55 -13.96
N ASN B 25 -5.52 -18.74 1.81
N ASN B 25 -12.93 6.95 21.42
CA ASN B 25 20.89 -13.65 4.30
CA ASN B 25 -16.28 -17.26 -12.68
CA ASN B 25 -6.26 -18.15 2.92
CA ASN B 25 -12.35 5.97 22.34
C ASN B 25 20.25 -12.60 3.40
C ASN B 25 -16.91 -16.45 -11.54
C ASN B 25 -6.63 -16.69 2.64
C ASN B 25 -10.87 6.24 22.60
N VAL B 26 20.58 -11.35 3.69
N VAL B 26 -16.56 -15.17 -11.54
N VAL B 26 -5.64 -15.97 2.14
N VAL B 26 -10.17 6.52 21.50
CA VAL B 26 20.07 -10.24 2.90
CA VAL B 26 -17.10 -14.25 -10.54
CA VAL B 26 -5.84 -14.58 1.78
CA VAL B 26 -8.75 6.84 21.59
C VAL B 26 20.51 -10.41 1.44
C VAL B 26 -18.63 -14.26 -10.61
C VAL B 26 -6.97 -14.46 0.76
C VAL B 26 -8.56 8.05 22.50
N LYS B 27 21.78 -10.74 1.28
N LYS B 27 -19.14 -14.17 -11.83
N LYS B 27 -6.91 -15.33 -0.25
N LYS B 27 -9.38 9.07 22.27
CA LYS B 27 22.34 -10.93 -0.08
CA LYS B 27 -20.59 -14.15 -12.03
CA LYS B 27 -7.95 -15.32 -1.30
CA LYS B 27 -9.28 10.30 23.08
C LYS B 27 21.62 -12.06 -0.79
C LYS B 27 -21.22 -15.44 -11.53
C LYS B 27 -9.32 -15.60 -0.71
C LYS B 27 -9.54 10.00 24.55
N ALA B 28 21.28 -13.12 -0.08
N ALA B 28 -20.56 -16.56 -11.72
N ALA B 28 -9.40 -16.49 0.26
N ALA B 28 -10.46 9.10 24.85
CA ALA B 28 20.53 -14.25 -0.65
CA ALA B 28 -21.05 -17.85 -11.21
CA ALA B 28 -10.67 -16.78 0.94
CA ALA B 28 -10.73 8.69 26.23
C ALA B 28 19.13 -13.83 -1.05
C ALA B 28 -21.05 -17.88 -9.70
C ALA B 28 -11.15 -15.58 1.73
C ALA B 28 -9.55 7.96 26.83
N LYS B 29 18.47 -12.97 -0.28
N LYS B 29 -20.05 -17.30 -9.04
N LYS B 29 -10.28 -14.83 2.37
N LYS B 29 -8.86 7.13 26.06
CA LYS B 29 17.13 -12.46 -0.65
CA LYS B 29 -20.03 -17.22 -7.56
CA LYS B 29 -10.68 -13.60 3.08
CA LYS B 29 -7.65 6.44 26.56
C LYS B 29 17.21 -11.60 -1.93
C LYS B 29 -21.20 -16.36 -7.05
C LYS B 29 -11.23 -12.55 2.10
C LYS B 29 -6.54 7.46 26.89
N ILE B 30 18.31 -10.85 -2.05
N ILE B 30 -21.50 -15.29 -7.79
N ILE B 30 -10.62 -12.50 0.92
N ILE B 30 -6.46 8.50 26.05
CA ILE B 30 18.49 -10.00 -3.24
CA ILE B 30 -22.61 -14.41 -7.39
CA ILE B 30 -11.08 -11.52 -0.09
CA ILE B 30 -5.42 9.52 26.28
C ILE B 30 18.74 -10.94 -4.43
C ILE B 30 -23.91 -15.20 -7.59
C ILE B 30 -12.46 -12.00 -0.58
C ILE B 30 -5.83 10.29 27.54
N GLN B 31 19.50 -11.99 -4.24
N GLN B 31 -24.02 -15.96 -8.64
N GLN B 31 -12.64 -13.29 -0.75
N GLN B 31 -7.10 10.57 27.73
CA GLN B 31 19.74 -12.91 -5.39
CA GLN B 31 -25.28 -16.74 -8.84
CA GLN B 31 -13.98 -13.76 -1.21
CA GLN B 31 -7.50 11.30 28.97
C GLN B 31 18.41 -13.52 -5.83
C GLN B 31 -25.43 -17.73 -7.68
C GLN B 31 -15.03 -13.38 -0.16
C GLN B 31 -7.13 10.45 30.19
N ASP B 32 17.69 -14.01 -4.84
N ASP B 32 -24.35 -18.43 -7.42
N ASP B 32 -14.70 -13.72 1.06
N ASP B 32 -7.53 9.20 30.12
CA ASP B 32 16.36 -14.61 -5.10
CA ASP B 32 -24.34 -19.42 -6.32
CA ASP B 32 -15.60 -13.42 2.20
CA ASP B 32 -7.23 8.24 31.21
C ASP B 32 15.46 -13.67 -5.87
C ASP B 32 -24.76 -18.80 -5.00
C ASP B 32 -15.98 -11.95 2.23
C ASP B 32 -5.76 8.21 31.55
N LYS B 33 15.46 -12.37 -5.52
N LYS B 33 -24.30 -17.56 -4.72
N LYS B 33 -15.01 -11.05 1.97
N LYS B 33 -4.89 8.23 30.52
CA LYS B 33 14.50 -11.49 -6.22
CA LYS B 33 -24.65 -17.02 -3.39
CA LYS B 33 -15.38 -9.62 2.12
CA LYS B 33 -3.45 8.10 30.87
C LYS B 33 14.99 -10.78 -7.44
C LYS B 33 -25.87 -16.17 -3.30
C LYS B 33 -15.84 -8.91 0.88
C LYS B 33 -2.68 9.36 31.06
N GLU B 34 16.24 -10.51 -7.64
N GLU B 34 -26.35 -15.52 -4.33
N GLU B 34 -15.50 -9.30 -0.32
N GLU B 34 -3.02 10.49 30.51
CA GLU B 34 16.78 -9.83 -8.80
CA GLU B 34 -27.53 -14.68 -4.30
CA GLU B 34 -15.93 -8.66 -1.54
CA GLU B 34 -2.32 11.74 30.66
C GLU B 34 17.84 -10.61 -9.54
C GLU B 34 -28.58 -15.07 -5.30
C GLU B 34 -16.64 -9.58 -2.50
C GLU B 34 -3.16 12.87 31.20
N GLY B 35 18.25 -11.74 -9.00
N GLY B 35 -28.28 -16.03 -6.16
N GLY B 35 -16.69 -10.86 -2.20
N GLY B 35 -4.46 12.64 31.34
CA GLY B 35 19.20 -12.62 -9.65
CA GLY B 35 -29.22 -16.55 -7.12
CA GLY B 35 -17.40 -11.83 -3.00
CA GLY B 35 -5.36 13.60 31.91
C GLY B 35 20.63 -12.30 -9.55
C GLY B 35 -29.46 -15.80 -8.37
C GLY B 35 -16.74 -12.36 -4.21
C GLY B 35 -5.87 14.70 31.06
N ILE B 36 21.00 -11.28 -8.77
N ILE B 36 -28.69 -14.72 -8.61
N ILE B 36 -15.46 -12.01 -4.45
N ILE B 36 -5.56 14.67 29.75
CA ILE B 36 22.44 -10.94 -8.65
CA ILE B 36 -28.89 -13.97 -9.86
CA ILE B 36 -14.80 -12.54 -5.66
CA ILE B 36 -6.06 15.74 28.87
C ILE B 36 23.14 -11.88 -7.68
C ILE B 36 -28.22 -14.65 -11.03
C ILE B 36 -14.31 -13.96 -5.42
C ILE B 36 -7.51 15.50 28.49
N PRO B 37 24.19 -12.54 -8.14
N PRO B 37 -28.98 -14.94 -12.08
N PRO B 37 -14.72 -14.89 -6.29
N PRO B 37 -8.37 16.46 28.75
CA PRO B 37 24.99 -13.45 -7.30
CA PRO B 37 -28.46 -15.56 -13.31
CA PRO B 37 -14.31 -16.29 -6.21
CA PRO B 37 -9.80 16.39 28.40
C PRO B 37 25.52 -12.73 -6.07
C PRO B 37 -27.34 -14.74 -13.90
C PRO B 37 -12.79 -16.42 -6.26
C PRO B 37 -9.99 16.14 26.91
N PRO B 38 25.47 -13.34 -4.91
N PRO B 38 -26.27 -15.36 -14.35
N PRO B 38 -12.20 -17.25 -5.45
N PRO B 38 -10.88 15.28 26.51
CA PRO B 38 25.96 -12.68 -3.70
CA PRO B 38 -25.15 -14.60 -14.93
CA PRO B 38 -10.74 -17.39 -5.45
CA PRO B 38 -11.07 15.00 25.08
C PRO B 38 27.40 -12.24 -3.79
C PRO B 38 -25.55 -13.74 -16.09
C PRO B 38 -10.17 -17.78 -6.79
C PRO B 38 -11.41 16.23 24.28
N ASP B 39 28.22 -12.97 -4.51
N ASP B 39 -26.52 -14.15 -16.87
N ASP B 39 -10.90 -18.53 -7.57
N ASP B 39 -12.11 17.17 24.86
CA ASP B 39 29.66 -12.64 -4.61
CA ASP B 39 -26.94 -13.38 -18.06
CA ASP B 39 -10.40 -18.99 -8.89
CA ASP B 39 -12.54 18.39 24.11
C ASP B 39 29.91 -11.33 -5.36
C ASP B 39 -27.60 -12.05 -17.70
C ASP B 39 -10.24 -17.84 -9.89
C ASP B 39 -11.36 19.29 23.74
N GLN B 40 28.90 -10.86 -6.09
N GLN B 40 -27.99 -11.91 -16.45
N GLN B 40 -10.86 -16.72 -9.59
N GLN B 40 -10.22 19.05 24.38
CA GLN B 40 29.06 -9.59 -6.82
CA GLN B 40 -28.61 -10.64 -16.01
CA GLN B 40 -10.75 -15.55 -10.50
CA GLN B 40 -9.02 19.86 24.05
C GLN B 40 28.50 -8.40 -6.03
C GLN B 40 -27.59 -9.69 -15.35
C GLN B 40 -9.63 -14.58 -10.05
C GLN B 40 -8.11 19.16 23.01
N GLN B 41 27.79 -8.65 -4.95
N GLN B 41 -26.40 -10.17 -15.07
N GLN B 41 -9.10 -14.77 -8.86
N GLN B 41 -8.37 17.90 22.73
CA GLN B 41 27.17 -7.62 -4.14
CA GLN B 41 -25.37 -9.41 -14.41
CA GLN B 41 -8.09 -13.90 -8.30
CA GLN B 41 -7.57 17.11 21.82
C GLN B 41 28.07 -6.97 -3.10
C GLN B 41 -24.52 -8.54 -15.31
C GLN B 41 -6.66 -14.21 -8.70
C GLN B 41 -7.92 17.25 20.35
N ARG B 42 28.07 -5.65 -3.11
N ARG B 42 -24.40 -7.27 -14.92
N ARG B 42 -5.97 -13.17 -9.15
N ARG B 42 -6.88 17.50 19.56
CA ARG B 42 28.75 -4.86 -2.04
CA ARG B 42 -23.45 -6.33 -15.60
CA ARG B 42 -4.50 -13.26 -9.41
CA ARG B 42 -7.02 17.48 18.07
C ARG B 42 27.67 -4.00 -1.44
C ARG B 42 -22.52 -5.87 -14.50
C ARG B 42 -3.87 -12.22 -8.53
C ARG B 42 -6.05 16.43 17.60
N LEU B 43 27.33 -4.19 -0.16
N LEU B 43 -21.22 -6.18 -14.58
N LEU B 43 -3.05 -12.60 -7.56
N LEU B 43 -6.50 15.34 16.98
CA LEU B 43 26.22 -3.39 0.45
CA LEU B 43 -20.28 -5.78 -13.50
CA LEU B 43 -2.45 -11.61 -6.62
CA LEU B 43 -5.57 14.27 16.55
C LEU B 43 26.80 -2.30 1.34
C LEU B 43 -19.45 -4.58 -13.93
C LEU B 43 -0.99 -11.35 -7.00
C LEU B 43 -5.36 14.34 15.04
N ILE B 44 26.32 -1.08 1.14
N ILE B 44 -19.40 -3.57 -13.08
N ILE B 44 -0.64 -10.08 -7.11
N ILE B 44 -4.09 14.32 14.63
CA ILE B 44 26.80 0.10 1.88
CA ILE B 44 -18.70 -2.33 -13.36
CA ILE B 44 0.69 -9.65 -7.51
CA ILE B 44 -3.69 14.43 13.23
C ILE B 44 25.68 0.79 2.63
C ILE B 44 -17.62 -2.03 -12.33
C ILE B 44 1.34 -8.76 -6.45
C ILE B 44 -2.88 13.23 12.77
N PHE B 45 25.97 1.08 3.93
N PHE B 45 -16.41 -1.68 -12.84
N PHE B 45 2.62 -9.12 -6.13
N PHE B 45 -3.29 12.69 11.59
CA PHE B 45 25.01 1.81 4.78
CA PHE B 45 -15.28 -1.32 -11.98
CA PHE B 45 3.42 -8.33 -5.17
CA PHE B 45 -2.59 11.56 10.98
C PHE B 45 25.87 2.70 5.69
C PHE B 45 -14.52 -0.21 -12.74
C PHE B 45 4.86 -8.38 -5.70
C PHE B 45 -2.67 11.80 9.46
N ALA B 46 25.46 3.94 5.69
N ALA B 46 -14.30 0.84 -12.00
N ALA B 46 5.40 -7.18 -5.78
N ALA B 46 -1.50 11.71 8.88
CA ALA B 46 26.08 5.00 6.52
CA ALA B 46 -13.54 2.01 -12.46
CA ALA B 46 6.80 -6.95 -6.21
CA ALA B 46 -1.30 11.84 7.42
C ALA B 46 27.60 4.98 6.39
C ALA B 46 -14.04 2.47 -13.82
C ALA B 46 7.11 -7.73 -7.48
C ALA B 46 -2.03 13.08 6.90
N GLY B 47 28.02 4.87 5.16
N GLY B 47 -15.35 2.54 -13.92
N GLY B 47 6.19 -7.62 -8.40
N GLY B 47 -1.86 14.15 7.60
CA GLY B 47 29.37 4.81 4.69
CA GLY B 47 -16.13 2.91 -15.06
CA GLY B 47 6.17 -8.23 -9.70
CA GLY B 47 -2.39 15.46 7.40
C GLY B 47 30.21 3.65 5.15
C GLY B 47 -16.02 2.07 -16.30
C GLY B 47 6.16 -9.72 -9.78
C GLY B 47 -3.89 15.61 7.43
N LYS B 48 29.60 2.58 5.57
N LYS B 48 -15.58 0.85 -16.17
N LYS B 48 5.75 -10.39 -8.73
N LYS B 48 -4.58 14.69 8.06
CA LYS B 48 30.33 1.37 5.98
CA LYS B 48 -15.48 -0.07 -17.31
CA LYS B 48 5.65 -11.86 -8.71
CA LYS B 48 -6.04 14.76 8.20
C LYS B 48 29.98 0.26 4.98
C LYS B 48 -16.46 -1.23 -17.05
C LYS B 48 4.17 -12.21 -8.57
C LYS B 48 -6.35 14.92 9.70
N GLN B 49 30.92 -0.58 4.64
N GLN B 49 -17.11 -1.73 -18.08
N GLN B 49 3.72 -13.25 -9.22
N GLN B 49 -7.34 15.71 10.05
CA GLN B 49 30.61 -1.75 3.77
CA GLN B 49 -17.98 -2.91 -17.90
CA GLN B 49 2.33 -13.71 -9.02
CA GLN B 49 -7.75 15.80 11.47
C GLN B 49 30.13 -2.82 4.75
C GLN B 49 -17.03 -4.09 -18.05
C GLN B 49 2.41 -14.63 -7.81
C GLN B 49 -8.73 14.63 11.65
N LEU B 50 29.01 -3.43 4.50
N LEU B 50 -17.07 -5.03 -17.13
N LEU B 50 1.56 -14.45 -6.83
N LEU B 50 -8.54 13.84 12.67
CA LEU B 50 28.41 -4.42 5.42
CA LEU B 50 -16.14 -6.16 -17.12
CA LEU B 50 1.61 -15.21 -5.57
CA LEU B 50 -9.36 12.63 12.88
C LEU B 50 29.12 -5.77 5.27
C LEU B 50 -16.58 -7.22 -18.13
C LEU B 50 0.99 -16.58 -5.77
C LEU B 50 -10.71 13.01 13.50
N GLU B 51 29.38 -6.43 6.39
N GLU B 51 -15.63 -7.80 -18.87
N GLU B 51 1.60 -17.62 -5.20
N GLU B 51 -11.79 12.39 13.03
CA GLU B 51 30.11 -7.73 6.34
CA GLU B 51 -16.00 -8.79 -19.90
CA GLU B 51 1.08 -18.99 -5.40
CA GLU B 51 -13.13 12.75 13.54
C GLU B 51 29.13 -8.86 6.49
C GLU B 51 -15.72 -10.18 -19.40
C GLU B 51 0.33 -19.43 -4.17
C GLU B 51 -13.59 11.71 14.52
N ASP B 52 29.28 -9.95 5.77
N ASP B 52 -16.57 -11.14 -19.66
N ASP B 52 -0.78 -20.12 -4.29
N ASP B 52 -14.22 12.09 15.61
CA ASP B 52 28.38 -11.08 5.74
CA ASP B 52 -16.50 -12.52 -19.16
CA ASP B 52 -1.66 -20.54 -3.21
CA ASP B 52 -14.66 11.22 16.70
C ASP B 52 27.90 -11.73 7.03
C ASP B 52 -15.19 -13.29 -19.26
C ASP B 52 -1.09 -21.21 -1.97
C ASP B 52 -15.41 9.93 16.41
N GLY B 53 28.77 -11.90 7.99
N GLY B 53 -14.49 -13.20 -20.36
N GLY B 53 -0.15 -22.12 -2.15
N GLY B 53 -16.35 9.95 15.49
CA GLY B 53 28.48 -12.55 9.29
CA GLY B 53 -13.25 -13.93 -20.63
CA GLY B 53 0.45 -22.91 -1.05
CA GLY B 53 -17.20 8.80 15.13
C GLY B 53 27.85 -11.69 10.32
C GLY B 53 -12.00 -13.34 -20.07
C GLY B 53 1.55 -22.24 -0.30
C GLY B 53 -16.61 7.82 14.17
N ARG B 54 27.74 -10.38 10.11
N ARG B 54 -12.04 -12.13 -19.53
N ARG B 54 2.05 -21.09 -0.76
N ARG B 54 -15.46 8.12 13.57
CA ARG B 54 27.06 -9.48 11.06
CA ARG B 54 -10.87 -11.51 -18.88
CA ARG B 54 3.09 -20.34 -0.02
CA ARG B 54 -14.78 7.16 12.67
C ARG B 54 25.57 -9.49 10.73
C ARG B 54 -10.82 -11.97 -17.44
C ARG B 54 2.39 -19.46 1.00
C ARG B 54 -13.92 6.24 13.52
N THR B 55 24.77 -8.98 11.64
N THR B 55 -9.70 -11.76 -16.79
N THR B 55 3.15 -18.94 1.94
N THR B 55 -13.47 5.16 12.94
CA THR B 55 23.31 -8.85 11.46
CA THR B 55 -9.50 -12.09 -15.36
CA THR B 55 2.67 -18.01 2.99
CA THR B 55 -12.57 4.18 13.58
C THR B 55 23.02 -7.35 11.18
C THR B 55 -9.55 -10.76 -14.58
C THR B 55 3.16 -16.59 2.58
C THR B 55 -11.16 4.41 12.99
N LEU B 56 21.84 -7.09 10.69
N LEU B 56 -9.70 -10.87 -13.27
N LEU B 56 2.57 -15.60 3.21
N LEU B 56 -10.16 3.86 13.66
CA LEU B 56 21.38 -5.70 10.43
CA LEU B 56 -9.70 -9.69 -12.38
CA LEU B 56 2.95 -14.20 3.00
CA LEU B 56 -8.77 3.93 13.20
C LEU B 56 21.38 -4.94 11.75
C LEU B 56 -8.35 -9.00 -12.50
C LEU B 56 4.42 -14.03 3.41
C LEU B 56 -8.68 3.23 11.84
N SER B 57 21.01 -5.63 12.85
N SER B 57 -7.27 -9.78 -12.67
N SER B 57 4.84 -14.75 4.47
N SER B 57 -9.46 2.14 11.65
CA SER B 57 21.00 -4.89 14.14
CA SER B 57 -5.95 -9.11 -12.77
CA SER B 57 6.26 -14.58 4.88
CA SER B 57 -9.36 1.46 10.34
C SER B 57 22.38 -4.41 14.54
C SER B 57 -5.85 -8.22 -14.00
C SER B 57 7.22 -15.06 3.82
C SER B 57 -9.83 2.34 9.20
N ASP B 58 23.41 -5.13 14.14
N ASP B 58 -6.57 -8.59 -15.06
N ASP B 58 6.80 -16.03 3.03
N ASP B 58 -10.76 3.25 9.48
CA ASP B 58 24.81 -4.75 14.47
CA ASP B 58 -6.55 -7.79 -16.31
CA ASP B 58 7.67 -16.58 1.95
CA ASP B 58 -11.28 4.16 8.44
C ASP B 58 25.10 -3.32 13.99
C ASP B 58 -6.94 -6.33 -16.03
C ASP B 58 8.13 -15.45 1.01
C ASP B 58 -10.14 4.94 7.78
N TYR B 59 24.58 -3.01 12.84
N TYR B 59 -7.89 -6.17 -15.16
N TYR B 59 7.22 -14.55 0.74
N TYR B 59 -9.19 5.33 8.58
CA TYR B 59 24.73 -1.70 12.20
CA TYR B 59 -8.41 -4.87 -14.73
CA TYR B 59 7.44 -13.39 -0.12
CA TYR B 59 -8.01 6.07 8.17
C TYR B 59 23.62 -0.73 12.57
C TYR B 59 -7.69 -4.32 -13.52
C TYR B 59 7.93 -12.18 0.65
C TYR B 59 -6.84 5.18 7.81
N ASN B 60 22.69 -1.06 13.44
N ASN B 60 -6.66 -4.94 -13.00
N ASN B 60 8.19 -12.23 1.93
N ASN B 60 -6.97 3.87 7.80
CA ASN B 60 21.62 -0.09 13.76
CA ASN B 60 -5.99 -4.35 -11.82
CA ASN B 60 8.65 -11.02 2.63
CA ASN B 60 -5.80 3.03 7.44
C ASN B 60 20.84 0.31 12.51
C ASN B 60 -6.96 -4.19 -10.66
C ASN B 60 7.65 -9.88 2.51
C ASN B 60 -4.62 3.30 8.38
N ILE B 61 20.49 -0.66 11.69
N ILE B 61 -7.75 -5.20 -10.39
N ILE B 61 6.38 -10.19 2.70
N ILE B 61 -4.88 3.36 9.67
CA ILE B 61 19.65 -0.39 10.49
CA ILE B 61 -8.69 -5.19 -9.23
CA ILE B 61 5.32 -9.13 2.68
CA ILE B 61 -3.80 3.53 10.67
C ILE B 61 18.20 -0.49 10.95
C ILE B 61 -7.89 -5.76 -8.05
C ILE B 61 5.22 -8.61 4.12
C ILE B 61 -3.33 2.12 11.03
N GLN B 62 17.44 0.56 10.90
N GLN B 62 -7.66 -4.99 -7.03
N GLN B 62 5.52 -7.37 4.35
N GLN B 62 -2.11 1.77 10.74
CA GLN B 62 16.03 0.59 11.38
CA GLN B 62 -6.83 -5.41 -5.85
CA GLN B 62 5.52 -6.76 5.72
CA GLN B 62 -1.57 0.40 10.99
C GLN B 62 15.08 0.54 10.18
C GLN B 62 -7.77 -5.74 -4.68
C GLN B 62 4.27 -5.91 5.91
C GLN B 62 -0.68 0.42 12.23
N LYS B 63 13.79 0.35 10.43
N LYS B 63 -7.23 -6.33 -3.62
N LYS B 63 4.00 -5.47 7.13
N LYS B 63 -0.27 -0.75 12.72
CA LYS B 63 12.81 0.21 9.38
CA LYS B 63 -8.01 -6.75 -2.47
CA LYS B 63 2.80 -4.71 7.44
CA LYS B 63 0.51 -0.86 13.92
C LYS B 63 12.88 1.43 8.45
C LYS B 63 -8.80 -5.55 -1.95
C LYS B 63 2.73 -3.49 6.52
C LYS B 63 1.77 -0.01 13.79
N GLU B 64 12.68 1.11 7.17
N GLU B 64 -10.02 -5.89 -1.51
N GLU B 64 1.47 -3.21 6.15
N GLU B 64 2.12 0.58 14.93
CA GLU B 64 12.68 2.04 6.07
CA GLU B 64 -10.98 -4.98 -0.94
CA GLU B 64 1.08 -2.12 5.29
CA GLU B 64 3.26 1.44 15.12
C GLU B 64 13.98 2.71 5.72
C GLU B 64 -11.58 -3.94 -1.84
C GLU B 64 1.52 -2.16 3.86
C GLU B 64 3.26 2.77 14.41
N SER B 65 15.06 2.09 6.19
N SER B 65 -11.46 -4.19 -3.13
N SER B 65 1.87 -3.36 3.42
N SER B 65 2.08 3.19 14.02
CA SER B 65 16.43 2.51 5.86
CA SER B 65 -12.07 -3.36 -4.18
CA SER B 65 2.23 -3.64 2.02
CA SER B 65 1.84 4.51 13.41
C SER B 65 16.68 2.16 4.38
C SER B 65 -13.59 -3.59 -4.13
C SER B 65 0.92 -3.56 1.20
C SER B 65 2.01 5.56 14.53
N THR B 66 17.65 2.80 3.77
N THR B 66 -14.35 -2.66 -4.67
N THR B 66 1.05 -3.37 -0.09
N THR B 66 2.24 6.79 14.15
CA THR B 66 18.06 2.49 2.39
CA THR B 66 -15.80 -2.79 -4.77
CA THR B 66 -0.10 -3.35 -1.00
CA THR B 66 2.34 7.91 15.09
C THR B 66 19.52 2.05 2.40
C THR B 66 -16.20 -2.77 -6.24
C THR B 66 0.09 -4.48 -2.03
C THR B 66 1.25 8.93 14.75
N LEU B 67 19.81 0.88 1.82
N LEU B 67 -16.96 -3.77 -6.70
N LEU B 67 -0.93 -5.35 -2.18
N LEU B 67 0.43 9.31 15.73
CA LEU B 67 21.21 0.44 1.69
CA LEU B 67 -17.47 -3.74 -8.07
CA LEU B 67 -0.86 -6.39 -3.22
CA LEU B 67 -0.56 10.36 15.50
C LEU B 67 21.60 0.70 0.22
C LEU B 67 -18.95 -3.34 -7.98
C LEU B 67 -1.79 -5.90 -4.35
C LEU B 67 0.00 11.63 16.16
N HIS B 68 22.84 0.88 -0.05
N HIS B 68 -19.50 -2.78 -8.99
N HIS B 68 -1.55 -6.32 -5.54
N HIS B 68 -0.37 12.77 15.72
CA HIS B 68 23.26 1.09 -1.45
CA HIS B 68 -20.93 -2.42 -8.94
CA HIS B 68 -2.45 -5.91 -6.64
CA HIS B 68 0.12 14.01 16.37
C HIS B 68 23.92 -0.22 -1.89
C HIS B 68 -21.65 -3.44 -9.82
C HIS B 68 -3.30 -7.14 -6.97
C HIS B 68 -1.06 14.55 17.18
N LEU B 69 23.59 -0.67 -3.08
N LEU B 69 -22.77 -3.95 -9.34
N LEU B 69 -4.60 -6.93 -7.15
N LEU B 69 -0.80 14.97 18.40
CA LEU B 69 24.21 -1.87 -3.64
CA LEU B 69 -23.59 -4.89 -10.12
CA LEU B 69 -5.50 -8.01 -7.54
CA LEU B 69 -1.82 15.58 19.26
C LEU B 69 25.18 -1.53 -4.75
C LEU B 69 -24.84 -4.24 -10.60
C LEU B 69 -5.93 -7.87 -8.98
C LEU B 69 -1.60 17.06 19.39
N VAL B 70 26.43 -1.79 -4.60
N VAL B 70 -25.03 -4.10 -11.87
N VAL B 70 -5.59 -8.79 -9.82
N VAL B 70 -2.50 17.87 18.92
CA VAL B 70 27.41 -1.56 -5.70
CA VAL B 70 -26.33 -3.56 -12.40
CA VAL B 70 -6.08 -8.76 -11.23
CA VAL B 70 -2.38 19.34 19.13
C VAL B 70 27.77 -2.99 -6.17
C VAL B 70 -27.00 -4.78 -13.03
C VAL B 70 -7.10 -9.91 -11.29
C VAL B 70 -3.49 19.65 20.15
N LEU B 71 27.89 -3.19 -7.46
N LEU B 71 -28.28 -4.92 -12.87
N LEU B 71 -8.21 -9.71 -11.96
N LEU B 71 -3.22 20.51 21.09
CA LEU B 71 28.27 -4.53 -7.98
CA LEU B 71 -29.03 -6.05 -13.48
CA LEU B 71 -9.22 -10.78 -12.09
CA LEU B 71 -4.24 20.90 22.10
C LEU B 71 29.75 -4.58 -8.23
C LEU B 71 -29.63 -5.62 -14.78
C LEU B 71 -9.03 -11.51 -13.39
C LEU B 71 -4.93 22.16 21.68
N MET A 1 6.38 18.40 -20.67
CA MET A 1 5.74 19.56 -20.05
C MET A 1 6.28 19.67 -18.60
N GLN A 2 6.34 20.88 -18.14
CA GLN A 2 6.81 21.11 -16.74
C GLN A 2 5.61 21.10 -15.81
N ILE A 3 5.80 20.45 -14.66
CA ILE A 3 4.77 20.47 -13.61
C ILE A 3 5.53 20.83 -12.30
N PHE A 4 4.75 21.23 -11.33
CA PHE A 4 5.40 21.59 -10.01
C PHE A 4 4.91 20.64 -8.96
N VAL A 5 5.74 20.16 -8.03
CA VAL A 5 5.27 19.32 -6.95
C VAL A 5 5.58 20.10 -5.65
N LYS A 6 4.57 20.50 -4.95
CA LYS A 6 4.78 21.30 -3.70
C LYS A 6 4.77 20.35 -2.53
N THR A 7 5.82 20.41 -1.68
CA THR A 7 5.88 19.52 -0.51
C THR A 7 5.42 20.27 0.74
N LEU A 8 5.24 19.58 1.84
CA LEU A 8 4.74 20.24 3.07
C LEU A 8 5.81 21.08 3.74
N THR A 9 7.06 21.03 3.24
CA THR A 9 8.08 21.90 3.94
C THR A 9 8.35 23.16 3.18
N GLY A 10 7.52 23.50 2.24
CA GLY A 10 7.67 24.69 1.43
C GLY A 10 8.68 24.63 0.33
N LYS A 11 9.10 23.43 0.00
CA LYS A 11 10.01 23.21 -1.12
C LYS A 11 9.11 22.84 -2.31
N THR A 12 9.42 23.38 -3.48
CA THR A 12 8.62 22.98 -4.66
C THR A 12 9.61 22.35 -5.64
N ILE A 13 9.25 21.19 -6.17
CA ILE A 13 10.23 20.60 -7.13
C ILE A 13 9.65 20.67 -8.52
N THR A 14 10.47 20.94 -9.51
CA THR A 14 9.89 20.97 -10.89
C THR A 14 10.25 19.66 -11.57
N LEU A 15 9.33 19.09 -12.33
CA LEU A 15 9.58 17.83 -13.01
C LEU A 15 9.25 18.02 -14.49
N GLU A 16 9.89 17.22 -15.31
CA GLU A 16 9.51 17.26 -16.76
C GLU A 16 8.85 15.92 -17.00
N VAL A 17 7.60 16.03 -17.42
CA VAL A 17 6.77 14.86 -17.67
C VAL A 17 5.93 15.04 -18.95
N GLU A 18 5.32 13.93 -19.31
CA GLU A 18 4.37 13.84 -20.41
C GLU A 18 3.06 13.38 -19.82
N PRO A 19 1.95 13.87 -20.34
CA PRO A 19 0.61 13.47 -19.90
C PRO A 19 0.43 11.98 -19.97
N SER A 20 1.19 11.31 -20.81
CA SER A 20 1.03 9.85 -20.98
C SER A 20 1.72 9.11 -19.87
N ASP A 21 2.49 9.83 -19.05
CA ASP A 21 3.19 9.10 -17.96
C ASP A 21 2.21 8.63 -16.92
N THR A 22 2.51 7.52 -16.30
CA THR A 22 1.71 6.99 -15.21
C THR A 22 2.16 7.68 -13.91
N ILE A 23 1.25 7.61 -12.94
CA ILE A 23 1.52 8.13 -11.60
C ILE A 23 2.72 7.40 -10.98
N GLU A 24 2.80 6.12 -11.24
CA GLU A 24 3.98 5.32 -10.73
C GLU A 24 5.27 5.90 -11.23
N CYS A 25 5.30 6.34 -12.52
CA CYS A 25 6.50 6.91 -13.13
C CYS A 25 6.85 8.24 -12.50
N VAL A 26 5.82 9.05 -12.28
CA VAL A 26 6.04 10.34 -11.65
C VAL A 26 6.71 10.15 -10.29
N LYS A 27 6.18 9.20 -9.52
CA LYS A 27 6.74 8.92 -8.19
C LYS A 27 8.19 8.48 -8.29
N ALA A 28 8.54 7.70 -9.30
CA ALA A 28 9.92 7.29 -9.53
C ALA A 28 10.80 8.47 -9.89
N LYS A 29 10.31 9.43 -10.66
CA LYS A 29 11.09 10.64 -10.97
C LYS A 29 11.35 11.47 -9.69
N ILE A 30 10.35 11.49 -8.81
CA ILE A 30 10.50 12.25 -7.55
C ILE A 30 11.53 11.50 -6.70
N GLN A 31 11.49 10.19 -6.69
CA GLN A 31 12.50 9.45 -5.86
C GLN A 31 13.90 9.76 -6.40
N ASP A 32 14.01 9.63 -7.70
CA ASP A 32 15.30 9.91 -8.37
C ASP A 32 15.83 11.29 -8.03
N LYS A 33 14.94 12.30 -7.98
CA LYS A 33 15.50 13.66 -7.74
C LYS A 33 15.53 14.13 -6.33
N GLU A 34 14.74 13.67 -5.41
CA GLU A 34 14.73 14.09 -4.02
C GLU A 34 14.92 12.96 -3.04
N GLY A 35 14.94 11.73 -3.52
CA GLY A 35 15.18 10.58 -2.69
C GLY A 35 14.07 10.02 -1.89
N ILE A 36 12.84 10.55 -2.06
CA ILE A 36 11.72 10.01 -1.29
C ILE A 36 11.20 8.72 -1.91
N PRO A 37 11.15 7.65 -1.13
CA PRO A 37 10.64 6.34 -1.58
C PRO A 37 9.21 6.46 -2.09
N PRO A 38 8.88 5.84 -3.19
CA PRO A 38 7.51 5.95 -3.73
C PRO A 38 6.45 5.52 -2.76
N ASP A 39 6.74 4.57 -1.90
CA ASP A 39 5.72 4.05 -0.95
C ASP A 39 5.34 5.08 0.11
N GLN A 40 6.16 6.11 0.23
CA GLN A 40 5.83 7.18 1.22
C GLN A 40 5.08 8.36 0.58
N GLN A 41 5.02 8.40 -0.74
CA GLN A 41 4.40 9.48 -1.46
C GLN A 41 2.90 9.36 -1.66
N ARG A 42 2.21 10.46 -1.32
CA ARG A 42 0.75 10.57 -1.60
C ARG A 42 0.62 11.80 -2.48
N LEU A 43 0.18 11.67 -3.73
CA LEU A 43 0.09 12.84 -4.63
C LEU A 43 -1.35 13.30 -4.76
N ILE A 44 -1.57 14.59 -4.57
CA ILE A 44 -2.91 15.19 -4.61
C ILE A 44 -3.02 16.28 -5.66
N PHE A 45 -4.11 16.19 -6.46
CA PHE A 45 -4.39 17.20 -7.50
C PHE A 45 -5.92 17.33 -7.53
N ALA A 46 -6.32 18.58 -7.46
CA ALA A 46 -7.74 18.98 -7.52
C ALA A 46 -8.59 18.14 -6.58
N GLY A 47 -8.08 17.99 -5.40
CA GLY A 47 -8.62 17.24 -4.29
C GLY A 47 -8.80 15.76 -4.47
N CYS A 48 -8.13 15.15 -5.41
CA CYS A 48 -8.12 13.71 -5.63
C CYS A 48 -6.78 13.12 -5.25
N GLN A 49 -6.74 11.97 -4.70
CA GLN A 49 -5.43 11.30 -4.47
C GLN A 49 -5.16 10.55 -5.77
N LEU A 50 -3.98 10.72 -6.33
CA LEU A 50 -3.65 10.11 -7.64
C LEU A 50 -3.29 8.65 -7.46
N GLU A 51 -3.77 7.80 -8.37
CA GLU A 51 -3.53 6.34 -8.25
C GLU A 51 -2.42 5.92 -9.18
N ASP A 52 -1.53 5.06 -8.79
CA ASP A 52 -0.35 4.62 -9.54
C ASP A 52 -0.48 4.20 -10.99
N GLY A 53 -1.50 3.45 -11.32
CA GLY A 53 -1.74 2.91 -12.67
C GLY A 53 -2.40 3.82 -13.65
N ARG A 54 -2.89 4.98 -13.21
CA ARG A 54 -3.49 5.96 -14.13
C ARG A 54 -2.37 6.83 -14.68
N THR A 55 -2.66 7.57 -15.72
CA THR A 55 -1.72 8.53 -16.36
C THR A 55 -2.16 9.94 -15.93
N LEU A 56 -1.27 10.90 -16.12
CA LEU A 56 -1.55 12.31 -15.83
C LEU A 56 -2.72 12.75 -16.70
N SER A 57 -2.80 12.25 -17.95
CA SER A 57 -3.93 12.69 -18.80
C SER A 57 -5.26 12.26 -18.24
N ASP A 58 -5.29 11.15 -17.53
CA ASP A 58 -6.56 10.64 -16.93
C ASP A 58 -7.20 11.71 -16.05
N TYR A 59 -6.37 12.41 -15.33
CA TYR A 59 -6.76 13.49 -14.42
C TYR A 59 -6.79 14.84 -15.09
N ASN A 60 -6.55 14.98 -16.38
CA ASN A 60 -6.58 16.32 -16.99
C ASN A 60 -5.58 17.25 -16.32
N ILE A 61 -4.36 16.77 -16.10
CA ILE A 61 -3.28 17.62 -15.54
C ILE A 61 -2.59 18.28 -16.73
N GLN A 62 -2.64 19.57 -16.85
CA GLN A 62 -2.07 20.32 -18.00
C GLN A 62 -0.74 20.97 -17.58
N LYS A 63 0.04 21.51 -18.58
CA LYS A 63 1.33 22.10 -18.24
C LYS A 63 1.17 23.16 -17.17
N GLU A 64 2.22 23.18 -16.36
CA GLU A 64 2.37 24.09 -15.26
C GLU A 64 1.44 23.96 -14.10
N SER A 65 0.81 22.79 -14.03
CA SER A 65 -0.07 22.42 -12.91
C SER A 65 0.84 22.18 -11.68
N THR A 66 0.25 22.25 -10.50
CA THR A 66 0.96 21.97 -9.25
C THR A 66 0.29 20.77 -8.56
N LEU A 67 1.06 19.74 -8.22
CA LEU A 67 0.49 18.62 -7.46
C LEU A 67 0.98 18.81 -6.00
N HIS A 68 0.26 18.31 -5.06
CA HIS A 68 0.72 18.43 -3.66
C HIS A 68 1.24 17.05 -3.26
N LEU A 69 2.38 17.02 -2.60
CA LEU A 69 2.96 15.77 -2.10
C LEU A 69 2.83 15.67 -0.60
N VAL A 70 2.10 14.73 -0.09
CA VAL A 70 2.03 14.52 1.38
C VAL A 70 2.81 13.21 1.60
N LEU A 71 3.60 13.15 2.65
CA LEU A 71 4.36 11.93 2.95
C LEU A 71 3.61 11.09 3.95
N ARG A 72 3.54 9.78 3.79
N ARG A 72 3.52 9.80 3.71
N ARG A 72 3.56 9.78 3.80
N ARG A 72 3.55 9.80 3.75
CA ARG A 72 2.80 8.95 4.76
CA ARG A 72 2.78 8.90 4.62
CA ARG A 72 2.86 8.94 4.79
CA ARG A 72 2.83 8.92 4.70
C ARG A 72 3.37 9.30 6.12
C ARG A 72 2.72 7.55 3.90
C ARG A 72 3.63 7.63 4.84
C ARG A 72 3.75 8.80 5.91
N LEU A 73 4.45 10.02 6.22
N LEU A 73 2.27 6.50 4.51
N LEU A 73 3.19 6.62 5.52
N LEU A 73 4.72 9.64 6.09
CA LEU A 73 4.98 10.36 7.56
CA LEU A 73 2.23 5.20 3.79
CA LEU A 73 3.95 5.36 5.55
CA LEU A 73 5.60 9.49 7.28
C LEU A 73 5.49 9.11 8.25
C LEU A 73 1.02 4.39 4.26
C LEU A 73 5.36 5.62 6.07
C LEU A 73 6.49 8.27 7.12
N ARG A 74 6.81 9.06 8.36
N ARG A 74 0.58 3.52 3.37
N ARG A 74 5.60 5.09 7.25
N ARG A 74 5.90 7.14 7.47
CA ARG A 74 7.50 7.91 8.98
CA ARG A 74 -0.58 2.66 3.63
CA ARG A 74 6.91 5.23 7.92
CA ARG A 74 6.60 5.84 7.40
C ARG A 74 6.84 7.60 10.32
C ARG A 74 -0.57 1.51 2.61
C ARG A 74 7.66 3.91 7.82
C ARG A 74 5.56 4.72 7.58
N GLY A 75 6.29 6.39 10.39
N GLY A 75 -1.36 0.49 2.92
N GLY A 75 7.00 2.94 7.20
N GLY A 75 5.88 3.58 6.97
CA GLY A 75 5.60 5.90 11.58
CA GLY A 75 -1.49 -0.70 2.09
CA GLY A 75 7.53 1.60 7.02
CA GLY A 75 5.03 2.40 7.00
C GLY A 75 6.42 4.97 12.47
C GLY A 75 -2.08 -1.91 2.79
C GLY A 75 7.37 0.66 8.20
C GLY A 75 5.76 1.08 6.84
N GLY A 76 7.65 4.77 12.03
N GLY A 76 -2.18 -2.98 2.02
N GLY A 76 7.86 -0.55 7.99
N GLY A 76 5.11 0.05 7.36
CA GLY A 76 8.65 3.93 12.71
CA GLY A 76 -2.70 -4.28 2.46
CA GLY A 76 7.83 -1.64 8.97
CA GLY A 76 5.59 -1.34 7.33
C GLY A 76 8.21 2.47 12.60
C GLY A 76 -4.03 -4.53 1.73
C GLY A 76 6.71 -2.62 8.59
C GLY A 76 4.57 -2.22 8.08
N MET B 1 8.81 -7.98 7.16
N MET B 1 -8.81 -13.05 -2.01
N MET B 1 -2.14 -7.91 8.83
N MET B 1 -1.90 -4.14 17.87
CA MET B 1 8.69 -6.52 7.06
CA MET B 1 -8.81 -11.59 -1.78
CA MET B 1 -1.39 -6.85 8.12
CA MET B 1 -0.71 -3.58 17.20
C MET B 1 9.33 -6.09 5.72
C MET B 1 -10.30 -11.14 -1.82
C MET B 1 -2.28 -6.39 6.94
C MET B 1 -0.26 -2.35 18.02
N GLN B 2 8.81 -5.03 5.19
N GLN B 2 -10.55 -10.10 -1.07
N GLN B 2 -2.12 -5.13 6.61
N GLN B 2 1.02 -2.13 17.99
CA GLN B 2 9.38 -4.51 3.90
CA GLN B 2 -11.95 -9.55 -1.06
CA GLN B 2 -2.90 -4.59 5.45
CA GLN B 2 1.57 -0.94 18.72
C GLN B 2 10.47 -3.50 4.23
C GLN B 2 -12.05 -8.47 -2.13
C GLN B 2 -2.06 -4.76 4.18
C GLN B 2 1.59 0.25 17.78
N ILE B 3 11.55 -3.58 3.47
N ILE B 3 -13.18 -8.50 -2.83
N ILE B 3 -2.74 -5.15 3.12
N ILE B 3 1.21 1.39 18.31
CA ILE B 3 12.62 -2.57 3.58
CA ILE B 3 -13.49 -7.42 -3.80
CA ILE B 3 -2.09 -5.21 1.79
CA ILE B 3 1.32 2.66 17.55
C ILE B 3 12.93 -2.14 2.11
C ILE B 3 -14.94 -6.98 -3.48
C ILE B 3 -3.07 -4.48 0.81
C ILE B 3 2.01 3.66 18.52
N PHE B 4 13.60 -1.02 2.02
N PHE B 4 -15.25 -5.81 -4.00
N PHE B 4 -2.51 -4.13 -0.32
N PHE B 4 2.51 4.72 17.92
CA PHE B 4 13.96 -0.52 0.64
CA PHE B 4 -16.65 -5.30 -3.75
CA PHE B 4 -3.38 -3.42 -1.33
CA PHE B 4 3.20 5.76 18.77
C PHE B 4 15.46 -0.52 0.50
C PHE B 4 -17.38 -5.20 -5.07
C PHE B 4 -3.49 -4.29 -2.55
C PHE B 4 2.42 7.04 18.69
N VAL B 5 16.04 -0.89 -0.63
N VAL B 5 -18.65 -5.54 -5.18
N VAL B 5 -4.64 -4.40 -3.20
N VAL B 5 2.22 7.80 19.76
CA VAL B 5 17.47 -0.81 -0.82
CA VAL B 5 -19.39 -5.38 -6.41
CA VAL B 5 -4.76 -5.16 -4.44
CA VAL B 5 1.56 9.09 19.69
C VAL B 5 17.67 0.17 -2.00
C VAL B 5 -20.54 -4.38 -6.08
C VAL B 5 -5.19 -4.13 -5.51
C VAL B 5 2.62 10.13 20.15
N LYS B 6 18.27 1.29 -1.75
N LYS B 6 -20.51 -3.24 -6.66
N LYS B 6 -4.35 -3.88 -6.46
N LYS B 6 3.02 10.97 19.26
CA LYS B 6 18.46 2.30 -2.83
CA LYS B 6 -21.55 -2.21 -6.36
CA LYS B 6 -4.69 -2.87 -7.52
CA LYS B 6 4.07 11.99 19.62
C LYS B 6 19.84 2.12 -3.41
C LYS B 6 -22.63 -2.32 -7.40
C LYS B 6 -5.27 -3.60 -8.70
C LYS B 6 3.38 13.27 20.03
N THR B 7 19.94 1.98 -4.75
N THR B 7 -23.91 -2.45 -6.97
N THR B 7 -6.45 -3.16 -9.17
N THR B 7 3.72 13.81 21.21
CA THR B 7 21.25 1.79 -5.38
CA THR B 7 -25.01 -2.56 -7.94
CA THR B 7 -7.09 -3.83 -10.32
CA THR B 7 3.08 15.06 21.67
C THR B 7 21.74 3.12 -5.95
C THR B 7 -25.69 -1.19 -8.09
C THR B 7 -6.81 -3.01 -11.59
C THR B 7 4.01 16.23 21.38
N LEU B 8 22.98 3.19 -6.39
N LEU B 8 -26.58 -1.05 -9.05
N LEU B 8 -7.14 -3.55 -12.74
N LEU B 8 3.53 17.45 21.54
CA LEU B 8 23.53 4.46 -6.91
CA LEU B 8 -27.25 0.25 -9.28
CA LEU B 8 -6.86 -2.85 -14.02
CA LEU B 8 4.36 18.64 21.25
C LEU B 8 22.98 4.82 -8.28
C LEU B 8 -28.29 0.57 -8.22
C LEU B 8 -7.80 -1.67 -14.26
C LEU B 8 5.43 18.88 22.29
N THR B 9 22.21 3.92 -8.90
N THR B 9 -28.57 -0.38 -7.31
N THR B 9 -8.81 -1.50 -13.39
N THR B 9 5.43 18.10 23.39
CA THR B 9 21.69 4.32 -10.25
CA THR B 9 -29.60 0.00 -6.28
CA THR B 9 -9.70 -0.32 -13.66
CA THR B 9 6.52 18.37 24.39
C THR B 9 20.27 4.77 -10.19
C THR B 9 -28.96 0.37 -4.97
C THR B 9 -9.40 0.84 -12.76
C THR B 9 7.62 17.38 24.30
N GLY B 10 19.76 5.05 -9.03
N GLY B 10 -27.69 0.62 -4.95
N GLY B 10 -8.28 0.82 -12.11
N GLY B 10 7.68 16.63 23.24
CA GLY B 10 18.40 5.51 -8.83
CA GLY B 10 -26.96 0.99 -3.76
CA GLY B 10 -7.85 1.87 -11.21
CA GLY B 10 8.70 15.62 23.01
C GLY B 10 17.34 4.46 -8.90
C GLY B 10 -26.63 -0.12 -2.82
C GLY B 10 -8.49 1.88 -9.86
C GLY B 10 8.54 14.34 23.76
N LYS B 11 17.74 3.21 -8.80
N LYS B 11 -26.73 -1.34 -3.30
N LYS B 11 -9.11 0.79 -9.50
N LYS B 11 7.35 14.11 24.27
CA LYS B 11 16.81 2.10 -8.74
CA LYS B 11 -26.33 -2.51 -2.52
CA LYS B 11 -9.69 0.61 -8.16
CA LYS B 11 7.02 12.85 24.94
C LYS B 11 16.64 1.78 -7.24
C LYS B 11 -24.89 -2.84 -2.98
C LYS B 11 -8.62 -0.14 -7.35
C LYS B 11 6.33 12.00 23.85
N THR B 12 15.41 1.51 -6.82
N THR B 12 -24.04 -3.17 -2.02
N THR B 12 -8.42 0.27 -6.11
N THR B 12 6.66 10.72 23.82
CA THR B 12 15.23 1.13 -5.41
CA THR B 12 -22.67 -3.56 -2.44
CA THR B 12 -7.46 -0.49 -5.28
CA THR B 12 5.95 9.85 22.85
C THR B 12 14.62 -0.28 -5.44
C THR B 12 -22.49 -5.00 -1.94
C THR B 12 -8.28 -1.00 -4.08
C THR B 12 5.26 8.77 23.69
N ILE B 13 15.19 -1.18 -4.64
N ILE B 13 -22.00 -5.87 -2.83
N ILE B 13 -8.12 -2.29 -3.78
N ILE B 13 3.97 8.55 23.40
CA ILE B 13 14.57 -2.54 -4.67
CA ILE B 13 -21.82 -7.27 -2.32
CA ILE B 13 -8.90 -2.78 -2.60
CA ILE B 13 3.32 7.49 24.22
C ILE B 13 13.85 -2.78 -3.37
C ILE B 13 -20.35 -7.55 -2.19
C ILE B 13 -7.96 -3.06 -1.47
C ILE B 13 3.05 6.29 23.35
N THR B 14 12.72 -3.43 -3.41
N THR B 14 -19.95 -8.27 -1.17
N THR B 14 -8.35 -2.76 -0.25
N THR B 14 3.21 5.10 23.87
CA THR B 14 12.04 -3.71 -2.10
CA THR B 14 -18.49 -8.58 -1.09
CA THR B 14 -7.43 -3.09 0.87
CA THR B 14 2.91 3.92 23.01
C THR B 14 12.32 -5.14 -1.73
C THR B 14 -18.29 -10.00 -1.55
C THR B 14 -7.91 -4.35 1.53
C THR B 14 1.56 3.39 23.40
N LEU B 15 12.57 -5.41 -0.45
N LEU B 15 -17.23 -10.26 -2.31
N LEU B 15 -7.02 -5.25 1.91
N LEU B 15 0.73 2.99 22.44
CA LEU B 15 12.85 -6.76 -0.01
CA LEU B 15 -16.96 -11.59 -2.81
CA LEU B 15 -7.39 -6.49 2.54
CA LEU B 15 -0.59 2.48 22.72
C LEU B 15 11.90 -7.10 1.15
C LEU B 15 -15.53 -11.98 -2.42
C LEU B 15 -6.63 -6.62 3.87
C LEU B 15 -0.73 1.11 22.05
N GLU B 16 11.64 -8.37 1.32
N GLU B 16 -15.31 -13.26 -2.32
N GLU B 16 -7.20 -7.37 4.77
N GLU B 16 -1.61 0.30 22.61
CA GLU B 16 10.84 -8.76 2.51
CA GLU B 16 -13.90 -13.70 -2.07
CA GLU B 16 -6.42 -7.63 6.03
CA GLU B 16 -1.88 -0.99 21.91
C GLU B 16 11.82 -9.50 3.39
C GLU B 16 -13.50 -14.39 -3.36
C GLU B 16 -6.12 -9.11 5.94
C GLU B 16 -3.31 -0.84 21.43
N VAL B 17 11.97 -8.96 4.58
N VAL B 17 -12.45 -13.83 -3.94
N VAL B 17 -4.82 -9.37 5.96
N VAL B 17 -3.43 -0.95 20.11
CA VAL B 17 12.90 -9.49 5.57
CA VAL B 17 -11.92 -14.32 -5.21
CA VAL B 17 -4.31 -10.73 5.85
CA VAL B 17 -4.71 -0.80 19.44
C VAL B 17 12.29 -9.47 6.98
C VAL B 17 -10.39 -14.34 -5.21
C VAL B 17 -3.13 -10.97 6.80
C VAL B 17 -4.88 -1.84 18.32
N GLU B 18 13.03 -10.12 7.85
N GLU B 18 -9.89 -14.94 -6.27
N GLU B 18 -2.78 -12.23 6.86
N GLU B 18 -6.10 -1.85 17.83
CA GLU B 18 12.74 -10.17 9.28
CA GLU B 18 -8.47 -15.00 -6.58
CA GLU B 18 -1.62 -12.71 7.62
CA GLU B 18 -6.50 -2.67 16.69
C GLU B 18 13.95 -9.57 9.99
C GLU B 18 -8.29 -14.34 -7.92
C GLU B 18 -0.70 -13.38 6.59
C GLU B 18 -6.99 -1.69 15.62
N PRO B 19 13.72 -8.86 11.07
N PRO B 19 -7.18 -13.64 -8.11
N PRO B 19 0.59 -13.25 6.79
N PRO B 19 -6.73 -2.01 14.36
CA PRO B 19 14.79 -8.26 11.86
CA PRO B 19 -6.87 -12.99 -9.37
CA PRO B 19 1.59 -13.89 5.91
CA PRO B 19 -7.19 -1.19 13.24
C PRO B 19 15.81 -9.30 12.30
C PRO B 19 -6.89 -13.95 -10.53
C PRO B 19 1.37 -15.38 5.81
C PRO B 19 -8.67 -0.96 13.27
N SER B 20 15.40 -10.55 12.37
N SER B 20 -6.69 -15.23 -10.25
N SER B 20 0.74 -15.97 6.80
N SER B 20 -9.41 -1.86 13.92
CA SER B 20 16.31 -11.61 12.84
CA SER B 20 -6.64 -16.24 -11.33
CA SER B 20 0.53 -17.42 6.79
CA SER B 20 -10.87 -1.73 13.96
C SER B 20 17.25 -12.04 11.74
C SER B 20 -8.04 -16.61 -11.77
C SER B 20 -0.64 -17.80 5.91
C SER B 20 -11.30 -0.72 14.98
N ASP B 21 17.00 -11.56 10.52
N ASP B 21 -9.05 -16.14 -11.04
N ASP B 21 -1.38 -16.80 5.43
N ASP B 21 -10.36 -0.23 15.79
CA ASP B 21 17.90 -12.00 9.41
CA ASP B 21 -10.43 -16.52 -11.44
CA ASP B 21 -2.53 -17.16 4.57
CA ASP B 21 -10.77 0.74 16.83
C ASP B 21 19.26 -11.37 9.58
C ASP B 21 -10.79 -15.82 -12.73
C ASP B 21 -2.05 -17.67 3.24
C ASP B 21 -11.14 2.06 16.17
N THR B 22 20.28 -12.09 9.14
N THR B 22 -11.61 -16.48 -13.53
N THR B 22 -2.81 -18.58 2.66
N THR B 22 -12.07 2.76 16.78
CA THR B 22 21.64 -11.59 9.15
CA THR B 22 -12.13 -15.90 -14.76
CA THR B 22 -2.54 -19.11 1.34
CA THR B 22 -12.46 4.08 16.33
C THR B 22 21.84 -10.74 7.87
C THR B 22 -13.37 -15.05 -14.39
C THR B 22 -3.12 -18.13 0.30
C THR B 22 -11.48 5.10 16.94
N ILE B 23 22.88 -9.91 7.96
N ILE B 23 -13.68 -14.15 -15.34
N ILE B 23 -2.59 -18.27 -0.92
N ILE B 23 -11.47 6.28 16.29
CA ILE B 23 23.29 -9.09 6.82
CA ILE B 23 -14.87 -13.31 -15.21
CA ILE B 23 -3.07 -17.50 -2.05
CA ILE B 23 -10.67 7.39 16.77
C ILE B 23 23.70 -9.99 5.65
C ILE B 23 -16.12 -14.18 -15.18
C ILE B 23 -4.55 -17.82 -2.32
C ILE B 23 -11.13 7.81 18.17
N GLU B 24 24.35 -11.09 5.96
N GLU B 24 -16.13 -15.25 -15.95
N GLU B 24 -4.91 -19.07 -2.14
N GLU B 24 -12.42 7.76 18.39
CA GLU B 24 24.73 -12.07 4.89
CA GLU B 24 -17.28 -16.20 -15.93
CA GLU B 24 -6.35 -19.47 -2.31
CA GLU B 24 -12.96 8.08 19.75
C GLU B 24 23.52 -12.53 4.12
C GLU B 24 -17.52 -16.73 -14.53
C GLU B 24 -7.23 -18.68 -1.39
C GLU B 24 -12.35 7.19 20.81
N ASN B 25 22.43 -12.77 4.83
N ASN B 25 -16.44 -17.03 -13.83
N ASN B 25 -6.78 -18.47 -0.16
N ASN B 25 -12.18 5.91 20.48
CA ASN B 25 21.16 -13.24 4.26
CA ASN B 25 -16.47 -17.57 -12.46
CA ASN B 25 -7.51 -17.74 0.87
CA ASN B 25 -11.61 4.90 21.37
C ASN B 25 20.53 -12.19 3.35
C ASN B 25 -17.04 -16.56 -11.48
C ASN B 25 -7.68 -16.26 0.49
C ASN B 25 -10.14 5.19 21.68
N VAL B 26 20.56 -10.96 3.84
N VAL B 26 -16.57 -15.33 -11.63
N VAL B 26 -6.58 -15.69 0.01
N VAL B 26 -9.42 5.55 20.63
CA VAL B 26 20.04 -9.84 3.07
CA VAL B 26 -17.05 -14.24 -10.78
CA VAL B 26 -6.59 -14.30 -0.42
CA VAL B 26 -8.01 5.88 20.76
C VAL B 26 20.78 -9.75 1.74
C VAL B 26 -18.56 -14.10 -10.93
C VAL B 26 -7.65 -14.13 -1.51
C VAL B 26 -7.87 7.04 21.74
N LYS B 27 22.10 -9.84 1.80
N LYS B 27 -19.02 -14.12 -12.18
N LYS B 27 -7.64 -15.04 -2.47
N LYS B 27 -8.70 8.07 21.55
CA LYS B 27 22.93 -9.77 0.59
CA LYS B 27 -20.46 -13.99 -12.44
CA LYS B 27 -8.61 -14.97 -3.58
CA LYS B 27 -8.66 9.24 22.42
C LYS B 27 22.58 -10.89 -0.37
C LYS B 27 -21.23 -15.13 -11.80
C LYS B 27 -10.04 -15.06 -3.06
C LYS B 27 -8.94 8.86 23.87
N ALA B 28 22.29 -12.07 0.14
N ALA B 28 -20.68 -16.33 -11.81
N ALA B 28 -10.28 -15.87 -2.04
N ALA B 28 -9.85 7.94 24.09
CA ALA B 28 21.88 -13.20 -0.70
CA ALA B 28 -21.31 -17.49 -11.16
CA ALA B 28 -11.60 -15.98 -1.43
CA ALA B 28 -10.15 7.45 25.44
C ALA B 28 20.53 -12.95 -1.34
C ALA B 28 -21.37 -17.31 -9.65
C ALA B 28 -11.99 -14.69 -0.73
C ALA B 28 -8.97 6.70 26.03
N LYS B 29 19.59 -12.32 -0.64
N LYS B 29 -20.34 -16.74 -9.04
N LYS B 29 -11.06 -14.00 -0.08
N LYS B 29 -8.24 5.92 25.25
CA LYS B 29 18.28 -11.96 -1.24
CA LYS B 29 -20.36 -16.46 -7.59
CA LYS B 29 -11.35 -12.70 0.55
CA LYS B 29 -7.03 5.24 25.74
C LYS B 29 18.46 -10.94 -2.38
C LYS B 29 -21.45 -15.43 -7.25
C LYS B 29 -11.72 -11.66 -0.52
C LYS B 29 -5.95 6.26 26.14
N ILE B 30 19.42 -10.02 -2.18
N ILE B 30 -21.62 -14.46 -8.15
N ILE B 30 -11.04 -11.73 -1.66
N ILE B 30 -5.87 7.34 25.37
CA ILE B 30 19.66 -9.00 -3.22
CA ILE B 30 -22.65 -13.42 -7.91
CA ILE B 30 -11.33 -10.77 -2.75
CA ILE B 30 -4.86 8.38 25.68
C ILE B 30 20.31 -9.72 -4.40
C ILE B 30 -24.01 -14.11 -8.07
C ILE B 30 -12.72 -11.12 -3.28
C ILE B 30 -5.31 9.06 26.97
N GLN B 31 21.19 -10.66 -4.17
N GLN B 31 -24.16 -14.99 -9.02
N GLN B 31 -13.05 -12.38 -3.41
N GLN B 31 -6.59 9.30 27.13
CA GLN B 31 21.81 -11.37 -5.33
CA GLN B 31 -25.49 -15.66 -9.17
CA GLN B 31 -14.41 -12.72 -3.92
CA GLN B 31 -7.04 9.96 28.40
C GLN B 31 20.71 -12.11 -6.11
C GLN B 31 -25.79 -16.46 -7.89
C GLN B 31 -15.47 -12.17 -2.95
C GLN B 31 -6.68 9.06 29.59
N ASP B 32 19.91 -12.83 -5.35
N ASP B 32 -24.80 -17.22 -7.50
N ASP B 32 -15.24 -12.46 -1.70
N ASP B 32 -7.05 7.81 29.43
CA ASP B 32 18.78 -13.58 -5.94
CA ASP B 32 -24.92 -18.04 -6.27
CA ASP B 32 -16.15 -11.99 -0.64
CA ASP B 32 -6.77 6.80 30.48
C ASP B 32 17.89 -12.70 -6.79
C ASP B 32 -25.33 -17.21 -5.07
C ASP B 32 -16.35 -10.49 -0.69
C ASP B 32 -5.30 6.78 30.85
N LYS B 33 17.61 -11.47 -6.31
N LYS B 33 -24.74 -16.01 -4.93
N LYS B 33 -15.28 -9.73 -0.93
N LYS B 33 -4.41 6.88 29.85
CA LYS B 33 16.66 -10.66 -7.11
CA LYS B 33 -25.08 -15.24 -3.70
CA LYS B 33 -15.48 -8.26 -0.89
CA LYS B 33 -2.97 6.75 30.22
C LYS B 33 17.24 -9.72 -8.11
C LYS B 33 -26.21 -14.27 -3.79
C LYS B 33 -15.78 -7.58 -2.18
C LYS B 33 -2.24 8.01 30.51
N GLU B 34 18.45 -9.24 -8.01
N GLU B 34 -26.59 -13.72 -4.92
N GLU B 34 -15.44 -8.06 -3.34
N GLU B 34 -2.59 9.17 30.01
CA GLU B 34 19.07 -8.34 -8.95
CA GLU B 34 -27.67 -12.79 -5.06
CA GLU B 34 -15.71 -7.45 -4.62
CA GLU B 34 -1.91 10.42 30.25
C GLU B 34 20.37 -8.84 -9.54
C GLU B 34 -28.73 -13.21 -6.05
C GLU B 34 -16.48 -8.33 -5.58
C GLU B 34 -2.79 11.50 30.81
N GLY B 35 20.86 -9.96 -9.04
N GLY B 35 -28.50 -14.31 -6.76
N GLY B 35 -16.69 -9.58 -5.21
N GLY B 35 -4.09 11.23 30.92
CA GLY B 35 22.06 -10.58 -9.55
CA GLY B 35 -29.45 -14.85 -7.69
CA GLY B 35 -17.47 -10.51 -6.00
CA GLY B 35 -5.02 12.16 31.51
C GLY B 35 23.37 -10.07 -9.12
C GLY B 35 -29.56 -14.27 -9.04
C GLY B 35 -16.83 -11.18 -7.14
C GLY B 35 -5.54 13.27 30.70
N ILE B 36 23.39 -9.11 -8.17
N ILE B 36 -28.68 -13.31 -9.38
N ILE B 36 -15.50 -10.99 -7.32
N ILE B 36 -5.19 13.33 29.40
CA ILE B 36 24.70 -8.59 -7.72
CA ILE B 36 -28.77 -12.71 -10.72
CA ILE B 36 -14.84 -11.66 -8.46
CA ILE B 36 -5.69 14.44 28.58
C ILE B 36 25.34 -9.53 -6.72
C ILE B 36 -28.13 -13.62 -11.75
C ILE B 36 -14.55 -13.11 -8.12
C ILE B 36 -7.13 14.18 28.14
N PRO B 37 26.57 -9.95 -7.00
N PRO B 37 -28.88 -13.97 -12.80
N PRO B 37 -15.02 -14.03 -8.97
N PRO B 37 -8.02 15.12 28.42
CA PRO B 37 27.34 -10.84 -6.11
CA PRO B 37 -28.38 -14.81 -13.90
CA PRO B 37 -14.78 -15.47 -8.80
CA PRO B 37 -9.44 15.03 28.03
C PRO B 37 27.48 -10.23 -4.74
C PRO B 37 -27.15 -14.19 -14.55
C PRO B 37 -13.30 -15.78 -8.76
C PRO B 37 -9.57 14.86 26.53
N PRO B 38 27.32 -10.99 -3.68
N PRO B 38 -26.14 -14.96 -14.85
N PRO B 38 -12.85 -16.62 -7.86
N PRO B 38 -10.43 14.00 26.07
CA PRO B 38 27.44 -10.43 -2.32
CA PRO B 38 -24.93 -14.41 -15.47
CA PRO B 38 -11.42 -16.93 -7.78
CA PRO B 38 -10.59 13.80 24.61
C PRO B 38 28.76 -9.78 -2.06
C PRO B 38 -25.20 -13.66 -16.75
C PRO B 38 -10.83 -17.45 -9.07
C PRO B 38 -10.94 15.06 23.87
N ASP B 39 29.82 -10.26 -2.66
N ASP B 39 -26.18 -14.09 -17.51
N ASP B 39 -11.60 -18.16 -9.85
N ASP B 39 -11.67 15.96 24.48
CA ASP B 39 31.18 -9.70 -2.41
CA ASP B 39 -26.47 -13.45 -18.83
CA ASP B 39 -11.08 -18.75 -11.12
CA ASP B 39 -12.10 17.21 23.80
C ASP B 39 31.33 -8.29 -2.96
C ASP B 39 -27.00 -12.02 -18.67
C ASP B 39 -10.75 -17.69 -12.15
C ASP B 39 -10.93 18.14 23.51
N GLN B 40 30.42 -7.89 -3.82
N GLN B 40 -27.43 -11.68 -17.47
N GLN B 40 -11.23 -16.49 -11.95
N GLN B 40 -9.80 17.90 24.15
CA GLN B 40 30.48 -6.52 -4.38
CA GLN B 40 -27.93 -10.31 -17.24
CA GLN B 40 -10.93 -15.40 -12.90
CA GLN B 40 -8.61 18.74 23.90
C GLN B 40 29.59 -5.54 -3.61
C GLN B 40 -26.84 -9.38 -16.67
C GLN B 40 -9.73 -14.54 -12.43
C GLN B 40 -7.67 18.12 22.86
N GLN B 41 28.73 -6.04 -2.73
N GLN B 41 -25.72 -9.93 -16.26
N GLN B 41 -9.29 -14.71 -11.21
N GLN B 41 -7.89 16.87 22.50
CA GLN B 41 27.80 -5.23 -1.98
CA GLN B 41 -24.64 -9.19 -15.66
CA GLN B 41 -8.21 -13.95 -10.63
CA GLN B 41 -7.05 16.15 21.56
C GLN B 41 28.35 -4.62 -0.71
C GLN B 41 -23.67 -8.54 -16.63
C GLN B 41 -6.82 -14.44 -10.94
C GLN B 41 -7.37 16.35 20.10
N ARG B 42 28.12 -3.31 -0.59
N ARG B 42 -23.44 -7.25 -16.40
N ARG B 42 -5.99 -13.51 -11.40
N ARG B 42 -6.31 16.67 19.35
CA ARG B 42 28.44 -2.59 0.68
CA ARG B 42 -22.38 -6.51 -17.15
CA ARG B 42 -4.53 -13.79 -11.57
CA ARG B 42 -6.42 16.74 17.85
C ARG B 42 27.12 -1.98 1.13
C ARG B 42 -21.43 -5.99 -16.09
C ARG B 42 -3.83 -12.77 -10.70
C ARG B 42 -5.41 15.74 17.35
N LEU B 43 26.57 -2.39 2.27
N LEU B 43 -20.18 -6.43 -16.06
N LEU B 43 -3.10 -13.20 -9.66
N LEU B 43 -5.82 14.67 16.67
CA LEU B 43 25.25 -1.87 2.71
CA LEU B 43 -19.24 -5.98 -15.00
CA LEU B 43 -2.43 -12.24 -8.74
CA LEU B 43 -4.87 13.63 16.20
C LEU B 43 25.44 -0.83 3.81
C LEU B 43 -18.28 -4.94 -15.55
C LEU B 43 -0.95 -12.18 -9.05
C LEU B 43 -4.61 13.79 14.71
N ILE B 44 24.80 0.31 3.65
N ILE B 44 -18.15 -3.83 -14.84
N ILE B 44 -0.44 -10.95 -9.19
N ILE B 44 -3.33 13.81 14.34
CA ILE B 44 24.91 1.43 4.57
CA ILE B 44 -17.32 -2.71 -15.24
CA ILE B 44 0.95 -10.71 -9.54
CA ILE B 44 -2.90 14.01 12.96
C ILE B 44 23.56 1.84 5.14
C ILE B 44 -16.26 -2.37 -14.21
C ILE B 44 1.66 -9.84 -8.50
C ILE B 44 -2.05 12.85 12.46
N PHE B 45 23.52 1.99 6.49
N PHE B 45 -14.99 -2.23 -14.71
N PHE B 45 2.86 -10.32 -8.09
N PHE B 45 -2.43 12.37 11.24
CA PHE B 45 22.32 2.44 7.19
CA PHE B 45 -13.86 -1.86 -13.84
CA PHE B 45 3.70 -9.59 -7.12
CA PHE B 45 -1.68 11.29 10.59
C PHE B 45 22.81 3.33 8.36
C PHE B 45 -12.97 -0.95 -14.72
C PHE B 45 5.15 -9.84 -7.56
C PHE B 45 -1.73 11.61 9.07
N ALA B 46 22.19 4.48 8.39
N ALA B 46 -12.66 0.17 -14.10
N ALA B 46 5.83 -8.73 -7.66
N ALA B 46 -0.55 11.57 8.53
CA ALA B 46 22.44 5.49 9.44
CA ALA B 46 -11.78 1.20 -14.69
CA ALA B 46 7.27 -8.69 -8.02
CA ALA B 46 -0.32 11.78 7.08
C ALA B 46 23.93 5.71 9.63
C ALA B 46 -12.18 1.51 -16.13
C ALA B 46 7.55 -9.56 -9.23
C ALA B 46 -1.06 13.03 6.61
N GLY B 47 24.60 5.85 8.53
N GLY B 47 -13.45 1.68 -16.29
N GLY B 47 6.70 -9.39 -10.22
N GLY B 47 -0.91 14.06 7.37
CA GLY B 47 26.01 6.07 8.35
CA GLY B 47 -14.16 1.97 -17.50
CA GLY B 47 6.68 -10.06 -11.48
CA GLY B 47 -1.48 15.37 7.22
C GLY B 47 26.94 4.99 8.85
C GLY B 47 -14.10 0.96 -18.61
C GLY B 47 6.49 -11.55 -11.48
C GLY B 47 -2.98 15.49 7.23
N LYS B 48 26.46 3.78 9.02
N LYS B 48 -13.79 -0.27 -18.30
N LYS B 48 5.95 -12.10 -10.43
N LYS B 48 -3.67 14.54 7.78
CA LYS B 48 27.30 2.66 9.46
CA LYS B 48 -13.74 -1.35 -19.29
CA LYS B 48 5.68 -13.54 -10.34
CA LYS B 48 -5.13 14.57 7.89
C LYS B 48 27.34 1.65 8.29
C LYS B 48 -14.86 -2.36 -18.93
C LYS B 48 4.15 -13.71 -10.26
C LYS B 48 -5.48 14.64 9.39
N GLN B 49 28.46 1.02 8.09
N GLN B 49 -15.50 -2.91 -19.92
N GLN B 49 3.62 -14.73 -10.89
N GLN B 49 -6.50 15.38 9.74
CA GLN B 49 28.54 -0.06 7.05
CA GLN B 49 -16.51 -3.98 -19.63
CA GLN B 49 2.16 -15.02 -10.75
CA GLN B 49 -6.95 15.39 11.16
C GLN B 49 28.08 -1.30 7.79
C GLN B 49 -15.68 -5.26 -19.57
C GLN B 49 2.08 -15.87 -9.49
C GLN B 49 -7.90 14.20 11.25
N LEU B 50 27.15 -2.05 7.24
N LEU B 50 -15.84 -6.05 -18.54
N LEU B 50 1.21 -15.52 -8.57
N LEU B 50 -7.73 13.35 12.23
CA LEU B 50 26.57 -3.22 7.90
CA LEU B 50 -15.03 -7.26 -18.33
CA LEU B 50 1.10 -16.22 -7.28
CA LEU B 50 -8.52 12.12 12.36
C LEU B 50 27.51 -4.41 7.78
C LEU B 50 -15.54 -8.39 -19.21
C LEU B 50 0.32 -17.52 -7.45
C LEU B 50 -9.89 12.44 12.96
N GLU B 51 27.67 -5.18 8.85
N GLU B 51 -14.64 -9.15 -19.82
N GLU B 51 0.78 -18.59 -6.80
N GLU B 51 -10.95 11.83 12.43
CA GLU B 51 28.61 -6.33 8.82
CA GLU B 51 -15.06 -10.24 -20.73
CA GLU B 51 0.12 -19.90 -6.95
CA GLU B 51 -12.31 12.13 12.93
C GLU B 51 27.85 -7.61 8.64
C GLU B 51 -14.96 -11.57 -20.03
C GLU B 51 -0.74 -20.18 -5.75
C GLU B 51 -12.77 11.03 13.85
N ASP B 52 28.32 -8.54 7.86
N ASP B 52 -15.88 -12.47 -20.20
N ASP B 52 -1.92 -20.74 -5.90
N ASP B 52 -13.44 11.34 14.93
CA ASP B 52 27.66 -9.80 7.52
CA ASP B 52 -15.96 -13.76 -19.53
CA ASP B 52 -2.90 -20.99 -4.86
CA ASP B 52 -13.89 10.40 15.96
C ASP B 52 27.05 -10.67 8.61
C ASP B 52 -14.75 -14.67 -19.46
C ASP B 52 -2.49 -21.65 -3.56
C ASP B 52 -14.60 9.11 15.58
N GLY B 53 27.74 -10.84 9.72
N GLY B 53 -14.00 -14.79 -20.53
N GLY B 53 -1.66 -22.67 -3.62
N GLY B 53 -15.52 9.17 14.64
CA GLY B 53 27.31 -11.70 10.84
CA GLY B 53 -12.83 -15.68 -20.63
CA GLY B 53 -1.21 -23.46 -2.45
CA GLY B 53 -16.33 8.02 14.19
C GLY B 53 26.35 -11.10 11.80
C GLY B 53 -11.55 -15.14 -20.09
C GLY B 53 -0.08 -22.89 -1.68
C GLY B 53 -15.70 7.11 13.21
N ARG B 54 26.07 -9.80 11.71
N ARG B 54 -11.49 -13.86 -19.72
N ARG B 54 0.57 -21.83 -2.16
N ARG B 54 -14.55 7.45 12.64
CA ARG B 54 25.06 -9.15 12.58
CA ARG B 54 -10.27 -13.27 -19.11
CA ARG B 54 1.66 -21.17 -1.41
CA ARG B 54 -13.83 6.57 11.71
C ARG B 54 23.69 -9.33 11.93
C ARG B 54 -10.33 -13.53 -17.61
C ARG B 54 1.02 -20.16 -0.46
C ARG B 54 -12.96 5.62 12.54
N THR B 55 22.66 -9.09 12.69
N THR B 55 -9.22 -13.35 -16.95
N THR B 55 1.79 -19.67 0.49
N THR B 55 -12.48 4.58 11.91
CA THR B 55 21.25 -9.16 12.22
CA THR B 55 -9.11 -13.50 -15.48
CA THR B 55 1.37 -18.64 1.46
CA THR B 55 -11.58 3.58 12.53
C THR B 55 20.76 -7.70 12.04
C THR B 55 -9.04 -12.08 -14.89
C THR B 55 2.04 -17.32 1.01
C THR B 55 -10.15 3.87 11.99
N LEU B 56 19.67 -7.54 11.33
N LEU B 56 -9.25 -11.99 -13.59
N LEU B 56 1.54 -16.23 1.56
N LEU B 56 -9.17 3.30 12.65
CA LEU B 56 19.04 -6.24 11.12
CA LEU B 56 -9.16 -10.71 -12.86
CA LEU B 56 2.10 -14.89 1.29
CA LEU B 56 -7.76 3.42 12.23
C LEU B 56 18.65 -5.67 12.49
C LEU B 56 -7.74 -10.17 -13.01
C LEU B 56 3.55 -14.88 1.78
C LEU B 56 -7.62 2.80 10.84
N SER B 57 18.20 -6.54 13.42
N SER B 57 -6.74 -11.06 -13.02
N SER B 57 3.83 -15.57 2.90
N SER B 57 -8.38 1.71 10.58
CA SER B 57 17.80 -5.99 14.74
CA SER B 57 -5.36 -10.55 -13.14
CA SER B 57 5.23 -15.55 3.39
CA SER B 57 -8.24 1.10 9.23
C SER B 57 18.97 -5.37 15.47
C SER B 57 -5.13 -9.85 -14.48
C SER B 57 6.18 -16.20 2.41
C SER B 57 -8.69 2.03 8.13
N ASP B 58 20.17 -5.87 15.22
N ASP B 58 -5.84 -10.28 -15.50
N ASP B 58 5.70 -17.16 1.64
N ASP B 58 -9.64 2.90 8.43
CA ASP B 58 21.39 -5.33 15.89
CA ASP B 58 -5.70 -9.67 -16.85
CA ASP B 58 6.55 -17.86 0.64
CA ASP B 58 -10.15 3.87 7.42
C ASP B 58 21.52 -3.82 15.63
C ASP B 58 -5.94 -8.16 -16.79
C ASP B 58 7.18 -16.85 -0.32
C ASP B 58 -9.02 4.70 6.84
N TYR B 59 21.19 -3.43 14.44
N TYR B 59 -6.90 -7.80 -16.00
N TYR B 59 6.41 -15.87 -0.69
N TYR B 59 -8.10 5.07 7.68
CA TYR B 59 21.22 -2.04 13.99
CA TYR B 59 -7.29 -6.40 -15.77
CA TYR B 59 6.81 -14.80 -1.59
CA TYR B 59 -6.92 5.85 7.34
C TYR B 59 19.91 -1.32 14.19
C TYR B 59 -6.57 -5.76 -14.61
C TYR B 59 7.40 -13.60 -0.86
C TYR B 59 -5.73 4.99 6.97
N ASN B 60 18.90 -1.90 14.81
N ASN B 60 -5.63 -6.39 -13.96
N ASN B 60 7.58 -13.62 0.44
N ASN B 60 -5.82 3.69 6.88
CA ASN B 60 17.63 -1.16 15.00
CA ASN B 60 -4.94 -5.72 -12.83
CA ASN B 60 8.16 -12.43 1.11
CA ASN B 60 -4.63 2.89 6.52
C ASN B 60 17.06 -0.71 13.66
C ASN B 60 -5.93 -5.31 -11.75
C ASN B 60 7.30 -11.19 0.87
C ASN B 60 -3.48 3.13 7.49
N ILE B 61 17.04 -1.60 12.68
N ILE B 61 -6.84 -6.20 -11.40
N ILE B 61 5.99 -11.32 1.00
N ILE B 61 -3.78 3.13 8.77
CA ILE B 61 16.42 -1.29 11.36
CA ILE B 61 -7.79 -5.93 -10.29
CA ILE B 61 5.07 -10.16 0.87
CA ILE B 61 -2.72 3.26 9.81
C ILE B 61 14.95 -1.68 11.49
C ILE B 61 -7.11 -6.40 -9.01
C ILE B 61 4.96 -9.56 2.26
C ILE B 61 -2.24 1.84 10.11
N GLN B 62 14.04 -0.76 11.38
N GLN B 62 -6.83 -5.53 -8.08
N GLN B 62 5.39 -8.34 2.46
N GLN B 62 -1.00 1.53 9.83
CA GLN B 62 12.58 -1.01 11.55
CA GLN B 62 -6.11 -5.87 -6.83
CA GLN B 62 5.40 -7.67 3.79
CA GLN B 62 -0.43 0.16 10.02
C GLN B 62 11.90 -1.03 10.17
C GLN B 62 -7.09 -5.94 -5.67
C GLN B 62 4.24 -6.67 3.86
C GLN B 62 0.42 0.13 11.29
N LYS B 63 10.65 -1.45 10.12
N LYS B 63 -6.67 -6.43 -4.51
N LYS B 63 3.97 -6.12 5.04
N LYS B 63 0.84 -1.06 11.72
CA LYS B 63 9.92 -1.59 8.87
CA LYS B 63 -7.52 -6.61 -3.36
CA LYS B 63 2.86 -5.21 5.24
CA LYS B 63 1.60 -1.22 12.94
C LYS B 63 9.96 -0.26 8.12
C LYS B 63 -8.20 -5.28 -3.04
C LYS B 63 2.97 -4.05 4.26
C LYS B 63 2.84 -0.34 12.88
N GLU B 64 10.07 -0.43 6.80
N GLU B 64 -9.46 -5.43 -2.62
N GLU B 64 1.78 -3.65 3.80
N GLU B 64 3.16 0.21 14.07
CA GLU B 64 10.12 0.64 5.83
CA GLU B 64 -10.35 -4.37 -2.23
CA GLU B 64 1.58 -2.56 2.87
CA GLU B 64 4.27 1.07 14.32
C GLU B 64 11.33 1.53 5.83
C GLU B 64 -10.80 -3.40 -3.28
C GLU B 64 2.08 -2.74 1.47
C GLU B 64 4.26 2.43 13.69
N SER B 65 12.39 1.03 6.45
N SER B 65 -10.67 -3.84 -4.53
N SER B 65 2.31 -4.00 1.11
N SER B 65 3.07 2.86 13.29
CA SER B 65 13.70 1.69 6.47
CA SER B 65 -11.14 -3.10 -5.70
CA SER B 65 2.70 -4.39 -0.25
CA SER B 65 2.83 4.19 12.74
C SER B 65 14.29 1.59 5.04
C SER B 65 -12.69 -3.17 -5.69
C SER B 65 1.46 -4.20 -1.16
C SER B 65 2.94 5.20 13.92
N THR B 66 15.24 2.44 4.73
N THR B 66 -13.32 -2.27 -6.39
N THR B 66 1.67 -4.11 -2.44
N THR B 66 3.17 6.45 13.61
CA THR B 66 15.95 2.40 3.45
CA THR B 66 -14.79 -2.26 -6.54
CA THR B 66 0.58 -4.01 -3.42
CA THR B 66 3.22 7.51 14.62
C THR B 66 17.44 2.17 3.73
C THR B 66 -15.13 -2.41 -8.03
C THR B 66 0.68 -5.21 -4.37
C THR B 66 2.12 8.53 14.30
N LEU B 67 18.04 1.16 3.10
N LEU B 67 -15.97 -3.38 -8.37
N LEU B 67 -0.40 -5.96 -4.54
N LEU B 67 1.26 8.84 15.28
CA LEU B 67 19.48 0.95 3.24
CA LEU B 67 -16.42 -3.51 -9.77
CA LEU B 67 -0.41 -7.06 -5.52
CA LEU B 67 0.25 9.89 15.08
C LEU B 67 20.10 1.47 1.92
C LEU B 67 -17.86 -2.95 -9.79
C LEU B 67 -1.21 -6.52 -6.72
C LEU B 67 0.78 11.13 15.83
N HIS B 68 21.32 1.87 1.94
N HIS B 68 -18.30 -2.47 -10.90
N HIS B 68 -0.97 -7.04 -7.87
N HIS B 68 0.38 12.29 15.43
CA HIS B 68 21.97 2.33 0.69
CA HIS B 68 -19.69 -1.98 -10.96
CA HIS B 68 -1.75 -6.59 -9.05
CA HIS B 68 0.84 13.50 16.17
C HIS B 68 22.92 1.21 0.28
C HIS B 68 -20.48 -3.04 -11.73
C HIS B 68 -2.72 -7.72 -9.36
C HIS B 68 -0.38 13.97 16.96
N LEU B 69 22.93 0.87 -1.00
N LEU B 69 -21.67 -3.37 -11.25
N LEU B 69 -3.97 -7.38 -9.64
N LEU B 69 -0.15 14.32 18.22
CA LEU B 69 23.84 -0.13 -1.54
CA LEU B 69 -22.55 -4.32 -11.92
CA LEU B 69 -4.99 -8.36 -10.02
CA LEU B 69 -1.21 14.87 19.07
C LEU B 69 24.92 0.51 -2.36
C LEU B 69 -23.72 -3.62 -12.55
C LEU B 69 -5.32 -8.26 -11.47
C LEU B 69 -1.03 16.34 19.30
N VAL B 70 26.15 0.42 -1.98
N VAL B 70 -23.85 -3.64 -13.84
N VAL B 70 -5.05 -9.26 -12.27
N VAL B 70 -1.93 17.16 18.85
CA VAL B 70 27.27 0.94 -2.82
CA VAL B 70 -25.05 -3.06 -14.50
CA VAL B 70 -5.46 -9.24 -13.69
CA VAL B 70 -1.85 18.63 19.14
C VAL B 70 27.96 -0.33 -3.34
C VAL B 70 -25.82 -4.29 -15.00
C VAL B 70 -6.60 -10.26 -13.75
C VAL B 70 -2.99 18.86 20.15
N LEU B 71 28.36 -0.34 -4.59
N LEU B 71 -27.14 -4.26 -14.88
N LEU B 71 -7.64 -9.98 -14.50
N LEU B 71 -2.76 19.68 21.14
CA LEU B 71 29.06 -1.51 -5.16
CA LEU B 71 -27.96 -5.39 -15.36
CA LEU B 71 -8.77 -10.92 -14.64
CA LEU B 71 -3.81 19.98 22.13
C LEU B 71 30.55 -1.31 -5.08
C LEU B 71 -28.47 -5.10 -16.75
C LEU B 71 -8.59 -11.75 -15.89
C LEU B 71 -4.52 21.26 21.77
N MET A 1 6.38 18.40 -20.67
CA MET A 1 5.74 19.56 -20.05
C MET A 1 6.28 19.67 -18.60
N GLN A 2 6.34 20.88 -18.14
CA GLN A 2 6.81 21.11 -16.74
C GLN A 2 5.61 21.10 -15.81
N ILE A 3 5.80 20.45 -14.66
CA ILE A 3 4.77 20.47 -13.61
C ILE A 3 5.53 20.83 -12.30
N PHE A 4 4.75 21.23 -11.33
CA PHE A 4 5.40 21.59 -10.01
C PHE A 4 4.91 20.64 -8.96
N VAL A 5 5.74 20.16 -8.03
CA VAL A 5 5.27 19.32 -6.95
C VAL A 5 5.58 20.10 -5.65
N LYS A 6 4.57 20.50 -4.95
CA LYS A 6 4.78 21.30 -3.70
C LYS A 6 4.77 20.35 -2.53
N THR A 7 5.82 20.41 -1.68
CA THR A 7 5.88 19.52 -0.51
C THR A 7 5.42 20.27 0.74
N LEU A 8 5.24 19.58 1.84
CA LEU A 8 4.74 20.24 3.07
C LEU A 8 5.81 21.08 3.74
N THR A 9 7.06 21.03 3.24
CA THR A 9 8.08 21.90 3.94
C THR A 9 8.35 23.16 3.18
N GLY A 10 7.52 23.50 2.24
CA GLY A 10 7.67 24.69 1.43
C GLY A 10 8.68 24.63 0.33
N LYS A 11 9.10 23.43 0.00
CA LYS A 11 10.01 23.21 -1.12
C LYS A 11 9.11 22.84 -2.31
N THR A 12 9.42 23.38 -3.48
CA THR A 12 8.62 22.98 -4.66
C THR A 12 9.61 22.35 -5.64
N ILE A 13 9.25 21.19 -6.17
CA ILE A 13 10.23 20.60 -7.13
C ILE A 13 9.65 20.67 -8.52
N THR A 14 10.47 20.94 -9.51
CA THR A 14 9.89 20.97 -10.89
C THR A 14 10.25 19.66 -11.57
N LEU A 15 9.33 19.09 -12.33
CA LEU A 15 9.58 17.83 -13.01
C LEU A 15 9.25 18.02 -14.49
N GLU A 16 9.89 17.22 -15.31
CA GLU A 16 9.51 17.26 -16.76
C GLU A 16 8.85 15.92 -17.00
N VAL A 17 7.60 16.03 -17.42
CA VAL A 17 6.77 14.86 -17.67
C VAL A 17 5.93 15.04 -18.95
N GLU A 18 5.32 13.93 -19.31
CA GLU A 18 4.37 13.84 -20.41
C GLU A 18 3.06 13.38 -19.82
N PRO A 19 1.95 13.87 -20.34
CA PRO A 19 0.61 13.47 -19.90
C PRO A 19 0.43 11.98 -19.97
N SER A 20 1.19 11.31 -20.81
CA SER A 20 1.03 9.85 -20.98
C SER A 20 1.72 9.11 -19.87
N ASP A 21 2.49 9.83 -19.05
CA ASP A 21 3.19 9.10 -17.96
C ASP A 21 2.21 8.63 -16.92
N THR A 22 2.51 7.52 -16.30
CA THR A 22 1.71 6.99 -15.21
C THR A 22 2.16 7.68 -13.91
N ILE A 23 1.25 7.61 -12.94
CA ILE A 23 1.52 8.13 -11.60
C ILE A 23 2.72 7.40 -10.98
N GLU A 24 2.80 6.12 -11.24
CA GLU A 24 3.98 5.32 -10.73
C GLU A 24 5.27 5.90 -11.23
N CYS A 25 5.30 6.34 -12.52
CA CYS A 25 6.50 6.91 -13.13
C CYS A 25 6.85 8.24 -12.50
N VAL A 26 5.82 9.05 -12.28
CA VAL A 26 6.04 10.34 -11.65
C VAL A 26 6.71 10.15 -10.29
N LYS A 27 6.18 9.20 -9.52
CA LYS A 27 6.74 8.92 -8.19
C LYS A 27 8.19 8.48 -8.29
N ALA A 28 8.54 7.70 -9.30
CA ALA A 28 9.92 7.29 -9.53
C ALA A 28 10.80 8.47 -9.89
N LYS A 29 10.31 9.43 -10.66
CA LYS A 29 11.09 10.64 -10.97
C LYS A 29 11.35 11.47 -9.69
N ILE A 30 10.35 11.49 -8.81
CA ILE A 30 10.50 12.25 -7.55
C ILE A 30 11.53 11.50 -6.70
N GLN A 31 11.49 10.19 -6.69
CA GLN A 31 12.50 9.45 -5.86
C GLN A 31 13.90 9.76 -6.40
N ASP A 32 14.01 9.63 -7.70
CA ASP A 32 15.30 9.91 -8.37
C ASP A 32 15.83 11.29 -8.03
N LYS A 33 14.94 12.30 -7.98
CA LYS A 33 15.50 13.66 -7.74
C LYS A 33 15.53 14.13 -6.33
N GLU A 34 14.74 13.67 -5.41
CA GLU A 34 14.73 14.09 -4.02
C GLU A 34 14.92 12.96 -3.04
N GLY A 35 14.94 11.73 -3.52
CA GLY A 35 15.18 10.58 -2.69
C GLY A 35 14.07 10.02 -1.89
N ILE A 36 12.84 10.55 -2.06
CA ILE A 36 11.72 10.01 -1.29
C ILE A 36 11.20 8.72 -1.91
N PRO A 37 11.15 7.65 -1.13
CA PRO A 37 10.64 6.34 -1.58
C PRO A 37 9.21 6.46 -2.09
N PRO A 38 8.88 5.84 -3.19
CA PRO A 38 7.51 5.95 -3.73
C PRO A 38 6.45 5.52 -2.76
N ASP A 39 6.74 4.57 -1.90
CA ASP A 39 5.72 4.05 -0.95
C ASP A 39 5.34 5.08 0.11
N GLN A 40 6.16 6.11 0.23
CA GLN A 40 5.83 7.18 1.22
C GLN A 40 5.08 8.36 0.58
N GLN A 41 5.02 8.40 -0.74
CA GLN A 41 4.40 9.48 -1.46
C GLN A 41 2.90 9.36 -1.66
N ARG A 42 2.21 10.46 -1.32
CA ARG A 42 0.75 10.57 -1.60
C ARG A 42 0.62 11.80 -2.48
N LEU A 43 0.18 11.67 -3.73
CA LEU A 43 0.09 12.84 -4.63
C LEU A 43 -1.35 13.30 -4.76
N ILE A 44 -1.57 14.59 -4.57
CA ILE A 44 -2.91 15.19 -4.61
C ILE A 44 -3.02 16.28 -5.66
N PHE A 45 -4.11 16.19 -6.46
CA PHE A 45 -4.39 17.20 -7.50
C PHE A 45 -5.92 17.33 -7.53
N ALA A 46 -6.32 18.58 -7.46
CA ALA A 46 -7.74 18.98 -7.52
C ALA A 46 -8.59 18.14 -6.58
N GLY A 47 -8.08 17.99 -5.40
CA GLY A 47 -8.62 17.24 -4.29
C GLY A 47 -8.80 15.76 -4.47
N CYS A 48 -8.13 15.15 -5.41
CA CYS A 48 -8.12 13.71 -5.63
C CYS A 48 -6.78 13.12 -5.25
N GLN A 49 -6.74 11.97 -4.70
CA GLN A 49 -5.43 11.30 -4.47
C GLN A 49 -5.16 10.55 -5.77
N LEU A 50 -3.98 10.72 -6.33
CA LEU A 50 -3.65 10.11 -7.64
C LEU A 50 -3.29 8.65 -7.46
N GLU A 51 -3.77 7.80 -8.37
CA GLU A 51 -3.53 6.34 -8.25
C GLU A 51 -2.42 5.92 -9.18
N ASP A 52 -1.53 5.06 -8.79
CA ASP A 52 -0.35 4.62 -9.54
C ASP A 52 -0.48 4.20 -10.99
N GLY A 53 -1.50 3.45 -11.32
CA GLY A 53 -1.74 2.91 -12.67
C GLY A 53 -2.40 3.82 -13.65
N ARG A 54 -2.89 4.98 -13.21
CA ARG A 54 -3.49 5.96 -14.13
C ARG A 54 -2.37 6.83 -14.68
N THR A 55 -2.66 7.57 -15.72
CA THR A 55 -1.72 8.53 -16.36
C THR A 55 -2.16 9.94 -15.93
N LEU A 56 -1.27 10.90 -16.12
CA LEU A 56 -1.55 12.31 -15.83
C LEU A 56 -2.72 12.75 -16.70
N SER A 57 -2.80 12.25 -17.95
CA SER A 57 -3.93 12.69 -18.80
C SER A 57 -5.26 12.26 -18.24
N ASP A 58 -5.29 11.15 -17.53
CA ASP A 58 -6.56 10.64 -16.93
C ASP A 58 -7.20 11.71 -16.05
N TYR A 59 -6.37 12.41 -15.33
CA TYR A 59 -6.76 13.49 -14.42
C TYR A 59 -6.79 14.84 -15.09
N ASN A 60 -6.55 14.98 -16.38
CA ASN A 60 -6.58 16.32 -16.99
C ASN A 60 -5.58 17.25 -16.32
N ILE A 61 -4.36 16.77 -16.10
CA ILE A 61 -3.28 17.62 -15.54
C ILE A 61 -2.59 18.28 -16.73
N GLN A 62 -2.64 19.57 -16.85
CA GLN A 62 -2.07 20.32 -18.00
C GLN A 62 -0.74 20.97 -17.58
N LYS A 63 0.04 21.51 -18.58
CA LYS A 63 1.33 22.10 -18.24
C LYS A 63 1.17 23.16 -17.17
N GLU A 64 2.22 23.18 -16.36
CA GLU A 64 2.37 24.09 -15.26
C GLU A 64 1.44 23.96 -14.10
N SER A 65 0.81 22.79 -14.03
CA SER A 65 -0.07 22.42 -12.91
C SER A 65 0.84 22.18 -11.68
N THR A 66 0.25 22.25 -10.50
CA THR A 66 0.96 21.97 -9.25
C THR A 66 0.29 20.77 -8.56
N LEU A 67 1.06 19.74 -8.22
CA LEU A 67 0.49 18.62 -7.46
C LEU A 67 0.98 18.81 -6.00
N HIS A 68 0.26 18.31 -5.06
CA HIS A 68 0.72 18.43 -3.66
C HIS A 68 1.24 17.05 -3.26
N LEU A 69 2.38 17.02 -2.60
CA LEU A 69 2.96 15.77 -2.10
C LEU A 69 2.83 15.67 -0.60
N VAL A 70 2.10 14.73 -0.09
CA VAL A 70 2.03 14.52 1.38
C VAL A 70 2.81 13.21 1.60
N LEU A 71 3.60 13.15 2.65
CA LEU A 71 4.36 11.93 2.95
C LEU A 71 3.61 11.09 3.95
N ARG A 72 3.56 9.79 3.77
N ARG A 72 3.50 9.81 3.70
N ARG A 72 3.68 9.78 3.74
N ARG A 72 3.56 9.79 3.75
CA ARG A 72 2.85 8.92 4.72
CA ARG A 72 2.76 8.90 4.60
CA ARG A 72 3.12 8.74 4.62
CA ARG A 72 2.84 8.91 4.70
C ARG A 72 3.75 7.71 4.92
C ARG A 72 3.58 7.61 4.66
C ARG A 72 1.78 9.31 5.12
C ARG A 72 3.71 7.67 4.83
N LEU A 73 3.52 6.85 5.87
N LEU A 73 3.00 6.47 4.75
N LEU A 73 1.36 9.06 6.31
N LEU A 73 3.39 6.72 5.65
CA LEU A 73 4.41 5.69 6.06
CA LEU A 73 3.82 5.23 4.81
CA LEU A 73 0.06 9.60 6.76
CA LEU A 73 4.25 5.52 5.77
C LEU A 73 3.82 4.73 7.08
C LEU A 73 2.99 4.05 4.34
C LEU A 73 -1.07 8.71 6.25
C LEU A 73 3.49 4.40 6.49
N ARG A 74 3.36 3.61 6.56
N ARG A 74 3.43 2.88 4.78
N ARG A 74 -0.91 7.43 6.54
N ARG A 74 3.97 3.19 6.25
CA ARG A 74 2.73 2.56 7.38
CA ARG A 74 2.78 1.60 4.42
CA ARG A 74 -1.89 6.41 6.12
CA ARG A 74 3.37 1.98 6.85
C ARG A 74 2.53 1.31 6.53
C ARG A 74 1.35 1.61 4.93
C ARG A 74 -1.44 5.05 6.67
C ARG A 74 4.32 0.82 6.64
N GLY A 75 2.25 0.21 7.20
N GLY A 75 1.21 2.11 6.17
N GLY A 75 -2.35 4.09 6.58
N GLY A 75 4.31 -0.09 7.62
CA GLY A 75 2.03 -1.08 6.58
CA GLY A 75 -0.07 2.20 6.84
CA GLY A 75 -2.13 2.73 7.04
CA GLY A 75 5.15 -1.28 7.61
C GLY A 75 3.29 -1.87 6.27
C GLY A 75 -0.40 1.03 7.76
C GLY A 75 -3.37 1.85 7.08
C GLY A 75 4.86 -2.27 6.50
N GLY A 76 3.07 -2.99 5.60
N GLY A 76 0.25 -0.07 7.45
N GLY A 76 -3.13 0.61 7.46
N GLY A 76 3.59 -2.62 6.41
CA GLY A 76 4.12 -3.92 5.17
CA GLY A 76 0.14 -1.34 8.18
CA GLY A 76 -4.14 -0.43 7.61
CA GLY A 76 3.05 -3.54 5.41
C GLY A 76 4.75 -4.56 6.42
C GLY A 76 -0.70 -2.31 7.35
C GLY A 76 -3.44 -1.80 7.63
C GLY A 76 2.09 -4.51 6.13
N MET B 1 10.87 -9.76 6.32
N MET B 1 -6.44 -10.53 7.00
N MET B 1 -10.18 -10.10 5.44
N MET B 1 -4.51 -5.89 14.22
CA MET B 1 10.57 -8.32 6.37
CA MET B 1 -6.83 -9.11 7.16
CA MET B 1 -9.24 -9.01 5.13
CA MET B 1 -3.32 -5.30 13.58
C MET B 1 11.16 -7.70 5.08
C MET B 1 -8.36 -9.05 7.00
C MET B 1 -9.74 -8.31 3.85
C MET B 1 -2.73 -4.25 14.55
N GLN B 2 10.51 -6.66 4.66
N GLN B 2 -8.93 -8.10 7.67
N GLN B 2 -9.45 -7.05 3.79
N GLN B 2 -1.45 -4.10 14.46
CA GLN B 2 11.02 -5.94 3.44
CA GLN B 2 -10.40 -7.90 7.56
CA GLN B 2 -9.86 -6.27 2.58
CA GLN B 2 -0.78 -3.07 15.33
C GLN B 2 11.97 -4.83 3.88
C GLN B 2 -10.69 -6.91 6.44
C GLN B 2 -8.74 -6.31 1.55
C GLN B 2 -0.72 -1.75 14.58
N ILE B 3 13.06 -4.70 3.14
N ILE B 3 -11.72 -7.23 5.66
N ILE B 3 -9.12 -6.49 0.30
N ILE B 3 -1.00 -0.69 15.31
CA ILE B 3 13.99 -3.59 3.35
CA ILE B 3 -12.20 -6.29 4.63
CA ILE B 3 -8.13 -6.40 -0.80
CA ILE B 3 -0.83 0.68 14.75
C ILE B 3 14.26 -2.97 1.95
C ILE B 3 -13.74 -6.21 4.82
C ILE B 3 -8.78 -5.46 -1.87
C ILE B 3 -0.02 1.48 15.81
N PHE B 4 14.78 -1.76 1.99
N PHE B 4 -14.29 -5.18 4.23
N PHE B 4 -7.92 -5.00 -2.74
N PHE B 4 0.50 2.58 15.34
CA PHE B 4 15.07 -1.09 0.67
CA PHE B 4 -15.79 -5.02 4.35
CA PHE B 4 -8.46 -4.07 -3.81
CA PHE B 4 1.31 3.43 16.30
C PHE B 4 16.56 -0.89 0.56
C PHE B 4 -16.39 -5.14 2.98
C PHE B 4 -8.28 -4.73 -5.15
C PHE B 4 0.63 4.75 16.47
N VAL B 5 17.19 -1.08 -0.60
N VAL B 5 -17.54 -5.80 2.79
N VAL B 5 -9.22 -4.66 -6.09
N VAL B 5 0.55 5.34 17.66
CA VAL B 5 18.60 -0.79 -0.75
CA VAL B 5 -18.19 -5.85 1.51
CA VAL B 5 -9.04 -5.20 -7.42
CA VAL B 5 -0.03 6.66 17.83
C VAL B 5 18.69 0.32 -1.83
C VAL B 5 -19.57 -5.17 1.70
C VAL B 5 -9.12 -4.00 -8.39
C VAL B 5 1.12 7.55 18.37
N LYS B 6 19.13 1.46 -1.46
N LYS B 6 -19.78 -4.06 1.08
N LYS B 6 -8.05 -3.69 -9.03
N LYS B 6 1.53 8.51 17.61
CA LYS B 6 19.21 2.61 -2.42
CA LYS B 6 -21.06 -3.32 1.26
CA LYS B 6 -8.04 -2.51 -9.96
CA LYS B 6 2.67 9.39 18.04
C LYS B 6 20.60 2.65 -3.00
C LYS B 6 -21.99 -3.72 0.14
C LYS B 6 -8.32 -3.00 -11.35
C LYS B 6 2.09 10.61 18.67
N THR B 7 20.71 2.66 -4.34
N THR B 7 -23.23 -4.15 0.48
N THR B 7 -9.32 -2.39 -12.03
N THR B 7 2.53 10.94 19.91
CA THR B 7 22.04 2.70 -4.97
CA THR B 7 -24.19 -4.56 -0.55
CA THR B 7 -9.65 -2.83 -13.39
CA THR B 7 2.01 12.13 20.59
C THR B 7 22.36 4.14 -5.39
C THR B 7 -25.17 -3.41 -0.82
C THR B 7 -9.00 -1.86 -14.40
C THR B 7 3.00 13.29 20.43
N LEU B 8 23.59 4.41 -5.79
N LEU B 8 -25.99 -3.53 -1.84
N LEU B 8 -9.04 -2.20 -15.68
N LEU B 8 2.63 14.49 20.82
CA LEU B 8 23.99 5.77 -6.17
CA LEU B 8 -26.93 -2.44 -2.18
CA LEU B 8 -8.40 -1.34 -16.70
CA LEU B 8 3.52 15.66 20.66
C LEU B 8 23.40 6.20 -7.51
C LEU B 8 -28.09 -2.35 -1.22
C LEU B 8 -9.18 -0.07 -16.97
C LEU B 8 4.66 15.67 21.64
N THR B 9 22.75 5.28 -8.23
N THR B 9 -28.21 -3.32 -0.29
N THR B 9 -10.39 0.07 -16.38
N THR B 9 4.67 14.73 22.60
CA THR B 9 22.19 5.75 -9.54
CA THR B 9 -29.38 -3.19 0.65
CA THR B 9 -11.12 1.33 -16.68
CA THR B 9 5.83 14.77 23.56
C THR B 9 20.71 6.02 -9.47
C THR B 9 -28.97 -2.65 1.99
C THR B 9 -11.01 2.32 -15.55
C THR B 9 6.86 13.74 23.23
N GLY B 10 20.17 6.11 -8.28
N GLY B 10 -27.81 -2.09 2.08
N GLY B 10 -10.11 2.11 -14.64
N GLY B 10 6.80 13.17 22.07
CA GLY B 10 18.77 6.38 -8.05
CA GLY B 10 -27.29 -1.51 3.30
CA GLY B 10 -9.89 2.98 -13.50
CA GLY B 10 7.73 12.15 21.62
C GLY B 10 17.84 5.21 -8.24
C GLY B 10 -26.77 -2.49 4.32
C GLY B 10 -10.88 2.85 -12.38
C GLY B 10 7.52 10.78 22.17
N LYS B 11 18.40 4.02 -8.27
N LYS B 11 -26.53 -3.69 3.90
N LYS B 11 -11.61 1.77 -12.37
N LYS B 11 6.36 10.54 22.73
CA LYS B 11 17.62 2.80 -8.34
CA LYS B 11 -25.92 -4.72 4.74
CA LYS B 11 -12.53 1.45 -11.28
CA LYS B 11 5.97 9.22 23.20
C LYS B 11 17.48 2.31 -6.88
C LYS B 11 -24.41 -4.68 4.41
C LYS B 11 -11.75 0.49 -10.36
C LYS B 11 5.16 8.59 22.05
N THR B 12 16.29 1.86 -6.52
N THR B 12 -23.58 -4.77 5.43
N THR B 12 -11.88 0.70 -9.06
N THR B 12 5.41 7.31 21.80
CA THR B 12 16.15 1.30 -5.16
CA THR B 12 -22.13 -4.83 5.14
CA THR B 12 -11.21 -0.25 -8.14
CA THR B 12 4.58 6.65 20.76
C THR B 12 15.72 -0.15 -5.34
C THR B 12 -21.64 -6.16 5.71
C THR B 12 -12.33 -0.87 -7.29
C THR B 12 3.87 5.50 21.46
N ILE B 13 16.40 -1.05 -4.63
N ILE B 13 -20.88 -6.89 4.90
N ILE B 13 -12.32 -2.19 -7.18
N ILE B 13 2.56 5.40 21.24
CA ILE B 13 15.95 -2.47 -4.81
CA ILE B 13 -20.41 -8.19 5.48
CA ILE B 13 -13.42 -2.77 -6.35
CA ILE B 13 1.88 4.26 21.93
C ILE B 13 15.27 -2.92 -3.55
C ILE B 13 -18.93 -8.10 5.73
C ILE B 13 -12.83 -3.30 -5.07
C ILE B 13 1.48 3.23 20.90
N THR B 14 14.22 -3.71 -3.67
N THR B 14 -18.45 -8.67 6.80
N THR B 14 -13.51 -3.15 -3.96
N THR B 14 1.59 1.96 21.22
CA THR B 14 13.58 -4.19 -2.41
CA THR B 14 -16.97 -8.61 7.02
CA THR B 14 -12.94 -3.71 -2.71
CA THR B 14 1.15 0.96 20.21
C THR B 14 14.02 -5.62 -2.17
C THR B 14 -16.38 -9.93 6.62
C THR B 14 -13.63 -5.01 -2.41
C THR B 14 -0.22 0.45 20.60
N LEU B 15 14.31 -5.99 -0.94
N LEU B 15 -15.23 -9.94 5.96
N LEU B 15 -12.92 -6.03 -1.97
N LEU B 15 -1.11 0.27 19.66
CA LEU B 15 14.76 -7.33 -0.62
CA LEU B 15 -14.60 -11.17 5.53
CA LEU B 15 -13.50 -7.32 -1.67
CA LEU B 15 -2.45 -0.20 19.94
C LEU B 15 13.85 -7.89 0.49
C LEU B 15 -13.16 -11.18 6.05
C LEU B 15 -13.12 -7.71 -0.23
C LEU B 15 -2.73 -1.44 19.08
N GLU B 16 13.75 -9.20 0.51
N GLU B 16 -12.63 -12.37 6.22
N GLU B 16 -13.96 -8.53 0.37
N GLU B 16 -3.62 -2.27 19.57
CA GLU B 16 13.00 -9.80 1.66
CA GLU B 16 -11.18 -12.44 6.59
CA GLU B 16 -13.55 -9.04 1.72
CA GLU B 16 -4.03 -3.42 18.70
C GLU B 16 14.06 -10.52 2.46
C GLU B 16 -10.53 -13.03 5.37
C GLU B 16 -13.30 -10.52 1.46
C GLU B 16 -5.47 -3.11 18.35
N VAL B 17 14.13 -10.07 3.71
N VAL B 17 -9.60 -12.24 4.85
N VAL B 17 -12.07 -10.89 1.78
N VAL B 17 -5.67 -3.01 17.04
CA VAL B 17 15.11 -10.58 4.65
CA VAL B 17 -8.87 -12.60 3.64
CA VAL B 17 -11.60 -12.25 1.57
CA VAL B 17 -6.97 -2.68 16.49
C VAL B 17 14.51 -10.79 6.05
C VAL B 17 -7.38 -12.24 3.76
C VAL B 17 -10.73 -12.72 2.75
C VAL B 17 -7.29 -3.51 15.24
N GLU B 18 15.32 -11.43 6.86
N GLU B 18 -6.67 -12.74 2.76
N GLU B 18 -10.47 -14.02 2.69
N GLU B 18 -8.52 -3.37 14.84
CA GLU B 18 15.03 -11.66 8.28
CA GLU B 18 -5.25 -12.45 2.56
CA GLU B 18 -9.57 -14.70 3.62
CA GLU B 18 -9.06 -3.96 13.61
C GLU B 18 16.16 -10.99 9.05
C GLU B 18 -5.13 -11.79 1.20
C GLU B 18 -8.45 -15.29 2.79
C GLU B 18 -9.54 -2.81 12.74
N PRO B 19 15.83 -10.43 10.20
N PRO B 19 -4.21 -10.84 1.07
N PRO B 19 -7.24 -15.30 3.32
N PRO B 19 -9.37 -2.94 11.44
CA PRO B 19 16.82 -9.79 11.07
CA PRO B 19 -3.97 -10.15 -0.19
CA PRO B 19 -6.08 -15.88 2.64
CA PRO B 19 -9.83 -1.92 10.49
C PRO B 19 17.96 -10.72 11.41
C PRO B 19 -3.66 -11.12 -1.31
C PRO B 19 -6.33 -17.31 2.23
C PRO B 19 -11.30 -1.62 10.66
N SER B 20 17.71 -12.02 11.35
N SER B 20 -3.18 -12.30 -0.95
N SER B 20 -7.23 -17.99 2.92
N SER B 20 -12.06 -2.55 11.21
CA SER B 20 18.74 -13.00 11.73
CA SER B 20 -2.80 -13.29 -1.98
CA SER B 20 -7.50 -19.40 2.62
CA SER B 20 -13.50 -2.34 11.36
C SER B 20 19.72 -13.20 10.60
C SER B 20 -4.01 -14.01 -2.51
C SER B 20 -8.40 -19.55 1.41
C SER B 20 -13.81 -1.49 12.57
N ASP B 21 19.43 -12.62 9.43
N ASP B 21 -5.16 -13.79 -1.88
N ASP B 21 -8.93 -18.43 0.93
N ASP B 21 -12.78 -1.20 13.37
CA ASP B 21 20.38 -12.84 8.30
CA ASP B 21 -6.37 -14.52 -2.37
CA ASP B 21 -9.84 -18.55 -0.25
CA ASP B 21 -13.07 -0.38 14.58
C ASP B 21 21.65 -12.07 8.55
C ASP B 21 -6.78 -13.95 -3.71
C ASP B 21 -9.03 -18.91 -1.47
C ASP B 21 -13.37 1.05 14.16
N THR B 22 22.75 -12.60 8.07
N THR B 22 -7.35 -14.82 -4.53
N THR B 22 -9.66 -19.65 -2.37
N THR B 22 -14.22 1.70 14.93
CA THR B 22 24.03 -11.94 8.15
CA THR B 22 -7.89 -14.41 -5.82
CA THR B 22 -9.05 -20.00 -3.64
CA THR B 22 -14.54 3.09 14.71
C THR B 22 24.14 -10.95 6.96
C THR B 22 -9.32 -13.89 -5.58
C THR B 22 -9.30 -18.83 -4.62
C THR B 22 -13.45 3.95 15.40
N ILE B 23 25.07 -10.00 7.16
N ILE B 23 -9.77 -13.12 -6.58
N ILE B 23 -8.46 -18.84 -5.66
N ILE B 23 -13.40 5.20 14.93
CA ILE B 23 25.38 -9.04 6.11
CA ILE B 23 -11.13 -12.61 -6.59
CA ILE B 23 -8.60 -17.87 -6.74
CA ILE B 23 -12.49 6.18 15.53
C ILE B 23 25.91 -9.75 4.86
C ILE B 23 -12.14 -13.76 -6.61
C ILE B 23 -9.96 -18.02 -7.43
C ILE B 23 -12.85 6.40 17.01
N GLU B 24 26.67 -10.79 5.07
N GLU B 24 -11.81 -14.80 -7.33
N GLU B 24 -10.41 -19.25 -7.56
N GLU B 24 -14.12 6.38 17.31
CA GLU B 24 27.19 -11.60 3.91
CA GLU B 24 -12.69 -16.01 -7.36
CA GLU B 24 -11.76 -19.50 -8.16
CA GLU B 24 -14.56 6.52 18.74
C GLU B 24 26.04 -12.12 3.08
C GLU B 24 -12.91 -16.55 -5.97
C GLU B 24 -12.83 -18.77 -7.37
C GLU B 24 -13.95 5.44 19.59
N ASN B 25 24.99 -12.57 3.75
N ASN B 25 -11.85 -16.57 -5.17
N ASN B 25 -12.71 -18.79 -6.06
N ASN B 25 -13.89 4.23 19.07
CA ASN B 25 23.78 -13.13 3.11
CA ASN B 25 -11.85 -17.07 -3.78
CA ASN B 25 -13.66 -18.15 -5.14
CA ASN B 25 -13.34 3.05 19.75
C ASN B 25 23.04 -12.07 2.29
C ASN B 25 -12.74 -16.20 -2.89
C ASN B 25 -13.65 -16.63 -5.30
C ASN B 25 -11.84 3.21 20.00
N VAL B 26 22.91 -10.91 2.91
N VAL B 26 -12.58 -14.89 -3.05
N VAL B 26 -12.45 -16.09 -5.38
N VAL B 26 -11.17 3.68 18.96
CA VAL B 26 22.25 -9.79 2.24
CA VAL B 26 -13.37 -13.94 -2.30
CA VAL B 26 -12.28 -14.65 -5.57
CA VAL B 26 -9.73 3.90 19.05
C VAL B 26 22.98 -9.47 0.95
C VAL B 26 -14.86 -14.20 -2.56
C VAL B 26 -12.99 -14.23 -6.85
C VAL B 26 -9.45 4.88 20.18
N LYS B 27 24.31 -9.41 1.03
N LYS B 27 -15.19 -14.36 -3.83
N LYS B 27 -12.78 -14.99 -7.91
N LYS B 27 -10.21 5.96 20.21
CA LYS B 27 25.11 -9.11 -0.16
CA LYS B 27 -16.59 -14.60 -4.22
CA LYS B 27 -13.40 -14.68 -9.20
CA LYS B 27 -10.03 6.99 21.25
C LYS B 27 24.91 -10.16 -1.24
C LYS B 27 -17.11 -15.88 -3.58
C LYS B 27 -14.93 -14.71 -9.09
C LYS B 27 -10.26 6.40 22.63
N ALA B 28 24.78 -11.42 -0.86
N ALA B 28 -16.28 -16.90 -3.51
N ALA B 28 -15.46 -15.64 -8.33
N ALA B 28 -11.22 5.51 22.78
CA ALA B 28 24.51 -12.50 -1.81
CA ALA B 28 -16.66 -18.16 -2.85
CA ALA B 28 -16.90 -15.73 -8.09
CA ALA B 28 -11.47 4.83 24.05
C ALA B 28 23.15 -12.35 -2.44
C ALA B 28 -16.87 -17.97 -1.37
C ALA B 28 -17.41 -14.53 -7.31
C ALA B 28 -10.32 3.93 24.43
N LYS B 29 22.14 -11.91 -1.70
N LYS B 29 -16.08 -17.15 -0.70
N LYS B 29 -16.66 -14.03 -6.34
N LYS B 29 -9.68 3.25 23.49
CA LYS B 29 20.80 -11.66 -2.28
CA LYS B 29 -16.29 -16.85 0.74
CA LYS B 29 -17.05 -12.81 -5.60
CA LYS B 29 -8.49 2.42 23.79
C LYS B 29 20.85 -10.52 -3.30
C LYS B 29 -17.62 -16.12 0.94
C LYS B 29 -17.08 -11.58 -6.54
C LYS B 29 -7.33 3.30 24.26
N ILE B 30 21.69 -9.51 -3.01
N ILE B 30 -17.96 -15.24 -0.01
N ILE B 30 -16.12 -11.55 -7.47
N ILE B 30 -7.22 4.49 23.67
CA ILE B 30 21.81 -8.37 -3.92
CA ILE B 30 -19.22 -14.48 0.11
CA ILE B 30 -16.06 -10.42 -8.42
CA ILE B 30 -6.12 5.39 24.06
C ILE B 30 22.53 -8.88 -5.17
C ILE B 30 -20.36 -15.49 -0.12
C ILE B 30 -17.27 -10.57 -9.35
C ILE B 30 -6.45 5.90 25.47
N GLN B 31 23.53 -9.71 -5.01
N GLN B 31 -20.20 -16.41 -1.04
N GLN B 31 -17.61 -11.76 -9.75
N GLN B 31 -7.70 6.18 25.76
CA GLN B 31 24.24 -10.23 -6.23
CA GLN B 31 -21.31 -17.40 -1.25
CA GLN B 31 -18.80 -11.91 -10.66
CA GLN B 31 -8.02 6.66 27.14
C GLN B 31 23.23 -11.01 -7.09
C GLN B 31 -21.50 -18.21 0.03
C GLN B 31 -20.06 -11.41 -9.92
C GLN B 31 -7.66 5.56 28.15
N ASP B 32 22.53 -11.89 -6.43
N ASP B 32 -20.38 -18.69 0.53
N ASP B 32 -20.18 -11.91 -8.71
N ASP B 32 -8.12 4.38 27.82
CA ASP B 32 21.51 -12.72 -7.11
CA ASP B 32 -20.40 -19.49 1.78
CA ASP B 32 -21.33 -11.53 -7.85
CA ASP B 32 -7.85 3.19 28.68
C ASP B 32 20.53 -11.86 -7.88
C ASP B 32 -21.10 -18.75 2.90
C ASP B 32 -21.44 -10.03 -7.71
C ASP B 32 -6.38 3.02 28.95
N LYS B 33 20.09 -10.74 -7.29
N LYS B 33 -20.85 -17.44 3.03
N LYS B 33 -20.30 -9.33 -7.54
N LYS B 33 -5.53 3.22 27.91
CA LYS B 33 19.05 -9.97 -8.02
CA LYS B 33 -21.47 -16.76 4.20
CA LYS B 33 -20.44 -7.86 -7.30
CA LYS B 33 -4.09 2.95 28.16
C LYS B 33 19.52 -8.87 -8.91
C LYS B 33 -22.79 -16.11 3.99
C LYS B 33 -20.36 -6.98 -8.50
C LYS B 33 -3.26 4.11 28.58
N GLU B 34 20.65 -8.26 -8.74
N GLU B 34 -23.20 -15.70 2.82
N GLU B 34 -19.74 -7.31 -9.60
N GLU B 34 -3.55 5.35 28.29
CA GLU B 34 21.16 -7.19 -9.58
CA GLU B 34 -24.46 -15.06 2.55
CA GLU B 34 -19.63 -6.50 -10.78
CA GLU B 34 -2.77 6.50 28.67
C GLU B 34 22.51 -7.46 -10.18
C GLU B 34 -25.29 -15.76 1.51
C GLU B 34 -20.15 -7.16 -12.03
C GLU B 34 -3.55 7.52 29.47
N GLY B 35 23.14 -8.56 -9.79
N GLY B 35 -24.74 -16.77 0.86
N GLY B 35 -20.51 -8.43 -11.95
N GLY B 35 -4.85 7.33 29.62
CA GLY B 35 24.41 -8.98 -10.35
CA GLY B 35 -25.45 -17.57 -0.11
CA GLY B 35 -21.08 -9.15 -13.05
CA GLY B 35 -5.68 8.20 30.41
C GLY B 35 25.64 -8.36 -9.84
C GLY B 35 -25.59 -17.06 -1.48
C GLY B 35 -20.20 -9.70 -14.09
C GLY B 35 -6.16 9.47 29.82
N ILE B 36 25.54 -7.51 -8.80
N ILE B 36 -24.95 -15.91 -1.80
N ILE B 36 -18.86 -9.61 -13.89
N ILE B 36 -5.88 9.70 28.53
CA ILE B 36 26.76 -6.88 -8.28
CA ILE B 36 -25.07 -15.39 -3.17
CA ILE B 36 -17.96 -10.16 -14.90
CA ILE B 36 -6.36 10.95 27.91
C ILE B 36 27.52 -7.84 -7.37
C ILE B 36 -24.14 -16.14 -4.12
C ILE B 36 -17.83 -11.67 -14.76
C ILE B 36 -7.83 10.86 27.54
N PRO B 37 28.80 -8.07 -7.67
N PRO B 37 -24.69 -16.69 -5.19
N PRO B 37 -18.09 -12.40 -15.83
N PRO B 37 -8.64 11.79 28.03
CA PRO B 37 29.66 -8.94 -6.86
CA PRO B 37 -23.92 -17.40 -6.22
CA PRO B 37 -17.97 -13.87 -15.85
CA PRO B 37 -10.08 11.85 27.73
C PRO B 37 29.73 -8.45 -5.43
C PRO B 37 -22.84 -16.51 -6.80
C PRO B 37 -16.57 -14.30 -15.47
C PRO B 37 -10.31 11.94 26.23
N PRO B 38 29.65 -9.34 -4.46
N PRO B 38 -21.64 -17.02 -6.99
N PRO B 38 -16.41 -15.31 -14.65
N PRO B 38 -11.26 11.21 25.70
CA PRO B 38 29.70 -8.91 -3.05
CA PRO B 38 -20.55 -16.18 -7.55
CA PRO B 38 -15.06 -15.76 -14.25
CA PRO B 38 -11.51 11.25 24.25
C PRO B 38 30.94 -8.13 -2.70
C PRO B 38 -20.89 -15.57 -8.88
C PRO B 38 -14.18 -16.12 -15.41
C PRO B 38 -11.81 12.63 23.73
N ASP B 39 32.04 -8.42 -3.33
N ASP B 39 -21.67 -16.24 -9.69
N ASP B 39 -14.75 -16.64 -16.47
N ASP B 39 -12.44 13.46 24.53
CA ASP B 39 33.32 -7.72 -3.00
CA ASP B 39 -22.01 -15.72 -11.05
CA ASP B 39 -13.94 -17.08 -17.64
CA ASP B 39 -12.83 14.83 24.07
C ASP B 39 33.29 -6.25 -3.39
C ASP B 39 -22.88 -14.48 -10.99
C ASP B 39 -13.28 -15.91 -18.36
C ASP B 39 -11.61 15.72 23.85
N GLN B 40 32.34 -5.88 -4.24
N GLN B 40 -23.48 -14.21 -9.84
N GLN B 40 -13.76 -14.71 -18.10
N GLN B 40 -10.47 15.31 24.37
CA GLN B 40 32.24 -4.46 -4.65
CA GLN B 40 -24.32 -13.01 -9.70
CA GLN B 40 -13.16 -13.52 -18.75
CA GLN B 40 -9.24 16.12 24.17
C GLN B 40 31.22 -3.68 -3.79
C GLN B 40 -23.55 -11.83 -9.10
C GLN B 40 -12.11 -12.84 -17.86
C GLN B 40 -8.40 15.60 22.98
N GLN B 41 30.44 -4.36 -2.99
N GLN B 41 -22.36 -12.06 -8.59
N GLN B 41 -12.01 -13.24 -16.61
N GLN B 41 -8.73 14.45 22.44
CA GLN B 41 29.41 -3.77 -2.18
CA GLN B 41 -21.55 -11.07 -7.94
CA GLN B 41 -11.09 -12.66 -15.65
CA GLN B 41 -8.01 13.83 21.36
C GLN B 41 29.87 -3.22 -0.84
C GLN B 41 -20.70 -10.22 -8.87
C GLN B 41 -9.69 -13.22 -15.67
C GLN B 41 -8.39 14.29 19.98
N ARG B 42 29.48 -1.97 -0.59
N ARG B 42 -20.81 -8.90 -8.67
N ARG B 42 -8.72 -12.32 -15.73
N ARG B 42 -7.37 14.65 19.20
CA ARG B 42 29.70 -1.34 0.75
CA ARG B 42 -19.91 -7.94 -9.37
CA ARG B 42 -7.29 -12.68 -15.57
CA ARG B 42 -7.55 14.97 17.76
C ARG B 42 28.31 -0.97 1.23
C ARG B 42 -19.21 -7.18 -8.26
C ARG B 42 -6.80 -11.88 -14.39
C ARG B 42 -6.64 14.00 17.03
N LEU B 43 27.81 -1.55 2.32
N LEU B 43 -17.90 -7.28 -8.13
N LEU B 43 -6.40 -12.51 -13.28
N LEU B 43 -7.17 13.07 16.22
CA LEU B 43 26.43 -1.24 2.78
CA LEU B 43 -17.19 -6.60 -7.01
CA LEU B 43 -5.96 -11.75 -12.08
CA LEU B 43 -6.32 12.07 15.53
C LEU B 43 26.49 -0.31 3.99
C LEU B 43 -16.47 -5.36 -7.55
C LEU B 43 -4.44 -11.77 -11.98
C LEU B 43 -6.14 12.46 14.08
N ILE B 44 25.71 0.76 3.93
N ILE B 44 -16.68 -4.24 -6.86
N ILE B 44 -3.86 -10.59 -11.79
N ILE B 44 -4.89 12.46 13.62
CA ILE B 44 25.68 1.78 4.97
CA ILE B 44 -16.12 -2.95 -7.26
CA ILE B 44 -2.41 -10.42 -11.72
CA ILE B 44 -4.53 12.85 12.27
C ILE B 44 24.28 1.96 5.55
C ILE B 44 -15.26 -2.34 -6.17
C ILE B 44 -1.99 -9.78 -10.40
C ILE B 44 -3.80 11.73 11.52
N PHE B 45 24.23 1.98 6.91
N PHE B 45 -14.04 -1.90 -6.58
N PHE B 45 -0.96 -10.42 -9.78
N PHE B 45 -4.28 11.47 10.28
CA PHE B 45 22.96 2.19 7.63
CA PHE B 45 -13.11 -1.23 -5.65
CA PHE B 45 -0.38 -9.90 -8.52
CA PHE B 45 -3.65 10.46 9.41
C PHE B 45 23.35 3.00 8.88
C PHE B 45 -12.40 -0.15 -6.48
C PHE B 45 1.13 -10.20 -8.61
C PHE B 45 -3.76 11.02 7.98
N ALA B 46 22.59 4.07 9.03
N ALA B 46 -12.44 1.02 -5.90
N ALA B 46 1.86 -9.16 -8.35
N ALA B 46 -2.61 11.01 7.35
CA ALA B 46 22.70 4.99 10.18
CA ALA B 46 -11.78 2.23 -6.47
CA ALA B 46 3.34 -9.19 -8.31
CA ALA B 46 -2.46 11.43 5.95
C ALA B 46 24.16 5.38 10.42
C ALA B 46 -12.13 2.39 -7.93
C ALA B 46 3.90 -9.89 -9.54
C ALA B 46 -3.13 12.77 5.72
N GLY B 47 24.81 5.70 9.34
N GLY B 47 -13.39 2.23 -8.20
N GLY B 47 3.35 -9.52 -10.67
N GLY B 47 -2.87 13.66 6.63
CA GLY B 47 26.18 6.10 9.21
CA GLY B 47 -14.05 2.31 -9.48
CA GLY B 47 3.64 -9.98 -11.98
CA GLY B 47 -3.35 15.02 6.72
C GLY B 47 27.23 5.10 9.63
C GLY B 47 -13.64 1.32 -10.54
C GLY B 47 3.39 -11.44 -12.28
C GLY B 47 -4.83 15.22 6.85
N LYS B 48 26.91 3.84 9.65
N LYS B 48 -13.06 0.22 -10.15
N LYS B 48 2.57 -12.09 -11.51
N LYS B 48 -5.56 14.23 7.29
CA LYS B 48 27.86 2.78 9.99
CA LYS B 48 -12.67 -0.84 -11.09
CA LYS B 48 2.22 -13.49 -11.74
CA LYS B 48 -7.01 14.33 7.50
C LYS B 48 28.05 1.91 8.72
C LYS B 48 -13.52 -2.08 -10.77
C LYS B 48 0.72 -13.55 -12.08
C LYS B 48 -7.26 14.19 9.01
N GLN B 49 29.24 1.45 8.47
N GLN B 49 -13.94 -2.81 -11.77
N GLN B 49 0.33 -14.41 -12.98
N GLN B 49 -8.20 14.92 9.55
CA GLN B 49 29.46 0.51 7.34
CA GLN B 49 -14.66 -4.09 -11.52
CA GLN B 49 -1.12 -14.59 -13.27
CA GLN B 49 -8.57 14.74 10.98
C GLN B 49 29.15 -0.86 7.94
C GLN B 49 -13.55 -5.12 -11.34
C GLN B 49 -1.57 -15.60 -12.23
C GLN B 49 -9.59 13.60 10.95
N LEU B 50 28.33 -1.65 7.30
N LEU B 50 -13.60 -5.89 -10.29
N LEU B 50 -2.65 -15.33 -11.53
N LEU B 50 -9.42 12.59 11.78
CA LEU B 50 27.89 -2.95 7.84
CA LEU B 50 -12.53 -6.86 -9.97
CA LEU B 50 -3.12 -16.19 -10.44
CA LEU B 50 -10.30 11.41 11.76
C LEU B 50 28.97 -3.99 7.60
C LEU B 50 -12.68 -8.11 -10.84
C LEU B 50 -3.88 -17.38 -11.01
C LEU B 50 -11.59 11.72 12.51
N GLU B 51 29.23 -4.84 8.60
N GLU B 51 -11.57 -8.63 -11.34
N GLU B 51 -3.66 -18.57 -10.45
N GLU B 51 -12.72 11.26 11.96
CA GLU B 51 30.30 -5.85 8.46
CA GLU B 51 -11.63 -9.81 -12.24
CA GLU B 51 -4.32 -19.78 -10.98
CA GLU B 51 -14.03 11.55 12.59
C GLU B 51 29.70 -7.20 8.15
C GLU B 51 -11.26 -11.05 -11.47
C GLU B 51 -5.48 -20.16 -10.10
C GLU B 51 -14.51 10.36 13.36
N ASP B 52 30.29 -7.98 7.28
N ASP B 52 -11.91 -12.16 -11.67
N ASP B 52 -6.59 -20.58 -10.65
N ASP B 52 -15.10 10.53 14.52
CA ASP B 52 29.79 -9.27 6.81
CA ASP B 52 -11.73 -13.42 -10.96
CA ASP B 52 -7.83 -20.91 -9.94
CA ASP B 52 -15.54 9.47 15.42
C ASP B 52 29.30 -10.31 7.79
C ASP B 52 -10.33 -13.99 -10.75
C ASP B 52 -7.82 -21.78 -8.71
C ASP B 52 -16.37 8.30 14.90
N GLY B 53 29.99 -10.51 8.89
N GLY B 53 -9.49 -13.95 -11.76
N GLY B 53 -7.04 -22.86 -8.73
N GLY B 53 -17.32 8.56 14.04
CA GLY B 53 29.68 -11.52 9.91
CA GLY B 53 -8.13 -14.51 -11.74
CA GLY B 53 -6.96 -23.83 -7.63
CA GLY B 53 -18.24 7.55 13.48
C GLY B 53 28.64 -11.14 10.91
C GLY B 53 -7.08 -13.66 -11.13
C GLY B 53 -6.05 -23.49 -6.51
C GLY B 53 -17.74 6.77 12.31
N ARG B 54 28.19 -9.89 10.95
N ARG B 54 -7.36 -12.40 -10.81
N ARG B 54 -5.25 -22.43 -6.62
N ARG B 54 -16.59 7.13 11.75
CA ARG B 54 27.11 -9.46 11.86
CA ARG B 54 -6.39 -11.51 -10.14
CA ARG B 54 -4.38 -21.98 -5.51
CA ARG B 54 -16.00 6.35 10.64
C ARG B 54 25.78 -9.75 11.18
C ARG B 54 -6.51 -11.75 -8.64
C ARG B 54 -5.19 -21.07 -4.62
C ARG B 54 -15.16 5.24 11.24
N THR B 55 24.71 -9.72 11.94
N THR B 55 -5.54 -11.27 -7.90
N THR B 55 -4.69 -20.80 -3.44
N THR B 55 -14.79 4.28 10.43
CA THR B 55 23.34 -9.91 11.44
CA THR B 55 -5.50 -11.35 -6.42
CA THR B 55 -5.31 -19.89 -2.45
CA THR B 55 -13.91 3.15 10.83
C THR B 55 22.68 -8.50 11.41
C THR B 55 -5.84 -9.94 -5.89
C THR B 55 -4.49 -18.57 -2.48
C THR B 55 -12.51 3.44 10.24
N LEU B 56 21.57 -8.42 10.70
N LEU B 56 -6.17 -9.87 -4.61
N LEU B 56 -5.06 -17.54 -1.92
N LEU B 56 -11.53 2.72 10.74
CA LEU B 56 20.78 -7.18 10.62
CA LEU B 56 -6.47 -8.60 -3.94
CA LEU B 56 -4.39 -16.23 -1.79
CA LEU B 56 -10.15 2.82 10.24
C LEU B 56 20.31 -6.81 12.01
C LEU B 56 -5.22 -7.73 -4.00
C LEU B 56 -3.13 -16.42 -0.96
C LEU B 56 -10.14 2.43 8.77
N SER B 57 19.99 -7.82 12.85
N SER B 57 -4.02 -8.35 -3.90
N SER B 57 -3.20 -17.29 0.06
N SER B 57 -10.97 1.44 8.39
CA SER B 57 19.51 -7.47 14.20
CA SER B 57 -2.81 -7.51 -3.95
CA SER B 57 -1.97 -17.46 0.89
CA SER B 57 -10.95 1.04 6.96
C SER B 57 20.59 -6.78 15.02
C SER B 57 -2.65 -6.80 -5.28
C SER B 57 -0.82 -18.03 0.10
C SER B 57 -11.41 2.15 6.05
N ASP B 58 21.84 -7.11 14.75
N ASP B 58 -3.14 -7.42 -6.34
N ASP B 58 -1.12 -18.83 -0.91
N ASP B 58 -12.28 3.02 6.55
CA ASP B 58 22.98 -6.48 15.48
CA ASP B 58 -3.04 -6.83 -7.70
CA ASP B 58 -0.07 -19.44 -1.76
CA ASP B 58 -12.78 4.16 5.74
C ASP B 58 22.92 -4.96 15.38
C ASP B 58 -3.67 -5.43 -7.72
C ASP B 58 0.84 -18.36 -2.35
C ASP B 58 -11.62 5.01 5.22
N TYR B 59 22.55 -4.49 14.22
N TYR B 59 -4.75 -5.28 -7.01
N TYR B 59 0.24 -17.28 -2.74
N TYR B 59 -10.64 5.18 6.05
CA TYR B 59 22.42 -3.07 13.91
CA TYR B 59 -5.49 -4.04 -6.88
CA TYR B 59 0.92 -16.12 -3.31
CA TYR B 59 -9.42 5.93 5.74
C TYR B 59 21.02 -2.54 14.17
C TYR B 59 -5.05 -3.20 -5.70
C TYR B 59 1.33 -15.10 -2.27
C TYR B 59 -8.32 5.08 5.16
N ASN B 60 20.09 -3.30 14.71
N ASN B 60 -4.03 -3.57 -4.96
N ASN B 60 1.17 -15.32 -0.99
N ASN B 60 -8.51 3.80 4.88
CA ASN B 60 18.74 -2.74 14.95
CA ASN B 60 -3.62 -2.72 -3.80
CA ASN B 60 1.59 -14.29 -0.01
CA ASN B 60 -7.40 3.01 4.32
C ASN B 60 18.11 -2.23 13.66
C ASN B 60 -4.77 -2.54 -2.82
C ASN B 60 0.89 -12.97 -0.26
C ASN B 60 -6.19 3.02 5.23
N ILE B 61 18.22 -3.01 12.59
N ILE B 61 -5.45 -3.62 -2.50
N ILE B 61 -0.41 -13.02 -0.49
N ILE B 61 -6.41 2.83 6.52
CA ILE B 61 17.56 -2.65 11.30
CA ILE B 61 -6.54 -3.58 -1.48
CA ILE B 61 -1.22 -11.77 -0.66
CA ILE B 61 -5.28 2.73 7.49
C ILE B 61 16.16 -3.23 11.36
C ILE B 61 -5.86 -3.84 -0.14
C ILE B 61 -1.68 -11.37 0.74
C ILE B 61 -4.88 1.26 7.53
N GLN B 62 15.14 -2.42 11.33
N GLN B 62 -5.88 -2.90 0.77
N GLN B 62 -1.25 -10.23 1.24
N GLN B 62 -3.68 0.92 7.13
CA GLN B 62 13.72 -2.86 11.46
CA GLN B 62 -5.20 -3.01 2.09
CA GLN B 62 -1.57 -9.77 2.62
CA GLN B 62 -3.21 -0.49 7.06
C GLN B 62 13.06 -2.84 10.07
C GLN B 62 -6.24 -3.30 3.17
C GLN B 62 -2.66 -8.69 2.55
C GLN B 62 -2.27 -0.77 8.24
N LYS B 63 11.86 -3.39 9.95
N LYS B 63 -5.79 -3.64 4.39
N LYS B 63 -3.22 -8.30 3.69
N LYS B 63 -1.92 -2.03 8.46
CA LYS B 63 11.16 -3.49 8.69
CA LYS B 63 -6.68 -4.00 5.47
CA LYS B 63 -4.30 -7.35 3.75
CA LYS B 63 -1.11 -2.43 9.58
C LYS B 63 11.05 -2.10 8.07
C LYS B 63 -7.68 -2.88 5.69
C LYS B 63 -3.87 -6.07 3.04
C LYS B 63 0.19 -1.62 9.57
N GLU B 64 11.18 -2.11 6.74
N GLU B 64 -8.91 -3.34 6.02
N GLU B 64 -4.88 -5.49 2.36
N GLU B 64 0.61 -1.30 10.80
CA GLU B 64 11.11 -0.96 5.88
CA GLU B 64 -10.06 -2.52 6.30
CA GLU B 64 -4.78 -4.28 1.60
CA GLU B 64 1.79 -0.54 11.11
C GLU B 64 12.19 0.07 6.00
C GLU B 64 -10.64 -1.72 5.16
C GLU B 64 -3.93 -4.28 0.37
C GLU B 64 1.84 0.90 10.70
N SER B 65 13.30 -0.35 6.57
N SER B 65 -10.31 -2.14 3.96
N SER B 65 -3.67 -5.49 -0.12
N SER B 65 0.66 1.45 10.46
CA SER B 65 14.52 0.45 6.70
CA SER B 65 -10.85 -1.57 2.72
CA SER B 65 -2.95 -5.71 -1.38
CA SER B 65 0.48 2.87 10.14
C SER B 65 15.13 0.57 5.27
C SER B 65 -12.32 -2.03 2.61
C SER B 65 -3.89 -5.29 -2.54
C SER B 65 0.74 3.65 11.45
N THR B 66 15.95 1.56 5.07
N THR B 66 -13.10 -1.33 1.84
N THR B 66 -3.34 -5.02 -3.69
N THR B 66 1.03 4.92 11.32
CA THR B 66 16.67 1.74 3.80
CA THR B 66 -14.51 -1.69 1.59
CA THR B 66 -4.11 -4.68 -4.89
CA THR B 66 1.21 5.82 12.47
C THR B 66 18.18 1.67 4.08
C THR B 66 -14.68 -1.94 0.09
C THR B 66 -3.82 -5.73 -5.96
C THR B 66 0.17 6.93 12.40
N LEU B 67 18.90 0.81 3.35
N LEU B 67 -15.21 -3.12 -0.29
N LEU B 67 -4.86 -6.36 -6.53
N LEU B 67 -0.61 7.13 13.46
CA LEU B 67 20.36 0.78 3.50
CA LEU B 67 -15.51 -3.37 -1.70
CA LEU B 67 -4.65 -7.29 -7.63
CA LEU B 67 -1.55 8.26 13.50
C LEU B 67 20.92 1.50 2.25
C LEU B 67 -17.04 -3.19 -1.86
C LEU B 67 -5.08 -6.52 -8.91
C LEU B 67 -0.90 9.33 14.39
N HIS B 68 22.08 2.04 2.33
N HIS B 68 -17.49 -2.87 -3.02
N HIS B 68 -4.55 -6.87 -10.02
N HIS B 68 -1.23 10.55 14.21
CA HIS B 68 22.67 2.70 1.15
CA HIS B 68 -18.96 -2.74 -3.21
CA HIS B 68 -4.97 -6.20 -11.27
CA HIS B 68 -0.65 11.61 15.08
C HIS B 68 23.76 1.76 0.63
C HIS B 68 -19.39 -3.98 -3.99
C HIS B 68 -5.87 -7.19 -12.01
C HIS B 68 -1.78 12.02 16.03
N LEU B 69 23.80 1.56 -0.67
N LEU B 69 -20.49 -4.59 -3.57
N LEU B 69 -6.99 -6.71 -12.52
N LEU B 69 -1.46 12.16 17.31
CA LEU B 69 24.83 0.74 -1.30
CA LEU B 69 -21.05 -5.74 -4.28
CA LEU B 69 -7.90 -7.52 -13.32
CA LEU B 69 -2.42 12.62 18.30
C LEU B 69 25.83 1.59 -2.03
C LEU B 69 -22.29 -5.38 -5.01
C LEU B 69 -7.83 -7.18 -14.78
C LEU B 69 -2.14 14.03 18.73
N VAL B 70 27.06 1.61 -1.64
N VAL B 70 -22.32 -5.45 -6.31
N VAL B 70 -7.40 -8.07 -15.62
N VAL B 70 -2.99 14.95 18.48
CA VAL B 70 28.11 2.35 -2.40
CA VAL B 70 -23.57 -5.20 -7.08
CA VAL B 70 -7.42 -7.81 -17.09
CA VAL B 70 -2.79 16.35 18.99
C VAL B 70 28.95 1.23 -3.04
C VAL B 70 -23.96 -6.60 -7.58
C VAL B 70 -8.54 -8.71 -17.60
C VAL B 70 -3.85 16.48 20.10
N LEU B 71 29.36 1.40 -4.27
N LEU B 71 -25.25 -6.91 -7.56
N LEU B 71 -9.33 -8.23 -18.53
N LEU B 71 -3.50 17.12 21.19
CA LEU B 71 30.20 0.38 -4.94
CA LEU B 71 -25.72 -8.22 -8.04
CA LEU B 71 -10.42 -9.04 -19.11
CA LEU B 71 -4.47 17.32 22.29
C LEU B 71 31.65 0.77 -4.81
C LEU B 71 -26.18 -8.10 -9.48
C LEU B 71 -9.96 -9.69 -20.39
C LEU B 71 -5.11 18.68 22.17
N MET A 1 6.38 18.40 -20.67
CA MET A 1 5.74 19.56 -20.05
C MET A 1 6.28 19.67 -18.60
N GLN A 2 6.34 20.88 -18.14
CA GLN A 2 6.81 21.11 -16.74
C GLN A 2 5.61 21.10 -15.81
N ILE A 3 5.80 20.45 -14.66
CA ILE A 3 4.77 20.47 -13.61
C ILE A 3 5.53 20.83 -12.30
N PHE A 4 4.75 21.23 -11.33
CA PHE A 4 5.40 21.59 -10.01
C PHE A 4 4.91 20.64 -8.96
N VAL A 5 5.74 20.16 -8.03
CA VAL A 5 5.27 19.32 -6.95
C VAL A 5 5.58 20.10 -5.65
N LYS A 6 4.57 20.50 -4.95
CA LYS A 6 4.78 21.30 -3.70
C LYS A 6 4.77 20.35 -2.53
N THR A 7 5.82 20.41 -1.68
CA THR A 7 5.88 19.52 -0.51
C THR A 7 5.42 20.27 0.74
N LEU A 8 5.24 19.58 1.84
CA LEU A 8 4.74 20.24 3.07
C LEU A 8 5.81 21.08 3.74
N THR A 9 7.06 21.03 3.24
CA THR A 9 8.08 21.90 3.94
C THR A 9 8.35 23.16 3.18
N GLY A 10 7.52 23.50 2.24
CA GLY A 10 7.67 24.69 1.43
C GLY A 10 8.68 24.63 0.33
N LYS A 11 9.10 23.43 0.00
CA LYS A 11 10.01 23.21 -1.12
C LYS A 11 9.11 22.84 -2.31
N THR A 12 9.42 23.38 -3.48
CA THR A 12 8.62 22.98 -4.66
C THR A 12 9.61 22.35 -5.64
N ILE A 13 9.25 21.19 -6.17
CA ILE A 13 10.23 20.60 -7.13
C ILE A 13 9.65 20.67 -8.52
N THR A 14 10.47 20.94 -9.51
CA THR A 14 9.89 20.97 -10.89
C THR A 14 10.25 19.66 -11.57
N LEU A 15 9.33 19.09 -12.33
CA LEU A 15 9.58 17.83 -13.01
C LEU A 15 9.25 18.02 -14.49
N GLU A 16 9.89 17.22 -15.31
CA GLU A 16 9.51 17.26 -16.76
C GLU A 16 8.85 15.92 -17.00
N VAL A 17 7.60 16.03 -17.42
CA VAL A 17 6.77 14.86 -17.67
C VAL A 17 5.93 15.04 -18.95
N GLU A 18 5.32 13.93 -19.31
CA GLU A 18 4.37 13.84 -20.41
C GLU A 18 3.06 13.38 -19.82
N PRO A 19 1.95 13.87 -20.34
CA PRO A 19 0.61 13.47 -19.90
C PRO A 19 0.43 11.98 -19.97
N SER A 20 1.19 11.31 -20.81
CA SER A 20 1.03 9.85 -20.98
C SER A 20 1.72 9.11 -19.87
N ASP A 21 2.49 9.83 -19.05
CA ASP A 21 3.19 9.10 -17.96
C ASP A 21 2.21 8.63 -16.92
N THR A 22 2.51 7.52 -16.30
CA THR A 22 1.71 6.99 -15.21
C THR A 22 2.16 7.68 -13.91
N ILE A 23 1.25 7.61 -12.94
CA ILE A 23 1.52 8.13 -11.60
C ILE A 23 2.72 7.40 -10.98
N GLU A 24 2.80 6.12 -11.24
CA GLU A 24 3.98 5.32 -10.73
C GLU A 24 5.27 5.90 -11.23
N CYS A 25 5.30 6.34 -12.52
CA CYS A 25 6.50 6.91 -13.13
C CYS A 25 6.85 8.24 -12.50
N VAL A 26 5.82 9.05 -12.28
CA VAL A 26 6.04 10.34 -11.65
C VAL A 26 6.71 10.15 -10.29
N LYS A 27 6.18 9.20 -9.52
CA LYS A 27 6.74 8.92 -8.19
C LYS A 27 8.19 8.48 -8.29
N ALA A 28 8.54 7.70 -9.30
CA ALA A 28 9.92 7.29 -9.53
C ALA A 28 10.80 8.47 -9.89
N LYS A 29 10.31 9.43 -10.66
CA LYS A 29 11.09 10.64 -10.97
C LYS A 29 11.35 11.47 -9.69
N ILE A 30 10.35 11.49 -8.81
CA ILE A 30 10.50 12.25 -7.55
C ILE A 30 11.53 11.50 -6.70
N GLN A 31 11.49 10.19 -6.69
CA GLN A 31 12.50 9.45 -5.86
C GLN A 31 13.90 9.76 -6.40
N ASP A 32 14.01 9.63 -7.70
CA ASP A 32 15.30 9.91 -8.37
C ASP A 32 15.83 11.29 -8.03
N LYS A 33 14.94 12.30 -7.98
CA LYS A 33 15.50 13.66 -7.74
C LYS A 33 15.53 14.13 -6.33
N GLU A 34 14.74 13.67 -5.41
CA GLU A 34 14.73 14.09 -4.02
C GLU A 34 14.92 12.96 -3.04
N GLY A 35 14.94 11.73 -3.52
CA GLY A 35 15.18 10.58 -2.69
C GLY A 35 14.07 10.02 -1.89
N ILE A 36 12.84 10.55 -2.06
CA ILE A 36 11.72 10.01 -1.29
C ILE A 36 11.20 8.72 -1.91
N PRO A 37 11.15 7.65 -1.13
CA PRO A 37 10.64 6.34 -1.58
C PRO A 37 9.21 6.46 -2.09
N PRO A 38 8.88 5.84 -3.19
CA PRO A 38 7.51 5.95 -3.73
C PRO A 38 6.45 5.52 -2.76
N ASP A 39 6.74 4.57 -1.90
CA ASP A 39 5.72 4.05 -0.95
C ASP A 39 5.34 5.08 0.11
N GLN A 40 6.16 6.11 0.23
CA GLN A 40 5.83 7.18 1.22
C GLN A 40 5.08 8.36 0.58
N GLN A 41 5.02 8.40 -0.74
CA GLN A 41 4.40 9.48 -1.46
C GLN A 41 2.90 9.36 -1.66
N ARG A 42 2.21 10.46 -1.32
CA ARG A 42 0.75 10.57 -1.60
C ARG A 42 0.62 11.80 -2.48
N LEU A 43 0.18 11.67 -3.73
CA LEU A 43 0.09 12.84 -4.63
C LEU A 43 -1.35 13.30 -4.76
N ILE A 44 -1.57 14.59 -4.57
CA ILE A 44 -2.91 15.19 -4.61
C ILE A 44 -3.02 16.28 -5.66
N PHE A 45 -4.11 16.19 -6.46
CA PHE A 45 -4.39 17.20 -7.50
C PHE A 45 -5.92 17.33 -7.53
N ALA A 46 -6.32 18.58 -7.46
CA ALA A 46 -7.74 18.98 -7.52
C ALA A 46 -8.59 18.14 -6.58
N GLY A 47 -8.08 17.99 -5.40
CA GLY A 47 -8.62 17.24 -4.29
C GLY A 47 -8.80 15.76 -4.47
N CYS A 48 -8.13 15.15 -5.41
CA CYS A 48 -8.12 13.71 -5.63
C CYS A 48 -6.78 13.12 -5.25
N GLN A 49 -6.74 11.97 -4.70
CA GLN A 49 -5.43 11.30 -4.47
C GLN A 49 -5.16 10.55 -5.77
N LEU A 50 -3.98 10.72 -6.33
CA LEU A 50 -3.65 10.11 -7.64
C LEU A 50 -3.29 8.65 -7.46
N GLU A 51 -3.77 7.80 -8.37
CA GLU A 51 -3.53 6.34 -8.25
C GLU A 51 -2.42 5.92 -9.18
N ASP A 52 -1.53 5.06 -8.79
CA ASP A 52 -0.35 4.62 -9.54
C ASP A 52 -0.48 4.20 -10.99
N GLY A 53 -1.50 3.45 -11.32
CA GLY A 53 -1.74 2.91 -12.67
C GLY A 53 -2.40 3.82 -13.65
N ARG A 54 -2.89 4.98 -13.21
CA ARG A 54 -3.49 5.96 -14.13
C ARG A 54 -2.37 6.83 -14.68
N THR A 55 -2.66 7.57 -15.72
CA THR A 55 -1.72 8.53 -16.36
C THR A 55 -2.16 9.94 -15.93
N LEU A 56 -1.27 10.90 -16.12
CA LEU A 56 -1.55 12.31 -15.83
C LEU A 56 -2.72 12.75 -16.70
N SER A 57 -2.80 12.25 -17.95
CA SER A 57 -3.93 12.69 -18.80
C SER A 57 -5.26 12.26 -18.24
N ASP A 58 -5.29 11.15 -17.53
CA ASP A 58 -6.56 10.64 -16.93
C ASP A 58 -7.20 11.71 -16.05
N TYR A 59 -6.37 12.41 -15.33
CA TYR A 59 -6.76 13.49 -14.42
C TYR A 59 -6.79 14.84 -15.09
N ASN A 60 -6.55 14.98 -16.38
CA ASN A 60 -6.58 16.32 -16.99
C ASN A 60 -5.58 17.25 -16.32
N ILE A 61 -4.36 16.77 -16.10
CA ILE A 61 -3.28 17.62 -15.54
C ILE A 61 -2.59 18.28 -16.73
N GLN A 62 -2.64 19.57 -16.85
CA GLN A 62 -2.07 20.32 -18.00
C GLN A 62 -0.74 20.97 -17.58
N LYS A 63 0.04 21.51 -18.58
CA LYS A 63 1.33 22.10 -18.24
C LYS A 63 1.17 23.16 -17.17
N GLU A 64 2.22 23.18 -16.36
CA GLU A 64 2.37 24.09 -15.26
C GLU A 64 1.44 23.96 -14.10
N SER A 65 0.81 22.79 -14.03
CA SER A 65 -0.07 22.42 -12.91
C SER A 65 0.84 22.18 -11.68
N THR A 66 0.25 22.25 -10.50
CA THR A 66 0.96 21.97 -9.25
C THR A 66 0.29 20.77 -8.56
N LEU A 67 1.06 19.74 -8.22
CA LEU A 67 0.49 18.62 -7.46
C LEU A 67 0.98 18.81 -6.00
N HIS A 68 0.26 18.31 -5.06
CA HIS A 68 0.72 18.43 -3.66
C HIS A 68 1.24 17.05 -3.26
N LEU A 69 2.38 17.02 -2.60
CA LEU A 69 2.96 15.77 -2.10
C LEU A 69 2.83 15.67 -0.60
N VAL A 70 2.10 14.73 -0.09
CA VAL A 70 2.03 14.52 1.38
C VAL A 70 2.81 13.21 1.60
N LEU A 71 3.60 13.15 2.65
CA LEU A 71 4.36 11.93 2.95
C LEU A 71 3.61 11.09 3.95
N ARG A 72 3.71 9.77 3.76
N ARG A 72 3.52 9.79 3.74
N ARG A 72 3.53 9.79 3.74
N ARG A 72 3.55 9.78 3.72
CA ARG A 72 3.19 8.73 4.67
CA ARG A 72 2.78 8.91 4.67
CA ARG A 72 2.79 8.92 4.66
CA ARG A 72 2.87 8.83 4.61
C ARG A 72 1.86 9.27 5.20
C ARG A 72 3.63 7.65 4.80
C ARG A 72 3.35 9.22 6.05
C ARG A 72 2.46 7.66 3.70
N LEU A 73 0.74 8.84 4.71
N LEU A 73 3.09 6.54 5.17
N LEU A 73 4.47 8.72 6.44
N LEU A 73 1.51 6.86 4.05
CA LEU A 73 -0.54 9.35 5.25
CA LEU A 73 3.93 5.31 5.31
CA LEU A 73 5.00 9.02 7.79
CA LEU A 73 1.12 5.73 3.16
C LEU A 73 -1.66 8.36 4.96
C LEU A 73 3.55 4.31 4.24
C LEU A 73 6.48 8.67 7.86
C LEU A 73 2.09 4.57 3.36
N ARG A 74 -1.25 7.10 4.93
N ARG A 74 2.78 3.33 4.67
N ARG A 74 7.28 9.72 7.74
N ARG A 74 1.57 3.53 3.99
CA ARG A 74 -2.18 5.99 4.65
CA ARG A 74 2.31 2.24 3.79
CA ARG A 74 8.74 9.59 7.77
CA ARG A 74 2.34 2.32 4.29
C ARG A 74 -1.66 4.73 5.35
C ARG A 74 1.01 1.69 4.34
C ARG A 74 9.15 8.41 6.90
C ARG A 74 3.61 2.71 5.03
N GLY A 75 -0.57 4.21 4.79
N GLY A 75 0.44 0.75 3.58
N GLY A 75 9.21 7.24 7.55
N GLY A 75 4.48 1.73 5.20
CA GLY A 75 0.07 3.00 5.29
CA GLY A 75 -0.82 0.11 3.92
CA GLY A 75 9.58 5.99 6.91
CA GLY A 75 5.75 1.89 5.89
C GLY A 75 1.04 3.22 6.44
C GLY A 75 -1.32 -0.90 2.89
C GLY A 75 8.45 5.01 6.72
C GLY A 75 5.71 1.56 7.38
N GLY A 76 1.63 2.12 6.86
N GLY A 76 -2.38 -1.57 3.28
N GLY A 76 8.38 4.51 5.50
N GLY A 76 4.60 0.99 7.76
CA GLY A 76 2.63 2.05 7.93
CA GLY A 76 -3.07 -2.58 2.48
CA GLY A 76 7.38 3.53 5.05
CA GLY A 76 4.31 0.56 9.14
C GLY A 76 2.48 0.70 8.65
C GLY A 76 -3.96 -3.43 3.41
C GLY A 76 7.40 2.34 6.03
C GLY A 76 3.06 -0.33 9.12
N MET B 1 7.02 -8.70 6.14
N MET B 1 -9.25 -12.80 0.94
N MET B 1 -0.68 -5.84 9.52
N MET B 1 -3.65 -3.90 17.86
CA MET B 1 7.02 -7.23 6.14
CA MET B 1 -9.41 -11.34 1.05
CA MET B 1 -0.07 -4.79 8.69
CA MET B 1 -2.46 -3.39 17.14
C MET B 1 7.86 -6.78 4.92
C MET B 1 -10.86 -11.01 0.62
C MET B 1 -1.00 -4.57 7.48
C MET B 1 -1.97 -2.15 17.92
N GLN B 2 7.49 -5.64 4.41
N GLN B 2 -11.35 -9.96 1.21
N GLN B 2 -0.98 -3.35 7.01
N GLN B 2 -0.68 -1.95 17.85
CA GLN B 2 8.24 -5.08 3.25
CA GLN B 2 -12.74 -9.51 0.84
CA GLN B 2 -1.82 -3.03 5.82
CA GLN B 2 -0.09 -0.75 18.53
C GLN B 2 9.36 -4.17 3.76
C GLN B 2 -12.65 -8.52 -0.30
C GLN B 2 -0.99 -3.23 4.56
C GLN B 2 -0.07 0.41 17.54
N ILE B 3 10.51 -4.30 3.14
N ILE B 3 -13.56 -8.66 -1.24
N ILE B 3 -1.63 -3.83 3.56
N ILE B 3 -0.41 1.58 18.04
CA ILE B 3 11.64 -3.39 3.44
CA ILE B 3 -13.69 -7.67 -2.34
CA ILE B 3 -0.99 -3.97 2.24
CA ILE B 3 -0.29 2.82 17.24
C ILE B 3 12.16 -2.89 2.07
C ILE B 3 -15.21 -7.33 -2.42
C ILE B 3 -2.05 -3.46 1.20
C ILE B 3 0.44 3.84 18.16
N PHE B 4 12.92 -1.83 2.14
N PHE B 4 -15.45 -6.22 -3.08
N PHE B 4 -1.53 -3.18 0.03
N PHE B 4 0.95 4.86 17.50
CA PHE B 4 13.47 -1.27 0.85
CA PHE B 4 -16.90 -5.81 -3.22
CA PHE B 4 -2.49 -2.69 -1.04
CA PHE B 4 1.67 5.92 18.31
C PHE B 4 14.97 -1.37 0.89
C PHE B 4 -17.28 -5.85 -4.67
C PHE B 4 -2.52 -3.70 -2.15
C PHE B 4 0.93 7.22 18.20
N VAL B 5 15.66 -1.73 -0.19
N VAL B 5 -18.47 -6.30 -5.05
N VAL B 5 -3.66 -4.01 -2.77
N VAL B 5 0.78 8.01 19.26
CA VAL B 5 17.11 -1.76 -0.21
CA VAL B 5 -18.89 -6.26 -6.44
CA VAL B 5 -3.70 -4.91 -3.91
CA VAL B 5 0.14 9.31 19.15
C VAL B 5 17.53 -0.72 -1.28
C VAL B 5 -20.15 -5.34 -6.47
C VAL B 5 -4.25 -4.05 -5.08
C VAL B 5 1.23 10.34 19.55
N LYS B 6 18.16 0.33 -0.87
N LYS B 6 -20.05 -4.23 -7.11
N LYS B 6 -3.46 -3.84 -6.07
N LYS B 6 1.63 11.15 18.64
CA LYS B 6 18.57 1.39 -1.84
CA LYS B 6 -21.20 -3.26 -7.14
CA LYS B 6 -3.90 -2.99 -7.23
CA LYS B 6 2.71 12.16 18.93
C LYS B 6 19.99 1.13 -2.27
C LYS B 6 -21.98 -3.52 -8.41
C LYS B 6 -4.42 -3.90 -8.30
C LYS B 6 2.05 13.44 19.31
N THR B 7 20.24 1.08 -3.60
N THR B 7 -23.31 -3.72 -8.29
N THR B 7 -5.65 -3.65 -8.79
N THR B 7 2.44 14.02 20.46
CA THR B 7 21.60 0.82 -4.09
CA THR B 7 -24.13 -3.99 -9.48
CA THR B 7 -6.22 -4.51 -9.85
CA THR B 7 1.84 15.30 20.89
C THR B 7 22.25 2.15 -4.49
C THR B 7 -24.84 -2.70 -9.89
C THR B 7 -6.04 -3.82 -11.21
C THR B 7 2.78 16.45 20.54
N LEU B 8 23.54 2.14 -4.77
N LEU B 8 -25.48 -2.68 -11.04
N LEU B 8 -6.32 -4.51 -12.29
N LEU B 8 2.33 17.68 20.68
CA LEU B 8 24.25 3.39 -5.12
CA LEU B 8 -26.14 -1.45 -11.53
CA LEU B 8 -6.13 -3.93 -13.64
CA LEU B 8 3.18 18.84 20.33
C LEU B 8 23.90 3.89 -6.52
C LEU B 8 -27.42 -1.15 -10.77
C LEU B 8 -7.18 -2.90 -13.99
C LEU B 8 4.29 19.09 21.33
N THR B 9 23.13 3.09 -7.29
N THR B 9 -27.87 -2.06 -9.88
N THR B 9 -8.21 -2.74 -13.12
N THR B 9 4.30 18.35 22.46
CA THR B 9 22.82 3.62 -8.66
CA THR B 9 -29.14 -1.71 -9.17
CA THR B 9 -9.23 -1.71 -13.50
CA THR B 9 5.41 18.63 23.41
C THR B 9 21.44 4.19 -8.74
C THR B 9 -28.87 -1.22 -7.78
C THR B 9 -9.04 -0.43 -12.74
C THR B 9 6.49 17.61 23.33
N GLY B 10 20.81 4.43 -7.63
N GLY B 10 -27.66 -0.87 -7.47
N GLY B 10 -7.92 -0.25 -12.12
N GLY B 10 6.51 16.82 22.29
CA GLY B 10 19.48 4.98 -7.55
CA GLY B 10 -27.27 -0.37 -6.18
CA GLY B 10 -7.60 0.93 -11.36
CA GLY B 10 7.51 15.79 22.08
C GLY B 10 18.35 4.02 -7.81
C GLY B 10 -27.10 -1.40 -5.10
C GLY B 10 -8.23 1.03 -9.99
C GLY B 10 7.33 14.53 22.87
N LYS B 11 18.65 2.75 -7.76
N LYS B 11 -27.01 -2.64 -5.48
N LYS B 11 -8.72 -0.08 -9.51
N LYS B 11 6.15 14.34 23.42
CA LYS B 11 17.64 1.71 -7.90
CA LYS B 11 -26.74 -3.73 -4.56
CA LYS B 11 -9.27 -0.16 -8.15
CA LYS B 11 5.81 13.12 24.13
C LYS B 11 17.27 1.32 -6.46
C LYS B 11 -25.21 -3.97 -4.63
C LYS B 11 -8.11 -0.70 -7.28
C LYS B 11 5.07 12.24 23.09
N THR B 12 15.97 1.13 -6.22
N THR B 12 -24.60 -4.19 -3.48
N THR B 12 -7.96 -0.14 -6.10
N THR B 12 5.37 10.96 23.09
CA THR B 12 15.60 0.66 -4.87
CA THR B 12 -23.16 -4.50 -3.51
CA THR B 12 -6.92 -0.69 -5.20
CA THR B 12 4.62 10.08 22.18
C THR B 12 14.88 -0.68 -5.08
C THR B 12 -23.01 -5.88 -2.88
C THR B 12 -7.65 -1.14 -3.94
C THR B 12 3.93 9.04 23.06
N ILE B 13 15.29 -1.67 -4.28
N ILE B 13 -22.27 -6.76 -3.57
N ILE B 13 -7.35 -2.37 -3.50
N ILE B 13 2.64 8.83 22.82
CA ILE B 13 14.58 -2.98 -4.49
CA ILE B 13 -22.13 -8.10 -2.93
CA ILE B 13 -8.06 -2.79 -2.27
CA ILE B 13 1.98 7.82 23.69
C ILE B 13 13.70 -3.24 -3.30
C ILE B 13 -20.71 -8.26 -2.44
C ILE B 13 -7.09 -2.84 -1.13
C ILE B 13 1.66 6.60 22.87
N THR B 14 12.53 -3.79 -3.52
N THR B 14 -20.54 -8.88 -1.29
N THR B 14 -7.50 -2.45 0.05
N THR B 14 1.82 5.42 23.43
CA THR B 14 11.68 -4.10 -2.33
CA THR B 14 -19.13 -9.08 -0.82
CA THR B 14 -6.54 -2.55 1.19
CA THR B 14 1.46 4.22 22.61
C THR B 14 11.79 -5.57 -2.04
C THR B 14 -18.73 -10.49 -1.13
C THR B 14 -6.87 -3.77 2.00
C THR B 14 0.10 3.74 23.06
N LEU B 15 11.86 -5.95 -0.77
N LEU B 15 -17.49 -10.72 -1.59
N LEU B 15 -5.89 -4.52 2.46
N LEU B 15 -0.74 3.32 22.13
CA LEU B 15 12.00 -7.34 -0.39
CA LEU B 15 -17.03 -12.04 -1.91
CA LEU B 15 -6.12 -5.72 3.23
CA LEU B 15 -2.08 2.86 22.45
C LEU B 15 10.88 -7.67 0.62
C LEU B 15 -15.72 -12.29 -1.16
C LEU B 15 -5.32 -5.61 4.54
C LEU B 15 -2.26 1.46 21.84
N GLU B 16 10.53 -8.93 0.66
N GLU B 16 -15.44 -13.55 -0.92
N GLU B 16 -5.81 -6.31 5.54
N GLU B 16 -3.14 0.70 22.44
CA GLU B 16 9.54 -9.32 1.72
CA GLU B 16 -14.12 -13.86 -0.30
CA GLU B 16 -4.99 -6.34 6.80
CA GLU B 16 -3.46 -0.61 21.80
C GLU B 16 10.35 -10.21 2.64
C GLU B 16 -13.37 -14.59 -1.39
C GLU B 16 -4.53 -7.78 6.88
C GLU B 16 -4.90 -0.45 21.35
N VAL B 17 10.38 -9.76 3.89
N VAL B 17 -12.25 -13.98 -1.74
N VAL B 17 -3.21 -7.90 6.89
N VAL B 17 -5.05 -0.61 20.04
CA VAL B 17 11.15 -10.42 4.93
CA VAL B 17 -11.40 -14.49 -2.81
CA VAL B 17 -2.56 -9.20 6.93
CA VAL B 17 -6.34 -0.44 19.39
C VAL B 17 10.38 -10.46 6.26
C VAL B 17 -9.91 -14.39 -2.44
C VAL B 17 -1.35 -9.19 7.88
C VAL B 17 -6.57 -1.52 18.32
N GLU B 18 10.95 -11.22 7.16
N GLU B 18 -9.14 -15.01 -3.30
N GLU B 18 -0.86 -10.40 8.07
N GLU B 18 -7.80 -1.51 17.86
CA GLU B 18 10.49 -11.34 8.54
CA GLU B 18 -7.68 -14.98 -3.25
CA GLU B 18 0.36 -10.66 8.85
CA GLU B 18 -8.25 -2.36 16.75
C GLU B 18 11.65 -10.89 9.41
C GLU B 18 -7.21 -14.37 -4.57
C GLU B 18 1.33 -11.34 7.89
C GLU B 18 -8.75 -1.41 15.67
N PRO B 19 11.33 -10.24 10.52
N PRO B 19 -6.14 -13.60 -4.52
N PRO B 19 2.61 -11.05 8.04
N PRO B 19 -8.53 -1.77 14.41
CA PRO B 19 12.35 -9.78 11.47
CA PRO B 19 -5.56 -13.00 -5.73
CA PRO B 19 3.65 -11.67 7.22
CA PRO B 19 -8.99 -0.98 13.27
C PRO B 19 13.22 -10.92 11.95
C PRO B 19 -5.25 -14.03 -6.78
C PRO B 19 3.60 -13.18 7.28
C PRO B 19 -10.47 -0.71 13.33
N SER B 20 12.72 -12.13 11.88
N SER B 20 -5.04 -15.27 -6.37
N SER B 20 3.03 -13.71 8.35
N SER B 20 -11.21 -1.57 14.02
CA SER B 20 13.48 -13.29 12.37
CA SER B 20 -4.66 -16.32 -7.32
CA SER B 20 2.99 -15.18 8.51
CA SER B 20 -12.67 -1.42 14.09
C SER B 20 14.51 -13.73 11.36
C SER B 20 -5.87 -16.83 -8.06
C SER B 20 1.87 -15.79 7.70
C SER B 20 -13.06 -0.36 15.10
N ASP B 21 14.45 -13.14 10.16
N ASP B 21 -7.07 -16.41 -7.63
N ASP B 21 1.02 -14.93 7.12
N ASP B 21 -12.07 0.13 15.87
CA ASP B 21 15.45 -13.58 9.13
CA ASP B 21 -8.28 -16.92 -8.33
CA ASP B 21 -0.10 -15.50 6.33
CA ASP B 21 -12.45 1.16 16.88
C ASP B 21 16.82 -13.08 9.51
C ASP B 21 -8.36 -16.32 -9.70
C ASP B 21 0.43 -16.11 5.06
C ASP B 21 -12.79 2.45 16.20
N THR B 22 17.82 -13.85 9.14
N THR B 22 -8.92 -17.09 -10.64
N THR B 22 -0.24 -17.15 4.60
N THR B 22 -13.70 3.19 16.80
CA THR B 22 19.20 -13.47 9.35
CA THR B 22 -9.15 -16.62 -11.98
CA THR B 22 0.08 -17.80 3.35
CA THR B 22 -14.07 4.51 16.32
C THR B 22 19.63 -12.56 8.17
C THR B 22 -10.50 -15.85 -12.00
C THR B 22 -0.61 -17.01 2.22
C THR B 22 -13.05 5.53 16.87
N ILE B 23 20.71 -11.82 8.44
N ILE B 23 -10.62 -15.03 -13.05
N ILE B 23 -0.07 -17.22 1.01
N ILE B 23 -13.03 6.67 16.18
CA ILE B 23 21.31 -10.97 7.42
CA ILE B 23 -11.85 -14.28 -13.28
CA ILE B 23 -0.65 -16.65 -0.19
CA ILE B 23 -12.19 7.79 16.60
C ILE B 23 21.79 -11.82 6.24
C ILE B 23 -13.02 -15.25 -13.48
C ILE B 23 -2.08 -17.16 -0.39
C ILE B 23 -12.61 8.27 18.00
N GLU B 24 22.31 -12.99 6.54
N GLU B 24 -12.76 -16.36 -14.15
N GLU B 24 -2.31 -18.41 -0.07
N GLU B 24 -13.89 8.24 18.26
CA GLU B 24 22.76 -13.92 5.46
CA GLU B 24 -13.83 -17.39 -14.34
CA GLU B 24 -3.70 -18.98 -0.16
CA GLU B 24 -14.39 8.63 19.62
C GLU B 24 21.61 -14.24 4.52
C GLU B 24 -14.37 -17.86 -13.01
C GLU B 24 -4.66 -18.19 0.69
C GLU B 24 -13.77 7.75 20.69
N ASN B 25 20.43 -14.43 5.08
N ASN B 25 -13.48 -18.04 -12.05
N ASN B 25 -4.21 -17.79 1.87
N ASN B 25 -13.65 6.47 20.39
CA ASN B 25 19.21 -14.75 4.32
CA ASN B 25 -13.80 -18.50 -10.69
CA ASN B 25 -5.01 -17.02 2.83
CA ASN B 25 -13.07 5.48 21.31
C ASN B 25 18.78 -13.59 3.42
C ASN B 25 -14.67 -17.48 -9.94
C ASN B 25 -5.34 -15.63 2.30
C ASN B 25 -11.59 5.74 21.57
N VAL B 26 18.84 -12.40 4.00
N VAL B 26 -14.25 -16.23 -10.08
N VAL B 26 -4.33 -15.01 1.73
N VAL B 26 -10.89 6.04 20.48
CA VAL B 26 18.50 -11.19 3.27
CA VAL B 26 -14.99 -15.14 -9.45
CA VAL B 26 -4.49 -13.69 1.14
CA VAL B 26 -9.48 6.35 20.58
C VAL B 26 19.40 -11.08 2.04
C VAL B 26 -16.42 -15.14 -9.96
C VAL B 26 -5.57 -13.74 0.07
C VAL B 26 -9.27 7.54 21.51
N LYS B 27 20.70 -11.28 2.26
N LYS B 27 -16.56 -15.25 -11.28
N LYS B 27 -5.47 -14.76 -0.79
N LYS B 27 -10.09 8.57 21.31
CA LYS B 27 21.66 -11.20 1.16
CA LYS B 27 -17.90 -15.26 -11.90
CA LYS B 27 -6.45 -14.92 -1.88
CA LYS B 27 -9.99 9.78 22.14
C LYS B 27 21.36 -12.23 0.08
C LYS B 27 -18.72 -16.42 -11.38
C LYS B 27 -7.85 -15.10 -1.32
C LYS B 27 -10.25 9.45 23.59
N ALA B 28 20.93 -13.41 0.47
N ALA B 28 -18.12 -17.57 -11.17
N ALA B 28 -7.99 -15.82 -0.22
N ALA B 28 -11.18 8.56 23.88
CA ALA B 28 20.53 -14.45 -0.50
CA ALA B 28 -18.81 -18.73 -10.60
CA ALA B 28 -9.29 -15.99 0.44
CA ALA B 28 -11.45 8.12 25.26
C ALA B 28 19.30 -14.04 -1.28
C ALA B 28 -19.25 -18.47 -9.17
C ALA B 28 -9.81 -14.68 0.99
C ALA B 28 -10.28 7.37 25.84
N LYS B 29 18.33 -13.39 -0.65
N LYS B 29 -18.44 -17.80 -8.37
N LYS B 29 -8.96 -13.83 1.54
N LYS B 29 -9.58 6.54 25.06
CA LYS B 29 17.14 -12.89 -1.37
CA LYS B 29 -18.84 -17.43 -7.00
CA LYS B 29 -9.38 -12.51 2.02
CA LYS B 29 -8.37 5.85 25.54
C LYS B 29 17.54 -11.81 -2.40
C LYS B 29 -20.05 -16.47 -7.00
C LYS B 29 -9.88 -11.63 0.86
C LYS B 29 -7.26 6.86 25.88
N ILE B 30 18.52 -10.98 -2.01
N ILE B 30 -20.05 -15.58 -7.99
N ILE B 30 -9.20 -11.76 -0.29
N ILE B 30 -7.17 7.91 25.07
CA ILE B 30 18.96 -9.92 -2.94
CA ILE B 30 -21.17 -14.61 -8.08
CA ILE B 30 -9.60 -10.97 -1.46
CA ILE B 30 -6.14 8.94 25.32
C ILE B 30 19.70 -10.61 -4.10
C ILE B 30 -22.41 -15.41 -8.51
C ILE B 30 -10.96 -11.52 -1.93
C ILE B 30 -6.55 9.68 26.60
N GLN B 31 20.47 -11.63 -3.82
N GLN B 31 -22.25 -16.35 -9.40
N GLN B 31 -11.14 -12.81 -1.90
N GLN B 31 -7.81 9.95 26.79
CA GLN B 31 21.17 -12.32 -4.96
CA GLN B 31 -23.46 -17.14 -9.82
CA GLN B 31 -12.46 -13.36 -2.35
CA GLN B 31 -8.21 10.66 28.04
C GLN B 31 20.12 -12.91 -5.91
C GLN B 31 -24.02 -17.89 -8.59
C GLN B 31 -13.57 -12.81 -1.43
C GLN B 31 -7.85 9.79 29.25
N ASP B 32 19.18 -13.60 -5.30
N ASP B 32 -23.10 -18.54 -7.91
N ASP B 32 -13.30 -12.94 -0.15
N ASP B 32 -8.24 8.54 29.14
CA ASP B 32 18.09 -14.22 -6.09
CA ASP B 32 -23.46 -19.30 -6.70
CA ASP B 32 -14.25 -12.46 0.88
CA ASP B 32 -7.95 7.56 30.22
C ASP B 32 17.38 -13.22 -6.96
C ASP B 32 -24.20 -18.44 -5.70
C ASP B 32 -14.61 -11.01 0.66
C ASP B 32 -6.48 7.52 30.56
N LYS B 33 17.13 -12.00 -6.44
N LYS B 33 -23.76 -17.17 -5.51
N LYS B 33 -13.62 -10.16 0.30
N LYS B 33 -5.61 7.56 29.53
CA LYS B 33 16.35 -11.07 -7.27
CA LYS B 33 -24.44 -16.38 -4.45
CA LYS B 33 -13.98 -8.72 0.19
CA LYS B 33 -4.17 7.42 29.87
C LYS B 33 17.12 -10.11 -8.13
C LYS B 33 -25.56 -15.51 -4.89
C LYS B 33 -14.38 -8.23 -1.16
C LYS B 33 -3.40 8.67 30.09
N GLU B 34 18.34 -9.75 -7.85
N GLU B 34 -25.69 -15.06 -6.11
N GLU B 34 -13.99 -8.81 -2.26
N GLU B 34 -3.74 9.82 29.57
CA GLU B 34 19.13 -8.83 -8.64
CA GLU B 34 -26.76 -14.21 -6.58
CA GLU B 34 -14.34 -8.37 -3.61
CA GLU B 34 -3.02 11.06 29.75
C GLU B 34 20.45 -9.40 -9.10
C GLU B 34 -27.51 -14.78 -7.76
C GLU B 34 -15.00 -9.43 -4.43
C GLU B 34 -3.87 12.18 30.31
N GLY B 35 20.80 -10.59 -8.63
N GLY B 35 -27.04 -15.89 -8.31
N GLY B 35 -15.09 -10.65 -3.93
N GLY B 35 -5.17 11.95 30.44
CA GLY B 35 21.99 -11.27 -9.05
CA GLY B 35 -27.71 -16.56 -9.39
CA GLY B 35 -15.77 -11.74 -4.59
CA GLY B 35 -6.07 12.91 31.03
C GLY B 35 23.28 -10.90 -8.42
C GLY B 35 -27.52 -16.06 -10.77
C GLY B 35 -15.06 -12.46 -5.67
C GLY B 35 -6.58 14.01 30.19
N ILE B 36 23.26 -10.02 -7.42
N ILE B 36 -26.64 -15.06 -10.95
N ILE B 36 -13.77 -12.15 -5.90
N ILE B 36 -6.26 14.01 28.90
CA ILE B 36 24.53 -9.63 -6.78
CA ILE B 36 -26.43 -14.55 -12.32
CA ILE B 36 -13.05 -12.87 -6.96
CA ILE B 36 -6.76 15.10 28.04
C ILE B 36 24.98 -10.69 -5.78
C ILE B 36 -25.50 -15.46 -13.11
C ILE B 36 -12.59 -14.24 -6.48
C ILE B 36 -8.21 14.87 27.64
N PRO B 37 26.19 -11.20 -5.94
N PRO B 37 -25.95 -15.93 -14.27
N PRO B 37 -12.96 -15.29 -7.20
N PRO B 37 -9.08 15.83 27.93
CA PRO B 37 26.78 -12.20 -5.04
CA PRO B 37 -25.15 -16.79 -15.16
CA PRO B 37 -12.57 -16.67 -6.88
CA PRO B 37 -10.50 15.76 27.57
C PRO B 37 26.80 -11.68 -3.61
C PRO B 37 -23.84 -16.11 -15.54
C PRO B 37 -11.06 -16.80 -6.83
C PRO B 37 -10.69 15.55 26.09
N PRO B 38 26.46 -12.50 -2.65
N PRO B 38 -22.74 -16.80 -15.53
N PRO B 38 -10.51 -17.49 -5.87
N PRO B 38 -11.58 14.69 25.67
CA PRO B 38 26.44 -12.05 -1.24
CA PRO B 38 -21.45 -16.19 -15.87
CA PRO B 38 -9.05 -17.64 -5.77
CA PRO B 38 -11.77 14.44 24.23
C PRO B 38 27.78 -11.52 -0.78
C PRO B 38 -21.44 -15.55 -17.24
C PRO B 38 -8.43 -18.23 -7.00
C PRO B 38 -12.12 15.69 23.45
N ASP B 39 28.86 -12.05 -1.29
N ASP B 39 -22.18 -16.09 -18.18
N ASP B 39 -9.13 -19.11 -7.69
N ASP B 39 -12.81 16.62 24.05
CA ASP B 39 30.21 -11.63 -0.84
CA ASP B 39 -22.18 -15.55 -19.56
CA ASP B 39 -8.55 -19.77 -8.89
CA ASP B 39 -13.23 17.86 23.34
C ASP B 39 30.53 -10.19 -1.26
C ASP B 39 -22.81 -14.17 -19.65
C ASP B 39 -8.34 -18.81 -10.05
C ASP B 39 -12.05 18.76 22.99
N GLN B 40 29.77 -9.66 -2.19
N GLN B 40 -23.55 -13.80 -18.62
N GLN B 40 -8.97 -17.64 -9.96
N GLN B 40 -10.91 18.50 23.61
CA GLN B 40 30.00 -8.27 -2.63
CA GLN B 40 -24.18 -12.46 -18.61
CA GLN B 40 -8.78 -16.64 -11.04
CA GLN B 40 -9.71 19.32 23.29
C GLN B 40 29.08 -7.27 -1.90
C GLN B 40 -23.32 -11.41 -17.87
C GLN B 40 -7.70 -15.61 -10.70
C GLN B 40 -8.81 18.63 22.26
N GLN B 41 28.10 -7.75 -1.17
N GLN B 41 -22.30 -11.85 -17.16
N GLN B 41 -7.22 -15.60 -9.48
N GLN B 41 -9.07 17.39 21.94
CA GLN B 41 27.15 -6.93 -0.47
CA GLN B 41 -21.45 -10.99 -16.37
CA GLN B 41 -6.23 -14.67 -9.00
CA GLN B 41 -8.27 16.61 21.02
C GLN B 41 27.58 -6.45 0.90
C GLN B 41 -20.32 -10.33 -17.13
C GLN B 41 -4.79 -15.04 -9.29
C GLN B 41 -8.61 16.78 19.54
N ARG B 42 27.43 -5.14 1.09
N ARG B 42 -20.24 -9.01 -16.94
N ARG B 42 -4.07 -14.08 -9.86
N ARG B 42 -7.58 17.04 18.76
CA ARG B 42 27.64 -4.51 2.43
CA ARG B 42 -19.07 -8.22 -17.47
CA ARG B 42 -2.58 -14.22 -10.04
CA ARG B 42 -7.72 17.07 17.27
C ARG B 42 26.33 -3.85 2.77
C ARG B 42 -18.45 -7.57 -16.26
C ARG B 42 -1.99 -13.04 -9.29
C ARG B 42 -6.74 16.02 16.77
N LEU B 43 25.62 -4.28 3.81
N LEU B 43 -17.22 -7.90 -15.89
N LEU B 43 -1.22 -13.27 -8.23
N LEU B 43 -7.20 14.95 16.14
CA LEU B 43 24.29 -3.68 4.13
CA LEU B 43 -16.60 -7.33 -14.67
CA LEU B 43 -0.66 -12.14 -7.45
CA LEU B 43 -6.28 13.88 15.69
C LEU B 43 24.43 -2.74 5.32
C LEU B 43 -15.60 -6.25 -15.05
C LEU B 43 0.82 -11.94 -7.78
C LEU B 43 -6.05 13.98 14.18
N ILE B 44 23.89 -1.53 5.16
N ILE B 44 -15.72 -5.09 -14.40
N ILE B 44 1.19 -10.70 -8.08
N ILE B 44 -4.79 13.96 13.78
CA ILE B 44 23.97 -0.49 6.18
CA ILE B 44 -14.88 -3.93 -14.68
CA ILE B 44 2.54 -10.36 -8.48
CA ILE B 44 -4.40 14.11 12.38
C ILE B 44 22.59 -0.01 6.61
C ILE B 44 -14.14 -3.46 -13.45
C ILE B 44 3.16 -9.31 -7.55
C ILE B 44 -3.59 12.91 11.89
N PHE B 45 22.41 0.06 7.96
N PHE B 45 -12.80 -3.24 -13.64
N PHE B 45 4.40 -9.60 -7.12
N PHE B 45 -4.00 12.39 10.70
CA PHE B 45 21.15 0.55 8.54
CA PHE B 45 -11.94 -2.73 -12.57
CA PHE B 45 5.16 -8.68 -6.26
CA PHE B 45 -3.30 11.28 10.06
C PHE B 45 21.57 1.32 9.82
C PHE B 45 -10.93 -1.80 -13.25
C PHE B 45 6.63 -8.80 -6.70
C PHE B 45 -3.37 11.55 8.55
N ALA B 46 21.04 2.51 9.88
N ALA B 46 -10.85 -0.63 -12.67
N ALA B 46 7.18 -7.65 -6.94
N ALA B 46 -2.20 11.47 7.96
CA ALA B 46 21.23 3.43 11.02
CA ALA B 46 -9.91 0.43 -13.10
CA ALA B 46 8.60 -7.49 -7.32
CA ALA B 46 -2.01 11.63 6.51
C ALA B 46 22.70 3.52 11.40
C ALA B 46 -9.97 0.62 -14.61
C ALA B 46 8.97 -8.46 -8.44
C ALA B 46 -2.73 12.88 6.01
N GLY B 47 23.51 3.66 10.39
N GLY B 47 -11.17 0.69 -15.10
N GLY B 47 8.10 -8.51 -9.41
N GLY B 47 -2.54 13.94 6.74
CA GLY B 47 24.94 3.77 10.40
CA GLY B 47 -11.58 0.85 -16.46
CA GLY B 47 8.13 -9.31 -10.60
CA GLY B 47 -3.09 15.25 6.56
C GLY B 47 25.71 2.60 10.93
C GLY B 47 -11.18 -0.22 -17.44
C GLY B 47 8.12 -10.81 -10.43
C GLY B 47 -4.58 15.40 6.60
N LYS B 48 25.13 1.43 10.94
N LYS B 48 -10.88 -1.40 -16.97
N LYS B 48 7.65 -11.29 -9.31
N LYS B 48 -5.28 14.48 7.21
CA LYS B 48 25.82 0.21 11.39
CA LYS B 48 -10.52 -2.52 -17.85
CA LYS B 48 7.54 -12.73 -9.06
CA LYS B 48 -6.74 14.55 7.35
C LYS B 48 25.94 -0.73 10.17
C LYS B 48 -11.62 -3.59 -17.69
C LYS B 48 6.04 -13.05 -8.93
C LYS B 48 -7.05 14.68 8.86
N GLN B 49 27.02 -1.43 10.04
N GLN B 49 -11.98 -4.26 -18.76
N GLN B 49 5.62 -14.19 -9.42
N GLN B 49 -8.04 15.45 9.21
CA GLN B 49 27.15 -2.43 8.95
CA GLN B 49 -12.94 -5.38 -18.65
CA GLN B 49 4.21 -14.61 -9.23
CA GLN B 49 -8.46 15.51 10.63
C GLN B 49 26.50 -3.69 9.53
C GLN B 49 -12.08 -6.58 -18.29
C GLN B 49 4.23 -15.32 -7.87
C GLN B 49 -9.43 14.35 10.79
N LEU B 50 25.60 -4.31 8.81
N LEU B 50 -12.44 -7.33 -17.27
N LEU B 50 3.33 -14.96 -6.99
N LEU B 50 -9.24 13.53 11.79
CA LEU B 50 24.86 -5.47 9.32
CA LEU B 50 -11.63 -8.45 -16.78
CA LEU B 50 3.31 -15.52 -5.62
CA LEU B 50 -10.07 12.33 11.99
C LEU B 50 25.72 -6.73 9.21
C LEU B 50 -11.84 -9.67 -17.67
C LEU B 50 2.68 -16.90 -5.62
C LEU B 50 -11.40 12.69 12.61
N GLU B 51 25.69 -7.58 10.24
N GLU B 51 -10.76 -10.39 -18.00
N GLU B 51 3.26 -17.84 -4.87
N GLU B 51 -12.49 12.10 12.13
CA GLU B 51 26.54 -8.79 10.23
CA GLU B 51 -10.88 -11.56 -18.89
CA GLU B 51 2.73 -19.22 -4.86
CA GLU B 51 -13.84 12.43 12.64
C GLU B 51 25.70 -10.00 9.88
C GLU B 51 -10.86 -12.83 -18.09
C GLU B 51 1.92 -19.46 -3.62
C GLU B 51 -14.30 11.38 13.61
N ASP B 52 26.21 -10.91 9.08
N ASP B 52 -11.66 -13.81 -18.42
N ASP B 52 0.82 -20.15 -3.68
N ASP B 52 -14.94 11.73 14.70
CA ASP B 52 25.50 -12.09 8.57
CA ASP B 52 -11.82 -15.07 -17.69
CA ASP B 52 -0.12 -20.39 -2.60
CA ASP B 52 -15.37 10.84 15.78
C ASP B 52 24.70 -12.97 9.52
C ASP B 52 -10.60 -15.88 -17.26
C ASP B 52 0.37 -20.85 -1.24
C ASP B 52 -16.11 9.56 15.45
N GLY B 53 25.22 -13.27 10.68
N GLY B 53 -9.61 -15.99 -18.10
N GLY B 53 1.31 -21.78 -1.20
N GLY B 53 -17.05 9.61 14.53
CA GLY B 53 24.61 -14.16 11.67
CA GLY B 53 -8.39 -16.78 -17.86
CA GLY B 53 1.85 -22.38 0.03
CA GLY B 53 -17.91 8.47 14.15
C GLY B 53 23.57 -13.55 12.56
C GLY B 53 -7.32 -16.11 -17.07
C GLY B 53 2.92 -21.60 0.72
C GLY B 53 -17.32 7.50 13.18
N ARG B 54 23.40 -12.23 12.54
N ARG B 54 -7.44 -14.82 -16.79
N ARG B 54 3.45 -20.54 0.10
N ARG B 54 -16.18 7.81 12.58
CA ARG B 54 22.35 -11.56 13.32
CA ARG B 54 -6.46 -14.10 -15.95
CA ARG B 54 4.46 -19.68 0.76
CA ARG B 54 -15.50 6.87 11.65
C ARG B 54 21.06 -11.58 12.51
C ARG B 54 -6.86 -14.29 -14.50
C ARG B 54 3.72 -18.64 1.59
C ARG B 54 -14.63 5.93 12.49
N THR B 55 19.96 -11.30 13.16
N THR B 55 -5.96 -13.97 -13.60
N THR B 55 4.44 -17.98 2.47
N THR B 55 -14.19 4.86 11.89
CA THR B 55 18.63 -11.22 12.52
CA THR B 55 -6.20 -14.03 -12.14
CA THR B 55 3.91 -16.90 3.32
CA THR B 55 -13.29 3.87 12.52
C THR B 55 18.28 -9.72 12.39
C THR B 55 -6.37 -12.57 -11.65
C THR B 55 4.43 -15.57 2.73
C THR B 55 -11.89 4.10 11.93
N LEU B 56 17.29 -9.44 11.59
N LEU B 56 -6.90 -12.43 -10.46
N LEU B 56 3.82 -14.48 3.15
N LEU B 56 -10.89 3.54 12.59
CA LEU B 56 16.79 -8.06 11.40
CA LEU B 56 -7.07 -11.11 -9.82
CA LEU B 56 4.24 -13.13 2.72
CA LEU B 56 -9.49 3.62 12.13
C LEU B 56 16.28 -7.55 12.74
C LEU B 56 -5.70 -10.46 -9.66
C LEU B 56 5.68 -12.90 3.18
C LEU B 56 -9.41 2.94 10.75
N SER B 57 15.66 -8.45 13.54
N SER B 57 -4.67 -11.28 -9.36
N SER B 57 6.04 -13.44 4.37
N SER B 57 -10.18 1.86 10.54
CA SER B 57 15.14 -7.96 14.85
CA SER B 57 -3.34 -10.66 -9.20
CA SER B 57 7.44 -13.21 4.81
CA SER B 57 -10.09 1.21 9.21
C SER B 57 16.25 -7.48 15.76
C SER B 57 -2.84 -10.03 -10.47
C SER B 57 8.45 -13.86 3.90
C SER B 57 -10.55 2.11 8.09
N ASP B 58 17.43 -8.06 15.62
N ASP B 58 -3.23 -10.57 -11.61
N ASP B 58 8.06 -14.94 3.25
N ASP B 58 -11.48 3.00 8.40
CA ASP B 58 18.59 -7.67 16.46
CA ASP B 58 -2.81 -10.03 -12.92
CA ASP B 58 8.98 -15.65 2.32
CA ASP B 58 -12.00 3.95 7.38
C ASP B 58 18.86 -6.16 16.33
C ASP B 58 -3.16 -8.53 -13.03
C ASP B 58 9.49 -14.70 1.23
C ASP B 58 -10.86 4.74 6.73
N TYR B 59 18.72 -5.67 15.14
N TYR B 59 -4.31 -8.20 -12.52
N TYR B 59 8.61 -13.86 0.78
N TYR B 59 -9.92 5.11 7.54
CA TYR B 59 18.90 -4.26 14.80
CA TYR B 59 -4.83 -6.84 -12.51
CA TYR B 59 8.88 -12.85 -0.24
CA TYR B 59 -8.73 5.86 7.14
C TYR B 59 17.63 -3.45 14.91
C TYR B 59 -4.45 -6.08 -11.25
C TYR B 59 9.33 -11.53 0.34
C TYR B 59 -7.57 4.96 6.77
N ASN B 60 16.51 -3.98 15.35
N ASN B 60 -3.66 -6.59 -10.35
N ASN B 60 9.54 -11.38 1.62
N ASN B 60 -7.69 3.66 6.72
CA ASN B 60 15.30 -3.15 15.45
CA ASN B 60 -3.31 -5.81 -9.14
CA ASN B 60 9.98 -10.06 2.14
CA ASN B 60 -6.53 2.82 6.35
C ASN B 60 14.93 -2.57 14.09
C ASN B 60 -4.56 -5.41 -8.37
C ASN B 60 8.99 -8.96 1.78
C ASN B 60 -5.36 3.07 7.29
N ILE B 61 14.96 -3.39 13.06
N ILE B 61 -5.48 -6.36 -8.18
N ILE B 61 7.71 -9.22 1.95
N ILE B 61 -5.61 3.11 8.58
CA ILE B 61 14.53 -2.95 11.70
CA ILE B 61 -6.69 -6.10 -7.36
CA ILE B 61 6.66 -8.19 1.72
CA ILE B 61 -4.52 3.26 9.58
C ILE B 61 13.03 -3.22 11.61
C ILE B 61 -6.31 -6.44 -5.92
C ILE B 61 6.49 -7.45 3.04
C ILE B 61 -4.06 1.84 9.92
N GLN B 62 12.21 -2.22 11.47
N GLN B 62 -6.32 -5.50 -5.03
N GLN B 62 6.79 -6.18 3.09
N GLN B 62 -2.84 1.49 9.63
CA GLN B 62 10.73 -2.36 11.45
CA GLN B 62 -5.90 -5.71 -3.61
CA GLN B 62 6.74 -5.36 4.33
CA GLN B 62 -2.30 0.11 9.85
C GLN B 62 10.23 -2.24 10.01
C GLN B 62 -7.14 -5.79 -2.71
C GLN B 62 5.48 -4.49 4.32
C GLN B 62 -1.41 0.11 11.09
N LYS B 63 8.95 -2.55 9.77
N LYS B 63 -6.98 -6.18 -1.46
N LYS B 63 5.16 -3.85 5.44
N LYS B 63 -1.01 -1.07 11.56
CA LYS B 63 8.38 -2.54 8.45
CA LYS B 63 -8.08 -6.36 -0.54
CA LYS B 63 3.96 -3.04 5.56
CA LYS B 63 -0.22 -1.21 12.76
C LYS B 63 8.62 -1.18 7.80
C LYS B 63 -8.90 -5.08 -0.49
C LYS B 63 3.94 -1.99 4.45
C LYS B 63 1.04 -0.35 12.63
N GLU B 64 8.88 -1.27 6.50
N GLU B 64 -10.22 -5.30 -0.38
N GLU B 64 2.71 -1.78 3.97
N GLU B 64 1.39 0.22 13.79
CA GLU B 64 9.13 -0.15 5.62
CA GLU B 64 -11.24 -4.30 -0.29
CA GLU B 64 2.38 -0.83 2.93
CA GLU B 64 2.54 1.06 14.00
C GLU B 64 10.39 0.64 5.83
C GLU B 64 -11.47 -3.43 -1.49
C GLU B 64 2.88 -1.11 1.55
C GLU B 64 2.54 2.40 13.31
N SER B 65 11.33 0.02 6.53
N SER B 65 -11.02 -3.93 -2.62
N SER B 65 3.25 -2.36 1.33
N SER B 65 1.35 2.83 12.93
CA SER B 65 12.66 0.57 6.76
CA SER B 65 -11.24 -3.29 -3.93
CA SER B 65 3.66 -2.87 0.02
CA SER B 65 1.12 4.17 12.35
C SER B 65 13.43 0.51 5.41
C SER B 65 -12.72 -3.48 -4.29
C SER B 65 2.40 -2.92 -0.88
C SER B 65 1.29 5.20 13.49
N THR B 66 14.45 1.30 5.27
N THR B 66 -13.23 -2.68 -5.18
N THR B 66 2.59 -2.95 -2.18
N THR B 66 1.53 6.43 13.13
CA THR B 66 15.31 1.28 4.09
CA THR B 66 -14.60 -2.80 -5.68
CA THR B 66 1.49 -3.08 -3.14
CA THR B 66 1.62 7.53 14.10
C THR B 66 16.74 0.92 4.52
C THR B 66 -14.56 -3.05 -7.19
C THR B 66 1.72 -4.36 -3.95
C THR B 66 0.55 8.56 13.78
N LEU B 67 17.33 -0.11 3.89
N LEU B 67 -15.23 -4.11 -7.66
N LEU B 67 0.71 -5.24 -4.00
N LEU B 67 -0.28 8.92 14.76
CA LEU B 67 18.73 -0.43 4.18
CA LEU B 67 -15.32 -4.35 -9.11
CA LEU B 67 0.81 -6.43 -4.86
CA LEU B 67 -1.27 9.99 14.55
C LEU B 67 19.55 0.12 2.99
C LEU B 67 -16.74 -3.91 -9.52
C LEU B 67 -0.05 -6.13 -6.10
C LEU B 67 -0.70 11.24 15.25
N HIS B 68 20.78 0.41 3.19
N HIS B 68 -16.92 -3.54 -10.73
N HIS B 68 0.24 -6.75 -7.19
N HIS B 68 -1.07 12.39 14.83
CA HIS B 68 21.60 0.90 2.06
CA HIS B 68 -18.29 -3.15 -11.18
CA HIS B 68 -0.59 -6.52 -8.40
CA HIS B 68 -0.58 13.61 15.50
C HIS B 68 22.52 -0.26 1.68
C HIS B 68 -18.79 -4.31 -12.04
C HIS B 68 -1.44 -7.78 -8.55
C HIS B 68 -1.76 14.15 16.32
N LEU B 69 22.65 -0.52 0.38
N LEU B 69 -20.04 -4.71 -11.82
N LEU B 69 -2.72 -7.61 -8.84
N LEU B 69 -1.49 14.53 17.56
CA LEU B 69 23.54 -1.55 -0.12
CA LEU B 69 -20.66 -5.76 -12.62
CA LEU B 69 -3.62 -8.72 -9.09
CA LEU B 69 -2.52 15.13 18.42
C LEU B 69 24.77 -0.95 -0.76
C LEU B 69 -21.68 -5.20 -13.56
C LEU B 69 -3.98 -8.83 -10.54
C LEU B 69 -2.30 16.60 18.58
N VAL B 70 25.93 -1.17 -0.24
N VAL B 70 -21.49 -5.30 -14.84
N VAL B 70 -3.61 -9.86 -11.22
N VAL B 70 -3.19 17.43 18.13
CA VAL B 70 27.17 -0.68 -0.90
CA VAL B 70 -22.53 -4.85 -15.81
CA VAL B 70 -4.03 -10.06 -12.64
CA VAL B 70 -3.08 18.90 18.37
C VAL B 70 27.82 -1.98 -1.43
C VAL B 70 -23.08 -6.17 -16.38
C VAL B 70 -5.05 -11.20 -12.56
C VAL B 70 -4.19 19.18 19.39
N LEU B 71 28.38 -1.93 -2.62
N LEU B 71 -24.38 -6.25 -16.59
N LEU B 71 -6.12 -11.12 -13.30
N LEU B 71 -3.92 20.03 20.36
CA LEU B 71 29.06 -3.12 -3.19
CA LEU B 71 -24.98 -7.47 -17.16
CA LEU B 71 -7.15 -12.19 -13.32
CA LEU B 71 -4.93 20.39 21.37
C LEU B 71 30.54 -3.05 -2.93
C LEU B 71 -25.16 -7.29 -18.65
C LEU B 71 -6.89 -13.13 -14.47
C LEU B 71 -5.61 21.66 20.98
N MET A 1 6.38 18.40 -20.67
CA MET A 1 5.74 19.56 -20.05
C MET A 1 6.28 19.67 -18.60
N GLN A 2 6.34 20.88 -18.14
CA GLN A 2 6.81 21.11 -16.74
C GLN A 2 5.61 21.10 -15.81
N ILE A 3 5.80 20.45 -14.66
CA ILE A 3 4.77 20.47 -13.61
C ILE A 3 5.53 20.83 -12.30
N PHE A 4 4.75 21.23 -11.33
CA PHE A 4 5.40 21.59 -10.01
C PHE A 4 4.91 20.64 -8.96
N VAL A 5 5.74 20.16 -8.03
CA VAL A 5 5.27 19.32 -6.95
C VAL A 5 5.58 20.10 -5.65
N LYS A 6 4.57 20.50 -4.95
CA LYS A 6 4.78 21.30 -3.70
C LYS A 6 4.77 20.35 -2.53
N THR A 7 5.82 20.41 -1.68
CA THR A 7 5.88 19.52 -0.51
C THR A 7 5.42 20.27 0.74
N LEU A 8 5.24 19.58 1.84
CA LEU A 8 4.74 20.24 3.07
C LEU A 8 5.81 21.08 3.74
N THR A 9 7.06 21.03 3.24
CA THR A 9 8.08 21.90 3.94
C THR A 9 8.35 23.16 3.18
N GLY A 10 7.52 23.50 2.24
CA GLY A 10 7.67 24.69 1.43
C GLY A 10 8.68 24.63 0.33
N LYS A 11 9.10 23.43 0.00
CA LYS A 11 10.01 23.21 -1.12
C LYS A 11 9.11 22.84 -2.31
N THR A 12 9.42 23.38 -3.48
CA THR A 12 8.62 22.98 -4.66
C THR A 12 9.61 22.35 -5.64
N ILE A 13 9.25 21.19 -6.17
CA ILE A 13 10.23 20.60 -7.13
C ILE A 13 9.65 20.67 -8.52
N THR A 14 10.47 20.94 -9.51
CA THR A 14 9.89 20.97 -10.89
C THR A 14 10.25 19.66 -11.57
N LEU A 15 9.33 19.09 -12.33
CA LEU A 15 9.58 17.83 -13.01
C LEU A 15 9.25 18.02 -14.49
N GLU A 16 9.89 17.22 -15.31
CA GLU A 16 9.51 17.26 -16.76
C GLU A 16 8.85 15.92 -17.00
N VAL A 17 7.60 16.03 -17.42
CA VAL A 17 6.77 14.86 -17.67
C VAL A 17 5.93 15.04 -18.95
N GLU A 18 5.32 13.93 -19.31
CA GLU A 18 4.37 13.84 -20.41
C GLU A 18 3.06 13.38 -19.82
N PRO A 19 1.95 13.87 -20.34
CA PRO A 19 0.61 13.47 -19.90
C PRO A 19 0.43 11.98 -19.97
N SER A 20 1.19 11.31 -20.81
CA SER A 20 1.03 9.85 -20.98
C SER A 20 1.72 9.11 -19.87
N ASP A 21 2.49 9.83 -19.05
CA ASP A 21 3.19 9.10 -17.96
C ASP A 21 2.21 8.63 -16.92
N THR A 22 2.51 7.52 -16.30
CA THR A 22 1.71 6.99 -15.21
C THR A 22 2.16 7.68 -13.91
N ILE A 23 1.25 7.61 -12.94
CA ILE A 23 1.52 8.13 -11.60
C ILE A 23 2.72 7.40 -10.98
N GLU A 24 2.80 6.12 -11.24
CA GLU A 24 3.98 5.32 -10.73
C GLU A 24 5.27 5.90 -11.23
N CYS A 25 5.30 6.34 -12.52
CA CYS A 25 6.50 6.91 -13.13
C CYS A 25 6.85 8.24 -12.50
N VAL A 26 5.82 9.05 -12.28
CA VAL A 26 6.04 10.34 -11.65
C VAL A 26 6.71 10.15 -10.29
N LYS A 27 6.18 9.20 -9.52
CA LYS A 27 6.74 8.92 -8.19
C LYS A 27 8.19 8.48 -8.29
N ALA A 28 8.54 7.70 -9.30
CA ALA A 28 9.92 7.29 -9.53
C ALA A 28 10.80 8.47 -9.89
N LYS A 29 10.31 9.43 -10.66
CA LYS A 29 11.09 10.64 -10.97
C LYS A 29 11.35 11.47 -9.69
N ILE A 30 10.35 11.49 -8.81
CA ILE A 30 10.50 12.25 -7.55
C ILE A 30 11.53 11.50 -6.70
N GLN A 31 11.49 10.19 -6.69
CA GLN A 31 12.50 9.45 -5.86
C GLN A 31 13.90 9.76 -6.40
N ASP A 32 14.01 9.63 -7.70
CA ASP A 32 15.30 9.91 -8.37
C ASP A 32 15.83 11.29 -8.03
N LYS A 33 14.94 12.30 -7.98
CA LYS A 33 15.50 13.66 -7.74
C LYS A 33 15.53 14.13 -6.33
N GLU A 34 14.74 13.67 -5.41
CA GLU A 34 14.73 14.09 -4.02
C GLU A 34 14.92 12.96 -3.04
N GLY A 35 14.94 11.73 -3.52
CA GLY A 35 15.18 10.58 -2.69
C GLY A 35 14.07 10.02 -1.89
N ILE A 36 12.84 10.55 -2.06
CA ILE A 36 11.72 10.01 -1.29
C ILE A 36 11.20 8.72 -1.91
N PRO A 37 11.15 7.65 -1.13
CA PRO A 37 10.64 6.34 -1.58
C PRO A 37 9.21 6.46 -2.09
N PRO A 38 8.88 5.84 -3.19
CA PRO A 38 7.51 5.95 -3.73
C PRO A 38 6.45 5.52 -2.76
N ASP A 39 6.74 4.57 -1.90
CA ASP A 39 5.72 4.05 -0.95
C ASP A 39 5.34 5.08 0.11
N GLN A 40 6.16 6.11 0.23
CA GLN A 40 5.83 7.18 1.22
C GLN A 40 5.08 8.36 0.58
N GLN A 41 5.02 8.40 -0.74
CA GLN A 41 4.40 9.48 -1.46
C GLN A 41 2.90 9.36 -1.66
N ARG A 42 2.21 10.46 -1.32
CA ARG A 42 0.75 10.57 -1.60
C ARG A 42 0.62 11.80 -2.48
N LEU A 43 0.18 11.67 -3.73
CA LEU A 43 0.09 12.84 -4.63
C LEU A 43 -1.35 13.30 -4.76
N ILE A 44 -1.57 14.59 -4.57
CA ILE A 44 -2.91 15.19 -4.61
C ILE A 44 -3.02 16.28 -5.66
N PHE A 45 -4.11 16.19 -6.46
CA PHE A 45 -4.39 17.20 -7.50
C PHE A 45 -5.92 17.33 -7.53
N ALA A 46 -6.32 18.58 -7.46
CA ALA A 46 -7.74 18.98 -7.52
C ALA A 46 -8.59 18.14 -6.58
N GLY A 47 -8.08 17.99 -5.40
CA GLY A 47 -8.62 17.24 -4.29
C GLY A 47 -8.80 15.76 -4.47
N CYS A 48 -8.13 15.15 -5.41
CA CYS A 48 -8.12 13.71 -5.63
C CYS A 48 -6.78 13.12 -5.25
N GLN A 49 -6.74 11.97 -4.70
CA GLN A 49 -5.43 11.30 -4.47
C GLN A 49 -5.16 10.55 -5.77
N LEU A 50 -3.98 10.72 -6.33
CA LEU A 50 -3.65 10.11 -7.64
C LEU A 50 -3.29 8.65 -7.46
N GLU A 51 -3.77 7.80 -8.37
CA GLU A 51 -3.53 6.34 -8.25
C GLU A 51 -2.42 5.92 -9.18
N ASP A 52 -1.53 5.06 -8.79
CA ASP A 52 -0.35 4.62 -9.54
C ASP A 52 -0.48 4.20 -10.99
N GLY A 53 -1.50 3.45 -11.32
CA GLY A 53 -1.74 2.91 -12.67
C GLY A 53 -2.40 3.82 -13.65
N ARG A 54 -2.89 4.98 -13.21
CA ARG A 54 -3.49 5.96 -14.13
C ARG A 54 -2.37 6.83 -14.68
N THR A 55 -2.66 7.57 -15.72
CA THR A 55 -1.72 8.53 -16.36
C THR A 55 -2.16 9.94 -15.93
N LEU A 56 -1.27 10.90 -16.12
CA LEU A 56 -1.55 12.31 -15.83
C LEU A 56 -2.72 12.75 -16.70
N SER A 57 -2.80 12.25 -17.95
CA SER A 57 -3.93 12.69 -18.80
C SER A 57 -5.26 12.26 -18.24
N ASP A 58 -5.29 11.15 -17.53
CA ASP A 58 -6.56 10.64 -16.93
C ASP A 58 -7.20 11.71 -16.05
N TYR A 59 -6.37 12.41 -15.33
CA TYR A 59 -6.76 13.49 -14.42
C TYR A 59 -6.79 14.84 -15.09
N ASN A 60 -6.55 14.98 -16.38
CA ASN A 60 -6.58 16.32 -16.99
C ASN A 60 -5.58 17.25 -16.32
N ILE A 61 -4.36 16.77 -16.10
CA ILE A 61 -3.28 17.62 -15.54
C ILE A 61 -2.59 18.28 -16.73
N GLN A 62 -2.64 19.57 -16.85
CA GLN A 62 -2.07 20.32 -18.00
C GLN A 62 -0.74 20.97 -17.58
N LYS A 63 0.04 21.51 -18.58
CA LYS A 63 1.33 22.10 -18.24
C LYS A 63 1.17 23.16 -17.17
N GLU A 64 2.22 23.18 -16.36
CA GLU A 64 2.37 24.09 -15.26
C GLU A 64 1.44 23.96 -14.10
N SER A 65 0.81 22.79 -14.03
CA SER A 65 -0.07 22.42 -12.91
C SER A 65 0.84 22.18 -11.68
N THR A 66 0.25 22.25 -10.50
CA THR A 66 0.96 21.97 -9.25
C THR A 66 0.29 20.77 -8.56
N LEU A 67 1.06 19.74 -8.22
CA LEU A 67 0.49 18.62 -7.46
C LEU A 67 0.98 18.81 -6.00
N HIS A 68 0.26 18.31 -5.06
CA HIS A 68 0.72 18.43 -3.66
C HIS A 68 1.24 17.05 -3.26
N LEU A 69 2.38 17.02 -2.60
CA LEU A 69 2.96 15.77 -2.10
C LEU A 69 2.83 15.67 -0.60
N VAL A 70 2.10 14.73 -0.09
CA VAL A 70 2.03 14.52 1.38
C VAL A 70 2.81 13.21 1.60
N LEU A 71 3.60 13.15 2.65
CA LEU A 71 4.36 11.93 2.95
C LEU A 71 3.61 11.09 3.95
N ARG A 72 3.56 9.80 3.75
N ARG A 72 3.48 9.80 3.67
N ARG A 72 3.54 9.79 3.74
N ARG A 72 3.52 9.78 3.80
CA ARG A 72 2.86 8.91 4.70
CA ARG A 72 2.72 8.85 4.52
CA ARG A 72 2.83 8.90 4.67
CA ARG A 72 2.79 8.98 4.81
C ARG A 72 3.51 9.15 6.05
C ARG A 72 2.27 7.73 3.58
C ARG A 72 3.47 9.12 6.03
C ARG A 72 3.52 7.64 4.86
N LEU A 73 2.80 9.24 7.13
N LEU A 73 1.08 7.76 3.05
N LEU A 73 2.85 8.81 7.12
N LEU A 73 3.34 6.84 5.86
CA LEU A 73 3.45 9.48 8.44
CA LEU A 73 0.66 6.66 2.15
CA LEU A 73 3.49 9.04 8.44
CA LEU A 73 4.06 5.54 5.90
C LEU A 73 4.37 8.32 8.78
C LEU A 73 0.66 5.33 2.89
C LEU A 73 4.46 7.92 8.74
C LEU A 73 3.32 4.56 6.81
N ARG A 74 5.49 8.30 8.08
N ARG A 74 -0.43 4.62 2.73
N ARG A 74 5.34 8.22 9.68
N ARG A 74 4.01 3.48 7.11
CA ARG A 74 6.51 7.24 8.24
CA ARG A 74 -0.63 3.31 3.38
CA ARG A 74 6.39 7.27 10.11
CA ARG A 74 3.47 2.42 7.97
C ARG A 74 5.80 5.92 8.45
C ARG A 74 -1.13 2.31 2.35
C ARG A 74 5.71 6.04 10.69
C ARG A 74 4.61 1.79 8.76
N GLY A 75 6.56 4.97 9.02
N GLY A 75 -2.29 1.74 2.65
N GLY A 75 4.43 6.19 10.97
N GLY A 75 4.23 1.13 9.86
CA GLY A 75 6.08 3.62 9.30
CA GLY A 75 -2.93 0.74 1.81
CA GLY A 75 3.60 5.14 11.55
CA GLY A 75 5.17 0.47 10.75
C GLY A 75 6.77 2.92 10.46
C GLY A 75 -4.13 0.04 2.43
C GLY A 75 3.50 3.87 10.72
C GLY A 75 4.78 0.47 12.21
N GLY A 76 8.05 3.19 10.55
N GLY A 76 -4.60 -0.96 1.70
N GLY A 76 3.37 2.77 11.44
N GLY A 76 5.49 -0.35 12.95
CA GLY A 76 8.95 2.67 11.59
CA GLY A 76 -5.74 -1.80 2.08
CA GLY A 76 3.25 1.41 10.89
CA GLY A 76 5.31 -0.52 14.40
C GLY A 76 8.55 1.21 11.87
C GLY A 76 -5.32 -3.27 1.90
C GLY A 76 4.63 0.96 10.40
C GLY A 76 3.97 -1.21 14.65
N MET B 1 9.93 -8.45 6.55
N MET B 1 -10.64 -13.76 -0.83
N MET B 1 -0.58 -5.01 9.82
N MET B 1 -4.20 -0.08 21.15
CA MET B 1 10.15 -6.99 6.60
CA MET B 1 -10.57 -12.30 -0.61
CA MET B 1 0.01 -3.98 8.94
CA MET B 1 -2.97 0.34 20.47
C MET B 1 10.74 -6.57 5.24
C MET B 1 -11.99 -11.74 -0.91
C MET B 1 -0.93 -3.82 7.72
C MET B 1 -2.61 1.76 20.98
N GLN B 2 10.43 -5.36 4.87
N GLN B 2 -12.28 -10.68 -0.22
N GLN B 2 -0.93 -2.63 7.20
N GLN B 2 -1.34 2.02 20.99
CA GLN B 2 10.98 -4.83 3.59
CA GLN B 2 -13.61 -10.03 -0.45
CA GLN B 2 -1.78 -2.36 6.00
CA GLN B 2 -0.88 3.37 21.43
C GLN B 2 12.29 -4.12 3.86
C GLN B 2 -13.45 -8.96 -1.53
C GLN B 2 -0.95 -2.62 4.74
C GLN B 2 -0.79 4.28 20.21
N ILE B 3 13.25 -4.34 2.99
N ILE B 3 -14.44 -8.91 -2.41
N ILE B 3 -1.58 -3.25 3.77
N ILE B 3 -1.25 5.52 20.39
CA ILE B 3 14.53 -3.61 3.05
CA ILE B 3 -14.48 -7.83 -3.43
CA ILE B 3 -0.93 -3.43 2.45
CA ILE B 3 -1.08 6.54 19.35
C ILE B 3 14.79 -3.08 1.61
C ILE B 3 -15.93 -7.27 -3.37
C ILE B 3 -2.00 -2.99 1.41
C ILE B 3 -0.51 7.79 20.07
N PHE B 4 15.68 -2.13 1.55
N PHE B 4 -16.06 -6.09 -3.94
N PHE B 4 -1.49 -2.75 0.21
N PHE B 4 0.02 8.67 19.25
CA PHE B 4 16.01 -1.57 0.18
CA PHE B 4 -17.45 -5.48 -3.95
CA PHE B 4 -2.46 -2.33 -0.86
CA PHE B 4 0.60 9.92 19.87
C PHE B 4 17.45 -1.87 -0.12
C PHE B 4 -17.91 -5.34 -5.37
C PHE B 4 -2.47 -3.38 -1.94
C PHE B 4 -0.18 11.11 19.38
N VAL B 5 17.82 -2.23 -1.35
N VAL B 5 -19.17 -5.60 -5.70
N VAL B 5 -3.61 -3.73 -2.54
N VAL B 5 -0.48 12.11 20.20
CA VAL B 5 19.22 -2.45 -1.70
CA VAL B 5 -19.67 -5.40 -7.04
CA VAL B 5 -3.63 -4.67 -3.63
CA VAL B 5 -1.16 13.31 19.74
C VAL B 5 19.53 -1.40 -2.80
C VAL B 5 -20.77 -4.32 -6.91
C VAL B 5 -4.20 -3.89 -4.84
C VAL B 5 -0.17 14.47 19.99
N LYS B 6 20.37 -0.48 -2.52
N LYS B 6 -20.56 -3.19 -7.48
N LYS B 6 -3.41 -3.69 -5.84
N LYS B 6 0.30 15.09 18.97
CA LYS B 6 20.69 0.61 -3.52
CA LYS B 6 -21.56 -2.08 -7.38
CA LYS B 6 -3.87 -2.90 -7.04
CA LYS B 6 1.29 16.20 19.13
C LYS B 6 21.93 0.19 -4.27
C LYS B 6 -22.45 -2.12 -8.60
C LYS B 6 -4.37 -3.87 -8.08
C LYS B 6 0.54 17.50 19.12
N THR B 7 21.87 0.18 -5.62
N THR B 7 -23.78 -2.15 -8.39
N THR B 7 -5.61 -3.66 -8.57
N THR B 7 0.76 18.35 20.15
CA THR B 7 23.04 -0.21 -6.41
CA THR B 7 -24.71 -2.19 -9.53
CA THR B 7 -6.16 -4.56 -9.59
CA THR B 7 0.06 19.64 20.21
C THR B 7 23.76 1.05 -6.91
C THR B 7 -25.24 -0.79 -9.81
C THR B 7 -6.00 -3.93 -10.97
C THR B 7 0.99 20.75 19.70
N LEU B 8 24.94 0.90 -7.48
N LEU B 8 -25.94 -0.60 -10.91
N LEU B 8 -6.26 -4.67 -12.03
N LEU B 8 0.48 21.94 19.51
CA LEU B 8 25.71 2.07 -7.94
CA LEU B 8 -26.46 0.74 -11.26
CA LEU B 8 -6.08 -4.15 -13.40
CA LEU B 8 1.30 23.05 18.99
C LEU B 8 25.15 2.69 -9.20
C LEU B 8 -27.63 1.17 -10.40
C LEU B 8 -7.16 -3.14 -13.78
C LEU B 8 2.28 23.59 20.01
N THR B 9 24.12 2.05 -9.81
N THR B 9 -28.14 0.26 -9.55
N THR B 9 -8.19 -2.97 -12.93
N THR B 9 2.19 23.13 21.26
CA THR B 9 23.59 2.71 -11.04
CA THR B 9 -29.29 0.72 -8.71
CA THR B 9 -9.22 -1.97 -13.35
CA THR B 9 3.18 23.69 22.25
C THR B 9 22.31 3.45 -10.77
C THR B 9 -28.88 1.07 -7.32
C THR B 9 -9.06 -0.66 -12.65
C THR B 9 4.31 22.75 22.50
N GLY B 10 22.00 3.69 -9.55
N GLY B 10 -27.62 1.22 -7.08
N GLY B 10 -7.94 -0.44 -12.03
N GLY B 10 4.48 21.76 21.69
CA GLY B 10 20.81 4.40 -9.15
CA GLY B 10 -27.07 1.56 -5.78
CA GLY B 10 -7.64 0.78 -11.31
CA GLY B 10 5.53 20.77 21.82
C GLY B 10 19.53 3.62 -9.19
C GLY B 10 -27.00 0.45 -4.79
C GLY B 10 -8.27 0.92 -9.96
C GLY B 10 5.33 19.72 22.86
N LYS B 11 19.64 2.32 -9.25
N LYS B 11 -27.10 -0.77 -5.27
N LYS B 11 -8.74 -0.18 -9.43
N LYS B 11 4.10 19.57 23.31
CA LYS B 11 18.49 1.43 -9.18
CA LYS B 11 -26.94 -1.96 -4.43
CA LYS B 11 -9.29 -0.21 -8.07
CA LYS B 11 3.73 18.52 24.24
C LYS B 11 18.40 0.99 -7.71
C LYS B 11 -25.47 -2.40 -4.63
C LYS B 11 -8.12 -0.69 -7.17
C LYS B 11 3.16 17.39 23.38
N THR B 12 17.18 0.95 -7.18
N THR B 12 -24.83 -2.78 -3.55
N THR B 12 -7.97 -0.07 -6.01
N THR B 12 3.52 16.16 23.71
CA THR B 12 17.05 0.45 -5.80
CA THR B 12 -23.45 -3.29 -3.70
CA THR B 12 -6.92 -0.57 -5.10
CA THR B 12 2.91 15.04 22.94
C THR B 12 16.13 -0.78 -5.88
C THR B 12 -23.47 -4.72 -3.18
C THR B 12 -7.65 -0.99 -3.82
C THR B 12 2.17 14.18 23.97
N ILE B 13 16.56 -1.87 -5.24
N ILE B 13 -22.90 -5.64 -3.97
N ILE B 13 -7.32 -2.19 -3.34
N ILE B 13 0.92 13.85 23.65
CA ILE B 13 15.66 -3.05 -5.32
CA ILE B 13 -22.92 -7.04 -3.43
CA ILE B 13 -8.03 -2.58 -2.09
CA ILE B 13 0.22 13.01 24.65
C ILE B 13 15.03 -3.28 -3.98
C ILE B 13 -21.52 -7.43 -3.05
C ILE B 13 -7.05 -2.57 -0.94
C ILE B 13 0.05 11.62 24.11
N THR B 14 13.77 -3.67 -3.94
N THR B 14 -21.36 -8.15 -1.96
N THR B 14 -7.48 -2.13 0.23
N THR B 14 0.19 10.61 24.94
CA THR B 14 13.18 -3.93 -2.60
CA THR B 14 -19.96 -8.58 -1.63
CA THR B 14 -6.50 -2.16 1.36
CA THR B 14 -0.02 9.23 24.39
C THR B 14 13.15 -5.42 -2.38
C THR B 14 -19.79 -10.01 -2.05
C THR B 14 -6.83 -3.36 2.22
C THR B 14 -1.39 8.77 24.80
N LEU B 15 13.45 -5.89 -1.18
N LEU B 15 -18.64 -10.37 -2.60
N LEU B 15 -5.82 -4.07 2.71
N LEU B 15 -2.12 8.10 23.91
CA LEU B 15 13.47 -7.32 -0.89
CA LEU B 15 -18.38 -11.71 -3.05
CA LEU B 15 -6.03 -5.24 3.53
CA LEU B 15 -3.45 7.63 24.20
C LEU B 15 12.57 -7.56 0.33
C LEU B 15 -17.08 -12.20 -2.40
C LEU B 15 -5.24 -5.07 4.83
C LEU B 15 -3.51 6.12 23.90
N GLU B 16 12.06 -8.77 0.41
N GLU B 16 -16.97 -13.50 -2.26
N GLU B 16 -5.71 -5.72 5.86
N GLU B 16 -4.41 5.46 24.59
CA GLU B 16 11.29 -9.10 1.65
CA GLU B 16 -15.66 -14.04 -1.77
CA GLU B 16 -4.89 -5.70 7.12
CA GLU B 16 -4.60 4.01 24.23
C GLU B 16 12.16 -10.14 2.33
C GLU B 16 -15.11 -14.77 -2.97
C GLU B 16 -4.41 -7.13 7.26
C GLU B 16 -5.99 3.98 23.61
N VAL B 17 12.54 -9.77 3.55
N VAL B 17 -13.93 -14.32 -3.36
N VAL B 17 -3.08 -7.21 7.28
N VAL B 17 -5.97 3.52 22.37
CA VAL B 17 13.41 -10.61 4.37
CA VAL B 17 -13.23 -14.84 -4.51
CA VAL B 17 -2.40 -8.50 7.37
CA VAL B 17 -7.20 3.45 21.57
C VAL B 17 12.95 -10.62 5.83
C VAL B 17 -11.72 -14.98 -4.24
C VAL B 17 -1.20 -8.43 8.31
C VAL B 17 -7.25 2.14 20.75
N GLU B 18 13.61 -11.51 6.55
N GLU B 18 -11.10 -15.64 -5.20
N GLU B 18 -0.68 -9.62 8.55
N GLU B 18 -8.42 1.96 20.18
CA GLU B 18 13.46 -11.66 7.99
CA GLU B 18 -9.65 -15.82 -5.25
CA GLU B 18 0.54 -9.83 9.34
CA GLU B 18 -8.71 0.85 19.26
C GLU B 18 14.83 -11.41 8.60
C GLU B 18 -9.19 -15.18 -6.56
C GLU B 18 1.52 -10.53 8.40
C GLU B 18 -9.11 1.50 17.94
N PRO B 19 14.87 -10.80 9.76
N PRO B 19 -8.03 -14.58 -6.54
N PRO B 19 2.79 -10.22 8.54
N PRO B 19 -8.73 0.88 16.83
CA PRO B 19 16.12 -10.55 10.48
CA PRO B 19 -7.43 -13.97 -7.74
CA PRO B 19 3.85 -10.85 7.74
CA PRO B 19 -9.10 1.36 15.51
C PRO B 19 16.91 -11.81 10.70
C PRO B 19 -7.33 -14.95 -8.87
C PRO B 19 3.81 -12.35 7.87
C PRO B 19 -10.60 1.54 15.35
N SER B 20 16.24 -12.95 10.71
N SER B 20 -7.28 -16.24 -8.56
N SER B 20 3.27 -12.86 8.96
N SER B 20 -11.37 0.81 16.15
CA SER B 20 16.92 -14.23 10.97
CA SER B 20 -7.12 -17.25 -9.61
CA SER B 20 3.25 -14.31 9.18
CA SER B 20 -12.84 0.87 16.03
C SER B 20 17.63 -14.73 9.73
C SER B 20 -8.45 -17.54 -10.29
C SER B 20 2.14 -14.97 8.39
C SER B 20 -13.38 2.10 16.72
N ASP B 21 17.38 -14.06 8.60
N ASP B 21 -9.54 -16.98 -9.74
N ASP B 21 1.27 -14.15 7.79
N ASP B 21 -12.51 2.81 17.45
CA ASP B 21 18.05 -14.55 7.35
CA ASP B 21 -10.84 -17.27 -10.39
CA ASP B 21 0.16 -14.78 7.02
CA ASP B 21 -13.04 4.00 18.16
C ASP B 21 19.53 -14.26 7.42
C ASP B 21 -10.93 -16.56 -11.71
C ASP B 21 0.70 -15.43 5.77
C ASP B 21 -13.36 5.09 17.16
N THR B 22 20.31 -15.12 6.81
N THR B 22 -11.64 -17.17 -12.65
N THR B 22 0.05 -16.50 5.36
N THR B 22 -14.36 5.88 17.48
CA THR B 22 21.75 -14.93 6.70
CA THR B 22 -11.89 -16.58 -13.94
CA THR B 22 0.39 -17.18 4.14
CA THR B 22 -14.73 7.03 16.67
C THR B 22 22.02 -14.01 5.49
C THR B 22 -13.11 -15.62 -13.80
C THR B 22 -0.32 -16.46 2.97
C THR B 22 -13.83 8.22 17.08
N ILE B 23 23.22 -13.43 5.53
N ILE B 23 -13.17 -14.73 -14.79
N ILE B 23 0.22 -16.71 1.78
N ILE B 23 -13.78 9.17 16.14
CA ILE B 23 23.70 -12.60 4.43
CA ILE B 23 -14.30 -13.80 -14.88
CA ILE B 23 -0.37 -16.20 0.55
CA ILE B 23 -13.04 10.42 16.38
C ILE B 23 23.78 -13.42 3.15
C ILE B 23 -15.61 -14.57 -15.06
C ILE B 23 -1.79 -16.74 0.37
C ILE B 23 -13.64 11.16 17.58
N GLU B 24 24.19 -14.66 3.27
N GLU B 24 -15.55 -15.64 -15.81
N GLU B 24 -1.99 -17.98 0.74
N GLU B 24 -14.95 11.11 17.71
CA GLU B 24 24.24 -15.57 2.08
CA GLU B 24 -16.77 -16.50 -16.00
CA GLU B 24 -3.37 -18.58 0.67
CA GLU B 24 -15.61 11.75 18.88
C GLU B 24 22.88 -15.67 1.42
C GLU B 24 -17.28 -17.00 -14.67
C GLU B 24 -4.34 -17.78 1.49
C GLU B 24 -15.08 11.19 20.17
N ASN B 25 21.84 -15.75 2.24
N ASN B 25 -16.37 -17.37 -13.78
N ASN B 25 -3.91 -17.32 2.66
N ASN B 25 -14.86 9.88 20.21
CA ASN B 25 20.45 -15.88 1.78
CA ASN B 25 -16.68 -17.88 -12.44
CA ASN B 25 -4.72 -16.52 3.59
CA ASN B 25 -14.35 9.16 21.38
C ASN B 25 19.99 -14.61 1.04
C ASN B 25 -17.33 -16.81 -11.57
C ASN B 25 -5.08 -15.17 3.00
C ASN B 25 -12.92 9.58 21.72
N VAL B 26 20.35 -13.48 1.63
N VAL B 26 -16.75 -15.62 -11.65
N VAL B 26 -4.07 -14.55 2.41
N VAL B 26 -12.12 9.67 20.67
CA VAL B 26 20.02 -12.19 1.03
CA VAL B 26 -17.29 -14.49 -10.90
CA VAL B 26 -4.26 -13.25 1.77
CA VAL B 26 -10.74 10.09 20.83
C VAL B 26 20.63 -12.11 -0.37
C VAL B 26 -18.74 -14.24 -11.31
C VAL B 26 -5.33 -13.37 0.69
C VAL B 26 -10.69 11.47 21.48
N LYS B 27 21.90 -12.50 -0.46
N LYS B 27 -18.97 -14.24 -12.62
N LYS B 27 -5.23 -14.42 -0.12
N LYS B 27 -11.53 12.37 20.96
CA LYS B 27 22.61 -12.46 -1.75
CA LYS B 27 -20.32 -14.02 -13.14
CA LYS B 27 -6.20 -14.64 -1.20
CA LYS B 27 -11.58 13.75 21.50
C LYS B 27 21.92 -13.36 -2.76
C LYS B 27 -21.28 -15.09 -12.64
C LYS B 27 -7.60 -14.83 -0.63
C LYS B 27 -11.99 13.73 22.96
N ALA B 28 21.43 -14.51 -2.34
N ALA B 28 -20.84 -16.32 -12.55
N ALA B 28 -7.72 -15.50 0.49
N ALA B 28 -12.90 12.86 23.34
CA ALA B 28 20.70 -15.43 -3.22
CA ALA B 28 -21.65 -17.42 -12.01
CA ALA B 28 -9.01 -15.67 1.16
CA ALA B 28 -13.31 12.73 24.74
C ALA B 28 19.39 -14.81 -3.68
C ALA B 28 -21.95 -17.21 -10.54
C ALA B 28 -9.56 -14.35 1.66
C ALA B 28 -12.17 12.21 25.61
N LYS B 29 18.68 -14.08 -2.82
N LYS B 29 -21.01 -16.70 -9.76
N LYS B 29 -8.72 -13.47 2.18
N LYS B 29 -11.36 11.29 25.12
CA LYS B 29 17.44 -13.38 -3.22
CA LYS B 29 -21.26 -16.40 -8.33
CA LYS B 29 -9.17 -12.13 2.61
CA LYS B 29 -10.19 10.80 25.86
C LYS B 29 17.74 -12.30 -4.28
C LYS B 29 -22.32 -15.28 -8.19
C LYS B 29 -9.68 -11.31 1.41
C LYS B 29 -9.16 11.93 26.07
N ILE B 30 18.89 -11.63 -4.11
N ILE B 30 -22.25 -14.32 -9.10
N ILE B 30 -9.00 -11.47 0.27
N ILE B 30 -9.03 12.78 25.05
CA ILE B 30 19.26 -10.58 -5.07
CA ILE B 30 -23.22 -13.20 -9.06
CA ILE B 30 -9.43 -10.74 -0.94
CA ILE B 30 -8.08 13.90 25.16
C ILE B 30 19.61 -11.28 -6.38
C ILE B 30 -24.59 -13.79 -9.46
C ILE B 30 -10.76 -11.33 -1.38
C ILE B 30 -8.66 14.89 26.19
N GLN B 31 20.28 -12.41 -6.33
N GLN B 31 -24.63 -14.68 -10.41
N GLN B 31 -10.93 -12.63 -1.30
N GLN B 31 -9.96 15.10 26.18
CA GLN B 31 20.61 -13.10 -7.62
CA GLN B 31 -25.97 -15.25 -10.78
CA GLN B 31 -12.24 -13.21 -1.72
CA GLN B 31 -10.52 16.05 27.19
C GLN B 31 19.30 -13.49 -8.33
C GLN B 31 -26.54 -16.00 -9.57
C GLN B 31 -13.35 -12.65 -0.82
C GLN B 31 -10.25 15.50 28.60
N ASP B 32 18.44 -14.10 -7.55
N ASP B 32 -25.70 -16.83 -9.01
N ASP B 32 -13.08 -12.72 0.46
N ASP B 32 -10.58 14.23 28.74
CA ASP B 32 17.12 -14.52 -8.07
CA ASP B 32 -26.08 -17.62 -7.82
CA ASP B 32 -14.03 -12.21 1.47
CA ASP B 32 -10.38 13.54 30.03
C ASP B 32 16.39 -13.37 -8.73
C ASP B 32 -26.63 -16.74 -6.72
C ASP B 32 -14.43 -10.78 1.19
C ASP B 32 -8.95 13.68 30.52
N LYS B 33 16.43 -12.18 -8.12
N LYS B 33 -25.99 -15.58 -6.48
N LYS B 33 -13.45 -9.93 0.79
N LYS B 33 -7.97 13.54 29.60
CA LYS B 33 15.62 -11.09 -8.73
CA LYS B 33 -26.49 -14.77 -5.34
CA LYS B 33 -13.85 -8.50 0.63
CA LYS B 33 -6.57 13.59 30.12
C LYS B 33 16.30 -10.20 -9.69
C LYS B 33 -27.50 -13.72 -5.62
C LYS B 33 -14.24 -8.08 -0.75
C LYS B 33 -5.89 14.90 30.11
N GLU B 34 17.59 -10.01 -9.69
N GLU B 34 -27.63 -13.16 -6.79
N GLU B 34 -13.85 -8.69 -1.83
N GLU B 34 -6.22 15.88 29.31
CA GLU B 34 18.30 -9.15 -10.61
CA GLU B 34 -28.60 -12.15 -7.14
CA GLU B 34 -14.21 -8.32 -3.17
CA GLU B 34 -5.58 17.17 29.27
C GLU B 34 19.39 -9.85 -11.38
C GLU B 34 -29.49 -12.51 -8.29
C GLU B 34 -14.86 -9.42 -3.97
C GLU B 34 -6.54 18.33 29.46
N GLY B 35 19.66 -11.10 -11.04
N GLY B 35 -29.23 -13.63 -8.94
N GLY B 35 -14.91 -10.62 -3.41
N GLY B 35 -7.83 18.05 29.52
CA GLY B 35 20.64 -11.90 -11.76
CA GLY B 35 -30.05 -14.12 -10.02
CA GLY B 35 -15.57 -11.74 -4.03
CA GLY B 35 -8.83 19.05 29.78
C GLY B 35 22.07 -11.73 -11.43
C GLY B 35 -29.87 -13.55 -11.38
C GLY B 35 -14.86 -12.49 -5.07
C GLY B 35 -9.29 19.90 28.67
N ILE B 36 22.40 -10.92 -10.41
N ILE B 36 -28.88 -12.67 -11.55
N ILE B 36 -13.57 -12.18 -5.32
N ILE B 36 -8.83 19.63 27.43
CA ILE B 36 23.81 -10.74 -10.07
CA ILE B 36 -28.68 -12.09 -12.89
CA ILE B 36 -12.84 -12.92 -6.35
CA ILE B 36 -9.27 20.46 26.30
C ILE B 36 24.33 -11.92 -9.24
C ILE B 36 -27.94 -13.06 -13.81
C ILE B 36 -12.35 -14.27 -5.82
C ILE B 36 -10.66 20.04 25.84
N PRO B 37 25.39 -12.55 -9.70
N PRO B 37 -28.53 -13.36 -14.96
N PRO B 37 -12.71 -15.35 -6.50
N PRO B 37 -11.59 20.99 25.80
CA PRO B 37 26.02 -13.69 -8.99
CA PRO B 37 -27.91 -14.26 -15.95
CA PRO B 37 -12.29 -16.71 -6.12
CA PRO B 37 -12.98 20.74 25.32
C PRO B 37 26.43 -13.28 -7.58
C PRO B 37 -26.55 -13.75 -16.39
C PRO B 37 -10.77 -16.81 -6.06
C PRO B 37 -12.97 20.19 23.91
N PRO B 38 26.20 -14.11 -6.59
N PRO B 38 -25.57 -14.60 -16.50
N PRO B 38 -10.22 -17.45 -5.07
N PRO B 38 -13.77 19.20 23.62
CA PRO B 38 26.57 -13.75 -5.21
CA PRO B 38 -24.22 -14.13 -16.89
CA PRO B 38 -8.75 -17.57 -4.97
CA PRO B 38 -13.79 18.63 22.27
C PRO B 38 28.03 -13.42 -5.05
C PRO B 38 -24.20 -13.40 -18.21
C PRO B 38 -8.13 -18.20 -6.18
C PRO B 38 -14.09 19.63 21.19
N ASP B 39 28.88 -14.05 -5.81
N ASP B 39 -25.06 -13.77 -19.13
N ASP B 39 -8.80 -19.11 -6.83
N ASP B 39 -14.89 20.63 21.49
CA ASP B 39 30.35 -13.83 -5.67
CA ASP B 39 -25.07 -13.13 -20.48
CA ASP B 39 -8.22 -19.82 -8.00
CA ASP B 39 -15.28 21.64 20.46
C ASP B 39 30.77 -12.43 -6.10
C ASP B 39 -25.51 -11.67 -20.42
C ASP B 39 -8.02 -18.90 -9.20
C ASP B 39 -14.11 22.51 20.03
N GLN B 40 29.89 -11.75 -6.82
N GLN B 40 -26.12 -11.28 -19.31
N GLN B 40 -8.67 -17.74 -9.16
N GLN B 40 -13.04 22.50 20.82
CA GLN B 40 30.21 -10.37 -7.25
CA GLN B 40 -26.55 -9.87 -19.18
CA GLN B 40 -8.52 -16.78 -10.28
CA GLN B 40 -11.85 23.29 20.45
C GLN B 40 29.63 -9.31 -6.30
C GLN B 40 -25.50 -9.01 -18.43
C GLN B 40 -7.44 -15.72 -9.98
C GLN B 40 -10.80 22.46 19.69
N GLN B 41 28.77 -9.71 -5.38
N GLN B 41 -24.51 -9.64 -17.83
N GLN B 41 -6.96 -15.65 -8.76
N GLN B 41 -10.97 21.15 19.64
CA GLN B 41 28.12 -8.82 -4.44
CA GLN B 41 -23.50 -8.96 -17.05
CA GLN B 41 -5.99 -14.68 -8.33
CA GLN B 41 -10.04 20.25 19.00
C GLN B 41 28.91 -8.48 -3.20
C GLN B 41 -22.33 -8.41 -17.84
C GLN B 41 -4.54 -15.04 -8.60
C GLN B 41 -10.22 20.06 17.52
N ARG B 42 29.00 -7.18 -2.93
N ARG B 42 -22.05 -7.14 -17.57
N ARG B 42 -3.83 -14.09 -9.20
N ARG B 42 -9.12 20.21 16.80
CA ARG B 42 29.58 -6.68 -1.64
CA ARG B 42 -20.82 -6.49 -18.13
CA ARG B 42 -2.36 -14.21 -9.38
CA ARG B 42 -9.08 19.89 15.34
C ARG B 42 28.48 -5.88 -1.00
C ARG B 42 -20.04 -6.02 -16.93
C ARG B 42 -1.78 -12.99 -8.69
C ARG B 42 -8.02 18.83 15.20
N LEU B 43 27.97 -6.28 0.16
N LEU B 43 -18.84 -6.55 -16.67
N LEU B 43 -1.00 -13.16 -7.63
N LEU B 43 -8.35 17.61 14.79
CA LEU B 43 26.84 -5.54 0.80
CA LEU B 43 -18.08 -6.16 -15.46
CA LEU B 43 -0.47 -11.99 -6.88
CA LEU B 43 -7.34 16.53 14.69
C LEU B 43 27.37 -4.71 1.96
C LEU B 43 -16.95 -5.20 -15.85
C LEU B 43 1.01 -11.79 -7.23
C LEU B 43 -6.95 16.31 13.22
N ILE B 44 26.99 -3.44 1.97
N ILE B 44 -16.87 -4.09 -15.12
N ILE B 44 1.36 -10.55 -7.57
N ILE B 44 -5.65 16.29 12.97
CA ILE B 44 27.44 -2.48 2.98
CA ILE B 44 -15.89 -3.04 -15.38
CA ILE B 44 2.71 -10.19 -7.99
CA ILE B 44 -5.10 16.14 11.62
C ILE B 44 26.27 -1.85 3.73
C ILE B 44 -15.00 -2.78 -14.17
C ILE B 44 3.30 -9.09 -7.11
C ILE B 44 -4.19 14.92 11.50
N PHE B 45 26.40 -1.86 5.08
N PHE B 45 -13.67 -2.73 -14.45
N PHE B 45 4.56 -9.35 -6.66
N PHE B 45 -4.45 14.13 10.43
CA PHE B 45 25.39 -1.24 5.97
CA PHE B 45 -12.68 -2.42 -13.41
CA PHE B 45 5.29 -8.37 -5.85
CA PHE B 45 -3.62 12.95 10.15
C PHE B 45 26.18 -0.63 7.13
C PHE B 45 -11.58 -1.60 -14.10
C PHE B 45 6.77 -8.51 -6.28
C PHE B 45 -3.54 12.87 8.60
N ALA B 46 25.85 0.61 7.35
N ALA B 46 -11.30 -0.50 -13.46
N ALA B 46 7.30 -7.34 -6.57
N ALA B 46 -2.31 12.74 8.19
CA ALA B 46 26.41 1.43 8.45
CA ALA B 46 -10.24 0.45 -13.88
CA ALA B 46 8.71 -7.18 -6.96
CA ALA B 46 -1.96 12.59 6.76
C ALA B 46 27.93 1.29 8.49
C ALA B 46 -10.37 0.76 -15.37
C ALA B 46 9.10 -8.18 -8.04
C ALA B 46 -2.67 13.63 5.91
N GLY B 47 28.50 1.41 7.32
N GLY B 47 -11.59 1.03 -15.75
N GLY B 47 8.23 -8.28 -9.01
N GLY B 47 -2.62 14.83 6.39
CA GLY B 47 29.91 1.34 7.01
CA GLY B 47 -12.05 1.35 -17.07
CA GLY B 47 8.28 -9.13 -10.16
CA GLY B 47 -3.19 16.03 5.86
C GLY B 47 30.60 0.04 7.31
C GLY B 47 -11.86 0.32 -18.14
C GLY B 47 8.29 -10.62 -9.93
C GLY B 47 -4.69 16.09 5.71
N LYS B 48 29.88 -1.05 7.41
N LYS B 48 -11.71 -0.93 -17.78
N LYS B 48 7.83 -11.07 -8.79
N LYS B 48 -5.41 15.28 6.44
CA LYS B 48 30.48 -2.37 7.64
CA LYS B 48 -11.58 -2.02 -18.75
CA LYS B 48 7.75 -12.50 -8.48
CA LYS B 48 -6.88 15.27 6.41
C LYS B 48 30.19 -3.22 6.40
C LYS B 48 -12.81 -2.93 -18.59
C LYS B 48 6.25 -12.85 -8.34
C LYS B 48 -7.35 15.72 7.81
N GLN B 49 31.12 -4.05 6.00
N GLN B 49 -13.31 -3.46 -19.66
N GLN B 49 5.85 -14.01 -8.79
N GLN B 49 -8.41 16.48 7.88
CA GLN B 49 30.85 -4.99 4.87
CA GLN B 49 -14.43 -4.45 -19.56
CA GLN B 49 4.44 -14.45 -8.57
CA GLN B 49 -9.00 16.84 9.20
C GLN B 49 30.19 -6.19 5.54
C GLN B 49 -13.72 -5.78 -19.34
C GLN B 49 4.48 -15.09 -7.19
C GLN B 49 -9.93 15.68 9.52
N LEU B 50 29.07 -6.64 5.04
N LEU B 50 -14.12 -6.54 -18.36
N LEU B 50 3.57 -14.72 -6.31
N LEU B 50 -9.83 15.12 10.70
CA LEU B 50 28.31 -7.74 5.65
CA LEU B 50 -13.45 -7.80 -18.01
CA LEU B 50 3.56 -15.22 -4.92
CA LEU B 50 -10.61 13.93 11.08
C LEU B 50 28.93 -9.08 5.30
C LEU B 50 -13.90 -8.91 -18.95
C LEU B 50 2.96 -16.62 -4.88
C LEU B 50 -12.03 14.34 11.46
N GLU B 51 29.02 -9.98 6.28
N GLU B 51 -12.95 -9.74 -19.39
N GLU B 51 3.56 -17.52 -4.08
N GLU B 51 -13.02 13.56 11.02
CA GLU B 51 29.66 -11.28 6.04
CA GLU B 51 -13.30 -10.81 -20.36
CA GLU B 51 3.06 -18.90 -4.01
CA GLU B 51 -14.43 13.93 11.32
C GLU B 51 28.62 -12.35 5.84
C GLU B 51 -13.41 -12.13 -19.65
C GLU B 51 2.25 -19.10 -2.76
C GLU B 51 -14.95 13.09 12.44
N ASP B 52 28.79 -13.27 4.93
N ASP B 52 -14.37 -12.97 -19.98
N ASP B 52 1.16 -19.82 -2.80
N ASP B 52 -15.72 13.63 13.35
CA ASP B 52 27.83 -14.31 4.55
CA ASP B 52 -14.66 -14.24 -19.32
CA ASP B 52 0.22 -20.03 -1.70
CA ASP B 52 -16.24 12.98 14.55
C ASP B 52 27.15 -15.15 5.62
C ASP B 52 -13.54 -15.24 -19.04
C ASP B 52 0.73 -20.42 -0.32
C ASP B 52 -16.89 11.60 14.47
N GLY B 53 27.89 -15.58 6.62
N GLY B 53 -12.64 -15.43 -19.96
N GLY B 53 1.68 -21.33 -0.26
N GLY B 53 -17.72 11.38 13.47
CA GLY B 53 27.39 -16.45 7.70
CA GLY B 53 -11.53 -16.40 -19.86
CA GLY B 53 2.23 -21.87 1.00
CA GLY B 53 -18.47 10.13 13.27
C GLY B 53 26.67 -15.77 8.81
C GLY B 53 -10.32 -15.94 -19.10
C GLY B 53 3.29 -21.05 1.66
C GLY B 53 -17.73 9.02 12.61
N ARG B 54 26.68 -14.45 8.88
N ARG B 54 -10.24 -14.67 -18.73
N ARG B 54 3.80 -20.01 1.00
N ARG B 54 -16.54 9.25 12.07
CA ARG B 54 25.94 -13.69 9.91
CA ARG B 54 -9.12 -14.17 -17.91
CA ARG B 54 4.79 -19.10 1.61
CA ARG B 54 -15.72 8.19 11.47
C ARG B 54 24.51 -13.51 9.42
C ARG B 54 -9.45 -14.40 -16.45
C ARG B 54 4.04 -18.04 2.41
C ARG B 54 -14.92 7.51 12.58
N THR B 55 23.62 -13.14 10.31
N THR B 55 -8.46 -14.29 -15.61
N THR B 55 4.76 -17.33 3.26
N THR B 55 -14.37 6.37 12.29
CA THR B 55 22.21 -12.85 10.00
CA THR B 55 -8.61 -14.42 -14.13
CA THR B 55 4.20 -16.22 4.07
CA THR B 55 -13.50 5.61 13.22
C THR B 55 22.05 -11.31 10.02
C THR B 55 -8.54 -12.99 -13.55
C THR B 55 4.69 -14.91 3.41
C THR B 55 -12.05 5.80 12.74
N LEU B 56 20.95 -10.84 9.46
N LEU B 56 -8.97 -12.86 -12.31
N LEU B 56 4.07 -13.81 3.80
N LEU B 56 -11.11 5.47 13.61
CA LEU B 56 20.62 -9.40 9.45
CA LEU B 56 -8.92 -11.58 -11.59
CA LEU B 56 4.46 -12.48 3.32
CA LEU B 56 -9.68 5.53 13.28
C LEU B 56 20.50 -8.93 10.89
C LEU B 56 -7.45 -11.16 -11.48
C LEU B 56 5.89 -12.21 3.76
C LEU B 56 -9.40 4.58 12.12
N SER B 57 19.96 -9.79 11.78
N SER B 57 -6.53 -12.13 -11.31
N SER B 57 6.26 -12.68 4.97
N SER B 57 -10.10 3.42 12.09
CA SER B 57 19.82 -9.32 13.18
CA SER B 57 -5.12 -11.72 -11.19
CA SER B 57 7.66 -12.42 5.40
CA SER B 57 -9.83 2.50 10.96
C SER B 57 21.16 -9.05 13.83
C SER B 57 -4.61 -11.07 -12.47
C SER B 57 8.68 -13.08 4.50
C SER B 57 -10.20 3.10 9.63
N ASP B 58 22.18 -9.76 13.40
N ASP B 58 -5.16 -11.45 -13.60
N ASP B 58 8.32 -14.20 3.91
N ASP B 58 -11.19 3.98 9.61
CA ASP B 58 23.55 -9.58 13.97
CA ASP B 58 -4.73 -10.88 -14.91
CA ASP B 58 9.24 -14.93 3.00
CA ASP B 58 -11.64 4.62 8.35
C ASP B 58 23.99 -8.12 13.84
C ASP B 58 -4.87 -9.35 -14.89
C ASP B 58 9.73 -14.02 1.88
C ASP B 58 -10.47 5.32 7.66
N TYR B 59 23.64 -7.53 12.72
N TYR B 59 -5.92 -8.90 -14.27
N TYR B 59 8.84 -13.21 1.39
N TYR B 59 -9.64 5.94 8.45
CA TYR B 59 23.95 -6.13 12.40
CA TYR B 59 -6.25 -7.48 -14.13
CA TYR B 59 9.10 -12.24 0.32
CA TYR B 59 -8.44 6.65 8.01
C TYR B 59 22.86 -5.18 12.82
C TYR B 59 -5.69 -6.87 -12.87
C TYR B 59 9.52 -10.88 0.86
C TYR B 59 -7.21 5.77 7.98
N ASN B 60 21.80 -5.59 13.50
N ASN B 60 -4.91 -7.57 -12.05
N ASN B 60 9.73 -10.68 2.14
N ASN B 60 -7.27 4.49 8.23
CA ASN B 60 20.76 -4.62 13.89
CA ASN B 60 -4.38 -6.93 -10.83
CA ASN B 60 10.14 -9.33 2.60
CA ASN B 60 -6.04 3.67 8.18
C ASN B 60 20.19 -3.91 12.67
C ASN B 60 -5.52 -6.42 -9.94
C ASN B 60 9.13 -8.26 2.19
C ASN B 60 -4.99 4.20 9.14
N ILE B 61 19.88 -4.66 11.64
N ILE B 61 -6.53 -7.24 -9.75
N ILE B 61 7.86 -8.55 2.38
N ILE B 61 -5.40 4.52 10.36
CA ILE B 61 19.22 -4.07 10.43
CA ILE B 61 -7.65 -6.89 -8.83
CA ILE B 61 6.79 -7.54 2.10
CA ILE B 61 -4.43 4.96 11.41
C ILE B 61 17.72 -4.16 10.69
C ILE B 61 -7.24 -7.39 -7.44
C ILE B 61 6.61 -6.75 3.39
C ILE B 61 -3.95 3.69 12.11
N GLN B 62 17.04 -3.05 10.77
N GLN B 62 -7.06 -6.52 -6.49
N GLN B 62 6.89 -5.47 3.38
N GLN B 62 -2.69 3.37 12.02
CA GLN B 62 15.58 -3.00 11.09
CA GLN B 62 -6.58 -6.88 -5.12
CA GLN B 62 6.82 -4.61 4.60
CA GLN B 62 -2.12 2.11 12.60
C GLN B 62 14.79 -2.72 9.81
C GLN B 62 -7.77 -6.86 -4.15
C GLN B 62 5.55 -3.75 4.55
C GLN B 62 -1.38 2.45 13.90
N LYS B 63 13.47 -2.85 9.86
N LYS B 63 -7.58 -7.37 -2.94
N LYS B 63 5.21 -3.08 5.64
N LYS B 63 -0.98 1.43 14.67
CA LYS B 63 12.62 -2.68 8.70
CA LYS B 63 -8.65 -7.46 -1.96
CA LYS B 63 4.00 -2.29 5.73
CA LYS B 63 -0.33 1.62 15.94
C LYS B 63 12.89 -1.32 8.07
C LYS B 63 -9.27 -6.08 -1.76
C LYS B 63 3.96 -1.29 4.58
C LYS B 63 0.90 2.51 15.75
N GLU B 64 12.84 -1.34 6.73
N GLU B 64 -10.59 -6.13 -1.57
N GLU B 64 2.73 -1.11 4.09
N GLU B 64 1.09 3.35 16.78
CA GLU B 64 13.04 -0.22 5.87
CA GLU B 64 -11.45 -4.99 -1.34
CA GLU B 64 2.37 -0.22 3.02
CA GLU B 64 2.16 4.30 16.89
C GLU B 64 14.41 0.39 5.81
C GLU B 64 -11.63 -4.02 -2.47
C GLU B 64 2.89 -0.54 1.65
C GLU B 64 2.19 5.45 15.92
N SER B 65 15.38 -0.39 6.25
N SER B 65 -11.32 -4.49 -3.66
N SER B 65 3.27 -1.80 1.47
N SER B 65 1.04 5.70 15.33
CA SER B 65 16.80 -0.04 6.18
CA SER B 65 -11.52 -3.74 -4.90
CA SER B 65 3.69 -2.35 0.19
CA SER B 65 0.81 6.85 14.44
C SER B 65 17.22 -0.11 4.69
C SER B 65 -13.05 -3.69 -5.16
C SER B 65 2.44 -2.46 -0.70
C SER B 65 0.80 8.12 15.32
N THR B 66 18.30 0.56 4.36
N THR B 66 -13.48 -2.75 -5.96
N THR B 66 2.63 -2.54 -1.99
N THR B 66 1.03 9.26 14.72
CA THR B 66 18.86 0.51 3.00
CA THR B 66 -14.90 -2.65 -6.36
CA THR B 66 1.53 -2.73 -2.95
CA THR B 66 0.96 10.55 15.41
C THR B 66 20.28 -0.06 3.08
C THR B 66 -14.98 -2.78 -7.88
C THR B 66 1.78 -4.03 -3.71
C THR B 66 -0.12 11.40 14.75
N LEU B 67 20.57 -1.10 2.29
N LEU B 67 -15.82 -3.70 -8.39
N LEU B 67 0.78 -4.94 -3.73
N LEU B 67 -1.07 11.92 15.54
CA LEU B 67 21.94 -1.62 2.24
CA LEU B 67 -16.02 -3.81 -9.83
CA LEU B 67 0.91 -6.15 -4.53
CA LEU B 67 -2.07 12.84 14.99
C LEU B 67 22.54 -1.11 0.91
C LEU B 67 -17.39 -3.16 -10.11
C LEU B 67 0.04 -5.93 -5.79
C LEU B 67 -1.63 14.25 15.44
N HIS B 68 23.82 -0.98 0.83
N HIS B 68 -17.61 -2.66 -11.27
N HIS B 68 0.34 -6.57 -6.86
N HIS B 68 -2.01 15.25 14.71
CA HIS B 68 24.43 -0.53 -0.44
CA HIS B 68 -18.92 -2.06 -11.59
CA HIS B 68 -0.50 -6.41 -8.06
CA HIS B 68 -1.66 16.62 15.14
C HIS B 68 25.06 -1.77 -1.06
C HIS B 68 -19.64 -3.07 -12.48
C HIS B 68 -1.33 -7.70 -8.17
C HIS B 68 -2.94 17.24 15.69
N LEU B 69 24.86 -1.96 -2.36
N LEU B 69 -20.91 -3.31 -12.21
N LEU B 69 -2.61 -7.56 -8.45
N LEU B 69 -2.83 17.92 16.83
CA LEU B 69 25.47 -3.06 -3.08
CA LEU B 69 -21.73 -4.20 -13.03
CA LEU B 69 -3.48 -8.70 -8.66
CA LEU B 69 -3.97 18.62 17.41
C LEU B 69 26.58 -2.59 -3.97
C LEU B 69 -22.72 -3.43 -13.85
C LEU B 69 -3.85 -8.87 -10.10
C LEU B 69 -3.85 20.10 17.26
N VAL B 70 27.80 -2.98 -3.74
N VAL B 70 -22.63 -3.46 -15.14
N VAL B 70 -3.45 -9.93 -10.74
N VAL B 70 -4.70 20.74 16.55
CA VAL B 70 28.92 -2.61 -4.66
CA VAL B 70 -23.64 -2.80 -16.00
CA VAL B 70 -3.88 -10.19 -12.15
CA VAL B 70 -4.68 22.23 16.44
C VAL B 70 29.25 -3.95 -5.36
C VAL B 70 -24.41 -3.97 -16.63
C VAL B 70 -4.87 -11.35 -12.02
C VAL B 70 -5.91 22.66 17.26
N LEU B 71 29.52 -3.90 -6.64
N LEU B 71 -25.71 -3.86 -16.73
N LEU B 71 -5.95 -11.31 -12.77
N LEU B 71 -5.79 23.72 18.02
CA LEU B 71 29.89 -5.12 -7.40
CA LEU B 71 -26.53 -4.93 -17.35
CA LEU B 71 -6.96 -12.40 -12.74
CA LEU B 71 -6.93 24.22 18.82
C LEU B 71 31.38 -5.25 -7.48
C LEU B 71 -26.77 -4.62 -18.81
C LEU B 71 -6.68 -13.38 -13.85
C LEU B 71 -7.62 25.34 18.07
N MET A 1 6.38 18.40 -20.67
CA MET A 1 5.74 19.56 -20.05
C MET A 1 6.28 19.67 -18.60
N GLN A 2 6.34 20.88 -18.14
CA GLN A 2 6.81 21.11 -16.74
C GLN A 2 5.61 21.10 -15.81
N ILE A 3 5.80 20.45 -14.66
CA ILE A 3 4.77 20.47 -13.61
C ILE A 3 5.53 20.83 -12.30
N PHE A 4 4.75 21.23 -11.33
CA PHE A 4 5.40 21.59 -10.01
C PHE A 4 4.91 20.64 -8.96
N VAL A 5 5.74 20.16 -8.03
CA VAL A 5 5.27 19.32 -6.95
C VAL A 5 5.58 20.10 -5.65
N LYS A 6 4.57 20.50 -4.95
CA LYS A 6 4.78 21.30 -3.70
C LYS A 6 4.77 20.35 -2.53
N THR A 7 5.82 20.41 -1.68
CA THR A 7 5.88 19.52 -0.51
C THR A 7 5.42 20.27 0.74
N LEU A 8 5.24 19.58 1.84
CA LEU A 8 4.74 20.24 3.07
C LEU A 8 5.81 21.08 3.74
N THR A 9 7.06 21.03 3.24
CA THR A 9 8.08 21.90 3.94
C THR A 9 8.35 23.16 3.18
N GLY A 10 7.52 23.50 2.24
CA GLY A 10 7.67 24.69 1.43
C GLY A 10 8.68 24.63 0.33
N LYS A 11 9.10 23.43 0.00
CA LYS A 11 10.01 23.21 -1.12
C LYS A 11 9.11 22.84 -2.31
N THR A 12 9.42 23.38 -3.48
CA THR A 12 8.62 22.98 -4.66
C THR A 12 9.61 22.35 -5.64
N ILE A 13 9.25 21.19 -6.17
CA ILE A 13 10.23 20.60 -7.13
C ILE A 13 9.65 20.67 -8.52
N THR A 14 10.47 20.94 -9.51
CA THR A 14 9.89 20.97 -10.89
C THR A 14 10.25 19.66 -11.57
N LEU A 15 9.33 19.09 -12.33
CA LEU A 15 9.58 17.83 -13.01
C LEU A 15 9.25 18.02 -14.49
N GLU A 16 9.89 17.22 -15.31
CA GLU A 16 9.51 17.26 -16.76
C GLU A 16 8.85 15.92 -17.00
N VAL A 17 7.60 16.03 -17.42
CA VAL A 17 6.77 14.86 -17.67
C VAL A 17 5.93 15.04 -18.95
N GLU A 18 5.32 13.93 -19.31
CA GLU A 18 4.37 13.84 -20.41
C GLU A 18 3.06 13.38 -19.82
N PRO A 19 1.95 13.87 -20.34
CA PRO A 19 0.61 13.47 -19.90
C PRO A 19 0.43 11.98 -19.97
N SER A 20 1.19 11.31 -20.81
CA SER A 20 1.03 9.85 -20.98
C SER A 20 1.72 9.11 -19.87
N ASP A 21 2.49 9.83 -19.05
CA ASP A 21 3.19 9.10 -17.96
C ASP A 21 2.21 8.63 -16.92
N THR A 22 2.51 7.52 -16.30
CA THR A 22 1.71 6.99 -15.21
C THR A 22 2.16 7.68 -13.91
N ILE A 23 1.25 7.61 -12.94
CA ILE A 23 1.52 8.13 -11.60
C ILE A 23 2.72 7.40 -10.98
N GLU A 24 2.80 6.12 -11.24
CA GLU A 24 3.98 5.32 -10.73
C GLU A 24 5.27 5.90 -11.23
N CYS A 25 5.30 6.34 -12.52
CA CYS A 25 6.50 6.91 -13.13
C CYS A 25 6.85 8.24 -12.50
N VAL A 26 5.82 9.05 -12.28
CA VAL A 26 6.04 10.34 -11.65
C VAL A 26 6.71 10.15 -10.29
N LYS A 27 6.18 9.20 -9.52
CA LYS A 27 6.74 8.92 -8.19
C LYS A 27 8.19 8.48 -8.29
N ALA A 28 8.54 7.70 -9.30
CA ALA A 28 9.92 7.29 -9.53
C ALA A 28 10.80 8.47 -9.89
N LYS A 29 10.31 9.43 -10.66
CA LYS A 29 11.09 10.64 -10.97
C LYS A 29 11.35 11.47 -9.69
N ILE A 30 10.35 11.49 -8.81
CA ILE A 30 10.50 12.25 -7.55
C ILE A 30 11.53 11.50 -6.70
N GLN A 31 11.49 10.19 -6.69
CA GLN A 31 12.50 9.45 -5.86
C GLN A 31 13.90 9.76 -6.40
N ASP A 32 14.01 9.63 -7.70
CA ASP A 32 15.30 9.91 -8.37
C ASP A 32 15.83 11.29 -8.03
N LYS A 33 14.94 12.30 -7.98
CA LYS A 33 15.50 13.66 -7.74
C LYS A 33 15.53 14.13 -6.33
N GLU A 34 14.74 13.67 -5.41
CA GLU A 34 14.73 14.09 -4.02
C GLU A 34 14.92 12.96 -3.04
N GLY A 35 14.94 11.73 -3.52
CA GLY A 35 15.18 10.58 -2.69
C GLY A 35 14.07 10.02 -1.89
N ILE A 36 12.84 10.55 -2.06
CA ILE A 36 11.72 10.01 -1.29
C ILE A 36 11.20 8.72 -1.91
N PRO A 37 11.15 7.65 -1.13
CA PRO A 37 10.64 6.34 -1.58
C PRO A 37 9.21 6.46 -2.09
N PRO A 38 8.88 5.84 -3.19
CA PRO A 38 7.51 5.95 -3.73
C PRO A 38 6.45 5.52 -2.76
N ASP A 39 6.74 4.57 -1.90
CA ASP A 39 5.72 4.05 -0.95
C ASP A 39 5.34 5.08 0.11
N GLN A 40 6.16 6.11 0.23
CA GLN A 40 5.83 7.18 1.22
C GLN A 40 5.08 8.36 0.58
N GLN A 41 5.02 8.40 -0.74
CA GLN A 41 4.40 9.48 -1.46
C GLN A 41 2.90 9.36 -1.66
N ARG A 42 2.21 10.46 -1.32
CA ARG A 42 0.75 10.57 -1.60
C ARG A 42 0.62 11.80 -2.48
N LEU A 43 0.18 11.67 -3.73
CA LEU A 43 0.09 12.84 -4.63
C LEU A 43 -1.35 13.30 -4.76
N ILE A 44 -1.57 14.59 -4.57
CA ILE A 44 -2.91 15.19 -4.61
C ILE A 44 -3.02 16.28 -5.66
N PHE A 45 -4.11 16.19 -6.46
CA PHE A 45 -4.39 17.20 -7.50
C PHE A 45 -5.92 17.33 -7.53
N ALA A 46 -6.32 18.58 -7.46
CA ALA A 46 -7.74 18.98 -7.52
C ALA A 46 -8.59 18.14 -6.58
N GLY A 47 -8.08 17.99 -5.40
CA GLY A 47 -8.62 17.24 -4.29
C GLY A 47 -8.80 15.76 -4.47
N CYS A 48 -8.13 15.15 -5.41
CA CYS A 48 -8.12 13.71 -5.63
C CYS A 48 -6.78 13.12 -5.25
N GLN A 49 -6.74 11.97 -4.70
CA GLN A 49 -5.43 11.30 -4.47
C GLN A 49 -5.16 10.55 -5.77
N LEU A 50 -3.98 10.72 -6.33
CA LEU A 50 -3.65 10.11 -7.64
C LEU A 50 -3.29 8.65 -7.46
N GLU A 51 -3.77 7.80 -8.37
CA GLU A 51 -3.53 6.34 -8.25
C GLU A 51 -2.42 5.92 -9.18
N ASP A 52 -1.53 5.06 -8.79
CA ASP A 52 -0.35 4.62 -9.54
C ASP A 52 -0.48 4.20 -10.99
N GLY A 53 -1.50 3.45 -11.32
CA GLY A 53 -1.74 2.91 -12.67
C GLY A 53 -2.40 3.82 -13.65
N ARG A 54 -2.89 4.98 -13.21
CA ARG A 54 -3.49 5.96 -14.13
C ARG A 54 -2.37 6.83 -14.68
N THR A 55 -2.66 7.57 -15.72
CA THR A 55 -1.72 8.53 -16.36
C THR A 55 -2.16 9.94 -15.93
N LEU A 56 -1.27 10.90 -16.12
CA LEU A 56 -1.55 12.31 -15.83
C LEU A 56 -2.72 12.75 -16.70
N SER A 57 -2.80 12.25 -17.95
CA SER A 57 -3.93 12.69 -18.80
C SER A 57 -5.26 12.26 -18.24
N ASP A 58 -5.29 11.15 -17.53
CA ASP A 58 -6.56 10.64 -16.93
C ASP A 58 -7.20 11.71 -16.05
N TYR A 59 -6.37 12.41 -15.33
CA TYR A 59 -6.76 13.49 -14.42
C TYR A 59 -6.79 14.84 -15.09
N ASN A 60 -6.55 14.98 -16.38
CA ASN A 60 -6.58 16.32 -16.99
C ASN A 60 -5.58 17.25 -16.32
N ILE A 61 -4.36 16.77 -16.10
CA ILE A 61 -3.28 17.62 -15.54
C ILE A 61 -2.59 18.28 -16.73
N GLN A 62 -2.64 19.57 -16.85
CA GLN A 62 -2.07 20.32 -18.00
C GLN A 62 -0.74 20.97 -17.58
N LYS A 63 0.04 21.51 -18.58
CA LYS A 63 1.33 22.10 -18.24
C LYS A 63 1.17 23.16 -17.17
N GLU A 64 2.22 23.18 -16.36
CA GLU A 64 2.37 24.09 -15.26
C GLU A 64 1.44 23.96 -14.10
N SER A 65 0.81 22.79 -14.03
CA SER A 65 -0.07 22.42 -12.91
C SER A 65 0.84 22.18 -11.68
N THR A 66 0.25 22.25 -10.50
CA THR A 66 0.96 21.97 -9.25
C THR A 66 0.29 20.77 -8.56
N LEU A 67 1.06 19.74 -8.22
CA LEU A 67 0.49 18.62 -7.46
C LEU A 67 0.98 18.81 -6.00
N HIS A 68 0.26 18.31 -5.06
CA HIS A 68 0.72 18.43 -3.66
C HIS A 68 1.24 17.05 -3.26
N LEU A 69 2.38 17.02 -2.60
CA LEU A 69 2.96 15.77 -2.10
C LEU A 69 2.83 15.67 -0.60
N VAL A 70 2.10 14.73 -0.09
CA VAL A 70 2.03 14.52 1.38
C VAL A 70 2.81 13.21 1.60
N LEU A 71 3.60 13.15 2.65
CA LEU A 71 4.36 11.93 2.95
C LEU A 71 3.61 11.09 3.95
N ARG A 72 3.54 9.81 3.73
N ARG A 72 3.63 9.78 3.73
N ARG A 72 3.56 9.80 3.74
N ARG A 72 3.57 9.79 3.78
CA ARG A 72 2.82 8.91 4.66
CA ARG A 72 2.99 8.78 4.63
CA ARG A 72 2.85 8.89 4.67
CA ARG A 72 2.90 8.90 4.75
C ARG A 72 3.67 7.65 4.76
C ARG A 72 1.55 8.68 4.16
C ARG A 72 3.92 8.34 5.60
C ARG A 72 2.87 7.52 4.10
N LEU A 73 3.28 6.63 5.46
N LEU A 73 0.62 8.26 4.95
N LEU A 73 5.13 8.15 5.18
N LEU A 73 2.34 6.51 4.72
CA LEU A 73 4.13 5.42 5.55
CA LEU A 73 -0.78 8.15 4.47
CA LEU A 73 6.16 7.60 6.09
CA LEU A 73 2.33 5.18 4.07
C LEU A 73 3.25 4.20 5.77
C LEU A 73 -0.83 7.23 3.26
C LEU A 73 5.55 6.52 6.96
C LEU A 73 3.73 4.57 4.10
N ARG A 74 2.06 4.47 6.26
N ARG A 74 -1.46 6.08 3.50
N ARG A 74 6.02 6.51 8.21
N ARG A 74 3.96 3.78 5.14
CA ARG A 74 1.07 3.43 6.57
CA ARG A 74 -1.61 5.04 2.47
CA ARG A 74 5.57 5.52 9.21
CA ARG A 74 5.25 3.12 5.36
C ARG A 74 1.79 2.23 7.16
C ARG A 74 -2.88 4.26 2.73
C ARG A 74 5.89 4.11 8.70
C ARG A 74 5.01 1.83 6.14
N GLY A 75 2.43 2.47 8.29
N GLY A 75 -3.24 3.43 1.76
N GLY A 75 7.17 3.82 8.66
N GLY A 75 6.12 1.21 6.53
CA GLY A 75 3.19 1.45 9.01
CA GLY A 75 -4.43 2.60 1.81
CA GLY A 75 7.69 2.54 8.21
CA GLY A 75 6.12 -0.04 7.28
C GLY A 75 4.33 0.82 8.23
C GLY A 75 -4.25 1.25 2.50
C GLY A 75 7.63 1.42 9.22
C GLY A 75 4.83 -0.34 8.04
N GLY A 76 4.34 -0.50 8.27
N GLY A 76 -5.26 0.42 2.30
N GLY A 76 8.06 0.26 8.76
N GLY A 76 4.52 -1.61 8.09
CA GLY A 76 5.31 -1.35 7.59
CA GLY A 76 -5.33 -0.94 2.83
CA GLY A 76 8.11 -0.99 9.55
CA GLY A 76 3.34 -2.16 8.77
C GLY A 76 6.16 -2.06 8.65
C GLY A 76 -4.87 -1.92 1.74
C GLY A 76 7.07 -1.96 8.98
C GLY A 76 3.08 -1.34 10.03
N MET B 1 11.15 -8.52 7.14
N MET B 1 -9.55 -12.71 -0.48
N MET B 1 -2.26 -6.59 9.32
N MET B 1 -1.09 -1.42 18.42
CA MET B 1 11.13 -7.05 7.19
CA MET B 1 -9.51 -11.24 -0.34
CA MET B 1 -1.56 -5.52 8.57
CA MET B 1 -0.04 -0.51 17.93
C MET B 1 11.57 -6.54 5.80
C MET B 1 -10.96 -10.73 -0.51
C MET B 1 -2.42 -5.21 7.33
C MET B 1 -0.03 0.72 18.87
N GLN B 2 11.06 -5.40 5.45
N GLN B 2 -11.20 -9.63 0.16
N GLN B 2 -2.33 -3.98 6.92
N GLN B 2 1.13 1.27 19.01
CA GLN B 2 11.44 -4.79 4.14
CA GLN B 2 -12.57 -9.02 0.05
CA GLN B 2 -3.09 -3.56 5.70
CA GLN B 2 1.26 2.49 19.86
C GLN B 2 12.64 -3.88 4.36
C GLN B 2 -12.56 -8.00 -1.09
C GLN B 2 -2.20 -3.76 4.47
C GLN B 2 1.07 3.73 19.00
N ILE B 3 13.58 -3.96 3.42
N ILE B 3 -13.64 -8.03 -1.86
N ILE B 3 -2.82 -4.28 3.41
N ILE B 3 0.33 4.68 19.53
CA ILE B 3 14.73 -3.04 3.41
CA ILE B 3 -13.84 -7.01 -2.92
CA ILE B 3 -2.11 -4.39 2.12
CA ILE B 3 0.17 5.99 18.87
C ILE B 3 14.83 -2.49 1.96
C ILE B 3 -15.29 -6.48 -2.72
C ILE B 3 -3.10 -3.79 1.06
C ILE B 3 0.45 7.07 19.97
N PHE B 4 15.55 -1.40 1.86
N PHE B 4 -15.51 -5.34 -3.33
N PHE B 4 -2.52 -3.48 -0.07
N PHE B 4 0.71 8.25 19.48
CA PHE B 4 15.71 -0.79 0.49
CA PHE B 4 -16.90 -4.75 -3.20
CA PHE B 4 -3.39 -2.91 -1.17
CA PHE B 4 0.99 9.36 20.48
C PHE B 4 17.16 -0.87 0.09
C PHE B 4 -17.53 -4.71 -4.56
C PHE B 4 -3.40 -3.87 -2.32
C PHE B 4 -0.09 10.40 20.35
N VAL B 5 17.51 -1.18 -1.16
N VAL B 5 -18.82 -5.00 -4.72
N VAL B 5 -4.53 -4.10 -3.00
N VAL B 5 -0.59 10.99 21.44
CA VAL B 5 18.90 -1.17 -1.59
CA VAL B 5 -19.48 -4.89 -6.01
CA VAL B 5 -4.55 -4.94 -4.18
CA VAL B 5 -1.57 12.05 21.35
C VAL B 5 18.98 -0.09 -2.70
C VAL B 5 -20.59 -3.83 -5.82
C VAL B 5 -5.01 -4.02 -5.34
C VAL B 5 -0.90 13.29 22.00
N LYS B 6 19.69 0.95 -2.45
N LYS B 6 -20.47 -2.72 -6.47
N LYS B 6 -4.15 -3.79 -6.27
N LYS B 6 -0.65 14.29 21.22
CA LYS B 6 19.78 2.07 -3.47
CA LYS B 6 -21.48 -1.63 -6.30
CA LYS B 6 -4.50 -2.88 -7.42
CA LYS B 6 0.04 15.51 21.75
C LYS B 6 21.02 1.84 -4.28
C LYS B 6 -22.50 -1.75 -7.40
C LYS B 6 -5.00 -3.73 -8.56
C LYS B 6 -1.01 16.52 22.14
N THR B 7 20.89 1.82 -5.63
N THR B 7 -23.80 -1.80 -7.03
N THR B 7 -6.20 -3.39 -9.10
N THR B 7 -0.96 17.03 23.38
CA THR B 7 22.07 1.62 -6.49
CA THR B 7 -24.86 -1.93 -8.05
CA THR B 7 -6.74 -4.17 -10.21
CA THR B 7 -1.95 18.01 23.82
C THR B 7 22.56 2.96 -7.02
C THR B 7 -25.46 -0.55 -8.34
C THR B 7 -6.47 -3.44 -11.53
C THR B 7 -1.36 19.42 23.72
N LEU B 8 23.70 2.99 -7.66
N LEU B 8 -26.28 -0.44 -9.36
N LEU B 8 -6.72 -4.07 -12.65
N LEU B 8 -2.16 20.45 23.89
CA LEU B 8 24.27 4.27 -8.16
CA LEU B 8 -26.87 0.86 -9.72
CA LEU B 8 -6.45 -3.45 -13.97
CA LEU B 8 -1.67 21.84 23.76
C LEU B 8 23.52 4.80 -9.37
C LEU B 8 -27.94 1.32 -8.75
C LEU B 8 -7.43 -2.36 -14.31
C LEU B 8 -0.80 22.26 24.93
N THR B 9 22.59 4.01 -9.93
N THR B 9 -28.33 0.45 -7.80
N THR B 9 -8.49 -2.19 -13.50
N THR B 9 -0.72 21.42 25.98
CA THR B 9 21.89 4.58 -11.13
CA THR B 9 -29.39 0.94 -6.86
CA THR B 9 -9.45 -1.08 -13.88
CA THR B 9 0.14 21.89 27.12
C THR B 9 20.53 5.11 -10.79
C THR B 9 -28.82 1.37 -5.54
C THR B 9 -9.24 0.15 -13.06
C THR B 9 1.49 21.22 27.12
N GLY B 10 20.25 5.31 -9.53
N GLY B 10 -27.54 1.56 -5.46
N GLY B 10 -8.14 0.25 -12.37
N GLY B 10 1.86 20.61 26.03
CA GLY B 10 18.99 5.82 -9.06
CA GLY B 10 -26.86 1.98 -4.26
CA GLY B 10 -7.80 1.39 -11.55
CA GLY B 10 3.13 19.94 25.88
C GLY B 10 17.84 4.85 -9.03
C GLY B 10 -26.64 0.93 -3.22
C GLY B 10 -8.50 1.46 -10.21
C GLY B 10 3.25 18.59 26.54
N LYS B 11 18.15 3.59 -9.11
N LYS B 11 -26.77 -0.32 -3.62
N LYS B 11 -9.06 0.35 -9.79
N LYS B 11 2.12 18.02 26.88
CA LYS B 11 17.17 2.53 -8.98
CA LYS B 11 -26.48 -1.45 -2.75
CA LYS B 11 -9.68 0.24 -8.48
CA LYS B 11 2.07 16.67 27.42
C LYS B 11 17.22 2.08 -7.52
C LYS B 11 -25.03 -1.88 -3.09
C LYS B 11 -8.59 -0.40 -7.57
C LYS B 11 1.76 15.76 26.23
N THR B 12 16.06 1.85 -6.92
N THR B 12 -24.25 -2.18 -2.07
N THR B 12 -8.47 0.12 -6.36
N THR B 12 2.43 14.61 26.16
CA THR B 12 16.08 1.35 -5.54
CA THR B 12 -22.89 -2.67 -2.37
CA THR B 12 -7.51 -0.52 -5.44
CA THR B 12 2.09 13.68 25.07
C THR B 12 15.37 -0.01 -5.57
C THR B 12 -22.81 -4.08 -1.77
C THR B 12 -8.32 -1.00 -4.24
C THR B 12 1.63 12.39 25.75
N ILE B 13 15.99 -1.01 -4.96
N ILE B 13 -22.32 -5.02 -2.57
N ILE B 13 -8.10 -2.25 -3.85
N ILE B 13 0.49 11.86 25.30
CA ILE B 13 15.27 -2.32 -5.00
CA ILE B 13 -22.23 -6.38 -1.96
CA ILE B 13 -8.89 -2.69 -2.67
CA ILE B 13 0.07 10.60 25.97
C ILE B 13 14.77 -2.64 -3.63
C ILE B 13 -20.78 -6.72 -1.72
C ILE B 13 -7.98 -2.83 -1.48
C ILE B 13 0.23 9.45 25.02
N THR B 14 13.59 -3.22 -3.52
N THR B 14 -20.48 -7.38 -0.64
N THR B 14 -8.44 -2.48 -0.30
N THR B 14 0.66 8.30 25.50
CA THR B 14 13.12 -3.57 -2.15
CA THR B 14 -19.04 -7.76 -0.44
CA THR B 14 -7.53 -2.66 0.87
CA THR B 14 0.78 7.16 24.53
C THR B 14 13.33 -5.05 -1.95
C THR B 14 -18.88 -9.22 -0.80
C THR B 14 -7.96 -3.90 1.61
C THR B 14 -0.42 6.27 24.72
N LEU B 15 13.78 -5.47 -0.77
N LEU B 15 -17.80 -9.57 -1.47
N LEU B 15 -7.04 -4.71 2.08
N LEU B 15 -1.00 5.75 23.66
CA LEU B 15 14.03 -6.86 -0.49
CA LEU B 15 -17.56 -10.94 -1.87
CA LEU B 15 -7.36 -5.93 2.79
CA LEU B 15 -2.16 4.88 23.74
C LEU B 15 13.25 -7.25 0.78
C LEU B 15 -16.18 -11.37 -1.36
C LEU B 15 -6.63 -5.92 4.14
C LEU B 15 -1.84 3.58 22.99
N GLU B 16 12.93 -8.52 0.88
N GLU B 16 -16.02 -12.65 -1.16
N GLU B 16 -7.19 -6.63 5.09
N GLU B 16 -2.52 2.53 23.39
CA GLU B 16 12.30 -8.96 2.17
CA GLU B 16 -14.65 -13.14 -0.80
CA GLU B 16 -6.45 -6.77 6.38
CA GLU B 16 -2.36 1.27 22.59
C GLU B 16 13.36 -9.85 2.79
C GLU B 16 -14.22 -13.93 -2.01
C GLU B 16 -6.07 -8.23 6.41
C GLU B 16 -3.72 1.08 21.95
N VAL B 17 13.74 -9.44 3.99
N VAL B 17 -13.11 -13.46 -2.57
N VAL B 17 -4.75 -8.40 6.49
N VAL B 17 -3.66 1.05 20.63
CA VAL B 17 14.78 -10.12 4.75
CA VAL B 17 -12.53 -14.05 -3.77
CA VAL B 17 -4.15 -9.73 6.50
CA VAL B 17 -4.86 0.92 19.80
C VAL B 17 14.42 -10.20 6.23
C VAL B 17 -11.01 -14.13 -3.67
C VAL B 17 -3.00 -9.83 7.50
C VAL B 17 -4.62 -0.03 18.62
N GLU B 18 15.24 -10.98 6.90
N GLU B 18 -10.49 -14.84 -4.66
N GLU B 18 -2.58 -11.05 7.67
N GLU B 18 -5.74 -0.32 17.99
CA GLU B 18 15.19 -11.15 8.36
CA GLU B 18 -9.05 -15.00 -4.87
CA GLU B 18 -1.41 -11.41 8.48
CA GLU B 18 -5.78 -1.11 16.76
C GLU B 18 16.54 -10.70 8.88
C GLU B 18 -8.76 -14.42 -6.25
C GLU B 18 -0.42 -12.10 7.55
C GLU B 18 -6.39 -0.22 15.69
N PRO B 19 16.55 -10.08 10.04
N PRO B 19 -7.61 -13.80 -6.41
N PRO B 19 0.85 -11.88 7.78
N PRO B 19 -5.94 -0.35 14.46
CA PRO B 19 17.79 -9.63 10.69
CA PRO B 19 -7.18 -13.24 -7.70
CA PRO B 19 1.91 -12.51 6.98
CA PRO B 19 -6.47 0.41 13.33
C PRO B 19 18.78 -10.77 10.86
C PRO B 19 -7.19 -14.29 -8.78
C PRO B 19 1.78 -14.01 6.97
C PRO B 19 -7.96 0.24 13.20
N SER B 20 18.29 -11.99 10.90
N SER B 20 -7.07 -15.54 -8.41
N SER B 20 1.14 -14.57 7.99
N SER B 20 -8.48 -0.87 13.70
CA SER B 20 19.18 -13.15 11.11
CA SER B 20 -7.02 -16.62 -9.41
CA SER B 20 1.03 -16.04 8.08
CA SER B 20 -9.93 -1.14 13.56
C SER B 20 19.88 -13.53 9.83
C SER B 20 -8.40 -16.97 -9.92
C SER B 20 -0.08 -16.55 7.19
C SER B 20 -10.73 -0.37 14.58
N ASP B 21 19.47 -12.91 8.71
N ASP B 21 -9.42 -16.40 -9.28
N ASP B 21 -0.86 -15.63 6.61
N ASP B 21 -10.03 0.28 15.52
CA ASP B 21 20.14 -13.30 7.44
CA ASP B 21 -10.79 -16.75 -9.75
CA ASP B 21 -1.97 -16.11 5.74
CA ASP B 21 -10.81 1.02 16.55
C ASP B 21 21.56 -12.78 7.42
C ASP B 21 -11.06 -16.12 -11.09
C ASP B 21 -1.40 -16.70 4.46
C ASP B 21 -11.44 2.25 15.93
N THR B 22 22.42 -13.51 6.75
N THR B 22 -11.85 -16.79 -11.90
N THR B 22 -2.09 -17.68 3.94
N THR B 22 -12.59 2.62 16.45
CA THR B 22 23.79 -13.11 6.57
CA THR B 22 -12.27 -16.27 -13.18
CA THR B 22 -1.73 -18.28 2.67
CA THR B 22 -13.28 3.82 16.02
C THR B 22 23.86 -12.16 5.35
C THR B 22 -13.48 -15.34 -12.95
C THR B 22 -2.33 -17.42 1.54
C THR B 22 -12.68 5.02 16.81
N ILE B 23 24.96 -11.40 5.32
N ILE B 23 -13.69 -14.50 -13.96
N ILE B 23 -1.74 -17.62 0.36
N ILE B 23 -12.91 6.19 16.23
CA ILE B 23 25.24 -10.51 4.21
CA ILE B 23 -14.84 -13.60 -13.98
CA ILE B 23 -2.23 -16.96 -0.85
CA ILE B 23 -12.50 7.44 16.86
C ILE B 23 25.37 -11.31 2.91
C ILE B 23 -16.15 -14.41 -13.96
C ILE B 23 -3.68 -17.39 -1.14
C ILE B 23 -13.20 7.61 18.21
N GLU B 24 25.97 -12.48 3.01
N GLU B 24 -16.15 -15.52 -14.66
N GLU B 24 -3.98 -18.64 -0.88
N GLU B 24 -14.45 7.19 18.27
CA GLU B 24 26.10 -13.36 1.80
CA GLU B 24 -17.36 -16.42 -14.65
CA GLU B 24 -5.37 -19.14 -1.07
CA GLU B 24 -15.20 7.25 19.57
C GLU B 24 24.73 -13.68 1.23
C GLU B 24 -17.69 -16.84 -13.24
C GLU B 24 -6.34 -18.34 -0.23
C GLU B 24 -14.48 6.46 20.64
N ASN B 25 23.76 -13.91 2.09
N ASN B 25 -16.68 -17.16 -12.45
N ASN B 25 -5.94 -18.02 0.98
N ASN B 25 -13.94 5.31 20.27
CA ASN B 25 22.38 -14.24 1.71
CA ASN B 25 -16.81 -17.59 -11.05
CA ASN B 25 -6.75 -17.25 1.94
CA ASN B 25 -13.22 4.41 21.18
C ASN B 25 21.70 -13.06 1.02
C ASN B 25 -17.39 -16.49 -10.18
C ASN B 25 -7.00 -15.82 1.45
C ASN B 25 -11.92 5.06 21.68
N VAL B 26 21.91 -11.89 1.59
N VAL B 26 -16.85 -15.29 -10.38
N VAL B 26 -5.92 -15.23 0.97
N VAL B 26 -11.22 5.66 20.73
CA VAL B 26 21.35 -10.67 1.03
CA VAL B 26 -17.32 -14.13 -9.63
CA VAL B 26 -6.00 -13.87 0.43
CA VAL B 26 -9.97 6.35 21.06
C VAL B 26 21.86 -10.50 -0.41
C VAL B 26 -18.81 -13.94 -9.89
C VAL B 26 -7.01 -13.84 -0.70
C VAL B 26 -10.25 7.43 22.12
N LYS B 27 23.17 -10.69 -0.57
N LYS B 27 -19.20 -14.02 -11.16
N LYS B 27 -6.92 -14.81 -1.59
N LYS B 27 -11.31 8.20 21.88
CA LYS B 27 23.78 -10.55 -1.90
CA LYS B 27 -20.61 -13.85 -11.52
CA LYS B 27 -7.86 -14.89 -2.74
CA LYS B 27 -11.67 9.27 22.81
C LYS B 27 23.19 -11.55 -2.88
C LYS B 27 -21.48 -14.90 -10.86
C LYS B 27 -9.29 -15.03 -2.25
C LYS B 27 -12.00 8.71 24.18
N ALA B 28 22.90 -12.75 -2.43
N ALA B 28 -20.99 -16.13 -10.75
N ALA B 28 -9.52 -15.78 -1.19
N ALA B 28 -12.64 7.56 24.24
CA ALA B 28 22.27 -13.77 -3.28
CA ALA B 28 -21.71 -17.20 -10.07
CA ALA B 28 -10.86 -15.92 -0.62
CA ALA B 28 -12.94 6.90 25.52
C ALA B 28 20.86 -13.37 -3.66
C ALA B 28 -21.84 -16.92 -8.57
C ALA B 28 -11.34 -14.61 -0.03
C ALA B 28 -11.67 6.44 26.22
N LYS B 29 20.10 -12.76 -2.75
N LYS B 29 -20.82 -16.35 -7.94
N LYS B 29 -10.48 -13.84 0.61
N LYS B 29 -10.68 5.96 25.48
CA LYS B 29 18.75 -12.25 -3.08
CA LYS B 29 -20.92 -15.97 -6.51
CA LYS B 29 -10.87 -12.50 1.13
CA LYS B 29 -9.38 5.57 26.08
C LYS B 29 18.82 -11.14 -4.15
C LYS B 29 -21.98 -14.87 -6.31
C LYS B 29 -11.26 -11.56 -0.02
C LYS B 29 -8.66 6.81 26.66
N ILE B 30 19.86 -10.31 -4.04
N ILE B 30 -22.05 -13.96 -7.28
N ILE B 30 -10.54 -11.67 -1.14
N ILE B 30 -8.80 7.93 25.97
CA ILE B 30 20.01 -9.21 -5.00
CA ILE B 30 -23.04 -12.86 -7.17
CA ILE B 30 -10.84 -10.81 -2.30
CA ILE B 30 -8.16 9.17 26.46
C ILE B 30 20.38 -9.85 -6.35
C ILE B 30 -24.41 -13.49 -7.37
C ILE B 30 -12.19 -11.28 -2.86
C ILE B 30 -8.91 9.60 27.72
N GLN B 31 21.21 -10.86 -6.35
N GLN B 31 -24.56 -14.43 -8.27
N GLN B 31 -12.44 -12.56 -2.89
N GLN B 31 -10.21 9.47 27.74
CA GLN B 31 21.58 -11.50 -7.65
CA GLN B 31 -25.90 -15.06 -8.46
CA GLN B 31 -13.76 -13.01 -3.43
CA GLN B 31 -10.95 9.88 28.97
C GLN B 31 20.30 -12.09 -8.29
C GLN B 31 -26.32 -15.75 -7.14
C GLN B 31 -14.88 -12.47 -2.54
C GLN B 31 -10.49 9.01 30.14
N ASP B 32 19.59 -12.82 -7.46
N ASP B 32 -25.38 -16.53 -6.65
N ASP B 32 -14.68 -12.66 -1.26
N ASP B 32 -10.49 7.73 29.87
CA ASP B 32 18.32 -13.44 -7.92
CA ASP B 32 -25.61 -17.25 -5.37
CA ASP B 32 -15.66 -12.18 -0.25
CA ASP B 32 -10.05 6.74 30.89
C ASP B 32 17.39 -12.42 -8.52
C ASP B 32 -26.05 -16.33 -4.27
C ASP B 32 -15.95 -10.70 -0.43
C ASP B 32 -8.68 7.08 31.44
N LYS B 33 17.28 -11.23 -7.90
N LYS B 33 -25.42 -15.13 -4.17
N LYS B 33 -14.90 -9.89 -0.69
N LYS B 33 -7.74 7.48 30.57
CA LYS B 33 16.27 -10.29 -8.46
CA LYS B 33 -25.80 -14.29 -3.01
CA LYS B 33 -15.20 -8.43 -0.76
CA LYS B 33 -6.38 7.71 31.11
C LYS B 33 16.76 -9.29 -9.45
C LYS B 33 -26.87 -13.27 -3.23
C LYS B 33 -15.50 -7.87 -2.11
C LYS B 33 -6.05 9.10 31.54
N GLU B 34 18.00 -8.90 -9.53
N GLU B 34 -27.15 -12.78 -4.41
N GLU B 34 -15.08 -8.41 -3.22
N GLU B 34 -6.65 10.15 31.07
CA GLU B 34 18.53 -7.95 -10.48
CA GLU B 34 -28.18 -11.81 -4.68
CA GLU B 34 -15.34 -7.90 -4.54
CA GLU B 34 -6.35 11.52 31.46
C GLU B 34 19.66 -8.47 -11.31
C GLU B 34 -29.19 -12.26 -5.70
C GLU B 34 -16.01 -8.90 -5.46
C GLU B 34 -7.57 12.27 31.97
N GLY B 35 20.14 -9.68 -11.01
N GLY B 35 -28.97 -13.40 -6.33
N GLY B 35 -16.17 -10.13 -5.01
N GLY B 35 -8.74 11.68 31.90
CA GLY B 35 21.18 -10.31 -11.78
CA GLY B 35 -29.90 -13.96 -7.27
CA GLY B 35 -16.86 -11.15 -5.75
CA GLY B 35 -9.94 12.26 32.42
C GLY B 35 22.58 -9.93 -11.53
C GLY B 35 -29.89 -13.47 -8.65
C GLY B 35 -16.14 -11.86 -6.82
C GLY B 35 -10.65 13.27 31.61
N ILE B 36 22.84 -9.07 -10.53
N ILE B 36 -28.96 -12.58 -9.01
N ILE B 36 -14.83 -11.60 -6.98
N ILE B 36 -10.20 13.52 30.37
CA ILE B 36 24.24 -8.68 -10.26
CA ILE B 36 -28.93 -12.08 -10.39
CA ILE B 36 -14.09 -12.32 -8.04
CA ILE B 36 -10.90 14.52 29.55
C ILE B 36 24.96 -9.75 -9.48
C ILE B 36 -28.28 -13.08 -11.32
C ILE B 36 -13.72 -13.72 -7.59
C ILE B 36 -12.15 13.94 28.93
N PRO B 37 26.09 -10.23 -10.00
N PRO B 37 -28.99 -13.46 -12.38
N PRO B 37 -14.10 -14.72 -8.38
N PRO B 37 -13.30 14.58 29.16
CA PRO B 37 26.92 -11.24 -9.33
CA PRO B 37 -28.47 -14.40 -13.40
CA PRO B 37 -13.78 -16.14 -8.10
CA PRO B 37 -14.59 14.15 28.59
C PRO B 37 27.34 -10.78 -7.96
C PRO B 37 -27.18 -13.89 -14.01
C PRO B 37 -12.29 -16.33 -7.98
C PRO B 37 -14.51 14.08 27.07
N PRO B 38 27.29 -11.63 -6.96
N PRO B 38 -26.19 -14.72 -14.20
N PRO B 38 -11.83 -17.09 -7.03
N PRO B 38 -15.06 13.07 26.45
CA PRO B 38 27.68 -11.22 -5.60
CA PRO B 38 -24.92 -14.25 -14.78
CA PRO B 38 -10.38 -17.31 -6.86
CA PRO B 38 -15.00 12.95 24.99
C PRO B 38 29.09 -10.67 -5.51
C PRO B 38 -25.08 -13.60 -16.12
C PRO B 38 -9.72 -17.88 -8.09
C PRO B 38 -15.60 14.14 24.28
N ASP B 39 29.99 -11.16 -6.32
N ASP B 39 -26.03 -14.03 -16.91
N ASP B 39 -10.42 -18.69 -8.85
N ASP B 39 -16.60 14.76 24.84
CA ASP B 39 31.40 -10.72 -6.26
CA ASP B 39 -26.21 -13.48 -18.28
CA ASP B 39 -9.81 -19.34 -10.04
CA ASP B 39 -17.28 15.90 24.17
C ASP B 39 31.58 -9.27 -6.71
C ASP B 39 -26.68 -12.02 -18.25
C ASP B 39 -9.51 -18.34 -11.15
C ASP B 39 -16.38 17.12 24.08
N GLN B 40 30.56 -8.73 -7.37
N GLN B 40 -27.16 -11.57 -17.10
N GLN B 40 -10.08 -17.15 -11.04
N GLN B 40 -15.30 17.14 24.84
CA GLN B 40 30.64 -7.32 -7.81
CA GLN B 40 -27.61 -10.17 -16.99
CA GLN B 40 -9.80 -16.11 -12.07
CA GLN B 40 -14.37 18.28 24.78
C GLN B 40 29.97 -6.36 -6.81
C GLN B 40 -26.51 -9.25 -16.42
C GLN B 40 -8.68 -15.15 -11.63
C GLN B 40 -13.19 18.02 23.84
N GLN B 41 29.24 -6.89 -5.85
N GLN B 41 -25.44 -9.83 -15.91
N GLN B 41 -8.27 -15.22 -10.38
N GLN B 41 -13.02 16.79 23.38
CA GLN B 41 28.52 -6.11 -4.88
CA GLN B 41 -24.36 -9.09 -15.30
CA GLN B 41 -7.26 -14.34 -9.82
CA GLN B 41 -11.93 16.40 22.53
C GLN B 41 29.31 -5.65 -3.68
C GLN B 41 -23.31 -8.55 -16.24
C GLN B 41 -5.83 -14.78 -10.05
C GLN B 41 -12.13 16.65 21.05
N ARG B 42 29.20 -4.35 -3.40
N ARG B 42 -23.03 -7.26 -16.08
N ARG B 42 -5.03 -13.82 -10.54
N ARG B 42 -11.14 17.29 20.45
CA ARG B 42 29.79 -3.78 -2.15
CA ARG B 42 -21.89 -6.62 -16.82
CA ARG B 42 -3.55 -14.03 -10.65
CA ARG B 42 -11.10 17.45 18.97
C ARG B 42 28.61 -3.14 -1.44
C ARG B 42 -20.98 -6.07 -15.73
C ARG B 42 -2.95 -12.92 -9.84
C ARG B 42 -9.81 16.79 18.54
N LEU B 43 28.23 -3.62 -0.26
N LEU B 43 -19.75 -6.56 -15.60
N LEU B 43 -2.23 -13.22 -8.75
N LEU B 43 -9.85 15.72 17.75
CA LEU B 43 27.05 -3.06 0.45
CA LEU B 43 -18.85 -6.09 -14.51
CA LEU B 43 -1.67 -12.16 -7.89
CA LEU B 43 -8.60 15.01 17.35
C LEU B 43 27.50 -2.15 1.59
C LEU B 43 -17.82 -5.13 -15.08
C LEU B 43 -0.17 -12.02 -8.14
C LEU B 43 -8.24 15.36 15.92
N ILE B 44 26.94 -0.95 1.63
N ILE B 44 -17.68 -3.98 -14.43
N ILE B 44 0.26 -10.78 -8.37
N ILE B 44 -6.98 15.75 15.71
CA ILE B 44 27.29 0.06 2.62
CA ILE B 44 -16.76 -2.92 -14.86
CA ILE B 44 1.66 -10.48 -8.68
CA ILE B 44 -6.49 16.17 14.40
C ILE B 44 26.08 0.50 3.44
C ILE B 44 -15.74 -2.57 -13.79
C ILE B 44 2.27 -9.51 -7.68
C ILE B 44 -5.31 15.33 13.94
N PHE B 45 26.28 0.52 4.79
N PHE B 45 -14.47 -2.52 -14.21
N PHE B 45 3.49 -9.88 -7.20
N PHE B 45 -5.40 14.87 12.66
CA PHE B 45 25.25 0.97 5.72
CA PHE B 45 -13.36 -2.14 -13.31
CA PHE B 45 4.23 -9.02 -6.26
CA PHE B 45 -4.32 14.07 12.05
C PHE B 45 26.00 1.71 6.84
C PHE B 45 -12.38 -1.33 -14.18
C PHE B 45 5.71 -9.21 -6.64
C PHE B 45 -4.30 14.50 10.56
N ALA B 46 25.49 2.90 7.10
N ALA B 46 -12.05 -0.19 -13.63
N ALA B 46 6.33 -8.07 -6.80
N ALA B 46 -3.10 14.83 10.16
CA ALA B 46 25.99 3.77 8.17
CA ALA B 46 -11.08 0.75 -14.23
CA ALA B 46 7.77 -7.97 -7.11
CA ALA B 46 -2.79 15.22 8.78
C ALA B 46 27.51 3.88 8.11
C ALA B 46 -11.39 0.98 -15.70
C ALA B 46 8.15 -8.90 -8.25
C ALA B 46 -3.78 16.26 8.28
N GLY B 47 27.99 4.08 6.92
N GLY B 47 -12.64 1.19 -15.95
N GLY B 47 7.34 -8.86 -9.27
N GLY B 47 -4.01 17.22 9.11
CA GLY B 47 29.36 4.23 6.53
CA GLY B 47 -13.26 1.44 -17.22
CA GLY B 47 7.40 -9.62 -10.48
CA GLY B 47 -4.89 18.35 8.96
C GLY B 47 30.28 3.05 6.77
C GLY B 47 -13.18 0.34 -18.26
C GLY B 47 7.30 -11.12 -10.38
C GLY B 47 -6.36 18.06 8.79
N LYS B 48 29.73 1.87 6.91
N LYS B 48 -12.95 -0.87 -17.84
N LYS B 48 6.76 -11.62 -9.30
N LYS B 48 -6.81 16.91 9.20
CA LYS B 48 30.54 0.65 7.10
CA LYS B 48 -12.90 -2.01 -18.76
CA LYS B 48 6.57 -13.07 -9.12
CA LYS B 48 -8.23 16.55 9.12
C LYS B 48 30.31 -0.24 5.86
C LYS B 48 -14.09 -2.94 -18.41
C LYS B 48 5.05 -13.33 -9.08
C LYS B 48 -8.74 16.40 10.57
N GLN B 49 31.33 -0.92 5.41
N GLN B 49 -14.70 -3.54 -19.39
N GLN B 49 4.60 -14.41 -9.65
N GLN B 49 -9.95 16.81 10.83
CA GLN B 49 31.14 -1.88 4.29
CA GLN B 49 -15.77 -4.54 -19.10
CA GLN B 49 3.15 -14.78 -9.54
CA GLN B 49 -10.54 16.58 12.19
C GLN B 49 30.72 -3.17 4.99
C GLN B 49 -15.00 -5.84 -18.90
C GLN B 49 3.08 -15.54 -8.22
C GLN B 49 -11.13 15.18 12.10
N LEU B 50 29.65 -3.79 4.54
N LEU B 50 -15.28 -6.55 -17.83
N LEU B 50 2.15 -15.19 -7.36
N LEU B 50 -10.84 14.33 13.04
CA LEU B 50 29.10 -4.99 5.20
CA LEU B 50 -14.53 -7.78 -17.50
CA LEU B 50 2.04 -15.79 -6.02
CA LEU B 50 -11.28 12.93 13.01
C LEU B 50 29.92 -6.22 4.80
C LEU B 50 -15.05 -8.94 -18.33
C LEU B 50 1.35 -17.14 -6.11
C LEU B 50 -12.73 12.83 13.45
N GLU B 51 30.19 -7.10 5.77
N GLU B 51 -14.15 -9.79 -18.83
N GLU B 51 1.85 -18.14 -5.38
N GLU B 51 -13.53 11.99 12.77
CA GLU B 51 31.01 -8.29 5.48
CA GLU B 51 -14.57 -10.92 -19.69
CA GLU B 51 1.26 -19.49 -5.46
CA GLU B 51 -14.97 11.89 13.10
C GLU B 51 30.13 -9.50 5.34
C GLU B 51 -14.57 -12.20 -18.89
C GLU B 51 0.37 -19.74 -4.27
C GLU B 51 -15.21 10.63 13.90
N ASP B 52 30.39 -10.39 4.41
N ASP B 52 -15.53 -13.07 -19.07
N ASP B 52 -0.75 -20.38 -4.42
N ASP B 52 -16.04 10.65 14.91
CA ASP B 52 29.59 -11.56 4.08
CA ASP B 52 -15.70 -14.30 -18.31
CA ASP B 52 -1.76 -20.62 -3.39
CA ASP B 52 -16.32 9.55 15.82
C ASP B 52 29.11 -12.49 5.18
C ASP B 52 -14.54 -15.26 -18.10
C ASP B 52 -1.35 -21.16 -2.02
C ASP B 52 -16.62 8.16 15.29
N GLY B 53 29.95 -12.80 6.13
N GLY B 53 -13.75 -15.49 -19.12
N GLY B 53 -0.46 -22.13 -1.99
N GLY B 53 -17.40 8.05 14.25
CA GLY B 53 29.65 -13.74 7.23
CA GLY B 53 -12.61 -16.42 -19.09
CA GLY B 53 -0.01 -22.80 -0.76
CA GLY B 53 -17.82 6.78 13.64
C GLY B 53 28.91 -13.17 8.40
C GLY B 53 -11.34 -15.91 -18.51
C GLY B 53 1.05 -22.11 0.01
C GLY B 53 -16.87 6.15 12.69
N ARG B 54 28.72 -11.86 8.47
N ARG B 54 -11.24 -14.61 -18.23
N ARG B 54 1.66 -21.05 -0.52
N ARG B 54 -15.80 6.83 12.30
CA ARG B 54 27.93 -11.24 9.54
CA ARG B 54 -10.04 -14.04 -17.59
CA ARG B 54 2.67 -20.27 0.21
CA ARG B 54 -14.77 6.25 11.41
C ARG B 54 26.46 -11.27 9.13
C ARG B 54 -10.20 -14.20 -16.08
C ARG B 54 1.95 -19.24 1.06
C ARG B 54 -13.77 5.49 12.29
N THR B 55 25.58 -11.03 10.08
N THR B 55 -9.12 -14.02 -15.36
N THR B 55 2.65 -18.65 2.00
N THR B 55 -12.96 4.67 11.68
CA THR B 55 24.12 -10.97 9.85
CA THR B 55 -9.09 -14.07 -13.87
CA THR B 55 2.13 -17.57 2.87
CA THR B 55 -11.90 3.91 12.34
C THR B 55 23.73 -9.47 9.89
C THR B 55 -9.00 -12.61 -13.38
C THR B 55 2.74 -16.25 2.36
C THR B 55 -10.56 4.59 11.99
N LEU B 56 22.54 -9.18 9.40
N LEU B 56 -9.27 -12.43 -12.11
N LEU B 56 2.16 -15.15 2.79
N LEU B 56 -9.53 4.26 12.74
CA LEU B 56 22.00 -7.81 9.41
CA LEU B 56 -9.17 -11.10 -11.47
CA LEU B 56 2.66 -13.80 2.46
CA LEU B 56 -8.17 4.78 12.50
C LEU B 56 21.88 -7.36 10.87
C LEU B 56 -7.71 -10.64 -11.56
C LEU B 56 4.08 -13.66 3.00
C LEU B 56 -7.73 4.34 11.11
N SER B 57 21.53 -8.29 11.78
N SER B 57 -6.76 -11.58 -11.45
N SER B 57 4.35 -14.26 4.17
N SER B 57 -8.12 3.12 10.70
CA SER B 57 21.40 -7.85 13.19
CA SER B 57 -5.35 -11.13 -11.53
CA SER B 57 5.74 -14.12 4.69
CA SER B 57 -7.69 2.68 9.36
C SER B 57 22.73 -7.37 13.75
C SER B 57 -5.02 -10.55 -12.88
C SER B 57 6.76 -14.78 3.80
C SER B 57 -8.25 3.54 8.26
N ASP B 58 23.82 -7.92 13.27
N ASP B 58 -5.68 -11.02 -13.91
N ASP B 58 6.37 -15.82 3.08
N ASP B 58 -9.43 4.11 8.49
CA ASP B 58 25.17 -7.52 13.76
CA ASP B 58 -5.43 -10.50 -15.29
CA ASP B 58 7.29 -16.53 2.17
CA ASP B 58 -10.08 4.98 7.47
C ASP B 58 25.37 -6.02 13.61
C ASP B 58 -5.61 -8.98 -15.34
C ASP B 58 7.90 -15.56 1.15
C ASP B 58 -9.16 6.14 7.08
N TYR B 59 24.89 -5.49 12.52
N TYR B 59 -6.59 -8.51 -14.63
N TYR B 59 7.08 -14.66 0.70
N TYR B 59 -8.47 6.65 8.06
CA TYR B 59 24.95 -4.07 12.19
CA TYR B 59 -6.92 -7.10 -14.53
CA TYR B 59 7.45 -13.62 -0.27
CA TYR B 59 -7.51 7.75 7.89
C TYR B 59 23.76 -3.29 12.68
C TYR B 59 -6.24 -6.41 -13.37
C TYR B 59 7.94 -12.35 0.39
C TYR B 59 -6.10 7.27 7.63
N ASN B 60 22.82 -3.86 13.42
N ASN B 60 -5.36 -7.04 -12.62
N ASN B 60 8.07 -12.26 1.69
N ASN B 60 -5.83 5.99 7.47
CA ASN B 60 21.66 -3.06 13.88
CA ASN B 60 -4.71 -6.33 -11.50
CA ASN B 60 8.56 -10.99 2.29
CA ASN B 60 -4.44 5.57 7.20
C ASN B 60 20.91 -2.44 12.70
C ASN B 60 -5.74 -5.79 -10.51
C ASN B 60 7.63 -9.83 1.93
C ASN B 60 -3.51 6.03 8.32
N ILE B 61 20.66 -3.23 11.67
N ILE B 61 -6.71 -6.62 -10.16
N ILE B 61 6.34 -10.05 2.03
N ILE B 61 -3.92 5.83 9.56
CA ILE B 61 19.85 -2.77 10.51
CA ILE B 61 -7.72 -6.23 -9.13
CA ILE B 61 5.35 -8.94 1.78
CA ILE B 61 -3.05 6.16 10.73
C ILE B 61 18.40 -3.07 10.85
C ILE B 61 -7.13 -6.65 -7.78
C ILE B 61 5.15 -8.25 3.13
C ILE B 61 -2.23 4.90 11.00
N GLN B 62 17.56 -2.08 10.98
N GLN B 62 -6.86 -5.73 -6.91
N GLN B 62 5.51 -7.00 3.25
N GLN B 62 -0.94 4.95 10.87
CA GLN B 62 16.13 -2.25 11.39
CA GLN B 62 -6.23 -6.01 -5.58
CA GLN B 62 5.43 -6.24 4.53
CA GLN B 62 -0.05 3.77 11.05
C GLN B 62 15.24 -2.11 10.15
C GLN B 62 -7.28 -5.95 -4.49
C GLN B 62 4.21 -5.30 4.49
C GLN B 62 0.66 3.86 12.41
N LYS B 63 13.95 -2.44 10.28
N LYS B 63 -6.94 -6.38 -3.27
N LYS B 63 3.86 -4.70 5.62
N LYS B 63 1.32 2.79 12.83
CA LYS B 63 13.03 -2.40 9.17
CA LYS B 63 -7.88 -6.44 -2.17
CA LYS B 63 2.69 -3.85 5.72
CA LYS B 63 1.97 2.73 14.13
C LYS B 63 13.05 -1.01 8.54
C LYS B 63 -8.51 -5.05 -1.97
C LYS B 63 2.79 -2.76 4.66
C LYS B 63 2.93 3.92 14.27
N GLU B 64 12.93 -1.06 7.20
N GLU B 64 -9.80 -5.13 -1.62
N GLU B 64 1.59 -2.45 4.13
N GLU B 64 2.95 4.41 15.51
CA GLU B 64 12.90 0.09 6.33
CA GLU B 64 -10.66 -4.00 -1.36
CA GLU B 64 1.35 -1.45 3.12
CA GLU B 64 3.75 5.52 15.94
C GLU B 64 14.16 0.91 6.20
C GLU B 64 -10.99 -3.09 -2.50
C GLU B 64 1.91 -1.70 1.75
C GLU B 64 3.45 6.88 15.39
N SER B 65 15.26 0.28 6.58
N SER B 65 -10.81 -3.62 -3.71
N SER B 65 2.22 -2.95 1.49
N SER B 65 2.24 7.00 14.87
CA SER B 65 16.61 0.85 6.44
CA SER B 65 -11.19 -2.95 -4.95
CA SER B 65 2.69 -3.43 0.17
CA SER B 65 1.69 8.27 14.37
C SER B 65 16.94 0.85 4.93
C SER B 65 -12.73 -2.94 -5.04
C SER B 65 1.47 -3.37 -0.78
C SER B 65 1.41 9.16 15.60
N THR B 66 17.88 1.66 4.53
N THR B 66 -13.28 -2.06 -5.82
N THR B 66 1.73 -3.35 -2.05
N THR B 66 1.31 10.45 15.39
CA THR B 66 18.37 1.70 3.15
CA THR B 66 -14.72 -2.01 -6.06
CA THR B 66 0.67 -3.40 -3.08
CA THR B 66 0.96 11.41 16.45
C THR B 66 19.86 1.35 3.14
C THR B 66 -14.99 -2.23 -7.55
C THR B 66 0.88 -4.65 -3.94
C THR B 66 -0.33 12.12 16.06
N LEU B 67 20.26 0.37 2.33
N LEU B 67 -15.85 -3.19 -7.89
N LEU B 67 -0.17 -5.48 -4.08
N LEU B 67 -1.33 12.11 16.94
CA LEU B 67 21.69 0.07 2.19
CA LEU B 67 -16.22 -3.38 -9.29
CA LEU B 67 -0.07 -6.64 -4.97
CA LEU B 67 -2.56 12.87 16.66
C LEU B 67 22.13 0.66 0.84
C LEU B 67 -17.63 -2.77 -9.45
C LEU B 67 -0.86 -6.25 -6.25
C LEU B 67 -2.48 14.13 17.55
N HIS B 68 23.36 0.98 0.69
N HIS B 68 -18.00 -2.36 -10.61
N HIS B 68 -0.53 -6.82 -7.35
N HIS B 68 -3.12 15.17 17.17
CA HIS B 68 23.82 1.52 -0.61
CA HIS B 68 -19.35 -1.80 -10.79
CA HIS B 68 -1.30 -6.51 -8.58
CA HIS B 68 -3.10 16.39 18.01
C HIS B 68 24.61 0.39 -1.27
C HIS B 68 -20.15 -2.88 -11.53
C HIS B 68 -2.19 -7.73 -8.84
C HIS B 68 -4.48 16.46 18.68
N LEU B 69 24.36 0.18 -2.56
N LEU B 69 -21.37 -3.12 -11.10
N LEU B 69 -3.45 -7.47 -9.17
N LEU B 69 -4.49 16.76 19.96
CA LEU B 69 25.09 -0.82 -3.33
CA LEU B 69 -22.25 -4.07 -11.77
CA LEU B 69 -4.39 -8.54 -9.52
CA LEU B 69 -5.73 16.93 20.71
C LEU B 69 26.06 -0.18 -4.27
C LEU B 69 -23.35 -3.37 -12.52
C LEU B 69 -4.67 -8.57 -10.99
C LEU B 69 -5.99 18.37 21.03
N VAL B 70 27.33 -0.39 -4.12
N VAL B 70 -23.41 -3.47 -13.81
N VAL B 70 -4.32 -9.59 -11.69
N VAL B 70 -7.02 18.96 20.52
CA VAL B 70 28.33 0.14 -5.09
CA VAL B 70 -24.54 -2.87 -14.57
CA VAL B 70 -4.67 -9.71 -13.14
CA VAL B 70 -7.37 20.36 20.90
C VAL B 70 28.81 -1.12 -5.82
C VAL B 70 -25.34 -4.10 -15.03
C VAL B 70 -5.75 -10.80 -13.16
C VAL B 70 -8.63 20.20 21.77
N LEU B 71 29.01 -1.02 -7.13
N LEU B 71 -26.65 -4.02 -14.99
N LEU B 71 -6.78 -10.63 -13.96
N LEU B 71 -8.74 20.96 22.83
CA LEU B 71 29.51 -2.19 -7.90
CA LEU B 71 -27.51 -5.13 -15.44
CA LEU B 71 -7.84 -11.65 -14.06
CA LEU B 71 -9.94 20.89 23.69
C LEU B 71 31.01 -2.08 -8.06
C LEU B 71 -27.92 -4.91 -16.88
C LEU B 71 -7.58 -12.55 -15.24
C LEU B 71 -10.91 21.96 23.31
N MET A 1 6.38 18.40 -20.67
CA MET A 1 5.74 19.56 -20.05
C MET A 1 6.28 19.67 -18.60
N GLN A 2 6.34 20.88 -18.14
CA GLN A 2 6.81 21.11 -16.74
C GLN A 2 5.61 21.10 -15.81
N ILE A 3 5.80 20.45 -14.66
CA ILE A 3 4.77 20.47 -13.61
C ILE A 3 5.53 20.83 -12.30
N PHE A 4 4.75 21.23 -11.33
CA PHE A 4 5.40 21.59 -10.01
C PHE A 4 4.91 20.64 -8.96
N VAL A 5 5.74 20.16 -8.03
CA VAL A 5 5.27 19.32 -6.95
C VAL A 5 5.58 20.10 -5.65
N LYS A 6 4.57 20.50 -4.95
CA LYS A 6 4.78 21.30 -3.70
C LYS A 6 4.77 20.35 -2.53
N THR A 7 5.82 20.41 -1.68
CA THR A 7 5.88 19.52 -0.51
C THR A 7 5.42 20.27 0.74
N LEU A 8 5.24 19.58 1.84
CA LEU A 8 4.74 20.24 3.07
C LEU A 8 5.81 21.08 3.74
N THR A 9 7.06 21.03 3.24
CA THR A 9 8.08 21.90 3.94
C THR A 9 8.35 23.16 3.18
N GLY A 10 7.52 23.50 2.24
CA GLY A 10 7.67 24.69 1.43
C GLY A 10 8.68 24.63 0.33
N LYS A 11 9.10 23.43 0.00
CA LYS A 11 10.01 23.21 -1.12
C LYS A 11 9.11 22.84 -2.31
N THR A 12 9.42 23.38 -3.48
CA THR A 12 8.62 22.98 -4.66
C THR A 12 9.61 22.35 -5.64
N ILE A 13 9.25 21.19 -6.17
CA ILE A 13 10.23 20.60 -7.13
C ILE A 13 9.65 20.67 -8.52
N THR A 14 10.47 20.94 -9.51
CA THR A 14 9.89 20.97 -10.89
C THR A 14 10.25 19.66 -11.57
N LEU A 15 9.33 19.09 -12.33
CA LEU A 15 9.58 17.83 -13.01
C LEU A 15 9.25 18.02 -14.49
N GLU A 16 9.89 17.22 -15.31
CA GLU A 16 9.51 17.26 -16.76
C GLU A 16 8.85 15.92 -17.00
N VAL A 17 7.60 16.03 -17.42
CA VAL A 17 6.77 14.86 -17.67
C VAL A 17 5.93 15.04 -18.95
N GLU A 18 5.32 13.93 -19.31
CA GLU A 18 4.37 13.84 -20.41
C GLU A 18 3.06 13.38 -19.82
N PRO A 19 1.95 13.87 -20.34
CA PRO A 19 0.61 13.47 -19.90
C PRO A 19 0.43 11.98 -19.97
N SER A 20 1.19 11.31 -20.81
CA SER A 20 1.03 9.85 -20.98
C SER A 20 1.72 9.11 -19.87
N ASP A 21 2.49 9.83 -19.05
CA ASP A 21 3.19 9.10 -17.96
C ASP A 21 2.21 8.63 -16.92
N THR A 22 2.51 7.52 -16.30
CA THR A 22 1.71 6.99 -15.21
C THR A 22 2.16 7.68 -13.91
N ILE A 23 1.25 7.61 -12.94
CA ILE A 23 1.52 8.13 -11.60
C ILE A 23 2.72 7.40 -10.98
N GLU A 24 2.80 6.12 -11.24
CA GLU A 24 3.98 5.32 -10.73
C GLU A 24 5.27 5.90 -11.23
N CYS A 25 5.30 6.34 -12.52
CA CYS A 25 6.50 6.91 -13.13
C CYS A 25 6.85 8.24 -12.50
N VAL A 26 5.82 9.05 -12.28
CA VAL A 26 6.04 10.34 -11.65
C VAL A 26 6.71 10.15 -10.29
N LYS A 27 6.18 9.20 -9.52
CA LYS A 27 6.74 8.92 -8.19
C LYS A 27 8.19 8.48 -8.29
N ALA A 28 8.54 7.70 -9.30
CA ALA A 28 9.92 7.29 -9.53
C ALA A 28 10.80 8.47 -9.89
N LYS A 29 10.31 9.43 -10.66
CA LYS A 29 11.09 10.64 -10.97
C LYS A 29 11.35 11.47 -9.69
N ILE A 30 10.35 11.49 -8.81
CA ILE A 30 10.50 12.25 -7.55
C ILE A 30 11.53 11.50 -6.70
N GLN A 31 11.49 10.19 -6.69
CA GLN A 31 12.50 9.45 -5.86
C GLN A 31 13.90 9.76 -6.40
N ASP A 32 14.01 9.63 -7.70
CA ASP A 32 15.30 9.91 -8.37
C ASP A 32 15.83 11.29 -8.03
N LYS A 33 14.94 12.30 -7.98
CA LYS A 33 15.50 13.66 -7.74
C LYS A 33 15.53 14.13 -6.33
N GLU A 34 14.74 13.67 -5.41
CA GLU A 34 14.73 14.09 -4.02
C GLU A 34 14.92 12.96 -3.04
N GLY A 35 14.94 11.73 -3.52
CA GLY A 35 15.18 10.58 -2.69
C GLY A 35 14.07 10.02 -1.89
N ILE A 36 12.84 10.55 -2.06
CA ILE A 36 11.72 10.01 -1.29
C ILE A 36 11.20 8.72 -1.91
N PRO A 37 11.15 7.65 -1.13
CA PRO A 37 10.64 6.34 -1.58
C PRO A 37 9.21 6.46 -2.09
N PRO A 38 8.88 5.84 -3.19
CA PRO A 38 7.51 5.95 -3.73
C PRO A 38 6.45 5.52 -2.76
N ASP A 39 6.74 4.57 -1.90
CA ASP A 39 5.72 4.05 -0.95
C ASP A 39 5.34 5.08 0.11
N GLN A 40 6.16 6.11 0.23
CA GLN A 40 5.83 7.18 1.22
C GLN A 40 5.08 8.36 0.58
N GLN A 41 5.02 8.40 -0.74
CA GLN A 41 4.40 9.48 -1.46
C GLN A 41 2.90 9.36 -1.66
N ARG A 42 2.21 10.46 -1.32
CA ARG A 42 0.75 10.57 -1.60
C ARG A 42 0.62 11.80 -2.48
N LEU A 43 0.18 11.67 -3.73
CA LEU A 43 0.09 12.84 -4.63
C LEU A 43 -1.35 13.30 -4.76
N ILE A 44 -1.57 14.59 -4.57
CA ILE A 44 -2.91 15.19 -4.61
C ILE A 44 -3.02 16.28 -5.66
N PHE A 45 -4.11 16.19 -6.46
CA PHE A 45 -4.39 17.20 -7.50
C PHE A 45 -5.92 17.33 -7.53
N ALA A 46 -6.32 18.58 -7.46
CA ALA A 46 -7.74 18.98 -7.52
C ALA A 46 -8.59 18.14 -6.58
N GLY A 47 -8.08 17.99 -5.40
CA GLY A 47 -8.62 17.24 -4.29
C GLY A 47 -8.80 15.76 -4.47
N CYS A 48 -8.13 15.15 -5.41
CA CYS A 48 -8.12 13.71 -5.63
C CYS A 48 -6.78 13.12 -5.25
N GLN A 49 -6.74 11.97 -4.70
CA GLN A 49 -5.43 11.30 -4.47
C GLN A 49 -5.16 10.55 -5.77
N LEU A 50 -3.98 10.72 -6.33
CA LEU A 50 -3.65 10.11 -7.64
C LEU A 50 -3.29 8.65 -7.46
N GLU A 51 -3.77 7.80 -8.37
CA GLU A 51 -3.53 6.34 -8.25
C GLU A 51 -2.42 5.92 -9.18
N ASP A 52 -1.53 5.06 -8.79
CA ASP A 52 -0.35 4.62 -9.54
C ASP A 52 -0.48 4.20 -10.99
N GLY A 53 -1.50 3.45 -11.32
CA GLY A 53 -1.74 2.91 -12.67
C GLY A 53 -2.40 3.82 -13.65
N ARG A 54 -2.89 4.98 -13.21
CA ARG A 54 -3.49 5.96 -14.13
C ARG A 54 -2.37 6.83 -14.68
N THR A 55 -2.66 7.57 -15.72
CA THR A 55 -1.72 8.53 -16.36
C THR A 55 -2.16 9.94 -15.93
N LEU A 56 -1.27 10.90 -16.12
CA LEU A 56 -1.55 12.31 -15.83
C LEU A 56 -2.72 12.75 -16.70
N SER A 57 -2.80 12.25 -17.95
CA SER A 57 -3.93 12.69 -18.80
C SER A 57 -5.26 12.26 -18.24
N ASP A 58 -5.29 11.15 -17.53
CA ASP A 58 -6.56 10.64 -16.93
C ASP A 58 -7.20 11.71 -16.05
N TYR A 59 -6.37 12.41 -15.33
CA TYR A 59 -6.76 13.49 -14.42
C TYR A 59 -6.79 14.84 -15.09
N ASN A 60 -6.55 14.98 -16.38
CA ASN A 60 -6.58 16.32 -16.99
C ASN A 60 -5.58 17.25 -16.32
N ILE A 61 -4.36 16.77 -16.10
CA ILE A 61 -3.28 17.62 -15.54
C ILE A 61 -2.59 18.28 -16.73
N GLN A 62 -2.64 19.57 -16.85
CA GLN A 62 -2.07 20.32 -18.00
C GLN A 62 -0.74 20.97 -17.58
N LYS A 63 0.04 21.51 -18.58
CA LYS A 63 1.33 22.10 -18.24
C LYS A 63 1.17 23.16 -17.17
N GLU A 64 2.22 23.18 -16.36
CA GLU A 64 2.37 24.09 -15.26
C GLU A 64 1.44 23.96 -14.10
N SER A 65 0.81 22.79 -14.03
CA SER A 65 -0.07 22.42 -12.91
C SER A 65 0.84 22.18 -11.68
N THR A 66 0.25 22.25 -10.50
CA THR A 66 0.96 21.97 -9.25
C THR A 66 0.29 20.77 -8.56
N LEU A 67 1.06 19.74 -8.22
CA LEU A 67 0.49 18.62 -7.46
C LEU A 67 0.98 18.81 -6.00
N HIS A 68 0.26 18.31 -5.06
CA HIS A 68 0.72 18.43 -3.66
C HIS A 68 1.24 17.05 -3.26
N LEU A 69 2.38 17.02 -2.60
CA LEU A 69 2.96 15.77 -2.10
C LEU A 69 2.83 15.67 -0.60
N VAL A 70 2.10 14.73 -0.09
CA VAL A 70 2.03 14.52 1.38
C VAL A 70 2.81 13.21 1.60
N LEU A 71 3.60 13.15 2.65
CA LEU A 71 4.36 11.93 2.95
C LEU A 71 3.61 11.09 3.95
N ARG A 72 3.55 9.78 3.77
N ARG A 72 3.51 9.80 3.74
N ARG A 72 3.56 9.80 3.74
N ARG A 72 3.49 9.81 3.70
CA ARG A 72 2.84 8.91 4.73
CA ARG A 72 2.78 8.96 4.71
CA ARG A 72 2.84 8.90 4.68
CA ARG A 72 2.71 8.93 4.61
C ARG A 72 3.80 7.79 5.05
C ARG A 72 3.10 7.51 4.30
C ARG A 72 3.62 9.00 5.99
C ARG A 72 3.68 8.48 5.69
N LEU A 73 3.72 7.14 6.16
N LEU A 73 2.15 6.64 4.16
N LEU A 73 2.98 9.11 7.11
N LEU A 73 4.70 7.75 5.41
CA LEU A 73 4.67 6.04 6.47
CA LEU A 73 2.48 5.25 3.79
CA LEU A 73 3.74 9.22 8.38
CA LEU A 73 5.63 7.31 6.49
C LEU A 73 3.91 4.76 6.78
C LEU A 73 1.27 4.57 3.18
C LEU A 73 4.49 7.93 8.65
C LEU A 73 4.92 6.30 7.38
N ARG A 74 3.22 4.29 5.74
N ARG A 74 0.30 4.32 4.05
N ARG A 74 3.83 6.83 8.29
N ARG A 74 5.08 5.05 7.00
CA ARG A 74 2.40 3.07 5.84
CA ARG A 74 -0.96 3.66 3.66
CA ARG A 74 4.39 5.49 8.47
CA ARG A 74 4.47 3.92 7.72
C ARG A 74 3.30 1.90 6.21
C ARG A 74 -0.66 2.21 3.31
C ARG A 74 4.54 5.21 9.96
C ARG A 74 5.45 2.76 7.74
N GLY A 75 4.58 2.07 5.89
N GLY A 75 -1.69 1.53 2.83
N GLY A 75 5.49 5.94 10.56
N GLY A 75 5.27 1.89 8.73
CA GLY A 75 5.61 1.06 6.13
CA GLY A 75 -1.63 0.13 2.44
CA GLY A 75 5.80 5.82 11.98
CA GLY A 75 6.10 0.72 8.95
C GLY A 75 6.00 0.88 7.58
C GLY A 75 -2.92 -0.45 1.88
C GLY A 75 6.91 4.85 12.31
C GLY A 75 5.66 -0.53 8.20
N GLY A 76 5.55 1.84 8.38
N GLY A 76 -2.82 -1.73 1.58
N GLY A 76 7.31 4.13 11.28
N GLY A 76 6.11 -1.65 8.74
CA GLY A 76 5.78 1.89 9.82
CA GLY A 76 -3.94 -2.54 1.04
CA GLY A 76 8.39 3.13 11.33
CA GLY A 76 5.83 -3.00 8.22
C GLY A 76 7.29 1.91 10.08
C GLY A 76 -3.34 -3.76 0.33
C GLY A 76 7.98 2.02 12.31
C GLY A 76 4.62 -3.57 9.00
N MET B 1 10.58 -5.64 9.29
N MET B 1 -7.58 -12.93 -4.18
N MET B 1 1.77 -6.74 12.86
N MET B 1 -1.60 -3.68 17.52
CA MET B 1 10.85 -4.20 9.10
CA MET B 1 -7.78 -11.59 -3.60
CA MET B 1 2.25 -5.53 12.17
CA MET B 1 -0.48 -3.08 16.77
C MET B 1 11.22 -4.00 7.62
C MET B 1 -9.30 -11.39 -3.42
C MET B 1 1.17 -5.15 11.13
C MET B 1 -0.02 -1.84 17.56
N GLN B 2 10.88 -2.84 7.13
N GLN B 2 -9.63 -10.63 -2.41
N GLN B 2 1.10 -3.87 10.90
N GLN B 2 1.25 -1.56 17.44
CA GLN B 2 11.23 -2.52 5.71
CA GLN B 2 -11.08 -10.33 -2.18
CA GLN B 2 0.11 -3.37 9.88
CA GLN B 2 1.82 -0.37 18.13
C GLN B 2 12.59 -1.85 5.68
C GLN B 2 -11.46 -9.06 -2.92
C GLN B 2 0.80 -3.32 8.52
C GLN B 2 1.74 0.83 17.19
N ILE B 3 13.40 -2.25 4.69
N ILE B 3 -12.63 -9.09 -3.53
N ILE B 3 0.06 -3.75 7.50
N ILE B 3 1.35 1.96 17.75
CA ILE B 3 14.69 -1.59 4.45
CA ILE B 3 -13.18 -7.89 -4.17
CA ILE B 3 0.54 -3.63 6.12
CA ILE B 3 1.37 3.23 17.00
C ILE B 3 14.72 -1.28 2.92
C ILE B 3 -14.65 -7.78 -3.66
C ILE B 3 -0.65 -3.00 5.32
C ILE B 3 2.10 4.26 17.91
N PHE B 4 15.62 -0.39 2.59
N PHE B 4 -15.18 -6.59 -3.84
N PHE B 4 -0.30 -2.49 4.17
N PHE B 4 2.51 5.33 17.27
CA PHE B 4 15.75 -0.04 1.12
CA PHE B 4 -16.61 -6.39 -3.38
CA PHE B 4 -1.38 -1.87 3.31
CA PHE B 4 3.22 6.38 18.08
C PHE B 4 17.11 -0.46 0.63
C PHE B 4 -17.47 -6.10 -4.58
C PHE B 4 -1.52 -2.66 2.05
C PHE B 4 2.40 7.64 18.06
N VAL B 5 17.26 -1.01 -0.57
N VAL B 5 -18.69 -6.61 -4.69
N VAL B 5 -2.71 -2.91 1.53
N VAL B 5 2.27 8.40 19.15
CA VAL B 5 18.57 -1.33 -1.11
CA VAL B 5 -19.57 -6.28 -5.79
CA VAL B 5 -2.88 -3.59 0.26
CA VAL B 5 1.55 9.66 19.13
C VAL B 5 18.72 -0.47 -2.38
C VAL B 5 -20.80 -5.60 -5.14
C VAL B 5 -3.59 -2.59 -0.68
C VAL B 5 2.60 10.74 19.50
N LYS B 6 19.63 0.44 -2.37
N LYS B 6 -21.00 -4.36 -5.41
N LYS B 6 -2.92 -2.15 -1.69
N LYS B 6 2.91 11.59 18.61
CA LYS B 6 19.82 1.35 -3.55
CA LYS B 6 -22.14 -3.62 -4.79
CA LYS B 6 -3.52 -1.14 -2.62
CA LYS B 6 3.95 12.65 18.88
C LYS B 6 20.90 0.78 -4.42
C LYS B 6 -23.30 -3.65 -5.76
C LYS B 6 -4.14 -1.87 -3.78
C LYS B 6 3.24 13.89 19.34
N THR B 7 20.62 0.59 -5.72
N THR B 7 -24.49 -4.08 -5.29
N THR B 7 -5.44 -1.60 -4.07
N THR B 7 3.66 14.44 20.50
CA THR B 7 21.63 0.03 -6.63
CA THR B 7 -25.66 -4.15 -6.17
CA THR B 7 -6.09 -2.28 -5.19
CA THR B 7 3.01 15.68 21.01
C THR B 7 22.30 1.16 -7.41
C THR B 7 -26.55 -2.92 -5.93
C THR B 7 -6.11 -1.35 -6.41
C THR B 7 3.88 16.88 20.65
N LEU B 8 23.36 0.87 -8.13
N LEU B 8 -27.54 -2.70 -6.76
N LEU B 8 -6.49 -1.86 -7.57
N LEU B 8 3.37 18.08 20.86
CA LEU B 8 24.09 1.92 -8.88
CA LEU B 8 -28.41 -1.51 -6.62
CA LEU B 8 -6.49 -1.04 -8.79
CA LEU B 8 4.14 19.29 20.51
C LEU B 8 23.34 2.40 -10.10
C LEU B 8 -29.36 -1.62 -5.45
C LEU B 8 -7.60 -0.02 -8.83
C LEU B 8 5.29 19.57 21.46
N THR B 9 22.21 1.74 -10.45
N THR B 9 -29.41 -2.80 -4.79
N THR B 9 -8.52 -0.06 -7.84
N THR B 9 5.39 18.80 22.56
CA THR B 9 21.49 2.25 -11.66
CA THR B 9 -30.37 -2.86 -3.63
CA THR B 9 -9.60 0.98 -7.91
CA THR B 9 6.54 19.11 23.48
C THR B 9 20.31 3.09 -11.31
C THR B 9 -29.67 -2.72 -2.32
C THR B 9 -9.36 2.12 -6.96
C THR B 9 7.67 18.14 23.29
N GLY B 10 20.21 3.52 -10.08
N GLY B 10 -28.44 -2.28 -2.32
N GLY B 10 -8.17 2.23 -6.44
N GLY B 10 7.67 17.39 22.23
CA GLY B 10 19.12 4.34 -9.61
CA GLY B 10 -27.66 -2.08 -1.12
CA GLY B 10 -7.80 3.27 -5.52
CA GLY B 10 8.70 16.43 21.92
C GLY B 10 17.83 3.64 -9.33
C GLY B 10 -27.07 -3.32 -0.52
C GLY B 10 -8.26 3.10 -4.10
C GLY B 10 8.65 15.14 22.67
N LYS B 11 17.90 2.33 -9.22
N LYS B 11 -27.04 -4.39 -1.27
N LYS B 11 -8.66 1.90 -3.76
N LYS B 11 7.51 14.87 23.27
CA LYS B 11 16.74 1.52 -8.85
CA LYS B 11 -26.41 -5.63 -0.86
CA LYS B 11 -9.03 1.56 -2.40
CA LYS B 11 7.27 13.60 23.96
C LYS B 11 16.88 1.29 -7.33
C LYS B 11 -24.99 -5.59 -1.47
C LYS B 11 -7.76 0.92 -1.78
C LYS B 11 6.52 12.72 22.92
N THR B 12 15.77 1.38 -6.63
N THR B 12 -24.00 -6.00 -0.69
N THR B 12 -7.48 1.29 -0.53
N THR B 12 6.89 11.46 22.86
CA THR B 12 15.84 1.09 -5.18
CA THR B 12 -22.65 -6.06 -1.28
CA THR B 12 -6.34 0.64 0.12
CA THR B 12 6.15 10.57 21.94
C THR B 12 14.89 -0.08 -4.94
C THR B 12 -22.20 -7.51 -1.18
C THR B 12 -6.89 -0.07 1.36
C THR B 12 5.55 9.46 22.83
N ILE B 13 15.38 -1.10 -4.22
N ILE B 13 -21.69 -8.05 -2.30
N ILE B 13 -6.52 -1.34 1.53
N ILE B 13 4.26 9.20 22.64
CA ILE B 13 14.44 -2.22 -3.99
CA ILE B 13 -21.26 -9.48 -2.17
CA ILE B 13 -7.06 -2.01 2.74
CA ILE B 13 3.71 8.12 23.51
C ILE B 13 14.03 -2.24 -2.54
C ILE B 13 -19.75 -9.54 -2.22
C ILE B 13 -5.95 -2.22 3.73
C ILE B 13 3.41 6.91 22.65
N THR B 14 12.79 -2.54 -2.25
N THR B 14 -19.15 -10.40 -1.44
N THR B 14 -6.23 -2.05 5.01
N THR B 14 3.66 5.72 23.16
CA THR B 14 12.42 -2.59 -0.81
CA THR B 14 -17.66 -10.48 -1.52
CA THR B 14 -5.13 -2.30 5.98
CA THR B 14 3.32 4.54 22.32
C THR B 14 12.37 -4.04 -0.38
C THR B 14 -17.30 -11.69 -2.35
C THR B 14 -5.35 -3.67 6.59
C THR B 14 2.02 3.96 22.81
N LEU B 15 12.86 -4.36 0.81
N LEU B 15 -16.31 -11.58 -3.21
N LEU B 15 -4.28 -4.44 6.79
N LEU B 15 1.14 3.53 21.92
CA LEU B 15 12.87 -5.72 1.30
CA LEU B 15 -15.90 -12.68 -4.07
CA LEU B 15 -4.39 -5.77 7.36
CA LEU B 15 -0.15 2.98 22.29
C LEU B 15 12.19 -5.76 2.67
C LEU B 15 -14.40 -12.92 -3.88
C LEU B 15 -3.45 -5.86 8.57
C LEU B 15 -0.29 1.61 21.63
N GLU B 16 11.65 -6.90 3.00
N GLU B 16 -13.98 -14.14 -4.12
N GLU B 16 -3.79 -6.73 9.48
N GLU B 16 -1.09 0.77 22.25
CA GLU B 16 11.09 -7.03 4.39
CA GLU B 16 -12.50 -14.38 -4.08
CA GLU B 16 -2.83 -6.96 10.61
CA GLU B 16 -1.38 -0.53 21.57
C GLU B 16 12.03 -8.01 5.06
C GLU B 16 -12.15 -14.66 -5.52
C GLU B 16 -2.33 -8.37 10.37
C GLU B 16 -2.84 -0.43 21.20
N VAL B 17 12.61 -7.50 6.13
N VAL B 17 -11.25 -13.81 -6.01
N VAL B 17 -1.01 -8.43 10.22
N VAL B 17 -3.05 -0.55 19.90
CA VAL B 17 13.58 -8.26 6.91
CA VAL B 17 -10.80 -13.87 -7.39
CA VAL B 17 -0.32 -9.67 9.94
CA VAL B 17 -4.38 -0.43 19.32
C VAL B 17 13.37 -8.05 8.42
C VAL B 17 -9.29 -13.65 -7.49
C VAL B 17 0.99 -9.78 10.73
C VAL B 17 -4.61 -1.48 18.22
N GLU B 18 14.10 -8.87 9.14
N GLU B 18 -8.83 -13.88 -8.71
N GLU B 18 1.53 -10.98 10.64
N GLU B 18 -5.86 -1.53 17.82
CA GLU B 18 14.19 -8.82 10.60
CA GLU B 18 -7.45 -13.64 -9.11
CA GLU B 18 2.84 -11.31 11.22
CA GLU B 18 -6.32 -2.35 16.71
C GLU B 18 15.65 -8.57 10.94
C GLU B 18 -7.51 -12.64 -10.25
C GLU B 18 3.70 -11.77 10.05
C GLU B 18 -6.92 -1.40 15.68
N PRO B 19 15.90 -7.80 11.99
N PRO B 19 -6.54 -11.74 -10.32
N PRO B 19 4.98 -11.46 10.10
N PRO B 19 -6.75 -1.71 14.41
CA PRO B 19 17.25 -7.52 12.45
CA PRO B 19 -6.45 -10.76 -11.40
CA PRO B 19 5.94 -11.87 9.07
CA PRO B 19 -7.31 -0.90 13.32
C PRO B 19 18.04 -8.79 12.72
C PRO B 19 -6.46 -11.41 -12.76
C PRO B 19 5.92 -13.37 8.86
C PRO B 19 -8.80 -0.71 13.47
N SER B 20 17.34 -9.87 13.00
N SER B 20 -6.04 -12.66 -12.83
N SER B 20 5.51 -14.11 9.87
N SER B 20 -9.46 -1.64 14.17
CA SER B 20 18.02 -11.14 13.33
CA SER B 20 -5.96 -13.35 -14.13
CA SER B 20 5.52 -15.58 9.77
CA SER B 20 -10.92 -1.56 14.32
C SER B 20 18.49 -11.84 12.07
C SER B 20 -7.33 -13.84 -14.56
C SER B 20 4.33 -16.07 9.00
C SER B 20 -11.31 -0.57 15.38
N ASP B 21 18.08 -11.32 10.90
N ASP B 21 -8.31 -13.73 -13.67
N ASP B 21 3.40 -15.17 8.68
N ASP B 21 -10.32 -0.05 16.12
CA ASP B 21 18.52 -12.02 9.66
CA ASP B 21 -9.66 -14.22 -14.07
CA ASP B 21 2.20 -15.65 7.94
CA ASP B 21 -10.69 0.91 17.19
C ASP B 21 20.00 -11.80 9.45
C ASP B 21 -10.25 -13.31 -15.10
C ASP B 21 2.58 -16.00 6.52
C ASP B 21 -11.13 2.21 16.57
N THR B 22 20.65 -12.78 8.85
N THR B 22 -11.05 -13.87 -16.00
N THR B 22 1.89 -16.98 5.97
N THR B 22 -12.05 2.88 17.25
CA THR B 22 22.04 -12.68 8.49
CA THR B 22 -11.77 -13.12 -16.99
CA THR B 22 2.08 -17.37 4.58
CA THR B 22 -12.51 4.19 16.83
C THR B 22 22.14 -11.94 7.14
C THR B 22 -13.07 -12.59 -16.34
C THR B 22 1.24 -16.43 3.70
C THR B 22 -11.52 5.25 17.36
N ILE B 23 23.35 -11.44 6.90
N ILE B 23 -13.60 -11.56 -17.00
N ILE B 23 1.63 -16.41 2.43
N ILE B 23 -11.59 6.41 16.72
CA ILE B 23 23.66 -10.80 5.63
CA ILE B 23 -14.88 -10.98 -16.60
CA ILE B 23 0.89 -15.66 1.42
CA ILE B 23 -10.80 7.56 17.14
C ILE B 23 23.52 -11.79 4.47
C ILE B 23 -15.99 -12.03 -16.71
C ILE B 23 -0.54 -16.18 1.30
C ILE B 23 -11.17 7.96 18.58
N GLU B 24 23.89 -13.03 4.72
N GLU B 24 -15.91 -12.85 -17.71
N GLU B 24 -0.69 -17.48 1.41
N GLU B 24 -12.43 7.86 18.90
CA GLU B 24 23.72 -14.08 3.67
CA GLU B 24 -16.92 -13.97 -17.87
CA GLU B 24 -2.06 -18.09 1.38
CA GLU B 24 -12.88 8.17 20.30
C GLU B 24 22.28 -14.20 3.26
C GLU B 24 -16.93 -14.85 -16.65
C GLU B 24 -2.94 -17.51 2.45
C GLU B 24 -12.16 7.30 21.29
N ASN B 25 21.38 -14.11 4.22
N ASN B 25 -15.75 -15.14 -16.12
N ASN B 25 -2.36 -17.31 3.63
N ASN B 25 -11.98 6.03 20.96
CA ASN B 25 19.93 -14.21 4.02
CA ASN B 25 -15.56 -15.98 -14.93
CA ASN B 25 -3.06 -16.76 4.80
CA ASN B 25 -11.31 5.03 21.80
C ASN B 25 19.40 -13.04 3.19
C ASN B 25 -16.16 -15.35 -13.69
C ASN B 25 -3.49 -15.31 4.58
C ASN B 25 -9.83 5.38 22.00
N VAL B 26 19.88 -11.86 3.55
N VAL B 26 -15.90 -14.06 -13.55
N VAL B 26 -2.56 -14.55 4.01
N VAL B 26 -9.21 5.75 20.89
CA VAL B 26 19.50 -10.64 2.84
CA VAL B 26 -16.43 -13.31 -12.42
CA VAL B 26 -2.83 -13.16 3.70
CA VAL B 26 -7.80 6.13 20.92
C VAL B 26 19.87 -10.79 1.36
C VAL B 26 -17.96 -13.39 -12.44
C VAL B 26 -4.02 -13.07 2.76
C VAL B 26 -7.62 7.30 21.88
N LYS B 27 21.10 -11.25 1.12
N LYS B 27 -18.54 -13.18 -13.61
N LYS B 27 -4.01 -13.91 1.73
N LYS B 27 -8.50 8.29 21.76
CA LYS B 27 21.58 -11.44 -0.25
CA LYS B 27 -20.00 -13.23 -13.74
CA LYS B 27 -5.10 -13.92 0.74
CA LYS B 27 -8.42 9.47 22.64
C LYS B 27 20.71 -12.43 -1.00
C LYS B 27 -20.53 -14.61 -13.38
C LYS B 27 -6.43 -14.27 1.43
C LYS B 27 -8.59 9.08 24.09
N ALA B 28 20.25 -13.48 -0.34
N ALA B 28 -19.81 -15.66 -13.72
N ALA B 28 -6.42 -15.17 2.38
N ALA B 28 -9.45 8.12 24.39
CA ALA B 28 19.36 -14.46 -0.95
CA ALA B 28 -20.20 -17.03 -13.35
CA ALA B 28 -7.62 -15.52 3.14
CA ALA B 28 -9.62 7.63 25.75
C ALA B 28 18.01 -13.84 -1.28
C ALA B 28 -20.12 -17.23 -11.84
C ALA B 28 -8.10 -14.36 3.98
C ALA B 28 -8.38 6.92 26.25
N LYS B 29 17.48 -12.97 -0.44
N LYS B 29 -19.13 -16.67 -11.17
N LYS B 29 -7.21 -13.58 4.57
N LYS B 29 -7.69 6.16 25.41
CA LYS B 29 16.22 -12.27 -0.74
CA LYS B 29 -19.04 -16.75 -9.70
CA LYS B 29 -7.61 -12.38 5.34
CA LYS B 29 -6.42 5.52 25.79
C LYS B 29 16.37 -11.35 -1.97
C LYS B 29 -20.23 -16.03 -9.04
C LYS B 29 -8.26 -11.34 4.41
C LYS B 29 -5.35 6.58 26.13
N ILE B 30 17.56 -10.74 -2.08
N ILE B 30 -20.64 -14.91 -9.64
N ILE B 30 -7.73 -11.23 3.18
N ILE B 30 -5.36 7.66 25.35
CA ILE B 30 17.79 -9.84 -3.24
CA ILE B 30 -21.76 -14.15 -9.08
CA ILE B 30 -8.29 -10.26 2.23
CA ILE B 30 -4.37 8.73 25.58
C ILE B 30 17.90 -10.73 -4.47
C ILE B 30 -23.03 -14.99 -9.33
C ILE B 30 -9.67 -10.79 1.82
C ILE B 30 -4.75 9.41 26.91
N GLN B 31 18.53 -11.88 -4.37
N GLN B 31 -23.14 -15.63 -10.46
N GLN B 31 -9.82 -12.07 1.64
N GLN B 31 -6.01 9.59 27.17
CA GLN B 31 18.62 -12.75 -5.58
CA GLN B 31 -24.37 -16.45 -10.69
CA GLN B 31 -11.18 -12.58 1.25
CA GLN B 31 -6.38 10.24 28.47
C GLN B 31 17.21 -13.17 -6.01
C GLN B 31 -24.41 -17.58 -9.64
C GLN B 31 -12.17 -12.26 2.38
C GLN B 31 -5.91 9.34 29.63
N ASP B 32 16.46 -13.62 -5.02
N ASP B 32 -23.29 -18.24 -9.52
N ASP B 32 -11.74 -12.60 3.57
N ASP B 32 -6.25 8.08 29.49
CA ASP B 32 15.06 -14.03 -5.27
CA ASP B 32 -23.15 -19.34 -8.54
CA ASP B 32 -12.57 -12.35 4.77
CA ASP B 32 -5.85 7.09 30.51
C ASP B 32 14.26 -12.95 -5.96
C ASP B 32 -23.55 -18.89 -7.15
C ASP B 32 -13.00 -10.90 4.86
C ASP B 32 -4.36 7.11 30.78
N LYS B 33 14.44 -11.68 -5.53
N LYS B 33 -23.14 -17.68 -6.74
N LYS B 33 -12.08 -9.96 4.55
N LYS B 33 -3.54 7.23 29.71
CA LYS B 33 13.58 -10.65 -6.15
CA LYS B 33 -23.47 -17.32 -5.33
CA LYS B 33 -12.49 -8.55 4.75
CA LYS B 33 -2.08 7.16 29.98
C LYS B 33 14.12 -9.93 -7.34
C LYS B 33 -24.72 -16.55 -5.10
C LYS B 33 -13.05 -7.84 3.56
C LYS B 33 -1.37 8.45 30.19
N GLU B 34 15.40 -9.81 -7.57
N GLU B 34 -25.28 -15.82 -6.02
N GLU B 34 -12.79 -8.20 2.33
N GLU B 34 -1.80 9.59 29.73
CA GLU B 34 15.98 -9.13 -8.71
CA GLU B 34 -26.51 -15.07 -5.85
CA GLU B 34 -13.32 -7.55 1.15
CA GLU B 34 -1.15 10.86 29.92
C GLU B 34 16.91 -9.98 -9.52
C GLU B 34 -27.58 -15.41 -6.85
C GLU B 34 -14.05 -8.48 0.22
C GLU B 34 -2.02 11.90 30.56
N GLY B 35 17.19 -11.19 -9.07
N GLY B 35 -27.27 -16.24 -7.83
N GLY B 35 -14.03 -9.77 0.50
N GLY B 35 -3.29 11.61 30.76
CA GLY B 35 18.01 -12.13 -9.80
CA GLY B 35 -28.23 -16.70 -8.79
CA GLY B 35 -14.76 -10.75 -0.26
CA GLY B 35 -4.21 12.49 31.43
C GLY B 35 19.47 -12.00 -9.73
C GLY B 35 -28.56 -15.82 -9.93
C GLY B 35 -14.18 -11.24 -1.53
C GLY B 35 -4.81 13.60 30.66
N ILE B 36 20.00 -11.08 -8.90
N ILE B 36 -27.86 -14.68 -10.09
N ILE B 36 -12.93 -10.84 -1.85
N ILE B 36 -4.57 13.67 29.35
CA ILE B 36 21.46 -10.94 -8.82
CA ILE B 36 -28.18 -13.80 -11.22
CA ILE B 36 -12.32 -11.32 -3.10
CA ILE B 36 -5.17 14.75 28.56
C ILE B 36 22.04 -12.01 -7.93
C ILE B 36 -27.53 -14.31 -12.49
C ILE B 36 -11.77 -12.73 -2.93
C ILE B 36 -6.63 14.45 28.23
N PRO B 37 23.01 -12.77 -8.45
N PRO B 37 -28.32 -14.51 -13.54
N PRO B 37 -12.21 -13.66 -3.77
N PRO B 37 -7.52 15.35 28.59
CA PRO B 37 23.71 -13.82 -7.69
CA PRO B 37 -27.83 -14.97 -14.85
CA PRO B 37 -11.74 -15.05 -3.75
CA PRO B 37 -8.97 15.22 28.31
C PRO B 37 24.36 -13.25 -6.44
C PRO B 37 -26.78 -14.02 -15.39
C PRO B 37 -10.24 -15.12 -3.91
C PRO B 37 -9.21 15.06 26.82
N PRO B 38 24.26 -13.92 -5.32
N PRO B 38 -25.71 -14.52 -15.96
N PRO B 38 -9.56 -15.95 -3.14
N PRO B 38 -10.08 14.16 26.42
CA PRO B 38 24.86 -13.40 -4.08
CA PRO B 38 -24.66 -13.62 -16.48
CA PRO B 38 -8.10 -16.03 -3.25
CA PRO B 38 -10.34 13.96 24.99
C PRO B 38 26.34 -13.14 -4.20
C PRO B 38 -25.16 -12.66 -17.52
C PRO B 38 -7.60 -16.37 -4.63
C PRO B 38 -10.79 15.20 24.28
N ASP B 39 27.04 -13.91 -4.99
N ASP B 39 -26.15 -13.04 -18.29
N ASP B 39 -8.36 -17.14 -5.37
N ASP B 39 -11.49 16.08 24.95
CA ASP B 39 28.52 -13.75 -5.11
CA ASP B 39 -26.65 -12.16 -19.37
CA ASP B 39 -7.92 -17.56 -6.74
CA ASP B 39 -12.02 17.32 24.29
C ASP B 39 28.90 -12.45 -5.80
C ASP B 39 -27.37 -10.93 -18.83
C ASP B 39 -7.88 -16.40 -7.71
C ASP B 39 -10.90 18.29 23.92
N GLN B 40 27.94 -11.82 -6.46
N GLN B 40 -27.71 -10.96 -17.56
N GLN B 40 -8.52 -15.30 -7.35
N GLN B 40 -9.72 18.08 24.48
CA GLN B 40 28.24 -10.53 -7.13
CA GLN B 40 -28.38 -9.78 -16.95
CA GLN B 40 -8.50 -14.11 -8.25
CA GLN B 40 -8.59 18.97 24.14
C GLN B 40 27.85 -9.32 -6.26
C GLN B 40 -27.38 -8.86 -16.23
C GLN B 40 -7.40 -13.11 -7.85
C GLN B 40 -7.70 18.37 23.02
N GLN B 41 27.15 -9.55 -5.16
N GLN B 41 -26.15 -9.30 -16.05
N GLN B 41 -6.77 -13.30 -6.71
N GLN B 41 -7.91 17.12 22.68
CA GLN B 41 26.69 -8.50 -4.28
CA GLN B 41 -25.15 -8.55 -15.35
CA GLN B 41 -5.76 -12.41 -6.19
CA GLN B 41 -7.13 16.42 21.69
C GLN B 41 27.69 -8.04 -3.24
C GLN B 41 -24.38 -7.53 -16.19
C GLN B 41 -4.36 -12.66 -6.69
C GLN B 41 -7.56 16.62 20.24
N ARG B 42 27.85 -6.72 -3.17
N ARG B 42 -24.31 -6.32 -15.65
N ARG B 42 -3.73 -11.59 -7.16
N ARG B 42 -6.58 16.97 19.42
CA ARG B 42 28.66 -6.09 -2.09
CA ARG B 42 -23.46 -5.25 -16.25
CA ARG B 42 -2.28 -11.63 -7.54
CA ARG B 42 -6.79 17.04 17.94
C ARG B 42 27.70 -5.15 -1.39
C ARG B 42 -22.49 -4.86 -15.15
C ARG B 42 -1.63 -10.57 -6.66
C ARG B 42 -5.79 16.07 17.35
N LEU B 43 27.37 -5.36 -0.13
N LEU B 43 -21.19 -5.08 -15.31
N LEU B 43 -0.72 -10.94 -5.76
N LEU B 43 -6.22 14.99 16.71
CA LEU B 43 26.40 -4.48 0.57
CA LEU B 43 -20.22 -4.75 -14.23
CA LEU B 43 -0.10 -9.94 -4.85
CA LEU B 43 -5.27 13.99 16.17
C LEU B 43 27.14 -3.53 1.51
C LEU B 43 -19.48 -3.46 -14.57
C LEU B 43 1.31 -9.63 -5.32
C LEU B 43 -5.13 14.16 14.66
N ILE B 44 26.80 -2.24 1.39
N ILE B 44 -19.45 -2.55 -13.60
N ILE B 44 1.61 -8.33 -5.42
N ILE B 44 -3.89 14.22 14.19
CA ILE B 44 27.44 -1.19 2.17
CA ILE B 44 -18.83 -1.24 -13.76
CA ILE B 44 2.90 -7.86 -5.91
CA ILE B 44 -3.58 14.44 12.77
C ILE B 44 26.43 -0.40 3.01
C ILE B 44 -17.72 -1.00 -12.74
C ILE B 44 3.59 -6.96 -4.88
C ILE B 44 -2.74 13.32 12.21
N PHE B 45 26.79 -0.23 4.31
N PHE B 45 -16.56 -0.53 -13.27
N PHE B 45 4.90 -7.27 -4.65
N PHE B 45 -3.18 12.81 11.03
CA PHE B 45 25.95 0.55 5.23
CA PHE B 45 -15.41 -0.20 -12.42
CA PHE B 45 5.73 -6.48 -3.73
CA PHE B 45 -2.45 11.75 10.30
C PHE B 45 26.95 1.28 6.17
C PHE B 45 -14.75 1.04 -13.08
C PHE B 45 7.14 -6.47 -4.36
C PHE B 45 -2.62 12.08 8.80
N ALA B 46 26.69 2.56 6.25
N ALA B 46 -14.55 2.01 -12.23
N ALA B 46 7.63 -5.25 -4.45
N ALA B 46 -1.48 12.08 8.17
CA ALA B 46 27.46 3.48 7.12
CA ALA B 46 -13.88 3.27 -12.58
CA ALA B 46 8.99 -4.98 -4.96
CA ALA B 46 -1.37 12.31 6.71
C ALA B 46 28.96 3.27 6.93
C ALA B 46 -14.47 3.85 -13.87
C ALA B 46 9.24 -5.71 -6.26
C ALA B 46 -2.18 13.53 6.29
N GLY B 47 29.33 3.21 5.69
N GLY B 47 -15.77 3.85 -13.89
N GLY B 47 8.26 -5.62 -7.13
N GLY B 47 -2.03 14.57 7.06
CA GLY B 47 30.66 3.01 5.17
CA GLY B 47 -16.64 4.30 -14.94
CA GLY B 47 8.18 -6.20 -8.43
CA GLY B 47 -2.64 15.86 6.94
C GLY B 47 31.36 1.73 5.53
C GLY B 47 -16.53 3.61 -16.28
C GLY B 47 8.22 -7.71 -8.53
C GLY B 47 -4.14 15.92 7.07
N LYS B 48 30.63 0.70 5.90
N LYS B 48 -16.02 2.41 -16.31
N LYS B 48 7.90 -8.39 -7.47
N LYS B 48 -4.75 14.94 7.68
CA LYS B 48 31.21 -0.61 6.22
CA LYS B 48 -15.93 1.63 -17.55
CA LYS B 48 7.86 -9.86 -7.47
CA LYS B 48 -6.20 14.93 7.89
C LYS B 48 30.70 -1.60 5.17
C LYS B 48 -16.84 0.40 -17.39
C LYS B 48 6.38 -10.28 -7.23
C LYS B 48 -6.43 14.98 9.41
N GLN B 49 31.52 -2.53 4.76
N GLN B 49 -17.51 -0.01 -18.43
N GLN B 49 5.94 -11.33 -7.87
N GLN B 49 -7.45 15.69 9.85
CA GLN B 49 31.03 -3.59 3.84
CA GLN B 49 -18.31 -1.26 -18.37
CA GLN B 49 4.57 -11.84 -7.59
CA GLN B 49 -7.79 15.68 11.30
C GLN B 49 30.46 -4.66 4.77
C GLN B 49 -17.29 -2.35 -18.69
C GLN B 49 4.77 -12.77 -6.40
C GLN B 49 -8.69 14.46 11.45
N LEU B 50 29.25 -5.11 4.51
N LEU B 50 -17.23 -3.39 -17.89
N LEU B 50 3.97 -12.63 -5.37
N LEU B 50 -8.41 13.62 12.41
CA LEU B 50 28.57 -6.07 5.40
CA LEU B 50 -16.24 -4.46 -18.05
CA LEU B 50 4.14 -13.41 -4.13
CA LEU B 50 -9.16 12.36 12.60
C LEU B 50 29.09 -7.47 5.15
C LEU B 50 -16.67 -5.42 -19.16
C LEU B 50 3.55 -14.80 -4.31
C LEU B 50 -10.48 12.64 13.30
N GLU B 51 29.30 -8.24 6.22
N GLU B 51 -15.74 -5.85 -19.99
N GLU B 51 4.24 -15.82 -3.81
N GLU B 51 -11.56 11.99 12.86
CA GLU B 51 29.85 -9.60 6.07
CA GLU B 51 -16.09 -6.73 -21.12
CA GLU B 51 3.76 -17.21 -3.99
CA GLU B 51 -12.89 12.24 13.46
C GLU B 51 28.76 -10.62 6.19
C GLU B 51 -15.72 -8.16 -20.79
C GLU B 51 3.10 -17.70 -2.73
C GLU B 51 -13.25 11.13 14.41
N ASP B 52 28.74 -11.67 5.40
N ASP B 52 -16.52 -9.14 -21.14
N ASP B 52 2.01 -18.42 -2.79
N ASP B 52 -13.85 11.41 15.53
CA ASP B 52 27.71 -12.69 5.34
CA ASP B 52 -16.34 -10.55 -20.81
CA ASP B 52 1.22 -18.88 -1.66
CA ASP B 52 -14.17 10.45 16.59
C ASP B 52 27.19 -13.34 6.61
C ASP B 52 -15.00 -11.23 -21.05
C ASP B 52 1.88 -19.56 -0.47
C ASP B 52 -14.87 9.15 16.26
N GLY B 53 28.06 -13.67 7.53
N GLY B 53 -14.37 -10.97 -22.16
N GLY B 53 2.84 -20.43 -0.71
N GLY B 53 -15.85 9.18 15.39
CA GLY B 53 27.71 -14.36 8.79
CA GLY B 53 -13.10 -11.60 -22.56
CA GLY B 53 3.54 -21.21 0.32
CA GLY B 53 -16.66 8.01 15.02
C GLY B 53 27.22 -13.50 9.90
C GLY B 53 -11.86 -10.99 -21.99
C GLY B 53 4.67 -20.52 1.01
C GLY B 53 -16.08 7.12 13.97
N ARG B 54 27.28 -12.18 9.77
N ARG B 54 -11.94 -9.85 -21.31
N ARG B 54 5.09 -19.35 0.54
N ARG B 54 -14.98 7.49 13.33
CA ARG B 54 26.74 -11.26 10.78
CA ARG B 54 -10.78 -9.23 -20.65
CA ARG B 54 6.15 -18.58 1.21
CA ARG B 54 -14.30 6.63 12.34
C ARG B 54 25.26 -11.06 10.51
C ARG B 54 -10.64 -9.86 -19.27
C ARG B 54 5.50 -17.73 2.30
C ARG B 54 -13.35 5.71 13.10
N THR B 55 24.55 -10.51 11.47
N THR B 55 -9.50 -9.66 -18.64
N THR B 55 6.30 -17.21 3.19
N THR B 55 -12.89 4.69 12.43
CA THR B 55 23.11 -10.19 11.34
CA THR B 55 -9.22 -10.14 -17.27
CA THR B 55 5.85 -16.31 4.29
CA THR B 55 -11.90 3.73 12.97
C THR B 55 23.00 -8.66 11.16
C THR B 55 -9.30 -8.91 -16.34
C THR B 55 6.26 -14.88 3.88
C THR B 55 -10.54 4.06 12.33
N LEU B 56 21.85 -8.21 10.73
N LEU B 56 -9.38 -9.17 -15.06
N LEU B 56 5.68 -13.91 4.56
N LEU B 56 -9.49 3.53 12.91
CA LEU B 56 21.57 -6.78 10.56
CA LEU B 56 -9.40 -8.11 -14.04
CA LEU B 56 6.01 -12.49 4.35
CA LEU B 56 -8.12 3.70 12.38
C LEU B 56 21.69 -6.11 11.93
C LEU B 56 -8.10 -7.33 -14.12
C LEU B 56 7.49 -12.28 4.66
C LEU B 56 -8.08 3.08 10.99
N SER B 57 21.28 -6.81 13.00
N SER B 57 -6.99 -8.02 -14.43
N SER B 57 8.01 -13.00 5.69
N SER B 57 -8.80 1.97 10.77
CA SER B 57 21.39 -6.15 14.33
CA SER B 57 -5.70 -7.26 -14.51
CA SER B 57 9.43 -12.78 6.01
CA SER B 57 -8.74 1.37 9.42
C SER B 57 22.82 -5.86 14.70
C SER B 57 -5.72 -6.24 -15.63
C SER B 57 10.35 -13.21 4.88
C SER B 57 -9.32 2.28 8.35
N ASP B 58 23.74 -6.68 14.22
N ASP B 58 -6.46 -6.52 -16.68
N ASP B 58 9.92 -14.19 4.10
N ASP B 58 -10.26 3.12 8.74
CA ASP B 58 25.18 -6.49 14.54
CA ASP B 58 -6.56 -5.58 -17.83
CA ASP B 58 10.72 -14.67 2.95
CA ASP B 58 -10.89 4.07 7.78
C ASP B 58 25.65 -5.09 14.13
C ASP B 58 -7.01 -4.19 -17.37
C ASP B 58 11.08 -13.52 2.00
C ASP B 58 -9.83 4.94 7.10
N TYR B 59 25.15 -4.65 13.01
N TYR B 59 -7.93 -4.19 -16.45
N TYR B 59 10.12 -12.66 1.81
N TYR B 59 -8.86 5.34 7.89
CA TYR B 59 25.44 -3.33 12.45
CA TYR B 59 -8.49 -2.98 -15.86
CA TYR B 59 10.25 -11.47 0.96
CA TYR B 59 -7.74 6.15 7.45
C TYR B 59 24.46 -2.27 12.90
C TYR B 59 -7.75 -2.53 -14.62
C TYR B 59 10.74 -10.25 1.71
C TYR B 59 -6.55 5.34 6.98
N ASN B 60 23.52 -2.52 13.78
N ASN B 60 -6.65 -3.14 -14.21
N ASN B 60 11.09 -10.32 2.98
N ASN B 60 -6.61 4.03 6.91
CA ASN B 60 22.60 -1.45 14.20
CA ASN B 60 -5.96 -2.66 -13.00
CA ASN B 60 11.56 -9.10 3.67
CA ASN B 60 -5.42 3.28 6.44
C ASN B 60 21.85 -0.88 13.00
C ASN B 60 -6.89 -2.69 -11.79
C ASN B 60 10.51 -8.01 3.63
C ASN B 60 -4.21 3.55 7.32
N ILE B 61 21.34 -1.74 12.14
N ILE B 61 -7.61 -3.77 -11.62
N ILE B 61 9.27 -8.35 3.90
N ILE B 61 -4.41 3.53 8.63
CA ILE B 61 20.51 -1.30 10.99
CA ILE B 61 -8.48 -3.95 -10.42
CA ILE B 61 8.17 -7.34 3.97
CA ILE B 61 -3.27 3.70 9.58
C ILE B 61 19.07 -1.26 11.48
C ILE B 61 -7.61 -4.60 -9.35
C ILE B 61 8.14 -6.85 5.42
C ILE B 61 -2.73 2.30 9.84
N GLN B 62 18.46 -0.11 11.52
N GLN B 62 -7.36 -3.94 -8.26
N GLN B 62 8.42 -5.60 5.66
N GLN B 62 -1.50 2.03 9.48
CA GLN B 62 17.07 0.06 12.05
CA GLN B 62 -6.46 -4.45 -7.18
CA GLN B 62 8.49 -5.01 7.03
CA GLN B 62 -0.88 0.68 9.61
C GLN B 62 16.09 0.20 10.88
C GLN B 62 -7.31 -4.95 -6.01
C GLN B 62 7.23 -4.20 7.32
C GLN B 62 0.07 0.68 10.81
N LYS B 63 14.78 0.15 11.16
N LYS B 63 -6.69 -5.64 -5.04
N LYS B 63 7.02 -3.79 8.56
N LYS B 63 0.56 -0.49 11.20
CA LYS B 63 13.77 0.21 10.14
CA LYS B 63 -7.39 -6.22 -3.93
CA LYS B 63 5.82 -3.07 8.96
CA LYS B 63 1.41 -0.63 12.37
C LYS B 63 13.98 1.46 9.28
C LYS B 63 -8.21 -5.15 -3.22
C LYS B 63 5.65 -1.86 8.07
C LYS B 63 2.63 0.30 12.21
N GLU B 64 13.70 1.24 7.99
N GLU B 64 -9.40 -5.60 -2.79
N GLU B 64 4.36 -1.61 7.78
N GLU B 64 3.00 0.85 13.37
CA GLU B 64 13.79 2.24 6.95
CA GLU B 64 -10.38 -4.83 -2.08
CA GLU B 64 3.88 -0.51 6.98
CA GLU B 64 4.10 1.75 13.54
C GLU B 64 15.16 2.76 6.59
C GLU B 64 -11.07 -3.72 -2.82
C GLU B 64 4.22 -0.52 5.52
C GLU B 64 4.00 3.11 12.91
N SER B 65 16.16 1.99 6.98
N SER B 65 -11.01 -3.82 -4.15
N SER B 65 4.59 -1.70 5.03
N SER B 65 2.78 3.49 12.60
CA SER B 65 17.56 2.25 6.64
CA SER B 65 -11.71 -2.91 -5.05
CA SER B 65 4.85 -1.95 3.61
CA SER B 65 2.45 4.82 12.09
C SER B 65 17.73 1.96 5.12
C SER B 65 -13.21 -3.24 -4.96
C SER B 65 3.49 -1.89 2.87
C SER B 65 2.62 5.82 13.26
N THR B 66 18.76 2.51 4.53
N THR B 66 -14.05 -2.31 -5.36
N THR B 66 3.53 -1.68 1.58
N THR B 66 2.77 7.08 12.94
CA THR B 66 19.09 2.24 3.12
CA THR B 66 -15.50 -2.51 -5.41
CA THR B 66 2.33 -1.70 0.74
CA THR B 66 2.87 8.15 13.94
C THR B 66 20.47 1.61 3.05
C THR B 66 -15.96 -2.34 -6.85
C THR B 66 2.48 -2.80 -0.31
C THR B 66 1.71 9.12 13.72
N LEU B 67 20.61 0.46 2.39
N LEU B 67 -16.69 -3.32 -7.40
N LEU B 67 1.49 -3.70 -0.41
N LEU B 67 0.92 9.41 14.75
CA LEU B 67 21.93 -0.14 2.20
CA LEU B 67 -17.26 -3.18 -8.74
CA LEU B 67 1.53 -4.72 -1.46
CA LEU B 67 -0.14 10.42 14.63
C LEU B 67 22.32 0.16 0.74
C LEU B 67 -18.76 -2.89 -8.52
C LEU B 67 0.51 -4.25 -2.52
C LEU B 67 0.41 11.68 15.35
N HIS B 68 23.56 0.20 0.44
N HIS B 68 -19.38 -2.23 -9.45
N HIS B 68 0.69 -4.64 -3.73
N HIS B 68 -0.05 12.82 14.99
CA HIS B 68 23.97 0.44 -0.97
CA HIS B 68 -20.83 -1.98 -9.30
CA HIS B 68 -0.29 -4.25 -4.77
CA HIS B 68 0.41 14.05 15.69
C HIS B 68 24.46 -0.90 -1.50
C HIS B 68 -21.53 -2.93 -10.26
C HIS B 68 -1.13 -5.50 -5.07
C HIS B 68 -0.75 14.47 16.58
N LEU B 69 24.04 -1.24 -2.71
N LEU B 69 -22.59 -3.56 -9.80
N LEU B 69 -2.43 -5.34 -5.16
N LEU B 69 -0.44 14.84 17.81
CA LEU B 69 24.49 -2.48 -3.37
CA LEU B 69 -23.40 -4.45 -10.64
CA LEU B 69 -3.33 -6.44 -5.50
CA LEU B 69 -1.44 15.35 18.74
C LEU B 69 25.45 -2.18 -4.47
C LEU B 69 -24.72 -3.83 -10.99
C LEU B 69 -3.85 -6.29 -6.90
C LEU B 69 -1.30 16.82 18.96
N VAL B 70 26.67 -2.61 -4.38
N VAL B 70 -24.97 -3.55 -12.22
N VAL B 70 -3.55 -7.18 -7.79
N VAL B 70 -2.26 17.61 18.58
CA VAL B 70 27.64 -2.44 -5.50
CA VAL B 70 -26.31 -3.04 -12.63
CA VAL B 70 -4.13 -7.15 -9.17
CA VAL B 70 -2.20 19.08 18.88
C VAL B 70 27.80 -3.87 -6.06
C VAL B 70 -26.95 -4.22 -13.38
C VAL B 70 -5.11 -8.33 -9.17
C VAL B 70 -3.27 19.27 19.97
N LEU B 71 27.86 -4.01 -7.36
N LEU B 71 -28.22 -4.45 -13.18
N LEU B 71 -6.26 -8.16 -9.76
N LEU B 71 -2.99 20.09 20.94
CA LEU B 71 28.06 -5.34 -7.97
CA LEU B 71 -28.93 -5.55 -13.88
CA LEU B 71 -7.25 -9.26 -9.85
CA LEU B 71 -3.98 20.36 22.02
C LEU B 71 29.52 -5.56 -8.27
C LEU B 71 -29.62 -5.01 -15.10
C LEU B 71 -7.11 -9.97 -11.17
C LEU B 71 -4.75 21.62 21.71
N MET A 1 6.38 18.40 -20.67
CA MET A 1 5.74 19.56 -20.05
C MET A 1 6.28 19.67 -18.60
N GLN A 2 6.34 20.88 -18.14
CA GLN A 2 6.81 21.11 -16.74
C GLN A 2 5.61 21.10 -15.81
N ILE A 3 5.80 20.45 -14.66
CA ILE A 3 4.77 20.47 -13.61
C ILE A 3 5.53 20.83 -12.30
N PHE A 4 4.75 21.23 -11.33
CA PHE A 4 5.40 21.59 -10.01
C PHE A 4 4.91 20.64 -8.96
N VAL A 5 5.74 20.16 -8.03
CA VAL A 5 5.27 19.32 -6.95
C VAL A 5 5.58 20.10 -5.65
N LYS A 6 4.57 20.50 -4.95
CA LYS A 6 4.78 21.30 -3.70
C LYS A 6 4.77 20.35 -2.53
N THR A 7 5.82 20.41 -1.68
CA THR A 7 5.88 19.52 -0.51
C THR A 7 5.42 20.27 0.74
N LEU A 8 5.24 19.58 1.84
CA LEU A 8 4.74 20.24 3.07
C LEU A 8 5.81 21.08 3.74
N THR A 9 7.06 21.03 3.24
CA THR A 9 8.08 21.90 3.94
C THR A 9 8.35 23.16 3.18
N GLY A 10 7.52 23.50 2.24
CA GLY A 10 7.67 24.69 1.43
C GLY A 10 8.68 24.63 0.33
N LYS A 11 9.10 23.43 0.00
CA LYS A 11 10.01 23.21 -1.12
C LYS A 11 9.11 22.84 -2.31
N THR A 12 9.42 23.38 -3.48
CA THR A 12 8.62 22.98 -4.66
C THR A 12 9.61 22.35 -5.64
N ILE A 13 9.25 21.19 -6.17
CA ILE A 13 10.23 20.60 -7.13
C ILE A 13 9.65 20.67 -8.52
N THR A 14 10.47 20.94 -9.51
CA THR A 14 9.89 20.97 -10.89
C THR A 14 10.25 19.66 -11.57
N LEU A 15 9.33 19.09 -12.33
CA LEU A 15 9.58 17.83 -13.01
C LEU A 15 9.25 18.02 -14.49
N GLU A 16 9.89 17.22 -15.31
CA GLU A 16 9.51 17.26 -16.76
C GLU A 16 8.85 15.92 -17.00
N VAL A 17 7.60 16.03 -17.42
CA VAL A 17 6.77 14.86 -17.67
C VAL A 17 5.93 15.04 -18.95
N GLU A 18 5.32 13.93 -19.31
CA GLU A 18 4.37 13.84 -20.41
C GLU A 18 3.06 13.38 -19.82
N PRO A 19 1.95 13.87 -20.34
CA PRO A 19 0.61 13.47 -19.90
C PRO A 19 0.43 11.98 -19.97
N SER A 20 1.19 11.31 -20.81
CA SER A 20 1.03 9.85 -20.98
C SER A 20 1.72 9.11 -19.87
N ASP A 21 2.49 9.83 -19.05
CA ASP A 21 3.19 9.10 -17.96
C ASP A 21 2.21 8.63 -16.92
N THR A 22 2.51 7.52 -16.30
CA THR A 22 1.71 6.99 -15.21
C THR A 22 2.16 7.68 -13.91
N ILE A 23 1.25 7.61 -12.94
CA ILE A 23 1.52 8.13 -11.60
C ILE A 23 2.72 7.40 -10.98
N GLU A 24 2.80 6.12 -11.24
CA GLU A 24 3.98 5.32 -10.73
C GLU A 24 5.27 5.90 -11.23
N CYS A 25 5.30 6.34 -12.52
CA CYS A 25 6.50 6.91 -13.13
C CYS A 25 6.85 8.24 -12.50
N VAL A 26 5.82 9.05 -12.28
CA VAL A 26 6.04 10.34 -11.65
C VAL A 26 6.71 10.15 -10.29
N LYS A 27 6.18 9.20 -9.52
CA LYS A 27 6.74 8.92 -8.19
C LYS A 27 8.19 8.48 -8.29
N ALA A 28 8.54 7.70 -9.30
CA ALA A 28 9.92 7.29 -9.53
C ALA A 28 10.80 8.47 -9.89
N LYS A 29 10.31 9.43 -10.66
CA LYS A 29 11.09 10.64 -10.97
C LYS A 29 11.35 11.47 -9.69
N ILE A 30 10.35 11.49 -8.81
CA ILE A 30 10.50 12.25 -7.55
C ILE A 30 11.53 11.50 -6.70
N GLN A 31 11.49 10.19 -6.69
CA GLN A 31 12.50 9.45 -5.86
C GLN A 31 13.90 9.76 -6.40
N ASP A 32 14.01 9.63 -7.70
CA ASP A 32 15.30 9.91 -8.37
C ASP A 32 15.83 11.29 -8.03
N LYS A 33 14.94 12.30 -7.98
CA LYS A 33 15.50 13.66 -7.74
C LYS A 33 15.53 14.13 -6.33
N GLU A 34 14.74 13.67 -5.41
CA GLU A 34 14.73 14.09 -4.02
C GLU A 34 14.92 12.96 -3.04
N GLY A 35 14.94 11.73 -3.52
CA GLY A 35 15.18 10.58 -2.69
C GLY A 35 14.07 10.02 -1.89
N ILE A 36 12.84 10.55 -2.06
CA ILE A 36 11.72 10.01 -1.29
C ILE A 36 11.20 8.72 -1.91
N PRO A 37 11.15 7.65 -1.13
CA PRO A 37 10.64 6.34 -1.58
C PRO A 37 9.21 6.46 -2.09
N PRO A 38 8.88 5.84 -3.19
CA PRO A 38 7.51 5.95 -3.73
C PRO A 38 6.45 5.52 -2.76
N ASP A 39 6.74 4.57 -1.90
CA ASP A 39 5.72 4.05 -0.95
C ASP A 39 5.34 5.08 0.11
N GLN A 40 6.16 6.11 0.23
CA GLN A 40 5.83 7.18 1.22
C GLN A 40 5.08 8.36 0.58
N GLN A 41 5.02 8.40 -0.74
CA GLN A 41 4.40 9.48 -1.46
C GLN A 41 2.90 9.36 -1.66
N ARG A 42 2.21 10.46 -1.32
CA ARG A 42 0.75 10.57 -1.60
C ARG A 42 0.62 11.80 -2.48
N LEU A 43 0.18 11.67 -3.73
CA LEU A 43 0.09 12.84 -4.63
C LEU A 43 -1.35 13.30 -4.76
N ILE A 44 -1.57 14.59 -4.57
CA ILE A 44 -2.91 15.19 -4.61
C ILE A 44 -3.02 16.28 -5.66
N PHE A 45 -4.11 16.19 -6.46
CA PHE A 45 -4.39 17.20 -7.50
C PHE A 45 -5.92 17.33 -7.53
N ALA A 46 -6.32 18.58 -7.46
CA ALA A 46 -7.74 18.98 -7.52
C ALA A 46 -8.59 18.14 -6.58
N GLY A 47 -8.08 17.99 -5.40
CA GLY A 47 -8.62 17.24 -4.29
C GLY A 47 -8.80 15.76 -4.47
N CYS A 48 -8.13 15.15 -5.41
CA CYS A 48 -8.12 13.71 -5.63
C CYS A 48 -6.78 13.12 -5.25
N GLN A 49 -6.74 11.97 -4.70
CA GLN A 49 -5.43 11.30 -4.47
C GLN A 49 -5.16 10.55 -5.77
N LEU A 50 -3.98 10.72 -6.33
CA LEU A 50 -3.65 10.11 -7.64
C LEU A 50 -3.29 8.65 -7.46
N GLU A 51 -3.77 7.80 -8.37
CA GLU A 51 -3.53 6.34 -8.25
C GLU A 51 -2.42 5.92 -9.18
N ASP A 52 -1.53 5.06 -8.79
CA ASP A 52 -0.35 4.62 -9.54
C ASP A 52 -0.48 4.20 -10.99
N GLY A 53 -1.50 3.45 -11.32
CA GLY A 53 -1.74 2.91 -12.67
C GLY A 53 -2.40 3.82 -13.65
N ARG A 54 -2.89 4.98 -13.21
CA ARG A 54 -3.49 5.96 -14.13
C ARG A 54 -2.37 6.83 -14.68
N THR A 55 -2.66 7.57 -15.72
CA THR A 55 -1.72 8.53 -16.36
C THR A 55 -2.16 9.94 -15.93
N LEU A 56 -1.27 10.90 -16.12
CA LEU A 56 -1.55 12.31 -15.83
C LEU A 56 -2.72 12.75 -16.70
N SER A 57 -2.80 12.25 -17.95
CA SER A 57 -3.93 12.69 -18.80
C SER A 57 -5.26 12.26 -18.24
N ASP A 58 -5.29 11.15 -17.53
CA ASP A 58 -6.56 10.64 -16.93
C ASP A 58 -7.20 11.71 -16.05
N TYR A 59 -6.37 12.41 -15.33
CA TYR A 59 -6.76 13.49 -14.42
C TYR A 59 -6.79 14.84 -15.09
N ASN A 60 -6.55 14.98 -16.38
CA ASN A 60 -6.58 16.32 -16.99
C ASN A 60 -5.58 17.25 -16.32
N ILE A 61 -4.36 16.77 -16.10
CA ILE A 61 -3.28 17.62 -15.54
C ILE A 61 -2.59 18.28 -16.73
N GLN A 62 -2.64 19.57 -16.85
CA GLN A 62 -2.07 20.32 -18.00
C GLN A 62 -0.74 20.97 -17.58
N LYS A 63 0.04 21.51 -18.58
CA LYS A 63 1.33 22.10 -18.24
C LYS A 63 1.17 23.16 -17.17
N GLU A 64 2.22 23.18 -16.36
CA GLU A 64 2.37 24.09 -15.26
C GLU A 64 1.44 23.96 -14.10
N SER A 65 0.81 22.79 -14.03
CA SER A 65 -0.07 22.42 -12.91
C SER A 65 0.84 22.18 -11.68
N THR A 66 0.25 22.25 -10.50
CA THR A 66 0.96 21.97 -9.25
C THR A 66 0.29 20.77 -8.56
N LEU A 67 1.06 19.74 -8.22
CA LEU A 67 0.49 18.62 -7.46
C LEU A 67 0.98 18.81 -6.00
N HIS A 68 0.26 18.31 -5.06
CA HIS A 68 0.72 18.43 -3.66
C HIS A 68 1.24 17.05 -3.26
N LEU A 69 2.38 17.02 -2.60
CA LEU A 69 2.96 15.77 -2.10
C LEU A 69 2.83 15.67 -0.60
N VAL A 70 2.10 14.73 -0.09
CA VAL A 70 2.03 14.52 1.38
C VAL A 70 2.81 13.21 1.60
N LEU A 71 3.60 13.15 2.65
CA LEU A 71 4.36 11.93 2.95
C LEU A 71 3.61 11.09 3.95
N ARG A 72 3.44 9.81 3.74
N ARG A 72 3.52 9.78 3.70
N ARG A 72 3.54 9.80 3.75
N ARG A 72 3.50 9.80 3.73
CA ARG A 72 2.65 9.01 4.69
CA ARG A 72 2.82 8.81 4.58
CA ARG A 72 2.80 8.94 4.71
CA ARG A 72 2.77 8.92 4.66
C ARG A 72 2.80 7.56 4.23
C ARG A 72 2.35 7.69 3.64
C ARG A 72 3.65 8.96 5.99
C ARG A 72 2.56 7.60 3.91
N LEU A 73 2.45 6.58 5.00
N LEU A 73 1.45 6.85 4.03
N LEU A 73 3.16 9.43 7.09
N LEU A 73 1.75 6.70 4.36
CA LEU A 73 2.60 5.18 4.54
CA LEU A 73 1.00 5.77 3.12
CA LEU A 73 3.99 9.44 8.32
CA LEU A 73 1.56 5.43 3.62
C LEU A 73 4.07 4.77 4.59
C LEU A 73 -0.31 5.19 3.61
C LEU A 73 4.03 8.05 8.94
C LEU A 73 2.75 4.51 3.87
N ARG A 74 4.36 3.98 5.62
N ARG A 74 -1.18 4.96 2.64
N ARG A 74 3.13 7.22 8.44
N ARG A 74 3.23 4.58 5.11
CA ARG A 74 5.73 3.49 5.86
CA ARG A 74 -2.53 4.41 2.91
CA ARG A 74 2.99 5.83 8.91
CA ARG A 74 4.38 3.77 5.55
C ARG A 74 6.56 4.61 6.49
C ARG A 74 -2.48 2.90 2.75
C ARG A 74 2.61 5.85 10.38
C ARG A 74 4.31 3.61 7.07
N GLY A 75 5.98 5.20 7.52
N GLY A 75 -3.20 2.42 1.73
N GLY A 75 3.56 5.40 11.20
N GLY A 75 4.45 2.36 7.50
CA GLY A 75 6.60 6.30 8.25
CA GLY A 75 -3.30 1.01 1.41
CA GLY A 75 3.39 5.32 12.65
CA GLY A 75 4.41 1.99 8.90
C GLY A 75 7.92 5.97 8.91
C GLY A 75 -4.52 0.30 1.97
C GLY A 75 2.71 4.05 13.14
C GLY A 75 4.84 0.57 9.21
N GLY A 76 7.96 4.76 9.45
N GLY A 76 -4.78 -0.85 1.40
N GLY A 76 2.47 3.17 12.20
N GLY A 76 4.88 0.30 10.50
CA GLY A 76 9.12 4.19 10.14
CA GLY A 76 -5.89 -1.75 1.77
CA GLY A 76 1.85 1.85 12.41
CA GLY A 76 5.26 -1.00 11.07
C GLY A 76 8.98 2.65 10.13
C GLY A 76 -5.44 -3.19 1.56
C GLY A 76 2.20 0.95 11.22
C GLY A 76 4.00 -1.67 11.64
N MET B 1 10.88 -6.89 7.76
N MET B 1 -10.77 -13.69 -1.09
N MET B 1 -1.44 -5.32 9.71
N MET B 1 -3.66 -1.65 19.27
CA MET B 1 11.23 -5.47 7.69
CA MET B 1 -10.68 -12.23 -0.88
CA MET B 1 -0.79 -4.29 8.88
CA MET B 1 -2.48 -1.17 18.53
C MET B 1 11.76 -5.20 6.26
C MET B 1 -12.08 -11.64 -1.18
C MET B 1 -1.68 -4.10 7.62
C MET B 1 -2.04 0.16 19.18
N GLN B 2 11.53 -4.01 5.81
N GLN B 2 -12.36 -10.57 -0.50
N GLN B 2 -1.66 -2.90 7.12
N GLN B 2 -0.76 0.39 19.13
CA GLN B 2 12.02 -3.62 4.46
CA GLN B 2 -13.67 -9.89 -0.72
CA GLN B 2 -2.44 -2.61 5.89
CA GLN B 2 -0.23 1.67 19.68
C GLN B 2 13.41 -3.03 4.59
C GLN B 2 -13.50 -8.84 -1.81
C GLN B 2 -1.57 -2.85 4.67
C GLN B 2 -0.21 2.73 18.58
N ILE B 3 14.28 -3.41 3.66
N ILE B 3 -14.48 -8.77 -2.70
N ILE B 3 -2.15 -3.47 3.66
N ILE B 3 -0.60 3.93 18.95
CA ILE B 3 15.62 -2.80 3.58
CA ILE B 3 -14.52 -7.70 -3.71
CA ILE B 3 -1.45 -3.63 2.37
CA ILE B 3 -0.49 5.07 18.04
C ILE B 3 15.82 -2.42 2.08
C ILE B 3 -15.96 -7.11 -3.65
C ILE B 3 -2.47 -3.17 1.28
C ILE B 3 0.18 6.21 18.86
N PHE B 4 16.79 -1.56 1.88
N PHE B 4 -16.06 -5.94 -4.23
N PHE B 4 -1.92 -2.91 0.12
N PHE B 4 0.67 7.17 18.11
CA PHE B 4 17.06 -1.13 0.46
CA PHE B 4 -17.44 -5.29 -4.23
CA PHE B 4 -2.82 -2.46 -1.00
CA PHE B 4 1.35 8.33 18.83
C PHE B 4 18.43 -1.59 0.07
C PHE B 4 -17.91 -5.16 -5.65
C PHE B 4 -2.80 -3.50 -2.08
C PHE B 4 0.55 9.58 18.56
N VAL B 5 18.67 -2.08 -1.15
N VAL B 5 -19.17 -5.38 -5.97
N VAL B 5 -3.91 -3.84 -2.74
N VAL B 5 0.36 10.48 19.52
CA VAL B 5 20.01 -2.44 -1.57
CA VAL B 5 -19.68 -5.19 -7.32
CA VAL B 5 -3.90 -4.76 -3.85
CA VAL B 5 -0.32 11.74 19.27
C VAL B 5 20.33 -1.52 -2.78
C VAL B 5 -20.76 -4.09 -7.19
C VAL B 5 -4.41 -3.95 -5.07
C VAL B 5 0.72 12.84 19.59
N LYS B 6 21.28 -0.67 -2.62
N LYS B 6 -20.52 -2.96 -7.77
N LYS B 6 -3.58 -3.75 -6.03
N LYS B 6 1.12 13.56 18.60
CA LYS B 6 21.62 0.29 -3.72
CA LYS B 6 -21.51 -1.83 -7.66
CA LYS B 6 -3.98 -2.93 -7.23
CA LYS B 6 2.16 14.63 18.81
C LYS B 6 22.75 -0.29 -4.52
C LYS B 6 -22.40 -1.86 -8.87
C LYS B 6 -4.44 -3.88 -8.31
C LYS B 6 1.46 15.94 19.04
N THR B 7 22.58 -0.38 -5.86
N THR B 7 -23.73 -1.86 -8.66
N THR B 7 -5.66 -3.65 -8.84
N THR B 7 1.79 16.65 20.14
CA THR B 7 23.64 -0.95 -6.71
CA THR B 7 -24.66 -1.90 -9.80
CA THR B 7 -6.17 -4.54 -9.90
CA THR B 7 1.14 17.93 20.42
C THR B 7 24.44 0.19 -7.34
C THR B 7 -25.18 -0.48 -10.08
C THR B 7 -5.94 -3.89 -11.26
C THR B 7 2.06 19.07 19.97
N LEU B 8 25.55 -0.12 -8.00
N LEU B 8 -25.87 -0.29 -11.18
N LEU B 8 -6.16 -4.61 -12.34
N LEU B 8 1.58 20.29 19.97
CA LEU B 8 26.40 0.93 -8.60
CA LEU B 8 -26.37 1.07 -11.53
CA LEU B 8 -5.93 -4.07 -13.69
CA LEU B 8 2.39 21.44 19.52
C LEU B 8 25.78 1.52 -9.85
C LEU B 8 -27.52 1.52 -10.67
C LEU B 8 -6.98 -3.05 -14.12
C LEU B 8 3.47 21.83 20.51
N THR B 9 24.67 0.94 -10.34
N THR B 9 -28.05 0.62 -9.81
N THR B 9 -8.04 -2.88 -13.30
N THR B 9 3.47 21.21 21.71
CA THR B 9 24.10 1.57 -11.58
CA THR B 9 -29.19 1.11 -8.97
CA THR B 9 -9.06 -1.87 -13.75
CA THR B 9 4.55 21.62 22.66
C THR B 9 22.92 2.45 -11.29
C THR B 9 -28.75 1.46 -7.58
C THR B 9 -8.91 -0.57 -13.02
C THR B 9 5.67 20.64 22.70
N GLY B 10 22.73 2.81 -10.05
N GLY B 10 -27.49 1.59 -7.35
N GLY B 10 -7.81 -0.36 -12.35
N GLY B 10 5.73 19.74 21.76
CA GLY B 10 21.64 3.66 -9.62
CA GLY B 10 -26.93 1.92 -6.06
CA GLY B 10 -7.54 0.84 -11.61
CA GLY B 10 6.76 18.73 21.67
C GLY B 10 20.30 3.01 -9.51
C GLY B 10 -26.87 0.82 -5.06
C GLY B 10 -8.23 0.97 -10.28
C GLY B 10 6.61 17.56 22.59
N LYS B 11 20.29 1.70 -9.48
N LYS B 11 -27.01 -0.39 -5.52
N LYS B 11 -8.72 -0.13 -9.77
N LYS B 11 5.43 17.39 23.12
CA LYS B 11 19.07 0.94 -9.26
CA LYS B 11 -26.87 -1.58 -4.69
CA LYS B 11 -9.32 -0.18 -8.46
CA LYS B 11 5.11 16.23 23.95
C LYS B 11 19.04 0.61 -7.76
C LYS B 11 -25.41 -2.06 -4.89
C LYS B 11 -8.20 -0.69 -7.52
C LYS B 11 4.41 15.23 23.00
N THR B 12 17.88 0.73 -7.14
N THR B 12 -24.76 -2.44 -3.80
N THR B 12 -8.10 -0.09 -6.34
N THR B 12 4.76 13.96 23.13
CA THR B 12 17.81 0.35 -5.72
CA THR B 12 -23.40 -2.98 -3.97
CA THR B 12 -7.09 -0.61 -5.39
CA THR B 12 4.06 12.97 22.29
C THR B 12 16.78 -0.78 -5.64
C THR B 12 -23.43 -4.40 -3.44
C THR B 12 -7.87 -1.04 -4.15
C THR B 12 3.38 12.01 23.27
N ILE B 13 17.14 -1.86 -4.94
N ILE B 13 -22.89 -5.34 -4.22
N ILE B 13 -7.58 -2.25 -3.68
N ILE B 13 2.10 11.73 23.02
CA ILE B 13 16.13 -2.95 -4.87
CA ILE B 13 -22.93 -6.73 -3.68
CA ILE B 13 -8.35 -2.65 -2.45
CA ILE B 13 1.45 10.79 23.98
C ILE B 13 15.59 -3.02 -3.48
C ILE B 13 -21.53 -7.15 -3.29
C ILE B 13 -7.42 -2.67 -1.27
C ILE B 13 1.19 9.48 23.28
N THR B 14 14.31 -3.27 -3.31
N THR B 14 -21.39 -7.87 -2.21
N THR B 14 -7.88 -2.24 -0.12
N THR B 14 1.37 8.37 23.96
CA THR B 14 13.80 -3.38 -1.91
CA THR B 14 -20.00 -8.32 -1.87
CA THR B 14 -6.96 -2.30 1.05
CA THR B 14 1.08 7.08 23.27
C THR B 14 13.64 -4.85 -1.59
C THR B 14 -19.86 -9.76 -2.28
C THR B 14 -7.33 -3.51 1.88
C THR B 14 -0.27 6.60 23.72
N LEU B 15 14.00 -5.26 -0.38
N LEU B 15 -18.72 -10.14 -2.84
N LEU B 15 -6.36 -4.23 2.40
N LEU B 15 -1.09 6.07 22.83
CA LEU B 15 13.90 -6.64 0.02
CA LEU B 15 -18.49 -11.50 -3.29
CA LEU B 15 -6.61 -5.41 3.20
CA LEU B 15 -2.42 5.59 23.18
C LEU B 15 13.09 -6.72 1.32
C LEU B 15 -17.20 -12.01 -2.65
C LEU B 15 -5.87 -5.27 4.53
C LEU B 15 -2.55 4.14 22.71
N GLU B 16 12.47 -7.86 1.52
N GLU B 16 -17.11 -13.31 -2.50
N GLU B 16 -6.39 -5.94 5.53
N GLU B 16 -3.41 3.41 23.37
CA GLU B 16 11.78 -8.03 2.84
CA GLU B 16 -15.82 -13.87 -2.01
CA GLU B 16 -5.63 -5.94 6.82
CA GLU B 16 -3.68 2.02 22.85
C GLU B 16 12.59 -9.10 3.54
C GLU B 16 -15.28 -14.62 -3.20
C GLU B 16 -5.16 -7.37 6.96
C GLU B 16 -5.11 2.10 22.36
N VAL B 17 13.10 -8.69 4.69
N VAL B 17 -14.10 -14.19 -3.60
N VAL B 17 -3.84 -7.47 7.04
N VAL B 17 -5.22 1.80 21.07
CA VAL B 17 13.95 -9.54 5.50
CA VAL B 17 -13.41 -14.74 -4.76
CA VAL B 17 -3.17 -8.76 7.13
CA VAL B 17 -6.50 1.85 20.38
C VAL B 17 13.62 -9.41 7.00
C VAL B 17 -11.90 -14.91 -4.49
C VAL B 17 -2.00 -8.72 8.14
C VAL B 17 -6.66 0.66 19.42
N GLU B 18 14.24 -10.31 7.73
N GLU B 18 -11.31 -15.58 -5.45
N GLU B 18 -1.51 -9.91 8.37
N GLU B 18 -7.88 0.59 18.94
CA GLU B 18 14.18 -10.34 9.20
CA GLU B 18 -9.86 -15.79 -5.51
CA GLU B 18 -0.33 -10.15 9.20
CA GLU B 18 -8.28 -0.38 17.91
C GLU B 18 15.62 -10.19 9.68
C GLU B 18 -9.39 -15.18 -6.81
C GLU B 18 0.68 -10.84 8.31
C GLU B 18 -8.77 0.43 16.72
N PRO B 19 15.81 -9.50 10.79
N PRO B 19 -8.21 -14.59 -6.82
N PRO B 19 1.95 -10.54 8.50
N PRO B 19 -8.51 -0.05 15.52
CA PRO B 19 17.13 -9.33 11.39
CA PRO B 19 -7.62 -14.00 -8.02
CA PRO B 19 3.04 -11.17 7.74
CA PRO B 19 -8.97 0.60 14.29
C PRO B 19 17.81 -10.65 11.65
C PRO B 19 -7.54 -15.00 -9.16
C PRO B 19 2.99 -12.67 7.84
C PRO B 19 -10.47 0.83 14.29
N SER B 20 17.04 -11.71 11.80
N SER B 20 -7.52 -16.28 -8.83
N SER B 20 2.39 -13.19 8.90
N SER B 20 -11.19 0.02 15.06
CA SER B 20 17.62 -13.03 12.10
CA SER B 20 -7.39 -17.31 -9.87
CA SER B 20 2.35 -14.65 9.10
CA SER B 20 -12.65 0.13 15.07
C SER B 20 18.17 -13.67 10.85
C SER B 20 -8.72 -17.57 -10.54
C SER B 20 1.27 -15.28 8.25
C SER B 20 -13.10 1.27 15.96
N ASP B 21 17.90 -13.07 9.70
N ASP B 21 -9.79 -16.99 -10.00
N ASP B 21 0.44 -14.45 7.62
N ASP B 21 -12.15 1.86 16.69
CA ASP B 21 18.42 -13.71 8.46
CA ASP B 21 -11.11 -17.25 -10.63
CA ASP B 21 -0.64 -15.05 6.80
CA ASP B 21 -12.58 2.98 17.59
C ASP B 21 19.92 -13.56 8.39
C ASP B 21 -11.18 -16.55 -11.96
C ASP B 21 -0.06 -15.69 5.57
C ASP B 21 -12.95 4.18 16.77
N THR B 22 20.57 -14.54 7.79
N THR B 22 -11.91 -17.15 -12.88
N THR B 22 -0.70 -16.75 5.11
N THR B 22 -13.90 4.96 17.26
CA THR B 22 22.00 -14.50 7.57
CA THR B 22 -12.16 -16.56 -14.18
CA THR B 22 -0.31 -17.42 3.89
CA THR B 22 -14.30 6.20 16.64
C THR B 22 22.26 -13.71 6.27
C THR B 22 -13.36 -15.58 -14.04
C THR B 22 -0.96 -16.67 2.70
C THR B 22 -13.32 7.31 17.10
N ILE B 23 23.51 -13.25 6.18
N ILE B 23 -13.41 -14.68 -15.04
N ILE B 23 -0.37 -16.91 1.53
N ILE B 23 -13.32 8.37 16.30
CA ILE B 23 23.98 -12.55 4.99
CA ILE B 23 -14.52 -13.74 -15.13
CA ILE B 23 -0.91 -16.37 0.29
CA ILE B 23 -12.53 9.55 16.63
C ILE B 23 23.89 -13.47 3.77
C ILE B 23 -15.84 -14.49 -15.30
C ILE B 23 -2.33 -16.90 0.05
C ILE B 23 -12.99 10.15 17.95
N GLU B 24 24.17 -14.73 3.96
N GLU B 24 -15.81 -15.57 -16.04
N GLU B 24 -2.56 -18.14 0.39
N GLU B 24 -14.28 10.12 18.18
CA GLU B 24 24.05 -15.72 2.84
CA GLU B 24 -17.05 -16.40 -16.22
CA GLU B 24 -3.93 -18.73 0.25
CA GLU B 24 -14.83 10.62 19.49
C GLU B 24 22.64 -15.73 2.29
C GLU B 24 -17.56 -16.87 -14.88
C GLU B 24 -4.93 -17.93 1.05
C GLU B 24 -14.21 9.88 20.65
N ASN B 25 21.66 -15.65 3.17
N ASN B 25 -16.65 -17.27 -14.00
N ASN B 25 -4.55 -17.50 2.23
N ASN B 25 -14.04 8.59 20.51
CA ASN B 25 20.24 -15.65 2.83
CA ASN B 25 -16.97 -17.76 -12.65
CA ASN B 25 -5.39 -16.71 3.15
CA ASN B 25 -13.45 7.71 21.52
C ASN B 25 19.85 -14.41 2.04
C ASN B 25 -17.60 -16.67 -11.78
C ASN B 25 -5.71 -15.34 2.55
C ASN B 25 -11.99 8.05 21.79
N VAL B 26 20.35 -13.28 2.51
N VAL B 26 -16.99 -15.49 -11.86
N VAL B 26 -4.67 -14.72 2.01
N VAL B 26 -11.28 8.26 20.70
CA VAL B 26 20.10 -12.01 1.84
CA VAL B 26 -17.50 -14.34 -11.12
CA VAL B 26 -4.83 -13.41 1.39
CA VAL B 26 -9.86 8.62 20.79
C VAL B 26 20.60 -12.09 0.40
C VAL B 26 -18.94 -14.07 -11.53
C VAL B 26 -5.85 -13.51 0.27
C VAL B 26 -9.73 9.91 21.59
N LYS B 27 21.82 -12.61 0.24
N LYS B 27 -19.18 -14.08 -12.84
N LYS B 27 -5.72 -14.55 -0.55
N LYS B 27 -10.57 10.89 21.27
CA LYS B 27 22.42 -12.73 -1.08
CA LYS B 27 -20.54 -13.83 -13.35
CA LYS B 27 -6.64 -14.74 -1.68
CA LYS B 27 -10.54 12.17 21.97
C LYS B 27 21.57 -13.63 -1.97
C LYS B 27 -21.51 -14.88 -12.84
C LYS B 27 -8.07 -14.93 -1.18
C LYS B 27 -10.82 11.99 23.45
N ALA B 28 21.01 -14.69 -1.43
N ALA B 28 -21.09 -16.12 -12.74
N ALA B 28 -8.25 -15.61 -0.06
N ALA B 28 -11.72 11.10 23.80
CA ALA B 28 20.12 -15.59 -2.18
CA ALA B 28 -21.92 -17.19 -12.19
CA ALA B 28 -9.57 -15.79 0.53
CA ALA B 28 -12.02 10.80 25.21
C ALA B 28 18.85 -14.88 -2.59
C ALA B 28 -22.21 -16.97 -10.72
C ALA B 28 -10.13 -14.46 1.04
C ALA B 28 -10.83 10.15 25.89
N LYS B 29 18.29 -14.02 -1.74
N LYS B 29 -21.26 -16.48 -9.94
N LYS B 29 -9.30 -13.60 1.60
N LYS B 29 -10.10 9.28 25.22
CA LYS B 29 17.09 -13.23 -2.11
CA LYS B 29 -21.50 -16.16 -8.52
CA LYS B 29 -9.76 -12.26 2.03
CA LYS B 29 -8.87 8.68 25.80
C LYS B 29 17.41 -12.27 -3.26
C LYS B 29 -22.53 -15.02 -8.38
C LYS B 29 -10.21 -11.41 0.83
C LYS B 29 -7.81 9.75 26.06
N ILE B 30 18.62 -11.71 -3.23
N ILE B 30 -22.45 -14.06 -9.30
N ILE B 30 -9.49 -11.57 -0.28
N ILE B 30 -7.73 10.72 25.14
CA ILE B 30 19.02 -10.77 -4.30
CA ILE B 30 -23.39 -12.93 -9.25
CA ILE B 30 -9.85 -10.82 -1.50
CA ILE B 30 -6.74 11.79 25.30
C ILE B 30 19.20 -11.60 -5.57
C ILE B 30 -24.78 -13.49 -9.64
C ILE B 30 -11.17 -11.39 -2.01
C ILE B 30 -7.20 12.65 26.50
N GLN B 31 19.75 -12.78 -5.48
N GLN B 31 -24.84 -14.38 -10.60
N GLN B 31 -11.35 -12.69 -1.96
N GLN B 31 -8.48 12.89 26.63
CA GLN B 31 19.91 -13.58 -6.73
CA GLN B 31 -26.18 -14.93 -10.96
CA GLN B 31 -12.65 -13.25 -2.44
CA GLN B 31 -8.93 13.72 27.79
C GLN B 31 18.52 -13.89 -7.31
C GLN B 31 -26.78 -15.66 -9.73
C GLN B 31 -13.79 -12.70 -1.58
C GLN B 31 -8.57 12.98 29.09
N ASP B 32 17.67 -14.34 -6.43
N ASP B 32 -25.94 -16.50 -9.17
N ASP B 32 -13.57 -12.79 -0.29
N ASP B 32 -8.93 11.73 29.10
CA ASP B 32 16.28 -14.68 -6.82
CA ASP B 32 -26.34 -17.27 -7.98
CA ASP B 32 -14.57 -12.28 0.68
CA ASP B 32 -8.63 10.87 30.28
C ASP B 32 15.60 -13.52 -7.51
C ASP B 32 -26.86 -16.38 -6.88
C ASP B 32 -14.94 -10.85 0.41
C ASP B 32 -7.17 10.91 30.65
N LYS B 33 15.81 -12.28 -7.00
N LYS B 33 -26.20 -15.23 -6.65
N LYS B 33 -13.94 -10.01 0.08
N LYS B 33 -6.27 10.87 29.65
CA LYS B 33 15.06 -11.16 -7.62
CA LYS B 33 -26.67 -14.41 -5.51
CA LYS B 33 -14.32 -8.56 -0.09
CA LYS B 33 -4.84 10.81 30.03
C LYS B 33 15.74 -10.41 -8.71
C LYS B 33 -27.66 -13.34 -5.80
C LYS B 33 -14.66 -8.12 -1.46
C LYS B 33 -4.11 12.11 30.14
N GLU B 34 17.05 -10.35 -8.82
N GLU B 34 -27.79 -12.79 -6.97
N GLU B 34 -14.21 -8.72 -2.54
N GLU B 34 -4.47 13.18 29.49
CA GLU B 34 17.76 -9.64 -9.85
CA GLU B 34 -28.74 -11.75 -7.31
CA GLU B 34 -14.51 -8.33 -3.89
CA GLU B 34 -3.81 14.47 29.55
C GLU B 34 18.72 -10.50 -10.64
C GLU B 34 -29.65 -12.10 -8.46
C GLU B 34 -15.14 -9.41 -4.73
C GLU B 34 -4.70 15.60 29.97
N GLY B 35 18.90 -11.74 -10.23
N GLY B 35 -29.41 -13.23 -9.11
N GLY B 35 -15.23 -10.62 -4.19
N GLY B 35 -5.99 15.35 30.11
CA GLY B 35 19.73 -12.68 -10.94
CA GLY B 35 -30.24 -13.72 -10.17
CA GLY B 35 -15.87 -11.72 -4.87
CA GLY B 35 -6.93 16.33 30.58
C GLY B 35 21.19 -12.65 -10.73
C GLY B 35 -30.07 -13.16 -11.53
C GLY B 35 -15.11 -12.47 -5.89
C GLY B 35 -7.45 17.32 29.62
N ILE B 36 21.67 -11.80 -9.81
N ILE B 36 -29.05 -12.29 -11.72
N ILE B 36 -13.82 -12.16 -6.07
N ILE B 36 -7.11 17.20 28.33
CA ILE B 36 23.12 -11.75 -9.58
CA ILE B 36 -28.85 -11.73 -13.07
CA ILE B 36 -13.04 -12.89 -7.08
CA ILE B 36 -7.62 18.18 27.36
C ILE B 36 23.58 -12.90 -8.71
C ILE B 36 -28.14 -12.72 -13.98
C ILE B 36 -12.60 -14.24 -6.55
C ILE B 36 -9.05 17.85 26.96
N PRO B 37 24.54 -13.67 -9.18
N PRO B 37 -28.74 -13.02 -15.12
N PRO B 37 -12.94 -15.31 -7.25
N PRO B 37 -9.96 18.82 27.12
CA PRO B 37 25.12 -14.80 -8.44
CA PRO B 37 -28.14 -13.94 -16.13
CA PRO B 37 -12.54 -16.68 -6.88
CA PRO B 37 -11.37 18.66 26.74
C PRO B 37 25.67 -14.35 -7.11
C PRO B 37 -26.77 -13.46 -16.56
C PRO B 37 -11.02 -16.80 -6.76
C PRO B 37 -11.50 18.30 25.27
N PRO B 38 25.44 -15.07 -6.04
N PRO B 38 -25.80 -14.32 -16.67
N PRO B 38 -10.52 -17.46 -5.76
N PRO B 38 -12.36 17.37 24.93
CA PRO B 38 25.94 -14.66 -4.72
CA PRO B 38 -24.46 -13.89 -17.08
CA PRO B 38 -9.07 -17.59 -5.60
CA PRO B 38 -12.52 16.97 23.53
C PRO B 38 27.44 -14.47 -4.69
C PRO B 38 -24.43 -13.17 -18.41
C PRO B 38 -8.38 -18.20 -6.79
C PRO B 38 -12.87 18.12 22.62
N ASP B 39 28.18 -15.23 -5.45
N ASP B 39 -25.31 -13.53 -19.31
N ASP B 39 -9.04 -19.10 -7.48
N ASP B 39 -13.61 19.08 23.10
CA ASP B 39 29.66 -15.15 -5.44
CA ASP B 39 -25.31 -12.89 -20.66
CA ASP B 39 -8.41 -19.81 -8.64
CA ASP B 39 -14.05 20.22 22.25
C ASP B 39 30.17 -13.83 -6.00
C ASP B 39 -25.72 -11.43 -20.63
C ASP B 39 -8.17 -18.86 -9.81
C ASP B 39 -12.89 21.11 21.83
N GLN B 40 29.31 -13.11 -6.71
N GLN B 40 -26.30 -11.01 -19.52
N GLN B 40 -8.80 -17.70 -9.79
N GLN B 40 -11.76 20.98 22.51
CA GLN B 40 29.73 -11.81 -7.27
CA GLN B 40 -26.71 -9.59 -19.38
CA GLN B 40 -8.59 -16.72 -10.89
CA GLN B 40 -10.58 21.79 22.14
C GLN B 40 29.33 -10.63 -6.36
C GLN B 40 -25.64 -8.75 -18.64
C GLN B 40 -7.52 -15.68 -10.53
C GLN B 40 -9.63 21.03 21.19
N GLN B 41 28.52 -10.88 -5.35
N GLN B 41 -24.66 -9.39 -18.04
N GLN B 41 -7.09 -15.64 -9.28
N GLN B 41 -9.84 19.75 21.00
CA GLN B 41 28.03 -9.87 -4.44
CA GLN B 41 -23.63 -8.74 -17.28
CA GLN B 41 -6.13 -14.66 -8.80
CA GLN B 41 -9.00 18.91 20.18
C GLN B 41 28.94 -9.52 -3.29
C GLN B 41 -22.46 -8.21 -18.08
C GLN B 41 -4.68 -15.04 -9.00
C GLN B 41 -9.32 18.91 18.70
N ARG B 42 29.17 -8.23 -3.13
N ARG B 42 -22.14 -6.94 -17.82
N ARG B 42 -3.95 -14.09 -9.57
N ARG B 42 -8.26 19.14 17.91
CA ARG B 42 29.90 -7.70 -1.93
CA ARG B 42 -20.91 -6.32 -18.39
CA ARG B 42 -2.46 -14.21 -9.69
CA ARG B 42 -8.36 18.99 16.42
C ARG B 42 28.93 -6.74 -1.28
C ARG B 42 -20.11 -5.86 -17.19
C ARG B 42 -1.90 -13.02 -8.95
C ARG B 42 -7.34 17.94 16.06
N LEU B 43 28.48 -7.01 -0.05
N LEU B 43 -18.93 -6.41 -16.94
N LEU B 43 -1.17 -13.20 -7.85
N LEU B 43 -7.75 16.79 15.53
CA LEU B 43 27.48 -6.11 0.60
CA LEU B 43 -18.14 -6.03 -15.73
CA LEU B 43 -0.65 -12.05 -7.07
CA LEU B 43 -6.79 15.71 15.21
C LEU B 43 28.17 -5.26 1.66
C LEU B 43 -17.00 -5.10 -16.14
C LEU B 43 0.83 -11.86 -7.35
C LEU B 43 -6.53 15.67 13.71
N ILE B 44 27.92 -3.96 1.59
N ILE B 44 -16.90 -3.98 -15.41
N ILE B 44 1.21 -10.62 -7.66
N ILE B 44 -5.26 15.65 13.34
CA ILE B 44 28.53 -2.99 2.50
CA ILE B 44 -15.90 -2.96 -15.70
CA ILE B 44 2.58 -10.26 -8.01
CA ILE B 44 -4.83 15.66 11.94
C ILE B 44 27.49 -2.19 3.28
C ILE B 44 -15.00 -2.70 -14.49
C ILE B 44 3.14 -9.18 -7.10
C ILE B 44 -3.97 14.45 11.60
N PHE B 45 27.73 -2.12 4.62
N PHE B 45 -13.67 -2.69 -14.77
N PHE B 45 4.37 -9.47 -6.60
N PHE B 45 -4.34 13.80 10.46
CA PHE B 45 26.85 -1.34 5.51
CA PHE B 45 -12.66 -2.40 -13.73
CA PHE B 45 5.08 -8.51 -5.73
CA PHE B 45 -3.58 12.64 9.96
C PHE B 45 27.79 -0.73 6.57
C PHE B 45 -11.56 -1.59 -14.45
C PHE B 45 6.57 -8.64 -6.11
C PHE B 45 -3.63 12.77 8.42
N ALA B 46 27.59 0.56 6.71
N ALA B 46 -11.25 -0.50 -13.80
N ALA B 46 7.13 -7.48 -6.35
N ALA B 46 -2.45 12.66 7.88
CA ALA B 46 28.32 1.38 7.70
CA ALA B 46 -10.18 0.43 -14.24
CA ALA B 46 8.56 -7.32 -6.69
CA ALA B 46 -2.22 12.68 6.42
C ALA B 46 29.81 1.10 7.65
C ALA B 46 -10.30 0.73 -15.72
C ALA B 46 8.98 -8.31 -7.76
C ALA B 46 -2.97 13.83 5.78
N GLY B 47 30.31 1.08 6.44
N GLY B 47 -11.52 1.03 -16.11
N GLY B 47 8.15 -8.39 -8.77
N GLY B 47 -2.84 14.97 6.39
CA GLY B 47 31.66 0.84 6.03
CA GLY B 47 -11.97 1.35 -17.43
CA GLY B 47 8.24 -9.22 -9.93
CA GLY B 47 -3.41 16.24 6.06
C GLY B 47 32.26 -0.50 6.37
C GLY B 47 -11.82 0.30 -18.50
C GLY B 47 8.23 -10.71 -9.72
C GLY B 47 -4.91 16.35 6.05
N LYS B 48 31.45 -1.49 6.61
N LYS B 48 -11.70 -0.94 -18.12
N LYS B 48 7.72 -11.18 -8.61
N LYS B 48 -5.59 15.47 6.74
CA LYS B 48 31.94 -2.85 6.91
CA LYS B 48 -11.58 -2.05 -19.08
CA LYS B 48 7.62 -12.61 -8.32
CA LYS B 48 -7.06 15.51 6.84
C LYS B 48 31.47 -3.76 5.75
C LYS B 48 -12.83 -2.93 -18.91
C LYS B 48 6.10 -12.95 -8.25
C LYS B 48 -7.41 15.77 8.31
N GLN B 49 32.28 -4.70 5.36
N GLN B 49 -13.35 -3.46 -19.98
N GLN B 49 5.72 -14.10 -8.74
N GLN B 49 -8.43 16.54 8.57
CA GLN B 49 31.83 -5.68 4.32
CA GLN B 49 -14.49 -4.42 -19.86
CA GLN B 49 4.30 -14.53 -8.59
CA GLN B 49 -8.89 16.76 9.97
C GLN B 49 31.11 -6.76 5.13
C GLN B 49 -13.81 -5.77 -19.65
C GLN B 49 4.28 -15.19 -7.21
C GLN B 49 -9.82 15.57 10.22
N LEU B 50 29.92 -7.14 4.74
N LEU B 50 -14.22 -6.51 -18.65
N LEU B 50 3.33 -14.84 -6.37
N LEU B 50 -9.64 14.86 11.31
CA LEU B 50 29.11 -8.10 5.49
CA LEU B 50 -13.57 -7.79 -18.30
CA LEU B 50 3.26 -15.35 -4.99
CA LEU B 50 -10.43 13.66 11.61
C LEU B 50 29.58 -9.51 5.22
C LEU B 50 -14.04 -8.89 -19.23
C LEU B 50 2.64 -16.74 -4.98
C LEU B 50 -11.80 14.04 12.16
N GLU B 51 29.65 -10.35 6.25
N GLU B 51 -13.12 -9.75 -19.68
N GLU B 51 3.21 -17.65 -4.19
N GLU B 51 -12.85 13.36 11.73
CA GLU B 51 30.15 -11.73 6.06
CA GLU B 51 -13.49 -10.82 -20.63
CA GLU B 51 2.69 -19.04 -4.16
CA GLU B 51 -14.21 13.71 12.18
C GLU B 51 29.00 -12.70 6.02
C GLU B 51 -13.63 -12.13 -19.91
C GLU B 51 1.82 -19.24 -2.94
C GLU B 51 -14.67 12.75 13.23
N ASP B 52 29.01 -13.69 5.17
N ASP B 52 -14.60 -12.94 -20.23
N ASP B 52 0.73 -19.95 -3.04
N ASP B 52 -15.34 13.19 14.27
CA ASP B 52 27.93 -14.65 4.95
CA ASP B 52 -14.91 -14.21 -19.57
CA ASP B 52 -0.25 -20.18 -1.99
CA ASP B 52 -15.77 12.39 15.41
C ASP B 52 27.26 -15.34 6.12
C ASP B 52 -13.83 -15.22 -19.28
C ASP B 52 0.18 -20.60 -0.59
C ASP B 52 -16.48 11.06 15.22
N GLY B 53 28.02 -15.78 7.09
N GLY B 53 -12.92 -15.44 -20.20
N GLY B 53 1.13 -21.51 -0.51
N GLY B 53 -17.39 10.98 14.27
CA GLY B 53 27.53 -16.51 8.28
CA GLY B 53 -11.83 -16.43 -20.09
CA GLY B 53 1.63 -22.07 0.76
CA GLY B 53 -18.20 9.78 13.99
C GLY B 53 26.97 -15.69 9.39
C GLY B 53 -10.61 -16.00 -19.35
C GLY B 53 2.66 -21.26 1.48
C GLY B 53 -17.56 8.74 13.13
N ARG B 54 27.11 -14.37 9.34
N ARG B 54 -10.50 -14.72 -19.00
N ARG B 54 3.20 -20.22 0.86
N ARG B 54 -16.41 9.02 12.53
CA ARG B 54 26.52 -13.48 10.36
CA ARG B 54 -9.36 -14.23 -18.19
CA ARG B 54 4.18 -19.34 1.53
CA ARG B 54 -15.68 8.02 11.73
C ARG B 54 25.08 -13.19 9.96
C ARG B 54 -9.69 -14.45 -16.72
C ARG B 54 3.40 -18.28 2.31
C ARG B 54 -14.81 7.20 12.67
N THR B 55 24.32 -12.66 10.88
N THR B 55 -8.69 -14.35 -15.87
N THR B 55 4.08 -17.59 3.20
N THR B 55 -14.31 6.09 12.19
CA THR B 55 22.91 -12.24 10.66
CA THR B 55 -8.84 -14.47 -14.41
CA THR B 55 3.50 -16.49 4.00
CA THR B 55 -13.40 5.19 12.95
C THR B 55 22.90 -10.71 10.56
C THR B 55 -8.74 -13.04 -13.84
C THR B 55 4.04 -15.17 3.39
C THR B 55 -11.98 5.42 12.37
N LEU B 56 21.81 -10.17 10.06
N LEU B 56 -9.15 -12.90 -12.59
N LEU B 56 3.41 -14.08 3.75
N LEU B 56 -11.00 4.96 13.10
CA LEU B 56 21.62 -8.71 9.95
CA LEU B 56 -9.07 -11.62 -11.87
CA LEU B 56 3.82 -12.73 3.32
CA LEU B 56 -9.59 5.04 12.66
C LEU B 56 21.65 -8.12 11.36
C LEU B 56 -7.60 -11.21 -11.78
C LEU B 56 5.24 -12.49 3.83
C LEU B 56 -9.45 4.23 11.38
N SER B 57 21.11 -8.86 12.34
N SER B 57 -6.70 -12.20 -11.61
N SER B 57 5.55 -12.98 5.04
N SER B 57 -10.19 3.11 11.26
CA SER B 57 21.12 -8.30 13.72
CA SER B 57 -5.27 -11.82 -11.51
CA SER B 57 6.93 -12.73 5.54
CA SER B 57 -10.05 2.32 10.00
C SER B 57 22.53 -8.11 14.24
C SER B 57 -4.76 -11.18 -12.78
C SER B 57 7.98 -13.39 4.68
C SER B 57 -10.50 3.08 8.80
N ASP B 58 23.45 -8.95 13.80
N ASP B 58 -5.32 -11.57 -13.91
N ASP B 58 7.63 -14.50 4.05
N ASP B 58 -11.46 3.99 8.97
CA ASP B 58 24.87 -8.86 14.25
CA ASP B 58 -4.90 -11.01 -15.23
CA ASP B 58 8.59 -15.22 3.17
CA ASP B 58 -11.99 4.79 7.84
C ASP B 58 25.44 -7.47 13.97
C ASP B 58 -5.00 -9.49 -15.22
C ASP B 58 9.14 -14.30 2.08
C ASP B 58 -10.86 5.55 7.15
N TYR B 59 25.06 -6.93 12.84
N TYR B 59 -6.05 -9.01 -14.60
N TYR B 59 8.28 -13.48 1.57
N TYR B 59 -9.94 6.03 7.94
CA TYR B 59 25.47 -5.61 12.39
CA TYR B 59 -6.33 -7.58 -14.46
CA TYR B 59 8.58 -12.48 0.54
CA TYR B 59 -8.77 6.78 7.49
C TYR B 59 24.51 -4.51 12.82
C TYR B 59 -5.76 -6.97 -13.21
C TYR B 59 9.00 -11.15 1.10
C TYR B 59 -7.57 5.89 7.23
N ASN B 60 23.49 -4.77 13.60
N ASN B 60 -4.99 -7.68 -12.39
N ASN B 60 9.15 -10.96 2.39
N ASN B 60 -7.65 4.57 7.33
CA ASN B 60 22.57 -3.67 13.99
CA ASN B 60 -4.44 -7.05 -11.17
CA ASN B 60 9.55 -9.63 2.89
CA ASN B 60 -6.46 3.75 7.07
C ASN B 60 21.97 -2.99 12.77
C ASN B 60 -5.56 -6.52 -10.28
C ASN B 60 8.58 -8.54 2.45
C ASN B 60 -5.31 4.13 8.00
N ILE B 61 21.50 -3.77 11.82
N ILE B 61 -6.60 -7.31 -10.08
N ILE B 61 7.29 -8.82 2.59
N ILE B 61 -5.61 4.30 9.28
CA ILE B 61 20.82 -3.23 10.62
CA ILE B 61 -7.70 -6.93 -9.15
CA ILE B 61 6.25 -7.80 2.28
CA ILE B 61 -4.55 4.59 10.29
C ILE B 61 19.34 -3.13 10.99
C ILE B 61 -7.29 -7.42 -7.77
C ILE B 61 6.02 -7.02 3.58
C ILE B 61 -4.05 3.22 10.77
N GLN B 62 18.78 -1.95 11.03
N GLN B 62 -7.08 -6.56 -6.83
N GLN B 62 6.31 -5.75 3.60
N GLN B 62 -2.81 2.89 10.54
CA GLN B 62 17.36 -1.74 11.45
CA GLN B 62 -6.61 -6.93 -5.45
CA GLN B 62 6.19 -4.90 4.82
CA GLN B 62 -2.23 1.56 10.92
C GLN B 62 16.50 -1.47 10.21
C GLN B 62 -7.79 -6.87 -4.48
C GLN B 62 4.92 -4.04 4.72
C GLN B 62 -1.37 1.71 12.17
N LYS B 63 15.18 -1.46 10.36
N LYS B 63 -7.60 -7.37 -3.26
N LYS B 63 4.55 -3.38 5.82
N LYS B 63 -0.95 0.60 12.77
CA LYS B 63 14.26 -1.30 9.25
CA LYS B 63 -8.67 -7.44 -2.28
CA LYS B 63 3.34 -2.58 5.87
CA LYS B 63 -0.18 0.61 14.00
C LYS B 63 14.62 -0.01 8.51
C LYS B 63 -9.26 -6.04 -2.08
C LYS B 63 3.36 -1.56 4.73
C LYS B 63 1.05 1.50 13.82
N GLU B 64 14.45 -0.13 7.19
N GLU B 64 -10.58 -6.06 -1.88
N GLU B 64 2.15 -1.37 4.20
N GLU B 64 1.35 2.19 14.92
CA GLU B 64 14.69 0.91 6.21
CA GLU B 64 -11.42 -4.91 -1.67
CA GLU B 64 1.85 -0.45 3.13
CA GLU B 64 2.46 3.09 15.05
C GLU B 64 16.10 1.37 6.02
C GLU B 64 -11.59 -3.94 -2.79
C GLU B 64 2.42 -0.77 1.77
C GLU B 64 2.44 4.35 14.23
N SER B 65 17.02 0.53 6.45
N SER B 65 -11.28 -4.42 -3.99
N SER B 65 2.80 -2.02 1.60
N SER B 65 1.25 4.70 13.79
CA SER B 65 18.47 0.73 6.25
CA SER B 65 -11.49 -3.68 -5.23
CA SER B 65 3.27 -2.56 0.32
CA SER B 65 1.00 5.96 13.07
C SER B 65 18.76 0.52 4.75
C SER B 65 -13.01 -3.60 -5.49
C SER B 65 2.05 -2.64 -0.63
C SER B 65 1.10 7.11 14.09
N THR B 66 19.87 1.04 4.28
N THR B 66 -13.43 -2.65 -6.29
N THR B 66 2.30 -2.70 -1.91
N THR B 66 1.31 8.31 13.62
CA THR B 66 20.31 0.84 2.89
CA THR B 66 -14.84 -2.53 -6.68
CA THR B 66 1.24 -2.87 -2.92
CA THR B 66 1.35 9.50 14.47
C THR B 66 21.67 0.15 2.92
C THR B 66 -14.93 -2.67 -8.20
C THR B 66 1.51 -4.16 -3.68
C THR B 66 0.24 10.46 14.01
N LEU B 67 21.80 -0.98 2.20
N LEU B 67 -15.79 -3.57 -8.68
N LEU B 67 0.51 -5.06 -3.76
N LEU B 67 -0.62 10.90 14.95
CA LEU B 67 23.10 -1.64 2.09
CA LEU B 67 -16.02 -3.69 -10.14
CA LEU B 67 0.66 -6.26 -4.57
CA LEU B 67 -1.64 11.89 14.59
C LEU B 67 23.64 -1.28 0.68
C LEU B 67 -17.37 -3.00 -10.41
C LEU B 67 -0.15 -6.01 -5.86
C LEU B 67 -1.12 13.23 15.18
N HIS B 68 24.91 -1.28 0.51
N HIS B 68 -17.58 -2.52 -11.58
N HIS B 68 0.19 -6.64 -6.93
N HIS B 68 -1.53 14.32 14.62
CA HIS B 68 25.46 -0.99 -0.84
CA HIS B 68 -18.89 -1.89 -11.89
CA HIS B 68 -0.60 -6.47 -8.16
CA HIS B 68 -1.09 15.62 15.19
C HIS B 68 25.92 -2.33 -1.40
C HIS B 68 -19.63 -2.90 -12.77
C HIS B 68 -1.43 -7.73 -8.33
C HIS B 68 -2.30 16.18 15.91
N LEU B 69 25.61 -2.58 -2.66
N LEU B 69 -20.90 -3.11 -12.49
N LEU B 69 -2.70 -7.58 -8.67
N LEU B 69 -2.08 16.71 17.11
CA LEU B 69 26.05 -3.79 -3.35
CA LEU B 69 -21.74 -3.99 -13.29
CA LEU B 69 -3.58 -8.71 -8.92
CA LEU B 69 -3.14 17.36 17.88
C LEU B 69 27.13 -3.49 -4.36
C LEU B 69 -22.72 -3.20 -14.12
C LEU B 69 -3.87 -8.86 -10.39
C LEU B 69 -2.98 18.85 17.90
N VAL B 70 28.31 -3.98 -4.18
N VAL B 70 -22.63 -3.24 -15.41
N VAL B 70 -3.47 -9.91 -11.02
N VAL B 70 -3.87 19.59 17.35
CA VAL B 70 29.39 -3.81 -5.19
CA VAL B 70 -23.65 -2.56 -16.27
CA VAL B 70 -3.82 -10.14 -12.45
CA VAL B 70 -3.81 21.09 17.43
C VAL B 70 29.54 -5.20 -5.82
C VAL B 70 -24.44 -3.73 -16.88
C VAL B 70 -4.84 -11.30 -12.38
C VAL B 70 -4.96 21.44 18.39
N LEU B 71 29.71 -5.28 -7.12
N LEU B 71 -25.74 -3.58 -16.98
N LEU B 71 -5.88 -11.23 -13.18
N LEU B 71 -4.73 22.39 19.28
CA LEU B 71 29.90 -6.58 -7.80
CA LEU B 71 -26.58 -4.65 -17.59
CA LEU B 71 -6.89 -12.32 -13.20
CA LEU B 71 -5.79 22.81 20.22
C LEU B 71 31.36 -6.86 -7.97
C LEU B 71 -26.82 -4.34 -19.04
C LEU B 71 -6.58 -13.29 -14.32
C LEU B 71 -6.50 24.02 19.68
#